data_6QL6
#
_entry.id   6QL6
#
_cell.length_a   1.0
_cell.length_b   1.0
_cell.length_c   1.0
_cell.angle_alpha   90.0
_cell.angle_beta   90.0
_cell.angle_gamma   90.0
#
_symmetry.space_group_name_H-M   'P 1'
#
loop_
_entity.id
_entity.type
_entity.pdbx_description
1 polymer 'Fatty acid synthase subunit alpha'
2 polymer 'Fatty acid synthase subunit beta'
3 non-polymer '[(3~{R})-4-azanyl-2,2-dimethyl-3-oxidanyl-4-oxidanylidene-butyl] dihydrogen phosphate'
4 non-polymer 'FLAVIN MONONUCLEOTIDE'
#
loop_
_entity_poly.entity_id
_entity_poly.type
_entity_poly.pdbx_seq_one_letter_code
_entity_poly.pdbx_strand_id
1 'polypeptide(L)'
;MKPEVEQELAHILLTELLAYQFASPVRWIETQDVFLKDFNTERVVEIGPSPTLAGMAQRTLKNKYESYDAALSLHREILC
YSKDAKEIYYTPDPSELAAKEEPAKEEAPAPTPAASAPAPAAAAPAPVAAAAPAAAAAEIADEPVKASLLLHVLVAHKLK
KSLDSIPMSKTIKDLVGGKSTVQNEILGDLGKEFGTTPEKPEETPLEELAETFQDTFSGALGKQSSSLLSRLISSKMPGG
FTITVARKYLQTRWGLPSGRQDGVLLVALSNEPAARLGSEADAKAFLDSMAQKYASIVGVDLSSAASASGAAGAGAAAGA
AMIDAGALEEITKDHKVLARQQLQVLARYLKMDLDNGERKFLKEKDTVAELQAQLDYLNAELGEFFVNGVATSFSRKKAR
TFDSSWNWAKQSLLSLYFEIIHGVLKNVDREVVSEAINIMNRSNDALIKFMEYHISNTDETKGENYQLVKTLGEQLIENC
KQVLDVDPVYKDVAKPTGPKTAIDKNGNITYSEEPREKVRKLSQYVQEMALGGPITKESQPTIEEDLTRVYKAISAQADK
QDISSSTRVEFEKLYSDLMKFLESSKEIDPSQTTQLAGMDVEDALDKDSTKEVASLPNKSTISKTVSSTIPRETIPFLHL
RKKTPAGDWKYDRQLSSLFLDGLEKAAFNGVTFKDKYVLITGAGKGSIGAEVLQGLLQGGAKVVVTTSRFSKQVTDYYQS
IYAKYGAKGSTLIVVPFNQGSKQDVEALIEFIYDTEKNGGLGWDLDAIIPFAAIPEQGIELEHIDSKSEFAHRIMLTNIL
RMMGCVKKQKSARGIETRPAQVILPMSPNHGTFGGDGMYSESKLSLETLFNRWHSESWANQLTVCGAIIGWTRGTGLMSA
NNIIAEGIEKMGVRTFSQKEMAFNLLGLLTPEVVELCQKSPVMADLNGGLQFVPELKEFTAKLRKELVETSEVRKAVSIE
TALEHKVVNGNSADAAYAQVEIQPRANIQLDFPELKPYKQVKQIAPAELEGLLDLERVIVVTGFAEVGPWGSARTRWEME
AFGEFSLEGCVEMAWIMGFISYHNGNLKGRPYTGWVDSKTKEPVDDKDVKAKYETSILEHSGIRLIEPELFNGYNPEKKE
MIQEVIVEEDLEPFEASKETAEQFKHQHGDKVDIFEIPETGEYSVKLLKGATLYIPKALRFDRLVAGQIPTGWNAKTYGI
SDDIISQVDPITLFVLVSVVEAFIASGITDPYEMYKYVHVSEVGNCSGSGMGGVSALRGMFKDRFKDEPVQNDILQESFI
NTMSAWVNMLLISSSGPIKTPVGACATSVESVDIGVETILSGKARICIVGGYDDFQEEGSFEFGNMKATSNTLEEFEHGR
TPAEMSRPATTTRNGFMEAQGAGIQIIMQADLALKMGVPIYGIVAMAATATDKIGRSVPAPGKGILTTAREHHSSVKYAS
PNLNMKYRKRQLVTREAQIKDWVENELEALKLEAEEIPSEDQNEFLLERTREIHNEAESQLRAAQQQWGNDFYKRDPRIA
PLRGALATYGLTIDDLGVASFHGTSTKANDKNESATINEMMKHLGRSEGNPVIGVFQKFLTGHPKGAAGAWMMNGALQIL
NSGIIPGNRNADNVDKILEQFEYVLYPSKTLKTDGVRAVSITSFGFGQKGGQAIVVHPDYLYGAITEDRYNEYVAKVSAR
EKSAYKFFHNGMIYNKLFVSKEHAPYTDELEEDVYLDPLARVSKDKKSGSLTFNSKNIQSKDSYINANTIETAKMIENMT
KEKVSNGGVGVDVELITSINVENDTFIERNFTPQEIEYCSAQPSVQSSFAGTWSAKEAVFKSLGVKSLGGGAALKDIEIV
RVNKNAPAVELHGNAKKAAEEAGVTDVKVSISHDDLQAVAVAVSTKK
;
A,B,C,D,E,F
2 'polypeptide(L)'
;STRPLTLSHGSLEHVLLVPTASFFIASQLQEQFNKILPEPTEGFAADDEPTTPAELVGKFLGYVSSLVEPSKVGQFDQVL
NLCLTEFENCYLEGNDIHALAAKLLQENDTTLVKTKELIKNYITARIMAKRPFDKKSNSALFRAVGEGNAQLVAIFGGQG
NTDDYFEELRDLYQTYHVLVGDLIKFSAETLSELIRTTLDAEKVFTQGLNILEWLENPSNTPDKDYLLSIPISCPLIGVI
QLAHYVVTAKLLGFTPGELRSYLKGATGHSQGLVTAVAIAETDSWESFFVSVRKAITVLFFIGVRCYEAYPNTSLPPSIL
EDSLENNEGVPSPMLSISNLTQEQVQDYVNKTNSHLPAGKQVEISLVNGAKNLVVSGPPQSLYGLNLTLRKAKAPSGLDQ
SRIPFSERKLKFSNRFLPVASPFHSHLLVPASDLINKDLVKNNVSFNAKDIQIPVYDTFDGSDLRVLSGSISERIVDCII
RLPVKWETTTQFKATHILDFGPGGASGLGVLTHRNKDGTGVRVIVAGTLDINPDDDYGFKQEIFDVTSNGLKKNPNWLEE
YHPKLIKNKSGKIFVETKFSKLIGRPPLLVPGMTPCTVSPDFVAATTNAGYTIELAGGGYFSAAGMTAAIDSVVSQIEKG
STFGINLIYVNPFMLQWGIPLIKELRSKGYPIQFLTIGAGVPSLEVASEYIETLGLKYLGLKPGSIDAISQVINIAKAHP
NFPIALQWTGGRGGGHHSFEDAHTPMLQMYSKIRRHPNIMLIFGSGFGSADDTYPYLTGEWSTKFDYPPMPFDGFLFGSR
VMIAKEVKTSPDAKKCIAACTGVPDDKWEQTYKKPTGGIVTVRSEMGEPIHKIATRGVMLWKEFDETIFNLPKNKLVPTL
EAKRDYIISRLNADFQKPWFATVNGQARDLATMTYEEVAKRLVELMFIRSTNSWFDVTWRTFTGDFLRRVEERFTKSKTL
SLIQSYSLLDKPDEAIEKVFNAYPAAREQFLNAQDIDHFLSMCQNPMQKPVPFVPVLDRRFEIFFKKDSLWQSEHLEAVV
DQDVQRTCILHGPVAAQFTKVIDEPIKSIMDGIHDGHIKKLLHQYYGDDESKIPAVEYFGGESPVDVQSDSEDSAVFKAT
SSTDEESWFKALAGSEINWRHASFLCSFITQDKMFVSNPIRKVFKPSQGMVVEISNGNTSSKTVVTLSEPVQGELKPTVI
LKLLKENIIQMEMIENRTMDGKPVSLPLLYNFNPDNGFAPISEVMEDRNQRIKEMYWKLWIDEPFNLDFDPRDVIKGKDF
EITAKEVYDFTHAVGNNCEDFVSRPDRTMLAPMDFAIVVGWRAIIKAIFPNTVDGDLLKLVHLSNGYKMIPGAKPLQVGD
VVSTTAVIESVVNQPTGKIVDVVGTLSRNGKPVMEVTSSFFYRGNYTDFENTFQKTVEPVYQMHIKTSKDIAVLRSKEWF
QLDDEDFDLLNKTLTFETETEVTFKNANIFSSVKCFGPIKVELPTKETVEIGIVDYEAGASHGNPVVDFLKRNGSTLEQK
VNLENPIPIAVLDSYTPSTNEPYARVSGDLNPIHVSRHFASYANLPGTITHGMFSSASVRALIENWAADSVSSRVRGYTC
QFVDMVLPNTALKTSIQHVGMINGRKLIKFETRNEDDVVVLTGEAEIEQPVTTFVFTGQGSQEQGMGMDLYKTSKAAQDV
WNRADNHFKDTYGFSILDIVINNPVNLTIHFGGEKGKRIRENYSAMIFETIVDGKLKTEKIFKEINEHSTSYTFRSEKGL
LSATQFTQPALTLMEKAAFEDLKSKGLIPADATFAGHSLGEYAALASLADVMSIESLVEVVFYRGMTMQVAVPRDELGRS
NYGMIAINPGRVAASFSQEALQYVVERVGKRTGWLVEIVNYNVENQQYVAAGDLRALDTVTNVLNFIKLQKIDIIELQKS
LSLEEVEGHLFEIIDEASKKSAVKPRPLKLERGFACIPLVGISVPFHSTYLMNGVKPFKSFLKKNIIKENVKVARLAGKY
IPNLTAKPFQVTKEYFQDVYDLTGSEPIKEIIDNWEKYEQ
;
G,H,I,J,K,L
#
loop_
_chem_comp.id
_chem_comp.type
_chem_comp.name
_chem_comp.formula
FMN non-polymer 'FLAVIN MONONUCLEOTIDE' 'C17 H21 N4 O9 P'
J8T non-polymer '[(3~{R})-4-azanyl-2,2-dimethyl-3-oxidanyl-4-oxidanylidene-butyl] dihydrogen phosphate' 'C6 H14 N O6 P'
#
# COMPACT_ATOMS: atom_id res chain seq x y z
N MET A 1 2.03 118.38 -47.40
CA MET A 1 0.63 117.80 -47.26
C MET A 1 0.34 117.52 -45.77
N LYS A 2 -0.87 117.88 -45.31
CA LYS A 2 -1.34 117.59 -43.93
C LYS A 2 -1.44 116.06 -43.78
N PRO A 3 -1.03 115.46 -42.63
CA PRO A 3 -1.23 114.02 -42.42
C PRO A 3 -2.68 113.52 -42.44
N GLU A 4 -3.67 114.38 -42.10
CA GLU A 4 -5.13 114.07 -42.10
C GLU A 4 -5.61 113.88 -43.55
N VAL A 5 -5.03 114.63 -44.48
CA VAL A 5 -5.38 114.64 -45.94
C VAL A 5 -4.68 113.44 -46.59
N GLU A 6 -3.36 113.35 -46.44
CA GLU A 6 -2.52 112.19 -46.87
C GLU A 6 -3.21 110.89 -46.47
N GLN A 7 -3.79 110.82 -45.26
CA GLN A 7 -4.53 109.64 -44.73
C GLN A 7 -5.78 109.41 -45.59
N GLU A 8 -6.56 110.46 -45.86
CA GLU A 8 -7.79 110.39 -46.70
C GLU A 8 -7.43 109.77 -48.06
N LEU A 9 -6.40 110.30 -48.71
CA LEU A 9 -5.97 109.88 -50.07
C LEU A 9 -5.49 108.43 -50.04
N ALA A 10 -4.56 108.11 -49.14
CA ALA A 10 -4.02 106.74 -48.96
C ALA A 10 -5.18 105.74 -48.89
N HIS A 11 -6.25 106.08 -48.17
CA HIS A 11 -7.48 105.25 -48.00
C HIS A 11 -8.14 105.05 -49.37
N ILE A 12 -8.56 106.13 -50.02
CA ILE A 12 -9.19 106.16 -51.38
C ILE A 12 -8.40 105.17 -52.27
N LEU A 13 -7.12 105.47 -52.49
CA LEU A 13 -6.17 104.70 -53.34
C LEU A 13 -6.15 103.22 -52.94
N LEU A 14 -5.98 102.93 -51.66
CA LEU A 14 -5.83 101.57 -51.07
C LEU A 14 -7.11 100.78 -51.36
N THR A 15 -8.25 101.46 -51.30
CA THR A 15 -9.60 100.88 -51.56
C THR A 15 -9.75 100.59 -53.06
N GLU A 16 -9.27 101.47 -53.94
CA GLU A 16 -9.34 101.31 -55.41
C GLU A 16 -8.34 100.23 -55.87
N LEU A 17 -7.13 100.22 -55.33
CA LEU A 17 -6.09 99.18 -55.58
C LEU A 17 -6.59 97.77 -55.27
N LEU A 18 -7.57 97.64 -54.35
CA LEU A 18 -8.11 96.34 -53.85
C LEU A 18 -9.40 95.99 -54.59
N ALA A 19 -10.26 97.00 -54.84
CA ALA A 19 -11.47 96.90 -55.69
C ALA A 19 -11.12 96.18 -56.99
N TYR A 20 -10.28 96.80 -57.83
CA TYR A 20 -10.00 96.40 -59.23
C TYR A 20 -9.10 95.16 -59.28
N GLN A 21 -8.21 94.99 -58.32
CA GLN A 21 -7.23 93.86 -58.26
C GLN A 21 -7.86 92.56 -58.77
N PHE A 22 -8.93 92.14 -58.10
CA PHE A 22 -10.05 91.25 -58.50
C PHE A 22 -10.18 91.02 -60.01
N ALA A 23 -10.12 92.11 -60.79
CA ALA A 23 -10.64 92.27 -62.17
C ALA A 23 -9.59 92.92 -63.09
N SER A 24 -8.32 92.55 -62.92
CA SER A 24 -7.12 93.13 -63.56
C SER A 24 -5.97 92.16 -63.32
N PRO A 25 -4.96 92.07 -64.20
CA PRO A 25 -4.04 90.94 -64.13
C PRO A 25 -3.04 91.08 -62.97
N VAL A 26 -2.71 89.95 -62.33
CA VAL A 26 -1.68 89.84 -61.25
C VAL A 26 -0.31 89.97 -61.91
N ARG A 27 0.41 91.03 -61.56
CA ARG A 27 1.58 91.54 -62.30
C ARG A 27 2.84 91.12 -61.50
N TRP A 28 3.05 89.82 -61.33
CA TRP A 28 3.99 89.24 -60.32
C TRP A 28 5.40 89.06 -60.87
N ILE A 29 5.65 89.31 -62.16
CA ILE A 29 7.05 89.48 -62.65
C ILE A 29 7.47 90.85 -62.12
N GLU A 30 6.80 91.91 -62.59
CA GLU A 30 7.14 93.33 -62.32
C GLU A 30 7.29 93.53 -60.81
N THR A 31 6.63 92.69 -60.01
CA THR A 31 6.70 92.64 -58.52
C THR A 31 8.08 92.11 -58.11
N GLN A 32 8.38 90.85 -58.42
CA GLN A 32 9.64 90.18 -58.00
C GLN A 32 10.85 91.03 -58.40
N ASP A 33 10.77 91.69 -59.56
CA ASP A 33 11.84 92.56 -60.09
C ASP A 33 12.00 93.74 -59.14
N VAL A 34 10.92 94.24 -58.55
CA VAL A 34 10.98 95.38 -57.57
C VAL A 34 11.68 94.91 -56.28
N PHE A 35 11.36 93.74 -55.76
CA PHE A 35 11.85 93.36 -54.42
C PHE A 35 13.20 92.62 -54.53
N LEU A 36 13.56 92.03 -55.68
CA LEU A 36 14.86 91.34 -55.84
C LEU A 36 15.94 92.28 -56.41
N LYS A 37 15.60 93.31 -57.19
CA LYS A 37 16.62 94.26 -57.69
C LYS A 37 16.53 95.59 -56.93
N ASP A 38 15.42 96.33 -57.04
CA ASP A 38 15.29 97.73 -56.55
C ASP A 38 15.48 97.81 -55.03
N PHE A 39 15.28 96.70 -54.30
CA PHE A 39 15.47 96.64 -52.82
C PHE A 39 16.58 95.66 -52.43
N ASN A 40 17.09 94.83 -53.34
CA ASN A 40 18.19 93.86 -53.06
C ASN A 40 17.82 93.00 -51.85
N THR A 41 16.54 92.69 -51.69
CA THR A 41 16.03 91.81 -50.63
C THR A 41 16.98 90.62 -50.47
N GLU A 42 17.39 90.35 -49.23
CA GLU A 42 18.40 89.34 -48.90
C GLU A 42 17.69 88.10 -48.39
N ARG A 43 16.70 88.26 -47.52
CA ARG A 43 15.73 87.20 -47.11
C ARG A 43 14.39 87.52 -47.78
N VAL A 44 13.80 86.55 -48.48
CA VAL A 44 12.38 86.61 -48.91
C VAL A 44 11.67 85.45 -48.22
N VAL A 45 10.73 85.78 -47.32
CA VAL A 45 9.99 84.84 -46.43
C VAL A 45 8.62 84.62 -47.06
N GLU A 46 8.36 83.44 -47.60
CA GLU A 46 7.00 83.04 -48.05
C GLU A 46 6.20 82.57 -46.83
N ILE A 47 5.22 83.37 -46.43
CA ILE A 47 4.14 83.02 -45.49
C ILE A 47 3.02 82.37 -46.30
N GLY A 48 2.93 81.06 -46.25
CA GLY A 48 1.87 80.27 -46.90
C GLY A 48 1.94 78.83 -46.43
N PRO A 49 0.95 77.99 -46.79
CA PRO A 49 0.94 76.58 -46.38
C PRO A 49 1.81 75.64 -47.23
N SER A 50 2.14 76.03 -48.47
CA SER A 50 3.03 75.27 -49.38
C SER A 50 3.88 76.25 -50.19
N PRO A 51 5.12 75.85 -50.57
CA PRO A 51 6.12 76.80 -51.07
C PRO A 51 6.01 77.21 -52.55
N THR A 52 4.89 77.81 -52.96
CA THR A 52 4.64 78.15 -54.39
C THR A 52 5.53 79.35 -54.75
N LEU A 53 5.29 80.49 -54.12
CA LEU A 53 5.93 81.80 -54.44
C LEU A 53 7.44 81.79 -54.14
N ALA A 54 7.91 80.80 -53.38
CA ALA A 54 9.35 80.55 -53.11
C ALA A 54 9.96 79.92 -54.37
N GLY A 55 9.46 78.73 -54.77
CA GLY A 55 9.74 78.12 -56.08
C GLY A 55 9.78 79.15 -57.21
N MET A 56 8.84 80.10 -57.25
CA MET A 56 8.74 81.17 -58.28
C MET A 56 9.89 82.18 -58.14
N ALA A 57 10.37 82.45 -56.92
CA ALA A 57 11.50 83.38 -56.68
C ALA A 57 12.81 82.66 -57.04
N GLN A 58 12.98 81.44 -56.54
CA GLN A 58 14.15 80.56 -56.85
C GLN A 58 14.35 80.53 -58.36
N ARG A 59 13.26 80.44 -59.13
CA ARG A 59 13.33 80.31 -60.60
C ARG A 59 13.52 81.68 -61.24
N THR A 60 12.93 82.76 -60.73
CA THR A 60 13.17 84.14 -61.22
C THR A 60 14.61 84.57 -60.93
N LEU A 61 15.34 83.92 -60.00
CA LEU A 61 16.76 84.22 -59.68
C LEU A 61 17.65 83.47 -60.67
N LYS A 62 17.51 82.14 -60.66
CA LYS A 62 18.18 81.18 -61.58
C LYS A 62 18.09 81.61 -63.05
N ASN A 63 17.06 82.35 -63.46
CA ASN A 63 16.90 82.90 -64.84
C ASN A 63 17.73 84.19 -64.98
N LYS A 64 17.24 85.31 -64.45
CA LYS A 64 17.71 86.67 -64.86
C LYS A 64 18.48 87.40 -63.74
N TYR A 65 18.94 86.72 -62.69
CA TYR A 65 19.72 87.31 -61.56
C TYR A 65 20.84 86.37 -61.08
N GLU A 66 21.31 85.42 -61.89
CA GLU A 66 22.40 84.52 -61.48
C GLU A 66 23.72 85.32 -61.48
N SER A 67 23.90 86.20 -62.47
CA SER A 67 25.13 87.01 -62.68
C SER A 67 25.20 88.12 -61.65
N TYR A 68 24.14 88.93 -61.54
CA TYR A 68 23.95 90.01 -60.52
C TYR A 68 24.26 89.45 -59.12
N ASP A 69 23.70 88.29 -58.76
CA ASP A 69 23.84 87.68 -57.42
C ASP A 69 25.28 87.25 -57.13
N ALA A 70 26.11 87.01 -58.15
CA ALA A 70 27.56 86.73 -57.99
C ALA A 70 28.34 88.04 -57.91
N ALA A 71 28.25 88.87 -58.95
CA ALA A 71 29.00 90.14 -59.10
C ALA A 71 28.83 91.06 -57.87
N LEU A 72 27.71 90.97 -57.14
CA LEU A 72 27.46 91.76 -55.91
C LEU A 72 27.65 90.87 -54.68
N SER A 73 28.07 89.61 -54.86
CA SER A 73 28.27 88.60 -53.79
C SER A 73 27.07 88.68 -52.83
N LEU A 74 25.88 88.71 -53.41
CA LEU A 74 24.60 89.12 -52.78
C LEU A 74 23.87 87.85 -52.39
N HIS A 75 24.43 87.07 -51.46
CA HIS A 75 23.86 85.79 -50.98
C HIS A 75 22.41 86.04 -50.54
N ARG A 76 21.46 85.30 -51.15
CA ARG A 76 19.99 85.46 -50.96
C ARG A 76 19.41 84.20 -50.34
N GLU A 77 18.63 84.36 -49.27
CA GLU A 77 17.92 83.28 -48.56
C GLU A 77 16.44 83.38 -48.93
N ILE A 78 15.87 82.31 -49.50
CA ILE A 78 14.42 82.17 -49.81
C ILE A 78 13.84 81.11 -48.88
N LEU A 79 12.84 81.49 -48.09
CA LEU A 79 12.33 80.68 -46.95
C LEU A 79 10.82 80.60 -47.06
N CYS A 80 10.26 79.40 -46.97
CA CYS A 80 8.81 79.17 -46.88
C CYS A 80 8.47 78.74 -45.45
N TYR A 81 7.48 79.42 -44.85
CA TYR A 81 7.08 79.25 -43.43
C TYR A 81 6.84 77.77 -43.11
N SER A 82 6.32 77.00 -44.06
CA SER A 82 5.93 75.57 -43.87
C SER A 82 7.16 74.68 -43.74
N LYS A 83 8.19 74.96 -44.53
CA LYS A 83 9.30 74.04 -44.87
C LYS A 83 10.57 74.37 -44.08
N ASP A 84 10.74 75.64 -43.67
CA ASP A 84 12.01 76.25 -43.19
C ASP A 84 11.78 77.03 -41.87
N ALA A 85 10.95 76.53 -40.96
CA ALA A 85 10.61 77.20 -39.68
C ALA A 85 11.90 77.61 -38.95
N LYS A 86 12.86 76.69 -38.89
CA LYS A 86 14.13 76.78 -38.12
C LYS A 86 14.97 77.99 -38.55
N GLU A 87 14.96 78.36 -39.83
CA GLU A 87 15.77 79.48 -40.35
C GLU A 87 15.04 80.81 -40.14
N ILE A 88 13.74 80.77 -39.85
CA ILE A 88 12.89 81.97 -39.64
C ILE A 88 12.86 82.30 -38.15
N TYR A 89 12.67 81.28 -37.30
CA TYR A 89 12.50 81.40 -35.83
C TYR A 89 13.86 81.42 -35.12
N TYR A 90 14.97 81.22 -35.85
CA TYR A 90 16.35 81.06 -35.31
C TYR A 90 16.34 80.01 -34.21
N THR A 91 16.00 78.76 -34.55
CA THR A 91 16.05 77.57 -33.64
C THR A 91 16.83 76.45 -34.32
N PRO A 92 18.15 76.63 -34.57
CA PRO A 92 18.96 75.55 -35.14
C PRO A 92 19.05 74.39 -34.16
N ASP A 93 19.08 73.16 -34.69
CA ASP A 93 19.32 71.87 -33.96
C ASP A 93 20.73 71.87 -33.36
N PRO A 94 20.93 71.37 -32.11
CA PRO A 94 22.28 71.25 -31.51
C PRO A 94 23.33 70.51 -32.37
N ILE A 140 17.62 34.89 -21.54
CA ILE A 140 17.53 36.03 -22.51
C ILE A 140 16.41 37.00 -22.06
N ALA A 141 16.34 38.19 -22.68
CA ALA A 141 15.36 39.27 -22.42
C ALA A 141 13.94 38.83 -22.84
N ASP A 142 12.94 39.73 -22.78
CA ASP A 142 11.52 39.46 -23.12
C ASP A 142 10.99 40.48 -24.14
N GLU A 143 10.50 39.98 -25.29
CA GLU A 143 9.82 40.76 -26.38
C GLU A 143 8.46 40.12 -26.67
N PRO A 144 7.32 40.80 -26.34
CA PRO A 144 6.00 40.40 -26.85
C PRO A 144 5.93 40.46 -28.39
N VAL A 145 5.29 39.46 -29.02
CA VAL A 145 5.33 39.19 -30.50
C VAL A 145 4.98 40.48 -31.29
N LYS A 146 5.72 40.71 -32.37
CA LYS A 146 5.46 41.78 -33.38
C LYS A 146 4.09 41.51 -34.02
N ALA A 147 3.33 42.56 -34.38
CA ALA A 147 2.11 42.46 -35.23
C ALA A 147 2.48 42.16 -36.69
N SER A 148 3.76 42.35 -37.08
CA SER A 148 4.35 42.01 -38.40
C SER A 148 4.57 40.49 -38.54
N LEU A 149 5.07 39.82 -37.49
CA LEU A 149 5.35 38.35 -37.44
C LEU A 149 4.02 37.58 -37.42
N LEU A 150 3.03 38.09 -36.66
CA LEU A 150 1.71 37.45 -36.39
C LEU A 150 0.75 37.61 -37.58
N LEU A 151 0.79 38.77 -38.27
CA LEU A 151 0.05 39.04 -39.55
C LEU A 151 0.63 38.17 -40.70
N HIS A 152 1.97 38.04 -40.76
CA HIS A 152 2.72 37.30 -41.82
C HIS A 152 2.49 35.77 -41.69
N VAL A 153 2.20 35.26 -40.48
CA VAL A 153 2.00 33.80 -40.20
C VAL A 153 0.56 33.35 -40.56
N LEU A 154 -0.46 34.18 -40.30
CA LEU A 154 -1.92 33.88 -40.53
C LEU A 154 -2.33 34.09 -42.01
N VAL A 155 -1.42 34.66 -42.82
CA VAL A 155 -1.51 34.72 -44.32
C VAL A 155 -0.65 33.59 -44.93
N ALA A 156 0.51 33.27 -44.33
CA ALA A 156 1.39 32.14 -44.73
C ALA A 156 0.70 30.79 -44.44
N HIS A 157 0.11 30.60 -43.25
CA HIS A 157 -0.59 29.35 -42.81
C HIS A 157 -1.86 29.11 -43.65
N LYS A 158 -2.63 30.16 -43.96
CA LYS A 158 -3.93 30.08 -44.70
C LYS A 158 -3.68 29.72 -46.17
N LEU A 159 -2.67 30.32 -46.81
CA LEU A 159 -2.30 30.11 -48.25
C LEU A 159 -1.43 28.84 -48.41
N LYS A 160 -1.06 28.17 -47.31
CA LYS A 160 -0.29 26.88 -47.28
C LYS A 160 1.11 27.11 -47.86
N LYS A 161 1.83 28.12 -47.34
CA LYS A 161 3.19 28.52 -47.80
C LYS A 161 4.07 28.85 -46.58
N SER A 162 5.40 28.86 -46.79
CA SER A 162 6.41 29.31 -45.79
C SER A 162 6.41 30.85 -45.72
N LEU A 163 7.18 31.39 -44.77
CA LEU A 163 7.31 32.85 -44.52
C LEU A 163 8.08 33.49 -45.70
N ASP A 164 9.06 32.77 -46.27
CA ASP A 164 9.93 33.22 -47.40
C ASP A 164 9.07 33.50 -48.65
N SER A 165 8.25 32.52 -49.06
CA SER A 165 7.42 32.48 -50.31
C SER A 165 6.50 33.72 -50.43
N ILE A 166 6.06 34.30 -49.28
CA ILE A 166 5.16 35.50 -49.21
C ILE A 166 6.00 36.75 -48.89
N PRO A 167 5.96 37.80 -49.74
CA PRO A 167 6.46 39.13 -49.36
C PRO A 167 5.36 39.94 -48.64
N MET A 168 5.78 40.69 -47.60
CA MET A 168 4.93 41.60 -46.78
C MET A 168 4.47 42.81 -47.62
N SER A 169 5.25 43.22 -48.65
CA SER A 169 4.95 44.36 -49.58
C SER A 169 3.72 44.05 -50.47
N LYS A 170 3.50 42.76 -50.79
CA LYS A 170 2.33 42.31 -51.60
C LYS A 170 1.02 42.41 -50.80
N THR A 171 -0.08 42.75 -51.50
CA THR A 171 -1.45 42.90 -50.94
C THR A 171 -2.04 41.50 -50.69
N ILE A 172 -3.14 41.42 -49.92
CA ILE A 172 -3.90 40.15 -49.66
C ILE A 172 -4.59 39.71 -50.97
N LYS A 173 -5.15 40.67 -51.72
CA LYS A 173 -5.88 40.47 -53.01
C LYS A 173 -4.93 39.95 -54.12
N ASP A 174 -3.66 40.38 -54.11
CA ASP A 174 -2.62 39.93 -55.09
C ASP A 174 -2.22 38.47 -54.83
N LEU A 175 -1.89 38.13 -53.57
CA LEU A 175 -1.31 36.80 -53.13
C LEU A 175 -2.32 35.67 -53.37
N VAL A 176 -3.61 35.94 -53.13
CA VAL A 176 -4.76 35.00 -53.33
C VAL A 176 -4.88 34.65 -54.83
N GLY A 177 -4.82 35.68 -55.69
CA GLY A 177 -5.08 35.61 -57.16
C GLY A 177 -6.43 36.23 -57.50
N GLY A 178 -7.42 35.39 -57.82
CA GLY A 178 -8.82 35.79 -58.14
C GLY A 178 -9.87 35.08 -57.28
N LYS A 179 -9.45 34.40 -56.20
CA LYS A 179 -10.33 33.58 -55.30
C LYS A 179 -10.88 34.47 -54.18
N SER A 180 -12.17 34.83 -54.28
CA SER A 180 -12.83 35.64 -53.27
C SER A 180 -13.00 34.88 -51.96
N THR A 181 -13.25 33.55 -52.03
CA THR A 181 -13.45 32.72 -50.85
C THR A 181 -12.20 32.74 -49.94
N VAL A 182 -10.99 32.61 -50.51
CA VAL A 182 -9.69 32.63 -49.75
C VAL A 182 -9.44 34.06 -49.20
N GLN A 183 -9.78 35.11 -49.97
CA GLN A 183 -9.60 36.55 -49.60
C GLN A 183 -10.59 36.94 -48.48
N ASN A 184 -11.83 36.42 -48.51
CA ASN A 184 -12.87 36.58 -47.44
C ASN A 184 -12.45 35.83 -46.17
N GLU A 185 -11.73 34.69 -46.31
CA GLU A 185 -11.30 33.77 -45.23
C GLU A 185 -10.02 34.30 -44.54
N ILE A 186 -9.22 35.15 -45.20
CA ILE A 186 -8.02 35.81 -44.60
C ILE A 186 -8.46 37.05 -43.81
N LEU A 187 -9.48 37.79 -44.28
CA LEU A 187 -10.05 39.02 -43.63
C LEU A 187 -11.10 38.65 -42.56
N GLY A 188 -11.46 37.36 -42.46
CA GLY A 188 -12.19 36.77 -41.31
C GLY A 188 -11.26 36.33 -40.17
N ASP A 189 -9.98 36.02 -40.47
CA ASP A 189 -8.92 35.66 -39.47
C ASP A 189 -8.43 36.93 -38.76
N LEU A 190 -8.13 38.00 -39.51
CA LEU A 190 -7.53 39.28 -39.01
C LEU A 190 -8.59 40.16 -38.30
N GLY A 191 -9.88 39.95 -38.61
CA GLY A 191 -11.03 40.53 -37.88
C GLY A 191 -11.26 39.87 -36.52
N LYS A 192 -10.96 38.57 -36.39
CA LYS A 192 -11.08 37.74 -35.14
C LYS A 192 -9.80 37.84 -34.28
N GLU A 193 -8.64 38.06 -34.92
CA GLU A 193 -7.28 37.96 -34.32
C GLU A 193 -6.92 39.27 -33.60
N PHE A 194 -7.02 40.40 -34.32
CA PHE A 194 -6.62 41.77 -33.89
C PHE A 194 -7.85 42.61 -33.49
N GLY A 195 -9.05 42.28 -33.99
CA GLY A 195 -10.31 43.04 -33.76
C GLY A 195 -10.45 44.19 -34.75
N THR A 196 -9.47 45.11 -34.73
CA THR A 196 -9.19 46.18 -35.74
C THR A 196 -9.21 45.56 -37.16
N THR A 197 -9.83 46.28 -38.12
CA THR A 197 -9.71 46.08 -39.59
C THR A 197 -9.80 47.46 -40.25
N PRO A 198 -8.76 47.95 -40.99
CA PRO A 198 -8.89 49.17 -41.80
C PRO A 198 -10.03 49.07 -42.86
N GLU A 199 -10.31 50.18 -43.54
CA GLU A 199 -11.51 50.33 -44.44
C GLU A 199 -11.34 49.42 -45.68
N LYS A 200 -10.11 49.34 -46.24
CA LYS A 200 -9.74 48.53 -47.44
C LYS A 200 -8.40 47.83 -47.21
N PRO A 201 -8.36 46.70 -46.44
CA PRO A 201 -7.12 45.95 -46.19
C PRO A 201 -6.61 45.14 -47.42
N GLU A 202 -7.53 44.69 -48.30
CA GLU A 202 -7.25 43.75 -49.43
C GLU A 202 -6.33 44.41 -50.49
N GLU A 203 -6.38 45.75 -50.64
CA GLU A 203 -5.48 46.55 -51.51
C GLU A 203 -4.26 47.09 -50.72
N THR A 204 -4.33 47.17 -49.38
CA THR A 204 -3.22 47.68 -48.50
C THR A 204 -2.17 46.56 -48.36
N PRO A 205 -0.88 46.83 -48.71
CA PRO A 205 0.22 45.89 -48.41
C PRO A 205 0.32 45.44 -46.94
N LEU A 206 0.88 44.23 -46.71
CA LEU A 206 1.04 43.60 -45.35
C LEU A 206 2.08 44.35 -44.50
N GLU A 207 3.00 45.13 -45.10
CA GLU A 207 3.94 46.05 -44.39
C GLU A 207 3.15 47.15 -43.65
N GLU A 208 2.16 47.76 -44.32
CA GLU A 208 1.39 48.96 -43.87
C GLU A 208 0.21 48.56 -42.95
N LEU A 209 -0.41 47.40 -43.19
CA LEU A 209 -1.39 46.75 -42.27
C LEU A 209 -0.74 46.45 -40.91
N ALA A 210 0.45 45.80 -40.91
CA ALA A 210 1.23 45.41 -39.71
C ALA A 210 1.43 46.61 -38.75
N GLU A 211 1.57 47.83 -39.30
CA GLU A 211 1.77 49.12 -38.54
C GLU A 211 0.45 49.66 -37.97
N THR A 212 -0.68 49.51 -38.70
CA THR A 212 -2.06 49.95 -38.30
C THR A 212 -2.62 49.08 -37.16
N PHE A 213 -2.25 47.79 -37.13
CA PHE A 213 -2.57 46.81 -36.04
C PHE A 213 -1.67 47.08 -34.82
N GLN A 214 -0.34 47.25 -35.04
CA GLN A 214 0.70 47.41 -33.97
C GLN A 214 0.38 48.60 -33.05
N ASP A 215 -0.17 49.70 -33.62
CA ASP A 215 -0.62 50.92 -32.88
C ASP A 215 -1.65 50.55 -31.79
N THR A 216 -2.53 49.58 -32.07
CA THR A 216 -3.66 49.11 -31.21
C THR A 216 -3.47 47.63 -30.80
N PHE A 217 -2.23 47.08 -30.85
CA PHE A 217 -1.92 45.64 -30.57
C PHE A 217 -1.07 45.51 -29.30
N SER A 218 -1.61 44.77 -28.31
CA SER A 218 -1.08 44.62 -26.92
C SER A 218 0.19 43.74 -26.88
N GLY A 219 0.27 42.70 -27.73
CA GLY A 219 1.38 41.72 -27.76
C GLY A 219 0.88 40.27 -27.63
N ALA A 220 -0.35 40.08 -27.13
CA ALA A 220 -0.99 38.75 -26.89
C ALA A 220 -1.42 38.10 -28.22
N LEU A 221 -1.68 36.78 -28.19
CA LEU A 221 -1.87 35.92 -29.40
C LEU A 221 -3.34 35.95 -29.91
N GLY A 222 -4.30 36.50 -29.15
CA GLY A 222 -5.72 36.60 -29.55
C GLY A 222 -6.41 35.24 -29.63
N LYS A 223 -7.54 35.18 -30.34
CA LYS A 223 -8.47 34.01 -30.44
C LYS A 223 -7.98 33.03 -31.51
N GLN A 224 -7.72 33.54 -32.73
CA GLN A 224 -7.50 32.75 -33.97
C GLN A 224 -6.16 32.01 -33.90
N SER A 225 -5.08 32.64 -33.40
CA SER A 225 -3.70 32.07 -33.39
C SER A 225 -3.42 31.27 -32.10
N SER A 226 -4.30 31.33 -31.08
CA SER A 226 -4.32 30.45 -29.88
C SER A 226 -5.10 29.16 -30.16
N SER A 227 -6.03 29.20 -31.14
CA SER A 227 -6.80 28.05 -31.68
C SER A 227 -5.93 27.19 -32.62
N LEU A 228 -4.91 27.79 -33.25
CA LEU A 228 -4.04 27.12 -34.27
C LEU A 228 -2.76 26.56 -33.62
N LEU A 229 -2.28 27.14 -32.52
CA LEU A 229 -1.15 26.59 -31.71
C LEU A 229 -1.63 25.40 -30.87
N SER A 230 -2.89 25.44 -30.40
CA SER A 230 -3.58 24.32 -29.69
C SER A 230 -3.70 23.09 -30.61
N ARG A 231 -3.95 23.31 -31.92
CA ARG A 231 -4.22 22.28 -32.96
C ARG A 231 -2.93 21.76 -33.62
N LEU A 232 -1.87 22.60 -33.69
CA LEU A 232 -0.47 22.18 -34.00
C LEU A 232 -0.01 21.13 -32.96
N ILE A 233 -0.16 21.44 -31.67
CA ILE A 233 0.33 20.62 -30.51
C ILE A 233 -0.53 19.34 -30.36
N SER A 234 -1.86 19.47 -30.50
CA SER A 234 -2.87 18.38 -30.39
C SER A 234 -2.60 17.30 -31.45
N SER A 235 -2.31 17.71 -32.69
CA SER A 235 -2.30 16.87 -33.92
C SER A 235 -0.88 16.47 -34.35
N LYS A 236 0.16 17.30 -34.11
CA LYS A 236 1.53 17.17 -34.71
C LYS A 236 2.63 17.02 -33.64
N MET A 237 2.28 16.74 -32.38
CA MET A 237 3.26 16.46 -31.30
C MET A 237 2.88 15.14 -30.63
N PRO A 238 3.88 14.32 -30.18
CA PRO A 238 3.61 12.98 -29.65
C PRO A 238 2.85 12.92 -28.31
N GLY A 239 2.66 11.70 -27.79
CA GLY A 239 1.97 11.40 -26.51
C GLY A 239 2.70 11.99 -25.31
N GLY A 240 2.01 12.85 -24.53
CA GLY A 240 2.55 13.58 -23.37
C GLY A 240 2.90 15.03 -23.70
N PHE A 241 3.48 15.28 -24.88
CA PHE A 241 4.02 16.60 -25.31
C PHE A 241 2.87 17.58 -25.57
N THR A 242 2.60 18.44 -24.59
CA THR A 242 1.52 19.47 -24.57
C THR A 242 2.15 20.84 -24.94
N ILE A 243 1.36 21.92 -24.99
CA ILE A 243 1.80 23.34 -25.15
C ILE A 243 2.38 23.88 -23.81
N THR A 244 2.03 23.23 -22.69
CA THR A 244 2.66 23.42 -21.35
C THR A 244 4.13 22.98 -21.44
N VAL A 245 4.38 21.77 -21.96
CA VAL A 245 5.73 21.11 -22.08
C VAL A 245 6.56 21.75 -23.21
N ALA A 246 5.90 22.32 -24.24
CA ALA A 246 6.51 22.99 -25.41
C ALA A 246 6.99 24.41 -25.01
N ARG A 247 6.29 25.07 -24.09
CA ARG A 247 6.71 26.36 -23.46
C ARG A 247 7.81 26.12 -22.42
N LYS A 248 7.72 25.00 -21.68
CA LYS A 248 8.66 24.60 -20.59
C LYS A 248 9.98 24.07 -21.17
N TYR A 249 9.97 23.53 -22.40
CA TYR A 249 11.20 23.10 -23.14
C TYR A 249 11.96 24.32 -23.70
N LEU A 250 11.27 25.40 -24.07
CA LEU A 250 11.89 26.63 -24.67
C LEU A 250 12.44 27.54 -23.57
N GLN A 251 12.07 27.31 -22.29
CA GLN A 251 12.50 28.11 -21.10
C GLN A 251 13.76 27.50 -20.46
N THR A 252 13.96 26.18 -20.60
CA THR A 252 15.07 25.40 -19.97
C THR A 252 16.23 25.21 -20.96
N ARG A 253 15.93 24.80 -22.19
CA ARG A 253 16.92 24.52 -23.29
C ARG A 253 17.51 25.85 -23.79
N TRP A 254 16.66 26.82 -24.16
CA TRP A 254 17.04 28.09 -24.84
C TRP A 254 16.98 29.31 -23.90
N GLY A 255 16.15 29.27 -22.84
CA GLY A 255 16.03 30.35 -21.85
C GLY A 255 15.09 31.46 -22.31
N LEU A 256 14.08 31.13 -23.12
CA LEU A 256 13.08 32.10 -23.68
C LEU A 256 11.92 32.25 -22.70
N PRO A 257 11.50 33.50 -22.36
CA PRO A 257 10.28 33.73 -21.55
C PRO A 257 8.99 33.62 -22.41
N SER A 258 7.82 33.91 -21.82
CA SER A 258 6.47 33.66 -22.41
C SER A 258 6.08 34.69 -23.51
N GLY A 259 6.87 35.74 -23.75
CA GLY A 259 6.72 36.66 -24.91
C GLY A 259 7.41 36.15 -26.17
N ARG A 260 8.56 35.47 -26.04
CA ARG A 260 9.37 34.93 -27.17
C ARG A 260 8.95 33.48 -27.49
N GLN A 261 8.59 32.67 -26.48
CA GLN A 261 8.00 31.30 -26.62
C GLN A 261 6.78 31.31 -27.56
N ASP A 262 5.96 32.37 -27.50
CA ASP A 262 4.83 32.65 -28.43
C ASP A 262 5.35 32.73 -29.88
N GLY A 263 6.36 33.57 -30.11
CA GLY A 263 6.97 33.81 -31.43
C GLY A 263 7.65 32.58 -32.01
N VAL A 264 8.20 31.68 -31.17
CA VAL A 264 8.85 30.41 -31.59
C VAL A 264 7.78 29.41 -32.06
N LEU A 265 6.62 29.39 -31.38
CA LEU A 265 5.44 28.55 -31.73
C LEU A 265 4.72 29.09 -33.00
N LEU A 266 4.84 30.40 -33.31
CA LEU A 266 4.28 31.02 -34.56
C LEU A 266 5.15 30.70 -35.79
N VAL A 267 6.47 30.47 -35.61
CA VAL A 267 7.40 30.03 -36.69
C VAL A 267 7.26 28.49 -36.85
N ALA A 268 6.79 27.79 -35.80
CA ALA A 268 6.49 26.34 -35.77
C ALA A 268 5.10 26.06 -36.38
N LEU A 269 4.27 27.09 -36.57
CA LEU A 269 2.91 27.00 -37.19
C LEU A 269 2.99 27.23 -38.72
N SER A 270 3.77 28.23 -39.15
CA SER A 270 4.05 28.53 -40.59
C SER A 270 4.88 27.37 -41.20
N ASN A 271 5.79 26.79 -40.41
CA ASN A 271 6.66 25.62 -40.79
C ASN A 271 6.20 24.38 -40.00
N GLU A 272 4.88 24.11 -40.05
CA GLU A 272 4.16 22.94 -39.45
C GLU A 272 4.70 21.65 -40.08
N PRO A 273 4.92 20.55 -39.31
CA PRO A 273 5.28 19.26 -39.88
C PRO A 273 4.10 18.58 -40.61
N ALA A 274 4.41 17.68 -41.55
CA ALA A 274 3.46 17.02 -42.48
C ALA A 274 2.59 16.01 -41.73
N ALA A 275 3.20 15.19 -40.85
CA ALA A 275 2.54 14.16 -40.02
C ALA A 275 2.95 14.29 -38.55
N ARG A 276 2.26 13.56 -37.68
CA ARG A 276 2.55 13.37 -36.22
C ARG A 276 4.06 13.08 -36.07
N LEU A 277 4.77 13.91 -35.29
CA LEU A 277 6.17 13.63 -34.86
C LEU A 277 6.14 12.40 -33.92
N GLY A 278 6.95 11.38 -34.22
CA GLY A 278 6.92 10.05 -33.58
C GLY A 278 7.34 10.08 -32.11
N SER A 279 8.58 10.50 -31.85
CA SER A 279 9.24 10.49 -30.51
C SER A 279 9.26 11.90 -29.89
N GLU A 280 9.54 11.99 -28.59
CA GLU A 280 9.75 13.26 -27.82
C GLU A 280 11.04 13.94 -28.30
N ALA A 281 12.02 13.14 -28.78
CA ALA A 281 13.31 13.59 -29.36
C ALA A 281 13.12 14.32 -30.70
N ASP A 282 12.11 13.91 -31.52
CA ASP A 282 11.72 14.56 -32.80
C ASP A 282 11.01 15.90 -32.53
N ALA A 283 10.13 15.93 -31.52
CA ALA A 283 9.36 17.13 -31.06
C ALA A 283 10.32 18.21 -30.54
N LYS A 284 11.47 17.81 -29.97
CA LYS A 284 12.52 18.72 -29.44
C LYS A 284 13.42 19.20 -30.59
N ALA A 285 13.92 18.27 -31.43
CA ALA A 285 14.69 18.55 -32.67
C ALA A 285 13.95 19.57 -33.54
N PHE A 286 12.62 19.43 -33.64
CA PHE A 286 11.69 20.36 -34.34
C PHE A 286 11.76 21.76 -33.71
N LEU A 287 11.50 21.91 -32.40
CA LEU A 287 11.44 23.23 -31.70
C LEU A 287 12.83 23.89 -31.62
N ASP A 288 13.92 23.09 -31.58
CA ASP A 288 15.33 23.55 -31.67
C ASP A 288 15.56 24.23 -33.03
N SER A 289 14.99 23.69 -34.12
CA SER A 289 15.03 24.28 -35.49
C SER A 289 14.22 25.60 -35.53
N MET A 290 13.01 25.62 -34.95
CA MET A 290 12.06 26.77 -34.97
C MET A 290 12.49 27.88 -33.98
N ALA A 291 13.30 27.55 -32.97
CA ALA A 291 13.92 28.52 -32.02
C ALA A 291 15.09 29.26 -32.67
N GLN A 292 15.82 28.59 -33.59
CA GLN A 292 16.93 29.16 -34.41
C GLN A 292 16.41 29.87 -35.69
N LYS A 293 15.12 29.67 -36.05
CA LYS A 293 14.45 30.39 -37.18
C LYS A 293 13.72 31.65 -36.66
N TYR A 294 13.32 31.66 -35.38
CA TYR A 294 12.84 32.86 -34.65
C TYR A 294 14.00 33.85 -34.44
N ALA A 295 15.15 33.33 -34.00
CA ALA A 295 16.49 34.00 -33.90
C ALA A 295 16.82 34.82 -35.16
N SER A 296 16.62 34.24 -36.35
CA SER A 296 16.93 34.86 -37.68
C SER A 296 16.03 36.07 -37.95
N ILE A 297 14.71 35.93 -37.68
CA ILE A 297 13.64 36.91 -38.02
C ILE A 297 13.74 38.14 -37.09
N VAL A 298 13.89 37.91 -35.77
CA VAL A 298 13.88 38.98 -34.71
C VAL A 298 15.32 39.51 -34.48
N GLY A 299 16.36 38.67 -34.61
CA GLY A 299 17.78 39.03 -34.38
C GLY A 299 18.21 38.79 -32.93
N VAL A 300 18.08 37.53 -32.46
CA VAL A 300 18.48 37.03 -31.11
C VAL A 300 19.55 35.92 -31.31
N ASP A 301 20.73 36.07 -30.70
CA ASP A 301 21.88 35.12 -30.80
C ASP A 301 22.23 34.58 -29.40
N LEU A 302 22.54 33.26 -29.34
CA LEU A 302 22.80 32.45 -28.11
C LEU A 302 24.32 32.21 -28.01
N LEU A 328 18.31 15.62 -11.33
CA LEU A 328 18.58 15.89 -9.88
C LEU A 328 17.29 15.62 -9.04
N GLU A 329 16.12 16.15 -9.48
CA GLU A 329 14.82 16.11 -8.73
C GLU A 329 13.67 15.68 -9.66
N GLU A 330 13.95 14.75 -10.58
CA GLU A 330 12.97 14.05 -11.46
C GLU A 330 12.77 12.62 -10.90
N ILE A 331 13.32 12.35 -9.71
CA ILE A 331 13.20 11.05 -8.97
C ILE A 331 12.13 11.22 -7.88
N THR A 332 12.13 12.36 -7.16
CA THR A 332 11.07 12.75 -6.19
C THR A 332 9.72 12.86 -6.93
N LYS A 333 9.74 13.29 -8.19
CA LYS A 333 8.57 13.31 -9.10
C LYS A 333 7.99 11.91 -9.28
N ASP A 334 8.85 10.95 -9.63
CA ASP A 334 8.44 9.59 -10.09
C ASP A 334 7.85 8.79 -8.93
N HIS A 335 8.24 9.11 -7.71
CA HIS A 335 7.57 8.59 -6.50
C HIS A 335 6.17 9.19 -6.42
N LYS A 336 6.06 10.52 -6.40
CA LYS A 336 4.79 11.25 -6.19
C LYS A 336 3.76 10.85 -7.26
N VAL A 337 4.21 10.51 -8.47
CA VAL A 337 3.37 9.87 -9.51
C VAL A 337 2.74 8.61 -8.92
N LEU A 338 3.57 7.70 -8.37
CA LEU A 338 3.13 6.40 -7.80
C LEU A 338 2.10 6.62 -6.69
N ALA A 339 2.39 7.53 -5.76
CA ALA A 339 1.49 7.86 -4.63
C ALA A 339 0.15 8.37 -5.16
N ARG A 340 0.19 9.30 -6.11
CA ARG A 340 -0.98 9.87 -6.82
C ARG A 340 -1.84 8.71 -7.36
N GLN A 341 -1.23 7.79 -8.10
CA GLN A 341 -1.93 6.65 -8.75
C GLN A 341 -2.52 5.72 -7.70
N GLN A 342 -1.74 5.39 -6.67
CA GLN A 342 -2.16 4.58 -5.48
C GLN A 342 -3.38 5.21 -4.81
N LEU A 343 -3.36 6.54 -4.62
CA LEU A 343 -4.50 7.30 -4.04
C LEU A 343 -5.74 7.09 -4.90
N GLN A 344 -5.62 7.33 -6.21
CA GLN A 344 -6.74 7.20 -7.17
C GLN A 344 -7.42 5.85 -6.97
N VAL A 345 -6.68 4.75 -6.82
CA VAL A 345 -7.30 3.39 -6.81
C VAL A 345 -8.03 3.18 -5.49
N LEU A 346 -7.48 3.67 -4.38
CA LEU A 346 -8.15 3.61 -3.07
C LEU A 346 -9.47 4.38 -3.10
N ALA A 347 -9.47 5.59 -3.69
CA ALA A 347 -10.67 6.41 -3.92
C ALA A 347 -11.72 5.62 -4.69
N ARG A 348 -11.31 5.04 -5.82
CA ARG A 348 -12.20 4.27 -6.72
C ARG A 348 -12.79 3.09 -5.95
N TYR A 349 -12.03 2.51 -5.03
CA TYR A 349 -12.46 1.39 -4.16
C TYR A 349 -13.49 1.87 -3.13
N LEU A 350 -13.30 3.10 -2.63
CA LEU A 350 -14.16 3.70 -1.56
C LEU A 350 -15.41 4.38 -2.14
N LYS A 351 -15.66 4.29 -3.47
CA LYS A 351 -16.75 5.00 -4.21
C LYS A 351 -16.72 6.48 -3.80
N MET A 352 -15.54 7.06 -3.85
CA MET A 352 -15.23 8.41 -3.33
C MET A 352 -14.89 9.29 -4.53
N ASP A 353 -15.33 10.54 -4.51
CA ASP A 353 -15.32 11.44 -5.68
C ASP A 353 -14.51 12.68 -5.34
N LEU A 354 -13.24 12.71 -5.72
CA LEU A 354 -12.29 13.77 -5.27
C LEU A 354 -12.50 15.09 -6.03
N ASP A 355 -13.52 15.20 -6.86
CA ASP A 355 -13.84 16.40 -7.67
C ASP A 355 -15.22 16.95 -7.28
N ASN A 356 -16.14 16.10 -6.83
CA ASN A 356 -17.48 16.47 -6.33
C ASN A 356 -17.46 17.86 -5.70
N GLY A 357 -16.49 18.14 -4.84
CA GLY A 357 -16.31 19.46 -4.19
C GLY A 357 -16.16 20.57 -5.22
N GLU A 358 -15.09 20.52 -6.04
CA GLU A 358 -14.76 21.51 -7.09
C GLU A 358 -15.89 21.61 -8.13
N ARG A 359 -16.60 20.54 -8.45
CA ARG A 359 -17.72 20.57 -9.43
C ARG A 359 -18.82 21.48 -8.90
N LYS A 360 -19.37 21.15 -7.74
CA LYS A 360 -20.42 21.92 -7.05
C LYS A 360 -20.02 23.39 -6.94
N PHE A 361 -18.73 23.65 -6.69
CA PHE A 361 -18.20 25.03 -6.55
C PHE A 361 -18.38 25.77 -7.85
N LEU A 362 -17.83 25.22 -8.95
CA LEU A 362 -17.87 25.86 -10.29
C LEU A 362 -19.32 26.17 -10.67
N LYS A 363 -20.23 25.28 -10.34
CA LYS A 363 -21.68 25.42 -10.63
C LYS A 363 -22.29 26.53 -9.77
N GLU A 364 -21.84 26.78 -8.52
CA GLU A 364 -22.25 27.95 -7.68
C GLU A 364 -21.60 29.24 -8.16
N LYS A 365 -20.36 29.21 -8.62
CA LYS A 365 -19.66 30.44 -9.10
C LYS A 365 -20.45 31.01 -10.29
N ASP A 366 -21.12 30.15 -11.05
CA ASP A 366 -21.99 30.53 -12.21
C ASP A 366 -23.27 31.23 -11.72
N THR A 367 -23.97 30.65 -10.73
CA THR A 367 -25.20 31.26 -10.14
C THR A 367 -24.90 32.61 -9.47
N VAL A 368 -23.66 32.87 -9.07
CA VAL A 368 -23.25 34.17 -8.48
C VAL A 368 -23.13 35.17 -9.62
N ALA A 369 -22.31 34.87 -10.60
CA ALA A 369 -22.09 35.71 -11.80
C ALA A 369 -23.45 36.11 -12.37
N GLU A 370 -24.39 35.16 -12.38
CA GLU A 370 -25.75 35.32 -12.92
C GLU A 370 -26.54 36.34 -12.08
N LEU A 371 -26.54 36.20 -10.75
CA LEU A 371 -27.22 37.12 -9.80
C LEU A 371 -26.50 38.45 -9.74
N GLN A 372 -25.18 38.47 -9.86
CA GLN A 372 -24.42 39.75 -9.88
C GLN A 372 -24.75 40.51 -11.17
N ALA A 373 -25.11 39.82 -12.25
CA ALA A 373 -25.49 40.45 -13.54
C ALA A 373 -26.84 41.13 -13.38
N GLN A 374 -27.78 40.41 -12.76
CA GLN A 374 -29.16 40.91 -12.48
C GLN A 374 -29.13 42.14 -11.59
N LEU A 375 -28.17 42.20 -10.68
CA LEU A 375 -28.09 43.22 -9.61
C LEU A 375 -27.30 44.43 -10.11
N ASP A 376 -26.31 44.18 -10.96
CA ASP A 376 -25.54 45.23 -11.65
C ASP A 376 -26.45 45.91 -12.67
N TYR A 377 -27.38 45.17 -13.27
CA TYR A 377 -28.36 45.70 -14.23
C TYR A 377 -29.22 46.77 -13.55
N LEU A 378 -29.85 46.39 -12.44
CA LEU A 378 -30.77 47.28 -11.68
C LEU A 378 -30.02 48.51 -11.16
N ASN A 379 -28.73 48.42 -10.81
CA ASN A 379 -27.96 49.65 -10.46
C ASN A 379 -27.83 50.53 -11.72
N ALA A 380 -27.66 49.95 -12.89
CA ALA A 380 -27.56 50.69 -14.17
C ALA A 380 -28.84 51.50 -14.41
N GLU A 381 -29.99 50.83 -14.27
CA GLU A 381 -31.34 51.36 -14.50
C GLU A 381 -31.78 52.40 -13.46
N LEU A 382 -31.65 52.11 -12.17
CA LEU A 382 -32.18 52.99 -11.11
C LEU A 382 -31.11 53.95 -10.62
N GLY A 383 -29.87 53.49 -10.64
CA GLY A 383 -28.73 54.29 -10.17
C GLY A 383 -28.33 53.85 -8.79
N GLU A 384 -27.10 54.15 -8.40
CA GLU A 384 -26.59 53.86 -7.05
C GLU A 384 -27.50 54.57 -6.06
N PHE A 385 -27.80 55.86 -6.29
CA PHE A 385 -28.41 56.75 -5.28
C PHE A 385 -29.75 56.21 -4.82
N PHE A 386 -30.52 55.64 -5.72
CA PHE A 386 -31.88 55.13 -5.52
C PHE A 386 -31.84 53.75 -4.87
N VAL A 387 -30.85 52.91 -5.18
CA VAL A 387 -30.76 51.52 -4.61
C VAL A 387 -30.27 51.61 -3.15
N ASN A 388 -29.31 52.46 -2.86
CA ASN A 388 -28.86 52.77 -1.47
C ASN A 388 -29.98 53.51 -0.71
N GLY A 389 -30.59 54.50 -1.38
CA GLY A 389 -31.65 55.38 -0.84
C GLY A 389 -32.82 54.60 -0.27
N VAL A 390 -33.08 53.42 -0.81
CA VAL A 390 -34.38 52.71 -0.70
C VAL A 390 -34.28 51.65 0.40
N ALA A 391 -33.22 51.71 1.20
CA ALA A 391 -32.95 50.82 2.34
C ALA A 391 -33.96 51.07 3.44
N THR A 392 -34.37 50.02 4.16
CA THR A 392 -35.35 50.07 5.29
C THR A 392 -34.60 50.62 6.51
N SER A 393 -35.14 51.67 7.12
CA SER A 393 -34.67 52.31 8.38
C SER A 393 -35.56 51.91 9.55
N PHE A 394 -36.88 51.77 9.32
CA PHE A 394 -37.91 51.59 10.39
C PHE A 394 -37.85 50.19 11.00
N SER A 395 -37.78 50.14 12.34
CA SER A 395 -38.16 48.99 13.21
C SER A 395 -39.14 49.50 14.27
N ARG A 396 -39.99 48.62 14.79
CA ARG A 396 -40.90 48.96 15.90
C ARG A 396 -40.13 49.08 17.20
N LYS A 397 -39.08 48.29 17.34
CA LYS A 397 -38.29 48.21 18.57
C LYS A 397 -37.45 49.48 18.67
N LYS A 398 -37.28 50.24 17.59
CA LYS A 398 -36.56 51.53 17.69
C LYS A 398 -37.52 52.67 18.03
N ALA A 399 -38.81 52.46 18.19
CA ALA A 399 -39.73 53.56 18.47
C ALA A 399 -39.56 54.05 19.91
N ARG A 400 -39.33 55.36 20.13
CA ARG A 400 -39.12 56.03 21.44
C ARG A 400 -40.36 56.84 21.84
N THR A 401 -41.11 56.40 22.84
CA THR A 401 -42.26 57.18 23.34
C THR A 401 -41.78 58.15 24.42
N PHE A 402 -42.23 59.43 24.32
CA PHE A 402 -42.09 60.47 25.36
C PHE A 402 -43.49 60.85 25.81
N ASP A 403 -43.84 60.62 27.08
CA ASP A 403 -45.17 60.93 27.67
C ASP A 403 -45.14 61.46 29.11
N SER A 404 -44.02 61.81 29.73
CA SER A 404 -43.99 62.05 31.21
C SER A 404 -44.03 63.56 31.54
N SER A 405 -45.05 64.24 31.06
CA SER A 405 -45.24 65.70 31.24
C SER A 405 -45.51 66.03 32.70
N TRP A 406 -46.12 65.12 33.45
CA TRP A 406 -46.31 65.30 34.91
C TRP A 406 -45.00 65.62 35.65
N ASN A 407 -43.89 65.00 35.26
CA ASN A 407 -42.55 65.25 35.82
C ASN A 407 -41.92 66.52 35.23
N TRP A 408 -42.19 66.84 33.98
CA TRP A 408 -41.48 67.90 33.23
C TRP A 408 -42.09 69.25 33.54
N ALA A 409 -43.29 69.25 34.10
CA ALA A 409 -43.94 70.48 34.60
C ALA A 409 -43.19 70.98 35.84
N LYS A 410 -42.92 70.09 36.78
CA LYS A 410 -42.23 70.44 38.04
C LYS A 410 -40.80 70.87 37.71
N GLN A 411 -40.14 70.27 36.73
CA GLN A 411 -38.72 70.59 36.41
C GLN A 411 -38.68 71.96 35.77
N SER A 412 -39.67 72.28 34.96
CA SER A 412 -39.75 73.50 34.14
C SER A 412 -40.00 74.69 35.03
N LEU A 413 -40.73 74.46 36.12
CA LEU A 413 -41.17 75.51 37.07
C LEU A 413 -39.99 75.89 37.97
N LEU A 414 -39.25 74.89 38.44
CA LEU A 414 -38.03 75.09 39.23
C LEU A 414 -36.94 75.76 38.35
N SER A 415 -36.75 75.31 37.12
CA SER A 415 -35.80 75.96 36.16
C SER A 415 -36.15 77.43 35.92
N LEU A 416 -37.43 77.80 35.93
CA LEU A 416 -37.88 79.20 35.73
C LEU A 416 -37.59 79.96 37.02
N TYR A 417 -37.90 79.35 38.17
CA TYR A 417 -37.74 79.94 39.54
C TYR A 417 -36.30 80.43 39.74
N PHE A 418 -35.33 79.55 39.58
CA PHE A 418 -33.90 79.89 39.74
C PHE A 418 -33.39 80.81 38.63
N GLU A 419 -33.85 80.68 37.38
CA GLU A 419 -33.50 81.65 36.30
C GLU A 419 -33.92 83.09 36.68
N ILE A 420 -35.05 83.27 37.34
CA ILE A 420 -35.54 84.61 37.77
C ILE A 420 -34.74 85.07 39.00
N ILE A 421 -34.38 84.15 39.90
CA ILE A 421 -33.63 84.48 41.15
C ILE A 421 -32.18 84.85 40.82
N HIS A 422 -31.58 84.23 39.81
CA HIS A 422 -30.19 84.53 39.37
C HIS A 422 -30.19 85.61 38.27
N GLY A 423 -31.32 86.29 38.05
CA GLY A 423 -31.46 87.37 37.06
C GLY A 423 -30.96 86.99 35.66
N VAL A 424 -31.31 85.80 35.17
CA VAL A 424 -31.10 85.35 33.76
C VAL A 424 -32.30 85.78 32.92
N LEU A 425 -33.51 85.58 33.45
CA LEU A 425 -34.79 86.15 32.95
C LEU A 425 -35.19 87.31 33.86
N LYS A 426 -35.49 88.49 33.28
CA LYS A 426 -36.01 89.70 33.95
C LYS A 426 -37.53 89.79 33.71
N ASN A 427 -38.21 90.77 34.31
CA ASN A 427 -39.67 90.99 34.20
C ASN A 427 -40.05 91.53 32.81
N VAL A 428 -39.06 91.87 31.97
CA VAL A 428 -39.25 92.43 30.60
C VAL A 428 -39.20 91.30 29.54
N ASP A 429 -38.46 90.22 29.81
CA ASP A 429 -38.24 89.07 28.89
C ASP A 429 -39.58 88.41 28.57
N ARG A 430 -39.77 87.97 27.33
CA ARG A 430 -41.01 87.28 26.89
C ARG A 430 -40.91 85.80 27.22
N GLU A 431 -39.70 85.30 27.46
CA GLU A 431 -39.48 83.87 27.76
C GLU A 431 -40.19 83.53 29.07
N VAL A 432 -40.27 84.43 30.04
CA VAL A 432 -41.02 84.17 31.31
C VAL A 432 -42.52 84.01 31.01
N VAL A 433 -43.07 84.63 29.97
CA VAL A 433 -44.49 84.42 29.54
C VAL A 433 -44.61 83.06 28.84
N SER A 434 -43.90 82.88 27.73
CA SER A 434 -43.75 81.61 26.96
C SER A 434 -43.68 80.42 27.91
N GLU A 435 -42.83 80.53 28.96
CA GLU A 435 -42.54 79.45 29.94
C GLU A 435 -43.77 79.29 30.83
N ALA A 436 -44.43 80.38 31.22
CA ALA A 436 -45.65 80.37 32.06
C ALA A 436 -46.73 79.56 31.35
N ILE A 437 -46.96 79.83 30.07
CA ILE A 437 -47.96 79.13 29.21
C ILE A 437 -47.75 77.62 29.32
N ASN A 438 -46.51 77.17 29.20
CA ASN A 438 -46.14 75.74 29.19
C ASN A 438 -46.34 75.09 30.58
N ILE A 439 -46.33 75.87 31.65
CA ILE A 439 -46.60 75.37 33.04
C ILE A 439 -48.11 75.35 33.26
N MET A 440 -48.87 76.27 32.64
CA MET A 440 -50.36 76.26 32.70
C MET A 440 -50.87 75.07 31.88
N ASN A 441 -50.30 74.89 30.71
CA ASN A 441 -50.65 73.82 29.77
C ASN A 441 -50.41 72.46 30.42
N ARG A 442 -49.60 72.36 31.48
CA ARG A 442 -49.39 71.08 32.20
C ARG A 442 -49.96 71.12 33.61
N SER A 443 -50.90 72.05 33.89
CA SER A 443 -51.41 72.29 35.26
C SER A 443 -52.13 71.04 35.76
N ASN A 444 -51.73 70.54 36.94
CA ASN A 444 -52.47 69.52 37.72
C ASN A 444 -52.27 69.76 39.21
N ASP A 445 -53.05 69.09 40.07
CA ASP A 445 -53.07 69.32 41.54
C ASP A 445 -51.65 69.26 42.13
N ALA A 446 -50.83 68.29 41.72
CA ALA A 446 -49.44 68.07 42.22
C ALA A 446 -48.58 69.30 41.94
N LEU A 447 -48.77 69.88 40.76
CA LEU A 447 -47.97 71.01 40.24
C LEU A 447 -48.41 72.28 40.97
N ILE A 448 -49.62 72.34 41.54
CA ILE A 448 -50.05 73.52 42.33
C ILE A 448 -49.56 73.38 43.79
N LYS A 449 -49.65 72.20 44.38
CA LYS A 449 -49.03 71.91 45.68
C LYS A 449 -47.56 72.29 45.56
N PHE A 450 -46.93 72.00 44.42
CA PHE A 450 -45.47 72.21 44.20
C PHE A 450 -45.17 73.70 44.10
N MET A 451 -45.89 74.40 43.24
CA MET A 451 -45.68 75.84 43.05
C MET A 451 -46.01 76.58 44.33
N GLU A 452 -46.98 76.11 45.13
CA GLU A 452 -47.41 76.79 46.39
C GLU A 452 -46.24 76.78 47.39
N TYR A 453 -45.63 75.63 47.62
CA TYR A 453 -44.48 75.50 48.54
C TYR A 453 -43.29 76.33 48.07
N HIS A 454 -42.93 76.31 46.79
CA HIS A 454 -41.70 76.97 46.28
C HIS A 454 -41.85 78.49 46.29
N ILE A 455 -43.08 78.99 46.26
CA ILE A 455 -43.39 80.44 46.08
C ILE A 455 -43.86 81.02 47.40
N SER A 456 -44.37 80.19 48.32
CA SER A 456 -44.81 80.65 49.67
C SER A 456 -43.71 80.44 50.71
N ASN A 457 -42.49 80.10 50.27
CA ASN A 457 -41.29 79.94 51.14
C ASN A 457 -40.08 80.61 50.46
N THR A 458 -40.30 81.67 49.69
CA THR A 458 -39.20 82.59 49.28
C THR A 458 -39.29 83.82 50.18
N ASP A 459 -38.16 84.17 50.81
CA ASP A 459 -37.98 85.39 51.64
C ASP A 459 -37.75 86.56 50.69
N GLU A 460 -38.77 87.41 50.50
CA GLU A 460 -38.72 88.56 49.55
C GLU A 460 -37.74 89.63 50.03
N THR A 461 -37.34 89.59 51.31
CA THR A 461 -36.35 90.50 51.93
C THR A 461 -34.98 90.28 51.32
N LYS A 462 -34.70 89.04 50.89
CA LYS A 462 -33.37 88.50 50.50
C LYS A 462 -32.82 89.17 49.25
N GLY A 463 -33.64 89.89 48.49
CA GLY A 463 -33.21 90.63 47.29
C GLY A 463 -34.36 90.97 46.35
N GLU A 464 -34.13 91.87 45.41
CA GLU A 464 -35.14 92.40 44.46
C GLU A 464 -35.68 91.25 43.58
N ASN A 465 -34.81 90.33 43.18
CA ASN A 465 -35.12 89.14 42.34
C ASN A 465 -35.92 88.10 43.13
N TYR A 466 -35.87 88.12 44.46
CA TYR A 466 -36.73 87.27 45.32
C TYR A 466 -38.13 87.91 45.43
N GLN A 467 -38.25 89.22 45.27
CA GLN A 467 -39.57 89.89 45.25
C GLN A 467 -40.25 89.55 43.92
N LEU A 468 -39.47 89.56 42.83
CA LEU A 468 -39.99 89.35 41.45
C LEU A 468 -40.62 87.97 41.35
N VAL A 469 -39.93 86.95 41.86
CA VAL A 469 -40.31 85.52 41.68
C VAL A 469 -41.54 85.23 42.53
N LYS A 470 -41.69 85.91 43.65
CA LYS A 470 -42.82 85.71 44.57
C LYS A 470 -44.06 86.39 43.97
N THR A 471 -43.91 87.55 43.32
CA THR A 471 -45.01 88.30 42.67
C THR A 471 -45.50 87.53 41.44
N LEU A 472 -44.57 87.22 40.52
CA LEU A 472 -44.76 86.34 39.33
C LEU A 472 -45.42 85.05 39.79
N GLY A 473 -44.79 84.37 40.75
CA GLY A 473 -45.23 83.06 41.27
C GLY A 473 -46.68 83.07 41.71
N GLU A 474 -47.03 83.93 42.65
CA GLU A 474 -48.40 84.04 43.20
C GLU A 474 -49.40 84.09 42.05
N GLN A 475 -49.09 84.87 41.00
CA GLN A 475 -49.94 85.01 39.78
C GLN A 475 -50.08 83.67 39.04
N LEU A 476 -48.95 83.09 38.66
CA LEU A 476 -48.81 81.77 37.97
C LEU A 476 -49.54 80.65 38.72
N ILE A 477 -49.64 80.71 40.05
CA ILE A 477 -50.48 79.81 40.89
C ILE A 477 -51.96 80.13 40.64
N GLU A 478 -52.33 81.41 40.62
CA GLU A 478 -53.73 81.85 40.47
C GLU A 478 -54.23 81.43 39.08
N ASN A 479 -53.40 81.61 38.04
CA ASN A 479 -53.65 81.13 36.65
C ASN A 479 -53.80 79.61 36.65
N CYS A 480 -52.76 78.89 37.04
CA CYS A 480 -52.72 77.41 37.02
C CYS A 480 -53.98 76.79 37.64
N LYS A 481 -54.54 77.40 38.69
CA LYS A 481 -55.79 76.94 39.36
C LYS A 481 -57.02 77.20 38.48
N GLN A 482 -57.11 78.37 37.82
CA GLN A 482 -58.22 78.74 36.87
C GLN A 482 -58.36 77.74 35.71
N VAL A 483 -57.26 77.12 35.32
CA VAL A 483 -57.04 76.39 34.05
C VAL A 483 -56.90 74.90 34.34
N LEU A 484 -56.63 74.50 35.58
CA LEU A 484 -56.85 73.10 36.02
C LEU A 484 -58.20 72.67 35.43
N ASP A 485 -58.29 71.52 34.79
CA ASP A 485 -59.57 70.98 34.22
C ASP A 485 -60.06 71.84 33.04
N VAL A 486 -59.13 72.33 32.21
CA VAL A 486 -59.38 73.14 30.97
C VAL A 486 -58.31 72.73 29.96
N ASP A 487 -58.69 72.56 28.71
CA ASP A 487 -57.81 71.90 27.71
C ASP A 487 -56.70 72.87 27.37
N PRO A 488 -55.49 72.34 27.17
CA PRO A 488 -54.31 73.16 26.92
C PRO A 488 -54.30 73.66 25.50
N VAL A 489 -53.42 74.61 25.24
CA VAL A 489 -53.54 75.50 24.06
C VAL A 489 -52.17 75.77 23.40
N TYR A 490 -52.05 75.58 22.09
CA TYR A 490 -51.04 76.31 21.28
C TYR A 490 -51.35 77.80 21.39
N LYS A 491 -50.49 78.56 22.05
CA LYS A 491 -50.50 80.05 21.98
C LYS A 491 -49.04 80.53 21.84
N ASP A 492 -48.62 80.85 20.63
CA ASP A 492 -47.28 81.45 20.38
C ASP A 492 -47.34 82.91 20.84
N VAL A 493 -46.28 83.35 21.52
CA VAL A 493 -46.23 84.66 22.20
C VAL A 493 -44.87 85.32 21.92
N ALA A 494 -44.10 84.74 20.98
CA ALA A 494 -42.74 85.18 20.60
C ALA A 494 -42.84 86.48 19.81
N LYS A 495 -41.78 87.28 19.81
CA LYS A 495 -41.76 88.58 19.07
C LYS A 495 -41.57 88.27 17.59
N PRO A 496 -42.56 88.58 16.73
CA PRO A 496 -42.46 88.31 15.30
C PRO A 496 -41.43 89.22 14.63
N THR A 497 -40.45 88.59 13.98
CA THR A 497 -39.25 89.22 13.38
C THR A 497 -39.50 89.44 11.89
N GLY A 498 -38.78 90.39 11.31
CA GLY A 498 -38.65 90.61 9.85
C GLY A 498 -37.22 90.31 9.43
N PRO A 499 -36.89 90.25 8.12
CA PRO A 499 -35.51 90.14 7.67
C PRO A 499 -34.84 91.52 7.48
N LYS A 500 -33.52 91.57 7.68
CA LYS A 500 -32.65 92.77 7.55
C LYS A 500 -31.34 92.34 6.92
N THR A 501 -31.01 92.86 5.73
CA THR A 501 -29.70 92.66 5.06
C THR A 501 -28.91 93.97 5.20
N ALA A 502 -27.68 93.86 5.71
CA ALA A 502 -26.71 94.96 5.85
C ALA A 502 -25.40 94.57 5.14
N ILE A 503 -24.80 95.52 4.44
CA ILE A 503 -23.42 95.43 3.88
C ILE A 503 -22.60 96.55 4.55
N ASP A 504 -21.53 96.20 5.26
CA ASP A 504 -20.68 97.17 6.02
C ASP A 504 -19.86 98.02 5.03
N LYS A 505 -18.86 98.75 5.55
CA LYS A 505 -17.89 99.56 4.76
C LYS A 505 -16.99 98.65 3.91
N ASN A 506 -16.54 97.52 4.47
CA ASN A 506 -15.55 96.59 3.88
C ASN A 506 -16.24 95.52 3.01
N GLY A 507 -17.56 95.60 2.81
CA GLY A 507 -18.35 94.71 1.93
C GLY A 507 -18.50 93.30 2.47
N ASN A 508 -18.80 93.15 3.76
CA ASN A 508 -19.29 91.90 4.42
C ASN A 508 -20.81 91.95 4.51
N ILE A 509 -21.50 90.92 4.00
CA ILE A 509 -22.98 90.82 4.00
C ILE A 509 -23.40 90.18 5.32
N THR A 510 -24.16 90.92 6.14
CA THR A 510 -24.75 90.47 7.42
C THR A 510 -26.25 90.25 7.26
N TYR A 511 -26.76 89.11 7.73
CA TYR A 511 -28.20 88.82 7.86
C TYR A 511 -28.60 88.74 9.34
N SER A 512 -29.67 89.45 9.72
CA SER A 512 -30.25 89.48 11.09
C SER A 512 -31.77 89.64 11.02
N GLU A 513 -32.52 88.69 11.58
CA GLU A 513 -33.99 88.84 11.77
C GLU A 513 -34.20 89.95 12.81
N GLU A 514 -35.13 90.87 12.55
CA GLU A 514 -35.19 92.20 13.19
C GLU A 514 -36.62 92.56 13.60
N PRO A 515 -36.96 92.61 14.92
CA PRO A 515 -38.22 93.17 15.38
C PRO A 515 -38.86 94.23 14.46
N ARG A 516 -40.06 93.90 13.97
CA ARG A 516 -40.83 94.71 12.99
C ARG A 516 -41.42 95.94 13.69
N GLU A 517 -41.75 96.97 12.91
CA GLU A 517 -42.59 98.11 13.35
C GLU A 517 -44.07 97.66 13.25
N LYS A 518 -44.87 97.95 14.27
CA LYS A 518 -46.36 97.83 14.26
C LYS A 518 -46.83 96.36 14.27
N VAL A 519 -45.92 95.39 14.46
CA VAL A 519 -46.25 93.93 14.60
C VAL A 519 -45.37 93.35 15.72
N ARG A 520 -45.82 93.47 16.97
CA ARG A 520 -45.04 93.11 18.19
C ARG A 520 -45.84 92.09 19.02
N LYS A 521 -46.57 91.20 18.34
CA LYS A 521 -47.64 90.30 18.87
C LYS A 521 -48.18 89.51 17.67
N LEU A 522 -48.87 88.40 17.87
CA LEU A 522 -49.41 87.59 16.73
C LEU A 522 -50.81 88.09 16.35
N SER A 523 -51.53 88.66 17.32
CA SER A 523 -52.80 89.39 17.05
C SER A 523 -52.56 90.33 15.87
N GLN A 524 -51.51 91.15 15.95
CA GLN A 524 -51.17 92.23 14.97
C GLN A 524 -50.83 91.60 13.61
N TYR A 525 -50.00 90.57 13.63
CA TYR A 525 -49.64 89.75 12.45
C TYR A 525 -50.91 89.31 11.71
N VAL A 526 -52.03 88.98 12.36
CA VAL A 526 -53.25 88.52 11.63
C VAL A 526 -53.96 89.71 10.94
N GLN A 527 -54.08 90.87 11.62
CA GLN A 527 -54.55 92.15 11.01
C GLN A 527 -53.73 92.44 9.75
N GLU A 528 -52.40 92.56 9.89
CA GLU A 528 -51.47 92.85 8.76
C GLU A 528 -51.72 91.90 7.59
N MET A 529 -51.96 90.62 7.89
CA MET A 529 -52.18 89.56 6.89
C MET A 529 -53.53 89.79 6.24
N ALA A 530 -54.54 90.24 7.00
CA ALA A 530 -55.91 90.45 6.52
C ALA A 530 -55.97 91.64 5.54
N LEU A 531 -55.36 92.78 5.89
CA LEU A 531 -55.33 94.02 5.06
C LEU A 531 -54.67 93.81 3.70
N GLY A 532 -53.76 92.85 3.58
CA GLY A 532 -53.02 92.58 2.34
C GLY A 532 -51.98 93.65 2.11
N GLY A 533 -52.15 94.46 1.06
CA GLY A 533 -51.19 95.51 0.66
C GLY A 533 -51.62 96.25 -0.59
N PRO A 534 -50.78 97.15 -1.13
CA PRO A 534 -51.08 97.85 -2.38
C PRO A 534 -51.08 96.93 -3.63
N ILE A 535 -50.31 95.84 -3.61
CA ILE A 535 -50.07 94.96 -4.79
C ILE A 535 -51.12 93.83 -4.83
N THR A 536 -51.57 93.38 -3.66
CA THR A 536 -52.64 92.36 -3.46
C THR A 536 -54.00 92.87 -3.94
N LYS A 537 -54.14 94.20 -4.12
CA LYS A 537 -55.35 94.89 -4.68
C LYS A 537 -55.69 94.28 -6.05
N GLU A 538 -56.82 93.58 -6.13
CA GLU A 538 -57.32 92.94 -7.38
C GLU A 538 -58.18 93.99 -8.12
N SER A 539 -57.85 94.26 -9.39
CA SER A 539 -58.47 95.31 -10.25
C SER A 539 -58.29 94.96 -11.74
N MET A 599 -58.85 98.31 15.86
CA MET A 599 -58.56 97.12 16.72
C MET A 599 -57.17 97.28 17.38
N ASP A 600 -57.15 97.41 18.72
CA ASP A 600 -55.95 97.70 19.56
C ASP A 600 -56.25 97.29 21.02
N VAL A 601 -55.92 96.04 21.37
CA VAL A 601 -55.98 95.46 22.76
C VAL A 601 -54.63 95.74 23.44
N GLU A 602 -54.59 96.70 24.38
CA GLU A 602 -53.35 97.07 25.15
C GLU A 602 -52.98 95.89 26.08
N ASP A 603 -51.67 95.63 26.17
CA ASP A 603 -51.05 94.45 26.86
C ASP A 603 -50.04 94.98 27.90
N ALA A 604 -49.02 94.18 28.26
CA ALA A 604 -47.85 94.64 29.04
C ALA A 604 -46.57 93.89 28.62
N LEU A 605 -46.50 93.38 27.38
CA LEU A 605 -45.27 92.73 26.83
C LEU A 605 -44.13 93.76 26.77
N ASP A 606 -42.93 93.37 27.22
CA ASP A 606 -41.67 94.17 27.15
C ASP A 606 -41.74 95.39 28.09
N LYS A 607 -42.41 95.25 29.25
CA LYS A 607 -42.39 96.26 30.35
C LYS A 607 -42.72 95.57 31.69
N ASP A 608 -43.78 94.75 31.72
CA ASP A 608 -44.16 93.88 32.88
C ASP A 608 -44.83 92.62 32.31
N SER A 609 -44.06 91.53 32.25
CA SER A 609 -44.55 90.17 31.85
C SER A 609 -45.38 89.53 32.97
N THR A 610 -45.23 89.97 34.23
CA THR A 610 -46.04 89.51 35.42
C THR A 610 -47.50 89.95 35.25
N LYS A 611 -47.75 91.02 34.49
CA LYS A 611 -49.12 91.52 34.15
C LYS A 611 -49.65 90.78 32.91
N GLU A 612 -48.78 90.45 31.95
CA GLU A 612 -49.12 89.63 30.75
C GLU A 612 -49.39 88.17 31.16
N VAL A 613 -48.73 87.69 32.22
CA VAL A 613 -48.99 86.38 32.90
C VAL A 613 -50.43 86.37 33.46
N ALA A 614 -50.83 87.42 34.19
CA ALA A 614 -52.18 87.56 34.80
C ALA A 614 -53.27 87.39 33.75
N SER A 615 -53.01 87.81 32.51
CA SER A 615 -53.98 87.91 31.38
C SER A 615 -53.97 86.67 30.48
N LEU A 616 -53.39 85.55 30.92
CA LEU A 616 -53.19 84.33 30.09
C LEU A 616 -54.41 83.41 30.12
N PRO A 617 -55.15 83.21 31.24
CA PRO A 617 -56.45 82.52 31.19
C PRO A 617 -57.61 83.38 30.64
N ASN A 618 -57.60 84.68 30.93
CA ASN A 618 -58.68 85.64 30.57
C ASN A 618 -58.93 85.57 29.06
N LYS A 619 -59.98 84.86 28.67
CA LYS A 619 -60.33 84.54 27.26
C LYS A 619 -60.99 85.77 26.63
N SER A 620 -60.21 86.56 25.88
CA SER A 620 -60.63 87.86 25.27
C SER A 620 -61.60 87.62 24.11
N THR A 621 -62.87 88.03 24.29
CA THR A 621 -63.95 88.07 23.25
C THR A 621 -63.94 89.46 22.58
N ILE A 622 -64.06 89.47 21.24
CA ILE A 622 -64.08 90.72 20.41
C ILE A 622 -65.42 90.78 19.65
N SER A 623 -65.99 91.99 19.52
CA SER A 623 -67.19 92.27 18.70
C SER A 623 -66.84 92.14 17.21
N LYS A 624 -66.12 93.15 16.68
CA LYS A 624 -65.73 93.21 15.25
C LYS A 624 -64.58 92.22 15.05
N THR A 625 -64.82 91.16 14.27
CA THR A 625 -63.77 90.21 13.80
C THR A 625 -62.99 90.88 12.67
N VAL A 626 -61.82 90.32 12.37
CA VAL A 626 -60.89 90.81 11.31
C VAL A 626 -61.33 90.30 9.92
N SER A 627 -62.48 89.62 9.79
CA SER A 627 -63.19 89.42 8.50
C SER A 627 -63.64 90.76 7.89
N SER A 628 -64.04 91.71 8.76
CA SER A 628 -64.64 93.03 8.42
C SER A 628 -63.57 94.12 8.26
N THR A 629 -62.33 93.84 8.62
CA THR A 629 -61.13 94.69 8.37
C THR A 629 -60.69 94.57 6.90
N ILE A 630 -60.90 93.40 6.27
CA ILE A 630 -60.44 93.02 4.89
C ILE A 630 -61.06 94.02 3.92
N PRO A 631 -60.32 95.01 3.38
CA PRO A 631 -60.92 96.04 2.54
C PRO A 631 -61.40 95.40 1.23
N ARG A 632 -62.64 95.69 0.81
CA ARG A 632 -63.19 95.20 -0.49
C ARG A 632 -62.23 95.60 -1.60
N GLU A 633 -62.14 94.81 -2.67
CA GLU A 633 -61.23 95.05 -3.83
C GLU A 633 -59.77 94.86 -3.37
N THR A 634 -59.51 93.99 -2.38
CA THR A 634 -58.15 93.63 -1.88
C THR A 634 -58.14 92.19 -1.35
N ILE A 635 -57.12 91.42 -1.76
CA ILE A 635 -56.90 90.00 -1.34
C ILE A 635 -55.99 89.99 -0.12
N PRO A 636 -56.36 89.30 0.98
CA PRO A 636 -55.45 89.17 2.12
C PRO A 636 -54.19 88.43 1.69
N PHE A 637 -53.16 88.42 2.53
CA PHE A 637 -51.90 87.69 2.26
C PHE A 637 -52.13 86.20 2.50
N LEU A 638 -52.79 85.83 3.60
CA LEU A 638 -53.29 84.44 3.84
C LEU A 638 -54.75 84.34 3.38
N HIS A 639 -55.09 83.45 2.46
CA HIS A 639 -56.50 83.29 2.00
C HIS A 639 -56.79 81.88 1.53
N LEU A 640 -58.02 81.42 1.74
CA LEU A 640 -58.49 80.14 1.17
C LEU A 640 -59.06 80.43 -0.20
N ARG A 641 -59.02 79.43 -1.07
CA ARG A 641 -59.54 79.51 -2.44
C ARG A 641 -60.78 78.62 -2.56
N LYS A 642 -61.49 78.76 -3.66
CA LYS A 642 -62.69 77.96 -4.01
C LYS A 642 -62.61 77.58 -5.48
N LYS A 643 -62.93 76.33 -5.81
CA LYS A 643 -62.94 75.83 -7.19
C LYS A 643 -64.20 76.36 -7.86
N THR A 644 -64.03 77.02 -9.01
CA THR A 644 -65.11 77.62 -9.85
C THR A 644 -65.49 76.59 -10.93
N PRO A 645 -66.77 76.51 -11.38
CA PRO A 645 -67.21 75.46 -12.32
C PRO A 645 -66.37 75.27 -13.59
N ALA A 646 -65.74 76.35 -14.10
CA ALA A 646 -64.71 76.32 -15.17
C ALA A 646 -63.56 75.38 -14.78
N GLY A 647 -63.16 75.38 -13.49
CA GLY A 647 -62.22 74.40 -12.89
C GLY A 647 -60.93 75.02 -12.35
N ASP A 648 -60.80 76.35 -12.37
CA ASP A 648 -59.71 77.11 -11.70
C ASP A 648 -60.05 77.27 -10.22
N TRP A 649 -59.08 77.68 -9.39
CA TRP A 649 -59.29 78.05 -7.97
C TRP A 649 -59.09 79.57 -7.82
N LYS A 650 -60.13 80.31 -7.42
CA LYS A 650 -60.10 81.78 -7.18
C LYS A 650 -60.20 82.05 -5.68
N TYR A 651 -59.57 83.13 -5.21
CA TYR A 651 -59.85 83.76 -3.89
C TYR A 651 -61.35 83.79 -3.65
N ASP A 652 -61.85 82.98 -2.70
CA ASP A 652 -63.19 83.17 -2.11
C ASP A 652 -63.06 84.03 -0.86
N ARG A 653 -63.78 85.15 -0.79
CA ARG A 653 -63.76 86.12 0.32
C ARG A 653 -64.29 85.48 1.61
N GLN A 654 -65.34 84.66 1.48
CA GLN A 654 -66.19 84.21 2.60
C GLN A 654 -65.53 83.01 3.30
N LEU A 655 -65.02 82.01 2.57
CA LEU A 655 -64.10 80.94 3.09
C LEU A 655 -62.92 81.59 3.82
N SER A 656 -62.26 82.53 3.15
CA SER A 656 -61.02 83.20 3.61
C SER A 656 -61.27 83.93 4.93
N SER A 657 -62.48 84.45 5.16
CA SER A 657 -62.86 85.16 6.42
C SER A 657 -62.83 84.17 7.58
N LEU A 658 -63.68 83.15 7.49
CA LEU A 658 -63.73 81.96 8.39
C LEU A 658 -62.33 81.53 8.83
N PHE A 659 -61.39 81.39 7.91
CA PHE A 659 -59.97 80.98 8.16
C PHE A 659 -59.28 81.99 9.06
N LEU A 660 -59.32 83.28 8.66
CA LEU A 660 -58.62 84.41 9.33
C LEU A 660 -59.24 84.69 10.70
N ASP A 661 -60.57 84.52 10.84
CA ASP A 661 -61.30 84.66 12.14
C ASP A 661 -60.84 83.56 13.11
N GLY A 662 -60.70 82.32 12.65
CA GLY A 662 -60.09 81.23 13.45
C GLY A 662 -58.68 81.57 13.88
N LEU A 663 -57.98 82.33 13.05
CA LEU A 663 -56.53 82.63 13.19
C LEU A 663 -56.38 83.81 14.16
N GLU A 664 -57.35 84.73 14.17
CA GLU A 664 -57.44 85.88 15.11
C GLU A 664 -57.60 85.35 16.54
N LYS A 665 -58.42 84.32 16.71
CA LYS A 665 -58.80 83.72 18.02
C LYS A 665 -57.64 82.86 18.53
N ALA A 666 -57.06 82.06 17.66
CA ALA A 666 -55.81 81.31 17.90
C ALA A 666 -54.79 82.26 18.53
N ALA A 667 -54.72 83.50 18.06
CA ALA A 667 -53.67 84.46 18.45
C ALA A 667 -54.00 85.04 19.83
N PHE A 668 -55.27 85.40 20.09
CA PHE A 668 -55.74 85.88 21.41
C PHE A 668 -55.82 84.69 22.37
N ASN A 669 -56.78 83.79 22.14
CA ASN A 669 -57.23 82.74 23.09
C ASN A 669 -56.34 81.49 22.94
N GLY A 670 -55.99 81.10 21.70
CA GLY A 670 -55.18 79.90 21.42
C GLY A 670 -56.07 78.72 21.06
N VAL A 671 -55.47 77.70 20.46
CA VAL A 671 -56.15 76.57 19.75
C VAL A 671 -55.92 75.33 20.63
N THR A 672 -56.86 74.41 20.76
CA THR A 672 -56.54 73.08 21.34
C THR A 672 -56.47 72.00 20.25
N PHE A 673 -55.70 70.98 20.51
CA PHE A 673 -55.50 69.81 19.65
C PHE A 673 -55.64 68.57 20.53
N LYS A 674 -56.32 68.69 21.65
CA LYS A 674 -56.61 67.56 22.55
C LYS A 674 -57.35 66.54 21.68
N ASP A 675 -56.94 65.28 21.76
CA ASP A 675 -57.65 64.12 21.15
C ASP A 675 -57.38 64.05 19.64
N LYS A 676 -56.57 64.96 19.11
CA LYS A 676 -56.08 64.94 17.71
C LYS A 676 -54.86 64.02 17.70
N TYR A 677 -54.82 63.03 16.79
CA TYR A 677 -53.66 62.11 16.59
C TYR A 677 -53.03 62.40 15.24
N VAL A 678 -51.72 62.62 15.20
CA VAL A 678 -51.04 63.18 14.01
C VAL A 678 -49.83 62.35 13.62
N LEU A 679 -49.65 62.02 12.34
CA LEU A 679 -48.35 61.58 11.73
C LEU A 679 -47.71 62.80 11.10
N ILE A 680 -46.44 63.08 11.34
CA ILE A 680 -45.72 64.23 10.71
C ILE A 680 -44.33 63.82 10.29
N THR A 681 -43.99 64.00 9.03
CA THR A 681 -42.70 63.54 8.47
C THR A 681 -41.91 64.78 8.06
N GLY A 682 -40.58 64.66 8.03
CA GLY A 682 -39.70 65.79 7.75
C GLY A 682 -39.97 66.89 8.76
N ALA A 683 -39.90 66.55 10.04
CA ALA A 683 -40.00 67.55 11.12
C ALA A 683 -38.72 67.60 11.94
N GLY A 684 -37.58 67.60 11.25
CA GLY A 684 -36.26 67.69 11.90
C GLY A 684 -35.99 69.10 12.40
N LYS A 685 -34.91 69.26 13.16
CA LYS A 685 -34.48 70.55 13.74
C LYS A 685 -34.28 71.59 12.63
N GLY A 686 -34.86 72.78 12.80
CA GLY A 686 -34.75 73.90 11.86
C GLY A 686 -35.55 73.63 10.60
N SER A 687 -36.87 73.54 10.73
CA SER A 687 -37.84 73.26 9.63
C SER A 687 -39.22 73.78 10.02
N ILE A 688 -40.08 74.10 9.06
CA ILE A 688 -41.51 74.36 9.40
C ILE A 688 -42.07 73.10 10.11
N GLY A 689 -41.64 71.93 9.66
CA GLY A 689 -41.98 70.66 10.31
C GLY A 689 -41.92 70.73 11.82
N ALA A 690 -40.84 71.29 12.38
CA ALA A 690 -40.51 71.26 13.83
C ALA A 690 -41.20 72.36 14.62
N GLU A 691 -41.58 73.47 13.97
CA GLU A 691 -42.33 74.56 14.63
C GLU A 691 -43.82 74.24 14.64
N VAL A 692 -44.21 73.21 13.92
CA VAL A 692 -45.59 72.68 13.82
C VAL A 692 -45.66 71.70 14.97
N LEU A 693 -44.71 70.80 14.98
CA LEU A 693 -44.57 69.81 16.06
C LEU A 693 -44.71 70.43 17.41
N GLN A 694 -44.01 71.54 17.71
CA GLN A 694 -44.10 72.31 18.98
C GLN A 694 -45.56 72.71 19.26
N GLY A 695 -46.16 73.40 18.29
CA GLY A 695 -47.57 73.79 18.37
C GLY A 695 -48.48 72.59 18.58
N LEU A 696 -48.23 71.47 17.94
CA LEU A 696 -49.18 70.37 18.13
C LEU A 696 -49.17 70.00 19.60
N LEU A 697 -47.97 69.67 20.08
CA LEU A 697 -47.70 69.16 21.42
C LEU A 697 -48.23 70.20 22.39
N GLN A 698 -48.09 71.47 22.05
CA GLN A 698 -48.46 72.57 22.97
C GLN A 698 -49.96 72.51 23.24
N GLY A 699 -50.78 71.93 22.37
CA GLY A 699 -52.24 71.78 22.53
C GLY A 699 -52.61 70.37 22.91
N GLY A 700 -51.65 69.60 23.44
CA GLY A 700 -51.85 68.19 23.86
C GLY A 700 -52.27 67.25 22.74
N ALA A 701 -51.80 67.45 21.50
CA ALA A 701 -51.86 66.46 20.42
C ALA A 701 -51.12 65.19 20.77
N LYS A 702 -51.44 64.07 20.12
CA LYS A 702 -50.62 62.84 20.20
C LYS A 702 -49.96 62.62 18.85
N VAL A 703 -48.66 62.79 18.77
CA VAL A 703 -47.97 62.91 17.47
C VAL A 703 -46.98 61.76 17.28
N VAL A 704 -46.99 61.15 16.08
CA VAL A 704 -45.85 60.32 15.61
C VAL A 704 -44.95 61.21 14.75
N VAL A 705 -43.63 61.12 14.96
CA VAL A 705 -42.63 61.98 14.29
C VAL A 705 -41.56 61.07 13.73
N THR A 706 -41.23 61.21 12.48
CA THR A 706 -40.31 60.29 11.81
C THR A 706 -39.04 61.06 11.62
N THR A 707 -37.92 60.42 11.88
CA THR A 707 -36.58 60.97 11.57
C THR A 707 -35.93 60.03 10.55
N SER A 708 -35.23 60.61 9.58
CA SER A 708 -34.33 59.94 8.61
C SER A 708 -33.08 59.49 9.37
N ARG A 709 -32.50 60.42 10.13
CA ARG A 709 -31.19 60.24 10.83
C ARG A 709 -31.47 60.06 12.33
N PHE A 710 -31.65 58.82 12.76
CA PHE A 710 -31.85 58.43 14.18
C PHE A 710 -30.52 58.14 14.86
N SER A 711 -30.32 58.72 16.02
CA SER A 711 -29.02 58.92 16.69
C SER A 711 -29.36 59.29 18.12
N LYS A 712 -28.37 59.37 19.01
CA LYS A 712 -28.55 59.91 20.37
C LYS A 712 -28.83 61.41 20.29
N GLN A 713 -28.13 62.12 19.43
CA GLN A 713 -28.15 63.59 19.28
C GLN A 713 -29.56 64.05 18.91
N VAL A 714 -30.38 63.17 18.35
CA VAL A 714 -31.72 63.50 17.76
C VAL A 714 -32.80 63.14 18.76
N THR A 715 -32.70 61.92 19.27
CA THR A 715 -33.50 61.40 20.39
C THR A 715 -33.41 62.37 21.57
N ASP A 716 -32.30 63.10 21.76
CA ASP A 716 -32.15 64.19 22.79
C ASP A 716 -32.84 65.48 22.35
N TYR A 717 -32.59 66.01 21.17
CA TYR A 717 -33.43 67.11 20.60
C TYR A 717 -34.90 66.88 20.92
N TYR A 718 -35.43 65.68 20.65
CA TYR A 718 -36.88 65.39 20.76
C TYR A 718 -37.28 65.29 22.21
N GLN A 719 -36.45 64.66 23.04
CA GLN A 719 -36.70 64.64 24.50
C GLN A 719 -36.91 66.08 24.99
N SER A 720 -36.15 67.04 24.48
CA SER A 720 -36.06 68.40 25.06
C SER A 720 -37.22 69.24 24.58
N ILE A 721 -37.81 68.89 23.46
CA ILE A 721 -38.97 69.64 22.92
C ILE A 721 -40.15 69.17 23.72
N TYR A 722 -40.30 67.86 23.83
CA TYR A 722 -41.40 67.26 24.60
C TYR A 722 -41.31 67.75 26.04
N ALA A 723 -40.12 67.92 26.62
CA ALA A 723 -40.01 68.27 28.05
C ALA A 723 -40.09 69.77 28.28
N LYS A 724 -40.37 70.57 27.27
CA LYS A 724 -40.60 72.04 27.36
C LYS A 724 -42.01 72.40 26.92
N TYR A 725 -42.66 71.54 26.10
CA TYR A 725 -43.82 71.90 25.27
C TYR A 725 -44.98 70.94 25.47
N GLY A 726 -44.65 69.66 25.66
CA GLY A 726 -45.69 68.64 25.78
C GLY A 726 -46.59 69.00 26.93
N ALA A 727 -47.79 69.42 26.61
CA ALA A 727 -48.84 69.79 27.58
C ALA A 727 -49.51 68.53 28.11
N LYS A 728 -50.43 68.68 29.05
CA LYS A 728 -51.12 67.54 29.71
C LYS A 728 -51.82 66.69 28.64
N GLY A 729 -51.36 65.46 28.43
CA GLY A 729 -52.05 64.49 27.59
C GLY A 729 -51.39 64.29 26.25
N SER A 730 -50.71 65.30 25.72
CA SER A 730 -49.69 65.20 24.65
C SER A 730 -48.93 63.88 24.75
N THR A 731 -48.53 63.30 23.63
CA THR A 731 -47.48 62.24 23.62
C THR A 731 -46.68 62.40 22.32
N LEU A 732 -45.46 61.91 22.31
CA LEU A 732 -44.56 62.04 21.15
C LEU A 732 -43.88 60.71 20.92
N ILE A 733 -44.18 60.01 19.84
CA ILE A 733 -43.43 58.78 19.45
C ILE A 733 -42.47 59.21 18.33
N VAL A 734 -41.20 58.88 18.47
CA VAL A 734 -40.13 59.14 17.48
C VAL A 734 -39.72 57.80 16.93
N VAL A 735 -39.87 57.60 15.64
CA VAL A 735 -39.52 56.33 14.94
C VAL A 735 -38.50 56.71 13.90
N PRO A 736 -37.49 55.88 13.63
CA PRO A 736 -36.66 56.06 12.44
C PRO A 736 -37.50 55.67 11.23
N PHE A 737 -37.15 56.15 10.05
CA PHE A 737 -38.09 56.08 8.91
C PHE A 737 -37.44 56.53 7.61
N ASN A 738 -37.63 55.79 6.54
CA ASN A 738 -37.25 56.26 5.18
C ASN A 738 -38.51 56.48 4.39
N GLN A 739 -38.87 57.70 3.98
CA GLN A 739 -40.16 57.90 3.23
C GLN A 739 -39.94 57.36 1.79
N GLY A 740 -38.70 57.24 1.35
CA GLY A 740 -38.36 56.64 0.06
C GLY A 740 -38.48 55.13 0.03
N SER A 741 -38.72 54.50 1.17
CA SER A 741 -38.91 53.04 1.23
C SER A 741 -40.41 52.75 1.19
N LYS A 742 -40.88 51.93 0.23
CA LYS A 742 -42.26 51.47 0.13
C LYS A 742 -42.56 50.74 1.43
N GLN A 743 -41.64 49.84 1.76
CA GLN A 743 -41.82 48.82 2.81
C GLN A 743 -41.80 49.43 4.20
N ASP A 744 -41.21 50.62 4.38
CA ASP A 744 -41.27 51.42 5.67
C ASP A 744 -42.60 52.15 5.80
N VAL A 745 -43.07 52.77 4.74
CA VAL A 745 -44.41 53.40 4.68
C VAL A 745 -45.47 52.34 5.00
N GLU A 746 -45.30 51.10 4.55
CA GLU A 746 -46.35 50.08 4.76
C GLU A 746 -46.32 49.74 6.26
N ALA A 747 -45.10 49.47 6.73
CA ALA A 747 -44.73 49.13 8.12
C ALA A 747 -45.21 50.18 9.10
N LEU A 748 -45.07 51.47 8.75
CA LEU A 748 -45.24 52.60 9.71
C LEU A 748 -46.71 52.69 10.05
N ILE A 749 -47.57 52.55 9.08
CA ILE A 749 -49.02 52.74 9.27
C ILE A 749 -49.55 51.46 9.91
N GLU A 750 -48.87 50.34 9.70
CA GLU A 750 -49.26 49.05 10.32
C GLU A 750 -48.94 49.17 11.81
N PHE A 751 -47.81 49.73 12.16
CA PHE A 751 -47.36 49.92 13.57
C PHE A 751 -48.26 50.93 14.28
N ILE A 752 -48.65 51.98 13.60
CA ILE A 752 -49.53 53.01 14.20
C ILE A 752 -50.85 52.35 14.52
N TYR A 753 -51.44 51.58 13.61
CA TYR A 753 -52.87 51.22 13.71
C TYR A 753 -52.98 49.98 14.57
N ASP A 754 -51.96 49.14 14.56
CA ASP A 754 -51.99 47.81 15.20
C ASP A 754 -52.20 47.97 16.69
N THR A 755 -52.66 46.91 17.34
CA THR A 755 -52.98 46.86 18.78
C THR A 755 -51.70 46.84 19.60
N GLU A 756 -51.74 47.49 20.77
CA GLU A 756 -50.64 47.55 21.77
C GLU A 756 -50.28 46.12 22.16
N LYS A 757 -51.20 45.19 21.99
CA LYS A 757 -51.01 43.75 22.30
C LYS A 757 -50.08 43.12 21.26
N ASN A 758 -50.27 43.39 19.96
CA ASN A 758 -49.37 42.94 18.84
C ASN A 758 -48.21 43.94 18.63
N GLY A 759 -48.01 44.88 19.56
CA GLY A 759 -46.77 45.66 19.66
C GLY A 759 -46.85 46.97 18.90
N GLY A 760 -48.07 47.37 18.52
CA GLY A 760 -48.33 48.64 17.81
C GLY A 760 -48.71 49.72 18.79
N LEU A 761 -49.48 50.72 18.34
CA LEU A 761 -49.85 51.91 19.13
C LEU A 761 -51.34 51.86 19.50
N GLY A 762 -52.19 51.50 18.57
CA GLY A 762 -53.65 51.44 18.76
C GLY A 762 -54.29 52.75 18.39
N TRP A 763 -53.55 53.61 17.73
CA TRP A 763 -54.05 54.94 17.36
C TRP A 763 -54.88 54.86 16.10
N ASP A 764 -55.47 55.98 15.73
CA ASP A 764 -56.22 56.16 14.47
C ASP A 764 -56.04 57.62 14.07
N LEU A 765 -55.33 57.89 12.99
CA LEU A 765 -54.80 59.23 12.62
C LEU A 765 -55.97 60.15 12.25
N ASP A 766 -55.99 61.34 12.83
CA ASP A 766 -56.88 62.47 12.49
C ASP A 766 -56.15 63.51 11.63
N ALA A 767 -54.84 63.36 11.39
CA ALA A 767 -54.13 64.24 10.44
C ALA A 767 -52.79 63.66 10.05
N ILE A 768 -52.50 63.73 8.77
CA ILE A 768 -51.16 63.42 8.22
C ILE A 768 -50.60 64.73 7.71
N ILE A 769 -49.29 64.94 7.91
CA ILE A 769 -48.56 66.16 7.47
C ILE A 769 -47.23 65.71 6.88
N PRO A 770 -47.22 65.23 5.61
CA PRO A 770 -46.06 64.59 5.01
C PRO A 770 -45.15 65.60 4.33
N PHE A 771 -44.22 66.18 5.08
CA PHE A 771 -43.45 67.39 4.71
C PHE A 771 -42.02 67.00 4.40
N ALA A 772 -41.71 65.72 4.36
CA ALA A 772 -40.36 65.20 4.02
C ALA A 772 -40.00 65.59 2.60
N ALA A 773 -38.71 65.75 2.38
CA ALA A 773 -38.12 66.34 1.17
C ALA A 773 -36.65 65.97 1.17
N ILE A 774 -36.09 65.71 -0.01
CA ILE A 774 -34.63 65.83 -0.17
C ILE A 774 -34.40 67.04 -1.08
N PRO A 775 -33.38 67.87 -0.79
CA PRO A 775 -33.12 69.06 -1.57
C PRO A 775 -32.28 68.64 -2.79
N GLU A 776 -32.69 69.10 -3.96
CA GLU A 776 -31.98 68.88 -5.24
C GLU A 776 -31.73 70.27 -5.78
N GLN A 777 -30.47 70.65 -5.95
CA GLN A 777 -30.12 72.00 -6.46
C GLN A 777 -29.05 71.86 -7.54
N GLY A 778 -29.15 72.73 -8.55
CA GLY A 778 -28.28 72.71 -9.75
C GLY A 778 -28.55 71.53 -10.64
N ILE A 779 -29.73 70.93 -10.51
CA ILE A 779 -30.21 69.81 -11.35
C ILE A 779 -31.23 70.38 -12.32
N GLU A 780 -30.75 70.79 -13.49
CA GLU A 780 -31.55 71.15 -14.68
C GLU A 780 -32.05 69.86 -15.37
N LEU A 781 -32.88 69.99 -16.39
CA LEU A 781 -33.55 68.86 -17.06
C LEU A 781 -32.53 67.92 -17.74
N GLU A 782 -31.36 68.41 -18.16
CA GLU A 782 -30.34 67.52 -18.75
C GLU A 782 -29.72 66.63 -17.64
N HIS A 783 -29.84 67.00 -16.36
CA HIS A 783 -29.12 66.37 -15.23
C HIS A 783 -30.05 65.56 -14.33
N ILE A 784 -31.33 65.42 -14.69
CA ILE A 784 -32.28 64.58 -13.94
C ILE A 784 -31.75 63.17 -14.01
N ASP A 785 -31.41 62.61 -12.85
CA ASP A 785 -30.85 61.24 -12.71
C ASP A 785 -31.49 60.58 -11.49
N SER A 786 -30.73 59.77 -10.75
CA SER A 786 -31.21 58.82 -9.73
C SER A 786 -31.69 59.60 -8.53
N LYS A 787 -30.92 60.59 -8.09
CA LYS A 787 -31.30 61.46 -6.94
C LYS A 787 -32.69 62.07 -7.18
N SER A 788 -32.94 62.65 -8.34
CA SER A 788 -34.25 63.29 -8.66
C SER A 788 -35.33 62.22 -8.77
N GLU A 789 -35.01 61.04 -9.31
CA GLU A 789 -36.01 59.94 -9.46
C GLU A 789 -36.39 59.41 -8.09
N PHE A 790 -35.48 59.55 -7.12
CA PHE A 790 -35.62 58.98 -5.76
C PHE A 790 -36.35 60.00 -4.91
N ALA A 791 -35.97 61.25 -5.06
CA ALA A 791 -36.69 62.38 -4.46
C ALA A 791 -38.14 62.34 -4.90
N HIS A 792 -38.43 62.01 -6.17
CA HIS A 792 -39.80 62.08 -6.74
C HIS A 792 -40.68 61.07 -6.03
N ARG A 793 -40.06 60.03 -5.50
CA ARG A 793 -40.75 58.93 -4.78
C ARG A 793 -41.03 59.39 -3.36
N ILE A 794 -40.07 60.04 -2.70
CA ILE A 794 -40.28 60.59 -1.32
C ILE A 794 -41.43 61.63 -1.33
N MET A 795 -41.36 62.56 -2.27
CA MET A 795 -42.19 63.78 -2.28
C MET A 795 -43.50 63.59 -3.01
N LEU A 796 -43.72 62.45 -3.71
CA LEU A 796 -45.03 62.14 -4.37
C LEU A 796 -45.43 60.66 -4.27
N THR A 797 -44.82 59.72 -5.01
CA THR A 797 -45.48 58.39 -5.13
C THR A 797 -45.63 57.80 -3.71
N ASN A 798 -44.65 57.92 -2.83
CA ASN A 798 -44.76 57.31 -1.48
C ASN A 798 -45.65 58.17 -0.61
N ILE A 799 -45.91 59.44 -0.91
CA ILE A 799 -46.96 60.19 -0.17
C ILE A 799 -48.28 59.50 -0.44
N LEU A 800 -48.57 59.27 -1.73
CA LEU A 800 -49.79 58.62 -2.24
C LEU A 800 -49.91 57.24 -1.62
N ARG A 801 -48.81 56.50 -1.53
CA ARG A 801 -48.79 55.13 -0.93
C ARG A 801 -49.06 55.20 0.56
N MET A 802 -48.61 56.23 1.27
CA MET A 802 -48.88 56.45 2.73
C MET A 802 -50.35 56.82 2.97
N MET A 803 -50.97 57.69 2.17
CA MET A 803 -52.44 57.96 2.22
C MET A 803 -53.19 56.71 1.71
N GLY A 804 -52.63 55.98 0.77
CA GLY A 804 -53.32 54.77 0.36
C GLY A 804 -53.48 53.84 1.54
N CYS A 805 -52.35 53.59 2.22
CA CYS A 805 -52.21 52.72 3.42
C CYS A 805 -53.22 53.11 4.48
N VAL A 806 -53.38 54.40 4.82
CA VAL A 806 -54.25 54.73 5.98
C VAL A 806 -55.67 54.43 5.56
N LYS A 807 -56.08 54.70 4.32
CA LYS A 807 -57.40 54.23 3.78
C LYS A 807 -57.57 52.72 3.98
N LYS A 808 -56.59 51.90 3.69
CA LYS A 808 -56.73 50.42 3.88
C LYS A 808 -56.90 50.08 5.36
N GLN A 809 -56.10 50.62 6.27
CA GLN A 809 -56.18 50.34 7.73
C GLN A 809 -57.48 50.94 8.33
N LYS A 810 -58.01 52.04 7.80
CA LYS A 810 -59.26 52.62 8.30
C LYS A 810 -60.44 51.82 7.80
N SER A 811 -60.33 51.19 6.63
CA SER A 811 -61.49 50.53 6.00
C SER A 811 -61.66 49.19 6.69
N ALA A 812 -60.61 48.38 6.65
CA ALA A 812 -60.34 47.20 7.50
C ALA A 812 -61.23 47.18 8.73
N ARG A 813 -61.23 48.27 9.51
CA ARG A 813 -61.89 48.41 10.83
C ARG A 813 -63.19 49.21 10.71
N GLY A 814 -63.74 49.33 9.50
CA GLY A 814 -65.02 49.98 9.20
C GLY A 814 -65.12 51.37 9.79
N ILE A 815 -64.00 52.07 9.88
CA ILE A 815 -63.93 53.47 10.38
C ILE A 815 -64.33 54.35 9.19
N GLU A 816 -65.54 54.94 9.23
CA GLU A 816 -66.08 55.76 8.12
C GLU A 816 -66.47 57.15 8.60
N THR A 817 -66.20 57.52 9.84
CA THR A 817 -66.67 58.79 10.43
C THR A 817 -65.53 59.52 11.13
N ARG A 818 -64.28 59.04 11.02
CA ARG A 818 -63.10 59.64 11.68
C ARG A 818 -62.01 59.84 10.64
N PRO A 819 -62.24 60.73 9.65
CA PRO A 819 -61.30 60.93 8.58
C PRO A 819 -60.01 61.62 9.06
N ALA A 820 -58.96 61.53 8.24
CA ALA A 820 -57.62 62.11 8.45
C ALA A 820 -57.36 63.26 7.48
N GLN A 821 -57.25 64.46 7.99
CA GLN A 821 -56.89 65.63 7.18
C GLN A 821 -55.48 65.45 6.68
N VAL A 822 -55.29 65.25 5.37
CA VAL A 822 -53.92 65.32 4.79
C VAL A 822 -53.57 66.79 4.49
N ILE A 823 -52.53 67.35 5.13
CA ILE A 823 -52.02 68.71 4.84
C ILE A 823 -50.86 68.60 3.84
N LEU A 824 -51.08 68.89 2.55
CA LEU A 824 -50.07 68.71 1.48
C LEU A 824 -49.26 69.99 1.37
N PRO A 825 -47.93 69.92 1.41
CA PRO A 825 -47.09 71.08 1.21
C PRO A 825 -47.00 71.28 -0.30
N MET A 826 -47.65 72.33 -0.77
CA MET A 826 -47.67 72.73 -2.18
C MET A 826 -46.70 73.87 -2.35
N SER A 827 -46.30 74.10 -3.60
CA SER A 827 -45.47 75.25 -3.98
C SER A 827 -46.39 76.11 -4.79
N PRO A 828 -46.16 77.43 -4.87
CA PRO A 828 -46.87 78.28 -5.82
C PRO A 828 -46.12 78.37 -7.15
N ASN A 829 -44.90 77.82 -7.19
CA ASN A 829 -43.88 78.09 -8.24
C ASN A 829 -43.47 76.74 -8.82
N HIS A 830 -44.06 76.36 -9.96
CA HIS A 830 -43.75 75.08 -10.65
C HIS A 830 -42.91 75.43 -11.87
N GLY A 831 -41.61 75.16 -11.80
CA GLY A 831 -40.65 75.40 -12.90
C GLY A 831 -40.28 76.87 -13.03
N THR A 832 -40.66 77.73 -12.09
CA THR A 832 -40.46 79.19 -12.21
C THR A 832 -39.02 79.56 -11.82
N PHE A 833 -38.26 78.72 -11.13
CA PHE A 833 -36.83 78.95 -10.77
C PHE A 833 -35.91 78.07 -11.62
N GLY A 834 -36.17 76.77 -11.63
CA GLY A 834 -35.35 75.80 -12.36
C GLY A 834 -34.24 75.28 -11.48
N GLY A 835 -33.58 74.22 -11.92
CA GLY A 835 -32.46 73.61 -11.18
C GLY A 835 -32.94 72.96 -9.90
N ASP A 836 -34.22 72.63 -9.83
CA ASP A 836 -34.88 71.96 -8.68
C ASP A 836 -35.04 70.46 -9.00
N GLY A 837 -34.58 69.97 -10.14
CA GLY A 837 -34.73 68.55 -10.51
C GLY A 837 -36.18 68.26 -10.73
N MET A 838 -36.74 67.26 -10.05
CA MET A 838 -38.14 66.86 -10.26
C MET A 838 -39.05 67.42 -9.15
N TYR A 839 -38.58 68.44 -8.41
CA TYR A 839 -39.30 69.08 -7.28
C TYR A 839 -40.68 69.59 -7.72
N SER A 840 -40.76 70.43 -8.73
CA SER A 840 -42.02 71.03 -9.27
C SER A 840 -42.95 69.97 -9.88
N GLU A 841 -42.41 68.95 -10.52
CA GLU A 841 -43.17 67.83 -11.11
C GLU A 841 -43.79 67.04 -9.94
N SER A 842 -43.15 67.07 -8.77
CA SER A 842 -43.56 66.38 -7.53
C SER A 842 -44.73 67.14 -6.90
N LYS A 843 -44.60 68.44 -6.84
CA LYS A 843 -45.54 69.30 -6.14
C LYS A 843 -46.80 69.49 -6.97
N LEU A 844 -46.67 69.62 -8.25
CA LEU A 844 -47.82 69.97 -9.08
C LEU A 844 -48.77 68.77 -9.19
N SER A 845 -48.24 67.56 -9.22
CA SER A 845 -48.97 66.28 -9.20
C SER A 845 -49.76 66.03 -7.89
N LEU A 846 -49.40 66.65 -6.76
CA LEU A 846 -50.27 66.65 -5.54
C LEU A 846 -51.58 67.42 -5.77
N GLU A 847 -51.64 68.34 -6.73
CA GLU A 847 -52.87 69.10 -7.04
C GLU A 847 -53.94 68.20 -7.68
N THR A 848 -53.64 66.96 -8.05
CA THR A 848 -54.65 66.00 -8.57
C THR A 848 -55.51 65.45 -7.43
N LEU A 849 -55.02 65.41 -6.19
CA LEU A 849 -55.77 64.87 -5.01
C LEU A 849 -57.04 65.69 -4.75
N PHE A 850 -57.06 66.96 -5.14
CA PHE A 850 -58.25 67.81 -5.00
C PHE A 850 -59.35 67.27 -5.88
N ASN A 851 -59.03 66.67 -7.02
CA ASN A 851 -60.07 66.19 -7.95
C ASN A 851 -60.43 64.77 -7.55
N ARG A 852 -59.43 63.93 -7.40
CA ARG A 852 -59.55 62.50 -7.03
C ARG A 852 -60.40 62.31 -5.78
N TRP A 853 -60.43 63.26 -4.85
CA TRP A 853 -61.28 63.16 -3.63
C TRP A 853 -62.76 63.01 -4.00
N HIS A 854 -63.23 63.69 -5.04
CA HIS A 854 -64.61 63.57 -5.61
C HIS A 854 -64.84 62.36 -6.53
N SER A 855 -63.79 61.75 -7.03
CA SER A 855 -63.84 60.81 -8.14
C SER A 855 -63.51 59.39 -7.71
N GLU A 856 -63.10 59.17 -6.45
CA GLU A 856 -62.72 57.83 -5.95
C GLU A 856 -63.50 57.52 -4.68
N SER A 857 -63.08 56.50 -3.96
CA SER A 857 -63.84 55.83 -2.87
C SER A 857 -63.16 56.08 -1.54
N TRP A 858 -62.37 57.15 -1.43
CA TRP A 858 -61.57 57.36 -0.21
C TRP A 858 -61.93 58.66 0.51
N ALA A 859 -62.96 59.41 0.11
CA ALA A 859 -63.32 60.68 0.77
C ALA A 859 -63.76 60.53 2.24
N ASN A 860 -64.16 59.36 2.73
CA ASN A 860 -64.60 59.21 4.14
C ASN A 860 -63.43 58.76 5.04
N GLN A 861 -62.24 58.64 4.50
CA GLN A 861 -61.05 58.22 5.26
C GLN A 861 -60.01 59.35 5.29
N LEU A 862 -60.01 60.18 4.27
CA LEU A 862 -58.99 61.19 3.98
C LEU A 862 -59.75 62.46 3.60
N THR A 863 -59.16 63.60 3.86
CA THR A 863 -59.66 64.90 3.45
C THR A 863 -58.43 65.66 3.03
N VAL A 864 -58.45 66.34 1.91
CA VAL A 864 -57.19 67.01 1.50
C VAL A 864 -57.33 68.48 1.84
N CYS A 865 -56.20 69.01 2.32
CA CYS A 865 -56.02 70.40 2.78
C CYS A 865 -54.66 70.87 2.27
N GLY A 866 -54.61 71.32 1.03
CA GLY A 866 -53.37 71.71 0.34
C GLY A 866 -52.95 73.09 0.77
N ALA A 867 -51.77 73.20 1.36
CA ALA A 867 -51.21 74.46 1.84
C ALA A 867 -50.22 74.92 0.79
N ILE A 868 -50.38 76.12 0.25
CA ILE A 868 -49.43 76.71 -0.72
C ILE A 868 -48.47 77.53 0.10
N ILE A 869 -47.41 76.88 0.56
CA ILE A 869 -46.47 77.47 1.54
C ILE A 869 -45.53 78.39 0.75
N GLY A 870 -45.47 79.64 1.16
CA GLY A 870 -44.67 80.69 0.52
C GLY A 870 -43.31 80.81 1.14
N TRP A 871 -42.71 81.99 0.98
CA TRP A 871 -41.26 82.23 1.17
C TRP A 871 -40.98 82.22 2.68
N THR A 872 -40.26 81.22 3.14
CA THR A 872 -40.07 80.94 4.57
C THR A 872 -38.58 81.01 4.87
N ARG A 873 -38.18 82.03 5.61
CA ARG A 873 -36.76 82.33 5.93
C ARG A 873 -36.21 81.20 6.83
N GLY A 874 -35.57 80.21 6.19
CA GLY A 874 -34.90 79.02 6.77
C GLY A 874 -34.60 79.18 8.24
N THR A 875 -33.43 79.68 8.61
CA THR A 875 -33.08 80.02 10.01
C THR A 875 -32.92 81.56 10.08
N GLY A 876 -32.43 82.09 11.20
CA GLY A 876 -32.10 83.53 11.39
C GLY A 876 -30.61 83.81 11.15
N LEU A 877 -29.97 83.00 10.29
CA LEU A 877 -28.56 83.10 9.83
C LEU A 877 -28.57 83.34 8.30
N MET A 878 -27.45 83.21 7.60
CA MET A 878 -27.34 83.51 6.15
C MET A 878 -27.63 82.24 5.33
N SER A 879 -28.90 82.08 4.92
CA SER A 879 -29.39 81.23 3.81
C SER A 879 -29.24 82.07 2.54
N ALA A 880 -28.77 81.48 1.43
CA ALA A 880 -28.61 82.17 0.11
C ALA A 880 -29.91 82.90 -0.24
N ASN A 881 -31.06 82.29 0.10
CA ASN A 881 -32.40 82.88 -0.11
C ASN A 881 -32.65 84.03 0.88
N ASN A 882 -32.18 83.97 2.13
CA ASN A 882 -32.49 84.95 3.22
C ASN A 882 -32.04 86.38 2.86
N ILE A 883 -30.83 86.55 2.37
CA ILE A 883 -30.17 87.88 2.16
C ILE A 883 -31.06 88.80 1.30
N ILE A 884 -31.99 88.23 0.51
CA ILE A 884 -32.83 88.99 -0.47
C ILE A 884 -34.28 89.13 0.01
N ALA A 885 -34.74 88.30 0.94
CA ALA A 885 -36.03 88.48 1.66
C ALA A 885 -36.35 89.97 1.82
N GLU A 886 -35.43 90.76 2.41
CA GLU A 886 -35.67 92.21 2.67
C GLU A 886 -36.09 92.88 1.36
N GLY A 887 -35.46 92.46 0.25
CA GLY A 887 -35.58 93.08 -1.08
C GLY A 887 -36.93 92.83 -1.71
N ILE A 888 -37.40 91.59 -1.68
CA ILE A 888 -38.77 91.16 -2.11
C ILE A 888 -39.80 92.00 -1.33
N GLU A 889 -39.66 92.10 0.00
CA GLU A 889 -40.64 92.75 0.92
C GLU A 889 -40.91 94.19 0.47
N LYS A 890 -39.93 94.86 -0.15
CA LYS A 890 -40.06 96.23 -0.70
C LYS A 890 -41.07 96.28 -1.85
N MET A 891 -41.32 95.17 -2.55
CA MET A 891 -42.42 95.05 -3.56
C MET A 891 -43.80 95.22 -2.91
N GLY A 892 -43.95 95.01 -1.60
CA GLY A 892 -45.23 95.11 -0.87
C GLY A 892 -45.82 93.73 -0.61
N VAL A 893 -44.93 92.80 -0.34
CA VAL A 893 -45.14 91.33 -0.26
C VAL A 893 -44.70 90.90 1.14
N ARG A 894 -45.04 89.70 1.60
CA ARG A 894 -44.53 89.24 2.89
C ARG A 894 -43.83 87.91 2.74
N THR A 895 -42.68 87.82 3.40
CA THR A 895 -42.02 86.54 3.80
C THR A 895 -42.35 86.27 5.27
N PHE A 896 -41.91 85.13 5.76
CA PHE A 896 -42.38 84.47 6.98
C PHE A 896 -41.18 83.91 7.71
N SER A 897 -41.14 84.02 9.03
CA SER A 897 -40.33 83.12 9.85
C SER A 897 -41.00 81.74 9.77
N GLN A 898 -40.30 80.69 10.15
CA GLN A 898 -40.87 79.35 10.31
C GLN A 898 -41.93 79.34 11.43
N LYS A 899 -41.79 80.10 12.51
CA LYS A 899 -42.85 80.20 13.58
C LYS A 899 -44.15 80.77 13.03
N GLU A 900 -44.09 81.74 12.13
CA GLU A 900 -45.26 82.31 11.45
C GLU A 900 -45.85 81.27 10.47
N MET A 901 -45.01 80.62 9.65
CA MET A 901 -45.51 79.61 8.69
C MET A 901 -46.06 78.43 9.47
N ALA A 902 -45.59 78.19 10.70
CA ALA A 902 -46.13 77.10 11.54
C ALA A 902 -47.54 77.51 11.98
N PHE A 903 -47.64 78.68 12.57
CA PHE A 903 -48.88 79.34 12.97
C PHE A 903 -49.89 79.22 11.85
N ASN A 904 -49.52 79.57 10.62
CA ASN A 904 -50.49 79.61 9.48
C ASN A 904 -51.06 78.19 9.25
N LEU A 905 -50.22 77.17 9.28
CA LEU A 905 -50.58 75.77 8.95
C LEU A 905 -51.33 75.13 10.11
N LEU A 906 -51.05 75.53 11.37
CA LEU A 906 -51.83 75.08 12.58
C LEU A 906 -53.23 75.70 12.58
N GLY A 907 -53.46 76.75 11.81
CA GLY A 907 -54.78 77.31 11.57
C GLY A 907 -55.63 76.45 10.64
N LEU A 908 -55.01 75.52 9.87
CA LEU A 908 -55.71 74.55 8.98
C LEU A 908 -56.01 73.27 9.76
N LEU A 909 -55.79 73.26 11.07
CA LEU A 909 -56.17 72.14 11.95
C LEU A 909 -57.17 72.65 12.96
N THR A 910 -57.66 73.88 12.84
CA THR A 910 -58.67 74.41 13.79
C THR A 910 -59.97 73.72 13.43
N PRO A 911 -60.93 73.55 14.36
CA PRO A 911 -62.16 72.83 14.08
C PRO A 911 -63.12 73.41 13.02
N GLU A 912 -62.87 74.62 12.46
CA GLU A 912 -63.73 75.25 11.42
C GLU A 912 -63.26 74.76 10.03
N VAL A 913 -61.97 74.88 9.76
CA VAL A 913 -61.37 74.43 8.47
C VAL A 913 -61.21 72.91 8.51
N VAL A 914 -61.30 72.26 9.65
CA VAL A 914 -61.41 70.76 9.68
C VAL A 914 -62.82 70.41 9.21
N GLU A 915 -63.83 71.12 9.74
CA GLU A 915 -65.26 70.92 9.40
C GLU A 915 -65.46 71.19 7.91
N LEU A 916 -64.65 72.08 7.33
CA LEU A 916 -64.73 72.55 5.90
C LEU A 916 -64.09 71.54 4.94
N CYS A 917 -62.86 71.10 5.20
CA CYS A 917 -62.12 69.99 4.53
C CYS A 917 -63.00 68.74 4.30
N GLN A 918 -63.96 68.52 5.20
CA GLN A 918 -64.80 67.31 5.29
C GLN A 918 -65.98 67.49 4.35
N LYS A 919 -66.29 68.72 3.91
CA LYS A 919 -67.25 69.00 2.81
C LYS A 919 -66.54 68.86 1.45
N SER A 920 -65.71 69.84 1.10
CA SER A 920 -64.93 69.93 -0.15
C SER A 920 -63.46 69.92 0.23
N PRO A 921 -62.50 69.67 -0.68
CA PRO A 921 -61.10 69.95 -0.37
C PRO A 921 -60.86 71.43 -0.09
N VAL A 922 -59.80 71.73 0.69
CA VAL A 922 -59.41 73.12 1.05
C VAL A 922 -58.05 73.48 0.44
N MET A 923 -57.99 74.45 -0.47
CA MET A 923 -56.70 75.05 -0.92
C MET A 923 -56.48 76.31 -0.09
N ALA A 924 -55.48 76.28 0.77
CA ALA A 924 -55.01 77.44 1.54
C ALA A 924 -53.81 78.07 0.85
N ASP A 925 -53.89 79.34 0.47
CA ASP A 925 -52.78 80.12 -0.13
C ASP A 925 -52.09 80.93 0.97
N LEU A 926 -51.01 80.36 1.50
CA LEU A 926 -50.16 80.97 2.55
C LEU A 926 -48.87 81.54 1.92
N ASN A 927 -48.90 81.72 0.62
CA ASN A 927 -47.96 82.58 -0.13
C ASN A 927 -48.45 84.00 0.11
N GLY A 928 -47.54 84.92 0.41
CA GLY A 928 -47.90 86.25 0.95
C GLY A 928 -47.89 87.30 -0.14
N GLY A 929 -48.61 87.08 -1.22
CA GLY A 929 -48.69 88.00 -2.36
C GLY A 929 -47.58 87.81 -3.38
N LEU A 930 -46.76 86.76 -3.31
CA LEU A 930 -45.70 86.55 -4.33
C LEU A 930 -46.28 86.11 -5.67
N GLN A 931 -47.58 85.81 -5.78
CA GLN A 931 -48.24 85.54 -7.10
C GLN A 931 -48.17 86.83 -7.95
N PHE A 932 -48.23 88.01 -7.32
CA PHE A 932 -48.49 89.32 -7.94
C PHE A 932 -47.20 90.10 -8.24
N VAL A 933 -46.04 89.66 -7.74
CA VAL A 933 -44.72 90.12 -8.28
C VAL A 933 -44.51 89.35 -9.60
N PRO A 934 -44.39 90.05 -10.76
CA PRO A 934 -44.30 89.40 -12.07
C PRO A 934 -42.86 89.17 -12.54
N GLU A 935 -42.58 88.01 -13.15
CA GLU A 935 -41.22 87.59 -13.58
C GLU A 935 -40.33 87.51 -12.33
N LEU A 936 -40.75 86.71 -11.35
CA LEU A 936 -40.11 86.52 -10.03
C LEU A 936 -38.70 85.93 -10.16
N LYS A 937 -38.43 85.04 -11.11
CA LYS A 937 -37.08 84.42 -11.26
C LYS A 937 -36.05 85.51 -11.56
N GLU A 938 -36.27 86.31 -12.60
CA GLU A 938 -35.32 87.38 -12.98
C GLU A 938 -35.26 88.40 -11.84
N PHE A 939 -36.40 88.74 -11.21
CA PHE A 939 -36.49 89.78 -10.14
C PHE A 939 -35.67 89.42 -8.90
N THR A 940 -35.84 88.20 -8.42
CA THR A 940 -35.01 87.51 -7.39
C THR A 940 -33.53 87.62 -7.77
N ALA A 941 -33.16 87.36 -9.03
CA ALA A 941 -31.77 87.18 -9.48
C ALA A 941 -31.12 88.54 -9.74
N LYS A 942 -31.91 89.56 -10.10
CA LYS A 942 -31.50 90.98 -10.01
C LYS A 942 -31.02 91.25 -8.58
N LEU A 943 -31.94 91.28 -7.60
CA LEU A 943 -31.67 91.54 -6.17
C LEU A 943 -30.37 90.86 -5.74
N ARG A 944 -30.14 89.61 -6.14
CA ARG A 944 -28.99 88.80 -5.64
C ARG A 944 -27.69 89.30 -6.28
N LYS A 945 -27.71 89.57 -7.60
CA LYS A 945 -26.65 90.24 -8.40
C LYS A 945 -26.22 91.54 -7.69
N GLU A 946 -27.16 92.44 -7.37
CA GLU A 946 -26.89 93.79 -6.80
C GLU A 946 -26.37 93.76 -5.36
N LEU A 947 -26.48 92.64 -4.63
CA LEU A 947 -25.84 92.51 -3.30
C LEU A 947 -24.44 91.94 -3.48
N VAL A 948 -24.29 90.99 -4.39
CA VAL A 948 -22.98 90.33 -4.67
C VAL A 948 -22.06 91.40 -5.26
N GLU A 949 -22.52 92.11 -6.29
CA GLU A 949 -21.80 93.27 -6.89
C GLU A 949 -21.43 94.25 -5.77
N THR A 950 -22.39 94.99 -5.22
CA THR A 950 -22.20 96.02 -4.14
C THR A 950 -21.25 95.54 -3.04
N SER A 951 -21.31 94.27 -2.62
CA SER A 951 -20.35 93.69 -1.64
C SER A 951 -18.99 93.55 -2.32
N GLU A 952 -18.90 92.73 -3.36
CA GLU A 952 -17.63 92.30 -4.04
C GLU A 952 -16.80 93.52 -4.44
N VAL A 953 -17.43 94.52 -5.07
CA VAL A 953 -16.83 95.83 -5.49
C VAL A 953 -16.20 96.48 -4.25
N ARG A 954 -17.00 96.63 -3.20
CA ARG A 954 -16.66 97.39 -1.97
C ARG A 954 -15.65 96.60 -1.13
N LYS A 955 -15.47 95.31 -1.39
CA LYS A 955 -14.43 94.47 -0.73
C LYS A 955 -13.09 94.68 -1.45
N ALA A 956 -13.09 94.80 -2.78
CA ALA A 956 -11.89 95.03 -3.62
C ALA A 956 -11.39 96.48 -3.43
N VAL A 957 -12.27 97.48 -3.57
CA VAL A 957 -11.95 98.92 -3.39
C VAL A 957 -11.44 99.17 -1.96
N SER A 958 -11.87 98.35 -1.00
CA SER A 958 -11.38 98.36 0.41
C SER A 958 -9.94 97.84 0.44
N ILE A 959 -9.65 96.72 -0.22
CA ILE A 959 -8.35 95.99 -0.10
C ILE A 959 -7.26 96.82 -0.78
N GLU A 960 -7.59 97.47 -1.91
CA GLU A 960 -6.65 98.28 -2.72
C GLU A 960 -6.31 99.60 -2.02
N THR A 961 -7.29 100.28 -1.42
CA THR A 961 -7.04 101.52 -0.62
C THR A 961 -6.30 101.23 0.69
N ALA A 962 -6.06 99.96 1.05
CA ALA A 962 -5.28 99.53 2.24
C ALA A 962 -3.99 98.81 1.82
N LEU A 963 -3.66 98.87 0.52
CA LEU A 963 -2.33 98.52 -0.05
C LEU A 963 -1.66 99.79 -0.62
N GLU A 964 -2.44 100.75 -1.11
CA GLU A 964 -1.96 102.12 -1.44
C GLU A 964 -1.39 102.71 -0.15
N HIS A 965 -2.23 102.89 0.86
CA HIS A 965 -1.85 103.43 2.19
C HIS A 965 -0.59 102.71 2.69
N LYS A 966 -0.52 101.39 2.59
CA LYS A 966 0.61 100.56 3.09
C LYS A 966 1.90 100.79 2.30
N VAL A 967 1.81 101.27 1.06
CA VAL A 967 2.99 101.55 0.18
C VAL A 967 3.45 102.97 0.46
N VAL A 968 2.54 103.94 0.41
CA VAL A 968 2.84 105.38 0.67
C VAL A 968 3.41 105.57 2.09
N ASN A 969 2.91 104.85 3.10
CA ASN A 969 3.22 105.10 4.55
C ASN A 969 3.91 103.90 5.22
N GLY A 970 4.23 102.84 4.48
CA GLY A 970 5.05 101.71 4.94
C GLY A 970 4.42 100.90 6.08
N ASN A 971 5.27 100.31 6.94
CA ASN A 971 4.89 99.42 8.08
C ASN A 971 5.32 100.05 9.43
N SER A 972 5.16 101.38 9.58
CA SER A 972 5.17 102.13 10.88
C SER A 972 3.75 102.67 11.21
N ALA A 973 2.87 102.78 10.20
CA ALA A 973 1.45 103.23 10.32
C ALA A 973 0.49 102.03 10.50
N ASP A 974 0.88 100.82 10.05
CA ASP A 974 0.06 99.57 10.04
C ASP A 974 0.62 98.49 11.00
N ALA A 975 1.71 98.78 11.74
CA ALA A 975 2.45 97.86 12.67
C ALA A 975 2.31 98.29 14.15
N ALA A 976 2.33 99.60 14.46
CA ALA A 976 2.04 100.19 15.80
C ALA A 976 0.51 100.40 15.96
N TYR A 977 -0.25 99.33 15.71
CA TYR A 977 -1.71 99.31 15.34
C TYR A 977 -2.26 97.88 15.54
N ALA A 978 -1.65 96.89 14.87
CA ALA A 978 -1.92 95.43 14.98
C ALA A 978 -1.61 94.95 16.42
N GLN A 979 -2.69 94.78 17.21
CA GLN A 979 -2.67 94.59 18.70
C GLN A 979 -2.22 93.16 19.05
N VAL A 980 -1.81 92.97 20.31
CA VAL A 980 -1.34 91.66 20.86
C VAL A 980 -2.52 90.97 21.57
N GLU A 981 -2.80 89.72 21.20
CA GLU A 981 -3.87 88.87 21.77
C GLU A 981 -3.23 87.85 22.73
N ILE A 982 -4.03 87.34 23.67
CA ILE A 982 -3.55 86.51 24.82
C ILE A 982 -4.40 85.25 24.90
N GLN A 983 -3.86 84.14 24.45
CA GLN A 983 -4.54 82.82 24.48
C GLN A 983 -4.43 82.28 25.90
N PRO A 984 -5.55 81.85 26.52
CA PRO A 984 -5.51 81.40 27.90
C PRO A 984 -4.81 80.05 28.04
N ARG A 985 -4.08 79.89 29.14
CA ARG A 985 -3.54 78.60 29.61
C ARG A 985 -4.48 78.04 30.66
N ALA A 986 -4.19 76.84 31.14
CA ALA A 986 -5.09 76.01 31.96
C ALA A 986 -4.60 75.99 33.42
N ASN A 987 -5.04 76.99 34.18
CA ASN A 987 -4.90 77.06 35.65
C ASN A 987 -5.86 76.06 36.29
N ILE A 988 -5.50 74.77 36.41
CA ILE A 988 -6.34 73.72 37.07
C ILE A 988 -6.38 73.98 38.58
N GLN A 989 -7.59 74.05 39.16
CA GLN A 989 -7.84 74.47 40.56
C GLN A 989 -8.24 73.26 41.37
N LEU A 990 -7.93 73.27 42.65
CA LEU A 990 -8.26 72.18 43.59
C LEU A 990 -9.72 72.22 44.03
N ASP A 991 -10.42 73.35 43.89
CA ASP A 991 -11.87 73.53 44.23
C ASP A 991 -12.09 73.15 45.69
N PHE A 992 -11.32 73.76 46.58
CA PHE A 992 -11.60 73.88 48.02
C PHE A 992 -12.81 74.79 48.18
N PRO A 993 -13.60 74.66 49.26
CA PRO A 993 -14.83 75.43 49.44
C PRO A 993 -14.67 76.88 49.83
N GLU A 994 -15.60 77.74 49.41
CA GLU A 994 -15.56 79.17 49.75
C GLU A 994 -15.94 79.27 51.22
N LEU A 995 -15.04 79.80 52.05
CA LEU A 995 -15.31 80.28 53.42
C LEU A 995 -15.81 81.72 53.38
N LYS A 996 -16.99 81.95 53.93
CA LYS A 996 -17.69 83.25 53.97
C LYS A 996 -17.24 83.99 55.23
N PRO A 997 -17.25 85.34 55.26
CA PRO A 997 -16.97 86.08 56.49
C PRO A 997 -17.90 85.67 57.65
N TYR A 998 -17.36 85.53 58.87
CA TYR A 998 -18.07 84.99 60.05
C TYR A 998 -19.47 85.60 60.22
N LYS A 999 -19.61 86.90 59.97
CA LYS A 999 -20.90 87.62 60.11
C LYS A 999 -21.96 86.96 59.22
N GLN A 1000 -21.62 86.52 58.00
CA GLN A 1000 -22.54 85.82 57.07
C GLN A 1000 -22.85 84.40 57.52
N VAL A 1001 -21.94 83.79 58.26
CA VAL A 1001 -22.01 82.35 58.65
C VAL A 1001 -22.99 82.21 59.82
N LYS A 1002 -22.98 83.14 60.78
CA LYS A 1002 -23.92 83.12 61.93
C LYS A 1002 -25.37 83.29 61.45
N GLN A 1003 -25.63 83.93 60.30
CA GLN A 1003 -26.99 84.10 59.71
C GLN A 1003 -27.63 82.75 59.35
N ILE A 1004 -26.82 81.75 58.98
CA ILE A 1004 -27.26 80.44 58.42
C ILE A 1004 -27.77 79.56 59.57
N ALA A 1005 -26.97 79.44 60.64
CA ALA A 1005 -27.22 78.57 61.82
C ALA A 1005 -28.00 79.33 62.89
N PRO A 1006 -28.76 78.63 63.75
CA PRO A 1006 -29.38 79.26 64.91
C PRO A 1006 -28.35 79.69 65.97
N ALA A 1007 -28.52 80.89 66.54
CA ALA A 1007 -27.61 81.56 67.51
C ALA A 1007 -27.28 80.64 68.69
N GLU A 1008 -28.23 79.77 69.08
CA GLU A 1008 -28.14 78.87 70.26
C GLU A 1008 -27.08 77.80 70.04
N LEU A 1009 -26.63 77.59 68.81
CA LEU A 1009 -25.76 76.45 68.43
C LEU A 1009 -24.33 76.66 68.93
N GLU A 1010 -23.91 77.91 69.18
CA GLU A 1010 -22.54 78.25 69.67
C GLU A 1010 -22.33 77.63 71.05
N GLY A 1011 -21.37 76.72 71.18
CA GLY A 1011 -21.00 76.08 72.46
C GLY A 1011 -21.81 74.84 72.74
N LEU A 1012 -22.73 74.48 71.85
CA LEU A 1012 -23.76 73.45 72.12
C LEU A 1012 -23.26 72.07 71.66
N LEU A 1013 -22.69 71.97 70.47
CA LEU A 1013 -22.12 70.71 69.94
C LEU A 1013 -20.74 70.47 70.51
N ASP A 1014 -20.47 69.25 70.94
CA ASP A 1014 -19.12 68.65 71.13
C ASP A 1014 -18.57 68.31 69.74
N LEU A 1015 -17.55 69.03 69.32
CA LEU A 1015 -17.00 68.87 67.95
C LEU A 1015 -16.06 67.67 67.88
N GLU A 1016 -15.65 67.08 69.00
CA GLU A 1016 -14.89 65.79 69.00
C GLU A 1016 -15.78 64.70 68.38
N ARG A 1017 -17.08 64.95 68.33
CA ARG A 1017 -18.08 63.90 68.07
C ARG A 1017 -18.98 64.33 66.90
N VAL A 1018 -18.57 65.34 66.15
CA VAL A 1018 -19.04 65.66 64.75
C VAL A 1018 -18.01 65.15 63.73
N ILE A 1019 -18.46 64.35 62.77
CA ILE A 1019 -17.62 63.77 61.68
C ILE A 1019 -17.83 64.65 60.46
N VAL A 1020 -16.81 64.78 59.64
CA VAL A 1020 -16.69 65.87 58.64
C VAL A 1020 -15.80 65.34 57.51
N VAL A 1021 -16.21 65.49 56.27
CA VAL A 1021 -15.37 65.02 55.13
C VAL A 1021 -14.41 66.16 54.79
N THR A 1022 -13.18 65.80 54.64
CA THR A 1022 -12.01 66.69 54.72
C THR A 1022 -11.28 66.63 53.38
N GLY A 1023 -11.25 65.46 52.73
CA GLY A 1023 -11.06 65.38 51.27
C GLY A 1023 -11.65 64.16 50.65
N PHE A 1024 -11.58 64.09 49.33
CA PHE A 1024 -12.15 63.00 48.49
C PHE A 1024 -11.56 62.99 47.07
N ALA A 1025 -11.71 61.85 46.44
CA ALA A 1025 -11.19 61.59 45.10
C ALA A 1025 -11.72 60.27 44.59
N GLU A 1026 -11.46 60.03 43.33
CA GLU A 1026 -11.93 58.84 42.61
C GLU A 1026 -11.18 58.69 41.30
N VAL A 1027 -11.13 57.46 40.87
CA VAL A 1027 -10.64 56.98 39.59
C VAL A 1027 -11.85 56.27 39.06
N GLY A 1028 -12.22 56.56 37.83
CA GLY A 1028 -13.38 55.90 37.21
C GLY A 1028 -13.48 56.31 35.75
N PRO A 1029 -14.56 55.93 35.09
CA PRO A 1029 -14.71 56.19 33.66
C PRO A 1029 -14.49 57.60 33.11
N TRP A 1030 -14.62 58.64 33.94
CA TRP A 1030 -14.43 60.04 33.52
C TRP A 1030 -13.23 60.69 34.20
N GLY A 1031 -12.35 59.87 34.76
CA GLY A 1031 -11.04 60.28 35.27
C GLY A 1031 -11.12 60.50 36.74
N SER A 1032 -10.95 61.75 37.14
CA SER A 1032 -10.95 62.22 38.54
C SER A 1032 -12.36 62.70 38.98
N ALA A 1033 -12.53 62.96 40.28
CA ALA A 1033 -13.71 63.66 40.83
C ALA A 1033 -13.93 65.02 40.14
N ARG A 1034 -12.84 65.63 39.66
CA ARG A 1034 -12.84 66.96 39.01
C ARG A 1034 -13.46 66.82 37.64
N THR A 1035 -12.93 65.93 36.82
CA THR A 1035 -13.32 65.84 35.41
C THR A 1035 -14.72 65.23 35.31
N ARG A 1036 -15.05 64.25 36.14
CA ARG A 1036 -16.41 63.63 36.19
C ARG A 1036 -17.48 64.67 36.53
N TRP A 1037 -17.16 65.63 37.40
CA TRP A 1037 -18.08 66.71 37.79
C TRP A 1037 -18.35 67.58 36.57
N GLU A 1038 -17.34 67.83 35.74
CA GLU A 1038 -17.51 68.67 34.55
C GLU A 1038 -18.42 67.92 33.58
N MET A 1039 -18.29 66.62 33.46
CA MET A 1039 -19.19 65.85 32.59
C MET A 1039 -20.60 65.76 33.21
N GLU A 1040 -20.74 65.33 34.47
CA GLU A 1040 -22.02 65.16 35.21
C GLU A 1040 -22.88 66.43 35.10
N ALA A 1041 -22.30 67.58 35.38
CA ALA A 1041 -23.01 68.85 35.65
C ALA A 1041 -23.21 69.66 34.38
N PHE A 1042 -22.21 69.67 33.49
CA PHE A 1042 -22.12 70.60 32.34
C PHE A 1042 -22.16 69.85 31.01
N GLY A 1043 -21.74 68.59 30.97
CA GLY A 1043 -21.83 67.75 29.75
C GLY A 1043 -20.65 67.98 28.83
N GLU A 1044 -19.99 69.13 28.95
CA GLU A 1044 -18.79 69.53 28.18
C GLU A 1044 -17.65 69.80 29.14
N PHE A 1045 -16.42 69.62 28.67
CA PHE A 1045 -15.18 69.93 29.41
C PHE A 1045 -14.80 71.39 29.20
N SER A 1046 -14.22 71.97 30.24
CA SER A 1046 -13.61 73.32 30.24
C SER A 1046 -12.22 73.21 29.59
N LEU A 1047 -11.51 74.33 29.49
CA LEU A 1047 -10.10 74.33 29.04
C LEU A 1047 -9.31 73.48 30.02
N GLU A 1048 -9.56 73.63 31.31
CA GLU A 1048 -8.90 72.88 32.42
C GLU A 1048 -9.31 71.40 32.46
N GLY A 1049 -10.50 71.04 31.99
CA GLY A 1049 -10.97 69.65 31.97
C GLY A 1049 -10.32 68.88 30.84
N CYS A 1050 -10.29 69.49 29.66
CA CYS A 1050 -9.58 68.94 28.49
C CYS A 1050 -8.13 68.67 28.85
N VAL A 1051 -7.46 69.62 29.50
CA VAL A 1051 -6.03 69.43 29.85
C VAL A 1051 -5.88 68.28 30.84
N GLU A 1052 -6.68 68.18 31.89
CA GLU A 1052 -6.51 67.08 32.87
C GLU A 1052 -6.81 65.73 32.18
N MET A 1053 -7.87 65.66 31.41
CA MET A 1053 -8.24 64.44 30.66
C MET A 1053 -7.10 64.08 29.71
N ALA A 1054 -6.59 65.05 28.96
CA ALA A 1054 -5.51 64.80 27.99
C ALA A 1054 -4.29 64.26 28.74
N TRP A 1055 -3.96 64.83 29.89
CA TRP A 1055 -2.84 64.44 30.79
C TRP A 1055 -3.04 63.06 31.40
N ILE A 1056 -4.27 62.69 31.74
CA ILE A 1056 -4.63 61.42 32.43
C ILE A 1056 -4.41 60.27 31.48
N MET A 1057 -4.88 60.44 30.25
CA MET A 1057 -4.95 59.40 29.21
C MET A 1057 -3.61 59.33 28.49
N GLY A 1058 -2.64 60.12 28.95
CA GLY A 1058 -1.29 60.26 28.38
C GLY A 1058 -1.33 60.66 26.93
N PHE A 1059 -2.12 61.66 26.56
CA PHE A 1059 -2.09 62.29 25.22
C PHE A 1059 -1.03 63.37 25.19
N ILE A 1060 -0.77 63.99 26.33
CA ILE A 1060 0.16 65.15 26.46
C ILE A 1060 1.00 64.90 27.70
N SER A 1061 2.20 65.44 27.67
CA SER A 1061 3.25 65.25 28.68
C SER A 1061 3.94 66.60 28.76
N TYR A 1062 4.51 66.91 29.91
CA TYR A 1062 5.22 68.18 30.10
C TYR A 1062 6.61 67.99 29.57
N HIS A 1063 7.22 69.10 29.17
CA HIS A 1063 8.60 69.17 28.66
C HIS A 1063 9.23 70.44 29.22
N ASN A 1064 10.45 70.34 29.73
CA ASN A 1064 11.23 71.50 30.23
C ASN A 1064 12.66 71.31 29.72
N GLY A 1065 12.98 71.87 28.56
CA GLY A 1065 14.35 71.83 28.01
C GLY A 1065 14.36 72.21 26.55
N ASN A 1066 15.21 71.55 25.77
CA ASN A 1066 15.45 71.89 24.35
C ASN A 1066 14.56 70.99 23.48
N LEU A 1067 13.71 71.62 22.67
CA LEU A 1067 12.93 71.01 21.57
C LEU A 1067 13.59 71.42 20.24
N LYS A 1068 14.24 70.46 19.56
CA LYS A 1068 14.95 70.66 18.26
C LYS A 1068 15.70 72.01 18.30
N GLY A 1069 16.65 72.14 19.25
CA GLY A 1069 17.50 73.34 19.43
C GLY A 1069 16.86 74.39 20.33
N ARG A 1070 15.69 74.90 19.92
CA ARG A 1070 14.87 75.91 20.68
C ARG A 1070 14.70 75.47 22.14
N PRO A 1071 14.66 76.39 23.14
CA PRO A 1071 14.28 76.04 24.51
C PRO A 1071 12.77 76.15 24.71
N TYR A 1072 12.11 75.05 25.13
CA TYR A 1072 10.63 74.94 25.28
C TYR A 1072 10.24 74.52 26.69
N THR A 1073 9.16 75.13 27.19
CA THR A 1073 8.55 74.80 28.50
C THR A 1073 7.04 74.80 28.28
N GLY A 1074 6.45 73.60 28.22
CA GLY A 1074 5.00 73.42 27.97
C GLY A 1074 4.61 71.96 27.79
N TRP A 1075 3.36 71.74 27.39
CA TRP A 1075 2.83 70.41 27.00
C TRP A 1075 3.34 70.08 25.61
N VAL A 1076 3.24 68.81 25.28
CA VAL A 1076 3.92 68.18 24.12
C VAL A 1076 3.21 66.87 23.82
N ASP A 1077 2.77 66.62 22.59
CA ASP A 1077 2.09 65.36 22.22
C ASP A 1077 2.97 64.20 22.66
N SER A 1078 2.44 63.27 23.46
CA SER A 1078 3.23 62.23 24.16
C SER A 1078 3.89 61.28 23.16
N LYS A 1079 3.33 61.20 21.95
CA LYS A 1079 3.74 60.24 20.89
C LYS A 1079 4.76 60.93 19.95
N THR A 1080 4.44 62.11 19.39
CA THR A 1080 5.28 62.83 18.38
C THR A 1080 6.28 63.81 19.03
N LYS A 1081 6.23 63.99 20.35
CA LYS A 1081 6.91 65.04 21.17
C LYS A 1081 6.88 66.43 20.50
N GLU A 1082 5.78 66.81 19.85
CA GLU A 1082 5.60 68.11 19.15
C GLU A 1082 4.84 69.07 20.04
N PRO A 1083 5.27 70.34 20.17
CA PRO A 1083 4.69 71.24 21.16
C PRO A 1083 3.21 71.57 20.88
N VAL A 1084 2.39 71.50 21.94
CA VAL A 1084 0.91 71.69 21.93
C VAL A 1084 0.59 72.83 22.89
N ASP A 1085 -0.26 73.76 22.44
CA ASP A 1085 -0.73 74.89 23.29
C ASP A 1085 -2.02 74.41 23.97
N ASP A 1086 -2.36 75.02 25.10
CA ASP A 1086 -3.57 74.67 25.90
C ASP A 1086 -4.82 74.98 25.08
N LYS A 1087 -4.88 76.12 24.39
CA LYS A 1087 -6.02 76.48 23.49
C LYS A 1087 -6.25 75.41 22.41
N ASP A 1088 -5.20 74.70 22.00
CA ASP A 1088 -5.23 73.70 20.88
C ASP A 1088 -5.51 72.30 21.39
N VAL A 1089 -5.62 72.07 22.71
CA VAL A 1089 -5.88 70.72 23.28
C VAL A 1089 -7.25 70.23 22.83
N LYS A 1090 -8.31 71.04 22.94
CA LYS A 1090 -9.70 70.64 22.57
C LYS A 1090 -9.71 70.17 21.09
N ALA A 1091 -9.32 71.03 20.15
CA ALA A 1091 -9.23 70.71 18.72
C ALA A 1091 -8.44 69.40 18.56
N LYS A 1092 -7.16 69.38 18.91
CA LYS A 1092 -6.27 68.18 18.78
C LYS A 1092 -6.90 66.93 19.40
N TYR A 1093 -7.41 66.99 20.64
CA TYR A 1093 -7.67 65.77 21.45
C TYR A 1093 -9.09 65.62 22.01
N GLU A 1094 -10.02 66.55 21.90
CA GLU A 1094 -11.32 66.33 22.58
C GLU A 1094 -11.94 65.05 22.01
N THR A 1095 -12.15 65.03 20.71
CA THR A 1095 -12.84 63.92 20.03
C THR A 1095 -12.34 62.61 20.61
N SER A 1096 -11.01 62.45 20.65
CA SER A 1096 -10.32 61.19 21.06
C SER A 1096 -10.59 60.86 22.53
N ILE A 1097 -10.60 61.87 23.41
CA ILE A 1097 -10.94 61.78 24.87
C ILE A 1097 -12.38 61.30 25.05
N LEU A 1098 -13.34 61.84 24.32
CA LEU A 1098 -14.77 61.43 24.40
C LEU A 1098 -15.00 60.02 23.82
N GLU A 1099 -14.27 59.58 22.79
CA GLU A 1099 -14.38 58.21 22.23
C GLU A 1099 -13.83 57.16 23.21
N HIS A 1100 -12.91 57.53 24.09
CA HIS A 1100 -12.10 56.56 24.88
C HIS A 1100 -12.30 56.84 26.34
N SER A 1101 -13.45 57.38 26.70
CA SER A 1101 -13.87 57.67 28.08
C SER A 1101 -15.35 57.31 28.22
N GLY A 1102 -15.73 56.79 29.37
CA GLY A 1102 -17.15 56.68 29.68
C GLY A 1102 -17.60 55.25 29.55
N ILE A 1103 -18.88 55.08 29.39
CA ILE A 1103 -19.44 53.77 28.98
C ILE A 1103 -19.27 53.66 27.48
N ARG A 1104 -18.70 52.54 27.05
CA ARG A 1104 -18.28 52.35 25.66
C ARG A 1104 -18.06 50.87 25.42
N LEU A 1105 -17.75 50.49 24.20
CA LEU A 1105 -17.45 49.07 23.92
C LEU A 1105 -16.22 48.72 24.71
N ILE A 1106 -16.27 47.62 25.45
CA ILE A 1106 -15.12 46.96 26.14
C ILE A 1106 -13.93 46.93 25.19
N GLU A 1107 -12.82 47.50 25.64
CA GLU A 1107 -11.54 47.56 24.89
C GLU A 1107 -10.71 46.38 25.39
N PRO A 1108 -10.43 45.34 24.57
CA PRO A 1108 -9.68 44.16 25.03
C PRO A 1108 -8.29 44.37 25.63
N GLU A 1109 -7.51 45.30 25.09
CA GLU A 1109 -6.14 45.64 25.59
C GLU A 1109 -6.20 46.02 27.07
N LEU A 1110 -7.34 46.50 27.57
CA LEU A 1110 -7.52 46.90 29.00
C LEU A 1110 -7.79 45.68 29.89
N PHE A 1111 -8.31 44.57 29.37
CA PHE A 1111 -8.79 43.41 30.17
C PHE A 1111 -8.05 42.12 29.80
N ASN A 1112 -6.77 42.20 29.38
CA ASN A 1112 -5.93 41.02 29.02
C ASN A 1112 -6.53 40.31 27.80
N GLY A 1113 -6.80 41.08 26.75
CA GLY A 1113 -7.36 40.58 25.49
C GLY A 1113 -8.70 39.90 25.66
N TYR A 1114 -9.48 40.20 26.71
CA TYR A 1114 -10.87 39.70 26.84
C TYR A 1114 -11.69 40.36 25.74
N ASN A 1115 -12.20 39.56 24.80
CA ASN A 1115 -13.08 40.04 23.71
C ASN A 1115 -14.42 39.36 23.90
N PRO A 1116 -15.44 40.03 24.47
CA PRO A 1116 -16.71 39.37 24.76
C PRO A 1116 -17.39 38.74 23.54
N GLU A 1117 -17.06 39.20 22.33
CA GLU A 1117 -17.51 38.56 21.08
C GLU A 1117 -16.84 37.19 20.90
N LYS A 1118 -15.76 36.87 21.63
CA LYS A 1118 -14.94 35.63 21.46
C LYS A 1118 -14.43 35.15 22.82
N LYS A 1119 -15.35 34.61 23.61
CA LYS A 1119 -15.12 34.21 25.01
C LYS A 1119 -14.67 32.75 25.07
N GLU A 1120 -13.39 32.52 25.36
CA GLU A 1120 -12.65 31.23 25.30
C GLU A 1120 -13.09 30.25 26.41
N MET A 1121 -13.73 29.13 26.02
CA MET A 1121 -14.02 27.94 26.87
C MET A 1121 -13.19 26.74 26.41
N ILE A 1122 -13.33 25.56 27.04
CA ILE A 1122 -12.66 24.28 26.63
C ILE A 1122 -13.65 23.12 26.80
N GLN A 1123 -13.80 22.29 25.77
CA GLN A 1123 -14.72 21.13 25.82
C GLN A 1123 -13.88 19.89 25.94
N GLU A 1124 -14.28 18.99 26.83
CA GLU A 1124 -13.65 17.67 27.07
C GLU A 1124 -14.17 16.76 25.96
N VAL A 1125 -13.26 16.10 25.24
CA VAL A 1125 -13.57 15.10 24.18
C VAL A 1125 -12.74 13.87 24.48
N ILE A 1126 -13.22 12.69 24.08
CA ILE A 1126 -12.40 11.43 24.12
C ILE A 1126 -11.80 11.17 22.73
N VAL A 1127 -10.48 11.35 22.63
CA VAL A 1127 -9.57 10.69 21.64
C VAL A 1127 -10.19 9.36 21.22
N GLU A 1128 -10.84 9.32 20.06
CA GLU A 1128 -11.43 8.09 19.47
C GLU A 1128 -10.32 7.28 18.82
N GLU A 1129 -9.22 7.94 18.42
CA GLU A 1129 -8.05 7.26 17.82
C GLU A 1129 -6.74 7.97 18.20
N ASP A 1130 -5.74 7.16 18.56
CA ASP A 1130 -4.39 7.53 19.09
C ASP A 1130 -3.80 8.74 18.37
N LEU A 1131 -3.20 9.66 19.13
CA LEU A 1131 -2.61 10.93 18.64
C LEU A 1131 -1.22 10.66 18.09
N GLU A 1132 -0.71 11.59 17.29
CA GLU A 1132 0.68 11.56 16.79
C GLU A 1132 1.59 11.96 17.94
N PRO A 1133 2.55 11.10 18.37
CA PRO A 1133 3.49 11.44 19.43
C PRO A 1133 4.09 12.86 19.39
N PHE A 1134 4.40 13.40 20.55
CA PHE A 1134 5.16 14.66 20.74
C PHE A 1134 6.20 14.48 21.85
N GLU A 1135 7.22 15.33 21.81
CA GLU A 1135 8.35 15.28 22.75
C GLU A 1135 8.01 16.19 23.93
N ALA A 1136 8.29 15.69 25.13
CA ALA A 1136 8.23 16.44 26.41
C ALA A 1136 9.56 16.22 27.13
N SER A 1137 9.84 17.00 28.17
CA SER A 1137 10.90 16.71 29.18
C SER A 1137 10.57 15.41 29.89
N LYS A 1138 11.49 14.90 30.70
CA LYS A 1138 11.23 13.70 31.52
C LYS A 1138 10.09 14.03 32.49
N GLU A 1139 10.30 15.06 33.31
CA GLU A 1139 9.36 15.57 34.35
C GLU A 1139 7.94 15.63 33.77
N THR A 1140 7.75 16.40 32.70
CA THR A 1140 6.43 16.66 32.06
C THR A 1140 5.78 15.36 31.53
N ALA A 1141 6.55 14.40 31.04
CA ALA A 1141 6.01 13.12 30.54
C ALA A 1141 5.49 12.29 31.72
N GLU A 1142 6.20 12.27 32.84
CA GLU A 1142 5.75 11.50 34.03
C GLU A 1142 4.44 12.10 34.56
N GLN A 1143 4.30 13.43 34.42
CA GLN A 1143 3.08 14.21 34.74
C GLN A 1143 1.93 13.76 33.83
N PHE A 1144 2.17 13.48 32.55
CA PHE A 1144 1.12 12.96 31.62
C PHE A 1144 0.73 11.53 32.00
N LYS A 1145 1.73 10.73 32.37
CA LYS A 1145 1.57 9.29 32.73
C LYS A 1145 0.77 9.16 34.00
N HIS A 1146 1.08 10.02 34.98
CA HIS A 1146 0.41 10.04 36.30
C HIS A 1146 -1.08 10.30 36.14
N GLN A 1147 -1.43 11.32 35.37
CA GLN A 1147 -2.82 11.70 35.01
C GLN A 1147 -3.50 10.56 34.22
N HIS A 1148 -2.90 10.09 33.12
CA HIS A 1148 -3.65 9.31 32.09
C HIS A 1148 -3.60 7.81 32.36
N GLY A 1149 -2.53 7.31 32.99
CA GLY A 1149 -2.29 5.88 33.28
C GLY A 1149 -2.14 5.05 32.00
N ASP A 1150 -2.92 3.98 31.88
CA ASP A 1150 -2.99 3.10 30.68
C ASP A 1150 -3.01 3.93 29.40
N LYS A 1151 -3.79 5.02 29.40
CA LYS A 1151 -4.21 5.74 28.18
C LYS A 1151 -3.12 6.70 27.66
N VAL A 1152 -1.89 6.58 28.14
CA VAL A 1152 -0.74 7.30 27.54
C VAL A 1152 0.45 6.33 27.56
N ASP A 1153 1.38 6.48 26.64
CA ASP A 1153 2.64 5.71 26.59
C ASP A 1153 3.78 6.71 26.57
N ILE A 1154 4.78 6.53 27.43
CA ILE A 1154 5.93 7.48 27.47
C ILE A 1154 7.21 6.65 27.43
N PHE A 1155 8.11 7.05 26.54
CA PHE A 1155 9.33 6.30 26.16
C PHE A 1155 10.48 7.29 26.03
N GLU A 1156 11.53 7.12 26.82
CA GLU A 1156 12.81 7.87 26.66
C GLU A 1156 13.29 7.71 25.21
N ILE A 1157 13.63 8.84 24.59
CA ILE A 1157 14.42 8.94 23.33
C ILE A 1157 15.89 8.95 23.75
N PRO A 1158 16.66 7.85 23.53
CA PRO A 1158 17.90 7.62 24.26
C PRO A 1158 19.08 8.56 23.92
N GLU A 1159 19.00 9.24 22.77
CA GLU A 1159 20.00 10.23 22.29
C GLU A 1159 19.83 11.52 23.10
N THR A 1160 18.63 12.12 23.04
CA THR A 1160 18.30 13.45 23.63
C THR A 1160 18.18 13.32 25.15
N GLY A 1161 17.43 12.33 25.66
CA GLY A 1161 16.96 12.25 27.06
C GLY A 1161 15.49 12.64 27.20
N GLU A 1162 15.00 13.56 26.33
CA GLU A 1162 13.58 13.90 26.12
C GLU A 1162 12.74 12.63 25.93
N TYR A 1163 11.45 12.67 26.26
CA TYR A 1163 10.52 11.53 26.18
C TYR A 1163 9.49 11.78 25.07
N SER A 1164 9.01 10.72 24.44
CA SER A 1164 7.86 10.74 23.50
C SER A 1164 6.61 10.53 24.34
N VAL A 1165 5.47 11.13 23.94
CA VAL A 1165 4.18 11.03 24.68
C VAL A 1165 3.08 10.64 23.70
N LYS A 1166 2.65 9.39 23.74
CA LYS A 1166 1.59 8.86 22.82
C LYS A 1166 0.28 8.86 23.58
N LEU A 1167 -0.64 9.72 23.19
CA LEU A 1167 -1.95 9.79 23.87
C LEU A 1167 -2.83 8.74 23.21
N LEU A 1168 -3.26 7.73 23.95
CA LEU A 1168 -3.94 6.54 23.36
C LEU A 1168 -5.44 6.77 23.31
N LYS A 1169 -6.11 5.89 22.58
CA LYS A 1169 -7.58 5.89 22.42
C LYS A 1169 -8.17 5.78 23.82
N GLY A 1170 -9.10 6.68 24.17
CA GLY A 1170 -9.77 6.69 25.49
C GLY A 1170 -9.19 7.75 26.43
N ALA A 1171 -8.04 8.34 26.08
CA ALA A 1171 -7.49 9.55 26.73
C ALA A 1171 -8.50 10.70 26.58
N THR A 1172 -8.49 11.65 27.53
CA THR A 1172 -9.28 12.91 27.47
C THR A 1172 -8.40 14.06 27.02
N LEU A 1173 -8.98 14.91 26.19
CA LEU A 1173 -8.40 16.16 25.71
C LEU A 1173 -9.36 17.28 26.07
N TYR A 1174 -8.84 18.50 26.04
CA TYR A 1174 -9.63 19.74 26.18
C TYR A 1174 -9.37 20.52 24.90
N ILE A 1175 -10.43 20.69 24.11
CA ILE A 1175 -10.37 21.52 22.87
C ILE A 1175 -11.07 22.83 23.16
N PRO A 1176 -10.35 23.95 23.01
CA PRO A 1176 -10.93 25.27 23.07
C PRO A 1176 -12.11 25.53 22.12
N LYS A 1177 -13.13 26.20 22.59
CA LYS A 1177 -14.20 26.80 21.75
C LYS A 1177 -14.40 28.26 22.15
N ALA A 1178 -15.32 28.98 21.49
CA ALA A 1178 -15.58 30.42 21.75
C ALA A 1178 -17.07 30.70 21.64
N LEU A 1179 -17.69 30.91 22.81
CA LEU A 1179 -18.98 31.62 23.04
C LEU A 1179 -18.84 33.03 22.48
N ARG A 1180 -19.89 33.51 21.84
CA ARG A 1180 -20.14 34.94 21.55
C ARG A 1180 -21.08 35.41 22.65
N PHE A 1181 -20.64 36.39 23.43
CA PHE A 1181 -21.33 36.87 24.66
C PHE A 1181 -21.97 38.25 24.37
N ASP A 1182 -23.11 38.49 25.00
CA ASP A 1182 -24.11 39.55 24.62
C ASP A 1182 -23.90 40.82 25.45
N ARG A 1183 -22.87 40.89 26.30
CA ARG A 1183 -22.49 42.07 27.13
C ARG A 1183 -21.16 42.66 26.62
N LEU A 1184 -21.26 43.64 25.72
CA LEU A 1184 -20.17 44.16 24.87
C LEU A 1184 -19.68 45.50 25.40
N VAL A 1185 -20.32 46.03 26.43
CA VAL A 1185 -20.18 47.46 26.84
C VAL A 1185 -19.95 47.49 28.33
N ALA A 1186 -19.08 48.38 28.77
CA ALA A 1186 -18.83 48.61 30.20
C ALA A 1186 -18.22 49.99 30.39
N GLY A 1187 -18.39 50.52 31.60
CA GLY A 1187 -17.86 51.82 32.08
C GLY A 1187 -16.46 51.62 32.52
N GLN A 1188 -15.50 51.85 31.63
CA GLN A 1188 -14.09 51.50 31.87
C GLN A 1188 -13.34 52.78 32.13
N ILE A 1189 -12.25 52.68 32.85
CA ILE A 1189 -11.35 53.84 33.12
C ILE A 1189 -10.84 54.30 31.75
N PRO A 1190 -10.60 55.61 31.52
CA PRO A 1190 -10.33 56.10 30.18
C PRO A 1190 -9.09 55.43 29.65
N THR A 1191 -9.02 55.20 28.34
CA THR A 1191 -7.93 54.41 27.71
C THR A 1191 -6.65 55.24 27.77
N GLY A 1192 -5.62 54.71 28.43
CA GLY A 1192 -4.29 55.33 28.58
C GLY A 1192 -4.01 55.71 30.01
N TRP A 1193 -5.02 55.65 30.86
CA TRP A 1193 -4.83 55.73 32.32
C TRP A 1193 -3.72 54.76 32.66
N ASN A 1194 -2.78 55.21 33.48
CA ASN A 1194 -1.56 54.47 33.82
C ASN A 1194 -1.08 54.97 35.18
N ALA A 1195 -0.90 54.09 36.14
CA ALA A 1195 -0.39 54.44 37.49
C ALA A 1195 0.97 55.11 37.36
N LYS A 1196 1.72 54.87 36.29
CA LYS A 1196 3.02 55.54 36.06
C LYS A 1196 2.82 57.07 36.09
N THR A 1197 1.72 57.62 35.53
CA THR A 1197 1.62 59.09 35.29
C THR A 1197 1.39 59.79 36.63
N TYR A 1198 0.88 59.07 37.62
CA TYR A 1198 0.78 59.55 39.02
C TYR A 1198 2.11 59.35 39.74
N GLY A 1199 2.95 58.47 39.24
CA GLY A 1199 4.30 58.24 39.79
C GLY A 1199 4.36 57.05 40.73
N ILE A 1200 3.61 56.00 40.42
CA ILE A 1200 3.74 54.68 41.07
C ILE A 1200 4.81 53.92 40.27
N SER A 1201 5.71 53.26 40.99
CA SER A 1201 6.91 52.57 40.46
C SER A 1201 6.51 51.23 39.85
N ASP A 1202 7.31 50.70 38.91
CA ASP A 1202 6.98 49.43 38.21
C ASP A 1202 7.13 48.25 39.17
N ASP A 1203 8.06 48.32 40.14
CA ASP A 1203 8.18 47.35 41.26
C ASP A 1203 6.76 47.02 41.73
N ILE A 1204 6.00 48.08 42.06
CA ILE A 1204 4.64 48.01 42.64
C ILE A 1204 3.67 47.57 41.56
N ILE A 1205 3.67 48.24 40.40
CA ILE A 1205 2.66 47.93 39.34
C ILE A 1205 2.71 46.44 39.00
N SER A 1206 3.91 45.93 38.73
CA SER A 1206 4.18 44.52 38.40
C SER A 1206 4.36 43.72 39.68
N GLN A 1207 3.28 43.55 40.46
CA GLN A 1207 3.29 42.92 41.82
C GLN A 1207 1.88 42.92 42.39
N VAL A 1208 1.28 44.09 42.37
CA VAL A 1208 -0.04 44.41 42.97
C VAL A 1208 -1.09 44.22 41.88
N ASP A 1209 -2.33 43.90 42.28
CA ASP A 1209 -3.53 43.74 41.41
C ASP A 1209 -3.95 45.11 40.89
N PRO A 1210 -4.42 45.23 39.63
CA PRO A 1210 -4.92 46.50 39.09
C PRO A 1210 -5.79 47.38 40.00
N ILE A 1211 -6.68 46.77 40.78
CA ILE A 1211 -7.63 47.49 41.67
C ILE A 1211 -6.84 48.24 42.76
N THR A 1212 -5.77 47.69 43.27
CA THR A 1212 -4.89 48.37 44.25
C THR A 1212 -4.34 49.67 43.63
N LEU A 1213 -4.01 49.71 42.35
CA LEU A 1213 -3.50 50.94 41.68
C LEU A 1213 -4.57 52.03 41.67
N PHE A 1214 -5.83 51.69 41.46
CA PHE A 1214 -6.93 52.67 41.49
C PHE A 1214 -7.03 53.25 42.89
N VAL A 1215 -6.80 52.42 43.90
CA VAL A 1215 -6.95 52.81 45.33
C VAL A 1215 -5.77 53.69 45.70
N LEU A 1216 -4.56 53.34 45.31
CA LEU A 1216 -3.35 54.12 45.69
C LEU A 1216 -3.49 55.51 45.12
N VAL A 1217 -3.95 55.62 43.90
CA VAL A 1217 -4.14 56.95 43.25
C VAL A 1217 -5.26 57.70 43.94
N SER A 1218 -6.39 57.07 44.24
CA SER A 1218 -7.53 57.69 44.95
C SER A 1218 -7.17 58.20 46.37
N VAL A 1219 -6.28 57.54 47.10
CA VAL A 1219 -5.90 57.95 48.49
C VAL A 1219 -4.96 59.15 48.38
N VAL A 1220 -4.04 59.18 47.44
CA VAL A 1220 -3.14 60.35 47.26
C VAL A 1220 -3.99 61.55 46.87
N GLU A 1221 -4.81 61.37 45.87
CA GLU A 1221 -5.58 62.45 45.24
C GLU A 1221 -6.63 62.94 46.25
N ALA A 1222 -6.85 62.23 47.36
CA ALA A 1222 -7.82 62.57 48.44
C ALA A 1222 -7.16 63.35 49.56
N PHE A 1223 -5.94 62.99 49.94
CA PHE A 1223 -5.08 63.81 50.80
C PHE A 1223 -4.78 65.16 50.13
N ILE A 1224 -4.51 65.23 48.83
CA ILE A 1224 -4.37 66.51 48.08
C ILE A 1224 -5.66 67.37 48.20
N ALA A 1225 -6.84 66.77 48.19
CA ALA A 1225 -8.14 67.46 48.33
C ALA A 1225 -8.32 67.98 49.75
N SER A 1226 -7.57 67.41 50.69
CA SER A 1226 -7.62 67.79 52.12
C SER A 1226 -6.41 68.69 52.44
N GLY A 1227 -5.67 69.13 51.43
CA GLY A 1227 -4.45 69.93 51.58
C GLY A 1227 -3.37 69.21 52.38
N ILE A 1228 -3.32 67.90 52.29
CA ILE A 1228 -2.36 67.03 53.03
C ILE A 1228 -1.47 66.36 51.98
N THR A 1229 -0.34 66.99 51.71
CA THR A 1229 0.60 66.62 50.64
C THR A 1229 1.54 65.55 51.18
N ASP A 1230 1.81 65.58 52.50
CA ASP A 1230 2.63 64.56 53.19
C ASP A 1230 1.80 63.88 54.25
N PRO A 1231 1.40 62.59 54.08
CA PRO A 1231 0.56 61.92 55.05
C PRO A 1231 1.06 62.05 56.50
N TYR A 1232 2.37 62.08 56.67
CA TYR A 1232 2.98 62.02 58.02
C TYR A 1232 2.64 63.28 58.80
N GLU A 1233 2.25 64.35 58.11
CA GLU A 1233 1.82 65.61 58.78
C GLU A 1233 0.72 65.33 59.80
N MET A 1234 -0.13 64.36 59.56
CA MET A 1234 -1.21 63.96 60.50
C MET A 1234 -0.61 63.70 61.88
N TYR A 1235 0.54 63.06 61.97
CA TYR A 1235 1.16 62.63 63.23
C TYR A 1235 1.80 63.81 64.00
N LYS A 1236 1.59 65.05 63.58
CA LYS A 1236 1.85 66.24 64.41
C LYS A 1236 0.70 66.45 65.42
N TYR A 1237 -0.50 66.02 65.05
CA TYR A 1237 -1.78 66.32 65.73
C TYR A 1237 -2.35 65.11 66.47
N VAL A 1238 -2.03 63.90 66.00
CA VAL A 1238 -2.79 62.66 66.29
C VAL A 1238 -1.76 61.55 66.47
N HIS A 1239 -1.95 60.61 67.41
CA HIS A 1239 -1.01 59.46 67.58
C HIS A 1239 -1.19 58.45 66.43
N VAL A 1240 -0.10 58.06 65.77
CA VAL A 1240 0.13 56.82 64.98
C VAL A 1240 -1.01 55.78 65.11
N SER A 1241 -1.57 55.53 66.30
CA SER A 1241 -2.68 54.57 66.53
C SER A 1241 -4.08 55.17 66.31
N GLU A 1242 -4.21 56.36 65.73
CA GLU A 1242 -5.50 57.07 65.68
C GLU A 1242 -5.84 57.43 64.24
N VAL A 1243 -5.07 56.95 63.27
CA VAL A 1243 -5.49 56.94 61.84
C VAL A 1243 -5.94 55.54 61.44
N GLY A 1244 -7.17 55.41 60.99
CA GLY A 1244 -7.73 54.12 60.58
C GLY A 1244 -7.96 54.07 59.09
N ASN A 1245 -8.16 52.88 58.57
CA ASN A 1245 -8.61 52.62 57.18
C ASN A 1245 -9.86 51.76 57.33
N CYS A 1246 -11.01 52.26 56.93
CA CYS A 1246 -12.28 51.52 57.03
C CYS A 1246 -12.90 51.42 55.64
N SER A 1247 -12.08 51.32 54.58
CA SER A 1247 -12.51 51.11 53.17
C SER A 1247 -12.55 49.62 52.85
N GLY A 1248 -13.21 49.25 51.77
CA GLY A 1248 -13.44 47.84 51.42
C GLY A 1248 -13.98 47.69 50.00
N SER A 1249 -14.02 46.46 49.51
CA SER A 1249 -14.44 46.07 48.14
C SER A 1249 -15.58 45.06 48.28
N GLY A 1250 -16.39 44.92 47.24
CA GLY A 1250 -17.40 43.86 47.12
C GLY A 1250 -16.77 42.50 46.77
N MET A 1251 -15.75 42.46 45.90
CA MET A 1251 -15.10 41.19 45.46
C MET A 1251 -13.57 41.22 45.61
N GLY A 1252 -12.92 42.36 45.43
CA GLY A 1252 -11.47 42.49 45.69
C GLY A 1252 -10.61 42.26 44.44
N GLY A 1253 -9.43 41.70 44.68
CA GLY A 1253 -8.41 41.41 43.66
C GLY A 1253 -8.88 40.27 42.80
N VAL A 1254 -9.66 40.60 41.80
CA VAL A 1254 -10.44 39.64 40.96
C VAL A 1254 -9.53 39.08 39.88
N SER A 1255 -8.53 39.86 39.47
CA SER A 1255 -7.50 39.46 38.49
C SER A 1255 -6.59 38.43 39.12
N ALA A 1256 -6.32 38.56 40.43
CA ALA A 1256 -5.51 37.61 41.22
C ALA A 1256 -6.28 36.30 41.44
N LEU A 1257 -7.62 36.29 41.40
CA LEU A 1257 -8.42 35.04 41.46
C LEU A 1257 -8.34 34.30 40.12
N ARG A 1258 -8.33 35.01 39.00
CA ARG A 1258 -8.02 34.39 37.70
C ARG A 1258 -6.69 33.68 37.83
N GLY A 1259 -5.70 34.31 38.44
CA GLY A 1259 -4.36 33.74 38.58
C GLY A 1259 -4.39 32.39 39.29
N MET A 1260 -5.17 32.29 40.35
CA MET A 1260 -5.05 31.20 41.34
C MET A 1260 -6.10 30.11 41.07
N PHE A 1261 -7.04 30.33 40.14
CA PHE A 1261 -8.06 29.35 39.68
C PHE A 1261 -7.89 28.92 38.22
N LYS A 1262 -7.76 29.88 37.30
CA LYS A 1262 -7.65 29.62 35.86
C LYS A 1262 -6.18 29.49 35.46
N ASP A 1263 -5.37 30.50 35.65
CA ASP A 1263 -4.00 30.56 35.08
C ASP A 1263 -3.11 29.44 35.65
N ARG A 1264 -3.17 29.14 36.95
CA ARG A 1264 -2.45 27.99 37.53
C ARG A 1264 -2.82 26.68 36.84
N PHE A 1265 -4.11 26.39 36.77
CA PHE A 1265 -4.73 25.25 36.05
C PHE A 1265 -4.15 25.06 34.65
N LYS A 1266 -3.85 26.16 33.95
CA LYS A 1266 -3.27 26.17 32.59
C LYS A 1266 -1.73 26.17 32.64
N ASP A 1267 -1.14 25.93 33.80
CA ASP A 1267 0.31 26.09 34.10
C ASP A 1267 0.91 27.32 33.40
N GLU A 1268 0.19 28.43 33.36
CA GLU A 1268 0.77 29.76 33.00
C GLU A 1268 1.66 30.21 34.15
N PRO A 1269 2.69 31.05 33.90
CA PRO A 1269 3.45 31.68 34.98
C PRO A 1269 2.56 32.70 35.73
N VAL A 1270 2.45 32.50 37.04
CA VAL A 1270 1.66 33.31 38.00
C VAL A 1270 2.61 33.53 39.19
N GLN A 1271 2.77 34.78 39.67
CA GLN A 1271 3.60 35.12 40.86
C GLN A 1271 3.19 34.18 42.01
N ASN A 1272 4.12 33.78 42.88
CA ASN A 1272 3.87 32.77 43.94
C ASN A 1272 2.98 33.35 45.04
N ASP A 1273 3.06 34.67 45.27
CA ASP A 1273 2.29 35.42 46.30
C ASP A 1273 0.94 35.89 45.73
N ILE A 1274 0.40 35.25 44.70
CA ILE A 1274 -0.79 35.77 44.00
C ILE A 1274 -1.97 35.81 44.98
N LEU A 1275 -2.01 34.91 45.96
CA LEU A 1275 -3.17 34.73 46.88
C LEU A 1275 -3.32 35.96 47.76
N GLN A 1276 -2.22 36.53 48.28
CA GLN A 1276 -2.26 37.76 49.11
C GLN A 1276 -2.87 38.94 48.32
N GLU A 1277 -2.75 39.02 47.00
CA GLU A 1277 -3.33 40.14 46.22
C GLU A 1277 -4.83 39.95 46.04
N SER A 1278 -5.34 38.75 46.25
CA SER A 1278 -6.76 38.44 45.96
C SER A 1278 -7.62 39.12 47.03
N PHE A 1279 -7.18 38.96 48.28
CA PHE A 1279 -7.86 39.35 49.54
C PHE A 1279 -8.38 40.79 49.48
N ILE A 1280 -9.61 41.01 49.93
CA ILE A 1280 -10.26 42.35 49.97
C ILE A 1280 -9.54 43.28 50.96
N ASN A 1281 -8.83 42.73 51.96
CA ASN A 1281 -8.17 43.54 53.01
C ASN A 1281 -6.76 43.97 52.61
N THR A 1282 -6.34 43.76 51.36
CA THR A 1282 -4.92 44.05 50.96
C THR A 1282 -4.81 45.40 50.28
N MET A 1283 -5.83 45.85 49.56
CA MET A 1283 -5.73 47.20 48.99
C MET A 1283 -5.41 48.17 50.14
N SER A 1284 -5.96 47.93 51.33
CA SER A 1284 -5.78 48.78 52.53
C SER A 1284 -4.40 48.55 53.12
N ALA A 1285 -3.93 47.31 53.14
CA ALA A 1285 -2.54 46.91 53.48
C ALA A 1285 -1.50 47.74 52.69
N TRP A 1286 -1.67 47.84 51.37
CA TRP A 1286 -0.73 48.54 50.47
C TRP A 1286 -0.77 50.05 50.71
N VAL A 1287 -1.95 50.60 50.98
CA VAL A 1287 -2.08 52.03 51.37
C VAL A 1287 -1.31 52.31 52.68
N ASN A 1288 -1.29 51.36 53.60
CA ASN A 1288 -0.63 51.56 54.90
C ASN A 1288 0.86 51.35 54.72
N MET A 1289 1.20 50.39 53.88
CA MET A 1289 2.58 49.92 53.62
C MET A 1289 3.29 50.96 52.76
N LEU A 1290 2.60 51.75 51.94
CA LEU A 1290 3.26 52.67 50.98
C LEU A 1290 2.99 54.13 51.33
N LEU A 1291 1.97 54.49 52.11
CA LEU A 1291 1.73 55.92 52.46
C LEU A 1291 1.68 56.12 53.97
N ILE A 1292 0.64 55.64 54.65
CA ILE A 1292 0.18 56.20 55.96
C ILE A 1292 1.10 55.74 57.09
N SER A 1293 1.40 54.46 57.22
CA SER A 1293 2.16 53.87 58.35
C SER A 1293 1.43 54.10 59.68
N SER A 1294 0.10 54.15 59.65
CA SER A 1294 -0.71 54.17 60.89
C SER A 1294 -0.54 52.81 61.56
N SER A 1295 -0.81 52.77 62.86
CA SER A 1295 -1.02 51.54 63.65
C SER A 1295 -2.42 51.61 64.25
N GLY A 1296 -3.29 52.34 63.55
CA GLY A 1296 -4.69 52.55 63.93
C GLY A 1296 -5.61 51.49 63.35
N PRO A 1297 -6.92 51.58 63.62
CA PRO A 1297 -7.85 50.52 63.29
C PRO A 1297 -7.75 50.18 61.82
N ILE A 1298 -8.08 48.96 61.47
CA ILE A 1298 -8.39 48.59 60.08
C ILE A 1298 -9.59 47.67 60.17
N LYS A 1299 -10.70 48.12 59.60
CA LYS A 1299 -11.95 47.37 59.69
C LYS A 1299 -12.49 47.35 58.27
N THR A 1300 -12.15 46.34 57.49
CA THR A 1300 -12.46 46.28 56.04
C THR A 1300 -13.87 45.70 55.84
N PRO A 1301 -14.87 46.44 55.34
CA PRO A 1301 -16.14 45.83 54.96
C PRO A 1301 -16.30 45.16 53.59
N VAL A 1302 -17.25 44.23 53.50
CA VAL A 1302 -17.78 43.66 52.24
C VAL A 1302 -19.27 43.90 52.21
N GLY A 1303 -19.75 44.67 51.27
CA GLY A 1303 -21.13 45.15 51.32
C GLY A 1303 -21.75 45.06 49.95
N ALA A 1304 -21.21 44.18 49.12
CA ALA A 1304 -21.47 44.20 47.67
C ALA A 1304 -21.57 45.67 47.25
N CYS A 1305 -22.72 46.09 46.72
CA CYS A 1305 -22.92 47.38 46.04
C CYS A 1305 -23.17 48.48 47.07
N ALA A 1306 -23.23 48.12 48.35
CA ALA A 1306 -23.38 49.05 49.49
C ALA A 1306 -22.08 49.18 50.30
N THR A 1307 -20.94 48.70 49.80
CA THR A 1307 -19.75 48.57 50.67
C THR A 1307 -19.26 49.96 51.06
N SER A 1308 -19.50 50.97 50.24
CA SER A 1308 -19.04 52.36 50.47
C SER A 1308 -19.79 52.98 51.63
N VAL A 1309 -21.11 52.91 51.64
CA VAL A 1309 -21.96 53.45 52.75
C VAL A 1309 -21.72 52.68 54.06
N GLU A 1310 -21.60 51.36 54.03
CA GLU A 1310 -21.14 50.54 55.17
C GLU A 1310 -19.77 51.03 55.64
N SER A 1311 -18.83 51.21 54.71
CA SER A 1311 -17.48 51.76 54.98
C SER A 1311 -17.60 53.04 55.82
N VAL A 1312 -18.44 53.97 55.38
CA VAL A 1312 -18.66 55.31 56.01
C VAL A 1312 -19.17 55.10 57.45
N ASP A 1313 -20.18 54.24 57.61
CA ASP A 1313 -20.78 53.84 58.91
C ASP A 1313 -19.67 53.29 59.82
N ILE A 1314 -19.00 52.24 59.40
CA ILE A 1314 -17.88 51.64 60.18
C ILE A 1314 -16.90 52.75 60.53
N GLY A 1315 -16.64 53.65 59.60
CA GLY A 1315 -15.73 54.79 59.73
C GLY A 1315 -16.13 55.74 60.85
N VAL A 1316 -17.31 56.35 60.74
CA VAL A 1316 -17.94 57.19 61.80
C VAL A 1316 -17.85 56.54 63.20
N GLU A 1317 -18.45 55.36 63.39
CA GLU A 1317 -18.53 54.65 64.69
C GLU A 1317 -17.13 54.35 65.23
N THR A 1318 -16.15 54.23 64.36
CA THR A 1318 -14.73 54.09 64.75
C THR A 1318 -14.26 55.42 65.33
N ILE A 1319 -14.69 56.54 64.76
CA ILE A 1319 -14.28 57.87 65.27
C ILE A 1319 -14.99 58.20 66.57
N LEU A 1320 -16.27 57.85 66.74
CA LEU A 1320 -17.02 58.19 67.98
C LEU A 1320 -16.62 57.24 69.11
N SER A 1321 -16.51 55.95 68.89
CA SER A 1321 -15.84 55.01 69.85
C SER A 1321 -14.57 55.61 70.50
N GLY A 1322 -13.91 56.56 69.83
CA GLY A 1322 -12.63 57.14 70.24
C GLY A 1322 -11.47 56.21 69.96
N LYS A 1323 -11.56 55.42 68.89
CA LYS A 1323 -10.47 54.50 68.45
C LYS A 1323 -9.60 55.20 67.41
N ALA A 1324 -10.18 56.08 66.60
CA ALA A 1324 -9.52 56.81 65.51
C ALA A 1324 -10.03 58.24 65.48
N ARG A 1325 -9.15 59.18 65.17
CA ARG A 1325 -9.47 60.61 65.04
C ARG A 1325 -9.66 60.87 63.54
N ILE A 1326 -8.94 60.13 62.70
CA ILE A 1326 -8.99 60.21 61.21
C ILE A 1326 -9.24 58.81 60.66
N CYS A 1327 -9.86 58.69 59.52
CA CYS A 1327 -10.28 57.40 58.93
C CYS A 1327 -10.35 57.57 57.41
N ILE A 1328 -9.69 56.73 56.67
CA ILE A 1328 -9.96 56.62 55.21
C ILE A 1328 -11.18 55.72 55.12
N VAL A 1329 -12.00 55.99 54.15
CA VAL A 1329 -13.38 55.44 54.04
C VAL A 1329 -13.63 55.40 52.56
N GLY A 1330 -14.09 54.30 52.02
CA GLY A 1330 -14.45 54.25 50.60
C GLY A 1330 -14.66 52.86 50.12
N GLY A 1331 -14.47 52.66 48.84
CA GLY A 1331 -14.77 51.40 48.14
C GLY A 1331 -14.15 51.42 46.79
N TYR A 1332 -14.04 50.25 46.20
CA TYR A 1332 -13.20 50.02 45.02
C TYR A 1332 -13.56 48.66 44.47
N ASP A 1333 -13.62 48.55 43.15
CA ASP A 1333 -14.04 47.31 42.48
C ASP A 1333 -13.61 47.37 41.02
N ASP A 1334 -13.18 46.23 40.49
CA ASP A 1334 -12.64 46.04 39.12
C ASP A 1334 -13.67 45.25 38.35
N PHE A 1335 -13.67 45.44 37.04
CA PHE A 1335 -14.47 44.76 36.00
C PHE A 1335 -13.50 43.77 35.36
N GLN A 1336 -13.82 42.47 35.37
CA GLN A 1336 -13.08 41.47 34.59
C GLN A 1336 -14.07 40.56 33.85
N GLU A 1337 -13.55 39.71 32.98
CA GLU A 1337 -14.27 38.80 32.06
C GLU A 1337 -15.34 38.02 32.81
N GLU A 1338 -15.04 37.56 34.03
CA GLU A 1338 -15.70 36.40 34.66
C GLU A 1338 -16.89 36.87 35.50
N GLY A 1339 -16.74 38.01 36.15
CA GLY A 1339 -17.86 38.75 36.77
C GLY A 1339 -18.80 39.28 35.73
N SER A 1340 -18.31 39.82 34.60
CA SER A 1340 -19.14 40.32 33.47
C SER A 1340 -20.14 39.23 33.09
N PHE A 1341 -19.61 38.01 32.97
CA PHE A 1341 -20.31 36.80 32.53
C PHE A 1341 -21.34 36.37 33.56
N GLU A 1342 -20.95 36.40 34.83
CA GLU A 1342 -21.77 35.84 35.93
C GLU A 1342 -22.94 36.77 36.22
N PHE A 1343 -22.74 38.07 36.11
CA PHE A 1343 -23.82 39.07 36.17
C PHE A 1343 -24.75 38.92 34.97
N GLY A 1344 -24.28 38.45 33.82
CA GLY A 1344 -25.11 38.17 32.64
C GLY A 1344 -26.02 36.98 32.86
N ASN A 1345 -25.56 35.97 33.59
CA ASN A 1345 -26.31 34.71 33.86
C ASN A 1345 -27.39 34.96 34.91
N MET A 1346 -27.17 35.88 35.85
CA MET A 1346 -28.15 36.41 36.83
C MET A 1346 -29.17 37.36 36.17
N LYS A 1347 -28.91 37.82 34.94
CA LYS A 1347 -29.73 38.77 34.15
C LYS A 1347 -29.88 40.11 34.91
N ALA A 1348 -28.83 40.48 35.63
CA ALA A 1348 -28.67 41.75 36.35
C ALA A 1348 -28.26 42.87 35.39
N THR A 1349 -27.34 42.58 34.47
CA THR A 1349 -26.75 43.58 33.55
C THR A 1349 -27.64 43.72 32.32
N SER A 1350 -27.63 44.89 31.67
CA SER A 1350 -28.27 45.14 30.34
C SER A 1350 -27.59 44.25 29.27
N ASN A 1351 -28.38 43.42 28.60
CA ASN A 1351 -27.99 42.68 27.38
C ASN A 1351 -27.78 43.72 26.27
N THR A 1352 -26.57 43.78 25.71
CA THR A 1352 -26.15 44.84 24.77
C THR A 1352 -26.77 44.64 23.38
N LEU A 1353 -27.15 43.41 23.00
CA LEU A 1353 -27.70 43.11 21.65
C LEU A 1353 -29.17 43.52 21.56
N GLU A 1354 -29.97 43.27 22.60
CA GLU A 1354 -31.29 43.92 22.80
C GLU A 1354 -31.12 45.44 22.73
N GLU A 1355 -30.13 45.99 23.44
CA GLU A 1355 -29.96 47.46 23.51
C GLU A 1355 -29.83 48.02 22.09
N PHE A 1356 -29.07 47.35 21.23
CA PHE A 1356 -28.78 47.77 19.84
C PHE A 1356 -30.02 47.54 18.97
N GLU A 1357 -30.82 46.50 19.21
CA GLU A 1357 -32.14 46.32 18.52
C GLU A 1357 -32.97 47.61 18.69
N HIS A 1358 -33.07 48.14 19.89
CA HIS A 1358 -33.80 49.39 20.25
C HIS A 1358 -33.08 50.65 19.74
N GLY A 1359 -31.94 50.49 19.08
CA GLY A 1359 -31.18 51.62 18.53
C GLY A 1359 -30.62 52.52 19.60
N ARG A 1360 -30.23 51.94 20.74
CA ARG A 1360 -29.47 52.64 21.81
C ARG A 1360 -27.97 52.54 21.54
N THR A 1361 -27.28 53.67 21.66
CA THR A 1361 -25.80 53.76 21.67
C THR A 1361 -25.31 53.42 23.06
N PRO A 1362 -24.03 53.08 23.27
CA PRO A 1362 -23.55 52.71 24.60
C PRO A 1362 -23.71 53.79 25.67
N ALA A 1363 -23.67 55.08 25.29
CA ALA A 1363 -23.86 56.23 26.21
C ALA A 1363 -25.20 56.11 26.92
N GLU A 1364 -26.29 56.00 26.15
CA GLU A 1364 -27.70 55.99 26.63
C GLU A 1364 -28.16 54.59 27.04
N MET A 1365 -27.29 53.74 27.60
CA MET A 1365 -27.63 52.34 27.98
C MET A 1365 -27.84 52.21 29.50
N SER A 1366 -27.26 53.12 30.29
CA SER A 1366 -27.61 53.35 31.72
C SER A 1366 -28.65 54.47 31.79
N ARG A 1367 -29.91 54.12 32.09
CA ARG A 1367 -31.00 55.11 32.15
C ARG A 1367 -31.90 54.80 33.33
N PRO A 1368 -31.53 55.25 34.54
CA PRO A 1368 -32.37 55.04 35.71
C PRO A 1368 -33.71 55.79 35.65
N ALA A 1369 -34.70 55.26 36.37
CA ALA A 1369 -36.02 55.88 36.57
C ALA A 1369 -36.80 55.92 35.27
N THR A 1370 -36.30 55.23 34.26
CA THR A 1370 -36.78 55.30 32.86
C THR A 1370 -37.77 54.14 32.67
N THR A 1371 -38.75 54.32 31.80
CA THR A 1371 -39.76 53.30 31.40
C THR A 1371 -39.07 52.03 30.91
N THR A 1372 -38.00 52.18 30.14
CA THR A 1372 -37.37 51.16 29.27
C THR A 1372 -36.11 50.55 29.91
N ARG A 1373 -35.81 50.88 31.15
CA ARG A 1373 -34.59 50.41 31.84
C ARG A 1373 -34.65 48.90 31.94
N ASN A 1374 -33.51 48.25 31.73
CA ASN A 1374 -33.45 46.78 31.48
C ASN A 1374 -32.14 46.20 32.01
N GLY A 1375 -31.61 46.73 33.12
CA GLY A 1375 -30.41 46.18 33.73
C GLY A 1375 -29.33 47.22 33.82
N PHE A 1376 -28.32 46.97 34.66
CA PHE A 1376 -27.30 47.96 35.07
C PHE A 1376 -26.07 47.85 34.17
N MET A 1377 -25.21 48.85 34.26
CA MET A 1377 -23.99 48.94 33.45
C MET A 1377 -22.79 48.71 34.34
N GLU A 1378 -22.09 47.60 34.19
CA GLU A 1378 -20.92 47.27 35.03
C GLU A 1378 -19.84 48.33 34.74
N ALA A 1379 -19.20 48.85 35.79
CA ALA A 1379 -18.07 49.80 35.72
C ALA A 1379 -16.96 49.41 36.71
N GLN A 1380 -15.88 50.17 36.73
CA GLN A 1380 -14.71 49.89 37.58
C GLN A 1380 -14.19 51.19 38.15
N GLY A 1381 -13.40 51.11 39.21
CA GLY A 1381 -12.66 52.22 39.79
C GLY A 1381 -12.77 52.25 41.29
N ALA A 1382 -12.39 53.36 41.92
CA ALA A 1382 -12.40 53.50 43.38
C ALA A 1382 -12.90 54.88 43.77
N GLY A 1383 -13.50 54.98 44.93
CA GLY A 1383 -13.73 56.26 45.61
C GLY A 1383 -13.09 56.29 46.98
N ILE A 1384 -12.56 57.43 47.38
CA ILE A 1384 -12.00 57.56 48.73
C ILE A 1384 -12.44 58.90 49.32
N GLN A 1385 -12.78 58.89 50.59
CA GLN A 1385 -13.05 60.09 51.41
C GLN A 1385 -12.12 60.04 52.62
N ILE A 1386 -11.69 61.21 53.07
CA ILE A 1386 -11.03 61.29 54.39
C ILE A 1386 -12.04 61.90 55.36
N ILE A 1387 -12.27 61.27 56.51
CA ILE A 1387 -13.19 61.79 57.55
C ILE A 1387 -12.43 61.99 58.86
N MET A 1388 -12.77 63.03 59.60
CA MET A 1388 -12.11 63.37 60.87
C MET A 1388 -13.16 63.84 61.86
N GLN A 1389 -12.78 63.92 63.13
CA GLN A 1389 -13.42 64.82 64.11
C GLN A 1389 -13.38 66.26 63.56
N ALA A 1390 -14.45 67.03 63.71
CA ALA A 1390 -14.49 68.45 63.27
C ALA A 1390 -13.50 69.27 64.08
N ASP A 1391 -13.32 68.90 65.35
CA ASP A 1391 -12.37 69.49 66.32
C ASP A 1391 -10.99 69.44 65.70
N LEU A 1392 -10.60 68.28 65.19
CA LEU A 1392 -9.27 68.04 64.59
C LEU A 1392 -9.18 68.82 63.29
N ALA A 1393 -10.24 68.85 62.52
CA ALA A 1393 -10.27 69.48 61.18
C ALA A 1393 -10.01 70.97 61.34
N LEU A 1394 -10.55 71.59 62.38
CA LEU A 1394 -10.46 73.06 62.61
C LEU A 1394 -9.07 73.40 63.14
N LYS A 1395 -8.50 72.51 63.94
CA LYS A 1395 -7.11 72.61 64.46
C LYS A 1395 -6.12 72.50 63.28
N MET A 1396 -6.27 71.52 62.39
CA MET A 1396 -5.33 71.29 61.26
C MET A 1396 -5.55 72.35 60.18
N GLY A 1397 -6.64 73.08 60.22
CA GLY A 1397 -7.03 73.90 59.06
C GLY A 1397 -7.00 73.09 57.78
N VAL A 1398 -7.67 71.94 57.74
CA VAL A 1398 -8.02 71.23 56.49
C VAL A 1398 -9.36 71.72 56.01
N PRO A 1399 -9.64 71.72 54.70
CA PRO A 1399 -10.94 72.11 54.20
C PRO A 1399 -11.96 71.08 54.69
N ILE A 1400 -13.21 71.48 54.73
CA ILE A 1400 -14.33 70.68 55.31
C ILE A 1400 -15.40 70.75 54.25
N TYR A 1401 -15.69 69.64 53.59
CA TYR A 1401 -16.50 69.63 52.35
C TYR A 1401 -17.95 69.41 52.71
N GLY A 1402 -18.18 68.71 53.83
CA GLY A 1402 -19.50 68.50 54.43
C GLY A 1402 -19.41 67.89 55.81
N ILE A 1403 -20.56 67.77 56.47
CA ILE A 1403 -20.73 67.07 57.75
C ILE A 1403 -21.47 65.76 57.51
N VAL A 1404 -20.94 64.62 57.93
CA VAL A 1404 -21.64 63.31 57.85
C VAL A 1404 -22.53 63.23 59.06
N ALA A 1405 -23.77 63.65 58.90
CA ALA A 1405 -24.71 63.84 60.00
C ALA A 1405 -25.15 62.46 60.44
N MET A 1406 -25.57 61.62 59.50
CA MET A 1406 -26.06 60.24 59.74
C MET A 1406 -25.36 59.28 58.76
N ALA A 1407 -25.19 58.03 59.16
CA ALA A 1407 -24.81 56.89 58.28
C ALA A 1407 -25.27 55.57 58.92
N ALA A 1408 -25.94 54.73 58.14
CA ALA A 1408 -26.69 53.55 58.63
C ALA A 1408 -26.65 52.43 57.60
N THR A 1409 -26.88 51.21 58.08
CA THR A 1409 -26.99 49.95 57.32
C THR A 1409 -28.16 49.15 57.90
N ALA A 1410 -28.87 48.43 57.06
CA ALA A 1410 -30.04 47.65 57.46
C ALA A 1410 -30.18 46.47 56.50
N THR A 1411 -30.33 45.28 57.07
CA THR A 1411 -30.85 44.06 56.40
C THR A 1411 -32.33 44.23 56.09
N ASP A 1412 -32.91 43.31 55.32
CA ASP A 1412 -34.35 43.25 54.97
C ASP A 1412 -34.95 42.12 55.81
N LYS A 1413 -35.65 41.15 55.22
CA LYS A 1413 -36.46 40.14 55.95
C LYS A 1413 -36.22 38.74 55.40
N ILE A 1414 -36.91 37.76 55.98
CA ILE A 1414 -37.05 36.37 55.44
C ILE A 1414 -37.34 36.45 53.94
N GLY A 1415 -36.58 35.69 53.16
CA GLY A 1415 -36.73 35.56 51.70
C GLY A 1415 -35.86 34.44 51.19
N ARG A 1416 -35.92 34.17 49.88
CA ARG A 1416 -35.11 33.10 49.23
C ARG A 1416 -34.42 33.67 47.97
N SER A 1417 -34.05 34.96 48.00
CA SER A 1417 -33.50 35.72 46.86
C SER A 1417 -32.49 36.77 47.34
N VAL A 1418 -31.20 36.44 47.25
CA VAL A 1418 -30.04 37.27 47.73
C VAL A 1418 -29.95 38.57 46.94
N PRO A 1419 -30.22 38.60 45.60
CA PRO A 1419 -30.11 39.85 44.84
C PRO A 1419 -31.35 40.78 44.79
N ALA A 1420 -32.46 40.41 45.47
CA ALA A 1420 -33.70 41.22 45.57
C ALA A 1420 -33.50 42.35 46.56
N PRO A 1421 -33.66 43.64 46.16
CA PRO A 1421 -33.53 44.75 47.11
C PRO A 1421 -34.76 44.77 48.03
N GLY A 1422 -34.66 45.40 49.20
CA GLY A 1422 -35.76 45.50 50.17
C GLY A 1422 -35.83 46.86 50.83
N LYS A 1423 -36.51 46.95 51.99
CA LYS A 1423 -36.96 48.23 52.59
C LYS A 1423 -36.39 48.41 54.01
N GLY A 1424 -35.48 47.55 54.47
CA GLY A 1424 -34.97 47.60 55.85
C GLY A 1424 -34.34 48.94 56.21
N ILE A 1425 -33.99 49.76 55.25
CA ILE A 1425 -33.38 51.10 55.50
C ILE A 1425 -34.46 52.12 55.89
N LEU A 1426 -35.75 51.83 55.71
CA LEU A 1426 -36.91 52.60 56.27
C LEU A 1426 -36.78 52.86 57.77
N THR A 1427 -36.11 51.96 58.51
CA THR A 1427 -35.92 52.03 59.97
C THR A 1427 -35.07 53.25 60.38
N THR A 1428 -34.60 54.07 59.44
CA THR A 1428 -33.88 55.33 59.74
C THR A 1428 -34.91 56.44 59.97
N ALA A 1429 -36.14 56.23 59.57
CA ALA A 1429 -37.26 57.18 59.75
C ALA A 1429 -38.19 56.65 60.85
N ARG A 1430 -37.75 55.66 61.63
CA ARG A 1430 -38.65 55.04 62.61
C ARG A 1430 -38.91 56.09 63.65
N GLU A 1431 -40.16 56.52 63.80
CA GLU A 1431 -40.54 57.20 65.06
C GLU A 1431 -41.97 56.86 65.46
N HIS A 1432 -42.26 57.19 66.71
CA HIS A 1432 -43.52 56.95 67.42
C HIS A 1432 -44.42 58.18 67.35
N HIS A 1433 -45.67 58.00 66.93
CA HIS A 1433 -46.66 59.06 66.64
C HIS A 1433 -48.01 58.77 67.35
N SER A 1434 -48.00 58.02 68.45
CA SER A 1434 -49.20 57.79 69.30
C SER A 1434 -49.55 59.10 70.00
N SER A 1435 -48.56 59.69 70.67
CA SER A 1435 -48.66 60.87 71.57
C SER A 1435 -48.03 62.11 70.89
N VAL A 1436 -48.75 62.70 69.92
CA VAL A 1436 -48.22 63.68 68.92
C VAL A 1436 -49.07 64.96 68.92
N LYS A 1437 -49.77 65.24 70.03
CA LYS A 1437 -50.70 66.38 70.16
C LYS A 1437 -49.90 67.65 70.49
N TYR A 1438 -49.04 67.59 71.50
CA TYR A 1438 -48.17 68.70 71.98
C TYR A 1438 -46.72 68.45 71.51
N ALA A 1439 -45.92 69.53 71.45
CA ALA A 1439 -44.51 69.53 70.99
C ALA A 1439 -43.62 68.82 72.02
N SER A 1440 -42.55 68.18 71.53
CA SER A 1440 -41.36 67.73 72.31
C SER A 1440 -40.47 68.95 72.57
N PRO A 1441 -40.15 69.31 73.83
CA PRO A 1441 -39.24 70.43 74.08
C PRO A 1441 -37.78 70.07 73.73
N ASN A 1442 -37.48 68.77 73.66
CA ASN A 1442 -36.15 68.19 73.31
C ASN A 1442 -35.78 68.54 71.86
N LEU A 1443 -36.75 68.73 70.95
CA LEU A 1443 -36.48 69.11 69.53
C LEU A 1443 -36.08 70.58 69.43
N ASN A 1444 -36.64 71.45 70.29
CA ASN A 1444 -36.36 72.91 70.32
C ASN A 1444 -34.95 73.15 70.88
N MET A 1445 -34.07 73.74 70.08
CA MET A 1445 -32.64 73.94 70.40
C MET A 1445 -32.49 74.90 71.58
N LYS A 1446 -33.37 75.91 71.68
CA LYS A 1446 -33.33 76.93 72.76
C LYS A 1446 -33.35 76.23 74.12
N TYR A 1447 -34.36 75.41 74.36
CA TYR A 1447 -34.51 74.55 75.56
C TYR A 1447 -33.19 73.85 75.83
N ARG A 1448 -32.69 73.11 74.83
CA ARG A 1448 -31.49 72.24 74.95
C ARG A 1448 -30.28 73.06 75.38
N LYS A 1449 -30.21 74.34 74.98
CA LYS A 1449 -29.06 75.21 75.30
C LYS A 1449 -29.20 75.69 76.74
N ARG A 1450 -30.39 76.10 77.14
CA ARG A 1450 -30.70 76.51 78.54
C ARG A 1450 -30.26 75.40 79.50
N GLN A 1451 -30.53 74.14 79.16
CA GLN A 1451 -30.18 72.98 80.02
C GLN A 1451 -28.66 72.86 80.13
N LEU A 1452 -27.94 73.10 79.03
CA LEU A 1452 -26.46 73.02 78.99
C LEU A 1452 -25.88 74.15 79.83
N VAL A 1453 -26.38 75.37 79.67
CA VAL A 1453 -25.91 76.59 80.41
C VAL A 1453 -25.93 76.29 81.91
N THR A 1454 -27.07 75.76 82.41
CA THR A 1454 -27.27 75.26 83.79
C THR A 1454 -26.14 74.27 84.13
N ARG A 1455 -26.02 73.22 83.34
CA ARG A 1455 -25.09 72.09 83.60
C ARG A 1455 -23.63 72.58 83.62
N GLU A 1456 -23.29 73.62 82.84
CA GLU A 1456 -21.92 74.21 82.78
C GLU A 1456 -21.62 74.91 84.11
N ALA A 1457 -22.61 75.61 84.68
CA ALA A 1457 -22.56 76.26 86.01
C ALA A 1457 -22.21 75.21 87.07
N GLN A 1458 -22.90 74.07 87.07
CA GLN A 1458 -22.68 72.94 88.01
C GLN A 1458 -21.22 72.46 87.91
N ILE A 1459 -20.61 72.50 86.73
CA ILE A 1459 -19.21 72.00 86.51
C ILE A 1459 -18.22 73.07 87.03
N LYS A 1460 -18.40 74.32 86.63
CA LYS A 1460 -17.75 75.52 87.22
C LYS A 1460 -17.65 75.34 88.74
N ASP A 1461 -18.77 75.13 89.44
CA ASP A 1461 -18.85 74.83 90.90
C ASP A 1461 -17.96 73.62 91.21
N TRP A 1462 -18.21 72.51 90.51
CA TRP A 1462 -17.49 71.23 90.71
C TRP A 1462 -15.97 71.42 90.73
N VAL A 1463 -15.41 72.36 89.96
CA VAL A 1463 -13.93 72.54 89.82
C VAL A 1463 -13.40 73.43 90.97
N GLU A 1464 -14.11 74.49 91.37
CA GLU A 1464 -13.79 75.22 92.63
C GLU A 1464 -13.58 74.18 93.74
N ASN A 1465 -14.56 73.31 93.94
CA ASN A 1465 -14.69 72.38 95.10
C ASN A 1465 -13.67 71.24 95.02
N GLU A 1466 -13.02 71.01 93.88
CA GLU A 1466 -11.96 69.97 93.70
C GLU A 1466 -10.55 70.61 93.72
N LEU A 1467 -10.44 71.95 93.61
CA LEU A 1467 -9.18 72.73 93.84
C LEU A 1467 -9.09 73.11 95.32
N GLU A 1468 -10.24 73.43 95.93
CA GLU A 1468 -10.44 73.60 97.39
C GLU A 1468 -9.87 72.37 98.12
N ALA A 1469 -10.27 71.17 97.70
CA ALA A 1469 -9.93 69.88 98.35
C ALA A 1469 -8.50 69.43 98.01
N LEU A 1470 -7.92 69.90 96.88
CA LEU A 1470 -6.51 69.62 96.47
C LEU A 1470 -5.53 70.50 97.28
N LYS A 1471 -5.94 71.71 97.66
CA LYS A 1471 -5.15 72.66 98.51
C LYS A 1471 -5.08 72.12 99.96
N LEU A 1472 -6.03 71.26 100.39
CA LEU A 1472 -6.04 70.56 101.72
C LEU A 1472 -5.40 69.16 101.63
N GLU A 1473 -4.76 68.80 100.51
CA GLU A 1473 -3.89 67.59 100.39
C GLU A 1473 -2.42 67.98 100.19
N ALA A 1474 -2.14 69.20 99.68
CA ALA A 1474 -0.78 69.75 99.42
C ALA A 1474 -0.05 70.03 100.74
N GLU A 1475 -0.79 70.54 101.74
CA GLU A 1475 -0.32 70.92 103.10
C GLU A 1475 0.38 69.72 103.78
N GLU A 1476 -0.23 68.52 103.72
CA GLU A 1476 0.24 67.25 104.35
C GLU A 1476 1.57 66.77 103.73
N ILE A 1477 1.87 67.18 102.48
CA ILE A 1477 3.12 66.86 101.72
C ILE A 1477 4.21 67.88 102.07
N PRO A 1478 5.50 67.46 102.20
CA PRO A 1478 6.62 68.40 102.36
C PRO A 1478 6.70 69.41 101.19
N SER A 1479 6.98 70.68 101.49
CA SER A 1479 6.88 71.85 100.56
C SER A 1479 7.99 71.82 99.47
N GLU A 1480 8.89 70.83 99.47
CA GLU A 1480 9.96 70.60 98.45
C GLU A 1480 9.36 69.98 97.17
N ASP A 1481 8.51 68.95 97.31
CA ASP A 1481 8.01 68.04 96.24
C ASP A 1481 6.47 68.09 96.13
N GLN A 1482 5.84 69.17 96.62
CA GLN A 1482 4.37 69.42 96.49
C GLN A 1482 4.11 70.15 95.16
N ASN A 1483 5.18 70.62 94.47
CA ASN A 1483 5.07 71.17 93.10
C ASN A 1483 4.68 70.02 92.16
N GLU A 1484 5.31 68.84 92.29
CA GLU A 1484 5.07 67.68 91.37
C GLU A 1484 3.72 67.02 91.64
N PHE A 1485 3.29 66.92 92.91
CA PHE A 1485 1.93 66.48 93.31
C PHE A 1485 0.86 67.36 92.64
N LEU A 1486 1.07 68.68 92.62
CA LEU A 1486 0.08 69.67 92.11
C LEU A 1486 0.02 69.65 90.58
N LEU A 1487 1.16 69.51 89.89
CA LEU A 1487 1.22 69.44 88.39
C LEU A 1487 0.44 68.22 87.90
N GLU A 1488 0.60 67.09 88.61
CA GLU A 1488 -0.09 65.79 88.32
C GLU A 1488 -1.59 65.89 88.60
N ARG A 1489 -2.02 66.66 89.62
CA ARG A 1489 -3.43 66.66 90.09
C ARG A 1489 -4.22 67.89 89.61
N THR A 1490 -3.58 69.00 89.20
CA THR A 1490 -4.27 70.11 88.48
C THR A 1490 -4.51 69.69 87.02
N ARG A 1491 -3.73 68.72 86.54
CA ARG A 1491 -3.80 68.11 85.19
C ARG A 1491 -4.92 67.07 85.13
N GLU A 1492 -5.12 66.32 86.21
CA GLU A 1492 -6.26 65.36 86.37
C GLU A 1492 -7.58 66.16 86.39
N ILE A 1493 -7.67 67.25 87.17
CA ILE A 1493 -8.92 68.06 87.34
C ILE A 1493 -9.23 68.84 86.06
N HIS A 1494 -8.21 69.23 85.28
CA HIS A 1494 -8.40 69.82 83.92
C HIS A 1494 -9.24 68.81 83.11
N ASN A 1495 -8.66 67.64 82.84
CA ASN A 1495 -9.28 66.50 82.09
C ASN A 1495 -10.70 66.20 82.61
N GLU A 1496 -10.89 65.99 83.92
CA GLU A 1496 -12.17 65.51 84.54
C GLU A 1496 -13.26 66.59 84.42
N ALA A 1497 -12.90 67.83 84.12
CA ALA A 1497 -13.82 68.97 83.89
C ALA A 1497 -14.13 69.09 82.40
N GLU A 1498 -13.12 68.86 81.55
CA GLU A 1498 -13.28 68.80 80.07
C GLU A 1498 -14.24 67.66 79.76
N SER A 1499 -13.92 66.47 80.26
CA SER A 1499 -14.72 65.22 80.12
C SER A 1499 -16.18 65.48 80.50
N GLN A 1500 -16.46 66.32 81.51
CA GLN A 1500 -17.84 66.62 81.97
C GLN A 1500 -18.51 67.68 81.08
N LEU A 1501 -17.75 68.62 80.56
CA LEU A 1501 -18.25 69.69 79.67
C LEU A 1501 -18.67 69.05 78.33
N ARG A 1502 -17.89 68.07 77.84
CA ARG A 1502 -18.16 67.38 76.55
C ARG A 1502 -19.37 66.45 76.74
N ALA A 1503 -19.41 65.70 77.84
CA ALA A 1503 -20.50 64.77 78.19
C ALA A 1503 -21.83 65.52 78.18
N ALA A 1504 -21.80 66.79 78.55
CA ALA A 1504 -22.97 67.68 78.68
C ALA A 1504 -23.37 68.16 77.30
N GLN A 1505 -22.37 68.45 76.45
CA GLN A 1505 -22.55 68.89 75.03
C GLN A 1505 -23.14 67.71 74.24
N GLN A 1506 -22.56 66.54 74.37
CA GLN A 1506 -23.09 65.28 73.82
C GLN A 1506 -24.52 65.03 74.32
N GLN A 1507 -24.86 65.36 75.57
CA GLN A 1507 -26.20 65.05 76.16
C GLN A 1507 -27.28 65.93 75.52
N TRP A 1508 -26.94 67.16 75.13
CA TRP A 1508 -27.90 68.23 74.74
C TRP A 1508 -27.67 68.75 73.32
N GLY A 1509 -26.51 68.48 72.71
CA GLY A 1509 -26.14 69.01 71.37
C GLY A 1509 -26.14 67.94 70.30
N ASN A 1510 -25.41 66.84 70.53
CA ASN A 1510 -25.14 65.78 69.54
C ASN A 1510 -26.11 64.60 69.68
N ASP A 1511 -26.28 64.05 70.89
CA ASP A 1511 -27.03 62.79 71.18
C ASP A 1511 -28.28 63.10 72.01
N PHE A 1512 -29.07 64.09 71.63
CA PHE A 1512 -30.27 64.49 72.41
C PHE A 1512 -31.46 63.61 72.05
N TYR A 1513 -31.36 62.77 71.02
CA TYR A 1513 -32.51 62.07 70.40
C TYR A 1513 -32.33 60.57 70.51
N LYS A 1514 -31.25 60.07 71.10
CA LYS A 1514 -30.86 58.64 70.99
C LYS A 1514 -31.70 57.78 71.95
N ARG A 1515 -32.35 58.37 72.95
CA ARG A 1515 -33.29 57.69 73.88
C ARG A 1515 -34.75 58.09 73.63
N ASP A 1516 -35.03 59.06 72.74
CA ASP A 1516 -36.40 59.53 72.42
C ASP A 1516 -36.94 58.70 71.26
N PRO A 1517 -37.99 57.86 71.46
CA PRO A 1517 -38.69 57.22 70.34
C PRO A 1517 -39.67 58.12 69.57
N ARG A 1518 -39.84 59.38 69.98
CA ARG A 1518 -40.63 60.39 69.21
C ARG A 1518 -39.74 61.15 68.23
N ILE A 1519 -38.46 60.78 68.11
CA ILE A 1519 -37.51 61.39 67.12
C ILE A 1519 -36.80 60.28 66.35
N ALA A 1520 -37.04 60.24 65.04
CA ALA A 1520 -36.36 59.38 64.07
C ALA A 1520 -34.90 59.76 64.02
N PRO A 1521 -34.00 58.77 63.83
CA PRO A 1521 -32.59 59.03 63.55
C PRO A 1521 -32.34 60.10 62.47
N LEU A 1522 -33.09 60.02 61.39
CA LEU A 1522 -32.95 60.91 60.20
C LEU A 1522 -33.31 62.34 60.61
N ARG A 1523 -34.29 62.50 61.49
CA ARG A 1523 -34.84 63.83 61.87
C ARG A 1523 -33.88 64.47 62.88
N GLY A 1524 -33.46 63.68 63.88
CA GLY A 1524 -32.49 64.12 64.91
C GLY A 1524 -31.20 64.55 64.27
N ALA A 1525 -30.62 63.70 63.43
CA ALA A 1525 -29.40 63.96 62.63
C ALA A 1525 -29.43 65.39 62.10
N LEU A 1526 -30.52 65.76 61.47
CA LEU A 1526 -30.64 67.07 60.81
C LEU A 1526 -30.94 68.13 61.88
N ALA A 1527 -31.70 67.78 62.92
CA ALA A 1527 -32.19 68.72 63.96
C ALA A 1527 -31.04 69.28 64.82
N THR A 1528 -29.91 68.60 64.87
CA THR A 1528 -28.72 69.05 65.62
C THR A 1528 -28.10 70.31 65.01
N TYR A 1529 -28.46 70.72 63.80
CA TYR A 1529 -27.98 71.98 63.16
C TYR A 1529 -29.18 72.91 62.98
N GLY A 1530 -30.29 72.58 63.62
CA GLY A 1530 -31.56 73.29 63.42
C GLY A 1530 -32.10 73.19 61.99
N LEU A 1531 -31.84 72.08 61.28
CA LEU A 1531 -32.51 71.79 59.98
C LEU A 1531 -33.76 70.94 60.24
N THR A 1532 -34.78 71.16 59.44
CA THR A 1532 -36.02 70.35 59.37
C THR A 1532 -35.83 69.23 58.34
N ILE A 1533 -36.81 68.35 58.24
CA ILE A 1533 -36.86 67.29 57.20
C ILE A 1533 -36.98 67.97 55.83
N ASP A 1534 -37.51 69.20 55.79
CA ASP A 1534 -37.77 69.98 54.54
C ASP A 1534 -36.50 70.60 53.96
N ASP A 1535 -35.33 70.39 54.55
CA ASP A 1535 -34.05 70.96 54.07
C ASP A 1535 -33.17 69.86 53.48
N LEU A 1536 -33.67 68.62 53.42
CA LEU A 1536 -32.99 67.49 52.77
C LEU A 1536 -33.29 67.58 51.29
N GLY A 1537 -32.56 68.42 50.56
CA GLY A 1537 -32.96 68.93 49.24
C GLY A 1537 -32.80 67.95 48.07
N VAL A 1538 -31.83 67.08 48.14
CA VAL A 1538 -31.42 66.22 47.00
C VAL A 1538 -31.25 64.80 47.53
N ALA A 1539 -31.60 63.81 46.73
CA ALA A 1539 -31.39 62.39 47.09
C ALA A 1539 -30.65 61.74 45.94
N SER A 1540 -29.36 61.47 46.13
CA SER A 1540 -28.50 60.66 45.26
C SER A 1540 -29.01 59.24 45.47
N PHE A 1541 -29.63 58.69 44.43
CA PHE A 1541 -30.24 57.35 44.36
C PHE A 1541 -29.26 56.36 43.76
N HIS A 1542 -29.16 55.17 44.36
CA HIS A 1542 -28.42 53.99 43.85
C HIS A 1542 -28.72 53.83 42.37
N GLY A 1543 -30.01 53.82 42.01
CA GLY A 1543 -30.48 54.06 40.62
C GLY A 1543 -29.66 53.32 39.58
N THR A 1544 -29.75 52.01 39.58
CA THR A 1544 -28.83 51.12 38.86
C THR A 1544 -29.24 50.99 37.39
N SER A 1545 -30.49 51.29 37.05
CA SER A 1545 -31.12 51.12 35.72
C SER A 1545 -31.69 49.70 35.65
N THR A 1546 -32.06 49.16 36.79
CA THR A 1546 -32.77 47.88 36.93
C THR A 1546 -34.23 48.20 37.19
N LYS A 1547 -35.11 47.26 36.81
CA LYS A 1547 -36.58 47.30 37.01
C LYS A 1547 -36.88 47.44 38.51
N ALA A 1548 -36.37 46.51 39.32
CA ALA A 1548 -36.70 46.37 40.76
C ALA A 1548 -36.12 47.52 41.60
N ASN A 1549 -34.83 47.80 41.47
CA ASN A 1549 -34.08 48.76 42.31
C ASN A 1549 -34.70 50.17 42.30
N ASP A 1550 -35.11 50.67 41.14
CA ASP A 1550 -35.39 52.11 40.87
C ASP A 1550 -36.83 52.43 41.24
N LYS A 1551 -37.66 51.41 41.40
CA LYS A 1551 -39.01 51.52 42.04
C LYS A 1551 -38.87 51.31 43.56
N ASN A 1552 -38.15 50.27 43.99
CA ASN A 1552 -37.95 49.98 45.42
C ASN A 1552 -37.27 51.17 46.09
N GLU A 1553 -36.39 51.90 45.43
CA GLU A 1553 -35.64 53.01 46.09
C GLU A 1553 -36.53 54.25 46.22
N SER A 1554 -37.16 54.64 45.12
CA SER A 1554 -38.19 55.70 45.02
C SER A 1554 -39.26 55.48 46.08
N ALA A 1555 -39.74 54.25 46.21
CA ALA A 1555 -40.77 53.85 47.19
C ALA A 1555 -40.29 54.07 48.63
N THR A 1556 -39.03 53.75 48.99
CA THR A 1556 -38.56 53.88 50.39
C THR A 1556 -38.32 55.36 50.69
N ILE A 1557 -37.75 56.11 49.75
CA ILE A 1557 -37.54 57.57 49.94
C ILE A 1557 -38.90 58.23 50.15
N ASN A 1558 -39.91 57.77 49.46
CA ASN A 1558 -41.23 58.42 49.48
C ASN A 1558 -41.90 58.10 50.80
N GLU A 1559 -41.57 56.97 51.42
CA GLU A 1559 -42.21 56.53 52.66
C GLU A 1559 -41.46 57.10 53.87
N MET A 1560 -40.14 57.31 53.82
CA MET A 1560 -39.41 58.11 54.85
C MET A 1560 -40.02 59.50 54.91
N MET A 1561 -40.21 60.12 53.75
CA MET A 1561 -40.56 61.55 53.61
C MET A 1561 -42.00 61.71 54.03
N LYS A 1562 -42.83 60.68 53.89
CA LYS A 1562 -44.27 60.76 54.24
C LYS A 1562 -44.41 60.71 55.75
N HIS A 1563 -43.64 59.83 56.38
CA HIS A 1563 -43.69 59.51 57.83
C HIS A 1563 -43.08 60.64 58.65
N LEU A 1564 -42.23 61.47 58.07
CA LEU A 1564 -41.58 62.61 58.79
C LEU A 1564 -42.25 63.93 58.37
N GLY A 1565 -43.42 63.88 57.77
CA GLY A 1565 -44.18 65.10 57.46
C GLY A 1565 -43.34 66.16 56.77
N ARG A 1566 -42.54 65.74 55.79
CA ARG A 1566 -42.23 66.55 54.58
C ARG A 1566 -43.46 67.38 54.21
N SER A 1567 -43.27 68.63 53.79
CA SER A 1567 -44.38 69.43 53.28
C SER A 1567 -44.84 68.79 51.96
N GLU A 1568 -46.13 68.55 51.82
CA GLU A 1568 -46.78 68.23 50.53
C GLU A 1568 -46.40 69.35 49.56
N GLY A 1569 -45.82 69.01 48.42
CA GLY A 1569 -45.33 69.96 47.42
C GLY A 1569 -43.85 70.29 47.54
N ASN A 1570 -43.09 69.56 48.37
CA ASN A 1570 -41.63 69.77 48.57
C ASN A 1570 -40.91 68.46 48.29
N PRO A 1571 -40.86 68.01 47.04
CA PRO A 1571 -40.25 66.71 46.78
C PRO A 1571 -38.74 66.88 46.84
N VAL A 1572 -38.04 65.86 47.32
CA VAL A 1572 -36.57 65.75 47.13
C VAL A 1572 -36.32 65.59 45.63
N ILE A 1573 -35.20 66.15 45.18
CA ILE A 1573 -34.76 66.02 43.78
C ILE A 1573 -33.83 64.84 43.72
N GLY A 1574 -34.15 63.86 42.88
CA GLY A 1574 -33.29 62.70 42.61
C GLY A 1574 -32.09 63.11 41.78
N VAL A 1575 -30.94 62.47 42.01
CA VAL A 1575 -29.80 62.49 41.06
C VAL A 1575 -29.36 61.03 40.83
N PHE A 1576 -29.04 60.70 39.58
CA PHE A 1576 -28.86 59.31 39.13
C PHE A 1576 -27.54 59.23 38.40
N GLN A 1577 -26.44 59.47 39.13
CA GLN A 1577 -25.09 59.71 38.55
C GLN A 1577 -24.62 58.48 37.75
N LYS A 1578 -25.19 57.31 38.01
CA LYS A 1578 -24.82 56.05 37.33
C LYS A 1578 -25.18 56.12 35.86
N PHE A 1579 -25.96 57.11 35.42
CA PHE A 1579 -26.32 57.24 33.98
C PHE A 1579 -25.04 57.47 33.17
N LEU A 1580 -24.07 58.08 33.85
CA LEU A 1580 -22.86 58.67 33.26
C LEU A 1580 -21.69 57.74 33.50
N THR A 1581 -21.61 57.13 34.69
CA THR A 1581 -20.44 56.35 35.16
C THR A 1581 -20.66 54.85 35.06
N GLY A 1582 -21.92 54.39 35.06
CA GLY A 1582 -22.22 52.97 35.27
C GLY A 1582 -22.01 52.59 36.72
N HIS A 1583 -22.33 51.36 37.06
CA HIS A 1583 -22.39 50.82 38.42
C HIS A 1583 -21.10 50.10 38.76
N PRO A 1584 -20.21 50.65 39.61
CA PRO A 1584 -18.95 50.02 39.95
C PRO A 1584 -18.97 49.20 41.24
N LYS A 1585 -19.98 48.38 41.30
CA LYS A 1585 -20.60 47.77 42.49
C LYS A 1585 -19.95 48.31 43.78
N GLY A 1586 -18.84 47.78 44.28
CA GLY A 1586 -18.32 48.24 45.59
C GLY A 1586 -18.05 49.74 45.70
N ALA A 1587 -17.71 50.44 44.62
CA ALA A 1587 -17.34 51.88 44.61
C ALA A 1587 -18.58 52.76 44.48
N ALA A 1588 -19.75 52.17 44.38
CA ALA A 1588 -20.95 52.87 43.86
C ALA A 1588 -21.23 54.09 44.73
N GLY A 1589 -21.22 53.88 46.05
CA GLY A 1589 -21.64 54.84 47.09
C GLY A 1589 -20.57 55.88 47.37
N ALA A 1590 -19.29 55.55 47.17
CA ALA A 1590 -18.18 56.53 47.21
C ALA A 1590 -18.34 57.55 46.08
N TRP A 1591 -18.69 57.14 44.87
CA TRP A 1591 -18.92 58.11 43.76
C TRP A 1591 -20.17 58.95 44.02
N MET A 1592 -21.20 58.34 44.58
CA MET A 1592 -22.43 59.04 44.95
C MET A 1592 -22.12 60.11 45.99
N MET A 1593 -21.22 59.79 46.93
CA MET A 1593 -20.79 60.68 48.05
C MET A 1593 -19.90 61.83 47.52
N ASN A 1594 -18.79 61.56 46.83
CA ASN A 1594 -18.03 62.59 46.08
C ASN A 1594 -19.04 63.49 45.37
N GLY A 1595 -19.94 62.94 44.57
CA GLY A 1595 -20.92 63.72 43.78
C GLY A 1595 -21.77 64.64 44.62
N ALA A 1596 -22.15 64.20 45.82
CA ALA A 1596 -23.06 64.86 46.79
C ALA A 1596 -22.37 66.04 47.45
N LEU A 1597 -21.10 65.87 47.81
CA LEU A 1597 -20.27 66.98 48.36
C LEU A 1597 -20.05 68.04 47.27
N GLN A 1598 -20.03 67.68 45.98
CA GLN A 1598 -19.84 68.64 44.87
C GLN A 1598 -21.15 69.42 44.70
N ILE A 1599 -22.28 68.72 44.81
CA ILE A 1599 -23.63 69.33 44.77
C ILE A 1599 -23.70 70.31 45.94
N LEU A 1600 -23.21 69.91 47.11
CA LEU A 1600 -23.36 70.68 48.37
C LEU A 1600 -22.69 72.03 48.24
N ASN A 1601 -21.45 72.03 47.76
CA ASN A 1601 -20.55 73.20 47.75
C ASN A 1601 -20.70 74.02 46.46
N SER A 1602 -21.64 73.71 45.58
CA SER A 1602 -21.96 74.49 44.36
C SER A 1602 -23.43 74.91 44.31
N GLY A 1603 -24.32 74.08 44.88
CA GLY A 1603 -25.79 74.14 44.69
C GLY A 1603 -26.12 73.97 43.22
N ILE A 1604 -25.39 73.12 42.54
CA ILE A 1604 -25.68 72.66 41.16
C ILE A 1604 -26.17 71.23 41.29
N ILE A 1605 -27.38 70.93 40.86
CA ILE A 1605 -27.94 69.55 40.87
C ILE A 1605 -27.85 69.05 39.44
N PRO A 1606 -26.97 68.10 39.12
CA PRO A 1606 -26.91 67.55 37.79
C PRO A 1606 -28.13 66.69 37.47
N GLY A 1607 -28.59 66.75 36.21
CA GLY A 1607 -29.73 65.99 35.66
C GLY A 1607 -29.33 64.69 34.99
N ASN A 1608 -30.06 63.60 35.27
CA ASN A 1608 -30.03 62.33 34.49
C ASN A 1608 -30.30 62.72 33.04
N ARG A 1609 -29.26 62.91 32.23
CA ARG A 1609 -29.40 63.28 30.80
C ARG A 1609 -29.88 62.08 29.97
N ASN A 1610 -30.09 60.90 30.55
CA ASN A 1610 -30.65 59.75 29.82
C ASN A 1610 -32.07 59.46 30.27
N ALA A 1611 -32.64 60.30 31.12
CA ALA A 1611 -34.06 60.22 31.50
C ALA A 1611 -34.83 60.82 30.33
N ASP A 1612 -35.08 59.97 29.32
CA ASP A 1612 -35.93 60.24 28.13
C ASP A 1612 -37.35 60.46 28.62
N ASN A 1613 -37.84 59.51 29.39
CA ASN A 1613 -39.26 59.31 29.74
C ASN A 1613 -39.34 58.61 31.10
N VAL A 1614 -39.90 59.29 32.09
CA VAL A 1614 -39.87 58.80 33.48
C VAL A 1614 -41.07 57.89 33.66
N ASP A 1615 -40.83 56.73 34.26
CA ASP A 1615 -41.77 55.59 34.32
C ASP A 1615 -43.08 56.14 34.89
N LYS A 1616 -44.20 55.95 34.21
CA LYS A 1616 -45.52 56.36 34.75
C LYS A 1616 -45.74 55.79 36.15
N ILE A 1617 -45.08 54.68 36.48
CA ILE A 1617 -45.24 53.99 37.79
C ILE A 1617 -44.73 54.89 38.91
N LEU A 1618 -43.83 55.81 38.58
CA LEU A 1618 -43.14 56.68 39.57
C LEU A 1618 -43.89 58.00 39.83
N GLU A 1619 -45.08 58.23 39.27
CA GLU A 1619 -45.86 59.48 39.54
C GLU A 1619 -46.67 59.29 40.83
N GLN A 1620 -46.78 58.05 41.31
CA GLN A 1620 -47.46 57.74 42.59
C GLN A 1620 -46.57 58.26 43.74
N PHE A 1621 -45.30 58.51 43.46
CA PHE A 1621 -44.33 59.03 44.43
C PHE A 1621 -44.25 60.54 44.31
N GLU A 1622 -45.24 61.19 44.89
CA GLU A 1622 -45.43 62.66 45.03
C GLU A 1622 -44.15 63.31 45.58
N TYR A 1623 -43.39 62.66 46.46
CA TYR A 1623 -42.25 63.30 47.19
C TYR A 1623 -40.91 63.12 46.47
N VAL A 1624 -40.87 62.69 45.22
CA VAL A 1624 -39.62 62.63 44.45
C VAL A 1624 -39.81 63.35 43.13
N LEU A 1625 -38.81 64.13 42.71
CA LEU A 1625 -38.74 64.73 41.36
C LEU A 1625 -37.55 64.10 40.61
N TYR A 1626 -37.71 63.84 39.31
CA TYR A 1626 -36.73 63.16 38.46
C TYR A 1626 -36.24 64.08 37.33
N PRO A 1627 -35.33 65.05 37.58
CA PRO A 1627 -34.91 66.00 36.55
C PRO A 1627 -33.94 65.49 35.49
N SER A 1628 -34.09 65.96 34.26
CA SER A 1628 -33.30 65.58 33.05
C SER A 1628 -32.31 66.66 32.69
N LYS A 1629 -32.31 67.80 33.39
CA LYS A 1629 -31.31 68.87 33.15
C LYS A 1629 -30.71 69.38 34.45
N THR A 1630 -29.59 70.08 34.31
CA THR A 1630 -28.81 70.63 35.45
C THR A 1630 -29.56 71.85 35.96
N LEU A 1631 -29.74 71.90 37.27
CA LEU A 1631 -30.46 72.96 38.00
C LEU A 1631 -29.46 73.68 38.87
N LYS A 1632 -29.26 74.97 38.62
CA LYS A 1632 -28.31 75.77 39.41
C LYS A 1632 -29.16 76.52 40.42
N THR A 1633 -29.08 76.13 41.70
CA THR A 1633 -29.93 76.58 42.81
C THR A 1633 -29.26 77.68 43.63
N ASP A 1634 -30.03 78.30 44.52
CA ASP A 1634 -29.60 79.32 45.53
C ASP A 1634 -28.90 78.63 46.71
N GLY A 1635 -28.93 77.30 46.78
CA GLY A 1635 -28.13 76.48 47.70
C GLY A 1635 -28.80 75.17 48.08
N VAL A 1636 -28.00 74.20 48.48
CA VAL A 1636 -28.43 72.86 48.96
C VAL A 1636 -27.87 72.71 50.37
N ARG A 1637 -28.71 72.40 51.35
CA ARG A 1637 -28.35 72.34 52.77
C ARG A 1637 -27.96 70.91 53.15
N ALA A 1638 -28.50 69.91 52.45
CA ALA A 1638 -28.35 68.48 52.83
C ALA A 1638 -28.71 67.53 51.70
N VAL A 1639 -28.02 66.39 51.63
CA VAL A 1639 -28.13 65.39 50.54
C VAL A 1639 -28.20 64.01 51.17
N SER A 1640 -29.20 63.21 50.79
CA SER A 1640 -29.28 61.77 51.13
C SER A 1640 -28.47 61.00 50.09
N ILE A 1641 -27.83 59.90 50.50
CA ILE A 1641 -27.09 58.95 49.65
C ILE A 1641 -27.58 57.59 50.08
N THR A 1642 -28.26 56.86 49.19
CA THR A 1642 -28.90 55.54 49.48
C THR A 1642 -28.24 54.51 48.59
N SER A 1643 -27.71 53.43 49.16
CA SER A 1643 -27.08 52.32 48.43
C SER A 1643 -27.72 51.01 48.89
N PHE A 1644 -28.32 50.28 47.95
CA PHE A 1644 -28.86 48.90 48.10
C PHE A 1644 -27.84 47.93 47.51
N GLY A 1645 -27.50 46.90 48.30
CA GLY A 1645 -26.54 45.84 47.95
C GLY A 1645 -27.23 44.50 47.71
N PHE A 1646 -26.49 43.58 47.11
CA PHE A 1646 -26.79 42.13 47.07
C PHE A 1646 -26.59 41.61 48.50
N GLY A 1647 -27.45 40.70 48.94
CA GLY A 1647 -27.35 40.10 50.28
C GLY A 1647 -27.95 40.99 51.34
N GLN A 1648 -29.01 41.73 50.98
CA GLN A 1648 -29.92 42.40 51.94
C GLN A 1648 -29.11 43.46 52.70
N LYS A 1649 -28.72 44.51 52.00
CA LYS A 1649 -27.57 45.35 52.42
C LYS A 1649 -27.91 46.78 51.98
N GLY A 1650 -28.91 47.33 52.63
CA GLY A 1650 -29.25 48.76 52.56
C GLY A 1650 -28.28 49.62 53.36
N GLY A 1651 -28.27 50.90 53.00
CA GLY A 1651 -27.41 51.97 53.54
C GLY A 1651 -28.05 53.33 53.29
N GLN A 1652 -27.94 54.26 54.24
CA GLN A 1652 -28.24 55.70 54.00
C GLN A 1652 -27.17 56.53 54.69
N ALA A 1653 -26.79 57.65 54.08
CA ALA A 1653 -25.98 58.71 54.69
C ALA A 1653 -26.59 60.08 54.37
N ILE A 1654 -26.77 60.94 55.38
CA ILE A 1654 -27.08 62.39 55.19
C ILE A 1654 -25.77 63.17 55.31
N VAL A 1655 -25.51 64.04 54.37
CA VAL A 1655 -24.36 64.97 54.36
C VAL A 1655 -24.95 66.36 54.46
N VAL A 1656 -24.64 67.08 55.53
CA VAL A 1656 -25.10 68.48 55.76
C VAL A 1656 -24.02 69.44 55.29
N HIS A 1657 -24.42 70.49 54.58
CA HIS A 1657 -23.55 71.62 54.13
C HIS A 1657 -22.60 72.07 55.23
N PRO A 1658 -21.30 72.22 54.99
CA PRO A 1658 -20.38 72.59 56.05
C PRO A 1658 -20.51 73.96 56.69
N ASP A 1659 -21.28 74.90 56.14
CA ASP A 1659 -21.48 76.22 56.81
C ASP A 1659 -22.30 76.07 58.11
N TYR A 1660 -22.88 74.92 58.39
CA TYR A 1660 -23.67 74.64 59.61
C TYR A 1660 -22.70 74.30 60.75
N LEU A 1661 -21.47 73.94 60.43
CA LEU A 1661 -20.46 73.62 61.46
C LEU A 1661 -20.07 74.92 62.12
N TYR A 1662 -19.89 75.97 61.32
CA TYR A 1662 -19.14 77.18 61.73
C TYR A 1662 -20.04 78.05 62.60
N GLY A 1663 -21.34 77.82 62.59
CA GLY A 1663 -22.26 78.44 63.56
C GLY A 1663 -21.99 78.02 64.99
N ALA A 1664 -21.41 76.84 65.21
CA ALA A 1664 -21.11 76.26 66.54
C ALA A 1664 -19.82 76.78 67.16
N ILE A 1665 -19.04 77.62 66.49
CA ILE A 1665 -17.72 78.06 66.98
C ILE A 1665 -17.68 79.58 67.04
N THR A 1666 -16.73 80.13 67.80
CA THR A 1666 -16.54 81.60 68.01
C THR A 1666 -15.90 82.25 66.79
N GLU A 1667 -16.11 83.55 66.63
CA GLU A 1667 -15.51 84.39 65.56
C GLU A 1667 -13.98 84.31 65.63
N ASP A 1668 -13.34 84.24 66.81
CA ASP A 1668 -11.84 84.17 66.88
C ASP A 1668 -11.35 82.84 66.30
N ARG A 1669 -11.98 81.76 66.72
CA ARG A 1669 -11.66 80.39 66.29
C ARG A 1669 -11.86 80.23 64.78
N TYR A 1670 -12.96 80.76 64.26
CA TYR A 1670 -13.28 80.68 62.82
C TYR A 1670 -12.21 81.42 62.02
N ASN A 1671 -11.96 82.68 62.38
CA ASN A 1671 -10.96 83.54 61.69
C ASN A 1671 -9.59 82.88 61.75
N GLU A 1672 -9.22 82.24 62.87
CA GLU A 1672 -7.95 81.48 63.00
C GLU A 1672 -7.92 80.34 61.97
N TYR A 1673 -8.95 79.47 61.98
CA TYR A 1673 -9.15 78.35 61.02
C TYR A 1673 -9.09 78.85 59.59
N VAL A 1674 -9.86 79.88 59.22
CA VAL A 1674 -9.90 80.41 57.82
C VAL A 1674 -8.47 80.65 57.31
N ALA A 1675 -7.68 81.37 58.09
CA ALA A 1675 -6.29 81.72 57.75
C ALA A 1675 -5.52 80.43 57.49
N LYS A 1676 -5.62 79.50 58.43
CA LYS A 1676 -4.85 78.24 58.45
C LYS A 1676 -5.13 77.44 57.17
N VAL A 1677 -6.33 77.56 56.60
CA VAL A 1677 -6.81 76.75 55.44
C VAL A 1677 -6.36 77.43 54.17
N SER A 1678 -6.61 78.72 54.09
CA SER A 1678 -6.15 79.61 52.99
C SER A 1678 -4.66 79.36 52.73
N ALA A 1679 -3.84 79.14 53.77
CA ALA A 1679 -2.40 78.80 53.64
C ALA A 1679 -2.22 77.42 53.04
N ARG A 1680 -2.89 76.43 53.60
CA ARG A 1680 -2.89 75.02 53.15
C ARG A 1680 -3.25 74.89 51.69
N GLU A 1681 -4.23 75.66 51.23
CA GLU A 1681 -4.83 75.46 49.90
C GLU A 1681 -3.78 75.90 48.89
N LYS A 1682 -3.08 77.00 49.17
CA LYS A 1682 -1.93 77.47 48.35
C LYS A 1682 -0.87 76.36 48.31
N SER A 1683 -0.33 75.94 49.45
CA SER A 1683 0.62 74.79 49.55
C SER A 1683 0.17 73.57 48.72
N ALA A 1684 -1.05 73.12 48.88
CA ALA A 1684 -1.63 71.99 48.14
C ALA A 1684 -1.56 72.25 46.63
N TYR A 1685 -1.86 73.47 46.18
CA TYR A 1685 -1.82 73.83 44.73
C TYR A 1685 -0.38 73.75 44.22
N LYS A 1686 0.54 74.40 44.93
CA LYS A 1686 1.99 74.22 44.76
C LYS A 1686 2.32 72.74 44.50
N PHE A 1687 1.85 71.87 45.35
CA PHE A 1687 2.19 70.43 45.31
C PHE A 1687 1.52 69.76 44.11
N PHE A 1688 0.22 69.98 43.96
CA PHE A 1688 -0.57 69.40 42.86
C PHE A 1688 0.14 69.60 41.54
N HIS A 1689 0.38 70.86 41.14
CA HIS A 1689 0.90 71.20 39.78
C HIS A 1689 2.33 70.71 39.61
N ASN A 1690 3.14 70.81 40.64
CA ASN A 1690 4.48 70.18 40.62
C ASN A 1690 4.38 68.68 40.33
N GLY A 1691 3.66 67.92 41.14
CA GLY A 1691 3.47 66.46 40.94
C GLY A 1691 2.79 66.10 39.63
N MET A 1692 2.01 67.00 39.05
CA MET A 1692 1.25 66.70 37.81
C MET A 1692 2.24 66.67 36.66
N ILE A 1693 2.97 67.76 36.46
CA ILE A 1693 3.94 67.89 35.34
C ILE A 1693 5.15 66.96 35.53
N TYR A 1694 5.57 66.61 36.75
CA TYR A 1694 6.76 65.73 36.96
C TYR A 1694 6.37 64.27 37.32
N ASN A 1695 5.11 63.88 37.21
CA ASN A 1695 4.64 62.48 37.39
C ASN A 1695 5.13 61.94 38.73
N LYS A 1696 4.67 62.59 39.80
CA LYS A 1696 5.25 62.52 41.15
C LYS A 1696 4.21 62.86 42.23
N LEU A 1697 2.91 62.86 41.92
CA LEU A 1697 1.82 63.08 42.91
C LEU A 1697 1.93 62.02 44.00
N PHE A 1698 2.05 60.77 43.60
CA PHE A 1698 2.27 59.61 44.49
C PHE A 1698 3.74 59.52 44.84
N VAL A 1699 4.07 59.51 46.12
CA VAL A 1699 5.49 59.30 46.58
C VAL A 1699 5.49 58.25 47.66
N SER A 1700 5.80 56.99 47.32
CA SER A 1700 5.88 55.88 48.30
C SER A 1700 6.88 56.27 49.39
N LYS A 1701 6.54 55.96 50.63
CA LYS A 1701 7.38 56.27 51.78
C LYS A 1701 8.27 55.05 51.94
N GLU A 1702 9.58 55.26 52.09
CA GLU A 1702 10.57 54.15 52.19
C GLU A 1702 10.63 53.67 53.63
N HIS A 1703 10.80 54.60 54.56
CA HIS A 1703 10.88 54.35 56.02
C HIS A 1703 9.58 54.83 56.68
N ALA A 1704 9.21 54.20 57.78
CA ALA A 1704 8.16 54.67 58.71
C ALA A 1704 8.61 55.97 59.39
N PRO A 1705 7.72 56.72 60.07
CA PRO A 1705 8.15 57.92 60.77
C PRO A 1705 9.04 57.59 61.97
N TYR A 1706 9.02 56.36 62.48
CA TYR A 1706 9.90 55.88 63.58
C TYR A 1706 10.97 54.96 63.00
N THR A 1707 12.12 54.86 63.67
CA THR A 1707 13.15 53.81 63.46
C THR A 1707 12.71 52.54 64.21
N ASP A 1708 13.29 51.38 63.85
CA ASP A 1708 12.98 50.05 64.44
C ASP A 1708 13.24 50.05 65.96
N GLU A 1709 14.19 50.86 66.44
CA GLU A 1709 14.58 50.94 67.87
C GLU A 1709 13.52 51.72 68.65
N LEU A 1710 12.90 52.75 68.04
CA LEU A 1710 11.80 53.56 68.64
C LEU A 1710 10.41 53.01 68.30
N GLU A 1711 10.29 51.98 67.46
CA GLU A 1711 9.00 51.35 67.05
C GLU A 1711 8.07 51.20 68.27
N GLU A 1712 8.52 50.48 69.30
CA GLU A 1712 7.69 50.04 70.45
C GLU A 1712 7.41 51.22 71.38
N ASP A 1713 8.43 52.02 71.70
CA ASP A 1713 8.37 53.22 72.57
C ASP A 1713 7.32 54.19 72.03
N VAL A 1714 7.33 54.46 70.73
CA VAL A 1714 6.26 55.26 70.06
C VAL A 1714 4.91 54.58 70.26
N TYR A 1715 4.74 53.31 69.91
CA TYR A 1715 3.44 52.57 70.03
C TYR A 1715 2.85 52.71 71.45
N LEU A 1716 3.71 52.74 72.46
CA LEU A 1716 3.34 52.69 73.89
C LEU A 1716 3.20 54.09 74.51
N ASP A 1717 3.54 55.18 73.80
CA ASP A 1717 3.26 56.55 74.27
C ASP A 1717 2.05 57.07 73.50
N PRO A 1718 0.91 57.39 74.16
CA PRO A 1718 -0.19 58.12 73.53
C PRO A 1718 0.17 59.49 72.95
N LEU A 1719 1.14 60.16 73.57
CA LEU A 1719 1.37 61.61 73.40
C LEU A 1719 2.55 61.86 72.46
N ALA A 1720 3.33 60.84 72.15
CA ALA A 1720 4.39 60.88 71.12
C ALA A 1720 3.81 61.42 69.83
N ARG A 1721 4.30 62.59 69.39
CA ARG A 1721 4.03 63.20 68.05
C ARG A 1721 5.36 63.29 67.29
N VAL A 1722 5.30 63.82 66.08
CA VAL A 1722 6.37 63.77 65.04
C VAL A 1722 6.81 65.22 64.82
N SER A 1723 8.13 65.45 64.87
CA SER A 1723 8.79 66.78 64.70
C SER A 1723 9.39 66.82 63.30
N LYS A 1724 9.70 68.01 62.77
CA LYS A 1724 10.56 68.15 61.56
C LYS A 1724 12.00 67.83 61.96
N ASP A 1725 12.61 66.83 61.33
CA ASP A 1725 14.05 66.45 61.54
C ASP A 1725 14.92 67.60 61.02
N LYS A 1726 15.98 67.94 61.74
CA LYS A 1726 16.87 69.11 61.47
C LYS A 1726 17.55 68.89 60.10
N LYS A 1727 18.23 67.75 59.94
CA LYS A 1727 19.06 67.40 58.75
C LYS A 1727 18.17 67.13 57.53
N SER A 1728 17.44 66.02 57.54
CA SER A 1728 16.69 65.44 56.38
C SER A 1728 15.51 66.34 55.96
N GLY A 1729 14.87 67.04 56.91
CA GLY A 1729 13.69 67.91 56.65
C GLY A 1729 12.38 67.14 56.64
N SER A 1730 12.43 65.81 56.87
CA SER A 1730 11.27 64.88 56.88
C SER A 1730 10.78 64.66 58.32
N LEU A 1731 9.48 64.51 58.49
CA LEU A 1731 8.77 64.38 59.80
C LEU A 1731 9.09 63.02 60.44
N THR A 1732 9.74 62.99 61.61
CA THR A 1732 10.16 61.75 62.32
C THR A 1732 9.99 61.89 63.84
N PHE A 1733 9.78 60.77 64.54
CA PHE A 1733 9.78 60.69 66.03
C PHE A 1733 11.23 60.76 66.53
N ASN A 1734 11.51 61.82 67.31
CA ASN A 1734 12.75 62.04 68.09
C ASN A 1734 12.59 61.29 69.42
N SER A 1735 13.66 60.65 69.91
CA SER A 1735 13.68 59.92 71.22
C SER A 1735 13.44 60.88 72.40
N LYS A 1736 13.62 62.20 72.23
CA LYS A 1736 13.41 63.26 73.25
C LYS A 1736 11.94 63.51 73.52
N ASN A 1737 11.10 63.50 72.48
CA ASN A 1737 9.63 63.72 72.53
C ASN A 1737 8.85 62.43 72.89
N ILE A 1738 9.55 61.37 73.32
CA ILE A 1738 8.93 60.05 73.66
C ILE A 1738 9.07 59.85 75.17
N GLN A 1739 7.93 59.69 75.85
CA GLN A 1739 7.75 59.53 77.31
C GLN A 1739 8.32 60.78 77.99
N SER A 1740 7.90 61.95 77.49
CA SER A 1740 8.44 63.30 77.79
C SER A 1740 7.51 64.03 78.77
N LYS A 1741 8.10 64.73 79.75
CA LYS A 1741 7.40 65.57 80.75
C LYS A 1741 6.61 66.71 80.06
N ASP A 1742 7.10 67.23 78.93
CA ASP A 1742 6.56 68.46 78.24
C ASP A 1742 5.25 68.17 77.50
N SER A 1743 5.04 66.92 77.03
CA SER A 1743 3.80 66.45 76.36
C SER A 1743 2.61 66.54 77.34
N TYR A 1744 2.75 65.94 78.53
CA TYR A 1744 1.69 65.79 79.57
C TYR A 1744 1.45 67.13 80.28
N ILE A 1745 2.53 67.77 80.76
CA ILE A 1745 2.53 69.01 81.60
C ILE A 1745 2.68 70.24 80.69
N ASN A 1746 1.56 70.69 80.11
CA ASN A 1746 1.48 71.85 79.18
C ASN A 1746 1.57 73.15 80.00
N ALA A 1747 1.57 74.30 79.34
CA ALA A 1747 1.72 75.66 79.94
C ALA A 1747 0.67 75.94 81.03
N ASN A 1748 -0.56 75.42 80.89
CA ASN A 1748 -1.73 75.71 81.78
C ASN A 1748 -1.55 75.06 83.16
N THR A 1749 -1.12 73.79 83.24
CA THR A 1749 -0.94 73.06 84.54
C THR A 1749 0.33 73.52 85.26
N ILE A 1750 1.27 74.20 84.58
CA ILE A 1750 2.45 74.87 85.21
C ILE A 1750 1.98 76.09 86.02
N GLU A 1751 1.15 76.95 85.44
CA GLU A 1751 0.74 78.28 85.99
C GLU A 1751 -0.55 78.16 86.84
N THR A 1752 -1.16 76.96 86.94
CA THR A 1752 -2.34 76.63 87.80
C THR A 1752 -1.85 75.89 89.07
N ALA A 1753 -0.82 75.03 88.93
CA ALA A 1753 -0.07 74.37 90.04
C ALA A 1753 0.86 75.35 90.74
N LYS A 1754 1.22 76.47 90.11
CA LYS A 1754 1.95 77.62 90.73
C LYS A 1754 1.02 78.46 91.60
N MET A 1755 -0.25 78.64 91.19
CA MET A 1755 -1.24 79.56 91.83
C MET A 1755 -1.75 78.98 93.15
N ILE A 1756 -2.07 77.68 93.18
CA ILE A 1756 -2.59 76.96 94.40
C ILE A 1756 -1.41 76.33 95.19
N GLU A 1757 -0.16 76.58 94.77
CA GLU A 1757 1.09 76.43 95.56
C GLU A 1757 1.40 77.74 96.32
N ASN A 1758 0.88 78.89 95.83
CA ASN A 1758 1.02 80.24 96.45
C ASN A 1758 0.08 80.41 97.67
N MET A 1759 -0.97 79.58 97.82
CA MET A 1759 -1.99 79.70 98.90
C MET A 1759 -2.10 78.39 99.73
N THR A 1760 -1.01 77.60 99.86
CA THR A 1760 -0.98 76.27 100.56
C THR A 1760 -0.37 76.47 101.96
N LYS A 1761 -0.96 77.41 102.73
CA LYS A 1761 -0.56 77.87 104.11
C LYS A 1761 0.90 78.37 104.12
N GLU A 1762 1.13 79.52 103.48
CA GLU A 1762 2.42 80.27 103.45
C GLU A 1762 2.12 81.76 103.29
N LYS A 1763 1.33 82.12 102.26
CA LYS A 1763 0.85 83.49 101.92
C LYS A 1763 -0.51 83.77 102.59
N VAL A 1764 -1.19 82.72 103.10
CA VAL A 1764 -2.60 82.77 103.62
C VAL A 1764 -2.59 82.63 105.16
N SER A 1765 -1.56 83.19 105.82
CA SER A 1765 -1.36 83.17 107.30
C SER A 1765 -2.42 84.04 108.00
N ASN A 1766 -2.65 85.28 107.51
CA ASN A 1766 -3.66 86.27 108.04
C ASN A 1766 -4.28 87.05 106.85
N GLY A 1767 -4.89 86.33 105.89
CA GLY A 1767 -5.51 86.91 104.67
C GLY A 1767 -6.58 85.98 104.07
N GLY A 1768 -7.82 86.47 103.96
CA GLY A 1768 -8.95 85.77 103.31
C GLY A 1768 -8.75 85.60 101.81
N VAL A 1769 -9.04 84.40 101.28
CA VAL A 1769 -8.72 83.93 99.89
C VAL A 1769 -10.02 83.78 99.09
N GLY A 1770 -9.88 83.61 97.77
CA GLY A 1770 -10.99 83.42 96.83
C GLY A 1770 -10.54 82.71 95.55
N VAL A 1771 -10.89 81.42 95.42
CA VAL A 1771 -10.75 80.60 94.18
C VAL A 1771 -12.06 80.77 93.38
N ASP A 1772 -11.95 81.16 92.10
CA ASP A 1772 -13.09 81.19 91.14
C ASP A 1772 -12.61 80.73 89.75
N VAL A 1773 -13.17 79.60 89.26
CA VAL A 1773 -13.02 79.11 87.86
C VAL A 1773 -14.27 79.56 87.09
N GLU A 1774 -14.11 79.85 85.79
CA GLU A 1774 -15.19 80.14 84.82
C GLU A 1774 -14.83 79.47 83.48
N LEU A 1775 -15.70 78.58 82.97
CA LEU A 1775 -15.47 77.86 81.69
C LEU A 1775 -15.64 78.84 80.51
N ILE A 1776 -14.78 78.71 79.49
CA ILE A 1776 -14.67 79.62 78.30
C ILE A 1776 -16.02 79.68 77.54
N THR A 1777 -16.73 78.55 77.42
CA THR A 1777 -18.00 78.40 76.62
C THR A 1777 -19.16 79.20 77.25
N SER A 1778 -19.14 79.40 78.58
CA SER A 1778 -20.15 80.18 79.35
C SER A 1778 -19.91 81.71 79.24
N ILE A 1779 -18.81 82.14 78.58
CA ILE A 1779 -18.56 83.55 78.16
C ILE A 1779 -19.05 83.71 76.69
N ASN A 1780 -19.95 84.69 76.44
CA ASN A 1780 -20.34 85.20 75.09
C ASN A 1780 -19.73 86.61 74.95
N VAL A 1781 -18.92 86.81 73.89
CA VAL A 1781 -18.17 88.06 73.52
C VAL A 1781 -19.11 89.05 72.79
N GLU A 1782 -20.00 88.55 71.91
CA GLU A 1782 -20.93 89.37 71.05
C GLU A 1782 -22.21 89.75 71.83
N ASN A 1783 -22.44 89.14 73.02
CA ASN A 1783 -23.46 89.58 74.02
C ASN A 1783 -22.89 90.80 74.78
N ASP A 1784 -23.27 92.02 74.35
CA ASP A 1784 -22.67 93.33 74.75
C ASP A 1784 -23.43 93.97 75.94
N THR A 1785 -24.54 93.37 76.40
CA THR A 1785 -25.26 93.74 77.67
C THR A 1785 -24.42 93.26 78.88
N PHE A 1786 -23.85 92.04 78.77
CA PHE A 1786 -22.93 91.43 79.78
C PHE A 1786 -21.58 92.18 79.80
N ILE A 1787 -21.02 92.50 78.62
CA ILE A 1787 -19.61 92.98 78.41
C ILE A 1787 -19.51 94.47 78.81
N GLU A 1788 -20.51 95.31 78.50
CA GLU A 1788 -20.58 96.74 78.91
C GLU A 1788 -20.68 96.88 80.45
N ARG A 1789 -21.66 96.21 81.06
CA ARG A 1789 -22.10 96.37 82.48
C ARG A 1789 -21.03 95.91 83.49
N ASN A 1790 -20.27 94.83 83.17
CA ASN A 1790 -19.40 94.08 84.13
C ASN A 1790 -17.90 94.32 83.85
N PHE A 1791 -17.54 95.04 82.76
CA PHE A 1791 -16.12 95.33 82.37
C PHE A 1791 -15.93 96.84 82.13
N THR A 1792 -14.73 97.35 82.49
CA THR A 1792 -14.27 98.76 82.27
C THR A 1792 -13.73 98.88 80.84
N PRO A 1793 -13.69 100.10 80.24
CA PRO A 1793 -13.06 100.33 78.92
C PRO A 1793 -11.58 99.90 78.74
N GLN A 1794 -10.80 99.79 79.82
CA GLN A 1794 -9.38 99.34 79.82
C GLN A 1794 -9.27 97.81 79.72
N GLU A 1795 -10.22 97.05 80.30
CA GLU A 1795 -10.28 95.56 80.31
C GLU A 1795 -10.84 95.02 78.97
N ILE A 1796 -11.80 95.75 78.36
CA ILE A 1796 -12.39 95.42 77.02
C ILE A 1796 -11.35 95.69 75.93
N GLU A 1797 -10.56 96.78 76.06
CA GLU A 1797 -9.44 97.16 75.14
C GLU A 1797 -8.37 96.06 75.14
N TYR A 1798 -7.99 95.55 76.33
CA TYR A 1798 -6.94 94.51 76.53
C TYR A 1798 -7.44 93.15 76.02
N CYS A 1799 -8.60 92.70 76.51
CA CYS A 1799 -9.24 91.38 76.19
C CYS A 1799 -9.49 91.26 74.66
N SER A 1800 -10.07 92.30 74.03
CA SER A 1800 -10.43 92.37 72.57
C SER A 1800 -9.18 92.39 71.68
N ALA A 1801 -8.01 92.78 72.20
CA ALA A 1801 -6.71 92.81 71.49
C ALA A 1801 -6.02 91.43 71.49
N GLN A 1802 -6.38 90.52 72.42
CA GLN A 1802 -5.71 89.19 72.61
C GLN A 1802 -6.09 88.24 71.47
N PRO A 1803 -5.29 87.15 71.21
CA PRO A 1803 -5.59 86.19 70.13
C PRO A 1803 -6.93 85.45 70.33
N SER A 1804 -7.10 84.75 71.46
CA SER A 1804 -8.38 84.17 71.96
C SER A 1804 -9.02 85.17 72.95
N VAL A 1805 -10.01 85.94 72.46
CA VAL A 1805 -10.70 87.07 73.17
C VAL A 1805 -11.63 86.49 74.24
N GLN A 1806 -12.35 85.40 73.93
CA GLN A 1806 -13.27 84.64 74.84
C GLN A 1806 -12.47 84.05 76.01
N SER A 1807 -11.28 83.49 75.72
CA SER A 1807 -10.33 82.92 76.71
C SER A 1807 -9.83 83.99 77.69
N SER A 1808 -9.66 85.23 77.22
CA SER A 1808 -9.07 86.39 77.96
C SER A 1808 -10.15 87.10 78.81
N PHE A 1809 -11.40 87.19 78.34
CA PHE A 1809 -12.59 87.69 79.11
C PHE A 1809 -12.90 86.76 80.30
N ALA A 1810 -12.77 85.44 80.12
CA ALA A 1810 -12.93 84.40 81.17
C ALA A 1810 -11.76 84.45 82.18
N GLY A 1811 -10.62 85.03 81.78
CA GLY A 1811 -9.48 85.31 82.67
C GLY A 1811 -9.76 86.48 83.60
N THR A 1812 -10.31 87.58 83.06
CA THR A 1812 -10.68 88.85 83.77
C THR A 1812 -11.94 88.65 84.63
N TRP A 1813 -12.92 87.88 84.13
CA TRP A 1813 -14.18 87.50 84.83
C TRP A 1813 -13.90 86.59 86.04
N SER A 1814 -12.98 85.63 85.88
CA SER A 1814 -12.46 84.75 86.95
C SER A 1814 -11.84 85.59 88.08
N ALA A 1815 -11.10 86.65 87.73
CA ALA A 1815 -10.35 87.54 88.66
C ALA A 1815 -11.29 88.46 89.47
N LYS A 1816 -12.36 88.99 88.84
CA LYS A 1816 -13.39 89.87 89.48
C LYS A 1816 -14.19 89.10 90.55
N GLU A 1817 -14.65 87.89 90.24
CA GLU A 1817 -15.36 86.96 91.18
C GLU A 1817 -14.40 86.49 92.30
N ALA A 1818 -13.11 86.24 92.00
CA ALA A 1818 -12.09 85.74 92.95
C ALA A 1818 -11.76 86.82 94.01
N VAL A 1819 -11.53 88.06 93.55
CA VAL A 1819 -11.30 89.28 94.41
C VAL A 1819 -12.52 89.49 95.32
N PHE A 1820 -13.75 89.49 94.78
CA PHE A 1820 -15.05 89.72 95.48
C PHE A 1820 -15.26 88.71 96.62
N LYS A 1821 -14.87 87.44 96.42
CA LYS A 1821 -14.89 86.37 97.47
C LYS A 1821 -13.84 86.64 98.54
N SER A 1822 -12.60 87.02 98.13
CA SER A 1822 -11.40 87.26 98.99
C SER A 1822 -11.64 88.40 100.00
N LEU A 1823 -12.39 89.44 99.61
CA LEU A 1823 -12.79 90.60 100.47
C LEU A 1823 -13.75 90.15 101.60
N GLY A 1824 -14.49 89.04 101.39
CA GLY A 1824 -15.40 88.40 102.37
C GLY A 1824 -16.82 88.95 102.33
N VAL A 1825 -17.09 89.96 101.49
CA VAL A 1825 -18.38 90.71 101.41
C VAL A 1825 -19.42 89.86 100.64
N LYS A 1826 -20.57 89.60 101.27
CA LYS A 1826 -21.68 88.74 100.75
C LYS A 1826 -22.37 89.42 99.56
N SER A 1827 -22.62 90.75 99.65
CA SER A 1827 -23.32 91.58 98.64
C SER A 1827 -22.82 93.05 98.71
N LEU A 1828 -22.76 93.73 97.55
CA LEU A 1828 -22.42 95.19 97.40
C LEU A 1828 -23.71 96.05 97.36
N GLY A 1829 -24.89 95.41 97.25
CA GLY A 1829 -26.23 96.05 97.21
C GLY A 1829 -27.05 95.56 96.02
N GLY A 1830 -27.68 94.38 96.18
CA GLY A 1830 -28.56 93.73 95.17
C GLY A 1830 -27.76 93.06 94.05
N GLY A 1831 -27.99 93.49 92.80
CA GLY A 1831 -27.46 92.89 91.55
C GLY A 1831 -25.97 93.18 91.32
N ALA A 1832 -25.20 92.15 90.92
CA ALA A 1832 -23.73 92.19 90.74
C ALA A 1832 -23.36 93.00 89.47
N ALA A 1833 -22.87 94.24 89.67
CA ALA A 1833 -22.12 95.07 88.68
C ALA A 1833 -20.65 95.15 89.13
N LEU A 1834 -19.82 94.20 88.65
CA LEU A 1834 -18.38 94.01 89.01
C LEU A 1834 -17.46 94.88 88.11
N LYS A 1835 -17.99 95.96 87.51
CA LYS A 1835 -17.21 97.07 86.89
C LYS A 1835 -16.29 97.72 87.95
N ASP A 1836 -16.83 97.89 89.18
CA ASP A 1836 -16.17 98.45 90.39
C ASP A 1836 -14.75 97.87 90.52
N ILE A 1837 -14.66 96.53 90.64
CA ILE A 1837 -13.38 95.75 90.72
C ILE A 1837 -12.79 95.69 89.31
N GLU A 1838 -11.82 96.57 89.02
CA GLU A 1838 -11.05 96.58 87.75
C GLU A 1838 -9.76 95.74 87.93
N ILE A 1839 -9.41 94.97 86.89
CA ILE A 1839 -8.13 94.21 86.73
C ILE A 1839 -7.32 94.91 85.62
N VAL A 1840 -6.32 95.73 86.01
CA VAL A 1840 -5.32 96.37 85.08
C VAL A 1840 -4.30 95.29 84.67
N ARG A 1841 -4.34 94.88 83.39
CA ARG A 1841 -3.60 93.71 82.84
C ARG A 1841 -2.50 94.20 81.88
N VAL A 1842 -1.29 94.40 82.41
CA VAL A 1842 -0.03 94.64 81.62
C VAL A 1842 0.60 93.24 81.33
N ASN A 1843 1.07 93.04 80.08
CA ASN A 1843 1.52 91.73 79.52
C ASN A 1843 2.74 91.16 80.29
N LYS A 1844 2.53 90.02 80.99
CA LYS A 1844 3.51 89.19 81.76
C LYS A 1844 3.57 89.64 83.24
N ASN A 1845 3.45 90.95 83.52
CA ASN A 1845 3.19 91.54 84.88
C ASN A 1845 1.96 90.84 85.49
N ALA A 1846 2.10 90.31 86.73
CA ALA A 1846 0.98 89.79 87.56
C ALA A 1846 -0.11 90.87 87.63
N PRO A 1847 -1.35 90.60 87.13
CA PRO A 1847 -2.35 91.66 86.93
C PRO A 1847 -2.83 92.37 88.22
N ALA A 1848 -2.63 93.69 88.28
CA ALA A 1848 -2.90 94.56 89.46
C ALA A 1848 -4.41 94.87 89.58
N VAL A 1849 -4.94 94.88 90.81
CA VAL A 1849 -6.37 95.14 91.17
C VAL A 1849 -6.49 96.59 91.69
N GLU A 1850 -7.15 97.46 90.89
CA GLU A 1850 -7.69 98.78 91.34
C GLU A 1850 -9.20 98.62 91.51
N LEU A 1851 -9.77 99.15 92.61
CA LEU A 1851 -11.20 98.97 93.00
C LEU A 1851 -11.82 100.33 93.36
N HIS A 1852 -12.98 100.63 92.75
CA HIS A 1852 -13.63 101.98 92.69
C HIS A 1852 -15.08 101.93 93.20
N GLY A 1853 -15.68 103.10 93.47
CA GLY A 1853 -17.10 103.30 93.81
C GLY A 1853 -17.51 102.66 95.14
N ASN A 1854 -18.33 101.59 95.08
CA ASN A 1854 -18.95 100.89 96.24
C ASN A 1854 -18.08 99.71 96.71
N ALA A 1855 -17.31 99.04 95.82
CA ALA A 1855 -16.41 97.90 96.15
C ALA A 1855 -15.16 98.39 96.93
N LYS A 1856 -14.75 99.65 96.71
CA LYS A 1856 -13.65 100.35 97.45
C LYS A 1856 -14.06 100.59 98.91
N LYS A 1857 -15.32 101.04 99.12
CA LYS A 1857 -15.97 101.34 100.44
C LYS A 1857 -15.97 100.08 101.34
N ALA A 1858 -16.48 98.93 100.83
CA ALA A 1858 -16.72 97.66 101.57
C ALA A 1858 -15.42 96.86 101.80
N ALA A 1859 -14.30 97.24 101.13
CA ALA A 1859 -12.93 96.72 101.35
C ALA A 1859 -12.23 97.53 102.46
N GLU A 1860 -12.27 98.87 102.39
CA GLU A 1860 -11.67 99.82 103.38
C GLU A 1860 -12.50 99.89 104.68
N GLU A 1861 -13.74 99.35 104.67
CA GLU A 1861 -14.67 99.20 105.83
C GLU A 1861 -14.49 97.82 106.52
N ALA A 1862 -13.87 96.85 105.82
CA ALA A 1862 -13.56 95.46 106.31
C ALA A 1862 -12.06 95.31 106.64
N GLY A 1863 -11.26 96.39 106.59
CA GLY A 1863 -9.80 96.39 106.89
C GLY A 1863 -8.98 95.68 105.81
N VAL A 1864 -8.70 96.38 104.70
CA VAL A 1864 -7.88 95.91 103.54
C VAL A 1864 -6.94 97.06 103.08
N THR A 1865 -5.65 96.75 102.86
CA THR A 1865 -4.59 97.68 102.34
C THR A 1865 -4.09 97.22 100.96
N ASP A 1866 -3.87 95.90 100.76
CA ASP A 1866 -3.38 95.29 99.49
C ASP A 1866 -4.34 94.15 99.06
N VAL A 1867 -4.53 93.97 97.73
CA VAL A 1867 -5.26 92.83 97.09
C VAL A 1867 -4.45 92.35 95.86
N LYS A 1868 -3.91 91.12 95.92
CA LYS A 1868 -3.24 90.42 94.78
C LYS A 1868 -4.30 89.68 93.95
N VAL A 1869 -3.91 89.21 92.74
CA VAL A 1869 -4.66 88.21 91.92
C VAL A 1869 -3.73 87.62 90.84
N SER A 1870 -3.78 86.30 90.66
CA SER A 1870 -3.08 85.51 89.61
C SER A 1870 -4.12 84.79 88.73
N ILE A 1871 -3.93 84.80 87.40
CA ILE A 1871 -4.88 84.22 86.39
C ILE A 1871 -4.11 83.24 85.48
N SER A 1872 -4.65 82.03 85.31
CA SER A 1872 -4.35 81.08 84.21
C SER A 1872 -5.65 80.80 83.44
N HIS A 1873 -5.62 80.96 82.11
CA HIS A 1873 -6.72 80.64 81.18
C HIS A 1873 -6.15 79.82 80.01
N ASP A 1874 -6.99 78.95 79.43
CA ASP A 1874 -6.70 78.22 78.16
C ASP A 1874 -8.03 78.07 77.39
N ASP A 1875 -8.28 76.93 76.73
CA ASP A 1875 -9.50 76.68 75.92
C ASP A 1875 -10.65 76.17 76.79
N LEU A 1876 -10.41 75.77 78.06
CA LEU A 1876 -11.46 75.26 78.99
C LEU A 1876 -11.55 76.11 80.27
N GLN A 1877 -10.73 75.82 81.29
CA GLN A 1877 -10.85 76.37 82.67
C GLN A 1877 -9.95 77.62 82.74
N ALA A 1878 -10.56 78.81 82.84
CA ALA A 1878 -9.94 80.05 83.35
C ALA A 1878 -10.14 80.12 84.87
N VAL A 1879 -9.04 79.97 85.64
CA VAL A 1879 -9.02 79.98 87.14
C VAL A 1879 -8.27 81.25 87.61
N ALA A 1880 -8.73 81.85 88.72
CA ALA A 1880 -8.12 83.03 89.37
C ALA A 1880 -8.13 82.85 90.90
N VAL A 1881 -6.99 83.15 91.53
CA VAL A 1881 -6.78 83.16 93.01
C VAL A 1881 -6.46 84.60 93.44
N ALA A 1882 -7.23 85.12 94.42
CA ALA A 1882 -7.05 86.48 95.01
C ALA A 1882 -6.92 86.36 96.54
N VAL A 1883 -5.84 86.93 97.10
CA VAL A 1883 -5.63 87.13 98.58
C VAL A 1883 -5.80 88.62 98.90
N SER A 1884 -6.29 88.95 100.10
CA SER A 1884 -6.59 90.33 100.58
C SER A 1884 -6.15 90.51 102.05
N THR A 1885 -4.95 91.07 102.26
CA THR A 1885 -4.34 91.35 103.60
C THR A 1885 -4.80 92.75 104.09
N LYS A 1886 -4.44 93.12 105.33
CA LYS A 1886 -4.79 94.43 105.97
C LYS A 1886 -3.86 95.53 105.41
N SER B 1 102.00 83.93 -21.86
CA SER B 1 100.71 83.28 -22.32
C SER B 1 100.39 82.03 -21.49
N THR B 2 99.10 81.87 -21.10
CA THR B 2 98.59 80.84 -20.15
C THR B 2 97.61 79.92 -20.89
N ARG B 3 97.62 78.62 -20.55
CA ARG B 3 96.78 77.56 -21.16
C ARG B 3 95.75 77.11 -20.12
N PRO B 4 94.42 77.32 -20.37
CA PRO B 4 93.35 76.79 -19.50
C PRO B 4 93.43 75.30 -19.12
N LEU B 5 93.66 75.02 -17.84
CA LEU B 5 93.72 73.65 -17.25
C LEU B 5 92.57 73.49 -16.25
N THR B 6 91.50 72.80 -16.66
CA THR B 6 90.23 72.65 -15.90
C THR B 6 90.40 71.52 -14.86
N LEU B 7 90.81 71.89 -13.64
CA LEU B 7 90.65 71.05 -12.42
C LEU B 7 89.14 70.83 -12.23
N SER B 8 88.71 69.57 -12.21
CA SER B 8 87.28 69.17 -12.26
C SER B 8 87.04 67.98 -11.36
N HIS B 9 85.80 67.85 -10.88
CA HIS B 9 85.31 66.64 -10.15
C HIS B 9 83.80 66.56 -10.39
N GLY B 10 83.39 65.60 -11.24
CA GLY B 10 82.05 65.52 -11.84
C GLY B 10 81.45 66.89 -12.09
N SER B 11 80.29 67.16 -11.49
CA SER B 11 79.45 68.37 -11.69
C SER B 11 80.32 69.64 -11.78
N LEU B 12 80.99 69.99 -10.66
CA LEU B 12 81.68 71.31 -10.44
C LEU B 12 83.15 71.21 -10.86
N GLU B 13 83.79 72.37 -11.05
CA GLU B 13 85.18 72.51 -11.57
C GLU B 13 85.72 73.93 -11.34
N HIS B 14 87.02 74.11 -11.61
CA HIS B 14 87.76 75.40 -11.50
C HIS B 14 88.80 75.49 -12.63
N VAL B 15 88.77 76.61 -13.37
CA VAL B 15 89.64 76.85 -14.56
C VAL B 15 90.93 77.53 -14.11
N LEU B 16 92.04 76.81 -14.15
CA LEU B 16 93.36 77.27 -13.66
C LEU B 16 94.18 77.79 -14.85
N LEU B 17 94.65 79.05 -14.80
CA LEU B 17 95.39 79.70 -15.92
C LEU B 17 96.91 79.47 -15.74
N VAL B 18 97.39 78.34 -16.24
CA VAL B 18 98.79 77.84 -16.09
C VAL B 18 99.66 78.55 -17.12
N PRO B 19 100.79 79.22 -16.74
CA PRO B 19 101.79 79.66 -17.72
C PRO B 19 102.31 78.48 -18.56
N THR B 20 102.33 78.64 -19.89
CA THR B 20 102.58 77.59 -20.94
C THR B 20 104.04 77.07 -20.80
N ALA B 21 104.98 77.89 -20.25
CA ALA B 21 106.38 77.52 -19.91
C ALA B 21 106.44 76.34 -18.92
N SER B 22 105.37 76.13 -18.14
CA SER B 22 105.24 75.09 -17.08
C SER B 22 103.89 74.36 -17.21
N PHE B 23 103.36 74.18 -18.42
CA PHE B 23 102.12 73.40 -18.66
C PHE B 23 102.44 71.89 -18.67
N PHE B 24 103.62 71.50 -19.17
CA PHE B 24 104.14 70.10 -19.19
C PHE B 24 103.97 69.46 -17.80
N ILE B 25 104.44 70.18 -16.78
CA ILE B 25 104.51 69.69 -15.36
C ILE B 25 103.09 69.69 -14.77
N ALA B 26 102.29 70.74 -15.03
CA ALA B 26 100.94 70.92 -14.45
C ALA B 26 99.93 69.91 -15.03
N SER B 27 100.07 69.54 -16.31
CA SER B 27 99.22 68.53 -17.02
C SER B 27 99.48 67.13 -16.45
N GLN B 28 100.76 66.83 -16.17
CA GLN B 28 101.25 65.65 -15.39
C GLN B 28 100.43 65.53 -14.10
N LEU B 29 100.37 66.62 -13.31
CA LEU B 29 99.72 66.69 -11.96
C LEU B 29 98.19 66.66 -12.09
N GLN B 30 97.62 67.25 -13.15
CA GLN B 30 96.16 67.16 -13.48
C GLN B 30 95.79 65.68 -13.60
N GLU B 31 96.60 64.89 -14.33
CA GLU B 31 96.42 63.42 -14.53
C GLU B 31 96.37 62.73 -13.16
N GLN B 32 97.52 62.69 -12.47
CA GLN B 32 97.75 61.89 -11.23
C GLN B 32 96.63 62.19 -10.23
N PHE B 33 96.36 63.48 -9.98
CA PHE B 33 95.31 63.98 -9.06
C PHE B 33 93.93 63.41 -9.44
N ASN B 34 93.62 63.35 -10.75
CA ASN B 34 92.25 63.15 -11.29
C ASN B 34 91.75 61.72 -11.02
N LYS B 35 92.66 60.76 -10.84
CA LYS B 35 92.32 59.32 -10.59
C LYS B 35 92.11 59.09 -9.07
N ILE B 36 92.96 59.71 -8.22
CA ILE B 36 93.14 59.36 -6.78
C ILE B 36 91.89 59.77 -5.98
N LEU B 37 91.31 60.93 -6.26
CA LEU B 37 90.03 61.35 -5.63
C LEU B 37 88.92 60.44 -6.15
N PRO B 38 87.80 60.25 -5.40
CA PRO B 38 86.73 59.33 -5.80
C PRO B 38 85.84 59.86 -6.94
N GLU B 39 84.70 59.18 -7.14
CA GLU B 39 83.67 59.53 -8.16
C GLU B 39 82.54 60.29 -7.45
N PRO B 40 81.87 61.23 -8.15
CA PRO B 40 80.73 61.95 -7.60
C PRO B 40 79.63 61.07 -6.99
N THR B 41 78.92 61.58 -5.97
CA THR B 41 77.80 60.90 -5.26
C THR B 41 76.69 61.93 -4.98
N GLU B 42 76.06 62.45 -6.06
CA GLU B 42 74.78 63.24 -6.07
C GLU B 42 74.69 64.18 -4.85
N GLY B 43 75.28 65.37 -4.97
CA GLY B 43 75.33 66.42 -3.92
C GLY B 43 76.62 66.37 -3.10
N PHE B 44 77.49 65.38 -3.35
CA PHE B 44 78.87 65.24 -2.78
C PHE B 44 78.80 64.95 -1.28
N ALA B 45 77.95 63.99 -0.90
CA ALA B 45 77.59 63.65 0.49
C ALA B 45 78.59 62.65 1.12
N ALA B 46 79.62 62.21 0.38
CA ALA B 46 80.71 61.31 0.88
C ALA B 46 81.83 62.14 1.53
N ASP B 47 82.83 61.48 2.14
CA ASP B 47 83.86 62.08 3.04
C ASP B 47 85.27 62.04 2.43
N ASP B 48 85.41 62.02 1.10
CA ASP B 48 86.70 62.29 0.41
C ASP B 48 86.52 63.20 -0.82
N GLU B 49 85.28 63.67 -1.10
CA GLU B 49 84.94 64.42 -2.35
C GLU B 49 84.63 65.87 -2.00
N PRO B 50 85.29 66.86 -2.65
CA PRO B 50 85.04 68.27 -2.36
C PRO B 50 83.69 68.75 -2.92
N THR B 51 82.93 69.51 -2.12
CA THR B 51 81.53 69.94 -2.36
C THR B 51 81.48 71.38 -2.92
N THR B 52 82.64 72.02 -3.12
CA THR B 52 82.74 73.38 -3.71
C THR B 52 83.99 73.49 -4.58
N PRO B 53 84.02 74.47 -5.51
CA PRO B 53 85.24 74.80 -6.26
C PRO B 53 86.45 75.03 -5.35
N ALA B 54 86.22 75.70 -4.21
CA ALA B 54 87.25 76.12 -3.22
C ALA B 54 87.94 74.89 -2.61
N GLU B 55 87.16 73.92 -2.11
CA GLU B 55 87.69 72.66 -1.52
C GLU B 55 88.50 71.90 -2.59
N LEU B 56 87.99 71.88 -3.83
CA LEU B 56 88.64 71.17 -4.98
C LEU B 56 90.07 71.66 -5.17
N VAL B 57 90.29 72.99 -5.18
CA VAL B 57 91.65 73.58 -5.32
C VAL B 57 92.39 73.38 -3.99
N GLY B 58 91.68 73.28 -2.87
CA GLY B 58 92.22 72.81 -1.58
C GLY B 58 92.85 71.43 -1.73
N LYS B 59 92.04 70.40 -1.99
CA LYS B 59 92.49 69.00 -2.26
C LYS B 59 93.76 69.04 -3.11
N PHE B 60 93.74 69.83 -4.19
CA PHE B 60 94.83 69.92 -5.19
C PHE B 60 96.13 70.33 -4.49
N LEU B 61 96.14 71.49 -3.81
CA LEU B 61 97.33 72.03 -3.11
C LEU B 61 97.88 70.96 -2.15
N GLY B 62 96.99 70.29 -1.40
CA GLY B 62 97.33 69.17 -0.52
C GLY B 62 98.21 68.17 -1.25
N TYR B 63 97.68 67.59 -2.34
CA TYR B 63 98.36 66.59 -3.20
C TYR B 63 99.76 67.11 -3.59
N VAL B 64 99.82 68.34 -4.09
CA VAL B 64 101.04 68.96 -4.67
C VAL B 64 102.08 69.20 -3.55
N SER B 65 101.63 69.57 -2.34
CA SER B 65 102.49 69.79 -1.16
C SER B 65 103.19 68.49 -0.73
N SER B 66 102.48 67.36 -0.81
CA SER B 66 103.00 66.00 -0.45
C SER B 66 104.18 65.61 -1.36
N LEU B 67 104.21 66.10 -2.61
CA LEU B 67 105.25 65.74 -3.61
C LEU B 67 106.47 66.68 -3.54
N VAL B 68 106.39 67.77 -2.76
CA VAL B 68 107.52 68.75 -2.63
C VAL B 68 108.42 68.31 -1.48
N GLU B 69 109.74 68.29 -1.74
CA GLU B 69 110.83 68.29 -0.71
C GLU B 69 110.92 69.70 -0.11
N PRO B 70 110.97 69.85 1.24
CA PRO B 70 111.00 71.17 1.88
C PRO B 70 112.34 71.94 1.85
N SER B 71 113.44 71.31 1.39
CA SER B 71 114.78 71.94 1.15
C SER B 71 115.10 71.94 -0.36
N LYS B 72 115.12 70.75 -0.98
CA LYS B 72 115.47 70.49 -2.42
C LYS B 72 114.51 71.26 -3.35
N VAL B 73 115.06 72.12 -4.23
CA VAL B 73 114.26 72.92 -5.22
C VAL B 73 113.81 71.95 -6.33
N GLY B 74 112.72 71.21 -6.07
CA GLY B 74 112.18 70.15 -6.94
C GLY B 74 111.46 70.72 -8.17
N GLN B 75 110.93 69.79 -8.99
CA GLN B 75 110.30 70.09 -10.30
C GLN B 75 108.96 70.83 -10.10
N PHE B 76 108.23 70.58 -9.00
CA PHE B 76 106.81 71.01 -8.79
C PHE B 76 106.67 72.26 -7.90
N ASP B 77 107.70 73.12 -7.80
CA ASP B 77 107.71 74.32 -6.90
C ASP B 77 106.92 75.47 -7.54
N GLN B 78 107.30 75.87 -8.76
CA GLN B 78 106.72 77.02 -9.54
C GLN B 78 105.24 76.74 -9.88
N VAL B 79 104.83 75.47 -9.84
CA VAL B 79 103.40 75.06 -9.99
C VAL B 79 102.66 75.46 -8.72
N LEU B 80 103.21 75.10 -7.55
CA LEU B 80 102.55 75.29 -6.24
C LEU B 80 102.38 76.80 -6.01
N ASN B 81 103.46 77.58 -6.15
CA ASN B 81 103.46 79.06 -5.99
C ASN B 81 102.32 79.70 -6.82
N LEU B 82 101.95 79.13 -7.98
CA LEU B 82 100.92 79.71 -8.91
C LEU B 82 99.54 79.04 -8.76
N CYS B 83 99.43 77.96 -7.99
CA CYS B 83 98.13 77.37 -7.57
C CYS B 83 97.61 78.09 -6.30
N LEU B 84 98.52 78.52 -5.42
CA LEU B 84 98.22 79.37 -4.24
C LEU B 84 97.65 80.70 -4.70
N THR B 85 98.40 81.41 -5.55
CA THR B 85 98.11 82.79 -6.01
C THR B 85 96.80 82.80 -6.79
N GLU B 86 96.40 81.67 -7.40
CA GLU B 86 95.03 81.48 -7.94
C GLU B 86 94.06 81.38 -6.75
N PHE B 87 94.36 80.52 -5.78
CA PHE B 87 93.50 80.22 -4.60
C PHE B 87 93.27 81.50 -3.77
N GLU B 88 94.34 82.27 -3.53
CA GLU B 88 94.35 83.55 -2.77
C GLU B 88 93.46 84.60 -3.47
N ASN B 89 93.61 84.80 -4.77
CA ASN B 89 92.98 85.93 -5.51
C ASN B 89 91.53 85.61 -5.89
N CYS B 90 91.11 84.35 -5.81
CA CYS B 90 89.75 83.90 -6.20
C CYS B 90 88.82 83.78 -4.99
N TYR B 91 89.27 83.05 -3.96
CA TYR B 91 88.44 82.52 -2.84
C TYR B 91 88.76 83.20 -1.50
N LEU B 92 89.86 83.96 -1.45
CA LEU B 92 90.54 84.40 -0.21
C LEU B 92 90.85 85.89 -0.31
N GLU B 93 89.83 86.69 -0.63
CA GLU B 93 89.94 88.12 -1.07
C GLU B 93 90.57 88.96 0.06
N GLY B 94 91.88 88.82 0.28
CA GLY B 94 92.64 89.46 1.37
C GLY B 94 92.39 88.82 2.73
N ASN B 95 91.21 88.21 2.92
CA ASN B 95 90.72 87.61 4.19
C ASN B 95 91.59 86.38 4.51
N ASP B 96 91.42 85.82 5.72
CA ASP B 96 92.20 84.63 6.18
C ASP B 96 91.39 83.37 5.86
N ILE B 97 92.12 82.26 5.73
CA ILE B 97 91.59 80.91 5.38
C ILE B 97 90.45 80.52 6.32
N HIS B 98 90.53 80.91 7.59
CA HIS B 98 89.50 80.59 8.61
C HIS B 98 88.17 81.27 8.29
N ALA B 99 88.21 82.50 7.75
CA ALA B 99 87.00 83.25 7.35
C ALA B 99 86.31 82.49 6.21
N LEU B 100 87.08 82.07 5.21
CA LEU B 100 86.60 81.25 4.07
C LEU B 100 85.87 80.02 4.61
N ALA B 101 86.56 79.24 5.44
CA ALA B 101 86.06 77.98 6.05
C ALA B 101 84.69 78.19 6.70
N ALA B 102 84.47 79.34 7.37
CA ALA B 102 83.18 79.68 8.02
C ALA B 102 82.08 79.89 6.97
N LYS B 103 82.32 80.78 5.99
CA LYS B 103 81.38 81.02 4.86
C LYS B 103 80.84 79.67 4.36
N LEU B 104 81.75 78.72 4.10
CA LEU B 104 81.45 77.39 3.50
C LEU B 104 80.54 76.56 4.42
N LEU B 105 80.60 76.73 5.75
CA LEU B 105 79.72 75.98 6.69
C LEU B 105 78.26 76.45 6.56
N GLN B 106 78.01 77.77 6.55
CA GLN B 106 76.63 78.34 6.64
C GLN B 106 76.02 78.48 5.22
N GLU B 107 76.76 79.00 4.25
CA GLU B 107 76.25 79.19 2.85
C GLU B 107 76.02 77.82 2.19
N ASN B 108 77.07 77.02 2.02
CA ASN B 108 77.01 75.69 1.36
C ASN B 108 76.54 74.64 2.40
N ASP B 109 76.69 73.35 2.08
CA ASP B 109 76.54 72.21 3.04
C ASP B 109 77.81 71.36 2.98
N THR B 110 78.87 71.85 3.64
CA THR B 110 80.11 71.12 3.97
C THR B 110 80.08 70.82 5.48
N THR B 111 80.70 69.71 5.87
CA THR B 111 80.88 69.29 7.27
C THR B 111 82.12 69.99 7.85
N LEU B 112 82.30 69.92 9.18
CA LEU B 112 83.50 70.45 9.90
C LEU B 112 84.75 69.76 9.31
N VAL B 113 84.76 68.42 9.34
CA VAL B 113 85.91 67.54 8.98
C VAL B 113 86.42 67.90 7.57
N LYS B 114 85.48 68.22 6.67
CA LYS B 114 85.72 68.56 5.25
C LYS B 114 86.53 69.86 5.13
N THR B 115 86.22 70.84 5.96
CA THR B 115 86.77 72.23 5.87
C THR B 115 88.03 72.37 6.73
N LYS B 116 88.21 71.55 7.77
CA LYS B 116 89.51 71.41 8.49
C LYS B 116 90.58 70.90 7.50
N GLU B 117 90.17 69.95 6.64
CA GLU B 117 90.97 69.41 5.52
C GLU B 117 91.45 70.60 4.67
N LEU B 118 90.51 71.42 4.18
CA LEU B 118 90.78 72.64 3.36
C LEU B 118 91.80 73.53 4.08
N ILE B 119 91.57 73.78 5.38
CA ILE B 119 92.45 74.61 6.25
C ILE B 119 93.85 74.00 6.24
N LYS B 120 93.97 72.70 6.52
CA LYS B 120 95.29 71.99 6.55
C LYS B 120 95.98 72.25 5.22
N ASN B 121 95.27 71.96 4.13
CA ASN B 121 95.84 71.95 2.75
C ASN B 121 96.50 73.30 2.50
N TYR B 122 95.76 74.40 2.73
CA TYR B 122 96.26 75.79 2.54
C TYR B 122 97.50 76.06 3.40
N ILE B 123 97.44 75.75 4.69
CA ILE B 123 98.48 76.14 5.69
C ILE B 123 99.73 75.29 5.44
N THR B 124 99.55 74.00 5.17
CA THR B 124 100.64 73.05 4.81
C THR B 124 101.37 73.67 3.61
N ALA B 125 100.62 73.93 2.53
CA ALA B 125 101.09 74.49 1.25
C ALA B 125 102.04 75.66 1.52
N ARG B 126 101.54 76.72 2.15
CA ARG B 126 102.24 78.01 2.39
C ARG B 126 103.66 77.80 2.91
N ILE B 127 103.90 76.78 3.75
CA ILE B 127 105.23 76.54 4.39
C ILE B 127 106.12 75.74 3.42
N MET B 128 105.54 74.79 2.66
CA MET B 128 106.21 73.97 1.61
C MET B 128 106.59 74.86 0.41
N ALA B 129 105.87 75.97 0.18
CA ALA B 129 106.16 76.96 -0.89
C ALA B 129 107.22 77.98 -0.46
N LYS B 130 107.80 77.85 0.75
CA LYS B 130 108.74 78.82 1.39
C LYS B 130 108.13 80.24 1.34
N ARG B 131 106.81 80.34 1.62
CA ARG B 131 106.06 81.61 1.76
C ARG B 131 105.42 81.63 3.15
N PRO B 132 106.23 81.84 4.22
CA PRO B 132 105.74 81.71 5.59
C PRO B 132 104.82 82.88 5.95
N PHE B 133 104.23 82.84 7.14
CA PHE B 133 103.39 83.92 7.70
C PHE B 133 104.30 84.88 8.51
N ASP B 134 104.84 85.90 7.84
CA ASP B 134 105.69 86.97 8.44
C ASP B 134 104.98 88.34 8.36
N LYS B 135 103.98 88.49 7.48
CA LYS B 135 103.14 89.71 7.39
C LYS B 135 102.29 89.83 8.66
N LYS B 136 102.34 90.99 9.33
CA LYS B 136 101.32 91.39 10.34
C LYS B 136 99.97 91.46 9.64
N SER B 137 99.16 90.40 9.75
CA SER B 137 97.79 90.33 9.15
C SER B 137 96.97 91.50 9.70
N ASN B 138 96.17 92.11 8.83
CA ASN B 138 95.25 93.23 9.18
C ASN B 138 93.97 92.63 9.77
N SER B 139 94.09 91.88 10.87
CA SER B 139 92.92 91.35 11.63
C SER B 139 92.22 92.54 12.26
N ALA B 140 90.89 92.64 12.05
CA ALA B 140 90.04 93.75 12.56
C ALA B 140 90.31 93.96 14.04
N LEU B 141 90.16 92.89 14.81
CA LEU B 141 90.22 92.86 16.29
C LEU B 141 91.53 93.48 16.77
N PHE B 142 92.62 93.37 16.00
CA PHE B 142 93.97 93.83 16.41
C PHE B 142 94.24 95.24 15.86
N ARG B 143 93.67 95.60 14.70
CA ARG B 143 93.67 97.03 14.25
C ARG B 143 93.01 97.86 15.35
N ALA B 144 91.90 97.34 15.90
CA ALA B 144 91.06 97.97 16.94
C ALA B 144 91.84 98.13 18.26
N VAL B 145 92.55 97.08 18.70
CA VAL B 145 93.27 97.11 20.02
C VAL B 145 94.50 98.02 19.91
N GLY B 146 95.07 98.15 18.70
CA GLY B 146 96.15 99.12 18.40
C GLY B 146 95.69 100.55 18.62
N GLU B 147 94.47 100.86 18.18
CA GLU B 147 93.85 102.22 18.24
C GLU B 147 93.42 102.55 19.68
N GLY B 148 92.81 101.59 20.38
CA GLY B 148 92.22 101.75 21.74
C GLY B 148 90.70 101.55 21.77
N ASN B 149 90.09 101.03 20.70
CA ASN B 149 88.63 100.70 20.63
C ASN B 149 88.38 99.25 21.04
N ALA B 150 89.34 98.61 21.71
CA ALA B 150 89.22 97.24 22.25
C ALA B 150 90.28 97.00 23.33
N GLN B 151 89.92 96.23 24.36
CA GLN B 151 90.85 95.67 25.37
C GLN B 151 90.64 94.16 25.36
N LEU B 152 91.73 93.39 25.26
CA LEU B 152 91.71 91.91 25.19
C LEU B 152 92.15 91.33 26.53
N VAL B 153 91.58 90.19 26.88
CA VAL B 153 92.08 89.30 27.96
C VAL B 153 92.07 87.85 27.45
N ALA B 154 93.16 87.12 27.69
CA ALA B 154 93.27 85.67 27.42
C ALA B 154 92.86 84.90 28.68
N ILE B 155 92.01 83.88 28.53
CA ILE B 155 91.68 82.95 29.64
C ILE B 155 91.89 81.50 29.18
N PHE B 156 92.43 80.70 30.08
CA PHE B 156 92.78 79.27 29.84
C PHE B 156 91.98 78.42 30.81
N GLY B 157 91.18 77.51 30.29
CA GLY B 157 90.45 76.49 31.08
C GLY B 157 91.40 75.52 31.76
N GLY B 158 90.80 74.59 32.50
CA GLY B 158 91.48 73.44 33.13
C GLY B 158 90.65 72.20 32.87
N GLN B 159 90.45 71.39 33.88
CA GLN B 159 89.79 70.07 33.70
C GLN B 159 88.31 70.25 34.02
N GLY B 160 87.49 69.27 33.62
CA GLY B 160 86.04 69.21 33.90
C GLY B 160 85.24 69.58 32.67
N ASN B 161 85.91 70.04 31.63
CA ASN B 161 85.28 70.70 30.48
C ASN B 161 84.81 69.61 29.51
N THR B 162 85.67 68.64 29.20
CA THR B 162 85.37 67.53 28.25
C THR B 162 85.80 66.17 28.80
N ASP B 163 85.04 65.14 28.40
CA ASP B 163 85.37 63.69 28.52
C ASP B 163 86.71 63.44 27.83
N ASP B 164 86.76 63.54 26.50
CA ASP B 164 88.00 63.37 25.70
C ASP B 164 88.48 64.74 25.23
N TYR B 165 89.35 65.36 26.04
CA TYR B 165 90.23 66.49 25.67
C TYR B 165 91.19 66.07 24.56
N PHE B 166 91.69 64.83 24.59
CA PHE B 166 92.85 64.39 23.77
C PHE B 166 92.51 64.51 22.28
N GLU B 167 91.24 64.40 21.89
CA GLU B 167 90.78 64.61 20.47
C GLU B 167 91.04 66.05 20.04
N GLU B 168 91.10 66.99 20.98
CA GLU B 168 91.45 68.41 20.69
C GLU B 168 92.92 68.48 20.29
N LEU B 169 93.77 67.65 20.91
CA LEU B 169 95.24 67.61 20.67
C LEU B 169 95.47 66.91 19.33
N ARG B 170 94.74 65.82 19.08
CA ARG B 170 94.74 65.07 17.81
C ARG B 170 94.40 66.03 16.65
N ASP B 171 93.31 66.79 16.79
CA ASP B 171 92.80 67.73 15.75
C ASP B 171 93.77 68.90 15.58
N LEU B 172 94.55 69.26 16.59
CA LEU B 172 95.63 70.28 16.48
C LEU B 172 96.81 69.72 15.69
N TYR B 173 97.16 68.45 15.89
CA TYR B 173 98.35 67.80 15.28
C TYR B 173 98.09 67.55 13.79
N GLN B 174 96.91 67.04 13.43
CA GLN B 174 96.49 66.82 12.01
C GLN B 174 96.59 68.14 11.25
N THR B 175 95.76 69.10 11.66
CA THR B 175 95.38 70.31 10.90
C THR B 175 96.49 71.36 10.89
N TYR B 176 97.23 71.56 11.98
CA TYR B 176 98.28 72.61 12.05
C TYR B 176 99.66 71.98 12.21
N HIS B 177 99.84 70.75 11.71
CA HIS B 177 101.09 69.96 11.88
C HIS B 177 102.31 70.88 11.73
N VAL B 178 102.31 71.71 10.68
CA VAL B 178 103.49 72.49 10.22
C VAL B 178 103.85 73.63 11.19
N LEU B 179 102.90 74.12 11.99
CA LEU B 179 103.06 75.30 12.89
C LEU B 179 103.40 74.86 14.31
N VAL B 180 102.78 73.77 14.75
CA VAL B 180 102.74 73.27 16.14
C VAL B 180 103.66 72.04 16.29
N GLY B 181 103.78 71.22 15.24
CA GLY B 181 104.56 69.98 15.17
C GLY B 181 105.79 69.96 16.07
N ASP B 182 106.64 70.99 16.01
CA ASP B 182 107.92 71.06 16.79
C ASP B 182 107.63 71.38 18.27
N LEU B 183 106.53 72.06 18.60
CA LEU B 183 106.10 72.28 20.02
C LEU B 183 105.59 70.97 20.62
N ILE B 184 104.66 70.29 19.94
CA ILE B 184 104.14 68.94 20.35
C ILE B 184 105.33 68.02 20.59
N LYS B 185 106.32 68.04 19.68
CA LYS B 185 107.46 67.11 19.69
C LYS B 185 108.44 67.51 20.80
N PHE B 186 108.64 68.81 21.05
CA PHE B 186 109.50 69.29 22.16
C PHE B 186 108.81 68.99 23.49
N SER B 187 107.48 69.06 23.52
CA SER B 187 106.68 68.70 24.71
C SER B 187 107.06 67.28 25.14
N ALA B 188 106.86 66.31 24.25
CA ALA B 188 107.02 64.85 24.50
C ALA B 188 108.44 64.54 24.98
N GLU B 189 109.46 65.08 24.29
CA GLU B 189 110.89 64.95 24.70
C GLU B 189 111.05 65.42 26.16
N THR B 190 110.46 66.57 26.50
CA THR B 190 110.51 67.20 27.85
C THR B 190 109.80 66.33 28.88
N LEU B 191 108.61 65.82 28.54
CA LEU B 191 107.81 64.96 29.45
C LEU B 191 108.54 63.62 29.66
N SER B 192 109.05 63.01 28.58
CA SER B 192 109.82 61.73 28.64
C SER B 192 111.04 61.91 29.55
N GLU B 193 111.81 62.96 29.33
CA GLU B 193 112.99 63.33 30.15
C GLU B 193 112.59 63.49 31.62
N LEU B 194 111.44 64.12 31.87
CA LEU B 194 110.96 64.45 33.25
C LEU B 194 110.58 63.15 33.98
N ILE B 195 110.05 62.15 33.26
CA ILE B 195 109.76 60.78 33.81
C ILE B 195 111.07 60.12 34.24
N ARG B 196 112.05 60.05 33.34
CA ARG B 196 113.32 59.30 33.53
C ARG B 196 114.11 59.87 34.72
N THR B 197 114.20 61.19 34.85
CA THR B 197 114.98 61.90 35.91
C THR B 197 114.25 61.86 37.27
N THR B 198 112.92 61.88 37.27
CA THR B 198 112.08 61.81 38.50
C THR B 198 112.08 60.38 39.01
N LEU B 199 112.01 60.20 40.34
CA LEU B 199 112.39 58.95 41.04
C LEU B 199 111.39 57.83 40.75
N ASP B 200 110.16 57.94 41.23
CA ASP B 200 109.14 56.86 41.17
C ASP B 200 108.06 57.23 40.14
N ALA B 201 108.40 58.01 39.12
CA ALA B 201 107.44 58.55 38.14
C ALA B 201 106.92 57.42 37.21
N GLU B 202 107.81 56.51 36.79
CA GLU B 202 107.52 55.34 35.92
C GLU B 202 106.37 54.50 36.48
N LYS B 203 106.20 54.46 37.81
CA LYS B 203 105.11 53.69 38.49
C LYS B 203 103.74 54.27 38.12
N VAL B 204 103.66 55.59 37.96
CA VAL B 204 102.39 56.36 37.78
C VAL B 204 101.94 56.26 36.33
N PHE B 205 102.87 56.18 35.38
CA PHE B 205 102.59 56.10 33.92
C PHE B 205 102.59 54.63 33.48
N THR B 206 101.52 53.91 33.83
CA THR B 206 101.40 52.43 33.68
C THR B 206 101.37 52.06 32.19
N GLN B 207 100.63 52.82 31.37
CA GLN B 207 100.58 52.63 29.89
C GLN B 207 101.43 53.71 29.21
N GLY B 208 102.48 54.19 29.88
CA GLY B 208 103.54 55.03 29.28
C GLY B 208 103.00 56.39 28.87
N LEU B 209 103.87 57.23 28.28
CA LEU B 209 103.55 58.61 27.84
C LEU B 209 104.25 58.85 26.50
N ASN B 210 104.02 57.97 25.53
CA ASN B 210 104.51 58.13 24.14
C ASN B 210 103.37 58.80 23.36
N ILE B 211 103.32 60.13 23.39
CA ILE B 211 102.17 60.92 22.84
C ILE B 211 102.27 60.96 21.32
N LEU B 212 103.48 61.12 20.78
CA LEU B 212 103.76 61.15 19.31
C LEU B 212 103.23 59.86 18.68
N GLU B 213 103.51 58.71 19.30
CA GLU B 213 102.95 57.38 18.92
C GLU B 213 101.42 57.40 18.96
N TRP B 214 100.80 57.96 20.01
CA TRP B 214 99.31 58.00 20.17
C TRP B 214 98.69 58.89 19.09
N LEU B 215 99.41 59.93 18.67
CA LEU B 215 98.92 60.93 17.70
C LEU B 215 98.93 60.34 16.28
N GLU B 216 99.91 59.47 15.96
CA GLU B 216 99.98 58.77 14.64
C GLU B 216 98.88 57.70 14.57
N ASN B 217 98.88 56.76 15.51
CA ASN B 217 98.01 55.56 15.52
C ASN B 217 96.92 55.75 16.58
N PRO B 218 95.69 56.12 16.18
CA PRO B 218 94.52 56.00 17.06
C PRO B 218 94.31 54.62 17.71
N SER B 219 94.91 53.57 17.16
CA SER B 219 94.89 52.19 17.71
C SER B 219 95.68 52.13 19.03
N ASN B 220 96.93 52.63 19.03
CA ASN B 220 97.89 52.56 20.16
C ASN B 220 97.57 53.58 21.26
N THR B 221 96.68 54.55 20.99
CA THR B 221 96.08 55.49 21.98
C THR B 221 95.41 54.67 23.08
N PRO B 222 95.72 54.90 24.37
CA PRO B 222 95.01 54.25 25.48
C PRO B 222 93.52 54.63 25.59
N ASP B 223 92.80 53.93 26.47
CA ASP B 223 91.38 54.22 26.83
C ASP B 223 91.29 55.61 27.48
N LYS B 224 90.12 56.27 27.39
CA LYS B 224 89.86 57.63 27.93
C LYS B 224 90.21 57.71 29.42
N ASP B 225 89.84 56.68 30.19
CA ASP B 225 90.02 56.64 31.67
C ASP B 225 91.49 56.85 32.03
N TYR B 226 92.43 56.19 31.31
CA TYR B 226 93.89 56.34 31.52
C TYR B 226 94.31 57.75 31.14
N LEU B 227 93.81 58.22 29.98
CA LEU B 227 94.14 59.56 29.44
C LEU B 227 93.65 60.63 30.40
N LEU B 228 92.60 60.37 31.17
CA LEU B 228 92.01 61.39 32.06
C LEU B 228 92.84 61.50 33.34
N SER B 229 93.52 60.44 33.76
CA SER B 229 94.32 60.42 35.02
C SER B 229 95.21 61.67 35.02
N ILE B 230 95.30 62.34 36.16
CA ILE B 230 95.87 63.71 36.20
C ILE B 230 97.33 63.72 35.79
N PRO B 231 98.12 62.64 35.96
CA PRO B 231 99.54 62.71 35.60
C PRO B 231 99.70 63.01 34.10
N ILE B 232 98.82 62.46 33.26
CA ILE B 232 98.96 62.64 31.80
C ILE B 232 98.06 63.79 31.36
N SER B 233 96.85 63.93 31.93
CA SER B 233 95.82 64.93 31.52
C SER B 233 96.27 66.34 31.87
N CYS B 234 96.87 66.56 33.04
CA CYS B 234 97.38 67.88 33.46
C CYS B 234 98.32 68.43 32.40
N PRO B 235 99.53 67.86 32.19
CA PRO B 235 100.51 68.45 31.28
C PRO B 235 100.01 68.53 29.83
N LEU B 236 99.18 67.58 29.42
CA LEU B 236 98.66 67.53 28.03
C LEU B 236 97.64 68.63 27.79
N ILE B 237 96.86 69.03 28.78
CA ILE B 237 95.97 70.22 28.63
C ILE B 237 96.86 71.45 28.47
N GLY B 238 97.94 71.55 29.24
CA GLY B 238 98.90 72.66 29.11
C GLY B 238 99.32 72.82 27.67
N VAL B 239 99.82 71.73 27.08
CA VAL B 239 100.24 71.63 25.66
C VAL B 239 99.11 72.15 24.76
N ILE B 240 97.89 71.62 24.91
CA ILE B 240 96.73 71.97 24.03
C ILE B 240 96.58 73.49 24.00
N GLN B 241 96.77 74.15 25.13
CA GLN B 241 96.57 75.62 25.29
C GLN B 241 97.73 76.34 24.64
N LEU B 242 98.95 76.05 25.09
CA LEU B 242 100.20 76.55 24.47
C LEU B 242 100.12 76.38 22.93
N ALA B 243 99.55 75.27 22.43
CA ALA B 243 99.44 75.01 20.97
C ALA B 243 98.46 76.00 20.32
N HIS B 244 97.19 76.00 20.74
CA HIS B 244 96.16 77.00 20.36
C HIS B 244 96.74 78.42 20.40
N TYR B 245 97.52 78.75 21.43
CA TYR B 245 98.19 80.07 21.52
C TYR B 245 99.14 80.28 20.34
N VAL B 246 99.86 79.23 19.94
CA VAL B 246 100.91 79.31 18.90
C VAL B 246 100.27 79.44 17.53
N VAL B 247 99.26 78.63 17.18
CA VAL B 247 98.61 78.82 15.85
C VAL B 247 98.19 80.29 15.79
N THR B 248 97.55 80.78 16.84
CA THR B 248 97.04 82.17 16.95
C THR B 248 98.16 83.16 16.60
N ALA B 249 99.34 83.02 17.19
CA ALA B 249 100.50 83.92 16.96
C ALA B 249 101.00 83.81 15.51
N LYS B 250 101.11 82.60 14.96
CA LYS B 250 101.74 82.36 13.64
C LYS B 250 100.76 82.78 12.52
N LEU B 251 99.49 82.40 12.62
CA LEU B 251 98.44 82.79 11.64
C LEU B 251 98.14 84.29 11.68
N LEU B 252 98.65 85.01 12.67
CA LEU B 252 98.69 86.50 12.67
C LEU B 252 100.09 87.00 12.24
N GLY B 253 101.11 86.17 12.37
CA GLY B 253 102.50 86.55 12.06
C GLY B 253 103.13 87.38 13.17
N PHE B 254 102.57 87.27 14.37
CA PHE B 254 103.15 87.85 15.60
C PHE B 254 104.13 86.87 16.23
N THR B 255 105.15 87.41 16.91
CA THR B 255 106.01 86.68 17.86
C THR B 255 105.22 86.49 19.14
N PRO B 256 105.41 85.43 19.96
CA PRO B 256 104.57 85.20 21.13
C PRO B 256 104.59 86.35 22.15
N GLY B 257 105.67 87.14 22.20
CA GLY B 257 105.75 88.39 22.99
C GLY B 257 104.88 89.50 22.43
N GLU B 258 104.72 89.57 21.11
CA GLU B 258 103.92 90.62 20.41
C GLU B 258 102.43 90.36 20.67
N LEU B 259 102.01 89.09 20.59
CA LEU B 259 100.61 88.65 20.91
C LEU B 259 100.30 89.01 22.36
N ARG B 260 101.26 88.77 23.26
CA ARG B 260 101.17 89.05 24.70
C ARG B 260 101.03 90.57 24.92
N SER B 261 101.74 91.40 24.16
CA SER B 261 101.75 92.88 24.33
C SER B 261 100.36 93.48 24.03
N TYR B 262 99.55 92.83 23.19
CA TYR B 262 98.17 93.28 22.84
C TYR B 262 97.14 92.78 23.86
N LEU B 263 97.49 91.80 24.69
CA LEU B 263 96.68 91.42 25.87
C LEU B 263 96.80 92.53 26.92
N LYS B 264 95.70 92.83 27.61
CA LYS B 264 95.70 93.79 28.73
C LYS B 264 96.10 93.00 29.98
N GLY B 265 95.46 91.85 30.18
CA GLY B 265 95.78 90.87 31.23
C GLY B 265 95.48 89.44 30.80
N ALA B 266 95.99 88.46 31.55
CA ALA B 266 95.75 87.02 31.33
C ALA B 266 95.39 86.36 32.66
N THR B 267 94.61 85.29 32.61
CA THR B 267 94.24 84.49 33.79
C THR B 267 93.65 83.15 33.35
N GLY B 268 93.56 82.21 34.29
CA GLY B 268 93.12 80.84 34.02
C GLY B 268 92.30 80.30 35.18
N HIS B 269 91.38 79.42 34.83
CA HIS B 269 90.55 78.61 35.75
C HIS B 269 91.35 77.38 36.12
N SER B 270 91.48 77.10 37.42
CA SER B 270 92.12 75.86 37.93
C SER B 270 93.60 75.84 37.50
N GLN B 271 94.02 74.83 36.70
CA GLN B 271 95.42 74.62 36.25
C GLN B 271 95.78 75.54 35.08
N GLY B 272 94.77 76.02 34.33
CA GLY B 272 94.93 77.04 33.27
C GLY B 272 95.73 78.24 33.75
N LEU B 273 95.83 78.42 35.07
CA LEU B 273 96.56 79.55 35.71
C LEU B 273 98.07 79.41 35.42
N VAL B 274 98.55 78.24 35.02
CA VAL B 274 99.99 78.03 34.77
C VAL B 274 100.34 78.43 33.34
N THR B 275 99.53 78.03 32.36
CA THR B 275 99.77 78.43 30.95
C THR B 275 99.72 79.96 30.91
N ALA B 276 98.81 80.58 31.66
CA ALA B 276 98.62 82.05 31.71
C ALA B 276 99.93 82.75 32.11
N VAL B 277 100.54 82.33 33.20
CA VAL B 277 101.80 82.97 33.71
C VAL B 277 102.98 82.67 32.77
N ALA B 278 102.92 81.62 31.94
CA ALA B 278 103.99 81.25 30.98
C ALA B 278 103.93 82.18 29.75
N ILE B 279 102.72 82.39 29.22
CA ILE B 279 102.39 83.41 28.17
C ILE B 279 102.93 84.78 28.61
N ALA B 280 102.58 85.22 29.82
CA ALA B 280 102.98 86.54 30.37
C ALA B 280 104.50 86.76 30.33
N GLU B 281 105.32 85.70 30.33
CA GLU B 281 106.81 85.79 30.30
C GLU B 281 107.34 85.94 28.87
N THR B 282 106.68 85.29 27.91
CA THR B 282 107.29 84.97 26.59
C THR B 282 107.63 86.26 25.82
N ASP B 283 108.61 86.16 24.92
CA ASP B 283 109.24 87.28 24.15
C ASP B 283 109.32 86.88 22.67
N SER B 284 110.34 86.12 22.27
CA SER B 284 110.65 85.73 20.86
C SER B 284 110.33 84.25 20.63
N TRP B 285 110.44 83.78 19.38
CA TRP B 285 110.27 82.34 19.03
C TRP B 285 111.43 81.49 19.55
N GLU B 286 112.57 82.10 19.90
CA GLU B 286 113.77 81.37 20.41
C GLU B 286 113.50 81.04 21.88
N SER B 287 113.29 82.05 22.72
CA SER B 287 113.11 81.89 24.19
C SER B 287 111.68 81.48 24.53
N PHE B 288 110.88 80.96 23.58
CA PHE B 288 109.52 80.44 23.85
C PHE B 288 109.62 79.08 24.53
N PHE B 289 110.51 78.22 24.02
CA PHE B 289 110.65 76.82 24.49
C PHE B 289 111.22 76.78 25.93
N VAL B 290 111.74 77.87 26.50
CA VAL B 290 112.13 77.91 27.95
C VAL B 290 110.90 78.26 28.81
N SER B 291 109.92 78.97 28.26
CA SER B 291 108.60 79.20 28.89
C SER B 291 107.80 77.89 28.88
N VAL B 292 107.68 77.24 27.72
CA VAL B 292 106.94 75.96 27.55
C VAL B 292 107.55 74.86 28.43
N ARG B 293 108.87 74.85 28.64
CA ARG B 293 109.52 73.91 29.60
C ARG B 293 108.95 74.18 31.00
N LYS B 294 108.93 75.45 31.41
CA LYS B 294 108.43 75.90 32.73
C LYS B 294 106.95 75.56 32.88
N ALA B 295 106.13 75.69 31.84
CA ALA B 295 104.67 75.47 31.92
C ALA B 295 104.41 73.99 32.20
N ILE B 296 105.01 73.11 31.40
CA ILE B 296 104.61 71.68 31.39
C ILE B 296 105.41 70.92 32.44
N THR B 297 106.57 71.42 32.88
CA THR B 297 107.28 70.83 34.05
C THR B 297 106.34 70.96 35.26
N VAL B 298 105.80 72.16 35.53
CA VAL B 298 104.90 72.43 36.69
C VAL B 298 103.64 71.56 36.58
N LEU B 299 103.02 71.49 35.42
CA LEU B 299 101.77 70.71 35.20
C LEU B 299 102.06 69.21 35.32
N PHE B 300 103.31 68.78 35.08
CA PHE B 300 103.75 67.37 35.24
C PHE B 300 103.80 67.04 36.75
N PHE B 301 104.51 67.86 37.53
CA PHE B 301 104.70 67.63 38.99
C PHE B 301 103.39 67.80 39.76
N ILE B 302 102.45 68.61 39.27
CA ILE B 302 101.09 68.73 39.88
C ILE B 302 100.38 67.40 39.72
N GLY B 303 100.26 66.89 38.49
CA GLY B 303 99.54 65.65 38.17
C GLY B 303 100.26 64.40 38.68
N VAL B 304 101.56 64.47 38.94
CA VAL B 304 102.34 63.32 39.48
C VAL B 304 102.16 63.31 41.00
N ARG B 305 102.58 64.37 41.68
CA ARG B 305 102.55 64.45 43.16
C ARG B 305 101.12 64.53 43.72
N CYS B 306 100.12 64.90 42.93
CA CYS B 306 98.70 64.94 43.36
C CYS B 306 98.01 63.59 43.17
N TYR B 307 98.42 62.81 42.18
CA TYR B 307 97.93 61.42 41.97
C TYR B 307 98.40 60.57 43.14
N GLU B 308 99.65 60.77 43.55
CA GLU B 308 100.27 60.05 44.71
C GLU B 308 99.47 60.37 45.97
N ALA B 309 99.09 61.63 46.17
CA ALA B 309 98.52 62.13 47.44
C ALA B 309 97.09 61.62 47.66
N TYR B 310 96.27 61.57 46.60
CA TYR B 310 94.90 60.97 46.64
C TYR B 310 94.59 60.31 45.30
N PRO B 311 95.01 59.02 45.08
CA PRO B 311 94.69 58.28 43.86
C PRO B 311 93.27 57.71 43.78
N ASN B 312 92.69 57.69 42.58
CA ASN B 312 91.30 57.19 42.38
C ASN B 312 91.30 55.66 42.51
N THR B 313 90.32 55.12 43.24
CA THR B 313 90.13 53.67 43.50
C THR B 313 88.77 53.24 42.98
N SER B 314 88.48 51.95 43.07
CA SER B 314 87.24 51.32 42.52
C SER B 314 86.03 51.86 43.28
N LEU B 315 84.98 52.22 42.56
CA LEU B 315 83.65 52.46 43.19
C LEU B 315 83.05 51.10 43.52
N PRO B 316 82.43 50.94 44.70
CA PRO B 316 81.41 49.92 44.89
C PRO B 316 80.43 49.92 43.73
N PRO B 317 80.26 48.80 42.98
CA PRO B 317 79.32 48.75 41.87
C PRO B 317 77.84 48.95 42.21
N SER B 318 77.44 48.71 43.47
CA SER B 318 76.08 49.06 43.97
C SER B 318 75.83 50.55 43.66
N ILE B 319 76.75 51.40 44.13
CA ILE B 319 76.75 52.88 44.00
C ILE B 319 76.74 53.27 42.51
N LEU B 320 77.65 52.71 41.73
CA LEU B 320 77.84 53.09 40.31
C LEU B 320 76.52 52.86 39.55
N GLU B 321 75.79 51.80 39.89
CA GLU B 321 74.53 51.37 39.24
C GLU B 321 73.35 52.20 39.75
N ASP B 322 73.40 52.63 41.02
CA ASP B 322 72.38 53.51 41.65
C ASP B 322 72.41 54.88 40.94
N SER B 323 73.60 55.48 40.82
CA SER B 323 73.84 56.79 40.16
C SER B 323 73.44 56.75 38.67
N LEU B 324 73.54 55.62 37.98
CA LEU B 324 73.23 55.53 36.52
C LEU B 324 71.73 55.32 36.28
N GLU B 325 70.97 54.81 37.27
CA GLU B 325 69.49 54.65 37.12
C GLU B 325 68.77 55.94 37.55
N ASN B 326 69.46 56.90 38.18
CA ASN B 326 68.91 58.23 38.58
C ASN B 326 69.46 59.36 37.70
N ASN B 327 70.15 59.03 36.59
CA ASN B 327 70.63 59.98 35.55
C ASN B 327 71.69 60.96 36.08
N GLU B 328 72.09 60.84 37.36
CA GLU B 328 73.40 61.37 37.85
C GLU B 328 74.50 60.70 37.01
N GLY B 329 75.72 61.23 37.05
CA GLY B 329 76.77 60.70 36.16
C GLY B 329 77.35 59.38 36.65
N VAL B 330 78.57 59.11 36.23
CA VAL B 330 79.54 58.23 36.93
C VAL B 330 80.17 59.07 38.04
N PRO B 331 80.15 58.64 39.32
CA PRO B 331 80.75 59.46 40.38
C PRO B 331 82.22 59.76 40.09
N SER B 332 82.68 60.86 40.64
CA SER B 332 84.02 61.44 40.42
C SER B 332 84.33 62.30 41.63
N PRO B 333 85.56 62.82 41.78
CA PRO B 333 85.86 63.67 42.92
C PRO B 333 85.38 65.13 42.75
N MET B 334 84.68 65.48 41.65
CA MET B 334 84.18 66.86 41.45
C MET B 334 82.73 66.85 40.93
N LEU B 335 81.80 67.22 41.83
CA LEU B 335 80.33 67.31 41.64
C LEU B 335 79.95 68.76 41.36
N SER B 336 79.30 69.04 40.21
CA SER B 336 78.84 70.39 39.78
C SER B 336 77.35 70.53 40.08
N ILE B 337 76.95 71.66 40.67
CA ILE B 337 75.55 71.94 41.10
C ILE B 337 75.09 73.28 40.46
N SER B 338 74.31 73.20 39.38
CA SER B 338 73.64 74.36 38.73
C SER B 338 72.42 74.81 39.56
N ASN B 339 72.20 76.12 39.70
CA ASN B 339 70.88 76.78 39.97
C ASN B 339 70.59 76.85 41.49
N LEU B 340 71.62 77.00 42.31
CA LEU B 340 71.56 76.96 43.79
C LEU B 340 72.64 77.87 44.36
N THR B 341 72.29 78.91 45.11
CA THR B 341 73.23 79.94 45.62
C THR B 341 74.33 79.25 46.46
N GLN B 342 75.52 79.85 46.54
CA GLN B 342 76.64 79.34 47.38
C GLN B 342 76.17 79.18 48.84
N GLU B 343 75.20 79.98 49.29
CA GLU B 343 74.67 79.90 50.67
C GLU B 343 73.73 78.70 50.82
N GLN B 344 72.98 78.34 49.77
CA GLN B 344 72.11 77.13 49.77
C GLN B 344 72.97 75.85 49.78
N VAL B 345 73.99 75.78 48.92
CA VAL B 345 74.89 74.60 48.76
C VAL B 345 75.70 74.38 50.05
N GLN B 346 76.20 75.45 50.66
CA GLN B 346 77.10 75.35 51.83
C GLN B 346 76.31 74.83 53.04
N ASP B 347 74.97 74.94 53.04
CA ASP B 347 74.10 74.23 54.02
C ASP B 347 74.20 72.72 53.81
N TYR B 348 73.84 72.24 52.62
CA TYR B 348 73.84 70.80 52.23
C TYR B 348 75.22 70.14 52.46
N VAL B 349 76.34 70.88 52.44
CA VAL B 349 77.69 70.29 52.75
C VAL B 349 77.94 70.35 54.25
N ASN B 350 77.35 71.28 55.01
CA ASN B 350 77.52 71.32 56.48
C ASN B 350 76.76 70.14 57.10
N LYS B 351 75.57 69.83 56.55
CA LYS B 351 74.81 68.58 56.84
C LYS B 351 75.74 67.38 56.63
N THR B 352 76.17 67.16 55.37
CA THR B 352 76.96 65.98 54.92
C THR B 352 78.27 65.87 55.71
N ASN B 353 78.98 66.97 55.97
CA ASN B 353 80.29 66.98 56.67
C ASN B 353 80.12 66.99 58.20
N SER B 354 78.89 67.03 58.72
CA SER B 354 78.63 66.81 60.18
C SER B 354 79.01 65.37 60.55
N HIS B 355 78.55 64.41 59.72
CA HIS B 355 78.59 62.95 59.96
C HIS B 355 79.96 62.35 59.63
N LEU B 356 80.53 62.74 58.49
CA LEU B 356 81.84 62.22 57.97
C LEU B 356 82.99 62.64 58.91
N PRO B 357 84.06 61.85 59.01
CA PRO B 357 85.28 62.28 59.71
C PRO B 357 86.15 63.19 58.83
N ALA B 358 87.16 63.84 59.42
CA ALA B 358 87.97 64.94 58.82
C ALA B 358 88.39 64.61 57.38
N GLY B 359 89.12 63.51 57.17
CA GLY B 359 89.78 63.18 55.89
C GLY B 359 88.86 62.44 54.92
N LYS B 360 87.54 62.66 55.01
CA LYS B 360 86.55 62.17 54.02
C LYS B 360 85.51 63.27 53.71
N GLN B 361 85.80 64.52 54.09
CA GLN B 361 84.83 65.66 54.04
C GLN B 361 84.89 66.30 52.66
N VAL B 362 83.79 66.93 52.24
CA VAL B 362 83.69 67.65 50.95
C VAL B 362 83.77 69.15 51.23
N GLU B 363 84.01 69.94 50.17
CA GLU B 363 84.06 71.43 50.23
C GLU B 363 83.72 72.02 48.86
N ILE B 364 83.14 73.22 48.86
CA ILE B 364 83.01 74.08 47.65
C ILE B 364 84.43 74.43 47.20
N SER B 365 84.72 74.22 45.92
CA SER B 365 86.05 74.31 45.29
C SER B 365 86.05 75.39 44.20
N LEU B 366 85.17 75.24 43.21
CA LEU B 366 84.93 76.29 42.19
C LEU B 366 83.61 76.97 42.50
N VAL B 367 83.63 78.32 42.59
CA VAL B 367 82.44 79.22 42.54
C VAL B 367 82.44 79.89 41.15
N ASN B 368 81.84 79.23 40.18
CA ASN B 368 81.93 79.63 38.75
C ASN B 368 81.00 80.82 38.51
N GLY B 369 79.75 80.73 38.97
CA GLY B 369 78.74 81.80 38.86
C GLY B 369 78.09 82.06 40.20
N ALA B 370 77.05 82.89 40.21
CA ALA B 370 76.15 83.14 41.37
C ALA B 370 75.50 81.81 41.78
N LYS B 371 75.01 81.09 40.77
CA LYS B 371 74.30 79.78 40.92
C LYS B 371 74.93 78.74 39.99
N ASN B 372 76.23 78.48 40.15
CA ASN B 372 76.97 77.47 39.34
C ASN B 372 78.21 77.09 40.15
N LEU B 373 78.10 76.06 40.99
CA LEU B 373 79.16 75.68 41.97
C LEU B 373 79.63 74.26 41.70
N VAL B 374 80.84 73.97 42.18
CA VAL B 374 81.49 72.63 42.10
C VAL B 374 81.99 72.26 43.49
N VAL B 375 81.64 71.05 43.95
CA VAL B 375 82.07 70.48 45.26
C VAL B 375 83.11 69.39 44.97
N SER B 376 84.23 69.43 45.69
CA SER B 376 85.39 68.52 45.55
C SER B 376 85.58 67.71 46.82
N GLY B 377 85.65 66.39 46.66
CA GLY B 377 86.13 65.48 47.71
C GLY B 377 85.99 64.04 47.26
N PRO B 378 86.02 63.08 48.20
CA PRO B 378 85.97 61.66 47.87
C PRO B 378 84.70 61.25 47.16
N PRO B 379 84.76 60.57 46.00
CA PRO B 379 83.54 60.25 45.25
C PRO B 379 82.44 59.58 46.08
N GLN B 380 82.80 58.77 47.09
CA GLN B 380 81.87 58.22 48.13
C GLN B 380 81.10 59.37 48.78
N SER B 381 81.83 60.28 49.42
CA SER B 381 81.33 61.47 50.16
C SER B 381 80.43 62.33 49.25
N LEU B 382 80.80 62.58 48.00
CA LEU B 382 79.99 63.36 47.02
C LEU B 382 78.83 62.53 46.52
N TYR B 383 78.84 61.21 46.71
CA TYR B 383 77.63 60.39 46.45
C TYR B 383 76.71 60.54 47.68
N GLY B 384 77.29 60.73 48.86
CA GLY B 384 76.53 61.05 50.08
C GLY B 384 75.71 62.30 49.88
N LEU B 385 76.37 63.38 49.47
CA LEU B 385 75.77 64.69 49.15
C LEU B 385 74.66 64.50 48.11
N ASN B 386 74.90 63.76 47.05
CA ASN B 386 73.95 63.60 45.92
C ASN B 386 72.61 63.04 46.40
N LEU B 387 72.61 62.14 47.38
CA LEU B 387 71.38 61.49 47.93
C LEU B 387 70.60 62.55 48.73
N THR B 388 71.29 63.28 49.62
CA THR B 388 70.77 64.47 50.33
C THR B 388 70.09 65.47 49.38
N LEU B 389 70.57 65.60 48.13
CA LEU B 389 69.99 66.53 47.11
C LEU B 389 68.75 65.90 46.45
N ARG B 390 68.73 64.59 46.18
CA ARG B 390 67.58 63.91 45.51
C ARG B 390 66.31 64.09 46.35
N LYS B 391 66.44 64.14 47.68
CA LYS B 391 65.37 64.56 48.62
C LYS B 391 64.83 65.93 48.17
N ALA B 392 65.65 66.97 48.32
CA ALA B 392 65.27 68.39 48.21
C ALA B 392 64.73 68.71 46.80
N LYS B 393 65.32 68.16 45.75
CA LYS B 393 65.00 68.57 44.34
C LYS B 393 63.65 67.96 43.94
N ALA B 394 62.97 68.63 43.01
CA ALA B 394 61.63 68.25 42.50
C ALA B 394 61.76 67.79 41.05
N PRO B 395 60.98 66.76 40.63
CA PRO B 395 61.01 66.28 39.24
C PRO B 395 60.96 67.42 38.20
N SER B 396 61.82 67.37 37.17
CA SER B 396 61.91 68.37 36.06
C SER B 396 60.60 68.40 35.24
N GLY B 397 59.86 67.28 35.22
CA GLY B 397 58.46 67.19 34.77
C GLY B 397 57.50 67.18 35.95
N LEU B 398 57.27 68.34 36.60
CA LEU B 398 56.26 68.53 37.68
C LEU B 398 55.19 69.55 37.25
N ASP B 399 55.57 70.65 36.59
CA ASP B 399 54.67 71.77 36.18
C ASP B 399 54.10 72.43 37.44
N GLN B 400 54.79 73.47 37.92
CA GLN B 400 54.41 74.30 39.09
C GLN B 400 53.95 75.69 38.61
N SER B 401 53.29 75.78 37.44
CA SER B 401 52.80 77.05 36.84
C SER B 401 51.48 77.48 37.48
N ARG B 402 50.91 76.62 38.33
CA ARG B 402 49.57 76.72 38.96
C ARG B 402 49.72 77.03 40.45
N ILE B 403 50.96 76.96 40.96
CA ILE B 403 51.32 77.06 42.40
C ILE B 403 51.84 78.46 42.63
N PRO B 404 51.46 79.17 43.72
CA PRO B 404 52.04 80.48 44.02
C PRO B 404 53.56 80.40 44.04
N PHE B 405 54.24 81.44 43.53
CA PHE B 405 55.71 81.46 43.25
C PHE B 405 56.49 80.92 44.46
N SER B 406 56.36 81.56 45.62
CA SER B 406 57.20 81.35 46.82
C SER B 406 56.83 80.06 47.58
N GLU B 407 55.96 79.21 47.02
CA GLU B 407 55.62 77.86 47.54
C GLU B 407 56.10 76.76 46.56
N ARG B 408 56.94 77.12 45.59
CA ARG B 408 57.42 76.18 44.55
C ARG B 408 58.69 75.49 45.04
N LYS B 409 58.89 74.24 44.63
CA LYS B 409 60.11 73.46 44.92
C LYS B 409 61.25 74.00 44.05
N LEU B 410 62.46 74.01 44.60
CA LEU B 410 63.72 74.37 43.89
C LEU B 410 63.97 73.32 42.81
N LYS B 411 64.10 73.75 41.56
CA LYS B 411 64.57 72.90 40.43
C LYS B 411 66.06 73.15 40.25
N PHE B 412 66.88 72.10 40.20
CA PHE B 412 68.36 72.23 40.07
C PHE B 412 69.02 70.94 39.62
N SER B 413 70.10 71.08 38.84
CA SER B 413 70.86 70.00 38.16
C SER B 413 72.14 69.73 38.93
N ASN B 414 72.43 68.46 39.25
CA ASN B 414 73.69 68.04 39.91
C ASN B 414 74.25 66.87 39.12
N ARG B 415 75.51 66.99 38.74
CA ARG B 415 76.11 66.35 37.56
C ARG B 415 77.58 66.21 37.88
N PHE B 416 78.13 65.00 37.80
CA PHE B 416 79.56 64.75 38.09
C PHE B 416 80.38 65.20 36.89
N LEU B 417 81.53 65.80 37.17
CA LEU B 417 82.49 66.23 36.12
C LEU B 417 83.27 65.02 35.64
N PRO B 418 83.85 65.10 34.42
CA PRO B 418 84.95 64.23 34.00
C PRO B 418 86.33 64.74 34.43
N VAL B 419 86.70 64.49 35.69
CA VAL B 419 88.11 64.59 36.19
C VAL B 419 88.40 63.31 36.97
N ALA B 420 89.61 63.23 37.51
CA ALA B 420 90.13 62.05 38.22
C ALA B 420 90.63 62.43 39.63
N SER B 421 90.99 63.68 39.88
CA SER B 421 91.44 64.14 41.23
C SER B 421 90.42 65.10 41.84
N PRO B 422 90.43 65.27 43.17
CA PRO B 422 89.71 66.36 43.81
C PRO B 422 90.57 67.61 43.92
N PHE B 423 90.50 68.49 42.91
CA PHE B 423 91.29 69.75 42.88
C PHE B 423 90.71 70.74 43.89
N HIS B 424 91.55 71.67 44.35
CA HIS B 424 91.14 72.77 45.26
C HIS B 424 90.57 72.20 46.55
N SER B 425 91.11 71.08 47.04
CA SER B 425 90.58 70.36 48.24
C SER B 425 91.68 70.23 49.29
N HIS B 426 91.32 69.75 50.49
CA HIS B 426 92.26 69.51 51.63
C HIS B 426 93.01 68.16 51.44
N LEU B 427 92.47 67.28 50.60
CA LEU B 427 93.05 65.95 50.24
C LEU B 427 94.37 66.09 49.49
N LEU B 428 94.59 67.20 48.80
CA LEU B 428 95.81 67.42 47.96
C LEU B 428 96.85 68.22 48.73
N VAL B 429 96.55 68.70 49.93
CA VAL B 429 97.50 69.53 50.74
C VAL B 429 98.83 68.81 50.96
N PRO B 430 98.88 67.47 51.21
CA PRO B 430 100.16 66.77 51.38
C PRO B 430 101.16 67.01 50.24
N ALA B 431 100.64 67.13 49.00
CA ALA B 431 101.40 67.34 47.74
C ALA B 431 102.09 68.70 47.72
N SER B 432 101.52 69.71 48.38
CA SER B 432 101.91 71.14 48.22
C SER B 432 103.40 71.29 48.51
N ASP B 433 103.85 70.79 49.66
CA ASP B 433 105.27 70.82 50.09
C ASP B 433 106.17 70.11 49.06
N LEU B 434 105.77 68.94 48.57
CA LEU B 434 106.59 68.11 47.63
C LEU B 434 106.78 68.83 46.30
N ILE B 435 105.71 69.42 45.72
CA ILE B 435 105.75 70.15 44.41
C ILE B 435 106.71 71.35 44.52
N ASN B 436 106.68 72.11 45.60
CA ASN B 436 107.55 73.31 45.77
C ASN B 436 109.03 72.89 45.70
N LYS B 437 109.36 71.72 46.24
CA LYS B 437 110.74 71.16 46.32
C LYS B 437 111.15 70.51 45.00
N ASP B 438 110.20 69.92 44.27
CA ASP B 438 110.43 69.25 42.95
C ASP B 438 110.54 70.30 41.83
N LEU B 439 110.25 71.58 42.11
CA LEU B 439 110.40 72.71 41.16
C LEU B 439 111.67 73.51 41.46
N VAL B 440 112.17 73.54 42.69
CA VAL B 440 113.47 74.17 43.03
C VAL B 440 114.60 73.26 42.52
N LYS B 441 114.35 71.95 42.42
CA LYS B 441 115.30 70.97 41.83
C LYS B 441 115.40 71.22 40.32
N ASN B 442 114.28 71.11 39.61
CA ASN B 442 114.19 71.19 38.13
C ASN B 442 114.34 72.64 37.65
N ASN B 443 114.56 73.60 38.58
CA ASN B 443 115.03 74.99 38.31
C ASN B 443 113.94 75.73 37.52
N VAL B 444 112.83 76.06 38.18
CA VAL B 444 111.55 76.55 37.58
C VAL B 444 110.91 77.58 38.51
N SER B 445 111.46 78.78 38.56
CA SER B 445 110.81 79.94 39.20
C SER B 445 110.19 80.78 38.08
N PHE B 446 109.21 81.60 38.47
CA PHE B 446 108.66 82.72 37.66
C PHE B 446 108.93 84.00 38.44
N ASN B 447 109.87 84.83 37.98
CA ASN B 447 110.16 86.15 38.60
C ASN B 447 109.08 87.16 38.16
N ALA B 448 108.79 88.11 39.05
CA ALA B 448 107.80 89.20 38.84
C ALA B 448 108.22 90.09 37.66
N LYS B 449 109.53 90.38 37.54
CA LYS B 449 110.07 91.28 36.47
C LYS B 449 109.76 90.68 35.08
N ASP B 450 109.93 89.37 34.93
CA ASP B 450 109.84 88.65 33.64
C ASP B 450 108.40 88.65 33.12
N ILE B 451 107.39 88.73 34.00
CA ILE B 451 105.95 88.66 33.60
C ILE B 451 105.43 90.10 33.35
N GLN B 452 105.14 90.39 32.07
CA GLN B 452 105.03 91.77 31.50
C GLN B 452 103.56 92.19 31.32
N ILE B 453 102.60 91.38 31.79
CA ILE B 453 101.16 91.75 31.88
C ILE B 453 100.60 91.26 33.20
N PRO B 454 99.54 91.89 33.75
CA PRO B 454 98.91 91.41 34.96
C PRO B 454 98.28 90.01 34.76
N VAL B 455 98.69 89.04 35.58
CA VAL B 455 98.07 87.69 35.68
C VAL B 455 97.19 87.66 36.92
N TYR B 456 95.92 87.32 36.76
CA TYR B 456 94.88 87.55 37.79
C TYR B 456 94.73 86.27 38.60
N ASP B 457 95.15 86.32 39.88
CA ASP B 457 95.08 85.22 40.88
C ASP B 457 93.64 84.72 40.95
N THR B 458 93.46 83.40 41.04
CA THR B 458 92.16 82.71 40.87
C THR B 458 91.36 82.69 42.19
N PHE B 459 91.87 83.25 43.30
CA PHE B 459 91.22 83.25 44.64
C PHE B 459 90.75 84.67 45.01
N ASP B 460 91.67 85.64 45.00
CA ASP B 460 91.40 87.07 45.32
C ASP B 460 90.89 87.79 44.07
N GLY B 461 91.65 87.72 42.98
CA GLY B 461 91.54 88.56 41.78
C GLY B 461 92.68 89.59 41.71
N SER B 462 93.54 89.63 42.73
CA SER B 462 94.76 90.47 42.80
C SER B 462 95.76 90.03 41.76
N ASP B 463 96.60 90.94 41.28
CA ASP B 463 97.71 90.65 40.33
C ASP B 463 98.78 89.81 41.04
N LEU B 464 99.33 88.80 40.37
CA LEU B 464 100.40 87.90 40.90
C LEU B 464 101.76 88.61 40.92
N ARG B 465 101.91 89.73 40.20
CA ARG B 465 103.19 90.48 40.06
C ARG B 465 103.52 91.23 41.34
N VAL B 466 102.54 91.34 42.25
CA VAL B 466 102.58 92.21 43.46
C VAL B 466 103.15 91.42 44.65
N LEU B 467 102.88 90.11 44.73
CA LEU B 467 103.26 89.21 45.87
C LEU B 467 104.72 89.42 46.29
N SER B 468 104.98 89.35 47.61
CA SER B 468 106.32 89.45 48.24
C SER B 468 107.10 88.13 48.04
N GLY B 469 106.41 86.98 48.18
CA GLY B 469 107.03 85.64 48.16
C GLY B 469 107.18 85.09 46.76
N SER B 470 107.14 83.75 46.64
CA SER B 470 107.22 83.02 45.35
C SER B 470 105.87 83.12 44.63
N ILE B 471 105.91 83.32 43.31
CA ILE B 471 104.73 83.26 42.40
C ILE B 471 104.45 81.78 42.07
N SER B 472 105.50 80.99 41.80
CA SER B 472 105.47 79.52 41.61
C SER B 472 104.73 78.85 42.77
N GLU B 473 105.12 79.13 44.02
CA GLU B 473 104.46 78.60 45.25
C GLU B 473 102.96 78.90 45.21
N ARG B 474 102.60 80.16 45.05
CA ARG B 474 101.19 80.66 45.14
C ARG B 474 100.32 79.83 44.20
N ILE B 475 100.73 79.74 42.93
CA ILE B 475 99.99 79.10 41.81
C ILE B 475 99.68 77.64 42.15
N VAL B 476 100.60 76.94 42.82
CA VAL B 476 100.41 75.54 43.32
C VAL B 476 99.27 75.55 44.36
N ASP B 477 99.32 76.43 45.38
CA ASP B 477 98.27 76.55 46.43
C ASP B 477 96.91 76.88 45.78
N CYS B 478 96.90 77.65 44.68
CA CYS B 478 95.67 78.08 43.96
C CYS B 478 95.02 76.92 43.20
N ILE B 479 95.73 75.81 43.01
CA ILE B 479 95.25 74.59 42.29
C ILE B 479 95.06 73.43 43.27
N ILE B 480 96.02 73.25 44.19
CA ILE B 480 95.99 72.23 45.28
C ILE B 480 94.89 72.64 46.26
N ARG B 481 95.13 73.68 47.06
CA ARG B 481 94.35 73.97 48.30
C ARG B 481 93.17 74.86 47.95
N LEU B 482 93.43 76.11 47.57
CA LEU B 482 92.47 77.25 47.69
C LEU B 482 91.33 77.06 46.69
N PRO B 483 90.13 77.60 47.00
CA PRO B 483 89.02 77.58 46.05
C PRO B 483 89.24 78.57 44.90
N VAL B 484 88.31 78.58 43.95
CA VAL B 484 88.37 79.41 42.71
C VAL B 484 87.11 80.27 42.67
N LYS B 485 87.29 81.57 42.88
CA LYS B 485 86.19 82.57 42.89
C LYS B 485 86.20 83.28 41.53
N TRP B 486 85.64 82.64 40.51
CA TRP B 486 85.75 83.07 39.10
C TRP B 486 85.21 84.49 38.97
N GLU B 487 83.96 84.68 39.40
CA GLU B 487 83.24 85.98 39.38
C GLU B 487 84.15 87.12 39.87
N THR B 488 85.03 86.91 40.86
CA THR B 488 85.87 87.97 41.48
C THR B 488 87.27 88.03 40.86
N THR B 489 87.74 86.98 40.16
CA THR B 489 89.04 86.99 39.44
C THR B 489 88.82 87.63 38.06
N THR B 490 87.61 87.57 37.53
CA THR B 490 87.26 88.06 36.17
C THR B 490 86.57 89.42 36.36
N GLN B 491 87.12 90.24 37.28
CA GLN B 491 86.55 91.51 37.78
C GLN B 491 87.19 92.71 37.05
N PHE B 492 88.31 92.49 36.35
CA PHE B 492 88.83 93.34 35.24
C PHE B 492 87.67 93.72 34.31
N LYS B 493 87.82 94.81 33.54
CA LYS B 493 86.89 95.18 32.46
C LYS B 493 87.63 95.11 31.12
N ALA B 494 86.95 94.64 30.09
CA ALA B 494 87.51 94.41 28.74
C ALA B 494 86.41 94.10 27.70
N THR B 495 86.51 94.66 26.51
CA THR B 495 85.56 94.48 25.38
C THR B 495 85.54 93.02 24.91
N HIS B 496 86.70 92.36 24.86
CA HIS B 496 86.88 91.06 24.18
C HIS B 496 87.62 90.09 25.09
N ILE B 497 87.24 88.81 25.06
CA ILE B 497 87.88 87.74 25.89
C ILE B 497 88.21 86.54 24.99
N LEU B 498 89.49 86.20 24.87
CA LEU B 498 89.96 85.00 24.15
C LEU B 498 89.98 83.81 25.12
N ASP B 499 89.33 82.71 24.77
CA ASP B 499 89.38 81.42 25.52
C ASP B 499 90.20 80.42 24.70
N PHE B 500 91.47 80.29 25.01
CA PHE B 500 92.40 79.34 24.37
C PHE B 500 92.13 77.91 24.83
N GLY B 501 91.46 77.75 25.97
CA GLY B 501 91.43 76.51 26.77
C GLY B 501 90.66 75.43 26.05
N PRO B 502 90.64 74.21 26.63
CA PRO B 502 90.03 73.05 25.98
C PRO B 502 88.51 73.08 26.20
N GLY B 503 87.76 72.46 25.29
CA GLY B 503 86.29 72.27 25.40
C GLY B 503 85.55 72.99 24.29
N GLY B 504 85.98 74.20 23.94
CA GLY B 504 85.30 75.02 22.92
C GLY B 504 84.03 75.60 23.51
N ALA B 505 82.88 75.28 22.91
CA ALA B 505 81.55 75.77 23.35
C ALA B 505 81.17 75.23 24.74
N SER B 506 81.68 74.05 25.13
CA SER B 506 81.51 73.43 26.47
C SER B 506 82.55 73.97 27.46
N GLY B 507 83.37 74.94 27.05
CA GLY B 507 84.59 75.34 27.79
C GLY B 507 84.32 76.44 28.80
N LEU B 508 85.41 77.07 29.25
CA LEU B 508 85.38 78.15 30.25
C LEU B 508 84.81 79.42 29.61
N GLY B 509 85.18 79.70 28.37
CA GLY B 509 84.77 80.92 27.67
C GLY B 509 83.26 81.12 27.78
N VAL B 510 82.49 80.13 27.34
CA VAL B 510 81.01 80.23 27.27
C VAL B 510 80.39 80.30 28.66
N LEU B 511 81.06 79.78 29.68
CA LEU B 511 80.63 80.01 31.08
C LEU B 511 80.88 81.48 31.42
N THR B 512 82.06 82.02 31.09
CA THR B 512 82.43 83.45 31.29
C THR B 512 81.47 84.38 30.53
N HIS B 513 80.88 83.91 29.42
CA HIS B 513 79.91 84.69 28.61
C HIS B 513 78.62 84.92 29.38
N ARG B 514 78.16 83.89 30.11
CA ARG B 514 76.89 83.92 30.89
C ARG B 514 77.07 84.79 32.12
N ASN B 515 78.24 84.74 32.76
CA ASN B 515 78.52 85.54 33.97
C ASN B 515 78.48 87.03 33.64
N LYS B 516 78.81 87.43 32.41
CA LYS B 516 78.87 88.87 32.07
C LYS B 516 78.20 89.16 30.72
N ASP B 517 77.18 88.37 30.37
CA ASP B 517 76.12 88.74 29.41
C ASP B 517 75.52 90.08 29.82
N GLY B 518 75.49 91.05 28.90
CA GLY B 518 74.85 92.36 29.08
C GLY B 518 75.78 93.47 29.55
N THR B 519 77.03 93.18 29.96
CA THR B 519 78.03 94.20 30.38
C THR B 519 78.83 94.71 29.17
N GLY B 520 78.60 94.16 27.98
CA GLY B 520 79.23 94.59 26.72
C GLY B 520 80.61 93.98 26.56
N VAL B 521 80.67 92.65 26.66
CA VAL B 521 81.91 91.84 26.64
C VAL B 521 81.66 90.65 25.72
N ARG B 522 82.48 90.55 24.68
CA ARG B 522 82.40 89.50 23.64
C ARG B 522 83.45 88.46 23.99
N VAL B 523 83.03 87.23 24.21
CA VAL B 523 83.95 86.08 24.39
C VAL B 523 84.17 85.44 23.02
N ILE B 524 85.43 85.28 22.62
CA ILE B 524 85.82 84.49 21.42
C ILE B 524 86.41 83.18 21.91
N VAL B 525 86.00 82.06 21.31
CA VAL B 525 86.47 80.70 21.68
C VAL B 525 87.62 80.34 20.74
N ALA B 526 88.85 80.75 21.07
CA ALA B 526 90.02 80.76 20.16
C ALA B 526 90.45 79.36 19.67
N GLY B 527 89.94 78.27 20.24
CA GLY B 527 90.38 76.91 19.92
C GLY B 527 89.56 76.27 18.83
N THR B 528 88.23 76.28 18.99
CA THR B 528 87.28 75.64 18.05
C THR B 528 87.00 76.58 16.87
N LEU B 529 86.81 76.01 15.67
CA LEU B 529 86.12 76.67 14.54
C LEU B 529 84.73 76.05 14.41
N ASP B 530 83.71 76.88 14.22
CA ASP B 530 82.27 76.47 14.21
C ASP B 530 81.44 77.73 13.99
N ILE B 531 80.11 77.61 14.03
CA ILE B 531 79.17 78.74 13.80
C ILE B 531 78.13 78.75 14.91
N ASN B 532 78.17 79.82 15.72
CA ASN B 532 77.11 80.13 16.71
C ASN B 532 75.92 80.64 15.93
N PRO B 533 74.72 80.02 16.03
CA PRO B 533 73.50 80.61 15.46
C PRO B 533 73.13 81.94 16.13
N ASP B 534 73.01 81.95 17.46
CA ASP B 534 72.53 83.10 18.28
C ASP B 534 73.52 84.27 18.22
N ASP B 535 74.79 83.99 17.89
CA ASP B 535 75.89 84.97 17.70
C ASP B 535 76.20 85.70 19.01
N ASP B 536 75.83 85.13 20.17
CA ASP B 536 76.23 85.59 21.53
C ASP B 536 77.76 85.77 21.58
N TYR B 537 78.50 84.70 21.26
CA TYR B 537 79.97 84.61 21.30
C TYR B 537 80.46 84.23 19.91
N GLY B 538 81.78 84.26 19.71
CA GLY B 538 82.44 83.91 18.44
C GLY B 538 83.32 82.68 18.57
N PHE B 539 83.83 82.21 17.43
CA PHE B 539 84.90 81.19 17.33
C PHE B 539 86.05 81.79 16.50
N LYS B 540 87.16 81.04 16.37
CA LYS B 540 88.47 81.48 15.79
C LYS B 540 88.31 82.55 14.70
N GLN B 541 87.41 82.29 13.73
CA GLN B 541 87.12 83.22 12.60
C GLN B 541 87.44 84.65 13.02
N GLU B 542 86.77 85.11 14.08
CA GLU B 542 86.76 86.50 14.57
C GLU B 542 88.19 87.03 14.74
N ILE B 543 89.10 86.20 15.25
CA ILE B 543 90.47 86.65 15.61
C ILE B 543 91.17 87.07 14.32
N PHE B 544 90.92 86.35 13.23
CA PHE B 544 91.70 86.43 11.96
C PHE B 544 91.01 87.37 10.97
N ASP B 545 89.67 87.29 10.86
CA ASP B 545 88.82 88.09 9.94
C ASP B 545 89.29 89.56 9.87
N VAL B 546 89.28 90.13 8.66
CA VAL B 546 89.92 91.41 8.23
C VAL B 546 88.85 92.49 7.99
N THR B 547 87.67 92.06 7.52
CA THR B 547 86.42 92.87 7.39
C THR B 547 85.99 93.39 8.77
N SER B 548 84.80 94.02 8.86
CA SER B 548 84.20 94.50 10.14
C SER B 548 83.40 93.39 10.83
N ASN B 549 83.37 92.17 10.27
CA ASN B 549 82.84 90.94 10.93
C ASN B 549 83.83 90.37 11.95
N GLY B 550 85.03 90.94 12.06
CA GLY B 550 86.05 90.56 13.06
C GLY B 550 85.89 91.33 14.36
N LEU B 551 85.55 92.63 14.27
CA LEU B 551 85.30 93.50 15.44
C LEU B 551 83.80 93.55 15.69
N LYS B 552 83.27 92.52 16.35
CA LYS B 552 81.85 92.45 16.79
C LYS B 552 81.80 92.79 18.28
N LYS B 553 80.94 93.74 18.66
CA LYS B 553 80.77 94.11 20.08
C LYS B 553 79.41 93.60 20.55
N ASN B 554 79.41 92.93 21.70
CA ASN B 554 78.18 92.49 22.41
C ASN B 554 77.56 93.72 23.05
N PRO B 555 76.22 93.76 23.18
CA PRO B 555 75.55 94.94 23.72
C PRO B 555 75.69 95.10 25.25
N ASN B 556 76.27 96.23 25.69
CA ASN B 556 76.15 96.76 27.07
C ASN B 556 74.77 97.40 27.17
N TRP B 557 73.84 96.73 27.85
CA TRP B 557 72.40 97.11 27.93
C TRP B 557 72.23 98.52 28.47
N LEU B 558 72.97 98.90 29.52
CA LEU B 558 72.89 100.24 30.16
C LEU B 558 73.14 101.36 29.14
N GLU B 559 73.90 101.13 28.08
CA GLU B 559 74.23 102.18 27.07
C GLU B 559 73.29 102.08 25.88
N GLU B 560 72.96 100.88 25.41
CA GLU B 560 71.99 100.69 24.29
C GLU B 560 70.69 101.36 24.67
N TYR B 561 70.15 100.98 25.83
CA TYR B 561 68.77 101.28 26.27
C TYR B 561 68.77 102.31 27.42
N HIS B 562 69.82 103.09 27.54
CA HIS B 562 69.85 104.35 28.33
C HIS B 562 68.60 105.16 28.01
N PRO B 563 67.78 105.57 29.00
CA PRO B 563 66.71 106.55 28.75
C PRO B 563 67.31 107.93 28.51
N LYS B 564 66.73 108.68 27.59
CA LYS B 564 67.21 110.03 27.21
C LYS B 564 66.06 111.02 27.30
N LEU B 565 66.38 112.31 27.33
CA LEU B 565 65.41 113.40 27.12
C LEU B 565 65.55 113.98 25.71
N ILE B 566 64.46 114.55 25.19
CA ILE B 566 64.41 115.22 23.88
C ILE B 566 63.29 116.26 23.88
N LYS B 567 63.41 117.30 23.06
CA LYS B 567 62.41 118.40 22.93
C LYS B 567 61.78 118.38 21.53
N ASN B 568 60.63 119.05 21.41
CA ASN B 568 60.01 119.53 20.15
C ASN B 568 60.54 120.92 19.80
N LYS B 569 60.06 121.45 18.67
CA LYS B 569 60.05 122.88 18.31
C LYS B 569 59.27 123.69 19.37
N SER B 570 58.19 123.12 19.91
CA SER B 570 57.30 123.73 20.95
C SER B 570 57.92 123.67 22.35
N GLY B 571 59.09 123.04 22.49
CA GLY B 571 59.82 122.93 23.78
C GLY B 571 59.10 122.04 24.78
N LYS B 572 58.35 121.05 24.29
CA LYS B 572 57.78 119.96 25.15
C LYS B 572 58.87 118.89 25.35
N ILE B 573 59.24 118.61 26.60
CA ILE B 573 60.25 117.56 26.93
C ILE B 573 59.55 116.21 26.98
N PHE B 574 60.19 115.19 26.43
CA PHE B 574 59.74 113.78 26.43
C PHE B 574 60.80 112.91 27.09
N VAL B 575 60.42 111.77 27.63
CA VAL B 575 61.36 110.66 27.97
C VAL B 575 61.49 109.78 26.73
N GLU B 576 62.67 109.73 26.14
CA GLU B 576 62.95 109.05 24.86
C GLU B 576 63.35 107.61 25.22
N THR B 577 62.49 106.66 24.91
CA THR B 577 62.82 105.22 24.94
C THR B 577 62.41 104.63 23.59
N LYS B 578 62.99 103.47 23.27
CA LYS B 578 62.61 102.64 22.10
C LYS B 578 61.09 102.74 21.83
N PHE B 579 60.26 102.79 22.87
CA PHE B 579 58.78 102.75 22.78
C PHE B 579 58.19 104.11 22.42
N SER B 580 58.59 105.18 23.12
CA SER B 580 58.09 106.56 22.87
C SER B 580 58.56 107.07 21.50
N LYS B 581 59.82 106.82 21.15
CA LYS B 581 60.35 107.11 19.79
C LYS B 581 59.34 106.66 18.72
N LEU B 582 58.70 105.50 18.87
CA LEU B 582 57.69 105.00 17.90
C LEU B 582 56.43 105.85 18.00
N ILE B 583 55.79 105.90 19.15
CA ILE B 583 54.36 106.35 19.30
C ILE B 583 54.29 107.87 19.42
N GLY B 584 55.41 108.54 19.71
CA GLY B 584 55.52 110.00 19.68
C GLY B 584 54.85 110.65 20.87
N ARG B 585 54.61 109.87 21.91
CA ARG B 585 53.96 110.30 23.17
C ARG B 585 54.78 109.70 24.30
N PRO B 586 54.63 110.16 25.55
CA PRO B 586 55.36 109.59 26.68
C PRO B 586 55.25 108.08 26.81
N PRO B 587 56.30 107.41 27.30
CA PRO B 587 56.33 105.94 27.35
C PRO B 587 55.50 105.30 28.47
N LEU B 588 54.45 105.97 28.92
CA LEU B 588 53.45 105.46 29.91
C LEU B 588 52.16 105.14 29.16
N LEU B 589 51.55 104.00 29.45
CA LEU B 589 50.26 103.60 28.85
C LEU B 589 49.32 103.05 29.93
N VAL B 590 48.04 103.44 29.85
CA VAL B 590 46.91 102.81 30.59
C VAL B 590 46.47 101.59 29.82
N PRO B 591 46.51 100.38 30.39
CA PRO B 591 46.15 99.18 29.65
C PRO B 591 44.63 98.99 29.62
N GLY B 592 44.18 97.98 28.91
CA GLY B 592 42.74 97.69 28.73
C GLY B 592 42.19 97.04 29.97
N MET B 593 41.45 97.78 30.77
CA MET B 593 40.73 97.24 31.95
C MET B 593 39.24 97.13 31.59
N THR B 594 38.63 95.96 31.80
CA THR B 594 37.25 95.60 31.38
C THR B 594 36.26 96.68 31.82
N PRO B 595 36.01 96.91 33.13
CA PRO B 595 35.04 97.94 33.50
C PRO B 595 35.55 99.36 33.28
N CYS B 596 36.87 99.64 33.34
CA CYS B 596 37.41 101.02 33.54
C CYS B 596 37.68 101.74 32.22
N THR B 597 38.41 101.12 31.30
CA THR B 597 38.71 101.64 29.93
C THR B 597 37.71 101.12 28.91
N VAL B 598 36.54 100.64 29.32
CA VAL B 598 35.42 100.30 28.39
C VAL B 598 34.75 101.62 28.01
N SER B 599 34.61 102.56 28.95
CA SER B 599 33.85 103.81 28.70
C SER B 599 34.58 104.60 27.62
N PRO B 600 33.96 104.87 26.45
CA PRO B 600 34.57 105.80 25.51
C PRO B 600 34.98 107.14 26.14
N ASP B 601 34.27 107.63 27.16
CA ASP B 601 34.50 108.99 27.71
C ASP B 601 35.85 109.08 28.44
N PHE B 602 36.38 107.96 28.92
CA PHE B 602 37.70 107.87 29.61
C PHE B 602 38.82 107.74 28.58
N VAL B 603 38.66 106.77 27.69
CA VAL B 603 39.57 106.51 26.53
C VAL B 603 39.81 107.81 25.79
N ALA B 604 38.78 108.62 25.62
CA ALA B 604 38.86 109.96 25.01
C ALA B 604 39.68 110.89 25.91
N ALA B 605 39.32 111.00 27.19
CA ALA B 605 39.93 111.98 28.13
C ALA B 605 41.42 111.70 28.31
N THR B 606 41.80 110.41 28.32
CA THR B 606 43.21 109.95 28.48
C THR B 606 43.95 110.34 27.20
N THR B 607 43.43 109.95 26.05
CA THR B 607 44.00 110.26 24.70
C THR B 607 44.13 111.77 24.54
N ASN B 608 43.14 112.56 24.94
CA ASN B 608 43.15 114.04 24.80
C ASN B 608 44.26 114.60 25.69
N ALA B 609 44.51 113.97 26.84
CA ALA B 609 45.54 114.38 27.84
C ALA B 609 46.95 114.17 27.27
N GLY B 610 47.14 113.16 26.44
CA GLY B 610 48.35 112.97 25.63
C GLY B 610 49.06 111.67 25.95
N TYR B 611 48.30 110.62 26.19
CA TYR B 611 48.77 109.32 26.76
C TYR B 611 48.03 108.20 26.04
N THR B 612 48.57 106.99 26.09
CA THR B 612 48.11 105.86 25.26
C THR B 612 47.12 105.06 26.09
N ILE B 613 46.04 104.59 25.47
CA ILE B 613 45.04 103.77 26.20
C ILE B 613 44.39 102.77 25.27
N GLU B 614 44.21 101.54 25.77
CA GLU B 614 43.48 100.45 25.09
C GLU B 614 41.99 100.61 25.43
N LEU B 615 41.11 100.69 24.44
CA LEU B 615 39.64 100.51 24.62
C LEU B 615 39.39 99.01 24.81
N ALA B 616 38.62 98.64 25.83
CA ALA B 616 38.50 97.25 26.33
C ALA B 616 37.38 96.51 25.59
N GLY B 617 37.73 95.42 24.91
CA GLY B 617 36.77 94.57 24.20
C GLY B 617 35.87 93.85 25.17
N GLY B 618 36.43 93.38 26.30
CA GLY B 618 35.72 92.74 27.42
C GLY B 618 34.32 93.32 27.68
N GLY B 619 34.12 94.62 27.47
CA GLY B 619 32.87 95.30 27.82
C GLY B 619 31.86 95.31 26.68
N TYR B 620 32.14 94.61 25.57
CA TYR B 620 31.31 94.64 24.34
C TYR B 620 31.13 93.20 23.85
N PHE B 621 29.92 92.90 23.37
CA PHE B 621 29.45 91.54 23.02
C PHE B 621 29.31 91.41 21.51
N SER B 622 28.82 92.46 20.84
CA SER B 622 28.63 92.53 19.37
C SER B 622 29.61 93.52 18.76
N ALA B 623 30.08 93.22 17.55
CA ALA B 623 30.76 94.17 16.64
C ALA B 623 29.93 95.45 16.46
N ALA B 624 28.61 95.40 16.56
CA ALA B 624 27.73 96.59 16.39
C ALA B 624 27.91 97.54 17.57
N GLY B 625 27.93 96.98 18.78
CA GLY B 625 27.98 97.74 20.04
C GLY B 625 29.36 98.32 20.28
N MET B 626 30.42 97.66 19.80
CA MET B 626 31.81 98.20 19.86
C MET B 626 31.92 99.37 18.88
N THR B 627 31.55 99.15 17.61
CA THR B 627 31.53 100.20 16.56
C THR B 627 30.91 101.48 17.14
N ALA B 628 29.79 101.36 17.85
CA ALA B 628 29.06 102.49 18.49
C ALA B 628 29.98 103.23 19.46
N ALA B 629 30.78 102.48 20.23
CA ALA B 629 31.76 102.97 21.23
C ALA B 629 32.93 103.67 20.50
N ILE B 630 33.64 102.93 19.65
CA ILE B 630 34.79 103.46 18.85
C ILE B 630 34.37 104.77 18.16
N ASP B 631 33.15 104.87 17.64
CA ASP B 631 32.61 106.11 17.00
C ASP B 631 32.48 107.21 18.06
N SER B 632 32.12 106.83 19.29
CA SER B 632 31.95 107.77 20.42
C SER B 632 33.31 108.32 20.84
N VAL B 633 34.34 107.47 20.86
CA VAL B 633 35.76 107.87 21.10
C VAL B 633 36.12 108.92 20.04
N VAL B 634 36.12 108.50 18.78
CA VAL B 634 36.61 109.26 17.60
C VAL B 634 35.98 110.67 17.58
N SER B 635 34.71 110.81 17.95
CA SER B 635 34.01 112.13 17.96
C SER B 635 34.60 113.04 19.05
N GLN B 636 35.00 112.47 20.19
CA GLN B 636 35.43 113.23 21.40
C GLN B 636 36.92 113.58 21.37
N ILE B 637 37.75 112.86 20.59
CA ILE B 637 39.23 113.11 20.48
C ILE B 637 39.51 114.19 19.43
N GLU B 638 40.73 114.75 19.48
CA GLU B 638 41.28 115.74 18.53
C GLU B 638 41.83 115.05 17.28
N LYS B 639 41.82 115.75 16.15
CA LYS B 639 42.28 115.22 14.83
C LYS B 639 43.73 114.73 14.94
N GLY B 640 44.02 113.52 14.44
CA GLY B 640 45.38 112.97 14.40
C GLY B 640 45.74 112.20 15.65
N SER B 641 44.92 112.27 16.70
CA SER B 641 44.97 111.37 17.88
C SER B 641 44.61 109.95 17.45
N THR B 642 45.00 108.97 18.27
CA THR B 642 44.82 107.52 18.08
C THR B 642 44.54 106.88 19.44
N PHE B 643 44.01 105.66 19.41
CA PHE B 643 43.89 104.80 20.62
C PHE B 643 44.04 103.37 20.15
N GLY B 644 43.96 102.41 21.06
CA GLY B 644 44.13 100.98 20.74
C GLY B 644 42.99 100.17 21.30
N ILE B 645 43.05 98.85 21.13
CA ILE B 645 41.93 97.93 21.44
C ILE B 645 42.50 96.70 22.18
N ASN B 646 41.87 96.34 23.29
CA ASN B 646 42.18 95.12 24.07
C ASN B 646 41.15 94.05 23.70
N LEU B 647 41.58 92.92 23.14
CA LEU B 647 40.72 91.72 22.92
C LEU B 647 41.33 90.57 23.71
N ILE B 648 40.49 89.80 24.41
CA ILE B 648 40.92 88.67 25.29
C ILE B 648 41.01 87.41 24.43
N TYR B 649 42.15 86.73 24.39
CA TYR B 649 42.39 85.49 23.59
C TYR B 649 41.64 84.26 24.14
N VAL B 650 41.19 84.33 25.39
CA VAL B 650 40.44 83.26 26.12
C VAL B 650 38.97 83.27 25.69
N ASN B 651 38.47 84.35 25.08
CA ASN B 651 37.04 84.58 24.76
C ASN B 651 36.91 84.44 23.24
N PRO B 652 36.84 83.22 22.67
CA PRO B 652 37.04 83.04 21.23
C PRO B 652 35.84 83.58 20.46
N PHE B 653 34.74 83.84 21.15
CA PHE B 653 33.58 84.58 20.60
C PHE B 653 34.00 86.04 20.31
N MET B 654 34.62 86.73 21.27
CA MET B 654 35.10 88.14 21.12
C MET B 654 36.07 88.25 19.92
N LEU B 655 36.85 87.22 19.65
CA LEU B 655 37.87 87.25 18.57
C LEU B 655 37.23 87.08 17.19
N GLN B 656 36.21 86.22 17.05
CA GLN B 656 35.60 85.92 15.72
C GLN B 656 34.64 87.04 15.33
N TRP B 657 34.35 88.04 16.17
CA TRP B 657 33.75 89.32 15.71
C TRP B 657 34.79 90.43 15.78
N GLY B 658 35.60 90.48 16.84
CA GLY B 658 36.56 91.56 17.15
C GLY B 658 37.56 91.80 16.04
N ILE B 659 38.25 90.74 15.59
CA ILE B 659 39.36 90.82 14.59
C ILE B 659 38.81 91.29 13.25
N PRO B 660 37.78 90.65 12.65
CA PRO B 660 37.07 91.22 11.51
C PRO B 660 36.71 92.71 11.62
N LEU B 661 36.23 93.14 12.78
CA LEU B 661 35.73 94.52 13.02
C LEU B 661 36.89 95.50 12.93
N ILE B 662 38.10 95.08 13.30
CA ILE B 662 39.28 95.99 13.29
C ILE B 662 39.70 96.13 11.83
N LYS B 663 39.91 95.01 11.14
CA LYS B 663 40.23 94.94 9.68
C LYS B 663 39.30 95.85 8.88
N GLU B 664 38.00 95.67 9.08
CA GLU B 664 36.93 96.46 8.41
C GLU B 664 37.07 97.93 8.78
N LEU B 665 37.36 98.24 10.04
CA LEU B 665 37.45 99.64 10.55
C LEU B 665 38.77 100.28 10.11
N ARG B 666 39.84 99.50 10.07
CA ARG B 666 41.20 99.98 9.73
C ARG B 666 41.25 100.34 8.24
N SER B 667 40.65 99.50 7.40
CA SER B 667 40.48 99.68 5.93
C SER B 667 39.68 100.95 5.59
N LYS B 668 38.75 101.38 6.44
CA LYS B 668 38.04 102.69 6.29
C LYS B 668 38.89 103.83 6.85
N GLY B 669 39.98 103.52 7.58
CA GLY B 669 40.95 104.50 8.10
C GLY B 669 40.66 105.00 9.51
N TYR B 670 39.85 104.30 10.32
CA TYR B 670 39.62 104.62 11.76
C TYR B 670 40.95 104.63 12.50
N PRO B 671 41.21 105.60 13.39
CA PRO B 671 42.51 105.74 14.05
C PRO B 671 42.73 104.72 15.16
N ILE B 672 42.89 103.45 14.79
CA ILE B 672 43.25 102.32 15.69
C ILE B 672 44.75 102.11 15.53
N GLN B 673 45.56 102.75 16.39
CA GLN B 673 47.04 102.69 16.36
C GLN B 673 47.51 101.25 16.58
N PHE B 674 46.90 100.52 17.51
CA PHE B 674 47.42 99.18 17.92
C PHE B 674 46.31 98.32 18.50
N LEU B 675 46.55 97.02 18.50
CA LEU B 675 45.69 96.02 19.15
C LEU B 675 46.54 95.30 20.19
N THR B 676 46.06 95.21 21.42
CA THR B 676 46.68 94.43 22.52
C THR B 676 45.86 93.17 22.70
N ILE B 677 46.51 92.02 22.83
CA ILE B 677 45.81 90.74 23.09
C ILE B 677 46.10 90.39 24.54
N GLY B 678 45.08 90.42 25.40
CA GLY B 678 45.17 90.04 26.81
C GLY B 678 44.98 88.54 26.99
N ALA B 679 45.31 88.04 28.18
CA ALA B 679 45.02 86.66 28.64
C ALA B 679 45.43 85.65 27.57
N GLY B 680 46.74 85.43 27.41
CA GLY B 680 47.31 84.43 26.50
C GLY B 680 48.05 85.07 25.35
N VAL B 681 48.81 84.25 24.62
CA VAL B 681 49.57 84.69 23.41
C VAL B 681 49.15 83.81 22.24
N PRO B 682 48.77 84.40 21.09
CA PRO B 682 48.41 83.61 19.91
C PRO B 682 49.51 82.65 19.44
N SER B 683 49.17 81.70 18.57
CA SER B 683 50.10 80.81 17.84
C SER B 683 50.73 81.61 16.70
N LEU B 684 51.89 81.20 16.18
CA LEU B 684 52.63 81.98 15.13
C LEU B 684 51.68 82.36 13.99
N GLU B 685 50.84 81.43 13.53
CA GLU B 685 50.08 81.56 12.25
C GLU B 685 48.88 82.47 12.44
N VAL B 686 48.41 82.65 13.68
CA VAL B 686 47.29 83.56 14.01
C VAL B 686 47.85 84.98 14.18
N ALA B 687 48.93 85.13 14.95
CA ALA B 687 49.65 86.42 15.11
C ALA B 687 50.10 86.92 13.73
N SER B 688 50.62 86.03 12.88
CA SER B 688 50.98 86.33 11.46
C SER B 688 49.78 86.95 10.75
N GLU B 689 48.58 86.37 10.89
CA GLU B 689 47.33 86.95 10.34
C GLU B 689 47.09 88.34 10.97
N TYR B 690 47.24 88.52 12.30
CA TYR B 690 46.96 89.82 12.98
C TYR B 690 47.95 90.89 12.52
N ILE B 691 49.21 90.51 12.31
CA ILE B 691 50.29 91.47 11.92
C ILE B 691 50.00 92.02 10.52
N GLU B 692 49.90 91.13 9.54
CA GLU B 692 49.86 91.45 8.08
C GLU B 692 48.51 92.07 7.72
N THR B 693 47.44 91.38 8.08
CA THR B 693 46.06 91.54 7.54
C THR B 693 45.41 92.81 8.09
N LEU B 694 45.62 93.13 9.38
CA LEU B 694 45.06 94.33 10.05
C LEU B 694 46.05 95.46 9.82
N GLY B 695 45.60 96.69 9.64
CA GLY B 695 46.49 97.82 9.33
C GLY B 695 47.03 98.46 10.60
N LEU B 696 47.77 97.70 11.42
CA LEU B 696 48.15 98.11 12.79
C LEU B 696 49.62 98.53 12.82
N LYS B 697 49.90 99.64 13.50
CA LYS B 697 51.27 100.18 13.67
C LYS B 697 52.05 99.18 14.50
N TYR B 698 51.47 98.69 15.60
CA TYR B 698 52.10 97.59 16.41
C TYR B 698 51.06 96.73 17.13
N LEU B 699 51.51 95.55 17.54
CA LEU B 699 50.76 94.51 18.28
C LEU B 699 51.23 94.48 19.73
N GLY B 700 50.31 94.36 20.67
CA GLY B 700 50.62 94.17 22.10
C GLY B 700 50.37 92.73 22.53
N LEU B 701 51.28 92.16 23.30
CA LEU B 701 51.14 90.79 23.84
C LEU B 701 51.43 90.82 25.35
N LYS B 702 50.61 90.12 26.13
CA LYS B 702 50.69 90.06 27.60
C LYS B 702 50.93 88.62 27.99
N PRO B 703 52.18 88.14 27.91
CA PRO B 703 52.52 86.81 28.43
C PRO B 703 52.59 86.76 29.96
N GLY B 704 52.19 85.61 30.51
CA GLY B 704 52.17 85.34 31.96
C GLY B 704 53.43 84.65 32.43
N SER B 705 53.85 83.59 31.73
CA SER B 705 54.95 82.69 32.14
C SER B 705 56.19 82.94 31.28
N ILE B 706 57.28 82.27 31.62
CA ILE B 706 58.53 82.22 30.81
C ILE B 706 58.21 81.60 29.43
N ASP B 707 57.40 80.54 29.38
CA ASP B 707 57.02 79.84 28.12
C ASP B 707 56.28 80.79 27.17
N ALA B 708 55.43 81.65 27.72
CA ALA B 708 54.67 82.67 26.95
C ALA B 708 55.62 83.75 26.43
N ILE B 709 56.61 84.17 27.23
CA ILE B 709 57.64 85.17 26.80
C ILE B 709 58.42 84.59 25.61
N SER B 710 58.66 83.28 25.57
CA SER B 710 59.34 82.60 24.43
C SER B 710 58.46 82.66 23.18
N GLN B 711 57.16 82.36 23.32
CA GLN B 711 56.16 82.39 22.23
C GLN B 711 56.03 83.82 21.66
N VAL B 712 56.35 84.86 22.44
CA VAL B 712 56.36 86.28 21.97
C VAL B 712 57.59 86.54 21.13
N ILE B 713 58.74 86.05 21.59
CA ILE B 713 60.03 86.13 20.85
C ILE B 713 59.88 85.44 19.48
N ASN B 714 59.22 84.27 19.41
CA ASN B 714 59.06 83.54 18.12
C ASN B 714 58.19 84.35 17.13
N ILE B 715 57.16 85.06 17.62
CA ILE B 715 56.32 85.94 16.76
C ILE B 715 57.19 87.06 16.21
N ALA B 716 58.20 87.51 16.97
CA ALA B 716 58.98 88.71 16.65
C ALA B 716 60.11 88.36 15.67
N LYS B 717 60.73 87.18 15.85
CA LYS B 717 61.71 86.58 14.93
C LYS B 717 61.09 86.51 13.52
N ALA B 718 59.83 86.08 13.43
CA ALA B 718 59.11 85.77 12.19
C ALA B 718 58.65 87.02 11.43
N HIS B 719 58.65 88.19 12.07
CA HIS B 719 58.26 89.49 11.45
C HIS B 719 59.21 90.58 11.96
N PRO B 720 60.51 90.49 11.63
CA PRO B 720 61.53 91.27 12.32
C PRO B 720 61.50 92.77 12.00
N ASN B 721 60.59 93.25 11.14
CA ASN B 721 60.43 94.68 10.84
C ASN B 721 59.22 95.25 11.57
N PHE B 722 58.34 94.39 12.06
CA PHE B 722 57.09 94.79 12.73
C PHE B 722 57.34 95.02 14.21
N PRO B 723 56.90 96.14 14.80
CA PRO B 723 57.05 96.36 16.22
C PRO B 723 56.05 95.52 17.02
N ILE B 724 56.56 94.89 18.07
CA ILE B 724 55.79 94.15 19.09
C ILE B 724 56.06 94.79 20.44
N ALA B 725 55.02 95.13 21.19
CA ALA B 725 55.11 95.62 22.58
C ALA B 725 54.84 94.44 23.50
N LEU B 726 55.89 93.85 24.04
CA LEU B 726 55.81 92.80 25.08
C LEU B 726 55.48 93.53 26.40
N GLN B 727 54.21 93.44 26.82
CA GLN B 727 53.66 94.10 28.03
C GLN B 727 53.82 93.12 29.19
N TRP B 728 54.88 93.27 29.97
CA TRP B 728 55.23 92.32 31.05
C TRP B 728 54.58 92.78 32.34
N THR B 729 53.79 91.90 32.93
CA THR B 729 52.98 92.11 34.15
C THR B 729 53.18 90.88 35.02
N GLY B 730 53.52 91.07 36.29
CA GLY B 730 53.60 89.96 37.27
C GLY B 730 52.23 89.53 37.76
N GLY B 731 52.22 88.54 38.66
CA GLY B 731 51.06 88.15 39.48
C GLY B 731 50.59 89.23 40.43
N ARG B 732 51.43 90.20 40.80
CA ARG B 732 51.08 91.23 41.81
C ARG B 732 50.11 92.28 41.25
N GLY B 733 49.64 92.10 40.01
CA GLY B 733 48.78 93.09 39.32
C GLY B 733 47.31 92.89 39.59
N GLY B 734 46.48 93.89 39.31
CA GLY B 734 45.04 93.84 39.56
C GLY B 734 44.33 92.96 38.55
N GLY B 735 43.10 92.53 38.86
CA GLY B 735 42.26 91.71 37.97
C GLY B 735 42.87 90.34 37.74
N HIS B 736 42.56 89.68 36.62
CA HIS B 736 43.05 88.29 36.37
C HIS B 736 44.58 88.34 36.35
N HIS B 737 45.23 87.48 37.14
CA HIS B 737 46.70 87.55 37.38
C HIS B 737 47.30 86.14 37.32
N SER B 738 48.59 86.06 37.01
CA SER B 738 49.35 84.78 37.01
C SER B 738 49.83 84.56 38.44
N PHE B 739 50.61 83.50 38.66
CA PHE B 739 51.23 83.16 39.97
C PHE B 739 52.66 83.68 40.06
N GLU B 740 53.18 84.25 38.97
CA GLU B 740 54.63 84.53 38.76
C GLU B 740 55.09 85.74 39.55
N ASP B 741 56.33 85.72 40.04
CA ASP B 741 57.04 86.94 40.49
C ASP B 741 57.14 87.88 39.29
N ALA B 742 57.33 89.17 39.55
CA ALA B 742 57.47 90.21 38.51
C ALA B 742 58.92 90.31 38.02
N HIS B 743 59.89 89.95 38.88
CA HIS B 743 61.34 90.20 38.69
C HIS B 743 62.03 88.97 38.10
N THR B 744 61.85 87.82 38.73
CA THR B 744 62.59 86.57 38.42
C THR B 744 62.48 86.28 36.93
N PRO B 745 61.29 86.24 36.31
CA PRO B 745 61.17 85.86 34.90
C PRO B 745 61.89 86.82 33.94
N MET B 746 61.96 88.11 34.28
CA MET B 746 62.65 89.13 33.46
C MET B 746 64.16 88.89 33.50
N LEU B 747 64.74 88.73 34.68
CA LEU B 747 66.17 88.40 34.87
C LEU B 747 66.57 87.17 34.03
N GLN B 748 65.70 86.16 33.94
CA GLN B 748 65.98 84.96 33.11
C GLN B 748 65.89 85.28 31.61
N MET B 749 64.96 86.14 31.19
CA MET B 749 64.58 86.26 29.76
C MET B 749 65.05 87.57 29.12
N TYR B 750 65.34 88.61 29.90
CA TYR B 750 65.67 89.96 29.37
C TYR B 750 66.68 89.89 28.22
N SER B 751 67.74 89.10 28.38
CA SER B 751 68.81 88.92 27.37
C SER B 751 68.21 88.43 26.04
N LYS B 752 67.36 87.40 26.06
CA LYS B 752 66.78 86.82 24.82
C LYS B 752 65.82 87.81 24.15
N ILE B 753 65.11 88.60 24.94
CA ILE B 753 64.16 89.63 24.43
C ILE B 753 64.96 90.70 23.71
N ARG B 754 66.04 91.20 24.32
CA ARG B 754 66.87 92.26 23.71
C ARG B 754 67.66 91.80 22.46
N ARG B 755 67.80 90.49 22.18
CA ARG B 755 68.38 89.99 20.89
C ARG B 755 67.57 90.55 19.71
N HIS B 756 66.24 90.62 19.87
CA HIS B 756 65.24 90.98 18.83
C HIS B 756 64.89 92.44 18.99
N PRO B 757 65.40 93.33 18.12
CA PRO B 757 65.24 94.76 18.35
C PRO B 757 63.88 95.34 17.95
N ASN B 758 62.89 94.53 17.59
CA ASN B 758 61.51 95.03 17.31
C ASN B 758 60.62 94.76 18.51
N ILE B 759 61.16 94.29 19.63
CA ILE B 759 60.37 94.10 20.88
C ILE B 759 60.63 95.32 21.77
N MET B 760 59.59 96.12 21.96
CA MET B 760 59.54 97.26 22.90
C MET B 760 59.06 96.70 24.23
N LEU B 761 59.93 96.70 25.23
CA LEU B 761 59.76 95.89 26.45
C LEU B 761 59.21 96.76 27.57
N ILE B 762 57.94 96.53 27.93
CA ILE B 762 57.12 97.41 28.80
C ILE B 762 56.78 96.70 30.11
N PHE B 763 57.15 97.31 31.24
CA PHE B 763 56.92 96.75 32.60
C PHE B 763 55.55 97.24 33.07
N GLY B 764 54.93 96.45 33.94
CA GLY B 764 53.69 96.80 34.64
C GLY B 764 53.45 95.88 35.81
N SER B 765 52.43 96.19 36.63
CA SER B 765 52.11 95.49 37.90
C SER B 765 52.90 96.13 39.03
N GLY B 766 52.23 97.04 39.72
CA GLY B 766 52.63 97.50 41.05
C GLY B 766 53.03 98.96 41.05
N PHE B 767 52.80 99.69 39.97
CA PHE B 767 53.37 101.06 39.83
C PHE B 767 52.33 102.13 40.14
N GLY B 768 52.81 103.32 40.48
CA GLY B 768 51.96 104.44 40.91
C GLY B 768 52.60 105.78 40.62
N SER B 769 53.73 106.07 41.26
CA SER B 769 54.46 107.36 41.15
C SER B 769 55.58 107.21 40.11
N ALA B 770 56.34 108.27 39.87
CA ALA B 770 57.63 108.23 39.16
C ALA B 770 58.66 107.48 40.02
N ASP B 771 58.73 107.82 41.31
CA ASP B 771 59.76 107.37 42.30
C ASP B 771 59.93 105.85 42.29
N ASP B 772 58.84 105.11 42.18
CA ASP B 772 58.82 103.64 42.36
C ASP B 772 59.09 102.95 41.03
N THR B 773 58.94 103.67 39.92
CA THR B 773 59.06 103.13 38.53
C THR B 773 60.37 103.60 37.87
N TYR B 774 61.10 104.57 38.45
CA TYR B 774 62.37 105.14 37.94
C TYR B 774 63.46 104.08 37.85
N PRO B 775 63.68 103.27 38.92
CA PRO B 775 64.61 102.15 38.85
C PRO B 775 64.53 101.25 37.62
N TYR B 776 63.36 101.13 36.99
CA TYR B 776 63.13 100.25 35.82
C TYR B 776 63.46 101.00 34.53
N LEU B 777 63.27 102.31 34.51
CA LEU B 777 63.63 103.19 33.39
C LEU B 777 65.15 103.29 33.30
N THR B 778 65.81 103.50 34.45
CA THR B 778 67.28 103.66 34.63
C THR B 778 68.00 102.32 34.45
N GLY B 779 67.33 101.20 34.72
CA GLY B 779 67.93 99.85 34.66
C GLY B 779 68.45 99.37 36.01
N GLU B 780 68.54 100.22 37.04
CA GLU B 780 69.29 99.92 38.29
C GLU B 780 68.47 99.05 39.25
N TRP B 781 67.31 98.57 38.83
CA TRP B 781 66.48 97.62 39.61
C TRP B 781 67.11 96.23 39.65
N SER B 782 67.84 95.88 38.60
CA SER B 782 68.46 94.53 38.42
C SER B 782 69.82 94.52 39.12
N THR B 783 70.29 95.68 39.57
CA THR B 783 71.50 95.82 40.43
C THR B 783 71.22 95.20 41.81
N LYS B 784 69.98 95.28 42.33
CA LYS B 784 69.55 94.68 43.64
C LYS B 784 69.86 93.17 43.63
N PHE B 785 69.47 92.48 42.56
CA PHE B 785 69.61 91.01 42.40
C PHE B 785 70.99 90.64 41.80
N ASP B 786 71.99 91.53 41.88
CA ASP B 786 73.38 91.34 41.37
C ASP B 786 73.38 90.81 39.92
N TYR B 787 72.60 91.45 39.05
CA TYR B 787 72.72 91.36 37.58
C TYR B 787 73.22 92.72 37.09
N PRO B 788 73.61 92.85 35.80
CA PRO B 788 73.97 94.16 35.25
C PRO B 788 72.72 94.95 34.90
N PRO B 789 72.78 96.29 34.85
CA PRO B 789 71.59 97.13 34.66
C PRO B 789 70.83 96.71 33.40
N MET B 790 69.50 96.82 33.39
CA MET B 790 68.65 96.00 32.51
C MET B 790 67.37 96.72 32.10
N PRO B 791 67.45 97.96 31.54
CA PRO B 791 66.32 98.87 31.54
C PRO B 791 65.20 98.64 30.52
N PHE B 792 64.02 99.18 30.84
CA PHE B 792 62.72 98.99 30.17
C PHE B 792 62.35 100.24 29.38
N ASP B 793 61.47 100.03 28.41
CA ASP B 793 61.12 101.00 27.36
C ASP B 793 59.86 101.77 27.76
N GLY B 794 58.99 101.21 28.60
CA GLY B 794 57.83 101.96 29.13
C GLY B 794 57.12 101.23 30.26
N PHE B 795 56.15 101.91 30.88
CA PHE B 795 55.37 101.40 32.04
C PHE B 795 53.90 101.37 31.71
N LEU B 796 53.14 100.47 32.34
CA LEU B 796 51.67 100.53 32.34
C LEU B 796 51.13 100.62 33.75
N PHE B 797 50.13 101.49 33.93
CA PHE B 797 49.39 101.75 35.18
C PHE B 797 47.94 101.33 34.99
N GLY B 798 47.54 100.18 35.54
CA GLY B 798 46.12 99.82 35.63
C GLY B 798 45.48 100.36 36.90
N SER B 799 45.60 99.60 37.99
CA SER B 799 45.04 99.94 39.31
C SER B 799 45.17 101.43 39.59
N ARG B 800 46.36 102.02 39.41
CA ARG B 800 46.68 103.40 39.87
C ARG B 800 45.66 104.41 39.37
N VAL B 801 45.04 104.13 38.24
CA VAL B 801 44.31 105.14 37.44
C VAL B 801 42.79 105.02 37.66
N MET B 802 42.35 104.12 38.56
CA MET B 802 40.92 103.73 38.77
C MET B 802 40.20 104.70 39.72
N ILE B 803 40.88 105.72 40.25
CA ILE B 803 40.21 106.75 41.10
C ILE B 803 40.39 108.11 40.43
N ALA B 804 40.61 108.10 39.12
CA ALA B 804 40.72 109.33 38.31
C ALA B 804 39.34 109.97 38.17
N LYS B 805 39.29 111.25 37.85
CA LYS B 805 38.04 112.04 37.78
C LYS B 805 37.12 111.45 36.71
N GLU B 806 37.69 110.99 35.59
CA GLU B 806 36.95 110.73 34.32
C GLU B 806 36.61 109.25 34.17
N VAL B 807 37.11 108.38 35.05
CA VAL B 807 36.66 106.95 35.10
C VAL B 807 35.29 106.94 35.78
N LYS B 808 34.43 106.01 35.34
CA LYS B 808 33.00 106.00 35.65
C LYS B 808 32.74 105.28 36.98
N THR B 809 33.75 104.55 37.51
CA THR B 809 33.77 103.95 38.88
C THR B 809 33.03 104.88 39.86
N SER B 810 32.10 104.32 40.64
CA SER B 810 31.07 105.08 41.41
C SER B 810 31.72 105.78 42.59
N PRO B 811 31.32 107.04 42.88
CA PRO B 811 31.92 107.82 43.97
C PRO B 811 32.31 107.04 45.23
N ASP B 812 31.45 106.08 45.63
CA ASP B 812 31.61 105.29 46.87
C ASP B 812 32.65 104.17 46.65
N ALA B 813 32.78 103.61 45.45
CA ALA B 813 33.81 102.59 45.14
C ALA B 813 35.21 103.23 45.06
N LYS B 814 35.30 104.52 44.73
CA LYS B 814 36.57 105.30 44.82
C LYS B 814 36.97 105.48 46.29
N LYS B 815 36.01 105.77 47.18
CA LYS B 815 36.28 105.86 48.64
C LYS B 815 36.77 104.51 49.15
N CYS B 816 36.16 103.44 48.66
CA CYS B 816 36.47 102.03 49.02
C CYS B 816 37.88 101.67 48.56
N ILE B 817 38.30 102.19 47.40
CA ILE B 817 39.67 101.94 46.82
C ILE B 817 40.71 102.68 47.66
N ALA B 818 40.50 103.98 47.88
CA ALA B 818 41.46 104.86 48.59
C ALA B 818 41.73 104.34 50.01
N ALA B 819 40.77 103.63 50.61
CA ALA B 819 40.87 103.07 51.98
C ALA B 819 41.81 101.87 52.01
N CYS B 820 41.88 101.06 50.95
CA CYS B 820 42.85 99.93 50.80
C CYS B 820 44.27 100.49 50.94
N THR B 821 44.98 100.08 51.99
CA THR B 821 46.37 100.51 52.28
C THR B 821 47.31 99.86 51.25
N GLY B 822 47.02 98.61 50.90
CA GLY B 822 47.89 97.80 50.02
C GLY B 822 49.07 97.28 50.77
N VAL B 823 50.07 96.76 50.07
CA VAL B 823 51.15 95.94 50.70
C VAL B 823 52.39 95.97 49.82
N PRO B 824 53.63 96.02 50.37
CA PRO B 824 54.83 96.00 49.54
C PRO B 824 54.99 94.68 48.76
N ASP B 825 55.84 94.67 47.73
CA ASP B 825 55.96 93.54 46.76
C ASP B 825 56.12 92.21 47.52
N ASP B 826 56.98 92.14 48.53
CA ASP B 826 57.33 90.89 49.28
C ASP B 826 56.07 90.14 49.77
N LYS B 827 54.96 90.84 50.01
CA LYS B 827 53.76 90.33 50.74
C LYS B 827 52.52 90.13 49.85
N TRP B 828 52.53 90.59 48.60
CA TRP B 828 51.42 90.38 47.62
C TRP B 828 50.93 88.92 47.62
N GLU B 829 51.80 87.95 47.89
CA GLU B 829 51.47 86.51 47.69
C GLU B 829 50.60 85.98 48.84
N GLN B 830 50.30 86.79 49.84
CA GLN B 830 49.40 86.43 50.97
C GLN B 830 47.94 86.53 50.53
N THR B 831 47.63 87.19 49.41
CA THR B 831 46.23 87.39 48.91
C THR B 831 45.59 86.07 48.48
N TYR B 832 46.34 84.97 48.36
CA TYR B 832 45.76 83.63 48.10
C TYR B 832 45.10 83.09 49.37
N LYS B 833 45.60 83.46 50.55
CA LYS B 833 45.14 82.94 51.87
C LYS B 833 44.01 83.82 52.43
N LYS B 834 44.23 85.13 52.53
CA LYS B 834 43.39 86.05 53.36
C LYS B 834 43.55 87.49 52.89
N PRO B 835 42.64 88.42 53.27
CA PRO B 835 42.82 89.83 52.94
C PRO B 835 44.21 90.34 53.33
N THR B 836 44.85 91.03 52.37
CA THR B 836 46.22 91.57 52.41
C THR B 836 46.16 92.98 51.81
N GLY B 837 46.38 94.03 52.61
CA GLY B 837 46.16 95.43 52.20
C GLY B 837 44.73 95.70 51.78
N GLY B 838 43.77 94.94 52.32
CA GLY B 838 42.35 95.02 51.96
C GLY B 838 42.03 94.41 50.60
N ILE B 839 42.79 93.39 50.16
CA ILE B 839 42.67 92.77 48.82
C ILE B 839 42.88 91.25 48.92
N VAL B 840 42.16 90.46 48.14
CA VAL B 840 42.21 88.98 48.12
C VAL B 840 42.18 88.50 46.67
N THR B 841 42.76 87.32 46.46
CA THR B 841 42.54 86.51 45.25
C THR B 841 41.21 85.78 45.43
N VAL B 842 40.66 85.29 44.32
CA VAL B 842 39.29 84.72 44.19
C VAL B 842 39.21 84.06 42.81
N ARG B 843 38.86 82.78 42.72
CA ARG B 843 38.71 82.06 41.43
C ARG B 843 37.51 82.66 40.68
N SER B 844 37.65 82.95 39.39
CA SER B 844 36.57 83.37 38.47
C SER B 844 35.75 82.13 38.07
N GLU B 845 34.81 82.27 37.14
CA GLU B 845 33.97 81.12 36.67
C GLU B 845 34.86 80.08 35.95
N MET B 846 35.93 80.53 35.26
CA MET B 846 36.87 79.67 34.51
C MET B 846 37.84 78.96 35.46
N GLY B 847 38.16 79.56 36.61
CA GLY B 847 39.14 79.03 37.59
C GLY B 847 40.42 79.86 37.61
N GLU B 848 40.51 80.90 36.77
CA GLU B 848 41.60 81.90 36.76
C GLU B 848 41.55 82.62 38.11
N PRO B 849 42.70 82.93 38.76
CA PRO B 849 42.71 83.85 39.89
C PRO B 849 42.32 85.28 39.48
N ILE B 850 41.83 86.08 40.44
CA ILE B 850 41.55 87.54 40.28
C ILE B 850 41.85 88.22 41.60
N HIS B 851 42.52 89.37 41.54
CA HIS B 851 42.72 90.27 42.70
C HIS B 851 41.54 91.21 42.78
N LYS B 852 40.73 91.10 43.84
CA LYS B 852 39.58 92.01 44.13
C LYS B 852 39.72 92.61 45.52
N ILE B 853 39.22 93.84 45.69
CA ILE B 853 39.06 94.54 47.00
C ILE B 853 38.14 93.70 47.87
N ALA B 854 38.61 93.29 49.04
CA ALA B 854 37.92 92.34 49.94
C ALA B 854 36.78 93.08 50.62
N THR B 855 35.68 93.23 49.88
CA THR B 855 34.34 93.62 50.36
C THR B 855 33.69 92.37 50.96
N ARG B 856 32.61 92.54 51.74
CA ARG B 856 31.76 91.43 52.25
C ARG B 856 31.37 90.52 51.09
N GLY B 857 30.99 91.12 49.95
CA GLY B 857 30.56 90.42 48.72
C GLY B 857 31.64 89.48 48.22
N VAL B 858 32.89 89.95 48.19
CA VAL B 858 34.03 89.18 47.65
C VAL B 858 34.43 88.15 48.72
N MET B 859 34.36 88.50 50.00
CA MET B 859 34.66 87.52 51.08
C MET B 859 33.65 86.37 51.05
N LEU B 860 32.39 86.66 50.71
CA LEU B 860 31.37 85.61 50.49
C LEU B 860 31.82 84.72 49.34
N TRP B 861 32.11 85.34 48.20
CA TRP B 861 32.69 84.69 46.98
C TRP B 861 33.82 83.73 47.37
N LYS B 862 34.78 84.21 48.15
CA LYS B 862 35.97 83.44 48.58
C LYS B 862 35.55 82.18 49.33
N GLU B 863 34.73 82.32 50.38
CA GLU B 863 34.16 81.22 51.23
C GLU B 863 33.46 80.16 50.37
N PHE B 864 32.72 80.54 49.33
CA PHE B 864 32.00 79.59 48.44
C PHE B 864 33.00 78.79 47.60
N ASP B 865 34.10 79.39 47.15
CA ASP B 865 35.17 78.68 46.38
C ASP B 865 35.80 77.60 47.28
N GLU B 866 35.96 77.89 48.57
CA GLU B 866 36.54 76.94 49.58
C GLU B 866 35.51 75.86 49.95
N THR B 867 34.24 76.24 50.10
CA THR B 867 33.15 75.40 50.70
C THR B 867 32.37 74.64 49.60
N ILE B 868 31.82 75.34 48.61
CA ILE B 868 30.75 74.85 47.69
C ILE B 868 31.30 74.49 46.30
N PHE B 869 32.03 75.40 45.64
CA PHE B 869 32.39 75.28 44.20
C PHE B 869 33.63 74.41 43.96
N ASN B 870 34.34 73.99 45.02
CA ASN B 870 35.49 73.05 44.91
C ASN B 870 35.02 71.60 45.00
N LEU B 871 33.75 71.37 45.38
CA LEU B 871 33.20 70.00 45.60
C LEU B 871 32.99 69.34 44.24
N PRO B 872 33.08 67.99 44.15
CA PRO B 872 32.73 67.27 42.93
C PRO B 872 31.21 67.33 42.68
N LYS B 873 30.79 67.05 41.44
CA LYS B 873 29.41 67.31 40.91
C LYS B 873 28.33 66.54 41.68
N ASN B 874 28.58 65.26 42.03
CA ASN B 874 27.65 64.39 42.80
C ASN B 874 27.39 64.97 44.21
N LYS B 875 28.38 65.63 44.81
CA LYS B 875 28.35 66.13 46.22
C LYS B 875 27.74 67.53 46.33
N LEU B 876 27.39 68.19 45.22
CA LEU B 876 27.10 69.65 45.20
C LEU B 876 25.67 69.91 45.70
N VAL B 877 24.67 69.26 45.08
CA VAL B 877 23.22 69.50 45.33
C VAL B 877 22.83 69.04 46.74
N PRO B 878 23.33 67.89 47.27
CA PRO B 878 23.22 67.58 48.68
C PRO B 878 23.72 68.70 49.63
N THR B 879 24.90 69.26 49.33
CA THR B 879 25.56 70.31 50.13
C THR B 879 24.72 71.60 50.10
N LEU B 880 24.21 71.97 48.93
CA LEU B 880 23.38 73.20 48.71
C LEU B 880 22.07 73.12 49.49
N GLU B 881 21.47 71.93 49.61
CA GLU B 881 20.22 71.72 50.38
C GLU B 881 20.51 71.82 51.87
N ALA B 882 21.62 71.24 52.33
CA ALA B 882 22.04 71.25 53.74
C ALA B 882 22.18 72.69 54.24
N LYS B 883 22.82 73.57 53.46
CA LYS B 883 23.15 74.95 53.92
C LYS B 883 22.34 75.98 53.12
N ARG B 884 21.27 75.53 52.45
CA ARG B 884 20.28 76.37 51.74
C ARG B 884 19.96 77.64 52.53
N ASP B 885 19.51 77.51 53.78
CA ASP B 885 19.01 78.68 54.55
C ASP B 885 20.16 79.65 54.83
N TYR B 886 21.37 79.12 55.01
CA TYR B 886 22.58 79.93 55.32
C TYR B 886 22.95 80.76 54.09
N ILE B 887 23.21 80.08 52.96
CA ILE B 887 23.48 80.66 51.61
C ILE B 887 22.48 81.79 51.33
N ILE B 888 21.19 81.53 51.40
CA ILE B 888 20.14 82.55 51.12
C ILE B 888 20.36 83.77 52.02
N SER B 889 20.73 83.59 53.29
CA SER B 889 20.87 84.72 54.26
C SER B 889 22.07 85.58 53.86
N ARG B 890 23.12 84.94 53.34
CA ARG B 890 24.44 85.56 52.99
C ARG B 890 24.26 86.39 51.72
N LEU B 891 23.78 85.76 50.65
CA LEU B 891 23.37 86.42 49.38
C LEU B 891 22.57 87.69 49.69
N ASN B 892 21.65 87.67 50.65
CA ASN B 892 20.74 88.84 50.89
C ASN B 892 21.47 89.94 51.66
N ALA B 893 22.29 89.57 52.65
CA ALA B 893 23.07 90.49 53.50
C ALA B 893 24.18 91.16 52.69
N ASP B 894 24.93 90.36 51.92
CA ASP B 894 26.35 90.62 51.58
C ASP B 894 26.62 90.67 50.07
N PHE B 895 25.76 90.21 49.16
CA PHE B 895 26.15 90.03 47.73
C PHE B 895 25.38 90.95 46.76
N GLN B 896 25.99 91.16 45.59
CA GLN B 896 25.53 92.06 44.51
C GLN B 896 24.37 91.42 43.77
N LYS B 897 24.31 90.09 43.76
CA LYS B 897 23.16 89.29 43.30
C LYS B 897 22.39 88.74 44.50
N PRO B 898 21.29 89.38 44.96
CA PRO B 898 20.53 88.87 46.10
C PRO B 898 19.74 87.63 45.69
N TRP B 899 19.17 86.90 46.65
CA TRP B 899 18.29 85.71 46.45
C TRP B 899 16.92 86.22 46.06
N PHE B 900 16.41 85.81 44.91
CA PHE B 900 15.35 86.57 44.19
C PHE B 900 14.08 86.60 45.03
N ALA B 901 13.78 85.42 45.58
CA ALA B 901 12.54 85.07 46.29
C ALA B 901 12.70 85.44 47.75
N THR B 902 12.64 86.72 48.03
CA THR B 902 12.50 87.29 49.38
C THR B 902 11.46 88.40 49.26
N VAL B 903 10.41 88.31 50.07
CA VAL B 903 9.35 89.34 50.18
C VAL B 903 9.37 89.84 51.62
N ASN B 904 9.38 91.18 51.79
CA ASN B 904 9.63 91.95 53.05
C ASN B 904 10.70 91.26 53.90
N GLY B 905 11.87 91.02 53.31
CA GLY B 905 13.09 90.54 54.00
C GLY B 905 12.94 89.15 54.58
N GLN B 906 12.02 88.34 54.05
CA GLN B 906 11.69 86.98 54.54
C GLN B 906 11.96 86.00 53.39
N ALA B 907 12.85 85.03 53.57
CA ALA B 907 13.25 84.06 52.52
C ALA B 907 12.08 83.14 52.20
N ARG B 908 12.04 82.70 50.95
CA ARG B 908 10.96 81.94 50.32
C ARG B 908 11.62 81.03 49.27
N ASP B 909 10.84 80.65 48.26
CA ASP B 909 11.28 79.97 47.03
C ASP B 909 10.34 80.51 45.93
N LEU B 910 10.67 80.41 44.64
CA LEU B 910 9.75 80.88 43.57
C LEU B 910 8.36 80.28 43.83
N ALA B 911 8.34 78.95 44.08
CA ALA B 911 7.14 78.11 44.25
C ALA B 911 6.29 78.54 45.44
N THR B 912 6.77 79.38 46.36
CA THR B 912 6.01 79.88 47.55
C THR B 912 5.78 81.39 47.49
N MET B 913 5.79 81.98 46.31
CA MET B 913 5.62 83.44 46.07
C MET B 913 4.40 83.60 45.18
N THR B 914 3.65 84.68 45.35
CA THR B 914 2.47 84.95 44.49
C THR B 914 2.98 85.64 43.23
N TYR B 915 2.19 85.58 42.15
CA TYR B 915 2.49 86.22 40.85
C TYR B 915 2.67 87.71 41.11
N GLU B 916 1.93 88.34 42.01
CA GLU B 916 2.10 89.79 42.33
C GLU B 916 3.46 90.02 43.02
N GLU B 917 3.70 89.32 44.13
CA GLU B 917 4.99 89.33 44.87
C GLU B 917 6.17 89.23 43.89
N VAL B 918 6.05 88.47 42.79
CA VAL B 918 7.17 88.23 41.84
C VAL B 918 7.35 89.49 41.01
N ALA B 919 6.29 89.98 40.40
CA ALA B 919 6.33 91.18 39.55
C ALA B 919 6.75 92.41 40.37
N LYS B 920 6.43 92.48 41.66
CA LYS B 920 6.82 93.63 42.53
C LYS B 920 8.34 93.62 42.72
N ARG B 921 8.91 92.43 42.74
CA ARG B 921 10.33 92.19 43.10
C ARG B 921 11.18 92.39 41.85
N LEU B 922 10.68 92.00 40.68
CA LEU B 922 11.32 92.32 39.37
C LEU B 922 11.46 93.84 39.22
N VAL B 923 10.49 94.64 39.65
CA VAL B 923 10.57 96.12 39.57
C VAL B 923 11.57 96.63 40.62
N GLU B 924 11.48 96.14 41.84
CA GLU B 924 12.38 96.49 42.98
C GLU B 924 13.84 96.34 42.55
N LEU B 925 14.18 95.32 41.75
CA LEU B 925 15.56 94.85 41.52
C LEU B 925 16.11 95.27 40.15
N MET B 926 15.26 95.57 39.18
CA MET B 926 15.70 95.88 37.80
C MET B 926 15.41 97.33 37.42
N PHE B 927 14.37 97.94 37.99
CA PHE B 927 13.95 99.33 37.72
C PHE B 927 14.53 100.21 38.81
N ILE B 928 15.05 101.38 38.42
CA ILE B 928 15.88 102.29 39.27
C ILE B 928 15.04 103.53 39.57
N ARG B 929 14.76 103.80 40.85
CA ARG B 929 13.86 104.90 41.25
C ARG B 929 14.52 106.26 40.97
N SER B 930 15.77 106.44 41.40
CA SER B 930 16.55 107.71 41.29
C SER B 930 16.48 108.27 39.85
N THR B 931 16.84 107.46 38.84
CA THR B 931 16.85 107.83 37.40
C THR B 931 15.46 107.64 36.75
N ASN B 932 14.51 107.01 37.46
CA ASN B 932 13.10 106.79 37.04
C ASN B 932 13.08 106.09 35.68
N SER B 933 13.90 105.03 35.53
CA SER B 933 14.05 104.25 34.28
C SER B 933 14.55 102.83 34.60
N TRP B 934 14.33 101.91 33.68
CA TRP B 934 14.88 100.53 33.75
C TRP B 934 16.39 100.60 33.52
N PHE B 935 17.16 99.78 34.22
CA PHE B 935 18.63 99.77 34.08
C PHE B 935 18.98 99.36 32.67
N ASP B 936 18.44 98.22 32.25
CA ASP B 936 18.62 97.63 30.89
C ASP B 936 17.23 97.37 30.30
N VAL B 937 17.08 97.60 29.00
CA VAL B 937 15.81 97.42 28.26
C VAL B 937 15.53 95.91 28.10
N THR B 938 16.55 95.04 28.03
CA THR B 938 16.34 93.56 28.01
C THR B 938 15.64 93.09 29.30
N TRP B 939 15.80 93.83 30.40
CA TRP B 939 15.20 93.54 31.72
C TRP B 939 13.77 94.00 31.75
N ARG B 940 13.47 95.14 31.13
CA ARG B 940 12.06 95.56 30.96
C ARG B 940 11.33 94.47 30.17
N THR B 941 11.89 94.05 29.04
CA THR B 941 11.38 92.94 28.21
C THR B 941 11.05 91.75 29.11
N PHE B 942 11.95 91.40 30.01
CA PHE B 942 11.81 90.25 30.94
C PHE B 942 10.53 90.39 31.76
N THR B 943 10.27 91.55 32.37
CA THR B 943 9.10 91.76 33.25
C THR B 943 7.83 91.90 32.45
N GLY B 944 7.89 92.47 31.24
CA GLY B 944 6.73 92.49 30.33
C GLY B 944 6.34 91.07 29.97
N ASP B 945 7.30 90.26 29.50
CA ASP B 945 7.07 88.85 29.09
C ASP B 945 6.39 88.10 30.25
N PHE B 946 6.85 88.34 31.48
CA PHE B 946 6.26 87.80 32.72
C PHE B 946 4.82 88.31 32.91
N LEU B 947 4.54 89.60 32.80
CA LEU B 947 3.15 90.10 33.00
C LEU B 947 2.23 89.49 31.93
N ARG B 948 2.74 89.19 30.74
CA ARG B 948 1.92 88.60 29.68
C ARG B 948 1.56 87.19 30.13
N ARG B 949 2.45 86.51 30.82
CA ARG B 949 2.25 85.11 31.24
C ARG B 949 1.21 85.05 32.37
N VAL B 950 1.18 86.06 33.25
CA VAL B 950 0.10 86.20 34.27
C VAL B 950 -1.23 86.26 33.50
N GLU B 951 -1.35 87.12 32.50
CA GLU B 951 -2.63 87.30 31.77
C GLU B 951 -3.01 85.98 31.07
N GLU B 952 -2.06 85.31 30.44
CA GLU B 952 -2.28 84.00 29.79
C GLU B 952 -2.80 83.01 30.83
N ARG B 953 -2.25 83.02 32.04
CA ARG B 953 -2.53 81.99 33.08
C ARG B 953 -3.89 82.24 33.69
N PHE B 954 -4.33 83.50 33.81
CA PHE B 954 -5.51 83.86 34.64
C PHE B 954 -6.68 84.32 33.81
N THR B 955 -6.57 84.47 32.48
CA THR B 955 -7.75 84.82 31.65
C THR B 955 -8.51 83.54 31.34
N LYS B 956 -9.82 83.65 31.15
CA LYS B 956 -10.72 82.50 30.84
C LYS B 956 -10.76 82.32 29.32
N SER B 957 -10.54 83.41 28.60
CA SER B 957 -10.98 83.63 27.20
C SER B 957 -9.96 84.50 26.45
N LYS B 958 -9.68 84.16 25.19
CA LYS B 958 -8.84 84.96 24.27
C LYS B 958 -9.24 86.44 24.38
N THR B 959 -8.38 87.25 24.99
CA THR B 959 -8.51 88.73 25.11
C THR B 959 -7.33 89.39 24.43
N LEU B 960 -7.46 90.69 24.15
CA LEU B 960 -6.31 91.58 23.82
C LEU B 960 -5.60 91.93 25.13
N SER B 961 -4.26 91.95 25.09
CA SER B 961 -3.33 92.19 26.23
C SER B 961 -3.48 93.61 26.78
N LEU B 962 -3.33 93.77 28.10
CA LEU B 962 -3.36 95.08 28.79
C LEU B 962 -2.02 95.79 28.59
N ILE B 963 -0.96 95.02 28.35
CA ILE B 963 0.42 95.52 28.08
C ILE B 963 0.70 95.34 26.57
N GLN B 964 0.25 96.29 25.75
CA GLN B 964 0.39 96.25 24.27
C GLN B 964 1.85 96.53 23.90
N SER B 965 2.35 97.71 24.27
CA SER B 965 3.76 98.14 24.11
C SER B 965 4.43 98.01 25.47
N TYR B 966 5.70 97.58 25.51
CA TYR B 966 6.49 97.56 26.78
C TYR B 966 6.92 98.98 27.15
N SER B 967 6.62 100.00 26.32
CA SER B 967 6.71 101.45 26.65
C SER B 967 5.92 101.76 27.92
N LEU B 968 4.79 101.07 28.12
CA LEU B 968 3.84 101.33 29.23
C LEU B 968 4.52 101.01 30.57
N LEU B 969 5.47 100.07 30.57
CA LEU B 969 6.20 99.64 31.79
C LEU B 969 7.03 100.81 32.38
N ASP B 970 7.33 101.87 31.63
CA ASP B 970 8.24 102.97 32.07
C ASP B 970 7.65 103.76 33.26
N LYS B 971 6.38 103.51 33.67
CA LYS B 971 5.80 103.89 34.99
C LYS B 971 5.27 102.65 35.70
N PRO B 972 6.14 101.79 36.26
CA PRO B 972 5.88 100.35 36.36
C PRO B 972 4.91 99.92 37.48
N ASP B 973 4.71 100.76 38.49
CA ASP B 973 3.74 100.50 39.58
C ASP B 973 2.31 100.65 39.04
N GLU B 974 2.08 101.62 38.13
CA GLU B 974 0.76 101.85 37.48
C GLU B 974 0.40 100.66 36.57
N ALA B 975 1.39 100.14 35.85
CA ALA B 975 1.25 99.05 34.86
C ALA B 975 1.16 97.69 35.55
N ILE B 976 1.64 97.58 36.80
CA ILE B 976 1.46 96.36 37.64
C ILE B 976 0.02 96.36 38.15
N GLU B 977 -0.43 97.45 38.79
CA GLU B 977 -1.81 97.56 39.32
C GLU B 977 -2.80 97.23 38.19
N LYS B 978 -2.61 97.83 37.01
CA LYS B 978 -3.49 97.64 35.83
C LYS B 978 -3.72 96.15 35.56
N VAL B 979 -2.68 95.31 35.64
CA VAL B 979 -2.72 93.85 35.31
C VAL B 979 -3.32 93.05 36.46
N PHE B 980 -2.97 93.39 37.70
CA PHE B 980 -3.40 92.66 38.92
C PHE B 980 -4.72 93.23 39.46
N ASN B 981 -5.30 94.25 38.83
CA ASN B 981 -6.72 94.62 39.02
C ASN B 981 -7.57 93.65 38.20
N ALA B 982 -7.23 93.50 36.92
CA ALA B 982 -7.98 92.71 35.93
C ALA B 982 -7.81 91.20 36.14
N TYR B 983 -6.81 90.77 36.91
CA TYR B 983 -6.59 89.34 37.25
C TYR B 983 -6.22 89.22 38.72
N PRO B 984 -7.17 89.55 39.65
CA PRO B 984 -6.85 89.67 41.07
C PRO B 984 -6.60 88.33 41.78
N ALA B 985 -6.97 87.22 41.15
CA ALA B 985 -6.64 85.85 41.60
C ALA B 985 -5.12 85.69 41.74
N ALA B 986 -4.38 86.38 40.86
CA ALA B 986 -2.91 86.35 40.77
C ALA B 986 -2.30 86.92 42.03
N ARG B 987 -2.98 87.84 42.72
CA ARG B 987 -2.51 88.39 44.02
C ARG B 987 -2.48 87.30 45.10
N GLU B 988 -3.14 86.17 44.88
CA GLU B 988 -3.49 85.22 45.96
C GLU B 988 -3.04 83.79 45.64
N GLN B 989 -2.25 83.56 44.61
CA GLN B 989 -1.89 82.19 44.19
C GLN B 989 -0.39 82.07 43.99
N PHE B 990 0.22 81.09 44.62
CA PHE B 990 1.63 80.78 44.36
C PHE B 990 1.82 80.46 42.89
N LEU B 991 3.07 80.55 42.46
CA LEU B 991 3.45 80.40 41.04
C LEU B 991 3.13 78.95 40.65
N ASN B 992 2.34 78.76 39.60
CA ASN B 992 2.12 77.46 38.92
C ASN B 992 3.48 76.84 38.62
N ALA B 993 3.61 75.54 38.77
CA ALA B 993 4.88 74.80 38.61
C ALA B 993 5.48 75.08 37.25
N GLN B 994 4.64 75.31 36.25
CA GLN B 994 5.05 75.52 34.84
C GLN B 994 5.64 76.91 34.70
N ASP B 995 5.11 77.87 35.42
CA ASP B 995 5.50 79.30 35.29
C ASP B 995 6.82 79.54 36.01
N ILE B 996 7.17 78.70 36.97
CA ILE B 996 8.51 78.68 37.61
C ILE B 996 9.55 78.21 36.57
N ASP B 997 9.23 77.13 35.86
CA ASP B 997 10.07 76.55 34.80
C ASP B 997 10.23 77.56 33.66
N HIS B 998 9.23 78.38 33.41
CA HIS B 998 9.27 79.43 32.37
C HIS B 998 10.15 80.55 32.90
N PHE B 999 10.01 80.90 34.17
CA PHE B 999 10.77 82.01 34.80
C PHE B 999 12.25 81.69 34.71
N LEU B 1000 12.61 80.48 35.07
CA LEU B 1000 14.01 80.02 35.07
C LEU B 1000 14.52 79.86 33.64
N SER B 1001 13.67 79.61 32.65
CA SER B 1001 14.06 79.63 31.22
C SER B 1001 14.44 81.04 30.77
N MET B 1002 13.69 82.06 31.14
CA MET B 1002 13.99 83.46 30.73
C MET B 1002 15.27 83.95 31.45
N CYS B 1003 15.63 83.38 32.60
CA CYS B 1003 16.86 83.73 33.36
C CYS B 1003 18.13 83.19 32.64
N GLN B 1004 17.98 82.20 31.74
CA GLN B 1004 19.04 81.49 30.97
C GLN B 1004 19.08 81.98 29.51
N ASN B 1005 18.26 82.97 29.16
CA ASN B 1005 18.22 83.60 27.81
C ASN B 1005 19.55 84.30 27.58
N PRO B 1006 20.32 83.97 26.52
CA PRO B 1006 21.58 84.68 26.27
C PRO B 1006 21.48 86.03 25.52
N MET B 1007 20.29 86.42 25.02
CA MET B 1007 20.04 87.71 24.31
C MET B 1007 19.53 88.79 25.29
N GLN B 1008 20.09 88.80 26.50
CA GLN B 1008 19.50 89.44 27.71
C GLN B 1008 20.63 89.70 28.69
N LYS B 1009 20.69 90.89 29.29
CA LYS B 1009 21.74 91.14 30.31
C LYS B 1009 21.48 90.16 31.44
N PRO B 1010 22.50 89.41 31.88
CA PRO B 1010 22.31 88.48 32.99
C PRO B 1010 21.65 89.17 34.17
N VAL B 1011 20.77 88.39 34.80
CA VAL B 1011 19.64 88.89 35.59
C VAL B 1011 20.19 89.15 36.99
N PRO B 1012 19.88 90.29 37.64
CA PRO B 1012 20.66 90.76 38.79
C PRO B 1012 20.21 90.14 40.11
N PHE B 1013 20.22 88.81 40.17
CA PHE B 1013 19.74 87.97 41.31
C PHE B 1013 19.96 86.48 41.05
N VAL B 1014 19.91 85.69 42.12
CA VAL B 1014 19.98 84.20 42.09
C VAL B 1014 18.57 83.67 42.28
N PRO B 1015 17.94 83.11 41.24
CA PRO B 1015 16.57 82.61 41.36
C PRO B 1015 16.44 81.14 41.82
N VAL B 1016 17.52 80.36 41.89
CA VAL B 1016 17.43 78.96 42.38
C VAL B 1016 18.78 78.45 42.88
N LEU B 1017 18.79 77.57 43.90
CA LEU B 1017 19.97 76.72 44.29
C LEU B 1017 19.89 75.32 43.67
N ASP B 1018 20.60 75.10 42.56
CA ASP B 1018 20.72 73.81 41.83
C ASP B 1018 22.17 73.66 41.37
N ARG B 1019 22.43 72.80 40.38
CA ARG B 1019 23.77 72.57 39.78
C ARG B 1019 24.31 73.86 39.17
N ARG B 1020 23.44 74.71 38.60
CA ARG B 1020 23.82 75.93 37.84
C ARG B 1020 24.18 77.11 38.77
N PHE B 1021 24.52 76.87 40.05
CA PHE B 1021 24.61 77.94 41.07
C PHE B 1021 25.91 78.72 40.88
N GLU B 1022 27.02 78.05 40.50
CA GLU B 1022 28.34 78.71 40.33
C GLU B 1022 28.25 79.71 39.18
N ILE B 1023 27.51 79.38 38.13
CA ILE B 1023 27.23 80.29 36.98
C ILE B 1023 26.38 81.45 37.50
N PHE B 1024 25.20 81.21 38.07
CA PHE B 1024 24.26 82.29 38.51
C PHE B 1024 24.95 83.30 39.43
N PHE B 1025 25.78 82.80 40.34
CA PHE B 1025 26.52 83.56 41.39
C PHE B 1025 27.61 84.45 40.80
N LYS B 1026 28.20 84.10 39.65
CA LYS B 1026 29.49 84.66 39.14
C LYS B 1026 29.31 85.45 37.85
N LYS B 1027 28.61 84.88 36.87
CA LYS B 1027 28.06 85.54 35.65
C LYS B 1027 27.85 87.04 35.89
N ASP B 1028 28.56 87.88 35.14
CA ASP B 1028 28.29 89.35 35.01
C ASP B 1028 28.55 90.03 36.36
N SER B 1029 29.79 89.97 36.82
CA SER B 1029 30.23 90.38 38.17
C SER B 1029 30.96 91.73 38.19
N LEU B 1030 31.24 92.37 37.06
CA LEU B 1030 32.23 93.47 36.98
C LEU B 1030 31.60 94.84 36.74
N TRP B 1031 30.34 94.94 36.33
CA TRP B 1031 29.71 96.25 35.97
C TRP B 1031 29.19 97.00 37.19
N GLN B 1032 28.99 96.35 38.34
CA GLN B 1032 28.16 96.88 39.45
C GLN B 1032 28.91 98.06 40.10
N SER B 1033 30.23 97.97 40.28
CA SER B 1033 31.11 99.07 40.79
C SER B 1033 30.84 100.39 40.04
N GLU B 1034 30.73 100.34 38.71
CA GLU B 1034 30.46 101.52 37.86
C GLU B 1034 29.06 102.10 38.12
N HIS B 1035 28.10 101.29 38.58
CA HIS B 1035 26.66 101.66 38.66
C HIS B 1035 26.05 101.18 39.98
N LEU B 1036 26.31 101.89 41.07
CA LEU B 1036 25.80 101.49 42.41
C LEU B 1036 24.32 101.84 42.51
N GLU B 1037 23.83 102.81 41.72
CA GLU B 1037 22.40 103.19 41.68
C GLU B 1037 21.52 101.94 41.52
N ALA B 1038 22.00 100.91 40.80
CA ALA B 1038 21.23 99.71 40.41
C ALA B 1038 21.63 98.48 41.21
N VAL B 1039 22.30 98.65 42.34
CA VAL B 1039 22.63 97.56 43.30
C VAL B 1039 21.73 97.78 44.52
N VAL B 1040 21.52 96.74 45.34
CA VAL B 1040 20.45 96.66 46.38
C VAL B 1040 20.41 97.95 47.24
N ASP B 1041 21.38 98.17 48.13
CA ASP B 1041 21.36 99.32 49.09
C ASP B 1041 22.30 100.43 48.60
N GLN B 1042 22.49 100.58 47.28
CA GLN B 1042 23.52 101.46 46.66
C GLN B 1042 24.89 101.18 47.32
N ASP B 1043 25.22 99.91 47.57
CA ASP B 1043 26.21 99.49 48.60
C ASP B 1043 27.47 98.88 47.97
N VAL B 1044 28.53 99.67 47.86
CA VAL B 1044 29.90 99.22 47.46
C VAL B 1044 30.15 97.79 47.90
N GLN B 1045 29.77 97.49 49.14
CA GLN B 1045 30.34 96.38 49.94
C GLN B 1045 29.73 95.05 49.49
N ARG B 1046 28.75 95.08 48.58
CA ARG B 1046 28.21 93.89 47.86
C ARG B 1046 29.12 93.52 46.67
N THR B 1047 29.84 94.51 46.16
CA THR B 1047 30.32 94.60 44.75
C THR B 1047 31.68 93.91 44.62
N CYS B 1048 32.08 93.57 43.39
CA CYS B 1048 33.49 93.24 42.99
C CYS B 1048 34.15 94.49 42.44
N ILE B 1049 35.26 94.91 43.06
CA ILE B 1049 36.16 95.97 42.53
C ILE B 1049 37.53 95.35 42.30
N LEU B 1050 37.95 95.18 41.05
CA LEU B 1050 39.28 94.58 40.71
C LEU B 1050 40.36 95.63 40.99
N HIS B 1051 41.47 95.22 41.58
CA HIS B 1051 42.55 96.13 42.07
C HIS B 1051 43.76 95.30 42.45
N GLY B 1052 44.95 95.87 42.42
CA GLY B 1052 46.19 95.13 42.70
C GLY B 1052 46.71 95.40 44.11
N PRO B 1053 47.20 94.36 44.80
CA PRO B 1053 47.67 94.51 46.16
C PRO B 1053 48.77 95.57 46.24
N VAL B 1054 49.77 95.47 45.37
CA VAL B 1054 51.00 96.31 45.41
C VAL B 1054 50.67 97.72 44.96
N ALA B 1055 49.87 97.87 43.91
CA ALA B 1055 49.57 99.18 43.31
C ALA B 1055 48.67 100.00 44.22
N ALA B 1056 48.04 99.38 45.22
CA ALA B 1056 47.03 100.00 46.12
C ALA B 1056 47.67 101.00 47.07
N GLN B 1057 49.00 100.93 47.28
CA GLN B 1057 49.72 101.85 48.21
C GLN B 1057 49.97 103.22 47.56
N PHE B 1058 49.53 103.44 46.31
CA PHE B 1058 49.70 104.72 45.58
C PHE B 1058 48.34 105.34 45.21
N THR B 1059 47.26 104.55 45.25
CA THR B 1059 45.84 105.00 45.08
C THR B 1059 45.34 105.67 46.38
N LYS B 1060 45.42 106.99 46.47
CA LYS B 1060 45.08 107.74 47.71
C LYS B 1060 44.21 108.97 47.43
N VAL B 1061 44.51 109.76 46.38
CA VAL B 1061 43.79 111.02 46.05
C VAL B 1061 42.63 110.68 45.13
N ILE B 1062 41.39 110.94 45.55
CA ILE B 1062 40.15 110.68 44.76
C ILE B 1062 39.92 111.86 43.79
N ASP B 1063 39.40 111.53 42.60
CA ASP B 1063 38.93 112.45 41.51
C ASP B 1063 40.05 113.41 41.09
N GLU B 1064 41.30 112.93 41.13
CA GLU B 1064 42.49 113.62 40.56
C GLU B 1064 42.36 113.52 39.05
N PRO B 1065 42.41 114.60 38.24
CA PRO B 1065 42.21 114.47 36.80
C PRO B 1065 43.29 113.57 36.18
N ILE B 1066 42.91 112.75 35.18
CA ILE B 1066 43.80 111.75 34.50
C ILE B 1066 45.03 112.44 33.89
N LYS B 1067 44.87 113.66 33.38
CA LYS B 1067 45.99 114.51 32.91
C LYS B 1067 47.00 114.63 34.05
N SER B 1068 46.56 115.06 35.23
CA SER B 1068 47.41 115.40 36.40
C SER B 1068 48.14 114.16 36.95
N ILE B 1069 47.56 112.96 36.87
CA ILE B 1069 48.22 111.69 37.32
C ILE B 1069 49.39 111.45 36.40
N MET B 1070 49.08 111.22 35.13
CA MET B 1070 50.01 110.75 34.07
C MET B 1070 51.12 111.78 33.86
N ASP B 1071 50.79 113.07 33.67
CA ASP B 1071 51.77 114.19 33.64
C ASP B 1071 52.63 114.18 34.92
N GLY B 1072 52.03 113.87 36.07
CA GLY B 1072 52.74 113.83 37.37
C GLY B 1072 53.84 112.80 37.37
N ILE B 1073 53.64 111.68 36.67
CA ILE B 1073 54.62 110.56 36.60
C ILE B 1073 55.67 110.95 35.57
N HIS B 1074 55.22 111.37 34.39
CA HIS B 1074 56.09 111.73 33.24
C HIS B 1074 57.01 112.87 33.63
N ASP B 1075 56.49 113.91 34.29
CA ASP B 1075 57.31 115.05 34.76
C ASP B 1075 58.25 114.56 35.85
N GLY B 1076 57.78 113.70 36.74
CA GLY B 1076 58.60 113.11 37.82
C GLY B 1076 59.85 112.40 37.30
N HIS B 1077 59.76 111.71 36.17
CA HIS B 1077 60.87 111.06 35.43
C HIS B 1077 61.83 112.11 34.85
N ILE B 1078 61.31 113.18 34.24
CA ILE B 1078 62.09 114.26 33.58
C ILE B 1078 62.95 114.95 34.65
N LYS B 1079 62.30 115.39 35.72
CA LYS B 1079 62.90 115.93 36.97
C LYS B 1079 64.16 115.12 37.29
N LYS B 1080 64.01 113.80 37.42
CA LYS B 1080 65.05 112.86 37.93
C LYS B 1080 66.10 112.60 36.86
N LEU B 1081 65.67 112.50 35.61
CA LEU B 1081 66.52 112.15 34.44
C LEU B 1081 67.40 113.35 34.11
N LEU B 1082 66.88 114.55 34.33
CA LEU B 1082 67.61 115.84 34.14
C LEU B 1082 68.72 115.96 35.19
N HIS B 1083 68.41 115.60 36.43
CA HIS B 1083 69.35 115.76 37.59
C HIS B 1083 70.52 114.77 37.49
N GLN B 1084 70.28 113.51 37.13
CA GLN B 1084 71.37 112.50 36.94
C GLN B 1084 72.23 112.92 35.75
N TYR B 1085 71.65 112.90 34.55
CA TYR B 1085 72.37 112.74 33.26
C TYR B 1085 72.56 114.05 32.51
N TYR B 1086 71.91 115.15 32.88
CA TYR B 1086 72.02 116.46 32.19
C TYR B 1086 72.44 117.60 33.15
N GLY B 1087 72.71 117.30 34.43
CA GLY B 1087 73.10 118.30 35.45
C GLY B 1087 72.16 119.49 35.53
N ASP B 1088 70.86 119.23 35.72
CA ASP B 1088 69.77 120.20 36.03
C ASP B 1088 69.76 121.39 35.04
N ASP B 1089 70.11 121.15 33.77
CA ASP B 1089 70.27 122.19 32.71
C ASP B 1089 69.44 121.78 31.49
N GLU B 1090 68.35 122.49 31.18
CA GLU B 1090 67.44 122.13 30.07
C GLU B 1090 68.12 122.43 28.71
N SER B 1091 69.10 123.34 28.68
CA SER B 1091 69.87 123.70 27.46
C SER B 1091 70.55 122.47 26.84
N LYS B 1092 70.94 121.49 27.66
CA LYS B 1092 71.71 120.30 27.23
C LYS B 1092 70.77 119.20 26.68
N ILE B 1093 69.47 119.44 26.60
CA ILE B 1093 68.50 118.48 26.00
C ILE B 1093 68.48 118.72 24.49
N PRO B 1094 68.86 117.72 23.66
CA PRO B 1094 68.85 117.90 22.21
C PRO B 1094 67.42 118.12 21.70
N ALA B 1095 67.22 119.18 20.91
CA ALA B 1095 65.92 119.56 20.31
C ALA B 1095 65.80 118.95 18.93
N VAL B 1096 64.58 118.57 18.58
CA VAL B 1096 64.16 118.04 17.25
C VAL B 1096 62.93 118.86 16.83
N GLU B 1097 62.48 118.74 15.57
CA GLU B 1097 61.25 119.43 15.09
C GLU B 1097 60.03 118.69 15.65
N TYR B 1098 59.85 117.41 15.30
CA TYR B 1098 58.73 116.57 15.80
C TYR B 1098 59.31 115.27 16.36
N PHE B 1099 58.77 114.79 17.47
CA PHE B 1099 59.23 113.55 18.14
C PHE B 1099 58.26 112.43 17.82
N GLY B 1100 58.70 111.37 17.12
CA GLY B 1100 57.90 110.14 16.87
C GLY B 1100 58.20 109.43 15.54
N GLY B 1101 57.54 108.28 15.34
CA GLY B 1101 57.53 107.49 14.10
C GLY B 1101 58.92 107.04 13.69
N GLU B 1102 59.71 106.50 14.63
CA GLU B 1102 61.04 105.90 14.37
C GLU B 1102 60.94 104.42 14.75
N SER B 1103 60.69 103.56 13.77
CA SER B 1103 60.61 102.09 13.97
C SER B 1103 61.83 101.69 14.77
N PRO B 1104 61.67 100.83 15.80
CA PRO B 1104 62.80 100.45 16.66
C PRO B 1104 63.82 99.48 16.04
N VAL B 1105 63.76 99.22 14.73
CA VAL B 1105 64.60 98.21 14.04
C VAL B 1105 65.97 98.78 13.64
N ASP B 1106 66.13 100.10 13.43
CA ASP B 1106 67.27 100.68 12.64
C ASP B 1106 68.24 101.52 13.49
N SER B 1111 74.74 115.29 4.43
CA SER B 1111 74.49 116.76 4.40
C SER B 1111 74.87 117.34 3.02
N GLU B 1112 74.07 117.04 1.98
CA GLU B 1112 74.31 117.45 0.56
C GLU B 1112 73.18 118.38 0.08
N ASP B 1113 73.54 119.59 -0.39
CA ASP B 1113 72.62 120.72 -0.74
C ASP B 1113 71.76 120.33 -1.94
N SER B 1114 72.38 120.20 -3.13
CA SER B 1114 71.72 119.94 -4.44
C SER B 1114 72.10 118.53 -4.91
N ALA B 1115 71.17 117.58 -4.79
CA ALA B 1115 71.36 116.13 -5.10
C ALA B 1115 70.48 115.72 -6.29
N VAL B 1116 70.74 114.55 -6.86
CA VAL B 1116 69.95 113.92 -7.97
C VAL B 1116 69.98 112.40 -7.77
N PHE B 1117 68.81 111.77 -7.77
CA PHE B 1117 68.64 110.32 -7.51
C PHE B 1117 67.93 109.70 -8.71
N LYS B 1118 68.63 108.84 -9.46
CA LYS B 1118 68.08 108.10 -10.62
C LYS B 1118 67.71 106.69 -10.16
N ALA B 1119 66.42 106.42 -10.05
CA ALA B 1119 65.91 105.07 -9.73
C ALA B 1119 66.11 104.18 -10.96
N THR B 1120 66.55 102.95 -10.71
CA THR B 1120 66.54 101.81 -11.65
C THR B 1120 65.41 100.87 -11.21
N SER B 1121 65.25 99.71 -11.87
CA SER B 1121 64.22 98.69 -11.56
C SER B 1121 64.68 97.77 -10.42
N SER B 1122 65.95 97.90 -9.99
CA SER B 1122 66.54 97.22 -8.81
C SER B 1122 66.30 98.03 -7.52
N THR B 1123 66.53 99.36 -7.53
CA THR B 1123 66.63 100.23 -6.31
C THR B 1123 65.66 99.81 -5.23
N ASP B 1124 66.19 99.50 -4.04
CA ASP B 1124 65.42 99.17 -2.81
C ASP B 1124 64.60 100.40 -2.40
N GLU B 1125 63.33 100.19 -2.02
CA GLU B 1125 62.40 101.26 -1.59
C GLU B 1125 62.96 102.03 -0.39
N GLU B 1126 63.44 101.33 0.65
CA GLU B 1126 63.88 102.00 1.92
C GLU B 1126 65.12 102.85 1.65
N SER B 1127 66.17 102.31 1.02
CA SER B 1127 67.35 103.09 0.56
C SER B 1127 66.87 104.37 -0.14
N TRP B 1128 65.86 104.23 -1.01
CA TRP B 1128 65.31 105.31 -1.89
C TRP B 1128 64.65 106.40 -1.03
N PHE B 1129 63.74 106.03 -0.11
CA PHE B 1129 62.95 107.00 0.71
C PHE B 1129 63.85 107.65 1.77
N LYS B 1130 64.76 106.88 2.38
CA LYS B 1130 65.78 107.41 3.33
C LYS B 1130 66.52 108.57 2.67
N ALA B 1131 66.89 108.41 1.39
CA ALA B 1131 67.73 109.37 0.64
C ALA B 1131 66.99 110.69 0.41
N LEU B 1132 65.70 110.63 0.07
CA LEU B 1132 64.83 111.81 -0.25
C LEU B 1132 64.62 112.64 1.02
N ALA B 1133 64.20 111.97 2.10
CA ALA B 1133 63.99 112.52 3.45
C ALA B 1133 65.26 113.19 3.99
N GLY B 1134 66.43 112.63 3.66
CA GLY B 1134 67.73 113.07 4.19
C GLY B 1134 67.86 112.74 5.66
N SER B 1135 68.75 113.47 6.34
CA SER B 1135 69.22 113.20 7.73
C SER B 1135 68.36 114.00 8.70
N GLU B 1136 68.31 115.33 8.54
CA GLU B 1136 67.57 116.26 9.44
C GLU B 1136 66.11 115.81 9.62
N ILE B 1137 65.50 116.09 10.77
CA ILE B 1137 64.05 115.79 11.04
C ILE B 1137 63.25 117.09 10.87
N ASN B 1138 62.56 117.20 9.73
CA ASN B 1138 61.78 118.37 9.24
C ASN B 1138 60.62 117.83 8.40
N TRP B 1139 59.89 118.69 7.70
CA TRP B 1139 58.71 118.29 6.87
C TRP B 1139 59.08 117.25 5.83
N ARG B 1140 60.24 117.39 5.20
CA ARG B 1140 60.64 116.48 4.11
C ARG B 1140 60.80 115.08 4.70
N HIS B 1141 61.34 114.98 5.91
CA HIS B 1141 61.56 113.68 6.62
C HIS B 1141 60.19 113.02 6.83
N ALA B 1142 59.23 113.81 7.31
CA ALA B 1142 57.84 113.37 7.57
C ALA B 1142 57.17 113.00 6.25
N SER B 1143 57.31 113.85 5.23
CA SER B 1143 56.73 113.64 3.88
C SER B 1143 57.06 112.25 3.35
N PHE B 1144 58.27 111.74 3.53
CA PHE B 1144 58.75 110.52 2.84
C PHE B 1144 58.87 109.30 3.75
N LEU B 1145 58.75 109.43 5.07
CA LEU B 1145 58.96 108.27 5.98
C LEU B 1145 57.70 107.99 6.79
N CYS B 1146 57.06 109.04 7.33
CA CYS B 1146 55.68 109.01 7.90
C CYS B 1146 54.84 107.97 7.14
N SER B 1147 54.48 106.87 7.81
CA SER B 1147 53.87 105.65 7.23
C SER B 1147 52.49 105.99 6.66
N PHE B 1148 51.72 106.78 7.38
CA PHE B 1148 50.44 107.35 6.89
C PHE B 1148 50.23 108.79 7.38
N ILE B 1149 49.22 109.43 6.80
CA ILE B 1149 48.81 110.83 7.07
C ILE B 1149 47.37 110.79 7.54
N THR B 1150 46.86 111.94 7.97
CA THR B 1150 45.55 112.11 8.62
C THR B 1150 44.64 112.90 7.69
N GLN B 1151 43.49 112.33 7.31
CA GLN B 1151 42.35 113.07 6.69
C GLN B 1151 41.22 113.18 7.73
N ASP B 1152 40.90 114.41 8.16
CA ASP B 1152 39.97 114.70 9.29
C ASP B 1152 40.42 113.90 10.52
N LYS B 1153 39.79 112.77 10.84
CA LYS B 1153 40.20 111.88 11.96
C LYS B 1153 40.82 110.59 11.42
N MET B 1154 40.63 110.28 10.14
CA MET B 1154 41.00 108.98 9.52
C MET B 1154 42.51 108.94 9.19
N PHE B 1155 43.07 107.76 8.95
CA PHE B 1155 44.53 107.50 8.74
C PHE B 1155 44.73 106.75 7.42
N VAL B 1156 44.81 107.53 6.35
CA VAL B 1156 45.06 107.07 4.95
C VAL B 1156 46.56 106.86 4.80
N SER B 1157 46.98 105.76 4.15
CA SER B 1157 48.33 105.58 3.53
C SER B 1157 48.89 106.89 2.99
N ASN B 1158 50.19 107.13 3.20
CA ASN B 1158 50.91 108.35 2.76
C ASN B 1158 50.89 108.40 1.23
N PRO B 1159 50.22 109.41 0.64
CA PRO B 1159 50.21 109.57 -0.81
C PRO B 1159 51.57 109.97 -1.41
N ILE B 1160 52.29 110.86 -0.72
CA ILE B 1160 53.63 111.33 -1.15
C ILE B 1160 54.56 110.13 -1.36
N ARG B 1161 54.41 109.12 -0.53
CA ARG B 1161 55.25 107.91 -0.63
C ARG B 1161 54.80 107.13 -1.86
N LYS B 1162 53.49 107.01 -2.12
CA LYS B 1162 52.95 106.22 -3.28
C LYS B 1162 53.45 106.81 -4.60
N VAL B 1163 53.33 108.12 -4.76
CA VAL B 1163 53.73 108.88 -5.98
C VAL B 1163 55.22 108.66 -6.27
N PHE B 1164 56.09 108.82 -5.27
CA PHE B 1164 57.56 108.68 -5.44
C PHE B 1164 58.04 107.22 -5.36
N LYS B 1165 57.15 106.23 -5.22
CA LYS B 1165 57.54 104.79 -5.22
C LYS B 1165 58.38 104.53 -6.46
N PRO B 1166 59.63 104.02 -6.31
CA PRO B 1166 60.60 104.08 -7.39
C PRO B 1166 60.40 102.99 -8.44
N SER B 1167 60.57 103.38 -9.69
CA SER B 1167 60.53 102.52 -10.90
C SER B 1167 61.40 103.17 -11.99
N GLN B 1168 61.91 102.36 -12.93
CA GLN B 1168 62.84 102.80 -14.01
C GLN B 1168 62.28 104.07 -14.71
N GLY B 1169 63.17 105.02 -14.99
CA GLY B 1169 62.86 106.27 -15.72
C GLY B 1169 62.72 107.47 -14.79
N MET B 1170 62.39 107.24 -13.52
CA MET B 1170 62.14 108.30 -12.52
C MET B 1170 63.46 108.97 -12.14
N VAL B 1171 63.43 110.29 -11.98
CA VAL B 1171 64.60 111.15 -11.66
C VAL B 1171 64.14 112.27 -10.73
N VAL B 1172 64.51 112.17 -9.45
CA VAL B 1172 64.28 113.22 -8.43
C VAL B 1172 65.45 114.19 -8.49
N GLU B 1173 65.16 115.48 -8.30
CA GLU B 1173 66.16 116.54 -8.05
C GLU B 1173 65.73 117.27 -6.78
N ILE B 1174 66.62 117.39 -5.81
CA ILE B 1174 66.39 118.14 -4.54
C ILE B 1174 67.27 119.39 -4.56
N SER B 1175 66.67 120.58 -4.54
CA SER B 1175 67.36 121.88 -4.51
C SER B 1175 67.17 122.53 -3.13
N ASN B 1176 68.22 123.14 -2.57
CA ASN B 1176 68.23 123.79 -1.23
C ASN B 1176 67.90 122.76 -0.14
N GLY B 1177 68.48 121.55 -0.22
CA GLY B 1177 68.23 120.44 0.72
C GLY B 1177 68.71 120.72 2.14
N ASN B 1178 69.67 121.64 2.32
CA ASN B 1178 70.25 122.02 3.64
C ASN B 1178 69.68 123.37 4.08
N THR B 1179 68.35 123.54 3.99
CA THR B 1179 67.56 124.68 4.55
C THR B 1179 66.06 124.41 4.28
N SER B 1180 65.39 123.69 5.20
CA SER B 1180 64.02 123.11 5.03
C SER B 1180 63.05 124.16 4.49
N SER B 1181 63.05 125.37 5.06
CA SER B 1181 62.29 126.56 4.60
C SER B 1181 62.10 126.55 3.08
N LYS B 1182 63.20 126.37 2.32
CA LYS B 1182 63.30 126.62 0.85
C LYS B 1182 63.39 125.33 0.03
N THR B 1183 63.63 124.18 0.66
CA THR B 1183 63.83 122.87 -0.03
C THR B 1183 62.73 122.66 -1.07
N VAL B 1184 63.09 122.13 -2.25
CA VAL B 1184 62.14 121.78 -3.34
C VAL B 1184 62.58 120.45 -3.94
N VAL B 1185 61.93 119.36 -3.55
CA VAL B 1185 62.06 118.06 -4.29
C VAL B 1185 61.18 118.17 -5.53
N THR B 1186 61.58 117.52 -6.63
CA THR B 1186 61.03 117.67 -8.00
C THR B 1186 61.24 116.37 -8.77
N LEU B 1187 60.20 115.53 -8.85
CA LEU B 1187 60.23 114.27 -9.65
C LEU B 1187 60.10 114.61 -11.13
N SER B 1188 60.89 113.95 -11.98
CA SER B 1188 60.85 114.08 -13.47
C SER B 1188 60.79 112.67 -14.09
N GLU B 1189 59.93 112.50 -15.09
CA GLU B 1189 59.68 111.20 -15.77
C GLU B 1189 59.77 111.42 -17.28
N PRO B 1190 59.88 110.32 -18.09
CA PRO B 1190 59.70 110.41 -19.53
C PRO B 1190 58.22 110.62 -19.90
N VAL B 1191 57.95 111.68 -20.68
CA VAL B 1191 56.61 112.07 -21.18
C VAL B 1191 56.75 112.36 -22.68
N GLN B 1192 56.41 111.37 -23.52
CA GLN B 1192 56.52 111.44 -25.00
C GLN B 1192 58.01 111.58 -25.35
N GLY B 1193 58.83 110.65 -24.86
CA GLY B 1193 60.29 110.57 -25.14
C GLY B 1193 61.12 111.52 -24.29
N GLU B 1194 60.89 112.84 -24.43
CA GLU B 1194 61.58 113.92 -23.68
C GLU B 1194 61.10 113.93 -22.21
N LEU B 1195 62.00 114.29 -21.28
CA LEU B 1195 61.87 114.08 -19.81
C LEU B 1195 61.52 115.41 -19.11
N LYS B 1196 60.38 115.44 -18.40
CA LYS B 1196 59.71 116.68 -17.93
C LYS B 1196 59.38 116.56 -16.44
N PRO B 1197 59.25 117.71 -15.72
CA PRO B 1197 58.74 117.71 -14.35
C PRO B 1197 57.27 117.25 -14.26
N THR B 1198 56.96 116.41 -13.25
CA THR B 1198 55.63 115.79 -13.03
C THR B 1198 55.09 116.02 -11.60
N VAL B 1199 55.96 116.09 -10.59
CA VAL B 1199 55.60 116.33 -9.15
C VAL B 1199 56.58 117.35 -8.57
N ILE B 1200 56.12 118.21 -7.66
CA ILE B 1200 56.94 119.25 -6.98
C ILE B 1200 56.47 119.42 -5.52
N LEU B 1201 57.22 118.88 -4.55
CA LEU B 1201 57.03 119.10 -3.09
C LEU B 1201 57.70 120.38 -2.63
N LYS B 1202 57.10 121.10 -1.68
CA LYS B 1202 57.73 122.28 -1.03
C LYS B 1202 56.82 122.90 0.04
N LEU B 1203 57.34 123.89 0.75
CA LEU B 1203 56.58 124.76 1.68
C LEU B 1203 56.07 125.98 0.92
N LEU B 1204 54.80 126.34 1.14
CA LEU B 1204 54.24 127.66 0.76
C LEU B 1204 54.36 128.60 1.97
N LYS B 1205 53.26 128.77 2.71
CA LYS B 1205 53.18 129.26 4.10
C LYS B 1205 53.97 128.27 4.97
N GLU B 1206 54.18 128.62 6.25
CA GLU B 1206 55.18 127.99 7.16
C GLU B 1206 54.77 126.58 7.60
N ASN B 1207 53.49 126.20 7.51
CA ASN B 1207 53.02 124.86 7.94
C ASN B 1207 52.11 124.24 6.87
N ILE B 1208 52.33 124.56 5.60
CA ILE B 1208 51.61 123.95 4.44
C ILE B 1208 52.65 123.31 3.52
N ILE B 1209 52.45 122.04 3.18
CA ILE B 1209 53.24 121.30 2.15
C ILE B 1209 52.39 121.25 0.89
N GLN B 1210 52.79 121.93 -0.17
CA GLN B 1210 52.18 121.79 -1.52
C GLN B 1210 52.86 120.63 -2.26
N MET B 1211 52.07 119.72 -2.82
CA MET B 1211 52.53 118.66 -3.75
C MET B 1211 51.80 118.86 -5.08
N GLU B 1212 52.28 119.83 -5.85
CA GLU B 1212 51.85 120.14 -7.25
C GLU B 1212 52.07 118.91 -8.12
N MET B 1213 50.98 118.21 -8.51
CA MET B 1213 51.00 117.07 -9.46
C MET B 1213 50.66 117.63 -10.84
N ILE B 1214 51.52 117.38 -11.82
CA ILE B 1214 51.50 118.09 -13.12
C ILE B 1214 51.06 117.12 -14.21
N GLU B 1215 50.16 117.57 -15.09
CA GLU B 1215 49.86 116.85 -16.35
C GLU B 1215 50.42 117.65 -17.51
N ASN B 1216 51.15 116.98 -18.40
CA ASN B 1216 51.90 117.57 -19.54
C ASN B 1216 51.14 117.33 -20.87
N ARG B 1217 50.30 116.28 -20.93
CA ARG B 1217 49.46 115.89 -22.10
C ARG B 1217 48.08 116.55 -21.98
N THR B 1218 47.98 117.83 -22.34
CA THR B 1218 46.75 118.66 -22.20
C THR B 1218 46.08 118.88 -23.56
N MET B 1219 45.11 119.80 -23.61
CA MET B 1219 44.47 120.25 -24.86
C MET B 1219 45.47 121.07 -25.68
N ASP B 1220 46.04 122.12 -25.09
CA ASP B 1220 46.78 123.19 -25.81
C ASP B 1220 48.29 123.14 -25.50
N GLY B 1221 48.86 121.98 -25.15
CA GLY B 1221 50.30 121.79 -24.92
C GLY B 1221 50.78 122.34 -23.58
N LYS B 1222 50.39 123.58 -23.22
CA LYS B 1222 50.62 124.23 -21.90
C LYS B 1222 50.26 123.24 -20.78
N PRO B 1223 51.13 123.03 -19.75
CA PRO B 1223 50.87 122.01 -18.73
C PRO B 1223 49.89 122.51 -17.65
N VAL B 1224 49.26 121.57 -16.95
CA VAL B 1224 48.18 121.82 -15.92
C VAL B 1224 48.61 121.19 -14.60
N SER B 1225 48.45 121.93 -13.49
CA SER B 1225 48.87 121.57 -12.11
C SER B 1225 47.65 121.31 -11.22
N LEU B 1226 47.73 120.29 -10.36
CA LEU B 1226 46.77 120.01 -9.25
C LEU B 1226 47.48 120.27 -7.92
N PRO B 1227 47.30 121.44 -7.27
CA PRO B 1227 47.87 121.64 -5.94
C PRO B 1227 47.15 120.87 -4.81
N LEU B 1228 47.66 119.69 -4.47
CA LEU B 1228 47.31 118.91 -3.24
C LEU B 1228 48.05 119.52 -2.04
N LEU B 1229 47.34 120.13 -1.11
CA LEU B 1229 47.90 120.79 0.08
C LEU B 1229 47.80 119.88 1.31
N TYR B 1230 48.83 119.88 2.16
CA TYR B 1230 48.89 119.16 3.46
C TYR B 1230 49.34 120.14 4.54
N ASN B 1231 48.74 120.07 5.73
CA ASN B 1231 49.24 120.76 6.95
C ASN B 1231 50.36 119.93 7.55
N PHE B 1232 51.44 120.59 7.98
CA PHE B 1232 52.54 119.97 8.78
C PHE B 1232 52.47 120.50 10.21
N ASN B 1233 51.86 119.75 11.11
CA ASN B 1233 51.75 120.08 12.55
C ASN B 1233 52.77 119.23 13.30
N PRO B 1234 53.92 119.81 13.74
CA PRO B 1234 54.97 119.00 14.37
C PRO B 1234 54.71 118.64 15.86
N ASP B 1235 53.64 119.16 16.48
CA ASP B 1235 53.23 118.81 17.87
C ASP B 1235 52.51 117.46 17.91
N ASN B 1236 52.03 116.96 16.77
CA ASN B 1236 51.53 115.57 16.62
C ASN B 1236 52.67 114.75 16.01
N GLY B 1237 53.56 114.25 16.84
CA GLY B 1237 54.77 113.53 16.42
C GLY B 1237 54.46 112.30 15.61
N PHE B 1238 53.37 111.59 15.90
CA PHE B 1238 53.11 110.27 15.29
C PHE B 1238 52.67 110.40 13.83
N ALA B 1239 51.73 111.31 13.58
CA ALA B 1239 51.23 111.68 12.23
C ALA B 1239 51.24 113.20 12.11
N PRO B 1240 52.40 113.81 11.80
CA PRO B 1240 52.49 115.26 11.66
C PRO B 1240 51.92 115.85 10.37
N ILE B 1241 51.58 115.02 9.39
CA ILE B 1241 51.03 115.45 8.09
C ILE B 1241 49.55 115.07 8.02
N SER B 1242 48.71 116.04 7.70
CA SER B 1242 47.23 115.91 7.54
C SER B 1242 46.79 116.68 6.29
N GLU B 1243 46.02 116.04 5.40
CA GLU B 1243 45.54 116.65 4.13
C GLU B 1243 44.59 117.79 4.44
N VAL B 1244 44.73 118.93 3.76
CA VAL B 1244 43.73 120.03 3.76
C VAL B 1244 42.54 119.58 2.92
N MET B 1245 41.37 119.36 3.54
CA MET B 1245 40.19 118.75 2.89
C MET B 1245 39.13 119.81 2.53
N GLU B 1246 39.37 121.10 2.81
CA GLU B 1246 38.44 122.20 2.40
C GLU B 1246 38.78 122.57 0.96
N ASP B 1247 37.80 122.49 0.07
CA ASP B 1247 37.94 122.82 -1.38
C ASP B 1247 38.78 121.76 -2.11
N ARG B 1248 39.10 120.61 -1.51
CA ARG B 1248 39.91 119.57 -2.20
C ARG B 1248 39.19 119.17 -3.49
N ASN B 1249 37.87 118.95 -3.44
CA ASN B 1249 37.08 118.48 -4.61
C ASN B 1249 36.93 119.63 -5.63
N GLN B 1250 36.66 120.84 -5.17
CA GLN B 1250 36.77 122.07 -5.98
C GLN B 1250 38.10 122.09 -6.76
N ARG B 1251 39.24 121.94 -6.08
CA ARG B 1251 40.62 122.05 -6.68
C ARG B 1251 40.80 120.96 -7.74
N ILE B 1252 40.44 119.73 -7.41
CA ILE B 1252 40.50 118.61 -8.37
C ILE B 1252 39.65 118.93 -9.61
N LYS B 1253 38.44 119.45 -9.43
CA LYS B 1253 37.52 119.80 -10.56
C LYS B 1253 38.09 120.96 -11.37
N GLU B 1254 38.93 121.82 -10.80
CA GLU B 1254 39.56 122.93 -11.56
C GLU B 1254 40.54 122.37 -12.58
N MET B 1255 41.17 121.25 -12.26
CA MET B 1255 42.14 120.56 -13.14
C MET B 1255 41.37 119.89 -14.28
N TYR B 1256 40.46 118.97 -13.97
CA TYR B 1256 39.73 118.17 -14.99
C TYR B 1256 38.98 119.08 -15.97
N TRP B 1257 38.56 120.27 -15.54
CA TRP B 1257 37.93 121.29 -16.40
C TRP B 1257 38.90 121.84 -17.44
N LYS B 1258 40.17 121.99 -17.10
CA LYS B 1258 41.21 122.49 -18.05
C LYS B 1258 41.48 121.40 -19.11
N LEU B 1259 41.43 120.13 -18.71
CA LEU B 1259 41.75 118.97 -19.57
C LEU B 1259 40.55 118.57 -20.45
N TRP B 1260 39.31 118.65 -19.96
CA TRP B 1260 38.11 118.13 -20.66
C TRP B 1260 37.37 119.27 -21.34
N ILE B 1261 36.82 120.19 -20.56
CA ILE B 1261 35.93 121.28 -21.04
C ILE B 1261 36.81 122.37 -21.67
N ASP B 1262 36.27 123.19 -22.57
CA ASP B 1262 36.97 124.39 -23.12
C ASP B 1262 36.06 125.60 -22.96
N GLU B 1263 35.92 126.07 -21.71
CA GLU B 1263 35.05 127.23 -21.35
C GLU B 1263 35.69 127.95 -20.17
N PRO B 1264 35.16 129.13 -19.75
CA PRO B 1264 35.46 129.67 -18.43
C PRO B 1264 35.01 128.73 -17.31
N PHE B 1265 35.77 128.66 -16.22
CA PHE B 1265 35.57 127.73 -15.09
C PHE B 1265 34.47 128.27 -14.17
N ASN B 1266 33.27 127.71 -14.28
CA ASN B 1266 32.08 128.07 -13.47
C ASN B 1266 31.34 126.78 -13.11
N LEU B 1267 31.37 126.39 -11.84
CA LEU B 1267 30.70 125.17 -11.31
C LEU B 1267 29.28 125.49 -10.82
N ASP B 1268 28.81 126.74 -11.02
CA ASP B 1268 27.57 127.28 -10.41
C ASP B 1268 26.46 127.29 -11.46
N PHE B 1269 26.07 126.09 -11.93
CA PHE B 1269 24.93 125.86 -12.85
C PHE B 1269 24.13 124.65 -12.34
N ASP B 1270 22.81 124.66 -12.52
CA ASP B 1270 21.88 123.67 -11.92
C ASP B 1270 22.04 122.35 -12.66
N PRO B 1271 22.11 121.19 -11.97
CA PRO B 1271 21.99 119.90 -12.65
C PRO B 1271 20.67 119.77 -13.41
N ARG B 1272 19.55 120.22 -12.84
CA ARG B 1272 18.20 120.15 -13.49
C ARG B 1272 18.19 120.83 -14.87
N ASP B 1273 19.12 121.76 -15.16
CA ASP B 1273 19.18 122.50 -16.46
C ASP B 1273 19.75 121.61 -17.56
N VAL B 1274 19.59 122.04 -18.81
CA VAL B 1274 19.97 121.33 -20.07
C VAL B 1274 21.33 121.85 -20.54
N ILE B 1275 22.35 120.99 -20.50
CA ILE B 1275 23.73 121.32 -20.93
C ILE B 1275 23.80 121.21 -22.47
N LYS B 1276 24.41 122.17 -23.16
CA LYS B 1276 24.61 122.10 -24.63
C LYS B 1276 26.11 122.07 -24.98
N GLY B 1277 26.47 121.29 -26.01
CA GLY B 1277 27.82 121.23 -26.60
C GLY B 1277 27.97 122.21 -27.75
N LYS B 1278 29.18 122.31 -28.30
CA LYS B 1278 29.48 123.05 -29.56
C LYS B 1278 28.92 122.27 -30.75
N ASP B 1279 28.65 122.96 -31.86
CA ASP B 1279 28.38 122.35 -33.19
C ASP B 1279 29.70 121.74 -33.71
N PHE B 1280 29.78 120.40 -33.73
CA PHE B 1280 31.00 119.62 -34.07
C PHE B 1280 30.85 119.04 -35.47
N GLU B 1281 31.80 119.35 -36.36
CA GLU B 1281 31.77 118.97 -37.81
C GLU B 1281 32.63 117.72 -38.02
N ILE B 1282 32.00 116.59 -38.39
CA ILE B 1282 32.72 115.30 -38.62
C ILE B 1282 33.60 115.48 -39.86
N THR B 1283 34.82 114.94 -39.85
CA THR B 1283 35.81 115.12 -40.96
C THR B 1283 36.64 113.85 -41.13
N ALA B 1284 36.98 113.53 -42.38
CA ALA B 1284 37.63 112.27 -42.81
C ALA B 1284 38.90 112.03 -42.00
N LYS B 1285 39.57 113.13 -41.65
CA LYS B 1285 40.77 113.20 -40.77
C LYS B 1285 40.48 112.52 -39.42
N GLU B 1286 39.39 112.91 -38.74
CA GLU B 1286 39.08 112.46 -37.35
C GLU B 1286 38.54 111.02 -37.38
N VAL B 1287 37.79 110.65 -38.41
CA VAL B 1287 37.24 109.25 -38.54
C VAL B 1287 38.39 108.30 -38.87
N TYR B 1288 39.40 108.76 -39.63
CA TYR B 1288 40.65 108.01 -39.88
C TYR B 1288 41.30 107.72 -38.53
N ASP B 1289 41.68 108.79 -37.80
CA ASP B 1289 42.45 108.76 -36.53
C ASP B 1289 41.74 107.91 -35.47
N PHE B 1290 40.42 108.03 -35.38
CA PHE B 1290 39.57 107.35 -34.38
C PHE B 1290 39.61 105.84 -34.61
N THR B 1291 39.32 105.42 -35.85
CA THR B 1291 39.17 103.99 -36.25
C THR B 1291 40.51 103.27 -36.12
N HIS B 1292 41.64 103.98 -36.31
CA HIS B 1292 43.00 103.42 -36.18
C HIS B 1292 43.36 103.23 -34.71
N ALA B 1293 42.87 104.10 -33.84
CA ALA B 1293 43.08 104.03 -32.37
C ALA B 1293 42.27 102.90 -31.74
N VAL B 1294 41.23 102.37 -32.37
CA VAL B 1294 40.35 101.32 -31.76
C VAL B 1294 40.49 99.96 -32.48
N GLY B 1295 41.03 99.93 -33.69
CA GLY B 1295 41.11 98.71 -34.53
C GLY B 1295 39.79 98.37 -35.20
N ASN B 1296 39.06 99.36 -35.71
CA ASN B 1296 37.79 99.19 -36.50
C ASN B 1296 38.15 99.27 -37.99
N ASN B 1297 38.58 98.14 -38.57
CA ASN B 1297 39.03 98.04 -39.99
C ASN B 1297 37.82 97.64 -40.85
N CYS B 1298 36.69 98.33 -40.67
CA CYS B 1298 35.42 98.09 -41.40
C CYS B 1298 35.38 99.08 -42.55
N GLU B 1299 34.98 98.60 -43.73
CA GLU B 1299 35.17 99.30 -45.01
C GLU B 1299 34.33 100.57 -45.03
N ASP B 1300 33.26 100.66 -44.23
CA ASP B 1300 32.28 101.78 -44.32
C ASP B 1300 32.94 103.10 -43.93
N PHE B 1301 34.06 103.05 -43.20
CA PHE B 1301 34.75 104.21 -42.56
C PHE B 1301 35.99 104.63 -43.35
N VAL B 1302 36.33 103.89 -44.41
CA VAL B 1302 37.52 104.14 -45.26
C VAL B 1302 37.09 104.99 -46.45
N SER B 1303 37.86 106.01 -46.81
CA SER B 1303 37.63 106.79 -48.05
C SER B 1303 37.80 105.80 -49.20
N ARG B 1304 36.81 105.71 -50.09
CA ARG B 1304 36.87 104.90 -51.33
C ARG B 1304 36.36 105.75 -52.49
N PRO B 1305 36.74 105.44 -53.75
CA PRO B 1305 36.22 106.18 -54.89
C PRO B 1305 34.70 105.98 -55.00
N ASP B 1306 33.98 107.07 -55.29
CA ASP B 1306 32.53 107.08 -55.63
C ASP B 1306 31.74 106.44 -54.47
N ARG B 1307 31.86 107.03 -53.27
CA ARG B 1307 31.23 106.56 -52.00
C ARG B 1307 31.36 107.63 -50.91
N THR B 1308 30.44 107.64 -49.95
CA THR B 1308 30.44 108.55 -48.78
C THR B 1308 30.97 107.80 -47.56
N MET B 1309 31.89 108.45 -46.84
CA MET B 1309 32.57 107.88 -45.65
C MET B 1309 31.62 108.04 -44.46
N LEU B 1310 31.20 106.92 -43.87
CA LEU B 1310 30.41 106.92 -42.61
C LEU B 1310 31.37 107.14 -41.44
N ALA B 1311 30.85 107.55 -40.29
CA ALA B 1311 31.54 107.53 -38.98
C ALA B 1311 30.92 106.42 -38.16
N PRO B 1312 31.69 105.71 -37.32
CA PRO B 1312 31.13 104.62 -36.50
C PRO B 1312 30.27 105.24 -35.40
N MET B 1313 29.35 104.48 -34.80
CA MET B 1313 28.41 105.07 -33.80
C MET B 1313 29.19 105.35 -32.51
N ASP B 1314 30.25 104.58 -32.23
CA ASP B 1314 31.28 104.82 -31.17
C ASP B 1314 31.71 106.28 -31.14
N PHE B 1315 31.83 106.87 -32.32
CA PHE B 1315 32.29 108.26 -32.57
C PHE B 1315 31.31 109.27 -31.96
N ALA B 1316 30.12 108.86 -31.53
CA ALA B 1316 29.17 109.74 -30.82
C ALA B 1316 29.83 110.31 -29.57
N ILE B 1317 30.47 109.45 -28.77
CA ILE B 1317 31.14 109.84 -27.50
C ILE B 1317 32.20 110.89 -27.80
N VAL B 1318 32.87 110.84 -28.96
CA VAL B 1318 33.85 111.86 -29.42
C VAL B 1318 33.12 113.21 -29.50
N VAL B 1319 31.95 113.22 -30.11
CA VAL B 1319 31.12 114.43 -30.32
C VAL B 1319 30.50 114.87 -28.99
N GLY B 1320 30.05 113.90 -28.19
CA GLY B 1320 29.18 114.12 -27.03
C GLY B 1320 29.92 114.40 -25.74
N TRP B 1321 31.24 114.20 -25.69
CA TRP B 1321 32.03 114.22 -24.43
C TRP B 1321 31.88 115.59 -23.75
N ARG B 1322 32.44 116.66 -24.31
CA ARG B 1322 32.36 118.02 -23.70
C ARG B 1322 31.06 118.14 -22.90
N ALA B 1323 29.90 117.76 -23.46
CA ALA B 1323 28.56 117.92 -22.85
C ALA B 1323 28.25 116.85 -21.80
N ILE B 1324 28.36 115.56 -22.12
CA ILE B 1324 28.04 114.43 -21.21
C ILE B 1324 28.88 114.53 -19.93
N ILE B 1325 30.17 114.78 -20.04
CA ILE B 1325 31.04 114.86 -18.85
C ILE B 1325 30.73 116.15 -18.10
N LYS B 1326 30.35 117.24 -18.78
CA LYS B 1326 30.08 118.53 -18.06
C LYS B 1326 28.97 118.34 -17.02
N ALA B 1327 28.26 117.22 -17.02
CA ALA B 1327 27.12 116.93 -16.11
C ALA B 1327 27.59 116.45 -14.73
N ILE B 1328 28.84 116.04 -14.55
CA ILE B 1328 29.33 115.57 -13.22
C ILE B 1328 30.12 116.68 -12.52
N PHE B 1329 30.11 117.92 -13.03
CA PHE B 1329 30.90 119.04 -12.46
C PHE B 1329 30.15 119.91 -11.47
N PRO B 1330 28.82 120.14 -11.54
CA PRO B 1330 28.18 121.17 -10.70
C PRO B 1330 28.49 121.04 -9.21
N ASN B 1331 28.52 122.18 -8.49
CA ASN B 1331 28.73 122.25 -7.02
C ASN B 1331 27.78 121.29 -6.30
N THR B 1332 26.53 121.20 -6.76
CA THR B 1332 25.40 120.48 -6.13
C THR B 1332 25.52 118.96 -6.35
N VAL B 1333 26.54 118.48 -7.07
CA VAL B 1333 26.88 117.03 -7.24
C VAL B 1333 28.37 116.86 -6.94
N ASP B 1334 28.74 117.14 -5.68
CA ASP B 1334 30.13 117.18 -5.15
C ASP B 1334 30.72 115.77 -5.23
N GLY B 1335 31.98 115.63 -5.66
CA GLY B 1335 32.59 114.30 -5.86
C GLY B 1335 34.09 114.35 -6.15
N ASP B 1336 34.83 113.43 -5.51
CA ASP B 1336 36.29 113.26 -5.71
C ASP B 1336 36.49 112.67 -7.10
N LEU B 1337 36.85 113.53 -8.06
CA LEU B 1337 36.88 113.17 -9.50
C LEU B 1337 38.00 112.17 -9.78
N LEU B 1338 39.03 112.09 -8.93
CA LEU B 1338 40.08 111.03 -8.96
C LEU B 1338 39.46 109.67 -8.65
N LYS B 1339 38.40 109.62 -7.83
CA LYS B 1339 37.72 108.36 -7.41
C LYS B 1339 36.52 108.03 -8.31
N LEU B 1340 36.31 108.75 -9.41
CA LEU B 1340 35.20 108.50 -10.37
C LEU B 1340 35.37 107.14 -11.04
N VAL B 1341 34.25 106.49 -11.34
CA VAL B 1341 34.16 105.17 -12.04
C VAL B 1341 33.04 105.24 -13.08
N HIS B 1342 33.39 105.21 -14.37
CA HIS B 1342 32.45 105.09 -15.51
C HIS B 1342 31.89 103.67 -15.50
N LEU B 1343 30.60 103.48 -15.20
CA LEU B 1343 30.02 102.15 -14.91
C LEU B 1343 29.56 101.52 -16.21
N SER B 1344 28.71 102.27 -16.92
CA SER B 1344 27.97 101.84 -18.13
C SER B 1344 28.07 102.96 -19.17
N ASN B 1345 28.04 102.60 -20.45
CA ASN B 1345 27.85 103.55 -21.56
C ASN B 1345 26.96 102.88 -22.62
N GLY B 1346 26.11 103.66 -23.28
CA GLY B 1346 25.10 103.12 -24.21
C GLY B 1346 24.87 104.04 -25.38
N TYR B 1347 24.80 103.49 -26.59
CA TYR B 1347 24.32 104.20 -27.80
C TYR B 1347 23.01 103.58 -28.25
N LYS B 1348 22.11 104.40 -28.77
CA LYS B 1348 20.80 103.97 -29.32
C LYS B 1348 20.48 104.93 -30.46
N MET B 1349 20.48 104.43 -31.71
CA MET B 1349 20.04 105.20 -32.90
C MET B 1349 18.53 105.42 -32.78
N ILE B 1350 18.05 106.64 -33.01
CA ILE B 1350 16.58 106.92 -32.96
C ILE B 1350 16.02 106.26 -34.22
N PRO B 1351 14.91 105.49 -34.13
CA PRO B 1351 14.44 104.72 -35.29
C PRO B 1351 14.07 105.69 -36.42
N GLY B 1352 14.55 105.40 -37.63
CA GLY B 1352 14.53 106.32 -38.77
C GLY B 1352 15.94 106.70 -39.18
N ALA B 1353 16.48 107.73 -38.54
CA ALA B 1353 17.66 108.52 -39.00
C ALA B 1353 18.85 107.61 -39.32
N LYS B 1354 19.50 107.92 -40.44
CA LYS B 1354 20.65 107.21 -41.05
C LYS B 1354 21.88 107.42 -40.18
N PRO B 1355 22.92 106.56 -40.28
CA PRO B 1355 24.11 106.73 -39.45
C PRO B 1355 24.88 108.01 -39.78
N LEU B 1356 25.84 108.36 -38.91
CA LEU B 1356 26.63 109.61 -39.00
C LEU B 1356 27.54 109.55 -40.22
N GLN B 1357 27.50 110.60 -41.05
CA GLN B 1357 28.25 110.72 -42.32
C GLN B 1357 29.50 111.55 -42.04
N VAL B 1358 30.33 111.82 -43.04
CA VAL B 1358 31.60 112.60 -42.90
C VAL B 1358 31.36 114.08 -43.23
N GLY B 1359 30.28 114.45 -43.89
CA GLY B 1359 29.98 115.86 -44.14
C GLY B 1359 29.45 116.55 -42.89
N ASP B 1360 28.75 115.78 -42.04
CA ASP B 1360 27.68 116.23 -41.09
C ASP B 1360 28.21 117.21 -40.05
N VAL B 1361 27.31 118.11 -39.60
CA VAL B 1361 27.48 119.07 -38.47
C VAL B 1361 26.51 118.67 -37.35
N VAL B 1362 27.02 118.09 -36.26
CA VAL B 1362 26.21 117.38 -35.23
C VAL B 1362 26.16 118.25 -33.95
N SER B 1363 24.99 118.81 -33.64
CA SER B 1363 24.66 119.51 -32.37
C SER B 1363 24.49 118.48 -31.26
N THR B 1364 25.14 118.69 -30.12
CA THR B 1364 24.99 117.86 -28.89
C THR B 1364 24.15 118.60 -27.86
N THR B 1365 23.38 117.85 -27.07
CA THR B 1365 22.65 118.34 -25.87
C THR B 1365 22.67 117.19 -24.87
N ALA B 1366 23.26 117.41 -23.69
CA ALA B 1366 23.24 116.45 -22.58
C ALA B 1366 22.27 116.96 -21.52
N VAL B 1367 21.64 116.02 -20.86
CA VAL B 1367 20.69 116.23 -19.73
C VAL B 1367 21.07 115.21 -18.68
N ILE B 1368 21.08 115.64 -17.43
CA ILE B 1368 21.31 114.73 -16.27
C ILE B 1368 19.95 114.15 -15.89
N GLU B 1369 19.86 112.83 -15.87
CA GLU B 1369 18.60 112.07 -15.72
C GLU B 1369 18.34 111.80 -14.22
N SER B 1370 19.36 111.40 -13.48
CA SER B 1370 19.23 110.75 -12.15
C SER B 1370 20.51 110.82 -11.31
N VAL B 1371 20.48 111.57 -10.22
CA VAL B 1371 21.61 111.68 -9.24
C VAL B 1371 21.17 111.01 -7.94
N VAL B 1372 21.59 109.78 -7.64
CA VAL B 1372 21.12 109.12 -6.40
C VAL B 1372 22.31 108.76 -5.51
N ASN B 1373 22.23 109.06 -4.21
CA ASN B 1373 23.20 108.59 -3.20
C ASN B 1373 22.80 107.15 -2.89
N GLN B 1374 23.62 106.19 -3.30
CA GLN B 1374 23.55 104.81 -2.81
C GLN B 1374 24.39 104.71 -1.54
N PRO B 1375 24.26 103.62 -0.74
CA PRO B 1375 25.12 103.40 0.43
C PRO B 1375 26.64 103.53 0.20
N THR B 1376 27.10 103.06 -0.95
CA THR B 1376 28.54 102.87 -1.28
C THR B 1376 29.06 104.00 -2.20
N GLY B 1377 28.25 105.02 -2.50
CA GLY B 1377 28.64 106.16 -3.37
C GLY B 1377 27.46 106.86 -4.04
N LYS B 1378 27.73 107.74 -4.99
CA LYS B 1378 26.73 108.55 -5.72
C LYS B 1378 26.74 108.16 -7.19
N ILE B 1379 25.57 107.86 -7.75
CA ILE B 1379 25.38 107.45 -9.18
C ILE B 1379 24.84 108.64 -9.99
N VAL B 1380 25.44 108.94 -11.13
CA VAL B 1380 24.97 110.02 -12.04
C VAL B 1380 24.71 109.40 -13.41
N ASP B 1381 23.42 109.19 -13.75
CA ASP B 1381 22.95 108.77 -15.09
C ASP B 1381 22.78 110.02 -15.96
N VAL B 1382 23.48 110.09 -17.10
CA VAL B 1382 23.41 111.22 -18.06
C VAL B 1382 22.85 110.72 -19.39
N VAL B 1383 22.17 111.60 -20.14
CA VAL B 1383 21.61 111.29 -21.49
C VAL B 1383 21.96 112.42 -22.46
N GLY B 1384 22.87 112.13 -23.38
CA GLY B 1384 23.22 113.01 -24.52
C GLY B 1384 22.37 112.67 -25.72
N THR B 1385 21.95 113.69 -26.47
CA THR B 1385 21.12 113.57 -27.70
C THR B 1385 21.86 114.29 -28.82
N LEU B 1386 22.28 113.55 -29.86
CA LEU B 1386 23.03 114.08 -31.03
C LEU B 1386 22.04 114.40 -32.15
N SER B 1387 22.00 115.65 -32.62
CA SER B 1387 21.02 116.15 -33.60
C SER B 1387 21.71 116.85 -34.77
N ARG B 1388 21.39 116.45 -36.02
CA ARG B 1388 21.88 117.12 -37.27
C ARG B 1388 20.69 117.65 -38.09
N ASN B 1389 20.79 118.89 -38.57
CA ASN B 1389 19.71 119.57 -39.33
C ASN B 1389 18.44 119.63 -38.47
N GLY B 1390 18.58 119.85 -37.16
CA GLY B 1390 17.48 119.95 -36.20
C GLY B 1390 16.57 118.73 -36.22
N LYS B 1391 17.14 117.52 -36.25
CA LYS B 1391 16.43 116.25 -35.96
C LYS B 1391 17.31 115.36 -35.09
N PRO B 1392 16.78 114.65 -34.08
CA PRO B 1392 17.59 113.68 -33.33
C PRO B 1392 18.12 112.54 -34.21
N VAL B 1393 19.37 112.15 -34.01
CA VAL B 1393 20.09 111.09 -34.76
C VAL B 1393 20.32 109.91 -33.81
N MET B 1394 21.01 110.13 -32.70
CA MET B 1394 21.11 109.10 -31.63
C MET B 1394 21.18 109.71 -30.24
N GLU B 1395 21.00 108.83 -29.24
CA GLU B 1395 21.09 109.07 -27.79
C GLU B 1395 22.29 108.30 -27.24
N VAL B 1396 23.18 108.99 -26.52
CA VAL B 1396 24.26 108.39 -25.68
C VAL B 1396 23.75 108.36 -24.23
N THR B 1397 23.85 107.23 -23.53
CA THR B 1397 23.41 107.07 -22.11
C THR B 1397 24.58 106.56 -21.26
N SER B 1398 25.36 107.48 -20.69
CA SER B 1398 26.49 107.16 -19.78
C SER B 1398 26.00 107.27 -18.34
N SER B 1399 26.41 106.32 -17.48
CA SER B 1399 26.24 106.38 -16.00
C SER B 1399 27.60 106.35 -15.29
N PHE B 1400 27.92 107.41 -14.57
CA PHE B 1400 29.12 107.58 -13.71
C PHE B 1400 28.78 107.32 -12.25
N PHE B 1401 29.80 107.11 -11.44
CA PHE B 1401 29.72 106.69 -10.01
C PHE B 1401 30.89 107.27 -9.22
N TYR B 1402 30.62 108.31 -8.44
CA TYR B 1402 31.54 108.88 -7.42
C TYR B 1402 31.55 107.99 -6.18
N ARG B 1403 32.62 107.24 -5.94
CA ARG B 1403 32.79 106.46 -4.67
C ARG B 1403 32.95 107.42 -3.51
N GLY B 1404 32.40 107.05 -2.36
CA GLY B 1404 32.43 107.84 -1.12
C GLY B 1404 31.16 107.67 -0.32
N ASN B 1405 30.88 108.65 0.54
CA ASN B 1405 29.81 108.62 1.56
C ASN B 1405 29.08 109.97 1.51
N TYR B 1406 27.87 110.01 0.94
CA TYR B 1406 27.09 111.25 0.65
C TYR B 1406 25.79 111.20 1.45
N THR B 1407 25.37 112.36 1.94
CA THR B 1407 24.17 112.56 2.82
C THR B 1407 23.49 113.86 2.35
N ASP B 1408 23.42 114.00 1.04
CA ASP B 1408 23.24 115.26 0.27
C ASP B 1408 21.89 115.15 -0.46
N PHE B 1409 20.86 114.60 0.22
CA PHE B 1409 19.61 114.12 -0.42
C PHE B 1409 18.71 115.27 -0.92
N GLU B 1410 19.11 116.52 -0.73
CA GLU B 1410 18.37 117.74 -1.14
C GLU B 1410 18.63 118.01 -2.63
N ASN B 1411 19.75 117.46 -3.15
CA ASN B 1411 20.31 117.72 -4.50
C ASN B 1411 20.29 116.42 -5.32
N THR B 1412 19.27 115.60 -5.07
CA THR B 1412 19.18 114.20 -5.52
C THR B 1412 17.81 114.09 -6.19
N PHE B 1413 17.68 113.19 -7.16
CA PHE B 1413 16.45 112.94 -7.95
C PHE B 1413 16.67 111.78 -8.90
N GLN B 1414 15.58 111.26 -9.47
CA GLN B 1414 15.60 110.01 -10.27
C GLN B 1414 14.33 109.95 -11.10
N LYS B 1415 14.46 110.18 -12.41
CA LYS B 1415 13.40 109.90 -13.42
C LYS B 1415 13.66 108.52 -14.00
N THR B 1416 12.88 107.51 -13.60
CA THR B 1416 12.84 106.18 -14.28
C THR B 1416 11.64 106.12 -15.24
N VAL B 1417 11.78 105.37 -16.32
CA VAL B 1417 10.71 105.01 -17.29
C VAL B 1417 10.33 103.55 -17.02
N GLU B 1418 9.14 103.34 -16.46
CA GLU B 1418 8.70 102.03 -15.93
C GLU B 1418 8.36 101.13 -17.10
N PRO B 1419 8.35 99.80 -16.91
CA PRO B 1419 7.94 98.89 -17.97
C PRO B 1419 6.45 99.09 -18.24
N VAL B 1420 6.03 98.82 -19.48
CA VAL B 1420 4.62 99.02 -19.92
C VAL B 1420 3.75 97.90 -19.33
N TYR B 1421 2.70 98.26 -18.61
CA TYR B 1421 1.84 97.31 -17.86
C TYR B 1421 0.52 97.20 -18.60
N GLN B 1422 0.02 95.97 -18.72
CA GLN B 1422 -1.18 95.62 -19.51
C GLN B 1422 -2.22 95.00 -18.58
N MET B 1423 -3.40 95.60 -18.50
CA MET B 1423 -4.58 95.06 -17.77
C MET B 1423 -5.68 94.67 -18.77
N HIS B 1424 -6.19 93.43 -18.69
CA HIS B 1424 -7.48 93.02 -19.32
C HIS B 1424 -8.61 93.31 -18.33
N ILE B 1425 -9.49 94.24 -18.66
CA ILE B 1425 -10.71 94.57 -17.85
C ILE B 1425 -11.80 93.56 -18.22
N LYS B 1426 -12.04 92.54 -17.37
CA LYS B 1426 -13.02 91.44 -17.64
C LYS B 1426 -14.38 91.83 -17.06
N THR B 1427 -14.41 92.25 -15.80
CA THR B 1427 -15.61 92.36 -14.93
C THR B 1427 -15.99 93.84 -14.75
N SER B 1428 -16.98 94.13 -13.90
CA SER B 1428 -17.40 95.51 -13.55
C SER B 1428 -16.84 95.91 -12.17
N LYS B 1429 -16.11 95.03 -11.47
CA LYS B 1429 -15.37 95.42 -10.24
C LYS B 1429 -13.98 95.93 -10.67
N ASP B 1430 -13.34 95.25 -11.62
CA ASP B 1430 -12.10 95.74 -12.28
C ASP B 1430 -12.28 97.22 -12.66
N ILE B 1431 -13.43 97.61 -13.22
CA ILE B 1431 -13.66 99.01 -13.70
C ILE B 1431 -13.85 99.91 -12.47
N ALA B 1432 -14.34 99.37 -11.35
CA ALA B 1432 -14.72 100.16 -10.16
C ALA B 1432 -13.48 100.39 -9.28
N VAL B 1433 -12.65 99.36 -9.12
CA VAL B 1433 -11.30 99.45 -8.48
C VAL B 1433 -10.48 100.53 -9.20
N LEU B 1434 -10.56 100.60 -10.52
CA LEU B 1434 -9.82 101.61 -11.35
C LEU B 1434 -10.44 103.01 -11.20
N ARG B 1435 -11.74 103.13 -10.94
CA ARG B 1435 -12.42 104.44 -10.77
C ARG B 1435 -12.18 104.93 -9.33
N SER B 1436 -11.94 103.99 -8.40
CA SER B 1436 -11.44 104.24 -7.02
C SER B 1436 -10.27 105.22 -7.10
N LYS B 1437 -9.23 104.82 -7.85
CA LYS B 1437 -7.91 105.51 -7.96
C LYS B 1437 -8.09 106.93 -8.50
N GLU B 1438 -7.80 107.94 -7.67
CA GLU B 1438 -7.79 109.40 -8.01
C GLU B 1438 -6.91 109.64 -9.25
N TRP B 1439 -5.86 108.83 -9.40
CA TRP B 1439 -4.78 108.99 -10.42
C TRP B 1439 -5.15 108.43 -11.78
N PHE B 1440 -6.33 107.81 -11.94
CA PHE B 1440 -6.88 107.30 -13.23
C PHE B 1440 -7.80 108.37 -13.83
N GLN B 1441 -7.21 109.39 -14.46
CA GLN B 1441 -7.98 110.42 -15.20
C GLN B 1441 -8.38 109.82 -16.56
N LEU B 1442 -9.59 110.10 -17.05
CA LEU B 1442 -10.04 109.73 -18.42
C LEU B 1442 -10.53 111.00 -19.15
N ASP B 1443 -10.28 111.08 -20.45
CA ASP B 1443 -10.58 112.27 -21.28
C ASP B 1443 -12.11 112.42 -21.34
N ASP B 1444 -12.83 111.29 -21.45
CA ASP B 1444 -14.31 111.16 -21.38
C ASP B 1444 -14.63 110.12 -20.30
N GLU B 1445 -15.13 110.55 -19.14
CA GLU B 1445 -15.35 109.70 -17.92
C GLU B 1445 -16.48 108.68 -18.16
N ASP B 1446 -17.27 108.84 -19.24
CA ASP B 1446 -18.39 107.95 -19.64
C ASP B 1446 -17.90 106.79 -20.50
N PHE B 1447 -16.62 106.76 -20.87
CA PHE B 1447 -15.99 105.74 -21.76
C PHE B 1447 -16.23 104.33 -21.21
N ASP B 1448 -16.68 103.39 -22.04
CA ASP B 1448 -16.92 101.97 -21.63
C ASP B 1448 -15.59 101.20 -21.62
N LEU B 1449 -15.21 100.66 -20.45
CA LEU B 1449 -13.91 99.98 -20.22
C LEU B 1449 -14.06 98.46 -20.36
N LEU B 1450 -15.27 97.95 -20.47
CA LEU B 1450 -15.58 96.52 -20.20
C LEU B 1450 -15.11 95.68 -21.41
N ASN B 1451 -14.23 94.70 -21.15
CA ASN B 1451 -13.63 93.73 -22.11
C ASN B 1451 -12.53 94.38 -22.94
N LYS B 1452 -12.33 95.69 -22.82
CA LYS B 1452 -11.17 96.40 -23.40
C LYS B 1452 -9.87 95.94 -22.70
N THR B 1453 -8.74 96.15 -23.37
CA THR B 1453 -7.37 95.92 -22.86
C THR B 1453 -6.64 97.26 -22.76
N LEU B 1454 -6.12 97.57 -21.57
CA LEU B 1454 -5.47 98.86 -21.26
C LEU B 1454 -3.96 98.65 -21.13
N THR B 1455 -3.18 99.62 -21.60
CA THR B 1455 -1.71 99.67 -21.42
C THR B 1455 -1.34 101.00 -20.74
N PHE B 1456 -0.57 100.92 -19.66
CA PHE B 1456 -0.11 102.10 -18.87
C PHE B 1456 1.35 102.35 -19.22
N GLU B 1457 1.64 103.46 -19.91
CA GLU B 1457 3.01 103.87 -20.34
C GLU B 1457 3.48 105.02 -19.44
N THR B 1458 4.29 104.70 -18.44
CA THR B 1458 4.41 105.46 -17.17
C THR B 1458 5.89 105.80 -16.92
N GLU B 1459 6.18 107.07 -16.62
CA GLU B 1459 7.49 107.50 -16.05
C GLU B 1459 7.23 108.07 -14.65
N THR B 1460 8.18 107.92 -13.73
CA THR B 1460 8.06 108.35 -12.32
C THR B 1460 9.30 109.16 -11.91
N GLU B 1461 9.12 110.49 -11.75
CA GLU B 1461 10.09 111.45 -11.14
C GLU B 1461 9.98 111.40 -9.60
N VAL B 1462 11.11 111.44 -8.90
CA VAL B 1462 11.19 111.13 -7.44
C VAL B 1462 12.40 111.83 -6.84
N THR B 1463 12.18 112.96 -6.15
CA THR B 1463 13.14 113.60 -5.20
C THR B 1463 13.24 112.75 -3.91
N PHE B 1464 14.27 112.95 -3.09
CA PHE B 1464 14.57 112.10 -1.89
C PHE B 1464 14.58 112.96 -0.62
N LYS B 1465 14.47 112.27 0.53
CA LYS B 1465 14.60 112.82 1.91
C LYS B 1465 15.75 112.08 2.60
N ASN B 1466 15.70 110.74 2.58
CA ASN B 1466 16.76 109.80 3.02
C ASN B 1466 16.92 108.76 1.91
N ALA B 1467 17.68 107.69 2.17
CA ALA B 1467 17.81 106.53 1.27
C ALA B 1467 16.42 105.95 0.94
N ASN B 1468 15.49 105.94 1.91
CA ASN B 1468 14.26 105.10 1.91
C ASN B 1468 12.99 105.90 1.67
N ILE B 1469 12.93 107.17 2.07
CA ILE B 1469 11.68 108.00 2.05
C ILE B 1469 11.81 109.07 0.95
N PHE B 1470 10.95 109.03 -0.05
CA PHE B 1470 10.92 110.03 -1.15
C PHE B 1470 10.24 111.29 -0.62
N SER B 1471 10.83 112.47 -0.82
CA SER B 1471 10.28 113.77 -0.38
C SER B 1471 9.27 114.28 -1.39
N SER B 1472 9.03 113.53 -2.45
CA SER B 1472 8.11 113.86 -3.57
C SER B 1472 8.09 112.70 -4.55
N VAL B 1473 6.90 112.27 -4.97
CA VAL B 1473 6.71 111.28 -6.06
C VAL B 1473 5.80 111.91 -7.11
N LYS B 1474 6.08 111.60 -8.36
CA LYS B 1474 5.27 111.98 -9.55
C LYS B 1474 5.28 110.75 -10.46
N CYS B 1475 4.14 110.39 -11.03
CA CYS B 1475 3.97 109.19 -11.87
C CYS B 1475 2.90 109.50 -12.90
N PHE B 1476 3.29 109.69 -14.15
CA PHE B 1476 2.41 110.24 -15.22
C PHE B 1476 2.70 109.55 -16.55
N GLY B 1477 2.00 110.00 -17.59
CA GLY B 1477 2.07 109.38 -18.92
C GLY B 1477 0.78 108.62 -19.22
N PRO B 1478 0.55 108.31 -20.51
CA PRO B 1478 -0.78 108.03 -21.01
C PRO B 1478 -1.26 106.58 -20.80
N ILE B 1479 -2.56 106.42 -20.58
CA ILE B 1479 -3.32 105.14 -20.63
C ILE B 1479 -3.82 104.97 -22.07
N LYS B 1480 -3.66 103.78 -22.61
CA LYS B 1480 -4.03 103.46 -24.01
C LYS B 1480 -4.92 102.23 -24.02
N VAL B 1481 -5.89 102.18 -24.93
CA VAL B 1481 -6.79 101.01 -25.15
C VAL B 1481 -6.44 100.35 -26.49
N GLU B 1482 -6.31 99.03 -26.51
CA GLU B 1482 -6.17 98.21 -27.74
C GLU B 1482 -7.50 98.26 -28.49
N LEU B 1483 -7.45 98.68 -29.77
CA LEU B 1483 -8.58 98.63 -30.74
C LEU B 1483 -8.68 97.23 -31.35
N PRO B 1484 -9.67 96.95 -32.22
CA PRO B 1484 -9.76 95.64 -32.86
C PRO B 1484 -8.73 95.40 -33.98
N THR B 1485 -7.96 96.41 -34.36
CA THR B 1485 -6.80 96.29 -35.30
C THR B 1485 -5.53 95.91 -34.54
N LYS B 1486 -5.52 96.06 -33.20
CA LYS B 1486 -4.35 95.85 -32.30
C LYS B 1486 -3.48 97.12 -32.20
N GLU B 1487 -3.76 98.14 -33.00
CA GLU B 1487 -3.31 99.54 -32.76
C GLU B 1487 -3.83 99.95 -31.38
N THR B 1488 -3.03 100.67 -30.59
CA THR B 1488 -3.42 101.31 -29.30
C THR B 1488 -3.68 102.81 -29.51
N VAL B 1489 -4.51 103.42 -28.67
CA VAL B 1489 -4.96 104.83 -28.78
C VAL B 1489 -5.12 105.42 -27.37
N GLU B 1490 -4.60 106.62 -27.15
CA GLU B 1490 -4.66 107.33 -25.85
C GLU B 1490 -6.12 107.64 -25.50
N ILE B 1491 -6.63 107.08 -24.40
CA ILE B 1491 -7.96 107.41 -23.81
C ILE B 1491 -7.79 108.21 -22.51
N GLY B 1492 -6.70 108.01 -21.78
CA GLY B 1492 -6.54 108.53 -20.41
C GLY B 1492 -5.12 108.99 -20.10
N ILE B 1493 -4.99 109.52 -18.89
CA ILE B 1493 -3.74 110.03 -18.25
C ILE B 1493 -3.62 109.31 -16.89
N VAL B 1494 -2.39 109.06 -16.44
CA VAL B 1494 -2.03 108.84 -15.01
C VAL B 1494 -1.51 110.19 -14.50
N ASP B 1495 -1.89 110.61 -13.30
CA ASP B 1495 -1.55 111.95 -12.75
C ASP B 1495 -1.45 111.85 -11.22
N TYR B 1496 -0.72 110.86 -10.72
CA TYR B 1496 -0.31 110.73 -9.30
C TYR B 1496 0.76 111.76 -8.97
N GLU B 1497 0.55 112.54 -7.90
CA GLU B 1497 1.55 113.40 -7.19
C GLU B 1497 1.52 112.99 -5.72
N ALA B 1498 2.37 113.61 -4.89
CA ALA B 1498 2.61 113.21 -3.48
C ALA B 1498 3.79 114.01 -2.88
N GLY B 1499 3.77 114.21 -1.57
CA GLY B 1499 4.96 114.51 -0.75
C GLY B 1499 5.50 113.22 -0.15
N ALA B 1500 6.05 113.27 1.07
CA ALA B 1500 6.74 112.14 1.73
C ALA B 1500 6.03 110.83 1.38
N SER B 1501 6.77 109.81 0.94
CA SER B 1501 6.22 108.50 0.52
C SER B 1501 7.31 107.43 0.57
N HIS B 1502 6.99 106.23 1.03
CA HIS B 1502 7.94 105.08 1.08
C HIS B 1502 7.81 104.24 -0.21
N GLY B 1503 7.06 104.71 -1.23
CA GLY B 1503 6.88 103.96 -2.47
C GLY B 1503 5.94 104.65 -3.45
N ASN B 1504 5.84 104.07 -4.65
CA ASN B 1504 5.00 104.53 -5.80
C ASN B 1504 3.82 103.58 -5.87
N PRO B 1505 2.60 104.01 -5.49
CA PRO B 1505 1.48 103.08 -5.34
C PRO B 1505 0.96 102.60 -6.70
N VAL B 1506 1.10 103.45 -7.73
CA VAL B 1506 0.69 103.16 -9.14
C VAL B 1506 1.38 101.89 -9.64
N VAL B 1507 2.70 101.82 -9.53
CA VAL B 1507 3.48 100.72 -10.14
C VAL B 1507 3.23 99.45 -9.35
N ASP B 1508 3.00 99.58 -8.04
CA ASP B 1508 2.57 98.48 -7.14
C ASP B 1508 1.23 97.94 -7.64
N PHE B 1509 0.25 98.81 -7.87
CA PHE B 1509 -1.12 98.46 -8.31
C PHE B 1509 -1.06 97.64 -9.62
N LEU B 1510 -0.28 98.13 -10.58
CA LEU B 1510 -0.15 97.56 -11.93
C LEU B 1510 0.72 96.29 -11.93
N LYS B 1511 1.64 96.11 -10.97
CA LYS B 1511 2.44 94.85 -10.88
C LYS B 1511 1.51 93.70 -10.50
N ARG B 1512 0.65 93.91 -9.49
CA ARG B 1512 -0.31 92.90 -9.00
C ARG B 1512 -1.39 92.72 -10.07
N ASN B 1513 -2.09 93.79 -10.41
CA ASN B 1513 -3.37 93.70 -11.18
C ASN B 1513 -3.07 93.47 -12.67
N GLY B 1514 -2.03 94.10 -13.22
CA GLY B 1514 -1.65 93.99 -14.64
C GLY B 1514 -0.62 92.90 -14.89
N SER B 1515 0.23 93.10 -15.91
CA SER B 1515 1.35 92.22 -16.35
C SER B 1515 2.23 93.00 -17.33
N THR B 1516 3.53 92.72 -17.37
CA THR B 1516 4.54 93.52 -18.12
C THR B 1516 4.57 93.09 -19.60
N LEU B 1517 4.75 94.06 -20.51
CA LEU B 1517 4.94 93.84 -21.97
C LEU B 1517 6.42 93.90 -22.31
N GLU B 1518 7.15 92.82 -22.00
CA GLU B 1518 8.59 92.67 -22.33
C GLU B 1518 8.76 92.65 -23.85
N GLN B 1519 9.49 93.64 -24.39
CA GLN B 1519 9.86 93.76 -25.83
C GLN B 1519 10.87 92.67 -26.23
N LYS B 1520 11.88 92.43 -25.40
CA LYS B 1520 12.95 91.44 -25.62
C LYS B 1520 12.35 90.04 -25.48
N VAL B 1521 12.31 89.29 -26.58
CA VAL B 1521 11.86 87.86 -26.59
C VAL B 1521 13.09 86.97 -26.76
N ASN B 1522 13.30 86.05 -25.84
CA ASN B 1522 14.45 85.12 -25.84
C ASN B 1522 14.18 84.00 -26.85
N LEU B 1523 15.19 83.66 -27.64
CA LEU B 1523 15.27 82.41 -28.43
C LEU B 1523 15.17 81.20 -27.49
N GLU B 1524 14.79 80.04 -28.03
CA GLU B 1524 14.69 78.77 -27.28
C GLU B 1524 16.03 78.49 -26.59
N ASN B 1525 17.11 78.46 -27.37
CA ASN B 1525 18.52 78.32 -26.89
C ASN B 1525 19.40 79.38 -27.55
N PRO B 1526 20.40 79.96 -26.82
CA PRO B 1526 21.30 80.94 -27.41
C PRO B 1526 22.07 80.32 -28.59
N ILE B 1527 22.47 81.14 -29.55
CA ILE B 1527 23.24 80.72 -30.75
C ILE B 1527 24.64 81.29 -30.60
N PRO B 1528 25.69 80.45 -30.44
CA PRO B 1528 27.06 80.95 -30.43
C PRO B 1528 27.39 81.56 -31.80
N ILE B 1529 28.02 82.73 -31.82
CA ILE B 1529 28.49 83.41 -33.05
C ILE B 1529 30.01 83.27 -33.14
N ALA B 1530 30.74 83.73 -32.11
CA ALA B 1530 32.21 83.78 -32.10
C ALA B 1530 32.78 83.83 -30.68
N VAL B 1531 34.04 83.42 -30.54
CA VAL B 1531 34.92 83.68 -29.35
C VAL B 1531 36.22 84.29 -29.88
N LEU B 1532 36.43 85.58 -29.60
CA LEU B 1532 37.38 86.47 -30.32
C LEU B 1532 38.39 87.07 -29.35
N ASP B 1533 39.56 87.41 -29.89
CA ASP B 1533 40.78 87.77 -29.15
C ASP B 1533 41.17 89.18 -29.58
N SER B 1534 41.11 90.14 -28.66
CA SER B 1534 41.58 91.53 -28.85
C SER B 1534 42.65 91.80 -27.80
N TYR B 1535 43.65 92.59 -28.17
CA TYR B 1535 44.64 93.14 -27.21
C TYR B 1535 44.19 94.56 -26.86
N THR B 1536 44.62 95.02 -25.69
CA THR B 1536 44.60 96.45 -25.34
C THR B 1536 45.90 97.00 -25.87
N PRO B 1537 45.97 98.29 -26.24
CA PRO B 1537 47.19 98.87 -26.77
C PRO B 1537 48.17 99.20 -25.64
N SER B 1538 49.48 99.14 -25.92
CA SER B 1538 50.60 99.38 -24.97
C SER B 1538 50.49 100.77 -24.35
N THR B 1539 50.06 101.74 -25.14
CA THR B 1539 49.89 103.14 -24.70
C THR B 1539 48.42 103.55 -24.91
N ASN B 1540 47.98 104.52 -24.12
CA ASN B 1540 46.60 105.07 -24.14
C ASN B 1540 46.66 106.53 -24.60
N GLU B 1541 47.81 107.03 -25.05
CA GLU B 1541 47.95 108.40 -25.58
C GLU B 1541 47.25 108.51 -26.94
N PRO B 1542 47.26 107.48 -27.83
CA PRO B 1542 46.48 107.50 -29.07
C PRO B 1542 44.98 107.75 -28.80
N TYR B 1543 44.31 106.87 -28.04
CA TYR B 1543 42.84 106.99 -27.79
C TYR B 1543 42.51 108.35 -27.17
N ALA B 1544 43.31 108.80 -26.21
CA ALA B 1544 43.12 110.09 -25.47
C ALA B 1544 43.11 111.27 -26.44
N ARG B 1545 44.00 111.30 -27.43
CA ARG B 1545 44.12 112.41 -28.42
C ARG B 1545 42.78 112.57 -29.15
N VAL B 1546 42.24 111.46 -29.67
CA VAL B 1546 41.12 111.44 -30.65
C VAL B 1546 39.79 111.70 -29.92
N SER B 1547 39.57 111.06 -28.77
CA SER B 1547 38.35 111.15 -27.93
C SER B 1547 38.30 112.49 -27.17
N GLY B 1548 39.41 112.88 -26.55
CA GLY B 1548 39.49 114.10 -25.71
C GLY B 1548 39.34 113.77 -24.24
N ASP B 1549 39.23 112.48 -23.89
CA ASP B 1549 39.37 111.96 -22.50
C ASP B 1549 40.86 112.04 -22.12
N LEU B 1550 41.31 113.22 -21.68
CA LEU B 1550 42.66 113.44 -21.12
C LEU B 1550 42.69 113.15 -19.61
N ASN B 1551 41.86 112.22 -19.11
CA ASN B 1551 41.91 111.78 -17.70
C ASN B 1551 43.32 111.28 -17.44
N PRO B 1552 44.10 111.96 -16.58
CA PRO B 1552 45.49 111.58 -16.35
C PRO B 1552 45.71 110.13 -15.88
N ILE B 1553 44.74 109.52 -15.19
CA ILE B 1553 44.89 108.14 -14.62
C ILE B 1553 45.22 107.14 -15.71
N HIS B 1554 45.05 107.50 -17.00
CA HIS B 1554 45.20 106.58 -18.16
C HIS B 1554 46.62 106.66 -18.72
N VAL B 1555 47.32 107.77 -18.45
CA VAL B 1555 48.58 108.11 -19.17
C VAL B 1555 49.76 108.33 -18.21
N SER B 1556 49.51 108.65 -16.93
CA SER B 1556 50.52 109.18 -15.97
C SER B 1556 50.61 108.30 -14.71
N ARG B 1557 51.76 107.66 -14.52
CA ARG B 1557 52.00 106.68 -13.44
C ARG B 1557 51.78 107.32 -12.07
N HIS B 1558 52.06 108.63 -11.92
CA HIS B 1558 51.83 109.33 -10.64
C HIS B 1558 50.34 109.42 -10.32
N PHE B 1559 49.49 109.84 -11.25
CA PHE B 1559 48.04 110.00 -10.95
C PHE B 1559 47.41 108.64 -10.73
N ALA B 1560 47.81 107.64 -11.50
CA ALA B 1560 47.33 106.25 -11.32
C ALA B 1560 47.61 105.78 -9.88
N SER B 1561 48.81 106.04 -9.38
CA SER B 1561 49.27 105.67 -8.02
C SER B 1561 48.50 106.50 -6.98
N TYR B 1562 48.37 107.81 -7.21
CA TYR B 1562 47.67 108.71 -6.26
C TYR B 1562 46.19 108.30 -6.13
N ALA B 1563 45.62 107.57 -7.09
CA ALA B 1563 44.21 107.13 -7.11
C ALA B 1563 44.09 105.63 -6.82
N ASN B 1564 45.20 104.97 -6.44
CA ASN B 1564 45.25 103.57 -5.94
C ASN B 1564 44.86 102.57 -7.02
N LEU B 1565 45.17 102.86 -8.28
CA LEU B 1565 44.86 101.93 -9.41
C LEU B 1565 46.07 101.02 -9.61
N PRO B 1566 45.90 99.85 -10.28
CA PRO B 1566 47.01 98.93 -10.50
C PRO B 1566 48.03 99.39 -11.56
N GLY B 1567 47.83 100.57 -12.13
CA GLY B 1567 48.73 101.18 -13.14
C GLY B 1567 47.92 102.09 -14.03
N THR B 1568 48.57 102.80 -14.95
CA THR B 1568 47.91 103.55 -16.06
C THR B 1568 46.92 102.60 -16.73
N ILE B 1569 45.62 102.70 -16.47
CA ILE B 1569 44.61 101.72 -16.99
C ILE B 1569 44.11 102.15 -18.37
N THR B 1570 43.77 101.16 -19.20
CA THR B 1570 43.07 101.33 -20.49
C THR B 1570 41.77 102.08 -20.26
N HIS B 1571 41.48 103.09 -21.08
CA HIS B 1571 40.15 103.74 -21.11
C HIS B 1571 39.10 102.65 -21.30
N GLY B 1572 38.03 102.66 -20.50
CA GLY B 1572 36.91 101.72 -20.68
C GLY B 1572 36.33 101.91 -22.06
N MET B 1573 36.21 103.18 -22.46
CA MET B 1573 35.57 103.64 -23.73
C MET B 1573 36.36 103.17 -24.96
N PHE B 1574 37.63 102.79 -24.80
CA PHE B 1574 38.41 102.05 -25.80
C PHE B 1574 37.91 100.60 -25.86
N SER B 1575 37.81 99.93 -24.72
CA SER B 1575 37.37 98.51 -24.66
C SER B 1575 35.94 98.38 -25.22
N SER B 1576 35.08 99.39 -24.99
CA SER B 1576 33.72 99.47 -25.59
C SER B 1576 33.88 99.34 -27.10
N ALA B 1577 34.54 100.32 -27.71
CA ALA B 1577 34.73 100.44 -29.17
C ALA B 1577 35.41 99.19 -29.74
N SER B 1578 36.57 98.82 -29.23
CA SER B 1578 37.27 97.56 -29.61
C SER B 1578 36.25 96.43 -29.73
N VAL B 1579 35.50 96.15 -28.67
CA VAL B 1579 34.55 95.00 -28.64
C VAL B 1579 33.40 95.22 -29.63
N ARG B 1580 32.92 96.46 -29.84
CA ARG B 1580 31.79 96.71 -30.76
C ARG B 1580 32.28 96.66 -32.21
N ALA B 1581 33.57 96.76 -32.46
CA ALA B 1581 34.16 96.53 -33.80
C ALA B 1581 34.14 95.04 -34.13
N LEU B 1582 34.15 94.17 -33.14
CA LEU B 1582 34.05 92.69 -33.33
C LEU B 1582 32.58 92.29 -33.49
N ILE B 1583 31.67 93.00 -32.84
CA ILE B 1583 30.19 92.81 -32.97
C ILE B 1583 29.82 93.19 -34.40
N GLU B 1584 30.26 94.37 -34.83
CA GLU B 1584 30.04 94.92 -36.18
C GLU B 1584 30.59 93.99 -37.26
N ASN B 1585 31.70 93.29 -37.00
CA ASN B 1585 32.36 92.42 -38.01
C ASN B 1585 31.73 91.03 -38.06
N TRP B 1586 31.37 90.38 -36.96
CA TRP B 1586 30.83 88.99 -36.99
C TRP B 1586 29.30 88.96 -37.02
N ALA B 1587 28.62 89.70 -36.15
CA ALA B 1587 27.15 89.68 -36.03
C ALA B 1587 26.48 90.46 -37.17
N ALA B 1588 27.01 91.62 -37.55
CA ALA B 1588 26.45 92.47 -38.61
C ALA B 1588 27.14 92.23 -39.97
N ASP B 1589 27.99 91.20 -40.08
CA ASP B 1589 28.76 90.85 -41.30
C ASP B 1589 29.24 92.14 -42.00
N SER B 1590 29.92 93.00 -41.24
CA SER B 1590 30.70 94.18 -41.67
C SER B 1590 29.81 95.25 -42.32
N VAL B 1591 28.52 95.30 -41.97
CA VAL B 1591 27.61 96.43 -42.35
C VAL B 1591 27.37 97.31 -41.11
N SER B 1592 28.06 98.44 -41.02
CA SER B 1592 27.94 99.41 -39.90
C SER B 1592 26.46 99.73 -39.62
N SER B 1593 25.64 99.96 -40.65
CA SER B 1593 24.26 100.50 -40.55
C SER B 1593 23.33 99.51 -39.84
N ARG B 1594 23.63 98.22 -39.87
CA ARG B 1594 22.83 97.14 -39.23
C ARG B 1594 22.86 97.28 -37.70
N VAL B 1595 24.01 97.63 -37.12
CA VAL B 1595 24.17 97.74 -35.64
C VAL B 1595 23.60 99.10 -35.29
N ARG B 1596 22.69 99.10 -34.34
CA ARG B 1596 21.49 100.00 -34.31
C ARG B 1596 21.26 100.51 -32.89
N GLY B 1597 21.65 99.70 -31.90
CA GLY B 1597 22.01 100.15 -30.56
C GLY B 1597 23.00 99.23 -29.91
N TYR B 1598 23.78 99.77 -28.98
CA TYR B 1598 24.95 99.11 -28.32
C TYR B 1598 25.09 99.65 -26.91
N THR B 1599 25.23 98.77 -25.92
CA THR B 1599 25.19 99.06 -24.47
C THR B 1599 26.25 98.21 -23.77
N CYS B 1600 27.10 98.83 -22.94
CA CYS B 1600 28.34 98.26 -22.37
C CYS B 1600 28.47 98.56 -20.86
N GLN B 1601 28.46 97.55 -19.99
CA GLN B 1601 28.76 97.64 -18.53
C GLN B 1601 30.24 97.33 -18.30
N PHE B 1602 30.96 98.24 -17.64
CA PHE B 1602 32.41 98.12 -17.31
C PHE B 1602 32.57 97.45 -15.95
N VAL B 1603 32.76 96.15 -15.95
CA VAL B 1603 32.71 95.27 -14.75
C VAL B 1603 34.01 95.45 -13.97
N ASP B 1604 35.15 95.49 -14.66
CA ASP B 1604 36.50 95.47 -14.05
C ASP B 1604 37.44 96.40 -14.82
N MET B 1605 38.70 96.46 -14.41
CA MET B 1605 39.74 97.33 -15.03
C MET B 1605 40.70 96.46 -15.85
N VAL B 1606 41.33 97.06 -16.85
CA VAL B 1606 42.22 96.36 -17.81
C VAL B 1606 43.44 97.24 -18.05
N LEU B 1607 44.63 96.67 -17.83
CA LEU B 1607 45.92 97.37 -18.05
C LEU B 1607 46.37 97.17 -19.49
N PRO B 1608 47.27 98.04 -20.01
CA PRO B 1608 47.89 97.83 -21.30
C PRO B 1608 48.54 96.45 -21.53
N ASN B 1609 48.49 95.97 -22.77
CA ASN B 1609 49.06 94.68 -23.25
C ASN B 1609 48.36 93.49 -22.58
N THR B 1610 47.11 93.62 -22.10
CA THR B 1610 46.26 92.47 -21.71
C THR B 1610 45.68 91.87 -22.99
N ALA B 1611 45.22 90.62 -22.91
CA ALA B 1611 44.64 89.83 -24.00
C ALA B 1611 43.23 89.36 -23.59
N LEU B 1612 42.22 89.87 -24.31
CA LEU B 1612 40.79 89.75 -23.97
C LEU B 1612 40.10 88.72 -24.88
N LYS B 1613 39.59 87.62 -24.32
CA LYS B 1613 38.61 86.72 -25.01
C LYS B 1613 37.21 87.29 -24.85
N THR B 1614 36.53 87.65 -25.94
CA THR B 1614 35.11 88.09 -25.93
C THR B 1614 34.26 87.05 -26.66
N SER B 1615 33.45 86.30 -25.91
CA SER B 1615 32.33 85.46 -26.43
C SER B 1615 31.20 86.38 -26.88
N ILE B 1616 30.44 85.93 -27.87
CA ILE B 1616 29.35 86.68 -28.57
C ILE B 1616 28.25 85.66 -28.83
N GLN B 1617 27.00 86.01 -28.54
CA GLN B 1617 25.83 85.11 -28.69
C GLN B 1617 24.64 85.93 -29.19
N HIS B 1618 23.82 85.31 -30.02
CA HIS B 1618 22.44 85.74 -30.38
C HIS B 1618 21.51 85.10 -29.36
N VAL B 1619 20.89 85.91 -28.52
CA VAL B 1619 20.17 85.46 -27.30
C VAL B 1619 18.66 85.61 -27.47
N GLY B 1620 18.23 86.52 -28.34
CA GLY B 1620 16.85 86.98 -28.40
C GLY B 1620 16.62 87.91 -29.57
N MET B 1621 15.41 88.43 -29.69
CA MET B 1621 15.00 89.33 -30.77
C MET B 1621 14.24 90.48 -30.11
N ILE B 1622 14.20 91.66 -30.74
CA ILE B 1622 13.45 92.85 -30.22
C ILE B 1622 13.03 93.73 -31.39
N ASN B 1623 11.75 93.69 -31.80
CA ASN B 1623 11.23 94.40 -33.00
C ASN B 1623 12.06 94.00 -34.22
N GLY B 1624 12.36 92.70 -34.35
CA GLY B 1624 13.13 92.15 -35.48
C GLY B 1624 14.46 92.85 -35.69
N ARG B 1625 15.06 93.33 -34.61
CA ARG B 1625 16.52 93.50 -34.50
C ARG B 1625 16.96 92.30 -33.68
N LYS B 1626 18.09 91.70 -34.03
CA LYS B 1626 18.72 90.64 -33.20
C LYS B 1626 19.27 91.27 -31.91
N LEU B 1627 19.26 90.50 -30.82
CA LEU B 1627 19.69 90.93 -29.48
C LEU B 1627 20.91 90.07 -29.14
N ILE B 1628 22.07 90.70 -29.01
CA ILE B 1628 23.40 90.01 -28.99
C ILE B 1628 24.15 90.36 -27.72
N LYS B 1629 24.02 89.50 -26.72
CA LYS B 1629 24.80 89.51 -25.45
C LYS B 1629 26.24 89.15 -25.75
N PHE B 1630 27.20 89.95 -25.29
CA PHE B 1630 28.62 89.54 -25.24
C PHE B 1630 29.12 89.60 -23.80
N GLU B 1631 30.30 89.03 -23.60
CA GLU B 1631 31.09 89.17 -22.35
C GLU B 1631 32.55 88.95 -22.71
N THR B 1632 33.40 89.87 -22.24
CA THR B 1632 34.86 89.91 -22.47
C THR B 1632 35.56 89.48 -21.19
N ARG B 1633 36.53 88.56 -21.30
CA ARG B 1633 37.37 88.08 -20.17
C ARG B 1633 38.85 88.39 -20.45
N ASN B 1634 39.62 88.68 -19.40
CA ASN B 1634 41.10 88.82 -19.43
C ASN B 1634 41.76 87.43 -19.29
N GLU B 1635 43.10 87.36 -19.20
CA GLU B 1635 43.91 86.09 -19.19
C GLU B 1635 43.59 85.23 -17.96
N ASP B 1636 43.17 85.87 -16.86
CA ASP B 1636 42.84 85.24 -15.56
C ASP B 1636 41.37 84.82 -15.52
N ASP B 1637 40.67 84.88 -16.65
CA ASP B 1637 39.26 84.39 -16.81
C ASP B 1637 38.34 85.20 -15.87
N VAL B 1638 38.54 86.52 -15.86
CA VAL B 1638 37.77 87.52 -15.06
C VAL B 1638 36.96 88.34 -16.06
N VAL B 1639 35.68 88.55 -15.75
CA VAL B 1639 34.76 89.33 -16.63
C VAL B 1639 35.05 90.81 -16.43
N VAL B 1640 35.10 91.54 -17.54
CA VAL B 1640 35.77 92.87 -17.72
C VAL B 1640 34.81 93.84 -18.41
N LEU B 1641 34.27 93.46 -19.57
CA LEU B 1641 33.05 94.06 -20.16
C LEU B 1641 31.97 92.99 -20.22
N THR B 1642 30.74 93.45 -20.16
CA THR B 1642 29.53 92.77 -20.65
C THR B 1642 28.75 93.82 -21.40
N GLY B 1643 27.68 93.40 -22.06
CA GLY B 1643 26.85 94.31 -22.85
C GLY B 1643 25.98 93.57 -23.81
N GLU B 1644 25.18 94.32 -24.54
CA GLU B 1644 24.37 93.77 -25.65
C GLU B 1644 24.35 94.76 -26.82
N ALA B 1645 24.08 94.20 -27.99
CA ALA B 1645 23.92 94.90 -29.27
C ALA B 1645 22.52 94.58 -29.78
N GLU B 1646 21.89 95.55 -30.44
CA GLU B 1646 20.64 95.35 -31.22
C GLU B 1646 21.04 95.46 -32.67
N ILE B 1647 20.95 94.36 -33.41
CA ILE B 1647 21.45 94.28 -34.81
C ILE B 1647 20.29 93.99 -35.76
N GLU B 1648 20.12 94.87 -36.74
CA GLU B 1648 19.09 94.82 -37.80
C GLU B 1648 19.28 93.54 -38.62
N GLN B 1649 18.25 92.70 -38.70
CA GLN B 1649 18.13 91.55 -39.65
C GLN B 1649 18.35 92.04 -41.09
N PRO B 1650 18.93 91.20 -41.97
CA PRO B 1650 19.12 91.56 -43.37
C PRO B 1650 17.79 91.96 -44.08
N VAL B 1651 17.85 92.81 -45.11
CA VAL B 1651 16.67 93.43 -45.76
C VAL B 1651 15.68 92.32 -46.11
N THR B 1652 14.42 92.44 -45.70
CA THR B 1652 13.43 91.34 -45.72
C THR B 1652 12.17 91.76 -46.50
N THR B 1653 11.69 90.86 -47.37
CA THR B 1653 10.35 90.93 -48.00
C THR B 1653 9.52 89.75 -47.51
N PHE B 1654 8.28 90.02 -47.10
CA PHE B 1654 7.24 89.01 -46.81
C PHE B 1654 6.32 88.90 -48.02
N VAL B 1655 6.15 87.68 -48.53
CA VAL B 1655 5.28 87.36 -49.70
C VAL B 1655 4.22 86.38 -49.21
N PHE B 1656 2.95 86.68 -49.49
CA PHE B 1656 1.77 85.93 -48.98
C PHE B 1656 1.11 85.16 -50.13
N THR B 1657 1.20 83.83 -50.09
CA THR B 1657 0.63 82.87 -51.07
C THR B 1657 -0.88 83.10 -51.23
N GLY B 1658 -1.39 83.08 -52.47
CA GLY B 1658 -2.83 83.06 -52.78
C GLY B 1658 -3.40 81.64 -52.88
N GLN B 1659 -4.57 81.49 -53.50
CA GLN B 1659 -5.38 80.24 -53.43
C GLN B 1659 -4.69 79.10 -54.21
N GLY B 1660 -5.07 77.86 -53.91
CA GLY B 1660 -4.63 76.65 -54.63
C GLY B 1660 -3.84 75.71 -53.73
N SER B 1661 -3.18 76.26 -52.73
CA SER B 1661 -2.21 75.57 -51.82
C SER B 1661 -2.92 74.96 -50.60
N GLN B 1662 -4.10 75.48 -50.25
CA GLN B 1662 -5.07 74.99 -49.22
C GLN B 1662 -5.02 73.46 -49.05
N GLU B 1663 -5.00 72.99 -47.79
CA GLU B 1663 -5.02 71.56 -47.39
C GLU B 1663 -5.79 71.40 -46.08
N GLN B 1664 -6.38 70.22 -45.85
CA GLN B 1664 -7.05 69.87 -44.57
C GLN B 1664 -5.99 69.87 -43.47
N GLY B 1665 -6.27 70.51 -42.33
CA GLY B 1665 -5.38 70.56 -41.15
C GLY B 1665 -4.41 71.74 -41.19
N MET B 1666 -4.56 72.68 -42.14
CA MET B 1666 -3.54 73.73 -42.43
C MET B 1666 -3.42 74.67 -41.22
N GLY B 1667 -2.19 74.83 -40.71
CA GLY B 1667 -1.85 75.74 -39.60
C GLY B 1667 -2.58 75.42 -38.31
N MET B 1668 -3.06 74.18 -38.15
CA MET B 1668 -3.67 73.67 -36.90
C MET B 1668 -2.57 73.12 -35.99
N ASP B 1669 -1.34 72.95 -36.50
CA ASP B 1669 -0.11 72.74 -35.69
C ASP B 1669 0.11 73.97 -34.82
N LEU B 1670 0.19 75.15 -35.45
CA LEU B 1670 0.34 76.46 -34.77
C LEU B 1670 -0.81 76.70 -33.77
N TYR B 1671 -2.04 76.44 -34.16
CA TYR B 1671 -3.25 76.60 -33.30
C TYR B 1671 -3.09 75.88 -31.95
N LYS B 1672 -2.44 74.71 -31.92
CA LYS B 1672 -2.21 73.92 -30.67
C LYS B 1672 -1.30 74.71 -29.72
N THR B 1673 -0.25 75.32 -30.27
CA THR B 1673 0.96 75.81 -29.56
C THR B 1673 0.85 77.31 -29.30
N SER B 1674 0.56 78.11 -30.34
CA SER B 1674 0.78 79.59 -30.31
C SER B 1674 -0.43 80.31 -29.70
N LYS B 1675 -0.19 81.06 -28.63
CA LYS B 1675 -1.17 81.98 -28.02
C LYS B 1675 -1.65 83.02 -29.06
N ALA B 1676 -0.76 83.48 -29.93
CA ALA B 1676 -1.03 84.56 -30.90
C ALA B 1676 -1.88 84.03 -32.05
N ALA B 1677 -1.58 82.81 -32.50
CA ALA B 1677 -2.35 82.09 -33.55
C ALA B 1677 -3.75 81.76 -33.04
N GLN B 1678 -3.86 81.10 -31.88
CA GLN B 1678 -5.14 80.82 -31.18
C GLN B 1678 -6.04 82.06 -31.18
N ASP B 1679 -5.51 83.23 -30.82
CA ASP B 1679 -6.29 84.49 -30.76
C ASP B 1679 -6.83 84.88 -32.14
N VAL B 1680 -6.25 84.39 -33.23
CA VAL B 1680 -6.63 84.81 -34.60
C VAL B 1680 -7.79 83.94 -35.08
N TRP B 1681 -7.60 82.63 -35.04
CA TRP B 1681 -8.65 81.63 -35.37
C TRP B 1681 -9.87 81.87 -34.48
N ASN B 1682 -9.72 81.69 -33.16
CA ASN B 1682 -10.80 81.82 -32.14
C ASN B 1682 -11.56 83.12 -32.39
N ARG B 1683 -10.87 84.20 -32.71
CA ARG B 1683 -11.51 85.53 -32.91
C ARG B 1683 -12.42 85.48 -34.14
N ALA B 1684 -11.97 84.80 -35.19
CA ALA B 1684 -12.62 84.70 -36.53
C ALA B 1684 -13.72 83.64 -36.53
N ASP B 1685 -13.45 82.50 -35.90
CA ASP B 1685 -14.42 81.39 -35.71
C ASP B 1685 -15.61 81.86 -34.86
N ASN B 1686 -15.47 82.82 -33.96
CA ASN B 1686 -16.61 83.37 -33.18
C ASN B 1686 -17.39 84.33 -34.07
N HIS B 1687 -16.70 85.04 -34.93
CA HIS B 1687 -17.36 86.00 -35.85
C HIS B 1687 -18.22 85.24 -36.85
N PHE B 1688 -17.69 84.13 -37.40
CA PHE B 1688 -18.39 83.29 -38.39
C PHE B 1688 -19.57 82.59 -37.73
N LYS B 1689 -19.36 82.02 -36.55
CA LYS B 1689 -20.37 81.24 -35.80
C LYS B 1689 -21.61 82.08 -35.57
N ASP B 1690 -21.47 83.39 -35.38
CA ASP B 1690 -22.51 84.33 -34.89
C ASP B 1690 -23.13 85.12 -36.02
N THR B 1691 -22.43 85.35 -37.13
CA THR B 1691 -22.98 86.12 -38.28
C THR B 1691 -23.48 85.18 -39.38
N TYR B 1692 -22.84 84.03 -39.60
CA TYR B 1692 -23.11 83.16 -40.76
C TYR B 1692 -23.33 81.70 -40.38
N GLY B 1693 -23.28 81.37 -39.11
CA GLY B 1693 -23.79 80.10 -38.60
C GLY B 1693 -22.87 78.93 -38.81
N PHE B 1694 -21.62 79.10 -39.23
CA PHE B 1694 -20.65 77.98 -39.35
C PHE B 1694 -19.37 78.35 -38.60
N SER B 1695 -18.58 77.33 -38.27
CA SER B 1695 -17.21 77.41 -37.70
C SER B 1695 -16.19 77.16 -38.80
N ILE B 1696 -15.44 78.18 -39.20
CA ILE B 1696 -14.31 78.06 -40.17
C ILE B 1696 -13.25 77.07 -39.65
N LEU B 1697 -13.10 76.87 -38.34
CA LEU B 1697 -12.14 75.87 -37.79
C LEU B 1697 -12.58 74.46 -38.20
N ASP B 1698 -13.83 74.08 -37.90
CA ASP B 1698 -14.42 72.79 -38.29
C ASP B 1698 -14.13 72.54 -39.77
N ILE B 1699 -14.46 73.51 -40.63
CA ILE B 1699 -14.23 73.39 -42.10
C ILE B 1699 -12.76 73.01 -42.35
N VAL B 1700 -11.82 73.79 -41.84
CA VAL B 1700 -10.36 73.57 -42.03
C VAL B 1700 -9.93 72.24 -41.42
N ILE B 1701 -10.39 71.89 -40.22
CA ILE B 1701 -9.89 70.72 -39.43
C ILE B 1701 -10.34 69.42 -40.10
N ASN B 1702 -11.64 69.30 -40.38
CA ASN B 1702 -12.29 68.11 -40.99
C ASN B 1702 -13.07 68.56 -42.22
N ASN B 1703 -12.53 68.34 -43.41
CA ASN B 1703 -13.14 68.77 -44.69
C ASN B 1703 -14.55 68.18 -44.76
N PRO B 1704 -15.62 68.95 -44.50
CA PRO B 1704 -16.97 68.39 -44.53
C PRO B 1704 -17.39 68.46 -46.00
N VAL B 1705 -18.04 67.43 -46.54
CA VAL B 1705 -18.47 67.39 -47.98
C VAL B 1705 -19.68 68.31 -48.14
N ASN B 1706 -20.63 68.23 -47.21
CA ASN B 1706 -21.86 69.04 -47.15
C ASN B 1706 -21.82 69.85 -45.86
N LEU B 1707 -22.49 71.01 -45.81
CA LEU B 1707 -22.60 71.83 -44.59
C LEU B 1707 -23.93 72.59 -44.59
N THR B 1708 -24.88 72.20 -43.72
CA THR B 1708 -26.21 72.86 -43.62
C THR B 1708 -26.16 73.85 -42.49
N ILE B 1709 -26.61 75.06 -42.75
CA ILE B 1709 -26.87 76.13 -41.77
C ILE B 1709 -28.34 75.95 -41.45
N HIS B 1710 -28.77 76.07 -40.19
CA HIS B 1710 -30.21 76.16 -39.86
C HIS B 1710 -30.55 77.51 -39.25
N PHE B 1711 -31.74 78.04 -39.55
CA PHE B 1711 -32.15 79.40 -39.19
C PHE B 1711 -33.30 79.36 -38.16
N GLY B 1712 -33.15 78.50 -37.14
CA GLY B 1712 -34.16 78.26 -36.09
C GLY B 1712 -33.85 79.06 -34.88
N GLY B 1713 -34.85 79.38 -34.07
CA GLY B 1713 -34.70 80.27 -32.89
C GLY B 1713 -34.52 81.72 -33.30
N GLU B 1714 -34.25 82.61 -32.35
CA GLU B 1714 -34.12 84.06 -32.63
C GLU B 1714 -32.73 84.30 -33.22
N LYS B 1715 -31.70 83.69 -32.62
CA LYS B 1715 -30.29 83.72 -33.10
C LYS B 1715 -30.26 83.36 -34.57
N GLY B 1716 -30.84 82.21 -34.93
CA GLY B 1716 -30.96 81.72 -36.31
C GLY B 1716 -31.66 82.68 -37.28
N LYS B 1717 -32.70 83.43 -36.88
CA LYS B 1717 -33.39 84.40 -37.78
C LYS B 1717 -32.42 85.55 -38.07
N ARG B 1718 -31.55 85.88 -37.12
CA ARG B 1718 -30.58 86.99 -37.29
C ARG B 1718 -29.57 86.54 -38.34
N ILE B 1719 -29.10 85.31 -38.20
CA ILE B 1719 -28.15 84.65 -39.13
C ILE B 1719 -28.76 84.54 -40.51
N ARG B 1720 -30.07 84.40 -40.67
CA ARG B 1720 -30.68 84.32 -42.04
C ARG B 1720 -30.70 85.70 -42.69
N GLU B 1721 -31.03 86.77 -41.95
CA GLU B 1721 -30.98 88.17 -42.46
C GLU B 1721 -29.59 88.48 -43.02
N ASN B 1722 -28.55 87.89 -42.43
CA ASN B 1722 -27.14 88.09 -42.83
C ASN B 1722 -26.81 87.43 -44.18
N TYR B 1723 -27.54 86.38 -44.60
CA TYR B 1723 -27.42 85.80 -45.96
C TYR B 1723 -28.33 86.56 -46.95
N SER B 1724 -29.51 86.97 -46.52
CA SER B 1724 -30.51 87.68 -47.37
C SER B 1724 -29.99 89.08 -47.75
N ALA B 1725 -29.19 89.72 -46.91
CA ALA B 1725 -28.65 91.08 -47.15
C ALA B 1725 -27.54 91.04 -48.20
N MET B 1726 -26.82 89.92 -48.30
CA MET B 1726 -25.65 89.74 -49.21
C MET B 1726 -26.13 89.80 -50.66
N ILE B 1727 -25.82 90.89 -51.37
CA ILE B 1727 -26.23 91.16 -52.78
C ILE B 1727 -24.98 91.04 -53.67
N PHE B 1728 -25.12 91.45 -54.93
CA PHE B 1728 -24.03 91.50 -55.94
C PHE B 1728 -24.35 92.63 -56.93
N GLU B 1729 -24.24 93.91 -56.48
CA GLU B 1729 -24.55 95.17 -57.24
C GLU B 1729 -23.74 95.22 -58.55
N THR B 1730 -23.98 94.30 -59.48
CA THR B 1730 -23.25 94.19 -60.78
C THR B 1730 -23.55 95.47 -61.60
N ILE B 1731 -22.61 95.92 -62.46
CA ILE B 1731 -22.78 97.09 -63.39
C ILE B 1731 -23.21 96.58 -64.81
N VAL B 1732 -23.59 95.29 -64.96
CA VAL B 1732 -24.07 94.65 -66.24
C VAL B 1732 -25.25 95.47 -66.78
N ASP B 1733 -25.22 95.68 -68.11
CA ASP B 1733 -26.13 96.54 -68.93
C ASP B 1733 -25.78 98.04 -68.67
N GLY B 1734 -26.41 98.95 -69.44
CA GLY B 1734 -26.35 100.42 -69.22
C GLY B 1734 -26.64 100.76 -67.76
N LYS B 1735 -27.74 100.22 -67.21
CA LYS B 1735 -28.17 100.40 -65.79
C LYS B 1735 -27.72 99.19 -64.95
N LEU B 1736 -27.06 99.47 -63.81
CA LEU B 1736 -26.59 98.46 -62.82
C LEU B 1736 -27.78 97.55 -62.43
N LYS B 1737 -27.55 96.24 -62.35
CA LYS B 1737 -28.56 95.22 -61.91
C LYS B 1737 -27.99 94.49 -60.66
N THR B 1738 -28.80 94.33 -59.60
CA THR B 1738 -28.40 93.74 -58.28
C THR B 1738 -28.94 92.31 -58.19
N GLU B 1739 -28.07 91.33 -58.38
CA GLU B 1739 -28.40 89.87 -58.39
C GLU B 1739 -28.14 89.35 -56.97
N LYS B 1740 -29.17 89.24 -56.14
CA LYS B 1740 -29.03 88.89 -54.69
C LYS B 1740 -28.47 87.45 -54.56
N ILE B 1741 -27.27 87.31 -53.97
CA ILE B 1741 -26.59 86.00 -53.71
C ILE B 1741 -27.49 85.21 -52.76
N PHE B 1742 -27.53 83.88 -52.92
CA PHE B 1742 -28.43 83.01 -52.13
C PHE B 1742 -29.87 83.39 -52.45
N LYS B 1743 -30.33 83.01 -53.65
CA LYS B 1743 -31.70 83.27 -54.14
C LYS B 1743 -32.66 82.32 -53.41
N GLU B 1744 -32.14 81.15 -53.01
CA GLU B 1744 -32.86 80.05 -52.30
C GLU B 1744 -33.01 80.38 -50.81
N ILE B 1745 -32.92 81.65 -50.41
CA ILE B 1745 -33.02 82.08 -48.99
C ILE B 1745 -33.97 83.28 -48.92
N ASN B 1746 -35.12 83.04 -48.29
CA ASN B 1746 -36.25 84.00 -48.15
C ASN B 1746 -36.77 83.86 -46.72
N GLU B 1747 -37.69 84.76 -46.34
CA GLU B 1747 -38.40 84.82 -45.03
C GLU B 1747 -38.74 83.42 -44.52
N HIS B 1748 -39.16 82.53 -45.42
CA HIS B 1748 -39.66 81.17 -45.11
C HIS B 1748 -38.60 80.09 -45.38
N SER B 1749 -37.31 80.38 -45.19
CA SER B 1749 -36.24 79.33 -45.19
C SER B 1749 -35.92 78.97 -43.74
N THR B 1750 -35.51 77.73 -43.51
CA THR B 1750 -35.14 77.19 -42.18
C THR B 1750 -33.74 76.60 -42.25
N SER B 1751 -33.20 76.44 -43.46
CA SER B 1751 -31.91 75.79 -43.77
C SER B 1751 -31.34 76.40 -45.05
N TYR B 1752 -30.03 76.40 -45.20
CA TYR B 1752 -29.35 76.51 -46.52
C TYR B 1752 -28.20 75.52 -46.49
N THR B 1753 -27.98 74.76 -47.57
CA THR B 1753 -26.87 73.77 -47.62
C THR B 1753 -25.81 74.13 -48.67
N PHE B 1754 -24.54 74.16 -48.26
CA PHE B 1754 -23.34 74.32 -49.10
C PHE B 1754 -22.92 72.94 -49.61
N ARG B 1755 -23.06 72.69 -50.91
CA ARG B 1755 -22.63 71.42 -51.55
C ARG B 1755 -21.20 71.63 -52.05
N SER B 1756 -20.37 70.62 -51.86
CA SER B 1756 -19.13 70.40 -52.64
C SER B 1756 -19.10 68.94 -53.08
N GLU B 1757 -18.14 68.61 -53.94
CA GLU B 1757 -17.94 67.26 -54.51
C GLU B 1757 -16.96 66.53 -53.60
N LYS B 1758 -15.83 67.19 -53.31
CA LYS B 1758 -14.61 66.60 -52.68
C LYS B 1758 -14.54 67.00 -51.19
N GLY B 1759 -14.55 68.30 -50.91
CA GLY B 1759 -14.63 68.91 -49.56
C GLY B 1759 -14.89 70.41 -49.68
N LEU B 1760 -15.49 71.02 -48.66
CA LEU B 1760 -15.89 72.46 -48.69
C LEU B 1760 -14.63 73.33 -48.69
N LEU B 1761 -13.54 72.84 -48.13
CA LEU B 1761 -12.28 73.62 -48.02
C LEU B 1761 -11.70 73.90 -49.42
N SER B 1762 -12.18 73.21 -50.47
CA SER B 1762 -11.84 73.44 -51.90
C SER B 1762 -12.79 74.43 -52.59
N ALA B 1763 -13.95 74.75 -52.00
CA ALA B 1763 -14.89 75.82 -52.46
C ALA B 1763 -14.24 77.18 -52.21
N THR B 1764 -14.43 78.12 -53.13
CA THR B 1764 -13.75 79.45 -53.09
C THR B 1764 -14.06 80.17 -51.76
N GLN B 1765 -15.29 80.11 -51.24
CA GLN B 1765 -15.78 81.03 -50.17
C GLN B 1765 -15.29 80.55 -48.81
N PHE B 1766 -14.89 79.29 -48.70
CA PHE B 1766 -14.29 78.74 -47.46
C PHE B 1766 -12.77 78.76 -47.57
N THR B 1767 -12.21 78.40 -48.73
CA THR B 1767 -10.75 78.42 -48.98
C THR B 1767 -10.21 79.82 -48.72
N GLN B 1768 -10.86 80.84 -49.27
CA GLN B 1768 -10.36 82.24 -49.18
C GLN B 1768 -10.11 82.61 -47.71
N PRO B 1769 -11.05 82.48 -46.75
CA PRO B 1769 -10.75 82.73 -45.35
C PRO B 1769 -9.72 81.78 -44.72
N ALA B 1770 -9.86 80.48 -44.87
CA ALA B 1770 -8.94 79.47 -44.31
C ALA B 1770 -7.47 79.81 -44.66
N LEU B 1771 -7.16 80.20 -45.91
CA LEU B 1771 -5.82 80.74 -46.31
C LEU B 1771 -5.54 81.98 -45.48
N THR B 1772 -6.33 83.03 -45.69
CA THR B 1772 -6.12 84.38 -45.13
C THR B 1772 -5.92 84.34 -43.61
N LEU B 1773 -6.61 83.47 -42.89
CA LEU B 1773 -6.33 83.20 -41.44
C LEU B 1773 -4.98 82.51 -41.30
N MET B 1774 -4.82 81.28 -41.81
CA MET B 1774 -3.61 80.44 -41.64
C MET B 1774 -2.37 81.35 -41.70
N GLU B 1775 -2.38 82.28 -42.66
CA GLU B 1775 -1.30 83.27 -42.90
C GLU B 1775 -1.25 84.25 -41.74
N LYS B 1776 -2.29 85.06 -41.60
CA LYS B 1776 -2.44 86.06 -40.51
C LYS B 1776 -2.00 85.45 -39.16
N ALA B 1777 -2.22 84.15 -38.93
CA ALA B 1777 -1.85 83.46 -37.68
C ALA B 1777 -0.35 83.24 -37.61
N ALA B 1778 0.19 82.47 -38.57
CA ALA B 1778 1.65 82.35 -38.80
C ALA B 1778 2.31 83.71 -38.56
N PHE B 1779 1.85 84.75 -39.22
CA PHE B 1779 2.45 86.08 -39.10
C PHE B 1779 2.39 86.61 -37.67
N GLU B 1780 1.23 86.55 -37.03
CA GLU B 1780 1.05 87.08 -35.65
C GLU B 1780 1.92 86.30 -34.68
N ASP B 1781 2.16 85.01 -34.91
CA ASP B 1781 3.10 84.19 -34.09
C ASP B 1781 4.53 84.72 -34.27
N LEU B 1782 4.92 85.09 -35.49
CA LEU B 1782 6.25 85.70 -35.78
C LEU B 1782 6.35 87.02 -35.03
N LYS B 1783 5.44 87.95 -35.26
CA LYS B 1783 5.40 89.30 -34.62
C LYS B 1783 5.54 89.16 -33.09
N SER B 1784 4.88 88.16 -32.49
CA SER B 1784 4.92 87.84 -31.05
C SER B 1784 6.33 87.53 -30.60
N LYS B 1785 7.08 86.81 -31.44
CA LYS B 1785 8.48 86.35 -31.18
C LYS B 1785 9.48 87.47 -31.50
N GLY B 1786 9.02 88.62 -31.99
CA GLY B 1786 9.88 89.77 -32.30
C GLY B 1786 10.72 89.55 -33.54
N LEU B 1787 10.16 88.95 -34.60
CA LEU B 1787 10.91 88.50 -35.81
C LEU B 1787 10.56 89.34 -37.04
N ILE B 1788 9.90 90.48 -36.87
CA ILE B 1788 9.37 91.31 -37.99
C ILE B 1788 10.07 92.66 -38.00
N PRO B 1789 11.04 92.83 -38.93
CA PRO B 1789 11.61 94.14 -39.22
C PRO B 1789 10.56 95.24 -39.39
N ALA B 1790 10.86 96.42 -38.86
CA ALA B 1790 10.01 97.62 -38.96
C ALA B 1790 9.86 97.98 -40.45
N ASP B 1791 10.94 97.81 -41.23
CA ASP B 1791 11.06 98.29 -42.63
C ASP B 1791 11.02 97.12 -43.60
N ALA B 1792 10.21 96.10 -43.31
CA ALA B 1792 9.93 94.98 -44.23
C ALA B 1792 9.08 95.48 -45.40
N THR B 1793 9.44 95.08 -46.61
CA THR B 1793 8.57 95.15 -47.82
C THR B 1793 7.65 93.93 -47.81
N PHE B 1794 6.39 94.11 -48.22
CA PHE B 1794 5.41 93.00 -48.28
C PHE B 1794 4.60 93.08 -49.57
N ALA B 1795 4.13 91.92 -49.98
CA ALA B 1795 3.42 91.70 -51.25
C ALA B 1795 2.68 90.36 -51.17
N GLY B 1796 1.47 90.34 -51.70
CA GLY B 1796 0.68 89.09 -51.75
C GLY B 1796 0.22 88.83 -53.16
N HIS B 1797 0.32 87.56 -53.59
CA HIS B 1797 -0.27 87.03 -54.84
C HIS B 1797 -1.78 86.95 -54.67
N SER B 1798 -2.53 87.82 -55.34
CA SER B 1798 -4.01 87.78 -55.46
C SER B 1798 -4.66 87.95 -54.08
N LEU B 1799 -4.85 86.84 -53.36
CA LEU B 1799 -5.59 86.80 -52.08
C LEU B 1799 -4.65 87.25 -50.97
N GLY B 1800 -3.41 86.78 -51.02
CA GLY B 1800 -2.28 87.30 -50.24
C GLY B 1800 -2.40 88.79 -49.98
N GLU B 1801 -2.70 89.58 -51.01
CA GLU B 1801 -2.81 91.04 -50.91
C GLU B 1801 -3.49 91.42 -49.59
N TYR B 1802 -4.59 90.73 -49.24
CA TYR B 1802 -5.45 91.00 -48.05
C TYR B 1802 -4.70 90.56 -46.79
N ALA B 1803 -4.26 89.29 -46.74
CA ALA B 1803 -3.51 88.71 -45.59
C ALA B 1803 -2.30 89.59 -45.25
N ALA B 1804 -1.58 90.05 -46.28
CA ALA B 1804 -0.40 90.95 -46.15
C ALA B 1804 -0.82 92.31 -45.61
N LEU B 1805 -1.93 92.91 -46.05
CA LEU B 1805 -2.35 94.27 -45.58
C LEU B 1805 -2.99 94.19 -44.18
N ALA B 1806 -3.52 93.03 -43.81
CA ALA B 1806 -4.03 92.76 -42.44
C ALA B 1806 -2.83 92.64 -41.50
N SER B 1807 -1.76 91.99 -41.97
CA SER B 1807 -0.61 91.52 -41.15
C SER B 1807 0.39 92.66 -40.88
N LEU B 1808 0.74 93.44 -41.91
CA LEU B 1808 1.86 94.43 -41.84
C LEU B 1808 1.38 95.87 -41.94
N ALA B 1809 0.08 96.13 -42.02
CA ALA B 1809 -0.43 97.52 -41.91
C ALA B 1809 -1.73 97.60 -41.10
N ASP B 1810 -2.17 96.49 -40.48
CA ASP B 1810 -3.34 96.44 -39.57
C ASP B 1810 -4.43 97.36 -40.10
N VAL B 1811 -4.76 97.22 -41.39
CA VAL B 1811 -5.79 98.06 -42.08
C VAL B 1811 -7.16 97.61 -41.57
N MET B 1812 -7.42 96.31 -41.61
CA MET B 1812 -8.68 95.67 -41.14
C MET B 1812 -8.45 94.98 -39.79
N SER B 1813 -9.52 94.87 -38.99
CA SER B 1813 -9.62 93.87 -37.90
C SER B 1813 -9.65 92.46 -38.49
N ILE B 1814 -9.30 91.45 -37.69
CA ILE B 1814 -9.45 90.00 -38.01
C ILE B 1814 -10.88 89.74 -38.49
N GLU B 1815 -11.88 90.40 -37.88
CA GLU B 1815 -13.31 90.18 -38.18
C GLU B 1815 -13.63 90.78 -39.55
N SER B 1816 -13.32 92.06 -39.76
CA SER B 1816 -13.51 92.74 -41.08
C SER B 1816 -12.78 91.99 -42.21
N LEU B 1817 -11.63 91.39 -41.92
CA LEU B 1817 -10.80 90.71 -42.94
C LEU B 1817 -11.57 89.52 -43.49
N VAL B 1818 -11.93 88.59 -42.61
CA VAL B 1818 -12.63 87.33 -43.01
C VAL B 1818 -13.99 87.66 -43.63
N GLU B 1819 -14.65 88.75 -43.26
CA GLU B 1819 -15.86 89.22 -43.97
C GLU B 1819 -15.50 89.42 -45.45
N VAL B 1820 -14.69 90.46 -45.72
CA VAL B 1820 -14.26 90.89 -47.08
C VAL B 1820 -13.93 89.66 -47.93
N VAL B 1821 -13.00 88.86 -47.46
CA VAL B 1821 -12.50 87.65 -48.14
C VAL B 1821 -13.61 86.61 -48.36
N PHE B 1822 -14.58 86.48 -47.46
CA PHE B 1822 -15.72 85.53 -47.61
C PHE B 1822 -16.67 86.09 -48.68
N TYR B 1823 -17.05 87.36 -48.57
CA TYR B 1823 -17.84 88.08 -49.60
C TYR B 1823 -17.15 87.98 -50.97
N ARG B 1824 -15.81 88.06 -51.01
CA ARG B 1824 -15.01 87.99 -52.25
C ARG B 1824 -15.26 86.64 -52.90
N GLY B 1825 -14.97 85.55 -52.21
CA GLY B 1825 -15.17 84.16 -52.66
C GLY B 1825 -16.61 83.89 -53.06
N MET B 1826 -17.57 84.58 -52.45
CA MET B 1826 -19.00 84.45 -52.79
C MET B 1826 -19.28 85.20 -54.09
N THR B 1827 -18.70 86.39 -54.23
CA THR B 1827 -18.84 87.28 -55.42
C THR B 1827 -17.99 86.74 -56.58
N MET B 1828 -17.35 85.57 -56.43
CA MET B 1828 -16.69 84.79 -57.51
C MET B 1828 -17.41 83.43 -57.63
N GLN B 1829 -18.75 83.44 -57.58
CA GLN B 1829 -19.63 82.26 -57.79
C GLN B 1829 -20.92 82.69 -58.52
N VAL B 1830 -21.49 83.81 -58.10
CA VAL B 1830 -22.58 84.55 -58.81
C VAL B 1830 -22.03 85.13 -60.12
N ALA B 1831 -20.72 85.44 -60.19
CA ALA B 1831 -20.08 86.29 -61.23
C ALA B 1831 -20.24 85.68 -62.64
N VAL B 1832 -20.32 84.36 -62.73
CA VAL B 1832 -20.39 83.57 -63.99
C VAL B 1832 -21.72 82.79 -64.02
N PRO B 1833 -22.49 82.75 -65.14
CA PRO B 1833 -23.69 81.90 -65.24
C PRO B 1833 -23.39 80.39 -65.38
N ARG B 1834 -24.07 79.57 -64.57
CA ARG B 1834 -23.93 78.09 -64.51
C ARG B 1834 -25.34 77.47 -64.53
N ASP B 1835 -25.93 77.39 -65.73
CA ASP B 1835 -27.35 77.00 -65.98
C ASP B 1835 -27.58 75.53 -65.56
N GLU B 1836 -26.63 74.64 -65.92
CA GLU B 1836 -26.69 73.15 -65.80
C GLU B 1836 -26.75 72.80 -64.31
N LEU B 1837 -25.70 73.19 -63.59
CA LEU B 1837 -25.52 72.98 -62.13
C LEU B 1837 -24.49 74.00 -61.62
N GLY B 1838 -23.22 73.60 -61.42
CA GLY B 1838 -22.09 74.47 -61.04
C GLY B 1838 -21.06 74.59 -62.16
N ARG B 1839 -21.27 73.93 -63.30
CA ARG B 1839 -20.36 73.96 -64.47
C ARG B 1839 -20.50 75.33 -65.16
N SER B 1840 -19.37 75.95 -65.48
CA SER B 1840 -19.31 77.24 -66.23
C SER B 1840 -18.60 76.96 -67.55
N ASN B 1841 -18.93 77.75 -68.58
CA ASN B 1841 -18.27 77.69 -69.91
C ASN B 1841 -16.98 78.52 -69.90
N TYR B 1842 -16.44 78.86 -68.70
CA TYR B 1842 -15.16 79.57 -68.48
C TYR B 1842 -14.18 78.69 -67.69
N GLY B 1843 -12.89 79.05 -67.72
CA GLY B 1843 -11.80 78.32 -67.04
C GLY B 1843 -10.49 79.10 -67.06
N MET B 1844 -9.37 78.43 -66.77
CA MET B 1844 -8.01 79.02 -66.94
C MET B 1844 -6.91 77.93 -66.98
N ILE B 1845 -5.90 78.17 -67.82
CA ILE B 1845 -4.77 77.24 -68.13
C ILE B 1845 -3.45 77.92 -67.74
N ALA B 1846 -2.44 77.11 -67.39
CA ALA B 1846 -1.06 77.50 -67.03
C ALA B 1846 -0.10 77.18 -68.18
N ILE B 1847 0.26 78.21 -68.95
CA ILE B 1847 1.17 78.13 -70.14
C ILE B 1847 2.64 78.16 -69.65
N ASN B 1848 3.53 77.41 -70.31
CA ASN B 1848 5.00 77.36 -70.06
C ASN B 1848 5.74 77.63 -71.37
N PRO B 1849 5.85 78.89 -71.85
CA PRO B 1849 6.37 79.20 -73.19
C PRO B 1849 7.71 78.55 -73.58
N GLY B 1850 8.57 78.27 -72.58
CA GLY B 1850 9.81 77.49 -72.76
C GLY B 1850 9.56 76.21 -73.53
N ARG B 1851 8.47 75.49 -73.24
CA ARG B 1851 8.25 74.09 -73.69
C ARG B 1851 7.81 74.04 -75.16
N VAL B 1852 7.01 75.02 -75.60
CA VAL B 1852 6.57 75.17 -77.03
C VAL B 1852 7.80 75.39 -77.94
N ALA B 1853 8.66 76.37 -77.61
CA ALA B 1853 9.82 76.76 -78.45
C ALA B 1853 10.76 77.66 -77.67
N ALA B 1854 12.06 77.31 -77.63
CA ALA B 1854 13.15 78.05 -76.93
C ALA B 1854 13.08 79.56 -77.21
N SER B 1855 12.72 79.97 -78.44
CA SER B 1855 12.59 81.40 -78.86
C SER B 1855 11.32 82.03 -78.30
N PHE B 1856 10.25 81.25 -78.13
CA PHE B 1856 8.89 81.74 -77.81
C PHE B 1856 8.87 82.25 -76.35
N SER B 1857 8.32 83.46 -76.13
CA SER B 1857 8.50 84.23 -74.88
C SER B 1857 7.43 85.33 -74.75
N GLN B 1858 7.68 86.35 -73.92
CA GLN B 1858 6.94 87.64 -73.92
C GLN B 1858 6.96 88.28 -75.32
N GLU B 1859 5.97 89.16 -75.54
CA GLU B 1859 5.68 89.93 -76.79
C GLU B 1859 5.18 88.94 -77.87
N ALA B 1860 5.12 87.65 -77.53
CA ALA B 1860 4.82 86.54 -78.44
C ALA B 1860 3.49 85.90 -77.98
N LEU B 1861 3.37 85.55 -76.69
CA LEU B 1861 2.07 85.17 -76.06
C LEU B 1861 1.09 86.36 -76.10
N GLN B 1862 1.57 87.59 -75.90
CA GLN B 1862 0.69 88.78 -75.82
C GLN B 1862 0.12 89.14 -77.20
N TYR B 1863 0.66 88.58 -78.30
CA TYR B 1863 0.00 88.56 -79.64
C TYR B 1863 -0.97 87.36 -79.71
N VAL B 1864 -0.44 86.14 -79.70
CA VAL B 1864 -1.22 84.89 -79.97
C VAL B 1864 -2.56 84.97 -79.23
N VAL B 1865 -2.52 85.25 -77.92
CA VAL B 1865 -3.69 85.27 -76.99
C VAL B 1865 -4.57 86.52 -77.25
N GLU B 1866 -3.98 87.65 -77.68
CA GLU B 1866 -4.76 88.88 -77.97
C GLU B 1866 -5.56 88.69 -79.27
N ARG B 1867 -4.99 87.99 -80.26
CA ARG B 1867 -5.60 87.74 -81.60
C ARG B 1867 -6.78 86.78 -81.42
N VAL B 1868 -6.53 85.62 -80.79
CA VAL B 1868 -7.54 84.57 -80.46
C VAL B 1868 -8.55 85.19 -79.48
N GLY B 1869 -9.46 86.03 -79.96
CA GLY B 1869 -10.34 86.86 -79.12
C GLY B 1869 -10.69 88.17 -79.81
N LYS B 1870 -9.70 88.78 -80.47
CA LYS B 1870 -9.91 89.81 -81.52
C LYS B 1870 -10.56 89.13 -82.74
N ARG B 1871 -10.08 87.92 -83.10
CA ARG B 1871 -10.59 87.00 -84.16
C ARG B 1871 -11.95 86.40 -83.74
N THR B 1872 -11.95 85.48 -82.76
CA THR B 1872 -13.11 84.62 -82.38
C THR B 1872 -14.22 85.46 -81.73
N GLY B 1873 -13.86 86.57 -81.05
CA GLY B 1873 -14.79 87.37 -80.23
C GLY B 1873 -15.07 86.74 -78.87
N TRP B 1874 -14.35 85.66 -78.53
CA TRP B 1874 -14.45 84.90 -77.26
C TRP B 1874 -13.39 85.40 -76.27
N LEU B 1875 -13.82 86.11 -75.23
CA LEU B 1875 -12.96 86.69 -74.16
C LEU B 1875 -11.94 85.62 -73.72
N VAL B 1876 -10.65 85.87 -74.00
CA VAL B 1876 -9.50 85.24 -73.29
C VAL B 1876 -8.47 86.35 -73.02
N GLU B 1877 -7.70 86.20 -71.94
CA GLU B 1877 -6.67 87.17 -71.46
C GLU B 1877 -5.57 86.41 -70.71
N ILE B 1878 -4.37 87.01 -70.62
CA ILE B 1878 -3.34 86.62 -69.61
C ILE B 1878 -3.73 87.31 -68.29
N VAL B 1879 -3.76 86.56 -67.19
CA VAL B 1879 -4.29 87.07 -65.89
C VAL B 1879 -3.18 87.08 -64.82
N ASN B 1880 -2.37 86.01 -64.69
CA ASN B 1880 -1.19 85.94 -63.79
C ASN B 1880 0.08 85.88 -64.65
N TYR B 1881 0.83 86.99 -64.70
CA TYR B 1881 2.26 87.03 -65.10
C TYR B 1881 3.12 86.59 -63.90
N ASN B 1882 3.58 85.33 -63.84
CA ASN B 1882 4.25 84.75 -62.64
C ASN B 1882 5.79 84.77 -62.74
N VAL B 1883 6.37 83.82 -63.51
CA VAL B 1883 7.84 83.67 -63.76
C VAL B 1883 8.10 84.12 -65.20
N GLU B 1884 9.27 84.65 -65.53
CA GLU B 1884 9.59 85.08 -66.94
C GLU B 1884 9.79 83.84 -67.80
N ASN B 1885 9.06 83.76 -68.92
CA ASN B 1885 9.19 82.73 -69.98
C ASN B 1885 9.23 81.33 -69.35
N GLN B 1886 8.34 81.05 -68.39
CA GLN B 1886 8.39 79.79 -67.60
C GLN B 1886 7.05 79.51 -66.87
N GLN B 1887 6.29 80.54 -66.50
CA GLN B 1887 4.94 80.41 -65.89
C GLN B 1887 4.10 81.66 -66.20
N TYR B 1888 3.06 81.50 -67.01
CA TYR B 1888 1.94 82.46 -67.14
C TYR B 1888 0.65 81.69 -66.93
N VAL B 1889 -0.46 82.41 -66.81
CA VAL B 1889 -1.84 81.86 -66.59
C VAL B 1889 -2.81 82.71 -67.42
N ALA B 1890 -3.48 82.06 -68.39
CA ALA B 1890 -4.52 82.66 -69.24
C ALA B 1890 -5.88 82.08 -68.85
N ALA B 1891 -6.91 82.93 -68.94
CA ALA B 1891 -8.25 82.70 -68.36
C ALA B 1891 -9.33 83.41 -69.19
N GLY B 1892 -10.33 82.64 -69.61
CA GLY B 1892 -11.58 83.16 -70.21
C GLY B 1892 -12.47 82.03 -70.67
N ASP B 1893 -12.99 82.15 -71.90
CA ASP B 1893 -13.97 81.23 -72.55
C ASP B 1893 -13.33 79.85 -72.76
N LEU B 1894 -13.83 78.79 -72.11
CA LEU B 1894 -13.29 77.40 -72.21
C LEU B 1894 -13.03 77.04 -73.68
N ARG B 1895 -13.86 77.54 -74.60
CA ARG B 1895 -13.69 77.41 -76.08
C ARG B 1895 -12.36 78.06 -76.51
N ALA B 1896 -12.21 79.37 -76.24
CA ALA B 1896 -11.03 80.20 -76.59
C ALA B 1896 -9.74 79.70 -75.91
N LEU B 1897 -9.85 78.99 -74.78
CA LEU B 1897 -8.73 78.28 -74.11
C LEU B 1897 -8.36 77.02 -74.89
N ASP B 1898 -9.36 76.26 -75.36
CA ASP B 1898 -9.18 74.99 -76.13
C ASP B 1898 -8.53 75.29 -77.50
N THR B 1899 -8.83 76.47 -78.10
CA THR B 1899 -8.13 76.94 -79.34
C THR B 1899 -6.65 77.12 -79.02
N VAL B 1900 -6.34 77.85 -77.93
CA VAL B 1900 -4.95 78.28 -77.53
C VAL B 1900 -4.10 77.03 -77.23
N THR B 1901 -4.58 76.07 -76.43
CA THR B 1901 -3.84 74.80 -76.13
C THR B 1901 -3.61 73.99 -77.42
N ASN B 1902 -4.44 74.17 -78.47
CA ASN B 1902 -4.27 73.56 -79.81
C ASN B 1902 -3.30 74.40 -80.66
N VAL B 1903 -3.59 75.70 -80.87
CA VAL B 1903 -2.72 76.69 -81.59
C VAL B 1903 -1.26 76.55 -81.14
N LEU B 1904 -1.02 76.39 -79.83
CA LEU B 1904 0.33 76.21 -79.21
C LEU B 1904 0.87 74.81 -79.55
N ASN B 1905 0.05 73.76 -79.38
CA ASN B 1905 0.47 72.34 -79.64
C ASN B 1905 0.77 72.15 -81.15
N PHE B 1906 0.22 73.03 -82.00
CA PHE B 1906 0.51 73.13 -83.45
C PHE B 1906 1.92 73.73 -83.64
N ILE B 1907 2.20 74.91 -83.07
CA ILE B 1907 3.48 75.69 -83.24
C ILE B 1907 4.68 74.89 -82.73
N LYS B 1908 4.51 74.06 -81.69
CA LYS B 1908 5.55 73.15 -81.16
C LYS B 1908 5.85 72.04 -82.18
N LEU B 1909 4.83 71.26 -82.60
CA LEU B 1909 4.97 70.08 -83.52
C LEU B 1909 5.29 70.55 -84.94
N GLN B 1910 4.63 71.62 -85.40
CA GLN B 1910 4.95 72.35 -86.67
C GLN B 1910 6.38 72.90 -86.59
N LYS B 1911 6.83 73.30 -85.38
CA LYS B 1911 8.23 73.70 -85.03
C LYS B 1911 8.64 74.96 -85.84
N ILE B 1912 7.68 75.87 -86.10
CA ILE B 1912 7.98 77.21 -86.68
C ILE B 1912 8.50 78.10 -85.55
N ASP B 1913 9.71 78.65 -85.72
CA ASP B 1913 10.34 79.67 -84.83
C ASP B 1913 9.74 81.03 -85.25
N ILE B 1914 8.88 81.62 -84.39
CA ILE B 1914 8.09 82.87 -84.67
C ILE B 1914 9.00 83.99 -85.24
N ILE B 1915 10.17 84.27 -84.64
CA ILE B 1915 11.08 85.44 -84.96
C ILE B 1915 11.59 85.35 -86.41
N GLU B 1916 11.90 84.12 -86.88
CA GLU B 1916 12.33 83.80 -88.28
C GLU B 1916 11.23 84.25 -89.29
N LEU B 1917 9.95 84.22 -88.88
CA LEU B 1917 8.81 84.69 -89.73
C LEU B 1917 7.87 85.66 -88.97
N GLN B 1918 8.40 86.45 -88.01
CA GLN B 1918 7.64 87.50 -87.26
C GLN B 1918 7.77 88.81 -88.06
N LYS B 1919 9.02 89.26 -88.25
CA LYS B 1919 9.38 90.45 -89.05
C LYS B 1919 10.44 90.08 -90.13
N SER B 1920 11.41 89.22 -89.77
CA SER B 1920 12.56 88.78 -90.62
C SER B 1920 12.09 88.43 -92.05
N LEU B 1921 11.18 87.44 -92.18
CA LEU B 1921 10.56 87.02 -93.49
C LEU B 1921 9.49 88.05 -93.88
N SER B 1922 8.25 87.90 -93.37
CA SER B 1922 7.02 88.63 -93.78
C SER B 1922 6.50 89.48 -92.61
N LEU B 1923 6.25 90.78 -92.86
CA LEU B 1923 5.95 91.85 -91.86
C LEU B 1923 4.46 92.25 -91.95
N GLU B 1924 3.65 91.85 -90.93
CA GLU B 1924 2.18 92.12 -90.77
C GLU B 1924 1.32 91.19 -91.69
N GLU B 1925 1.94 90.26 -92.42
CA GLU B 1925 1.28 89.16 -93.19
C GLU B 1925 0.93 88.00 -92.24
N VAL B 1926 1.74 87.79 -91.18
CA VAL B 1926 1.59 86.73 -90.12
C VAL B 1926 0.14 86.64 -89.63
N GLU B 1927 -0.54 87.78 -89.44
CA GLU B 1927 -1.97 87.83 -89.06
C GLU B 1927 -2.74 86.80 -89.93
N GLY B 1928 -2.47 86.75 -91.24
CA GLY B 1928 -2.96 85.73 -92.20
C GLY B 1928 -2.53 84.29 -91.86
N HIS B 1929 -1.23 84.04 -91.61
CA HIS B 1929 -0.65 82.73 -91.18
C HIS B 1929 -1.37 82.21 -89.92
N LEU B 1930 -1.60 83.11 -88.95
CA LEU B 1930 -2.15 82.84 -87.60
C LEU B 1930 -3.68 82.61 -87.70
N PHE B 1931 -4.39 83.50 -88.40
CA PHE B 1931 -5.85 83.43 -88.67
C PHE B 1931 -6.20 82.08 -89.32
N GLU B 1932 -5.31 81.52 -90.14
CA GLU B 1932 -5.44 80.15 -90.74
C GLU B 1932 -5.44 79.10 -89.60
N ILE B 1933 -4.41 79.17 -88.74
CA ILE B 1933 -4.10 78.16 -87.66
C ILE B 1933 -5.22 78.20 -86.62
N ILE B 1934 -5.77 79.39 -86.36
CA ILE B 1934 -6.92 79.64 -85.44
C ILE B 1934 -8.17 78.93 -86.01
N ASP B 1935 -8.61 79.35 -87.21
CA ASP B 1935 -9.95 79.07 -87.80
C ASP B 1935 -10.20 77.56 -87.96
N GLU B 1936 -9.13 76.76 -88.07
CA GLU B 1936 -9.19 75.26 -88.14
C GLU B 1936 -9.39 74.65 -86.73
N ALA B 1937 -8.78 75.24 -85.68
CA ALA B 1937 -8.88 74.82 -84.25
C ALA B 1937 -10.01 75.58 -83.52
N SER B 1938 -10.27 76.83 -83.93
CA SER B 1938 -11.40 77.71 -83.47
C SER B 1938 -12.74 76.99 -83.64
N LYS B 1939 -13.06 76.57 -84.88
CA LYS B 1939 -14.38 75.98 -85.28
C LYS B 1939 -14.31 74.44 -85.28
N LYS B 1940 -13.27 73.90 -84.63
CA LYS B 1940 -13.17 72.49 -84.16
C LYS B 1940 -13.67 72.42 -82.70
N SER B 1941 -13.39 73.46 -81.90
CA SER B 1941 -13.79 73.63 -80.47
C SER B 1941 -15.03 74.53 -80.30
N ALA B 1942 -15.81 74.79 -81.37
CA ALA B 1942 -17.15 75.43 -81.34
C ALA B 1942 -18.24 74.38 -81.66
N VAL B 1943 -17.98 73.12 -81.32
CA VAL B 1943 -18.93 71.97 -81.52
C VAL B 1943 -18.54 70.82 -80.55
N LYS B 1944 -18.94 70.94 -79.28
CA LYS B 1944 -18.58 69.99 -78.19
C LYS B 1944 -19.61 70.08 -77.06
N PRO B 1945 -19.68 69.06 -76.16
CA PRO B 1945 -20.58 69.10 -75.01
C PRO B 1945 -20.40 70.40 -74.17
N ARG B 1946 -21.35 71.34 -74.36
CA ARG B 1946 -21.36 72.79 -73.94
C ARG B 1946 -20.24 73.09 -72.93
N PRO B 1947 -20.28 72.65 -71.64
CA PRO B 1947 -19.15 72.89 -70.71
C PRO B 1947 -18.08 71.82 -70.97
N LEU B 1948 -17.19 72.13 -71.92
CA LEU B 1948 -16.33 71.16 -72.66
C LEU B 1948 -15.12 70.74 -71.82
N LYS B 1949 -14.84 69.43 -71.79
CA LYS B 1949 -13.69 68.80 -71.08
C LYS B 1949 -12.39 69.31 -71.71
N LEU B 1950 -11.75 70.28 -71.06
CA LEU B 1950 -10.53 70.98 -71.56
C LEU B 1950 -9.30 70.11 -71.27
N GLU B 1951 -8.65 69.64 -72.34
CA GLU B 1951 -7.51 68.69 -72.30
C GLU B 1951 -6.21 69.49 -72.26
N ARG B 1952 -5.15 68.86 -71.73
CA ARG B 1952 -3.80 69.44 -71.52
C ARG B 1952 -3.00 69.39 -72.83
N GLY B 1953 -1.72 69.78 -72.77
CA GLY B 1953 -0.79 69.85 -73.92
C GLY B 1953 0.58 70.33 -73.50
N PHE B 1954 1.60 70.10 -74.31
CA PHE B 1954 3.05 70.29 -73.99
C PHE B 1954 3.32 71.68 -73.37
N ALA B 1955 2.74 72.73 -73.97
CA ALA B 1955 2.78 74.12 -73.46
C ALA B 1955 1.86 74.27 -72.23
N CYS B 1956 0.55 74.01 -72.40
CA CYS B 1956 -0.54 74.39 -71.45
C CYS B 1956 -1.00 73.22 -70.57
N ILE B 1957 -1.11 73.46 -69.25
CA ILE B 1957 -1.84 72.57 -68.28
C ILE B 1957 -3.10 73.32 -67.84
N PRO B 1958 -4.27 72.64 -67.69
CA PRO B 1958 -5.47 73.27 -67.14
C PRO B 1958 -5.50 73.22 -65.61
N LEU B 1959 -5.80 74.36 -64.97
CA LEU B 1959 -5.98 74.47 -63.49
C LEU B 1959 -7.35 73.86 -63.14
N VAL B 1960 -7.36 72.80 -62.32
CA VAL B 1960 -8.57 71.97 -62.03
C VAL B 1960 -9.44 72.67 -60.98
N GLY B 1961 -10.76 72.58 -61.16
CA GLY B 1961 -11.78 73.15 -60.28
C GLY B 1961 -11.78 74.69 -60.26
N ILE B 1962 -11.22 75.35 -61.28
CA ILE B 1962 -11.26 76.84 -61.41
C ILE B 1962 -12.25 77.18 -62.55
N SER B 1963 -13.42 77.65 -62.15
CA SER B 1963 -14.62 77.80 -63.02
C SER B 1963 -14.91 79.29 -63.29
N VAL B 1964 -14.14 80.20 -62.70
CA VAL B 1964 -14.31 81.67 -62.90
C VAL B 1964 -13.02 82.23 -63.46
N PRO B 1965 -13.08 83.23 -64.38
CA PRO B 1965 -11.88 83.90 -64.87
C PRO B 1965 -11.58 85.20 -64.11
N PHE B 1966 -10.94 85.10 -62.94
CA PHE B 1966 -10.61 86.28 -62.08
C PHE B 1966 -9.30 86.87 -62.57
N HIS B 1967 -9.10 88.15 -62.23
CA HIS B 1967 -7.93 88.97 -62.65
C HIS B 1967 -8.04 89.26 -64.15
N SER B 1968 -9.28 89.34 -64.67
CA SER B 1968 -9.62 89.60 -66.10
C SER B 1968 -10.63 90.74 -66.17
N THR B 1969 -10.97 91.19 -67.37
CA THR B 1969 -11.90 92.32 -67.58
C THR B 1969 -13.33 91.79 -67.44
N TYR B 1970 -13.52 90.46 -67.50
CA TYR B 1970 -14.86 89.81 -67.46
C TYR B 1970 -15.67 90.36 -66.30
N LEU B 1971 -15.04 90.49 -65.12
CA LEU B 1971 -15.72 90.88 -63.87
C LEU B 1971 -15.18 92.23 -63.38
N MET B 1972 -14.94 93.15 -64.33
CA MET B 1972 -14.95 94.62 -64.15
C MET B 1972 -16.40 95.06 -63.90
N ASN B 1973 -17.34 94.24 -64.34
CA ASN B 1973 -18.79 94.50 -64.18
C ASN B 1973 -19.17 94.34 -62.70
N GLY B 1974 -18.68 93.28 -62.02
CA GLY B 1974 -18.89 93.04 -60.58
C GLY B 1974 -17.80 93.65 -59.74
N VAL B 1975 -17.74 94.99 -59.64
CA VAL B 1975 -16.67 95.75 -58.91
C VAL B 1975 -17.28 96.88 -58.05
N LYS B 1976 -18.00 97.84 -58.67
CA LYS B 1976 -18.80 98.91 -58.00
C LYS B 1976 -19.51 98.43 -56.73
N PRO B 1977 -20.08 97.20 -56.69
CA PRO B 1977 -20.56 96.57 -55.45
C PRO B 1977 -19.48 96.41 -54.37
N PHE B 1978 -18.38 95.74 -54.77
CA PHE B 1978 -17.25 95.28 -53.91
C PHE B 1978 -16.49 96.51 -53.40
N LYS B 1979 -16.27 97.51 -54.25
CA LYS B 1979 -15.61 98.80 -53.89
C LYS B 1979 -16.41 99.52 -52.79
N SER B 1980 -17.74 99.63 -52.92
CA SER B 1980 -18.63 100.24 -51.90
C SER B 1980 -18.75 99.32 -50.67
N PHE B 1981 -18.51 98.01 -50.81
CA PHE B 1981 -18.50 97.05 -49.68
C PHE B 1981 -17.25 97.24 -48.82
N LEU B 1982 -16.07 97.34 -49.45
CA LEU B 1982 -14.77 97.60 -48.78
C LEU B 1982 -14.85 98.90 -47.97
N LYS B 1983 -15.45 99.96 -48.50
CA LYS B 1983 -15.51 101.30 -47.83
C LYS B 1983 -16.35 101.24 -46.54
N LYS B 1984 -16.88 100.07 -46.16
CA LYS B 1984 -17.57 99.84 -44.87
C LYS B 1984 -16.64 99.08 -43.90
N ASN B 1985 -15.87 98.11 -44.39
CA ASN B 1985 -15.00 97.21 -43.58
C ASN B 1985 -13.59 97.79 -43.44
N ILE B 1986 -13.12 98.59 -44.41
CA ILE B 1986 -11.84 99.36 -44.37
C ILE B 1986 -12.17 100.83 -44.10
N ILE B 1987 -11.80 101.33 -42.92
CA ILE B 1987 -12.16 102.68 -42.38
C ILE B 1987 -10.96 103.60 -42.61
N LYS B 1988 -11.19 104.91 -42.73
CA LYS B 1988 -10.11 105.92 -42.96
C LYS B 1988 -9.14 105.96 -41.77
N GLU B 1989 -9.68 105.94 -40.55
CA GLU B 1989 -8.94 106.05 -39.25
C GLU B 1989 -7.91 104.91 -39.10
N ASN B 1990 -8.20 103.72 -39.63
CA ASN B 1990 -7.35 102.50 -39.45
C ASN B 1990 -6.33 102.37 -40.58
N VAL B 1991 -6.04 103.44 -41.35
CA VAL B 1991 -4.99 103.42 -42.41
C VAL B 1991 -3.81 104.28 -41.97
N LYS B 1992 -2.73 103.62 -41.57
CA LYS B 1992 -1.41 104.23 -41.22
C LYS B 1992 -0.58 104.28 -42.50
N VAL B 1993 -0.46 105.48 -43.09
CA VAL B 1993 0.27 105.70 -44.37
C VAL B 1993 1.71 105.16 -44.23
N ALA B 1994 2.36 105.48 -43.11
CA ALA B 1994 3.75 105.08 -42.77
C ALA B 1994 3.99 103.58 -42.94
N ARG B 1995 2.97 102.76 -42.64
CA ARG B 1995 3.09 101.29 -42.63
C ARG B 1995 2.88 100.71 -44.03
N LEU B 1996 2.50 101.56 -45.01
CA LEU B 1996 2.28 101.17 -46.43
C LEU B 1996 3.40 101.73 -47.29
N ALA B 1997 3.54 103.07 -47.32
CA ALA B 1997 4.34 103.83 -48.32
C ALA B 1997 5.77 103.27 -48.37
N GLY B 1998 6.18 102.82 -49.56
CA GLY B 1998 7.51 102.25 -49.83
C GLY B 1998 7.55 100.74 -49.66
N LYS B 1999 6.58 100.18 -48.94
CA LYS B 1999 6.69 98.81 -48.38
C LYS B 1999 5.70 97.86 -49.05
N TYR B 2000 4.49 98.34 -49.34
CA TYR B 2000 3.41 97.55 -49.98
C TYR B 2000 3.58 97.62 -51.49
N ILE B 2001 3.72 96.46 -52.13
CA ILE B 2001 3.77 96.31 -53.62
C ILE B 2001 2.44 95.72 -54.07
N PRO B 2002 1.47 96.54 -54.55
CA PRO B 2002 0.23 96.02 -55.12
C PRO B 2002 0.39 94.97 -56.22
N ASN B 2003 -0.73 94.34 -56.59
CA ASN B 2003 -0.80 93.35 -57.70
C ASN B 2003 -1.17 94.09 -58.99
N LEU B 2004 -2.08 95.07 -58.91
CA LEU B 2004 -2.49 95.97 -60.02
C LEU B 2004 -1.26 96.62 -60.65
N THR B 2005 -0.47 97.34 -59.87
CA THR B 2005 0.55 98.32 -60.29
C THR B 2005 1.88 97.99 -59.64
N ALA B 2006 2.65 97.00 -60.13
CA ALA B 2006 3.74 96.39 -59.34
C ALA B 2006 4.85 97.41 -59.05
N LYS B 2007 4.48 98.42 -58.25
CA LYS B 2007 5.24 99.66 -57.94
C LYS B 2007 5.03 99.98 -56.47
N PRO B 2008 6.08 100.02 -55.62
CA PRO B 2008 5.91 100.26 -54.20
C PRO B 2008 4.93 101.42 -53.99
N PHE B 2009 3.85 101.14 -53.25
CA PHE B 2009 2.75 102.07 -52.88
C PHE B 2009 3.38 103.42 -52.54
N GLN B 2010 2.92 104.50 -53.17
CA GLN B 2010 3.18 105.88 -52.71
C GLN B 2010 1.87 106.68 -52.83
N VAL B 2011 1.80 107.83 -52.19
CA VAL B 2011 0.64 108.77 -52.26
C VAL B 2011 1.16 110.07 -52.87
N THR B 2012 1.28 110.06 -54.19
CA THR B 2012 1.71 111.19 -55.06
C THR B 2012 0.81 111.22 -56.30
N LYS B 2013 0.73 112.36 -56.97
CA LYS B 2013 -0.02 112.54 -58.26
C LYS B 2013 0.45 111.50 -59.29
N GLU B 2014 1.75 111.32 -59.43
CA GLU B 2014 2.42 110.32 -60.32
C GLU B 2014 1.76 108.94 -60.20
N TYR B 2015 1.53 108.49 -58.97
CA TYR B 2015 1.10 107.10 -58.65
C TYR B 2015 -0.40 106.96 -58.94
N PHE B 2016 -1.21 107.94 -58.55
CA PHE B 2016 -2.66 107.99 -58.88
C PHE B 2016 -2.83 107.96 -60.41
N GLN B 2017 -2.01 108.74 -61.13
CA GLN B 2017 -2.04 108.87 -62.61
C GLN B 2017 -1.81 107.49 -63.22
N ASP B 2018 -0.79 106.75 -62.74
CA ASP B 2018 -0.42 105.39 -63.23
C ASP B 2018 -1.55 104.40 -62.90
N VAL B 2019 -2.31 104.61 -61.82
CA VAL B 2019 -3.49 103.77 -61.45
C VAL B 2019 -4.62 104.07 -62.45
N TYR B 2020 -4.98 105.35 -62.60
CA TYR B 2020 -6.04 105.82 -63.53
C TYR B 2020 -5.85 105.23 -64.94
N ASP B 2021 -4.60 105.18 -65.42
CA ASP B 2021 -4.23 104.65 -66.75
C ASP B 2021 -4.54 103.14 -66.86
N LEU B 2022 -4.70 102.41 -65.75
CA LEU B 2022 -4.97 100.94 -65.72
C LEU B 2022 -6.34 100.64 -65.08
N THR B 2023 -7.26 101.60 -65.09
CA THR B 2023 -8.51 101.55 -64.29
C THR B 2023 -9.61 102.40 -64.93
N GLY B 2024 -9.38 103.71 -65.07
CA GLY B 2024 -10.36 104.68 -65.57
C GLY B 2024 -11.48 104.88 -64.55
N SER B 2025 -11.11 105.16 -63.29
CA SER B 2025 -12.03 105.41 -62.15
C SER B 2025 -12.17 106.93 -61.97
N GLU B 2026 -13.39 107.39 -61.65
CA GLU B 2026 -13.74 108.83 -61.49
C GLU B 2026 -13.25 109.35 -60.14
N PRO B 2027 -13.48 108.65 -58.99
CA PRO B 2027 -12.95 109.09 -57.69
C PRO B 2027 -11.44 109.36 -57.70
N ILE B 2028 -10.69 108.65 -58.54
CA ILE B 2028 -9.22 108.84 -58.75
C ILE B 2028 -8.99 110.05 -59.64
N LYS B 2029 -9.70 110.15 -60.77
CA LYS B 2029 -9.44 111.22 -61.77
C LYS B 2029 -9.74 112.58 -61.14
N GLU B 2030 -10.82 112.68 -60.36
CA GLU B 2030 -11.25 113.96 -59.73
C GLU B 2030 -10.18 114.44 -58.75
N ILE B 2031 -9.38 113.53 -58.16
CA ILE B 2031 -8.24 113.86 -57.25
C ILE B 2031 -7.08 114.48 -58.06
N ILE B 2032 -6.72 113.86 -59.20
CA ILE B 2032 -5.66 114.33 -60.15
C ILE B 2032 -6.03 115.75 -60.64
N ASP B 2033 -7.32 115.97 -60.93
CA ASP B 2033 -7.89 117.25 -61.47
C ASP B 2033 -7.65 118.39 -60.46
N ASN B 2034 -8.09 118.24 -59.20
CA ASN B 2034 -7.83 119.23 -58.12
C ASN B 2034 -6.85 118.60 -57.10
N TRP B 2035 -5.61 118.36 -57.57
CA TRP B 2035 -4.44 117.99 -56.71
C TRP B 2035 -4.06 119.13 -55.73
N GLU B 2036 -4.68 120.33 -55.84
CA GLU B 2036 -4.59 121.43 -54.83
C GLU B 2036 -5.68 121.28 -53.74
N LYS B 2037 -5.70 120.10 -53.11
CA LYS B 2037 -6.10 119.86 -51.69
C LYS B 2037 -4.82 119.63 -50.85
N TYR B 2038 -3.64 119.66 -51.50
CA TYR B 2038 -2.30 119.86 -50.88
C TYR B 2038 -2.36 121.01 -49.85
N GLU B 2039 -3.01 122.14 -50.20
CA GLU B 2039 -3.40 123.25 -49.26
C GLU B 2039 -4.63 122.77 -48.44
N GLN B 2040 -4.37 122.25 -47.22
CA GLN B 2040 -5.35 121.51 -46.33
C GLN B 2040 -6.29 120.63 -47.18
N MET C 1 89.28 35.96 83.67
CA MET C 1 88.14 35.18 84.28
C MET C 1 88.11 33.76 83.69
N LYS C 2 87.92 32.75 84.53
CA LYS C 2 87.75 31.33 84.11
C LYS C 2 86.47 31.23 83.30
N PRO C 3 86.43 30.47 82.17
CA PRO C 3 85.18 30.25 81.43
C PRO C 3 84.03 29.58 82.21
N GLU C 4 84.35 28.76 83.23
CA GLU C 4 83.36 28.05 84.10
C GLU C 4 82.62 29.07 84.98
N VAL C 5 83.33 30.14 85.38
CA VAL C 5 82.83 31.23 86.28
C VAL C 5 82.01 32.19 85.42
N GLU C 6 82.63 32.73 84.36
CA GLU C 6 81.98 33.56 83.32
C GLU C 6 80.62 32.95 82.93
N GLN C 7 80.57 31.61 82.77
CA GLN C 7 79.33 30.85 82.44
C GLN C 7 78.33 31.00 83.58
N GLU C 8 78.76 30.79 84.83
CA GLU C 8 77.91 30.91 86.04
C GLU C 8 77.25 32.30 86.05
N LEU C 9 78.05 33.35 85.88
CA LEU C 9 77.60 34.76 85.95
C LEU C 9 76.62 35.05 84.80
N ALA C 10 77.01 34.73 83.57
CA ALA C 10 76.17 34.92 82.36
C ALA C 10 74.78 34.34 82.61
N HIS C 11 74.71 33.16 83.24
CA HIS C 11 73.44 32.45 83.61
C HIS C 11 72.62 33.32 84.57
N ILE C 12 73.19 33.62 85.74
CA ILE C 12 72.57 34.49 86.80
C ILE C 12 71.93 35.70 86.10
N LEU C 13 72.76 36.51 85.45
CA LEU C 13 72.39 37.76 84.73
C LEU C 13 71.25 37.50 83.73
N LEU C 14 71.40 36.48 82.88
CA LEU C 14 70.46 36.13 81.77
C LEU C 14 69.11 35.77 82.39
N THR C 15 69.11 35.12 83.56
CA THR C 15 67.91 34.71 84.31
C THR C 15 67.24 35.95 84.93
N GLU C 16 68.02 36.90 85.45
CA GLU C 16 67.51 38.17 86.07
C GLU C 16 66.98 39.11 84.97
N LEU C 17 67.69 39.24 83.85
CA LEU C 17 67.28 40.01 82.65
C LEU C 17 65.92 39.57 82.11
N LEU C 18 65.54 38.30 82.34
CA LEU C 18 64.31 37.67 81.80
C LEU C 18 63.20 37.69 82.86
N ALA C 19 63.56 37.43 84.13
CA ALA C 19 62.70 37.58 85.32
C ALA C 19 61.96 38.92 85.26
N TYR C 20 62.70 40.03 85.36
CA TYR C 20 62.18 41.41 85.56
C TYR C 20 61.57 41.95 84.27
N GLN C 21 62.09 41.57 83.10
CA GLN C 21 61.64 42.07 81.77
C GLN C 21 60.11 42.25 81.74
N PHE C 22 59.39 41.16 81.99
CA PHE C 22 58.00 41.01 82.48
C PHE C 22 57.39 42.28 83.11
N ALA C 23 58.15 42.92 84.01
CA ALA C 23 57.72 43.85 85.07
C ALA C 23 58.57 45.14 85.08
N SER C 24 58.93 45.63 83.89
CA SER C 24 59.86 46.76 83.62
C SER C 24 59.67 47.16 82.18
N PRO C 25 59.88 48.43 81.80
CA PRO C 25 59.42 48.89 80.50
C PRO C 25 60.29 48.36 79.34
N VAL C 26 59.66 48.03 78.21
CA VAL C 26 60.32 47.61 76.93
C VAL C 26 60.95 48.86 76.31
N ARG C 27 62.27 48.85 76.22
CA ARG C 27 63.10 50.04 75.99
C ARG C 27 63.56 50.01 74.51
N TRP C 28 62.61 50.03 73.58
CA TRP C 28 62.82 49.65 72.15
C TRP C 28 63.23 50.84 71.27
N ILE C 29 63.27 52.07 71.81
CA ILE C 29 63.99 53.17 71.12
C ILE C 29 65.47 52.86 71.32
N GLU C 30 65.92 52.88 72.58
CA GLU C 30 67.35 52.73 72.99
C GLU C 30 67.94 51.49 72.32
N THR C 31 67.09 50.51 71.99
CA THR C 31 67.43 49.26 71.26
C THR C 31 67.75 49.61 69.81
N GLN C 32 66.77 50.10 69.04
CA GLN C 32 66.93 50.39 67.58
C GLN C 32 68.15 51.30 67.37
N ASP C 33 68.38 52.23 68.29
CA ASP C 33 69.52 53.16 68.22
C ASP C 33 70.82 52.37 68.33
N VAL C 34 70.84 51.28 69.11
CA VAL C 34 72.05 50.42 69.26
C VAL C 34 72.30 49.67 67.95
N PHE C 35 71.28 49.11 67.31
CA PHE C 35 71.52 48.21 66.15
C PHE C 35 71.54 49.01 64.85
N LEU C 36 70.95 50.23 64.77
CA LEU C 36 70.97 51.04 63.53
C LEU C 36 72.16 52.02 63.52
N LYS C 37 72.68 52.48 64.67
CA LYS C 37 73.86 53.38 64.68
C LYS C 37 75.11 52.60 65.13
N ASP C 38 75.15 52.11 66.38
CA ASP C 38 76.38 51.55 67.01
C ASP C 38 76.90 50.32 66.24
N PHE C 39 76.05 49.64 65.46
CA PHE C 39 76.42 48.46 64.65
C PHE C 39 76.24 48.71 63.14
N ASN C 40 75.58 49.80 62.73
CA ASN C 40 75.37 50.16 61.30
C ASN C 40 74.76 48.97 60.55
N THR C 41 73.90 48.21 61.24
CA THR C 41 73.16 47.08 60.65
C THR C 41 72.67 47.47 59.26
N GLU C 42 72.92 46.62 58.28
CA GLU C 42 72.66 46.88 56.86
C GLU C 42 71.37 46.15 56.47
N ARG C 43 71.23 44.89 56.89
CA ARG C 43 69.96 44.12 56.82
C ARG C 43 69.42 44.01 58.24
N VAL C 44 68.15 44.38 58.45
CA VAL C 44 67.39 44.04 59.69
C VAL C 44 66.23 43.15 59.27
N VAL C 45 66.26 41.90 59.72
CA VAL C 45 65.31 40.80 59.35
C VAL C 45 64.31 40.68 60.49
N GLU C 46 63.06 41.08 60.26
CA GLU C 46 61.95 40.82 61.22
C GLU C 46 61.44 39.39 61.00
N ILE C 47 61.73 38.52 61.97
CA ILE C 47 61.11 37.17 62.13
C ILE C 47 59.83 37.38 62.94
N GLY C 48 58.69 37.34 62.25
CA GLY C 48 57.36 37.42 62.88
C GLY C 48 56.30 37.11 61.84
N PRO C 49 55.02 37.00 62.25
CA PRO C 49 53.93 36.70 61.32
C PRO C 49 53.38 37.92 60.56
N SER C 50 53.58 39.12 61.08
CA SER C 50 53.18 40.41 60.43
C SER C 50 54.22 41.48 60.71
N PRO C 51 54.42 42.44 59.78
CA PRO C 51 55.59 43.32 59.80
C PRO C 51 55.52 44.53 60.76
N THR C 52 55.39 44.30 62.07
CA THR C 52 55.21 45.40 63.06
C THR C 52 56.57 46.09 63.24
N LEU C 53 57.57 45.37 63.74
CA LEU C 53 58.90 45.89 64.14
C LEU C 53 59.70 46.38 62.92
N ALA C 54 59.28 46.01 61.71
CA ALA C 54 59.84 46.51 60.43
C ALA C 54 59.32 47.92 60.20
N GLY C 55 58.00 48.09 60.09
CA GLY C 55 57.31 49.39 60.14
C GLY C 55 57.93 50.34 61.17
N MET C 56 58.26 49.85 62.38
CA MET C 56 58.87 50.64 63.47
C MET C 56 60.31 51.04 63.14
N ALA C 57 61.05 50.21 62.41
CA ALA C 57 62.46 50.52 62.00
C ALA C 57 62.41 51.51 60.83
N GLN C 58 61.58 51.22 59.82
CA GLN C 58 61.35 52.12 58.65
C GLN C 58 61.07 53.53 59.15
N ARG C 59 60.29 53.66 60.22
CA ARG C 59 59.86 54.98 60.75
C ARG C 59 60.96 55.56 61.63
N THR C 60 61.69 54.76 62.41
CA THR C 60 62.85 55.24 63.21
C THR C 60 64.00 55.69 62.29
N LEU C 61 64.02 55.26 61.00
CA LEU C 61 65.05 55.68 60.00
C LEU C 61 64.63 57.01 59.39
N LYS C 62 63.44 57.02 58.78
CA LYS C 62 62.76 58.18 58.17
C LYS C 62 62.73 59.39 59.13
N ASN C 63 62.74 59.20 60.46
CA ASN C 63 62.82 60.29 61.47
C ASN C 63 64.27 60.76 61.64
N LYS C 64 65.09 59.99 62.37
CA LYS C 64 66.36 60.51 62.94
C LYS C 64 67.62 59.89 62.30
N TYR C 65 67.52 59.23 61.13
CA TYR C 65 68.66 58.63 60.40
C TYR C 65 68.53 58.81 58.88
N GLU C 66 67.78 59.79 58.39
CA GLU C 66 67.65 60.03 56.93
C GLU C 66 68.98 60.63 56.42
N SER C 67 69.58 61.54 57.21
CA SER C 67 70.81 62.29 56.85
C SER C 67 72.02 61.37 56.95
N TYR C 68 72.20 60.72 58.11
CA TYR C 68 73.25 59.69 58.37
C TYR C 68 73.26 58.65 57.24
N ASP C 69 72.09 58.12 56.86
CA ASP C 69 71.96 57.04 55.83
C ASP C 69 72.37 57.53 54.43
N ALA C 70 72.35 58.84 54.17
CA ALA C 70 72.86 59.44 52.90
C ALA C 70 74.37 59.70 53.03
N ALA C 71 74.78 60.51 53.99
CA ALA C 71 76.18 60.93 54.21
C ALA C 71 77.16 59.75 54.29
N LEU C 72 76.70 58.57 54.71
CA LEU C 72 77.52 57.33 54.79
C LEU C 72 77.15 56.39 53.62
N SER C 73 76.27 56.83 52.72
CA SER C 73 75.76 56.05 51.56
C SER C 73 75.45 54.62 52.03
N LEU C 74 74.77 54.54 53.17
CA LEU C 74 74.63 53.33 54.01
C LEU C 74 73.28 52.70 53.69
N HIS C 75 73.13 52.21 52.45
CA HIS C 75 71.88 51.58 51.95
C HIS C 75 71.48 50.46 52.93
N ARG C 76 70.26 50.55 53.48
CA ARG C 76 69.71 49.67 54.53
C ARG C 76 68.50 48.90 53.98
N GLU C 77 68.51 47.58 54.16
CA GLU C 77 67.42 46.67 53.76
C GLU C 77 66.68 46.24 55.05
N ILE C 78 65.37 46.51 55.13
CA ILE C 78 64.47 46.06 56.23
C ILE C 78 63.51 45.03 55.65
N LEU C 79 63.52 43.83 56.22
CA LEU C 79 62.85 42.63 55.64
C LEU C 79 62.02 41.98 56.73
N CYS C 80 60.76 41.68 56.43
CA CYS C 80 59.86 40.90 57.31
C CYS C 80 59.67 39.52 56.70
N TYR C 81 59.89 38.48 57.50
CA TYR C 81 59.88 37.06 57.07
C TYR C 81 58.60 36.73 56.29
N SER C 82 57.47 37.33 56.67
CA SER C 82 56.13 37.06 56.10
C SER C 82 56.01 37.59 54.67
N LYS C 83 56.57 38.78 54.43
CA LYS C 83 56.27 39.68 53.29
C LYS C 83 57.35 39.59 52.22
N ASP C 84 58.60 39.26 52.60
CA ASP C 84 59.85 39.44 51.81
C ASP C 84 60.69 38.15 51.83
N ALA C 85 60.08 36.97 51.75
CA ALA C 85 60.77 35.66 51.78
C ALA C 85 61.92 35.65 50.76
N LYS C 86 61.63 36.11 49.55
CA LYS C 86 62.51 36.07 48.35
C LYS C 86 63.84 36.79 48.59
N GLU C 87 63.86 37.88 49.36
CA GLU C 87 65.07 38.69 49.61
C GLU C 87 65.88 38.06 50.77
N ILE C 88 65.27 37.18 51.56
CA ILE C 88 65.90 36.50 52.72
C ILE C 88 66.51 35.18 52.26
N TYR C 89 65.75 34.41 51.47
CA TYR C 89 66.12 33.03 51.01
C TYR C 89 66.96 33.09 49.73
N TYR C 90 67.17 34.29 49.15
CA TYR C 90 67.85 34.51 47.84
C TYR C 90 67.21 33.61 46.78
N THR C 91 65.92 33.80 46.50
CA THR C 91 65.16 33.10 45.43
C THR C 91 64.45 34.14 44.56
N PRO C 92 65.18 34.99 43.82
CA PRO C 92 64.55 35.95 42.92
C PRO C 92 63.84 35.20 41.79
N ASP C 93 62.70 35.75 41.34
CA ASP C 93 61.91 35.31 40.15
C ASP C 93 62.74 35.48 38.88
N PRO C 94 62.69 34.52 37.91
CA PRO C 94 63.40 34.67 36.61
C PRO C 94 63.09 35.97 35.83
N ILE C 140 32.91 25.60 15.84
CA ILE C 140 33.60 26.34 16.97
C ILE C 140 33.96 25.34 18.08
N ALA C 141 34.78 25.79 19.06
CA ALA C 141 35.28 25.02 20.23
C ALA C 141 34.10 24.70 21.18
N ASP C 142 34.39 24.11 22.36
CA ASP C 142 33.37 23.71 23.39
C ASP C 142 33.74 24.29 24.77
N GLU C 143 32.81 25.07 25.35
CA GLU C 143 32.86 25.63 26.74
C GLU C 143 31.60 25.23 27.50
N PRO C 144 31.69 24.36 28.54
CA PRO C 144 30.58 24.16 29.49
C PRO C 144 30.24 25.45 30.25
N VAL C 145 28.93 25.73 30.45
CA VAL C 145 28.39 27.05 30.92
C VAL C 145 29.11 27.48 32.22
N LYS C 146 29.43 28.78 32.29
CA LYS C 146 29.96 29.48 33.51
C LYS C 146 28.90 29.36 34.62
N ALA C 147 29.32 29.24 35.90
CA ALA C 147 28.45 29.37 37.10
C ALA C 147 28.04 30.84 37.31
N SER C 148 28.74 31.81 36.67
CA SER C 148 28.43 33.27 36.64
C SER C 148 27.23 33.58 35.73
N LEU C 149 27.18 32.95 34.54
CA LEU C 149 26.08 33.11 33.52
C LEU C 149 24.78 32.47 34.04
N LEU C 150 24.90 31.31 34.70
CA LEU C 150 23.78 30.44 35.17
C LEU C 150 23.17 31.00 36.47
N LEU C 151 23.99 31.54 37.38
CA LEU C 151 23.55 32.28 38.60
C LEU C 151 22.85 33.61 38.23
N HIS C 152 23.37 34.34 37.23
CA HIS C 152 22.88 35.67 36.76
C HIS C 152 21.53 35.52 36.04
N VAL C 153 21.23 34.35 35.43
CA VAL C 153 19.97 34.09 34.66
C VAL C 153 18.81 33.70 35.61
N LEU C 154 19.06 32.91 36.67
CA LEU C 154 18.03 32.42 37.65
C LEU C 154 17.67 33.48 38.71
N VAL C 155 18.40 34.61 38.74
CA VAL C 155 18.06 35.85 39.49
C VAL C 155 17.40 36.88 38.53
N ALA C 156 17.83 36.94 37.27
CA ALA C 156 17.23 37.79 36.20
C ALA C 156 15.82 37.26 35.84
N HIS C 157 15.65 35.95 35.64
CA HIS C 157 14.37 35.29 35.27
C HIS C 157 13.33 35.39 36.40
N LYS C 158 13.77 35.23 37.66
CA LYS C 158 12.89 35.23 38.88
C LYS C 158 12.36 36.65 39.15
N LEU C 159 13.22 37.67 39.04
CA LEU C 159 12.89 39.11 39.28
C LEU C 159 12.22 39.75 38.06
N LYS C 160 12.09 39.01 36.93
CA LYS C 160 11.39 39.42 35.68
C LYS C 160 12.14 40.62 35.06
N LYS C 161 13.46 40.47 34.86
CA LYS C 161 14.36 41.52 34.31
C LYS C 161 15.37 40.88 33.31
N SER C 162 15.97 41.73 32.46
CA SER C 162 17.08 41.33 31.55
C SER C 162 18.39 41.20 32.35
N LEU C 163 19.44 40.73 31.67
CA LEU C 163 20.79 40.51 32.26
C LEU C 163 21.43 41.88 32.59
N ASP C 164 21.18 42.89 31.74
CA ASP C 164 21.72 44.29 31.86
C ASP C 164 21.24 44.93 33.18
N SER C 165 19.92 44.92 33.41
CA SER C 165 19.18 45.59 34.55
C SER C 165 19.74 45.18 35.92
N ILE C 166 20.28 43.95 36.04
CA ILE C 166 20.86 43.38 37.30
C ILE C 166 22.39 43.45 37.24
N PRO C 167 23.06 44.11 38.22
CA PRO C 167 24.51 43.95 38.41
C PRO C 167 24.82 42.74 39.31
N MET C 168 25.89 42.01 38.96
CA MET C 168 26.42 40.83 39.71
C MET C 168 27.02 41.28 41.06
N SER C 169 27.51 42.53 41.18
CA SER C 169 28.10 43.12 42.42
C SER C 169 27.03 43.30 43.52
N LYS C 170 25.77 43.55 43.14
CA LYS C 170 24.62 43.69 44.08
C LYS C 170 24.25 42.34 44.73
N THR C 171 23.82 42.39 45.99
CA THR C 171 23.41 41.21 46.81
C THR C 171 22.00 40.77 46.36
N ILE C 172 21.58 39.55 46.76
CA ILE C 172 20.19 39.03 46.50
C ILE C 172 19.18 39.84 47.34
N LYS C 173 19.53 40.16 48.59
CA LYS C 173 18.70 40.93 49.57
C LYS C 173 18.48 42.39 49.11
N ASP C 174 19.46 42.99 48.42
CA ASP C 174 19.38 44.38 47.87
C ASP C 174 18.40 44.42 46.67
N LEU C 175 18.58 43.51 45.69
CA LEU C 175 17.86 43.49 44.38
C LEU C 175 16.35 43.25 44.58
N VAL C 176 15.99 42.38 45.53
CA VAL C 176 14.60 42.04 45.95
C VAL C 176 13.90 43.31 46.50
N GLY C 177 14.59 44.02 47.41
CA GLY C 177 14.07 45.17 48.19
C GLY C 177 13.84 44.77 49.64
N GLY C 178 12.56 44.60 50.04
CA GLY C 178 12.14 44.16 51.39
C GLY C 178 11.21 42.93 51.38
N LYS C 179 11.10 42.23 50.23
CA LYS C 179 10.19 41.05 50.02
C LYS C 179 10.94 39.76 50.41
N SER C 180 10.58 39.20 51.57
CA SER C 180 11.18 37.95 52.05
C SER C 180 10.76 36.76 51.16
N THR C 181 9.51 36.77 50.65
CA THR C 181 8.97 35.69 49.82
C THR C 181 9.83 35.53 48.56
N VAL C 182 10.18 36.62 47.86
CA VAL C 182 11.02 36.60 46.61
C VAL C 182 12.47 36.19 46.96
N GLN C 183 13.00 36.63 48.12
CA GLN C 183 14.39 36.32 48.60
C GLN C 183 14.49 34.84 49.03
N ASN C 184 13.43 34.29 49.64
CA ASN C 184 13.30 32.84 50.01
C ASN C 184 13.18 31.98 48.72
N GLU C 185 12.55 32.52 47.67
CA GLU C 185 12.24 31.83 46.37
C GLU C 185 13.47 31.85 45.45
N ILE C 186 14.42 32.78 45.62
CA ILE C 186 15.71 32.82 44.86
C ILE C 186 16.71 31.84 45.50
N LEU C 187 16.72 31.72 46.84
CA LEU C 187 17.62 30.79 47.63
C LEU C 187 17.03 29.37 47.71
N GLY C 188 15.80 29.17 47.22
CA GLY C 188 15.21 27.84 46.92
C GLY C 188 15.57 27.35 45.51
N ASP C 189 15.88 28.25 44.56
CA ASP C 189 16.33 27.93 43.16
C ASP C 189 17.80 27.48 43.18
N LEU C 190 18.67 28.24 43.88
CA LEU C 190 20.15 28.04 43.92
C LEU C 190 20.53 26.86 44.84
N GLY C 191 19.65 26.48 45.78
CA GLY C 191 19.74 25.25 46.60
C GLY C 191 19.38 24.00 45.82
N LYS C 192 18.47 24.10 44.83
CA LYS C 192 18.01 23.00 43.91
C LYS C 192 18.92 22.88 42.67
N GLU C 193 19.53 24.00 42.25
CA GLU C 193 20.26 24.17 40.95
C GLU C 193 21.70 23.65 41.10
N PHE C 194 22.44 24.18 42.09
CA PHE C 194 23.88 23.93 42.36
C PHE C 194 24.08 22.93 43.52
N GLY C 195 23.08 22.77 44.42
CA GLY C 195 23.15 21.92 45.63
C GLY C 195 23.81 22.64 46.79
N THR C 196 25.08 23.06 46.58
CA THR C 196 25.87 24.03 47.42
C THR C 196 25.02 25.28 47.72
N THR C 197 25.11 25.76 48.97
CA THR C 197 24.64 27.12 49.42
C THR C 197 25.60 27.57 50.55
N PRO C 198 26.36 28.70 50.38
CA PRO C 198 27.12 29.27 51.50
C PRO C 198 26.24 29.62 52.72
N GLU C 199 26.86 30.02 53.83
CA GLU C 199 26.20 30.20 55.17
C GLU C 199 25.23 31.41 55.10
N LYS C 200 25.64 32.51 54.42
CA LYS C 200 24.86 33.77 54.24
C LYS C 200 24.99 34.28 52.80
N PRO C 201 24.25 33.68 51.83
CA PRO C 201 24.27 34.12 50.42
C PRO C 201 23.57 35.48 50.15
N GLU C 202 22.54 35.81 50.96
CA GLU C 202 21.61 36.98 50.75
C GLU C 202 22.38 38.31 50.92
N GLU C 203 23.44 38.35 51.75
CA GLU C 203 24.36 39.53 51.92
C GLU C 203 25.59 39.41 50.99
N THR C 204 25.94 38.20 50.50
CA THR C 204 27.10 37.97 49.59
C THR C 204 26.73 38.43 48.17
N PRO C 205 27.50 39.36 47.54
CA PRO C 205 27.33 39.68 46.12
C PRO C 205 27.33 38.48 45.15
N LEU C 206 26.66 38.63 43.99
CA LEU C 206 26.51 37.57 42.94
C LEU C 206 27.86 37.30 42.22
N GLU C 207 28.83 38.24 42.26
CA GLU C 207 30.23 38.04 41.76
C GLU C 207 30.94 36.95 42.60
N GLU C 208 30.80 37.02 43.94
CA GLU C 208 31.54 36.17 44.94
C GLU C 208 30.83 34.82 45.17
N LEU C 209 29.49 34.78 45.07
CA LEU C 209 28.67 33.52 45.03
C LEU C 209 29.07 32.69 43.80
N ALA C 210 29.11 33.31 42.59
CA ALA C 210 29.44 32.67 41.30
C ALA C 210 30.77 31.88 41.38
N GLU C 211 31.74 32.37 42.18
CA GLU C 211 33.09 31.74 42.40
C GLU C 211 33.03 30.56 43.39
N THR C 212 32.18 30.64 44.43
CA THR C 212 31.95 29.59 45.49
C THR C 212 31.22 28.37 44.91
N PHE C 213 30.32 28.58 43.93
CA PHE C 213 29.59 27.54 43.16
C PHE C 213 30.55 26.92 42.11
N GLN C 214 31.30 27.75 41.36
CA GLN C 214 32.19 27.34 40.22
C GLN C 214 33.25 26.32 40.69
N ASP C 215 33.76 26.47 41.94
CA ASP C 215 34.74 25.55 42.59
C ASP C 215 34.18 24.12 42.65
N THR C 216 32.85 23.98 42.89
CA THR C 216 32.10 22.70 43.05
C THR C 216 31.06 22.51 41.92
N PHE C 217 31.20 23.20 40.77
CA PHE C 217 30.21 23.18 39.64
C PHE C 217 30.82 22.50 38.40
N SER C 218 30.16 21.42 37.94
CA SER C 218 30.62 20.48 36.86
C SER C 218 30.52 21.14 35.47
N GLY C 219 29.48 21.95 35.22
CA GLY C 219 29.20 22.58 33.91
C GLY C 219 27.77 22.30 33.43
N ALA C 220 27.11 21.27 33.98
CA ALA C 220 25.75 20.80 33.61
C ALA C 220 24.68 21.77 34.16
N LEU C 221 23.45 21.69 33.61
CA LEU C 221 22.35 22.68 33.81
C LEU C 221 21.53 22.40 35.10
N GLY C 222 21.71 21.24 35.75
CA GLY C 222 21.00 20.87 36.99
C GLY C 222 19.48 20.67 36.79
N LYS C 223 18.71 20.72 37.88
CA LYS C 223 17.25 20.42 37.95
C LYS C 223 16.43 21.65 37.54
N GLN C 224 16.70 22.79 38.18
CA GLN C 224 15.85 24.01 38.13
C GLN C 224 15.91 24.67 36.75
N SER C 225 17.10 24.73 36.09
CA SER C 225 17.29 25.44 34.79
C SER C 225 17.05 24.49 33.59
N SER C 226 16.91 23.17 33.81
CA SER C 226 16.45 22.18 32.81
C SER C 226 14.91 22.09 32.79
N SER C 227 14.27 22.48 33.91
CA SER C 227 12.79 22.62 34.07
C SER C 227 12.29 23.92 33.40
N LEU C 228 13.14 24.94 33.27
CA LEU C 228 12.78 26.29 32.74
C LEU C 228 13.08 26.39 31.24
N LEU C 229 14.06 25.64 30.71
CA LEU C 229 14.35 25.54 29.25
C LEU C 229 13.30 24.63 28.59
N SER C 230 12.83 23.59 29.29
CA SER C 230 11.72 22.70 28.87
C SER C 230 10.41 23.49 28.70
N ARG C 231 10.17 24.50 29.56
CA ARG C 231 8.92 25.32 29.66
C ARG C 231 8.99 26.55 28.75
N LEU C 232 10.18 27.09 28.47
CA LEU C 232 10.45 28.08 27.39
C LEU C 232 10.04 27.46 26.04
N ILE C 233 10.52 26.26 25.74
CA ILE C 233 10.34 25.54 24.43
C ILE C 233 8.89 25.04 24.29
N SER C 234 8.31 24.50 25.37
CA SER C 234 6.92 23.96 25.44
C SER C 234 5.90 25.06 25.14
N SER C 235 6.10 26.26 25.70
CA SER C 235 5.12 27.37 25.78
C SER C 235 5.39 28.48 24.73
N LYS C 236 6.65 28.73 24.34
CA LYS C 236 7.07 29.94 23.55
C LYS C 236 7.73 29.57 22.21
N MET C 237 7.62 28.32 21.75
CA MET C 237 8.12 27.89 20.43
C MET C 237 6.98 27.19 19.68
N PRO C 238 6.89 27.33 18.33
CA PRO C 238 5.76 26.81 17.55
C PRO C 238 5.64 25.27 17.48
N GLY C 239 4.64 24.78 16.73
CA GLY C 239 4.35 23.36 16.49
C GLY C 239 5.48 22.64 15.75
N GLY C 240 6.04 21.59 16.38
CA GLY C 240 7.20 20.82 15.87
C GLY C 240 8.50 21.19 16.56
N PHE C 241 8.74 22.49 16.80
CA PHE C 241 10.01 23.07 17.31
C PHE C 241 10.19 22.67 18.79
N THR C 242 11.01 21.64 19.01
CA THR C 242 11.35 21.04 20.33
C THR C 242 12.73 21.59 20.78
N ILE C 243 13.22 21.19 21.96
CA ILE C 243 14.60 21.47 22.49
C ILE C 243 15.63 20.57 21.78
N THR C 244 15.19 19.47 21.18
CA THR C 244 15.97 18.60 20.24
C THR C 244 16.30 19.43 18.99
N VAL C 245 15.29 20.07 18.38
CA VAL C 245 15.38 20.87 17.12
C VAL C 245 16.06 22.24 17.38
N ALA C 246 15.98 22.77 18.60
CA ALA C 246 16.57 24.06 19.05
C ALA C 246 18.08 23.88 19.29
N ARG C 247 18.50 22.69 19.75
CA ARG C 247 19.94 22.29 19.88
C ARG C 247 20.52 21.95 18.49
N LYS C 248 19.71 21.32 17.62
CA LYS C 248 20.09 20.86 16.26
C LYS C 248 20.16 22.05 15.28
N TYR C 249 19.42 23.14 15.54
CA TYR C 249 19.50 24.40 14.75
C TYR C 249 20.76 25.21 15.11
N LEU C 250 21.24 25.13 16.36
CA LEU C 250 22.43 25.90 16.84
C LEU C 250 23.73 25.16 16.47
N GLN C 251 23.65 23.89 16.04
CA GLN C 251 24.80 23.03 15.64
C GLN C 251 25.07 23.13 14.13
N THR C 252 24.03 23.42 13.32
CA THR C 252 24.07 23.46 11.83
C THR C 252 24.25 24.91 11.33
N ARG C 253 23.46 25.85 11.86
CA ARG C 253 23.47 27.30 11.50
C ARG C 253 24.75 27.97 12.01
N TRP C 254 25.06 27.80 13.31
CA TRP C 254 26.15 28.52 14.03
C TRP C 254 27.37 27.62 14.32
N GLY C 255 27.17 26.30 14.42
CA GLY C 255 28.25 25.32 14.67
C GLY C 255 28.61 25.18 16.13
N LEU C 256 27.65 25.41 17.04
CA LEU C 256 27.85 25.35 18.52
C LEU C 256 27.62 23.91 19.00
N PRO C 257 28.54 23.34 19.83
CA PRO C 257 28.32 22.04 20.47
C PRO C 257 27.39 22.14 21.71
N SER C 258 27.20 21.03 22.44
CA SER C 258 26.19 20.88 23.54
C SER C 258 26.60 21.60 24.86
N GLY C 259 27.83 22.13 24.97
CA GLY C 259 28.25 23.02 26.09
C GLY C 259 27.87 24.48 25.88
N ARG C 260 27.90 24.97 24.62
CA ARG C 260 27.58 26.38 24.25
C ARG C 260 26.08 26.54 23.92
N GLN C 261 25.46 25.52 23.28
CA GLN C 261 23.99 25.42 23.02
C GLN C 261 23.18 25.63 24.30
N ASP C 262 23.68 25.11 25.44
CA ASP C 262 23.14 25.34 26.82
C ASP C 262 23.13 26.85 27.13
N GLY C 263 24.28 27.51 26.96
CA GLY C 263 24.47 28.95 27.24
C GLY C 263 23.63 29.85 26.35
N VAL C 264 23.35 29.44 25.10
CA VAL C 264 22.51 30.20 24.12
C VAL C 264 21.04 30.12 24.56
N LEU C 265 20.60 28.95 25.08
CA LEU C 265 19.23 28.72 25.61
C LEU C 265 19.04 29.43 26.98
N LEU C 266 20.12 29.69 27.75
CA LEU C 266 20.08 30.46 29.04
C LEU C 266 19.95 31.98 28.78
N VAL C 267 20.45 32.49 27.64
CA VAL C 267 20.28 33.92 27.21
C VAL C 267 18.90 34.06 26.55
N ALA C 268 18.32 32.96 26.04
CA ALA C 268 16.95 32.86 25.46
C ALA C 268 15.89 32.72 26.56
N LEU C 269 16.30 32.42 27.80
CA LEU C 269 15.42 32.28 29.00
C LEU C 269 15.30 33.63 29.73
N SER C 270 16.41 34.34 29.92
CA SER C 270 16.47 35.71 30.50
C SER C 270 15.77 36.70 29.56
N ASN C 271 15.92 36.51 28.24
CA ASN C 271 15.28 37.32 27.15
C ASN C 271 14.20 36.47 26.47
N GLU C 272 13.29 35.88 27.28
CA GLU C 272 12.10 35.06 26.90
C GLU C 272 11.13 35.94 26.10
N PRO C 273 10.51 35.43 24.99
CA PRO C 273 9.47 36.18 24.28
C PRO C 273 8.15 36.26 25.09
N ALA C 274 7.33 37.29 24.80
CA ALA C 274 6.10 37.65 25.53
C ALA C 274 4.98 36.62 25.27
N ALA C 275 4.81 36.21 24.00
CA ALA C 275 3.81 35.21 23.55
C ALA C 275 4.47 34.13 22.67
N ARG C 276 3.71 33.07 22.39
CA ARG C 276 4.04 31.97 21.44
C ARG C 276 4.57 32.59 20.13
N LEU C 277 5.80 32.23 19.73
CA LEU C 277 6.34 32.57 18.38
C LEU C 277 5.53 31.79 17.33
N GLY C 278 5.00 32.51 16.32
CA GLY C 278 4.01 32.00 15.35
C GLY C 278 4.59 30.94 14.41
N SER C 279 5.62 31.31 13.64
CA SER C 279 6.24 30.48 12.56
C SER C 279 7.57 29.89 13.05
N GLU C 280 8.09 28.88 12.31
CA GLU C 280 9.44 28.25 12.52
C GLU C 280 10.55 29.28 12.18
N ALA C 281 10.24 30.22 11.25
CA ALA C 281 11.11 31.35 10.83
C ALA C 281 11.31 32.37 11.96
N ASP C 282 10.30 32.60 12.81
CA ASP C 282 10.35 33.48 14.02
C ASP C 282 11.18 32.83 15.13
N ALA C 283 11.01 31.51 15.33
CA ALA C 283 11.74 30.67 16.32
C ALA C 283 13.24 30.64 16.00
N LYS C 284 13.60 30.74 14.70
CA LYS C 284 15.01 30.76 14.21
C LYS C 284 15.58 32.17 14.35
N ALA C 285 14.86 33.20 13.85
CA ALA C 285 15.18 34.64 13.99
C ALA C 285 15.48 34.97 15.47
N PHE C 286 14.67 34.41 16.39
CA PHE C 286 14.83 34.51 17.86
C PHE C 286 16.19 33.92 18.29
N LEU C 287 16.49 32.65 17.97
CA LEU C 287 17.74 31.94 18.42
C LEU C 287 19.00 32.54 17.76
N ASP C 288 18.87 33.07 16.53
CA ASP C 288 19.93 33.83 15.81
C ASP C 288 20.30 35.09 16.62
N SER C 289 19.30 35.77 17.21
CA SER C 289 19.50 36.95 18.10
C SER C 289 20.20 36.52 19.41
N MET C 290 19.76 35.41 20.03
CA MET C 290 20.24 34.91 21.35
C MET C 290 21.61 34.21 21.21
N ALA C 291 21.97 33.74 20.00
CA ALA C 291 23.31 33.17 19.66
C ALA C 291 24.36 34.29 19.51
N GLN C 292 23.94 35.48 19.04
CA GLN C 292 24.78 36.71 18.91
C GLN C 292 24.82 37.52 20.24
N LYS C 293 23.94 37.21 21.21
CA LYS C 293 23.94 37.81 22.58
C LYS C 293 24.77 36.94 23.55
N TYR C 294 24.87 35.64 23.28
CA TYR C 294 25.82 34.69 23.95
C TYR C 294 27.26 35.05 23.57
N ALA C 295 27.50 35.26 22.26
CA ALA C 295 28.74 35.79 21.62
C ALA C 295 29.30 37.01 22.39
N SER C 296 28.45 37.98 22.74
CA SER C 296 28.80 39.25 23.44
C SER C 296 29.31 38.98 24.87
N ILE C 297 28.61 38.10 25.61
CA ILE C 297 28.82 37.81 27.06
C ILE C 297 30.11 36.99 27.25
N VAL C 298 30.32 35.93 26.43
CA VAL C 298 31.45 34.96 26.55
C VAL C 298 32.66 35.44 25.70
N GLY C 299 32.43 36.11 24.56
CA GLY C 299 33.48 36.59 23.64
C GLY C 299 33.83 35.56 22.57
N VAL C 300 32.82 35.15 21.77
CA VAL C 300 32.91 34.21 20.61
C VAL C 300 32.46 34.96 19.34
N ASP C 301 33.32 35.02 18.30
CA ASP C 301 33.05 35.73 17.02
C ASP C 301 33.10 34.72 15.84
N LEU C 302 32.16 34.89 14.89
CA LEU C 302 31.89 33.99 13.72
C LEU C 302 32.47 34.68 12.46
N LEU C 328 19.46 18.10 0.39
CA LEU C 328 20.16 16.95 -0.28
C LEU C 328 19.50 15.61 0.13
N GLU C 329 19.25 15.39 1.43
CA GLU C 329 18.76 14.09 2.02
C GLU C 329 17.61 14.35 3.01
N GLU C 330 16.77 15.34 2.71
CA GLU C 330 15.48 15.64 3.41
C GLU C 330 14.32 15.13 2.54
N ILE C 331 14.64 14.40 1.46
CA ILE C 331 13.68 13.75 0.51
C ILE C 331 13.54 12.26 0.90
N THR C 332 14.66 11.58 1.20
CA THR C 332 14.69 10.20 1.75
C THR C 332 13.95 10.17 3.09
N LYS C 333 14.02 11.25 3.86
CA LYS C 333 13.25 11.46 5.12
C LYS C 333 11.76 11.39 4.84
N ASP C 334 11.29 12.17 3.87
CA ASP C 334 9.85 12.44 3.63
C ASP C 334 9.15 11.18 3.11
N HIS C 335 9.90 10.29 2.46
CA HIS C 335 9.41 8.94 2.12
C HIS C 335 9.24 8.15 3.42
N LYS C 336 10.31 8.01 4.20
CA LYS C 336 10.34 7.16 5.43
C LYS C 336 9.26 7.59 6.42
N VAL C 337 8.92 8.88 6.44
CA VAL C 337 7.72 9.41 7.16
C VAL C 337 6.48 8.64 6.66
N LEU C 338 6.26 8.62 5.33
CA LEU C 338 5.09 7.97 4.68
C LEU C 338 5.02 6.48 5.04
N ALA C 339 6.16 5.78 4.92
CA ALA C 339 6.24 4.34 5.24
C ALA C 339 5.88 4.11 6.72
N ARG C 340 6.46 4.92 7.62
CA ARG C 340 6.20 4.91 9.08
C ARG C 340 4.68 5.00 9.30
N GLN C 341 4.03 6.00 8.69
CA GLN C 341 2.58 6.27 8.85
C GLN C 341 1.75 5.12 8.31
N GLN C 342 2.10 4.63 7.11
CA GLN C 342 1.49 3.44 6.46
C GLN C 342 1.57 2.21 7.37
N LEU C 343 2.74 1.98 7.99
CA LEU C 343 2.95 0.88 8.96
C LEU C 343 1.96 1.03 10.12
N GLN C 344 1.92 2.21 10.74
CA GLN C 344 1.03 2.50 11.89
C GLN C 344 -0.39 2.05 11.57
N VAL C 345 -0.91 2.35 10.36
CA VAL C 345 -2.36 2.11 10.07
C VAL C 345 -2.58 0.61 9.90
N LEU C 346 -1.64 -0.10 9.29
CA LEU C 346 -1.71 -1.58 9.15
C LEU C 346 -1.73 -2.25 10.52
N ALA C 347 -0.86 -1.79 11.43
CA ALA C 347 -0.80 -2.22 12.85
C ALA C 347 -2.17 -2.04 13.51
N ARG C 348 -2.72 -0.83 13.40
CA ARG C 348 -4.01 -0.45 14.01
C ARG C 348 -5.11 -1.35 13.45
N TYR C 349 -5.01 -1.74 12.19
CA TYR C 349 -5.96 -2.66 11.51
C TYR C 349 -5.82 -4.08 12.05
N LEU C 350 -4.58 -4.49 12.35
CA LEU C 350 -4.26 -5.86 12.84
C LEU C 350 -4.43 -6.02 14.35
N LYS C 351 -4.94 -4.99 15.06
CA LYS C 351 -5.05 -4.92 16.55
C LYS C 351 -3.70 -5.34 17.15
N MET C 352 -2.65 -4.74 16.65
CA MET C 352 -1.24 -5.11 16.94
C MET C 352 -0.61 -3.93 17.68
N ASP C 353 0.21 -4.24 18.67
CA ASP C 353 0.70 -3.26 19.67
C ASP C 353 2.23 -3.24 19.62
N LEU C 354 2.80 -2.28 18.88
CA LEU C 354 4.26 -2.25 18.58
C LEU C 354 5.09 -1.78 19.78
N ASP C 355 4.47 -1.55 20.94
CA ASP C 355 5.14 -1.07 22.18
C ASP C 355 5.01 -2.12 23.29
N ASN C 356 3.94 -2.91 23.29
CA ASN C 356 3.71 -4.04 24.23
C ASN C 356 5.03 -4.66 24.69
N GLY C 357 5.95 -4.93 23.78
CA GLY C 357 7.30 -5.45 24.07
C GLY C 357 8.06 -4.56 25.01
N GLU C 358 8.35 -3.33 24.59
CA GLU C 358 9.11 -2.30 25.36
C GLU C 358 8.40 -1.96 26.68
N ARG C 359 7.07 -1.98 26.75
CA ARG C 359 6.32 -1.68 27.99
C ARG C 359 6.66 -2.74 29.04
N LYS C 360 6.38 -4.00 28.74
CA LYS C 360 6.67 -5.16 29.61
C LYS C 360 8.13 -5.13 30.07
N PHE C 361 9.04 -4.71 29.19
CA PHE C 361 10.48 -4.65 29.48
C PHE C 361 10.73 -3.64 30.59
N LEU C 362 10.28 -2.40 30.38
CA LEU C 362 10.48 -1.28 31.35
C LEU C 362 9.95 -1.69 32.73
N LYS C 363 8.82 -2.38 32.75
CA LYS C 363 8.15 -2.85 33.98
C LYS C 363 8.98 -3.96 34.65
N GLU C 364 9.70 -4.83 33.91
CA GLU C 364 10.68 -5.83 34.46
C GLU C 364 11.98 -5.16 34.91
N LYS C 365 12.46 -4.14 34.21
CA LYS C 365 13.71 -3.45 34.58
C LYS C 365 13.54 -2.83 35.99
N ASP C 366 12.30 -2.45 36.34
CA ASP C 366 11.92 -1.92 37.68
C ASP C 366 11.99 -3.00 38.75
N THR C 367 11.40 -4.18 38.50
CA THR C 367 11.44 -5.32 39.45
C THR C 367 12.87 -5.82 39.67
N VAL C 368 13.79 -5.57 38.74
CA VAL C 368 15.23 -5.95 38.90
C VAL C 368 15.85 -4.96 39.86
N ALA C 369 15.78 -3.67 39.55
CA ALA C 369 16.32 -2.57 40.37
C ALA C 369 15.84 -2.78 41.81
N GLU C 370 14.59 -3.19 41.98
CA GLU C 370 13.91 -3.40 43.28
C GLU C 370 14.59 -4.57 44.02
N LEU C 371 14.78 -5.71 43.35
CA LEU C 371 15.43 -6.92 43.92
C LEU C 371 16.92 -6.68 44.10
N GLN C 372 17.55 -5.92 43.23
CA GLN C 372 18.99 -5.60 43.38
C GLN C 372 19.17 -4.69 44.59
N ALA C 373 18.18 -3.88 44.96
CA ALA C 373 18.21 -3.00 46.14
C ALA C 373 18.15 -3.84 47.40
N GLN C 374 17.23 -4.81 47.43
CA GLN C 374 17.03 -5.76 48.54
C GLN C 374 18.28 -6.58 48.80
N LEU C 375 19.02 -6.89 47.75
CA LEU C 375 20.17 -7.83 47.77
C LEU C 375 21.45 -7.07 48.08
N ASP C 376 21.53 -5.83 47.61
CA ASP C 376 22.63 -4.90 47.93
C ASP C 376 22.52 -4.52 49.40
N TYR C 377 21.30 -4.41 49.92
CA TYR C 377 21.05 -4.09 51.35
C TYR C 377 21.67 -5.16 52.24
N LEU C 378 21.31 -6.42 52.00
CA LEU C 378 21.77 -7.59 52.79
C LEU C 378 23.30 -7.72 52.70
N ASN C 379 23.93 -7.38 51.58
CA ASN C 379 25.42 -7.36 51.54
C ASN C 379 25.93 -6.26 52.47
N ALA C 380 25.25 -5.12 52.55
CA ALA C 380 25.64 -4.00 53.45
C ALA C 380 25.63 -4.47 54.91
N GLU C 381 24.53 -5.13 55.30
CA GLU C 381 24.25 -5.63 56.67
C GLU C 381 25.16 -6.80 57.08
N LEU C 382 25.28 -7.84 56.26
CA LEU C 382 26.00 -9.07 56.66
C LEU C 382 27.45 -9.01 56.19
N GLY C 383 27.67 -8.35 55.06
CA GLY C 383 29.01 -8.24 54.48
C GLY C 383 29.14 -9.21 53.34
N GLU C 384 30.09 -8.96 52.45
CA GLU C 384 30.43 -9.86 51.33
C GLU C 384 30.80 -11.21 51.93
N PHE C 385 31.68 -11.21 52.94
CA PHE C 385 32.36 -12.45 53.42
C PHE C 385 31.35 -13.49 53.88
N PHE C 386 30.29 -13.05 54.52
CA PHE C 386 29.22 -13.88 55.13
C PHE C 386 28.25 -14.35 54.07
N VAL C 387 27.96 -13.56 53.04
CA VAL C 387 26.97 -13.92 51.97
C VAL C 387 27.62 -14.94 51.02
N ASN C 388 28.88 -14.77 50.66
CA ASN C 388 29.68 -15.76 49.90
C ASN C 388 29.93 -17.01 50.76
N GLY C 389 30.30 -16.79 52.03
CA GLY C 389 30.64 -17.83 53.03
C GLY C 389 29.54 -18.86 53.19
N VAL C 390 28.31 -18.47 52.99
CA VAL C 390 27.09 -19.17 53.48
C VAL C 390 26.51 -20.02 52.35
N ALA C 391 27.27 -20.18 51.26
CA ALA C 391 26.91 -20.99 50.08
C ALA C 391 26.88 -22.46 50.46
N THR C 392 25.97 -23.24 49.86
CA THR C 392 25.79 -24.70 50.09
C THR C 392 26.90 -25.42 49.32
N SER C 393 27.66 -26.27 50.01
CA SER C 393 28.71 -27.16 49.46
C SER C 393 28.20 -28.60 49.37
N PHE C 394 27.39 -29.05 50.33
CA PHE C 394 26.97 -30.47 50.49
C PHE C 394 25.98 -30.91 49.43
N SER C 395 26.28 -32.02 48.76
CA SER C 395 25.34 -32.91 48.03
C SER C 395 25.52 -34.34 48.53
N ARG C 396 24.48 -35.17 48.44
CA ARG C 396 24.57 -36.60 48.78
C ARG C 396 25.35 -37.35 47.72
N LYS C 397 25.23 -36.91 46.48
CA LYS C 397 25.85 -37.58 45.34
C LYS C 397 27.34 -37.32 45.38
N LYS C 398 27.82 -36.33 46.13
CA LYS C 398 29.28 -36.13 46.28
C LYS C 398 29.85 -36.96 47.43
N ALA C 399 29.06 -37.72 48.18
CA ALA C 399 29.61 -38.48 49.32
C ALA C 399 30.44 -39.67 48.82
N ARG C 400 31.70 -39.82 49.27
CA ARG C 400 32.67 -40.88 48.91
C ARG C 400 32.82 -41.88 50.06
N THR C 401 32.31 -43.10 49.92
CA THR C 401 32.52 -44.15 50.93
C THR C 401 33.82 -44.89 50.64
N PHE C 402 34.64 -45.10 51.69
CA PHE C 402 35.83 -45.98 51.70
C PHE C 402 35.57 -47.09 52.72
N ASP C 403 35.50 -48.35 52.27
CA ASP C 403 35.24 -49.54 53.14
C ASP C 403 36.03 -50.79 52.76
N SER C 404 37.02 -50.80 51.88
CA SER C 404 37.57 -52.09 51.33
C SER C 404 38.89 -52.46 52.03
N SER C 405 38.86 -52.60 53.36
CA SER C 405 40.03 -52.91 54.20
C SER C 405 40.51 -54.33 53.93
N TRP C 406 39.62 -55.24 53.53
CA TRP C 406 40.02 -56.61 53.13
C TRP C 406 41.10 -56.61 52.04
N ASN C 407 41.03 -55.68 51.08
CA ASN C 407 42.04 -55.53 50.00
C ASN C 407 43.28 -54.77 50.50
N TRP C 408 43.12 -53.84 51.43
CA TRP C 408 44.19 -52.89 51.82
C TRP C 408 45.09 -53.53 52.85
N ALA C 409 44.64 -54.61 53.47
CA ALA C 409 45.45 -55.43 54.38
C ALA C 409 46.54 -56.15 53.57
N LYS C 410 46.14 -56.79 52.47
CA LYS C 410 47.07 -57.56 51.61
C LYS C 410 48.06 -56.59 50.98
N GLN C 411 47.66 -55.38 50.60
CA GLN C 411 48.54 -54.42 49.90
C GLN C 411 49.57 -53.92 50.90
N SER C 412 49.16 -53.72 52.13
CA SER C 412 49.96 -53.10 53.22
C SER C 412 51.04 -54.07 53.65
N LEU C 413 50.72 -55.36 53.57
CA LEU C 413 51.61 -56.46 54.03
C LEU C 413 52.72 -56.67 53.00
N LEU C 414 52.35 -56.66 51.73
CA LEU C 414 53.31 -56.75 50.60
C LEU C 414 54.20 -55.49 50.58
N SER C 415 53.65 -54.30 50.74
CA SER C 415 54.42 -53.04 50.84
C SER C 415 55.44 -53.08 51.99
N LEU C 416 55.12 -53.73 53.10
CA LEU C 416 56.03 -53.86 54.26
C LEU C 416 57.09 -54.87 53.91
N TYR C 417 56.70 -55.98 53.29
CA TYR C 417 57.59 -57.12 52.90
C TYR C 417 58.75 -56.62 52.04
N PHE C 418 58.45 -55.95 50.93
CA PHE C 418 59.49 -55.39 50.02
C PHE C 418 60.25 -54.22 50.65
N GLU C 419 59.64 -53.37 51.47
CA GLU C 419 60.37 -52.30 52.22
C GLU C 419 61.46 -52.92 53.13
N ILE C 420 61.20 -54.06 53.74
CA ILE C 420 62.18 -54.74 54.63
C ILE C 420 63.25 -55.44 53.76
N ILE C 421 62.87 -55.98 52.61
CA ILE C 421 63.80 -56.72 51.70
C ILE C 421 64.75 -55.74 51.01
N HIS C 422 64.29 -54.52 50.69
CA HIS C 422 65.12 -53.48 50.06
C HIS C 422 65.77 -52.58 51.12
N GLY C 423 65.72 -52.98 52.40
CA GLY C 423 66.34 -52.25 53.52
C GLY C 423 65.95 -50.76 53.58
N VAL C 424 64.66 -50.45 53.40
CA VAL C 424 64.07 -49.10 53.63
C VAL C 424 63.64 -48.99 55.09
N LEU C 425 62.98 -50.04 55.62
CA LEU C 425 62.73 -50.27 57.06
C LEU C 425 63.72 -51.32 57.57
N LYS C 426 64.42 -51.02 58.67
CA LYS C 426 65.33 -51.93 59.42
C LYS C 426 64.60 -52.47 60.65
N ASN C 427 65.24 -53.39 61.40
CA ASN C 427 64.68 -54.03 62.62
C ASN C 427 64.62 -53.04 63.79
N VAL C 428 65.20 -51.84 63.65
CA VAL C 428 65.25 -50.76 64.69
C VAL C 428 64.08 -49.77 64.50
N ASP C 429 63.60 -49.58 63.27
CA ASP C 429 62.54 -48.60 62.89
C ASP C 429 61.25 -48.97 63.64
N ARG C 430 60.49 -47.96 64.08
CA ARG C 430 59.20 -48.17 64.78
C ARG C 430 58.09 -48.33 63.77
N GLU C 431 58.33 -47.90 62.52
CA GLU C 431 57.29 -47.97 61.46
C GLU C 431 56.96 -49.45 61.21
N VAL C 432 57.91 -50.37 61.32
CA VAL C 432 57.62 -51.83 61.16
C VAL C 432 56.67 -52.32 62.27
N VAL C 433 56.69 -51.71 63.47
CA VAL C 433 55.71 -52.03 64.55
C VAL C 433 54.34 -51.42 64.22
N SER C 434 54.28 -50.09 64.11
CA SER C 434 53.13 -49.29 63.64
C SER C 434 52.39 -50.02 62.52
N GLU C 435 53.13 -50.50 61.52
CA GLU C 435 52.59 -51.16 60.30
C GLU C 435 52.06 -52.52 60.68
N ALA C 436 52.74 -53.25 61.59
CA ALA C 436 52.32 -54.58 62.08
C ALA C 436 50.95 -54.46 62.73
N ILE C 437 50.77 -53.49 63.61
CA ILE C 437 49.48 -53.20 64.32
C ILE C 437 48.36 -53.11 63.30
N ASN C 438 48.56 -52.37 62.22
CA ASN C 438 47.52 -52.10 61.19
C ASN C 438 47.21 -53.36 60.37
N ILE C 439 48.12 -54.34 60.30
CA ILE C 439 47.89 -55.65 59.62
C ILE C 439 47.18 -56.60 60.60
N MET C 440 47.43 -56.47 61.89
CA MET C 440 46.70 -57.27 62.93
C MET C 440 45.27 -56.75 63.01
N ASN C 441 45.12 -55.43 63.03
CA ASN C 441 43.83 -54.75 63.11
C ASN C 441 42.96 -55.12 61.92
N ARG C 442 43.52 -55.63 60.83
CA ARG C 442 42.72 -56.08 59.65
C ARG C 442 42.79 -57.59 59.47
N SER C 443 43.18 -58.34 60.51
CA SER C 443 43.45 -59.80 60.40
C SER C 443 42.16 -60.53 60.02
N ASN C 444 42.21 -61.32 58.94
CA ASN C 444 41.17 -62.32 58.58
C ASN C 444 41.82 -63.53 57.91
N ASP C 445 41.07 -64.62 57.72
CA ASP C 445 41.60 -65.92 57.21
C ASP C 445 42.37 -65.72 55.91
N ALA C 446 41.87 -64.91 54.97
CA ALA C 446 42.49 -64.64 53.64
C ALA C 446 43.88 -64.04 53.81
N LEU C 447 44.00 -63.14 54.78
CA LEU C 447 45.22 -62.35 55.06
C LEU C 447 46.24 -63.26 55.74
N ILE C 448 45.83 -64.35 56.38
CA ILE C 448 46.80 -65.31 56.97
C ILE C 448 47.25 -66.33 55.91
N LYS C 449 46.34 -66.83 55.08
CA LYS C 449 46.72 -67.63 53.91
C LYS C 449 47.73 -66.82 53.10
N PHE C 450 47.53 -65.51 53.01
CA PHE C 450 48.37 -64.61 52.16
C PHE C 450 49.75 -64.44 52.81
N MET C 451 49.79 -64.09 54.08
CA MET C 451 51.06 -63.89 54.79
C MET C 451 51.80 -65.21 54.87
N GLU C 452 51.12 -66.35 54.96
CA GLU C 452 51.78 -67.69 55.07
C GLU C 452 52.57 -67.98 53.79
N TYR C 453 51.97 -67.82 52.62
CA TYR C 453 52.63 -68.03 51.33
C TYR C 453 53.82 -67.08 51.14
N HIS C 454 53.66 -65.79 51.43
CA HIS C 454 54.71 -64.77 51.14
C HIS C 454 55.92 -64.94 52.06
N ILE C 455 55.72 -65.54 53.23
CA ILE C 455 56.74 -65.63 54.31
C ILE C 455 57.30 -67.03 54.38
N SER C 456 56.58 -68.04 53.89
CA SER C 456 57.05 -69.45 53.86
C SER C 456 57.66 -69.79 52.49
N ASN C 457 57.88 -68.80 51.63
CA ASN C 457 58.53 -68.94 50.30
C ASN C 457 59.54 -67.80 50.10
N THR C 458 60.14 -67.28 51.18
CA THR C 458 61.36 -66.43 51.07
C THR C 458 62.55 -67.32 51.40
N ASP C 459 63.55 -67.33 50.52
CA ASP C 459 64.85 -68.02 50.67
C ASP C 459 65.72 -67.14 51.57
N GLU C 460 65.90 -67.53 52.84
CA GLU C 460 66.65 -66.73 53.85
C GLU C 460 68.15 -66.72 53.52
N THR C 461 68.61 -67.63 52.66
CA THR C 461 70.01 -67.73 52.17
C THR C 461 70.36 -66.49 51.33
N LYS C 462 69.36 -65.94 50.65
CA LYS C 462 69.46 -64.91 49.57
C LYS C 462 70.02 -63.59 50.09
N GLY C 463 70.02 -63.36 51.41
CA GLY C 463 70.59 -62.15 52.03
C GLY C 463 70.09 -61.93 53.44
N GLU C 464 70.75 -61.04 54.18
CA GLU C 464 70.47 -60.74 55.61
C GLU C 464 69.03 -60.19 55.77
N ASN C 465 68.60 -59.36 54.81
CA ASN C 465 67.25 -58.73 54.77
C ASN C 465 66.17 -59.76 54.43
N TYR C 466 66.51 -60.88 53.80
CA TYR C 466 65.58 -62.02 53.59
C TYR C 466 65.45 -62.84 54.88
N GLN C 467 66.46 -62.82 55.76
CA GLN C 467 66.36 -63.50 57.08
C GLN C 467 65.44 -62.66 57.96
N LEU C 468 65.57 -61.33 57.90
CA LEU C 468 64.82 -60.38 58.75
C LEU C 468 63.32 -60.54 58.50
N VAL C 469 62.93 -60.58 57.23
CA VAL C 469 61.50 -60.55 56.80
C VAL C 469 60.85 -61.87 57.16
N LYS C 470 61.62 -62.95 57.14
CA LYS C 470 61.09 -64.31 57.43
C LYS C 470 60.91 -64.43 58.95
N THR C 471 61.81 -63.86 59.76
CA THR C 471 61.75 -63.89 61.24
C THR C 471 60.57 -63.02 61.72
N LEU C 472 60.57 -61.74 61.29
CA LEU C 472 59.46 -60.76 61.47
C LEU C 472 58.16 -61.42 61.04
N GLY C 473 58.11 -61.90 59.80
CA GLY C 473 56.92 -62.50 59.17
C GLY C 473 56.31 -63.59 60.02
N GLU C 474 57.08 -64.64 60.33
CA GLU C 474 56.63 -65.81 61.12
C GLU C 474 55.91 -65.29 62.37
N GLN C 475 56.47 -64.28 63.03
CA GLN C 475 55.89 -63.65 64.26
C GLN C 475 54.53 -63.01 63.95
N LEU C 476 54.51 -62.09 63.00
CA LEU C 476 53.32 -61.35 62.48
C LEU C 476 52.19 -62.30 62.08
N ILE C 477 52.49 -63.50 61.59
CA ILE C 477 51.51 -64.61 61.33
C ILE C 477 51.00 -65.15 62.67
N GLU C 478 51.89 -65.38 63.64
CA GLU C 478 51.53 -65.96 64.95
C GLU C 478 50.60 -64.99 65.69
N ASN C 479 50.93 -63.68 65.66
CA ASN C 479 50.08 -62.57 66.19
C ASN C 479 48.74 -62.56 65.48
N CYS C 480 48.72 -62.35 64.17
CA CYS C 480 47.50 -62.24 63.34
C CYS C 480 46.51 -63.37 63.64
N LYS C 481 46.99 -64.60 63.90
CA LYS C 481 46.14 -65.77 64.25
C LYS C 481 45.55 -65.62 65.66
N GLN C 482 46.33 -65.15 66.66
CA GLN C 482 45.87 -64.92 68.06
C GLN C 482 44.70 -63.92 68.13
N VAL C 483 44.64 -63.00 67.18
CA VAL C 483 43.83 -61.75 67.19
C VAL C 483 42.71 -61.85 66.14
N LEU C 484 42.81 -62.78 65.20
CA LEU C 484 41.62 -63.19 64.40
C LEU C 484 40.46 -63.34 65.40
N ASP C 485 39.29 -62.76 65.11
CA ASP C 485 38.09 -62.87 65.99
C ASP C 485 38.30 -62.14 67.32
N VAL C 486 38.98 -60.99 67.29
CA VAL C 486 39.24 -60.07 68.46
C VAL C 486 39.19 -58.65 67.92
N ASP C 487 38.57 -57.73 68.65
CA ASP C 487 38.23 -56.41 68.11
C ASP C 487 39.50 -55.61 67.98
N PRO C 488 39.60 -54.80 66.92
CA PRO C 488 40.82 -54.05 66.63
C PRO C 488 40.91 -52.83 67.52
N VAL C 489 42.08 -52.22 67.52
CA VAL C 489 42.50 -51.30 68.61
C VAL C 489 43.25 -50.07 68.07
N TYR C 490 42.84 -48.87 68.46
CA TYR C 490 43.75 -47.70 68.49
C TYR C 490 44.88 -48.02 69.47
N LYS C 491 46.10 -48.21 68.97
CA LYS C 491 47.32 -48.24 69.81
C LYS C 491 48.41 -47.43 69.09
N ASP C 492 48.62 -46.17 69.51
CA ASP C 492 49.71 -45.32 68.98
C ASP C 492 51.02 -45.83 69.61
N VAL C 493 52.06 -45.93 68.79
CA VAL C 493 53.36 -46.55 69.17
C VAL C 493 54.51 -45.66 68.67
N ALA C 494 54.19 -44.45 68.22
CA ALA C 494 55.13 -43.46 67.66
C ALA C 494 55.99 -42.89 68.78
N LYS C 495 57.20 -42.40 68.47
CA LYS C 495 58.11 -41.83 69.47
C LYS C 495 57.61 -40.42 69.83
N PRO C 496 57.18 -40.19 71.09
CA PRO C 496 56.67 -38.88 71.50
C PRO C 496 57.79 -37.83 71.55
N THR C 497 57.59 -36.76 70.79
CA THR C 497 58.57 -35.68 70.54
C THR C 497 58.28 -34.52 71.49
N GLY C 498 59.30 -33.71 71.76
CA GLY C 498 59.22 -32.39 72.42
C GLY C 498 59.57 -31.31 71.42
N PRO C 499 59.37 -30.00 71.73
CA PRO C 499 59.86 -28.92 70.88
C PRO C 499 61.30 -28.50 71.24
N LYS C 500 62.04 -28.02 70.23
CA LYS C 500 63.45 -27.54 70.32
C LYS C 500 63.59 -26.31 69.42
N THR C 501 63.91 -25.15 70.00
CA THR C 501 64.24 -23.91 69.25
C THR C 501 65.76 -23.70 69.33
N ALA C 502 66.38 -23.52 68.17
CA ALA C 502 67.83 -23.22 68.01
C ALA C 502 67.97 -21.95 67.17
N ILE C 503 68.91 -21.09 67.57
CA ILE C 503 69.39 -19.91 66.78
C ILE C 503 70.87 -20.14 66.51
N ASP C 504 71.27 -20.21 65.24
CA ASP C 504 72.68 -20.51 64.82
C ASP C 504 73.57 -19.28 65.13
N LYS C 505 74.79 -19.27 64.58
CA LYS C 505 75.78 -18.16 64.67
C LYS C 505 75.26 -16.92 63.92
N ASN C 506 74.66 -17.12 62.74
CA ASN C 506 74.22 -16.07 61.78
C ASN C 506 72.80 -15.60 62.07
N GLY C 507 72.16 -16.09 63.15
CA GLY C 507 70.83 -15.67 63.63
C GLY C 507 69.69 -16.14 62.73
N ASN C 508 69.72 -17.41 62.30
CA ASN C 508 68.58 -18.15 61.67
C ASN C 508 67.90 -19.00 62.75
N ILE C 509 66.58 -18.83 62.91
CA ILE C 509 65.76 -19.56 63.92
C ILE C 509 65.33 -20.89 63.28
N THR C 510 65.76 -22.01 63.87
CA THR C 510 65.38 -23.39 63.48
C THR C 510 64.42 -23.98 64.51
N TYR C 511 63.33 -24.59 64.04
CA TYR C 511 62.39 -25.39 64.86
C TYR C 511 62.48 -26.87 64.45
N SER C 512 62.64 -27.76 65.43
CA SER C 512 62.69 -29.24 65.26
C SER C 512 62.07 -29.94 66.46
N GLU C 513 61.02 -30.75 66.24
CA GLU C 513 60.48 -31.65 67.28
C GLU C 513 61.54 -32.72 67.57
N GLU C 514 61.79 -33.00 68.85
CA GLU C 514 63.03 -33.66 69.34
C GLU C 514 62.71 -34.73 70.37
N PRO C 515 62.89 -36.05 70.06
CA PRO C 515 62.85 -37.11 71.07
C PRO C 515 63.21 -36.69 72.49
N ARG C 516 62.24 -36.83 73.39
CA ARG C 516 62.31 -36.42 74.82
C ARG C 516 63.20 -37.37 75.61
N GLU C 517 63.73 -36.91 76.73
CA GLU C 517 64.37 -37.77 77.76
C GLU C 517 63.25 -38.39 78.62
N LYS C 518 63.34 -39.70 78.89
CA LYS C 518 62.50 -40.42 79.89
C LYS C 518 61.04 -40.58 79.42
N VAL C 519 60.72 -40.25 78.17
CA VAL C 519 59.37 -40.45 77.56
C VAL C 519 59.57 -40.96 76.13
N ARG C 520 59.73 -42.28 75.96
CA ARG C 520 60.09 -42.93 74.66
C ARG C 520 59.04 -43.99 74.32
N LYS C 521 57.77 -43.70 74.66
CA LYS C 521 56.63 -44.65 74.70
C LYS C 521 55.41 -43.84 75.19
N LEU C 522 54.18 -44.29 74.99
CA LEU C 522 52.98 -43.53 75.44
C LEU C 522 52.63 -43.93 76.88
N SER C 523 52.97 -45.15 77.30
CA SER C 523 52.90 -45.60 78.70
C SER C 523 53.52 -44.48 79.57
N GLN C 524 54.75 -44.08 79.22
CA GLN C 524 55.59 -43.12 80.00
C GLN C 524 54.92 -41.74 80.01
N TYR C 525 54.47 -41.29 78.85
CA TYR C 525 53.68 -40.05 78.67
C TYR C 525 52.52 -40.02 79.66
N VAL C 526 51.84 -41.13 80.00
CA VAL C 526 50.68 -41.07 80.95
C VAL C 526 51.17 -40.88 82.40
N GLN C 527 52.23 -41.59 82.82
CA GLN C 527 52.95 -41.36 84.12
C GLN C 527 53.30 -39.88 84.24
N GLU C 528 54.08 -39.34 83.30
CA GLU C 528 54.53 -37.92 83.28
C GLU C 528 53.33 -36.99 83.47
N MET C 529 52.22 -37.29 82.81
CA MET C 529 50.98 -36.47 82.84
C MET C 529 50.35 -36.60 84.22
N ALA C 530 50.42 -37.77 84.84
CA ALA C 530 49.80 -38.05 86.16
C ALA C 530 50.54 -37.29 87.27
N LEU C 531 51.88 -37.34 87.30
CA LEU C 531 52.76 -36.69 88.32
C LEU C 531 52.58 -35.17 88.33
N GLY C 532 52.21 -34.57 87.21
CA GLY C 532 52.05 -33.10 87.09
C GLY C 532 53.42 -32.45 87.01
N GLY C 533 53.76 -31.67 88.03
CA GLY C 533 55.02 -30.91 88.09
C GLY C 533 55.13 -30.06 89.37
N PRO C 534 56.18 -29.23 89.49
CA PRO C 534 56.32 -28.33 90.63
C PRO C 534 55.28 -27.20 90.68
N ILE C 535 54.74 -26.77 89.54
CA ILE C 535 53.84 -25.59 89.40
C ILE C 535 52.37 -26.01 89.57
N THR C 536 52.04 -27.24 89.12
CA THR C 536 50.71 -27.88 89.25
C THR C 536 50.36 -28.16 90.72
N LYS C 537 51.35 -28.15 91.61
CA LYS C 537 51.21 -28.30 93.09
C LYS C 537 50.23 -27.25 93.61
N GLU C 538 49.05 -27.70 94.07
CA GLU C 538 47.98 -26.83 94.65
C GLU C 538 48.26 -26.68 96.16
N SER C 539 48.36 -25.43 96.63
CA SER C 539 48.72 -25.05 98.03
C SER C 539 48.15 -23.65 98.36
N MET C 599 57.12 -48.01 88.38
CA MET C 599 56.46 -48.55 87.15
C MET C 599 57.44 -48.44 85.96
N ASP C 600 57.86 -49.60 85.41
CA ASP C 600 58.89 -49.74 84.34
C ASP C 600 58.74 -51.14 83.70
N VAL C 601 57.94 -51.22 82.63
CA VAL C 601 57.75 -52.43 81.75
C VAL C 601 58.81 -52.36 80.63
N GLU C 602 59.85 -53.21 80.71
CA GLU C 602 60.94 -53.28 79.69
C GLU C 602 60.37 -53.83 78.37
N ASP C 603 60.81 -53.26 77.24
CA ASP C 603 60.29 -53.49 75.87
C ASP C 603 61.46 -53.91 74.97
N ALA C 604 61.38 -53.68 73.66
CA ALA C 604 62.52 -53.79 72.72
C ALA C 604 62.43 -52.76 71.59
N LEU C 605 61.74 -51.62 71.79
CA LEU C 605 61.67 -50.49 70.81
C LEU C 605 63.09 -49.94 70.58
N ASP C 606 63.46 -49.71 69.32
CA ASP C 606 64.73 -49.07 68.87
C ASP C 606 65.93 -49.98 69.17
N LYS C 607 65.75 -51.30 69.06
CA LYS C 607 66.87 -52.30 69.10
C LYS C 607 66.43 -53.60 68.38
N ASP C 608 65.24 -54.12 68.69
CA ASP C 608 64.59 -55.25 67.97
C ASP C 608 63.07 -55.02 68.01
N SER C 609 62.51 -54.53 66.91
CA SER C 609 61.05 -54.36 66.69
C SER C 609 60.36 -55.71 66.44
N THR C 610 61.08 -56.76 66.02
CA THR C 610 60.57 -58.16 65.82
C THR C 610 60.18 -58.76 67.19
N LYS C 611 60.78 -58.29 68.27
CA LYS C 611 60.45 -58.69 69.67
C LYS C 611 59.29 -57.84 70.20
N GLU C 612 59.21 -56.56 69.82
CA GLU C 612 58.08 -55.66 70.16
C GLU C 612 56.82 -56.07 69.37
N VAL C 613 56.99 -56.63 68.17
CA VAL C 613 55.92 -57.28 67.35
C VAL C 613 55.33 -58.48 68.13
N ALA C 614 56.18 -59.36 68.67
CA ALA C 614 55.78 -60.58 69.43
C ALA C 614 54.85 -60.20 70.59
N SER C 615 55.04 -59.01 71.18
CA SER C 615 54.39 -58.52 72.42
C SER C 615 53.14 -57.66 72.15
N LEU C 616 52.59 -57.71 70.92
CA LEU C 616 51.47 -56.83 70.48
C LEU C 616 50.10 -57.40 70.85
N PRO C 617 49.84 -58.73 70.78
CA PRO C 617 48.61 -59.30 71.34
C PRO C 617 48.63 -59.44 72.89
N ASN C 618 49.80 -59.76 73.47
CA ASN C 618 49.99 -60.03 74.91
C ASN C 618 49.45 -58.84 75.72
N LYS C 619 48.24 -58.98 76.24
CA LYS C 619 47.48 -57.93 76.94
C LYS C 619 48.04 -57.77 78.37
N SER C 620 48.91 -56.77 78.58
CA SER C 620 49.66 -56.51 79.84
C SER C 620 48.70 -55.98 80.93
N THR C 621 48.47 -56.79 81.97
CA THR C 621 47.74 -56.42 83.22
C THR C 621 48.75 -55.90 84.26
N ILE C 622 48.39 -54.82 84.95
CA ILE C 622 49.24 -54.17 86.00
C ILE C 622 48.44 -54.16 87.34
N SER C 623 49.14 -54.40 88.45
CA SER C 623 48.60 -54.30 89.83
C SER C 623 48.32 -52.83 90.16
N LYS C 624 49.40 -52.06 90.43
CA LYS C 624 49.31 -50.63 90.81
C LYS C 624 48.99 -49.83 89.54
N THR C 625 47.80 -49.23 89.49
CA THR C 625 47.41 -48.25 88.43
C THR C 625 48.10 -46.92 88.72
N VAL C 626 48.15 -46.04 87.72
CA VAL C 626 48.77 -44.70 87.78
C VAL C 626 47.80 -43.68 88.44
N SER C 627 46.63 -44.10 88.95
CA SER C 627 45.81 -43.33 89.92
C SER C 627 46.57 -43.10 91.25
N SER C 628 47.38 -44.10 91.66
CA SER C 628 48.11 -44.16 92.96
C SER C 628 49.52 -43.55 92.86
N THR C 629 49.97 -43.23 91.64
CA THR C 629 51.22 -42.46 91.37
C THR C 629 50.99 -40.96 91.63
N ILE C 630 49.76 -40.46 91.42
CA ILE C 630 49.36 -39.02 91.50
C ILE C 630 49.67 -38.54 92.91
N PRO C 631 50.73 -37.75 93.15
CA PRO C 631 51.10 -37.39 94.52
C PRO C 631 50.03 -36.45 95.09
N ARG C 632 49.56 -36.71 96.32
CA ARG C 632 48.58 -35.84 97.02
C ARG C 632 49.14 -34.41 97.04
N GLU C 633 48.27 -33.40 97.02
CA GLU C 633 48.65 -31.96 97.01
C GLU C 633 49.32 -31.63 95.67
N THR C 634 48.94 -32.31 94.57
CA THR C 634 49.43 -32.05 93.18
C THR C 634 48.35 -32.42 92.15
N ILE C 635 48.11 -31.53 91.20
CA ILE C 635 47.12 -31.71 90.09
C ILE C 635 47.84 -32.31 88.89
N PRO C 636 47.34 -33.41 88.29
CA PRO C 636 47.93 -33.95 87.07
C PRO C 636 47.85 -32.90 85.94
N PHE C 637 48.54 -33.13 84.85
CA PHE C 637 48.49 -32.23 83.68
C PHE C 637 47.17 -32.48 82.93
N LEU C 638 46.78 -33.74 82.70
CA LEU C 638 45.43 -34.12 82.20
C LEU C 638 44.52 -34.44 83.40
N HIS C 639 43.39 -33.76 83.56
CA HIS C 639 42.47 -34.05 84.68
C HIS C 639 41.02 -33.71 84.33
N LEU C 640 40.08 -34.49 84.87
CA LEU C 640 38.65 -34.17 84.77
C LEU C 640 38.29 -33.27 85.93
N ARG C 641 37.26 -32.45 85.74
CA ARG C 641 36.76 -31.53 86.77
C ARG C 641 35.38 -31.99 87.23
N LYS C 642 34.89 -31.39 88.29
CA LYS C 642 33.55 -31.64 88.87
C LYS C 642 32.93 -30.30 89.26
N LYS C 643 31.66 -30.11 88.95
CA LYS C 643 30.91 -28.89 89.29
C LYS C 643 30.58 -28.96 90.79
N THR C 644 30.95 -27.91 91.53
CA THR C 644 30.72 -27.75 92.99
C THR C 644 29.43 -26.96 93.19
N PRO C 645 28.62 -27.19 94.26
CA PRO C 645 27.31 -26.54 94.40
C PRO C 645 27.26 -25.01 94.27
N ALA C 646 28.35 -24.31 94.63
CA ALA C 646 28.59 -22.87 94.35
C ALA C 646 28.47 -22.59 92.85
N GLY C 647 28.96 -23.51 91.99
CA GLY C 647 28.74 -23.52 90.53
C GLY C 647 30.02 -23.37 89.70
N ASP C 648 31.20 -23.37 90.34
CA ASP C 648 32.53 -23.45 89.67
C ASP C 648 32.85 -24.91 89.35
N TRP C 649 33.86 -25.17 88.50
CA TRP C 649 34.39 -26.52 88.24
C TRP C 649 35.80 -26.64 88.85
N LYS C 650 35.99 -27.53 89.82
CA LYS C 650 37.30 -27.80 90.47
C LYS C 650 37.83 -29.16 90.05
N TYR C 651 39.14 -29.32 89.97
CA TYR C 651 39.84 -30.63 89.94
C TYR C 651 39.18 -31.59 90.92
N ASP C 652 38.48 -32.61 90.42
CA ASP C 652 38.11 -33.80 91.22
C ASP C 652 39.19 -34.86 91.04
N ARG C 653 39.78 -35.34 92.14
CA ARG C 653 40.88 -36.35 92.15
C ARG C 653 40.36 -37.70 91.61
N GLN C 654 39.14 -38.06 91.98
CA GLN C 654 38.60 -39.43 91.85
C GLN C 654 38.07 -39.64 90.41
N LEU C 655 37.33 -38.71 89.83
CA LEU C 655 37.00 -38.65 88.37
C LEU C 655 38.29 -38.74 87.56
N SER C 656 39.25 -37.87 87.89
CA SER C 656 40.53 -37.69 87.16
C SER C 656 41.32 -38.99 87.15
N SER C 657 41.23 -39.82 88.20
CA SER C 657 41.93 -41.14 88.30
C SER C 657 41.38 -42.08 87.22
N LEU C 658 40.08 -42.37 87.32
CA LEU C 658 39.27 -43.11 86.32
C LEU C 658 39.69 -42.78 84.88
N PHE C 659 39.82 -41.50 84.55
CA PHE C 659 40.24 -41.00 83.20
C PHE C 659 41.64 -41.48 82.86
N LEU C 660 42.61 -41.22 83.74
CA LEU C 660 44.06 -41.52 83.56
C LEU C 660 44.31 -43.03 83.56
N ASP C 661 43.55 -43.80 84.36
CA ASP C 661 43.60 -45.30 84.38
C ASP C 661 43.13 -45.85 83.03
N GLY C 662 42.05 -45.31 82.46
CA GLY C 662 41.61 -45.66 81.09
C GLY C 662 42.70 -45.34 80.06
N LEU C 663 43.49 -44.32 80.34
CA LEU C 663 44.49 -43.74 79.42
C LEU C 663 45.78 -44.56 79.52
N GLU C 664 46.07 -45.11 80.70
CA GLU C 664 47.22 -46.02 80.98
C GLU C 664 47.02 -47.32 80.17
N LYS C 665 45.78 -47.81 80.12
CA LYS C 665 45.40 -49.10 79.49
C LYS C 665 45.37 -48.94 77.97
N ALA C 666 44.78 -47.85 77.50
CA ALA C 666 44.83 -47.39 76.10
C ALA C 666 46.27 -47.48 75.60
N ALA C 667 47.24 -47.11 76.44
CA ALA C 667 48.65 -46.98 76.03
C ALA C 667 49.29 -48.37 75.97
N PHE C 668 49.03 -49.24 76.96
CA PHE C 668 49.50 -50.65 76.98
C PHE C 668 48.69 -51.45 75.96
N ASN C 669 47.40 -51.69 76.27
CA ASN C 669 46.53 -52.68 75.61
C ASN C 669 45.88 -52.04 74.36
N GLY C 670 45.45 -50.78 74.43
CA GLY C 670 44.77 -50.07 73.34
C GLY C 670 43.25 -50.12 73.49
N VAL C 671 42.56 -49.25 72.78
CA VAL C 671 41.10 -48.93 72.96
C VAL C 671 40.39 -49.50 71.74
N THR C 672 39.18 -50.04 71.86
CA THR C 672 38.35 -50.31 70.65
C THR C 672 37.23 -49.28 70.50
N PHE C 673 36.81 -49.07 69.27
CA PHE C 673 35.73 -48.16 68.87
C PHE C 673 34.83 -48.92 67.91
N LYS C 674 34.85 -50.25 67.97
CA LYS C 674 33.98 -51.11 67.17
C LYS C 674 32.55 -50.68 67.53
N ASP C 675 31.71 -50.46 66.52
CA ASP C 675 30.25 -50.23 66.68
C ASP C 675 29.98 -48.79 67.11
N LYS C 676 31.02 -47.97 67.26
CA LYS C 676 30.92 -46.52 67.51
C LYS C 676 30.74 -45.85 66.15
N TYR C 677 29.73 -45.00 65.98
CA TYR C 677 29.48 -44.20 64.74
C TYR C 677 29.72 -42.73 65.03
N VAL C 678 30.54 -42.07 64.24
CA VAL C 678 31.06 -40.72 64.58
C VAL C 678 30.87 -39.74 63.43
N LEU C 679 30.39 -38.51 63.70
CA LEU C 679 30.51 -37.32 62.79
C LEU C 679 31.71 -36.53 63.28
N ILE C 680 32.63 -36.12 62.41
CA ILE C 680 33.80 -35.28 62.80
C ILE C 680 34.05 -34.21 61.77
N THR C 681 34.08 -32.96 62.18
CA THR C 681 34.20 -31.80 61.26
C THR C 681 35.53 -31.11 61.55
N GLY C 682 36.08 -30.43 60.54
CA GLY C 682 37.39 -29.81 60.65
C GLY C 682 38.41 -30.87 61.00
N ALA C 683 38.46 -31.93 60.20
CA ALA C 683 39.50 -32.97 60.33
C ALA C 683 40.37 -33.04 59.08
N GLY C 684 40.77 -31.89 58.57
CA GLY C 684 41.64 -31.79 57.39
C GLY C 684 43.07 -32.16 57.73
N LYS C 685 43.91 -32.30 56.72
CA LYS C 685 45.34 -32.66 56.86
C LYS C 685 46.06 -31.65 57.76
N GLY C 686 46.81 -32.15 58.74
CA GLY C 686 47.59 -31.33 59.69
C GLY C 686 46.69 -30.62 60.66
N SER C 687 45.98 -31.39 61.51
CA SER C 687 45.01 -30.89 62.53
C SER C 687 44.85 -31.94 63.63
N ILE C 688 44.47 -31.56 64.84
CA ILE C 688 44.07 -32.58 65.86
C ILE C 688 42.91 -33.41 65.27
N GLY C 689 42.03 -32.75 64.52
CA GLY C 689 40.95 -33.41 63.78
C GLY C 689 41.39 -34.70 63.11
N ALA C 690 42.52 -34.68 62.40
CA ALA C 690 42.99 -35.75 61.51
C ALA C 690 43.76 -36.85 62.26
N GLU C 691 44.35 -36.53 63.41
CA GLU C 691 45.05 -37.53 64.24
C GLU C 691 44.05 -38.26 65.14
N VAL C 692 42.82 -37.78 65.17
CA VAL C 692 41.68 -38.36 65.92
C VAL C 692 41.09 -39.33 64.93
N LEU C 693 40.80 -38.82 63.76
CA LEU C 693 40.29 -39.63 62.63
C LEU C 693 41.06 -40.91 62.48
N GLN C 694 42.39 -40.87 62.45
CA GLN C 694 43.29 -42.06 62.36
C GLN C 694 42.98 -43.04 63.51
N GLY C 695 43.04 -42.55 64.73
CA GLY C 695 42.69 -43.32 65.92
C GLY C 695 41.29 -43.90 65.83
N LEU C 696 40.31 -43.16 65.34
CA LEU C 696 38.96 -43.74 65.32
C LEU C 696 39.00 -45.00 64.47
N LEU C 697 39.43 -44.80 63.23
CA LEU C 697 39.45 -45.80 62.16
C LEU C 697 40.27 -46.95 62.68
N GLN C 698 41.33 -46.65 63.41
CA GLN C 698 42.28 -47.70 63.87
C GLN C 698 41.58 -48.67 64.79
N GLY C 699 40.47 -48.29 65.45
CA GLY C 699 39.66 -49.14 66.34
C GLY C 699 38.38 -49.58 65.67
N GLY C 700 38.33 -49.53 64.33
CA GLY C 700 37.16 -49.92 63.52
C GLY C 700 35.89 -49.11 63.82
N ALA C 701 36.01 -47.81 64.14
CA ALA C 701 34.90 -46.85 64.11
C ALA C 701 34.28 -46.73 62.74
N LYS C 702 33.03 -46.26 62.65
CA LYS C 702 32.42 -45.86 61.36
C LYS C 702 32.25 -44.35 61.37
N VAL C 703 33.02 -43.64 60.57
CA VAL C 703 33.15 -42.18 60.71
C VAL C 703 32.64 -41.47 59.46
N VAL C 704 31.84 -40.41 59.67
CA VAL C 704 31.59 -39.38 58.62
C VAL C 704 32.59 -38.25 58.82
N VAL C 705 33.21 -37.76 57.75
CA VAL C 705 34.27 -36.73 57.79
C VAL C 705 33.90 -35.67 56.78
N THR C 706 33.90 -34.43 57.17
CA THR C 706 33.42 -33.35 56.31
C THR C 706 34.65 -32.59 55.89
N THR C 707 34.73 -32.23 54.64
CA THR C 707 35.78 -31.32 54.12
C THR C 707 35.08 -30.07 53.59
N SER C 708 35.69 -28.91 53.83
CA SER C 708 35.33 -27.59 53.25
C SER C 708 35.75 -27.60 51.78
N ARG C 709 36.99 -28.03 51.53
CA ARG C 709 37.66 -27.98 50.20
C ARG C 709 37.71 -29.40 49.64
N PHE C 710 36.68 -29.80 48.90
CA PHE C 710 36.58 -31.11 48.21
C PHE C 710 37.15 -31.03 46.79
N SER C 711 38.01 -31.97 46.46
CA SER C 711 38.96 -31.90 45.34
C SER C 711 39.45 -33.34 45.16
N LYS C 712 40.20 -33.62 44.09
CA LYS C 712 40.89 -34.93 43.90
C LYS C 712 41.99 -35.07 44.96
N GLN C 713 42.73 -34.01 45.22
CA GLN C 713 43.91 -33.97 46.10
C GLN C 713 43.52 -34.36 47.53
N VAL C 714 42.25 -34.24 47.88
CA VAL C 714 41.72 -34.41 49.28
C VAL C 714 41.12 -35.80 49.42
N THR C 715 40.27 -36.13 48.46
CA THR C 715 39.70 -37.47 48.25
C THR C 715 40.82 -38.49 48.20
N ASP C 716 42.04 -38.15 47.71
CA ASP C 716 43.26 -39.02 47.75
C ASP C 716 43.90 -39.05 49.14
N TYR C 717 44.19 -37.93 49.76
CA TYR C 717 44.57 -37.91 51.20
C TYR C 717 43.72 -38.90 52.00
N TYR C 718 42.40 -38.87 51.84
CA TYR C 718 41.46 -39.67 52.68
C TYR C 718 41.52 -41.12 52.27
N GLN C 719 41.59 -41.39 50.97
CA GLN C 719 41.79 -42.78 50.48
C GLN C 719 43.00 -43.40 51.20
N SER C 720 44.07 -42.62 51.40
CA SER C 720 45.39 -43.14 51.83
C SER C 720 45.41 -43.35 53.33
N ILE C 721 44.55 -42.65 54.04
CA ILE C 721 44.49 -42.80 55.51
C ILE C 721 43.71 -44.05 55.76
N TYR C 722 42.55 -44.16 55.11
CA TYR C 722 41.69 -45.34 55.23
C TYR C 722 42.48 -46.56 54.78
N ALA C 723 43.34 -46.47 53.77
CA ALA C 723 44.03 -47.69 53.25
C ALA C 723 45.30 -48.01 54.03
N LYS C 724 45.60 -47.30 55.11
CA LYS C 724 46.73 -47.58 56.01
C LYS C 724 46.23 -47.91 57.42
N TYR C 725 45.01 -47.49 57.79
CA TYR C 725 44.55 -47.36 59.17
C TYR C 725 43.22 -48.06 59.39
N GLY C 726 42.35 -47.99 58.38
CA GLY C 726 41.00 -48.55 58.52
C GLY C 726 41.13 -50.01 58.85
N ALA C 727 40.83 -50.36 60.08
CA ALA C 727 40.83 -51.74 60.60
C ALA C 727 39.57 -52.47 60.16
N LYS C 728 39.46 -53.75 60.49
CA LYS C 728 38.32 -54.59 60.07
C LYS C 728 37.01 -53.98 60.58
N GLY C 729 36.16 -53.50 59.67
CA GLY C 729 34.81 -53.06 60.03
C GLY C 729 34.66 -51.56 60.03
N SER C 730 35.72 -50.82 60.32
CA SER C 730 35.89 -49.39 60.01
C SER C 730 35.18 -49.02 58.71
N THR C 731 34.63 -47.82 58.60
CA THR C 731 34.26 -47.23 57.28
C THR C 731 34.49 -45.73 57.37
N LEU C 732 34.66 -45.08 56.25
CA LEU C 732 34.96 -43.64 56.19
C LEU C 732 34.12 -43.04 55.06
N ILE C 733 33.13 -42.21 55.38
CA ILE C 733 32.39 -41.43 54.35
C ILE C 733 32.96 -40.02 54.39
N VAL C 734 33.34 -39.48 53.25
CA VAL C 734 33.86 -38.11 53.05
C VAL C 734 32.81 -37.36 52.27
N VAL C 735 32.27 -36.31 52.85
CA VAL C 735 31.21 -35.46 52.23
C VAL C 735 31.80 -34.07 52.15
N PRO C 736 31.54 -33.30 51.10
CA PRO C 736 31.81 -31.87 51.13
C PRO C 736 30.80 -31.21 52.05
N PHE C 737 31.10 -30.04 52.59
CA PHE C 737 30.32 -29.50 53.72
C PHE C 737 30.72 -28.08 54.07
N ASN C 738 29.75 -27.21 54.28
CA ASN C 738 30.02 -25.87 54.85
C ASN C 738 29.40 -25.82 56.22
N GLN C 739 30.15 -25.71 57.32
CA GLN C 739 29.51 -25.71 58.68
C GLN C 739 28.83 -24.32 58.87
N GLY C 740 29.23 -23.32 58.11
CA GLY C 740 28.60 -22.00 58.11
C GLY C 740 27.27 -21.95 57.39
N SER C 741 26.89 -23.03 56.73
CA SER C 741 25.58 -23.09 56.04
C SER C 741 24.58 -23.80 56.97
N LYS C 742 23.45 -23.15 57.28
CA LYS C 742 22.35 -23.73 58.08
C LYS C 742 21.90 -24.96 57.31
N GLN C 743 21.68 -24.75 56.02
CA GLN C 743 20.97 -25.69 55.14
C GLN C 743 21.82 -26.92 54.85
N ASP C 744 23.15 -26.85 54.98
CA ASP C 744 24.08 -28.03 54.89
C ASP C 744 24.07 -28.84 56.19
N VAL C 745 24.12 -28.19 57.33
CA VAL C 745 23.96 -28.83 58.65
C VAL C 745 22.64 -29.59 58.69
N GLU C 746 21.58 -29.05 58.09
CA GLU C 746 20.25 -29.71 58.20
C GLU C 746 20.33 -30.96 57.34
N ALA C 747 20.81 -30.76 56.11
CA ALA C 747 21.03 -31.75 55.04
C ALA C 747 21.90 -32.90 55.52
N LEU C 748 22.97 -32.59 56.28
CA LEU C 748 24.06 -33.56 56.59
C LEU C 748 23.48 -34.61 57.55
N ILE C 749 22.72 -34.17 58.51
CA ILE C 749 22.20 -35.06 59.56
C ILE C 749 21.02 -35.81 58.97
N GLU C 750 20.37 -35.23 57.97
CA GLU C 750 19.24 -35.91 57.28
C GLU C 750 19.84 -37.06 56.45
N PHE C 751 20.95 -36.82 55.79
CA PHE C 751 21.66 -37.83 54.95
C PHE C 751 22.23 -38.94 55.83
N ILE C 752 22.75 -38.60 56.98
CA ILE C 752 23.33 -39.61 57.90
C ILE C 752 22.19 -40.50 58.35
N TYR C 753 21.05 -39.97 58.74
CA TYR C 753 20.06 -40.75 59.53
C TYR C 753 19.17 -41.47 58.57
N ASP C 754 18.97 -40.92 57.38
CA ASP C 754 17.98 -41.42 56.39
C ASP C 754 18.36 -42.83 55.98
N THR C 755 17.40 -43.57 55.44
CA THR C 755 17.53 -44.98 55.01
C THR C 755 18.33 -45.05 53.72
N GLU C 756 19.12 -46.11 53.59
CA GLU C 756 19.95 -46.44 52.39
C GLU C 756 19.02 -46.52 51.19
N LYS C 757 17.74 -46.78 51.42
CA LYS C 757 16.71 -46.88 50.37
C LYS C 757 16.40 -45.49 49.81
N ASN C 758 16.22 -44.47 50.67
CA ASN C 758 16.04 -43.03 50.28
C ASN C 758 17.39 -42.33 50.10
N GLY C 759 18.49 -43.07 50.04
CA GLY C 759 19.79 -42.59 49.55
C GLY C 759 20.66 -42.04 50.63
N GLY C 760 20.32 -42.33 51.90
CA GLY C 760 21.09 -41.92 53.09
C GLY C 760 22.03 -43.01 53.51
N LEU C 761 22.38 -43.05 54.79
CA LEU C 761 23.38 -43.98 55.36
C LEU C 761 22.69 -45.03 56.23
N GLY C 762 21.75 -44.63 57.06
CA GLY C 762 21.03 -45.52 57.99
C GLY C 762 21.72 -45.59 59.31
N TRP C 763 22.66 -44.69 59.54
CA TRP C 763 23.45 -44.69 60.79
C TRP C 763 22.67 -44.00 61.89
N ASP C 764 23.25 -44.02 63.08
CA ASP C 764 22.73 -43.32 64.27
C ASP C 764 23.95 -42.96 65.11
N LEU C 765 24.27 -41.67 65.23
CA LEU C 765 25.57 -41.18 65.73
C LEU C 765 25.69 -41.48 67.23
N ASP C 766 26.81 -42.05 67.63
CA ASP C 766 27.23 -42.25 69.04
C ASP C 766 28.27 -41.20 69.46
N ALA C 767 28.74 -40.35 68.56
CA ALA C 767 29.60 -39.21 68.93
C ALA C 767 29.68 -38.17 67.83
N ILE C 768 29.59 -36.92 68.23
CA ILE C 768 29.87 -35.77 67.35
C ILE C 768 31.13 -35.12 67.88
N ILE C 769 32.00 -34.66 66.98
CA ILE C 769 33.27 -33.98 67.31
C ILE C 769 33.41 -32.77 66.38
N PRO C 770 32.72 -31.65 66.67
CA PRO C 770 32.62 -30.52 65.75
C PRO C 770 33.77 -29.53 65.95
N PHE C 771 34.88 -29.75 65.26
CA PHE C 771 36.19 -29.11 65.54
C PHE C 771 36.50 -28.12 64.43
N ALA C 772 35.56 -27.85 63.53
CA ALA C 772 35.70 -26.86 62.45
C ALA C 772 35.89 -25.48 63.03
N ALA C 773 36.61 -24.66 62.29
CA ALA C 773 37.11 -23.35 62.73
C ALA C 773 37.52 -22.60 61.46
N ILE C 774 37.31 -21.29 61.45
CA ILE C 774 38.09 -20.42 60.53
C ILE C 774 39.00 -19.59 61.43
N PRO C 775 40.27 -19.38 61.03
CA PRO C 775 41.22 -18.63 61.83
C PRO C 775 41.00 -17.15 61.54
N GLU C 776 40.91 -16.35 62.59
CA GLU C 776 40.78 -14.88 62.53
C GLU C 776 41.94 -14.35 63.35
N GLN C 777 42.85 -13.61 62.72
CA GLN C 777 44.03 -13.06 63.43
C GLN C 777 44.19 -11.59 63.07
N GLY C 778 44.64 -10.80 64.05
CA GLY C 778 44.78 -9.34 63.95
C GLY C 778 43.44 -8.64 63.91
N ILE C 779 42.39 -9.30 64.37
CA ILE C 779 41.02 -8.75 64.46
C ILE C 779 40.77 -8.45 65.94
N GLU C 780 41.08 -7.22 66.33
CA GLU C 780 40.71 -6.59 67.63
C GLU C 780 39.22 -6.19 67.58
N LEU C 781 38.69 -5.71 68.70
CA LEU C 781 37.26 -5.41 68.85
C LEU C 781 36.82 -4.26 67.92
N GLU C 782 37.70 -3.35 67.54
CA GLU C 782 37.31 -2.29 66.58
C GLU C 782 37.15 -2.90 65.17
N HIS C 783 37.68 -4.08 64.89
CA HIS C 783 37.77 -4.67 63.54
C HIS C 783 36.85 -5.87 63.37
N ILE C 784 36.02 -6.17 64.36
CA ILE C 784 35.01 -7.27 64.27
C ILE C 784 34.07 -6.86 63.14
N ASP C 785 34.04 -7.67 62.07
CA ASP C 785 33.20 -7.44 60.88
C ASP C 785 32.61 -8.79 60.44
N SER C 786 32.48 -9.01 59.13
CA SER C 786 31.69 -10.08 58.52
C SER C 786 32.38 -11.40 58.75
N LYS C 787 33.70 -11.46 58.54
CA LYS C 787 34.50 -12.68 58.77
C LYS C 787 34.27 -13.20 60.21
N SER C 788 34.36 -12.35 61.21
CA SER C 788 34.19 -12.75 62.63
C SER C 788 32.73 -13.13 62.87
N GLU C 789 31.77 -12.44 62.24
CA GLU C 789 30.33 -12.75 62.42
C GLU C 789 30.01 -14.11 61.81
N PHE C 790 30.79 -14.50 60.80
CA PHE C 790 30.57 -15.71 60.00
C PHE C 790 31.25 -16.87 60.69
N ALA C 791 32.46 -16.62 61.17
CA ALA C 791 33.19 -17.56 62.03
C ALA C 791 32.34 -17.88 63.24
N HIS C 792 31.63 -16.91 63.83
CA HIS C 792 30.88 -17.10 65.11
C HIS C 792 29.76 -18.11 64.86
N ARG C 793 29.32 -18.20 63.63
CA ARG C 793 28.23 -19.11 63.20
C ARG C 793 28.80 -20.50 63.02
N ILE C 794 29.97 -20.64 62.40
CA ILE C 794 30.65 -21.96 62.24
C ILE C 794 30.95 -22.57 63.63
N MET C 795 31.56 -21.78 64.51
CA MET C 795 32.16 -22.25 65.75
C MET C 795 31.18 -22.24 66.91
N LEU C 796 29.95 -21.69 66.76
CA LEU C 796 28.90 -21.76 67.82
C LEU C 796 27.49 -21.96 67.27
N THR C 797 26.82 -20.97 66.65
CA THR C 797 25.35 -21.12 66.44
C THR C 797 25.12 -22.39 65.61
N ASN C 798 25.91 -22.69 64.59
CA ASN C 798 25.65 -23.86 63.74
C ASN C 798 26.14 -25.12 64.45
N ILE C 799 27.00 -25.04 65.46
CA ILE C 799 27.29 -26.25 66.30
C ILE C 799 26.00 -26.62 66.99
N LEU C 800 25.36 -25.64 67.63
CA LEU C 800 24.09 -25.78 68.37
C LEU C 800 23.02 -26.30 67.44
N ARG C 801 22.96 -25.79 66.22
CA ARG C 801 21.97 -26.23 65.19
C ARG C 801 22.24 -27.67 64.76
N MET C 802 23.49 -28.11 64.69
CA MET C 802 23.87 -29.52 64.36
C MET C 802 23.52 -30.49 65.51
N MET C 803 23.76 -30.14 66.78
CA MET C 803 23.26 -30.91 67.95
C MET C 803 21.73 -30.79 68.03
N GLY C 804 21.18 -29.66 67.65
CA GLY C 804 19.71 -29.58 67.66
C GLY C 804 19.14 -30.63 66.76
N CYS C 805 19.65 -30.66 65.51
CA CYS C 805 19.26 -31.57 64.42
C CYS C 805 19.34 -33.02 64.88
N VAL C 806 20.43 -33.46 65.54
CA VAL C 806 20.55 -34.92 65.84
C VAL C 806 19.49 -35.23 66.87
N LYS C 807 19.23 -34.38 67.86
CA LYS C 807 18.06 -34.54 68.78
C LYS C 807 16.75 -34.72 68.00
N LYS C 808 16.48 -33.94 66.98
CA LYS C 808 15.21 -34.09 66.20
C LYS C 808 15.18 -35.45 65.48
N GLN C 809 16.25 -35.86 64.80
CA GLN C 809 16.31 -37.16 64.07
C GLN C 809 16.31 -38.36 65.05
N LYS C 810 16.84 -38.20 66.25
CA LYS C 810 16.84 -39.30 67.25
C LYS C 810 15.47 -39.41 67.87
N SER C 811 14.73 -38.31 67.97
CA SER C 811 13.45 -38.29 68.72
C SER C 811 12.40 -38.91 67.81
N ALA C 812 12.22 -38.30 66.64
CA ALA C 812 11.58 -38.85 65.43
C ALA C 812 11.41 -40.37 65.52
N ARG C 813 12.50 -41.10 65.75
CA ARG C 813 12.60 -42.58 65.73
C ARG C 813 12.60 -43.16 67.15
N GLY C 814 12.14 -42.38 68.13
CA GLY C 814 11.99 -42.79 69.54
C GLY C 814 13.24 -43.42 70.11
N ILE C 815 14.41 -42.99 69.64
CA ILE C 815 15.73 -43.45 70.14
C ILE C 815 15.99 -42.67 71.42
N GLU C 816 15.89 -43.33 72.58
CA GLU C 816 16.06 -42.67 73.91
C GLU C 816 17.15 -43.36 74.73
N THR C 817 17.87 -44.33 74.18
CA THR C 817 18.85 -45.14 74.95
C THR C 817 20.19 -45.21 74.22
N ARG C 818 20.37 -44.47 73.12
CA ARG C 818 21.61 -44.49 72.32
C ARG C 818 22.07 -43.06 72.09
N PRO C 819 22.47 -42.36 73.18
CA PRO C 819 22.86 -40.98 73.08
C PRO C 819 24.19 -40.79 72.33
N ALA C 820 24.44 -39.55 71.89
CA ALA C 820 25.64 -39.11 71.16
C ALA C 820 26.50 -38.20 72.02
N GLN C 821 27.69 -38.65 72.36
CA GLN C 821 28.66 -37.82 73.12
C GLN C 821 29.08 -36.68 72.21
N VAL C 822 28.71 -35.44 72.56
CA VAL C 822 29.30 -34.26 71.87
C VAL C 822 30.64 -33.90 72.54
N ILE C 823 31.76 -33.97 71.82
CA ILE C 823 33.10 -33.54 72.32
C ILE C 823 33.34 -32.09 71.88
N LEU C 824 33.18 -31.11 72.77
CA LEU C 824 33.28 -29.67 72.41
C LEU C 824 34.73 -29.23 72.59
N PRO C 825 35.33 -28.60 71.56
CA PRO C 825 36.67 -28.08 71.69
C PRO C 825 36.54 -26.74 72.40
N MET C 826 36.98 -26.70 73.64
CA MET C 826 36.98 -25.51 74.49
C MET C 826 38.38 -24.93 74.49
N SER C 827 38.48 -23.67 74.87
CA SER C 827 39.77 -22.99 75.08
C SER C 827 39.85 -22.79 76.57
N PRO C 828 41.06 -22.68 77.15
CA PRO C 828 41.19 -22.24 78.53
C PRO C 828 41.33 -20.72 78.63
N ASN C 829 41.47 -20.05 77.48
CA ASN C 829 41.94 -18.65 77.36
C ASN C 829 40.88 -17.88 76.59
N HIS C 830 40.01 -17.16 77.30
CA HIS C 830 38.93 -16.34 76.70
C HIS C 830 39.34 -14.88 76.82
N GLY C 831 39.78 -14.29 75.71
CA GLY C 831 40.21 -12.88 75.65
C GLY C 831 41.59 -12.65 76.24
N THR C 832 42.33 -13.70 76.57
CA THR C 832 43.63 -13.57 77.25
C THR C 832 44.74 -13.21 76.26
N PHE C 833 44.58 -13.40 74.95
CA PHE C 833 45.56 -13.01 73.90
C PHE C 833 45.07 -11.77 73.14
N GLY C 834 43.86 -11.83 72.63
CA GLY C 834 43.28 -10.74 71.83
C GLY C 834 43.59 -10.92 70.37
N GLY C 835 42.92 -10.16 69.53
CA GLY C 835 43.13 -10.21 68.07
C GLY C 835 42.66 -11.53 67.49
N ASP C 836 41.75 -12.20 68.21
CA ASP C 836 41.14 -13.49 67.79
C ASP C 836 39.73 -13.22 67.24
N GLY C 837 39.26 -11.97 67.15
CA GLY C 837 37.93 -11.66 66.64
C GLY C 837 36.91 -12.18 67.62
N MET C 838 35.96 -12.98 67.17
CA MET C 838 34.90 -13.49 68.06
C MET C 838 35.17 -14.92 68.52
N TYR C 839 36.41 -15.38 68.42
CA TYR C 839 36.87 -16.75 68.77
C TYR C 839 36.51 -17.08 70.23
N SER C 840 36.95 -16.28 71.20
CA SER C 840 36.70 -16.48 72.65
C SER C 840 35.21 -16.35 73.02
N GLU C 841 34.48 -15.48 72.36
CA GLU C 841 33.02 -15.28 72.56
C GLU C 841 32.33 -16.57 72.06
N SER C 842 32.95 -17.26 71.10
CA SER C 842 32.44 -18.51 70.47
C SER C 842 32.66 -19.67 71.44
N LYS C 843 33.83 -19.73 72.02
CA LYS C 843 34.25 -20.84 72.85
C LYS C 843 33.59 -20.76 74.23
N LEU C 844 33.46 -19.59 74.76
CA LEU C 844 33.00 -19.46 76.15
C LEU C 844 31.50 -19.77 76.23
N SER C 845 30.74 -19.42 75.20
CA SER C 845 29.31 -19.73 75.02
C SER C 845 29.02 -21.24 74.88
N LEU C 846 29.98 -22.08 74.45
CA LEU C 846 29.83 -23.57 74.54
C LEU C 846 29.77 -24.06 75.99
N GLU C 847 30.30 -23.31 76.96
CA GLU C 847 30.25 -23.68 78.39
C GLU C 847 28.83 -23.61 78.95
N THR C 848 27.84 -23.07 78.22
CA THR C 848 26.42 -23.08 78.65
C THR C 848 25.80 -24.46 78.47
N LEU C 849 26.29 -25.29 77.55
CA LEU C 849 25.74 -26.66 77.26
C LEU C 849 25.87 -27.55 78.51
N PHE C 850 26.83 -27.29 79.38
CA PHE C 850 26.99 -28.05 80.63
C PHE C 850 25.79 -27.82 81.53
N ASN C 851 25.18 -26.64 81.46
CA ASN C 851 24.05 -26.32 82.36
C ASN C 851 22.77 -26.77 81.66
N ARG C 852 22.59 -26.36 80.44
CA ARG C 852 21.43 -26.66 79.57
C ARG C 852 21.14 -28.16 79.53
N TRP C 853 22.13 -29.02 79.65
CA TRP C 853 21.91 -30.50 79.67
C TRP C 853 20.97 -30.91 80.80
N HIS C 854 21.06 -30.27 81.98
CA HIS C 854 20.16 -30.46 83.15
C HIS C 854 18.82 -29.71 83.06
N SER C 855 18.71 -28.72 82.19
CA SER C 855 17.62 -27.74 82.22
C SER C 855 16.70 -27.87 81.01
N GLU C 856 17.02 -28.74 80.05
CA GLU C 856 16.20 -28.92 78.83
C GLU C 856 15.85 -30.40 78.67
N SER C 857 15.37 -30.76 77.49
CA SER C 857 14.68 -32.04 77.19
C SER C 857 15.54 -32.87 76.25
N TRP C 858 16.85 -32.64 76.21
CA TRP C 858 17.70 -33.31 75.22
C TRP C 858 18.78 -34.18 75.88
N ALA C 859 18.80 -34.38 77.19
CA ALA C 859 19.85 -35.20 77.84
C ALA C 859 19.84 -36.68 77.43
N ASN C 860 18.78 -37.24 76.86
CA ASN C 860 18.76 -38.68 76.46
C ASN C 860 19.16 -38.85 75.01
N GLN C 861 19.54 -37.79 74.32
CA GLN C 861 19.95 -37.83 72.90
C GLN C 861 21.41 -37.41 72.76
N LEU C 862 21.87 -36.56 73.66
CA LEU C 862 23.16 -35.86 73.61
C LEU C 862 23.75 -35.97 75.01
N THR C 863 25.06 -35.96 75.08
CA THR C 863 25.82 -35.92 76.33
C THR C 863 26.96 -34.99 76.04
N VAL C 864 27.26 -34.06 76.94
CA VAL C 864 28.34 -33.11 76.58
C VAL C 864 29.59 -33.56 77.31
N CYS C 865 30.71 -33.45 76.59
CA CYS C 865 32.06 -33.82 77.02
C CYS C 865 33.01 -32.73 76.53
N GLY C 866 33.12 -31.65 77.29
CA GLY C 866 33.90 -30.46 76.90
C GLY C 866 35.37 -30.70 77.16
N ALA C 867 36.18 -30.63 76.11
CA ALA C 867 37.63 -30.84 76.18
C ALA C 867 38.25 -29.46 76.18
N ILE C 868 39.06 -29.14 77.20
CA ILE C 868 39.79 -27.85 77.27
C ILE C 868 41.15 -28.13 76.66
N ILE C 869 41.23 -27.98 75.34
CA ILE C 869 42.42 -28.38 74.57
C ILE C 869 43.46 -27.28 74.74
N GLY C 870 44.65 -27.68 75.19
CA GLY C 870 45.76 -26.77 75.48
C GLY C 870 46.69 -26.64 74.29
N TRP C 871 47.93 -26.26 74.57
CA TRP C 871 48.89 -25.73 73.58
C TRP C 871 49.36 -26.89 72.71
N THR C 872 48.99 -26.89 71.45
CA THR C 872 49.18 -28.02 70.52
C THR C 872 50.05 -27.55 69.37
N ARG C 873 51.27 -28.04 69.31
CA ARG C 873 52.29 -27.63 68.32
C ARG C 873 51.82 -28.06 66.91
N GLY C 874 51.16 -27.15 66.20
CA GLY C 874 50.63 -27.26 64.82
C GLY C 874 51.25 -28.40 64.04
N THR C 875 52.33 -28.16 63.31
CA THR C 875 53.11 -29.22 62.63
C THR C 875 54.49 -29.28 63.31
N GLY C 876 55.45 -30.04 62.76
CA GLY C 876 56.86 -30.11 63.22
C GLY C 876 57.78 -29.17 62.41
N LEU C 877 57.20 -28.07 61.91
CA LEU C 877 57.89 -26.98 61.14
C LEU C 877 57.73 -25.67 61.96
N MET C 878 58.00 -24.51 61.39
CA MET C 878 57.97 -23.21 62.12
C MET C 878 56.57 -22.57 62.00
N SER C 879 55.73 -22.85 63.01
CA SER C 879 54.50 -22.08 63.39
C SER C 879 54.99 -20.94 64.30
N ALA C 880 54.47 -19.73 64.14
CA ALA C 880 54.82 -18.54 64.96
C ALA C 880 54.72 -18.91 66.44
N ASN C 881 53.72 -19.74 66.78
CA ASN C 881 53.50 -20.26 68.15
C ASN C 881 54.58 -21.30 68.53
N ASN C 882 55.05 -22.15 67.60
CA ASN C 882 55.97 -23.29 67.88
C ASN C 882 57.30 -22.85 68.49
N ILE C 883 57.92 -21.82 67.92
CA ILE C 883 59.32 -21.39 68.27
C ILE C 883 59.45 -21.12 69.78
N ILE C 884 58.34 -20.86 70.49
CA ILE C 884 58.34 -20.48 71.93
C ILE C 884 57.85 -21.62 72.84
N ALA C 885 57.14 -22.61 72.30
CA ALA C 885 56.82 -23.88 73.01
C ALA C 885 57.96 -24.25 73.96
N GLU C 886 59.20 -24.36 73.48
CA GLU C 886 60.36 -24.77 74.33
C GLU C 886 60.42 -23.87 75.57
N GLY C 887 60.11 -22.59 75.38
CA GLY C 887 60.26 -21.51 76.38
C GLY C 887 59.25 -21.62 77.50
N ILE C 888 57.98 -21.82 77.14
CA ILE C 888 56.85 -22.12 78.08
C ILE C 888 57.22 -23.35 78.94
N GLU C 889 57.68 -24.43 78.30
CA GLU C 889 57.96 -25.74 78.94
C GLU C 889 58.94 -25.56 80.12
N LYS C 890 59.83 -24.58 80.04
CA LYS C 890 60.80 -24.23 81.14
C LYS C 890 60.07 -23.74 82.40
N MET C 891 58.84 -23.20 82.28
CA MET C 891 57.97 -22.86 83.45
C MET C 891 57.58 -24.12 84.24
N GLY C 892 57.66 -25.32 83.65
CA GLY C 892 57.26 -26.59 84.30
C GLY C 892 55.88 -27.04 83.86
N VAL C 893 55.59 -26.78 82.59
CA VAL C 893 54.27 -26.89 81.91
C VAL C 893 54.46 -27.86 80.75
N ARG C 894 53.38 -28.35 80.14
CA ARG C 894 53.55 -29.20 78.96
C ARG C 894 52.75 -28.66 77.80
N THR C 895 53.39 -28.65 76.63
CA THR C 895 52.74 -28.61 75.30
C THR C 895 52.70 -30.04 74.74
N PHE C 896 52.06 -30.18 73.59
CA PHE C 896 51.56 -31.44 73.03
C PHE C 896 51.85 -31.44 71.55
N SER C 897 52.27 -32.57 71.00
CA SER C 897 52.10 -32.84 69.56
C SER C 897 50.60 -33.03 69.33
N GLN C 898 50.15 -32.96 68.10
CA GLN C 898 48.78 -33.31 67.70
C GLN C 898 48.50 -34.80 67.97
N LYS C 899 49.47 -35.71 67.79
CA LYS C 899 49.28 -37.16 68.13
C LYS C 899 48.98 -37.37 69.62
N GLU C 900 49.63 -36.60 70.49
CA GLU C 900 49.36 -36.63 71.96
C GLU C 900 47.97 -36.01 72.23
N MET C 901 47.66 -34.85 71.64
CA MET C 901 46.35 -34.22 71.88
C MET C 901 45.26 -35.10 71.29
N ALA C 902 45.57 -35.92 70.29
CA ALA C 902 44.59 -36.87 69.70
C ALA C 902 44.34 -37.96 70.74
N PHE C 903 45.41 -38.60 71.17
CA PHE C 903 45.43 -39.58 72.26
C PHE C 903 44.59 -39.11 73.40
N ASN C 904 44.77 -37.88 73.88
CA ASN C 904 44.06 -37.37 75.09
C ASN C 904 42.55 -37.38 74.83
N LEU C 905 42.12 -36.93 73.66
CA LEU C 905 40.68 -36.76 73.30
C LEU C 905 40.05 -38.10 72.99
N LEU C 906 40.80 -39.07 72.45
CA LEU C 906 40.33 -40.48 72.22
C LEU C 906 40.16 -41.21 73.56
N GLY C 907 40.75 -40.71 74.63
CA GLY C 907 40.51 -41.19 76.00
C GLY C 907 39.15 -40.75 76.54
N LEU C 908 38.50 -39.74 75.94
CA LEU C 908 37.14 -39.27 76.30
C LEU C 908 36.09 -40.02 75.47
N LEU C 909 36.50 -41.04 74.73
CA LEU C 909 35.58 -41.94 74.01
C LEU C 909 35.74 -43.35 74.56
N THR C 910 36.51 -43.53 75.64
CA THR C 910 36.68 -44.89 76.22
C THR C 910 35.37 -45.19 76.93
N PRO C 911 34.97 -46.47 77.12
CA PRO C 911 33.69 -46.78 77.73
C PRO C 911 33.47 -46.38 79.20
N GLU C 912 34.47 -45.84 79.92
CA GLU C 912 34.33 -45.39 81.33
C GLU C 912 33.83 -43.93 81.36
N VAL C 913 34.50 -43.05 80.61
CA VAL C 913 34.13 -41.62 80.50
C VAL C 913 32.94 -41.50 79.55
N VAL C 914 32.61 -42.51 78.76
CA VAL C 914 31.31 -42.51 78.01
C VAL C 914 30.21 -42.78 79.05
N GLU C 915 30.43 -43.76 79.92
CA GLU C 915 29.47 -44.17 80.98
C GLU C 915 29.26 -42.99 81.92
N LEU C 916 30.27 -42.13 82.09
CA LEU C 916 30.29 -40.96 83.03
C LEU C 916 29.54 -39.75 82.44
N CYS C 917 29.83 -39.35 81.21
CA CYS C 917 29.12 -38.35 80.37
C CYS C 917 27.59 -38.52 80.43
N GLN C 918 27.13 -39.76 80.59
CA GLN C 918 25.73 -40.19 80.50
C GLN C 918 25.07 -39.96 81.86
N LYS C 919 25.86 -39.81 82.94
CA LYS C 919 25.36 -39.35 84.26
C LYS C 919 25.29 -37.82 84.28
N SER C 920 26.43 -37.15 84.38
CA SER C 920 26.60 -35.68 84.42
C SER C 920 27.41 -35.28 83.19
N PRO C 921 27.46 -34.00 82.77
CA PRO C 921 28.45 -33.58 81.79
C PRO C 921 29.88 -33.79 82.30
N VAL C 922 30.83 -33.96 81.35
CA VAL C 922 32.28 -34.15 81.67
C VAL C 922 33.11 -32.97 81.16
N MET C 923 33.74 -32.19 82.05
CA MET C 923 34.77 -31.19 81.65
C MET C 923 36.13 -31.87 81.81
N ALA C 924 36.80 -32.12 80.70
CA ALA C 924 38.18 -32.62 80.66
C ALA C 924 39.13 -31.44 80.43
N ASP C 925 40.07 -31.22 81.36
CA ASP C 925 41.14 -30.20 81.25
C ASP C 925 42.41 -30.85 80.71
N LEU C 926 42.59 -30.75 79.39
CA LEU C 926 43.78 -31.26 78.65
C LEU C 926 44.73 -30.12 78.31
N ASN C 927 44.57 -29.01 79.01
CA ASN C 927 45.58 -27.94 79.14
C ASN C 927 46.59 -28.47 80.15
N GLY C 928 47.88 -28.33 79.87
CA GLY C 928 48.94 -29.04 80.60
C GLY C 928 49.58 -28.14 81.65
N GLY C 929 48.77 -27.55 82.52
CA GLY C 929 49.25 -26.65 83.57
C GLY C 929 49.40 -25.21 83.13
N LEU C 930 48.94 -24.81 81.95
CA LEU C 930 49.05 -23.38 81.52
C LEU C 930 48.08 -22.49 82.29
N GLN C 931 47.17 -23.02 83.11
CA GLN C 931 46.31 -22.18 84.02
C GLN C 931 47.23 -21.48 85.04
N PHE C 932 48.34 -22.13 85.44
CA PHE C 932 49.17 -21.78 86.61
C PHE C 932 50.39 -20.92 86.23
N VAL C 933 50.71 -20.76 84.95
CA VAL C 933 51.61 -19.65 84.51
C VAL C 933 50.77 -18.38 84.51
N PRO C 934 51.14 -17.34 85.32
CA PRO C 934 50.34 -16.13 85.48
C PRO C 934 50.75 -15.00 84.53
N GLU C 935 49.77 -14.28 83.98
CA GLU C 935 49.99 -13.21 82.97
C GLU C 935 50.65 -13.85 81.73
N LEU C 936 49.99 -14.85 81.17
CA LEU C 936 50.46 -15.67 80.02
C LEU C 936 50.63 -14.83 78.76
N LYS C 937 49.79 -13.82 78.50
CA LYS C 937 49.90 -13.00 77.27
C LYS C 937 51.26 -12.28 77.25
N GLU C 938 51.58 -11.53 78.30
CA GLU C 938 52.86 -10.78 78.37
C GLU C 938 54.01 -11.80 78.37
N PHE C 939 53.88 -12.92 79.10
CA PHE C 939 54.96 -13.95 79.25
C PHE C 939 55.34 -14.60 77.92
N THR C 940 54.34 -15.03 77.17
CA THR C 940 54.41 -15.47 75.76
C THR C 940 55.15 -14.43 74.91
N ALA C 941 54.81 -13.15 75.07
CA ALA C 941 55.25 -12.04 74.17
C ALA C 941 56.65 -11.57 74.56
N LYS C 942 57.03 -11.70 75.83
CA LYS C 942 58.45 -11.64 76.28
C LYS C 942 59.23 -12.67 75.44
N LEU C 943 59.04 -13.97 75.69
CA LEU C 943 59.73 -15.09 75.00
C LEU C 943 59.90 -14.79 73.51
N ARG C 944 58.86 -14.26 72.85
CA ARG C 944 58.87 -14.07 71.37
C ARG C 944 59.78 -12.91 70.99
N LYS C 945 59.69 -11.79 71.73
CA LYS C 945 60.59 -10.61 71.69
C LYS C 945 62.05 -11.07 71.78
N GLU C 946 62.41 -11.86 72.79
CA GLU C 946 63.82 -12.29 73.09
C GLU C 946 64.38 -13.28 72.06
N LEU C 947 63.56 -13.90 71.21
CA LEU C 947 64.07 -14.74 70.09
C LEU C 947 64.24 -13.87 68.87
N VAL C 948 63.31 -12.94 68.64
CA VAL C 948 63.34 -12.02 67.48
C VAL C 948 64.55 -11.10 67.65
N GLU C 949 64.68 -10.48 68.82
CA GLU C 949 65.87 -9.67 69.21
C GLU C 949 67.13 -10.50 68.98
N THR C 950 67.41 -11.50 69.82
CA THR C 950 68.61 -12.38 69.76
C THR C 950 68.93 -12.84 68.34
N SER C 951 67.95 -13.17 67.51
CA SER C 951 68.15 -13.52 66.08
C SER C 951 68.55 -12.25 65.32
N GLU C 952 67.66 -11.25 65.28
CA GLU C 952 67.77 -10.02 64.44
C GLU C 952 69.12 -9.32 64.68
N VAL C 953 69.50 -9.14 65.95
CA VAL C 953 70.78 -8.54 66.41
C VAL C 953 71.93 -9.34 65.78
N ARG C 954 71.91 -10.65 65.95
CA ARG C 954 73.00 -11.59 65.59
C ARG C 954 73.03 -11.78 64.07
N LYS C 955 71.97 -11.40 63.35
CA LYS C 955 71.94 -11.41 61.87
C LYS C 955 72.60 -10.14 61.33
N ALA C 956 72.40 -8.99 61.99
CA ALA C 956 72.99 -7.68 61.63
C ALA C 956 74.49 -7.67 61.97
N VAL C 957 74.86 -8.03 63.21
CA VAL C 957 76.28 -8.11 63.68
C VAL C 957 77.06 -9.13 62.82
N SER C 958 76.39 -10.12 62.25
CA SER C 958 76.96 -11.09 61.28
C SER C 958 77.25 -10.39 59.96
N ILE C 959 76.29 -9.62 59.44
CA ILE C 959 76.35 -9.02 58.07
C ILE C 959 77.43 -7.94 58.03
N GLU C 960 77.56 -7.16 59.13
CA GLU C 960 78.50 -6.03 59.25
C GLU C 960 79.94 -6.54 59.42
N THR C 961 80.18 -7.59 60.21
CA THR C 961 81.51 -8.22 60.36
C THR C 961 81.95 -8.97 59.08
N ALA C 962 81.08 -9.10 58.07
CA ALA C 962 81.38 -9.72 56.75
C ALA C 962 81.30 -8.67 55.63
N LEU C 963 81.23 -7.39 55.99
CA LEU C 963 81.45 -6.22 55.10
C LEU C 963 82.71 -5.46 55.57
N GLU C 964 83.03 -5.48 56.87
CA GLU C 964 84.33 -5.02 57.41
C GLU C 964 85.41 -5.88 56.75
N HIS C 965 85.38 -7.18 57.00
CA HIS C 965 86.33 -8.18 56.43
C HIS C 965 86.47 -7.94 54.92
N LYS C 966 85.36 -7.75 54.20
CA LYS C 966 85.35 -7.59 52.72
C LYS C 966 85.99 -6.27 52.27
N VAL C 967 86.05 -5.27 53.15
CA VAL C 967 86.66 -3.94 52.84
C VAL C 967 88.15 -4.02 53.15
N VAL C 968 88.51 -4.48 54.35
CA VAL C 968 89.93 -4.63 54.81
C VAL C 968 90.69 -5.59 53.88
N ASN C 969 90.08 -6.68 53.40
CA ASN C 969 90.77 -7.79 52.67
C ASN C 969 90.25 -7.96 51.24
N GLY C 970 89.35 -7.10 50.76
CA GLY C 970 88.93 -7.04 49.35
C GLY C 970 88.19 -8.30 48.87
N ASN C 971 88.31 -8.58 47.56
CA ASN C 971 87.65 -9.72 46.83
C ASN C 971 88.70 -10.71 46.29
N SER C 972 89.78 -10.98 47.04
CA SER C 972 90.71 -12.15 46.87
C SER C 972 90.54 -13.17 48.02
N ALA C 973 89.97 -12.74 49.16
CA ALA C 973 89.68 -13.56 50.37
C ALA C 973 88.25 -14.15 50.32
N ASP C 974 87.32 -13.48 49.60
CA ASP C 974 85.85 -13.82 49.52
C ASP C 974 85.45 -14.32 48.10
N ALA C 975 86.40 -14.43 47.14
CA ALA C 975 86.20 -14.82 45.71
C ALA C 975 86.83 -16.19 45.38
N ALA C 976 88.02 -16.52 45.94
CA ALA C 976 88.68 -17.86 45.88
C ALA C 976 88.14 -18.77 47.01
N TYR C 977 86.80 -18.88 47.09
CA TYR C 977 85.99 -19.28 48.28
C TYR C 977 84.57 -19.65 47.82
N ALA C 978 83.87 -18.71 47.14
CA ALA C 978 82.54 -18.87 46.49
C ALA C 978 82.64 -19.94 45.37
N GLN C 979 82.16 -21.15 45.71
CA GLN C 979 82.34 -22.42 44.94
C GLN C 979 81.46 -22.44 43.69
N VAL C 980 81.78 -23.32 42.73
CA VAL C 980 81.04 -23.51 41.45
C VAL C 980 80.05 -24.67 41.61
N GLU C 981 78.78 -24.43 41.29
CA GLU C 981 77.66 -25.41 41.35
C GLU C 981 77.35 -25.87 39.91
N ILE C 982 76.75 -27.05 39.79
CA ILE C 982 76.56 -27.77 38.50
C ILE C 982 75.09 -28.20 38.40
N GLN C 983 74.31 -27.48 37.59
CA GLN C 983 72.89 -27.77 37.35
C GLN C 983 72.82 -28.92 36.36
N PRO C 984 72.05 -29.98 36.65
CA PRO C 984 72.01 -31.14 35.77
C PRO C 984 71.26 -30.85 34.48
N ARG C 985 71.73 -31.43 33.39
CA ARG C 985 71.02 -31.50 32.09
C ARG C 985 70.34 -32.86 31.99
N ALA C 986 69.58 -33.06 30.93
CA ALA C 986 68.64 -34.17 30.75
C ALA C 986 69.21 -35.20 29.75
N ASN C 987 70.00 -36.13 30.26
CA ASN C 987 70.47 -37.33 29.54
C ASN C 987 69.30 -38.32 29.42
N ILE C 988 68.43 -38.17 28.41
CA ILE C 988 67.29 -39.12 28.15
C ILE C 988 67.83 -40.46 27.66
N GLN C 989 67.42 -41.55 28.31
CA GLN C 989 67.99 -42.91 28.10
C GLN C 989 66.95 -43.75 27.37
N LEU C 990 67.42 -44.71 26.59
CA LEU C 990 66.56 -45.63 25.82
C LEU C 990 65.97 -46.74 26.69
N ASP C 991 66.53 -47.03 27.87
CA ASP C 991 66.04 -48.04 28.84
C ASP C 991 65.95 -49.40 28.15
N PHE C 992 67.06 -49.81 27.54
CA PHE C 992 67.36 -51.21 27.17
C PHE C 992 67.56 -51.99 28.46
N PRO C 993 67.32 -53.33 28.48
CA PRO C 993 67.39 -54.12 29.69
C PRO C 993 68.78 -54.47 30.19
N GLU C 994 68.94 -54.60 31.51
CA GLU C 994 70.25 -54.95 32.11
C GLU C 994 70.48 -56.42 31.79
N LEU C 995 71.56 -56.71 31.05
CA LEU C 995 72.15 -58.06 30.90
C LEU C 995 73.11 -58.35 32.06
N LYS C 996 72.84 -59.43 32.79
CA LYS C 996 73.60 -59.87 33.97
C LYS C 996 74.73 -60.77 33.50
N PRO C 997 75.86 -60.89 34.23
CA PRO C 997 76.91 -61.85 33.89
C PRO C 997 76.38 -63.29 33.82
N TYR C 998 76.80 -64.06 32.82
CA TYR C 998 76.27 -65.42 32.51
C TYR C 998 76.14 -66.29 33.76
N LYS C 999 77.10 -66.21 34.68
CA LYS C 999 77.11 -67.02 35.93
C LYS C 999 75.82 -66.74 36.72
N GLN C 1000 75.34 -65.49 36.78
CA GLN C 1000 74.08 -65.10 37.47
C GLN C 1000 72.84 -65.58 36.72
N VAL C 1001 72.95 -65.73 35.41
CA VAL C 1001 71.79 -66.04 34.52
C VAL C 1001 71.47 -67.52 34.62
N LYS C 1002 72.48 -68.39 34.69
CA LYS C 1002 72.27 -69.86 34.85
C LYS C 1002 71.59 -70.18 36.19
N GLN C 1003 71.72 -69.33 37.23
CA GLN C 1003 71.06 -69.50 38.56
C GLN C 1003 69.53 -69.43 38.43
N ILE C 1004 69.01 -68.67 37.48
CA ILE C 1004 67.56 -68.34 37.34
C ILE C 1004 66.84 -69.54 36.71
N ALA C 1005 67.38 -70.07 35.61
CA ALA C 1005 66.79 -71.16 34.79
C ALA C 1005 67.30 -72.51 35.29
N PRO C 1006 66.53 -73.60 35.06
CA PRO C 1006 67.04 -74.95 35.33
C PRO C 1006 68.14 -75.39 34.37
N ALA C 1007 69.21 -76.01 34.90
CA ALA C 1007 70.43 -76.44 34.18
C ALA C 1007 70.10 -77.27 32.92
N GLU C 1008 68.99 -78.01 32.96
CA GLU C 1008 68.54 -78.95 31.89
C GLU C 1008 68.12 -78.18 30.64
N LEU C 1009 67.89 -76.87 30.75
CA LEU C 1009 67.27 -76.06 29.68
C LEU C 1009 68.27 -75.80 28.55
N GLU C 1010 69.58 -75.86 28.82
CA GLU C 1010 70.65 -75.63 27.81
C GLU C 1010 70.55 -76.69 26.71
N GLY C 1011 70.29 -76.28 25.48
CA GLY C 1011 70.24 -77.17 24.30
C GLY C 1011 68.86 -77.76 24.07
N LEU C 1012 67.90 -77.43 24.93
CA LEU C 1012 66.59 -78.11 25.00
C LEU C 1012 65.58 -77.40 24.11
N LEU C 1013 65.49 -76.07 24.16
CA LEU C 1013 64.58 -75.27 23.30
C LEU C 1013 65.22 -75.06 21.93
N ASP C 1014 64.42 -75.24 20.89
CA ASP C 1014 64.63 -74.69 19.52
C ASP C 1014 64.28 -73.20 19.56
N LEU C 1015 65.29 -72.37 19.40
CA LEU C 1015 65.11 -70.91 19.52
C LEU C 1015 64.56 -70.32 18.23
N GLU C 1016 64.52 -71.06 17.12
CA GLU C 1016 63.80 -70.62 15.88
C GLU C 1016 62.31 -70.46 16.20
N ARG C 1017 61.87 -71.08 17.28
CA ARG C 1017 60.44 -71.30 17.55
C ARG C 1017 60.08 -70.75 18.94
N VAL C 1018 60.96 -69.95 19.54
CA VAL C 1018 60.67 -68.98 20.65
C VAL C 1018 60.51 -67.56 20.10
N ILE C 1019 59.40 -66.90 20.41
CA ILE C 1019 59.08 -65.52 19.97
C ILE C 1019 59.43 -64.62 21.13
N VAL C 1020 59.85 -63.40 20.85
CA VAL C 1020 60.60 -62.52 21.78
C VAL C 1020 60.32 -61.08 21.36
N VAL C 1021 59.96 -60.22 22.27
CA VAL C 1021 59.71 -58.79 21.92
C VAL C 1021 61.07 -58.09 22.00
N THR C 1022 61.34 -57.31 20.99
CA THR C 1022 62.69 -56.85 20.61
C THR C 1022 62.67 -55.32 20.65
N GLY C 1023 61.56 -54.69 20.27
CA GLY C 1023 61.25 -53.33 20.74
C GLY C 1023 59.78 -53.01 20.77
N PHE C 1024 59.46 -51.84 21.27
CA PHE C 1024 58.07 -51.34 21.45
C PHE C 1024 58.03 -49.81 21.65
N ALA C 1025 56.85 -49.27 21.43
CA ALA C 1025 56.58 -47.84 21.50
C ALA C 1025 55.09 -47.60 21.39
N GLU C 1026 54.72 -46.36 21.63
CA GLU C 1026 53.33 -45.91 21.64
C GLU C 1026 53.27 -44.39 21.59
N VAL C 1027 52.16 -43.93 21.09
CA VAL C 1027 51.70 -42.55 21.05
C VAL C 1027 50.40 -42.65 21.76
N GLY C 1028 50.17 -41.79 22.72
CA GLY C 1028 48.90 -41.79 23.46
C GLY C 1028 48.86 -40.60 24.40
N PRO C 1029 47.85 -40.54 25.25
CA PRO C 1029 47.66 -39.39 26.13
C PRO C 1029 48.82 -38.88 26.99
N TRP C 1030 49.83 -39.72 27.28
CA TRP C 1030 51.00 -39.33 28.09
C TRP C 1030 52.29 -39.36 27.28
N GLY C 1031 52.17 -39.36 25.97
CA GLY C 1031 53.27 -39.17 25.02
C GLY C 1031 53.76 -40.51 24.55
N SER C 1032 54.99 -40.84 24.93
CA SER C 1032 55.70 -42.07 24.57
C SER C 1032 55.51 -43.18 25.63
N ALA C 1033 55.95 -44.40 25.33
CA ALA C 1033 56.08 -45.50 26.31
C ALA C 1033 56.96 -45.07 27.51
N ARG C 1034 57.90 -44.16 27.27
CA ARG C 1034 58.86 -43.67 28.28
C ARG C 1034 58.12 -42.77 29.24
N THR C 1035 57.44 -41.74 28.74
CA THR C 1035 56.84 -40.71 29.61
C THR C 1035 55.63 -41.30 30.33
N ARG C 1036 54.83 -42.13 29.66
CA ARG C 1036 53.66 -42.81 30.27
C ARG C 1036 54.09 -43.70 31.44
N TRP C 1037 55.24 -44.34 31.36
CA TRP C 1037 55.79 -45.19 32.42
C TRP C 1037 56.10 -44.31 33.63
N GLU C 1038 56.60 -43.10 33.41
CA GLU C 1038 56.95 -42.19 34.52
C GLU C 1038 55.65 -41.77 35.19
N MET C 1039 54.60 -41.54 34.44
CA MET C 1039 53.30 -41.17 35.06
C MET C 1039 52.69 -42.42 35.75
N GLU C 1040 52.54 -43.55 35.06
CA GLU C 1040 51.94 -44.83 35.55
C GLU C 1040 52.55 -45.21 36.89
N ALA C 1041 53.88 -45.23 36.98
CA ALA C 1041 54.65 -45.88 38.06
C ALA C 1041 54.94 -44.93 39.21
N PHE C 1042 55.23 -43.66 38.90
CA PHE C 1042 55.78 -42.66 39.83
C PHE C 1042 54.83 -41.49 40.04
N GLY C 1043 53.98 -41.18 39.08
CA GLY C 1043 52.95 -40.12 39.22
C GLY C 1043 53.51 -38.75 38.91
N GLU C 1044 54.83 -38.59 39.01
CA GLU C 1044 55.57 -37.35 38.70
C GLU C 1044 56.58 -37.63 37.61
N PHE C 1045 56.93 -36.61 36.84
CA PHE C 1045 57.97 -36.66 35.80
C PHE C 1045 59.34 -36.36 36.42
N SER C 1046 60.36 -36.99 35.85
CA SER C 1046 61.79 -36.76 36.15
C SER C 1046 62.23 -35.51 35.39
N LEU C 1047 63.49 -35.13 35.53
CA LEU C 1047 64.08 -34.05 34.72
C LEU C 1047 63.99 -34.44 33.25
N GLU C 1048 64.28 -35.71 32.95
CA GLU C 1048 64.24 -36.30 31.58
C GLU C 1048 62.82 -36.46 31.05
N GLY C 1049 61.82 -36.62 31.92
CA GLY C 1049 60.41 -36.76 31.50
C GLY C 1049 59.83 -35.42 31.13
N CYS C 1050 60.07 -34.41 31.95
CA CYS C 1050 59.69 -33.03 31.67
C CYS C 1050 60.26 -32.61 30.32
N VAL C 1051 61.54 -32.88 30.07
CA VAL C 1051 62.16 -32.47 28.78
C VAL C 1051 61.51 -33.20 27.62
N GLU C 1052 61.27 -34.50 27.69
CA GLU C 1052 60.65 -35.21 26.53
C GLU C 1052 59.22 -34.69 26.31
N MET C 1053 58.45 -34.54 27.37
CA MET C 1053 57.08 -34.02 27.30
C MET C 1053 57.12 -32.60 26.73
N ALA C 1054 58.00 -31.75 27.21
CA ALA C 1054 58.11 -30.36 26.73
C ALA C 1054 58.43 -30.37 25.24
N TRP C 1055 59.34 -31.25 24.80
CA TRP C 1055 59.77 -31.44 23.38
C TRP C 1055 58.65 -32.00 22.52
N ILE C 1056 57.82 -32.89 23.05
CA ILE C 1056 56.74 -33.60 22.31
C ILE C 1056 55.66 -32.60 21.95
N MET C 1057 55.29 -31.79 22.91
CA MET C 1057 54.13 -30.87 22.87
C MET C 1057 54.58 -29.57 22.19
N GLY C 1058 55.83 -29.54 21.71
CA GLY C 1058 56.47 -28.37 21.08
C GLY C 1058 56.45 -27.15 21.96
N PHE C 1059 56.81 -27.28 23.23
CA PHE C 1059 57.04 -26.13 24.14
C PHE C 1059 58.47 -25.64 23.99
N ILE C 1060 59.38 -26.54 23.63
CA ILE C 1060 60.85 -26.25 23.53
C ILE C 1060 61.33 -26.88 22.25
N SER C 1061 62.37 -26.29 21.70
CA SER C 1061 62.97 -26.64 20.41
C SER C 1061 64.45 -26.43 20.61
N TYR C 1062 65.26 -27.16 19.86
CA TYR C 1062 66.72 -27.05 19.96
C TYR C 1062 67.12 -25.89 19.09
N HIS C 1063 68.26 -25.30 19.43
CA HIS C 1063 68.89 -24.17 18.71
C HIS C 1063 70.39 -24.42 18.70
N ASN C 1064 71.03 -24.25 17.54
CA ASN C 1064 72.50 -24.35 17.41
C ASN C 1064 72.93 -23.19 16.50
N GLY C 1065 73.27 -22.05 17.08
CA GLY C 1065 73.79 -20.91 16.32
C GLY C 1065 73.78 -19.66 17.16
N ASN C 1066 73.46 -18.51 16.53
CA ASN C 1066 73.54 -17.19 17.19
C ASN C 1066 72.15 -16.82 17.71
N LEU C 1067 72.07 -16.57 19.03
CA LEU C 1067 70.90 -15.97 19.74
C LEU C 1067 71.26 -14.52 20.07
N LYS C 1068 70.62 -13.56 19.39
CA LYS C 1068 70.84 -12.09 19.55
C LYS C 1068 72.35 -11.82 19.73
N GLY C 1069 73.15 -12.19 18.72
CA GLY C 1069 74.61 -11.98 18.66
C GLY C 1069 75.38 -13.12 19.30
N ARG C 1070 75.15 -13.38 20.60
CA ARG C 1070 75.76 -14.49 21.39
C ARG C 1070 75.65 -15.83 20.63
N PRO C 1071 76.64 -16.75 20.71
CA PRO C 1071 76.48 -18.11 20.20
C PRO C 1071 75.87 -19.04 21.25
N TYR C 1072 74.72 -19.67 20.94
CA TYR C 1072 73.94 -20.54 21.87
C TYR C 1072 73.72 -21.94 21.30
N THR C 1073 73.81 -22.93 22.19
CA THR C 1073 73.53 -24.35 21.87
C THR C 1073 72.75 -24.91 23.05
N GLY C 1074 71.43 -25.09 22.84
CA GLY C 1074 70.51 -25.57 23.89
C GLY C 1074 69.06 -25.54 23.46
N TRP C 1075 68.17 -25.81 24.41
CA TRP C 1075 66.70 -25.66 24.24
C TRP C 1075 66.35 -24.18 24.31
N VAL C 1076 65.15 -23.88 23.84
CA VAL C 1076 64.70 -22.51 23.51
C VAL C 1076 63.17 -22.53 23.45
N ASP C 1077 62.47 -21.68 24.17
CA ASP C 1077 60.99 -21.63 24.15
C ASP C 1077 60.55 -21.51 22.70
N SER C 1078 59.69 -22.41 22.21
CA SER C 1078 59.37 -22.58 20.77
C SER C 1078 58.67 -21.33 20.24
N LYS C 1079 58.04 -20.55 21.12
CA LYS C 1079 57.20 -19.39 20.78
C LYS C 1079 58.06 -18.10 20.83
N THR C 1080 58.75 -17.83 21.95
CA THR C 1080 59.54 -16.58 22.18
C THR C 1080 61.01 -16.70 21.72
N LYS C 1081 61.44 -17.88 21.27
CA LYS C 1081 62.85 -18.30 21.00
C LYS C 1081 63.85 -17.82 22.06
N GLU C 1082 63.47 -17.81 23.34
CA GLU C 1082 64.30 -17.36 24.48
C GLU C 1082 64.95 -18.56 25.16
N PRO C 1083 66.26 -18.52 25.47
CA PRO C 1083 66.95 -19.72 25.94
C PRO C 1083 66.44 -20.22 27.30
N VAL C 1084 66.22 -21.54 27.38
CA VAL C 1084 65.65 -22.28 28.54
C VAL C 1084 66.66 -23.33 28.97
N ASP C 1085 66.94 -23.41 30.28
CA ASP C 1085 67.83 -24.44 30.85
C ASP C 1085 66.96 -25.63 31.21
N ASP C 1086 67.56 -26.83 31.29
CA ASP C 1086 66.86 -28.10 31.60
C ASP C 1086 66.31 -28.02 33.03
N LYS C 1087 67.08 -27.51 34.00
CA LYS C 1087 66.61 -27.33 35.40
C LYS C 1087 65.35 -26.44 35.47
N ASP C 1088 65.17 -25.52 34.52
CA ASP C 1088 64.07 -24.52 34.50
C ASP C 1088 62.87 -25.04 33.70
N VAL C 1089 62.93 -26.22 33.08
CA VAL C 1089 61.80 -26.77 32.28
C VAL C 1089 60.61 -27.03 33.20
N LYS C 1090 60.79 -27.70 34.34
CA LYS C 1090 59.68 -28.03 35.29
C LYS C 1090 58.94 -26.74 35.69
N ALA C 1091 59.65 -25.78 36.29
CA ALA C 1091 59.08 -24.47 36.68
C ALA C 1091 58.33 -23.87 35.48
N LYS C 1092 59.03 -23.54 34.40
CA LYS C 1092 58.43 -22.93 33.16
C LYS C 1092 57.21 -23.71 32.68
N TYR C 1093 57.31 -25.04 32.52
CA TYR C 1093 56.35 -25.81 31.69
C TYR C 1093 55.64 -26.98 32.37
N GLU C 1094 55.94 -27.41 33.59
CA GLU C 1094 55.27 -28.63 34.09
C GLU C 1094 53.77 -28.38 34.10
N THR C 1095 53.33 -27.35 34.82
CA THR C 1095 51.91 -27.04 35.01
C THR C 1095 51.20 -27.22 33.68
N SER C 1096 51.72 -26.60 32.62
CA SER C 1096 51.10 -26.54 31.26
C SER C 1096 51.03 -27.94 30.63
N ILE C 1097 52.08 -28.76 30.80
CA ILE C 1097 52.18 -30.19 30.36
C ILE C 1097 51.10 -31.03 31.04
N LEU C 1098 50.91 -30.89 32.34
CA LEU C 1098 49.88 -31.66 33.11
C LEU C 1098 48.45 -31.20 32.77
N GLU C 1099 48.21 -29.93 32.46
CA GLU C 1099 46.87 -29.42 32.05
C GLU C 1099 46.49 -29.94 30.66
N HIS C 1100 47.46 -30.27 29.80
CA HIS C 1100 47.22 -30.51 28.35
C HIS C 1100 47.70 -31.88 27.99
N SER C 1101 47.67 -32.78 28.96
CA SER C 1101 48.02 -34.21 28.81
C SER C 1101 47.03 -35.06 29.60
N GLY C 1102 46.67 -36.20 29.09
CA GLY C 1102 45.95 -37.18 29.91
C GLY C 1102 44.50 -37.21 29.51
N ILE C 1103 43.69 -37.70 30.40
CA ILE C 1103 42.22 -37.55 30.28
C ILE C 1103 41.86 -36.15 30.75
N ARG C 1104 41.11 -35.45 29.94
CA ARG C 1104 40.83 -34.03 30.14
C ARG C 1104 39.64 -33.63 29.29
N LEU C 1105 39.19 -32.39 29.39
CA LEU C 1105 38.10 -31.93 28.54
C LEU C 1105 38.58 -31.99 27.11
N ILE C 1106 37.81 -32.60 26.23
CA ILE C 1106 37.97 -32.59 24.75
C ILE C 1106 38.31 -31.17 24.30
N GLU C 1107 39.45 -31.05 23.62
CA GLU C 1107 39.96 -29.77 23.06
C GLU C 1107 39.50 -29.72 21.61
N PRO C 1108 38.57 -28.82 21.21
CA PRO C 1108 38.06 -28.79 19.83
C PRO C 1108 39.05 -28.63 18.67
N GLU C 1109 40.10 -27.83 18.86
CA GLU C 1109 41.17 -27.59 17.86
C GLU C 1109 41.81 -28.93 17.45
N LEU C 1110 41.76 -29.96 18.30
CA LEU C 1110 42.34 -31.30 18.01
C LEU C 1110 41.39 -32.15 17.15
N PHE C 1111 40.08 -31.89 17.16
CA PHE C 1111 39.06 -32.76 16.52
C PHE C 1111 38.26 -32.01 15.45
N ASN C 1112 38.85 -31.03 14.76
CA ASN C 1112 38.20 -30.23 13.68
C ASN C 1112 37.03 -29.44 14.27
N GLY C 1113 37.30 -28.70 15.34
CA GLY C 1113 36.30 -27.86 16.02
C GLY C 1113 35.10 -28.64 16.54
N TYR C 1114 35.22 -29.95 16.79
CA TYR C 1114 34.15 -30.72 17.46
C TYR C 1114 34.05 -30.21 18.89
N ASN C 1115 32.91 -29.61 19.24
CA ASN C 1115 32.62 -29.12 20.60
C ASN C 1115 31.44 -29.91 21.11
N PRO C 1116 31.63 -30.95 21.96
CA PRO C 1116 30.52 -31.80 22.37
C PRO C 1116 29.37 -31.04 23.05
N GLU C 1117 29.63 -29.85 23.60
CA GLU C 1117 28.58 -28.95 24.13
C GLU C 1117 27.72 -28.40 22.99
N LYS C 1118 28.16 -28.48 21.72
CA LYS C 1118 27.49 -27.86 20.54
C LYS C 1118 27.65 -28.77 19.32
N LYS C 1119 26.92 -29.87 19.33
CA LYS C 1119 27.03 -30.96 18.34
C LYS C 1119 26.03 -30.71 17.19
N GLU C 1120 26.55 -30.32 16.02
CA GLU C 1120 25.81 -29.83 14.82
C GLU C 1120 25.03 -30.96 14.12
N MET C 1121 23.69 -30.88 14.13
CA MET C 1121 22.75 -31.70 13.33
C MET C 1121 22.03 -30.82 12.29
N ILE C 1122 21.13 -31.38 11.46
CA ILE C 1122 20.28 -30.64 10.47
C ILE C 1122 18.86 -31.20 10.47
N GLN C 1123 17.86 -30.34 10.58
CA GLN C 1123 16.44 -30.78 10.60
C GLN C 1123 15.84 -30.40 9.27
N GLU C 1124 15.10 -31.33 8.67
CA GLU C 1124 14.36 -31.15 7.40
C GLU C 1124 13.08 -30.39 7.78
N VAL C 1125 12.80 -29.30 7.08
CA VAL C 1125 11.57 -28.48 7.23
C VAL C 1125 11.01 -28.26 5.83
N ILE C 1126 9.70 -28.08 5.71
CA ILE C 1126 9.05 -27.66 4.43
C ILE C 1126 8.81 -26.15 4.47
N VAL C 1127 9.58 -25.41 3.67
CA VAL C 1127 9.26 -24.07 3.10
C VAL C 1127 7.72 -23.94 3.00
N GLU C 1128 7.11 -23.25 3.97
CA GLU C 1128 5.64 -22.98 3.98
C GLU C 1128 5.37 -21.82 3.02
N GLU C 1129 6.36 -20.96 2.79
CA GLU C 1129 6.24 -19.83 1.83
C GLU C 1129 7.56 -19.54 1.12
N ASP C 1130 7.46 -19.31 -0.20
CA ASP C 1130 8.56 -19.13 -1.19
C ASP C 1130 9.70 -18.28 -0.64
N LEU C 1131 10.94 -18.68 -0.90
CA LEU C 1131 12.18 -18.03 -0.42
C LEU C 1131 12.51 -16.85 -1.32
N GLU C 1132 13.35 -15.95 -0.82
CA GLU C 1132 13.90 -14.83 -1.62
C GLU C 1132 14.95 -15.41 -2.56
N PRO C 1133 14.80 -15.25 -3.90
CA PRO C 1133 15.80 -15.73 -4.85
C PRO C 1133 17.27 -15.45 -4.49
N PHE C 1134 18.15 -16.34 -4.94
CA PHE C 1134 19.63 -16.18 -4.88
C PHE C 1134 20.24 -16.63 -6.21
N GLU C 1135 21.44 -16.12 -6.47
CA GLU C 1135 22.18 -16.37 -7.72
C GLU C 1135 23.05 -17.62 -7.50
N ALA C 1136 23.06 -18.50 -8.49
CA ALA C 1136 23.95 -19.67 -8.61
C ALA C 1136 24.58 -19.62 -10.01
N SER C 1137 25.62 -20.43 -10.24
CA SER C 1137 26.14 -20.75 -11.59
C SER C 1137 25.04 -21.48 -12.39
N LYS C 1138 25.27 -21.69 -13.68
CA LYS C 1138 24.31 -22.47 -14.50
C LYS C 1138 24.26 -23.89 -13.94
N GLU C 1139 25.41 -24.55 -13.89
CA GLU C 1139 25.62 -25.95 -13.40
C GLU C 1139 24.84 -26.15 -12.10
N THR C 1140 25.13 -25.36 -11.07
CA THR C 1140 24.55 -25.46 -9.70
C THR C 1140 23.02 -25.27 -9.71
N ALA C 1141 22.49 -24.42 -10.56
CA ALA C 1141 21.03 -24.19 -10.66
C ALA C 1141 20.35 -25.42 -11.25
N GLU C 1142 20.94 -26.04 -12.26
CA GLU C 1142 20.36 -27.26 -12.90
C GLU C 1142 20.33 -28.39 -11.86
N GLN C 1143 21.34 -28.42 -10.99
CA GLN C 1143 21.47 -29.34 -9.83
C GLN C 1143 20.33 -29.09 -8.85
N PHE C 1144 19.91 -27.85 -8.60
CA PHE C 1144 18.74 -27.54 -7.72
C PHE C 1144 17.44 -27.98 -8.38
N LYS C 1145 17.34 -27.77 -9.70
CA LYS C 1145 16.13 -28.08 -10.52
C LYS C 1145 15.93 -29.58 -10.59
N HIS C 1146 17.03 -30.31 -10.77
CA HIS C 1146 17.02 -31.79 -10.86
C HIS C 1146 16.47 -32.41 -9.58
N GLN C 1147 16.98 -31.95 -8.44
CA GLN C 1147 16.52 -32.36 -7.09
C GLN C 1147 15.05 -31.96 -6.87
N HIS C 1148 14.70 -30.68 -7.07
CA HIS C 1148 13.44 -30.12 -6.50
C HIS C 1148 12.26 -30.25 -7.46
N GLY C 1149 12.51 -30.24 -8.78
CA GLY C 1149 11.51 -30.30 -9.85
C GLY C 1149 10.59 -29.08 -9.84
N ASP C 1150 9.27 -29.31 -9.81
CA ASP C 1150 8.23 -28.26 -9.71
C ASP C 1150 8.61 -27.20 -8.68
N LYS C 1151 9.14 -27.63 -7.54
CA LYS C 1151 9.26 -26.83 -6.30
C LYS C 1151 10.47 -25.89 -6.33
N VAL C 1152 11.09 -25.69 -7.49
CA VAL C 1152 12.11 -24.63 -7.66
C VAL C 1152 11.89 -24.02 -9.05
N ASP C 1153 12.28 -22.76 -9.22
CA ASP C 1153 12.23 -22.05 -10.51
C ASP C 1153 13.63 -21.51 -10.79
N ILE C 1154 14.17 -21.75 -11.98
CA ILE C 1154 15.54 -21.27 -12.30
C ILE C 1154 15.47 -20.57 -13.64
N PHE C 1155 16.04 -19.36 -13.68
CA PHE C 1155 15.92 -18.39 -14.78
C PHE C 1155 17.29 -17.76 -15.01
N GLU C 1156 17.86 -17.91 -16.21
CA GLU C 1156 19.07 -17.18 -16.64
C GLU C 1156 18.84 -15.68 -16.43
N ILE C 1157 19.81 -15.02 -15.79
CA ILE C 1157 19.99 -13.54 -15.75
C ILE C 1157 20.81 -13.19 -16.98
N PRO C 1158 20.22 -12.55 -18.02
CA PRO C 1158 20.80 -12.55 -19.36
C PRO C 1158 22.10 -11.73 -19.55
N GLU C 1159 22.36 -10.80 -18.62
CA GLU C 1159 23.58 -9.94 -18.58
C GLU C 1159 24.76 -10.79 -18.12
N THR C 1160 24.66 -11.36 -16.91
CA THR C 1160 25.74 -12.10 -16.21
C THR C 1160 25.94 -13.49 -16.87
N GLY C 1161 24.85 -14.24 -17.09
CA GLY C 1161 24.87 -15.69 -17.41
C GLY C 1161 24.52 -16.56 -16.20
N GLU C 1162 24.85 -16.09 -14.99
CA GLU C 1162 24.39 -16.63 -13.68
C GLU C 1162 22.86 -16.82 -13.70
N TYR C 1163 22.34 -17.75 -12.91
CA TYR C 1163 20.90 -18.09 -12.81
C TYR C 1163 20.35 -17.65 -11.45
N SER C 1164 19.07 -17.28 -11.40
CA SER C 1164 18.31 -17.04 -10.16
C SER C 1164 17.71 -18.38 -9.74
N VAL C 1165 17.55 -18.63 -8.44
CA VAL C 1165 17.02 -19.91 -7.89
C VAL C 1165 15.92 -19.59 -6.89
N LYS C 1166 14.65 -19.76 -7.26
CA LYS C 1166 13.49 -19.46 -6.40
C LYS C 1166 13.02 -20.77 -5.79
N LEU C 1167 13.19 -20.94 -4.49
CA LEU C 1167 12.76 -22.17 -3.81
C LEU C 1167 11.30 -21.99 -3.47
N LEU C 1168 10.41 -22.78 -4.04
CA LEU C 1168 8.95 -22.56 -3.94
C LEU C 1168 8.37 -23.26 -2.71
N LYS C 1169 7.14 -22.93 -2.39
CA LYS C 1169 6.38 -23.51 -1.27
C LYS C 1169 6.32 -25.01 -1.52
N GLY C 1170 6.70 -25.82 -0.52
CA GLY C 1170 6.69 -27.29 -0.62
C GLY C 1170 8.08 -27.88 -0.88
N ALA C 1171 9.06 -27.04 -1.23
CA ALA C 1171 10.50 -27.39 -1.26
C ALA C 1171 10.93 -27.81 0.16
N THR C 1172 11.96 -28.68 0.25
CA THR C 1172 12.60 -29.09 1.52
C THR C 1172 13.90 -28.32 1.72
N LEU C 1173 14.13 -27.94 2.96
CA LEU C 1173 15.37 -27.29 3.44
C LEU C 1173 15.91 -28.14 4.57
N TYR C 1174 17.18 -27.93 4.86
CA TYR C 1174 17.86 -28.50 6.04
C TYR C 1174 18.35 -27.31 6.85
N ILE C 1175 17.80 -27.15 8.04
CA ILE C 1175 18.22 -26.10 9.00
C ILE C 1175 19.05 -26.75 10.08
N PRO C 1176 20.31 -26.33 10.23
CA PRO C 1176 21.14 -26.73 11.34
C PRO C 1176 20.56 -26.50 12.74
N LYS C 1177 20.74 -27.47 13.63
CA LYS C 1177 20.51 -27.29 15.09
C LYS C 1177 21.73 -27.81 15.86
N ALA C 1178 21.73 -27.73 17.19
CA ALA C 1178 22.86 -28.17 18.04
C ALA C 1178 22.33 -28.83 19.30
N LEU C 1179 22.48 -30.16 19.34
CA LEU C 1179 22.50 -31.02 20.56
C LEU C 1179 23.62 -30.55 21.46
N ARG C 1180 23.34 -30.54 22.76
CA ARG C 1180 24.36 -30.49 23.84
C ARG C 1180 24.55 -31.93 24.28
N PHE C 1181 25.76 -32.45 24.17
CA PHE C 1181 26.12 -33.87 24.38
C PHE C 1181 26.89 -34.01 25.70
N ASP C 1182 26.68 -35.13 26.37
CA ASP C 1182 26.98 -35.35 27.82
C ASP C 1182 28.35 -36.04 28.01
N ARG C 1183 29.11 -36.27 26.92
CA ARG C 1183 30.48 -36.86 26.93
C ARG C 1183 31.51 -35.79 26.52
N LEU C 1184 32.07 -35.10 27.52
CA LEU C 1184 32.86 -33.86 27.39
C LEU C 1184 34.33 -34.14 27.54
N VAL C 1185 34.71 -35.37 27.83
CA VAL C 1185 36.07 -35.74 28.32
C VAL C 1185 36.55 -36.92 27.52
N ALA C 1186 37.83 -36.91 27.18
CA ALA C 1186 38.48 -38.03 26.50
C ALA C 1186 39.98 -37.97 26.73
N GLY C 1187 40.63 -39.14 26.61
CA GLY C 1187 42.08 -39.36 26.72
C GLY C 1187 42.71 -39.04 25.42
N GLN C 1188 43.17 -37.80 25.26
CA GLN C 1188 43.62 -37.28 23.94
C GLN C 1188 45.13 -37.20 23.99
N ILE C 1189 45.75 -37.29 22.83
CA ILE C 1189 47.22 -37.13 22.70
C ILE C 1189 47.55 -35.72 23.19
N PRO C 1190 48.70 -35.47 23.83
CA PRO C 1190 48.94 -34.20 24.49
C PRO C 1190 48.87 -33.08 23.47
N THR C 1191 48.40 -31.91 23.87
CA THR C 1191 48.14 -30.79 22.95
C THR C 1191 49.48 -30.24 22.46
N GLY C 1192 49.69 -30.27 21.14
CA GLY C 1192 50.91 -29.78 20.47
C GLY C 1192 51.69 -30.90 19.83
N TRP C 1193 51.34 -32.13 20.15
CA TRP C 1193 51.84 -33.31 19.41
C TRP C 1193 51.66 -33.00 17.94
N ASN C 1194 52.68 -33.27 17.16
CA ASN C 1194 52.75 -32.92 15.73
C ASN C 1194 53.72 -33.89 15.06
N ALA C 1195 53.28 -34.59 14.03
CA ALA C 1195 54.14 -35.52 13.26
C ALA C 1195 55.36 -34.77 12.71
N LYS C 1196 55.26 -33.45 12.52
CA LYS C 1196 56.42 -32.65 12.05
C LYS C 1196 57.61 -32.85 13.00
N THR C 1197 57.40 -32.94 14.34
CA THR C 1197 58.52 -32.87 15.31
C THR C 1197 59.31 -34.17 15.26
N TYR C 1198 58.69 -35.24 14.79
CA TYR C 1198 59.36 -36.53 14.52
C TYR C 1198 60.01 -36.49 13.14
N GLY C 1199 59.57 -35.60 12.28
CA GLY C 1199 60.18 -35.39 10.95
C GLY C 1199 59.43 -36.12 9.85
N ILE C 1200 58.11 -36.17 9.95
CA ILE C 1200 57.21 -36.59 8.86
C ILE C 1200 56.92 -35.34 8.03
N SER C 1201 56.97 -35.49 6.71
CA SER C 1201 56.87 -34.39 5.71
C SER C 1201 55.40 -33.98 5.55
N ASP C 1202 55.14 -32.75 5.11
CA ASP C 1202 53.75 -32.22 4.95
C ASP C 1202 53.06 -32.93 3.78
N ASP C 1203 53.80 -33.32 2.73
CA ASP C 1203 53.28 -34.18 1.62
C ASP C 1203 52.42 -35.27 2.26
N ILE C 1204 53.02 -35.99 3.23
CA ILE C 1204 52.43 -37.16 3.91
C ILE C 1204 51.33 -36.68 4.84
N ILE C 1205 51.62 -35.71 5.71
CA ILE C 1205 50.62 -35.28 6.74
C ILE C 1205 49.31 -34.89 6.04
N SER C 1206 49.42 -34.04 5.03
CA SER C 1206 48.29 -33.52 4.22
C SER C 1206 48.00 -34.51 3.09
N GLN C 1207 47.51 -35.70 3.43
CA GLN C 1207 47.30 -36.86 2.47
C GLN C 1207 46.74 -38.05 3.24
N VAL C 1208 47.42 -38.39 4.30
CA VAL C 1208 47.18 -39.58 5.15
C VAL C 1208 46.24 -39.15 6.28
N ASP C 1209 45.46 -40.10 6.82
CA ASP C 1209 44.53 -39.92 7.97
C ASP C 1209 45.35 -39.75 9.24
N PRO C 1210 44.93 -38.89 10.20
CA PRO C 1210 45.62 -38.74 11.49
C PRO C 1210 46.14 -40.00 12.18
N ILE C 1211 45.37 -41.09 12.14
CA ILE C 1211 45.71 -42.38 12.83
C ILE C 1211 46.99 -42.97 12.20
N THR C 1212 47.17 -42.85 10.88
CA THR C 1212 48.40 -43.30 10.20
C THR C 1212 49.62 -42.56 10.79
N LEU C 1213 49.52 -41.28 11.14
CA LEU C 1213 50.65 -40.52 11.73
C LEU C 1213 51.04 -41.09 13.11
N PHE C 1214 50.07 -41.51 13.90
CA PHE C 1214 50.36 -42.13 15.21
C PHE C 1214 51.12 -43.43 14.98
N VAL C 1215 50.77 -44.16 13.92
CA VAL C 1215 51.36 -45.49 13.61
C VAL C 1215 52.77 -45.27 13.08
N LEU C 1216 52.98 -44.31 12.19
CA LEU C 1216 54.31 -44.09 11.58
C LEU C 1216 55.28 -43.74 12.69
N VAL C 1217 54.86 -42.91 13.63
CA VAL C 1217 55.73 -42.50 14.76
C VAL C 1217 55.97 -43.70 15.67
N SER C 1218 54.95 -44.48 15.99
CA SER C 1218 55.08 -45.70 16.83
C SER C 1218 56.01 -46.78 16.23
N VAL C 1219 56.07 -46.95 14.91
CA VAL C 1219 56.92 -47.97 14.24
C VAL C 1219 58.36 -47.48 14.27
N VAL C 1220 58.62 -46.20 14.05
CA VAL C 1220 60.00 -45.66 14.12
C VAL C 1220 60.51 -45.81 15.55
N GLU C 1221 59.71 -45.33 16.49
CA GLU C 1221 60.09 -45.22 17.90
C GLU C 1221 60.22 -46.65 18.48
N ALA C 1222 59.78 -47.68 17.76
CA ALA C 1222 59.83 -49.12 18.14
C ALA C 1222 61.08 -49.81 17.61
N PHE C 1223 61.46 -49.51 16.38
CA PHE C 1223 62.77 -49.87 15.81
C PHE C 1223 63.90 -49.21 16.64
N ILE C 1224 63.79 -47.95 17.05
CA ILE C 1224 64.76 -47.31 17.98
C ILE C 1224 64.87 -48.09 19.31
N ALA C 1225 63.78 -48.64 19.83
CA ALA C 1225 63.75 -49.44 21.08
C ALA C 1225 64.44 -50.79 20.86
N SER C 1226 64.54 -51.21 19.61
CA SER C 1226 65.17 -52.47 19.22
C SER C 1226 66.58 -52.20 18.69
N GLY C 1227 67.08 -50.98 18.85
CA GLY C 1227 68.39 -50.55 18.34
C GLY C 1227 68.52 -50.67 16.84
N ILE C 1228 67.42 -50.50 16.12
CA ILE C 1228 67.32 -50.62 14.63
C ILE C 1228 66.96 -49.23 14.10
N THR C 1229 67.98 -48.48 13.76
CA THR C 1229 67.90 -47.07 13.36
C THR C 1229 67.58 -47.01 11.86
N ASP C 1230 68.04 -48.01 11.10
CA ASP C 1230 67.74 -48.15 9.65
C ASP C 1230 67.01 -49.45 9.41
N PRO C 1231 65.70 -49.43 9.08
CA PRO C 1231 64.94 -50.66 8.89
C PRO C 1231 65.65 -51.67 7.97
N TYR C 1232 66.35 -51.19 6.97
CA TYR C 1232 66.92 -52.05 5.90
C TYR C 1232 67.99 -52.95 6.49
N GLU C 1233 68.53 -52.61 7.65
CA GLU C 1233 69.53 -53.45 8.34
C GLU C 1233 69.00 -54.87 8.53
N MET C 1234 67.69 -55.04 8.71
CA MET C 1234 67.05 -56.37 8.86
C MET C 1234 67.45 -57.26 7.69
N TYR C 1235 67.49 -56.72 6.48
CA TYR C 1235 67.74 -57.49 5.22
C TYR C 1235 69.21 -57.90 5.07
N LYS C 1236 70.05 -57.71 6.08
CA LYS C 1236 71.38 -58.37 6.19
C LYS C 1236 71.23 -59.81 6.66
N TYR C 1237 70.19 -60.07 7.46
CA TYR C 1237 69.96 -61.31 8.24
C TYR C 1237 68.84 -62.16 7.66
N VAL C 1238 67.88 -61.54 6.98
CA VAL C 1238 66.53 -62.11 6.73
C VAL C 1238 66.14 -61.70 5.32
N HIS C 1239 65.48 -62.54 4.52
CA HIS C 1239 65.01 -62.17 3.15
C HIS C 1239 63.81 -61.22 3.24
N VAL C 1240 63.88 -60.09 2.54
CA VAL C 1240 62.76 -59.22 2.04
C VAL C 1240 61.36 -59.85 2.24
N SER C 1241 61.16 -61.14 1.99
CA SER C 1241 59.86 -61.85 2.15
C SER C 1241 59.62 -62.38 3.58
N GLU C 1242 60.41 -62.00 4.58
CA GLU C 1242 60.37 -62.63 5.90
C GLU C 1242 60.17 -61.57 6.98
N VAL C 1243 59.92 -60.32 6.59
CA VAL C 1243 59.37 -59.28 7.52
C VAL C 1243 57.88 -59.10 7.26
N GLY C 1244 57.06 -59.31 8.27
CA GLY C 1244 55.61 -59.17 8.15
C GLY C 1244 55.11 -57.99 8.95
N ASN C 1245 53.89 -57.57 8.67
CA ASN C 1245 53.13 -56.58 9.46
C ASN C 1245 51.83 -57.28 9.82
N CYS C 1246 51.58 -57.52 11.09
CA CYS C 1246 50.36 -58.21 11.57
C CYS C 1246 49.65 -57.30 12.55
N SER C 1247 49.72 -55.97 12.39
CA SER C 1247 49.00 -54.95 13.21
C SER C 1247 47.67 -54.62 12.57
N GLY C 1248 46.78 -54.00 13.32
CA GLY C 1248 45.41 -53.72 12.87
C GLY C 1248 44.68 -52.75 13.79
N SER C 1249 43.51 -52.28 13.37
CA SER C 1249 42.66 -51.29 14.06
C SER C 1249 41.29 -51.92 14.27
N GLY C 1250 40.53 -51.41 15.24
CA GLY C 1250 39.11 -51.74 15.43
C GLY C 1250 38.21 -51.07 14.41
N MET C 1251 38.47 -49.81 14.03
CA MET C 1251 37.62 -49.03 13.08
C MET C 1251 38.44 -48.42 11.94
N GLY C 1252 39.68 -47.99 12.17
CA GLY C 1252 40.56 -47.50 11.10
C GLY C 1252 40.50 -45.99 10.89
N GLY C 1253 40.67 -45.57 9.65
CA GLY C 1253 40.69 -44.17 9.21
C GLY C 1253 39.31 -43.60 9.30
N VAL C 1254 38.97 -43.13 10.49
CA VAL C 1254 37.59 -42.75 10.88
C VAL C 1254 37.31 -41.32 10.41
N SER C 1255 38.36 -40.51 10.30
CA SER C 1255 38.31 -39.13 9.78
C SER C 1255 38.04 -39.18 8.29
N ALA C 1256 38.59 -40.19 7.59
CA ALA C 1256 38.36 -40.42 6.15
C ALA C 1256 36.94 -40.93 5.89
N LEU C 1257 36.27 -41.55 6.86
CA LEU C 1257 34.84 -41.94 6.74
C LEU C 1257 33.94 -40.70 6.86
N ARG C 1258 34.29 -39.77 7.73
CA ARG C 1258 33.62 -38.45 7.75
C ARG C 1258 33.70 -37.86 6.35
N GLY C 1259 34.86 -37.93 5.72
CA GLY C 1259 35.08 -37.36 4.39
C GLY C 1259 34.10 -37.92 3.37
N MET C 1260 33.87 -39.22 3.41
CA MET C 1260 33.25 -39.96 2.29
C MET C 1260 31.75 -40.19 2.57
N PHE C 1261 31.27 -39.87 3.77
CA PHE C 1261 29.83 -39.92 4.17
C PHE C 1261 29.22 -38.55 4.46
N LYS C 1262 29.87 -37.74 5.29
CA LYS C 1262 29.37 -36.42 5.72
C LYS C 1262 29.88 -35.34 4.77
N ASP C 1263 31.19 -35.15 4.65
CA ASP C 1263 31.78 -33.98 3.96
C ASP C 1263 31.42 -33.98 2.47
N ARG C 1264 31.44 -35.12 1.77
CA ARG C 1264 30.96 -35.21 0.37
C ARG C 1264 29.51 -34.72 0.23
N PHE C 1265 28.63 -35.28 1.03
CA PHE C 1265 27.20 -34.92 1.17
C PHE C 1265 26.99 -33.39 1.28
N LYS C 1266 27.90 -32.70 1.95
CA LYS C 1266 27.89 -31.23 2.16
C LYS C 1266 28.66 -30.52 1.03
N ASP C 1267 29.01 -31.22 -0.03
CA ASP C 1267 29.93 -30.76 -1.12
C ASP C 1267 31.09 -29.92 -0.57
N GLU C 1268 31.66 -30.30 0.57
CA GLU C 1268 32.96 -29.78 1.03
C GLU C 1268 34.06 -30.35 0.13
N PRO C 1269 35.22 -29.66 -0.04
CA PRO C 1269 36.37 -30.26 -0.71
C PRO C 1269 36.95 -31.41 0.14
N VAL C 1270 37.04 -32.59 -0.46
CA VAL C 1270 37.56 -33.86 0.11
C VAL C 1270 38.49 -34.42 -0.96
N GLN C 1271 39.72 -34.82 -0.62
CA GLN C 1271 40.69 -35.47 -1.55
C GLN C 1271 39.97 -36.61 -2.28
N ASN C 1272 40.29 -36.89 -3.54
CA ASN C 1272 39.56 -37.89 -4.38
C ASN C 1272 39.87 -39.31 -3.92
N ASP C 1273 41.07 -39.53 -3.36
CA ASP C 1273 41.55 -40.85 -2.86
C ASP C 1273 41.15 -41.05 -1.38
N ILE C 1274 40.11 -40.39 -0.89
CA ILE C 1274 39.79 -40.39 0.56
C ILE C 1274 39.48 -41.83 0.99
N LEU C 1275 38.92 -42.66 0.10
CA LEU C 1275 38.42 -44.01 0.42
C LEU C 1275 39.58 -44.92 0.81
N GLN C 1276 40.71 -44.85 0.10
CA GLN C 1276 41.92 -45.66 0.43
C GLN C 1276 42.43 -45.33 1.85
N GLU C 1277 42.26 -44.14 2.39
CA GLU C 1277 42.72 -43.81 3.75
C GLU C 1277 41.78 -44.38 4.81
N SER C 1278 40.56 -44.76 4.44
CA SER C 1278 39.55 -45.20 5.41
C SER C 1278 39.95 -46.58 5.91
N PHE C 1279 40.32 -47.45 4.96
CA PHE C 1279 40.60 -48.89 5.10
C PHE C 1279 41.54 -49.16 6.28
N ILE C 1280 41.22 -50.18 7.09
CA ILE C 1280 42.03 -50.61 8.26
C ILE C 1280 43.39 -51.15 7.81
N ASN C 1281 43.51 -51.65 6.57
CA ASN C 1281 44.76 -52.27 6.06
C ASN C 1281 45.72 -51.25 5.46
N THR C 1282 45.47 -49.94 5.60
CA THR C 1282 46.31 -48.91 4.93
C THR C 1282 47.35 -48.34 5.88
N MET C 1283 47.05 -48.24 7.16
CA MET C 1283 48.10 -47.76 8.07
C MET C 1283 49.34 -48.66 7.87
N SER C 1284 49.14 -49.94 7.60
CA SER C 1284 50.22 -50.94 7.41
C SER C 1284 50.85 -50.76 6.04
N ALA C 1285 50.04 -50.48 5.02
CA ALA C 1285 50.47 -50.06 3.65
C ALA C 1285 51.50 -48.91 3.71
N TRP C 1286 51.19 -47.86 4.47
CA TRP C 1286 52.04 -46.64 4.58
C TRP C 1286 53.33 -46.94 5.32
N VAL C 1287 53.28 -47.80 6.34
CA VAL C 1287 54.51 -48.27 7.04
C VAL C 1287 55.42 -49.04 6.05
N ASN C 1288 54.84 -49.78 5.13
CA ASN C 1288 55.64 -50.58 4.19
C ASN C 1288 56.16 -49.68 3.09
N MET C 1289 55.32 -48.73 2.69
CA MET C 1289 55.55 -47.80 1.57
C MET C 1289 56.58 -46.76 2.00
N LEU C 1290 56.70 -46.43 3.28
CA LEU C 1290 57.59 -45.33 3.74
C LEU C 1290 58.76 -45.83 4.57
N LEU C 1291 58.73 -47.03 5.15
CA LEU C 1291 59.90 -47.52 5.95
C LEU C 1291 60.39 -48.87 5.43
N ILE C 1292 59.64 -49.95 5.61
CA ILE C 1292 60.18 -51.34 5.67
C ILE C 1292 60.51 -51.85 4.26
N SER C 1293 59.61 -51.74 3.28
CA SER C 1293 59.75 -52.32 1.93
C SER C 1293 59.89 -53.84 1.97
N SER C 1294 59.28 -54.47 2.97
CA SER C 1294 59.18 -55.95 3.02
C SER C 1294 58.28 -56.38 1.87
N SER C 1295 58.42 -57.64 1.46
CA SER C 1295 57.46 -58.37 0.59
C SER C 1295 56.97 -59.58 1.38
N GLY C 1296 56.99 -59.45 2.70
CA GLY C 1296 56.56 -60.48 3.65
C GLY C 1296 55.09 -60.36 3.98
N PRO C 1297 54.59 -61.27 4.84
CA PRO C 1297 53.16 -61.39 5.09
C PRO C 1297 52.58 -60.04 5.48
N ILE C 1298 51.31 -59.84 5.20
CA ILE C 1298 50.52 -58.76 5.84
C ILE C 1298 49.19 -59.39 6.16
N LYS C 1299 48.89 -59.47 7.45
CA LYS C 1299 47.66 -60.12 7.90
C LYS C 1299 47.04 -59.17 8.90
N THR C 1300 46.18 -58.27 8.46
CA THR C 1300 45.64 -57.17 9.29
C THR C 1300 44.42 -57.66 10.06
N PRO C 1301 44.43 -57.76 11.40
CA PRO C 1301 43.20 -58.03 12.14
C PRO C 1301 42.25 -56.88 12.51
N VAL C 1302 40.99 -57.23 12.71
CA VAL C 1302 39.95 -56.37 13.34
C VAL C 1302 39.41 -57.10 14.54
N GLY C 1303 39.61 -56.56 15.72
CA GLY C 1303 39.33 -57.31 16.95
C GLY C 1303 38.64 -56.43 17.95
N ALA C 1304 37.97 -55.39 17.46
CA ALA C 1304 37.52 -54.26 18.29
C ALA C 1304 38.61 -54.03 19.34
N CYS C 1305 38.27 -54.16 20.62
CA CYS C 1305 39.10 -53.73 21.77
C CYS C 1305 40.13 -54.81 22.09
N ALA C 1306 40.09 -55.93 21.38
CA ALA C 1306 41.07 -57.04 21.48
C ALA C 1306 42.00 -57.10 20.26
N THR C 1307 42.06 -56.08 19.41
CA THR C 1307 42.72 -56.23 18.10
C THR C 1307 44.23 -56.41 18.33
N SER C 1308 44.77 -55.87 19.42
CA SER C 1308 46.21 -55.90 19.73
C SER C 1308 46.64 -57.31 20.10
N VAL C 1309 45.92 -57.98 21.00
CA VAL C 1309 46.22 -59.38 21.42
C VAL C 1309 46.00 -60.36 20.25
N GLU C 1310 44.94 -60.21 19.46
CA GLU C 1310 44.73 -60.94 18.18
C GLU C 1310 45.94 -60.68 17.27
N SER C 1311 46.33 -59.42 17.09
CA SER C 1311 47.52 -59.02 16.31
C SER C 1311 48.72 -59.87 16.72
N VAL C 1312 49.00 -59.95 18.02
CA VAL C 1312 50.15 -60.69 18.62
C VAL C 1312 50.06 -62.16 18.23
N ASP C 1313 48.88 -62.77 18.43
CA ASP C 1313 48.56 -64.16 18.06
C ASP C 1313 48.85 -64.38 16.57
N ILE C 1314 48.20 -63.63 15.70
CA ILE C 1314 48.43 -63.72 14.23
C ILE C 1314 49.92 -63.60 13.98
N GLY C 1315 50.59 -62.70 14.70
CA GLY C 1315 52.03 -62.43 14.60
C GLY C 1315 52.89 -63.63 14.91
N VAL C 1316 52.78 -64.16 16.13
CA VAL C 1316 53.43 -65.44 16.58
C VAL C 1316 53.24 -66.57 15.54
N GLU C 1317 52.01 -66.97 15.24
CA GLU C 1317 51.68 -68.10 14.35
C GLU C 1317 52.23 -67.87 12.94
N THR C 1318 52.41 -66.61 12.56
CA THR C 1318 53.09 -66.25 11.30
C THR C 1318 54.58 -66.58 11.43
N ILE C 1319 55.17 -66.37 12.60
CA ILE C 1319 56.60 -66.66 12.80
C ILE C 1319 56.83 -68.17 12.91
N LEU C 1320 55.95 -68.93 13.56
CA LEU C 1320 56.15 -70.39 13.74
C LEU C 1320 55.81 -71.13 12.44
N SER C 1321 54.73 -70.81 11.75
CA SER C 1321 54.50 -71.27 10.35
C SER C 1321 55.77 -71.23 9.48
N GLY C 1322 56.75 -70.38 9.81
CA GLY C 1322 57.96 -70.13 9.03
C GLY C 1322 57.68 -69.26 7.82
N LYS C 1323 56.73 -68.33 7.93
CA LYS C 1323 56.40 -67.36 6.84
C LYS C 1323 57.17 -66.07 7.05
N ALA C 1324 57.43 -65.70 8.30
CA ALA C 1324 58.12 -64.47 8.71
C ALA C 1324 59.06 -64.76 9.88
N ARG C 1325 60.21 -64.12 9.88
CA ARG C 1325 61.22 -64.23 10.95
C ARG C 1325 61.00 -63.04 11.88
N ILE C 1326 60.54 -61.91 11.34
CA ILE C 1326 60.23 -60.64 12.08
C ILE C 1326 58.81 -60.24 11.74
N CYS C 1327 58.14 -59.53 12.62
CA CYS C 1327 56.72 -59.16 12.48
C CYS C 1327 56.47 -57.90 13.29
N ILE C 1328 55.92 -56.87 12.69
CA ILE C 1328 55.36 -55.74 13.46
C ILE C 1328 53.99 -56.22 13.89
N VAL C 1329 53.58 -55.80 15.06
CA VAL C 1329 52.42 -56.36 15.78
C VAL C 1329 51.91 -55.19 16.60
N GLY C 1330 50.63 -54.90 16.57
CA GLY C 1330 50.09 -53.85 17.43
C GLY C 1330 48.71 -53.47 17.03
N GLY C 1331 48.33 -52.24 17.36
CA GLY C 1331 46.97 -51.73 17.19
C GLY C 1331 46.98 -50.25 17.36
N TYR C 1332 45.92 -49.62 16.91
CA TYR C 1332 45.86 -48.17 16.70
C TYR C 1332 44.42 -47.80 16.47
N ASP C 1333 43.99 -46.67 17.03
CA ASP C 1333 42.59 -46.24 16.96
C ASP C 1333 42.51 -44.76 17.32
N ASP C 1334 41.64 -44.03 16.62
CA ASP C 1334 41.44 -42.57 16.75
C ASP C 1334 40.09 -42.38 17.39
N PHE C 1335 39.95 -41.24 18.07
CA PHE C 1335 38.73 -40.70 18.74
C PHE C 1335 38.24 -39.63 17.79
N GLN C 1336 37.00 -39.73 17.32
CA GLN C 1336 36.34 -38.62 16.59
C GLN C 1336 34.92 -38.43 17.13
N GLU C 1337 34.26 -37.37 16.67
CA GLU C 1337 32.94 -36.89 17.10
C GLU C 1337 31.92 -38.04 17.11
N GLU C 1338 31.97 -38.91 16.12
CA GLU C 1338 30.81 -39.73 15.67
C GLU C 1338 30.82 -41.06 16.41
N GLY C 1339 32.00 -41.62 16.64
CA GLY C 1339 32.22 -42.75 17.56
C GLY C 1339 31.94 -42.33 18.99
N SER C 1340 32.38 -41.14 19.42
CA SER C 1340 32.13 -40.61 20.79
C SER C 1340 30.63 -40.71 21.07
N PHE C 1341 29.85 -40.28 20.09
CA PHE C 1341 28.38 -40.18 20.13
C PHE C 1341 27.76 -41.56 20.17
N GLU C 1342 28.27 -42.47 19.35
CA GLU C 1342 27.65 -43.80 19.15
C GLU C 1342 27.92 -44.69 20.36
N PHE C 1343 29.08 -44.55 20.98
CA PHE C 1343 29.40 -45.20 22.27
C PHE C 1343 28.53 -44.61 23.38
N GLY C 1344 28.11 -43.36 23.29
CA GLY C 1344 27.19 -42.72 24.26
C GLY C 1344 25.79 -43.30 24.17
N ASN C 1345 25.35 -43.66 22.97
CA ASN C 1345 23.98 -44.20 22.71
C ASN C 1345 23.89 -45.66 23.15
N MET C 1346 24.99 -46.41 23.08
CA MET C 1346 25.19 -47.78 23.63
C MET C 1346 25.32 -47.77 25.17
N LYS C 1347 25.55 -46.59 25.77
CA LYS C 1347 25.77 -46.35 27.22
C LYS C 1347 26.99 -47.16 27.72
N ALA C 1348 27.99 -47.28 26.85
CA ALA C 1348 29.30 -47.90 27.10
C ALA C 1348 30.21 -46.92 27.84
N THR C 1349 30.21 -45.64 27.44
CA THR C 1349 31.13 -44.60 27.96
C THR C 1349 30.52 -43.99 29.21
N SER C 1350 31.35 -43.48 30.12
CA SER C 1350 30.94 -42.65 31.30
C SER C 1350 30.28 -41.34 30.81
N ASN C 1351 29.04 -41.12 31.22
CA ASN C 1351 28.34 -39.83 31.08
C ASN C 1351 29.06 -38.82 31.98
N THR C 1352 29.57 -37.73 31.40
CA THR C 1352 30.45 -36.77 32.09
C THR C 1352 29.65 -35.85 33.04
N LEU C 1353 28.34 -35.65 32.81
CA LEU C 1353 27.51 -34.73 33.63
C LEU C 1353 27.10 -35.42 34.94
N GLU C 1354 26.75 -36.70 34.92
CA GLU C 1354 26.68 -37.56 36.13
C GLU C 1354 28.03 -37.49 36.86
N GLU C 1355 29.15 -37.64 36.15
CA GLU C 1355 30.48 -37.69 36.80
C GLU C 1355 30.68 -36.43 37.62
N PHE C 1356 30.29 -35.27 37.09
CA PHE C 1356 30.47 -33.95 37.73
C PHE C 1356 29.47 -33.79 38.89
N GLU C 1357 28.24 -34.35 38.78
CA GLU C 1357 27.29 -34.39 39.94
C GLU C 1357 27.99 -35.01 41.15
N HIS C 1358 28.67 -36.14 40.98
CA HIS C 1358 29.45 -36.87 42.03
C HIS C 1358 30.74 -36.14 42.40
N GLY C 1359 31.02 -34.99 41.79
CA GLY C 1359 32.21 -34.20 42.12
C GLY C 1359 33.49 -34.90 41.73
N ARG C 1360 33.45 -35.66 40.63
CA ARG C 1360 34.67 -36.25 40.01
C ARG C 1360 35.26 -35.26 39.00
N THR C 1361 36.58 -35.08 39.06
CA THR C 1361 37.38 -34.36 38.04
C THR C 1361 37.66 -35.32 36.89
N PRO C 1362 38.06 -34.84 35.70
CA PRO C 1362 38.29 -35.73 34.56
C PRO C 1362 39.37 -36.80 34.80
N ALA C 1363 40.38 -36.52 35.64
CA ALA C 1363 41.46 -37.46 35.98
C ALA C 1363 40.87 -38.75 36.57
N GLU C 1364 40.06 -38.61 37.63
CA GLU C 1364 39.47 -39.72 38.41
C GLU C 1364 38.16 -40.22 37.81
N MET C 1365 38.01 -40.25 36.47
CA MET C 1365 36.75 -40.67 35.80
C MET C 1365 36.89 -42.08 35.21
N SER C 1366 38.11 -42.54 34.94
CA SER C 1366 38.47 -43.96 34.67
C SER C 1366 38.90 -44.59 36.00
N ARG C 1367 38.08 -45.46 36.57
CA ARG C 1367 38.38 -46.10 37.87
C ARG C 1367 37.94 -47.55 37.83
N PRO C 1368 38.79 -48.44 37.27
CA PRO C 1368 38.47 -49.87 37.24
C PRO C 1368 38.41 -50.52 38.63
N ALA C 1369 37.65 -51.59 38.74
CA ALA C 1369 37.57 -52.46 39.93
C ALA C 1369 36.91 -51.71 41.08
N THR C 1370 36.35 -50.56 40.79
CA THR C 1370 35.85 -49.58 41.79
C THR C 1370 34.35 -49.85 41.95
N THR C 1371 33.81 -49.59 43.14
CA THR C 1371 32.37 -49.70 43.48
C THR C 1371 31.52 -48.86 42.51
N THR C 1372 32.00 -47.67 42.17
CA THR C 1372 31.26 -46.55 41.55
C THR C 1372 31.51 -46.45 40.04
N ARG C 1373 32.23 -47.39 39.46
CA ARG C 1373 32.60 -47.37 38.03
C ARG C 1373 31.33 -47.41 37.20
N ASN C 1374 31.29 -46.62 36.12
CA ASN C 1374 30.03 -46.30 35.40
C ASN C 1374 30.32 -46.08 33.90
N GLY C 1375 31.27 -46.80 33.33
CA GLY C 1375 31.55 -46.71 31.90
C GLY C 1375 32.98 -46.31 31.66
N PHE C 1376 33.45 -46.53 30.43
CA PHE C 1376 34.88 -46.42 30.06
C PHE C 1376 35.18 -45.03 29.51
N MET C 1377 36.47 -44.73 29.40
CA MET C 1377 36.97 -43.43 28.94
C MET C 1377 37.57 -43.59 27.55
N GLU C 1378 36.94 -43.06 26.52
CA GLU C 1378 37.44 -43.19 25.14
C GLU C 1378 38.80 -42.47 25.07
N ALA C 1379 39.79 -43.08 24.43
CA ALA C 1379 41.13 -42.52 24.17
C ALA C 1379 41.57 -42.79 22.73
N GLN C 1380 42.75 -42.32 22.36
CA GLN C 1380 43.28 -42.46 21.00
C GLN C 1380 44.77 -42.76 21.08
N GLY C 1381 45.33 -43.29 20.00
CA GLY C 1381 46.77 -43.48 19.81
C GLY C 1381 47.09 -44.84 19.24
N ALA C 1382 48.35 -45.25 19.30
CA ALA C 1382 48.80 -46.54 18.73
C ALA C 1382 49.80 -47.19 19.68
N GLY C 1383 49.86 -48.51 19.64
CA GLY C 1383 50.97 -49.27 20.21
C GLY C 1383 51.64 -50.14 19.16
N ILE C 1384 52.93 -50.28 19.23
CA ILE C 1384 53.64 -51.19 18.29
C ILE C 1384 54.68 -51.98 19.08
N GLN C 1385 54.81 -53.25 18.76
CA GLN C 1385 55.86 -54.16 19.23
C GLN C 1385 56.57 -54.74 18.01
N ILE C 1386 57.85 -54.98 18.13
CA ILE C 1386 58.55 -55.80 17.12
C ILE C 1386 58.79 -57.17 17.75
N ILE C 1387 58.42 -58.25 17.06
CA ILE C 1387 58.64 -59.64 17.56
C ILE C 1387 59.49 -60.40 16.53
N MET C 1388 60.36 -61.27 17.02
CA MET C 1388 61.28 -62.07 16.16
C MET C 1388 61.37 -63.47 16.74
N GLN C 1389 61.92 -64.38 15.94
CA GLN C 1389 62.60 -65.60 16.46
C GLN C 1389 63.69 -65.17 17.46
N ALA C 1390 63.86 -65.88 18.58
CA ALA C 1390 64.91 -65.58 19.58
C ALA C 1390 66.27 -65.85 18.95
N ASP C 1391 66.35 -66.83 18.06
CA ASP C 1391 67.53 -67.23 17.26
C ASP C 1391 68.05 -66.01 16.53
N LEU C 1392 67.14 -65.32 15.84
CA LEU C 1392 67.44 -64.12 15.03
C LEU C 1392 67.84 -62.99 15.96
N ALA C 1393 67.16 -62.85 17.08
CA ALA C 1393 67.38 -61.74 18.02
C ALA C 1393 68.79 -61.82 18.59
N LEU C 1394 69.28 -63.02 18.85
CA LEU C 1394 70.62 -63.25 19.48
C LEU C 1394 71.71 -63.04 18.43
N LYS C 1395 71.42 -63.41 17.18
CA LYS C 1395 72.31 -63.17 16.02
C LYS C 1395 72.43 -61.66 15.77
N MET C 1396 71.34 -60.90 15.75
CA MET C 1396 71.34 -59.45 15.44
C MET C 1396 71.87 -58.67 16.65
N GLY C 1397 71.95 -59.29 17.80
CA GLY C 1397 72.18 -58.53 19.04
C GLY C 1397 71.23 -57.35 19.15
N VAL C 1398 69.92 -57.59 19.02
CA VAL C 1398 68.86 -56.64 19.44
C VAL C 1398 68.51 -56.92 20.87
N PRO C 1399 68.06 -55.92 21.64
CA PRO C 1399 67.64 -56.15 23.01
C PRO C 1399 66.38 -57.03 22.97
N ILE C 1400 66.10 -57.70 24.05
CA ILE C 1400 65.02 -58.72 24.17
C ILE C 1400 64.30 -58.34 25.44
N TYR C 1401 63.07 -57.85 25.34
CA TYR C 1401 62.38 -57.18 26.46
C TYR C 1401 61.57 -58.20 27.22
N GLY C 1402 61.12 -59.24 26.51
CA GLY C 1402 60.44 -60.42 27.08
C GLY C 1402 60.29 -61.53 26.07
N ILE C 1403 59.79 -62.66 26.54
CA ILE C 1403 59.40 -63.83 25.71
C ILE C 1403 57.88 -63.91 25.64
N VAL C 1404 57.29 -63.94 24.46
CA VAL C 1404 55.82 -64.16 24.29
C VAL C 1404 55.60 -65.66 24.34
N ALA C 1405 55.31 -66.14 25.53
CA ALA C 1405 55.25 -67.58 25.83
C ALA C 1405 53.99 -68.11 25.19
N MET C 1406 52.85 -67.45 25.46
CA MET C 1406 51.51 -67.84 24.94
C MET C 1406 50.83 -66.59 24.36
N ALA C 1407 49.95 -66.78 23.38
CA ALA C 1407 48.99 -65.78 22.88
C ALA C 1407 47.79 -66.48 22.21
N ALA C 1408 46.57 -66.11 22.57
CA ALA C 1408 45.34 -66.85 22.27
C ALA C 1408 44.17 -65.86 22.07
N THR C 1409 43.15 -66.34 21.36
CA THR C 1409 41.86 -65.67 21.10
C THR C 1409 40.76 -66.71 21.24
N ALA C 1410 39.60 -66.30 21.73
CA ALA C 1410 38.46 -67.18 21.97
C ALA C 1410 37.18 -66.36 21.86
N THR C 1411 36.23 -66.87 21.06
CA THR C 1411 34.80 -66.48 21.06
C THR C 1411 34.15 -66.95 22.36
N ASP C 1412 32.91 -66.52 22.61
CA ASP C 1412 32.07 -66.93 23.76
C ASP C 1412 31.02 -67.90 23.21
N LYS C 1413 29.72 -67.68 23.44
CA LYS C 1413 28.65 -68.67 23.16
C LYS C 1413 27.46 -67.99 22.46
N ILE C 1414 26.43 -68.79 22.16
CA ILE C 1414 25.08 -68.32 21.76
C ILE C 1414 24.65 -67.17 22.67
N GLY C 1415 24.20 -66.08 22.06
CA GLY C 1415 23.69 -64.88 22.74
C GLY C 1415 23.06 -63.95 21.75
N ARG C 1416 22.50 -62.83 22.21
CA ARG C 1416 21.85 -61.81 21.35
C ARG C 1416 22.38 -60.41 21.70
N SER C 1417 23.64 -60.32 22.13
CA SER C 1417 24.29 -59.09 22.65
C SER C 1417 25.78 -59.06 22.29
N VAL C 1418 26.12 -58.32 21.23
CA VAL C 1418 27.49 -58.20 20.64
C VAL C 1418 28.44 -57.54 21.64
N PRO C 1419 28.04 -56.52 22.43
CA PRO C 1419 28.96 -55.87 23.37
C PRO C 1419 29.11 -56.50 24.77
N ALA C 1420 28.42 -57.60 25.07
CA ALA C 1420 28.51 -58.35 26.35
C ALA C 1420 29.79 -59.17 26.38
N PRO C 1421 30.69 -58.97 27.37
CA PRO C 1421 31.91 -59.79 27.46
C PRO C 1421 31.53 -61.20 27.95
N GLY C 1422 32.38 -62.19 27.70
CA GLY C 1422 32.15 -63.59 28.11
C GLY C 1422 33.41 -64.26 28.60
N LYS C 1423 33.41 -65.60 28.63
CA LYS C 1423 34.41 -66.41 29.38
C LYS C 1423 35.16 -67.37 28.45
N GLY C 1424 35.00 -67.28 27.13
CA GLY C 1424 35.62 -68.22 26.17
C GLY C 1424 37.13 -68.30 26.30
N ILE C 1425 37.78 -67.32 26.92
CA ILE C 1425 39.25 -67.32 27.09
C ILE C 1425 39.67 -68.25 28.25
N LEU C 1426 38.74 -68.71 29.09
CA LEU C 1426 38.95 -69.81 30.10
C LEU C 1426 39.57 -71.06 29.47
N THR C 1427 39.32 -71.32 28.19
CA THR C 1427 39.82 -72.51 27.43
C THR C 1427 41.35 -72.49 27.32
N THR C 1428 42.06 -71.49 27.84
CA THR C 1428 43.54 -71.45 27.87
C THR C 1428 44.02 -72.22 29.11
N ALA C 1429 43.14 -72.47 30.06
CA ALA C 1429 43.43 -73.23 31.29
C ALA C 1429 42.78 -74.62 31.19
N ARG C 1430 42.35 -75.02 29.99
CA ARG C 1430 41.61 -76.29 29.86
C ARG C 1430 42.61 -77.38 30.16
N GLU C 1431 42.38 -78.15 31.22
CA GLU C 1431 43.06 -79.46 31.31
C GLU C 1431 42.16 -80.50 31.97
N HIS C 1432 42.59 -81.75 31.79
CA HIS C 1432 41.92 -82.98 32.25
C HIS C 1432 42.49 -83.43 33.60
N HIS C 1433 41.63 -83.67 34.58
CA HIS C 1433 41.96 -83.97 35.99
C HIS C 1433 41.23 -85.23 36.49
N SER C 1434 40.85 -86.14 35.59
CA SER C 1434 40.26 -87.46 35.94
C SER C 1434 41.35 -88.32 36.61
N SER C 1435 42.50 -88.45 35.91
CA SER C 1435 43.64 -89.33 36.23
C SER C 1435 44.83 -88.50 36.75
N VAL C 1436 44.76 -88.03 38.00
CA VAL C 1436 45.60 -86.94 38.60
C VAL C 1436 46.27 -87.44 39.90
N LYS C 1437 46.41 -88.76 40.06
CA LYS C 1437 46.94 -89.41 41.30
C LYS C 1437 48.48 -89.35 41.27
N TYR C 1438 49.08 -89.80 40.17
CA TYR C 1438 50.55 -89.84 39.93
C TYR C 1438 50.94 -88.71 38.98
N ALA C 1439 52.22 -88.31 39.01
CA ALA C 1439 52.82 -87.21 38.20
C ALA C 1439 52.91 -87.62 36.72
N SER C 1440 52.79 -86.64 35.83
CA SER C 1440 53.18 -86.71 34.40
C SER C 1440 54.68 -86.55 34.31
N PRO C 1441 55.44 -87.50 33.71
CA PRO C 1441 56.89 -87.33 33.56
C PRO C 1441 57.22 -86.29 32.49
N ASN C 1442 56.26 -86.01 31.58
CA ASN C 1442 56.34 -85.01 30.48
C ASN C 1442 56.49 -83.59 31.05
N LEU C 1443 55.96 -83.30 32.24
CA LEU C 1443 56.09 -81.95 32.89
C LEU C 1443 57.50 -81.74 33.43
N ASN C 1444 58.14 -82.80 33.93
CA ASN C 1444 59.52 -82.77 34.50
C ASN C 1444 60.53 -82.57 33.38
N MET C 1445 61.28 -81.47 33.42
CA MET C 1445 62.23 -81.05 32.36
C MET C 1445 63.39 -82.05 32.26
N LYS C 1446 63.82 -82.62 33.39
CA LYS C 1446 64.95 -83.59 33.45
C LYS C 1446 64.67 -84.73 32.47
N TYR C 1447 63.53 -85.41 32.64
CA TYR C 1447 63.01 -86.48 31.76
C TYR C 1447 63.14 -86.03 30.31
N ARG C 1448 62.53 -84.87 30.00
CA ARG C 1448 62.42 -84.34 28.62
C ARG C 1448 63.81 -84.14 28.01
N LYS C 1449 64.82 -83.84 28.83
CA LYS C 1449 66.20 -83.58 28.34
C LYS C 1449 66.86 -84.92 28.05
N ARG C 1450 66.71 -85.89 28.96
CA ARG C 1450 67.23 -87.27 28.78
C ARG C 1450 66.73 -87.84 27.45
N GLN C 1451 65.48 -87.61 27.10
CA GLN C 1451 64.86 -88.12 25.84
C GLN C 1451 65.55 -87.45 24.64
N LEU C 1452 65.83 -86.16 24.74
CA LEU C 1452 66.50 -85.38 23.66
C LEU C 1452 67.93 -85.87 23.48
N VAL C 1453 68.66 -86.06 24.58
CA VAL C 1453 70.08 -86.53 24.57
C VAL C 1453 70.17 -87.83 23.76
N THR C 1454 69.29 -88.79 24.07
CA THR C 1454 69.09 -90.07 23.32
C THR C 1454 68.91 -89.74 21.85
N ARG C 1455 67.89 -88.95 21.53
CA ARG C 1455 67.46 -88.65 20.14
C ARG C 1455 68.60 -87.96 19.34
N GLU C 1456 69.46 -87.17 20.01
CA GLU C 1456 70.61 -86.47 19.38
C GLU C 1456 71.65 -87.51 18.96
N ALA C 1457 71.88 -88.53 19.80
CA ALA C 1457 72.76 -89.69 19.53
C ALA C 1457 72.31 -90.39 18.23
N GLN C 1458 71.01 -90.68 18.11
CA GLN C 1458 70.39 -91.32 16.92
C GLN C 1458 70.69 -90.48 15.67
N ILE C 1459 70.74 -89.15 15.77
CA ILE C 1459 70.97 -88.24 14.59
C ILE C 1459 72.47 -88.26 14.23
N LYS C 1460 73.33 -88.06 15.22
CA LYS C 1460 74.80 -88.31 15.14
C LYS C 1460 75.05 -89.58 14.30
N ASP C 1461 74.48 -90.72 14.69
CA ASP C 1461 74.54 -92.01 13.92
C ASP C 1461 74.02 -91.77 12.50
N TRP C 1462 72.81 -91.23 12.39
CA TRP C 1462 72.14 -90.99 11.09
C TRP C 1462 73.05 -90.27 10.10
N VAL C 1463 73.94 -89.36 10.56
CA VAL C 1463 74.78 -88.52 9.65
C VAL C 1463 76.05 -89.29 9.25
N GLU C 1464 76.68 -90.05 10.15
CA GLU C 1464 77.75 -91.02 9.76
C GLU C 1464 77.25 -91.82 8.56
N ASN C 1465 76.06 -92.44 8.70
CA ASN C 1465 75.49 -93.46 7.78
C ASN C 1465 75.03 -92.83 6.45
N GLU C 1466 74.88 -91.51 6.38
CA GLU C 1466 74.49 -90.77 5.14
C GLU C 1466 75.73 -90.12 4.47
N LEU C 1467 76.88 -90.04 5.16
CA LEU C 1467 78.20 -89.65 4.58
C LEU C 1467 78.92 -90.92 4.06
N GLU C 1468 78.76 -92.03 4.80
CA GLU C 1468 79.14 -93.41 4.38
C GLU C 1468 78.56 -93.69 2.99
N ALA C 1469 77.25 -93.46 2.81
CA ALA C 1469 76.49 -93.78 1.58
C ALA C 1469 76.75 -92.75 0.46
N LEU C 1470 77.16 -91.52 0.80
CA LEU C 1470 77.54 -90.44 -0.18
C LEU C 1470 78.94 -90.71 -0.76
N LYS C 1471 79.84 -91.31 0.02
CA LYS C 1471 81.22 -91.69 -0.41
C LYS C 1471 81.15 -92.89 -1.39
N LEU C 1472 80.05 -93.69 -1.37
CA LEU C 1472 79.76 -94.81 -2.32
C LEU C 1472 78.88 -94.34 -3.50
N GLU C 1473 78.64 -93.04 -3.66
CA GLU C 1473 78.02 -92.44 -4.89
C GLU C 1473 79.04 -91.56 -5.63
N ALA C 1474 80.07 -91.03 -4.94
CA ALA C 1474 81.14 -90.16 -5.51
C ALA C 1474 82.05 -90.97 -6.46
N GLU C 1475 82.34 -92.22 -6.10
CA GLU C 1475 83.21 -93.19 -6.83
C GLU C 1475 82.70 -93.37 -8.28
N GLU C 1476 81.38 -93.55 -8.47
CA GLU C 1476 80.69 -93.80 -9.77
C GLU C 1476 80.81 -92.57 -10.71
N ILE C 1477 81.01 -91.37 -10.14
CA ILE C 1477 81.17 -90.07 -10.88
C ILE C 1477 82.65 -89.88 -11.26
N PRO C 1478 82.96 -89.34 -12.47
CA PRO C 1478 84.34 -88.96 -12.82
C PRO C 1478 84.95 -87.97 -11.83
N SER C 1479 86.23 -88.15 -11.46
CA SER C 1479 86.95 -87.44 -10.36
C SER C 1479 87.21 -85.96 -10.68
N GLU C 1480 86.83 -85.47 -11.87
CA GLU C 1480 86.92 -84.03 -12.30
C GLU C 1480 85.81 -83.19 -11.65
N ASP C 1481 84.56 -83.68 -11.66
CA ASP C 1481 83.29 -82.96 -11.32
C ASP C 1481 82.56 -83.63 -10.14
N GLN C 1482 83.27 -84.42 -9.31
CA GLN C 1482 82.72 -85.05 -8.08
C GLN C 1482 82.91 -84.06 -6.91
N ASN C 1483 83.66 -82.97 -7.11
CA ASN C 1483 83.74 -81.85 -6.13
C ASN C 1483 82.37 -81.17 -6.06
N GLU C 1484 81.72 -80.92 -7.21
CA GLU C 1484 80.42 -80.18 -7.26
C GLU C 1484 79.26 -81.05 -6.78
N PHE C 1485 79.26 -82.36 -7.08
CA PHE C 1485 78.32 -83.36 -6.53
C PHE C 1485 78.37 -83.36 -4.98
N LEU C 1486 79.58 -83.30 -4.40
CA LEU C 1486 79.81 -83.40 -2.93
C LEU C 1486 79.41 -82.11 -2.22
N LEU C 1487 79.69 -80.93 -2.82
CA LEU C 1487 79.32 -79.60 -2.23
C LEU C 1487 77.79 -79.50 -2.13
N GLU C 1488 77.07 -79.98 -3.16
CA GLU C 1488 75.59 -80.00 -3.24
C GLU C 1488 74.99 -81.00 -2.24
N ARG C 1489 75.67 -82.12 -1.96
CA ARG C 1489 75.09 -83.24 -1.16
C ARG C 1489 75.62 -83.28 0.28
N THR C 1490 76.76 -82.67 0.60
CA THR C 1490 77.19 -82.44 2.02
C THR C 1490 76.38 -81.27 2.61
N ARG C 1491 75.84 -80.42 1.73
CA ARG C 1491 74.98 -79.25 2.04
C ARG C 1491 73.54 -79.71 2.31
N GLU C 1492 73.06 -80.70 1.58
CA GLU C 1492 71.75 -81.36 1.80
C GLU C 1492 71.77 -82.07 3.16
N ILE C 1493 72.82 -82.84 3.48
CA ILE C 1493 72.92 -83.66 4.73
C ILE C 1493 73.12 -82.74 5.95
N HIS C 1494 73.76 -81.58 5.77
CA HIS C 1494 73.85 -80.53 6.82
C HIS C 1494 72.41 -80.18 7.24
N ASN C 1495 71.64 -79.60 6.31
CA ASN C 1495 70.21 -79.21 6.47
C ASN C 1495 69.38 -80.35 7.09
N GLU C 1496 69.42 -81.56 6.53
CA GLU C 1496 68.52 -82.70 6.92
C GLU C 1496 68.86 -83.20 8.34
N ALA C 1497 70.02 -82.81 8.88
CA ALA C 1497 70.47 -83.14 10.25
C ALA C 1497 70.07 -82.01 11.20
N GLU C 1498 70.17 -80.76 10.73
CA GLU C 1498 69.69 -79.56 11.47
C GLU C 1498 68.19 -79.71 11.67
N SER C 1499 67.47 -79.92 10.58
CA SER C 1499 66.00 -80.13 10.53
C SER C 1499 65.59 -81.19 11.56
N GLN C 1500 66.38 -82.24 11.75
CA GLN C 1500 66.07 -83.36 12.70
C GLN C 1500 66.42 -82.96 14.14
N LEU C 1501 67.47 -82.19 14.35
CA LEU C 1501 67.90 -81.73 15.69
C LEU C 1501 66.85 -80.75 16.23
N ARG C 1502 66.30 -79.88 15.37
CA ARG C 1502 65.28 -78.86 15.74
C ARG C 1502 63.95 -79.57 16.02
N ALA C 1503 63.57 -80.50 15.16
CA ALA C 1503 62.33 -81.30 15.28
C ALA C 1503 62.29 -82.00 16.65
N ALA C 1504 63.46 -82.37 17.14
CA ALA C 1504 63.66 -83.10 18.40
C ALA C 1504 63.55 -82.12 19.56
N GLN C 1505 64.09 -80.92 19.38
CA GLN C 1505 64.04 -79.81 20.37
C GLN C 1505 62.57 -79.35 20.51
N GLN C 1506 61.91 -79.11 19.40
CA GLN C 1506 60.46 -78.83 19.33
C GLN C 1506 59.67 -79.96 20.00
N GLN C 1507 60.06 -81.23 19.86
CA GLN C 1507 59.28 -82.38 20.40
C GLN C 1507 59.35 -82.41 21.94
N TRP C 1508 60.46 -81.98 22.53
CA TRP C 1508 60.79 -82.17 23.97
C TRP C 1508 61.00 -80.84 24.71
N GLY C 1509 61.19 -79.72 24.01
CA GLY C 1509 61.52 -78.42 24.63
C GLY C 1509 60.38 -77.43 24.52
N ASN C 1510 59.86 -77.22 23.31
CA ASN C 1510 58.87 -76.16 22.97
C ASN C 1510 57.44 -76.70 22.96
N ASP C 1511 57.18 -77.80 22.26
CA ASP C 1511 55.83 -78.36 21.97
C ASP C 1511 55.65 -79.72 22.67
N PHE C 1512 56.03 -79.83 23.93
CA PHE C 1512 55.94 -81.12 24.67
C PHE C 1512 54.53 -81.35 25.21
N TYR C 1513 53.63 -80.37 25.12
CA TYR C 1513 52.34 -80.37 25.85
C TYR C 1513 51.19 -80.29 24.85
N LYS C 1514 51.44 -80.24 23.56
CA LYS C 1514 50.40 -79.88 22.55
C LYS C 1514 49.49 -81.08 22.26
N ARG C 1515 49.91 -82.29 22.60
CA ARG C 1515 49.08 -83.54 22.50
C ARG C 1515 48.65 -84.07 23.87
N ASP C 1516 49.11 -83.48 24.98
CA ASP C 1516 48.75 -83.92 26.36
C ASP C 1516 47.52 -83.13 26.80
N PRO C 1517 46.35 -83.78 27.01
CA PRO C 1517 45.21 -83.13 27.65
C PRO C 1517 45.31 -83.00 29.19
N ARG C 1518 46.38 -83.50 29.81
CA ARG C 1518 46.64 -83.28 31.26
C ARG C 1518 47.50 -82.02 31.47
N ILE C 1519 47.80 -81.26 30.41
CA ILE C 1519 48.54 -79.98 30.50
C ILE C 1519 47.78 -78.90 29.73
N ALA C 1520 47.33 -77.87 30.46
CA ALA C 1520 46.71 -76.65 29.94
C ALA C 1520 47.73 -75.90 29.11
N PRO C 1521 47.30 -75.24 28.03
CA PRO C 1521 48.16 -74.31 27.29
C PRO C 1521 48.93 -73.32 28.16
N LEU C 1522 48.24 -72.73 29.13
CA LEU C 1522 48.79 -71.68 30.02
C LEU C 1522 49.89 -72.29 30.89
N ARG C 1523 49.76 -73.55 31.28
CA ARG C 1523 50.69 -74.22 32.23
C ARG C 1523 51.93 -74.65 31.44
N GLY C 1524 51.71 -75.26 30.27
CA GLY C 1524 52.78 -75.70 29.37
C GLY C 1524 53.64 -74.53 28.96
N ALA C 1525 53.03 -73.47 28.45
CA ALA C 1525 53.65 -72.19 28.08
C ALA C 1525 54.71 -71.82 29.10
N LEU C 1526 54.34 -71.83 30.36
CA LEU C 1526 55.23 -71.39 31.45
C LEU C 1526 56.21 -72.51 31.77
N ALA C 1527 55.79 -73.78 31.66
CA ALA C 1527 56.59 -74.97 32.07
C ALA C 1527 57.82 -75.18 31.16
N THR C 1528 57.81 -74.61 29.96
CA THR C 1528 58.95 -74.70 29.04
C THR C 1528 60.17 -73.94 29.54
N TYR C 1529 60.06 -73.09 30.54
CA TYR C 1529 61.20 -72.36 31.17
C TYR C 1529 61.35 -72.85 32.62
N GLY C 1530 60.68 -73.94 32.94
CA GLY C 1530 60.60 -74.42 34.33
C GLY C 1530 59.92 -73.44 35.29
N LEU C 1531 58.95 -72.64 34.82
CA LEU C 1531 58.07 -71.84 35.72
C LEU C 1531 56.80 -72.63 36.02
N THR C 1532 56.29 -72.46 37.23
CA THR C 1532 54.99 -72.97 37.71
C THR C 1532 53.91 -71.93 37.42
N ILE C 1533 52.66 -72.28 37.68
CA ILE C 1533 51.51 -71.34 37.61
C ILE C 1533 51.70 -70.27 38.68
N ASP C 1534 52.46 -70.55 39.74
CA ASP C 1534 52.70 -69.63 40.89
C ASP C 1534 53.70 -68.53 40.57
N ASP C 1535 54.25 -68.46 39.36
CA ASP C 1535 55.25 -67.43 38.98
C ASP C 1535 54.62 -66.43 38.01
N LEU C 1536 53.33 -66.56 37.72
CA LEU C 1536 52.55 -65.60 36.91
C LEU C 1536 52.14 -64.47 37.83
N GLY C 1537 53.04 -63.52 38.07
CA GLY C 1537 52.96 -62.60 39.23
C GLY C 1537 51.96 -61.45 39.09
N VAL C 1538 51.72 -60.99 37.89
CA VAL C 1538 50.93 -59.76 37.64
C VAL C 1538 49.95 -60.05 36.50
N ALA C 1539 48.76 -59.49 36.58
CA ALA C 1539 47.75 -59.62 35.50
C ALA C 1539 47.30 -58.21 35.13
N SER C 1540 47.76 -57.74 33.97
CA SER C 1540 47.30 -56.51 33.30
C SER C 1540 45.91 -56.87 32.81
N PHE C 1541 44.90 -56.25 33.41
CA PHE C 1541 43.46 -56.43 33.16
C PHE C 1541 42.97 -55.37 32.17
N HIS C 1542 42.16 -55.78 31.20
CA HIS C 1542 41.42 -54.91 30.25
C HIS C 1542 40.80 -53.76 31.03
N GLY C 1543 40.07 -54.08 32.10
CA GLY C 1543 39.72 -53.13 33.19
C GLY C 1543 39.26 -51.78 32.66
N THR C 1544 38.12 -51.76 32.02
CA THR C 1544 37.66 -50.63 31.19
C THR C 1544 37.00 -49.55 32.06
N SER C 1545 36.56 -49.90 33.26
CA SER C 1545 35.80 -49.05 34.21
C SER C 1545 34.31 -49.19 33.88
N THR C 1546 33.94 -50.34 33.35
CA THR C 1546 32.55 -50.74 33.10
C THR C 1546 32.15 -51.71 34.20
N LYS C 1547 30.84 -51.77 34.49
CA LYS C 1547 30.21 -52.67 35.47
C LYS C 1547 30.53 -54.13 35.10
N ALA C 1548 30.18 -54.54 33.88
CA ALA C 1548 30.23 -55.93 33.41
C ALA C 1548 31.68 -56.44 33.25
N ASN C 1549 32.52 -55.70 32.52
CA ASN C 1549 33.89 -56.11 32.15
C ASN C 1549 34.77 -56.48 33.36
N ASP C 1550 34.71 -55.69 34.43
CA ASP C 1550 35.72 -55.68 35.52
C ASP C 1550 35.36 -56.73 36.58
N LYS C 1551 34.13 -57.23 36.55
CA LYS C 1551 33.71 -58.46 37.28
C LYS C 1551 33.95 -59.69 36.39
N ASN C 1552 33.54 -59.65 35.14
CA ASN C 1552 33.72 -60.78 34.20
C ASN C 1552 35.21 -61.09 34.07
N GLU C 1553 36.11 -60.11 34.13
CA GLU C 1553 37.56 -60.37 33.90
C GLU C 1553 38.19 -61.00 35.15
N SER C 1554 37.96 -60.37 36.29
CA SER C 1554 38.31 -60.85 37.65
C SER C 1554 37.84 -62.29 37.84
N ALA C 1555 36.61 -62.58 37.46
CA ALA C 1555 36.00 -63.93 37.54
C ALA C 1555 36.74 -64.94 36.67
N THR C 1556 37.18 -64.61 35.44
CA THR C 1556 37.85 -65.61 34.56
C THR C 1556 39.28 -65.82 35.05
N ILE C 1557 39.97 -64.76 35.46
CA ILE C 1557 41.35 -64.88 36.04
C ILE C 1557 41.27 -65.79 37.26
N ASN C 1558 40.22 -65.67 38.05
CA ASN C 1558 40.12 -66.36 39.33
C ASN C 1558 39.83 -67.83 39.04
N GLU C 1559 39.20 -68.13 37.93
CA GLU C 1559 38.80 -69.52 37.61
C GLU C 1559 39.93 -70.22 36.84
N MET C 1560 40.73 -69.53 36.04
CA MET C 1560 42.00 -70.10 35.50
C MET C 1560 42.90 -70.53 36.66
N MET C 1561 43.05 -69.65 37.64
CA MET C 1561 44.04 -69.77 38.73
C MET C 1561 43.56 -70.87 39.67
N LYS C 1562 42.26 -71.11 39.76
CA LYS C 1562 41.69 -72.13 40.68
C LYS C 1562 41.93 -73.50 40.08
N HIS C 1563 41.72 -73.62 38.77
CA HIS C 1563 41.76 -74.88 38.00
C HIS C 1563 43.19 -75.35 37.81
N LEU C 1564 44.18 -74.46 37.91
CA LEU C 1564 45.62 -74.83 37.75
C LEU C 1564 46.30 -74.87 39.12
N GLY C 1565 45.55 -74.93 40.21
CA GLY C 1565 46.13 -75.09 41.54
C GLY C 1565 47.26 -74.14 41.82
N ARG C 1566 47.09 -72.86 41.46
CA ARG C 1566 47.63 -71.70 42.20
C ARG C 1566 47.65 -72.04 43.69
N SER C 1567 48.68 -71.65 44.41
CA SER C 1567 48.68 -71.79 45.88
C SER C 1567 47.62 -70.84 46.43
N GLU C 1568 46.75 -71.35 47.30
CA GLU C 1568 45.86 -70.52 48.14
C GLU C 1568 46.77 -69.56 48.91
N GLY C 1569 46.50 -68.27 48.82
CA GLY C 1569 47.31 -67.20 49.43
C GLY C 1569 48.34 -66.60 48.50
N ASN C 1570 48.29 -66.89 47.19
CA ASN C 1570 49.23 -66.36 46.17
C ASN C 1570 48.43 -65.69 45.07
N PRO C 1571 47.78 -64.56 45.34
CA PRO C 1571 46.93 -63.97 44.32
C PRO C 1571 47.83 -63.28 43.31
N VAL C 1572 47.43 -63.29 42.04
CA VAL C 1572 48.03 -62.39 41.01
C VAL C 1572 47.67 -60.96 41.40
N ILE C 1573 48.58 -60.05 41.11
CA ILE C 1573 48.38 -58.60 41.34
C ILE C 1573 47.82 -58.04 40.06
N GLY C 1574 46.65 -57.42 40.13
CA GLY C 1574 46.04 -56.71 39.00
C GLY C 1574 46.78 -55.41 38.73
N VAL C 1575 46.87 -55.00 37.47
CA VAL C 1575 47.21 -53.61 37.08
C VAL C 1575 46.16 -53.12 36.08
N PHE C 1576 45.76 -51.86 36.22
CA PHE C 1576 44.57 -51.31 35.54
C PHE C 1576 44.99 -50.02 34.86
N GLN C 1577 45.90 -50.11 33.89
CA GLN C 1577 46.62 -48.95 33.31
C GLN C 1577 45.64 -47.97 32.66
N LYS C 1578 44.44 -48.41 32.31
CA LYS C 1578 43.42 -47.58 31.67
C LYS C 1578 42.95 -46.48 32.62
N PHE C 1579 43.29 -46.54 33.91
CA PHE C 1579 42.90 -45.48 34.88
C PHE C 1579 43.53 -44.15 34.43
N LEU C 1580 44.69 -44.29 33.76
CA LEU C 1580 45.63 -43.21 33.48
C LEU C 1580 45.48 -42.79 32.04
N THR C 1581 45.29 -43.75 31.13
CA THR C 1581 45.33 -43.53 29.66
C THR C 1581 43.93 -43.49 29.05
N GLY C 1582 42.93 -44.09 29.69
CA GLY C 1582 41.63 -44.34 29.06
C GLY C 1582 41.75 -45.47 28.05
N HIS C 1583 40.64 -45.85 27.46
CA HIS C 1583 40.48 -47.05 26.61
C HIS C 1583 40.58 -46.67 25.15
N PRO C 1584 41.68 -46.99 24.45
CA PRO C 1584 41.86 -46.62 23.05
C PRO C 1584 41.47 -47.72 22.05
N LYS C 1585 40.28 -48.22 22.30
CA LYS C 1585 39.75 -49.54 21.89
C LYS C 1585 40.82 -50.35 21.15
N GLY C 1586 41.04 -50.22 19.85
CA GLY C 1586 41.98 -51.11 19.15
C GLY C 1586 43.41 -51.16 19.72
N ALA C 1587 43.90 -50.08 20.34
CA ALA C 1587 45.29 -49.96 20.84
C ALA C 1587 45.39 -50.51 22.27
N ALA C 1588 44.29 -50.97 22.84
CA ALA C 1588 44.16 -51.15 24.30
C ALA C 1588 45.25 -52.11 24.77
N GLY C 1589 45.39 -53.24 24.08
CA GLY C 1589 46.22 -54.39 24.44
C GLY C 1589 47.69 -54.16 24.11
N ALA C 1590 48.00 -53.34 23.11
CA ALA C 1590 49.38 -52.88 22.83
C ALA C 1590 49.89 -52.03 24.00
N TRP C 1591 49.10 -51.13 24.55
CA TRP C 1591 49.54 -50.33 25.73
C TRP C 1591 49.68 -51.21 26.97
N MET C 1592 48.80 -52.18 27.12
CA MET C 1592 48.86 -53.15 28.23
C MET C 1592 50.15 -53.96 28.12
N MET C 1593 50.55 -54.30 26.89
CA MET C 1593 51.76 -55.11 26.56
C MET C 1593 53.05 -54.27 26.79
N ASN C 1594 53.21 -53.11 26.16
CA ASN C 1594 54.27 -52.13 26.50
C ASN C 1594 54.37 -52.07 28.03
N GLY C 1595 53.28 -51.80 28.73
CA GLY C 1595 53.26 -51.64 30.20
C GLY C 1595 53.81 -52.83 30.94
N ALA C 1596 53.53 -54.03 30.44
CA ALA C 1596 53.86 -55.36 31.02
C ALA C 1596 55.34 -55.66 30.87
N LEU C 1597 55.91 -55.33 29.72
CA LEU C 1597 57.38 -55.45 29.48
C LEU C 1597 58.12 -54.45 30.38
N GLN C 1598 57.54 -53.31 30.74
CA GLN C 1598 58.18 -52.30 31.62
C GLN C 1598 58.14 -52.85 33.03
N ILE C 1599 57.03 -53.45 33.43
CA ILE C 1599 56.87 -54.12 34.75
C ILE C 1599 57.92 -55.22 34.81
N LEU C 1600 58.09 -55.97 33.72
CA LEU C 1600 58.96 -57.18 33.70
C LEU C 1600 60.40 -56.82 34.00
N ASN C 1601 60.89 -55.78 33.33
CA ASN C 1601 62.32 -55.38 33.33
C ASN C 1601 62.63 -54.38 34.44
N SER C 1602 61.70 -54.07 35.34
CA SER C 1602 61.92 -53.20 36.52
C SER C 1602 61.53 -53.92 37.82
N GLY C 1603 60.53 -54.81 37.77
CA GLY C 1603 59.82 -55.36 38.93
C GLY C 1603 59.16 -54.26 39.71
N ILE C 1604 58.65 -53.25 39.03
CA ILE C 1604 57.80 -52.19 39.61
C ILE C 1604 56.40 -52.47 39.12
N ILE C 1605 55.45 -52.67 40.01
CA ILE C 1605 54.02 -52.89 39.66
C ILE C 1605 53.32 -51.58 39.96
N PRO C 1606 52.87 -50.82 38.95
CA PRO C 1606 52.13 -49.60 39.21
C PRO C 1606 50.73 -49.88 39.75
N GLY C 1607 50.27 -49.02 40.66
CA GLY C 1607 48.94 -49.08 41.31
C GLY C 1607 47.89 -48.22 40.62
N ASN C 1608 46.68 -48.77 40.42
CA ASN C 1608 45.45 -48.01 40.07
C ASN C 1608 45.31 -46.92 41.10
N ARG C 1609 45.79 -45.71 40.82
CA ARG C 1609 45.70 -44.56 41.74
C ARG C 1609 44.27 -44.02 41.80
N ASN C 1610 43.31 -44.55 41.07
CA ASN C 1610 41.90 -44.14 41.15
C ASN C 1610 41.06 -45.23 41.83
N ALA C 1611 41.68 -46.29 42.31
CA ALA C 1611 41.00 -47.31 43.12
C ALA C 1611 40.85 -46.71 44.50
N ASP C 1612 39.78 -45.92 44.66
CA ASP C 1612 39.32 -45.31 45.94
C ASP C 1612 38.92 -46.46 46.86
N ASN C 1613 38.05 -47.33 46.35
CA ASN C 1613 37.26 -48.33 47.12
C ASN C 1613 36.95 -49.50 46.20
N VAL C 1614 37.48 -50.67 46.53
CA VAL C 1614 37.40 -51.84 45.63
C VAL C 1614 36.09 -52.53 45.91
N ASP C 1615 35.38 -52.88 44.85
CA ASP C 1615 33.98 -53.35 44.88
C ASP C 1615 33.91 -54.51 45.85
N LYS C 1616 33.05 -54.47 46.85
CA LYS C 1616 32.86 -55.61 47.79
C LYS C 1616 32.61 -56.90 47.01
N ILE C 1617 32.08 -56.81 45.79
CA ILE C 1617 31.72 -57.99 44.96
C ILE C 1617 32.99 -58.74 44.59
N LEU C 1618 34.13 -58.07 44.58
CA LEU C 1618 35.43 -58.63 44.13
C LEU C 1618 36.23 -59.29 45.27
N GLU C 1619 35.70 -59.41 46.48
CA GLU C 1619 36.43 -60.10 47.60
C GLU C 1619 36.17 -61.60 47.50
N GLN C 1620 35.19 -62.02 46.71
CA GLN C 1620 34.89 -63.44 46.46
C GLN C 1620 36.03 -64.03 45.61
N PHE C 1621 36.79 -63.16 44.95
CA PHE C 1621 37.93 -63.55 44.11
C PHE C 1621 39.22 -63.49 44.93
N GLU C 1622 39.41 -64.52 45.73
CA GLU C 1622 40.58 -64.82 46.59
C GLU C 1622 41.89 -64.69 45.79
N TYR C 1623 41.92 -65.04 44.50
CA TYR C 1623 43.18 -65.14 43.72
C TYR C 1623 43.54 -63.83 42.98
N VAL C 1624 42.89 -62.71 43.27
CA VAL C 1624 43.28 -61.42 42.69
C VAL C 1624 43.49 -60.41 43.79
N LEU C 1625 44.54 -59.59 43.69
CA LEU C 1625 44.77 -58.42 44.55
C LEU C 1625 44.65 -57.15 43.70
N TYR C 1626 44.05 -56.09 44.25
CA TYR C 1626 43.76 -54.81 43.55
C TYR C 1626 44.52 -53.65 44.19
N PRO C 1627 45.83 -53.46 43.96
CA PRO C 1627 46.61 -52.42 44.62
C PRO C 1627 46.41 -50.99 44.12
N SER C 1628 46.44 -50.01 45.03
CA SER C 1628 46.23 -48.56 44.79
C SER C 1628 47.55 -47.82 44.82
N LYS C 1629 48.66 -48.48 45.14
CA LYS C 1629 49.99 -47.84 45.12
C LYS C 1629 51.02 -48.68 44.39
N THR C 1630 52.13 -48.05 44.02
CA THR C 1630 53.23 -48.67 43.26
C THR C 1630 54.01 -49.55 44.23
N LEU C 1631 54.27 -50.79 43.81
CA LEU C 1631 54.96 -51.83 44.59
C LEU C 1631 56.26 -52.13 43.88
N LYS C 1632 57.38 -51.88 44.54
CA LYS C 1632 58.71 -52.13 43.94
C LYS C 1632 59.16 -53.47 44.52
N THR C 1633 59.17 -54.50 43.68
CA THR C 1633 59.37 -55.92 44.04
C THR C 1633 60.82 -56.35 43.80
N ASP C 1634 61.17 -57.55 44.30
CA ASP C 1634 62.47 -58.25 44.09
C ASP C 1634 62.51 -58.90 42.70
N GLY C 1635 61.40 -58.91 41.97
CA GLY C 1635 61.32 -59.26 40.55
C GLY C 1635 59.98 -59.86 40.15
N VAL C 1636 59.65 -59.76 38.87
CA VAL C 1636 58.43 -60.32 38.25
C VAL C 1636 58.90 -61.25 37.13
N ARG C 1637 58.45 -62.50 37.14
CA ARG C 1637 58.92 -63.55 36.21
C ARG C 1637 58.00 -63.62 35.00
N ALA C 1638 56.72 -63.23 35.15
CA ALA C 1638 55.69 -63.41 34.11
C ALA C 1638 54.46 -62.55 34.33
N VAL C 1639 53.82 -62.10 33.26
CA VAL C 1639 52.67 -61.15 33.28
C VAL C 1639 51.63 -61.66 32.30
N SER C 1640 50.38 -61.80 32.75
CA SER C 1640 49.21 -62.05 31.87
C SER C 1640 48.71 -60.70 31.33
N ILE C 1641 48.21 -60.69 30.11
CA ILE C 1641 47.57 -59.53 29.43
C ILE C 1641 46.29 -60.07 28.86
N THR C 1642 45.14 -59.60 29.34
CA THR C 1642 43.79 -60.11 28.95
C THR C 1642 43.05 -58.95 28.31
N SER C 1643 42.53 -59.13 27.10
CA SER C 1643 41.74 -58.13 26.36
C SER C 1643 40.43 -58.77 25.92
N PHE C 1644 39.31 -58.22 26.36
CA PHE C 1644 37.92 -58.54 25.93
C PHE C 1644 37.48 -57.49 24.94
N GLY C 1645 36.95 -57.93 23.79
CA GLY C 1645 36.46 -57.11 22.68
C GLY C 1645 34.95 -57.17 22.55
N PHE C 1646 34.39 -56.23 21.79
CA PHE C 1646 33.02 -56.28 21.24
C PHE C 1646 33.02 -57.38 20.19
N GLY C 1647 31.94 -58.15 20.12
CA GLY C 1647 31.79 -59.22 19.13
C GLY C 1647 32.48 -60.49 19.57
N GLN C 1648 32.50 -60.75 20.88
CA GLN C 1648 32.84 -62.07 21.47
C GLN C 1648 34.30 -62.38 21.13
N LYS C 1649 35.21 -61.63 21.73
CA LYS C 1649 36.58 -61.47 21.18
C LYS C 1649 37.51 -61.33 22.39
N GLY C 1650 37.63 -62.41 23.14
CA GLY C 1650 38.65 -62.60 24.17
C GLY C 1650 40.03 -62.85 23.59
N GLY C 1651 41.02 -62.60 24.45
CA GLY C 1651 42.47 -62.70 24.16
C GLY C 1651 43.24 -62.87 25.47
N GLN C 1652 44.30 -63.68 25.47
CA GLN C 1652 45.30 -63.71 26.57
C GLN C 1652 46.69 -63.81 25.96
N ALA C 1653 47.66 -63.16 26.56
CA ALA C 1653 49.11 -63.34 26.29
C ALA C 1653 49.87 -63.45 27.60
N ILE C 1654 50.74 -64.44 27.75
CA ILE C 1654 51.75 -64.50 28.85
C ILE C 1654 53.08 -64.01 28.28
N VAL C 1655 53.72 -63.10 28.99
CA VAL C 1655 55.06 -62.57 28.67
C VAL C 1655 55.97 -63.03 29.81
N VAL C 1656 56.98 -63.82 29.50
CA VAL C 1656 57.97 -64.34 30.48
C VAL C 1656 59.19 -63.44 30.44
N HIS C 1657 59.72 -63.07 31.61
CA HIS C 1657 60.99 -62.32 31.80
C HIS C 1657 62.09 -62.83 30.87
N PRO C 1658 62.80 -61.98 30.14
CA PRO C 1658 63.80 -62.46 29.21
C PRO C 1658 65.04 -63.15 29.76
N ASP C 1659 65.33 -63.11 31.06
CA ASP C 1659 66.49 -63.85 31.63
C ASP C 1659 66.26 -65.37 31.57
N TYR C 1660 65.06 -65.84 31.23
CA TYR C 1660 64.73 -67.28 31.09
C TYR C 1660 65.20 -67.77 29.73
N LEU C 1661 65.42 -66.86 28.79
CA LEU C 1661 65.88 -67.24 27.44
C LEU C 1661 67.32 -67.69 27.56
N TYR C 1662 68.10 -66.97 28.37
CA TYR C 1662 69.57 -67.00 28.30
C TYR C 1662 70.07 -68.25 29.03
N GLY C 1663 69.24 -68.87 29.84
CA GLY C 1663 69.53 -70.20 30.41
C GLY C 1663 69.65 -71.29 29.36
N ALA C 1664 69.00 -71.14 28.21
CA ALA C 1664 68.95 -72.12 27.09
C ALA C 1664 70.17 -72.03 26.17
N ILE C 1665 71.11 -71.10 26.38
CA ILE C 1665 72.24 -70.90 25.44
C ILE C 1665 73.56 -71.01 26.22
N THR C 1666 74.65 -71.23 25.50
CA THR C 1666 76.03 -71.38 26.06
C THR C 1666 76.61 -70.04 26.50
N GLU C 1667 77.56 -70.08 27.42
CA GLU C 1667 78.33 -68.90 27.91
C GLU C 1667 79.02 -68.19 26.75
N ASP C 1668 79.56 -68.89 25.74
CA ASP C 1668 80.24 -68.21 24.60
C ASP C 1668 79.24 -67.40 23.79
N ARG C 1669 78.11 -68.02 23.46
CA ARG C 1669 77.02 -67.41 22.68
C ARG C 1669 76.44 -66.20 23.40
N TYR C 1670 76.22 -66.31 24.70
CA TYR C 1670 75.67 -65.22 25.53
C TYR C 1670 76.62 -64.03 25.52
N ASN C 1671 77.89 -64.30 25.86
CA ASN C 1671 78.94 -63.25 25.92
C ASN C 1671 79.08 -62.59 24.55
N GLU C 1672 78.98 -63.34 23.45
CA GLU C 1672 79.01 -62.78 22.07
C GLU C 1672 77.82 -61.82 21.89
N TYR C 1673 76.60 -62.29 22.15
CA TYR C 1673 75.33 -61.50 22.10
C TYR C 1673 75.45 -60.25 22.96
N VAL C 1674 75.84 -60.37 24.23
CA VAL C 1674 75.94 -59.21 25.17
C VAL C 1674 76.72 -58.07 24.51
N ALA C 1675 77.91 -58.38 23.98
CA ALA C 1675 78.80 -57.41 23.33
C ALA C 1675 78.04 -56.75 22.19
N LYS C 1676 77.43 -57.57 21.35
CA LYS C 1676 76.76 -57.14 20.11
C LYS C 1676 75.66 -56.13 20.44
N VAL C 1677 75.02 -56.23 21.61
CA VAL C 1677 73.84 -55.42 22.03
C VAL C 1677 74.34 -54.12 22.63
N SER C 1678 75.28 -54.24 23.55
CA SER C 1678 75.99 -53.11 24.19
C SER C 1678 76.46 -52.14 23.09
N ALA C 1679 76.92 -52.62 21.94
CA ALA C 1679 77.32 -51.78 20.78
C ALA C 1679 76.10 -51.09 20.17
N ARG C 1680 75.07 -51.87 19.86
CA ARG C 1680 73.79 -51.40 19.29
C ARG C 1680 73.18 -50.30 20.12
N GLU C 1681 73.23 -50.43 21.45
CA GLU C 1681 72.45 -49.57 22.36
C GLU C 1681 73.11 -48.19 22.29
N LYS C 1682 74.44 -48.15 22.25
CA LYS C 1682 75.21 -46.90 22.06
C LYS C 1682 74.80 -46.28 20.72
N SER C 1683 74.97 -46.97 19.60
CA SER C 1683 74.51 -46.52 18.26
C SER C 1683 73.06 -45.97 18.27
N ALA C 1684 72.12 -46.69 18.84
CA ALA C 1684 70.72 -46.27 18.96
C ALA C 1684 70.62 -44.95 19.72
N TYR C 1685 71.39 -44.77 20.80
CA TYR C 1685 71.38 -43.51 21.61
C TYR C 1685 71.90 -42.36 20.75
N LYS C 1686 73.05 -42.54 20.12
CA LYS C 1686 73.58 -41.66 19.07
C LYS C 1686 72.45 -41.21 18.16
N PHE C 1687 71.68 -42.13 17.65
CA PHE C 1687 70.63 -41.85 16.63
C PHE C 1687 69.47 -41.11 17.28
N PHE C 1688 68.98 -41.63 18.40
CA PHE C 1688 67.84 -41.04 19.12
C PHE C 1688 68.06 -39.54 19.31
N HIS C 1689 69.13 -39.15 20.00
CA HIS C 1689 69.37 -37.73 20.41
C HIS C 1689 69.62 -36.85 19.20
N ASN C 1690 70.35 -37.34 18.22
CA ASN C 1690 70.47 -36.64 16.92
C ASN C 1690 69.10 -36.36 16.32
N GLY C 1691 68.28 -37.37 16.06
CA GLY C 1691 66.94 -37.22 15.49
C GLY C 1691 65.99 -36.41 16.35
N MET C 1692 66.23 -36.33 17.66
CA MET C 1692 65.31 -35.63 18.60
C MET C 1692 65.50 -34.13 18.38
N ILE C 1693 66.74 -33.65 18.53
CA ILE C 1693 67.06 -32.21 18.40
C ILE C 1693 66.92 -31.73 16.95
N TYR C 1694 67.12 -32.56 15.92
CA TYR C 1694 67.01 -32.11 14.50
C TYR C 1694 65.69 -32.54 13.83
N ASN C 1695 64.71 -33.05 14.56
CA ASN C 1695 63.35 -33.36 14.07
C ASN C 1695 63.44 -34.25 12.84
N LYS C 1696 64.01 -35.44 13.04
CA LYS C 1696 64.55 -36.32 12.00
C LYS C 1696 64.57 -37.79 12.45
N LEU C 1697 63.86 -38.17 13.51
CA LEU C 1697 63.74 -39.58 13.97
C LEU C 1697 63.15 -40.41 12.85
N PHE C 1698 62.08 -39.93 12.25
CA PHE C 1698 61.41 -40.54 11.08
C PHE C 1698 62.14 -40.11 9.82
N VAL C 1699 62.59 -41.06 9.01
CA VAL C 1699 63.23 -40.74 7.69
C VAL C 1699 62.59 -41.63 6.63
N SER C 1700 61.60 -41.11 5.89
CA SER C 1700 60.94 -41.85 4.79
C SER C 1700 62.02 -42.33 3.81
N LYS C 1701 61.88 -43.55 3.34
CA LYS C 1701 62.81 -44.17 2.39
C LYS C 1701 62.27 -43.79 1.02
N GLU C 1702 63.13 -43.28 0.13
CA GLU C 1702 62.71 -42.81 -1.22
C GLU C 1702 62.66 -44.01 -2.16
N HIS C 1703 63.75 -44.79 -2.18
CA HIS C 1703 63.92 -46.00 -3.02
C HIS C 1703 63.83 -47.22 -2.12
N ALA C 1704 63.38 -48.34 -2.69
CA ALA C 1704 63.46 -49.69 -2.09
C ALA C 1704 64.93 -50.13 -2.01
N PRO C 1705 65.28 -51.19 -1.26
CA PRO C 1705 66.67 -51.66 -1.23
C PRO C 1705 67.11 -52.24 -2.58
N TYR C 1706 66.18 -52.62 -3.45
CA TYR C 1706 66.46 -53.11 -4.83
C TYR C 1706 66.08 -52.03 -5.83
N THR C 1707 66.72 -52.04 -7.01
CA THR C 1707 66.31 -51.30 -8.22
C THR C 1707 65.19 -52.09 -8.93
N ASP C 1708 64.43 -51.44 -9.82
CA ASP C 1708 63.29 -52.03 -10.57
C ASP C 1708 63.76 -53.21 -11.43
N GLU C 1709 65.02 -53.20 -11.88
CA GLU C 1709 65.62 -54.26 -12.75
C GLU C 1709 65.94 -55.51 -11.91
N LEU C 1710 66.35 -55.34 -10.65
CA LEU C 1710 66.63 -56.44 -9.68
C LEU C 1710 65.39 -56.80 -8.83
N GLU C 1711 64.28 -56.08 -8.94
CA GLU C 1711 63.03 -56.34 -8.16
C GLU C 1711 62.73 -57.85 -8.13
N GLU C 1712 62.58 -58.48 -9.29
CA GLU C 1712 62.07 -59.87 -9.45
C GLU C 1712 63.13 -60.87 -9.02
N ASP C 1713 64.38 -60.68 -9.46
CA ASP C 1713 65.57 -61.54 -9.14
C ASP C 1713 65.74 -61.63 -7.62
N VAL C 1714 65.66 -60.51 -6.92
CA VAL C 1714 65.65 -60.51 -5.43
C VAL C 1714 64.47 -61.33 -4.91
N TYR C 1715 63.23 -61.04 -5.33
CA TYR C 1715 62.01 -61.73 -4.85
C TYR C 1715 62.15 -63.27 -4.98
N LEU C 1716 62.84 -63.72 -6.03
CA LEU C 1716 62.94 -65.14 -6.42
C LEU C 1716 64.20 -65.82 -5.82
N ASP C 1717 65.11 -65.09 -5.18
CA ASP C 1717 66.24 -65.70 -4.43
C ASP C 1717 65.90 -65.66 -2.95
N PRO C 1718 65.76 -66.82 -2.25
CA PRO C 1718 65.68 -66.86 -0.79
C PRO C 1718 66.87 -66.25 -0.05
N LEU C 1719 68.06 -66.33 -0.66
CA LEU C 1719 69.35 -66.16 0.04
C LEU C 1719 69.91 -64.77 -0.24
N ALA C 1720 69.36 -64.06 -1.23
CA ALA C 1720 69.69 -62.63 -1.51
C ALA C 1720 69.56 -61.83 -0.22
N ARG C 1721 70.68 -61.27 0.25
CA ARG C 1721 70.75 -60.28 1.36
C ARG C 1721 71.30 -58.96 0.80
N VAL C 1722 71.44 -57.97 1.66
CA VAL C 1722 71.69 -56.54 1.33
C VAL C 1722 73.07 -56.20 1.89
N SER C 1723 73.92 -55.60 1.07
CA SER C 1723 75.32 -55.19 1.37
C SER C 1723 75.32 -53.68 1.59
N LYS C 1724 76.34 -53.14 2.24
CA LYS C 1724 76.62 -51.67 2.24
C LYS C 1724 77.15 -51.28 0.85
N ASP C 1725 76.46 -50.37 0.15
CA ASP C 1725 76.90 -49.82 -1.17
C ASP C 1725 78.17 -48.99 -0.94
N LYS C 1726 79.14 -49.12 -1.84
CA LYS C 1726 80.49 -48.49 -1.73
C LYS C 1726 80.33 -46.97 -1.73
N LYS C 1727 79.65 -46.42 -2.75
CA LYS C 1727 79.50 -44.96 -3.01
C LYS C 1727 78.56 -44.33 -1.98
N SER C 1728 77.26 -44.65 -2.06
CA SER C 1728 76.15 -43.98 -1.32
C SER C 1728 76.22 -44.26 0.19
N GLY C 1729 76.73 -45.43 0.61
CA GLY C 1729 76.81 -45.84 2.03
C GLY C 1729 75.52 -46.46 2.55
N SER C 1730 74.48 -46.56 1.70
CA SER C 1730 73.13 -47.10 2.03
C SER C 1730 73.05 -48.57 1.62
N LEU C 1731 72.31 -49.36 2.39
CA LEU C 1731 72.16 -50.83 2.24
C LEU C 1731 71.32 -51.16 1.00
N THR C 1732 71.89 -51.85 0.01
CA THR C 1732 71.22 -52.19 -1.28
C THR C 1732 71.61 -53.60 -1.74
N PHE C 1733 70.74 -54.25 -2.52
CA PHE C 1733 71.01 -55.54 -3.22
C PHE C 1733 71.90 -55.27 -4.44
N ASN C 1734 73.10 -55.85 -4.40
CA ASN C 1734 74.08 -55.92 -5.53
C ASN C 1734 73.68 -57.11 -6.41
N SER C 1735 73.77 -56.99 -7.73
CA SER C 1735 73.48 -58.06 -8.71
C SER C 1735 74.43 -59.26 -8.55
N LYS C 1736 75.60 -59.08 -7.88
CA LYS C 1736 76.63 -60.12 -7.61
C LYS C 1736 76.17 -61.11 -6.54
N ASN C 1737 75.50 -60.61 -5.49
CA ASN C 1737 74.99 -61.40 -4.33
C ASN C 1737 73.61 -62.02 -4.64
N ILE C 1738 73.15 -62.00 -5.90
CA ILE C 1738 71.82 -62.54 -6.32
C ILE C 1738 72.07 -63.77 -7.21
N GLN C 1739 71.52 -64.91 -6.77
CA GLN C 1739 71.64 -66.26 -7.38
C GLN C 1739 73.13 -66.64 -7.41
N SER C 1740 73.79 -66.47 -6.25
CA SER C 1740 75.26 -66.53 -6.03
C SER C 1740 75.63 -67.88 -5.42
N LYS C 1741 76.74 -68.47 -5.90
CA LYS C 1741 77.34 -69.73 -5.37
C LYS C 1741 77.75 -69.58 -3.89
N ASP C 1742 78.17 -68.38 -3.45
CA ASP C 1742 78.77 -68.11 -2.11
C ASP C 1742 77.70 -68.10 -0.99
N SER C 1743 76.45 -67.74 -1.31
CA SER C 1743 75.28 -67.75 -0.39
C SER C 1743 75.00 -69.19 0.08
N TYR C 1744 74.85 -70.12 -0.86
CA TYR C 1744 74.44 -71.54 -0.64
C TYR C 1744 75.61 -72.35 -0.06
N ILE C 1745 76.79 -72.25 -0.70
CA ILE C 1745 78.03 -73.05 -0.40
C ILE C 1745 78.92 -72.25 0.56
N ASN C 1746 78.61 -72.33 1.86
CA ASN C 1746 79.33 -71.61 2.95
C ASN C 1746 80.65 -72.35 3.22
N ALA C 1747 81.47 -71.84 4.15
CA ALA C 1747 82.82 -72.35 4.50
C ALA C 1747 82.80 -73.83 4.93
N ASN C 1748 81.71 -74.30 5.59
CA ASN C 1748 81.59 -75.65 6.19
C ASN C 1748 81.45 -76.74 5.10
N THR C 1749 80.62 -76.53 4.06
CA THR C 1749 80.39 -77.52 2.97
C THR C 1749 81.57 -77.55 2.00
N ILE C 1750 82.45 -76.53 1.99
CA ILE C 1750 83.74 -76.51 1.22
C ILE C 1750 84.72 -77.52 1.86
N GLU C 1751 84.89 -77.46 3.19
CA GLU C 1751 85.93 -78.21 3.96
C GLU C 1751 85.39 -79.58 4.44
N THR C 1752 84.12 -79.91 4.18
CA THR C 1752 83.46 -81.24 4.46
C THR C 1752 83.37 -82.04 3.15
N ALA C 1753 83.13 -81.37 2.02
CA ALA C 1753 83.18 -81.92 0.63
C ALA C 1753 84.64 -82.12 0.18
N LYS C 1754 85.61 -81.46 0.82
CA LYS C 1754 87.07 -81.69 0.63
C LYS C 1754 87.53 -82.95 1.38
N MET C 1755 86.96 -83.22 2.56
CA MET C 1755 87.39 -84.32 3.48
C MET C 1755 86.95 -85.69 2.95
N ILE C 1756 85.72 -85.82 2.46
CA ILE C 1756 85.15 -87.09 1.91
C ILE C 1756 85.37 -87.15 0.38
N GLU C 1757 86.11 -86.17 -0.19
CA GLU C 1757 86.77 -86.24 -1.53
C GLU C 1757 88.20 -86.81 -1.37
N ASN C 1758 88.81 -86.70 -0.17
CA ASN C 1758 90.15 -87.24 0.19
C ASN C 1758 90.10 -88.77 0.42
N MET C 1759 88.92 -89.38 0.65
CA MET C 1759 88.77 -90.83 0.97
C MET C 1759 87.81 -91.54 -0.02
N THR C 1760 87.72 -91.07 -1.29
CA THR C 1760 86.79 -91.59 -2.34
C THR C 1760 87.58 -92.52 -3.28
N LYS C 1761 88.26 -93.52 -2.69
CA LYS C 1761 89.15 -94.53 -3.34
C LYS C 1761 90.30 -93.85 -4.12
N GLU C 1762 91.22 -93.24 -3.38
CA GLU C 1762 92.48 -92.61 -3.89
C GLU C 1762 93.55 -92.70 -2.79
N LYS C 1763 93.23 -92.21 -1.58
CA LYS C 1763 94.07 -92.22 -0.34
C LYS C 1763 93.78 -93.48 0.49
N VAL C 1764 92.69 -94.22 0.19
CA VAL C 1764 92.16 -95.37 0.99
C VAL C 1764 92.40 -96.69 0.23
N SER C 1765 93.53 -96.78 -0.50
CA SER C 1765 93.96 -97.95 -1.32
C SER C 1765 94.33 -99.14 -0.38
N ASN C 1766 95.14 -98.89 0.66
CA ASN C 1766 95.59 -99.90 1.68
C ASN C 1766 95.67 -99.22 3.08
N GLY C 1767 94.54 -98.65 3.55
CA GLY C 1767 94.44 -97.94 4.85
C GLY C 1767 93.01 -97.90 5.37
N GLY C 1768 92.76 -98.46 6.57
CA GLY C 1768 91.47 -98.43 7.30
C GLY C 1768 91.09 -97.01 7.72
N VAL C 1769 89.80 -96.64 7.51
CA VAL C 1769 89.25 -95.25 7.65
C VAL C 1769 88.29 -95.19 8.84
N GLY C 1770 87.91 -93.96 9.24
CA GLY C 1770 86.98 -93.69 10.35
C GLY C 1770 86.31 -92.33 10.20
N VAL C 1771 85.03 -92.32 9.81
CA VAL C 1771 84.12 -91.13 9.82
C VAL C 1771 83.44 -91.09 11.20
N ASP C 1772 83.53 -89.95 11.90
CA ASP C 1772 82.76 -89.69 13.15
C ASP C 1772 82.28 -88.22 13.17
N VAL C 1773 80.96 -88.02 13.17
CA VAL C 1773 80.29 -86.71 13.41
C VAL C 1773 79.87 -86.67 14.89
N GLU C 1774 79.89 -85.48 15.50
CA GLU C 1774 79.38 -85.20 16.88
C GLU C 1774 78.68 -83.83 16.85
N LEU C 1775 77.39 -83.78 17.21
CA LEU C 1775 76.60 -82.51 17.22
C LEU C 1775 77.07 -81.63 18.39
N ILE C 1776 77.15 -80.31 18.16
CA ILE C 1776 77.69 -79.27 19.10
C ILE C 1776 76.90 -79.27 20.43
N THR C 1777 75.57 -79.47 20.39
CA THR C 1777 74.64 -79.40 21.57
C THR C 1777 74.89 -80.56 22.55
N SER C 1778 75.37 -81.72 22.06
CA SER C 1778 75.70 -82.93 22.86
C SER C 1778 77.08 -82.80 23.56
N ILE C 1779 77.83 -81.70 23.30
CA ILE C 1779 79.04 -81.26 24.08
C ILE C 1779 78.60 -80.26 25.16
N ASN C 1780 78.91 -80.53 26.43
CA ASN C 1780 78.84 -79.59 27.59
C ASN C 1780 80.29 -79.23 27.99
N VAL C 1781 80.61 -77.93 27.98
CA VAL C 1781 81.94 -77.30 28.29
C VAL C 1781 82.13 -77.17 29.82
N GLU C 1782 81.08 -76.83 30.57
CA GLU C 1782 81.11 -76.59 32.06
C GLU C 1782 80.97 -77.91 32.83
N ASN C 1783 80.63 -79.03 32.15
CA ASN C 1783 80.73 -80.43 32.67
C ASN C 1783 82.21 -80.87 32.60
N ASP C 1784 82.94 -80.75 33.72
CA ASP C 1784 84.43 -80.86 33.82
C ASP C 1784 84.87 -82.30 34.18
N THR C 1785 83.93 -83.22 34.45
CA THR C 1785 84.18 -84.69 34.59
C THR C 1785 84.47 -85.29 33.21
N PHE C 1786 83.71 -84.87 32.18
CA PHE C 1786 83.88 -85.25 30.75
C PHE C 1786 85.18 -84.63 30.18
N ILE C 1787 85.43 -83.35 30.48
CA ILE C 1787 86.50 -82.50 29.82
C ILE C 1787 87.89 -82.87 30.38
N GLU C 1788 88.02 -83.15 31.68
CA GLU C 1788 89.29 -83.61 32.33
C GLU C 1788 89.72 -84.99 31.79
N ARG C 1789 88.81 -85.98 31.87
CA ARG C 1789 89.06 -87.43 31.63
C ARG C 1789 89.42 -87.75 30.18
N ASN C 1790 88.82 -87.05 29.20
CA ASN C 1790 88.85 -87.40 27.74
C ASN C 1790 89.72 -86.42 26.92
N PHE C 1791 90.25 -85.34 27.52
CA PHE C 1791 91.10 -84.32 26.85
C PHE C 1791 92.41 -84.09 27.63
N THR C 1792 93.51 -83.83 26.90
CA THR C 1792 94.86 -83.49 27.43
C THR C 1792 94.90 -81.99 27.73
N PRO C 1793 95.81 -81.51 28.64
CA PRO C 1793 96.01 -80.07 28.89
C PRO C 1793 96.33 -79.15 27.68
N GLN C 1794 96.87 -79.70 26.58
CA GLN C 1794 97.19 -78.97 25.32
C GLN C 1794 95.93 -78.75 24.46
N GLU C 1795 94.97 -79.69 24.48
CA GLU C 1795 93.69 -79.64 23.70
C GLU C 1795 92.65 -78.73 24.41
N ILE C 1796 92.65 -78.71 25.75
CA ILE C 1796 91.77 -77.84 26.59
C ILE C 1796 92.26 -76.38 26.47
N GLU C 1797 93.59 -76.16 26.44
CA GLU C 1797 94.24 -74.82 26.26
C GLU C 1797 93.85 -74.24 24.89
N TYR C 1798 93.88 -75.06 23.83
CA TYR C 1798 93.57 -74.65 22.42
C TYR C 1798 92.07 -74.39 22.26
N CYS C 1799 91.22 -75.37 22.63
CA CYS C 1799 89.73 -75.34 22.52
C CYS C 1799 89.15 -74.14 23.31
N SER C 1800 89.60 -73.93 24.56
CA SER C 1800 89.14 -72.85 25.49
C SER C 1800 89.56 -71.46 25.01
N ALA C 1801 90.60 -71.35 24.15
CA ALA C 1801 91.09 -70.09 23.55
C ALA C 1801 90.27 -69.67 22.32
N GLN C 1802 89.54 -70.61 21.67
CA GLN C 1802 88.80 -70.38 20.39
C GLN C 1802 87.55 -69.53 20.65
N PRO C 1803 86.96 -68.85 19.61
CA PRO C 1803 85.77 -68.02 19.77
C PRO C 1803 84.53 -68.81 20.24
N SER C 1804 84.12 -69.85 19.48
CA SER C 1804 83.12 -70.88 19.88
C SER C 1804 83.87 -72.11 20.44
N VAL C 1805 83.93 -72.22 21.77
CA VAL C 1805 84.70 -73.22 22.55
C VAL C 1805 84.00 -74.59 22.45
N GLN C 1806 82.66 -74.62 22.51
CA GLN C 1806 81.79 -75.84 22.35
C GLN C 1806 81.94 -76.42 20.93
N SER C 1807 82.00 -75.55 19.91
CA SER C 1807 82.21 -75.91 18.48
C SER C 1807 83.59 -76.56 18.27
N SER C 1808 84.61 -76.13 19.04
CA SER C 1808 86.04 -76.54 18.92
C SER C 1808 86.31 -77.84 19.68
N PHE C 1809 85.65 -78.07 20.84
CA PHE C 1809 85.68 -79.35 21.63
C PHE C 1809 85.02 -80.48 20.82
N ALA C 1810 83.93 -80.19 20.08
CA ALA C 1810 83.23 -81.14 19.17
C ALA C 1810 84.07 -81.43 17.93
N GLY C 1811 85.03 -80.55 17.59
CA GLY C 1811 86.04 -80.77 16.53
C GLY C 1811 87.10 -81.78 16.96
N THR C 1812 87.62 -81.63 18.19
CA THR C 1812 88.67 -82.49 18.83
C THR C 1812 88.08 -83.86 19.23
N TRP C 1813 86.84 -83.87 19.74
CA TRP C 1813 86.06 -85.09 20.14
C TRP C 1813 85.70 -85.94 18.91
N SER C 1814 85.33 -85.30 17.80
CA SER C 1814 85.09 -85.93 16.47
C SER C 1814 86.36 -86.64 15.99
N ALA C 1815 87.54 -86.03 16.19
CA ALA C 1815 88.87 -86.51 15.72
C ALA C 1815 89.36 -87.71 16.54
N LYS C 1816 89.14 -87.73 17.86
CA LYS C 1816 89.51 -88.84 18.80
C LYS C 1816 88.73 -90.13 18.48
N GLU C 1817 87.41 -90.02 18.29
CA GLU C 1817 86.49 -91.14 17.87
C GLU C 1817 86.83 -91.62 16.44
N ALA C 1818 87.18 -90.71 15.52
CA ALA C 1818 87.49 -91.00 14.09
C ALA C 1818 88.80 -91.80 13.98
N VAL C 1819 89.85 -91.36 14.69
CA VAL C 1819 91.19 -92.05 14.81
C VAL C 1819 90.97 -93.46 15.38
N PHE C 1820 90.25 -93.59 16.51
CA PHE C 1820 89.97 -94.86 17.26
C PHE C 1820 89.28 -95.90 16.36
N LYS C 1821 88.36 -95.47 15.48
CA LYS C 1821 87.68 -96.33 14.45
C LYS C 1821 88.70 -96.75 13.36
N SER C 1822 89.52 -95.80 12.86
CA SER C 1822 90.51 -95.96 11.76
C SER C 1822 91.58 -97.02 12.10
N LEU C 1823 92.00 -97.11 13.37
CA LEU C 1823 92.98 -98.11 13.91
C LEU C 1823 92.39 -99.54 13.85
N GLY C 1824 91.05 -99.67 13.87
CA GLY C 1824 90.29 -100.94 13.74
C GLY C 1824 90.04 -101.64 15.06
N VAL C 1825 90.56 -101.10 16.19
CA VAL C 1825 90.54 -101.71 17.54
C VAL C 1825 89.13 -101.51 18.16
N LYS C 1826 88.50 -102.61 18.58
CA LYS C 1826 87.10 -102.67 19.13
C LYS C 1826 87.06 -102.02 20.54
N SER C 1827 88.08 -102.28 21.38
CA SER C 1827 88.21 -101.81 22.79
C SER C 1827 89.69 -101.68 23.19
N LEU C 1828 90.02 -100.68 24.02
CA LEU C 1828 91.37 -100.44 24.65
C LEU C 1828 91.44 -101.09 26.06
N GLY C 1829 90.30 -101.55 26.60
CA GLY C 1829 90.16 -102.20 27.92
C GLY C 1829 89.06 -101.56 28.76
N GLY C 1830 87.81 -101.96 28.50
CA GLY C 1830 86.59 -101.48 29.20
C GLY C 1830 86.16 -100.08 28.75
N GLY C 1831 86.10 -99.13 29.70
CA GLY C 1831 85.57 -97.76 29.55
C GLY C 1831 86.51 -96.85 28.74
N ALA C 1832 85.94 -96.06 27.81
CA ALA C 1832 86.65 -95.17 26.86
C ALA C 1832 87.23 -93.93 27.60
N ALA C 1833 88.55 -93.93 27.83
CA ALA C 1833 89.39 -92.75 28.20
C ALA C 1833 90.29 -92.40 26.99
N LEU C 1834 89.79 -91.53 26.10
CA LEU C 1834 90.43 -91.12 24.81
C LEU C 1834 91.40 -89.94 25.02
N LYS C 1835 91.90 -89.73 26.25
CA LYS C 1835 93.08 -88.86 26.56
C LYS C 1835 94.31 -89.37 25.79
N ASP C 1836 94.48 -90.70 25.73
CA ASP C 1836 95.56 -91.45 25.03
C ASP C 1836 95.80 -90.82 23.65
N ILE C 1837 94.74 -90.82 22.80
CA ILE C 1837 94.73 -90.22 21.42
C ILE C 1837 94.65 -88.70 21.59
N GLU C 1838 95.80 -88.01 21.51
CA GLU C 1838 95.90 -86.52 21.51
C GLU C 1838 95.87 -86.00 20.07
N ILE C 1839 95.16 -84.88 19.85
CA ILE C 1839 95.12 -84.06 18.59
C ILE C 1839 95.84 -82.74 18.89
N VAL C 1840 97.10 -82.62 18.44
CA VAL C 1840 97.92 -81.36 18.49
C VAL C 1840 97.42 -80.44 17.36
N ARG C 1841 96.76 -79.32 17.73
CA ARG C 1841 96.02 -78.42 16.81
C ARG C 1841 96.75 -77.07 16.71
N VAL C 1842 97.63 -76.94 15.72
CA VAL C 1842 98.25 -75.64 15.29
C VAL C 1842 97.34 -75.01 14.23
N ASN C 1843 97.11 -73.69 14.32
CA ASN C 1843 96.10 -72.90 13.54
C ASN C 1843 96.41 -72.94 12.02
N LYS C 1844 95.52 -73.60 11.24
CA LYS C 1844 95.47 -73.73 9.75
C LYS C 1844 96.22 -75.01 9.29
N ASN C 1845 97.34 -75.38 9.97
CA ASN C 1845 98.00 -76.72 9.88
C ASN C 1845 96.96 -77.83 10.10
N ALA C 1846 96.87 -78.80 9.18
CA ALA C 1846 96.07 -80.05 9.32
C ALA C 1846 96.46 -80.69 10.65
N PRO C 1847 95.51 -80.87 11.61
CA PRO C 1847 95.85 -81.26 13.00
C PRO C 1847 96.51 -82.64 13.15
N ALA C 1848 97.74 -82.66 13.70
CA ALA C 1848 98.61 -83.86 13.85
C ALA C 1848 98.15 -84.72 15.03
N VAL C 1849 98.19 -86.06 14.87
CA VAL C 1849 97.79 -87.09 15.88
C VAL C 1849 99.06 -87.67 16.53
N GLU C 1850 99.28 -87.36 17.82
CA GLU C 1850 100.23 -88.07 18.73
C GLU C 1850 99.38 -88.97 19.65
N LEU C 1851 99.81 -90.23 19.85
CA LEU C 1851 99.04 -91.27 20.60
C LEU C 1851 99.96 -91.96 21.62
N HIS C 1852 99.51 -92.03 22.89
CA HIS C 1852 100.31 -92.36 24.11
C HIS C 1852 99.66 -93.52 24.89
N GLY C 1853 100.42 -94.12 25.83
CA GLY C 1853 99.96 -95.12 26.82
C GLY C 1853 99.54 -96.44 26.17
N ASN C 1854 98.23 -96.75 26.21
CA ASN C 1854 97.60 -98.02 25.75
C ASN C 1854 97.14 -97.94 24.28
N ALA C 1855 96.75 -96.75 23.77
CA ALA C 1855 96.32 -96.53 22.36
C ALA C 1855 97.52 -96.62 21.39
N LYS C 1856 98.73 -96.29 21.87
CA LYS C 1856 100.03 -96.41 21.14
C LYS C 1856 100.38 -97.90 20.92
N LYS C 1857 100.18 -98.72 21.96
CA LYS C 1857 100.41 -100.20 22.01
C LYS C 1857 99.56 -100.92 20.93
N ALA C 1858 98.24 -100.68 20.90
CA ALA C 1858 97.22 -101.38 20.05
C ALA C 1858 97.24 -100.88 18.58
N ALA C 1859 97.95 -99.78 18.28
CA ALA C 1859 98.24 -99.24 16.92
C ALA C 1859 99.52 -99.90 16.37
N GLU C 1860 100.61 -99.93 17.17
CA GLU C 1860 101.94 -100.53 16.81
C GLU C 1860 101.89 -102.09 16.87
N GLU C 1861 100.83 -102.66 17.47
CA GLU C 1861 100.52 -104.12 17.54
C GLU C 1861 99.61 -104.54 16.36
N ALA C 1862 98.93 -103.59 15.69
CA ALA C 1862 98.04 -103.80 14.51
C ALA C 1862 98.72 -103.33 13.20
N GLY C 1863 100.01 -102.95 13.24
CA GLY C 1863 100.79 -102.48 12.07
C GLY C 1863 100.36 -101.10 11.58
N VAL C 1864 100.83 -100.03 12.25
CA VAL C 1864 100.56 -98.59 11.92
C VAL C 1864 101.88 -97.79 12.08
N THR C 1865 102.21 -96.95 11.07
CA THR C 1865 103.39 -96.01 11.05
C THR C 1865 102.92 -94.54 11.05
N ASP C 1866 101.89 -94.19 10.28
CA ASP C 1866 101.31 -92.83 10.15
C ASP C 1866 99.79 -92.87 10.41
N VAL C 1867 99.24 -91.80 11.03
CA VAL C 1867 97.76 -91.55 11.23
C VAL C 1867 97.47 -90.06 10.93
N LYS C 1868 96.73 -89.79 9.86
CA LYS C 1868 96.21 -88.43 9.50
C LYS C 1868 94.86 -88.19 10.21
N VAL C 1869 94.39 -86.93 10.22
CA VAL C 1869 92.98 -86.55 10.58
C VAL C 1869 92.69 -85.12 10.08
N SER C 1870 91.51 -84.92 9.46
CA SER C 1870 90.95 -83.61 9.00
C SER C 1870 89.64 -83.33 9.74
N ILE C 1871 89.43 -82.09 10.21
CA ILE C 1871 88.25 -81.65 11.02
C ILE C 1871 87.59 -80.43 10.33
N SER C 1872 86.27 -80.50 10.14
CA SER C 1872 85.36 -79.33 9.90
C SER C 1872 84.31 -79.31 11.02
N HIS C 1873 84.16 -78.15 11.66
CA HIS C 1873 83.12 -77.87 12.69
C HIS C 1873 82.45 -76.53 12.37
N ASP C 1874 81.16 -76.39 12.74
CA ASP C 1874 80.40 -75.12 12.70
C ASP C 1874 79.45 -75.10 13.91
N ASP C 1875 78.21 -74.60 13.76
CA ASP C 1875 77.22 -74.48 14.87
C ASP C 1875 76.41 -75.79 15.02
N LEU C 1876 76.50 -76.74 14.07
CA LEU C 1876 75.77 -78.04 14.14
C LEU C 1876 76.73 -79.24 14.10
N GLN C 1877 77.13 -79.70 12.91
CA GLN C 1877 77.86 -80.99 12.69
C GLN C 1877 79.37 -80.66 12.68
N ALA C 1878 80.08 -81.12 13.72
CA ALA C 1878 81.55 -81.32 13.72
C ALA C 1878 81.86 -82.74 13.22
N VAL C 1879 82.46 -82.86 12.03
CA VAL C 1879 82.82 -84.14 11.36
C VAL C 1879 84.36 -84.25 11.29
N ALA C 1880 84.89 -85.46 11.46
CA ALA C 1880 86.34 -85.78 11.36
C ALA C 1880 86.55 -87.10 10.62
N VAL C 1881 87.50 -87.10 9.68
CA VAL C 1881 87.96 -88.28 8.87
C VAL C 1881 89.42 -88.58 9.24
N ALA C 1882 89.71 -89.82 9.64
CA ALA C 1882 91.07 -90.32 9.98
C ALA C 1882 91.40 -91.57 9.16
N VAL C 1883 92.53 -91.56 8.44
CA VAL C 1883 93.15 -92.73 7.75
C VAL C 1883 94.40 -93.17 8.53
N SER C 1884 94.70 -94.48 8.52
CA SER C 1884 95.82 -95.10 9.28
C SER C 1884 96.54 -96.17 8.42
N THR C 1885 97.65 -95.80 7.77
CA THR C 1885 98.50 -96.66 6.88
C THR C 1885 99.56 -97.39 7.75
N LYS C 1886 100.33 -98.30 7.15
CA LYS C 1886 101.40 -99.10 7.82
C LYS C 1886 102.65 -98.20 8.01
N MET D 1 93.56 -30.16 -81.25
CA MET D 1 92.49 -31.21 -81.13
C MET D 1 91.14 -30.65 -81.63
N LYS D 2 90.39 -31.42 -82.42
CA LYS D 2 89.02 -31.06 -82.88
C LYS D 2 88.11 -30.99 -81.66
N PRO D 3 87.19 -29.99 -81.54
CA PRO D 3 86.23 -29.96 -80.43
C PRO D 3 85.27 -31.17 -80.33
N GLU D 4 84.98 -31.85 -81.45
CA GLU D 4 84.11 -33.06 -81.52
C GLU D 4 84.80 -34.24 -80.82
N VAL D 5 86.13 -34.30 -80.92
CA VAL D 5 87.00 -35.38 -80.37
C VAL D 5 87.22 -35.10 -78.88
N GLU D 6 87.72 -33.90 -78.57
CA GLU D 6 87.87 -33.35 -77.19
C GLU D 6 86.59 -33.66 -76.38
N GLN D 7 85.41 -33.48 -77.00
CA GLN D 7 84.08 -33.75 -76.38
C GLN D 7 83.97 -35.26 -76.08
N GLU D 8 84.30 -36.11 -77.06
CA GLU D 8 84.25 -37.60 -76.92
C GLU D 8 85.09 -38.00 -75.69
N LEU D 9 86.33 -37.51 -75.62
CA LEU D 9 87.31 -37.87 -74.56
C LEU D 9 86.81 -37.37 -73.21
N ALA D 10 86.46 -36.09 -73.11
CA ALA D 10 85.92 -35.47 -71.87
C ALA D 10 84.80 -36.34 -71.31
N HIS D 11 83.93 -36.87 -72.17
CA HIS D 11 82.79 -37.77 -71.81
C HIS D 11 83.34 -39.06 -71.19
N ILE D 12 84.14 -39.82 -71.94
CA ILE D 12 84.81 -41.09 -71.49
C ILE D 12 85.35 -40.86 -70.07
N LEU D 13 86.29 -39.92 -69.93
CA LEU D 13 86.98 -39.55 -68.68
C LEU D 13 85.97 -39.23 -67.56
N LEU D 14 85.00 -38.37 -67.84
CA LEU D 14 83.99 -37.86 -66.88
C LEU D 14 83.15 -39.04 -66.37
N THR D 15 82.89 -40.01 -67.25
CA THR D 15 82.12 -41.25 -66.95
C THR D 15 82.98 -42.17 -66.06
N GLU D 16 84.28 -42.29 -66.33
CA GLU D 16 85.23 -43.15 -65.56
C GLU D 16 85.51 -42.51 -64.18
N LEU D 17 85.70 -41.19 -64.13
CA LEU D 17 85.89 -40.39 -62.88
C LEU D 17 84.71 -40.58 -61.91
N LEU D 18 83.51 -40.90 -62.43
CA LEU D 18 82.25 -41.02 -61.65
C LEU D 18 81.97 -42.48 -61.31
N ALA D 19 82.22 -43.39 -62.28
CA ALA D 19 82.19 -44.86 -62.11
C ALA D 19 82.94 -45.23 -60.83
N TYR D 20 84.26 -45.01 -60.80
CA TYR D 20 85.20 -45.52 -59.77
C TYR D 20 85.05 -44.72 -58.46
N GLN D 21 84.73 -43.44 -58.53
CA GLN D 21 84.61 -42.53 -57.35
C GLN D 21 84.01 -43.27 -56.14
N PHE D 22 82.80 -43.78 -56.33
CA PHE D 22 82.10 -44.90 -55.64
C PHE D 22 83.00 -45.80 -54.79
N ALA D 23 84.12 -46.24 -55.38
CA ALA D 23 84.94 -47.42 -55.04
C ALA D 23 86.43 -47.09 -54.94
N SER D 24 86.75 -45.90 -54.42
CA SER D 24 88.10 -45.27 -54.35
C SER D 24 88.01 -44.12 -53.36
N PRO D 25 89.09 -43.76 -52.66
CA PRO D 25 88.94 -42.89 -51.49
C PRO D 25 88.67 -41.43 -51.90
N VAL D 26 87.81 -40.74 -51.12
CA VAL D 26 87.49 -39.28 -51.26
C VAL D 26 88.71 -38.50 -50.77
N ARG D 27 89.33 -37.77 -51.67
CA ARG D 27 90.68 -37.21 -51.52
C ARG D 27 90.54 -35.71 -51.21
N TRP D 28 89.87 -35.36 -50.11
CA TRP D 28 89.32 -33.99 -49.84
C TRP D 28 90.33 -33.11 -49.11
N ILE D 29 91.50 -33.61 -48.70
CA ILE D 29 92.61 -32.72 -48.31
C ILE D 29 93.13 -32.14 -49.62
N GLU D 30 93.66 -33.01 -50.49
CA GLU D 30 94.34 -32.65 -51.77
C GLU D 30 93.43 -31.71 -52.58
N THR D 31 92.10 -31.79 -52.35
CA THR D 31 91.06 -30.92 -52.94
C THR D 31 91.18 -29.53 -52.35
N GLN D 32 90.93 -29.38 -51.06
CA GLN D 32 90.92 -28.05 -50.37
C GLN D 32 92.23 -27.30 -50.65
N ASP D 33 93.33 -28.03 -50.72
CA ASP D 33 94.67 -27.46 -51.00
C ASP D 33 94.67 -26.87 -52.40
N VAL D 34 93.95 -27.48 -53.35
CA VAL D 34 93.85 -26.96 -54.75
C VAL D 34 93.04 -25.66 -54.75
N PHE D 35 91.92 -25.59 -54.05
CA PHE D 35 91.02 -24.42 -54.19
C PHE D 35 91.40 -23.31 -53.19
N LEU D 36 92.10 -23.61 -52.09
CA LEU D 36 92.52 -22.56 -51.11
C LEU D 36 93.92 -22.02 -51.43
N LYS D 37 94.82 -22.78 -52.06
CA LYS D 37 96.16 -22.24 -52.41
C LYS D 37 96.24 -21.98 -53.92
N ASP D 38 96.13 -23.01 -54.77
CA ASP D 38 96.42 -22.92 -56.24
C ASP D 38 95.46 -21.94 -56.94
N PHE D 39 94.28 -21.65 -56.35
CA PHE D 39 93.29 -20.69 -56.90
C PHE D 39 93.07 -19.49 -55.97
N ASN D 40 93.55 -19.52 -54.73
CA ASN D 40 93.42 -18.40 -53.75
C ASN D 40 91.95 -18.00 -53.64
N THR D 41 91.06 -18.97 -53.73
CA THR D 41 89.60 -18.79 -53.55
C THR D 41 89.37 -17.84 -52.38
N GLU D 42 88.55 -16.82 -52.59
CA GLU D 42 88.32 -15.72 -51.63
C GLU D 42 86.97 -15.98 -50.93
N ARG D 43 85.94 -16.35 -51.70
CA ARG D 43 84.66 -16.89 -51.18
C ARG D 43 84.63 -18.38 -51.47
N VAL D 44 84.37 -19.21 -50.46
CA VAL D 44 83.99 -20.64 -50.65
C VAL D 44 82.57 -20.80 -50.11
N VAL D 45 81.64 -21.12 -51.01
CA VAL D 45 80.18 -21.20 -50.76
C VAL D 45 79.84 -22.69 -50.62
N GLU D 46 79.51 -23.14 -49.40
CA GLU D 46 78.96 -24.49 -49.17
C GLU D 46 77.45 -24.48 -49.49
N ILE D 47 77.09 -25.14 -50.60
CA ILE D 47 75.70 -25.50 -50.95
C ILE D 47 75.42 -26.85 -50.29
N GLY D 48 74.68 -26.83 -49.19
CA GLY D 48 74.23 -28.03 -48.48
C GLY D 48 73.21 -27.64 -47.41
N PRO D 49 72.58 -28.62 -46.76
CA PRO D 49 71.57 -28.34 -45.72
C PRO D 49 72.15 -28.02 -44.34
N SER D 50 73.38 -28.44 -44.05
CA SER D 50 74.10 -28.14 -42.78
C SER D 50 75.59 -27.92 -43.07
N PRO D 51 76.27 -27.06 -42.27
CA PRO D 51 77.60 -26.56 -42.64
C PRO D 51 78.80 -27.48 -42.37
N THR D 52 78.84 -28.67 -42.97
CA THR D 52 79.90 -29.67 -42.69
C THR D 52 81.19 -29.18 -43.35
N LEU D 53 81.19 -29.09 -44.69
CA LEU D 53 82.39 -28.80 -45.54
C LEU D 53 82.91 -27.37 -45.31
N ALA D 54 82.11 -26.51 -44.68
CA ALA D 54 82.51 -25.15 -44.25
C ALA D 54 83.38 -25.28 -43.00
N GLY D 55 82.85 -25.85 -41.92
CA GLY D 55 83.61 -26.31 -40.73
C GLY D 55 84.95 -26.94 -41.13
N MET D 56 84.98 -27.79 -42.15
CA MET D 56 86.21 -28.49 -42.65
C MET D 56 87.17 -27.50 -43.31
N ALA D 57 86.67 -26.45 -43.97
CA ALA D 57 87.53 -25.42 -44.63
C ALA D 57 88.06 -24.49 -43.54
N GLN D 58 87.18 -24.01 -42.66
CA GLN D 58 87.54 -23.16 -41.49
C GLN D 58 88.71 -23.80 -40.76
N ARG D 59 88.68 -25.12 -40.59
CA ARG D 59 89.70 -25.86 -39.80
C ARG D 59 90.94 -26.12 -40.67
N THR D 60 90.80 -26.39 -41.96
CA THR D 60 91.96 -26.53 -42.88
C THR D 60 92.69 -25.18 -43.05
N LEU D 61 92.05 -24.04 -42.74
CA LEU D 61 92.67 -22.68 -42.80
C LEU D 61 93.44 -22.43 -41.51
N LYS D 62 92.72 -22.47 -40.40
CA LYS D 62 93.22 -22.36 -39.00
C LYS D 62 94.44 -23.26 -38.75
N ASN D 63 94.59 -24.40 -39.45
CA ASN D 63 95.78 -25.29 -39.36
C ASN D 63 96.92 -24.75 -40.21
N LYS D 64 96.85 -24.92 -41.54
CA LYS D 64 98.06 -24.82 -42.42
C LYS D 64 98.00 -23.61 -43.37
N TYR D 65 97.13 -22.62 -43.14
CA TYR D 65 97.01 -21.38 -43.97
C TYR D 65 96.75 -20.14 -43.11
N GLU D 66 97.08 -20.14 -41.82
CA GLU D 66 96.89 -18.93 -40.95
C GLU D 66 97.94 -17.88 -41.35
N SER D 67 99.17 -18.31 -41.64
CA SER D 67 100.32 -17.43 -41.95
C SER D 67 100.17 -16.88 -43.36
N TYR D 68 99.98 -17.75 -44.35
CA TYR D 68 99.70 -17.41 -45.79
C TYR D 68 98.56 -16.37 -45.85
N ASP D 69 97.45 -16.58 -45.14
CA ASP D 69 96.25 -15.70 -45.17
C ASP D 69 96.54 -14.31 -44.58
N ALA D 70 97.57 -14.16 -43.74
CA ALA D 70 98.03 -12.85 -43.22
C ALA D 70 99.02 -12.21 -44.21
N ALA D 71 100.12 -12.89 -44.49
CA ALA D 71 101.22 -12.41 -45.36
C ALA D 71 100.73 -11.94 -46.74
N LEU D 72 99.61 -12.47 -47.24
CA LEU D 72 98.99 -12.05 -48.53
C LEU D 72 97.75 -11.18 -48.26
N SER D 73 97.48 -10.85 -46.99
CA SER D 73 96.30 -10.07 -46.53
C SER D 73 95.06 -10.55 -47.30
N LEU D 74 94.92 -11.87 -47.35
CA LEU D 74 94.04 -12.62 -48.28
C LEU D 74 92.77 -12.96 -47.52
N HIS D 75 92.00 -11.94 -47.13
CA HIS D 75 90.73 -12.10 -46.37
C HIS D 75 89.82 -13.09 -47.12
N ARG D 76 89.42 -14.16 -46.43
CA ARG D 76 88.65 -15.31 -46.98
C ARG D 76 87.29 -15.39 -46.29
N GLU D 77 86.23 -15.47 -47.09
CA GLU D 77 84.83 -15.62 -46.64
C GLU D 77 84.40 -17.08 -46.90
N ILE D 78 84.02 -17.81 -45.85
CA ILE D 78 83.44 -19.19 -45.93
C ILE D 78 81.97 -19.11 -45.55
N LEU D 79 81.10 -19.54 -46.47
CA LEU D 79 79.64 -19.31 -46.38
C LEU D 79 78.93 -20.63 -46.62
N CYS D 80 77.99 -20.98 -45.75
CA CYS D 80 77.10 -22.15 -45.92
C CYS D 80 75.70 -21.64 -46.26
N TYR D 81 75.12 -22.17 -47.34
CA TYR D 81 73.82 -21.73 -47.90
C TYR D 81 72.74 -21.67 -46.82
N SER D 82 72.78 -22.59 -45.86
CA SER D 82 71.75 -22.74 -44.80
C SER D 82 71.81 -21.59 -43.79
N LYS D 83 73.02 -21.17 -43.45
CA LYS D 83 73.37 -20.38 -42.24
C LYS D 83 73.58 -18.90 -42.59
N ASP D 84 74.01 -18.60 -43.83
CA ASP D 84 74.59 -17.31 -44.28
C ASP D 84 73.93 -16.83 -45.58
N ALA D 85 72.62 -17.01 -45.74
CA ALA D 85 71.85 -16.62 -46.97
C ALA D 85 72.18 -15.18 -47.35
N LYS D 86 72.15 -14.29 -46.36
CA LYS D 86 72.28 -12.82 -46.48
C LYS D 86 73.59 -12.40 -47.14
N GLU D 87 74.68 -13.12 -46.91
CA GLU D 87 76.02 -12.78 -47.45
C GLU D 87 76.16 -13.35 -48.88
N ILE D 88 75.29 -14.29 -49.27
CA ILE D 88 75.32 -14.95 -50.60
C ILE D 88 74.40 -14.18 -51.54
N TYR D 89 73.20 -13.82 -51.08
CA TYR D 89 72.12 -13.17 -51.88
C TYR D 89 72.29 -11.65 -51.89
N TYR D 90 73.26 -11.11 -51.14
CA TYR D 90 73.47 -9.65 -50.92
C TYR D 90 72.17 -9.00 -50.49
N THR D 91 71.62 -9.40 -49.34
CA THR D 91 70.41 -8.81 -48.70
C THR D 91 70.73 -8.46 -47.25
N PRO D 92 71.63 -7.49 -46.99
CA PRO D 92 71.91 -7.08 -45.62
C PRO D 92 70.67 -6.41 -45.01
N ASP D 93 70.48 -6.62 -43.71
CA ASP D 93 69.45 -5.95 -42.85
C ASP D 93 69.71 -4.43 -42.80
N PRO D 94 68.65 -3.57 -42.86
CA PRO D 94 68.83 -2.11 -42.73
C PRO D 94 69.60 -1.64 -41.47
N ILE D 140 41.39 1.26 -16.64
CA ILE D 140 42.60 0.59 -17.23
C ILE D 140 42.21 -0.15 -18.53
N ALA D 141 43.21 -0.60 -19.31
CA ALA D 141 43.08 -1.34 -20.58
C ALA D 141 42.46 -2.73 -20.34
N ASP D 142 42.38 -3.58 -21.38
CA ASP D 142 41.78 -4.95 -21.33
C ASP D 142 42.75 -6.00 -21.88
N GLU D 143 43.09 -7.01 -21.06
CA GLU D 143 43.91 -8.21 -21.41
C GLU D 143 43.12 -9.48 -21.05
N PRO D 144 42.67 -10.29 -22.06
CA PRO D 144 42.18 -11.66 -21.79
C PRO D 144 43.28 -12.54 -21.18
N VAL D 145 42.91 -13.38 -20.19
CA VAL D 145 43.85 -14.13 -19.30
C VAL D 145 44.88 -14.92 -20.14
N LYS D 146 46.14 -14.89 -19.70
CA LYS D 146 47.26 -15.71 -20.24
C LYS D 146 46.91 -17.21 -20.03
N ALA D 147 47.31 -18.08 -20.96
CA ALA D 147 47.27 -19.57 -20.78
C ALA D 147 48.35 -20.03 -19.79
N SER D 148 49.35 -19.19 -19.48
CA SER D 148 50.42 -19.38 -18.47
C SER D 148 49.87 -19.21 -17.03
N LEU D 149 49.04 -18.17 -16.82
CA LEU D 149 48.41 -17.83 -15.50
C LEU D 149 47.35 -18.89 -15.14
N LEU D 150 46.58 -19.35 -16.14
CA LEU D 150 45.42 -20.26 -16.02
C LEU D 150 45.87 -21.73 -15.85
N LEU D 151 46.95 -22.13 -16.54
CA LEU D 151 47.64 -23.45 -16.38
C LEU D 151 48.33 -23.55 -14.99
N HIS D 152 48.96 -22.45 -14.54
CA HIS D 152 49.73 -22.36 -13.25
C HIS D 152 48.77 -22.40 -12.04
N VAL D 153 47.50 -21.97 -12.19
CA VAL D 153 46.47 -21.90 -11.10
C VAL D 153 45.80 -23.28 -10.89
N LEU D 154 45.51 -24.04 -11.96
CA LEU D 154 44.82 -25.37 -11.93
C LEU D 154 45.78 -26.52 -11.56
N VAL D 155 47.08 -26.24 -11.48
CA VAL D 155 48.14 -27.13 -10.91
C VAL D 155 48.45 -26.67 -9.45
N ALA D 156 48.42 -25.36 -9.17
CA ALA D 156 48.58 -24.78 -7.81
C ALA D 156 47.37 -25.15 -6.92
N HIS D 157 46.14 -24.99 -7.43
CA HIS D 157 44.86 -25.26 -6.70
C HIS D 157 44.71 -26.77 -6.41
N LYS D 158 45.08 -27.63 -7.36
CA LYS D 158 44.93 -29.12 -7.27
C LYS D 158 45.91 -29.70 -6.24
N LEU D 159 47.18 -29.22 -6.26
CA LEU D 159 48.28 -29.67 -5.35
C LEU D 159 48.20 -28.97 -3.98
N LYS D 160 47.25 -28.04 -3.79
CA LYS D 160 46.98 -27.31 -2.52
C LYS D 160 48.19 -26.46 -2.13
N LYS D 161 48.67 -25.62 -3.07
CA LYS D 161 49.87 -24.75 -2.90
C LYS D 161 49.60 -23.37 -3.52
N SER D 162 50.40 -22.37 -3.13
CA SER D 162 50.41 -21.01 -3.72
C SER D 162 51.12 -21.05 -5.09
N LEU D 163 51.09 -19.92 -5.81
CA LEU D 163 51.71 -19.74 -7.15
C LEU D 163 53.25 -19.78 -7.00
N ASP D 164 53.78 -19.23 -5.90
CA ASP D 164 55.24 -19.13 -5.59
C ASP D 164 55.85 -20.55 -5.49
N SER D 165 55.25 -21.41 -4.63
CA SER D 165 55.71 -22.79 -4.25
C SER D 165 55.96 -23.68 -5.47
N ILE D 166 55.22 -23.45 -6.58
CA ILE D 166 55.32 -24.24 -7.86
C ILE D 166 56.12 -23.42 -8.89
N PRO D 167 57.23 -23.98 -9.45
CA PRO D 167 57.86 -23.41 -10.65
C PRO D 167 57.21 -23.99 -11.93
N MET D 168 57.04 -23.11 -12.93
CA MET D 168 56.48 -23.43 -14.29
C MET D 168 57.47 -24.34 -15.07
N SER D 169 58.78 -24.26 -14.79
CA SER D 169 59.86 -25.07 -15.43
C SER D 169 59.74 -26.56 -15.06
N LYS D 170 59.23 -26.87 -13.86
CA LYS D 170 59.01 -28.27 -13.37
C LYS D 170 57.84 -28.93 -14.13
N THR D 171 57.97 -30.25 -14.35
CA THR D 171 56.96 -31.10 -15.05
C THR D 171 55.79 -31.39 -14.09
N ILE D 172 54.66 -31.89 -14.62
CA ILE D 172 53.48 -32.31 -13.80
C ILE D 172 53.84 -33.58 -13.00
N LYS D 173 54.59 -34.52 -13.64
CA LYS D 173 55.06 -35.81 -13.05
C LYS D 173 56.05 -35.59 -11.90
N ASP D 174 56.89 -34.54 -11.98
CA ASP D 174 57.87 -34.18 -10.93
C ASP D 174 57.17 -33.63 -9.67
N LEU D 175 56.26 -32.64 -9.85
CA LEU D 175 55.57 -31.86 -8.78
C LEU D 175 54.67 -32.77 -7.92
N VAL D 176 54.00 -33.73 -8.56
CA VAL D 176 53.12 -34.76 -7.92
C VAL D 176 53.96 -35.65 -6.99
N GLY D 177 55.12 -36.14 -7.48
CA GLY D 177 56.00 -37.13 -6.83
C GLY D 177 55.88 -38.49 -7.53
N GLY D 178 55.21 -39.45 -6.89
CA GLY D 178 54.95 -40.81 -7.42
C GLY D 178 53.46 -41.19 -7.42
N LYS D 179 52.55 -40.22 -7.21
CA LYS D 179 51.07 -40.43 -7.11
C LYS D 179 50.45 -40.33 -8.51
N SER D 180 50.06 -41.48 -9.07
CA SER D 180 49.41 -41.53 -10.38
C SER D 180 48.01 -40.91 -10.33
N THR D 181 47.29 -41.09 -9.22
CA THR D 181 45.93 -40.59 -9.06
C THR D 181 45.91 -39.05 -9.19
N VAL D 182 46.85 -38.32 -8.54
CA VAL D 182 46.96 -36.83 -8.60
C VAL D 182 47.40 -36.39 -10.02
N GLN D 183 48.30 -37.16 -10.66
CA GLN D 183 48.84 -36.89 -12.04
C GLN D 183 47.74 -37.12 -13.10
N ASN D 184 46.89 -38.14 -12.91
CA ASN D 184 45.70 -38.44 -13.77
C ASN D 184 44.62 -37.35 -13.58
N GLU D 185 44.52 -36.78 -12.37
CA GLU D 185 43.49 -35.77 -11.95
C GLU D 185 43.89 -34.36 -12.41
N ILE D 186 45.19 -34.10 -12.67
CA ILE D 186 45.68 -32.79 -13.23
C ILE D 186 45.50 -32.80 -14.76
N LEU D 187 45.71 -33.95 -15.43
CA LEU D 187 45.57 -34.15 -16.91
C LEU D 187 44.10 -34.42 -17.30
N GLY D 188 43.20 -34.60 -16.31
CA GLY D 188 41.74 -34.57 -16.48
C GLY D 188 41.17 -33.14 -16.38
N ASP D 189 41.85 -32.21 -15.68
CA ASP D 189 41.48 -30.77 -15.57
C ASP D 189 41.85 -30.02 -16.87
N LEU D 190 43.07 -30.24 -17.40
CA LEU D 190 43.64 -29.53 -18.59
C LEU D 190 43.04 -30.08 -19.90
N GLY D 191 42.52 -31.32 -19.89
CA GLY D 191 41.72 -31.91 -20.98
C GLY D 191 40.31 -31.34 -21.07
N LYS D 192 39.72 -30.95 -19.92
CA LYS D 192 38.36 -30.33 -19.78
C LYS D 192 38.42 -28.80 -19.95
N GLU D 193 39.56 -28.18 -19.59
CA GLU D 193 39.75 -26.71 -19.45
C GLU D 193 40.07 -26.08 -20.83
N PHE D 194 41.10 -26.61 -21.51
CA PHE D 194 41.67 -26.12 -22.80
C PHE D 194 41.18 -26.97 -23.99
N GLY D 195 40.79 -28.24 -23.77
CA GLY D 195 40.37 -29.21 -24.81
C GLY D 195 41.58 -29.92 -25.41
N THR D 196 42.51 -29.14 -25.99
CA THR D 196 43.90 -29.51 -26.40
C THR D 196 44.61 -30.27 -25.25
N THR D 197 45.34 -31.34 -25.59
CA THR D 197 46.35 -32.03 -24.73
C THR D 197 47.46 -32.55 -25.66
N PRO D 198 48.74 -32.10 -25.52
CA PRO D 198 49.86 -32.71 -26.26
C PRO D 198 50.01 -34.23 -25.96
N GLU D 199 50.90 -34.91 -26.69
CA GLU D 199 51.04 -36.40 -26.69
C GLU D 199 51.55 -36.88 -25.31
N LYS D 200 52.52 -36.15 -24.72
CA LYS D 200 53.16 -36.44 -23.40
C LYS D 200 53.31 -35.15 -22.58
N PRO D 201 52.22 -34.65 -21.94
CA PRO D 201 52.28 -33.44 -21.10
C PRO D 201 53.01 -33.62 -19.74
N GLU D 202 52.97 -34.85 -19.19
CA GLU D 202 53.43 -35.19 -17.80
C GLU D 202 54.97 -35.02 -17.69
N GLU D 203 55.72 -35.21 -18.80
CA GLU D 203 57.20 -34.97 -18.90
C GLU D 203 57.50 -33.56 -19.44
N THR D 204 56.54 -32.89 -20.11
CA THR D 204 56.71 -31.51 -20.67
C THR D 204 56.58 -30.49 -19.53
N PRO D 205 57.59 -29.61 -19.31
CA PRO D 205 57.46 -28.47 -18.38
C PRO D 205 56.23 -27.58 -18.61
N LEU D 206 55.75 -26.91 -17.54
CA LEU D 206 54.54 -26.02 -17.54
C LEU D 206 54.82 -24.72 -18.33
N GLU D 207 56.09 -24.31 -18.54
CA GLU D 207 56.49 -23.18 -19.43
C GLU D 207 56.12 -23.51 -20.89
N GLU D 208 56.42 -24.73 -21.35
CA GLU D 208 56.31 -25.19 -22.78
C GLU D 208 54.88 -25.67 -23.11
N LEU D 209 54.16 -26.26 -22.12
CA LEU D 209 52.69 -26.55 -22.20
C LEU D 209 51.90 -25.24 -22.40
N ALA D 210 52.17 -24.22 -21.56
CA ALA D 210 51.50 -22.89 -21.56
C ALA D 210 51.51 -22.27 -22.98
N GLU D 211 52.57 -22.50 -23.77
CA GLU D 211 52.77 -21.98 -25.16
C GLU D 211 51.98 -22.82 -26.20
N THR D 212 51.87 -24.16 -26.01
CA THR D 212 51.12 -25.12 -26.88
C THR D 212 49.59 -24.92 -26.76
N PHE D 213 49.10 -24.53 -25.57
CA PHE D 213 47.70 -24.16 -25.28
C PHE D 213 47.40 -22.75 -25.84
N GLN D 214 48.30 -21.76 -25.59
CA GLN D 214 48.13 -20.32 -25.95
C GLN D 214 47.90 -20.15 -27.46
N ASP D 215 48.57 -20.98 -28.29
CA ASP D 215 48.43 -21.02 -29.79
C ASP D 215 46.97 -21.28 -30.19
N THR D 216 46.25 -22.12 -29.42
CA THR D 216 44.85 -22.58 -29.65
C THR D 216 43.91 -22.10 -28.51
N PHE D 217 44.29 -21.07 -27.72
CA PHE D 217 43.54 -20.58 -26.53
C PHE D 217 42.97 -19.17 -26.78
N SER D 218 41.64 -19.04 -26.70
CA SER D 218 40.82 -17.85 -27.06
C SER D 218 41.00 -16.71 -26.02
N GLY D 219 41.12 -17.05 -24.73
CA GLY D 219 41.20 -16.09 -23.59
C GLY D 219 40.15 -16.36 -22.52
N ALA D 220 39.08 -17.11 -22.86
CA ALA D 220 37.94 -17.45 -21.97
C ALA D 220 38.35 -18.49 -20.92
N LEU D 221 37.56 -18.62 -19.84
CA LEU D 221 37.89 -19.41 -18.61
C LEU D 221 37.55 -20.91 -18.74
N GLY D 222 36.81 -21.33 -19.79
CA GLY D 222 36.43 -22.74 -20.02
C GLY D 222 35.48 -23.30 -18.96
N LYS D 223 35.41 -24.63 -18.86
CA LYS D 223 34.44 -25.41 -18.01
C LYS D 223 34.96 -25.52 -16.58
N GLN D 224 36.21 -25.99 -16.43
CA GLN D 224 36.81 -26.44 -15.15
C GLN D 224 37.06 -25.23 -14.22
N SER D 225 37.54 -24.09 -14.74
CA SER D 225 37.93 -22.90 -13.92
C SER D 225 36.74 -21.93 -13.74
N SER D 226 35.62 -22.12 -14.45
CA SER D 226 34.32 -21.43 -14.22
C SER D 226 33.50 -22.18 -13.16
N SER D 227 33.75 -23.48 -12.98
CA SER D 227 33.19 -24.36 -11.92
C SER D 227 33.86 -24.10 -10.55
N LEU D 228 35.11 -23.62 -10.55
CA LEU D 228 35.94 -23.40 -9.33
C LEU D 228 35.84 -21.95 -8.83
N LEU D 229 35.56 -20.98 -9.71
CA LEU D 229 35.28 -19.56 -9.33
C LEU D 229 33.85 -19.46 -8.77
N SER D 230 32.90 -20.25 -9.31
CA SER D 230 31.51 -20.39 -8.81
C SER D 230 31.50 -20.92 -7.37
N ARG D 231 32.42 -21.85 -7.04
CA ARG D 231 32.52 -22.59 -5.75
C ARG D 231 33.37 -21.84 -4.71
N LEU D 232 34.36 -21.03 -5.16
CA LEU D 232 35.06 -20.00 -4.33
C LEU D 232 34.03 -19.02 -3.78
N ILE D 233 33.18 -18.46 -4.65
CA ILE D 233 32.19 -17.36 -4.34
C ILE D 233 31.03 -17.94 -3.49
N SER D 234 30.53 -19.13 -3.85
CA SER D 234 29.41 -19.85 -3.19
C SER D 234 29.77 -20.15 -1.72
N SER D 235 31.01 -20.60 -1.47
CA SER D 235 31.46 -21.22 -0.20
C SER D 235 32.28 -20.24 0.67
N LYS D 236 33.03 -19.28 0.09
CA LYS D 236 34.07 -18.46 0.78
C LYS D 236 33.78 -16.95 0.69
N MET D 237 32.56 -16.55 0.30
CA MET D 237 32.13 -15.12 0.30
C MET D 237 30.82 -15.01 1.06
N PRO D 238 30.58 -13.88 1.79
CA PRO D 238 29.40 -13.74 2.66
C PRO D 238 28.04 -13.65 1.95
N GLY D 239 26.97 -13.47 2.73
CA GLY D 239 25.57 -13.34 2.27
C GLY D 239 25.36 -12.10 1.41
N GLY D 240 24.90 -12.31 0.15
CA GLY D 240 24.70 -11.26 -0.87
C GLY D 240 25.82 -11.23 -1.90
N PHE D 241 27.08 -11.40 -1.47
CA PHE D 241 28.31 -11.24 -2.30
C PHE D 241 28.41 -12.40 -3.30
N THR D 242 27.99 -12.14 -4.54
CA THR D 242 27.96 -13.08 -5.69
C THR D 242 29.21 -12.82 -6.57
N ILE D 243 29.39 -13.58 -7.67
CA ILE D 243 30.43 -13.36 -8.73
C ILE D 243 30.03 -12.18 -9.64
N THR D 244 28.73 -11.83 -9.65
CA THR D 244 28.18 -10.59 -10.27
C THR D 244 28.74 -9.38 -9.50
N VAL D 245 28.64 -9.39 -8.17
CA VAL D 245 29.06 -8.29 -7.23
C VAL D 245 30.61 -8.24 -7.11
N ALA D 246 31.30 -9.38 -7.29
CA ALA D 246 32.77 -9.53 -7.21
C ALA D 246 33.42 -9.00 -8.50
N ARG D 247 32.74 -9.11 -9.65
CA ARG D 247 33.14 -8.49 -10.94
C ARG D 247 32.81 -6.98 -10.94
N LYS D 248 31.69 -6.60 -10.32
CA LYS D 248 31.18 -5.20 -10.23
C LYS D 248 31.99 -4.38 -9.21
N TYR D 249 32.59 -5.02 -8.21
CA TYR D 249 33.52 -4.38 -7.23
C TYR D 249 34.89 -4.11 -7.86
N LEU D 250 35.35 -4.95 -8.79
CA LEU D 250 36.69 -4.82 -9.44
C LEU D 250 36.63 -3.80 -10.60
N GLN D 251 35.43 -3.41 -11.04
CA GLN D 251 35.17 -2.45 -12.16
C GLN D 251 35.04 -1.01 -11.63
N THR D 252 34.59 -0.84 -10.36
CA THR D 252 34.29 0.47 -9.71
C THR D 252 35.48 0.92 -8.84
N ARG D 253 36.01 0.02 -8.00
CA ARG D 253 37.14 0.27 -7.06
C ARG D 253 38.46 0.42 -7.84
N TRP D 254 38.78 -0.54 -8.72
CA TRP D 254 40.08 -0.66 -9.44
C TRP D 254 39.99 -0.27 -10.92
N GLY D 255 38.80 -0.38 -11.54
CA GLY D 255 38.57 -0.01 -12.95
C GLY D 255 38.98 -1.10 -13.93
N LEU D 256 38.91 -2.37 -13.52
CA LEU D 256 39.29 -3.55 -14.35
C LEU D 256 38.09 -4.00 -15.18
N PRO D 257 38.26 -4.24 -16.51
CA PRO D 257 37.19 -4.84 -17.34
C PRO D 257 37.12 -6.37 -17.17
N SER D 258 36.27 -7.06 -17.96
CA SER D 258 35.90 -8.50 -17.79
C SER D 258 37.00 -9.47 -18.28
N GLY D 259 38.09 -8.99 -18.91
CA GLY D 259 39.28 -9.79 -19.24
C GLY D 259 40.29 -9.88 -18.08
N ARG D 260 40.41 -8.81 -17.28
CA ARG D 260 41.35 -8.71 -16.12
C ARG D 260 40.66 -9.17 -14.82
N GLN D 261 39.36 -8.87 -14.65
CA GLN D 261 38.48 -9.37 -13.54
C GLN D 261 38.56 -10.90 -13.41
N ASP D 262 38.64 -11.62 -14.55
CA ASP D 262 38.89 -13.08 -14.65
C ASP D 262 40.21 -13.43 -13.95
N GLY D 263 41.30 -12.75 -14.35
CA GLY D 263 42.66 -12.97 -13.83
C GLY D 263 42.81 -12.67 -12.34
N VAL D 264 42.03 -11.70 -11.81
CA VAL D 264 42.02 -11.31 -10.37
C VAL D 264 41.34 -12.41 -9.56
N LEU D 265 40.27 -13.01 -10.11
CA LEU D 265 39.51 -14.16 -9.49
C LEU D 265 40.33 -15.46 -9.57
N LEU D 266 41.27 -15.61 -10.54
CA LEU D 266 42.19 -16.79 -10.66
C LEU D 266 43.34 -16.71 -9.63
N VAL D 267 43.75 -15.49 -9.21
CA VAL D 267 44.76 -15.27 -8.12
C VAL D 267 44.05 -15.40 -6.77
N ALA D 268 42.73 -15.19 -6.73
CA ALA D 268 41.83 -15.35 -5.55
C ALA D 268 41.43 -16.83 -5.36
N LEU D 269 41.68 -17.69 -6.36
CA LEU D 269 41.40 -19.16 -6.33
C LEU D 269 42.64 -19.92 -5.83
N SER D 270 43.84 -19.56 -6.33
CA SER D 270 45.15 -20.12 -5.88
C SER D 270 45.42 -19.70 -4.43
N ASN D 271 45.02 -18.46 -4.05
CA ASN D 271 45.14 -17.89 -2.68
C ASN D 271 43.73 -17.78 -2.06
N GLU D 272 42.98 -18.91 -2.09
CA GLU D 272 41.61 -19.12 -1.52
C GLU D 272 41.69 -18.95 0.01
N PRO D 273 40.70 -18.29 0.67
CA PRO D 273 40.65 -18.22 2.13
C PRO D 273 40.26 -19.57 2.76
N ALA D 274 40.64 -19.77 4.03
CA ALA D 274 40.51 -21.05 4.79
C ALA D 274 39.03 -21.32 5.14
N ALA D 275 38.32 -20.28 5.60
CA ALA D 275 36.88 -20.34 5.96
C ALA D 275 36.10 -19.19 5.29
N ARG D 276 34.76 -19.27 5.39
CA ARG D 276 33.78 -18.22 4.98
C ARG D 276 34.26 -16.86 5.51
N LEU D 277 34.48 -15.89 4.62
CA LEU D 277 34.72 -14.46 5.00
C LEU D 277 33.42 -13.92 5.64
N GLY D 278 33.53 -13.34 6.84
CA GLY D 278 32.38 -12.96 7.70
C GLY D 278 31.57 -11.81 7.13
N SER D 279 32.20 -10.64 6.93
CA SER D 279 31.56 -9.37 6.51
C SER D 279 31.84 -9.09 5.02
N GLU D 280 31.07 -8.15 4.43
CA GLU D 280 31.26 -7.62 3.04
C GLU D 280 32.58 -6.83 2.96
N ALA D 281 33.01 -6.24 4.08
CA ALA D 281 34.28 -5.49 4.26
C ALA D 281 35.50 -6.42 4.17
N ASP D 282 35.40 -7.68 4.66
CA ASP D 282 36.45 -8.74 4.56
C ASP D 282 36.56 -9.27 3.12
N ALA D 283 35.42 -9.45 2.44
CA ALA D 283 35.30 -9.90 1.02
C ALA D 283 35.95 -8.88 0.08
N LYS D 284 35.91 -7.59 0.44
CA LYS D 284 36.50 -6.46 -0.34
C LYS D 284 38.00 -6.37 -0.04
N ALA D 285 38.39 -6.34 1.24
CA ALA D 285 39.79 -6.38 1.75
C ALA D 285 40.56 -7.54 1.06
N PHE D 286 39.90 -8.69 0.93
CA PHE D 286 40.40 -9.91 0.22
C PHE D 286 40.68 -9.58 -1.26
N LEU D 287 39.69 -9.09 -2.03
CA LEU D 287 39.81 -8.83 -3.50
C LEU D 287 40.77 -7.65 -3.78
N ASP D 288 40.88 -6.68 -2.86
CA ASP D 288 41.87 -5.57 -2.89
C ASP D 288 43.30 -6.15 -2.83
N SER D 289 43.52 -7.19 -2.01
CA SER D 289 44.81 -7.93 -1.91
C SER D 289 45.09 -8.68 -3.22
N MET D 290 44.10 -9.40 -3.77
CA MET D 290 44.22 -10.27 -4.98
C MET D 290 44.27 -9.42 -6.27
N ALA D 291 43.78 -8.18 -6.26
CA ALA D 291 43.88 -7.20 -7.37
C ALA D 291 45.30 -6.60 -7.45
N GLN D 292 45.98 -6.46 -6.30
CA GLN D 292 47.40 -6.00 -6.18
C GLN D 292 48.39 -7.17 -6.34
N LYS D 293 47.93 -8.44 -6.31
CA LYS D 293 48.75 -9.65 -6.59
C LYS D 293 48.66 -10.05 -8.08
N TYR D 294 47.56 -9.69 -8.74
CA TYR D 294 47.38 -9.75 -10.23
C TYR D 294 48.31 -8.72 -10.91
N ALA D 295 48.29 -7.48 -10.38
CA ALA D 295 49.21 -6.35 -10.69
C ALA D 295 50.69 -6.79 -10.77
N SER D 296 51.16 -7.58 -9.78
CA SER D 296 52.56 -8.07 -9.66
C SER D 296 52.92 -9.05 -10.80
N ILE D 297 52.00 -9.98 -11.11
CA ILE D 297 52.20 -11.12 -12.06
C ILE D 297 52.19 -10.60 -13.51
N VAL D 298 51.21 -9.74 -13.86
CA VAL D 298 50.99 -9.23 -15.26
C VAL D 298 51.79 -7.92 -15.49
N GLY D 299 51.98 -7.09 -14.46
CA GLY D 299 52.69 -5.79 -14.54
C GLY D 299 51.75 -4.63 -14.88
N VAL D 300 50.72 -4.42 -14.02
CA VAL D 300 49.71 -3.32 -14.09
C VAL D 300 49.83 -2.48 -12.80
N ASP D 301 50.05 -1.16 -12.92
CA ASP D 301 50.21 -0.21 -11.77
C ASP D 301 49.12 0.87 -11.83
N LEU D 302 48.57 1.22 -10.66
CA LEU D 302 47.43 2.16 -10.42
C LEU D 302 48.00 3.49 -9.89
N LEU D 328 24.87 8.37 -4.29
CA LEU D 328 24.10 9.36 -5.11
C LEU D 328 22.73 8.76 -5.55
N GLU D 329 22.73 7.51 -6.07
CA GLU D 329 21.54 6.83 -6.67
C GLU D 329 21.42 5.39 -6.15
N GLU D 330 21.76 5.18 -4.88
CA GLU D 330 21.54 3.91 -4.11
C GLU D 330 20.35 4.12 -3.16
N ILE D 331 19.64 5.25 -3.32
CA ILE D 331 18.40 5.62 -2.56
C ILE D 331 17.17 5.30 -3.43
N THR D 332 17.23 5.63 -4.73
CA THR D 332 16.21 5.25 -5.76
C THR D 332 16.12 3.72 -5.83
N LYS D 333 17.25 3.02 -5.65
CA LYS D 333 17.33 1.54 -5.54
C LYS D 333 16.48 1.04 -4.38
N ASP D 334 16.67 1.61 -3.19
CA ASP D 334 16.13 1.09 -1.91
C ASP D 334 14.61 1.27 -1.85
N HIS D 335 14.09 2.24 -2.59
CA HIS D 335 12.63 2.37 -2.82
C HIS D 335 12.18 1.20 -3.70
N LYS D 336 12.78 1.05 -4.88
CA LYS D 336 12.36 0.06 -5.91
C LYS D 336 12.42 -1.36 -5.33
N VAL D 337 13.34 -1.62 -4.40
CA VAL D 337 13.35 -2.85 -3.57
C VAL D 337 11.99 -3.00 -2.89
N LEU D 338 11.56 -1.97 -2.16
CA LEU D 338 10.28 -1.94 -1.38
C LEU D 338 9.09 -2.22 -2.30
N ALA D 339 9.03 -1.52 -3.44
CA ALA D 339 7.93 -1.67 -4.42
C ALA D 339 7.90 -3.11 -4.94
N ARG D 340 9.07 -3.65 -5.31
CA ARG D 340 9.28 -5.04 -5.77
C ARG D 340 8.67 -5.98 -4.73
N GLN D 341 9.04 -5.84 -3.47
CA GLN D 341 8.60 -6.71 -2.35
C GLN D 341 7.09 -6.59 -2.14
N GLN D 342 6.57 -5.36 -2.13
CA GLN D 342 5.12 -5.03 -2.05
C GLN D 342 4.35 -5.72 -3.18
N LEU D 343 4.87 -5.67 -4.41
CA LEU D 343 4.29 -6.34 -5.59
C LEU D 343 4.18 -7.84 -5.31
N GLN D 344 5.30 -8.46 -4.92
CA GLN D 344 5.37 -9.92 -4.64
C GLN D 344 4.22 -10.32 -3.72
N VAL D 345 3.92 -9.54 -2.65
CA VAL D 345 2.94 -10.00 -1.62
C VAL D 345 1.53 -9.88 -2.20
N LEU D 346 1.26 -8.85 -2.98
CA LEU D 346 -0.04 -8.69 -3.66
C LEU D 346 -0.29 -9.86 -4.62
N ALA D 347 0.73 -10.24 -5.40
CA ALA D 347 0.73 -11.41 -6.30
C ALA D 347 0.35 -12.67 -5.51
N ARG D 348 1.07 -12.91 -4.42
CA ARG D 348 0.91 -14.11 -3.56
C ARG D 348 -0.53 -14.12 -3.00
N TYR D 349 -1.09 -12.96 -2.73
CA TYR D 349 -2.49 -12.79 -2.25
C TYR D 349 -3.48 -13.12 -3.37
N LEU D 350 -3.15 -12.75 -4.61
CA LEU D 350 -4.03 -12.93 -5.79
C LEU D 350 -3.90 -14.32 -6.42
N LYS D 351 -3.12 -15.24 -5.82
CA LYS D 351 -2.78 -16.59 -6.36
C LYS D 351 -2.32 -16.43 -7.81
N MET D 352 -1.40 -15.49 -8.03
CA MET D 352 -0.97 -15.03 -9.35
C MET D 352 0.51 -15.42 -9.49
N ASP D 353 0.89 -15.85 -10.69
CA ASP D 353 2.18 -16.53 -10.95
C ASP D 353 2.94 -15.73 -12.00
N LEU D 354 3.86 -14.86 -11.57
CA LEU D 354 4.53 -13.88 -12.46
C LEU D 354 5.61 -14.53 -13.33
N ASP D 355 5.76 -15.86 -13.29
CA ASP D 355 6.79 -16.62 -14.04
C ASP D 355 6.10 -17.59 -15.01
N ASN D 356 4.90 -18.09 -14.68
CA ASN D 356 4.06 -18.95 -15.53
C ASN D 356 4.30 -18.66 -17.02
N GLY D 357 4.32 -17.40 -17.42
CA GLY D 357 4.60 -16.96 -18.80
C GLY D 357 5.95 -17.45 -19.27
N GLU D 358 7.03 -17.00 -18.62
CA GLU D 358 8.44 -17.35 -18.95
C GLU D 358 8.69 -18.86 -18.84
N ARG D 359 8.03 -19.58 -17.92
CA ARG D 359 8.20 -21.04 -17.78
C ARG D 359 7.72 -21.73 -19.06
N LYS D 360 6.45 -21.54 -19.41
CA LYS D 360 5.82 -22.09 -20.63
C LYS D 360 6.67 -21.76 -21.86
N PHE D 361 7.27 -20.57 -21.90
CA PHE D 361 8.10 -20.11 -23.03
C PHE D 361 9.33 -21.01 -23.14
N LEU D 362 10.10 -21.12 -22.06
CA LEU D 362 11.36 -21.91 -22.03
C LEU D 362 11.07 -23.34 -22.47
N LYS D 363 9.95 -23.89 -22.04
CA LYS D 363 9.51 -25.27 -22.36
C LYS D 363 9.14 -25.38 -23.86
N GLU D 364 8.58 -24.33 -24.51
CA GLU D 364 8.36 -24.29 -26.00
C GLU D 364 9.67 -24.06 -26.76
N LYS D 365 10.60 -23.26 -26.24
CA LYS D 365 11.89 -23.01 -26.93
C LYS D 365 12.64 -24.33 -27.09
N ASP D 366 12.43 -25.28 -26.16
CA ASP D 366 13.00 -26.65 -26.18
C ASP D 366 12.37 -27.50 -27.30
N THR D 367 11.04 -27.51 -27.40
CA THR D 367 10.31 -28.25 -28.47
C THR D 367 10.65 -27.71 -29.86
N VAL D 368 11.10 -26.47 -29.97
CA VAL D 368 11.53 -25.86 -31.27
C VAL D 368 12.89 -26.44 -31.62
N ALA D 369 13.86 -26.28 -30.73
CA ALA D 369 15.24 -26.78 -30.88
C ALA D 369 15.17 -28.25 -31.29
N GLU D 370 14.24 -28.99 -30.68
CA GLU D 370 14.04 -30.45 -30.89
C GLU D 370 13.56 -30.69 -32.33
N LEU D 371 12.54 -29.97 -32.79
CA LEU D 371 11.97 -30.07 -34.17
C LEU D 371 12.96 -29.51 -35.17
N GLN D 372 13.70 -28.47 -34.84
CA GLN D 372 14.72 -27.90 -35.75
C GLN D 372 15.85 -28.92 -35.93
N ALA D 373 16.12 -29.77 -34.94
CA ALA D 373 17.16 -30.82 -35.00
C ALA D 373 16.70 -31.90 -35.97
N GLN D 374 15.45 -32.33 -35.85
CA GLN D 374 14.82 -33.35 -36.71
C GLN D 374 14.80 -32.91 -38.17
N LEU D 375 14.67 -31.61 -38.40
CA LEU D 375 14.44 -31.02 -39.74
C LEU D 375 15.77 -30.69 -40.38
N ASP D 376 16.75 -30.31 -39.56
CA ASP D 376 18.16 -30.08 -39.98
C ASP D 376 18.77 -31.43 -40.34
N TYR D 377 18.36 -32.50 -39.65
CA TYR D 377 18.84 -33.88 -39.92
C TYR D 377 18.45 -34.28 -41.34
N LEU D 378 17.17 -34.19 -41.65
CA LEU D 378 16.60 -34.59 -42.97
C LEU D 378 17.22 -33.75 -44.09
N ASN D 379 17.56 -32.47 -43.87
CA ASN D 379 18.30 -31.71 -44.91
C ASN D 379 19.69 -32.32 -45.08
N ALA D 380 20.33 -32.78 -44.02
CA ALA D 380 21.67 -33.43 -44.09
C ALA D 380 21.61 -34.68 -44.97
N GLU D 381 20.61 -35.52 -44.73
CA GLU D 381 20.36 -36.81 -45.40
C GLU D 381 19.93 -36.67 -46.86
N LEU D 382 18.92 -35.85 -47.15
CA LEU D 382 18.34 -35.77 -48.50
C LEU D 382 19.00 -34.66 -49.30
N GLY D 383 19.39 -33.59 -48.61
CA GLY D 383 20.01 -32.43 -49.25
C GLY D 383 19.00 -31.32 -49.38
N GLU D 384 19.48 -30.09 -49.51
CA GLU D 384 18.63 -28.92 -49.75
C GLU D 384 17.82 -29.19 -51.02
N PHE D 385 18.48 -29.62 -52.09
CA PHE D 385 17.88 -29.64 -53.45
C PHE D 385 16.63 -30.49 -53.49
N PHE D 386 16.62 -31.59 -52.78
CA PHE D 386 15.54 -32.60 -52.75
C PHE D 386 14.42 -32.14 -51.84
N VAL D 387 14.70 -31.43 -50.73
CA VAL D 387 13.66 -30.98 -49.77
C VAL D 387 12.91 -29.78 -50.36
N ASN D 388 13.59 -28.85 -51.01
CA ASN D 388 12.97 -27.74 -51.79
C ASN D 388 12.25 -28.30 -53.02
N GLY D 389 12.91 -29.23 -53.73
CA GLY D 389 12.44 -29.87 -54.97
C GLY D 389 11.06 -30.50 -54.82
N VAL D 390 10.74 -30.96 -53.62
CA VAL D 390 9.66 -31.95 -53.36
C VAL D 390 8.40 -31.20 -52.90
N ALA D 391 8.39 -29.88 -53.06
CA ALA D 391 7.26 -29.00 -52.72
C ALA D 391 6.10 -29.26 -53.67
N THR D 392 4.86 -29.16 -53.16
CA THR D 392 3.60 -29.37 -53.93
C THR D 392 3.36 -28.11 -54.77
N SER D 393 3.19 -28.29 -56.08
CA SER D 393 2.83 -27.24 -57.08
C SER D 393 1.35 -27.35 -57.45
N PHE D 394 0.80 -28.56 -57.54
CA PHE D 394 -0.56 -28.84 -58.09
C PHE D 394 -1.67 -28.38 -57.13
N SER D 395 -2.61 -27.59 -57.67
CA SER D 395 -3.98 -27.39 -57.15
C SER D 395 -4.97 -27.65 -58.28
N ARG D 396 -6.20 -28.03 -57.95
CA ARG D 396 -7.27 -28.23 -58.94
C ARG D 396 -7.77 -26.87 -59.44
N LYS D 397 -7.74 -25.89 -58.56
CA LYS D 397 -8.27 -24.55 -58.85
C LYS D 397 -7.30 -23.86 -59.81
N LYS D 398 -6.07 -24.32 -59.95
CA LYS D 398 -5.14 -23.75 -60.94
C LYS D 398 -5.29 -24.42 -62.31
N ALA D 399 -6.15 -25.41 -62.49
CA ALA D 399 -6.26 -26.08 -63.80
C ALA D 399 -6.96 -25.18 -64.82
N ARG D 400 -6.35 -24.95 -66.00
CA ARG D 400 -6.85 -24.09 -67.10
C ARG D 400 -7.35 -24.96 -68.27
N THR D 401 -8.66 -25.02 -68.50
CA THR D 401 -9.20 -25.75 -69.66
C THR D 401 -9.24 -24.82 -70.87
N PHE D 402 -8.77 -25.31 -72.04
CA PHE D 402 -8.93 -24.68 -73.36
C PHE D 402 -9.74 -25.64 -74.22
N ASP D 403 -10.94 -25.22 -74.66
CA ASP D 403 -11.86 -26.04 -75.49
C ASP D 403 -12.61 -25.26 -76.58
N SER D 404 -12.34 -23.99 -76.89
CA SER D 404 -13.27 -23.19 -77.75
C SER D 404 -12.77 -23.12 -79.21
N SER D 405 -12.59 -24.28 -79.84
CA SER D 405 -12.08 -24.42 -81.22
C SER D 405 -13.10 -23.86 -82.22
N TRP D 406 -14.40 -23.91 -81.90
CA TRP D 406 -15.45 -23.30 -82.75
C TRP D 406 -15.16 -21.82 -83.04
N ASN D 407 -14.64 -21.06 -82.08
CA ASN D 407 -14.26 -19.64 -82.24
C ASN D 407 -12.90 -19.50 -82.93
N TRP D 408 -11.98 -20.43 -82.72
CA TRP D 408 -10.56 -20.29 -83.13
C TRP D 408 -10.42 -20.70 -84.58
N ALA D 409 -11.41 -21.41 -85.12
CA ALA D 409 -11.49 -21.75 -86.55
C ALA D 409 -11.74 -20.47 -87.35
N LYS D 410 -12.73 -19.68 -86.93
CA LYS D 410 -13.11 -18.44 -87.64
C LYS D 410 -11.96 -17.44 -87.54
N GLN D 411 -11.24 -17.38 -86.42
CA GLN D 411 -10.15 -16.38 -86.24
C GLN D 411 -8.99 -16.77 -87.13
N SER D 412 -8.74 -18.05 -87.28
CA SER D 412 -7.59 -18.63 -87.99
C SER D 412 -7.76 -18.42 -89.48
N LEU D 413 -9.02 -18.44 -89.93
CA LEU D 413 -9.39 -18.34 -91.35
C LEU D 413 -9.26 -16.88 -91.81
N LEU D 414 -9.73 -15.97 -90.99
CA LEU D 414 -9.58 -14.51 -91.22
C LEU D 414 -8.10 -14.12 -91.16
N SER D 415 -7.34 -14.60 -90.19
CA SER D 415 -5.87 -14.36 -90.10
C SER D 415 -5.14 -14.84 -91.36
N LEU D 416 -5.59 -15.93 -91.97
CA LEU D 416 -4.99 -16.49 -93.21
C LEU D 416 -5.39 -15.60 -94.37
N TYR D 417 -6.66 -15.21 -94.42
CA TYR D 417 -7.26 -14.36 -95.49
C TYR D 417 -6.46 -13.06 -95.66
N PHE D 418 -6.31 -12.29 -94.61
CA PHE D 418 -5.54 -11.02 -94.65
C PHE D 418 -4.04 -11.25 -94.84
N GLU D 419 -3.44 -12.30 -94.29
CA GLU D 419 -2.02 -12.65 -94.57
C GLU D 419 -1.78 -12.86 -96.08
N ILE D 420 -2.72 -13.46 -96.79
CA ILE D 420 -2.60 -13.71 -98.25
C ILE D 420 -2.86 -12.40 -99.01
N ILE D 421 -3.77 -11.55 -98.52
CA ILE D 421 -4.13 -10.27 -99.19
C ILE D 421 -3.01 -9.25 -99.03
N HIS D 422 -2.30 -9.26 -97.90
CA HIS D 422 -1.15 -8.35 -97.66
C HIS D 422 0.16 -9.01 -98.10
N GLY D 423 0.11 -10.12 -98.85
CA GLY D 423 1.29 -10.82 -99.38
C GLY D 423 2.34 -11.15 -98.33
N VAL D 424 1.93 -11.64 -97.16
CA VAL D 424 2.82 -12.19 -96.10
C VAL D 424 3.05 -13.69 -96.37
N LEU D 425 1.97 -14.41 -96.71
CA LEU D 425 1.98 -15.78 -97.28
C LEU D 425 1.70 -15.68 -98.79
N LYS D 426 2.56 -16.30 -99.62
CA LYS D 426 2.41 -16.45 -101.09
C LYS D 426 1.88 -17.85 -101.41
N ASN D 427 1.60 -18.14 -102.69
CA ASN D 427 1.08 -19.44 -103.17
C ASN D 427 2.16 -20.54 -103.10
N VAL D 428 3.41 -20.18 -102.81
CA VAL D 428 4.58 -21.12 -102.73
C VAL D 428 4.79 -21.58 -101.28
N ASP D 429 4.43 -20.77 -100.29
CA ASP D 429 4.63 -21.01 -98.83
C ASP D 429 3.87 -22.29 -98.43
N ARG D 430 4.44 -23.10 -97.54
CA ARG D 430 3.80 -24.34 -97.03
C ARG D 430 2.88 -23.99 -95.88
N GLU D 431 3.07 -22.83 -95.27
CA GLU D 431 2.25 -22.40 -94.10
C GLU D 431 0.79 -22.28 -94.54
N VAL D 432 0.51 -21.85 -95.78
CA VAL D 432 -0.89 -21.78 -96.30
C VAL D 432 -1.51 -23.20 -96.37
N VAL D 433 -0.72 -24.25 -96.58
CA VAL D 433 -1.22 -25.66 -96.53
C VAL D 433 -1.46 -26.08 -95.07
N SER D 434 -0.40 -26.08 -94.26
CA SER D 434 -0.40 -26.29 -92.80
C SER D 434 -1.64 -25.66 -92.16
N GLU D 435 -1.91 -24.39 -92.51
CA GLU D 435 -3.01 -23.57 -91.94
C GLU D 435 -4.33 -24.09 -92.48
N ALA D 436 -4.39 -24.50 -93.76
CA ALA D 436 -5.60 -25.07 -94.40
C ALA D 436 -6.03 -26.31 -93.63
N ILE D 437 -5.09 -27.22 -93.36
CA ILE D 437 -5.32 -28.49 -92.61
C ILE D 437 -6.04 -28.16 -91.30
N ASN D 438 -5.57 -27.17 -90.56
CA ASN D 438 -6.09 -26.80 -89.23
C ASN D 438 -7.49 -26.18 -89.33
N ILE D 439 -7.87 -25.62 -90.47
CA ILE D 439 -9.25 -25.07 -90.73
C ILE D 439 -10.17 -26.22 -91.16
N MET D 440 -9.64 -27.24 -91.85
CA MET D 440 -10.42 -28.45 -92.21
C MET D 440 -10.69 -29.26 -90.94
N ASN D 441 -9.64 -29.41 -90.14
CA ASN D 441 -9.68 -30.16 -88.87
C ASN D 441 -10.70 -29.54 -87.92
N ARG D 442 -11.10 -28.28 -88.11
CA ARG D 442 -12.15 -27.64 -87.27
C ARG D 442 -13.42 -27.37 -88.06
N SER D 443 -13.63 -28.04 -89.20
CA SER D 443 -14.75 -27.73 -90.14
C SER D 443 -16.07 -28.01 -89.44
N ASN D 444 -16.96 -27.01 -89.43
CA ASN D 444 -18.40 -27.16 -89.07
C ASN D 444 -19.25 -26.19 -89.89
N ASP D 445 -20.58 -26.35 -89.87
CA ASP D 445 -21.52 -25.57 -90.73
C ASP D 445 -21.28 -24.07 -90.60
N ALA D 446 -21.07 -23.54 -89.39
CA ALA D 446 -20.84 -22.10 -89.10
C ALA D 446 -19.61 -21.59 -89.84
N LEU D 447 -18.57 -22.41 -89.87
CA LEU D 447 -17.24 -22.09 -90.43
C LEU D 447 -17.34 -22.13 -91.96
N ILE D 448 -18.31 -22.84 -92.53
CA ILE D 448 -18.51 -22.83 -94.01
C ILE D 448 -19.39 -21.62 -94.42
N LYS D 449 -20.44 -21.32 -93.68
CA LYS D 449 -21.21 -20.08 -93.86
C LYS D 449 -20.21 -18.93 -93.79
N PHE D 450 -19.23 -19.00 -92.89
CA PHE D 450 -18.25 -17.91 -92.64
C PHE D 450 -17.29 -17.79 -93.82
N MET D 451 -16.68 -18.90 -94.21
CA MET D 451 -15.71 -18.89 -95.34
C MET D 451 -16.44 -18.52 -96.61
N GLU D 452 -17.72 -18.88 -96.77
CA GLU D 452 -18.49 -18.58 -98.02
C GLU D 452 -18.64 -17.07 -98.18
N TYR D 453 -19.07 -16.37 -97.14
CA TYR D 453 -19.23 -14.90 -97.17
C TYR D 453 -17.89 -14.20 -97.42
N HIS D 454 -16.81 -14.59 -96.74
CA HIS D 454 -15.50 -13.86 -96.80
C HIS D 454 -14.84 -14.06 -98.16
N ILE D 455 -15.17 -15.14 -98.87
CA ILE D 455 -14.49 -15.57 -100.12
C ILE D 455 -15.37 -15.28 -101.31
N SER D 456 -16.69 -15.16 -101.12
CA SER D 456 -17.65 -14.83 -102.21
C SER D 456 -17.94 -13.32 -102.23
N ASN D 457 -17.20 -12.52 -101.47
CA ASN D 457 -17.31 -11.04 -101.43
C ASN D 457 -15.90 -10.43 -101.43
N THR D 458 -14.92 -11.08 -102.07
CA THR D 458 -13.64 -10.44 -102.43
C THR D 458 -13.72 -10.08 -103.91
N ASP D 459 -13.43 -8.81 -104.23
CA ASP D 459 -13.34 -8.27 -105.61
C ASP D 459 -11.96 -8.66 -106.15
N GLU D 460 -11.90 -9.65 -107.04
CA GLU D 460 -10.65 -10.20 -107.61
C GLU D 460 -9.97 -9.17 -108.52
N THR D 461 -10.71 -8.14 -108.95
CA THR D 461 -10.22 -7.02 -109.80
C THR D 461 -9.20 -6.18 -109.01
N LYS D 462 -9.38 -6.13 -107.69
CA LYS D 462 -8.72 -5.19 -106.73
C LYS D 462 -7.20 -5.44 -106.64
N GLY D 463 -6.72 -6.59 -107.11
CA GLY D 463 -5.28 -6.91 -107.13
C GLY D 463 -5.01 -8.40 -107.28
N GLU D 464 -3.77 -8.76 -107.60
CA GLU D 464 -3.33 -10.15 -107.87
C GLU D 464 -3.54 -11.02 -106.60
N ASN D 465 -3.27 -10.45 -105.42
CA ASN D 465 -3.42 -11.12 -104.10
C ASN D 465 -4.90 -11.31 -103.74
N TYR D 466 -5.82 -10.53 -104.32
CA TYR D 466 -7.28 -10.75 -104.17
C TYR D 466 -7.72 -11.90 -105.09
N GLN D 467 -7.02 -12.15 -106.19
CA GLN D 467 -7.32 -13.32 -107.06
C GLN D 467 -6.87 -14.58 -106.34
N LEU D 468 -5.71 -14.53 -105.69
CA LEU D 468 -5.08 -15.69 -105.02
C LEU D 468 -6.01 -16.20 -103.92
N VAL D 469 -6.54 -15.30 -103.10
CA VAL D 469 -7.30 -15.63 -101.87
C VAL D 469 -8.66 -16.20 -102.28
N LYS D 470 -9.19 -15.75 -103.40
CA LYS D 470 -10.51 -16.18 -103.89
C LYS D 470 -10.36 -17.58 -104.49
N THR D 471 -9.25 -17.87 -105.19
CA THR D 471 -8.95 -19.19 -105.82
C THR D 471 -8.69 -20.23 -104.70
N LEU D 472 -7.72 -19.92 -103.83
CA LEU D 472 -7.40 -20.69 -102.59
C LEU D 472 -8.70 -20.91 -101.82
N GLY D 473 -9.41 -19.84 -101.50
CA GLY D 473 -10.65 -19.86 -100.70
C GLY D 473 -11.67 -20.84 -101.23
N GLU D 474 -12.10 -20.66 -102.48
CA GLU D 474 -13.11 -21.52 -103.13
C GLU D 474 -12.75 -22.98 -102.90
N GLN D 475 -11.46 -23.34 -103.04
CA GLN D 475 -10.94 -24.71 -102.83
C GLN D 475 -11.14 -25.16 -101.37
N LEU D 476 -10.61 -24.39 -100.43
CA LEU D 476 -10.69 -24.58 -98.96
C LEU D 476 -12.15 -24.73 -98.48
N ILE D 477 -13.11 -24.10 -99.14
CA ILE D 477 -14.58 -24.30 -98.93
C ILE D 477 -14.98 -25.69 -99.44
N GLU D 478 -14.51 -26.07 -100.62
CA GLU D 478 -14.87 -27.36 -101.26
C GLU D 478 -14.34 -28.51 -100.40
N ASN D 479 -13.09 -28.39 -99.91
CA ASN D 479 -12.45 -29.32 -98.94
C ASN D 479 -13.27 -29.37 -97.66
N CYS D 480 -13.41 -28.26 -96.96
CA CYS D 480 -14.11 -28.15 -95.65
C CYS D 480 -15.47 -28.85 -95.70
N LYS D 481 -16.20 -28.77 -96.81
CA LYS D 481 -17.52 -29.43 -97.00
C LYS D 481 -17.37 -30.95 -97.12
N GLN D 482 -16.36 -31.46 -97.86
CA GLN D 482 -16.06 -32.91 -98.03
C GLN D 482 -15.78 -33.61 -96.68
N VAL D 483 -15.26 -32.86 -95.72
CA VAL D 483 -14.62 -33.33 -94.47
C VAL D 483 -15.50 -32.97 -93.26
N LEU D 484 -16.44 -32.06 -93.41
CA LEU D 484 -17.56 -31.94 -92.44
C LEU D 484 -18.02 -33.36 -92.13
N ASP D 485 -18.17 -33.74 -90.86
CA ASP D 485 -18.66 -35.09 -90.44
C ASP D 485 -17.64 -36.18 -90.78
N VAL D 486 -16.34 -35.87 -90.63
CA VAL D 486 -15.18 -36.79 -90.83
C VAL D 486 -14.14 -36.43 -89.78
N ASP D 487 -13.51 -37.42 -89.17
CA ASP D 487 -12.69 -37.18 -87.96
C ASP D 487 -11.41 -36.48 -88.39
N PRO D 488 -10.93 -35.56 -87.55
CA PRO D 488 -9.77 -34.74 -87.89
C PRO D 488 -8.50 -35.53 -87.69
N VAL D 489 -7.41 -34.98 -88.19
CA VAL D 489 -6.19 -35.77 -88.48
C VAL D 489 -4.90 -34.99 -88.11
N TYR D 490 -4.01 -35.59 -87.33
CA TYR D 490 -2.57 -35.23 -87.37
C TYR D 490 -2.05 -35.50 -88.78
N LYS D 491 -1.72 -34.46 -89.54
CA LYS D 491 -0.95 -34.58 -90.80
C LYS D 491 0.10 -33.46 -90.81
N ASP D 492 1.34 -33.79 -90.46
CA ASP D 492 2.47 -32.83 -90.57
C ASP D 492 2.84 -32.70 -92.04
N VAL D 493 3.08 -31.46 -92.48
CA VAL D 493 3.29 -31.11 -93.91
C VAL D 493 4.49 -30.17 -94.04
N ALA D 494 5.24 -30.00 -92.94
CA ALA D 494 6.40 -29.09 -92.84
C ALA D 494 7.57 -29.67 -93.64
N LYS D 495 8.49 -28.82 -94.09
CA LYS D 495 9.66 -29.27 -94.89
C LYS D 495 10.68 -29.90 -93.92
N PRO D 496 10.95 -31.22 -94.05
CA PRO D 496 11.89 -31.89 -93.14
C PRO D 496 13.33 -31.44 -93.40
N THR D 497 13.96 -30.94 -92.34
CA THR D 497 15.29 -30.29 -92.35
C THR D 497 16.34 -31.31 -91.93
N GLY D 498 17.58 -31.08 -92.34
CA GLY D 498 18.80 -31.76 -91.85
C GLY D 498 19.65 -30.78 -91.08
N PRO D 499 20.72 -31.21 -90.38
CA PRO D 499 21.68 -30.29 -89.76
C PRO D 499 22.83 -29.92 -90.72
N LYS D 500 23.35 -28.69 -90.55
CA LYS D 500 24.47 -28.10 -91.33
C LYS D 500 25.37 -27.31 -90.36
N THR D 501 26.63 -27.72 -90.23
CA THR D 501 27.67 -26.97 -89.45
C THR D 501 28.60 -26.29 -90.46
N ALA D 502 28.79 -24.99 -90.30
CA ALA D 502 29.71 -24.14 -91.10
C ALA D 502 30.66 -23.42 -90.14
N ILE D 503 31.94 -23.33 -90.52
CA ILE D 503 32.98 -22.48 -89.88
C ILE D 503 33.46 -21.49 -90.96
N ASP D 504 33.30 -20.18 -90.71
CA ASP D 504 33.65 -19.12 -91.69
C ASP D 504 35.19 -19.00 -91.80
N LYS D 505 35.68 -17.92 -92.43
CA LYS D 505 37.12 -17.58 -92.56
C LYS D 505 37.72 -17.24 -91.19
N ASN D 506 36.98 -16.51 -90.35
CA ASN D 506 37.43 -15.95 -89.05
C ASN D 506 37.19 -16.94 -87.90
N GLY D 507 36.71 -18.17 -88.20
CA GLY D 507 36.51 -19.25 -87.22
C GLY D 507 35.35 -19.02 -86.26
N ASN D 508 34.20 -18.56 -86.77
CA ASN D 508 32.87 -18.55 -86.09
C ASN D 508 32.08 -19.78 -86.54
N ILE D 509 31.61 -20.58 -85.58
CA ILE D 509 30.82 -21.82 -85.83
C ILE D 509 29.35 -21.42 -85.96
N THR D 510 28.75 -21.64 -87.13
CA THR D 510 27.32 -21.42 -87.44
C THR D 510 26.59 -22.77 -87.53
N TYR D 511 25.45 -22.87 -86.87
CA TYR D 511 24.49 -24.00 -87.00
C TYR D 511 23.20 -23.53 -87.68
N SER D 512 22.74 -24.25 -88.71
CA SER D 512 21.50 -23.99 -89.48
C SER D 512 20.88 -25.31 -89.94
N GLU D 513 19.64 -25.60 -89.53
CA GLU D 513 18.86 -26.73 -90.09
C GLU D 513 18.55 -26.40 -91.56
N GLU D 514 18.73 -27.36 -92.46
CA GLU D 514 18.90 -27.13 -93.92
C GLU D 514 18.08 -28.13 -94.73
N PRO D 515 17.00 -27.71 -95.43
CA PRO D 515 16.33 -28.55 -96.42
C PRO D 515 17.19 -29.63 -97.08
N ARG D 516 16.79 -30.88 -96.86
CA ARG D 516 17.51 -32.10 -97.30
C ARG D 516 17.33 -32.30 -98.81
N GLU D 517 18.24 -33.04 -99.43
CA GLU D 517 18.06 -33.56 -100.81
C GLU D 517 17.20 -34.83 -100.73
N LYS D 518 16.21 -34.97 -101.61
CA LYS D 518 15.42 -36.21 -101.85
C LYS D 518 14.46 -36.52 -100.69
N VAL D 519 14.29 -35.60 -99.72
CA VAL D 519 13.31 -35.73 -98.60
C VAL D 519 12.65 -34.37 -98.39
N ARG D 520 11.58 -34.07 -99.15
CA ARG D 520 10.92 -32.73 -99.18
C ARG D 520 9.43 -32.90 -98.85
N LYS D 521 9.12 -33.84 -97.95
CA LYS D 521 7.77 -34.40 -97.66
C LYS D 521 7.96 -35.47 -96.56
N LEU D 522 6.93 -35.88 -95.84
CA LEU D 522 7.09 -36.90 -94.77
C LEU D 522 6.92 -38.30 -95.36
N SER D 523 6.15 -38.43 -96.45
CA SER D 523 6.07 -39.66 -97.27
C SER D 523 7.50 -40.17 -97.49
N GLN D 524 8.37 -39.27 -98.00
CA GLN D 524 9.76 -39.57 -98.43
C GLN D 524 10.59 -39.99 -97.21
N TYR D 525 10.48 -39.24 -96.12
CA TYR D 525 11.10 -39.53 -94.81
C TYR D 525 10.78 -40.98 -94.40
N VAL D 526 9.59 -41.54 -94.66
CA VAL D 526 9.29 -42.94 -94.22
C VAL D 526 10.02 -43.96 -95.11
N GLN D 527 10.05 -43.77 -96.44
CA GLN D 527 10.90 -44.55 -97.40
C GLN D 527 12.34 -44.56 -96.90
N GLU D 528 12.97 -43.39 -96.75
CA GLU D 528 14.37 -43.22 -96.29
C GLU D 528 14.61 -44.03 -95.00
N MET D 529 13.65 -43.98 -94.09
CA MET D 529 13.74 -44.67 -92.78
C MET D 529 13.63 -46.17 -93.00
N ALA D 530 12.83 -46.62 -93.97
CA ALA D 530 12.59 -48.05 -94.25
C ALA D 530 13.85 -48.68 -94.86
N LEU D 531 14.47 -48.05 -95.86
CA LEU D 531 15.69 -48.53 -96.58
C LEU D 531 16.89 -48.71 -95.63
N GLY D 532 16.95 -47.95 -94.54
CA GLY D 532 18.07 -47.99 -93.59
C GLY D 532 19.27 -47.29 -94.18
N GLY D 533 20.33 -48.05 -94.45
CA GLY D 533 21.61 -47.52 -94.96
C GLY D 533 22.66 -48.61 -95.15
N PRO D 534 23.91 -48.23 -95.50
CA PRO D 534 25.00 -49.20 -95.62
C PRO D 534 25.45 -49.83 -94.28
N ILE D 535 25.27 -49.12 -93.17
CA ILE D 535 25.79 -49.51 -91.82
C ILE D 535 24.75 -50.35 -91.07
N THR D 536 23.46 -50.07 -91.30
CA THR D 536 22.29 -50.80 -90.75
C THR D 536 22.22 -52.24 -91.31
N LYS D 537 22.93 -52.53 -92.40
CA LYS D 537 23.07 -53.87 -93.03
C LYS D 537 23.58 -54.86 -91.98
N GLU D 538 22.74 -55.82 -91.59
CA GLU D 538 23.07 -56.89 -90.61
C GLU D 538 23.69 -58.06 -91.39
N SER D 539 24.90 -58.49 -90.99
CA SER D 539 25.72 -59.55 -91.66
C SER D 539 26.71 -60.17 -90.65
N MET D 599 8.35 -45.84 -105.87
CA MET D 599 7.29 -45.07 -105.15
C MET D 599 7.58 -43.55 -105.26
N ASP D 600 6.69 -42.82 -105.94
CA ASP D 600 6.83 -41.37 -106.29
C ASP D 600 5.43 -40.81 -106.65
N VAL D 601 4.72 -40.28 -105.65
CA VAL D 601 3.42 -39.55 -105.79
C VAL D 601 3.74 -38.06 -106.01
N GLU D 602 3.57 -37.55 -107.25
CA GLU D 602 3.80 -36.14 -107.62
C GLU D 602 2.75 -35.26 -106.92
N ASP D 603 3.19 -34.08 -106.43
CA ASP D 603 2.42 -33.14 -105.56
C ASP D 603 2.45 -31.75 -106.25
N ALA D 604 2.30 -30.66 -105.48
CA ALA D 604 2.54 -29.28 -105.95
C ALA D 604 3.11 -28.40 -104.83
N LEU D 605 3.77 -28.97 -103.81
CA LEU D 605 4.46 -28.22 -102.73
C LEU D 605 5.56 -27.34 -103.33
N ASP D 606 5.64 -26.08 -102.91
CA ASP D 606 6.71 -25.10 -103.28
C ASP D 606 6.61 -24.72 -104.77
N LYS D 607 5.38 -24.64 -105.31
CA LYS D 607 5.10 -24.07 -106.66
C LYS D 607 3.64 -23.59 -106.75
N ASP D 608 2.68 -24.42 -106.29
CA ASP D 608 1.25 -24.07 -106.14
C ASP D 608 0.70 -24.87 -104.94
N SER D 609 0.57 -24.21 -103.79
CA SER D 609 -0.05 -24.77 -102.55
C SER D 609 -1.58 -24.81 -102.68
N THR D 610 -2.20 -24.02 -103.58
CA THR D 610 -3.66 -24.04 -103.89
C THR D 610 -4.06 -25.38 -104.54
N LYS D 611 -3.11 -26.06 -105.20
CA LYS D 611 -3.29 -27.41 -105.79
C LYS D 611 -3.02 -28.49 -104.73
N GLU D 612 -2.07 -28.27 -103.82
CA GLU D 612 -1.79 -29.16 -102.66
C GLU D 612 -2.94 -29.09 -101.64
N VAL D 613 -3.60 -27.94 -101.53
CA VAL D 613 -4.87 -27.72 -100.76
C VAL D 613 -5.98 -28.62 -101.33
N ALA D 614 -6.18 -28.62 -102.65
CA ALA D 614 -7.22 -29.42 -103.35
C ALA D 614 -7.09 -30.91 -103.00
N SER D 615 -5.86 -31.38 -102.75
CA SER D 615 -5.49 -32.81 -102.58
C SER D 615 -5.45 -33.23 -101.09
N LEU D 616 -6.04 -32.44 -100.18
CA LEU D 616 -5.97 -32.65 -98.71
C LEU D 616 -7.03 -33.63 -98.21
N PRO D 617 -8.29 -33.62 -98.70
CA PRO D 617 -9.24 -34.70 -98.38
C PRO D 617 -8.99 -36.02 -99.16
N ASN D 618 -8.55 -35.92 -100.42
CA ASN D 618 -8.35 -37.08 -101.33
C ASN D 618 -7.42 -38.09 -100.66
N LYS D 619 -8.02 -39.14 -100.11
CA LYS D 619 -7.35 -40.19 -99.30
C LYS D 619 -6.61 -41.15 -100.25
N SER D 620 -5.29 -40.95 -100.41
CA SER D 620 -4.42 -41.69 -101.38
C SER D 620 -4.19 -43.13 -100.88
N THR D 621 -4.74 -44.11 -101.62
CA THR D 621 -4.51 -45.57 -101.45
C THR D 621 -3.33 -45.99 -102.34
N ILE D 622 -2.44 -46.83 -101.80
CA ILE D 622 -1.24 -47.37 -102.51
C ILE D 622 -1.32 -48.90 -102.53
N SER D 623 -0.90 -49.52 -103.65
CA SER D 623 -0.78 -50.99 -103.81
C SER D 623 0.40 -51.48 -102.96
N LYS D 624 1.64 -51.24 -103.44
CA LYS D 624 2.88 -51.68 -102.77
C LYS D 624 3.11 -50.78 -101.56
N THR D 625 3.01 -51.34 -100.35
CA THR D 625 3.39 -50.67 -99.08
C THR D 625 4.92 -50.65 -98.98
N VAL D 626 5.44 -49.81 -98.09
CA VAL D 626 6.89 -49.63 -97.83
C VAL D 626 7.42 -50.73 -96.88
N SER D 627 6.61 -51.73 -96.49
CA SER D 627 7.07 -53.02 -95.91
C SER D 627 7.95 -53.80 -96.92
N SER D 628 7.61 -53.71 -98.21
CA SER D 628 8.21 -54.47 -99.35
C SER D 628 9.38 -53.72 -99.98
N THR D 629 9.61 -52.45 -99.59
CA THR D 629 10.80 -51.64 -99.96
C THR D 629 12.00 -52.06 -99.09
N ILE D 630 11.76 -52.51 -97.85
CA ILE D 630 12.80 -52.85 -96.82
C ILE D 630 13.68 -53.96 -97.39
N PRO D 631 14.92 -53.67 -97.84
CA PRO D 631 15.73 -54.69 -98.50
C PRO D 631 16.13 -55.77 -97.49
N ARG D 632 15.95 -57.06 -97.83
CA ARG D 632 16.36 -58.19 -96.96
C ARG D 632 17.84 -58.01 -96.60
N GLU D 633 18.25 -58.47 -95.42
CA GLU D 633 19.64 -58.35 -94.91
C GLU D 633 19.94 -56.87 -94.61
N THR D 634 18.93 -56.07 -94.23
CA THR D 634 19.07 -54.64 -93.83
C THR D 634 17.99 -54.26 -92.80
N ILE D 635 18.40 -53.60 -91.72
CA ILE D 635 17.50 -53.11 -90.62
C ILE D 635 17.08 -51.68 -90.95
N PRO D 636 15.77 -51.36 -90.92
CA PRO D 636 15.33 -49.98 -91.08
C PRO D 636 15.90 -49.10 -89.97
N PHE D 637 15.80 -47.79 -90.11
CA PHE D 637 16.25 -46.85 -89.06
C PHE D 637 15.23 -46.83 -87.92
N LEU D 638 13.92 -46.77 -88.23
CA LEU D 638 12.82 -46.99 -87.25
C LEU D 638 12.38 -48.46 -87.30
N HIS D 639 12.43 -49.20 -86.19
CA HIS D 639 12.00 -50.61 -86.19
C HIS D 639 11.48 -51.05 -84.82
N LEU D 640 10.50 -51.93 -84.79
CA LEU D 640 10.04 -52.58 -83.55
C LEU D 640 10.88 -53.81 -83.33
N ARG D 641 11.02 -54.19 -82.07
CA ARG D 641 11.78 -55.39 -81.66
C ARG D 641 10.82 -56.44 -81.12
N LYS D 642 11.33 -57.64 -80.92
CA LYS D 642 10.59 -58.79 -80.35
C LYS D 642 11.50 -59.50 -79.35
N LYS D 643 10.95 -59.88 -78.20
CA LYS D 643 11.68 -60.61 -77.15
C LYS D 643 11.81 -62.06 -77.61
N THR D 644 13.03 -62.57 -77.63
CA THR D 644 13.40 -63.96 -78.03
C THR D 644 13.47 -64.82 -76.76
N PRO D 645 13.11 -66.14 -76.78
CA PRO D 645 13.05 -66.95 -75.55
C PRO D 645 14.29 -66.93 -74.64
N ALA D 646 15.49 -66.74 -75.20
CA ALA D 646 16.76 -66.46 -74.47
C ALA D 646 16.58 -65.23 -73.56
N GLY D 647 15.86 -64.19 -74.03
CA GLY D 647 15.42 -63.03 -73.24
C GLY D 647 15.97 -61.70 -73.72
N ASP D 648 16.70 -61.66 -74.83
CA ASP D 648 17.14 -60.42 -75.53
C ASP D 648 15.99 -59.90 -76.41
N TRP D 649 16.08 -58.66 -76.90
CA TRP D 649 15.16 -58.09 -77.90
C TRP D 649 15.89 -57.92 -79.23
N LYS D 650 15.46 -58.62 -80.29
CA LYS D 650 16.03 -58.52 -81.66
C LYS D 650 15.05 -57.81 -82.58
N TYR D 651 15.55 -57.09 -83.58
CA TYR D 651 14.79 -56.65 -84.78
C TYR D 651 13.88 -57.78 -85.26
N ASP D 652 12.56 -57.64 -85.08
CA ASP D 652 11.57 -58.46 -85.81
C ASP D 652 11.17 -57.71 -87.09
N ARG D 653 11.31 -58.34 -88.25
CA ARG D 653 11.02 -57.76 -89.59
C ARG D 653 9.51 -57.48 -89.72
N GLN D 654 8.68 -58.38 -89.20
CA GLN D 654 7.24 -58.47 -89.50
C GLN D 654 6.47 -57.47 -88.61
N LEU D 655 6.75 -57.39 -87.30
CA LEU D 655 6.30 -56.28 -86.39
C LEU D 655 6.67 -54.93 -87.00
N SER D 656 7.95 -54.78 -87.37
CA SER D 656 8.56 -53.53 -87.86
C SER D 656 7.85 -53.07 -89.13
N SER D 657 7.35 -53.98 -89.98
CA SER D 657 6.63 -53.65 -91.23
C SER D 657 5.31 -52.95 -90.88
N LEU D 658 4.45 -53.66 -90.15
CA LEU D 658 3.19 -53.14 -89.53
C LEU D 658 3.35 -51.70 -89.02
N PHE D 659 4.41 -51.41 -88.27
CA PHE D 659 4.72 -50.07 -87.70
C PHE D 659 4.93 -49.05 -88.82
N LEU D 660 5.82 -49.36 -89.76
CA LEU D 660 6.26 -48.47 -90.88
C LEU D 660 5.11 -48.27 -91.87
N ASP D 661 4.27 -49.30 -92.09
CA ASP D 661 3.05 -49.21 -92.96
C ASP D 661 2.03 -48.25 -92.32
N GLY D 662 1.83 -48.31 -91.02
CA GLY D 662 1.01 -47.31 -90.28
C GLY D 662 1.56 -45.91 -90.43
N LEU D 663 2.89 -45.81 -90.56
CA LEU D 663 3.64 -44.54 -90.55
C LEU D 663 3.61 -43.95 -91.97
N GLU D 664 3.58 -44.81 -93.00
CA GLU D 664 3.44 -44.42 -94.43
C GLU D 664 2.07 -43.76 -94.65
N LYS D 665 1.02 -44.30 -94.01
CA LYS D 665 -0.39 -43.88 -94.15
C LYS D 665 -0.62 -42.58 -93.37
N ALA D 666 -0.10 -42.53 -92.15
CA ALA D 666 -0.02 -41.30 -91.33
C ALA D 666 0.50 -40.15 -92.18
N ALA D 667 1.48 -40.42 -93.03
CA ALA D 667 2.20 -39.38 -93.80
C ALA D 667 1.33 -38.95 -94.98
N PHE D 668 0.71 -39.88 -95.71
CA PHE D 668 -0.25 -39.59 -96.82
C PHE D 668 -1.56 -39.07 -96.22
N ASN D 669 -2.31 -39.96 -95.58
CA ASN D 669 -3.72 -39.76 -95.18
C ASN D 669 -3.81 -39.04 -93.83
N GLY D 670 -2.93 -39.39 -92.87
CA GLY D 670 -2.93 -38.81 -91.51
C GLY D 670 -3.70 -39.69 -90.53
N VAL D 671 -3.47 -39.45 -89.23
CA VAL D 671 -3.87 -40.35 -88.11
C VAL D 671 -4.99 -39.62 -87.37
N THR D 672 -6.01 -40.30 -86.84
CA THR D 672 -6.92 -39.64 -85.87
C THR D 672 -6.65 -40.12 -84.44
N PHE D 673 -6.96 -39.27 -83.49
CA PHE D 673 -6.83 -39.51 -82.05
C PHE D 673 -8.13 -39.07 -81.39
N LYS D 674 -9.21 -39.05 -82.15
CA LYS D 674 -10.55 -38.74 -81.64
C LYS D 674 -10.81 -39.78 -80.54
N ASP D 675 -11.29 -39.34 -79.38
CA ASP D 675 -11.77 -40.21 -78.28
C ASP D 675 -10.60 -40.80 -77.49
N LYS D 676 -9.37 -40.45 -77.86
CA LYS D 676 -8.14 -40.79 -77.12
C LYS D 676 -7.98 -39.74 -76.04
N TYR D 677 -7.81 -40.13 -74.76
CA TYR D 677 -7.54 -39.24 -73.60
C TYR D 677 -6.12 -39.45 -73.11
N VAL D 678 -5.35 -38.38 -72.98
CA VAL D 678 -3.87 -38.49 -72.78
C VAL D 678 -3.41 -37.63 -71.61
N LEU D 679 -2.57 -38.16 -70.72
CA LEU D 679 -1.72 -37.38 -69.76
C LEU D 679 -0.34 -37.26 -70.39
N ILE D 680 0.26 -36.07 -70.45
CA ILE D 680 1.63 -35.87 -71.00
C ILE D 680 2.40 -34.91 -70.15
N THR D 681 3.57 -35.32 -69.67
CA THR D 681 4.38 -34.52 -68.73
C THR D 681 5.68 -34.14 -69.44
N GLY D 682 6.29 -33.03 -69.01
CA GLY D 682 7.48 -32.51 -69.67
C GLY D 682 7.18 -32.25 -71.11
N ALA D 683 6.13 -31.48 -71.38
CA ALA D 683 5.80 -31.03 -72.74
C ALA D 683 5.87 -29.51 -72.85
N GLY D 684 6.92 -28.92 -72.28
CA GLY D 684 7.16 -27.47 -72.33
C GLY D 684 7.63 -27.04 -73.70
N LYS D 685 7.70 -25.74 -73.93
CA LYS D 685 8.13 -25.13 -75.21
C LYS D 685 9.54 -25.61 -75.58
N GLY D 686 9.72 -26.06 -76.81
CA GLY D 686 11.01 -26.54 -77.35
C GLY D 686 11.38 -27.88 -76.75
N SER D 687 10.59 -28.92 -77.04
CA SER D 687 10.76 -30.31 -76.53
C SER D 687 10.06 -31.28 -77.47
N ILE D 688 10.47 -32.54 -77.53
CA ILE D 688 9.66 -33.58 -78.23
C ILE D 688 8.26 -33.59 -77.59
N GLY D 689 8.20 -33.41 -76.28
CA GLY D 689 6.94 -33.28 -75.53
C GLY D 689 5.92 -32.41 -76.26
N ALA D 690 6.34 -31.24 -76.74
CA ALA D 690 5.45 -30.17 -77.26
C ALA D 690 5.09 -30.38 -78.74
N GLU D 691 5.92 -31.10 -79.50
CA GLU D 691 5.61 -31.43 -80.91
C GLU D 691 4.71 -32.67 -80.98
N VAL D 692 4.52 -33.33 -79.85
CA VAL D 692 3.65 -34.51 -79.68
C VAL D 692 2.31 -33.90 -79.35
N LEU D 693 2.32 -33.04 -78.36
CA LEU D 693 1.13 -32.29 -77.93
C LEU D 693 0.40 -31.70 -79.11
N GLN D 694 1.08 -31.02 -80.03
CA GLN D 694 0.51 -30.43 -81.28
C GLN D 694 -0.20 -31.52 -82.09
N GLY D 695 0.53 -32.60 -82.40
CA GLY D 695 -0.01 -33.75 -83.10
C GLY D 695 -1.21 -34.34 -82.36
N LEU D 696 -1.19 -34.43 -81.05
CA LEU D 696 -2.34 -35.07 -80.40
C LEU D 696 -3.57 -34.24 -80.73
N LEU D 697 -3.49 -32.96 -80.38
CA LEU D 697 -4.57 -31.97 -80.47
C LEU D 697 -5.01 -31.94 -81.91
N GLN D 698 -4.06 -32.08 -82.84
CA GLN D 698 -4.37 -31.94 -84.28
C GLN D 698 -5.31 -33.05 -84.70
N GLY D 699 -5.39 -34.18 -84.00
CA GLY D 699 -6.29 -35.32 -84.27
C GLY D 699 -7.45 -35.35 -83.30
N GLY D 700 -7.74 -34.21 -82.65
CA GLY D 700 -8.83 -34.07 -81.66
C GLY D 700 -8.71 -34.99 -80.44
N ALA D 701 -7.49 -35.28 -79.98
CA ALA D 701 -7.23 -35.87 -78.65
C ALA D 701 -7.76 -34.99 -77.53
N LYS D 702 -8.00 -35.55 -76.34
CA LYS D 702 -8.27 -34.75 -75.12
C LYS D 702 -7.07 -34.92 -74.19
N VAL D 703 -6.29 -33.89 -73.98
CA VAL D 703 -4.97 -34.02 -73.36
C VAL D 703 -4.92 -33.23 -72.06
N VAL D 704 -4.37 -33.86 -70.99
CA VAL D 704 -3.87 -33.12 -69.80
C VAL D 704 -2.38 -32.87 -69.99
N VAL D 705 -1.92 -31.65 -69.69
CA VAL D 705 -0.53 -31.21 -69.92
C VAL D 705 -0.05 -30.57 -68.63
N THR D 706 1.08 -30.99 -68.13
CA THR D 706 1.55 -30.53 -66.82
C THR D 706 2.70 -29.60 -67.11
N THR D 707 2.74 -28.48 -66.41
CA THR D 707 3.90 -27.56 -66.44
C THR D 707 4.49 -27.52 -65.03
N SER D 708 5.82 -27.49 -64.95
CA SER D 708 6.61 -27.23 -63.72
C SER D 708 6.47 -25.75 -63.37
N ARG D 709 6.67 -24.90 -64.38
CA ARG D 709 6.73 -23.42 -64.25
C ARG D 709 5.43 -22.82 -64.81
N PHE D 710 4.42 -22.67 -63.96
CA PHE D 710 3.11 -22.06 -64.30
C PHE D 710 3.13 -20.55 -64.03
N SER D 711 2.70 -19.80 -65.01
CA SER D 711 2.95 -18.35 -65.17
C SER D 711 1.95 -17.88 -66.21
N LYS D 712 1.84 -16.57 -66.43
CA LYS D 712 1.05 -15.99 -67.54
C LYS D 712 1.71 -16.36 -68.88
N GLN D 713 3.03 -16.28 -68.94
CA GLN D 713 3.84 -16.45 -70.16
C GLN D 713 3.66 -17.86 -70.72
N VAL D 714 3.20 -18.80 -69.90
CA VAL D 714 3.13 -20.26 -70.24
C VAL D 714 1.69 -20.61 -70.62
N THR D 715 0.78 -20.18 -69.77
CA THR D 715 -0.67 -20.21 -69.99
C THR D 715 -0.99 -19.56 -71.33
N ASP D 716 -0.21 -18.56 -71.79
CA ASP D 716 -0.33 -17.94 -73.15
C ASP D 716 0.28 -18.82 -74.24
N TYR D 717 1.51 -19.28 -74.13
CA TYR D 717 2.05 -20.34 -75.02
C TYR D 717 0.97 -21.40 -75.30
N TYR D 718 0.31 -21.92 -74.26
CA TYR D 718 -0.62 -23.07 -74.39
C TYR D 718 -1.91 -22.61 -75.05
N GLN D 719 -2.41 -21.43 -74.68
CA GLN D 719 -3.58 -20.84 -75.35
C GLN D 719 -3.33 -20.83 -76.86
N SER D 720 -2.11 -20.51 -77.30
CA SER D 720 -1.80 -20.20 -78.71
C SER D 720 -1.61 -21.49 -79.50
N ILE D 721 -1.28 -22.56 -78.83
CA ILE D 721 -1.10 -23.87 -79.52
C ILE D 721 -2.47 -24.41 -79.74
N TYR D 722 -3.28 -24.40 -78.68
CA TYR D 722 -4.67 -24.88 -78.76
C TYR D 722 -5.42 -24.03 -79.79
N ALA D 723 -5.15 -22.73 -79.91
CA ALA D 723 -5.95 -21.88 -80.84
C ALA D 723 -5.42 -21.91 -82.26
N LYS D 724 -4.43 -22.73 -82.56
CA LYS D 724 -3.89 -22.95 -83.93
C LYS D 724 -4.08 -24.39 -84.37
N TYR D 725 -4.24 -25.33 -83.43
CA TYR D 725 -4.05 -26.78 -83.65
C TYR D 725 -5.24 -27.59 -83.17
N GLY D 726 -5.85 -27.15 -82.07
CA GLY D 726 -6.95 -27.91 -81.46
C GLY D 726 -8.04 -28.05 -82.49
N ALA D 727 -8.19 -29.25 -83.01
CA ALA D 727 -9.22 -29.62 -83.98
C ALA D 727 -10.56 -29.83 -83.28
N LYS D 728 -11.60 -30.11 -84.05
CA LYS D 728 -12.98 -30.26 -83.50
C LYS D 728 -12.99 -31.38 -82.46
N GLY D 729 -13.22 -31.05 -81.20
CA GLY D 729 -13.43 -32.04 -80.15
C GLY D 729 -12.25 -32.20 -79.22
N SER D 730 -11.04 -31.96 -79.72
CA SER D 730 -9.82 -31.69 -78.91
C SER D 730 -10.17 -30.93 -77.63
N THR D 731 -9.46 -31.17 -76.54
CA THR D 731 -9.45 -30.23 -75.37
C THR D 731 -8.06 -30.28 -74.76
N LEU D 732 -7.69 -29.24 -74.05
CA LEU D 732 -6.35 -29.13 -73.44
C LEU D 732 -6.52 -28.60 -72.03
N ILE D 733 -6.23 -29.42 -71.01
CA ILE D 733 -6.18 -28.93 -69.61
C ILE D 733 -4.71 -28.75 -69.27
N VAL D 734 -4.34 -27.59 -68.75
CA VAL D 734 -2.97 -27.25 -68.28
C VAL D 734 -3.05 -27.12 -66.78
N VAL D 735 -2.30 -27.95 -66.08
CA VAL D 735 -2.25 -27.97 -64.59
C VAL D 735 -0.82 -27.69 -64.21
N PRO D 736 -0.54 -26.94 -63.15
CA PRO D 736 0.81 -26.91 -62.59
C PRO D 736 1.07 -28.25 -61.90
N PHE D 737 2.32 -28.63 -61.73
CA PHE D 737 2.65 -30.03 -61.37
C PHE D 737 4.11 -30.20 -61.05
N ASN D 738 4.42 -30.91 -59.97
CA ASN D 738 5.81 -31.34 -59.69
C ASN D 738 5.87 -32.84 -59.82
N GLN D 739 6.58 -33.43 -60.79
CA GLN D 739 6.57 -34.92 -60.93
C GLN D 739 7.45 -35.50 -59.77
N GLY D 740 8.31 -34.69 -59.19
CA GLY D 740 9.11 -35.08 -58.01
C GLY D 740 8.33 -35.11 -56.72
N SER D 741 7.08 -34.67 -56.74
CA SER D 741 6.22 -34.72 -55.54
C SER D 741 5.36 -35.98 -55.62
N LYS D 742 5.41 -36.85 -54.60
CA LYS D 742 4.57 -38.05 -54.48
C LYS D 742 3.14 -37.55 -54.47
N GLN D 743 2.91 -36.55 -53.64
CA GLN D 743 1.56 -36.08 -53.25
C GLN D 743 0.88 -35.35 -54.39
N ASP D 744 1.63 -34.80 -55.36
CA ASP D 744 1.08 -34.20 -56.64
C ASP D 744 0.69 -35.29 -57.64
N VAL D 745 1.53 -36.30 -57.82
CA VAL D 745 1.22 -37.48 -58.65
C VAL D 745 -0.06 -38.13 -58.12
N GLU D 746 -0.27 -38.18 -56.81
CA GLU D 746 -1.45 -38.89 -56.26
C GLU D 746 -2.66 -38.03 -56.62
N ALA D 747 -2.54 -36.74 -56.31
CA ALA D 747 -3.52 -35.65 -56.53
C ALA D 747 -3.93 -35.58 -57.99
N LEU D 748 -2.97 -35.72 -58.93
CA LEU D 748 -3.18 -35.40 -60.36
C LEU D 748 -4.12 -36.46 -60.94
N ILE D 749 -3.91 -37.70 -60.58
CA ILE D 749 -4.66 -38.82 -61.16
C ILE D 749 -6.01 -38.85 -60.47
N GLU D 750 -6.08 -38.34 -59.24
CA GLU D 750 -7.36 -38.27 -58.50
C GLU D 750 -8.23 -37.20 -59.19
N PHE D 751 -7.63 -36.08 -59.56
CA PHE D 751 -8.31 -34.96 -60.23
C PHE D 751 -8.77 -35.37 -61.64
N ILE D 752 -7.95 -36.13 -62.34
CA ILE D 752 -8.31 -36.59 -63.70
C ILE D 752 -9.51 -37.49 -63.58
N TYR D 753 -9.54 -38.43 -62.63
CA TYR D 753 -10.49 -39.56 -62.71
C TYR D 753 -11.77 -39.12 -62.04
N ASP D 754 -11.68 -38.23 -61.06
CA ASP D 754 -12.81 -37.83 -60.20
C ASP D 754 -13.90 -37.22 -61.05
N THR D 755 -15.12 -37.18 -60.52
CA THR D 755 -16.33 -36.67 -61.20
C THR D 755 -16.30 -35.14 -61.24
N GLU D 756 -16.83 -34.59 -62.33
CA GLU D 756 -16.98 -33.12 -62.56
C GLU D 756 -17.78 -32.53 -61.41
N LYS D 757 -18.58 -33.36 -60.74
CA LYS D 757 -19.42 -32.94 -59.59
C LYS D 757 -18.52 -32.70 -58.36
N ASN D 758 -17.55 -33.59 -58.06
CA ASN D 758 -16.54 -33.41 -56.98
C ASN D 758 -15.31 -32.61 -57.49
N GLY D 759 -15.41 -31.98 -58.66
CA GLY D 759 -14.48 -30.93 -59.10
C GLY D 759 -13.33 -31.48 -59.91
N GLY D 760 -13.46 -32.72 -60.38
CA GLY D 760 -12.46 -33.40 -61.23
C GLY D 760 -12.81 -33.23 -62.68
N LEU D 761 -12.37 -34.18 -63.52
CA LEU D 761 -12.53 -34.13 -65.00
C LEU D 761 -13.55 -35.17 -65.46
N GLY D 762 -13.49 -36.37 -64.93
CA GLY D 762 -14.37 -37.49 -65.30
C GLY D 762 -13.78 -38.29 -66.42
N TRP D 763 -12.52 -38.07 -66.71
CA TRP D 763 -11.84 -38.77 -67.81
C TRP D 763 -11.39 -40.14 -67.38
N ASP D 764 -10.85 -40.88 -68.32
CA ASP D 764 -10.23 -42.21 -68.10
C ASP D 764 -9.14 -42.36 -69.15
N LEU D 765 -7.88 -42.36 -68.73
CA LEU D 765 -6.70 -42.19 -69.62
C LEU D 765 -6.55 -43.41 -70.52
N ASP D 766 -6.38 -43.18 -71.81
CA ASP D 766 -6.01 -44.18 -72.84
C ASP D 766 -4.53 -44.08 -73.20
N ALA D 767 -3.79 -43.11 -72.67
CA ALA D 767 -2.32 -43.06 -72.84
C ALA D 767 -1.67 -42.12 -71.86
N ILE D 768 -0.57 -42.58 -71.28
CA ILE D 768 0.32 -41.73 -70.47
C ILE D 768 1.61 -41.61 -71.25
N ILE D 769 2.22 -40.42 -71.22
CA ILE D 769 3.50 -40.10 -71.91
C ILE D 769 4.35 -39.29 -70.95
N PRO D 770 5.03 -39.94 -69.97
CA PRO D 770 5.71 -39.27 -68.89
C PRO D 770 7.15 -38.93 -69.25
N PHE D 771 7.36 -37.76 -69.87
CA PHE D 771 8.61 -37.39 -70.57
C PHE D 771 9.34 -36.32 -69.78
N ALA D 772 8.89 -36.02 -68.56
CA ALA D 772 9.54 -35.06 -67.65
C ALA D 772 10.93 -35.55 -67.28
N ALA D 773 11.79 -34.58 -67.02
CA ALA D 773 13.25 -34.78 -66.86
C ALA D 773 13.78 -33.53 -66.20
N ILE D 774 14.77 -33.68 -65.33
CA ILE D 774 15.68 -32.56 -65.02
C ILE D 774 17.02 -32.92 -65.62
N PRO D 775 17.73 -31.95 -66.23
CA PRO D 775 19.02 -32.21 -66.86
C PRO D 775 20.09 -32.15 -65.76
N GLU D 776 20.95 -33.15 -65.74
CA GLU D 776 22.11 -33.23 -64.82
C GLU D 776 23.31 -33.40 -65.73
N GLN D 777 24.24 -32.45 -65.70
CA GLN D 777 25.44 -32.50 -66.55
C GLN D 777 26.68 -32.19 -65.71
N GLY D 778 27.79 -32.87 -66.04
CA GLY D 778 29.06 -32.78 -65.30
C GLY D 778 28.97 -33.44 -63.94
N ILE D 779 28.01 -34.32 -63.76
CA ILE D 779 27.82 -35.12 -62.51
C ILE D 779 28.28 -36.53 -62.83
N GLU D 780 29.56 -36.78 -62.55
CA GLU D 780 30.20 -38.12 -62.51
C GLU D 780 29.80 -38.84 -61.21
N LEU D 781 30.20 -40.10 -61.07
CA LEU D 781 29.78 -40.95 -59.95
C LEU D 781 30.30 -40.42 -58.60
N GLU D 782 31.42 -39.70 -58.57
CA GLU D 782 31.90 -39.11 -57.30
C GLU D 782 30.98 -37.95 -56.88
N HIS D 783 30.19 -37.38 -57.79
CA HIS D 783 29.42 -36.12 -57.57
C HIS D 783 27.92 -36.38 -57.48
N ILE D 784 27.48 -37.63 -57.50
CA ILE D 784 26.04 -37.99 -57.32
C ILE D 784 25.66 -37.50 -55.94
N ASP D 785 24.73 -36.55 -55.89
CA ASP D 785 24.23 -35.94 -54.64
C ASP D 785 22.71 -35.79 -54.75
N SER D 786 22.16 -34.71 -54.19
CA SER D 786 20.71 -34.52 -53.94
C SER D 786 20.01 -34.29 -55.25
N LYS D 787 20.56 -33.46 -56.13
CA LYS D 787 19.99 -33.20 -57.48
C LYS D 787 19.76 -34.53 -58.23
N SER D 788 20.76 -35.40 -58.27
CA SER D 788 20.66 -36.70 -58.99
C SER D 788 19.69 -37.61 -58.26
N GLU D 789 19.64 -37.57 -56.93
CA GLU D 789 18.72 -38.44 -56.13
C GLU D 789 17.28 -37.98 -56.37
N PHE D 790 17.10 -36.71 -56.70
CA PHE D 790 15.79 -36.06 -56.85
C PHE D 790 15.32 -36.26 -58.27
N ALA D 791 16.23 -36.09 -59.21
CA ALA D 791 16.01 -36.43 -60.62
C ALA D 791 15.59 -37.88 -60.72
N HIS D 792 16.20 -38.79 -59.94
CA HIS D 792 15.96 -40.26 -60.07
C HIS D 792 14.51 -40.55 -59.71
N ARG D 793 13.92 -39.69 -58.90
CA ARG D 793 12.53 -39.82 -58.43
C ARG D 793 11.60 -39.31 -59.52
N ILE D 794 11.92 -38.18 -60.15
CA ILE D 794 11.11 -37.64 -61.28
C ILE D 794 11.06 -38.66 -62.44
N MET D 795 12.22 -39.17 -62.83
CA MET D 795 12.43 -39.92 -64.07
C MET D 795 12.21 -41.42 -63.87
N LEU D 796 12.04 -41.92 -62.63
CA LEU D 796 11.72 -43.36 -62.38
C LEU D 796 10.72 -43.56 -61.23
N THR D 797 11.07 -43.40 -59.95
CA THR D 797 10.17 -43.95 -58.90
C THR D 797 8.80 -43.28 -59.05
N ASN D 798 8.71 -41.98 -59.32
CA ASN D 798 7.39 -41.32 -59.40
C ASN D 798 6.75 -41.63 -60.74
N ILE D 799 7.47 -42.08 -61.76
CA ILE D 799 6.79 -42.60 -62.99
C ILE D 799 6.01 -43.82 -62.57
N LEU D 800 6.66 -44.75 -61.87
CA LEU D 800 6.09 -46.00 -61.37
C LEU D 800 4.91 -45.70 -60.47
N ARG D 801 5.03 -44.70 -59.61
CA ARG D 801 3.92 -44.28 -58.69
C ARG D 801 2.76 -43.70 -59.47
N MET D 802 2.99 -43.00 -60.58
CA MET D 802 1.91 -42.43 -61.47
C MET D 802 1.21 -43.57 -62.24
N MET D 803 1.91 -44.56 -62.79
CA MET D 803 1.28 -45.79 -63.37
C MET D 803 0.65 -46.61 -62.24
N GLY D 804 1.23 -46.62 -61.06
CA GLY D 804 0.59 -47.36 -59.99
C GLY D 804 -0.79 -46.80 -59.74
N CYS D 805 -0.85 -45.48 -59.56
CA CYS D 805 -2.06 -44.67 -59.31
C CYS D 805 -3.13 -44.95 -60.35
N VAL D 806 -2.80 -44.97 -61.66
CA VAL D 806 -3.90 -45.10 -62.67
C VAL D 806 -4.46 -46.50 -62.55
N LYS D 807 -3.63 -47.53 -62.33
CA LYS D 807 -4.13 -48.90 -61.98
C LYS D 807 -5.11 -48.86 -60.81
N LYS D 808 -4.83 -48.14 -59.73
CA LYS D 808 -5.76 -48.09 -58.57
C LYS D 808 -7.09 -47.41 -58.96
N GLN D 809 -7.06 -46.27 -59.65
CA GLN D 809 -8.29 -45.53 -60.08
C GLN D 809 -9.06 -46.33 -61.16
N LYS D 810 -8.39 -47.11 -61.99
CA LYS D 810 -9.08 -47.92 -63.01
C LYS D 810 -9.71 -49.13 -62.37
N SER D 811 -9.12 -49.65 -61.28
CA SER D 811 -9.57 -50.93 -60.70
C SER D 811 -10.81 -50.63 -59.88
N ALA D 812 -10.66 -49.73 -58.91
CA ALA D 812 -11.72 -48.98 -58.21
C ALA D 812 -13.06 -49.05 -58.94
N ARG D 813 -13.07 -48.69 -60.23
CA ARG D 813 -14.27 -48.54 -61.09
C ARG D 813 -14.43 -49.74 -62.03
N GLY D 814 -13.77 -50.86 -61.72
CA GLY D 814 -13.87 -52.13 -62.45
C GLY D 814 -13.66 -51.97 -63.94
N ILE D 815 -12.82 -51.01 -64.32
CA ILE D 815 -12.45 -50.76 -65.75
C ILE D 815 -11.36 -51.78 -66.08
N GLU D 816 -11.70 -52.80 -66.88
CA GLU D 816 -10.76 -53.90 -67.23
C GLU D 816 -10.60 -54.05 -68.75
N THR D 817 -11.18 -53.16 -69.54
CA THR D 817 -11.20 -53.30 -71.02
C THR D 817 -10.78 -52.00 -71.69
N ARG D 818 -10.32 -51.00 -70.94
CA ARG D 818 -9.91 -49.68 -71.48
C ARG D 818 -8.53 -49.35 -70.94
N PRO D 819 -7.50 -50.11 -71.33
CA PRO D 819 -6.17 -49.91 -70.81
C PRO D 819 -5.53 -48.61 -71.32
N ALA D 820 -4.47 -48.17 -70.64
CA ALA D 820 -3.67 -46.97 -70.93
C ALA D 820 -2.29 -47.33 -71.44
N GLN D 821 -2.00 -47.02 -72.68
CA GLN D 821 -0.66 -47.23 -73.25
C GLN D 821 0.30 -46.30 -72.54
N VAL D 822 1.23 -46.84 -71.75
CA VAL D 822 2.36 -46.01 -71.24
C VAL D 822 3.48 -45.96 -72.29
N ILE D 823 3.81 -44.77 -72.81
CA ILE D 823 4.93 -44.56 -73.76
C ILE D 823 6.18 -44.14 -72.95
N LEU D 824 7.13 -45.03 -72.69
CA LEU D 824 8.30 -44.75 -71.83
C LEU D 824 9.42 -44.21 -72.70
N PRO D 825 10.01 -43.05 -72.35
CA PRO D 825 11.13 -42.52 -73.07
C PRO D 825 12.37 -43.27 -72.57
N MET D 826 12.90 -44.13 -73.41
CA MET D 826 14.09 -44.93 -73.14
C MET D 826 15.27 -44.27 -73.83
N SER D 827 16.46 -44.63 -73.39
CA SER D 827 17.72 -44.20 -74.02
C SER D 827 18.27 -45.46 -74.63
N PRO D 828 19.09 -45.37 -75.68
CA PRO D 828 19.84 -46.53 -76.16
C PRO D 828 21.22 -46.61 -75.47
N ASN D 829 21.57 -45.59 -74.71
CA ASN D 829 22.96 -45.32 -74.23
C ASN D 829 22.91 -45.23 -72.71
N HIS D 830 23.24 -46.31 -72.01
CA HIS D 830 23.25 -46.37 -70.54
C HIS D 830 24.71 -46.34 -70.09
N GLY D 831 25.17 -45.20 -69.59
CA GLY D 831 26.55 -45.00 -69.10
C GLY D 831 27.56 -44.85 -70.23
N THR D 832 27.11 -44.71 -71.48
CA THR D 832 28.02 -44.66 -72.64
C THR D 832 28.65 -43.27 -72.80
N PHE D 833 28.10 -42.21 -72.21
CA PHE D 833 28.68 -40.83 -72.23
C PHE D 833 29.29 -40.48 -70.87
N GLY D 834 28.53 -40.63 -69.81
CA GLY D 834 28.97 -40.29 -68.45
C GLY D 834 28.63 -38.85 -68.14
N GLY D 835 28.75 -38.48 -66.87
CA GLY D 835 28.47 -37.11 -66.41
C GLY D 835 27.00 -36.78 -66.52
N ASP D 836 26.15 -37.81 -66.57
CA ASP D 836 24.67 -37.70 -66.64
C ASP D 836 24.07 -37.92 -65.24
N GLY D 837 24.87 -38.14 -64.20
CA GLY D 837 24.36 -38.38 -62.84
C GLY D 837 23.66 -39.70 -62.83
N MET D 838 22.41 -39.75 -62.39
CA MET D 838 21.66 -41.03 -62.29
C MET D 838 20.70 -41.20 -63.46
N TYR D 839 20.91 -40.47 -64.57
CA TYR D 839 20.06 -40.49 -65.78
C TYR D 839 19.94 -41.91 -66.36
N SER D 840 21.05 -42.58 -66.65
CA SER D 840 21.10 -43.94 -67.24
C SER D 840 20.56 -45.02 -66.27
N GLU D 841 20.78 -44.85 -64.97
CA GLU D 841 20.27 -45.76 -63.91
C GLU D 841 18.73 -45.59 -63.89
N SER D 842 18.23 -44.42 -64.28
CA SER D 842 16.80 -44.07 -64.33
C SER D 842 16.15 -44.73 -65.53
N LYS D 843 16.81 -44.66 -66.66
CA LYS D 843 16.28 -45.12 -67.93
C LYS D 843 16.34 -46.63 -68.02
N LEU D 844 17.39 -47.22 -67.53
CA LEU D 844 17.59 -48.66 -67.74
C LEU D 844 16.60 -49.46 -66.87
N SER D 845 16.29 -48.96 -65.68
CA SER D 845 15.27 -49.49 -64.75
C SER D 845 13.84 -49.44 -65.30
N LEU D 846 13.51 -48.56 -66.25
CA LEU D 846 12.20 -48.62 -66.99
C LEU D 846 12.10 -49.88 -67.86
N GLU D 847 13.21 -50.50 -68.25
CA GLU D 847 13.21 -51.75 -69.05
C GLU D 847 12.69 -52.95 -68.24
N THR D 848 12.49 -52.82 -66.92
CA THR D 848 11.88 -53.90 -66.11
C THR D 848 10.37 -53.98 -66.33
N LEU D 849 9.71 -52.89 -66.73
CA LEU D 849 8.23 -52.85 -66.95
C LEU D 849 7.83 -53.82 -68.07
N PHE D 850 8.73 -54.11 -69.00
CA PHE D 850 8.46 -55.07 -70.08
C PHE D 850 8.28 -56.46 -69.49
N ASN D 851 8.94 -56.76 -68.38
CA ASN D 851 8.86 -58.12 -67.80
C ASN D 851 7.70 -58.12 -66.82
N ARG D 852 7.66 -57.17 -65.92
CA ARG D 852 6.63 -56.99 -64.88
C ARG D 852 5.23 -57.02 -65.48
N TRP D 853 5.02 -56.59 -66.70
CA TRP D 853 3.68 -56.64 -67.35
C TRP D 853 3.14 -58.06 -67.41
N HIS D 854 3.99 -59.06 -67.64
CA HIS D 854 3.65 -60.53 -67.61
C HIS D 854 3.60 -61.15 -66.20
N SER D 855 4.17 -60.51 -65.22
CA SER D 855 4.47 -61.11 -63.92
C SER D 855 3.63 -60.53 -62.80
N GLU D 856 2.83 -59.49 -63.07
CA GLU D 856 1.99 -58.83 -62.04
C GLU D 856 0.55 -58.78 -62.52
N SER D 857 -0.27 -57.98 -61.85
CA SER D 857 -1.75 -58.00 -61.92
C SER D 857 -2.25 -56.71 -62.58
N TRP D 858 -1.42 -56.04 -63.37
CA TRP D 858 -1.79 -54.72 -63.91
C TRP D 858 -1.83 -54.70 -65.44
N ALA D 859 -1.70 -55.82 -66.14
CA ALA D 859 -1.71 -55.83 -67.62
C ALA D 859 -3.05 -55.40 -68.24
N ASN D 860 -4.17 -55.41 -67.53
CA ASN D 860 -5.48 -54.99 -68.12
C ASN D 860 -5.76 -53.51 -67.87
N GLN D 861 -4.85 -52.79 -67.26
CA GLN D 861 -5.00 -51.35 -66.94
C GLN D 861 -3.96 -50.54 -67.69
N LEU D 862 -2.82 -51.13 -67.96
CA LEU D 862 -1.61 -50.49 -68.48
C LEU D 862 -1.08 -51.39 -69.58
N THR D 863 -0.41 -50.82 -70.54
CA THR D 863 0.28 -51.53 -71.61
C THR D 863 1.56 -50.76 -71.80
N VAL D 864 2.69 -51.43 -71.89
CA VAL D 864 3.93 -50.63 -72.00
C VAL D 864 4.35 -50.62 -73.46
N CYS D 865 4.83 -49.45 -73.87
CA CYS D 865 5.29 -49.13 -75.24
C CYS D 865 6.55 -48.29 -75.11
N GLY D 866 7.68 -48.95 -74.94
CA GLY D 866 8.97 -48.29 -74.68
C GLY D 866 9.56 -47.78 -75.97
N ALA D 867 9.78 -46.48 -76.05
CA ALA D 867 10.33 -45.80 -77.23
C ALA D 867 11.81 -45.57 -76.94
N ILE D 868 12.70 -46.07 -77.77
CA ILE D 868 14.16 -45.83 -77.64
C ILE D 868 14.45 -44.62 -78.49
N ILE D 869 14.32 -43.44 -77.89
CA ILE D 869 14.38 -42.16 -78.62
C ILE D 869 15.86 -41.85 -78.84
N GLY D 870 16.22 -41.63 -80.11
CA GLY D 870 17.59 -41.37 -80.53
C GLY D 870 17.88 -39.89 -80.61
N TRP D 871 18.87 -39.54 -81.41
CA TRP D 871 19.57 -38.23 -81.37
C TRP D 871 18.62 -37.18 -81.96
N THR D 872 18.15 -36.28 -81.13
CA THR D 872 17.08 -35.33 -81.47
C THR D 872 17.63 -33.91 -81.33
N ARG D 873 17.81 -33.22 -82.44
CA ARG D 873 18.43 -31.89 -82.51
C ARG D 873 17.52 -30.87 -81.80
N GLY D 874 17.78 -30.64 -80.50
CA GLY D 874 17.11 -29.70 -79.58
C GLY D 874 16.28 -28.66 -80.30
N THR D 875 16.85 -27.50 -80.62
CA THR D 875 16.18 -26.46 -81.46
C THR D 875 16.97 -26.37 -82.77
N GLY D 876 16.68 -25.38 -83.63
CA GLY D 876 17.42 -25.07 -84.87
C GLY D 876 18.48 -23.97 -84.67
N LEU D 877 19.00 -23.87 -83.44
CA LEU D 877 20.07 -22.93 -82.99
C LEU D 877 21.28 -23.79 -82.54
N MET D 878 22.27 -23.20 -81.85
CA MET D 878 23.51 -23.93 -81.44
C MET D 878 23.32 -24.55 -80.05
N SER D 879 22.90 -25.83 -80.04
CA SER D 879 23.04 -26.79 -78.91
C SER D 879 24.45 -27.40 -79.05
N ALA D 880 25.17 -27.59 -77.94
CA ALA D 880 26.53 -28.19 -77.91
C ALA D 880 26.50 -29.52 -78.70
N ASN D 881 25.39 -30.26 -78.59
CA ASN D 881 25.17 -31.53 -79.32
C ASN D 881 24.91 -31.26 -80.81
N ASN D 882 24.23 -30.18 -81.20
CA ASN D 882 23.77 -29.90 -82.60
C ASN D 882 24.96 -29.80 -83.57
N ILE D 883 26.00 -29.05 -83.22
CA ILE D 883 27.12 -28.69 -84.14
C ILE D 883 27.75 -29.95 -84.75
N ILE D 884 27.59 -31.12 -84.13
CA ILE D 884 28.25 -32.40 -84.55
C ILE D 884 27.26 -33.37 -85.22
N ALA D 885 25.95 -33.20 -85.02
CA ALA D 885 24.90 -33.91 -85.79
C ALA D 885 25.37 -34.15 -87.23
N GLU D 886 25.78 -33.12 -87.96
CA GLU D 886 26.20 -33.25 -89.39
C GLU D 886 27.27 -34.34 -89.49
N GLY D 887 28.15 -34.40 -88.48
CA GLY D 887 29.36 -35.25 -88.45
C GLY D 887 29.03 -36.71 -88.28
N ILE D 888 28.15 -37.03 -87.33
CA ILE D 888 27.57 -38.38 -87.09
C ILE D 888 26.91 -38.87 -88.40
N GLU D 889 26.09 -38.04 -89.04
CA GLU D 889 25.28 -38.40 -90.23
C GLU D 889 26.17 -38.93 -91.36
N LYS D 890 27.43 -38.48 -91.43
CA LYS D 890 28.45 -38.97 -92.41
C LYS D 890 28.79 -40.44 -92.17
N MET D 891 28.61 -40.97 -90.95
CA MET D 891 28.73 -42.44 -90.67
C MET D 891 27.67 -43.26 -91.42
N GLY D 892 26.57 -42.65 -91.85
CA GLY D 892 25.46 -43.34 -92.55
C GLY D 892 24.30 -43.61 -91.61
N VAL D 893 24.07 -42.67 -90.71
CA VAL D 893 23.18 -42.73 -89.52
C VAL D 893 22.19 -41.58 -89.67
N ARG D 894 21.10 -41.56 -88.91
CA ARG D 894 20.20 -40.41 -88.96
C ARG D 894 20.00 -39.83 -87.58
N THR D 895 20.04 -38.50 -87.52
CA THR D 895 19.46 -37.66 -86.45
C THR D 895 18.10 -37.13 -86.95
N PHE D 896 17.41 -36.45 -86.05
CA PHE D 896 15.97 -36.15 -86.13
C PHE D 896 15.77 -34.71 -85.69
N SER D 897 14.89 -33.96 -86.36
CA SER D 897 14.26 -32.79 -85.75
C SER D 897 13.30 -33.32 -84.68
N GLN D 898 12.85 -32.48 -83.78
CA GLN D 898 11.79 -32.79 -82.82
C GLN D 898 10.47 -33.08 -83.53
N LYS D 899 10.14 -32.42 -84.65
CA LYS D 899 8.91 -32.72 -85.45
C LYS D 899 8.94 -34.15 -86.00
N GLU D 900 10.10 -34.63 -86.44
CA GLU D 900 10.29 -36.03 -86.90
C GLU D 900 10.18 -36.99 -85.70
N MET D 901 10.87 -36.69 -84.59
CA MET D 901 10.79 -37.58 -83.40
C MET D 901 9.39 -37.56 -82.84
N ALA D 902 8.62 -36.50 -83.06
CA ALA D 902 7.21 -36.43 -82.63
C ALA D 902 6.42 -37.40 -83.50
N PHE D 903 6.51 -37.21 -84.79
CA PHE D 903 5.94 -38.08 -85.83
C PHE D 903 6.18 -39.52 -85.47
N ASN D 904 7.42 -39.90 -85.14
CA ASN D 904 7.78 -41.34 -84.89
C ASN D 904 6.95 -41.86 -83.70
N LEU D 905 6.84 -41.08 -82.63
CA LEU D 905 6.21 -41.49 -81.36
C LEU D 905 4.69 -41.46 -81.49
N LEU D 906 4.13 -40.57 -82.33
CA LEU D 906 2.65 -40.54 -82.65
C LEU D 906 2.27 -41.75 -83.51
N GLY D 907 3.23 -42.42 -84.13
CA GLY D 907 3.03 -43.68 -84.82
C GLY D 907 2.86 -44.85 -83.86
N LEU D 908 3.24 -44.71 -82.58
CA LEU D 908 3.05 -45.72 -81.51
C LEU D 908 1.71 -45.48 -80.80
N LEU D 909 0.89 -44.59 -81.33
CA LEU D 909 -0.49 -44.37 -80.83
C LEU D 909 -1.46 -44.68 -81.95
N THR D 910 -0.99 -45.23 -83.08
CA THR D 910 -1.91 -45.59 -84.19
C THR D 910 -2.64 -46.83 -83.72
N PRO D 911 -3.86 -47.13 -84.22
CA PRO D 911 -4.62 -48.28 -83.75
C PRO D 911 -4.05 -49.68 -84.01
N GLU D 912 -2.94 -49.83 -84.76
CA GLU D 912 -2.30 -51.15 -85.03
C GLU D 912 -1.32 -51.49 -83.90
N VAL D 913 -0.43 -50.56 -83.58
CA VAL D 913 0.57 -50.73 -82.48
C VAL D 913 -0.14 -50.50 -81.14
N VAL D 914 -1.33 -49.92 -81.11
CA VAL D 914 -2.14 -49.93 -79.85
C VAL D 914 -2.67 -51.34 -79.67
N GLU D 915 -3.19 -51.94 -80.75
CA GLU D 915 -3.75 -53.31 -80.74
C GLU D 915 -2.65 -54.31 -80.37
N LEU D 916 -1.40 -53.99 -80.71
CA LEU D 916 -0.18 -54.85 -80.50
C LEU D 916 0.33 -54.78 -79.05
N CYS D 917 0.52 -53.59 -78.50
CA CYS D 917 0.81 -53.27 -77.07
C CYS D 917 -0.07 -54.07 -76.09
N GLN D 918 -1.30 -54.37 -76.51
CA GLN D 918 -2.37 -54.96 -75.70
C GLN D 918 -2.19 -56.48 -75.71
N LYS D 919 -1.42 -57.03 -76.67
CA LYS D 919 -0.97 -58.45 -76.64
C LYS D 919 0.28 -58.59 -75.76
N SER D 920 1.43 -58.14 -76.26
CA SER D 920 2.75 -58.17 -75.61
C SER D 920 3.19 -56.72 -75.43
N PRO D 921 4.19 -56.40 -74.58
CA PRO D 921 4.80 -55.07 -74.64
C PRO D 921 5.45 -54.79 -75.99
N VAL D 922 5.57 -53.50 -76.34
CA VAL D 922 6.19 -53.04 -77.63
C VAL D 922 7.47 -52.25 -77.35
N MET D 923 8.64 -52.75 -77.78
CA MET D 923 9.90 -51.94 -77.79
C MET D 923 10.03 -51.38 -79.21
N ALA D 924 9.90 -50.06 -79.33
CA ALA D 924 10.15 -49.32 -80.57
C ALA D 924 11.55 -48.72 -80.51
N ASP D 925 12.41 -49.06 -81.48
CA ASP D 925 13.77 -48.49 -81.63
C ASP D 925 13.74 -47.35 -82.65
N LEU D 926 13.60 -46.13 -82.15
CA LEU D 926 13.58 -44.88 -82.95
C LEU D 926 14.93 -44.17 -82.87
N ASN D 927 15.94 -44.90 -82.45
CA ASN D 927 17.38 -44.57 -82.66
C ASN D 927 17.66 -44.93 -84.11
N GLY D 928 18.35 -44.06 -84.83
CA GLY D 928 18.44 -44.12 -86.29
C GLY D 928 19.75 -44.76 -86.73
N GLY D 929 20.05 -45.95 -86.22
CA GLY D 929 21.28 -46.67 -86.54
C GLY D 929 22.47 -46.29 -85.67
N LEU D 930 22.30 -45.51 -84.60
CA LEU D 930 23.45 -45.16 -83.72
C LEU D 930 23.90 -46.35 -82.88
N GLN D 931 23.19 -47.49 -82.88
CA GLN D 931 23.69 -48.74 -82.22
C GLN D 931 24.96 -49.21 -82.93
N PHE D 932 25.07 -48.98 -84.25
CA PHE D 932 26.04 -49.60 -85.18
C PHE D 932 27.27 -48.72 -85.43
N VAL D 933 27.26 -47.45 -85.00
CA VAL D 933 28.53 -46.67 -84.85
C VAL D 933 29.19 -47.17 -83.55
N PRO D 934 30.42 -47.73 -83.62
CA PRO D 934 31.08 -48.33 -82.46
C PRO D 934 32.02 -47.37 -81.71
N GLU D 935 32.02 -47.41 -80.38
CA GLU D 935 32.78 -46.47 -79.51
C GLU D 935 32.29 -45.05 -79.79
N LEU D 936 30.99 -44.83 -79.62
CA LEU D 936 30.26 -43.56 -79.88
C LEU D 936 30.76 -42.42 -78.99
N LYS D 937 31.14 -42.67 -77.74
CA LYS D 937 31.61 -41.59 -76.82
C LYS D 937 32.86 -40.93 -77.39
N GLU D 938 33.90 -41.73 -77.68
CA GLU D 938 35.17 -41.20 -78.22
C GLU D 938 34.88 -40.57 -79.60
N PHE D 939 34.05 -41.21 -80.43
CA PHE D 939 33.74 -40.76 -81.82
C PHE D 939 33.08 -39.37 -81.86
N THR D 940 32.05 -39.20 -81.05
CA THR D 940 31.39 -37.91 -80.72
C THR D 940 32.44 -36.88 -80.31
N ALA D 941 33.39 -37.24 -79.44
CA ALA D 941 34.32 -36.31 -78.76
C ALA D 941 35.50 -35.98 -79.67
N LYS D 942 35.87 -36.88 -80.58
CA LYS D 942 36.72 -36.57 -81.76
C LYS D 942 36.05 -35.41 -82.51
N LEU D 943 34.91 -35.65 -83.19
CA LEU D 943 34.16 -34.65 -83.98
C LEU D 943 34.16 -33.29 -83.28
N ARG D 944 33.94 -33.26 -81.96
CA ARG D 944 33.75 -31.98 -81.22
C ARG D 944 35.10 -31.26 -81.07
N LYS D 945 36.15 -32.01 -80.72
CA LYS D 945 37.59 -31.59 -80.71
C LYS D 945 37.93 -30.91 -82.04
N GLU D 946 37.68 -31.57 -83.18
CA GLU D 946 38.08 -31.11 -84.54
C GLU D 946 37.29 -29.88 -85.03
N LEU D 947 36.17 -29.52 -84.41
CA LEU D 947 35.46 -28.26 -84.75
C LEU D 947 35.99 -27.16 -83.85
N VAL D 948 36.25 -27.47 -82.58
CA VAL D 948 36.77 -26.49 -81.59
C VAL D 948 38.18 -26.09 -82.03
N GLU D 949 39.04 -27.07 -82.30
CA GLU D 949 40.39 -26.86 -82.88
C GLU D 949 40.28 -25.99 -84.13
N THR D 950 39.76 -26.53 -85.24
CA THR D 950 39.60 -25.84 -86.56
C THR D 950 39.04 -24.42 -86.41
N SER D 951 38.09 -24.18 -85.52
CA SER D 951 37.57 -22.82 -85.22
C SER D 951 38.65 -22.03 -84.48
N GLU D 952 39.04 -22.49 -83.28
CA GLU D 952 39.94 -21.78 -82.33
C GLU D 952 41.24 -21.35 -83.01
N VAL D 953 41.88 -22.27 -83.76
CA VAL D 953 43.11 -22.06 -84.55
C VAL D 953 42.86 -20.90 -85.53
N ARG D 954 41.79 -21.00 -86.30
CA ARG D 954 41.47 -20.10 -87.43
C ARG D 954 40.97 -18.75 -86.88
N LYS D 955 40.60 -18.68 -85.60
CA LYS D 955 40.23 -17.41 -84.93
C LYS D 955 41.50 -16.68 -84.48
N ALA D 956 42.51 -17.41 -84.00
CA ALA D 956 43.83 -16.86 -83.55
C ALA D 956 44.65 -16.42 -84.77
N VAL D 957 44.81 -17.29 -85.77
CA VAL D 957 45.56 -16.99 -87.04
C VAL D 957 44.91 -15.81 -87.77
N SER D 958 43.60 -15.60 -87.57
CA SER D 958 42.84 -14.43 -88.09
C SER D 958 43.26 -13.17 -87.33
N ILE D 959 43.32 -13.23 -85.99
CA ILE D 959 43.53 -12.04 -85.11
C ILE D 959 44.96 -11.53 -85.29
N GLU D 960 45.92 -12.45 -85.43
CA GLU D 960 47.38 -12.16 -85.55
C GLU D 960 47.69 -11.56 -86.93
N THR D 961 47.11 -12.08 -88.01
CA THR D 961 47.28 -11.52 -89.38
C THR D 961 46.57 -10.16 -89.53
N ALA D 962 45.79 -9.70 -88.54
CA ALA D 962 45.12 -8.38 -88.51
C ALA D 962 45.70 -7.49 -87.40
N LEU D 963 46.82 -7.91 -86.80
CA LEU D 963 47.71 -7.09 -85.93
C LEU D 963 49.07 -6.91 -86.62
N GLU D 964 49.51 -7.88 -87.43
CA GLU D 964 50.66 -7.73 -88.36
C GLU D 964 50.32 -6.57 -89.30
N HIS D 965 49.27 -6.74 -90.10
CA HIS D 965 48.77 -5.72 -91.06
C HIS D 965 48.69 -4.36 -90.37
N LYS D 966 48.14 -4.30 -89.16
CA LYS D 966 47.92 -3.02 -88.41
C LYS D 966 49.24 -2.39 -87.96
N VAL D 967 50.32 -3.16 -87.83
CA VAL D 967 51.67 -2.67 -87.42
C VAL D 967 52.40 -2.20 -88.68
N VAL D 968 52.47 -3.04 -89.71
CA VAL D 968 53.15 -2.73 -91.00
C VAL D 968 52.50 -1.49 -91.66
N ASN D 969 51.17 -1.32 -91.60
CA ASN D 969 50.42 -0.29 -92.38
C ASN D 969 49.68 0.71 -91.47
N GLY D 970 49.85 0.63 -90.15
CA GLY D 970 49.37 1.64 -89.19
C GLY D 970 47.85 1.76 -89.14
N ASN D 971 47.36 2.97 -88.80
CA ASN D 971 45.91 3.33 -88.62
C ASN D 971 45.47 4.38 -89.67
N SER D 972 45.94 4.26 -90.92
CA SER D 972 45.39 4.94 -92.14
C SER D 972 44.72 3.90 -93.09
N ALA D 973 45.06 2.61 -92.94
CA ALA D 973 44.50 1.46 -93.71
C ALA D 973 43.31 0.82 -92.98
N ASP D 974 43.22 0.96 -91.63
CA ASP D 974 42.20 0.33 -90.74
C ASP D 974 41.26 1.38 -90.09
N ALA D 975 41.41 2.69 -90.42
CA ALA D 975 40.65 3.85 -89.85
C ALA D 975 39.74 4.52 -90.91
N ALA D 976 40.18 4.63 -92.19
CA ALA D 976 39.36 5.09 -93.36
C ALA D 976 38.59 3.90 -93.96
N TYR D 977 37.86 3.17 -93.10
CA TYR D 977 37.40 1.75 -93.27
C TYR D 977 36.29 1.46 -92.24
N ALA D 978 36.57 1.67 -90.93
CA ALA D 978 35.64 1.59 -89.78
C ALA D 978 34.52 2.64 -89.94
N GLN D 979 33.34 2.19 -90.39
CA GLN D 979 32.20 3.01 -90.87
C GLN D 979 31.46 3.65 -89.69
N VAL D 980 30.65 4.69 -89.99
CA VAL D 980 29.84 5.45 -88.99
C VAL D 980 28.42 4.87 -88.98
N GLU D 981 27.92 4.50 -87.79
CA GLU D 981 26.56 3.96 -87.54
C GLU D 981 25.69 5.06 -86.94
N ILE D 982 24.37 4.94 -87.10
CA ILE D 982 23.39 6.00 -86.78
C ILE D 982 22.27 5.39 -85.93
N GLN D 983 22.31 5.67 -84.62
CA GLN D 983 21.30 5.17 -83.66
C GLN D 983 20.07 6.05 -83.80
N PRO D 984 18.87 5.48 -83.95
CA PRO D 984 17.67 6.28 -84.17
C PRO D 984 17.25 7.02 -82.90
N ARG D 985 16.74 8.23 -83.07
CA ARG D 985 16.03 9.00 -82.03
C ARG D 985 14.53 8.81 -82.23
N ALA D 986 13.74 9.38 -81.33
CA ALA D 986 12.29 9.12 -81.18
C ALA D 986 11.49 10.33 -81.70
N ASN D 987 11.23 10.31 -82.99
CA ASN D 987 10.27 11.23 -83.67
C ASN D 987 8.85 10.81 -83.31
N ILE D 988 8.30 11.25 -82.17
CA ILE D 988 6.89 10.96 -81.74
C ILE D 988 5.92 11.73 -82.64
N GLN D 989 4.95 11.03 -83.24
CA GLN D 989 4.04 11.55 -84.28
C GLN D 989 2.65 11.72 -83.67
N LEU D 990 1.89 12.67 -84.19
CA LEU D 990 0.53 12.97 -83.73
C LEU D 990 -0.50 11.98 -84.30
N ASP D 991 -0.18 11.25 -85.38
CA ASP D 991 -1.04 10.22 -86.00
C ASP D 991 -2.39 10.83 -86.37
N PHE D 992 -2.34 11.93 -87.12
CA PHE D 992 -3.45 12.46 -87.93
C PHE D 992 -3.70 11.49 -89.07
N PRO D 993 -4.94 11.43 -89.62
CA PRO D 993 -5.29 10.46 -90.65
C PRO D 993 -4.78 10.73 -92.04
N GLU D 994 -4.50 9.68 -92.82
CA GLU D 994 -4.02 9.82 -94.20
C GLU D 994 -5.20 10.29 -95.02
N LEU D 995 -5.09 11.48 -95.62
CA LEU D 995 -5.96 11.97 -96.72
C LEU D 995 -5.47 11.46 -98.07
N LYS D 996 -6.34 10.74 -98.78
CA LYS D 996 -6.06 10.12 -100.08
C LYS D 996 -6.37 11.14 -101.17
N PRO D 997 -5.73 11.07 -102.37
CA PRO D 997 -6.11 11.94 -103.48
C PRO D 997 -7.59 11.81 -103.86
N TYR D 998 -8.26 12.93 -104.14
CA TYR D 998 -9.74 13.00 -104.36
C TYR D 998 -10.24 11.89 -105.29
N LYS D 999 -9.49 11.57 -106.33
CA LYS D 999 -9.88 10.54 -107.33
C LYS D 999 -10.08 9.20 -106.61
N GLN D 1000 -9.26 8.85 -105.61
CA GLN D 1000 -9.39 7.60 -104.80
C GLN D 1000 -10.57 7.66 -103.84
N VAL D 1001 -10.97 8.86 -103.42
CA VAL D 1001 -11.99 9.07 -102.37
C VAL D 1001 -13.38 8.91 -103.00
N LYS D 1002 -13.60 9.38 -104.22
CA LYS D 1002 -14.89 9.21 -104.93
C LYS D 1002 -15.18 7.73 -105.21
N GLN D 1003 -14.16 6.86 -105.31
CA GLN D 1003 -14.33 5.40 -105.51
C GLN D 1003 -15.05 4.73 -104.32
N ILE D 1004 -14.88 5.26 -103.11
CA ILE D 1004 -15.36 4.64 -101.84
C ILE D 1004 -16.86 4.90 -101.69
N ALA D 1005 -17.29 6.15 -101.88
CA ALA D 1005 -18.69 6.62 -101.69
C ALA D 1005 -19.46 6.51 -103.01
N PRO D 1006 -20.80 6.39 -102.96
CA PRO D 1006 -21.62 6.46 -104.16
C PRO D 1006 -21.67 7.88 -104.77
N ALA D 1007 -21.55 7.98 -106.10
CA ALA D 1007 -21.48 9.23 -106.89
C ALA D 1007 -22.62 10.19 -106.54
N GLU D 1008 -23.78 9.66 -106.18
CA GLU D 1008 -25.03 10.41 -105.89
C GLU D 1008 -24.89 11.24 -104.62
N LEU D 1009 -23.88 10.96 -103.79
CA LEU D 1009 -23.74 11.55 -102.43
C LEU D 1009 -23.30 13.01 -102.51
N GLU D 1010 -22.65 13.43 -103.61
CA GLU D 1010 -22.16 14.82 -103.79
C GLU D 1010 -23.35 15.78 -103.82
N GLY D 1011 -23.41 16.70 -102.87
CA GLY D 1011 -24.46 17.74 -102.79
C GLY D 1011 -25.69 17.28 -102.02
N LEU D 1012 -25.68 16.04 -101.53
CA LEU D 1012 -26.89 15.37 -101.00
C LEU D 1012 -27.00 15.61 -99.49
N LEU D 1013 -25.91 15.45 -98.74
CA LEU D 1013 -25.89 15.71 -97.28
C LEU D 1013 -25.72 17.19 -97.01
N ASP D 1014 -26.50 17.72 -96.07
CA ASP D 1014 -26.27 18.97 -95.32
C ASP D 1014 -25.17 18.70 -94.29
N LEU D 1015 -24.01 19.30 -94.48
CA LEU D 1015 -22.85 19.02 -93.62
C LEU D 1015 -22.92 19.84 -92.34
N GLU D 1016 -23.82 20.82 -92.22
CA GLU D 1016 -24.09 21.52 -90.93
C GLU D 1016 -24.62 20.50 -89.92
N ARG D 1017 -25.10 19.36 -90.41
CA ARG D 1017 -25.93 18.43 -89.62
C ARG D 1017 -25.33 17.02 -89.68
N VAL D 1018 -24.08 16.90 -90.14
CA VAL D 1018 -23.16 15.75 -89.90
C VAL D 1018 -22.17 16.07 -88.77
N ILE D 1019 -22.09 15.22 -87.76
CA ILE D 1019 -21.19 15.36 -86.58
C ILE D 1019 -20.00 14.48 -86.86
N VAL D 1020 -18.84 14.88 -86.37
CA VAL D 1020 -17.51 14.39 -86.85
C VAL D 1020 -16.54 14.54 -85.68
N VAL D 1021 -15.78 13.53 -85.35
CA VAL D 1021 -14.78 13.63 -84.25
C VAL D 1021 -13.51 14.20 -84.87
N THR D 1022 -12.96 15.16 -84.21
CA THR D 1022 -12.00 16.14 -84.75
C THR D 1022 -10.72 16.02 -83.92
N GLY D 1023 -10.81 15.76 -82.63
CA GLY D 1023 -9.72 15.14 -81.87
C GLY D 1023 -10.17 14.36 -80.67
N PHE D 1024 -9.22 13.70 -80.00
CA PHE D 1024 -9.45 12.83 -78.83
C PHE D 1024 -8.14 12.56 -78.06
N ALA D 1025 -8.33 12.15 -76.82
CA ALA D 1025 -7.24 11.88 -75.89
C ALA D 1025 -7.80 11.22 -74.64
N GLU D 1026 -6.89 10.76 -73.82
CA GLU D 1026 -7.19 10.04 -72.57
C GLU D 1026 -5.96 9.97 -71.69
N VAL D 1027 -6.25 9.85 -70.43
CA VAL D 1027 -5.32 9.58 -69.33
C VAL D 1027 -5.89 8.33 -68.76
N GLY D 1028 -5.05 7.33 -68.57
CA GLY D 1028 -5.51 6.06 -67.98
C GLY D 1028 -4.31 5.16 -67.72
N PRO D 1029 -4.55 3.91 -67.34
CA PRO D 1029 -3.49 3.00 -66.97
C PRO D 1029 -2.28 2.82 -67.91
N TRP D 1030 -2.43 3.11 -69.20
CA TRP D 1030 -1.33 2.95 -70.19
C TRP D 1030 -0.91 4.30 -70.77
N GLY D 1031 -1.28 5.38 -70.11
CA GLY D 1031 -0.79 6.74 -70.38
C GLY D 1031 -1.78 7.46 -71.24
N SER D 1032 -1.36 7.75 -72.46
CA SER D 1032 -2.13 8.48 -73.49
C SER D 1032 -2.90 7.52 -74.42
N ALA D 1033 -3.78 8.07 -75.26
CA ALA D 1033 -4.41 7.34 -76.38
C ALA D 1033 -3.35 6.72 -77.31
N ARG D 1034 -2.17 7.33 -77.38
CA ARG D 1034 -1.05 6.91 -78.24
C ARG D 1034 -0.44 5.66 -77.66
N THR D 1035 -0.02 5.70 -76.40
CA THR D 1035 0.74 4.60 -75.78
C THR D 1035 -0.18 3.41 -75.55
N ARG D 1036 -1.43 3.64 -75.14
CA ARG D 1036 -2.44 2.57 -74.94
C ARG D 1036 -2.69 1.80 -76.25
N TRP D 1037 -2.68 2.48 -77.37
CA TRP D 1037 -2.88 1.88 -78.69
C TRP D 1037 -1.71 0.93 -78.98
N GLU D 1038 -0.50 1.31 -78.59
CA GLU D 1038 0.69 0.49 -78.83
C GLU D 1038 0.56 -0.76 -77.97
N MET D 1039 0.07 -0.65 -76.75
CA MET D 1039 -0.13 -1.85 -75.92
C MET D 1039 -1.32 -2.68 -76.44
N GLU D 1040 -2.50 -2.10 -76.66
CA GLU D 1040 -3.75 -2.76 -77.13
C GLU D 1040 -3.46 -3.60 -78.38
N ALA D 1041 -2.81 -3.02 -79.38
CA ALA D 1041 -2.72 -3.54 -80.75
C ALA D 1041 -1.51 -4.44 -80.94
N PHE D 1042 -0.38 -4.09 -80.33
CA PHE D 1042 0.95 -4.68 -80.59
C PHE D 1042 1.51 -5.40 -79.37
N GLY D 1043 1.13 -5.01 -78.16
CA GLY D 1043 1.54 -5.69 -76.93
C GLY D 1043 2.89 -5.22 -76.44
N GLU D 1044 3.70 -4.65 -77.34
CA GLU D 1044 5.04 -4.08 -77.06
C GLU D 1044 5.05 -2.62 -77.46
N PHE D 1045 5.90 -1.84 -76.81
CA PHE D 1045 6.13 -0.41 -77.12
C PHE D 1045 7.20 -0.29 -78.22
N SER D 1046 7.04 0.73 -79.03
CA SER D 1046 8.00 1.17 -80.07
C SER D 1046 9.09 2.00 -79.37
N LEU D 1047 10.07 2.48 -80.13
CA LEU D 1047 11.08 3.41 -79.60
C LEU D 1047 10.36 4.65 -79.11
N GLU D 1048 9.37 5.15 -79.87
CA GLU D 1048 8.54 6.34 -79.55
C GLU D 1048 7.59 6.10 -78.39
N GLY D 1049 7.16 4.86 -78.14
CA GLY D 1049 6.25 4.53 -77.03
C GLY D 1049 7.00 4.49 -75.72
N CYS D 1050 8.15 3.84 -75.72
CA CYS D 1050 9.06 3.84 -74.56
C CYS D 1050 9.39 5.26 -74.15
N VAL D 1051 9.73 6.13 -75.11
CA VAL D 1051 10.09 7.53 -74.76
C VAL D 1051 8.88 8.25 -74.17
N GLU D 1052 7.69 8.14 -74.73
CA GLU D 1052 6.53 8.88 -74.16
C GLU D 1052 6.20 8.33 -72.77
N MET D 1053 6.19 7.03 -72.61
CA MET D 1053 5.94 6.38 -71.30
C MET D 1053 7.01 6.82 -70.32
N ALA D 1054 8.27 6.80 -70.70
CA ALA D 1054 9.38 7.19 -69.82
C ALA D 1054 9.18 8.65 -69.39
N TRP D 1055 8.79 9.53 -70.32
CA TRP D 1055 8.52 10.98 -70.11
C TRP D 1055 7.29 11.20 -69.23
N ILE D 1056 6.26 10.37 -69.35
CA ILE D 1056 4.96 10.51 -68.63
C ILE D 1056 5.19 10.24 -67.16
N MET D 1057 5.91 9.17 -66.89
CA MET D 1057 6.11 8.60 -65.54
C MET D 1057 7.25 9.34 -64.85
N GLY D 1058 7.79 10.37 -65.52
CA GLY D 1058 8.93 11.17 -65.07
C GLY D 1058 10.15 10.34 -64.78
N PHE D 1059 10.52 9.42 -65.67
CA PHE D 1059 11.81 8.69 -65.61
C PHE D 1059 12.88 9.51 -66.30
N ILE D 1060 12.51 10.31 -67.28
CA ILE D 1060 13.44 11.11 -68.12
C ILE D 1060 12.85 12.49 -68.26
N SER D 1061 13.73 13.46 -68.43
CA SER D 1061 13.43 14.89 -68.47
C SER D 1061 14.38 15.45 -69.51
N TYR D 1062 14.00 16.53 -70.16
CA TYR D 1062 14.84 17.16 -71.19
C TYR D 1062 15.80 18.05 -70.46
N HIS D 1063 16.93 18.29 -71.11
CA HIS D 1063 18.02 19.17 -70.63
C HIS D 1063 18.56 19.93 -71.83
N ASN D 1064 18.75 21.24 -71.69
CA ASN D 1064 19.36 22.10 -72.73
C ASN D 1064 20.32 23.04 -72.01
N GLY D 1065 21.58 22.64 -71.90
CA GLY D 1065 22.63 23.50 -71.31
C GLY D 1065 23.88 22.70 -71.00
N ASN D 1066 24.53 23.03 -69.88
CA ASN D 1066 25.83 22.42 -69.51
C ASN D 1066 25.57 21.26 -68.54
N LEU D 1067 26.04 20.07 -68.93
CA LEU D 1067 26.14 18.85 -68.08
C LEU D 1067 27.61 18.67 -67.70
N LYS D 1068 27.95 18.89 -66.42
CA LYS D 1068 29.33 18.78 -65.86
C LYS D 1068 30.34 19.36 -66.87
N GLY D 1069 30.19 20.65 -67.20
CA GLY D 1069 31.08 21.41 -68.11
C GLY D 1069 30.64 21.30 -69.56
N ARG D 1070 30.61 20.07 -70.10
CA ARG D 1070 30.15 19.74 -71.48
C ARG D 1070 28.81 20.42 -71.79
N PRO D 1071 28.54 20.88 -73.04
CA PRO D 1071 27.21 21.33 -73.44
C PRO D 1071 26.35 20.15 -73.97
N TYR D 1072 25.19 19.89 -73.35
CA TYR D 1072 24.30 18.75 -73.67
C TYR D 1072 22.88 19.20 -74.02
N THR D 1073 22.30 18.53 -75.01
CA THR D 1073 20.90 18.74 -75.44
C THR D 1073 20.31 17.36 -75.69
N GLY D 1074 19.47 16.89 -74.77
CA GLY D 1074 18.85 15.55 -74.83
C GLY D 1074 18.06 15.20 -73.58
N TRP D 1075 17.62 13.94 -73.51
CA TRP D 1075 16.98 13.37 -72.30
C TRP D 1075 18.06 13.06 -71.29
N VAL D 1076 17.62 12.86 -70.06
CA VAL D 1076 18.47 12.84 -68.85
C VAL D 1076 17.68 12.15 -67.74
N ASP D 1077 18.22 11.12 -67.08
CA ASP D 1077 17.53 10.41 -66.00
C ASP D 1077 17.08 11.44 -64.98
N SER D 1078 15.78 11.48 -64.65
CA SER D 1078 15.15 12.58 -63.86
C SER D 1078 15.72 12.64 -62.45
N LYS D 1079 16.27 11.52 -61.97
CA LYS D 1079 16.76 11.34 -60.58
C LYS D 1079 18.27 11.65 -60.53
N THR D 1080 19.11 11.01 -61.37
CA THR D 1080 20.59 11.13 -61.36
C THR D 1080 21.11 12.27 -62.27
N LYS D 1081 20.23 12.93 -63.02
CA LYS D 1081 20.50 13.89 -64.14
C LYS D 1081 21.65 13.44 -65.05
N GLU D 1082 21.76 12.15 -65.34
CA GLU D 1082 22.82 11.55 -66.20
C GLU D 1082 22.28 11.34 -67.61
N PRO D 1083 23.03 11.71 -68.66
CA PRO D 1083 22.48 11.71 -70.02
C PRO D 1083 22.11 10.30 -70.52
N VAL D 1084 20.92 10.19 -71.12
CA VAL D 1084 20.29 8.94 -71.62
C VAL D 1084 20.01 9.12 -73.10
N ASP D 1085 20.38 8.14 -73.92
CA ASP D 1085 20.09 8.13 -75.37
C ASP D 1085 18.75 7.45 -75.57
N ASP D 1086 18.06 7.73 -76.67
CA ASP D 1086 16.72 7.18 -77.00
C ASP D 1086 16.84 5.67 -77.19
N LYS D 1087 17.87 5.18 -77.89
CA LYS D 1087 18.13 3.73 -78.07
C LYS D 1087 18.26 2.99 -76.72
N ASP D 1088 18.72 3.69 -75.68
CA ASP D 1088 19.01 3.11 -74.33
C ASP D 1088 17.81 3.22 -73.40
N VAL D 1089 16.70 3.86 -73.82
CA VAL D 1089 15.50 4.03 -72.94
C VAL D 1089 14.90 2.65 -72.64
N LYS D 1090 14.70 1.78 -73.64
CA LYS D 1090 14.09 0.44 -73.45
C LYS D 1090 14.90 -0.35 -72.40
N ALA D 1091 16.19 -0.57 -72.64
CA ALA D 1091 17.10 -1.26 -71.71
C ALA D 1091 16.96 -0.62 -70.32
N LYS D 1092 17.33 0.65 -70.16
CA LYS D 1092 17.26 1.38 -68.86
C LYS D 1092 15.89 1.25 -68.19
N TYR D 1093 14.79 1.50 -68.90
CA TYR D 1093 13.47 1.79 -68.27
C TYR D 1093 12.30 0.91 -68.70
N GLU D 1094 12.37 0.02 -69.69
CA GLU D 1094 11.14 -0.69 -70.09
C GLU D 1094 10.61 -1.45 -68.88
N THR D 1095 11.42 -2.34 -68.32
CA THR D 1095 11.03 -3.23 -67.22
C THR D 1095 10.21 -2.41 -66.23
N SER D 1096 10.74 -1.27 -65.80
CA SER D 1096 10.18 -0.41 -64.74
C SER D 1096 8.82 0.18 -65.16
N ILE D 1097 8.69 0.59 -66.43
CA ILE D 1097 7.44 1.10 -67.07
C ILE D 1097 6.36 0.02 -67.06
N LEU D 1098 6.68 -1.21 -67.43
CA LEU D 1098 5.70 -2.34 -67.44
C LEU D 1098 5.31 -2.77 -66.02
N GLU D 1099 6.19 -2.70 -65.02
CA GLU D 1099 5.86 -3.03 -63.61
C GLU D 1099 4.91 -1.99 -63.01
N HIS D 1100 4.92 -0.74 -63.50
CA HIS D 1100 4.26 0.40 -62.82
C HIS D 1100 3.26 1.03 -63.75
N SER D 1101 2.71 0.22 -64.65
CA SER D 1101 1.66 0.60 -65.60
C SER D 1101 0.64 -0.54 -65.70
N GLY D 1102 -0.61 -0.22 -65.83
CA GLY D 1102 -1.60 -1.23 -66.21
C GLY D 1102 -2.42 -1.61 -65.03
N ILE D 1103 -3.03 -2.75 -65.10
CA ILE D 1103 -3.67 -3.38 -63.91
C ILE D 1103 -2.55 -4.05 -63.11
N ARG D 1104 -2.53 -3.74 -61.83
CA ARG D 1104 -1.43 -4.13 -60.94
C ARG D 1104 -1.87 -4.00 -59.51
N LEU D 1105 -1.03 -4.38 -58.57
CA LEU D 1105 -1.39 -4.21 -57.15
C LEU D 1105 -1.52 -2.73 -56.89
N ILE D 1106 -2.62 -2.32 -56.29
CA ILE D 1106 -2.88 -0.95 -55.75
C ILE D 1106 -1.63 -0.46 -55.03
N GLU D 1107 -1.11 0.68 -55.46
CA GLU D 1107 0.08 1.34 -54.89
C GLU D 1107 -0.45 2.38 -53.90
N PRO D 1108 -0.24 2.22 -52.56
CA PRO D 1108 -0.79 3.16 -51.57
C PRO D 1108 -0.43 4.64 -51.69
N GLU D 1109 0.80 4.97 -52.09
CA GLU D 1109 1.29 6.35 -52.28
C GLU D 1109 0.40 7.09 -53.28
N LEU D 1110 -0.29 6.38 -54.17
CA LEU D 1110 -1.20 6.99 -55.19
C LEU D 1110 -2.58 7.31 -54.59
N PHE D 1111 -3.01 6.64 -53.53
CA PHE D 1111 -4.39 6.73 -52.99
C PHE D 1111 -4.41 7.22 -51.53
N ASN D 1112 -3.45 8.07 -51.11
CA ASN D 1112 -3.34 8.64 -49.74
C ASN D 1112 -3.13 7.50 -48.73
N GLY D 1113 -2.13 6.67 -49.00
CA GLY D 1113 -1.75 5.55 -48.14
C GLY D 1113 -2.87 4.54 -47.93
N TYR D 1114 -3.86 4.45 -48.84
CA TYR D 1114 -4.89 3.37 -48.78
C TYR D 1114 -4.17 2.06 -49.05
N ASN D 1115 -4.15 1.16 -48.07
CA ASN D 1115 -3.56 -0.19 -48.21
C ASN D 1115 -4.69 -1.18 -48.02
N PRO D 1116 -5.27 -1.76 -49.08
CA PRO D 1116 -6.44 -2.63 -48.93
C PRO D 1116 -6.21 -3.84 -48.01
N GLU D 1117 -4.96 -4.23 -47.79
CA GLU D 1117 -4.60 -5.26 -46.78
C GLU D 1117 -4.82 -4.72 -45.36
N LYS D 1118 -4.97 -3.40 -45.15
CA LYS D 1118 -5.05 -2.74 -43.82
C LYS D 1118 -6.01 -1.56 -43.90
N LYS D 1119 -7.30 -1.87 -43.98
CA LYS D 1119 -8.39 -0.90 -44.20
C LYS D 1119 -8.92 -0.42 -42.85
N GLU D 1120 -8.62 0.84 -42.49
CA GLU D 1120 -8.85 1.48 -41.17
C GLU D 1120 -10.35 1.77 -40.91
N MET D 1121 -10.94 1.09 -39.92
CA MET D 1121 -12.29 1.36 -39.34
C MET D 1121 -12.14 1.87 -37.89
N ILE D 1122 -13.25 2.17 -37.18
CA ILE D 1122 -13.26 2.56 -35.74
C ILE D 1122 -14.44 1.88 -35.03
N GLN D 1123 -14.19 1.24 -33.89
CA GLN D 1123 -15.25 0.56 -33.12
C GLN D 1123 -15.54 1.40 -31.90
N GLU D 1124 -16.82 1.60 -31.62
CA GLU D 1124 -17.33 2.31 -30.43
C GLU D 1124 -17.24 1.32 -29.27
N VAL D 1125 -16.61 1.73 -28.17
CA VAL D 1125 -16.50 0.94 -26.91
C VAL D 1125 -16.92 1.86 -25.77
N ILE D 1126 -17.45 1.32 -24.68
CA ILE D 1126 -17.70 2.08 -23.42
C ILE D 1126 -16.54 1.84 -22.46
N VAL D 1127 -15.73 2.88 -22.24
CA VAL D 1127 -14.89 3.15 -21.04
C VAL D 1127 -15.57 2.47 -19.83
N GLU D 1128 -15.07 1.29 -19.43
CA GLU D 1128 -15.56 0.54 -18.25
C GLU D 1128 -14.94 1.17 -17.00
N GLU D 1129 -13.78 1.83 -17.14
CA GLU D 1129 -13.12 2.53 -16.02
C GLU D 1129 -12.40 3.80 -16.49
N ASP D 1130 -12.56 4.88 -15.72
CA ASP D 1130 -12.09 6.27 -15.97
C ASP D 1130 -10.68 6.32 -16.56
N LEU D 1131 -10.48 7.19 -17.55
CA LEU D 1131 -9.20 7.34 -18.31
C LEU D 1131 -8.26 8.23 -17.50
N GLU D 1132 -6.98 8.17 -17.84
CA GLU D 1132 -5.94 9.07 -17.27
C GLU D 1132 -6.14 10.44 -17.92
N PRO D 1133 -6.39 11.52 -17.14
CA PRO D 1133 -6.52 12.86 -17.69
C PRO D 1133 -5.48 13.27 -18.75
N PHE D 1134 -5.89 14.14 -19.66
CA PHE D 1134 -5.02 14.81 -20.66
C PHE D 1134 -5.40 16.29 -20.76
N GLU D 1135 -4.43 17.08 -21.23
CA GLU D 1135 -4.57 18.54 -21.34
C GLU D 1135 -5.14 18.84 -22.74
N ALA D 1136 -6.12 19.75 -22.78
CA ALA D 1136 -6.68 20.37 -24.00
C ALA D 1136 -6.65 21.88 -23.82
N SER D 1137 -6.87 22.64 -24.89
CA SER D 1137 -7.20 24.08 -24.83
C SER D 1137 -8.53 24.27 -24.10
N LYS D 1138 -8.90 25.51 -23.80
CA LYS D 1138 -10.21 25.80 -23.17
C LYS D 1138 -11.30 25.35 -24.15
N GLU D 1139 -11.28 25.91 -25.37
CA GLU D 1139 -12.23 25.67 -26.48
C GLU D 1139 -12.49 24.15 -26.61
N THR D 1140 -11.44 23.37 -26.84
CA THR D 1140 -11.50 21.91 -27.09
C THR D 1140 -12.08 21.14 -25.89
N ALA D 1141 -11.83 21.57 -24.67
CA ALA D 1141 -12.38 20.92 -23.46
C ALA D 1141 -13.88 21.16 -23.38
N GLU D 1142 -14.35 22.37 -23.68
CA GLU D 1142 -15.81 22.68 -23.65
C GLU D 1142 -16.52 21.83 -24.71
N GLN D 1143 -15.84 21.58 -25.83
CA GLN D 1143 -16.30 20.69 -26.93
C GLN D 1143 -16.42 19.25 -26.41
N PHE D 1144 -15.53 18.76 -25.54
CA PHE D 1144 -15.64 17.41 -24.92
C PHE D 1144 -16.80 17.37 -23.94
N LYS D 1145 -16.99 18.45 -23.18
CA LYS D 1145 -18.02 18.58 -22.12
C LYS D 1145 -19.40 18.60 -22.76
N HIS D 1146 -19.52 19.35 -23.86
CA HIS D 1146 -20.79 19.51 -24.61
C HIS D 1146 -21.28 18.15 -25.12
N GLN D 1147 -20.38 17.39 -25.74
CA GLN D 1147 -20.63 16.01 -26.23
C GLN D 1147 -20.96 15.08 -25.06
N HIS D 1148 -20.12 15.00 -24.02
CA HIS D 1148 -20.14 13.86 -23.08
C HIS D 1148 -21.05 14.12 -21.88
N GLY D 1149 -21.22 15.38 -21.47
CA GLY D 1149 -22.02 15.81 -20.30
C GLY D 1149 -21.44 15.29 -19.00
N ASP D 1150 -22.27 14.62 -18.19
CA ASP D 1150 -21.88 13.97 -16.91
C ASP D 1150 -20.57 13.21 -17.07
N LYS D 1151 -20.40 12.51 -18.19
CA LYS D 1151 -19.38 11.45 -18.39
C LYS D 1151 -18.01 12.02 -18.73
N VAL D 1152 -17.79 13.33 -18.56
CA VAL D 1152 -16.44 13.92 -18.64
C VAL D 1152 -16.36 14.98 -17.53
N ASP D 1153 -15.15 15.26 -17.05
CA ASP D 1153 -14.88 16.33 -16.07
C ASP D 1153 -13.81 17.22 -16.66
N ILE D 1154 -14.02 18.54 -16.65
CA ILE D 1154 -13.02 19.47 -17.22
C ILE D 1154 -12.77 20.57 -16.20
N PHE D 1155 -11.49 20.82 -15.94
CA PHE D 1155 -10.98 21.67 -14.84
C PHE D 1155 -9.84 22.51 -15.37
N GLU D 1156 -9.96 23.84 -15.34
CA GLU D 1156 -8.85 24.78 -15.62
C GLU D 1156 -7.65 24.41 -14.73
N ILE D 1157 -6.48 24.30 -15.35
CA ILE D 1157 -5.14 24.27 -14.69
C ILE D 1157 -4.72 25.73 -14.55
N PRO D 1158 -4.72 26.30 -13.31
CA PRO D 1158 -4.74 27.76 -13.15
C PRO D 1158 -3.46 28.51 -13.54
N GLU D 1159 -2.33 27.79 -13.64
CA GLU D 1159 -1.01 28.31 -14.07
C GLU D 1159 -1.03 28.55 -15.58
N THR D 1160 -1.27 27.48 -16.35
CA THR D 1160 -1.21 27.45 -17.84
C THR D 1160 -2.42 28.19 -18.43
N GLY D 1161 -3.65 27.88 -17.97
CA GLY D 1161 -4.92 28.25 -18.62
C GLY D 1161 -5.54 27.07 -19.37
N GLU D 1162 -4.71 26.15 -19.89
CA GLU D 1162 -5.09 24.82 -20.42
C GLU D 1162 -6.00 24.08 -19.43
N TYR D 1163 -6.86 23.19 -19.92
CA TYR D 1163 -7.82 22.41 -19.11
C TYR D 1163 -7.41 20.93 -19.08
N SER D 1164 -7.72 20.24 -17.98
CA SER D 1164 -7.61 18.78 -17.86
C SER D 1164 -8.93 18.19 -18.34
N VAL D 1165 -8.91 16.98 -18.94
CA VAL D 1165 -10.12 16.32 -19.49
C VAL D 1165 -10.16 14.88 -18.97
N LYS D 1166 -11.03 14.60 -18.00
CA LYS D 1166 -11.14 13.25 -17.38
C LYS D 1166 -12.33 12.56 -18.02
N LEU D 1167 -12.09 11.52 -18.81
CA LEU D 1167 -13.18 10.78 -19.47
C LEU D 1167 -13.66 9.75 -18.47
N LEU D 1168 -14.90 9.84 -18.01
CA LEU D 1168 -15.41 9.02 -16.89
C LEU D 1168 -16.00 7.72 -17.40
N LYS D 1169 -16.25 6.80 -16.48
CA LYS D 1169 -16.86 5.49 -16.75
C LYS D 1169 -18.21 5.75 -17.41
N GLY D 1170 -18.47 5.12 -18.56
CA GLY D 1170 -19.73 5.27 -19.31
C GLY D 1170 -19.60 6.22 -20.50
N ALA D 1171 -18.49 6.96 -20.59
CA ALA D 1171 -18.08 7.71 -21.80
C ALA D 1171 -17.89 6.73 -22.97
N THR D 1172 -18.09 7.20 -24.21
CA THR D 1172 -17.83 6.43 -25.46
C THR D 1172 -16.49 6.87 -26.05
N LEU D 1173 -15.77 5.89 -26.57
CA LEU D 1173 -14.51 6.05 -27.30
C LEU D 1173 -14.69 5.39 -28.65
N TYR D 1174 -13.82 5.74 -29.58
CA TYR D 1174 -13.68 5.10 -30.90
C TYR D 1174 -12.26 4.58 -30.95
N ILE D 1175 -12.12 3.25 -30.99
CA ILE D 1175 -10.81 2.59 -31.15
C ILE D 1175 -10.71 2.09 -32.57
N PRO D 1176 -9.69 2.56 -33.31
CA PRO D 1176 -9.36 2.03 -34.62
C PRO D 1176 -9.14 0.52 -34.69
N LYS D 1177 -9.65 -0.12 -35.74
CA LYS D 1177 -9.27 -1.50 -36.12
C LYS D 1177 -8.93 -1.54 -37.61
N ALA D 1178 -8.56 -2.70 -38.16
CA ALA D 1178 -8.16 -2.85 -39.58
C ALA D 1178 -8.68 -4.17 -40.12
N LEU D 1179 -9.72 -4.07 -40.96
CA LEU D 1179 -10.16 -5.06 -41.97
C LEU D 1179 -9.00 -5.33 -42.92
N ARG D 1180 -8.82 -6.58 -43.30
CA ARG D 1180 -8.03 -7.01 -44.47
C ARG D 1180 -9.05 -7.23 -45.58
N PHE D 1181 -8.91 -6.50 -46.67
CA PHE D 1181 -9.88 -6.43 -47.79
C PHE D 1181 -9.31 -7.19 -49.00
N ASP D 1182 -10.20 -7.83 -49.76
CA ASP D 1182 -9.90 -8.92 -50.74
C ASP D 1182 -9.76 -8.36 -52.16
N ARG D 1183 -9.83 -7.03 -52.36
CA ARG D 1183 -9.64 -6.33 -53.66
C ARG D 1183 -8.34 -5.52 -53.63
N LEU D 1184 -7.26 -6.14 -54.12
CA LEU D 1184 -5.85 -5.71 -53.94
C LEU D 1184 -5.32 -5.10 -55.22
N VAL D 1185 -6.11 -5.10 -56.28
CA VAL D 1185 -5.63 -4.83 -57.67
C VAL D 1185 -6.56 -3.84 -58.30
N ALA D 1186 -6.01 -2.91 -59.06
CA ALA D 1186 -6.79 -1.93 -59.83
C ALA D 1186 -5.94 -1.39 -60.97
N GLY D 1187 -6.63 -0.91 -62.01
CA GLY D 1187 -6.07 -0.27 -63.22
C GLY D 1187 -5.79 1.16 -62.92
N GLN D 1188 -4.57 1.46 -62.51
CA GLN D 1188 -4.22 2.79 -61.97
C GLN D 1188 -3.40 3.50 -63.02
N ILE D 1189 -3.43 4.81 -63.01
CA ILE D 1189 -2.60 5.64 -63.92
C ILE D 1189 -1.14 5.31 -63.59
N PRO D 1190 -0.22 5.32 -64.57
CA PRO D 1190 1.13 4.79 -64.34
C PRO D 1190 1.79 5.58 -63.24
N THR D 1191 2.64 4.95 -62.44
CA THR D 1191 3.23 5.56 -61.24
C THR D 1191 4.23 6.62 -61.69
N GLY D 1192 4.01 7.87 -61.27
CA GLY D 1192 4.87 9.03 -61.57
C GLY D 1192 4.17 10.02 -62.47
N TRP D 1193 3.03 9.64 -63.02
CA TRP D 1193 2.12 10.58 -63.70
C TRP D 1193 1.94 11.75 -62.75
N ASN D 1194 2.04 12.96 -63.29
CA ASN D 1194 2.03 14.20 -62.51
C ASN D 1194 1.55 15.32 -63.43
N ALA D 1195 0.52 16.03 -63.05
CA ALA D 1195 -0.02 17.17 -63.83
C ALA D 1195 1.07 18.21 -64.04
N LYS D 1196 2.09 18.27 -63.19
CA LYS D 1196 3.22 19.21 -63.37
C LYS D 1196 3.87 18.97 -64.75
N THR D 1197 4.00 17.72 -65.24
CA THR D 1197 4.84 17.43 -66.42
C THR D 1197 4.12 17.92 -67.68
N TYR D 1198 2.81 18.08 -67.60
CA TYR D 1198 1.99 18.71 -68.67
C TYR D 1198 2.03 20.24 -68.49
N GLY D 1199 2.36 20.72 -67.32
CA GLY D 1199 2.52 22.16 -67.06
C GLY D 1199 1.30 22.78 -66.42
N ILE D 1200 0.63 22.04 -65.56
CA ILE D 1200 -0.43 22.56 -64.66
C ILE D 1200 0.29 23.07 -63.41
N SER D 1201 -0.11 24.25 -62.94
CA SER D 1201 0.52 25.01 -61.83
C SER D 1201 0.10 24.41 -60.48
N ASP D 1202 0.91 24.59 -59.44
CA ASP D 1202 0.62 24.00 -58.10
C ASP D 1202 -0.58 24.71 -57.47
N ASP D 1203 -0.78 26.01 -57.73
CA ASP D 1203 -2.00 26.77 -57.35
C ASP D 1203 -3.21 25.85 -57.61
N ILE D 1204 -3.30 25.35 -58.86
CA ILE D 1204 -4.41 24.52 -59.37
C ILE D 1204 -4.33 23.15 -58.73
N ILE D 1205 -3.19 22.48 -58.80
CA ILE D 1205 -3.07 21.08 -58.30
C ILE D 1205 -3.54 21.01 -56.84
N SER D 1206 -3.01 21.89 -56.01
CA SER D 1206 -3.33 22.01 -54.57
C SER D 1206 -4.56 22.89 -54.40
N GLN D 1207 -5.73 22.43 -54.84
CA GLN D 1207 -7.01 23.20 -54.90
C GLN D 1207 -8.12 22.33 -55.49
N VAL D 1208 -7.81 21.75 -56.63
CA VAL D 1208 -8.73 20.97 -57.47
C VAL D 1208 -8.58 19.49 -57.07
N ASP D 1209 -9.63 18.69 -57.26
CA ASP D 1209 -9.68 17.22 -57.01
C ASP D 1209 -8.83 16.52 -58.05
N PRO D 1210 -8.10 15.44 -57.72
CA PRO D 1210 -7.34 14.66 -58.70
C PRO D 1210 -7.98 14.37 -60.07
N ILE D 1211 -9.28 14.08 -60.08
CA ILE D 1211 -10.03 13.74 -61.33
C ILE D 1211 -10.04 14.94 -62.28
N THR D 1212 -10.16 16.16 -61.77
CA THR D 1212 -10.09 17.38 -62.59
C THR D 1212 -8.73 17.44 -63.32
N LEU D 1213 -7.63 17.02 -62.71
CA LEU D 1213 -6.29 17.03 -63.37
C LEU D 1213 -6.27 16.07 -64.56
N PHE D 1214 -6.90 14.91 -64.45
CA PHE D 1214 -6.99 13.96 -65.57
C PHE D 1214 -7.75 14.59 -66.72
N VAL D 1215 -8.78 15.39 -66.39
CA VAL D 1215 -9.68 16.01 -67.40
C VAL D 1215 -8.91 17.15 -68.05
N LEU D 1216 -8.22 17.98 -67.30
CA LEU D 1216 -7.51 19.16 -67.85
C LEU D 1216 -6.48 18.66 -68.85
N VAL D 1217 -5.78 17.60 -68.51
CA VAL D 1217 -4.75 17.03 -69.42
C VAL D 1217 -5.43 16.42 -70.64
N SER D 1218 -6.51 15.67 -70.47
CA SER D 1218 -7.27 15.06 -71.59
C SER D 1218 -7.86 16.11 -72.58
N VAL D 1219 -8.28 17.29 -72.13
CA VAL D 1219 -8.87 18.34 -73.00
C VAL D 1219 -7.73 19.01 -73.77
N VAL D 1220 -6.59 19.27 -73.17
CA VAL D 1220 -5.43 19.86 -73.90
C VAL D 1220 -4.98 18.88 -74.96
N GLU D 1221 -4.76 17.65 -74.56
CA GLU D 1221 -4.15 16.60 -75.40
C GLU D 1221 -5.15 16.24 -76.52
N ALA D 1222 -6.41 16.71 -76.44
CA ALA D 1222 -7.49 16.47 -77.42
C ALA D 1222 -7.58 17.58 -78.45
N PHE D 1223 -7.42 18.82 -78.02
CA PHE D 1223 -7.22 19.98 -78.91
C PHE D 1223 -5.91 19.79 -79.72
N ILE D 1224 -4.82 19.31 -79.14
CA ILE D 1224 -3.58 18.95 -79.89
C ILE D 1224 -3.87 17.90 -80.98
N ALA D 1225 -4.75 16.93 -80.73
CA ALA D 1225 -5.15 15.87 -81.69
C ALA D 1225 -5.99 16.48 -82.82
N SER D 1226 -6.58 17.64 -82.58
CA SER D 1226 -7.42 18.36 -83.54
C SER D 1226 -6.63 19.51 -84.17
N GLY D 1227 -5.32 19.54 -83.93
CA GLY D 1227 -4.43 20.61 -84.41
C GLY D 1227 -4.81 21.98 -83.90
N ILE D 1228 -5.37 22.05 -82.71
CA ILE D 1228 -5.87 23.30 -82.05
C ILE D 1228 -5.01 23.51 -80.81
N THR D 1229 -3.95 24.28 -80.97
CA THR D 1229 -2.90 24.51 -79.97
C THR D 1229 -3.36 25.64 -79.06
N ASP D 1230 -4.15 26.58 -79.60
CA ASP D 1230 -4.75 27.70 -78.82
C ASP D 1230 -6.26 27.61 -78.89
N PRO D 1231 -6.96 27.24 -77.80
CA PRO D 1231 -8.41 27.10 -77.84
C PRO D 1231 -9.12 28.30 -78.48
N TYR D 1232 -8.60 29.50 -78.27
CA TYR D 1232 -9.29 30.74 -78.68
C TYR D 1232 -9.38 30.81 -80.19
N GLU D 1233 -8.56 30.06 -80.90
CA GLU D 1233 -8.61 30.00 -82.39
C GLU D 1233 -10.03 29.64 -82.86
N MET D 1234 -10.77 28.85 -82.10
CA MET D 1234 -12.16 28.47 -82.43
C MET D 1234 -12.99 29.73 -82.67
N TYR D 1235 -12.79 30.78 -81.89
CA TYR D 1235 -13.61 32.02 -81.93
C TYR D 1235 -13.26 32.90 -83.13
N LYS D 1236 -12.45 32.43 -84.08
CA LYS D 1236 -12.32 33.03 -85.42
C LYS D 1236 -13.51 32.62 -86.30
N TYR D 1237 -14.04 31.43 -86.06
CA TYR D 1237 -15.02 30.71 -86.91
C TYR D 1237 -16.42 30.70 -86.31
N VAL D 1238 -16.52 30.77 -85.00
CA VAL D 1238 -17.73 30.36 -84.22
C VAL D 1238 -17.90 31.37 -83.10
N HIS D 1239 -19.12 31.77 -82.74
CA HIS D 1239 -19.36 32.72 -81.59
C HIS D 1239 -19.13 31.99 -80.26
N VAL D 1240 -18.31 32.57 -79.38
CA VAL D 1240 -18.24 32.39 -77.89
C VAL D 1240 -19.41 31.56 -77.32
N SER D 1241 -20.66 31.75 -77.76
CA SER D 1241 -21.86 31.01 -77.28
C SER D 1241 -22.09 29.67 -78.04
N GLU D 1242 -21.15 29.19 -78.83
CA GLU D 1242 -21.40 28.04 -79.74
C GLU D 1242 -20.35 26.96 -79.49
N VAL D 1243 -19.52 27.11 -78.46
CA VAL D 1243 -18.71 25.98 -77.92
C VAL D 1243 -19.34 25.45 -76.63
N GLY D 1244 -19.69 24.19 -76.60
CA GLY D 1244 -20.31 23.55 -75.44
C GLY D 1244 -19.39 22.56 -74.79
N ASN D 1245 -19.70 22.18 -73.57
CA ASN D 1245 -19.07 21.05 -72.84
C ASN D 1245 -20.21 20.13 -72.45
N CYS D 1246 -20.24 18.92 -72.97
CA CYS D 1246 -21.31 17.95 -72.68
C CYS D 1246 -20.67 16.69 -72.11
N SER D 1247 -19.56 16.81 -71.37
CA SER D 1247 -18.86 15.68 -70.67
C SER D 1247 -19.39 15.56 -69.25
N GLY D 1248 -19.14 14.44 -68.60
CA GLY D 1248 -19.69 14.13 -67.28
C GLY D 1248 -19.01 12.92 -66.64
N SER D 1249 -19.29 12.68 -65.36
CA SER D 1249 -18.72 11.61 -64.52
C SER D 1249 -19.87 10.77 -63.97
N GLY D 1250 -19.60 9.54 -63.59
CA GLY D 1250 -20.54 8.69 -62.83
C GLY D 1250 -20.65 9.09 -61.37
N MET D 1251 -19.55 9.48 -60.71
CA MET D 1251 -19.54 9.85 -59.26
C MET D 1251 -18.89 11.21 -59.01
N GLY D 1252 -17.87 11.60 -59.77
CA GLY D 1252 -17.27 12.94 -59.66
C GLY D 1252 -16.07 13.01 -58.71
N GLY D 1253 -15.93 14.15 -58.06
CA GLY D 1253 -14.85 14.47 -57.12
C GLY D 1253 -15.02 13.68 -55.85
N VAL D 1254 -14.53 12.45 -55.88
CA VAL D 1254 -14.80 11.41 -54.86
C VAL D 1254 -13.84 11.60 -53.68
N SER D 1255 -12.68 12.18 -53.94
CA SER D 1255 -11.67 12.53 -52.93
C SER D 1255 -12.19 13.70 -52.10
N ALA D 1256 -12.92 14.63 -52.73
CA ALA D 1256 -13.55 15.78 -52.06
C ALA D 1256 -14.74 15.33 -51.21
N LEU D 1257 -15.37 14.18 -51.49
CA LEU D 1257 -16.43 13.60 -50.62
C LEU D 1257 -15.81 12.98 -49.37
N ARG D 1258 -14.65 12.35 -49.49
CA ARG D 1258 -13.87 11.93 -48.31
C ARG D 1258 -13.66 13.16 -47.43
N GLY D 1259 -13.30 14.28 -48.03
CA GLY D 1259 -13.02 15.52 -47.28
C GLY D 1259 -14.21 15.94 -46.43
N MET D 1260 -15.40 15.87 -46.99
CA MET D 1260 -16.58 16.56 -46.46
C MET D 1260 -17.45 15.59 -45.63
N PHE D 1261 -17.15 14.29 -45.65
CA PHE D 1261 -17.81 13.23 -44.83
C PHE D 1261 -16.88 12.62 -43.77
N LYS D 1262 -15.70 12.17 -44.17
CA LYS D 1262 -14.73 11.48 -43.28
C LYS D 1262 -13.79 12.51 -42.64
N ASP D 1263 -13.03 13.25 -43.41
CA ASP D 1263 -11.91 14.08 -42.90
C ASP D 1263 -12.44 15.19 -41.99
N ARG D 1264 -13.54 15.86 -42.31
CA ARG D 1264 -14.18 16.85 -41.39
C ARG D 1264 -14.51 16.23 -40.04
N PHE D 1265 -15.24 15.12 -40.06
CA PHE D 1265 -15.60 14.27 -38.89
C PHE D 1265 -14.40 14.01 -37.97
N LYS D 1266 -13.21 13.82 -38.55
CA LYS D 1266 -11.94 13.57 -37.83
C LYS D 1266 -11.22 14.89 -37.50
N ASP D 1267 -11.88 16.03 -37.66
CA ASP D 1267 -11.30 17.39 -37.59
C ASP D 1267 -9.89 17.45 -38.21
N GLU D 1268 -9.67 16.76 -39.33
CA GLU D 1268 -8.47 16.99 -40.18
C GLU D 1268 -8.63 18.35 -40.87
N PRO D 1269 -7.52 19.02 -41.26
CA PRO D 1269 -7.62 20.22 -42.10
C PRO D 1269 -8.08 19.82 -43.52
N VAL D 1270 -9.18 20.46 -43.95
CA VAL D 1270 -9.85 20.27 -45.27
C VAL D 1270 -10.12 21.69 -45.76
N GLN D 1271 -9.76 22.03 -47.01
CA GLN D 1271 -10.04 23.35 -47.64
C GLN D 1271 -11.53 23.69 -47.43
N ASN D 1272 -11.90 24.95 -47.26
CA ASN D 1272 -13.28 25.37 -46.90
C ASN D 1272 -14.22 25.20 -48.10
N ASP D 1273 -13.68 25.31 -49.33
CA ASP D 1273 -14.43 25.18 -50.60
C ASP D 1273 -14.45 23.72 -51.08
N ILE D 1274 -14.30 22.75 -50.19
CA ILE D 1274 -14.12 21.33 -50.60
C ILE D 1274 -15.39 20.87 -51.35
N LEU D 1275 -16.56 21.42 -51.01
CA LEU D 1275 -17.87 20.96 -51.52
C LEU D 1275 -17.97 21.24 -53.02
N GLN D 1276 -17.52 22.41 -53.48
CA GLN D 1276 -17.52 22.77 -54.92
C GLN D 1276 -16.67 21.77 -55.74
N GLU D 1277 -15.63 21.15 -55.20
CA GLU D 1277 -14.81 20.19 -55.96
C GLU D 1277 -15.51 18.83 -56.07
N SER D 1278 -16.50 18.58 -55.24
CA SER D 1278 -17.15 17.25 -55.17
C SER D 1278 -18.00 17.08 -56.43
N PHE D 1279 -18.76 18.14 -56.74
CA PHE D 1279 -19.80 18.23 -57.79
C PHE D 1279 -19.29 17.68 -59.13
N ILE D 1280 -20.12 16.89 -59.81
CA ILE D 1280 -19.80 16.29 -61.14
C ILE D 1280 -19.69 17.39 -62.21
N ASN D 1281 -20.34 18.54 -62.02
CA ASN D 1281 -20.36 19.63 -63.03
C ASN D 1281 -19.17 20.58 -62.90
N THR D 1282 -18.17 20.27 -62.07
CA THR D 1282 -17.04 21.21 -61.81
C THR D 1282 -15.83 20.88 -62.65
N MET D 1283 -15.59 19.61 -62.96
CA MET D 1283 -14.47 19.32 -63.86
C MET D 1283 -14.66 20.16 -65.14
N SER D 1284 -15.89 20.34 -65.58
CA SER D 1284 -16.24 21.10 -66.80
C SER D 1284 -16.10 22.60 -66.54
N ALA D 1285 -16.50 23.07 -65.37
CA ALA D 1285 -16.25 24.43 -64.85
C ALA D 1285 -14.77 24.83 -64.99
N TRP D 1286 -13.86 23.98 -64.52
CA TRP D 1286 -12.40 24.24 -64.52
C TRP D 1286 -11.85 24.24 -65.94
N VAL D 1287 -12.35 23.38 -66.82
CA VAL D 1287 -11.98 23.42 -68.26
C VAL D 1287 -12.39 24.75 -68.89
N ASN D 1288 -13.52 25.31 -68.47
CA ASN D 1288 -14.02 26.56 -69.06
C ASN D 1288 -13.26 27.73 -68.47
N MET D 1289 -12.97 27.61 -67.17
CA MET D 1289 -12.34 28.65 -66.34
C MET D 1289 -10.86 28.73 -66.70
N LEU D 1290 -10.22 27.66 -67.18
CA LEU D 1290 -8.76 27.65 -67.41
C LEU D 1290 -8.41 27.53 -68.88
N LEU D 1291 -9.29 27.08 -69.78
CA LEU D 1291 -8.94 26.99 -71.22
C LEU D 1291 -9.95 27.76 -72.08
N ILE D 1292 -11.19 27.28 -72.21
CA ILE D 1292 -12.07 27.57 -73.37
C ILE D 1292 -12.66 28.98 -73.26
N SER D 1293 -13.24 29.37 -72.13
CA SER D 1293 -13.98 30.65 -71.94
C SER D 1293 -15.16 30.76 -72.89
N SER D 1294 -15.77 29.61 -73.24
CA SER D 1294 -17.05 29.61 -73.99
C SER D 1294 -18.11 30.18 -73.07
N SER D 1295 -19.20 30.67 -73.67
CA SER D 1295 -20.48 30.99 -73.00
C SER D 1295 -21.57 30.13 -73.65
N GLY D 1296 -21.14 28.99 -74.18
CA GLY D 1296 -21.99 28.00 -74.86
C GLY D 1296 -22.55 26.98 -73.88
N PRO D 1297 -23.35 26.03 -74.39
CA PRO D 1297 -24.09 25.12 -73.54
C PRO D 1297 -23.16 24.42 -72.57
N ILE D 1298 -23.69 24.03 -71.44
CA ILE D 1298 -23.02 23.02 -70.57
C ILE D 1298 -24.14 22.11 -70.10
N LYS D 1299 -24.05 20.85 -70.49
CA LYS D 1299 -25.09 19.89 -70.16
C LYS D 1299 -24.37 18.66 -69.65
N THR D 1300 -24.14 18.58 -68.34
CA THR D 1300 -23.29 17.54 -67.73
C THR D 1300 -24.13 16.28 -67.48
N PRO D 1301 -23.90 15.13 -68.13
CA PRO D 1301 -24.55 13.89 -67.72
C PRO D 1301 -23.98 13.05 -66.58
N VAL D 1302 -24.85 12.25 -65.94
CA VAL D 1302 -24.48 11.15 -65.02
C VAL D 1302 -25.09 9.88 -65.56
N GLY D 1303 -24.27 8.93 -65.93
CA GLY D 1303 -24.75 7.77 -66.69
C GLY D 1303 -24.12 6.52 -66.14
N ALA D 1304 -23.69 6.56 -64.88
CA ALA D 1304 -22.77 5.55 -64.32
C ALA D 1304 -21.80 5.17 -65.44
N CYS D 1305 -21.78 3.90 -65.83
CA CYS D 1305 -20.74 3.28 -66.70
C CYS D 1305 -21.06 3.58 -68.17
N ALA D 1306 -22.18 4.24 -68.43
CA ALA D 1306 -22.61 4.68 -69.77
C ALA D 1306 -22.50 6.20 -69.94
N THR D 1307 -21.80 6.92 -69.05
CA THR D 1307 -21.90 8.39 -69.03
C THR D 1307 -21.26 8.95 -70.31
N SER D 1308 -20.28 8.24 -70.87
CA SER D 1308 -19.53 8.69 -72.06
C SER D 1308 -20.41 8.66 -73.29
N VAL D 1309 -21.12 7.55 -73.54
CA VAL D 1309 -22.05 7.42 -74.70
C VAL D 1309 -23.25 8.37 -74.55
N GLU D 1310 -23.83 8.52 -73.37
CA GLU D 1310 -24.83 9.56 -73.05
C GLU D 1310 -24.25 10.94 -73.36
N SER D 1311 -23.03 11.22 -72.89
CA SER D 1311 -22.28 12.47 -73.19
C SER D 1311 -22.31 12.76 -74.68
N VAL D 1312 -21.95 11.77 -75.49
CA VAL D 1312 -21.85 11.85 -76.98
C VAL D 1312 -23.23 12.23 -77.55
N ASP D 1313 -24.27 11.50 -77.12
CA ASP D 1313 -25.69 11.73 -77.47
C ASP D 1313 -26.07 13.17 -77.15
N ILE D 1314 -25.96 13.57 -75.91
CA ILE D 1314 -26.26 14.96 -75.46
C ILE D 1314 -25.48 15.92 -76.35
N GLY D 1315 -24.23 15.57 -76.66
CA GLY D 1315 -23.31 16.36 -77.50
C GLY D 1315 -23.83 16.58 -78.91
N VAL D 1316 -24.05 15.50 -79.66
CA VAL D 1316 -24.70 15.51 -81.00
C VAL D 1316 -25.97 16.36 -81.03
N GLU D 1317 -26.99 16.03 -80.22
CA GLU D 1317 -28.31 16.71 -80.21
C GLU D 1317 -28.16 18.18 -79.87
N THR D 1318 -27.12 18.55 -79.14
CA THR D 1318 -26.77 19.95 -78.88
C THR D 1318 -26.28 20.59 -80.18
N ILE D 1319 -25.54 19.86 -81.00
CA ILE D 1319 -25.04 20.41 -82.28
C ILE D 1319 -26.16 20.50 -83.30
N LEU D 1320 -27.08 19.55 -83.37
CA LEU D 1320 -28.17 19.57 -84.38
C LEU D 1320 -29.25 20.56 -83.96
N SER D 1321 -29.68 20.61 -82.72
CA SER D 1321 -30.50 21.74 -82.18
C SER D 1321 -30.04 23.12 -82.69
N GLY D 1322 -28.77 23.26 -83.06
CA GLY D 1322 -28.14 24.53 -83.45
C GLY D 1322 -27.83 25.40 -82.25
N LYS D 1323 -27.50 24.78 -81.12
CA LYS D 1323 -27.10 25.51 -79.88
C LYS D 1323 -25.58 25.64 -79.82
N ALA D 1324 -24.86 24.67 -80.35
CA ALA D 1324 -23.39 24.59 -80.36
C ALA D 1324 -22.90 24.06 -81.71
N ARG D 1325 -21.79 24.59 -82.18
CA ARG D 1325 -21.14 24.18 -83.44
C ARG D 1325 -20.04 23.19 -83.04
N ILE D 1326 -19.45 23.38 -81.86
CA ILE D 1326 -18.36 22.52 -81.28
C ILE D 1326 -18.80 22.09 -79.90
N CYS D 1327 -18.33 20.96 -79.43
CA CYS D 1327 -18.76 20.36 -78.14
C CYS D 1327 -17.63 19.46 -77.64
N ILE D 1328 -17.18 19.66 -76.43
CA ILE D 1328 -16.33 18.65 -75.75
C ILE D 1328 -17.32 17.62 -75.22
N VAL D 1329 -16.89 16.39 -75.22
CA VAL D 1329 -17.77 15.21 -75.01
C VAL D 1329 -16.85 14.19 -74.37
N GLY D 1330 -17.24 13.56 -73.29
CA GLY D 1330 -16.42 12.50 -72.70
C GLY D 1330 -16.88 12.14 -71.33
N GLY D 1331 -15.96 11.61 -70.56
CA GLY D 1331 -16.24 11.05 -69.23
C GLY D 1331 -14.96 10.84 -68.50
N TYR D 1332 -15.06 10.67 -67.20
CA TYR D 1332 -13.91 10.74 -66.29
C TYR D 1332 -14.38 10.21 -64.95
N ASP D 1333 -13.51 9.46 -64.28
CA ASP D 1333 -13.85 8.80 -63.00
C ASP D 1333 -12.57 8.37 -62.32
N ASP D 1334 -12.55 8.51 -60.99
CA ASP D 1334 -11.39 8.22 -60.11
C ASP D 1334 -11.74 6.98 -59.31
N PHE D 1335 -10.70 6.26 -58.90
CA PHE D 1335 -10.69 5.06 -58.04
C PHE D 1335 -10.25 5.59 -56.68
N GLN D 1336 -11.06 5.38 -55.64
CA GLN D 1336 -10.63 5.63 -54.25
C GLN D 1336 -11.05 4.44 -53.36
N GLU D 1337 -10.58 4.47 -52.12
CA GLU D 1337 -10.73 3.41 -51.09
C GLU D 1337 -12.19 2.95 -50.99
N GLU D 1338 -13.14 3.89 -51.07
CA GLU D 1338 -14.50 3.74 -50.49
C GLU D 1338 -15.44 3.17 -51.53
N GLY D 1339 -15.28 3.59 -52.79
CA GLY D 1339 -15.90 2.96 -53.96
C GLY D 1339 -15.36 1.56 -54.18
N SER D 1340 -14.03 1.35 -54.03
CA SER D 1340 -13.40 0.01 -54.17
C SER D 1340 -14.15 -0.98 -53.27
N PHE D 1341 -14.40 -0.53 -52.04
CA PHE D 1341 -15.04 -1.31 -50.95
C PHE D 1341 -16.50 -1.58 -51.29
N GLU D 1342 -17.20 -0.58 -51.78
CA GLU D 1342 -18.66 -0.63 -51.96
C GLU D 1342 -18.99 -1.50 -53.18
N PHE D 1343 -18.16 -1.47 -54.21
CA PHE D 1343 -18.25 -2.39 -55.36
C PHE D 1343 -17.92 -3.81 -54.91
N GLY D 1344 -17.10 -4.01 -53.89
CA GLY D 1344 -16.80 -5.34 -53.31
C GLY D 1344 -18.00 -5.93 -52.59
N ASN D 1345 -18.80 -5.09 -51.93
CA ASN D 1345 -19.98 -5.50 -51.13
C ASN D 1345 -21.15 -5.86 -52.05
N MET D 1346 -21.24 -5.21 -53.22
CA MET D 1346 -22.18 -5.52 -54.34
C MET D 1346 -21.74 -6.79 -55.11
N LYS D 1347 -20.51 -7.26 -54.90
CA LYS D 1347 -19.86 -8.43 -55.57
C LYS D 1347 -19.82 -8.21 -57.09
N ALA D 1348 -19.63 -6.95 -57.49
CA ALA D 1348 -19.44 -6.50 -58.88
C ALA D 1348 -18.00 -6.73 -59.34
N THR D 1349 -17.03 -6.45 -58.46
CA THR D 1349 -15.58 -6.51 -58.77
C THR D 1349 -15.07 -7.93 -58.55
N SER D 1350 -14.02 -8.33 -59.28
CA SER D 1350 -13.27 -9.59 -59.06
C SER D 1350 -12.60 -9.56 -57.66
N ASN D 1351 -12.93 -10.55 -56.83
CA ASN D 1351 -12.23 -10.84 -55.57
C ASN D 1351 -10.82 -11.31 -55.94
N THR D 1352 -9.79 -10.61 -55.46
CA THR D 1352 -8.39 -10.83 -55.87
C THR D 1352 -7.80 -12.09 -55.22
N LEU D 1353 -8.32 -12.55 -54.08
CA LEU D 1353 -7.77 -13.73 -53.34
C LEU D 1353 -8.24 -15.03 -54.00
N GLU D 1354 -9.50 -15.12 -54.44
CA GLU D 1354 -9.97 -16.16 -55.39
C GLU D 1354 -9.08 -16.13 -56.63
N GLU D 1355 -8.82 -14.95 -57.19
CA GLU D 1355 -8.06 -14.84 -58.46
C GLU D 1355 -6.71 -15.53 -58.30
N PHE D 1356 -6.06 -15.32 -57.15
CA PHE D 1356 -4.71 -15.85 -56.84
C PHE D 1356 -4.81 -17.36 -56.55
N GLU D 1357 -5.90 -17.84 -55.93
CA GLU D 1357 -6.14 -19.31 -55.78
C GLU D 1357 -6.03 -19.99 -57.16
N HIS D 1358 -6.68 -19.45 -58.18
CA HIS D 1358 -6.67 -19.93 -59.59
C HIS D 1358 -5.32 -19.66 -60.28
N GLY D 1359 -4.37 -19.05 -59.60
CA GLY D 1359 -3.04 -18.79 -60.16
C GLY D 1359 -3.09 -17.77 -61.28
N ARG D 1360 -4.00 -16.80 -61.18
CA ARG D 1360 -4.04 -15.62 -62.09
C ARG D 1360 -3.16 -14.51 -61.54
N THR D 1361 -2.34 -13.92 -62.41
CA THR D 1361 -1.57 -12.68 -62.15
C THR D 1361 -2.51 -11.49 -62.35
N PRO D 1362 -2.19 -10.28 -61.85
CA PRO D 1362 -3.08 -9.14 -62.00
C PRO D 1362 -3.40 -8.76 -63.46
N ALA D 1363 -2.47 -8.99 -64.39
CA ALA D 1363 -2.64 -8.72 -65.84
C ALA D 1363 -3.87 -9.45 -66.37
N GLU D 1364 -3.91 -10.78 -66.18
CA GLU D 1364 -4.96 -11.69 -66.72
C GLU D 1364 -6.17 -11.79 -65.79
N MET D 1365 -6.57 -10.71 -65.10
CA MET D 1365 -7.70 -10.72 -64.12
C MET D 1365 -8.95 -10.06 -64.73
N SER D 1366 -8.78 -9.20 -65.73
CA SER D 1366 -9.87 -8.72 -66.65
C SER D 1366 -9.87 -9.62 -67.88
N ARG D 1367 -10.88 -10.48 -68.01
CA ARG D 1367 -10.97 -11.42 -69.14
C ARG D 1367 -12.41 -11.53 -69.61
N PRO D 1368 -12.86 -10.58 -70.44
CA PRO D 1368 -14.22 -10.64 -70.98
C PRO D 1368 -14.47 -11.83 -71.90
N ALA D 1369 -15.74 -12.25 -71.99
CA ALA D 1369 -16.22 -13.28 -72.93
C ALA D 1369 -15.66 -14.64 -72.56
N THR D 1370 -15.03 -14.74 -71.40
CA THR D 1370 -14.23 -15.90 -70.96
C THR D 1370 -15.15 -16.77 -70.10
N THR D 1371 -14.93 -18.07 -70.10
CA THR D 1371 -15.65 -19.07 -69.27
C THR D 1371 -15.59 -18.70 -67.79
N THR D 1372 -14.43 -18.23 -67.34
CA THR D 1372 -14.00 -18.12 -65.93
C THR D 1372 -14.14 -16.69 -65.38
N ARG D 1373 -14.72 -15.78 -66.15
CA ARG D 1373 -14.84 -14.36 -65.77
C ARG D 1373 -15.69 -14.27 -64.51
N ASN D 1374 -15.31 -13.39 -63.59
CA ASN D 1374 -15.82 -13.41 -62.19
C ASN D 1374 -15.85 -11.98 -61.62
N GLY D 1375 -16.11 -10.98 -62.44
CA GLY D 1375 -16.23 -9.60 -61.97
C GLY D 1375 -15.24 -8.70 -62.66
N PHE D 1376 -15.48 -7.39 -62.58
CA PHE D 1376 -14.77 -6.37 -63.37
C PHE D 1376 -13.58 -5.82 -62.60
N MET D 1377 -12.73 -5.10 -63.31
CA MET D 1377 -11.49 -4.52 -62.75
C MET D 1377 -11.65 -3.02 -62.66
N GLU D 1378 -11.75 -2.46 -61.46
CA GLU D 1378 -11.93 -1.00 -61.28
C GLU D 1378 -10.68 -0.30 -61.83
N ALA D 1379 -10.85 0.77 -62.58
CA ALA D 1379 -9.78 1.64 -63.13
C ALA D 1379 -10.13 3.11 -62.96
N GLN D 1380 -9.24 3.99 -63.38
CA GLN D 1380 -9.40 5.44 -63.24
C GLN D 1380 -8.90 6.13 -64.50
N GLY D 1381 -9.33 7.37 -64.71
CA GLY D 1381 -8.81 8.25 -65.76
C GLY D 1381 -9.93 8.98 -66.47
N ALA D 1382 -9.65 9.57 -67.63
CA ALA D 1382 -10.63 10.36 -68.39
C ALA D 1382 -10.46 10.07 -69.87
N GLY D 1383 -11.55 10.19 -70.62
CA GLY D 1383 -11.51 10.29 -72.09
C GLY D 1383 -12.16 11.58 -72.57
N ILE D 1384 -11.61 12.18 -73.60
CA ILE D 1384 -12.25 13.37 -74.19
C ILE D 1384 -12.21 13.25 -75.70
N GLN D 1385 -13.29 13.66 -76.34
CA GLN D 1385 -13.43 13.82 -77.80
C GLN D 1385 -13.85 15.25 -78.07
N ILE D 1386 -13.38 15.80 -79.18
CA ILE D 1386 -13.96 17.06 -79.68
C ILE D 1386 -14.85 16.71 -80.86
N ILE D 1387 -16.10 17.17 -80.89
CA ILE D 1387 -17.04 16.94 -82.02
C ILE D 1387 -17.50 18.27 -82.59
N MET D 1388 -17.69 18.34 -83.89
CA MET D 1388 -18.09 19.57 -84.60
C MET D 1388 -19.09 19.20 -85.69
N GLN D 1389 -19.78 20.20 -86.22
CA GLN D 1389 -20.34 20.15 -87.60
C GLN D 1389 -19.21 19.81 -88.59
N ALA D 1390 -19.46 18.96 -89.58
CA ALA D 1390 -18.46 18.60 -90.61
C ALA D 1390 -18.16 19.83 -91.46
N ASP D 1391 -19.16 20.70 -91.65
CA ASP D 1391 -19.09 21.98 -92.37
C ASP D 1391 -17.98 22.82 -91.75
N LEU D 1392 -18.00 22.92 -90.42
CA LEU D 1392 -17.04 23.71 -89.63
C LEU D 1392 -15.68 23.05 -89.71
N ALA D 1393 -15.63 21.73 -89.64
CA ALA D 1393 -14.38 20.96 -89.61
C ALA D 1393 -13.62 21.18 -90.91
N LEU D 1394 -14.33 21.27 -92.03
CA LEU D 1394 -13.71 21.39 -93.38
C LEU D 1394 -13.26 22.83 -93.60
N LYS D 1395 -13.99 23.79 -93.05
CA LYS D 1395 -13.62 25.22 -93.03
C LYS D 1395 -12.34 25.41 -92.19
N MET D 1396 -12.25 24.86 -90.99
CA MET D 1396 -11.11 25.05 -90.06
C MET D 1396 -9.92 24.23 -90.56
N GLY D 1397 -10.13 23.30 -91.46
CA GLY D 1397 -9.08 22.30 -91.75
C GLY D 1397 -8.54 21.68 -90.48
N VAL D 1398 -9.43 21.15 -89.62
CA VAL D 1398 -9.05 20.21 -88.53
C VAL D 1398 -9.13 18.81 -89.07
N PRO D 1399 -8.34 17.87 -88.54
CA PRO D 1399 -8.42 16.47 -88.97
C PRO D 1399 -9.78 15.95 -88.52
N ILE D 1400 -10.23 14.90 -89.17
CA ILE D 1400 -11.59 14.31 -89.00
C ILE D 1400 -11.34 12.84 -88.85
N TYR D 1401 -11.55 12.29 -87.65
CA TYR D 1401 -11.07 10.93 -87.29
C TYR D 1401 -12.15 9.93 -87.59
N GLY D 1402 -13.41 10.38 -87.52
CA GLY D 1402 -14.60 9.61 -87.92
C GLY D 1402 -15.84 10.47 -87.98
N ILE D 1403 -16.93 9.86 -88.44
CA ILE D 1403 -18.29 10.45 -88.43
C ILE D 1403 -19.12 9.76 -87.36
N VAL D 1404 -19.73 10.50 -86.43
CA VAL D 1404 -20.66 9.94 -85.43
C VAL D 1404 -22.01 9.86 -86.09
N ALA D 1405 -22.29 8.70 -86.67
CA ALA D 1405 -23.45 8.49 -87.54
C ALA D 1405 -24.68 8.44 -86.64
N MET D 1406 -24.61 7.61 -85.60
CA MET D 1406 -25.72 7.42 -84.61
C MET D 1406 -25.14 7.51 -83.20
N ALA D 1407 -25.97 7.95 -82.24
CA ALA D 1407 -25.72 7.84 -80.79
C ALA D 1407 -27.05 7.87 -80.03
N ALA D 1408 -27.25 6.94 -79.11
CA ALA D 1408 -28.55 6.63 -78.48
C ALA D 1408 -28.34 6.17 -77.04
N THR D 1409 -29.41 6.30 -76.26
CA THR D 1409 -29.54 5.86 -74.85
C THR D 1409 -30.93 5.24 -74.69
N ALA D 1410 -31.04 4.22 -73.86
CA ALA D 1410 -32.29 3.49 -73.61
C ALA D 1410 -32.25 2.91 -72.20
N THR D 1411 -33.33 3.16 -71.46
CA THR D 1411 -33.71 2.44 -70.23
C THR D 1411 -34.13 1.00 -70.59
N ASP D 1412 -34.32 0.15 -69.58
CA ASP D 1412 -34.82 -1.24 -69.71
C ASP D 1412 -36.27 -1.22 -69.23
N LYS D 1413 -36.68 -2.08 -68.29
CA LYS D 1413 -38.10 -2.32 -67.93
C LYS D 1413 -38.28 -2.34 -66.41
N ILE D 1414 -39.53 -2.55 -65.98
CA ILE D 1414 -39.89 -2.89 -64.57
C ILE D 1414 -38.93 -3.96 -64.05
N GLY D 1415 -38.38 -3.71 -62.87
CA GLY D 1415 -37.47 -4.62 -62.15
C GLY D 1415 -37.21 -4.11 -60.75
N ARG D 1416 -36.44 -4.84 -59.96
CA ARG D 1416 -36.11 -4.47 -58.56
C ARG D 1416 -34.60 -4.60 -58.33
N SER D 1417 -33.79 -4.34 -59.37
CA SER D 1417 -32.33 -4.54 -59.40
C SER D 1417 -31.65 -3.48 -60.29
N VAL D 1418 -31.11 -2.44 -59.66
CA VAL D 1418 -30.47 -1.25 -60.32
C VAL D 1418 -29.22 -1.67 -61.08
N PRO D 1419 -28.38 -2.62 -60.59
CA PRO D 1419 -27.16 -3.00 -61.31
C PRO D 1419 -27.29 -4.11 -62.38
N ALA D 1420 -28.49 -4.65 -62.61
CA ALA D 1420 -28.77 -5.68 -63.64
C ALA D 1420 -28.82 -5.03 -65.02
N PRO D 1421 -27.98 -5.45 -66.00
CA PRO D 1421 -28.04 -4.89 -67.35
C PRO D 1421 -29.30 -5.43 -68.06
N GLY D 1422 -29.77 -4.74 -69.10
CA GLY D 1422 -30.96 -5.15 -69.86
C GLY D 1422 -30.80 -4.91 -71.35
N LYS D 1423 -31.91 -4.86 -72.09
CA LYS D 1423 -31.93 -4.97 -73.58
C LYS D 1423 -32.58 -3.74 -74.23
N GLY D 1424 -32.87 -2.68 -73.48
CA GLY D 1424 -33.58 -1.50 -74.00
C GLY D 1424 -32.88 -0.86 -75.19
N ILE D 1425 -31.59 -1.13 -75.39
CA ILE D 1425 -30.84 -0.54 -76.53
C ILE D 1425 -31.13 -1.29 -77.83
N LEU D 1426 -31.78 -2.47 -77.80
CA LEU D 1426 -32.37 -3.17 -78.99
C LEU D 1426 -33.26 -2.25 -79.84
N THR D 1427 -33.90 -1.25 -79.23
CA THR D 1427 -34.82 -0.30 -79.89
C THR D 1427 -34.08 0.57 -80.93
N THR D 1428 -32.76 0.41 -81.11
CA THR D 1428 -32.00 1.11 -82.17
C THR D 1428 -32.12 0.32 -83.48
N ALA D 1429 -32.55 -0.93 -83.41
CA ALA D 1429 -32.76 -1.82 -84.57
C ALA D 1429 -34.27 -1.97 -84.81
N ARG D 1430 -35.09 -1.13 -84.19
CA ARG D 1430 -36.56 -1.32 -84.29
C ARG D 1430 -36.90 -1.02 -85.73
N GLU D 1431 -37.41 -2.02 -86.46
CA GLU D 1431 -38.16 -1.69 -87.69
C GLU D 1431 -39.32 -2.64 -87.90
N HIS D 1432 -40.20 -2.22 -88.80
CA HIS D 1432 -41.46 -2.89 -89.20
C HIS D 1432 -41.23 -3.75 -90.44
N HIS D 1433 -41.64 -5.01 -90.39
CA HIS D 1433 -41.39 -6.07 -91.41
C HIS D 1433 -42.70 -6.78 -91.79
N SER D 1434 -43.86 -6.15 -91.62
CA SER D 1434 -45.18 -6.68 -92.07
C SER D 1434 -45.20 -6.67 -93.61
N SER D 1435 -44.90 -5.49 -94.18
CA SER D 1435 -45.00 -5.15 -95.63
C SER D 1435 -43.60 -5.05 -96.25
N VAL D 1436 -42.97 -6.21 -96.51
CA VAL D 1436 -41.49 -6.36 -96.78
C VAL D 1436 -41.27 -7.14 -98.10
N LYS D 1437 -42.27 -7.14 -98.99
CA LYS D 1437 -42.27 -7.92 -100.25
C LYS D 1437 -41.47 -7.13 -101.32
N TYR D 1438 -41.81 -5.85 -101.51
CA TYR D 1438 -41.17 -4.92 -102.47
C TYR D 1438 -40.25 -3.95 -101.72
N ALA D 1439 -39.28 -3.36 -102.44
CA ALA D 1439 -38.26 -2.43 -101.92
C ALA D 1439 -38.90 -1.09 -101.55
N SER D 1440 -38.34 -0.42 -100.53
CA SER D 1440 -38.54 1.02 -100.20
C SER D 1440 -37.68 1.84 -101.16
N PRO D 1441 -38.24 2.78 -101.97
CA PRO D 1441 -37.42 3.62 -102.84
C PRO D 1441 -36.63 4.67 -102.03
N ASN D 1442 -37.07 4.96 -100.80
CA ASN D 1442 -36.46 5.90 -99.83
C ASN D 1442 -35.06 5.41 -99.42
N LEU D 1443 -34.80 4.09 -99.41
CA LEU D 1443 -33.46 3.53 -99.05
C LEU D 1443 -32.45 3.74 -100.19
N ASN D 1444 -32.92 3.69 -101.43
CA ASN D 1444 -32.08 3.86 -102.66
C ASN D 1444 -31.68 5.33 -102.79
N MET D 1445 -30.37 5.62 -102.73
CA MET D 1445 -29.79 6.98 -102.73
C MET D 1445 -30.08 7.69 -104.05
N LYS D 1446 -30.09 6.96 -105.15
CA LYS D 1446 -30.34 7.52 -106.52
C LYS D 1446 -31.67 8.28 -106.52
N TYR D 1447 -32.75 7.60 -106.14
CA TYR D 1447 -34.10 8.18 -105.96
C TYR D 1447 -33.99 9.47 -105.16
N ARG D 1448 -33.39 9.38 -103.97
CA ARG D 1448 -33.33 10.49 -102.98
C ARG D 1448 -32.62 11.70 -103.60
N LYS D 1449 -31.67 11.48 -104.52
CA LYS D 1449 -30.90 12.57 -105.16
C LYS D 1449 -31.76 13.21 -106.23
N ARG D 1450 -32.44 12.41 -107.05
CA ARG D 1450 -33.38 12.88 -108.09
C ARG D 1450 -34.41 13.83 -107.46
N GLN D 1451 -34.92 13.49 -106.27
CA GLN D 1451 -35.94 14.30 -105.56
C GLN D 1451 -35.33 15.65 -105.16
N LEU D 1452 -34.07 15.64 -104.71
CA LEU D 1452 -33.34 16.86 -104.27
C LEU D 1452 -33.10 17.75 -105.50
N VAL D 1453 -32.63 17.17 -106.60
CA VAL D 1453 -32.33 17.91 -107.86
C VAL D 1453 -33.56 18.73 -108.27
N THR D 1454 -34.73 18.07 -108.30
CA THR D 1454 -36.07 18.68 -108.52
C THR D 1454 -36.23 19.86 -107.57
N ARG D 1455 -36.14 19.59 -106.27
CA ARG D 1455 -36.42 20.57 -105.19
C ARG D 1455 -35.47 21.78 -105.29
N GLU D 1456 -34.23 21.59 -105.76
CA GLU D 1456 -33.22 22.67 -105.93
C GLU D 1456 -33.68 23.60 -107.05
N ALA D 1457 -34.23 23.04 -108.14
CA ALA D 1457 -34.83 23.78 -109.27
C ALA D 1457 -35.93 24.71 -108.76
N GLN D 1458 -36.84 24.18 -107.93
CA GLN D 1458 -37.96 24.94 -107.32
C GLN D 1458 -37.41 26.14 -106.52
N ILE D 1459 -36.24 26.00 -105.88
CA ILE D 1459 -35.64 27.09 -105.04
C ILE D 1459 -35.00 28.14 -105.96
N LYS D 1460 -34.18 27.70 -106.92
CA LYS D 1460 -33.69 28.51 -108.06
C LYS D 1460 -34.82 29.44 -108.55
N ASP D 1461 -35.97 28.87 -108.94
CA ASP D 1461 -37.19 29.63 -109.34
C ASP D 1461 -37.58 30.59 -108.22
N TRP D 1462 -37.75 30.06 -107.01
CA TRP D 1462 -38.19 30.85 -105.82
C TRP D 1462 -37.34 32.12 -105.64
N VAL D 1463 -36.05 32.12 -105.99
CA VAL D 1463 -35.14 33.28 -105.73
C VAL D 1463 -35.25 34.29 -106.88
N GLU D 1464 -35.37 33.86 -108.15
CA GLU D 1464 -35.74 34.78 -109.27
C GLU D 1464 -36.95 35.62 -108.81
N ASN D 1465 -38.02 34.94 -108.36
CA ASN D 1465 -39.37 35.51 -108.10
C ASN D 1465 -39.37 36.39 -106.84
N GLU D 1466 -38.35 36.31 -105.99
CA GLU D 1466 -38.21 37.17 -104.77
C GLU D 1466 -37.22 38.32 -105.00
N LEU D 1467 -36.42 38.29 -106.08
CA LEU D 1467 -35.57 39.43 -106.57
C LEU D 1467 -36.41 40.29 -107.53
N GLU D 1468 -37.23 39.64 -108.35
CA GLU D 1468 -38.30 40.25 -109.18
C GLU D 1468 -39.15 41.19 -108.31
N ALA D 1469 -39.65 40.69 -107.17
CA ALA D 1469 -40.57 41.40 -106.25
C ALA D 1469 -39.84 42.43 -105.39
N LEU D 1470 -38.53 42.28 -105.16
CA LEU D 1470 -37.66 43.26 -104.42
C LEU D 1470 -37.33 44.48 -105.30
N LYS D 1471 -37.22 44.28 -106.62
CA LYS D 1471 -36.95 45.35 -107.63
C LYS D 1471 -38.22 46.23 -107.79
N LEU D 1472 -39.42 45.71 -107.45
CA LEU D 1472 -40.72 46.45 -107.43
C LEU D 1472 -41.04 47.01 -106.03
N GLU D 1473 -40.11 46.97 -105.08
CA GLU D 1473 -40.19 47.69 -103.78
C GLU D 1473 -39.12 48.80 -103.70
N ALA D 1474 -38.02 48.68 -104.45
CA ALA D 1474 -36.89 49.66 -104.49
C ALA D 1474 -37.34 50.97 -105.15
N GLU D 1475 -38.16 50.87 -106.21
CA GLU D 1475 -38.72 51.99 -107.03
C GLU D 1475 -39.46 53.01 -106.13
N GLU D 1476 -40.29 52.52 -105.20
CA GLU D 1476 -41.15 53.33 -104.27
C GLU D 1476 -40.28 54.13 -103.27
N ILE D 1477 -39.04 53.68 -103.01
CA ILE D 1477 -38.04 54.32 -102.09
C ILE D 1477 -37.25 55.38 -102.89
N PRO D 1478 -36.92 56.55 -102.28
CA PRO D 1478 -36.00 57.52 -102.90
C PRO D 1478 -34.63 56.90 -103.24
N SER D 1479 -34.08 57.24 -104.42
CA SER D 1479 -32.88 56.60 -105.03
C SER D 1479 -31.57 56.92 -104.27
N GLU D 1480 -31.62 57.74 -103.20
CA GLU D 1480 -30.47 58.09 -102.30
C GLU D 1480 -30.16 56.94 -101.33
N ASP D 1481 -31.20 56.34 -100.71
CA ASP D 1481 -31.13 55.39 -99.55
C ASP D 1481 -31.79 54.04 -99.92
N GLN D 1482 -31.91 53.71 -101.22
CA GLN D 1482 -32.42 52.40 -101.71
C GLN D 1482 -31.23 51.44 -101.83
N ASN D 1483 -29.99 51.93 -101.69
CA ASN D 1483 -28.79 51.05 -101.58
C ASN D 1483 -28.87 50.28 -100.26
N GLU D 1484 -29.25 50.94 -99.15
CA GLU D 1484 -29.28 50.30 -97.79
C GLU D 1484 -30.47 49.34 -97.65
N PHE D 1485 -31.63 49.68 -98.22
CA PHE D 1485 -32.82 48.78 -98.34
C PHE D 1485 -32.43 47.47 -99.06
N LEU D 1486 -31.65 47.56 -100.14
CA LEU D 1486 -31.29 46.41 -101.01
C LEU D 1486 -30.22 45.53 -100.34
N LEU D 1487 -29.24 46.12 -99.64
CA LEU D 1487 -28.18 45.36 -98.90
C LEU D 1487 -28.82 44.51 -97.81
N GLU D 1488 -29.81 45.08 -97.10
CA GLU D 1488 -30.58 44.41 -96.01
C GLU D 1488 -31.47 43.30 -96.57
N ARG D 1489 -32.02 43.45 -97.79
CA ARG D 1489 -33.07 42.53 -98.33
C ARG D 1489 -32.51 41.54 -99.37
N THR D 1490 -31.34 41.80 -99.99
CA THR D 1490 -30.62 40.77 -100.80
C THR D 1490 -29.90 39.80 -99.85
N ARG D 1491 -29.65 40.24 -98.61
CA ARG D 1491 -29.02 39.49 -97.49
C ARG D 1491 -30.05 38.56 -96.84
N GLU D 1492 -31.30 39.02 -96.70
CA GLU D 1492 -32.45 38.21 -96.22
C GLU D 1492 -32.71 37.07 -97.22
N ILE D 1493 -32.78 37.36 -98.54
CA ILE D 1493 -33.12 36.37 -99.60
C ILE D 1493 -31.97 35.36 -99.77
N HIS D 1494 -30.72 35.77 -99.54
CA HIS D 1494 -29.55 34.85 -99.49
C HIS D 1494 -29.87 33.76 -98.46
N ASN D 1495 -29.98 34.15 -97.18
CA ASN D 1495 -30.32 33.29 -96.02
C ASN D 1495 -31.54 32.40 -96.31
N GLU D 1496 -32.67 32.97 -96.75
CA GLU D 1496 -33.97 32.25 -96.90
C GLU D 1496 -33.90 31.20 -98.03
N ALA D 1497 -32.88 31.29 -98.89
CA ALA D 1497 -32.61 30.33 -100.00
C ALA D 1497 -31.64 29.26 -99.52
N GLU D 1498 -30.65 29.65 -98.71
CA GLU D 1498 -29.70 28.72 -98.04
C GLU D 1498 -30.53 27.80 -97.13
N SER D 1499 -31.31 28.40 -96.25
CA SER D 1499 -32.23 27.73 -95.30
C SER D 1499 -33.08 26.69 -96.03
N GLN D 1500 -33.53 26.97 -97.26
CA GLN D 1500 -34.39 26.05 -98.05
C GLN D 1500 -33.57 24.95 -98.72
N LEU D 1501 -32.34 25.26 -99.14
CA LEU D 1501 -31.43 24.29 -99.79
C LEU D 1501 -31.00 23.24 -98.75
N ARG D 1502 -30.74 23.67 -97.50
CA ARG D 1502 -30.30 22.79 -96.39
C ARG D 1502 -31.49 21.93 -95.95
N ALA D 1503 -32.66 22.53 -95.79
CA ALA D 1503 -33.92 21.85 -95.39
C ALA D 1503 -34.20 20.69 -96.34
N ALA D 1504 -33.82 20.86 -97.60
CA ALA D 1504 -34.05 19.90 -98.70
C ALA D 1504 -33.02 18.80 -98.60
N GLN D 1505 -31.77 19.16 -98.26
CA GLN D 1505 -30.64 18.22 -98.05
C GLN D 1505 -30.94 17.34 -96.82
N GLN D 1506 -31.33 17.97 -95.73
CA GLN D 1506 -31.83 17.29 -94.50
C GLN D 1506 -33.01 16.38 -94.84
N GLN D 1507 -33.91 16.75 -95.76
CA GLN D 1507 -35.14 15.96 -96.06
C GLN D 1507 -34.78 14.66 -96.80
N TRP D 1508 -33.72 14.68 -97.62
CA TRP D 1508 -33.40 13.60 -98.59
C TRP D 1508 -32.01 12.99 -98.36
N GLY D 1509 -31.13 13.65 -97.58
CA GLY D 1509 -29.73 13.20 -97.38
C GLY D 1509 -29.48 12.68 -95.98
N ASN D 1510 -29.85 13.46 -94.95
CA ASN D 1510 -29.52 13.20 -93.53
C ASN D 1510 -30.69 12.53 -92.79
N ASP D 1511 -31.90 13.08 -92.89
CA ASP D 1511 -33.10 12.68 -92.10
C ASP D 1511 -34.17 12.06 -93.01
N PHE D 1512 -33.79 11.15 -93.91
CA PHE D 1512 -34.75 10.54 -94.86
C PHE D 1512 -35.51 9.38 -94.23
N TYR D 1513 -35.14 8.96 -93.01
CA TYR D 1513 -35.61 7.69 -92.40
C TYR D 1513 -36.35 7.97 -91.10
N LYS D 1514 -36.47 9.23 -90.69
CA LYS D 1514 -36.92 9.57 -89.31
C LYS D 1514 -38.44 9.44 -89.17
N ARG D 1515 -39.18 9.40 -90.28
CA ARG D 1515 -40.64 9.15 -90.32
C ARG D 1515 -40.99 7.78 -90.90
N ASP D 1516 -40.01 7.01 -91.40
CA ASP D 1516 -40.23 5.65 -91.99
C ASP D 1516 -40.07 4.62 -90.88
N PRO D 1517 -41.15 3.89 -90.49
CA PRO D 1517 -41.02 2.74 -89.61
C PRO D 1517 -40.50 1.45 -90.28
N ARG D 1518 -40.26 1.46 -91.59
CA ARG D 1518 -39.60 0.33 -92.30
C ARG D 1518 -38.08 0.50 -92.33
N ILE D 1519 -37.54 1.53 -91.65
CA ILE D 1519 -36.07 1.76 -91.54
C ILE D 1519 -35.72 1.99 -90.06
N ALA D 1520 -34.93 1.08 -89.51
CA ALA D 1520 -34.32 1.17 -88.17
C ALA D 1520 -33.38 2.35 -88.14
N PRO D 1521 -33.29 3.04 -86.99
CA PRO D 1521 -32.26 4.06 -86.77
C PRO D 1521 -30.84 3.64 -87.17
N LEU D 1522 -30.46 2.42 -86.79
CA LEU D 1522 -29.11 1.86 -87.00
C LEU D 1522 -28.87 1.69 -88.49
N ARG D 1523 -29.90 1.35 -89.27
CA ARG D 1523 -29.79 1.03 -90.71
C ARG D 1523 -29.73 2.34 -91.48
N GLY D 1524 -30.61 3.28 -91.14
CA GLY D 1524 -30.66 4.62 -91.76
C GLY D 1524 -29.35 5.34 -91.55
N ALA D 1525 -28.89 5.42 -90.30
CA ALA D 1525 -27.59 5.98 -89.89
C ALA D 1525 -26.51 5.61 -90.91
N LEU D 1526 -26.41 4.33 -91.20
CA LEU D 1526 -25.35 3.81 -92.08
C LEU D 1526 -25.75 4.07 -93.52
N ALA D 1527 -27.04 4.02 -93.87
CA ALA D 1527 -27.56 4.13 -95.26
C ALA D 1527 -27.33 5.53 -95.85
N THR D 1528 -27.13 6.55 -95.01
CA THR D 1528 -26.86 7.91 -95.47
C THR D 1528 -25.50 8.04 -96.15
N TYR D 1529 -24.61 7.06 -96.06
CA TYR D 1529 -23.30 7.05 -96.74
C TYR D 1529 -23.30 5.90 -97.76
N GLY D 1530 -24.47 5.34 -98.01
CA GLY D 1530 -24.58 4.11 -98.83
C GLY D 1530 -23.89 2.91 -98.24
N LEU D 1531 -23.80 2.79 -96.91
CA LEU D 1531 -23.35 1.54 -96.24
C LEU D 1531 -24.58 0.68 -95.89
N THR D 1532 -24.39 -0.63 -95.97
CA THR D 1532 -25.36 -1.66 -95.52
C THR D 1532 -25.08 -2.01 -94.06
N ILE D 1533 -25.93 -2.83 -93.48
CA ILE D 1533 -25.72 -3.38 -92.12
C ILE D 1533 -24.48 -4.26 -92.13
N ASP D 1534 -24.10 -4.80 -93.30
CA ASP D 1534 -22.95 -5.73 -93.48
C ASP D 1534 -21.60 -5.01 -93.47
N ASP D 1535 -21.55 -3.69 -93.28
CA ASP D 1535 -20.29 -2.92 -93.26
C ASP D 1535 -19.98 -2.44 -91.84
N LEU D 1536 -20.80 -2.83 -90.86
CA LEU D 1536 -20.56 -2.56 -89.43
C LEU D 1536 -19.60 -3.62 -88.93
N GLY D 1537 -18.30 -3.44 -89.17
CA GLY D 1537 -17.30 -4.52 -89.12
C GLY D 1537 -16.87 -4.96 -87.72
N VAL D 1538 -16.88 -4.07 -86.77
CA VAL D 1538 -16.29 -4.29 -85.43
C VAL D 1538 -17.29 -3.79 -84.39
N ALA D 1539 -17.38 -4.47 -83.26
CA ALA D 1539 -18.23 -4.03 -82.14
C ALA D 1539 -17.36 -4.00 -80.89
N SER D 1540 -17.00 -2.80 -80.45
CA SER D 1540 -16.36 -2.50 -79.17
C SER D 1540 -17.46 -2.75 -78.14
N PHE D 1541 -17.29 -3.80 -77.35
CA PHE D 1541 -18.22 -4.28 -76.30
C PHE D 1541 -17.79 -3.73 -74.94
N HIS D 1542 -18.77 -3.26 -74.16
CA HIS D 1542 -18.62 -2.85 -72.74
C HIS D 1542 -17.78 -3.90 -72.02
N GLY D 1543 -18.17 -5.18 -72.14
CA GLY D 1543 -17.29 -6.34 -71.86
C GLY D 1543 -16.50 -6.17 -70.56
N THR D 1544 -17.20 -6.18 -69.44
CA THR D 1544 -16.67 -5.75 -68.14
C THR D 1544 -15.88 -6.90 -67.47
N SER D 1545 -16.12 -8.14 -67.88
CA SER D 1545 -15.56 -9.39 -67.29
C SER D 1545 -16.49 -9.83 -66.16
N THR D 1546 -17.76 -9.49 -66.29
CA THR D 1546 -18.84 -9.94 -65.39
C THR D 1546 -19.60 -11.04 -66.13
N LYS D 1547 -20.21 -11.94 -65.34
CA LYS D 1547 -21.07 -13.05 -65.81
C LYS D 1547 -22.21 -12.50 -66.67
N ALA D 1548 -23.00 -11.59 -66.10
CA ALA D 1548 -24.26 -11.08 -66.69
C ALA D 1548 -24.01 -10.21 -67.91
N ASN D 1549 -23.15 -9.20 -67.81
CA ASN D 1549 -22.90 -8.16 -68.84
C ASN D 1549 -22.50 -8.76 -70.20
N ASP D 1550 -21.62 -9.77 -70.21
CA ASP D 1550 -20.86 -10.21 -71.41
C ASP D 1550 -21.67 -11.25 -72.18
N LYS D 1551 -22.70 -11.80 -71.56
CA LYS D 1551 -23.77 -12.58 -72.25
C LYS D 1551 -24.89 -11.64 -72.71
N ASN D 1552 -25.36 -10.75 -71.83
CA ASN D 1552 -26.43 -9.79 -72.16
C ASN D 1552 -25.98 -8.92 -73.33
N GLU D 1553 -24.71 -8.58 -73.47
CA GLU D 1553 -24.26 -7.65 -74.55
C GLU D 1553 -24.18 -8.39 -75.89
N SER D 1554 -23.51 -9.52 -75.90
CA SER D 1554 -23.43 -10.50 -77.00
C SER D 1554 -24.82 -10.81 -77.53
N ALA D 1555 -25.76 -11.09 -76.63
CA ALA D 1555 -27.17 -11.40 -76.96
C ALA D 1555 -27.85 -10.21 -77.66
N THR D 1556 -27.64 -8.95 -77.25
CA THR D 1556 -28.35 -7.81 -77.89
C THR D 1556 -27.71 -7.52 -79.24
N ILE D 1557 -26.39 -7.59 -79.34
CA ILE D 1557 -25.68 -7.39 -80.65
C ILE D 1557 -26.19 -8.45 -81.62
N ASN D 1558 -26.43 -9.65 -81.16
CA ASN D 1558 -26.76 -10.78 -82.02
C ASN D 1558 -28.20 -10.60 -82.49
N GLU D 1559 -29.03 -9.93 -81.70
CA GLU D 1559 -30.46 -9.78 -82.03
C GLU D 1559 -30.67 -8.51 -82.88
N MET D 1560 -29.88 -7.45 -82.73
CA MET D 1560 -29.86 -6.32 -83.71
C MET D 1560 -29.52 -6.88 -85.09
N MET D 1561 -28.47 -7.69 -85.15
CA MET D 1561 -27.84 -8.13 -86.40
C MET D 1561 -28.77 -9.13 -87.07
N LYS D 1562 -29.59 -9.85 -86.31
CA LYS D 1562 -30.51 -10.87 -86.86
C LYS D 1562 -31.68 -10.16 -87.52
N HIS D 1563 -32.18 -9.12 -86.85
CA HIS D 1563 -33.41 -8.37 -87.23
C HIS D 1563 -33.14 -7.47 -88.42
N LEU D 1564 -31.88 -7.11 -88.69
CA LEU D 1564 -31.52 -6.24 -89.85
C LEU D 1564 -30.90 -7.09 -90.96
N GLY D 1565 -31.07 -8.40 -90.94
CA GLY D 1565 -30.62 -9.26 -92.03
C GLY D 1565 -29.18 -8.99 -92.44
N ARG D 1566 -28.29 -8.83 -91.47
CA ARG D 1566 -26.88 -9.27 -91.55
C ARG D 1566 -26.80 -10.54 -92.41
N SER D 1567 -25.80 -10.67 -93.26
CA SER D 1567 -25.58 -11.93 -93.98
C SER D 1567 -25.18 -12.99 -92.95
N GLU D 1568 -25.83 -14.15 -92.98
CA GLU D 1568 -25.39 -15.37 -92.27
C GLU D 1568 -23.96 -15.64 -92.73
N GLY D 1569 -23.03 -15.75 -91.80
CA GLY D 1569 -21.59 -15.94 -92.08
C GLY D 1569 -20.79 -14.64 -92.08
N ASN D 1570 -21.37 -13.52 -91.62
CA ASN D 1570 -20.69 -12.20 -91.55
C ASN D 1570 -20.77 -11.67 -90.14
N PRO D 1571 -20.09 -12.28 -89.17
CA PRO D 1571 -20.25 -11.85 -87.80
C PRO D 1571 -19.46 -10.56 -87.62
N VAL D 1572 -19.96 -9.66 -86.78
CA VAL D 1572 -19.15 -8.52 -86.27
C VAL D 1572 -18.03 -9.11 -85.41
N ILE D 1573 -16.88 -8.46 -85.44
CA ILE D 1573 -15.73 -8.84 -84.61
C ILE D 1573 -15.82 -8.03 -83.33
N GLY D 1574 -15.86 -8.70 -82.19
CA GLY D 1574 -15.82 -8.06 -80.87
C GLY D 1574 -14.43 -7.53 -80.59
N VAL D 1575 -14.34 -6.41 -79.86
CA VAL D 1575 -13.09 -5.97 -79.18
C VAL D 1575 -13.44 -5.66 -77.73
N PHE D 1576 -12.54 -6.04 -76.82
CA PHE D 1576 -12.83 -6.06 -75.38
C PHE D 1576 -11.69 -5.34 -74.68
N GLN D 1577 -11.55 -4.04 -74.95
CA GLN D 1577 -10.36 -3.23 -74.59
C GLN D 1577 -10.16 -3.20 -73.06
N LYS D 1578 -11.20 -3.48 -72.29
CA LYS D 1578 -11.15 -3.48 -70.81
C LYS D 1578 -10.25 -4.59 -70.31
N PHE D 1579 -9.84 -5.53 -71.16
CA PHE D 1579 -8.91 -6.62 -70.72
C PHE D 1579 -7.59 -5.99 -70.27
N LEU D 1580 -7.29 -4.84 -70.86
CA LEU D 1580 -5.98 -4.18 -70.84
C LEU D 1580 -6.04 -3.02 -69.86
N THR D 1581 -7.15 -2.28 -69.84
CA THR D 1581 -7.29 -1.00 -69.10
C THR D 1581 -8.08 -1.16 -67.81
N GLY D 1582 -8.93 -2.19 -67.70
CA GLY D 1582 -9.93 -2.27 -66.63
C GLY D 1582 -11.05 -1.27 -66.89
N HIS D 1583 -12.06 -1.29 -66.04
CA HIS D 1583 -13.33 -0.58 -66.19
C HIS D 1583 -13.30 0.72 -65.41
N PRO D 1584 -13.19 1.90 -66.07
CA PRO D 1584 -13.12 3.18 -65.38
C PRO D 1584 -14.47 3.91 -65.25
N LYS D 1585 -15.42 3.13 -64.79
CA LYS D 1585 -16.87 3.28 -64.95
C LYS D 1585 -17.20 4.50 -65.82
N GLY D 1586 -17.28 5.73 -65.33
CA GLY D 1586 -17.73 6.86 -66.19
C GLY D 1586 -16.93 7.06 -67.47
N ALA D 1587 -15.64 6.72 -67.51
CA ALA D 1587 -14.75 6.95 -68.67
C ALA D 1587 -14.82 5.80 -69.66
N ALA D 1588 -15.62 4.79 -69.39
CA ALA D 1588 -15.50 3.47 -70.04
C ALA D 1588 -15.65 3.65 -71.55
N GLY D 1589 -16.69 4.38 -71.95
CA GLY D 1589 -17.17 4.54 -73.33
C GLY D 1589 -16.33 5.54 -74.11
N ALA D 1590 -15.72 6.52 -73.44
CA ALA D 1590 -14.72 7.42 -74.06
C ALA D 1590 -13.48 6.61 -74.47
N TRP D 1591 -12.98 5.70 -73.67
CA TRP D 1591 -11.83 4.85 -74.07
C TRP D 1591 -12.21 3.89 -75.20
N MET D 1592 -13.42 3.37 -75.15
CA MET D 1592 -13.95 2.49 -76.22
C MET D 1592 -14.01 3.26 -77.53
N MET D 1593 -14.39 4.55 -77.45
CA MET D 1593 -14.54 5.47 -78.62
C MET D 1593 -13.14 5.88 -79.18
N ASN D 1594 -12.25 6.44 -78.39
CA ASN D 1594 -10.83 6.62 -78.77
C ASN D 1594 -10.37 5.35 -79.48
N GLY D 1595 -10.52 4.18 -78.86
CA GLY D 1595 -10.05 2.89 -79.41
C GLY D 1595 -10.61 2.58 -80.78
N ALA D 1596 -11.87 2.94 -81.01
CA ALA D 1596 -12.68 2.66 -82.22
C ALA D 1596 -12.24 3.54 -83.38
N LEU D 1597 -11.95 4.82 -83.09
CA LEU D 1597 -11.37 5.74 -84.10
C LEU D 1597 -9.97 5.28 -84.49
N GLN D 1598 -9.22 4.63 -83.61
CA GLN D 1598 -7.85 4.14 -83.91
C GLN D 1598 -8.00 2.91 -84.81
N ILE D 1599 -8.97 2.05 -84.51
CA ILE D 1599 -9.30 0.86 -85.35
C ILE D 1599 -9.69 1.38 -86.72
N LEU D 1600 -10.49 2.45 -86.76
CA LEU D 1600 -11.08 2.97 -88.03
C LEU D 1600 -10.00 3.40 -88.99
N ASN D 1601 -9.04 4.17 -88.49
CA ASN D 1601 -8.00 4.86 -89.30
C ASN D 1601 -6.75 4.00 -89.47
N SER D 1602 -6.74 2.75 -89.02
CA SER D 1602 -5.62 1.77 -89.24
C SER D 1602 -6.12 0.49 -89.92
N GLY D 1603 -7.36 0.10 -89.66
CA GLY D 1603 -7.92 -1.23 -89.96
C GLY D 1603 -7.14 -2.31 -89.26
N ILE D 1604 -6.70 -2.02 -88.03
CA ILE D 1604 -6.09 -2.99 -87.10
C ILE D 1604 -7.13 -3.25 -86.03
N ILE D 1605 -7.56 -4.49 -85.87
CA ILE D 1605 -8.53 -4.88 -84.81
C ILE D 1605 -7.72 -5.55 -83.72
N PRO D 1606 -7.53 -4.93 -82.55
CA PRO D 1606 -6.81 -5.58 -81.48
C PRO D 1606 -7.61 -6.74 -80.87
N GLY D 1607 -6.91 -7.80 -80.47
CA GLY D 1607 -7.46 -9.02 -79.83
C GLY D 1607 -7.43 -8.98 -78.32
N ASN D 1608 -8.52 -9.38 -77.66
CA ASN D 1608 -8.58 -9.73 -76.21
C ASN D 1608 -7.49 -10.74 -75.98
N ARG D 1609 -6.31 -10.32 -75.54
CA ARG D 1609 -5.17 -11.23 -75.27
C ARG D 1609 -5.41 -12.02 -73.97
N ASN D 1610 -6.50 -11.83 -73.25
CA ASN D 1610 -6.83 -12.63 -72.06
C ASN D 1610 -7.99 -13.57 -72.34
N ALA D 1611 -8.47 -13.63 -73.57
CA ALA D 1611 -9.48 -14.61 -73.99
C ALA D 1611 -8.73 -15.92 -74.18
N ASP D 1612 -8.54 -16.63 -73.06
CA ASP D 1612 -7.98 -18.00 -72.95
C ASP D 1612 -8.92 -18.94 -73.69
N ASN D 1613 -10.19 -18.88 -73.32
CA ASN D 1613 -11.23 -19.88 -73.64
C ASN D 1613 -12.60 -19.17 -73.65
N VAL D 1614 -13.23 -19.14 -74.81
CA VAL D 1614 -14.46 -18.33 -74.99
C VAL D 1614 -15.63 -19.20 -74.55
N ASP D 1615 -16.52 -18.61 -73.76
CA ASP D 1615 -17.59 -19.31 -73.02
C ASP D 1615 -18.38 -20.12 -74.04
N LYS D 1616 -18.54 -21.41 -73.84
CA LYS D 1616 -19.36 -22.26 -74.74
C LYS D 1616 -20.75 -21.65 -74.92
N ILE D 1617 -21.22 -20.86 -73.95
CA ILE D 1617 -22.58 -20.25 -73.96
C ILE D 1617 -22.68 -19.26 -75.11
N LEU D 1618 -21.54 -18.74 -75.57
CA LEU D 1618 -21.48 -17.67 -76.59
C LEU D 1618 -21.38 -18.22 -78.02
N GLU D 1619 -21.45 -19.53 -78.25
CA GLU D 1619 -21.41 -20.11 -79.63
C GLU D 1619 -22.82 -20.07 -80.23
N GLN D 1620 -23.84 -19.85 -79.39
CA GLN D 1620 -25.24 -19.70 -79.84
C GLN D 1620 -25.36 -18.36 -80.59
N PHE D 1621 -24.42 -17.47 -80.39
CA PHE D 1621 -24.38 -16.15 -81.05
C PHE D 1621 -23.50 -16.22 -82.29
N GLU D 1622 -24.09 -16.78 -83.33
CA GLU D 1622 -23.56 -16.92 -84.71
C GLU D 1622 -22.99 -15.60 -85.23
N TYR D 1623 -23.57 -14.44 -84.88
CA TYR D 1623 -23.21 -13.13 -85.48
C TYR D 1623 -22.12 -12.38 -84.70
N VAL D 1624 -21.42 -13.01 -83.77
CA VAL D 1624 -20.28 -12.38 -83.08
C VAL D 1624 -19.08 -13.29 -83.17
N LEU D 1625 -17.90 -12.72 -83.44
CA LEU D 1625 -16.60 -13.42 -83.34
C LEU D 1625 -15.79 -12.80 -82.20
N TYR D 1626 -15.07 -13.62 -81.43
CA TYR D 1626 -14.31 -13.23 -80.24
C TYR D 1626 -12.81 -13.48 -80.42
N PRO D 1627 -12.06 -12.63 -81.16
CA PRO D 1627 -10.64 -12.88 -81.44
C PRO D 1627 -9.66 -12.61 -80.30
N SER D 1628 -8.61 -13.44 -80.20
CA SER D 1628 -7.55 -13.41 -79.15
C SER D 1628 -6.28 -12.82 -79.70
N LYS D 1629 -6.21 -12.52 -81.00
CA LYS D 1629 -5.02 -11.86 -81.59
C LYS D 1629 -5.39 -10.68 -82.46
N THR D 1630 -4.40 -9.85 -82.74
CA THR D 1630 -4.55 -8.61 -83.55
C THR D 1630 -4.68 -9.02 -85.01
N LEU D 1631 -5.68 -8.45 -85.67
CA LEU D 1631 -6.04 -8.73 -87.08
C LEU D 1631 -5.81 -7.46 -87.86
N LYS D 1632 -4.89 -7.49 -88.82
CA LYS D 1632 -4.60 -6.30 -89.64
C LYS D 1632 -5.36 -6.51 -90.93
N THR D 1633 -6.42 -5.72 -91.13
CA THR D 1633 -7.42 -5.86 -92.21
C THR D 1633 -7.13 -4.91 -93.37
N ASP D 1634 -7.84 -5.11 -94.49
CA ASP D 1634 -7.84 -4.25 -95.71
C ASP D 1634 -8.69 -2.99 -95.47
N GLY D 1635 -9.41 -2.91 -94.36
CA GLY D 1635 -10.07 -1.68 -93.88
C GLY D 1635 -11.33 -1.98 -93.06
N VAL D 1636 -11.70 -1.04 -92.20
CA VAL D 1636 -12.93 -1.08 -91.36
C VAL D 1636 -13.73 0.17 -91.72
N ARG D 1637 -15.00 0.01 -92.07
CA ARG D 1637 -15.86 1.09 -92.57
C ARG D 1637 -16.66 1.70 -91.41
N ALA D 1638 -16.92 0.92 -90.35
CA ALA D 1638 -17.82 1.32 -89.25
C ALA D 1638 -17.66 0.46 -88.00
N VAL D 1639 -17.84 1.06 -86.83
CA VAL D 1639 -17.61 0.43 -85.51
C VAL D 1639 -18.77 0.78 -84.61
N SER D 1640 -19.40 -0.22 -83.98
CA SER D 1640 -20.39 -0.03 -82.89
C SER D 1640 -19.63 0.12 -81.58
N ILE D 1641 -20.15 0.93 -80.67
CA ILE D 1641 -19.65 1.14 -79.28
C ILE D 1641 -20.88 1.04 -78.41
N THR D 1642 -20.94 0.03 -77.54
CA THR D 1642 -22.10 -0.28 -76.68
C THR D 1642 -21.66 -0.16 -75.24
N SER D 1643 -22.35 0.65 -74.44
CA SER D 1643 -22.06 0.84 -73.00
C SER D 1643 -23.35 0.62 -72.22
N PHE D 1644 -23.33 -0.36 -71.31
CA PHE D 1644 -24.39 -0.66 -70.30
C PHE D 1644 -23.96 -0.06 -68.97
N GLY D 1645 -24.85 0.69 -68.34
CA GLY D 1645 -24.66 1.37 -67.05
C GLY D 1645 -25.49 0.73 -65.94
N PHE D 1646 -25.14 1.07 -64.70
CA PHE D 1646 -25.99 0.87 -63.49
C PHE D 1646 -27.17 1.84 -63.63
N GLY D 1647 -28.35 1.40 -63.24
CA GLY D 1647 -29.56 2.25 -63.29
C GLY D 1647 -30.17 2.27 -64.67
N GLN D 1648 -30.08 1.15 -65.38
CA GLN D 1648 -30.89 0.87 -66.62
C GLN D 1648 -30.50 1.91 -67.68
N LYS D 1649 -29.29 1.80 -68.18
CA LYS D 1649 -28.60 2.94 -68.83
C LYS D 1649 -27.75 2.35 -69.96
N GLY D 1650 -28.43 1.82 -70.95
CA GLY D 1650 -27.85 1.44 -72.25
C GLY D 1650 -27.51 2.64 -73.11
N GLY D 1651 -26.61 2.38 -74.06
CA GLY D 1651 -26.04 3.34 -75.03
C GLY D 1651 -25.51 2.61 -76.24
N GLN D 1652 -25.66 3.17 -77.44
CA GLN D 1652 -24.94 2.71 -78.66
C GLN D 1652 -24.48 3.94 -79.44
N ALA D 1653 -23.31 3.86 -80.05
CA ALA D 1653 -22.81 4.83 -81.05
C ALA D 1653 -22.22 4.07 -82.24
N ILE D 1654 -22.59 4.42 -83.47
CA ILE D 1654 -21.89 3.98 -84.71
C ILE D 1654 -20.96 5.10 -85.14
N VAL D 1655 -19.72 4.76 -85.41
CA VAL D 1655 -18.69 5.67 -85.95
C VAL D 1655 -18.36 5.16 -87.35
N VAL D 1656 -18.60 5.97 -88.36
CA VAL D 1656 -18.31 5.63 -89.78
C VAL D 1656 -16.96 6.23 -90.16
N HIS D 1657 -16.12 5.46 -90.85
CA HIS D 1657 -14.83 5.89 -91.42
C HIS D 1657 -14.93 7.26 -92.09
N PRO D 1658 -14.03 8.21 -91.80
CA PRO D 1658 -14.16 9.53 -92.38
C PRO D 1658 -14.00 9.70 -93.89
N ASP D 1659 -13.53 8.71 -94.63
CA ASP D 1659 -13.45 8.84 -96.12
C ASP D 1659 -14.84 8.86 -96.75
N TYR D 1660 -15.91 8.58 -96.01
CA TYR D 1660 -17.31 8.60 -96.50
C TYR D 1660 -17.81 10.04 -96.49
N LEU D 1661 -17.15 10.92 -95.74
CA LEU D 1661 -17.55 12.34 -95.68
C LEU D 1661 -17.19 12.96 -97.01
N TYR D 1662 -16.01 12.62 -97.53
CA TYR D 1662 -15.34 13.42 -98.57
C TYR D 1662 -15.97 13.09 -99.92
N GLY D 1663 -16.72 12.00 -100.02
CA GLY D 1663 -17.55 11.73 -101.20
C GLY D 1663 -18.66 12.76 -101.42
N ALA D 1664 -19.11 13.43 -100.36
CA ALA D 1664 -20.21 14.43 -100.36
C ALA D 1664 -19.75 15.82 -100.79
N ILE D 1665 -18.47 16.05 -101.04
CA ILE D 1665 -17.95 17.42 -101.33
C ILE D 1665 -17.22 17.40 -102.67
N THR D 1666 -17.02 18.58 -103.26
CA THR D 1666 -16.35 18.79 -104.57
C THR D 1666 -14.83 18.63 -104.46
N GLU D 1667 -14.18 18.29 -105.57
CA GLU D 1667 -12.71 18.18 -105.68
C GLU D 1667 -12.04 19.51 -105.28
N ASP D 1668 -12.59 20.68 -105.60
CA ASP D 1668 -11.95 21.97 -105.22
C ASP D 1668 -11.94 22.13 -103.70
N ARG D 1669 -13.10 21.89 -103.09
CA ARG D 1669 -13.30 22.00 -101.63
C ARG D 1669 -12.40 21.02 -100.89
N TYR D 1670 -12.32 19.79 -101.37
CA TYR D 1670 -11.49 18.75 -100.74
C TYR D 1670 -10.02 19.17 -100.79
N ASN D 1671 -9.53 19.51 -101.97
CA ASN D 1671 -8.12 19.92 -102.19
C ASN D 1671 -7.82 21.14 -101.32
N GLU D 1672 -8.74 22.09 -101.17
CA GLU D 1672 -8.59 23.28 -100.28
C GLU D 1672 -8.41 22.80 -98.83
N TYR D 1673 -9.34 21.98 -98.32
CA TYR D 1673 -9.32 21.35 -96.97
C TYR D 1673 -8.02 20.60 -96.75
N VAL D 1674 -7.63 19.70 -97.66
CA VAL D 1674 -6.38 18.88 -97.51
C VAL D 1674 -5.20 19.78 -97.17
N ALA D 1675 -5.00 20.84 -97.95
CA ALA D 1675 -3.90 21.81 -97.77
C ALA D 1675 -3.97 22.37 -96.36
N LYS D 1676 -5.16 22.85 -96.02
CA LYS D 1676 -5.42 23.57 -94.74
C LYS D 1676 -5.04 22.68 -93.55
N VAL D 1677 -5.16 21.36 -93.67
CA VAL D 1677 -4.97 20.36 -92.57
C VAL D 1677 -3.50 20.02 -92.50
N SER D 1678 -2.92 19.70 -93.64
CA SER D 1678 -1.48 19.45 -93.82
C SER D 1678 -0.68 20.57 -93.14
N ALA D 1679 -1.12 21.82 -93.23
CA ALA D 1679 -0.49 22.98 -92.54
C ALA D 1679 -0.66 22.88 -91.03
N ARG D 1680 -1.89 22.68 -90.57
CA ARG D 1680 -2.26 22.50 -89.15
C ARG D 1680 -1.45 21.42 -88.48
N GLU D 1681 -1.23 20.31 -89.18
CA GLU D 1681 -0.67 19.10 -88.55
C GLU D 1681 0.79 19.39 -88.25
N LYS D 1682 1.48 20.09 -89.17
CA LYS D 1682 2.86 20.58 -88.94
C LYS D 1682 2.87 21.50 -87.72
N SER D 1683 2.11 22.60 -87.72
CA SER D 1683 1.94 23.50 -86.56
C SER D 1683 1.70 22.75 -85.24
N ALA D 1684 0.77 21.83 -85.20
CA ALA D 1684 0.44 20.99 -84.03
C ALA D 1684 1.68 20.23 -83.58
N TYR D 1685 2.47 19.67 -84.51
CA TYR D 1685 3.70 18.89 -84.17
C TYR D 1685 4.73 19.84 -83.54
N LYS D 1686 5.00 20.96 -84.19
CA LYS D 1686 5.76 22.08 -83.62
C LYS D 1686 5.37 22.29 -82.17
N PHE D 1687 4.10 22.41 -81.89
CA PHE D 1687 3.58 22.75 -80.55
C PHE D 1687 3.78 21.57 -79.60
N PHE D 1688 3.35 20.39 -80.01
CA PHE D 1688 3.46 19.17 -79.21
C PHE D 1688 4.86 19.03 -78.64
N HIS D 1689 5.88 18.95 -79.49
CA HIS D 1689 7.28 18.63 -79.07
C HIS D 1689 7.87 19.76 -78.24
N ASN D 1690 7.58 20.99 -78.60
CA ASN D 1690 7.94 22.15 -77.74
C ASN D 1690 7.35 21.98 -76.32
N GLY D 1691 6.05 21.85 -76.18
CA GLY D 1691 5.37 21.66 -74.88
C GLY D 1691 5.79 20.40 -74.14
N MET D 1692 6.27 19.39 -74.85
CA MET D 1692 6.62 18.09 -74.22
C MET D 1692 7.93 18.29 -73.46
N ILE D 1693 8.98 18.75 -74.15
CA ILE D 1693 10.31 18.94 -73.54
C ILE D 1693 10.31 20.11 -72.54
N TYR D 1694 9.47 21.14 -72.67
CA TYR D 1694 9.47 22.30 -71.73
C TYR D 1694 8.30 22.24 -70.73
N ASN D 1695 7.56 21.15 -70.63
CA ASN D 1695 6.51 20.92 -69.59
C ASN D 1695 5.52 22.08 -69.61
N LYS D 1696 4.86 22.25 -70.74
CA LYS D 1696 4.14 23.47 -71.15
C LYS D 1696 3.03 23.17 -72.16
N LEU D 1697 2.61 21.91 -72.32
CA LEU D 1697 1.47 21.52 -73.21
C LEU D 1697 0.22 22.25 -72.75
N PHE D 1698 -0.05 22.21 -71.45
CA PHE D 1698 -1.16 22.92 -70.79
C PHE D 1698 -0.73 24.36 -70.51
N VAL D 1699 -1.49 25.34 -71.00
CA VAL D 1699 -1.21 26.77 -70.70
C VAL D 1699 -2.52 27.42 -70.25
N SER D 1700 -2.73 27.56 -68.93
CA SER D 1700 -3.95 28.21 -68.39
C SER D 1700 -4.04 29.63 -68.98
N LYS D 1701 -5.25 30.04 -69.34
CA LYS D 1701 -5.51 31.35 -69.92
C LYS D 1701 -5.77 32.24 -68.73
N GLU D 1702 -5.14 33.41 -68.67
CA GLU D 1702 -5.27 34.35 -67.52
C GLU D 1702 -6.51 35.21 -67.72
N HIS D 1703 -6.63 35.80 -68.90
CA HIS D 1703 -7.77 36.67 -69.32
C HIS D 1703 -8.63 35.92 -70.32
N ALA D 1704 -9.92 36.24 -70.35
CA ALA D 1704 -10.87 35.84 -71.41
C ALA D 1704 -10.50 36.51 -72.73
N PRO D 1705 -11.04 36.09 -73.89
CA PRO D 1705 -10.75 36.77 -75.14
C PRO D 1705 -11.32 38.20 -75.18
N TYR D 1706 -12.30 38.52 -74.34
CA TYR D 1706 -12.90 39.88 -74.20
C TYR D 1706 -12.41 40.50 -72.89
N THR D 1707 -12.38 41.83 -72.85
CA THR D 1707 -12.23 42.64 -71.61
C THR D 1707 -13.61 42.75 -70.93
N ASP D 1708 -13.65 43.11 -69.64
CA ASP D 1708 -14.88 43.23 -68.82
C ASP D 1708 -15.83 44.27 -69.41
N GLU D 1709 -15.31 45.29 -70.10
CA GLU D 1709 -16.10 46.39 -70.73
C GLU D 1709 -16.80 45.88 -72.00
N LEU D 1710 -16.16 44.98 -72.75
CA LEU D 1710 -16.72 44.34 -73.98
C LEU D 1710 -17.44 43.01 -73.67
N GLU D 1711 -17.41 42.51 -72.44
CA GLU D 1711 -18.06 41.24 -72.03
C GLU D 1711 -19.47 41.13 -72.64
N GLU D 1712 -20.35 42.10 -72.36
CA GLU D 1712 -21.79 42.05 -72.68
C GLU D 1712 -22.02 42.27 -74.17
N ASP D 1713 -21.34 43.25 -74.77
CA ASP D 1713 -21.40 43.60 -76.23
C ASP D 1713 -21.03 42.39 -77.07
N VAL D 1714 -19.98 41.68 -76.72
CA VAL D 1714 -19.63 40.38 -77.37
C VAL D 1714 -20.78 39.39 -77.18
N TYR D 1715 -21.25 39.12 -75.96
CA TYR D 1715 -22.33 38.13 -75.68
C TYR D 1715 -23.57 38.40 -76.56
N LEU D 1716 -23.86 39.67 -76.83
CA LEU D 1716 -25.08 40.13 -77.50
C LEU D 1716 -24.90 40.28 -79.03
N ASP D 1717 -23.69 40.13 -79.57
CA ASP D 1717 -23.47 40.07 -81.04
C ASP D 1717 -23.26 38.61 -81.43
N PRO D 1718 -24.14 38.01 -82.27
CA PRO D 1718 -23.87 36.70 -82.87
C PRO D 1718 -22.60 36.61 -83.72
N LEU D 1719 -22.23 37.74 -84.35
CA LEU D 1719 -21.28 37.76 -85.49
C LEU D 1719 -19.90 38.21 -85.01
N ALA D 1720 -19.80 38.76 -83.80
CA ALA D 1720 -18.52 39.09 -83.14
C ALA D 1720 -17.61 37.87 -83.18
N ARG D 1721 -16.47 37.98 -83.88
CA ARG D 1721 -15.35 37.01 -83.87
C ARG D 1721 -14.11 37.70 -83.31
N VAL D 1722 -13.00 36.96 -83.25
CA VAL D 1722 -11.77 37.30 -82.51
C VAL D 1722 -10.67 37.48 -83.56
N SER D 1723 -9.94 38.59 -83.48
CA SER D 1723 -8.84 38.99 -84.39
C SER D 1723 -7.52 38.73 -83.67
N LYS D 1724 -6.40 38.64 -84.40
CA LYS D 1724 -5.04 38.70 -83.80
C LYS D 1724 -4.78 40.15 -83.35
N ASP D 1725 -4.51 40.37 -82.06
CA ASP D 1725 -4.15 41.70 -81.50
C ASP D 1725 -2.77 42.09 -82.06
N LYS D 1726 -2.60 43.36 -82.43
CA LYS D 1726 -1.39 43.90 -83.10
C LYS D 1726 -0.19 43.74 -82.16
N LYS D 1727 -0.29 44.27 -80.94
CA LYS D 1727 0.79 44.34 -79.92
C LYS D 1727 1.09 42.94 -79.36
N SER D 1728 0.17 42.39 -78.56
CA SER D 1728 0.35 41.16 -77.74
C SER D 1728 0.50 39.90 -78.61
N GLY D 1729 -0.13 39.84 -79.78
CA GLY D 1729 -0.10 38.68 -80.70
C GLY D 1729 -1.13 37.62 -80.32
N SER D 1730 -1.92 37.85 -79.27
CA SER D 1730 -2.97 36.92 -78.74
C SER D 1730 -4.35 37.31 -79.29
N LEU D 1731 -5.19 36.32 -79.53
CA LEU D 1731 -6.53 36.44 -80.16
C LEU D 1731 -7.50 37.12 -79.19
N THR D 1732 -8.04 38.31 -79.53
CA THR D 1732 -8.95 39.10 -78.67
C THR D 1732 -10.05 39.78 -79.50
N PHE D 1733 -11.21 40.05 -78.90
CA PHE D 1733 -12.32 40.86 -79.47
C PHE D 1733 -11.93 42.34 -79.42
N ASN D 1734 -11.82 42.94 -80.61
CA ASN D 1734 -11.66 44.40 -80.86
C ASN D 1734 -13.06 45.03 -80.83
N SER D 1735 -13.21 46.22 -80.25
CA SER D 1735 -14.48 46.99 -80.19
C SER D 1735 -14.98 47.38 -81.60
N LYS D 1736 -14.10 47.36 -82.62
CA LYS D 1736 -14.41 47.69 -84.04
C LYS D 1736 -15.21 46.58 -84.73
N ASN D 1737 -14.88 45.32 -84.44
CA ASN D 1737 -15.52 44.10 -85.01
C ASN D 1737 -16.80 43.72 -84.22
N ILE D 1738 -17.30 44.57 -83.33
CA ILE D 1738 -18.50 44.32 -82.49
C ILE D 1738 -19.62 45.27 -82.94
N GLN D 1739 -20.74 44.68 -83.37
CA GLN D 1739 -21.95 45.34 -83.91
C GLN D 1739 -21.54 46.13 -85.17
N SER D 1740 -20.81 45.44 -86.06
CA SER D 1740 -20.08 45.98 -87.24
C SER D 1740 -20.89 45.70 -88.50
N LYS D 1741 -20.95 46.69 -89.41
CA LYS D 1741 -21.60 46.59 -90.75
C LYS D 1741 -20.91 45.50 -91.62
N ASP D 1742 -19.60 45.27 -91.46
CA ASP D 1742 -18.77 44.39 -92.35
C ASP D 1742 -19.04 42.89 -92.07
N SER D 1743 -19.42 42.53 -90.83
CA SER D 1743 -19.79 41.15 -90.41
C SER D 1743 -21.03 40.68 -91.19
N TYR D 1744 -22.10 41.47 -91.17
CA TYR D 1744 -23.45 41.16 -91.75
C TYR D 1744 -23.40 41.27 -93.28
N ILE D 1745 -22.90 42.40 -93.79
CA ILE D 1745 -22.89 42.80 -95.24
C ILE D 1745 -21.55 42.37 -95.86
N ASN D 1746 -21.47 41.10 -96.26
CA ASN D 1746 -20.26 40.47 -96.87
C ASN D 1746 -20.17 40.92 -98.33
N ALA D 1747 -19.12 40.49 -99.05
CA ALA D 1747 -18.80 40.89 -100.45
C ALA D 1747 -19.96 40.58 -101.42
N ASN D 1748 -20.73 39.49 -101.20
CA ASN D 1748 -21.79 38.98 -102.11
C ASN D 1748 -23.02 39.91 -102.12
N THR D 1749 -23.50 40.39 -100.95
CA THR D 1749 -24.70 41.28 -100.85
C THR D 1749 -24.36 42.71 -101.27
N ILE D 1750 -23.08 43.09 -101.34
CA ILE D 1750 -22.60 44.40 -101.92
C ILE D 1750 -22.82 44.38 -103.44
N GLU D 1751 -22.38 43.31 -104.13
CA GLU D 1751 -22.32 43.20 -105.61
C GLU D 1751 -23.62 42.58 -106.19
N THR D 1752 -24.58 42.20 -105.34
CA THR D 1752 -25.95 41.69 -105.70
C THR D 1752 -26.97 42.83 -105.50
N ALA D 1753 -26.80 43.66 -104.46
CA ALA D 1753 -27.55 44.92 -104.20
C ALA D 1753 -27.11 46.03 -105.14
N LYS D 1754 -25.92 45.93 -105.77
CA LYS D 1754 -25.44 46.83 -106.84
C LYS D 1754 -26.11 46.47 -108.19
N MET D 1755 -26.34 45.18 -108.46
CA MET D 1755 -26.83 44.65 -109.77
C MET D 1755 -28.32 44.97 -109.96
N ILE D 1756 -29.14 44.78 -108.92
CA ILE D 1756 -30.62 45.05 -108.96
C ILE D 1756 -30.92 46.49 -108.48
N GLU D 1757 -29.87 47.29 -108.23
CA GLU D 1757 -29.91 48.80 -108.15
C GLU D 1757 -29.64 49.39 -109.55
N ASN D 1758 -28.98 48.63 -110.45
CA ASN D 1758 -28.69 49.02 -111.87
C ASN D 1758 -29.93 48.88 -112.77
N MET D 1759 -30.97 48.12 -112.35
CA MET D 1759 -32.19 47.85 -113.17
C MET D 1759 -33.49 48.28 -112.44
N THR D 1760 -33.43 49.30 -111.56
CA THR D 1760 -34.57 49.78 -110.71
C THR D 1760 -35.18 51.03 -111.36
N LYS D 1761 -35.55 50.91 -112.65
CA LYS D 1761 -36.12 51.97 -113.55
C LYS D 1761 -35.16 53.17 -113.66
N GLU D 1762 -34.02 52.96 -114.32
CA GLU D 1762 -32.99 54.00 -114.65
C GLU D 1762 -32.28 53.57 -115.95
N LYS D 1763 -31.75 52.34 -115.98
CA LYS D 1763 -31.05 51.69 -117.14
C LYS D 1763 -32.07 50.88 -117.98
N VAL D 1764 -33.29 50.64 -117.46
CA VAL D 1764 -34.33 49.74 -118.07
C VAL D 1764 -35.49 50.60 -118.62
N SER D 1765 -35.18 51.79 -119.15
CA SER D 1765 -36.13 52.77 -119.74
C SER D 1765 -36.74 52.21 -121.06
N ASN D 1766 -35.89 51.69 -121.97
CA ASN D 1766 -36.27 51.07 -123.29
C ASN D 1766 -35.35 49.86 -123.59
N GLY D 1767 -35.31 48.87 -122.68
CA GLY D 1767 -34.47 47.66 -122.78
C GLY D 1767 -35.02 46.49 -121.97
N GLY D 1768 -35.31 45.36 -122.63
CA GLY D 1768 -35.76 44.09 -122.01
C GLY D 1768 -34.67 43.46 -121.14
N VAL D 1769 -35.03 42.99 -119.93
CA VAL D 1769 -34.11 42.52 -118.85
C VAL D 1769 -34.26 41.00 -118.66
N GLY D 1770 -33.32 40.42 -117.89
CA GLY D 1770 -33.30 38.98 -117.57
C GLY D 1770 -32.52 38.71 -116.29
N VAL D 1771 -33.24 38.41 -115.21
CA VAL D 1771 -32.68 37.89 -113.91
C VAL D 1771 -32.67 36.35 -114.00
N ASP D 1772 -31.52 35.73 -113.76
CA ASP D 1772 -31.38 34.26 -113.62
C ASP D 1772 -30.37 33.92 -112.50
N VAL D 1773 -30.86 33.25 -111.44
CA VAL D 1773 -30.03 32.64 -110.36
C VAL D 1773 -29.87 31.16 -110.69
N GLU D 1774 -28.72 30.57 -110.33
CA GLU D 1774 -28.41 29.11 -110.41
C GLU D 1774 -27.61 28.72 -109.16
N LEU D 1775 -28.12 27.76 -108.36
CA LEU D 1775 -27.44 27.30 -107.11
C LEU D 1775 -26.20 26.47 -107.48
N ILE D 1776 -25.11 26.64 -106.72
CA ILE D 1776 -23.76 26.04 -106.97
C ILE D 1776 -23.85 24.50 -106.99
N THR D 1777 -24.67 23.88 -106.12
CA THR D 1777 -24.80 22.40 -105.94
C THR D 1777 -25.43 21.74 -107.18
N SER D 1778 -26.27 22.45 -107.94
CA SER D 1778 -26.94 21.99 -109.19
C SER D 1778 -25.98 22.06 -110.41
N ILE D 1779 -24.75 22.59 -110.23
CA ILE D 1779 -23.62 22.50 -111.22
C ILE D 1779 -22.73 21.29 -110.82
N ASN D 1780 -22.51 20.35 -111.75
CA ASN D 1780 -21.49 19.27 -111.71
C ASN D 1780 -20.38 19.62 -112.72
N VAL D 1781 -19.13 19.71 -112.24
CA VAL D 1781 -17.88 20.08 -112.99
C VAL D 1781 -17.32 18.84 -113.74
N GLU D 1782 -17.38 17.64 -113.12
CA GLU D 1782 -16.83 16.37 -113.67
C GLU D 1782 -17.83 15.69 -114.63
N ASN D 1783 -19.08 16.17 -114.70
CA ASN D 1783 -20.09 15.84 -115.75
C ASN D 1783 -19.75 16.66 -117.02
N ASP D 1784 -19.02 16.05 -117.97
CA ASP D 1784 -18.36 16.70 -119.15
C ASP D 1784 -19.27 16.69 -120.40
N THR D 1785 -20.44 16.03 -120.35
CA THR D 1785 -21.52 16.10 -121.38
C THR D 1785 -22.20 17.48 -121.30
N PHE D 1786 -22.46 17.97 -120.08
CA PHE D 1786 -23.04 19.31 -119.78
C PHE D 1786 -22.00 20.42 -120.12
N ILE D 1787 -20.72 20.23 -119.74
CA ILE D 1787 -19.65 21.28 -119.75
C ILE D 1787 -19.13 21.50 -121.18
N GLU D 1788 -19.01 20.45 -122.01
CA GLU D 1788 -18.61 20.55 -123.45
C GLU D 1788 -19.69 21.29 -124.27
N ARG D 1789 -20.95 20.83 -124.19
CA ARG D 1789 -22.10 21.23 -125.05
C ARG D 1789 -22.53 22.69 -124.85
N ASN D 1790 -22.46 23.20 -123.60
CA ASN D 1790 -23.07 24.49 -123.17
C ASN D 1790 -22.02 25.59 -122.90
N PHE D 1791 -20.71 25.27 -122.96
CA PHE D 1791 -19.59 26.22 -122.71
C PHE D 1791 -18.58 26.18 -123.87
N THR D 1792 -17.99 27.35 -124.19
CA THR D 1792 -16.91 27.54 -125.21
C THR D 1792 -15.55 27.22 -124.56
N PRO D 1793 -14.50 26.86 -125.35
CA PRO D 1793 -13.14 26.67 -124.82
C PRO D 1793 -12.49 27.83 -124.02
N GLN D 1794 -12.94 29.07 -124.22
CA GLN D 1794 -12.45 30.29 -123.49
C GLN D 1794 -13.08 30.41 -122.10
N GLU D 1795 -14.35 29.96 -121.92
CA GLU D 1795 -15.12 29.99 -120.64
C GLU D 1795 -14.71 28.83 -119.72
N ILE D 1796 -14.38 27.65 -120.30
CA ILE D 1796 -13.88 26.44 -119.57
C ILE D 1796 -12.44 26.71 -119.07
N GLU D 1797 -11.61 27.39 -119.90
CA GLU D 1797 -10.22 27.80 -119.56
C GLU D 1797 -10.24 28.76 -118.35
N TYR D 1798 -11.15 29.75 -118.35
CA TYR D 1798 -11.29 30.79 -117.30
C TYR D 1798 -11.85 30.17 -116.01
N CYS D 1799 -13.00 29.48 -116.10
CA CYS D 1799 -13.73 28.84 -114.96
C CYS D 1799 -12.83 27.81 -114.25
N SER D 1800 -12.14 26.93 -115.00
CA SER D 1800 -11.25 25.84 -114.50
C SER D 1800 -9.99 26.40 -113.84
N ALA D 1801 -9.59 27.65 -114.14
CA ALA D 1801 -8.42 28.34 -113.54
C ALA D 1801 -8.77 28.98 -112.19
N GLN D 1802 -10.06 29.24 -111.89
CA GLN D 1802 -10.52 29.98 -110.68
C GLN D 1802 -10.36 29.09 -109.43
N PRO D 1803 -10.33 29.67 -108.18
CA PRO D 1803 -10.18 28.88 -106.94
C PRO D 1803 -11.35 27.90 -106.69
N SER D 1804 -12.59 28.42 -106.64
CA SER D 1804 -13.86 27.64 -106.66
C SER D 1804 -14.39 27.58 -108.10
N VAL D 1805 -14.15 26.46 -108.78
CA VAL D 1805 -14.43 26.21 -110.23
C VAL D 1805 -15.95 26.02 -110.42
N GLN D 1806 -16.62 25.31 -109.51
CA GLN D 1806 -18.10 25.07 -109.47
C GLN D 1806 -18.83 26.42 -109.27
N SER D 1807 -18.33 27.28 -108.39
CA SER D 1807 -18.85 28.66 -108.11
C SER D 1807 -18.77 29.55 -109.36
N SER D 1808 -17.73 29.37 -110.19
CA SER D 1808 -17.40 30.20 -111.38
C SER D 1808 -18.18 29.73 -112.62
N PHE D 1809 -18.42 28.41 -112.79
CA PHE D 1809 -19.29 27.81 -113.84
C PHE D 1809 -20.77 28.25 -113.62
N ALA D 1810 -21.23 28.32 -112.36
CA ALA D 1810 -22.58 28.82 -111.97
C ALA D 1810 -22.69 30.34 -112.19
N GLY D 1811 -21.56 31.05 -112.25
CA GLY D 1811 -21.50 32.48 -112.62
C GLY D 1811 -21.72 32.69 -114.11
N THR D 1812 -21.05 31.87 -114.96
CA THR D 1812 -21.11 31.88 -116.45
C THR D 1812 -22.46 31.30 -116.94
N TRP D 1813 -22.97 30.25 -116.30
CA TRP D 1813 -24.27 29.59 -116.56
C TRP D 1813 -25.45 30.52 -116.24
N SER D 1814 -25.36 31.26 -115.13
CA SER D 1814 -26.30 32.33 -114.71
C SER D 1814 -26.39 33.42 -115.79
N ALA D 1815 -25.25 33.79 -116.39
CA ALA D 1815 -25.10 34.88 -117.40
C ALA D 1815 -25.68 34.47 -118.77
N LYS D 1816 -25.50 33.22 -119.20
CA LYS D 1816 -26.03 32.65 -120.48
C LYS D 1816 -27.57 32.60 -120.47
N GLU D 1817 -28.18 32.11 -119.39
CA GLU D 1817 -29.67 32.08 -119.16
C GLU D 1817 -30.23 33.52 -119.03
N ALA D 1818 -29.50 34.44 -118.38
CA ALA D 1818 -29.93 35.84 -118.13
C ALA D 1818 -29.98 36.63 -119.45
N VAL D 1819 -28.92 36.52 -120.29
CA VAL D 1819 -28.81 37.11 -121.66
C VAL D 1819 -29.98 36.58 -122.52
N PHE D 1820 -30.17 35.24 -122.58
CA PHE D 1820 -31.20 34.52 -123.39
C PHE D 1820 -32.63 35.02 -123.06
N LYS D 1821 -32.92 35.30 -121.79
CA LYS D 1821 -34.21 35.91 -121.32
C LYS D 1821 -34.32 37.37 -121.79
N SER D 1822 -33.23 38.16 -121.65
CA SER D 1822 -33.14 39.62 -121.96
C SER D 1822 -33.42 39.91 -123.44
N LEU D 1823 -32.99 39.01 -124.35
CA LEU D 1823 -33.22 39.08 -125.83
C LEU D 1823 -34.73 38.92 -126.16
N GLY D 1824 -35.49 38.24 -125.28
CA GLY D 1824 -36.96 38.06 -125.35
C GLY D 1824 -37.37 36.81 -126.15
N VAL D 1825 -36.39 36.08 -126.72
CA VAL D 1825 -36.61 34.91 -127.63
C VAL D 1825 -36.99 33.67 -126.80
N LYS D 1826 -38.13 33.06 -127.12
CA LYS D 1826 -38.74 31.88 -126.40
C LYS D 1826 -37.88 30.61 -126.63
N SER D 1827 -37.40 30.40 -127.87
CA SER D 1827 -36.62 29.21 -128.32
C SER D 1827 -35.68 29.59 -129.50
N LEU D 1828 -34.49 28.98 -129.55
CA LEU D 1828 -33.49 29.10 -130.68
C LEU D 1828 -33.66 27.95 -131.69
N GLY D 1829 -34.49 26.94 -131.37
CA GLY D 1829 -34.81 25.76 -132.21
C GLY D 1829 -34.62 24.46 -131.44
N GLY D 1830 -35.64 24.07 -130.65
CA GLY D 1830 -35.67 22.83 -129.83
C GLY D 1830 -34.81 22.94 -128.57
N GLY D 1831 -33.82 22.04 -128.43
CA GLY D 1831 -32.96 21.84 -127.25
C GLY D 1831 -31.92 22.96 -127.06
N ALA D 1832 -31.76 23.44 -125.82
CA ALA D 1832 -30.88 24.57 -125.43
C ALA D 1832 -29.39 24.15 -125.50
N ALA D 1833 -28.67 24.60 -126.54
CA ALA D 1833 -27.19 24.64 -126.65
C ALA D 1833 -26.74 26.11 -126.58
N LEU D 1834 -26.46 26.59 -125.36
CA LEU D 1834 -26.10 28.01 -125.03
C LEU D 1834 -24.58 28.25 -125.16
N LYS D 1835 -23.88 27.42 -125.96
CA LYS D 1835 -22.49 27.69 -126.46
C LYS D 1835 -22.49 28.99 -127.28
N ASP D 1836 -23.53 29.19 -128.10
CA ASP D 1836 -23.80 30.38 -128.97
C ASP D 1836 -23.48 31.67 -128.19
N ILE D 1837 -24.18 31.87 -127.06
CA ILE D 1837 -24.01 33.03 -126.12
C ILE D 1837 -22.73 32.77 -125.31
N GLU D 1838 -21.61 33.38 -125.72
CA GLU D 1838 -20.30 33.34 -125.00
C GLU D 1838 -20.21 34.55 -124.05
N ILE D 1839 -19.68 34.32 -122.84
CA ILE D 1839 -19.31 35.36 -121.81
C ILE D 1839 -17.77 35.39 -121.74
N VAL D 1840 -17.15 36.40 -122.38
CA VAL D 1840 -15.69 36.70 -122.31
C VAL D 1840 -15.41 37.39 -120.95
N ARG D 1841 -14.72 36.68 -120.04
CA ARG D 1841 -14.55 37.06 -118.61
C ARG D 1841 -13.07 37.44 -118.36
N VAL D 1842 -12.75 38.73 -118.48
CA VAL D 1842 -11.46 39.34 -118.04
C VAL D 1842 -11.63 39.77 -116.57
N ASN D 1843 -10.61 39.52 -115.73
CA ASN D 1843 -10.63 39.66 -114.23
C ASN D 1843 -10.86 41.12 -113.81
N LYS D 1844 -12.03 41.39 -113.19
CA LYS D 1844 -12.50 42.68 -112.57
C LYS D 1844 -13.31 43.51 -113.60
N ASN D 1845 -12.93 43.49 -114.89
CA ASN D 1845 -13.73 43.98 -116.06
C ASN D 1845 -15.12 43.31 -116.01
N ALA D 1846 -16.20 44.13 -116.06
CA ALA D 1846 -17.61 43.67 -116.24
C ALA D 1846 -17.65 42.74 -117.45
N PRO D 1847 -18.05 41.44 -117.28
CA PRO D 1847 -17.88 40.43 -118.35
C PRO D 1847 -18.69 40.71 -119.64
N ALA D 1848 -17.98 40.83 -120.77
CA ALA D 1848 -18.51 41.19 -122.12
C ALA D 1848 -19.19 39.98 -122.78
N VAL D 1849 -20.33 40.22 -123.45
CA VAL D 1849 -21.16 39.19 -124.16
C VAL D 1849 -20.86 39.29 -125.68
N GLU D 1850 -20.21 38.27 -126.23
CA GLU D 1850 -20.13 37.98 -127.70
C GLU D 1850 -21.08 36.81 -127.99
N LEU D 1851 -21.88 36.92 -129.06
CA LEU D 1851 -22.95 35.93 -129.41
C LEU D 1851 -22.84 35.54 -130.90
N HIS D 1852 -22.83 34.22 -131.17
CA HIS D 1852 -22.43 33.58 -132.46
C HIS D 1852 -23.54 32.64 -132.96
N GLY D 1853 -23.46 32.23 -134.24
CA GLY D 1853 -24.30 31.20 -134.90
C GLY D 1853 -25.76 31.61 -135.02
N ASN D 1854 -26.65 30.94 -134.26
CA ASN D 1854 -28.14 31.09 -134.30
C ASN D 1854 -28.64 32.15 -133.28
N ALA D 1855 -27.95 32.34 -132.14
CA ALA D 1855 -28.30 33.33 -131.09
C ALA D 1855 -28.00 34.77 -131.56
N LYS D 1856 -27.02 34.93 -132.47
CA LYS D 1856 -26.66 36.22 -133.14
C LYS D 1856 -27.79 36.66 -134.10
N LYS D 1857 -28.33 35.70 -134.86
CA LYS D 1857 -29.45 35.85 -135.85
C LYS D 1857 -30.72 36.40 -135.16
N ALA D 1858 -31.18 35.76 -134.06
CA ALA D 1858 -32.46 36.03 -133.35
C ALA D 1858 -32.38 37.29 -132.44
N ALA D 1859 -31.16 37.84 -132.22
CA ALA D 1859 -30.89 39.13 -131.54
C ALA D 1859 -30.94 40.28 -132.57
N GLU D 1860 -30.24 40.13 -133.71
CA GLU D 1860 -30.18 41.13 -134.84
C GLU D 1860 -31.48 41.13 -135.67
N GLU D 1861 -32.35 40.12 -135.49
CA GLU D 1861 -33.72 39.98 -136.09
C GLU D 1861 -34.80 40.57 -135.15
N ALA D 1862 -34.49 40.78 -133.85
CA ALA D 1862 -35.37 41.36 -132.80
C ALA D 1862 -34.95 42.81 -132.46
N GLY D 1863 -33.97 43.40 -133.19
CA GLY D 1863 -33.47 44.78 -132.98
C GLY D 1863 -32.64 44.92 -131.71
N VAL D 1864 -31.36 44.51 -131.76
CA VAL D 1864 -30.36 44.59 -130.64
C VAL D 1864 -29.00 45.06 -131.21
N THR D 1865 -28.36 46.05 -130.55
CA THR D 1865 -27.01 46.60 -130.89
C THR D 1865 -26.00 46.29 -129.75
N ASP D 1866 -26.40 46.44 -128.48
CA ASP D 1866 -25.56 46.19 -127.27
C ASP D 1866 -26.28 45.21 -126.32
N VAL D 1867 -25.53 44.34 -125.62
CA VAL D 1867 -25.99 43.44 -124.51
C VAL D 1867 -24.95 43.47 -123.38
N LYS D 1868 -25.33 44.02 -122.21
CA LYS D 1868 -24.54 44.01 -120.95
C LYS D 1868 -24.84 42.72 -120.17
N VAL D 1869 -24.02 42.41 -119.15
CA VAL D 1869 -24.30 41.38 -118.09
C VAL D 1869 -23.35 41.60 -116.89
N SER D 1870 -23.91 41.53 -115.67
CA SER D 1870 -23.20 41.59 -114.36
C SER D 1870 -23.45 40.28 -113.60
N ILE D 1871 -22.40 39.72 -112.97
CA ILE D 1871 -22.42 38.41 -112.24
C ILE D 1871 -21.88 38.61 -110.82
N SER D 1872 -22.63 38.13 -109.82
CA SER D 1872 -22.16 37.82 -108.44
C SER D 1872 -22.40 36.33 -108.16
N HIS D 1873 -21.35 35.64 -107.71
CA HIS D 1873 -21.39 34.21 -107.26
C HIS D 1873 -20.68 34.10 -105.92
N ASP D 1874 -21.11 33.13 -105.09
CA ASP D 1874 -20.42 32.73 -103.83
C ASP D 1874 -20.60 31.20 -103.67
N ASP D 1875 -20.82 30.69 -102.45
CA ASP D 1875 -20.96 29.23 -102.16
C ASP D 1875 -22.42 28.77 -102.37
N LEU D 1876 -23.39 29.68 -102.53
CA LEU D 1876 -24.82 29.33 -102.74
C LEU D 1876 -25.37 29.91 -104.07
N GLN D 1877 -25.83 31.16 -104.08
CA GLN D 1877 -26.60 31.78 -105.19
C GLN D 1877 -25.58 32.52 -106.09
N ALA D 1878 -25.37 31.98 -107.30
CA ALA D 1878 -24.82 32.73 -108.47
C ALA D 1878 -25.97 33.38 -109.24
N VAL D 1879 -26.05 34.72 -109.21
CA VAL D 1879 -27.11 35.56 -109.87
C VAL D 1879 -26.44 36.38 -110.99
N ALA D 1880 -27.17 36.55 -112.11
CA ALA D 1880 -26.75 37.37 -113.28
C ALA D 1880 -27.93 38.19 -113.81
N VAL D 1881 -27.67 39.48 -114.09
CA VAL D 1881 -28.63 40.46 -114.68
C VAL D 1881 -28.06 40.88 -116.06
N ALA D 1882 -28.87 40.75 -117.13
CA ALA D 1882 -28.53 41.15 -118.52
C ALA D 1882 -29.62 42.08 -119.06
N VAL D 1883 -29.21 43.27 -119.55
CA VAL D 1883 -30.07 44.24 -120.31
C VAL D 1883 -29.63 44.20 -121.79
N SER D 1884 -30.57 44.42 -122.72
CA SER D 1884 -30.37 44.35 -124.20
C SER D 1884 -31.12 45.50 -124.90
N THR D 1885 -30.41 46.61 -125.20
CA THR D 1885 -30.91 47.83 -125.90
C THR D 1885 -30.80 47.65 -127.42
N LYS D 1886 -31.33 48.60 -128.21
CA LYS D 1886 -31.31 48.58 -129.72
C LYS D 1886 -29.91 48.99 -130.21
N MET E 1 -49.92 -91.10 -74.02
CA MET E 1 -48.71 -90.41 -74.62
C MET E 1 -47.48 -90.67 -73.74
N LYS E 2 -46.34 -90.99 -74.35
CA LYS E 2 -45.04 -91.16 -73.64
C LYS E 2 -44.65 -89.81 -73.04
N PRO E 3 -44.11 -89.74 -71.80
CA PRO E 3 -43.62 -88.48 -71.25
C PRO E 3 -42.48 -87.80 -72.03
N GLU E 4 -41.65 -88.56 -72.76
CA GLU E 4 -40.52 -88.05 -73.61
C GLU E 4 -41.08 -87.27 -74.80
N VAL E 5 -42.24 -87.70 -75.31
CA VAL E 5 -42.93 -87.12 -76.51
C VAL E 5 -43.70 -85.87 -76.05
N GLU E 6 -44.57 -86.04 -75.04
CA GLU E 6 -45.30 -84.96 -74.34
C GLU E 6 -44.34 -83.79 -74.04
N GLN E 7 -43.11 -84.11 -73.59
CA GLN E 7 -42.04 -83.12 -73.29
C GLN E 7 -41.65 -82.39 -74.59
N GLU E 8 -41.40 -83.15 -75.67
CA GLU E 8 -41.02 -82.58 -77.00
C GLU E 8 -42.08 -81.56 -77.43
N LEU E 9 -43.36 -81.96 -77.38
CA LEU E 9 -44.51 -81.13 -77.84
C LEU E 9 -44.63 -79.89 -76.96
N ALA E 10 -44.67 -80.06 -75.64
CA ALA E 10 -44.77 -78.96 -74.66
C ALA E 10 -43.71 -77.88 -75.00
N HIS E 11 -42.49 -78.31 -75.35
CA HIS E 11 -41.36 -77.43 -75.74
C HIS E 11 -41.72 -76.64 -76.99
N ILE E 12 -42.00 -77.33 -78.10
CA ILE E 12 -42.42 -76.74 -79.41
C ILE E 12 -43.44 -75.63 -79.12
N LEU E 13 -44.58 -76.01 -78.54
CA LEU E 13 -45.74 -75.13 -78.19
C LEU E 13 -45.27 -73.93 -77.37
N LEU E 14 -44.52 -74.18 -76.28
CA LEU E 14 -44.05 -73.16 -75.29
C LEU E 14 -43.16 -72.14 -76.03
N THR E 15 -42.38 -72.61 -77.00
CA THR E 15 -41.47 -71.79 -77.82
C THR E 15 -42.29 -70.93 -78.80
N GLU E 16 -43.35 -71.50 -79.40
CA GLU E 16 -44.24 -70.79 -80.36
C GLU E 16 -45.13 -69.77 -79.61
N LEU E 17 -45.66 -70.13 -78.45
CA LEU E 17 -46.45 -69.25 -77.54
C LEU E 17 -45.66 -68.00 -77.14
N LEU E 18 -44.33 -68.08 -77.13
CA LEU E 18 -43.41 -67.00 -76.68
C LEU E 18 -42.88 -66.21 -77.87
N ALA E 19 -42.55 -66.90 -78.97
CA ALA E 19 -42.20 -66.33 -80.29
C ALA E 19 -43.20 -65.23 -80.65
N TYR E 20 -44.48 -65.61 -80.88
CA TYR E 20 -45.53 -64.76 -81.48
C TYR E 20 -46.05 -63.74 -80.46
N GLN E 21 -46.06 -64.07 -79.17
CA GLN E 21 -46.59 -63.21 -78.07
C GLN E 21 -46.26 -61.73 -78.33
N PHE E 22 -44.96 -61.45 -78.44
CA PHE E 22 -44.27 -60.31 -79.10
C PHE E 22 -45.12 -59.51 -80.09
N ALA E 23 -45.83 -60.23 -80.98
CA ALA E 23 -46.37 -59.78 -82.28
C ALA E 23 -47.86 -60.18 -82.45
N SER E 24 -48.63 -60.10 -81.37
CA SER E 24 -50.03 -60.56 -81.22
C SER E 24 -50.57 -59.94 -79.95
N PRO E 25 -51.88 -59.66 -79.84
CA PRO E 25 -52.36 -58.79 -78.78
C PRO E 25 -52.36 -59.51 -77.40
N VAL E 26 -52.03 -58.76 -76.34
CA VAL E 26 -52.07 -59.21 -74.91
C VAL E 26 -53.54 -59.29 -74.51
N ARG E 27 -53.99 -60.51 -74.20
CA ARG E 27 -55.42 -60.86 -74.11
C ARG E 27 -55.77 -60.97 -72.61
N TRP E 28 -55.62 -59.87 -71.86
CA TRP E 28 -55.57 -59.86 -70.37
C TRP E 28 -56.95 -59.69 -69.74
N ILE E 29 -58.01 -59.47 -70.52
CA ILE E 29 -59.40 -59.67 -70.00
C ILE E 29 -59.57 -61.17 -69.88
N GLU E 30 -59.54 -61.87 -71.02
CA GLU E 30 -59.82 -63.32 -71.15
C GLU E 30 -58.96 -64.10 -70.13
N THR E 31 -57.82 -63.52 -69.72
CA THR E 31 -56.90 -64.04 -68.68
C THR E 31 -57.57 -63.91 -67.32
N GLN E 32 -57.82 -62.69 -66.85
CA GLN E 32 -58.38 -62.41 -65.49
C GLN E 32 -59.67 -63.22 -65.29
N ASP E 33 -60.46 -63.38 -66.35
CA ASP E 33 -61.73 -64.14 -66.32
C ASP E 33 -61.40 -65.61 -66.03
N VAL E 34 -60.28 -66.12 -66.54
CA VAL E 34 -59.86 -67.53 -66.28
C VAL E 34 -59.46 -67.69 -64.81
N PHE E 35 -58.70 -66.77 -64.23
CA PHE E 35 -58.15 -66.99 -62.88
C PHE E 35 -59.10 -66.47 -61.80
N LEU E 36 -60.03 -65.56 -62.10
CA LEU E 36 -61.02 -65.05 -61.10
C LEU E 36 -62.32 -65.86 -61.11
N LYS E 37 -62.72 -66.47 -62.23
CA LYS E 37 -63.95 -67.30 -62.25
C LYS E 37 -63.58 -68.79 -62.31
N ASP E 38 -62.94 -69.26 -63.39
CA ASP E 38 -62.73 -70.71 -63.67
C ASP E 38 -61.88 -71.38 -62.57
N PHE E 39 -61.09 -70.61 -61.81
CA PHE E 39 -60.26 -71.12 -60.69
C PHE E 39 -60.68 -70.55 -59.33
N ASN E 40 -61.53 -69.51 -59.29
CA ASN E 40 -62.02 -68.88 -58.04
C ASN E 40 -60.83 -68.50 -57.15
N THR E 41 -59.74 -68.08 -57.76
CA THR E 41 -58.53 -67.59 -57.07
C THR E 41 -58.96 -66.71 -55.91
N GLU E 42 -58.41 -66.98 -54.73
CA GLU E 42 -58.80 -66.34 -53.46
C GLU E 42 -57.76 -65.28 -53.13
N ARG E 43 -56.47 -65.60 -53.27
CA ARG E 43 -55.34 -64.64 -53.25
C ARG E 43 -54.83 -64.48 -54.67
N VAL E 44 -54.71 -63.25 -55.15
CA VAL E 44 -53.94 -62.94 -56.39
C VAL E 44 -52.80 -62.02 -55.97
N VAL E 45 -51.56 -62.52 -56.12
CA VAL E 45 -50.29 -61.89 -55.67
C VAL E 45 -49.65 -61.25 -56.89
N GLU E 46 -49.63 -59.93 -56.97
CA GLU E 46 -48.87 -59.19 -58.01
C GLU E 46 -47.41 -59.09 -57.56
N ILE E 47 -46.53 -59.84 -58.24
CA ILE E 47 -45.05 -59.71 -58.18
C ILE E 47 -44.67 -58.65 -59.21
N GLY E 48 -44.37 -57.45 -58.74
CA GLY E 48 -43.90 -56.34 -59.58
C GLY E 48 -43.43 -55.19 -58.68
N PRO E 49 -42.82 -54.15 -59.25
CA PRO E 49 -42.32 -53.01 -58.47
C PRO E 49 -43.39 -51.96 -58.11
N SER E 50 -44.50 -51.91 -58.85
CA SER E 50 -45.65 -51.00 -58.59
C SER E 50 -46.95 -51.72 -58.92
N PRO E 51 -48.07 -51.39 -58.22
CA PRO E 51 -49.28 -52.22 -58.25
C PRO E 51 -50.22 -52.03 -59.45
N THR E 52 -49.74 -52.26 -60.67
CA THR E 52 -50.54 -51.99 -61.91
C THR E 52 -51.62 -53.09 -62.01
N LEU E 53 -51.19 -54.35 -62.17
CA LEU E 53 -52.07 -55.51 -62.45
C LEU E 53 -52.99 -55.84 -61.27
N ALA E 54 -52.70 -55.29 -60.09
CA ALA E 54 -53.55 -55.38 -58.88
C ALA E 54 -54.74 -54.42 -59.07
N GLY E 55 -54.46 -53.11 -59.21
CA GLY E 55 -55.44 -52.10 -59.67
C GLY E 55 -56.35 -52.63 -60.77
N MET E 56 -55.81 -53.35 -61.76
CA MET E 56 -56.58 -53.93 -62.90
C MET E 56 -57.49 -55.07 -62.44
N ALA E 57 -57.09 -55.85 -61.43
CA ALA E 57 -57.91 -56.96 -60.88
C ALA E 57 -59.00 -56.37 -59.99
N GLN E 58 -58.62 -55.44 -59.08
CA GLN E 58 -59.56 -54.71 -58.21
C GLN E 58 -60.70 -54.14 -59.05
N ARG E 59 -60.38 -53.61 -60.23
CA ARG E 59 -61.37 -52.95 -61.11
C ARG E 59 -62.14 -54.00 -61.92
N THR E 60 -61.52 -55.09 -62.37
CA THR E 60 -62.23 -56.20 -63.05
C THR E 60 -63.17 -56.92 -62.08
N LEU E 61 -62.99 -56.78 -60.75
CA LEU E 61 -63.89 -57.38 -59.71
C LEU E 61 -65.08 -56.46 -59.49
N LYS E 62 -64.78 -55.23 -59.10
CA LYS E 62 -65.74 -54.10 -58.90
C LYS E 62 -66.69 -53.94 -60.10
N ASN E 63 -66.30 -54.31 -61.32
CA ASN E 63 -67.19 -54.28 -62.53
C ASN E 63 -68.07 -55.52 -62.56
N LYS E 64 -67.53 -56.68 -62.95
CA LYS E 64 -68.34 -57.84 -63.42
C LYS E 64 -68.28 -59.04 -62.46
N TYR E 65 -67.83 -58.88 -61.20
CA TYR E 65 -67.77 -59.95 -60.18
C TYR E 65 -68.14 -59.43 -58.77
N GLU E 66 -68.88 -58.33 -58.65
CA GLU E 66 -69.30 -57.83 -57.31
C GLU E 66 -70.39 -58.75 -56.76
N SER E 67 -71.30 -59.22 -57.62
CA SER E 67 -72.47 -60.05 -57.26
C SER E 67 -72.01 -61.48 -56.95
N TYR E 68 -71.27 -62.10 -57.88
CA TYR E 68 -70.62 -63.44 -57.73
C TYR E 68 -69.85 -63.50 -56.40
N ASP E 69 -69.03 -62.50 -56.10
CA ASP E 69 -68.16 -62.45 -54.89
C ASP E 69 -68.98 -62.37 -53.60
N ALA E 70 -70.23 -61.90 -53.64
CA ALA E 70 -71.16 -61.91 -52.48
C ALA E 70 -71.89 -63.27 -52.42
N ALA E 71 -72.62 -63.62 -53.46
CA ALA E 71 -73.45 -64.85 -53.54
C ALA E 71 -72.66 -66.12 -53.20
N LEU E 72 -71.34 -66.14 -53.41
CA LEU E 72 -70.46 -67.29 -53.06
C LEU E 72 -69.65 -66.96 -51.79
N SER E 73 -69.91 -65.81 -51.16
CA SER E 73 -69.21 -65.30 -49.95
C SER E 73 -67.70 -65.54 -50.13
N LEU E 74 -67.21 -65.19 -51.31
CA LEU E 74 -65.91 -65.61 -51.88
C LEU E 74 -64.92 -64.48 -51.63
N HIS E 75 -64.62 -64.20 -50.37
CA HIS E 75 -63.69 -63.12 -49.94
C HIS E 75 -62.36 -63.29 -50.68
N ARG E 76 -61.94 -62.26 -51.43
CA ARG E 76 -60.77 -62.25 -52.33
C ARG E 76 -59.74 -61.23 -51.83
N GLU E 77 -58.50 -61.67 -51.70
CA GLU E 77 -57.34 -60.84 -51.29
C GLU E 77 -56.49 -60.56 -52.54
N ILE E 78 -56.29 -59.29 -52.89
CA ILE E 78 -55.38 -58.84 -53.99
C ILE E 78 -54.19 -58.12 -53.36
N LEU E 79 -52.99 -58.62 -53.63
CA LEU E 79 -51.76 -58.23 -52.92
C LEU E 79 -50.69 -57.89 -53.96
N CYS E 80 -50.04 -56.74 -53.80
CA CYS E 80 -48.87 -56.34 -54.62
C CYS E 80 -47.62 -56.44 -53.75
N TYR E 81 -46.60 -57.14 -54.24
CA TYR E 81 -45.35 -57.45 -53.50
C TYR E 81 -44.74 -56.18 -52.89
N SER E 82 -44.85 -55.05 -53.58
CA SER E 82 -44.24 -53.75 -53.18
C SER E 82 -44.93 -53.17 -51.95
N LYS E 83 -46.26 -53.28 -51.90
CA LYS E 83 -47.17 -52.46 -51.06
C LYS E 83 -47.64 -53.26 -49.83
N ASP E 84 -47.68 -54.60 -49.93
CA ASP E 84 -48.39 -55.53 -49.00
C ASP E 84 -47.49 -56.69 -48.58
N ALA E 85 -46.20 -56.45 -48.33
CA ALA E 85 -45.20 -57.49 -47.96
C ALA E 85 -45.74 -58.33 -46.80
N LYS E 86 -46.28 -57.65 -45.79
CA LYS E 86 -46.73 -58.22 -44.48
C LYS E 86 -47.81 -59.28 -44.66
N GLU E 87 -48.68 -59.15 -45.65
CA GLU E 87 -49.81 -60.10 -45.88
C GLU E 87 -49.31 -61.29 -46.71
N ILE E 88 -48.16 -61.16 -47.37
CA ILE E 88 -47.56 -62.22 -48.23
C ILE E 88 -46.61 -63.07 -47.39
N TYR E 89 -45.77 -62.42 -46.57
CA TYR E 89 -44.70 -63.06 -45.76
C TYR E 89 -45.24 -63.53 -44.42
N TYR E 90 -46.51 -63.24 -44.10
CA TYR E 90 -47.16 -63.50 -42.78
C TYR E 90 -46.30 -62.96 -41.66
N THR E 91 -46.07 -61.64 -41.64
CA THR E 91 -45.34 -60.89 -40.57
C THR E 91 -46.21 -59.74 -40.09
N PRO E 92 -47.38 -60.00 -39.44
CA PRO E 92 -48.18 -58.93 -38.89
C PRO E 92 -47.43 -58.24 -37.75
N ASP E 93 -47.63 -56.92 -37.62
CA ASP E 93 -47.15 -56.06 -36.49
C ASP E 93 -47.80 -56.50 -35.17
N PRO E 94 -47.05 -56.54 -34.03
CA PRO E 94 -47.63 -56.89 -32.72
C PRO E 94 -48.87 -56.07 -32.30
N ILE E 140 -32.34 -26.56 -15.65
CA ILE E 140 -33.08 -27.22 -16.77
C ILE E 140 -32.09 -28.12 -17.57
N ALA E 141 -32.62 -28.97 -18.46
CA ALA E 141 -31.88 -29.92 -19.34
C ALA E 141 -31.04 -29.14 -20.38
N ASP E 142 -30.40 -29.85 -21.32
CA ASP E 142 -29.52 -29.26 -22.38
C ASP E 142 -29.95 -29.74 -23.79
N GLU E 143 -30.27 -28.78 -24.67
CA GLU E 143 -30.58 -28.98 -26.11
C GLU E 143 -29.66 -28.10 -26.96
N PRO E 144 -28.71 -28.67 -27.75
CA PRO E 144 -28.00 -27.92 -28.80
C PRO E 144 -28.96 -27.39 -29.88
N VAL E 145 -28.76 -26.15 -30.35
CA VAL E 145 -29.71 -25.36 -31.19
C VAL E 145 -30.16 -26.19 -32.41
N LYS E 146 -31.46 -26.12 -32.73
CA LYS E 146 -32.07 -26.67 -33.96
C LYS E 146 -31.44 -25.98 -35.18
N ALA E 147 -31.26 -26.70 -36.30
CA ALA E 147 -30.89 -26.12 -37.62
C ALA E 147 -32.09 -25.35 -38.23
N SER E 148 -33.32 -25.57 -37.72
CA SER E 148 -34.58 -24.84 -38.08
C SER E 148 -34.60 -23.43 -37.46
N LEU E 149 -34.20 -23.29 -36.19
CA LEU E 149 -34.14 -22.01 -35.42
C LEU E 149 -33.02 -21.11 -35.99
N LEU E 150 -31.88 -21.71 -36.34
CA LEU E 150 -30.63 -21.03 -36.78
C LEU E 150 -30.72 -20.60 -38.25
N LEU E 151 -31.36 -21.40 -39.11
CA LEU E 151 -31.70 -21.05 -40.53
C LEU E 151 -32.76 -19.93 -40.58
N HIS E 152 -33.77 -19.97 -39.71
CA HIS E 152 -34.91 -19.02 -39.63
C HIS E 152 -34.44 -17.63 -39.13
N VAL E 153 -33.36 -17.57 -38.34
CA VAL E 153 -32.80 -16.30 -37.73
C VAL E 153 -31.91 -15.55 -38.74
N LEU E 154 -31.09 -16.25 -39.55
CA LEU E 154 -30.13 -15.68 -40.54
C LEU E 154 -30.83 -15.26 -41.86
N VAL E 155 -32.11 -15.62 -42.02
CA VAL E 155 -33.03 -15.09 -43.09
C VAL E 155 -33.91 -13.97 -42.49
N ALA E 156 -34.32 -14.07 -41.22
CA ALA E 156 -35.07 -13.01 -40.49
C ALA E 156 -34.19 -11.78 -40.26
N HIS E 157 -32.93 -11.96 -39.79
CA HIS E 157 -31.95 -10.88 -39.49
C HIS E 157 -31.51 -10.15 -40.77
N LYS E 158 -31.31 -10.89 -41.88
CA LYS E 158 -30.82 -10.35 -43.18
C LYS E 158 -31.91 -9.50 -43.86
N LEU E 159 -33.16 -9.97 -43.84
CA LEU E 159 -34.35 -9.29 -44.46
C LEU E 159 -34.92 -8.20 -43.53
N LYS E 160 -34.37 -8.05 -42.31
CA LYS E 160 -34.73 -6.99 -41.30
C LYS E 160 -36.18 -7.20 -40.86
N LYS E 161 -36.52 -8.42 -40.41
CA LYS E 161 -37.88 -8.82 -39.98
C LYS E 161 -37.79 -9.71 -38.72
N SER E 162 -38.91 -9.84 -37.99
CA SER E 162 -39.07 -10.77 -36.84
C SER E 162 -39.24 -12.20 -37.37
N LEU E 163 -39.27 -13.17 -36.45
CA LEU E 163 -39.43 -14.62 -36.74
C LEU E 163 -40.87 -14.88 -37.26
N ASP E 164 -41.87 -14.16 -36.72
CA ASP E 164 -43.32 -14.28 -37.06
C ASP E 164 -43.54 -13.94 -38.55
N SER E 165 -43.05 -12.76 -38.99
CA SER E 165 -43.24 -12.14 -40.34
C SER E 165 -42.83 -13.10 -41.47
N ILE E 166 -41.84 -13.98 -41.23
CA ILE E 166 -41.31 -14.97 -42.22
C ILE E 166 -41.90 -16.36 -41.92
N PRO E 167 -42.57 -17.01 -42.90
CA PRO E 167 -42.89 -18.45 -42.83
C PRO E 167 -41.72 -19.29 -43.37
N MET E 168 -41.46 -20.42 -42.69
CA MET E 168 -40.43 -21.44 -43.05
C MET E 168 -40.83 -22.17 -44.35
N SER E 169 -42.13 -22.28 -44.67
CA SER E 169 -42.68 -22.93 -45.91
C SER E 169 -42.31 -22.13 -47.18
N LYS E 170 -42.17 -20.80 -47.06
CA LYS E 170 -41.77 -19.90 -48.19
C LYS E 170 -40.28 -20.11 -48.56
N THR E 171 -39.98 -19.99 -49.86
CA THR E 171 -38.62 -20.14 -50.45
C THR E 171 -37.81 -18.86 -50.14
N ILE E 172 -36.48 -18.91 -50.33
CA ILE E 172 -35.56 -17.73 -50.17
C ILE E 172 -35.84 -16.74 -51.33
N LYS E 173 -36.06 -17.25 -52.55
CA LYS E 173 -36.33 -16.48 -53.81
C LYS E 173 -37.68 -15.73 -53.72
N ASP E 174 -38.69 -16.31 -53.03
CA ASP E 174 -40.02 -15.69 -52.83
C ASP E 174 -39.94 -14.51 -51.85
N LEU E 175 -39.31 -14.72 -50.68
CA LEU E 175 -39.26 -13.76 -49.53
C LEU E 175 -38.49 -12.47 -49.91
N VAL E 176 -37.42 -12.62 -50.69
CA VAL E 176 -36.57 -11.52 -51.24
C VAL E 176 -37.41 -10.63 -52.17
N GLY E 177 -38.17 -11.25 -53.09
CA GLY E 177 -38.92 -10.60 -54.19
C GLY E 177 -38.24 -10.85 -55.53
N GLY E 178 -37.59 -9.80 -56.09
CA GLY E 178 -36.82 -9.84 -57.34
C GLY E 178 -35.37 -9.35 -57.21
N LYS E 179 -34.87 -9.19 -55.97
CA LYS E 179 -33.51 -8.65 -55.64
C LYS E 179 -32.51 -9.81 -55.60
N SER E 180 -31.67 -9.90 -56.64
CA SER E 180 -30.63 -10.93 -56.72
C SER E 180 -29.54 -10.69 -55.67
N THR E 181 -29.21 -9.42 -55.40
CA THR E 181 -28.16 -9.06 -54.44
C THR E 181 -28.50 -9.62 -53.04
N VAL E 182 -29.75 -9.46 -52.57
CA VAL E 182 -30.21 -9.96 -51.23
C VAL E 182 -30.25 -11.51 -51.24
N GLN E 183 -30.67 -12.13 -52.35
CA GLN E 183 -30.76 -13.61 -52.53
C GLN E 183 -29.35 -14.24 -52.59
N ASN E 184 -28.37 -13.57 -53.22
CA ASN E 184 -26.92 -13.96 -53.26
C ASN E 184 -26.30 -13.82 -51.86
N GLU E 185 -26.76 -12.83 -51.07
CA GLU E 185 -26.23 -12.45 -49.72
C GLU E 185 -26.81 -13.38 -48.63
N ILE E 186 -27.97 -14.02 -48.87
CA ILE E 186 -28.56 -15.04 -47.93
C ILE E 186 -27.89 -16.40 -48.16
N LEU E 187 -27.55 -16.75 -49.42
CA LEU E 187 -26.88 -18.04 -49.82
C LEU E 187 -25.35 -17.93 -49.67
N GLY E 188 -24.82 -16.74 -49.36
CA GLY E 188 -23.45 -16.52 -48.86
C GLY E 188 -23.33 -16.68 -47.34
N ASP E 189 -24.42 -16.48 -46.58
CA ASP E 189 -24.51 -16.67 -45.10
C ASP E 189 -24.58 -18.17 -44.78
N LEU E 190 -25.46 -18.92 -45.47
CA LEU E 190 -25.77 -20.37 -45.24
C LEU E 190 -24.65 -21.27 -45.79
N GLY E 191 -23.85 -20.78 -46.75
CA GLY E 191 -22.61 -21.41 -47.24
C GLY E 191 -21.44 -21.28 -46.25
N LYS E 192 -21.40 -20.18 -45.48
CA LYS E 192 -20.38 -19.87 -44.42
C LYS E 192 -20.78 -20.47 -43.07
N GLU E 193 -22.08 -20.61 -42.82
CA GLU E 193 -22.69 -20.94 -41.49
C GLU E 193 -22.67 -22.46 -41.27
N PHE E 194 -23.25 -23.21 -42.23
CA PHE E 194 -23.45 -24.69 -42.20
C PHE E 194 -22.40 -25.43 -43.05
N GLY E 195 -21.79 -24.76 -44.04
CA GLY E 195 -20.81 -25.35 -44.99
C GLY E 195 -21.53 -26.02 -46.17
N THR E 196 -22.38 -27.02 -45.86
CA THR E 196 -23.41 -27.65 -46.74
C THR E 196 -24.23 -26.56 -47.47
N THR E 197 -24.51 -26.78 -48.76
CA THR E 197 -25.53 -26.04 -49.57
C THR E 197 -26.09 -27.06 -50.59
N PRO E 198 -27.42 -27.39 -50.57
CA PRO E 198 -28.03 -28.19 -51.65
C PRO E 198 -27.86 -27.53 -53.04
N GLU E 199 -28.25 -28.25 -54.11
CA GLU E 199 -27.99 -27.87 -55.53
C GLU E 199 -28.80 -26.60 -55.89
N LYS E 200 -30.06 -26.50 -55.42
CA LYS E 200 -31.00 -25.37 -55.68
C LYS E 200 -31.75 -25.02 -54.38
N PRO E 201 -31.10 -24.27 -53.43
CA PRO E 201 -31.76 -23.85 -52.17
C PRO E 201 -32.81 -22.73 -52.34
N GLU E 202 -32.65 -21.87 -53.35
CA GLU E 202 -33.45 -20.62 -53.56
C GLU E 202 -34.92 -20.96 -53.90
N GLU E 203 -35.18 -22.13 -54.53
CA GLU E 203 -36.55 -22.68 -54.83
C GLU E 203 -37.01 -23.65 -53.70
N THR E 204 -36.09 -24.21 -52.90
CA THR E 204 -36.40 -25.15 -51.79
C THR E 204 -36.93 -24.35 -50.59
N PRO E 205 -38.15 -24.65 -50.07
CA PRO E 205 -38.64 -24.07 -48.80
C PRO E 205 -37.68 -24.21 -47.60
N LEU E 206 -37.77 -23.28 -46.63
CA LEU E 206 -36.91 -23.22 -45.41
C LEU E 206 -37.23 -24.39 -44.43
N GLU E 207 -38.41 -25.01 -44.52
CA GLU E 207 -38.78 -26.26 -43.78
C GLU E 207 -37.87 -27.44 -44.22
N GLU E 208 -37.67 -27.60 -45.54
CA GLU E 208 -36.98 -28.75 -46.19
C GLU E 208 -35.45 -28.55 -46.23
N LEU E 209 -34.97 -27.29 -46.35
CA LEU E 209 -33.53 -26.90 -46.15
C LEU E 209 -33.10 -27.24 -44.71
N ALA E 210 -33.88 -26.81 -43.69
CA ALA E 210 -33.61 -27.02 -42.25
C ALA E 210 -33.31 -28.50 -41.94
N GLU E 211 -33.95 -29.45 -42.65
CA GLU E 211 -33.79 -30.92 -42.50
C GLU E 211 -32.52 -31.44 -43.20
N THR E 212 -32.13 -30.87 -44.36
CA THR E 212 -30.92 -31.21 -45.17
C THR E 212 -29.63 -30.75 -44.46
N PHE E 213 -29.69 -29.64 -43.71
CA PHE E 213 -28.60 -29.10 -42.85
C PHE E 213 -28.51 -29.94 -41.55
N GLN E 214 -29.66 -30.21 -40.89
CA GLN E 214 -29.76 -30.90 -39.56
C GLN E 214 -29.09 -32.30 -39.61
N ASP E 215 -29.21 -33.01 -40.75
CA ASP E 215 -28.57 -34.34 -41.02
C ASP E 215 -27.04 -34.25 -40.85
N THR E 216 -26.43 -33.12 -41.25
CA THR E 216 -24.97 -32.83 -41.24
C THR E 216 -24.62 -31.67 -40.29
N PHE E 217 -25.49 -31.33 -39.31
CA PHE E 217 -25.34 -30.17 -38.39
C PHE E 217 -25.11 -30.65 -36.94
N SER E 218 -23.96 -30.25 -36.36
CA SER E 218 -23.42 -30.72 -35.05
C SER E 218 -24.21 -30.12 -33.87
N GLY E 219 -24.66 -28.86 -33.98
CA GLY E 219 -25.36 -28.11 -32.91
C GLY E 219 -24.70 -26.76 -32.61
N ALA E 220 -23.42 -26.59 -33.02
CA ALA E 220 -22.60 -25.37 -32.78
C ALA E 220 -23.04 -24.21 -33.70
N LEU E 221 -22.65 -22.98 -33.35
CA LEU E 221 -23.17 -21.71 -33.96
C LEU E 221 -22.43 -21.33 -35.26
N GLY E 222 -21.30 -21.97 -35.59
CA GLY E 222 -20.51 -21.70 -36.81
C GLY E 222 -19.86 -20.32 -36.82
N LYS E 223 -19.48 -19.83 -38.01
CA LYS E 223 -18.68 -18.58 -38.25
C LYS E 223 -19.61 -17.36 -38.27
N GLN E 224 -20.66 -17.42 -39.08
CA GLN E 224 -21.52 -16.26 -39.46
C GLN E 224 -22.37 -15.81 -38.26
N SER E 225 -22.94 -16.74 -37.46
CA SER E 225 -23.86 -16.41 -36.34
C SER E 225 -23.10 -16.21 -35.01
N SER E 226 -21.80 -16.52 -34.95
CA SER E 226 -20.87 -16.15 -33.83
C SER E 226 -20.28 -14.75 -34.05
N SER E 227 -20.24 -14.28 -35.31
CA SER E 227 -19.85 -12.91 -35.74
C SER E 227 -20.99 -11.90 -35.47
N LEU E 228 -22.25 -12.36 -35.44
CA LEU E 228 -23.46 -11.50 -35.29
C LEU E 228 -23.91 -11.41 -33.82
N LEU E 229 -23.62 -12.43 -33.00
CA LEU E 229 -23.86 -12.40 -31.52
C LEU E 229 -22.77 -11.55 -30.85
N SER E 230 -21.53 -11.58 -31.36
CA SER E 230 -20.40 -10.71 -30.93
C SER E 230 -20.73 -9.23 -31.15
N ARG E 231 -21.43 -8.91 -32.26
CA ARG E 231 -21.75 -7.53 -32.74
C ARG E 231 -23.07 -7.01 -32.14
N LEU E 232 -24.02 -7.90 -31.80
CA LEU E 232 -25.21 -7.61 -30.93
C LEU E 232 -24.71 -7.10 -29.57
N ILE E 233 -23.80 -7.84 -28.93
CA ILE E 233 -23.29 -7.58 -27.54
C ILE E 233 -22.37 -6.36 -27.53
N SER E 234 -21.48 -6.22 -28.53
CA SER E 234 -20.51 -5.11 -28.70
C SER E 234 -21.24 -3.77 -28.83
N SER E 235 -22.33 -3.73 -29.62
CA SER E 235 -23.01 -2.50 -30.10
C SER E 235 -24.30 -2.18 -29.30
N LYS E 236 -25.03 -3.20 -28.78
CA LYS E 236 -26.41 -3.05 -28.23
C LYS E 236 -26.51 -3.47 -26.75
N MET E 237 -25.38 -3.63 -26.05
CA MET E 237 -25.36 -3.92 -24.58
C MET E 237 -24.45 -2.90 -23.90
N PRO E 238 -24.77 -2.48 -22.65
CA PRO E 238 -24.03 -1.40 -21.97
C PRO E 238 -22.59 -1.74 -21.57
N GLY E 239 -21.92 -0.77 -20.90
CA GLY E 239 -20.53 -0.89 -20.39
C GLY E 239 -20.37 -1.97 -19.34
N GLY E 240 -19.49 -2.94 -19.61
CA GLY E 240 -19.23 -4.13 -18.77
C GLY E 240 -19.91 -5.40 -19.30
N PHE E 241 -21.16 -5.27 -19.78
CA PHE E 241 -22.04 -6.39 -20.21
C PHE E 241 -21.49 -7.03 -21.51
N THR E 242 -20.77 -8.14 -21.36
CA THR E 242 -20.11 -8.94 -22.42
C THR E 242 -21.02 -10.15 -22.76
N ILE E 243 -20.62 -11.00 -23.72
CA ILE E 243 -21.27 -12.31 -24.06
C ILE E 243 -20.90 -13.38 -23.01
N THR E 244 -19.81 -13.15 -22.25
CA THR E 244 -19.43 -13.92 -21.03
C THR E 244 -20.51 -13.70 -19.96
N VAL E 245 -20.86 -12.43 -19.69
CA VAL E 245 -21.84 -11.99 -18.65
C VAL E 245 -23.29 -12.28 -19.09
N ALA E 246 -23.56 -12.32 -20.40
CA ALA E 246 -24.88 -12.59 -21.03
C ALA E 246 -25.18 -14.10 -20.98
N ARG E 247 -24.15 -14.95 -21.07
CA ARG E 247 -24.24 -16.42 -20.87
C ARG E 247 -24.35 -16.75 -19.37
N LYS E 248 -23.63 -15.99 -18.53
CA LYS E 248 -23.55 -16.17 -17.04
C LYS E 248 -24.84 -15.67 -16.37
N TYR E 249 -25.56 -14.71 -16.98
CA TYR E 249 -26.88 -14.22 -16.51
C TYR E 249 -28.00 -15.25 -16.83
N LEU E 250 -27.89 -15.99 -17.93
CA LEU E 250 -28.92 -16.98 -18.37
C LEU E 250 -28.73 -18.32 -17.63
N GLN E 251 -27.59 -18.52 -16.94
CA GLN E 251 -27.25 -19.76 -16.18
C GLN E 251 -27.68 -19.63 -14.71
N THR E 252 -27.73 -18.40 -14.17
CA THR E 252 -28.02 -18.08 -12.74
C THR E 252 -29.50 -17.70 -12.55
N ARG E 253 -30.03 -16.82 -13.42
CA ARG E 253 -31.43 -16.31 -13.39
C ARG E 253 -32.40 -17.42 -13.82
N TRP E 254 -32.15 -18.06 -14.98
CA TRP E 254 -33.06 -19.02 -15.66
C TRP E 254 -32.58 -20.47 -15.54
N GLY E 255 -31.27 -20.71 -15.37
CA GLY E 255 -30.69 -22.06 -15.20
C GLY E 255 -30.45 -22.77 -16.52
N LEU E 256 -30.19 -22.01 -17.60
CA LEU E 256 -29.96 -22.54 -18.98
C LEU E 256 -28.47 -22.88 -19.15
N PRO E 257 -28.12 -24.09 -19.67
CA PRO E 257 -26.73 -24.41 -20.03
C PRO E 257 -26.32 -23.80 -21.39
N SER E 258 -25.11 -24.12 -21.88
CA SER E 258 -24.45 -23.48 -23.05
C SER E 258 -25.03 -23.94 -24.41
N GLY E 259 -25.93 -24.94 -24.44
CA GLY E 259 -26.72 -25.33 -25.65
C GLY E 259 -27.97 -24.50 -25.84
N ARG E 260 -28.64 -24.09 -24.75
CA ARG E 260 -29.91 -23.29 -24.76
C ARG E 260 -29.59 -21.78 -24.71
N GLN E 261 -28.54 -21.36 -23.97
CA GLN E 261 -27.99 -19.97 -23.94
C GLN E 261 -27.71 -19.45 -25.36
N ASP E 262 -27.22 -20.32 -26.26
CA ASP E 262 -27.03 -20.06 -27.71
C ASP E 262 -28.37 -19.67 -28.35
N GLY E 263 -29.40 -20.50 -28.15
CA GLY E 263 -30.75 -20.32 -28.72
C GLY E 263 -31.45 -19.07 -28.20
N VAL E 264 -31.17 -18.65 -26.95
CA VAL E 264 -31.76 -17.42 -26.32
C VAL E 264 -31.12 -16.18 -26.97
N LEU E 265 -29.81 -16.24 -27.27
CA LEU E 265 -29.03 -15.16 -27.96
C LEU E 265 -29.41 -15.08 -29.45
N LEU E 266 -29.90 -16.17 -30.07
CA LEU E 266 -30.39 -16.20 -31.49
C LEU E 266 -31.79 -15.57 -31.61
N VAL E 267 -32.62 -15.63 -30.55
CA VAL E 267 -33.96 -14.96 -30.48
C VAL E 267 -33.73 -13.48 -30.11
N ALA E 268 -32.60 -13.15 -29.46
CA ALA E 268 -32.14 -11.79 -29.11
C ALA E 268 -31.46 -11.09 -30.31
N LEU E 269 -31.13 -11.84 -31.37
CA LEU E 269 -30.51 -11.34 -32.63
C LEU E 269 -31.60 -10.99 -33.65
N SER E 270 -32.62 -11.86 -33.82
CA SER E 270 -33.81 -11.64 -34.67
C SER E 270 -34.64 -10.47 -34.11
N ASN E 271 -34.73 -10.36 -32.77
CA ASN E 271 -35.44 -9.29 -32.02
C ASN E 271 -34.40 -8.38 -31.34
N GLU E 272 -33.42 -7.91 -32.14
CA GLU E 272 -32.32 -6.95 -31.78
C GLU E 272 -32.94 -5.62 -31.36
N PRO E 273 -32.44 -4.94 -30.29
CA PRO E 273 -32.89 -3.58 -29.95
C PRO E 273 -32.39 -2.52 -30.95
N ALA E 274 -33.11 -1.39 -31.03
CA ALA E 274 -32.92 -0.31 -32.03
C ALA E 274 -31.63 0.48 -31.72
N ALA E 275 -31.39 0.81 -30.44
CA ALA E 275 -30.20 1.54 -29.94
C ALA E 275 -29.56 0.80 -28.75
N ARG E 276 -28.37 1.26 -28.35
CA ARG E 276 -27.62 0.85 -27.13
C ARG E 276 -28.58 0.83 -25.94
N LEU E 277 -28.73 -0.31 -25.27
CA LEU E 277 -29.44 -0.42 -23.97
C LEU E 277 -28.62 0.35 -22.92
N GLY E 278 -29.27 1.27 -22.19
CA GLY E 278 -28.62 2.25 -21.30
C GLY E 278 -27.98 1.62 -20.07
N SER E 279 -28.79 0.94 -19.24
CA SER E 279 -28.41 0.36 -17.93
C SER E 279 -28.23 -1.16 -18.04
N GLU E 280 -27.59 -1.77 -17.02
CA GLU E 280 -27.43 -3.25 -16.86
C GLU E 280 -28.81 -3.89 -16.58
N ALA E 281 -29.72 -3.12 -15.97
CA ALA E 281 -31.13 -3.50 -15.66
C ALA E 281 -31.97 -3.65 -16.94
N ASP E 282 -31.70 -2.82 -17.98
CA ASP E 282 -32.34 -2.88 -19.34
C ASP E 282 -31.83 -4.09 -20.13
N ALA E 283 -30.53 -4.38 -20.05
CA ALA E 283 -29.83 -5.53 -20.68
C ALA E 283 -30.37 -6.86 -20.12
N LYS E 284 -30.79 -6.87 -18.85
CA LYS E 284 -31.36 -8.05 -18.15
C LYS E 284 -32.84 -8.20 -18.50
N ALA E 285 -33.63 -7.12 -18.38
CA ALA E 285 -35.05 -7.01 -18.79
C ALA E 285 -35.22 -7.52 -20.24
N PHE E 286 -34.28 -7.16 -21.11
CA PHE E 286 -34.19 -7.60 -22.53
C PHE E 286 -34.03 -9.14 -22.59
N LEU E 287 -33.00 -9.72 -21.95
CA LEU E 287 -32.69 -11.18 -22.02
C LEU E 287 -33.77 -12.02 -21.30
N ASP E 288 -34.42 -11.48 -20.26
CA ASP E 288 -35.61 -12.07 -19.58
C ASP E 288 -36.77 -12.22 -20.58
N SER E 289 -36.97 -11.23 -21.46
CA SER E 289 -37.97 -11.27 -22.56
C SER E 289 -37.61 -12.34 -23.60
N MET E 290 -36.34 -12.39 -24.02
CA MET E 290 -35.82 -13.30 -25.09
C MET E 290 -35.65 -14.75 -24.58
N ALA E 291 -35.54 -14.95 -23.25
CA ALA E 291 -35.50 -16.27 -22.58
C ALA E 291 -36.92 -16.88 -22.51
N GLN E 292 -37.95 -16.04 -22.40
CA GLN E 292 -39.40 -16.43 -22.42
C GLN E 292 -39.94 -16.52 -23.87
N LYS E 293 -39.21 -16.01 -24.88
CA LYS E 293 -39.55 -16.15 -26.32
C LYS E 293 -38.87 -17.38 -26.93
N TYR E 294 -37.73 -17.82 -26.35
CA TYR E 294 -37.06 -19.12 -26.64
C TYR E 294 -37.94 -20.27 -26.12
N ALA E 295 -38.43 -20.13 -24.87
CA ALA E 295 -39.44 -20.98 -24.17
C ALA E 295 -40.64 -21.31 -25.09
N SER E 296 -41.20 -20.31 -25.80
CA SER E 296 -42.38 -20.42 -26.69
C SER E 296 -42.07 -21.29 -27.92
N ILE E 297 -40.90 -21.07 -28.55
CA ILE E 297 -40.47 -21.69 -29.84
C ILE E 297 -40.10 -23.17 -29.62
N VAL E 298 -39.33 -23.49 -28.57
CA VAL E 298 -38.80 -24.85 -28.28
C VAL E 298 -39.78 -25.65 -27.38
N GLY E 299 -40.51 -24.97 -26.47
CA GLY E 299 -41.47 -25.60 -25.53
C GLY E 299 -40.81 -25.98 -24.21
N VAL E 300 -40.21 -24.99 -23.51
CA VAL E 300 -39.56 -25.09 -22.16
C VAL E 300 -40.30 -24.16 -21.19
N ASP E 301 -40.81 -24.69 -20.07
CA ASP E 301 -41.59 -23.95 -19.04
C ASP E 301 -40.87 -24.02 -17.68
N LEU E 302 -40.85 -22.88 -16.96
CA LEU E 302 -40.13 -22.63 -15.67
C LEU E 302 -41.17 -22.65 -14.53
N LEU E 328 -23.32 -12.83 -1.30
CA LEU E 328 -22.60 -13.65 -0.27
C LEU E 328 -21.07 -13.52 -0.46
N GLU E 329 -20.56 -13.66 -1.70
CA GLU E 329 -19.10 -13.71 -2.06
C GLU E 329 -18.79 -12.80 -3.25
N GLU E 330 -19.48 -11.66 -3.33
CA GLU E 330 -19.20 -10.55 -4.28
C GLU E 330 -18.49 -9.42 -3.52
N ILE E 331 -18.08 -9.67 -2.27
CA ILE E 331 -17.31 -8.76 -1.38
C ILE E 331 -15.83 -9.15 -1.42
N THR E 332 -15.52 -10.45 -1.37
CA THR E 332 -14.16 -11.02 -1.58
C THR E 332 -13.66 -10.65 -2.98
N LYS E 333 -14.56 -10.58 -3.97
CA LYS E 333 -14.28 -10.10 -5.34
C LYS E 333 -13.77 -8.65 -5.31
N ASP E 334 -14.50 -7.77 -4.62
CA ASP E 334 -14.31 -6.29 -4.69
C ASP E 334 -12.99 -5.91 -4.01
N HIS E 335 -12.52 -6.71 -3.07
CA HIS E 335 -11.16 -6.58 -2.52
C HIS E 335 -10.15 -6.95 -3.61
N LYS E 336 -10.26 -8.15 -4.16
CA LYS E 336 -9.28 -8.72 -5.13
C LYS E 336 -9.16 -7.81 -6.35
N VAL E 337 -10.23 -7.12 -6.73
CA VAL E 337 -10.20 -6.00 -7.73
C VAL E 337 -9.16 -4.98 -7.29
N LEU E 338 -9.28 -4.47 -6.04
CA LEU E 338 -8.39 -3.43 -5.46
C LEU E 338 -6.92 -3.90 -5.49
N ALA E 339 -6.67 -5.12 -5.02
CA ALA E 339 -5.32 -5.70 -4.98
C ALA E 339 -4.75 -5.77 -6.40
N ARG E 340 -5.54 -6.27 -7.35
CA ARG E 340 -5.21 -6.37 -8.81
C ARG E 340 -4.75 -4.98 -9.28
N GLN E 341 -5.56 -3.94 -9.03
CA GLN E 341 -5.30 -2.56 -9.48
C GLN E 341 -4.03 -2.00 -8.84
N GLN E 342 -3.88 -2.20 -7.53
CA GLN E 342 -2.69 -1.84 -6.73
C GLN E 342 -1.42 -2.49 -7.31
N LEU E 343 -1.51 -3.78 -7.66
CA LEU E 343 -0.40 -4.54 -8.32
C LEU E 343 -0.01 -3.84 -9.61
N GLN E 344 -0.99 -3.58 -10.49
CA GLN E 344 -0.77 -2.94 -11.81
C GLN E 344 0.07 -1.68 -11.63
N VAL E 345 -0.23 -0.83 -10.61
CA VAL E 345 0.43 0.50 -10.52
C VAL E 345 1.87 0.30 -10.05
N LEU E 346 2.11 -0.64 -9.15
CA LEU E 346 3.49 -0.97 -8.70
C LEU E 346 4.34 -1.47 -9.86
N ALA E 347 3.77 -2.35 -10.70
CA ALA E 347 4.38 -2.86 -11.95
C ALA E 347 4.77 -1.68 -12.85
N ARG E 348 3.82 -0.79 -13.11
CA ARG E 348 4.00 0.38 -14.00
C ARG E 348 5.11 1.26 -13.44
N TYR E 349 5.24 1.33 -12.12
CA TYR E 349 6.29 2.11 -11.41
C TYR E 349 7.65 1.43 -11.59
N LEU E 350 7.67 0.10 -11.59
CA LEU E 350 8.90 -0.73 -11.68
C LEU E 350 9.36 -0.95 -13.13
N LYS E 351 8.70 -0.34 -14.13
CA LYS E 351 8.91 -0.56 -15.58
C LYS E 351 8.94 -2.07 -15.85
N MET E 352 7.94 -2.76 -15.34
CA MET E 352 7.86 -4.23 -15.29
C MET E 352 6.68 -4.64 -16.17
N ASP E 353 6.84 -5.73 -16.91
CA ASP E 353 5.94 -6.12 -18.02
C ASP E 353 5.39 -7.51 -17.73
N LEU E 354 4.19 -7.59 -17.16
CA LEU E 354 3.62 -8.87 -16.63
C LEU E 354 3.09 -9.75 -17.77
N ASP E 355 3.28 -9.38 -19.03
CA ASP E 355 2.81 -10.14 -20.22
C ASP E 355 4.01 -10.59 -21.06
N ASN E 356 5.10 -9.83 -21.05
CA ASN E 356 6.38 -10.17 -21.74
C ASN E 356 6.58 -11.68 -21.83
N GLY E 357 6.38 -12.41 -20.73
CA GLY E 357 6.46 -13.88 -20.68
C GLY E 357 5.52 -14.53 -21.67
N GLU E 358 4.21 -14.33 -21.49
CA GLU E 358 3.12 -14.91 -22.35
C GLU E 358 3.27 -14.44 -23.81
N ARG E 359 3.74 -13.24 -24.08
CA ARG E 359 3.93 -12.73 -25.47
C ARG E 359 4.96 -13.60 -26.18
N LYS E 360 6.17 -13.65 -25.64
CA LYS E 360 7.30 -14.46 -26.17
C LYS E 360 6.85 -15.91 -26.38
N PHE E 361 6.02 -16.43 -25.48
CA PHE E 361 5.51 -17.83 -25.54
C PHE E 361 4.67 -17.98 -26.80
N LEU E 362 3.64 -17.17 -26.96
CA LEU E 362 2.70 -17.24 -28.10
C LEU E 362 3.48 -17.17 -29.42
N LYS E 363 4.50 -16.33 -29.47
CA LYS E 363 5.36 -16.13 -30.65
C LYS E 363 6.22 -17.39 -30.91
N GLU E 364 6.66 -18.15 -29.88
CA GLU E 364 7.35 -19.47 -30.03
C GLU E 364 6.36 -20.58 -30.40
N LYS E 365 5.14 -20.57 -29.88
CA LYS E 365 4.14 -21.60 -30.19
C LYS E 365 3.86 -21.58 -31.71
N ASP E 366 3.98 -20.40 -32.34
CA ASP E 366 3.82 -20.19 -33.80
C ASP E 366 4.99 -20.81 -34.57
N THR E 367 6.24 -20.56 -34.17
CA THR E 367 7.44 -21.15 -34.81
C THR E 367 7.45 -22.68 -34.69
N VAL E 368 6.76 -23.25 -33.70
CA VAL E 368 6.66 -24.73 -33.53
C VAL E 368 5.69 -25.24 -34.57
N ALA E 369 4.47 -24.71 -34.58
CA ALA E 369 3.40 -25.07 -35.54
C ALA E 369 3.98 -25.02 -36.95
N GLU E 370 4.81 -24.01 -37.22
CA GLU E 370 5.45 -23.75 -38.53
C GLU E 370 6.42 -24.88 -38.85
N LEU E 371 7.32 -25.25 -37.94
CA LEU E 371 8.30 -26.33 -38.10
C LEU E 371 7.61 -27.69 -38.10
N GLN E 372 6.55 -27.86 -37.31
CA GLN E 372 5.79 -29.13 -37.30
C GLN E 372 5.09 -29.30 -38.65
N ALA E 373 4.73 -28.22 -39.35
CA ALA E 373 4.08 -28.26 -40.67
C ALA E 373 5.10 -28.74 -41.70
N GLN E 374 6.31 -28.18 -41.65
CA GLN E 374 7.44 -28.52 -42.55
C GLN E 374 7.82 -29.99 -42.40
N LEU E 375 7.69 -30.53 -41.21
CA LEU E 375 8.18 -31.87 -40.83
C LEU E 375 7.10 -32.91 -41.09
N ASP E 376 5.84 -32.51 -40.91
CA ASP E 376 4.65 -33.33 -41.25
C ASP E 376 4.57 -33.44 -42.76
N TYR E 377 4.98 -32.39 -43.49
CA TYR E 377 4.99 -32.38 -44.98
C TYR E 377 5.93 -33.48 -45.48
N LEU E 378 7.17 -33.47 -45.02
CA LEU E 378 8.23 -34.43 -45.45
C LEU E 378 7.82 -35.86 -45.08
N ASN E 379 7.12 -36.10 -43.98
CA ASN E 379 6.59 -37.46 -43.71
C ASN E 379 5.54 -37.81 -44.77
N ALA E 380 4.73 -36.87 -45.21
CA ALA E 380 3.71 -37.09 -46.27
C ALA E 380 4.38 -37.55 -47.57
N GLU E 381 5.43 -36.83 -47.97
CA GLU E 381 6.21 -37.03 -49.21
C GLU E 381 7.05 -38.31 -49.20
N LEU E 382 7.85 -38.54 -48.16
CA LEU E 382 8.80 -39.66 -48.14
C LEU E 382 8.19 -40.89 -47.47
N GLY E 383 7.33 -40.63 -46.50
CA GLY E 383 6.67 -41.71 -45.75
C GLY E 383 7.34 -41.88 -44.41
N GLU E 384 6.63 -42.47 -43.46
CA GLU E 384 7.18 -42.80 -42.13
C GLU E 384 8.40 -43.68 -42.35
N PHE E 385 8.27 -44.73 -43.16
CA PHE E 385 9.26 -45.83 -43.23
C PHE E 385 10.65 -45.31 -43.60
N PHE E 386 10.70 -44.34 -44.49
CA PHE E 386 11.93 -43.75 -45.06
C PHE E 386 12.53 -42.73 -44.10
N VAL E 387 11.71 -41.99 -43.33
CA VAL E 387 12.22 -40.96 -42.39
C VAL E 387 12.79 -41.64 -41.14
N ASN E 388 12.15 -42.68 -40.62
CA ASN E 388 12.68 -43.54 -39.54
C ASN E 388 13.88 -44.34 -40.04
N GLY E 389 13.77 -44.90 -41.25
CA GLY E 389 14.77 -45.75 -41.92
C GLY E 389 16.13 -45.09 -42.01
N VAL E 390 16.15 -43.76 -42.11
CA VAL E 390 17.29 -42.96 -42.62
C VAL E 390 18.08 -42.43 -41.43
N ALA E 391 17.81 -42.92 -40.23
CA ALA E 391 18.49 -42.57 -38.98
C ALA E 391 19.92 -43.07 -39.00
N THR E 392 20.85 -42.31 -38.40
CA THR E 392 22.30 -42.64 -38.32
C THR E 392 22.48 -43.70 -37.23
N SER E 393 23.12 -44.82 -37.58
CA SER E 393 23.50 -45.94 -36.68
C SER E 393 24.99 -45.88 -36.35
N PHE E 394 25.84 -45.47 -37.31
CA PHE E 394 27.32 -45.54 -37.22
C PHE E 394 27.89 -44.50 -36.24
N SER E 395 28.72 -44.97 -35.31
CA SER E 395 29.74 -44.20 -34.56
C SER E 395 31.08 -44.90 -34.69
N ARG E 396 32.19 -44.17 -34.57
CA ARG E 396 33.54 -44.76 -34.57
C ARG E 396 33.81 -45.47 -33.25
N LYS E 397 33.22 -44.94 -32.18
CA LYS E 397 33.45 -45.45 -30.83
C LYS E 397 32.71 -46.78 -30.69
N LYS E 398 31.77 -47.09 -31.55
CA LYS E 398 31.11 -48.41 -31.51
C LYS E 398 31.87 -49.45 -32.33
N ALA E 399 32.96 -49.12 -33.00
CA ALA E 399 33.68 -50.11 -33.83
C ALA E 399 34.42 -51.13 -32.94
N ARG E 400 34.20 -52.43 -33.14
CA ARG E 400 34.80 -53.57 -32.40
C ARG E 400 35.86 -54.28 -33.25
N THR E 401 37.13 -54.13 -32.92
CA THR E 401 38.21 -54.87 -33.63
C THR E 401 38.41 -56.23 -32.97
N PHE E 402 38.50 -57.29 -33.79
CA PHE E 402 38.92 -58.66 -33.40
C PHE E 402 40.18 -58.96 -34.18
N ASP E 403 41.32 -59.18 -33.48
CA ASP E 403 42.63 -59.49 -34.08
C ASP E 403 43.48 -60.51 -33.31
N SER E 404 43.00 -61.23 -32.29
CA SER E 404 43.92 -62.00 -31.40
C SER E 404 43.94 -63.49 -31.76
N SER E 405 44.29 -63.80 -33.01
CA SER E 405 44.33 -65.17 -33.57
C SER E 405 45.43 -65.98 -32.90
N TRP E 406 46.51 -65.34 -32.46
CA TRP E 406 47.59 -66.03 -31.70
C TRP E 406 47.04 -66.78 -30.47
N ASN E 407 46.06 -66.23 -29.76
CA ASN E 407 45.40 -66.88 -28.61
C ASN E 407 44.36 -67.91 -29.06
N TRP E 408 43.69 -67.70 -30.19
CA TRP E 408 42.51 -68.49 -30.61
C TRP E 408 42.97 -69.75 -31.30
N ALA E 409 44.23 -69.79 -31.73
CA ALA E 409 44.87 -70.99 -32.28
C ALA E 409 45.04 -72.02 -31.17
N LYS E 410 45.58 -71.60 -30.03
CA LYS E 410 45.84 -72.51 -28.89
C LYS E 410 44.51 -72.99 -28.33
N GLN E 411 43.47 -72.16 -28.30
CA GLN E 411 42.15 -72.55 -27.71
C GLN E 411 41.50 -73.57 -28.61
N SER E 412 41.66 -73.41 -29.91
CA SER E 412 41.00 -74.21 -30.97
C SER E 412 41.60 -75.60 -30.99
N LEU E 413 42.88 -75.68 -30.67
CA LEU E 413 43.67 -76.93 -30.72
C LEU E 413 43.34 -77.79 -29.50
N LEU E 414 43.25 -77.17 -28.34
CA LEU E 414 42.82 -77.82 -27.08
C LEU E 414 41.34 -78.26 -27.20
N SER E 415 40.46 -77.43 -27.73
CA SER E 415 39.04 -77.79 -27.97
C SER E 415 38.93 -79.01 -28.91
N LEU E 416 39.82 -79.16 -29.87
CA LEU E 416 39.82 -80.31 -30.82
C LEU E 416 40.35 -81.52 -30.07
N TYR E 417 41.41 -81.35 -29.30
CA TYR E 417 42.10 -82.42 -28.51
C TYR E 417 41.09 -83.14 -27.61
N PHE E 418 40.40 -82.43 -26.75
CA PHE E 418 39.39 -83.02 -25.84
C PHE E 418 38.14 -83.52 -26.58
N GLU E 419 37.70 -82.88 -27.65
CA GLU E 419 36.59 -83.42 -28.51
C GLU E 419 36.93 -84.81 -29.06
N ILE E 420 38.18 -85.05 -29.43
CA ILE E 420 38.62 -86.36 -29.96
C ILE E 420 38.77 -87.37 -28.81
N ILE E 421 39.21 -86.91 -27.64
CA ILE E 421 39.43 -87.79 -26.45
C ILE E 421 38.09 -88.21 -25.86
N HIS E 422 37.08 -87.36 -25.89
CA HIS E 422 35.72 -87.68 -25.39
C HIS E 422 34.84 -88.26 -26.52
N GLY E 423 35.43 -88.62 -27.65
CA GLY E 423 34.73 -89.23 -28.80
C GLY E 423 33.50 -88.44 -29.26
N VAL E 424 33.61 -87.11 -29.37
CA VAL E 424 32.60 -86.21 -29.98
C VAL E 424 32.88 -86.11 -31.49
N LEU E 425 34.15 -85.95 -31.85
CA LEU E 425 34.69 -86.09 -33.23
C LEU E 425 35.42 -87.43 -33.32
N LYS E 426 35.07 -88.25 -34.34
CA LYS E 426 35.73 -89.54 -34.70
C LYS E 426 36.69 -89.30 -35.88
N ASN E 427 37.44 -90.33 -36.29
CA ASN E 427 38.42 -90.27 -37.41
C ASN E 427 37.71 -90.18 -38.77
N VAL E 428 36.37 -90.35 -38.80
CA VAL E 428 35.53 -90.31 -40.04
C VAL E 428 34.98 -88.88 -40.28
N ASP E 429 34.76 -88.10 -39.21
CA ASP E 429 34.15 -86.74 -39.25
C ASP E 429 35.05 -85.83 -40.09
N ARG E 430 34.44 -84.92 -40.86
CA ARG E 430 35.16 -83.95 -41.71
C ARG E 430 35.53 -82.73 -40.86
N GLU E 431 34.86 -82.54 -39.73
CA GLU E 431 35.10 -81.37 -38.86
C GLU E 431 36.54 -81.43 -38.34
N VAL E 432 37.10 -82.62 -38.09
CA VAL E 432 38.52 -82.75 -37.64
C VAL E 432 39.46 -82.27 -38.76
N VAL E 433 39.10 -82.37 -40.04
CA VAL E 433 39.91 -81.80 -41.16
C VAL E 433 39.73 -80.27 -41.20
N SER E 434 38.50 -79.80 -41.40
CA SER E 434 38.08 -78.38 -41.33
C SER E 434 38.82 -77.65 -40.21
N GLU E 435 38.86 -78.26 -39.01
CA GLU E 435 39.45 -77.69 -37.79
C GLU E 435 40.96 -77.69 -37.93
N ALA E 436 41.55 -78.74 -38.52
CA ALA E 436 43.01 -78.86 -38.77
C ALA E 436 43.46 -77.69 -39.63
N ILE E 437 42.75 -77.44 -40.73
CA ILE E 437 43.04 -76.32 -41.68
C ILE E 437 43.18 -75.02 -40.90
N ASN E 438 42.25 -74.73 -40.01
CA ASN E 438 42.18 -73.46 -39.24
C ASN E 438 43.33 -73.37 -38.22
N ILE E 439 43.91 -74.48 -37.79
CA ILE E 439 45.09 -74.52 -36.87
C ILE E 439 46.36 -74.35 -37.71
N MET E 440 46.39 -74.85 -38.95
CA MET E 440 47.52 -74.64 -39.88
C MET E 440 47.55 -73.17 -40.31
N ASN E 441 46.38 -72.66 -40.65
CA ASN E 441 46.18 -71.27 -41.08
C ASN E 441 46.64 -70.29 -40.00
N ARG E 442 46.74 -70.72 -38.74
CA ARG E 442 47.24 -69.85 -37.64
C ARG E 442 48.58 -70.33 -37.12
N SER E 443 49.32 -71.14 -37.88
CA SER E 443 50.57 -71.80 -37.40
C SER E 443 51.61 -70.74 -37.07
N ASN E 444 52.16 -70.78 -35.86
CA ASN E 444 53.38 -70.02 -35.45
C ASN E 444 54.16 -70.84 -34.43
N ASP E 445 55.39 -70.42 -34.12
CA ASP E 445 56.35 -71.17 -33.25
C ASP E 445 55.70 -71.55 -31.92
N ALA E 446 54.95 -70.64 -31.28
CA ALA E 446 54.28 -70.82 -29.97
C ALA E 446 53.28 -71.96 -30.04
N LEU E 447 52.57 -72.03 -31.16
CA LEU E 447 51.46 -72.99 -31.41
C LEU E 447 52.08 -74.37 -31.69
N ILE E 448 53.33 -74.45 -32.12
CA ILE E 448 53.99 -75.77 -32.32
C ILE E 448 54.61 -76.26 -30.99
N LYS E 449 55.24 -75.37 -30.23
CA LYS E 449 55.68 -75.70 -28.85
C LYS E 449 54.44 -76.21 -28.11
N PHE E 450 53.28 -75.60 -28.34
CA PHE E 450 52.03 -75.94 -27.60
C PHE E 450 51.51 -77.31 -28.04
N MET E 451 51.38 -77.53 -29.33
CA MET E 451 50.89 -78.81 -29.86
C MET E 451 51.87 -79.91 -29.51
N GLU E 452 53.17 -79.63 -29.44
CA GLU E 452 54.21 -80.67 -29.15
C GLU E 452 54.00 -81.20 -27.72
N TYR E 453 53.87 -80.32 -26.74
CA TYR E 453 53.63 -80.71 -25.33
C TYR E 453 52.33 -81.48 -25.18
N HIS E 454 51.23 -81.02 -25.78
CA HIS E 454 49.88 -81.63 -25.54
C HIS E 454 49.78 -83.00 -26.21
N ILE E 455 50.59 -83.28 -27.23
CA ILE E 455 50.50 -84.48 -28.08
C ILE E 455 51.62 -85.43 -27.74
N SER E 456 52.73 -84.95 -27.15
CA SER E 456 53.87 -85.80 -26.73
C SER E 456 53.75 -86.17 -25.24
N ASN E 457 52.63 -85.87 -24.61
CA ASN E 457 52.32 -86.22 -23.20
C ASN E 457 50.89 -86.76 -23.10
N THR E 458 50.39 -87.42 -24.14
CA THR E 458 49.17 -88.27 -24.04
C THR E 458 49.64 -89.71 -23.97
N ASP E 459 49.17 -90.44 -22.95
CA ASP E 459 49.41 -91.89 -22.74
C ASP E 459 48.43 -92.63 -23.65
N GLU E 460 48.94 -93.20 -24.75
CA GLU E 460 48.13 -93.90 -25.78
C GLU E 460 47.54 -95.21 -25.22
N THR E 461 48.10 -95.70 -24.10
CA THR E 461 47.64 -96.92 -23.39
C THR E 461 46.24 -96.69 -22.81
N LYS E 462 45.94 -95.44 -22.45
CA LYS E 462 44.79 -94.99 -21.63
C LYS E 462 43.45 -95.23 -22.34
N GLY E 463 43.46 -95.47 -23.65
CA GLY E 463 42.24 -95.77 -24.43
C GLY E 463 42.43 -95.56 -25.92
N GLU E 464 41.51 -96.07 -26.73
CA GLU E 464 41.57 -96.05 -28.22
C GLU E 464 41.56 -94.59 -28.72
N ASN E 465 40.78 -93.72 -28.07
CA ASN E 465 40.64 -92.27 -28.38
C ASN E 465 41.91 -91.51 -28.00
N TYR E 466 42.74 -92.02 -27.09
CA TYR E 466 44.07 -91.44 -26.78
C TYR E 466 45.08 -91.85 -27.85
N GLN E 467 44.87 -92.99 -28.53
CA GLN E 467 45.73 -93.40 -29.67
C GLN E 467 45.41 -92.48 -30.85
N LEU E 468 44.13 -92.20 -31.07
CA LEU E 468 43.64 -91.42 -32.23
C LEU E 468 44.24 -90.02 -32.19
N VAL E 469 44.22 -89.38 -31.02
CA VAL E 469 44.59 -87.96 -30.86
C VAL E 469 46.10 -87.82 -31.00
N LYS E 470 46.84 -88.85 -30.61
CA LYS E 470 48.32 -88.83 -30.67
C LYS E 470 48.74 -89.05 -32.13
N THR E 471 48.04 -89.89 -32.89
CA THR E 471 48.31 -90.18 -34.33
C THR E 471 47.99 -88.93 -35.16
N LEU E 472 46.74 -88.45 -35.04
CA LEU E 472 46.23 -87.18 -35.63
C LEU E 472 47.21 -86.07 -35.26
N GLY E 473 47.47 -85.89 -33.98
CA GLY E 473 48.33 -84.82 -33.43
C GLY E 473 49.69 -84.77 -34.10
N GLU E 474 50.45 -85.87 -34.03
CA GLU E 474 51.81 -85.97 -34.60
C GLU E 474 51.77 -85.45 -36.04
N GLN E 475 50.74 -85.80 -36.82
CA GLN E 475 50.56 -85.36 -38.22
C GLN E 475 50.39 -83.84 -38.30
N LEU E 476 49.38 -83.33 -37.60
CA LEU E 476 49.01 -81.89 -37.46
C LEU E 476 50.22 -81.02 -37.03
N ILE E 477 51.14 -81.57 -36.24
CA ILE E 477 52.46 -80.93 -35.91
C ILE E 477 53.35 -80.91 -37.15
N GLU E 478 53.42 -82.02 -37.88
CA GLU E 478 54.29 -82.16 -39.07
C GLU E 478 53.82 -81.18 -40.15
N ASN E 479 52.49 -81.08 -40.37
CA ASN E 479 51.83 -80.09 -41.25
C ASN E 479 52.17 -78.66 -40.79
N CYS E 480 51.76 -78.30 -39.59
CA CYS E 480 51.94 -76.95 -39.02
C CYS E 480 53.37 -76.44 -39.21
N LYS E 481 54.38 -77.31 -39.10
CA LYS E 481 55.82 -76.95 -39.31
C LYS E 481 56.11 -76.68 -40.79
N GLN E 482 55.57 -77.48 -41.72
CA GLN E 482 55.73 -77.31 -43.20
C GLN E 482 55.21 -75.94 -43.69
N VAL E 483 54.22 -75.39 -42.99
CA VAL E 483 53.35 -74.27 -43.42
C VAL E 483 53.65 -73.03 -42.58
N LEU E 484 54.32 -73.17 -41.45
CA LEU E 484 54.97 -72.02 -40.77
C LEU E 484 55.66 -71.22 -41.88
N ASP E 485 55.48 -69.90 -41.93
CA ASP E 485 56.13 -69.01 -42.95
C ASP E 485 55.59 -69.28 -44.36
N VAL E 486 54.29 -69.57 -44.49
CA VAL E 486 53.55 -69.80 -45.76
C VAL E 486 52.16 -69.22 -45.57
N ASP E 487 51.64 -68.54 -46.58
CA ASP E 487 50.43 -67.69 -46.41
C ASP E 487 49.24 -68.61 -46.28
N PRO E 488 48.28 -68.22 -45.42
CA PRO E 488 47.14 -69.06 -45.11
C PRO E 488 46.12 -68.99 -46.23
N VAL E 489 45.15 -69.89 -46.18
CA VAL E 489 44.34 -70.26 -47.37
C VAL E 489 42.85 -70.46 -47.01
N TYR E 490 41.94 -69.81 -47.72
CA TYR E 490 40.55 -70.32 -47.86
C TYR E 490 40.62 -71.68 -48.55
N LYS E 491 40.31 -72.75 -47.84
CA LYS E 491 40.06 -74.09 -48.44
C LYS E 491 38.82 -74.69 -47.76
N ASP E 492 37.66 -74.60 -48.40
CA ASP E 492 36.43 -75.25 -47.92
C ASP E 492 36.54 -76.75 -48.19
N VAL E 493 36.15 -77.56 -47.22
CA VAL E 493 36.36 -79.03 -47.22
C VAL E 493 35.07 -79.72 -46.77
N ALA E 494 33.98 -78.96 -46.66
CA ALA E 494 32.65 -79.42 -46.19
C ALA E 494 32.02 -80.30 -47.27
N LYS E 495 31.10 -81.20 -46.87
CA LYS E 495 30.42 -82.11 -47.82
C LYS E 495 29.35 -81.31 -48.57
N PRO E 496 29.48 -81.12 -49.90
CA PRO E 496 28.50 -80.35 -50.66
C PRO E 496 27.16 -81.08 -50.77
N THR E 497 26.11 -80.42 -50.32
CA THR E 497 24.74 -80.94 -50.16
C THR E 497 23.91 -80.55 -51.39
N GLY E 498 22.86 -81.31 -51.66
CA GLY E 498 21.78 -80.98 -52.61
C GLY E 498 20.49 -80.77 -51.84
N PRO E 499 19.40 -80.27 -52.46
CA PRO E 499 18.09 -80.21 -51.82
C PRO E 499 17.27 -81.50 -52.02
N LYS E 500 16.42 -81.82 -51.04
CA LYS E 500 15.51 -82.99 -51.01
C LYS E 500 14.18 -82.56 -50.40
N THR E 501 13.09 -82.65 -51.16
CA THR E 501 11.70 -82.41 -50.67
C THR E 501 11.01 -83.76 -50.55
N ALA E 502 10.45 -84.03 -49.37
CA ALA E 502 9.67 -85.24 -49.05
C ALA E 502 8.29 -84.81 -48.51
N ILE E 503 7.25 -85.51 -48.93
CA ILE E 503 5.86 -85.44 -48.37
C ILE E 503 5.53 -86.83 -47.82
N ASP E 504 5.26 -86.92 -46.51
CA ASP E 504 4.98 -88.22 -45.82
C ASP E 504 3.60 -88.76 -46.24
N LYS E 505 3.09 -89.76 -45.53
CA LYS E 505 1.74 -90.36 -45.71
C LYS E 505 0.64 -89.34 -45.35
N ASN E 506 0.85 -88.58 -44.27
CA ASN E 506 -0.15 -87.64 -43.66
C ASN E 506 -0.05 -86.24 -44.28
N GLY E 507 0.80 -86.05 -45.31
CA GLY E 507 0.93 -84.79 -46.07
C GLY E 507 1.61 -83.68 -45.29
N ASN E 508 2.71 -83.98 -44.57
CA ASN E 508 3.67 -83.00 -44.00
C ASN E 508 4.86 -82.86 -44.96
N ILE E 509 5.18 -81.63 -45.36
CA ILE E 509 6.30 -81.31 -46.29
C ILE E 509 7.56 -81.16 -45.45
N THR E 510 8.56 -82.02 -45.69
CA THR E 510 9.90 -82.00 -45.06
C THR E 510 10.94 -81.52 -46.08
N TYR E 511 11.79 -80.58 -45.66
CA TYR E 511 12.99 -80.14 -46.42
C TYR E 511 14.27 -80.57 -45.68
N SER E 512 15.20 -81.20 -46.39
CA SER E 512 16.52 -81.65 -45.87
C SER E 512 17.59 -81.55 -46.98
N GLU E 513 18.65 -80.78 -46.75
CA GLU E 513 19.84 -80.77 -47.65
C GLU E 513 20.51 -82.14 -47.50
N GLU E 514 20.90 -82.75 -48.63
CA GLU E 514 21.17 -84.21 -48.74
C GLU E 514 22.44 -84.47 -49.55
N PRO E 515 23.54 -84.95 -48.91
CA PRO E 515 24.70 -85.46 -49.64
C PRO E 515 24.43 -85.99 -51.06
N ARG E 516 25.04 -85.34 -52.05
CA ARG E 516 24.86 -85.59 -53.50
C ARG E 516 25.57 -86.89 -53.90
N GLU E 517 25.14 -87.49 -55.00
CA GLU E 517 25.90 -88.58 -55.68
C GLU E 517 26.98 -87.92 -56.56
N LYS E 518 28.22 -88.44 -56.51
CA LYS E 518 29.34 -88.11 -57.44
C LYS E 518 29.89 -86.70 -57.19
N VAL E 519 29.49 -86.01 -56.12
CA VAL E 519 30.03 -84.69 -55.70
C VAL E 519 30.21 -84.70 -54.17
N ARG E 520 31.35 -85.21 -53.68
CA ARG E 520 31.62 -85.45 -52.24
C ARG E 520 32.90 -84.70 -51.84
N LYS E 521 33.12 -83.52 -52.43
CA LYS E 521 34.39 -82.75 -52.44
C LYS E 521 34.13 -81.50 -53.30
N LEU E 522 34.93 -80.45 -53.19
CA LEU E 522 34.70 -79.20 -54.00
C LEU E 522 35.42 -79.32 -55.34
N SER E 523 36.51 -80.09 -55.41
CA SER E 523 37.17 -80.48 -56.68
C SER E 523 36.08 -80.92 -57.66
N GLN E 524 35.22 -81.86 -57.22
CA GLN E 524 34.18 -82.53 -58.04
C GLN E 524 33.13 -81.50 -58.47
N TYR E 525 32.68 -80.69 -57.54
CA TYR E 525 31.76 -79.55 -57.77
C TYR E 525 32.28 -78.69 -58.92
N VAL E 526 33.59 -78.47 -59.10
CA VAL E 526 34.09 -77.58 -60.22
C VAL E 526 33.98 -78.31 -61.57
N GLN E 527 34.34 -79.61 -61.64
CA GLN E 527 34.11 -80.49 -62.82
C GLN E 527 32.63 -80.40 -63.23
N GLU E 528 31.72 -80.76 -62.31
CA GLU E 528 30.24 -80.75 -62.55
C GLU E 528 29.81 -79.40 -63.13
N MET E 529 30.37 -78.31 -62.62
CA MET E 529 30.03 -76.92 -63.03
C MET E 529 30.57 -76.69 -64.42
N ALA E 530 31.76 -77.25 -64.74
CA ALA E 530 32.43 -77.05 -66.04
C ALA E 530 31.66 -77.76 -67.16
N LEU E 531 31.26 -79.03 -66.96
CA LEU E 531 30.52 -79.88 -67.95
C LEU E 531 29.17 -79.27 -68.34
N GLY E 532 28.55 -78.48 -67.46
CA GLY E 532 27.23 -77.88 -67.69
C GLY E 532 26.15 -78.93 -67.55
N GLY E 533 25.48 -79.26 -68.65
CA GLY E 533 24.35 -80.21 -68.68
C GLY E 533 23.74 -80.34 -70.08
N PRO E 534 22.63 -81.10 -70.21
CA PRO E 534 21.93 -81.22 -71.49
C PRO E 534 21.25 -79.93 -71.97
N ILE E 535 20.85 -79.05 -71.05
CA ILE E 535 20.03 -77.83 -71.34
C ILE E 535 20.94 -76.62 -71.63
N THR E 536 22.12 -76.58 -70.99
CA THR E 536 23.18 -75.56 -71.17
C THR E 536 23.81 -75.66 -72.58
N LYS E 537 23.60 -76.79 -73.28
CA LYS E 537 24.04 -77.02 -74.69
C LYS E 537 23.47 -75.91 -75.58
N GLU E 538 24.36 -75.06 -76.12
CA GLU E 538 24.01 -73.94 -77.04
C GLU E 538 24.01 -74.50 -78.47
N SER E 539 22.89 -74.32 -79.19
CA SER E 539 22.64 -74.88 -80.56
C SER E 539 21.58 -74.03 -81.29
N MET E 599 39.59 -87.30 -64.74
CA MET E 599 40.11 -86.56 -63.55
C MET E 599 39.48 -87.18 -62.26
N ASP E 600 40.33 -87.78 -61.42
CA ASP E 600 39.93 -88.53 -60.17
C ASP E 600 41.18 -88.66 -59.27
N VAL E 601 41.35 -87.70 -58.35
CA VAL E 601 42.40 -87.69 -57.27
C VAL E 601 41.79 -88.39 -56.04
N GLU E 602 42.23 -89.63 -55.75
CA GLU E 602 41.76 -90.44 -54.57
C GLU E 602 42.26 -89.76 -53.29
N ASP E 603 41.39 -89.74 -52.26
CA ASP E 603 41.56 -89.01 -50.96
C ASP E 603 41.40 -90.03 -49.82
N ALA E 604 41.00 -89.58 -48.62
CA ALA E 604 40.57 -90.48 -47.51
C ALA E 604 39.46 -89.83 -46.68
N LEU E 605 38.67 -88.90 -47.25
CA LEU E 605 37.48 -88.28 -46.57
C LEU E 605 36.46 -89.39 -46.24
N ASP E 606 35.91 -89.37 -45.02
CA ASP E 606 34.82 -90.25 -44.54
C ASP E 606 35.31 -91.71 -44.42
N LYS E 607 36.58 -91.92 -44.05
CA LYS E 607 37.14 -93.26 -43.68
C LYS E 607 38.37 -93.09 -42.77
N ASP E 608 39.30 -92.18 -43.13
CA ASP E 608 40.45 -91.77 -42.30
C ASP E 608 40.77 -90.30 -42.63
N SER E 609 40.31 -89.38 -41.77
CA SER E 609 40.61 -87.93 -41.84
C SER E 609 42.06 -87.64 -41.40
N THR E 610 42.72 -88.53 -40.63
CA THR E 610 44.15 -88.43 -40.22
C THR E 610 45.06 -88.55 -41.45
N LYS E 611 44.60 -89.21 -42.51
CA LYS E 611 45.31 -89.33 -43.81
C LYS E 611 45.01 -88.12 -44.70
N GLU E 612 43.78 -87.59 -44.64
CA GLU E 612 43.37 -86.34 -45.35
C GLU E 612 44.06 -85.12 -44.71
N VAL E 613 44.33 -85.17 -43.40
CA VAL E 613 45.15 -84.18 -42.64
C VAL E 613 46.58 -84.18 -43.20
N ALA E 614 47.21 -85.35 -43.39
CA ALA E 614 48.59 -85.50 -43.90
C ALA E 614 48.75 -84.80 -45.26
N SER E 615 47.67 -84.75 -46.06
CA SER E 615 47.64 -84.28 -47.47
C SER E 615 47.22 -82.80 -47.60
N LEU E 616 47.25 -82.03 -46.51
CA LEU E 616 46.74 -80.63 -46.46
C LEU E 616 47.79 -79.62 -46.91
N PRO E 617 49.10 -79.75 -46.57
CA PRO E 617 50.13 -78.91 -47.20
C PRO E 617 50.51 -79.32 -48.65
N ASN E 618 50.51 -80.62 -48.94
CA ASN E 618 50.93 -81.21 -50.24
C ASN E 618 50.13 -80.54 -51.36
N LYS E 619 50.76 -79.58 -52.04
CA LYS E 619 50.14 -78.72 -53.08
C LYS E 619 50.05 -79.52 -54.38
N SER E 620 48.86 -80.07 -54.67
CA SER E 620 48.58 -80.98 -55.83
C SER E 620 48.58 -80.18 -57.14
N THR E 621 49.58 -80.44 -58.00
CA THR E 621 49.69 -79.94 -59.40
C THR E 621 49.03 -80.95 -60.35
N ILE E 622 48.26 -80.44 -61.32
CA ILE E 622 47.54 -81.27 -62.34
C ILE E 622 48.01 -80.83 -63.75
N SER E 623 48.19 -81.80 -64.65
CA SER E 623 48.51 -81.58 -66.09
C SER E 623 47.29 -80.96 -66.78
N LYS E 624 46.26 -81.79 -67.05
CA LYS E 624 45.02 -81.38 -67.76
C LYS E 624 44.18 -80.58 -66.76
N THR E 625 44.00 -79.27 -67.04
CA THR E 625 43.06 -78.39 -66.30
C THR E 625 41.63 -78.69 -66.78
N VAL E 626 40.65 -78.25 -66.00
CA VAL E 626 39.20 -78.43 -66.27
C VAL E 626 38.69 -77.39 -67.29
N SER E 627 39.55 -76.54 -67.87
CA SER E 627 39.27 -75.77 -69.11
C SER E 627 39.02 -76.71 -70.31
N SER E 628 39.74 -77.84 -70.35
CA SER E 628 39.76 -78.84 -71.47
C SER E 628 38.71 -79.93 -71.28
N THR E 629 38.05 -79.99 -70.11
CA THR E 629 36.88 -80.86 -69.82
C THR E 629 35.61 -80.26 -70.44
N ILE E 630 35.53 -78.92 -70.56
CA ILE E 630 34.34 -78.14 -71.03
C ILE E 630 34.02 -78.60 -72.44
N PRO E 631 32.97 -79.41 -72.68
CA PRO E 631 32.72 -79.95 -74.02
C PRO E 631 32.31 -78.81 -74.96
N ARG E 632 32.91 -78.72 -76.15
CA ARG E 632 32.55 -77.70 -77.17
C ARG E 632 31.03 -77.81 -77.42
N GLU E 633 30.39 -76.70 -77.78
CA GLU E 633 28.92 -76.62 -78.03
C GLU E 633 28.17 -76.83 -76.71
N THR E 634 28.75 -76.44 -75.57
CA THR E 634 28.12 -76.50 -74.21
C THR E 634 28.66 -75.38 -73.32
N ILE E 635 27.76 -74.68 -72.64
CA ILE E 635 28.08 -73.56 -71.69
C ILE E 635 28.20 -74.15 -70.29
N PRO E 636 29.29 -73.87 -69.54
CA PRO E 636 29.39 -74.30 -68.15
C PRO E 636 28.27 -73.66 -67.33
N PHE E 637 28.07 -74.12 -66.11
CA PHE E 637 27.07 -73.54 -65.18
C PHE E 637 27.61 -72.23 -64.62
N LEU E 638 28.89 -72.19 -64.19
CA LEU E 638 29.61 -70.93 -63.84
C LEU E 638 30.41 -70.46 -65.06
N HIS E 639 30.19 -69.24 -65.56
CA HIS E 639 30.95 -68.73 -66.72
C HIS E 639 31.07 -67.21 -66.71
N LEU E 640 32.18 -66.69 -67.18
CA LEU E 640 32.36 -65.24 -67.40
C LEU E 640 31.83 -64.90 -68.78
N ARG E 641 31.39 -63.67 -68.95
CA ARG E 641 30.87 -63.15 -70.23
C ARG E 641 31.85 -62.12 -70.78
N LYS E 642 31.62 -61.72 -72.03
CA LYS E 642 32.40 -60.69 -72.73
C LYS E 642 31.43 -59.80 -73.52
N LYS E 643 31.63 -58.49 -73.46
CA LYS E 643 30.81 -57.51 -74.19
C LYS E 643 31.22 -57.57 -75.67
N THR E 644 30.26 -57.76 -76.55
CA THR E 644 30.42 -57.84 -78.03
C THR E 644 30.15 -56.45 -78.61
N PRO E 645 30.81 -56.00 -79.72
CA PRO E 645 30.68 -54.63 -80.22
C PRO E 645 29.25 -54.11 -80.44
N ALA E 646 28.29 -54.99 -80.77
CA ALA E 646 26.83 -54.72 -80.79
C ALA E 646 26.36 -54.18 -79.43
N GLY E 647 26.92 -54.71 -78.32
CA GLY E 647 26.75 -54.18 -76.94
C GLY E 647 26.07 -55.14 -75.98
N ASP E 648 25.76 -56.37 -76.40
CA ASP E 648 25.28 -57.48 -75.52
C ASP E 648 26.48 -58.13 -74.83
N TRP E 649 26.23 -58.95 -73.80
CA TRP E 649 27.27 -59.80 -73.15
C TRP E 649 27.00 -61.28 -73.49
N LYS E 650 27.92 -61.94 -74.18
CA LYS E 650 27.84 -63.39 -74.54
C LYS E 650 28.85 -64.18 -73.73
N TYR E 651 28.54 -65.43 -73.41
CA TYR E 651 29.52 -66.47 -72.97
C TYR E 651 30.79 -66.36 -73.80
N ASP E 652 31.88 -65.90 -73.20
CA ASP E 652 33.25 -66.09 -73.77
C ASP E 652 33.83 -67.37 -73.17
N ARG E 653 34.26 -68.30 -74.02
CA ARG E 653 34.82 -69.63 -73.64
C ARG E 653 36.16 -69.43 -72.89
N GLN E 654 36.97 -68.48 -73.36
CA GLN E 654 38.40 -68.35 -73.01
C GLN E 654 38.54 -67.61 -71.67
N LEU E 655 37.84 -66.50 -71.45
CA LEU E 655 37.65 -65.85 -70.11
C LEU E 655 37.16 -66.90 -69.09
N SER E 656 36.09 -67.61 -69.45
CA SER E 656 35.38 -68.57 -68.59
C SER E 656 36.32 -69.69 -68.15
N SER E 657 37.29 -70.09 -69.00
CA SER E 657 38.28 -71.16 -68.68
C SER E 657 39.17 -70.67 -67.52
N LEU E 658 39.89 -69.58 -67.75
CA LEU E 658 40.70 -68.82 -66.75
C LEU E 658 40.01 -68.80 -65.38
N PHE E 659 38.73 -68.46 -65.33
CA PHE E 659 37.91 -68.39 -64.08
C PHE E 659 37.82 -69.76 -63.42
N LEU E 660 37.41 -70.78 -64.18
CA LEU E 660 37.17 -72.17 -63.70
C LEU E 660 38.48 -72.85 -63.31
N ASP E 661 39.58 -72.55 -64.03
CA ASP E 661 40.95 -73.05 -63.71
C ASP E 661 41.41 -72.47 -62.36
N GLY E 662 41.17 -71.19 -62.10
CA GLY E 662 41.42 -70.58 -60.78
C GLY E 662 40.60 -71.25 -59.69
N LEU E 663 39.42 -71.75 -60.06
CA LEU E 663 38.40 -72.29 -59.13
C LEU E 663 38.74 -73.75 -58.85
N GLU E 664 39.35 -74.45 -59.81
CA GLU E 664 39.85 -75.85 -59.68
C GLU E 664 40.98 -75.88 -58.65
N LYS E 665 41.86 -74.87 -58.68
CA LYS E 665 43.08 -74.75 -57.85
C LYS E 665 42.69 -74.32 -56.43
N ALA E 666 41.79 -73.35 -56.33
CA ALA E 666 41.14 -72.95 -55.07
C ALA E 666 40.65 -74.19 -54.34
N ALA E 667 40.11 -75.17 -55.07
CA ALA E 667 39.45 -76.35 -54.48
C ALA E 667 40.52 -77.34 -54.01
N PHE E 668 41.57 -77.59 -54.81
CA PHE E 668 42.73 -78.44 -54.43
C PHE E 668 43.58 -77.69 -53.39
N ASN E 669 44.28 -76.65 -53.86
CA ASN E 669 45.38 -75.98 -53.12
C ASN E 669 44.81 -74.91 -52.17
N GLY E 670 43.80 -74.15 -52.60
CA GLY E 670 43.20 -73.06 -51.82
C GLY E 670 43.78 -71.70 -52.19
N VAL E 671 43.09 -70.63 -51.82
CA VAL E 671 43.31 -69.24 -52.31
C VAL E 671 43.89 -68.47 -51.13
N THR E 672 44.81 -67.53 -51.31
CA THR E 672 45.15 -66.58 -50.21
C THR E 672 44.54 -65.19 -50.49
N PHE E 673 44.29 -64.47 -49.43
CA PHE E 673 43.75 -63.10 -49.42
C PHE E 673 44.60 -62.28 -48.47
N LYS E 674 45.83 -62.71 -48.23
CA LYS E 674 46.80 -61.96 -47.40
C LYS E 674 46.94 -60.60 -48.07
N ASP E 675 46.86 -59.52 -47.30
CA ASP E 675 47.16 -58.14 -47.73
C ASP E 675 45.98 -57.55 -48.52
N LYS E 676 44.91 -58.31 -48.68
CA LYS E 676 43.63 -57.84 -49.27
C LYS E 676 42.85 -57.17 -48.14
N TYR E 677 42.38 -55.93 -48.33
CA TYR E 677 41.52 -55.18 -47.37
C TYR E 677 40.12 -55.04 -47.95
N VAL E 678 39.10 -55.42 -47.20
CA VAL E 678 37.73 -55.59 -47.75
C VAL E 678 36.70 -54.86 -46.89
N LEU E 679 35.77 -54.11 -47.50
CA LEU E 679 34.48 -53.67 -46.89
C LEU E 679 33.41 -54.64 -47.35
N ILE E 680 32.58 -55.18 -46.45
CA ILE E 680 31.47 -56.10 -46.83
C ILE E 680 30.22 -55.78 -46.04
N THR E 681 29.12 -55.52 -46.72
CA THR E 681 27.86 -55.08 -46.07
C THR E 681 26.83 -56.18 -46.28
N GLY E 682 25.85 -56.26 -45.39
CA GLY E 682 24.84 -57.32 -45.42
C GLY E 682 25.53 -58.65 -45.35
N ALA E 683 26.37 -58.84 -44.34
CA ALA E 683 27.01 -60.14 -44.06
C ALA E 683 26.58 -60.68 -42.71
N GLY E 684 25.29 -60.59 -42.40
CA GLY E 684 24.71 -61.10 -41.15
C GLY E 684 24.63 -62.61 -41.16
N LYS E 685 24.31 -63.20 -40.03
CA LYS E 685 24.18 -64.67 -39.84
C LYS E 685 23.16 -65.25 -40.83
N GLY E 686 23.52 -66.31 -41.53
CA GLY E 686 22.65 -67.00 -42.50
C GLY E 686 22.46 -66.18 -43.75
N SER E 687 23.55 -65.95 -44.51
CA SER E 687 23.58 -65.13 -45.75
C SER E 687 24.79 -65.54 -46.59
N ILE E 688 24.76 -65.36 -47.90
CA ILE E 688 26.00 -65.51 -48.72
C ILE E 688 27.06 -64.55 -48.14
N GLY E 689 26.63 -63.37 -47.72
CA GLY E 689 27.49 -62.39 -47.04
C GLY E 689 28.42 -63.03 -46.04
N ALA E 690 27.91 -63.92 -45.18
CA ALA E 690 28.60 -64.47 -43.99
C ALA E 690 29.48 -65.68 -44.33
N GLU E 691 29.17 -66.39 -45.42
CA GLU E 691 30.00 -67.52 -45.89
C GLU E 691 31.16 -67.02 -46.74
N VAL E 692 31.13 -65.74 -47.08
CA VAL E 692 32.17 -65.03 -47.85
C VAL E 692 33.12 -64.55 -46.78
N LEU E 693 32.55 -63.87 -45.80
CA LEU E 693 33.29 -63.37 -44.63
C LEU E 693 34.19 -64.44 -44.07
N GLN E 694 33.70 -65.65 -43.83
CA GLN E 694 34.48 -66.82 -43.34
C GLN E 694 35.68 -67.09 -44.26
N GLY E 695 35.40 -67.27 -45.55
CA GLY E 695 36.44 -67.44 -46.56
C GLY E 695 37.43 -66.29 -46.57
N LEU E 696 36.99 -65.06 -46.43
CA LEU E 696 37.99 -63.98 -46.51
C LEU E 696 39.00 -64.20 -45.39
N LEU E 697 38.47 -64.25 -44.17
CA LEU E 697 39.22 -64.33 -42.91
C LEU E 697 40.09 -65.55 -43.01
N GLN E 698 39.58 -66.62 -43.62
CA GLN E 698 40.29 -67.90 -43.67
C GLN E 698 41.59 -67.75 -44.45
N GLY E 699 41.71 -66.76 -45.33
CA GLY E 699 42.92 -66.46 -46.14
C GLY E 699 43.66 -65.26 -45.60
N GLY E 700 43.41 -64.90 -44.33
CA GLY E 700 44.03 -63.74 -43.66
C GLY E 700 43.75 -62.38 -44.33
N ALA E 701 42.57 -62.19 -44.91
CA ALA E 701 42.04 -60.87 -45.29
C ALA E 701 41.91 -59.95 -44.09
N LYS E 702 41.89 -58.62 -44.32
CA LYS E 702 41.52 -57.65 -43.27
C LYS E 702 40.17 -57.05 -43.65
N VAL E 703 39.13 -57.35 -42.91
CA VAL E 703 37.75 -57.08 -43.36
C VAL E 703 37.07 -56.11 -42.41
N VAL E 704 36.38 -55.09 -42.98
CA VAL E 704 35.34 -54.32 -42.24
C VAL E 704 33.99 -54.96 -42.53
N VAL E 705 33.16 -55.14 -41.51
CA VAL E 705 31.85 -55.83 -41.61
C VAL E 705 30.83 -54.95 -40.94
N THR E 706 29.74 -54.66 -41.61
CA THR E 706 28.76 -53.70 -41.09
C THR E 706 27.57 -54.52 -40.68
N THR E 707 27.00 -54.20 -39.53
CA THR E 707 25.73 -54.78 -39.07
C THR E 707 24.71 -53.65 -38.96
N SER E 708 23.47 -53.92 -39.36
CA SER E 708 22.28 -53.06 -39.15
C SER E 708 21.91 -53.12 -37.67
N ARG E 709 21.84 -54.34 -37.14
CA ARG E 709 21.36 -54.64 -35.77
C ARG E 709 22.57 -54.99 -34.88
N PHE E 710 23.16 -53.99 -34.25
CA PHE E 710 24.31 -54.13 -33.31
C PHE E 710 23.79 -54.31 -31.87
N SER E 711 24.33 -55.31 -31.22
CA SER E 711 23.77 -55.92 -30.00
C SER E 711 24.91 -56.76 -29.42
N LYS E 712 24.74 -57.30 -28.21
CA LYS E 712 25.68 -58.28 -27.62
C LYS E 712 25.62 -59.58 -28.42
N GLN E 713 24.42 -60.01 -28.79
CA GLN E 713 24.14 -61.30 -29.45
C GLN E 713 24.86 -61.38 -30.80
N VAL E 714 25.25 -60.24 -31.37
CA VAL E 714 25.80 -60.12 -32.76
C VAL E 714 27.32 -60.01 -32.67
N THR E 715 27.75 -59.10 -31.81
CA THR E 715 29.15 -58.93 -31.40
C THR E 715 29.71 -60.27 -30.94
N ASP E 716 28.91 -61.17 -30.36
CA ASP E 716 29.30 -62.57 -30.00
C ASP E 716 29.34 -63.50 -31.21
N TYR E 717 28.31 -63.57 -32.03
CA TYR E 717 28.39 -64.24 -33.35
C TYR E 717 29.73 -63.93 -34.03
N TYR E 718 30.13 -62.65 -34.09
CA TYR E 718 31.31 -62.21 -34.87
C TYR E 718 32.58 -62.61 -34.14
N GLN E 719 32.60 -62.47 -32.82
CA GLN E 719 33.74 -62.95 -32.00
C GLN E 719 34.00 -64.42 -32.35
N SER E 720 32.97 -65.22 -32.55
CA SER E 720 33.07 -66.70 -32.63
C SER E 720 33.50 -67.12 -34.02
N ILE E 721 33.25 -66.28 -35.01
CA ILE E 721 33.66 -66.60 -36.40
C ILE E 721 35.12 -66.30 -36.48
N TYR E 722 35.49 -65.12 -36.01
CA TYR E 722 36.91 -64.69 -36.00
C TYR E 722 37.71 -65.69 -35.17
N ALA E 723 37.17 -66.23 -34.07
CA ALA E 723 37.98 -67.12 -33.19
C ALA E 723 37.98 -68.56 -33.65
N LYS E 724 37.39 -68.87 -34.80
CA LYS E 724 37.41 -70.22 -35.43
C LYS E 724 38.11 -70.17 -36.79
N TYR E 725 38.20 -68.99 -37.43
CA TYR E 725 38.46 -68.85 -38.87
C TYR E 725 39.59 -67.86 -39.14
N GLY E 726 39.66 -66.82 -38.32
CA GLY E 726 40.65 -65.75 -38.54
C GLY E 726 42.02 -66.39 -38.50
N ALA E 727 42.64 -66.48 -39.66
CA ALA E 727 44.00 -67.02 -39.84
C ALA E 727 45.03 -65.97 -39.46
N LYS E 728 46.30 -66.32 -39.51
CA LYS E 728 47.41 -65.42 -39.10
C LYS E 728 47.37 -64.15 -39.93
N GLY E 729 47.07 -63.01 -39.32
CA GLY E 729 47.17 -61.70 -39.98
C GLY E 729 45.83 -61.12 -40.33
N SER E 730 44.83 -61.95 -40.62
CA SER E 730 43.39 -61.60 -40.61
C SER E 730 43.08 -60.54 -39.56
N THR E 731 42.14 -59.65 -39.82
CA THR E 731 41.51 -58.83 -38.74
C THR E 731 40.05 -58.62 -39.13
N LEU E 732 39.20 -58.34 -38.17
CA LEU E 732 37.76 -58.16 -38.39
C LEU E 732 37.31 -56.96 -37.59
N ILE E 733 36.92 -55.86 -38.25
CA ILE E 733 36.28 -54.71 -37.55
C ILE E 733 34.78 -54.84 -37.82
N VAL E 734 33.98 -54.77 -36.78
CA VAL E 734 32.50 -54.79 -36.82
C VAL E 734 32.03 -53.41 -36.41
N VAL E 735 31.33 -52.73 -37.29
CA VAL E 735 30.80 -51.36 -37.05
C VAL E 735 29.30 -51.46 -37.20
N PRO E 736 28.50 -50.75 -36.41
CA PRO E 736 27.08 -50.60 -36.72
C PRO E 736 26.97 -49.66 -37.92
N PHE E 737 25.87 -49.72 -38.65
CA PHE E 737 25.81 -49.09 -39.99
C PHE E 737 24.42 -49.12 -40.58
N ASN E 738 23.98 -48.00 -41.13
CA ASN E 738 22.74 -47.98 -41.94
C ASN E 738 23.12 -47.70 -43.38
N GLN E 739 22.95 -48.62 -44.34
CA GLN E 739 23.39 -48.34 -45.74
C GLN E 739 22.35 -47.33 -46.35
N GLY E 740 21.17 -47.24 -45.78
CA GLY E 740 20.16 -46.25 -46.19
C GLY E 740 20.44 -44.85 -45.72
N SER E 741 21.47 -44.66 -44.90
CA SER E 741 21.86 -43.32 -44.44
C SER E 741 22.99 -42.81 -45.33
N LYS E 742 22.82 -41.65 -45.96
CA LYS E 742 23.87 -40.98 -46.76
C LYS E 742 25.03 -40.75 -45.82
N GLN E 743 24.70 -40.19 -44.68
CA GLN E 743 25.66 -39.61 -43.72
C GLN E 743 26.48 -40.69 -43.03
N ASP E 744 25.99 -41.94 -42.95
CA ASP E 744 26.75 -43.14 -42.45
C ASP E 744 27.72 -43.66 -43.51
N VAL E 745 27.28 -43.77 -44.76
CA VAL E 745 28.15 -44.11 -45.90
C VAL E 745 29.30 -43.12 -45.98
N GLU E 746 29.06 -41.84 -45.71
CA GLU E 746 30.14 -40.83 -45.88
C GLU E 746 31.13 -41.08 -44.75
N ALA E 747 30.58 -41.19 -43.53
CA ALA E 747 31.25 -41.45 -42.24
C ALA E 747 32.10 -42.70 -42.32
N LEU E 748 31.58 -43.78 -42.93
CA LEU E 748 32.17 -45.14 -42.83
C LEU E 748 33.48 -45.15 -43.61
N ILE E 749 33.49 -44.52 -44.76
CA ILE E 749 34.67 -44.55 -45.65
C ILE E 749 35.66 -43.55 -45.10
N GLU E 750 35.18 -42.53 -44.37
CA GLU E 750 36.08 -41.53 -43.74
C GLU E 750 36.80 -42.24 -42.60
N PHE E 751 36.10 -43.05 -41.84
CA PHE E 751 36.66 -43.81 -40.69
C PHE E 751 37.65 -44.88 -41.18
N ILE E 752 37.33 -45.52 -42.28
CA ILE E 752 38.23 -46.56 -42.84
C ILE E 752 39.52 -45.88 -43.24
N TYR E 753 39.47 -44.75 -43.94
CA TYR E 753 40.65 -44.25 -44.67
C TYR E 753 41.47 -43.42 -43.73
N ASP E 754 40.83 -42.80 -42.75
CA ASP E 754 41.47 -41.81 -41.84
C ASP E 754 42.58 -42.49 -41.07
N THR E 755 43.49 -41.69 -40.54
CA THR E 755 44.69 -42.14 -39.78
C THR E 755 44.28 -42.61 -38.40
N GLU E 756 44.98 -43.63 -37.89
CA GLU E 756 44.81 -44.22 -36.55
C GLU E 756 45.00 -43.11 -35.51
N LYS E 757 45.71 -42.05 -35.89
CA LYS E 757 45.98 -40.89 -35.01
C LYS E 757 44.70 -40.06 -34.85
N ASN E 758 43.96 -39.79 -35.95
CA ASN E 758 42.62 -39.11 -35.92
C ASN E 758 41.48 -40.10 -35.68
N GLY E 759 41.79 -41.34 -35.28
CA GLY E 759 40.83 -42.29 -34.71
C GLY E 759 40.20 -43.18 -35.75
N GLY E 760 40.80 -43.23 -36.94
CA GLY E 760 40.35 -44.08 -38.05
C GLY E 760 41.10 -45.39 -38.05
N LEU E 761 41.23 -46.02 -39.23
CA LEU E 761 41.85 -47.34 -39.40
C LEU E 761 43.20 -47.22 -40.10
N GLY E 762 43.29 -46.41 -41.14
CA GLY E 762 44.50 -46.22 -41.95
C GLY E 762 44.54 -47.19 -43.09
N TRP E 763 43.43 -47.84 -43.36
CA TRP E 763 43.37 -48.84 -44.44
C TRP E 763 43.17 -48.17 -45.77
N ASP E 764 43.19 -48.99 -46.82
CA ASP E 764 42.90 -48.57 -48.21
C ASP E 764 42.30 -49.78 -48.90
N LEU E 765 41.01 -49.72 -49.25
CA LEU E 765 40.19 -50.89 -49.64
C LEU E 765 40.68 -51.43 -50.99
N ASP E 766 40.90 -52.73 -51.07
CA ASP E 766 41.16 -53.50 -52.31
C ASP E 766 39.91 -54.24 -52.78
N ALA E 767 38.81 -54.22 -52.03
CA ALA E 767 37.53 -54.77 -52.50
C ALA E 767 36.36 -54.29 -51.66
N ILE E 768 35.30 -53.92 -52.36
CA ILE E 768 34.00 -53.64 -51.72
C ILE E 768 33.06 -54.73 -52.18
N ILE E 769 32.19 -55.19 -51.27
CA ILE E 769 31.17 -56.24 -51.53
C ILE E 769 29.87 -55.81 -50.89
N PRO E 770 29.10 -54.90 -51.54
CA PRO E 770 27.94 -54.26 -50.94
C PRO E 770 26.66 -55.06 -51.16
N PHE E 771 26.38 -56.01 -50.28
CA PHE E 771 25.39 -57.09 -50.48
C PHE E 771 24.18 -56.84 -49.58
N ALA E 772 24.12 -55.68 -48.94
CA ALA E 772 22.97 -55.28 -48.09
C ALA E 772 21.71 -55.17 -48.94
N ALA E 773 20.59 -55.41 -48.29
CA ALA E 773 19.27 -55.60 -48.93
C ALA E 773 18.24 -55.46 -47.82
N ILE E 774 17.10 -54.88 -48.13
CA ILE E 774 15.87 -55.14 -47.33
C ILE E 774 14.95 -55.94 -48.23
N PRO E 775 14.26 -56.96 -47.68
CA PRO E 775 13.38 -57.81 -48.48
C PRO E 775 12.02 -57.09 -48.56
N GLU E 776 11.49 -57.00 -49.77
CA GLU E 776 10.15 -56.44 -50.06
C GLU E 776 9.41 -57.55 -50.78
N GLN E 777 8.31 -58.01 -50.21
CA GLN E 777 7.52 -59.11 -50.82
C GLN E 777 6.04 -58.75 -50.78
N GLY E 778 5.32 -59.14 -51.84
CA GLY E 778 3.90 -58.81 -52.04
C GLY E 778 3.69 -57.35 -52.38
N ILE E 779 4.74 -56.68 -52.83
CA ILE E 779 4.70 -55.26 -53.28
C ILE E 779 4.76 -55.28 -54.80
N GLU E 780 3.57 -55.29 -55.41
CA GLU E 780 3.33 -55.05 -56.85
C GLU E 780 3.44 -53.54 -57.14
N LEU E 781 3.36 -53.16 -58.41
CA LEU E 781 3.59 -51.77 -58.86
C LEU E 781 2.53 -50.81 -58.29
N GLU E 782 1.32 -51.28 -57.99
CA GLU E 782 0.30 -50.39 -57.37
C GLU E 782 0.70 -50.08 -55.91
N HIS E 783 1.57 -50.88 -55.29
CA HIS E 783 1.87 -50.83 -53.82
C HIS E 783 3.27 -50.29 -53.55
N ILE E 784 3.99 -49.84 -54.57
CA ILE E 784 5.32 -49.20 -54.39
C ILE E 784 5.09 -47.96 -53.56
N ASP E 785 5.67 -47.94 -52.36
CA ASP E 785 5.56 -46.82 -51.39
C ASP E 785 6.93 -46.57 -50.77
N SER E 786 6.96 -46.21 -49.49
CA SER E 786 8.13 -45.66 -48.78
C SER E 786 9.15 -46.75 -48.58
N LYS E 787 8.73 -47.94 -48.16
CA LYS E 787 9.63 -49.11 -47.98
C LYS E 787 10.42 -49.37 -49.26
N SER E 788 9.76 -49.43 -50.41
CA SER E 788 10.43 -49.70 -51.71
C SER E 788 11.31 -48.52 -52.10
N GLU E 789 10.90 -47.29 -51.80
CA GLU E 789 11.69 -46.07 -52.15
C GLU E 789 12.96 -46.05 -51.29
N PHE E 790 12.89 -46.67 -50.11
CA PHE E 790 13.96 -46.65 -49.10
C PHE E 790 14.92 -47.77 -49.40
N ALA E 791 14.35 -48.93 -49.71
CA ALA E 791 15.11 -50.08 -50.21
C ALA E 791 15.90 -49.67 -51.43
N HIS E 792 15.34 -48.84 -52.34
CA HIS E 792 15.98 -48.49 -53.64
C HIS E 792 17.25 -47.70 -53.37
N ARG E 793 17.29 -47.04 -52.22
CA ARG E 793 18.43 -46.20 -51.78
C ARG E 793 19.50 -47.11 -51.21
N ILE E 794 19.13 -48.09 -50.39
CA ILE E 794 20.10 -49.08 -49.83
C ILE E 794 20.79 -49.85 -50.97
N MET E 795 20.00 -50.38 -51.89
CA MET E 795 20.43 -51.37 -52.89
C MET E 795 20.93 -50.72 -54.16
N LEU E 796 20.81 -49.39 -54.34
CA LEU E 796 21.39 -48.66 -55.51
C LEU E 796 21.98 -47.29 -55.16
N THR E 797 21.19 -46.24 -54.90
CA THR E 797 21.78 -44.88 -54.91
C THR E 797 22.91 -44.84 -53.87
N ASN E 798 22.75 -45.44 -52.68
CA ASN E 798 23.79 -45.35 -51.65
C ASN E 798 24.90 -46.34 -51.97
N ILE E 799 24.71 -47.34 -52.81
CA ILE E 799 25.87 -48.16 -53.29
C ILE E 799 26.76 -47.23 -54.08
N LEU E 800 26.17 -46.49 -55.03
CA LEU E 800 26.84 -45.53 -55.92
C LEU E 800 27.54 -44.48 -55.07
N ARG E 801 26.89 -44.00 -54.02
CA ARG E 801 27.47 -42.97 -53.10
C ARG E 801 28.64 -43.55 -52.32
N MET E 802 28.62 -44.83 -51.95
CA MET E 802 29.74 -45.53 -51.24
C MET E 802 30.93 -45.75 -52.19
N MET E 803 30.73 -46.16 -53.45
CA MET E 803 31.82 -46.20 -54.48
C MET E 803 32.22 -44.75 -54.83
N GLY E 804 31.31 -43.82 -54.80
CA GLY E 804 31.72 -42.44 -55.07
C GLY E 804 32.75 -42.02 -54.06
N CYS E 805 32.40 -42.21 -52.78
CA CYS E 805 33.20 -41.89 -51.58
C CYS E 805 34.59 -42.49 -51.68
N VAL E 806 34.74 -43.78 -52.05
CA VAL E 806 36.10 -44.39 -51.98
C VAL E 806 36.92 -43.73 -53.07
N LYS E 807 36.38 -43.47 -54.26
CA LYS E 807 37.06 -42.64 -55.30
C LYS E 807 37.55 -41.31 -54.71
N LYS E 808 36.76 -40.58 -53.95
CA LYS E 808 37.19 -39.29 -53.37
C LYS E 808 38.34 -39.49 -52.38
N GLN E 809 38.26 -40.45 -51.47
CA GLN E 809 39.33 -40.73 -50.45
C GLN E 809 40.60 -41.31 -51.12
N LYS E 810 40.47 -42.03 -52.23
CA LYS E 810 41.65 -42.58 -52.93
C LYS E 810 42.30 -41.48 -53.73
N SER E 811 41.56 -40.48 -54.20
CA SER E 811 42.09 -39.46 -55.13
C SER E 811 42.88 -38.47 -54.28
N ALA E 812 42.18 -37.86 -53.33
CA ALA E 812 42.72 -37.15 -52.15
C ALA E 812 44.19 -37.46 -51.91
N ARG E 813 44.53 -38.75 -51.80
CA ARG E 813 45.87 -39.28 -51.42
C ARG E 813 46.64 -39.77 -52.65
N GLY E 814 46.22 -39.34 -53.84
CA GLY E 814 46.90 -39.64 -55.13
C GLY E 814 47.15 -41.11 -55.33
N ILE E 815 46.28 -41.96 -54.79
CA ILE E 815 46.35 -43.44 -54.95
C ILE E 815 45.74 -43.75 -56.31
N GLU E 816 46.57 -44.12 -57.30
CA GLU E 816 46.12 -44.38 -58.69
C GLU E 816 46.52 -45.77 -59.15
N THR E 817 47.08 -46.61 -58.29
CA THR E 817 47.63 -47.93 -58.69
C THR E 817 47.13 -49.03 -57.75
N ARG E 818 46.20 -48.72 -56.84
CA ARG E 818 45.67 -49.70 -55.86
C ARG E 818 44.16 -49.65 -55.90
N PRO E 819 43.55 -50.07 -57.02
CA PRO E 819 42.11 -50.00 -57.18
C PRO E 819 41.37 -50.99 -56.29
N ALA E 820 40.07 -50.76 -56.11
CA ALA E 820 39.13 -51.56 -55.31
C ALA E 820 38.14 -52.29 -56.20
N GLN E 821 38.21 -53.60 -56.23
CA GLN E 821 37.24 -54.43 -56.99
C GLN E 821 35.89 -54.27 -56.32
N VAL E 822 34.92 -53.63 -56.99
CA VAL E 822 33.52 -53.69 -56.50
C VAL E 822 32.84 -54.97 -57.01
N ILE E 823 32.41 -55.86 -56.12
CA ILE E 823 31.64 -57.09 -56.49
C ILE E 823 30.14 -56.78 -56.35
N LEU E 824 29.42 -56.54 -57.44
CA LEU E 824 27.99 -56.13 -57.41
C LEU E 824 27.14 -57.37 -57.45
N PRO E 825 26.19 -57.52 -56.51
CA PRO E 825 25.26 -58.63 -56.53
C PRO E 825 24.17 -58.28 -57.54
N MET E 826 24.19 -58.96 -58.66
CA MET E 826 23.23 -58.79 -59.75
C MET E 826 22.22 -59.91 -59.66
N SER E 827 21.08 -59.71 -60.30
CA SER E 827 20.05 -60.75 -60.44
C SER E 827 20.08 -61.11 -61.91
N PRO E 828 19.66 -62.32 -62.29
CA PRO E 828 19.43 -62.64 -63.69
C PRO E 828 17.98 -62.34 -64.11
N ASN E 829 17.14 -61.99 -63.14
CA ASN E 829 15.67 -62.00 -63.26
C ASN E 829 15.17 -60.60 -62.88
N HIS E 830 14.92 -59.75 -63.86
CA HIS E 830 14.43 -58.36 -63.64
C HIS E 830 12.95 -58.35 -64.03
N GLY E 831 12.08 -58.32 -63.03
CA GLY E 831 10.62 -58.27 -63.22
C GLY E 831 10.03 -59.63 -63.60
N THR E 832 10.81 -60.70 -63.57
CA THR E 832 10.37 -62.03 -64.05
C THR E 832 9.49 -62.72 -63.00
N PHE E 833 9.52 -62.33 -61.72
CA PHE E 833 8.65 -62.88 -60.65
C PHE E 833 7.54 -61.89 -60.28
N GLY E 834 7.92 -60.66 -59.97
CA GLY E 834 6.97 -59.62 -59.54
C GLY E 834 6.81 -59.64 -58.04
N GLY E 835 6.18 -58.60 -57.51
CA GLY E 835 5.93 -58.47 -56.06
C GLY E 835 7.22 -58.29 -55.28
N ASP E 836 8.26 -57.83 -55.96
CA ASP E 836 9.59 -57.55 -55.38
C ASP E 836 9.74 -56.03 -55.14
N GLY E 837 8.72 -55.22 -55.41
CA GLY E 837 8.80 -53.76 -55.21
C GLY E 837 9.77 -53.19 -56.20
N MET E 838 10.77 -52.46 -55.74
CA MET E 838 11.75 -51.81 -56.66
C MET E 838 13.05 -52.60 -56.71
N TYR E 839 13.04 -53.88 -56.32
CA TYR E 839 14.22 -54.78 -56.27
C TYR E 839 14.89 -54.88 -57.65
N SER E 840 14.16 -55.26 -58.69
CA SER E 840 14.66 -55.43 -60.08
C SER E 840 15.10 -54.09 -60.71
N GLU E 841 14.42 -53.00 -60.39
CA GLU E 841 14.77 -51.64 -60.86
C GLU E 841 16.11 -51.27 -60.19
N SER E 842 16.39 -51.82 -59.02
CA SER E 842 17.62 -51.59 -58.22
C SER E 842 18.78 -52.34 -58.85
N LYS E 843 18.54 -53.58 -59.22
CA LYS E 843 19.57 -54.49 -59.69
C LYS E 843 19.93 -54.17 -61.13
N LEU E 844 18.97 -53.82 -61.93
CA LEU E 844 19.23 -53.67 -63.37
C LEU E 844 20.05 -52.39 -63.62
N SER E 845 19.81 -51.35 -62.84
CA SER E 845 20.56 -50.07 -62.82
C SER E 845 22.02 -50.22 -62.38
N LEU E 846 22.41 -51.26 -61.64
CA LEU E 846 23.86 -51.58 -61.40
C LEU E 846 24.56 -52.02 -62.69
N GLU E 847 23.85 -52.49 -63.70
CA GLU E 847 24.43 -52.89 -65.00
C GLU E 847 24.95 -51.67 -65.79
N THR E 848 24.66 -50.43 -65.37
CA THR E 848 25.22 -49.21 -66.01
C THR E 848 26.68 -49.01 -65.63
N LEU E 849 27.14 -49.51 -64.47
CA LEU E 849 28.54 -49.34 -63.97
C LEU E 849 29.53 -50.00 -64.95
N PHE E 850 29.11 -51.02 -65.69
CA PHE E 850 29.96 -51.68 -66.69
C PHE E 850 30.28 -50.69 -67.80
N ASN E 851 29.39 -49.76 -68.10
CA ASN E 851 29.63 -48.82 -69.22
C ASN E 851 30.35 -47.62 -68.66
N ARG E 852 29.83 -47.05 -67.60
CA ARG E 852 30.37 -45.85 -66.90
C ARG E 852 31.85 -46.03 -66.57
N TRP E 853 32.33 -47.23 -66.32
CA TRP E 853 33.77 -47.47 -66.04
C TRP E 853 34.66 -46.99 -67.19
N HIS E 854 34.23 -47.15 -68.44
CA HIS E 854 34.90 -46.63 -69.67
C HIS E 854 34.65 -45.14 -69.98
N SER E 855 33.63 -44.55 -69.39
CA SER E 855 33.08 -43.26 -69.81
C SER E 855 33.32 -42.17 -68.78
N GLU E 856 33.87 -42.50 -67.61
CA GLU E 856 34.12 -41.52 -66.52
C GLU E 856 35.58 -41.60 -66.09
N SER E 857 35.89 -40.99 -64.96
CA SER E 857 37.25 -40.67 -64.49
C SER E 857 37.58 -41.50 -63.26
N TRP E 858 36.92 -42.63 -63.07
CA TRP E 858 37.09 -43.40 -61.82
C TRP E 858 37.64 -44.81 -62.07
N ALA E 859 38.04 -45.19 -63.28
CA ALA E 859 38.54 -46.54 -63.56
C ALA E 859 39.86 -46.90 -62.82
N ASN E 860 40.64 -45.94 -62.32
CA ASN E 860 41.91 -46.26 -61.62
C ASN E 860 41.70 -46.36 -60.11
N GLN E 861 40.49 -46.24 -59.64
CA GLN E 861 40.14 -46.31 -58.20
C GLN E 861 39.25 -47.50 -57.92
N LEU E 862 38.45 -47.88 -58.90
CA LEU E 862 37.36 -48.86 -58.80
C LEU E 862 37.48 -49.76 -60.02
N THR E 863 37.05 -50.98 -59.89
CA THR E 863 36.96 -51.96 -60.97
C THR E 863 35.66 -52.68 -60.72
N VAL E 864 34.83 -52.88 -61.73
CA VAL E 864 33.54 -53.52 -61.43
C VAL E 864 33.65 -54.97 -61.84
N CYS E 865 33.05 -55.81 -60.99
CA CYS E 865 33.01 -57.27 -61.09
C CYS E 865 31.60 -57.72 -60.71
N GLY E 866 30.68 -57.68 -61.66
CA GLY E 866 29.25 -57.96 -61.44
C GLY E 866 29.03 -59.44 -61.40
N ALA E 867 28.51 -59.93 -60.29
CA ALA E 867 28.22 -61.36 -60.06
C ALA E 867 26.73 -61.53 -60.28
N ILE E 868 26.33 -62.40 -61.20
CA ILE E 868 24.90 -62.72 -61.44
C ILE E 868 24.60 -63.93 -60.57
N ILE E 869 24.22 -63.65 -59.33
CA ILE E 869 24.07 -64.71 -58.29
C ILE E 869 22.72 -65.38 -58.54
N GLY E 870 22.77 -66.71 -58.70
CA GLY E 870 21.60 -67.53 -58.99
C GLY E 870 20.98 -68.08 -57.73
N TRP E 871 20.25 -69.18 -57.88
CA TRP E 871 19.27 -69.68 -56.90
C TRP E 871 20.05 -70.28 -55.72
N THR E 872 19.97 -69.64 -54.58
CA THR E 872 20.80 -69.95 -53.40
C THR E 872 19.89 -70.36 -52.26
N ARG E 873 19.92 -71.61 -51.88
CA ARG E 873 19.03 -72.22 -50.87
C ARG E 873 19.36 -71.60 -49.49
N GLY E 874 18.62 -70.54 -49.12
CA GLY E 874 18.68 -69.78 -47.85
C GLY E 874 19.40 -70.51 -46.76
N THR E 875 18.70 -71.28 -45.94
CA THR E 875 19.31 -72.17 -44.91
C THR E 875 19.01 -73.62 -45.33
N GLY E 876 19.30 -74.60 -44.47
CA GLY E 876 18.96 -76.03 -44.67
C GLY E 876 17.66 -76.43 -43.96
N LEU E 877 16.75 -75.46 -43.81
CA LEU E 877 15.38 -75.58 -43.23
C LEU E 877 14.36 -75.24 -44.33
N MET E 878 13.08 -75.02 -44.00
CA MET E 878 12.01 -74.77 -45.00
C MET E 878 11.88 -73.26 -45.26
N SER E 879 12.59 -72.78 -46.29
CA SER E 879 12.34 -71.51 -47.02
C SER E 879 11.27 -71.83 -48.08
N ALA E 880 10.29 -70.94 -48.29
CA ALA E 880 9.20 -71.11 -49.30
C ALA E 880 9.83 -71.44 -50.66
N ASN E 881 10.98 -70.85 -50.95
CA ASN E 881 11.75 -71.12 -52.19
C ASN E 881 12.42 -72.50 -52.13
N ASN E 882 12.90 -72.98 -50.97
CA ASN E 882 13.70 -74.24 -50.83
C ASN E 882 12.93 -75.49 -51.30
N ILE E 883 11.67 -75.63 -50.90
CA ILE E 883 10.87 -76.87 -51.10
C ILE E 883 10.82 -77.25 -52.59
N ILE E 884 11.07 -76.31 -53.51
CA ILE E 884 10.94 -76.52 -54.98
C ILE E 884 12.32 -76.60 -55.67
N ALA E 885 13.39 -76.12 -55.04
CA ALA E 885 14.78 -76.36 -55.49
C ALA E 885 14.91 -77.75 -56.14
N GLU E 886 14.50 -78.83 -55.45
CA GLU E 886 14.63 -80.22 -55.98
C GLU E 886 13.98 -80.28 -57.36
N GLY E 887 12.86 -79.57 -57.53
CA GLY E 887 11.98 -79.62 -58.70
C GLY E 887 12.60 -78.97 -59.92
N ILE E 888 13.16 -77.76 -59.74
CA ILE E 888 13.96 -77.02 -60.76
C ILE E 888 15.12 -77.92 -61.24
N GLU E 889 15.86 -78.53 -60.31
CA GLU E 889 17.09 -79.32 -60.59
C GLU E 889 16.78 -80.44 -61.60
N LYS E 890 15.55 -80.96 -61.62
CA LYS E 890 15.08 -82.00 -62.57
C LYS E 890 15.07 -81.46 -64.01
N MET E 891 14.97 -80.14 -64.23
CA MET E 891 15.15 -79.49 -65.56
C MET E 891 16.57 -79.69 -66.10
N GLY E 892 17.56 -79.97 -65.25
CA GLY E 892 18.98 -80.14 -65.66
C GLY E 892 19.78 -78.89 -65.34
N VAL E 893 19.45 -78.26 -64.24
CA VAL E 893 19.87 -76.91 -63.77
C VAL E 893 20.52 -77.11 -62.40
N ARG E 894 21.25 -76.13 -61.89
CA ARG E 894 21.79 -76.27 -60.52
C ARG E 894 21.37 -75.10 -59.67
N THR E 895 20.95 -75.42 -58.44
CA THR E 895 20.91 -74.52 -57.28
C THR E 895 22.17 -74.76 -56.43
N PHE E 896 22.32 -73.96 -55.40
CA PHE E 896 23.57 -73.74 -54.66
C PHE E 896 23.24 -73.68 -53.18
N SER E 897 24.06 -74.28 -52.33
CA SER E 897 24.13 -73.87 -50.91
C SER E 897 24.78 -72.50 -50.89
N GLN E 898 24.66 -71.78 -49.80
CA GLN E 898 25.39 -70.52 -49.55
C GLN E 898 26.89 -70.76 -49.51
N LYS E 899 27.39 -71.89 -49.00
CA LYS E 899 28.85 -72.22 -49.01
C LYS E 899 29.39 -72.35 -50.45
N GLU E 900 28.60 -72.91 -51.36
CA GLU E 900 28.95 -73.00 -52.80
C GLU E 900 28.90 -71.60 -53.43
N MET E 901 27.83 -70.84 -53.18
CA MET E 901 27.72 -69.47 -53.75
C MET E 901 28.81 -68.59 -53.16
N ALA E 902 29.30 -68.90 -51.97
CA ALA E 902 30.41 -68.15 -51.36
C ALA E 902 31.68 -68.48 -52.15
N PHE E 903 31.98 -69.74 -52.24
CA PHE E 903 33.07 -70.32 -53.05
C PHE E 903 33.10 -69.64 -54.40
N ASN E 904 31.97 -69.55 -55.10
CA ASN E 904 31.93 -69.01 -56.49
C ASN E 904 32.42 -67.56 -56.49
N LEU E 905 31.95 -66.76 -55.54
CA LEU E 905 32.22 -65.30 -55.46
C LEU E 905 33.63 -65.04 -54.96
N LEU E 906 34.19 -65.91 -54.10
CA LEU E 906 35.62 -65.83 -53.65
C LEU E 906 36.57 -66.20 -54.80
N GLY E 907 36.08 -66.83 -55.84
CA GLY E 907 36.82 -67.07 -57.08
C GLY E 907 36.97 -65.80 -57.92
N LEU E 908 36.15 -64.76 -57.67
CA LEU E 908 36.23 -63.44 -58.35
C LEU E 908 37.15 -62.51 -57.56
N LEU E 909 37.84 -63.03 -56.55
CA LEU E 909 38.87 -62.27 -55.80
C LEU E 909 40.20 -62.96 -55.98
N THR E 910 40.29 -63.98 -56.85
CA THR E 910 41.59 -64.67 -57.08
C THR E 910 42.42 -63.71 -57.90
N PRO E 911 43.77 -63.76 -57.86
CA PRO E 911 44.59 -62.80 -58.59
C PRO E 911 44.53 -62.81 -60.12
N GLU E 912 43.82 -63.74 -60.77
CA GLU E 912 43.67 -63.80 -62.26
C GLU E 912 42.49 -62.91 -62.68
N VAL E 913 41.33 -63.10 -62.06
CA VAL E 913 40.11 -62.30 -62.35
C VAL E 913 40.24 -60.94 -61.65
N VAL E 914 41.15 -60.76 -60.72
CA VAL E 914 41.48 -59.39 -60.21
C VAL E 914 42.26 -58.69 -61.31
N GLU E 915 43.25 -59.38 -61.89
CA GLU E 915 44.11 -58.85 -62.98
C GLU E 915 43.24 -58.52 -64.18
N LEU E 916 42.14 -59.24 -64.38
CA LEU E 916 41.19 -59.13 -65.54
C LEU E 916 40.24 -57.94 -65.37
N CYS E 917 39.57 -57.81 -64.23
CA CYS E 917 38.74 -56.65 -63.78
C CYS E 917 39.43 -55.30 -64.04
N GLN E 918 40.76 -55.29 -63.98
CA GLN E 918 41.61 -54.09 -64.03
C GLN E 918 41.85 -53.73 -65.49
N LYS E 919 41.61 -54.65 -66.43
CA LYS E 919 41.57 -54.35 -67.89
C LYS E 919 40.17 -53.82 -68.27
N SER E 920 39.19 -54.72 -68.33
CA SER E 920 37.77 -54.44 -68.67
C SER E 920 36.92 -54.80 -67.45
N PRO E 921 35.66 -54.37 -67.33
CA PRO E 921 34.78 -54.94 -66.32
C PRO E 921 34.57 -56.44 -66.52
N VAL E 922 34.25 -57.16 -65.43
CA VAL E 922 33.99 -58.63 -65.46
C VAL E 922 32.53 -58.92 -65.11
N MET E 923 31.75 -59.49 -66.02
CA MET E 923 30.41 -60.06 -65.70
C MET E 923 30.60 -61.55 -65.48
N ALA E 924 30.42 -62.00 -64.24
CA ALA E 924 30.42 -63.42 -63.87
C ALA E 924 28.97 -63.90 -63.77
N ASP E 925 28.60 -64.91 -64.55
CA ASP E 925 27.27 -65.57 -64.50
C ASP E 925 27.34 -66.82 -63.63
N LEU E 926 26.99 -66.67 -62.36
CA LEU E 926 26.95 -67.75 -61.34
C LEU E 926 25.51 -68.21 -61.13
N ASN E 927 24.64 -67.88 -62.07
CA ASN E 927 23.33 -68.55 -62.27
C ASN E 927 23.65 -69.86 -62.97
N GLY E 928 23.04 -70.95 -62.52
CA GLY E 928 23.46 -72.31 -62.88
C GLY E 928 22.58 -72.87 -63.99
N GLY E 929 22.45 -72.15 -65.10
CA GLY E 929 21.62 -72.57 -66.24
C GLY E 929 20.16 -72.17 -66.11
N LEU E 930 19.75 -71.36 -65.13
CA LEU E 930 18.33 -70.94 -65.03
C LEU E 930 17.95 -69.95 -66.13
N GLN E 931 18.88 -69.45 -66.95
CA GLN E 931 18.54 -68.62 -68.15
C GLN E 931 17.74 -69.48 -69.14
N PHE E 932 18.04 -70.79 -69.21
CA PHE E 932 17.62 -71.73 -70.27
C PHE E 932 16.36 -72.52 -69.91
N VAL E 933 15.90 -72.48 -68.66
CA VAL E 933 14.49 -72.88 -68.33
C VAL E 933 13.58 -71.72 -68.77
N PRO E 934 12.63 -71.95 -69.70
CA PRO E 934 11.81 -70.87 -70.27
C PRO E 934 10.46 -70.71 -69.55
N GLU E 935 10.04 -69.45 -69.34
CA GLU E 935 8.81 -69.11 -68.58
C GLU E 935 8.98 -69.64 -67.14
N LEU E 936 10.05 -69.20 -66.47
CA LEU E 936 10.46 -69.61 -65.11
C LEU E 936 9.41 -69.24 -64.06
N LYS E 937 8.71 -68.10 -64.18
CA LYS E 937 7.72 -67.68 -63.17
C LYS E 937 6.60 -68.71 -63.09
N GLU E 938 5.96 -69.03 -64.22
CA GLU E 938 4.85 -70.00 -64.25
C GLU E 938 5.41 -71.38 -63.83
N PHE E 939 6.60 -71.75 -64.30
CA PHE E 939 7.22 -73.09 -64.04
C PHE E 939 7.47 -73.34 -62.54
N THR E 940 8.09 -72.38 -61.89
CA THR E 940 8.25 -72.25 -60.42
C THR E 940 6.89 -72.44 -59.73
N ALA E 941 5.84 -71.78 -60.22
CA ALA E 941 4.52 -71.65 -59.55
C ALA E 941 3.67 -72.90 -59.80
N LYS E 942 3.88 -73.57 -60.93
CA LYS E 942 3.42 -74.97 -61.14
C LYS E 942 3.97 -75.82 -59.98
N LEU E 943 5.28 -76.08 -59.95
CA LEU E 943 5.98 -76.91 -58.93
C LEU E 943 5.40 -76.62 -57.53
N ARG E 944 5.15 -75.37 -57.18
CA ARG E 944 4.74 -74.98 -55.81
C ARG E 944 3.29 -75.40 -55.56
N LYS E 945 2.40 -75.15 -56.54
CA LYS E 945 0.99 -75.61 -56.62
C LYS E 945 0.95 -77.13 -56.36
N GLU E 946 1.72 -77.94 -57.10
CA GLU E 946 1.70 -79.43 -57.06
C GLU E 946 2.26 -80.01 -55.76
N LEU E 947 2.97 -79.25 -54.93
CA LEU E 947 3.40 -79.71 -53.59
C LEU E 947 2.33 -79.34 -52.58
N VAL E 948 1.75 -78.15 -52.73
CA VAL E 948 0.69 -77.63 -51.81
C VAL E 948 -0.54 -78.53 -51.99
N GLU E 949 -0.97 -78.73 -53.23
CA GLU E 949 -2.06 -79.67 -53.60
C GLU E 949 -1.75 -81.05 -52.99
N THR E 950 -0.78 -81.78 -53.52
CA THR E 950 -0.37 -83.15 -53.07
C THR E 950 -0.28 -83.26 -51.54
N SER E 951 0.22 -82.25 -50.84
CA SER E 951 0.24 -82.22 -49.36
C SER E 951 -1.20 -82.04 -48.85
N GLU E 952 -1.83 -80.91 -49.18
CA GLU E 952 -3.15 -80.46 -48.64
C GLU E 952 -4.20 -81.56 -48.81
N VAL E 953 -4.30 -82.14 -50.01
CA VAL E 953 -5.22 -83.27 -50.38
C VAL E 953 -4.96 -84.41 -49.40
N ARG E 954 -3.71 -84.84 -49.28
CA ARG E 954 -3.26 -86.04 -48.54
C ARG E 954 -3.34 -85.78 -47.03
N LYS E 955 -3.46 -84.52 -46.60
CA LYS E 955 -3.67 -84.16 -45.17
C LYS E 955 -5.17 -84.27 -44.84
N ALA E 956 -6.06 -83.89 -45.76
CA ALA E 956 -7.54 -83.97 -45.63
C ALA E 956 -7.99 -85.44 -45.71
N VAL E 957 -7.59 -86.17 -46.76
CA VAL E 957 -7.91 -87.61 -46.97
C VAL E 957 -7.38 -88.44 -45.78
N SER E 958 -6.32 -87.99 -45.12
CA SER E 958 -5.77 -88.59 -43.88
C SER E 958 -6.74 -88.34 -42.71
N ILE E 959 -7.21 -87.11 -42.55
CA ILE E 959 -8.00 -86.69 -41.35
C ILE E 959 -9.38 -87.36 -41.39
N GLU E 960 -9.96 -87.48 -42.59
CA GLU E 960 -11.31 -88.06 -42.82
C GLU E 960 -11.30 -89.58 -42.63
N THR E 961 -10.28 -90.29 -43.11
CA THR E 961 -10.12 -91.75 -42.90
C THR E 961 -9.77 -92.08 -41.44
N ALA E 962 -9.51 -91.09 -40.57
CA ALA E 962 -9.26 -91.25 -39.12
C ALA E 962 -10.39 -90.62 -38.28
N LEU E 963 -11.49 -90.24 -38.94
CA LEU E 963 -12.80 -89.91 -38.31
C LEU E 963 -13.85 -90.95 -38.73
N GLU E 964 -13.73 -91.54 -39.92
CA GLU E 964 -14.52 -92.73 -40.33
C GLU E 964 -14.18 -93.85 -39.33
N HIS E 965 -12.92 -94.26 -39.28
CA HIS E 965 -12.40 -95.31 -38.36
C HIS E 965 -12.92 -95.03 -36.94
N LYS E 966 -12.84 -93.78 -36.47
CA LYS E 966 -13.22 -93.39 -35.08
C LYS E 966 -14.72 -93.49 -34.84
N VAL E 967 -15.54 -93.45 -35.90
CA VAL E 967 -17.04 -93.55 -35.81
C VAL E 967 -17.40 -95.03 -35.85
N VAL E 968 -16.90 -95.77 -36.85
CA VAL E 968 -17.17 -97.22 -37.03
C VAL E 968 -16.69 -98.01 -35.79
N ASN E 969 -15.55 -97.66 -35.18
CA ASN E 969 -14.87 -98.47 -34.13
C ASN E 969 -14.76 -97.72 -32.79
N GLY E 970 -15.33 -96.52 -32.67
CA GLY E 970 -15.48 -95.79 -31.39
C GLY E 970 -14.14 -95.39 -30.76
N ASN E 971 -14.12 -95.28 -29.42
CA ASN E 971 -12.97 -94.84 -28.58
C ASN E 971 -12.49 -95.99 -27.65
N SER E 972 -12.47 -97.24 -28.16
CA SER E 972 -11.73 -98.41 -27.58
C SER E 972 -10.55 -98.82 -28.49
N ALA E 973 -10.57 -98.41 -29.77
CA ALA E 973 -9.51 -98.66 -30.79
C ALA E 973 -8.50 -97.49 -30.85
N ASP E 974 -8.91 -96.27 -30.44
CA ASP E 974 -8.12 -94.99 -30.52
C ASP E 974 -7.75 -94.45 -29.10
N ALA E 975 -8.12 -95.16 -28.01
CA ALA E 975 -7.92 -94.76 -26.58
C ALA E 975 -6.91 -95.70 -25.85
N ALA E 976 -6.92 -97.01 -26.12
CA ALA E 976 -5.91 -98.01 -25.66
C ALA E 976 -4.70 -98.04 -26.61
N TYR E 977 -4.13 -96.85 -26.88
CA TYR E 977 -3.30 -96.49 -28.06
C TYR E 977 -2.55 -95.16 -27.77
N ALA E 978 -3.30 -94.09 -27.44
CA ALA E 978 -2.81 -92.76 -26.99
C ALA E 978 -2.03 -92.91 -25.67
N GLN E 979 -0.70 -92.89 -25.78
CA GLN E 979 0.30 -93.26 -24.73
C GLN E 979 0.40 -92.15 -23.67
N VAL E 980 0.96 -92.49 -22.50
CA VAL E 980 1.15 -91.57 -21.33
C VAL E 980 2.59 -91.03 -21.39
N GLU E 981 2.74 -89.70 -21.35
CA GLU E 981 4.03 -88.97 -21.35
C GLU E 981 4.34 -88.49 -19.93
N ILE E 982 5.61 -88.25 -19.63
CA ILE E 982 6.12 -88.00 -18.26
C ILE E 982 7.00 -86.74 -18.30
N GLN E 983 6.47 -85.63 -17.83
CA GLN E 983 7.19 -84.34 -17.76
C GLN E 983 8.12 -84.39 -16.56
N PRO E 984 9.41 -84.07 -16.71
CA PRO E 984 10.36 -84.17 -15.62
C PRO E 984 10.13 -83.09 -14.57
N ARG E 985 10.34 -83.46 -13.31
CA ARG E 985 10.43 -82.53 -12.17
C ARG E 985 11.90 -82.27 -11.88
N ALA E 986 12.17 -81.39 -10.92
CA ALA E 986 13.49 -80.81 -10.65
C ALA E 986 14.09 -81.41 -9.38
N ASN E 987 14.77 -82.54 -9.53
CA ASN E 987 15.61 -83.16 -8.49
C ASN E 987 16.90 -82.35 -8.33
N ILE E 988 16.90 -81.27 -7.54
CA ILE E 988 18.11 -80.43 -7.26
C ILE E 988 19.09 -81.23 -6.39
N GLN E 989 20.35 -81.33 -6.84
CA GLN E 989 21.39 -82.20 -6.23
C GLN E 989 22.39 -81.33 -5.51
N LEU E 990 23.00 -81.88 -4.47
CA LEU E 990 24.02 -81.17 -3.66
C LEU E 990 25.39 -81.16 -4.34
N ASP E 991 25.65 -82.04 -5.32
CA ASP E 991 26.92 -82.11 -6.10
C ASP E 991 28.10 -82.26 -5.14
N PHE E 992 28.02 -83.28 -4.28
CA PHE E 992 29.16 -83.88 -3.57
C PHE E 992 30.02 -84.60 -4.60
N PRO E 993 31.33 -84.78 -4.35
CA PRO E 993 32.24 -85.36 -5.31
C PRO E 993 32.17 -86.86 -5.50
N GLU E 994 32.46 -87.35 -6.70
CA GLU E 994 32.44 -88.80 -6.99
C GLU E 994 33.67 -89.38 -6.31
N LEU E 995 33.46 -90.31 -5.36
CA LEU E 995 34.49 -91.21 -4.82
C LEU E 995 34.63 -92.46 -5.72
N LYS E 996 35.83 -92.69 -6.22
CA LYS E 996 36.18 -93.80 -7.12
C LYS E 996 36.56 -95.01 -6.28
N PRO E 997 36.40 -96.26 -6.78
CA PRO E 997 36.88 -97.42 -6.06
C PRO E 997 38.39 -97.35 -5.74
N TYR E 998 38.80 -97.75 -4.53
CA TYR E 998 40.19 -97.59 -4.03
C TYR E 998 41.25 -98.01 -5.05
N LYS E 999 41.00 -99.09 -5.80
CA LYS E 999 41.94 -99.61 -6.81
C LYS E 999 42.24 -98.51 -7.85
N GLN E 1000 41.25 -97.72 -8.26
CA GLN E 1000 41.42 -96.58 -9.22
C GLN E 1000 42.17 -95.41 -8.59
N VAL E 1001 42.07 -95.25 -7.28
CA VAL E 1001 42.59 -94.07 -6.54
C VAL E 1001 44.10 -94.25 -6.35
N LYS E 1002 44.58 -95.46 -6.07
CA LYS E 1002 46.04 -95.72 -5.92
C LYS E 1002 46.78 -95.50 -7.25
N GLN E 1003 46.11 -95.61 -8.41
CA GLN E 1003 46.72 -95.34 -9.75
C GLN E 1003 47.14 -93.88 -9.91
N ILE E 1004 46.45 -92.94 -9.24
CA ILE E 1004 46.61 -91.47 -9.41
C ILE E 1004 47.87 -91.02 -8.66
N ALA E 1005 47.99 -91.42 -7.39
CA ALA E 1005 49.07 -91.03 -6.46
C ALA E 1005 50.23 -92.00 -6.54
N PRO E 1006 51.47 -91.58 -6.20
CA PRO E 1006 52.60 -92.50 -6.08
C PRO E 1006 52.47 -93.44 -4.86
N ALA E 1007 52.78 -94.73 -5.06
CA ALA E 1007 52.65 -95.83 -4.08
C ALA E 1007 53.32 -95.48 -2.74
N GLU E 1008 54.39 -94.69 -2.78
CA GLU E 1008 55.24 -94.31 -1.62
C GLU E 1008 54.46 -93.41 -0.66
N LEU E 1009 53.35 -92.82 -1.10
CA LEU E 1009 52.62 -91.77 -0.36
C LEU E 1009 51.86 -92.36 0.83
N GLU E 1010 51.53 -93.66 0.80
CA GLU E 1010 50.78 -94.34 1.90
C GLU E 1010 51.63 -94.33 3.18
N GLY E 1011 51.14 -93.68 4.22
CA GLY E 1011 51.79 -93.64 5.54
C GLY E 1011 52.76 -92.48 5.67
N LEU E 1012 52.91 -91.68 4.61
CA LEU E 1012 54.01 -90.68 4.49
C LEU E 1012 53.54 -89.33 5.02
N LEU E 1013 52.35 -88.87 4.66
CA LEU E 1013 51.77 -87.60 5.16
C LEU E 1013 51.15 -87.80 6.53
N ASP E 1014 51.40 -86.89 7.44
CA ASP E 1014 50.61 -86.60 8.67
C ASP E 1014 49.34 -85.85 8.24
N LEU E 1015 48.20 -86.51 8.36
CA LEU E 1015 46.94 -85.93 7.88
C LEU E 1015 46.37 -84.95 8.91
N GLU E 1016 46.89 -84.88 10.13
CA GLU E 1016 46.52 -83.81 11.10
C GLU E 1016 46.92 -82.46 10.52
N ARG E 1017 47.82 -82.47 9.55
CA ARG E 1017 48.54 -81.27 9.11
C ARG E 1017 48.38 -81.09 7.59
N VAL E 1018 47.44 -81.80 6.98
CA VAL E 1018 46.82 -81.51 5.65
C VAL E 1018 45.46 -80.80 5.83
N ILE E 1019 45.29 -79.66 5.20
CA ILE E 1019 44.04 -78.84 5.25
C ILE E 1019 43.27 -79.16 3.99
N VAL E 1020 41.96 -79.12 4.07
CA VAL E 1020 41.05 -79.76 3.09
C VAL E 1020 39.73 -78.98 3.12
N VAL E 1021 39.20 -78.59 1.98
CA VAL E 1021 37.90 -77.86 1.96
C VAL E 1021 36.81 -78.93 1.94
N THR E 1022 35.83 -78.72 2.78
CA THR E 1022 34.89 -79.74 3.26
C THR E 1022 33.49 -79.29 2.87
N GLY E 1023 33.21 -77.98 2.90
CA GLY E 1023 32.13 -77.39 2.11
C GLY E 1023 32.34 -75.95 1.76
N PHE E 1024 31.43 -75.40 0.96
CA PHE E 1024 31.46 -74.01 0.44
C PHE E 1024 30.10 -73.57 -0.10
N ALA E 1025 29.96 -72.26 -0.19
CA ALA E 1025 28.74 -71.60 -0.63
C ALA E 1025 29.00 -70.12 -0.82
N GLU E 1026 28.01 -69.47 -1.39
CA GLU E 1026 28.07 -68.04 -1.73
C GLU E 1026 26.67 -67.52 -2.04
N VAL E 1027 26.54 -66.24 -1.83
CA VAL E 1027 25.41 -65.40 -2.18
C VAL E 1027 26.06 -64.37 -3.05
N GLY E 1028 25.49 -64.14 -4.21
CA GLY E 1028 26.04 -63.12 -5.12
C GLY E 1028 25.10 -62.94 -6.31
N PRO E 1029 25.52 -62.17 -7.31
CA PRO E 1029 24.67 -61.86 -8.44
C PRO E 1029 23.94 -62.98 -9.18
N TRP E 1030 24.42 -64.22 -9.11
CA TRP E 1030 23.80 -65.38 -9.80
C TRP E 1030 23.26 -66.40 -8.80
N GLY E 1031 23.09 -66.00 -7.55
CA GLY E 1031 22.38 -66.75 -6.51
C GLY E 1031 23.39 -67.50 -5.69
N SER E 1032 23.34 -68.81 -5.77
CA SER E 1032 24.18 -69.77 -5.03
C SER E 1032 25.45 -70.17 -5.83
N ALA E 1033 26.38 -70.86 -5.19
CA ALA E 1033 27.51 -71.53 -5.86
C ALA E 1033 27.02 -72.49 -6.96
N ARG E 1034 25.81 -73.03 -6.79
CA ARG E 1034 25.20 -74.01 -7.72
C ARG E 1034 24.77 -73.27 -8.97
N THR E 1035 23.97 -72.23 -8.83
CA THR E 1035 23.36 -71.56 -9.99
C THR E 1035 24.42 -70.77 -10.74
N ARG E 1036 25.36 -70.13 -10.05
CA ARG E 1036 26.49 -69.38 -10.66
C ARG E 1036 27.34 -70.31 -11.53
N TRP E 1037 27.54 -71.54 -11.11
CA TRP E 1037 28.31 -72.54 -11.85
C TRP E 1037 27.59 -72.85 -13.17
N GLU E 1038 26.27 -72.91 -13.14
CA GLU E 1038 25.49 -73.22 -14.35
C GLU E 1038 25.64 -72.03 -15.30
N MET E 1039 25.65 -70.81 -14.81
CA MET E 1039 25.86 -69.65 -15.69
C MET E 1039 27.33 -69.60 -16.17
N GLU E 1040 28.32 -69.65 -15.27
CA GLU E 1040 29.78 -69.58 -15.55
C GLU E 1040 30.16 -70.58 -16.66
N ALA E 1041 29.74 -71.83 -16.52
CA ALA E 1041 30.25 -72.98 -17.29
C ALA E 1041 29.45 -73.22 -18.56
N PHE E 1042 28.13 -73.04 -18.50
CA PHE E 1042 27.17 -73.47 -19.54
C PHE E 1042 26.45 -72.29 -20.16
N GLY E 1043 26.30 -71.18 -19.44
CA GLY E 1043 25.68 -69.95 -19.99
C GLY E 1043 24.16 -69.99 -19.91
N GLU E 1044 23.59 -71.19 -19.82
CA GLU E 1044 22.14 -71.43 -19.69
C GLU E 1044 21.88 -72.21 -18.41
N PHE E 1045 20.69 -72.05 -17.85
CA PHE E 1045 20.21 -72.79 -16.67
C PHE E 1045 19.59 -74.11 -17.12
N SER E 1046 19.74 -75.12 -16.26
CA SER E 1046 19.09 -76.45 -16.37
C SER E 1046 17.65 -76.31 -15.84
N LEU E 1047 16.89 -77.40 -15.87
CA LEU E 1047 15.55 -77.43 -15.24
C LEU E 1047 15.73 -77.14 -13.76
N GLU E 1048 16.74 -77.73 -13.12
CA GLU E 1048 17.09 -77.55 -11.68
C GLU E 1048 17.63 -76.15 -11.37
N GLY E 1049 18.25 -75.47 -12.33
CA GLY E 1049 18.80 -74.12 -12.12
C GLY E 1049 17.69 -73.10 -12.17
N CYS E 1050 16.80 -73.21 -13.15
CA CYS E 1050 15.60 -72.37 -13.25
C CYS E 1050 14.80 -72.47 -11.96
N VAL E 1051 14.58 -73.68 -11.45
CA VAL E 1051 13.77 -73.86 -10.20
C VAL E 1051 14.49 -73.19 -9.03
N GLU E 1052 15.79 -73.38 -8.83
CA GLU E 1052 16.46 -72.75 -7.67
C GLU E 1052 16.43 -71.22 -7.81
N MET E 1053 16.73 -70.71 -8.98
CA MET E 1053 16.69 -69.25 -9.25
C MET E 1053 15.28 -68.75 -9.02
N ALA E 1054 14.26 -69.42 -9.53
CA ALA E 1054 12.86 -69.00 -9.37
C ALA E 1054 12.52 -68.95 -7.87
N TRP E 1055 12.95 -69.96 -7.11
CA TRP E 1055 12.76 -70.10 -5.64
C TRP E 1055 13.52 -69.03 -4.86
N ILE E 1056 14.71 -68.64 -5.31
CA ILE E 1056 15.61 -67.69 -4.60
C ILE E 1056 14.99 -66.30 -4.66
N MET E 1057 14.52 -65.94 -5.84
CA MET E 1057 14.04 -64.59 -6.19
C MET E 1057 12.58 -64.45 -5.76
N GLY E 1058 12.05 -65.49 -5.11
CA GLY E 1058 10.66 -65.60 -4.66
C GLY E 1058 9.67 -65.41 -5.79
N PHE E 1059 9.87 -66.08 -6.92
CA PHE E 1059 8.88 -66.16 -8.01
C PHE E 1059 7.92 -67.30 -7.74
N ILE E 1060 8.38 -68.34 -7.05
CA ILE E 1060 7.61 -69.58 -6.79
C ILE E 1060 7.82 -69.94 -5.33
N SER E 1061 6.83 -70.60 -4.77
CA SER E 1061 6.74 -70.96 -3.34
C SER E 1061 6.08 -72.31 -3.35
N TYR E 1062 6.37 -73.12 -2.34
CA TYR E 1062 5.78 -74.46 -2.22
C TYR E 1062 4.43 -74.29 -1.59
N HIS E 1063 3.56 -75.24 -1.86
CA HIS E 1063 2.19 -75.33 -1.32
C HIS E 1063 1.90 -76.79 -1.01
N ASN E 1064 1.35 -77.07 0.16
CA ASN E 1064 0.91 -78.44 0.55
C ASN E 1064 -0.43 -78.29 1.23
N GLY E 1065 -1.52 -78.40 0.47
CA GLY E 1065 -2.88 -78.36 1.02
C GLY E 1065 -3.91 -78.18 -0.07
N ASN E 1066 -4.96 -77.42 0.21
CA ASN E 1066 -6.11 -77.24 -0.70
C ASN E 1066 -5.90 -75.96 -1.52
N LEU E 1067 -5.89 -76.11 -2.85
CA LEU E 1067 -5.95 -75.02 -3.86
C LEU E 1067 -7.36 -75.00 -4.45
N LYS E 1068 -8.14 -73.97 -4.11
CA LYS E 1068 -9.55 -73.78 -4.58
C LYS E 1068 -10.28 -75.14 -4.56
N GLY E 1069 -10.37 -75.77 -3.37
CA GLY E 1069 -11.07 -77.04 -3.14
C GLY E 1069 -10.15 -78.24 -3.36
N ARG E 1070 -9.63 -78.40 -4.58
CA ARG E 1070 -8.66 -79.47 -4.99
C ARG E 1070 -7.52 -79.58 -3.97
N PRO E 1071 -6.98 -80.80 -3.68
CA PRO E 1071 -5.75 -80.93 -2.90
C PRO E 1071 -4.50 -80.87 -3.80
N TYR E 1072 -3.59 -79.92 -3.54
CA TYR E 1072 -2.37 -79.66 -4.36
C TYR E 1072 -1.09 -79.74 -3.54
N THR E 1073 -0.06 -80.32 -4.15
CA THR E 1073 1.30 -80.41 -3.56
C THR E 1073 2.27 -80.11 -4.70
N GLY E 1074 2.84 -78.90 -4.67
CA GLY E 1074 3.78 -78.42 -5.72
C GLY E 1074 4.16 -76.97 -5.55
N TRP E 1075 4.87 -76.44 -6.55
CA TRP E 1075 5.20 -74.99 -6.66
C TRP E 1075 3.96 -74.25 -7.11
N VAL E 1076 4.01 -72.94 -6.92
CA VAL E 1076 2.84 -72.04 -7.00
C VAL E 1076 3.36 -70.61 -7.17
N ASP E 1077 2.92 -69.88 -8.18
CA ASP E 1077 3.37 -68.48 -8.41
C ASP E 1077 3.17 -67.71 -7.11
N SER E 1078 4.22 -67.08 -6.58
CA SER E 1078 4.26 -66.49 -5.21
C SER E 1078 3.24 -65.35 -5.08
N LYS E 1079 2.88 -64.75 -6.21
CA LYS E 1079 2.02 -63.54 -6.28
C LYS E 1079 0.55 -63.97 -6.49
N THR E 1080 0.25 -64.78 -7.51
CA THR E 1080 -1.14 -65.20 -7.90
C THR E 1080 -1.60 -66.49 -7.18
N LYS E 1081 -0.73 -67.14 -6.41
CA LYS E 1081 -0.85 -68.51 -5.82
C LYS E 1081 -1.47 -69.53 -6.79
N GLU E 1082 -1.14 -69.46 -8.09
CA GLU E 1082 -1.65 -70.37 -9.15
C GLU E 1082 -0.65 -71.48 -9.42
N PRO E 1083 -1.06 -72.75 -9.52
CA PRO E 1083 -0.12 -73.86 -9.60
C PRO E 1083 0.75 -73.83 -10.87
N VAL E 1084 2.05 -74.04 -10.68
CA VAL E 1084 3.12 -73.99 -11.72
C VAL E 1084 3.82 -75.35 -11.73
N ASP E 1085 4.01 -75.91 -12.91
CA ASP E 1085 4.76 -77.19 -13.10
C ASP E 1085 6.22 -76.82 -13.31
N ASP E 1086 7.14 -77.75 -13.02
CA ASP E 1086 8.60 -77.54 -13.15
C ASP E 1086 8.95 -77.33 -14.63
N LYS E 1087 8.38 -78.11 -15.54
CA LYS E 1087 8.59 -77.95 -17.00
C LYS E 1087 8.21 -76.53 -17.48
N ASP E 1088 7.25 -75.87 -16.80
CA ASP E 1088 6.70 -74.55 -17.19
C ASP E 1088 7.45 -73.40 -16.50
N VAL E 1089 8.42 -73.67 -15.63
CA VAL E 1089 9.18 -72.60 -14.92
C VAL E 1089 9.98 -71.78 -15.93
N LYS E 1090 10.72 -72.42 -16.85
CA LYS E 1090 11.56 -71.70 -17.86
C LYS E 1090 10.68 -70.73 -18.66
N ALA E 1091 9.65 -71.22 -19.34
CA ALA E 1091 8.68 -70.40 -20.10
C ALA E 1091 8.18 -69.26 -19.21
N LYS E 1092 7.47 -69.56 -18.13
CA LYS E 1092 6.90 -68.55 -17.18
C LYS E 1092 7.96 -67.53 -16.73
N TYR E 1093 9.14 -67.98 -16.26
CA TYR E 1093 10.04 -67.13 -15.44
C TYR E 1093 11.48 -66.98 -15.95
N GLU E 1094 11.97 -67.66 -16.98
CA GLU E 1094 13.41 -67.52 -17.29
C GLU E 1094 13.68 -66.04 -17.60
N THR E 1095 12.99 -65.50 -18.59
CA THR E 1095 13.22 -64.13 -19.08
C THR E 1095 13.41 -63.23 -17.86
N SER E 1096 12.49 -63.28 -16.91
CA SER E 1096 12.42 -62.39 -15.73
C SER E 1096 13.64 -62.59 -14.81
N ILE E 1097 14.07 -63.85 -14.62
CA ILE E 1097 15.29 -64.26 -13.85
C ILE E 1097 16.54 -63.67 -14.49
N LEU E 1098 16.70 -63.76 -15.80
CA LEU E 1098 17.88 -63.20 -16.53
C LEU E 1098 17.88 -61.66 -16.53
N GLU E 1099 16.73 -60.98 -16.57
CA GLU E 1099 16.64 -59.50 -16.50
C GLU E 1099 17.03 -58.99 -15.12
N HIS E 1100 16.87 -59.79 -14.06
CA HIS E 1100 16.93 -59.31 -12.65
C HIS E 1100 17.99 -60.09 -11.92
N SER E 1101 18.99 -60.55 -12.64
CA SER E 1101 20.17 -61.26 -12.12
C SER E 1101 21.42 -60.77 -12.86
N GLY E 1102 22.53 -60.66 -12.16
CA GLY E 1102 23.80 -60.47 -12.84
C GLY E 1102 24.25 -59.06 -12.69
N ILE E 1103 25.13 -58.64 -13.57
CA ILE E 1103 25.47 -57.21 -13.71
C ILE E 1103 24.37 -56.57 -14.55
N ARG E 1104 23.84 -55.48 -14.04
CA ARG E 1104 22.65 -54.84 -14.61
C ARG E 1104 22.54 -53.43 -14.07
N LEU E 1105 21.56 -52.68 -14.53
CA LEU E 1105 21.37 -51.31 -13.99
C LEU E 1105 21.02 -51.46 -12.53
N ILE E 1106 21.71 -50.73 -11.67
CA ILE E 1106 21.41 -50.54 -10.22
C ILE E 1106 19.91 -50.33 -10.05
N GLU E 1107 19.30 -51.19 -9.24
CA GLU E 1107 17.84 -51.16 -8.92
C GLU E 1107 17.73 -50.39 -7.61
N PRO E 1108 17.14 -49.17 -7.57
CA PRO E 1108 17.06 -48.36 -6.34
C PRO E 1108 16.39 -48.98 -5.11
N GLU E 1109 15.32 -49.75 -5.30
CA GLU E 1109 14.58 -50.45 -4.21
C GLU E 1109 15.53 -51.34 -3.42
N LEU E 1110 16.64 -51.81 -4.01
CA LEU E 1110 17.64 -52.66 -3.34
C LEU E 1110 18.61 -51.85 -2.47
N PHE E 1111 18.82 -50.57 -2.75
CA PHE E 1111 19.87 -49.73 -2.10
C PHE E 1111 19.27 -48.52 -1.38
N ASN E 1112 18.04 -48.62 -0.85
CA ASN E 1112 17.35 -47.53 -0.09
C ASN E 1112 17.10 -46.34 -1.02
N GLY E 1113 16.50 -46.61 -2.17
CA GLY E 1113 16.17 -45.60 -3.18
C GLY E 1113 17.37 -44.84 -3.70
N TYR E 1114 18.59 -45.40 -3.62
CA TYR E 1114 19.78 -44.78 -4.27
C TYR E 1114 19.56 -44.85 -5.77
N ASN E 1115 19.46 -43.70 -6.42
CA ASN E 1115 19.32 -43.60 -7.90
C ASN E 1115 20.54 -42.86 -8.39
N PRO E 1116 21.57 -43.53 -8.94
CA PRO E 1116 22.80 -42.85 -9.33
C PRO E 1116 22.59 -41.72 -10.35
N GLU E 1117 21.49 -41.72 -11.09
CA GLU E 1117 21.10 -40.60 -11.97
C GLU E 1117 20.69 -39.39 -11.14
N LYS E 1118 20.41 -39.52 -9.83
CA LYS E 1118 19.87 -38.44 -8.95
C LYS E 1118 20.45 -38.60 -7.54
N LYS E 1119 21.74 -38.25 -7.42
CA LYS E 1119 22.55 -38.45 -6.21
C LYS E 1119 22.46 -37.19 -5.33
N GLU E 1120 21.73 -37.29 -4.21
CA GLU E 1120 21.34 -36.18 -3.29
C GLU E 1120 22.53 -35.64 -2.48
N MET E 1121 22.92 -34.38 -2.72
CA MET E 1121 23.87 -33.57 -1.92
C MET E 1121 23.13 -32.40 -1.23
N ILE E 1122 23.81 -31.55 -0.46
CA ILE E 1122 23.25 -30.31 0.18
C ILE E 1122 24.25 -29.17 0.08
N GLN E 1123 23.81 -28.01 -0.39
CA GLN E 1123 24.69 -26.83 -0.53
C GLN E 1123 24.32 -25.85 0.57
N GLU E 1124 25.34 -25.31 1.23
CA GLU E 1124 25.22 -24.28 2.28
C GLU E 1124 25.01 -22.95 1.55
N VAL E 1125 23.97 -22.21 1.93
CA VAL E 1125 23.65 -20.86 1.40
C VAL E 1125 23.41 -19.96 2.60
N ILE E 1126 23.67 -18.66 2.46
CA ILE E 1126 23.28 -17.64 3.50
C ILE E 1126 21.96 -16.98 3.06
N VAL E 1127 20.89 -17.29 3.80
CA VAL E 1127 19.66 -16.46 3.99
C VAL E 1127 20.05 -15.00 3.81
N GLU E 1128 19.77 -14.42 2.63
CA GLU E 1128 20.01 -13.00 2.32
C GLU E 1128 18.87 -12.17 2.92
N GLU E 1129 17.70 -12.79 3.12
CA GLU E 1129 16.54 -12.12 3.75
C GLU E 1129 15.71 -13.11 4.60
N ASP E 1130 15.33 -12.65 5.80
CA ASP E 1130 14.63 -13.39 6.88
C ASP E 1130 13.53 -14.31 6.34
N LEU E 1131 13.45 -15.53 6.89
CA LEU E 1131 12.50 -16.60 6.47
C LEU E 1131 11.15 -16.34 7.13
N GLU E 1132 10.12 -16.97 6.59
CA GLU E 1132 8.76 -16.97 7.18
C GLU E 1132 8.79 -17.89 8.39
N PRO E 1133 8.49 -17.41 9.62
CA PRO E 1133 8.43 -18.26 10.80
C PRO E 1133 7.75 -19.62 10.63
N PHE E 1134 8.20 -20.60 11.41
CA PHE E 1134 7.57 -21.94 11.56
C PHE E 1134 7.56 -22.35 13.03
N GLU E 1135 6.64 -23.25 13.36
CA GLU E 1135 6.43 -23.74 14.73
C GLU E 1135 7.32 -24.95 14.94
N ALA E 1136 7.99 -24.99 16.10
CA ALA E 1136 8.74 -26.14 16.63
C ALA E 1136 8.26 -26.40 18.06
N SER E 1137 8.63 -27.55 18.64
CA SER E 1137 8.54 -27.82 20.09
C SER E 1137 9.45 -26.84 20.83
N LYS E 1138 9.36 -26.81 22.16
CA LYS E 1138 10.27 -25.97 22.98
C LYS E 1138 11.69 -26.47 22.75
N GLU E 1139 11.93 -27.74 23.04
CA GLU E 1139 13.24 -28.46 22.92
C GLU E 1139 13.90 -28.09 21.58
N THR E 1140 13.23 -28.37 20.47
CA THR E 1140 13.74 -28.17 19.09
C THR E 1140 14.08 -26.70 18.79
N ALA E 1141 13.33 -25.74 19.34
CA ALA E 1141 13.59 -24.31 19.14
C ALA E 1141 14.86 -23.91 19.87
N GLU E 1142 15.07 -24.40 21.08
CA GLU E 1142 16.29 -24.09 21.87
C GLU E 1142 17.53 -24.63 21.12
N GLN E 1143 17.35 -25.78 20.46
CA GLN E 1143 18.35 -26.43 19.59
C GLN E 1143 18.67 -25.52 18.39
N PHE E 1144 17.70 -24.81 17.81
CA PHE E 1144 17.94 -23.84 16.71
C PHE E 1144 18.68 -22.61 17.23
N LYS E 1145 18.31 -22.17 18.43
CA LYS E 1145 18.86 -20.95 19.09
C LYS E 1145 20.31 -21.19 19.46
N HIS E 1146 20.60 -22.39 19.99
CA HIS E 1146 21.96 -22.80 20.41
C HIS E 1146 22.92 -22.76 19.23
N GLN E 1147 22.52 -23.35 18.11
CA GLN E 1147 23.27 -23.36 16.83
C GLN E 1147 23.42 -21.93 16.29
N HIS E 1148 22.32 -21.18 16.13
CA HIS E 1148 22.31 -19.97 15.25
C HIS E 1148 22.69 -18.71 16.02
N GLY E 1149 22.38 -18.63 17.32
CA GLY E 1149 22.59 -17.46 18.21
C GLY E 1149 21.77 -16.25 17.77
N ASP E 1150 22.43 -15.11 17.58
CA ASP E 1150 21.82 -13.85 17.08
C ASP E 1150 20.87 -14.13 15.90
N LYS E 1151 21.29 -15.02 15.00
CA LYS E 1151 20.70 -15.17 13.64
C LYS E 1151 19.42 -16.00 13.65
N VAL E 1152 18.83 -16.26 14.82
CA VAL E 1152 17.47 -16.85 14.91
C VAL E 1152 16.76 -16.15 16.07
N ASP E 1153 15.42 -16.09 16.01
CA ASP E 1153 14.58 -15.55 17.09
C ASP E 1153 13.57 -16.62 17.46
N ILE E 1154 13.42 -16.92 18.74
CA ILE E 1154 12.45 -17.98 19.16
C ILE E 1154 11.60 -17.40 20.29
N PHE E 1155 10.29 -17.57 20.14
CA PHE E 1155 9.25 -16.91 20.97
C PHE E 1155 8.18 -17.95 21.27
N GLU E 1156 7.92 -18.24 22.54
CA GLU E 1156 6.76 -19.06 22.99
C GLU E 1156 5.48 -18.45 22.41
N ILE E 1157 4.65 -19.30 21.80
CA ILE E 1157 3.24 -19.03 21.45
C ILE E 1157 2.42 -19.42 22.68
N PRO E 1158 1.87 -18.45 23.45
CA PRO E 1158 1.45 -18.69 24.83
C PRO E 1158 0.23 -19.60 25.03
N GLU E 1159 -0.58 -19.78 23.97
CA GLU E 1159 -1.78 -20.66 23.93
C GLU E 1159 -1.31 -22.12 23.88
N THR E 1160 -0.55 -22.47 22.83
CA THR E 1160 -0.11 -23.85 22.50
C THR E 1160 1.00 -24.29 23.47
N GLY E 1161 2.03 -23.46 23.69
CA GLY E 1161 3.31 -23.83 24.33
C GLY E 1161 4.44 -24.03 23.31
N GLU E 1162 4.09 -24.47 22.08
CA GLU E 1162 4.96 -24.50 20.88
C GLU E 1162 5.65 -23.14 20.68
N TYR E 1163 6.81 -23.11 20.05
CA TYR E 1163 7.62 -21.90 19.80
C TYR E 1163 7.62 -21.56 18.30
N SER E 1164 7.71 -20.27 17.98
CA SER E 1164 7.95 -19.78 16.61
C SER E 1164 9.46 -19.72 16.41
N VAL E 1165 9.95 -19.94 15.19
CA VAL E 1165 11.42 -19.95 14.86
C VAL E 1165 11.65 -19.06 13.65
N LYS E 1166 12.17 -17.86 13.85
CA LYS E 1166 12.43 -16.88 12.75
C LYS E 1166 13.90 -16.97 12.39
N LEU E 1167 14.20 -17.48 11.21
CA LEU E 1167 15.61 -17.59 10.77
C LEU E 1167 15.99 -16.26 10.15
N LEU E 1168 16.93 -15.54 10.74
CA LEU E 1168 17.23 -14.13 10.36
C LEU E 1168 18.27 -14.10 9.25
N LYS E 1169 18.42 -12.92 8.66
CA LYS E 1169 19.40 -12.64 7.60
C LYS E 1169 20.78 -12.98 8.16
N GLY E 1170 21.57 -13.79 7.45
CA GLY E 1170 22.92 -14.21 7.88
C GLY E 1170 22.96 -15.60 8.49
N ALA E 1171 21.79 -16.19 8.79
CA ALA E 1171 21.62 -17.62 9.12
C ALA E 1171 22.10 -18.48 7.93
N THR E 1172 22.58 -19.69 8.21
CA THR E 1172 22.95 -20.70 7.18
C THR E 1172 21.83 -21.73 7.03
N LEU E 1173 21.60 -22.11 5.79
CA LEU E 1173 20.66 -23.18 5.39
C LEU E 1173 21.44 -24.18 4.58
N TYR E 1174 20.86 -25.36 4.45
CA TYR E 1174 21.36 -26.44 3.56
C TYR E 1174 20.21 -26.71 2.60
N ILE E 1175 20.45 -26.42 1.32
CA ILE E 1175 19.48 -26.72 0.24
C ILE E 1175 20.00 -27.93 -0.52
N PRO E 1176 19.20 -29.00 -0.57
CA PRO E 1176 19.47 -30.15 -1.40
C PRO E 1176 19.69 -29.85 -2.88
N LYS E 1177 20.67 -30.51 -3.50
CA LYS E 1177 20.82 -30.58 -4.98
C LYS E 1177 21.02 -32.04 -5.39
N ALA E 1178 21.15 -32.32 -6.70
CA ALA E 1178 21.31 -33.68 -7.24
C ALA E 1178 22.30 -33.69 -8.38
N LEU E 1179 23.50 -34.22 -8.10
CA LEU E 1179 24.48 -34.77 -9.06
C LEU E 1179 23.82 -35.88 -9.86
N ARG E 1180 24.12 -35.91 -11.15
CA ARG E 1180 23.90 -37.08 -12.03
C ARG E 1180 25.25 -37.78 -12.10
N PHE E 1181 25.29 -39.04 -11.67
CA PHE E 1181 26.53 -39.84 -11.49
C PHE E 1181 26.61 -40.90 -12.60
N ASP E 1182 27.84 -41.19 -13.04
CA ASP E 1182 28.16 -41.86 -14.32
C ASP E 1182 28.38 -43.37 -14.12
N ARG E 1183 28.15 -43.91 -12.91
CA ARG E 1183 28.25 -45.35 -12.56
C ARG E 1183 26.83 -45.90 -12.24
N LEU E 1184 26.18 -46.44 -13.27
CA LEU E 1184 24.73 -46.77 -13.30
C LEU E 1184 24.52 -48.26 -13.14
N VAL E 1185 25.59 -49.04 -13.08
CA VAL E 1185 25.55 -50.52 -13.25
C VAL E 1185 26.35 -51.14 -12.14
N ALA E 1186 25.85 -52.24 -11.60
CA ALA E 1186 26.57 -53.02 -10.58
C ALA E 1186 26.04 -54.45 -10.58
N GLY E 1187 26.89 -55.37 -10.09
CA GLY E 1187 26.62 -56.81 -9.91
C GLY E 1187 25.89 -57.00 -8.63
N GLN E 1188 24.57 -57.02 -8.67
CA GLN E 1188 23.72 -56.99 -7.47
C GLN E 1188 23.15 -58.38 -7.28
N ILE E 1189 22.83 -58.72 -6.06
CA ILE E 1189 22.16 -60.01 -5.73
C ILE E 1189 20.82 -59.99 -6.46
N PRO E 1190 20.30 -61.14 -6.94
CA PRO E 1190 19.15 -61.13 -7.84
C PRO E 1190 17.97 -60.49 -7.12
N THR E 1191 17.10 -59.81 -7.85
CA THR E 1191 16.01 -59.02 -7.25
C THR E 1191 14.97 -59.99 -6.69
N GLY E 1192 14.71 -59.89 -5.38
CA GLY E 1192 13.74 -60.72 -4.66
C GLY E 1192 14.41 -61.63 -3.66
N TRP E 1193 15.72 -61.75 -3.74
CA TRP E 1193 16.52 -62.40 -2.69
C TRP E 1193 16.08 -61.80 -1.37
N ASN E 1194 15.84 -62.66 -0.39
CA ASN E 1194 15.26 -62.29 0.91
C ASN E 1194 15.72 -63.33 1.92
N ALA E 1195 16.36 -62.90 3.01
CA ALA E 1195 16.79 -63.80 4.09
C ALA E 1195 15.60 -64.57 4.66
N LYS E 1196 14.39 -64.05 4.52
CA LYS E 1196 13.18 -64.79 4.97
C LYS E 1196 13.12 -66.16 4.30
N THR E 1197 13.49 -66.30 3.00
CA THR E 1197 13.20 -67.54 2.23
C THR E 1197 14.13 -68.64 2.70
N TYR E 1198 15.26 -68.28 3.30
CA TYR E 1198 16.19 -69.22 3.95
C TYR E 1198 15.70 -69.51 5.38
N GLY E 1199 14.88 -68.63 5.93
CA GLY E 1199 14.27 -68.84 7.26
C GLY E 1199 15.02 -68.10 8.36
N ILE E 1200 15.52 -66.92 8.06
CA ILE E 1200 16.05 -65.96 9.06
C ILE E 1200 14.84 -65.13 9.52
N SER E 1201 14.75 -64.92 10.83
CA SER E 1201 13.61 -64.27 11.53
C SER E 1201 13.70 -62.75 11.36
N ASP E 1202 12.58 -62.04 11.46
CA ASP E 1202 12.53 -60.57 11.26
C ASP E 1202 13.24 -59.87 12.43
N ASP E 1203 13.17 -60.44 13.65
CA ASP E 1203 13.96 -59.97 14.83
C ASP E 1203 15.36 -59.65 14.33
N ILE E 1204 15.99 -60.62 13.66
CA ILE E 1204 17.39 -60.58 13.18
C ILE E 1204 17.45 -59.64 11.99
N ILE E 1205 16.62 -59.81 10.98
CA ILE E 1205 16.71 -58.98 9.74
C ILE E 1205 16.67 -57.49 10.11
N SER E 1206 15.69 -57.11 10.90
CA SER E 1206 15.46 -55.73 11.39
C SER E 1206 16.29 -55.49 12.64
N GLN E 1207 17.62 -55.47 12.52
CA GLN E 1207 18.61 -55.41 13.65
C GLN E 1207 20.03 -55.42 13.10
N VAL E 1208 20.28 -56.39 12.25
CA VAL E 1208 21.60 -56.71 11.68
C VAL E 1208 21.70 -55.97 10.34
N ASP E 1209 22.93 -55.65 9.91
CA ASP E 1209 23.27 -54.99 8.61
C ASP E 1209 23.04 -56.00 7.49
N PRO E 1210 22.54 -55.57 6.31
CA PRO E 1210 22.38 -56.46 5.15
C PRO E 1210 23.49 -57.47 4.85
N ILE E 1211 24.75 -57.08 5.01
CA ILE E 1211 25.94 -57.92 4.71
C ILE E 1211 25.95 -59.14 5.65
N THR E 1212 25.57 -58.98 6.91
CA THR E 1212 25.46 -60.10 7.87
C THR E 1212 24.46 -61.14 7.33
N LEU E 1213 23.36 -60.75 6.69
CA LEU E 1213 22.37 -61.70 6.13
C LEU E 1213 22.99 -62.55 5.01
N PHE E 1214 23.84 -61.96 4.18
CA PHE E 1214 24.53 -62.71 3.11
C PHE E 1214 25.44 -63.75 3.75
N VAL E 1215 26.06 -63.40 4.87
CA VAL E 1215 27.04 -64.27 5.58
C VAL E 1215 26.28 -65.39 6.26
N LEU E 1216 25.18 -65.10 6.92
CA LEU E 1216 24.42 -66.13 7.68
C LEU E 1216 23.95 -67.18 6.69
N VAL E 1217 23.47 -66.75 5.54
CA VAL E 1217 22.99 -67.69 4.50
C VAL E 1217 24.16 -68.48 3.94
N SER E 1218 25.28 -67.84 3.64
CA SER E 1218 26.50 -68.51 3.12
C SER E 1218 27.09 -69.56 4.10
N VAL E 1219 27.02 -69.36 5.41
CA VAL E 1219 27.57 -70.30 6.42
C VAL E 1219 26.62 -71.50 6.52
N VAL E 1220 25.32 -71.31 6.49
CA VAL E 1220 24.36 -72.45 6.52
C VAL E 1220 24.57 -73.29 5.26
N GLU E 1221 24.55 -72.62 4.12
CA GLU E 1221 24.55 -73.27 2.81
C GLU E 1221 25.92 -73.94 2.60
N ALA E 1222 26.91 -73.68 3.45
CA ALA E 1222 28.29 -74.24 3.41
C ALA E 1222 28.42 -75.47 4.29
N PHE E 1223 27.81 -75.46 5.46
CA PHE E 1223 27.61 -76.66 6.30
C PHE E 1223 26.75 -77.70 5.54
N ILE E 1224 25.69 -77.31 4.84
CA ILE E 1224 24.92 -78.23 3.96
C ILE E 1224 25.82 -78.86 2.88
N ALA E 1225 26.77 -78.13 2.32
CA ALA E 1225 27.73 -78.63 1.30
C ALA E 1225 28.72 -79.61 1.92
N SER E 1226 28.87 -79.56 3.24
CA SER E 1226 29.77 -80.42 4.01
C SER E 1226 28.95 -81.54 4.68
N GLY E 1227 27.68 -81.68 4.33
CA GLY E 1227 26.75 -82.64 4.94
C GLY E 1227 26.58 -82.44 6.42
N ILE E 1228 26.67 -81.22 6.90
CA ILE E 1228 26.58 -80.83 8.33
C ILE E 1228 25.33 -79.97 8.48
N THR E 1229 24.22 -80.60 8.80
CA THR E 1229 22.88 -80.02 8.84
C THR E 1229 22.70 -79.37 10.22
N ASP E 1230 23.35 -79.93 11.25
CA ASP E 1230 23.34 -79.36 12.63
C ASP E 1230 24.75 -79.01 13.04
N PRO E 1231 25.12 -77.72 13.13
CA PRO E 1231 26.49 -77.34 13.48
C PRO E 1231 27.04 -78.08 14.71
N TYR E 1232 26.18 -78.36 15.67
CA TYR E 1232 26.62 -78.90 16.97
C TYR E 1232 27.20 -80.30 16.80
N GLU E 1233 26.88 -80.97 15.69
CA GLU E 1233 27.44 -82.30 15.38
C GLU E 1233 28.97 -82.27 15.44
N MET E 1234 29.59 -81.15 15.08
CA MET E 1234 31.06 -80.98 15.14
C MET E 1234 31.57 -81.35 16.53
N TYR E 1235 30.86 -80.96 17.59
CA TYR E 1235 31.29 -81.13 19.00
C TYR E 1235 31.15 -82.58 19.47
N LYS E 1236 30.84 -83.54 18.60
CA LYS E 1236 31.02 -84.98 18.86
C LYS E 1236 32.50 -85.38 18.70
N TYR E 1237 33.21 -84.67 17.83
CA TYR E 1237 34.56 -85.01 17.33
C TYR E 1237 35.64 -84.09 17.90
N VAL E 1238 35.28 -82.87 18.24
CA VAL E 1238 36.21 -81.72 18.40
C VAL E 1238 35.74 -80.93 19.61
N HIS E 1239 36.62 -80.38 20.45
CA HIS E 1239 36.21 -79.53 21.61
C HIS E 1239 35.75 -78.15 21.12
N VAL E 1240 34.55 -77.72 21.54
CA VAL E 1240 34.05 -76.31 21.64
C VAL E 1240 35.13 -75.24 21.36
N SER E 1241 36.37 -75.38 21.87
CA SER E 1241 37.49 -74.41 21.65
C SER E 1241 38.29 -74.68 20.37
N GLU E 1242 37.83 -75.54 19.46
CA GLU E 1242 38.65 -75.98 18.32
C GLU E 1242 37.91 -75.72 17.01
N VAL E 1243 36.77 -75.03 17.06
CA VAL E 1243 36.15 -74.43 15.85
C VAL E 1243 36.43 -72.92 15.81
N GLY E 1244 37.06 -72.46 14.76
CA GLY E 1244 37.42 -71.04 14.60
C GLY E 1244 36.61 -70.41 13.49
N ASN E 1245 36.59 -69.09 13.46
CA ASN E 1245 36.06 -68.26 12.36
C ASN E 1245 37.21 -67.35 11.96
N CYS E 1246 37.71 -67.49 10.75
CA CYS E 1246 38.84 -66.67 10.26
C CYS E 1246 38.40 -65.96 8.99
N SER E 1247 37.12 -65.60 8.86
CA SER E 1247 36.54 -64.81 7.72
C SER E 1247 36.58 -63.33 8.04
N GLY E 1248 36.43 -62.49 7.04
CA GLY E 1248 36.57 -61.03 7.18
C GLY E 1248 36.06 -60.28 5.96
N SER E 1249 35.95 -58.96 6.07
CA SER E 1249 35.42 -58.04 5.05
C SER E 1249 36.51 -57.00 4.76
N GLY E 1250 36.45 -56.36 3.60
CA GLY E 1250 37.28 -55.19 3.25
C GLY E 1250 36.79 -53.92 3.94
N MET E 1251 35.47 -53.70 4.05
CA MET E 1251 34.88 -52.46 4.66
C MET E 1251 33.85 -52.78 5.75
N GLY E 1252 33.08 -53.86 5.63
CA GLY E 1252 32.15 -54.28 6.69
C GLY E 1252 30.73 -53.74 6.53
N GLY E 1253 30.09 -53.48 7.66
CA GLY E 1253 28.71 -52.99 7.77
C GLY E 1253 28.65 -51.55 7.33
N VAL E 1254 28.53 -51.36 6.02
CA VAL E 1254 28.71 -50.06 5.34
C VAL E 1254 27.39 -49.27 5.42
N SER E 1255 26.28 -49.98 5.52
CA SER E 1255 24.93 -49.41 5.69
C SER E 1255 24.82 -48.83 7.09
N ALA E 1256 25.46 -49.48 8.08
CA ALA E 1256 25.51 -49.01 9.48
C ALA E 1256 26.42 -47.79 9.62
N LEU E 1257 27.38 -47.58 8.71
CA LEU E 1257 28.21 -46.34 8.68
C LEU E 1257 27.38 -45.16 8.15
N ARG E 1258 26.54 -45.40 7.15
CA ARG E 1258 25.55 -44.40 6.72
C ARG E 1258 24.75 -43.98 7.95
N GLY E 1259 24.32 -44.94 8.76
CA GLY E 1259 23.51 -44.66 9.95
C GLY E 1259 24.18 -43.69 10.89
N MET E 1260 25.47 -43.88 11.11
CA MET E 1260 26.20 -43.27 12.24
C MET E 1260 26.95 -42.01 11.80
N PHE E 1261 27.03 -41.73 10.49
CA PHE E 1261 27.62 -40.51 9.88
C PHE E 1261 26.59 -39.60 9.20
N LYS E 1262 25.76 -40.16 8.32
CA LYS E 1262 24.77 -39.40 7.52
C LYS E 1262 23.44 -39.33 8.28
N ASP E 1263 22.81 -40.45 8.57
CA ASP E 1263 21.42 -40.49 9.06
C ASP E 1263 21.30 -39.82 10.43
N ARG E 1264 22.23 -40.02 11.36
CA ARG E 1264 22.25 -39.29 12.66
C ARG E 1264 22.26 -37.77 12.44
N PHE E 1265 23.21 -37.30 11.66
CA PHE E 1265 23.38 -35.89 11.21
C PHE E 1265 22.05 -35.28 10.73
N LYS E 1266 21.21 -36.07 10.07
CA LYS E 1266 19.89 -35.66 9.54
C LYS E 1266 18.78 -35.91 10.58
N ASP E 1267 19.14 -36.21 11.82
CA ASP E 1267 18.23 -36.68 12.91
C ASP E 1267 17.15 -37.62 12.37
N GLU E 1268 17.50 -38.52 11.45
CA GLU E 1268 16.64 -39.68 11.12
C GLU E 1268 16.65 -40.66 12.29
N PRO E 1269 15.60 -41.49 12.48
CA PRO E 1269 15.66 -42.58 13.45
C PRO E 1269 16.67 -43.67 12.98
N VAL E 1270 17.63 -43.96 13.86
CA VAL E 1270 18.73 -44.94 13.66
C VAL E 1270 18.76 -45.73 14.98
N GLN E 1271 18.78 -47.07 14.94
CA GLN E 1271 18.90 -47.95 16.14
C GLN E 1271 20.08 -47.45 16.98
N ASN E 1272 20.03 -47.56 18.31
CA ASN E 1272 21.06 -46.98 19.21
C ASN E 1272 22.35 -47.80 19.15
N ASP E 1273 22.25 -49.10 18.85
CA ASP E 1273 23.38 -50.06 18.74
C ASP E 1273 23.93 -50.08 17.31
N ILE E 1274 23.76 -49.02 16.52
CA ILE E 1274 24.11 -49.07 15.08
C ILE E 1274 25.62 -49.30 14.93
N LEU E 1275 26.42 -48.83 15.89
CA LEU E 1275 27.91 -48.84 15.81
C LEU E 1275 28.42 -50.27 15.83
N GLN E 1276 27.86 -51.14 16.67
CA GLN E 1276 28.24 -52.58 16.74
C GLN E 1276 28.00 -53.27 15.38
N GLU E 1277 27.05 -52.88 14.57
CA GLU E 1277 26.81 -53.53 13.25
C GLU E 1277 27.83 -53.06 12.22
N SER E 1278 28.52 -51.96 12.46
CA SER E 1278 29.43 -51.37 11.46
C SER E 1278 30.66 -52.27 11.36
N PHE E 1279 31.18 -52.65 12.53
CA PHE E 1279 32.45 -53.37 12.77
C PHE E 1279 32.58 -54.60 11.85
N ILE E 1280 33.75 -54.78 11.26
CA ILE E 1280 34.07 -55.93 10.36
C ILE E 1280 34.04 -57.26 11.13
N ASN E 1281 34.26 -57.23 12.46
CA ASN E 1281 34.33 -58.46 13.28
C ASN E 1281 32.97 -58.92 13.78
N THR E 1282 31.86 -58.32 13.32
CA THR E 1282 30.51 -58.64 13.86
C THR E 1282 29.78 -59.64 12.99
N MET E 1283 30.00 -59.63 11.69
CA MET E 1283 29.36 -60.67 10.88
C MET E 1283 29.73 -62.04 11.48
N SER E 1284 30.95 -62.18 11.98
CA SER E 1284 31.47 -63.43 12.57
C SER E 1284 30.87 -63.64 13.96
N ALA E 1285 30.73 -62.58 14.74
CA ALA E 1285 29.97 -62.55 16.02
C ALA E 1285 28.56 -63.17 15.87
N TRP E 1286 27.81 -62.74 14.86
CA TRP E 1286 26.41 -63.19 14.61
C TRP E 1286 26.39 -64.66 14.18
N VAL E 1287 27.36 -65.09 13.39
CA VAL E 1287 27.50 -66.53 13.02
C VAL E 1287 27.74 -67.37 14.29
N ASN E 1288 28.47 -66.85 15.26
CA ASN E 1288 28.80 -67.62 16.47
C ASN E 1288 27.60 -67.58 17.41
N MET E 1289 26.94 -66.43 17.44
CA MET E 1289 25.82 -66.12 18.34
C MET E 1289 24.58 -66.85 17.85
N LEU E 1290 24.44 -67.17 16.57
CA LEU E 1290 23.19 -67.75 16.03
C LEU E 1290 23.40 -69.18 15.54
N LEU E 1291 24.61 -69.64 15.24
CA LEU E 1291 24.81 -71.05 14.78
C LEU E 1291 25.81 -71.79 15.66
N ILE E 1292 27.09 -71.46 15.61
CA ILE E 1292 28.20 -72.39 15.96
C ILE E 1292 28.33 -72.52 17.48
N SER E 1293 28.38 -71.43 18.24
CA SER E 1293 28.65 -71.43 19.70
C SER E 1293 30.03 -72.02 20.02
N SER E 1294 30.98 -71.87 19.11
CA SER E 1294 32.39 -72.22 19.38
C SER E 1294 32.91 -71.26 20.44
N SER E 1295 33.96 -71.67 21.14
CA SER E 1295 34.81 -70.81 21.98
C SER E 1295 36.24 -70.89 21.43
N GLY E 1296 36.32 -71.17 20.13
CA GLY E 1296 37.57 -71.30 19.38
C GLY E 1296 38.02 -69.97 18.80
N PRO E 1297 39.17 -69.97 18.09
CA PRO E 1297 39.79 -68.74 17.65
C PRO E 1297 38.80 -67.89 16.88
N ILE E 1298 39.01 -66.59 16.90
CA ILE E 1298 38.38 -65.69 15.91
C ILE E 1298 39.47 -64.70 15.53
N LYS E 1299 39.85 -64.74 14.26
CA LYS E 1299 40.93 -63.90 13.78
C LYS E 1299 40.42 -63.27 12.49
N THR E 1300 39.81 -62.10 12.58
CA THR E 1300 39.10 -61.47 11.44
C THR E 1300 40.10 -60.66 10.61
N PRO E 1301 40.40 -61.00 9.35
CA PRO E 1301 41.19 -60.11 8.50
C PRO E 1301 40.50 -58.97 7.74
N VAL E 1302 41.29 -57.93 7.41
CA VAL E 1302 40.94 -56.87 6.44
C VAL E 1302 41.99 -56.85 5.37
N GLY E 1303 41.62 -57.14 4.15
CA GLY E 1303 42.60 -57.39 3.09
C GLY E 1303 42.18 -56.71 1.83
N ALA E 1304 41.36 -55.67 1.96
CA ALA E 1304 40.61 -55.11 0.83
C ALA E 1304 40.20 -56.29 -0.06
N CYS E 1305 40.64 -56.30 -1.32
CA CYS E 1305 40.15 -57.20 -2.39
C CYS E 1305 40.84 -58.55 -2.28
N ALA E 1306 41.78 -58.69 -1.34
CA ALA E 1306 42.50 -59.95 -1.04
C ALA E 1306 42.05 -60.55 0.29
N THR E 1307 40.95 -60.12 0.89
CA THR E 1307 40.65 -60.48 2.29
C THR E 1307 40.34 -61.98 2.36
N SER E 1308 39.83 -62.56 1.28
CA SER E 1308 39.43 -63.98 1.22
C SER E 1308 40.65 -64.88 1.25
N VAL E 1309 41.65 -64.62 0.42
CA VAL E 1309 42.93 -65.42 0.39
C VAL E 1309 43.73 -65.23 1.70
N GLU E 1310 43.80 -64.03 2.25
CA GLU E 1310 44.34 -63.76 3.61
C GLU E 1310 43.55 -64.58 4.63
N SER E 1311 42.22 -64.54 4.57
CA SER E 1311 41.32 -65.36 5.42
C SER E 1311 41.77 -66.81 5.42
N VAL E 1312 41.96 -67.39 4.24
CA VAL E 1312 42.35 -68.81 4.00
C VAL E 1312 43.69 -69.08 4.71
N ASP E 1313 44.68 -68.21 4.46
CA ASP E 1313 46.03 -68.23 5.08
C ASP E 1313 45.89 -68.24 6.59
N ILE E 1314 45.28 -67.22 7.16
CA ILE E 1314 45.04 -67.12 8.62
C ILE E 1314 44.38 -68.42 9.09
N GLY E 1315 43.44 -68.92 8.30
CA GLY E 1315 42.68 -70.15 8.56
C GLY E 1315 43.57 -71.39 8.68
N VAL E 1316 44.29 -71.73 7.62
CA VAL E 1316 45.33 -72.80 7.58
C VAL E 1316 46.26 -72.73 8.80
N GLU E 1317 47.00 -71.64 8.97
CA GLU E 1317 48.03 -71.46 10.05
C GLU E 1317 47.39 -71.60 11.43
N THR E 1318 46.11 -71.30 11.54
CA THR E 1318 45.33 -71.54 12.78
C THR E 1318 45.16 -73.05 12.97
N ILE E 1319 44.95 -73.79 11.90
CA ILE E 1319 44.78 -75.27 12.00
C ILE E 1319 46.11 -75.94 12.27
N LEU E 1320 47.22 -75.50 11.68
CA LEU E 1320 48.54 -76.16 11.87
C LEU E 1320 49.13 -75.77 13.22
N SER E 1321 49.08 -74.51 13.64
CA SER E 1321 49.36 -74.11 15.06
C SER E 1321 48.76 -75.09 16.10
N GLY E 1322 47.69 -75.81 15.73
CA GLY E 1322 46.92 -76.68 16.63
C GLY E 1322 46.01 -75.90 17.54
N LYS E 1323 45.48 -74.76 17.08
CA LYS E 1323 44.53 -73.92 17.84
C LYS E 1323 43.09 -74.30 17.47
N ALA E 1324 42.87 -74.72 16.23
CA ALA E 1324 41.55 -75.08 15.67
C ALA E 1324 41.71 -76.30 14.77
N ARG E 1325 40.72 -77.18 14.81
CA ARG E 1325 40.66 -78.39 13.97
C ARG E 1325 39.78 -78.05 12.78
N ILE E 1326 38.80 -77.15 12.96
CA ILE E 1326 37.84 -76.66 11.92
C ILE E 1326 37.90 -75.15 11.92
N CYS E 1327 37.61 -74.52 10.80
CA CYS E 1327 37.72 -73.05 10.63
C CYS E 1327 36.77 -72.63 9.51
N ILE E 1328 35.91 -71.68 9.77
CA ILE E 1328 35.17 -71.00 8.68
C ILE E 1328 36.15 -69.97 8.15
N VAL E 1329 36.09 -69.73 6.87
CA VAL E 1329 37.12 -68.98 6.12
C VAL E 1329 36.34 -68.35 5.00
N GLY E 1330 36.50 -67.07 4.75
CA GLY E 1330 35.84 -66.45 3.59
C GLY E 1330 35.89 -64.96 3.66
N GLY E 1331 34.94 -64.33 3.01
CA GLY E 1331 34.89 -62.87 2.83
C GLY E 1331 33.54 -62.47 2.34
N TYR E 1332 33.24 -61.20 2.46
CA TYR E 1332 31.88 -60.67 2.31
C TYR E 1332 32.00 -59.17 2.23
N ASP E 1333 31.18 -58.57 1.37
CA ASP E 1333 31.24 -57.11 1.11
C ASP E 1333 29.96 -56.69 0.41
N ASP E 1334 29.46 -55.51 0.77
CA ASP E 1334 28.19 -54.92 0.29
C ASP E 1334 28.58 -53.75 -0.59
N PHE E 1335 27.68 -53.44 -1.52
CA PHE E 1335 27.70 -52.30 -2.49
C PHE E 1335 26.71 -51.31 -1.89
N GLN E 1336 27.15 -50.07 -1.62
CA GLN E 1336 26.22 -48.97 -1.28
C GLN E 1336 26.61 -47.71 -2.07
N GLU E 1337 25.77 -46.69 -1.98
CA GLU E 1337 25.84 -45.41 -2.71
C GLU E 1337 27.26 -44.82 -2.63
N GLU E 1338 27.89 -44.90 -1.47
CA GLU E 1338 28.97 -43.96 -1.05
C GLU E 1338 30.32 -44.53 -1.45
N GLY E 1339 30.48 -45.85 -1.35
CA GLY E 1339 31.60 -46.59 -1.95
C GLY E 1339 31.54 -46.54 -3.46
N SER E 1340 30.35 -46.69 -4.07
CA SER E 1340 30.17 -46.60 -5.55
C SER E 1340 30.82 -45.32 -6.03
N PHE E 1341 30.51 -44.24 -5.31
CA PHE E 1341 30.92 -42.85 -5.62
C PHE E 1341 32.43 -42.71 -5.45
N GLU E 1342 32.97 -43.25 -4.38
CA GLU E 1342 34.38 -43.03 -3.98
C GLU E 1342 35.30 -43.83 -4.90
N PHE E 1343 34.89 -45.01 -5.33
CA PHE E 1343 35.59 -45.79 -6.37
C PHE E 1343 35.51 -45.06 -7.71
N GLY E 1344 34.48 -44.28 -7.97
CA GLY E 1344 34.36 -43.45 -9.20
C GLY E 1344 35.36 -42.31 -9.22
N ASN E 1345 35.64 -41.72 -8.05
CA ASN E 1345 36.55 -40.56 -7.89
C ASN E 1345 38.02 -41.01 -8.00
N MET E 1346 38.32 -42.24 -7.59
CA MET E 1346 39.62 -42.95 -7.78
C MET E 1346 39.80 -43.42 -9.23
N LYS E 1347 38.74 -43.42 -10.03
CA LYS E 1347 38.68 -43.89 -11.45
C LYS E 1347 39.10 -45.36 -11.55
N ALA E 1348 38.74 -46.13 -10.52
CA ALA E 1348 38.91 -47.59 -10.42
C ALA E 1348 37.81 -48.32 -11.20
N THR E 1349 36.56 -47.85 -11.10
CA THR E 1349 35.37 -48.49 -11.70
C THR E 1349 35.21 -48.03 -13.13
N SER E 1350 34.60 -48.86 -13.99
CA SER E 1350 34.17 -48.50 -15.37
C SER E 1350 33.10 -47.39 -15.30
N ASN E 1351 33.38 -46.26 -15.95
CA ASN E 1351 32.39 -45.19 -16.23
C ASN E 1351 31.36 -45.76 -17.19
N THR E 1352 30.08 -45.79 -16.80
CA THR E 1352 29.01 -46.46 -17.55
C THR E 1352 28.59 -45.67 -18.79
N LEU E 1353 28.80 -44.35 -18.83
CA LEU E 1353 28.36 -43.49 -19.96
C LEU E 1353 29.34 -43.61 -21.14
N GLU E 1354 30.65 -43.66 -20.88
CA GLU E 1354 31.66 -44.13 -21.86
C GLU E 1354 31.27 -45.52 -22.36
N GLU E 1355 30.91 -46.43 -21.46
CA GLU E 1355 30.61 -47.84 -21.85
C GLU E 1355 29.51 -47.85 -22.90
N PHE E 1356 28.48 -47.02 -22.71
CA PHE E 1356 27.30 -46.92 -23.59
C PHE E 1356 27.68 -46.22 -24.90
N GLU E 1357 28.59 -45.22 -24.87
CA GLU E 1357 29.14 -44.62 -26.13
C GLU E 1357 29.68 -45.72 -27.04
N HIS E 1358 30.47 -46.66 -26.51
CA HIS E 1358 31.04 -47.82 -27.22
C HIS E 1358 29.99 -48.90 -27.55
N GLY E 1359 28.74 -48.68 -27.17
CA GLY E 1359 27.66 -49.61 -27.48
C GLY E 1359 27.81 -50.92 -26.73
N ARG E 1360 28.35 -50.87 -25.50
CA ARG E 1360 28.39 -52.02 -24.57
C ARG E 1360 27.11 -52.05 -23.74
N THR E 1361 26.50 -53.23 -23.63
CA THR E 1361 25.39 -53.54 -22.68
C THR E 1361 26.00 -53.81 -21.31
N PRO E 1362 25.24 -53.77 -20.21
CA PRO E 1362 25.80 -54.00 -18.88
C PRO E 1362 26.47 -55.36 -18.69
N ALA E 1363 26.00 -56.40 -19.39
CA ALA E 1363 26.56 -57.78 -19.35
C ALA E 1363 28.05 -57.74 -19.71
N GLU E 1364 28.37 -57.19 -20.90
CA GLU E 1364 29.73 -57.15 -21.49
C GLU E 1364 30.54 -55.95 -21.00
N MET E 1365 30.40 -55.52 -19.75
CA MET E 1365 31.10 -54.32 -19.20
C MET E 1365 32.27 -54.73 -18.29
N SER E 1366 32.22 -55.95 -17.73
CA SER E 1366 33.39 -56.64 -17.09
C SER E 1366 34.04 -57.52 -18.16
N ARG E 1367 35.21 -57.15 -18.64
CA ARG E 1367 35.92 -57.91 -19.69
C ARG E 1367 37.41 -57.94 -19.39
N PRO E 1368 37.84 -58.85 -18.52
CA PRO E 1368 39.27 -58.98 -18.21
C PRO E 1368 40.12 -59.44 -19.41
N ALA E 1369 41.41 -59.08 -19.40
CA ALA E 1369 42.42 -59.53 -20.36
C ALA E 1369 42.14 -58.96 -21.74
N THR E 1370 41.21 -58.02 -21.82
CA THR E 1370 40.64 -57.50 -23.08
C THR E 1370 41.42 -56.22 -23.42
N THR E 1371 41.55 -55.92 -24.69
CA THR E 1371 42.19 -54.68 -25.23
C THR E 1371 41.55 -53.43 -24.64
N THR E 1372 40.23 -53.45 -24.50
CA THR E 1372 39.34 -52.29 -24.28
C THR E 1372 38.91 -52.14 -22.81
N ARG E 1373 39.46 -52.96 -21.91
CA ARG E 1373 39.07 -52.97 -20.49
C ARG E 1373 39.40 -51.61 -19.89
N ASN E 1374 38.51 -51.09 -19.05
CA ASN E 1374 38.52 -49.67 -18.63
C ASN E 1374 37.98 -49.54 -17.19
N GLY E 1375 38.24 -50.50 -16.33
CA GLY E 1375 37.83 -50.41 -14.92
C GLY E 1375 36.93 -51.56 -14.55
N PHE E 1376 36.78 -51.79 -13.25
CA PHE E 1376 36.14 -52.99 -12.69
C PHE E 1376 34.65 -52.74 -12.43
N MET E 1377 33.93 -53.82 -12.18
CA MET E 1377 32.47 -53.79 -11.95
C MET E 1377 32.21 -54.08 -10.48
N GLU E 1378 31.74 -53.10 -9.72
CA GLU E 1378 31.47 -53.29 -8.28
C GLU E 1378 30.33 -54.31 -8.15
N ALA E 1379 30.46 -55.27 -7.24
CA ALA E 1379 29.45 -56.29 -6.90
C ALA E 1379 29.32 -56.45 -5.39
N GLN E 1380 28.42 -57.33 -4.95
CA GLN E 1380 28.15 -57.55 -3.52
C GLN E 1380 27.95 -59.04 -3.29
N GLY E 1381 28.07 -59.47 -2.04
CA GLY E 1381 27.73 -60.82 -1.58
C GLY E 1381 28.79 -61.38 -0.68
N ALA E 1382 28.77 -62.70 -0.44
CA ALA E 1382 29.71 -63.37 0.48
C ALA E 1382 30.12 -64.70 -0.12
N GLY E 1383 31.33 -65.14 0.21
CA GLY E 1383 31.75 -66.53 0.03
C GLY E 1383 32.16 -67.17 1.34
N ILE E 1384 31.85 -68.43 1.53
CA ILE E 1384 32.32 -69.14 2.73
C ILE E 1384 32.82 -70.52 2.33
N GLN E 1385 33.91 -70.94 2.95
CA GLN E 1385 34.47 -72.31 2.87
C GLN E 1385 34.58 -72.85 4.29
N ILE E 1386 34.38 -74.14 4.43
CA ILE E 1386 34.74 -74.81 5.69
C ILE E 1386 36.03 -75.57 5.46
N ILE E 1387 37.05 -75.40 6.29
CA ILE E 1387 38.34 -76.13 6.18
C ILE E 1387 38.60 -76.91 7.46
N MET E 1388 39.19 -78.09 7.34
CA MET E 1388 39.48 -78.99 8.47
C MET E 1388 40.84 -79.62 8.26
N GLN E 1389 41.37 -80.22 9.33
CA GLN E 1389 42.36 -81.33 9.21
C GLN E 1389 41.75 -82.44 8.34
N ALA E 1390 42.54 -83.05 7.45
CA ALA E 1390 42.07 -84.18 6.60
C ALA E 1390 41.75 -85.37 7.48
N ASP E 1391 42.50 -85.53 8.57
CA ASP E 1391 42.35 -86.57 9.62
C ASP E 1391 40.92 -86.51 10.13
N LEU E 1392 40.47 -85.32 10.48
CA LEU E 1392 39.12 -85.06 11.03
C LEU E 1392 38.09 -85.30 9.96
N ALA E 1393 38.37 -84.88 8.74
CA ALA E 1393 37.42 -84.97 7.60
C ALA E 1393 37.11 -86.42 7.32
N LEU E 1394 38.11 -87.30 7.42
CA LEU E 1394 37.97 -88.75 7.09
C LEU E 1394 37.24 -89.46 8.23
N LYS E 1395 37.47 -89.02 9.46
CA LYS E 1395 36.76 -89.51 10.66
C LYS E 1395 35.27 -89.12 10.58
N MET E 1396 34.94 -87.87 10.25
CA MET E 1396 33.54 -87.37 10.21
C MET E 1396 32.84 -87.91 8.96
N GLY E 1397 33.57 -88.43 8.01
CA GLY E 1397 32.99 -88.69 6.69
C GLY E 1397 32.24 -87.49 6.16
N VAL E 1398 32.88 -86.32 6.12
CA VAL E 1398 32.42 -85.13 5.34
C VAL E 1398 33.04 -85.23 3.96
N PRO E 1399 32.38 -84.69 2.93
CA PRO E 1399 32.97 -84.67 1.60
C PRO E 1399 34.19 -83.76 1.63
N ILE E 1400 35.09 -83.95 0.70
CA ILE E 1400 36.41 -83.27 0.64
C ILE E 1400 36.51 -82.78 -0.78
N TYR E 1401 36.45 -81.47 -0.99
CA TYR E 1401 36.24 -80.89 -2.34
C TYR E 1401 37.59 -80.60 -2.97
N GLY E 1402 38.59 -80.35 -2.12
CA GLY E 1402 40.00 -80.19 -2.51
C GLY E 1402 40.92 -80.15 -1.31
N ILE E 1403 42.22 -80.13 -1.58
CA ILE E 1403 43.30 -79.93 -0.59
C ILE E 1403 43.87 -78.53 -0.75
N VAL E 1404 43.92 -77.72 0.30
CA VAL E 1404 44.58 -76.39 0.28
C VAL E 1404 46.04 -76.63 0.53
N ALA E 1405 46.79 -76.77 -0.55
CA ALA E 1405 48.18 -77.22 -0.52
C ALA E 1405 49.01 -76.06 0.01
N MET E 1406 48.82 -74.88 -0.59
CA MET E 1406 49.54 -73.63 -0.22
C MET E 1406 48.54 -72.49 -0.06
N ALA E 1407 48.85 -71.52 0.80
CA ALA E 1407 48.17 -70.21 0.88
C ALA E 1407 49.11 -69.16 1.49
N ALA E 1408 49.23 -68.01 0.87
CA ALA E 1408 50.28 -67.00 1.13
C ALA E 1408 49.74 -65.59 0.90
N THR E 1409 50.41 -64.63 1.52
CA THR E 1409 50.17 -63.18 1.41
C THR E 1409 51.54 -62.48 1.33
N ALA E 1410 51.62 -61.40 0.58
CA ALA E 1410 52.87 -60.66 0.36
C ALA E 1410 52.51 -59.20 0.09
N THR E 1411 53.18 -58.30 0.80
CA THR E 1411 53.30 -56.86 0.49
C THR E 1411 54.17 -56.69 -0.76
N ASP E 1412 54.23 -55.47 -1.29
CA ASP E 1412 55.08 -55.07 -2.44
C ASP E 1412 56.24 -54.26 -1.86
N LYS E 1413 56.51 -53.04 -2.34
CA LYS E 1413 57.75 -52.28 -2.02
C LYS E 1413 57.40 -50.82 -1.71
N ILE E 1414 58.45 -50.03 -1.40
CA ILE E 1414 58.40 -48.54 -1.34
C ILE E 1414 57.62 -48.01 -2.55
N GLY E 1415 56.66 -47.13 -2.27
CA GLY E 1415 55.84 -46.45 -3.29
C GLY E 1415 55.02 -45.36 -2.65
N ARG E 1416 54.24 -44.63 -3.44
CA ARG E 1416 53.38 -43.51 -2.94
C ARG E 1416 51.96 -43.66 -3.52
N SER E 1417 51.52 -44.91 -3.75
CA SER E 1417 50.24 -45.27 -4.41
C SER E 1417 49.66 -46.56 -3.83
N VAL E 1418 48.68 -46.42 -2.92
CA VAL E 1418 48.02 -47.52 -2.16
C VAL E 1418 47.25 -48.43 -3.11
N PRO E 1419 46.57 -47.93 -4.17
CA PRO E 1419 45.80 -48.80 -5.07
C PRO E 1419 46.56 -49.45 -6.25
N ALA E 1420 47.87 -49.21 -6.40
CA ALA E 1420 48.74 -49.79 -7.45
C ALA E 1420 49.07 -51.23 -7.09
N PRO E 1421 48.75 -52.24 -7.93
CA PRO E 1421 49.11 -53.63 -7.63
C PRO E 1421 50.63 -53.81 -7.85
N GLY E 1422 51.21 -54.84 -7.26
CA GLY E 1422 52.66 -55.13 -7.37
C GLY E 1422 52.94 -56.61 -7.48
N LYS E 1423 54.18 -57.03 -7.20
CA LYS E 1423 54.72 -58.36 -7.58
C LYS E 1423 55.20 -59.13 -6.34
N GLY E 1424 54.95 -58.66 -5.12
CA GLY E 1424 55.47 -59.28 -3.89
C GLY E 1424 55.05 -60.75 -3.75
N ILE E 1425 54.02 -61.19 -4.46
CA ILE E 1425 53.56 -62.60 -4.39
C ILE E 1425 54.45 -63.52 -5.22
N LEU E 1426 55.34 -63.00 -6.08
CA LEU E 1426 56.45 -63.74 -6.76
C LEU E 1426 57.30 -64.55 -5.77
N THR E 1427 57.42 -64.11 -4.51
CA THR E 1427 58.23 -64.75 -3.45
C THR E 1427 57.68 -66.14 -3.09
N THR E 1428 56.60 -66.60 -3.71
CA THR E 1428 56.07 -67.98 -3.51
C THR E 1428 56.82 -68.94 -4.44
N ALA E 1429 57.50 -68.41 -5.45
CA ALA E 1429 58.32 -69.19 -6.41
C ALA E 1429 59.80 -68.97 -6.10
N ARG E 1430 60.13 -68.42 -4.92
CA ARG E 1430 61.53 -68.08 -4.64
C ARG E 1430 62.25 -69.40 -4.51
N GLU E 1431 63.21 -69.66 -5.39
CA GLU E 1431 64.21 -70.70 -5.08
C GLU E 1431 65.59 -70.32 -5.61
N HIS E 1432 66.57 -71.05 -5.09
CA HIS E 1432 68.02 -70.91 -5.37
C HIS E 1432 68.45 -71.87 -6.46
N HIS E 1433 69.14 -71.36 -7.49
CA HIS E 1433 69.52 -72.08 -8.73
C HIS E 1433 71.02 -71.88 -9.04
N SER E 1434 71.85 -71.60 -8.02
CA SER E 1434 73.33 -71.53 -8.17
C SER E 1434 73.86 -72.94 -8.43
N SER E 1435 73.48 -73.88 -7.55
CA SER E 1435 73.96 -75.29 -7.48
C SER E 1435 72.88 -76.25 -7.97
N VAL E 1436 72.68 -76.33 -9.29
CA VAL E 1436 71.48 -76.92 -9.96
C VAL E 1436 71.92 -77.99 -11.00
N LYS E 1437 73.12 -78.54 -10.83
CA LYS E 1437 73.74 -79.50 -11.80
C LYS E 1437 73.18 -80.91 -11.52
N TYR E 1438 73.22 -81.36 -10.26
CA TYR E 1438 72.72 -82.68 -9.79
C TYR E 1438 71.39 -82.49 -9.06
N ALA E 1439 70.60 -83.56 -8.97
CA ALA E 1439 69.25 -83.62 -8.37
C ALA E 1439 69.35 -83.49 -6.83
N SER E 1440 68.33 -82.88 -6.23
CA SER E 1440 68.03 -82.92 -4.77
C SER E 1440 67.35 -84.27 -4.47
N PRO E 1441 67.88 -85.11 -3.56
CA PRO E 1441 67.22 -86.37 -3.22
C PRO E 1441 65.96 -86.12 -2.36
N ASN E 1442 65.88 -84.95 -1.72
CA ASN E 1442 64.75 -84.47 -0.87
C ASN E 1442 63.48 -84.32 -1.71
N LEU E 1443 63.58 -84.01 -3.02
CA LEU E 1443 62.38 -83.87 -3.92
C LEU E 1443 61.81 -85.24 -4.26
N ASN E 1444 62.65 -86.27 -4.40
CA ASN E 1444 62.25 -87.65 -4.74
C ASN E 1444 61.54 -88.29 -3.53
N MET E 1445 60.28 -88.67 -3.69
CA MET E 1445 59.39 -89.18 -2.62
C MET E 1445 59.90 -90.53 -2.12
N LYS E 1446 60.48 -91.36 -3.00
CA LYS E 1446 61.01 -92.69 -2.65
C LYS E 1446 62.01 -92.56 -1.50
N TYR E 1447 63.05 -91.74 -1.70
CA TYR E 1447 64.08 -91.39 -0.69
C TYR E 1447 63.36 -91.04 0.62
N ARG E 1448 62.45 -90.07 0.56
CA ARG E 1448 61.77 -89.48 1.75
C ARG E 1448 61.03 -90.58 2.52
N LYS E 1449 60.52 -91.61 1.83
CA LYS E 1449 59.75 -92.70 2.47
C LYS E 1449 60.73 -93.65 3.14
N ARG E 1450 61.82 -94.01 2.47
CA ARG E 1450 62.90 -94.86 3.03
C ARG E 1450 63.38 -94.27 4.36
N GLN E 1451 63.54 -92.94 4.44
CA GLN E 1451 64.01 -92.24 5.67
C GLN E 1451 62.98 -92.41 6.78
N LEU E 1452 61.69 -92.31 6.43
CA LEU E 1452 60.57 -92.45 7.41
C LEU E 1452 60.51 -93.89 7.92
N VAL E 1453 60.62 -94.88 7.03
CA VAL E 1453 60.57 -96.33 7.37
C VAL E 1453 61.61 -96.61 8.46
N THR E 1454 62.85 -96.15 8.23
CA THR E 1454 63.99 -96.17 9.21
C THR E 1454 63.52 -95.57 10.52
N ARG E 1455 63.06 -94.32 10.48
CA ARG E 1455 62.70 -93.52 11.68
C ARG E 1455 61.56 -94.20 12.46
N GLU E 1456 60.64 -94.91 11.80
CA GLU E 1456 59.51 -95.62 12.43
C GLU E 1456 60.05 -96.81 13.23
N ALA E 1457 61.06 -97.51 12.70
CA ALA E 1457 61.80 -98.61 13.37
C ALA E 1457 62.39 -98.10 14.69
N GLN E 1458 63.07 -96.95 14.65
CA GLN E 1458 63.68 -96.30 15.85
C GLN E 1458 62.61 -96.04 16.91
N ILE E 1459 61.37 -95.72 16.52
CA ILE E 1459 60.27 -95.40 17.48
C ILE E 1459 59.73 -96.71 18.07
N LYS E 1460 59.40 -97.68 17.22
CA LYS E 1460 59.13 -99.10 17.58
C LYS E 1460 60.09 -99.51 18.72
N ASP E 1461 61.41 -99.41 18.52
CA ASP E 1461 62.46 -99.67 19.55
C ASP E 1461 62.18 -98.81 20.77
N TRP E 1462 62.06 -97.50 20.57
CA TRP E 1462 61.86 -96.50 21.65
C TRP E 1462 60.71 -96.91 22.58
N VAL E 1463 59.66 -97.58 22.09
CA VAL E 1463 58.44 -97.90 22.91
C VAL E 1463 58.67 -99.21 23.67
N GLU E 1464 59.31 -100.23 23.08
CA GLU E 1464 59.78 -101.43 23.85
C GLU E 1464 60.49 -100.92 25.10
N ASN E 1465 61.50 -100.04 24.92
CA ASN E 1465 62.49 -99.61 25.94
C ASN E 1465 61.84 -98.69 26.99
N GLU E 1466 60.65 -98.14 26.74
CA GLU E 1466 59.90 -97.29 27.70
C GLU E 1466 58.78 -98.08 28.40
N LEU E 1467 58.42 -99.28 27.91
CA LEU E 1467 57.52 -100.28 28.59
C LEU E 1467 58.37 -101.18 29.48
N GLU E 1468 59.56 -101.54 29.01
CA GLU E 1468 60.65 -102.20 29.77
C GLU E 1468 60.89 -101.44 31.09
N ALA E 1469 61.09 -100.12 31.00
CA ALA E 1469 61.45 -99.22 32.13
C ALA E 1469 60.23 -98.90 33.00
N LEU E 1470 58.99 -98.99 32.47
CA LEU E 1470 57.72 -98.80 33.22
C LEU E 1470 57.40 -100.05 34.08
N LYS E 1471 57.77 -101.24 33.61
CA LYS E 1471 57.60 -102.54 34.33
C LYS E 1471 58.57 -102.60 35.52
N LEU E 1472 59.68 -101.83 35.50
CA LEU E 1472 60.68 -101.68 36.63
C LEU E 1472 60.35 -100.46 37.52
N GLU E 1473 59.19 -99.81 37.33
CA GLU E 1473 58.64 -98.78 38.27
C GLU E 1473 57.37 -99.29 38.96
N ALA E 1474 56.65 -100.25 38.35
CA ALA E 1474 55.39 -100.86 38.86
C ALA E 1474 55.67 -101.72 40.11
N GLU E 1475 56.80 -102.46 40.09
CA GLU E 1475 57.28 -103.38 41.16
C GLU E 1475 57.38 -102.64 42.51
N GLU E 1476 57.97 -101.42 42.51
CA GLU E 1476 58.22 -100.56 43.71
C GLU E 1476 56.90 -100.09 44.35
N ILE E 1477 55.80 -100.05 43.57
CA ILE E 1477 54.42 -99.64 44.01
C ILE E 1477 53.69 -100.88 44.57
N PRO E 1478 52.89 -100.73 45.66
CA PRO E 1478 52.01 -101.81 46.14
C PRO E 1478 51.05 -102.31 45.05
N SER E 1479 50.85 -103.64 44.95
CA SER E 1479 50.13 -104.34 43.85
C SER E 1479 48.61 -104.07 43.86
N GLU E 1480 48.09 -103.29 44.84
CA GLU E 1480 46.66 -102.86 44.94
C GLU E 1480 46.35 -101.72 43.95
N ASP E 1481 47.24 -100.71 43.86
CA ASP E 1481 47.03 -99.39 43.17
C ASP E 1481 48.10 -99.19 42.07
N GLN E 1482 48.73 -100.26 41.57
CA GLN E 1482 49.69 -100.23 40.43
C GLN E 1482 48.90 -100.37 39.12
N ASN E 1483 47.61 -100.70 39.19
CA ASN E 1483 46.69 -100.67 38.00
C ASN E 1483 46.54 -99.21 37.56
N GLU E 1484 46.34 -98.27 38.50
CA GLU E 1484 46.08 -96.83 38.17
C GLU E 1484 47.36 -96.12 37.72
N PHE E 1485 48.51 -96.44 38.31
CA PHE E 1485 49.86 -96.00 37.84
C PHE E 1485 50.08 -96.39 36.38
N LEU E 1486 49.72 -97.62 36.00
CA LEU E 1486 49.97 -98.20 34.65
C LEU E 1486 49.02 -97.60 33.61
N LEU E 1487 47.73 -97.37 33.96
CA LEU E 1487 46.72 -96.76 33.04
C LEU E 1487 47.17 -95.35 32.67
N GLU E 1488 47.67 -94.59 33.65
CA GLU E 1488 48.18 -93.20 33.49
C GLU E 1488 49.47 -93.18 32.66
N ARG E 1489 50.33 -94.20 32.75
CA ARG E 1489 51.69 -94.17 32.15
C ARG E 1489 51.79 -95.00 30.85
N THR E 1490 50.88 -95.95 30.58
CA THR E 1490 50.75 -96.60 29.25
C THR E 1490 50.04 -95.63 28.29
N ARG E 1491 49.29 -94.68 28.85
CA ARG E 1491 48.54 -93.60 28.15
C ARG E 1491 49.49 -92.47 27.76
N GLU E 1492 50.46 -92.15 28.62
CA GLU E 1492 51.55 -91.17 28.33
C GLU E 1492 52.42 -91.72 27.18
N ILE E 1493 52.83 -93.00 27.24
CA ILE E 1493 53.76 -93.61 26.23
C ILE E 1493 53.04 -93.81 24.89
N HIS E 1494 51.71 -94.01 24.90
CA HIS E 1494 50.88 -94.01 23.67
C HIS E 1494 51.11 -92.68 22.96
N ASN E 1495 50.68 -91.58 23.59
CA ASN E 1495 50.83 -90.17 23.12
C ASN E 1495 52.27 -89.89 22.64
N GLU E 1496 53.29 -90.15 23.47
CA GLU E 1496 54.70 -89.75 23.21
C GLU E 1496 55.28 -90.53 22.01
N ALA E 1497 54.62 -91.62 21.59
CA ALA E 1497 55.00 -92.43 20.42
C ALA E 1497 54.23 -91.94 19.18
N GLU E 1498 52.96 -91.57 19.37
CA GLU E 1498 52.13 -90.94 18.31
C GLU E 1498 52.80 -89.62 17.91
N SER E 1499 53.06 -88.77 18.89
CA SER E 1499 53.74 -87.46 18.75
C SER E 1499 55.03 -87.63 17.94
N GLN E 1500 55.78 -88.72 18.12
CA GLN E 1500 57.07 -88.98 17.40
C GLN E 1500 56.81 -89.50 15.98
N LEU E 1501 55.77 -90.29 15.79
CA LEU E 1501 55.41 -90.86 14.46
C LEU E 1501 54.94 -89.72 13.55
N ARG E 1502 54.18 -88.76 14.10
CA ARG E 1502 53.64 -87.60 13.34
C ARG E 1502 54.80 -86.64 13.01
N ALA E 1503 55.65 -86.36 13.99
CA ALA E 1503 56.84 -85.48 13.86
C ALA E 1503 57.70 -85.96 12.70
N ALA E 1504 57.74 -87.27 12.50
CA ALA E 1504 58.56 -87.96 11.48
C ALA E 1504 57.88 -87.83 10.14
N GLN E 1505 56.54 -87.93 10.11
CA GLN E 1505 55.68 -87.77 8.90
C GLN E 1505 55.78 -86.31 8.44
N GLN E 1506 55.61 -85.37 9.35
CA GLN E 1506 55.82 -83.93 9.11
C GLN E 1506 57.25 -83.68 8.59
N GLN E 1507 58.26 -84.39 9.07
CA GLN E 1507 59.69 -84.13 8.69
C GLN E 1507 59.95 -84.55 7.24
N TRP E 1508 59.26 -85.59 6.75
CA TRP E 1508 59.56 -86.28 5.46
C TRP E 1508 58.38 -86.24 4.48
N GLY E 1509 57.16 -85.94 4.93
CA GLY E 1509 55.94 -85.99 4.11
C GLY E 1509 55.38 -84.62 3.80
N ASN E 1510 55.17 -83.79 4.83
CA ASN E 1510 54.47 -82.49 4.75
C ASN E 1510 55.45 -81.32 4.65
N ASP E 1511 56.45 -81.25 5.54
CA ASP E 1511 57.38 -80.09 5.71
C ASP E 1511 58.81 -80.49 5.33
N PHE E 1512 58.99 -81.16 4.19
CA PHE E 1512 60.34 -81.63 3.77
C PHE E 1512 61.11 -80.51 3.08
N TYR E 1513 60.49 -79.37 2.79
CA TYR E 1513 61.04 -78.33 1.89
C TYR E 1513 61.20 -77.01 2.63
N LYS E 1514 60.85 -76.95 3.91
CA LYS E 1514 60.71 -75.65 4.63
C LYS E 1514 62.08 -75.10 5.03
N ARG E 1515 63.13 -75.92 5.04
CA ARG E 1515 64.54 -75.51 5.30
C ARG E 1515 65.40 -75.57 4.03
N ASP E 1516 64.88 -76.08 2.90
CA ASP E 1516 65.62 -76.19 1.61
C ASP E 1516 65.39 -74.91 0.81
N PRO E 1517 66.42 -74.06 0.57
CA PRO E 1517 66.30 -72.96 -0.39
C PRO E 1517 66.39 -73.36 -1.87
N ARG E 1518 66.60 -74.63 -2.18
CA ARG E 1518 66.54 -75.15 -3.58
C ARG E 1518 65.12 -75.62 -3.93
N ILE E 1519 64.14 -75.42 -3.04
CA ILE E 1519 62.71 -75.75 -3.29
C ILE E 1519 61.85 -74.55 -2.92
N ALA E 1520 61.17 -73.99 -3.92
CA ALA E 1520 60.15 -72.94 -3.80
C ALA E 1520 58.99 -73.48 -3.01
N PRO E 1521 58.34 -72.63 -2.19
CA PRO E 1521 57.07 -72.98 -1.55
C PRO E 1521 56.03 -73.60 -2.49
N LEU E 1522 55.88 -73.01 -3.66
CA LEU E 1522 54.86 -73.41 -4.67
C LEU E 1522 55.18 -74.80 -5.18
N ARG E 1523 56.47 -75.15 -5.30
CA ARG E 1523 56.93 -76.42 -5.90
C ARG E 1523 56.78 -77.52 -4.85
N GLY E 1524 57.23 -77.24 -3.62
CA GLY E 1524 57.14 -78.16 -2.49
C GLY E 1524 55.69 -78.51 -2.21
N ALA E 1525 54.84 -77.51 -2.07
CA ALA E 1525 53.38 -77.62 -1.90
C ALA E 1525 52.84 -78.74 -2.79
N LEU E 1526 53.17 -78.67 -4.06
CA LEU E 1526 52.64 -79.61 -5.06
C LEU E 1526 53.40 -80.93 -4.95
N ALA E 1527 54.71 -80.90 -4.63
CA ALA E 1527 55.61 -82.07 -4.62
C ALA E 1527 55.25 -83.07 -3.51
N THR E 1528 54.52 -82.63 -2.48
CA THR E 1528 54.07 -83.50 -1.39
C THR E 1528 53.03 -84.52 -1.85
N TYR E 1529 52.45 -84.39 -3.03
CA TYR E 1529 51.48 -85.37 -3.61
C TYR E 1529 52.13 -85.98 -4.86
N GLY E 1530 53.43 -85.77 -5.04
CA GLY E 1530 54.11 -86.14 -6.28
C GLY E 1530 53.59 -85.45 -7.52
N LEU E 1531 53.10 -84.21 -7.41
CA LEU E 1531 52.80 -83.36 -8.59
C LEU E 1531 54.01 -82.48 -8.91
N THR E 1532 54.22 -82.23 -10.20
CA THR E 1532 55.21 -81.28 -10.75
C THR E 1532 54.55 -79.91 -10.89
N ILE E 1533 55.35 -78.92 -11.26
CA ILE E 1533 54.86 -77.56 -11.59
C ILE E 1533 53.97 -77.64 -12.82
N ASP E 1534 54.15 -78.67 -13.66
CA ASP E 1534 53.40 -78.88 -14.94
C ASP E 1534 51.99 -79.42 -14.72
N ASP E 1535 51.55 -79.62 -13.48
CA ASP E 1535 50.19 -80.16 -13.18
C ASP E 1535 49.31 -79.06 -12.58
N LEU E 1536 49.82 -77.83 -12.49
CA LEU E 1536 49.06 -76.65 -12.05
C LEU E 1536 48.30 -76.14 -13.26
N GLY E 1537 47.16 -76.75 -13.57
CA GLY E 1537 46.53 -76.65 -14.90
C GLY E 1537 45.78 -75.35 -15.19
N VAL E 1538 45.23 -74.72 -14.18
CA VAL E 1538 44.31 -73.57 -14.33
C VAL E 1538 44.74 -72.49 -13.34
N ALA E 1539 44.63 -71.23 -13.74
CA ALA E 1539 44.91 -70.10 -12.84
C ALA E 1539 43.70 -69.18 -12.87
N SER E 1540 42.91 -69.20 -11.80
CA SER E 1540 41.84 -68.26 -11.50
C SER E 1540 42.54 -66.96 -11.17
N PHE E 1541 42.41 -65.98 -12.06
CA PHE E 1541 43.02 -64.63 -12.00
C PHE E 1541 42.03 -63.64 -11.37
N HIS E 1542 42.54 -62.80 -10.47
CA HIS E 1542 41.82 -61.63 -9.88
C HIS E 1542 41.10 -60.89 -11.00
N GLY E 1543 41.82 -60.55 -12.07
CA GLY E 1543 41.23 -60.19 -13.39
C GLY E 1543 40.04 -59.25 -13.26
N THR E 1544 40.31 -58.02 -12.82
CA THR E 1544 39.27 -57.08 -12.37
C THR E 1544 38.64 -56.35 -13.56
N SER E 1545 39.32 -56.32 -14.71
CA SER E 1545 38.93 -55.57 -15.94
C SER E 1545 39.51 -54.16 -15.83
N THR E 1546 40.62 -54.04 -15.11
CA THR E 1546 41.42 -52.81 -15.00
C THR E 1546 42.64 -52.99 -15.91
N LYS E 1547 43.17 -51.85 -16.39
CA LYS E 1547 44.38 -51.75 -17.23
C LYS E 1547 45.56 -52.40 -16.49
N ALA E 1548 45.85 -51.93 -15.27
CA ALA E 1548 47.06 -52.28 -14.50
C ALA E 1548 47.01 -53.72 -14.00
N ASN E 1549 45.94 -54.13 -13.33
CA ASN E 1549 45.79 -55.44 -12.65
C ASN E 1549 46.03 -56.64 -13.59
N ASP E 1550 45.50 -56.59 -14.81
CA ASP E 1550 45.32 -57.76 -15.70
C ASP E 1550 46.58 -57.99 -16.53
N LYS E 1551 47.46 -56.99 -16.58
CA LYS E 1551 48.86 -57.13 -17.08
C LYS E 1551 49.78 -57.53 -15.91
N ASN E 1552 49.68 -56.84 -14.78
CA ASN E 1552 50.51 -57.14 -13.59
C ASN E 1552 50.27 -58.58 -13.15
N GLU E 1553 49.08 -59.13 -13.29
CA GLU E 1553 48.79 -60.50 -12.78
C GLU E 1553 49.36 -61.56 -13.73
N SER E 1554 49.04 -61.42 -15.01
CA SER E 1554 49.59 -62.20 -16.15
C SER E 1554 51.10 -62.23 -16.07
N ALA E 1555 51.73 -61.08 -15.84
CA ALA E 1555 53.20 -60.94 -15.72
C ALA E 1555 53.74 -61.74 -14.53
N THR E 1556 53.08 -61.76 -13.36
CA THR E 1556 53.65 -62.48 -12.18
C THR E 1556 53.43 -63.98 -12.38
N ILE E 1557 52.29 -64.41 -12.90
CA ILE E 1557 52.05 -65.85 -13.19
C ILE E 1557 53.10 -66.32 -14.19
N ASN E 1558 53.46 -65.50 -15.13
CA ASN E 1558 54.36 -65.90 -16.22
C ASN E 1558 55.77 -66.01 -15.66
N GLU E 1559 56.09 -65.24 -14.62
CA GLU E 1559 57.45 -65.22 -14.06
C GLU E 1559 57.60 -66.29 -12.98
N MET E 1560 56.55 -66.67 -12.23
CA MET E 1560 56.56 -67.89 -11.38
C MET E 1560 56.86 -69.10 -12.25
N MET E 1561 56.14 -69.21 -13.37
CA MET E 1561 56.10 -70.41 -14.22
C MET E 1561 57.43 -70.51 -14.96
N LYS E 1562 58.10 -69.39 -15.21
CA LYS E 1562 59.38 -69.37 -15.95
C LYS E 1562 60.50 -69.87 -15.03
N HIS E 1563 60.46 -69.41 -13.78
CA HIS E 1563 61.48 -69.65 -12.74
C HIS E 1563 61.41 -71.07 -12.23
N LEU E 1564 60.26 -71.75 -12.36
CA LEU E 1564 60.10 -73.16 -11.89
C LEU E 1564 60.12 -74.10 -13.10
N GLY E 1565 60.61 -73.67 -14.24
CA GLY E 1565 60.79 -74.57 -15.39
C GLY E 1565 59.55 -75.40 -15.68
N ARG E 1566 58.37 -74.77 -15.66
CA ARG E 1566 57.24 -75.09 -16.55
C ARG E 1566 57.79 -75.55 -17.90
N SER E 1567 57.19 -76.56 -18.52
CA SER E 1567 57.57 -76.93 -19.89
C SER E 1567 57.13 -75.79 -20.81
N GLU E 1568 58.04 -75.33 -21.67
CA GLU E 1568 57.71 -74.46 -22.81
C GLU E 1568 56.64 -75.18 -23.62
N GLY E 1569 55.52 -74.53 -23.86
CA GLY E 1569 54.35 -75.11 -24.57
C GLY E 1569 53.30 -75.67 -23.64
N ASN E 1570 53.37 -75.41 -22.32
CA ASN E 1570 52.39 -75.89 -21.32
C ASN E 1570 51.87 -74.70 -20.54
N PRO E 1571 51.08 -73.82 -21.16
CA PRO E 1571 50.65 -72.62 -20.46
C PRO E 1571 49.55 -73.03 -19.49
N VAL E 1572 49.48 -72.38 -18.32
CA VAL E 1572 48.29 -72.42 -17.45
C VAL E 1572 47.14 -71.75 -18.21
N ILE E 1573 45.93 -72.26 -17.99
CA ILE E 1573 44.71 -71.69 -18.58
C ILE E 1573 44.15 -70.72 -17.56
N GLY E 1574 43.99 -69.47 -17.96
CA GLY E 1574 43.35 -68.43 -17.14
C GLY E 1574 41.85 -68.68 -17.05
N VAL E 1575 41.24 -68.34 -15.91
CA VAL E 1575 39.77 -68.16 -15.80
C VAL E 1575 39.52 -66.81 -15.12
N PHE E 1576 38.50 -66.10 -15.60
CA PHE E 1576 38.29 -64.69 -15.26
C PHE E 1576 36.84 -64.54 -14.85
N GLN E 1577 36.46 -65.19 -13.74
CA GLN E 1577 35.05 -65.38 -13.33
C GLN E 1577 34.36 -64.03 -13.08
N LYS E 1578 35.12 -62.97 -12.85
CA LYS E 1578 34.58 -61.62 -12.59
C LYS E 1578 33.88 -61.08 -13.83
N PHE E 1579 34.03 -61.71 -14.99
CA PHE E 1579 33.33 -61.24 -16.22
C PHE E 1579 31.82 -61.34 -16.00
N LEU E 1580 31.45 -62.30 -15.14
CA LEU E 1580 30.08 -62.80 -14.96
C LEU E 1580 29.51 -62.19 -13.69
N THR E 1581 30.32 -62.09 -12.63
CA THR E 1581 29.86 -61.73 -11.27
C THR E 1581 30.19 -60.28 -10.91
N GLY E 1582 31.18 -59.68 -11.56
CA GLY E 1582 31.76 -58.41 -11.10
C GLY E 1582 32.61 -58.63 -9.86
N HIS E 1583 33.25 -57.58 -9.38
CA HIS E 1583 34.27 -57.59 -8.32
C HIS E 1583 33.64 -57.24 -7.00
N PRO E 1584 33.45 -58.20 -6.06
CA PRO E 1584 32.83 -57.93 -4.77
C PRO E 1584 33.81 -57.67 -3.63
N LYS E 1585 34.72 -56.78 -3.94
CA LYS E 1585 36.06 -56.59 -3.35
C LYS E 1585 36.33 -57.65 -2.28
N GLY E 1586 35.92 -57.52 -1.03
CA GLY E 1586 36.32 -58.51 0.01
C GLY E 1586 35.97 -59.96 -0.30
N ALA E 1587 34.90 -60.24 -1.05
CA ALA E 1587 34.42 -61.60 -1.36
C ALA E 1587 35.11 -62.18 -2.58
N ALA E 1588 36.01 -61.44 -3.19
CA ALA E 1588 36.46 -61.71 -4.58
C ALA E 1588 37.05 -63.11 -4.64
N GLY E 1589 37.94 -63.41 -3.69
CA GLY E 1589 38.78 -64.61 -3.64
C GLY E 1589 38.02 -65.83 -3.14
N ALA E 1590 37.00 -65.64 -2.31
CA ALA E 1590 36.06 -66.72 -1.93
C ALA E 1590 35.28 -67.20 -3.16
N TRP E 1591 34.81 -66.33 -4.03
CA TRP E 1591 34.11 -66.77 -5.27
C TRP E 1591 35.08 -67.45 -6.23
N MET E 1592 36.30 -66.95 -6.31
CA MET E 1592 37.36 -67.55 -7.14
C MET E 1592 37.65 -68.96 -6.64
N MET E 1593 37.64 -69.15 -5.32
CA MET E 1593 37.92 -70.45 -4.63
C MET E 1593 36.74 -71.44 -4.82
N ASN E 1594 35.52 -71.10 -4.45
CA ASN E 1594 34.31 -71.87 -4.83
C ASN E 1594 34.46 -72.30 -6.29
N GLY E 1595 34.69 -71.36 -7.20
CA GLY E 1595 34.78 -71.62 -8.66
C GLY E 1595 35.83 -72.66 -9.01
N ALA E 1596 36.96 -72.65 -8.30
CA ALA E 1596 38.17 -73.48 -8.51
C ALA E 1596 37.92 -74.90 -8.06
N LEU E 1597 37.23 -75.08 -6.93
CA LEU E 1597 36.81 -76.42 -6.44
C LEU E 1597 35.78 -77.01 -7.41
N GLN E 1598 34.98 -76.21 -8.10
CA GLN E 1598 33.97 -76.70 -9.07
C GLN E 1598 34.72 -77.16 -10.32
N ILE E 1599 35.72 -76.39 -10.74
CA ILE E 1599 36.61 -76.74 -11.88
C ILE E 1599 37.28 -78.06 -11.52
N LEU E 1600 37.75 -78.20 -10.27
CA LEU E 1600 38.58 -79.35 -9.84
C LEU E 1600 37.80 -80.65 -9.98
N ASN E 1601 36.56 -80.64 -9.49
CA ASN E 1601 35.71 -81.85 -9.35
C ASN E 1601 34.87 -82.09 -10.59
N SER E 1602 35.02 -81.33 -11.67
CA SER E 1602 34.34 -81.55 -12.98
C SER E 1602 35.34 -81.69 -14.13
N GLY E 1603 36.50 -81.02 -14.03
CA GLY E 1603 37.44 -80.79 -15.13
C GLY E 1603 36.77 -80.04 -16.25
N ILE E 1604 35.90 -79.10 -15.90
CA ILE E 1604 35.29 -78.13 -16.83
C ILE E 1604 35.94 -76.80 -16.53
N ILE E 1605 36.60 -76.19 -17.50
CA ILE E 1605 37.23 -74.86 -17.34
C ILE E 1605 36.30 -73.87 -18.03
N PRO E 1606 35.58 -73.01 -17.31
CA PRO E 1606 34.73 -72.02 -17.95
C PRO E 1606 35.56 -70.93 -18.64
N GLY E 1607 35.07 -70.45 -19.79
CA GLY E 1607 35.68 -69.38 -20.61
C GLY E 1607 35.13 -67.99 -20.31
N ASN E 1608 36.01 -66.99 -20.19
CA ASN E 1608 35.66 -65.54 -20.23
C ASN E 1608 34.87 -65.32 -21.48
N ARG E 1609 33.54 -65.35 -21.41
CA ARG E 1609 32.65 -65.13 -22.57
C ARG E 1609 32.64 -63.65 -22.99
N ASN E 1610 33.34 -62.75 -22.32
CA ASN E 1610 33.45 -61.34 -22.72
C ASN E 1610 34.84 -61.04 -23.26
N ALA E 1611 35.69 -62.04 -23.38
CA ALA E 1611 37.01 -61.90 -24.03
C ALA E 1611 36.73 -61.90 -25.53
N ASP E 1612 36.38 -60.71 -26.03
CA ASP E 1612 36.18 -60.38 -27.47
C ASP E 1612 37.53 -60.57 -28.16
N ASN E 1613 38.54 -59.90 -27.62
CA ASN E 1613 39.85 -59.65 -28.25
C ASN E 1613 40.91 -59.50 -27.14
N VAL E 1614 41.86 -60.41 -27.11
CA VAL E 1614 42.83 -60.48 -26.00
C VAL E 1614 43.96 -59.54 -26.33
N ASP E 1615 44.35 -58.74 -25.34
CA ASP E 1615 45.25 -57.59 -25.49
C ASP E 1615 46.53 -58.09 -26.17
N LYS E 1616 46.93 -57.51 -27.28
CA LYS E 1616 48.21 -57.89 -27.95
C LYS E 1616 49.37 -57.86 -26.95
N ILE E 1617 49.26 -57.06 -25.89
CA ILE E 1617 50.34 -56.89 -24.89
C ILE E 1617 50.55 -58.20 -24.15
N LEU E 1618 49.54 -59.07 -24.11
CA LEU E 1618 49.55 -60.33 -23.34
C LEU E 1618 50.08 -61.52 -24.15
N GLU E 1619 50.56 -61.35 -25.38
CA GLU E 1619 51.13 -62.48 -26.17
C GLU E 1619 52.60 -62.67 -25.80
N GLN E 1620 53.18 -61.70 -25.09
CA GLN E 1620 54.56 -61.79 -24.58
C GLN E 1620 54.58 -62.83 -23.43
N PHE E 1621 53.42 -63.14 -22.88
CA PHE E 1621 53.26 -64.11 -21.79
C PHE E 1621 52.90 -65.47 -22.39
N GLU E 1622 53.92 -66.14 -22.90
CA GLU E 1622 53.94 -67.50 -23.46
C GLU E 1622 53.25 -68.50 -22.53
N TYR E 1623 53.36 -68.34 -21.20
CA TYR E 1623 52.90 -69.36 -20.21
C TYR E 1623 51.46 -69.13 -19.74
N VAL E 1624 50.68 -68.27 -20.39
CA VAL E 1624 49.25 -68.12 -20.05
C VAL E 1624 48.42 -68.26 -21.31
N LEU E 1625 47.30 -68.97 -21.22
CA LEU E 1625 46.26 -69.02 -22.29
C LEU E 1625 44.99 -68.35 -21.77
N TYR E 1626 44.29 -67.59 -22.63
CA TYR E 1626 43.11 -66.80 -22.30
C TYR E 1626 41.88 -67.29 -23.07
N PRO E 1627 41.22 -68.40 -22.66
CA PRO E 1627 40.10 -68.96 -23.42
C PRO E 1627 38.75 -68.23 -23.29
N SER E 1628 37.99 -68.18 -24.38
CA SER E 1628 36.67 -67.50 -24.51
C SER E 1628 35.54 -68.50 -24.50
N LYS E 1629 35.83 -69.81 -24.48
CA LYS E 1629 34.79 -70.84 -24.38
C LYS E 1629 35.11 -71.89 -23.31
N THR E 1630 34.08 -72.63 -22.93
CA THR E 1630 34.16 -73.68 -21.88
C THR E 1630 34.87 -74.88 -22.49
N LEU E 1631 35.86 -75.39 -21.76
CA LEU E 1631 36.72 -76.53 -22.15
C LEU E 1631 36.45 -77.66 -21.20
N LYS E 1632 35.94 -78.78 -21.71
CA LYS E 1632 35.64 -79.95 -20.87
C LYS E 1632 36.81 -80.89 -21.04
N THR E 1633 37.64 -81.01 -19.99
CA THR E 1633 38.94 -81.71 -19.99
C THR E 1633 38.81 -83.13 -19.42
N ASP E 1634 39.88 -83.92 -19.58
CA ASP E 1634 40.07 -85.29 -19.01
C ASP E 1634 40.42 -85.20 -17.52
N GLY E 1635 40.69 -84.01 -16.99
CA GLY E 1635 40.82 -83.72 -15.56
C GLY E 1635 41.76 -82.56 -15.26
N VAL E 1636 41.56 -81.94 -14.10
CA VAL E 1636 42.40 -80.83 -13.58
C VAL E 1636 42.92 -81.30 -12.22
N ARG E 1637 44.23 -81.25 -12.02
CA ARG E 1637 44.90 -81.78 -10.82
C ARG E 1637 45.08 -80.67 -9.77
N ALA E 1638 45.18 -79.41 -10.23
CA ALA E 1638 45.51 -78.27 -9.34
C ALA E 1638 45.18 -76.92 -9.96
N VAL E 1639 44.80 -75.96 -9.13
CA VAL E 1639 44.31 -74.62 -9.55
C VAL E 1639 44.98 -73.58 -8.67
N SER E 1640 45.59 -72.56 -9.27
CA SER E 1640 46.08 -71.35 -8.56
C SER E 1640 44.91 -70.37 -8.43
N ILE E 1641 44.87 -69.62 -7.34
CA ILE E 1641 43.90 -68.53 -7.06
C ILE E 1641 44.75 -67.37 -6.58
N THR E 1642 44.78 -66.28 -7.34
CA THR E 1642 45.63 -65.09 -7.08
C THR E 1642 44.72 -63.90 -6.84
N SER E 1643 44.86 -63.21 -5.72
CA SER E 1643 44.07 -62.01 -5.37
C SER E 1643 45.03 -60.89 -5.01
N PHE E 1644 44.98 -59.78 -5.75
CA PHE E 1644 45.68 -58.49 -5.48
C PHE E 1644 44.69 -57.53 -4.83
N GLY E 1645 45.09 -56.93 -3.72
CA GLY E 1645 44.31 -55.97 -2.92
C GLY E 1645 44.86 -54.55 -3.03
N PHE E 1646 44.04 -53.59 -2.59
CA PHE E 1646 44.47 -52.20 -2.28
C PHE E 1646 45.33 -52.29 -1.02
N GLY E 1647 46.38 -51.50 -0.95
CA GLY E 1647 47.27 -51.47 0.22
C GLY E 1647 48.29 -52.59 0.19
N GLN E 1648 48.73 -52.97 -1.01
CA GLN E 1648 49.94 -53.82 -1.23
C GLN E 1648 49.68 -55.18 -0.60
N LYS E 1649 48.77 -55.94 -1.18
CA LYS E 1649 48.07 -57.04 -0.48
C LYS E 1649 47.83 -58.14 -1.52
N GLY E 1650 48.91 -58.74 -1.97
CA GLY E 1650 48.91 -59.98 -2.75
C GLY E 1650 48.58 -61.20 -1.92
N GLY E 1651 48.15 -62.24 -2.63
CA GLY E 1651 47.71 -63.55 -2.11
C GLY E 1651 47.82 -64.60 -3.19
N GLN E 1652 48.22 -65.82 -2.84
CA GLN E 1652 48.08 -67.01 -3.73
C GLN E 1652 47.61 -68.19 -2.89
N ALA E 1653 46.77 -69.04 -3.46
CA ALA E 1653 46.41 -70.36 -2.92
C ALA E 1653 46.46 -71.41 -4.04
N ILE E 1654 47.11 -72.54 -3.82
CA ILE E 1654 47.00 -73.75 -4.68
C ILE E 1654 46.00 -74.70 -4.04
N VAL E 1655 45.07 -75.19 -4.82
CA VAL E 1655 44.07 -76.21 -4.42
C VAL E 1655 44.37 -77.44 -5.26
N VAL E 1656 44.72 -78.53 -4.62
CA VAL E 1656 45.02 -79.83 -5.29
C VAL E 1656 43.76 -80.70 -5.25
N HIS E 1657 43.44 -81.34 -6.37
CA HIS E 1657 42.34 -82.33 -6.52
C HIS E 1657 42.29 -83.30 -5.34
N PRO E 1658 41.14 -83.53 -4.71
CA PRO E 1658 41.10 -84.40 -3.55
C PRO E 1658 41.42 -85.89 -3.71
N ASP E 1659 41.49 -86.42 -4.93
CA ASP E 1659 41.88 -87.85 -5.12
C ASP E 1659 43.36 -88.08 -4.75
N TYR E 1660 44.14 -87.03 -4.51
CA TYR E 1660 45.58 -87.13 -4.12
C TYR E 1660 45.64 -87.39 -2.62
N LEU E 1661 44.58 -87.12 -1.88
CA LEU E 1661 44.55 -87.34 -0.43
C LEU E 1661 44.50 -88.85 -0.22
N TYR E 1662 43.70 -89.54 -1.02
CA TYR E 1662 43.23 -90.90 -0.70
C TYR E 1662 44.34 -91.90 -1.04
N GLY E 1663 45.33 -91.49 -1.82
CA GLY E 1663 46.55 -92.29 -2.01
C GLY E 1663 47.36 -92.48 -0.73
N ALA E 1664 47.24 -91.58 0.23
CA ALA E 1664 47.98 -91.57 1.51
C ALA E 1664 47.34 -92.47 2.58
N ILE E 1665 46.21 -93.10 2.32
CA ILE E 1665 45.48 -93.89 3.36
C ILE E 1665 45.26 -95.31 2.85
N THR E 1666 44.97 -96.23 3.77
CA THR E 1666 44.75 -97.68 3.49
C THR E 1666 43.38 -97.92 2.85
N GLU E 1667 43.25 -99.02 2.12
CA GLU E 1667 41.98 -99.49 1.51
C GLU E 1667 40.89 -99.66 2.58
N ASP E 1668 41.20 -100.14 3.80
CA ASP E 1668 40.15 -100.32 4.85
C ASP E 1668 39.60 -98.95 5.28
N ARG E 1669 40.51 -98.03 5.55
CA ARG E 1669 40.18 -96.65 5.99
C ARG E 1669 39.37 -95.93 4.92
N TYR E 1670 39.77 -96.05 3.66
CA TYR E 1670 39.08 -95.39 2.53
C TYR E 1670 37.65 -95.92 2.43
N ASN E 1671 37.52 -97.25 2.37
CA ASN E 1671 36.21 -97.93 2.25
C ASN E 1671 35.32 -97.54 3.43
N GLU E 1672 35.87 -97.43 4.64
CA GLU E 1672 35.12 -96.98 5.85
C GLU E 1672 34.60 -95.54 5.61
N TYR E 1673 35.48 -94.60 5.27
CA TYR E 1673 35.18 -93.20 4.93
C TYR E 1673 34.12 -93.13 3.83
N VAL E 1674 34.31 -93.81 2.71
CA VAL E 1674 33.35 -93.77 1.56
C VAL E 1674 31.92 -94.01 2.06
N ALA E 1675 31.72 -95.08 2.83
CA ALA E 1675 30.42 -95.48 3.39
C ALA E 1675 29.87 -94.31 4.20
N LYS E 1676 30.69 -93.81 5.10
CA LYS E 1676 30.32 -92.77 6.09
C LYS E 1676 29.81 -91.52 5.35
N VAL E 1677 30.31 -91.24 4.16
CA VAL E 1677 30.03 -89.98 3.39
C VAL E 1677 28.76 -90.19 2.58
N SER E 1678 28.71 -91.32 1.88
CA SER E 1678 27.51 -91.79 1.14
C SER E 1678 26.28 -91.69 2.04
N ALA E 1679 26.38 -91.99 3.33
CA ALA E 1679 25.28 -91.84 4.32
C ALA E 1679 24.95 -90.38 4.56
N ARG E 1680 25.96 -89.58 4.85
CA ARG E 1680 25.87 -88.12 5.08
C ARG E 1680 25.20 -87.41 3.94
N GLU E 1681 25.51 -87.80 2.71
CA GLU E 1681 25.13 -87.04 1.52
C GLU E 1681 23.62 -87.21 1.37
N LYS E 1682 23.12 -88.42 1.61
CA LYS E 1682 21.67 -88.72 1.64
C LYS E 1682 21.01 -87.85 2.72
N SER E 1683 21.42 -87.96 3.97
CA SER E 1683 20.95 -87.10 5.09
C SER E 1683 20.92 -85.60 4.72
N ALA E 1684 21.99 -85.07 4.18
CA ALA E 1684 22.11 -83.66 3.74
C ALA E 1684 21.04 -83.35 2.70
N TYR E 1685 20.78 -84.26 1.76
CA TYR E 1685 19.76 -84.05 0.68
C TYR E 1685 18.36 -84.00 1.33
N LYS E 1686 18.05 -84.99 2.17
CA LYS E 1686 16.88 -84.98 3.05
C LYS E 1686 16.69 -83.58 3.65
N PHE E 1687 17.72 -83.03 4.22
CA PHE E 1687 17.65 -81.74 4.96
C PHE E 1687 17.46 -80.59 3.99
N PHE E 1688 18.29 -80.53 2.95
CA PHE E 1688 18.25 -79.47 1.93
C PHE E 1688 16.82 -79.28 1.45
N HIS E 1689 16.20 -80.32 0.87
CA HIS E 1689 14.87 -80.19 0.19
C HIS E 1689 13.77 -79.90 1.19
N ASN E 1690 13.84 -80.50 2.37
CA ASN E 1690 12.92 -80.11 3.48
C ASN E 1690 13.03 -78.61 3.77
N GLY E 1691 14.20 -78.10 4.12
CA GLY E 1691 14.42 -76.67 4.41
C GLY E 1691 14.13 -75.76 3.24
N MET E 1692 14.20 -76.24 2.00
CA MET E 1692 14.00 -75.39 0.81
C MET E 1692 12.51 -75.08 0.70
N ILE E 1693 11.67 -76.12 0.65
CA ILE E 1693 10.20 -75.95 0.50
C ILE E 1693 9.57 -75.35 1.76
N TYR E 1694 10.11 -75.55 2.96
CA TYR E 1694 9.49 -75.00 4.20
C TYR E 1694 10.24 -73.75 4.74
N ASN E 1695 11.15 -73.16 3.99
CA ASN E 1695 11.83 -71.88 4.32
C ASN E 1695 12.42 -71.94 5.72
N LYS E 1696 13.35 -72.87 5.88
CA LYS E 1696 13.83 -73.40 7.18
C LYS E 1696 15.25 -73.96 7.08
N LEU E 1697 16.02 -73.66 6.03
CA LEU E 1697 17.44 -74.07 5.88
C LEU E 1697 18.23 -73.52 7.06
N PHE E 1698 18.05 -72.24 7.35
CA PHE E 1698 18.65 -71.54 8.51
C PHE E 1698 17.80 -71.80 9.74
N VAL E 1699 18.40 -72.32 10.80
CA VAL E 1699 17.68 -72.51 12.10
C VAL E 1699 18.54 -71.94 13.22
N SER E 1700 18.27 -70.71 13.66
CA SER E 1700 19.01 -70.06 14.77
C SER E 1700 18.93 -70.99 15.99
N LYS E 1701 20.03 -71.12 16.70
CA LYS E 1701 20.13 -71.95 17.89
C LYS E 1701 19.74 -71.03 19.04
N GLU E 1702 18.84 -71.47 19.93
CA GLU E 1702 18.33 -70.63 21.05
C GLU E 1702 19.30 -70.74 22.21
N HIS E 1703 19.65 -71.96 22.59
CA HIS E 1703 20.60 -72.29 23.69
C HIS E 1703 21.90 -72.78 23.10
N ALA E 1704 22.99 -72.56 23.82
CA ALA E 1704 24.32 -73.18 23.57
C ALA E 1704 24.24 -74.70 23.82
N PRO E 1705 25.24 -75.51 23.39
CA PRO E 1705 25.20 -76.94 23.69
C PRO E 1705 25.36 -77.22 25.19
N TYR E 1706 25.89 -76.27 25.98
CA TYR E 1706 26.04 -76.36 27.46
C TYR E 1706 24.99 -75.46 28.11
N THR E 1707 24.61 -75.80 29.34
CA THR E 1707 23.85 -74.90 30.28
C THR E 1707 24.84 -73.95 30.96
N ASP E 1708 24.36 -72.86 31.54
CA ASP E 1708 25.17 -71.81 32.21
C ASP E 1708 25.97 -72.41 33.38
N GLU E 1709 25.46 -73.47 34.02
CA GLU E 1709 26.09 -74.14 35.18
C GLU E 1709 27.29 -74.99 34.71
N LEU E 1710 27.19 -75.61 33.52
CA LEU E 1710 28.27 -76.41 32.89
C LEU E 1710 29.16 -75.57 31.97
N GLU E 1711 28.86 -74.30 31.72
CA GLU E 1711 29.64 -73.38 30.83
C GLU E 1711 31.14 -73.57 31.09
N GLU E 1712 31.60 -73.35 32.33
CA GLU E 1712 33.04 -73.26 32.70
C GLU E 1712 33.68 -74.64 32.70
N ASP E 1713 33.01 -75.64 33.28
CA ASP E 1713 33.45 -77.06 33.36
C ASP E 1713 33.72 -77.61 31.95
N VAL E 1714 32.83 -77.35 31.00
CA VAL E 1714 33.06 -77.69 29.57
C VAL E 1714 34.31 -76.94 29.07
N TYR E 1715 34.38 -75.62 29.21
CA TYR E 1715 35.53 -74.80 28.71
C TYR E 1715 36.89 -75.36 29.20
N LEU E 1716 36.90 -75.89 30.42
CA LEU E 1716 38.12 -76.33 31.13
C LEU E 1716 38.42 -77.82 30.93
N ASP E 1717 37.53 -78.60 30.28
CA ASP E 1717 37.85 -80.00 29.89
C ASP E 1717 38.17 -80.01 28.39
N PRO E 1718 39.41 -80.38 27.97
CA PRO E 1718 39.70 -80.65 26.57
C PRO E 1718 38.85 -81.75 25.90
N LEU E 1719 38.43 -82.73 26.70
CA LEU E 1719 37.94 -84.03 26.20
C LEU E 1719 36.42 -84.08 26.25
N ALA E 1720 35.79 -83.14 26.94
CA ALA E 1720 34.31 -82.95 26.95
C ALA E 1720 33.82 -82.89 25.51
N ARG E 1721 33.00 -83.86 25.10
CA ARG E 1721 32.23 -83.87 23.83
C ARG E 1721 30.73 -83.87 24.16
N VAL E 1722 29.91 -83.89 23.13
CA VAL E 1722 28.44 -83.62 23.16
C VAL E 1722 27.76 -84.93 22.77
N SER E 1723 26.79 -85.36 23.57
CA SER E 1723 25.98 -86.60 23.40
C SER E 1723 24.62 -86.20 22.85
N LYS E 1724 23.87 -87.14 22.26
CA LYS E 1724 22.42 -86.96 21.98
C LYS E 1724 21.67 -87.02 23.31
N ASP E 1725 20.93 -85.95 23.66
CA ASP E 1725 20.06 -85.91 24.88
C ASP E 1725 18.92 -86.89 24.68
N LYS E 1726 18.55 -87.63 25.73
CA LYS E 1726 17.54 -88.72 25.70
C LYS E 1726 16.17 -88.13 25.33
N LYS E 1727 15.73 -87.11 26.08
CA LYS E 1727 14.38 -86.48 25.97
C LYS E 1727 14.29 -85.65 24.68
N SER E 1728 15.00 -84.52 24.63
CA SER E 1728 14.88 -83.46 23.59
C SER E 1728 15.35 -83.95 22.20
N GLY E 1729 16.34 -84.86 22.15
CA GLY E 1729 16.93 -85.37 20.89
C GLY E 1729 18.01 -84.47 20.32
N SER E 1730 18.32 -83.34 20.99
CA SER E 1730 19.31 -82.32 20.58
C SER E 1730 20.65 -82.58 21.30
N LEU E 1731 21.75 -82.31 20.61
CA LEU E 1731 23.14 -82.58 21.06
C LEU E 1731 23.53 -81.61 22.19
N THR E 1732 23.82 -82.12 23.40
CA THR E 1732 24.15 -81.30 24.60
C THR E 1732 25.25 -81.99 25.44
N PHE E 1733 26.03 -81.20 26.18
CA PHE E 1733 27.01 -81.67 27.19
C PHE E 1733 26.27 -82.14 28.44
N ASN E 1734 26.41 -83.43 28.74
CA ASN E 1734 25.96 -84.11 29.99
C ASN E 1734 27.06 -83.90 31.04
N SER E 1735 26.69 -83.65 32.30
CA SER E 1735 27.64 -83.47 33.44
C SER E 1735 28.45 -84.76 33.72
N LYS E 1736 28.00 -85.93 33.21
CA LYS E 1736 28.66 -87.26 33.36
C LYS E 1736 29.91 -87.37 32.46
N ASN E 1737 29.84 -86.84 31.24
CA ASN E 1737 30.93 -86.85 30.22
C ASN E 1737 31.93 -85.70 30.45
N ILE E 1738 31.86 -84.97 31.57
CA ILE E 1738 32.74 -83.81 31.89
C ILE E 1738 33.65 -84.21 33.05
N GLN E 1739 34.97 -84.14 32.80
CA GLN E 1739 36.08 -84.52 33.72
C GLN E 1739 35.91 -86.01 34.07
N SER E 1740 35.73 -86.83 33.02
CA SER E 1740 35.33 -88.26 33.07
C SER E 1740 36.55 -89.15 32.84
N LYS E 1741 36.65 -90.23 33.61
CA LYS E 1741 37.70 -91.28 33.49
C LYS E 1741 37.67 -91.96 32.10
N ASP E 1742 36.49 -92.09 31.48
CA ASP E 1742 36.26 -92.88 30.22
C ASP E 1742 36.79 -92.14 28.98
N SER E 1743 36.82 -90.79 29.00
CA SER E 1743 37.38 -89.92 27.92
C SER E 1743 38.88 -90.19 27.76
N TYR E 1744 39.65 -90.11 28.85
CA TYR E 1744 41.13 -90.20 28.89
C TYR E 1744 41.58 -91.67 28.71
N ILE E 1745 41.00 -92.58 29.49
CA ILE E 1745 41.37 -94.04 29.59
C ILE E 1745 40.49 -94.84 28.63
N ASN E 1746 40.87 -94.88 27.35
CA ASN E 1746 40.14 -95.58 26.25
C ASN E 1746 40.44 -97.09 26.37
N ALA E 1747 39.83 -97.91 25.50
CA ALA E 1747 39.91 -99.40 25.49
C ALA E 1747 41.36 -99.91 25.41
N ASN E 1748 42.26 -99.18 24.71
CA ASN E 1748 43.67 -99.61 24.41
C ASN E 1748 44.53 -99.56 25.69
N THR E 1749 44.46 -98.49 26.50
CA THR E 1749 45.28 -98.33 27.75
C THR E 1749 44.74 -99.21 28.87
N ILE E 1750 43.50 -99.71 28.78
CA ILE E 1750 42.93 -100.74 29.73
C ILE E 1750 43.64 -102.09 29.51
N GLU E 1751 43.75 -102.53 28.25
CA GLU E 1751 44.22 -103.89 27.85
C GLU E 1751 45.75 -103.91 27.60
N THR E 1752 46.43 -102.77 27.72
CA THR E 1752 47.93 -102.61 27.65
C THR E 1752 48.50 -102.47 29.07
N ALA E 1753 47.78 -101.79 29.97
CA ALA E 1753 48.04 -101.69 31.44
C ALA E 1753 47.67 -103.00 32.15
N LYS E 1754 46.83 -103.85 31.53
CA LYS E 1754 46.52 -105.24 32.01
C LYS E 1754 47.66 -106.20 31.65
N MET E 1755 48.30 -106.02 30.48
CA MET E 1755 49.32 -106.96 29.91
C MET E 1755 50.66 -106.84 30.66
N ILE E 1756 51.10 -105.61 30.96
CA ILE E 1756 52.38 -105.34 31.69
C ILE E 1756 52.12 -105.21 33.21
N GLU E 1757 50.88 -105.48 33.66
CA GLU E 1757 50.49 -105.82 35.07
C GLU E 1757 50.57 -107.35 35.28
N ASN E 1758 50.47 -108.14 34.19
CA ASN E 1758 50.57 -109.64 34.18
C ASN E 1758 52.04 -110.10 34.30
N MET E 1759 53.04 -109.23 34.02
CA MET E 1759 54.49 -109.60 34.03
C MET E 1759 55.31 -108.70 34.98
N THR E 1760 54.70 -108.18 36.07
CA THR E 1760 55.32 -107.24 37.05
C THR E 1760 55.77 -108.04 38.30
N LYS E 1761 56.57 -109.10 38.06
CA LYS E 1761 57.12 -110.08 39.06
C LYS E 1761 55.97 -110.77 39.84
N GLU E 1762 55.22 -111.61 39.14
CA GLU E 1762 54.12 -112.47 39.70
C GLU E 1762 54.03 -113.74 38.83
N LYS E 1763 53.87 -113.56 37.50
CA LYS E 1763 53.80 -114.63 36.46
C LYS E 1763 55.21 -114.93 35.89
N VAL E 1764 56.20 -114.06 36.16
CA VAL E 1764 57.58 -114.10 35.57
C VAL E 1764 58.60 -114.54 36.64
N SER E 1765 58.18 -115.45 37.55
CA SER E 1765 58.99 -116.02 38.66
C SER E 1765 60.12 -116.92 38.10
N ASN E 1766 59.79 -117.84 37.16
CA ASN E 1766 60.74 -118.78 36.48
C ASN E 1766 60.32 -118.97 35.00
N GLY E 1767 60.25 -117.86 34.23
CA GLY E 1767 59.82 -117.83 32.82
C GLY E 1767 60.36 -116.61 32.07
N GLY E 1768 61.14 -116.83 31.00
CA GLY E 1768 61.66 -115.78 30.09
C GLY E 1768 60.54 -115.10 29.30
N VAL E 1769 60.60 -113.76 29.21
CA VAL E 1769 59.51 -112.86 28.68
C VAL E 1769 59.97 -112.22 27.36
N GLY E 1770 59.02 -111.59 26.64
CA GLY E 1770 59.26 -110.91 25.37
C GLY E 1770 58.20 -109.85 25.10
N VAL E 1771 58.56 -108.57 25.26
CA VAL E 1771 57.75 -107.38 24.83
C VAL E 1771 58.17 -107.04 23.40
N ASP E 1772 57.21 -106.94 22.48
CA ASP E 1772 57.42 -106.43 21.10
C ASP E 1772 56.22 -105.56 20.67
N VAL E 1773 56.47 -104.28 20.40
CA VAL E 1773 55.53 -103.32 19.76
C VAL E 1773 55.88 -103.26 18.27
N GLU E 1774 54.87 -103.06 17.42
CA GLU E 1774 54.99 -102.81 15.95
C GLU E 1774 53.95 -101.75 15.56
N LEU E 1775 54.38 -100.62 14.99
CA LEU E 1775 53.48 -99.51 14.57
C LEU E 1775 52.69 -99.95 13.32
N ILE E 1776 51.40 -99.58 13.25
CA ILE E 1776 50.41 -99.99 12.21
C ILE E 1776 50.89 -99.55 10.80
N THR E 1777 51.52 -98.37 10.67
CA THR E 1777 51.95 -97.74 9.38
C THR E 1777 53.11 -98.55 8.73
N SER E 1778 53.94 -99.23 9.55
CA SER E 1778 55.09 -100.07 9.10
C SER E 1778 54.61 -101.47 8.62
N ILE E 1779 53.30 -101.78 8.74
CA ILE E 1779 52.62 -102.95 8.08
C ILE E 1779 52.00 -102.48 6.75
N ASN E 1780 52.37 -103.13 5.63
CA ASN E 1780 51.70 -103.06 4.30
C ASN E 1780 50.94 -104.38 4.07
N VAL E 1781 49.62 -104.29 3.83
CA VAL E 1781 48.65 -105.41 3.62
C VAL E 1781 48.71 -105.91 2.15
N GLU E 1782 48.87 -104.99 1.18
CA GLU E 1782 48.88 -105.28 -0.30
C GLU E 1782 50.28 -105.72 -0.77
N ASN E 1783 51.32 -105.59 0.08
CA ASN E 1783 52.67 -106.21 -0.08
C ASN E 1783 52.57 -107.69 0.32
N ASP E 1784 52.39 -108.60 -0.66
CA ASP E 1784 52.02 -110.03 -0.49
C ASP E 1784 53.26 -110.95 -0.44
N THR E 1785 54.48 -110.41 -0.64
CA THR E 1785 55.78 -111.11 -0.41
C THR E 1785 56.02 -111.24 1.11
N PHE E 1786 55.72 -110.18 1.88
CA PHE E 1786 55.79 -110.13 3.36
C PHE E 1786 54.68 -111.02 3.98
N ILE E 1787 53.45 -110.95 3.45
CA ILE E 1787 52.20 -111.53 4.06
C ILE E 1787 52.16 -113.06 3.82
N GLU E 1788 52.58 -113.56 2.66
CA GLU E 1788 52.69 -115.02 2.34
C GLU E 1788 53.75 -115.70 3.25
N ARG E 1789 54.98 -115.17 3.25
CA ARG E 1789 56.21 -115.78 3.84
C ARG E 1789 56.15 -115.88 5.37
N ASN E 1790 55.54 -114.90 6.05
CA ASN E 1790 55.62 -114.70 7.53
C ASN E 1790 54.30 -115.03 8.25
N PHE E 1791 53.20 -115.34 7.51
CA PHE E 1791 51.86 -115.68 8.07
C PHE E 1791 51.34 -116.99 7.47
N THR E 1792 50.62 -117.77 8.29
CA THR E 1792 49.92 -119.04 7.93
C THR E 1792 48.56 -118.71 7.30
N PRO E 1793 47.97 -119.62 6.47
CA PRO E 1793 46.60 -119.43 5.94
C PRO E 1793 45.45 -119.18 6.94
N GLN E 1794 45.60 -119.61 8.21
CA GLN E 1794 44.60 -119.39 9.30
C GLN E 1794 44.68 -117.96 9.88
N GLU E 1795 45.88 -117.36 9.91
CA GLU E 1795 46.14 -115.98 10.44
C GLU E 1795 45.77 -114.91 9.40
N ILE E 1796 45.97 -115.20 8.10
CA ILE E 1796 45.57 -114.32 6.95
C ILE E 1796 44.04 -114.32 6.82
N GLU E 1797 43.39 -115.47 7.01
CA GLU E 1797 41.90 -115.65 6.99
C GLU E 1797 41.27 -114.79 8.11
N TYR E 1798 41.85 -114.83 9.33
CA TYR E 1798 41.34 -114.11 10.53
C TYR E 1798 41.58 -112.60 10.38
N CYS E 1799 42.83 -112.18 10.11
CA CYS E 1799 43.28 -110.76 9.97
C CYS E 1799 42.48 -110.05 8.86
N SER E 1800 42.35 -110.68 7.67
CA SER E 1800 41.66 -110.15 6.45
C SER E 1800 40.14 -110.02 6.68
N ALA E 1801 39.56 -110.75 7.63
CA ALA E 1801 38.12 -110.70 8.01
C ALA E 1801 37.81 -109.54 8.97
N GLN E 1802 38.82 -109.00 9.68
CA GLN E 1802 38.64 -107.96 10.74
C GLN E 1802 38.31 -106.60 10.11
N PRO E 1803 37.70 -105.63 10.87
CA PRO E 1803 37.36 -104.31 10.32
C PRO E 1803 38.59 -103.50 9.86
N SER E 1804 39.57 -103.25 10.76
CA SER E 1804 40.93 -102.72 10.44
C SER E 1804 41.91 -103.91 10.32
N VAL E 1805 42.21 -104.29 9.06
CA VAL E 1805 43.01 -105.48 8.65
C VAL E 1805 44.50 -105.21 8.95
N GLN E 1806 44.99 -103.98 8.68
CA GLN E 1806 46.37 -103.51 8.97
C GLN E 1806 46.63 -103.51 10.49
N SER E 1807 45.65 -103.06 11.28
CA SER E 1807 45.68 -103.05 12.77
C SER E 1807 45.79 -104.47 13.34
N SER E 1808 45.17 -105.46 12.68
CA SER E 1808 45.05 -106.88 13.12
C SER E 1808 46.30 -107.69 12.71
N PHE E 1809 46.91 -107.41 11.55
CA PHE E 1809 48.22 -107.99 11.08
C PHE E 1809 49.36 -107.53 12.01
N ALA E 1810 49.34 -106.27 12.47
CA ALA E 1810 50.30 -105.68 13.45
C ALA E 1810 50.09 -106.28 14.85
N GLY E 1811 48.90 -106.83 15.13
CA GLY E 1811 48.59 -107.59 16.35
C GLY E 1811 49.24 -108.98 16.34
N THR E 1812 49.13 -109.69 15.21
CA THR E 1812 49.68 -111.06 14.97
C THR E 1812 51.21 -111.02 14.79
N TRP E 1813 51.72 -109.98 14.11
CA TRP E 1813 53.18 -109.70 13.87
C TRP E 1813 53.89 -109.35 15.19
N SER E 1814 53.24 -108.56 16.05
CA SER E 1814 53.68 -108.23 17.43
C SER E 1814 53.85 -109.51 18.26
N ALA E 1815 52.91 -110.47 18.11
CA ALA E 1815 52.83 -111.74 18.89
C ALA E 1815 53.93 -112.74 18.46
N LYS E 1816 54.23 -112.84 17.15
CA LYS E 1816 55.28 -113.73 16.57
C LYS E 1816 56.69 -113.31 17.04
N GLU E 1817 57.00 -112.00 16.98
CA GLU E 1817 58.28 -111.40 17.49
C GLU E 1817 58.38 -111.52 19.03
N ALA E 1818 57.26 -111.38 19.75
CA ALA E 1818 57.20 -111.42 21.24
C ALA E 1818 57.48 -112.86 21.74
N VAL E 1819 56.84 -113.86 21.13
CA VAL E 1819 57.04 -115.33 21.39
C VAL E 1819 58.53 -115.68 21.12
N PHE E 1820 59.07 -115.30 19.95
CA PHE E 1820 60.47 -115.58 19.47
C PHE E 1820 61.52 -115.05 20.46
N LYS E 1821 61.28 -113.87 21.06
CA LYS E 1821 62.14 -113.26 22.13
C LYS E 1821 62.01 -114.08 23.44
N SER E 1822 60.78 -114.45 23.83
CA SER E 1822 60.42 -115.17 25.10
C SER E 1822 61.10 -116.55 25.17
N LEU E 1823 61.24 -117.26 24.04
CA LEU E 1823 61.93 -118.58 23.91
C LEU E 1823 63.45 -118.44 24.20
N GLY E 1824 64.02 -117.24 23.99
CA GLY E 1824 65.43 -116.88 24.28
C GLY E 1824 66.38 -117.15 23.12
N VAL E 1825 65.88 -117.74 22.02
CA VAL E 1825 66.68 -118.20 20.83
C VAL E 1825 67.06 -116.98 19.97
N LYS E 1826 68.37 -116.81 19.72
CA LYS E 1826 68.99 -115.66 18.98
C LYS E 1826 68.61 -115.74 17.48
N SER E 1827 68.65 -116.95 16.89
CA SER E 1827 68.40 -117.24 15.45
C SER E 1827 67.84 -118.68 15.27
N LEU E 1828 66.94 -118.87 14.29
CA LEU E 1828 66.37 -120.20 13.86
C LEU E 1828 67.17 -120.77 12.67
N GLY E 1829 68.07 -119.98 12.07
CA GLY E 1829 68.95 -120.35 10.93
C GLY E 1829 68.86 -119.32 9.81
N GLY E 1830 69.61 -118.21 9.93
CA GLY E 1830 69.69 -117.11 8.96
C GLY E 1830 68.46 -116.20 9.00
N GLY E 1831 67.75 -116.07 7.85
CA GLY E 1831 66.63 -115.14 7.61
C GLY E 1831 65.34 -115.56 8.32
N ALA E 1832 64.65 -114.59 8.94
CA ALA E 1832 63.43 -114.77 9.78
C ALA E 1832 62.21 -115.10 8.87
N ALA E 1833 61.79 -116.38 8.87
CA ALA E 1833 60.48 -116.89 8.38
C ALA E 1833 59.66 -117.35 9.62
N LEU E 1834 58.87 -116.42 10.19
CA LEU E 1834 58.07 -116.60 11.44
C LEU E 1834 56.68 -117.20 11.13
N LYS E 1835 56.52 -117.88 9.98
CA LYS E 1835 55.37 -118.79 9.68
C LYS E 1835 55.29 -119.91 10.74
N ASP E 1836 56.47 -120.45 11.12
CA ASP E 1836 56.70 -121.51 12.14
C ASP E 1836 55.81 -121.23 13.37
N ILE E 1837 56.00 -120.06 14.01
CA ILE E 1837 55.24 -119.57 15.19
C ILE E 1837 53.88 -119.07 14.68
N GLU E 1838 52.84 -119.92 14.78
CA GLU E 1838 51.43 -119.58 14.45
C GLU E 1838 50.72 -119.07 15.72
N ILE E 1839 49.89 -118.02 15.56
CA ILE E 1839 48.95 -117.46 16.58
C ILE E 1839 47.52 -117.80 16.12
N VAL E 1840 46.91 -118.84 16.72
CA VAL E 1840 45.47 -119.24 16.53
C VAL E 1840 44.60 -118.25 17.32
N ARG E 1841 43.86 -117.39 16.62
CA ARG E 1841 43.12 -116.21 17.17
C ARG E 1841 41.60 -116.48 17.08
N VAL E 1842 41.02 -117.04 18.14
CA VAL E 1842 39.54 -117.13 18.36
C VAL E 1842 39.09 -115.85 19.09
N ASN E 1843 37.95 -115.26 18.66
CA ASN E 1843 37.44 -113.92 19.08
C ASN E 1843 37.12 -113.88 20.60
N LYS E 1844 37.91 -113.06 21.34
CA LYS E 1844 37.80 -112.73 22.81
C LYS E 1844 38.66 -113.70 23.65
N ASN E 1845 38.74 -115.00 23.27
CA ASN E 1845 39.73 -116.00 23.76
C ASN E 1845 41.15 -115.41 23.63
N ALA E 1846 41.93 -115.41 24.73
CA ALA E 1846 43.38 -115.07 24.73
C ALA E 1846 44.07 -115.92 23.67
N PRO E 1847 44.71 -115.31 22.63
CA PRO E 1847 45.17 -116.05 21.45
C PRO E 1847 46.27 -117.11 21.73
N ALA E 1848 45.97 -118.38 21.40
CA ALA E 1848 46.81 -119.57 21.66
C ALA E 1848 47.95 -119.67 20.64
N VAL E 1849 49.15 -120.06 21.10
CA VAL E 1849 50.41 -120.23 20.30
C VAL E 1849 50.63 -121.72 20.02
N GLU E 1850 50.47 -122.13 18.75
CA GLU E 1850 50.97 -123.42 18.19
C GLU E 1850 52.24 -123.11 17.37
N LEU E 1851 53.29 -123.93 17.53
CA LEU E 1851 54.64 -123.69 16.91
C LEU E 1851 55.12 -124.99 16.23
N HIS E 1852 55.55 -124.87 14.97
CA HIS E 1852 55.79 -125.99 14.00
C HIS E 1852 57.21 -125.90 13.41
N GLY E 1853 57.66 -126.99 12.76
CA GLY E 1853 58.91 -127.09 11.97
C GLY E 1853 60.17 -126.94 12.82
N ASN E 1854 60.90 -125.82 12.64
CA ASN E 1854 62.22 -125.51 13.25
C ASN E 1854 62.06 -124.73 14.59
N ALA E 1855 61.00 -123.90 14.75
CA ALA E 1855 60.71 -123.12 15.97
C ALA E 1855 60.24 -124.04 17.12
N LYS E 1856 59.60 -125.18 16.78
CA LYS E 1856 59.16 -126.26 17.72
C LYS E 1856 60.39 -126.97 18.33
N LYS E 1857 61.39 -127.26 17.48
CA LYS E 1857 62.70 -127.93 17.80
C LYS E 1857 63.47 -127.11 18.86
N ALA E 1858 63.69 -125.80 18.63
CA ALA E 1858 64.54 -124.87 19.43
C ALA E 1858 63.83 -124.41 20.73
N ALA E 1859 62.53 -124.68 20.89
CA ALA E 1859 61.71 -124.48 22.11
C ALA E 1859 61.80 -125.74 23.01
N GLU E 1860 61.60 -126.93 22.42
CA GLU E 1860 61.66 -128.27 23.12
C GLU E 1860 63.11 -128.70 23.40
N GLU E 1861 64.11 -128.03 22.79
CA GLU E 1861 65.58 -128.18 22.99
C GLU E 1861 66.09 -127.20 24.08
N ALA E 1862 65.32 -126.14 24.40
CA ALA E 1862 65.62 -125.10 25.44
C ALA E 1862 64.75 -125.30 26.70
N GLY E 1863 63.96 -126.39 26.78
CA GLY E 1863 63.08 -126.71 27.93
C GLY E 1863 61.86 -125.79 28.02
N VAL E 1864 60.82 -126.05 27.21
CA VAL E 1864 59.52 -125.31 27.16
C VAL E 1864 58.36 -126.32 27.03
N THR E 1865 57.31 -126.17 27.86
CA THR E 1865 56.04 -126.97 27.86
C THR E 1865 54.83 -126.11 27.44
N ASP E 1866 54.73 -124.87 27.95
CA ASP E 1866 53.63 -123.90 27.67
C ASP E 1866 54.21 -122.56 27.19
N VAL E 1867 53.52 -121.87 26.26
CA VAL E 1867 53.80 -120.47 25.78
C VAL E 1867 52.47 -119.70 25.68
N LYS E 1868 52.29 -118.68 26.53
CA LYS E 1868 51.15 -117.72 26.49
C LYS E 1868 51.49 -116.56 25.53
N VAL E 1869 50.49 -115.75 25.16
CA VAL E 1869 50.66 -114.41 24.50
C VAL E 1869 49.34 -113.60 24.62
N SER E 1870 49.46 -112.31 24.97
CA SER E 1870 48.35 -111.31 25.02
C SER E 1870 48.65 -110.17 24.04
N ILE E 1871 47.65 -109.71 23.28
CA ILE E 1871 47.77 -108.67 22.21
C ILE E 1871 46.75 -107.55 22.48
N SER E 1872 47.21 -106.29 22.47
CA SER E 1872 46.41 -105.05 22.30
C SER E 1872 46.92 -104.31 21.04
N HIS E 1873 46.00 -103.98 20.13
CA HIS E 1873 46.25 -103.16 18.92
C HIS E 1873 45.19 -102.07 18.82
N ASP E 1874 45.55 -100.92 18.23
CA ASP E 1874 44.61 -99.82 17.85
C ASP E 1874 45.11 -99.21 16.53
N ASP E 1875 45.04 -97.87 16.36
CA ASP E 1875 45.45 -97.17 15.11
C ASP E 1875 46.95 -96.85 15.14
N LEU E 1876 47.66 -96.99 16.27
CA LEU E 1876 49.12 -96.72 16.38
C LEU E 1876 49.90 -97.96 16.85
N GLN E 1877 50.00 -98.20 18.16
CA GLN E 1877 50.91 -99.20 18.78
C GLN E 1877 50.11 -100.50 18.95
N ALA E 1878 50.45 -101.54 18.18
CA ALA E 1878 50.14 -102.95 18.46
C ALA E 1878 51.28 -103.55 19.31
N VAL E 1879 50.99 -103.87 20.58
CA VAL E 1879 51.95 -104.45 21.58
C VAL E 1879 51.53 -105.88 21.91
N ALA E 1880 52.50 -106.79 22.10
CA ALA E 1880 52.30 -108.20 22.50
C ALA E 1880 53.34 -108.61 23.55
N VAL E 1881 52.87 -109.28 24.60
CA VAL E 1881 53.67 -109.87 25.72
C VAL E 1881 53.52 -111.40 25.68
N ALA E 1882 54.63 -112.13 25.61
CA ALA E 1882 54.70 -113.63 25.61
C ALA E 1882 55.62 -114.11 26.74
N VAL E 1883 55.11 -114.99 27.61
CA VAL E 1883 55.89 -115.75 28.65
C VAL E 1883 56.00 -117.22 28.20
N SER E 1884 57.11 -117.89 28.55
CA SER E 1884 57.44 -119.29 28.14
C SER E 1884 58.06 -120.07 29.32
N THR E 1885 57.23 -120.84 30.04
CA THR E 1885 57.59 -121.69 31.23
C THR E 1885 58.06 -123.08 30.73
N LYS E 1886 58.55 -123.94 31.64
CA LYS E 1886 59.05 -125.32 31.34
C LYS E 1886 57.83 -126.26 31.16
N MET F 1 -16.81 -77.27 100.10
CA MET F 1 -15.45 -76.63 100.06
C MET F 1 -15.60 -75.09 100.17
N LYS F 2 -14.76 -74.46 100.99
CA LYS F 2 -14.70 -72.97 101.13
C LYS F 2 -14.27 -72.39 99.77
N PRO F 3 -14.86 -71.27 99.29
CA PRO F 3 -14.39 -70.62 98.06
C PRO F 3 -12.93 -70.12 98.08
N GLU F 4 -12.37 -69.78 99.26
CA GLU F 4 -10.96 -69.32 99.45
C GLU F 4 -9.99 -70.48 99.17
N VAL F 5 -10.40 -71.71 99.50
CA VAL F 5 -9.61 -72.96 99.36
C VAL F 5 -9.71 -73.42 97.91
N GLU F 6 -10.94 -73.60 97.42
CA GLU F 6 -11.26 -73.89 95.99
C GLU F 6 -10.43 -72.98 95.08
N GLN F 7 -10.29 -71.69 95.44
CA GLN F 7 -9.48 -70.69 94.68
C GLN F 7 -8.01 -71.10 94.73
N GLU F 8 -7.48 -71.44 95.91
CA GLU F 8 -6.07 -71.87 96.10
C GLU F 8 -5.78 -73.04 95.16
N LEU F 9 -6.64 -74.07 95.18
CA LEU F 9 -6.47 -75.32 94.40
C LEU F 9 -6.53 -75.02 92.90
N ALA F 10 -7.59 -74.33 92.46
CA ALA F 10 -7.79 -73.93 91.05
C ALA F 10 -6.51 -73.28 90.52
N HIS F 11 -5.85 -72.43 91.32
CA HIS F 11 -4.58 -71.73 91.00
C HIS F 11 -3.48 -72.76 90.78
N ILE F 12 -3.16 -73.56 91.80
CA ILE F 12 -2.14 -74.66 91.77
C ILE F 12 -2.30 -75.41 90.45
N LEU F 13 -3.47 -76.04 90.26
CA LEU F 13 -3.85 -76.85 89.07
C LEU F 13 -3.61 -76.08 87.77
N LEU F 14 -4.14 -74.86 87.68
CA LEU F 14 -4.11 -73.98 86.47
C LEU F 14 -2.65 -73.69 86.12
N THR F 15 -1.80 -73.53 87.13
CA THR F 15 -0.35 -73.25 87.00
C THR F 15 0.36 -74.52 86.50
N GLU F 16 -0.01 -75.70 87.01
CA GLU F 16 0.59 -77.01 86.61
C GLU F 16 0.13 -77.39 85.19
N LEU F 17 -1.16 -77.20 84.88
CA LEU F 17 -1.75 -77.41 83.52
C LEU F 17 -1.03 -76.60 82.44
N LEU F 18 -0.41 -75.47 82.81
CA LEU F 18 0.25 -74.50 81.89
C LEU F 18 1.75 -74.76 81.85
N ALA F 19 2.35 -75.04 83.02
CA ALA F 19 3.76 -75.49 83.18
C ALA F 19 4.06 -76.59 82.16
N TYR F 20 3.41 -77.75 82.30
CA TYR F 20 3.74 -79.00 81.58
C TYR F 20 3.25 -78.94 80.12
N GLN F 21 2.16 -78.23 79.85
CA GLN F 21 1.55 -78.13 78.48
C GLN F 21 2.63 -78.07 77.39
N PHE F 22 3.49 -77.06 77.49
CA PHE F 22 4.87 -76.89 76.96
C PHE F 22 5.54 -78.18 76.51
N ALA F 23 5.48 -79.23 77.36
CA ALA F 23 6.36 -80.41 77.42
C ALA F 23 5.55 -81.72 77.50
N SER F 24 4.43 -81.78 76.77
CA SER F 24 3.41 -82.85 76.78
C SER F 24 2.55 -82.65 75.55
N PRO F 25 1.96 -83.71 74.97
CA PRO F 25 1.40 -83.58 73.63
C PRO F 25 0.05 -82.80 73.64
N VAL F 26 -0.17 -81.98 72.60
CA VAL F 26 -1.43 -81.22 72.34
C VAL F 26 -2.49 -82.23 71.90
N ARG F 27 -3.53 -82.38 72.71
CA ARG F 27 -4.48 -83.51 72.65
C ARG F 27 -5.77 -82.99 72.00
N TRP F 28 -5.69 -82.51 70.75
CA TRP F 28 -6.72 -81.67 70.09
C TRP F 28 -7.77 -82.49 69.35
N ILE F 29 -7.63 -83.81 69.27
CA ILE F 29 -8.79 -84.68 68.87
C ILE F 29 -9.70 -84.68 70.10
N GLU F 30 -9.22 -85.23 71.21
CA GLU F 30 -9.99 -85.46 72.47
C GLU F 30 -10.68 -84.15 72.88
N THR F 31 -10.12 -83.01 72.47
CA THR F 31 -10.66 -81.64 72.67
C THR F 31 -11.91 -81.46 71.80
N GLN F 32 -11.75 -81.49 70.47
CA GLN F 32 -12.87 -81.24 69.51
C GLN F 32 -14.04 -82.17 69.83
N ASP F 33 -13.76 -83.39 70.24
CA ASP F 33 -14.78 -84.39 70.60
C ASP F 33 -15.56 -83.90 71.82
N VAL F 34 -14.90 -83.20 72.75
CA VAL F 34 -15.57 -82.63 73.96
C VAL F 34 -16.50 -81.49 73.53
N PHE F 35 -16.08 -80.60 72.66
CA PHE F 35 -16.88 -79.38 72.38
C PHE F 35 -17.87 -79.64 71.23
N LEU F 36 -17.67 -80.63 70.36
CA LEU F 36 -18.62 -80.93 69.25
C LEU F 36 -19.65 -81.99 69.66
N LYS F 37 -19.35 -82.90 70.58
CA LYS F 37 -20.35 -83.90 71.03
C LYS F 37 -20.87 -83.54 72.44
N ASP F 38 -20.01 -83.56 73.46
CA ASP F 38 -20.42 -83.46 74.90
C ASP F 38 -21.13 -82.12 75.18
N PHE F 39 -20.91 -81.08 74.37
CA PHE F 39 -21.54 -79.75 74.52
C PHE F 39 -22.43 -79.39 73.31
N ASN F 40 -22.37 -80.15 72.20
CA ASN F 40 -23.21 -79.91 70.99
C ASN F 40 -23.06 -78.45 70.54
N THR F 41 -21.88 -77.90 70.70
CA THR F 41 -21.53 -76.53 70.25
C THR F 41 -22.14 -76.30 68.87
N GLU F 42 -22.84 -75.19 68.71
CA GLU F 42 -23.62 -74.87 67.50
C GLU F 42 -22.82 -73.87 66.68
N ARG F 43 -22.25 -72.84 67.32
CA ARG F 43 -21.23 -71.93 66.73
C ARG F 43 -19.88 -72.29 67.35
N VAL F 44 -18.86 -72.52 66.52
CA VAL F 44 -17.45 -72.56 66.96
C VAL F 44 -16.73 -71.40 66.25
N VAL F 45 -16.26 -70.44 67.04
CA VAL F 45 -15.65 -69.16 66.58
C VAL F 45 -14.14 -69.31 66.72
N GLU F 46 -13.42 -69.41 65.61
CA GLU F 46 -11.93 -69.37 65.60
C GLU F 46 -11.48 -67.89 65.67
N ILE F 47 -10.94 -67.50 66.81
CA ILE F 47 -10.19 -66.24 67.01
C ILE F 47 -8.73 -66.53 66.64
N GLY F 48 -8.34 -66.08 65.47
CA GLY F 48 -6.95 -66.20 64.97
C GLY F 48 -6.80 -65.39 63.70
N PRO F 49 -5.56 -65.24 63.18
CA PRO F 49 -5.31 -64.46 61.97
C PRO F 49 -5.59 -65.21 60.65
N SER F 50 -5.57 -66.54 60.67
CA SER F 50 -5.88 -67.40 59.51
C SER F 50 -6.63 -68.65 59.97
N PRO F 51 -7.53 -69.22 59.13
CA PRO F 51 -8.51 -70.21 59.58
C PRO F 51 -8.02 -71.66 59.72
N THR F 52 -7.02 -71.91 60.57
CA THR F 52 -6.40 -73.27 60.70
C THR F 52 -7.40 -74.16 61.45
N LEU F 53 -7.70 -73.83 62.71
CA LEU F 53 -8.51 -74.65 63.65
C LEU F 53 -9.97 -74.77 63.20
N ALA F 54 -10.40 -73.92 62.26
CA ALA F 54 -11.73 -73.98 61.60
C ALA F 54 -11.70 -75.12 60.58
N GLY F 55 -10.81 -75.03 59.58
CA GLY F 55 -10.46 -76.15 58.68
C GLY F 55 -10.39 -77.49 59.41
N MET F 56 -9.78 -77.53 60.60
CA MET F 56 -9.62 -78.77 61.42
C MET F 56 -10.97 -79.22 62.00
N ALA F 57 -11.88 -78.29 62.32
CA ALA F 57 -13.22 -78.62 62.85
C ALA F 57 -14.11 -79.09 61.69
N GLN F 58 -14.11 -78.33 60.59
CA GLN F 58 -14.84 -78.68 59.34
C GLN F 58 -14.51 -80.12 58.97
N ARG F 59 -13.25 -80.53 59.09
CA ARG F 59 -12.77 -81.88 58.68
C ARG F 59 -13.10 -82.90 59.77
N THR F 60 -13.02 -82.56 61.06
CA THR F 60 -13.43 -83.47 62.17
C THR F 60 -14.94 -83.69 62.14
N LEU F 61 -15.74 -82.82 61.47
CA LEU F 61 -17.22 -82.99 61.33
C LEU F 61 -17.50 -83.92 60.16
N LYS F 62 -17.03 -83.53 58.98
CA LYS F 62 -17.09 -84.28 57.69
C LYS F 62 -16.62 -85.74 57.86
N ASN F 63 -15.74 -86.05 58.82
CA ASN F 63 -15.29 -87.45 59.12
C ASN F 63 -16.32 -88.14 60.01
N LYS F 64 -16.35 -87.83 61.31
CA LYS F 64 -16.99 -88.71 62.34
C LYS F 64 -18.25 -88.07 62.97
N TYR F 65 -18.84 -87.03 62.36
CA TYR F 65 -20.07 -86.36 62.87
C TYR F 65 -21.01 -85.94 61.71
N GLU F 66 -20.91 -86.55 60.53
CA GLU F 66 -21.82 -86.21 59.40
C GLU F 66 -23.22 -86.78 59.71
N SER F 67 -23.28 -87.98 60.29
CA SER F 67 -24.53 -88.72 60.58
C SER F 67 -25.23 -88.08 61.78
N TYR F 68 -24.51 -87.94 62.90
CA TYR F 68 -24.95 -87.25 64.15
C TYR F 68 -25.56 -85.88 63.78
N ASP F 69 -24.87 -85.08 62.98
CA ASP F 69 -25.28 -83.70 62.60
C ASP F 69 -26.58 -83.68 61.77
N ALA F 70 -26.93 -84.78 61.09
CA ALA F 70 -28.22 -84.93 60.37
C ALA F 70 -29.30 -85.44 61.35
N ALA F 71 -29.08 -86.60 61.96
CA ALA F 71 -30.05 -87.27 62.86
C ALA F 71 -30.53 -86.36 63.99
N LEU F 72 -29.75 -85.36 64.41
CA LEU F 72 -30.13 -84.38 65.45
C LEU F 72 -30.47 -83.03 64.79
N SER F 73 -30.48 -82.97 63.45
CA SER F 73 -30.74 -81.74 62.64
C SER F 73 -29.99 -80.57 63.28
N LEU F 74 -28.73 -80.82 63.61
CA LEU F 74 -27.89 -80.01 64.53
C LEU F 74 -27.03 -79.11 63.67
N HIS F 75 -27.64 -78.18 62.93
CA HIS F 75 -26.95 -77.22 62.03
C HIS F 75 -25.84 -76.51 62.82
N ARG F 76 -24.60 -76.62 62.34
CA ARG F 76 -23.37 -76.12 63.01
C ARG F 76 -22.72 -75.04 62.14
N GLU F 77 -22.42 -73.90 62.75
CA GLU F 77 -21.73 -72.75 62.11
C GLU F 77 -20.28 -72.73 62.62
N ILE F 78 -19.30 -72.82 61.72
CA ILE F 78 -17.84 -72.68 62.02
C ILE F 78 -17.35 -71.37 61.40
N LEU F 79 -16.81 -70.49 62.22
CA LEU F 79 -16.52 -69.08 61.85
C LEU F 79 -15.09 -68.77 62.27
N CYS F 80 -14.31 -68.20 61.36
CA CYS F 80 -12.95 -67.68 61.64
C CYS F 80 -13.01 -66.15 61.63
N TYR F 81 -12.49 -65.53 62.69
CA TYR F 81 -12.56 -64.06 62.92
C TYR F 81 -12.06 -63.29 61.69
N SER F 82 -11.07 -63.81 60.99
CA SER F 82 -10.41 -63.15 59.83
C SER F 82 -11.34 -63.10 58.62
N LYS F 83 -12.09 -64.18 58.39
CA LYS F 83 -12.73 -64.52 57.10
C LYS F 83 -14.24 -64.21 57.15
N ASP F 84 -14.86 -64.23 58.33
CA ASP F 84 -16.33 -64.29 58.57
C ASP F 84 -16.76 -63.23 59.60
N ALA F 85 -16.18 -62.03 59.58
CA ALA F 85 -16.48 -60.94 60.55
C ALA F 85 -17.99 -60.72 60.64
N LYS F 86 -18.64 -60.66 59.48
CA LYS F 86 -20.07 -60.29 59.29
C LYS F 86 -21.00 -61.25 60.04
N GLU F 87 -20.67 -62.53 60.16
CA GLU F 87 -21.52 -63.54 60.83
C GLU F 87 -21.27 -63.51 62.33
N ILE F 88 -20.17 -62.91 62.78
CA ILE F 88 -19.78 -62.81 64.22
C ILE F 88 -20.34 -61.52 64.81
N TYR F 89 -20.18 -60.40 64.08
CA TYR F 89 -20.55 -59.03 64.52
C TYR F 89 -22.03 -58.74 64.22
N TYR F 90 -22.73 -59.65 63.53
CA TYR F 90 -24.13 -59.47 63.03
C TYR F 90 -24.23 -58.15 62.26
N THR F 91 -23.47 -58.03 61.15
CA THR F 91 -23.51 -56.88 60.21
C THR F 91 -23.71 -57.40 58.79
N PRO F 92 -24.87 -58.02 58.46
CA PRO F 92 -25.14 -58.47 57.10
C PRO F 92 -25.25 -57.25 56.17
N ASP F 93 -24.78 -57.41 54.92
CA ASP F 93 -24.91 -56.43 53.80
C ASP F 93 -26.39 -56.24 53.44
N PRO F 94 -26.86 -55.00 53.15
CA PRO F 94 -28.25 -54.76 52.71
C PRO F 94 -28.73 -55.62 51.52
N ILE F 140 -17.90 -34.25 22.47
CA ILE F 140 -17.78 -35.44 23.38
C ILE F 140 -17.17 -35.00 24.73
N ALA F 141 -17.21 -35.89 25.74
CA ALA F 141 -16.69 -35.69 27.12
C ALA F 141 -15.15 -35.59 27.09
N ASP F 142 -14.51 -35.53 28.28
CA ASP F 142 -13.03 -35.39 28.43
C ASP F 142 -12.47 -36.49 29.37
N GLU F 143 -11.52 -37.29 28.86
CA GLU F 143 -10.74 -38.33 29.60
C GLU F 143 -9.24 -38.06 29.41
N PRO F 144 -8.50 -37.65 30.48
CA PRO F 144 -7.03 -37.67 30.46
C PRO F 144 -6.46 -39.09 30.25
N VAL F 145 -5.42 -39.23 29.42
CA VAL F 145 -4.90 -40.53 28.89
C VAL F 145 -4.65 -41.52 30.05
N LYS F 146 -5.03 -42.79 29.83
CA LYS F 146 -4.73 -43.95 30.71
C LYS F 146 -3.19 -44.11 30.79
N ALA F 147 -2.66 -44.54 31.95
CA ALA F 147 -1.25 -44.98 32.12
C ALA F 147 -1.02 -46.34 31.44
N SER F 148 -2.10 -47.09 31.12
CA SER F 148 -2.11 -48.37 30.36
C SER F 148 -1.86 -48.14 28.86
N LEU F 149 -2.51 -47.11 28.27
CA LEU F 149 -2.39 -46.72 26.83
C LEU F 149 -0.98 -46.14 26.56
N LEU F 150 -0.47 -45.34 27.50
CA LEU F 150 0.80 -44.55 27.40
C LEU F 150 2.02 -45.46 27.64
N LEU F 151 1.92 -46.42 28.57
CA LEU F 151 2.95 -47.49 28.82
C LEU F 151 3.01 -48.46 27.63
N HIS F 152 1.86 -48.83 27.05
CA HIS F 152 1.73 -49.81 25.91
C HIS F 152 2.28 -49.20 24.61
N VAL F 153 2.28 -47.87 24.45
CA VAL F 153 2.75 -47.15 23.21
C VAL F 153 4.29 -46.98 23.22
N LEU F 154 4.92 -46.70 24.37
CA LEU F 154 6.39 -46.46 24.53
C LEU F 154 7.20 -47.78 24.59
N VAL F 155 6.51 -48.92 24.66
CA VAL F 155 7.07 -50.30 24.48
C VAL F 155 6.78 -50.77 23.03
N ALA F 156 5.61 -50.43 22.46
CA ALA F 156 5.23 -50.71 21.06
C ALA F 156 6.12 -49.91 20.09
N HIS F 157 6.32 -48.60 20.33
CA HIS F 157 7.11 -47.66 19.49
C HIS F 157 8.62 -48.03 19.52
N LYS F 158 9.14 -48.42 20.70
CA LYS F 158 10.58 -48.74 20.91
C LYS F 158 10.95 -50.06 20.22
N LEU F 159 10.08 -51.08 20.33
CA LEU F 159 10.27 -52.45 19.75
C LEU F 159 9.87 -52.48 18.26
N LYS F 160 9.35 -51.36 17.71
CA LYS F 160 8.97 -51.18 16.27
C LYS F 160 7.83 -52.15 15.91
N LYS F 161 6.75 -52.13 16.70
CA LYS F 161 5.56 -53.01 16.55
C LYS F 161 4.27 -52.21 16.78
N SER F 162 3.14 -52.75 16.31
CA SER F 162 1.77 -52.21 16.58
C SER F 162 1.35 -52.57 18.01
N LEU F 163 0.20 -52.04 18.43
CA LEU F 163 -0.39 -52.26 19.79
C LEU F 163 -0.86 -53.73 19.91
N ASP F 164 -1.38 -54.31 18.81
CA ASP F 164 -1.91 -55.71 18.73
C ASP F 164 -0.77 -56.71 19.05
N SER F 165 0.36 -56.61 18.33
CA SER F 165 1.54 -57.53 18.35
C SER F 165 2.09 -57.75 19.77
N ILE F 166 1.95 -56.75 20.66
CA ILE F 166 2.43 -56.78 22.08
C ILE F 166 1.24 -57.04 23.02
N PRO F 167 1.29 -58.11 23.86
CA PRO F 167 0.36 -58.26 24.99
C PRO F 167 0.91 -57.53 26.24
N MET F 168 -0.01 -56.88 26.97
CA MET F 168 0.26 -56.15 28.26
C MET F 168 0.64 -57.16 29.37
N SER F 169 0.17 -58.42 29.31
CA SER F 169 0.45 -59.52 30.29
C SER F 169 1.94 -59.94 30.24
N LYS F 170 2.59 -59.82 29.07
CA LYS F 170 4.04 -60.14 28.89
C LYS F 170 4.93 -59.09 29.56
N THR F 171 6.07 -59.54 30.11
CA THR F 171 7.08 -58.71 30.80
C THR F 171 7.90 -57.93 29.75
N ILE F 172 8.66 -56.91 30.19
CA ILE F 172 9.59 -56.13 29.30
C ILE F 172 10.77 -57.03 28.89
N LYS F 173 11.28 -57.85 29.83
CA LYS F 173 12.42 -58.81 29.64
C LYS F 173 12.06 -59.94 28.65
N ASP F 174 10.79 -60.36 28.62
CA ASP F 174 10.29 -61.42 27.69
C ASP F 174 10.23 -60.88 26.23
N LEU F 175 9.59 -59.70 26.05
CA LEU F 175 9.27 -59.09 24.72
C LEU F 175 10.56 -58.72 23.95
N VAL F 176 11.58 -58.23 24.68
CA VAL F 176 12.93 -57.86 24.16
C VAL F 176 13.62 -59.13 23.60
N GLY F 177 13.60 -60.23 24.37
CA GLY F 177 14.33 -61.49 24.12
C GLY F 177 15.51 -61.64 25.08
N GLY F 178 16.74 -61.44 24.57
CA GLY F 178 18.00 -61.48 25.34
C GLY F 178 18.85 -60.21 25.19
N LYS F 179 18.30 -59.14 24.61
CA LYS F 179 19.01 -57.85 24.32
C LYS F 179 18.90 -56.92 25.53
N SER F 180 20.01 -56.78 26.28
CA SER F 180 20.07 -55.90 27.43
C SER F 180 19.97 -54.42 27.02
N THR F 181 20.57 -54.06 25.87
CA THR F 181 20.58 -52.68 25.38
C THR F 181 19.14 -52.17 25.16
N VAL F 182 18.26 -52.98 24.53
CA VAL F 182 16.82 -52.62 24.26
C VAL F 182 16.05 -52.57 25.60
N GLN F 183 16.34 -53.48 26.54
CA GLN F 183 15.68 -53.60 27.89
C GLN F 183 16.10 -52.40 28.78
N ASN F 184 17.37 -51.97 28.70
CA ASN F 184 17.91 -50.76 29.39
C ASN F 184 17.30 -49.48 28.79
N GLU F 185 17.00 -49.48 27.48
CA GLU F 185 16.49 -48.33 26.68
C GLU F 185 14.96 -48.17 26.87
N ILE F 186 14.24 -49.23 27.28
CA ILE F 186 12.77 -49.17 27.60
C ILE F 186 12.59 -48.67 29.04
N LEU F 187 13.48 -49.05 29.97
CA LEU F 187 13.47 -48.64 31.41
C LEU F 187 14.16 -47.28 31.61
N GLY F 188 14.79 -46.72 30.56
CA GLY F 188 15.22 -45.31 30.48
C GLY F 188 14.11 -44.38 29.97
N ASP F 189 13.13 -44.89 29.20
CA ASP F 189 11.93 -44.15 28.70
C ASP F 189 10.92 -43.97 29.85
N LEU F 190 10.62 -45.04 30.60
CA LEU F 190 9.57 -45.10 31.68
C LEU F 190 10.06 -44.40 32.96
N GLY F 191 11.40 -44.29 33.15
CA GLY F 191 12.04 -43.48 34.19
C GLY F 191 11.98 -41.98 33.92
N LYS F 192 12.00 -41.58 32.64
CA LYS F 192 11.90 -40.17 32.13
C LYS F 192 10.44 -39.72 31.96
N GLU F 193 9.54 -40.68 31.66
CA GLU F 193 8.13 -40.45 31.23
C GLU F 193 7.22 -40.24 32.46
N PHE F 194 7.25 -41.20 33.40
CA PHE F 194 6.40 -41.29 34.62
C PHE F 194 7.16 -40.82 35.89
N GLY F 195 8.51 -40.88 35.88
CA GLY F 195 9.37 -40.56 37.04
C GLY F 195 9.53 -41.76 37.97
N THR F 196 8.40 -42.25 38.50
CA THR F 196 8.20 -43.55 39.21
C THR F 196 8.85 -44.69 38.39
N THR F 197 9.54 -45.61 39.08
CA THR F 197 9.97 -46.95 38.58
C THR F 197 9.93 -47.91 39.77
N PRO F 198 9.09 -49.01 39.74
CA PRO F 198 9.18 -50.06 40.77
C PRO F 198 10.57 -50.72 40.85
N GLU F 199 10.78 -51.58 41.85
CA GLU F 199 12.12 -52.15 42.22
C GLU F 199 12.62 -53.09 41.09
N LYS F 200 11.71 -53.90 40.51
CA LYS F 200 11.98 -54.88 39.42
C LYS F 200 10.86 -54.83 38.36
N PRO F 201 10.87 -53.81 37.45
CA PRO F 201 9.86 -53.70 36.38
C PRO F 201 10.01 -54.73 35.24
N GLU F 202 11.25 -55.19 34.97
CA GLU F 202 11.62 -56.04 33.79
C GLU F 202 10.97 -57.44 33.91
N GLU F 203 10.72 -57.94 35.13
CA GLU F 203 9.98 -59.21 35.42
C GLU F 203 8.47 -58.94 35.66
N THR F 204 8.07 -57.71 36.01
CA THR F 204 6.65 -57.31 36.26
C THR F 204 5.93 -57.15 34.91
N PRO F 205 4.81 -57.88 34.65
CA PRO F 205 3.95 -57.63 33.49
C PRO F 205 3.50 -56.17 33.30
N LEU F 206 3.22 -55.76 32.05
CA LEU F 206 2.80 -54.38 31.66
C LEU F 206 1.36 -54.07 32.16
N GLU F 207 0.53 -55.08 32.47
CA GLU F 207 -0.81 -54.92 33.14
C GLU F 207 -0.61 -54.33 34.56
N GLU F 208 0.35 -54.87 35.32
CA GLU F 208 0.59 -54.59 36.78
C GLU F 208 1.46 -53.32 36.98
N LEU F 209 2.40 -53.06 36.05
CA LEU F 209 3.16 -51.77 35.95
C LEU F 209 2.19 -50.60 35.70
N ALA F 210 1.28 -50.73 34.70
CA ALA F 210 0.28 -49.71 34.30
C ALA F 210 -0.53 -49.21 35.53
N GLU F 211 -0.80 -50.08 36.51
CA GLU F 211 -1.57 -49.80 37.77
C GLU F 211 -0.69 -49.08 38.82
N THR F 212 0.60 -49.42 38.92
CA THR F 212 1.61 -48.82 39.86
C THR F 212 1.96 -47.37 39.45
N PHE F 213 1.96 -47.08 38.14
CA PHE F 213 2.14 -45.72 37.55
C PHE F 213 0.84 -44.90 37.71
N GLN F 214 -0.33 -45.49 37.39
CA GLN F 214 -1.68 -44.83 37.39
C GLN F 214 -2.00 -44.22 38.77
N ASP F 215 -1.59 -44.89 39.87
CA ASP F 215 -1.75 -44.44 41.29
C ASP F 215 -1.08 -43.06 41.49
N THR F 216 0.07 -42.83 40.82
CA THR F 216 0.93 -41.61 40.91
C THR F 216 1.00 -40.86 39.56
N PHE F 217 0.04 -41.08 38.64
CA PHE F 217 0.03 -40.52 37.26
C PHE F 217 -1.14 -39.52 37.09
N SER F 218 -0.78 -38.26 36.76
CA SER F 218 -1.68 -37.06 36.69
C SER F 218 -2.62 -37.12 35.47
N GLY F 219 -2.14 -37.63 34.33
CA GLY F 219 -2.88 -37.67 33.04
C GLY F 219 -2.09 -37.03 31.90
N ALA F 220 -1.09 -36.19 32.22
CA ALA F 220 -0.25 -35.43 31.25
C ALA F 220 0.76 -36.36 30.54
N LEU F 221 1.32 -35.91 29.41
CA LEU F 221 2.12 -36.73 28.46
C LEU F 221 3.61 -36.84 28.87
N GLY F 222 4.09 -36.04 29.85
CA GLY F 222 5.48 -36.06 30.33
C GLY F 222 6.49 -35.58 29.28
N LYS F 223 7.78 -35.93 29.48
CA LYS F 223 8.95 -35.46 28.68
C LYS F 223 9.11 -36.31 27.42
N GLN F 224 9.15 -37.63 27.59
CA GLN F 224 9.57 -38.62 26.55
C GLN F 224 8.52 -38.70 25.43
N SER F 225 7.22 -38.69 25.76
CA SER F 225 6.11 -38.88 24.76
C SER F 225 5.64 -37.54 24.17
N SER F 226 6.08 -36.39 24.71
CA SER F 226 5.92 -35.03 24.12
C SER F 226 7.06 -34.72 23.13
N SER F 227 8.21 -35.39 23.30
CA SER F 227 9.39 -35.37 22.38
C SER F 227 9.13 -36.23 21.13
N LEU F 228 8.26 -37.25 21.22
CA LEU F 228 7.99 -38.24 20.13
C LEU F 228 6.76 -37.82 19.31
N LEU F 229 5.80 -37.07 19.89
CA LEU F 229 4.64 -36.47 19.15
C LEU F 229 5.13 -35.24 18.37
N SER F 230 6.09 -34.48 18.91
CA SER F 230 6.77 -33.34 18.23
C SER F 230 7.51 -33.82 16.97
N ARG F 231 8.10 -35.02 17.01
CA ARG F 231 8.97 -35.62 15.95
C ARG F 231 8.15 -36.44 14.93
N LEU F 232 6.99 -37.00 15.34
CA LEU F 232 5.94 -37.53 14.43
C LEU F 232 5.46 -36.41 13.50
N ILE F 233 5.08 -35.25 14.07
CA ILE F 233 4.46 -34.09 13.36
C ILE F 233 5.53 -33.38 12.49
N SER F 234 6.74 -33.19 13.03
CA SER F 234 7.90 -32.52 12.37
C SER F 234 8.28 -33.27 11.09
N SER F 235 8.33 -34.61 11.15
CA SER F 235 8.95 -35.50 10.14
C SER F 235 7.91 -36.17 9.21
N LYS F 236 6.68 -36.45 9.69
CA LYS F 236 5.67 -37.32 9.00
C LYS F 236 4.36 -36.58 8.69
N MET F 237 4.32 -35.25 8.78
CA MET F 237 3.15 -34.43 8.40
C MET F 237 3.61 -33.35 7.42
N PRO F 238 2.77 -32.95 6.42
CA PRO F 238 3.18 -32.02 5.36
C PRO F 238 3.44 -30.57 5.81
N GLY F 239 3.76 -29.70 4.84
CA GLY F 239 4.03 -28.26 5.02
C GLY F 239 2.82 -27.50 5.54
N GLY F 240 2.97 -26.85 6.72
CA GLY F 240 1.89 -26.11 7.43
C GLY F 240 1.32 -26.91 8.60
N PHE F 241 1.12 -28.22 8.42
CA PHE F 241 0.43 -29.13 9.38
C PHE F 241 1.30 -29.34 10.62
N THR F 242 1.00 -28.60 11.69
CA THR F 242 1.70 -28.59 13.01
C THR F 242 0.89 -29.47 13.98
N ILE F 243 1.37 -29.61 15.24
CA ILE F 243 0.64 -30.27 16.39
C ILE F 243 -0.46 -29.33 16.93
N THR F 244 -0.35 -28.02 16.65
CA THR F 244 -1.42 -27.00 16.86
C THR F 244 -2.61 -27.33 15.95
N VAL F 245 -2.36 -27.55 14.66
CA VAL F 245 -3.37 -27.83 13.58
C VAL F 245 -3.91 -29.27 13.69
N ALA F 246 -3.11 -30.20 14.24
CA ALA F 246 -3.46 -31.64 14.45
C ALA F 246 -4.39 -31.79 15.67
N ARG F 247 -4.23 -30.93 16.69
CA ARG F 247 -5.15 -30.82 17.85
C ARG F 247 -6.43 -30.07 17.46
N LYS F 248 -6.31 -29.06 16.58
CA LYS F 248 -7.42 -28.19 16.11
C LYS F 248 -8.29 -28.92 15.07
N TYR F 249 -7.73 -29.90 14.35
CA TYR F 249 -8.49 -30.79 13.41
C TYR F 249 -9.30 -31.84 14.18
N LEU F 250 -8.84 -32.31 15.34
CA LEU F 250 -9.52 -33.35 16.16
C LEU F 250 -10.62 -32.73 17.03
N GLN F 251 -10.65 -31.40 17.17
CA GLN F 251 -11.63 -30.63 17.99
C GLN F 251 -12.84 -30.19 17.13
N THR F 252 -12.64 -30.01 15.81
CA THR F 252 -13.64 -29.49 14.84
C THR F 252 -14.32 -30.66 14.09
N ARG F 253 -13.53 -31.62 13.57
CA ARG F 253 -13.99 -32.80 12.80
C ARG F 253 -14.70 -33.80 13.73
N TRP F 254 -14.06 -34.18 14.84
CA TRP F 254 -14.50 -35.26 15.77
C TRP F 254 -15.08 -34.72 17.09
N GLY F 255 -14.67 -33.52 17.52
CA GLY F 255 -15.17 -32.86 18.75
C GLY F 255 -14.46 -33.34 20.00
N LEU F 256 -13.19 -33.75 19.88
CA LEU F 256 -12.36 -34.28 21.01
C LEU F 256 -11.66 -33.10 21.72
N PRO F 257 -11.71 -33.02 23.07
CA PRO F 257 -10.93 -32.03 23.83
C PRO F 257 -9.46 -32.46 24.00
N SER F 258 -8.66 -31.69 24.77
CA SER F 258 -7.18 -31.81 24.89
C SER F 258 -6.72 -33.02 25.76
N GLY F 259 -7.64 -33.73 26.43
CA GLY F 259 -7.35 -35.01 27.12
C GLY F 259 -7.43 -36.22 26.19
N ARG F 260 -8.34 -36.21 25.20
CA ARG F 260 -8.56 -37.32 24.22
C ARG F 260 -7.69 -37.11 22.96
N GLN F 261 -7.49 -35.85 22.51
CA GLN F 261 -6.56 -35.44 21.42
C GLN F 261 -5.14 -36.00 21.65
N ASP F 262 -4.69 -36.03 22.92
CA ASP F 262 -3.43 -36.67 23.39
C ASP F 262 -3.44 -38.17 23.02
N GLY F 263 -4.50 -38.88 23.42
CA GLY F 263 -4.67 -40.33 23.20
C GLY F 263 -4.77 -40.70 21.73
N VAL F 264 -5.31 -39.82 20.87
CA VAL F 264 -5.45 -40.02 19.39
C VAL F 264 -4.05 -39.90 18.74
N LEU F 265 -3.22 -38.97 19.23
CA LEU F 265 -1.82 -38.75 18.78
C LEU F 265 -0.89 -39.88 19.29
N LEU F 266 -1.23 -40.56 20.40
CA LEU F 266 -0.46 -41.75 20.93
C LEU F 266 -0.77 -43.02 20.11
N VAL F 267 -1.95 -43.14 19.50
CA VAL F 267 -2.34 -44.25 18.58
C VAL F 267 -1.75 -43.94 17.19
N ALA F 268 -1.50 -42.66 16.88
CA ALA F 268 -0.85 -42.15 15.64
C ALA F 268 0.68 -42.27 15.72
N LEU F 269 1.24 -42.53 16.92
CA LEU F 269 2.69 -42.71 17.18
C LEU F 269 3.07 -44.20 17.08
N SER F 270 2.25 -45.09 17.68
CA SER F 270 2.39 -46.57 17.58
C SER F 270 2.15 -47.03 16.13
N ASN F 271 1.20 -46.38 15.43
CA ASN F 271 0.85 -46.63 14.00
C ASN F 271 1.32 -45.43 13.15
N GLU F 272 2.61 -45.07 13.33
CA GLU F 272 3.37 -44.00 12.59
C GLU F 272 3.43 -44.36 11.11
N PRO F 273 3.24 -43.39 10.16
CA PRO F 273 3.45 -43.66 8.72
C PRO F 273 4.93 -43.83 8.36
N ALA F 274 5.19 -44.54 7.25
CA ALA F 274 6.54 -44.98 6.80
C ALA F 274 7.35 -43.77 6.28
N ALA F 275 6.72 -42.90 5.48
CA ALA F 275 7.30 -41.67 4.91
C ALA F 275 6.40 -40.45 5.17
N ARG F 276 6.93 -39.25 4.87
CA ARG F 276 6.23 -37.94 4.87
C ARG F 276 4.89 -38.10 4.12
N LEU F 277 3.77 -37.80 4.80
CA LEU F 277 2.43 -37.69 4.15
C LEU F 277 2.46 -36.48 3.21
N GLY F 278 2.09 -36.68 1.93
CA GLY F 278 2.25 -35.70 0.84
C GLY F 278 1.37 -34.47 0.99
N SER F 279 0.05 -34.67 1.02
CA SER F 279 -1.00 -33.60 1.03
C SER F 279 -1.58 -33.43 2.44
N GLU F 280 -2.30 -32.31 2.68
CA GLU F 280 -3.06 -32.01 3.93
C GLU F 280 -4.26 -32.97 4.04
N ALA F 281 -4.77 -33.45 2.89
CA ALA F 281 -5.87 -34.45 2.76
C ALA F 281 -5.43 -35.85 3.26
N ASP F 282 -4.15 -36.22 3.06
CA ASP F 282 -3.53 -37.49 3.56
C ASP F 282 -3.31 -37.43 5.08
N ALA F 283 -2.87 -36.27 5.60
CA ALA F 283 -2.64 -35.98 7.03
C ALA F 283 -3.96 -36.06 7.81
N LYS F 284 -5.09 -35.71 7.17
CA LYS F 284 -6.46 -35.75 7.76
C LYS F 284 -7.01 -37.18 7.69
N ALA F 285 -6.95 -37.82 6.52
CA ALA F 285 -7.30 -39.25 6.28
C ALA F 285 -6.61 -40.15 7.32
N PHE F 286 -5.33 -39.86 7.60
CA PHE F 286 -4.49 -40.52 8.64
C PHE F 286 -5.13 -40.34 10.04
N LEU F 287 -5.38 -39.10 10.49
CA LEU F 287 -5.90 -38.80 11.88
C LEU F 287 -7.36 -39.28 12.04
N ASP F 288 -8.14 -39.29 10.94
CA ASP F 288 -9.52 -39.88 10.89
C ASP F 288 -9.44 -41.39 11.19
N SER F 289 -8.43 -42.09 10.67
CA SER F 289 -8.16 -43.53 10.96
C SER F 289 -7.77 -43.72 12.43
N MET F 290 -6.86 -42.87 12.96
CA MET F 290 -6.28 -42.98 14.34
C MET F 290 -7.29 -42.48 15.40
N ALA F 291 -8.28 -41.66 15.01
CA ALA F 291 -9.41 -41.20 15.88
C ALA F 291 -10.44 -42.32 16.05
N GLN F 292 -10.62 -43.17 15.03
CA GLN F 292 -11.51 -44.38 15.05
C GLN F 292 -10.79 -45.62 15.63
N LYS F 293 -9.45 -45.57 15.80
CA LYS F 293 -8.65 -46.64 16.49
C LYS F 293 -8.49 -46.32 17.99
N TYR F 294 -8.56 -45.04 18.36
CA TYR F 294 -8.68 -44.56 19.78
C TYR F 294 -10.05 -44.95 20.35
N ALA F 295 -11.11 -44.70 19.55
CA ALA F 295 -12.52 -45.13 19.75
C ALA F 295 -12.63 -46.61 20.17
N SER F 296 -11.90 -47.51 19.48
CA SER F 296 -11.90 -48.99 19.71
C SER F 296 -11.29 -49.34 21.07
N ILE F 297 -10.16 -48.71 21.43
CA ILE F 297 -9.33 -49.02 22.63
C ILE F 297 -10.05 -48.51 23.91
N VAL F 298 -10.57 -47.28 23.89
CA VAL F 298 -11.20 -46.60 25.08
C VAL F 298 -12.71 -46.90 25.14
N GLY F 299 -13.39 -47.06 23.99
CA GLY F 299 -14.85 -47.32 23.89
C GLY F 299 -15.65 -46.02 23.79
N VAL F 300 -15.37 -45.20 22.75
CA VAL F 300 -16.06 -43.92 22.41
C VAL F 300 -16.67 -44.07 21.00
N ASP F 301 -17.99 -43.86 20.85
CA ASP F 301 -18.74 -44.00 19.57
C ASP F 301 -19.38 -42.64 19.21
N LEU F 302 -19.33 -42.29 17.90
CA LEU F 302 -19.76 -41.01 17.28
C LEU F 302 -21.11 -41.24 16.56
N LEU F 328 -16.91 -19.62 6.30
CA LEU F 328 -17.70 -18.42 6.73
C LEU F 328 -16.74 -17.24 7.06
N GLU F 329 -15.67 -17.48 7.84
CA GLU F 329 -14.73 -16.45 8.39
C GLU F 329 -13.26 -16.88 8.20
N GLU F 330 -12.98 -17.56 7.08
CA GLU F 330 -11.61 -17.90 6.59
C GLU F 330 -11.25 -16.94 5.44
N ILE F 331 -12.07 -15.92 5.22
CA ILE F 331 -11.88 -14.84 4.21
C ILE F 331 -11.30 -13.59 4.91
N THR F 332 -11.84 -13.24 6.09
CA THR F 332 -11.31 -12.18 6.98
C THR F 332 -9.87 -12.54 7.39
N LYS F 333 -9.58 -13.83 7.56
CA LYS F 333 -8.21 -14.37 7.80
C LYS F 333 -7.26 -14.00 6.66
N ASP F 334 -7.68 -14.28 5.43
CA ASP F 334 -6.80 -14.23 4.22
C ASP F 334 -6.45 -12.77 3.88
N HIS F 335 -7.29 -11.84 4.28
CA HIS F 335 -6.96 -10.40 4.24
C HIS F 335 -5.86 -10.13 5.27
N LYS F 336 -6.12 -10.44 6.54
CA LYS F 336 -5.22 -10.12 7.68
C LYS F 336 -3.84 -10.73 7.45
N VAL F 337 -3.75 -11.86 6.78
CA VAL F 337 -2.47 -12.44 6.26
C VAL F 337 -1.77 -11.38 5.41
N LEU F 338 -2.47 -10.83 4.40
CA LEU F 338 -1.93 -9.82 3.45
C LEU F 338 -1.42 -8.59 4.20
N ALA F 339 -2.24 -8.06 5.12
CA ALA F 339 -1.88 -6.87 5.91
C ALA F 339 -0.62 -7.16 6.74
N ARG F 340 -0.58 -8.31 7.41
CA ARG F 340 0.57 -8.82 8.20
C ARG F 340 1.83 -8.76 7.31
N GLN F 341 1.77 -9.36 6.12
CA GLN F 341 2.91 -9.46 5.18
C GLN F 341 3.34 -8.07 4.71
N GLN F 342 2.37 -7.23 4.33
CA GLN F 342 2.58 -5.81 3.94
C GLN F 342 3.29 -5.03 5.06
N LEU F 343 2.86 -5.23 6.32
CA LEU F 343 3.50 -4.61 7.51
C LEU F 343 4.97 -5.02 7.56
N GLN F 344 5.24 -6.34 7.51
CA GLN F 344 6.60 -6.90 7.58
C GLN F 344 7.51 -6.17 6.60
N VAL F 345 7.07 -5.90 5.36
CA VAL F 345 7.99 -5.37 4.31
C VAL F 345 8.26 -3.90 4.61
N LEU F 346 7.27 -3.16 5.08
CA LEU F 346 7.46 -1.74 5.48
C LEU F 346 8.46 -1.64 6.63
N ALA F 347 8.34 -2.53 7.64
CA ALA F 347 9.28 -2.66 8.76
C ALA F 347 10.71 -2.87 8.23
N ARG F 348 10.87 -3.87 7.36
CA ARG F 348 12.17 -4.26 6.77
C ARG F 348 12.74 -3.06 6.02
N TYR F 349 11.91 -2.25 5.40
CA TYR F 349 12.31 -1.02 4.67
C TYR F 349 12.77 0.05 5.65
N LEU F 350 12.12 0.15 6.81
CA LEU F 350 12.38 1.17 7.85
C LEU F 350 13.53 0.78 8.79
N LYS F 351 14.22 -0.36 8.55
CA LYS F 351 15.26 -0.96 9.44
C LYS F 351 14.72 -0.99 10.86
N MET F 352 13.50 -1.51 11.00
CA MET F 352 12.72 -1.49 12.24
C MET F 352 12.56 -2.93 12.71
N ASP F 353 12.63 -3.15 14.02
CA ASP F 353 12.79 -4.47 14.63
C ASP F 353 11.61 -4.71 15.58
N LEU F 354 10.57 -5.39 15.12
CA LEU F 354 9.29 -5.53 15.85
C LEU F 354 9.39 -6.55 17.01
N ASP F 355 10.58 -7.08 17.30
CA ASP F 355 10.83 -8.09 18.36
C ASP F 355 11.80 -7.51 19.40
N ASN F 356 12.70 -6.63 18.99
CA ASN F 356 13.66 -5.91 19.89
C ASN F 356 13.06 -5.72 21.28
N GLY F 357 11.81 -5.26 21.38
CA GLY F 357 11.10 -5.08 22.66
C GLY F 357 11.02 -6.37 23.44
N GLU F 358 10.34 -7.39 22.88
CA GLU F 358 10.14 -8.73 23.51
C GLU F 358 11.48 -9.43 23.78
N ARG F 359 12.51 -9.24 22.96
CA ARG F 359 13.84 -9.86 23.18
C ARG F 359 14.43 -9.34 24.49
N LYS F 360 14.62 -8.03 24.57
CA LYS F 360 15.15 -7.33 25.78
C LYS F 360 14.36 -7.74 27.02
N PHE F 361 13.05 -7.92 26.88
CA PHE F 361 12.15 -8.31 28.00
C PHE F 361 12.56 -9.68 28.51
N LEU F 362 12.57 -10.68 27.62
CA LEU F 362 12.89 -12.08 27.97
C LEU F 362 14.25 -12.15 28.67
N LYS F 363 15.20 -11.36 28.21
CA LYS F 363 16.57 -11.28 28.75
C LYS F 363 16.55 -10.65 30.16
N GLU F 364 15.66 -9.68 30.47
CA GLU F 364 15.46 -9.11 31.84
C GLU F 364 14.68 -10.08 32.73
N LYS F 365 13.71 -10.82 32.20
CA LYS F 365 12.93 -11.79 33.01
C LYS F 365 13.89 -12.85 33.59
N ASP F 366 14.98 -13.15 32.88
CA ASP F 366 16.06 -14.08 33.30
C ASP F 366 16.87 -13.49 34.46
N THR F 367 17.32 -12.24 34.34
CA THR F 367 18.08 -11.54 35.42
C THR F 367 17.24 -11.38 36.69
N VAL F 368 15.92 -11.40 36.60
CA VAL F 368 15.01 -11.32 37.77
C VAL F 368 15.02 -12.68 38.45
N ALA F 369 14.68 -13.73 37.72
CA ALA F 369 14.67 -15.12 38.21
C ALA F 369 15.99 -15.40 38.92
N GLU F 370 17.09 -14.90 38.35
CA GLU F 370 18.47 -15.09 38.85
C GLU F 370 18.62 -14.40 40.20
N LEU F 371 18.22 -13.13 40.33
CA LEU F 371 18.29 -12.33 41.58
C LEU F 371 17.27 -12.83 42.58
N GLN F 372 16.11 -13.30 42.14
CA GLN F 372 15.09 -13.87 43.06
C GLN F 372 15.62 -15.18 43.64
N ALA F 373 16.49 -15.90 42.93
CA ALA F 373 17.10 -17.17 43.39
C ALA F 373 18.09 -16.84 44.50
N GLN F 374 18.94 -15.84 44.27
CA GLN F 374 19.95 -15.36 45.23
C GLN F 374 19.32 -14.88 46.52
N LEU F 375 18.13 -14.32 46.43
CA LEU F 375 17.44 -13.63 47.55
C LEU F 375 16.57 -14.62 48.30
N ASP F 376 16.03 -15.61 47.59
CA ASP F 376 15.28 -16.74 48.17
C ASP F 376 16.26 -17.62 48.92
N TYR F 377 17.50 -17.73 48.43
CA TYR F 377 18.58 -18.52 49.08
C TYR F 377 18.86 -17.96 50.47
N LEU F 378 19.15 -16.66 50.55
CA LEU F 378 19.50 -15.96 51.81
C LEU F 378 18.32 -16.03 52.79
N ASN F 379 17.06 -16.01 52.36
CA ASN F 379 15.94 -16.23 53.29
C ASN F 379 16.01 -17.66 53.82
N ALA F 380 16.40 -18.64 53.01
CA ALA F 380 16.54 -20.06 53.43
C ALA F 380 17.57 -20.17 54.57
N GLU F 381 18.74 -19.55 54.36
CA GLU F 381 19.90 -19.56 55.26
C GLU F 381 19.68 -18.78 56.55
N LEU F 382 19.20 -17.54 56.47
CA LEU F 382 19.12 -16.67 57.67
C LEU F 382 17.72 -16.76 58.29
N GLY F 383 16.72 -16.97 57.44
CA GLY F 383 15.34 -17.05 57.89
C GLY F 383 14.63 -15.76 57.61
N GLU F 384 13.30 -15.80 57.54
CA GLU F 384 12.46 -14.61 57.36
C GLU F 384 12.78 -13.65 58.50
N PHE F 385 12.78 -14.15 59.74
CA PHE F 385 12.77 -13.30 60.96
C PHE F 385 13.97 -12.37 60.99
N PHE F 386 15.12 -12.85 60.56
CA PHE F 386 16.43 -12.16 60.57
C PHE F 386 16.54 -11.19 59.40
N VAL F 387 15.96 -11.50 58.24
CA VAL F 387 16.04 -10.62 57.03
C VAL F 387 15.09 -9.41 57.21
N ASN F 388 13.89 -9.63 57.74
CA ASN F 388 12.95 -8.55 58.13
C ASN F 388 13.51 -7.77 59.33
N GLY F 389 14.04 -8.49 60.32
CA GLY F 389 14.58 -7.97 61.59
C GLY F 389 15.66 -6.92 61.36
N VAL F 390 16.39 -7.02 60.26
CA VAL F 390 17.72 -6.38 60.06
C VAL F 390 17.52 -5.10 59.25
N ALA F 391 16.28 -4.65 59.10
CA ALA F 391 15.90 -3.42 58.39
C ALA F 391 16.38 -2.20 59.16
N THR F 392 16.77 -1.15 58.46
CA THR F 392 17.27 0.13 59.04
C THR F 392 16.06 0.93 59.52
N SER F 393 16.07 1.34 60.79
CA SER F 393 15.06 2.20 61.46
C SER F 393 15.58 3.63 61.60
N PHE F 394 16.89 3.80 61.87
CA PHE F 394 17.51 5.10 62.24
C PHE F 394 17.62 6.04 61.04
N SER F 395 17.13 7.27 61.23
CA SER F 395 17.47 8.49 60.45
C SER F 395 17.88 9.59 61.43
N ARG F 396 18.70 10.54 61.00
CA ARG F 396 19.08 11.70 61.82
C ARG F 396 17.91 12.67 61.92
N LYS F 397 17.12 12.74 60.85
CA LYS F 397 16.02 13.69 60.75
C LYS F 397 14.89 13.23 61.67
N LYS F 398 14.89 11.98 62.11
CA LYS F 398 13.88 11.51 63.08
C LYS F 398 14.33 11.77 64.52
N ALA F 399 15.51 12.30 64.77
CA ALA F 399 15.96 12.50 66.16
C ALA F 399 15.20 13.65 66.83
N ARG F 400 14.58 13.42 68.00
CA ARG F 400 13.78 14.40 68.80
C ARG F 400 14.56 14.86 70.03
N THR F 401 15.02 16.11 70.06
CA THR F 401 15.70 16.65 71.25
C THR F 401 14.65 17.25 72.19
N PHE F 402 14.76 16.93 73.50
CA PHE F 402 14.01 17.56 74.61
C PHE F 402 15.04 18.22 75.50
N ASP F 403 14.99 19.56 75.65
CA ASP F 403 15.91 20.36 76.49
C ASP F 403 15.27 21.54 77.23
N SER F 404 13.96 21.73 77.30
CA SER F 404 13.38 23.02 77.79
C SER F 404 12.91 22.91 79.24
N SER F 405 13.82 22.55 80.14
CA SER F 405 13.57 22.36 81.58
C SER F 405 13.23 23.69 82.25
N TRP F 406 13.77 24.80 81.75
CA TRP F 406 13.41 26.15 82.24
C TRP F 406 11.89 26.39 82.24
N ASN F 407 11.18 25.92 81.23
CA ASN F 407 9.70 26.02 81.12
C ASN F 407 9.00 24.97 81.97
N TRP F 408 9.58 23.79 82.13
CA TRP F 408 8.91 22.61 82.73
C TRP F 408 9.01 22.68 84.24
N ALA F 409 9.91 23.51 84.75
CA ALA F 409 10.03 23.81 86.19
C ALA F 409 8.80 24.61 86.63
N LYS F 410 8.47 25.66 85.89
CA LYS F 410 7.33 26.54 86.22
C LYS F 410 6.03 25.75 86.08
N GLN F 411 5.92 24.84 85.12
CA GLN F 411 4.65 24.08 84.89
C GLN F 411 4.47 23.10 86.03
N SER F 412 5.56 22.53 86.50
CA SER F 412 5.58 21.44 87.50
C SER F 412 5.20 22.00 88.85
N LEU F 413 5.57 23.26 89.08
CA LEU F 413 5.38 23.96 90.37
C LEU F 413 3.92 24.39 90.50
N LEU F 414 3.35 24.90 89.42
CA LEU F 414 1.92 25.26 89.34
C LEU F 414 1.05 23.99 89.44
N SER F 415 1.40 22.92 88.73
CA SER F 415 0.71 21.62 88.84
C SER F 415 0.71 21.07 90.27
N LEU F 416 1.77 21.30 91.03
CA LEU F 416 1.88 20.85 92.45
C LEU F 416 1.00 21.76 93.29
N TYR F 417 1.05 23.07 93.04
CA TYR F 417 0.30 24.12 93.79
C TYR F 417 -1.21 23.81 93.79
N PHE F 418 -1.81 23.65 92.62
CA PHE F 418 -3.24 23.33 92.50
C PHE F 418 -3.57 21.91 92.97
N GLU F 419 -2.71 20.91 92.78
CA GLU F 419 -2.91 19.55 93.37
C GLU F 419 -3.04 19.62 94.91
N ILE F 420 -2.28 20.47 95.56
CA ILE F 420 -2.32 20.62 97.04
C ILE F 420 -3.57 21.43 97.44
N ILE F 421 -3.97 22.41 96.63
CA ILE F 421 -5.15 23.28 96.91
C ILE F 421 -6.44 22.51 96.71
N HIS F 422 -6.50 21.58 95.76
CA HIS F 422 -7.69 20.73 95.50
C HIS F 422 -7.60 19.42 96.29
N GLY F 423 -6.67 19.32 97.24
CA GLY F 423 -6.50 18.13 98.11
C GLY F 423 -6.39 16.82 97.35
N VAL F 424 -5.60 16.79 96.27
CA VAL F 424 -5.21 15.55 95.52
C VAL F 424 -3.94 14.96 96.17
N LEU F 425 -2.97 15.82 96.47
CA LEU F 425 -1.80 15.54 97.34
C LEU F 425 -2.03 16.17 98.71
N LYS F 426 -1.89 15.37 99.79
CA LYS F 426 -1.94 15.80 101.21
C LYS F 426 -0.51 15.95 101.76
N ASN F 427 -0.35 16.41 103.00
CA ASN F 427 0.96 16.62 103.67
C ASN F 427 1.63 15.29 104.03
N VAL F 428 0.91 14.15 103.87
CA VAL F 428 1.40 12.78 104.20
C VAL F 428 2.00 12.11 102.94
N ASP F 429 1.52 12.46 101.75
CA ASP F 429 1.92 11.87 100.44
C ASP F 429 3.42 12.11 100.21
N ARG F 430 4.12 11.14 99.64
CA ARG F 430 5.57 11.24 99.33
C ARG F 430 5.75 11.94 97.99
N GLU F 431 4.70 11.97 97.18
CA GLU F 431 4.77 12.59 95.82
C GLU F 431 5.08 14.09 95.98
N VAL F 432 4.58 14.75 97.03
CA VAL F 432 4.90 16.19 97.28
C VAL F 432 6.42 16.35 97.57
N VAL F 433 7.09 15.36 98.14
CA VAL F 433 8.58 15.39 98.33
C VAL F 433 9.27 15.15 96.98
N SER F 434 9.05 13.98 96.38
CA SER F 434 9.49 13.59 95.01
C SER F 434 9.42 14.78 94.06
N GLU F 435 8.28 15.50 94.07
CA GLU F 435 7.97 16.63 93.16
C GLU F 435 8.83 17.81 93.58
N ALA F 436 9.02 18.04 94.89
CA ALA F 436 9.85 19.14 95.43
C ALA F 436 11.27 18.99 94.91
N ILE F 437 11.83 17.79 95.01
CA ILE F 437 13.21 17.45 94.53
C ILE F 437 13.37 17.92 93.09
N ASN F 438 12.41 17.61 92.24
CA ASN F 438 12.45 17.91 90.78
C ASN F 438 12.33 19.42 90.51
N ILE F 439 11.77 20.19 91.42
CA ILE F 439 11.67 21.68 91.31
C ILE F 439 12.98 22.29 91.84
N MET F 440 13.64 21.66 92.81
CA MET F 440 14.97 22.10 93.31
C MET F 440 16.02 21.81 92.23
N ASN F 441 15.93 20.63 91.67
CA ASN F 441 16.84 20.15 90.62
C ASN F 441 16.77 21.07 89.40
N ARG F 442 15.70 21.86 89.23
CA ARG F 442 15.59 22.83 88.11
C ARG F 442 15.64 24.27 88.60
N SER F 443 16.15 24.52 89.82
CA SER F 443 16.10 25.86 90.46
C SER F 443 16.91 26.85 89.65
N ASN F 444 16.28 27.98 89.26
CA ASN F 444 16.97 29.17 88.71
C ASN F 444 16.22 30.43 89.15
N ASP F 445 16.81 31.61 88.94
CA ASP F 445 16.29 32.92 89.42
C ASP F 445 14.82 33.10 89.01
N ALA F 446 14.46 32.79 87.76
CA ALA F 446 13.10 32.94 87.19
C ALA F 446 12.10 32.13 87.99
N LEU F 447 12.50 30.93 88.38
CA LEU F 447 11.67 29.92 89.07
C LEU F 447 11.48 30.35 90.52
N ILE F 448 12.37 31.16 91.07
CA ILE F 448 12.18 31.69 92.45
C ILE F 448 11.30 32.95 92.44
N LYS F 449 11.49 33.85 91.48
CA LYS F 449 10.57 34.97 91.26
C LYS F 449 9.18 34.37 91.08
N PHE F 450 9.07 33.24 90.40
CA PHE F 450 7.77 32.60 90.07
C PHE F 450 7.14 32.01 91.33
N MET F 451 7.89 31.21 92.06
CA MET F 451 7.39 30.57 93.29
C MET F 451 7.07 31.64 94.32
N GLU F 452 7.81 32.76 94.35
CA GLU F 452 7.60 33.84 95.35
C GLU F 452 6.22 34.47 95.14
N TYR F 453 5.88 34.84 93.92
CA TYR F 453 4.56 35.43 93.59
C TYR F 453 3.43 34.46 93.87
N HIS F 454 3.54 33.19 93.49
CA HIS F 454 2.42 32.21 93.60
C HIS F 454 2.15 31.84 95.06
N ILE F 455 3.15 31.99 95.93
CA ILE F 455 3.11 31.50 97.34
C ILE F 455 2.95 32.69 98.26
N SER F 456 3.31 33.90 97.85
CA SER F 456 3.15 35.13 98.66
C SER F 456 1.86 35.86 98.30
N ASN F 457 0.99 35.25 97.49
CA ASN F 457 -0.34 35.78 97.11
C ASN F 457 -1.38 34.65 97.20
N THR F 458 -1.21 33.69 98.12
CA THR F 458 -2.31 32.78 98.52
C THR F 458 -2.84 33.29 99.86
N ASP F 459 -4.17 33.47 99.93
CA ASP F 459 -4.92 33.87 101.14
C ASP F 459 -5.12 32.59 101.97
N GLU F 460 -4.37 32.45 103.06
CA GLU F 460 -4.38 31.25 103.93
C GLU F 460 -5.71 31.13 104.68
N THR F 461 -6.48 32.22 104.75
CA THR F 461 -7.82 32.30 105.39
C THR F 461 -8.81 31.42 104.60
N LYS F 462 -8.59 31.31 103.30
CA LYS F 462 -9.53 30.76 102.27
C LYS F 462 -9.80 29.26 102.48
N GLY F 463 -8.98 28.57 103.28
CA GLY F 463 -9.17 27.14 103.60
C GLY F 463 -7.90 26.49 104.12
N GLU F 464 -8.03 25.30 104.71
CA GLU F 464 -6.92 24.54 105.36
C GLU F 464 -5.85 24.19 104.31
N ASN F 465 -6.28 23.84 103.09
CA ASN F 465 -5.40 23.48 101.94
C ASN F 465 -4.66 24.71 101.39
N TYR F 466 -5.16 25.93 101.63
CA TYR F 466 -4.44 27.17 101.30
C TYR F 466 -3.38 27.47 102.37
N GLN F 467 -3.56 26.98 103.61
CA GLN F 467 -2.52 27.11 104.65
C GLN F 467 -1.38 26.16 104.32
N LEU F 468 -1.72 24.94 103.87
CA LEU F 468 -0.74 23.87 103.59
C LEU F 468 0.22 24.32 102.50
N VAL F 469 -0.30 24.90 101.43
CA VAL F 469 0.47 25.22 100.20
C VAL F 469 1.37 26.40 100.49
N LYS F 470 0.96 27.29 101.39
CA LYS F 470 1.73 28.50 101.74
C LYS F 470 2.88 28.07 102.67
N THR F 471 2.66 27.11 103.57
CA THR F 471 3.68 26.59 104.52
C THR F 471 4.74 25.79 103.73
N LEU F 472 4.28 24.78 102.98
CA LEU F 472 5.07 23.98 102.02
C LEU F 472 5.84 24.93 101.12
N GLY F 473 5.14 25.85 100.45
CA GLY F 473 5.70 26.80 99.49
C GLY F 473 6.87 27.58 100.05
N GLU F 474 6.65 28.31 101.15
CA GLU F 474 7.68 29.14 101.80
C GLU F 474 8.95 28.32 101.97
N GLN F 475 8.82 27.05 102.39
CA GLN F 475 9.96 26.11 102.59
C GLN F 475 10.68 25.83 101.25
N LEU F 476 9.94 25.35 100.27
CA LEU F 476 10.37 25.04 98.87
C LEU F 476 11.09 26.24 98.22
N ILE F 477 10.71 27.47 98.55
CA ILE F 477 11.44 28.72 98.16
C ILE F 477 12.77 28.80 98.89
N GLU F 478 12.77 28.51 100.19
CA GLU F 478 14.00 28.61 101.04
C GLU F 478 15.02 27.58 100.56
N ASN F 479 14.56 26.35 100.26
CA ASN F 479 15.37 25.25 99.64
C ASN F 479 15.90 25.71 98.29
N CYS F 480 15.03 26.01 97.35
CA CYS F 480 15.37 26.40 95.95
C CYS F 480 16.47 27.46 95.93
N LYS F 481 16.47 28.42 96.87
CA LYS F 481 17.49 29.49 96.98
C LYS F 481 18.84 28.91 97.48
N GLN F 482 18.84 28.00 98.46
CA GLN F 482 20.06 27.32 98.99
C GLN F 482 20.83 26.55 97.90
N VAL F 483 20.12 26.07 96.90
CA VAL F 483 20.54 25.05 95.90
C VAL F 483 20.71 25.70 94.52
N LEU F 484 20.15 26.88 94.31
CA LEU F 484 20.57 27.73 93.17
C LEU F 484 22.10 27.67 93.11
N ASP F 485 22.70 27.41 91.95
CA ASP F 485 24.19 27.37 91.78
C ASP F 485 24.80 26.17 92.52
N VAL F 486 24.10 25.02 92.52
CA VAL F 486 24.53 23.72 93.11
C VAL F 486 24.01 22.62 92.20
N ASP F 487 24.81 21.60 91.93
CA ASP F 487 24.52 20.64 90.85
C ASP F 487 23.37 19.77 91.31
N PRO F 488 22.47 19.41 90.38
CA PRO F 488 21.28 18.65 90.70
C PRO F 488 21.61 17.19 90.89
N VAL F 489 20.66 16.45 91.43
CA VAL F 489 20.92 15.15 92.08
C VAL F 489 19.83 14.11 91.75
N TYR F 490 20.21 12.92 91.30
CA TYR F 490 19.38 11.70 91.48
C TYR F 490 19.22 11.47 92.98
N LYS F 491 18.03 11.65 93.52
CA LYS F 491 17.67 11.18 94.89
C LYS F 491 16.28 10.54 94.83
N ASP F 492 16.22 9.21 94.76
CA ASP F 492 14.94 8.47 94.82
C ASP F 492 14.45 8.50 96.27
N VAL F 493 13.16 8.75 96.46
CA VAL F 493 12.53 8.99 97.78
C VAL F 493 11.23 8.19 97.88
N ALA F 494 10.99 7.29 96.92
CA ALA F 494 9.78 6.45 96.79
C ALA F 494 9.79 5.39 97.89
N LYS F 495 8.62 4.88 98.29
CA LYS F 495 8.50 3.84 99.34
C LYS F 495 8.91 2.50 98.72
N PRO F 496 10.02 1.88 99.18
CA PRO F 496 10.46 0.61 98.62
C PRO F 496 9.52 -0.54 99.00
N THR F 497 9.01 -1.21 97.97
CA THR F 497 7.96 -2.26 98.05
C THR F 497 8.62 -3.63 98.05
N GLY F 498 7.92 -4.62 98.58
CA GLY F 498 8.23 -6.05 98.48
C GLY F 498 7.14 -6.73 97.65
N PRO F 499 7.30 -8.01 97.24
CA PRO F 499 6.22 -8.76 96.60
C PRO F 499 5.33 -9.50 97.62
N LYS F 500 4.06 -9.65 97.26
CA LYS F 500 3.01 -10.34 98.06
C LYS F 500 2.13 -11.15 97.10
N THR F 501 2.09 -12.48 97.26
CA THR F 501 1.18 -13.38 96.53
C THR F 501 0.08 -13.83 97.49
N ALA F 502 -1.18 -13.65 97.07
CA ALA F 502 -2.40 -14.07 97.80
C ALA F 502 -3.25 -14.95 96.87
N ILE F 503 -3.81 -16.02 97.42
CA ILE F 503 -4.85 -16.88 96.78
C ILE F 503 -6.10 -16.78 97.67
N ASP F 504 -7.22 -16.30 97.11
CA ASP F 504 -8.49 -16.09 97.87
C ASP F 504 -9.13 -17.46 98.20
N LYS F 505 -10.40 -17.44 98.64
CA LYS F 505 -11.22 -18.65 98.93
C LYS F 505 -11.51 -19.42 97.63
N ASN F 506 -11.82 -18.70 96.55
CA ASN F 506 -12.27 -19.25 95.24
C ASN F 506 -11.09 -19.58 94.32
N GLY F 507 -9.84 -19.44 94.79
CA GLY F 507 -8.60 -19.80 94.08
C GLY F 507 -8.28 -18.86 92.91
N ASN F 508 -8.40 -17.55 93.11
CA ASN F 508 -7.86 -16.48 92.25
C ASN F 508 -6.51 -16.00 92.81
N ILE F 509 -5.46 -16.01 92.00
CA ILE F 509 -4.08 -15.60 92.38
C ILE F 509 -3.99 -14.09 92.18
N THR F 510 -3.75 -13.34 93.26
CA THR F 510 -3.53 -11.87 93.28
C THR F 510 -2.05 -11.58 93.55
N TYR F 511 -1.46 -10.69 92.75
CA TYR F 511 -0.12 -10.11 92.98
C TYR F 511 -0.22 -8.62 93.32
N SER F 512 0.44 -8.19 94.40
CA SER F 512 0.49 -6.78 94.87
C SER F 512 1.86 -6.49 95.51
N GLU F 513 2.60 -5.52 94.99
CA GLU F 513 3.83 -5.00 95.65
C GLU F 513 3.38 -4.29 96.94
N GLU F 514 4.08 -4.55 98.05
CA GLU F 514 3.56 -4.31 99.42
C GLU F 514 4.64 -3.66 100.31
N PRO F 515 4.49 -2.37 100.70
CA PRO F 515 5.34 -1.77 101.73
C PRO F 515 5.95 -2.74 102.75
N ARG F 516 7.28 -2.80 102.75
CA ARG F 516 8.10 -3.72 103.58
C ARG F 516 8.09 -3.27 105.04
N GLU F 517 8.38 -4.20 105.96
CA GLU F 517 8.70 -3.88 107.37
C GLU F 517 10.18 -3.48 107.44
N LYS F 518 10.50 -2.40 108.15
CA LYS F 518 11.89 -1.98 108.53
C LYS F 518 12.68 -1.44 107.33
N VAL F 519 12.04 -1.23 106.16
CA VAL F 519 12.68 -0.61 104.96
C VAL F 519 11.66 0.36 104.34
N ARG F 520 11.62 1.61 104.83
CA ARG F 520 10.60 2.62 104.46
C ARG F 520 11.31 3.88 103.93
N LYS F 521 12.43 3.68 103.22
CA LYS F 521 13.45 4.70 102.85
C LYS F 521 14.55 3.96 102.08
N LEU F 522 15.40 4.62 101.31
CA LEU F 522 16.48 3.93 100.54
C LEU F 522 17.74 3.81 101.40
N SER F 523 17.94 4.73 102.35
CA SER F 523 18.97 4.62 103.39
C SER F 523 18.92 3.20 103.95
N GLN F 524 17.72 2.78 104.39
CA GLN F 524 17.46 1.48 105.07
C GLN F 524 17.77 0.32 104.14
N TYR F 525 17.27 0.39 102.91
CA TYR F 525 17.55 -0.55 101.82
C TYR F 525 19.06 -0.79 101.70
N VAL F 526 19.95 0.20 101.89
CA VAL F 526 21.43 -0.04 101.73
C VAL F 526 21.98 -0.82 102.94
N GLN F 527 21.57 -0.48 104.18
CA GLN F 527 21.86 -1.29 105.41
C GLN F 527 21.46 -2.74 105.17
N GLU F 528 20.18 -3.00 104.85
CA GLU F 528 19.63 -4.36 104.61
C GLU F 528 20.49 -5.11 103.60
N MET F 529 20.94 -4.42 102.55
CA MET F 529 21.75 -4.99 101.46
C MET F 529 23.15 -5.31 101.99
N ALA F 530 23.67 -4.47 102.89
CA ALA F 530 25.04 -4.61 103.45
C ALA F 530 25.10 -5.82 104.39
N LEU F 531 24.14 -5.98 105.31
CA LEU F 531 24.06 -7.10 106.30
C LEU F 531 23.97 -8.47 105.63
N GLY F 532 23.43 -8.56 104.42
CA GLY F 532 23.24 -9.82 103.70
C GLY F 532 22.09 -10.60 104.30
N GLY F 533 22.39 -11.75 104.91
CA GLY F 533 21.38 -12.66 105.48
C GLY F 533 22.00 -13.91 106.07
N PRO F 534 21.18 -14.87 106.54
CA PRO F 534 21.69 -16.15 107.05
C PRO F 534 22.33 -17.05 105.97
N ILE F 535 21.92 -16.93 104.71
CA ILE F 535 22.32 -17.84 103.59
C ILE F 535 23.58 -17.30 102.90
N THR F 536 23.72 -15.96 102.84
CA THR F 536 24.89 -15.21 102.29
C THR F 536 26.15 -15.46 103.14
N LYS F 537 25.99 -15.94 104.38
CA LYS F 537 27.09 -16.34 105.31
C LYS F 537 28.01 -17.36 104.60
N GLU F 538 29.24 -16.94 104.32
CA GLU F 538 30.28 -17.79 103.66
C GLU F 538 31.03 -18.53 104.79
N SER F 539 31.09 -19.88 104.70
CA SER F 539 31.65 -20.80 105.73
C SER F 539 32.07 -22.13 105.07
N MET F 599 22.55 2.62 113.44
CA MET F 599 22.32 3.67 112.40
C MET F 599 20.80 3.87 112.21
N ASP F 600 20.31 5.08 112.55
CA ASP F 600 18.85 5.46 112.59
C ASP F 600 18.76 7.01 112.57
N VAL F 601 18.65 7.59 111.36
CA VAL F 601 18.39 9.05 111.12
C VAL F 601 16.87 9.25 111.05
N GLU F 602 16.27 9.84 112.09
CA GLU F 602 14.80 10.12 112.16
C GLU F 602 14.46 11.21 111.13
N ASP F 603 13.30 11.03 110.46
CA ASP F 603 12.82 11.84 109.30
C ASP F 603 11.42 12.38 109.63
N ALA F 604 10.59 12.67 108.63
CA ALA F 604 9.14 12.97 108.81
C ALA F 604 8.31 12.45 107.62
N LEU F 605 8.79 11.43 106.88
CA LEU F 605 8.03 10.77 105.78
C LEU F 605 6.75 10.14 106.34
N ASP F 606 5.61 10.35 105.66
CA ASP F 606 4.29 9.73 105.97
C ASP F 606 3.72 10.29 107.30
N LYS F 607 3.99 11.56 107.60
CA LYS F 607 3.33 12.31 108.73
C LYS F 607 3.37 13.82 108.46
N ASP F 608 4.54 14.35 108.06
CA ASP F 608 4.71 15.76 107.59
C ASP F 608 5.84 15.76 106.54
N SER F 609 5.45 15.80 105.26
CA SER F 609 6.37 15.94 104.10
C SER F 609 6.91 17.37 103.99
N THR F 610 6.25 18.38 104.58
CA THR F 610 6.71 19.81 104.63
C THR F 610 7.98 19.91 105.49
N LYS F 611 8.18 18.99 106.43
CA LYS F 611 9.40 18.88 107.28
C LYS F 611 10.49 18.08 106.55
N GLU F 612 10.10 17.05 105.77
CA GLU F 612 11.03 16.27 104.92
C GLU F 612 11.51 17.13 103.73
N VAL F 613 10.69 18.06 103.25
CA VAL F 613 11.03 19.12 102.27
C VAL F 613 12.15 20.01 102.83
N ALA F 614 12.01 20.50 104.07
CA ALA F 614 12.98 21.39 104.76
C ALA F 614 14.38 20.75 104.78
N SER F 615 14.45 19.40 104.85
CA SER F 615 15.67 18.59 105.06
C SER F 615 16.28 18.09 103.73
N LEU F 616 15.90 18.67 102.59
CA LEU F 616 16.31 18.19 101.23
C LEU F 616 17.65 18.78 100.80
N PRO F 617 18.00 20.06 101.07
CA PRO F 617 19.36 20.55 100.85
C PRO F 617 20.38 20.11 101.93
N ASN F 618 19.94 20.01 103.19
CA ASN F 618 20.80 19.70 104.37
C ASN F 618 21.53 18.38 104.10
N LYS F 619 22.80 18.48 103.71
CA LYS F 619 23.67 17.36 103.28
C LYS F 619 24.16 16.61 104.53
N SER F 620 23.51 15.49 104.86
CA SER F 620 23.75 14.68 106.09
C SER F 620 25.08 13.92 105.98
N THR F 621 26.05 14.31 106.81
CA THR F 621 27.36 13.62 107.01
C THR F 621 27.22 12.61 108.16
N ILE F 622 27.78 11.40 107.99
CA ILE F 622 27.74 10.29 108.98
C ILE F 622 29.19 9.91 109.34
N SER F 623 29.44 9.61 110.62
CA SER F 623 30.75 9.08 111.13
C SER F 623 30.94 7.65 110.62
N LYS F 624 30.22 6.69 111.22
CA LYS F 624 30.32 5.25 110.88
C LYS F 624 29.59 5.03 109.54
N THR F 625 30.34 4.68 108.50
CA THR F 625 29.79 4.23 107.19
C THR F 625 29.28 2.81 107.33
N VAL F 626 28.48 2.37 106.38
CA VAL F 626 27.85 1.01 106.32
C VAL F 626 28.84 -0.01 105.75
N SER F 627 30.10 0.35 105.47
CA SER F 627 31.24 -0.60 105.28
C SER F 627 31.50 -1.41 106.58
N SER F 628 31.32 -0.77 107.74
CA SER F 628 31.65 -1.30 109.09
C SER F 628 30.45 -2.03 109.72
N THR F 629 29.27 -1.94 109.11
CA THR F 629 28.05 -2.72 109.46
C THR F 629 28.17 -4.16 108.92
N ILE F 630 28.88 -4.36 107.79
CA ILE F 630 29.00 -5.66 107.04
C ILE F 630 29.63 -6.66 107.99
N PRO F 631 28.88 -7.63 108.55
CA PRO F 631 29.44 -8.53 109.55
C PRO F 631 30.48 -9.45 108.89
N ARG F 632 31.67 -9.60 109.48
CA ARG F 632 32.73 -10.52 108.97
C ARG F 632 32.11 -11.91 108.82
N GLU F 633 32.60 -12.71 107.86
CA GLU F 633 32.09 -14.08 107.57
C GLU F 633 30.67 -13.98 106.99
N THR F 634 30.33 -12.89 106.29
CA THR F 634 29.03 -12.68 105.59
C THR F 634 29.21 -11.79 104.35
N ILE F 635 28.64 -12.22 103.23
CA ILE F 635 28.67 -11.50 101.92
C ILE F 635 27.43 -10.60 101.83
N PRO F 636 27.57 -9.30 101.52
CA PRO F 636 26.40 -8.45 101.30
C PRO F 636 25.59 -8.97 100.12
N PHE F 637 24.39 -8.45 99.93
CA PHE F 637 23.52 -8.82 98.79
C PHE F 637 24.05 -8.14 97.53
N LEU F 638 24.37 -6.83 97.61
CA LEU F 638 25.11 -6.09 96.53
C LEU F 638 26.61 -6.12 96.85
N HIS F 639 27.45 -6.64 95.95
CA HIS F 639 28.92 -6.64 96.20
C HIS F 639 29.71 -6.62 94.89
N LEU F 640 30.87 -5.98 94.92
CA LEU F 640 31.82 -6.02 93.79
C LEU F 640 32.72 -7.23 93.99
N ARG F 641 33.23 -7.75 92.90
CA ARG F 641 34.15 -8.91 92.90
C ARG F 641 35.53 -8.44 92.46
N LYS F 642 36.51 -9.33 92.62
CA LYS F 642 37.91 -9.11 92.22
C LYS F 642 38.43 -10.40 91.56
N LYS F 643 39.16 -10.26 90.45
CA LYS F 643 39.76 -11.40 89.73
C LYS F 643 40.98 -11.84 90.52
N THR F 644 41.04 -13.13 90.87
CA THR F 644 42.14 -13.79 91.63
C THR F 644 43.12 -14.40 90.61
N PRO F 645 44.45 -14.46 90.88
CA PRO F 645 45.43 -14.92 89.88
C PRO F 645 45.14 -16.28 89.19
N ALA F 646 44.47 -17.21 89.88
CA ALA F 646 43.89 -18.46 89.32
C ALA F 646 42.96 -18.14 88.13
N GLY F 647 42.18 -17.05 88.23
CA GLY F 647 41.38 -16.46 87.13
C GLY F 647 39.87 -16.48 87.37
N ASP F 648 39.40 -16.90 88.56
CA ASP F 648 37.99 -16.77 89.02
C ASP F 648 37.77 -15.34 89.56
N TRP F 649 36.50 -14.95 89.76
CA TRP F 649 36.12 -13.69 90.45
C TRP F 649 35.50 -14.01 91.81
N LYS F 650 36.12 -13.59 92.91
CA LYS F 650 35.63 -13.78 94.30
C LYS F 650 35.15 -12.44 94.86
N TYR F 651 34.15 -12.47 95.74
CA TYR F 651 33.80 -11.36 96.67
C TYR F 651 35.07 -10.75 97.23
N ASP F 652 35.41 -9.52 96.82
CA ASP F 652 36.39 -8.68 97.55
C ASP F 652 35.63 -7.80 98.53
N ARG F 653 35.97 -7.86 99.82
CA ARG F 653 35.32 -7.10 100.93
C ARG F 653 35.55 -5.59 100.74
N GLN F 654 36.75 -5.22 100.31
CA GLN F 654 37.27 -3.83 100.38
C GLN F 654 36.75 -3.02 99.18
N LEU F 655 36.79 -3.56 97.95
CA LEU F 655 36.06 -3.01 96.75
C LEU F 655 34.58 -2.82 97.10
N SER F 656 33.96 -3.88 97.62
CA SER F 656 32.51 -3.96 97.91
C SER F 656 32.11 -2.88 98.91
N SER F 657 32.99 -2.49 99.85
CA SER F 657 32.73 -1.42 100.86
C SER F 657 32.58 -0.09 100.14
N LEU F 658 33.64 0.33 99.46
CA LEU F 658 33.70 1.51 98.55
C LEU F 658 32.39 1.67 97.76
N PHE F 659 31.88 0.61 97.15
CA PHE F 659 30.63 0.59 96.35
C PHE F 659 29.43 0.96 97.22
N LEU F 660 29.26 0.25 98.35
CA LEU F 660 28.11 0.37 99.29
C LEU F 660 28.15 1.72 100.01
N ASP F 661 29.35 2.24 100.32
CA ASP F 661 29.54 3.59 100.92
C ASP F 661 29.09 4.68 99.94
N GLY F 662 29.44 4.56 98.66
CA GLY F 662 28.91 5.44 97.60
C GLY F 662 27.39 5.38 97.52
N LEU F 663 26.84 4.22 97.83
CA LEU F 663 25.40 3.90 97.66
C LEU F 663 24.63 4.42 98.88
N GLU F 664 25.28 4.44 100.05
CA GLU F 664 24.74 5.00 101.32
C GLU F 664 24.55 6.52 101.15
N LYS F 665 25.51 7.18 100.49
CA LYS F 665 25.56 8.64 100.31
C LYS F 665 24.57 9.06 99.22
N ALA F 666 24.54 8.32 98.13
CA ALA F 666 23.52 8.43 97.07
C ALA F 666 22.14 8.48 97.72
N ALA F 667 21.91 7.68 98.76
CA ALA F 667 20.58 7.51 99.38
C ALA F 667 20.27 8.70 100.27
N PHE F 668 21.24 9.17 101.07
CA PHE F 668 21.11 10.40 101.92
C PHE F 668 21.17 11.63 101.02
N ASN F 669 22.36 11.91 100.47
CA ASN F 669 22.71 13.20 99.82
C ASN F 669 22.28 13.19 98.35
N GLY F 670 22.47 12.05 97.65
CA GLY F 670 22.14 11.91 96.20
C GLY F 670 23.38 12.14 95.34
N VAL F 671 23.30 11.71 94.09
CA VAL F 671 24.44 11.55 93.14
C VAL F 671 24.27 12.64 92.08
N THR F 672 25.33 13.27 91.56
CA THR F 672 25.19 14.09 90.34
C THR F 672 25.76 13.37 89.11
N PHE F 673 25.24 13.69 87.96
CA PHE F 673 25.65 13.17 86.65
C PHE F 673 25.80 14.35 85.71
N LYS F 674 26.01 15.53 86.26
CA LYS F 674 26.27 16.76 85.48
C LYS F 674 27.50 16.45 84.61
N ASP F 675 27.43 16.75 83.33
CA ASP F 675 28.58 16.68 82.38
C ASP F 675 28.85 15.25 81.95
N LYS F 676 28.06 14.29 82.42
CA LYS F 676 28.07 12.88 81.99
C LYS F 676 27.22 12.80 80.73
N TYR F 677 27.74 12.23 79.63
CA TYR F 677 27.00 12.00 78.36
C TYR F 677 26.79 10.51 78.16
N VAL F 678 25.57 10.07 77.93
CA VAL F 678 25.20 8.63 78.00
C VAL F 678 24.44 8.19 76.75
N LEU F 679 24.79 7.05 76.16
CA LEU F 679 23.94 6.27 75.20
C LEU F 679 23.26 5.18 76.00
N ILE F 680 21.94 5.00 75.88
CA ILE F 680 21.21 3.91 76.60
C ILE F 680 20.18 3.27 75.67
N THR F 681 20.25 1.97 75.49
CA THR F 681 19.39 1.24 74.53
C THR F 681 18.48 0.31 75.34
N GLY F 682 17.32 -0.02 74.79
CA GLY F 682 16.32 -0.82 75.48
C GLY F 682 15.95 -0.13 76.77
N ALA F 683 15.55 1.13 76.67
CA ALA F 683 15.02 1.88 77.84
C ALA F 683 13.57 2.29 77.60
N GLY F 684 12.77 1.36 77.10
CA GLY F 684 11.33 1.58 76.86
C GLY F 684 10.55 1.59 78.16
N LYS F 685 9.28 1.97 78.09
CA LYS F 685 8.37 2.03 79.25
C LYS F 685 8.28 0.66 79.94
N GLY F 686 8.44 0.64 81.26
CA GLY F 686 8.36 -0.57 82.09
C GLY F 686 9.57 -1.45 81.89
N SER F 687 10.75 -0.96 82.26
CA SER F 687 12.07 -1.65 82.12
C SER F 687 13.06 -1.08 83.13
N ILE F 688 14.08 -1.83 83.53
CA ILE F 688 15.20 -1.21 84.31
C ILE F 688 15.79 -0.06 83.48
N GLY F 689 15.85 -0.26 82.16
CA GLY F 689 16.27 0.78 81.22
C GLY F 689 15.70 2.14 81.54
N ALA F 690 14.39 2.23 81.81
CA ALA F 690 13.61 3.48 81.93
C ALA F 690 13.69 4.09 83.34
N GLU F 691 13.96 3.28 84.36
CA GLU F 691 14.15 3.78 85.74
C GLU F 691 15.58 4.26 85.94
N VAL F 692 16.44 3.99 84.98
CA VAL F 692 17.86 4.40 84.94
C VAL F 692 17.79 5.76 84.27
N LEU F 693 17.16 5.77 83.12
CA LEU F 693 16.93 7.00 82.35
C LEU F 693 16.44 8.12 83.23
N GLN F 694 15.43 7.90 84.07
CA GLN F 694 14.88 8.89 85.04
C GLN F 694 16.01 9.41 85.96
N GLY F 695 16.69 8.48 86.61
CA GLY F 695 17.84 8.81 87.46
C GLY F 695 18.92 9.58 86.70
N LEU F 696 19.20 9.22 85.46
CA LEU F 696 20.28 9.96 84.79
C LEU F 696 19.87 11.42 84.72
N LEU F 697 18.71 11.64 84.10
CA LEU F 697 18.15 12.96 83.79
C LEU F 697 18.04 13.70 85.10
N GLN F 698 17.70 13.00 86.17
CA GLN F 698 17.44 13.64 87.47
C GLN F 698 18.72 14.29 87.97
N GLY F 699 19.90 13.86 87.55
CA GLY F 699 21.23 14.43 87.92
C GLY F 699 21.79 15.27 86.81
N GLY F 700 20.95 15.73 85.88
CA GLY F 700 21.34 16.56 84.72
C GLY F 700 22.36 15.89 83.77
N ALA F 701 22.29 14.57 83.59
CA ALA F 701 22.96 13.86 82.49
C ALA F 701 22.49 14.35 81.13
N LYS F 702 23.30 14.14 80.08
CA LYS F 702 22.84 14.35 78.68
C LYS F 702 22.76 12.98 78.02
N VAL F 703 21.56 12.52 77.72
CA VAL F 703 21.34 11.11 77.37
C VAL F 703 20.80 11.00 75.94
N VAL F 704 21.37 10.07 75.15
CA VAL F 704 20.71 9.55 73.91
C VAL F 704 19.94 8.29 74.28
N VAL F 705 18.71 8.16 73.80
CA VAL F 705 17.79 7.05 74.14
C VAL F 705 17.25 6.51 72.84
N THR F 706 17.33 5.22 72.63
CA THR F 706 16.96 4.62 71.34
C THR F 706 15.67 3.89 71.60
N THR F 707 14.72 4.02 70.69
CA THR F 707 13.48 3.24 70.69
C THR F 707 13.47 2.38 69.42
N SER F 708 13.00 1.14 69.54
CA SER F 708 12.69 0.21 68.43
C SER F 708 11.42 0.71 67.75
N ARG F 709 10.40 1.01 68.55
CA ARG F 709 9.03 1.36 68.10
C ARG F 709 8.83 2.86 68.29
N PHE F 710 9.16 3.65 67.28
CA PHE F 710 8.98 5.13 67.25
C PHE F 710 7.62 5.49 66.66
N SER F 711 6.91 6.35 67.35
CA SER F 711 5.46 6.58 67.22
C SER F 711 5.19 7.88 67.95
N LYS F 712 3.97 8.43 67.85
CA LYS F 712 3.53 9.59 68.67
C LYS F 712 3.43 9.17 70.14
N GLN F 713 2.90 7.99 70.39
CA GLN F 713 2.59 7.45 71.74
C GLN F 713 3.87 7.33 72.56
N VAL F 714 5.03 7.29 71.91
CA VAL F 714 6.36 6.99 72.56
C VAL F 714 7.10 8.30 72.77
N THR F 715 7.15 9.08 71.70
CA THR F 715 7.63 10.47 71.69
C THR F 715 6.92 11.27 72.78
N ASP F 716 5.65 10.95 73.12
CA ASP F 716 4.89 11.56 74.27
C ASP F 716 5.33 10.98 75.61
N TYR F 717 5.36 9.67 75.80
CA TYR F 717 6.02 9.06 76.99
C TYR F 717 7.31 9.80 77.32
N TYR F 718 8.19 10.03 76.34
CA TYR F 718 9.55 10.58 76.58
C TYR F 718 9.45 12.06 76.89
N GLN F 719 8.58 12.79 76.18
CA GLN F 719 8.33 14.20 76.51
C GLN F 719 7.99 14.32 78.00
N SER F 720 7.21 13.38 78.54
CA SER F 720 6.58 13.50 79.88
C SER F 720 7.59 13.14 80.96
N ILE F 721 8.58 12.34 80.62
CA ILE F 721 9.62 11.94 81.60
C ILE F 721 10.54 13.12 81.71
N TYR F 722 10.98 13.62 80.57
CA TYR F 722 11.88 14.79 80.52
C TYR F 722 11.19 15.96 81.20
N ALA F 723 9.87 16.14 81.07
CA ALA F 723 9.20 17.33 81.63
C ALA F 723 8.82 17.16 83.09
N LYS F 724 9.19 16.06 83.73
CA LYS F 724 8.99 15.80 85.18
C LYS F 724 10.32 15.66 85.90
N TYR F 725 11.41 15.31 85.18
CA TYR F 725 12.64 14.75 85.74
C TYR F 725 13.88 15.50 85.27
N GLY F 726 13.85 15.94 84.02
CA GLY F 726 15.02 16.61 83.43
C GLY F 726 15.35 17.81 84.28
N ALA F 727 16.44 17.71 85.02
CA ALA F 727 16.97 18.78 85.88
C ALA F 727 17.73 19.79 85.04
N LYS F 728 18.22 20.85 85.66
CA LYS F 728 18.92 21.95 84.95
C LYS F 728 20.13 21.39 84.21
N GLY F 729 20.10 21.42 82.88
CA GLY F 729 21.26 21.09 82.06
C GLY F 729 21.15 19.73 81.39
N SER F 730 20.45 18.79 82.01
CA SER F 730 19.91 17.56 81.38
C SER F 730 19.53 17.82 79.92
N THR F 731 19.69 16.85 79.05
CA THR F 731 19.02 16.85 77.71
C THR F 731 18.69 15.41 77.36
N LEU F 732 17.71 15.21 76.50
CA LEU F 732 17.25 13.87 76.11
C LEU F 732 17.05 13.86 74.61
N ILE F 733 17.87 13.12 73.86
CA ILE F 733 17.63 12.91 72.40
C ILE F 733 17.03 11.51 72.27
N VAL F 734 15.92 11.39 71.57
CA VAL F 734 15.20 10.13 71.27
C VAL F 734 15.36 9.89 69.79
N VAL F 735 15.98 8.79 69.42
CA VAL F 735 16.23 8.40 68.00
C VAL F 735 15.55 7.07 67.82
N PRO F 736 14.94 6.79 66.66
CA PRO F 736 14.53 5.43 66.34
C PRO F 736 15.80 4.63 66.03
N PHE F 737 15.76 3.32 66.15
CA PHE F 737 17.00 2.52 66.17
C PHE F 737 16.73 1.03 66.14
N ASN F 738 17.45 0.29 65.31
CA ASN F 738 17.43 -1.19 65.38
C ASN F 738 18.78 -1.66 65.85
N GLN F 739 18.93 -2.27 67.02
CA GLN F 739 20.29 -2.69 67.50
C GLN F 739 20.71 -3.93 66.66
N GLY F 740 19.77 -4.63 66.06
CA GLY F 740 20.05 -5.74 65.15
C GLY F 740 20.54 -5.32 63.79
N SER F 741 20.56 -4.03 63.50
CA SER F 741 21.09 -3.52 62.22
C SER F 741 22.54 -3.08 62.44
N LYS F 742 23.49 -3.63 61.67
CA LYS F 742 24.90 -3.22 61.69
C LYS F 742 24.92 -1.75 61.35
N GLN F 743 24.21 -1.43 60.27
CA GLN F 743 24.29 -0.13 59.58
C GLN F 743 23.66 0.99 60.39
N ASP F 744 22.75 0.67 61.33
CA ASP F 744 22.18 1.65 62.32
C ASP F 744 23.15 1.92 63.47
N VAL F 745 23.77 0.88 64.01
CA VAL F 745 24.84 1.01 65.02
C VAL F 745 25.96 1.87 64.45
N GLU F 746 26.28 1.75 63.17
CA GLU F 746 27.43 2.51 62.61
C GLU F 746 26.99 3.98 62.57
N ALA F 747 25.80 4.17 62.00
CA ALA F 747 25.08 5.45 61.81
C ALA F 747 24.93 6.19 63.13
N LEU F 748 24.58 5.48 64.21
CA LEU F 748 24.12 6.09 65.49
C LEU F 748 25.32 6.77 66.13
N ILE F 749 26.45 6.13 66.10
CA ILE F 749 27.66 6.62 66.79
C ILE F 749 28.25 7.71 65.91
N GLU F 750 28.00 7.65 64.61
CA GLU F 750 28.49 8.69 63.66
C GLU F 750 27.67 9.96 63.94
N PHE F 751 26.38 9.83 64.14
CA PHE F 751 25.45 10.95 64.43
C PHE F 751 25.77 11.57 65.79
N ILE F 752 26.08 10.75 66.77
CA ILE F 752 26.40 11.24 68.13
C ILE F 752 27.68 12.07 68.02
N TYR F 753 28.71 11.60 67.33
CA TYR F 753 30.06 12.16 67.49
C TYR F 753 30.20 13.32 66.55
N ASP F 754 29.49 13.29 65.42
CA ASP F 754 29.66 14.25 64.31
C ASP F 754 29.31 15.65 64.82
N THR F 755 29.78 16.66 64.10
CA THR F 755 29.61 18.09 64.43
C THR F 755 28.18 18.53 64.13
N GLU F 756 27.66 19.43 64.96
CA GLU F 756 26.31 20.06 64.84
C GLU F 756 26.23 20.71 63.46
N LYS F 757 27.37 21.06 62.88
CA LYS F 757 27.45 21.70 61.55
C LYS F 757 27.12 20.66 60.46
N ASN F 758 27.67 19.43 60.53
CA ASN F 758 27.33 18.30 59.62
C ASN F 758 26.10 17.52 60.12
N GLY F 759 25.35 18.06 61.08
CA GLY F 759 23.99 17.61 61.42
C GLY F 759 23.99 16.57 62.52
N GLY F 760 25.11 16.42 63.23
CA GLY F 760 25.26 15.49 64.36
C GLY F 760 24.98 16.19 65.66
N LEU F 761 25.58 15.69 66.75
CA LEU F 761 25.35 16.19 68.12
C LEU F 761 26.59 16.93 68.64
N GLY F 762 27.76 16.40 68.42
CA GLY F 762 29.03 16.96 68.88
C GLY F 762 29.39 16.42 70.24
N TRP F 763 28.72 15.39 70.67
CA TRP F 763 28.96 14.80 72.00
C TRP F 763 30.15 13.88 71.96
N ASP F 764 30.50 13.37 73.14
CA ASP F 764 31.56 12.36 73.32
C ASP F 764 31.16 11.54 74.53
N LEU F 765 30.80 10.27 74.33
CA LEU F 765 30.10 9.43 75.34
C LEU F 765 31.04 9.13 76.51
N ASP F 766 30.56 9.34 77.73
CA ASP F 766 31.18 8.94 79.00
C ASP F 766 30.54 7.67 79.56
N ALA F 767 29.48 7.15 78.95
CA ALA F 767 28.91 5.84 79.34
C ALA F 767 27.97 5.29 78.29
N ILE F 768 28.12 4.01 78.02
CA ILE F 768 27.17 3.25 77.19
C ILE F 768 26.49 2.27 78.12
N ILE F 769 25.19 2.05 77.92
CA ILE F 769 24.35 1.11 78.72
C ILE F 769 23.47 0.34 77.76
N PRO F 770 24.00 -0.70 77.07
CA PRO F 770 23.32 -1.37 75.98
C PRO F 770 22.45 -2.53 76.49
N PHE F 771 21.20 -2.23 76.85
CA PHE F 771 20.32 -3.11 77.65
C PHE F 771 19.21 -3.66 76.76
N ALA F 772 19.29 -3.42 75.45
CA ALA F 772 18.32 -3.94 74.46
C ALA F 772 18.36 -5.47 74.45
N ALA F 773 17.22 -6.05 74.13
CA ALA F 773 16.93 -7.48 74.25
C ALA F 773 15.71 -7.76 73.41
N ILE F 774 15.66 -8.92 72.77
CA ILE F 774 14.34 -9.49 72.37
C ILE F 774 14.14 -10.71 73.24
N PRO F 775 12.90 -10.94 73.72
CA PRO F 775 12.60 -12.07 74.60
C PRO F 775 12.36 -13.29 73.70
N GLU F 776 13.00 -14.40 74.05
CA GLU F 776 12.85 -15.70 73.37
C GLU F 776 12.44 -16.66 74.47
N GLN F 777 11.26 -17.25 74.38
CA GLN F 777 10.76 -18.19 75.41
C GLN F 777 10.18 -19.43 74.74
N GLY F 778 10.38 -20.58 75.38
CA GLY F 778 10.00 -21.89 74.85
C GLY F 778 10.85 -22.32 73.69
N ILE F 779 12.03 -21.73 73.55
CA ILE F 779 13.03 -22.08 72.51
C ILE F 779 14.14 -22.86 73.21
N GLU F 780 13.98 -24.19 73.21
CA GLU F 780 15.01 -25.18 73.58
C GLU F 780 16.02 -25.32 72.43
N LEU F 781 17.07 -26.09 72.65
CA LEU F 781 18.20 -26.22 71.69
C LEU F 781 17.74 -26.85 70.36
N GLU F 782 16.71 -27.69 70.35
CA GLU F 782 16.21 -28.24 69.07
C GLU F 782 15.51 -27.14 68.26
N HIS F 783 15.10 -26.02 68.87
CA HIS F 783 14.23 -24.98 68.25
C HIS F 783 14.98 -23.69 67.99
N ILE F 784 16.29 -23.65 68.21
CA ILE F 784 17.14 -22.48 67.90
C ILE F 784 17.04 -22.29 66.40
N ASP F 785 16.48 -21.15 65.98
CA ASP F 785 16.29 -20.79 64.56
C ASP F 785 16.64 -19.31 64.38
N SER F 786 15.91 -18.60 63.51
CA SER F 786 16.27 -17.27 62.99
C SER F 786 16.08 -16.24 64.08
N LYS F 787 14.98 -16.31 64.84
CA LYS F 787 14.73 -15.39 65.98
C LYS F 787 15.90 -15.41 66.96
N SER F 788 16.37 -16.59 67.36
CA SER F 788 17.48 -16.72 68.33
C SER F 788 18.79 -16.25 67.67
N GLU F 789 18.98 -16.50 66.38
CA GLU F 789 20.22 -16.08 65.67
C GLU F 789 20.25 -14.56 65.56
N PHE F 790 19.07 -13.94 65.55
CA PHE F 790 18.88 -12.50 65.34
C PHE F 790 19.00 -11.79 66.67
N ALA F 791 18.38 -12.38 67.68
CA ALA F 791 18.54 -11.95 69.08
C ALA F 791 20.02 -11.98 69.44
N HIS F 792 20.79 -12.98 69.00
CA HIS F 792 22.20 -13.17 69.41
C HIS F 792 23.03 -12.00 68.89
N ARG F 793 22.56 -11.37 67.83
CA ARG F 793 23.23 -10.23 67.17
C ARG F 793 22.88 -8.98 67.95
N ILE F 794 21.63 -8.79 68.36
CA ILE F 794 21.22 -7.62 69.19
C ILE F 794 21.99 -7.62 70.53
N MET F 795 22.00 -8.76 71.20
CA MET F 795 22.44 -8.89 72.59
C MET F 795 23.93 -9.19 72.72
N LEU F 796 24.65 -9.45 71.61
CA LEU F 796 26.13 -9.64 71.64
C LEU F 796 26.85 -9.03 70.42
N THR F 797 26.79 -9.60 69.21
CA THR F 797 27.77 -9.18 68.18
C THR F 797 27.59 -7.66 67.95
N ASN F 798 26.38 -7.14 67.90
CA ASN F 798 26.19 -5.70 67.62
C ASN F 798 26.48 -4.89 68.86
N ILE F 799 26.48 -5.46 70.08
CA ILE F 799 27.00 -4.71 71.26
C ILE F 799 28.46 -4.43 71.01
N LEU F 800 29.20 -5.48 70.65
CA LEU F 800 30.66 -5.45 70.37
C LEU F 800 30.91 -4.46 69.24
N ARG F 801 30.08 -4.46 68.20
CA ARG F 801 30.22 -3.53 67.04
C ARG F 801 29.95 -2.09 67.47
N MET F 802 29.04 -1.84 68.41
CA MET F 802 28.74 -0.48 68.97
C MET F 802 29.90 0.02 69.85
N MET F 803 30.49 -0.81 70.72
CA MET F 803 31.75 -0.46 71.46
C MET F 803 32.92 -0.38 70.45
N GLY F 804 32.92 -1.19 69.42
CA GLY F 804 33.99 -1.06 68.45
C GLY F 804 33.99 0.33 67.87
N CYS F 805 32.81 0.74 67.39
CA CYS F 805 32.50 2.05 66.76
C CYS F 805 32.96 3.19 67.65
N VAL F 806 32.66 3.18 68.96
CA VAL F 806 32.98 4.39 69.77
C VAL F 806 34.49 4.45 69.89
N LYS F 807 35.20 3.34 70.05
CA LYS F 807 36.68 3.31 69.95
C LYS F 807 37.17 3.96 68.64
N LYS F 808 36.60 3.67 67.50
CA LYS F 808 37.04 4.29 66.22
C LYS F 808 36.79 5.80 66.23
N GLN F 809 35.62 6.28 66.63
CA GLN F 809 35.29 7.74 66.68
C GLN F 809 36.11 8.46 67.77
N LYS F 810 36.48 7.80 68.86
CA LYS F 810 37.29 8.43 69.91
C LYS F 810 38.72 8.50 69.47
N SER F 811 39.19 7.56 68.64
CA SER F 811 40.63 7.45 68.30
C SER F 811 40.89 8.52 67.24
N ALA F 812 40.17 8.42 66.13
CA ALA F 812 39.95 9.47 65.11
C ALA F 812 40.35 10.85 65.62
N ARG F 813 39.81 11.27 66.76
CA ARG F 813 39.93 12.62 67.36
C ARG F 813 40.94 12.63 68.51
N GLY F 814 41.80 11.61 68.58
CA GLY F 814 42.90 11.49 69.55
C GLY F 814 42.44 11.68 70.98
N ILE F 815 41.21 11.27 71.27
CA ILE F 815 40.62 11.33 72.64
C ILE F 815 41.15 10.09 73.36
N GLU F 816 42.08 10.27 74.31
CA GLU F 816 42.72 9.15 75.06
C GLU F 816 42.56 9.31 76.56
N THR F 817 41.80 10.30 77.03
CA THR F 817 41.70 10.61 78.48
C THR F 817 40.24 10.76 78.90
N ARG F 818 39.28 10.46 78.02
CA ARG F 818 37.83 10.60 78.31
C ARG F 818 37.14 9.30 77.93
N PRO F 819 37.44 8.19 78.65
CA PRO F 819 36.88 6.90 78.33
C PRO F 819 35.38 6.82 78.62
N ALA F 820 34.73 5.81 78.04
CA ALA F 820 33.29 5.50 78.17
C ALA F 820 33.08 4.22 78.97
N GLN F 821 32.50 4.32 80.13
CA GLN F 821 32.14 3.15 80.95
C GLN F 821 31.07 2.37 80.22
N VAL F 822 31.39 1.18 79.74
CA VAL F 822 30.32 0.26 79.23
C VAL F 822 29.72 -0.52 80.42
N ILE F 823 28.43 -0.35 80.71
CA ILE F 823 27.70 -1.13 81.74
C ILE F 823 27.01 -2.33 81.07
N LEU F 824 27.56 -3.54 81.18
CA LEU F 824 27.05 -4.74 80.48
C LEU F 824 26.03 -5.41 81.37
N PRO F 825 24.82 -5.70 80.87
CA PRO F 825 23.82 -6.43 81.63
C PRO F 825 24.18 -7.90 81.51
N MET F 826 24.66 -8.46 82.60
CA MET F 826 25.06 -9.86 82.71
C MET F 826 23.94 -10.60 83.41
N SER F 827 23.92 -11.91 83.27
CA SER F 827 23.00 -12.81 83.98
C SER F 827 23.89 -13.56 84.95
N PRO F 828 23.35 -14.05 86.07
CA PRO F 828 24.10 -14.99 86.91
C PRO F 828 23.82 -16.44 86.50
N ASN F 829 22.88 -16.64 85.58
CA ASN F 829 22.24 -17.95 85.29
C ASN F 829 22.40 -18.22 83.80
N HIS F 830 23.42 -19.02 83.43
CA HIS F 830 23.71 -19.38 82.02
C HIS F 830 23.27 -20.82 81.83
N GLY F 831 22.13 -21.02 81.17
CA GLY F 831 21.56 -22.34 80.88
C GLY F 831 20.88 -22.98 82.09
N THR F 832 20.71 -22.24 83.17
CA THR F 832 20.17 -22.81 84.44
C THR F 832 18.65 -22.93 84.38
N PHE F 833 17.94 -22.25 83.48
CA PHE F 833 16.47 -22.36 83.28
C PHE F 833 16.15 -23.13 82.00
N GLY F 834 16.72 -22.71 80.89
CA GLY F 834 16.47 -23.33 79.59
C GLY F 834 15.31 -22.66 78.90
N GLY F 835 15.13 -22.95 77.61
CA GLY F 835 14.04 -22.39 76.81
C GLY F 835 14.21 -20.91 76.61
N ASP F 836 15.44 -20.42 76.74
CA ASP F 836 15.81 -19.00 76.55
C ASP F 836 16.46 -18.81 75.16
N GLY F 837 16.56 -19.87 74.34
CA GLY F 837 17.18 -19.77 73.01
C GLY F 837 18.65 -19.51 73.18
N MET F 838 19.18 -18.47 72.57
CA MET F 838 20.63 -18.18 72.64
C MET F 838 20.93 -17.08 73.65
N TYR F 839 20.00 -16.80 74.57
CA TYR F 839 20.10 -15.75 75.61
C TYR F 839 21.38 -15.93 76.46
N SER F 840 21.57 -17.09 77.08
CA SER F 840 22.73 -17.42 77.95
C SER F 840 24.06 -17.45 77.18
N GLU F 841 24.03 -17.90 75.94
CA GLU F 841 25.22 -17.94 75.04
C GLU F 841 25.59 -16.48 74.73
N SER F 842 24.61 -15.57 74.76
CA SER F 842 24.76 -14.12 74.49
C SER F 842 25.41 -13.45 75.70
N LYS F 843 24.94 -13.78 76.86
CA LYS F 843 25.33 -13.13 78.11
C LYS F 843 26.70 -13.62 78.55
N LEU F 844 26.98 -14.88 78.38
CA LEU F 844 28.20 -15.44 78.94
C LEU F 844 29.42 -14.97 78.13
N SER F 845 29.26 -14.79 76.83
CA SER F 845 30.25 -14.23 75.88
C SER F 845 30.58 -12.75 76.16
N LEU F 846 29.73 -11.97 76.83
CA LEU F 846 30.11 -10.61 77.34
C LEU F 846 31.17 -10.69 78.44
N GLU F 847 31.30 -11.82 79.14
CA GLU F 847 32.33 -12.00 80.19
C GLU F 847 33.74 -12.07 79.60
N THR F 848 33.92 -12.15 78.28
CA THR F 848 35.26 -12.09 77.64
C THR F 848 35.80 -10.67 77.63
N LEU F 849 34.95 -9.63 77.66
CA LEU F 849 35.38 -8.19 77.62
C LEU F 849 36.22 -7.86 78.85
N PHE F 850 36.05 -8.57 79.95
CA PHE F 850 36.86 -8.36 81.16
C PHE F 850 38.29 -8.74 80.88
N ASN F 851 38.53 -9.71 80.00
CA ASN F 851 39.92 -10.16 79.73
C ASN F 851 40.47 -9.31 78.61
N ARG F 852 39.74 -9.19 77.53
CA ARG F 852 40.09 -8.42 76.31
C ARG F 852 40.50 -7.00 76.65
N TRP F 853 39.96 -6.39 77.71
CA TRP F 853 40.35 -5.02 78.12
C TRP F 853 41.86 -4.93 78.41
N HIS F 854 42.46 -5.96 79.00
CA HIS F 854 43.93 -6.09 79.25
C HIS F 854 44.76 -6.55 78.03
N SER F 855 44.13 -7.11 77.03
CA SER F 855 44.79 -7.86 75.97
C SER F 855 44.71 -7.16 74.63
N GLU F 856 43.98 -6.04 74.52
CA GLU F 856 43.82 -5.31 73.25
C GLU F 856 44.19 -3.85 73.46
N SER F 857 43.83 -3.00 72.51
CA SER F 857 44.32 -1.61 72.34
C SER F 857 43.19 -0.63 72.60
N TRP F 858 42.18 -1.03 73.33
CA TRP F 858 40.99 -0.16 73.50
C TRP F 858 40.73 0.23 74.95
N ALA F 859 41.61 -0.08 75.90
CA ALA F 859 41.39 0.28 77.32
C ALA F 859 41.33 1.78 77.61
N ASN F 860 41.84 2.67 76.74
CA ASN F 860 41.81 4.14 77.01
C ASN F 860 40.57 4.78 76.38
N GLN F 861 39.69 4.01 75.77
CA GLN F 861 38.46 4.51 75.13
C GLN F 861 37.23 3.97 75.83
N LEU F 862 37.35 2.79 76.40
CA LEU F 862 36.26 1.98 76.95
C LEU F 862 36.75 1.47 78.31
N THR F 863 35.83 1.24 79.21
CA THR F 863 36.08 0.62 80.51
C THR F 863 34.90 -0.29 80.72
N VAL F 864 35.13 -1.51 81.15
CA VAL F 864 33.95 -2.40 81.27
C VAL F 864 33.57 -2.46 82.74
N CYS F 865 32.25 -2.45 82.95
CA CYS F 865 31.58 -2.48 84.26
C CYS F 865 30.40 -3.43 84.15
N GLY F 866 30.65 -4.71 84.31
CA GLY F 866 29.65 -5.77 84.13
C GLY F 866 28.76 -5.87 85.35
N ALA F 867 27.47 -5.67 85.17
CA ALA F 867 26.47 -5.71 86.24
C ALA F 867 25.81 -7.07 86.13
N ILE F 868 25.82 -7.86 87.20
CA ILE F 868 25.14 -9.18 87.26
C ILE F 868 23.77 -8.89 87.84
N ILE F 869 22.83 -8.55 86.98
CA ILE F 869 21.50 -8.07 87.39
C ILE F 869 20.67 -9.29 87.78
N GLY F 870 20.14 -9.27 89.00
CA GLY F 870 19.38 -10.37 89.58
C GLY F 870 17.89 -10.18 89.36
N TRP F 871 17.10 -10.82 90.21
CA TRP F 871 15.66 -11.08 89.99
C TRP F 871 14.92 -9.76 90.17
N THR F 872 14.36 -9.23 89.09
CA THR F 872 13.78 -7.88 89.03
C THR F 872 12.31 -8.01 88.67
N ARG F 873 11.44 -7.72 89.61
CA ARG F 873 9.98 -7.87 89.47
C ARG F 873 9.46 -6.89 88.40
N GLY F 874 9.36 -7.35 87.16
CA GLY F 874 8.86 -6.65 85.95
C GLY F 874 8.06 -5.42 86.27
N THR F 875 6.74 -5.53 86.41
CA THR F 875 5.87 -4.41 86.86
C THR F 875 5.31 -4.82 88.25
N GLY F 876 4.35 -4.05 88.78
CA GLY F 876 3.62 -4.37 90.04
C GLY F 876 2.27 -5.06 89.77
N LEU F 877 2.20 -5.80 88.64
CA LEU F 877 1.04 -6.62 88.18
C LEU F 877 1.50 -8.10 88.13
N MET F 878 0.74 -9.00 87.50
CA MET F 878 1.06 -10.45 87.48
C MET F 878 1.92 -10.78 86.24
N SER F 879 3.25 -10.77 86.46
CA SER F 879 4.28 -11.44 85.60
C SER F 879 4.34 -12.89 86.11
N ALA F 880 4.45 -13.88 85.20
CA ALA F 880 4.55 -15.32 85.54
C ALA F 880 5.67 -15.52 86.58
N ASN F 881 6.75 -14.73 86.46
CA ASN F 881 7.87 -14.75 87.42
C ASN F 881 7.48 -14.08 88.74
N ASN F 882 6.64 -13.03 88.76
CA ASN F 882 6.32 -12.22 89.98
C ASN F 882 5.67 -13.06 91.08
N ILE F 883 4.68 -13.87 90.74
CA ILE F 883 3.82 -14.61 91.72
C ILE F 883 4.67 -15.43 92.69
N ILE F 884 5.92 -15.76 92.33
CA ILE F 884 6.80 -16.66 93.14
C ILE F 884 7.93 -15.88 93.84
N ALA F 885 8.24 -14.67 93.39
CA ALA F 885 9.13 -13.73 94.12
C ALA F 885 8.98 -13.90 95.64
N GLU F 886 7.75 -13.82 96.18
CA GLU F 886 7.50 -13.92 97.64
C GLU F 886 8.15 -15.21 98.16
N GLY F 887 8.05 -16.28 97.35
CA GLY F 887 8.44 -17.65 97.72
C GLY F 887 9.94 -17.82 97.82
N ILE F 888 10.68 -17.32 96.84
CA ILE F 888 12.17 -17.24 96.82
C ILE F 888 12.63 -16.48 98.08
N GLU F 889 12.04 -15.32 98.37
CA GLU F 889 12.46 -14.41 99.47
C GLU F 889 12.47 -15.14 100.81
N LYS F 890 11.61 -16.16 100.99
CA LYS F 890 11.56 -17.01 102.20
C LYS F 890 12.85 -17.83 102.37
N MET F 891 13.59 -18.10 101.30
CA MET F 891 14.96 -18.72 101.37
C MET F 891 15.96 -17.80 102.10
N GLY F 892 15.70 -16.50 102.21
CA GLY F 892 16.60 -15.52 102.85
C GLY F 892 17.40 -14.74 101.82
N VAL F 893 16.74 -14.45 100.71
CA VAL F 893 17.29 -13.92 99.43
C VAL F 893 16.53 -12.62 99.15
N ARG F 894 17.01 -11.78 98.23
CA ARG F 894 16.23 -10.58 97.88
C ARG F 894 15.99 -10.54 96.39
N THR F 895 14.75 -10.20 96.04
CA THR F 895 14.35 -9.65 94.73
C THR F 895 14.24 -8.13 94.86
N PHE F 896 13.97 -7.48 93.74
CA PHE F 896 14.16 -6.04 93.51
C PHE F 896 12.97 -5.52 92.72
N SER F 897 12.47 -4.35 93.06
CA SER F 897 11.70 -3.54 92.10
C SER F 897 12.69 -3.05 91.05
N GLN F 898 12.20 -2.59 89.91
CA GLN F 898 13.01 -1.92 88.89
C GLN F 898 13.61 -0.61 89.43
N LYS F 899 12.92 0.14 90.29
CA LYS F 899 13.50 1.37 90.93
C LYS F 899 14.71 1.04 91.79
N GLU F 900 14.70 -0.07 92.50
CA GLU F 900 15.85 -0.56 93.30
C GLU F 900 16.97 -1.02 92.34
N MET F 901 16.66 -1.82 91.31
CA MET F 901 17.69 -2.29 90.37
C MET F 901 18.23 -1.11 89.60
N ALA F 902 17.47 -0.03 89.46
CA ALA F 902 17.96 1.20 88.79
C ALA F 902 18.98 1.86 89.71
N PHE F 903 18.57 2.11 90.93
CA PHE F 903 19.40 2.61 92.03
C PHE F 903 20.71 1.88 92.05
N ASN F 904 20.70 0.55 92.02
CA ASN F 904 21.95 -0.27 92.17
C ASN F 904 22.90 0.07 91.01
N LEU F 905 22.39 0.16 89.79
CA LEU F 905 23.20 0.34 88.55
C LEU F 905 23.65 1.78 88.43
N LEU F 906 22.88 2.76 88.94
CA LEU F 906 23.30 4.21 89.00
C LEU F 906 24.41 4.40 90.04
N GLY F 907 24.60 3.45 90.94
CA GLY F 907 25.74 3.41 91.87
C GLY F 907 27.04 3.02 91.17
N LEU F 908 26.98 2.41 89.98
CA LEU F 908 28.15 2.03 89.14
C LEU F 908 28.50 3.18 88.19
N LEU F 909 27.87 4.35 88.35
CA LEU F 909 28.21 5.57 87.61
C LEU F 909 28.65 6.63 88.60
N THR F 910 28.81 6.29 89.88
CA THR F 910 29.28 7.29 90.88
C THR F 910 30.74 7.49 90.60
N PRO F 911 31.36 8.64 90.95
CA PRO F 911 32.75 8.90 90.63
C PRO F 911 33.82 8.01 91.30
N GLU F 912 33.47 7.10 92.22
CA GLU F 912 34.43 6.18 92.90
C GLU F 912 34.60 4.91 92.04
N VAL F 913 33.49 4.30 91.66
CA VAL F 913 33.48 3.07 90.81
C VAL F 913 33.73 3.48 89.36
N VAL F 914 33.60 4.75 89.00
CA VAL F 914 34.07 5.22 87.66
C VAL F 914 35.60 5.25 87.72
N GLU F 915 36.15 5.80 88.81
CA GLU F 915 37.62 5.91 89.03
C GLU F 915 38.22 4.51 89.07
N LEU F 916 37.45 3.51 89.53
CA LEU F 916 37.87 2.08 89.72
C LEU F 916 37.88 1.30 88.39
N CYS F 917 36.80 1.35 87.62
CA CYS F 917 36.63 0.85 86.23
C CYS F 917 37.83 1.21 85.32
N GLN F 918 38.45 2.36 85.60
CA GLN F 918 39.50 2.99 84.78
C GLN F 918 40.85 2.38 85.17
N LYS F 919 40.94 1.71 86.33
CA LYS F 919 42.11 0.87 86.70
C LYS F 919 41.95 -0.53 86.09
N SER F 920 41.06 -1.35 86.65
CA SER F 920 40.75 -2.73 86.24
C SER F 920 39.29 -2.76 85.82
N PRO F 921 38.79 -3.78 85.10
CA PRO F 921 37.35 -3.94 84.94
C PRO F 921 36.65 -4.15 86.29
N VAL F 922 35.35 -3.78 86.36
CA VAL F 922 34.51 -3.94 87.58
C VAL F 922 33.40 -4.96 87.35
N MET F 923 33.39 -6.09 88.06
CA MET F 923 32.22 -7.01 88.10
C MET F 923 31.41 -6.64 89.35
N ALA F 924 30.23 -6.10 89.15
CA ALA F 924 29.25 -5.83 90.21
C ALA F 924 28.22 -6.96 90.25
N ASP F 925 28.10 -7.65 91.39
CA ASP F 925 27.09 -8.70 91.63
C ASP F 925 25.88 -8.10 92.35
N LEU F 926 24.87 -7.72 91.56
CA LEU F 926 23.59 -7.14 92.04
C LEU F 926 22.49 -8.21 92.02
N ASN F 927 22.90 -9.47 91.96
CA ASN F 927 22.07 -10.64 92.32
C ASN F 927 22.07 -10.68 93.83
N GLY F 928 20.91 -10.90 94.44
CA GLY F 928 20.70 -10.67 95.88
C GLY F 928 20.78 -11.97 96.65
N GLY F 929 21.86 -12.72 96.48
CA GLY F 929 22.07 -14.01 97.15
C GLY F 929 21.45 -15.20 96.41
N LEU F 930 20.96 -15.05 95.19
CA LEU F 930 20.39 -16.21 94.45
C LEU F 930 21.47 -17.17 93.98
N GLN F 931 22.78 -16.86 94.13
CA GLN F 931 23.88 -17.84 93.86
C GLN F 931 23.77 -19.00 94.86
N PHE F 932 23.30 -18.73 96.09
CA PHE F 932 23.41 -19.60 97.28
C PHE F 932 22.13 -20.41 97.52
N VAL F 933 21.02 -20.14 96.81
CA VAL F 933 19.90 -21.12 96.70
C VAL F 933 20.34 -22.17 95.68
N PRO F 934 20.43 -23.46 96.07
CA PRO F 934 20.96 -24.52 95.20
C PRO F 934 19.87 -25.27 94.42
N GLU F 935 20.12 -25.58 93.15
CA GLU F 935 19.15 -26.22 92.22
C GLU F 935 17.94 -25.27 92.08
N LEU F 936 18.21 -24.03 91.66
CA LEU F 936 17.23 -22.92 91.51
C LEU F 936 16.15 -23.25 90.48
N LYS F 937 16.46 -23.96 89.39
CA LYS F 937 15.44 -24.27 88.34
C LYS F 937 14.33 -25.11 88.95
N GLU F 938 14.66 -26.24 89.56
CA GLU F 938 13.65 -27.14 90.17
C GLU F 938 12.94 -26.37 91.31
N PHE F 939 13.68 -25.60 92.12
CA PHE F 939 13.14 -24.88 93.31
C PHE F 939 12.08 -23.84 92.93
N THR F 940 12.39 -23.02 91.94
CA THR F 940 11.47 -22.09 91.22
C THR F 940 10.21 -22.85 90.76
N ALA F 941 10.38 -24.04 90.16
CA ALA F 941 9.32 -24.77 89.45
C ALA F 941 8.45 -25.56 90.45
N LYS F 942 9.02 -25.96 91.58
CA LYS F 942 8.26 -26.39 92.78
C LYS F 942 7.28 -25.26 93.13
N LEU F 943 7.79 -24.13 93.65
CA LEU F 943 6.99 -22.94 94.07
C LEU F 943 5.84 -22.70 93.08
N ARG F 944 6.09 -22.78 91.78
CA ARG F 944 5.10 -22.40 90.74
C ARG F 944 4.00 -23.47 90.65
N LYS F 945 4.38 -24.75 90.67
CA LYS F 945 3.52 -25.96 90.78
C LYS F 945 2.56 -25.77 91.97
N GLU F 946 3.07 -25.48 93.17
CA GLU F 946 2.28 -25.40 94.44
C GLU F 946 1.34 -24.18 94.50
N LEU F 947 1.49 -23.18 93.64
CA LEU F 947 0.50 -22.07 93.56
C LEU F 947 -0.56 -22.45 92.54
N VAL F 948 -0.16 -23.07 91.44
CA VAL F 948 -1.08 -23.48 90.34
C VAL F 948 -2.00 -24.57 90.91
N GLU F 949 -1.42 -25.60 91.53
CA GLU F 949 -2.17 -26.66 92.26
C GLU F 949 -3.13 -26.00 93.25
N THR F 950 -2.63 -25.43 94.35
CA THR F 950 -3.43 -24.78 95.44
C THR F 950 -4.54 -23.86 94.88
N SER F 951 -4.29 -23.12 93.81
CA SER F 951 -5.33 -22.30 93.13
C SER F 951 -6.31 -23.23 92.42
N GLU F 952 -5.83 -24.00 91.44
CA GLU F 952 -6.64 -24.84 90.50
C GLU F 952 -7.58 -25.76 91.28
N VAL F 953 -7.06 -26.46 92.30
CA VAL F 953 -7.81 -27.37 93.22
C VAL F 953 -8.95 -26.56 93.85
N ARG F 954 -8.63 -25.43 94.44
CA ARG F 954 -9.53 -24.60 95.27
C ARG F 954 -10.52 -23.85 94.36
N LYS F 955 -10.26 -23.78 93.05
CA LYS F 955 -11.21 -23.21 92.06
C LYS F 955 -12.25 -24.27 91.67
N ALA F 956 -11.83 -25.55 91.54
CA ALA F 956 -12.70 -26.69 91.20
C ALA F 956 -13.59 -27.06 92.40
N VAL F 957 -13.00 -27.24 93.59
CA VAL F 957 -13.73 -27.55 94.86
C VAL F 957 -14.72 -26.43 95.18
N SER F 958 -14.45 -25.21 94.74
CA SER F 958 -15.37 -24.03 94.84
C SER F 958 -16.55 -24.22 93.90
N ILE F 959 -16.29 -24.59 92.64
CA ILE F 959 -17.33 -24.64 91.55
C ILE F 959 -18.31 -25.78 91.84
N GLU F 960 -17.80 -26.91 92.35
CA GLU F 960 -18.59 -28.14 92.62
C GLU F 960 -19.47 -27.94 93.86
N THR F 961 -18.97 -27.32 94.94
CA THR F 961 -19.77 -26.99 96.14
C THR F 961 -20.81 -25.88 95.87
N ALA F 962 -20.82 -25.26 94.68
CA ALA F 962 -21.81 -24.25 94.25
C ALA F 962 -22.64 -24.77 93.07
N LEU F 963 -22.53 -26.07 92.78
CA LEU F 963 -23.46 -26.85 91.90
C LEU F 963 -24.20 -27.90 92.75
N GLU F 964 -23.59 -28.42 93.81
CA GLU F 964 -24.27 -29.23 94.85
C GLU F 964 -25.37 -28.35 95.45
N HIS F 965 -24.98 -27.24 96.09
CA HIS F 965 -25.91 -26.26 96.70
C HIS F 965 -27.04 -25.94 95.71
N LYS F 966 -26.73 -25.68 94.44
CA LYS F 966 -27.70 -25.26 93.40
C LYS F 966 -28.67 -26.40 93.04
N VAL F 967 -28.30 -27.66 93.27
CA VAL F 967 -29.15 -28.85 92.97
C VAL F 967 -30.03 -29.12 94.20
N VAL F 968 -29.44 -29.19 95.39
CA VAL F 968 -30.17 -29.44 96.67
C VAL F 968 -31.20 -28.32 96.92
N ASN F 969 -30.90 -27.05 96.61
CA ASN F 969 -31.72 -25.87 97.01
C ASN F 969 -32.25 -25.09 95.79
N GLY F 970 -32.03 -25.56 94.56
CA GLY F 970 -32.65 -25.03 93.33
C GLY F 970 -32.24 -23.59 93.02
N ASN F 971 -33.13 -22.85 92.33
CA ASN F 971 -32.95 -21.45 91.85
C ASN F 971 -33.94 -20.49 92.55
N SER F 972 -34.20 -20.68 93.86
CA SER F 972 -34.82 -19.68 94.79
C SER F 972 -33.79 -19.16 95.82
N ALA F 973 -32.68 -19.90 96.02
CA ALA F 973 -31.55 -19.55 96.93
C ALA F 973 -30.44 -18.80 96.17
N ASP F 974 -30.33 -18.98 94.84
CA ASP F 974 -29.25 -18.42 93.96
C ASP F 974 -29.81 -17.39 92.95
N ALA F 975 -31.12 -17.06 92.99
CA ALA F 975 -31.84 -16.14 92.07
C ALA F 975 -32.33 -14.85 92.78
N ALA F 976 -32.79 -14.94 94.05
CA ALA F 976 -33.13 -13.78 94.93
C ALA F 976 -31.85 -13.29 95.66
N TYR F 977 -30.79 -13.03 94.88
CA TYR F 977 -29.35 -12.98 95.28
C TYR F 977 -28.54 -12.27 94.17
N ALA F 978 -28.62 -12.77 92.93
CA ALA F 978 -28.04 -12.20 91.68
C ALA F 978 -28.67 -10.80 91.41
N GLN F 979 -27.92 -9.75 91.75
CA GLN F 979 -28.37 -8.33 91.84
C GLN F 979 -28.52 -7.73 90.44
N VAL F 980 -29.26 -6.61 90.35
CA VAL F 980 -29.53 -5.87 89.08
C VAL F 980 -28.52 -4.71 88.96
N GLU F 981 -27.82 -4.64 87.83
CA GLU F 981 -26.82 -3.59 87.50
C GLU F 981 -27.45 -2.59 86.52
N ILE F 982 -26.91 -1.37 86.49
CA ILE F 982 -27.51 -0.21 85.77
C ILE F 982 -26.43 0.45 84.91
N GLN F 983 -26.49 0.20 83.61
CA GLN F 983 -25.54 0.77 82.63
C GLN F 983 -25.97 2.20 82.36
N PRO F 984 -25.06 3.19 82.44
CA PRO F 984 -25.42 4.58 82.27
C PRO F 984 -25.76 4.90 80.81
N ARG F 985 -26.74 5.78 80.63
CA ARG F 985 -27.04 6.42 79.34
C ARG F 985 -26.40 7.81 79.34
N ALA F 986 -26.52 8.51 78.21
CA ALA F 986 -25.77 9.73 77.89
C ALA F 986 -26.69 10.95 77.98
N ASN F 987 -26.80 11.50 79.19
CA ASN F 987 -27.44 12.80 79.47
C ASN F 987 -26.52 13.93 79.00
N ILE F 988 -26.55 14.30 77.71
CA ILE F 988 -25.74 15.42 77.14
C ILE F 988 -26.27 16.75 77.67
N GLN F 989 -25.37 17.57 78.24
CA GLN F 989 -25.73 18.82 78.97
C GLN F 989 -25.32 20.01 78.13
N LEU F 990 -26.04 21.12 78.29
CA LEU F 990 -25.77 22.37 77.55
C LEU F 990 -24.59 23.16 78.17
N ASP F 991 -24.21 22.89 79.42
CA ASP F 991 -23.06 23.52 80.12
C ASP F 991 -23.24 25.04 80.11
N PHE F 992 -24.39 25.49 80.59
CA PHE F 992 -24.64 26.87 81.05
C PHE F 992 -23.84 27.07 82.33
N PRO F 993 -23.45 28.32 82.69
CA PRO F 993 -22.60 28.58 83.82
C PRO F 993 -23.24 28.50 85.18
N GLU F 994 -22.49 28.12 86.21
CA GLU F 994 -23.01 28.02 87.58
C GLU F 994 -23.18 29.45 88.08
N LEU F 995 -24.42 29.84 88.41
CA LEU F 995 -24.75 31.04 89.20
C LEU F 995 -24.66 30.74 90.70
N LYS F 996 -23.82 31.48 91.40
CA LYS F 996 -23.55 31.34 92.85
C LYS F 996 -24.57 32.19 93.61
N PRO F 997 -24.91 31.85 94.88
CA PRO F 997 -25.77 32.70 95.68
C PRO F 997 -25.21 34.13 95.83
N TYR F 998 -26.06 35.15 95.74
CA TYR F 998 -25.66 36.58 95.70
C TYR F 998 -24.62 36.94 96.76
N LYS F 999 -24.74 36.38 97.96
CA LYS F 999 -23.81 36.65 99.09
C LYS F 999 -22.38 36.28 98.66
N GLN F 1000 -22.17 35.18 97.93
CA GLN F 1000 -20.84 34.75 97.41
C GLN F 1000 -20.35 35.66 96.28
N VAL F 1001 -21.26 36.27 95.54
CA VAL F 1001 -20.94 37.05 94.31
C VAL F 1001 -20.41 38.43 94.73
N LYS F 1002 -20.99 39.05 95.76
CA LYS F 1002 -20.50 40.36 96.27
C LYS F 1002 -19.07 40.25 96.83
N GLN F 1003 -18.63 39.06 97.28
CA GLN F 1003 -17.24 38.82 97.78
C GLN F 1003 -16.19 39.04 96.67
N ILE F 1004 -16.55 38.76 95.42
CA ILE F 1004 -15.62 38.73 94.25
C ILE F 1004 -15.32 40.17 93.82
N ALA F 1005 -16.36 40.98 93.64
CA ALA F 1005 -16.30 42.37 93.13
C ALA F 1005 -16.15 43.36 94.29
N PRO F 1006 -15.56 44.55 94.06
CA PRO F 1006 -15.55 45.61 95.07
C PRO F 1006 -16.94 46.21 95.31
N ALA F 1007 -17.30 46.43 96.59
CA ALA F 1007 -18.61 46.91 97.08
C ALA F 1007 -19.06 48.18 96.33
N GLU F 1008 -18.11 49.01 95.92
CA GLU F 1008 -18.35 50.34 95.28
C GLU F 1008 -18.97 50.17 93.89
N LEU F 1009 -18.91 48.96 93.32
CA LEU F 1009 -19.27 48.70 91.91
C LEU F 1009 -20.79 48.73 91.73
N GLU F 1010 -21.57 48.51 92.79
CA GLU F 1010 -23.06 48.51 92.73
C GLU F 1010 -23.55 49.91 92.35
N GLY F 1011 -24.23 50.03 91.20
CA GLY F 1011 -24.83 51.29 90.73
C GLY F 1011 -23.87 52.12 89.89
N LEU F 1012 -22.64 51.63 89.71
CA LEU F 1012 -21.53 52.43 89.15
C LEU F 1012 -21.47 52.26 87.63
N LEU F 1013 -21.57 51.03 87.11
CA LEU F 1013 -21.58 50.76 85.66
C LEU F 1013 -22.97 50.98 85.10
N ASP F 1014 -23.04 51.66 83.95
CA ASP F 1014 -24.17 51.64 82.99
C ASP F 1014 -24.11 50.31 82.24
N LEU F 1015 -25.08 49.45 82.48
CA LEU F 1015 -25.09 48.09 81.89
C LEU F 1015 -25.60 48.12 80.46
N GLU F 1016 -26.19 49.22 79.98
CA GLU F 1016 -26.54 49.38 78.54
C GLU F 1016 -25.25 49.33 77.72
N ARG F 1017 -24.11 49.55 78.37
CA ARG F 1017 -22.85 49.86 77.68
C ARG F 1017 -21.76 48.90 78.16
N VAL F 1018 -22.14 47.81 78.83
CA VAL F 1018 -21.34 46.56 79.02
C VAL F 1018 -21.80 45.48 78.01
N ILE F 1019 -20.86 44.93 77.25
CA ILE F 1019 -21.11 43.87 76.23
C ILE F 1019 -20.74 42.55 76.89
N VAL F 1020 -21.42 41.49 76.52
CA VAL F 1020 -21.49 40.23 77.30
C VAL F 1020 -21.78 39.11 76.30
N VAL F 1021 -21.04 38.03 76.34
CA VAL F 1021 -21.29 36.88 75.42
C VAL F 1021 -22.35 36.00 76.10
N THR F 1022 -23.33 35.63 75.33
CA THR F 1022 -24.64 35.16 75.79
C THR F 1022 -24.83 33.75 75.23
N GLY F 1023 -24.35 33.47 74.02
CA GLY F 1023 -24.02 32.10 73.61
C GLY F 1023 -22.95 32.01 72.56
N PHE F 1024 -22.56 30.80 72.23
CA PHE F 1024 -21.48 30.47 71.26
C PHE F 1024 -21.55 29.01 70.80
N ALA F 1025 -20.90 28.78 69.67
CA ALA F 1025 -20.86 27.47 69.01
C ALA F 1025 -19.87 27.51 67.87
N GLU F 1026 -19.61 26.34 67.34
CA GLU F 1026 -18.64 26.13 66.26
C GLU F 1026 -18.85 24.76 65.62
N VAL F 1027 -18.43 24.70 64.39
CA VAL F 1027 -18.32 23.52 63.55
C VAL F 1027 -16.87 23.54 63.20
N GLY F 1028 -16.20 22.42 63.36
CA GLY F 1028 -14.77 22.33 63.02
C GLY F 1028 -14.30 20.89 63.17
N PRO F 1029 -13.01 20.66 63.05
CA PRO F 1029 -12.45 19.32 63.07
C PRO F 1029 -12.84 18.36 64.20
N TRP F 1030 -13.27 18.87 65.36
CA TRP F 1030 -13.66 18.04 66.52
C TRP F 1030 -15.15 18.18 66.84
N GLY F 1031 -15.92 18.69 65.90
CA GLY F 1031 -17.39 18.70 65.93
C GLY F 1031 -17.85 20.03 66.44
N SER F 1032 -18.47 20.01 67.61
CA SER F 1032 -19.05 21.17 68.30
C SER F 1032 -18.05 21.81 69.29
N ALA F 1033 -18.39 22.98 69.83
CA ALA F 1033 -17.69 23.61 70.98
C ALA F 1033 -17.62 22.64 72.18
N ARG F 1034 -18.61 21.76 72.29
CA ARG F 1034 -18.73 20.78 73.40
C ARG F 1034 -17.68 19.71 73.22
N THR F 1035 -17.65 19.07 72.07
CA THR F 1035 -16.80 17.88 71.85
C THR F 1035 -15.35 18.33 71.75
N ARG F 1036 -15.07 19.46 71.10
CA ARG F 1036 -13.70 20.03 70.99
C ARG F 1036 -13.12 20.33 72.38
N TRP F 1037 -13.93 20.78 73.31
CA TRP F 1037 -13.51 21.08 74.69
C TRP F 1037 -13.08 19.78 75.35
N GLU F 1038 -13.79 18.69 75.09
CA GLU F 1038 -13.46 17.39 75.71
C GLU F 1038 -12.11 16.94 75.14
N MET F 1039 -11.86 17.16 73.87
CA MET F 1039 -10.54 16.79 73.31
C MET F 1039 -9.45 17.76 73.80
N GLU F 1040 -9.63 19.09 73.68
CA GLU F 1040 -8.67 20.15 74.09
C GLU F 1040 -8.19 19.92 75.53
N ALA F 1041 -9.11 19.70 76.45
CA ALA F 1041 -8.88 19.78 77.91
C ALA F 1041 -8.49 18.44 78.50
N PHE F 1042 -9.10 17.36 78.01
CA PHE F 1042 -9.04 16.01 78.62
C PHE F 1042 -8.37 15.00 77.70
N GLY F 1043 -8.42 15.20 76.38
CA GLY F 1043 -7.71 14.33 75.41
C GLY F 1043 -8.53 13.10 75.06
N GLU F 1044 -9.47 12.72 75.93
CA GLU F 1044 -10.40 11.60 75.75
C GLU F 1044 -11.83 12.11 75.81
N PHE F 1045 -12.73 11.41 75.14
CA PHE F 1045 -14.18 11.69 75.15
C PHE F 1045 -14.83 10.99 76.34
N SER F 1046 -15.86 11.63 76.87
CA SER F 1046 -16.76 11.10 77.92
C SER F 1046 -17.78 10.17 77.25
N LEU F 1047 -18.68 9.57 78.02
CA LEU F 1047 -19.80 8.80 77.47
C LEU F 1047 -20.63 9.73 76.60
N GLU F 1048 -20.88 10.96 77.06
CA GLU F 1048 -21.65 12.02 76.34
C GLU F 1048 -20.91 12.58 75.13
N GLY F 1049 -19.58 12.54 75.10
CA GLY F 1049 -18.78 13.04 73.96
C GLY F 1049 -18.80 12.03 72.83
N CYS F 1050 -18.59 10.77 73.16
CA CYS F 1050 -18.70 9.65 72.20
C CYS F 1050 -20.06 9.69 71.54
N VAL F 1051 -21.13 9.84 72.31
CA VAL F 1051 -22.51 9.85 71.73
C VAL F 1051 -22.67 11.05 70.80
N GLU F 1052 -22.25 12.25 71.17
CA GLU F 1052 -22.45 13.42 70.27
C GLU F 1052 -21.61 13.24 69.00
N MET F 1053 -20.37 12.82 69.14
CA MET F 1053 -19.47 12.57 67.99
C MET F 1053 -20.09 11.49 67.11
N ALA F 1054 -20.55 10.40 67.69
CA ALA F 1054 -21.16 9.29 66.94
C ALA F 1054 -22.36 9.81 66.16
N TRP F 1055 -23.20 10.63 66.80
CA TRP F 1055 -24.41 11.27 66.22
C TRP F 1055 -24.06 12.28 65.13
N ILE F 1056 -22.96 13.01 65.26
CA ILE F 1056 -22.55 14.10 64.33
C ILE F 1056 -22.13 13.48 63.02
N MET F 1057 -21.34 12.43 63.11
CA MET F 1057 -20.65 11.77 61.98
C MET F 1057 -21.62 10.78 61.33
N GLY F 1058 -22.86 10.73 61.83
CA GLY F 1058 -23.92 9.82 61.40
C GLY F 1058 -23.52 8.36 61.51
N PHE F 1059 -22.93 7.95 62.63
CA PHE F 1059 -22.68 6.53 62.95
C PHE F 1059 -23.91 5.93 63.60
N ILE F 1060 -24.69 6.74 64.30
CA ILE F 1060 -25.87 6.30 65.08
C ILE F 1060 -26.99 7.29 64.80
N SER F 1061 -28.21 6.80 64.90
CA SER F 1061 -29.44 7.51 64.56
C SER F 1061 -30.44 7.04 65.59
N TYR F 1062 -31.42 7.87 65.90
CA TYR F 1062 -32.45 7.51 66.88
C TYR F 1062 -33.50 6.71 66.14
N HIS F 1063 -34.20 5.88 66.88
CA HIS F 1063 -35.30 5.03 66.40
C HIS F 1063 -36.38 5.03 67.47
N ASN F 1064 -37.63 5.21 67.07
CA ASN F 1064 -38.81 5.13 67.98
C ASN F 1064 -39.89 4.36 67.24
N GLY F 1065 -39.93 3.05 67.42
CA GLY F 1065 -40.98 2.20 66.82
C GLY F 1065 -40.61 0.73 66.91
N ASN F 1066 -40.95 -0.03 65.88
CA ASN F 1066 -40.78 -1.50 65.87
C ASN F 1066 -39.45 -1.83 65.17
N LEU F 1067 -38.58 -2.54 65.89
CA LEU F 1067 -37.35 -3.19 65.37
C LEU F 1067 -37.60 -4.69 65.29
N LYS F 1068 -37.72 -5.23 64.06
CA LYS F 1068 -37.99 -6.67 63.78
C LYS F 1068 -39.04 -7.20 64.78
N GLY F 1069 -40.24 -6.60 64.78
CA GLY F 1069 -41.39 -6.98 65.62
C GLY F 1069 -41.37 -6.29 66.97
N ARG F 1070 -40.31 -6.49 67.76
CA ARG F 1070 -40.07 -5.85 69.10
C ARG F 1070 -40.30 -4.34 69.01
N PRO F 1071 -40.84 -3.66 70.06
CA PRO F 1071 -40.86 -2.20 70.12
C PRO F 1071 -39.57 -1.65 70.75
N TYR F 1072 -38.83 -0.79 70.03
CA TYR F 1072 -37.52 -0.23 70.44
C TYR F 1072 -37.51 1.29 70.45
N THR F 1073 -36.86 1.87 71.46
CA THR F 1073 -36.66 3.32 71.59
C THR F 1073 -35.22 3.51 72.06
N GLY F 1074 -34.34 3.95 71.14
CA GLY F 1074 -32.91 4.14 71.40
C GLY F 1074 -32.12 4.48 70.14
N TRP F 1075 -30.79 4.50 70.29
CA TRP F 1075 -29.83 4.64 69.16
C TRP F 1075 -29.76 3.32 68.44
N VAL F 1076 -29.22 3.40 67.23
CA VAL F 1076 -29.29 2.32 66.20
C VAL F 1076 -28.20 2.59 65.17
N ASP F 1077 -27.34 1.63 64.86
CA ASP F 1077 -26.26 1.82 63.87
C ASP F 1077 -26.90 2.32 62.58
N SER F 1078 -26.46 3.45 62.04
CA SER F 1078 -27.12 4.19 60.93
C SER F 1078 -27.15 3.35 59.66
N LYS F 1079 -26.22 2.40 59.55
CA LYS F 1079 -25.99 1.58 58.34
C LYS F 1079 -26.78 0.25 58.45
N THR F 1080 -26.60 -0.51 59.54
CA THR F 1080 -27.22 -1.86 59.75
C THR F 1080 -28.59 -1.80 60.44
N LYS F 1081 -29.04 -0.61 60.88
CA LYS F 1081 -30.20 -0.32 61.77
C LYS F 1081 -30.31 -1.31 62.94
N GLU F 1082 -29.19 -1.74 63.53
CA GLU F 1082 -29.13 -2.70 64.67
C GLU F 1082 -29.00 -1.95 65.98
N PRO F 1083 -29.76 -2.28 67.03
CA PRO F 1083 -29.80 -1.48 68.24
C PRO F 1083 -28.45 -1.44 68.98
N VAL F 1084 -28.04 -0.23 69.38
CA VAL F 1084 -26.74 0.09 70.05
C VAL F 1084 -27.06 0.74 71.39
N ASP F 1085 -26.40 0.30 72.45
CA ASP F 1085 -26.54 0.90 73.80
C ASP F 1085 -25.48 1.98 73.92
N ASP F 1086 -25.69 2.95 74.80
CA ASP F 1086 -24.78 4.11 75.03
C ASP F 1086 -23.44 3.58 75.58
N LYS F 1087 -23.46 2.65 76.52
CA LYS F 1087 -22.23 2.02 77.08
C LYS F 1087 -21.37 1.37 75.96
N ASP F 1088 -22.00 0.91 74.87
CA ASP F 1088 -21.35 0.16 73.77
C ASP F 1088 -20.90 1.10 72.64
N VAL F 1089 -21.17 2.41 72.73
CA VAL F 1089 -20.80 3.38 71.66
C VAL F 1089 -19.26 3.46 71.58
N LYS F 1090 -18.55 3.61 72.71
CA LYS F 1090 -17.06 3.73 72.72
C LYS F 1090 -16.45 2.51 72.03
N ALA F 1091 -16.71 1.30 72.52
CA ALA F 1091 -16.23 0.04 71.92
C ALA F 1091 -16.54 0.04 70.42
N LYS F 1092 -17.82 0.04 70.03
CA LYS F 1092 -18.27 0.03 68.60
C LYS F 1092 -17.57 1.11 67.78
N TYR F 1093 -17.55 2.37 68.23
CA TYR F 1093 -17.27 3.53 67.34
C TYR F 1093 -16.12 4.45 67.77
N GLU F 1094 -15.49 4.35 68.93
CA GLU F 1094 -14.48 5.37 69.28
C GLU F 1094 -13.39 5.36 68.20
N THR F 1095 -12.76 4.21 68.00
CA THR F 1095 -11.62 4.07 67.08
C THR F 1095 -11.94 4.83 65.81
N SER F 1096 -13.11 4.58 65.23
CA SER F 1096 -13.55 5.13 63.91
C SER F 1096 -13.70 6.65 63.97
N ILE F 1097 -14.24 7.19 65.07
CA ILE F 1097 -14.40 8.65 65.37
C ILE F 1097 -13.03 9.32 65.43
N LEU F 1098 -12.06 8.75 66.12
CA LEU F 1098 -10.68 9.31 66.23
C LEU F 1098 -9.92 9.23 64.90
N GLU F 1099 -10.12 8.21 64.07
CA GLU F 1099 -9.48 8.10 62.72
C GLU F 1099 -10.02 9.14 61.76
N HIS F 1100 -11.26 9.62 61.95
CA HIS F 1100 -11.99 10.40 60.93
C HIS F 1100 -12.38 11.74 61.52
N SER F 1101 -11.60 12.21 62.48
CA SER F 1101 -11.74 13.52 63.13
C SER F 1101 -10.36 14.14 63.32
N GLY F 1102 -10.26 15.44 63.18
CA GLY F 1102 -9.04 16.13 63.60
C GLY F 1102 -8.23 16.52 62.41
N ILE F 1103 -6.97 16.76 62.64
CA ILE F 1103 -5.98 16.88 61.55
C ILE F 1103 -5.61 15.48 61.11
N ARG F 1104 -5.70 15.25 59.81
CA ARG F 1104 -5.56 13.92 59.23
C ARG F 1104 -5.30 14.04 57.75
N LEU F 1105 -5.08 12.93 57.07
CA LEU F 1105 -4.89 12.99 55.60
C LEU F 1105 -6.17 13.50 55.01
N ILE F 1106 -6.09 14.51 54.15
CA ILE F 1106 -7.18 15.04 53.29
C ILE F 1106 -7.94 13.86 52.69
N GLU F 1107 -9.24 13.82 52.93
CA GLU F 1107 -10.17 12.77 52.43
C GLU F 1107 -10.79 13.35 51.15
N PRO F 1108 -10.50 12.81 49.94
CA PRO F 1108 -11.02 13.38 48.69
C PRO F 1108 -12.55 13.50 48.52
N GLU F 1109 -13.32 12.55 49.03
CA GLU F 1109 -14.80 12.56 48.98
C GLU F 1109 -15.34 13.83 49.62
N LEU F 1110 -14.60 14.46 50.54
CA LEU F 1110 -15.01 15.72 51.23
C LEU F 1110 -14.75 16.95 50.35
N PHE F 1111 -13.81 16.92 49.41
CA PHE F 1111 -13.35 18.10 48.64
C PHE F 1111 -13.56 17.93 47.13
N ASN F 1112 -14.59 17.19 46.70
CA ASN F 1112 -14.94 16.96 45.27
C ASN F 1112 -13.80 16.19 44.59
N GLY F 1113 -13.41 15.08 45.19
CA GLY F 1113 -12.35 14.19 44.69
C GLY F 1113 -11.00 14.88 44.54
N TYR F 1114 -10.74 15.98 45.27
CA TYR F 1114 -9.39 16.60 45.29
C TYR F 1114 -8.46 15.60 45.97
N ASN F 1115 -7.47 15.09 45.22
CA ASN F 1115 -6.44 14.17 45.76
C ASN F 1115 -5.11 14.89 45.62
N PRO F 1116 -4.55 15.49 46.68
CA PRO F 1116 -3.32 16.28 46.54
C PRO F 1116 -2.14 15.50 45.96
N GLU F 1117 -2.15 14.17 46.05
CA GLU F 1117 -1.16 13.31 45.38
C GLU F 1117 -1.35 13.35 43.85
N LYS F 1118 -2.49 13.83 43.34
CA LYS F 1118 -2.86 13.80 41.88
C LYS F 1118 -3.65 15.06 41.53
N LYS F 1119 -2.94 16.19 41.47
CA LYS F 1119 -3.50 17.54 41.29
C LYS F 1119 -3.55 17.87 39.81
N GLU F 1120 -4.76 17.87 39.22
CA GLU F 1120 -5.07 17.99 37.76
C GLU F 1120 -4.78 19.40 37.22
N MET F 1121 -3.79 19.52 36.32
CA MET F 1121 -3.49 20.71 35.47
C MET F 1121 -3.78 20.40 34.00
N ILE F 1122 -3.56 21.35 33.07
CA ILE F 1122 -3.69 21.15 31.59
C ILE F 1122 -2.56 21.89 30.88
N GLN F 1123 -1.86 21.20 29.96
CA GLN F 1123 -0.75 21.82 29.21
C GLN F 1123 -1.22 22.05 27.80
N GLU F 1124 -0.93 23.23 27.28
CA GLU F 1124 -1.23 23.64 25.90
C GLU F 1124 -0.15 23.00 25.01
N VAL F 1125 -0.56 22.30 23.96
CA VAL F 1125 0.33 21.66 22.95
C VAL F 1125 -0.21 22.08 21.59
N ILE F 1126 0.66 22.15 20.57
CA ILE F 1126 0.23 22.33 19.15
C ILE F 1126 0.22 20.96 18.46
N VAL F 1127 -0.99 20.48 18.16
CA VAL F 1127 -1.32 19.50 17.07
C VAL F 1127 -0.27 19.65 15.96
N GLU F 1128 0.71 18.75 15.93
CA GLU F 1128 1.77 18.71 14.88
C GLU F 1128 1.18 18.04 13.64
N GLU F 1129 0.16 17.20 13.82
CA GLU F 1129 -0.54 16.53 12.68
C GLU F 1129 -2.04 16.34 12.98
N ASP F 1130 -2.86 16.65 11.97
CA ASP F 1130 -4.34 16.69 11.96
C ASP F 1130 -4.96 15.52 12.75
N LEU F 1131 -5.99 15.82 13.54
CA LEU F 1131 -6.70 14.86 14.43
C LEU F 1131 -7.70 14.06 13.61
N GLU F 1132 -8.14 12.93 14.16
CA GLU F 1132 -9.23 12.11 13.57
C GLU F 1132 -10.54 12.84 13.85
N PRO F 1133 -11.32 13.23 12.82
CA PRO F 1133 -12.62 13.87 13.02
C PRO F 1133 -13.51 13.27 14.12
N PHE F 1134 -14.33 14.12 14.73
CA PHE F 1134 -15.39 13.74 15.68
C PHE F 1134 -16.66 14.55 15.38
N GLU F 1135 -17.80 14.02 15.80
CA GLU F 1135 -19.13 14.60 15.57
C GLU F 1135 -19.43 15.53 16.74
N ALA F 1136 -19.96 16.71 16.42
CA ALA F 1136 -20.53 17.69 17.35
C ALA F 1136 -21.92 18.08 16.84
N SER F 1137 -22.72 18.76 17.67
CA SER F 1137 -23.94 19.49 17.24
C SER F 1137 -23.54 20.60 16.27
N LYS F 1138 -24.52 21.25 15.63
CA LYS F 1138 -24.24 22.41 14.77
C LYS F 1138 -23.61 23.50 15.63
N GLU F 1139 -24.34 23.92 16.66
CA GLU F 1139 -23.97 24.99 17.64
C GLU F 1139 -22.50 24.80 18.07
N THR F 1140 -22.16 23.65 18.63
CA THR F 1140 -20.83 23.33 19.20
C THR F 1140 -19.73 23.37 18.12
N ALA F 1141 -20.02 22.99 16.88
CA ALA F 1141 -19.03 23.02 15.78
C ALA F 1141 -18.73 24.47 15.41
N GLU F 1142 -19.74 25.33 15.36
CA GLU F 1142 -19.54 26.77 15.01
C GLU F 1142 -18.68 27.43 16.10
N GLN F 1143 -18.86 26.97 17.35
CA GLN F 1143 -18.05 27.37 18.54
C GLN F 1143 -16.59 26.94 18.34
N PHE F 1144 -16.31 25.78 17.76
CA PHE F 1144 -14.91 25.34 17.45
C PHE F 1144 -14.32 26.18 16.34
N LYS F 1145 -15.13 26.50 15.33
CA LYS F 1145 -14.73 27.25 14.12
C LYS F 1145 -14.40 28.69 14.50
N HIS F 1146 -15.23 29.27 15.36
CA HIS F 1146 -15.06 30.66 15.85
C HIS F 1146 -13.73 30.83 16.57
N GLN F 1147 -13.43 29.91 17.47
CA GLN F 1147 -12.14 29.84 18.22
C GLN F 1147 -10.98 29.60 17.26
N HIS F 1148 -11.02 28.57 16.42
CA HIS F 1148 -9.80 28.02 15.76
C HIS F 1148 -9.54 28.68 14.40
N GLY F 1149 -10.59 29.12 13.70
CA GLY F 1149 -10.54 29.72 12.35
C GLY F 1149 -10.04 28.73 11.30
N ASP F 1150 -9.00 29.12 10.55
CA ASP F 1150 -8.32 28.28 9.53
C ASP F 1150 -8.09 26.87 10.07
N LYS F 1151 -7.67 26.75 11.33
CA LYS F 1151 -7.06 25.54 11.93
C LYS F 1151 -8.12 24.51 12.34
N VAL F 1152 -9.36 24.66 11.91
CA VAL F 1152 -10.40 23.61 12.08
C VAL F 1152 -11.23 23.60 10.79
N ASP F 1153 -11.82 22.46 10.46
CA ASP F 1153 -12.74 22.30 9.32
C ASP F 1153 -14.02 21.71 9.86
N ILE F 1154 -15.17 22.29 9.51
CA ILE F 1154 -16.47 21.77 10.02
C ILE F 1154 -17.40 21.63 8.83
N PHE F 1155 -18.03 20.46 8.73
CA PHE F 1155 -18.82 20.00 7.56
C PHE F 1155 -20.07 19.31 8.07
N GLU F 1156 -21.25 19.81 7.71
CA GLU F 1156 -22.54 19.12 7.96
C GLU F 1156 -22.45 17.69 7.38
N ILE F 1157 -22.85 16.72 8.20
CA ILE F 1157 -23.18 15.32 7.79
C ILE F 1157 -24.65 15.32 7.39
N PRO F 1158 -24.98 15.22 6.09
CA PRO F 1158 -26.30 15.64 5.58
C PRO F 1158 -27.49 14.76 6.01
N GLU F 1159 -27.22 13.53 6.44
CA GLU F 1159 -28.22 12.54 6.95
C GLU F 1159 -28.67 12.98 8.35
N THR F 1160 -27.71 13.06 9.29
CA THR F 1160 -27.96 13.33 10.73
C THR F 1160 -28.32 14.81 10.94
N GLY F 1161 -27.56 15.74 10.36
CA GLY F 1161 -27.57 17.19 10.70
C GLY F 1161 -26.38 17.59 11.58
N GLU F 1162 -25.90 16.66 12.42
CA GLU F 1162 -24.61 16.74 13.18
C GLU F 1162 -23.48 17.14 12.24
N TYR F 1163 -22.44 17.78 12.77
CA TYR F 1163 -21.26 18.26 12.02
C TYR F 1163 -20.02 17.42 12.39
N SER F 1164 -19.09 17.26 11.44
CA SER F 1164 -17.76 16.69 11.66
C SER F 1164 -16.84 17.85 12.05
N VAL F 1165 -15.83 17.61 12.90
CA VAL F 1165 -14.88 18.67 13.38
C VAL F 1165 -13.45 18.15 13.20
N LYS F 1166 -12.75 18.64 12.19
CA LYS F 1166 -11.36 18.20 11.88
C LYS F 1166 -10.41 19.25 12.46
N LEU F 1167 -9.68 18.90 13.49
CA LEU F 1167 -8.73 19.83 14.12
C LEU F 1167 -7.44 19.75 13.31
N LEU F 1168 -7.04 20.83 12.65
CA LEU F 1168 -5.92 20.79 11.68
C LEU F 1168 -4.60 21.06 12.37
N LYS F 1169 -3.52 20.82 11.66
CA LYS F 1169 -2.14 21.04 12.11
C LYS F 1169 -2.03 22.52 12.46
N GLY F 1170 -1.54 22.84 13.67
CA GLY F 1170 -1.37 24.22 14.15
C GLY F 1170 -2.49 24.65 15.10
N ALA F 1171 -3.57 23.87 15.21
CA ALA F 1171 -4.59 24.00 16.26
C ALA F 1171 -3.93 23.79 17.64
N THR F 1172 -4.50 24.40 18.69
CA THR F 1172 -4.08 24.21 20.10
C THR F 1172 -5.03 23.24 20.79
N LEU F 1173 -4.45 22.39 21.62
CA LEU F 1173 -5.15 21.44 22.50
C LEU F 1173 -4.68 21.72 23.92
N TYR F 1174 -5.46 21.23 24.87
CA TYR F 1174 -5.11 21.20 26.29
C TYR F 1174 -5.12 19.74 26.71
N ILE F 1175 -3.95 19.24 27.06
CA ILE F 1175 -3.80 17.85 27.58
C ILE F 1175 -3.60 17.93 29.08
N PRO F 1176 -4.50 17.30 29.84
CA PRO F 1176 -4.33 17.13 31.28
C PRO F 1176 -3.02 16.49 31.72
N LYS F 1177 -2.43 17.01 32.78
CA LYS F 1177 -1.33 16.34 33.53
C LYS F 1177 -1.66 16.35 35.02
N ALA F 1178 -0.79 15.78 35.87
CA ALA F 1178 -1.02 15.69 37.33
C ALA F 1178 0.30 15.90 38.07
N LEU F 1179 0.41 17.09 38.68
CA LEU F 1179 1.32 17.43 39.82
C LEU F 1179 1.02 16.48 40.97
N ARG F 1180 2.06 16.03 41.65
CA ARG F 1180 2.01 15.44 42.99
C ARG F 1180 2.38 16.56 43.94
N PHE F 1181 1.47 16.91 44.85
CA PHE F 1181 1.55 18.08 45.75
C PHE F 1181 1.87 17.59 47.18
N ASP F 1182 2.63 18.40 47.91
CA ASP F 1182 3.39 18.02 49.14
C ASP F 1182 2.60 18.39 50.41
N ARG F 1183 1.35 18.88 50.28
CA ARG F 1183 0.44 19.22 51.41
C ARG F 1183 -0.76 18.24 51.41
N LEU F 1184 -0.63 17.16 52.18
CA LEU F 1184 -1.47 15.95 52.14
C LEU F 1184 -2.43 15.94 53.32
N VAL F 1185 -2.33 16.91 54.21
CA VAL F 1185 -2.97 16.85 55.56
C VAL F 1185 -3.67 18.17 55.79
N ALA F 1186 -4.84 18.10 56.40
CA ALA F 1186 -5.61 19.29 56.80
C ALA F 1186 -6.58 18.93 57.90
N GLY F 1187 -6.96 19.94 58.68
CA GLY F 1187 -7.94 19.89 59.79
C GLY F 1187 -9.31 19.99 59.22
N GLN F 1188 -9.94 18.85 58.96
CA GLN F 1188 -11.20 18.80 58.20
C GLN F 1188 -12.31 18.49 59.18
N ILE F 1189 -13.51 18.91 58.87
CA ILE F 1189 -14.72 18.59 59.69
C ILE F 1189 -14.84 17.07 59.69
N PRO F 1190 -15.32 16.44 60.77
CA PRO F 1190 -15.25 14.98 60.89
C PRO F 1190 -16.03 14.35 59.76
N THR F 1191 -15.59 13.19 59.28
CA THR F 1191 -16.17 12.55 58.07
C THR F 1191 -17.56 12.04 58.43
N GLY F 1192 -18.57 12.52 57.72
CA GLY F 1192 -19.98 12.14 57.88
C GLY F 1192 -20.82 13.29 58.39
N TRP F 1193 -20.18 14.36 58.83
CA TRP F 1193 -20.85 15.64 59.11
C TRP F 1193 -21.72 15.94 57.91
N ASN F 1194 -22.96 16.33 58.17
CA ASN F 1194 -23.99 16.53 57.14
C ASN F 1194 -25.01 17.52 57.69
N ALA F 1195 -25.26 18.61 57.00
CA ALA F 1195 -26.26 19.62 57.40
C ALA F 1195 -27.63 18.95 57.55
N LYS F 1196 -27.88 17.84 56.87
CA LYS F 1196 -29.16 17.11 57.02
C LYS F 1196 -29.39 16.76 58.50
N THR F 1197 -28.35 16.37 59.28
CA THR F 1197 -28.56 15.78 60.63
C THR F 1197 -28.97 16.88 61.59
N TYR F 1198 -28.67 18.12 61.28
CA TYR F 1198 -29.15 19.31 62.02
C TYR F 1198 -30.54 19.69 61.52
N GLY F 1199 -30.91 19.26 60.33
CA GLY F 1199 -32.26 19.48 59.79
C GLY F 1199 -32.32 20.65 58.84
N ILE F 1200 -31.27 20.86 58.05
CA ILE F 1200 -31.25 21.79 56.91
C ILE F 1200 -31.77 21.00 55.71
N SER F 1201 -32.64 21.61 54.92
CA SER F 1201 -33.38 21.00 53.79
C SER F 1201 -32.47 20.90 52.57
N ASP F 1202 -32.74 19.97 51.65
CA ASP F 1202 -31.88 19.75 50.45
C ASP F 1202 -32.03 20.94 49.48
N ASP F 1203 -33.21 21.57 49.43
CA ASP F 1203 -33.44 22.85 48.69
C ASP F 1203 -32.23 23.74 48.94
N ILE F 1204 -31.92 23.96 50.23
CA ILE F 1204 -30.86 24.87 50.74
C ILE F 1204 -29.52 24.24 50.46
N ILE F 1205 -29.30 22.99 50.85
CA ILE F 1205 -27.95 22.35 50.71
C ILE F 1205 -27.49 22.44 49.25
N SER F 1206 -28.35 22.02 48.34
CA SER F 1206 -28.13 22.02 46.88
C SER F 1206 -28.50 23.39 46.31
N GLN F 1207 -27.74 24.44 46.66
CA GLN F 1207 -28.04 25.87 46.33
C GLN F 1207 -26.95 26.77 46.91
N VAL F 1208 -26.71 26.58 48.18
CA VAL F 1208 -25.81 27.38 49.02
C VAL F 1208 -24.42 26.71 48.99
N ASP F 1209 -23.35 27.49 49.19
CA ASP F 1209 -21.94 27.04 49.27
C ASP F 1209 -21.74 26.29 50.58
N PRO F 1210 -20.93 25.21 50.62
CA PRO F 1210 -20.62 24.48 51.86
C PRO F 1210 -20.36 25.31 53.13
N ILE F 1211 -19.66 26.43 53.01
CA ILE F 1211 -19.28 27.31 54.15
C ILE F 1211 -20.55 27.89 54.79
N THR F 1212 -21.56 28.25 54.01
CA THR F 1212 -22.86 28.73 54.53
C THR F 1212 -23.48 27.66 55.44
N LEU F 1213 -23.38 26.37 55.13
CA LEU F 1213 -23.93 25.28 55.97
C LEU F 1213 -23.23 25.24 57.34
N PHE F 1214 -21.94 25.47 57.40
CA PHE F 1214 -21.20 25.51 58.68
C PHE F 1214 -21.73 26.67 59.51
N VAL F 1215 -22.06 27.78 58.84
CA VAL F 1215 -22.50 29.03 59.53
C VAL F 1215 -23.92 28.82 60.02
N LEU F 1216 -24.80 28.24 59.21
CA LEU F 1216 -26.22 28.07 59.60
C LEU F 1216 -26.27 27.20 60.84
N VAL F 1217 -25.47 26.15 60.86
CA VAL F 1217 -25.43 25.22 62.03
C VAL F 1217 -24.84 25.95 63.22
N SER F 1218 -23.75 26.69 63.07
CA SER F 1218 -23.11 27.47 64.16
C SER F 1218 -24.04 28.55 64.77
N VAL F 1219 -24.93 29.19 64.01
CA VAL F 1219 -25.84 30.25 64.51
C VAL F 1219 -26.96 29.57 65.28
N VAL F 1220 -27.49 28.46 64.83
CA VAL F 1220 -28.55 27.73 65.59
C VAL F 1220 -27.97 27.26 66.90
N GLU F 1221 -26.83 26.59 66.83
CA GLU F 1221 -26.21 25.91 67.96
C GLU F 1221 -25.72 26.98 68.95
N ALA F 1222 -25.71 28.26 68.58
CA ALA F 1222 -25.28 29.42 69.41
C ALA F 1222 -26.45 30.07 70.12
N PHE F 1223 -27.58 30.19 69.46
CA PHE F 1223 -28.88 30.55 70.09
C PHE F 1223 -29.27 29.47 71.11
N ILE F 1224 -29.10 28.18 70.84
CA ILE F 1224 -29.31 27.10 71.85
C ILE F 1224 -28.41 27.30 73.08
N ALA F 1225 -27.17 27.76 72.93
CA ALA F 1225 -26.22 28.04 74.02
C ALA F 1225 -26.66 29.25 74.83
N SER F 1226 -27.50 30.09 74.24
CA SER F 1226 -28.04 31.32 74.86
C SER F 1226 -29.48 31.05 75.34
N GLY F 1227 -29.92 29.80 75.32
CA GLY F 1227 -31.29 29.40 75.67
C GLY F 1227 -32.34 30.05 74.81
N ILE F 1228 -32.03 30.32 73.56
CA ILE F 1228 -32.91 31.00 72.56
C ILE F 1228 -33.20 29.99 71.46
N THR F 1229 -34.29 29.27 71.62
CA THR F 1229 -34.70 28.14 70.77
C THR F 1229 -35.45 28.69 69.56
N ASP F 1230 -36.14 29.83 69.74
CA ASP F 1230 -36.85 30.54 68.65
C ASP F 1230 -36.27 31.93 68.50
N PRO F 1231 -35.52 32.23 67.41
CA PRO F 1231 -34.90 33.54 67.25
C PRO F 1231 -35.87 34.70 67.47
N TYR F 1232 -37.13 34.52 67.09
CA TYR F 1232 -38.12 35.62 67.08
C TYR F 1232 -38.39 36.08 68.51
N GLU F 1233 -38.09 35.25 69.50
CA GLU F 1233 -38.26 35.62 70.93
C GLU F 1233 -37.52 36.93 71.23
N MET F 1234 -36.41 37.20 70.56
CA MET F 1234 -35.65 38.46 70.73
C MET F 1234 -36.58 39.66 70.55
N TYR F 1235 -37.48 39.62 69.58
CA TYR F 1235 -38.36 40.75 69.21
C TYR F 1235 -39.50 40.96 70.23
N LYS F 1236 -39.49 40.28 71.38
CA LYS F 1236 -40.31 40.66 72.55
C LYS F 1236 -39.66 41.83 73.30
N TYR F 1237 -38.34 41.92 73.24
CA TYR F 1237 -37.48 42.79 74.07
C TYR F 1237 -36.90 43.96 73.27
N VAL F 1238 -36.72 43.78 71.97
CA VAL F 1238 -35.80 44.59 71.12
C VAL F 1238 -36.50 44.80 69.79
N HIS F 1239 -36.40 45.97 69.15
CA HIS F 1239 -37.01 46.21 67.81
C HIS F 1239 -36.20 45.49 66.72
N VAL F 1240 -36.88 44.69 65.88
CA VAL F 1240 -36.50 44.25 64.51
C VAL F 1240 -35.24 44.95 63.95
N SER F 1241 -35.06 46.27 64.13
CA SER F 1241 -33.89 47.04 63.65
C SER F 1241 -32.70 47.03 64.62
N GLU F 1242 -32.69 46.20 65.67
CA GLU F 1242 -31.69 46.28 66.75
C GLU F 1242 -30.99 44.95 66.92
N VAL F 1243 -31.25 43.98 66.04
CA VAL F 1243 -30.39 42.77 65.91
C VAL F 1243 -29.48 42.91 64.69
N GLY F 1244 -28.18 42.85 64.90
CA GLY F 1244 -27.20 42.97 63.81
C GLY F 1244 -26.49 41.66 63.57
N ASN F 1245 -25.82 41.57 62.44
CA ASN F 1245 -24.89 40.48 62.08
C ASN F 1245 -23.59 41.17 61.74
N CYS F 1246 -22.53 40.96 62.51
CA CYS F 1246 -21.22 41.59 62.27
C CYS F 1246 -20.18 40.49 62.12
N SER F 1247 -20.54 39.33 61.56
CA SER F 1247 -19.62 38.20 61.25
C SER F 1247 -19.09 38.32 59.83
N GLY F 1248 -18.04 37.61 59.50
CA GLY F 1248 -17.35 37.73 58.22
C GLY F 1248 -16.35 36.60 57.99
N SER F 1249 -15.83 36.50 56.77
CA SER F 1249 -14.90 35.45 56.30
C SER F 1249 -13.65 36.15 55.77
N GLY F 1250 -12.53 35.44 55.72
CA GLY F 1250 -11.29 35.88 55.04
C GLY F 1250 -11.40 35.78 53.53
N MET F 1251 -12.02 34.72 52.98
CA MET F 1251 -12.13 34.50 51.51
C MET F 1251 -13.58 34.23 51.06
N GLY F 1252 -14.41 33.59 51.87
CA GLY F 1252 -15.83 33.40 51.56
C GLY F 1252 -16.14 32.10 50.83
N GLY F 1253 -17.15 32.16 49.96
CA GLY F 1253 -17.66 31.04 49.16
C GLY F 1253 -16.66 30.67 48.10
N VAL F 1254 -15.69 29.86 48.49
CA VAL F 1254 -14.46 29.56 47.70
C VAL F 1254 -14.79 28.47 46.68
N SER F 1255 -15.76 27.63 46.99
CA SER F 1255 -16.26 26.55 46.11
C SER F 1255 -17.03 27.19 44.96
N ALA F 1256 -17.74 28.30 45.23
CA ALA F 1256 -18.49 29.08 44.23
C ALA F 1256 -17.53 29.85 43.31
N LEU F 1257 -16.30 30.15 43.75
CA LEU F 1257 -15.26 30.77 42.87
C LEU F 1257 -14.70 29.72 41.91
N ARG F 1258 -14.52 28.48 42.35
CA ARG F 1258 -14.21 27.37 41.44
C ARG F 1258 -15.28 27.34 40.36
N GLY F 1259 -16.54 27.48 40.73
CA GLY F 1259 -17.65 27.42 39.77
C GLY F 1259 -17.51 28.45 38.68
N MET F 1260 -17.13 29.66 39.04
CA MET F 1260 -17.28 30.85 38.18
C MET F 1260 -15.96 31.17 37.46
N PHE F 1261 -14.86 30.51 37.81
CA PHE F 1261 -13.53 30.62 37.16
C PHE F 1261 -13.09 29.34 36.43
N LYS F 1262 -13.15 28.19 37.11
CA LYS F 1262 -12.69 26.89 36.57
C LYS F 1262 -13.85 26.19 35.88
N ASP F 1263 -14.93 25.87 36.58
CA ASP F 1263 -15.98 24.97 36.07
C ASP F 1263 -16.69 25.57 34.86
N ARG F 1264 -17.00 26.88 34.83
CA ARG F 1264 -17.55 27.55 33.63
C ARG F 1264 -16.64 27.37 32.42
N PHE F 1265 -15.37 27.72 32.57
CA PHE F 1265 -14.27 27.54 31.59
C PHE F 1265 -14.28 26.13 30.97
N LYS F 1266 -14.61 25.12 31.75
CA LYS F 1266 -14.68 23.69 31.32
C LYS F 1266 -16.10 23.35 30.81
N ASP F 1267 -16.96 24.33 30.61
CA ASP F 1267 -18.41 24.18 30.33
C ASP F 1267 -19.03 23.03 31.13
N GLU F 1268 -18.65 22.88 32.40
CA GLU F 1268 -19.40 22.04 33.36
C GLU F 1268 -20.72 22.73 33.70
N PRO F 1269 -21.79 21.99 34.09
CA PRO F 1269 -22.99 22.63 34.62
C PRO F 1269 -22.70 23.27 35.99
N VAL F 1270 -22.99 24.57 36.08
CA VAL F 1270 -22.81 25.43 37.28
C VAL F 1270 -24.12 26.22 37.39
N GLN F 1271 -24.75 26.28 38.58
CA GLN F 1271 -25.98 27.08 38.83
C GLN F 1271 -25.75 28.51 38.31
N ASN F 1272 -26.78 29.18 37.80
CA ASN F 1272 -26.64 30.51 37.14
C ASN F 1272 -26.36 31.60 38.17
N ASP F 1273 -26.84 31.41 39.42
CA ASP F 1273 -26.68 32.37 40.55
C ASP F 1273 -25.39 32.06 41.33
N ILE F 1274 -24.40 31.42 40.72
CA ILE F 1274 -23.21 30.93 41.47
C ILE F 1274 -22.48 32.14 42.08
N LEU F 1275 -22.53 33.30 41.44
CA LEU F 1275 -21.75 34.50 41.83
C LEU F 1275 -22.22 35.02 43.19
N GLN F 1276 -23.53 35.06 43.44
CA GLN F 1276 -24.10 35.49 44.75
C GLN F 1276 -23.59 34.59 45.89
N GLU F 1277 -23.28 33.32 45.68
CA GLU F 1277 -22.78 32.44 46.77
C GLU F 1277 -21.31 32.71 47.06
N SER F 1278 -20.61 33.38 46.16
CA SER F 1278 -19.14 33.57 46.29
C SER F 1278 -18.91 34.59 47.40
N PHE F 1279 -19.69 35.67 47.34
CA PHE F 1279 -19.58 36.91 48.16
C PHE F 1279 -19.46 36.58 49.65
N ILE F 1280 -18.55 37.25 50.35
CA ILE F 1280 -18.33 37.10 51.81
C ILE F 1280 -19.56 37.55 52.61
N ASN F 1281 -20.38 38.45 52.06
CA ASN F 1281 -21.54 39.03 52.78
C ASN F 1281 -22.80 38.17 52.63
N THR F 1282 -22.72 36.96 52.07
CA THR F 1282 -23.94 36.14 51.79
C THR F 1282 -24.16 35.11 52.87
N MET F 1283 -23.12 34.59 53.49
CA MET F 1283 -23.37 33.66 54.60
C MET F 1283 -24.29 34.37 55.61
N SER F 1284 -24.12 35.67 55.79
CA SER F 1284 -24.90 36.50 56.74
C SER F 1284 -26.29 36.76 56.17
N ALA F 1285 -26.40 37.00 54.87
CA ALA F 1285 -27.68 37.06 54.11
C ALA F 1285 -28.57 35.84 54.38
N TRP F 1286 -28.00 34.63 54.29
CA TRP F 1286 -28.74 33.35 54.45
C TRP F 1286 -29.17 33.17 55.91
N VAL F 1287 -28.34 33.58 56.86
CA VAL F 1287 -28.72 33.57 58.30
C VAL F 1287 -29.93 34.50 58.54
N ASN F 1288 -30.00 35.61 57.83
CA ASN F 1288 -31.09 36.58 58.03
C ASN F 1288 -32.32 36.09 57.32
N MET F 1289 -32.10 35.49 56.15
CA MET F 1289 -33.14 35.02 55.21
C MET F 1289 -33.78 33.76 55.78
N LEU F 1290 -33.08 32.96 56.58
CA LEU F 1290 -33.60 31.65 57.05
C LEU F 1290 -33.86 31.63 58.55
N LEU F 1291 -33.27 32.51 59.36
CA LEU F 1291 -33.55 32.50 60.82
C LEU F 1291 -34.05 33.85 61.32
N ILE F 1292 -33.22 34.89 61.34
CA ILE F 1292 -33.38 36.06 62.25
C ILE F 1292 -34.47 37.00 61.73
N SER F 1293 -34.45 37.39 60.47
CA SER F 1293 -35.36 38.41 59.87
C SER F 1293 -35.20 39.76 60.58
N SER F 1294 -34.01 40.06 61.07
CA SER F 1294 -33.69 41.42 61.58
C SER F 1294 -33.70 42.37 60.39
N SER F 1295 -33.90 43.66 60.69
CA SER F 1295 -33.64 44.78 59.76
C SER F 1295 -32.59 45.69 60.40
N GLY F 1296 -31.76 45.06 61.24
CA GLY F 1296 -30.67 45.72 61.97
C GLY F 1296 -29.37 45.72 61.18
N PRO F 1297 -28.30 46.28 61.75
CA PRO F 1297 -27.06 46.51 61.03
C PRO F 1297 -26.58 45.21 60.41
N ILE F 1298 -25.85 45.33 59.31
CA ILE F 1298 -25.00 44.22 58.82
C ILE F 1298 -23.71 44.86 58.39
N LYS F 1299 -22.64 44.50 59.07
CA LYS F 1299 -21.33 45.11 58.80
C LYS F 1299 -20.36 43.95 58.71
N THR F 1300 -20.15 43.43 57.51
CA THR F 1300 -19.37 42.19 57.30
C THR F 1300 -17.88 42.53 57.19
N PRO F 1301 -16.99 42.11 58.11
CA PRO F 1301 -15.56 42.26 57.90
C PRO F 1301 -14.78 41.22 57.10
N VAL F 1302 -13.66 41.65 56.53
CA VAL F 1302 -12.60 40.77 55.94
C VAL F 1302 -11.30 41.07 56.65
N GLY F 1303 -10.77 40.11 57.36
CA GLY F 1303 -9.65 40.38 58.27
C GLY F 1303 -8.61 39.30 58.14
N ALA F 1304 -8.59 38.64 56.99
CA ALA F 1304 -7.88 37.36 56.82
C ALA F 1304 -8.03 36.60 58.14
N CYS F 1305 -6.92 36.29 58.81
CA CYS F 1305 -6.85 35.34 59.95
C CYS F 1305 -7.25 36.06 61.24
N ALA F 1306 -7.52 37.35 61.16
CA ALA F 1306 -8.01 38.19 62.28
C ALA F 1306 -9.49 38.56 62.11
N THR F 1307 -10.24 37.94 61.20
CA THR F 1307 -11.57 38.47 60.84
C THR F 1307 -12.51 38.33 62.04
N SER F 1308 -12.27 37.34 62.90
CA SER F 1308 -13.14 37.03 64.07
C SER F 1308 -13.01 38.14 65.12
N VAL F 1309 -11.78 38.51 65.49
CA VAL F 1309 -11.53 39.61 66.48
C VAL F 1309 -11.98 40.98 65.93
N GLU F 1310 -11.74 41.27 64.66
CA GLU F 1310 -12.31 42.45 63.96
C GLU F 1310 -13.84 42.38 64.04
N SER F 1311 -14.43 41.24 63.73
CA SER F 1311 -15.89 40.98 63.84
C SER F 1311 -16.39 41.44 65.22
N VAL F 1312 -15.73 40.98 66.28
CA VAL F 1312 -16.09 41.26 67.70
C VAL F 1312 -16.05 42.77 67.94
N ASP F 1313 -14.96 43.42 67.51
CA ASP F 1313 -14.75 44.90 67.58
C ASP F 1313 -15.91 45.60 66.88
N ILE F 1314 -16.11 45.33 65.61
CA ILE F 1314 -17.23 45.93 64.83
C ILE F 1314 -18.52 45.69 65.58
N GLY F 1315 -18.68 44.50 66.16
CA GLY F 1315 -19.84 44.08 66.94
C GLY F 1315 -20.11 44.94 68.15
N VAL F 1316 -19.15 44.99 69.09
CA VAL F 1316 -19.15 45.90 70.28
C VAL F 1316 -19.53 47.34 69.90
N GLU F 1317 -18.74 48.00 69.03
CA GLU F 1317 -18.91 49.44 68.66
C GLU F 1317 -20.29 49.65 68.01
N THR F 1318 -20.86 48.62 67.41
CA THR F 1318 -22.24 48.66 66.89
C THR F 1318 -23.21 48.70 68.07
N ILE F 1319 -22.91 47.97 69.14
CA ILE F 1319 -23.80 47.96 70.33
C ILE F 1319 -23.67 49.26 71.11
N LEU F 1320 -22.48 49.85 71.24
CA LEU F 1320 -22.30 51.09 72.04
C LEU F 1320 -22.78 52.31 71.23
N SER F 1321 -22.48 52.42 69.95
CA SER F 1321 -23.16 53.41 69.04
C SER F 1321 -24.68 53.51 69.30
N GLY F 1322 -25.31 52.46 69.83
CA GLY F 1322 -26.76 52.34 70.02
C GLY F 1322 -27.47 52.04 68.72
N LYS F 1323 -26.84 51.28 67.82
CA LYS F 1323 -27.44 50.86 66.53
C LYS F 1323 -28.07 49.47 66.70
N ALA F 1324 -27.49 48.63 67.55
CA ALA F 1324 -27.93 47.25 67.81
C ALA F 1324 -27.81 46.94 69.30
N ARG F 1325 -28.76 46.18 69.81
CA ARG F 1325 -28.80 45.74 71.22
C ARG F 1325 -28.19 44.33 71.24
N ILE F 1326 -28.37 43.57 70.16
CA ILE F 1326 -27.85 42.18 69.98
C ILE F 1326 -27.08 42.13 68.67
N CYS F 1327 -26.11 41.27 68.55
CA CYS F 1327 -25.20 41.19 67.39
C CYS F 1327 -24.67 39.76 67.29
N ILE F 1328 -24.81 39.13 66.15
CA ILE F 1328 -24.05 37.89 65.87
C ILE F 1328 -22.68 38.36 65.43
N VAL F 1329 -21.68 37.61 65.78
CA VAL F 1329 -20.25 38.03 65.70
C VAL F 1329 -19.52 36.73 65.48
N GLY F 1330 -18.63 36.66 64.51
CA GLY F 1330 -17.82 35.45 64.33
C GLY F 1330 -17.11 35.45 63.02
N GLY F 1331 -16.81 34.27 62.53
CA GLY F 1331 -15.98 34.05 61.34
C GLY F 1331 -16.09 32.64 60.90
N TYR F 1332 -15.69 32.38 59.68
CA TYR F 1332 -16.00 31.14 58.96
C TYR F 1332 -15.14 31.11 57.73
N ASP F 1333 -14.62 29.93 57.40
CA ASP F 1333 -13.69 29.76 56.26
C ASP F 1333 -13.61 28.29 55.91
N ASP F 1334 -13.53 28.00 54.61
CA ASP F 1334 -13.52 26.64 54.01
C ASP F 1334 -12.12 26.42 53.47
N PHE F 1335 -11.74 25.15 53.42
CA PHE F 1335 -10.49 24.59 52.85
C PHE F 1335 -10.91 24.03 51.50
N GLN F 1336 -10.28 24.48 50.41
CA GLN F 1336 -10.43 23.84 49.09
C GLN F 1336 -9.05 23.67 48.44
N GLU F 1337 -9.02 22.96 47.33
CA GLU F 1337 -7.81 22.56 46.55
C GLU F 1337 -6.89 23.75 46.32
N GLU F 1338 -7.45 24.92 46.03
CA GLU F 1338 -6.75 26.01 45.29
C GLU F 1338 -6.08 26.95 46.27
N GLY F 1339 -6.72 27.21 47.40
CA GLY F 1339 -6.12 27.86 48.57
C GLY F 1339 -5.04 26.99 49.17
N SER F 1340 -5.26 25.67 49.31
CA SER F 1340 -4.25 24.71 49.84
C SER F 1340 -2.94 24.92 49.09
N PHE F 1341 -3.07 25.00 47.77
CA PHE F 1341 -1.97 25.10 46.79
C PHE F 1341 -1.27 26.45 46.94
N GLU F 1342 -2.05 27.52 47.06
CA GLU F 1342 -1.53 28.91 47.02
C GLU F 1342 -0.81 29.22 48.33
N PHE F 1343 -1.29 28.70 49.44
CA PHE F 1343 -0.59 28.76 50.74
C PHE F 1343 0.69 27.94 50.69
N GLY F 1344 0.76 26.88 49.89
CA GLY F 1344 1.99 26.08 49.68
C GLY F 1344 3.06 26.85 48.93
N ASN F 1345 2.65 27.69 47.97
CA ASN F 1345 3.56 28.48 47.11
C ASN F 1345 4.14 29.67 47.89
N MET F 1346 3.38 30.21 48.84
CA MET F 1346 3.80 31.24 49.85
C MET F 1346 4.71 30.63 50.94
N LYS F 1347 4.77 29.30 51.05
CA LYS F 1347 5.51 28.50 52.06
C LYS F 1347 5.06 28.88 53.48
N ALA F 1348 3.76 29.18 53.60
CA ALA F 1348 3.05 29.45 54.86
C ALA F 1348 2.71 28.14 55.58
N THR F 1349 2.25 27.12 54.85
CA THR F 1349 1.78 25.83 55.40
C THR F 1349 2.96 24.89 55.59
N SER F 1350 2.85 23.97 56.55
CA SER F 1350 3.80 22.83 56.74
C SER F 1350 3.78 21.92 55.50
N ASN F 1351 4.93 21.73 54.88
CA ASN F 1351 5.17 20.71 53.84
C ASN F 1351 5.08 19.34 54.53
N THR F 1352 4.16 18.49 54.08
CA THR F 1352 3.82 17.22 54.74
C THR F 1352 4.90 16.15 54.50
N LEU F 1353 5.69 16.24 53.43
CA LEU F 1353 6.71 15.21 53.08
C LEU F 1353 7.97 15.41 53.93
N GLU F 1354 8.41 16.65 54.16
CA GLU F 1354 9.37 16.99 55.23
C GLU F 1354 8.85 16.46 56.58
N GLU F 1355 7.57 16.70 56.89
CA GLU F 1355 7.02 16.31 58.21
C GLU F 1355 7.21 14.81 58.42
N PHE F 1356 6.99 14.00 57.39
CA PHE F 1356 7.08 12.53 57.42
C PHE F 1356 8.55 12.10 57.46
N GLU F 1357 9.47 12.83 56.80
CA GLU F 1357 10.94 12.59 56.95
C GLU F 1357 11.31 12.60 58.45
N HIS F 1358 10.86 13.59 59.20
CA HIS F 1358 11.07 13.75 60.66
C HIS F 1358 10.26 12.75 61.49
N GLY F 1359 9.48 11.89 60.84
CA GLY F 1359 8.70 10.87 61.53
C GLY F 1359 7.60 11.47 62.38
N ARG F 1360 7.01 12.58 61.92
CA ARG F 1360 5.79 13.18 62.51
C ARG F 1360 4.55 12.56 61.88
N THR F 1361 3.58 12.18 62.71
CA THR F 1361 2.21 11.77 62.31
C THR F 1361 1.40 13.04 62.08
N PRO F 1362 0.26 12.99 61.38
CA PRO F 1362 -0.53 14.20 61.13
C PRO F 1362 -1.02 14.93 62.38
N ALA F 1363 -1.26 14.21 63.48
CA ALA F 1363 -1.70 14.78 64.79
C ALA F 1363 -0.68 15.83 65.25
N GLU F 1364 0.59 15.43 65.37
CA GLU F 1364 1.70 16.24 65.92
C GLU F 1364 2.35 17.13 64.84
N MET F 1365 1.60 17.66 63.88
CA MET F 1365 2.15 18.49 62.77
C MET F 1365 1.85 19.98 63.00
N SER F 1366 0.84 20.31 63.79
CA SER F 1366 0.61 21.67 64.37
C SER F 1366 1.25 21.68 65.78
N ARG F 1367 2.38 22.39 65.93
CA ARG F 1367 3.09 22.44 67.22
C ARG F 1367 3.60 23.86 67.45
N PRO F 1368 2.73 24.76 67.96
CA PRO F 1368 3.16 26.11 68.27
C PRO F 1368 4.21 26.20 69.39
N ALA F 1369 5.01 27.27 69.36
CA ALA F 1369 5.98 27.62 70.42
C ALA F 1369 7.11 26.61 70.47
N THR F 1370 7.17 25.74 69.48
CA THR F 1370 8.05 24.55 69.45
C THR F 1370 9.31 24.96 68.67
N THR F 1371 10.44 24.36 69.00
CA THR F 1371 11.75 24.54 68.31
C THR F 1371 11.63 24.26 66.82
N THR F 1372 10.87 23.22 66.47
CA THR F 1372 10.85 22.54 65.15
C THR F 1372 9.66 22.97 64.29
N ARG F 1373 8.89 23.95 64.72
CA ARG F 1373 7.67 24.41 64.01
C ARG F 1373 8.08 24.93 62.65
N ASN F 1374 7.29 24.62 61.62
CA ASN F 1374 7.70 24.78 60.21
C ASN F 1374 6.47 25.10 59.33
N GLY F 1375 5.50 25.83 59.84
CA GLY F 1375 4.34 26.24 59.06
C GLY F 1375 3.07 25.75 59.68
N PHE F 1376 1.95 26.34 59.26
CA PHE F 1376 0.63 26.18 59.91
C PHE F 1376 -0.16 25.06 59.24
N MET F 1377 -1.23 24.64 59.89
CA MET F 1377 -2.10 23.54 59.42
C MET F 1377 -3.42 24.12 58.97
N GLU F 1378 -3.71 24.11 57.68
CA GLU F 1378 -4.97 24.67 57.15
C GLU F 1378 -6.12 23.83 57.71
N ALA F 1379 -7.19 24.49 58.17
CA ALA F 1379 -8.44 23.87 58.67
C ALA F 1379 -9.67 24.60 58.11
N GLN F 1380 -10.86 24.13 58.47
CA GLN F 1380 -12.12 24.69 57.97
C GLN F 1380 -13.13 24.72 59.11
N GLY F 1381 -14.17 25.52 58.97
CA GLY F 1381 -15.33 25.55 59.86
C GLY F 1381 -15.74 26.96 60.19
N ALA F 1382 -16.57 27.13 61.22
CA ALA F 1382 -17.09 28.45 61.61
C ALA F 1382 -17.12 28.56 63.12
N GLY F 1383 -16.99 29.76 63.63
CA GLY F 1383 -17.34 30.09 65.02
C GLY F 1383 -18.39 31.19 65.09
N ILE F 1384 -19.30 31.09 66.04
CA ILE F 1384 -20.28 32.17 66.22
C ILE F 1384 -20.43 32.45 67.72
N GLN F 1385 -20.54 33.72 68.06
CA GLN F 1385 -20.88 34.21 69.41
C GLN F 1385 -22.12 35.11 69.28
N ILE F 1386 -22.96 35.08 70.30
CA ILE F 1386 -24.01 36.10 70.39
C ILE F 1386 -23.58 37.09 71.47
N ILE F 1387 -23.59 38.39 71.18
CA ILE F 1387 -23.24 39.45 72.17
C ILE F 1387 -24.42 40.41 72.34
N MET F 1388 -24.62 40.90 73.55
CA MET F 1388 -25.74 41.80 73.88
C MET F 1388 -25.23 42.86 74.84
N GLN F 1389 -26.02 43.92 75.02
CA GLN F 1389 -26.00 44.74 76.26
C GLN F 1389 -26.23 43.82 77.47
N ALA F 1390 -25.51 44.02 78.57
CA ALA F 1390 -25.69 43.22 79.81
C ALA F 1390 -27.07 43.49 80.39
N ASP F 1391 -27.56 44.73 80.22
CA ASP F 1391 -28.90 45.21 80.62
C ASP F 1391 -29.93 44.29 80.01
N LEU F 1392 -29.82 44.05 78.73
CA LEU F 1392 -30.76 43.20 77.94
C LEU F 1392 -30.61 41.76 78.39
N ALA F 1393 -29.40 41.32 78.62
CA ALA F 1393 -29.09 39.91 78.98
C ALA F 1393 -29.76 39.57 80.30
N LEU F 1394 -29.79 40.51 81.24
CA LEU F 1394 -30.33 40.29 82.61
C LEU F 1394 -31.85 40.32 82.56
N LYS F 1395 -32.41 41.17 81.69
CA LYS F 1395 -33.86 41.25 81.42
C LYS F 1395 -34.34 39.94 80.77
N MET F 1396 -33.65 39.42 79.76
CA MET F 1396 -34.06 38.20 79.02
C MET F 1396 -33.79 36.96 79.87
N GLY F 1397 -33.00 37.08 80.92
CA GLY F 1397 -32.46 35.89 81.59
C GLY F 1397 -31.86 34.91 80.59
N VAL F 1398 -30.94 35.37 79.75
CA VAL F 1398 -30.02 34.50 78.97
C VAL F 1398 -28.78 34.28 79.80
N PRO F 1399 -28.09 33.14 79.63
CA PRO F 1399 -26.84 32.90 80.34
C PRO F 1399 -25.82 33.90 79.82
N ILE F 1400 -24.79 34.16 80.60
CA ILE F 1400 -23.77 35.20 80.35
C ILE F 1400 -22.46 34.49 80.58
N TYR F 1401 -21.69 34.25 79.52
CA TYR F 1401 -20.54 33.32 79.56
C TYR F 1401 -19.29 34.10 79.90
N GLY F 1402 -19.27 35.38 79.54
CA GLY F 1402 -18.22 36.34 79.89
C GLY F 1402 -18.61 37.76 79.56
N ILE F 1403 -17.76 38.70 79.95
CA ILE F 1403 -17.83 40.13 79.59
C ILE F 1403 -16.75 40.46 78.58
N VAL F 1404 -17.08 41.03 77.43
CA VAL F 1404 -16.07 41.50 76.44
C VAL F 1404 -15.65 42.87 76.88
N ALA F 1405 -14.58 42.94 77.65
CA ALA F 1405 -14.14 44.14 78.34
C ALA F 1405 -13.53 45.05 77.30
N MET F 1406 -12.62 44.52 76.49
CA MET F 1406 -11.90 45.24 75.41
C MET F 1406 -11.96 44.43 74.12
N ALA F 1407 -11.92 45.11 72.97
CA ALA F 1407 -11.68 44.52 71.63
C ALA F 1407 -11.12 45.58 70.67
N ALA F 1408 -10.05 45.28 69.97
CA ALA F 1408 -9.22 46.26 69.24
C ALA F 1408 -8.62 45.60 67.99
N THR F 1409 -8.26 46.44 67.03
CA THR F 1409 -7.58 46.12 65.77
C THR F 1409 -6.51 47.18 65.52
N ALA F 1410 -5.40 46.79 64.93
CA ALA F 1410 -4.25 47.68 64.67
C ALA F 1410 -3.51 47.16 63.46
N THR F 1411 -3.25 48.05 62.51
CA THR F 1411 -2.24 47.91 61.42
C THR F 1411 -0.84 47.95 62.03
N ASP F 1412 0.17 47.65 61.22
CA ASP F 1412 1.62 47.72 61.59
C ASP F 1412 2.17 48.97 60.89
N LYS F 1413 3.25 48.87 60.11
CA LYS F 1413 4.01 50.04 59.59
C LYS F 1413 4.34 49.85 58.10
N ILE F 1414 5.04 50.84 57.54
CA ILE F 1414 5.70 50.76 56.20
C ILE F 1414 6.43 49.43 56.10
N GLY F 1415 6.21 48.73 55.00
CA GLY F 1415 6.87 47.46 54.65
C GLY F 1415 6.54 47.07 53.24
N ARG F 1416 7.09 45.94 52.77
CA ARG F 1416 6.85 45.43 51.38
C ARG F 1416 6.49 43.93 51.45
N SER F 1417 5.82 43.51 52.53
CA SER F 1417 5.50 42.09 52.84
C SER F 1417 4.15 41.99 53.56
N VAL F 1418 3.09 41.65 52.81
CA VAL F 1418 1.68 41.56 53.27
C VAL F 1418 1.52 40.45 54.30
N PRO F 1419 2.19 39.28 54.18
CA PRO F 1419 2.03 38.19 55.16
C PRO F 1419 2.92 38.22 56.42
N ALA F 1420 3.80 39.22 56.57
CA ALA F 1420 4.68 39.41 57.75
C ALA F 1420 3.87 39.97 58.92
N PRO F 1421 3.81 39.28 60.09
CA PRO F 1421 3.09 39.82 61.24
C PRO F 1421 3.91 40.98 61.84
N GLY F 1422 3.26 41.86 62.60
CA GLY F 1422 3.91 43.03 63.24
C GLY F 1422 3.40 43.28 64.65
N LYS F 1423 3.60 44.49 65.16
CA LYS F 1423 3.48 44.81 66.60
C LYS F 1423 2.45 45.92 66.85
N GLY F 1424 1.70 46.35 65.85
CA GLY F 1424 0.76 47.48 65.96
C GLY F 1424 -0.28 47.29 67.07
N ILE F 1425 -0.50 46.05 67.53
CA ILE F 1425 -1.47 45.78 68.61
C ILE F 1425 -0.90 46.14 69.99
N LEU F 1426 0.42 46.38 70.12
CA LEU F 1426 1.08 46.99 71.33
C LEU F 1426 0.39 48.27 71.78
N THR F 1427 -0.23 49.03 70.87
CA THR F 1427 -0.91 50.32 71.14
C THR F 1427 -2.13 50.12 72.07
N THR F 1428 -2.45 48.91 72.49
CA THR F 1428 -3.53 48.64 73.47
C THR F 1428 -2.97 48.82 74.89
N ALA F 1429 -1.66 48.82 75.03
CA ALA F 1429 -0.96 49.02 76.31
C ALA F 1429 -0.34 50.42 76.34
N ARG F 1430 -0.74 51.31 75.42
CA ARG F 1430 -0.09 52.62 75.32
C ARG F 1430 -0.47 53.36 76.58
N GLU F 1431 0.50 53.69 77.41
CA GLU F 1431 0.25 54.77 78.40
C GLU F 1431 1.50 55.61 78.63
N HIS F 1432 1.25 56.76 79.26
CA HIS F 1432 2.23 57.82 79.59
C HIS F 1432 2.75 57.63 81.03
N HIS F 1433 4.07 57.62 81.20
CA HIS F 1433 4.80 57.32 82.45
C HIS F 1433 5.85 58.39 82.76
N SER F 1434 5.67 59.62 82.25
CA SER F 1434 6.54 60.78 82.60
C SER F 1434 6.29 61.16 84.06
N SER F 1435 5.01 61.36 84.40
CA SER F 1435 4.50 61.89 85.69
C SER F 1435 3.83 60.76 86.50
N VAL F 1436 4.64 59.88 87.11
CA VAL F 1436 4.24 58.54 87.65
C VAL F 1436 4.68 58.41 89.12
N LYS F 1437 4.87 59.53 89.82
CA LYS F 1437 5.38 59.58 91.21
C LYS F 1437 4.23 59.32 92.18
N TYR F 1438 3.11 60.06 92.02
CA TYR F 1438 1.88 59.96 92.84
C TYR F 1438 0.79 59.23 92.05
N ALA F 1439 -0.19 58.67 92.76
CA ALA F 1439 -1.32 57.88 92.22
C ALA F 1439 -2.29 58.79 91.45
N SER F 1440 -2.93 58.23 90.42
CA SER F 1440 -4.14 58.77 89.75
C SER F 1440 -5.35 58.43 90.62
N PRO F 1441 -6.16 59.42 91.08
CA PRO F 1441 -7.36 59.11 91.87
C PRO F 1441 -8.47 58.51 90.99
N ASN F 1442 -8.40 58.72 89.67
CA ASN F 1442 -9.32 58.22 88.62
C ASN F 1442 -9.27 56.67 88.56
N LEU F 1443 -8.13 56.04 88.89
CA LEU F 1443 -8.01 54.55 88.90
C LEU F 1443 -8.73 53.94 90.11
N ASN F 1444 -8.72 54.63 91.24
CA ASN F 1444 -9.37 54.19 92.51
C ASN F 1444 -10.89 54.28 92.36
N MET F 1445 -11.58 53.15 92.46
CA MET F 1445 -13.05 53.02 92.24
C MET F 1445 -13.81 53.79 93.30
N LYS F 1446 -13.31 53.83 94.54
CA LYS F 1446 -13.97 54.53 95.67
C LYS F 1446 -14.23 55.99 95.27
N TYR F 1447 -13.17 56.71 94.90
CA TYR F 1447 -13.21 58.10 94.38
C TYR F 1447 -14.32 58.20 93.34
N ARG F 1448 -14.24 57.35 92.31
CA ARG F 1448 -15.14 57.40 91.13
C ARG F 1448 -16.60 57.24 91.57
N LYS F 1449 -16.87 56.51 92.65
CA LYS F 1449 -18.25 56.25 93.13
C LYS F 1449 -18.73 57.49 93.88
N ARG F 1450 -17.88 58.06 94.74
CA ARG F 1450 -18.17 59.31 95.48
C ARG F 1450 -18.59 60.41 94.49
N GLN F 1451 -17.91 60.52 93.34
CA GLN F 1451 -18.21 61.53 92.31
C GLN F 1451 -19.60 61.28 91.72
N LEU F 1452 -19.95 60.01 91.49
CA LEU F 1452 -21.26 59.60 90.92
C LEU F 1452 -22.36 59.92 91.93
N VAL F 1453 -22.16 59.56 93.19
CA VAL F 1453 -23.16 59.79 94.29
C VAL F 1453 -23.56 61.27 94.30
N THR F 1454 -22.55 62.16 94.28
CA THR F 1454 -22.70 63.63 94.14
C THR F 1454 -23.58 63.93 92.92
N ARG F 1455 -23.15 63.46 91.76
CA ARG F 1455 -23.79 63.77 90.45
C ARG F 1455 -25.25 63.27 90.42
N GLU F 1456 -25.57 62.18 91.12
CA GLU F 1456 -26.94 61.60 91.21
C GLU F 1456 -27.84 62.56 91.99
N ALA F 1457 -27.30 63.15 93.08
CA ALA F 1457 -27.97 64.19 93.90
C ALA F 1457 -28.37 65.37 93.02
N GLN F 1458 -27.44 65.87 92.20
CA GLN F 1458 -27.67 66.99 91.25
C GLN F 1458 -28.82 66.65 90.31
N ILE F 1459 -28.99 65.39 89.91
CA ILE F 1459 -30.07 64.96 88.95
C ILE F 1459 -31.41 64.90 89.70
N LYS F 1460 -31.45 64.22 90.85
CA LYS F 1460 -32.54 64.26 91.85
C LYS F 1460 -33.09 65.71 91.93
N ASP F 1461 -32.24 66.70 92.24
CA ASP F 1461 -32.60 68.14 92.24
C ASP F 1461 -33.17 68.53 90.89
N TRP F 1462 -32.44 68.26 89.82
CA TRP F 1462 -32.81 68.62 88.43
C TRP F 1462 -34.26 68.18 88.11
N VAL F 1463 -34.75 67.07 88.66
CA VAL F 1463 -36.10 66.51 88.30
C VAL F 1463 -37.18 67.18 89.15
N GLU F 1464 -36.95 67.45 90.44
CA GLU F 1464 -37.85 68.32 91.25
C GLU F 1464 -38.15 69.58 90.42
N ASN F 1465 -37.08 70.27 89.97
CA ASN F 1465 -37.11 71.63 89.38
C ASN F 1465 -37.73 71.61 87.97
N GLU F 1466 -37.86 70.45 87.33
CA GLU F 1466 -38.50 70.29 85.99
C GLU F 1466 -39.95 69.77 86.11
N LEU F 1467 -40.36 69.27 87.29
CA LEU F 1467 -41.79 68.94 87.64
C LEU F 1467 -42.46 70.19 88.23
N GLU F 1468 -41.70 70.94 89.02
CA GLU F 1468 -42.05 72.31 89.51
C GLU F 1468 -42.48 73.17 88.32
N ALA F 1469 -41.67 73.22 87.27
CA ALA F 1469 -41.85 74.09 86.07
C ALA F 1469 -42.93 73.53 85.13
N LEU F 1470 -43.20 72.21 85.16
CA LEU F 1470 -44.28 71.53 84.36
C LEU F 1470 -45.65 71.79 84.99
N LYS F 1471 -45.73 71.91 86.32
CA LYS F 1471 -46.97 72.23 87.09
C LYS F 1471 -47.38 73.70 86.84
N LEU F 1472 -46.45 74.58 86.43
CA LEU F 1472 -46.68 76.01 86.03
C LEU F 1472 -46.87 76.15 84.51
N GLU F 1473 -46.99 75.05 83.76
CA GLU F 1473 -47.42 75.05 82.33
C GLU F 1473 -48.79 74.37 82.17
N ALA F 1474 -49.19 73.48 83.10
CA ALA F 1474 -50.47 72.75 83.11
C ALA F 1474 -51.65 73.70 83.37
N GLU F 1475 -51.45 74.68 84.28
CA GLU F 1475 -52.43 75.71 84.72
C GLU F 1475 -52.97 76.49 83.50
N GLU F 1476 -52.09 76.92 82.59
CA GLU F 1476 -52.39 77.73 81.36
C GLU F 1476 -53.27 76.95 80.37
N ILE F 1477 -53.24 75.59 80.42
CA ILE F 1477 -54.02 74.66 79.57
C ILE F 1477 -55.40 74.42 80.21
N PRO F 1478 -56.50 74.32 79.42
CA PRO F 1478 -57.81 73.91 79.95
C PRO F 1478 -57.76 72.54 80.63
N SER F 1479 -58.45 72.39 81.78
CA SER F 1479 -58.35 71.22 82.71
C SER F 1479 -58.98 69.94 82.12
N GLU F 1480 -59.56 69.99 80.91
CA GLU F 1480 -60.11 68.83 80.15
C GLU F 1480 -59.00 67.96 79.53
N ASP F 1481 -58.00 68.60 78.89
CA ASP F 1481 -56.95 67.99 78.02
C ASP F 1481 -55.53 68.28 78.56
N GLN F 1482 -55.40 68.59 79.87
CA GLN F 1482 -54.10 68.78 80.55
C GLN F 1482 -53.61 67.42 81.07
N ASN F 1483 -54.46 66.38 81.03
CA ASN F 1483 -54.05 64.98 81.32
C ASN F 1483 -53.09 64.53 80.20
N GLU F 1484 -53.40 64.83 78.93
CA GLU F 1484 -52.58 64.35 77.77
C GLU F 1484 -51.26 65.14 77.65
N PHE F 1485 -51.27 66.45 77.94
CA PHE F 1485 -50.06 67.30 78.07
C PHE F 1485 -49.09 66.72 79.11
N LEU F 1486 -49.61 66.28 80.26
CA LEU F 1486 -48.81 65.78 81.41
C LEU F 1486 -48.24 64.38 81.14
N LEU F 1487 -49.00 63.48 80.49
CA LEU F 1487 -48.55 62.11 80.13
C LEU F 1487 -47.36 62.20 79.17
N GLU F 1488 -47.44 63.12 78.20
CA GLU F 1488 -46.38 63.39 77.18
C GLU F 1488 -45.15 64.02 77.83
N ARG F 1489 -45.29 64.85 78.87
CA ARG F 1489 -44.17 65.66 79.42
C ARG F 1489 -43.61 65.07 80.74
N THR F 1490 -44.35 64.22 81.47
CA THR F 1490 -43.77 63.42 82.59
C THR F 1490 -42.96 62.27 82.02
N ARG F 1491 -43.26 61.89 80.77
CA ARG F 1491 -42.59 60.82 79.97
C ARG F 1491 -41.28 61.35 79.38
N GLU F 1492 -41.26 62.61 78.94
CA GLU F 1492 -40.03 63.32 78.49
C GLU F 1492 -39.05 63.46 79.66
N ILE F 1493 -39.52 63.90 80.84
CA ILE F 1493 -38.65 64.16 82.03
C ILE F 1493 -38.14 62.83 82.62
N HIS F 1494 -38.90 61.74 82.49
CA HIS F 1494 -38.44 60.37 82.85
C HIS F 1494 -37.16 60.11 82.06
N ASN F 1495 -37.27 60.04 80.72
CA ASN F 1495 -36.16 59.83 79.75
C ASN F 1495 -34.97 60.76 80.04
N GLU F 1496 -35.19 62.08 80.15
CA GLU F 1496 -34.10 63.11 80.24
C GLU F 1496 -33.35 62.99 81.57
N ALA F 1497 -33.91 62.26 82.55
CA ALA F 1497 -33.30 61.98 83.86
C ALA F 1497 -32.55 60.65 83.80
N GLU F 1498 -33.12 59.66 83.10
CA GLU F 1498 -32.47 58.35 82.84
C GLU F 1498 -31.19 58.64 82.02
N SER F 1499 -31.34 59.35 80.92
CA SER F 1499 -30.26 59.77 80.01
C SER F 1499 -29.12 60.41 80.80
N GLN F 1500 -29.42 61.20 81.84
CA GLN F 1500 -28.41 61.90 82.69
C GLN F 1500 -27.77 60.96 83.71
N LEU F 1501 -28.54 60.01 84.24
CA LEU F 1501 -28.05 59.02 85.23
C LEU F 1501 -27.07 58.08 84.54
N ARG F 1502 -27.35 57.69 83.28
CA ARG F 1502 -26.50 56.76 82.49
C ARG F 1502 -25.24 57.51 82.07
N ALA F 1503 -25.37 58.73 81.58
CA ALA F 1503 -24.25 59.60 81.16
C ALA F 1503 -23.23 59.74 82.30
N ALA F 1504 -23.72 59.72 83.52
CA ALA F 1504 -22.93 59.90 84.75
C ALA F 1504 -22.24 58.58 85.09
N GLN F 1505 -22.94 57.46 84.87
CA GLN F 1505 -22.41 56.08 85.07
C GLN F 1505 -21.31 55.83 84.03
N GLN F 1506 -21.58 56.12 82.78
CA GLN F 1506 -20.58 56.10 81.68
C GLN F 1506 -19.39 57.01 82.03
N GLN F 1507 -19.58 58.16 82.67
CA GLN F 1507 -18.48 59.13 82.94
C GLN F 1507 -17.52 58.58 84.00
N TRP F 1508 -18.03 57.79 84.96
CA TRP F 1508 -17.29 57.38 86.19
C TRP F 1508 -17.16 55.86 86.32
N GLY F 1509 -17.94 55.07 85.57
CA GLY F 1509 -17.97 53.60 85.70
C GLY F 1509 -17.34 52.89 84.51
N ASN F 1510 -17.78 53.23 83.29
CA ASN F 1510 -17.42 52.54 82.04
C ASN F 1510 -16.28 53.25 81.30
N ASP F 1511 -16.39 54.56 81.08
CA ASP F 1511 -15.50 55.38 80.21
C ASP F 1511 -14.70 56.38 81.05
N PHE F 1512 -14.13 55.96 82.17
CA PHE F 1512 -13.40 56.88 83.08
C PHE F 1512 -11.97 57.10 82.60
N TYR F 1513 -11.50 56.35 81.60
CA TYR F 1513 -10.07 56.28 81.22
C TYR F 1513 -9.88 56.74 79.79
N LYS F 1514 -10.93 57.15 79.08
CA LYS F 1514 -10.87 57.35 77.61
C LYS F 1514 -10.20 58.69 77.27
N ARG F 1515 -10.11 59.61 78.22
CA ARG F 1515 -9.39 60.91 78.07
C ARG F 1515 -8.09 60.96 78.88
N ASP F 1516 -7.79 59.93 79.70
CA ASP F 1516 -6.55 59.86 80.53
C ASP F 1516 -5.47 59.15 79.73
N PRO F 1517 -4.37 59.85 79.34
CA PRO F 1517 -3.20 59.18 78.77
C PRO F 1517 -2.28 58.47 79.80
N ARG F 1518 -2.59 58.53 81.09
CA ARG F 1518 -1.87 57.75 82.14
C ARG F 1518 -2.56 56.40 82.38
N ILE F 1519 -3.58 56.05 81.58
CA ILE F 1519 -4.28 54.73 81.65
C ILE F 1519 -4.37 54.14 80.25
N ALA F 1520 -3.71 53.01 80.05
CA ALA F 1520 -3.78 52.17 78.85
C ALA F 1520 -5.19 51.64 78.69
N PRO F 1521 -5.67 51.50 77.45
CA PRO F 1521 -6.93 50.81 77.18
C PRO F 1521 -7.08 49.45 77.88
N LEU F 1522 -6.01 48.66 77.85
CA LEU F 1522 -5.98 47.28 78.42
C LEU F 1522 -6.16 47.35 79.92
N ARG F 1523 -5.61 48.39 80.57
CA ARG F 1523 -5.58 48.51 82.05
C ARG F 1523 -6.95 49.01 82.51
N GLY F 1524 -7.46 50.04 81.82
CA GLY F 1524 -8.79 50.63 82.10
C GLY F 1524 -9.86 49.58 81.95
N ALA F 1525 -9.89 48.89 80.82
CA ALA F 1525 -10.80 47.76 80.50
C ALA F 1525 -10.96 46.88 81.73
N LEU F 1526 -9.86 46.47 82.32
CA LEU F 1526 -9.87 45.53 83.46
C LEU F 1526 -10.23 46.30 84.72
N ALA F 1527 -9.80 47.56 84.85
CA ALA F 1527 -9.95 48.39 86.08
C ALA F 1527 -11.43 48.73 86.37
N THR F 1528 -12.29 48.67 85.37
CA THR F 1528 -13.73 48.93 85.53
C THR F 1528 -14.41 47.86 86.38
N TYR F 1529 -13.80 46.72 86.65
CA TYR F 1529 -14.34 45.65 87.54
C TYR F 1529 -13.43 45.54 88.77
N GLY F 1530 -12.56 46.51 88.95
CA GLY F 1530 -11.52 46.45 89.99
C GLY F 1530 -10.54 45.30 89.81
N LEU F 1531 -10.24 44.88 88.58
CA LEU F 1531 -9.13 43.94 88.28
C LEU F 1531 -7.87 44.74 87.95
N THR F 1532 -6.72 44.20 88.35
CA THR F 1532 -5.37 44.69 88.00
C THR F 1532 -4.91 43.99 86.73
N ILE F 1533 -3.77 44.41 86.20
CA ILE F 1533 -3.10 43.75 85.06
C ILE F 1533 -2.70 42.32 85.48
N ASP F 1534 -2.53 42.08 86.79
CA ASP F 1534 -2.08 40.77 87.36
C ASP F 1534 -3.20 39.74 87.39
N ASP F 1535 -4.40 40.05 86.92
CA ASP F 1535 -5.55 39.10 86.95
C ASP F 1535 -5.87 38.63 85.52
N LEU F 1536 -5.08 39.05 84.53
CA LEU F 1536 -5.18 38.59 83.14
C LEU F 1536 -4.43 37.27 83.05
N GLY F 1537 -5.08 36.17 83.44
CA GLY F 1537 -4.40 34.91 83.81
C GLY F 1537 -3.91 34.07 82.63
N VAL F 1538 -4.58 34.12 81.52
CA VAL F 1538 -4.36 33.20 80.37
C VAL F 1538 -4.32 34.04 79.11
N ALA F 1539 -3.48 33.67 78.15
CA ALA F 1539 -3.41 34.34 76.84
C ALA F 1539 -3.53 33.25 75.77
N SER F 1540 -4.70 33.18 75.14
CA SER F 1540 -4.98 32.38 73.94
C SER F 1540 -4.22 33.10 72.83
N PHE F 1541 -3.17 32.46 72.34
CA PHE F 1541 -2.24 32.92 71.29
C PHE F 1541 -2.67 32.38 69.94
N HIS F 1542 -2.65 33.25 68.92
CA HIS F 1542 -2.85 32.91 67.49
C HIS F 1542 -2.04 31.66 67.17
N GLY F 1543 -0.75 31.66 67.52
CA GLY F 1543 0.08 30.44 67.64
C GLY F 1543 -0.14 29.47 66.49
N THR F 1544 0.29 29.86 65.31
CA THR F 1544 -0.08 29.19 64.05
C THR F 1544 0.83 27.98 63.79
N SER F 1545 2.00 27.91 64.42
CA SER F 1545 3.05 26.89 64.23
C SER F 1545 3.96 27.37 63.09
N THR F 1546 4.06 28.68 62.92
CA THR F 1546 4.98 29.34 62.00
C THR F 1546 6.14 29.88 62.83
N LYS F 1547 7.31 30.00 62.18
CA LYS F 1547 8.56 30.57 62.75
C LYS F 1547 8.29 31.99 63.25
N ALA F 1548 7.79 32.87 62.38
CA ALA F 1548 7.66 34.32 62.62
C ALA F 1548 6.57 34.62 63.65
N ASN F 1549 5.36 34.10 63.45
CA ASN F 1549 4.15 34.41 64.25
C ASN F 1549 4.35 34.17 65.76
N ASP F 1550 4.98 33.06 66.14
CA ASP F 1550 4.95 32.49 67.51
C ASP F 1550 6.05 33.11 68.36
N LYS F 1551 7.02 33.77 67.72
CA LYS F 1551 7.99 34.68 68.39
C LYS F 1551 7.42 36.10 68.43
N ASN F 1552 6.89 36.60 67.31
CA ASN F 1552 6.31 37.95 67.23
C ASN F 1552 5.17 38.06 68.24
N GLU F 1553 4.40 37.02 68.50
CA GLU F 1553 3.21 37.13 69.39
C GLU F 1553 3.65 37.14 70.86
N SER F 1554 4.48 36.17 71.24
CA SER F 1554 5.18 36.06 72.53
C SER F 1554 5.85 37.37 72.88
N ALA F 1555 6.56 37.96 71.93
CA ALA F 1555 7.27 39.25 72.09
C ALA F 1555 6.30 40.39 72.39
N THR F 1556 5.12 40.47 71.74
CA THR F 1556 4.20 41.63 71.97
C THR F 1556 3.49 41.42 73.31
N ILE F 1557 3.09 40.20 73.64
CA ILE F 1557 2.46 39.91 74.96
C ILE F 1557 3.46 40.28 76.06
N ASN F 1558 4.72 40.03 75.84
CA ASN F 1558 5.74 40.21 76.88
C ASN F 1558 5.98 41.70 77.05
N GLU F 1559 5.78 42.49 76.01
CA GLU F 1559 6.06 43.94 76.05
C GLU F 1559 4.83 44.71 76.55
N MET F 1560 3.60 44.25 76.30
CA MET F 1560 2.38 44.79 76.98
C MET F 1560 2.55 44.62 78.48
N MET F 1561 2.95 43.42 78.91
CA MET F 1561 2.95 42.98 80.32
C MET F 1561 4.07 43.70 81.03
N LYS F 1562 5.14 44.08 80.32
CA LYS F 1562 6.31 44.75 80.93
C LYS F 1562 5.95 46.20 81.22
N HIS F 1563 5.26 46.83 80.26
CA HIS F 1563 4.91 48.27 80.25
C HIS F 1563 3.79 48.55 81.24
N LEU F 1564 2.99 47.55 81.62
CA LEU F 1564 1.88 47.74 82.60
C LEU F 1564 2.28 47.16 83.96
N GLY F 1565 3.55 46.93 84.20
CA GLY F 1565 4.02 46.51 85.52
C GLY F 1565 3.21 45.36 86.09
N ARG F 1566 2.92 44.35 85.26
CA ARG F 1566 2.84 42.93 85.67
C ARG F 1566 3.85 42.68 86.78
N SER F 1567 3.50 41.89 87.79
CA SER F 1567 4.48 41.47 88.81
C SER F 1567 5.49 40.56 88.13
N GLU F 1568 6.78 40.83 88.32
CA GLU F 1568 7.88 39.89 87.99
C GLU F 1568 7.56 38.59 88.73
N GLY F 1569 7.51 37.48 88.01
CA GLY F 1569 7.15 36.16 88.55
C GLY F 1569 5.68 35.80 88.38
N ASN F 1570 4.91 36.56 87.59
CA ASN F 1570 3.46 36.31 87.34
C ASN F 1570 3.23 36.23 85.85
N PRO F 1571 3.72 35.19 85.17
CA PRO F 1571 3.60 35.15 83.72
C PRO F 1571 2.17 34.77 83.39
N VAL F 1572 1.64 35.31 82.30
CA VAL F 1572 0.40 34.79 81.68
C VAL F 1572 0.71 33.38 81.17
N ILE F 1573 -0.30 32.52 81.23
CA ILE F 1573 -0.20 31.14 80.71
C ILE F 1573 -0.72 31.18 79.28
N GLY F 1574 0.11 30.76 78.34
CA GLY F 1574 -0.29 30.62 76.92
C GLY F 1574 -1.20 29.41 76.76
N VAL F 1575 -2.15 29.50 75.83
CA VAL F 1575 -2.88 28.33 75.28
C VAL F 1575 -2.81 28.41 73.75
N PHE F 1576 -2.61 27.26 73.11
CA PHE F 1576 -2.26 27.18 71.68
C PHE F 1576 -3.20 26.18 71.03
N GLN F 1577 -4.49 26.50 71.03
CA GLN F 1577 -5.58 25.55 70.68
C GLN F 1577 -5.43 25.04 69.24
N LYS F 1578 -4.70 25.75 68.40
CA LYS F 1578 -4.48 25.37 66.99
C LYS F 1578 -3.68 24.09 66.91
N PHE F 1579 -3.08 23.61 67.99
CA PHE F 1579 -2.32 22.32 67.97
C PHE F 1579 -3.27 21.19 67.61
N LEU F 1580 -4.53 21.39 67.98
CA LEU F 1580 -5.59 20.37 68.01
C LEU F 1580 -6.48 20.55 66.80
N THR F 1581 -6.79 21.80 66.43
CA THR F 1581 -7.81 22.14 65.41
C THR F 1581 -7.18 22.53 64.07
N GLY F 1582 -5.93 22.98 64.07
CA GLY F 1582 -5.35 23.65 62.90
C GLY F 1582 -5.92 25.04 62.74
N HIS F 1583 -5.43 25.78 61.77
CA HIS F 1583 -5.69 27.21 61.54
C HIS F 1583 -6.77 27.38 60.50
N PRO F 1584 -8.01 27.78 60.88
CA PRO F 1584 -9.11 27.95 59.94
C PRO F 1584 -9.31 29.37 59.43
N LYS F 1585 -8.19 29.92 59.02
CA LYS F 1585 -7.87 31.36 58.89
C LYS F 1585 -9.03 32.23 59.40
N GLY F 1586 -10.06 32.55 58.64
CA GLY F 1586 -11.09 33.50 59.13
C GLY F 1586 -11.76 33.11 60.45
N ALA F 1587 -11.89 31.82 60.78
CA ALA F 1587 -12.60 31.32 61.99
C ALA F 1587 -11.66 31.28 63.18
N ALA F 1588 -10.41 31.66 63.02
CA ALA F 1588 -9.33 31.29 63.97
C ALA F 1588 -9.69 31.83 65.34
N GLY F 1589 -10.08 33.10 65.40
CA GLY F 1589 -10.30 33.91 66.61
C GLY F 1589 -11.63 33.60 67.27
N ALA F 1590 -12.63 33.18 66.51
CA ALA F 1590 -13.91 32.65 67.05
C ALA F 1590 -13.65 31.36 67.83
N TRP F 1591 -12.83 30.45 67.35
CA TRP F 1591 -12.50 29.21 68.12
C TRP F 1591 -11.67 29.54 69.35
N MET F 1592 -10.77 30.50 69.24
CA MET F 1592 -9.95 30.97 70.36
C MET F 1592 -10.86 31.56 71.44
N MET F 1593 -11.91 32.27 71.02
CA MET F 1593 -12.91 32.95 71.91
C MET F 1593 -13.83 31.91 72.58
N ASN F 1594 -14.54 31.06 71.83
CA ASN F 1594 -15.24 29.88 72.39
C ASN F 1594 -14.32 29.24 73.43
N GLY F 1595 -13.10 28.88 73.08
CA GLY F 1595 -12.15 28.20 73.97
C GLY F 1595 -11.90 28.93 75.26
N ALA F 1596 -11.84 30.26 75.20
CA ALA F 1596 -11.51 31.21 76.30
C ALA F 1596 -12.66 31.32 77.28
N LEU F 1597 -13.88 31.37 76.77
CA LEU F 1597 -15.11 31.34 77.62
C LEU F 1597 -15.22 29.99 78.33
N GLN F 1598 -14.72 28.89 77.75
CA GLN F 1598 -14.77 27.55 78.37
C GLN F 1598 -13.73 27.52 79.49
N ILE F 1599 -12.56 28.10 79.24
CA ILE F 1599 -11.48 28.24 80.26
C ILE F 1599 -12.06 29.07 81.40
N LEU F 1600 -12.79 30.14 81.07
CA LEU F 1600 -13.26 31.14 82.07
C LEU F 1600 -14.19 30.47 83.08
N ASN F 1601 -15.15 29.70 82.57
CA ASN F 1601 -16.27 29.13 83.36
C ASN F 1601 -15.92 27.75 83.92
N SER F 1602 -14.70 27.27 83.78
CA SER F 1602 -14.20 26.00 84.39
C SER F 1602 -12.96 26.22 85.25
N GLY F 1603 -12.12 27.20 84.89
CA GLY F 1603 -10.76 27.39 85.40
C GLY F 1603 -9.91 26.17 85.08
N ILE F 1604 -10.13 25.59 83.92
CA ILE F 1604 -9.28 24.52 83.34
C ILE F 1604 -8.51 25.16 82.21
N ILE F 1605 -7.20 25.16 82.26
CA ILE F 1605 -6.34 25.70 81.17
C ILE F 1605 -5.81 24.49 80.41
N PRO F 1606 -6.26 24.24 79.18
CA PRO F 1606 -5.72 23.14 78.40
C PRO F 1606 -4.28 23.40 77.95
N GLY F 1607 -3.47 22.34 77.93
CA GLY F 1607 -2.05 22.34 77.51
C GLY F 1607 -1.85 21.98 76.04
N ASN F 1608 -1.01 22.73 75.33
CA ASN F 1608 -0.44 22.35 74.00
C ASN F 1608 0.19 20.98 74.19
N ARG F 1609 -0.54 19.90 73.86
CA ARG F 1609 -0.03 18.52 73.99
C ARG F 1609 0.99 18.21 72.88
N ASN F 1610 1.29 19.11 71.97
CA ASN F 1610 2.35 18.91 70.96
C ASN F 1610 3.56 19.77 71.25
N ALA F 1611 3.57 20.47 72.37
CA ALA F 1611 4.76 21.22 72.84
C ALA F 1611 5.69 20.18 73.43
N ASP F 1612 6.47 19.54 72.55
CA ASP F 1612 7.57 18.58 72.85
C ASP F 1612 8.63 19.34 73.62
N ASN F 1613 9.07 20.45 73.05
CA ASN F 1613 10.29 21.20 73.41
C ASN F 1613 10.09 22.67 73.04
N VAL F 1614 10.09 23.54 74.04
CA VAL F 1614 9.74 24.96 73.82
C VAL F 1614 11.00 25.68 73.42
N ASP F 1615 10.88 26.50 72.38
CA ASP F 1615 12.00 27.11 71.65
C ASP F 1615 12.86 27.84 72.69
N LYS F 1616 14.15 27.55 72.77
CA LYS F 1616 15.07 28.27 73.68
C LYS F 1616 14.94 29.79 73.49
N ILE F 1617 14.53 30.23 72.31
CA ILE F 1617 14.42 31.68 71.96
C ILE F 1617 13.35 32.32 72.83
N LEU F 1618 12.40 31.53 73.33
CA LEU F 1618 11.23 32.02 74.08
C LEU F 1618 11.47 32.10 75.60
N GLU F 1619 12.68 31.82 76.11
CA GLU F 1619 12.97 31.93 77.57
C GLU F 1619 13.32 33.38 77.90
N GLN F 1620 13.58 34.20 76.88
CA GLN F 1620 13.85 35.65 77.06
C GLN F 1620 12.53 36.33 77.46
N PHE F 1621 11.41 35.67 77.21
CA PHE F 1621 10.07 36.18 77.54
C PHE F 1621 9.65 35.62 78.90
N GLU F 1622 10.19 36.24 79.93
CA GLU F 1622 9.92 36.02 81.37
C GLU F 1622 8.42 36.00 81.66
N TYR F 1623 7.60 36.80 80.96
CA TYR F 1623 6.16 37.00 81.31
C TYR F 1623 5.23 36.04 80.57
N VAL F 1624 5.73 34.99 79.93
CA VAL F 1624 4.86 33.96 79.32
C VAL F 1624 5.29 32.60 79.80
N LEU F 1625 4.31 31.73 80.11
CA LEU F 1625 4.54 30.29 80.39
C LEU F 1625 3.88 29.47 79.28
N TYR F 1626 4.53 28.38 78.85
CA TYR F 1626 4.10 27.53 77.73
C TYR F 1626 3.79 26.10 78.21
N PRO F 1627 2.63 25.83 78.85
CA PRO F 1627 2.34 24.51 79.40
C PRO F 1627 1.95 23.41 78.41
N SER F 1628 2.37 22.18 78.67
CA SER F 1628 2.16 20.97 77.83
C SER F 1628 1.09 20.07 78.43
N LYS F 1629 0.58 20.40 79.62
CA LYS F 1629 -0.52 19.63 80.23
C LYS F 1629 -1.64 20.53 80.74
N THR F 1630 -2.79 19.91 80.99
CA THR F 1630 -4.02 20.61 81.45
C THR F 1630 -3.83 20.94 82.92
N LEU F 1631 -4.12 22.18 83.28
CA LEU F 1631 -3.97 22.75 84.62
C LEU F 1631 -5.36 23.09 85.12
N LYS F 1632 -5.80 22.45 86.20
CA LYS F 1632 -7.13 22.72 86.77
C LYS F 1632 -6.89 23.66 87.93
N THR F 1633 -7.28 24.93 87.78
CA THR F 1633 -7.00 26.05 88.68
C THR F 1633 -8.17 26.33 89.63
N ASP F 1634 -7.92 27.19 90.63
CA ASP F 1634 -8.91 27.72 91.61
C ASP F 1634 -9.77 28.83 90.96
N GLY F 1635 -9.41 29.27 89.76
CA GLY F 1635 -10.24 30.14 88.90
C GLY F 1635 -9.42 31.02 87.98
N VAL F 1636 -10.03 31.46 86.89
CA VAL F 1636 -9.44 32.39 85.89
C VAL F 1636 -10.39 33.59 85.81
N ARG F 1637 -9.86 34.80 85.99
CA ARG F 1637 -10.64 36.03 86.08
C ARG F 1637 -10.76 36.68 84.70
N ALA F 1638 -9.77 36.46 83.82
CA ALA F 1638 -9.67 37.16 82.52
C ALA F 1638 -8.72 36.47 81.55
N VAL F 1639 -9.02 36.55 80.26
CA VAL F 1639 -8.30 35.85 79.17
C VAL F 1639 -8.08 36.83 78.03
N SER F 1640 -6.85 36.97 77.56
CA SER F 1640 -6.52 37.70 76.31
C SER F 1640 -6.70 36.75 75.13
N ILE F 1641 -7.13 37.26 73.99
CA ILE F 1641 -7.27 36.55 72.70
C ILE F 1641 -6.61 37.44 71.68
N THR F 1642 -5.51 37.00 71.07
CA THR F 1642 -4.70 37.80 70.12
C THR F 1642 -4.72 37.10 68.78
N SER F 1643 -5.12 37.79 67.72
CA SER F 1643 -5.15 37.26 66.33
C SER F 1643 -4.39 38.21 65.44
N PHE F 1644 -3.34 37.70 64.78
CA PHE F 1644 -2.54 38.37 63.71
C PHE F 1644 -3.02 37.83 62.36
N GLY F 1645 -3.32 38.76 61.44
CA GLY F 1645 -3.80 38.48 60.08
C GLY F 1645 -2.75 38.81 59.03
N PHE F 1646 -2.98 38.31 57.81
CA PHE F 1646 -2.31 38.76 56.56
C PHE F 1646 -2.84 40.18 56.29
N GLY F 1647 -1.97 41.06 55.82
CA GLY F 1647 -2.35 42.44 55.47
C GLY F 1647 -2.38 43.32 56.70
N GLN F 1648 -1.50 43.07 57.65
CA GLN F 1648 -1.17 44.01 58.77
C GLN F 1648 -2.43 44.20 59.61
N LYS F 1649 -2.83 43.16 60.31
CA LYS F 1649 -4.22 43.01 60.80
C LYS F 1649 -4.14 42.30 62.15
N GLY F 1650 -3.59 43.00 63.12
CA GLY F 1650 -3.64 42.64 64.53
C GLY F 1650 -5.00 42.88 65.16
N GLY F 1651 -5.22 42.19 66.27
CA GLY F 1651 -6.46 42.16 67.07
C GLY F 1651 -6.15 41.72 68.49
N GLN F 1652 -6.81 42.32 69.49
CA GLN F 1652 -6.84 41.78 70.88
C GLN F 1652 -8.25 41.90 71.42
N ALA F 1653 -8.67 40.93 72.22
CA ALA F 1653 -9.90 40.99 73.04
C ALA F 1653 -9.59 40.48 74.45
N ILE F 1654 -9.99 41.21 75.48
CA ILE F 1654 -10.03 40.71 76.90
C ILE F 1654 -11.45 40.27 77.21
N VAL F 1655 -11.59 39.09 77.75
CA VAL F 1655 -12.87 38.52 78.23
C VAL F 1655 -12.74 38.38 79.74
N VAL F 1656 -13.56 39.08 80.49
CA VAL F 1656 -13.59 39.03 81.98
C VAL F 1656 -14.66 38.04 82.42
N HIS F 1657 -14.33 37.20 83.39
CA HIS F 1657 -15.27 36.25 84.06
C HIS F 1657 -16.61 36.89 84.37
N PRO F 1658 -17.75 36.29 84.03
CA PRO F 1658 -19.03 36.93 84.26
C PRO F 1658 -19.48 37.18 85.70
N ASP F 1659 -18.85 36.61 86.72
CA ASP F 1659 -19.23 36.91 88.13
C ASP F 1659 -18.87 38.36 88.50
N TYR F 1660 -18.14 39.09 87.68
CA TYR F 1660 -17.76 40.52 87.91
C TYR F 1660 -18.93 41.40 87.49
N LEU F 1661 -19.84 40.89 86.69
CA LEU F 1661 -21.02 41.67 86.24
C LEU F 1661 -21.94 41.82 87.43
N TYR F 1662 -22.09 40.74 88.20
CA TYR F 1662 -23.22 40.59 89.14
C TYR F 1662 -22.93 41.38 90.41
N GLY F 1663 -21.69 41.77 90.62
CA GLY F 1663 -21.34 42.74 91.69
C GLY F 1663 -21.95 44.11 91.48
N ALA F 1664 -22.25 44.49 90.24
CA ALA F 1664 -22.80 45.80 89.84
C ALA F 1664 -24.32 45.90 90.00
N ILE F 1665 -25.01 44.84 90.40
CA ILE F 1665 -26.50 44.83 90.46
C ILE F 1665 -26.95 44.45 91.86
N THR F 1666 -28.20 44.75 92.20
CA THR F 1666 -28.84 44.49 93.52
C THR F 1666 -29.16 43.01 93.69
N GLU F 1667 -29.26 42.56 94.93
CA GLU F 1667 -29.68 41.19 95.31
C GLU F 1667 -31.07 40.86 94.74
N ASP F 1668 -32.02 41.80 94.69
CA ASP F 1668 -33.38 41.51 94.13
C ASP F 1668 -33.29 41.21 92.64
N ARG F 1669 -32.57 42.07 91.92
CA ARG F 1669 -32.36 41.96 90.46
C ARG F 1669 -31.64 40.67 90.11
N TYR F 1670 -30.60 40.33 90.87
CA TYR F 1670 -29.82 39.09 90.64
C TYR F 1670 -30.71 37.87 90.82
N ASN F 1671 -31.39 37.79 91.96
CA ASN F 1671 -32.28 36.67 92.31
C ASN F 1671 -33.38 36.54 91.24
N GLU F 1672 -33.92 37.65 90.74
CA GLU F 1672 -34.92 37.65 89.64
C GLU F 1672 -34.30 37.02 88.38
N TYR F 1673 -33.15 37.52 87.92
CA TYR F 1673 -32.36 37.01 86.77
C TYR F 1673 -32.07 35.53 86.95
N VAL F 1674 -31.51 35.10 88.09
CA VAL F 1674 -31.14 33.68 88.33
C VAL F 1674 -32.33 32.77 87.99
N ALA F 1675 -33.50 33.07 88.53
CA ALA F 1675 -34.75 32.31 88.33
C ALA F 1675 -35.01 32.22 86.84
N LYS F 1676 -35.00 33.38 86.19
CA LYS F 1676 -35.37 33.54 84.77
C LYS F 1676 -34.48 32.65 83.89
N VAL F 1677 -33.24 32.40 84.28
CA VAL F 1677 -32.20 31.69 83.48
C VAL F 1677 -32.36 30.20 83.73
N SER F 1678 -32.45 29.83 84.99
CA SER F 1678 -32.73 28.45 85.45
C SER F 1678 -33.93 27.89 84.68
N ALA F 1679 -34.96 28.70 84.40
CA ALA F 1679 -36.14 28.30 83.58
C ALA F 1679 -35.74 28.08 82.13
N ARG F 1680 -35.06 29.05 81.54
CA ARG F 1680 -34.55 29.03 80.16
C ARG F 1680 -33.70 27.81 79.88
N GLU F 1681 -32.87 27.42 80.84
CA GLU F 1681 -31.83 26.41 80.60
C GLU F 1681 -32.55 25.07 80.48
N LYS F 1682 -33.57 24.85 81.32
CA LYS F 1682 -34.46 23.67 81.22
C LYS F 1682 -35.12 23.66 79.84
N SER F 1683 -35.87 24.69 79.47
CA SER F 1683 -36.48 24.84 78.11
C SER F 1683 -35.47 24.54 76.98
N ALA F 1684 -34.30 25.13 77.01
CA ALA F 1684 -33.24 24.91 76.01
C ALA F 1684 -32.87 23.43 75.95
N TYR F 1685 -32.77 22.75 77.10
CA TYR F 1685 -32.41 21.30 77.15
C TYR F 1685 -33.53 20.48 76.50
N LYS F 1686 -34.76 20.71 76.92
CA LYS F 1686 -35.97 20.21 76.24
C LYS F 1686 -35.80 20.31 74.72
N PHE F 1687 -35.43 21.46 74.23
CA PHE F 1687 -35.35 21.73 72.77
C PHE F 1687 -34.17 20.98 72.16
N PHE F 1688 -33.01 21.12 72.77
CA PHE F 1688 -31.77 20.47 72.28
C PHE F 1688 -32.03 19.01 71.99
N HIS F 1689 -32.44 18.23 73.00
CA HIS F 1689 -32.54 16.74 72.89
C HIS F 1689 -33.66 16.35 71.93
N ASN F 1690 -34.76 17.06 71.95
CA ASN F 1690 -35.81 16.88 70.92
C ASN F 1690 -35.22 17.05 69.51
N GLY F 1691 -34.64 18.19 69.19
CA GLY F 1691 -34.04 18.46 67.86
C GLY F 1691 -32.89 17.54 67.52
N MET F 1692 -32.22 16.95 68.50
CA MET F 1692 -31.04 16.09 68.26
C MET F 1692 -31.54 14.77 67.69
N ILE F 1693 -32.43 14.09 68.41
CA ILE F 1693 -32.96 12.77 67.99
C ILE F 1693 -33.88 12.89 66.77
N TYR F 1694 -34.57 13.99 66.53
CA TYR F 1694 -35.49 14.13 65.36
C TYR F 1694 -34.89 14.98 64.22
N ASN F 1695 -33.60 15.31 64.25
CA ASN F 1695 -32.87 15.98 63.15
C ASN F 1695 -33.62 17.25 62.72
N LYS F 1696 -33.73 18.17 63.68
CA LYS F 1696 -34.69 19.30 63.68
C LYS F 1696 -34.20 20.47 64.53
N LEU F 1697 -32.91 20.52 64.91
CA LEU F 1697 -32.31 21.66 65.67
C LEU F 1697 -32.49 22.93 64.86
N PHE F 1698 -32.16 22.87 63.57
CA PHE F 1698 -32.34 23.97 62.59
C PHE F 1698 -33.77 23.94 62.08
N VAL F 1699 -34.50 25.03 62.20
CA VAL F 1699 -35.87 25.14 61.63
C VAL F 1699 -35.96 26.45 60.84
N SER F 1700 -35.80 26.40 59.51
CA SER F 1700 -35.92 27.59 58.64
C SER F 1700 -37.29 28.22 58.88
N LYS F 1701 -37.31 29.55 58.93
CA LYS F 1701 -38.53 30.31 59.15
C LYS F 1701 -39.09 30.56 57.75
N GLU F 1702 -40.37 30.31 57.54
CA GLU F 1702 -41.02 30.44 56.20
C GLU F 1702 -41.42 31.90 56.00
N HIS F 1703 -42.12 32.46 56.98
CA HIS F 1703 -42.62 33.86 57.00
C HIS F 1703 -41.79 34.66 57.99
N ALA F 1704 -41.66 35.96 57.73
CA ALA F 1704 -41.13 36.96 58.69
C ALA F 1704 -42.10 37.12 59.87
N PRO F 1705 -41.71 37.76 60.99
CA PRO F 1705 -42.65 37.97 62.08
C PRO F 1705 -43.78 38.94 61.71
N TYR F 1706 -43.60 39.75 60.67
CA TYR F 1706 -44.64 40.67 60.12
C TYR F 1706 -45.18 40.11 58.81
N THR F 1707 -46.41 40.46 58.47
CA THR F 1707 -47.01 40.30 57.11
C THR F 1707 -46.54 41.45 56.22
N ASP F 1708 -46.65 41.29 54.89
CA ASP F 1708 -46.21 42.30 53.88
C ASP F 1708 -46.96 43.63 54.06
N GLU F 1709 -48.19 43.60 54.59
CA GLU F 1709 -49.04 44.80 54.80
C GLU F 1709 -48.53 45.59 56.03
N LEU F 1710 -48.03 44.89 57.06
CA LEU F 1710 -47.45 45.50 58.28
C LEU F 1710 -45.93 45.70 58.18
N GLU F 1711 -45.27 45.24 57.10
CA GLU F 1711 -43.81 45.38 56.88
C GLU F 1711 -43.33 46.79 57.28
N GLU F 1712 -43.90 47.82 56.65
CA GLU F 1712 -43.40 49.23 56.73
C GLU F 1712 -43.77 49.84 58.09
N ASP F 1713 -45.01 49.64 58.54
CA ASP F 1713 -45.55 50.13 59.84
C ASP F 1713 -44.68 49.63 60.99
N VAL F 1714 -44.32 48.35 60.99
CA VAL F 1714 -43.34 47.79 61.97
C VAL F 1714 -42.01 48.51 61.83
N TYR F 1715 -41.40 48.59 60.64
CA TYR F 1715 -40.07 49.24 60.41
C TYR F 1715 -40.04 50.67 61.00
N LEU F 1716 -41.17 51.37 60.92
CA LEU F 1716 -41.30 52.80 61.26
C LEU F 1716 -41.74 53.02 62.72
N ASP F 1717 -42.09 51.97 63.47
CA ASP F 1717 -42.35 52.09 64.93
C ASP F 1717 -41.14 51.55 65.67
N PRO F 1718 -40.41 52.37 66.47
CA PRO F 1718 -39.39 51.87 67.39
C PRO F 1718 -39.88 50.87 68.44
N LEU F 1719 -41.14 51.00 68.85
CA LEU F 1719 -41.67 50.38 70.08
C LEU F 1719 -42.48 49.14 69.74
N ALA F 1720 -42.83 48.93 68.48
CA ALA F 1720 -43.46 47.69 67.97
C ALA F 1720 -42.64 46.49 68.44
N ARG F 1721 -43.24 45.64 69.27
CA ARG F 1721 -42.71 44.30 69.67
C ARG F 1721 -43.68 43.23 69.17
N VAL F 1722 -43.37 41.97 69.46
CA VAL F 1722 -43.98 40.76 68.87
C VAL F 1722 -44.68 40.03 70.02
N SER F 1723 -45.95 39.66 69.82
CA SER F 1723 -46.84 38.97 70.79
C SER F 1723 -46.92 37.50 70.37
N LYS F 1724 -47.33 36.61 71.26
CA LYS F 1724 -47.76 35.22 70.90
C LYS F 1724 -49.11 35.32 70.18
N ASP F 1725 -49.20 34.83 68.94
CA ASP F 1725 -50.47 34.77 68.16
C ASP F 1725 -51.38 33.73 68.83
N LYS F 1726 -52.68 34.05 68.93
CA LYS F 1726 -53.69 33.23 69.67
C LYS F 1726 -53.80 31.86 68.99
N LYS F 1727 -54.07 31.84 67.67
CA LYS F 1727 -54.33 30.61 66.86
C LYS F 1727 -53.05 29.79 66.68
N SER F 1728 -52.10 30.32 65.89
CA SER F 1728 -50.89 29.59 65.39
C SER F 1728 -49.91 29.26 66.54
N GLY F 1729 -49.83 30.10 67.58
CA GLY F 1729 -48.90 29.94 68.72
C GLY F 1729 -47.51 30.49 68.44
N SER F 1730 -47.28 31.05 67.24
CA SER F 1730 -45.99 31.62 66.77
C SER F 1730 -45.97 33.14 66.98
N LEU F 1731 -44.80 33.68 67.30
CA LEU F 1731 -44.57 35.11 67.67
C LEU F 1731 -44.72 35.99 66.42
N THR F 1732 -45.69 36.91 66.39
CA THR F 1732 -45.98 37.81 65.23
C THR F 1732 -46.37 39.21 65.71
N PHE F 1733 -46.13 40.23 64.88
CA PHE F 1733 -46.61 41.63 65.06
C PHE F 1733 -48.10 41.71 64.75
N ASN F 1734 -48.88 42.05 65.77
CA ASN F 1734 -50.33 42.39 65.71
C ASN F 1734 -50.43 43.87 65.32
N SER F 1735 -51.39 44.23 64.46
CA SER F 1735 -51.65 45.63 64.03
C SER F 1735 -52.09 46.53 65.21
N LYS F 1736 -52.53 45.95 66.33
CA LYS F 1736 -52.97 46.64 67.58
C LYS F 1736 -51.77 47.21 68.35
N ASN F 1737 -50.67 46.47 68.42
CA ASN F 1737 -49.41 46.83 69.13
C ASN F 1737 -48.50 47.72 68.26
N ILE F 1738 -48.99 48.24 67.12
CA ILE F 1738 -48.20 49.09 66.17
C ILE F 1738 -48.78 50.51 66.22
N GLN F 1739 -47.93 51.47 66.57
CA GLN F 1739 -48.22 52.92 66.75
C GLN F 1739 -49.29 53.05 67.85
N SER F 1740 -49.04 52.37 68.98
CA SER F 1740 -49.98 52.13 70.10
C SER F 1740 -49.65 53.09 71.26
N LYS F 1741 -50.69 53.64 71.89
CA LYS F 1741 -50.60 54.51 73.09
C LYS F 1741 -49.96 53.76 74.28
N ASP F 1742 -50.16 52.44 74.40
CA ASP F 1742 -49.77 51.61 75.58
C ASP F 1742 -48.25 51.34 75.61
N SER F 1743 -47.58 51.30 74.44
CA SER F 1743 -46.11 51.14 74.29
C SER F 1743 -45.38 52.33 74.95
N TYR F 1744 -45.75 53.56 74.57
CA TYR F 1744 -45.09 54.84 74.98
C TYR F 1744 -45.45 55.19 76.43
N ILE F 1745 -46.76 55.17 76.75
CA ILE F 1745 -47.37 55.61 78.05
C ILE F 1745 -47.51 54.38 78.97
N ASN F 1746 -46.43 54.02 79.65
CA ASN F 1746 -46.35 52.85 80.58
C ASN F 1746 -47.04 53.24 81.89
N ALA F 1747 -47.11 52.30 82.85
CA ALA F 1747 -47.81 52.43 84.16
C ALA F 1747 -47.30 53.64 84.98
N ASN F 1748 -45.99 53.98 84.87
CA ASN F 1748 -45.31 55.02 85.71
C ASN F 1748 -45.76 56.43 85.29
N THR F 1749 -45.85 56.76 83.99
CA THR F 1749 -46.24 58.10 83.49
C THR F 1749 -47.76 58.32 83.63
N ILE F 1750 -48.55 57.25 83.82
CA ILE F 1750 -50.02 57.34 84.16
C ILE F 1750 -50.18 57.88 85.60
N GLU F 1751 -49.45 57.32 86.56
CA GLU F 1751 -49.59 57.56 88.03
C GLU F 1751 -48.69 58.71 88.50
N THR F 1752 -47.86 59.29 87.62
CA THR F 1752 -46.99 60.50 87.86
C THR F 1752 -47.66 61.74 87.24
N ALA F 1753 -48.33 61.59 86.08
CA ALA F 1753 -49.19 62.60 85.41
C ALA F 1753 -50.53 62.74 86.15
N LYS F 1754 -50.93 61.75 86.97
CA LYS F 1754 -52.11 61.82 87.88
C LYS F 1754 -51.77 62.64 89.14
N MET F 1755 -50.53 62.52 89.64
CA MET F 1755 -50.09 63.12 90.94
C MET F 1755 -49.91 64.64 90.82
N ILE F 1756 -49.29 65.11 89.73
CA ILE F 1756 -49.04 66.57 89.47
C ILE F 1756 -50.20 67.17 88.63
N GLU F 1757 -51.26 66.38 88.38
CA GLU F 1757 -52.62 66.83 87.95
C GLU F 1757 -53.50 67.09 89.21
N ASN F 1758 -53.16 66.46 90.36
CA ASN F 1758 -53.85 66.62 91.67
C ASN F 1758 -53.44 67.95 92.37
N MET F 1759 -52.33 68.58 91.97
CA MET F 1759 -51.79 69.83 92.62
C MET F 1759 -51.63 70.98 91.60
N THR F 1760 -52.45 71.03 90.53
CA THR F 1760 -52.37 72.04 89.43
C THR F 1760 -53.44 73.13 89.67
N LYS F 1761 -53.41 73.73 90.88
CA LYS F 1761 -54.34 74.77 91.41
C LYS F 1761 -55.80 74.27 91.39
N GLU F 1762 -56.09 73.29 92.27
CA GLU F 1762 -57.45 72.73 92.52
C GLU F 1762 -57.51 72.25 93.98
N LYS F 1763 -56.54 71.40 94.37
CA LYS F 1763 -56.37 70.82 95.74
C LYS F 1763 -55.41 71.71 96.57
N VAL F 1764 -54.69 72.65 95.93
CA VAL F 1764 -53.60 73.49 96.54
C VAL F 1764 -54.08 74.95 96.69
N SER F 1765 -55.39 75.14 96.98
CA SER F 1765 -56.06 76.46 97.16
C SER F 1765 -55.55 77.14 98.46
N ASN F 1766 -55.51 76.41 99.59
CA ASN F 1766 -55.02 76.88 100.93
C ASN F 1766 -54.27 75.73 101.65
N GLY F 1767 -53.21 75.20 101.01
CA GLY F 1767 -52.39 74.07 101.52
C GLY F 1767 -50.98 74.05 100.91
N GLY F 1768 -49.94 74.13 101.76
CA GLY F 1768 -48.51 74.03 101.37
C GLY F 1768 -48.16 72.63 100.86
N VAL F 1769 -47.41 72.55 99.75
CA VAL F 1769 -47.11 71.31 98.96
C VAL F 1769 -45.63 70.94 99.09
N GLY F 1770 -45.28 69.73 98.65
CA GLY F 1770 -43.90 69.20 98.67
C GLY F 1770 -43.71 68.10 97.64
N VAL F 1771 -43.00 68.43 96.54
CA VAL F 1771 -42.51 67.47 95.51
C VAL F 1771 -41.11 67.02 95.94
N ASP F 1772 -40.88 65.71 96.04
CA ASP F 1772 -39.54 65.11 96.26
C ASP F 1772 -39.38 63.83 95.42
N VAL F 1773 -38.43 63.83 94.48
CA VAL F 1773 -37.97 62.64 93.71
C VAL F 1773 -36.69 62.12 94.39
N GLU F 1774 -36.48 60.79 94.37
CA GLU F 1774 -35.25 60.10 94.83
C GLU F 1774 -34.96 58.95 93.84
N LEU F 1775 -33.78 58.95 93.21
CA LEU F 1775 -33.37 57.91 92.24
C LEU F 1775 -33.08 56.59 92.98
N ILE F 1776 -33.49 55.45 92.39
CA ILE F 1776 -33.43 54.08 92.97
C ILE F 1776 -31.97 53.71 93.33
N THR F 1777 -30.98 54.09 92.51
CA THR F 1777 -29.54 53.72 92.63
C THR F 1777 -28.91 54.39 93.88
N SER F 1778 -29.41 55.56 94.31
CA SER F 1778 -28.95 56.32 95.50
C SER F 1778 -29.53 55.73 96.82
N ILE F 1779 -30.41 54.72 96.72
CA ILE F 1779 -30.86 53.86 97.87
C ILE F 1779 -29.98 52.59 97.91
N ASN F 1780 -29.33 52.32 99.06
CA ASN F 1780 -28.66 51.04 99.42
C ASN F 1780 -29.53 50.34 100.50
N VAL F 1781 -29.97 49.10 100.22
CA VAL F 1781 -30.85 48.23 101.07
C VAL F 1781 -30.00 47.51 102.15
N GLU F 1782 -28.78 47.07 101.83
CA GLU F 1782 -27.87 46.29 102.73
C GLU F 1782 -27.06 47.24 103.64
N ASN F 1783 -27.09 48.56 103.38
CA ASN F 1783 -26.62 49.64 104.32
C ASN F 1783 -27.69 49.86 105.40
N ASP F 1784 -27.52 49.22 106.57
CA ASP F 1784 -28.54 49.07 107.66
C ASP F 1784 -28.41 50.19 108.72
N THR F 1785 -27.41 51.07 108.62
CA THR F 1785 -27.28 52.33 109.42
C THR F 1785 -28.31 53.36 108.92
N PHE F 1786 -28.48 53.46 107.60
CA PHE F 1786 -29.48 54.32 106.91
C PHE F 1786 -30.92 53.77 107.15
N ILE F 1787 -31.11 52.45 107.04
CA ILE F 1787 -32.44 51.76 106.99
C ILE F 1787 -33.06 51.69 108.40
N GLU F 1788 -32.25 51.44 109.46
CA GLU F 1788 -32.71 51.43 110.88
C GLU F 1788 -33.17 52.84 111.32
N ARG F 1789 -32.29 53.85 111.14
CA ARG F 1789 -32.42 55.23 111.70
C ARG F 1789 -33.60 56.02 111.09
N ASN F 1790 -33.90 55.82 109.80
CA ASN F 1790 -34.82 56.68 108.99
C ASN F 1790 -36.14 55.97 108.66
N PHE F 1791 -36.31 54.68 109.00
CA PHE F 1791 -37.54 53.86 108.73
C PHE F 1791 -38.01 53.17 110.02
N THR F 1792 -39.35 53.05 110.17
CA THR F 1792 -40.06 52.34 111.27
C THR F 1792 -40.11 50.84 110.94
N PRO F 1793 -40.26 49.94 111.96
CA PRO F 1793 -40.46 48.50 111.71
C PRO F 1793 -41.62 48.06 110.79
N GLN F 1794 -42.66 48.90 110.62
CA GLN F 1794 -43.84 48.64 109.74
C GLN F 1794 -43.51 48.95 108.26
N GLU F 1795 -42.64 49.94 108.00
CA GLU F 1795 -42.21 50.37 106.63
C GLU F 1795 -41.12 49.43 106.08
N ILE F 1796 -40.23 48.91 106.94
CA ILE F 1796 -39.16 47.92 106.60
C ILE F 1796 -39.82 46.56 106.30
N GLU F 1797 -40.85 46.18 107.07
CA GLU F 1797 -41.66 44.93 106.88
C GLU F 1797 -42.35 44.96 105.51
N TYR F 1798 -42.96 46.10 105.13
CA TYR F 1798 -43.71 46.30 103.86
C TYR F 1798 -42.74 46.34 102.66
N CYS F 1799 -41.71 47.21 102.72
CA CYS F 1799 -40.69 47.45 101.66
C CYS F 1799 -39.93 46.14 101.34
N SER F 1800 -39.46 45.41 102.38
CA SER F 1800 -38.67 44.14 102.29
C SER F 1800 -39.52 42.98 101.73
N ALA F 1801 -40.85 43.06 101.81
CA ALA F 1801 -41.80 42.05 101.28
C ALA F 1801 -42.06 42.25 99.76
N GLN F 1802 -41.81 43.46 99.22
CA GLN F 1802 -42.14 43.83 97.81
C GLN F 1802 -41.17 43.13 96.83
N PRO F 1803 -41.53 42.99 95.52
CA PRO F 1803 -40.65 42.34 94.53
C PRO F 1803 -39.31 43.08 94.32
N SER F 1804 -39.36 44.37 93.94
CA SER F 1804 -38.20 45.31 93.93
C SER F 1804 -38.20 46.12 95.24
N VAL F 1805 -37.35 45.71 96.19
CA VAL F 1805 -37.26 46.23 97.59
C VAL F 1805 -36.60 47.63 97.57
N GLN F 1806 -35.56 47.83 96.74
CA GLN F 1806 -34.86 49.12 96.52
C GLN F 1806 -35.81 50.16 95.91
N SER F 1807 -36.64 49.75 94.94
CA SER F 1807 -37.69 50.57 94.28
C SER F 1807 -38.75 51.05 95.29
N SER F 1808 -39.06 50.22 96.30
CA SER F 1808 -40.14 50.43 97.31
C SER F 1808 -39.64 51.30 98.48
N PHE F 1809 -38.36 51.17 98.90
CA PHE F 1809 -37.68 52.04 99.90
C PHE F 1809 -37.54 53.48 99.35
N ALA F 1810 -37.26 53.65 98.05
CA ALA F 1810 -37.20 54.96 97.34
C ALA F 1810 -38.60 55.57 97.19
N GLY F 1811 -39.66 54.75 97.27
CA GLY F 1811 -41.06 55.20 97.32
C GLY F 1811 -41.43 55.81 98.67
N THR F 1812 -41.03 55.14 99.77
CA THR F 1812 -41.25 55.53 101.19
C THR F 1812 -40.35 56.72 101.58
N TRP F 1813 -39.09 56.73 101.11
CA TRP F 1813 -38.07 57.81 101.30
C TRP F 1813 -38.49 59.10 100.58
N SER F 1814 -39.04 58.98 99.37
CA SER F 1814 -39.64 60.08 98.57
C SER F 1814 -40.80 60.73 99.35
N ALA F 1815 -41.62 59.92 100.03
CA ALA F 1815 -42.84 60.34 100.77
C ALA F 1815 -42.49 61.08 102.08
N LYS F 1816 -41.46 60.63 102.82
CA LYS F 1816 -40.96 61.25 104.09
C LYS F 1816 -40.39 62.65 103.84
N GLU F 1817 -39.55 62.82 102.81
CA GLU F 1817 -38.98 64.14 102.36
C GLU F 1817 -40.11 65.06 101.81
N ALA F 1818 -41.10 64.51 101.10
CA ALA F 1818 -42.22 65.26 100.47
C ALA F 1818 -43.15 65.85 101.55
N VAL F 1819 -43.53 65.03 102.55
CA VAL F 1819 -44.33 65.42 103.75
C VAL F 1819 -43.59 66.54 104.52
N PHE F 1820 -42.29 66.34 104.83
CA PHE F 1820 -41.41 67.26 105.61
C PHE F 1820 -41.34 68.65 104.96
N LYS F 1821 -41.29 68.72 103.62
CA LYS F 1821 -41.34 69.99 102.81
C LYS F 1821 -42.73 70.63 102.91
N SER F 1822 -43.81 69.82 102.78
CA SER F 1822 -45.25 70.25 102.76
C SER F 1822 -45.66 70.94 104.08
N LEU F 1823 -45.12 70.48 105.22
CA LEU F 1823 -45.34 71.05 106.59
C LEU F 1823 -44.74 72.48 106.69
N GLY F 1824 -43.71 72.77 105.88
CA GLY F 1824 -43.04 74.10 105.76
C GLY F 1824 -41.88 74.28 106.74
N VAL F 1825 -41.62 73.29 107.61
CA VAL F 1825 -40.61 73.35 108.72
C VAL F 1825 -39.21 73.14 108.12
N LYS F 1826 -38.29 74.09 108.39
CA LYS F 1826 -36.89 74.14 107.86
C LYS F 1826 -36.04 73.02 108.50
N SER F 1827 -36.21 72.81 109.82
CA SER F 1827 -35.44 71.83 110.66
C SER F 1827 -36.30 71.35 111.85
N LEU F 1828 -36.15 70.07 112.26
CA LEU F 1828 -36.78 69.44 113.47
C LEU F 1828 -35.82 69.51 114.68
N GLY F 1829 -34.55 69.89 114.46
CA GLY F 1829 -33.49 70.02 115.49
C GLY F 1829 -32.22 69.27 115.08
N GLY F 1830 -31.39 69.90 114.23
CA GLY F 1830 -30.10 69.38 113.73
C GLY F 1830 -30.29 68.33 112.64
N GLY F 1831 -29.76 67.11 112.88
CA GLY F 1831 -29.67 65.98 111.92
C GLY F 1831 -31.02 65.31 111.65
N ALA F 1832 -31.32 65.02 110.38
CA ALA F 1832 -32.60 64.45 109.89
C ALA F 1832 -32.73 62.96 110.28
N ALA F 1833 -33.56 62.67 111.30
CA ALA F 1833 -34.13 61.33 111.64
C ALA F 1833 -35.63 61.34 111.31
N LEU F 1834 -35.97 60.95 110.06
CA LEU F 1834 -37.36 60.95 109.49
C LEU F 1834 -38.11 59.65 109.81
N LYS F 1835 -37.71 58.94 110.88
CA LYS F 1835 -38.50 57.85 111.53
C LYS F 1835 -39.86 58.42 112.02
N ASP F 1836 -39.81 59.64 112.59
CA ASP F 1836 -40.97 60.43 113.12
C ASP F 1836 -42.14 60.34 112.13
N ILE F 1837 -41.91 60.79 110.88
CA ILE F 1837 -42.90 60.77 109.75
C ILE F 1837 -42.95 59.32 109.23
N GLU F 1838 -43.96 58.55 109.67
CA GLU F 1838 -44.25 57.17 109.20
C GLU F 1838 -45.26 57.23 108.03
N ILE F 1839 -45.03 56.40 107.00
CA ILE F 1839 -45.95 56.13 105.85
C ILE F 1839 -46.49 54.70 106.02
N VAL F 1840 -47.73 54.57 106.51
CA VAL F 1840 -48.50 53.28 106.62
C VAL F 1840 -49.00 52.93 105.20
N ARG F 1841 -48.44 51.87 104.60
CA ARG F 1841 -48.63 51.49 103.17
C ARG F 1841 -49.43 50.18 103.08
N VAL F 1842 -50.76 50.30 102.96
CA VAL F 1842 -51.69 49.19 102.60
C VAL F 1842 -51.80 49.13 101.06
N ASN F 1843 -51.77 47.92 100.49
CA ASN F 1843 -51.64 47.65 99.02
C ASN F 1843 -52.86 48.20 98.23
N LYS F 1844 -52.60 49.22 97.38
CA LYS F 1844 -53.54 49.91 96.42
C LYS F 1844 -54.20 51.14 97.09
N ASN F 1845 -54.53 51.06 98.41
CA ASN F 1845 -54.90 52.22 99.28
C ASN F 1845 -53.81 53.31 99.15
N ALA F 1846 -54.21 54.55 98.85
CA ALA F 1846 -53.33 55.76 98.89
C ALA F 1846 -52.65 55.80 100.26
N PRO F 1847 -51.29 55.74 100.33
CA PRO F 1847 -50.58 55.53 101.61
C PRO F 1847 -50.77 56.65 102.66
N ALA F 1848 -51.31 56.29 103.83
CA ALA F 1848 -51.68 57.19 104.95
C ALA F 1848 -50.43 57.61 105.75
N VAL F 1849 -50.37 58.89 106.16
CA VAL F 1849 -49.26 59.52 106.94
C VAL F 1849 -49.68 59.63 108.42
N GLU F 1850 -49.06 58.83 109.30
CA GLU F 1850 -49.06 59.01 110.77
C GLU F 1850 -47.70 59.61 111.16
N LEU F 1851 -47.69 60.63 112.05
CA LEU F 1851 -46.47 61.40 112.42
C LEU F 1851 -46.38 61.52 113.95
N HIS F 1852 -45.21 61.18 114.51
CA HIS F 1852 -44.95 60.92 115.96
C HIS F 1852 -43.78 61.78 116.48
N GLY F 1853 -43.64 61.87 117.82
CA GLY F 1853 -42.50 62.49 118.54
C GLY F 1853 -42.42 64.01 118.32
N ASN F 1854 -41.38 64.45 117.61
CA ASN F 1854 -41.02 65.89 117.37
C ASN F 1854 -41.66 66.43 116.07
N ALA F 1855 -41.89 65.59 115.04
CA ALA F 1855 -42.52 65.97 113.75
C ALA F 1855 -44.03 66.24 113.93
N LYS F 1856 -44.66 65.58 114.92
CA LYS F 1856 -46.09 65.78 115.33
C LYS F 1856 -46.26 67.17 115.97
N LYS F 1857 -45.31 67.57 116.84
CA LYS F 1857 -45.23 68.88 117.56
C LYS F 1857 -45.20 70.05 116.56
N ALA F 1858 -44.28 70.04 115.58
CA ALA F 1858 -43.98 71.14 114.63
C ALA F 1858 -45.03 71.23 113.49
N ALA F 1859 -45.91 70.22 113.35
CA ALA F 1859 -47.10 70.20 112.45
C ALA F 1859 -48.32 70.82 113.17
N GLU F 1860 -48.59 70.41 114.41
CA GLU F 1860 -49.72 70.90 115.27
C GLU F 1860 -49.41 72.30 115.85
N GLU F 1861 -48.15 72.76 115.77
CA GLU F 1861 -47.65 74.12 116.16
C GLU F 1861 -47.69 75.08 114.94
N ALA F 1862 -47.76 74.55 113.70
CA ALA F 1862 -47.85 75.31 112.42
C ALA F 1862 -49.28 75.27 111.83
N GLY F 1863 -50.27 74.71 112.56
CA GLY F 1863 -51.68 74.61 112.12
C GLY F 1863 -51.89 73.59 111.00
N VAL F 1864 -51.96 72.30 111.35
CA VAL F 1864 -52.19 71.14 110.43
C VAL F 1864 -53.18 70.15 111.09
N THR F 1865 -54.21 69.70 110.34
CA THR F 1865 -55.24 68.69 110.75
C THR F 1865 -55.12 67.41 109.90
N ASP F 1866 -54.90 67.53 108.58
CA ASP F 1866 -54.76 66.40 107.61
C ASP F 1866 -53.46 66.57 106.80
N VAL F 1867 -52.80 65.44 106.46
CA VAL F 1867 -51.62 65.35 105.52
C VAL F 1867 -51.83 64.13 104.59
N LYS F 1868 -52.02 64.39 103.28
CA LYS F 1868 -52.07 63.35 102.21
C LYS F 1868 -50.64 63.07 101.70
N VAL F 1869 -50.48 61.98 100.93
CA VAL F 1869 -49.25 61.70 100.10
C VAL F 1869 -49.58 60.62 99.05
N SER F 1870 -49.14 60.83 97.80
CA SER F 1870 -49.22 59.89 96.65
C SER F 1870 -47.81 59.55 96.17
N ILE F 1871 -47.53 58.27 95.87
CA ILE F 1871 -46.19 57.74 95.47
C ILE F 1871 -46.33 56.96 94.14
N SER F 1872 -45.47 57.29 93.16
CA SER F 1872 -45.12 56.45 91.98
C SER F 1872 -43.62 56.16 92.01
N HIS F 1873 -43.25 54.88 91.91
CA HIS F 1873 -41.84 54.40 91.80
C HIS F 1873 -41.77 53.39 90.65
N ASP F 1874 -40.60 53.31 90.00
CA ASP F 1874 -40.25 52.27 89.00
C ASP F 1874 -38.74 51.93 89.16
N ASP F 1875 -38.00 51.71 88.06
CA ASP F 1875 -36.56 51.34 88.10
C ASP F 1875 -35.67 52.60 88.16
N LEU F 1876 -36.21 53.82 87.95
CA LEU F 1876 -35.43 55.09 88.00
C LEU F 1876 -36.00 56.06 89.06
N GLN F 1877 -37.01 56.87 88.70
CA GLN F 1877 -37.50 58.02 89.51
C GLN F 1877 -38.67 57.51 90.37
N ALA F 1878 -38.44 57.44 91.68
CA ALA F 1878 -39.51 57.40 92.73
C ALA F 1878 -39.85 58.84 93.13
N VAL F 1879 -41.06 59.31 92.78
CA VAL F 1879 -41.59 60.69 93.06
C VAL F 1879 -42.74 60.58 94.06
N ALA F 1880 -42.85 61.55 94.98
CA ALA F 1880 -43.93 61.67 95.98
C ALA F 1880 -44.38 63.13 96.11
N VAL F 1881 -45.71 63.34 96.12
CA VAL F 1881 -46.39 64.65 96.33
C VAL F 1881 -47.19 64.58 97.64
N ALA F 1882 -46.96 65.52 98.56
CA ALA F 1882 -47.67 65.65 99.86
C ALA F 1882 -48.26 67.07 100.00
N VAL F 1883 -49.58 67.15 100.27
CA VAL F 1883 -50.31 68.41 100.64
C VAL F 1883 -50.65 68.33 102.14
N SER F 1884 -50.70 69.48 102.82
CA SER F 1884 -50.94 69.61 104.30
C SER F 1884 -51.86 70.81 104.59
N THR F 1885 -53.17 70.55 104.74
CA THR F 1885 -54.25 71.54 105.05
C THR F 1885 -54.35 71.73 106.58
N LYS F 1886 -55.19 72.68 107.04
CA LYS F 1886 -55.42 73.00 108.48
C LYS F 1886 -56.35 71.94 109.09
N MET G 1 -118.16 44.19 18.94
CA MET G 1 -117.13 45.27 18.72
C MET G 1 -116.54 45.13 17.30
N LYS G 2 -116.38 46.24 16.58
CA LYS G 2 -115.72 46.29 15.25
C LYS G 2 -114.25 45.89 15.44
N PRO G 3 -113.64 45.07 14.54
CA PRO G 3 -112.21 44.76 14.63
C PRO G 3 -111.25 45.97 14.53
N GLU G 4 -111.66 47.06 13.85
CA GLU G 4 -110.87 48.32 13.69
C GLU G 4 -110.77 49.04 15.04
N VAL G 5 -111.81 48.94 15.87
CA VAL G 5 -111.94 49.60 17.20
C VAL G 5 -111.17 48.75 18.22
N GLU G 6 -111.52 47.46 18.31
CA GLU G 6 -110.80 46.43 19.11
C GLU G 6 -109.29 46.59 18.92
N GLN G 7 -108.83 46.83 17.67
CA GLN G 7 -107.41 47.04 17.32
C GLN G 7 -106.91 48.32 18.00
N GLU G 8 -107.66 49.42 17.89
CA GLU G 8 -107.32 50.73 18.51
C GLU G 8 -107.08 50.52 20.01
N LEU G 9 -108.03 49.87 20.69
CA LEU G 9 -108.01 49.66 22.16
C LEU G 9 -106.83 48.77 22.54
N ALA G 10 -106.69 47.62 21.89
CA ALA G 10 -105.58 46.66 22.13
C ALA G 10 -104.25 47.42 22.10
N HIS G 11 -104.08 48.35 21.16
CA HIS G 11 -102.87 49.21 20.98
C HIS G 11 -102.67 50.07 22.24
N ILE G 12 -103.65 50.94 22.55
CA ILE G 12 -103.67 51.82 23.75
C ILE G 12 -103.18 51.01 24.95
N LEU G 13 -103.92 49.97 25.30
CA LEU G 13 -103.67 49.05 26.45
C LEU G 13 -102.24 48.49 26.41
N LEU G 14 -101.83 47.94 25.27
CA LEU G 14 -100.52 47.26 25.05
C LEU G 14 -99.39 48.28 25.28
N THR G 15 -99.63 49.53 24.89
CA THR G 15 -98.68 50.67 25.05
C THR G 15 -98.59 51.06 26.54
N GLU G 16 -99.72 51.08 27.25
CA GLU G 16 -99.80 51.44 28.70
C GLU G 16 -99.20 50.29 29.55
N LEU G 17 -99.51 49.04 29.22
CA LEU G 17 -98.95 47.82 29.86
C LEU G 17 -97.42 47.79 29.80
N LEU G 18 -96.82 48.45 28.81
CA LEU G 18 -95.35 48.45 28.53
C LEU G 18 -94.70 49.72 29.12
N ALA G 19 -95.39 50.86 28.99
CA ALA G 19 -95.03 52.15 29.63
C ALA G 19 -94.69 51.91 31.10
N TYR G 20 -95.69 51.50 31.90
CA TYR G 20 -95.63 51.46 33.38
C TYR G 20 -94.80 50.25 33.86
N GLN G 21 -94.79 49.15 33.11
CA GLN G 21 -94.07 47.89 33.48
C GLN G 21 -92.72 48.20 34.16
N PHE G 22 -91.88 48.92 33.43
CA PHE G 22 -90.73 49.78 33.84
C PHE G 22 -90.72 50.17 35.33
N ALA G 23 -91.87 50.63 35.83
CA ALA G 23 -92.07 51.47 37.04
C ALA G 23 -93.17 50.90 37.96
N SER G 24 -93.23 49.58 38.07
CA SER G 24 -94.28 48.77 38.76
C SER G 24 -93.72 47.37 38.93
N PRO G 25 -94.11 46.62 39.97
CA PRO G 25 -93.37 45.42 40.31
C PRO G 25 -93.65 44.26 39.31
N VAL G 26 -92.62 43.46 39.02
CA VAL G 26 -92.68 42.23 38.17
C VAL G 26 -93.38 41.15 39.00
N ARG G 27 -94.55 40.73 38.53
CA ARG G 27 -95.53 39.96 39.32
C ARG G 27 -95.45 38.49 38.85
N TRP G 28 -94.27 37.86 39.01
CA TRP G 28 -93.90 36.59 38.33
C TRP G 28 -94.30 35.34 39.13
N ILE G 29 -94.82 35.48 40.34
CA ILE G 29 -95.54 34.36 41.00
C ILE G 29 -96.87 34.25 40.25
N GLU G 30 -97.69 35.29 40.34
CA GLU G 30 -99.08 35.34 39.81
C GLU G 30 -99.07 34.92 38.35
N THR G 31 -97.93 35.10 37.66
CA THR G 31 -97.67 34.68 36.25
C THR G 31 -97.57 33.16 36.21
N GLN G 32 -96.57 32.57 36.83
CA GLN G 32 -96.30 31.10 36.78
C GLN G 32 -97.56 30.33 37.18
N ASP G 33 -98.33 30.87 38.13
CA ASP G 33 -99.60 30.25 38.60
C ASP G 33 -100.60 30.23 37.45
N VAL G 34 -100.59 31.25 36.59
CA VAL G 34 -101.50 31.31 35.42
C VAL G 34 -101.10 30.24 34.39
N PHE G 35 -99.82 30.08 34.10
CA PHE G 35 -99.42 29.19 32.98
C PHE G 35 -99.20 27.75 33.47
N LEU G 36 -98.97 27.51 34.77
CA LEU G 36 -98.79 26.12 35.30
C LEU G 36 -100.12 25.54 35.80
N LYS G 37 -101.09 26.33 36.26
CA LYS G 37 -102.40 25.79 36.69
C LYS G 37 -103.48 26.10 35.64
N ASP G 38 -103.80 27.37 35.40
CA ASP G 38 -104.98 27.80 34.59
C ASP G 38 -104.87 27.30 33.14
N PHE G 39 -103.66 26.99 32.65
CA PHE G 39 -103.42 26.46 31.29
C PHE G 39 -102.83 25.05 31.30
N ASN G 40 -102.37 24.54 32.46
CA ASN G 40 -101.80 23.16 32.60
C ASN G 40 -100.68 22.97 31.56
N THR G 41 -99.93 24.02 31.28
CA THR G 41 -98.77 24.00 30.37
C THR G 41 -97.97 22.72 30.64
N GLU G 42 -97.65 21.99 29.59
CA GLU G 42 -97.02 20.66 29.66
C GLU G 42 -95.53 20.84 29.34
N ARG G 43 -95.20 21.62 28.30
CA ARG G 43 -93.83 22.10 28.01
C ARG G 43 -93.78 23.58 28.35
N VAL G 44 -92.81 24.00 29.16
CA VAL G 44 -92.44 25.43 29.32
C VAL G 44 -91.01 25.59 28.81
N VAL G 45 -90.85 26.35 27.72
CA VAL G 45 -89.59 26.56 26.96
C VAL G 45 -89.03 27.91 27.39
N GLU G 46 -87.92 27.92 28.13
CA GLU G 46 -87.17 29.15 28.44
C GLU G 46 -86.26 29.49 27.25
N ILE G 47 -86.61 30.55 26.52
CA ILE G 47 -85.76 31.22 25.51
C ILE G 47 -84.93 32.25 26.27
N GLY G 48 -83.67 31.94 26.49
CA GLY G 48 -82.69 32.82 27.13
C GLY G 48 -81.30 32.22 27.01
N PRO G 49 -80.24 32.97 27.40
CA PRO G 49 -78.87 32.47 27.32
C PRO G 49 -78.43 31.58 28.49
N SER G 50 -79.11 31.67 29.64
CA SER G 50 -78.86 30.82 30.83
C SER G 50 -80.17 30.51 31.52
N PRO G 51 -80.29 29.33 32.18
CA PRO G 51 -81.59 28.80 32.61
C PRO G 51 -82.17 29.36 33.92
N THR G 52 -82.41 30.68 34.00
CA THR G 52 -82.87 31.33 35.26
C THR G 52 -84.34 30.95 35.48
N LEU G 53 -85.22 31.36 34.56
CA LEU G 53 -86.70 31.24 34.68
C LEU G 53 -87.15 29.77 34.63
N ALA G 54 -86.27 28.86 34.21
CA ALA G 54 -86.48 27.39 34.25
C ALA G 54 -86.31 26.92 35.69
N GLY G 55 -85.11 27.12 36.27
CA GLY G 55 -84.85 26.98 37.72
C GLY G 55 -86.00 27.51 38.56
N MET G 56 -86.57 28.67 38.22
CA MET G 56 -87.70 29.30 38.96
C MET G 56 -88.99 28.51 38.79
N ALA G 57 -89.22 27.88 37.64
CA ALA G 57 -90.42 27.05 37.37
C ALA G 57 -90.26 25.71 38.09
N GLN G 58 -89.09 25.07 37.92
CA GLN G 58 -88.73 23.80 38.60
C GLN G 58 -89.01 23.94 40.09
N ARG G 59 -88.70 25.09 40.67
CA ARG G 59 -88.83 25.33 42.14
C ARG G 59 -90.27 25.71 42.46
N THR G 60 -90.98 26.46 41.63
CA THR G 60 -92.42 26.76 41.83
C THR G 60 -93.27 25.48 41.68
N LEU G 61 -92.76 24.41 41.05
CA LEU G 61 -93.46 23.11 40.91
C LEU G 61 -93.24 22.27 42.17
N LYS G 62 -91.95 22.01 42.45
CA LYS G 62 -91.44 21.30 43.65
C LYS G 62 -92.06 21.86 44.95
N ASN G 63 -92.46 23.13 45.02
CA ASN G 63 -93.14 23.74 46.19
C ASN G 63 -94.63 23.40 46.16
N LYS G 64 -95.42 24.06 45.32
CA LYS G 64 -96.90 24.13 45.47
C LYS G 64 -97.67 23.39 44.36
N TYR G 65 -97.00 22.52 43.57
CA TYR G 65 -97.65 21.72 42.49
C TYR G 65 -97.07 20.29 42.42
N GLU G 66 -96.47 19.75 43.49
CA GLU G 66 -95.95 18.36 43.49
C GLU G 66 -97.14 17.39 43.51
N SER G 67 -98.18 17.71 44.29
CA SER G 67 -99.37 16.85 44.50
C SER G 67 -100.27 16.89 43.26
N TYR G 68 -100.64 18.09 42.82
CA TYR G 68 -101.41 18.36 41.56
C TYR G 68 -100.76 17.60 40.39
N ASP G 69 -99.44 17.69 40.22
CA ASP G 69 -98.70 17.07 39.08
C ASP G 69 -98.74 15.53 39.14
N ALA G 70 -98.98 14.93 40.31
CA ALA G 70 -99.17 13.46 40.45
C ALA G 70 -100.65 13.12 40.22
N ALA G 71 -101.56 13.68 41.00
CA ALA G 71 -103.02 13.40 40.97
C ALA G 71 -103.61 13.55 39.56
N LEU G 72 -103.03 14.39 38.70
CA LEU G 72 -103.47 14.59 37.29
C LEU G 72 -102.51 13.87 36.34
N SER G 73 -101.51 13.14 36.88
CA SER G 73 -100.47 12.42 36.11
C SER G 73 -99.98 13.33 34.98
N LEU G 74 -99.70 14.58 35.34
CA LEU G 74 -99.54 15.73 34.43
C LEU G 74 -98.05 15.95 34.24
N HIS G 75 -97.37 14.99 33.61
CA HIS G 75 -95.91 15.02 33.34
C HIS G 75 -95.57 16.35 32.63
N ARG G 76 -94.66 17.14 33.22
CA ARG G 76 -94.29 18.50 32.78
C ARG G 76 -92.81 18.52 32.38
N GLU G 77 -92.54 19.05 31.20
CA GLU G 77 -91.17 19.21 30.63
C GLU G 77 -90.81 20.71 30.73
N ILE G 78 -89.73 21.05 31.44
CA ILE G 78 -89.16 22.43 31.52
C ILE G 78 -87.82 22.44 30.77
N LEU G 79 -87.71 23.29 29.76
CA LEU G 79 -86.61 23.26 28.79
C LEU G 79 -86.04 24.67 28.66
N CYS G 80 -84.73 24.80 28.75
CA CYS G 80 -84.00 26.06 28.49
C CYS G 80 -83.27 25.93 27.15
N TYR G 81 -83.46 26.91 26.26
CA TYR G 81 -82.94 26.91 24.88
C TYR G 81 -81.43 26.61 24.86
N SER G 82 -80.69 27.09 25.86
CA SER G 82 -79.21 26.98 25.95
C SER G 82 -78.77 25.54 26.22
N LYS G 83 -79.51 24.85 27.08
CA LYS G 83 -79.08 23.62 27.80
C LYS G 83 -79.70 22.37 27.16
N ASP G 84 -80.87 22.49 26.52
CA ASP G 84 -81.79 21.38 26.11
C ASP G 84 -82.22 21.54 24.64
N ALA G 85 -81.32 21.95 23.74
CA ALA G 85 -81.62 22.17 22.30
C ALA G 85 -82.32 20.93 21.73
N LYS G 86 -81.77 19.76 22.03
CA LYS G 86 -82.17 18.44 21.47
C LYS G 86 -83.65 18.11 21.75
N GLU G 87 -84.19 18.53 22.88
CA GLU G 87 -85.60 18.22 23.27
C GLU G 87 -86.54 19.24 22.64
N ILE G 88 -86.02 20.38 22.17
CA ILE G 88 -86.80 21.49 21.54
C ILE G 88 -86.85 21.27 20.03
N TYR G 89 -85.71 20.94 19.43
CA TYR G 89 -85.53 20.80 17.96
C TYR G 89 -85.88 19.39 17.50
N TYR G 90 -86.19 18.46 18.42
CA TYR G 90 -86.43 17.02 18.16
C TYR G 90 -85.27 16.45 17.34
N THR G 91 -84.06 16.47 17.90
CA THR G 91 -82.83 15.87 17.31
C THR G 91 -82.17 14.96 18.34
N PRO G 92 -82.81 13.84 18.75
CA PRO G 92 -82.19 12.91 19.67
C PRO G 92 -80.98 12.25 18.99
N ASP G 93 -79.94 11.97 19.79
CA ASP G 93 -78.72 11.19 19.41
C ASP G 93 -79.10 9.75 19.05
N PRO G 94 -78.50 9.14 18.00
CA PRO G 94 -78.75 7.71 17.66
C PRO G 94 -78.55 6.71 18.82
N ILE G 140 -41.86 -1.07 15.61
CA ILE G 140 -43.04 -0.42 16.28
C ILE G 140 -43.48 0.80 15.43
N ALA G 141 -44.68 1.36 15.76
CA ALA G 141 -45.31 2.54 15.10
C ALA G 141 -44.47 3.80 15.37
N ASP G 142 -44.97 4.99 14.94
CA ASP G 142 -44.29 6.30 15.11
C ASP G 142 -45.23 7.33 15.78
N GLU G 143 -44.79 7.89 16.91
CA GLU G 143 -45.45 9.00 17.66
C GLU G 143 -44.44 10.15 17.87
N PRO G 144 -44.64 11.33 17.22
CA PRO G 144 -43.90 12.56 17.58
C PRO G 144 -44.19 12.98 19.03
N VAL G 145 -43.14 13.42 19.76
CA VAL G 145 -43.16 13.64 21.25
C VAL G 145 -44.35 14.53 21.65
N LYS G 146 -45.01 14.15 22.76
CA LYS G 146 -46.07 14.94 23.44
C LYS G 146 -45.45 16.28 23.91
N ALA G 147 -46.23 17.38 23.89
CA ALA G 147 -45.86 18.67 24.53
C ALA G 147 -45.95 18.57 26.07
N SER G 148 -46.62 17.53 26.60
CA SER G 148 -46.72 17.17 28.04
C SER G 148 -45.40 16.56 28.56
N LEU G 149 -44.79 15.64 27.78
CA LEU G 149 -43.51 14.94 28.10
C LEU G 149 -42.35 15.94 28.04
N LEU G 150 -42.36 16.84 27.05
CA LEU G 150 -41.27 17.81 26.71
C LEU G 150 -41.29 19.01 27.68
N LEU G 151 -42.49 19.49 28.07
CA LEU G 151 -42.69 20.53 29.13
C LEU G 151 -42.28 19.99 30.52
N HIS G 152 -42.61 18.73 30.83
CA HIS G 152 -42.36 18.06 32.14
C HIS G 152 -40.85 17.78 32.32
N VAL G 153 -40.07 17.62 31.23
CA VAL G 153 -38.60 17.31 31.26
C VAL G 153 -37.76 18.59 31.48
N LEU G 154 -38.14 19.73 30.86
CA LEU G 154 -37.40 21.04 30.93
C LEU G 154 -37.71 21.82 32.22
N VAL G 155 -38.67 21.33 33.03
CA VAL G 155 -38.94 21.78 34.43
C VAL G 155 -38.29 20.78 35.42
N ALA G 156 -38.28 19.46 35.10
CA ALA G 156 -37.60 18.40 35.88
C ALA G 156 -36.07 18.58 35.81
N HIS G 157 -35.50 18.81 34.61
CA HIS G 157 -34.04 18.98 34.37
C HIS G 157 -33.51 20.26 35.02
N LYS G 158 -34.28 21.37 34.96
CA LYS G 158 -33.88 22.71 35.47
C LYS G 158 -33.87 22.71 37.01
N LEU G 159 -34.88 22.10 37.64
CA LEU G 159 -35.05 22.01 39.14
C LEU G 159 -34.19 20.87 39.72
N LYS G 160 -33.50 20.07 38.87
CA LYS G 160 -32.57 18.97 39.25
C LYS G 160 -33.36 17.87 40.00
N LYS G 161 -34.44 17.39 39.38
CA LYS G 161 -35.35 16.35 39.93
C LYS G 161 -35.76 15.35 38.84
N SER G 162 -36.25 14.18 39.25
CA SER G 162 -36.85 13.15 38.35
C SER G 162 -38.26 13.59 37.94
N LEU G 163 -38.87 12.82 37.02
CA LEU G 163 -40.23 13.08 36.48
C LEU G 163 -41.28 12.83 37.59
N ASP G 164 -41.04 11.83 38.46
CA ASP G 164 -41.93 11.41 39.57
C ASP G 164 -42.11 12.58 40.57
N SER G 165 -40.98 13.15 41.06
CA SER G 165 -40.86 14.19 42.13
C SER G 165 -41.72 15.42 41.82
N ILE G 166 -41.92 15.75 40.52
CA ILE G 166 -42.72 16.92 40.03
C ILE G 166 -44.11 16.44 39.57
N PRO G 167 -45.21 16.99 40.14
CA PRO G 167 -46.55 16.84 39.55
C PRO G 167 -46.82 17.93 38.50
N MET G 168 -47.48 17.53 37.41
CA MET G 168 -47.90 18.41 36.27
C MET G 168 -49.01 19.39 36.74
N SER G 169 -49.82 19.02 37.75
CA SER G 169 -50.92 19.85 38.34
C SER G 169 -50.37 21.10 39.07
N LYS G 170 -49.15 20.99 39.63
CA LYS G 170 -48.47 22.13 40.33
C LYS G 170 -47.99 23.19 39.32
N THR G 171 -48.04 24.47 39.74
CA THR G 171 -47.63 25.65 38.95
C THR G 171 -46.09 25.73 38.93
N ILE G 172 -45.52 26.55 38.03
CA ILE G 172 -44.04 26.81 37.96
C ILE G 172 -43.61 27.62 39.20
N LYS G 173 -44.44 28.60 39.60
CA LYS G 173 -44.21 29.51 40.78
C LYS G 173 -44.23 28.73 42.11
N ASP G 174 -45.06 27.67 42.21
CA ASP G 174 -45.16 26.79 43.41
C ASP G 174 -43.89 25.92 43.56
N LEU G 175 -43.48 25.24 42.49
CA LEU G 175 -42.38 24.21 42.45
C LEU G 175 -41.02 24.85 42.78
N VAL G 176 -40.80 26.07 42.28
CA VAL G 176 -39.57 26.91 42.50
C VAL G 176 -39.46 27.25 44.00
N GLY G 177 -40.57 27.71 44.61
CA GLY G 177 -40.65 28.25 45.98
C GLY G 177 -40.82 29.77 45.96
N GLY G 178 -39.76 30.51 46.31
CA GLY G 178 -39.71 31.99 46.29
C GLY G 178 -38.55 32.56 45.46
N LYS G 179 -37.89 31.73 44.64
CA LYS G 179 -36.69 32.10 43.82
C LYS G 179 -37.15 32.61 42.45
N SER G 180 -37.06 33.93 42.26
CA SER G 180 -37.43 34.57 40.99
C SER G 180 -36.45 34.19 39.89
N THR G 181 -35.15 34.05 40.21
CA THR G 181 -34.11 33.73 39.23
C THR G 181 -34.42 32.37 38.55
N VAL G 182 -34.79 31.33 39.32
CA VAL G 182 -35.13 29.97 38.80
C VAL G 182 -36.45 30.03 37.99
N GLN G 183 -37.43 30.83 38.44
CA GLN G 183 -38.76 31.02 37.79
C GLN G 183 -38.61 31.80 36.46
N ASN G 184 -37.70 32.79 36.41
CA ASN G 184 -37.34 33.56 35.18
C ASN G 184 -36.58 32.65 34.19
N GLU G 185 -35.80 31.69 34.71
CA GLU G 185 -34.91 30.77 33.94
C GLU G 185 -35.71 29.58 33.37
N ILE G 186 -36.88 29.26 33.94
CA ILE G 186 -37.80 28.19 33.41
C ILE G 186 -38.68 28.79 32.29
N LEU G 187 -39.09 30.07 32.41
CA LEU G 187 -39.93 30.82 31.42
C LEU G 187 -39.05 31.43 30.31
N GLY G 188 -37.72 31.37 30.44
CA GLY G 188 -36.75 31.61 29.36
C GLY G 188 -36.47 30.36 28.51
N ASP G 189 -36.65 29.15 29.07
CA ASP G 189 -36.52 27.83 28.37
C ASP G 189 -37.75 27.60 27.47
N LEU G 190 -38.97 27.80 28.01
CA LEU G 190 -40.27 27.51 27.34
C LEU G 190 -40.60 28.59 26.28
N GLY G 191 -40.03 29.80 26.41
CA GLY G 191 -40.06 30.87 25.39
C GLY G 191 -39.15 30.59 24.19
N LYS G 192 -38.02 29.88 24.42
CA LYS G 192 -37.01 29.45 23.39
C LYS G 192 -37.40 28.11 22.75
N GLU G 193 -38.10 27.25 23.50
CA GLU G 193 -38.37 25.82 23.17
C GLU G 193 -39.59 25.71 22.24
N PHE G 194 -40.72 26.30 22.66
CA PHE G 194 -42.06 26.25 22.00
C PHE G 194 -42.36 27.55 21.21
N GLY G 195 -41.72 28.67 21.58
CA GLY G 195 -41.96 30.02 20.98
C GLY G 195 -43.14 30.72 21.66
N THR G 196 -44.33 30.09 21.58
CA THR G 196 -45.57 30.37 22.36
C THR G 196 -45.23 30.53 23.86
N THR G 197 -45.85 31.53 24.51
CA THR G 197 -45.93 31.69 25.99
C THR G 197 -47.29 32.35 26.30
N PRO G 198 -48.22 31.69 27.06
CA PRO G 198 -49.44 32.37 27.54
C PRO G 198 -49.13 33.62 28.39
N GLU G 199 -50.16 34.38 28.75
CA GLU G 199 -50.05 35.73 29.39
C GLU G 199 -49.47 35.58 30.82
N LYS G 200 -49.91 34.55 31.57
CA LYS G 200 -49.47 34.23 32.97
C LYS G 200 -49.24 32.73 33.13
N PRO G 201 -48.08 32.18 32.64
CA PRO G 201 -47.76 30.75 32.78
C PRO G 201 -47.39 30.31 34.22
N GLU G 202 -46.81 31.22 35.02
CA GLU G 202 -46.21 30.95 36.37
C GLU G 202 -47.30 30.53 37.38
N GLU G 203 -48.55 31.01 37.21
CA GLU G 203 -49.75 30.61 38.02
C GLU G 203 -50.53 29.46 37.33
N THR G 204 -50.37 29.25 36.01
CA THR G 204 -51.06 28.18 35.23
C THR G 204 -50.37 26.83 35.51
N PRO G 205 -51.10 25.79 36.00
CA PRO G 205 -50.56 24.42 36.11
C PRO G 205 -49.92 23.87 34.81
N LEU G 206 -48.96 22.93 34.95
CA LEU G 206 -48.21 22.29 33.83
C LEU G 206 -49.11 21.35 33.00
N GLU G 207 -50.25 20.88 33.54
CA GLU G 207 -51.30 20.11 32.80
C GLU G 207 -51.93 21.00 31.71
N GLU G 208 -52.28 22.26 32.06
CA GLU G 208 -53.06 23.23 31.23
C GLU G 208 -52.14 24.00 30.26
N LEU G 209 -50.89 24.27 30.65
CA LEU G 209 -49.80 24.79 29.75
C LEU G 209 -49.53 23.78 28.62
N ALA G 210 -49.33 22.49 28.95
CA ALA G 210 -49.03 21.38 28.02
C ALA G 210 -50.05 21.34 26.86
N GLU G 211 -51.33 21.69 27.12
CA GLU G 211 -52.45 21.71 26.14
C GLU G 211 -52.43 22.98 25.26
N THR G 212 -52.02 24.15 25.82
CA THR G 212 -51.89 25.46 25.11
C THR G 212 -50.71 25.47 24.11
N PHE G 213 -49.63 24.73 24.44
CA PHE G 213 -48.44 24.49 23.56
C PHE G 213 -48.80 23.45 22.48
N GLN G 214 -49.45 22.33 22.86
CA GLN G 214 -49.77 21.16 21.97
C GLN G 214 -50.62 21.62 20.76
N ASP G 215 -51.54 22.58 20.97
CA ASP G 215 -52.40 23.19 19.90
C ASP G 215 -51.53 23.80 18.78
N THR G 216 -50.38 24.39 19.14
CA THR G 216 -49.42 25.10 18.24
C THR G 216 -48.05 24.38 18.20
N PHE G 217 -47.97 23.09 18.58
CA PHE G 217 -46.70 22.30 18.69
C PHE G 217 -46.65 21.19 17.63
N SER G 218 -45.63 21.23 16.76
CA SER G 218 -45.43 20.39 15.55
C SER G 218 -45.05 18.94 15.92
N GLY G 219 -44.25 18.74 16.98
CA GLY G 219 -43.71 17.43 17.41
C GLY G 219 -42.19 17.44 17.53
N ALA G 220 -41.51 18.41 16.90
CA ALA G 220 -40.03 18.55 16.86
C ALA G 220 -39.49 19.05 18.22
N LEU G 221 -38.18 18.89 18.45
CA LEU G 221 -37.51 19.09 19.78
C LEU G 221 -37.12 20.57 20.03
N GLY G 222 -37.19 21.45 19.02
CA GLY G 222 -36.85 22.89 19.15
C GLY G 222 -35.37 23.14 19.43
N LYS G 223 -35.06 24.34 19.93
CA LYS G 223 -33.67 24.87 20.15
C LYS G 223 -33.10 24.37 21.48
N GLN G 224 -33.86 24.55 22.57
CA GLN G 224 -33.40 24.40 23.97
C GLN G 224 -33.16 22.91 24.29
N SER G 225 -34.03 21.99 23.85
CA SER G 225 -33.96 20.54 24.19
C SER G 225 -33.10 19.75 23.18
N SER G 226 -32.71 20.36 22.05
CA SER G 226 -31.68 19.83 21.09
C SER G 226 -30.27 20.24 21.53
N SER G 227 -30.15 21.33 22.30
CA SER G 227 -28.91 21.83 22.96
C SER G 227 -28.56 20.97 24.20
N LEU G 228 -29.55 20.34 24.84
CA LEU G 228 -29.40 19.57 26.11
C LEU G 228 -29.20 18.07 25.83
N LEU G 229 -29.73 17.55 24.70
CA LEU G 229 -29.48 16.15 24.24
C LEU G 229 -28.07 16.06 23.62
N SER G 230 -27.60 17.12 22.96
CA SER G 230 -26.22 17.26 22.43
C SER G 230 -25.19 17.22 23.57
N ARG G 231 -25.52 17.81 24.73
CA ARG G 231 -24.63 18.00 25.92
C ARG G 231 -24.71 16.80 26.88
N LEU G 232 -25.85 16.08 26.92
CA LEU G 232 -25.98 14.73 27.55
C LEU G 232 -25.00 13.76 26.87
N ILE G 233 -25.02 13.70 25.53
CA ILE G 233 -24.24 12.74 24.68
C ILE G 233 -22.74 13.12 24.69
N SER G 234 -22.44 14.41 24.58
CA SER G 234 -21.06 14.99 24.56
C SER G 234 -20.33 14.66 25.86
N SER G 235 -21.01 14.80 27.01
CA SER G 235 -20.43 14.82 28.38
C SER G 235 -20.61 13.47 29.12
N LYS G 236 -21.69 12.71 28.86
CA LYS G 236 -22.13 11.54 29.69
C LYS G 236 -22.19 10.24 28.88
N MET G 237 -21.61 10.19 27.67
CA MET G 237 -21.50 8.95 26.86
C MET G 237 -20.04 8.76 26.46
N PRO G 238 -19.55 7.49 26.37
CA PRO G 238 -18.13 7.20 26.12
C PRO G 238 -17.60 7.59 24.73
N GLY G 239 -16.32 7.29 24.47
CA GLY G 239 -15.60 7.55 23.20
C GLY G 239 -16.20 6.78 22.03
N GLY G 240 -16.64 7.49 20.99
CA GLY G 240 -17.31 6.95 19.79
C GLY G 240 -18.82 7.14 19.83
N PHE G 241 -19.45 6.94 21.00
CA PHE G 241 -20.92 6.93 21.21
C PHE G 241 -21.48 8.35 21.05
N THR G 242 -22.03 8.64 19.85
CA THR G 242 -22.62 9.93 19.43
C THR G 242 -24.15 9.84 19.56
N ILE G 243 -24.89 10.91 19.25
CA ILE G 243 -26.40 10.96 19.15
C ILE G 243 -26.86 10.29 17.84
N THR G 244 -25.96 10.16 16.86
CA THR G 244 -26.14 9.33 15.62
C THR G 244 -26.23 7.85 16.05
N VAL G 245 -25.28 7.38 16.87
CA VAL G 245 -25.16 5.96 17.35
C VAL G 245 -26.23 5.65 18.42
N ALA G 246 -26.68 6.66 19.17
CA ALA G 246 -27.71 6.56 20.24
C ALA G 246 -29.11 6.44 19.62
N ARG G 247 -29.34 7.08 18.47
CA ARG G 247 -30.57 6.94 17.65
C ARG G 247 -30.55 5.60 16.87
N LYS G 248 -29.37 5.19 16.40
CA LYS G 248 -29.14 3.96 15.60
C LYS G 248 -29.19 2.70 16.49
N TYR G 249 -28.89 2.82 17.79
CA TYR G 249 -29.03 1.73 18.79
C TYR G 249 -30.50 1.52 19.19
N LEU G 250 -31.33 2.57 19.18
CA LEU G 250 -32.77 2.49 19.57
C LEU G 250 -33.63 2.00 18.40
N GLN G 251 -33.08 1.99 17.17
CA GLN G 251 -33.77 1.56 15.91
C GLN G 251 -33.53 0.06 15.64
N THR G 252 -32.40 -0.50 16.11
CA THR G 252 -31.94 -1.90 15.86
C THR G 252 -32.32 -2.81 17.04
N ARG G 253 -32.04 -2.37 18.27
CA ARG G 253 -32.30 -3.12 19.54
C ARG G 253 -33.81 -3.16 19.83
N TRP G 254 -34.48 -2.00 19.81
CA TRP G 254 -35.90 -1.81 20.24
C TRP G 254 -36.85 -1.61 19.05
N GLY G 255 -36.37 -1.09 17.91
CA GLY G 255 -37.17 -0.88 16.69
C GLY G 255 -37.95 0.43 16.72
N LEU G 256 -37.44 1.45 17.42
CA LEU G 256 -38.09 2.79 17.57
C LEU G 256 -37.68 3.69 16.40
N PRO G 257 -38.64 4.37 15.72
CA PRO G 257 -38.30 5.39 14.71
C PRO G 257 -37.91 6.75 15.35
N SER G 258 -37.68 7.79 14.52
CA SER G 258 -37.09 9.10 14.92
C SER G 258 -38.10 10.02 15.69
N GLY G 259 -39.38 9.65 15.80
CA GLY G 259 -40.37 10.33 16.68
C GLY G 259 -40.34 9.82 18.12
N ARG G 260 -40.07 8.52 18.33
CA ARG G 260 -40.02 7.87 19.67
C ARG G 260 -38.59 7.89 20.25
N GLN G 261 -37.56 7.76 19.40
CA GLN G 261 -36.11 7.93 19.75
C GLN G 261 -35.85 9.27 20.45
N ASP G 262 -36.55 10.33 20.02
CA ASP G 262 -36.59 11.68 20.68
C ASP G 262 -37.06 11.55 22.13
N GLY G 263 -38.23 10.91 22.32
CA GLY G 263 -38.87 10.73 23.64
C GLY G 263 -38.05 9.86 24.59
N VAL G 264 -37.27 8.90 24.07
CA VAL G 264 -36.38 7.99 24.87
C VAL G 264 -35.17 8.81 25.37
N LEU G 265 -34.65 9.72 24.53
CA LEU G 265 -33.52 10.64 24.87
C LEU G 265 -33.99 11.75 25.85
N LEU G 266 -35.28 12.10 25.87
CA LEU G 266 -35.87 13.09 26.84
C LEU G 266 -36.07 12.47 28.24
N VAL G 267 -36.29 11.14 28.33
CA VAL G 267 -36.36 10.38 29.62
C VAL G 267 -34.92 10.10 30.10
N ALA G 268 -33.94 10.08 29.18
CA ALA G 268 -32.49 9.93 29.43
C ALA G 268 -31.85 11.27 29.85
N LEU G 269 -32.56 12.39 29.67
CA LEU G 269 -32.12 13.76 30.06
C LEU G 269 -32.60 14.10 31.49
N SER G 270 -33.87 13.78 31.81
CA SER G 270 -34.47 13.92 33.16
C SER G 270 -33.78 12.95 34.14
N ASN G 271 -33.42 11.75 33.67
CA ASN G 271 -32.70 10.68 34.44
C ASN G 271 -31.26 10.57 33.88
N GLU G 272 -30.57 11.72 33.78
CA GLU G 272 -29.15 11.90 33.35
C GLU G 272 -28.23 11.16 34.34
N PRO G 273 -27.16 10.45 33.88
CA PRO G 273 -26.17 9.86 34.79
C PRO G 273 -25.27 10.91 35.45
N ALA G 274 -24.70 10.58 36.61
CA ALA G 274 -23.92 11.47 37.50
C ALA G 274 -22.56 11.80 36.87
N ALA G 275 -21.87 10.79 36.31
CA ALA G 275 -20.56 10.91 35.64
C ALA G 275 -20.58 10.23 34.26
N ARG G 276 -19.51 10.46 33.48
CA ARG G 276 -19.20 9.80 32.18
C ARG G 276 -19.41 8.29 32.33
N LEU G 277 -20.30 7.69 31.52
CA LEU G 277 -20.44 6.21 31.40
C LEU G 277 -19.15 5.67 30.76
N GLY G 278 -18.52 4.68 31.41
CA GLY G 278 -17.17 4.17 31.09
C GLY G 278 -17.11 3.45 29.75
N SER G 279 -17.88 2.36 29.60
CA SER G 279 -17.87 1.44 28.43
C SER G 279 -19.08 1.70 27.52
N GLU G 280 -19.05 1.18 26.28
CA GLU G 280 -20.18 1.19 25.30
C GLU G 280 -21.32 0.30 25.80
N ALA G 281 -21.00 -0.73 26.60
CA ALA G 281 -21.93 -1.67 27.27
C ALA G 281 -22.76 -0.95 28.37
N ASP G 282 -22.18 0.03 29.07
CA ASP G 282 -22.85 0.89 30.10
C ASP G 282 -23.81 1.89 29.43
N ALA G 283 -23.38 2.49 28.30
CA ALA G 283 -24.15 3.44 27.46
C ALA G 283 -25.39 2.76 26.88
N LYS G 284 -25.32 1.45 26.61
CA LYS G 284 -26.43 0.62 26.06
C LYS G 284 -27.37 0.20 27.20
N ALA G 285 -26.82 -0.36 28.30
CA ALA G 285 -27.53 -0.71 29.55
C ALA G 285 -28.38 0.48 30.03
N PHE G 286 -27.81 1.70 29.95
CA PHE G 286 -28.46 2.99 30.26
C PHE G 286 -29.69 3.20 29.35
N LEU G 287 -29.52 3.18 28.01
CA LEU G 287 -30.61 3.48 27.02
C LEU G 287 -31.68 2.37 27.02
N ASP G 288 -31.31 1.12 27.34
CA ASP G 288 -32.23 -0.04 27.55
C ASP G 288 -33.16 0.26 28.75
N SER G 289 -32.64 0.88 29.81
CA SER G 289 -33.42 1.32 31.00
C SER G 289 -34.37 2.47 30.61
N MET G 290 -33.89 3.47 29.86
CA MET G 290 -34.64 4.71 29.47
C MET G 290 -35.65 4.41 28.33
N ALA G 291 -35.46 3.33 27.56
CA ALA G 291 -36.40 2.84 26.53
C ALA G 291 -37.59 2.11 27.18
N GLN G 292 -37.37 1.45 28.33
CA GLN G 292 -38.42 0.78 29.15
C GLN G 292 -39.09 1.77 30.14
N LYS G 293 -38.54 2.98 30.33
CA LYS G 293 -39.16 4.07 31.14
C LYS G 293 -40.00 5.00 30.24
N TYR G 294 -39.67 5.09 28.94
CA TYR G 294 -40.50 5.72 27.88
C TYR G 294 -41.78 4.90 27.66
N ALA G 295 -41.61 3.57 27.53
CA ALA G 295 -42.66 2.51 27.49
C ALA G 295 -43.74 2.73 28.57
N SER G 296 -43.33 3.01 29.82
CA SER G 296 -44.22 3.21 31.01
C SER G 296 -45.09 4.48 30.85
N ILE G 297 -44.47 5.59 30.40
CA ILE G 297 -45.07 6.96 30.34
C ILE G 297 -46.09 7.02 29.18
N VAL G 298 -45.72 6.51 28.00
CA VAL G 298 -46.54 6.60 26.73
C VAL G 298 -47.48 5.37 26.61
N GLY G 299 -47.07 4.18 27.10
CA GLY G 299 -47.85 2.92 27.03
C GLY G 299 -47.52 2.13 25.76
N VAL G 300 -46.25 1.77 25.57
CA VAL G 300 -45.70 0.93 24.46
C VAL G 300 -45.06 -0.33 25.06
N ASP G 301 -45.50 -1.53 24.64
CA ASP G 301 -45.03 -2.86 25.15
C ASP G 301 -44.41 -3.67 23.98
N LEU G 302 -43.28 -4.34 24.27
CA LEU G 302 -42.42 -5.11 23.33
C LEU G 302 -42.69 -6.63 23.55
N LEU G 328 -22.57 -9.78 10.29
CA LEU G 328 -22.66 -10.26 8.88
C LEU G 328 -21.84 -9.34 7.94
N GLU G 329 -22.00 -8.00 8.05
CA GLU G 329 -21.40 -6.97 7.14
C GLU G 329 -20.76 -5.83 7.93
N GLU G 330 -20.15 -6.16 9.07
CA GLU G 330 -19.31 -5.26 9.91
C GLU G 330 -17.82 -5.62 9.67
N ILE G 331 -17.56 -6.49 8.68
CA ILE G 331 -16.21 -6.93 8.24
C ILE G 331 -15.81 -6.13 6.98
N THR G 332 -16.75 -5.96 6.04
CA THR G 332 -16.60 -5.07 4.84
C THR G 332 -16.36 -3.63 5.31
N LYS G 333 -16.97 -3.23 6.43
CA LYS G 333 -16.75 -1.93 7.11
C LYS G 333 -15.28 -1.77 7.50
N ASP G 334 -14.74 -2.77 8.20
CA ASP G 334 -13.41 -2.70 8.89
C ASP G 334 -12.28 -2.65 7.86
N HIS G 335 -12.51 -3.20 6.67
CA HIS G 335 -11.61 -3.01 5.52
C HIS G 335 -11.67 -1.55 5.09
N LYS G 336 -12.87 -1.06 4.74
CA LYS G 336 -13.08 0.30 4.17
C LYS G 336 -12.53 1.37 5.11
N VAL G 337 -12.58 1.13 6.42
CA VAL G 337 -11.86 1.95 7.45
C VAL G 337 -10.38 2.03 7.06
N LEU G 338 -9.74 0.87 6.88
CA LEU G 338 -8.27 0.75 6.55
C LEU G 338 -7.96 1.52 5.26
N ALA G 339 -8.75 1.31 4.21
CA ALA G 339 -8.56 1.98 2.91
C ALA G 339 -8.67 3.50 3.08
N ARG G 340 -9.71 3.96 3.80
CA ARG G 340 -9.96 5.38 4.15
C ARG G 340 -8.68 5.95 4.78
N GLN G 341 -8.15 5.28 5.82
CA GLN G 341 -6.96 5.74 6.58
C GLN G 341 -5.72 5.77 5.69
N GLN G 342 -5.51 4.71 4.91
CA GLN G 342 -4.43 4.60 3.89
C GLN G 342 -4.48 5.75 2.89
N LEU G 343 -5.69 6.09 2.41
CA LEU G 343 -5.93 7.24 1.49
C LEU G 343 -5.45 8.52 2.17
N GLN G 344 -5.93 8.78 3.39
CA GLN G 344 -5.59 10.00 4.17
C GLN G 344 -4.07 10.19 4.18
N VAL G 345 -3.27 9.14 4.40
CA VAL G 345 -1.81 9.31 4.61
C VAL G 345 -1.15 9.63 3.26
N LEU G 346 -1.61 9.01 2.18
CA LEU G 346 -1.11 9.31 0.81
C LEU G 346 -1.38 10.77 0.46
N ALA G 347 -2.60 11.26 0.75
CA ALA G 347 -3.01 12.67 0.59
C ALA G 347 -2.04 13.59 1.33
N ARG G 348 -1.83 13.30 2.62
CA ARG G 348 -0.97 14.10 3.52
C ARG G 348 0.46 14.11 2.95
N TYR G 349 0.89 13.04 2.33
CA TYR G 349 2.23 12.90 1.68
C TYR G 349 2.28 13.76 0.41
N LEU G 350 1.17 13.84 -0.33
CA LEU G 350 1.08 14.57 -1.61
C LEU G 350 0.77 16.07 -1.42
N LYS G 351 0.72 16.57 -0.18
CA LYS G 351 0.30 17.96 0.19
C LYS G 351 -1.01 18.28 -0.53
N MET G 352 -1.96 17.37 -0.41
CA MET G 352 -3.23 17.37 -1.17
C MET G 352 -4.34 17.57 -0.16
N ASP G 353 -5.35 18.35 -0.53
CA ASP G 353 -6.38 18.88 0.39
C ASP G 353 -7.75 18.42 -0.10
N LEU G 354 -8.28 17.34 0.46
CA LEU G 354 -9.50 16.67 -0.05
C LEU G 354 -10.78 17.44 0.35
N ASP G 355 -10.67 18.61 0.97
CA ASP G 355 -11.81 19.45 1.42
C ASP G 355 -11.79 20.80 0.69
N ASN G 356 -10.60 21.29 0.31
CA ASN G 356 -10.42 22.53 -0.48
C ASN G 356 -11.61 22.80 -1.41
N GLY G 357 -12.07 21.77 -2.14
CA GLY G 357 -13.25 21.85 -3.02
C GLY G 357 -14.48 22.28 -2.27
N GLU G 358 -14.93 21.46 -1.30
CA GLU G 358 -16.13 21.69 -0.46
C GLU G 358 -16.02 23.01 0.33
N ARG G 359 -14.83 23.42 0.78
CA ARG G 359 -14.64 24.69 1.52
C ARG G 359 -15.03 25.86 0.63
N LYS G 360 -14.34 26.00 -0.49
CA LYS G 360 -14.60 27.06 -1.51
C LYS G 360 -16.07 27.09 -1.88
N PHE G 361 -16.71 25.92 -1.97
CA PHE G 361 -18.14 25.80 -2.33
C PHE G 361 -18.99 26.49 -1.27
N LEU G 362 -18.84 26.07 -0.02
CA LEU G 362 -19.63 26.60 1.13
C LEU G 362 -19.50 28.12 1.18
N LYS G 363 -18.31 28.63 0.93
CA LYS G 363 -17.99 30.07 0.94
C LYS G 363 -18.68 30.78 -0.25
N GLU G 364 -18.85 30.15 -1.43
CA GLU G 364 -19.66 30.70 -2.57
C GLU G 364 -21.16 30.58 -2.30
N LYS G 365 -21.63 29.53 -1.64
CA LYS G 365 -23.07 29.36 -1.35
C LYS G 365 -23.54 30.53 -0.47
N ASP G 366 -22.64 31.08 0.36
CA ASP G 366 -22.87 32.25 1.24
C ASP G 366 -23.01 33.54 0.40
N THR G 367 -22.08 33.78 -0.53
CA THR G 367 -22.13 34.97 -1.43
C THR G 367 -23.37 34.94 -2.33
N VAL G 368 -23.97 33.78 -2.58
CA VAL G 368 -25.22 33.66 -3.38
C VAL G 368 -26.37 34.11 -2.49
N ALA G 369 -26.53 33.48 -1.33
CA ALA G 369 -27.58 33.80 -0.34
C ALA G 369 -27.58 35.31 -0.11
N GLU G 370 -26.39 35.90 -0.04
CA GLU G 370 -26.16 37.34 0.23
C GLU G 370 -26.70 38.17 -0.94
N LEU G 371 -26.36 37.83 -2.19
CA LEU G 371 -26.82 38.52 -3.42
C LEU G 371 -28.29 38.23 -3.65
N GLN G 372 -28.78 37.05 -3.32
CA GLN G 372 -30.22 36.72 -3.47
C GLN G 372 -31.02 37.55 -2.47
N ALA G 373 -30.45 37.93 -1.33
CA ALA G 373 -31.11 38.75 -0.30
C ALA G 373 -31.25 40.18 -0.83
N GLN G 374 -30.17 40.71 -1.41
CA GLN G 374 -30.11 42.06 -2.02
C GLN G 374 -31.11 42.20 -3.15
N LEU G 375 -31.36 41.13 -3.88
CA LEU G 375 -32.16 41.11 -5.13
C LEU G 375 -33.62 40.84 -4.80
N ASP G 376 -33.86 40.05 -3.75
CA ASP G 376 -35.21 39.81 -3.20
C ASP G 376 -35.70 41.08 -2.54
N TYR G 377 -34.78 41.86 -1.94
CA TYR G 377 -35.11 43.15 -1.29
C TYR G 377 -35.69 44.11 -2.33
N LEU G 378 -34.96 44.33 -3.42
CA LEU G 378 -35.35 45.27 -4.50
C LEU G 378 -36.66 44.82 -5.15
N ASN G 379 -36.96 43.53 -5.26
CA ASN G 379 -38.29 43.10 -5.75
C ASN G 379 -39.35 43.52 -4.72
N ALA G 380 -39.07 43.45 -3.43
CA ALA G 380 -40.01 43.88 -2.35
C ALA G 380 -40.35 45.37 -2.51
N GLU G 381 -39.32 46.19 -2.69
CA GLU G 381 -39.39 47.67 -2.81
C GLU G 381 -40.05 48.14 -4.11
N LEU G 382 -39.61 47.63 -5.27
CA LEU G 382 -40.08 48.16 -6.57
C LEU G 382 -41.25 47.33 -7.08
N GLY G 383 -41.24 46.05 -6.75
CA GLY G 383 -42.29 45.13 -7.21
C GLY G 383 -41.78 44.31 -8.37
N GLU G 384 -42.41 43.17 -8.61
CA GLU G 384 -42.11 42.30 -9.76
C GLU G 384 -42.29 43.14 -11.02
N PHE G 385 -43.43 43.84 -11.13
CA PHE G 385 -43.88 44.45 -12.41
C PHE G 385 -42.85 45.43 -12.95
N PHE G 386 -42.22 46.18 -12.07
CA PHE G 386 -41.24 47.25 -12.37
C PHE G 386 -39.87 46.66 -12.68
N VAL G 387 -39.48 45.56 -12.03
CA VAL G 387 -38.13 44.92 -12.24
C VAL G 387 -38.13 44.16 -13.58
N ASN G 388 -39.22 43.46 -13.91
CA ASN G 388 -39.42 42.82 -15.23
C ASN G 388 -39.62 43.90 -16.31
N GLY G 389 -40.42 44.92 -16.00
CA GLY G 389 -40.80 46.03 -16.88
C GLY G 389 -39.59 46.76 -17.44
N VAL G 390 -38.49 46.79 -16.71
CA VAL G 390 -37.37 47.75 -16.86
C VAL G 390 -36.26 47.09 -17.66
N ALA G 391 -36.53 45.94 -18.26
CA ALA G 391 -35.60 45.16 -19.11
C ALA G 391 -35.33 45.93 -20.40
N THR G 392 -34.10 45.82 -20.91
CA THR G 392 -33.64 46.50 -22.16
C THR G 392 -34.19 45.69 -23.35
N SER G 393 -34.89 46.37 -24.25
CA SER G 393 -35.43 45.84 -25.53
C SER G 393 -34.57 46.28 -26.71
N PHE G 394 -34.04 47.51 -26.68
CA PHE G 394 -33.34 48.17 -27.82
C PHE G 394 -31.97 47.56 -28.09
N SER G 395 -31.73 47.18 -29.35
CA SER G 395 -30.41 46.99 -29.98
C SER G 395 -30.36 47.81 -31.28
N ARG G 396 -29.18 48.21 -31.71
CA ARG G 396 -29.00 48.91 -33.00
C ARG G 396 -29.16 47.93 -34.15
N LYS G 397 -28.76 46.69 -33.93
CA LYS G 397 -28.76 45.66 -34.97
C LYS G 397 -30.20 45.24 -35.22
N LYS G 398 -31.13 45.55 -34.33
CA LYS G 398 -32.56 45.25 -34.60
C LYS G 398 -33.24 46.39 -35.35
N ALA G 399 -32.58 47.50 -35.65
CA ALA G 399 -33.26 48.62 -36.32
C ALA G 399 -33.53 48.28 -37.79
N ARG G 400 -34.79 48.41 -38.26
CA ARG G 400 -35.27 48.11 -39.64
C ARG G 400 -35.53 49.42 -40.40
N THR G 401 -34.70 49.76 -41.39
CA THR G 401 -34.96 50.94 -42.24
C THR G 401 -35.85 50.54 -43.41
N PHE G 402 -36.89 51.35 -43.68
CA PHE G 402 -37.74 51.29 -44.89
C PHE G 402 -37.55 52.61 -45.63
N ASP G 403 -37.01 52.57 -46.87
CA ASP G 403 -36.76 53.76 -47.71
C ASP G 403 -37.02 53.57 -49.21
N SER G 404 -37.62 52.49 -49.70
CA SER G 404 -37.61 52.21 -51.18
C SER G 404 -38.94 52.61 -51.83
N SER G 405 -39.31 53.88 -51.70
CA SER G 405 -40.57 54.45 -52.23
C SER G 405 -40.55 54.46 -53.75
N TRP G 406 -39.38 54.58 -54.38
CA TRP G 406 -39.25 54.49 -55.85
C TRP G 406 -39.86 53.19 -56.40
N ASN G 407 -39.73 52.07 -55.71
CA ASN G 407 -40.32 50.77 -56.10
C ASN G 407 -41.81 50.70 -55.72
N TRP G 408 -42.22 51.34 -54.63
CA TRP G 408 -43.56 51.16 -54.03
C TRP G 408 -44.56 52.05 -54.74
N ALA G 409 -44.06 53.05 -55.47
CA ALA G 409 -44.89 53.91 -56.34
C ALA G 409 -45.42 53.08 -57.52
N LYS G 410 -44.53 52.35 -58.17
CA LYS G 410 -44.89 51.52 -59.36
C LYS G 410 -45.83 50.41 -58.90
N GLN G 411 -45.64 49.82 -57.72
CA GLN G 411 -46.48 48.68 -57.26
C GLN G 411 -47.86 49.19 -56.94
N SER G 412 -47.95 50.39 -56.40
CA SER G 412 -49.19 51.02 -55.90
C SER G 412 -50.07 51.40 -57.07
N LEU G 413 -49.43 51.77 -58.17
CA LEU G 413 -50.10 52.27 -59.40
C LEU G 413 -50.70 51.09 -60.16
N LEU G 414 -49.95 50.01 -60.26
CA LEU G 414 -50.42 48.74 -60.87
C LEU G 414 -51.55 48.14 -60.00
N SER G 415 -51.41 48.11 -58.69
CA SER G 415 -52.47 47.64 -57.77
C SER G 415 -53.77 48.45 -57.92
N LEU G 416 -53.67 49.75 -58.21
CA LEU G 416 -54.85 50.62 -58.42
C LEU G 416 -55.44 50.30 -59.78
N TYR G 417 -54.59 50.15 -60.80
CA TYR G 417 -54.97 49.86 -62.21
C TYR G 417 -55.86 48.62 -62.29
N PHE G 418 -55.40 47.49 -61.79
CA PHE G 418 -56.19 46.23 -61.78
C PHE G 418 -57.39 46.29 -60.83
N GLU G 419 -57.32 46.96 -59.69
CA GLU G 419 -58.52 47.17 -58.82
C GLU G 419 -59.64 47.90 -59.57
N ILE G 420 -59.31 48.85 -60.43
CA ILE G 420 -60.32 49.61 -61.22
C ILE G 420 -60.82 48.72 -62.38
N ILE G 421 -59.95 47.90 -62.97
CA ILE G 421 -60.31 47.03 -64.13
C ILE G 421 -61.19 45.87 -63.67
N HIS G 422 -60.98 45.36 -62.46
CA HIS G 422 -61.80 44.27 -61.88
C HIS G 422 -62.98 44.84 -61.07
N GLY G 423 -63.25 46.14 -61.18
CA GLY G 423 -64.38 46.81 -60.51
C GLY G 423 -64.42 46.56 -59.00
N VAL G 424 -63.29 46.64 -58.32
CA VAL G 424 -63.17 46.62 -56.82
C VAL G 424 -63.30 48.07 -56.31
N LEU G 425 -62.61 49.01 -56.97
CA LEU G 425 -62.79 50.47 -56.82
C LEU G 425 -63.58 50.99 -58.03
N LYS G 426 -64.66 51.74 -57.78
CA LYS G 426 -65.50 52.45 -58.80
C LYS G 426 -65.10 53.93 -58.83
N ASN G 427 -65.70 54.71 -59.75
CA ASN G 427 -65.43 56.16 -59.91
C ASN G 427 -66.02 56.99 -58.76
N VAL G 428 -66.81 56.36 -57.88
CA VAL G 428 -67.49 57.02 -56.72
C VAL G 428 -66.63 56.88 -55.44
N ASP G 429 -65.83 55.80 -55.34
CA ASP G 429 -64.99 55.46 -54.15
C ASP G 429 -63.98 56.59 -53.91
N ARG G 430 -63.70 56.91 -52.64
CA ARG G 430 -62.71 57.95 -52.26
C ARG G 430 -61.33 57.34 -52.25
N GLU G 431 -61.23 56.01 -52.16
CA GLU G 431 -59.93 55.31 -52.08
C GLU G 431 -59.15 55.58 -53.38
N VAL G 432 -59.82 55.69 -54.53
CA VAL G 432 -59.12 56.03 -55.81
C VAL G 432 -58.51 57.44 -55.73
N VAL G 433 -59.07 58.36 -54.96
CA VAL G 433 -58.45 59.72 -54.74
C VAL G 433 -57.27 59.58 -53.77
N SER G 434 -57.52 59.13 -52.54
CA SER G 434 -56.53 58.78 -51.50
C SER G 434 -55.29 58.13 -52.13
N GLU G 435 -55.51 57.15 -53.01
CA GLU G 435 -54.44 56.35 -53.67
C GLU G 435 -53.74 57.22 -54.69
N ALA G 436 -54.47 58.07 -55.42
CA ALA G 436 -53.91 59.02 -56.41
C ALA G 436 -52.90 59.93 -55.73
N ILE G 437 -53.29 60.53 -54.60
CA ILE G 437 -52.43 61.44 -53.78
C ILE G 437 -51.10 60.76 -53.51
N ASN G 438 -51.11 59.50 -53.09
CA ASN G 438 -49.90 58.74 -52.69
C ASN G 438 -49.02 58.41 -53.90
N ILE G 439 -49.57 58.39 -55.12
CA ILE G 439 -48.80 58.18 -56.38
C ILE G 439 -48.23 59.52 -56.83
N MET G 440 -48.91 60.64 -56.57
CA MET G 440 -48.40 62.00 -56.86
C MET G 440 -47.25 62.31 -55.89
N ASN G 441 -47.47 62.00 -54.63
CA ASN G 441 -46.50 62.21 -53.55
C ASN G 441 -45.22 61.44 -53.82
N ARG G 442 -45.23 60.42 -54.68
CA ARG G 442 -44.01 59.67 -55.05
C ARG G 442 -43.62 59.90 -56.50
N SER G 443 -44.11 60.98 -57.14
CA SER G 443 -43.94 61.21 -58.60
C SER G 443 -42.46 61.39 -58.90
N ASN G 444 -41.94 60.60 -59.86
CA ASN G 444 -40.61 60.82 -60.49
C ASN G 444 -40.67 60.36 -61.95
N ASP G 445 -39.65 60.69 -62.75
CA ASP G 445 -39.61 60.45 -64.22
C ASP G 445 -39.94 58.99 -64.54
N ALA G 446 -39.39 58.02 -63.80
CA ALA G 446 -39.58 56.56 -64.00
C ALA G 446 -41.04 56.19 -63.88
N LEU G 447 -41.71 56.81 -62.90
CA LEU G 447 -43.12 56.53 -62.53
C LEU G 447 -44.03 57.14 -63.58
N ILE G 448 -43.59 58.15 -64.33
CA ILE G 448 -44.40 58.71 -65.44
C ILE G 448 -44.20 57.89 -66.73
N LYS G 449 -42.97 57.49 -67.04
CA LYS G 449 -42.72 56.54 -68.13
C LYS G 449 -43.58 55.31 -67.85
N PHE G 450 -43.70 54.90 -66.59
CA PHE G 450 -44.42 53.66 -66.20
C PHE G 450 -45.93 53.85 -66.39
N MET G 451 -46.48 54.93 -65.84
CA MET G 451 -47.92 55.20 -65.95
C MET G 451 -48.27 55.43 -67.40
N GLU G 452 -47.38 56.01 -68.21
CA GLU G 452 -47.67 56.33 -69.64
C GLU G 452 -47.89 55.02 -70.41
N TYR G 453 -46.99 54.05 -70.28
CA TYR G 453 -47.11 52.73 -70.94
C TYR G 453 -48.36 51.99 -70.50
N HIS G 454 -48.66 51.94 -69.19
CA HIS G 454 -49.78 51.11 -68.66
C HIS G 454 -51.13 51.70 -69.04
N ILE G 455 -51.20 53.00 -69.33
CA ILE G 455 -52.45 53.77 -69.53
C ILE G 455 -52.62 54.06 -71.00
N SER G 456 -51.53 54.08 -71.80
CA SER G 456 -51.59 54.33 -73.26
C SER G 456 -51.61 53.00 -74.02
N ASN G 457 -51.76 51.87 -73.34
CA ASN G 457 -51.88 50.51 -73.94
C ASN G 457 -53.02 49.75 -73.25
N THR G 458 -54.06 50.44 -72.78
CA THR G 458 -55.36 49.79 -72.42
C THR G 458 -56.32 50.04 -73.57
N ASP G 459 -56.93 48.97 -74.08
CA ASP G 459 -57.97 48.97 -75.12
C ASP G 459 -59.29 49.32 -74.43
N GLU G 460 -59.77 50.56 -74.61
CA GLU G 460 -60.99 51.08 -73.94
C GLU G 460 -62.25 50.38 -74.50
N THR G 461 -62.13 49.71 -75.65
CA THR G 461 -63.22 48.94 -76.30
C THR G 461 -63.58 47.72 -75.44
N LYS G 462 -62.59 47.19 -74.70
CA LYS G 462 -62.59 45.88 -74.00
C LYS G 462 -63.62 45.85 -72.86
N GLY G 463 -64.13 47.01 -72.41
CA GLY G 463 -65.15 47.09 -71.36
C GLY G 463 -65.22 48.47 -70.72
N GLU G 464 -66.30 48.73 -69.99
CA GLU G 464 -66.59 50.05 -69.35
C GLU G 464 -65.49 50.40 -68.33
N ASN G 465 -65.00 49.41 -67.59
CA ASN G 465 -63.93 49.54 -66.57
C ASN G 465 -62.56 49.79 -67.23
N TYR G 466 -62.37 49.44 -68.50
CA TYR G 466 -61.16 49.80 -69.28
C TYR G 466 -61.27 51.25 -69.75
N GLN G 467 -62.47 51.80 -69.92
CA GLN G 467 -62.65 53.24 -70.26
C GLN G 467 -62.32 54.06 -69.01
N LEU G 468 -62.77 53.60 -67.84
CA LEU G 468 -62.62 54.32 -66.56
C LEU G 468 -61.14 54.51 -66.25
N VAL G 469 -60.34 53.45 -66.40
CA VAL G 469 -58.92 53.42 -65.96
C VAL G 469 -58.10 54.28 -66.91
N LYS G 470 -58.51 54.37 -68.17
CA LYS G 470 -57.78 55.15 -69.19
C LYS G 470 -58.09 56.63 -68.96
N THR G 471 -59.32 56.99 -68.59
CA THR G 471 -59.76 58.39 -68.31
C THR G 471 -59.07 58.89 -67.02
N LEU G 472 -59.25 58.15 -65.92
CA LEU G 472 -58.57 58.32 -64.61
C LEU G 472 -57.07 58.44 -64.88
N GLY G 473 -56.49 57.44 -65.53
CA GLY G 473 -55.04 57.34 -65.81
C GLY G 473 -54.49 58.58 -66.46
N GLU G 474 -55.02 58.95 -67.62
CA GLU G 474 -54.57 60.13 -68.41
C GLU G 474 -54.47 61.34 -67.46
N GLN G 475 -55.46 61.52 -66.58
CA GLN G 475 -55.51 62.63 -65.58
C GLN G 475 -54.33 62.52 -64.59
N LEU G 476 -54.24 61.39 -63.91
CA LEU G 476 -53.17 61.02 -62.93
C LEU G 476 -51.77 61.20 -63.51
N ILE G 477 -51.57 61.00 -64.81
CA ILE G 477 -50.32 61.32 -65.56
C ILE G 477 -50.14 62.85 -65.63
N GLU G 478 -51.22 63.57 -65.97
CA GLU G 478 -51.18 65.04 -66.14
C GLU G 478 -50.83 65.69 -64.80
N ASN G 479 -51.46 65.22 -63.69
CA ASN G 479 -51.16 65.62 -62.30
C ASN G 479 -49.70 65.30 -61.97
N CYS G 480 -49.31 64.04 -62.01
CA CYS G 480 -47.95 63.55 -61.66
C CYS G 480 -46.86 64.41 -62.32
N LYS G 481 -47.06 64.87 -63.56
CA LYS G 481 -46.11 65.74 -64.30
C LYS G 481 -46.08 67.15 -63.70
N GLN G 482 -47.24 67.74 -63.34
CA GLN G 482 -47.36 69.09 -62.71
C GLN G 482 -46.58 69.19 -61.38
N VAL G 483 -46.44 68.07 -60.69
CA VAL G 483 -46.04 67.94 -59.26
C VAL G 483 -44.65 67.28 -59.18
N LEU G 484 -44.18 66.65 -60.24
CA LEU G 484 -42.73 66.33 -60.38
C LEU G 484 -41.98 67.59 -59.94
N ASP G 485 -40.98 67.48 -59.07
CA ASP G 485 -40.14 68.64 -58.61
C ASP G 485 -40.97 69.61 -57.75
N VAL G 486 -41.88 69.09 -56.93
CA VAL G 486 -42.74 69.83 -55.96
C VAL G 486 -42.88 68.95 -54.72
N ASP G 487 -42.80 69.53 -53.53
CA ASP G 487 -42.66 68.76 -52.29
C ASP G 487 -43.98 68.09 -52.00
N PRO G 488 -43.93 66.85 -51.49
CA PRO G 488 -45.13 66.06 -51.25
C PRO G 488 -45.83 66.52 -49.99
N VAL G 489 -47.04 66.05 -49.81
CA VAL G 489 -48.03 66.69 -48.91
C VAL G 489 -48.84 65.65 -48.11
N TYR G 490 -48.92 65.78 -46.80
CA TYR G 490 -50.06 65.24 -46.01
C TYR G 490 -51.33 65.95 -46.50
N LYS G 491 -52.21 65.23 -47.17
CA LYS G 491 -53.60 65.68 -47.46
C LYS G 491 -54.55 64.53 -47.20
N ASP G 492 -55.20 64.51 -46.03
CA ASP G 492 -56.24 63.50 -45.71
C ASP G 492 -57.51 63.88 -46.49
N VAL G 493 -58.15 62.88 -47.08
CA VAL G 493 -59.29 63.07 -48.02
C VAL G 493 -60.40 62.06 -47.67
N ALA G 494 -60.27 61.38 -46.53
CA ALA G 494 -61.19 60.35 -46.03
C ALA G 494 -62.50 61.01 -45.58
N LYS G 495 -63.61 60.27 -45.59
CA LYS G 495 -64.93 60.81 -45.18
C LYS G 495 -64.96 60.87 -43.66
N PRO G 496 -65.05 62.08 -43.06
CA PRO G 496 -65.06 62.23 -41.61
C PRO G 496 -66.37 61.70 -40.99
N THR G 497 -66.22 60.74 -40.08
CA THR G 497 -67.31 59.96 -39.46
C THR G 497 -67.65 60.59 -38.11
N GLY G 498 -68.88 60.34 -37.65
CA GLY G 498 -69.36 60.61 -36.29
C GLY G 498 -69.64 59.29 -35.59
N PRO G 499 -69.89 59.27 -34.25
CA PRO G 499 -70.35 58.05 -33.57
C PRO G 499 -71.88 57.89 -33.60
N LYS G 500 -72.33 56.64 -33.59
CA LYS G 500 -73.76 56.23 -33.59
C LYS G 500 -73.92 55.02 -32.67
N THR G 501 -74.71 55.14 -31.60
CA THR G 501 -75.08 54.02 -30.70
C THR G 501 -76.53 53.64 -31.00
N ALA G 502 -76.76 52.36 -31.25
CA ALA G 502 -78.09 51.75 -31.49
C ALA G 502 -78.27 50.59 -30.52
N ILE G 503 -79.48 50.47 -29.96
CA ILE G 503 -79.96 49.29 -29.18
C ILE G 503 -81.16 48.72 -29.94
N ASP G 504 -81.08 47.46 -30.37
CA ASP G 504 -82.14 46.79 -31.19
C ASP G 504 -83.38 46.51 -30.30
N LYS G 505 -84.31 45.68 -30.80
CA LYS G 505 -85.51 45.20 -30.07
C LYS G 505 -85.12 44.29 -28.91
N ASN G 506 -84.13 43.41 -29.11
CA ASN G 506 -83.69 42.34 -28.16
C ASN G 506 -82.61 42.85 -27.19
N GLY G 507 -82.27 44.16 -27.25
CA GLY G 507 -81.33 44.83 -26.32
C GLY G 507 -79.87 44.42 -26.54
N ASN G 508 -79.42 44.36 -27.80
CA ASN G 508 -78.00 44.28 -28.22
C ASN G 508 -77.51 45.70 -28.58
N ILE G 509 -76.41 46.13 -27.96
CA ILE G 509 -75.81 47.48 -28.17
C ILE G 509 -74.86 47.38 -29.37
N THR G 510 -75.15 48.12 -30.44
CA THR G 510 -74.32 48.23 -31.67
C THR G 510 -73.65 49.61 -31.70
N TYR G 511 -72.34 49.62 -31.98
CA TYR G 511 -71.55 50.86 -32.27
C TYR G 511 -71.11 50.86 -33.74
N SER G 512 -71.35 51.98 -34.44
CA SER G 512 -70.96 52.21 -35.85
C SER G 512 -70.61 53.69 -36.07
N GLU G 513 -69.38 53.97 -36.51
CA GLU G 513 -69.00 55.34 -36.97
C GLU G 513 -69.77 55.62 -38.26
N GLU G 514 -70.35 56.82 -38.36
CA GLU G 514 -71.47 57.12 -39.30
C GLU G 514 -71.25 58.47 -40.00
N PRO G 515 -70.96 58.50 -41.32
CA PRO G 515 -70.98 59.73 -42.10
C PRO G 515 -71.90 60.85 -41.57
N ARG G 516 -71.27 61.98 -41.22
CA ARG G 516 -71.92 63.15 -40.59
C ARG G 516 -72.74 63.91 -41.63
N GLU G 517 -73.72 64.69 -41.16
CA GLU G 517 -74.41 65.72 -42.00
C GLU G 517 -73.53 66.97 -42.03
N LYS G 518 -73.35 67.57 -43.21
CA LYS G 518 -72.73 68.92 -43.41
C LYS G 518 -71.21 68.91 -43.16
N VAL G 519 -70.59 67.74 -42.98
CA VAL G 519 -69.11 67.58 -42.83
C VAL G 519 -68.69 66.34 -43.64
N ARG G 520 -68.44 66.51 -44.94
CA ARG G 520 -68.16 65.40 -45.89
C ARG G 520 -66.81 65.65 -46.59
N LYS G 521 -65.85 66.21 -45.85
CA LYS G 521 -64.58 66.81 -46.33
C LYS G 521 -63.86 67.36 -45.10
N LEU G 522 -62.55 67.61 -45.14
CA LEU G 522 -61.82 68.13 -43.94
C LEU G 522 -61.87 69.66 -43.93
N SER G 523 -61.99 70.29 -45.08
CA SER G 523 -62.28 71.74 -45.22
C SER G 523 -63.43 72.08 -44.24
N GLN G 524 -64.53 71.32 -44.34
CA GLN G 524 -65.80 71.54 -43.59
C GLN G 524 -65.55 71.35 -42.09
N TYR G 525 -64.87 70.27 -41.74
CA TYR G 525 -64.43 69.96 -40.37
C TYR G 525 -63.72 71.17 -39.76
N VAL G 526 -62.93 71.97 -40.50
CA VAL G 526 -62.20 73.14 -39.88
C VAL G 526 -63.19 74.29 -39.60
N GLN G 527 -64.10 74.61 -40.53
CA GLN G 527 -65.23 75.56 -40.32
C GLN G 527 -65.98 75.17 -39.04
N GLU G 528 -66.52 73.94 -38.98
CA GLU G 528 -67.29 73.42 -37.82
C GLU G 528 -66.51 73.63 -36.52
N MET G 529 -65.20 73.40 -36.56
CA MET G 529 -64.30 73.52 -35.38
C MET G 529 -64.16 75.00 -35.03
N ALA G 530 -64.12 75.88 -36.03
CA ALA G 530 -63.92 77.33 -35.84
C ALA G 530 -65.16 77.96 -35.18
N LEU G 531 -66.36 77.65 -35.67
CA LEU G 531 -67.67 78.19 -35.17
C LEU G 531 -67.92 77.83 -33.70
N GLY G 532 -67.36 76.71 -33.22
CA GLY G 532 -67.56 76.23 -31.84
C GLY G 532 -68.94 75.63 -31.70
N GLY G 533 -69.80 76.26 -30.90
CA GLY G 533 -71.16 75.78 -30.61
C GLY G 533 -71.90 76.70 -29.63
N PRO G 534 -73.11 76.30 -29.19
CA PRO G 534 -73.86 77.07 -28.19
C PRO G 534 -73.22 77.08 -26.78
N ILE G 535 -72.47 76.03 -26.43
CA ILE G 535 -71.91 75.82 -25.05
C ILE G 535 -70.52 76.46 -24.93
N THR G 536 -69.76 76.48 -26.03
CA THR G 536 -68.41 77.12 -26.16
C THR G 536 -68.52 78.66 -26.04
N LYS G 537 -69.73 79.21 -26.19
CA LYS G 537 -70.04 80.67 -26.01
C LYS G 537 -69.59 81.11 -24.60
N GLU G 538 -68.57 81.96 -24.54
CA GLU G 538 -68.01 82.53 -23.28
C GLU G 538 -68.81 83.80 -22.95
N SER G 539 -69.39 83.87 -21.74
CA SER G 539 -70.27 84.96 -21.25
C SER G 539 -70.25 85.01 -19.71
N MET G 599 -68.69 80.28 -47.06
CA MET G 599 -67.54 79.47 -47.58
C MET G 599 -68.06 78.08 -48.03
N ASP G 600 -67.96 77.80 -49.34
CA ASP G 600 -68.50 76.57 -50.02
C ASP G 600 -67.78 76.41 -51.38
N VAL G 601 -66.68 75.64 -51.38
CA VAL G 601 -65.90 75.22 -52.60
C VAL G 601 -66.51 73.88 -53.09
N GLU G 602 -67.26 73.92 -54.20
CA GLU G 602 -67.89 72.72 -54.83
C GLU G 602 -66.78 71.81 -55.38
N ASP G 603 -66.97 70.49 -55.21
CA ASP G 603 -65.97 69.41 -55.50
C ASP G 603 -66.63 68.39 -56.45
N ALA G 604 -66.18 67.14 -56.45
CA ALA G 604 -66.88 66.01 -57.12
C ALA G 604 -66.68 64.69 -56.33
N LEU G 605 -66.44 64.75 -55.02
CA LEU G 605 -66.33 63.54 -54.14
C LEU G 605 -67.68 62.81 -54.14
N ASP G 606 -67.66 61.47 -54.29
CA ASP G 606 -68.84 60.57 -54.20
C ASP G 606 -69.79 60.78 -55.39
N LYS G 607 -69.25 61.09 -56.57
CA LYS G 607 -70.01 61.13 -57.86
C LYS G 607 -69.05 60.93 -59.05
N ASP G 608 -67.92 61.66 -59.07
CA ASP G 608 -66.80 61.48 -60.03
C ASP G 608 -65.50 61.85 -59.31
N SER G 609 -64.75 60.84 -58.87
CA SER G 609 -63.40 60.97 -58.26
C SER G 609 -62.34 61.29 -59.33
N THR G 610 -62.59 61.00 -60.61
CA THR G 610 -61.70 61.34 -61.78
C THR G 610 -61.63 62.87 -61.95
N LYS G 611 -62.66 63.60 -61.52
CA LYS G 611 -62.73 65.08 -61.52
C LYS G 611 -62.06 65.64 -60.24
N GLU G 612 -62.20 64.95 -59.11
CA GLU G 612 -61.52 65.30 -57.83
C GLU G 612 -60.01 65.01 -57.93
N VAL G 613 -59.62 64.01 -58.73
CA VAL G 613 -58.20 63.72 -59.13
C VAL G 613 -57.63 64.92 -59.89
N ALA G 614 -58.35 65.45 -60.89
CA ALA G 614 -57.90 66.59 -61.74
C ALA G 614 -57.55 67.80 -60.87
N SER G 615 -58.23 67.96 -59.72
CA SER G 615 -58.19 69.15 -58.83
C SER G 615 -57.18 68.98 -57.67
N LEU G 616 -56.27 68.00 -57.75
CA LEU G 616 -55.34 67.63 -56.65
C LEU G 616 -54.06 68.49 -56.65
N PRO G 617 -53.46 68.86 -57.81
CA PRO G 617 -52.38 69.87 -57.81
C PRO G 617 -52.88 71.32 -57.67
N ASN G 618 -54.04 71.64 -58.24
CA ASN G 618 -54.62 73.01 -58.30
C ASN G 618 -54.72 73.55 -56.86
N LYS G 619 -53.76 74.41 -56.49
CA LYS G 619 -53.57 74.96 -55.13
C LYS G 619 -54.60 76.09 -54.92
N SER G 620 -55.71 75.78 -54.24
CA SER G 620 -56.87 76.68 -54.02
C SER G 620 -56.51 77.78 -53.01
N THR G 621 -56.44 79.04 -53.48
CA THR G 621 -56.28 80.27 -52.67
C THR G 621 -57.67 80.83 -52.33
N ILE G 622 -57.87 81.26 -51.08
CA ILE G 622 -59.14 81.83 -50.56
C ILE G 622 -58.87 83.26 -50.05
N SER G 623 -59.81 84.18 -50.30
CA SER G 623 -59.79 85.58 -49.77
C SER G 623 -60.05 85.54 -48.25
N LYS G 624 -61.31 85.31 -47.85
CA LYS G 624 -61.75 85.28 -46.43
C LYS G 624 -61.25 83.97 -45.83
N THR G 625 -60.30 84.05 -44.88
CA THR G 625 -59.86 82.90 -44.04
C THR G 625 -60.93 82.62 -43.00
N VAL G 626 -60.86 81.44 -42.38
CA VAL G 626 -61.80 80.96 -41.33
C VAL G 626 -61.40 81.53 -39.95
N SER G 627 -60.40 82.42 -39.85
CA SER G 627 -60.18 83.32 -38.69
C SER G 627 -61.37 84.28 -38.48
N SER G 628 -61.99 84.74 -39.59
CA SER G 628 -63.05 85.77 -39.66
C SER G 628 -64.45 85.14 -39.59
N THR G 629 -64.55 83.81 -39.65
CA THR G 629 -65.80 83.02 -39.42
C THR G 629 -66.06 82.90 -37.92
N ILE G 630 -65.01 82.89 -37.08
CA ILE G 630 -65.06 82.67 -35.59
C ILE G 630 -65.91 83.76 -34.98
N PRO G 631 -67.17 83.48 -34.57
CA PRO G 631 -68.05 84.54 -34.10
C PRO G 631 -67.52 85.09 -32.78
N ARG G 632 -67.44 86.42 -32.63
CA ARG G 632 -67.00 87.08 -31.37
C ARG G 632 -67.88 86.55 -30.23
N GLU G 633 -67.35 86.48 -29.01
CA GLU G 633 -68.07 85.97 -27.81
C GLU G 633 -68.31 84.46 -27.97
N THR G 634 -67.43 83.74 -28.68
CA THR G 634 -67.48 82.26 -28.86
C THR G 634 -66.06 81.69 -29.04
N ILE G 635 -65.75 80.62 -28.30
CA ILE G 635 -64.44 79.90 -28.35
C ILE G 635 -64.55 78.77 -29.37
N PRO G 636 -63.61 78.65 -30.33
CA PRO G 636 -63.61 77.51 -31.24
C PRO G 636 -63.42 76.22 -30.46
N PHE G 637 -63.62 75.08 -31.11
CA PHE G 637 -63.42 73.75 -30.47
C PHE G 637 -61.92 73.47 -30.40
N LEU G 638 -61.17 73.72 -31.48
CA LEU G 638 -59.67 73.72 -31.49
C LEU G 638 -59.16 75.14 -31.24
N HIS G 639 -58.37 75.39 -30.21
CA HIS G 639 -57.82 76.76 -29.97
C HIS G 639 -56.49 76.72 -29.23
N LEU G 640 -55.61 77.67 -29.53
CA LEU G 640 -54.36 77.86 -28.78
C LEU G 640 -54.66 78.78 -27.61
N ARG G 641 -53.88 78.64 -26.56
CA ARG G 641 -54.01 79.47 -25.34
C ARG G 641 -52.78 80.37 -25.23
N LYS G 642 -52.85 81.32 -24.31
CA LYS G 642 -51.76 82.27 -23.99
C LYS G 642 -51.68 82.42 -22.47
N LYS G 643 -50.47 82.41 -21.93
CA LYS G 643 -50.22 82.58 -20.49
C LYS G 643 -50.40 84.06 -20.17
N THR G 644 -51.25 84.36 -19.19
CA THR G 644 -51.58 85.73 -18.68
C THR G 644 -50.68 86.03 -17.48
N PRO G 645 -50.24 87.29 -17.24
CA PRO G 645 -49.26 87.59 -16.17
C PRO G 645 -49.59 87.04 -14.76
N ALA G 646 -50.87 86.90 -14.41
CA ALA G 646 -51.37 86.18 -13.21
C ALA G 646 -50.83 84.74 -13.19
N GLY G 647 -50.76 84.08 -14.36
CA GLY G 647 -50.07 82.78 -14.57
C GLY G 647 -50.99 81.65 -15.02
N ASP G 648 -52.27 81.92 -15.28
CA ASP G 648 -53.24 80.98 -15.92
C ASP G 648 -53.03 81.01 -17.45
N TRP G 649 -53.60 80.05 -18.17
CA TRP G 649 -53.65 80.04 -19.66
C TRP G 649 -55.10 80.28 -20.12
N LYS G 650 -55.35 81.37 -20.83
CA LYS G 650 -56.69 81.71 -21.39
C LYS G 650 -56.66 81.56 -22.91
N TYR G 651 -57.80 81.19 -23.50
CA TYR G 651 -58.08 81.34 -24.96
C TYR G 651 -57.56 82.69 -25.45
N ASP G 652 -56.49 82.69 -26.24
CA ASP G 652 -56.12 83.87 -27.07
C ASP G 652 -56.75 83.71 -28.45
N ARG G 653 -57.54 84.70 -28.88
CA ARG G 653 -58.27 84.72 -30.18
C ARG G 653 -57.29 84.73 -31.36
N GLN G 654 -56.19 85.48 -31.21
CA GLN G 654 -55.30 85.89 -32.32
C GLN G 654 -54.30 84.75 -32.61
N LEU G 655 -53.66 84.15 -31.60
CA LEU G 655 -52.90 82.87 -31.71
C LEU G 655 -53.78 81.80 -32.38
N SER G 656 -54.99 81.61 -31.84
CA SER G 656 -55.95 80.56 -32.22
C SER G 656 -56.33 80.72 -33.70
N SER G 657 -56.37 81.94 -34.24
CA SER G 657 -56.69 82.21 -35.67
C SER G 657 -55.59 81.63 -36.55
N LEU G 658 -54.38 82.13 -36.37
CA LEU G 658 -53.11 81.62 -36.97
C LEU G 658 -53.11 80.09 -37.07
N PHE G 659 -53.45 79.38 -36.00
CA PHE G 659 -53.50 77.89 -35.92
C PHE G 659 -54.54 77.35 -36.90
N LEU G 660 -55.78 77.85 -36.82
CA LEU G 660 -56.96 77.40 -37.61
C LEU G 660 -56.79 77.75 -39.09
N ASP G 661 -56.16 78.89 -39.40
CA ASP G 661 -55.82 79.32 -40.79
C ASP G 661 -54.80 78.35 -41.40
N GLY G 662 -53.78 77.95 -40.65
CA GLY G 662 -52.85 76.89 -41.08
C GLY G 662 -53.57 75.57 -41.34
N LEU G 663 -54.64 75.33 -40.60
CA LEU G 663 -55.39 74.06 -40.57
C LEU G 663 -56.37 74.05 -41.74
N GLU G 664 -56.89 75.22 -42.12
CA GLU G 664 -57.78 75.43 -43.30
C GLU G 664 -57.00 75.10 -44.59
N LYS G 665 -55.73 75.51 -44.64
CA LYS G 665 -54.85 75.39 -45.82
C LYS G 665 -54.35 73.94 -45.94
N ALA G 666 -53.94 73.36 -44.81
CA ALA G 666 -53.65 71.92 -44.68
C ALA G 666 -54.76 71.12 -45.33
N ALA G 667 -56.01 71.54 -45.15
CA ALA G 667 -57.19 70.76 -45.58
C ALA G 667 -57.39 70.93 -47.09
N PHE G 668 -57.26 72.15 -47.62
CA PHE G 668 -57.32 72.43 -49.08
C PHE G 668 -56.04 71.93 -49.74
N ASN G 669 -54.92 72.62 -49.47
CA ASN G 669 -53.63 72.49 -50.22
C ASN G 669 -52.80 71.33 -49.65
N GLY G 670 -52.77 71.17 -48.32
CA GLY G 670 -51.97 70.12 -47.64
C GLY G 670 -50.64 70.68 -47.17
N VAL G 671 -49.99 69.95 -46.25
CA VAL G 671 -48.83 70.41 -45.44
C VAL G 671 -47.62 69.62 -45.95
N THR G 672 -46.43 70.20 -46.03
CA THR G 672 -45.21 69.37 -46.23
C THR G 672 -44.40 69.23 -44.93
N PHE G 673 -43.68 68.15 -44.83
CA PHE G 673 -42.79 67.81 -43.70
C PHE G 673 -41.46 67.37 -44.28
N LYS G 674 -41.16 67.79 -45.50
CA LYS G 674 -39.87 67.51 -46.16
C LYS G 674 -38.81 68.10 -45.22
N ASP G 675 -37.77 67.32 -44.93
CA ASP G 675 -36.56 67.78 -44.19
C ASP G 675 -36.83 67.84 -42.69
N LYS G 676 -38.03 67.48 -42.25
CA LYS G 676 -38.41 67.33 -40.83
C LYS G 676 -37.97 65.94 -40.41
N TYR G 677 -37.21 65.81 -39.31
CA TYR G 677 -36.78 64.51 -38.71
C TYR G 677 -37.48 64.31 -37.39
N VAL G 678 -38.13 63.18 -37.19
CA VAL G 678 -39.08 62.98 -36.06
C VAL G 678 -38.78 61.69 -35.29
N LEU G 679 -38.74 61.73 -33.96
CA LEU G 679 -38.86 60.52 -33.06
C LEU G 679 -40.31 60.45 -32.63
N ILE G 680 -40.97 59.28 -32.73
CA ILE G 680 -42.38 59.11 -32.26
C ILE G 680 -42.54 57.79 -31.55
N THR G 681 -43.03 57.82 -30.32
CA THR G 681 -43.13 56.61 -29.47
C THR G 681 -44.61 56.34 -29.22
N GLY G 682 -44.95 55.08 -28.96
CA GLY G 682 -46.34 54.67 -28.80
C GLY G 682 -47.10 55.01 -30.05
N ALA G 683 -46.61 54.56 -31.20
CA ALA G 683 -47.32 54.70 -32.48
C ALA G 683 -47.68 53.35 -33.07
N GLY G 684 -48.16 52.44 -32.23
CA GLY G 684 -48.59 51.10 -32.65
C GLY G 684 -49.90 51.15 -33.41
N LYS G 685 -50.29 50.03 -34.00
CA LYS G 685 -51.54 49.89 -34.78
C LYS G 685 -52.76 50.26 -33.92
N GLY G 686 -53.63 51.11 -34.45
CA GLY G 686 -54.86 51.56 -33.78
C GLY G 686 -54.56 52.50 -32.65
N SER G 687 -54.00 53.68 -32.96
CA SER G 687 -53.60 54.73 -32.00
C SER G 687 -53.54 56.08 -32.71
N ILE G 688 -53.69 57.19 -32.01
CA ILE G 688 -53.40 58.52 -32.62
C ILE G 688 -51.94 58.50 -33.11
N GLY G 689 -51.07 57.86 -32.35
CA GLY G 689 -49.66 57.64 -32.73
C GLY G 689 -49.51 57.26 -34.20
N ALA G 690 -50.30 56.31 -34.69
CA ALA G 690 -50.15 55.66 -36.00
C ALA G 690 -50.81 56.46 -37.13
N GLU G 691 -51.82 57.28 -36.82
CA GLU G 691 -52.47 58.16 -37.82
C GLU G 691 -51.67 59.45 -38.00
N VAL G 692 -50.69 59.66 -37.14
CA VAL G 692 -49.76 60.80 -37.16
C VAL G 692 -48.64 60.32 -38.04
N LEU G 693 -48.12 59.17 -37.70
CA LEU G 693 -47.07 58.48 -38.48
C LEU G 693 -47.39 58.50 -39.95
N GLN G 694 -48.59 58.12 -40.36
CA GLN G 694 -49.07 58.13 -41.78
C GLN G 694 -48.91 59.54 -42.37
N GLY G 695 -49.51 60.52 -41.71
CA GLY G 695 -49.37 61.93 -42.09
C GLY G 695 -47.92 62.37 -42.17
N LEU G 696 -47.08 61.96 -41.25
CA LEU G 696 -45.69 62.46 -41.34
C LEU G 696 -45.12 62.01 -42.67
N LEU G 697 -45.14 60.69 -42.86
CA LEU G 697 -44.55 59.98 -44.00
C LEU G 697 -45.16 60.57 -45.24
N GLN G 698 -46.44 60.89 -45.18
CA GLN G 698 -47.19 61.35 -46.38
C GLN G 698 -46.59 62.66 -46.87
N GLY G 699 -45.92 63.44 -46.03
CA GLY G 699 -45.26 64.73 -46.38
C GLY G 699 -43.77 64.56 -46.49
N GLY G 700 -43.29 63.32 -46.67
CA GLY G 700 -41.85 62.98 -46.79
C GLY G 700 -41.02 63.36 -45.56
N ALA G 701 -41.57 63.27 -44.35
CA ALA G 701 -40.80 63.26 -43.09
C ALA G 701 -39.81 62.12 -43.02
N LYS G 702 -38.77 62.23 -42.19
CA LYS G 702 -37.90 61.08 -41.86
C LYS G 702 -38.14 60.72 -40.41
N VAL G 703 -38.75 59.58 -40.15
CA VAL G 703 -39.30 59.27 -38.82
C VAL G 703 -38.60 58.05 -38.22
N VAL G 704 -38.22 58.15 -36.93
CA VAL G 704 -37.92 56.96 -36.10
C VAL G 704 -39.18 56.57 -35.34
N VAL G 705 -39.51 55.29 -35.29
CA VAL G 705 -40.76 54.76 -34.70
C VAL G 705 -40.36 53.62 -33.78
N THR G 706 -40.81 53.64 -32.56
CA THR G 706 -40.37 52.67 -31.55
C THR G 706 -41.55 51.76 -31.34
N THR G 707 -41.29 50.47 -31.26
CA THR G 707 -42.30 49.46 -30.87
C THR G 707 -41.82 48.81 -29.58
N SER G 708 -42.76 48.55 -28.66
CA SER G 708 -42.59 47.74 -27.44
C SER G 708 -42.47 46.29 -27.85
N ARG G 709 -43.40 45.84 -28.70
CA ARG G 709 -43.58 44.43 -29.13
C ARG G 709 -43.06 44.29 -30.56
N PHE G 710 -41.78 43.98 -30.73
CA PHE G 710 -41.12 43.74 -32.03
C PHE G 710 -41.19 42.26 -32.40
N SER G 711 -41.61 41.99 -33.62
CA SER G 711 -42.12 40.69 -34.09
C SER G 711 -42.13 40.79 -35.61
N LYS G 712 -42.38 39.69 -36.32
CA LYS G 712 -42.61 39.69 -37.79
C LYS G 712 -43.92 40.43 -38.10
N GLN G 713 -44.95 40.19 -37.30
CA GLN G 713 -46.33 40.68 -37.51
C GLN G 713 -46.35 42.20 -37.47
N VAL G 714 -45.34 42.84 -36.88
CA VAL G 714 -45.28 44.31 -36.60
C VAL G 714 -44.42 44.97 -37.65
N THR G 715 -43.25 44.40 -37.85
CA THR G 715 -42.31 44.73 -38.93
C THR G 715 -43.05 44.68 -40.27
N ASP G 716 -44.07 43.82 -40.45
CA ASP G 716 -44.97 43.78 -41.65
C ASP G 716 -46.00 44.90 -41.64
N TYR G 717 -46.77 45.09 -40.59
CA TYR G 717 -47.60 46.32 -40.43
C TYR G 717 -46.83 47.55 -40.91
N TYR G 718 -45.58 47.74 -40.48
CA TYR G 718 -44.81 48.97 -40.74
C TYR G 718 -44.35 48.99 -42.18
N GLN G 719 -43.91 47.85 -42.70
CA GLN G 719 -43.57 47.73 -44.14
C GLN G 719 -44.75 48.25 -44.98
N SER G 720 -45.98 47.94 -44.58
CA SER G 720 -47.18 48.14 -45.42
C SER G 720 -47.64 49.59 -45.34
N ILE G 721 -47.30 50.27 -44.28
CA ILE G 721 -47.69 51.69 -44.12
C ILE G 721 -46.74 52.47 -44.97
N TYR G 722 -45.45 52.19 -44.81
CA TYR G 722 -44.39 52.85 -45.59
C TYR G 722 -44.64 52.58 -47.07
N ALA G 723 -45.11 51.40 -47.46
CA ALA G 723 -45.25 51.08 -48.90
C ALA G 723 -46.56 51.56 -49.49
N LYS G 724 -47.39 52.28 -48.73
CA LYS G 724 -48.64 52.90 -49.19
C LYS G 724 -48.58 54.42 -49.08
N TYR G 725 -47.70 54.96 -48.21
CA TYR G 725 -47.78 56.33 -47.69
C TYR G 725 -46.45 57.07 -47.84
N GLY G 726 -45.35 56.34 -47.69
CA GLY G 726 -44.03 56.98 -47.73
C GLY G 726 -43.87 57.65 -49.06
N ALA G 727 -43.92 58.97 -49.06
CA ALA G 727 -43.74 59.83 -50.24
C ALA G 727 -42.26 59.96 -50.57
N LYS G 728 -41.94 60.64 -51.65
CA LYS G 728 -40.54 60.78 -52.13
C LYS G 728 -39.69 61.43 -51.03
N GLY G 729 -38.74 60.68 -50.48
CA GLY G 729 -37.75 61.23 -49.56
C GLY G 729 -38.00 60.85 -48.11
N SER G 730 -39.26 60.65 -47.73
CA SER G 730 -39.68 59.92 -46.51
C SER G 730 -38.69 58.79 -46.19
N THR G 731 -38.47 58.50 -44.91
CA THR G 731 -37.84 57.21 -44.49
C THR G 731 -38.47 56.81 -43.16
N LEU G 732 -38.44 55.55 -42.83
CA LEU G 732 -39.05 55.02 -41.60
C LEU G 732 -38.07 54.03 -40.98
N ILE G 733 -37.50 54.35 -39.82
CA ILE G 733 -36.70 53.38 -39.04
C ILE G 733 -37.59 52.88 -37.92
N VAL G 734 -37.69 51.57 -37.77
CA VAL G 734 -38.45 50.87 -36.71
C VAL G 734 -37.43 50.21 -35.81
N VAL G 735 -37.40 50.59 -34.55
CA VAL G 735 -36.46 50.06 -33.52
C VAL G 735 -37.33 49.45 -32.45
N PRO G 736 -36.95 48.33 -31.84
CA PRO G 736 -37.58 47.88 -30.60
C PRO G 736 -37.13 48.82 -29.49
N PHE G 737 -37.89 48.91 -28.41
CA PHE G 737 -37.70 50.01 -27.44
C PHE G 737 -38.55 49.84 -26.20
N ASN G 738 -37.96 50.04 -25.03
CA ASN G 738 -38.74 50.12 -23.77
C ASN G 738 -38.65 51.54 -23.27
N GLN G 739 -39.72 52.33 -23.21
CA GLN G 739 -39.60 53.76 -22.75
C GLN G 739 -39.40 53.72 -21.20
N GLY G 740 -39.78 52.63 -20.55
CA GLY G 740 -39.55 52.43 -19.12
C GLY G 740 -38.12 52.09 -18.77
N SER G 741 -37.26 51.88 -19.75
CA SER G 741 -35.84 51.61 -19.52
C SER G 741 -35.06 52.92 -19.66
N LYS G 742 -34.31 53.32 -18.63
CA LYS G 742 -33.43 54.50 -18.65
C LYS G 742 -32.44 54.25 -19.78
N GLN G 743 -31.87 53.06 -19.74
CA GLN G 743 -30.69 52.68 -20.55
C GLN G 743 -31.04 52.55 -22.02
N ASP G 744 -32.31 52.30 -22.38
CA ASP G 744 -32.81 52.30 -23.79
C ASP G 744 -33.03 53.74 -24.30
N VAL G 745 -33.62 54.59 -23.49
CA VAL G 745 -33.75 56.03 -23.80
C VAL G 745 -32.36 56.62 -24.05
N GLU G 746 -31.34 56.20 -23.31
CA GLU G 746 -30.00 56.82 -23.45
C GLU G 746 -29.46 56.36 -24.80
N ALA G 747 -29.54 55.03 -24.99
CA ALA G 747 -29.14 54.27 -26.19
C ALA G 747 -29.78 54.81 -27.45
N LEU G 748 -31.09 55.14 -27.38
CA LEU G 748 -31.92 55.41 -28.58
C LEU G 748 -31.45 56.74 -29.18
N ILE G 749 -31.19 57.70 -28.35
CA ILE G 749 -30.85 59.07 -28.81
C ILE G 749 -29.39 59.03 -29.21
N GLU G 750 -28.60 58.12 -28.65
CA GLU G 750 -27.17 57.96 -29.02
C GLU G 750 -27.15 57.36 -30.44
N PHE G 751 -27.99 56.39 -30.71
CA PHE G 751 -28.10 55.71 -32.02
C PHE G 751 -28.61 56.69 -33.09
N ILE G 752 -29.56 57.52 -32.73
CA ILE G 752 -30.13 58.50 -33.69
C ILE G 752 -29.01 59.46 -34.06
N TYR G 753 -28.24 59.97 -33.11
CA TYR G 753 -27.42 61.17 -33.36
C TYR G 753 -26.10 60.72 -33.91
N ASP G 754 -25.66 59.52 -33.55
CA ASP G 754 -24.30 59.00 -33.87
C ASP G 754 -24.15 58.92 -35.37
N THR G 755 -22.91 58.86 -35.83
CA THR G 755 -22.51 58.83 -37.26
C THR G 755 -22.79 57.44 -37.83
N GLU G 756 -23.19 57.41 -39.10
CA GLU G 756 -23.45 56.18 -39.90
C GLU G 756 -22.19 55.33 -39.88
N LYS G 757 -21.04 55.96 -39.66
CA LYS G 757 -19.73 55.27 -39.60
C LYS G 757 -19.63 54.45 -38.31
N ASN G 758 -20.01 55.01 -37.15
CA ASN G 758 -20.10 54.29 -35.83
C ASN G 758 -21.44 53.58 -35.67
N GLY G 759 -22.23 53.44 -36.73
CA GLY G 759 -23.37 52.52 -36.81
C GLY G 759 -24.67 53.15 -36.39
N GLY G 760 -24.70 54.49 -36.32
CA GLY G 760 -25.89 55.28 -35.97
C GLY G 760 -26.62 55.72 -37.22
N LEU G 761 -27.34 56.83 -37.13
CA LEU G 761 -28.19 57.35 -38.22
C LEU G 761 -27.59 58.64 -38.81
N GLY G 762 -27.11 59.53 -37.97
CA GLY G 762 -26.54 60.82 -38.37
C GLY G 762 -27.59 61.88 -38.42
N TRP G 763 -28.75 61.61 -37.87
CA TRP G 763 -29.87 62.56 -37.90
C TRP G 763 -29.71 63.58 -36.79
N ASP G 764 -30.63 64.54 -36.79
CA ASP G 764 -30.74 65.58 -35.75
C ASP G 764 -32.22 65.94 -35.67
N LEU G 765 -32.88 65.61 -34.56
CA LEU G 765 -34.36 65.61 -34.43
C LEU G 765 -34.88 67.03 -34.48
N ASP G 766 -35.88 67.28 -35.31
CA ASP G 766 -36.69 68.53 -35.38
C ASP G 766 -38.04 68.36 -34.67
N ALA G 767 -38.38 67.16 -34.20
CA ALA G 767 -39.58 66.96 -33.37
C ALA G 767 -39.57 65.63 -32.64
N ILE G 768 -39.94 65.68 -31.38
CA ILE G 768 -40.19 64.47 -30.57
C ILE G 768 -41.68 64.46 -30.29
N ILE G 769 -42.29 63.27 -30.32
CA ILE G 769 -43.73 63.05 -30.05
C ILE G 769 -43.86 61.83 -29.16
N PRO G 770 -43.64 61.96 -27.83
CA PRO G 770 -43.52 60.83 -26.93
C PRO G 770 -44.88 60.43 -26.35
N PHE G 771 -45.61 59.57 -27.06
CA PHE G 771 -47.05 59.31 -26.85
C PHE G 771 -47.23 57.93 -26.24
N ALA G 772 -46.14 57.27 -25.85
CA ALA G 772 -46.17 55.95 -25.18
C ALA G 772 -46.90 56.05 -23.85
N ALA G 773 -47.52 54.95 -23.48
CA ALA G 773 -48.46 54.86 -22.35
C ALA G 773 -48.60 53.38 -22.03
N ILE G 774 -48.74 53.06 -20.75
CA ILE G 774 -49.38 51.76 -20.37
C ILE G 774 -50.71 52.13 -19.74
N PRO G 775 -51.78 51.36 -20.05
CA PRO G 775 -53.11 51.66 -19.52
C PRO G 775 -53.20 51.02 -18.13
N GLU G 776 -53.67 51.81 -17.17
CA GLU G 776 -53.92 51.37 -15.78
C GLU G 776 -55.37 51.69 -15.52
N GLN G 777 -56.18 50.67 -15.26
CA GLN G 777 -57.63 50.86 -15.01
C GLN G 777 -58.05 50.07 -13.77
N GLY G 778 -58.98 50.66 -13.01
CA GLY G 778 -59.45 50.11 -11.72
C GLY G 778 -58.41 50.22 -10.63
N ILE G 779 -57.43 51.10 -10.81
CA ILE G 779 -56.37 51.39 -9.83
C ILE G 779 -56.70 52.74 -9.20
N GLU G 780 -57.44 52.68 -8.09
CA GLU G 780 -57.70 53.79 -7.14
C GLU G 780 -56.44 54.03 -6.29
N LEU G 781 -56.45 55.07 -5.46
CA LEU G 781 -55.28 55.50 -4.68
C LEU G 781 -54.87 54.44 -3.64
N GLU G 782 -55.78 53.59 -3.16
CA GLU G 782 -55.39 52.51 -2.23
C GLU G 782 -54.61 51.42 -3.00
N HIS G 783 -54.70 51.36 -4.32
CA HIS G 783 -54.18 50.25 -5.15
C HIS G 783 -52.96 50.66 -5.98
N ILE G 784 -52.47 51.88 -5.81
CA ILE G 784 -51.24 52.36 -6.49
C ILE G 784 -50.12 51.45 -6.02
N ASP G 785 -49.54 50.69 -6.95
CA ASP G 785 -48.43 49.74 -6.68
C ASP G 785 -47.40 49.86 -7.81
N SER G 786 -46.79 48.75 -8.21
CA SER G 786 -45.58 48.69 -9.06
C SER G 786 -45.95 49.08 -10.46
N LYS G 787 -47.06 48.56 -10.99
CA LYS G 787 -47.55 48.92 -12.35
C LYS G 787 -47.68 50.44 -12.49
N SER G 788 -48.32 51.11 -11.54
CA SER G 788 -48.52 52.58 -11.60
C SER G 788 -47.18 53.29 -11.41
N GLU G 789 -46.28 52.77 -10.58
CA GLU G 789 -44.95 53.40 -10.35
C GLU G 789 -44.11 53.28 -11.61
N PHE G 790 -44.38 52.26 -12.42
CA PHE G 790 -43.60 51.91 -13.62
C PHE G 790 -44.15 52.69 -14.78
N ALA G 791 -45.47 52.75 -14.87
CA ALA G 791 -46.17 53.62 -15.82
C ALA G 791 -45.72 55.05 -15.61
N HIS G 792 -45.52 55.52 -14.37
CA HIS G 792 -45.22 56.95 -14.06
C HIS G 792 -43.86 57.29 -14.66
N ARG G 793 -43.02 56.29 -14.83
CA ARG G 793 -41.65 56.43 -15.39
C ARG G 793 -41.76 56.49 -16.90
N ILE G 794 -42.58 55.66 -17.53
CA ILE G 794 -42.79 55.71 -19.01
C ILE G 794 -43.37 57.08 -19.42
N MET G 795 -44.41 57.52 -18.73
CA MET G 795 -45.25 58.64 -19.12
C MET G 795 -44.75 59.96 -18.58
N LEU G 796 -43.74 59.99 -17.69
CA LEU G 796 -43.12 61.26 -17.19
C LEU G 796 -41.60 61.17 -17.02
N THR G 797 -41.05 60.49 -16.00
CA THR G 797 -39.61 60.73 -15.69
C THR G 797 -38.78 60.38 -16.94
N ASN G 798 -39.08 59.30 -17.66
CA ASN G 798 -38.26 58.92 -18.82
C ASN G 798 -38.61 59.80 -20.01
N ILE G 799 -39.76 60.49 -20.04
CA ILE G 799 -39.98 61.53 -21.10
C ILE G 799 -38.94 62.61 -20.89
N LEU G 800 -38.84 63.08 -19.65
CA LEU G 800 -37.90 64.14 -19.22
C LEU G 800 -36.48 63.70 -19.52
N ARG G 801 -36.15 62.44 -19.25
CA ARG G 801 -34.79 61.88 -19.52
C ARG G 801 -34.52 61.81 -21.01
N MET G 802 -35.52 61.55 -21.86
CA MET G 802 -35.39 61.53 -23.35
C MET G 802 -35.20 62.95 -23.92
N MET G 803 -35.94 63.96 -23.43
CA MET G 803 -35.67 65.40 -23.77
C MET G 803 -34.34 65.83 -23.12
N GLY G 804 -34.00 65.31 -21.97
CA GLY G 804 -32.71 65.67 -21.40
C GLY G 804 -31.61 65.28 -22.36
N CYS G 805 -31.64 64.00 -22.78
CA CYS G 805 -30.70 63.35 -23.70
C CYS G 805 -30.55 64.15 -24.97
N VAL G 806 -31.63 64.61 -25.62
CA VAL G 806 -31.46 65.26 -26.95
C VAL G 806 -30.76 66.58 -26.71
N LYS G 807 -31.08 67.32 -25.65
CA LYS G 807 -30.29 68.52 -25.23
C LYS G 807 -28.80 68.19 -25.11
N LYS G 808 -28.41 67.10 -24.49
CA LYS G 808 -26.97 66.75 -24.36
C LYS G 808 -26.34 66.47 -25.73
N GLN G 809 -26.97 65.68 -26.59
CA GLN G 809 -26.45 65.34 -27.95
C GLN G 809 -26.46 66.58 -28.87
N LYS G 810 -27.39 67.52 -28.69
CA LYS G 810 -27.43 68.74 -29.51
C LYS G 810 -26.37 69.70 -29.04
N SER G 811 -26.02 69.69 -27.76
CA SER G 811 -25.11 70.71 -27.19
C SER G 811 -23.70 70.31 -27.58
N ALA G 812 -23.31 69.11 -27.17
CA ALA G 812 -22.17 68.31 -27.68
C ALA G 812 -21.65 68.85 -29.01
N ARG G 813 -22.54 68.98 -30.00
CA ARG G 813 -22.23 69.35 -31.42
C ARG G 813 -22.55 70.83 -31.69
N GLY G 814 -22.67 71.63 -30.64
CA GLY G 814 -22.88 73.09 -30.71
C GLY G 814 -24.04 73.46 -31.61
N ILE G 815 -25.06 72.61 -31.67
CA ILE G 815 -26.30 72.86 -32.45
C ILE G 815 -27.18 73.76 -31.58
N GLU G 816 -27.30 75.05 -31.95
CA GLU G 816 -28.06 76.04 -31.14
C GLU G 816 -29.14 76.71 -31.99
N THR G 817 -29.37 76.28 -33.23
CA THR G 817 -30.30 76.97 -34.16
C THR G 817 -31.25 75.97 -34.81
N ARG G 818 -31.24 74.70 -34.39
CA ARG G 818 -32.09 73.63 -34.97
C ARG G 818 -32.81 72.92 -33.84
N PRO G 819 -33.73 73.62 -33.13
CA PRO G 819 -34.40 73.04 -32.00
C PRO G 819 -35.40 71.96 -32.39
N ALA G 820 -35.81 71.14 -31.42
CA ALA G 820 -36.76 70.02 -31.54
C ALA G 820 -38.07 70.34 -30.84
N GLN G 821 -39.14 70.48 -31.57
CA GLN G 821 -40.48 70.69 -31.00
C GLN G 821 -40.86 69.43 -30.25
N VAL G 822 -40.96 69.51 -28.92
CA VAL G 822 -41.58 68.38 -28.15
C VAL G 822 -43.11 68.56 -28.14
N ILE G 823 -43.87 67.61 -28.72
CA ILE G 823 -45.36 67.62 -28.67
C ILE G 823 -45.81 66.74 -27.49
N LEU G 824 -46.22 67.32 -26.35
CA LEU G 824 -46.55 66.56 -25.13
C LEU G 824 -48.04 66.24 -25.17
N PRO G 825 -48.41 64.96 -24.98
CA PRO G 825 -49.81 64.57 -24.92
C PRO G 825 -50.28 64.88 -23.50
N MET G 826 -51.10 65.91 -23.39
CA MET G 826 -51.69 66.37 -22.13
C MET G 826 -53.10 65.86 -22.06
N SER G 827 -53.65 65.83 -20.86
CA SER G 827 -55.06 65.50 -20.62
C SER G 827 -55.68 66.80 -20.18
N PRO G 828 -57.00 66.99 -20.38
CA PRO G 828 -57.69 68.11 -19.76
C PRO G 828 -58.26 67.74 -18.38
N ASN G 829 -58.16 66.46 -18.03
CA ASN G 829 -58.92 65.83 -16.91
C ASN G 829 -57.91 65.18 -15.98
N HIS G 830 -57.54 65.86 -14.90
CA HIS G 830 -56.57 65.36 -13.89
C HIS G 830 -57.37 64.96 -12.66
N GLY G 831 -57.55 63.66 -12.46
CA GLY G 831 -58.28 63.09 -11.32
C GLY G 831 -59.79 63.22 -11.45
N THR G 832 -60.29 63.63 -12.61
CA THR G 832 -61.74 63.88 -12.80
C THR G 832 -62.51 62.58 -13.01
N PHE G 833 -61.87 61.46 -13.38
CA PHE G 833 -62.51 60.13 -13.53
C PHE G 833 -62.14 59.21 -12.37
N GLY G 834 -60.85 59.06 -12.11
CA GLY G 834 -60.35 58.17 -11.06
C GLY G 834 -60.10 56.79 -11.60
N GLY G 835 -59.42 55.97 -10.83
CA GLY G 835 -59.10 54.58 -11.22
C GLY G 835 -58.14 54.54 -12.38
N ASP G 836 -57.38 55.62 -12.57
CA ASP G 836 -56.36 55.75 -13.64
C ASP G 836 -54.96 55.54 -13.03
N GLY G 837 -54.83 55.22 -11.73
CA GLY G 837 -53.53 55.02 -11.09
C GLY G 837 -52.81 56.33 -11.05
N MET G 838 -51.59 56.38 -11.56
CA MET G 838 -50.78 57.63 -11.51
C MET G 838 -50.81 58.38 -12.84
N TYR G 839 -51.79 58.09 -13.69
CA TYR G 839 -51.96 58.68 -15.05
C TYR G 839 -52.03 60.22 -14.97
N SER G 840 -52.96 60.77 -14.20
CA SER G 840 -53.17 62.23 -14.03
C SER G 840 -51.97 62.93 -13.34
N GLU G 841 -51.32 62.26 -12.42
CA GLU G 841 -50.12 62.77 -11.71
C GLU G 841 -48.99 62.84 -12.76
N SER G 842 -49.04 61.99 -13.79
CA SER G 842 -48.06 61.89 -14.89
C SER G 842 -48.27 63.05 -15.86
N LYS G 843 -49.50 63.31 -16.19
CA LYS G 843 -49.87 64.28 -17.21
C LYS G 843 -49.75 65.69 -16.65
N LEU G 844 -50.13 65.89 -15.43
CA LEU G 844 -50.20 67.25 -14.89
C LEU G 844 -48.78 67.82 -14.68
N SER G 845 -47.84 66.96 -14.29
CA SER G 845 -46.40 67.25 -14.14
C SER G 845 -45.71 67.61 -15.45
N LEU G 846 -46.22 67.21 -16.63
CA LEU G 846 -45.71 67.73 -17.95
C LEU G 846 -46.02 69.23 -18.11
N GLU G 847 -47.02 69.78 -17.41
CA GLU G 847 -47.36 71.21 -17.47
C GLU G 847 -46.26 72.09 -16.83
N THR G 848 -45.27 71.52 -16.15
CA THR G 848 -44.13 72.29 -15.60
C THR G 848 -43.15 72.67 -16.71
N LEU G 849 -43.07 71.92 -17.81
CA LEU G 849 -42.13 72.18 -18.94
C LEU G 849 -42.42 73.54 -19.58
N PHE G 850 -43.65 74.03 -19.50
CA PHE G 850 -44.01 75.35 -20.02
C PHE G 850 -43.28 76.42 -19.24
N ASN G 851 -43.01 76.19 -17.95
CA ASN G 851 -42.37 77.23 -17.12
C ASN G 851 -40.87 77.04 -17.23
N ARG G 852 -40.40 75.84 -17.02
CA ARG G 852 -38.98 75.44 -17.08
C ARG G 852 -38.31 75.89 -18.37
N TRP G 853 -39.03 75.98 -19.48
CA TRP G 853 -38.45 76.46 -20.77
C TRP G 853 -37.88 77.88 -20.62
N HIS G 854 -38.51 78.75 -19.84
CA HIS G 854 -38.02 80.13 -19.51
C HIS G 854 -36.98 80.19 -18.38
N SER G 855 -36.85 79.15 -17.59
CA SER G 855 -36.13 79.16 -16.32
C SER G 855 -34.87 78.33 -16.35
N GLU G 856 -34.60 77.61 -17.44
CA GLU G 856 -33.40 76.73 -17.56
C GLU G 856 -32.65 77.08 -18.85
N SER G 857 -31.72 76.22 -19.24
CA SER G 857 -30.68 76.48 -20.24
C SER G 857 -30.93 75.62 -21.48
N TRP G 858 -32.15 75.18 -21.70
CA TRP G 858 -32.43 74.23 -22.79
C TRP G 858 -33.39 74.79 -23.83
N ALA G 859 -33.79 76.06 -23.79
CA ALA G 859 -34.75 76.62 -24.76
C ALA G 859 -34.22 76.65 -26.21
N ASN G 860 -32.92 76.56 -26.47
CA ASN G 860 -32.40 76.59 -27.88
C ASN G 860 -32.25 75.19 -28.44
N GLN G 861 -32.63 74.16 -27.72
CA GLN G 861 -32.52 72.75 -28.15
C GLN G 861 -33.90 72.13 -28.27
N LEU G 862 -34.84 72.61 -27.48
CA LEU G 862 -36.17 72.03 -27.26
C LEU G 862 -37.15 73.20 -27.31
N THR G 863 -38.36 72.93 -27.72
CA THR G 863 -39.47 73.88 -27.70
C THR G 863 -40.66 73.05 -27.28
N VAL G 864 -41.46 73.54 -26.35
CA VAL G 864 -42.57 72.67 -25.90
C VAL G 864 -43.83 73.14 -26.59
N CYS G 865 -44.63 72.15 -26.99
CA CYS G 865 -45.90 72.30 -27.71
C CYS G 865 -46.88 71.30 -27.11
N GLY G 866 -47.52 71.67 -26.01
CA GLY G 866 -48.41 70.78 -25.24
C GLY G 866 -49.76 70.71 -25.90
N ALA G 867 -50.17 69.51 -26.30
CA ALA G 867 -51.45 69.25 -26.96
C ALA G 867 -52.37 68.71 -25.89
N ILE G 868 -53.52 69.34 -25.67
CA ILE G 868 -54.55 68.87 -24.72
C ILE G 868 -55.50 68.03 -25.54
N ILE G 869 -55.18 66.75 -25.67
CA ILE G 869 -55.89 65.83 -26.58
C ILE G 869 -57.18 65.41 -25.88
N GLY G 870 -58.31 65.64 -26.55
CA GLY G 870 -59.64 65.36 -26.03
C GLY G 870 -60.12 63.99 -26.45
N TRP G 871 -61.44 63.82 -26.46
CA TRP G 871 -62.12 62.50 -26.46
C TRP G 871 -61.96 61.90 -27.86
N THR G 872 -61.20 60.83 -27.96
CA THR G 872 -60.77 60.23 -29.25
C THR G 872 -61.30 58.82 -29.31
N ARG G 873 -62.26 58.58 -30.18
CA ARG G 873 -62.96 57.29 -30.33
C ARG G 873 -61.97 56.23 -30.83
N GLY G 874 -61.36 55.48 -29.90
CA GLY G 874 -60.39 54.39 -30.09
C GLY G 874 -60.40 53.82 -31.49
N THR G 875 -61.20 52.80 -31.76
CA THR G 875 -61.40 52.26 -33.13
C THR G 875 -62.87 52.55 -33.52
N GLY G 876 -63.35 52.01 -34.65
CA GLY G 876 -64.76 52.08 -35.09
C GLY G 876 -65.57 50.84 -34.69
N LEU G 877 -65.18 50.21 -33.56
CA LEU G 877 -65.82 49.02 -32.92
C LEU G 877 -66.29 49.46 -31.51
N MET G 878 -66.66 48.52 -30.62
CA MET G 878 -67.21 48.86 -29.28
C MET G 878 -66.06 48.93 -28.25
N SER G 879 -65.55 50.16 -28.04
CA SER G 879 -64.78 50.60 -26.86
C SER G 879 -65.82 51.00 -25.80
N ALA G 880 -65.61 50.65 -24.52
CA ALA G 880 -66.51 51.00 -23.39
C ALA G 880 -66.80 52.50 -23.43
N ASN G 881 -65.80 53.30 -23.80
CA ASN G 881 -65.93 54.77 -23.95
C ASN G 881 -66.74 55.12 -25.19
N ASN G 882 -66.65 54.38 -26.32
CA ASN G 882 -67.28 54.72 -27.63
C ASN G 882 -68.81 54.81 -27.55
N ILE G 883 -69.45 53.84 -26.90
CA ILE G 883 -70.94 53.68 -26.91
C ILE G 883 -71.63 54.98 -26.43
N ILE G 884 -70.92 55.85 -25.69
CA ILE G 884 -71.50 57.07 -25.07
C ILE G 884 -71.06 58.35 -25.78
N ALA G 885 -69.99 58.31 -26.57
CA ALA G 885 -69.61 59.40 -27.50
C ALA G 885 -70.85 60.10 -28.05
N GLU G 886 -71.80 59.36 -28.65
CA GLU G 886 -73.02 59.96 -29.26
C GLU G 886 -73.72 60.84 -28.22
N GLY G 887 -73.71 60.38 -26.96
CA GLY G 887 -74.46 60.98 -25.84
C GLY G 887 -73.89 62.30 -25.40
N ILE G 888 -72.56 62.36 -25.23
CA ILE G 888 -71.78 63.60 -24.94
C ILE G 888 -72.07 64.63 -26.04
N GLU G 889 -71.99 64.23 -27.32
CA GLU G 889 -72.13 65.12 -28.50
C GLU G 889 -73.45 65.91 -28.45
N LYS G 890 -74.50 65.33 -27.84
CA LYS G 890 -75.82 65.99 -27.65
C LYS G 890 -75.70 67.20 -26.72
N MET G 891 -74.70 67.26 -25.83
CA MET G 891 -74.38 68.48 -25.02
C MET G 891 -73.97 69.66 -25.90
N GLY G 892 -73.52 69.44 -27.14
CA GLY G 892 -73.05 70.50 -28.07
C GLY G 892 -71.54 70.56 -28.10
N VAL G 893 -70.92 69.39 -28.01
CA VAL G 893 -69.48 69.14 -27.78
C VAL G 893 -69.00 68.28 -28.96
N ARG G 894 -67.70 68.14 -29.18
CA ARG G 894 -67.24 67.24 -30.24
C ARG G 894 -66.26 66.22 -29.68
N THR G 895 -66.46 64.97 -30.10
CA THR G 895 -65.44 63.90 -30.09
C THR G 895 -64.84 63.79 -31.50
N PHE G 896 -63.85 62.94 -31.62
CA PHE G 896 -62.88 62.90 -32.74
C PHE G 896 -62.64 61.44 -33.11
N SER G 897 -62.54 61.15 -34.40
CA SER G 897 -61.84 59.95 -34.85
C SER G 897 -60.37 60.17 -34.58
N GLN G 898 -59.57 59.13 -34.59
CA GLN G 898 -58.10 59.21 -34.53
C GLN G 898 -57.55 59.94 -35.76
N LYS G 899 -58.13 59.79 -36.96
CA LYS G 899 -57.69 60.55 -38.18
C LYS G 899 -57.87 62.06 -37.99
N GLU G 900 -58.94 62.50 -37.34
CA GLU G 900 -59.18 63.91 -37.00
C GLU G 900 -58.17 64.36 -35.92
N MET G 901 -57.99 63.58 -34.85
CA MET G 901 -57.04 63.96 -33.78
C MET G 901 -55.63 63.93 -34.34
N ALA G 902 -55.37 63.16 -35.39
CA ALA G 902 -54.04 63.14 -36.05
C ALA G 902 -53.87 64.47 -36.79
N PHE G 903 -54.82 64.77 -37.64
CA PHE G 903 -54.95 66.04 -38.37
C PHE G 903 -54.69 67.18 -37.43
N ASN G 904 -55.33 67.23 -36.27
CA ASN G 904 -55.22 68.39 -35.34
C ASN G 904 -53.76 68.55 -34.90
N LEU G 905 -53.09 67.46 -34.55
CA LEU G 905 -51.72 67.46 -33.98
C LEU G 905 -50.69 67.69 -35.07
N LEU G 906 -50.95 67.27 -36.32
CA LEU G 906 -50.07 67.58 -37.51
C LEU G 906 -50.17 69.06 -37.88
N GLY G 907 -51.19 69.77 -37.40
CA GLY G 907 -51.31 71.22 -37.52
C GLY G 907 -50.37 71.96 -36.57
N LEU G 908 -49.85 71.29 -35.52
CA LEU G 908 -48.86 71.84 -34.56
C LEU G 908 -47.44 71.56 -35.07
N LEU G 909 -47.29 71.06 -36.29
CA LEU G 909 -45.98 70.87 -36.95
C LEU G 909 -45.95 71.72 -38.19
N THR G 910 -46.95 72.58 -38.43
CA THR G 910 -46.95 73.46 -39.62
C THR G 910 -45.92 74.52 -39.33
N PRO G 911 -45.29 75.16 -40.35
CA PRO G 911 -44.25 76.15 -40.11
C PRO G 911 -44.65 77.46 -39.39
N GLU G 912 -45.93 77.72 -39.09
CA GLU G 912 -46.39 78.93 -38.36
C GLU G 912 -46.33 78.66 -36.85
N VAL G 913 -46.91 77.57 -36.40
CA VAL G 913 -46.91 77.16 -34.96
C VAL G 913 -45.55 76.56 -34.62
N VAL G 914 -44.73 76.19 -35.59
CA VAL G 914 -43.30 75.84 -35.30
C VAL G 914 -42.57 77.15 -35.00
N GLU G 915 -42.80 78.18 -35.83
CA GLU G 915 -42.18 79.52 -35.69
C GLU G 915 -42.62 80.12 -34.35
N LEU G 916 -43.81 79.77 -33.86
CA LEU G 916 -44.45 80.31 -32.62
C LEU G 916 -43.88 79.63 -31.35
N CYS G 917 -43.85 78.30 -31.31
CA CYS G 917 -43.18 77.44 -30.29
C CYS G 917 -41.76 77.93 -29.93
N GLN G 918 -41.08 78.54 -30.90
CA GLN G 918 -39.67 78.95 -30.85
C GLN G 918 -39.58 80.30 -30.17
N LYS G 919 -40.69 81.05 -30.09
CA LYS G 919 -40.81 82.28 -29.25
C LYS G 919 -41.14 81.89 -27.80
N SER G 920 -42.39 81.50 -27.54
CA SER G 920 -42.94 81.08 -26.23
C SER G 920 -43.36 79.62 -26.37
N PRO G 921 -43.60 78.87 -25.28
CA PRO G 921 -44.28 77.59 -25.41
C PRO G 921 -45.69 77.74 -25.97
N VAL G 922 -46.20 76.67 -26.62
CA VAL G 922 -47.57 76.64 -27.23
C VAL G 922 -48.46 75.63 -26.50
N MET G 923 -49.52 76.07 -25.84
CA MET G 923 -50.59 75.15 -25.33
C MET G 923 -51.69 75.13 -26.38
N ALA G 924 -51.87 74.01 -27.04
CA ALA G 924 -52.98 73.75 -27.97
C ALA G 924 -54.07 72.97 -27.23
N ASP G 925 -55.29 73.52 -27.17
CA ASP G 925 -56.48 72.85 -26.60
C ASP G 925 -57.29 72.20 -27.72
N LEU G 926 -57.04 70.91 -27.94
CA LEU G 926 -57.73 70.07 -28.95
C LEU G 926 -58.78 69.18 -28.27
N ASN G 927 -59.16 69.55 -27.05
CA ASN G 927 -60.40 69.11 -26.38
C ASN G 927 -61.51 69.94 -27.02
N GLY G 928 -62.62 69.31 -27.37
CA GLY G 928 -63.64 69.90 -28.25
C GLY G 928 -64.80 70.46 -27.43
N GLY G 929 -64.52 71.31 -26.46
CA GLY G 929 -65.53 71.91 -25.59
C GLY G 929 -65.90 71.06 -24.39
N LEU G 930 -65.19 69.97 -24.08
CA LEU G 930 -65.52 69.15 -22.88
C LEU G 930 -65.13 69.86 -21.59
N GLN G 931 -64.43 71.01 -21.63
CA GLN G 931 -64.18 71.84 -20.40
C GLN G 931 -65.53 72.35 -19.86
N PHE G 932 -66.50 72.61 -20.76
CA PHE G 932 -67.74 73.38 -20.50
C PHE G 932 -68.94 72.49 -20.19
N VAL G 933 -68.84 71.17 -20.38
CA VAL G 933 -69.80 70.21 -19.73
C VAL G 933 -69.37 70.08 -18.28
N PRO G 934 -70.26 70.44 -17.30
CA PRO G 934 -69.89 70.46 -15.88
C PRO G 934 -70.25 69.16 -15.14
N GLU G 935 -69.36 68.70 -14.25
CA GLU G 935 -69.49 67.42 -13.52
C GLU G 935 -69.52 66.28 -14.56
N LEU G 936 -68.47 66.21 -15.38
CA LEU G 936 -68.30 65.26 -16.50
C LEU G 936 -68.26 63.80 -16.01
N LYS G 937 -67.68 63.50 -14.85
CA LYS G 937 -67.58 62.11 -14.34
C LYS G 937 -68.98 61.54 -14.15
N GLU G 938 -69.82 62.22 -13.36
CA GLU G 938 -71.20 61.75 -13.09
C GLU G 938 -71.97 61.73 -14.41
N PHE G 939 -71.80 62.74 -15.27
CA PHE G 939 -72.57 62.90 -16.54
C PHE G 939 -72.31 61.74 -17.52
N THR G 940 -71.04 61.44 -17.73
CA THR G 940 -70.52 60.23 -18.42
C THR G 940 -71.19 58.96 -17.85
N ALA G 941 -71.26 58.83 -16.52
CA ALA G 941 -71.64 57.59 -15.83
C ALA G 941 -73.17 57.45 -15.77
N LYS G 942 -73.90 58.57 -15.80
CA LYS G 942 -75.34 58.60 -16.13
C LYS G 942 -75.52 57.91 -17.49
N LEU G 943 -75.08 58.55 -18.58
CA LEU G 943 -75.19 58.05 -19.98
C LEU G 943 -74.92 56.55 -20.03
N ARG G 944 -73.91 56.05 -19.32
CA ARG G 944 -73.47 54.63 -19.42
C ARG G 944 -74.48 53.72 -18.72
N LYS G 945 -74.93 54.11 -17.52
CA LYS G 945 -76.04 53.51 -16.73
C LYS G 945 -77.27 53.35 -17.63
N GLU G 946 -77.74 54.41 -18.29
CA GLU G 946 -78.99 54.45 -19.10
C GLU G 946 -78.90 53.62 -20.41
N LEU G 947 -77.72 53.21 -20.86
CA LEU G 947 -77.59 52.29 -22.01
C LEU G 947 -77.57 50.87 -21.48
N VAL G 948 -76.89 50.64 -20.36
CA VAL G 948 -76.77 49.30 -19.74
C VAL G 948 -78.16 48.89 -19.26
N GLU G 949 -78.84 49.77 -18.51
CA GLU G 949 -80.25 49.59 -18.08
C GLU G 949 -81.10 49.28 -19.31
N THR G 950 -81.37 50.27 -20.18
CA THR G 950 -82.21 50.16 -21.40
C THR G 950 -81.91 48.88 -22.21
N SER G 951 -80.65 48.47 -22.34
CA SER G 951 -80.28 47.18 -22.98
C SER G 951 -80.72 46.02 -22.08
N GLU G 952 -80.15 45.93 -20.87
CA GLU G 952 -80.30 44.79 -19.92
C GLU G 952 -81.78 44.47 -19.69
N VAL G 953 -82.59 45.50 -19.41
CA VAL G 953 -84.08 45.42 -19.20
C VAL G 953 -84.69 44.75 -20.44
N ARG G 954 -84.39 45.30 -21.61
CA ARG G 954 -85.02 44.94 -22.92
C ARG G 954 -84.48 43.58 -23.38
N LYS G 955 -83.38 43.08 -22.81
CA LYS G 955 -82.87 41.72 -23.08
C LYS G 955 -83.62 40.70 -22.22
N ALA G 956 -83.95 41.04 -20.97
CA ALA G 956 -84.70 40.19 -20.02
C ALA G 956 -86.19 40.12 -20.45
N VAL G 957 -86.84 41.26 -20.68
CA VAL G 957 -88.26 41.36 -21.14
C VAL G 957 -88.42 40.63 -22.50
N SER G 958 -87.36 40.56 -23.30
CA SER G 958 -87.30 39.79 -24.56
C SER G 958 -87.31 38.29 -24.25
N ILE G 959 -86.47 37.85 -23.32
CA ILE G 959 -86.22 36.40 -23.04
C ILE G 959 -87.48 35.79 -22.41
N GLU G 960 -88.14 36.54 -21.54
CA GLU G 960 -89.35 36.10 -20.78
C GLU G 960 -90.57 36.01 -21.70
N THR G 961 -90.78 36.98 -22.59
CA THR G 961 -91.88 36.96 -23.60
C THR G 961 -91.64 35.87 -24.67
N ALA G 962 -90.49 35.20 -24.69
CA ALA G 962 -90.16 34.08 -25.61
C ALA G 962 -89.99 32.76 -24.83
N LEU G 963 -90.37 32.76 -23.55
CA LEU G 963 -90.59 31.55 -22.71
C LEU G 963 -92.08 31.45 -22.34
N GLU G 964 -92.79 32.56 -22.22
CA GLU G 964 -94.27 32.59 -22.12
C GLU G 964 -94.81 31.95 -23.40
N HIS G 965 -94.52 32.56 -24.56
CA HIS G 965 -94.95 32.06 -25.89
C HIS G 965 -94.63 30.57 -26.00
N LYS G 966 -93.44 30.13 -25.59
CA LYS G 966 -92.97 28.73 -25.72
C LYS G 966 -93.74 27.78 -24.80
N VAL G 967 -94.35 28.28 -23.73
CA VAL G 967 -95.15 27.47 -22.76
C VAL G 967 -96.60 27.40 -23.27
N VAL G 968 -97.19 28.55 -23.60
CA VAL G 968 -98.59 28.63 -24.12
C VAL G 968 -98.72 27.85 -25.43
N ASN G 969 -97.72 27.88 -26.33
CA ASN G 969 -97.83 27.34 -27.72
C ASN G 969 -96.83 26.19 -27.98
N GLY G 970 -96.08 25.74 -26.98
CA GLY G 970 -95.23 24.53 -27.04
C GLY G 970 -94.09 24.62 -28.05
N ASN G 971 -93.69 23.47 -28.60
CA ASN G 971 -92.55 23.29 -29.57
C ASN G 971 -93.07 22.79 -30.94
N SER G 972 -94.23 23.29 -31.40
CA SER G 972 -94.71 23.22 -32.82
C SER G 972 -94.68 24.61 -33.49
N ALA G 973 -94.64 25.69 -32.68
CA ALA G 973 -94.57 27.11 -33.12
C ALA G 973 -93.10 27.61 -33.20
N ASP G 974 -92.19 26.99 -32.42
CA ASP G 974 -90.74 27.38 -32.25
C ASP G 974 -89.78 26.31 -32.85
N ALA G 975 -90.29 25.21 -33.45
CA ALA G 975 -89.54 24.06 -34.00
C ALA G 975 -89.65 23.97 -35.55
N ALA G 976 -90.83 24.27 -36.14
CA ALA G 976 -91.05 24.41 -37.61
C ALA G 976 -90.70 25.84 -38.07
N TYR G 977 -89.49 26.30 -37.71
CA TYR G 977 -89.04 27.72 -37.59
C TYR G 977 -87.49 27.76 -37.52
N ALA G 978 -86.90 27.05 -36.55
CA ALA G 978 -85.43 26.83 -36.38
C ALA G 978 -84.85 26.08 -37.60
N GLN G 979 -84.21 26.84 -38.50
CA GLN G 979 -83.79 26.44 -39.87
C GLN G 979 -82.56 25.52 -39.82
N VAL G 980 -82.31 24.79 -40.91
CA VAL G 980 -81.17 23.83 -41.06
C VAL G 980 -80.01 24.56 -41.77
N GLU G 981 -78.82 24.53 -41.17
CA GLU G 981 -77.57 25.14 -41.71
C GLU G 981 -76.69 24.02 -42.29
N ILE G 982 -75.80 24.40 -43.20
CA ILE G 982 -75.00 23.44 -44.04
C ILE G 982 -73.53 23.85 -43.97
N GLN G 983 -72.74 23.11 -43.20
CA GLN G 983 -71.30 23.34 -43.04
C GLN G 983 -70.61 22.76 -44.26
N PRO G 984 -69.73 23.52 -44.94
CA PRO G 984 -69.09 23.04 -46.16
C PRO G 984 -68.06 21.96 -45.87
N ARG G 985 -67.98 21.00 -46.77
CA ARG G 985 -66.88 20.00 -46.84
C ARG G 985 -65.88 20.47 -47.89
N ALA G 986 -64.78 19.72 -48.02
CA ALA G 986 -63.58 20.12 -48.76
C ALA G 986 -63.50 19.33 -50.09
N ASN G 987 -64.15 19.87 -51.11
CA ASN G 987 -64.02 19.41 -52.52
C ASN G 987 -62.66 19.88 -53.06
N ILE G 988 -61.57 19.13 -52.83
CA ILE G 988 -60.20 19.44 -53.36
C ILE G 988 -60.19 19.22 -54.88
N GLN G 989 -59.75 20.23 -55.64
CA GLN G 989 -59.83 20.27 -57.12
C GLN G 989 -58.44 20.10 -57.69
N LEU G 990 -58.36 19.53 -58.88
CA LEU G 990 -57.07 19.28 -59.58
C LEU G 990 -56.55 20.56 -60.25
N ASP G 991 -57.38 21.58 -60.48
CA ASP G 991 -56.99 22.89 -61.08
C ASP G 991 -56.33 22.65 -62.44
N PHE G 992 -57.01 21.92 -63.30
CA PHE G 992 -56.80 21.90 -64.76
C PHE G 992 -57.22 23.25 -65.31
N PRO G 993 -56.65 23.70 -66.46
CA PRO G 993 -56.92 25.02 -67.00
C PRO G 993 -58.25 25.22 -67.68
N GLU G 994 -58.80 26.43 -67.61
CA GLU G 994 -60.09 26.74 -68.26
C GLU G 994 -59.82 26.80 -69.76
N LEU G 995 -60.47 25.92 -70.53
CA LEU G 995 -60.61 26.01 -72.00
C LEU G 995 -61.79 26.91 -72.37
N LYS G 996 -61.50 27.95 -73.14
CA LYS G 996 -62.47 28.97 -73.59
C LYS G 996 -63.10 28.49 -74.89
N PRO G 997 -64.34 28.91 -75.23
CA PRO G 997 -64.92 28.59 -76.54
C PRO G 997 -64.05 29.05 -77.71
N TYR G 998 -63.90 28.24 -78.76
CA TYR G 998 -62.96 28.47 -79.88
C TYR G 998 -63.03 29.91 -80.41
N LYS G 999 -64.22 30.48 -80.50
CA LYS G 999 -64.44 31.86 -81.01
C LYS G 999 -63.61 32.85 -80.17
N GLN G 1000 -63.52 32.68 -78.84
CA GLN G 1000 -62.71 33.54 -77.93
C GLN G 1000 -61.21 33.29 -78.10
N VAL G 1001 -60.82 32.10 -78.53
CA VAL G 1001 -59.41 31.66 -78.58
C VAL G 1001 -58.76 32.26 -79.84
N LYS G 1002 -59.47 32.30 -80.97
CA LYS G 1002 -58.94 32.91 -82.22
C LYS G 1002 -58.70 34.42 -82.04
N GLN G 1003 -59.39 35.10 -81.11
CA GLN G 1003 -59.18 36.55 -80.81
C GLN G 1003 -57.78 36.82 -80.25
N ILE G 1004 -57.18 35.85 -79.54
CA ILE G 1004 -55.91 36.00 -78.78
C ILE G 1004 -54.73 35.94 -79.77
N ALA G 1005 -54.72 34.93 -80.64
CA ALA G 1005 -53.64 34.63 -81.60
C ALA G 1005 -53.90 35.35 -82.93
N PRO G 1006 -52.86 35.64 -83.73
CA PRO G 1006 -53.05 36.14 -85.09
C PRO G 1006 -53.63 35.08 -86.04
N ALA G 1007 -54.59 35.46 -86.88
CA ALA G 1007 -55.35 34.60 -87.82
C ALA G 1007 -54.42 33.75 -88.70
N GLU G 1008 -53.23 34.29 -89.02
CA GLU G 1008 -52.23 33.67 -89.92
C GLU G 1008 -51.64 32.41 -89.31
N LEU G 1009 -51.80 32.21 -88.00
CA LEU G 1009 -51.09 31.15 -87.23
C LEU G 1009 -51.69 29.78 -87.54
N GLU G 1010 -52.95 29.70 -87.99
CA GLU G 1010 -53.64 28.42 -88.31
C GLU G 1010 -52.92 27.73 -89.47
N GLY G 1011 -52.37 26.54 -89.23
CA GLY G 1011 -51.70 25.72 -90.24
C GLY G 1011 -50.23 26.04 -90.37
N LEU G 1012 -49.73 26.98 -89.58
CA LEU G 1012 -48.38 27.57 -89.77
C LEU G 1012 -47.36 26.81 -88.94
N LEU G 1013 -47.63 26.51 -87.68
CA LEU G 1013 -46.75 25.73 -86.80
C LEU G 1013 -46.91 24.25 -87.07
N ASP G 1014 -45.80 23.53 -87.16
CA ASP G 1014 -45.67 22.06 -86.98
C ASP G 1014 -45.77 21.77 -85.48
N LEU G 1015 -46.84 21.12 -85.07
CA LEU G 1015 -47.09 20.88 -83.64
C LEU G 1015 -46.32 19.67 -83.15
N GLU G 1016 -45.72 18.86 -84.02
CA GLU G 1016 -44.78 17.78 -83.61
C GLU G 1016 -43.58 18.41 -82.91
N ARG G 1017 -43.38 19.70 -83.13
CA ARG G 1017 -42.10 20.38 -82.79
C ARG G 1017 -42.39 21.60 -81.92
N VAL G 1018 -43.59 21.70 -81.36
CA VAL G 1018 -43.95 22.54 -80.17
C VAL G 1018 -44.00 21.66 -78.90
N ILE G 1019 -43.27 22.07 -77.86
CA ILE G 1019 -43.18 21.36 -76.56
C ILE G 1019 -44.12 22.09 -75.63
N VAL G 1020 -44.72 21.38 -74.69
CA VAL G 1020 -45.94 21.81 -73.97
C VAL G 1020 -45.92 21.08 -72.61
N VAL G 1021 -46.13 21.78 -71.53
CA VAL G 1021 -46.16 21.12 -70.18
C VAL G 1021 -47.59 20.65 -69.97
N THR G 1022 -47.71 19.44 -69.54
CA THR G 1022 -48.91 18.60 -69.63
C THR G 1022 -49.32 18.22 -68.20
N GLY G 1023 -48.35 17.98 -67.32
CA GLY G 1023 -48.58 18.11 -65.87
C GLY G 1023 -47.34 18.44 -65.08
N PHE G 1024 -47.51 18.65 -63.79
CA PHE G 1024 -46.45 19.04 -62.83
C PHE G 1024 -46.88 18.82 -61.38
N ALA G 1025 -45.87 18.76 -60.53
CA ALA G 1025 -46.02 18.50 -59.10
C ALA G 1025 -44.70 18.72 -58.40
N GLU G 1026 -44.76 18.69 -57.08
CA GLU G 1026 -43.62 18.94 -56.20
C GLU G 1026 -43.95 18.49 -54.79
N VAL G 1027 -42.90 18.18 -54.10
CA VAL G 1027 -42.82 17.87 -52.67
C VAL G 1027 -41.85 18.90 -52.19
N GLY G 1028 -42.19 19.61 -51.15
CA GLY G 1028 -41.29 20.63 -50.59
C GLY G 1028 -41.87 21.18 -49.30
N PRO G 1029 -41.26 22.20 -48.74
CA PRO G 1029 -41.67 22.75 -47.45
C PRO G 1029 -43.14 23.09 -47.21
N TRP G 1030 -43.93 23.33 -48.27
CA TRP G 1030 -45.36 23.68 -48.15
C TRP G 1030 -46.26 22.60 -48.76
N GLY G 1031 -45.71 21.41 -48.96
CA GLY G 1031 -46.46 20.20 -49.33
C GLY G 1031 -46.39 20.01 -50.81
N SER G 1032 -47.53 20.14 -51.45
CA SER G 1032 -47.75 19.97 -52.90
C SER G 1032 -47.64 21.30 -53.67
N ALA G 1033 -47.62 21.25 -55.00
CA ALA G 1033 -47.78 22.43 -55.87
C ALA G 1033 -49.08 23.18 -55.55
N ARG G 1034 -50.09 22.47 -55.06
CA ARG G 1034 -51.43 23.02 -54.74
C ARG G 1034 -51.32 23.85 -53.50
N THR G 1035 -50.80 23.28 -52.41
CA THR G 1035 -50.81 23.95 -51.09
C THR G 1035 -49.79 25.09 -51.09
N ARG G 1036 -48.63 24.91 -51.72
CA ARG G 1036 -47.59 25.97 -51.85
C ARG G 1036 -48.15 27.19 -52.60
N TRP G 1037 -48.99 26.99 -53.59
CA TRP G 1037 -49.63 28.07 -54.36
C TRP G 1037 -50.54 28.86 -53.43
N GLU G 1038 -51.24 28.19 -52.52
CA GLU G 1038 -52.16 28.87 -51.59
C GLU G 1038 -51.32 29.71 -50.65
N MET G 1039 -50.17 29.22 -50.22
CA MET G 1039 -49.30 30.04 -49.34
C MET G 1039 -48.64 31.18 -50.16
N GLU G 1040 -47.99 30.90 -51.29
CA GLU G 1040 -47.27 31.85 -52.17
C GLU G 1040 -48.18 33.05 -52.49
N ALA G 1041 -49.40 32.79 -52.93
CA ALA G 1041 -50.30 33.77 -53.58
C ALA G 1041 -51.18 34.49 -52.59
N PHE G 1042 -51.67 33.77 -51.57
CA PHE G 1042 -52.75 34.22 -50.66
C PHE G 1042 -52.25 34.33 -49.22
N GLY G 1043 -51.24 33.57 -48.82
CA GLY G 1043 -50.64 33.69 -47.48
C GLY G 1043 -51.39 32.86 -46.45
N GLU G 1044 -52.66 32.57 -46.72
CA GLU G 1044 -53.56 31.76 -45.88
C GLU G 1044 -54.04 30.56 -46.68
N PHE G 1045 -54.36 29.48 -45.99
CA PHE G 1045 -54.94 28.25 -46.57
C PHE G 1045 -56.46 28.38 -46.64
N SER G 1046 -57.03 27.78 -47.68
CA SER G 1046 -58.50 27.61 -47.88
C SER G 1046 -58.97 26.44 -47.02
N LEU G 1047 -60.26 26.15 -47.05
CA LEU G 1047 -60.80 24.94 -46.39
C LEU G 1047 -60.13 23.72 -47.01
N GLU G 1048 -59.97 23.71 -48.33
CA GLU G 1048 -59.32 22.62 -49.12
C GLU G 1048 -57.81 22.55 -48.88
N GLY G 1049 -57.15 23.65 -48.54
CA GLY G 1049 -55.69 23.67 -48.28
C GLY G 1049 -55.39 23.10 -46.92
N CYS G 1050 -56.16 23.52 -45.92
CA CYS G 1050 -56.07 22.97 -44.55
C CYS G 1050 -56.25 21.46 -44.61
N VAL G 1051 -57.26 20.97 -45.33
CA VAL G 1051 -57.51 19.51 -45.40
C VAL G 1051 -56.33 18.81 -46.06
N GLU G 1052 -55.80 19.29 -47.18
CA GLU G 1052 -54.67 18.58 -47.84
C GLU G 1052 -53.43 18.61 -46.93
N MET G 1053 -53.13 19.75 -46.34
CA MET G 1053 -51.99 19.89 -45.40
C MET G 1053 -52.20 18.95 -44.22
N ALA G 1054 -53.39 18.93 -43.63
CA ALA G 1054 -53.70 18.07 -42.48
C ALA G 1054 -53.47 16.61 -42.87
N TRP G 1055 -53.93 16.22 -44.06
CA TRP G 1055 -53.81 14.85 -44.65
C TRP G 1055 -52.35 14.50 -44.95
N ILE G 1056 -51.54 15.45 -45.39
CA ILE G 1056 -50.13 15.25 -45.83
C ILE G 1056 -49.29 14.91 -44.62
N MET G 1057 -49.49 15.68 -43.56
CA MET G 1057 -48.68 15.68 -42.33
C MET G 1057 -49.18 14.57 -41.40
N GLY G 1058 -50.16 13.80 -41.88
CA GLY G 1058 -50.84 12.73 -41.14
C GLY G 1058 -51.43 13.21 -39.84
N PHE G 1059 -52.15 14.32 -39.84
CA PHE G 1059 -52.96 14.78 -38.69
C PHE G 1059 -54.33 14.13 -38.74
N ILE G 1060 -54.81 13.81 -39.94
CA ILE G 1060 -56.18 13.26 -40.18
C ILE G 1060 -56.03 12.13 -41.16
N SER G 1061 -56.95 11.19 -41.06
CA SER G 1061 -56.96 9.92 -41.82
C SER G 1061 -58.42 9.67 -42.09
N TYR G 1062 -58.72 8.98 -43.17
CA TYR G 1062 -60.11 8.66 -43.53
C TYR G 1062 -60.49 7.42 -42.75
N HIS G 1063 -61.78 7.29 -42.53
CA HIS G 1063 -62.40 6.15 -41.83
C HIS G 1063 -63.69 5.81 -42.55
N ASN G 1064 -63.93 4.53 -42.83
CA ASN G 1064 -65.20 4.05 -43.43
C ASN G 1064 -65.58 2.78 -42.68
N GLY G 1065 -66.39 2.92 -41.63
CA GLY G 1065 -66.90 1.75 -40.88
C GLY G 1065 -67.51 2.18 -39.57
N ASN G 1066 -67.31 1.37 -38.53
CA ASN G 1066 -67.95 1.59 -37.20
C ASN G 1066 -66.95 2.34 -36.30
N LEU G 1067 -67.39 3.51 -35.81
CA LEU G 1067 -66.74 4.29 -34.73
C LEU G 1067 -67.55 4.10 -33.45
N LYS G 1068 -67.00 3.36 -32.47
CA LYS G 1068 -67.64 3.06 -31.16
C LYS G 1068 -69.14 2.76 -31.38
N GLY G 1069 -69.43 1.71 -32.18
CA GLY G 1069 -70.79 1.23 -32.49
C GLY G 1069 -71.40 1.94 -33.69
N ARG G 1070 -71.55 3.27 -33.61
CA ARG G 1070 -72.07 4.16 -34.70
C ARG G 1070 -71.36 3.84 -36.02
N PRO G 1071 -72.05 3.92 -37.20
CA PRO G 1071 -71.38 3.86 -38.50
C PRO G 1071 -70.92 5.27 -38.96
N TYR G 1072 -69.61 5.44 -39.21
CA TYR G 1072 -68.99 6.74 -39.57
C TYR G 1072 -68.23 6.67 -40.89
N THR G 1073 -68.35 7.74 -41.68
CA THR G 1073 -67.62 7.91 -42.95
C THR G 1073 -67.15 9.36 -42.99
N GLY G 1074 -65.85 9.57 -42.76
CA GLY G 1074 -65.23 10.90 -42.70
C GLY G 1074 -63.78 10.87 -42.26
N TRP G 1075 -63.21 12.05 -42.04
CA TRP G 1075 -61.87 12.24 -41.45
C TRP G 1075 -61.97 11.98 -39.95
N VAL G 1076 -60.80 11.77 -39.37
CA VAL G 1076 -60.64 11.20 -38.00
C VAL G 1076 -59.22 11.55 -37.53
N ASP G 1077 -59.06 12.16 -36.37
CA ASP G 1077 -57.71 12.51 -35.84
C ASP G 1077 -56.87 11.25 -35.85
N SER G 1078 -55.70 11.27 -36.49
CA SER G 1078 -54.87 10.08 -36.80
C SER G 1078 -54.39 9.41 -35.51
N LYS G 1079 -54.32 10.17 -34.42
CA LYS G 1079 -53.75 9.75 -33.13
C LYS G 1079 -54.88 9.22 -32.21
N THR G 1080 -55.95 10.00 -31.99
CA THR G 1080 -57.07 9.67 -31.06
C THR G 1080 -58.21 8.89 -31.73
N LYS G 1081 -58.16 8.69 -33.06
CA LYS G 1081 -59.23 8.18 -33.96
C LYS G 1081 -60.60 8.77 -33.65
N GLU G 1082 -60.69 10.06 -33.28
CA GLU G 1082 -61.95 10.77 -32.94
C GLU G 1082 -62.44 11.56 -34.13
N PRO G 1083 -63.74 11.51 -34.48
CA PRO G 1083 -64.22 12.09 -35.73
C PRO G 1083 -64.07 13.62 -35.78
N VAL G 1084 -63.56 14.12 -36.90
CA VAL G 1084 -63.22 15.55 -37.18
C VAL G 1084 -64.02 15.97 -38.41
N ASP G 1085 -64.68 17.13 -38.34
CA ASP G 1085 -65.41 17.72 -39.48
C ASP G 1085 -64.44 18.61 -40.23
N ASP G 1086 -64.70 18.86 -41.52
CA ASP G 1086 -63.83 19.69 -42.40
C ASP G 1086 -63.83 21.13 -41.88
N LYS G 1087 -64.98 21.68 -41.49
CA LYS G 1087 -65.07 23.05 -40.90
C LYS G 1087 -64.18 23.19 -39.65
N ASP G 1088 -63.94 22.10 -38.91
CA ASP G 1088 -63.19 22.09 -37.63
C ASP G 1088 -61.71 21.81 -37.85
N VAL G 1089 -61.25 21.55 -39.08
CA VAL G 1089 -59.82 21.24 -39.35
C VAL G 1089 -58.97 22.48 -39.03
N LYS G 1090 -59.35 23.68 -39.50
CA LYS G 1090 -58.57 24.93 -39.27
C LYS G 1090 -58.37 25.13 -37.75
N ALA G 1091 -59.45 25.24 -36.99
CA ALA G 1091 -59.42 25.38 -35.52
C ALA G 1091 -58.49 24.31 -34.93
N LYS G 1092 -58.85 23.03 -35.06
CA LYS G 1092 -58.05 21.88 -34.53
C LYS G 1092 -56.59 21.96 -34.93
N TYR G 1093 -56.27 22.16 -36.22
CA TYR G 1093 -54.92 21.85 -36.77
C TYR G 1093 -54.20 22.99 -37.49
N GLU G 1094 -54.77 24.16 -37.76
CA GLU G 1094 -54.02 25.14 -38.57
C GLU G 1094 -52.72 25.47 -37.83
N THR G 1095 -52.83 25.95 -36.60
CA THR G 1095 -51.68 26.42 -35.81
C THR G 1095 -50.55 25.42 -35.99
N SER G 1096 -50.84 24.14 -35.79
CA SER G 1096 -49.84 23.03 -35.78
C SER G 1096 -49.20 22.85 -37.16
N ILE G 1097 -49.99 22.97 -38.24
CA ILE G 1097 -49.56 22.92 -39.67
C ILE G 1097 -48.59 24.06 -39.97
N LEU G 1098 -48.89 25.28 -39.55
CA LEU G 1098 -48.01 26.47 -39.76
C LEU G 1098 -46.72 26.39 -38.93
N GLU G 1099 -46.73 25.82 -37.72
CA GLU G 1099 -45.52 25.65 -36.89
C GLU G 1099 -44.57 24.61 -37.50
N HIS G 1100 -45.08 23.65 -38.28
CA HIS G 1100 -44.33 22.44 -38.68
C HIS G 1100 -44.28 22.37 -40.19
N SER G 1101 -44.34 23.51 -40.83
CA SER G 1101 -44.24 23.69 -42.29
C SER G 1101 -43.38 24.92 -42.60
N GLY G 1102 -42.58 24.86 -43.64
CA GLY G 1102 -41.95 26.07 -44.15
C GLY G 1102 -40.50 26.08 -43.77
N ILE G 1103 -39.93 27.26 -43.78
CA ILE G 1103 -38.60 27.49 -43.18
C ILE G 1103 -38.79 27.62 -41.68
N ARG G 1104 -38.03 26.87 -40.93
CA ARG G 1104 -38.20 26.74 -39.48
C ARG G 1104 -36.95 26.14 -38.88
N LEU G 1105 -36.91 26.02 -37.57
CA LEU G 1105 -35.74 25.38 -36.93
C LEU G 1105 -35.69 23.95 -37.41
N ILE G 1106 -34.53 23.50 -37.88
CA ILE G 1106 -34.19 22.09 -38.20
C ILE G 1106 -34.72 21.20 -37.09
N GLU G 1107 -35.56 20.24 -37.47
CA GLU G 1107 -36.17 19.23 -36.56
C GLU G 1107 -35.28 18.00 -36.64
N PRO G 1108 -34.54 17.61 -35.57
CA PRO G 1108 -33.62 16.46 -35.62
C PRO G 1108 -34.18 15.09 -36.02
N GLU G 1109 -35.41 14.77 -35.60
CA GLU G 1109 -36.10 13.50 -35.93
C GLU G 1109 -36.19 13.32 -37.44
N LEU G 1110 -36.17 14.40 -38.22
CA LEU G 1110 -36.24 14.37 -39.70
C LEU G 1110 -34.88 14.05 -40.33
N PHE G 1111 -33.76 14.34 -39.67
CA PHE G 1111 -32.40 14.25 -40.24
C PHE G 1111 -31.51 13.26 -39.48
N ASN G 1112 -32.07 12.19 -38.90
CA ASN G 1112 -31.33 11.14 -38.14
C ASN G 1112 -30.67 11.77 -36.91
N GLY G 1113 -31.46 12.48 -36.12
CA GLY G 1113 -31.01 13.13 -34.89
C GLY G 1113 -29.90 14.15 -35.11
N TYR G 1114 -29.74 14.71 -36.31
CA TYR G 1114 -28.79 15.82 -36.55
C TYR G 1114 -29.31 17.02 -35.77
N ASN G 1115 -28.54 17.48 -34.78
CA ASN G 1115 -28.87 18.68 -33.98
C ASN G 1115 -27.76 19.68 -34.23
N PRO G 1116 -27.94 20.70 -35.09
CA PRO G 1116 -26.85 21.61 -35.43
C PRO G 1116 -26.24 22.33 -34.22
N GLU G 1117 -26.96 22.44 -33.10
CA GLU G 1117 -26.42 22.95 -31.83
C GLU G 1117 -25.41 21.95 -31.24
N LYS G 1118 -25.36 20.69 -31.69
CA LYS G 1118 -24.52 19.60 -31.11
C LYS G 1118 -24.03 18.68 -32.23
N LYS G 1119 -23.09 19.19 -33.01
CA LYS G 1119 -22.56 18.55 -34.24
C LYS G 1119 -21.35 17.68 -33.88
N GLU G 1120 -21.53 16.35 -33.91
CA GLU G 1120 -20.59 15.30 -33.43
C GLU G 1120 -19.36 15.16 -34.35
N MET G 1121 -18.17 15.50 -33.83
CA MET G 1121 -16.83 15.23 -34.43
C MET G 1121 -16.06 14.21 -33.57
N ILE G 1122 -14.83 13.84 -33.93
CA ILE G 1122 -13.92 12.93 -33.14
C ILE G 1122 -12.49 13.46 -33.19
N GLN G 1123 -11.84 13.59 -32.04
CA GLN G 1123 -10.45 14.08 -31.97
C GLN G 1123 -9.55 12.90 -31.66
N GLU G 1124 -8.45 12.81 -32.39
CA GLU G 1124 -7.40 11.79 -32.21
C GLU G 1124 -6.56 12.25 -31.02
N VAL G 1125 -6.37 11.36 -30.04
CA VAL G 1125 -5.51 11.59 -28.84
C VAL G 1125 -4.60 10.38 -28.72
N ILE G 1126 -3.41 10.56 -28.13
CA ILE G 1126 -2.51 9.43 -27.76
C ILE G 1126 -2.70 9.10 -26.28
N VAL G 1127 -3.32 7.95 -25.99
CA VAL G 1127 -3.19 7.14 -24.75
C VAL G 1127 -1.81 7.41 -24.15
N GLU G 1128 -1.74 8.27 -23.12
CA GLU G 1128 -0.50 8.59 -22.38
C GLU G 1128 -0.23 7.45 -21.39
N GLU G 1129 -1.28 6.73 -20.97
CA GLU G 1129 -1.15 5.57 -20.07
C GLU G 1129 -2.19 4.48 -20.38
N ASP G 1130 -1.71 3.24 -20.38
CA ASP G 1130 -2.42 1.98 -20.75
C ASP G 1130 -3.87 1.95 -20.24
N LEU G 1131 -4.79 1.49 -21.08
CA LEU G 1131 -6.25 1.44 -20.81
C LEU G 1131 -6.56 0.19 -19.98
N GLU G 1132 -7.73 0.18 -19.35
CA GLU G 1132 -8.26 -1.01 -18.63
C GLU G 1132 -8.73 -2.00 -19.69
N PRO G 1133 -8.19 -3.23 -19.75
CA PRO G 1133 -8.66 -4.25 -20.70
C PRO G 1133 -10.18 -4.37 -20.87
N PHE G 1134 -10.60 -4.76 -22.07
CA PHE G 1134 -11.99 -5.12 -22.40
C PHE G 1134 -12.00 -6.40 -23.27
N GLU G 1135 -13.13 -7.08 -23.25
CA GLU G 1135 -13.33 -8.36 -23.96
C GLU G 1135 -13.85 -8.03 -25.36
N ALA G 1136 -13.30 -8.71 -26.35
CA ALA G 1136 -13.76 -8.73 -27.75
C ALA G 1136 -13.89 -10.19 -28.18
N SER G 1137 -14.55 -10.45 -29.32
CA SER G 1137 -14.47 -11.74 -30.04
C SER G 1137 -13.03 -12.00 -30.49
N LYS G 1138 -12.74 -13.18 -31.00
CA LYS G 1138 -11.40 -13.49 -31.56
C LYS G 1138 -11.17 -12.55 -32.75
N GLU G 1139 -12.06 -12.62 -33.74
CA GLU G 1139 -12.05 -11.83 -35.00
C GLU G 1139 -11.72 -10.36 -34.69
N THR G 1140 -12.53 -9.71 -33.86
CA THR G 1140 -12.44 -8.27 -33.52
C THR G 1140 -11.10 -7.93 -32.84
N ALA G 1141 -10.55 -8.83 -32.02
CA ALA G 1141 -9.26 -8.60 -31.33
C ALA G 1141 -8.13 -8.63 -32.36
N GLU G 1142 -8.16 -9.55 -33.32
CA GLU G 1142 -7.10 -9.63 -34.36
C GLU G 1142 -7.13 -8.36 -35.21
N GLN G 1143 -8.33 -7.81 -35.41
CA GLN G 1143 -8.59 -6.52 -36.10
C GLN G 1143 -7.95 -5.37 -35.30
N PHE G 1144 -7.97 -5.39 -33.97
CA PHE G 1144 -7.28 -4.36 -33.13
C PHE G 1144 -5.77 -4.51 -33.23
N LYS G 1145 -5.30 -5.75 -33.25
CA LYS G 1145 -3.86 -6.11 -33.27
C LYS G 1145 -3.25 -5.71 -34.61
N HIS G 1146 -3.99 -5.96 -35.69
CA HIS G 1146 -3.56 -5.64 -37.07
C HIS G 1146 -3.33 -4.13 -37.22
N GLN G 1147 -4.29 -3.33 -36.76
CA GLN G 1147 -4.23 -1.86 -36.73
C GLN G 1147 -3.07 -1.39 -35.84
N HIS G 1148 -3.02 -1.83 -34.56
CA HIS G 1148 -2.21 -1.13 -33.52
C HIS G 1148 -0.79 -1.68 -33.43
N GLY G 1149 -0.58 -2.96 -33.75
CA GLY G 1149 0.71 -3.69 -33.67
C GLY G 1149 1.21 -3.78 -32.23
N ASP G 1150 2.46 -3.34 -31.99
CA ASP G 1150 3.10 -3.28 -30.65
C ASP G 1150 2.13 -2.71 -29.61
N LYS G 1151 1.38 -1.68 -29.98
CA LYS G 1151 0.64 -0.78 -29.05
C LYS G 1151 -0.69 -1.39 -28.59
N VAL G 1152 -0.91 -2.68 -28.82
CA VAL G 1152 -2.07 -3.40 -28.22
C VAL G 1152 -1.56 -4.79 -27.83
N ASP G 1153 -2.19 -5.40 -26.83
CA ASP G 1153 -1.89 -6.79 -26.40
C ASP G 1153 -3.20 -7.55 -26.42
N ILE G 1154 -3.24 -8.73 -27.05
CA ILE G 1154 -4.50 -9.51 -27.11
C ILE G 1154 -4.18 -10.93 -26.68
N PHE G 1155 -4.99 -11.46 -25.77
CA PHE G 1155 -4.77 -12.72 -25.04
C PHE G 1155 -6.09 -13.46 -24.96
N GLU G 1156 -6.17 -14.67 -25.50
CA GLU G 1156 -7.33 -15.59 -25.31
C GLU G 1156 -7.58 -15.75 -23.81
N ILE G 1157 -8.84 -15.60 -23.41
CA ILE G 1157 -9.41 -16.01 -22.10
C ILE G 1157 -9.85 -17.46 -22.27
N PRO G 1158 -9.12 -18.45 -21.68
CA PRO G 1158 -9.21 -19.85 -22.12
C PRO G 1158 -10.53 -20.58 -21.83
N GLU G 1159 -11.32 -20.04 -20.89
CA GLU G 1159 -12.67 -20.56 -20.50
C GLU G 1159 -13.67 -20.20 -21.59
N THR G 1160 -13.84 -18.90 -21.86
CA THR G 1160 -14.85 -18.33 -22.78
C THR G 1160 -14.45 -18.60 -24.24
N GLY G 1161 -13.20 -18.31 -24.62
CA GLY G 1161 -12.73 -18.22 -26.02
C GLY G 1161 -12.57 -16.77 -26.49
N GLU G 1162 -13.40 -15.86 -25.93
CA GLU G 1162 -13.26 -14.37 -26.04
C GLU G 1162 -11.83 -13.94 -25.70
N TYR G 1163 -11.39 -12.81 -26.25
CA TYR G 1163 -10.02 -12.26 -26.05
C TYR G 1163 -10.09 -10.98 -25.21
N SER G 1164 -9.04 -10.71 -24.44
CA SER G 1164 -8.83 -9.43 -23.74
C SER G 1164 -8.07 -8.51 -24.70
N VAL G 1165 -8.30 -7.20 -24.63
CA VAL G 1165 -7.66 -6.19 -25.54
C VAL G 1165 -7.07 -5.07 -24.69
N LYS G 1166 -5.76 -5.05 -24.49
CA LYS G 1166 -5.08 -4.03 -23.67
C LYS G 1166 -4.50 -2.98 -24.61
N LEU G 1167 -5.06 -1.78 -24.58
CA LEU G 1167 -4.57 -0.70 -25.45
C LEU G 1167 -3.41 -0.04 -24.73
N LEU G 1168 -2.20 -0.12 -25.28
CA LEU G 1168 -0.96 0.29 -24.56
C LEU G 1168 -0.68 1.76 -24.79
N LYS G 1169 0.25 2.29 -24.02
CA LYS G 1169 0.72 3.68 -24.09
C LYS G 1169 1.25 3.89 -25.50
N GLY G 1170 0.78 4.93 -26.19
CA GLY G 1170 1.21 5.26 -27.57
C GLY G 1170 0.19 4.82 -28.62
N ALA G 1171 -0.79 4.01 -28.24
CA ALA G 1171 -2.00 3.72 -29.05
C ALA G 1171 -2.76 5.03 -29.32
N THR G 1172 -3.48 5.09 -30.45
CA THR G 1172 -4.39 6.21 -30.81
C THR G 1172 -5.83 5.85 -30.48
N LEU G 1173 -6.55 6.83 -29.99
CA LEU G 1173 -8.00 6.77 -29.71
C LEU G 1173 -8.65 7.91 -30.47
N TYR G 1174 -9.96 7.80 -30.64
CA TYR G 1174 -10.82 8.87 -31.17
C TYR G 1174 -11.84 9.15 -30.09
N ILE G 1175 -11.76 10.36 -29.54
CA ILE G 1175 -12.75 10.84 -28.53
C ILE G 1175 -13.68 11.81 -29.21
N PRO G 1176 -14.99 11.51 -29.21
CA PRO G 1176 -16.01 12.43 -29.66
C PRO G 1176 -16.00 13.81 -28.99
N LYS G 1177 -16.21 14.86 -29.78
CA LYS G 1177 -16.54 16.21 -29.27
C LYS G 1177 -17.75 16.76 -30.02
N ALA G 1178 -18.22 17.96 -29.70
CA ALA G 1178 -19.42 18.58 -30.32
C ALA G 1178 -19.19 20.07 -30.52
N LEU G 1179 -18.99 20.44 -31.80
CA LEU G 1179 -19.18 21.79 -32.37
C LEU G 1179 -20.63 22.21 -32.14
N ARG G 1180 -20.81 23.48 -31.80
CA ARG G 1180 -22.10 24.20 -31.89
C ARG G 1180 -22.05 24.96 -33.20
N PHE G 1181 -22.97 24.67 -34.10
CA PHE G 1181 -23.00 25.18 -35.50
C PHE G 1181 -24.10 26.23 -35.64
N ASP G 1182 -23.84 27.24 -36.49
CA ASP G 1182 -24.54 28.55 -36.53
C ASP G 1182 -25.66 28.56 -37.58
N ARG G 1183 -25.94 27.42 -38.25
CA ARG G 1183 -27.02 27.25 -39.25
C ARG G 1183 -28.09 26.29 -38.67
N LEU G 1184 -29.12 26.88 -38.05
CA LEU G 1184 -30.11 26.21 -37.18
C LEU G 1184 -31.43 26.05 -37.90
N VAL G 1185 -31.53 26.57 -39.12
CA VAL G 1185 -32.83 26.76 -39.82
C VAL G 1185 -32.70 26.23 -41.22
N ALA G 1186 -33.75 25.58 -41.70
CA ALA G 1186 -33.82 25.10 -43.08
C ALA G 1186 -35.27 24.90 -43.48
N GLY G 1187 -35.51 24.94 -44.80
CA GLY G 1187 -36.81 24.73 -45.47
C GLY G 1187 -37.04 23.27 -45.61
N GLN G 1188 -37.72 22.66 -44.65
CA GLN G 1188 -37.82 21.18 -44.57
C GLN G 1188 -39.23 20.82 -44.99
N ILE G 1189 -39.39 19.61 -45.49
CA ILE G 1189 -40.73 19.06 -45.85
C ILE G 1189 -41.54 19.03 -44.57
N PRO G 1190 -42.87 19.25 -44.61
CA PRO G 1190 -43.64 19.45 -43.38
C PRO G 1190 -43.53 18.21 -42.51
N THR G 1191 -43.54 18.38 -41.20
CA THR G 1191 -43.28 17.28 -40.25
C THR G 1191 -44.47 16.33 -40.28
N GLY G 1192 -44.22 15.07 -40.62
CA GLY G 1192 -45.23 13.99 -40.70
C GLY G 1192 -45.43 13.51 -42.11
N TRP G 1193 -44.90 14.24 -43.07
CA TRP G 1193 -44.80 13.75 -44.47
C TRP G 1193 -44.23 12.36 -44.39
N ASN G 1194 -44.83 11.44 -45.13
CA ASN G 1194 -44.50 10.01 -45.09
C ASN G 1194 -44.91 9.40 -46.43
N ALA G 1195 -43.99 8.76 -47.13
CA ALA G 1195 -44.28 8.08 -48.41
C ALA G 1195 -45.38 7.05 -48.22
N LYS G 1196 -45.57 6.53 -47.01
CA LYS G 1196 -46.68 5.58 -46.75
C LYS G 1196 -48.02 6.21 -47.15
N THR G 1197 -48.26 7.52 -46.92
CA THR G 1197 -49.62 8.11 -47.04
C THR G 1197 -49.97 8.22 -48.51
N TYR G 1198 -48.98 8.25 -49.39
CA TYR G 1198 -49.16 8.18 -50.86
C TYR G 1198 -49.30 6.72 -51.28
N GLY G 1199 -48.85 5.78 -50.47
CA GLY G 1199 -49.01 4.35 -50.73
C GLY G 1199 -47.78 3.72 -51.35
N ILE G 1200 -46.59 4.17 -50.94
CA ILE G 1200 -45.30 3.52 -51.24
C ILE G 1200 -45.10 2.48 -50.13
N SER G 1201 -44.66 1.28 -50.53
CA SER G 1201 -44.52 0.08 -49.67
C SER G 1201 -43.24 0.19 -48.84
N ASP G 1202 -43.18 -0.48 -47.69
CA ASP G 1202 -42.01 -0.41 -46.77
C ASP G 1202 -40.81 -1.11 -47.41
N ASP G 1203 -41.03 -2.18 -48.20
CA ASP G 1203 -39.98 -2.83 -49.04
C ASP G 1203 -39.13 -1.72 -49.65
N ILE G 1204 -39.79 -0.78 -50.34
CA ILE G 1204 -39.18 0.35 -51.10
C ILE G 1204 -38.63 1.35 -50.11
N ILE G 1205 -39.43 1.82 -49.16
CA ILE G 1205 -38.97 2.89 -48.23
C ILE G 1205 -37.65 2.48 -47.55
N SER G 1206 -37.63 1.29 -46.99
CA SER G 1206 -36.48 0.68 -46.30
C SER G 1206 -35.58 -0.01 -47.31
N GLN G 1207 -34.93 0.76 -48.20
CA GLN G 1207 -34.13 0.26 -49.37
C GLN G 1207 -33.57 1.45 -50.15
N VAL G 1208 -34.46 2.35 -50.49
CA VAL G 1208 -34.21 3.52 -51.35
C VAL G 1208 -33.84 4.69 -50.43
N ASP G 1209 -33.07 5.66 -50.95
CA ASP G 1209 -32.65 6.92 -50.26
C ASP G 1209 -33.86 7.83 -50.15
N PRO G 1210 -34.03 8.59 -49.03
CA PRO G 1210 -35.12 9.56 -48.88
C PRO G 1210 -35.49 10.42 -50.10
N ILE G 1211 -34.50 10.88 -50.86
CA ILE G 1211 -34.70 11.78 -52.03
C ILE G 1211 -35.49 11.03 -53.11
N THR G 1212 -35.26 9.74 -53.31
CA THR G 1212 -36.03 8.92 -54.26
C THR G 1212 -37.52 8.94 -53.88
N LEU G 1213 -37.88 8.92 -52.59
CA LEU G 1213 -39.30 8.97 -52.16
C LEU G 1213 -39.95 10.29 -52.57
N PHE G 1214 -39.24 11.41 -52.49
CA PHE G 1214 -39.77 12.72 -52.92
C PHE G 1214 -40.05 12.67 -54.41
N VAL G 1215 -39.20 11.98 -55.16
CA VAL G 1215 -39.27 11.90 -56.65
C VAL G 1215 -40.43 10.99 -57.00
N LEU G 1216 -40.58 9.85 -56.36
CA LEU G 1216 -41.64 8.87 -56.70
C LEU G 1216 -42.98 9.55 -56.50
N VAL G 1217 -43.13 10.29 -55.42
CA VAL G 1217 -44.40 11.01 -55.13
C VAL G 1217 -44.60 12.11 -56.14
N SER G 1218 -43.59 12.90 -56.47
CA SER G 1218 -43.67 13.98 -57.48
C SER G 1218 -44.03 13.48 -58.90
N VAL G 1219 -43.60 12.29 -59.32
CA VAL G 1219 -43.89 11.73 -60.67
C VAL G 1219 -45.33 11.25 -60.69
N VAL G 1220 -45.82 10.63 -59.63
CA VAL G 1220 -47.24 10.18 -59.58
C VAL G 1220 -48.13 11.41 -59.62
N GLU G 1221 -47.85 12.36 -58.75
CA GLU G 1221 -48.69 13.53 -58.52
C GLU G 1221 -48.62 14.43 -59.76
N ALA G 1222 -47.72 14.16 -60.71
CA ALA G 1222 -47.52 14.91 -61.99
C ALA G 1222 -48.29 14.28 -63.13
N PHE G 1223 -48.31 12.96 -63.21
CA PHE G 1223 -49.22 12.20 -64.09
C PHE G 1223 -50.69 12.49 -63.70
N ILE G 1224 -51.04 12.54 -62.43
CA ILE G 1224 -52.40 12.98 -61.98
C ILE G 1224 -52.74 14.39 -62.49
N ALA G 1225 -51.79 15.31 -62.54
CA ALA G 1225 -51.97 16.70 -63.04
C ALA G 1225 -52.16 16.69 -64.55
N SER G 1226 -51.73 15.62 -65.21
CA SER G 1226 -51.84 15.45 -66.66
C SER G 1226 -53.02 14.52 -66.98
N GLY G 1227 -53.85 14.20 -65.99
CA GLY G 1227 -54.97 13.27 -66.12
C GLY G 1227 -54.55 11.88 -66.55
N ILE G 1228 -53.37 11.45 -66.17
CA ILE G 1228 -52.76 10.14 -66.52
C ILE G 1228 -52.61 9.35 -65.21
N THR G 1229 -53.62 8.56 -64.92
CA THR G 1229 -53.77 7.82 -63.66
C THR G 1229 -53.01 6.51 -63.78
N ASP G 1230 -52.91 5.96 -65.00
CA ASP G 1230 -52.12 4.74 -65.29
C ASP G 1230 -51.04 5.07 -66.30
N PRO G 1231 -49.75 5.09 -65.90
CA PRO G 1231 -48.68 5.46 -66.82
C PRO G 1231 -48.74 4.70 -68.16
N TYR G 1232 -49.17 3.45 -68.13
CA TYR G 1232 -49.11 2.57 -69.31
C TYR G 1232 -50.04 3.08 -70.39
N GLU G 1233 -51.01 3.92 -70.05
CA GLU G 1233 -51.92 4.54 -71.03
C GLU G 1233 -51.13 5.24 -72.14
N MET G 1234 -49.98 5.80 -71.82
CA MET G 1234 -49.10 6.47 -72.81
C MET G 1234 -48.83 5.53 -73.98
N TYR G 1235 -48.61 4.24 -73.73
CA TYR G 1235 -48.21 3.24 -74.75
C TYR G 1235 -49.39 2.84 -75.65
N LYS G 1236 -50.55 3.50 -75.56
CA LYS G 1236 -51.61 3.43 -76.59
C LYS G 1236 -51.25 4.32 -77.79
N TYR G 1237 -50.51 5.39 -77.53
CA TYR G 1237 -50.23 6.52 -78.46
C TYR G 1237 -48.81 6.51 -78.99
N VAL G 1238 -47.87 5.96 -78.22
CA VAL G 1238 -46.42 6.23 -78.33
C VAL G 1238 -45.71 4.91 -78.08
N HIS G 1239 -44.62 4.58 -78.80
CA HIS G 1239 -43.83 3.34 -78.55
C HIS G 1239 -43.02 3.46 -77.26
N VAL G 1240 -43.15 2.48 -76.36
CA VAL G 1240 -42.20 2.07 -75.28
C VAL G 1240 -40.83 2.79 -75.35
N SER G 1241 -40.22 2.98 -76.53
CA SER G 1241 -38.90 3.66 -76.72
C SER G 1241 -39.03 5.19 -76.86
N GLU G 1242 -40.19 5.80 -76.59
CA GLU G 1242 -40.42 7.22 -76.92
C GLU G 1242 -40.87 7.97 -75.67
N VAL G 1243 -40.84 7.32 -74.51
CA VAL G 1243 -40.93 8.04 -73.19
C VAL G 1243 -39.53 8.12 -72.57
N GLY G 1244 -39.07 9.33 -72.30
CA GLY G 1244 -37.76 9.56 -71.71
C GLY G 1244 -37.87 10.10 -70.31
N ASN G 1245 -36.78 10.04 -69.57
CA ASN G 1245 -36.61 10.69 -68.25
C ASN G 1245 -35.37 11.56 -68.41
N CYS G 1246 -35.51 12.87 -68.31
CA CYS G 1246 -34.39 13.81 -68.45
C CYS G 1246 -34.30 14.66 -67.19
N SER G 1247 -34.66 14.12 -66.02
CA SER G 1247 -34.54 14.77 -64.68
C SER G 1247 -33.21 14.44 -64.05
N GLY G 1248 -32.81 15.19 -63.04
CA GLY G 1248 -31.49 15.06 -62.41
C GLY G 1248 -31.39 15.83 -61.10
N SER G 1249 -30.32 15.61 -60.35
CA SER G 1249 -30.04 16.20 -59.03
C SER G 1249 -28.70 16.92 -59.12
N GLY G 1250 -28.46 17.87 -58.22
CA GLY G 1250 -27.15 18.51 -58.01
C GLY G 1250 -26.17 17.61 -57.28
N MET G 1251 -26.61 16.84 -56.27
CA MET G 1251 -25.72 15.97 -55.44
C MET G 1251 -26.25 14.53 -55.36
N GLY G 1252 -27.55 14.30 -55.33
CA GLY G 1252 -28.13 12.95 -55.37
C GLY G 1252 -28.40 12.36 -54.00
N GLY G 1253 -28.25 11.05 -53.90
CA GLY G 1253 -28.48 10.24 -52.68
C GLY G 1253 -27.41 10.51 -51.67
N VAL G 1254 -27.61 11.58 -50.91
CA VAL G 1254 -26.60 12.20 -50.03
C VAL G 1254 -26.56 11.44 -48.70
N SER G 1255 -27.68 10.84 -48.32
CA SER G 1255 -27.82 9.99 -47.13
C SER G 1255 -27.07 8.69 -47.36
N ALA G 1256 -27.07 8.18 -48.60
CA ALA G 1256 -26.33 6.97 -49.01
C ALA G 1256 -24.83 7.24 -49.05
N LEU G 1257 -24.38 8.48 -49.22
CA LEU G 1257 -22.93 8.85 -49.13
C LEU G 1257 -22.49 8.85 -47.67
N ARG G 1258 -23.33 9.31 -46.76
CA ARG G 1258 -23.07 9.13 -45.31
C ARG G 1258 -22.84 7.65 -45.05
N GLY G 1259 -23.67 6.79 -45.62
CA GLY G 1259 -23.55 5.34 -45.41
C GLY G 1259 -22.20 4.81 -45.80
N MET G 1260 -21.67 5.27 -46.91
CA MET G 1260 -20.53 4.61 -47.60
C MET G 1260 -19.21 5.30 -47.25
N PHE G 1261 -19.25 6.46 -46.58
CA PHE G 1261 -18.07 7.22 -46.08
C PHE G 1261 -17.97 7.26 -44.55
N LYS G 1262 -19.05 7.63 -43.87
CA LYS G 1262 -19.08 7.79 -42.39
C LYS G 1262 -19.50 6.48 -41.74
N ASP G 1263 -20.69 5.97 -42.03
CA ASP G 1263 -21.30 4.87 -41.26
C ASP G 1263 -20.48 3.57 -41.42
N ARG G 1264 -19.97 3.24 -42.61
CA ARG G 1264 -19.05 2.09 -42.80
C ARG G 1264 -17.82 2.21 -41.89
N PHE G 1265 -17.14 3.33 -41.96
CA PHE G 1265 -15.98 3.73 -41.11
C PHE G 1265 -16.23 3.45 -39.63
N LYS G 1266 -17.46 3.65 -39.16
CA LYS G 1266 -17.89 3.44 -37.76
C LYS G 1266 -18.40 2.00 -37.57
N ASP G 1267 -18.19 1.11 -38.53
CA ASP G 1267 -18.78 -0.25 -38.61
C ASP G 1267 -20.23 -0.28 -38.12
N GLU G 1268 -21.03 0.74 -38.46
CA GLU G 1268 -22.51 0.68 -38.32
C GLU G 1268 -23.05 -0.29 -39.38
N PRO G 1269 -24.22 -0.94 -39.16
CA PRO G 1269 -24.88 -1.69 -40.22
C PRO G 1269 -25.40 -0.73 -41.32
N VAL G 1270 -24.97 -0.99 -42.55
CA VAL G 1270 -25.30 -0.24 -43.79
C VAL G 1270 -25.63 -1.32 -44.82
N GLN G 1271 -26.76 -1.20 -45.53
CA GLN G 1271 -27.16 -2.14 -46.63
C GLN G 1271 -25.97 -2.30 -47.58
N ASN G 1272 -25.78 -3.47 -48.18
CA ASN G 1272 -24.58 -3.79 -49.01
C ASN G 1272 -24.63 -3.04 -50.35
N ASP G 1273 -25.85 -2.76 -50.85
CA ASP G 1273 -26.11 -2.06 -52.13
C ASP G 1273 -26.19 -0.55 -51.91
N ILE G 1274 -25.58 -0.01 -50.86
CA ILE G 1274 -25.77 1.42 -50.49
C ILE G 1274 -25.25 2.30 -51.64
N LEU G 1275 -24.24 1.85 -52.38
CA LEU G 1275 -23.54 2.66 -53.41
C LEU G 1275 -24.48 2.97 -54.56
N GLN G 1276 -25.29 2.00 -55.01
CA GLN G 1276 -26.30 2.21 -56.09
C GLN G 1276 -27.31 3.31 -55.70
N GLU G 1277 -27.64 3.52 -54.44
CA GLU G 1277 -28.60 4.57 -54.04
C GLU G 1277 -27.95 5.95 -54.06
N SER G 1278 -26.63 6.02 -54.07
CA SER G 1278 -25.91 7.31 -53.96
C SER G 1278 -26.08 8.05 -55.28
N PHE G 1279 -25.88 7.32 -56.37
CA PHE G 1279 -25.80 7.78 -57.78
C PHE G 1279 -26.97 8.70 -58.12
N ILE G 1280 -26.69 9.81 -58.81
CA ILE G 1280 -27.70 10.80 -59.26
C ILE G 1280 -28.66 10.18 -60.30
N ASN G 1281 -28.21 9.14 -61.03
CA ASN G 1281 -29.02 8.53 -62.12
C ASN G 1281 -29.96 7.43 -61.60
N THR G 1282 -30.12 7.26 -60.28
CA THR G 1282 -30.93 6.13 -59.73
C THR G 1282 -32.32 6.59 -59.37
N MET G 1283 -32.51 7.83 -58.95
CA MET G 1283 -33.89 8.27 -58.69
C MET G 1283 -34.71 8.00 -59.96
N SER G 1284 -34.11 8.17 -61.13
CA SER G 1284 -34.76 7.99 -62.45
C SER G 1284 -34.92 6.50 -62.75
N ALA G 1285 -33.93 5.69 -62.41
CA ALA G 1285 -33.97 4.21 -62.42
C ALA G 1285 -35.21 3.67 -61.68
N TRP G 1286 -35.46 4.15 -60.47
CA TRP G 1286 -36.58 3.69 -59.60
C TRP G 1286 -37.93 4.13 -60.19
N VAL G 1287 -38.00 5.33 -60.76
CA VAL G 1287 -39.22 5.79 -61.49
C VAL G 1287 -39.52 4.85 -62.67
N ASN G 1288 -38.49 4.35 -63.33
CA ASN G 1288 -38.70 3.51 -64.52
C ASN G 1288 -39.04 2.10 -64.07
N MET G 1289 -38.39 1.68 -62.99
CA MET G 1289 -38.47 0.33 -62.41
C MET G 1289 -39.81 0.16 -61.71
N LEU G 1290 -40.44 1.23 -61.20
CA LEU G 1290 -41.68 1.12 -60.39
C LEU G 1290 -42.89 1.72 -61.10
N LEU G 1291 -42.75 2.60 -62.09
CA LEU G 1291 -43.93 3.17 -62.78
C LEU G 1291 -43.86 2.93 -64.29
N ILE G 1292 -42.96 3.60 -65.00
CA ILE G 1292 -43.10 3.90 -66.46
C ILE G 1292 -42.80 2.64 -67.30
N SER G 1293 -41.70 1.96 -67.08
CA SER G 1293 -41.22 0.82 -67.91
C SER G 1293 -40.96 1.26 -69.36
N SER G 1294 -40.58 2.52 -69.56
CA SER G 1294 -40.11 3.00 -70.87
C SER G 1294 -38.81 2.28 -71.19
N SER G 1295 -38.47 2.23 -72.48
CA SER G 1295 -37.13 1.87 -72.99
C SER G 1295 -36.62 3.06 -73.80
N GLY G 1296 -37.12 4.24 -73.45
CA GLY G 1296 -36.78 5.52 -74.08
C GLY G 1296 -35.58 6.18 -73.42
N PRO G 1297 -35.18 7.36 -73.93
CA PRO G 1297 -33.94 7.98 -73.51
C PRO G 1297 -33.90 8.12 -72.00
N ILE G 1298 -32.70 8.13 -71.45
CA ILE G 1298 -32.48 8.63 -70.08
C ILE G 1298 -31.21 9.46 -70.16
N LYS G 1299 -31.34 10.74 -69.89
CA LYS G 1299 -30.22 11.66 -70.00
C LYS G 1299 -30.24 12.48 -68.72
N THR G 1300 -29.54 12.04 -67.69
CA THR G 1300 -29.62 12.64 -66.34
C THR G 1300 -28.64 13.81 -66.24
N PRO G 1301 -29.06 15.07 -66.09
CA PRO G 1301 -28.13 16.16 -65.79
C PRO G 1301 -27.69 16.42 -64.35
N VAL G 1302 -26.52 17.04 -64.21
CA VAL G 1302 -26.01 17.65 -62.95
C VAL G 1302 -25.73 19.11 -63.23
N GLY G 1303 -26.45 19.99 -62.58
CA GLY G 1303 -26.41 21.41 -62.95
C GLY G 1303 -26.34 22.26 -61.71
N ALA G 1304 -25.84 21.70 -60.62
CA ALA G 1304 -26.01 22.27 -59.28
C ALA G 1304 -27.40 22.89 -59.24
N CYS G 1305 -27.49 24.20 -59.01
CA CYS G 1305 -28.74 24.92 -58.68
C CYS G 1305 -29.49 25.25 -59.96
N ALA G 1306 -28.94 24.91 -61.11
CA ALA G 1306 -29.56 25.07 -62.44
C ALA G 1306 -29.99 23.72 -63.03
N THR G 1307 -30.02 22.63 -62.27
CA THR G 1307 -30.15 21.30 -62.87
C THR G 1307 -31.54 21.16 -63.50
N SER G 1308 -32.53 21.88 -62.97
CA SER G 1308 -33.94 21.80 -63.42
C SER G 1308 -34.08 22.42 -64.81
N VAL G 1309 -33.55 23.63 -65.01
CA VAL G 1309 -33.60 24.33 -66.34
C VAL G 1309 -32.75 23.58 -67.39
N GLU G 1310 -31.58 23.08 -67.03
CA GLU G 1310 -30.78 22.15 -67.87
C GLU G 1310 -31.62 20.93 -68.21
N SER G 1311 -32.25 20.31 -67.21
CA SER G 1311 -33.18 19.16 -67.37
C SER G 1311 -34.18 19.46 -68.49
N VAL G 1312 -34.84 20.62 -68.42
CA VAL G 1312 -35.91 21.09 -69.37
C VAL G 1312 -35.30 21.16 -70.77
N ASP G 1313 -34.14 21.81 -70.90
CA ASP G 1313 -33.35 21.95 -72.16
C ASP G 1313 -33.08 20.56 -72.73
N ILE G 1314 -32.39 19.71 -71.98
CA ILE G 1314 -32.08 18.32 -72.41
C ILE G 1314 -33.39 17.65 -72.84
N GLY G 1315 -34.46 17.91 -72.11
CA GLY G 1315 -35.80 17.36 -72.34
C GLY G 1315 -36.37 17.77 -73.69
N VAL G 1316 -36.55 19.06 -73.92
CA VAL G 1316 -36.95 19.67 -75.23
C VAL G 1316 -36.14 19.07 -76.40
N GLU G 1317 -34.82 19.22 -76.42
CA GLU G 1317 -33.92 18.80 -77.52
C GLU G 1317 -34.04 17.29 -77.76
N THR G 1318 -34.39 16.55 -76.73
CA THR G 1318 -34.69 15.10 -76.85
C THR G 1318 -35.98 14.93 -77.63
N ILE G 1319 -36.97 15.79 -77.40
CA ILE G 1319 -38.26 15.69 -78.12
C ILE G 1319 -38.11 16.15 -79.57
N LEU G 1320 -37.33 17.19 -79.86
CA LEU G 1320 -37.18 17.71 -81.24
C LEU G 1320 -36.26 16.81 -82.04
N SER G 1321 -35.13 16.36 -81.52
CA SER G 1321 -34.33 15.25 -82.13
C SER G 1321 -35.21 14.11 -82.68
N GLY G 1322 -36.42 13.93 -82.15
CA GLY G 1322 -37.33 12.82 -82.48
C GLY G 1322 -36.91 11.53 -81.79
N LYS G 1323 -36.32 11.61 -80.60
CA LYS G 1323 -35.91 10.43 -79.80
C LYS G 1323 -37.02 10.06 -78.82
N ALA G 1324 -37.76 11.05 -78.33
CA ALA G 1324 -38.85 10.90 -77.35
C ALA G 1324 -40.00 11.82 -77.72
N ARG G 1325 -41.22 11.34 -77.50
CA ARG G 1325 -42.46 12.10 -77.75
C ARG G 1325 -42.88 12.69 -76.40
N ILE G 1326 -42.58 11.99 -75.30
CA ILE G 1326 -42.87 12.40 -73.89
C ILE G 1326 -41.58 12.35 -73.10
N CYS G 1327 -41.45 13.14 -72.07
CA CYS G 1327 -40.20 13.27 -71.27
C CYS G 1327 -40.58 13.74 -69.88
N ILE G 1328 -40.14 13.03 -68.86
CA ILE G 1328 -40.19 13.58 -67.48
C ILE G 1328 -38.96 14.47 -67.39
N VAL G 1329 -39.09 15.54 -66.65
CA VAL G 1329 -38.13 16.67 -66.65
C VAL G 1329 -38.25 17.23 -65.24
N GLY G 1330 -37.15 17.45 -64.55
CA GLY G 1330 -37.22 18.09 -63.24
C GLY G 1330 -35.93 17.98 -62.51
N GLY G 1331 -36.02 18.04 -61.19
CA GLY G 1331 -34.86 18.09 -60.29
C GLY G 1331 -35.31 17.84 -58.89
N TYR G 1332 -34.37 17.52 -58.05
CA TYR G 1332 -34.62 16.93 -56.72
C TYR G 1332 -33.33 17.00 -55.94
N ASP G 1333 -33.42 17.31 -54.66
CA ASP G 1333 -32.24 17.49 -53.79
C ASP G 1333 -32.68 17.44 -52.35
N ASP G 1334 -31.84 16.81 -51.50
CA ASP G 1334 -32.09 16.57 -50.06
C ASP G 1334 -31.12 17.46 -49.31
N PHE G 1335 -31.52 17.81 -48.09
CA PHE G 1335 -30.78 18.59 -47.07
C PHE G 1335 -30.30 17.54 -46.08
N GLN G 1336 -28.98 17.45 -45.85
CA GLN G 1336 -28.44 16.64 -44.74
C GLN G 1336 -27.38 17.45 -44.00
N GLU G 1337 -26.91 16.91 -42.88
CA GLU G 1337 -25.96 17.52 -41.91
C GLU G 1337 -24.76 18.11 -42.63
N GLU G 1338 -24.24 17.43 -43.64
CA GLU G 1338 -22.82 17.54 -44.09
C GLU G 1338 -22.73 18.59 -45.19
N GLY G 1339 -23.73 18.66 -46.06
CA GLY G 1339 -23.94 19.76 -47.00
C GLY G 1339 -24.28 21.04 -46.27
N SER G 1340 -25.13 20.99 -45.23
CA SER G 1340 -25.50 22.18 -44.40
C SER G 1340 -24.21 22.86 -43.94
N PHE G 1341 -23.29 22.03 -43.47
CA PHE G 1341 -21.99 22.42 -42.87
C PHE G 1341 -21.08 23.01 -43.94
N GLU G 1342 -21.03 22.37 -45.09
CA GLU G 1342 -20.06 22.72 -46.15
C GLU G 1342 -20.48 24.01 -46.85
N PHE G 1343 -21.78 24.24 -47.00
CA PHE G 1343 -22.33 25.53 -47.46
C PHE G 1343 -22.07 26.62 -46.43
N GLY G 1344 -21.98 26.30 -45.14
CA GLY G 1344 -21.63 27.26 -44.07
C GLY G 1344 -20.18 27.70 -44.15
N ASN G 1345 -19.27 26.80 -44.56
CA ASN G 1345 -17.82 27.05 -44.65
C ASN G 1345 -17.50 27.90 -45.90
N MET G 1346 -18.29 27.76 -46.97
CA MET G 1346 -18.28 28.60 -48.19
C MET G 1346 -18.93 29.98 -47.93
N LYS G 1347 -19.63 30.16 -46.81
CA LYS G 1347 -20.38 31.38 -46.40
C LYS G 1347 -21.43 31.74 -47.46
N ALA G 1348 -22.02 30.71 -48.07
CA ALA G 1348 -23.14 30.78 -49.04
C ALA G 1348 -24.47 30.95 -48.30
N THR G 1349 -24.67 30.22 -47.19
CA THR G 1349 -25.94 30.18 -46.43
C THR G 1349 -25.96 31.33 -45.43
N SER G 1350 -27.15 31.81 -45.07
CA SER G 1350 -27.39 32.77 -43.95
C SER G 1350 -26.96 32.13 -42.61
N ASN G 1351 -26.03 32.77 -41.92
CA ASN G 1351 -25.68 32.46 -40.52
C ASN G 1351 -26.89 32.82 -39.65
N THR G 1352 -27.45 31.85 -38.92
CA THR G 1352 -28.73 32.00 -38.20
C THR G 1352 -28.56 32.83 -36.92
N LEU G 1353 -27.36 32.90 -36.34
CA LEU G 1353 -27.11 33.62 -35.05
C LEU G 1353 -27.01 35.13 -35.31
N GLU G 1354 -26.34 35.56 -36.38
CA GLU G 1354 -26.46 36.93 -36.93
C GLU G 1354 -27.94 37.25 -37.18
N GLU G 1355 -28.67 36.33 -37.82
CA GLU G 1355 -30.08 36.60 -38.20
C GLU G 1355 -30.88 36.96 -36.94
N PHE G 1356 -30.64 36.25 -35.85
CA PHE G 1356 -31.35 36.42 -34.55
C PHE G 1356 -30.88 37.71 -33.87
N GLU G 1357 -29.59 38.08 -33.99
CA GLU G 1357 -29.10 39.41 -33.50
C GLU G 1357 -29.98 40.53 -34.09
N HIS G 1358 -30.24 40.50 -35.39
CA HIS G 1358 -31.10 41.46 -36.12
C HIS G 1358 -32.60 41.28 -35.80
N GLY G 1359 -32.94 40.32 -34.96
CA GLY G 1359 -34.33 40.10 -34.56
C GLY G 1359 -35.18 39.59 -35.70
N ARG G 1360 -34.59 38.81 -36.60
CA ARG G 1360 -35.32 38.08 -37.67
C ARG G 1360 -35.79 36.72 -37.14
N THR G 1361 -37.04 36.38 -37.39
CA THR G 1361 -37.63 35.03 -37.18
C THR G 1361 -37.24 34.16 -38.37
N PRO G 1362 -37.33 32.82 -38.28
CA PRO G 1362 -36.93 31.96 -39.40
C PRO G 1362 -37.71 32.20 -40.70
N ALA G 1363 -38.98 32.63 -40.63
CA ALA G 1363 -39.83 32.94 -41.79
C ALA G 1363 -39.16 33.99 -42.67
N GLU G 1364 -38.81 35.13 -42.08
CA GLU G 1364 -38.24 36.33 -42.77
C GLU G 1364 -36.72 36.25 -42.91
N MET G 1365 -36.14 35.06 -43.13
CA MET G 1365 -34.66 34.88 -43.22
C MET G 1365 -34.23 34.68 -44.69
N SER G 1366 -35.14 34.24 -45.56
CA SER G 1366 -35.00 34.30 -47.05
C SER G 1366 -35.66 35.59 -47.53
N ARG G 1367 -34.88 36.58 -47.95
CA ARG G 1367 -35.42 37.88 -48.40
C ARG G 1367 -34.64 38.36 -49.61
N PRO G 1368 -34.99 37.86 -50.81
CA PRO G 1368 -34.32 38.32 -52.04
C PRO G 1368 -34.56 39.80 -52.36
N ALA G 1369 -33.62 40.40 -53.08
CA ALA G 1369 -33.73 41.77 -53.63
C ALA G 1369 -33.70 42.79 -52.51
N THR G 1370 -33.39 42.35 -51.31
CA THR G 1370 -33.53 43.13 -50.06
C THR G 1370 -32.15 43.74 -49.77
N THR G 1371 -32.12 44.91 -49.14
CA THR G 1371 -30.90 45.63 -48.69
C THR G 1371 -30.03 44.72 -47.82
N THR G 1372 -30.66 43.95 -46.94
CA THR G 1372 -30.07 43.26 -45.77
C THR G 1372 -29.83 41.77 -46.04
N ARG G 1373 -30.03 41.30 -47.26
CA ARG G 1373 -29.90 39.88 -47.62
C ARG G 1373 -28.46 39.45 -47.39
N ASN G 1374 -28.27 38.25 -46.84
CA ASN G 1374 -26.98 37.81 -46.26
C ASN G 1374 -26.80 36.30 -46.42
N GLY G 1375 -27.28 35.73 -47.52
CA GLY G 1375 -27.08 34.30 -47.80
C GLY G 1375 -28.40 33.60 -47.95
N PHE G 1376 -28.37 32.40 -48.54
CA PHE G 1376 -29.56 31.66 -48.98
C PHE G 1376 -30.02 30.68 -47.89
N MET G 1377 -31.22 30.16 -48.07
CA MET G 1377 -31.86 29.24 -47.12
C MET G 1377 -31.90 27.85 -47.72
N GLU G 1378 -31.13 26.91 -47.21
CA GLU G 1378 -31.09 25.54 -47.75
C GLU G 1378 -32.48 24.92 -47.55
N ALA G 1379 -33.01 24.24 -48.56
CA ALA G 1379 -34.29 23.50 -48.54
C ALA G 1379 -34.13 22.13 -49.20
N GLN G 1380 -35.21 21.35 -49.22
CA GLN G 1380 -35.19 19.99 -49.78
C GLN G 1380 -36.49 19.76 -50.54
N GLY G 1381 -36.50 18.76 -51.43
CA GLY G 1381 -37.71 18.27 -52.11
C GLY G 1381 -37.44 18.04 -53.58
N ALA G 1382 -38.50 17.89 -54.38
CA ALA G 1382 -38.39 17.60 -55.82
C ALA G 1382 -39.44 18.39 -56.57
N GLY G 1383 -39.13 18.71 -57.82
CA GLY G 1383 -40.13 19.16 -58.80
C GLY G 1383 -40.16 18.26 -60.01
N ILE G 1384 -41.32 18.01 -60.56
CA ILE G 1384 -41.42 17.23 -61.81
C ILE G 1384 -42.41 17.90 -62.73
N GLN G 1385 -42.09 17.93 -64.01
CA GLN G 1385 -42.97 18.35 -65.12
C GLN G 1385 -43.05 17.20 -66.12
N ILE G 1386 -44.20 17.04 -66.74
CA ILE G 1386 -44.29 16.15 -67.92
C ILE G 1386 -44.36 17.06 -69.15
N ILE G 1387 -43.50 16.82 -70.16
CA ILE G 1387 -43.52 17.60 -71.42
C ILE G 1387 -43.74 16.66 -72.61
N MET G 1388 -44.47 17.11 -73.60
CA MET G 1388 -44.81 16.31 -74.80
C MET G 1388 -44.73 17.21 -76.03
N GLN G 1389 -44.72 16.58 -77.20
CA GLN G 1389 -45.18 17.22 -78.45
C GLN G 1389 -46.62 17.74 -78.24
N ALA G 1390 -46.95 18.93 -78.74
CA ALA G 1390 -48.33 19.50 -78.63
C ALA G 1390 -49.29 18.63 -79.45
N ASP G 1391 -48.80 18.08 -80.55
CA ASP G 1391 -49.50 17.14 -81.46
C ASP G 1391 -50.03 15.99 -80.63
N LEU G 1392 -49.17 15.40 -79.83
CA LEU G 1392 -49.49 14.23 -78.97
C LEU G 1392 -50.46 14.67 -77.88
N ALA G 1393 -50.24 15.84 -77.32
CA ALA G 1393 -51.04 16.36 -76.19
C ALA G 1393 -52.49 16.53 -76.63
N LEU G 1394 -52.71 16.98 -77.86
CA LEU G 1394 -54.07 17.28 -78.39
C LEU G 1394 -54.76 15.97 -78.76
N LYS G 1395 -53.99 14.99 -79.24
CA LYS G 1395 -54.48 13.62 -79.52
C LYS G 1395 -54.90 12.93 -78.21
N MET G 1396 -54.09 12.99 -77.16
CA MET G 1396 -54.37 12.30 -75.87
C MET G 1396 -55.46 13.05 -75.11
N GLY G 1397 -55.76 14.28 -75.49
CA GLY G 1397 -56.56 15.15 -74.63
C GLY G 1397 -56.05 15.17 -73.20
N VAL G 1398 -54.76 15.46 -73.02
CA VAL G 1398 -54.18 15.86 -71.70
C VAL G 1398 -54.27 17.36 -71.59
N PRO G 1399 -54.37 17.90 -70.36
CA PRO G 1399 -54.38 19.35 -70.19
C PRO G 1399 -53.01 19.86 -70.59
N ILE G 1400 -52.94 21.14 -70.92
CA ILE G 1400 -51.73 21.80 -71.47
C ILE G 1400 -51.61 23.06 -70.66
N TYR G 1401 -50.58 23.14 -69.81
CA TYR G 1401 -50.51 24.18 -68.75
C TYR G 1401 -49.75 25.38 -69.28
N GLY G 1402 -48.84 25.12 -70.23
CA GLY G 1402 -48.11 26.15 -70.98
C GLY G 1402 -47.34 25.58 -72.15
N ILE G 1403 -46.75 26.45 -72.94
CA ILE G 1403 -45.82 26.12 -74.04
C ILE G 1403 -44.40 26.47 -73.63
N VAL G 1404 -43.46 25.54 -73.68
CA VAL G 1404 -42.02 25.81 -73.42
C VAL G 1404 -41.45 26.33 -74.72
N ALA G 1405 -41.44 27.65 -74.85
CA ALA G 1405 -41.13 28.34 -76.10
C ALA G 1405 -39.63 28.23 -76.29
N MET G 1406 -38.86 28.59 -75.26
CA MET G 1406 -37.37 28.56 -75.26
C MET G 1406 -36.89 27.86 -73.99
N ALA G 1407 -35.71 27.24 -74.06
CA ALA G 1407 -34.93 26.74 -72.91
C ALA G 1407 -33.44 26.63 -73.28
N ALA G 1408 -32.56 27.17 -72.46
CA ALA G 1408 -31.13 27.41 -72.78
C ALA G 1408 -30.27 27.27 -71.53
N THR G 1409 -28.99 27.02 -71.76
CA THR G 1409 -27.91 26.91 -70.76
C THR G 1409 -26.68 27.63 -71.33
N ALA G 1410 -25.91 28.26 -70.47
CA ALA G 1410 -24.72 29.03 -70.85
C ALA G 1410 -23.74 29.03 -69.69
N THR G 1411 -22.49 28.68 -69.99
CA THR G 1411 -21.29 28.94 -69.16
C THR G 1411 -21.01 30.44 -69.14
N ASP G 1412 -20.08 30.87 -68.28
CA ASP G 1412 -19.59 32.27 -68.18
C ASP G 1412 -18.20 32.29 -68.81
N LYS G 1413 -17.17 32.79 -68.14
CA LYS G 1413 -15.84 33.08 -68.75
C LYS G 1413 -14.71 32.57 -67.85
N ILE G 1414 -13.47 32.78 -68.31
CA ILE G 1414 -12.22 32.62 -67.49
C ILE G 1414 -12.44 33.26 -66.12
N GLY G 1415 -12.11 32.51 -65.08
CA GLY G 1415 -12.19 32.94 -63.68
C GLY G 1415 -11.52 31.91 -62.78
N ARG G 1416 -11.47 32.18 -61.47
CA ARG G 1416 -10.86 31.26 -60.47
C ARG G 1416 -11.81 31.06 -59.29
N SER G 1417 -13.13 31.11 -59.55
CA SER G 1417 -14.22 31.08 -58.53
C SER G 1417 -15.44 30.34 -59.07
N VAL G 1418 -15.60 29.07 -58.70
CA VAL G 1418 -16.67 28.14 -59.15
C VAL G 1418 -18.04 28.63 -58.67
N PRO G 1419 -18.20 29.18 -57.44
CA PRO G 1419 -19.52 29.63 -56.98
C PRO G 1419 -19.95 31.06 -57.35
N ALA G 1420 -19.14 31.83 -58.09
CA ALA G 1420 -19.45 33.20 -58.57
C ALA G 1420 -20.41 33.12 -59.75
N PRO G 1421 -21.62 33.75 -59.68
CA PRO G 1421 -22.53 33.74 -60.83
C PRO G 1421 -21.98 34.69 -61.91
N GLY G 1422 -22.42 34.51 -63.17
CA GLY G 1422 -21.97 35.34 -64.30
C GLY G 1422 -23.11 35.66 -65.26
N LYS G 1423 -22.78 36.05 -66.49
CA LYS G 1423 -23.72 36.72 -67.44
C LYS G 1423 -23.85 35.93 -68.74
N GLY G 1424 -23.28 34.72 -68.85
CA GLY G 1424 -23.27 33.94 -70.09
C GLY G 1424 -24.67 33.68 -70.66
N ILE G 1425 -25.71 33.81 -69.84
CA ILE G 1425 -27.11 33.59 -70.30
C ILE G 1425 -27.63 34.81 -71.08
N LEU G 1426 -26.95 35.97 -71.05
CA LEU G 1426 -27.19 37.14 -71.95
C LEU G 1426 -27.22 36.75 -73.43
N THR G 1427 -26.50 35.70 -73.83
CA THR G 1427 -26.39 35.21 -75.22
C THR G 1427 -27.75 34.69 -75.75
N THR G 1428 -28.81 34.72 -74.95
CA THR G 1428 -30.18 34.36 -75.40
C THR G 1428 -30.83 35.59 -76.05
N ALA G 1429 -30.29 36.77 -75.82
CA ALA G 1429 -30.75 38.03 -76.39
C ALA G 1429 -29.77 38.49 -77.47
N ARG G 1430 -28.88 37.62 -77.93
CA ARG G 1430 -27.84 38.05 -78.87
C ARG G 1430 -28.55 38.36 -80.16
N GLU G 1431 -28.51 39.61 -80.59
CA GLU G 1431 -28.80 39.88 -82.02
C GLU G 1431 -27.93 41.01 -82.56
N HIS G 1432 -27.94 41.09 -83.88
CA HIS G 1432 -27.17 42.03 -84.73
C HIS G 1432 -28.02 43.25 -85.07
N HIS G 1433 -27.49 44.45 -84.84
CA HIS G 1433 -28.19 45.76 -84.95
C HIS G 1433 -27.35 46.75 -85.78
N SER G 1434 -26.48 46.28 -86.67
CA SER G 1434 -25.71 47.12 -87.62
C SER G 1434 -26.70 47.69 -88.65
N SER G 1435 -27.47 46.79 -89.28
CA SER G 1435 -28.39 47.04 -90.42
C SER G 1435 -29.85 46.97 -89.95
N VAL G 1436 -30.32 48.02 -89.27
CA VAL G 1436 -31.57 48.06 -88.43
C VAL G 1436 -32.48 49.23 -88.87
N LYS G 1437 -32.32 49.70 -90.11
CA LYS G 1437 -33.04 50.89 -90.65
C LYS G 1437 -34.43 50.45 -91.12
N TYR G 1438 -34.50 49.41 -91.95
CA TYR G 1438 -35.74 48.82 -92.51
C TYR G 1438 -36.07 47.51 -91.78
N ALA G 1439 -37.35 47.10 -91.84
CA ALA G 1439 -37.90 45.90 -91.17
C ALA G 1439 -37.39 44.63 -91.85
N SER G 1440 -37.25 43.56 -91.05
CA SER G 1440 -37.10 42.14 -91.51
C SER G 1440 -38.49 41.62 -91.88
N PRO G 1441 -38.73 41.14 -93.13
CA PRO G 1441 -40.03 40.59 -93.48
C PRO G 1441 -40.24 39.21 -92.82
N ASN G 1442 -39.16 38.54 -92.42
CA ASN G 1442 -39.11 37.23 -91.73
C ASN G 1442 -39.81 37.32 -90.36
N LEU G 1443 -39.81 38.49 -89.68
CA LEU G 1443 -40.48 38.67 -88.36
C LEU G 1443 -42.00 38.75 -88.53
N ASN G 1444 -42.47 39.34 -89.64
CA ASN G 1444 -43.92 39.51 -89.96
C ASN G 1444 -44.52 38.15 -90.32
N MET G 1445 -45.50 37.68 -89.55
CA MET G 1445 -46.12 36.34 -89.68
C MET G 1445 -46.87 36.23 -91.00
N LYS G 1446 -47.49 37.32 -91.46
CA LYS G 1446 -48.27 37.34 -92.73
C LYS G 1446 -47.40 36.84 -93.88
N TYR G 1447 -46.25 37.48 -94.08
CA TYR G 1447 -45.21 37.09 -95.07
C TYR G 1447 -44.96 35.59 -94.95
N ARG G 1448 -44.61 35.14 -93.74
CA ARG G 1448 -44.18 33.74 -93.47
C ARG G 1448 -45.29 32.77 -93.87
N LYS G 1449 -46.56 33.17 -93.77
CA LYS G 1449 -47.72 32.29 -94.09
C LYS G 1449 -47.87 32.23 -95.60
N ARG G 1450 -47.79 33.38 -96.28
CA ARG G 1450 -47.84 33.47 -97.76
C ARG G 1450 -46.79 32.52 -98.35
N GLN G 1451 -45.59 32.47 -97.79
CA GLN G 1451 -44.50 31.60 -98.29
C GLN G 1451 -44.88 30.14 -98.13
N LEU G 1452 -45.52 29.79 -97.01
CA LEU G 1452 -45.96 28.40 -96.71
C LEU G 1452 -47.06 28.00 -97.67
N VAL G 1453 -48.05 28.87 -97.89
CA VAL G 1453 -49.22 28.63 -98.80
C VAL G 1453 -48.69 28.22 -100.18
N THR G 1454 -47.74 29.01 -100.71
CA THR G 1454 -46.98 28.72 -101.97
C THR G 1454 -46.39 27.31 -101.88
N ARG G 1455 -45.58 27.06 -100.86
CA ARG G 1455 -44.81 25.80 -100.70
C ARG G 1455 -45.76 24.60 -100.60
N GLU G 1456 -46.96 24.76 -100.03
CA GLU G 1456 -47.98 23.68 -99.90
C GLU G 1456 -48.50 23.32 -101.28
N ALA G 1457 -48.73 24.32 -102.14
CA ALA G 1457 -49.13 24.15 -103.56
C ALA G 1457 -48.10 23.27 -104.29
N GLN G 1458 -46.81 23.59 -104.14
CA GLN G 1458 -45.69 22.83 -104.75
C GLN G 1458 -45.76 21.35 -104.30
N ILE G 1459 -46.18 21.06 -103.08
CA ILE G 1459 -46.24 19.66 -102.54
C ILE G 1459 -47.47 18.95 -103.12
N LYS G 1460 -48.64 19.58 -103.04
CA LYS G 1460 -49.88 19.20 -103.78
C LYS G 1460 -49.50 18.71 -105.19
N ASP G 1461 -48.80 19.54 -105.99
CA ASP G 1461 -48.26 19.17 -107.34
C ASP G 1461 -47.38 17.93 -107.21
N TRP G 1462 -46.39 17.98 -106.32
CA TRP G 1462 -45.41 16.89 -106.12
C TRP G 1462 -46.11 15.54 -105.93
N VAL G 1463 -47.29 15.47 -105.32
CA VAL G 1463 -47.98 14.19 -104.99
C VAL G 1463 -48.79 13.70 -106.20
N GLU G 1464 -49.46 14.58 -106.95
CA GLU G 1464 -50.05 14.22 -108.27
C GLU G 1464 -48.98 13.45 -109.06
N ASN G 1465 -47.80 14.07 -109.21
CA ASN G 1465 -46.71 13.65 -110.14
C ASN G 1465 -46.02 12.37 -109.65
N GLU G 1466 -46.20 11.97 -108.38
CA GLU G 1466 -45.63 10.72 -107.80
C GLU G 1466 -46.69 9.60 -107.75
N LEU G 1467 -47.99 9.91 -107.93
CA LEU G 1467 -49.10 8.93 -108.12
C LEU G 1467 -49.24 8.63 -109.62
N GLU G 1468 -49.06 9.66 -110.46
CA GLU G 1468 -48.90 9.56 -111.93
C GLU G 1468 -47.84 8.49 -112.26
N ALA G 1469 -46.66 8.60 -111.65
CA ALA G 1469 -45.46 7.75 -111.91
C ALA G 1469 -45.60 6.37 -111.26
N LEU G 1470 -46.41 6.23 -110.19
CA LEU G 1470 -46.70 4.93 -109.51
C LEU G 1470 -47.70 4.10 -110.33
N LYS G 1471 -48.63 4.75 -111.04
CA LYS G 1471 -49.64 4.11 -111.93
C LYS G 1471 -48.94 3.56 -113.20
N LEU G 1472 -47.74 4.08 -113.57
CA LEU G 1472 -46.86 3.59 -114.68
C LEU G 1472 -45.79 2.60 -114.18
N GLU G 1473 -45.87 2.14 -112.92
CA GLU G 1473 -45.05 1.01 -112.38
C GLU G 1473 -45.96 -0.19 -112.05
N ALA G 1474 -47.26 0.03 -111.79
CA ALA G 1474 -48.27 -1.01 -111.45
C ALA G 1474 -48.57 -1.90 -112.67
N GLU G 1475 -48.62 -1.29 -113.86
CA GLU G 1475 -48.91 -1.93 -115.18
C GLU G 1475 -47.92 -3.09 -115.45
N GLU G 1476 -46.62 -2.86 -115.20
CA GLU G 1476 -45.49 -3.83 -115.45
C GLU G 1476 -45.61 -5.06 -114.52
N ILE G 1477 -46.29 -4.92 -113.37
CA ILE G 1477 -46.53 -6.01 -112.36
C ILE G 1477 -47.79 -6.79 -112.76
N PRO G 1478 -47.82 -8.15 -112.58
CA PRO G 1478 -49.04 -8.93 -112.76
C PRO G 1478 -50.18 -8.44 -111.86
N SER G 1479 -51.42 -8.39 -112.41
CA SER G 1479 -52.62 -7.75 -111.78
C SER G 1479 -53.15 -8.53 -110.55
N GLU G 1480 -52.53 -9.67 -110.18
CA GLU G 1480 -52.85 -10.50 -108.98
C GLU G 1480 -52.28 -9.84 -107.71
N ASP G 1481 -51.01 -9.38 -107.75
CA ASP G 1481 -50.17 -8.95 -106.59
C ASP G 1481 -49.72 -7.48 -106.74
N GLN G 1482 -50.43 -6.68 -107.56
CA GLN G 1482 -50.19 -5.22 -107.72
C GLN G 1482 -51.00 -4.47 -106.66
N ASN G 1483 -51.90 -5.15 -105.94
CA ASN G 1483 -52.60 -4.58 -104.75
C ASN G 1483 -51.55 -4.35 -103.64
N GLU G 1484 -50.64 -5.31 -103.42
CA GLU G 1484 -49.64 -5.24 -102.31
C GLU G 1484 -48.53 -4.24 -102.64
N PHE G 1485 -48.08 -4.16 -103.89
CA PHE G 1485 -47.15 -3.12 -104.40
C PHE G 1485 -47.71 -1.71 -104.13
N LEU G 1486 -49.01 -1.50 -104.37
CA LEU G 1486 -49.69 -0.18 -104.27
C LEU G 1486 -49.90 0.21 -102.80
N LEU G 1487 -50.26 -0.73 -101.92
CA LEU G 1487 -50.46 -0.46 -100.46
C LEU G 1487 -49.14 0.00 -99.84
N GLU G 1488 -48.02 -0.64 -100.23
CA GLU G 1488 -46.65 -0.32 -99.77
C GLU G 1488 -46.18 1.04 -100.31
N ARG G 1489 -46.59 1.43 -101.53
CA ARG G 1489 -46.04 2.63 -102.22
C ARG G 1489 -46.99 3.85 -102.16
N THR G 1490 -48.29 3.67 -101.91
CA THR G 1490 -49.21 4.80 -101.58
C THR G 1490 -48.97 5.24 -100.13
N ARG G 1491 -48.42 4.32 -99.32
CA ARG G 1491 -48.05 4.51 -97.88
C ARG G 1491 -46.72 5.26 -97.78
N GLU G 1492 -45.77 4.98 -98.69
CA GLU G 1492 -44.48 5.71 -98.81
C GLU G 1492 -44.77 7.17 -99.22
N ILE G 1493 -45.63 7.40 -100.22
CA ILE G 1493 -45.93 8.76 -100.78
C ILE G 1493 -46.75 9.58 -99.77
N HIS G 1494 -47.57 8.92 -98.94
CA HIS G 1494 -48.27 9.58 -97.81
C HIS G 1494 -47.20 10.24 -96.93
N ASN G 1495 -46.35 9.42 -96.31
CA ASN G 1495 -45.20 9.82 -95.44
C ASN G 1495 -44.37 10.93 -96.10
N GLU G 1496 -43.89 10.74 -97.34
CA GLU G 1496 -42.92 11.65 -98.02
C GLU G 1496 -43.56 13.01 -98.33
N ALA G 1497 -44.90 13.11 -98.27
CA ALA G 1497 -45.67 14.36 -98.46
C ALA G 1497 -45.91 15.01 -97.10
N GLU G 1498 -46.19 14.20 -96.06
CA GLU G 1498 -46.32 14.67 -94.66
C GLU G 1498 -44.98 15.29 -94.26
N SER G 1499 -43.90 14.53 -94.41
CA SER G 1499 -42.51 14.92 -94.13
C SER G 1499 -42.19 16.28 -94.78
N GLN G 1500 -42.70 16.55 -95.99
CA GLN G 1500 -42.46 17.81 -96.73
C GLN G 1500 -43.34 18.95 -96.21
N LEU G 1501 -44.57 18.64 -95.81
CA LEU G 1501 -45.53 19.64 -95.28
C LEU G 1501 -45.02 20.14 -93.92
N ARG G 1502 -44.45 19.24 -93.10
CA ARG G 1502 -43.92 19.57 -91.74
C ARG G 1502 -42.63 20.36 -91.91
N ALA G 1503 -41.74 19.93 -92.80
CA ALA G 1503 -40.45 20.59 -93.10
C ALA G 1503 -40.71 22.05 -93.48
N ALA G 1504 -41.84 22.32 -94.12
CA ALA G 1504 -42.24 23.63 -94.63
C ALA G 1504 -42.77 24.46 -93.48
N GLN G 1505 -43.52 23.81 -92.58
CA GLN G 1505 -44.09 24.43 -91.35
C GLN G 1505 -42.93 24.81 -90.41
N GLN G 1506 -42.01 23.88 -90.18
CA GLN G 1506 -40.76 24.13 -89.45
C GLN G 1506 -39.96 25.26 -90.10
N GLN G 1507 -39.95 25.39 -91.43
CA GLN G 1507 -39.12 26.42 -92.14
C GLN G 1507 -39.69 27.82 -91.90
N TRP G 1508 -41.00 27.96 -91.76
CA TRP G 1508 -41.73 29.26 -91.78
C TRP G 1508 -42.51 29.52 -90.49
N GLY G 1509 -42.75 28.52 -89.65
CA GLY G 1509 -43.59 28.63 -88.43
C GLY G 1509 -42.78 28.54 -87.16
N ASN G 1510 -41.96 27.50 -87.01
CA ASN G 1510 -41.22 27.16 -85.77
C ASN G 1510 -39.78 27.66 -85.80
N ASP G 1511 -39.03 27.38 -86.87
CA ASP G 1511 -37.56 27.63 -86.98
C ASP G 1511 -37.27 28.70 -88.05
N PHE G 1512 -38.01 29.81 -88.04
CA PHE G 1512 -37.84 30.87 -89.07
C PHE G 1512 -36.67 31.79 -88.72
N TYR G 1513 -36.10 31.68 -87.52
CA TYR G 1513 -35.16 32.68 -86.96
C TYR G 1513 -33.80 32.04 -86.68
N LYS G 1514 -33.62 30.76 -86.96
CA LYS G 1514 -32.44 30.00 -86.48
C LYS G 1514 -31.20 30.30 -87.33
N ARG G 1515 -31.38 30.85 -88.54
CA ARG G 1515 -30.28 31.30 -89.43
C ARG G 1515 -30.19 32.83 -89.52
N ASP G 1516 -31.14 33.58 -88.93
CA ASP G 1516 -31.16 35.06 -88.95
C ASP G 1516 -30.39 35.59 -87.73
N PRO G 1517 -29.23 36.26 -87.90
CA PRO G 1517 -28.59 36.97 -86.80
C PRO G 1517 -29.22 38.32 -86.42
N ARG G 1518 -30.26 38.77 -87.13
CA ARG G 1518 -31.05 39.98 -86.75
C ARG G 1518 -32.22 39.60 -85.84
N ILE G 1519 -32.33 38.34 -85.42
CA ILE G 1519 -33.37 37.85 -84.47
C ILE G 1519 -32.70 37.04 -83.37
N ALA G 1520 -32.80 37.55 -82.14
CA ALA G 1520 -32.40 36.88 -80.89
C ALA G 1520 -33.23 35.65 -80.70
N PRO G 1521 -32.67 34.57 -80.14
CA PRO G 1521 -33.43 33.41 -79.71
C PRO G 1521 -34.68 33.74 -78.87
N LEU G 1522 -34.53 34.65 -77.93
CA LEU G 1522 -35.59 35.04 -76.97
C LEU G 1522 -36.72 35.72 -77.74
N ARG G 1523 -36.41 36.48 -78.79
CA ARG G 1523 -37.38 37.29 -79.54
C ARG G 1523 -38.14 36.37 -80.50
N GLY G 1524 -37.39 35.51 -81.21
CA GLY G 1524 -37.95 34.52 -82.14
C GLY G 1524 -38.90 33.59 -81.42
N ALA G 1525 -38.45 32.99 -80.33
CA ALA G 1525 -39.22 32.13 -79.42
C ALA G 1525 -40.62 32.69 -79.24
N LEU G 1526 -40.70 33.96 -78.89
CA LEU G 1526 -41.98 34.61 -78.58
C LEU G 1526 -42.69 34.96 -79.89
N ALA G 1527 -41.94 35.32 -80.94
CA ALA G 1527 -42.49 35.82 -82.24
C ALA G 1527 -43.24 34.73 -83.00
N THR G 1528 -42.99 33.46 -82.70
CA THR G 1528 -43.69 32.33 -83.33
C THR G 1528 -45.16 32.27 -82.94
N TYR G 1529 -45.63 33.00 -81.93
CA TYR G 1529 -47.05 33.07 -81.51
C TYR G 1529 -47.53 34.51 -81.76
N GLY G 1530 -46.76 35.29 -82.47
CA GLY G 1530 -47.02 36.73 -82.64
C GLY G 1530 -46.98 37.51 -81.33
N LEU G 1531 -46.15 37.11 -80.36
CA LEU G 1531 -45.86 37.94 -79.16
C LEU G 1531 -44.60 38.77 -79.41
N THR G 1532 -44.59 39.98 -78.86
CA THR G 1532 -43.44 40.90 -78.81
C THR G 1532 -42.64 40.63 -77.53
N ILE G 1533 -41.50 41.29 -77.40
CA ILE G 1533 -40.68 41.25 -76.17
C ILE G 1533 -41.49 41.89 -75.04
N ASP G 1534 -42.45 42.76 -75.35
CA ASP G 1534 -43.29 43.51 -74.36
C ASP G 1534 -44.39 42.65 -73.74
N ASP G 1535 -44.49 41.37 -74.08
CA ASP G 1535 -45.53 40.46 -73.54
C ASP G 1535 -44.90 39.45 -72.58
N LEU G 1536 -43.60 39.56 -72.33
CA LEU G 1536 -42.88 38.73 -71.33
C LEU G 1536 -43.11 39.38 -69.97
N GLY G 1537 -44.25 39.11 -69.35
CA GLY G 1537 -44.80 39.94 -68.26
C GLY G 1537 -44.14 39.76 -66.90
N VAL G 1538 -43.64 38.58 -66.61
CA VAL G 1538 -43.18 38.21 -65.26
C VAL G 1538 -41.83 37.50 -65.41
N ALA G 1539 -40.92 37.72 -64.47
CA ALA G 1539 -39.62 37.03 -64.47
C ALA G 1539 -39.45 36.40 -63.08
N SER G 1540 -39.60 35.08 -63.01
CA SER G 1540 -39.27 34.24 -61.85
C SER G 1540 -37.76 34.24 -61.81
N PHE G 1541 -37.21 34.89 -60.78
CA PHE G 1541 -35.77 35.08 -60.51
C PHE G 1541 -35.28 33.99 -59.56
N HIS G 1542 -34.12 33.42 -59.84
CA HIS G 1542 -33.36 32.49 -58.97
C HIS G 1542 -33.35 33.06 -57.56
N GLY G 1543 -32.96 34.34 -57.40
CA GLY G 1543 -33.25 35.16 -56.22
C GLY G 1543 -33.01 34.41 -54.91
N THR G 1544 -31.76 34.10 -54.62
CA THR G 1544 -31.37 33.14 -53.58
C THR G 1544 -31.34 33.83 -52.21
N SER G 1545 -31.25 35.15 -52.16
CA SER G 1545 -31.10 36.00 -50.94
C SER G 1545 -29.60 36.11 -50.65
N THR G 1546 -28.79 36.04 -51.69
CA THR G 1546 -27.34 36.28 -51.64
C THR G 1546 -27.10 37.67 -52.20
N LYS G 1547 -25.99 38.29 -51.76
CA LYS G 1547 -25.50 39.61 -52.20
C LYS G 1547 -25.30 39.59 -53.73
N ALA G 1548 -24.47 38.65 -54.21
CA ALA G 1548 -23.99 38.60 -55.61
C ALA G 1548 -25.12 38.22 -56.57
N ASN G 1549 -25.82 37.13 -56.32
CA ASN G 1549 -26.85 36.54 -57.23
C ASN G 1549 -27.95 37.53 -57.63
N ASP G 1550 -28.46 38.32 -56.69
CA ASP G 1550 -29.74 39.07 -56.81
C ASP G 1550 -29.49 40.42 -57.47
N LYS G 1551 -28.24 40.86 -57.53
CA LYS G 1551 -27.78 41.98 -58.38
C LYS G 1551 -27.39 41.45 -59.77
N ASN G 1552 -26.60 40.38 -59.83
CA ASN G 1552 -26.16 39.78 -61.11
C ASN G 1552 -27.39 39.36 -61.91
N GLU G 1553 -28.47 38.91 -61.30
CA GLU G 1553 -29.65 38.40 -62.06
C GLU G 1553 -30.47 39.55 -62.62
N SER G 1554 -30.81 40.50 -61.76
CA SER G 1554 -31.45 41.80 -62.07
C SER G 1554 -30.71 42.49 -63.20
N ALA G 1555 -29.39 42.54 -63.13
CA ALA G 1555 -28.52 43.16 -64.14
C ALA G 1555 -28.64 42.43 -65.50
N THR G 1556 -28.72 41.09 -65.55
CA THR G 1556 -28.77 40.39 -66.88
C THR G 1556 -30.17 40.53 -67.44
N ILE G 1557 -31.22 40.43 -66.64
CA ILE G 1557 -32.61 40.64 -67.10
C ILE G 1557 -32.73 42.05 -67.68
N ASN G 1558 -32.07 43.01 -67.08
CA ASN G 1558 -32.22 44.41 -67.45
C ASN G 1558 -31.49 44.64 -68.76
N GLU G 1559 -30.44 43.85 -69.03
CA GLU G 1559 -29.62 44.04 -70.24
C GLU G 1559 -30.21 43.24 -71.41
N MET G 1560 -30.86 42.09 -71.19
CA MET G 1560 -31.68 41.42 -72.24
C MET G 1560 -32.75 42.38 -72.72
N MET G 1561 -33.46 43.00 -71.78
CA MET G 1561 -34.68 43.79 -72.02
C MET G 1561 -34.28 45.09 -72.70
N LYS G 1562 -33.06 45.57 -72.46
CA LYS G 1562 -32.59 46.85 -73.05
C LYS G 1562 -32.25 46.64 -74.51
N HIS G 1563 -31.60 45.51 -74.80
CA HIS G 1563 -31.05 45.13 -76.12
C HIS G 1563 -32.16 44.72 -77.05
N LEU G 1564 -33.33 44.30 -76.55
CA LEU G 1564 -34.48 43.89 -77.40
C LEU G 1564 -35.54 44.99 -77.41
N GLY G 1565 -35.19 46.20 -77.01
CA GLY G 1565 -36.13 47.33 -77.12
C GLY G 1565 -37.50 47.02 -76.56
N ARG G 1566 -37.55 46.38 -75.38
CA ARG G 1566 -38.59 46.62 -74.35
C ARG G 1566 -39.01 48.08 -74.40
N SER G 1567 -40.29 48.37 -74.25
CA SER G 1567 -40.74 49.77 -74.10
C SER G 1567 -40.21 50.29 -72.77
N GLU G 1568 -39.58 51.46 -72.79
CA GLU G 1568 -39.27 52.24 -71.58
C GLU G 1568 -40.59 52.45 -70.85
N GLY G 1569 -40.66 52.07 -69.58
CA GLY G 1569 -41.87 52.13 -68.75
C GLY G 1569 -42.65 50.83 -68.71
N ASN G 1570 -42.10 49.72 -69.21
CA ASN G 1570 -42.76 48.38 -69.20
C ASN G 1570 -41.84 47.38 -68.53
N PRO G 1571 -41.63 47.49 -67.22
CA PRO G 1571 -40.67 46.61 -66.58
C PRO G 1571 -41.33 45.24 -66.43
N VAL G 1572 -40.55 44.17 -66.55
CA VAL G 1572 -40.97 42.82 -66.10
C VAL G 1572 -41.15 42.87 -64.59
N ILE G 1573 -42.12 42.11 -64.09
CA ILE G 1573 -42.38 41.98 -62.65
C ILE G 1573 -41.60 40.77 -62.18
N GLY G 1574 -40.73 40.97 -61.20
CA GLY G 1574 -39.98 39.88 -60.55
C GLY G 1574 -40.91 39.08 -59.65
N VAL G 1575 -40.67 37.78 -59.53
CA VAL G 1575 -41.22 36.94 -58.43
C VAL G 1575 -40.05 36.16 -57.82
N PHE G 1576 -40.06 36.04 -56.49
CA PHE G 1576 -38.90 35.56 -55.72
C PHE G 1576 -39.39 34.47 -54.78
N GLN G 1577 -39.87 33.37 -55.35
CA GLN G 1577 -40.64 32.32 -54.63
C GLN G 1577 -39.78 31.69 -53.51
N LYS G 1578 -38.47 31.81 -53.59
CA LYS G 1578 -37.54 31.25 -52.59
C LYS G 1578 -37.72 31.95 -51.25
N PHE G 1579 -38.44 33.06 -51.18
CA PHE G 1579 -38.68 33.76 -49.88
C PHE G 1579 -39.46 32.82 -48.95
N LEU G 1580 -40.24 31.94 -49.59
CA LEU G 1580 -41.30 31.14 -48.96
C LEU G 1580 -40.78 29.72 -48.79
N THR G 1581 -40.05 29.20 -49.77
CA THR G 1581 -39.65 27.77 -49.86
C THR G 1581 -38.20 27.55 -49.46
N GLY G 1582 -37.35 28.57 -49.56
CA GLY G 1582 -35.90 28.39 -49.48
C GLY G 1582 -35.37 27.75 -50.76
N HIS G 1583 -34.07 27.61 -50.85
CA HIS G 1583 -33.33 27.19 -52.06
C HIS G 1583 -33.04 25.70 -52.01
N PRO G 1584 -33.72 24.86 -52.81
CA PRO G 1584 -33.51 23.41 -52.79
C PRO G 1584 -32.53 22.90 -53.85
N LYS G 1585 -31.41 23.58 -53.88
CA LYS G 1585 -30.45 23.71 -54.99
C LYS G 1585 -30.96 22.97 -56.23
N GLY G 1586 -30.76 21.67 -56.42
CA GLY G 1586 -31.16 21.03 -57.70
C GLY G 1586 -32.62 21.19 -58.11
N ALA G 1587 -33.56 21.34 -57.16
CA ALA G 1587 -35.01 21.42 -57.42
C ALA G 1587 -35.44 22.86 -57.69
N ALA G 1588 -34.51 23.80 -57.66
CA ALA G 1588 -34.84 25.24 -57.51
C ALA G 1588 -35.73 25.66 -58.67
N GLY G 1589 -35.33 25.29 -59.89
CA GLY G 1589 -35.91 25.73 -61.16
C GLY G 1589 -37.19 24.98 -61.50
N ALA G 1590 -37.35 23.75 -61.03
CA ALA G 1590 -38.63 23.00 -61.12
C ALA G 1590 -39.70 23.71 -60.28
N TRP G 1591 -39.40 24.18 -59.08
CA TRP G 1591 -40.40 24.94 -58.28
C TRP G 1591 -40.71 26.28 -58.91
N MET G 1592 -39.71 26.93 -59.48
CA MET G 1592 -39.88 28.21 -60.19
C MET G 1592 -40.81 28.00 -61.39
N MET G 1593 -40.67 26.85 -62.07
CA MET G 1593 -41.45 26.46 -63.28
C MET G 1593 -42.91 26.09 -62.89
N ASN G 1594 -43.15 25.15 -61.98
CA ASN G 1594 -44.47 24.92 -61.37
C ASN G 1594 -45.10 26.29 -61.07
N GLY G 1595 -44.41 27.14 -60.32
CA GLY G 1595 -44.92 28.46 -59.89
C GLY G 1595 -45.35 29.33 -61.05
N ALA G 1596 -44.62 29.28 -62.15
CA ALA G 1596 -44.77 30.10 -63.38
C ALA G 1596 -45.99 29.66 -64.18
N LEU G 1597 -46.20 28.36 -64.28
CA LEU G 1597 -47.43 27.79 -64.92
C LEU G 1597 -48.66 28.15 -64.08
N GLN G 1598 -48.54 28.32 -62.76
CA GLN G 1598 -49.68 28.68 -61.88
C GLN G 1598 -49.98 30.16 -62.11
N ILE G 1599 -48.93 30.98 -62.23
CA ILE G 1599 -49.06 32.43 -62.55
C ILE G 1599 -49.75 32.51 -63.90
N LEU G 1600 -49.34 31.67 -64.86
CA LEU G 1600 -49.80 31.77 -66.27
C LEU G 1600 -51.31 31.57 -66.36
N ASN G 1601 -51.80 30.53 -65.69
CA ASN G 1601 -53.20 30.05 -65.79
C ASN G 1601 -54.10 30.72 -64.77
N SER G 1602 -53.65 31.70 -64.00
CA SER G 1602 -54.47 32.51 -63.06
C SER G 1602 -54.36 34.01 -63.34
N GLY G 1603 -53.20 34.45 -63.84
CA GLY G 1603 -52.79 35.87 -63.91
C GLY G 1603 -52.76 36.47 -62.53
N ILE G 1604 -52.32 35.68 -61.55
CA ILE G 1604 -52.02 36.14 -60.17
C ILE G 1604 -50.52 36.13 -60.06
N ILE G 1605 -49.91 37.26 -59.77
CA ILE G 1605 -48.44 37.37 -59.56
C ILE G 1605 -48.23 37.46 -58.06
N PRO G 1606 -47.70 36.43 -57.40
CA PRO G 1606 -47.42 36.52 -55.97
C PRO G 1606 -46.26 37.46 -55.67
N GLY G 1607 -46.37 38.19 -54.55
CA GLY G 1607 -45.36 39.15 -54.04
C GLY G 1607 -44.40 38.54 -53.02
N ASN G 1608 -43.10 38.82 -53.17
CA ASN G 1608 -42.06 38.61 -52.12
C ASN G 1608 -42.56 39.29 -50.87
N ARG G 1609 -43.22 38.57 -49.96
CA ARG G 1609 -43.75 39.13 -48.70
C ARG G 1609 -42.61 39.40 -47.71
N ASN G 1610 -41.35 39.12 -48.02
CA ASN G 1610 -40.21 39.46 -47.16
C ASN G 1610 -39.39 40.60 -47.76
N ALA G 1611 -39.85 41.18 -48.85
CA ALA G 1611 -39.23 42.39 -49.43
C ALA G 1611 -39.71 43.54 -48.57
N ASP G 1612 -39.01 43.74 -47.45
CA ASP G 1612 -39.16 44.88 -46.50
C ASP G 1612 -38.81 46.16 -47.25
N ASN G 1613 -37.63 46.16 -47.85
CA ASN G 1613 -36.91 47.34 -48.38
C ASN G 1613 -36.01 46.89 -49.54
N VAL G 1614 -36.30 47.39 -50.73
CA VAL G 1614 -35.62 46.90 -51.95
C VAL G 1614 -34.35 47.70 -52.10
N ASP G 1615 -33.26 47.00 -52.39
CA ASP G 1615 -31.88 47.51 -52.34
C ASP G 1615 -31.83 48.76 -53.22
N LYS G 1616 -31.40 49.89 -52.71
CA LYS G 1616 -31.25 51.13 -53.53
C LYS G 1616 -30.43 50.84 -54.78
N ILE G 1617 -29.56 49.82 -54.74
CA ILE G 1617 -28.65 49.47 -55.87
C ILE G 1617 -29.48 49.01 -57.05
N LEU G 1618 -30.70 48.53 -56.81
CA LEU G 1618 -31.58 47.92 -57.85
C LEU G 1618 -32.49 48.95 -58.52
N GLU G 1619 -32.40 50.24 -58.23
CA GLU G 1619 -33.24 51.27 -58.89
C GLU G 1619 -32.60 51.68 -60.22
N GLN G 1620 -31.33 51.31 -60.42
CA GLN G 1620 -30.61 51.56 -61.69
C GLN G 1620 -31.21 50.62 -62.76
N PHE G 1621 -31.91 49.59 -62.35
CA PHE G 1621 -32.56 48.62 -63.24
C PHE G 1621 -34.01 49.02 -63.46
N GLU G 1622 -34.18 50.00 -64.32
CA GLU G 1622 -35.45 50.58 -64.82
C GLU G 1622 -36.41 49.47 -65.29
N TYR G 1623 -35.92 48.37 -65.87
CA TYR G 1623 -36.77 47.34 -66.53
C TYR G 1623 -37.18 46.21 -65.57
N VAL G 1624 -36.99 46.34 -64.26
CA VAL G 1624 -37.49 45.33 -63.31
C VAL G 1624 -38.30 46.01 -62.24
N LEU G 1625 -39.43 45.42 -61.85
CA LEU G 1625 -40.24 45.83 -60.68
C LEU G 1625 -40.18 44.71 -59.63
N TYR G 1626 -40.08 45.09 -58.35
CA TYR G 1626 -39.93 44.16 -57.20
C TYR G 1626 -41.13 44.24 -56.26
N PRO G 1627 -42.29 43.63 -56.57
CA PRO G 1627 -43.48 43.75 -55.74
C PRO G 1627 -43.51 42.93 -54.44
N SER G 1628 -44.09 43.50 -53.38
CA SER G 1628 -44.20 42.93 -52.01
C SER G 1628 -45.59 42.40 -51.76
N LYS G 1629 -46.54 42.59 -52.68
CA LYS G 1629 -47.90 42.05 -52.54
C LYS G 1629 -48.38 41.34 -53.80
N THR G 1630 -49.42 40.54 -53.64
CA THR G 1630 -50.02 39.73 -54.73
C THR G 1630 -50.81 40.66 -55.62
N LEU G 1631 -50.59 40.55 -56.93
CA LEU G 1631 -51.19 41.38 -57.98
C LEU G 1631 -52.07 40.48 -58.82
N LYS G 1632 -53.37 40.73 -58.85
CA LYS G 1632 -54.30 39.90 -59.62
C LYS G 1632 -54.55 40.69 -60.90
N THR G 1633 -54.01 40.20 -62.02
CA THR G 1633 -53.96 40.87 -63.33
C THR G 1633 -55.08 40.39 -64.26
N ASP G 1634 -55.25 41.09 -65.38
CA ASP G 1634 -56.17 40.76 -66.51
C ASP G 1634 -55.57 39.65 -67.38
N GLY G 1635 -54.32 39.26 -67.16
CA GLY G 1635 -53.70 38.07 -67.72
C GLY G 1635 -52.19 38.21 -67.89
N VAL G 1636 -51.49 37.08 -67.93
CA VAL G 1636 -50.02 36.98 -68.16
C VAL G 1636 -49.85 36.09 -69.39
N ARG G 1637 -49.11 36.55 -70.39
CA ARG G 1637 -48.95 35.88 -71.69
C ARG G 1637 -47.70 35.01 -71.67
N ALA G 1638 -46.69 35.38 -70.85
CA ALA G 1638 -45.37 34.72 -70.87
C ALA G 1638 -44.54 35.02 -69.62
N VAL G 1639 -43.73 34.06 -69.19
CA VAL G 1639 -42.94 34.11 -67.93
C VAL G 1639 -41.53 33.62 -68.23
N SER G 1640 -40.52 34.39 -67.86
CA SER G 1640 -39.10 33.96 -67.86
C SER G 1640 -38.82 33.21 -66.55
N ILE G 1641 -37.96 32.21 -66.60
CA ILE G 1641 -37.46 31.43 -65.44
C ILE G 1641 -35.96 31.39 -65.62
N THR G 1642 -35.20 31.99 -64.71
CA THR G 1642 -33.72 32.13 -64.80
C THR G 1642 -33.13 31.41 -63.61
N SER G 1643 -32.22 30.47 -63.83
CA SER G 1643 -31.52 29.71 -62.77
C SER G 1643 -30.01 29.82 -63.02
N PHE G 1644 -29.29 30.37 -62.04
CA PHE G 1644 -27.80 30.42 -61.97
C PHE G 1644 -27.34 29.33 -61.02
N GLY G 1645 -26.37 28.52 -61.47
CA GLY G 1645 -25.77 27.39 -60.75
C GLY G 1645 -24.34 27.68 -60.33
N PHE G 1646 -23.83 26.86 -59.41
CA PHE G 1646 -22.38 26.72 -59.10
C PHE G 1646 -21.74 26.06 -60.32
N GLY G 1647 -20.54 26.49 -60.68
CA GLY G 1647 -19.80 25.91 -61.81
C GLY G 1647 -20.25 26.50 -63.12
N GLN G 1648 -20.63 27.78 -63.12
CA GLN G 1648 -20.80 28.61 -64.35
C GLN G 1648 -21.92 28.00 -65.19
N LYS G 1649 -23.14 28.09 -64.69
CA LYS G 1649 -24.24 27.19 -65.10
C LYS G 1649 -25.52 28.03 -65.06
N GLY G 1650 -25.60 28.99 -65.96
CA GLY G 1650 -26.82 29.73 -66.29
C GLY G 1650 -27.81 28.91 -67.08
N GLY G 1651 -29.06 29.37 -67.02
CA GLY G 1651 -30.26 28.77 -67.64
C GLY G 1651 -31.34 29.82 -67.82
N GLN G 1652 -32.08 29.77 -68.93
CA GLN G 1652 -33.36 30.53 -69.07
C GLN G 1652 -34.38 29.64 -69.75
N ALA G 1653 -35.64 29.76 -69.36
CA ALA G 1653 -36.80 29.18 -70.05
C ALA G 1653 -37.91 30.23 -70.16
N ILE G 1654 -38.49 30.42 -71.35
CA ILE G 1654 -39.76 31.18 -71.54
C ILE G 1654 -40.90 30.17 -71.63
N VAL G 1655 -41.95 30.42 -70.87
CA VAL G 1655 -43.20 29.62 -70.88
C VAL G 1655 -44.28 30.57 -71.40
N VAL G 1656 -44.88 30.25 -72.53
CA VAL G 1656 -45.98 31.03 -73.15
C VAL G 1656 -47.31 30.42 -72.74
N HIS G 1657 -48.27 31.27 -72.36
CA HIS G 1657 -49.68 30.90 -72.05
C HIS G 1657 -50.24 29.91 -73.05
N PRO G 1658 -50.86 28.80 -72.64
CA PRO G 1658 -51.34 27.82 -73.60
C PRO G 1658 -52.47 28.21 -74.55
N ASP G 1659 -53.16 29.32 -74.36
CA ASP G 1659 -54.21 29.75 -75.33
C ASP G 1659 -53.59 30.18 -76.67
N TYR G 1660 -52.27 30.31 -76.77
CA TYR G 1660 -51.55 30.68 -78.02
C TYR G 1660 -51.39 29.42 -78.87
N LEU G 1661 -51.51 28.24 -78.28
CA LEU G 1661 -51.39 26.98 -79.03
C LEU G 1661 -52.62 26.85 -79.91
N TYR G 1662 -53.77 27.18 -79.35
CA TYR G 1662 -55.08 26.75 -79.89
C TYR G 1662 -55.45 27.65 -81.07
N GLY G 1663 -54.80 28.78 -81.21
CA GLY G 1663 -54.92 29.61 -82.45
C GLY G 1663 -54.38 28.91 -83.69
N ALA G 1664 -53.45 27.96 -83.53
CA ALA G 1664 -52.79 27.23 -84.63
C ALA G 1664 -53.61 26.03 -85.12
N ILE G 1665 -54.76 25.72 -84.54
CA ILE G 1665 -55.54 24.50 -84.91
C ILE G 1665 -56.95 24.91 -85.30
N THR G 1666 -57.66 24.02 -86.00
CA THR G 1666 -59.04 24.22 -86.51
C THR G 1666 -60.06 24.11 -85.38
N GLU G 1667 -61.22 24.73 -85.56
CA GLU G 1667 -62.39 24.66 -84.63
C GLU G 1667 -62.82 23.20 -84.42
N ASP G 1668 -62.78 22.33 -85.43
CA ASP G 1668 -63.20 20.90 -85.24
C ASP G 1668 -62.24 20.19 -84.31
N ARG G 1669 -60.95 20.35 -84.57
CA ARG G 1669 -59.86 19.74 -83.78
C ARG G 1669 -59.89 20.22 -82.34
N TYR G 1670 -60.09 21.52 -82.13
CA TYR G 1670 -60.14 22.12 -80.79
C TYR G 1670 -61.32 21.52 -80.01
N ASN G 1671 -62.51 21.58 -80.60
CA ASN G 1671 -63.76 21.09 -79.99
C ASN G 1671 -63.59 19.59 -79.67
N GLU G 1672 -62.95 18.81 -80.52
CA GLU G 1672 -62.66 17.37 -80.28
C GLU G 1672 -61.77 17.25 -79.02
N TYR G 1673 -60.63 17.93 -79.00
CA TYR G 1673 -59.67 18.00 -77.86
C TYR G 1673 -60.39 18.42 -76.59
N VAL G 1674 -61.13 19.52 -76.59
CA VAL G 1674 -61.84 20.04 -75.38
C VAL G 1674 -62.62 18.91 -74.71
N ALA G 1675 -63.44 18.19 -75.49
CA ALA G 1675 -64.28 17.08 -75.02
C ALA G 1675 -63.40 16.06 -74.36
N LYS G 1676 -62.36 15.66 -75.07
CA LYS G 1676 -61.44 14.56 -74.67
C LYS G 1676 -60.81 14.88 -73.31
N VAL G 1677 -60.60 16.15 -72.98
CA VAL G 1677 -59.87 16.61 -71.76
C VAL G 1677 -60.86 16.69 -70.62
N SER G 1678 -61.99 17.33 -70.87
CA SER G 1678 -63.15 17.41 -69.95
C SER G 1678 -63.46 16.01 -69.40
N ALA G 1679 -63.37 14.95 -70.22
CA ALA G 1679 -63.56 13.55 -69.78
C ALA G 1679 -62.44 13.11 -68.86
N ARG G 1680 -61.20 13.31 -69.28
CA ARG G 1680 -59.97 12.99 -68.53
C ARG G 1680 -59.97 13.60 -67.15
N GLU G 1681 -60.43 14.85 -67.06
CA GLU G 1681 -60.25 15.65 -65.83
C GLU G 1681 -61.17 15.04 -64.78
N LYS G 1682 -62.38 14.65 -65.19
CA LYS G 1682 -63.34 13.92 -64.33
C LYS G 1682 -62.69 12.62 -63.86
N SER G 1683 -62.29 11.73 -64.77
CA SER G 1683 -61.54 10.48 -64.45
C SER G 1683 -60.38 10.72 -63.46
N ALA G 1684 -59.53 11.69 -63.70
CA ALA G 1684 -58.40 12.05 -62.82
C ALA G 1684 -58.90 12.40 -61.43
N TYR G 1685 -60.02 13.15 -61.32
CA TYR G 1685 -60.60 13.56 -60.00
C TYR G 1685 -61.09 12.31 -59.27
N LYS G 1686 -61.88 11.47 -59.95
CA LYS G 1686 -62.23 10.13 -59.49
C LYS G 1686 -61.02 9.45 -58.86
N PHE G 1687 -59.91 9.43 -59.55
CA PHE G 1687 -58.70 8.69 -59.14
C PHE G 1687 -58.06 9.38 -57.94
N PHE G 1688 -57.84 10.68 -58.05
CA PHE G 1688 -57.21 11.49 -57.00
C PHE G 1688 -57.85 11.19 -55.66
N HIS G 1689 -59.16 11.44 -55.52
CA HIS G 1689 -59.87 11.36 -54.20
C HIS G 1689 -59.94 9.94 -53.71
N ASN G 1690 -60.13 8.98 -54.58
CA ASN G 1690 -60.00 7.55 -54.21
C ASN G 1690 -58.64 7.27 -53.61
N GLY G 1691 -57.54 7.52 -54.32
CA GLY G 1691 -56.17 7.29 -53.83
C GLY G 1691 -55.81 8.12 -52.61
N MET G 1692 -56.48 9.25 -52.38
CA MET G 1692 -56.14 10.15 -51.25
C MET G 1692 -56.64 9.49 -49.97
N ILE G 1693 -57.94 9.17 -49.91
CA ILE G 1693 -58.55 8.56 -48.70
C ILE G 1693 -58.07 7.13 -48.48
N TYR G 1694 -57.69 6.35 -49.50
CA TYR G 1694 -57.24 4.95 -49.32
C TYR G 1694 -55.70 4.79 -49.40
N ASN G 1695 -54.93 5.86 -49.41
CA ASN G 1695 -53.44 5.84 -49.33
C ASN G 1695 -52.89 4.93 -50.42
N LYS G 1696 -53.17 5.30 -51.67
CA LYS G 1696 -53.08 4.44 -52.86
C LYS G 1696 -52.88 5.25 -54.14
N LEU G 1697 -52.48 6.53 -54.06
CA LEU G 1697 -52.16 7.39 -55.23
C LEU G 1697 -51.04 6.73 -56.02
N PHE G 1698 -49.99 6.32 -55.32
CA PHE G 1698 -48.82 5.57 -55.89
C PHE G 1698 -49.18 4.10 -55.96
N VAL G 1699 -49.09 3.50 -57.13
CA VAL G 1699 -49.30 2.04 -57.30
C VAL G 1699 -48.14 1.46 -58.09
N SER G 1700 -47.13 0.89 -57.43
CA SER G 1700 -45.97 0.24 -58.11
C SER G 1700 -46.50 -0.80 -59.09
N LYS G 1701 -45.90 -0.86 -60.26
CA LYS G 1701 -46.27 -1.80 -61.31
C LYS G 1701 -45.42 -3.04 -61.03
N GLU G 1702 -46.03 -4.23 -61.02
CA GLU G 1702 -45.33 -5.50 -60.69
C GLU G 1702 -44.66 -6.03 -61.97
N HIS G 1703 -45.44 -6.11 -63.04
CA HIS G 1703 -44.99 -6.59 -64.38
C HIS G 1703 -44.90 -5.39 -65.32
N ALA G 1704 -44.01 -5.48 -66.30
CA ALA G 1704 -43.94 -4.58 -67.48
C ALA G 1704 -45.17 -4.76 -68.35
N PRO G 1705 -45.47 -3.87 -69.31
CA PRO G 1705 -46.61 -4.06 -70.20
C PRO G 1705 -46.41 -5.28 -71.13
N TYR G 1706 -45.19 -5.73 -71.34
CA TYR G 1706 -44.84 -6.94 -72.14
C TYR G 1706 -44.45 -8.07 -71.19
N THR G 1707 -44.64 -9.32 -71.65
CA THR G 1707 -44.06 -10.54 -71.03
C THR G 1707 -42.61 -10.69 -71.53
N ASP G 1708 -41.79 -11.50 -70.83
CA ASP G 1708 -40.35 -11.72 -71.15
C ASP G 1708 -40.19 -12.32 -72.56
N GLU G 1709 -41.18 -13.06 -73.05
CA GLU G 1709 -41.16 -13.73 -74.38
C GLU G 1709 -41.40 -12.69 -75.49
N LEU G 1710 -42.24 -11.67 -75.23
CA LEU G 1710 -42.53 -10.54 -76.16
C LEU G 1710 -41.60 -9.34 -75.93
N GLU G 1711 -40.74 -9.34 -74.91
CA GLU G 1711 -39.79 -8.24 -74.59
C GLU G 1711 -39.14 -7.71 -75.88
N GLU G 1712 -38.45 -8.57 -76.63
CA GLU G 1712 -37.57 -8.19 -77.78
C GLU G 1712 -38.42 -7.78 -78.98
N ASP G 1713 -39.47 -8.58 -79.31
CA ASP G 1713 -40.41 -8.34 -80.43
C ASP G 1713 -41.05 -6.97 -80.29
N VAL G 1714 -41.51 -6.60 -79.10
CA VAL G 1714 -42.00 -5.23 -78.81
C VAL G 1714 -40.88 -4.21 -79.08
N TYR G 1715 -39.70 -4.36 -78.48
CA TYR G 1715 -38.56 -3.40 -78.63
C TYR G 1715 -38.24 -3.13 -80.12
N LEU G 1716 -38.40 -4.15 -80.96
CA LEU G 1716 -38.00 -4.15 -82.38
C LEU G 1716 -39.16 -3.73 -83.31
N ASP G 1717 -40.39 -3.57 -82.82
CA ASP G 1717 -41.50 -3.00 -83.63
C ASP G 1717 -41.70 -1.55 -83.21
N PRO G 1718 -41.50 -0.55 -84.10
CA PRO G 1718 -41.91 0.83 -83.83
C PRO G 1718 -43.39 1.04 -83.53
N LEU G 1719 -44.24 0.19 -84.13
CA LEU G 1719 -45.69 0.45 -84.26
C LEU G 1719 -46.47 -0.35 -83.21
N ALA G 1720 -45.84 -1.31 -82.56
CA ALA G 1720 -46.40 -2.05 -81.40
C ALA G 1720 -46.93 -1.06 -80.37
N ARG G 1721 -48.24 -1.05 -80.14
CA ARG G 1721 -48.93 -0.34 -79.04
C ARG G 1721 -49.59 -1.36 -78.12
N VAL G 1722 -50.25 -0.88 -77.08
CA VAL G 1722 -50.74 -1.65 -75.90
C VAL G 1722 -52.26 -1.57 -75.96
N SER G 1723 -52.92 -2.73 -75.84
CA SER G 1723 -54.40 -2.92 -75.86
C SER G 1723 -54.86 -3.14 -74.43
N LYS G 1724 -56.16 -2.95 -74.15
CA LYS G 1724 -56.78 -3.43 -72.88
C LYS G 1724 -56.90 -4.95 -72.96
N ASP G 1725 -56.29 -5.68 -72.01
CA ASP G 1725 -56.40 -7.17 -71.91
C ASP G 1725 -57.84 -7.51 -71.52
N LYS G 1726 -58.39 -8.57 -72.13
CA LYS G 1726 -59.80 -8.98 -71.99
C LYS G 1726 -60.07 -9.37 -70.52
N LYS G 1727 -59.27 -10.29 -69.99
CA LYS G 1727 -59.42 -10.90 -68.64
C LYS G 1727 -59.07 -9.87 -67.55
N SER G 1728 -57.79 -9.53 -67.43
CA SER G 1728 -57.19 -8.75 -66.30
C SER G 1728 -57.69 -7.29 -66.30
N GLY G 1729 -57.98 -6.70 -67.47
CA GLY G 1729 -58.41 -5.29 -67.61
C GLY G 1729 -57.25 -4.31 -67.64
N SER G 1730 -56.00 -4.80 -67.55
CA SER G 1730 -54.75 -4.00 -67.53
C SER G 1730 -54.15 -3.95 -68.94
N LEU G 1731 -53.52 -2.82 -69.28
CA LEU G 1731 -52.97 -2.51 -70.62
C LEU G 1731 -51.70 -3.35 -70.87
N THR G 1732 -51.71 -4.23 -71.89
CA THR G 1732 -50.57 -5.15 -72.21
C THR G 1732 -50.42 -5.29 -73.73
N PHE G 1733 -49.20 -5.59 -74.20
CA PHE G 1733 -48.88 -5.96 -75.60
C PHE G 1733 -49.36 -7.39 -75.86
N ASN G 1734 -50.29 -7.50 -76.80
CA ASN G 1734 -50.80 -8.76 -77.40
C ASN G 1734 -49.84 -9.14 -78.54
N SER G 1735 -49.51 -10.43 -78.70
CA SER G 1735 -48.64 -10.96 -79.79
C SER G 1735 -49.25 -10.73 -81.18
N LYS G 1736 -50.57 -10.46 -81.28
CA LYS G 1736 -51.33 -10.18 -82.53
C LYS G 1736 -51.01 -8.79 -83.09
N ASN G 1737 -50.88 -7.79 -82.21
CA ASN G 1737 -50.59 -6.37 -82.55
C ASN G 1737 -49.07 -6.12 -82.74
N ILE G 1738 -48.25 -7.17 -82.79
CA ILE G 1738 -46.76 -7.08 -82.93
C ILE G 1738 -46.37 -7.61 -84.31
N GLN G 1739 -45.73 -6.75 -85.10
CA GLN G 1739 -45.28 -6.97 -86.50
C GLN G 1739 -46.53 -7.27 -87.35
N SER G 1740 -47.55 -6.42 -87.20
CA SER G 1740 -48.93 -6.58 -87.71
C SER G 1740 -49.13 -5.73 -88.97
N LYS G 1741 -49.82 -6.29 -89.96
CA LYS G 1741 -50.20 -5.61 -91.23
C LYS G 1741 -51.11 -4.39 -90.96
N ASP G 1742 -51.95 -4.43 -89.91
CA ASP G 1742 -53.00 -3.41 -89.62
C ASP G 1742 -52.42 -2.11 -89.06
N SER G 1743 -51.27 -2.18 -88.35
CA SER G 1743 -50.52 -1.02 -87.80
C SER G 1743 -50.04 -0.12 -88.96
N TYR G 1744 -49.34 -0.70 -89.94
CA TYR G 1744 -48.67 0.01 -91.08
C TYR G 1744 -49.72 0.48 -92.10
N ILE G 1745 -50.60 -0.44 -92.54
CA ILE G 1745 -51.61 -0.26 -93.64
C ILE G 1745 -52.95 0.16 -93.01
N ASN G 1746 -53.09 1.47 -92.74
CA ASN G 1746 -54.28 2.10 -92.12
C ASN G 1746 -55.37 2.22 -93.20
N ALA G 1747 -56.56 2.72 -92.82
CA ALA G 1747 -57.77 2.84 -93.68
C ALA G 1747 -57.50 3.66 -94.96
N ASN G 1748 -56.62 4.68 -94.91
CA ASN G 1748 -56.35 5.64 -96.02
C ASN G 1748 -55.58 4.97 -97.17
N THR G 1749 -54.53 4.17 -96.89
CA THR G 1749 -53.70 3.49 -97.93
C THR G 1749 -54.45 2.30 -98.54
N ILE G 1750 -55.50 1.78 -97.88
CA ILE G 1750 -56.43 0.74 -98.44
C ILE G 1750 -57.26 1.35 -99.58
N GLU G 1751 -57.87 2.52 -99.35
CA GLU G 1751 -58.87 3.18 -100.25
C GLU G 1751 -58.19 4.15 -101.24
N THR G 1752 -56.87 4.32 -101.17
CA THR G 1752 -56.01 5.12 -102.11
C THR G 1752 -55.29 4.15 -103.08
N ALA G 1753 -54.86 2.98 -102.59
CA ALA G 1753 -54.31 1.84 -103.36
C ALA G 1753 -55.42 1.10 -104.13
N LYS G 1754 -56.70 1.26 -103.71
CA LYS G 1754 -57.90 0.77 -104.45
C LYS G 1754 -58.22 1.70 -105.64
N MET G 1755 -58.04 3.01 -105.48
CA MET G 1755 -58.45 4.06 -106.47
C MET G 1755 -57.51 4.07 -107.69
N ILE G 1756 -56.20 3.96 -107.47
CA ILE G 1756 -55.16 3.96 -108.56
C ILE G 1756 -54.83 2.51 -108.98
N GLU G 1757 -55.57 1.52 -108.43
CA GLU G 1757 -55.72 0.12 -108.96
C GLU G 1757 -56.91 0.06 -109.93
N ASN G 1758 -57.89 0.99 -109.81
CA ASN G 1758 -59.08 1.13 -110.70
C ASN G 1758 -58.72 1.77 -112.05
N MET G 1759 -57.57 2.46 -112.17
CA MET G 1759 -57.16 3.20 -113.41
C MET G 1759 -55.78 2.73 -113.93
N THR G 1760 -55.40 1.45 -113.70
CA THR G 1760 -54.06 0.87 -114.06
C THR G 1760 -54.23 0.04 -115.36
N LYS G 1761 -54.78 0.70 -116.40
CA LYS G 1761 -55.10 0.16 -117.76
C LYS G 1761 -56.06 -1.04 -117.66
N GLU G 1762 -57.31 -0.77 -117.27
CA GLU G 1762 -58.44 -1.75 -117.21
C GLU G 1762 -59.76 -0.97 -117.44
N LYS G 1763 -59.99 0.08 -116.65
CA LYS G 1763 -61.16 1.01 -116.72
C LYS G 1763 -60.84 2.21 -117.64
N VAL G 1764 -59.55 2.42 -117.99
CA VAL G 1764 -59.04 3.62 -118.74
C VAL G 1764 -58.66 3.23 -120.19
N SER G 1765 -59.41 2.29 -120.77
CA SER G 1765 -59.23 1.75 -122.15
C SER G 1765 -59.56 2.85 -123.20
N ASN G 1766 -60.71 3.54 -123.06
CA ASN G 1766 -61.19 4.64 -123.95
C ASN G 1766 -61.91 5.73 -123.09
N GLY G 1767 -61.20 6.29 -122.09
CA GLY G 1767 -61.71 7.32 -121.16
C GLY G 1767 -60.60 8.17 -120.54
N GLY G 1768 -60.64 9.49 -120.75
CA GLY G 1768 -59.72 10.48 -120.15
C GLY G 1768 -59.88 10.57 -118.64
N VAL G 1769 -58.75 10.61 -117.91
CA VAL G 1769 -58.65 10.50 -116.41
C VAL G 1769 -58.19 11.83 -115.81
N GLY G 1770 -58.31 11.95 -114.48
CA GLY G 1770 -57.90 13.13 -113.70
C GLY G 1770 -57.61 12.79 -112.26
N VAL G 1771 -56.32 12.76 -111.89
CA VAL G 1771 -55.82 12.67 -110.49
C VAL G 1771 -55.65 14.11 -109.97
N ASP G 1772 -56.27 14.42 -108.82
CA ASP G 1772 -56.05 15.70 -108.08
C ASP G 1772 -56.02 15.43 -106.56
N VAL G 1773 -54.88 15.71 -105.93
CA VAL G 1773 -54.69 15.75 -104.45
C VAL G 1773 -54.80 17.21 -104.02
N GLU G 1774 -55.34 17.45 -102.80
CA GLU G 1774 -55.41 18.77 -102.11
C GLU G 1774 -55.13 18.53 -100.61
N LEU G 1775 -54.10 19.18 -100.07
CA LEU G 1775 -53.71 19.05 -98.63
C LEU G 1775 -54.76 19.76 -97.75
N ILE G 1776 -55.09 19.16 -96.60
CA ILE G 1776 -56.16 19.60 -95.66
C ILE G 1776 -55.89 21.03 -95.15
N THR G 1777 -54.62 21.39 -94.89
CA THR G 1777 -54.18 22.70 -94.29
C THR G 1777 -54.43 23.87 -95.27
N SER G 1778 -54.40 23.61 -96.59
CA SER G 1778 -54.65 24.61 -97.67
C SER G 1778 -56.16 24.87 -97.87
N ILE G 1779 -57.05 24.13 -97.17
CA ILE G 1779 -58.51 24.42 -97.03
C ILE G 1779 -58.73 25.24 -95.74
N ASN G 1780 -59.37 26.43 -95.86
CA ASN G 1780 -59.94 27.24 -94.76
C ASN G 1780 -61.47 27.14 -94.84
N VAL G 1781 -62.11 26.69 -93.74
CA VAL G 1781 -63.57 26.45 -93.55
C VAL G 1781 -64.30 27.78 -93.22
N GLU G 1782 -63.67 28.66 -92.40
CA GLU G 1782 -64.25 29.96 -91.92
C GLU G 1782 -64.04 31.08 -92.95
N ASN G 1783 -63.22 30.84 -93.99
CA ASN G 1783 -63.11 31.69 -95.22
C ASN G 1783 -64.31 31.37 -96.14
N ASP G 1784 -65.38 32.18 -96.06
CA ASP G 1784 -66.73 31.92 -96.66
C ASP G 1784 -66.88 32.55 -98.07
N THR G 1785 -65.87 33.30 -98.55
CA THR G 1785 -65.76 33.78 -99.96
C THR G 1785 -65.40 32.58 -100.88
N PHE G 1786 -64.48 31.72 -100.41
CA PHE G 1786 -64.07 30.46 -101.10
C PHE G 1786 -65.21 29.42 -101.07
N ILE G 1787 -65.88 29.27 -99.91
CA ILE G 1787 -66.84 28.15 -99.60
C ILE G 1787 -68.20 28.41 -100.30
N GLU G 1788 -68.68 29.66 -100.36
CA GLU G 1788 -69.92 30.06 -101.09
C GLU G 1788 -69.77 29.84 -102.61
N ARG G 1789 -68.72 30.42 -103.20
CA ARG G 1789 -68.48 30.55 -104.67
C ARG G 1789 -68.24 29.19 -105.37
N ASN G 1790 -67.56 28.24 -104.69
CA ASN G 1790 -67.01 27.00 -105.30
C ASN G 1790 -67.79 25.74 -104.84
N PHE G 1791 -68.74 25.86 -103.91
CA PHE G 1791 -69.56 24.72 -103.37
C PHE G 1791 -71.07 25.05 -103.45
N THR G 1792 -71.88 24.02 -103.73
CA THR G 1792 -73.38 24.06 -103.75
C THR G 1792 -73.91 23.91 -102.32
N PRO G 1793 -75.16 24.38 -102.02
CA PRO G 1793 -75.79 24.15 -100.71
C PRO G 1793 -75.92 22.70 -100.20
N GLN G 1794 -75.91 21.70 -101.09
CA GLN G 1794 -75.98 20.25 -100.74
C GLN G 1794 -74.61 19.71 -100.29
N GLU G 1795 -73.49 20.24 -100.83
CA GLU G 1795 -72.08 19.84 -100.50
C GLU G 1795 -71.62 20.51 -99.19
N ILE G 1796 -72.06 21.74 -98.91
CA ILE G 1796 -71.78 22.51 -97.65
C ILE G 1796 -72.56 21.86 -96.49
N GLU G 1797 -73.81 21.43 -96.75
CA GLU G 1797 -74.69 20.72 -95.76
C GLU G 1797 -74.04 19.39 -95.35
N TYR G 1798 -73.50 18.63 -96.31
CA TYR G 1798 -72.87 17.30 -96.10
C TYR G 1798 -71.52 17.46 -95.38
N CYS G 1799 -70.62 18.30 -95.92
CA CYS G 1799 -69.24 18.56 -95.42
C CYS G 1799 -69.29 19.10 -93.97
N SER G 1800 -70.16 20.09 -93.69
CA SER G 1800 -70.34 20.77 -92.37
C SER G 1800 -70.93 19.82 -91.31
N ALA G 1801 -71.61 18.74 -91.73
CA ALA G 1801 -72.19 17.71 -90.83
C ALA G 1801 -71.14 16.66 -90.40
N GLN G 1802 -70.02 16.51 -91.15
CA GLN G 1802 -69.00 15.44 -90.92
C GLN G 1802 -68.17 15.76 -89.67
N PRO G 1803 -67.47 14.76 -89.04
CA PRO G 1803 -66.66 14.99 -87.83
C PRO G 1803 -65.48 15.96 -88.07
N SER G 1804 -64.59 15.66 -89.04
CA SER G 1804 -63.54 16.57 -89.58
C SER G 1804 -64.09 17.23 -90.86
N VAL G 1805 -64.54 18.49 -90.72
CA VAL G 1805 -65.24 19.30 -91.77
C VAL G 1805 -64.21 19.76 -92.82
N GLN G 1806 -63.01 20.17 -92.39
CA GLN G 1806 -61.86 20.59 -93.25
C GLN G 1806 -61.38 19.39 -94.10
N SER G 1807 -61.30 18.20 -93.51
CA SER G 1807 -60.94 16.92 -94.18
C SER G 1807 -61.95 16.56 -95.28
N SER G 1808 -63.23 16.88 -95.08
CA SER G 1808 -64.38 16.51 -95.96
C SER G 1808 -64.54 17.52 -97.12
N PHE G 1809 -64.27 18.82 -96.89
CA PHE G 1809 -64.22 19.89 -97.93
C PHE G 1809 -63.05 19.63 -98.90
N ALA G 1810 -61.90 19.17 -98.41
CA ALA G 1810 -60.71 18.76 -99.22
C ALA G 1810 -60.99 17.47 -100.00
N GLY G 1811 -61.97 16.67 -99.58
CA GLY G 1811 -62.48 15.49 -100.31
C GLY G 1811 -63.32 15.90 -101.52
N THR G 1812 -64.24 16.86 -101.34
CA THR G 1812 -65.18 17.42 -102.35
C THR G 1812 -64.41 18.33 -103.34
N TRP G 1813 -63.45 19.13 -102.86
CA TRP G 1813 -62.56 20.03 -103.64
C TRP G 1813 -61.61 19.22 -104.53
N SER G 1814 -61.07 18.11 -104.02
CA SER G 1814 -60.25 17.12 -104.77
C SER G 1814 -61.06 16.54 -105.95
N ALA G 1815 -62.35 16.26 -105.74
CA ALA G 1815 -63.28 15.62 -106.71
C ALA G 1815 -63.68 16.59 -107.84
N LYS G 1816 -63.91 17.88 -107.54
CA LYS G 1816 -64.27 18.95 -108.51
C LYS G 1816 -63.11 19.22 -109.50
N GLU G 1817 -61.88 19.36 -108.99
CA GLU G 1817 -60.63 19.51 -109.80
C GLU G 1817 -60.33 18.23 -110.61
N ALA G 1818 -60.58 17.04 -110.06
CA ALA G 1818 -60.32 15.72 -110.70
C ALA G 1818 -61.25 15.51 -111.90
N VAL G 1819 -62.57 15.77 -111.72
CA VAL G 1819 -63.63 15.72 -112.78
C VAL G 1819 -63.25 16.71 -113.91
N PHE G 1820 -62.94 17.97 -113.57
CA PHE G 1820 -62.60 19.09 -114.51
C PHE G 1820 -61.39 18.72 -115.41
N LYS G 1821 -60.39 18.02 -114.87
CA LYS G 1821 -59.21 17.49 -115.63
C LYS G 1821 -59.66 16.35 -116.55
N SER G 1822 -60.48 15.40 -116.05
CA SER G 1822 -60.97 14.17 -116.73
C SER G 1822 -61.77 14.50 -118.01
N LEU G 1823 -62.55 15.60 -117.99
CA LEU G 1823 -63.36 16.12 -119.14
C LEU G 1823 -62.43 16.62 -120.28
N GLY G 1824 -61.19 17.03 -119.94
CA GLY G 1824 -60.12 17.45 -120.88
C GLY G 1824 -60.15 18.94 -121.20
N VAL G 1825 -61.14 19.68 -120.67
CA VAL G 1825 -61.41 21.12 -120.98
C VAL G 1825 -60.40 22.00 -120.20
N LYS G 1826 -59.67 22.86 -120.94
CA LYS G 1826 -58.57 23.74 -120.42
C LYS G 1826 -59.18 24.87 -119.55
N SER G 1827 -60.31 25.46 -119.98
CA SER G 1827 -61.01 26.60 -119.32
C SER G 1827 -62.52 26.55 -119.63
N LEU G 1828 -63.37 26.96 -118.65
CA LEU G 1828 -64.86 27.12 -118.78
C LEU G 1828 -65.22 28.59 -119.15
N GLY G 1829 -64.25 29.51 -119.09
CA GLY G 1829 -64.40 30.95 -119.40
C GLY G 1829 -63.84 31.82 -118.28
N GLY G 1830 -62.52 32.03 -118.27
CA GLY G 1830 -61.77 32.86 -117.30
C GLY G 1830 -61.60 32.16 -115.94
N GLY G 1831 -62.11 32.79 -114.87
CA GLY G 1831 -61.94 32.41 -113.45
C GLY G 1831 -62.74 31.17 -113.07
N ALA G 1832 -62.13 30.23 -112.32
CA ALA G 1832 -62.70 28.92 -111.91
C ALA G 1832 -63.78 29.11 -110.82
N ALA G 1833 -65.07 28.98 -111.22
CA ALA G 1833 -66.25 28.77 -110.34
C ALA G 1833 -66.75 27.32 -110.55
N LEU G 1834 -66.24 26.38 -109.73
CA LEU G 1834 -66.50 24.91 -109.81
C LEU G 1834 -67.75 24.53 -109.00
N LYS G 1835 -68.66 25.48 -108.76
CA LYS G 1835 -70.06 25.22 -108.29
C LYS G 1835 -70.80 24.33 -109.31
N ASP G 1836 -70.58 24.61 -110.61
CA ASP G 1836 -71.14 23.89 -111.80
C ASP G 1836 -71.05 22.37 -111.55
N ILE G 1837 -69.82 21.85 -111.35
CA ILE G 1837 -69.51 20.42 -111.05
C ILE G 1837 -69.88 20.17 -109.58
N GLU G 1838 -71.08 19.60 -109.35
CA GLU G 1838 -71.57 19.17 -108.00
C GLU G 1838 -71.20 17.70 -107.78
N ILE G 1839 -70.77 17.37 -106.54
CA ILE G 1839 -70.53 15.98 -106.02
C ILE G 1839 -71.62 15.70 -104.98
N VAL G 1840 -72.65 14.93 -105.37
CA VAL G 1840 -73.74 14.40 -104.48
C VAL G 1840 -73.15 13.24 -103.66
N ARG G 1841 -72.97 13.43 -102.35
CA ARG G 1841 -72.23 12.53 -101.43
C ARG G 1841 -73.21 11.87 -100.44
N VAL G 1842 -73.72 10.69 -100.80
CA VAL G 1842 -74.49 9.77 -99.90
C VAL G 1842 -73.46 8.84 -99.20
N ASN G 1843 -73.63 8.62 -97.88
CA ASN G 1843 -72.66 7.94 -96.97
C ASN G 1843 -72.42 6.47 -97.39
N LYS G 1844 -71.19 6.17 -97.84
CA LYS G 1844 -70.61 4.83 -98.22
C LYS G 1844 -70.80 4.56 -99.74
N ASN G 1845 -71.94 5.01 -100.33
CA ASN G 1845 -72.17 5.12 -101.80
C ASN G 1845 -71.02 5.91 -102.44
N ALA G 1846 -70.37 5.34 -103.48
CA ALA G 1846 -69.37 6.03 -104.34
C ALA G 1846 -70.00 7.36 -104.83
N PRO G 1847 -69.40 8.53 -104.49
CA PRO G 1847 -70.07 9.83 -104.71
C PRO G 1847 -70.36 10.19 -106.18
N ALA G 1848 -71.65 10.39 -106.50
CA ALA G 1848 -72.18 10.63 -107.88
C ALA G 1848 -71.92 12.09 -108.30
N VAL G 1849 -71.55 12.30 -109.58
CA VAL G 1849 -71.26 13.63 -110.21
C VAL G 1849 -72.47 14.07 -111.06
N GLU G 1850 -73.18 15.11 -110.60
CA GLU G 1850 -74.16 15.90 -111.40
C GLU G 1850 -73.46 17.23 -111.79
N LEU G 1851 -73.59 17.66 -113.05
CA LEU G 1851 -72.87 18.84 -113.61
C LEU G 1851 -73.86 19.74 -114.37
N HIS G 1852 -73.85 21.04 -114.04
CA HIS G 1852 -74.89 22.06 -114.40
C HIS G 1852 -74.26 23.28 -115.11
N GLY G 1853 -75.10 24.11 -115.74
CA GLY G 1853 -74.75 25.43 -116.33
C GLY G 1853 -73.81 25.31 -117.53
N ASN G 1854 -72.55 25.77 -117.36
CA ASN G 1854 -71.50 25.87 -118.42
C ASN G 1854 -70.62 24.59 -118.47
N ALA G 1855 -70.41 23.89 -117.33
CA ALA G 1855 -69.60 22.63 -117.23
C ALA G 1855 -70.35 21.45 -117.90
N LYS G 1856 -71.70 21.50 -117.91
CA LYS G 1856 -72.59 20.52 -118.60
C LYS G 1856 -72.44 20.63 -120.12
N LYS G 1857 -72.40 21.89 -120.64
CA LYS G 1857 -72.23 22.29 -122.07
C LYS G 1857 -70.93 21.71 -122.64
N ALA G 1858 -69.77 21.95 -121.99
CA ALA G 1858 -68.39 21.62 -122.45
C ALA G 1858 -68.05 20.12 -122.27
N ALA G 1859 -68.89 19.37 -121.54
CA ALA G 1859 -68.82 17.88 -121.40
C ALA G 1859 -69.63 17.21 -122.53
N GLU G 1860 -70.87 17.68 -122.78
CA GLU G 1860 -71.80 17.18 -123.85
C GLU G 1860 -71.38 17.67 -125.25
N GLU G 1861 -70.47 18.66 -125.32
CA GLU G 1861 -69.83 19.22 -126.56
C GLU G 1861 -68.50 18.49 -126.86
N ALA G 1862 -67.91 17.77 -125.88
CA ALA G 1862 -66.65 16.97 -125.99
C ALA G 1862 -66.96 15.45 -126.03
N GLY G 1863 -68.24 15.05 -126.10
CA GLY G 1863 -68.68 13.64 -126.14
C GLY G 1863 -68.48 12.89 -124.82
N VAL G 1864 -69.41 13.10 -123.86
CA VAL G 1864 -69.44 12.47 -122.51
C VAL G 1864 -70.90 12.05 -122.17
N THR G 1865 -71.08 10.80 -121.69
CA THR G 1865 -72.39 10.20 -121.23
C THR G 1865 -72.36 9.92 -119.72
N ASP G 1866 -71.25 9.37 -119.19
CA ASP G 1866 -71.04 9.02 -117.75
C ASP G 1866 -69.74 9.67 -117.23
N VAL G 1867 -69.72 10.09 -115.95
CA VAL G 1867 -68.52 10.57 -115.19
C VAL G 1867 -68.55 9.96 -113.77
N LYS G 1868 -67.59 9.08 -113.46
CA LYS G 1868 -67.35 8.51 -112.10
C LYS G 1868 -66.44 9.44 -111.30
N VAL G 1869 -66.34 9.21 -109.98
CA VAL G 1869 -65.28 9.81 -109.08
C VAL G 1869 -65.24 9.01 -107.76
N SER G 1870 -64.01 8.69 -107.29
CA SER G 1870 -63.70 8.05 -105.98
C SER G 1870 -62.83 9.01 -105.15
N ILE G 1871 -63.12 9.13 -103.83
CA ILE G 1871 -62.42 10.07 -102.89
C ILE G 1871 -61.93 9.26 -101.67
N SER G 1872 -60.65 9.44 -101.32
CA SER G 1872 -60.04 9.13 -99.99
C SER G 1872 -59.47 10.43 -99.41
N HIS G 1873 -59.85 10.74 -98.16
CA HIS G 1873 -59.32 11.88 -97.37
C HIS G 1873 -58.95 11.38 -95.96
N ASP G 1874 -57.95 12.01 -95.34
CA ASP G 1874 -57.58 11.82 -93.92
C ASP G 1874 -57.13 13.18 -93.35
N ASP G 1875 -56.09 13.22 -92.51
CA ASP G 1875 -55.58 14.47 -91.86
C ASP G 1875 -54.56 15.18 -92.77
N LEU G 1876 -54.08 14.55 -93.86
CA LEU G 1876 -53.09 15.17 -94.80
C LEU G 1876 -53.64 15.21 -96.24
N GLN G 1877 -53.50 14.13 -97.02
CA GLN G 1877 -53.74 14.10 -98.49
C GLN G 1877 -55.19 13.62 -98.69
N ALA G 1878 -56.06 14.52 -99.16
CA ALA G 1878 -57.34 14.19 -99.84
C ALA G 1878 -57.09 14.06 -101.35
N VAL G 1879 -57.20 12.82 -101.87
CA VAL G 1879 -56.97 12.46 -103.31
C VAL G 1879 -58.32 12.05 -103.93
N ALA G 1880 -58.55 12.40 -105.20
CA ALA G 1880 -59.73 12.03 -106.00
C ALA G 1880 -59.33 11.66 -107.43
N VAL G 1881 -59.88 10.54 -107.93
CA VAL G 1881 -59.72 10.01 -109.31
C VAL G 1881 -61.08 10.05 -110.01
N ALA G 1882 -61.16 10.70 -111.19
CA ALA G 1882 -62.38 10.80 -112.03
C ALA G 1882 -62.06 10.31 -113.45
N VAL G 1883 -62.86 9.34 -113.96
CA VAL G 1883 -62.87 8.87 -115.37
C VAL G 1883 -64.15 9.40 -116.05
N SER G 1884 -64.09 9.68 -117.36
CA SER G 1884 -65.19 10.27 -118.18
C SER G 1884 -65.26 9.59 -119.57
N THR G 1885 -66.15 8.59 -119.71
CA THR G 1885 -66.40 7.80 -120.96
C THR G 1885 -67.45 8.53 -121.83
N LYS G 1886 -67.72 8.03 -123.04
CA LYS G 1886 -68.71 8.60 -124.02
C LYS G 1886 -70.14 8.20 -123.57
N SER H 1 115.59 65.15 -17.78
CA SER H 1 114.32 64.93 -17.01
C SER H 1 113.30 64.11 -17.83
N THR H 2 112.63 63.15 -17.17
CA THR H 2 111.72 62.13 -17.77
C THR H 2 110.30 62.34 -17.25
N ARG H 3 109.30 62.10 -18.11
CA ARG H 3 107.85 62.27 -17.82
C ARG H 3 107.21 60.89 -17.78
N PRO H 4 106.66 60.44 -16.62
CA PRO H 4 105.91 59.18 -16.52
C PRO H 4 104.77 58.97 -17.55
N LEU H 5 104.95 57.98 -18.43
CA LEU H 5 103.98 57.57 -19.47
C LEU H 5 103.50 56.13 -19.19
N THR H 6 102.30 56.01 -18.61
CA THR H 6 101.72 54.72 -18.13
C THR H 6 101.11 53.96 -19.32
N LEU H 7 101.90 53.08 -19.94
CA LEU H 7 101.40 51.99 -20.81
C LEU H 7 100.52 51.09 -19.95
N SER H 8 99.25 50.94 -20.33
CA SER H 8 98.20 50.29 -19.49
C SER H 8 97.28 49.45 -20.37
N HIS H 9 96.67 48.42 -19.78
CA HIS H 9 95.60 47.61 -20.39
C HIS H 9 94.72 47.08 -19.26
N GLY H 10 93.52 47.66 -19.10
CA GLY H 10 92.65 47.51 -17.92
C GLY H 10 93.45 47.36 -16.64
N SER H 11 93.24 46.25 -15.93
CA SER H 11 93.80 45.96 -14.58
C SER H 11 95.28 46.39 -14.49
N LEU H 12 96.15 45.75 -15.26
CA LEU H 12 97.64 45.82 -15.15
C LEU H 12 98.20 46.91 -16.06
N GLU H 13 99.45 47.34 -15.80
CA GLU H 13 100.11 48.48 -16.50
C GLU H 13 101.62 48.47 -16.22
N HIS H 14 102.36 49.34 -16.92
CA HIS H 14 103.82 49.54 -16.80
C HIS H 14 104.16 51.02 -16.99
N VAL H 15 104.91 51.60 -16.05
CA VAL H 15 105.25 53.06 -16.01
C VAL H 15 106.58 53.27 -16.76
N LEU H 16 106.51 53.90 -17.93
CA LEU H 16 107.67 54.09 -18.84
C LEU H 16 108.22 55.51 -18.62
N LEU H 17 109.52 55.63 -18.30
CA LEU H 17 110.17 56.93 -17.98
C LEU H 17 110.78 57.54 -19.25
N VAL H 18 109.94 58.26 -20.00
CA VAL H 18 110.25 58.86 -21.35
C VAL H 18 111.04 60.15 -21.13
N PRO H 19 112.24 60.34 -21.73
CA PRO H 19 112.87 61.67 -21.77
C PRO H 19 111.95 62.72 -22.42
N THR H 20 111.78 63.87 -21.76
CA THR H 20 110.78 64.95 -22.06
C THR H 20 111.11 65.59 -23.44
N ALA H 21 112.38 65.53 -23.90
CA ALA H 21 112.85 65.95 -25.26
C ALA H 21 112.11 65.18 -26.38
N SER H 22 111.59 63.98 -26.08
CA SER H 22 110.89 63.05 -27.01
C SER H 22 109.59 62.53 -26.38
N PHE H 23 108.90 63.34 -25.57
CA PHE H 23 107.57 62.97 -24.99
C PHE H 23 106.47 63.22 -26.04
N PHE H 24 106.61 64.26 -26.88
CA PHE H 24 105.68 64.60 -28.00
C PHE H 24 105.39 63.34 -28.83
N ILE H 25 106.45 62.65 -29.24
CA ILE H 25 106.41 61.48 -30.17
C ILE H 25 105.85 60.26 -29.42
N ALA H 26 106.26 60.05 -28.17
CA ALA H 26 105.88 58.86 -27.36
C ALA H 26 104.41 58.92 -26.93
N SER H 27 103.87 60.11 -26.67
CA SER H 27 102.45 60.36 -26.29
C SER H 27 101.52 60.07 -27.49
N GLN H 28 101.97 60.47 -28.69
CA GLN H 28 101.40 60.11 -30.03
C GLN H 28 101.19 58.58 -30.07
N LEU H 29 102.26 57.82 -29.78
CA LEU H 29 102.31 56.32 -29.88
C LEU H 29 101.52 55.67 -28.75
N GLN H 30 101.47 56.28 -27.55
CA GLN H 30 100.61 55.86 -26.41
C GLN H 30 99.15 55.84 -26.89
N GLU H 31 98.72 56.92 -27.58
CA GLU H 31 97.36 57.08 -28.15
C GLU H 31 97.07 55.91 -29.09
N GLN H 32 97.76 55.87 -30.25
CA GLN H 32 97.51 54.95 -31.39
C GLN H 32 97.42 53.51 -30.88
N PHE H 33 98.42 53.10 -30.08
CA PHE H 33 98.54 51.75 -29.47
C PHE H 33 97.30 51.44 -28.63
N ASN H 34 96.80 52.42 -27.86
CA ASN H 34 95.82 52.21 -26.75
C ASN H 34 94.45 51.81 -27.29
N LYS H 35 94.12 52.15 -28.55
CA LYS H 35 92.81 51.84 -29.19
C LYS H 35 92.87 50.43 -29.83
N ILE H 36 94.00 50.09 -30.48
CA ILE H 36 94.13 48.94 -31.43
C ILE H 36 94.04 47.60 -30.67
N LEU H 37 94.67 47.51 -29.50
CA LEU H 37 94.54 46.30 -28.63
C LEU H 37 93.09 46.25 -28.10
N PRO H 38 92.57 45.06 -27.75
CA PRO H 38 91.18 44.92 -27.30
C PRO H 38 90.91 45.44 -25.87
N GLU H 39 89.74 45.09 -25.33
CA GLU H 39 89.29 45.43 -23.96
C GLU H 39 89.53 44.22 -23.06
N PRO H 40 89.82 44.46 -21.75
CA PRO H 40 90.00 43.36 -20.78
C PRO H 40 88.84 42.34 -20.75
N THR H 41 89.17 41.08 -20.42
CA THR H 41 88.22 39.94 -20.30
C THR H 41 88.58 39.10 -19.06
N GLU H 42 88.47 39.69 -17.86
CA GLU H 42 88.49 39.03 -16.51
C GLU H 42 89.52 37.88 -16.48
N GLY H 43 90.79 38.21 -16.20
CA GLY H 43 91.92 37.27 -16.14
C GLY H 43 92.72 37.20 -17.44
N PHE H 44 92.26 37.89 -18.49
CA PHE H 44 92.96 38.10 -19.80
C PHE H 44 93.02 36.77 -20.57
N ALA H 45 91.88 36.08 -20.65
CA ALA H 45 91.74 34.70 -21.20
C ALA H 45 91.56 34.72 -22.73
N ALA H 46 91.51 35.89 -23.39
CA ALA H 46 91.42 36.04 -24.86
C ALA H 46 92.81 35.98 -25.50
N ASP H 47 92.88 35.99 -26.84
CA ASP H 47 94.11 35.68 -27.64
C ASP H 47 94.64 36.92 -28.41
N ASP H 48 94.37 38.14 -27.94
CA ASP H 48 95.08 39.37 -28.41
C ASP H 48 95.46 40.30 -27.23
N GLU H 49 95.19 39.91 -25.98
CA GLU H 49 95.35 40.78 -24.78
C GLU H 49 96.50 40.25 -23.92
N PRO H 50 97.50 41.09 -23.58
CA PRO H 50 98.63 40.64 -22.75
C PRO H 50 98.23 40.43 -21.28
N THR H 51 98.69 39.32 -20.68
CA THR H 51 98.30 38.80 -19.33
C THR H 51 99.35 39.19 -18.28
N THR H 52 100.42 39.91 -18.67
CA THR H 52 101.46 40.40 -17.73
C THR H 52 101.97 41.76 -18.18
N PRO H 53 102.60 42.54 -17.27
CA PRO H 53 103.30 43.78 -17.63
C PRO H 53 104.30 43.58 -18.78
N ALA H 54 105.02 42.44 -18.75
CA ALA H 54 106.11 42.08 -19.70
C ALA H 54 105.56 41.95 -21.12
N GLU H 55 104.48 41.18 -21.32
CA GLU H 55 103.80 41.00 -22.64
C GLU H 55 103.33 42.36 -23.15
N LEU H 56 102.77 43.19 -22.27
CA LEU H 56 102.23 44.54 -22.59
C LEU H 56 103.31 45.39 -23.28
N VAL H 57 104.51 45.44 -22.71
CA VAL H 57 105.66 46.20 -23.29
C VAL H 57 106.16 45.44 -24.52
N GLY H 58 105.98 44.10 -24.56
CA GLY H 58 106.15 43.28 -25.77
C GLY H 58 105.28 43.80 -26.91
N LYS H 59 103.95 43.68 -26.76
CA LYS H 59 102.94 44.20 -27.72
C LYS H 59 103.40 45.57 -28.24
N PHE H 60 103.81 46.45 -27.32
CA PHE H 60 104.19 47.86 -27.62
C PHE H 60 105.33 47.88 -28.62
N LEU H 61 106.46 47.23 -28.31
CA LEU H 61 107.67 47.17 -29.17
C LEU H 61 107.28 46.67 -30.57
N GLY H 62 106.44 45.63 -30.62
CA GLY H 62 105.87 45.08 -31.87
C GLY H 62 105.30 46.20 -32.72
N TYR H 63 104.29 46.91 -32.17
CA TYR H 63 103.60 48.05 -32.82
C TYR H 63 104.63 49.05 -33.36
N VAL H 64 105.58 49.45 -32.52
CA VAL H 64 106.57 50.53 -32.81
C VAL H 64 107.53 50.06 -33.91
N SER H 65 107.91 48.78 -33.92
CA SER H 65 108.80 48.16 -34.94
C SER H 65 108.14 48.20 -36.34
N SER H 66 106.82 47.97 -36.41
CA SER H 66 106.04 47.99 -37.68
C SER H 66 106.07 49.39 -38.33
N LEU H 67 106.20 50.46 -37.53
CA LEU H 67 106.19 51.87 -38.02
C LEU H 67 107.59 52.34 -38.43
N VAL H 68 108.65 51.59 -38.12
CA VAL H 68 110.05 51.98 -38.44
C VAL H 68 110.41 51.46 -39.84
N GLU H 69 110.97 52.33 -40.69
CA GLU H 69 111.74 51.97 -41.92
C GLU H 69 113.11 51.43 -41.48
N PRO H 70 113.58 50.28 -42.03
CA PRO H 70 114.85 49.67 -41.62
C PRO H 70 116.15 50.32 -42.15
N SER H 71 116.05 51.30 -43.07
CA SER H 71 117.18 52.13 -43.59
C SER H 71 116.99 53.61 -43.15
N LYS H 72 115.85 54.22 -43.53
CA LYS H 72 115.48 55.65 -43.29
C LYS H 72 115.43 55.94 -41.78
N VAL H 73 116.22 56.93 -41.31
CA VAL H 73 116.27 57.35 -39.87
C VAL H 73 114.98 58.14 -39.58
N GLY H 74 113.88 57.41 -39.32
CA GLY H 74 112.52 57.95 -39.12
C GLY H 74 112.36 58.64 -37.77
N GLN H 75 111.14 59.13 -37.52
CA GLN H 75 110.76 59.95 -36.33
C GLN H 75 110.77 59.07 -35.06
N PHE H 76 110.47 57.76 -35.16
CA PHE H 76 110.17 56.87 -34.01
C PHE H 76 111.35 55.95 -33.63
N ASP H 77 112.61 56.33 -33.93
CA ASP H 77 113.82 55.50 -33.69
C ASP H 77 114.26 55.61 -32.21
N GLN H 78 114.49 56.83 -31.72
CA GLN H 78 114.99 57.16 -30.35
C GLN H 78 113.96 56.73 -29.29
N VAL H 79 112.68 56.56 -29.70
CA VAL H 79 111.60 55.99 -28.83
C VAL H 79 111.88 54.51 -28.65
N LEU H 80 112.11 53.79 -29.75
CA LEU H 80 112.26 52.31 -29.76
C LEU H 80 113.48 51.95 -28.92
N ASN H 81 114.64 52.56 -29.21
CA ASN H 81 115.92 52.35 -28.47
C ASN H 81 115.70 52.48 -26.94
N LEU H 82 114.78 53.33 -26.47
CA LEU H 82 114.54 53.59 -25.02
C LEU H 82 113.33 52.82 -24.46
N CYS H 83 112.55 52.15 -25.31
CA CYS H 83 111.50 51.17 -24.89
C CYS H 83 112.14 49.78 -24.68
N LEU H 84 113.17 49.45 -25.48
CA LEU H 84 114.00 48.22 -25.33
C LEU H 84 114.73 48.27 -24.00
N THR H 85 115.50 49.35 -23.78
CA THR H 85 116.40 49.52 -22.62
C THR H 85 115.58 49.55 -21.33
N GLU H 86 114.31 49.94 -21.39
CA GLU H 86 113.35 49.74 -20.28
C GLU H 86 113.05 48.24 -20.15
N PHE H 87 112.70 47.59 -21.26
CA PHE H 87 112.31 46.16 -21.34
C PHE H 87 113.45 45.26 -20.84
N GLU H 88 114.68 45.55 -21.30
CA GLU H 88 115.93 44.81 -20.94
C GLU H 88 116.22 44.91 -19.44
N ASN H 89 116.16 46.12 -18.85
CA ASN H 89 116.63 46.39 -17.47
C ASN H 89 115.56 46.02 -16.44
N CYS H 90 114.30 45.81 -16.85
CA CYS H 90 113.17 45.49 -15.95
C CYS H 90 112.90 43.99 -15.89
N TYR H 91 112.74 43.36 -17.07
CA TYR H 91 112.15 42.00 -17.24
C TYR H 91 113.19 40.97 -17.70
N LEU H 92 114.37 41.42 -18.09
CA LEU H 92 115.36 40.66 -18.90
C LEU H 92 116.75 40.83 -18.27
N GLU H 93 116.84 40.57 -16.96
CA GLU H 93 117.99 40.92 -16.07
C GLU H 93 119.27 40.21 -16.56
N GLY H 94 119.85 40.68 -17.67
CA GLY H 94 121.01 40.08 -18.34
C GLY H 94 120.67 38.80 -19.12
N ASN H 95 119.63 38.09 -18.68
CA ASN H 95 119.17 36.77 -19.23
C ASN H 95 118.65 36.99 -20.65
N ASP H 96 118.37 35.89 -21.36
CA ASP H 96 117.87 35.93 -22.76
C ASP H 96 116.34 35.88 -22.74
N ILE H 97 115.73 36.41 -23.81
CA ILE H 97 114.26 36.52 -24.00
C ILE H 97 113.59 35.16 -23.80
N HIS H 98 114.24 34.07 -24.21
CA HIS H 98 113.70 32.70 -24.11
C HIS H 98 113.55 32.29 -22.64
N ALA H 99 114.48 32.71 -21.76
CA ALA H 99 114.41 32.42 -20.31
C ALA H 99 113.16 33.10 -19.72
N LEU H 100 112.97 34.37 -20.07
CA LEU H 100 111.78 35.17 -19.67
C LEU H 100 110.52 34.39 -20.05
N ALA H 101 110.39 34.06 -21.33
CA ALA H 101 109.24 33.34 -21.93
C ALA H 101 108.89 32.10 -21.12
N ALA H 102 109.89 31.35 -20.63
CA ALA H 102 109.69 30.13 -19.81
C ALA H 102 109.09 30.48 -18.45
N LYS H 103 109.71 31.40 -17.71
CA LYS H 103 109.19 31.91 -16.40
C LYS H 103 107.68 32.15 -16.53
N LEU H 104 107.27 32.87 -17.59
CA LEU H 104 105.87 33.31 -17.83
C LEU H 104 104.94 32.09 -18.03
N LEU H 105 105.42 30.97 -18.56
CA LEU H 105 104.58 29.76 -18.76
C LEU H 105 104.22 29.13 -17.40
N GLN H 106 105.20 28.93 -16.50
CA GLN H 106 105.02 28.14 -15.25
C GLN H 106 104.51 29.06 -14.12
N GLU H 107 105.08 30.25 -13.92
CA GLU H 107 104.67 31.20 -12.84
C GLU H 107 103.25 31.73 -13.12
N ASN H 108 103.06 32.44 -14.24
CA ASN H 108 101.76 33.05 -14.64
C ASN H 108 100.90 31.97 -15.32
N ASP H 109 99.81 32.39 -16.00
CA ASP H 109 98.99 31.54 -16.91
C ASP H 109 98.90 32.26 -18.27
N THR H 110 99.99 32.19 -19.04
CA THR H 110 100.07 32.56 -20.47
C THR H 110 100.15 31.25 -21.28
N THR H 111 99.61 31.27 -22.50
CA THR H 111 99.67 30.16 -23.48
C THR H 111 101.01 30.24 -24.23
N LEU H 112 101.35 29.18 -24.98
CA LEU H 112 102.54 29.13 -25.89
C LEU H 112 102.45 30.29 -26.88
N VAL H 113 101.34 30.34 -27.64
CA VAL H 113 101.08 31.28 -28.78
C VAL H 113 101.31 32.73 -28.32
N LYS H 114 100.90 33.02 -27.08
CA LYS H 114 100.96 34.37 -26.44
C LYS H 114 102.43 34.80 -26.26
N THR H 115 103.31 33.87 -25.87
CA THR H 115 104.71 34.15 -25.48
C THR H 115 105.65 34.01 -26.68
N LYS H 116 105.29 33.26 -27.71
CA LYS H 116 105.98 33.29 -29.04
C LYS H 116 105.85 34.70 -29.63
N GLU H 117 104.65 35.28 -29.48
CA GLU H 117 104.34 36.69 -29.85
C GLU H 117 105.37 37.60 -29.18
N LEU H 118 105.48 37.52 -27.84
CA LEU H 118 106.46 38.30 -27.02
C LEU H 118 107.86 38.12 -27.58
N ILE H 119 108.27 36.87 -27.85
CA ILE H 119 109.60 36.51 -28.42
C ILE H 119 109.78 37.25 -29.75
N LYS H 120 108.81 37.13 -30.67
CA LYS H 120 108.87 37.79 -31.99
C LYS H 120 109.12 39.28 -31.77
N ASN H 121 108.27 39.90 -30.94
CA ASN H 121 108.22 41.37 -30.74
C ASN H 121 109.62 41.84 -30.36
N TYR H 122 110.25 41.21 -29.35
CA TYR H 122 111.61 41.56 -28.86
C TYR H 122 112.64 41.42 -29.98
N ILE H 123 112.65 40.29 -30.68
CA ILE H 123 113.73 39.92 -31.64
C ILE H 123 113.58 40.79 -32.90
N THR H 124 112.33 41.01 -33.34
CA THR H 124 111.99 41.91 -34.48
C THR H 124 112.60 43.27 -34.14
N ALA H 125 112.19 43.82 -32.99
CA ALA H 125 112.60 45.14 -32.46
C ALA H 125 114.11 45.32 -32.62
N ARG H 126 114.90 44.47 -31.96
CA ARG H 126 116.38 44.55 -31.86
C ARG H 126 117.03 44.80 -33.23
N ILE H 127 116.49 44.25 -34.32
CA ILE H 127 117.08 44.36 -35.69
C ILE H 127 116.62 45.69 -36.34
N MET H 128 115.36 46.10 -36.09
CA MET H 128 114.78 47.39 -36.56
C MET H 128 115.43 48.57 -35.82
N ALA H 129 115.94 48.36 -34.60
CA ALA H 129 116.67 49.38 -33.80
C ALA H 129 118.15 49.48 -34.19
N LYS H 130 118.61 48.73 -35.21
CA LYS H 130 120.04 48.58 -35.63
C LYS H 130 120.91 48.24 -34.41
N ARG H 131 120.41 47.36 -33.53
CA ARG H 131 121.14 46.79 -32.36
C ARG H 131 121.16 45.27 -32.52
N PRO H 132 121.99 44.73 -33.44
CA PRO H 132 121.96 43.31 -33.77
C PRO H 132 122.57 42.48 -32.64
N PHE H 133 122.52 41.16 -32.77
CA PHE H 133 123.15 40.20 -31.83
C PHE H 133 124.57 39.91 -32.31
N ASP H 134 125.54 40.70 -31.85
CA ASP H 134 126.99 40.54 -32.13
C ASP H 134 127.78 40.18 -30.85
N LYS H 135 127.21 40.44 -29.67
CA LYS H 135 127.81 40.04 -28.37
C LYS H 135 127.78 38.51 -28.26
N LYS H 136 128.93 37.89 -27.96
CA LYS H 136 129.00 36.48 -27.47
C LYS H 136 128.22 36.43 -26.15
N SER H 137 126.97 35.98 -26.20
CA SER H 137 126.10 35.83 -24.99
C SER H 137 126.79 34.89 -24.01
N ASN H 138 126.71 35.21 -22.72
CA ASN H 138 127.28 34.40 -21.61
C ASN H 138 126.27 33.29 -21.28
N SER H 139 125.95 32.43 -22.25
CA SER H 139 125.12 31.22 -22.04
C SER H 139 125.91 30.26 -21.17
N ALA H 140 125.30 29.77 -20.09
CA ALA H 140 125.92 28.86 -19.09
C ALA H 140 126.58 27.71 -19.83
N LEU H 141 125.78 27.01 -20.63
CA LEU H 141 126.13 25.76 -21.35
C LEU H 141 127.41 25.96 -22.17
N PHE H 142 127.67 27.17 -22.65
CA PHE H 142 128.82 27.46 -23.56
C PHE H 142 130.01 28.00 -22.75
N ARG H 143 129.76 28.70 -21.63
CA ARG H 143 130.85 29.02 -20.66
C ARG H 143 131.48 27.70 -20.23
N ALA H 144 130.63 26.70 -19.96
CA ALA H 144 130.98 25.34 -19.48
C ALA H 144 131.80 24.58 -20.52
N VAL H 145 131.39 24.61 -21.79
CA VAL H 145 132.05 23.83 -22.88
C VAL H 145 133.40 24.48 -23.20
N GLY H 146 133.51 25.80 -23.02
CA GLY H 146 134.78 26.55 -23.13
C GLY H 146 135.80 26.06 -22.12
N GLU H 147 135.37 25.81 -20.88
CA GLU H 147 136.22 25.38 -19.74
C GLU H 147 136.62 23.91 -19.89
N GLY H 148 135.67 23.04 -20.27
CA GLY H 148 135.83 21.57 -20.37
C GLY H 148 134.93 20.80 -19.41
N ASN H 149 133.95 21.46 -18.77
CA ASN H 149 132.94 20.81 -17.87
C ASN H 149 131.69 20.41 -18.67
N ALA H 150 131.79 20.33 -20.00
CA ALA H 150 130.69 19.87 -20.89
C ALA H 150 131.26 19.48 -22.25
N GLN H 151 130.67 18.44 -22.87
CA GLN H 151 130.90 18.05 -24.28
C GLN H 151 129.53 18.04 -24.96
N LEU H 152 129.40 18.71 -26.10
CA LEU H 152 128.12 18.83 -26.85
C LEU H 152 128.17 17.92 -28.08
N VAL H 153 127.01 17.39 -28.45
CA VAL H 153 126.76 16.76 -29.76
C VAL H 153 125.42 17.26 -30.31
N ALA H 154 125.41 17.63 -31.59
CA ALA H 154 124.18 18.00 -32.34
C ALA H 154 123.62 16.75 -33.02
N ILE H 155 122.32 16.50 -32.90
CA ILE H 155 121.63 15.42 -33.65
C ILE H 155 120.42 16.00 -34.39
N PHE H 156 120.21 15.53 -35.61
CA PHE H 156 119.14 15.99 -36.52
C PHE H 156 118.25 14.80 -36.84
N GLY H 157 116.97 14.89 -36.54
CA GLY H 157 115.95 13.90 -36.92
C GLY H 157 115.74 13.83 -38.42
N GLY H 158 114.84 12.95 -38.83
CA GLY H 158 114.36 12.80 -40.21
C GLY H 158 112.86 12.67 -40.17
N GLN H 159 112.31 11.74 -40.92
CA GLN H 159 110.83 11.63 -41.08
C GLN H 159 110.34 10.61 -40.06
N GLY H 160 109.02 10.60 -39.84
CA GLY H 160 108.31 9.65 -38.96
C GLY H 160 107.94 10.29 -37.65
N ASN H 161 108.42 11.52 -37.42
CA ASN H 161 108.40 12.16 -36.09
C ASN H 161 107.03 12.81 -35.93
N THR H 162 106.57 13.58 -36.92
CA THR H 162 105.26 14.29 -36.89
C THR H 162 104.46 14.11 -38.18
N ASP H 163 103.13 14.12 -38.02
CA ASP H 163 102.11 14.26 -39.10
C ASP H 163 102.40 15.54 -39.89
N ASP H 164 102.20 16.72 -39.27
CA ASP H 164 102.49 18.03 -39.91
C ASP H 164 103.76 18.61 -39.29
N TYR H 165 104.88 18.30 -39.93
CA TYR H 165 106.18 19.00 -39.79
C TYR H 165 106.06 20.46 -40.22
N PHE H 166 105.27 20.75 -41.26
CA PHE H 166 105.28 22.06 -41.97
C PHE H 166 104.88 23.17 -41.01
N GLU H 167 104.06 22.89 -39.98
CA GLU H 167 103.68 23.88 -38.93
C GLU H 167 104.92 24.31 -38.13
N GLU H 168 105.95 23.48 -38.07
CA GLU H 168 107.24 23.82 -37.43
C GLU H 168 107.94 24.89 -38.28
N LEU H 169 107.81 24.82 -39.60
CA LEU H 169 108.45 25.76 -40.56
C LEU H 169 107.66 27.07 -40.52
N ARG H 170 106.34 26.97 -40.48
CA ARG H 170 105.39 28.12 -40.32
C ARG H 170 105.77 28.90 -39.06
N ASP H 171 105.91 28.21 -37.92
CA ASP H 171 106.20 28.81 -36.59
C ASP H 171 107.61 29.38 -36.57
N LEU H 172 108.54 28.86 -37.38
CA LEU H 172 109.90 29.44 -37.55
C LEU H 172 109.84 30.75 -38.35
N TYR H 173 108.98 30.81 -39.37
CA TYR H 173 108.89 31.96 -40.30
C TYR H 173 108.21 33.14 -39.60
N GLN H 174 107.11 32.89 -38.88
CA GLN H 174 106.39 33.92 -38.07
C GLN H 174 107.37 34.57 -37.09
N THR H 175 107.86 33.76 -36.15
CA THR H 175 108.51 34.16 -34.89
C THR H 175 109.93 34.66 -35.12
N TYR H 176 110.73 34.08 -36.01
CA TYR H 176 112.15 34.49 -36.22
C TYR H 176 112.33 35.06 -37.63
N HIS H 177 111.27 35.64 -38.20
CA HIS H 177 111.26 36.15 -39.60
C HIS H 177 112.59 36.85 -39.90
N VAL H 178 113.06 37.70 -38.99
CA VAL H 178 114.19 38.65 -39.21
C VAL H 178 115.54 37.93 -39.27
N LEU H 179 115.68 36.74 -38.67
CA LEU H 179 116.95 35.98 -38.54
C LEU H 179 117.08 34.93 -39.66
N VAL H 180 115.95 34.31 -40.00
CA VAL H 180 115.84 33.10 -40.87
C VAL H 180 115.30 33.50 -42.25
N GLY H 181 114.43 34.51 -42.31
CA GLY H 181 113.75 35.02 -43.52
C GLY H 181 114.55 34.86 -44.81
N ASP H 182 115.83 35.27 -44.83
CA ASP H 182 116.68 35.23 -46.05
C ASP H 182 117.15 33.78 -46.32
N LEU H 183 117.27 32.92 -45.31
CA LEU H 183 117.57 31.46 -45.50
C LEU H 183 116.35 30.76 -46.12
N ILE H 184 115.16 30.92 -45.53
CA ILE H 184 113.88 30.37 -46.06
C ILE H 184 113.75 30.81 -47.52
N LYS H 185 114.03 32.08 -47.82
CA LYS H 185 113.82 32.70 -49.15
C LYS H 185 114.90 32.19 -50.11
N PHE H 186 116.14 32.01 -49.66
CA PHE H 186 117.23 31.45 -50.52
C PHE H 186 116.95 29.97 -50.76
N SER H 187 116.36 29.28 -49.80
CA SER H 187 115.93 27.87 -49.93
C SER H 187 115.03 27.76 -51.16
N ALA H 188 113.91 28.48 -51.16
CA ALA H 188 112.83 28.42 -52.17
C ALA H 188 113.38 28.72 -53.56
N GLU H 189 114.17 29.80 -53.71
CA GLU H 189 114.87 30.15 -54.98
C GLU H 189 115.68 28.95 -55.47
N THR H 190 116.43 28.29 -54.58
CA THR H 190 117.29 27.12 -54.88
C THR H 190 116.44 25.92 -55.29
N LEU H 191 115.36 25.65 -54.57
CA LEU H 191 114.45 24.52 -54.87
C LEU H 191 113.74 24.76 -56.21
N SER H 192 113.23 25.98 -56.44
CA SER H 192 112.55 26.38 -57.68
C SER H 192 113.50 26.18 -58.87
N GLU H 193 114.73 26.70 -58.75
CA GLU H 193 115.81 26.56 -59.76
C GLU H 193 116.08 25.08 -60.03
N LEU H 194 116.10 24.25 -58.98
CA LEU H 194 116.45 22.81 -59.06
C LEU H 194 115.35 22.05 -59.82
N ILE H 195 114.09 22.46 -59.67
CA ILE H 195 112.92 21.91 -60.45
C ILE H 195 113.12 22.22 -61.93
N ARG H 196 113.32 23.50 -62.27
CA ARG H 196 113.36 24.00 -63.67
C ARG H 196 114.51 23.33 -64.46
N THR H 197 115.70 23.19 -63.86
CA THR H 197 116.92 22.62 -64.50
C THR H 197 116.84 21.09 -64.60
N THR H 198 116.20 20.42 -63.64
CA THR H 198 116.02 18.94 -63.61
C THR H 198 114.94 18.57 -64.63
N LEU H 199 115.06 17.40 -65.25
CA LEU H 199 114.37 17.04 -66.51
C LEU H 199 112.86 16.86 -66.27
N ASP H 200 112.46 15.81 -65.54
CA ASP H 200 111.03 15.42 -65.37
C ASP H 200 110.58 15.76 -63.94
N ALA H 201 111.16 16.79 -63.32
CA ALA H 201 110.91 17.13 -61.90
C ALA H 201 109.49 17.73 -61.74
N GLU H 202 109.08 18.59 -62.68
CA GLU H 202 107.75 19.26 -62.73
C GLU H 202 106.60 18.24 -62.61
N LYS H 203 106.79 17.00 -63.09
CA LYS H 203 105.78 15.92 -63.04
C LYS H 203 105.50 15.53 -61.58
N VAL H 204 106.53 15.56 -60.73
CA VAL H 204 106.50 15.05 -59.34
C VAL H 204 105.85 16.09 -58.42
N PHE H 205 106.03 17.38 -58.70
CA PHE H 205 105.48 18.51 -57.91
C PHE H 205 104.15 18.97 -58.51
N THR H 206 103.11 18.17 -58.30
CA THR H 206 101.77 18.32 -58.93
C THR H 206 101.10 19.61 -58.46
N GLN H 207 101.17 19.93 -57.16
CA GLN H 207 100.65 21.19 -56.57
C GLN H 207 101.82 22.14 -56.30
N GLY H 208 102.89 22.06 -57.09
CA GLY H 208 103.98 23.06 -57.11
C GLY H 208 104.76 23.08 -55.81
N LEU H 209 105.75 23.98 -55.73
CA LEU H 209 106.65 24.13 -54.55
C LEU H 209 106.89 25.63 -54.33
N ASN H 210 105.82 26.39 -54.21
CA ASN H 210 105.87 27.84 -53.86
C ASN H 210 105.69 27.92 -52.34
N ILE H 211 106.79 27.79 -51.60
CA ILE H 211 106.76 27.65 -50.11
C ILE H 211 106.49 29.03 -49.49
N LEU H 212 107.09 30.09 -50.03
CA LEU H 212 106.91 31.48 -49.56
C LEU H 212 105.42 31.85 -49.60
N GLU H 213 104.74 31.51 -50.70
CA GLU H 213 103.27 31.62 -50.86
C GLU H 213 102.53 30.83 -49.77
N TRP H 214 102.94 29.59 -49.48
CA TRP H 214 102.28 28.71 -48.47
C TRP H 214 102.46 29.29 -47.07
N LEU H 215 103.59 29.96 -46.84
CA LEU H 215 103.95 30.51 -45.51
C LEU H 215 103.15 31.77 -45.21
N GLU H 216 102.83 32.58 -46.24
CA GLU H 216 101.97 33.79 -46.09
C GLU H 216 100.52 33.37 -45.85
N ASN H 217 99.94 32.60 -46.77
CA ASN H 217 98.51 32.22 -46.82
C ASN H 217 98.38 30.76 -46.40
N PRO H 218 97.99 30.47 -45.13
CA PRO H 218 97.51 29.14 -44.75
C PRO H 218 96.40 28.53 -45.63
N SER H 219 95.69 29.36 -46.40
CA SER H 219 94.65 28.95 -47.39
C SER H 219 95.29 28.21 -48.56
N ASN H 220 96.32 28.79 -49.17
CA ASN H 220 97.01 28.30 -50.39
C ASN H 220 97.97 27.13 -50.11
N THR H 221 98.28 26.87 -48.82
CA THR H 221 99.00 25.67 -48.32
C THR H 221 98.23 24.42 -48.77
N PRO H 222 98.88 23.44 -49.44
CA PRO H 222 98.24 22.17 -49.76
C PRO H 222 97.85 21.32 -48.55
N ASP H 223 97.11 20.24 -48.79
CA ASP H 223 96.74 19.20 -47.78
C ASP H 223 98.01 18.52 -47.25
N LYS H 224 97.96 17.99 -46.02
CA LYS H 224 99.10 17.32 -45.34
C LYS H 224 99.69 16.19 -46.20
N ASP H 225 98.83 15.39 -46.83
CA ASP H 225 99.22 14.20 -47.64
C ASP H 225 100.20 14.62 -48.73
N TYR H 226 99.94 15.74 -49.44
CA TYR H 226 100.84 16.26 -50.50
C TYR H 226 102.14 16.74 -49.86
N LEU H 227 102.02 17.47 -48.75
CA LEU H 227 103.18 18.03 -48.02
C LEU H 227 104.06 16.89 -47.51
N LEU H 228 103.50 15.72 -47.23
CA LEU H 228 104.28 14.61 -46.65
C LEU H 228 105.07 13.91 -47.75
N SER H 229 104.61 13.94 -49.01
CA SER H 229 105.28 13.24 -50.14
C SER H 229 106.76 13.61 -50.10
N ILE H 230 107.64 12.64 -50.30
CA ILE H 230 109.08 12.81 -49.98
C ILE H 230 109.71 13.89 -50.84
N PRO H 231 109.24 14.19 -52.06
CA PRO H 231 109.91 15.21 -52.88
C PRO H 231 109.89 16.56 -52.17
N ILE H 232 108.80 16.88 -51.47
CA ILE H 232 108.69 18.22 -50.83
C ILE H 232 109.11 18.09 -49.36
N SER H 233 108.76 16.99 -48.68
CA SER H 233 108.99 16.79 -47.22
C SER H 233 110.49 16.63 -46.92
N CYS H 234 111.23 15.90 -47.76
CA CYS H 234 112.68 15.71 -47.59
C CYS H 234 113.36 17.08 -47.49
N PRO H 235 113.45 17.88 -48.58
CA PRO H 235 114.21 19.13 -48.55
C PRO H 235 113.69 20.13 -47.52
N LEU H 236 112.39 20.14 -47.26
CA LEU H 236 111.76 21.09 -46.30
C LEU H 236 112.13 20.73 -44.87
N ILE H 237 112.31 19.46 -44.54
CA ILE H 237 112.83 19.09 -43.19
C ILE H 237 114.27 19.59 -43.08
N GLY H 238 115.07 19.45 -44.14
CA GLY H 238 116.44 20.00 -44.18
C GLY H 238 116.44 21.44 -43.75
N VAL H 239 115.65 22.25 -44.43
CA VAL H 239 115.44 23.70 -44.16
C VAL H 239 115.11 23.89 -42.68
N ILE H 240 114.10 23.19 -42.16
CA ILE H 240 113.61 23.36 -40.75
C ILE H 240 114.80 23.24 -39.80
N GLN H 241 115.72 22.32 -40.09
CA GLN H 241 116.87 22.00 -39.21
C GLN H 241 117.91 23.10 -39.36
N LEU H 242 118.38 23.33 -40.59
CA LEU H 242 119.26 24.47 -40.94
C LEU H 242 118.73 25.77 -40.31
N ALA H 243 117.40 25.98 -40.27
CA ALA H 243 116.79 27.20 -39.69
C ALA H 243 116.98 27.23 -38.16
N HIS H 244 116.46 26.23 -37.44
CA HIS H 244 116.70 26.00 -35.99
C HIS H 244 118.18 26.18 -35.66
N TYR H 245 119.08 25.65 -36.49
CA TYR H 245 120.54 25.84 -36.29
C TYR H 245 120.91 27.32 -36.33
N VAL H 246 120.30 28.08 -37.24
CA VAL H 246 120.64 29.50 -37.50
C VAL H 246 120.11 30.37 -36.35
N VAL H 247 118.86 30.21 -35.92
CA VAL H 247 118.38 31.02 -34.76
C VAL H 247 119.40 30.80 -33.64
N THR H 248 119.74 29.55 -33.39
CA THR H 248 120.68 29.12 -32.32
C THR H 248 121.98 29.93 -32.43
N ALA H 249 122.59 30.01 -33.61
CA ALA H 249 123.85 30.75 -33.84
C ALA H 249 123.67 32.25 -33.61
N LYS H 250 122.59 32.84 -34.12
CA LYS H 250 122.39 34.32 -34.10
C LYS H 250 122.00 34.78 -32.69
N LEU H 251 121.08 34.07 -32.03
CA LEU H 251 120.66 34.39 -30.65
C LEU H 251 121.78 34.13 -29.62
N LEU H 252 122.87 33.48 -30.03
CA LEU H 252 124.13 33.44 -29.25
C LEU H 252 125.15 34.46 -29.80
N GLY H 253 124.99 34.90 -31.04
CA GLY H 253 125.92 35.85 -31.68
C GLY H 253 127.17 35.15 -32.18
N PHE H 254 127.09 33.84 -32.37
CA PHE H 254 128.15 33.02 -33.01
C PHE H 254 127.95 33.01 -34.52
N THR H 255 129.06 32.89 -35.25
CA THR H 255 129.09 32.55 -36.69
C THR H 255 128.85 31.05 -36.78
N PRO H 256 128.24 30.50 -37.86
CA PRO H 256 127.90 29.07 -37.90
C PRO H 256 129.11 28.13 -37.73
N GLY H 257 130.32 28.59 -38.10
CA GLY H 257 131.59 27.88 -37.83
C GLY H 257 131.96 27.88 -36.37
N GLU H 258 131.64 28.94 -35.62
CA GLU H 258 131.96 29.08 -34.17
C GLU H 258 131.06 28.14 -33.37
N LEU H 259 129.77 28.07 -33.72
CA LEU H 259 128.79 27.12 -33.10
C LEU H 259 129.28 25.69 -33.33
N ARG H 260 129.76 25.40 -34.53
CA ARG H 260 130.29 24.09 -34.96
C ARG H 260 131.54 23.75 -34.14
N SER H 261 132.41 24.72 -33.85
CA SER H 261 133.69 24.50 -33.13
C SER H 261 133.44 24.04 -31.68
N TYR H 262 132.30 24.40 -31.08
CA TYR H 262 131.91 24.00 -29.70
C TYR H 262 131.23 22.63 -29.68
N LEU H 263 130.78 22.14 -30.83
CA LEU H 263 130.32 20.73 -30.97
C LEU H 263 131.55 19.83 -30.93
N LYS H 264 131.42 18.66 -30.28
CA LYS H 264 132.50 17.64 -30.26
C LYS H 264 132.32 16.80 -31.52
N GLY H 265 131.08 16.37 -31.77
CA GLY H 265 130.66 15.66 -33.00
C GLY H 265 129.22 15.96 -33.37
N ALA H 266 128.82 15.61 -34.59
CA ALA H 266 127.44 15.76 -35.11
C ALA H 266 127.02 14.47 -35.80
N THR H 267 125.73 14.18 -35.80
CA THR H 267 125.14 13.02 -36.48
C THR H 267 123.63 13.17 -36.60
N GLY H 268 123.02 12.37 -37.45
CA GLY H 268 121.58 12.45 -37.77
C GLY H 268 120.99 11.07 -37.99
N HIS H 269 119.72 10.97 -37.65
CA HIS H 269 118.85 9.79 -37.90
C HIS H 269 118.30 9.93 -39.29
N SER H 270 118.42 8.89 -40.12
CA SER H 270 117.82 8.82 -41.48
C SER H 270 118.43 9.93 -42.36
N GLN H 271 117.62 10.88 -42.85
CA GLN H 271 118.02 11.98 -43.76
C GLN H 271 118.70 13.13 -43.00
N GLY H 272 118.43 13.26 -41.70
CA GLY H 272 119.12 14.19 -40.79
C GLY H 272 120.63 14.11 -40.93
N LEU H 273 121.14 13.01 -41.47
CA LEU H 273 122.59 12.76 -41.67
C LEU H 273 123.16 13.76 -42.68
N VAL H 274 122.32 14.41 -43.49
CA VAL H 274 122.79 15.35 -44.54
C VAL H 274 122.97 16.74 -43.94
N THR H 275 122.01 17.21 -43.14
CA THR H 275 122.13 18.52 -42.47
C THR H 275 123.38 18.46 -41.60
N ALA H 276 123.63 17.33 -40.94
CA ALA H 276 124.78 17.10 -40.02
C ALA H 276 126.09 17.39 -40.75
N VAL H 277 126.31 16.76 -41.91
CA VAL H 277 127.58 16.91 -42.68
C VAL H 277 127.69 18.32 -43.27
N ALA H 278 126.59 19.07 -43.42
CA ALA H 278 126.59 20.45 -43.97
C ALA H 278 127.05 21.43 -42.89
N ILE H 279 126.51 21.29 -41.67
CA ILE H 279 126.96 21.98 -40.42
C ILE H 279 128.47 21.80 -40.26
N ALA H 280 128.95 20.56 -40.30
CA ALA H 280 130.38 20.20 -40.11
C ALA H 280 131.30 20.99 -41.07
N GLU H 281 130.82 21.44 -42.23
CA GLU H 281 131.63 22.20 -43.23
C GLU H 281 131.68 23.70 -42.89
N THR H 282 130.59 24.24 -42.34
CA THR H 282 130.32 25.69 -42.37
C THR H 282 131.39 26.46 -41.58
N ASP H 283 131.58 27.74 -41.94
CA ASP H 283 132.65 28.65 -41.44
C ASP H 283 132.01 30.00 -41.07
N SER H 284 131.78 30.90 -42.04
CA SER H 284 131.29 32.29 -41.85
C SER H 284 129.83 32.40 -42.32
N TRP H 285 129.20 33.57 -42.10
CA TRP H 285 127.83 33.87 -42.60
C TRP H 285 127.81 34.03 -44.12
N GLU H 286 128.96 34.27 -44.76
CA GLU H 286 129.07 34.45 -46.23
C GLU H 286 128.99 33.07 -46.88
N SER H 287 129.93 32.17 -46.54
CA SER H 287 130.04 30.83 -47.16
C SER H 287 129.08 29.83 -46.50
N PHE H 288 128.03 30.29 -45.79
CA PHE H 288 126.98 29.42 -45.22
C PHE H 288 126.05 28.95 -46.33
N PHE H 289 125.65 29.87 -47.21
CA PHE H 289 124.66 29.61 -48.28
C PHE H 289 125.23 28.65 -49.33
N VAL H 290 126.54 28.35 -49.37
CA VAL H 290 127.09 27.29 -50.27
C VAL H 290 126.98 25.92 -49.58
N SER H 291 126.96 25.87 -48.25
CA SER H 291 126.66 24.64 -47.47
C SER H 291 125.16 24.33 -47.59
N VAL H 292 124.29 25.31 -47.35
CA VAL H 292 122.81 25.16 -47.43
C VAL H 292 122.39 24.76 -48.85
N ARG H 293 123.08 25.23 -49.91
CA ARG H 293 122.84 24.76 -51.30
C ARG H 293 123.11 23.26 -51.36
N LYS H 294 124.26 22.83 -50.83
CA LYS H 294 124.69 21.41 -50.82
C LYS H 294 123.71 20.56 -50.02
N ALA H 295 123.18 21.06 -48.90
CA ALA H 295 122.29 20.27 -48.01
C ALA H 295 121.00 19.98 -48.74
N ILE H 296 120.35 21.01 -49.29
CA ILE H 296 118.96 20.90 -49.79
C ILE H 296 118.96 20.42 -51.23
N THR H 297 120.05 20.59 -51.98
CA THR H 297 120.18 19.96 -53.32
C THR H 297 120.11 18.43 -53.11
N VAL H 298 120.90 17.87 -52.20
CA VAL H 298 120.96 16.41 -51.91
C VAL H 298 119.58 15.92 -51.45
N LEU H 299 118.95 16.63 -50.54
CA LEU H 299 117.63 16.24 -49.97
C LEU H 299 116.54 16.35 -51.04
N PHE H 300 116.75 17.20 -52.05
CA PHE H 300 115.82 17.35 -53.22
C PHE H 300 115.91 16.09 -54.09
N PHE H 301 117.13 15.72 -54.50
CA PHE H 301 117.37 14.56 -55.40
C PHE H 301 117.05 13.24 -54.71
N ILE H 302 117.14 13.16 -53.39
CA ILE H 302 116.72 11.95 -52.61
C ILE H 302 115.21 11.80 -52.76
N GLY H 303 114.44 12.83 -52.40
CA GLY H 303 112.97 12.82 -52.43
C GLY H 303 112.39 12.80 -53.84
N VAL H 304 113.16 13.21 -54.85
CA VAL H 304 112.70 13.19 -56.26
C VAL H 304 112.96 11.78 -56.80
N ARG H 305 114.22 11.34 -56.83
CA ARG H 305 114.61 10.05 -57.43
C ARG H 305 114.10 8.84 -56.61
N CYS H 306 113.73 9.02 -55.34
CA CYS H 306 113.17 7.93 -54.49
C CYS H 306 111.65 7.83 -54.65
N TYR H 307 110.96 8.94 -54.93
CA TYR H 307 109.51 8.94 -55.23
C TYR H 307 109.30 8.21 -56.55
N GLU H 308 110.18 8.46 -57.53
CA GLU H 308 110.15 7.81 -58.85
C GLU H 308 110.31 6.30 -58.67
N ALA H 309 111.22 5.86 -57.80
CA ALA H 309 111.66 4.46 -57.70
C ALA H 309 110.58 3.59 -57.04
N TYR H 310 109.89 4.10 -56.02
CA TYR H 310 108.72 3.42 -55.38
C TYR H 310 107.70 4.45 -54.92
N PRO H 311 106.79 4.91 -55.83
CA PRO H 311 105.73 5.86 -55.46
C PRO H 311 104.52 5.27 -54.72
N ASN H 312 103.93 6.00 -53.79
CA ASN H 312 102.80 5.52 -52.98
C ASN H 312 101.54 5.49 -53.87
N THR H 313 100.77 4.41 -53.78
CA THR H 313 99.52 4.16 -54.55
C THR H 313 98.37 3.96 -53.57
N SER H 314 97.16 3.79 -54.11
CA SER H 314 95.90 3.69 -53.32
C SER H 314 95.94 2.40 -52.50
N LEU H 315 95.55 2.49 -51.23
CA LEU H 315 95.24 1.28 -50.44
C LEU H 315 93.88 0.76 -50.88
N PRO H 316 93.73 -0.57 -51.05
CA PRO H 316 92.40 -1.18 -50.95
C PRO H 316 91.64 -0.66 -49.74
N PRO H 317 90.46 -0.04 -49.89
CA PRO H 317 89.69 0.46 -48.76
C PRO H 317 89.21 -0.57 -47.75
N SER H 318 89.10 -1.85 -48.13
CA SER H 318 88.85 -2.98 -47.20
C SER H 318 89.90 -2.91 -46.08
N ILE H 319 91.17 -2.91 -46.48
CA ILE H 319 92.38 -2.86 -45.62
C ILE H 319 92.36 -1.61 -44.75
N LEU H 320 92.16 -0.45 -45.35
CA LEU H 320 92.23 0.86 -44.66
C LEU H 320 91.22 0.88 -43.50
N GLU H 321 90.05 0.28 -43.71
CA GLU H 321 88.92 0.23 -42.76
C GLU H 321 89.15 -0.84 -41.69
N ASP H 322 89.83 -1.93 -42.04
CA ASP H 322 90.22 -3.03 -41.12
C ASP H 322 91.21 -2.48 -40.09
N SER H 323 92.27 -1.81 -40.56
CA SER H 323 93.33 -1.18 -39.72
C SER H 323 92.76 -0.09 -38.80
N LEU H 324 91.69 0.61 -39.19
CA LEU H 324 91.13 1.73 -38.38
C LEU H 324 90.16 1.21 -37.31
N GLU H 325 89.59 0.01 -37.47
CA GLU H 325 88.70 -0.60 -36.44
C GLU H 325 89.52 -1.39 -35.41
N ASN H 326 90.81 -1.64 -35.66
CA ASN H 326 91.75 -2.33 -34.72
C ASN H 326 92.76 -1.35 -34.12
N ASN H 327 92.57 -0.04 -34.30
CA ASN H 327 93.37 1.05 -33.66
C ASN H 327 94.82 1.07 -34.12
N GLU H 328 95.22 0.17 -35.04
CA GLU H 328 96.42 0.36 -35.91
C GLU H 328 96.21 1.67 -36.68
N GLY H 329 97.25 2.21 -37.29
CA GLY H 329 97.12 3.53 -37.94
C GLY H 329 96.42 3.46 -39.27
N VAL H 330 96.71 4.44 -40.11
CA VAL H 330 96.61 4.37 -41.60
C VAL H 330 97.87 3.67 -42.08
N PRO H 331 97.81 2.57 -42.86
CA PRO H 331 99.03 1.91 -43.32
C PRO H 331 99.93 2.88 -44.07
N SER H 332 101.22 2.57 -44.05
CA SER H 332 102.32 3.40 -44.59
C SER H 332 103.47 2.46 -44.89
N PRO H 333 104.54 2.89 -45.55
CA PRO H 333 105.67 2.03 -45.81
C PRO H 333 106.62 1.86 -44.60
N MET H 334 106.31 2.44 -43.43
CA MET H 334 107.17 2.31 -42.23
C MET H 334 106.33 2.03 -40.97
N LEU H 335 106.39 0.77 -40.51
CA LEU H 335 105.70 0.21 -39.31
C LEU H 335 106.66 0.19 -38.13
N SER H 336 106.31 0.85 -37.02
CA SER H 336 107.12 0.92 -35.76
C SER H 336 106.57 -0.09 -34.76
N ILE H 337 107.46 -0.86 -34.11
CA ILE H 337 107.11 -1.94 -33.14
C ILE H 337 107.84 -1.68 -31.82
N SER H 338 107.15 -1.12 -30.81
CA SER H 338 107.65 -0.95 -29.41
C SER H 338 107.61 -2.30 -28.68
N ASN H 339 108.63 -2.60 -27.86
CA ASN H 339 108.59 -3.52 -26.69
C ASN H 339 108.86 -4.99 -27.10
N LEU H 340 109.69 -5.20 -28.12
CA LEU H 340 109.97 -6.51 -28.76
C LEU H 340 111.40 -6.50 -29.29
N THR H 341 112.27 -7.39 -28.80
CA THR H 341 113.72 -7.43 -29.15
C THR H 341 113.87 -7.56 -30.67
N GLN H 342 114.97 -7.07 -31.24
CA GLN H 342 115.30 -7.22 -32.69
C GLN H 342 115.27 -8.71 -33.08
N GLU H 343 115.57 -9.62 -32.15
CA GLU H 343 115.57 -11.08 -32.43
C GLU H 343 114.13 -11.62 -32.47
N GLN H 344 113.21 -11.05 -31.67
CA GLN H 344 111.76 -11.42 -31.70
C GLN H 344 111.12 -10.95 -33.02
N VAL H 345 111.36 -9.69 -33.40
CA VAL H 345 110.78 -9.04 -34.62
C VAL H 345 111.29 -9.75 -35.87
N GLN H 346 112.58 -10.09 -35.93
CA GLN H 346 113.21 -10.65 -37.15
C GLN H 346 112.66 -12.06 -37.39
N ASP H 347 112.09 -12.73 -36.37
CA ASP H 347 111.29 -13.97 -36.57
C ASP H 347 110.03 -13.66 -37.37
N TYR H 348 109.17 -12.78 -36.85
CA TYR H 348 107.88 -12.38 -37.47
C TYR H 348 108.06 -11.85 -38.89
N VAL H 349 109.23 -11.32 -39.29
CA VAL H 349 109.47 -10.88 -40.70
C VAL H 349 109.99 -12.07 -41.53
N ASN H 350 110.66 -13.07 -40.93
CA ASN H 350 111.12 -14.26 -41.68
C ASN H 350 109.90 -15.12 -42.05
N LYS H 351 108.92 -15.22 -41.12
CA LYS H 351 107.57 -15.79 -41.39
C LYS H 351 106.97 -15.06 -42.60
N THR H 352 106.70 -13.76 -42.47
CA THR H 352 106.00 -12.91 -43.47
C THR H 352 106.74 -12.94 -44.82
N ASN H 353 108.07 -12.87 -44.85
CA ASN H 353 108.89 -12.83 -46.10
C ASN H 353 109.16 -14.24 -46.64
N SER H 354 108.71 -15.30 -45.98
CA SER H 354 108.74 -16.69 -46.54
C SER H 354 107.80 -16.74 -47.76
N HIS H 355 106.58 -16.20 -47.59
CA HIS H 355 105.43 -16.32 -48.51
C HIS H 355 105.53 -15.31 -49.67
N LEU H 356 105.87 -14.07 -49.38
CA LEU H 356 105.95 -12.95 -50.36
C LEU H 356 107.08 -13.21 -51.35
N PRO H 357 106.98 -12.72 -52.61
CA PRO H 357 108.10 -12.74 -53.55
C PRO H 357 109.10 -11.60 -53.29
N ALA H 358 110.28 -11.65 -53.92
CA ALA H 358 111.45 -10.79 -53.64
C ALA H 358 111.06 -9.30 -53.48
N GLY H 359 110.44 -8.71 -54.51
CA GLY H 359 110.19 -7.25 -54.60
C GLY H 359 108.90 -6.83 -53.92
N LYS H 360 108.46 -7.57 -52.89
CA LYS H 360 107.33 -7.18 -52.00
C LYS H 360 107.66 -7.48 -50.54
N GLN H 361 108.94 -7.74 -50.23
CA GLN H 361 109.41 -8.23 -48.90
C GLN H 361 109.66 -7.03 -47.98
N VAL H 362 109.54 -7.25 -46.67
CA VAL H 362 109.80 -6.22 -45.64
C VAL H 362 111.16 -6.49 -45.01
N GLU H 363 111.70 -5.51 -44.28
CA GLU H 363 112.98 -5.61 -43.54
C GLU H 363 112.99 -4.62 -42.38
N ILE H 364 113.71 -4.96 -41.31
CA ILE H 364 114.09 -4.02 -40.21
C ILE H 364 114.97 -2.96 -40.83
N SER H 365 114.65 -1.69 -40.59
CA SER H 365 115.24 -0.49 -41.22
C SER H 365 115.89 0.40 -40.15
N LEU H 366 115.10 0.83 -39.17
CA LEU H 366 115.62 1.54 -37.98
C LEU H 366 115.62 0.58 -36.80
N VAL H 367 116.78 0.44 -36.12
CA VAL H 367 116.93 -0.14 -34.76
C VAL H 367 117.17 1.02 -33.79
N ASN H 368 116.09 1.61 -33.29
CA ASN H 368 116.15 2.86 -32.50
C ASN H 368 116.64 2.55 -31.09
N GLY H 369 116.06 1.53 -30.45
CA GLY H 369 116.43 1.07 -29.10
C GLY H 369 116.64 -0.42 -29.08
N ALA H 370 116.82 -0.99 -27.88
CA ALA H 370 116.85 -2.44 -27.63
C ALA H 370 115.52 -3.06 -28.06
N LYS H 371 114.43 -2.40 -27.66
CA LYS H 371 113.02 -2.80 -27.93
C LYS H 371 112.24 -1.63 -28.53
N ASN H 372 112.70 -1.11 -29.67
CA ASN H 372 112.03 -0.01 -30.39
C ASN H 372 112.51 -0.06 -31.84
N LEU H 373 111.80 -0.78 -32.69
CA LEU H 373 112.22 -1.09 -34.09
C LEU H 373 111.20 -0.55 -35.08
N VAL H 374 111.66 -0.36 -36.31
CA VAL H 374 110.84 0.11 -37.45
C VAL H 374 111.10 -0.83 -38.62
N VAL H 375 110.01 -1.34 -39.24
CA VAL H 375 110.05 -2.23 -40.43
C VAL H 375 109.58 -1.41 -41.64
N SER H 376 110.34 -1.49 -42.74
CA SER H 376 110.11 -0.74 -44.00
C SER H 376 109.82 -1.71 -45.14
N GLY H 377 108.71 -1.47 -45.83
CA GLY H 377 108.43 -2.09 -47.13
C GLY H 377 107.05 -1.70 -47.62
N PRO H 378 106.48 -2.45 -48.58
CA PRO H 378 105.18 -2.11 -49.17
C PRO H 378 104.04 -2.10 -48.16
N PRO H 379 103.24 -1.03 -48.05
CA PRO H 379 102.20 -0.97 -47.04
C PRO H 379 101.28 -2.20 -46.98
N GLN H 380 101.01 -2.86 -48.11
CA GLN H 380 100.34 -4.19 -48.21
C GLN H 380 101.07 -5.20 -47.33
N SER H 381 102.35 -5.44 -47.63
CA SER H 381 103.27 -6.37 -46.95
C SER H 381 103.33 -6.08 -45.43
N LEU H 382 103.44 -4.83 -45.02
CA LEU H 382 103.46 -4.42 -43.59
C LEU H 382 102.08 -4.52 -42.99
N TYR H 383 101.03 -4.61 -43.78
CA TYR H 383 99.68 -4.95 -43.25
C TYR H 383 99.64 -6.47 -43.06
N GLY H 384 100.36 -7.22 -43.88
CA GLY H 384 100.53 -8.68 -43.71
C GLY H 384 101.13 -8.97 -42.35
N LEU H 385 102.26 -8.34 -42.07
CA LEU H 385 102.99 -8.43 -40.78
C LEU H 385 102.05 -8.07 -39.63
N ASN H 386 101.29 -6.99 -39.74
CA ASN H 386 100.43 -6.48 -38.65
C ASN H 386 99.42 -7.53 -38.20
N LEU H 387 98.88 -8.34 -39.13
CA LEU H 387 97.87 -9.39 -38.84
C LEU H 387 98.56 -10.52 -38.07
N THR H 388 99.70 -10.98 -38.55
CA THR H 388 100.62 -11.92 -37.86
C THR H 388 100.90 -11.48 -36.41
N LEU H 389 100.96 -10.18 -36.12
CA LEU H 389 101.22 -9.62 -34.76
C LEU H 389 99.93 -9.63 -33.92
N ARG H 390 98.76 -9.34 -34.50
CA ARG H 390 97.46 -9.30 -33.75
C ARG H 390 97.18 -10.66 -33.11
N LYS H 391 97.59 -11.75 -33.76
CA LYS H 391 97.64 -13.13 -33.18
C LYS H 391 98.41 -13.07 -31.86
N ALA H 392 99.72 -12.84 -31.95
CA ALA H 392 100.71 -13.00 -30.86
C ALA H 392 100.38 -12.08 -29.67
N LYS H 393 99.96 -10.83 -29.93
CA LYS H 393 99.82 -9.80 -28.86
C LYS H 393 98.55 -10.09 -28.05
N ALA H 394 98.56 -9.65 -26.79
CA ALA H 394 97.48 -9.86 -25.81
C ALA H 394 96.81 -8.52 -25.51
N PRO H 395 95.47 -8.48 -25.32
CA PRO H 395 94.76 -7.23 -25.00
C PRO H 395 95.45 -6.42 -23.88
N SER H 396 95.59 -5.10 -24.08
CA SER H 396 96.21 -4.14 -23.11
C SER H 396 95.40 -4.08 -21.79
N GLY H 397 94.08 -4.37 -21.86
CA GLY H 397 93.22 -4.67 -20.70
C GLY H 397 93.01 -6.17 -20.55
N LEU H 398 94.02 -6.90 -20.05
CA LEU H 398 93.94 -8.35 -19.69
C LEU H 398 94.16 -8.57 -18.18
N ASP H 399 95.12 -7.86 -17.56
CA ASP H 399 95.51 -8.01 -16.13
C ASP H 399 96.09 -9.42 -15.93
N GLN H 400 97.42 -9.54 -16.07
CA GLN H 400 98.19 -10.79 -15.86
C GLN H 400 99.03 -10.66 -14.57
N SER H 401 98.50 -9.99 -13.53
CA SER H 401 99.19 -9.78 -12.23
C SER H 401 99.04 -11.01 -11.34
N ARG H 402 98.24 -11.99 -11.76
CA ARG H 402 97.81 -13.20 -11.03
C ARG H 402 98.49 -14.44 -11.62
N ILE H 403 99.16 -14.26 -12.77
CA ILE H 403 99.74 -15.33 -13.61
C ILE H 403 101.24 -15.35 -13.33
N PRO H 404 101.89 -16.52 -13.16
CA PRO H 404 103.35 -16.56 -12.99
C PRO H 404 104.03 -15.82 -14.14
N PHE H 405 105.12 -15.09 -13.84
CA PHE H 405 105.80 -14.13 -14.75
C PHE H 405 106.02 -14.76 -16.13
N SER H 406 106.75 -15.86 -16.20
CA SER H 406 107.27 -16.48 -17.45
C SER H 406 106.18 -17.25 -18.22
N GLU H 407 104.91 -17.16 -17.81
CA GLU H 407 103.73 -17.70 -18.53
C GLU H 407 102.82 -16.56 -19.03
N ARG H 408 103.31 -15.31 -19.01
CA ARG H 408 102.51 -14.13 -19.40
C ARG H 408 102.68 -13.89 -20.90
N LYS H 409 101.63 -13.38 -21.54
CA LYS H 409 101.65 -12.98 -22.97
C LYS H 409 102.46 -11.69 -23.11
N LEU H 410 103.20 -11.57 -24.22
CA LEU H 410 103.95 -10.35 -24.60
C LEU H 410 102.94 -9.24 -24.87
N LYS H 411 103.07 -8.11 -24.19
CA LYS H 411 102.34 -6.85 -24.47
C LYS H 411 103.24 -5.96 -25.33
N PHE H 412 102.76 -5.47 -26.47
CA PHE H 412 103.57 -4.64 -27.40
C PHE H 412 102.70 -3.85 -28.37
N SER H 413 103.17 -2.63 -28.72
CA SER H 413 102.47 -1.62 -29.54
C SER H 413 103.06 -1.64 -30.95
N ASN H 414 102.21 -1.70 -31.98
CA ASN H 414 102.64 -1.63 -33.41
C ASN H 414 101.75 -0.60 -34.09
N ARG H 415 102.38 0.35 -34.76
CA ARG H 415 101.86 1.71 -35.02
C ARG H 415 102.56 2.15 -36.30
N PHE H 416 101.78 2.56 -37.30
CA PHE H 416 102.34 3.03 -38.59
C PHE H 416 102.85 4.46 -38.40
N LEU H 417 103.99 4.76 -39.01
CA LEU H 417 104.57 6.11 -39.00
C LEU H 417 103.84 6.99 -40.01
N PRO H 418 103.91 8.32 -39.84
CA PRO H 418 103.62 9.27 -40.91
C PRO H 418 104.82 9.56 -41.82
N VAL H 419 105.10 8.66 -42.78
CA VAL H 419 105.98 8.92 -43.95
C VAL H 419 105.25 8.46 -45.20
N ALA H 420 105.89 8.60 -46.35
CA ALA H 420 105.32 8.29 -47.67
C ALA H 420 106.21 7.30 -48.44
N SER H 421 107.51 7.20 -48.14
CA SER H 421 108.42 6.23 -48.80
C SER H 421 108.86 5.15 -47.82
N PRO H 422 109.32 3.99 -48.33
CA PRO H 422 110.03 3.02 -47.50
C PRO H 422 111.53 3.29 -47.48
N PHE H 423 112.00 4.08 -46.51
CA PHE H 423 113.43 4.43 -46.38
C PHE H 423 114.22 3.22 -45.87
N HIS H 424 115.51 3.19 -46.17
CA HIS H 424 116.45 2.15 -45.69
C HIS H 424 115.98 0.77 -46.15
N SER H 425 115.43 0.67 -47.36
CA SER H 425 114.84 -0.60 -47.90
C SER H 425 115.52 -0.96 -49.22
N HIS H 426 115.22 -2.14 -49.76
CA HIS H 426 115.74 -2.65 -51.06
C HIS H 426 114.94 -2.06 -52.24
N LEU H 427 113.73 -1.54 -51.97
CA LEU H 427 112.81 -0.88 -52.94
C LEU H 427 113.41 0.42 -53.48
N LEU H 428 114.30 1.07 -52.73
CA LEU H 428 114.88 2.39 -53.11
C LEU H 428 116.25 2.21 -53.76
N VAL H 429 116.79 0.98 -53.82
CA VAL H 429 118.14 0.70 -54.40
C VAL H 429 118.23 1.23 -55.84
N PRO H 430 117.20 1.09 -56.71
CA PRO H 430 117.28 1.61 -58.08
C PRO H 430 117.71 3.09 -58.16
N ALA H 431 117.27 3.89 -57.18
CA ALA H 431 117.52 5.35 -57.06
C ALA H 431 119.00 5.64 -56.80
N SER H 432 119.72 4.74 -56.13
CA SER H 432 121.08 5.00 -55.57
C SER H 432 122.00 5.48 -56.69
N ASP H 433 122.07 4.73 -57.78
CA ASP H 433 122.90 5.06 -58.98
C ASP H 433 122.51 6.43 -59.54
N LEU H 434 121.21 6.72 -59.68
CA LEU H 434 120.71 7.98 -60.30
C LEU H 434 121.09 9.20 -59.45
N ILE H 435 120.93 9.13 -58.12
CA ILE H 435 121.26 10.25 -57.17
C ILE H 435 122.76 10.58 -57.26
N ASN H 436 123.65 9.58 -57.30
CA ASN H 436 125.11 9.81 -57.35
C ASN H 436 125.47 10.62 -58.60
N LYS H 437 124.77 10.38 -59.72
CA LYS H 437 125.00 11.02 -61.03
C LYS H 437 124.35 12.40 -61.10
N ASP H 438 123.22 12.60 -60.42
CA ASP H 438 122.47 13.88 -60.36
C ASP H 438 123.15 14.86 -59.38
N LEU H 439 124.14 14.41 -58.61
CA LEU H 439 124.94 15.24 -57.67
C LEU H 439 126.31 15.58 -58.28
N VAL H 440 126.86 14.74 -59.17
CA VAL H 440 128.12 15.06 -59.91
C VAL H 440 127.79 16.11 -60.98
N LYS H 441 126.54 16.15 -61.47
CA LYS H 441 126.06 17.18 -62.43
C LYS H 441 125.96 18.52 -61.70
N ASN H 442 125.15 18.59 -60.64
CA ASN H 442 124.84 19.83 -59.88
C ASN H 442 126.02 20.24 -58.98
N ASN H 443 127.14 19.50 -59.04
CA ASN H 443 128.48 19.89 -58.50
C ASN H 443 128.38 20.00 -56.96
N VAL H 444 128.25 18.86 -56.29
CA VAL H 444 127.90 18.73 -54.84
C VAL H 444 128.66 17.54 -54.24
N SER H 445 129.95 17.71 -54.01
CA SER H 445 130.76 16.77 -53.19
C SER H 445 130.89 17.38 -51.80
N PHE H 446 131.19 16.52 -50.82
CA PHE H 446 131.67 16.89 -49.47
C PHE H 446 133.07 16.29 -49.31
N ASN H 447 134.11 17.12 -49.32
CA ASN H 447 135.51 16.65 -49.09
C ASN H 447 135.71 16.43 -47.59
N ALA H 448 136.58 15.48 -47.23
CA ALA H 448 136.95 15.11 -45.85
C ALA H 448 137.63 16.29 -45.16
N LYS H 449 138.49 17.04 -45.87
CA LYS H 449 139.26 18.18 -45.30
C LYS H 449 138.29 19.26 -44.79
N ASP H 450 137.24 19.54 -45.57
CA ASP H 450 136.29 20.66 -45.32
C ASP H 450 135.46 20.39 -44.05
N ILE H 451 135.24 19.12 -43.67
CA ILE H 451 134.39 18.77 -42.50
C ILE H 451 135.26 18.65 -41.25
N GLN H 452 135.08 19.59 -40.32
CA GLN H 452 136.04 19.96 -39.24
C GLN H 452 135.63 19.39 -37.88
N ILE H 453 134.58 18.54 -37.84
CA ILE H 453 134.20 17.73 -36.65
C ILE H 453 133.82 16.32 -37.10
N PRO H 454 133.95 15.30 -36.24
CA PRO H 454 133.52 13.95 -36.59
C PRO H 454 131.99 13.90 -36.80
N VAL H 455 131.57 13.43 -37.99
CA VAL H 455 130.16 13.12 -38.32
C VAL H 455 129.99 11.60 -38.26
N TYR H 456 129.04 11.13 -37.46
CA TYR H 456 128.95 9.71 -37.05
C TYR H 456 127.99 8.99 -37.99
N ASP H 457 128.54 8.09 -38.82
CA ASP H 457 127.82 7.24 -39.81
C ASP H 457 126.70 6.50 -39.09
N THR H 458 125.53 6.40 -39.71
CA THR H 458 124.27 5.94 -39.09
C THR H 458 124.16 4.40 -39.11
N PHE H 459 125.14 3.65 -39.66
CA PHE H 459 125.13 2.17 -39.78
C PHE H 459 126.18 1.54 -38.85
N ASP H 460 127.44 1.96 -38.96
CA ASP H 460 128.58 1.48 -38.14
C ASP H 460 128.64 2.27 -36.83
N GLY H 461 128.70 3.60 -36.94
CA GLY H 461 129.08 4.54 -35.86
C GLY H 461 130.48 5.11 -36.09
N SER H 462 131.18 4.65 -37.13
CA SER H 462 132.51 5.14 -37.58
C SER H 462 132.38 6.58 -38.08
N ASP H 463 133.46 7.36 -37.98
CA ASP H 463 133.54 8.74 -38.50
C ASP H 463 133.53 8.69 -40.04
N LEU H 464 132.80 9.62 -40.69
CA LEU H 464 132.69 9.72 -42.17
C LEU H 464 133.96 10.35 -42.77
N ARG H 465 134.80 10.99 -41.96
CA ARG H 465 136.03 11.71 -42.39
C ARG H 465 137.12 10.71 -42.79
N VAL H 466 136.94 9.44 -42.43
CA VAL H 466 137.97 8.36 -42.52
C VAL H 466 137.87 7.66 -43.89
N LEU H 467 136.66 7.53 -44.45
CA LEU H 467 136.36 6.77 -45.71
C LEU H 467 137.35 7.12 -46.82
N SER H 468 137.72 6.11 -47.62
CA SER H 468 138.61 6.22 -48.81
C SER H 468 137.85 6.84 -49.99
N GLY H 469 136.58 6.44 -50.19
CA GLY H 469 135.75 6.83 -51.35
C GLY H 469 135.04 8.15 -51.13
N SER H 470 133.86 8.30 -51.76
CA SER H 470 132.99 9.50 -51.65
C SER H 470 132.24 9.45 -50.32
N ILE H 471 132.12 10.60 -49.66
CA ILE H 471 131.28 10.81 -48.46
C ILE H 471 129.82 11.03 -48.91
N SER H 472 129.63 11.83 -49.96
CA SER H 472 128.33 12.06 -50.66
C SER H 472 127.67 10.72 -51.01
N GLU H 473 128.40 9.80 -51.67
CA GLU H 473 127.90 8.45 -52.04
C GLU H 473 127.40 7.73 -50.79
N ARG H 474 128.25 7.62 -49.77
CA ARG H 474 127.99 6.82 -48.54
C ARG H 474 126.65 7.24 -47.95
N ILE H 475 126.48 8.55 -47.74
CA ILE H 475 125.32 9.19 -47.05
C ILE H 475 124.02 8.82 -47.77
N VAL H 476 124.04 8.73 -49.11
CA VAL H 476 122.89 8.26 -49.96
C VAL H 476 122.58 6.80 -49.59
N ASP H 477 123.58 5.91 -49.60
CA ASP H 477 123.40 4.46 -49.24
C ASP H 477 122.86 4.33 -47.81
N CYS H 478 123.24 5.25 -46.90
CA CYS H 478 122.84 5.23 -45.47
C CYS H 478 121.37 5.64 -45.29
N ILE H 479 120.73 6.21 -46.32
CA ILE H 479 119.31 6.66 -46.32
C ILE H 479 118.48 5.77 -47.25
N ILE H 480 119.01 5.47 -48.43
CA ILE H 480 118.39 4.55 -49.44
C ILE H 480 118.41 3.14 -48.87
N ARG H 481 119.59 2.51 -48.83
CA ARG H 481 119.73 1.04 -48.67
C ARG H 481 119.82 0.71 -47.18
N LEU H 482 120.91 1.10 -46.53
CA LEU H 482 121.41 0.46 -45.28
C LEU H 482 120.47 0.77 -44.13
N PRO H 483 120.40 -0.11 -43.10
CA PRO H 483 119.62 0.15 -41.91
C PRO H 483 120.29 1.21 -41.02
N VAL H 484 119.62 1.58 -39.93
CA VAL H 484 120.05 2.64 -38.97
C VAL H 484 120.15 2.01 -37.59
N LYS H 485 121.37 1.84 -37.10
CA LYS H 485 121.67 1.24 -35.78
C LYS H 485 121.96 2.38 -34.80
N TRP H 486 120.91 3.02 -34.30
CA TRP H 486 120.99 4.29 -33.52
C TRP H 486 121.89 4.05 -32.31
N GLU H 487 121.54 3.05 -31.51
CA GLU H 487 122.27 2.64 -30.28
C GLU H 487 123.79 2.61 -30.52
N THR H 488 124.27 2.20 -31.70
CA THR H 488 125.71 2.02 -32.01
C THR H 488 126.31 3.25 -32.70
N THR H 489 125.50 4.14 -33.30
CA THR H 489 125.99 5.41 -33.90
C THR H 489 126.10 6.47 -32.79
N THR H 490 125.32 6.34 -31.72
CA THR H 490 125.25 7.30 -30.60
C THR H 490 126.10 6.74 -29.46
N GLN H 491 127.26 6.17 -29.82
CA GLN H 491 128.16 5.38 -28.94
C GLN H 491 129.31 6.26 -28.43
N PHE H 492 129.53 7.45 -29.04
CA PHE H 492 130.24 8.61 -28.46
C PHE H 492 129.77 8.83 -27.01
N LYS H 493 130.58 9.52 -26.19
CA LYS H 493 130.18 9.98 -24.83
C LYS H 493 130.18 11.50 -24.82
N ALA H 494 129.20 12.09 -24.13
CA ALA H 494 128.97 13.55 -24.07
C ALA H 494 127.93 13.91 -23.00
N THR H 495 128.18 14.97 -22.23
CA THR H 495 127.29 15.49 -21.15
C THR H 495 125.96 15.97 -21.72
N HIS H 496 125.96 16.61 -22.88
CA HIS H 496 124.80 17.36 -23.42
C HIS H 496 124.56 16.99 -24.88
N ILE H 497 123.29 16.89 -25.29
CA ILE H 497 122.91 16.54 -26.69
C ILE H 497 121.85 17.55 -27.17
N LEU H 498 122.17 18.31 -28.22
CA LEU H 498 121.23 19.23 -28.89
C LEU H 498 120.47 18.45 -29.98
N ASP H 499 119.14 18.50 -29.96
CA ASP H 499 118.26 17.94 -31.02
C ASP H 499 117.63 19.11 -31.78
N PHE H 500 118.23 19.47 -32.91
CA PHE H 500 117.73 20.55 -33.81
C PHE H 500 116.51 20.07 -34.59
N GLY H 501 116.31 18.76 -34.70
CA GLY H 501 115.44 18.13 -35.70
C GLY H 501 113.98 18.43 -35.42
N PRO H 502 113.09 17.98 -36.32
CA PRO H 502 111.67 18.29 -36.23
C PRO H 502 110.99 17.36 -35.23
N GLY H 503 109.89 17.79 -34.62
CA GLY H 503 109.03 16.99 -33.73
C GLY H 503 109.01 17.55 -32.32
N GLY H 504 110.16 18.00 -31.82
CA GLY H 504 110.28 18.50 -30.43
C GLY H 504 110.27 17.34 -29.47
N ALA H 505 109.30 17.29 -28.56
CA ALA H 505 109.16 16.23 -27.53
C ALA H 505 108.85 14.87 -28.17
N SER H 506 108.20 14.84 -29.35
CA SER H 506 107.90 13.62 -30.15
C SER H 506 109.10 13.26 -31.04
N GLY H 507 110.22 13.97 -30.92
CA GLY H 507 111.33 13.91 -31.89
C GLY H 507 112.34 12.84 -31.56
N LEU H 508 113.51 12.96 -32.18
CA LEU H 508 114.64 12.03 -32.02
C LEU H 508 115.28 12.22 -30.65
N GLY H 509 115.41 13.47 -30.22
CA GLY H 509 116.06 13.81 -28.94
C GLY H 509 115.51 12.97 -27.82
N VAL H 510 114.20 13.01 -27.60
CA VAL H 510 113.54 12.34 -26.45
C VAL H 510 113.62 10.81 -26.59
N LEU H 511 113.75 10.29 -27.80
CA LEU H 511 114.06 8.84 -27.98
C LEU H 511 115.49 8.60 -27.51
N THR H 512 116.44 9.45 -27.92
CA THR H 512 117.87 9.38 -27.50
C THR H 512 117.99 9.53 -25.98
N HIS H 513 117.06 10.21 -25.32
CA HIS H 513 117.05 10.40 -23.85
C HIS H 513 116.78 9.07 -23.13
N ARG H 514 115.87 8.26 -23.68
CA ARG H 514 115.44 6.96 -23.10
C ARG H 514 116.55 5.93 -23.31
N ASN H 515 117.22 5.96 -24.46
CA ASN H 515 118.32 5.01 -24.76
C ASN H 515 119.47 5.20 -23.78
N LYS H 516 119.69 6.41 -23.25
CA LYS H 516 120.84 6.66 -22.36
C LYS H 516 120.43 7.49 -21.13
N ASP H 517 119.20 7.32 -20.67
CA ASP H 517 118.76 7.62 -19.29
C ASP H 517 119.69 6.89 -18.31
N GLY H 518 120.27 7.62 -17.36
CA GLY H 518 121.09 7.09 -16.27
C GLY H 518 122.59 7.08 -16.54
N THR H 519 123.06 7.36 -17.77
CA THR H 519 124.50 7.44 -18.12
C THR H 519 125.05 8.85 -17.88
N GLY H 520 124.20 9.80 -17.50
CA GLY H 520 124.57 11.19 -17.15
C GLY H 520 124.71 12.04 -18.40
N VAL H 521 123.65 12.05 -19.21
CA VAL H 521 123.57 12.73 -20.53
C VAL H 521 122.23 13.46 -20.58
N ARG H 522 122.32 14.77 -20.77
CA ARG H 522 121.15 15.68 -20.82
C ARG H 522 120.89 15.96 -22.29
N VAL H 523 119.70 15.63 -22.75
CA VAL H 523 119.22 15.99 -24.11
C VAL H 523 118.48 17.31 -24.02
N ILE H 524 118.88 18.29 -24.83
CA ILE H 524 118.13 19.57 -25.00
C ILE H 524 117.43 19.51 -26.35
N VAL H 525 116.16 19.87 -26.40
CA VAL H 525 115.33 19.86 -27.64
C VAL H 525 115.37 21.27 -28.24
N ALA H 526 116.40 21.57 -29.04
CA ALA H 526 116.78 22.94 -29.47
C ALA H 526 115.71 23.64 -30.31
N GLY H 527 114.67 22.95 -30.80
CA GLY H 527 113.68 23.52 -31.72
C GLY H 527 112.48 24.10 -30.99
N THR H 528 111.87 23.30 -30.11
CA THR H 528 110.64 23.68 -29.36
C THR H 528 111.02 24.51 -28.13
N LEU H 529 110.18 25.47 -27.77
CA LEU H 529 110.12 26.09 -26.42
C LEU H 529 108.88 25.54 -25.71
N ASP H 530 109.03 25.15 -24.44
CA ASP H 530 107.98 24.48 -23.64
C ASP H 530 108.59 24.19 -22.26
N ILE H 531 107.83 23.50 -21.39
CA ILE H 531 108.26 23.17 -20.01
C ILE H 531 108.03 21.69 -19.75
N ASN H 532 109.11 20.96 -19.55
CA ASN H 532 109.09 19.56 -19.07
C ASN H 532 108.74 19.62 -17.58
N PRO H 533 107.65 18.97 -17.12
CA PRO H 533 107.41 18.84 -15.68
C PRO H 533 108.50 18.00 -14.98
N ASP H 534 108.77 16.78 -15.49
CA ASP H 534 109.68 15.78 -14.87
C ASP H 534 111.14 16.25 -14.93
N ASP H 535 111.45 17.19 -15.83
CA ASP H 535 112.77 17.85 -16.00
C ASP H 535 113.84 16.83 -16.41
N ASP H 536 113.45 15.67 -16.96
CA ASP H 536 114.35 14.66 -17.59
C ASP H 536 115.26 15.37 -18.61
N TYR H 537 114.65 16.06 -19.58
CA TYR H 537 115.31 16.77 -20.71
C TYR H 537 114.92 18.24 -20.65
N GLY H 538 115.54 19.07 -21.49
CA GLY H 538 115.29 20.51 -21.59
C GLY H 538 114.72 20.89 -22.94
N PHE H 539 114.31 22.15 -23.06
CA PHE H 539 113.96 22.83 -24.34
C PHE H 539 114.83 24.08 -24.47
N LYS H 540 114.73 24.80 -25.60
CA LYS H 540 115.61 25.92 -26.05
C LYS H 540 116.17 26.73 -24.88
N GLN H 541 115.29 27.13 -23.94
CA GLN H 541 115.66 27.92 -22.74
C GLN H 541 117.12 27.64 -22.36
N GLU H 542 117.42 26.37 -22.11
CA GLU H 542 118.69 25.87 -21.56
C GLU H 542 119.88 26.41 -22.37
N ILE H 543 119.75 26.46 -23.69
CA ILE H 543 120.89 26.79 -24.60
C ILE H 543 121.28 28.24 -24.31
N PHE H 544 120.30 29.10 -24.03
CA PHE H 544 120.46 30.58 -23.99
C PHE H 544 120.67 31.05 -22.54
N ASP H 545 119.93 30.49 -21.59
CA ASP H 545 119.98 30.82 -20.13
C ASP H 545 121.42 31.04 -19.64
N VAL H 546 121.61 32.05 -18.78
CA VAL H 546 122.91 32.68 -18.36
C VAL H 546 123.22 32.30 -16.91
N THR H 547 122.17 32.14 -16.08
CA THR H 547 122.21 31.59 -14.70
C THR H 547 122.76 30.16 -14.72
N SER H 548 122.72 29.45 -13.57
CA SER H 548 123.13 28.02 -13.44
C SER H 548 121.95 27.08 -13.78
N ASN H 549 120.79 27.62 -14.16
CA ASN H 549 119.64 26.85 -14.73
C ASN H 549 119.89 26.48 -16.21
N GLY H 550 120.98 26.96 -16.81
CA GLY H 550 121.39 26.61 -18.18
C GLY H 550 122.27 25.37 -18.23
N LEU H 551 123.16 25.22 -17.25
CA LEU H 551 124.05 24.02 -17.12
C LEU H 551 123.40 23.06 -16.13
N LYS H 552 122.43 22.29 -16.59
CA LYS H 552 121.78 21.20 -15.80
C LYS H 552 122.38 19.87 -16.23
N LYS H 553 122.83 19.06 -15.29
CA LYS H 553 123.40 17.72 -15.58
C LYS H 553 122.41 16.67 -15.10
N ASN H 554 122.11 15.71 -15.97
CA ASN H 554 121.29 14.51 -15.64
C ASN H 554 122.17 13.57 -14.82
N PRO H 555 121.57 12.79 -13.90
CA PRO H 555 122.36 11.93 -13.00
C PRO H 555 122.92 10.68 -13.70
N ASN H 556 124.25 10.52 -13.70
CA ASN H 556 124.97 9.24 -13.92
C ASN H 556 124.84 8.43 -12.64
N TRP H 557 123.97 7.43 -12.63
CA TRP H 557 123.60 6.62 -11.43
C TRP H 557 124.83 5.99 -10.79
N LEU H 558 125.75 5.43 -11.58
CA LEU H 558 126.99 4.77 -11.07
C LEU H 558 127.82 5.72 -10.19
N GLU H 559 127.75 7.03 -10.39
CA GLU H 559 128.56 8.00 -9.62
C GLU H 559 127.74 8.58 -8.47
N GLU H 560 126.46 8.88 -8.68
CA GLU H 560 125.57 9.40 -7.60
C GLU H 560 125.58 8.37 -6.47
N TYR H 561 125.25 7.12 -6.80
CA TYR H 561 124.93 6.04 -5.85
C TYR H 561 126.06 4.99 -5.79
N HIS H 562 127.26 5.37 -6.18
CA HIS H 562 128.51 4.64 -5.87
C HIS H 562 128.49 4.25 -4.39
N PRO H 563 128.68 2.96 -4.02
CA PRO H 563 128.90 2.60 -2.63
C PRO H 563 130.31 3.03 -2.18
N LYS H 564 130.43 3.51 -0.95
CA LYS H 564 131.72 4.01 -0.41
C LYS H 564 132.01 3.30 0.91
N LEU H 565 133.25 3.38 1.37
CA LEU H 565 133.64 3.01 2.76
C LEU H 565 133.86 4.28 3.58
N ILE H 566 133.69 4.15 4.90
CA ILE H 566 133.91 5.23 5.89
C ILE H 566 134.24 4.62 7.25
N LYS H 567 134.98 5.34 8.09
CA LYS H 567 135.37 4.91 9.45
C LYS H 567 134.73 5.81 10.51
N ASN H 568 134.70 5.31 11.76
CA ASN H 568 134.50 6.06 13.01
C ASN H 568 135.84 6.56 13.54
N LYS H 569 135.78 7.28 14.67
CA LYS H 569 136.90 7.50 15.61
C LYS H 569 137.44 6.16 16.13
N SER H 570 136.56 5.18 16.37
CA SER H 570 136.87 3.82 16.87
C SER H 570 137.45 2.91 15.77
N GLY H 571 137.52 3.39 14.54
CA GLY H 571 138.09 2.65 13.40
C GLY H 571 137.23 1.48 12.97
N LYS H 572 135.90 1.57 13.20
CA LYS H 572 134.92 0.60 12.63
C LYS H 572 134.60 1.03 11.19
N ILE H 573 134.83 0.14 10.23
CA ILE H 573 134.53 0.40 8.80
C ILE H 573 133.06 0.09 8.54
N PHE H 574 132.41 0.94 7.76
CA PHE H 574 131.00 0.79 7.32
C PHE H 574 130.95 0.78 5.79
N VAL H 575 129.92 0.18 5.21
CA VAL H 575 129.54 0.41 3.79
C VAL H 575 128.57 1.60 3.76
N GLU H 576 128.98 2.70 3.14
CA GLU H 576 128.25 3.98 3.15
C GLU H 576 127.33 3.95 1.92
N THR H 577 126.03 3.83 2.16
CA THR H 577 124.98 4.05 1.14
C THR H 577 123.97 5.04 1.69
N LYS H 578 123.22 5.66 0.80
CA LYS H 578 122.06 6.54 1.14
C LYS H 578 121.34 6.02 2.40
N PHE H 579 121.21 4.69 2.56
CA PHE H 579 120.42 4.05 3.64
C PHE H 579 121.19 3.99 4.95
N SER H 580 122.45 3.54 4.94
CA SER H 580 123.31 3.43 6.15
C SER H 580 123.65 4.81 6.69
N LYS H 581 123.97 5.77 5.81
CA LYS H 581 124.16 7.19 6.19
C LYS H 581 123.05 7.64 7.14
N LEU H 582 121.79 7.26 6.91
CA LEU H 582 120.64 7.62 7.79
C LEU H 582 120.76 6.87 9.11
N ILE H 583 120.75 5.54 9.07
CA ILE H 583 120.46 4.69 10.28
C ILE H 583 121.73 4.46 11.11
N GLY H 584 122.90 4.74 10.54
CA GLY H 584 124.18 4.74 11.26
C GLY H 584 124.68 3.35 11.56
N ARG H 585 124.15 2.36 10.86
CA ARG H 585 124.48 0.93 11.00
C ARG H 585 124.63 0.39 9.58
N PRO H 586 125.24 -0.80 9.40
CA PRO H 586 125.38 -1.39 8.06
C PRO H 586 124.09 -1.47 7.27
N PRO H 587 124.16 -1.34 5.93
CA PRO H 587 122.96 -1.29 5.10
C PRO H 587 122.26 -2.64 4.86
N LEU H 588 122.41 -3.59 5.77
CA LEU H 588 121.73 -4.91 5.77
C LEU H 588 120.64 -4.89 6.85
N LEU H 589 119.45 -5.39 6.54
CA LEU H 589 118.34 -5.49 7.51
C LEU H 589 117.66 -6.86 7.41
N VAL H 590 117.34 -7.44 8.57
CA VAL H 590 116.43 -8.62 8.71
C VAL H 590 115.01 -8.09 8.70
N PRO H 591 114.16 -8.52 7.76
CA PRO H 591 112.80 -7.99 7.70
C PRO H 591 111.89 -8.71 8.69
N GLY H 592 110.64 -8.25 8.79
CA GLY H 592 109.65 -8.80 9.73
C GLY H 592 109.12 -10.12 9.22
N MET H 593 109.56 -11.21 9.81
CA MET H 593 109.03 -12.56 9.52
C MET H 593 108.13 -12.98 10.67
N THR H 594 106.89 -13.42 10.38
CA THR H 594 105.81 -13.71 11.37
C THR H 594 106.32 -14.63 12.46
N PRO H 595 106.69 -15.91 12.19
CA PRO H 595 107.16 -16.76 13.27
C PRO H 595 108.57 -16.39 13.78
N CYS H 596 109.46 -15.81 12.96
CA CYS H 596 110.93 -15.79 13.23
C CYS H 596 111.36 -14.54 14.02
N THR H 597 110.98 -13.35 13.55
CA THR H 597 111.26 -12.05 14.23
C THR H 597 110.09 -11.63 15.12
N VAL H 598 109.21 -12.55 15.51
CA VAL H 598 108.17 -12.27 16.53
C VAL H 598 108.84 -12.33 17.90
N SER H 599 109.78 -13.27 18.10
CA SER H 599 110.39 -13.50 19.43
C SER H 599 111.16 -12.25 19.81
N PRO H 600 110.82 -11.55 20.91
CA PRO H 600 111.68 -10.47 21.39
C PRO H 600 113.15 -10.89 21.56
N ASP H 601 113.45 -12.15 21.87
CA ASP H 601 114.83 -12.58 22.21
C ASP H 601 115.74 -12.55 20.97
N PHE H 602 115.17 -12.65 19.76
CA PHE H 602 115.91 -12.58 18.47
C PHE H 602 116.11 -11.13 18.05
N VAL H 603 115.01 -10.38 18.03
CA VAL H 603 114.97 -8.92 17.75
C VAL H 603 116.01 -8.22 18.61
N ALA H 604 116.14 -8.64 19.86
CA ALA H 604 117.16 -8.13 20.80
C ALA H 604 118.56 -8.55 20.33
N ALA H 605 118.78 -9.84 20.07
CA ALA H 605 120.11 -10.41 19.76
C ALA H 605 120.65 -9.82 18.46
N THR H 606 119.77 -9.58 17.48
CA THR H 606 120.11 -8.99 16.16
C THR H 606 120.50 -7.53 16.39
N THR H 607 119.65 -6.77 17.07
CA THR H 607 119.88 -5.34 17.43
C THR H 607 121.18 -5.19 18.22
N ASN H 608 121.44 -6.08 19.18
CA ASN H 608 122.66 -6.04 20.04
C ASN H 608 123.88 -6.29 19.16
N ALA H 609 123.74 -7.13 18.13
CA ALA H 609 124.81 -7.50 17.17
C ALA H 609 125.21 -6.31 16.30
N GLY H 610 124.26 -5.43 15.98
CA GLY H 610 124.52 -4.12 15.37
C GLY H 610 123.84 -3.98 14.03
N TYR H 611 122.65 -4.52 13.88
CA TYR H 611 121.93 -4.70 12.59
C TYR H 611 120.45 -4.40 12.84
N THR H 612 119.71 -4.10 11.77
CA THR H 612 118.35 -3.55 11.86
C THR H 612 117.38 -4.73 11.76
N ILE H 613 116.31 -4.70 12.55
CA ILE H 613 115.30 -5.79 12.50
C ILE H 613 113.91 -5.24 12.83
N GLU H 614 112.92 -5.71 12.08
CA GLU H 614 111.48 -5.41 12.30
C GLU H 614 110.97 -6.46 13.30
N LEU H 615 110.38 -6.04 14.42
CA LEU H 615 109.53 -6.92 15.29
C LEU H 615 108.20 -7.13 14.58
N ALA H 616 107.74 -8.38 14.48
CA ALA H 616 106.64 -8.81 13.59
C ALA H 616 105.30 -8.67 14.31
N GLY H 617 104.40 -7.86 13.77
CA GLY H 617 103.04 -7.67 14.31
C GLY H 617 102.22 -8.93 14.13
N GLY H 618 102.36 -9.60 12.98
CA GLY H 618 101.74 -10.89 12.65
C GLY H 618 101.60 -11.84 13.84
N GLY H 619 102.54 -11.82 14.79
CA GLY H 619 102.57 -12.78 15.91
C GLY H 619 101.82 -12.30 17.13
N TYR H 620 101.12 -11.16 17.04
CA TYR H 620 100.44 -10.51 18.18
C TYR H 620 99.04 -10.10 17.76
N PHE H 621 98.08 -10.27 18.67
CA PHE H 621 96.62 -10.12 18.42
C PHE H 621 96.09 -8.87 19.12
N SER H 622 96.58 -8.58 20.34
CA SER H 622 96.20 -7.41 21.15
C SER H 622 97.37 -6.45 21.26
N ALA H 623 97.07 -5.15 21.30
CA ALA H 623 98.00 -4.07 21.72
C ALA H 623 98.62 -4.39 23.09
N ALA H 624 97.95 -5.13 23.97
CA ALA H 624 98.47 -5.48 25.32
C ALA H 624 99.63 -6.46 25.19
N GLY H 625 99.45 -7.48 24.33
CA GLY H 625 100.41 -8.57 24.15
C GLY H 625 101.64 -8.13 23.37
N MET H 626 101.48 -7.15 22.47
CA MET H 626 102.64 -6.55 21.74
C MET H 626 103.44 -5.71 22.73
N THR H 627 102.79 -4.79 23.43
CA THR H 627 103.41 -3.94 24.48
C THR H 627 104.31 -4.81 25.36
N ALA H 628 103.82 -5.97 25.79
CA ALA H 628 104.56 -6.95 26.63
C ALA H 628 105.86 -7.38 25.96
N ALA H 629 105.81 -7.61 24.64
CA ALA H 629 106.94 -8.00 23.76
C ALA H 629 107.93 -6.85 23.63
N ILE H 630 107.46 -5.71 23.09
CA ILE H 630 108.28 -4.47 22.91
C ILE H 630 109.02 -4.15 24.22
N ASP H 631 108.38 -4.31 25.38
CA ASP H 631 109.00 -4.08 26.72
C ASP H 631 110.10 -5.12 26.94
N SER H 632 109.90 -6.35 26.45
CA SER H 632 110.86 -7.46 26.59
C SER H 632 112.09 -7.19 25.72
N VAL H 633 111.89 -6.64 24.52
CA VAL H 633 112.99 -6.17 23.62
C VAL H 633 113.79 -5.13 24.40
N VAL H 634 113.15 -4.01 24.72
CA VAL H 634 113.76 -2.79 25.31
C VAL H 634 114.62 -3.15 26.52
N SER H 635 114.21 -4.10 27.35
CA SER H 635 114.96 -4.53 28.56
C SER H 635 116.27 -5.23 28.16
N GLN H 636 116.26 -5.99 27.05
CA GLN H 636 117.39 -6.87 26.63
C GLN H 636 118.42 -6.12 25.76
N ILE H 637 118.04 -5.00 25.13
CA ILE H 637 118.94 -4.19 24.25
C ILE H 637 119.75 -3.19 25.08
N GLU H 638 120.83 -2.67 24.49
CA GLU H 638 121.72 -1.62 25.07
C GLU H 638 121.11 -0.23 24.85
N LYS H 639 121.43 0.72 25.73
CA LYS H 639 120.92 2.11 25.70
C LYS H 639 121.24 2.75 24.34
N GLY H 640 120.26 3.40 23.71
CA GLY H 640 120.45 4.14 22.45
C GLY H 640 120.27 3.27 21.22
N SER H 641 120.16 1.95 21.39
CA SER H 641 119.71 1.01 20.34
C SER H 641 118.24 1.26 20.01
N THR H 642 117.82 0.81 18.84
CA THR H 642 116.46 0.94 18.28
C THR H 642 116.09 -0.33 17.53
N PHE H 643 114.80 -0.51 17.26
CA PHE H 643 114.30 -1.57 16.34
C PHE H 643 113.07 -1.01 15.67
N GLY H 644 112.44 -1.78 14.79
CA GLY H 644 111.24 -1.35 14.05
C GLY H 644 110.13 -2.36 14.17
N ILE H 645 109.02 -2.12 13.50
CA ILE H 645 107.77 -2.90 13.65
C ILE H 645 107.19 -3.19 12.26
N ASN H 646 106.83 -4.45 12.03
CA ASN H 646 106.14 -4.91 10.80
C ASN H 646 104.65 -5.04 11.12
N LEU H 647 103.78 -4.28 10.44
CA LEU H 647 102.31 -4.46 10.50
C LEU H 647 101.81 -4.77 9.09
N ILE H 648 100.92 -5.76 8.97
CA ILE H 648 100.40 -6.25 7.66
C ILE H 648 99.18 -5.39 7.30
N TYR H 649 99.16 -4.76 6.13
CA TYR H 649 98.05 -3.88 5.64
C TYR H 649 96.79 -4.68 5.27
N VAL H 650 96.92 -5.99 5.08
CA VAL H 650 95.82 -6.93 4.71
C VAL H 650 94.99 -7.28 5.96
N ASN H 651 95.51 -7.05 7.16
CA ASN H 651 94.92 -7.50 8.45
C ASN H 651 94.40 -6.25 9.15
N PRO H 652 93.20 -5.72 8.77
CA PRO H 652 92.82 -4.37 9.17
C PRO H 652 92.51 -4.32 10.67
N PHE H 653 92.35 -5.49 11.29
CA PHE H 653 92.26 -5.61 12.76
C PHE H 653 93.62 -5.23 13.38
N MET H 654 94.73 -5.79 12.88
CA MET H 654 96.11 -5.49 13.38
C MET H 654 96.40 -3.98 13.28
N LEU H 655 95.86 -3.30 12.27
CA LEU H 655 96.14 -1.86 12.03
C LEU H 655 95.36 -0.99 13.02
N GLN H 656 94.11 -1.32 13.34
CA GLN H 656 93.25 -0.46 14.20
C GLN H 656 93.62 -0.64 15.67
N TRP H 657 94.51 -1.57 16.04
CA TRP H 657 95.18 -1.53 17.36
C TRP H 657 96.65 -1.14 17.20
N GLY H 658 97.33 -1.66 16.17
CA GLY H 658 98.78 -1.51 15.94
C GLY H 658 99.22 -0.05 15.84
N ILE H 659 98.57 0.72 14.97
CA ILE H 659 98.95 2.14 14.66
C ILE H 659 98.76 3.01 15.91
N PRO H 660 97.58 3.05 16.56
CA PRO H 660 97.45 3.65 17.88
C PRO H 660 98.54 3.30 18.89
N LEU H 661 98.93 2.04 18.96
CA LEU H 661 99.90 1.51 19.97
C LEU H 661 101.27 2.11 19.70
N ILE H 662 101.60 2.42 18.45
CA ILE H 662 102.94 2.96 18.10
C ILE H 662 102.93 4.43 18.51
N LYS H 663 101.93 5.19 18.07
CA LYS H 663 101.70 6.62 18.43
C LYS H 663 101.82 6.80 19.95
N GLU H 664 101.08 5.99 20.70
CA GLU H 664 101.04 6.00 22.18
C GLU H 664 102.45 5.68 22.72
N LEU H 665 103.14 4.72 22.13
CA LEU H 665 104.48 4.24 22.59
C LEU H 665 105.56 5.24 22.19
N ARG H 666 105.42 5.85 21.02
CA ARG H 666 106.42 6.79 20.46
C ARG H 666 106.39 8.09 21.28
N SER H 667 105.20 8.57 21.63
CA SER H 667 104.92 9.74 22.49
C SER H 667 105.52 9.58 23.89
N LYS H 668 105.61 8.36 24.42
CA LYS H 668 106.33 8.07 25.69
C LYS H 668 107.84 7.94 25.47
N GLY H 669 108.29 7.86 24.20
CA GLY H 669 109.70 7.84 23.81
C GLY H 669 110.31 6.45 23.66
N TYR H 670 109.51 5.39 23.50
CA TYR H 670 110.00 4.00 23.21
C TYR H 670 110.83 4.03 21.93
N PRO H 671 111.98 3.33 21.88
CA PRO H 671 112.89 3.41 20.74
C PRO H 671 112.40 2.59 19.54
N ILE H 672 111.33 3.06 18.90
CA ILE H 672 110.77 2.51 17.64
C ILE H 672 111.30 3.41 16.52
N GLN H 673 112.43 3.03 15.91
CA GLN H 673 113.10 3.79 14.82
C GLN H 673 112.17 3.91 13.62
N PHE H 674 111.48 2.84 13.24
CA PHE H 674 110.71 2.81 11.97
C PHE H 674 109.57 1.81 12.03
N LEU H 675 108.60 1.99 11.16
CA LEU H 675 107.48 1.05 10.94
C LEU H 675 107.55 0.61 9.49
N THR H 676 107.52 -0.69 9.25
CA THR H 676 107.42 -1.30 7.89
C THR H 676 106.00 -1.79 7.72
N ILE H 677 105.39 -1.53 6.58
CA ILE H 677 104.03 -2.03 6.26
C ILE H 677 104.21 -3.13 5.22
N GLY H 678 103.93 -4.37 5.59
CA GLY H 678 103.99 -5.54 4.70
C GLY H 678 102.69 -5.70 3.94
N ALA H 679 102.70 -6.54 2.90
CA ALA H 679 101.50 -7.02 2.17
C ALA H 679 100.61 -5.84 1.79
N GLY H 680 101.04 -5.04 0.81
CA GLY H 680 100.27 -3.92 0.26
C GLY H 680 100.91 -2.59 0.58
N VAL H 681 100.43 -1.53 -0.08
CA VAL H 681 100.88 -0.13 0.15
C VAL H 681 99.67 0.72 0.48
N PRO H 682 99.71 1.49 1.58
CA PRO H 682 98.60 2.37 1.93
C PRO H 682 98.23 3.39 0.83
N SER H 683 97.06 4.02 0.96
CA SER H 683 96.61 5.16 0.12
C SER H 683 97.32 6.42 0.61
N LEU H 684 97.44 7.47 -0.21
CA LEU H 684 98.20 8.70 0.15
C LEU H 684 97.79 9.21 1.53
N GLU H 685 96.48 9.24 1.83
CA GLU H 685 95.93 9.96 3.00
C GLU H 685 96.15 9.15 4.28
N VAL H 686 96.34 7.84 4.15
CA VAL H 686 96.64 6.94 5.31
C VAL H 686 98.13 7.00 5.61
N ALA H 687 98.98 6.87 4.58
CA ALA H 687 100.45 7.02 4.69
C ALA H 687 100.78 8.41 5.25
N SER H 688 100.09 9.45 4.77
CA SER H 688 100.19 10.84 5.30
C SER H 688 99.96 10.83 6.81
N GLU H 689 98.92 10.14 7.29
CA GLU H 689 98.64 9.97 8.74
C GLU H 689 99.84 9.23 9.39
N TYR H 690 100.37 8.15 8.80
CA TYR H 690 101.48 7.35 9.39
C TYR H 690 102.76 8.18 9.47
N ILE H 691 103.02 9.01 8.47
CA ILE H 691 104.26 9.84 8.38
C ILE H 691 104.26 10.87 9.50
N GLU H 692 103.23 11.73 9.52
CA GLU H 692 103.15 12.95 10.36
C GLU H 692 102.91 12.57 11.83
N THR H 693 101.89 11.76 12.06
CA THR H 693 101.23 11.54 13.37
C THR H 693 102.10 10.66 14.29
N LEU H 694 102.76 9.64 13.74
CA LEU H 694 103.65 8.72 14.50
C LEU H 694 105.03 9.36 14.49
N GLY H 695 105.79 9.21 15.57
CA GLY H 695 107.12 9.86 15.68
C GLY H 695 108.21 9.00 15.08
N LEU H 696 108.12 8.70 13.78
CA LEU H 696 108.98 7.69 13.12
C LEU H 696 110.07 8.36 12.29
N LYS H 697 111.29 7.86 12.39
CA LYS H 697 112.45 8.36 11.63
C LYS H 697 112.19 8.08 10.16
N TYR H 698 111.75 6.87 9.82
CA TYR H 698 111.34 6.52 8.43
C TYR H 698 110.27 5.42 8.38
N LEU H 699 109.58 5.36 7.23
CA LEU H 699 108.51 4.40 6.89
C LEU H 699 109.05 3.38 5.89
N GLY H 700 108.72 2.10 6.07
CA GLY H 700 109.05 1.03 5.11
C GLY H 700 107.82 0.61 4.33
N LEU H 701 107.97 0.43 3.02
CA LEU H 701 106.87 -0.04 2.14
C LEU H 701 107.39 -1.21 1.29
N LYS H 702 106.58 -2.25 1.15
CA LYS H 702 106.92 -3.49 0.42
C LYS H 702 105.91 -3.63 -0.72
N PRO H 703 106.10 -2.92 -1.83
CA PRO H 703 105.28 -3.13 -3.03
C PRO H 703 105.62 -4.42 -3.79
N GLY H 704 104.59 -5.04 -4.37
CA GLY H 704 104.70 -6.29 -5.13
C GLY H 704 104.85 -6.03 -6.61
N SER H 705 104.00 -5.17 -7.17
CA SER H 705 103.89 -4.93 -8.64
C SER H 705 104.50 -3.58 -9.00
N ILE H 706 104.56 -3.30 -10.31
CA ILE H 706 104.95 -1.98 -10.86
C ILE H 706 103.95 -0.91 -10.36
N ASP H 707 102.65 -1.22 -10.34
CA ASP H 707 101.58 -0.28 -9.89
C ASP H 707 101.80 0.13 -8.42
N ALA H 708 102.23 -0.80 -7.59
CA ALA H 708 102.53 -0.57 -6.17
C ALA H 708 103.78 0.29 -6.03
N ILE H 709 104.81 0.06 -6.85
CA ILE H 709 106.05 0.91 -6.86
C ILE H 709 105.68 2.35 -7.21
N SER H 710 104.69 2.57 -8.06
CA SER H 710 104.19 3.93 -8.42
C SER H 710 103.51 4.58 -7.20
N GLN H 711 102.66 3.83 -6.51
CA GLN H 711 101.93 4.27 -5.29
C GLN H 711 102.94 4.62 -4.18
N VAL H 712 104.15 4.06 -4.18
CA VAL H 712 105.24 4.39 -3.20
C VAL H 712 105.86 5.72 -3.58
N ILE H 713 106.13 5.92 -4.86
CA ILE H 713 106.66 7.20 -5.43
C ILE H 713 105.69 8.34 -5.09
N ASN H 714 104.37 8.14 -5.21
CA ASN H 714 103.37 9.22 -4.93
C ASN H 714 103.40 9.59 -3.43
N ILE H 715 103.59 8.64 -2.53
CA ILE H 715 103.72 8.92 -1.07
C ILE H 715 104.96 9.77 -0.85
N ALA H 716 106.00 9.58 -1.65
CA ALA H 716 107.33 10.19 -1.42
C ALA H 716 107.37 11.61 -1.99
N LYS H 717 106.73 11.82 -3.14
CA LYS H 717 106.50 13.14 -3.77
C LYS H 717 105.79 14.06 -2.75
N ALA H 718 104.80 13.53 -2.04
CA ALA H 718 103.89 14.27 -1.14
C ALA H 718 104.55 14.63 0.21
N HIS H 719 105.67 14.02 0.56
CA HIS H 719 106.43 14.30 1.82
C HIS H 719 107.92 14.26 1.50
N PRO H 720 108.41 15.21 0.66
CA PRO H 720 109.73 15.07 0.06
C PRO H 720 110.90 15.26 1.02
N ASN H 721 110.65 15.53 2.31
CA ASN H 721 111.71 15.63 3.35
C ASN H 721 111.76 14.36 4.20
N PHE H 722 110.71 13.55 4.13
CA PHE H 722 110.59 12.33 4.96
C PHE H 722 111.24 11.16 4.25
N PRO H 723 112.11 10.37 4.91
CA PRO H 723 112.69 9.20 4.29
C PRO H 723 111.68 8.06 4.20
N ILE H 724 111.64 7.44 3.03
CA ILE H 724 110.88 6.21 2.73
C ILE H 724 111.87 5.13 2.29
N ALA H 725 111.81 3.95 2.89
CA ALA H 725 112.59 2.77 2.48
C ALA H 725 111.67 1.91 1.63
N LEU H 726 111.83 1.98 0.32
CA LEU H 726 111.15 1.09 -0.66
C LEU H 726 111.90 -0.25 -0.61
N GLN H 727 111.30 -1.24 0.07
CA GLN H 727 111.86 -2.60 0.29
C GLN H 727 111.38 -3.47 -0.87
N TRP H 728 112.21 -3.63 -1.89
CA TRP H 728 111.84 -4.35 -3.13
C TRP H 728 112.20 -5.81 -2.98
N THR H 729 111.21 -6.67 -3.16
CA THR H 729 111.28 -8.13 -3.00
C THR H 729 110.55 -8.73 -4.19
N GLY H 730 111.16 -9.67 -4.90
CA GLY H 730 110.50 -10.42 -5.98
C GLY H 730 109.58 -11.51 -5.46
N GLY H 731 108.96 -12.25 -6.39
CA GLY H 731 108.24 -13.51 -6.13
C GLY H 731 109.14 -14.63 -5.61
N ARG H 732 110.46 -14.57 -5.86
CA ARG H 732 111.38 -15.67 -5.51
C ARG H 732 111.65 -15.72 -3.99
N GLY H 733 110.98 -14.88 -3.20
CA GLY H 733 111.23 -14.75 -1.75
C GLY H 733 110.40 -15.71 -0.93
N GLY H 734 110.76 -15.92 0.33
CA GLY H 734 110.07 -16.85 1.23
C GLY H 734 108.74 -16.28 1.70
N GLY H 735 107.85 -17.14 2.22
CA GLY H 735 106.54 -16.73 2.76
C GLY H 735 105.63 -16.16 1.68
N HIS H 736 104.67 -15.32 2.04
CA HIS H 736 103.69 -14.78 1.05
C HIS H 736 104.49 -14.01 -0.01
N HIS H 737 104.28 -14.33 -1.29
CA HIS H 737 105.10 -13.81 -2.41
C HIS H 737 104.21 -13.40 -3.57
N SER H 738 104.70 -12.48 -4.41
CA SER H 738 104.01 -12.04 -5.64
C SER H 738 104.38 -13.02 -6.74
N PHE H 739 103.94 -12.78 -7.97
CA PHE H 739 104.26 -13.59 -9.17
C PHE H 739 105.43 -12.98 -9.95
N GLU H 740 105.91 -11.80 -9.54
CA GLU H 740 106.80 -10.92 -10.33
C GLU H 740 108.23 -11.45 -10.35
N ASP H 741 108.94 -11.25 -11.46
CA ASP H 741 110.42 -11.36 -11.51
C ASP H 741 110.98 -10.31 -10.54
N ALA H 742 112.22 -10.51 -10.09
CA ALA H 742 112.91 -9.60 -9.17
C ALA H 742 113.60 -8.46 -9.94
N HIS H 743 113.97 -8.70 -11.19
CA HIS H 743 114.84 -7.83 -12.02
C HIS H 743 114.02 -6.91 -12.93
N THR H 744 113.11 -7.49 -13.69
CA THR H 744 112.37 -6.79 -14.76
C THR H 744 111.72 -5.54 -14.19
N PRO H 745 110.96 -5.60 -13.08
CA PRO H 745 110.26 -4.41 -12.58
C PRO H 745 111.19 -3.27 -12.15
N MET H 746 112.38 -3.59 -11.65
CA MET H 746 113.38 -2.59 -11.23
C MET H 746 113.93 -1.86 -12.46
N LEU H 747 114.37 -2.59 -13.49
CA LEU H 747 114.84 -2.02 -14.77
C LEU H 747 113.81 -1.05 -15.34
N GLN H 748 112.51 -1.34 -15.24
CA GLN H 748 111.46 -0.42 -15.73
C GLN H 748 111.34 0.81 -14.82
N MET H 749 111.49 0.68 -13.50
CA MET H 749 111.07 1.73 -12.53
C MET H 749 112.26 2.43 -11.88
N TYR H 750 113.45 1.85 -11.86
CA TYR H 750 114.62 2.41 -11.14
C TYR H 750 114.80 3.90 -11.39
N SER H 751 114.70 4.32 -12.65
CA SER H 751 114.83 5.75 -13.06
C SER H 751 113.82 6.63 -12.32
N LYS H 752 112.55 6.25 -12.27
CA LYS H 752 111.48 7.06 -11.62
C LYS H 752 111.68 7.11 -10.11
N ILE H 753 112.19 6.03 -9.51
CA ILE H 753 112.46 5.95 -8.05
C ILE H 753 113.58 6.92 -7.73
N ARG H 754 114.67 6.91 -8.50
CA ARG H 754 115.84 7.78 -8.24
C ARG H 754 115.55 9.29 -8.51
N ARG H 755 114.46 9.67 -9.19
CA ARG H 755 114.02 11.09 -9.31
C ARG H 755 113.81 11.69 -7.91
N HIS H 756 113.26 10.90 -6.99
CA HIS H 756 112.83 11.30 -5.63
C HIS H 756 113.91 10.90 -4.66
N PRO H 757 114.71 11.85 -4.16
CA PRO H 757 115.88 11.50 -3.36
C PRO H 757 115.61 11.15 -1.89
N ASN H 758 114.36 11.00 -1.48
CA ASN H 758 114.02 10.55 -0.10
C ASN H 758 113.65 9.07 -0.13
N ILE H 759 113.77 8.39 -1.27
CA ILE H 759 113.52 6.93 -1.35
C ILE H 759 114.88 6.22 -1.28
N MET H 760 115.07 5.50 -0.18
CA MET H 760 116.22 4.61 0.06
C MET H 760 115.83 3.24 -0.49
N LEU H 761 116.48 2.81 -1.56
CA LEU H 761 116.00 1.70 -2.41
C LEU H 761 116.72 0.42 -2.03
N ILE H 762 115.99 -0.52 -1.42
CA ILE H 762 116.52 -1.72 -0.72
C ILE H 762 116.07 -2.99 -1.45
N PHE H 763 117.02 -3.81 -1.89
CA PHE H 763 116.75 -5.08 -2.62
C PHE H 763 116.60 -6.19 -1.59
N GLY H 764 115.83 -7.21 -1.95
CA GLY H 764 115.67 -8.46 -1.19
C GLY H 764 115.06 -9.55 -2.03
N SER H 765 115.01 -10.76 -1.50
CA SER H 765 114.55 -11.99 -2.20
C SER H 765 115.74 -12.62 -2.92
N GLY H 766 116.33 -13.59 -2.24
CA GLY H 766 117.23 -14.58 -2.86
C GLY H 766 118.64 -14.45 -2.37
N PHE H 767 118.91 -13.66 -1.32
CA PHE H 767 120.29 -13.33 -0.93
C PHE H 767 120.74 -14.16 0.26
N GLY H 768 122.06 -14.29 0.41
CA GLY H 768 122.68 -15.14 1.43
C GLY H 768 124.05 -14.64 1.82
N SER H 769 125.00 -14.65 0.89
CA SER H 769 126.41 -14.26 1.12
C SER H 769 126.60 -12.80 0.70
N ALA H 770 127.81 -12.27 0.84
CA ALA H 770 128.26 -11.00 0.20
C ALA H 770 128.33 -11.20 -1.31
N ASP H 771 128.94 -12.32 -1.75
CA ASP H 771 129.31 -12.64 -3.16
C ASP H 771 128.12 -12.45 -4.11
N ASP H 772 126.93 -12.88 -3.68
CA ASP H 772 125.73 -12.97 -4.55
C ASP H 772 124.98 -11.64 -4.52
N THR H 773 125.25 -10.78 -3.53
CA THR H 773 124.53 -9.50 -3.31
C THR H 773 125.41 -8.30 -3.70
N TYR H 774 126.73 -8.50 -3.95
CA TYR H 774 127.71 -7.44 -4.32
C TYR H 774 127.34 -6.78 -5.64
N PRO H 775 127.02 -7.55 -6.70
CA PRO H 775 126.52 -6.97 -7.95
C PRO H 775 125.44 -5.90 -7.84
N TYR H 776 124.62 -5.92 -6.79
CA TYR H 776 123.49 -4.98 -6.58
C TYR H 776 124.00 -3.73 -5.85
N LEU H 777 124.99 -3.89 -5.00
CA LEU H 777 125.64 -2.77 -4.27
C LEU H 777 126.46 -1.96 -5.27
N THR H 778 127.23 -2.64 -6.13
CA THR H 778 128.12 -2.07 -7.19
C THR H 778 127.31 -1.48 -8.34
N GLY H 779 126.11 -1.98 -8.60
CA GLY H 779 125.26 -1.57 -9.72
C GLY H 779 125.42 -2.46 -10.95
N GLU H 780 126.42 -3.35 -11.01
CA GLU H 780 126.83 -4.05 -12.26
C GLU H 780 125.91 -5.24 -12.57
N TRP H 781 124.84 -5.43 -11.81
CA TRP H 781 123.82 -6.47 -12.08
C TRP H 781 122.97 -6.11 -13.30
N SER H 782 122.79 -4.83 -13.55
CA SER H 782 121.93 -4.29 -14.64
C SER H 782 122.75 -4.23 -15.94
N THR H 783 124.06 -4.44 -15.84
CA THR H 783 124.98 -4.60 -17.00
C THR H 783 124.64 -5.91 -17.75
N LYS H 784 124.21 -6.98 -17.04
CA LYS H 784 123.80 -8.28 -17.65
C LYS H 784 122.69 -8.04 -18.68
N PHE H 785 121.67 -7.28 -18.30
CA PHE H 785 120.47 -7.00 -19.14
C PHE H 785 120.70 -5.78 -20.06
N ASP H 786 121.96 -5.39 -20.32
CA ASP H 786 122.37 -4.25 -21.19
C ASP H 786 121.58 -2.97 -20.84
N TYR H 787 121.55 -2.63 -19.56
CA TYR H 787 121.18 -1.29 -19.03
C TYR H 787 122.45 -0.69 -18.45
N PRO H 788 122.45 0.62 -18.08
CA PRO H 788 123.60 1.21 -17.39
C PRO H 788 123.56 0.85 -15.91
N PRO H 789 124.71 0.85 -15.20
CA PRO H 789 124.78 0.38 -13.82
C PRO H 789 123.76 1.12 -12.94
N MET H 790 123.20 0.46 -11.93
CA MET H 790 121.89 0.85 -11.37
C MET H 790 121.77 0.53 -9.88
N PRO H 791 122.71 0.99 -9.03
CA PRO H 791 122.93 0.38 -7.73
C PRO H 791 121.94 0.73 -6.60
N PHE H 792 121.89 -0.17 -5.61
CA PHE H 792 120.92 -0.21 -4.49
C PHE H 792 121.61 0.22 -3.19
N ASP H 793 120.77 0.64 -2.25
CA ASP H 793 121.17 1.32 -1.01
C ASP H 793 121.29 0.31 0.13
N GLY H 794 120.58 -0.82 0.08
CA GLY H 794 120.76 -1.89 1.08
C GLY H 794 120.07 -3.19 0.70
N PHE H 795 120.30 -4.24 1.49
CA PHE H 795 119.76 -5.60 1.25
C PHE H 795 118.93 -6.04 2.44
N LEU H 796 117.95 -6.92 2.21
CA LEU H 796 117.27 -7.65 3.29
C LEU H 796 117.41 -9.16 3.11
N PHE H 797 117.69 -9.85 4.20
CA PHE H 797 117.83 -11.31 4.33
C PHE H 797 116.72 -11.84 5.23
N GLY H 798 115.69 -12.45 4.65
CA GLY H 798 114.70 -13.22 5.43
C GLY H 798 115.14 -14.67 5.61
N SER H 799 114.82 -15.51 4.64
CA SER H 799 115.12 -16.96 4.64
C SER H 799 116.51 -17.20 5.23
N ARG H 800 117.55 -16.49 4.78
CA ARG H 800 118.97 -16.80 5.09
C ARG H 800 119.20 -16.93 6.60
N VAL H 801 118.39 -16.24 7.39
CA VAL H 801 118.69 -15.96 8.82
C VAL H 801 117.89 -16.89 9.74
N MET H 802 117.13 -17.85 9.17
CA MET H 802 116.16 -18.72 9.89
C MET H 802 116.83 -19.95 10.50
N ILE H 803 118.14 -20.13 10.34
CA ILE H 803 118.87 -21.24 11.00
C ILE H 803 119.94 -20.65 11.90
N ALA H 804 119.74 -19.40 12.33
CA ALA H 804 120.64 -18.70 13.27
C ALA H 804 120.46 -19.31 14.66
N LYS H 805 121.44 -19.12 15.53
CA LYS H 805 121.46 -19.72 16.90
C LYS H 805 120.27 -19.22 17.70
N GLU H 806 119.91 -17.94 17.54
CA GLU H 806 119.03 -17.19 18.47
C GLU H 806 117.58 -17.15 17.99
N VAL H 807 117.30 -17.62 16.76
CA VAL H 807 115.89 -17.81 16.30
C VAL H 807 115.36 -19.08 16.97
N LYS H 808 114.07 -19.07 17.27
CA LYS H 808 113.42 -20.06 18.16
C LYS H 808 113.00 -21.30 17.36
N THR H 809 113.00 -21.23 16.02
CA THR H 809 112.82 -22.36 15.07
C THR H 809 113.46 -23.63 15.67
N SER H 810 112.73 -24.74 15.68
CA SER H 810 113.03 -25.96 16.49
C SER H 810 114.22 -26.69 15.89
N PRO H 811 115.15 -27.22 16.72
CA PRO H 811 116.34 -27.89 16.25
C PRO H 811 116.17 -28.76 14.99
N ASP H 812 115.04 -29.47 14.91
CA ASP H 812 114.73 -30.43 13.82
C ASP H 812 114.27 -29.68 12.57
N ALA H 813 113.59 -28.55 12.70
CA ALA H 813 113.16 -27.71 11.54
C ALA H 813 114.36 -26.97 10.93
N LYS H 814 115.42 -26.72 11.71
CA LYS H 814 116.72 -26.20 11.18
C LYS H 814 117.40 -27.29 10.35
N LYS H 815 117.38 -28.54 10.79
CA LYS H 815 117.95 -29.68 10.00
C LYS H 815 117.16 -29.83 8.70
N CYS H 816 115.84 -29.63 8.77
CA CYS H 816 114.91 -29.73 7.63
C CYS H 816 115.19 -28.61 6.63
N ILE H 817 115.57 -27.42 7.11
CA ILE H 817 115.90 -26.24 6.26
C ILE H 817 117.23 -26.48 5.55
N ALA H 818 118.27 -26.84 6.29
CA ALA H 818 119.64 -27.02 5.78
C ALA H 818 119.67 -28.10 4.68
N ALA H 819 118.74 -29.05 4.71
CA ALA H 819 118.63 -30.16 3.75
C ALA H 819 118.09 -29.67 2.39
N CYS H 820 117.20 -28.66 2.38
CA CYS H 820 116.70 -28.00 1.14
C CYS H 820 117.90 -27.45 0.36
N THR H 821 118.15 -27.98 -0.83
CA THR H 821 119.26 -27.56 -1.72
C THR H 821 118.94 -26.18 -2.29
N GLY H 822 117.67 -25.95 -2.61
CA GLY H 822 117.21 -24.71 -3.27
C GLY H 822 117.54 -24.76 -4.74
N VAL H 823 117.43 -23.63 -5.42
CA VAL H 823 117.42 -23.60 -6.91
C VAL H 823 117.85 -22.22 -7.40
N PRO H 824 118.64 -22.09 -8.49
CA PRO H 824 119.02 -20.77 -9.01
C PRO H 824 117.80 -19.95 -9.48
N ASP H 825 117.98 -18.63 -9.65
CA ASP H 825 116.87 -17.67 -9.93
C ASP H 825 116.01 -18.19 -11.09
N ASP H 826 116.61 -18.63 -12.20
CA ASP H 826 115.90 -19.04 -13.44
C ASP H 826 114.77 -20.06 -13.17
N LYS H 827 114.86 -20.85 -12.09
CA LYS H 827 114.02 -22.05 -11.84
C LYS H 827 113.03 -21.88 -10.67
N TRP H 828 113.12 -20.82 -9.88
CA TRP H 828 112.18 -20.51 -8.77
C TRP H 828 110.71 -20.66 -9.22
N GLU H 829 110.39 -20.43 -10.48
CA GLU H 829 108.98 -20.34 -10.93
C GLU H 829 108.36 -21.73 -11.11
N GLN H 830 109.13 -22.80 -10.89
CA GLN H 830 108.65 -24.20 -10.94
C GLN H 830 107.91 -24.56 -9.64
N THR H 831 108.05 -23.76 -8.57
CA THR H 831 107.41 -24.03 -7.24
C THR H 831 105.88 -23.91 -7.31
N TYR H 832 105.30 -23.39 -8.39
CA TYR H 832 103.84 -23.37 -8.59
C TYR H 832 103.35 -24.77 -8.98
N LYS H 833 104.19 -25.56 -9.66
CA LYS H 833 103.83 -26.90 -10.18
C LYS H 833 104.14 -28.00 -9.15
N LYS H 834 105.37 -28.05 -8.63
CA LYS H 834 105.92 -29.23 -7.91
C LYS H 834 107.09 -28.83 -7.03
N PRO H 835 107.51 -29.65 -6.05
CA PRO H 835 108.71 -29.35 -5.26
C PRO H 835 109.92 -29.02 -6.15
N THR H 836 110.58 -27.91 -5.81
CA THR H 836 111.72 -27.30 -6.51
C THR H 836 112.73 -26.87 -5.44
N GLY H 837 113.90 -27.51 -5.38
CA GLY H 837 114.89 -27.35 -4.30
C GLY H 837 114.30 -27.69 -2.93
N GLY H 838 113.32 -28.60 -2.90
CA GLY H 838 112.60 -29.00 -1.67
C GLY H 838 111.61 -27.94 -1.18
N ILE H 839 111.04 -27.13 -2.09
CA ILE H 839 110.14 -25.99 -1.74
C ILE H 839 109.00 -25.91 -2.76
N VAL H 840 107.79 -25.53 -2.32
CA VAL H 840 106.57 -25.42 -3.16
C VAL H 840 105.83 -24.15 -2.76
N THR H 841 105.07 -23.62 -3.71
CA THR H 841 104.00 -22.64 -3.47
C THR H 841 102.77 -23.42 -2.99
N VAL H 842 101.84 -22.71 -2.37
CA VAL H 842 100.66 -23.25 -1.66
C VAL H 842 99.74 -22.05 -1.34
N ARG H 843 98.48 -22.08 -1.74
CA ARG H 843 97.50 -21.00 -1.46
C ARG H 843 97.24 -20.98 0.06
N SER H 844 97.25 -19.80 0.68
CA SER H 844 96.86 -19.57 2.09
C SER H 844 95.33 -19.56 2.18
N GLU H 845 94.75 -19.22 3.33
CA GLU H 845 93.26 -19.17 3.52
C GLU H 845 92.67 -18.06 2.64
N MET H 846 93.42 -16.95 2.43
CA MET H 846 92.99 -15.78 1.61
C MET H 846 93.08 -16.09 0.11
N GLY H 847 94.01 -16.96 -0.30
CA GLY H 847 94.29 -17.29 -1.72
C GLY H 847 95.63 -16.73 -2.19
N GLU H 848 96.33 -16.00 -1.32
CA GLU H 848 97.71 -15.52 -1.56
C GLU H 848 98.60 -16.73 -1.72
N PRO H 849 99.58 -16.75 -2.65
CA PRO H 849 100.62 -17.77 -2.67
C PRO H 849 101.53 -17.69 -1.44
N ILE H 850 102.17 -18.80 -1.07
CA ILE H 850 103.23 -18.88 -0.01
C ILE H 850 104.26 -19.91 -0.43
N HIS H 851 105.53 -19.59 -0.27
CA HIS H 851 106.65 -20.53 -0.44
C HIS H 851 106.88 -21.25 0.88
N LYS H 852 106.64 -22.56 0.93
CA LYS H 852 106.89 -23.42 2.13
C LYS H 852 107.80 -24.58 1.73
N ILE H 853 108.62 -25.04 2.68
CA ILE H 853 109.42 -26.30 2.60
C ILE H 853 108.47 -27.47 2.43
N ALA H 854 108.63 -28.23 1.34
CA ALA H 854 107.70 -29.30 0.93
C ALA H 854 107.93 -30.50 1.85
N THR H 855 107.33 -30.41 3.04
CA THR H 855 107.10 -31.51 4.00
C THR H 855 105.88 -32.29 3.51
N ARG H 856 105.67 -33.51 4.04
CA ARG H 856 104.44 -34.32 3.82
C ARG H 856 103.21 -33.45 4.11
N GLY H 857 103.27 -32.69 5.22
CA GLY H 857 102.19 -31.79 5.69
C GLY H 857 101.81 -30.78 4.62
N VAL H 858 102.82 -30.16 4.00
CA VAL H 858 102.60 -29.08 3.00
C VAL H 858 102.19 -29.75 1.69
N MET H 859 102.74 -30.92 1.36
CA MET H 859 102.32 -31.66 0.14
C MET H 859 100.84 -32.07 0.26
N LEU H 860 100.39 -32.43 1.46
CA LEU H 860 98.95 -32.68 1.72
C LEU H 860 98.17 -31.41 1.43
N TRP H 861 98.56 -30.31 2.07
CA TRP H 861 98.03 -28.94 1.84
C TRP H 861 97.87 -28.66 0.33
N LYS H 862 98.93 -28.89 -0.45
CA LYS H 862 98.97 -28.62 -1.91
C LYS H 862 97.87 -29.42 -2.62
N GLU H 863 97.83 -30.74 -2.41
CA GLU H 863 96.84 -31.70 -2.98
C GLU H 863 95.39 -31.26 -2.68
N PHE H 864 95.10 -30.74 -1.48
CA PHE H 864 93.75 -30.29 -1.09
C PHE H 864 93.37 -29.01 -1.87
N ASP H 865 94.31 -28.10 -2.13
CA ASP H 865 94.07 -26.87 -2.94
C ASP H 865 93.68 -27.28 -4.37
N GLU H 866 94.30 -28.33 -4.91
CA GLU H 866 94.03 -28.87 -6.28
C GLU H 866 92.70 -29.65 -6.29
N THR H 867 92.41 -30.43 -5.25
CA THR H 867 91.33 -31.44 -5.19
C THR H 867 90.04 -30.84 -4.56
N ILE H 868 90.13 -30.29 -3.34
CA ILE H 868 88.98 -30.00 -2.44
C ILE H 868 88.63 -28.50 -2.42
N PHE H 869 89.60 -27.62 -2.16
CA PHE H 869 89.34 -26.18 -1.83
C PHE H 869 89.17 -25.33 -3.09
N ASN H 870 89.41 -25.87 -4.29
CA ASN H 870 89.17 -25.15 -5.57
C ASN H 870 87.74 -25.39 -6.07
N LEU H 871 87.00 -26.32 -5.46
CA LEU H 871 85.63 -26.72 -5.90
C LEU H 871 84.66 -25.62 -5.50
N PRO H 872 83.56 -25.43 -6.26
CA PRO H 872 82.50 -24.50 -5.86
C PRO H 872 81.74 -25.03 -4.63
N LYS H 873 81.01 -24.15 -3.94
CA LYS H 873 80.42 -24.39 -2.57
C LYS H 873 79.43 -25.56 -2.57
N ASN H 874 78.56 -25.68 -3.59
CA ASN H 874 77.54 -26.75 -3.74
C ASN H 874 78.23 -28.13 -3.86
N LYS H 875 79.41 -28.20 -4.48
CA LYS H 875 80.13 -29.46 -4.80
C LYS H 875 81.04 -29.94 -3.65
N LEU H 876 81.16 -29.17 -2.56
CA LEU H 876 82.24 -29.39 -1.55
C LEU H 876 81.87 -30.53 -0.60
N VAL H 877 80.69 -30.46 0.03
CA VAL H 877 80.24 -31.40 1.09
C VAL H 877 79.98 -32.79 0.50
N PRO H 878 79.39 -32.94 -0.71
CA PRO H 878 79.41 -34.22 -1.43
C PRO H 878 80.80 -34.84 -1.60
N THR H 879 81.78 -34.02 -2.00
CA THR H 879 83.19 -34.45 -2.26
C THR H 879 83.83 -34.91 -0.96
N LEU H 880 83.63 -34.17 0.14
CA LEU H 880 84.21 -34.45 1.48
C LEU H 880 83.67 -35.77 2.04
N GLU H 881 82.40 -36.11 1.77
CA GLU H 881 81.78 -37.39 2.21
C GLU H 881 82.37 -38.55 1.40
N ALA H 882 82.52 -38.36 0.09
CA ALA H 882 83.07 -39.38 -0.83
C ALA H 882 84.46 -39.81 -0.36
N LYS H 883 85.33 -38.86 -0.01
CA LYS H 883 86.77 -39.17 0.30
C LYS H 883 87.04 -38.94 1.80
N ARG H 884 85.98 -38.85 2.61
CA ARG H 884 86.03 -38.79 4.09
C ARG H 884 87.12 -39.69 4.65
N ASP H 885 87.09 -40.98 4.36
CA ASP H 885 88.00 -41.96 5.00
C ASP H 885 89.43 -41.69 4.58
N TYR H 886 89.63 -41.21 3.35
CA TYR H 886 90.99 -40.93 2.79
C TYR H 886 91.57 -39.72 3.53
N ILE H 887 90.88 -38.57 3.46
CA ILE H 887 91.19 -37.30 4.18
C ILE H 887 91.57 -37.60 5.63
N ILE H 888 90.73 -38.30 6.38
CA ILE H 888 91.00 -38.63 7.81
C ILE H 888 92.34 -39.36 7.92
N SER H 889 92.67 -40.27 6.99
CA SER H 889 93.90 -41.10 7.08
C SER H 889 95.12 -40.21 6.87
N ARG H 890 94.99 -39.20 5.99
CA ARG H 890 96.08 -38.28 5.55
C ARG H 890 96.40 -37.30 6.68
N LEU H 891 95.38 -36.58 7.16
CA LEU H 891 95.44 -35.72 8.36
C LEU H 891 96.18 -36.45 9.49
N ASN H 892 95.93 -37.74 9.72
CA ASN H 892 96.52 -38.47 10.89
C ASN H 892 97.98 -38.83 10.63
N ALA H 893 98.30 -39.25 9.41
CA ALA H 893 99.66 -39.66 8.98
C ALA H 893 100.58 -38.44 8.90
N ASP H 894 100.10 -37.36 8.27
CA ASP H 894 100.93 -36.37 7.55
C ASP H 894 100.76 -34.93 8.05
N PHE H 895 99.74 -34.54 8.81
CA PHE H 895 99.45 -33.10 9.06
C PHE H 895 99.61 -32.68 10.53
N GLN H 896 99.84 -31.39 10.74
CA GLN H 896 100.11 -30.72 12.04
C GLN H 896 98.82 -30.62 12.84
N LYS H 897 97.67 -30.57 12.16
CA LYS H 897 96.33 -30.70 12.76
C LYS H 897 95.77 -32.09 12.48
N PRO H 898 95.88 -33.07 13.41
CA PRO H 898 95.33 -34.41 13.17
C PRO H 898 93.80 -34.37 13.25
N TRP H 899 93.14 -35.47 12.84
CA TRP H 899 91.66 -35.66 12.91
C TRP H 899 91.32 -36.03 14.34
N PHE H 900 90.46 -35.26 14.99
CA PHE H 900 90.40 -35.20 16.47
C PHE H 900 90.00 -36.56 17.02
N ALA H 901 88.99 -37.12 16.35
CA ALA H 901 88.24 -38.33 16.75
C ALA H 901 88.97 -39.54 16.19
N THR H 902 90.09 -39.88 16.80
CA THR H 902 90.81 -41.16 16.61
C THR H 902 91.19 -41.61 18.01
N VAL H 903 90.79 -42.84 18.35
CA VAL H 903 91.16 -43.51 19.62
C VAL H 903 91.92 -44.79 19.25
N ASN H 904 93.09 -44.99 19.89
CA ASN H 904 94.14 -46.00 19.57
C ASN H 904 94.29 -46.17 18.06
N GLY H 905 94.54 -45.06 17.35
CA GLY H 905 94.89 -45.03 15.92
C GLY H 905 93.78 -45.54 15.01
N GLN H 906 92.53 -45.48 15.47
CA GLN H 906 91.34 -46.01 14.74
C GLN H 906 90.38 -44.83 14.53
N ALA H 907 90.05 -44.49 13.28
CA ALA H 907 89.20 -43.34 12.95
C ALA H 907 87.77 -43.58 13.43
N ARG H 908 87.10 -42.50 13.76
CA ARG H 908 85.78 -42.45 14.40
C ARG H 908 85.10 -41.17 13.90
N ASP H 909 84.16 -40.66 14.69
CA ASP H 909 83.52 -39.34 14.56
C ASP H 909 83.26 -38.88 16.00
N LEU H 910 83.03 -37.59 16.28
CA LEU H 910 82.73 -37.14 17.67
C LEU H 910 81.59 -38.02 18.21
N ALA H 911 80.53 -38.17 17.41
CA ALA H 911 79.27 -38.89 17.73
C ALA H 911 79.50 -40.37 18.05
N THR H 912 80.65 -40.97 17.75
CA THR H 912 80.96 -42.39 18.04
C THR H 912 82.11 -42.54 19.05
N MET H 913 82.33 -41.53 19.89
CA MET H 913 83.41 -41.49 20.91
C MET H 913 82.74 -41.34 22.26
N THR H 914 83.32 -41.90 23.31
CA THR H 914 82.77 -41.76 24.68
C THR H 914 83.31 -40.45 25.24
N TYR H 915 82.61 -39.90 26.24
CA TYR H 915 83.00 -38.67 26.95
C TYR H 915 84.39 -38.87 27.52
N GLU H 916 84.76 -40.05 27.99
CA GLU H 916 86.14 -40.31 28.51
C GLU H 916 87.16 -40.26 27.36
N GLU H 917 86.95 -41.06 26.31
CA GLU H 917 87.78 -41.06 25.08
C GLU H 917 88.04 -39.62 24.61
N VAL H 918 87.09 -38.70 24.77
CA VAL H 918 87.22 -37.30 24.26
C VAL H 918 88.17 -36.55 25.18
N ALA H 919 87.91 -36.58 26.48
CA ALA H 919 88.75 -35.89 27.47
C ALA H 919 90.17 -36.45 27.48
N LYS H 920 90.37 -37.74 27.17
CA LYS H 920 91.73 -38.35 27.14
C LYS H 920 92.52 -37.76 25.97
N ARG H 921 91.81 -37.44 24.89
CA ARG H 921 92.38 -37.03 23.59
C ARG H 921 92.68 -35.54 23.64
N LEU H 922 91.83 -34.75 24.31
CA LEU H 922 92.13 -33.32 24.60
C LEU H 922 93.44 -33.20 25.39
N VAL H 923 93.72 -34.09 26.33
CA VAL H 923 94.99 -34.06 27.12
C VAL H 923 96.15 -34.50 26.20
N GLU H 924 95.98 -35.58 25.47
CA GLU H 924 96.97 -36.14 24.52
C GLU H 924 97.47 -35.03 23.56
N LEU H 925 96.59 -34.12 23.14
CA LEU H 925 96.83 -33.21 21.99
C LEU H 925 97.13 -31.77 22.43
N MET H 926 96.75 -31.37 23.63
CA MET H 926 96.90 -29.97 24.10
C MET H 926 97.89 -29.86 25.26
N PHE H 927 98.02 -30.90 26.08
CA PHE H 927 98.91 -30.95 27.25
C PHE H 927 100.19 -31.65 26.83
N ILE H 928 101.34 -31.10 27.27
CA ILE H 928 102.71 -31.48 26.80
C ILE H 928 103.41 -32.23 27.93
N ARG H 929 103.78 -33.48 27.71
CA ARG H 929 104.36 -34.34 28.78
C ARG H 929 105.76 -33.85 29.16
N SER H 930 106.63 -33.60 28.18
CA SER H 930 108.05 -33.18 28.35
C SER H 930 108.16 -32.00 29.33
N THR H 931 107.42 -30.91 29.09
CA THR H 931 107.40 -29.67 29.92
C THR H 931 106.41 -29.79 31.09
N ASN H 932 105.58 -30.84 31.12
CA ASN H 932 104.59 -31.16 32.20
C ASN H 932 103.68 -29.96 32.43
N SER H 933 103.16 -29.37 31.34
CA SER H 933 102.29 -28.17 31.36
C SER H 933 101.43 -28.13 30.09
N TRP H 934 100.33 -27.38 30.15
CA TRP H 934 99.46 -27.11 28.98
C TRP H 934 100.21 -26.16 28.05
N PHE H 935 100.07 -26.35 26.75
CA PHE H 935 100.75 -25.50 25.75
C PHE H 935 100.25 -24.07 25.89
N ASP H 936 98.93 -23.92 25.85
CA ASP H 936 98.21 -22.62 26.00
C ASP H 936 97.17 -22.79 27.11
N VAL H 937 96.99 -21.74 27.92
CA VAL H 937 96.03 -21.72 29.05
C VAL H 937 94.60 -21.64 28.51
N THR H 938 94.36 -21.04 27.34
CA THR H 938 93.00 -21.04 26.69
C THR H 938 92.56 -22.49 26.37
N TRP H 939 93.52 -23.39 26.18
CA TRP H 939 93.28 -24.82 25.85
C TRP H 939 92.98 -25.59 27.12
N ARG H 940 93.62 -25.26 28.22
CA ARG H 940 93.25 -25.82 29.54
C ARG H 940 91.80 -25.44 29.81
N THR H 941 91.47 -24.17 29.69
CA THR H 941 90.08 -23.63 29.82
C THR H 941 89.13 -24.52 29.01
N PHE H 942 89.49 -24.85 27.78
CA PHE H 942 88.67 -25.65 26.84
C PHE H 942 88.35 -27.00 27.48
N THR H 943 89.33 -27.72 28.03
CA THR H 943 89.14 -29.09 28.57
C THR H 943 88.44 -29.02 29.92
N GLY H 944 88.67 -27.98 30.72
CA GLY H 944 87.90 -27.76 31.96
C GLY H 944 86.44 -27.57 31.63
N ASP H 945 86.13 -26.64 30.72
CA ASP H 945 84.74 -26.33 30.29
C ASP H 945 84.05 -27.63 29.85
N PHE H 946 84.75 -28.48 29.12
CA PHE H 946 84.30 -29.83 28.70
C PHE H 946 84.06 -30.73 29.91
N LEU H 947 84.98 -30.84 30.88
CA LEU H 947 84.75 -31.72 32.05
C LEU H 947 83.54 -31.21 32.84
N ARG H 948 83.27 -29.92 32.84
CA ARG H 948 82.12 -29.37 33.57
C ARG H 948 80.86 -29.87 32.88
N ARG H 949 80.90 -30.00 31.56
CA ARG H 949 79.72 -30.39 30.75
C ARG H 949 79.43 -31.87 30.97
N VAL H 950 80.45 -32.71 31.16
CA VAL H 950 80.28 -34.13 31.56
C VAL H 950 79.50 -34.14 32.87
N GLU H 951 79.92 -33.36 33.87
CA GLU H 951 79.27 -33.38 35.21
C GLU H 951 77.82 -32.90 35.07
N GLU H 952 77.57 -31.84 34.31
CA GLU H 952 76.22 -31.32 34.05
C GLU H 952 75.37 -32.43 33.42
N ARG H 953 75.93 -33.20 32.49
CA ARG H 953 75.18 -34.19 31.67
C ARG H 953 74.86 -35.41 32.51
N PHE H 954 75.73 -35.80 33.46
CA PHE H 954 75.63 -37.11 34.12
C PHE H 954 75.25 -36.99 35.58
N THR H 955 75.12 -35.80 36.17
CA THR H 955 74.65 -35.68 37.58
C THR H 955 73.12 -35.72 37.57
N LYS H 956 72.52 -36.21 38.64
CA LYS H 956 71.05 -36.33 38.80
C LYS H 956 70.52 -35.04 39.40
N SER H 957 71.38 -34.35 40.15
CA SER H 957 71.03 -33.37 41.21
C SER H 957 72.08 -32.26 41.28
N LYS H 958 71.64 -31.01 41.45
CA LYS H 958 72.52 -29.83 41.69
C LYS H 958 73.58 -30.20 42.72
N THR H 959 74.83 -30.35 42.28
CA THR H 959 76.04 -30.59 43.13
C THR H 959 77.02 -29.45 42.94
N LEU H 960 77.98 -29.34 43.86
CA LEU H 960 79.20 -28.53 43.67
C LEU H 960 80.15 -29.33 42.77
N SER H 961 80.82 -28.64 41.84
CA SER H 961 81.74 -29.17 40.80
C SER H 961 82.99 -29.80 41.43
N LEU H 962 83.50 -30.87 40.83
CA LEU H 962 84.75 -31.55 41.26
C LEU H 962 85.97 -30.75 40.77
N ILE H 963 85.79 -29.98 39.70
CA ILE H 963 86.81 -29.08 39.12
C ILE H 963 86.45 -27.64 39.48
N GLN H 964 86.84 -27.20 40.68
CA GLN H 964 86.53 -25.84 41.21
C GLN H 964 87.39 -24.80 40.47
N SER H 965 88.71 -24.94 40.59
CA SER H 965 89.73 -24.13 39.89
C SER H 965 90.27 -24.97 38.73
N TYR H 966 90.55 -24.35 37.58
CA TYR H 966 91.21 -25.06 36.44
C TYR H 966 92.70 -25.24 36.75
N SER H 967 93.21 -24.72 37.86
CA SER H 967 94.55 -25.05 38.45
C SER H 967 94.72 -26.55 38.62
N LEU H 968 93.63 -27.24 38.97
CA LEU H 968 93.64 -28.69 39.30
C LEU H 968 94.01 -29.50 38.06
N LEU H 969 93.70 -28.98 36.87
CA LEU H 969 93.98 -29.66 35.57
C LEU H 969 95.50 -29.83 35.36
N ASP H 970 96.37 -29.07 36.05
CA ASP H 970 97.84 -29.07 35.80
C ASP H 970 98.49 -30.42 36.13
N LYS H 971 97.75 -31.40 36.72
CA LYS H 971 98.09 -32.87 36.75
C LYS H 971 96.95 -33.67 36.15
N PRO H 972 96.79 -33.68 34.81
CA PRO H 972 95.48 -33.82 34.18
C PRO H 972 94.89 -35.24 34.15
N ASP H 973 95.74 -36.27 34.29
CA ASP H 973 95.29 -37.69 34.36
C ASP H 973 94.58 -37.92 35.71
N GLU H 974 95.07 -37.30 36.79
CA GLU H 974 94.47 -37.40 38.16
C GLU H 974 93.09 -36.74 38.16
N ALA H 975 92.96 -35.59 37.49
CA ALA H 975 91.75 -34.74 37.44
C ALA H 975 90.73 -35.32 36.46
N ILE H 976 91.17 -36.15 35.52
CA ILE H 976 90.25 -36.91 34.60
C ILE H 976 89.66 -38.07 35.41
N GLU H 977 90.50 -38.90 36.04
CA GLU H 977 90.03 -40.05 36.86
C GLU H 977 89.01 -39.55 37.88
N LYS H 978 89.33 -38.45 38.59
CA LYS H 978 88.46 -37.86 39.64
C LYS H 978 87.03 -37.66 39.12
N VAL H 979 86.86 -37.18 37.88
CA VAL H 979 85.54 -36.83 37.25
C VAL H 979 84.85 -38.09 36.75
N PHE H 980 85.59 -39.01 36.12
CA PHE H 980 85.04 -40.23 35.51
C PHE H 980 85.00 -41.39 36.52
N ASN H 981 85.42 -41.18 37.77
CA ASN H 981 85.08 -42.08 38.90
C ASN H 981 83.66 -41.74 39.35
N ALA H 982 83.41 -40.45 39.59
CA ALA H 982 82.14 -39.92 40.13
C ALA H 982 81.01 -39.92 39.10
N TYR H 983 81.31 -40.09 37.81
CA TYR H 983 80.30 -40.19 36.72
C TYR H 983 80.73 -41.30 35.75
N PRO H 984 80.75 -42.57 36.19
CA PRO H 984 81.33 -43.65 35.41
C PRO H 984 80.50 -44.09 34.19
N ALA H 985 79.24 -43.65 34.12
CA ALA H 985 78.35 -43.80 32.95
C ALA H 985 79.01 -43.16 31.73
N ALA H 986 79.74 -42.09 31.95
CA ALA H 986 80.41 -41.26 30.92
C ALA H 986 81.49 -42.09 30.24
N ARG H 987 82.10 -43.07 30.92
CA ARG H 987 83.09 -44.00 30.32
C ARG H 987 82.44 -44.86 29.22
N GLU H 988 81.11 -44.94 29.18
CA GLU H 988 80.39 -46.00 28.44
C GLU H 988 79.34 -45.43 27.47
N GLN H 989 79.30 -44.13 27.25
CA GLN H 989 78.23 -43.52 26.43
C GLN H 989 78.83 -42.60 25.38
N PHE H 990 78.45 -42.79 24.13
CA PHE H 990 78.82 -41.85 23.07
C PHE H 990 78.30 -40.46 23.41
N LEU H 991 78.90 -39.48 22.76
CA LEU H 991 78.63 -38.05 23.02
C LEU H 991 77.17 -37.79 22.64
N ASN H 992 76.38 -37.27 23.57
CA ASN H 992 75.03 -36.71 23.31
C ASN H 992 75.10 -35.75 22.14
N ALA H 993 74.11 -35.75 21.28
CA ALA H 993 74.07 -34.94 20.04
C ALA H 993 74.29 -33.47 20.36
N GLN H 994 73.84 -33.04 21.53
CA GLN H 994 73.89 -31.62 21.97
C GLN H 994 75.31 -31.28 22.36
N ASP H 995 76.03 -32.23 22.96
CA ASP H 995 77.39 -31.98 23.51
C ASP H 995 78.41 -31.98 22.37
N ILE H 996 78.10 -32.58 21.23
CA ILE H 996 78.90 -32.47 19.98
C ILE H 996 78.77 -31.04 19.45
N ASP H 997 77.54 -30.53 19.40
CA ASP H 997 77.23 -29.15 18.95
C ASP H 997 77.88 -28.14 19.89
N HIS H 998 78.02 -28.46 21.16
CA HIS H 998 78.68 -27.60 22.16
C HIS H 998 80.18 -27.67 21.91
N PHE H 999 80.70 -28.86 21.64
CA PHE H 999 82.14 -29.09 21.42
C PHE H 999 82.58 -28.26 20.23
N LEU H 1000 81.83 -28.33 19.15
CA LEU H 1000 82.14 -27.62 17.90
C LEU H 1000 81.93 -26.11 18.08
N SER H 1001 81.07 -25.67 18.99
CA SER H 1001 80.94 -24.23 19.35
C SER H 1001 82.21 -23.73 20.04
N MET H 1002 82.79 -24.48 20.97
CA MET H 1002 84.01 -24.04 21.69
C MET H 1002 85.21 -24.05 20.72
N CYS H 1003 85.18 -24.84 19.65
CA CYS H 1003 86.26 -24.91 18.62
C CYS H 1003 86.26 -23.64 17.75
N GLN H 1004 85.16 -22.88 17.72
CA GLN H 1004 84.92 -21.65 16.91
C GLN H 1004 85.00 -20.39 17.79
N ASN H 1005 85.35 -20.53 19.07
CA ASN H 1005 85.53 -19.42 20.03
C ASN H 1005 86.72 -18.59 19.56
N PRO H 1006 86.58 -17.28 19.30
CA PRO H 1006 87.74 -16.47 18.90
C PRO H 1006 88.65 -15.95 20.03
N MET H 1007 88.28 -16.13 21.31
CA MET H 1007 89.07 -15.70 22.50
C MET H 1007 89.95 -16.85 23.02
N GLN H 1008 90.51 -17.63 22.09
CA GLN H 1008 91.03 -19.00 22.34
C GLN H 1008 92.04 -19.30 21.23
N LYS H 1009 93.20 -19.86 21.56
CA LYS H 1009 94.17 -20.23 20.51
C LYS H 1009 93.49 -21.28 19.67
N PRO H 1010 93.46 -21.13 18.33
CA PRO H 1010 92.84 -22.13 17.47
C PRO H 1010 93.37 -23.54 17.79
N VAL H 1011 92.43 -24.46 17.73
CA VAL H 1011 92.47 -25.74 18.46
C VAL H 1011 93.29 -26.69 17.59
N PRO H 1012 94.23 -27.47 18.14
CA PRO H 1012 95.28 -28.10 17.33
C PRO H 1012 94.85 -29.44 16.73
N PHE H 1013 93.75 -29.41 15.97
CA PHE H 1013 93.08 -30.60 15.36
C PHE H 1013 91.88 -30.19 14.52
N VAL H 1014 91.43 -31.10 13.65
CA VAL H 1014 90.21 -30.96 12.80
C VAL H 1014 89.12 -31.80 13.43
N PRO H 1015 88.09 -31.18 14.05
CA PRO H 1015 87.03 -31.93 14.70
C PRO H 1015 85.84 -32.33 13.81
N VAL H 1016 85.74 -31.81 12.57
CA VAL H 1016 84.63 -32.21 11.66
C VAL H 1016 84.98 -31.94 10.18
N LEU H 1017 84.49 -32.78 9.26
CA LEU H 1017 84.45 -32.49 7.78
C LEU H 1017 83.09 -31.92 7.36
N ASP H 1018 83.00 -30.59 7.22
CA ASP H 1018 81.81 -29.85 6.75
C ASP H 1018 82.29 -28.72 5.83
N ARG H 1019 81.47 -27.68 5.63
CA ARG H 1019 81.79 -26.48 4.81
C ARG H 1019 83.01 -25.74 5.39
N ARG H 1020 83.15 -25.73 6.72
CA ARG H 1020 84.19 -24.94 7.45
C ARG H 1020 85.57 -25.64 7.42
N PHE H 1021 85.82 -26.57 6.49
CA PHE H 1021 87.02 -27.47 6.55
C PHE H 1021 88.26 -26.69 6.12
N GLU H 1022 88.16 -25.78 5.14
CA GLU H 1022 89.32 -25.01 4.62
C GLU H 1022 89.86 -24.12 5.75
N ILE H 1023 88.96 -23.55 6.56
CA ILE H 1023 89.32 -22.74 7.76
C ILE H 1023 90.00 -23.67 8.76
N PHE H 1024 89.35 -24.74 9.22
CA PHE H 1024 89.89 -25.64 10.28
C PHE H 1024 91.30 -26.15 9.94
N PHE H 1025 91.50 -26.50 8.66
CA PHE H 1025 92.74 -27.08 8.09
C PHE H 1025 93.88 -26.08 8.06
N LYS H 1026 93.61 -24.76 7.94
CA LYS H 1026 94.60 -23.72 7.55
C LYS H 1026 94.88 -22.73 8.69
N LYS H 1027 93.83 -22.19 9.31
CA LYS H 1027 93.83 -21.45 10.60
C LYS H 1027 95.03 -21.83 11.45
N ASP H 1028 95.92 -20.88 11.73
CA ASP H 1028 96.99 -20.98 12.77
C ASP H 1028 98.00 -22.05 12.37
N SER H 1029 98.67 -21.83 11.24
CA SER H 1029 99.54 -22.82 10.56
C SER H 1029 101.04 -22.53 10.75
N LEU H 1030 101.45 -21.45 11.40
CA LEU H 1030 102.84 -20.94 11.32
C LEU H 1030 103.63 -21.12 12.63
N TRP H 1031 103.00 -21.40 13.76
CA TRP H 1031 103.69 -21.46 15.08
C TRP H 1031 104.35 -22.82 15.32
N GLN H 1032 103.97 -23.87 14.61
CA GLN H 1032 104.27 -25.28 14.99
C GLN H 1032 105.78 -25.53 14.81
N SER H 1033 106.40 -25.02 13.75
CA SER H 1033 107.86 -25.09 13.48
C SER H 1033 108.66 -24.64 14.71
N GLU H 1034 108.26 -23.54 15.36
CA GLU H 1034 108.93 -23.00 16.57
C GLU H 1034 108.78 -23.94 17.77
N HIS H 1035 107.74 -24.78 17.81
CA HIS H 1035 107.35 -25.58 19.01
C HIS H 1035 106.96 -27.00 18.61
N LEU H 1036 107.93 -27.86 18.32
CA LEU H 1036 107.66 -29.25 17.87
C LEU H 1036 107.25 -30.09 19.09
N GLU H 1037 107.63 -29.69 20.30
CA GLU H 1037 107.25 -30.39 21.55
C GLU H 1037 105.72 -30.62 21.58
N ALA H 1038 104.93 -29.71 20.99
CA ALA H 1038 103.45 -29.70 21.06
C ALA H 1038 102.80 -30.12 19.75
N VAL H 1039 103.54 -30.77 18.86
CA VAL H 1039 103.00 -31.39 17.62
C VAL H 1039 103.02 -32.91 17.84
N VAL H 1040 102.24 -33.67 17.08
CA VAL H 1040 101.89 -35.10 17.34
C VAL H 1040 103.15 -35.92 17.68
N ASP H 1041 104.02 -36.24 16.70
CA ASP H 1041 105.19 -37.13 16.93
C ASP H 1041 106.48 -36.30 17.08
N GLN H 1042 106.39 -35.07 17.60
CA GLN H 1042 107.49 -34.07 17.62
C GLN H 1042 108.10 -33.94 16.20
N ASP H 1043 107.24 -33.93 15.16
CA ASP H 1043 107.62 -34.32 13.77
C ASP H 1043 107.58 -33.12 12.82
N VAL H 1044 108.74 -32.53 12.54
CA VAL H 1044 108.95 -31.47 11.49
C VAL H 1044 107.98 -31.67 10.33
N GLN H 1045 107.81 -32.91 9.91
CA GLN H 1045 107.36 -33.27 8.55
C GLN H 1045 105.84 -33.11 8.44
N ARG H 1046 105.16 -32.81 9.56
CA ARG H 1046 103.74 -32.38 9.63
C ARG H 1046 103.60 -30.89 9.31
N THR H 1047 104.67 -30.13 9.55
CA THR H 1047 104.65 -28.69 9.88
C THR H 1047 104.71 -27.86 8.59
N CYS H 1048 104.34 -26.58 8.66
CA CYS H 1048 104.66 -25.52 7.65
C CYS H 1048 105.92 -24.78 8.10
N ILE H 1049 106.94 -24.78 7.26
CA ILE H 1049 108.16 -23.94 7.42
C ILE H 1049 108.26 -23.03 6.21
N LEU H 1050 108.05 -21.72 6.37
CA LEU H 1050 108.13 -20.74 5.25
C LEU H 1050 109.60 -20.51 4.91
N HIS H 1051 109.93 -20.45 3.63
CA HIS H 1051 111.34 -20.38 3.16
C HIS H 1051 111.33 -20.06 1.65
N GLY H 1052 112.39 -19.49 1.13
CA GLY H 1052 112.44 -19.07 -0.28
C GLY H 1052 113.25 -20.05 -1.12
N PRO H 1053 112.78 -20.36 -2.34
CA PRO H 1053 113.45 -21.31 -3.21
C PRO H 1053 114.91 -20.89 -3.46
N VAL H 1054 115.11 -19.63 -3.84
CA VAL H 1054 116.43 -19.10 -4.28
C VAL H 1054 117.35 -18.95 -3.08
N ALA H 1055 116.84 -18.44 -1.97
CA ALA H 1055 117.64 -18.14 -0.77
C ALA H 1055 118.11 -19.42 -0.08
N ALA H 1056 117.50 -20.56 -0.41
CA ALA H 1056 117.73 -21.87 0.26
C ALA H 1056 119.11 -22.43 -0.08
N GLN H 1057 119.75 -21.95 -1.16
CA GLN H 1057 121.09 -22.44 -1.59
C GLN H 1057 122.22 -21.83 -0.74
N PHE H 1058 121.90 -20.98 0.25
CA PHE H 1058 122.89 -20.33 1.14
C PHE H 1058 122.65 -20.72 2.61
N THR H 1059 121.46 -21.25 2.94
CA THR H 1059 121.11 -21.82 4.27
C THR H 1059 121.71 -23.22 4.42
N LYS H 1060 122.88 -23.33 5.04
CA LYS H 1060 123.64 -24.62 5.14
C LYS H 1060 124.18 -24.86 6.56
N VAL H 1061 124.74 -23.85 7.23
CA VAL H 1061 125.37 -23.99 8.58
C VAL H 1061 124.29 -23.75 9.63
N ILE H 1062 124.00 -24.75 10.47
CA ILE H 1062 122.99 -24.66 11.56
C ILE H 1062 123.63 -23.99 12.79
N ASP H 1063 122.82 -23.19 13.52
CA ASP H 1063 123.11 -22.54 14.83
C ASP H 1063 124.37 -21.68 14.73
N GLU H 1064 124.60 -21.05 13.57
CA GLU H 1064 125.64 -20.00 13.34
C GLU H 1064 125.13 -18.75 14.04
N PRO H 1065 125.88 -18.08 14.94
CA PRO H 1065 125.33 -16.93 15.66
C PRO H 1065 124.96 -15.80 14.67
N ILE H 1066 123.86 -15.09 14.93
CA ILE H 1066 123.31 -14.01 14.06
C ILE H 1066 124.35 -12.91 13.82
N LYS H 1067 125.17 -12.60 14.82
CA LYS H 1067 126.33 -11.68 14.69
C LYS H 1067 127.19 -12.18 13.52
N SER H 1068 127.60 -13.44 13.56
CA SER H 1068 128.58 -14.05 12.62
C SER H 1068 128.04 -14.11 11.19
N ILE H 1069 126.72 -14.26 10.99
CA ILE H 1069 126.09 -14.26 9.62
C ILE H 1069 126.25 -12.86 9.05
N MET H 1070 125.61 -11.90 9.72
CA MET H 1070 125.42 -10.51 9.27
C MET H 1070 126.79 -9.83 9.13
N ASP H 1071 127.66 -9.89 10.14
CA ASP H 1071 129.09 -9.44 10.05
C ASP H 1071 129.79 -10.12 8.87
N GLY H 1072 129.50 -11.39 8.63
CA GLY H 1072 130.12 -12.18 7.54
C GLY H 1072 129.80 -11.58 6.17
N ILE H 1073 128.60 -11.01 6.02
CA ILE H 1073 128.13 -10.40 4.75
C ILE H 1073 128.73 -9.01 4.66
N HIS H 1074 128.58 -8.23 5.73
CA HIS H 1074 129.05 -6.83 5.82
C HIS H 1074 130.57 -6.77 5.60
N ASP H 1075 131.33 -7.64 6.25
CA ASP H 1075 132.79 -7.71 6.08
C ASP H 1075 133.10 -8.16 4.64
N GLY H 1076 132.35 -9.12 4.13
CA GLY H 1076 132.51 -9.62 2.75
C GLY H 1076 132.41 -8.52 1.69
N HIS H 1077 131.52 -7.55 1.89
CA HIS H 1077 131.35 -6.32 1.06
C HIS H 1077 132.58 -5.40 1.20
N ILE H 1078 133.07 -5.17 2.42
CA ILE H 1078 134.21 -4.28 2.74
C ILE H 1078 135.46 -4.82 2.03
N LYS H 1079 135.76 -6.09 2.26
CA LYS H 1079 136.80 -6.90 1.58
C LYS H 1079 136.81 -6.51 0.10
N LYS H 1080 135.67 -6.63 -0.57
CA LYS H 1080 135.50 -6.51 -2.05
C LYS H 1080 135.56 -5.04 -2.47
N LEU H 1081 134.97 -4.17 -1.66
CA LEU H 1081 134.83 -2.72 -1.95
C LEU H 1081 136.19 -2.05 -1.79
N LEU H 1082 136.99 -2.57 -0.86
CA LEU H 1082 138.39 -2.11 -0.58
C LEU H 1082 139.27 -2.47 -1.78
N HIS H 1083 139.12 -3.69 -2.31
CA HIS H 1083 139.98 -4.24 -3.40
C HIS H 1083 139.71 -3.53 -4.73
N GLN H 1084 138.44 -3.25 -5.09
CA GLN H 1084 138.10 -2.50 -6.32
C GLN H 1084 138.59 -1.06 -6.19
N TYR H 1085 138.01 -0.32 -5.25
CA TYR H 1085 137.93 1.17 -5.30
C TYR H 1085 138.96 1.85 -4.38
N TYR H 1086 139.64 1.14 -3.48
CA TYR H 1086 140.64 1.73 -2.55
C TYR H 1086 142.01 1.05 -2.67
N GLY H 1087 142.20 0.08 -3.58
CA GLY H 1087 143.45 -0.66 -3.78
C GLY H 1087 144.01 -1.25 -2.48
N ASP H 1088 143.19 -2.05 -1.78
CA ASP H 1088 143.55 -2.91 -0.60
C ASP H 1088 144.30 -2.11 0.48
N ASP H 1089 143.99 -0.83 0.66
CA ASP H 1089 144.69 0.12 1.58
C ASP H 1089 143.65 0.79 2.49
N GLU H 1090 143.64 0.47 3.79
CA GLU H 1090 142.64 1.01 4.74
C GLU H 1090 142.90 2.49 5.02
N SER H 1091 144.13 2.97 4.82
CA SER H 1091 144.55 4.39 5.01
C SER H 1091 143.71 5.33 4.12
N LYS H 1092 143.27 4.86 2.95
CA LYS H 1092 142.54 5.69 1.95
C LYS H 1092 141.04 5.76 2.26
N ILE H 1093 140.58 5.16 3.36
CA ILE H 1093 139.16 5.25 3.79
C ILE H 1093 139.00 6.54 4.60
N PRO H 1094 138.15 7.49 4.16
CA PRO H 1094 137.97 8.74 4.89
C PRO H 1094 137.33 8.46 6.27
N ALA H 1095 137.94 8.99 7.34
CA ALA H 1095 137.48 8.85 8.73
C ALA H 1095 136.57 10.03 9.09
N VAL H 1096 135.59 9.74 9.92
CA VAL H 1096 134.62 10.71 10.51
C VAL H 1096 134.60 10.42 12.03
N GLU H 1097 134.00 11.30 12.83
CA GLU H 1097 133.85 11.08 14.29
C GLU H 1097 132.76 10.02 14.52
N TYR H 1098 131.51 10.31 14.12
CA TYR H 1098 130.37 9.36 14.24
C TYR H 1098 129.70 9.22 12.87
N PHE H 1099 129.29 8.01 12.51
CA PHE H 1099 128.63 7.73 11.21
C PHE H 1099 127.13 7.59 11.45
N GLY H 1100 126.30 8.47 10.86
CA GLY H 1100 124.82 8.35 10.88
C GLY H 1100 124.06 9.68 10.87
N GLY H 1101 122.73 9.59 10.81
CA GLY H 1101 121.77 10.71 10.93
C GLY H 1101 121.98 11.77 9.87
N GLU H 1102 122.14 11.37 8.60
CA GLU H 1102 122.23 12.29 7.43
C GLU H 1102 121.04 11.99 6.54
N SER H 1103 119.96 12.76 6.69
CA SER H 1103 118.74 12.62 5.85
C SER H 1103 119.18 12.55 4.40
N PRO H 1104 118.63 11.63 3.60
CA PRO H 1104 119.06 11.46 2.21
C PRO H 1104 118.61 12.55 1.22
N VAL H 1105 118.06 13.67 1.71
CA VAL H 1105 117.45 14.73 0.86
C VAL H 1105 118.52 15.73 0.36
N ASP H 1106 119.66 15.92 1.06
CA ASP H 1106 120.51 17.16 0.91
C ASP H 1106 121.90 16.86 0.29
N SER H 1111 134.57 27.21 7.12
CA SER H 1111 135.67 27.03 8.12
C SER H 1111 136.02 28.39 8.76
N GLU H 1112 135.13 28.91 9.63
CA GLU H 1112 135.26 30.25 10.30
C GLU H 1112 135.38 30.05 11.83
N ASP H 1113 136.46 30.58 12.43
CA ASP H 1113 136.87 30.36 13.86
C ASP H 1113 135.84 31.01 14.80
N SER H 1114 135.76 32.34 14.80
CA SER H 1114 134.92 33.16 15.70
C SER H 1114 133.81 33.84 14.88
N ALA H 1115 132.57 33.31 14.97
CA ALA H 1115 131.39 33.75 14.19
C ALA H 1115 130.34 34.37 15.13
N VAL H 1116 129.35 35.05 14.56
CA VAL H 1116 128.18 35.66 15.26
C VAL H 1116 126.96 35.58 14.33
N PHE H 1117 125.85 35.03 14.83
CA PHE H 1117 124.61 34.80 14.05
C PHE H 1117 123.47 35.53 14.75
N LYS H 1118 122.92 36.56 14.11
CA LYS H 1118 121.76 37.34 14.60
C LYS H 1118 120.51 36.81 13.91
N ALA H 1119 119.67 36.11 14.64
CA ALA H 1119 118.36 35.64 14.14
C ALA H 1119 117.42 36.85 14.05
N THR H 1120 116.67 36.92 12.96
CA THR H 1120 115.48 37.79 12.76
C THR H 1120 114.25 36.89 12.86
N SER H 1121 113.05 37.45 12.64
CA SER H 1121 111.75 36.72 12.69
C SER H 1121 111.47 36.01 11.36
N SER H 1122 112.30 36.26 10.33
CA SER H 1122 112.29 35.57 9.01
C SER H 1122 113.15 34.29 9.06
N THR H 1123 114.38 34.34 9.61
CA THR H 1123 115.45 33.31 9.48
C THR H 1123 114.86 31.89 9.47
N ASP H 1124 115.14 31.14 8.41
CA ASP H 1124 114.77 29.71 8.24
C ASP H 1124 115.49 28.89 9.30
N GLU H 1125 114.78 27.94 9.93
CA GLU H 1125 115.31 27.05 10.99
C GLU H 1125 116.51 26.25 10.47
N GLU H 1126 116.41 25.61 9.30
CA GLU H 1126 117.46 24.70 8.79
C GLU H 1126 118.74 25.50 8.48
N SER H 1127 118.66 26.59 7.71
CA SER H 1127 119.78 27.53 7.49
C SER H 1127 120.46 27.84 8.83
N TRP H 1128 119.65 28.11 9.87
CA TRP H 1128 120.08 28.54 11.23
C TRP H 1128 120.86 27.41 11.92
N PHE H 1129 120.32 26.18 11.97
CA PHE H 1129 120.93 25.03 12.69
C PHE H 1129 122.17 24.52 11.92
N LYS H 1130 122.12 24.48 10.59
CA LYS H 1130 123.28 24.14 9.73
C LYS H 1130 124.47 25.01 10.12
N ALA H 1131 124.22 26.31 10.34
CA ALA H 1131 125.26 27.34 10.59
C ALA H 1131 125.96 27.10 11.94
N LEU H 1132 125.19 26.75 12.97
CA LEU H 1132 125.67 26.54 14.37
C LEU H 1132 126.56 25.29 14.41
N ALA H 1133 126.04 24.18 13.87
CA ALA H 1133 126.71 22.88 13.73
C ALA H 1133 128.03 23.01 12.96
N GLY H 1134 128.06 23.90 11.96
CA GLY H 1134 129.19 24.07 11.03
C GLY H 1134 129.32 22.86 10.11
N SER H 1135 130.52 22.68 9.56
CA SER H 1135 130.85 21.73 8.47
C SER H 1135 131.32 20.42 9.10
N GLU H 1136 132.37 20.47 9.93
CA GLU H 1136 133.00 19.27 10.57
C GLU H 1136 131.93 18.42 11.27
N ILE H 1137 132.14 17.10 11.36
CA ILE H 1137 131.25 16.17 12.12
C ILE H 1137 131.90 15.84 13.47
N ASN H 1138 131.38 16.48 14.52
CA ASN H 1138 131.87 16.45 15.93
C ASN H 1138 130.65 16.64 16.84
N TRP H 1139 130.85 16.85 18.14
CA TRP H 1139 129.74 16.99 19.12
C TRP H 1139 128.80 18.14 18.75
N ARG H 1140 129.36 19.25 18.29
CA ARG H 1140 128.53 20.45 17.98
C ARG H 1140 127.57 20.09 16.84
N HIS H 1141 128.04 19.30 15.87
CA HIS H 1141 127.22 18.87 14.70
C HIS H 1141 126.04 18.04 15.24
N ALA H 1142 126.34 17.11 16.14
CA ALA H 1142 125.35 16.21 16.77
C ALA H 1142 124.40 17.04 17.64
N SER H 1143 124.95 17.95 18.44
CA SER H 1143 124.17 18.85 19.35
C SER H 1143 123.04 19.54 18.59
N PHE H 1144 123.26 20.01 17.36
CA PHE H 1144 122.30 20.91 16.67
C PHE H 1144 121.55 20.25 15.51
N LEU H 1145 121.91 19.04 15.09
CA LEU H 1145 121.26 18.42 13.91
C LEU H 1145 120.59 17.09 14.30
N CYS H 1146 121.27 16.26 15.08
CA CYS H 1146 120.70 15.08 15.80
C CYS H 1146 119.24 15.37 16.18
N SER H 1147 118.29 14.68 15.54
CA SER H 1147 116.83 14.94 15.58
C SER H 1147 116.30 14.74 17.00
N PHE H 1148 116.76 13.69 17.67
CA PHE H 1148 116.50 13.46 19.11
C PHE H 1148 117.71 12.85 19.81
N ILE H 1149 117.61 12.81 21.14
CA ILE H 1149 118.65 12.30 22.07
C ILE H 1149 118.01 11.18 22.88
N THR H 1150 118.83 10.51 23.68
CA THR H 1150 118.47 9.28 24.41
C THR H 1150 118.47 9.59 25.90
N GLN H 1151 117.33 9.38 26.58
CA GLN H 1151 117.25 9.31 28.07
C GLN H 1151 117.03 7.85 28.49
N ASP H 1152 117.99 7.26 29.19
CA ASP H 1152 118.04 5.80 29.51
C ASP H 1152 117.89 5.00 28.22
N LYS H 1153 116.69 4.47 27.91
CA LYS H 1153 116.42 3.74 26.65
C LYS H 1153 115.52 4.58 25.74
N MET H 1154 114.86 5.63 26.27
CA MET H 1154 113.82 6.42 25.57
C MET H 1154 114.45 7.44 24.62
N PHE H 1155 113.68 7.99 23.69
CA PHE H 1155 114.13 8.91 22.60
C PHE H 1155 113.29 10.19 22.63
N VAL H 1156 113.73 11.12 23.46
CA VAL H 1156 113.15 12.48 23.65
C VAL H 1156 113.68 13.37 22.53
N SER H 1157 112.82 14.19 21.92
CA SER H 1157 113.18 15.42 21.13
C SER H 1157 114.45 16.09 21.68
N ASN H 1158 115.33 16.54 20.79
CA ASN H 1158 116.61 17.22 21.13
C ASN H 1158 116.29 18.52 21.84
N PRO H 1159 116.65 18.66 23.14
CA PRO H 1159 116.45 19.91 23.86
C PRO H 1159 117.31 21.07 23.36
N ILE H 1160 118.58 20.79 23.03
CA ILE H 1160 119.55 21.80 22.53
C ILE H 1160 118.94 22.50 21.30
N ARG H 1161 118.21 21.77 20.49
CA ARG H 1161 117.59 22.32 19.27
C ARG H 1161 116.43 23.20 19.72
N LYS H 1162 115.62 22.79 20.71
CA LYS H 1162 114.43 23.57 21.18
C LYS H 1162 114.86 24.94 21.72
N VAL H 1163 115.86 24.94 22.60
CA VAL H 1163 116.41 26.16 23.25
C VAL H 1163 116.91 27.16 22.20
N PHE H 1164 117.70 26.72 21.23
CA PHE H 1164 118.26 27.61 20.18
C PHE H 1164 117.29 27.85 19.01
N LYS H 1165 116.06 27.33 19.03
CA LYS H 1165 115.04 27.60 17.98
C LYS H 1165 114.94 29.11 17.78
N PRO H 1166 115.17 29.62 16.55
CA PRO H 1166 115.45 31.04 16.36
C PRO H 1166 114.20 31.90 16.38
N SER H 1167 114.31 33.06 17.02
CA SER H 1167 113.29 34.13 17.11
C SER H 1167 114.01 35.47 17.32
N GLN H 1168 113.37 36.58 16.95
CA GLN H 1168 113.94 37.96 16.99
C GLN H 1168 114.58 38.21 18.37
N GLY H 1169 115.76 38.86 18.39
CA GLY H 1169 116.47 39.26 19.61
C GLY H 1169 117.63 38.33 19.94
N MET H 1170 117.56 37.07 19.50
CA MET H 1170 118.57 36.02 19.81
C MET H 1170 119.86 36.32 19.07
N VAL H 1171 120.99 36.09 19.74
CA VAL H 1171 122.36 36.35 19.22
C VAL H 1171 123.29 35.26 19.75
N VAL H 1172 123.68 34.34 18.86
CA VAL H 1172 124.69 33.29 19.15
C VAL H 1172 126.07 33.86 18.86
N GLU H 1173 127.04 33.50 19.67
CA GLU H 1173 128.48 33.71 19.43
C GLU H 1173 129.18 32.37 19.58
N ILE H 1174 129.95 31.96 18.57
CA ILE H 1174 130.76 30.70 18.58
C ILE H 1174 132.23 31.09 18.64
N SER H 1175 132.94 30.72 19.71
CA SER H 1175 134.39 30.96 19.92
C SER H 1175 135.15 29.64 19.80
N ASN H 1176 136.31 29.64 19.13
CA ASN H 1176 137.17 28.45 18.87
C ASN H 1176 136.39 27.40 18.08
N GLY H 1177 135.65 27.82 17.05
CA GLY H 1177 134.81 26.93 16.21
C GLY H 1177 135.61 25.93 15.38
N ASN H 1178 136.90 26.20 15.12
CA ASN H 1178 137.82 25.32 14.33
C ASN H 1178 138.77 24.59 15.29
N THR H 1179 138.24 24.01 16.35
CA THR H 1179 138.92 23.06 17.29
C THR H 1179 137.89 22.57 18.33
N SER H 1180 137.17 21.48 18.02
CA SER H 1180 135.97 20.98 18.76
C SER H 1180 136.25 20.91 20.27
N SER H 1181 137.40 20.36 20.66
CA SER H 1181 137.91 20.30 22.06
C SER H 1181 137.46 21.54 22.86
N LYS H 1182 137.67 22.75 22.31
CA LYS H 1182 137.59 24.06 23.02
C LYS H 1182 136.36 24.88 22.62
N THR H 1183 135.66 24.52 21.55
CA THR H 1183 134.51 25.28 21.01
C THR H 1183 133.54 25.66 22.13
N VAL H 1184 133.01 26.87 22.10
CA VAL H 1184 131.99 27.37 23.08
C VAL H 1184 130.95 28.18 22.29
N VAL H 1185 129.80 27.58 22.00
CA VAL H 1185 128.61 28.35 21.53
C VAL H 1185 127.98 28.98 22.77
N THR H 1186 127.38 30.17 22.61
CA THR H 1186 126.92 31.08 23.69
C THR H 1186 125.75 31.92 23.18
N LEU H 1187 124.51 31.52 23.50
CA LEU H 1187 123.29 32.28 23.15
C LEU H 1187 123.17 33.48 24.08
N SER H 1188 122.81 34.65 23.53
CA SER H 1188 122.55 35.91 24.29
C SER H 1188 121.20 36.50 23.85
N GLU H 1189 120.39 36.95 24.80
CA GLU H 1189 119.03 37.48 24.58
C GLU H 1189 118.90 38.82 25.30
N PRO H 1190 117.85 39.63 24.99
CA PRO H 1190 117.50 40.79 25.80
C PRO H 1190 116.87 40.37 27.13
N VAL H 1191 117.44 40.85 28.24
CA VAL H 1191 116.99 40.60 29.64
C VAL H 1191 116.96 41.96 30.35
N GLN H 1192 115.77 42.57 30.43
CA GLN H 1192 115.53 43.91 31.04
C GLN H 1192 116.31 44.94 30.20
N GLY H 1193 116.05 44.97 28.89
CA GLY H 1193 116.63 45.94 27.94
C GLY H 1193 118.03 45.55 27.48
N GLU H 1194 118.99 45.49 28.42
CA GLU H 1194 120.42 45.13 28.18
C GLU H 1194 120.53 43.63 27.88
N LEU H 1195 121.49 43.24 27.02
CA LEU H 1195 121.58 41.91 26.36
C LEU H 1195 122.68 41.07 27.01
N LYS H 1196 122.32 39.89 27.53
CA LYS H 1196 123.14 39.08 28.47
C LYS H 1196 123.22 37.63 28.00
N PRO H 1197 124.28 36.89 28.39
CA PRO H 1197 124.34 35.45 28.15
C PRO H 1197 123.26 34.67 28.91
N THR H 1198 122.64 33.69 28.24
CA THR H 1198 121.52 32.85 28.76
C THR H 1198 121.77 31.34 28.63
N VAL H 1199 122.49 30.89 27.60
CA VAL H 1199 122.85 29.46 27.36
C VAL H 1199 124.32 29.38 26.95
N ILE H 1200 125.03 28.32 27.34
CA ILE H 1200 126.46 28.08 27.02
C ILE H 1200 126.71 26.58 26.81
N LEU H 1201 126.84 26.13 25.54
CA LEU H 1201 127.28 24.76 25.15
C LEU H 1201 128.80 24.63 25.18
N LYS H 1202 129.32 23.48 25.58
CA LYS H 1202 130.77 23.15 25.48
C LYS H 1202 131.08 21.74 25.99
N LEU H 1203 132.34 21.34 25.85
CA LEU H 1203 132.92 20.11 26.44
C LEU H 1203 133.50 20.45 27.81
N LEU H 1204 133.23 19.60 28.81
CA LEU H 1204 133.98 19.60 30.10
C LEU H 1204 135.11 18.55 29.99
N LYS H 1205 134.88 17.37 30.55
CA LYS H 1205 135.57 16.09 30.26
C LYS H 1205 135.34 15.78 28.78
N GLU H 1206 136.03 14.76 28.24
CA GLU H 1206 136.21 14.51 26.79
C GLU H 1206 134.92 13.99 26.12
N ASN H 1207 133.95 13.46 26.87
CA ASN H 1207 132.69 12.91 26.30
C ASN H 1207 131.47 13.41 27.07
N ILE H 1208 131.56 14.61 27.65
CA ILE H 1208 130.42 15.29 28.35
C ILE H 1208 130.18 16.64 27.65
N ILE H 1209 128.94 16.90 27.26
CA ILE H 1209 128.47 18.22 26.76
C ILE H 1209 127.72 18.89 27.90
N GLN H 1210 128.25 19.99 28.44
CA GLN H 1210 127.50 20.86 29.40
C GLN H 1210 126.70 21.90 28.62
N MET H 1211 125.42 22.04 28.92
CA MET H 1211 124.54 23.13 28.43
C MET H 1211 124.04 23.90 29.64
N GLU H 1212 124.91 24.76 30.18
CA GLU H 1212 124.64 25.75 31.27
C GLU H 1212 123.50 26.67 30.83
N MET H 1213 122.30 26.51 31.39
CA MET H 1213 121.12 27.40 31.19
C MET H 1213 121.11 28.41 32.33
N ILE H 1214 121.10 29.69 32.01
CA ILE H 1214 121.38 30.78 33.00
C ILE H 1214 120.10 31.54 33.26
N GLU H 1215 119.83 31.84 34.53
CA GLU H 1215 118.79 32.82 34.93
C GLU H 1215 119.47 34.07 35.47
N ASN H 1216 119.06 35.24 34.97
CA ASN H 1216 119.66 36.56 35.26
C ASN H 1216 118.78 37.34 36.25
N ARG H 1217 117.47 37.04 36.31
CA ARG H 1217 116.45 37.66 37.21
C ARG H 1217 116.36 36.83 38.51
N THR H 1218 117.30 37.03 39.43
CA THR H 1218 117.42 36.25 40.70
C THR H 1218 116.95 37.09 41.90
N MET H 1219 117.24 36.61 43.11
CA MET H 1219 117.01 37.36 44.37
C MET H 1219 118.00 38.52 44.46
N ASP H 1220 119.30 38.23 44.36
CA ASP H 1220 120.40 39.17 44.73
C ASP H 1220 121.17 39.66 43.49
N GLY H 1221 120.55 39.69 42.30
CA GLY H 1221 121.17 40.21 41.05
C GLY H 1221 122.17 39.25 40.42
N LYS H 1222 123.10 38.69 41.22
CA LYS H 1222 124.06 37.62 40.82
C LYS H 1222 123.32 36.53 40.05
N PRO H 1223 123.81 36.08 38.86
CA PRO H 1223 123.07 35.12 38.05
C PRO H 1223 123.25 33.67 38.53
N VAL H 1224 122.31 32.78 38.18
CA VAL H 1224 122.22 31.37 38.62
C VAL H 1224 122.22 30.45 37.39
N SER H 1225 123.02 29.38 37.42
CA SER H 1225 123.24 28.41 36.32
C SER H 1225 122.63 27.05 36.66
N LEU H 1226 122.00 26.40 35.67
CA LEU H 1226 121.55 24.98 35.71
C LEU H 1226 122.43 24.15 34.76
N PRO H 1227 123.47 23.45 35.23
CA PRO H 1227 124.24 22.55 34.35
C PRO H 1227 123.50 21.26 33.95
N LEU H 1228 122.83 21.29 32.79
CA LEU H 1228 122.30 20.09 32.08
C LEU H 1228 123.45 19.39 31.35
N LEU H 1229 123.82 18.19 31.78
CA LEU H 1229 124.93 17.40 31.20
C LEU H 1229 124.40 16.33 30.24
N TYR H 1230 125.10 16.11 29.14
CA TYR H 1230 124.84 15.04 28.13
C TYR H 1230 126.13 14.27 27.86
N ASN H 1231 126.05 12.96 27.72
CA ASN H 1231 127.16 12.11 27.20
C ASN H 1231 127.15 12.19 25.69
N PHE H 1232 128.34 12.31 25.08
CA PHE H 1232 128.55 12.19 23.61
C PHE H 1232 129.29 10.89 23.32
N ASN H 1233 128.56 9.85 22.94
CA ASN H 1233 129.12 8.53 22.57
C ASN H 1233 129.09 8.43 21.05
N PRO H 1234 130.24 8.59 20.34
CA PRO H 1234 130.23 8.60 18.88
C PRO H 1234 130.15 7.21 18.22
N ASP H 1235 130.19 6.11 18.99
CA ASP H 1235 130.03 4.72 18.48
C ASP H 1235 128.55 4.40 18.25
N ASN H 1236 127.62 5.18 18.81
CA ASN H 1236 126.17 5.13 18.48
C ASN H 1236 125.90 6.27 17.50
N GLY H 1237 126.13 6.01 16.22
CA GLY H 1237 126.02 7.01 15.16
C GLY H 1237 124.64 7.63 15.07
N PHE H 1238 123.59 6.87 15.33
CA PHE H 1238 122.20 7.34 15.07
C PHE H 1238 121.76 8.38 16.09
N ALA H 1239 121.99 8.09 17.37
CA ALA H 1239 121.75 8.98 18.52
C ALA H 1239 123.00 9.01 19.39
N PRO H 1240 124.01 9.83 19.03
CA PRO H 1240 125.23 9.92 19.82
C PRO H 1240 125.16 10.73 21.11
N ILE H 1241 124.07 11.45 21.33
CA ILE H 1241 123.86 12.29 22.54
C ILE H 1241 122.79 11.63 23.41
N SER H 1242 123.11 11.44 24.70
CA SER H 1242 122.25 10.86 25.74
C SER H 1242 122.37 11.68 27.03
N GLU H 1243 121.27 12.10 27.63
CA GLU H 1243 121.23 12.93 28.87
C GLU H 1243 121.80 12.13 30.03
N VAL H 1244 122.67 12.73 30.84
CA VAL H 1244 123.10 12.19 32.16
C VAL H 1244 121.93 12.34 33.14
N MET H 1245 121.32 11.24 33.58
CA MET H 1245 120.07 11.25 34.38
C MET H 1245 120.36 10.97 35.87
N GLU H 1246 121.61 10.78 36.28
CA GLU H 1246 121.98 10.63 37.71
C GLU H 1246 122.14 12.03 38.31
N ASP H 1247 121.36 12.33 39.35
CA ASP H 1247 121.38 13.62 40.07
C ASP H 1247 120.75 14.73 39.23
N ARG H 1248 120.08 14.43 38.10
CA ARG H 1248 119.44 15.48 37.27
C ARG H 1248 118.44 16.27 38.12
N ASN H 1249 117.63 15.59 38.93
CA ASN H 1249 116.58 16.23 39.75
C ASN H 1249 117.23 16.97 40.94
N GLN H 1250 118.22 16.38 41.58
CA GLN H 1250 119.11 17.07 42.54
C GLN H 1250 119.62 18.41 41.94
N ARG H 1251 120.21 18.39 40.73
CA ARG H 1251 120.83 19.58 40.08
C ARG H 1251 119.77 20.65 39.83
N ILE H 1252 118.63 20.25 39.27
CA ILE H 1252 117.49 21.18 39.03
C ILE H 1252 117.06 21.81 40.37
N LYS H 1253 116.94 21.03 41.44
CA LYS H 1253 116.52 21.54 42.78
C LYS H 1253 117.59 22.46 43.38
N GLU H 1254 118.85 22.34 42.98
CA GLU H 1254 119.93 23.25 43.47
C GLU H 1254 119.69 24.65 42.92
N MET H 1255 119.14 24.75 41.72
CA MET H 1255 118.83 26.03 41.03
C MET H 1255 117.64 26.66 41.73
N TYR H 1256 116.48 25.99 41.74
CA TYR H 1256 115.21 26.56 42.28
C TYR H 1256 115.39 26.98 43.74
N TRP H 1257 116.28 26.34 44.49
CA TRP H 1257 116.61 26.72 45.88
C TRP H 1257 117.31 28.07 45.95
N LYS H 1258 118.15 28.40 44.96
CA LYS H 1258 118.85 29.72 44.91
C LYS H 1258 117.84 30.82 44.60
N LEU H 1259 116.83 30.52 43.76
CA LEU H 1259 115.82 31.49 43.29
C LEU H 1259 114.68 31.67 44.31
N TRP H 1260 114.27 30.62 45.03
CA TRP H 1260 113.07 30.67 45.91
C TRP H 1260 113.49 30.83 47.36
N ILE H 1261 114.17 29.83 47.91
CA ILE H 1261 114.55 29.76 49.35
C ILE H 1261 115.74 30.68 49.59
N ASP H 1262 115.95 31.16 50.82
CA ASP H 1262 117.18 31.91 51.21
C ASP H 1262 117.80 31.26 52.45
N GLU H 1263 118.39 30.08 52.26
CA GLU H 1263 119.03 29.29 53.34
C GLU H 1263 120.22 28.53 52.76
N PRO H 1264 121.04 27.85 53.59
CA PRO H 1264 121.96 26.83 53.09
C PRO H 1264 121.21 25.68 52.41
N PHE H 1265 121.77 25.12 51.34
CA PHE H 1265 121.15 24.08 50.48
C PHE H 1265 121.28 22.71 51.16
N ASN H 1266 120.19 22.25 51.76
CA ASN H 1266 120.10 20.94 52.45
C ASN H 1266 118.73 20.32 52.11
N LEU H 1267 118.72 19.25 51.32
CA LEU H 1267 117.48 18.52 50.90
C LEU H 1267 117.19 17.38 51.88
N ASP H 1268 117.95 17.25 52.97
CA ASP H 1268 117.92 16.08 53.88
C ASP H 1268 117.14 16.44 55.16
N PHE H 1269 115.83 16.72 55.00
CA PHE H 1269 114.86 16.97 56.09
C PHE H 1269 113.58 16.18 55.78
N ASP H 1270 112.89 15.69 56.81
CA ASP H 1270 111.73 14.75 56.67
C ASP H 1270 110.54 15.55 56.17
N PRO H 1271 109.76 15.04 55.18
CA PRO H 1271 108.46 15.64 54.87
C PRO H 1271 107.52 15.66 56.07
N ARG H 1272 107.48 14.59 56.87
CA ARG H 1272 106.60 14.49 58.08
C ARG H 1272 106.85 15.64 59.07
N ASP H 1273 108.02 16.31 59.03
CA ASP H 1273 108.37 17.42 59.97
C ASP H 1273 107.65 18.71 59.56
N VAL H 1274 107.65 19.69 60.47
CA VAL H 1274 106.94 21.00 60.35
C VAL H 1274 107.94 22.05 59.88
N ILE H 1275 107.74 22.58 58.67
CA ILE H 1275 108.59 23.63 58.05
C ILE H 1275 108.18 24.98 58.62
N LYS H 1276 109.13 25.84 59.00
CA LYS H 1276 108.83 27.23 59.47
C LYS H 1276 109.45 28.27 58.53
N GLY H 1277 108.74 29.37 58.31
CA GLY H 1277 109.22 30.56 57.58
C GLY H 1277 109.85 31.58 58.50
N LYS H 1278 110.40 32.66 57.93
CA LYS H 1278 110.88 33.86 58.68
C LYS H 1278 109.67 34.65 59.18
N ASP H 1279 109.86 35.45 60.24
CA ASP H 1279 108.91 36.49 60.69
C ASP H 1279 108.92 37.62 59.66
N PHE H 1280 107.84 37.76 58.88
CA PHE H 1280 107.71 38.69 57.73
C PHE H 1280 106.82 39.87 58.14
N GLU H 1281 107.35 41.10 58.02
CA GLU H 1281 106.67 42.35 58.48
C GLU H 1281 105.99 43.03 57.28
N ILE H 1282 104.66 43.09 57.27
CA ILE H 1282 103.88 43.71 56.15
C ILE H 1282 104.17 45.22 56.17
N THR H 1283 104.33 45.84 55.00
CA THR H 1283 104.72 47.28 54.89
C THR H 1283 104.02 47.91 53.68
N ALA H 1284 103.63 49.18 53.81
CA ALA H 1284 102.78 49.93 52.86
C ALA H 1284 103.40 49.87 51.46
N LYS H 1285 104.73 49.85 51.41
CA LYS H 1285 105.59 49.68 50.22
C LYS H 1285 105.19 48.40 49.46
N GLU H 1286 105.14 47.25 50.14
CA GLU H 1286 104.92 45.92 49.51
C GLU H 1286 103.45 45.74 49.13
N VAL H 1287 102.52 46.28 49.92
CA VAL H 1287 101.06 46.20 49.61
C VAL H 1287 100.75 47.11 48.42
N TYR H 1288 101.46 48.24 48.27
CA TYR H 1288 101.39 49.12 47.09
C TYR H 1288 101.78 48.27 45.87
N ASP H 1289 103.02 47.78 45.86
CA ASP H 1289 103.67 47.07 44.72
C ASP H 1289 102.86 45.84 44.31
N PHE H 1290 102.33 45.10 45.29
CA PHE H 1290 101.56 43.86 45.07
C PHE H 1290 100.26 44.14 44.34
N THR H 1291 99.48 45.10 44.85
CA THR H 1291 98.13 45.45 44.37
C THR H 1291 98.21 46.03 42.95
N HIS H 1292 99.32 46.72 42.62
CA HIS H 1292 99.55 47.31 41.29
C HIS H 1292 99.91 46.22 40.28
N ALA H 1293 100.60 45.17 40.72
CA ALA H 1293 100.98 44.01 39.89
C ALA H 1293 99.79 43.12 39.57
N VAL H 1294 98.68 43.19 40.31
CA VAL H 1294 97.51 42.28 40.09
C VAL H 1294 96.27 43.04 39.57
N GLY H 1295 96.23 44.36 39.71
CA GLY H 1295 95.05 45.19 39.36
C GLY H 1295 93.95 45.14 40.41
N ASN H 1296 94.31 45.16 41.70
CA ASN H 1296 93.37 45.22 42.86
C ASN H 1296 93.26 46.69 43.30
N ASN H 1297 92.39 47.48 42.63
CA ASN H 1297 92.20 48.93 42.90
C ASN H 1297 91.07 49.09 43.92
N CYS H 1298 91.13 48.34 45.02
CA CYS H 1298 90.14 48.35 46.12
C CYS H 1298 90.68 49.29 47.19
N GLU H 1299 89.80 50.13 47.74
CA GLU H 1299 90.20 51.30 48.54
C GLU H 1299 90.84 50.83 49.86
N ASP H 1300 90.57 49.61 50.31
CA ASP H 1300 91.00 49.15 51.66
C ASP H 1300 92.53 49.06 51.73
N PHE H 1301 93.20 48.99 50.58
CA PHE H 1301 94.66 48.72 50.43
C PHE H 1301 95.45 49.99 50.11
N VAL H 1302 94.76 51.11 49.94
CA VAL H 1302 95.35 52.42 49.60
C VAL H 1302 95.56 53.20 50.90
N SER H 1303 96.73 53.85 51.06
CA SER H 1303 96.96 54.77 52.19
C SER H 1303 95.96 55.90 52.04
N ARG H 1304 95.20 56.19 53.09
CA ARG H 1304 94.25 57.33 53.16
C ARG H 1304 94.44 58.04 54.49
N PRO H 1305 94.08 59.34 54.59
CA PRO H 1305 94.19 60.04 55.88
C PRO H 1305 93.24 59.39 56.91
N ASP H 1306 93.73 59.22 58.15
CA ASP H 1306 92.94 58.79 59.34
C ASP H 1306 92.28 57.43 59.05
N ARG H 1307 93.12 56.42 58.74
CA ARG H 1307 92.70 55.04 58.38
C ARG H 1307 93.92 54.10 58.38
N THR H 1308 93.69 52.81 58.63
CA THR H 1308 94.73 51.74 58.61
C THR H 1308 94.66 50.99 57.28
N MET H 1309 95.81 50.79 56.66
CA MET H 1309 95.96 50.12 55.34
C MET H 1309 95.89 48.61 55.58
N LEU H 1310 94.89 47.96 55.01
CA LEU H 1310 94.79 46.46 55.02
C LEU H 1310 95.72 45.91 53.94
N ALA H 1311 96.07 44.63 54.03
CA ALA H 1311 96.70 43.85 52.95
C ALA H 1311 95.65 42.89 52.43
N PRO H 1312 95.63 42.57 51.11
CA PRO H 1312 94.63 41.65 50.56
C PRO H 1312 94.98 40.23 51.04
N MET H 1313 94.02 39.30 51.02
CA MET H 1313 94.28 37.93 51.56
C MET H 1313 95.21 37.18 50.60
N ASP H 1314 95.16 37.51 49.29
CA ASP H 1314 96.10 37.08 48.23
C ASP H 1314 97.55 37.21 48.69
N PHE H 1315 97.83 38.25 49.44
CA PHE H 1315 99.16 38.62 49.98
C PHE H 1315 99.67 37.56 50.96
N ALA H 1316 98.84 36.61 51.39
CA ALA H 1316 99.27 35.48 52.25
C ALA H 1316 100.36 34.70 51.52
N ILE H 1317 100.13 34.36 50.25
CA ILE H 1317 101.10 33.58 49.43
C ILE H 1317 102.43 34.31 49.36
N VAL H 1318 102.44 35.65 49.37
CA VAL H 1318 103.69 36.47 49.43
C VAL H 1318 104.44 36.12 50.71
N VAL H 1319 103.72 36.06 51.83
CA VAL H 1319 104.28 35.77 53.17
C VAL H 1319 104.65 34.28 53.25
N GLY H 1320 103.81 33.43 52.71
CA GLY H 1320 103.83 31.98 52.94
C GLY H 1320 104.73 31.20 51.99
N TRP H 1321 105.22 31.82 50.91
CA TRP H 1321 105.92 31.13 49.81
C TRP H 1321 107.15 30.40 50.35
N ARG H 1322 108.19 31.10 50.78
CA ARG H 1322 109.43 30.47 51.30
C ARG H 1322 109.08 29.11 51.95
N ALA H 1323 108.07 29.05 52.82
CA ALA H 1323 107.68 27.84 53.60
C ALA H 1323 106.87 26.84 52.76
N ILE H 1324 105.77 27.24 52.14
CA ILE H 1324 104.87 26.34 51.35
C ILE H 1324 105.66 25.64 50.24
N ILE H 1325 106.49 26.37 49.51
CA ILE H 1325 107.26 25.76 48.40
C ILE H 1325 108.36 24.90 48.99
N LYS H 1326 108.93 25.24 50.16
CA LYS H 1326 110.05 24.42 50.72
C LYS H 1326 109.58 22.97 50.97
N ALA H 1327 108.29 22.68 50.86
CA ALA H 1327 107.70 21.34 51.11
C ALA H 1327 107.84 20.40 49.91
N ILE H 1328 108.16 20.88 48.72
CA ILE H 1328 108.32 20.01 47.52
C ILE H 1328 109.80 19.72 47.25
N PHE H 1329 110.72 20.10 48.15
CA PHE H 1329 112.18 19.94 47.96
C PHE H 1329 112.77 18.66 48.52
N PRO H 1330 112.28 18.06 49.62
CA PRO H 1330 113.03 16.97 50.27
C PRO H 1330 113.42 15.81 49.32
N ASN H 1331 114.56 15.15 49.60
CA ASN H 1331 115.06 13.97 48.83
C ASN H 1331 113.95 12.93 48.67
N THR H 1332 113.16 12.73 49.73
CA THR H 1332 112.15 11.65 49.86
C THR H 1332 110.87 11.98 49.06
N VAL H 1333 110.81 13.14 48.38
CA VAL H 1333 109.72 13.53 47.44
C VAL H 1333 110.38 14.01 46.13
N ASP H 1334 111.08 13.09 45.47
CA ASP H 1334 111.93 13.31 44.27
C ASP H 1334 111.02 13.75 43.11
N GLY H 1335 111.42 14.76 42.33
CA GLY H 1335 110.56 15.30 41.25
C GLY H 1335 111.27 16.29 40.34
N ASP H 1336 111.02 16.16 39.03
CA ASP H 1336 111.55 17.05 37.98
C ASP H 1336 110.84 18.40 38.13
N LEU H 1337 111.51 19.36 38.76
CA LEU H 1337 110.89 20.65 39.18
C LEU H 1337 110.53 21.49 37.96
N LEU H 1338 111.17 21.27 36.81
CA LEU H 1338 110.80 21.87 35.50
C LEU H 1338 109.42 21.37 35.06
N LYS H 1339 109.04 20.14 35.42
CA LYS H 1339 107.75 19.49 35.05
C LYS H 1339 106.67 19.70 36.13
N LEU H 1340 106.93 20.51 37.15
CA LEU H 1340 105.94 20.81 38.23
C LEU H 1340 104.73 21.54 37.68
N VAL H 1341 103.56 21.29 38.26
CA VAL H 1341 102.25 21.90 37.91
C VAL H 1341 101.52 22.26 39.21
N HIS H 1342 101.36 23.55 39.50
CA HIS H 1342 100.53 24.07 40.61
C HIS H 1342 99.07 23.87 40.24
N LEU H 1343 98.35 22.97 40.92
CA LEU H 1343 97.00 22.50 40.49
C LEU H 1343 95.96 23.43 41.07
N SER H 1344 96.00 23.59 42.38
CA SER H 1344 94.99 24.29 43.21
C SER H 1344 95.73 25.19 44.21
N ASN H 1345 95.12 26.29 44.60
CA ASN H 1345 95.57 27.12 45.75
C ASN H 1345 94.34 27.63 46.48
N GLY H 1346 94.41 27.74 47.80
CA GLY H 1346 93.25 28.08 48.65
C GLY H 1346 93.64 28.93 49.83
N TYR H 1347 92.86 29.97 50.11
CA TYR H 1347 92.94 30.75 51.37
C TYR H 1347 91.66 30.51 52.17
N LYS H 1348 91.79 30.49 53.49
CA LYS H 1348 90.65 30.33 54.44
C LYS H 1348 91.04 31.12 55.68
N MET H 1349 90.33 32.22 55.96
CA MET H 1349 90.49 33.01 57.22
C MET H 1349 89.95 32.14 58.37
N ILE H 1350 90.68 32.03 59.48
CA ILE H 1350 90.20 31.25 60.65
C ILE H 1350 89.08 32.09 61.26
N PRO H 1351 87.91 31.52 61.60
CA PRO H 1351 86.78 32.33 62.02
C PRO H 1351 87.14 33.07 63.31
N GLY H 1352 86.84 34.37 63.34
CA GLY H 1352 87.34 35.30 64.37
C GLY H 1352 88.27 36.33 63.75
N ALA H 1353 89.55 36.00 63.63
CA ALA H 1353 90.68 36.93 63.41
C ALA H 1353 90.43 37.84 62.22
N LYS H 1354 90.75 39.13 62.42
CA LYS H 1354 90.58 40.27 61.47
C LYS H 1354 91.56 40.10 60.33
N PRO H 1355 91.34 40.75 59.17
CA PRO H 1355 92.25 40.61 58.03
C PRO H 1355 93.63 41.21 58.31
N LEU H 1356 94.59 40.92 57.45
CA LEU H 1356 96.02 41.32 57.60
C LEU H 1356 96.13 42.83 57.45
N GLN H 1357 96.79 43.49 58.42
CA GLN H 1357 96.97 44.95 58.51
C GLN H 1357 98.35 45.28 57.93
N VAL H 1358 98.76 46.55 57.93
CA VAL H 1358 100.07 47.01 57.38
C VAL H 1358 101.12 47.10 58.51
N GLY H 1359 100.73 47.12 59.78
CA GLY H 1359 101.71 47.11 60.87
C GLY H 1359 102.33 45.73 61.06
N ASP H 1360 101.52 44.69 60.78
CA ASP H 1360 101.59 43.32 61.35
C ASP H 1360 102.93 42.62 61.06
N VAL H 1361 103.33 41.74 61.98
CA VAL H 1361 104.49 40.80 61.88
C VAL H 1361 103.93 39.37 61.87
N VAL H 1362 103.95 38.71 60.71
CA VAL H 1362 103.20 37.44 60.44
C VAL H 1362 104.20 36.27 60.38
N SER H 1363 104.16 35.38 61.39
CA SER H 1363 104.88 34.08 61.45
C SER H 1363 104.19 33.09 60.51
N THR H 1364 104.96 32.40 59.66
CA THR H 1364 104.47 31.31 58.78
C THR H 1364 104.92 29.97 59.33
N THR H 1365 104.09 28.94 59.13
CA THR H 1365 104.41 27.52 59.38
C THR H 1365 103.69 26.72 58.30
N ALA H 1366 104.44 25.98 57.49
CA ALA H 1366 103.88 25.05 56.49
C ALA H 1366 104.07 23.64 56.98
N VAL H 1367 103.13 22.79 56.63
CA VAL H 1367 103.10 21.33 56.93
C VAL H 1367 102.67 20.65 55.64
N ILE H 1368 103.33 19.56 55.32
CA ILE H 1368 102.95 18.72 54.15
C ILE H 1368 101.88 17.75 54.64
N GLU H 1369 100.73 17.75 53.98
CA GLU H 1369 99.51 17.03 54.40
C GLU H 1369 99.51 15.62 53.78
N SER H 1370 99.84 15.50 52.49
CA SER H 1370 99.53 14.32 51.65
C SER H 1370 100.42 14.23 50.41
N VAL H 1371 101.29 13.22 50.35
CA VAL H 1371 102.17 12.92 49.18
C VAL H 1371 101.69 11.62 48.56
N VAL H 1372 100.94 11.62 47.46
CA VAL H 1372 100.44 10.35 46.88
C VAL H 1372 100.93 10.19 45.45
N ASN H 1373 101.44 9.00 45.10
CA ASN H 1373 101.76 8.63 43.71
C ASN H 1373 100.44 8.24 43.07
N GLN H 1374 99.94 9.05 42.16
CA GLN H 1374 98.85 8.67 41.23
C GLN H 1374 99.48 8.00 40.00
N PRO H 1375 98.70 7.29 39.17
CA PRO H 1375 99.21 6.71 37.92
C PRO H 1375 100.01 7.65 37.01
N THR H 1376 99.57 8.90 36.92
CA THR H 1376 100.05 9.92 35.94
C THR H 1376 101.03 10.91 36.58
N GLY H 1377 101.43 10.71 37.85
CA GLY H 1377 102.38 11.60 38.57
C GLY H 1377 102.22 11.56 40.08
N LYS H 1378 102.87 12.47 40.79
CA LYS H 1378 102.89 12.57 42.28
C LYS H 1378 102.22 13.88 42.71
N ILE H 1379 101.26 13.80 43.62
CA ILE H 1379 100.50 14.97 44.17
C ILE H 1379 101.04 15.33 45.55
N VAL H 1380 101.32 16.61 45.78
CA VAL H 1380 101.78 17.10 47.11
C VAL H 1380 100.81 18.20 47.57
N ASP H 1381 99.93 17.87 48.53
CA ASP H 1381 99.03 18.81 49.23
C ASP H 1381 99.81 19.41 50.40
N VAL H 1382 99.94 20.75 50.45
CA VAL H 1382 100.63 21.49 51.54
C VAL H 1382 99.63 22.39 52.26
N VAL H 1383 99.86 22.65 53.55
CA VAL H 1383 99.01 23.57 54.37
C VAL H 1383 99.90 24.52 55.16
N GLY H 1384 99.90 25.79 54.76
CA GLY H 1384 100.54 26.90 55.48
C GLY H 1384 99.56 27.54 56.43
N THR H 1385 100.03 27.93 57.62
CA THR H 1385 99.24 28.58 58.69
C THR H 1385 99.94 29.90 59.04
N LEU H 1386 99.29 31.04 58.81
CA LEU H 1386 99.84 32.40 59.07
C LEU H 1386 99.36 32.86 60.45
N SER H 1387 100.28 33.17 61.36
CA SER H 1387 99.98 33.52 62.77
C SER H 1387 100.64 34.85 63.17
N ARG H 1388 99.87 35.79 63.74
CA ARG H 1388 100.37 37.08 64.30
C ARG H 1388 100.04 37.17 65.79
N ASN H 1389 101.01 37.58 66.61
CA ASN H 1389 100.88 37.67 68.09
C ASN H 1389 100.50 36.30 68.65
N GLY H 1390 101.06 35.22 68.09
CA GLY H 1390 100.82 33.83 68.51
C GLY H 1390 99.34 33.44 68.50
N LYS H 1391 98.61 33.82 67.46
CA LYS H 1391 97.25 33.28 67.14
C LYS H 1391 97.15 33.02 65.65
N PRO H 1392 96.52 31.92 65.20
CA PRO H 1392 96.30 31.71 63.76
C PRO H 1392 95.39 32.80 63.16
N VAL H 1393 95.73 33.27 61.95
CA VAL H 1393 95.02 34.33 61.19
C VAL H 1393 94.35 33.69 59.98
N MET H 1394 95.15 33.05 59.11
CA MET H 1394 94.57 32.23 58.02
C MET H 1394 95.45 31.02 57.68
N GLU H 1395 94.85 30.12 56.90
CA GLU H 1395 95.43 28.89 56.31
C GLU H 1395 95.49 29.05 54.80
N VAL H 1396 96.67 28.83 54.22
CA VAL H 1396 96.91 28.66 52.76
C VAL H 1396 96.97 27.16 52.46
N THR H 1397 96.24 26.65 51.47
CA THR H 1397 96.22 25.21 51.07
C THR H 1397 96.56 25.08 49.58
N SER H 1398 97.84 24.94 49.27
CA SER H 1398 98.35 24.71 47.89
C SER H 1398 98.53 23.22 47.66
N SER H 1399 98.14 22.72 46.48
CA SER H 1399 98.44 21.35 45.97
C SER H 1399 99.25 21.41 44.67
N PHE H 1400 100.47 20.89 44.71
CA PHE H 1400 101.39 20.73 43.56
C PHE H 1400 101.34 19.31 43.03
N PHE H 1401 101.87 19.12 41.82
CA PHE H 1401 101.81 17.87 41.02
C PHE H 1401 103.06 17.73 40.15
N TYR H 1402 103.98 16.87 40.56
CA TYR H 1402 105.14 16.41 39.77
C TYR H 1402 104.69 15.39 38.73
N ARG H 1403 104.64 15.74 37.44
CA ARG H 1403 104.36 14.78 36.33
C ARG H 1403 105.53 13.79 36.24
N GLY H 1404 105.20 12.54 35.91
CA GLY H 1404 106.17 11.45 35.79
C GLY H 1404 105.59 10.13 36.24
N ASN H 1405 106.47 9.19 36.60
CA ASN H 1405 106.15 7.78 36.91
C ASN H 1405 106.92 7.39 38.18
N TYR H 1406 106.22 7.29 39.31
CA TYR H 1406 106.80 7.09 40.65
C TYR H 1406 106.30 5.75 41.22
N THR H 1407 107.19 5.05 41.93
CA THR H 1407 106.96 3.70 42.51
C THR H 1407 107.60 3.69 43.90
N ASP H 1408 107.39 4.79 44.61
CA ASP H 1408 108.18 5.30 45.76
C ASP H 1408 107.25 5.27 46.98
N PHE H 1409 106.44 4.21 47.13
CA PHE H 1409 105.27 4.16 48.04
C PHE H 1409 105.68 4.09 49.52
N GLU H 1410 106.97 4.06 49.84
CA GLU H 1410 107.53 3.99 51.22
C GLU H 1410 107.54 5.39 51.82
N ASN H 1411 107.51 6.42 50.96
CA ASN H 1411 107.69 7.86 51.29
C ASN H 1411 106.40 8.63 50.97
N THR H 1412 105.28 7.94 51.14
CA THR H 1412 103.95 8.36 50.64
C THR H 1412 103.02 8.27 51.85
N PHE H 1413 101.98 9.10 51.89
CA PHE H 1413 100.99 9.18 52.99
C PHE H 1413 99.89 10.18 52.61
N GLN H 1414 98.78 10.15 53.37
CA GLN H 1414 97.58 10.93 53.03
C GLN H 1414 96.69 11.02 54.27
N LYS H 1415 96.64 12.21 54.88
CA LYS H 1415 95.67 12.57 55.93
C LYS H 1415 94.49 13.28 55.25
N THR H 1416 93.35 12.60 55.09
CA THR H 1416 92.07 13.24 54.70
C THR H 1416 91.21 13.47 55.94
N VAL H 1417 90.39 14.53 55.91
CA VAL H 1417 89.34 14.85 56.91
C VAL H 1417 87.99 14.50 56.27
N GLU H 1418 87.36 13.44 56.76
CA GLU H 1418 86.15 12.82 56.13
C GLU H 1418 84.96 13.73 56.40
N PRO H 1419 83.89 13.62 55.60
CA PRO H 1419 82.68 14.39 55.86
C PRO H 1419 82.05 13.88 57.15
N VAL H 1420 81.33 14.75 57.87
CA VAL H 1420 80.70 14.43 59.18
C VAL H 1420 79.47 13.54 58.93
N TYR H 1421 79.43 12.37 59.55
CA TYR H 1421 78.38 11.34 59.33
C TYR H 1421 77.45 11.33 60.54
N GLN H 1422 76.15 11.27 60.28
CA GLN H 1422 75.09 11.38 61.30
C GLN H 1422 74.27 10.09 61.29
N MET H 1423 74.20 9.39 62.43
CA MET H 1423 73.33 8.21 62.66
C MET H 1423 72.25 8.55 63.68
N HIS H 1424 70.97 8.29 63.34
CA HIS H 1424 69.84 8.21 64.30
C HIS H 1424 69.76 6.79 64.84
N ILE H 1425 70.03 6.59 66.12
CA ILE H 1425 69.89 5.27 66.81
C ILE H 1425 68.42 5.10 67.21
N LYS H 1426 67.64 4.30 66.46
CA LYS H 1426 66.18 4.10 66.67
C LYS H 1426 65.96 2.91 67.60
N THR H 1427 66.60 1.77 67.29
CA THR H 1427 66.31 0.43 67.83
C THR H 1427 67.40 -0.01 68.82
N SER H 1428 67.35 -1.24 69.31
CA SER H 1428 68.38 -1.83 70.20
C SER H 1428 69.31 -2.77 69.41
N LYS H 1429 69.09 -2.96 68.11
CA LYS H 1429 70.07 -3.68 67.25
C LYS H 1429 71.08 -2.66 66.73
N ASP H 1430 70.62 -1.48 66.31
CA ASP H 1430 71.48 -0.31 65.98
C ASP H 1430 72.54 -0.15 67.08
N ILE H 1431 72.17 -0.26 68.36
CA ILE H 1431 73.12 -0.03 69.49
C ILE H 1431 74.07 -1.23 69.58
N ALA H 1432 73.63 -2.42 69.14
CA ALA H 1432 74.39 -3.69 69.31
C ALA H 1432 75.40 -3.85 68.17
N VAL H 1433 74.98 -3.52 66.94
CA VAL H 1433 75.87 -3.41 65.75
C VAL H 1433 77.01 -2.44 66.07
N LEU H 1434 76.72 -1.33 66.75
CA LEU H 1434 77.74 -0.30 67.13
C LEU H 1434 78.64 -0.81 68.26
N ARG H 1435 78.16 -1.68 69.14
CA ARG H 1435 78.96 -2.25 70.26
C ARG H 1435 79.83 -3.40 69.72
N SER H 1436 79.37 -4.03 68.63
CA SER H 1436 80.16 -4.99 67.80
C SER H 1436 81.53 -4.39 67.52
N LYS H 1437 81.54 -3.21 66.90
CA LYS H 1437 82.73 -2.50 66.39
C LYS H 1437 83.72 -2.18 67.52
N GLU H 1438 84.89 -2.82 67.50
CA GLU H 1438 86.05 -2.60 68.42
C GLU H 1438 86.40 -1.10 68.48
N TRP H 1439 86.20 -0.40 67.35
CA TRP H 1439 86.63 1.00 67.11
C TRP H 1439 85.65 2.04 67.68
N PHE H 1440 84.52 1.62 68.25
CA PHE H 1440 83.53 2.50 68.93
C PHE H 1440 83.83 2.51 70.44
N GLN H 1441 84.84 3.29 70.85
CA GLN H 1441 85.15 3.49 72.29
C GLN H 1441 84.12 4.50 72.84
N LEU H 1442 83.65 4.32 74.08
CA LEU H 1442 82.80 5.30 74.82
C LEU H 1442 83.45 5.63 76.16
N ASP H 1443 83.35 6.88 76.60
CA ASP H 1443 84.00 7.39 77.83
C ASP H 1443 83.37 6.67 79.04
N ASP H 1444 82.04 6.47 78.98
CA ASP H 1444 81.20 5.68 79.93
C ASP H 1444 80.43 4.64 79.12
N GLU H 1445 80.82 3.36 79.21
CA GLU H 1445 80.28 2.24 78.37
C GLU H 1445 78.81 1.94 78.72
N ASP H 1446 78.31 2.47 79.85
CA ASP H 1446 76.92 2.30 80.35
C ASP H 1446 75.97 3.36 79.74
N PHE H 1447 76.50 4.32 78.97
CA PHE H 1447 75.75 5.45 78.36
C PHE H 1447 74.58 4.92 77.52
N ASP H 1448 73.38 5.48 77.71
CA ASP H 1448 72.16 5.08 76.93
C ASP H 1448 72.18 5.76 75.56
N LEU H 1449 72.18 4.97 74.48
CA LEU H 1449 72.30 5.45 73.08
C LEU H 1449 70.93 5.58 72.42
N LEU H 1450 69.87 5.09 73.06
CA LEU H 1450 68.58 4.79 72.39
C LEU H 1450 67.83 6.11 72.13
N ASN H 1451 67.50 6.37 70.86
CA ASN H 1451 66.76 7.54 70.33
C ASN H 1451 67.66 8.79 70.24
N LYS H 1452 68.89 8.71 70.77
CA LYS H 1452 69.92 9.75 70.57
C LYS H 1452 70.33 9.82 69.09
N THR H 1453 70.91 10.94 68.70
CA THR H 1453 71.50 11.19 67.36
C THR H 1453 73.02 11.39 67.52
N LEU H 1454 73.81 10.61 66.79
CA LEU H 1454 75.28 10.59 66.89
C LEU H 1454 75.89 11.23 65.65
N THR H 1455 76.97 11.99 65.82
CA THR H 1455 77.78 12.55 64.71
C THR H 1455 79.24 12.08 64.88
N PHE H 1456 79.80 11.52 63.80
CA PHE H 1456 81.19 11.01 63.76
C PHE H 1456 82.05 12.03 63.00
N GLU H 1457 82.95 12.71 63.71
CA GLU H 1457 83.88 13.74 63.13
C GLU H 1457 85.28 13.13 63.03
N THR H 1458 85.65 12.68 61.84
CA THR H 1458 86.64 11.60 61.61
C THR H 1458 87.71 12.10 60.62
N GLU H 1459 88.98 11.92 60.97
CA GLU H 1459 90.13 12.05 60.01
C GLU H 1459 90.80 10.68 59.89
N THR H 1460 91.36 10.36 58.72
CA THR H 1460 91.99 9.05 58.42
C THR H 1460 93.37 9.27 57.80
N GLU H 1461 94.43 8.98 58.57
CA GLU H 1461 95.86 8.88 58.13
C GLU H 1461 96.12 7.49 57.50
N VAL H 1462 96.87 7.44 56.40
CA VAL H 1462 96.99 6.24 55.54
C VAL H 1462 98.32 6.27 54.78
N THR H 1463 99.31 5.50 55.25
CA THR H 1463 100.55 5.12 54.49
C THR H 1463 100.17 4.11 53.39
N PHE H 1464 101.04 3.90 52.40
CA PHE H 1464 100.76 3.04 51.21
C PHE H 1464 101.77 1.91 51.09
N LYS H 1465 101.41 0.89 50.30
CA LYS H 1465 102.24 -0.29 49.88
C LYS H 1465 102.36 -0.26 48.35
N ASN H 1466 101.21 -0.20 47.68
CA ASN H 1466 101.04 0.00 46.22
C ASN H 1466 99.99 1.08 46.03
N ALA H 1467 99.53 1.29 44.80
CA ALA H 1467 98.40 2.20 44.47
C ALA H 1467 97.16 1.83 45.30
N ASN H 1468 96.92 0.53 45.53
CA ASN H 1468 95.60 -0.03 45.95
C ASN H 1468 95.60 -0.50 47.41
N ILE H 1469 96.73 -0.95 47.95
CA ILE H 1469 96.80 -1.58 49.30
C ILE H 1469 97.50 -0.63 50.27
N PHE H 1470 96.82 -0.18 51.32
CA PHE H 1470 97.39 0.70 52.36
C PHE H 1470 98.23 -0.18 53.29
N SER H 1471 99.46 0.24 53.60
CA SER H 1471 100.39 -0.48 54.51
C SER H 1471 100.09 -0.13 55.97
N SER H 1472 99.09 0.71 56.18
CA SER H 1472 98.66 1.21 57.52
C SER H 1472 97.45 2.11 57.34
N VAL H 1473 96.40 1.90 58.14
CA VAL H 1473 95.23 2.80 58.22
C VAL H 1473 95.06 3.23 59.67
N LYS H 1474 94.65 4.48 59.86
CA LYS H 1474 94.30 5.09 61.15
C LYS H 1474 93.06 5.94 60.89
N CYS H 1475 92.06 5.89 61.77
CA CYS H 1475 90.78 6.59 61.60
C CYS H 1475 90.27 6.94 62.99
N PHE H 1476 90.33 8.21 63.37
CA PHE H 1476 90.11 8.67 64.77
C PHE H 1476 89.36 10.00 64.77
N GLY H 1477 89.15 10.53 65.97
CA GLY H 1477 88.35 11.75 66.17
C GLY H 1477 87.02 11.42 66.82
N PRO H 1478 86.34 12.45 67.38
CA PRO H 1478 85.34 12.23 68.41
C PRO H 1478 83.94 11.88 67.87
N ILE H 1479 83.22 11.05 68.62
CA ILE H 1479 81.76 10.79 68.49
C ILE H 1479 81.04 11.80 69.38
N LYS H 1480 79.98 12.41 68.87
CA LYS H 1480 79.21 13.46 69.57
C LYS H 1480 77.74 13.09 69.54
N VAL H 1481 77.01 13.40 70.61
CA VAL H 1481 75.53 13.20 70.73
C VAL H 1481 74.85 14.57 70.70
N GLU H 1482 73.79 14.72 69.90
CA GLU H 1482 72.89 15.89 69.90
C GLU H 1482 72.11 15.90 71.21
N LEU H 1483 72.19 16.99 71.96
CA LEU H 1483 71.37 17.29 73.18
C LEU H 1483 70.00 17.83 72.76
N PRO H 1484 69.07 18.12 73.69
CA PRO H 1484 67.77 18.69 73.32
C PRO H 1484 67.82 20.18 72.95
N THR H 1485 68.97 20.85 73.11
CA THR H 1485 69.22 22.24 72.64
C THR H 1485 69.70 22.23 71.19
N LYS H 1486 70.14 21.07 70.67
CA LYS H 1486 70.76 20.88 69.32
C LYS H 1486 72.27 21.16 69.34
N GLU H 1487 72.81 21.66 70.46
CA GLU H 1487 74.25 21.59 70.79
C GLU H 1487 74.66 20.12 70.79
N THR H 1488 75.84 19.80 70.24
CA THR H 1488 76.48 18.45 70.30
C THR H 1488 77.56 18.44 71.39
N VAL H 1489 77.87 17.26 71.95
CA VAL H 1489 78.80 17.06 73.09
C VAL H 1489 79.54 15.73 72.89
N GLU H 1490 80.86 15.73 73.08
CA GLU H 1490 81.72 14.53 72.93
C GLU H 1490 81.33 13.49 74.00
N ILE H 1491 80.87 12.32 73.57
CA ILE H 1491 80.62 11.12 74.44
C ILE H 1491 81.68 10.04 74.18
N GLY H 1492 82.23 9.97 72.97
CA GLY H 1492 83.06 8.83 72.52
C GLY H 1492 84.21 9.24 71.62
N ILE H 1493 85.01 8.23 71.28
CA ILE H 1493 86.20 8.26 70.38
C ILE H 1493 85.97 7.19 69.31
N VAL H 1494 86.47 7.41 68.11
CA VAL H 1494 86.80 6.36 67.09
C VAL H 1494 88.30 6.11 67.22
N ASP H 1495 88.75 4.85 67.20
CA ASP H 1495 90.16 4.48 67.44
C ASP H 1495 90.49 3.20 66.63
N TYR H 1496 90.12 3.20 65.36
CA TYR H 1496 90.56 2.16 64.37
C TYR H 1496 92.03 2.36 64.01
N GLU H 1497 92.82 1.28 64.12
CA GLU H 1497 94.19 1.12 63.56
C GLU H 1497 94.18 -0.15 62.70
N ALA H 1498 95.31 -0.48 62.06
CA ALA H 1498 95.42 -1.56 61.06
C ALA H 1498 96.80 -1.53 60.38
N GLY H 1499 97.27 -2.70 59.92
CA GLY H 1499 98.30 -2.84 58.87
C GLY H 1499 97.63 -3.02 57.53
N ALA H 1500 98.22 -3.80 56.62
CA ALA H 1500 97.76 -3.98 55.22
C ALA H 1500 96.24 -3.96 55.18
N SER H 1501 95.65 -3.16 54.29
CA SER H 1501 94.18 -3.00 54.16
C SER H 1501 93.83 -2.45 52.78
N HIS H 1502 92.77 -2.95 52.14
CA HIS H 1502 92.28 -2.45 50.83
C HIS H 1502 91.22 -1.36 51.03
N GLY H 1503 91.01 -0.87 52.27
CA GLY H 1503 90.00 0.17 52.55
C GLY H 1503 89.89 0.50 54.03
N ASN H 1504 89.08 1.52 54.31
CA ASN H 1504 88.78 2.09 55.65
C ASN H 1504 87.38 1.61 56.02
N PRO H 1505 87.23 0.65 56.96
CA PRO H 1505 85.94 0.01 57.19
C PRO H 1505 84.97 0.96 57.91
N VAL H 1506 85.50 1.89 58.71
CA VAL H 1506 84.74 2.91 59.48
C VAL H 1506 83.89 3.76 58.51
N VAL H 1507 84.51 4.31 57.49
CA VAL H 1507 83.83 5.29 56.60
C VAL H 1507 82.82 4.54 55.74
N ASP H 1508 83.13 3.28 55.40
CA ASP H 1508 82.20 2.35 54.71
C ASP H 1508 80.96 2.15 55.59
N PHE H 1509 81.17 1.82 56.87
CA PHE H 1509 80.08 1.55 57.86
C PHE H 1509 79.13 2.75 57.95
N LEU H 1510 79.71 3.93 58.07
CA LEU H 1510 78.97 5.21 58.27
C LEU H 1510 78.35 5.70 56.96
N LYS H 1511 78.87 5.34 55.78
CA LYS H 1511 78.23 5.71 54.49
C LYS H 1511 76.89 4.98 54.36
N ARG H 1512 76.88 3.69 54.64
CA ARG H 1512 75.68 2.83 54.57
C ARG H 1512 74.74 3.23 55.71
N ASN H 1513 75.21 3.12 56.95
CA ASN H 1513 74.33 3.17 58.15
C ASN H 1513 73.94 4.62 58.46
N GLY H 1514 74.85 5.57 58.30
CA GLY H 1514 74.62 7.00 58.60
C GLY H 1514 74.15 7.78 57.38
N SER H 1515 74.50 9.07 57.33
CA SER H 1515 74.22 10.05 56.25
C SER H 1515 75.08 11.31 56.48
N THR H 1516 75.48 12.00 55.41
CA THR H 1516 76.47 13.11 55.46
C THR H 1516 75.78 14.43 55.86
N LEU H 1517 76.48 15.26 56.66
CA LEU H 1517 76.04 16.63 57.05
C LEU H 1517 76.75 17.65 56.16
N GLU H 1518 76.27 17.80 54.92
CA GLU H 1518 76.79 18.81 53.95
C GLU H 1518 76.50 20.21 54.50
N GLN H 1519 77.55 20.99 54.74
CA GLN H 1519 77.50 22.41 55.18
C GLN H 1519 77.00 23.32 54.04
N LYS H 1520 77.49 23.11 52.83
CA LYS H 1520 77.13 23.89 51.62
C LYS H 1520 75.70 23.54 51.23
N VAL H 1521 74.79 24.51 51.34
CA VAL H 1521 73.38 24.38 50.89
C VAL H 1521 73.20 25.18 49.60
N ASN H 1522 72.74 24.52 48.54
CA ASN H 1522 72.52 25.16 47.22
C ASN H 1522 71.22 25.95 47.25
N LEU H 1523 71.24 27.16 46.69
CA LEU H 1523 70.05 27.95 46.30
C LEU H 1523 69.21 27.14 45.30
N GLU H 1524 67.92 27.48 45.19
CA GLU H 1524 66.97 26.84 44.23
C GLU H 1524 67.57 26.92 42.83
N ASN H 1525 67.90 28.14 42.37
CA ASN H 1525 68.58 28.43 41.09
C ASN H 1525 69.76 29.38 41.32
N PRO H 1526 70.89 29.21 40.61
CA PRO H 1526 72.03 30.13 40.74
C PRO H 1526 71.61 31.56 40.37
N ILE H 1527 72.27 32.55 40.97
CA ILE H 1527 72.03 33.99 40.71
C ILE H 1527 73.23 34.52 39.95
N PRO H 1528 73.08 34.94 38.68
CA PRO H 1528 74.18 35.59 37.97
C PRO H 1528 74.54 36.91 38.67
N ILE H 1529 75.82 37.18 38.85
CA ILE H 1529 76.34 38.45 39.44
C ILE H 1529 76.95 39.28 38.31
N ALA H 1530 77.93 38.71 37.58
CA ALA H 1530 78.71 39.45 36.56
C ALA H 1530 79.36 38.50 35.54
N VAL H 1531 79.67 39.02 34.35
CA VAL H 1531 80.59 38.41 33.35
C VAL H 1531 81.63 39.49 32.99
N LEU H 1532 82.87 39.28 33.40
CA LEU H 1532 83.92 40.32 33.53
C LEU H 1532 85.15 39.96 32.71
N ASP H 1533 85.88 40.98 32.29
CA ASP H 1533 86.96 40.92 31.28
C ASP H 1533 88.24 41.41 31.96
N SER H 1534 89.23 40.54 32.12
CA SER H 1534 90.58 40.87 32.62
C SER H 1534 91.57 40.47 31.54
N TYR H 1535 92.65 41.23 31.41
CA TYR H 1535 93.82 40.88 30.59
C TYR H 1535 94.86 40.28 31.52
N THR H 1536 95.74 39.45 30.94
CA THR H 1536 97.00 39.06 31.57
C THR H 1536 97.99 40.14 31.18
N PRO H 1537 99.01 40.43 31.99
CA PRO H 1537 99.98 41.47 31.67
C PRO H 1537 101.00 40.95 30.65
N SER H 1538 101.53 41.85 29.81
CA SER H 1538 102.50 41.57 28.71
C SER H 1538 103.76 40.90 29.27
N THR H 1539 104.18 41.32 30.45
CA THR H 1539 105.38 40.78 31.14
C THR H 1539 104.94 40.22 32.51
N ASN H 1540 105.72 39.27 33.02
CA ASN H 1540 105.50 38.57 34.30
C ASN H 1540 106.64 38.92 35.25
N GLU H 1541 107.53 39.86 34.89
CA GLU H 1541 108.62 40.33 35.77
C GLU H 1541 108.06 41.14 36.93
N PRO H 1542 106.99 41.97 36.76
CA PRO H 1542 106.34 42.65 37.88
C PRO H 1542 105.87 41.68 38.96
N TYR H 1543 104.98 40.73 38.63
CA TYR H 1543 104.41 39.77 39.64
C TYR H 1543 105.53 39.00 40.33
N ALA H 1544 106.53 38.53 39.59
CA ALA H 1544 107.68 37.74 40.09
C ALA H 1544 108.45 38.50 41.17
N ARG H 1545 108.68 39.81 40.99
CA ARG H 1545 109.44 40.67 41.94
C ARG H 1545 108.74 40.63 43.30
N VAL H 1546 107.42 40.87 43.32
CA VAL H 1546 106.64 41.17 44.55
C VAL H 1546 106.35 39.87 45.32
N SER H 1547 105.98 38.79 44.61
CA SER H 1547 105.66 37.45 45.16
C SER H 1547 106.92 36.71 45.59
N GLY H 1548 107.95 36.69 44.74
CA GLY H 1548 109.21 35.94 44.96
C GLY H 1548 109.19 34.60 44.25
N ASP H 1549 108.14 34.32 43.47
CA ASP H 1549 108.09 33.21 42.48
C ASP H 1549 108.97 33.62 41.29
N LEU H 1550 110.30 33.40 41.42
CA LEU H 1550 111.28 33.57 40.32
C LEU H 1550 111.39 32.29 39.49
N ASN H 1551 110.32 31.49 39.35
CA ASN H 1551 110.30 30.31 38.45
C ASN H 1551 110.64 30.82 37.06
N PRO H 1552 111.79 30.42 36.49
CA PRO H 1552 112.21 30.93 35.18
C PRO H 1552 111.22 30.70 34.04
N ILE H 1553 110.38 29.66 34.10
CA ILE H 1553 109.44 29.31 32.99
C ILE H 1553 108.50 30.47 32.69
N HIS H 1554 108.43 31.48 33.57
CA HIS H 1554 107.46 32.61 33.48
C HIS H 1554 108.10 33.80 32.76
N VAL H 1555 109.43 33.86 32.73
CA VAL H 1555 110.17 35.08 32.34
C VAL H 1555 111.17 34.82 31.19
N SER H 1556 111.61 33.57 30.98
CA SER H 1556 112.77 33.22 30.12
C SER H 1556 112.37 32.22 29.02
N ARG H 1557 112.44 32.65 27.77
CA ARG H 1557 111.98 31.89 26.58
C ARG H 1557 112.73 30.55 26.49
N HIS H 1558 114.00 30.50 26.92
CA HIS H 1558 114.78 29.23 26.91
C HIS H 1558 114.19 28.22 27.87
N PHE H 1559 113.91 28.58 29.13
CA PHE H 1559 113.40 27.60 30.12
C PHE H 1559 112.00 27.16 29.73
N ALA H 1560 111.18 28.08 29.25
CA ALA H 1560 109.81 27.75 28.76
C ALA H 1560 109.89 26.67 27.68
N SER H 1561 110.82 26.82 26.73
CA SER H 1561 111.06 25.88 25.61
C SER H 1561 111.61 24.56 26.14
N TYR H 1562 112.59 24.62 27.04
CA TYR H 1562 113.22 23.41 27.62
C TYR H 1562 112.18 22.59 28.40
N ALA H 1563 111.06 23.18 28.82
CA ALA H 1563 109.99 22.52 29.61
C ALA H 1563 108.74 22.29 28.75
N ASN H 1564 108.83 22.53 27.44
CA ASN H 1564 107.79 22.20 26.42
C ASN H 1564 106.51 22.99 26.64
N LEU H 1565 106.61 24.23 27.13
CA LEU H 1565 105.42 25.10 27.34
C LEU H 1565 105.20 25.93 26.07
N PRO H 1566 103.99 26.48 25.85
CA PRO H 1566 103.72 27.26 24.65
C PRO H 1566 104.35 28.66 24.64
N GLY H 1567 105.11 29.01 25.68
CA GLY H 1567 105.83 30.29 25.82
C GLY H 1567 105.99 30.62 27.28
N THR H 1568 106.70 31.70 27.61
CA THR H 1568 106.74 32.30 28.98
C THR H 1568 105.30 32.44 29.46
N ILE H 1569 104.80 31.56 30.33
CA ILE H 1569 103.36 31.56 30.75
C ILE H 1569 103.16 32.49 31.95
N THR H 1570 101.97 33.09 32.02
CA THR H 1570 101.46 33.86 33.18
C THR H 1570 101.50 32.97 34.42
N HIS H 1571 102.03 33.48 35.54
CA HIS H 1571 101.91 32.81 36.85
C HIS H 1571 100.43 32.52 37.09
N GLY H 1572 100.08 31.30 37.51
CA GLY H 1572 98.71 30.94 37.88
C GLY H 1572 98.27 31.84 39.01
N MET H 1573 99.18 32.07 39.96
CA MET H 1573 98.96 32.82 41.22
C MET H 1573 98.67 34.31 40.95
N PHE H 1574 99.01 34.81 39.77
CA PHE H 1574 98.54 36.12 39.25
C PHE H 1574 97.07 35.99 38.85
N SER H 1575 96.71 34.99 38.05
CA SER H 1575 95.32 34.79 37.57
C SER H 1575 94.39 34.57 38.77
N SER H 1576 94.86 33.90 39.83
CA SER H 1576 94.11 33.73 41.11
C SER H 1576 93.74 35.13 41.59
N ALA H 1577 94.74 35.94 41.91
CA ALA H 1577 94.60 37.29 42.50
C ALA H 1577 93.75 38.18 41.57
N SER H 1578 94.13 38.35 40.32
CA SER H 1578 93.33 39.08 39.31
C SER H 1578 91.85 38.74 39.48
N VAL H 1579 91.50 37.47 39.40
CA VAL H 1579 90.07 37.02 39.43
C VAL H 1579 89.46 37.30 40.81
N ARG H 1580 90.22 37.19 41.91
CA ARG H 1580 89.65 37.41 43.27
C ARG H 1580 89.51 38.91 43.53
N ALA H 1581 90.18 39.76 42.78
CA ALA H 1581 89.97 41.22 42.83
C ALA H 1581 88.63 41.58 42.18
N LEU H 1582 88.14 40.77 41.25
CA LEU H 1582 86.81 40.96 40.61
C LEU H 1582 85.70 40.39 41.51
N ILE H 1583 86.00 39.33 42.27
CA ILE H 1583 85.08 38.73 43.28
C ILE H 1583 84.89 39.77 44.38
N GLU H 1584 86.00 40.29 44.89
CA GLU H 1584 86.04 41.33 45.95
C GLU H 1584 85.27 42.58 45.52
N ASN H 1585 85.29 42.95 44.23
CA ASN H 1585 84.66 44.19 43.75
C ASN H 1585 83.16 44.00 43.47
N TRP H 1586 82.70 42.89 42.88
CA TRP H 1586 81.27 42.73 42.53
C TRP H 1586 80.47 42.01 43.62
N ALA H 1587 80.96 40.87 44.12
CA ALA H 1587 80.24 40.05 45.11
C ALA H 1587 80.31 40.66 46.51
N ALA H 1588 81.45 41.19 46.92
CA ALA H 1588 81.65 41.78 48.27
C ALA H 1588 81.48 43.31 48.24
N ASP H 1589 81.01 43.88 47.11
CA ASP H 1589 80.80 45.35 46.91
C ASP H 1589 81.97 46.12 47.58
N SER H 1590 83.19 45.75 47.21
CA SER H 1590 84.47 46.45 47.49
C SER H 1590 84.78 46.53 49.00
N VAL H 1591 84.26 45.58 49.79
CA VAL H 1591 84.67 45.40 51.22
C VAL H 1591 85.58 44.16 51.32
N SER H 1592 86.89 44.35 51.40
CA SER H 1592 87.90 43.28 51.53
C SER H 1592 87.50 42.28 52.63
N SER H 1593 87.05 42.77 53.80
CA SER H 1593 86.85 41.97 55.03
C SER H 1593 85.72 40.93 54.85
N ARG H 1594 84.79 41.18 53.94
CA ARG H 1594 83.64 40.28 53.65
C ARG H 1594 84.12 38.97 53.03
N VAL H 1595 85.11 39.02 52.14
CA VAL H 1595 85.63 37.81 51.43
C VAL H 1595 86.57 37.15 52.42
N ARG H 1596 86.35 35.87 52.66
CA ARG H 1596 86.51 35.21 53.98
C ARG H 1596 87.16 33.84 53.81
N GLY H 1597 86.90 33.22 52.65
CA GLY H 1597 87.77 32.20 52.05
C GLY H 1597 87.62 32.18 50.54
N TYR H 1598 88.68 31.73 49.88
CA TYR H 1598 88.86 31.78 48.40
C TYR H 1598 89.71 30.59 47.96
N THR H 1599 89.27 29.85 46.94
CA THR H 1599 89.83 28.56 46.49
C THR H 1599 89.80 28.53 44.98
N CYS H 1600 90.93 28.19 44.34
CA CYS H 1600 91.20 28.34 42.87
C CYS H 1600 91.86 27.08 42.29
N GLN H 1601 91.21 26.37 41.36
CA GLN H 1601 91.78 25.25 40.55
C GLN H 1601 92.30 25.79 39.22
N PHE H 1602 93.57 25.54 38.91
CA PHE H 1602 94.26 25.97 37.66
C PHE H 1602 94.09 24.91 36.58
N VAL H 1603 93.09 25.08 35.74
CA VAL H 1603 92.61 24.06 34.78
C VAL H 1603 93.58 24.01 33.60
N ASP H 1604 94.01 25.17 33.11
CA ASP H 1604 94.81 25.31 31.86
C ASP H 1604 95.87 26.40 32.03
N MET H 1605 96.64 26.67 30.99
CA MET H 1605 97.73 27.67 30.98
C MET H 1605 97.28 28.90 30.19
N VAL H 1606 97.87 30.05 30.51
CA VAL H 1606 97.50 31.36 29.92
C VAL H 1606 98.78 32.14 29.62
N LEU H 1607 98.94 32.56 28.37
CA LEU H 1607 100.12 33.35 27.92
C LEU H 1607 99.84 34.83 28.13
N PRO H 1608 100.89 35.68 28.17
CA PRO H 1608 100.72 37.13 28.20
C PRO H 1608 99.83 37.71 27.08
N ASN H 1609 99.12 38.79 27.40
CA ASN H 1609 98.20 39.55 26.50
C ASN H 1609 97.01 38.69 26.06
N THR H 1610 96.62 37.65 26.82
CA THR H 1610 95.32 36.95 26.63
C THR H 1610 94.24 37.80 27.29
N ALA H 1611 92.98 37.57 26.90
CA ALA H 1611 91.78 38.27 27.38
C ALA H 1611 90.80 37.23 27.95
N LEU H 1612 90.56 37.33 29.26
CA LEU H 1612 89.82 36.33 30.07
C LEU H 1612 88.42 36.84 30.41
N LYS H 1613 87.37 36.16 29.94
CA LYS H 1613 85.97 36.32 30.44
C LYS H 1613 85.80 35.45 31.69
N THR H 1614 85.51 36.05 32.85
CA THR H 1614 85.18 35.31 34.09
C THR H 1614 83.72 35.58 34.46
N SER H 1615 82.87 34.56 34.30
CA SER H 1615 81.49 34.50 34.88
C SER H 1615 81.59 34.29 36.38
N ILE H 1616 80.61 34.78 37.12
CA ILE H 1616 80.54 34.81 38.61
C ILE H 1616 79.08 34.55 38.96
N GLN H 1617 78.83 33.66 39.91
CA GLN H 1617 77.47 33.26 40.33
C GLN H 1617 77.45 33.05 41.84
N HIS H 1618 76.33 33.41 42.47
CA HIS H 1618 75.93 33.01 43.84
C HIS H 1618 75.17 31.70 43.71
N VAL H 1619 75.74 30.63 44.23
CA VAL H 1619 75.29 29.23 43.95
C VAL H 1619 74.64 28.62 45.19
N GLY H 1620 74.99 29.11 46.37
CA GLY H 1620 74.67 28.46 47.64
C GLY H 1620 75.08 29.32 48.83
N MET H 1621 74.88 28.79 50.03
CA MET H 1621 75.18 29.47 51.28
C MET H 1621 75.94 28.47 52.16
N ILE H 1622 76.75 28.93 53.10
CA ILE H 1622 77.50 28.05 54.05
C ILE H 1622 77.76 28.82 55.36
N ASN H 1623 77.01 28.53 56.42
CA ASN H 1623 77.05 29.29 57.70
C ASN H 1623 76.85 30.77 57.44
N GLY H 1624 75.88 31.09 56.58
CA GLY H 1624 75.53 32.48 56.23
C GLY H 1624 76.72 33.30 55.76
N ARG H 1625 77.67 32.63 55.10
CA ARG H 1625 78.56 33.25 54.10
C ARG H 1625 77.97 32.82 52.77
N LYS H 1626 77.94 33.71 51.79
CA LYS H 1626 77.55 33.36 50.40
C LYS H 1626 78.65 32.48 49.79
N LEU H 1627 78.25 31.57 48.89
CA LEU H 1627 79.13 30.60 48.22
C LEU H 1627 79.09 30.95 46.74
N ILE H 1628 80.23 31.38 46.18
CA ILE H 1628 80.31 32.06 44.86
C ILE H 1628 81.27 31.31 43.95
N LYS H 1629 80.72 30.43 43.14
CA LYS H 1629 81.39 29.72 42.03
C LYS H 1629 81.74 30.71 40.93
N PHE H 1630 82.99 30.74 40.48
CA PHE H 1630 83.36 31.41 39.21
C PHE H 1630 83.99 30.41 38.26
N GLU H 1631 84.14 30.86 37.02
CA GLU H 1631 84.93 30.16 35.97
C GLU H 1631 85.38 31.21 34.98
N THR H 1632 86.69 31.16 34.65
CA THR H 1632 87.38 32.09 33.73
C THR H 1632 87.67 31.34 32.43
N ARG H 1633 87.34 31.97 31.29
CA ARG H 1633 87.62 31.43 29.93
C ARG H 1633 88.54 32.40 29.16
N ASN H 1634 89.41 31.85 28.30
CA ASN H 1634 90.25 32.61 27.33
C ASN H 1634 89.44 32.87 26.05
N GLU H 1635 90.06 33.47 25.02
CA GLU H 1635 89.40 33.92 23.75
C GLU H 1635 88.81 32.75 22.96
N ASP H 1636 89.39 31.55 23.13
CA ASP H 1636 89.00 30.29 22.44
C ASP H 1636 87.93 29.55 23.25
N ASP H 1637 87.37 30.18 24.29
CA ASP H 1637 86.23 29.65 25.10
C ASP H 1637 86.67 28.35 25.77
N VAL H 1638 87.89 28.35 26.34
CA VAL H 1638 88.52 27.23 27.09
C VAL H 1638 88.58 27.65 28.56
N VAL H 1639 88.20 26.75 29.45
CA VAL H 1639 88.19 27.02 30.92
C VAL H 1639 89.63 26.90 31.42
N VAL H 1640 90.01 27.85 32.27
CA VAL H 1640 91.41 28.27 32.59
C VAL H 1640 91.60 28.34 34.11
N LEU H 1641 90.74 29.10 34.80
CA LEU H 1641 90.50 28.98 36.26
C LEU H 1641 89.06 28.55 36.48
N THR H 1642 88.86 27.86 37.59
CA THR H 1642 87.58 27.72 38.29
C THR H 1642 87.90 27.93 39.75
N GLY H 1643 86.87 27.99 40.58
CA GLY H 1643 87.04 28.22 42.01
C GLY H 1643 85.77 28.66 42.65
N GLU H 1644 85.82 28.87 43.97
CA GLU H 1644 84.71 29.45 44.73
C GLU H 1644 85.25 30.40 45.80
N ALA H 1645 84.39 31.31 46.21
CA ALA H 1645 84.60 32.31 47.27
C ALA H 1645 83.52 32.07 48.32
N GLU H 1646 83.87 32.28 49.59
CA GLU H 1646 82.91 32.35 50.71
C GLU H 1646 82.86 33.81 51.13
N ILE H 1647 81.72 34.46 50.91
CA ILE H 1647 81.58 35.92 51.14
C ILE H 1647 80.54 36.18 52.22
N GLU H 1648 80.97 36.91 53.26
CA GLU H 1648 80.17 37.31 54.44
C GLU H 1648 79.00 38.18 53.98
N GLN H 1649 77.76 37.78 54.28
CA GLN H 1649 76.53 38.61 54.17
C GLN H 1649 76.71 39.93 54.90
N PRO H 1650 76.09 41.03 54.43
CA PRO H 1650 76.17 42.33 55.11
C PRO H 1650 75.67 42.26 56.57
N VAL H 1651 76.19 43.14 57.45
CA VAL H 1651 75.97 43.09 58.93
C VAL H 1651 74.47 42.96 59.18
N THR H 1652 74.05 41.97 59.97
CA THR H 1652 72.63 41.55 60.09
C THR H 1652 72.18 41.59 61.56
N THR H 1653 70.99 42.15 61.80
CA THR H 1653 70.24 42.04 63.08
C THR H 1653 68.96 41.25 62.81
N PHE H 1654 68.67 40.27 63.67
CA PHE H 1654 67.37 39.56 63.73
C PHE H 1654 66.54 40.16 64.86
N VAL H 1655 65.32 40.58 64.54
CA VAL H 1655 64.35 41.18 65.51
C VAL H 1655 63.11 40.27 65.53
N PHE H 1656 62.67 39.88 66.72
CA PHE H 1656 61.59 38.89 66.93
C PHE H 1656 60.35 39.60 67.49
N THR H 1657 59.29 39.68 66.68
CA THR H 1657 57.98 40.29 67.02
C THR H 1657 57.38 39.66 68.28
N GLY H 1658 56.84 40.49 69.18
CA GLY H 1658 56.04 40.05 70.35
C GLY H 1658 54.54 39.93 70.02
N GLN H 1659 53.70 39.89 71.05
CA GLN H 1659 52.26 39.50 70.92
C GLN H 1659 51.47 40.58 70.15
N GLY H 1660 50.31 40.19 69.62
CA GLY H 1660 49.35 41.09 68.96
C GLY H 1660 49.15 40.76 67.49
N SER H 1661 50.18 40.18 66.88
CA SER H 1661 50.28 39.92 65.42
C SER H 1661 49.70 38.54 65.05
N GLN H 1662 49.64 37.62 66.02
CA GLN H 1662 48.98 36.26 65.99
C GLN H 1662 47.76 36.22 65.05
N GLU H 1663 47.68 35.17 64.24
CA GLU H 1663 46.56 34.89 63.30
C GLU H 1663 46.34 33.38 63.18
N GLN H 1664 45.13 32.94 62.87
CA GLN H 1664 44.80 31.51 62.59
C GLN H 1664 45.57 31.09 61.34
N GLY H 1665 46.23 29.93 61.38
CA GLY H 1665 46.99 29.35 60.26
C GLY H 1665 48.45 29.79 60.23
N MET H 1666 48.94 30.51 61.26
CA MET H 1666 50.25 31.21 61.22
C MET H 1666 51.38 30.17 61.12
N GLY H 1667 52.24 30.33 60.11
CA GLY H 1667 53.43 29.49 59.86
C GLY H 1667 53.10 28.02 59.63
N MET H 1668 51.86 27.72 59.24
CA MET H 1668 51.42 26.35 58.85
C MET H 1668 51.71 26.14 57.36
N ASP H 1669 52.06 27.20 56.61
CA ASP H 1669 52.68 27.12 55.26
C ASP H 1669 54.03 26.41 55.39
N LEU H 1670 54.91 26.93 56.25
CA LEU H 1670 56.23 26.35 56.55
C LEU H 1670 56.10 24.90 57.06
N TYR H 1671 55.17 24.63 57.97
CA TYR H 1671 54.93 23.29 58.55
C TYR H 1671 54.71 22.24 57.45
N LYS H 1672 54.05 22.59 56.33
CA LYS H 1672 53.80 21.66 55.19
C LYS H 1672 55.13 21.25 54.55
N THR H 1673 56.02 22.22 54.37
CA THR H 1673 57.20 22.18 53.45
C THR H 1673 58.46 21.81 54.24
N SER H 1674 58.75 22.53 55.33
CA SER H 1674 60.09 22.54 55.96
C SER H 1674 60.26 21.37 56.94
N LYS H 1675 61.25 20.53 56.71
CA LYS H 1675 61.67 19.46 57.65
C LYS H 1675 62.07 20.07 59.00
N ALA H 1676 62.70 21.24 59.01
CA ALA H 1676 63.25 21.89 60.21
C ALA H 1676 62.12 22.50 61.03
N ALA H 1677 61.13 23.10 60.36
CA ALA H 1677 59.91 23.67 60.99
C ALA H 1677 59.07 22.54 61.59
N GLN H 1678 58.73 21.52 60.80
CA GLN H 1678 58.02 20.28 61.24
C GLN H 1678 58.60 19.78 62.57
N ASP H 1679 59.93 19.68 62.67
CA ASP H 1679 60.62 19.16 63.88
C ASP H 1679 60.37 20.07 65.08
N VAL H 1680 59.98 21.34 64.88
CA VAL H 1680 59.85 22.32 65.99
C VAL H 1680 58.43 22.20 66.55
N TRP H 1681 57.42 22.32 65.70
CA TRP H 1681 56.00 22.14 66.05
C TRP H 1681 55.80 20.76 66.66
N ASN H 1682 56.02 19.69 65.86
CA ASN H 1682 55.85 18.27 66.27
C ASN H 1682 56.50 18.04 67.62
N ARG H 1683 57.68 18.60 67.86
CA ARG H 1683 58.42 18.38 69.11
C ARG H 1683 57.66 19.01 70.28
N ALA H 1684 57.06 20.18 70.06
CA ALA H 1684 56.35 21.02 71.07
C ALA H 1684 54.91 20.53 71.28
N ASP H 1685 54.24 20.17 70.18
CA ASP H 1685 52.87 19.58 70.19
C ASP H 1685 52.86 18.24 70.92
N ASN H 1686 53.97 17.48 70.95
CA ASN H 1686 54.04 16.21 71.71
C ASN H 1686 54.26 16.54 73.18
N HIS H 1687 54.99 17.60 73.46
CA HIS H 1687 55.26 18.02 74.85
C HIS H 1687 53.96 18.50 75.50
N PHE H 1688 53.18 19.29 74.77
CA PHE H 1688 51.88 19.85 75.25
C PHE H 1688 50.88 18.72 75.42
N LYS H 1689 50.78 17.84 74.43
CA LYS H 1689 49.79 16.73 74.40
C LYS H 1689 49.93 15.88 75.65
N ASP H 1690 51.15 15.71 76.17
CA ASP H 1690 51.54 14.72 77.20
C ASP H 1690 51.64 15.35 78.59
N THR H 1691 51.92 16.65 78.70
CA THR H 1691 52.02 17.33 80.02
C THR H 1691 50.73 18.09 80.35
N TYR H 1692 50.04 18.65 79.36
CA TYR H 1692 48.89 19.57 79.60
C TYR H 1692 47.66 19.21 78.79
N GLY H 1693 47.70 18.15 78.01
CA GLY H 1693 46.50 17.53 77.47
C GLY H 1693 45.92 18.22 76.27
N PHE H 1694 46.59 19.20 75.65
CA PHE H 1694 46.10 19.84 74.40
C PHE H 1694 47.22 19.80 73.36
N SER H 1695 46.82 19.95 72.10
CA SER H 1695 47.70 20.14 70.91
C SER H 1695 47.73 21.62 70.52
N ILE H 1696 48.87 22.28 70.73
CA ILE H 1696 49.11 23.69 70.28
C ILE H 1696 48.92 23.81 68.76
N LEU H 1697 49.13 22.76 67.96
CA LEU H 1697 48.88 22.80 66.49
C LEU H 1697 47.40 23.03 66.23
N ASP H 1698 46.53 22.17 66.78
CA ASP H 1698 45.05 22.28 66.67
C ASP H 1698 44.65 23.72 66.98
N ILE H 1699 45.10 24.26 68.12
CA ILE H 1699 44.77 25.65 68.54
C ILE H 1699 45.12 26.62 67.40
N VAL H 1700 46.37 26.59 66.93
CA VAL H 1700 46.86 27.49 65.84
C VAL H 1700 46.09 27.24 64.54
N ILE H 1701 45.85 25.99 64.16
CA ILE H 1701 45.29 25.63 62.80
C ILE H 1701 43.82 26.04 62.72
N ASN H 1702 43.01 25.64 63.71
CA ASN H 1702 41.56 25.92 63.80
C ASN H 1702 41.28 26.57 65.15
N ASN H 1703 41.07 27.88 65.17
CA ASN H 1703 40.85 28.67 66.40
C ASN H 1703 39.64 28.06 67.12
N PRO H 1704 39.81 27.25 68.19
CA PRO H 1704 38.67 26.65 68.86
C PRO H 1704 38.18 27.72 69.85
N VAL H 1705 36.87 27.92 69.99
CA VAL H 1705 36.29 28.95 70.91
C VAL H 1705 36.42 28.45 72.35
N ASN H 1706 36.11 27.17 72.57
CA ASN H 1706 36.20 26.47 73.87
C ASN H 1706 37.20 25.33 73.70
N LEU H 1707 37.84 24.90 74.79
CA LEU H 1707 38.77 23.73 74.78
C LEU H 1707 38.75 23.04 76.13
N THR H 1708 38.16 21.83 76.23
CA THR H 1708 38.07 21.06 77.49
C THR H 1708 39.19 20.05 77.48
N ILE H 1709 39.92 19.99 78.58
CA ILE H 1709 40.92 18.95 78.92
C ILE H 1709 40.12 17.95 79.73
N HIS H 1710 40.29 16.65 79.55
CA HIS H 1710 39.74 15.65 80.48
C HIS H 1710 40.85 14.87 81.18
N PHE H 1711 40.63 14.52 82.45
CA PHE H 1711 41.66 13.93 83.33
C PHE H 1711 41.29 12.47 83.67
N GLY H 1712 40.89 11.70 82.66
CA GLY H 1712 40.43 10.31 82.79
C GLY H 1712 41.53 9.37 82.45
N GLY H 1713 41.50 8.15 82.99
CA GLY H 1713 42.59 7.16 82.85
C GLY H 1713 43.79 7.53 83.68
N GLU H 1714 44.90 6.79 83.55
CA GLU H 1714 46.12 7.02 84.36
C GLU H 1714 46.87 8.21 83.77
N LYS H 1715 47.00 8.23 82.43
CA LYS H 1715 47.61 9.34 81.66
C LYS H 1715 46.98 10.66 82.09
N GLY H 1716 45.65 10.74 82.03
CA GLY H 1716 44.85 11.89 82.47
C GLY H 1716 45.10 12.35 83.92
N LYS H 1717 45.30 11.45 84.89
CA LYS H 1717 45.58 11.84 86.30
C LYS H 1717 46.94 12.50 86.37
N ARG H 1718 47.87 12.09 85.50
CA ARG H 1718 49.23 12.67 85.48
C ARG H 1718 49.11 14.10 84.98
N ILE H 1719 48.35 14.27 83.90
CA ILE H 1719 48.05 15.58 83.29
C ILE H 1719 47.33 16.49 84.27
N ARG H 1720 46.54 15.98 85.22
CA ARG H 1720 45.85 16.86 86.19
C ARG H 1720 46.85 17.36 87.25
N GLU H 1721 47.76 16.51 87.73
CA GLU H 1721 48.83 16.89 88.70
C GLU H 1721 49.64 18.04 88.11
N ASN H 1722 49.81 18.07 86.79
CA ASN H 1722 50.57 19.12 86.06
C ASN H 1722 49.86 20.49 86.06
N TYR H 1723 48.53 20.54 86.21
CA TYR H 1723 47.79 21.81 86.40
C TYR H 1723 47.75 22.18 87.90
N SER H 1724 47.61 21.20 88.78
CA SER H 1724 47.51 21.40 90.25
C SER H 1724 48.85 21.93 90.80
N ALA H 1725 49.98 21.56 90.21
CA ALA H 1725 51.34 21.96 90.68
C ALA H 1725 51.60 23.42 90.32
N MET H 1726 50.99 23.93 89.24
CA MET H 1726 51.21 25.30 88.70
C MET H 1726 50.68 26.33 89.71
N ILE H 1727 51.59 27.03 90.40
CA ILE H 1727 51.29 28.04 91.46
C ILE H 1727 51.59 29.44 90.89
N PHE H 1728 51.57 30.44 91.77
CA PHE H 1728 51.92 31.84 91.47
C PHE H 1728 52.47 32.49 92.74
N GLU H 1729 53.70 32.09 93.16
CA GLU H 1729 54.44 32.54 94.39
C GLU H 1729 54.59 34.07 94.42
N THR H 1730 53.47 34.81 94.51
CA THR H 1730 53.44 36.29 94.50
C THR H 1730 54.17 36.79 95.76
N ILE H 1731 54.81 37.98 95.72
CA ILE H 1731 55.50 38.65 96.89
C ILE H 1731 54.54 39.68 97.55
N VAL H 1732 53.23 39.69 97.19
CA VAL H 1732 52.16 40.60 97.74
C VAL H 1732 52.14 40.45 99.27
N ASP H 1733 52.03 41.59 99.95
CA ASP H 1733 52.11 41.80 101.44
C ASP H 1733 53.59 41.67 101.89
N GLY H 1734 53.87 41.97 103.16
CA GLY H 1734 55.18 41.75 103.81
C GLY H 1734 55.67 40.33 103.56
N LYS H 1735 54.79 39.33 103.81
CA LYS H 1735 55.07 37.87 103.59
C LYS H 1735 54.46 37.43 102.25
N LEU H 1736 55.29 36.76 101.42
CA LEU H 1736 54.89 36.18 100.10
C LEU H 1736 53.64 35.29 100.29
N LYS H 1737 52.67 35.41 99.38
CA LYS H 1737 51.43 34.58 99.35
C LYS H 1737 51.38 33.82 98.00
N THR H 1738 51.09 32.51 98.02
CA THR H 1738 51.10 31.59 96.84
C THR H 1738 49.65 31.32 96.41
N GLU H 1739 49.22 31.97 95.33
CA GLU H 1739 47.84 31.89 94.78
C GLU H 1739 47.85 30.82 93.69
N LYS H 1740 47.44 29.59 94.00
CA LYS H 1740 47.55 28.43 93.08
C LYS H 1740 46.66 28.66 91.83
N ILE H 1741 47.27 28.75 90.64
CA ILE H 1741 46.56 28.93 89.33
C ILE H 1741 45.68 27.71 89.13
N PHE H 1742 44.51 27.88 88.51
CA PHE H 1742 43.51 26.80 88.32
C PHE H 1742 43.05 26.35 89.71
N LYS H 1743 42.23 27.18 90.35
CA LYS H 1743 41.65 26.91 91.70
C LYS H 1743 40.56 25.86 91.54
N GLU H 1744 39.92 25.82 90.36
CA GLU H 1744 38.81 24.91 89.97
C GLU H 1744 39.36 23.52 89.60
N ILE H 1745 40.56 23.16 90.05
CA ILE H 1745 41.20 21.86 89.72
C ILE H 1745 41.76 21.26 91.02
N ASN H 1746 41.14 20.16 91.44
CA ASN H 1746 41.41 19.43 92.70
C ASN H 1746 41.38 17.94 92.38
N GLU H 1747 41.78 17.11 93.34
CA GLU H 1747 41.78 15.62 93.31
C GLU H 1747 40.54 15.07 92.57
N HIS H 1748 39.39 15.70 92.78
CA HIS H 1748 38.07 15.25 92.27
C HIS H 1748 37.63 16.07 91.04
N SER H 1749 38.55 16.53 90.19
CA SER H 1749 38.19 17.10 88.86
C SER H 1749 38.39 16.03 87.79
N THR H 1750 37.60 16.10 86.73
CA THR H 1750 37.64 15.16 85.60
C THR H 1750 37.81 15.94 84.30
N SER H 1751 37.67 17.26 84.36
CA SER H 1751 37.68 18.21 83.21
C SER H 1751 38.19 19.56 83.70
N TYR H 1752 38.80 20.35 82.83
CA TYR H 1752 38.92 21.82 82.99
C TYR H 1752 38.66 22.42 81.62
N THR H 1753 37.88 23.50 81.52
CA THR H 1753 37.59 24.15 80.21
C THR H 1753 38.16 25.57 80.13
N PHE H 1754 38.91 25.84 79.05
CA PHE H 1754 39.45 27.16 78.65
C PHE H 1754 38.37 27.87 77.82
N ARG H 1755 37.80 28.95 78.36
CA ARG H 1755 36.80 29.78 77.64
C ARG H 1755 37.56 30.91 76.95
N SER H 1756 37.16 31.21 75.73
CA SER H 1756 37.40 32.51 75.07
C SER H 1756 36.10 32.98 74.44
N GLU H 1757 36.09 34.21 73.97
CA GLU H 1757 34.92 34.88 73.34
C GLU H 1757 35.01 34.61 71.83
N LYS H 1758 36.19 34.89 71.25
CA LYS H 1758 36.45 34.98 69.80
C LYS H 1758 37.16 33.70 69.30
N GLY H 1759 38.31 33.39 69.89
CA GLY H 1759 39.09 32.16 69.68
C GLY H 1759 40.20 32.04 70.73
N LEU H 1760 40.65 30.83 71.06
CA LEU H 1760 41.65 30.58 72.12
C LEU H 1760 43.01 31.16 71.70
N LEU H 1761 43.26 31.24 70.40
CA LEU H 1761 44.56 31.72 69.88
C LEU H 1761 44.76 33.20 70.24
N SER H 1762 43.70 33.92 70.66
CA SER H 1762 43.73 35.33 71.18
C SER H 1762 43.93 35.40 72.71
N ALA H 1763 43.75 34.29 73.44
CA ALA H 1763 44.09 34.18 74.89
C ALA H 1763 45.61 34.21 75.06
N THR H 1764 46.09 34.86 76.10
CA THR H 1764 47.54 35.09 76.34
C THR H 1764 48.31 33.75 76.34
N GLN H 1765 47.77 32.71 76.96
CA GLN H 1765 48.55 31.48 77.34
C GLN H 1765 48.70 30.56 76.13
N PHE H 1766 47.87 30.74 75.11
CA PHE H 1766 47.99 29.99 73.84
C PHE H 1766 48.74 30.83 72.82
N THR H 1767 48.44 32.13 72.73
CA THR H 1767 49.12 33.08 71.81
C THR H 1767 50.62 33.03 72.07
N GLN H 1768 51.02 33.14 73.33
CA GLN H 1768 52.47 33.24 73.69
C GLN H 1768 53.24 32.08 73.06
N PRO H 1769 52.90 30.77 73.25
CA PRO H 1769 53.58 29.69 72.54
C PRO H 1769 53.43 29.72 71.02
N ALA H 1770 52.23 29.85 70.48
CA ALA H 1770 51.98 29.86 69.02
C ALA H 1770 52.91 30.87 68.32
N LEU H 1771 53.09 32.10 68.85
CA LEU H 1771 54.10 33.07 68.36
C LEU H 1771 55.49 32.43 68.47
N THR H 1772 55.92 32.17 69.69
CA THR H 1772 57.29 31.72 70.03
C THR H 1772 57.71 30.51 69.19
N LEU H 1773 56.80 29.57 68.90
CA LEU H 1773 57.05 28.48 67.92
C LEU H 1773 57.18 29.06 66.51
N MET H 1774 56.10 29.64 65.96
CA MET H 1774 56.04 30.15 64.56
C MET H 1774 57.39 30.76 64.19
N GLU H 1775 57.95 31.54 65.12
CA GLU H 1775 59.26 32.23 65.00
C GLU H 1775 60.37 31.20 64.99
N LYS H 1776 60.57 30.52 66.11
CA LYS H 1776 61.60 29.44 66.27
C LYS H 1776 61.60 28.53 65.04
N ALA H 1777 60.46 28.29 64.38
CA ALA H 1777 60.34 27.41 63.19
C ALA H 1777 60.92 28.12 61.98
N ALA H 1778 60.33 29.25 61.58
CA ALA H 1778 60.89 30.19 60.58
C ALA H 1778 62.40 30.24 60.74
N PHE H 1779 62.89 30.51 61.93
CA PHE H 1779 64.35 30.65 62.17
C PHE H 1779 65.08 29.35 61.87
N GLU H 1780 64.62 28.22 62.38
CA GLU H 1780 65.28 26.91 62.19
C GLU H 1780 65.29 26.54 60.71
N ASP H 1781 64.26 26.93 59.94
CA ASP H 1781 64.24 26.72 58.47
C ASP H 1781 65.34 27.55 57.81
N LEU H 1782 65.57 28.79 58.27
CA LEU H 1782 66.66 29.67 57.79
C LEU H 1782 68.00 29.00 58.09
N LYS H 1783 68.27 28.69 59.36
CA LYS H 1783 69.54 28.06 59.83
C LYS H 1783 69.83 26.80 58.98
N SER H 1784 68.80 26.01 58.65
CA SER H 1784 68.89 24.79 57.80
C SER H 1784 69.44 25.12 56.42
N LYS H 1785 69.02 26.26 55.88
CA LYS H 1785 69.37 26.76 54.51
C LYS H 1785 70.73 27.47 54.54
N GLY H 1786 71.35 27.61 55.71
CA GLY H 1786 72.66 28.24 55.86
C GLY H 1786 72.61 29.75 55.68
N LEU H 1787 71.60 30.41 56.23
CA LEU H 1787 71.30 31.86 55.98
C LEU H 1787 71.55 32.71 57.23
N ILE H 1788 72.22 32.18 58.24
CA ILE H 1788 72.39 32.83 59.57
C ILE H 1788 73.86 33.13 59.81
N PRO H 1789 74.28 34.40 59.61
CA PRO H 1789 75.58 34.87 60.04
C PRO H 1789 75.95 34.44 61.46
N ALA H 1790 77.21 34.07 61.65
CA ALA H 1790 77.78 33.68 62.96
C ALA H 1790 77.66 34.87 63.91
N ASP H 1791 77.87 36.09 63.39
CA ASP H 1791 78.01 37.35 64.19
C ASP H 1791 76.77 38.23 64.01
N ALA H 1792 75.59 37.63 63.92
CA ALA H 1792 74.30 38.35 63.90
C ALA H 1792 74.03 38.91 65.30
N THR H 1793 73.59 40.17 65.36
CA THR H 1793 72.94 40.77 66.55
C THR H 1793 71.47 40.37 66.55
N PHE H 1794 70.91 40.09 67.72
CA PHE H 1794 69.48 39.72 67.84
C PHE H 1794 68.84 40.43 69.05
N ALA H 1795 67.54 40.61 68.93
CA ALA H 1795 66.71 41.37 69.88
C ALA H 1795 65.25 41.01 69.65
N GLY H 1796 64.51 40.87 70.74
CA GLY H 1796 63.06 40.59 70.65
C GLY H 1796 62.28 41.59 71.46
N HIS H 1797 61.18 42.08 70.89
CA HIS H 1797 60.14 42.90 71.56
C HIS H 1797 59.38 42.00 72.53
N SER H 1798 59.58 42.18 73.84
CA SER H 1798 58.78 41.54 74.93
C SER H 1798 58.93 40.02 74.87
N LEU H 1799 58.08 39.35 74.09
CA LEU H 1799 57.97 37.88 74.04
C LEU H 1799 59.07 37.36 73.12
N GLY H 1800 59.27 38.05 71.99
CA GLY H 1800 60.45 37.90 71.12
C GLY H 1800 61.70 37.54 71.91
N GLU H 1801 61.97 38.24 73.00
CA GLU H 1801 63.18 38.02 73.83
C GLU H 1801 63.46 36.52 73.94
N TYR H 1802 62.42 35.71 74.20
CA TYR H 1802 62.50 34.24 74.44
C TYR H 1802 62.79 33.54 73.10
N ALA H 1803 61.96 33.78 72.08
CA ALA H 1803 62.10 33.19 70.73
C ALA H 1803 63.52 33.45 70.18
N ALA H 1804 64.02 34.67 70.37
CA ALA H 1804 65.37 35.09 69.97
C ALA H 1804 66.45 34.34 70.75
N LEU H 1805 66.30 34.15 72.07
CA LEU H 1805 67.34 33.46 72.89
C LEU H 1805 67.28 31.95 72.70
N ALA H 1806 66.13 31.41 72.27
CA ALA H 1806 65.98 29.99 71.90
C ALA H 1806 66.67 29.78 70.55
N SER H 1807 66.56 30.74 69.64
CA SER H 1807 66.93 30.63 68.21
C SER H 1807 68.44 30.84 68.00
N LEU H 1808 69.02 31.86 68.62
CA LEU H 1808 70.41 32.30 68.32
C LEU H 1808 71.36 32.07 69.50
N ALA H 1809 70.93 31.48 70.60
CA ALA H 1809 71.86 31.07 71.67
C ALA H 1809 71.48 29.71 72.28
N ASP H 1810 70.48 29.02 71.72
CA ASP H 1810 70.06 27.65 72.12
C ASP H 1810 70.17 27.52 73.65
N VAL H 1811 69.60 28.48 74.38
CA VAL H 1811 69.63 28.52 75.86
C VAL H 1811 68.70 27.43 76.38
N MET H 1812 67.47 27.40 75.88
CA MET H 1812 66.43 26.41 76.23
C MET H 1812 66.27 25.39 75.10
N SER H 1813 65.83 24.17 75.44
CA SER H 1813 65.19 23.21 74.49
C SER H 1813 63.87 23.80 74.01
N ILE H 1814 63.38 23.32 72.86
CA ILE H 1814 62.01 23.60 72.32
C ILE H 1814 60.98 23.33 73.42
N GLU H 1815 61.18 22.27 74.21
CA GLU H 1815 60.21 21.83 75.25
C GLU H 1815 60.25 22.83 76.41
N SER H 1816 61.42 23.10 76.98
CA SER H 1816 61.60 24.11 78.07
C SER H 1816 61.07 25.49 77.64
N LEU H 1817 61.19 25.85 76.37
CA LEU H 1817 60.80 27.18 75.85
C LEU H 1817 59.30 27.33 75.99
N VAL H 1818 58.54 26.43 75.36
CA VAL H 1818 57.05 26.50 75.35
C VAL H 1818 56.51 26.35 76.78
N GLU H 1819 57.19 25.64 77.68
CA GLU H 1819 56.81 25.65 79.11
C GLU H 1819 56.82 27.09 79.61
N VAL H 1820 58.02 27.67 79.72
CA VAL H 1820 58.29 29.04 80.25
C VAL H 1820 57.22 30.00 79.72
N VAL H 1821 57.11 30.10 78.41
CA VAL H 1821 56.19 31.00 77.70
C VAL H 1821 54.72 30.70 78.03
N PHE H 1822 54.34 29.44 78.24
CA PHE H 1822 52.94 29.06 78.61
C PHE H 1822 52.70 29.48 80.07
N TYR H 1823 53.60 29.14 80.98
CA TYR H 1823 53.58 29.60 82.40
C TYR H 1823 53.52 31.13 82.45
N ARG H 1824 54.24 31.82 81.55
CA ARG H 1824 54.29 33.30 81.49
C ARG H 1824 52.87 33.82 81.22
N GLY H 1825 52.27 33.41 80.11
CA GLY H 1825 50.90 33.78 79.71
C GLY H 1825 49.88 33.42 80.77
N MET H 1826 50.12 32.38 81.56
CA MET H 1826 49.22 31.98 82.66
C MET H 1826 49.42 32.92 83.84
N THR H 1827 50.66 33.27 84.15
CA THR H 1827 51.07 34.18 85.24
C THR H 1827 50.77 35.65 84.85
N MET H 1828 50.13 35.89 83.69
CA MET H 1828 49.55 37.19 83.27
C MET H 1828 48.03 37.01 83.10
N GLN H 1829 47.39 36.31 84.04
CA GLN H 1829 45.91 36.11 84.13
C GLN H 1829 45.48 36.09 85.60
N VAL H 1830 46.23 35.37 86.43
CA VAL H 1830 46.14 35.42 87.93
C VAL H 1830 46.59 36.80 88.42
N ALA H 1831 47.48 37.49 87.69
CA ALA H 1831 48.26 38.66 88.15
C ALA H 1831 47.37 39.83 88.56
N VAL H 1832 46.18 39.94 87.93
CA VAL H 1832 45.19 41.05 88.12
C VAL H 1832 43.88 40.44 88.65
N PRO H 1833 43.21 41.04 89.67
CA PRO H 1833 41.89 40.58 90.11
C PRO H 1833 40.73 40.93 89.15
N ARG H 1834 39.89 39.93 88.82
CA ARG H 1834 38.74 40.03 87.89
C ARG H 1834 37.53 39.38 88.58
N ASP H 1835 36.89 40.12 89.48
CA ASP H 1835 35.80 39.65 90.40
C ASP H 1835 34.54 39.26 89.57
N GLU H 1836 34.19 40.10 88.58
CA GLU H 1836 32.94 40.02 87.76
C GLU H 1836 32.96 38.72 86.95
N LEU H 1837 33.97 38.61 86.09
CA LEU H 1837 34.22 37.43 85.21
C LEU H 1837 35.71 37.46 84.80
N GLY H 1838 36.04 37.93 83.59
CA GLY H 1838 37.42 38.12 83.09
C GLY H 1838 37.77 39.60 82.90
N ARG H 1839 36.83 40.51 83.20
CA ARG H 1839 37.05 41.98 83.09
C ARG H 1839 37.96 42.42 84.23
N SER H 1840 38.98 43.23 83.90
CA SER H 1840 39.89 43.85 84.89
C SER H 1840 39.72 45.36 84.82
N ASN H 1841 39.99 46.05 85.93
CA ASN H 1841 39.94 47.54 86.02
C ASN H 1841 41.28 48.12 85.54
N TYR H 1842 42.10 47.33 84.81
CA TYR H 1842 43.39 47.74 84.18
C TYR H 1842 43.32 47.58 82.66
N GLY H 1843 44.24 48.22 81.94
CA GLY H 1843 44.33 48.22 80.47
C GLY H 1843 45.62 48.84 79.96
N MET H 1844 45.69 49.18 78.67
CA MET H 1844 46.81 49.97 78.08
C MET H 1844 46.43 50.60 76.74
N ILE H 1845 46.94 51.82 76.51
CA ILE H 1845 46.64 52.70 75.34
C ILE H 1845 47.95 52.98 74.59
N ALA H 1846 47.85 53.21 73.27
CA ALA H 1846 48.94 53.57 72.34
C ALA H 1846 48.88 55.06 71.98
N ILE H 1847 49.74 55.86 72.62
CA ILE H 1847 49.85 57.34 72.45
C ILE H 1847 50.71 57.64 71.21
N ASN H 1848 50.37 58.70 70.45
CA ASN H 1848 51.11 59.21 69.26
C ASN H 1848 51.39 60.71 69.46
N PRO H 1849 52.40 61.11 70.28
CA PRO H 1849 52.59 62.51 70.66
C PRO H 1849 52.63 63.54 69.51
N GLY H 1850 53.04 63.12 68.32
CA GLY H 1850 52.96 63.93 67.09
C GLY H 1850 51.58 64.54 66.91
N ARG H 1851 50.52 63.78 67.17
CA ARG H 1851 49.12 64.13 66.77
C ARG H 1851 48.52 65.20 67.71
N VAL H 1852 48.84 65.13 69.00
CA VAL H 1852 48.43 66.14 70.03
C VAL H 1852 49.01 67.52 69.67
N ALA H 1853 50.32 67.63 69.43
CA ALA H 1853 51.02 68.91 69.20
C ALA H 1853 52.43 68.65 68.66
N ALA H 1854 52.78 69.27 67.53
CA ALA H 1854 54.09 69.17 66.83
C ALA H 1854 55.27 69.30 67.83
N SER H 1855 55.15 70.17 68.85
CA SER H 1855 56.18 70.40 69.91
C SER H 1855 56.23 69.25 70.91
N PHE H 1856 55.08 68.62 71.18
CA PHE H 1856 54.89 67.63 72.29
C PHE H 1856 55.65 66.33 71.93
N SER H 1857 56.43 65.81 72.87
CA SER H 1857 57.47 64.79 72.61
C SER H 1857 57.90 64.08 73.91
N GLN H 1858 59.06 63.43 73.93
CA GLN H 1858 59.79 62.99 75.15
C GLN H 1858 60.00 64.18 76.11
N GLU H 1859 60.20 63.83 77.39
CA GLU H 1859 60.41 64.73 78.57
C GLU H 1859 59.09 65.47 78.87
N ALA H 1860 58.07 65.22 78.05
CA ALA H 1860 56.77 65.91 78.06
C ALA H 1860 55.69 64.90 78.47
N LEU H 1861 55.63 63.73 77.80
CA LEU H 1861 54.83 62.55 78.25
C LEU H 1861 55.32 62.05 79.61
N GLN H 1862 56.64 62.05 79.84
CA GLN H 1862 57.21 61.47 81.07
C GLN H 1862 56.93 62.37 82.29
N TYR H 1863 56.47 63.63 82.09
CA TYR H 1863 55.80 64.47 83.13
C TYR H 1863 54.31 64.10 83.21
N VAL H 1864 53.55 64.41 82.16
CA VAL H 1864 52.06 64.33 82.16
C VAL H 1864 51.63 63.01 82.84
N VAL H 1865 52.20 61.88 82.39
CA VAL H 1865 51.85 60.49 82.83
C VAL H 1865 52.40 60.23 84.24
N GLU H 1866 53.54 60.82 84.62
CA GLU H 1866 54.12 60.63 85.98
C GLU H 1866 53.27 61.38 87.03
N ARG H 1867 52.74 62.56 86.67
CA ARG H 1867 51.91 63.42 87.56
C ARG H 1867 50.56 62.73 87.80
N VAL H 1868 49.87 62.37 86.71
CA VAL H 1868 48.56 61.64 86.72
C VAL H 1868 48.80 60.26 87.35
N GLY H 1869 48.94 60.18 88.67
CA GLY H 1869 49.40 58.97 89.38
C GLY H 1869 50.17 59.32 90.64
N LYS H 1870 51.02 60.35 90.56
CA LYS H 1870 51.54 61.10 91.73
C LYS H 1870 50.35 61.89 92.37
N ARG H 1871 49.50 62.49 91.52
CA ARG H 1871 48.24 63.20 91.86
C ARG H 1871 47.16 62.20 92.32
N THR H 1872 46.60 61.41 91.38
CA THR H 1872 45.40 60.54 91.58
C THR H 1872 45.72 59.39 92.54
N GLY H 1873 46.97 58.92 92.60
CA GLY H 1873 47.39 57.71 93.33
C GLY H 1873 47.03 56.41 92.58
N TRP H 1874 46.57 56.54 91.33
CA TRP H 1874 46.17 55.42 90.44
C TRP H 1874 47.34 55.06 89.51
N LEU H 1875 47.97 53.90 89.75
CA LEU H 1875 49.12 53.39 88.97
C LEU H 1875 48.84 53.56 87.47
N VAL H 1876 49.60 54.43 86.81
CA VAL H 1876 49.82 54.43 85.33
C VAL H 1876 51.32 54.64 85.07
N GLU H 1877 51.82 54.09 83.97
CA GLU H 1877 53.25 54.13 83.56
C GLU H 1877 53.34 54.06 82.03
N ILE H 1878 54.45 54.55 81.44
CA ILE H 1878 54.88 54.21 80.06
C ILE H 1878 55.56 52.83 80.13
N VAL H 1879 55.18 51.90 79.25
CA VAL H 1879 55.64 50.49 79.33
C VAL H 1879 56.44 50.11 78.07
N ASN H 1880 55.96 50.45 76.86
CA ASN H 1880 56.71 50.26 75.59
C ASN H 1880 57.08 51.64 75.02
N TYR H 1881 58.37 52.00 75.10
CA TYR H 1881 59.02 53.05 74.28
C TYR H 1881 59.34 52.46 72.91
N ASN H 1882 58.54 52.70 71.87
CA ASN H 1882 58.66 52.03 70.54
C ASN H 1882 59.40 52.88 69.49
N VAL H 1883 58.73 53.87 68.90
CA VAL H 1883 59.26 54.84 67.88
C VAL H 1883 59.42 56.18 68.58
N GLU H 1884 60.38 57.03 68.18
CA GLU H 1884 60.56 58.37 68.79
C GLU H 1884 59.42 59.30 68.36
N ASN H 1885 58.74 59.90 69.33
CA ASN H 1885 57.69 60.94 69.15
C ASN H 1885 56.69 60.49 68.08
N GLN H 1886 56.24 59.23 68.14
CA GLN H 1886 55.39 58.63 67.08
C GLN H 1886 54.66 57.36 67.56
N GLN H 1887 55.24 56.59 68.50
CA GLN H 1887 54.61 55.40 69.13
C GLN H 1887 55.17 55.19 70.53
N TYR H 1888 54.33 55.39 71.55
CA TYR H 1888 54.55 54.90 72.94
C TYR H 1888 53.31 54.11 73.35
N VAL H 1889 53.40 53.42 74.48
CA VAL H 1889 52.31 52.58 75.07
C VAL H 1889 52.34 52.77 76.58
N ALA H 1890 51.26 53.32 77.13
CA ALA H 1890 51.05 53.52 78.58
C ALA H 1890 49.99 52.53 79.07
N ALA H 1891 50.17 52.05 80.31
CA ALA H 1891 49.45 50.90 80.88
C ALA H 1891 49.32 51.04 82.41
N GLY H 1892 48.07 50.95 82.89
CA GLY H 1892 47.76 50.83 84.33
C GLY H 1892 46.26 50.83 84.56
N ASP H 1893 45.82 51.64 85.54
CA ASP H 1893 44.42 51.76 86.03
C ASP H 1893 43.53 52.34 84.90
N LEU H 1894 42.54 51.58 84.41
CA LEU H 1894 41.62 52.00 83.32
C LEU H 1894 41.10 53.43 83.58
N ARG H 1895 40.90 53.79 84.85
CA ARG H 1895 40.53 55.16 85.31
C ARG H 1895 41.64 56.15 84.90
N ALA H 1896 42.87 55.94 85.38
CA ALA H 1896 44.07 56.79 85.15
C ALA H 1896 44.43 56.86 83.66
N LEU H 1897 44.06 55.85 82.86
CA LEU H 1897 44.17 55.86 81.37
C LEU H 1897 43.11 56.80 80.76
N ASP H 1898 41.86 56.75 81.27
CA ASP H 1898 40.72 57.57 80.79
C ASP H 1898 40.97 59.06 81.10
N THR H 1899 41.68 59.38 82.20
CA THR H 1899 42.12 60.77 82.52
C THR H 1899 43.08 61.20 81.41
N VAL H 1900 44.10 60.38 81.11
CA VAL H 1900 45.23 60.70 80.18
C VAL H 1900 44.67 60.93 78.75
N THR H 1901 43.82 60.05 78.22
CA THR H 1901 43.20 60.23 76.87
C THR H 1901 42.34 61.50 76.83
N ASN H 1902 41.82 61.99 77.99
CA ASN H 1902 41.08 63.27 78.13
C ASN H 1902 42.07 64.44 78.26
N VAL H 1903 42.97 64.41 79.26
CA VAL H 1903 44.06 65.41 79.51
C VAL H 1903 44.77 65.76 78.18
N LEU H 1904 45.06 64.75 77.35
CA LEU H 1904 45.71 64.88 76.01
C LEU H 1904 44.73 65.51 75.02
N ASN H 1905 43.48 65.02 74.95
CA ASN H 1905 42.45 65.54 74.00
C ASN H 1905 42.08 66.99 74.35
N PHE H 1906 42.35 67.41 75.60
CA PHE H 1906 42.24 68.81 76.09
C PHE H 1906 43.39 69.64 75.48
N ILE H 1907 44.65 69.23 75.68
CA ILE H 1907 45.90 69.97 75.26
C ILE H 1907 45.93 70.17 73.73
N LYS H 1908 45.39 69.23 72.96
CA LYS H 1908 45.27 69.32 71.48
C LYS H 1908 44.25 70.41 71.11
N LEU H 1909 42.99 70.32 71.61
CA LEU H 1909 41.86 71.24 71.26
C LEU H 1909 42.08 72.61 71.92
N GLN H 1910 42.55 72.63 73.19
CA GLN H 1910 43.03 73.85 73.90
C GLN H 1910 44.22 74.45 73.15
N LYS H 1911 45.05 73.61 72.51
CA LYS H 1911 46.15 73.99 71.57
C LYS H 1911 47.22 74.82 72.31
N ILE H 1912 47.45 74.52 73.60
CA ILE H 1912 48.58 75.11 74.37
C ILE H 1912 49.86 74.34 74.00
N ASP H 1913 50.87 75.07 73.50
CA ASP H 1913 52.25 74.56 73.21
C ASP H 1913 52.99 74.54 74.56
N ILE H 1914 53.27 73.35 75.12
CA ILE H 1914 53.87 73.13 76.48
C ILE H 1914 55.10 74.02 76.69
N ILE H 1915 56.07 74.05 75.74
CA ILE H 1915 57.41 74.72 75.85
C ILE H 1915 57.26 76.25 76.09
N GLU H 1916 56.28 76.88 75.41
CA GLU H 1916 55.88 78.31 75.54
C GLU H 1916 55.49 78.62 77.01
N LEU H 1917 54.94 77.63 77.74
CA LEU H 1917 54.56 77.77 79.18
C LEU H 1917 55.10 76.61 80.04
N GLN H 1918 56.24 76.00 79.68
CA GLN H 1918 56.92 74.91 80.45
C GLN H 1918 57.88 75.61 81.43
N LYS H 1919 58.84 76.36 80.86
CA LYS H 1919 59.84 77.19 81.60
C LYS H 1919 59.81 78.65 81.11
N SER H 1920 59.65 78.87 79.80
CA SER H 1920 59.65 80.19 79.11
C SER H 1920 58.78 81.22 79.88
N LEU H 1921 57.48 80.94 80.06
CA LEU H 1921 56.51 81.79 80.84
C LEU H 1921 56.77 81.54 82.36
N SER H 1922 56.14 80.49 82.93
CA SER H 1922 56.05 80.21 84.39
C SER H 1922 56.79 78.88 84.70
N LEU H 1923 57.67 78.91 85.70
CA LEU H 1923 58.67 77.85 86.05
C LEU H 1923 58.24 77.16 87.37
N GLU H 1924 57.75 75.90 87.29
CA GLU H 1924 57.28 75.02 88.42
C GLU H 1924 55.87 75.43 88.94
N GLU H 1925 55.22 76.42 88.30
CA GLU H 1925 53.80 76.82 88.52
C GLU H 1925 52.88 75.88 87.72
N VAL H 1926 53.34 75.37 86.56
CA VAL H 1926 52.64 74.43 85.63
C VAL H 1926 51.95 73.29 86.40
N GLU H 1927 52.63 72.74 87.42
CA GLU H 1927 52.03 71.70 88.31
C GLU H 1927 50.59 72.12 88.68
N GLY H 1928 50.39 73.39 89.03
CA GLY H 1928 49.06 74.03 89.25
C GLY H 1928 48.15 74.03 88.02
N HIS H 1929 48.64 74.48 86.85
CA HIS H 1929 47.92 74.45 85.53
C HIS H 1929 47.43 73.02 85.20
N LEU H 1930 48.30 72.02 85.43
CA LEU H 1930 48.11 70.59 85.08
C LEU H 1930 47.13 69.94 86.10
N PHE H 1931 47.37 70.14 87.40
CA PHE H 1931 46.53 69.66 88.52
C PHE H 1931 45.08 70.11 88.33
N GLU H 1932 44.85 71.29 87.75
CA GLU H 1932 43.51 71.82 87.36
C GLU H 1932 42.89 70.89 86.29
N ILE H 1933 43.65 70.65 85.21
CA ILE H 1933 43.22 69.93 83.97
C ILE H 1933 42.93 68.45 84.32
N ILE H 1934 43.72 67.91 85.25
CA ILE H 1934 43.57 66.52 85.81
C ILE H 1934 42.23 66.43 86.56
N ASP H 1935 42.08 67.24 87.63
CA ASP H 1935 41.05 67.09 88.70
C ASP H 1935 39.63 67.19 88.13
N GLU H 1936 39.46 67.85 86.98
CA GLU H 1936 38.15 67.95 86.24
C GLU H 1936 37.87 66.67 85.43
N ALA H 1937 38.91 66.03 84.86
CA ALA H 1937 38.84 64.76 84.06
C ALA H 1937 39.10 63.54 84.96
N SER H 1938 39.92 63.69 86.02
CA SER H 1938 40.21 62.69 87.09
C SER H 1938 38.90 62.21 87.74
N LYS H 1939 38.10 63.15 88.28
CA LYS H 1939 36.86 62.87 89.08
C LYS H 1939 35.61 62.99 88.19
N LYS H 1940 35.81 62.97 86.87
CA LYS H 1940 34.79 62.69 85.83
C LYS H 1940 34.82 61.18 85.50
N SER H 1941 36.02 60.56 85.51
CA SER H 1941 36.29 59.12 85.26
C SER H 1941 36.48 58.31 86.57
N ALA H 1942 36.07 58.85 87.73
CA ALA H 1942 35.96 58.11 89.03
C ALA H 1942 34.47 57.91 89.38
N VAL H 1943 33.60 57.81 88.36
CA VAL H 1943 32.12 57.57 88.49
C VAL H 1943 31.59 56.98 87.17
N LYS H 1944 31.79 55.68 86.96
CA LYS H 1944 31.41 54.96 85.71
C LYS H 1944 31.23 53.47 86.00
N PRO H 1945 30.56 52.70 85.10
CA PRO H 1945 30.42 51.25 85.26
C PRO H 1945 31.78 50.55 85.47
N ARG H 1946 32.07 50.20 86.73
CA ARG H 1946 33.37 49.75 87.34
C ARG H 1946 34.41 49.41 86.26
N PRO H 1947 34.32 48.30 85.49
CA PRO H 1947 35.29 48.04 84.40
C PRO H 1947 34.87 48.85 83.16
N LEU H 1948 35.35 50.10 83.11
CA LEU H 1948 34.78 51.22 82.30
C LEU H 1948 35.23 51.10 80.84
N LYS H 1949 34.28 51.29 79.92
CA LYS H 1949 34.48 51.27 78.44
C LYS H 1949 35.40 52.44 78.05
N LEU H 1950 36.68 52.14 77.84
CA LEU H 1950 37.75 53.13 77.57
C LEU H 1950 37.69 53.54 76.09
N GLU H 1951 37.38 54.82 75.84
CA GLU H 1951 37.14 55.39 74.49
C GLU H 1951 38.47 55.97 73.97
N ARG H 1952 38.58 56.06 72.66
CA ARG H 1952 39.78 56.53 71.90
C ARG H 1952 39.84 58.06 71.89
N GLY H 1953 40.80 58.62 71.16
CA GLY H 1953 41.05 60.07 71.03
C GLY H 1953 42.24 60.35 70.13
N PHE H 1954 42.36 61.59 69.63
CA PHE H 1954 43.30 62.01 68.54
C PHE H 1954 44.74 61.54 68.85
N ALA H 1955 45.20 61.72 70.10
CA ALA H 1955 46.50 61.23 70.59
C ALA H 1955 46.45 59.70 70.80
N CYS H 1956 45.56 59.20 71.67
CA CYS H 1956 45.57 57.83 72.24
C CYS H 1956 44.55 56.89 71.55
N ILE H 1957 45.00 55.69 71.17
CA ILE H 1957 44.13 54.53 70.77
C ILE H 1957 44.24 53.49 71.89
N PRO H 1958 43.13 52.81 72.29
CA PRO H 1958 43.20 51.71 73.25
C PRO H 1958 43.49 50.36 72.56
N LEU H 1959 44.44 49.60 73.11
CA LEU H 1959 44.79 48.23 72.65
C LEU H 1959 43.68 47.27 73.14
N VAL H 1960 42.99 46.62 72.21
CA VAL H 1960 41.76 45.81 72.50
C VAL H 1960 42.16 44.43 73.04
N GLY H 1961 41.39 43.94 74.01
CA GLY H 1961 41.57 42.64 74.67
C GLY H 1961 42.86 42.54 75.49
N ILE H 1962 43.45 43.67 75.90
CA ILE H 1962 44.65 43.68 76.80
C ILE H 1962 44.20 44.16 78.18
N SER H 1963 44.09 43.21 79.11
CA SER H 1963 43.44 43.36 80.43
C SER H 1963 44.48 43.38 81.56
N VAL H 1964 45.76 43.20 81.24
CA VAL H 1964 46.85 43.21 82.26
C VAL H 1964 47.83 44.31 81.88
N PRO H 1965 48.42 45.02 82.87
CA PRO H 1965 49.47 46.00 82.59
C PRO H 1965 50.89 45.43 82.75
N PHE H 1966 51.38 44.73 81.72
CA PHE H 1966 52.73 44.09 81.74
C PHE H 1966 53.78 45.14 81.35
N HIS H 1967 55.02 44.88 81.74
CA HIS H 1967 56.18 45.77 81.53
C HIS H 1967 56.02 47.00 82.44
N SER H 1968 55.36 46.83 83.59
CA SER H 1968 55.08 47.89 84.61
C SER H 1968 55.52 47.40 85.98
N THR H 1969 55.46 48.25 87.00
CA THR H 1969 55.89 47.90 88.38
C THR H 1969 54.78 47.10 89.05
N TYR H 1970 53.55 47.14 88.49
CA TYR H 1970 52.36 46.48 89.07
C TYR H 1970 52.69 45.04 89.45
N LEU H 1971 53.37 44.32 88.55
CA LEU H 1971 53.67 42.87 88.69
C LEU H 1971 55.18 42.65 88.81
N MET H 1972 55.84 43.54 89.55
CA MET H 1972 57.12 43.31 90.29
C MET H 1972 56.83 42.34 91.44
N ASN H 1973 55.56 42.30 91.87
CA ASN H 1973 55.10 41.43 92.98
C ASN H 1973 55.13 39.97 92.50
N GLY H 1974 54.63 39.69 91.30
CA GLY H 1974 54.67 38.33 90.67
C GLY H 1974 55.92 38.12 89.84
N VAL H 1975 57.09 37.98 90.49
CA VAL H 1975 58.43 37.86 89.82
C VAL H 1975 59.28 36.74 90.48
N LYS H 1976 59.57 36.86 91.78
CA LYS H 1976 60.23 35.84 92.66
C LYS H 1976 59.78 34.41 92.34
N PRO H 1977 58.47 34.16 92.06
CA PRO H 1977 58.00 32.88 91.51
C PRO H 1977 58.65 32.49 90.18
N PHE H 1978 58.54 33.41 89.21
CA PHE H 1978 58.91 33.26 87.77
C PHE H 1978 60.43 33.12 87.67
N LYS H 1979 61.18 33.91 88.44
CA LYS H 1979 62.66 33.86 88.50
C LYS H 1979 63.14 32.48 88.98
N SER H 1980 62.53 31.93 90.05
CA SER H 1980 62.84 30.57 90.57
C SER H 1980 62.30 29.49 89.61
N PHE H 1981 61.30 29.79 88.79
CA PHE H 1981 60.76 28.87 87.76
C PHE H 1981 61.73 28.74 86.58
N LEU H 1982 62.24 29.86 86.09
CA LEU H 1982 63.27 29.91 84.99
C LEU H 1982 64.50 29.10 85.40
N LYS H 1983 64.98 29.21 86.64
CA LYS H 1983 66.22 28.54 87.12
C LYS H 1983 66.05 27.00 87.12
N LYS H 1984 64.90 26.47 86.70
CA LYS H 1984 64.67 25.01 86.48
C LYS H 1984 64.72 24.68 84.99
N ASN H 1985 64.17 25.54 84.13
CA ASN H 1985 64.03 25.30 82.66
C ASN H 1985 65.25 25.86 81.89
N ILE H 1986 65.92 26.89 82.43
CA ILE H 1986 67.21 27.45 81.91
C ILE H 1986 68.34 26.98 82.83
N ILE H 1987 69.21 26.11 82.32
CA ILE H 1987 70.29 25.40 83.06
C ILE H 1987 71.61 26.14 82.81
N LYS H 1988 72.56 26.07 83.74
CA LYS H 1988 73.89 26.76 83.62
C LYS H 1988 74.67 26.20 82.42
N GLU H 1989 74.68 24.87 82.25
CA GLU H 1989 75.43 24.11 81.21
C GLU H 1989 75.02 24.54 79.79
N ASN H 1990 73.76 24.92 79.58
CA ASN H 1990 73.19 25.24 78.24
C ASN H 1990 73.33 26.74 77.94
N VAL H 1991 74.18 27.50 78.64
CA VAL H 1991 74.43 28.94 78.35
C VAL H 1991 75.85 29.09 77.78
N LYS H 1992 75.92 29.32 76.47
CA LYS H 1992 77.16 29.64 75.71
C LYS H 1992 77.32 31.15 75.71
N VAL H 1993 78.25 31.66 76.52
CA VAL H 1993 78.51 33.12 76.69
C VAL H 1993 78.79 33.75 75.31
N ALA H 1994 79.64 33.09 74.51
CA ALA H 1994 80.07 33.50 73.16
C ALA H 1994 78.88 33.84 72.26
N ARG H 1995 77.76 33.12 72.40
CA ARG H 1995 76.59 33.24 71.51
C ARG H 1995 75.68 34.38 71.98
N LEU H 1996 75.98 34.99 73.13
CA LEU H 1996 75.21 36.14 73.70
C LEU H 1996 76.04 37.42 73.59
N ALA H 1997 77.22 37.44 74.22
CA ALA H 1997 78.02 38.66 74.50
C ALA H 1997 78.23 39.44 73.20
N GLY H 1998 77.79 40.69 73.19
CA GLY H 1998 77.91 41.63 72.05
C GLY H 1998 76.71 41.57 71.14
N LYS H 1999 75.92 40.50 71.20
CA LYS H 1999 74.95 40.13 70.13
C LYS H 1999 73.52 40.28 70.62
N TYR H 2000 73.26 39.91 71.88
CA TYR H 2000 71.90 39.95 72.50
C TYR H 2000 71.69 41.35 73.08
N ILE H 2001 70.65 42.05 72.63
CA ILE H 2001 70.20 43.37 73.18
C ILE H 2001 68.95 43.13 74.00
N PRO H 2002 69.05 43.02 75.35
CA PRO H 2002 67.87 42.93 76.21
C PRO H 2002 66.80 44.01 76.01
N ASN H 2003 65.64 43.82 76.63
CA ASN H 2003 64.52 44.79 76.63
C ASN H 2003 64.65 45.69 77.86
N LEU H 2004 65.06 45.12 79.01
CA LEU H 2004 65.36 45.83 80.28
C LEU H 2004 66.35 46.97 80.03
N THR H 2005 67.53 46.62 79.52
CA THR H 2005 68.76 47.46 79.52
C THR H 2005 69.29 47.56 78.08
N ALA H 2006 68.72 48.42 77.23
CA ALA H 2006 68.92 48.31 75.76
C ALA H 2006 70.40 48.54 75.39
N LYS H 2007 71.25 47.63 75.85
CA LYS H 2007 72.73 47.67 75.84
C LYS H 2007 73.23 46.26 75.52
N PRO H 2008 73.98 46.06 74.41
CA PRO H 2008 74.44 44.72 74.04
C PRO H 2008 74.98 44.00 75.27
N PHE H 2009 74.37 42.84 75.57
CA PHE H 2009 74.70 41.92 76.70
C PHE H 2009 76.22 41.87 76.83
N GLN H 2010 76.75 42.13 78.02
CA GLN H 2010 78.15 41.79 78.40
C GLN H 2010 78.14 41.20 79.80
N VAL H 2011 79.23 40.55 80.20
CA VAL H 2011 79.41 39.99 81.58
C VAL H 2011 80.63 40.70 82.17
N THR H 2012 80.37 41.92 82.67
CA THR H 2012 81.33 42.82 83.36
C THR H 2012 80.62 43.46 84.55
N LYS H 2013 81.38 43.94 85.54
CA LYS H 2013 80.87 44.68 86.73
C LYS H 2013 79.98 45.85 86.29
N GLU H 2014 80.44 46.64 85.31
CA GLU H 2014 79.72 47.78 84.70
C GLU H 2014 78.27 47.42 84.37
N TYR H 2015 78.06 46.26 83.74
CA TYR H 2015 76.76 45.85 83.16
C TYR H 2015 75.83 45.37 84.28
N PHE H 2016 76.35 44.57 85.22
CA PHE H 2016 75.61 44.14 86.44
C PHE H 2016 75.14 45.37 87.21
N GLN H 2017 76.03 46.37 87.36
CA GLN H 2017 75.78 47.64 88.11
C GLN H 2017 74.59 48.35 87.46
N ASP H 2018 74.59 48.48 86.12
CA ASP H 2018 73.52 49.14 85.34
C ASP H 2018 72.20 48.35 85.45
N VAL H 2019 72.27 47.03 85.64
CA VAL H 2019 71.05 46.17 85.86
C VAL H 2019 70.52 46.47 87.27
N TYR H 2020 71.38 46.35 88.29
CA TYR H 2020 71.04 46.60 89.71
C TYR H 2020 70.31 47.95 89.88
N ASP H 2021 70.77 48.98 89.17
CA ASP H 2021 70.20 50.36 89.20
C ASP H 2021 68.75 50.38 88.66
N LEU H 2022 68.32 49.37 87.89
CA LEU H 2022 66.96 49.28 87.27
C LEU H 2022 66.18 48.07 87.79
N THR H 2023 66.54 47.56 88.99
CA THR H 2023 66.06 46.26 89.50
C THR H 2023 66.08 46.23 91.03
N GLY H 2024 67.27 46.39 91.63
CA GLY H 2024 67.48 46.29 93.09
C GLY H 2024 67.33 44.84 93.54
N SER H 2025 68.03 43.92 92.87
CA SER H 2025 68.06 42.46 93.17
C SER H 2025 69.31 42.15 94.01
N GLU H 2026 69.17 41.25 94.99
CA GLU H 2026 70.23 40.87 95.96
C GLU H 2026 71.24 39.92 95.30
N PRO H 2027 70.79 38.85 94.57
CA PRO H 2027 71.71 37.95 93.86
C PRO H 2027 72.69 38.69 92.93
N ILE H 2028 72.27 39.83 92.38
CA ILE H 2028 73.10 40.72 91.52
C ILE H 2028 74.03 41.55 92.41
N LYS H 2029 73.50 42.17 93.46
CA LYS H 2029 74.30 43.12 94.30
C LYS H 2029 75.43 42.36 94.98
N GLU H 2030 75.16 41.13 95.45
CA GLU H 2030 76.17 40.31 96.19
C GLU H 2030 77.34 39.96 95.25
N ILE H 2031 77.10 39.89 93.92
CA ILE H 2031 78.15 39.66 92.88
C ILE H 2031 79.04 40.91 92.74
N ILE H 2032 78.44 42.10 92.66
CA ILE H 2032 79.14 43.42 92.56
C ILE H 2032 80.04 43.59 93.81
N ASP H 2033 79.52 43.19 94.99
CA ASP H 2033 80.18 43.32 96.33
C ASP H 2033 81.50 42.51 96.33
N ASN H 2034 81.44 41.21 96.00
CA ASN H 2034 82.65 40.33 95.88
C ASN H 2034 82.84 39.97 94.40
N TRP H 2035 83.14 41.00 93.58
CA TRP H 2035 83.61 40.86 92.16
C TRP H 2035 84.98 40.14 92.08
N GLU H 2036 85.66 39.86 93.22
CA GLU H 2036 86.87 38.98 93.31
C GLU H 2036 86.45 37.51 93.54
N LYS H 2037 85.60 37.01 92.64
CA LYS H 2037 85.53 35.59 92.16
C LYS H 2037 86.15 35.51 90.75
N TYR H 2038 86.61 36.64 90.21
CA TYR H 2038 87.58 36.77 89.08
C TYR H 2038 88.76 35.77 89.30
N GLU H 2039 89.30 35.70 90.53
CA GLU H 2039 90.24 34.63 91.00
C GLU H 2039 89.44 33.34 91.25
N GLN H 2040 89.40 32.44 90.26
CA GLN H 2040 88.51 31.22 90.17
C GLN H 2040 87.11 31.54 90.75
N SER I 1 107.51 69.33 -39.50
CA SER I 1 106.89 68.02 -39.04
C SER I 1 105.50 68.27 -38.40
N THR I 2 104.52 67.42 -38.73
CA THR I 2 103.08 67.55 -38.37
C THR I 2 102.66 66.37 -37.47
N ARG I 3 101.79 66.64 -36.50
CA ARG I 3 101.28 65.67 -35.50
C ARG I 3 99.81 65.37 -35.81
N PRO I 4 99.43 64.13 -36.18
CA PRO I 4 98.03 63.72 -36.35
C PRO I 4 97.06 64.07 -35.21
N LEU I 5 96.11 64.97 -35.49
CA LEU I 5 95.04 65.42 -34.56
C LEU I 5 93.67 65.00 -35.11
N THR I 6 93.11 63.92 -34.58
CA THR I 6 91.85 63.28 -35.08
C THR I 6 90.65 64.05 -34.52
N LEU I 7 90.15 65.03 -35.29
CA LEU I 7 88.78 65.60 -35.14
C LEU I 7 87.80 64.45 -35.38
N SER I 8 86.95 64.16 -34.39
CA SER I 8 86.08 62.96 -34.36
C SER I 8 84.72 63.30 -33.77
N HIS I 9 83.70 62.54 -34.16
CA HIS I 9 82.34 62.58 -33.55
C HIS I 9 81.72 61.20 -33.71
N GLY I 10 81.66 60.44 -32.60
CA GLY I 10 81.38 58.99 -32.58
C GLY I 10 81.95 58.28 -33.80
N SER I 11 81.08 57.62 -34.57
CA SER I 11 81.42 56.75 -35.73
C SER I 11 82.53 57.36 -36.58
N LEU I 12 82.24 58.50 -37.23
CA LEU I 12 83.07 59.14 -38.30
C LEU I 12 84.05 60.15 -37.70
N GLU I 13 85.07 60.52 -38.48
CA GLU I 13 86.20 61.40 -38.03
C GLU I 13 87.01 61.90 -39.23
N HIS I 14 87.93 62.84 -38.98
CA HIS I 14 88.86 63.44 -39.97
C HIS I 14 90.22 63.70 -39.32
N VAL I 15 91.29 63.23 -39.97
CA VAL I 15 92.69 63.28 -39.45
C VAL I 15 93.33 64.58 -39.94
N LEU I 16 93.56 65.52 -39.04
CA LEU I 16 94.09 66.87 -39.36
C LEU I 16 95.60 66.89 -39.09
N LEU I 17 96.42 67.25 -40.09
CA LEU I 17 97.91 67.22 -39.99
C LEU I 17 98.42 68.60 -39.53
N VAL I 18 98.44 68.80 -38.20
CA VAL I 18 98.79 70.08 -37.51
C VAL I 18 100.30 70.21 -37.48
N PRO I 19 100.92 71.33 -37.97
CA PRO I 19 102.34 71.61 -37.68
C PRO I 19 102.60 71.66 -36.16
N THR I 20 103.65 70.94 -35.70
CA THR I 20 104.00 70.65 -34.28
C THR I 20 104.36 71.98 -33.56
N ALA I 21 104.84 73.01 -34.29
CA ALA I 21 105.10 74.40 -33.80
C ALA I 21 103.84 75.05 -33.21
N SER I 22 102.64 74.59 -33.61
CA SER I 22 101.31 75.10 -33.20
C SER I 22 100.37 73.93 -32.83
N PHE I 23 100.90 72.85 -32.25
CA PHE I 23 100.06 71.71 -31.76
C PHE I 23 99.49 72.05 -30.37
N PHE I 24 100.24 72.80 -29.54
CA PHE I 24 99.80 73.30 -28.20
C PHE I 24 98.41 73.94 -28.30
N ILE I 25 98.26 74.85 -29.26
CA ILE I 25 97.05 75.70 -29.44
C ILE I 25 95.93 74.83 -30.04
N ALA I 26 96.23 73.96 -31.01
CA ALA I 26 95.24 73.13 -31.75
C ALA I 26 94.65 72.03 -30.84
N SER I 27 95.45 71.48 -29.93
CA SER I 27 95.05 70.43 -28.94
C SER I 27 94.07 71.03 -27.91
N GLN I 28 94.35 72.27 -27.48
CA GLN I 28 93.46 73.16 -26.68
C GLN I 28 92.07 73.18 -27.34
N LEU I 29 92.01 73.49 -28.65
CA LEU I 29 90.77 73.69 -29.45
C LEU I 29 90.08 72.34 -29.73
N GLN I 30 90.85 71.25 -29.90
CA GLN I 30 90.35 69.85 -30.01
C GLN I 30 89.49 69.56 -28.76
N GLU I 31 90.02 69.88 -27.57
CA GLU I 31 89.36 69.68 -26.25
C GLU I 31 88.01 70.42 -26.27
N GLN I 32 88.06 71.77 -26.27
CA GLN I 32 86.89 72.68 -26.08
C GLN I 32 85.77 72.27 -27.03
N PHE I 33 86.10 72.09 -28.32
CA PHE I 33 85.17 71.70 -29.41
C PHE I 33 84.48 70.36 -29.05
N ASN I 34 85.24 69.40 -28.51
CA ASN I 34 84.85 67.96 -28.42
C ASN I 34 83.70 67.77 -27.41
N LYS I 35 83.54 68.68 -26.44
CA LYS I 35 82.48 68.60 -25.39
C LYS I 35 81.18 69.26 -25.91
N ILE I 36 81.30 70.40 -26.62
CA ILE I 36 80.18 71.35 -26.91
C ILE I 36 79.20 70.72 -27.90
N LEU I 37 79.69 70.02 -28.93
CA LEU I 37 78.82 69.26 -29.85
C LEU I 37 78.18 68.09 -29.09
N PRO I 38 77.00 67.58 -29.52
CA PRO I 38 76.31 66.51 -28.80
C PRO I 38 76.95 65.11 -28.96
N GLU I 39 76.20 64.08 -28.55
CA GLU I 39 76.58 62.65 -28.65
C GLU I 39 75.90 62.05 -29.87
N PRO I 40 76.53 61.05 -30.54
CA PRO I 40 75.94 60.36 -31.68
C PRO I 40 74.52 59.81 -31.42
N THR I 41 73.70 59.75 -32.48
CA THR I 41 72.30 59.23 -32.47
C THR I 41 72.06 58.39 -33.74
N GLU I 42 72.78 57.26 -33.86
CA GLU I 42 72.55 56.13 -34.84
C GLU I 42 72.10 56.67 -36.21
N GLY I 43 73.07 57.04 -37.06
CA GLY I 43 72.86 57.60 -38.41
C GLY I 43 72.88 59.12 -38.44
N PHE I 44 73.00 59.77 -37.27
CA PHE I 44 73.20 61.25 -37.08
C PHE I 44 71.95 62.02 -37.51
N ALA I 45 70.79 61.56 -37.04
CA ALA I 45 69.44 62.03 -37.43
C ALA I 45 69.00 63.27 -36.62
N ALA I 46 69.81 63.76 -35.67
CA ALA I 46 69.54 64.98 -34.86
C ALA I 46 70.04 66.22 -35.61
N ASP I 47 69.76 67.42 -35.07
CA ASP I 47 69.93 68.74 -35.76
C ASP I 47 71.04 69.60 -35.11
N ASP I 48 72.05 68.99 -34.47
CA ASP I 48 73.33 69.70 -34.10
C ASP I 48 74.56 68.82 -34.40
N GLU I 49 74.39 67.62 -34.97
CA GLU I 49 75.48 66.61 -35.14
C GLU I 49 75.79 66.47 -36.63
N PRO I 50 77.07 66.62 -37.05
CA PRO I 50 77.44 66.49 -38.46
C PRO I 50 77.42 65.03 -38.94
N THR I 51 76.84 64.80 -40.13
CA THR I 51 76.54 63.46 -40.73
C THR I 51 77.63 63.05 -41.73
N THR I 52 78.66 63.87 -41.93
CA THR I 52 79.81 63.56 -42.83
C THR I 52 81.10 64.13 -42.25
N PRO I 53 82.28 63.60 -42.68
CA PRO I 53 83.57 64.21 -42.36
C PRO I 53 83.63 65.71 -42.68
N ALA I 54 83.03 66.09 -43.81
CA ALA I 54 83.04 67.47 -44.37
C ALA I 54 82.33 68.44 -43.42
N GLU I 55 81.11 68.12 -42.98
CA GLU I 55 80.33 68.94 -42.02
C GLU I 55 81.11 69.08 -40.71
N LEU I 56 81.74 67.99 -40.24
CA LEU I 56 82.54 67.94 -38.99
C LEU I 56 83.62 69.02 -39.00
N VAL I 57 84.39 69.12 -40.08
CA VAL I 57 85.45 70.16 -40.23
C VAL I 57 84.76 71.51 -40.47
N GLY I 58 83.56 71.52 -41.04
CA GLY I 58 82.67 72.70 -41.08
C GLY I 58 82.40 73.23 -39.67
N LYS I 59 81.69 72.45 -38.84
CA LYS I 59 81.40 72.76 -37.41
C LYS I 59 82.66 73.35 -36.78
N PHE I 60 83.82 72.71 -36.99
CA PHE I 60 85.11 73.08 -36.37
C PHE I 60 85.46 74.52 -36.74
N LEU I 61 85.55 74.85 -38.04
CA LEU I 61 85.91 76.20 -38.54
C LEU I 61 84.95 77.24 -37.92
N GLY I 62 83.66 76.92 -37.87
CA GLY I 62 82.64 77.75 -37.20
C GLY I 62 83.09 78.14 -35.81
N TYR I 63 83.33 77.13 -34.96
CA TYR I 63 83.78 77.30 -33.55
C TYR I 63 85.01 78.23 -33.51
N VAL I 64 86.01 77.94 -34.34
CA VAL I 64 87.33 78.63 -34.33
C VAL I 64 87.16 80.09 -34.78
N SER I 65 86.26 80.35 -35.74
CA SER I 65 85.94 81.71 -36.27
C SER I 65 85.33 82.59 -35.17
N SER I 66 84.48 82.02 -34.32
CA SER I 66 83.80 82.72 -33.18
C SER I 66 84.85 83.23 -32.17
N LEU I 67 85.99 82.55 -32.03
CA LEU I 67 87.05 82.89 -31.04
C LEU I 67 88.06 83.91 -31.60
N VAL I 68 88.02 84.21 -32.91
CA VAL I 68 88.96 85.17 -33.55
C VAL I 68 88.36 86.58 -33.47
N GLU I 69 89.19 87.55 -33.02
CA GLU I 69 88.99 89.02 -33.23
C GLU I 69 89.31 89.34 -34.70
N PRO I 70 88.43 90.11 -35.41
CA PRO I 70 88.65 90.41 -36.85
C PRO I 70 89.72 91.48 -37.18
N SER I 71 90.27 92.19 -36.18
CA SER I 71 91.40 93.14 -36.31
C SER I 71 92.64 92.61 -35.57
N LYS I 72 92.51 92.34 -34.26
CA LYS I 72 93.59 91.86 -33.32
C LYS I 72 94.16 90.52 -33.80
N VAL I 73 95.48 90.45 -34.04
CA VAL I 73 96.20 89.21 -34.47
C VAL I 73 96.29 88.27 -33.24
N GLY I 74 95.20 87.54 -32.98
CA GLY I 74 95.03 86.68 -31.79
C GLY I 74 95.83 85.38 -31.90
N GLN I 75 95.70 84.54 -30.87
CA GLN I 75 96.48 83.28 -30.68
C GLN I 75 96.04 82.23 -31.73
N PHE I 76 94.76 82.23 -32.17
CA PHE I 76 94.14 81.12 -32.95
C PHE I 76 94.04 81.43 -34.46
N ASP I 77 94.91 82.30 -35.02
CA ASP I 77 94.86 82.73 -36.45
C ASP I 77 95.51 81.66 -37.35
N GLN I 78 96.77 81.29 -37.06
CA GLN I 78 97.60 80.32 -37.85
C GLN I 78 96.98 78.92 -37.80
N VAL I 79 96.11 78.65 -36.81
CA VAL I 79 95.30 77.40 -36.72
C VAL I 79 94.24 77.45 -37.81
N LEU I 80 93.50 78.56 -37.88
CA LEU I 80 92.33 78.72 -38.78
C LEU I 80 92.83 78.60 -40.23
N ASN I 81 93.85 79.41 -40.60
CA ASN I 81 94.46 79.40 -41.95
C ASN I 81 94.82 77.98 -42.40
N LEU I 82 95.18 77.06 -41.48
CA LEU I 82 95.63 75.67 -41.80
C LEU I 82 94.51 74.63 -41.61
N CYS I 83 93.36 75.00 -41.05
CA CYS I 83 92.13 74.17 -41.02
C CYS I 83 91.33 74.38 -42.32
N LEU I 84 91.36 75.61 -42.88
CA LEU I 84 90.79 75.96 -44.21
C LEU I 84 91.50 75.15 -45.29
N THR I 85 92.82 75.29 -45.35
CA THR I 85 93.69 74.73 -46.42
C THR I 85 93.61 73.20 -46.38
N GLU I 86 93.29 72.60 -45.22
CA GLU I 86 92.91 71.16 -45.15
C GLU I 86 91.53 70.99 -45.80
N PHE I 87 90.55 71.81 -45.41
CA PHE I 87 89.14 71.75 -45.87
C PHE I 87 89.06 71.93 -47.40
N GLU I 88 89.80 72.93 -47.93
CA GLU I 88 89.90 73.29 -49.38
C GLU I 88 90.47 72.11 -50.18
N ASN I 89 91.59 71.52 -49.74
CA ASN I 89 92.36 70.53 -50.55
C ASN I 89 91.76 69.12 -50.44
N CYS I 90 90.87 68.87 -49.46
CA CYS I 90 90.27 67.54 -49.23
C CYS I 90 88.88 67.43 -49.88
N TYR I 91 88.00 68.41 -49.59
CA TYR I 91 86.52 68.34 -49.81
C TYR I 91 86.06 69.31 -50.92
N LEU I 92 86.94 70.21 -51.35
CA LEU I 92 86.60 71.43 -52.12
C LEU I 92 87.58 71.57 -53.30
N GLU I 93 87.70 70.50 -54.08
CA GLU I 93 88.76 70.27 -55.11
C GLU I 93 88.68 71.36 -56.19
N GLY I 94 89.11 72.59 -55.85
CA GLY I 94 89.02 73.79 -56.72
C GLY I 94 87.61 74.36 -56.82
N ASN I 95 86.60 73.50 -56.65
CA ASN I 95 85.14 73.81 -56.80
C ASN I 95 84.73 74.77 -55.69
N ASP I 96 83.51 75.32 -55.77
CA ASP I 96 82.97 76.28 -54.76
C ASP I 96 82.18 75.50 -53.71
N ILE I 97 82.08 76.10 -52.52
CA ILE I 97 81.40 75.53 -51.32
C ILE I 97 79.97 75.10 -51.67
N HIS I 98 79.29 75.84 -52.54
CA HIS I 98 77.90 75.54 -52.95
C HIS I 98 77.82 74.22 -53.70
N ALA I 99 78.83 73.90 -54.52
CA ALA I 99 78.89 72.62 -55.27
C ALA I 99 78.98 71.46 -54.28
N LEU I 100 79.88 71.59 -53.30
CA LEU I 100 80.06 70.61 -52.19
C LEU I 100 78.69 70.36 -51.54
N ALA I 101 78.05 71.43 -51.07
CA ALA I 101 76.75 71.41 -50.36
C ALA I 101 75.71 70.60 -51.14
N ALA I 102 75.69 70.70 -52.47
CA ALA I 102 74.76 69.97 -53.37
C ALA I 102 75.08 68.47 -53.34
N LYS I 103 76.32 68.08 -53.61
CA LYS I 103 76.79 66.68 -53.55
C LYS I 103 76.22 66.03 -52.28
N LEU I 104 76.38 66.70 -51.14
CA LEU I 104 76.00 66.20 -49.78
C LEU I 104 74.49 65.97 -49.68
N LEU I 105 73.65 66.73 -50.41
CA LEU I 105 72.18 66.54 -50.37
C LEU I 105 71.78 65.21 -51.06
N GLN I 106 72.30 64.93 -52.25
CA GLN I 106 71.86 63.79 -53.11
C GLN I 106 72.63 62.52 -52.74
N GLU I 107 73.95 62.57 -52.60
CA GLU I 107 74.81 61.38 -52.26
C GLU I 107 74.48 60.89 -50.84
N ASN I 108 74.73 61.73 -49.83
CA ASN I 108 74.50 61.39 -48.39
C ASN I 108 73.02 61.62 -48.05
N ASP I 109 72.67 61.64 -46.75
CA ASP I 109 71.35 62.08 -46.23
C ASP I 109 71.59 63.17 -45.16
N THR I 110 71.89 64.38 -45.65
CA THR I 110 71.91 65.64 -44.86
C THR I 110 70.66 66.44 -45.28
N THR I 111 70.14 67.24 -44.34
CA THR I 111 69.01 68.18 -44.56
C THR I 111 69.55 69.49 -45.14
N LEU I 112 68.66 70.36 -45.63
CA LEU I 112 69.00 71.73 -46.11
C LEU I 112 69.69 72.50 -44.97
N VAL I 113 69.01 72.60 -43.82
CA VAL I 113 69.41 73.41 -42.62
C VAL I 113 70.84 73.06 -42.21
N LYS I 114 71.19 71.76 -42.29
CA LYS I 114 72.48 71.17 -41.90
C LYS I 114 73.60 71.72 -42.79
N THR I 115 73.34 71.87 -44.10
CA THR I 115 74.37 72.20 -45.12
C THR I 115 74.45 73.72 -45.34
N LYS I 116 73.39 74.48 -45.03
CA LYS I 116 73.45 75.97 -44.93
C LYS I 116 74.43 76.34 -43.80
N GLU I 117 74.37 75.59 -42.70
CA GLU I 117 75.29 75.68 -41.55
C GLU I 117 76.74 75.56 -42.10
N LEU I 118 77.02 74.46 -42.81
CA LEU I 118 78.35 74.19 -43.45
C LEU I 118 78.77 75.39 -44.30
N ILE I 119 77.86 75.88 -45.14
CA ILE I 119 78.08 77.05 -46.04
C ILE I 119 78.47 78.25 -45.18
N LYS I 120 77.69 78.57 -44.15
CA LYS I 120 77.96 79.73 -43.25
C LYS I 120 79.39 79.58 -42.71
N ASN I 121 79.68 78.40 -42.14
CA ASN I 121 80.93 78.13 -41.39
C ASN I 121 82.11 78.48 -42.31
N TYR I 122 82.13 77.93 -43.54
CA TYR I 122 83.20 78.17 -44.54
C TYR I 122 83.33 79.66 -44.86
N ILE I 123 82.22 80.33 -45.18
CA ILE I 123 82.22 81.72 -45.72
C ILE I 123 82.59 82.68 -44.59
N THR I 124 82.06 82.45 -43.38
CA THR I 124 82.38 83.22 -42.15
C THR I 124 83.90 83.15 -42.00
N ALA I 125 84.43 81.92 -41.92
CA ALA I 125 85.85 81.60 -41.72
C ALA I 125 86.71 82.48 -42.63
N ARG I 126 86.55 82.33 -43.95
CA ARG I 126 87.36 82.98 -45.01
C ARG I 126 87.58 84.48 -44.74
N ILE I 127 86.59 85.18 -44.17
CA ILE I 127 86.67 86.65 -43.93
C ILE I 127 87.40 86.92 -42.60
N MET I 128 87.19 86.07 -41.59
CA MET I 128 87.87 86.11 -40.26
C MET I 128 89.36 85.72 -40.41
N ALA I 129 89.72 84.94 -41.43
CA ALA I 129 91.11 84.55 -41.75
C ALA I 129 91.83 85.63 -42.58
N LYS I 130 91.19 86.77 -42.87
CA LYS I 130 91.68 87.84 -43.77
C LYS I 130 92.11 87.25 -45.12
N ARG I 131 91.32 86.28 -45.63
CA ARG I 131 91.47 85.66 -46.99
C ARG I 131 90.17 85.88 -47.76
N PRO I 132 89.91 87.12 -48.23
CA PRO I 132 88.62 87.47 -48.83
C PRO I 132 88.49 86.84 -50.21
N PHE I 133 87.33 86.99 -50.84
CA PHE I 133 87.05 86.53 -52.22
C PHE I 133 87.40 87.68 -53.19
N ASP I 134 88.65 87.70 -53.65
CA ASP I 134 89.17 88.69 -54.65
C ASP I 134 89.55 87.99 -55.97
N LYS I 135 89.77 86.67 -55.96
CA LYS I 135 90.02 85.85 -57.17
C LYS I 135 88.75 85.82 -58.02
N LYS I 136 88.87 86.16 -59.31
CA LYS I 136 87.84 85.84 -60.34
C LYS I 136 87.72 84.32 -60.39
N SER I 137 86.71 83.76 -59.72
CA SER I 137 86.43 82.29 -59.72
C SER I 137 86.22 81.83 -61.16
N ASN I 138 86.73 80.65 -61.48
CA ASN I 138 86.60 80.01 -62.82
C ASN I 138 85.25 79.29 -62.87
N SER I 139 84.14 80.02 -62.67
CA SER I 139 82.76 79.50 -62.81
C SER I 139 82.55 79.18 -64.29
N ALA I 140 82.10 77.96 -64.59
CA ALA I 140 81.86 77.46 -65.97
C ALA I 140 81.05 78.48 -66.75
N LEU I 141 79.88 78.81 -66.19
CA LEU I 141 78.84 79.67 -66.81
C LEU I 141 79.45 81.01 -67.26
N PHE I 142 80.49 81.50 -66.58
CA PHE I 142 81.09 82.83 -66.84
C PHE I 142 82.32 82.69 -67.75
N ARG I 143 83.03 81.57 -67.69
CA ARG I 143 84.07 81.24 -68.72
C ARG I 143 83.36 81.25 -70.08
N ALA I 144 82.17 80.64 -70.14
CA ALA I 144 81.32 80.47 -71.34
C ALA I 144 80.84 81.83 -71.87
N VAL I 145 80.36 82.72 -70.99
CA VAL I 145 79.80 84.03 -71.42
C VAL I 145 80.93 84.95 -71.89
N GLY I 146 82.13 84.77 -71.33
CA GLY I 146 83.36 85.46 -71.78
C GLY I 146 83.68 85.12 -73.24
N GLU I 147 83.56 83.84 -73.60
CA GLU I 147 83.88 83.29 -74.94
C GLU I 147 82.80 83.70 -75.96
N GLY I 148 81.52 83.61 -75.58
CA GLY I 148 80.34 83.85 -76.45
C GLY I 148 79.47 82.61 -76.64
N ASN I 149 79.68 81.53 -75.87
CA ASN I 149 78.85 80.28 -75.90
C ASN I 149 77.71 80.37 -74.87
N ALA I 150 77.39 81.58 -74.38
CA ALA I 150 76.26 81.84 -73.47
C ALA I 150 75.89 83.33 -73.49
N GLN I 151 74.60 83.62 -73.35
CA GLN I 151 74.05 84.97 -73.10
C GLN I 151 73.20 84.88 -71.83
N LEU I 152 73.45 85.78 -70.87
CA LEU I 152 72.74 85.79 -69.57
C LEU I 152 71.71 86.92 -69.55
N VAL I 153 70.61 86.69 -68.84
CA VAL I 153 69.65 87.75 -68.43
C VAL I 153 69.30 87.53 -66.96
N ALA I 154 69.29 88.61 -66.19
CA ALA I 154 68.82 88.63 -64.77
C ALA I 154 67.35 89.02 -64.75
N ILE I 155 66.53 88.28 -64.01
CA ILE I 155 65.11 88.65 -63.77
C ILE I 155 64.82 88.66 -62.26
N PHE I 156 64.04 89.64 -61.83
CA PHE I 156 63.69 89.88 -60.41
C PHE I 156 62.17 89.77 -60.28
N GLY I 157 61.70 88.87 -59.45
CA GLY I 157 60.27 88.74 -59.09
C GLY I 157 59.77 89.94 -58.33
N GLY I 158 58.49 89.90 -57.97
CA GLY I 158 57.80 90.86 -57.10
C GLY I 158 56.97 90.09 -56.11
N GLN I 159 55.73 90.52 -55.90
CA GLN I 159 54.89 89.93 -54.83
C GLN I 159 54.02 88.85 -55.46
N GLY I 160 53.41 88.00 -54.64
CA GLY I 160 52.48 86.95 -55.04
C GLY I 160 53.14 85.59 -55.00
N ASN I 161 54.45 85.57 -54.78
CA ASN I 161 55.28 84.37 -55.00
C ASN I 161 55.20 83.51 -53.74
N THR I 162 55.37 84.12 -52.56
CA THR I 162 55.34 83.39 -51.25
C THR I 162 54.49 84.14 -50.21
N ASP I 163 53.89 83.34 -49.31
CA ASP I 163 53.24 83.75 -48.03
C ASP I 163 54.29 84.51 -47.21
N ASP I 164 55.31 83.82 -46.69
CA ASP I 164 56.41 84.45 -45.91
C ASP I 164 57.67 84.52 -46.77
N TYR I 165 57.81 85.64 -47.46
CA TYR I 165 59.07 86.12 -48.08
C TYR I 165 60.13 86.35 -47.00
N PHE I 166 59.76 86.86 -45.83
CA PHE I 166 60.69 87.41 -44.81
C PHE I 166 61.65 86.31 -44.33
N GLU I 167 61.25 85.03 -44.36
CA GLU I 167 62.13 83.88 -44.03
C GLU I 167 63.28 83.78 -45.02
N GLU I 168 63.11 84.29 -46.24
CA GLU I 168 64.19 84.35 -47.26
C GLU I 168 65.23 85.37 -46.80
N LEU I 169 64.81 86.46 -46.17
CA LEU I 169 65.68 87.56 -45.69
C LEU I 169 66.40 87.07 -44.44
N ARG I 170 65.68 86.38 -43.56
CA ARG I 170 66.22 85.71 -42.34
C ARG I 170 67.35 84.76 -42.73
N ASP I 171 67.10 83.89 -43.71
CA ASP I 171 68.05 82.85 -44.19
C ASP I 171 69.24 83.51 -44.89
N LEU I 172 69.07 84.70 -45.48
CA LEU I 172 70.19 85.49 -46.07
C LEU I 172 71.06 86.08 -44.95
N TYR I 173 70.45 86.54 -43.86
CA TYR I 173 71.16 87.24 -42.76
C TYR I 173 71.98 86.23 -41.94
N GLN I 174 71.39 85.08 -41.61
CA GLN I 174 72.09 83.97 -40.89
C GLN I 174 73.34 83.57 -41.68
N THR I 175 73.12 83.04 -42.87
CA THR I 175 74.07 82.24 -43.68
C THR I 175 75.14 83.12 -44.33
N TYR I 176 74.83 84.32 -44.81
CA TYR I 176 75.83 85.18 -45.51
C TYR I 176 76.07 86.46 -44.72
N HIS I 177 75.91 86.40 -43.39
CA HIS I 177 76.01 87.58 -42.49
C HIS I 177 77.17 88.47 -42.94
N VAL I 178 78.33 87.87 -43.20
CA VAL I 178 79.64 88.57 -43.39
C VAL I 178 79.68 89.34 -44.73
N LEU I 179 78.89 88.94 -45.73
CA LEU I 179 78.91 89.51 -47.11
C LEU I 179 77.84 90.59 -47.28
N VAL I 180 76.68 90.36 -46.67
CA VAL I 180 75.40 91.11 -46.86
C VAL I 180 75.15 92.03 -45.65
N GLY I 181 75.55 91.59 -44.45
CA GLY I 181 75.38 92.28 -43.15
C GLY I 181 75.33 93.80 -43.25
N ASP I 182 76.31 94.43 -43.92
CA ASP I 182 76.41 95.91 -44.03
C ASP I 182 75.36 96.46 -45.02
N LEU I 183 74.92 95.68 -46.01
CA LEU I 183 73.81 96.08 -46.94
C LEU I 183 72.48 96.05 -46.18
N ILE I 184 72.17 94.94 -45.50
CA ILE I 184 70.96 94.78 -44.64
C ILE I 184 70.92 95.96 -43.67
N LYS I 185 72.06 96.30 -43.06
CA LYS I 185 72.16 97.31 -41.98
C LYS I 185 72.04 98.72 -42.60
N PHE I 186 72.61 98.95 -43.78
CA PHE I 186 72.48 100.25 -44.50
C PHE I 186 71.04 100.41 -44.99
N SER I 187 70.39 99.31 -45.36
CA SER I 187 68.96 99.29 -45.76
C SER I 187 68.15 99.92 -44.64
N ALA I 188 68.20 99.32 -43.44
CA ALA I 188 67.39 99.66 -42.25
C ALA I 188 67.59 101.13 -41.87
N GLU I 189 68.84 101.59 -41.78
CA GLU I 189 69.19 103.02 -41.54
C GLU I 189 68.46 103.91 -42.54
N THR I 190 68.50 103.55 -43.83
CA THR I 190 67.86 104.29 -44.96
C THR I 190 66.34 104.30 -44.82
N LEU I 191 65.75 103.15 -44.50
CA LEU I 191 64.28 103.01 -44.34
C LEU I 191 63.82 103.80 -43.11
N SER I 192 64.55 103.69 -41.99
CA SER I 192 64.26 104.42 -40.73
C SER I 192 64.29 105.92 -40.99
N GLU I 193 65.35 106.40 -41.64
CA GLU I 193 65.53 107.82 -42.05
C GLU I 193 64.36 108.27 -42.93
N LEU I 194 63.92 107.41 -43.85
CA LEU I 194 62.86 107.73 -44.85
C LEU I 194 61.52 107.88 -44.14
N ILE I 195 61.26 107.10 -43.08
CA ILE I 195 60.06 107.23 -42.20
C ILE I 195 60.07 108.59 -41.51
N ARG I 196 61.16 108.92 -40.81
CA ARG I 196 61.27 110.13 -39.95
C ARG I 196 61.10 111.42 -40.79
N THR I 197 61.70 111.49 -41.99
CA THR I 197 61.68 112.68 -42.89
C THR I 197 60.33 112.81 -43.61
N THR I 198 59.67 111.69 -43.93
CA THR I 198 58.35 111.65 -44.62
C THR I 198 57.27 112.02 -43.61
N LEU I 199 56.21 112.68 -44.05
CA LEU I 199 55.28 113.45 -43.18
C LEU I 199 54.43 112.51 -42.32
N ASP I 200 53.53 111.73 -42.91
CA ASP I 200 52.55 110.89 -42.18
C ASP I 200 52.93 109.41 -42.31
N ALA I 201 54.22 109.10 -42.44
CA ALA I 201 54.70 107.73 -42.71
C ALA I 201 54.56 106.87 -41.44
N GLU I 202 54.85 107.43 -40.26
CA GLU I 202 54.76 106.77 -38.93
C GLU I 202 53.36 106.15 -38.71
N LYS I 203 52.31 106.73 -39.30
CA LYS I 203 50.90 106.23 -39.19
C LYS I 203 50.78 104.85 -39.85
N VAL I 204 51.51 104.63 -40.94
CA VAL I 204 51.39 103.43 -41.82
C VAL I 204 52.15 102.27 -41.19
N PHE I 205 53.27 102.53 -40.50
CA PHE I 205 54.13 101.50 -39.84
C PHE I 205 53.71 101.36 -38.38
N THR I 206 52.58 100.69 -38.16
CA THR I 206 51.90 100.57 -36.84
C THR I 206 52.76 99.76 -35.87
N GLN I 207 53.35 98.65 -36.33
CA GLN I 207 54.30 97.82 -35.53
C GLN I 207 55.74 98.11 -35.97
N GLY I 208 56.01 99.34 -36.43
CA GLY I 208 57.37 99.84 -36.66
C GLY I 208 58.09 99.10 -37.78
N LEU I 209 59.34 99.46 -38.04
CA LEU I 209 60.18 98.89 -39.12
C LEU I 209 61.61 98.74 -38.57
N ASN I 210 61.75 98.07 -37.44
CA ASN I 210 63.07 97.71 -36.85
C ASN I 210 63.39 96.30 -37.35
N ILE I 211 64.01 96.20 -38.53
CA ILE I 211 64.21 94.90 -39.24
C ILE I 211 65.39 94.16 -38.58
N LEU I 212 66.45 94.88 -38.19
CA LEU I 212 67.64 94.31 -37.52
C LEU I 212 67.20 93.59 -36.24
N GLU I 213 66.33 94.22 -35.45
CA GLU I 213 65.66 93.62 -34.26
C GLU I 213 64.88 92.35 -34.64
N TRP I 214 64.11 92.37 -35.75
CA TRP I 214 63.27 91.21 -36.19
C TRP I 214 64.19 90.05 -36.63
N LEU I 215 65.36 90.38 -37.17
CA LEU I 215 66.30 89.38 -37.72
C LEU I 215 67.04 88.66 -36.58
N GLU I 216 67.31 89.35 -35.47
CA GLU I 216 67.94 88.74 -34.26
C GLU I 216 66.94 87.82 -33.56
N ASN I 217 65.79 88.39 -33.16
CA ASN I 217 64.76 87.73 -32.32
C ASN I 217 63.56 87.38 -33.21
N PRO I 218 63.42 86.10 -33.63
CA PRO I 218 62.15 85.61 -34.18
C PRO I 218 60.89 85.85 -33.34
N SER I 219 61.07 86.12 -32.03
CA SER I 219 59.98 86.48 -31.08
C SER I 219 59.40 87.85 -31.44
N ASN I 220 60.26 88.86 -31.58
CA ASN I 220 59.89 90.30 -31.79
C ASN I 220 59.45 90.57 -33.25
N THR I 221 59.69 89.63 -34.17
CA THR I 221 59.15 89.61 -35.56
C THR I 221 57.62 89.69 -35.49
N PRO I 222 56.97 90.64 -36.19
CA PRO I 222 55.51 90.67 -36.28
C PRO I 222 54.88 89.47 -36.99
N ASP I 223 53.55 89.37 -36.94
CA ASP I 223 52.74 88.36 -37.69
C ASP I 223 52.91 88.56 -39.20
N LYS I 224 52.73 87.51 -39.99
CA LYS I 224 52.89 87.51 -41.47
C LYS I 224 52.03 88.60 -42.12
N ASP I 225 50.79 88.76 -41.66
CA ASP I 225 49.81 89.72 -42.23
C ASP I 225 50.37 91.15 -42.22
N TYR I 226 51.02 91.56 -41.12
CA TYR I 226 51.66 92.90 -41.01
C TYR I 226 52.84 92.97 -41.96
N LEU I 227 53.66 91.91 -41.97
CA LEU I 227 54.87 91.82 -42.82
C LEU I 227 54.47 91.88 -44.29
N LEU I 228 53.28 91.42 -44.65
CA LEU I 228 52.86 91.36 -46.07
C LEU I 228 52.41 92.74 -46.53
N SER I 229 51.92 93.60 -45.62
CA SER I 229 51.40 94.95 -45.99
C SER I 229 52.45 95.63 -46.86
N ILE I 230 52.02 96.28 -47.93
CA ILE I 230 52.95 96.72 -49.01
C ILE I 230 53.97 97.72 -48.50
N PRO I 231 53.70 98.54 -47.46
CA PRO I 231 54.69 99.51 -47.02
C PRO I 231 55.99 98.82 -46.60
N ILE I 232 55.88 97.67 -45.95
CA ILE I 232 57.10 96.98 -45.42
C ILE I 232 57.53 95.92 -46.43
N SER I 233 56.60 95.21 -47.09
CA SER I 233 56.88 94.08 -48.01
C SER I 233 57.55 94.57 -49.29
N CYS I 234 57.11 95.70 -49.85
CA CYS I 234 57.72 96.28 -51.07
C CYS I 234 59.22 96.46 -50.85
N PRO I 235 59.68 97.40 -50.00
CA PRO I 235 61.11 97.70 -49.88
C PRO I 235 61.93 96.49 -49.42
N LEU I 236 61.36 95.62 -48.60
CA LEU I 236 62.06 94.43 -48.06
C LEU I 236 62.27 93.39 -49.15
N ILE I 237 61.38 93.26 -50.12
CA ILE I 237 61.64 92.36 -51.28
C ILE I 237 62.80 92.95 -52.08
N GLY I 238 62.83 94.27 -52.26
CA GLY I 238 63.94 94.96 -52.93
C GLY I 238 65.26 94.52 -52.34
N VAL I 239 65.39 94.68 -51.03
CA VAL I 239 66.57 94.27 -50.22
C VAL I 239 66.90 92.80 -50.54
N ILE I 240 65.93 91.88 -50.41
CA ILE I 240 66.17 90.42 -50.60
C ILE I 240 66.86 90.18 -51.93
N GLN I 241 66.48 90.93 -52.96
CA GLN I 241 66.98 90.77 -54.36
C GLN I 241 68.39 91.36 -54.44
N LEU I 242 68.52 92.64 -54.10
CA LEU I 242 69.84 93.32 -53.97
C LEU I 242 70.81 92.43 -53.15
N ALA I 243 70.35 91.74 -52.10
CA ALA I 243 71.20 90.87 -51.26
C ALA I 243 71.67 89.64 -52.05
N HIS I 244 70.75 88.81 -52.54
CA HIS I 244 71.00 87.68 -53.49
C HIS I 244 71.95 88.12 -54.59
N TYR I 245 71.77 89.32 -55.15
CA TYR I 245 72.70 89.86 -56.18
C TYR I 245 74.11 90.00 -55.62
N VAL I 246 74.23 90.44 -54.36
CA VAL I 246 75.54 90.76 -53.73
C VAL I 246 76.27 89.46 -53.39
N VAL I 247 75.62 88.48 -52.77
CA VAL I 247 76.33 87.19 -52.50
C VAL I 247 76.91 86.74 -53.84
N THR I 248 76.08 86.75 -54.88
CA THR I 248 76.44 86.31 -56.25
C THR I 248 77.73 87.01 -56.69
N ALA I 249 77.82 88.32 -56.56
CA ALA I 249 79.01 89.12 -56.97
C ALA I 249 80.24 88.75 -56.12
N LYS I 250 80.08 88.62 -54.81
CA LYS I 250 81.22 88.43 -53.86
C LYS I 250 81.75 87.00 -53.96
N LEU I 251 80.85 86.00 -53.98
CA LEU I 251 81.23 84.57 -54.12
C LEU I 251 81.81 84.26 -55.51
N LEU I 252 81.70 85.19 -56.46
CA LEU I 252 82.47 85.14 -57.74
C LEU I 252 83.70 86.06 -57.65
N GLY I 253 83.71 87.04 -56.75
CA GLY I 253 84.81 88.00 -56.62
C GLY I 253 84.73 89.09 -57.68
N PHE I 254 83.54 89.28 -58.25
CA PHE I 254 83.23 90.41 -59.17
C PHE I 254 82.78 91.62 -58.37
N THR I 255 83.05 92.81 -58.91
CA THR I 255 82.44 94.09 -58.47
C THR I 255 81.04 94.13 -59.08
N PRO I 256 80.03 94.79 -58.47
CA PRO I 256 78.66 94.73 -58.98
C PRO I 256 78.51 95.24 -60.42
N GLY I 257 79.40 96.13 -60.87
CA GLY I 257 79.50 96.57 -62.28
C GLY I 257 80.02 95.47 -63.21
N GLU I 258 80.92 94.62 -62.72
CA GLU I 258 81.53 93.51 -63.52
C GLU I 258 80.49 92.42 -63.74
N LEU I 259 79.71 92.08 -62.70
CA LEU I 259 78.58 91.11 -62.79
C LEU I 259 77.57 91.62 -63.81
N ARG I 260 77.28 92.92 -63.77
CA ARG I 260 76.34 93.63 -64.68
C ARG I 260 76.87 93.54 -66.12
N SER I 261 78.18 93.68 -66.35
CA SER I 261 78.79 93.70 -67.70
C SER I 261 78.61 92.34 -68.41
N TYR I 262 78.49 91.23 -67.67
CA TYR I 262 78.29 89.87 -68.21
C TYR I 262 76.81 89.59 -68.46
N LEU I 263 75.90 90.39 -67.91
CA LEU I 263 74.45 90.36 -68.28
C LEU I 263 74.32 90.97 -69.68
N LYS I 264 73.44 90.40 -70.50
CA LYS I 264 73.11 90.98 -71.83
C LYS I 264 72.02 92.02 -71.61
N GLY I 265 71.00 91.65 -70.84
CA GLY I 265 69.92 92.55 -70.38
C GLY I 265 69.37 92.14 -69.02
N ALA I 266 68.60 93.02 -68.39
CA ALA I 266 67.92 92.77 -67.10
C ALA I 266 66.46 93.22 -67.19
N THR I 267 65.59 92.59 -66.43
CA THR I 267 64.16 92.96 -66.33
C THR I 267 63.53 92.31 -65.11
N GLY I 268 62.35 92.79 -64.74
CA GLY I 268 61.64 92.34 -63.53
C GLY I 268 60.14 92.31 -63.76
N HIS I 269 59.50 91.40 -63.06
CA HIS I 269 58.03 91.25 -62.96
C HIS I 269 57.55 92.17 -61.87
N SER I 270 56.54 93.00 -62.16
CA SER I 270 55.88 93.89 -61.17
C SER I 270 56.91 94.90 -60.62
N GLN I 271 57.18 94.87 -59.30
CA GLN I 271 58.10 95.80 -58.59
C GLN I 271 59.57 95.42 -58.80
N GLY I 272 59.85 94.15 -59.10
CA GLY I 272 61.18 93.66 -59.49
C GLY I 272 61.83 94.52 -60.56
N LEU I 273 61.03 95.32 -61.27
CA LEU I 273 61.49 96.22 -62.35
C LEU I 273 62.37 97.33 -61.78
N VAL I 274 62.31 97.57 -60.47
CA VAL I 274 63.10 98.66 -59.83
C VAL I 274 64.49 98.16 -59.47
N THR I 275 64.60 96.97 -58.88
CA THR I 275 65.92 96.38 -58.55
C THR I 275 66.68 96.24 -59.87
N ALA I 276 66.01 95.85 -60.95
CA ALA I 276 66.60 95.64 -62.29
C ALA I 276 67.30 96.91 -62.76
N VAL I 277 66.62 98.06 -62.75
CA VAL I 277 67.20 99.34 -63.24
C VAL I 277 68.30 99.84 -62.28
N ALA I 278 68.35 99.39 -61.03
CA ALA I 278 69.37 99.79 -60.04
C ALA I 278 70.68 99.02 -60.31
N ILE I 279 70.58 97.71 -60.54
CA ILE I 279 71.66 96.81 -61.03
C ILE I 279 72.29 97.43 -62.29
N ALA I 280 71.48 97.78 -63.28
CA ALA I 280 71.94 98.33 -64.58
C ALA I 280 72.82 99.57 -64.40
N GLU I 281 72.70 100.32 -63.29
CA GLU I 281 73.50 101.55 -63.02
C GLU I 281 74.85 101.20 -62.40
N THR I 282 74.91 100.17 -61.56
CA THR I 282 75.99 99.99 -60.56
C THR I 282 77.34 99.78 -61.25
N ASP I 283 78.43 100.12 -60.55
CA ASP I 283 79.83 100.18 -61.03
C ASP I 283 80.74 99.46 -60.01
N SER I 284 81.15 100.15 -58.93
CA SER I 284 82.12 99.67 -57.91
C SER I 284 81.39 99.34 -56.60
N TRP I 285 82.10 98.78 -55.62
CA TRP I 285 81.56 98.52 -54.25
C TRP I 285 81.34 99.82 -53.48
N GLU I 286 81.95 100.93 -53.89
CA GLU I 286 81.82 102.25 -53.22
C GLU I 286 80.47 102.84 -53.63
N SER I 287 80.27 103.07 -54.93
CA SER I 287 79.05 103.73 -55.48
C SER I 287 77.88 102.72 -55.61
N PHE I 288 77.92 101.58 -54.93
CA PHE I 288 76.80 100.61 -54.90
C PHE I 288 75.69 101.13 -54.00
N PHE I 289 76.07 101.64 -52.82
CA PHE I 289 75.11 102.09 -51.79
C PHE I 289 74.34 103.34 -52.26
N VAL I 290 74.73 104.03 -53.34
CA VAL I 290 73.91 105.14 -53.91
C VAL I 290 72.86 104.56 -54.87
N SER I 291 73.12 103.40 -55.48
CA SER I 291 72.12 102.63 -56.27
C SER I 291 71.09 102.02 -55.32
N VAL I 292 71.54 101.33 -54.26
CA VAL I 292 70.66 100.67 -53.25
C VAL I 292 69.79 101.72 -52.54
N ARG I 293 70.29 102.94 -52.32
CA ARG I 293 69.45 104.05 -51.77
C ARG I 293 68.30 104.33 -52.76
N LYS I 294 68.64 104.47 -54.05
CA LYS I 294 67.66 104.74 -55.14
C LYS I 294 66.65 103.59 -55.25
N ALA I 295 67.07 102.34 -55.09
CA ALA I 295 66.18 101.17 -55.27
C ALA I 295 65.12 101.17 -54.18
N ILE I 296 65.54 101.28 -52.93
CA ILE I 296 64.65 101.02 -51.77
C ILE I 296 63.90 102.30 -51.39
N THR I 297 64.42 103.49 -51.75
CA THR I 297 63.63 104.74 -51.59
C THR I 297 62.37 104.62 -52.45
N VAL I 298 62.51 104.24 -53.73
CA VAL I 298 61.37 104.09 -54.70
C VAL I 298 60.38 103.04 -54.18
N LEU I 299 60.88 101.89 -53.75
CA LEU I 299 60.04 100.77 -53.27
C LEU I 299 59.35 101.16 -51.96
N PHE I 300 59.92 102.09 -51.19
CA PHE I 300 59.33 102.62 -49.93
C PHE I 300 58.12 103.50 -50.29
N PHE I 301 58.31 104.47 -51.18
CA PHE I 301 57.25 105.43 -51.60
C PHE I 301 56.14 104.75 -52.39
N ILE I 302 56.42 103.65 -53.07
CA ILE I 302 55.39 102.83 -53.77
C ILE I 302 54.48 102.21 -52.70
N GLY I 303 55.05 101.48 -51.76
CA GLY I 303 54.30 100.77 -50.71
C GLY I 303 53.68 101.71 -49.68
N VAL I 304 54.17 102.94 -49.56
CA VAL I 304 53.59 103.94 -48.61
C VAL I 304 52.42 104.61 -49.32
N ARG I 305 52.66 105.28 -50.45
CA ARG I 305 51.62 106.06 -51.18
C ARG I 305 50.57 105.16 -51.81
N CYS I 306 50.81 103.87 -52.02
CA CYS I 306 49.83 102.91 -52.58
C CYS I 306 48.95 102.30 -51.48
N TYR I 307 49.48 102.15 -50.27
CA TYR I 307 48.70 101.69 -49.09
C TYR I 307 47.68 102.77 -48.76
N GLU I 308 48.09 104.03 -48.82
CA GLU I 308 47.22 105.20 -48.57
C GLU I 308 46.07 105.21 -49.58
N ALA I 309 46.37 104.92 -50.85
CA ALA I 309 45.43 105.13 -51.97
C ALA I 309 44.32 104.06 -51.96
N TYR I 310 44.64 102.81 -51.63
CA TYR I 310 43.65 101.71 -51.46
C TYR I 310 44.12 100.75 -50.37
N PRO I 311 43.85 101.06 -49.07
CA PRO I 311 44.20 100.17 -47.95
C PRO I 311 43.27 98.96 -47.76
N ASN I 312 43.82 97.82 -47.33
CA ASN I 312 43.04 96.57 -47.14
C ASN I 312 42.19 96.73 -45.88
N THR I 313 40.93 96.33 -45.94
CA THR I 313 39.92 96.39 -44.85
C THR I 313 39.41 94.98 -44.56
N SER I 314 38.55 94.86 -43.55
CA SER I 314 38.03 93.56 -43.05
C SER I 314 37.15 92.92 -44.14
N LEU I 315 37.33 91.63 -44.38
CA LEU I 315 36.35 90.85 -45.16
C LEU I 315 35.14 90.59 -44.27
N PRO I 316 33.91 90.72 -44.81
CA PRO I 316 32.76 90.02 -44.24
C PRO I 316 33.12 88.57 -43.95
N PRO I 317 33.02 88.08 -42.69
CA PRO I 317 33.32 86.68 -42.37
C PRO I 317 32.45 85.63 -43.04
N SER I 318 31.24 85.97 -43.48
CA SER I 318 30.38 85.10 -44.32
C SER I 318 31.21 84.64 -45.53
N ILE I 319 31.74 85.62 -46.26
CA ILE I 319 32.59 85.48 -47.49
C ILE I 319 33.83 84.65 -47.17
N LEU I 320 34.56 85.01 -46.13
CA LEU I 320 35.86 84.37 -45.78
C LEU I 320 35.64 82.87 -45.57
N GLU I 321 34.51 82.50 -44.97
CA GLU I 321 34.14 81.11 -44.59
C GLU I 321 33.60 80.35 -45.81
N ASP I 322 32.94 81.06 -46.73
CA ASP I 322 32.42 80.50 -48.01
C ASP I 322 33.62 80.08 -48.88
N SER I 323 34.58 80.98 -49.08
CA SER I 323 35.82 80.75 -49.86
C SER I 323 36.68 79.61 -49.26
N LEU I 324 36.65 79.38 -47.94
CA LEU I 324 37.50 78.33 -47.29
C LEU I 324 36.83 76.95 -47.35
N GLU I 325 35.50 76.88 -47.53
CA GLU I 325 34.80 75.57 -47.67
C GLU I 325 34.78 75.13 -49.14
N ASN I 326 35.14 76.00 -50.10
CA ASN I 326 35.24 75.69 -51.55
C ASN I 326 36.70 75.61 -52.01
N ASN I 327 37.67 75.60 -51.08
CA ASN I 327 39.13 75.39 -51.34
C ASN I 327 39.74 76.51 -52.18
N GLU I 328 38.98 77.56 -52.54
CA GLU I 328 39.53 78.88 -52.91
C GLU I 328 40.34 79.39 -51.71
N GLY I 329 41.16 80.41 -51.89
CA GLY I 329 42.08 80.83 -50.81
C GLY I 329 41.36 81.65 -49.75
N VAL I 330 42.12 82.47 -49.04
CA VAL I 330 41.66 83.71 -48.36
C VAL I 330 41.60 84.79 -49.43
N PRO I 331 40.46 85.49 -49.64
CA PRO I 331 40.40 86.53 -50.67
C PRO I 331 41.48 87.58 -50.45
N SER I 332 41.86 88.22 -51.55
CA SER I 332 42.97 89.19 -51.65
C SER I 332 42.68 90.06 -52.85
N PRO I 333 43.42 91.14 -53.08
CA PRO I 333 43.19 91.98 -54.25
C PRO I 333 43.80 91.41 -55.55
N MET I 334 44.41 90.21 -55.53
CA MET I 334 44.99 89.59 -56.76
C MET I 334 44.64 88.10 -56.86
N LEU I 335 43.73 87.80 -57.79
CA LEU I 335 43.18 86.45 -58.13
C LEU I 335 43.92 85.90 -59.35
N SER I 336 44.56 84.72 -59.23
CA SER I 336 45.30 84.03 -60.32
C SER I 336 44.42 82.95 -60.93
N ILE I 337 44.36 82.86 -62.26
CA ILE I 337 43.50 81.90 -63.02
C ILE I 337 44.39 81.10 -63.99
N SER I 338 44.75 79.87 -63.63
CA SER I 338 45.45 78.89 -64.51
C SER I 338 44.48 78.32 -65.55
N ASN I 339 44.93 78.12 -66.79
CA ASN I 339 44.41 77.13 -67.79
C ASN I 339 43.22 77.71 -68.59
N LEU I 340 43.21 79.01 -68.85
CA LEU I 340 42.10 79.76 -69.48
C LEU I 340 42.69 80.92 -70.27
N THR I 341 42.49 80.98 -71.58
CA THR I 341 43.09 82.00 -72.48
C THR I 341 42.69 83.40 -71.99
N GLN I 342 43.52 84.42 -72.27
CA GLN I 342 43.22 85.85 -71.95
C GLN I 342 41.86 86.25 -72.56
N GLU I 343 41.47 85.64 -73.67
CA GLU I 343 40.17 85.95 -74.35
C GLU I 343 39.01 85.31 -73.58
N GLN I 344 39.21 84.13 -72.97
CA GLN I 344 38.18 83.45 -72.12
C GLN I 344 37.96 84.24 -70.83
N VAL I 345 39.04 84.64 -70.15
CA VAL I 345 39.03 85.37 -68.85
C VAL I 345 38.38 86.75 -69.04
N GLN I 346 38.73 87.46 -70.12
CA GLN I 346 38.28 88.85 -70.34
C GLN I 346 36.77 88.86 -70.60
N ASP I 347 36.16 87.73 -71.00
CA ASP I 347 34.68 87.57 -71.03
C ASP I 347 34.14 87.63 -69.60
N TYR I 348 34.57 86.71 -68.74
CA TYR I 348 34.13 86.57 -67.32
C TYR I 348 34.34 87.88 -66.53
N VAL I 349 35.27 88.77 -66.92
CA VAL I 349 35.42 90.10 -66.22
C VAL I 349 34.49 91.13 -66.89
N ASN I 350 34.12 90.99 -68.15
CA ASN I 350 33.17 91.93 -68.79
C ASN I 350 31.76 91.68 -68.24
N LYS I 351 31.41 90.41 -67.99
CA LYS I 351 30.21 89.99 -67.21
C LYS I 351 30.25 90.72 -65.86
N THR I 352 31.23 90.42 -65.02
CA THR I 352 31.36 90.89 -63.61
C THR I 352 31.39 92.42 -63.56
N ASN I 353 32.10 93.10 -64.47
CA ASN I 353 32.25 94.59 -64.48
C ASN I 353 31.07 95.27 -65.21
N SER I 354 30.11 94.51 -65.75
CA SER I 354 28.84 95.10 -66.27
C SER I 354 28.06 95.69 -65.09
N HIS I 355 27.94 94.91 -64.01
CA HIS I 355 27.06 95.14 -62.83
C HIS I 355 27.68 96.14 -61.85
N LEU I 356 28.96 95.99 -61.54
CA LEU I 356 29.72 96.83 -60.56
C LEU I 356 29.83 98.28 -61.08
N PRO I 357 29.89 99.29 -60.18
CA PRO I 357 30.21 100.65 -60.58
C PRO I 357 31.71 100.86 -60.78
N ALA I 358 32.11 101.99 -61.38
CA ALA I 358 33.48 102.30 -61.88
C ALA I 358 34.56 101.88 -60.86
N GLY I 359 34.52 102.44 -59.65
CA GLY I 359 35.60 102.31 -58.64
C GLY I 359 35.47 101.05 -57.79
N LYS I 360 34.88 99.98 -58.33
CA LYS I 360 34.85 98.63 -57.70
C LYS I 360 35.11 97.55 -58.74
N GLN I 361 35.58 97.93 -59.94
CA GLN I 361 35.72 97.04 -61.13
C GLN I 361 37.06 96.30 -61.05
N VAL I 362 37.12 95.12 -61.68
CA VAL I 362 38.35 94.30 -61.75
C VAL I 362 38.93 94.44 -63.15
N GLU I 363 40.19 94.02 -63.32
CA GLU I 363 40.91 94.02 -64.63
C GLU I 363 42.01 92.96 -64.60
N ILE I 364 42.33 92.42 -65.78
CA ILE I 364 43.55 91.60 -66.02
C ILE I 364 44.75 92.54 -65.81
N SER I 365 45.71 92.09 -64.99
CA SER I 365 46.86 92.86 -64.49
C SER I 365 48.18 92.21 -64.94
N LEU I 366 48.38 90.95 -64.58
CA LEU I 366 49.50 90.14 -65.09
C LEU I 366 48.96 89.16 -66.13
N VAL I 367 49.57 89.16 -67.32
CA VAL I 367 49.48 88.08 -68.36
C VAL I 367 50.80 87.31 -68.33
N ASN I 368 50.88 86.30 -67.47
CA ASN I 368 52.14 85.59 -67.17
C ASN I 368 52.45 84.61 -68.31
N GLY I 369 51.46 83.82 -68.72
CA GLY I 369 51.57 82.86 -69.84
C GLY I 369 50.41 83.03 -70.80
N ALA I 370 50.31 82.12 -71.77
CA ALA I 370 49.16 81.97 -72.70
C ALA I 370 47.89 81.72 -71.88
N LYS I 371 47.99 80.80 -70.92
CA LYS I 371 46.90 80.36 -70.02
C LYS I 371 47.36 80.43 -68.56
N ASN I 372 47.76 81.62 -68.10
CA ASN I 372 48.20 81.86 -66.70
C ASN I 372 48.06 83.35 -66.44
N LEU I 373 46.89 83.77 -65.95
CA LEU I 373 46.52 85.20 -65.79
C LEU I 373 46.23 85.53 -64.34
N VAL I 374 46.34 86.82 -64.02
CA VAL I 374 46.06 87.38 -62.67
C VAL I 374 45.13 88.58 -62.85
N VAL I 375 44.03 88.60 -62.09
CA VAL I 375 43.03 89.70 -62.06
C VAL I 375 43.21 90.47 -60.75
N SER I 376 43.26 91.80 -60.86
CA SER I 376 43.48 92.75 -59.73
C SER I 376 42.25 93.63 -59.54
N GLY I 377 41.75 93.69 -58.32
CA GLY I 377 40.79 94.70 -57.89
C GLY I 377 40.33 94.41 -56.47
N PRO I 378 39.20 95.00 -56.03
CA PRO I 378 38.71 94.86 -54.67
C PRO I 378 38.38 93.42 -54.29
N PRO I 379 38.92 92.88 -53.18
CA PRO I 379 38.68 91.47 -52.85
C PRO I 379 37.21 91.03 -52.89
N GLN I 380 36.26 91.91 -52.55
CA GLN I 380 34.79 91.74 -52.75
C GLN I 380 34.52 91.38 -54.21
N SER I 381 34.88 92.29 -55.12
CA SER I 381 34.69 92.20 -56.58
C SER I 381 35.33 90.91 -57.15
N LEU I 382 36.53 90.54 -56.72
CA LEU I 382 37.20 89.29 -57.15
C LEU I 382 36.58 88.08 -56.49
N TYR I 383 35.80 88.26 -55.43
CA TYR I 383 34.98 87.15 -54.87
C TYR I 383 33.72 87.04 -55.75
N GLY I 384 33.26 88.15 -56.32
CA GLY I 384 32.17 88.16 -57.31
C GLY I 384 32.53 87.29 -58.49
N LEU I 385 33.69 87.58 -59.09
CA LEU I 385 34.27 86.83 -60.22
C LEU I 385 34.36 85.34 -59.86
N ASN I 386 34.87 85.00 -58.68
CA ASN I 386 35.13 83.60 -58.27
C ASN I 386 33.85 82.78 -58.32
N LEU I 387 32.71 83.35 -57.96
CA LEU I 387 31.39 82.66 -57.94
C LEU I 387 30.96 82.37 -59.38
N THR I 388 31.02 83.40 -60.24
CA THR I 388 30.84 83.29 -61.72
C THR I 388 31.69 82.15 -62.32
N LEU I 389 32.88 81.87 -61.77
CA LEU I 389 33.79 80.79 -62.26
C LEU I 389 33.34 79.42 -61.71
N ARG I 390 32.88 79.32 -60.46
CA ARG I 390 32.44 78.04 -59.84
C ARG I 390 31.31 77.40 -60.66
N LYS I 391 30.44 78.24 -61.26
CA LYS I 391 29.44 77.82 -62.29
C LYS I 391 30.19 77.06 -63.40
N ALA I 392 31.01 77.77 -64.18
CA ALA I 392 31.60 77.32 -65.45
C ALA I 392 32.50 76.09 -65.24
N LYS I 393 33.27 76.04 -64.15
CA LYS I 393 34.31 74.99 -63.95
C LYS I 393 33.64 73.67 -63.57
N ALA I 394 34.30 72.56 -63.89
CA ALA I 394 33.82 71.18 -63.65
C ALA I 394 34.69 70.53 -62.59
N PRO I 395 34.10 69.70 -61.69
CA PRO I 395 34.87 69.00 -60.65
C PRO I 395 36.15 68.33 -61.19
N SER I 396 37.29 68.50 -60.50
CA SER I 396 38.62 67.92 -60.85
C SER I 396 38.57 66.38 -60.81
N GLY I 397 37.67 65.80 -60.01
CA GLY I 397 37.26 64.38 -60.07
C GLY I 397 35.93 64.22 -60.78
N LEU I 398 35.94 64.32 -62.13
CA LEU I 398 34.76 64.05 -63.02
C LEU I 398 35.03 62.86 -63.95
N ASP I 399 36.24 62.76 -64.52
CA ASP I 399 36.64 61.73 -65.53
C ASP I 399 35.78 61.91 -66.79
N GLN I 400 36.30 62.69 -67.74
CA GLN I 400 35.69 62.96 -69.07
C GLN I 400 36.50 62.25 -70.16
N SER I 401 37.04 61.05 -69.88
CA SER I 401 37.87 60.26 -70.84
C SER I 401 36.98 59.47 -71.79
N ARG I 402 35.67 59.50 -71.55
CA ARG I 402 34.61 58.71 -72.22
C ARG I 402 33.77 59.63 -73.13
N ILE I 403 33.97 60.94 -73.00
CA ILE I 403 33.16 62.03 -73.63
C ILE I 403 33.96 62.51 -74.84
N PRO I 404 33.34 62.75 -76.01
CA PRO I 404 34.05 63.32 -77.15
C PRO I 404 34.76 64.63 -76.73
N PHE I 405 35.96 64.86 -77.24
CA PHE I 405 36.90 65.93 -76.80
C PHE I 405 36.16 67.28 -76.68
N SER I 406 35.57 67.77 -77.79
CA SER I 406 35.03 69.14 -77.93
C SER I 406 33.66 69.30 -77.25
N GLU I 407 33.21 68.31 -76.46
CA GLU I 407 32.00 68.38 -75.59
C GLU I 407 32.40 68.30 -74.11
N ARG I 408 33.68 68.46 -73.79
CA ARG I 408 34.20 68.34 -72.40
C ARG I 408 34.13 69.72 -71.73
N LYS I 409 33.90 69.72 -70.42
CA LYS I 409 33.92 70.95 -69.59
C LYS I 409 35.36 71.41 -69.41
N LEU I 410 35.58 72.73 -69.38
CA LEU I 410 36.88 73.37 -69.08
C LEU I 410 37.25 73.05 -67.64
N LYS I 411 38.42 72.46 -67.42
CA LYS I 411 39.06 72.27 -66.09
C LYS I 411 40.04 73.43 -65.88
N PHE I 412 39.95 74.14 -64.76
CA PHE I 412 40.84 75.30 -64.48
C PHE I 412 40.85 75.68 -63.01
N SER I 413 42.01 76.15 -62.53
CA SER I 413 42.33 76.47 -61.11
C SER I 413 42.28 77.99 -60.92
N ASN I 414 41.57 78.46 -59.90
CA ASN I 414 41.50 79.91 -59.54
C ASN I 414 41.77 80.00 -58.04
N ARG I 415 42.72 80.85 -57.69
CA ARG I 415 43.55 80.74 -56.47
C ARG I 415 43.97 82.17 -56.15
N PHE I 416 43.69 82.64 -54.94
CA PHE I 416 44.07 84.01 -54.52
C PHE I 416 45.56 84.03 -54.19
N LEU I 417 46.23 85.11 -54.57
CA LEU I 417 47.65 85.32 -54.26
C LEU I 417 47.78 85.77 -52.81
N PRO I 418 48.98 85.60 -52.21
CA PRO I 418 49.39 86.33 -51.02
C PRO I 418 50.02 87.71 -51.33
N VAL I 419 49.18 88.71 -51.58
CA VAL I 419 49.56 90.15 -51.56
C VAL I 419 48.52 90.91 -50.73
N ALA I 420 48.69 92.21 -50.62
CA ALA I 420 47.84 93.09 -49.79
C ALA I 420 47.27 94.25 -50.62
N SER I 421 47.90 94.63 -51.74
CA SER I 421 47.38 95.71 -52.63
C SER I 421 46.92 95.13 -53.96
N PRO I 422 46.04 95.86 -54.69
CA PRO I 422 45.78 95.55 -56.08
C PRO I 422 46.75 96.27 -57.02
N PHE I 423 47.86 95.61 -57.35
CA PHE I 423 48.90 96.19 -58.25
C PHE I 423 48.39 96.20 -59.69
N HIS I 424 48.93 97.11 -60.50
CA HIS I 424 48.63 97.21 -61.95
C HIS I 424 47.13 97.44 -62.16
N SER I 425 46.49 98.22 -61.28
CA SER I 425 45.03 98.47 -61.31
C SER I 425 44.76 99.97 -61.41
N HIS I 426 43.49 100.34 -61.60
CA HIS I 426 43.00 101.75 -61.68
C HIS I 426 42.85 102.35 -60.25
N LEU I 427 42.74 101.49 -59.23
CA LEU I 427 42.62 101.84 -57.79
C LEU I 427 43.88 102.55 -57.28
N LEU I 428 45.04 102.30 -57.88
CA LEU I 428 46.34 102.85 -57.41
C LEU I 428 46.71 104.10 -58.22
N VAL I 429 45.94 104.49 -59.23
CA VAL I 429 46.23 105.67 -60.10
C VAL I 429 46.39 106.94 -59.25
N PRO I 430 45.56 107.18 -58.19
CA PRO I 430 45.72 108.39 -57.36
C PRO I 430 47.15 108.59 -56.83
N ALA I 431 47.84 107.48 -56.51
CA ALA I 431 49.21 107.42 -55.96
C ALA I 431 50.25 107.93 -56.98
N SER I 432 50.00 107.75 -58.27
CA SER I 432 51.01 107.91 -59.35
C SER I 432 51.61 109.31 -59.26
N ASP I 433 50.76 110.34 -59.23
CA ASP I 433 51.18 111.77 -59.12
C ASP I 433 52.00 111.99 -57.85
N LEU I 434 51.57 111.45 -56.71
CA LEU I 434 52.23 111.68 -55.38
C LEU I 434 53.65 111.08 -55.37
N ILE I 435 53.83 109.84 -55.88
CA ILE I 435 55.14 109.12 -55.92
C ILE I 435 56.14 109.92 -56.79
N ASN I 436 55.72 110.45 -57.94
CA ASN I 436 56.63 111.20 -58.84
C ASN I 436 57.19 112.42 -58.11
N LYS I 437 56.38 113.06 -57.25
CA LYS I 437 56.74 114.29 -56.48
C LYS I 437 57.56 113.95 -55.23
N ASP I 438 57.32 112.79 -54.62
CA ASP I 438 58.05 112.30 -53.42
C ASP I 438 59.42 111.74 -53.80
N LEU I 439 59.71 111.58 -55.10
CA LEU I 439 61.02 111.12 -55.64
C LEU I 439 61.84 112.32 -56.16
N VAL I 440 61.20 113.39 -56.62
CA VAL I 440 61.92 114.65 -57.02
C VAL I 440 62.40 115.36 -55.74
N LYS I 441 61.69 115.16 -54.61
CA LYS I 441 62.10 115.70 -53.29
C LYS I 441 63.35 114.95 -52.81
N ASN I 442 63.24 113.62 -52.66
CA ASN I 442 64.31 112.75 -52.10
C ASN I 442 65.45 112.54 -53.11
N ASN I 443 65.36 113.17 -54.30
CA ASN I 443 66.46 113.35 -55.28
C ASN I 443 66.88 111.97 -55.82
N VAL I 444 66.01 111.37 -56.66
CA VAL I 444 66.06 109.96 -57.11
C VAL I 444 65.57 109.86 -58.56
N SER I 445 66.41 110.29 -59.50
CA SER I 445 66.22 110.04 -60.94
C SER I 445 67.11 108.86 -61.33
N PHE I 446 66.77 108.21 -62.43
CA PHE I 446 67.61 107.25 -63.18
C PHE I 446 67.84 107.84 -64.57
N ASN I 447 69.05 108.33 -64.86
CA ASN I 447 69.41 108.84 -66.21
C ASN I 447 69.67 107.65 -67.15
N ALA I 448 69.38 107.83 -68.43
CA ALA I 448 69.57 106.83 -69.51
C ALA I 448 71.06 106.50 -69.67
N LYS I 449 71.94 107.52 -69.56
CA LYS I 449 73.42 107.34 -69.74
C LYS I 449 73.96 106.37 -68.68
N ASP I 450 73.50 106.50 -67.44
CA ASP I 450 74.03 105.76 -66.26
C ASP I 450 73.69 104.27 -66.38
N ILE I 451 72.60 103.89 -67.07
CA ILE I 451 72.15 102.46 -67.17
C ILE I 451 72.78 101.82 -68.41
N GLN I 452 73.70 100.87 -68.18
CA GLN I 452 74.73 100.40 -69.14
C GLN I 452 74.35 99.04 -69.76
N ILE I 453 73.13 98.54 -69.49
CA ILE I 453 72.54 97.36 -70.19
C ILE I 453 71.07 97.64 -70.47
N PRO I 454 70.48 97.00 -71.51
CA PRO I 454 69.05 97.16 -71.77
C PRO I 454 68.21 96.60 -70.62
N VAL I 455 67.34 97.44 -70.04
CA VAL I 455 66.29 97.03 -69.06
C VAL I 455 64.96 96.98 -69.78
N TYR I 456 64.27 95.84 -69.71
CA TYR I 456 63.13 95.52 -70.61
C TYR I 456 61.84 95.89 -69.89
N ASP I 457 61.17 96.94 -70.41
CA ASP I 457 59.87 97.48 -69.91
C ASP I 457 58.86 96.33 -69.83
N THR I 458 58.05 96.30 -68.78
CA THR I 458 57.19 95.15 -68.39
C THR I 458 55.84 95.20 -69.14
N PHE I 459 55.58 96.20 -70.01
CA PHE I 459 54.30 96.38 -70.75
C PHE I 459 54.50 96.12 -72.25
N ASP I 460 55.45 96.84 -72.89
CA ASP I 460 55.80 96.71 -74.32
C ASP I 460 56.79 95.56 -74.51
N GLY I 461 57.92 95.62 -73.78
CA GLY I 461 59.14 94.82 -74.02
C GLY I 461 60.25 95.68 -74.61
N SER I 462 59.97 96.96 -74.89
CA SER I 462 60.93 97.97 -75.39
C SER I 462 61.96 98.27 -74.30
N ASP I 463 63.17 98.67 -74.69
CA ASP I 463 64.26 99.10 -73.76
C ASP I 463 63.86 100.43 -73.11
N LEU I 464 64.11 100.59 -71.79
CA LEU I 464 63.81 101.81 -71.00
C LEU I 464 64.81 102.94 -71.31
N ARG I 465 65.96 102.61 -71.93
CA ARG I 465 67.07 103.56 -72.23
C ARG I 465 66.67 104.49 -73.37
N VAL I 466 65.60 104.16 -74.08
CA VAL I 466 65.19 104.80 -75.37
C VAL I 466 64.23 105.97 -75.08
N LEU I 467 63.39 105.86 -74.04
CA LEU I 467 62.31 106.84 -73.67
C LEU I 467 62.83 108.28 -73.70
N SER I 468 61.98 109.21 -74.17
CA SER I 468 62.25 110.68 -74.21
C SER I 468 62.11 111.29 -72.81
N GLY I 469 61.11 110.85 -72.03
CA GLY I 469 60.76 111.44 -70.72
C GLY I 469 61.56 110.82 -69.59
N SER I 470 60.96 110.79 -68.39
CA SER I 470 61.57 110.20 -67.16
C SER I 470 61.47 108.67 -67.24
N ILE I 471 62.53 107.98 -66.82
CA ILE I 471 62.56 106.49 -66.64
C ILE I 471 61.93 106.17 -65.28
N SER I 472 62.26 106.94 -64.24
CA SER I 472 61.65 106.89 -62.88
C SER I 472 60.11 106.93 -62.98
N GLU I 473 59.56 107.92 -63.70
CA GLU I 473 58.08 108.06 -63.93
C GLU I 473 57.52 106.76 -64.51
N ARG I 474 58.09 106.30 -65.63
CA ARG I 474 57.58 105.16 -66.41
C ARG I 474 57.41 103.95 -65.48
N ILE I 475 58.47 103.62 -64.75
CA ILE I 475 58.60 102.42 -63.87
C ILE I 475 57.47 102.42 -62.83
N VAL I 476 57.10 103.59 -62.31
CA VAL I 476 55.95 103.78 -61.36
C VAL I 476 54.65 103.39 -62.09
N ASP I 477 54.39 103.93 -63.28
CA ASP I 477 53.18 103.60 -64.10
C ASP I 477 53.13 102.11 -64.41
N CYS I 478 54.29 101.46 -64.59
CA CYS I 478 54.42 100.02 -64.94
C CYS I 478 54.07 99.12 -63.75
N ILE I 479 54.00 99.67 -62.53
CA ILE I 479 53.68 98.94 -61.27
C ILE I 479 52.31 99.37 -60.75
N ILE I 480 52.04 100.68 -60.77
CA ILE I 480 50.73 101.29 -60.38
C ILE I 480 49.68 100.89 -61.41
N ARG I 481 49.75 101.47 -62.61
CA ARG I 481 48.63 101.48 -63.58
C ARG I 481 48.74 100.24 -64.49
N LEU I 482 49.76 100.20 -65.34
CA LEU I 482 49.76 99.39 -66.59
C LEU I 482 49.82 97.92 -66.27
N PRO I 483 49.29 97.04 -67.15
CA PRO I 483 49.40 95.60 -66.97
C PRO I 483 50.82 95.11 -67.27
N VAL I 484 51.05 93.80 -67.06
CA VAL I 484 52.37 93.14 -67.23
C VAL I 484 52.21 92.02 -68.24
N LYS I 485 52.79 92.22 -69.43
CA LYS I 485 52.74 91.24 -70.55
C LYS I 485 54.07 90.49 -70.56
N TRP I 486 54.20 89.49 -69.70
CA TRP I 486 55.49 88.80 -69.41
C TRP I 486 56.00 88.20 -70.71
N GLU I 487 55.18 87.38 -71.36
CA GLU I 487 55.49 86.69 -72.65
C GLU I 487 56.15 87.66 -73.65
N THR I 488 55.76 88.94 -73.69
CA THR I 488 56.26 89.94 -74.68
C THR I 488 57.43 90.78 -74.13
N THR I 489 57.63 90.85 -72.81
CA THR I 489 58.81 91.54 -72.20
C THR I 489 60.00 90.59 -72.20
N THR I 490 59.75 89.28 -72.18
CA THR I 490 60.78 88.21 -72.10
C THR I 490 60.99 87.68 -73.52
N GLN I 491 61.00 88.60 -74.51
CA GLN I 491 61.00 88.32 -75.97
C GLN I 491 62.43 88.40 -76.53
N PHE I 492 63.37 88.97 -75.77
CA PHE I 492 64.85 88.76 -75.91
C PHE I 492 65.13 87.27 -76.09
N LYS I 493 66.29 86.92 -76.66
CA LYS I 493 66.80 85.52 -76.72
C LYS I 493 68.08 85.43 -75.90
N ALA I 494 68.24 84.31 -75.20
CA ALA I 494 69.37 84.07 -74.27
C ALA I 494 69.41 82.60 -73.79
N THR I 495 70.61 82.01 -73.74
CA THR I 495 70.85 80.61 -73.29
C THR I 495 70.46 80.42 -71.83
N HIS I 496 70.74 81.40 -70.97
CA HIS I 496 70.67 81.24 -69.50
C HIS I 496 69.89 82.41 -68.88
N ILE I 497 69.09 82.14 -67.84
CA ILE I 497 68.29 83.18 -67.15
C ILE I 497 68.50 83.03 -65.64
N LEU I 498 69.05 84.06 -64.99
CA LEU I 498 69.21 84.12 -63.52
C LEU I 498 67.93 84.73 -62.92
N ASP I 499 67.31 84.05 -61.95
CA ASP I 499 66.16 84.57 -61.16
C ASP I 499 66.66 84.85 -59.73
N PHE I 500 67.00 86.11 -59.47
CA PHE I 500 67.44 86.59 -58.14
C PHE I 500 66.27 86.69 -57.17
N GLY I 501 65.04 86.75 -57.69
CA GLY I 501 63.86 87.22 -56.97
C GLY I 501 63.44 86.23 -55.89
N PRO I 502 62.42 86.60 -55.10
CA PRO I 502 62.00 85.80 -53.95
C PRO I 502 61.12 84.64 -54.42
N GLY I 503 61.08 83.54 -53.65
CA GLY I 503 60.20 82.39 -53.88
C GLY I 503 60.98 81.13 -54.19
N GLY I 504 62.04 81.24 -54.97
CA GLY I 504 62.83 80.07 -55.40
C GLY I 504 62.08 79.29 -56.45
N ALA I 505 61.78 78.02 -56.19
CA ALA I 505 61.06 77.11 -57.10
C ALA I 505 59.61 77.58 -57.35
N SER I 506 59.00 78.28 -56.38
CA SER I 506 57.64 78.90 -56.47
C SER I 506 57.72 80.28 -57.13
N GLY I 507 58.90 80.69 -57.60
CA GLY I 507 59.17 82.09 -57.99
C GLY I 507 58.86 82.36 -59.45
N LEU I 508 59.38 83.48 -59.94
CA LEU I 508 59.19 83.95 -61.33
C LEU I 508 59.99 83.06 -62.29
N GLY I 509 61.21 82.68 -61.89
CA GLY I 509 62.10 81.89 -62.73
C GLY I 509 61.38 80.68 -63.30
N VAL I 510 60.83 79.84 -62.44
CA VAL I 510 60.20 78.55 -62.83
C VAL I 510 58.93 78.80 -63.65
N LEU I 511 58.26 79.93 -63.50
CA LEU I 511 57.18 80.32 -64.42
C LEU I 511 57.79 80.63 -65.78
N THR I 512 58.87 81.42 -65.83
CA THR I 512 59.61 81.77 -67.07
C THR I 512 60.15 80.50 -67.76
N HIS I 513 60.41 79.43 -67.00
CA HIS I 513 60.91 78.14 -67.54
C HIS I 513 59.83 77.46 -68.38
N ARG I 514 58.57 77.52 -67.92
CA ARG I 514 57.41 76.87 -68.58
C ARG I 514 57.04 77.65 -69.84
N ASN I 515 57.13 78.98 -69.80
CA ASN I 515 56.81 79.83 -70.96
C ASN I 515 57.75 79.54 -72.12
N LYS I 516 59.01 79.13 -71.85
CA LYS I 516 59.99 78.92 -72.93
C LYS I 516 60.77 77.61 -72.74
N ASP I 517 60.12 76.61 -72.14
CA ASP I 517 60.48 75.17 -72.28
C ASP I 517 60.55 74.84 -73.77
N GLY I 518 61.67 74.25 -74.21
CA GLY I 518 61.87 73.75 -75.57
C GLY I 518 62.54 74.73 -76.53
N THR I 519 62.73 76.00 -76.17
CA THR I 519 63.43 77.02 -77.00
C THR I 519 64.94 77.02 -76.73
N GLY I 520 65.40 76.20 -75.77
CA GLY I 520 66.83 76.02 -75.45
C GLY I 520 67.32 77.12 -74.53
N VAL I 521 66.63 77.30 -73.41
CA VAL I 521 66.84 78.37 -72.41
C VAL I 521 66.79 77.72 -71.03
N ARG I 522 67.89 77.85 -70.30
CA ARG I 522 68.06 77.27 -68.95
C ARG I 522 67.82 78.40 -67.96
N VAL I 523 66.85 78.23 -67.09
CA VAL I 523 66.60 79.16 -65.95
C VAL I 523 67.37 78.64 -64.74
N ILE I 524 68.20 79.48 -64.13
CA ILE I 524 68.87 79.20 -62.83
C ILE I 524 68.15 80.03 -61.77
N VAL I 525 67.82 79.42 -60.65
CA VAL I 525 67.12 80.09 -59.51
C VAL I 525 68.18 80.56 -58.51
N ALA I 526 68.74 81.73 -58.73
CA ALA I 526 69.98 82.23 -58.07
C ALA I 526 69.85 82.40 -56.54
N GLY I 527 68.65 82.34 -55.97
CA GLY I 527 68.43 82.61 -54.55
C GLY I 527 68.49 81.36 -53.69
N THR I 528 67.73 80.33 -54.07
CA THR I 528 67.61 79.05 -53.33
C THR I 528 68.78 78.13 -53.69
N LEU I 529 69.26 77.35 -52.72
CA LEU I 529 70.06 76.12 -52.94
C LEU I 529 69.15 74.92 -52.67
N ASP I 530 69.19 73.91 -53.55
CA ASP I 530 68.29 72.73 -53.53
C ASP I 530 68.67 71.85 -54.71
N ILE I 531 67.93 70.76 -54.92
CA ILE I 531 68.18 69.79 -56.02
C ILE I 531 66.88 69.52 -56.77
N ASN I 532 66.84 69.93 -58.04
CA ASN I 532 65.78 69.57 -59.00
C ASN I 532 65.99 68.11 -59.36
N PRO I 533 65.02 67.20 -59.15
CA PRO I 533 65.13 65.84 -59.68
C PRO I 533 65.13 65.82 -61.22
N ASP I 534 64.12 66.45 -61.84
CA ASP I 534 63.87 66.42 -63.32
C ASP I 534 64.97 67.17 -64.09
N ASP I 535 65.70 68.06 -63.40
CA ASP I 535 66.86 68.83 -63.90
C ASP I 535 66.44 69.76 -65.05
N ASP I 536 65.14 70.12 -65.14
CA ASP I 536 64.60 71.16 -66.06
C ASP I 536 65.41 72.46 -65.88
N TYR I 537 65.46 72.95 -64.64
CA TYR I 537 66.12 74.22 -64.24
C TYR I 537 67.17 73.90 -63.18
N GLY I 538 67.98 74.89 -62.81
CA GLY I 538 69.04 74.78 -61.79
C GLY I 538 68.77 75.65 -60.58
N PHE I 539 69.59 75.48 -59.56
CA PHE I 539 69.70 76.38 -58.38
C PHE I 539 71.15 76.87 -58.26
N LYS I 540 71.43 77.76 -57.30
CA LYS I 540 72.70 78.53 -57.13
C LYS I 540 73.93 77.75 -57.60
N GLN I 541 74.06 76.48 -57.17
CA GLN I 541 75.17 75.58 -57.55
C GLN I 541 75.75 75.99 -58.90
N GLU I 542 74.89 75.99 -59.91
CA GLU I 542 75.22 76.17 -61.33
C GLU I 542 76.07 77.42 -61.54
N ILE I 543 75.74 78.52 -60.84
CA ILE I 543 76.38 79.84 -61.07
C ILE I 543 77.85 79.71 -60.70
N PHE I 544 78.15 78.94 -59.65
CA PHE I 544 79.49 78.90 -58.98
C PHE I 544 80.32 77.72 -59.52
N ASP I 545 79.70 76.56 -59.70
CA ASP I 545 80.34 75.30 -60.20
C ASP I 545 81.34 75.59 -61.33
N VAL I 546 82.49 74.89 -61.30
CA VAL I 546 83.75 75.13 -62.07
C VAL I 546 83.92 74.04 -63.14
N THR I 547 83.47 72.82 -62.85
CA THR I 547 83.34 71.66 -63.77
C THR I 547 82.40 72.02 -64.94
N SER I 548 82.07 71.05 -65.80
CA SER I 548 81.10 71.21 -66.92
C SER I 548 79.65 70.97 -66.44
N ASN I 549 79.44 70.70 -65.15
CA ASN I 549 78.09 70.67 -64.50
C ASN I 549 77.57 72.08 -64.22
N GLY I 550 78.36 73.13 -64.48
CA GLY I 550 77.96 74.55 -64.35
C GLY I 550 77.34 75.08 -65.63
N LEU I 551 77.88 74.68 -66.79
CA LEU I 551 77.34 75.06 -68.12
C LEU I 551 76.44 73.93 -68.63
N LYS I 552 75.20 73.88 -68.14
CA LYS I 552 74.16 72.95 -68.61
C LYS I 552 73.24 73.68 -69.58
N LYS I 553 73.00 73.14 -70.76
CA LYS I 553 72.09 73.74 -71.75
C LYS I 553 70.83 72.88 -71.83
N ASN I 554 69.68 73.53 -71.76
CA ASN I 554 68.35 72.91 -71.97
C ASN I 554 68.19 72.68 -73.46
N PRO I 555 67.45 71.62 -73.87
CA PRO I 555 67.32 71.29 -75.29
C PRO I 555 66.39 72.23 -76.06
N ASN I 556 66.92 72.90 -77.10
CA ASN I 556 66.14 73.51 -78.21
C ASN I 556 65.70 72.38 -79.13
N TRP I 557 64.42 72.00 -79.06
CA TRP I 557 63.84 70.82 -79.75
C TRP I 557 64.08 70.90 -81.26
N LEU I 558 63.87 72.07 -81.88
CA LEU I 558 64.04 72.28 -83.34
C LEU I 558 65.45 71.87 -83.81
N GLU I 559 66.47 71.94 -82.96
CA GLU I 559 67.87 71.63 -83.35
C GLU I 559 68.21 70.19 -82.96
N GLU I 560 67.79 69.72 -81.79
CA GLU I 560 68.02 68.32 -81.34
C GLU I 560 67.44 67.40 -82.40
N TYR I 561 66.15 67.59 -82.70
CA TYR I 561 65.30 66.66 -83.49
C TYR I 561 65.00 67.23 -84.88
N HIS I 562 65.81 68.14 -85.37
CA HIS I 562 65.89 68.53 -86.80
C HIS I 562 65.90 67.26 -87.65
N PRO I 563 64.99 67.09 -88.64
CA PRO I 563 65.13 66.01 -89.61
C PRO I 563 66.28 66.31 -90.57
N LYS I 564 67.02 65.28 -90.96
CA LYS I 564 68.20 65.42 -91.84
C LYS I 564 68.06 64.45 -93.01
N LEU I 565 68.84 64.66 -94.06
CA LEU I 565 69.05 63.67 -95.15
C LEU I 565 70.42 63.00 -94.98
N ILE I 566 70.53 61.78 -95.51
CA ILE I 566 71.78 60.98 -95.52
C ILE I 566 71.74 60.00 -96.68
N LYS I 567 72.90 59.59 -97.20
CA LYS I 567 73.05 58.62 -98.31
C LYS I 567 73.74 57.35 -97.83
N ASN I 568 73.58 56.28 -98.63
CA ASN I 568 74.41 55.06 -98.63
C ASN I 568 75.61 55.23 -99.55
N LYS I 569 76.44 54.19 -99.63
CA LYS I 569 77.40 53.91 -100.72
C LYS I 569 76.67 53.79 -102.07
N SER I 570 75.46 53.21 -102.06
CA SER I 570 74.58 52.99 -103.26
C SER I 570 73.86 54.28 -103.68
N GLY I 571 74.02 55.37 -102.92
CA GLY I 571 73.41 56.67 -103.22
C GLY I 571 71.89 56.67 -103.06
N LYS I 572 71.37 55.83 -102.16
CA LYS I 572 69.95 55.87 -101.73
C LYS I 572 69.82 56.94 -100.63
N ILE I 573 68.96 57.93 -100.86
CA ILE I 573 68.70 59.02 -99.87
C ILE I 573 67.65 58.53 -98.87
N PHE I 574 67.86 58.83 -97.59
CA PHE I 574 66.94 58.53 -96.48
C PHE I 574 66.56 59.82 -95.77
N VAL I 575 65.40 59.86 -95.11
CA VAL I 575 65.09 60.88 -94.08
C VAL I 575 65.60 60.37 -92.73
N GLU I 576 66.58 61.04 -92.17
CA GLU I 576 67.30 60.61 -90.94
C GLU I 576 66.53 61.22 -89.76
N THR I 577 65.85 60.38 -89.00
CA THR I 577 65.28 60.74 -87.69
C THR I 577 65.74 59.70 -86.66
N LYS I 578 65.68 60.07 -85.40
CA LYS I 578 65.92 59.16 -84.25
C LYS I 578 65.42 57.74 -84.57
N PHE I 579 64.29 57.60 -85.26
CA PHE I 579 63.61 56.31 -85.52
C PHE I 579 64.24 55.56 -86.69
N SER I 580 64.48 56.21 -87.83
CA SER I 580 65.08 55.58 -89.03
C SER I 580 66.55 55.22 -88.76
N LYS I 581 67.31 56.09 -88.10
CA LYS I 581 68.67 55.78 -87.62
C LYS I 581 68.72 54.38 -87.00
N LEU I 582 67.73 53.98 -86.20
CA LEU I 582 67.67 52.64 -85.57
C LEU I 582 67.40 51.59 -86.65
N ILE I 583 66.28 51.67 -87.35
CA ILE I 583 65.70 50.54 -88.14
C ILE I 583 66.33 50.45 -89.52
N GLY I 584 67.01 51.52 -89.97
CA GLY I 584 67.81 51.53 -91.20
C GLY I 584 66.94 51.58 -92.44
N ARG I 585 65.69 51.98 -92.28
CA ARG I 585 64.69 52.09 -93.36
C ARG I 585 64.00 53.42 -93.14
N PRO I 586 63.26 53.95 -94.14
CA PRO I 586 62.52 55.20 -93.97
C PRO I 586 61.63 55.26 -92.75
N PRO I 587 61.46 56.44 -92.13
CA PRO I 587 60.71 56.57 -90.88
C PRO I 587 59.19 56.51 -91.00
N LEU I 588 58.67 55.84 -92.03
CA LEU I 588 57.23 55.57 -92.26
C LEU I 588 56.96 54.10 -91.95
N LEU I 589 55.89 53.80 -91.23
CA LEU I 589 55.47 52.42 -90.92
C LEU I 589 53.98 52.24 -91.13
N VAL I 590 53.60 51.10 -91.73
CA VAL I 590 52.20 50.59 -91.78
C VAL I 590 51.93 49.87 -90.47
N PRO I 591 50.93 50.27 -89.68
CA PRO I 591 50.69 49.63 -88.38
C PRO I 591 49.87 48.35 -88.57
N GLY I 592 49.66 47.63 -87.48
CA GLY I 592 48.94 46.35 -87.47
C GLY I 592 47.45 46.61 -87.58
N MET I 593 46.88 46.37 -88.75
CA MET I 593 45.42 46.43 -88.98
C MET I 593 44.89 45.00 -89.06
N THR I 594 43.85 44.65 -88.28
CA THR I 594 43.30 43.28 -88.12
C THR I 594 43.04 42.64 -89.47
N PRO I 595 42.09 43.12 -90.30
CA PRO I 595 41.85 42.46 -91.58
C PRO I 595 42.97 42.70 -92.60
N CYS I 596 43.71 43.82 -92.57
CA CYS I 596 44.52 44.32 -93.73
C CYS I 596 45.96 43.78 -93.70
N THR I 597 46.66 43.94 -92.59
CA THR I 597 48.04 43.42 -92.38
C THR I 597 48.02 42.04 -91.70
N VAL I 598 46.91 41.32 -91.74
CA VAL I 598 46.87 39.89 -91.29
C VAL I 598 47.46 39.05 -92.42
N SER I 599 47.18 39.40 -93.68
CA SER I 599 47.60 38.56 -94.83
C SER I 599 49.12 38.55 -94.87
N PRO I 600 49.79 37.39 -94.74
CA PRO I 600 51.23 37.34 -94.97
C PRO I 600 51.65 37.94 -96.33
N ASP I 601 50.80 37.89 -97.36
CA ASP I 601 51.20 38.30 -98.73
C ASP I 601 51.39 39.83 -98.82
N PHE I 602 50.75 40.59 -97.94
CA PHE I 602 50.87 42.08 -97.86
C PHE I 602 52.09 42.46 -97.03
N VAL I 603 52.17 41.89 -95.83
CA VAL I 603 53.32 42.04 -94.88
C VAL I 603 54.61 41.78 -95.63
N ALA I 604 54.62 40.78 -96.49
CA ALA I 604 55.76 40.44 -97.37
C ALA I 604 55.99 41.56 -98.39
N ALA I 605 54.95 41.96 -99.13
CA ALA I 605 55.06 42.93 -100.26
C ALA I 605 55.52 44.29 -99.74
N THR I 606 55.07 44.68 -98.55
CA THR I 606 55.42 45.97 -97.89
C THR I 606 56.89 45.89 -97.49
N THR I 607 57.26 44.84 -96.77
CA THR I 607 58.66 44.57 -96.31
C THR I 607 59.60 44.52 -97.51
N ASN I 608 59.21 43.86 -98.61
CA ASN I 608 60.04 43.72 -99.83
C ASN I 608 60.24 45.10 -100.45
N ALA I 609 59.23 45.97 -100.35
CA ALA I 609 59.22 47.35 -100.91
C ALA I 609 60.22 48.23 -100.16
N GLY I 610 60.41 47.99 -98.86
CA GLY I 610 61.49 48.59 -98.06
C GLY I 610 60.98 49.40 -96.91
N TYR I 611 59.90 48.97 -96.28
CA TYR I 611 59.08 49.73 -95.30
C TYR I 611 58.67 48.79 -94.18
N THR I 612 58.31 49.33 -93.02
CA THR I 612 58.11 48.54 -91.79
C THR I 612 56.63 48.21 -91.69
N ILE I 613 56.31 47.00 -91.26
CA ILE I 613 54.88 46.60 -91.10
C ILE I 613 54.73 45.59 -89.96
N GLU I 614 53.68 45.78 -89.17
CA GLU I 614 53.28 44.85 -88.09
C GLU I 614 52.37 43.79 -88.72
N LEU I 615 52.68 42.50 -88.57
CA LEU I 615 51.74 41.38 -88.82
C LEU I 615 50.75 41.34 -87.67
N ALA I 616 49.45 41.27 -87.98
CA ALA I 616 48.34 41.52 -87.03
C ALA I 616 47.95 40.22 -86.30
N GLY I 617 48.07 40.20 -84.98
CA GLY I 617 47.69 39.05 -84.15
C GLY I 617 46.19 38.86 -84.17
N GLY I 618 45.43 39.97 -84.13
CA GLY I 618 43.96 40.01 -84.25
C GLY I 618 43.37 38.96 -85.18
N GLY I 619 44.07 38.60 -86.26
CA GLY I 619 43.54 37.70 -87.29
C GLY I 619 43.86 36.24 -87.02
N TYR I 620 44.44 35.92 -85.87
CA TYR I 620 44.92 34.55 -85.54
C TYR I 620 44.47 34.20 -84.13
N PHE I 621 44.07 32.94 -83.94
CA PHE I 621 43.42 32.42 -82.70
C PHE I 621 44.37 31.49 -81.96
N SER I 622 45.13 30.67 -82.69
CA SER I 622 46.11 29.71 -82.15
C SER I 622 47.52 30.15 -82.50
N ALA I 623 48.48 29.90 -81.61
CA ALA I 623 49.93 29.93 -81.88
C ALA I 623 50.29 29.07 -83.09
N ALA I 624 49.54 28.02 -83.39
CA ALA I 624 49.82 27.13 -84.55
C ALA I 624 49.53 27.87 -85.86
N GLY I 625 48.40 28.57 -85.91
CA GLY I 625 47.91 29.27 -87.11
C GLY I 625 48.69 30.52 -87.40
N MET I 626 49.24 31.18 -86.37
CA MET I 626 50.15 32.35 -86.53
C MET I 626 51.48 31.85 -87.09
N THR I 627 52.09 30.87 -86.44
CA THR I 627 53.36 30.22 -86.88
C THR I 627 53.27 29.95 -88.39
N ALA I 628 52.15 29.39 -88.86
CA ALA I 628 51.89 29.08 -90.29
C ALA I 628 52.02 30.33 -91.15
N ALA I 629 51.49 31.47 -90.65
CA ALA I 629 51.51 32.80 -91.30
C ALA I 629 52.94 33.35 -91.31
N ILE I 630 53.54 33.53 -90.13
CA ILE I 630 54.94 34.02 -89.96
C ILE I 630 55.88 33.23 -90.90
N ASP I 631 55.70 31.92 -91.03
CA ASP I 631 56.50 31.06 -91.95
C ASP I 631 56.23 31.47 -93.40
N SER I 632 54.99 31.85 -93.70
CA SER I 632 54.55 32.27 -95.06
C SER I 632 55.20 33.61 -95.40
N VAL I 633 55.27 34.53 -94.43
CA VAL I 633 56.00 35.84 -94.56
C VAL I 633 57.45 35.50 -94.92
N VAL I 634 58.15 34.84 -93.99
CA VAL I 634 59.61 34.57 -94.03
C VAL I 634 60.01 33.96 -95.38
N SER I 635 59.20 33.09 -95.96
CA SER I 635 59.49 32.43 -97.27
C SER I 635 59.45 33.47 -98.40
N GLN I 636 58.56 34.47 -98.32
CA GLN I 636 58.27 35.45 -99.42
C GLN I 636 59.21 36.66 -99.36
N ILE I 637 59.81 36.96 -98.20
CA ILE I 637 60.74 38.13 -98.02
C ILE I 637 62.17 37.76 -98.42
N GLU I 638 63.01 38.77 -98.65
CA GLU I 638 64.46 38.66 -98.97
C GLU I 638 65.27 38.48 -97.69
N LYS I 639 66.43 37.82 -97.79
CA LYS I 639 67.34 37.52 -96.65
C LYS I 639 67.72 38.83 -95.95
N GLY I 640 67.62 38.85 -94.62
CA GLY I 640 68.06 40.00 -93.80
C GLY I 640 66.95 41.03 -93.59
N SER I 641 65.83 40.90 -94.30
CA SER I 641 64.57 41.63 -94.03
C SER I 641 63.99 41.17 -92.70
N THR I 642 63.13 42.00 -92.13
CA THR I 642 62.44 41.81 -90.83
C THR I 642 61.02 42.34 -90.93
N PHE I 643 60.17 41.95 -89.99
CA PHE I 643 58.83 42.55 -89.80
C PHE I 643 58.53 42.49 -88.32
N GLY I 644 57.36 42.97 -87.90
CA GLY I 644 56.97 43.01 -86.48
C GLY I 644 55.61 42.40 -86.29
N ILE I 645 55.10 42.43 -85.06
CA ILE I 645 53.86 41.71 -84.65
C ILE I 645 53.01 42.65 -83.79
N ASN I 646 51.73 42.74 -84.11
CA ASN I 646 50.72 43.49 -83.32
C ASN I 646 49.95 42.48 -82.47
N LEU I 647 50.00 42.59 -81.14
CA LEU I 647 49.13 41.82 -80.20
C LEU I 647 48.30 42.82 -79.41
N ILE I 648 47.01 42.53 -79.25
CA ILE I 648 46.03 43.43 -78.56
C ILE I 648 46.06 43.10 -77.06
N TYR I 649 46.32 44.07 -76.19
CA TYR I 649 46.39 43.90 -74.71
C TYR I 649 45.02 43.63 -74.07
N VAL I 650 43.94 43.93 -74.79
CA VAL I 650 42.52 43.75 -74.35
C VAL I 650 42.11 42.28 -74.51
N ASN I 651 42.84 41.48 -75.29
CA ASN I 651 42.47 40.09 -75.67
C ASN I 651 43.42 39.17 -74.92
N PRO I 652 43.19 38.87 -73.62
CA PRO I 652 44.23 38.27 -72.80
C PRO I 652 44.46 36.81 -73.20
N PHE I 653 43.55 36.25 -73.98
CA PHE I 653 43.74 34.94 -74.64
C PHE I 653 44.87 35.06 -75.68
N MET I 654 44.84 36.07 -76.56
CA MET I 654 45.89 36.31 -77.61
C MET I 654 47.27 36.46 -76.95
N LEU I 655 47.34 37.03 -75.75
CA LEU I 655 48.63 37.30 -75.07
C LEU I 655 49.21 36.02 -74.46
N GLN I 656 48.38 35.14 -73.89
CA GLN I 656 48.88 33.92 -73.19
C GLN I 656 49.25 32.84 -74.21
N TRP I 657 48.99 33.01 -75.51
CA TRP I 657 49.68 32.18 -76.56
C TRP I 657 50.68 33.04 -77.32
N GLY I 658 50.34 34.29 -77.64
CA GLY I 658 51.13 35.21 -78.48
C GLY I 658 52.54 35.43 -77.97
N ILE I 659 52.68 35.82 -76.70
CA ILE I 659 53.97 36.21 -76.06
C ILE I 659 54.90 34.99 -76.01
N PRO I 660 54.51 33.83 -75.42
CA PRO I 660 55.24 32.58 -75.60
C PRO I 660 55.73 32.27 -77.01
N LEU I 661 54.87 32.48 -78.01
CA LEU I 661 55.14 32.11 -79.42
C LEU I 661 56.26 32.99 -79.97
N ILE I 662 56.39 34.23 -79.48
CA ILE I 662 57.43 35.16 -79.99
C ILE I 662 58.75 34.72 -79.37
N LYS I 663 58.79 34.57 -78.05
CA LYS I 663 59.96 34.07 -77.27
C LYS I 663 60.52 32.80 -77.92
N GLU I 664 59.65 31.82 -78.17
CA GLU I 664 59.99 30.53 -78.79
C GLU I 664 60.54 30.77 -80.20
N LEU I 665 59.93 31.68 -80.96
CA LEU I 665 60.29 31.95 -82.38
C LEU I 665 61.58 32.79 -82.43
N ARG I 666 61.74 33.70 -81.49
CA ARG I 666 62.89 34.64 -81.44
C ARG I 666 64.17 33.85 -81.08
N SER I 667 64.06 32.93 -80.12
CA SER I 667 65.11 31.99 -79.67
C SER I 667 65.58 31.07 -80.81
N LYS I 668 64.73 30.73 -81.77
CA LYS I 668 65.15 29.99 -83.00
C LYS I 668 65.72 30.95 -84.05
N GLY I 669 65.59 32.27 -83.85
CA GLY I 669 66.18 33.31 -84.71
C GLY I 669 65.27 33.81 -85.82
N TYR I 670 63.95 33.61 -85.76
CA TYR I 670 62.97 34.17 -86.73
C TYR I 670 63.10 35.69 -86.75
N PRO I 671 63.07 36.35 -87.93
CA PRO I 671 63.31 37.78 -88.03
C PRO I 671 62.11 38.63 -87.59
N ILE I 672 61.83 38.62 -86.29
CA ILE I 672 60.80 39.46 -85.63
C ILE I 672 61.56 40.65 -85.03
N GLN I 673 61.65 41.77 -85.77
CA GLN I 673 62.38 42.99 -85.35
C GLN I 673 61.74 43.58 -84.10
N PHE I 674 60.41 43.61 -84.02
CA PHE I 674 59.71 44.33 -82.92
C PHE I 674 58.32 43.77 -82.68
N LEU I 675 57.80 44.03 -81.50
CA LEU I 675 56.41 43.71 -81.12
C LEU I 675 55.74 45.04 -80.76
N THR I 676 54.57 45.30 -81.34
CA THR I 676 53.70 46.46 -80.99
C THR I 676 52.55 45.93 -80.18
N ILE I 677 52.20 46.60 -79.09
CA ILE I 677 51.04 46.23 -78.25
C ILE I 677 49.97 47.28 -78.51
N GLY I 678 48.87 46.89 -79.15
CA GLY I 678 47.71 47.75 -79.44
C GLY I 678 46.76 47.76 -78.26
N ALA I 679 45.82 48.71 -78.26
CA ALA I 679 44.66 48.78 -77.34
C ALA I 679 45.12 48.60 -75.90
N GLY I 680 45.77 49.63 -75.34
CA GLY I 680 46.21 49.66 -73.94
C GLY I 680 47.72 49.63 -73.81
N VAL I 681 48.21 49.91 -72.61
CA VAL I 681 49.66 49.87 -72.28
C VAL I 681 49.86 48.93 -71.09
N PRO I 682 50.78 47.96 -71.19
CA PRO I 682 51.06 47.06 -70.07
C PRO I 682 51.46 47.78 -68.77
N SER I 683 51.45 47.06 -67.65
CA SER I 683 51.99 47.49 -66.33
C SER I 683 53.51 47.36 -66.38
N LEU I 684 54.25 48.08 -65.53
CA LEU I 684 55.74 48.08 -65.56
C LEU I 684 56.29 46.64 -65.62
N GLU I 685 55.74 45.74 -64.79
CA GLU I 685 56.35 44.41 -64.52
C GLU I 685 56.07 43.45 -65.68
N VAL I 686 55.04 43.72 -66.48
CA VAL I 686 54.70 42.92 -67.69
C VAL I 686 55.56 43.40 -68.86
N ALA I 687 55.63 44.71 -69.08
CA ALA I 687 56.50 45.35 -70.09
C ALA I 687 57.96 44.94 -69.82
N SER I 688 58.38 44.97 -68.56
CA SER I 688 59.72 44.49 -68.10
C SER I 688 59.94 43.06 -68.62
N GLU I 689 58.96 42.17 -68.45
CA GLU I 689 59.02 40.79 -69.00
C GLU I 689 59.15 40.85 -70.53
N TYR I 690 58.36 41.69 -71.23
CA TYR I 690 58.38 41.76 -72.73
C TYR I 690 59.73 42.28 -73.23
N ILE I 691 60.31 43.24 -72.52
CA ILE I 691 61.60 43.89 -72.92
C ILE I 691 62.73 42.87 -72.85
N GLU I 692 62.94 42.29 -71.66
CA GLU I 692 64.12 41.45 -71.31
C GLU I 692 64.02 40.08 -71.99
N THR I 693 62.89 39.43 -71.81
CA THR I 693 62.68 37.97 -72.03
C THR I 693 62.60 37.66 -73.53
N LEU I 694 61.93 38.51 -74.31
CA LEU I 694 61.77 38.34 -75.79
C LEU I 694 62.98 38.99 -76.44
N GLY I 695 63.49 38.45 -77.53
CA GLY I 695 64.72 38.97 -78.16
C GLY I 695 64.40 40.08 -79.16
N LEU I 696 63.80 41.17 -78.67
CA LEU I 696 63.22 42.22 -79.55
C LEU I 696 64.12 43.44 -79.59
N LYS I 697 64.32 43.99 -80.79
CA LYS I 697 65.14 45.21 -81.02
C LYS I 697 64.45 46.37 -80.34
N TYR I 698 63.13 46.50 -80.52
CA TYR I 698 62.31 47.52 -79.80
C TYR I 698 60.85 47.10 -79.60
N LEU I 699 60.20 47.75 -78.64
CA LEU I 699 58.79 47.57 -78.25
C LEU I 699 57.96 48.76 -78.75
N GLY I 700 56.78 48.50 -79.29
CA GLY I 700 55.82 49.54 -79.68
C GLY I 700 54.67 49.64 -78.68
N LEU I 701 54.29 50.86 -78.30
CA LEU I 701 53.16 51.10 -77.39
C LEU I 701 52.24 52.15 -78.02
N LYS I 702 50.93 51.93 -77.95
CA LYS I 702 49.89 52.79 -78.53
C LYS I 702 49.01 53.29 -77.39
N PRO I 703 49.44 54.32 -76.65
CA PRO I 703 48.58 54.95 -75.66
C PRO I 703 47.49 55.84 -76.25
N GLY I 704 46.33 55.87 -75.60
CA GLY I 704 45.16 56.65 -76.02
C GLY I 704 45.10 58.00 -75.33
N SER I 705 45.27 58.03 -74.01
CA SER I 705 45.08 59.22 -73.15
C SER I 705 46.43 59.78 -72.70
N ILE I 706 46.40 60.92 -72.01
CA ILE I 706 47.58 61.53 -71.33
C ILE I 706 48.09 60.54 -70.26
N ASP I 707 47.19 59.89 -69.51
CA ASP I 707 47.56 58.92 -68.43
C ASP I 707 48.36 57.74 -69.01
N ALA I 708 47.97 57.27 -70.18
CA ALA I 708 48.65 56.17 -70.90
C ALA I 708 50.02 56.63 -71.39
N ILE I 709 50.15 57.87 -71.89
CA ILE I 709 51.46 58.44 -72.32
C ILE I 709 52.41 58.49 -71.12
N SER I 710 51.91 58.73 -69.90
CA SER I 710 52.72 58.72 -68.66
C SER I 710 53.21 57.30 -68.37
N GLN I 711 52.32 56.31 -68.47
CA GLN I 711 52.62 54.87 -68.25
C GLN I 711 53.67 54.38 -69.26
N VAL I 712 53.79 55.02 -70.43
CA VAL I 712 54.83 54.69 -71.46
C VAL I 712 56.17 55.26 -71.02
N ILE I 713 56.17 56.50 -70.53
CA ILE I 713 57.37 57.18 -69.98
C ILE I 713 57.93 56.35 -68.80
N ASN I 714 57.08 55.81 -67.92
CA ASN I 714 57.55 55.01 -66.75
C ASN I 714 58.23 53.71 -67.22
N ILE I 715 57.73 53.08 -68.28
CA ILE I 715 58.37 51.86 -68.87
C ILE I 715 59.75 52.23 -69.38
N ALA I 716 59.93 53.46 -69.88
CA ALA I 716 61.14 53.89 -70.61
C ALA I 716 62.21 54.33 -69.61
N LYS I 717 61.81 54.99 -68.53
CA LYS I 717 62.66 55.36 -67.37
C LYS I 717 63.31 54.08 -66.82
N ALA I 718 62.54 53.00 -66.72
CA ALA I 718 62.93 51.73 -66.06
C ALA I 718 63.86 50.87 -66.92
N HIS I 719 63.99 51.15 -68.22
CA HIS I 719 64.88 50.43 -69.16
C HIS I 719 65.52 51.44 -70.10
N PRO I 720 66.36 52.36 -69.57
CA PRO I 720 66.76 53.54 -70.32
C PRO I 720 67.71 53.27 -71.49
N ASN I 721 68.11 52.02 -71.73
CA ASN I 721 68.97 51.65 -72.89
C ASN I 721 68.12 50.99 -73.98
N PHE I 722 66.91 50.57 -73.65
CA PHE I 722 66.02 49.86 -74.59
C PHE I 722 65.19 50.86 -75.37
N PRO I 723 65.12 50.76 -76.71
CA PRO I 723 64.27 51.65 -77.49
C PRO I 723 62.80 51.28 -77.34
N ILE I 724 61.98 52.31 -77.14
CA ILE I 724 60.51 52.25 -77.12
C ILE I 724 59.99 53.18 -78.23
N ALA I 725 59.11 52.69 -79.09
CA ALA I 725 58.41 53.50 -80.10
C ALA I 725 57.04 53.82 -79.55
N LEU I 726 56.87 55.04 -79.04
CA LEU I 726 55.56 55.58 -78.60
C LEU I 726 54.82 55.99 -79.88
N GLN I 727 53.86 55.16 -80.30
CA GLN I 727 53.04 55.31 -81.53
C GLN I 727 51.81 56.12 -81.16
N TRP I 728 51.84 57.43 -81.38
CA TRP I 728 50.77 58.36 -80.95
C TRP I 728 49.76 58.49 -82.07
N THR I 729 48.51 58.20 -81.74
CA THR I 729 47.35 58.17 -82.66
C THR I 729 46.20 58.86 -81.93
N GLY I 730 45.55 59.83 -82.57
CA GLY I 730 44.36 60.48 -82.03
C GLY I 730 43.10 59.62 -82.19
N GLY I 731 41.97 60.16 -81.74
CA GLY I 731 40.62 59.65 -82.02
C GLY I 731 40.24 59.72 -83.50
N ARG I 732 40.88 60.56 -84.30
CA ARG I 732 40.49 60.77 -85.72
C ARG I 732 40.94 59.60 -86.60
N GLY I 733 41.50 58.54 -86.02
CA GLY I 733 42.07 57.39 -86.76
C GLY I 733 41.03 56.32 -87.05
N GLY I 734 41.34 55.42 -87.98
CA GLY I 734 40.42 54.35 -88.39
C GLY I 734 40.35 53.26 -87.34
N GLY I 735 39.31 52.41 -87.39
CA GLY I 735 39.13 51.27 -86.48
C GLY I 735 38.92 51.72 -85.05
N HIS I 736 39.22 50.89 -84.05
CA HIS I 736 38.97 51.24 -82.62
C HIS I 736 39.75 52.51 -82.31
N HIS I 737 39.10 53.52 -81.76
CA HIS I 737 39.67 54.88 -81.59
C HIS I 737 39.31 55.43 -80.20
N SER I 738 40.13 56.34 -79.69
CA SER I 738 39.88 57.05 -78.41
C SER I 738 38.99 58.24 -78.73
N PHE I 739 38.68 59.07 -77.74
CA PHE I 739 37.89 60.32 -77.87
C PHE I 739 38.78 61.55 -78.03
N GLU I 740 40.10 61.35 -77.93
CA GLU I 740 41.10 62.45 -77.73
C GLU I 740 41.37 63.19 -79.03
N ASP I 741 41.62 64.50 -78.94
CA ASP I 741 42.25 65.28 -80.04
C ASP I 741 43.62 64.66 -80.30
N ALA I 742 44.17 64.90 -81.49
CA ALA I 742 45.50 64.39 -81.90
C ALA I 742 46.60 65.34 -81.42
N HIS I 743 46.30 66.64 -81.27
CA HIS I 743 47.27 67.73 -81.06
C HIS I 743 47.43 68.06 -79.57
N THR I 744 46.31 68.31 -78.90
CA THR I 744 46.28 68.83 -77.52
C THR I 744 47.14 67.95 -76.63
N PRO I 745 46.98 66.61 -76.60
CA PRO I 745 47.74 65.77 -75.68
C PRO I 745 49.26 65.80 -75.91
N MET I 746 49.69 65.97 -77.17
CA MET I 746 51.13 66.06 -77.53
C MET I 746 51.72 67.36 -76.99
N LEU I 747 51.09 68.49 -77.24
CA LEU I 747 51.50 69.81 -76.70
C LEU I 747 51.68 69.74 -75.18
N GLN I 748 50.82 69.03 -74.46
CA GLN I 748 50.95 68.88 -73.00
C GLN I 748 52.14 67.97 -72.63
N MET I 749 52.41 66.92 -73.41
CA MET I 749 53.31 65.82 -72.96
C MET I 749 54.64 65.80 -73.71
N TYR I 750 54.74 66.40 -74.90
CA TYR I 750 55.95 66.32 -75.74
C TYR I 750 57.23 66.56 -74.95
N SER I 751 57.25 67.57 -74.10
CA SER I 751 58.42 67.92 -73.23
C SER I 751 58.82 66.74 -72.36
N LYS I 752 57.88 66.08 -71.68
CA LYS I 752 58.20 64.95 -70.76
C LYS I 752 58.69 63.74 -71.55
N ILE I 753 58.17 63.53 -72.76
CA ILE I 753 58.57 62.40 -73.64
C ILE I 753 60.01 62.63 -74.06
N ARG I 754 60.36 63.83 -74.51
CA ARG I 754 61.73 64.15 -74.98
C ARG I 754 62.79 64.16 -73.84
N ARG I 755 62.41 64.19 -72.55
CA ARG I 755 63.36 63.99 -71.40
C ARG I 755 64.08 62.65 -71.56
N HIS I 756 63.35 61.62 -72.00
CA HIS I 756 63.78 60.21 -72.07
C HIS I 756 64.22 59.92 -73.49
N PRO I 757 65.53 59.83 -73.78
CA PRO I 757 66.00 59.74 -75.15
C PRO I 757 65.91 58.35 -75.79
N ASN I 758 65.27 57.38 -75.16
CA ASN I 758 65.04 56.04 -75.78
C ASN I 758 63.60 55.96 -76.29
N ILE I 759 62.84 57.04 -76.25
CA ILE I 759 61.47 57.06 -76.83
C ILE I 759 61.56 57.70 -78.21
N MET I 760 61.31 56.89 -79.22
CA MET I 760 61.17 57.30 -80.63
C MET I 760 59.71 57.65 -80.85
N LEU I 761 59.43 58.92 -81.09
CA LEU I 761 58.06 59.48 -80.97
C LEU I 761 57.42 59.58 -82.35
N ILE I 762 56.42 58.73 -82.60
CA ILE I 762 55.84 58.46 -83.94
C ILE I 762 54.38 58.92 -83.98
N PHE I 763 54.06 59.82 -84.92
CA PHE I 763 52.70 60.39 -85.09
C PHE I 763 51.93 59.48 -86.03
N GLY I 764 50.61 59.46 -85.88
CA GLY I 764 49.67 58.78 -86.78
C GLY I 764 48.26 59.26 -86.56
N SER I 765 47.32 58.85 -87.42
CA SER I 765 45.91 59.29 -87.45
C SER I 765 45.81 60.54 -88.32
N GLY I 766 45.44 60.30 -89.57
CA GLY I 766 44.91 61.33 -90.46
C GLY I 766 45.82 61.59 -91.63
N PHE I 767 46.85 60.78 -91.85
CA PHE I 767 47.91 61.11 -92.84
C PHE I 767 47.71 60.34 -94.14
N GLY I 768 48.28 60.88 -95.22
CA GLY I 768 48.12 60.34 -96.57
C GLY I 768 49.31 60.65 -97.45
N SER I 769 49.55 61.92 -97.73
CA SER I 769 50.63 62.41 -98.62
C SER I 769 51.84 62.79 -97.78
N ALA I 770 52.92 63.24 -98.42
CA ALA I 770 54.05 63.94 -97.77
C ALA I 770 53.56 65.31 -97.26
N ASP I 771 52.84 66.06 -98.11
CA ASP I 771 52.42 67.48 -97.92
C ASP I 771 51.76 67.69 -96.55
N ASP I 772 50.93 66.75 -96.12
CA ASP I 772 50.06 66.91 -94.93
C ASP I 772 50.81 66.46 -93.68
N THR I 773 51.89 65.69 -93.85
CA THR I 773 52.67 65.08 -92.74
C THR I 773 54.02 65.79 -92.55
N TYR I 774 54.43 66.66 -93.48
CA TYR I 774 55.73 67.41 -93.46
C TYR I 774 55.79 68.34 -92.24
N PRO I 775 54.74 69.15 -91.97
CA PRO I 775 54.70 69.95 -90.75
C PRO I 775 55.09 69.26 -89.44
N TYR I 776 54.90 67.94 -89.33
CA TYR I 776 55.19 67.15 -88.11
C TYR I 776 56.65 66.70 -88.11
N LEU I 777 57.20 66.46 -89.28
CA LEU I 777 58.64 66.10 -89.46
C LEU I 777 59.49 67.34 -89.16
N THR I 778 59.09 68.50 -89.71
CA THR I 778 59.78 69.82 -89.57
C THR I 778 59.60 70.40 -88.16
N GLY I 779 58.52 70.04 -87.46
CA GLY I 779 58.18 70.57 -86.14
C GLY I 779 57.23 71.78 -86.19
N GLU I 780 56.97 72.37 -87.36
CA GLU I 780 56.29 73.69 -87.48
C GLU I 780 54.77 73.56 -87.34
N TRP I 781 54.27 72.38 -87.00
CA TRP I 781 52.82 72.17 -86.72
C TRP I 781 52.42 72.78 -85.39
N SER I 782 53.35 72.85 -84.44
CA SER I 782 53.12 73.34 -83.06
C SER I 782 53.28 74.85 -83.05
N THR I 783 53.77 75.44 -84.14
CA THR I 783 53.82 76.90 -84.35
C THR I 783 52.38 77.46 -84.50
N LYS I 784 51.45 76.70 -85.08
CA LYS I 784 50.00 77.07 -85.23
C LYS I 784 49.41 77.41 -83.85
N PHE I 785 49.64 76.53 -82.87
CA PHE I 785 49.09 76.65 -81.50
C PHE I 785 50.01 77.49 -80.59
N ASP I 786 50.90 78.33 -81.16
CA ASP I 786 51.85 79.23 -80.46
C ASP I 786 52.62 78.47 -79.36
N TYR I 787 53.19 77.31 -79.71
CA TYR I 787 54.26 76.62 -78.95
C TYR I 787 55.52 76.70 -79.80
N PRO I 788 56.70 76.32 -79.26
CA PRO I 788 57.92 76.25 -80.06
C PRO I 788 57.94 74.98 -80.87
N PRO I 789 58.67 74.93 -82.01
CA PRO I 789 58.64 73.79 -82.92
C PRO I 789 58.96 72.49 -82.18
N MET I 790 58.36 71.37 -82.59
CA MET I 790 58.17 70.21 -81.67
C MET I 790 58.19 68.88 -82.43
N PRO I 791 59.23 68.58 -83.22
CA PRO I 791 59.13 67.59 -84.29
C PRO I 791 59.20 66.11 -83.90
N PHE I 792 58.65 65.27 -84.78
CA PHE I 792 58.40 63.82 -84.61
C PHE I 792 59.40 63.02 -85.43
N ASP I 793 59.56 61.77 -85.03
CA ASP I 793 60.61 60.85 -85.49
C ASP I 793 60.09 59.98 -86.62
N GLY I 794 58.78 59.73 -86.70
CA GLY I 794 58.20 59.00 -87.86
C GLY I 794 56.68 59.05 -87.90
N PHE I 795 56.09 58.54 -88.98
CA PHE I 795 54.64 58.55 -89.23
C PHE I 795 54.13 57.13 -89.40
N LEU I 796 52.87 56.89 -89.07
CA LEU I 796 52.17 55.65 -89.46
C LEU I 796 50.92 55.96 -90.29
N PHE I 797 50.74 55.18 -91.35
CA PHE I 797 49.61 55.22 -92.31
C PHE I 797 48.83 53.91 -92.20
N GLY I 798 47.67 53.94 -91.53
CA GLY I 798 46.72 52.82 -91.59
C GLY I 798 45.77 52.94 -92.77
N SER I 799 44.67 53.67 -92.57
CA SER I 799 43.61 53.90 -93.57
C SER I 799 44.22 54.09 -94.95
N ARG I 800 45.22 54.96 -95.10
CA ARG I 800 45.74 55.40 -96.42
C ARG I 800 46.10 54.22 -97.33
N VAL I 801 46.46 53.10 -96.72
CA VAL I 801 47.17 52.00 -97.42
C VAL I 801 46.21 50.86 -97.76
N MET I 802 44.90 51.02 -97.49
CA MET I 802 43.85 49.95 -97.57
C MET I 802 43.29 49.82 -98.99
N ILE I 803 43.75 50.61 -99.96
CA ILE I 803 43.33 50.47 -101.38
C ILE I 803 44.57 50.18 -102.21
N ALA I 804 45.62 49.66 -101.59
CA ALA I 804 46.86 49.25 -102.26
C ALA I 804 46.59 47.98 -103.07
N LYS I 805 47.44 47.70 -104.06
CA LYS I 805 47.25 46.57 -105.01
C LYS I 805 47.28 45.24 -104.23
N GLU I 806 48.13 45.14 -103.21
CA GLU I 806 48.54 43.86 -102.60
C GLU I 806 47.75 43.56 -101.32
N VAL I 807 46.94 44.50 -100.83
CA VAL I 807 45.97 44.22 -99.73
C VAL I 807 44.80 43.44 -100.33
N LYS I 808 44.24 42.53 -99.53
CA LYS I 808 43.30 41.49 -100.00
C LYS I 808 41.86 42.04 -100.01
N THR I 809 41.62 43.21 -99.39
CA THR I 809 40.36 44.01 -99.46
C THR I 809 39.75 43.86 -100.87
N SER I 810 38.45 43.54 -100.95
CA SER I 810 37.78 43.06 -102.18
C SER I 810 37.60 44.20 -103.17
N PRO I 811 37.81 43.97 -104.48
CA PRO I 811 37.72 45.01 -105.49
C PRO I 811 36.62 46.06 -105.28
N ASP I 812 35.44 45.61 -104.83
CA ASP I 812 34.24 46.46 -104.64
C ASP I 812 34.35 47.28 -103.35
N ALA I 813 35.00 46.76 -102.30
CA ALA I 813 35.23 47.51 -101.04
C ALA I 813 36.29 48.59 -101.22
N LYS I 814 37.21 48.43 -102.19
CA LYS I 814 38.16 49.50 -102.61
C LYS I 814 37.39 50.62 -103.31
N LYS I 815 36.43 50.30 -104.19
CA LYS I 815 35.57 51.31 -104.86
C LYS I 815 34.76 52.07 -103.79
N CYS I 816 34.29 51.34 -102.78
CA CYS I 816 33.48 51.87 -101.66
C CYS I 816 34.33 52.82 -100.81
N ILE I 817 35.63 52.52 -100.64
CA ILE I 817 36.59 53.37 -99.86
C ILE I 817 36.86 54.65 -100.63
N ALA I 818 37.25 54.53 -101.90
CA ALA I 818 37.65 55.68 -102.76
C ALA I 818 36.52 56.70 -102.87
N ALA I 819 35.26 56.26 -102.74
CA ALA I 819 34.06 57.10 -102.84
C ALA I 819 33.90 57.98 -101.59
N CYS I 820 34.29 57.50 -100.41
CA CYS I 820 34.32 58.29 -99.14
C CYS I 820 35.19 59.53 -99.35
N THR I 821 34.58 60.72 -99.29
CA THR I 821 35.29 62.02 -99.47
C THR I 821 36.15 62.28 -98.24
N GLY I 822 35.65 61.91 -97.06
CA GLY I 822 36.31 62.20 -95.77
C GLY I 822 36.09 63.63 -95.39
N VAL I 823 36.83 64.12 -94.39
CA VAL I 823 36.51 65.40 -93.71
C VAL I 823 37.76 65.97 -93.05
N PRO I 824 38.00 67.30 -93.06
CA PRO I 824 39.18 67.87 -92.39
C PRO I 824 39.15 67.63 -90.87
N ASP I 825 40.30 67.79 -90.20
CA ASP I 825 40.50 67.44 -88.78
C ASP I 825 39.37 68.04 -87.92
N ASP I 826 39.04 69.32 -88.11
CA ASP I 826 38.06 70.07 -87.27
C ASP I 826 36.72 69.33 -87.13
N LYS I 827 36.34 68.48 -88.10
CA LYS I 827 34.97 67.90 -88.26
C LYS I 827 34.91 66.40 -87.99
N TRP I 828 36.04 65.69 -87.82
CA TRP I 828 36.07 64.25 -87.46
C TRP I 828 35.12 63.92 -86.30
N GLU I 829 34.87 64.85 -85.39
CA GLU I 829 34.15 64.54 -84.12
C GLU I 829 32.63 64.45 -84.37
N GLN I 830 32.17 64.70 -85.60
CA GLN I 830 30.73 64.57 -85.98
C GLN I 830 30.37 63.10 -86.22
N THR I 831 31.35 62.20 -86.36
CA THR I 831 31.12 60.75 -86.65
C THR I 831 30.45 60.04 -85.45
N TYR I 832 30.36 60.67 -84.28
CA TYR I 832 29.60 60.11 -83.13
C TYR I 832 28.10 60.27 -83.38
N LYS I 833 27.69 61.32 -84.10
CA LYS I 833 26.27 61.66 -84.34
C LYS I 833 25.75 60.98 -85.61
N LYS I 834 26.43 61.16 -86.75
CA LYS I 834 25.87 60.85 -88.10
C LYS I 834 27.00 60.66 -89.11
N PRO I 835 26.74 60.06 -90.30
CA PRO I 835 27.76 59.96 -91.33
C PRO I 835 28.43 61.30 -91.62
N THR I 836 29.76 61.28 -91.65
CA THR I 836 30.68 62.43 -91.82
C THR I 836 31.79 61.97 -92.78
N GLY I 837 31.85 62.54 -93.98
CA GLY I 837 32.72 62.07 -95.08
C GLY I 837 32.45 60.61 -95.45
N GLY I 838 31.21 60.15 -95.26
CA GLY I 838 30.81 58.75 -95.50
C GLY I 838 31.32 57.78 -94.44
N ILE I 839 31.51 58.24 -93.20
CA ILE I 839 32.10 57.44 -92.09
C ILE I 839 31.37 57.75 -90.77
N VAL I 840 31.20 56.75 -89.91
CA VAL I 840 30.49 56.86 -88.59
C VAL I 840 31.27 56.08 -87.55
N THR I 841 31.13 56.51 -86.31
CA THR I 841 31.48 55.72 -85.12
C THR I 841 30.34 54.73 -84.87
N VAL I 842 30.62 53.70 -84.09
CA VAL I 842 29.75 52.51 -83.85
C VAL I 842 30.37 51.72 -82.69
N ARG I 843 29.64 51.45 -81.62
CA ARG I 843 30.13 50.66 -80.46
C ARG I 843 30.37 49.22 -80.94
N SER I 844 31.51 48.62 -80.58
CA SER I 844 31.84 47.19 -80.80
C SER I 844 31.11 46.36 -79.73
N GLU I 845 31.36 45.05 -79.65
CA GLU I 845 30.72 44.16 -78.64
C GLU I 845 31.16 44.56 -77.22
N MET I 846 32.40 45.06 -77.07
CA MET I 846 32.99 45.49 -75.76
C MET I 846 32.43 46.85 -75.34
N GLY I 847 32.06 47.73 -76.29
CA GLY I 847 31.59 49.10 -76.04
C GLY I 847 32.61 50.15 -76.48
N GLU I 848 33.77 49.71 -76.98
CA GLU I 848 34.81 50.57 -77.59
C GLU I 848 34.18 51.22 -78.83
N PRO I 849 34.43 52.51 -79.11
CA PRO I 849 34.09 53.09 -80.41
C PRO I 849 34.89 52.47 -81.55
N ILE I 850 34.36 52.53 -82.79
CA ILE I 850 35.06 52.14 -84.05
C ILE I 850 34.61 53.07 -85.15
N HIS I 851 35.54 53.54 -85.98
CA HIS I 851 35.25 54.29 -87.21
C HIS I 851 35.08 53.30 -88.33
N LYS I 852 33.87 53.21 -88.90
CA LYS I 852 33.56 52.33 -90.07
C LYS I 852 32.93 53.18 -91.18
N ILE I 853 33.16 52.80 -92.44
CA ILE I 853 32.49 53.33 -93.65
C ILE I 853 31.00 53.07 -93.53
N ALA I 854 30.20 54.13 -93.57
CA ALA I 854 28.75 54.08 -93.31
C ALA I 854 28.06 53.46 -94.52
N THR I 855 28.12 52.14 -94.57
CA THR I 855 27.31 51.24 -95.43
C THR I 855 25.93 51.09 -94.76
N ARG I 856 24.94 50.59 -95.51
CA ARG I 856 23.60 50.22 -94.97
C ARG I 856 23.78 49.31 -93.76
N GLY I 857 24.70 48.33 -93.87
CA GLY I 857 25.04 47.36 -92.82
C GLY I 857 25.46 48.04 -91.53
N VAL I 858 26.32 49.04 -91.64
CA VAL I 858 26.89 49.75 -90.46
C VAL I 858 25.82 50.71 -89.95
N MET I 859 25.04 51.33 -90.84
CA MET I 859 23.93 52.22 -90.40
C MET I 859 22.89 51.41 -89.61
N LEU I 860 22.63 50.16 -90.01
CA LEU I 860 21.77 49.24 -89.24
C LEU I 860 22.39 49.03 -87.85
N TRP I 861 23.66 48.62 -87.82
CA TRP I 861 24.49 48.48 -86.60
C TRP I 861 24.29 49.70 -85.67
N LYS I 862 24.45 50.91 -86.20
CA LYS I 862 24.34 52.18 -85.46
C LYS I 862 22.97 52.29 -84.77
N GLU I 863 21.89 52.16 -85.56
CA GLU I 863 20.46 52.21 -85.12
C GLU I 863 20.20 51.21 -83.98
N PHE I 864 20.77 50.01 -84.01
CA PHE I 864 20.56 48.97 -82.97
C PHE I 864 21.28 49.39 -81.67
N ASP I 865 22.44 50.04 -81.73
CA ASP I 865 23.16 50.55 -80.53
C ASP I 865 22.30 51.62 -79.86
N GLU I 866 21.60 52.45 -80.63
CA GLU I 866 20.69 53.53 -80.12
C GLU I 866 19.38 52.92 -79.58
N THR I 867 18.83 51.92 -80.27
CA THR I 867 17.46 51.37 -80.06
C THR I 867 17.48 50.17 -79.10
N ILE I 868 18.26 49.13 -79.40
CA ILE I 868 18.15 47.76 -78.81
C ILE I 868 19.24 47.49 -77.76
N PHE I 869 20.51 47.69 -78.09
CA PHE I 869 21.67 47.22 -77.27
C PHE I 869 22.01 48.17 -76.13
N ASN I 870 21.40 49.36 -76.07
CA ASN I 870 21.59 50.32 -74.94
C ASN I 870 20.56 50.05 -73.83
N LEU I 871 19.56 49.20 -74.08
CA LEU I 871 18.46 48.92 -73.12
C LEU I 871 18.99 48.04 -72.00
N PRO I 872 18.43 48.14 -70.78
CA PRO I 872 18.77 47.22 -69.69
C PRO I 872 18.24 45.81 -69.98
N LYS I 873 18.77 44.80 -69.28
CA LYS I 873 18.60 43.34 -69.60
C LYS I 873 17.13 42.90 -69.52
N ASN I 874 16.38 43.37 -68.52
CA ASN I 874 14.94 43.04 -68.31
C ASN I 874 14.10 43.56 -69.49
N LYS I 875 14.48 44.69 -70.10
CA LYS I 875 13.70 45.39 -71.16
C LYS I 875 14.01 44.87 -72.57
N LEU I 876 14.96 43.95 -72.73
CA LEU I 876 15.55 43.61 -74.06
C LEU I 876 14.62 42.66 -74.84
N VAL I 877 14.25 41.54 -74.23
CA VAL I 877 13.48 40.44 -74.89
C VAL I 877 12.05 40.89 -75.19
N PRO I 878 11.36 41.66 -74.31
CA PRO I 878 10.13 42.36 -74.71
C PRO I 878 10.26 43.23 -75.96
N THR I 879 11.33 44.02 -76.04
CA THR I 879 11.61 44.96 -77.16
C THR I 879 11.84 44.18 -78.45
N LEU I 880 12.61 43.09 -78.39
CA LEU I 880 12.97 42.22 -79.54
C LEU I 880 11.73 41.55 -80.12
N GLU I 881 10.76 41.17 -79.28
CA GLU I 881 9.48 40.55 -79.73
C GLU I 881 8.61 41.60 -80.41
N ALA I 882 8.54 42.79 -79.84
CA ALA I 882 7.74 43.92 -80.39
C ALA I 882 8.17 44.23 -81.82
N LYS I 883 9.48 44.31 -82.09
CA LYS I 883 10.00 44.76 -83.41
C LYS I 883 10.68 43.59 -84.14
N ARG I 884 10.41 42.36 -83.70
CA ARG I 884 10.84 41.09 -84.35
C ARG I 884 10.75 41.19 -85.87
N ASP I 885 9.58 41.50 -86.41
CA ASP I 885 9.35 41.44 -87.88
C ASP I 885 10.19 42.50 -88.58
N TYR I 886 10.41 43.65 -87.92
CA TYR I 886 11.18 44.79 -88.47
C TYR I 886 12.66 44.38 -88.57
N ILE I 887 13.25 44.02 -87.43
CA ILE I 887 14.64 43.49 -87.27
C ILE I 887 14.91 42.44 -88.35
N ILE I 888 14.09 41.41 -88.45
CA ILE I 888 14.28 40.33 -89.46
C ILE I 888 14.35 40.94 -90.87
N SER I 889 13.53 41.94 -91.18
CA SER I 889 13.46 42.53 -92.55
C SER I 889 14.77 43.27 -92.84
N ARG I 890 15.35 43.91 -91.82
CA ARG I 890 16.55 44.78 -91.90
C ARG I 890 17.79 43.90 -92.10
N LEU I 891 18.01 42.95 -91.19
CA LEU I 891 19.04 41.89 -91.30
C LEU I 891 19.05 41.32 -92.72
N ASN I 892 17.90 41.07 -93.35
CA ASN I 892 17.86 40.38 -94.67
C ASN I 892 18.20 41.35 -95.80
N ALA I 893 17.72 42.59 -95.72
CA ALA I 893 17.95 43.66 -96.73
C ALA I 893 19.42 44.11 -96.69
N ASP I 894 19.93 44.36 -95.49
CA ASP I 894 21.01 45.36 -95.22
C ASP I 894 22.25 44.77 -94.54
N PHE I 895 22.25 43.57 -93.94
CA PHE I 895 23.37 43.14 -93.06
C PHE I 895 24.15 41.92 -93.60
N GLN I 896 25.38 41.79 -93.14
CA GLN I 896 26.37 40.76 -93.55
C GLN I 896 26.01 39.42 -92.94
N LYS I 897 25.33 39.44 -91.79
CA LYS I 897 24.70 38.26 -91.16
C LYS I 897 23.20 38.30 -91.40
N PRO I 898 22.63 37.60 -92.41
CA PRO I 898 21.20 37.60 -92.64
C PRO I 898 20.48 36.78 -91.57
N TRP I 899 19.15 36.86 -91.50
CA TRP I 899 18.28 36.08 -90.58
C TRP I 899 18.13 34.68 -91.16
N PHE I 900 18.50 33.66 -90.42
CA PHE I 900 18.86 32.34 -91.00
C PHE I 900 17.65 31.74 -91.69
N ALA I 901 16.52 31.84 -90.98
CA ALA I 901 15.24 31.20 -91.27
C ALA I 901 14.45 32.10 -92.20
N THR I 902 14.86 32.14 -93.45
CA THR I 902 14.10 32.73 -94.58
C THR I 902 14.23 31.74 -95.72
N VAL I 903 13.08 31.30 -96.25
CA VAL I 903 12.99 30.41 -97.43
C VAL I 903 12.22 31.19 -98.51
N ASN I 904 12.76 31.22 -99.74
CA ASN I 904 12.36 32.07 -100.90
C ASN I 904 11.95 33.48 -100.42
N GLY I 905 12.83 34.15 -99.68
CA GLY I 905 12.70 35.56 -99.28
C GLY I 905 11.51 35.82 -98.37
N GLN I 906 11.05 34.80 -97.65
CA GLN I 906 9.86 34.86 -96.76
C GLN I 906 10.33 34.52 -95.34
N ALA I 907 10.16 35.42 -94.38
CA ALA I 907 10.62 35.22 -92.99
C ALA I 907 9.83 34.11 -92.31
N ARG I 908 10.49 33.43 -91.39
CA ARG I 908 10.02 32.22 -90.70
C ARG I 908 10.65 32.25 -89.30
N ASP I 909 10.80 31.07 -88.70
CA ASP I 909 11.56 30.80 -87.47
C ASP I 909 12.15 29.40 -87.67
N LEU I 910 13.19 28.99 -86.94
CA LEU I 910 13.73 27.60 -87.09
C LEU I 910 12.56 26.61 -87.00
N ALA I 911 11.72 26.79 -85.96
CA ALA I 911 10.58 25.93 -85.59
C ALA I 911 9.52 25.83 -86.70
N THR I 912 9.52 26.69 -87.71
CA THR I 912 8.55 26.67 -88.83
C THR I 912 9.22 26.38 -90.18
N MET I 913 10.37 25.71 -90.16
CA MET I 913 11.17 25.36 -91.37
C MET I 913 11.28 23.85 -91.40
N THR I 914 11.34 23.25 -92.58
CA THR I 914 11.50 21.78 -92.71
C THR I 914 13.00 21.49 -92.64
N TYR I 915 13.35 20.26 -92.29
CA TYR I 915 14.74 19.77 -92.21
C TYR I 915 15.39 19.98 -93.57
N GLU I 916 14.68 19.81 -94.68
CA GLU I 916 15.26 20.05 -96.04
C GLU I 916 15.54 21.55 -96.22
N GLU I 917 14.53 22.40 -96.05
CA GLU I 917 14.65 23.87 -96.10
C GLU I 917 15.88 24.34 -95.30
N VAL I 918 16.21 23.68 -94.18
CA VAL I 918 17.34 24.12 -93.30
C VAL I 918 18.64 23.76 -93.98
N ALA I 919 18.80 22.50 -94.39
CA ALA I 919 20.02 22.02 -95.04
C ALA I 919 20.25 22.74 -96.37
N LYS I 920 19.20 23.18 -97.07
CA LYS I 920 19.35 23.92 -98.36
C LYS I 920 19.95 25.28 -98.09
N ARG I 921 19.63 25.85 -96.93
CA ARG I 921 19.94 27.24 -96.55
C ARG I 921 21.37 27.27 -95.98
N LEU I 922 21.77 26.23 -95.24
CA LEU I 922 23.17 26.05 -94.80
C LEU I 922 24.10 26.00 -96.02
N VAL I 923 23.72 25.38 -97.12
CA VAL I 923 24.55 25.33 -98.35
C VAL I 923 24.54 26.71 -99.02
N GLU I 924 23.37 27.32 -99.16
CA GLU I 924 23.18 28.67 -99.76
C GLU I 924 24.13 29.68 -99.10
N LEU I 925 24.36 29.58 -97.79
CA LEU I 925 24.98 30.64 -96.96
C LEU I 925 26.43 30.33 -96.58
N MET I 926 26.87 29.08 -96.63
CA MET I 926 28.23 28.68 -96.18
C MET I 926 29.07 28.16 -97.34
N PHE I 927 28.45 27.56 -98.35
CA PHE I 927 29.12 26.99 -99.53
C PHE I 927 29.07 28.02 -100.65
N ILE I 928 30.18 28.18 -101.37
CA ILE I 928 30.43 29.29 -102.34
C ILE I 928 30.42 28.70 -103.74
N ARG I 929 29.51 29.14 -104.60
CA ARG I 929 29.32 28.54 -105.94
C ARG I 929 30.50 28.88 -106.85
N SER I 930 30.91 30.15 -106.90
CA SER I 930 32.00 30.68 -107.77
C SER I 930 33.27 29.82 -107.64
N THR I 931 33.77 29.61 -106.41
CA THR I 931 35.00 28.82 -106.09
C THR I 931 34.68 27.31 -105.96
N ASN I 932 33.38 26.93 -105.95
CA ASN I 932 32.88 25.52 -105.90
C ASN I 932 33.51 24.81 -104.68
N SER I 933 33.49 25.47 -103.53
CA SER I 933 34.07 24.96 -102.25
C SER I 933 33.38 25.62 -101.05
N TRP I 934 33.48 24.99 -99.89
CA TRP I 934 33.02 25.56 -98.61
C TRP I 934 33.96 26.69 -98.23
N PHE I 935 33.44 27.76 -97.64
CA PHE I 935 34.26 28.92 -97.23
C PHE I 935 35.23 28.48 -96.16
N ASP I 936 34.69 27.85 -95.11
CA ASP I 936 35.46 27.29 -93.97
C ASP I 936 35.08 25.83 -93.80
N VAL I 937 36.05 24.99 -93.46
CA VAL I 937 35.86 23.53 -93.28
C VAL I 937 35.09 23.28 -91.96
N THR I 938 35.21 24.15 -90.94
CA THR I 938 34.39 24.03 -89.69
C THR I 938 32.89 24.17 -90.02
N TRP I 939 32.55 24.86 -91.12
CA TRP I 939 31.16 25.10 -91.56
C TRP I 939 30.66 23.88 -92.32
N ARG I 940 31.52 23.23 -93.10
CA ARG I 940 31.16 21.94 -93.72
C ARG I 940 30.83 20.96 -92.59
N THR I 941 31.70 20.84 -91.61
CA THR I 941 31.50 20.02 -90.39
C THR I 941 30.09 20.29 -89.83
N PHE I 942 29.72 21.55 -89.72
CA PHE I 942 28.42 22.00 -89.16
C PHE I 942 27.27 21.36 -89.94
N THR I 943 27.29 21.41 -91.27
CA THR I 943 26.18 20.90 -92.13
C THR I 943 26.20 19.38 -92.18
N GLY I 944 27.37 18.76 -92.13
CA GLY I 944 27.46 17.29 -92.01
C GLY I 944 26.83 16.84 -90.71
N ASP I 945 27.24 17.43 -89.58
CA ASP I 945 26.71 17.09 -88.24
C ASP I 945 25.19 17.19 -88.25
N PHE I 946 24.64 18.23 -88.90
CA PHE I 946 23.19 18.44 -89.12
C PHE I 946 22.60 17.31 -89.97
N LEU I 947 23.18 16.94 -91.11
CA LEU I 947 22.60 15.86 -91.95
C LEU I 947 22.62 14.53 -91.16
N ARG I 948 23.57 14.33 -90.27
CA ARG I 948 23.63 13.11 -89.46
C ARG I 948 22.42 13.12 -88.52
N ARG I 949 22.04 14.27 -88.04
CA ARG I 949 20.94 14.41 -87.05
C ARG I 949 19.61 14.15 -87.74
N VAL I 950 19.45 14.55 -89.01
CA VAL I 950 18.27 14.18 -89.83
C VAL I 950 18.18 12.67 -89.86
N GLU I 951 19.27 11.97 -90.18
CA GLU I 951 19.25 10.48 -90.31
C GLU I 951 18.90 9.86 -88.96
N GLU I 952 19.49 10.35 -87.87
CA GLU I 952 19.20 9.87 -86.50
C GLU I 952 17.71 10.05 -86.22
N ARG I 953 17.12 11.18 -86.64
CA ARG I 953 15.73 11.57 -86.27
C ARG I 953 14.74 10.74 -87.07
N PHE I 954 15.07 10.37 -88.31
CA PHE I 954 14.07 9.81 -89.26
C PHE I 954 14.33 8.35 -89.57
N THR I 955 15.39 7.73 -89.08
CA THR I 955 15.59 6.26 -89.30
C THR I 955 14.81 5.52 -88.23
N LYS I 956 14.33 4.32 -88.54
CA LYS I 956 13.56 3.46 -87.60
C LYS I 956 14.52 2.60 -86.80
N SER I 957 15.70 2.34 -87.38
CA SER I 957 16.58 1.20 -87.06
C SER I 957 18.05 1.60 -87.23
N LYS I 958 18.92 1.16 -86.32
CA LYS I 958 20.40 1.33 -86.42
C LYS I 958 20.85 0.98 -87.83
N THR I 959 21.25 1.99 -88.62
CA THR I 959 21.82 1.87 -89.98
C THR I 959 23.22 2.46 -89.99
N LEU I 960 24.00 2.13 -91.01
CA LEU I 960 25.24 2.87 -91.37
C LEU I 960 24.82 4.15 -92.09
N SER I 961 25.52 5.25 -91.79
CA SER I 961 25.29 6.64 -92.27
C SER I 961 25.53 6.74 -93.78
N LEU I 962 24.73 7.58 -94.47
CA LEU I 962 24.89 7.85 -95.92
C LEU I 962 26.03 8.85 -96.13
N ILE I 963 26.35 9.64 -95.11
CA ILE I 963 27.47 10.61 -95.10
C ILE I 963 28.58 10.05 -94.22
N GLN I 964 29.43 9.17 -94.79
CA GLN I 964 30.54 8.49 -94.07
C GLN I 964 31.66 9.50 -93.79
N SER I 965 32.22 10.07 -94.86
CA SER I 965 33.24 11.14 -94.84
C SER I 965 32.54 12.44 -95.17
N TYR I 966 32.93 13.55 -94.53
CA TYR I 966 32.39 14.90 -94.88
C TYR I 966 33.04 15.39 -96.19
N SER I 967 33.99 14.64 -96.77
CA SER I 967 34.52 14.81 -98.15
C SER I 967 33.38 14.82 -99.17
N LEU I 968 32.34 14.02 -98.91
CA LEU I 968 31.21 13.81 -99.85
C LEU I 968 30.43 15.12 -100.01
N LEU I 969 30.43 15.97 -98.98
CA LEU I 969 29.70 17.27 -98.98
C LEU I 969 30.27 18.21 -100.06
N ASP I 970 31.48 18.01 -100.58
CA ASP I 970 32.15 18.95 -101.52
C ASP I 970 31.41 19.05 -102.87
N LYS I 971 30.37 18.24 -103.12
CA LYS I 971 29.32 18.44 -104.17
C LYS I 971 27.94 18.45 -103.53
N PRO I 972 27.54 19.53 -102.83
CA PRO I 972 26.63 19.43 -101.69
C PRO I 972 25.14 19.24 -102.04
N ASP I 973 24.72 19.58 -103.25
CA ASP I 973 23.33 19.37 -103.74
C ASP I 973 23.11 17.87 -103.95
N GLU I 974 24.11 17.15 -104.44
CA GLU I 974 24.05 15.66 -104.66
C GLU I 974 23.93 14.94 -103.32
N ALA I 975 24.67 15.40 -102.32
CA ALA I 975 24.77 14.81 -100.97
C ALA I 975 23.57 15.18 -100.11
N ILE I 976 22.85 16.26 -100.46
CA ILE I 976 21.56 16.63 -99.81
C ILE I 976 20.48 15.70 -100.38
N GLU I 977 20.34 15.61 -101.71
CA GLU I 977 19.33 14.73 -102.35
C GLU I 977 19.49 13.31 -101.80
N LYS I 978 20.73 12.80 -101.76
CA LYS I 978 21.04 11.43 -101.27
C LYS I 978 20.39 11.16 -99.91
N VAL I 979 20.42 12.13 -98.98
CA VAL I 979 19.92 11.99 -97.57
C VAL I 979 18.41 12.16 -97.54
N PHE I 980 17.86 13.11 -98.28
CA PHE I 980 16.41 13.44 -98.29
C PHE I 980 15.66 12.60 -99.33
N ASN I 981 16.33 11.71 -100.08
CA ASN I 981 15.67 10.61 -100.82
C ASN I 981 15.36 9.50 -99.81
N ALA I 982 16.37 9.10 -99.03
CA ALA I 982 16.31 7.97 -98.09
C ALA I 982 15.52 8.31 -96.82
N TYR I 983 15.23 9.59 -96.56
CA TYR I 983 14.39 10.03 -95.41
C TYR I 983 13.45 11.14 -95.89
N PRO I 984 12.50 10.83 -96.79
CA PRO I 984 11.69 11.87 -97.45
C PRO I 984 10.64 12.53 -96.56
N ALA I 985 10.36 11.94 -95.39
CA ALA I 985 9.53 12.53 -94.31
C ALA I 985 10.10 13.88 -93.89
N ALA I 986 11.42 14.00 -93.94
CA ALA I 986 12.20 15.18 -93.52
C ALA I 986 11.88 16.35 -94.43
N ARG I 987 11.51 16.10 -95.69
CA ARG I 987 11.09 17.17 -96.64
C ARG I 987 9.79 17.85 -96.16
N GLU I 988 9.06 17.22 -95.24
CA GLU I 988 7.64 17.57 -94.97
C GLU I 988 7.38 17.85 -93.48
N GLN I 989 8.41 17.96 -92.66
CA GLN I 989 8.20 18.10 -91.20
C GLN I 989 9.02 19.27 -90.67
N PHE I 990 8.38 20.17 -89.94
CA PHE I 990 9.11 21.23 -89.24
C PHE I 990 10.10 20.60 -88.26
N LEU I 991 11.07 21.41 -87.87
CA LEU I 991 12.19 20.98 -87.01
C LEU I 991 11.60 20.58 -85.67
N ASN I 992 11.86 19.35 -85.22
CA ASN I 992 11.60 18.87 -83.84
C ASN I 992 12.18 19.87 -82.85
N ALA I 993 11.48 20.13 -81.77
CA ALA I 993 11.86 21.14 -80.76
C ALA I 993 13.28 20.90 -80.26
N GLN I 994 13.69 19.64 -80.21
CA GLN I 994 15.00 19.20 -79.68
C GLN I 994 16.08 19.55 -80.68
N ASP I 995 15.78 19.44 -81.97
CA ASP I 995 16.78 19.63 -83.06
C ASP I 995 17.02 21.12 -83.28
N ILE I 996 16.11 21.97 -82.88
CA ILE I 996 16.30 23.45 -82.83
C ILE I 996 17.31 23.78 -81.74
N ASP I 997 17.12 23.18 -80.56
CA ASP I 997 18.02 23.34 -79.39
C ASP I 997 19.42 22.81 -79.73
N HIS I 998 19.50 21.79 -80.56
CA HIS I 998 20.77 21.21 -81.01
C HIS I 998 21.40 22.17 -82.00
N PHE I 999 20.60 22.72 -82.90
CA PHE I 999 21.06 23.65 -83.96
C PHE I 999 21.70 24.86 -83.30
N LEU I 1000 21.03 25.41 -82.32
CA LEU I 1000 21.49 26.61 -81.61
C LEU I 1000 22.69 26.28 -80.72
N SER I 1001 22.84 25.04 -80.27
CA SER I 1001 24.07 24.59 -79.55
C SER I 1001 25.28 24.59 -80.50
N MET I 1002 25.15 24.12 -81.72
CA MET I 1002 26.29 24.07 -82.68
C MET I 1002 26.64 25.50 -83.13
N CYS I 1003 25.71 26.46 -83.05
CA CYS I 1003 25.95 27.89 -83.41
C CYS I 1003 26.82 28.58 -82.34
N GLN I 1004 26.90 28.03 -81.12
CA GLN I 1004 27.63 28.54 -79.92
C GLN I 1004 28.92 27.76 -79.69
N ASN I 1005 29.26 26.82 -80.58
CA ASN I 1005 30.52 26.03 -80.53
C ASN I 1005 31.69 26.97 -80.73
N PRO I 1006 32.67 27.06 -79.80
CA PRO I 1006 33.82 27.95 -80.01
C PRO I 1006 34.97 27.38 -80.88
N MET I 1007 34.93 26.11 -81.27
CA MET I 1007 35.96 25.43 -82.13
C MET I 1007 35.55 25.49 -83.62
N GLN I 1008 34.96 26.61 -84.03
CA GLN I 1008 34.13 26.73 -85.25
C GLN I 1008 34.11 28.20 -85.65
N LYS I 1009 34.30 28.52 -86.93
CA LYS I 1009 34.21 29.93 -87.36
C LYS I 1009 32.79 30.38 -87.07
N PRO I 1010 32.60 31.51 -86.38
CA PRO I 1010 31.26 32.00 -86.10
C PRO I 1010 30.42 32.06 -87.38
N VAL I 1011 29.17 31.69 -87.17
CA VAL I 1011 28.28 31.15 -88.22
C VAL I 1011 27.69 32.36 -88.94
N PRO I 1012 27.62 32.39 -90.28
CA PRO I 1012 27.42 33.64 -91.02
C PRO I 1012 25.95 34.02 -91.18
N PHE I 1013 25.25 34.13 -90.03
CA PHE I 1013 23.78 34.39 -89.93
C PHE I 1013 23.35 34.51 -88.47
N VAL I 1014 22.16 35.08 -88.27
CA VAL I 1014 21.48 35.21 -86.94
C VAL I 1014 20.38 34.15 -86.90
N PRO I 1015 20.54 33.09 -86.10
CA PRO I 1015 19.53 32.03 -86.04
C PRO I 1015 18.41 32.25 -85.00
N VAL I 1016 18.50 33.23 -84.11
CA VAL I 1016 17.42 33.49 -83.12
C VAL I 1016 17.47 34.93 -82.59
N LEU I 1017 16.31 35.54 -82.28
CA LEU I 1017 16.20 36.78 -81.43
C LEU I 1017 15.91 36.44 -79.96
N ASP I 1018 16.94 36.46 -79.12
CA ASP I 1018 16.87 36.23 -77.65
C ASP I 1018 17.84 37.20 -76.98
N ARG I 1019 18.26 36.93 -75.74
CA ARG I 1019 19.23 37.73 -74.96
C ARG I 1019 20.58 37.78 -75.69
N ARG I 1020 20.98 36.71 -76.38
CA ARG I 1020 22.32 36.55 -77.01
C ARG I 1020 22.41 37.30 -78.36
N PHE I 1021 21.54 38.28 -78.64
CA PHE I 1021 21.38 38.86 -80.00
C PHE I 1021 22.55 39.81 -80.28
N GLU I 1022 23.03 40.57 -79.28
CA GLU I 1022 24.14 41.55 -79.48
C GLU I 1022 25.41 40.79 -79.87
N ILE I 1023 25.63 39.62 -79.28
CA ILE I 1023 26.77 38.72 -79.62
C ILE I 1023 26.55 38.23 -81.05
N PHE I 1024 25.44 37.55 -81.37
CA PHE I 1024 25.20 36.96 -82.72
C PHE I 1024 25.38 37.98 -83.85
N PHE I 1025 24.89 39.19 -83.63
CA PHE I 1025 24.88 40.34 -84.57
C PHE I 1025 26.29 40.89 -84.83
N LYS I 1026 27.23 40.79 -83.88
CA LYS I 1026 28.50 41.56 -83.84
C LYS I 1026 29.72 40.66 -84.01
N LYS I 1027 29.81 39.58 -83.23
CA LYS I 1027 30.72 38.42 -83.40
C LYS I 1027 31.20 38.29 -84.85
N ASP I 1028 32.50 38.43 -85.09
CA ASP I 1028 33.19 38.08 -86.36
C ASP I 1028 32.68 38.98 -87.50
N SER I 1029 32.94 40.28 -87.36
CA SER I 1029 32.39 41.35 -88.21
C SER I 1029 33.41 41.91 -89.21
N LEU I 1030 34.67 41.49 -89.21
CA LEU I 1030 35.77 42.23 -89.90
C LEU I 1030 36.31 41.50 -91.12
N TRP I 1031 36.02 40.21 -91.33
CA TRP I 1031 36.62 39.42 -92.44
C TRP I 1031 35.86 39.61 -93.76
N GLN I 1032 34.62 40.10 -93.73
CA GLN I 1032 33.68 39.98 -94.88
C GLN I 1032 34.17 40.90 -96.02
N SER I 1033 34.65 42.10 -95.72
CA SER I 1033 35.26 43.07 -96.68
C SER I 1033 36.32 42.37 -97.56
N GLU I 1034 37.19 41.56 -96.96
CA GLU I 1034 38.25 40.80 -97.67
C GLU I 1034 37.67 39.74 -98.61
N HIS I 1035 36.46 39.22 -98.33
CA HIS I 1035 35.88 38.05 -99.03
C HIS I 1035 34.40 38.27 -99.33
N LEU I 1036 34.09 39.05 -100.37
CA LEU I 1036 32.69 39.36 -100.73
C LEU I 1036 32.06 38.16 -101.42
N GLU I 1037 32.87 37.27 -102.02
CA GLU I 1037 32.37 36.03 -102.68
C GLU I 1037 31.44 35.27 -101.72
N ALA I 1038 31.68 35.34 -100.41
CA ALA I 1038 30.98 34.54 -99.37
C ALA I 1038 30.00 35.38 -98.56
N VAL I 1039 29.60 36.54 -99.05
CA VAL I 1039 28.54 37.40 -98.45
C VAL I 1039 27.33 37.29 -99.39
N VAL I 1040 26.12 37.61 -98.90
CA VAL I 1040 24.81 37.28 -99.54
C VAL I 1040 24.82 37.66 -101.04
N ASP I 1041 24.77 38.94 -101.41
CA ASP I 1041 24.65 39.37 -102.83
C ASP I 1041 26.01 39.84 -103.36
N GLN I 1042 27.12 39.28 -102.86
CA GLN I 1042 28.51 39.76 -103.11
C GLN I 1042 28.57 41.27 -102.85
N ASP I 1043 27.93 41.76 -101.77
CA ASP I 1043 27.47 43.17 -101.64
C ASP I 1043 28.24 43.91 -100.53
N VAL I 1044 29.23 44.71 -100.92
CA VAL I 1044 29.98 45.66 -100.04
C VAL I 1044 29.07 46.18 -98.94
N GLN I 1045 27.85 46.55 -99.32
CA GLN I 1045 27.01 47.51 -98.58
C GLN I 1045 26.37 46.84 -97.36
N ARG I 1046 26.55 45.52 -97.21
CA ARG I 1046 26.21 44.73 -95.99
C ARG I 1046 27.32 44.87 -94.93
N THR I 1047 28.54 45.14 -95.39
CA THR I 1047 29.83 44.78 -94.74
C THR I 1047 30.25 45.89 -93.78
N CYS I 1048 31.16 45.57 -92.84
CA CYS I 1048 31.96 46.55 -92.04
C CYS I 1048 33.31 46.75 -92.75
N ILE I 1049 33.62 47.99 -93.12
CA ILE I 1049 34.97 48.40 -93.59
C ILE I 1049 35.50 49.46 -92.64
N LEU I 1050 36.52 49.14 -91.85
CA LEU I 1050 37.12 50.10 -90.87
C LEU I 1050 37.98 51.11 -91.65
N HIS I 1051 37.89 52.39 -91.30
CA HIS I 1051 38.53 53.50 -92.05
C HIS I 1051 38.44 54.77 -91.22
N GLY I 1052 39.33 55.73 -91.43
CA GLY I 1052 39.38 56.95 -90.63
C GLY I 1052 38.75 58.13 -91.36
N PRO I 1053 37.99 58.97 -90.65
CA PRO I 1053 37.32 60.11 -91.26
C PRO I 1053 38.34 61.02 -91.97
N VAL I 1054 39.40 61.38 -91.26
CA VAL I 1054 40.39 62.40 -91.73
C VAL I 1054 41.25 61.80 -92.83
N ALA I 1055 41.67 60.56 -92.68
CA ALA I 1055 42.62 59.90 -93.62
C ALA I 1055 41.93 59.60 -94.95
N ALA I 1056 40.59 59.65 -94.99
CA ALA I 1056 39.77 59.25 -96.16
C ALA I 1056 39.90 60.26 -97.30
N GLN I 1057 40.37 61.48 -97.02
CA GLN I 1057 40.51 62.54 -98.06
C GLN I 1057 41.78 62.33 -98.91
N PHE I 1058 42.56 61.28 -98.65
CA PHE I 1058 43.81 60.95 -99.40
C PHE I 1058 43.69 59.59 -100.08
N THR I 1059 42.75 58.74 -99.66
CA THR I 1059 42.39 57.44 -100.32
C THR I 1059 41.55 57.69 -101.58
N LYS I 1060 42.18 57.73 -102.75
CA LYS I 1060 41.50 58.09 -104.02
C LYS I 1060 41.89 57.14 -105.17
N VAL I 1061 43.18 56.79 -105.32
CA VAL I 1061 43.68 55.93 -106.43
C VAL I 1061 43.60 54.47 -106.00
N ILE I 1062 42.81 53.65 -106.70
CA ILE I 1062 42.63 52.21 -106.42
C ILE I 1062 43.79 51.41 -107.06
N ASP I 1063 44.23 50.35 -106.36
CA ASP I 1063 45.23 49.32 -106.80
C ASP I 1063 46.55 49.99 -107.19
N GLU I 1064 46.92 51.07 -106.50
CA GLU I 1064 48.25 51.73 -106.58
C GLU I 1064 49.22 50.81 -105.84
N PRO I 1065 50.35 50.35 -106.42
CA PRO I 1065 51.22 49.41 -105.71
C PRO I 1065 51.75 50.02 -104.40
N ILE I 1066 51.87 49.22 -103.34
CA ILE I 1066 52.30 49.63 -101.97
C ILE I 1066 53.68 50.30 -102.02
N LYS I 1067 54.58 49.83 -102.88
CA LYS I 1067 55.88 50.47 -103.16
C LYS I 1067 55.63 51.94 -103.52
N SER I 1068 54.78 52.17 -104.52
CA SER I 1068 54.54 53.50 -105.14
C SER I 1068 53.89 54.48 -104.14
N ILE I 1069 53.06 54.01 -103.20
CA ILE I 1069 52.44 54.87 -102.15
C ILE I 1069 53.56 55.38 -101.25
N MET I 1070 54.20 54.44 -100.56
CA MET I 1070 55.18 54.66 -99.47
C MET I 1070 56.39 55.42 -100.02
N ASP I 1071 56.99 54.98 -101.12
CA ASP I 1071 58.06 55.74 -101.86
C ASP I 1071 57.56 57.14 -102.22
N GLY I 1072 56.29 57.29 -102.59
CA GLY I 1072 55.68 58.58 -102.97
C GLY I 1072 55.72 59.56 -101.82
N ILE I 1073 55.56 59.08 -100.59
CA ILE I 1073 55.55 59.91 -99.36
C ILE I 1073 56.99 60.22 -99.00
N HIS I 1074 57.82 59.18 -98.94
CA HIS I 1074 59.25 59.26 -98.55
C HIS I 1074 59.99 60.19 -99.51
N ASP I 1075 59.79 60.06 -100.81
CA ASP I 1075 60.42 60.93 -101.82
C ASP I 1075 59.85 62.35 -101.65
N GLY I 1076 58.55 62.48 -101.40
CA GLY I 1076 57.90 63.78 -101.19
C GLY I 1076 58.53 64.59 -100.05
N HIS I 1077 58.95 63.92 -98.97
CA HIS I 1077 59.71 64.49 -97.83
C HIS I 1077 61.11 64.93 -98.26
N ILE I 1078 61.83 64.10 -99.03
CA ILE I 1078 63.22 64.35 -99.51
C ILE I 1078 63.22 65.61 -100.38
N LYS I 1079 62.34 65.62 -101.38
CA LYS I 1079 62.03 66.78 -102.26
C LYS I 1079 62.02 68.05 -101.40
N LYS I 1080 61.18 68.06 -100.36
CA LYS I 1080 60.87 69.26 -99.52
C LYS I 1080 62.03 69.57 -98.57
N LEU I 1081 62.66 68.54 -98.04
CA LEU I 1081 63.75 68.64 -97.02
C LEU I 1081 65.01 69.14 -97.71
N LEU I 1082 65.19 68.77 -98.97
CA LEU I 1082 66.33 69.19 -99.84
C LEU I 1082 66.18 70.69 -100.15
N HIS I 1083 64.96 71.13 -100.46
CA HIS I 1083 64.68 72.53 -100.90
C HIS I 1083 64.83 73.51 -99.73
N GLN I 1084 64.34 73.18 -98.51
CA GLN I 1084 64.52 74.04 -97.32
C GLN I 1084 66.00 74.10 -96.96
N TYR I 1085 66.56 72.96 -96.54
CA TYR I 1085 67.76 72.87 -95.66
C TYR I 1085 69.05 72.56 -96.42
N TYR I 1086 69.00 72.16 -97.70
CA TYR I 1086 70.20 71.81 -98.51
C TYR I 1086 70.28 72.63 -99.81
N GLY I 1087 69.35 73.56 -100.06
CA GLY I 1087 69.30 74.39 -101.28
C GLY I 1087 69.38 73.58 -102.57
N ASP I 1088 68.47 72.60 -102.72
CA ASP I 1088 68.20 71.80 -103.96
C ASP I 1088 69.49 71.21 -104.56
N ASP I 1089 70.45 70.82 -103.71
CA ASP I 1089 71.80 70.32 -104.10
C ASP I 1089 72.06 68.99 -103.40
N GLU I 1090 72.09 67.87 -104.14
CA GLU I 1090 72.27 66.52 -103.54
C GLU I 1090 73.71 66.33 -103.05
N SER I 1091 74.67 67.09 -103.59
CA SER I 1091 76.10 67.05 -103.19
C SER I 1091 76.27 67.36 -101.69
N LYS I 1092 75.40 68.18 -101.12
CA LYS I 1092 75.49 68.65 -99.71
C LYS I 1092 74.89 67.63 -98.73
N ILE I 1093 74.42 66.48 -99.21
CA ILE I 1093 73.89 65.39 -98.34
C ILE I 1093 75.08 64.55 -97.88
N PRO I 1094 75.35 64.46 -96.57
CA PRO I 1094 76.49 63.67 -96.09
C PRO I 1094 76.25 62.18 -96.38
N ALA I 1095 77.25 61.52 -97.00
CA ALA I 1095 77.23 60.09 -97.37
C ALA I 1095 77.85 59.27 -96.24
N VAL I 1096 77.31 58.08 -96.05
CA VAL I 1096 77.78 57.04 -95.10
C VAL I 1096 77.88 55.72 -95.91
N GLU I 1097 78.51 54.68 -95.36
CA GLU I 1097 78.58 53.35 -96.03
C GLU I 1097 77.21 52.67 -95.91
N TYR I 1098 76.75 52.39 -94.69
CA TYR I 1098 75.42 51.77 -94.44
C TYR I 1098 74.66 52.63 -93.43
N PHE I 1099 73.36 52.80 -93.63
CA PHE I 1099 72.50 53.61 -92.74
C PHE I 1099 71.69 52.68 -91.85
N GLY I 1100 71.88 52.73 -90.52
CA GLY I 1100 71.06 51.99 -89.53
C GLY I 1100 71.80 51.56 -88.26
N GLY I 1101 71.06 50.95 -87.33
CA GLY I 1101 71.55 50.31 -86.10
C GLY I 1101 72.30 51.28 -85.20
N GLU I 1102 71.75 52.47 -84.96
CA GLU I 1102 72.29 53.49 -84.03
C GLU I 1102 71.25 53.69 -82.93
N SER I 1103 71.39 52.98 -81.81
CA SER I 1103 70.48 53.11 -80.65
C SER I 1103 70.31 54.59 -80.36
N PRO I 1104 69.07 55.06 -80.11
CA PRO I 1104 68.82 56.49 -79.90
C PRO I 1104 69.29 57.06 -78.55
N VAL I 1105 70.07 56.31 -77.76
CA VAL I 1105 70.47 56.70 -76.38
C VAL I 1105 71.72 57.60 -76.39
N ASP I 1106 72.61 57.55 -77.40
CA ASP I 1106 74.01 58.05 -77.30
C ASP I 1106 74.28 59.28 -78.18
N SER I 1111 90.81 59.10 -84.61
CA SER I 1111 91.44 58.78 -85.93
C SER I 1111 92.90 58.33 -85.73
N GLU I 1112 93.10 57.11 -85.19
CA GLU I 1112 94.45 56.52 -84.88
C GLU I 1112 94.69 55.26 -85.74
N ASP I 1113 95.81 55.25 -86.49
CA ASP I 1113 96.15 54.24 -87.53
C ASP I 1113 96.40 52.87 -86.86
N SER I 1114 97.49 52.77 -86.08
CA SER I 1114 97.97 51.52 -85.43
C SER I 1114 97.80 51.64 -83.91
N ALA I 1115 96.78 50.98 -83.36
CA ALA I 1115 96.38 51.05 -81.92
C ALA I 1115 96.59 49.69 -81.25
N VAL I 1116 96.55 49.66 -79.91
CA VAL I 1116 96.64 48.44 -79.06
C VAL I 1116 95.75 48.64 -77.83
N PHE I 1117 94.86 47.69 -77.55
CA PHE I 1117 93.88 47.77 -76.44
C PHE I 1117 94.09 46.55 -75.54
N LYS I 1118 94.53 46.78 -74.31
CA LYS I 1118 94.73 45.73 -73.27
C LYS I 1118 93.52 45.75 -72.35
N ALA I 1119 92.67 44.73 -72.46
CA ALA I 1119 91.53 44.54 -71.55
C ALA I 1119 92.05 44.10 -70.19
N THR I 1120 91.49 44.66 -69.13
CA THR I 1120 91.59 44.20 -67.72
C THR I 1120 90.24 43.54 -67.37
N SER I 1121 90.08 43.11 -66.12
CA SER I 1121 88.83 42.46 -65.61
C SER I 1121 87.79 43.53 -65.20
N SER I 1122 88.17 44.81 -65.21
CA SER I 1122 87.28 45.98 -64.99
C SER I 1122 86.64 46.44 -66.32
N THR I 1123 87.42 46.56 -67.42
CA THR I 1123 87.04 47.26 -68.70
C THR I 1123 85.57 47.05 -69.03
N ASP I 1124 84.84 48.16 -69.16
CA ASP I 1124 83.42 48.19 -69.60
C ASP I 1124 83.33 47.66 -71.03
N GLU I 1125 82.32 46.82 -71.31
CA GLU I 1125 82.08 46.20 -72.65
C GLU I 1125 81.88 47.29 -73.71
N GLU I 1126 81.02 48.29 -73.45
CA GLU I 1126 80.67 49.31 -74.49
C GLU I 1126 81.89 50.16 -74.83
N SER I 1127 82.59 50.73 -73.84
CA SER I 1127 83.89 51.43 -74.04
C SER I 1127 84.78 50.59 -74.96
N TRP I 1128 84.86 49.28 -74.68
CA TRP I 1128 85.73 48.29 -75.35
C TRP I 1128 85.34 48.14 -76.83
N PHE I 1129 84.05 47.89 -77.12
CA PHE I 1129 83.56 47.63 -78.52
C PHE I 1129 83.56 48.93 -79.33
N LYS I 1130 83.19 50.05 -78.73
CA LYS I 1130 83.27 51.40 -79.37
C LYS I 1130 84.69 51.60 -79.91
N ALA I 1131 85.70 51.22 -79.13
CA ALA I 1131 87.14 51.47 -79.43
C ALA I 1131 87.59 50.66 -80.64
N LEU I 1132 87.16 49.40 -80.74
CA LEU I 1132 87.55 48.44 -81.82
C LEU I 1132 86.94 48.90 -83.16
N ALA I 1133 85.64 49.16 -83.14
CA ALA I 1133 84.83 49.70 -84.27
C ALA I 1133 85.42 51.02 -84.79
N GLY I 1134 85.95 51.85 -83.89
CA GLY I 1134 86.42 53.21 -84.21
C GLY I 1134 85.27 54.12 -84.54
N SER I 1135 85.59 55.21 -85.26
CA SER I 1135 84.69 56.36 -85.53
C SER I 1135 83.97 56.14 -86.86
N GLU I 1136 84.72 55.93 -87.95
CA GLU I 1136 84.17 55.75 -89.33
C GLU I 1136 83.10 54.65 -89.34
N ILE I 1137 82.12 54.74 -90.24
CA ILE I 1137 81.07 53.69 -90.44
C ILE I 1137 81.42 52.86 -91.68
N ASN I 1138 81.96 51.66 -91.43
CA ASN I 1138 82.50 50.68 -92.41
C ASN I 1138 82.27 49.28 -91.83
N TRP I 1139 82.83 48.24 -92.43
CA TRP I 1139 82.64 46.82 -92.01
C TRP I 1139 83.06 46.63 -90.55
N ARG I 1140 84.15 47.24 -90.13
CA ARG I 1140 84.68 47.04 -88.77
C ARG I 1140 83.64 47.57 -87.77
N HIS I 1141 82.99 48.68 -88.09
CA HIS I 1141 81.95 49.31 -87.23
C HIS I 1141 80.79 48.31 -87.07
N ALA I 1142 80.38 47.72 -88.19
CA ALA I 1142 79.28 46.73 -88.25
C ALA I 1142 79.71 45.47 -87.50
N SER I 1143 80.93 44.99 -87.75
CA SER I 1143 81.51 43.77 -87.11
C SER I 1143 81.36 43.84 -85.59
N PHE I 1144 81.58 44.99 -84.95
CA PHE I 1144 81.70 45.07 -83.47
C PHE I 1144 80.50 45.73 -82.79
N LEU I 1145 79.57 46.34 -83.51
CA LEU I 1145 78.44 47.07 -82.86
C LEU I 1145 77.11 46.47 -83.28
N CYS I 1146 76.92 46.17 -84.57
CA CYS I 1146 75.82 45.33 -85.10
C CYS I 1146 75.43 44.26 -84.07
N SER I 1147 74.23 44.38 -83.50
CA SER I 1147 73.74 43.61 -82.32
C SER I 1147 73.64 42.13 -82.68
N PHE I 1148 73.13 41.83 -83.87
CA PHE I 1148 73.14 40.46 -84.44
C PHE I 1148 73.40 40.48 -85.95
N ILE I 1149 73.63 39.29 -86.49
CA ILE I 1149 73.92 39.02 -87.91
C ILE I 1149 72.86 38.06 -88.42
N THR I 1150 72.89 37.81 -89.72
CA THR I 1150 71.85 37.06 -90.46
C THR I 1150 72.46 35.74 -90.93
N GLN I 1151 71.88 34.60 -90.54
CA GLN I 1151 72.12 33.28 -91.19
C GLN I 1151 70.88 32.88 -92.00
N ASP I 1152 71.01 32.78 -93.32
CA ASP I 1152 69.89 32.60 -94.29
C ASP I 1152 68.85 33.69 -94.04
N LYS I 1153 67.74 33.40 -93.34
CA LYS I 1153 66.70 34.39 -92.98
C LYS I 1153 66.76 34.70 -91.47
N MET I 1154 67.43 33.85 -90.69
CA MET I 1154 67.42 33.89 -89.19
C MET I 1154 68.37 34.98 -88.67
N PHE I 1155 68.24 35.38 -87.40
CA PHE I 1155 68.97 36.50 -86.75
C PHE I 1155 69.65 35.99 -85.47
N VAL I 1156 70.84 35.43 -85.65
CA VAL I 1156 71.73 34.92 -84.58
C VAL I 1156 72.48 36.10 -83.98
N SER I 1157 72.60 36.17 -82.65
CA SER I 1157 73.63 36.96 -81.90
C SER I 1157 74.94 37.08 -82.69
N ASN I 1158 75.54 38.27 -82.68
CA ASN I 1158 76.82 38.58 -83.37
C ASN I 1158 77.92 37.72 -82.76
N PRO I 1159 78.52 36.78 -83.52
CA PRO I 1159 79.63 35.98 -83.01
C PRO I 1159 80.93 36.79 -82.78
N ILE I 1160 81.23 37.72 -83.68
CA ILE I 1160 82.44 38.58 -83.60
C ILE I 1160 82.44 39.30 -82.25
N ARG I 1161 81.28 39.68 -81.77
CA ARG I 1161 81.16 40.40 -80.50
C ARG I 1161 81.43 39.39 -79.37
N LYS I 1162 80.92 38.16 -79.46
CA LYS I 1162 81.09 37.11 -78.39
C LYS I 1162 82.58 36.79 -78.20
N VAL I 1163 83.28 36.52 -79.29
CA VAL I 1163 84.72 36.16 -79.32
C VAL I 1163 85.56 37.28 -78.67
N PHE I 1164 85.35 38.53 -79.04
CA PHE I 1164 86.13 39.68 -78.50
C PHE I 1164 85.59 40.19 -77.16
N LYS I 1165 84.55 39.59 -76.58
CA LYS I 1165 84.03 39.99 -75.23
C LYS I 1165 85.20 40.04 -74.26
N PRO I 1166 85.46 41.18 -73.60
CA PRO I 1166 86.74 41.41 -72.95
C PRO I 1166 86.85 40.73 -71.60
N SER I 1167 88.03 40.18 -71.34
CA SER I 1167 88.44 39.54 -70.06
C SER I 1167 89.96 39.64 -69.95
N GLN I 1168 90.49 39.59 -68.72
CA GLN I 1168 91.95 39.76 -68.40
C GLN I 1168 92.80 38.87 -69.33
N GLY I 1169 93.92 39.40 -69.82
CA GLY I 1169 94.89 38.68 -70.66
C GLY I 1169 94.76 39.01 -72.13
N MET I 1170 93.57 39.43 -72.57
CA MET I 1170 93.26 39.70 -73.99
C MET I 1170 93.97 40.98 -74.44
N VAL I 1171 94.49 40.97 -75.66
CA VAL I 1171 95.27 42.08 -76.27
C VAL I 1171 94.93 42.14 -77.76
N VAL I 1172 94.15 43.16 -78.14
CA VAL I 1172 93.83 43.46 -79.56
C VAL I 1172 94.92 44.36 -80.11
N GLU I 1173 95.28 44.16 -81.37
CA GLU I 1173 96.12 45.07 -82.18
C GLU I 1173 95.37 45.36 -83.47
N ILE I 1174 95.17 46.63 -83.80
CA ILE I 1174 94.52 47.09 -85.06
C ILE I 1174 95.59 47.75 -85.92
N SER I 1175 95.87 47.19 -87.11
CA SER I 1175 96.83 47.73 -88.10
C SER I 1175 96.07 48.27 -89.31
N ASN I 1176 96.49 49.43 -89.84
CA ASN I 1176 95.85 50.13 -91.00
C ASN I 1176 94.40 50.49 -90.65
N GLY I 1177 94.15 51.01 -89.44
CA GLY I 1177 92.80 51.36 -88.95
C GLY I 1177 92.16 52.52 -89.70
N ASN I 1178 92.96 53.37 -90.36
CA ASN I 1178 92.49 54.56 -91.14
C ASN I 1178 92.58 54.24 -92.64
N THR I 1179 92.07 53.07 -93.05
CA THR I 1179 91.83 52.66 -94.47
C THR I 1179 91.15 51.27 -94.45
N SER I 1180 89.82 51.23 -94.39
CA SER I 1180 88.97 50.03 -94.14
C SER I 1180 89.39 48.85 -95.03
N SER I 1181 89.59 49.12 -96.33
CA SER I 1181 90.13 48.18 -97.35
C SER I 1181 91.13 47.18 -96.71
N LYS I 1182 92.12 47.70 -95.97
CA LYS I 1182 93.34 46.97 -95.51
C LYS I 1182 93.33 46.68 -94.01
N THR I 1183 92.43 47.27 -93.23
CA THR I 1183 92.37 47.13 -91.75
C THR I 1183 92.47 45.65 -91.36
N VAL I 1184 93.23 45.35 -90.30
CA VAL I 1184 93.37 43.98 -89.73
C VAL I 1184 93.35 44.09 -88.21
N VAL I 1185 92.22 43.82 -87.58
CA VAL I 1185 92.16 43.59 -86.11
C VAL I 1185 92.67 42.17 -85.86
N THR I 1186 93.33 41.95 -84.71
CA THR I 1186 94.13 40.74 -84.37
C THR I 1186 94.13 40.56 -82.85
N LEU I 1187 93.27 39.69 -82.33
CA LEU I 1187 93.21 39.35 -80.88
C LEU I 1187 94.38 38.42 -80.55
N SER I 1188 95.07 38.66 -79.42
CA SER I 1188 96.16 37.81 -78.88
C SER I 1188 95.89 37.50 -77.41
N GLU I 1189 96.08 36.24 -77.01
CA GLU I 1189 95.81 35.73 -75.65
C GLU I 1189 97.04 34.97 -75.14
N PRO I 1190 97.12 34.68 -73.81
CA PRO I 1190 98.11 33.75 -73.28
C PRO I 1190 97.76 32.29 -73.65
N VAL I 1191 98.70 31.59 -74.30
CA VAL I 1191 98.59 30.17 -74.73
C VAL I 1191 99.88 29.46 -74.28
N GLN I 1192 99.82 28.77 -73.14
CA GLN I 1192 100.97 28.06 -72.51
C GLN I 1192 102.03 29.11 -72.13
N GLY I 1193 101.61 30.12 -71.35
CA GLY I 1193 102.49 31.19 -70.82
C GLY I 1193 102.76 32.30 -71.84
N GLU I 1194 103.40 31.95 -72.96
CA GLU I 1194 103.74 32.89 -74.07
C GLU I 1194 102.47 33.29 -74.83
N LEU I 1195 102.42 34.52 -75.35
CA LEU I 1195 101.20 35.22 -75.85
C LEU I 1195 101.19 35.24 -77.38
N LYS I 1196 100.14 34.68 -77.99
CA LYS I 1196 100.09 34.31 -79.43
C LYS I 1196 98.79 34.83 -80.07
N PRO I 1197 98.78 35.06 -81.41
CA PRO I 1197 97.55 35.38 -82.12
C PRO I 1197 96.53 34.22 -82.11
N THR I 1198 95.25 34.55 -81.90
CA THR I 1198 94.12 33.58 -81.77
C THR I 1198 92.96 33.88 -82.72
N VAL I 1199 92.68 35.17 -83.03
CA VAL I 1199 91.61 35.62 -83.96
C VAL I 1199 92.18 36.71 -84.87
N ILE I 1200 91.72 36.78 -86.12
CA ILE I 1200 92.15 37.78 -87.14
C ILE I 1200 90.97 38.16 -88.03
N LEU I 1201 90.37 39.35 -87.81
CA LEU I 1201 89.34 39.98 -88.69
C LEU I 1201 89.99 40.71 -89.85
N LYS I 1202 89.37 40.69 -91.04
CA LYS I 1202 89.79 41.51 -92.20
C LYS I 1202 88.88 41.29 -93.42
N LEU I 1203 89.13 42.06 -94.47
CA LEU I 1203 88.52 41.90 -95.82
C LEU I 1203 89.41 40.98 -96.65
N LEU I 1204 88.80 40.02 -97.36
CA LEU I 1204 89.46 39.28 -98.47
C LEU I 1204 89.11 39.98 -99.78
N LYS I 1205 88.13 39.44 -100.51
CA LYS I 1205 87.35 40.11 -101.57
C LYS I 1205 86.62 41.30 -100.92
N GLU I 1206 85.98 42.14 -101.73
CA GLU I 1206 85.52 43.51 -101.36
C GLU I 1206 84.29 43.48 -100.43
N ASN I 1207 83.54 42.37 -100.35
CA ASN I 1207 82.34 42.29 -99.49
C ASN I 1207 82.34 40.98 -98.69
N ILE I 1208 83.52 40.46 -98.36
CA ILE I 1208 83.69 39.26 -97.47
C ILE I 1208 84.54 39.67 -96.27
N ILE I 1209 84.06 39.38 -95.06
CA ILE I 1209 84.82 39.52 -93.80
C ILE I 1209 85.28 38.12 -93.40
N GLN I 1210 86.59 37.85 -93.42
CA GLN I 1210 87.17 36.60 -92.84
C GLN I 1210 87.47 36.84 -91.36
N MET I 1211 87.01 35.93 -90.50
CA MET I 1211 87.38 35.86 -89.06
C MET I 1211 88.07 34.52 -88.82
N GLU I 1212 89.34 34.45 -89.21
CA GLU I 1212 90.28 33.31 -88.97
C GLU I 1212 90.40 33.09 -87.46
N MET I 1213 89.81 32.01 -86.94
CA MET I 1213 89.92 31.56 -85.52
C MET I 1213 91.02 30.51 -85.47
N ILE I 1214 92.02 30.71 -84.63
CA ILE I 1214 93.31 29.95 -84.67
C ILE I 1214 93.37 29.05 -83.46
N GLU I 1215 93.78 27.78 -83.67
CA GLU I 1215 94.18 26.88 -82.57
C GLU I 1215 95.69 26.68 -82.61
N ASN I 1216 96.35 26.85 -81.46
CA ASN I 1216 97.83 26.82 -81.30
C ASN I 1216 98.28 25.48 -80.69
N ARG I 1217 97.39 24.80 -79.94
CA ARG I 1217 97.61 23.48 -79.28
C ARG I 1217 97.17 22.36 -80.23
N THR I 1218 98.02 22.01 -81.19
CA THR I 1218 97.73 21.02 -82.27
C THR I 1218 98.47 19.70 -82.01
N MET I 1219 98.49 18.81 -83.01
CA MET I 1219 99.29 17.57 -83.00
C MET I 1219 100.78 17.93 -83.12
N ASP I 1220 101.16 18.67 -84.15
CA ASP I 1220 102.57 18.85 -84.60
C ASP I 1220 103.07 20.28 -84.35
N GLY I 1221 102.51 21.00 -83.36
CA GLY I 1221 102.97 22.35 -82.96
C GLY I 1221 102.51 23.46 -83.92
N LYS I 1222 102.69 23.25 -85.24
CA LYS I 1222 102.17 24.13 -86.34
C LYS I 1222 100.71 24.50 -86.06
N PRO I 1223 100.30 25.78 -86.12
CA PRO I 1223 98.94 26.17 -85.75
C PRO I 1223 97.93 25.92 -86.89
N VAL I 1224 96.64 25.81 -86.53
CA VAL I 1224 95.51 25.45 -87.44
C VAL I 1224 94.46 26.56 -87.39
N SER I 1225 93.96 26.98 -88.55
CA SER I 1225 93.00 28.11 -88.76
C SER I 1225 91.63 27.58 -89.20
N LEU I 1226 90.55 28.16 -88.68
CA LEU I 1226 89.14 27.98 -89.14
C LEU I 1226 88.67 29.27 -89.79
N PRO I 1227 88.70 29.42 -91.13
CA PRO I 1227 88.13 30.61 -91.78
C PRO I 1227 86.59 30.65 -91.76
N LEU I 1228 86.00 31.33 -90.77
CA LEU I 1228 84.57 31.74 -90.72
C LEU I 1228 84.38 32.98 -91.60
N LEU I 1229 83.66 32.86 -92.71
CA LEU I 1229 83.42 33.95 -93.68
C LEU I 1229 82.04 34.57 -93.45
N TYR I 1230 81.94 35.89 -93.58
CA TYR I 1230 80.68 36.68 -93.53
C TYR I 1230 80.61 37.60 -94.75
N ASN I 1231 79.43 37.75 -95.35
CA ASN I 1231 79.15 38.79 -96.37
C ASN I 1231 78.86 40.10 -95.65
N PHE I 1232 79.40 41.21 -96.17
CA PHE I 1232 79.07 42.59 -95.73
C PHE I 1232 78.28 43.28 -96.83
N ASN I 1233 76.95 43.30 -96.71
CA ASN I 1233 76.04 43.98 -97.67
C ASN I 1233 75.59 45.28 -97.03
N PRO I 1234 76.13 46.45 -97.44
CA PRO I 1234 75.79 47.72 -96.79
C PRO I 1234 74.43 48.32 -97.20
N ASP I 1235 73.71 47.74 -98.16
CA ASP I 1235 72.34 48.17 -98.57
C ASP I 1235 71.28 47.64 -97.59
N ASN I 1236 71.62 46.66 -96.75
CA ASN I 1236 70.79 46.23 -95.60
C ASN I 1236 71.39 46.89 -94.36
N GLY I 1237 70.98 48.11 -94.09
CA GLY I 1237 71.52 48.94 -93.00
C GLY I 1237 71.34 48.31 -91.64
N PHE I 1238 70.25 47.60 -91.41
CA PHE I 1238 69.89 47.11 -90.05
C PHE I 1238 70.79 45.95 -89.62
N ALA I 1239 70.96 44.97 -90.51
CA ALA I 1239 71.85 43.81 -90.36
C ALA I 1239 72.69 43.66 -91.63
N PRO I 1240 73.79 44.43 -91.74
CA PRO I 1240 74.65 44.36 -92.92
C PRO I 1240 75.59 43.16 -93.00
N ILE I 1241 75.71 42.38 -91.93
CA ILE I 1241 76.59 41.18 -91.85
C ILE I 1241 75.71 39.94 -91.83
N SER I 1242 76.01 38.99 -92.73
CA SER I 1242 75.35 37.68 -92.89
C SER I 1242 76.39 36.60 -93.11
N GLU I 1243 76.34 35.51 -92.34
CA GLU I 1243 77.30 34.38 -92.42
C GLU I 1243 77.18 33.68 -93.77
N VAL I 1244 78.30 33.38 -94.41
CA VAL I 1244 78.35 32.48 -95.60
C VAL I 1244 78.14 31.05 -95.12
N MET I 1245 77.01 30.42 -95.48
CA MET I 1245 76.59 29.10 -94.93
C MET I 1245 76.85 27.97 -95.94
N GLU I 1246 77.39 28.25 -97.12
CA GLU I 1246 77.79 27.19 -98.11
C GLU I 1246 79.17 26.68 -97.72
N ASP I 1247 79.28 25.38 -97.47
CA ASP I 1247 80.55 24.70 -97.10
C ASP I 1247 80.97 25.06 -95.67
N ARG I 1248 80.12 25.72 -94.86
CA ARG I 1248 80.50 26.07 -93.46
C ARG I 1248 80.87 24.79 -92.71
N ASN I 1249 80.09 23.72 -92.84
CA ASN I 1249 80.29 22.45 -92.11
C ASN I 1249 81.51 21.71 -92.68
N GLN I 1250 81.65 21.67 -94.00
CA GLN I 1250 82.89 21.26 -94.69
C GLN I 1250 84.12 21.96 -94.06
N ARG I 1251 84.12 23.30 -93.95
CA ARG I 1251 85.28 24.12 -93.47
C ARG I 1251 85.60 23.75 -92.02
N ILE I 1252 84.56 23.68 -91.18
CA ILE I 1252 84.73 23.27 -89.76
C ILE I 1252 85.35 21.87 -89.70
N LYS I 1253 84.88 20.92 -90.51
CA LYS I 1253 85.41 19.53 -90.52
C LYS I 1253 86.86 19.50 -91.05
N GLU I 1254 87.29 20.47 -91.84
CA GLU I 1254 88.70 20.53 -92.34
C GLU I 1254 89.62 20.82 -91.16
N MET I 1255 89.15 21.59 -90.19
CA MET I 1255 89.91 21.95 -88.98
C MET I 1255 90.02 20.73 -88.08
N TYR I 1256 88.89 20.18 -87.62
CA TYR I 1256 88.86 19.06 -86.65
C TYR I 1256 89.65 17.85 -87.19
N TRP I 1257 89.72 17.67 -88.49
CA TRP I 1257 90.53 16.61 -89.14
C TRP I 1257 92.03 16.83 -88.95
N LYS I 1258 92.49 18.09 -88.92
CA LYS I 1258 93.92 18.41 -88.70
C LYS I 1258 94.27 18.12 -87.23
N LEU I 1259 93.32 18.37 -86.31
CA LEU I 1259 93.54 18.22 -84.85
C LEU I 1259 93.37 16.77 -84.40
N TRP I 1260 92.45 15.99 -84.97
CA TRP I 1260 92.10 14.63 -84.49
C TRP I 1260 92.78 13.58 -85.35
N ILE I 1261 92.41 13.49 -86.62
CA ILE I 1261 92.86 12.43 -87.56
C ILE I 1261 94.28 12.77 -88.01
N ASP I 1262 95.07 11.78 -88.45
CA ASP I 1262 96.39 12.01 -89.09
C ASP I 1262 96.44 11.28 -90.43
N GLU I 1263 95.71 11.80 -91.41
CA GLU I 1263 95.60 11.22 -92.77
C GLU I 1263 95.42 12.35 -93.78
N PRO I 1264 95.45 12.08 -95.11
CA PRO I 1264 94.92 13.02 -96.09
C PRO I 1264 93.43 13.28 -95.88
N PHE I 1265 92.99 14.52 -96.11
CA PHE I 1265 91.62 15.02 -95.86
C PHE I 1265 90.70 14.57 -96.99
N ASN I 1266 89.90 13.53 -96.73
CA ASN I 1266 88.91 12.95 -97.68
C ASN I 1266 87.66 12.60 -96.89
N LEU I 1267 86.57 13.34 -97.10
CA LEU I 1267 85.24 13.12 -96.44
C LEU I 1267 84.37 12.18 -97.26
N ASP I 1268 84.88 11.62 -98.36
CA ASP I 1268 84.10 10.88 -99.38
C ASP I 1268 84.31 9.38 -99.18
N PHE I 1269 83.86 8.85 -98.04
CA PHE I 1269 83.85 7.40 -97.69
C PHE I 1269 82.49 7.08 -97.06
N ASP I 1270 81.98 5.87 -97.28
CA ASP I 1270 80.59 5.48 -96.91
C ASP I 1270 80.55 5.26 -95.40
N PRO I 1271 79.52 5.76 -94.68
CA PRO I 1271 79.31 5.37 -93.29
C PRO I 1271 79.13 3.84 -93.14
N ARG I 1272 78.40 3.19 -94.04
CA ARG I 1272 78.16 1.72 -94.01
C ARG I 1272 79.48 0.92 -93.99
N ASP I 1273 80.60 1.50 -94.45
CA ASP I 1273 81.93 0.81 -94.51
C ASP I 1273 82.55 0.73 -93.12
N VAL I 1274 83.60 -0.10 -92.98
CA VAL I 1274 84.32 -0.43 -91.72
C VAL I 1274 85.58 0.43 -91.65
N ILE I 1275 85.64 1.35 -90.69
CA ILE I 1275 86.80 2.26 -90.46
C ILE I 1275 87.86 1.49 -89.68
N LYS I 1276 89.14 1.59 -90.06
CA LYS I 1276 90.26 0.96 -89.30
C LYS I 1276 91.23 2.02 -88.77
N GLY I 1277 91.75 1.80 -87.57
CA GLY I 1277 92.82 2.61 -86.94
C GLY I 1277 94.20 2.07 -87.25
N LYS I 1278 95.24 2.78 -86.81
CA LYS I 1278 96.65 2.31 -86.83
C LYS I 1278 96.84 1.24 -85.75
N ASP I 1279 97.85 0.37 -85.92
CA ASP I 1279 98.36 -0.55 -84.87
C ASP I 1279 99.07 0.31 -83.81
N PHE I 1280 98.47 0.43 -82.62
CA PHE I 1280 98.92 1.31 -81.52
C PHE I 1280 99.57 0.46 -80.43
N GLU I 1281 100.83 0.75 -80.08
CA GLU I 1281 101.66 -0.03 -79.12
C GLU I 1281 101.61 0.63 -77.74
N ILE I 1282 101.02 -0.02 -76.75
CA ILE I 1282 100.89 0.52 -75.36
C ILE I 1282 102.29 0.57 -74.76
N THR I 1283 102.63 1.63 -74.02
CA THR I 1283 104.00 1.85 -73.46
C THR I 1283 103.90 2.52 -72.09
N ALA I 1284 104.80 2.14 -71.18
CA ALA I 1284 104.80 2.51 -69.75
C ALA I 1284 104.73 4.03 -69.61
N LYS I 1285 105.36 4.74 -70.55
CA LYS I 1285 105.36 6.21 -70.73
C LYS I 1285 103.92 6.73 -70.79
N GLU I 1286 103.08 6.17 -71.69
CA GLU I 1286 101.71 6.68 -71.97
C GLU I 1286 100.74 6.29 -70.85
N VAL I 1287 100.93 5.12 -70.24
CA VAL I 1287 100.07 4.66 -69.11
C VAL I 1287 100.40 5.49 -67.86
N TYR I 1288 101.65 5.91 -67.70
CA TYR I 1288 102.08 6.86 -66.64
C TYR I 1288 101.30 8.16 -66.84
N ASP I 1289 101.49 8.81 -68.00
CA ASP I 1289 100.95 10.16 -68.35
C ASP I 1289 99.42 10.17 -68.25
N PHE I 1290 98.77 9.11 -68.71
CA PHE I 1290 97.30 8.98 -68.74
C PHE I 1290 96.72 8.96 -67.33
N THR I 1291 97.27 8.07 -66.49
CA THR I 1291 96.77 7.79 -65.11
C THR I 1291 96.97 9.03 -64.23
N HIS I 1292 98.02 9.82 -64.50
CA HIS I 1292 98.32 11.07 -63.75
C HIS I 1292 97.35 12.19 -64.15
N ALA I 1293 96.91 12.20 -65.42
CA ALA I 1293 95.94 13.17 -65.94
C ALA I 1293 94.53 12.91 -65.43
N VAL I 1294 94.21 11.71 -64.93
CA VAL I 1294 92.81 11.36 -64.49
C VAL I 1294 92.73 11.15 -62.97
N GLY I 1295 93.85 10.95 -62.28
CA GLY I 1295 93.87 10.63 -60.84
C GLY I 1295 93.54 9.17 -60.55
N ASN I 1296 94.04 8.23 -61.36
CA ASN I 1296 93.89 6.76 -61.16
C ASN I 1296 95.16 6.25 -60.47
N ASN I 1297 95.24 6.36 -59.15
CA ASN I 1297 96.42 5.95 -58.33
C ASN I 1297 96.25 4.51 -57.88
N CYS I 1298 95.89 3.62 -58.82
CA CYS I 1298 95.68 2.17 -58.59
C CYS I 1298 96.98 1.46 -58.95
N GLU I 1299 97.38 0.51 -58.10
CA GLU I 1299 98.74 -0.05 -58.11
C GLU I 1299 98.97 -0.84 -59.40
N ASP I 1300 97.91 -1.31 -60.06
CA ASP I 1300 98.04 -2.25 -61.22
C ASP I 1300 98.74 -1.55 -62.38
N PHE I 1301 98.75 -0.20 -62.40
CA PHE I 1301 99.21 0.65 -63.53
C PHE I 1301 100.59 1.25 -63.26
N VAL I 1302 101.15 0.99 -62.08
CA VAL I 1302 102.47 1.53 -61.65
C VAL I 1302 103.53 0.47 -61.95
N SER I 1303 104.67 0.87 -62.50
CA SER I 1303 105.83 -0.05 -62.68
C SER I 1303 106.25 -0.47 -61.28
N ARG I 1304 106.35 -1.78 -61.04
CA ARG I 1304 106.87 -2.36 -59.78
C ARG I 1304 107.86 -3.46 -60.12
N PRO I 1305 108.80 -3.80 -59.21
CA PRO I 1305 109.73 -4.90 -59.46
C PRO I 1305 108.97 -6.23 -59.59
N ASP I 1306 109.34 -7.06 -60.58
CA ASP I 1306 108.87 -8.45 -60.77
C ASP I 1306 107.35 -8.45 -60.91
N ARG I 1307 106.84 -7.73 -61.93
CA ARG I 1307 105.39 -7.54 -62.22
C ARG I 1307 105.21 -6.89 -63.60
N THR I 1308 104.07 -7.15 -64.25
CA THR I 1308 103.68 -6.55 -65.56
C THR I 1308 102.70 -5.41 -65.31
N MET I 1309 102.96 -4.28 -65.97
CA MET I 1309 102.17 -3.03 -65.86
C MET I 1309 100.92 -3.19 -66.74
N LEU I 1310 99.74 -3.17 -66.13
CA LEU I 1310 98.45 -3.14 -66.86
C LEU I 1310 98.20 -1.72 -67.35
N ALA I 1311 97.31 -1.56 -68.34
CA ALA I 1311 96.71 -0.27 -68.74
C ALA I 1311 95.27 -0.29 -68.28
N PRO I 1312 94.69 0.85 -67.85
CA PRO I 1312 93.30 0.89 -67.40
C PRO I 1312 92.38 0.73 -68.62
N MET I 1313 91.13 0.32 -68.45
CA MET I 1313 90.24 0.05 -69.60
C MET I 1313 89.86 1.38 -70.25
N ASP I 1314 89.79 2.46 -69.46
CA ASP I 1314 89.66 3.89 -69.90
C ASP I 1314 90.57 4.19 -71.07
N PHE I 1315 91.77 3.63 -71.04
CA PHE I 1315 92.86 3.81 -72.02
C PHE I 1315 92.44 3.25 -73.40
N ALA I 1316 91.34 2.51 -73.51
CA ALA I 1316 90.80 2.05 -74.81
C ALA I 1316 90.51 3.26 -75.70
N ILE I 1317 89.83 4.27 -75.15
CA ILE I 1317 89.45 5.50 -75.90
C ILE I 1317 90.72 6.19 -76.43
N VAL I 1318 91.84 6.11 -75.72
CA VAL I 1318 93.17 6.63 -76.18
C VAL I 1318 93.53 5.91 -77.48
N VAL I 1319 93.39 4.59 -77.49
CA VAL I 1319 93.74 3.72 -78.64
C VAL I 1319 92.69 3.91 -79.75
N GLY I 1320 91.42 4.00 -79.36
CA GLY I 1320 90.27 3.89 -80.27
C GLY I 1320 89.85 5.20 -80.91
N TRP I 1321 90.36 6.35 -80.46
CA TRP I 1321 89.87 7.69 -80.85
C TRP I 1321 89.98 7.86 -82.36
N ARG I 1322 91.19 7.97 -82.91
CA ARG I 1322 91.39 8.16 -84.37
C ARG I 1322 90.23 7.51 -85.14
N ALA I 1323 89.88 6.25 -84.84
CA ALA I 1323 88.86 5.44 -85.56
C ALA I 1323 87.41 5.82 -85.15
N ILE I 1324 87.07 5.80 -83.87
CA ILE I 1324 85.69 6.08 -83.37
C ILE I 1324 85.24 7.46 -83.83
N ILE I 1325 86.09 8.47 -83.70
CA ILE I 1325 85.71 9.85 -84.09
C ILE I 1325 85.65 9.92 -85.60
N LYS I 1326 86.49 9.19 -86.35
CA LYS I 1326 86.49 9.28 -87.83
C LYS I 1326 85.10 8.92 -88.40
N ALA I 1327 84.19 8.38 -87.58
CA ALA I 1327 82.83 7.95 -88.00
C ALA I 1327 81.84 9.10 -88.07
N ILE I 1328 82.12 10.27 -87.52
CA ILE I 1328 81.19 11.44 -87.58
C ILE I 1328 81.62 12.42 -88.67
N PHE I 1329 82.59 12.07 -89.52
CA PHE I 1329 83.13 12.97 -90.56
C PHE I 1329 82.48 12.85 -91.93
N PRO I 1330 82.00 11.67 -92.40
CA PRO I 1330 81.59 11.55 -93.81
C PRO I 1330 80.61 12.62 -94.29
N ASN I 1331 80.67 12.98 -95.58
CA ASN I 1331 79.75 13.95 -96.25
C ASN I 1331 78.30 13.59 -95.95
N THR I 1332 77.98 12.30 -95.96
CA THR I 1332 76.60 11.74 -95.88
C THR I 1332 76.07 11.79 -94.43
N VAL I 1333 76.86 12.27 -93.47
CA VAL I 1333 76.43 12.54 -92.05
C VAL I 1333 76.85 13.97 -91.70
N ASP I 1334 76.27 14.94 -92.40
CA ASP I 1334 76.60 16.40 -92.35
C ASP I 1334 76.26 16.92 -90.95
N GLY I 1335 77.12 17.74 -90.35
CA GLY I 1335 76.90 18.22 -88.97
C GLY I 1335 77.86 19.32 -88.55
N ASP I 1336 77.33 20.33 -87.85
CA ASP I 1336 78.09 21.47 -87.28
C ASP I 1336 78.90 20.91 -86.11
N LEU I 1337 80.18 20.65 -86.35
CA LEU I 1337 81.06 19.91 -85.40
C LEU I 1337 81.31 20.75 -84.14
N LEU I 1338 81.17 22.07 -84.21
CA LEU I 1338 81.18 22.99 -83.04
C LEU I 1338 79.99 22.71 -82.13
N LYS I 1339 78.85 22.27 -82.69
CA LYS I 1339 77.58 22.00 -81.95
C LYS I 1339 77.47 20.52 -81.54
N LEU I 1340 78.52 19.71 -81.73
CA LEU I 1340 78.54 18.27 -81.35
C LEU I 1340 78.42 18.11 -79.84
N VAL I 1341 77.77 17.04 -79.39
CA VAL I 1341 77.56 16.66 -77.97
C VAL I 1341 77.80 15.16 -77.82
N HIS I 1342 78.87 14.76 -77.15
CA HIS I 1342 79.17 13.35 -76.76
C HIS I 1342 78.18 12.96 -75.66
N LEU I 1343 77.23 12.06 -75.93
CA LEU I 1343 76.08 11.79 -75.04
C LEU I 1343 76.48 10.73 -74.03
N SER I 1344 76.94 9.59 -74.56
CA SER I 1344 77.22 8.34 -73.83
C SER I 1344 78.57 7.80 -74.31
N ASN I 1345 79.29 7.10 -73.44
CA ASN I 1345 80.47 6.29 -73.83
C ASN I 1345 80.45 5.01 -72.98
N GLY I 1346 80.88 3.89 -73.57
CA GLY I 1346 80.79 2.57 -72.92
C GLY I 1346 81.97 1.70 -73.26
N TYR I 1347 82.53 1.01 -72.26
CA TYR I 1347 83.51 -0.09 -72.46
C TYR I 1347 82.87 -1.40 -72.01
N LYS I 1348 83.21 -2.48 -72.71
CA LYS I 1348 82.74 -3.85 -72.41
C LYS I 1348 83.88 -4.79 -72.80
N MET I 1349 84.53 -5.43 -71.81
CA MET I 1349 85.54 -6.49 -72.07
C MET I 1349 84.82 -7.71 -72.65
N ILE I 1350 85.35 -8.30 -73.73
CA ILE I 1350 84.73 -9.52 -74.32
C ILE I 1350 85.04 -10.64 -73.33
N PRO I 1351 84.05 -11.48 -72.95
CA PRO I 1351 84.26 -12.45 -71.89
C PRO I 1351 85.35 -13.43 -72.32
N GLY I 1352 86.31 -13.67 -71.41
CA GLY I 1352 87.58 -14.35 -71.70
C GLY I 1352 88.75 -13.42 -71.53
N ALA I 1353 89.08 -12.66 -72.59
CA ALA I 1353 90.37 -11.96 -72.79
C ALA I 1353 90.73 -11.09 -71.60
N LYS I 1354 92.01 -11.17 -71.21
CA LYS I 1354 92.67 -10.49 -70.06
C LYS I 1354 92.76 -9.01 -70.35
N PRO I 1355 92.92 -8.15 -69.33
CA PRO I 1355 92.99 -6.70 -69.55
C PRO I 1355 94.23 -6.31 -70.34
N LEU I 1356 94.27 -5.06 -70.80
CA LEU I 1356 95.33 -4.50 -71.68
C LEU I 1356 96.63 -4.39 -70.87
N GLN I 1357 97.72 -4.95 -71.41
CA GLN I 1357 99.07 -5.00 -70.78
C GLN I 1357 99.88 -3.84 -71.35
N VAL I 1358 101.15 -3.71 -70.95
CA VAL I 1358 102.05 -2.61 -71.40
C VAL I 1358 102.91 -3.06 -72.58
N GLY I 1359 103.03 -4.35 -72.86
CA GLY I 1359 103.76 -4.82 -74.05
C GLY I 1359 102.94 -4.61 -75.32
N ASP I 1360 101.62 -4.70 -75.19
CA ASP I 1360 100.63 -5.10 -76.23
C ASP I 1360 100.64 -4.14 -77.43
N VAL I 1361 100.31 -4.70 -78.61
CA VAL I 1361 100.06 -3.99 -79.91
C VAL I 1361 98.59 -4.18 -80.28
N VAL I 1362 97.77 -3.13 -80.14
CA VAL I 1362 96.28 -3.21 -80.18
C VAL I 1362 95.78 -2.60 -81.49
N SER I 1363 95.25 -3.45 -82.39
CA SER I 1363 94.53 -3.07 -83.63
C SER I 1363 93.13 -2.56 -83.27
N THR I 1364 92.75 -1.41 -83.81
CA THR I 1364 91.39 -0.82 -83.66
C THR I 1364 90.60 -1.01 -84.96
N THR I 1365 89.29 -1.19 -84.83
CA THR I 1365 88.31 -1.17 -85.94
C THR I 1365 87.04 -0.55 -85.39
N ALA I 1366 86.59 0.56 -85.97
CA ALA I 1366 85.32 1.21 -85.63
C ALA I 1366 84.34 0.94 -86.76
N VAL I 1367 83.08 0.82 -86.38
CA VAL I 1367 81.91 0.62 -87.28
C VAL I 1367 80.83 1.57 -86.78
N ILE I 1368 80.16 2.23 -87.69
CA ILE I 1368 79.00 3.09 -87.36
C ILE I 1368 77.77 2.19 -87.34
N GLU I 1369 77.06 2.20 -86.22
CA GLU I 1369 75.95 1.26 -85.93
C GLU I 1369 74.62 1.87 -86.42
N SER I 1370 74.38 3.15 -86.16
CA SER I 1370 73.05 3.79 -86.20
C SER I 1370 73.12 5.31 -86.34
N VAL I 1371 72.69 5.85 -87.48
CA VAL I 1371 72.60 7.32 -87.75
C VAL I 1371 71.13 7.68 -87.84
N VAL I 1372 70.51 8.26 -86.82
CA VAL I 1372 69.06 8.58 -86.90
C VAL I 1372 68.84 10.07 -86.70
N ASN I 1373 68.02 10.69 -87.57
CA ASN I 1373 67.54 12.08 -87.37
C ASN I 1373 66.41 11.99 -86.36
N GLN I 1374 66.63 12.50 -85.15
CA GLN I 1374 65.55 12.79 -84.18
C GLN I 1374 65.02 14.19 -84.46
N PRO I 1375 63.84 14.57 -83.92
CA PRO I 1375 63.32 15.94 -84.04
C PRO I 1375 64.30 17.07 -83.70
N THR I 1376 65.11 16.86 -82.66
CA THR I 1376 65.96 17.90 -82.03
C THR I 1376 67.44 17.77 -82.47
N GLY I 1377 67.75 16.89 -83.42
CA GLY I 1377 69.13 16.69 -83.93
C GLY I 1377 69.38 15.30 -84.52
N LYS I 1378 70.63 14.96 -84.80
CA LYS I 1378 71.06 13.68 -85.41
C LYS I 1378 71.93 12.91 -84.42
N ILE I 1379 71.60 11.64 -84.17
CA ILE I 1379 72.33 10.73 -83.24
C ILE I 1379 73.23 9.77 -84.04
N VAL I 1380 74.48 9.65 -83.66
CA VAL I 1380 75.43 8.70 -84.30
C VAL I 1380 75.98 7.76 -83.22
N ASP I 1381 75.50 6.52 -83.19
CA ASP I 1381 76.00 5.42 -82.34
C ASP I 1381 77.17 4.75 -83.08
N VAL I 1382 78.36 4.70 -82.47
CA VAL I 1382 79.57 4.06 -83.05
C VAL I 1382 80.01 2.90 -82.16
N VAL I 1383 80.63 1.88 -82.75
CA VAL I 1383 81.17 0.70 -82.01
C VAL I 1383 82.60 0.40 -82.48
N GLY I 1384 83.56 0.68 -81.62
CA GLY I 1384 84.98 0.32 -81.79
C GLY I 1384 85.26 -1.03 -81.17
N THR I 1385 86.08 -1.84 -81.81
CA THR I 1385 86.49 -3.20 -81.36
C THR I 1385 88.03 -3.22 -81.32
N LEU I 1386 88.61 -3.41 -80.12
CA LEU I 1386 90.08 -3.43 -79.89
C LEU I 1386 90.56 -4.88 -79.91
N SER I 1387 91.47 -5.24 -80.80
CA SER I 1387 91.95 -6.63 -81.01
C SER I 1387 93.47 -6.71 -80.95
N ARG I 1388 94.02 -7.63 -80.13
CA ARG I 1388 95.48 -7.94 -80.04
C ARG I 1388 95.74 -9.41 -80.41
N ASN I 1389 96.75 -9.65 -81.25
CA ASN I 1389 97.09 -11.00 -81.75
C ASN I 1389 95.89 -11.61 -82.48
N GLY I 1390 95.14 -10.78 -83.21
CA GLY I 1390 93.94 -11.20 -83.99
C GLY I 1390 92.90 -11.90 -83.14
N LYS I 1391 92.61 -11.38 -81.94
CA LYS I 1391 91.42 -11.75 -81.13
C LYS I 1391 90.80 -10.49 -80.54
N PRO I 1392 89.46 -10.36 -80.49
CA PRO I 1392 88.84 -9.22 -79.80
C PRO I 1392 89.18 -9.20 -78.30
N VAL I 1393 89.45 -8.01 -77.75
CA VAL I 1393 89.81 -7.76 -76.32
C VAL I 1393 88.67 -7.00 -75.68
N MET I 1394 88.32 -5.82 -76.20
CA MET I 1394 87.09 -5.11 -75.75
C MET I 1394 86.44 -4.33 -76.88
N GLU I 1395 85.20 -3.89 -76.60
CA GLU I 1395 84.32 -3.05 -77.43
C GLU I 1395 84.14 -1.71 -76.72
N VAL I 1396 84.40 -0.60 -77.43
CA VAL I 1396 84.04 0.79 -77.04
C VAL I 1396 82.73 1.16 -77.76
N THR I 1397 81.73 1.68 -77.07
CA THR I 1397 80.41 2.09 -77.66
C THR I 1397 80.12 3.56 -77.33
N SER I 1398 80.56 4.47 -78.19
CA SER I 1398 80.31 5.93 -78.06
C SER I 1398 79.09 6.29 -78.89
N SER I 1399 78.20 7.15 -78.37
CA SER I 1399 77.09 7.80 -79.10
C SER I 1399 77.24 9.34 -79.06
N PHE I 1400 77.42 9.94 -80.25
CA PHE I 1400 77.47 11.40 -80.48
C PHE I 1400 76.13 11.92 -80.99
N PHE I 1401 75.94 13.23 -80.92
CA PHE I 1401 74.68 13.96 -81.22
C PHE I 1401 74.98 15.33 -81.79
N TYR I 1402 74.81 15.48 -83.10
CA TYR I 1402 74.81 16.77 -83.83
C TYR I 1402 73.49 17.51 -83.61
N ARG I 1403 73.47 18.57 -82.81
CA ARG I 1403 72.26 19.44 -82.65
C ARG I 1403 71.99 20.15 -83.97
N GLY I 1404 70.71 20.34 -84.28
CA GLY I 1404 70.23 20.99 -85.50
C GLY I 1404 68.94 20.37 -86.00
N ASN I 1405 68.68 20.54 -87.30
CA ASN I 1405 67.41 20.20 -87.97
C ASN I 1405 67.76 19.49 -89.29
N TYR I 1406 67.58 18.17 -89.35
CA TYR I 1406 68.02 17.31 -90.47
C TYR I 1406 66.78 16.63 -91.09
N THR I 1407 66.79 16.49 -92.40
CA THR I 1407 65.68 15.95 -93.24
C THR I 1407 66.31 15.07 -94.31
N ASP I 1408 67.30 14.28 -93.88
CA ASP I 1408 68.38 13.65 -94.67
C ASP I 1408 68.18 12.13 -94.57
N PHE I 1409 66.92 11.66 -94.63
CA PHE I 1409 66.52 10.29 -94.22
C PHE I 1409 67.00 9.22 -95.20
N GLU I 1410 67.68 9.58 -96.28
CA GLU I 1410 68.22 8.68 -97.33
C GLU I 1410 69.54 8.08 -96.84
N ASN I 1411 70.19 8.76 -95.88
CA ASN I 1411 71.57 8.48 -95.37
C ASN I 1411 71.50 8.08 -93.90
N THR I 1412 70.41 7.42 -93.54
CA THR I 1412 70.00 7.16 -92.15
C THR I 1412 69.74 5.66 -92.06
N PHE I 1413 69.93 5.07 -90.88
CA PHE I 1413 69.76 3.63 -90.61
C PHE I 1413 69.98 3.35 -89.12
N GLN I 1414 69.58 2.16 -88.68
CA GLN I 1414 69.56 1.80 -87.24
C GLN I 1414 69.50 0.29 -87.12
N LYS I 1415 70.60 -0.32 -86.71
CA LYS I 1415 70.66 -1.74 -86.27
C LYS I 1415 70.53 -1.78 -84.75
N THR I 1416 69.36 -2.15 -84.24
CA THR I 1416 69.16 -2.49 -82.79
C THR I 1416 69.22 -4.01 -82.60
N VAL I 1417 69.70 -4.44 -81.43
CA VAL I 1417 69.68 -5.85 -80.94
C VAL I 1417 68.57 -5.94 -79.89
N GLU I 1418 67.48 -6.62 -80.22
CA GLU I 1418 66.24 -6.63 -79.42
C GLU I 1418 66.47 -7.51 -78.20
N PRO I 1419 65.66 -7.34 -77.13
CA PRO I 1419 65.78 -8.21 -75.97
C PRO I 1419 65.33 -9.62 -76.37
N VAL I 1420 65.87 -10.63 -75.70
CA VAL I 1420 65.60 -12.07 -75.99
C VAL I 1420 64.19 -12.41 -75.48
N TYR I 1421 63.33 -12.93 -76.36
CA TYR I 1421 61.90 -13.19 -76.08
C TYR I 1421 61.72 -14.70 -75.95
N GLN I 1422 60.96 -15.11 -74.94
CA GLN I 1422 60.76 -16.53 -74.57
C GLN I 1422 59.27 -16.87 -74.69
N MET I 1423 58.93 -17.85 -75.52
CA MET I 1423 57.56 -18.41 -75.64
C MET I 1423 57.53 -19.85 -75.12
N HIS I 1424 56.62 -20.17 -74.20
CA HIS I 1424 56.22 -21.57 -73.86
C HIS I 1424 55.11 -22.00 -74.81
N ILE I 1425 55.37 -22.98 -75.68
CA ILE I 1425 54.36 -23.57 -76.61
C ILE I 1425 53.57 -24.63 -75.81
N LYS I 1426 52.35 -24.32 -75.36
CA LYS I 1426 51.51 -25.23 -74.51
C LYS I 1426 50.62 -26.08 -75.42
N THR I 1427 49.92 -25.44 -76.35
CA THR I 1427 48.76 -25.98 -77.11
C THR I 1427 49.17 -26.27 -78.56
N SER I 1428 48.22 -26.67 -79.42
CA SER I 1428 48.45 -26.90 -80.86
C SER I 1428 47.94 -25.70 -81.70
N LYS I 1429 47.35 -24.67 -81.06
CA LYS I 1429 47.03 -23.39 -81.77
C LYS I 1429 48.27 -22.49 -81.71
N ASP I 1430 48.93 -22.43 -80.55
CA ASP I 1430 50.27 -21.78 -80.40
C ASP I 1430 51.17 -22.21 -81.55
N ILE I 1431 51.20 -23.50 -81.91
CA ILE I 1431 52.13 -24.02 -82.97
C ILE I 1431 51.60 -23.56 -84.33
N ALA I 1432 50.30 -23.34 -84.47
CA ALA I 1432 49.63 -23.04 -85.77
C ALA I 1432 49.74 -21.55 -86.08
N VAL I 1433 49.52 -20.71 -85.07
CA VAL I 1433 49.77 -19.24 -85.11
C VAL I 1433 51.23 -18.99 -85.54
N LEU I 1434 52.18 -19.79 -85.04
CA LEU I 1434 53.62 -19.66 -85.37
C LEU I 1434 53.90 -20.17 -86.79
N ARG I 1435 53.14 -21.13 -87.31
CA ARG I 1435 53.33 -21.67 -88.68
C ARG I 1435 52.66 -20.72 -89.69
N SER I 1436 51.65 -19.96 -89.22
CA SER I 1436 51.04 -18.81 -89.93
C SER I 1436 52.15 -17.92 -90.47
N LYS I 1437 53.01 -17.44 -89.57
CA LYS I 1437 54.08 -16.43 -89.81
C LYS I 1437 55.08 -16.94 -90.84
N GLU I 1438 55.13 -16.31 -92.02
CA GLU I 1438 56.09 -16.55 -93.12
C GLU I 1438 57.53 -16.51 -92.59
N TRP I 1439 57.77 -15.66 -91.58
CA TRP I 1439 59.10 -15.31 -91.01
C TRP I 1439 59.62 -16.34 -90.01
N PHE I 1440 58.84 -17.38 -89.67
CA PHE I 1440 59.24 -18.51 -88.79
C PHE I 1440 59.76 -19.66 -89.66
N GLN I 1441 61.00 -19.57 -90.14
CA GLN I 1441 61.66 -20.66 -90.88
C GLN I 1441 62.12 -21.71 -89.85
N LEU I 1442 62.03 -23.00 -90.16
CA LEU I 1442 62.60 -24.10 -89.35
C LEU I 1442 63.50 -24.97 -90.24
N ASP I 1443 64.61 -25.47 -89.67
CA ASP I 1443 65.64 -26.25 -90.40
C ASP I 1443 65.00 -27.57 -90.87
N ASP I 1444 64.17 -28.16 -90.01
CA ASP I 1444 63.32 -29.36 -90.26
C ASP I 1444 61.86 -28.99 -89.91
N GLU I 1445 61.01 -28.81 -90.92
CA GLU I 1445 59.62 -28.28 -90.77
C GLU I 1445 58.73 -29.30 -90.04
N ASP I 1446 59.18 -30.55 -89.90
CA ASP I 1446 58.47 -31.68 -89.21
C ASP I 1446 58.74 -31.67 -87.70
N PHE I 1447 59.64 -30.79 -87.21
CA PHE I 1447 60.07 -30.69 -85.78
C PHE I 1447 58.86 -30.52 -84.87
N ASP I 1448 58.77 -31.31 -83.79
CA ASP I 1448 57.66 -31.20 -82.79
C ASP I 1448 57.92 -30.05 -81.83
N LEU I 1449 57.01 -29.07 -81.78
CA LEU I 1449 57.14 -27.82 -80.99
C LEU I 1449 56.43 -27.93 -79.65
N LEU I 1450 55.64 -28.99 -79.43
CA LEU I 1450 54.61 -29.03 -78.38
C LEU I 1450 55.28 -29.25 -77.02
N ASN I 1451 55.04 -28.32 -76.08
CA ASN I 1451 55.54 -28.29 -74.68
C ASN I 1451 57.00 -27.85 -74.62
N LYS I 1452 57.67 -27.68 -75.77
CA LYS I 1452 59.00 -27.04 -75.85
C LYS I 1452 58.91 -25.57 -75.46
N THR I 1453 60.05 -25.00 -75.09
CA THR I 1453 60.24 -23.55 -74.79
C THR I 1453 61.19 -22.96 -75.82
N LEU I 1454 60.75 -21.89 -76.50
CA LEU I 1454 61.49 -21.24 -77.61
C LEU I 1454 62.04 -19.91 -77.14
N THR I 1455 63.25 -19.55 -77.59
CA THR I 1455 63.87 -18.22 -77.37
C THR I 1455 64.22 -17.62 -78.74
N PHE I 1456 63.79 -16.38 -78.97
CA PHE I 1456 64.04 -15.63 -80.22
C PHE I 1456 65.13 -14.60 -79.95
N GLU I 1457 66.32 -14.79 -80.53
CA GLU I 1457 67.50 -13.89 -80.39
C GLU I 1457 67.66 -13.07 -81.67
N THR I 1458 67.18 -11.83 -81.66
CA THR I 1458 66.71 -11.09 -82.85
C THR I 1458 67.43 -9.73 -82.90
N GLU I 1459 67.99 -9.38 -84.07
CA GLU I 1459 68.44 -8.00 -84.40
C GLU I 1459 67.59 -7.48 -85.56
N THR I 1460 67.33 -6.18 -85.61
CA THR I 1460 66.47 -5.54 -86.65
C THR I 1460 67.19 -4.32 -87.25
N GLU I 1461 67.65 -4.45 -88.51
CA GLU I 1461 68.17 -3.36 -89.38
C GLU I 1461 66.99 -2.61 -90.04
N VAL I 1462 67.06 -1.29 -90.13
CA VAL I 1462 65.91 -0.41 -90.47
C VAL I 1462 66.42 0.90 -91.08
N THR I 1463 66.39 1.03 -92.41
CA THR I 1463 66.49 2.31 -93.16
C THR I 1463 65.19 3.13 -92.97
N PHE I 1464 65.21 4.44 -93.26
CA PHE I 1464 64.09 5.37 -92.99
C PHE I 1464 63.61 6.03 -94.29
N LYS I 1465 62.39 6.59 -94.23
CA LYS I 1465 61.72 7.43 -95.27
C LYS I 1465 61.44 8.81 -94.67
N ASN I 1466 60.77 8.82 -93.52
CA ASN I 1466 60.51 9.99 -92.65
C ASN I 1466 60.87 9.58 -91.23
N ALA I 1467 60.53 10.41 -90.23
CA ALA I 1467 60.66 10.09 -88.80
C ALA I 1467 59.93 8.77 -88.47
N ASN I 1468 58.77 8.52 -89.11
CA ASN I 1468 57.75 7.54 -88.66
C ASN I 1468 57.68 6.29 -89.56
N ILE I 1469 58.00 6.41 -90.84
CA ILE I 1469 57.82 5.30 -91.84
C ILE I 1469 59.18 4.76 -92.26
N PHE I 1470 59.47 3.49 -91.98
CA PHE I 1470 60.73 2.82 -92.38
C PHE I 1470 60.63 2.48 -93.86
N SER I 1471 61.65 2.80 -94.65
CA SER I 1471 61.72 2.52 -96.11
C SER I 1471 62.19 1.09 -96.34
N SER I 1472 62.46 0.35 -95.26
CA SER I 1472 62.98 -1.04 -95.27
C SER I 1472 63.09 -1.53 -93.83
N VAL I 1473 62.59 -2.74 -93.56
CA VAL I 1473 62.78 -3.44 -92.26
C VAL I 1473 63.40 -4.80 -92.55
N LYS I 1474 64.28 -5.23 -91.67
CA LYS I 1474 64.92 -6.56 -91.66
C LYS I 1474 64.96 -6.99 -90.19
N CYS I 1475 64.63 -8.24 -89.89
CA CYS I 1475 64.55 -8.77 -88.52
C CYS I 1475 64.91 -10.25 -88.57
N PHE I 1476 66.10 -10.61 -88.10
CA PHE I 1476 66.70 -11.95 -88.32
C PHE I 1476 67.44 -12.40 -87.06
N GLY I 1477 68.07 -13.56 -87.15
CA GLY I 1477 68.74 -14.20 -86.01
C GLY I 1477 67.97 -15.40 -85.52
N PRO I 1478 68.61 -16.28 -84.73
CA PRO I 1478 68.17 -17.66 -84.58
C PRO I 1478 67.08 -17.87 -83.53
N ILE I 1479 66.20 -18.82 -83.79
CA ILE I 1479 65.23 -19.42 -82.83
C ILE I 1479 65.92 -20.62 -82.17
N LYS I 1480 65.79 -20.72 -80.85
CA LYS I 1480 66.46 -21.77 -80.04
C LYS I 1480 65.41 -22.45 -79.17
N VAL I 1481 65.56 -23.76 -78.96
CA VAL I 1481 64.69 -24.58 -78.06
C VAL I 1481 65.50 -24.97 -76.81
N GLU I 1482 64.92 -24.81 -75.64
CA GLU I 1482 65.46 -25.32 -74.34
C GLU I 1482 65.38 -26.84 -74.36
N LEU I 1483 66.51 -27.51 -74.15
CA LEU I 1483 66.63 -28.99 -73.95
C LEU I 1483 66.33 -29.32 -72.48
N PRO I 1484 66.31 -30.62 -72.09
CA PRO I 1484 66.08 -30.97 -70.68
C PRO I 1484 67.27 -30.69 -69.74
N THR I 1485 68.43 -30.30 -70.27
CA THR I 1485 69.61 -29.84 -69.49
C THR I 1485 69.50 -28.33 -69.21
N LYS I 1486 68.62 -27.61 -69.91
CA LYS I 1486 68.45 -26.13 -69.87
C LYS I 1486 69.44 -25.41 -70.80
N GLU I 1487 70.38 -26.14 -71.41
CA GLU I 1487 71.12 -25.70 -72.62
C GLU I 1487 70.08 -25.42 -73.72
N THR I 1488 70.27 -24.35 -74.49
CA THR I 1488 69.47 -24.01 -75.71
C THR I 1488 70.24 -24.42 -76.97
N VAL I 1489 69.53 -24.69 -78.07
CA VAL I 1489 70.08 -25.21 -79.35
C VAL I 1489 69.29 -24.60 -80.52
N GLU I 1490 69.98 -24.12 -81.54
CA GLU I 1490 69.37 -23.49 -82.74
C GLU I 1490 68.56 -24.55 -83.49
N ILE I 1491 67.24 -24.36 -83.61
CA ILE I 1491 66.32 -25.16 -84.46
C ILE I 1491 65.88 -24.36 -85.69
N GLY I 1492 65.80 -23.04 -85.59
CA GLY I 1492 65.16 -22.18 -86.61
C GLY I 1492 65.85 -20.85 -86.82
N ILE I 1493 65.32 -20.10 -87.78
CA ILE I 1493 65.73 -18.74 -88.22
C ILE I 1493 64.48 -17.87 -88.17
N VAL I 1494 64.63 -16.58 -87.87
CA VAL I 1494 63.67 -15.50 -88.22
C VAL I 1494 64.23 -14.85 -89.49
N ASP I 1495 63.39 -14.54 -90.47
CA ASP I 1495 63.83 -14.03 -91.80
C ASP I 1495 62.74 -13.11 -92.37
N TYR I 1496 62.25 -12.16 -91.56
CA TYR I 1496 61.37 -11.06 -91.99
C TYR I 1496 62.18 -10.02 -92.78
N GLU I 1497 61.69 -9.66 -93.96
CA GLU I 1497 62.09 -8.49 -94.79
C GLU I 1497 60.83 -7.69 -95.09
N ALA I 1498 60.96 -6.56 -95.80
CA ALA I 1498 59.88 -5.57 -96.03
C ALA I 1498 60.43 -4.30 -96.70
N GLY I 1499 59.57 -3.62 -97.46
CA GLY I 1499 59.73 -2.20 -97.81
C GLY I 1499 58.93 -1.35 -96.83
N ALA I 1500 58.35 -0.23 -97.29
CA ALA I 1500 57.66 0.78 -96.44
C ALA I 1500 56.91 0.05 -95.32
N SER I 1501 57.08 0.49 -94.07
CA SER I 1501 56.46 -0.14 -92.88
C SER I 1501 56.43 0.85 -91.72
N HIS I 1502 55.34 0.90 -90.95
CA HIS I 1502 55.21 1.78 -89.76
C HIS I 1502 55.65 1.03 -88.49
N GLY I 1503 56.24 -0.18 -88.62
CA GLY I 1503 56.68 -0.97 -87.46
C GLY I 1503 57.25 -2.32 -87.85
N ASN I 1504 57.77 -3.03 -86.83
CA ASN I 1504 58.41 -4.37 -86.91
C ASN I 1504 57.41 -5.36 -86.33
N PRO I 1505 56.75 -6.19 -87.16
CA PRO I 1505 55.63 -7.00 -86.67
C PRO I 1505 56.11 -8.16 -85.79
N VAL I 1506 57.33 -8.63 -86.03
CA VAL I 1506 58.00 -9.73 -85.26
C VAL I 1506 58.06 -9.36 -83.77
N VAL I 1507 58.60 -8.19 -83.45
CA VAL I 1507 58.89 -7.80 -82.05
C VAL I 1507 57.55 -7.52 -81.36
N ASP I 1508 56.57 -7.02 -82.11
CA ASP I 1508 55.17 -6.83 -81.65
C ASP I 1508 54.60 -8.20 -81.26
N PHE I 1509 54.72 -9.18 -82.15
CA PHE I 1509 54.19 -10.56 -81.96
C PHE I 1509 54.74 -11.17 -80.67
N LEU I 1510 56.05 -11.06 -80.49
CA LEU I 1510 56.80 -11.66 -79.36
C LEU I 1510 56.60 -10.86 -78.07
N LYS I 1511 56.28 -9.57 -78.12
CA LYS I 1511 55.98 -8.78 -76.88
C LYS I 1511 54.68 -9.29 -76.27
N ARG I 1512 53.65 -9.47 -77.09
CA ARG I 1512 52.32 -9.96 -76.65
C ARG I 1512 52.46 -11.43 -76.27
N ASN I 1513 52.89 -12.28 -77.22
CA ASN I 1513 52.77 -13.75 -77.10
C ASN I 1513 53.86 -14.29 -76.16
N GLY I 1514 55.09 -13.76 -76.23
CA GLY I 1514 56.23 -14.20 -75.41
C GLY I 1514 56.38 -13.42 -74.13
N SER I 1515 57.62 -13.26 -73.65
CA SER I 1515 58.05 -12.51 -72.44
C SER I 1515 59.58 -12.35 -72.48
N THR I 1516 60.11 -11.26 -71.92
CA THR I 1516 61.55 -10.88 -72.04
C THR I 1516 62.41 -11.62 -71.01
N LEU I 1517 63.62 -12.02 -71.41
CA LEU I 1517 64.65 -12.65 -70.53
C LEU I 1517 65.65 -11.58 -70.08
N GLU I 1518 65.26 -10.75 -69.12
CA GLU I 1518 66.12 -9.70 -68.52
C GLU I 1518 67.28 -10.39 -67.79
N GLN I 1519 68.52 -10.12 -68.23
CA GLN I 1519 69.79 -10.61 -67.61
C GLN I 1519 70.04 -9.92 -66.26
N LYS I 1520 69.82 -8.61 -66.19
CA LYS I 1520 70.02 -7.78 -64.98
C LYS I 1520 68.94 -8.13 -63.97
N VAL I 1521 69.33 -8.72 -62.84
CA VAL I 1521 68.41 -9.03 -61.71
C VAL I 1521 68.69 -8.05 -60.58
N ASN I 1522 67.67 -7.32 -60.13
CA ASN I 1522 67.79 -6.31 -59.06
C ASN I 1522 67.82 -7.03 -57.70
N LEU I 1523 68.72 -6.59 -56.83
CA LEU I 1523 68.70 -6.87 -55.37
C LEU I 1523 67.38 -6.40 -54.75
N GLU I 1524 67.00 -6.96 -53.60
CA GLU I 1524 65.79 -6.56 -52.85
C GLU I 1524 65.81 -5.05 -52.61
N ASN I 1525 66.90 -4.55 -51.99
CA ASN I 1525 67.18 -3.11 -51.75
C ASN I 1525 68.60 -2.79 -52.18
N PRO I 1526 68.86 -1.59 -52.77
CA PRO I 1526 70.22 -1.20 -53.14
C PRO I 1526 71.13 -1.15 -51.92
N ILE I 1527 72.43 -1.39 -52.11
CA ILE I 1527 73.45 -1.37 -51.04
C ILE I 1527 74.31 -0.15 -51.28
N PRO I 1528 74.31 0.86 -50.38
CA PRO I 1528 75.22 1.99 -50.50
C PRO I 1528 76.66 1.49 -50.35
N ILE I 1529 77.56 1.96 -51.20
CA ILE I 1529 79.02 1.64 -51.14
C ILE I 1529 79.76 2.88 -50.63
N ALA I 1530 79.60 4.02 -51.32
CA ALA I 1530 80.35 5.26 -51.02
C ALA I 1530 79.64 6.51 -51.56
N VAL I 1531 79.97 7.67 -50.97
CA VAL I 1531 79.68 9.03 -51.51
C VAL I 1531 81.00 9.79 -51.52
N LEU I 1532 81.53 10.07 -52.70
CA LEU I 1532 82.95 10.43 -52.95
C LEU I 1532 83.06 11.77 -53.65
N ASP I 1533 84.19 12.43 -53.44
CA ASP I 1533 84.44 13.85 -53.80
C ASP I 1533 85.64 13.86 -54.75
N SER I 1534 85.42 14.26 -55.99
CA SER I 1534 86.48 14.48 -57.00
C SER I 1534 86.39 15.93 -57.45
N TYR I 1535 87.54 16.53 -57.75
CA TYR I 1535 87.62 17.85 -58.42
C TYR I 1535 87.85 17.59 -59.90
N THR I 1536 87.46 18.56 -60.72
CA THR I 1536 87.90 18.66 -62.12
C THR I 1536 89.20 19.44 -62.06
N PRO I 1537 90.14 19.22 -62.99
CA PRO I 1537 91.41 19.93 -62.98
C PRO I 1537 91.24 21.35 -63.55
N SER I 1538 92.06 22.29 -63.07
CA SER I 1538 92.05 23.73 -63.43
C SER I 1538 92.23 23.92 -64.94
N THR I 1539 93.07 23.07 -65.54
CA THR I 1539 93.37 23.09 -66.99
C THR I 1539 93.00 21.72 -67.58
N ASN I 1540 92.70 21.72 -68.88
CA ASN I 1540 92.31 20.54 -69.66
C ASN I 1540 93.38 20.26 -70.71
N GLU I 1541 94.52 20.96 -70.68
CA GLU I 1541 95.65 20.71 -71.60
C GLU I 1541 96.34 19.39 -71.26
N PRO I 1542 96.46 18.96 -69.97
CA PRO I 1542 96.97 17.64 -69.63
C PRO I 1542 96.17 16.52 -70.31
N TYR I 1543 94.86 16.40 -70.03
CA TYR I 1543 94.02 15.31 -70.59
C TYR I 1543 94.08 15.29 -72.12
N ALA I 1544 94.02 16.47 -72.76
CA ALA I 1544 94.02 16.64 -74.23
C ALA I 1544 95.29 16.04 -74.85
N ARG I 1545 96.46 16.25 -74.22
CA ARG I 1545 97.77 15.77 -74.72
C ARG I 1545 97.72 14.23 -74.84
N VAL I 1546 97.28 13.55 -73.78
CA VAL I 1546 97.41 12.08 -73.59
C VAL I 1546 96.37 11.34 -74.43
N SER I 1547 95.12 11.83 -74.44
CA SER I 1547 93.97 11.26 -75.17
C SER I 1547 94.06 11.55 -76.67
N GLY I 1548 94.36 12.80 -77.04
CA GLY I 1548 94.40 13.26 -78.44
C GLY I 1548 93.10 13.94 -78.85
N ASP I 1549 92.16 14.11 -77.91
CA ASP I 1549 90.99 15.01 -78.03
C ASP I 1549 91.48 16.45 -77.92
N LEU I 1550 91.98 17.00 -79.04
CA LEU I 1550 92.36 18.44 -79.17
C LEU I 1550 91.14 19.29 -79.57
N ASN I 1551 89.92 18.92 -79.19
CA ASN I 1551 88.71 19.75 -79.41
C ASN I 1551 88.97 21.09 -78.76
N PRO I 1552 89.08 22.19 -79.54
CA PRO I 1552 89.41 23.50 -78.99
C PRO I 1552 88.46 24.01 -77.90
N ILE I 1553 87.19 23.60 -77.90
CA ILE I 1553 86.18 24.12 -76.93
C ILE I 1553 86.63 23.83 -75.49
N HIS I 1554 87.63 22.99 -75.28
CA HIS I 1554 88.09 22.53 -73.93
C HIS I 1554 89.23 23.41 -73.43
N VAL I 1555 89.93 24.08 -74.34
CA VAL I 1555 91.24 24.74 -74.03
C VAL I 1555 91.23 26.23 -74.38
N SER I 1556 90.36 26.70 -75.27
CA SER I 1556 90.43 28.04 -75.93
C SER I 1556 89.14 28.84 -75.69
N ARG I 1557 89.25 29.94 -74.96
CA ARG I 1557 88.11 30.79 -74.52
C ARG I 1557 87.34 31.31 -75.74
N HIS I 1558 88.02 31.56 -76.87
CA HIS I 1558 87.34 32.03 -78.10
C HIS I 1558 86.42 30.95 -78.66
N PHE I 1559 86.87 29.71 -78.81
CA PHE I 1559 86.02 28.64 -79.42
C PHE I 1559 84.88 28.31 -78.48
N ALA I 1560 85.13 28.28 -77.18
CA ALA I 1560 84.08 28.03 -76.17
C ALA I 1560 82.96 29.07 -76.33
N SER I 1561 83.33 30.35 -76.50
CA SER I 1561 82.38 31.49 -76.68
C SER I 1561 81.68 31.36 -78.04
N TYR I 1562 82.43 31.07 -79.10
CA TYR I 1562 81.85 30.93 -80.46
C TYR I 1562 80.83 29.79 -80.50
N ALA I 1563 80.87 28.83 -79.58
CA ALA I 1563 79.97 27.66 -79.51
C ALA I 1563 78.96 27.80 -78.36
N ASN I 1564 78.91 28.97 -77.71
CA ASN I 1564 77.88 29.35 -76.70
C ASN I 1564 77.96 28.49 -75.45
N LEU I 1565 79.16 28.05 -75.07
CA LEU I 1565 79.36 27.23 -73.84
C LEU I 1565 79.65 28.18 -72.68
N PRO I 1566 79.46 27.74 -71.41
CA PRO I 1566 79.71 28.61 -70.27
C PRO I 1566 81.20 28.85 -69.95
N GLY I 1567 82.10 28.31 -70.77
CA GLY I 1567 83.56 28.48 -70.65
C GLY I 1567 84.25 27.28 -71.23
N THR I 1568 85.59 27.29 -71.29
CA THR I 1568 86.42 26.10 -71.60
C THR I 1568 85.94 24.95 -70.71
N ILE I 1569 85.16 24.00 -71.21
CA ILE I 1569 84.55 22.92 -70.36
C ILE I 1569 85.50 21.73 -70.25
N THR I 1570 85.44 21.05 -69.10
CA THR I 1570 86.10 19.75 -68.84
C THR I 1570 85.66 18.74 -69.90
N HIS I 1571 86.61 18.01 -70.49
CA HIS I 1571 86.29 16.84 -71.35
C HIS I 1571 85.38 15.92 -70.55
N GLY I 1572 84.28 15.44 -71.16
CA GLY I 1572 83.39 14.45 -70.52
C GLY I 1572 84.19 13.22 -70.23
N MET I 1573 85.04 12.84 -71.17
CA MET I 1573 85.86 11.59 -71.17
C MET I 1573 86.90 11.60 -70.02
N PHE I 1574 87.22 12.78 -69.47
CA PHE I 1574 87.97 12.92 -68.21
C PHE I 1574 87.04 12.55 -67.05
N SER I 1575 85.84 13.12 -66.98
CA SER I 1575 84.87 12.85 -65.88
C SER I 1575 84.51 11.36 -65.85
N SER I 1576 84.42 10.71 -67.03
CA SER I 1576 84.21 9.24 -67.15
C SER I 1576 85.31 8.56 -66.34
N ALA I 1577 86.56 8.73 -66.76
CA ALA I 1577 87.75 8.09 -66.18
C ALA I 1577 87.87 8.42 -64.68
N SER I 1578 87.90 9.69 -64.31
CA SER I 1578 87.89 10.13 -62.89
C SER I 1578 86.93 9.27 -62.10
N VAL I 1579 85.66 9.23 -62.50
CA VAL I 1579 84.59 8.52 -61.74
C VAL I 1579 84.85 7.00 -61.76
N ARG I 1580 85.38 6.43 -62.85
CA ARG I 1580 85.60 4.97 -62.92
C ARG I 1580 86.84 4.59 -62.13
N ALA I 1581 87.72 5.53 -61.81
CA ALA I 1581 88.85 5.31 -60.88
C ALA I 1581 88.34 5.19 -59.44
N LEU I 1582 87.20 5.78 -59.12
CA LEU I 1582 86.55 5.67 -57.79
C LEU I 1582 85.75 4.38 -57.70
N ILE I 1583 85.18 3.92 -58.82
CA ILE I 1583 84.45 2.62 -58.93
C ILE I 1583 85.48 1.51 -58.72
N GLU I 1584 86.59 1.59 -59.45
CA GLU I 1584 87.73 0.65 -59.39
C GLU I 1584 88.31 0.58 -57.97
N ASN I 1585 88.32 1.68 -57.23
CA ASN I 1585 88.94 1.72 -55.88
C ASN I 1585 87.98 1.24 -54.80
N TRP I 1586 86.69 1.58 -54.80
CA TRP I 1586 85.75 1.17 -53.71
C TRP I 1586 85.01 -0.12 -54.01
N ALA I 1587 84.42 -0.26 -55.20
CA ALA I 1587 83.60 -1.44 -55.58
C ALA I 1587 84.47 -2.65 -55.91
N ALA I 1588 85.57 -2.46 -56.62
CA ALA I 1588 86.47 -3.56 -57.03
C ALA I 1588 87.66 -3.70 -56.06
N ASP I 1589 87.65 -3.00 -54.92
CA ASP I 1589 88.74 -2.98 -53.90
C ASP I 1589 90.11 -3.04 -54.60
N SER I 1590 90.32 -2.09 -55.52
CA SER I 1590 91.61 -1.74 -56.17
C SER I 1590 92.16 -2.90 -57.02
N VAL I 1591 91.31 -3.79 -57.51
CA VAL I 1591 91.68 -4.81 -58.53
C VAL I 1591 91.11 -4.39 -59.89
N SER I 1592 91.95 -3.80 -60.77
CA SER I 1592 91.57 -3.37 -62.13
C SER I 1592 90.79 -4.47 -62.87
N SER I 1593 91.25 -5.72 -62.80
CA SER I 1593 90.76 -6.86 -63.63
C SER I 1593 89.30 -7.21 -63.30
N ARG I 1594 88.84 -6.90 -62.09
CA ARG I 1594 87.44 -7.17 -61.64
C ARG I 1594 86.44 -6.32 -62.42
N VAL I 1595 86.76 -5.06 -62.71
CA VAL I 1595 85.84 -4.13 -63.42
C VAL I 1595 85.99 -4.48 -64.90
N ARG I 1596 84.85 -4.73 -65.53
CA ARG I 1596 84.68 -5.77 -66.59
C ARG I 1596 83.82 -5.22 -67.71
N GLY I 1597 82.90 -4.32 -67.36
CA GLY I 1597 82.33 -3.31 -68.27
C GLY I 1597 81.89 -2.07 -67.51
N TYR I 1598 81.88 -0.94 -68.21
CA TYR I 1598 81.67 0.42 -67.66
C TYR I 1598 80.99 1.28 -68.72
N THR I 1599 79.92 1.98 -68.36
CA THR I 1599 79.02 2.72 -69.27
C THR I 1599 78.62 4.02 -68.59
N CYS I 1600 78.74 5.16 -69.30
CA CYS I 1600 78.66 6.54 -68.76
C CYS I 1600 77.80 7.45 -69.66
N GLN I 1601 76.67 7.96 -69.17
CA GLN I 1601 75.82 9.00 -69.83
C GLN I 1601 76.22 10.39 -69.32
N PHE I 1602 76.56 11.30 -70.23
CA PHE I 1602 76.98 12.70 -69.94
C PHE I 1602 75.75 13.60 -69.92
N VAL I 1603 75.20 13.84 -68.74
CA VAL I 1603 73.89 14.49 -68.53
C VAL I 1603 74.06 15.99 -68.73
N ASP I 1604 75.13 16.57 -68.19
CA ASP I 1604 75.35 18.04 -68.13
C ASP I 1604 76.83 18.36 -68.38
N MET I 1605 77.19 19.64 -68.31
CA MET I 1605 78.57 20.13 -68.56
C MET I 1605 79.20 20.53 -67.21
N VAL I 1606 80.52 20.48 -67.15
CA VAL I 1606 81.30 20.75 -65.92
C VAL I 1606 82.51 21.60 -66.28
N LEU I 1607 82.66 22.73 -65.62
CA LEU I 1607 83.80 23.67 -65.84
C LEU I 1607 84.95 23.28 -64.92
N PRO I 1608 86.19 23.71 -65.24
CA PRO I 1608 87.33 23.53 -64.34
C PRO I 1608 87.11 24.03 -62.89
N ASN I 1609 87.76 23.34 -61.94
CA ASN I 1609 87.72 23.63 -60.48
C ASN I 1609 86.32 23.47 -59.89
N THR I 1610 85.43 22.68 -60.52
CA THR I 1610 84.15 22.23 -59.89
C THR I 1610 84.48 21.08 -58.94
N ALA I 1611 83.58 20.80 -58.00
CA ALA I 1611 83.69 19.75 -56.96
C ALA I 1611 82.46 18.83 -57.07
N LEU I 1612 82.73 17.57 -57.42
CA LEU I 1612 81.72 16.56 -57.80
C LEU I 1612 81.53 15.54 -56.66
N LYS I 1613 80.33 15.46 -56.07
CA LYS I 1613 79.90 14.32 -55.22
C LYS I 1613 79.37 13.20 -56.11
N THR I 1614 80.00 12.01 -56.09
CA THR I 1614 79.50 10.81 -56.80
C THR I 1614 79.10 9.76 -55.77
N SER I 1615 77.79 9.52 -55.65
CA SER I 1615 77.19 8.36 -54.95
C SER I 1615 77.41 7.10 -55.81
N ILE I 1616 77.51 5.96 -55.16
CA ILE I 1616 77.85 4.62 -55.75
C ILE I 1616 76.99 3.60 -55.01
N GLN I 1617 76.34 2.70 -55.74
CA GLN I 1617 75.43 1.69 -55.15
C GLN I 1617 75.60 0.38 -55.92
N HIS I 1618 75.48 -0.74 -55.21
CA HIS I 1618 75.28 -2.10 -55.74
C HIS I 1618 73.78 -2.29 -55.85
N VAL I 1619 73.28 -2.41 -57.07
CA VAL I 1619 71.82 -2.31 -57.38
C VAL I 1619 71.27 -3.69 -57.79
N GLY I 1620 72.13 -4.56 -58.29
CA GLY I 1620 71.72 -5.79 -58.99
C GLY I 1620 72.91 -6.65 -59.33
N MET I 1621 72.64 -7.76 -60.01
CA MET I 1621 73.66 -8.75 -60.42
C MET I 1621 73.39 -9.08 -61.87
N ILE I 1622 74.41 -9.52 -62.63
CA ILE I 1622 74.25 -9.92 -64.06
C ILE I 1622 75.32 -10.97 -64.40
N ASN I 1623 74.96 -12.25 -64.49
CA ASN I 1623 75.91 -13.37 -64.69
C ASN I 1623 77.00 -13.32 -63.61
N GLY I 1624 76.60 -13.07 -62.37
CA GLY I 1624 77.50 -13.01 -61.21
C GLY I 1624 78.66 -12.05 -61.41
N ARG I 1625 78.42 -10.98 -62.16
CA ARG I 1625 79.15 -9.69 -62.02
C ARG I 1625 78.18 -8.83 -61.24
N LYS I 1626 78.69 -8.04 -60.31
CA LYS I 1626 77.89 -7.00 -59.61
C LYS I 1626 77.55 -5.89 -60.60
N LEU I 1627 76.38 -5.26 -60.42
CA LEU I 1627 75.84 -4.18 -61.28
C LEU I 1627 75.78 -2.94 -60.40
N ILE I 1628 76.57 -1.92 -60.73
CA ILE I 1628 76.87 -0.77 -59.83
C ILE I 1628 76.51 0.53 -60.53
N LYS I 1629 75.30 1.02 -60.25
CA LYS I 1629 74.79 2.34 -60.64
C LYS I 1629 75.53 3.42 -59.85
N PHE I 1630 76.07 4.43 -60.53
CA PHE I 1630 76.54 5.68 -59.88
C PHE I 1630 75.78 6.87 -60.45
N GLU I 1631 75.93 8.00 -59.77
CA GLU I 1631 75.50 9.32 -60.25
C GLU I 1631 76.37 10.37 -59.57
N THR I 1632 76.90 11.29 -60.38
CA THR I 1632 77.80 12.38 -59.98
C THR I 1632 77.02 13.69 -60.01
N ARG I 1633 77.12 14.48 -58.93
CA ARG I 1633 76.49 15.83 -58.81
C ARG I 1633 77.57 16.91 -58.62
N ASN I 1634 77.35 18.11 -59.16
CA ASN I 1634 78.17 19.33 -58.92
C ASN I 1634 77.70 20.03 -57.63
N GLU I 1635 78.25 21.21 -57.30
CA GLU I 1635 78.03 21.95 -56.02
C GLU I 1635 76.56 22.40 -55.89
N ASP I 1636 75.89 22.61 -57.03
CA ASP I 1636 74.48 23.07 -57.13
C ASP I 1636 73.52 21.88 -57.11
N ASP I 1637 74.01 20.66 -56.84
CA ASP I 1637 73.19 19.43 -56.66
C ASP I 1637 72.48 19.13 -57.99
N VAL I 1638 73.21 19.23 -59.10
CA VAL I 1638 72.76 18.97 -60.50
C VAL I 1638 73.48 17.70 -60.96
N VAL I 1639 72.74 16.78 -61.57
CA VAL I 1639 73.30 15.49 -62.07
C VAL I 1639 74.04 15.77 -63.38
N VAL I 1640 75.21 15.18 -63.51
CA VAL I 1640 76.33 15.57 -64.42
C VAL I 1640 76.83 14.34 -65.18
N LEU I 1641 77.20 13.28 -64.47
CA LEU I 1641 77.32 11.90 -65.01
C LEU I 1641 76.30 11.02 -64.31
N THR I 1642 75.88 9.99 -65.02
CA THR I 1642 75.30 8.75 -64.48
C THR I 1642 75.97 7.63 -65.25
N GLY I 1643 75.70 6.40 -64.85
CA GLY I 1643 76.31 5.24 -65.48
C GLY I 1643 76.21 4.02 -64.60
N GLU I 1644 76.71 2.90 -65.12
CA GLU I 1644 76.82 1.66 -64.34
C GLU I 1644 78.13 0.96 -64.69
N ALA I 1645 78.56 0.12 -63.76
CA ALA I 1645 79.75 -0.74 -63.84
C ALA I 1645 79.27 -2.17 -63.66
N GLU I 1646 79.91 -3.12 -64.36
CA GLU I 1646 79.75 -4.57 -64.13
C GLU I 1646 81.05 -5.03 -63.48
N ILE I 1647 80.99 -5.43 -62.22
CA ILE I 1647 82.19 -5.78 -61.43
C ILE I 1647 82.15 -7.25 -61.01
N GLU I 1648 83.21 -7.97 -61.38
CA GLU I 1648 83.43 -9.42 -61.13
C GLU I 1648 83.47 -9.63 -59.61
N GLN I 1649 82.61 -10.49 -59.07
CA GLN I 1649 82.66 -11.04 -57.70
C GLN I 1649 84.03 -11.67 -57.43
N PRO I 1650 84.54 -11.62 -56.17
CA PRO I 1650 85.82 -12.24 -55.84
C PRO I 1650 85.86 -13.75 -56.17
N VAL I 1651 87.05 -14.29 -56.45
CA VAL I 1651 87.25 -15.69 -56.97
C VAL I 1651 86.46 -16.64 -56.07
N THR I 1652 85.60 -17.48 -56.65
CA THR I 1652 84.57 -18.27 -55.92
C THR I 1652 84.73 -19.76 -56.22
N THR I 1653 84.67 -20.60 -55.18
CA THR I 1653 84.50 -22.07 -55.26
C THR I 1653 83.14 -22.44 -54.66
N PHE I 1654 82.37 -23.27 -55.36
CA PHE I 1654 81.16 -23.93 -54.85
C PHE I 1654 81.51 -25.35 -54.43
N VAL I 1655 81.19 -25.71 -53.19
CA VAL I 1655 81.44 -27.04 -52.59
C VAL I 1655 80.08 -27.64 -52.21
N PHE I 1656 79.80 -28.86 -52.63
CA PHE I 1656 78.48 -29.53 -52.48
C PHE I 1656 78.60 -30.67 -51.46
N THR I 1657 77.95 -30.50 -50.31
CA THR I 1657 77.91 -31.47 -49.18
C THR I 1657 77.38 -32.83 -49.66
N GLY I 1658 78.01 -33.92 -49.21
CA GLY I 1658 77.51 -35.31 -49.39
C GLY I 1658 76.60 -35.75 -48.25
N GLN I 1659 76.39 -37.07 -48.12
CA GLN I 1659 75.33 -37.65 -47.24
C GLN I 1659 75.66 -37.42 -45.76
N GLY I 1660 74.64 -37.52 -44.91
CA GLY I 1660 74.78 -37.47 -43.43
C GLY I 1660 74.06 -36.28 -42.83
N SER I 1661 73.93 -35.21 -43.61
CA SER I 1661 73.43 -33.88 -43.18
C SER I 1661 71.90 -33.77 -43.34
N GLN I 1662 71.31 -34.61 -44.23
CA GLN I 1662 69.86 -34.84 -44.48
C GLN I 1662 69.00 -34.62 -43.22
N GLU I 1663 67.88 -33.90 -43.37
CA GLU I 1663 66.89 -33.63 -42.30
C GLU I 1663 65.49 -33.56 -42.92
N GLN I 1664 64.45 -33.86 -42.15
CA GLN I 1664 63.03 -33.71 -42.56
C GLN I 1664 62.76 -32.22 -42.80
N GLY I 1665 62.12 -31.87 -43.91
CA GLY I 1665 61.75 -30.49 -44.27
C GLY I 1665 62.83 -29.76 -45.06
N MET I 1666 63.91 -30.44 -45.48
CA MET I 1666 65.14 -29.81 -46.02
C MET I 1666 64.80 -29.10 -47.36
N GLY I 1667 65.11 -27.80 -47.43
CA GLY I 1667 64.94 -26.96 -48.63
C GLY I 1667 63.50 -26.84 -49.08
N MET I 1668 62.55 -27.11 -48.19
CA MET I 1668 61.09 -26.92 -48.44
C MET I 1668 60.71 -25.46 -48.11
N ASP I 1669 61.59 -24.70 -47.46
CA ASP I 1669 61.53 -23.22 -47.35
C ASP I 1669 61.62 -22.62 -48.75
N LEU I 1670 62.69 -22.96 -49.48
CA LEU I 1670 62.91 -22.54 -50.88
C LEU I 1670 61.77 -22.97 -51.79
N TYR I 1671 61.30 -24.20 -51.67
CA TYR I 1671 60.18 -24.75 -52.48
C TYR I 1671 58.94 -23.85 -52.41
N LYS I 1672 58.66 -23.23 -51.25
CA LYS I 1672 57.48 -22.31 -51.07
C LYS I 1672 57.64 -21.08 -51.96
N THR I 1673 58.85 -20.53 -52.00
CA THR I 1673 59.18 -19.16 -52.46
C THR I 1673 59.69 -19.19 -53.91
N SER I 1674 60.69 -20.02 -54.21
CA SER I 1674 61.50 -19.91 -55.44
C SER I 1674 60.82 -20.63 -56.62
N LYS I 1675 60.55 -19.89 -57.69
CA LYS I 1675 60.09 -20.44 -58.99
C LYS I 1675 61.11 -21.45 -59.53
N ALA I 1676 62.39 -21.19 -59.35
CA ALA I 1676 63.50 -22.00 -59.93
C ALA I 1676 63.63 -23.31 -59.15
N ALA I 1677 63.49 -23.25 -57.83
CA ALA I 1677 63.51 -24.42 -56.92
C ALA I 1677 62.29 -25.30 -57.19
N GLN I 1678 61.09 -24.73 -57.15
CA GLN I 1678 59.81 -25.41 -57.52
C GLN I 1678 59.98 -26.23 -58.79
N ASP I 1679 60.57 -25.66 -59.84
CA ASP I 1679 60.76 -26.34 -61.14
C ASP I 1679 61.68 -27.55 -61.00
N VAL I 1680 62.50 -27.64 -59.95
CA VAL I 1680 63.51 -28.72 -59.81
C VAL I 1680 62.84 -29.91 -59.10
N TRP I 1681 62.26 -29.67 -57.95
CA TRP I 1681 61.48 -30.67 -57.18
C TRP I 1681 60.36 -31.22 -58.06
N ASN I 1682 59.40 -30.37 -58.45
CA ASN I 1682 58.21 -30.73 -59.27
C ASN I 1682 58.65 -31.57 -60.46
N ARG I 1683 59.76 -31.21 -61.09
CA ARG I 1683 60.24 -31.93 -62.31
C ARG I 1683 60.66 -33.35 -61.94
N ALA I 1684 61.29 -33.52 -60.77
CA ALA I 1684 61.87 -34.79 -60.25
C ALA I 1684 60.80 -35.65 -59.58
N ASP I 1685 59.92 -35.03 -58.81
CA ASP I 1685 58.76 -35.68 -58.17
C ASP I 1685 57.79 -36.25 -59.21
N ASN I 1686 57.70 -35.68 -60.42
CA ASN I 1686 56.85 -36.24 -61.49
C ASN I 1686 57.57 -37.43 -62.12
N HIS I 1687 58.90 -37.36 -62.19
CA HIS I 1687 59.70 -38.46 -62.77
C HIS I 1687 59.62 -39.68 -61.86
N PHE I 1688 59.71 -39.48 -60.55
CA PHE I 1688 59.67 -40.56 -59.54
C PHE I 1688 58.26 -41.16 -59.50
N LYS I 1689 57.24 -40.31 -59.48
CA LYS I 1689 55.81 -40.71 -59.36
C LYS I 1689 55.46 -41.68 -60.47
N ASP I 1690 56.05 -41.51 -61.67
CA ASP I 1690 55.64 -42.17 -62.94
C ASP I 1690 56.54 -43.35 -63.28
N THR I 1691 57.79 -43.38 -62.82
CA THR I 1691 58.73 -44.50 -63.11
C THR I 1691 58.79 -45.46 -61.92
N TYR I 1692 58.69 -44.98 -60.68
CA TYR I 1692 58.96 -45.80 -59.48
C TYR I 1692 57.86 -45.70 -58.43
N GLY I 1693 56.81 -44.95 -58.69
CA GLY I 1693 55.57 -45.04 -57.94
C GLY I 1693 55.59 -44.32 -56.61
N PHE I 1694 56.59 -43.52 -56.29
CA PHE I 1694 56.60 -42.71 -55.03
C PHE I 1694 56.88 -41.24 -55.39
N SER I 1695 56.52 -40.34 -54.47
CA SER I 1695 56.83 -38.90 -54.48
C SER I 1695 58.00 -38.62 -53.53
N ILE I 1696 59.17 -38.27 -54.08
CA ILE I 1696 60.35 -37.83 -53.28
C ILE I 1696 60.02 -36.60 -52.41
N LEU I 1697 59.05 -35.77 -52.77
CA LEU I 1697 58.63 -34.62 -51.93
C LEU I 1697 58.02 -35.13 -50.63
N ASP I 1698 57.00 -35.99 -50.72
CA ASP I 1698 56.34 -36.64 -49.56
C ASP I 1698 57.43 -37.17 -48.62
N ILE I 1699 58.35 -37.97 -49.16
CA ILE I 1699 59.46 -38.58 -48.35
C ILE I 1699 60.18 -37.46 -47.57
N VAL I 1700 60.67 -36.43 -48.27
CA VAL I 1700 61.41 -35.29 -47.65
C VAL I 1700 60.52 -34.53 -46.66
N ILE I 1701 59.27 -34.25 -47.00
CA ILE I 1701 58.37 -33.34 -46.20
C ILE I 1701 57.98 -34.02 -44.89
N ASN I 1702 57.48 -35.26 -44.96
CA ASN I 1702 57.01 -36.07 -43.81
C ASN I 1702 57.73 -37.41 -43.86
N ASN I 1703 58.74 -37.59 -43.00
CA ASN I 1703 59.57 -38.82 -42.96
C ASN I 1703 58.63 -40.02 -42.74
N PRO I 1704 58.29 -40.81 -43.77
CA PRO I 1704 57.37 -41.92 -43.58
C PRO I 1704 58.25 -43.09 -43.09
N VAL I 1705 57.80 -43.87 -42.10
CA VAL I 1705 58.59 -45.00 -41.54
C VAL I 1705 58.58 -46.15 -42.54
N ASN I 1706 57.40 -46.44 -43.10
CA ASN I 1706 57.16 -47.47 -44.13
C ASN I 1706 56.66 -46.78 -45.39
N LEU I 1707 56.86 -47.39 -46.57
CA LEU I 1707 56.33 -46.86 -47.85
C LEU I 1707 56.07 -48.01 -48.81
N THR I 1708 54.79 -48.32 -49.08
CA THR I 1708 54.38 -49.42 -50.00
C THR I 1708 54.09 -48.81 -51.35
N ILE I 1709 54.64 -49.39 -52.38
CA ILE I 1709 54.34 -49.13 -53.81
C ILE I 1709 53.30 -50.18 -54.13
N HIS I 1710 52.25 -49.87 -54.89
CA HIS I 1710 51.35 -50.90 -55.44
C HIS I 1710 51.41 -50.92 -56.97
N PHE I 1711 51.31 -52.12 -57.56
CA PHE I 1711 51.52 -52.34 -59.00
C PHE I 1711 50.19 -52.73 -59.68
N GLY I 1712 49.12 -52.02 -59.36
CA GLY I 1712 47.75 -52.28 -59.84
C GLY I 1712 47.43 -51.40 -61.00
N GLY I 1713 46.53 -51.82 -61.87
CA GLY I 1713 46.19 -51.11 -63.12
C GLY I 1713 47.28 -51.24 -64.15
N GLU I 1714 47.18 -50.55 -65.29
CA GLU I 1714 48.18 -50.66 -66.39
C GLU I 1714 49.40 -49.83 -66.02
N LYS I 1715 49.17 -48.62 -65.51
CA LYS I 1715 50.23 -47.69 -65.02
C LYS I 1715 51.12 -48.46 -64.04
N GLY I 1716 50.51 -49.07 -63.02
CA GLY I 1716 51.19 -49.90 -62.01
C GLY I 1716 52.03 -51.05 -62.58
N LYS I 1717 51.59 -51.75 -63.64
CA LYS I 1717 52.39 -52.86 -64.25
C LYS I 1717 53.63 -52.27 -64.89
N ARG I 1718 53.55 -51.05 -65.39
CA ARG I 1718 54.70 -50.38 -66.06
C ARG I 1718 55.72 -50.08 -64.96
N ILE I 1719 55.24 -49.54 -63.86
CA ILE I 1719 56.05 -49.22 -62.65
C ILE I 1719 56.69 -50.48 -62.08
N ARG I 1720 56.08 -51.65 -62.20
CA ARG I 1720 56.72 -52.90 -61.67
C ARG I 1720 57.86 -53.34 -62.58
N GLU I 1721 57.71 -53.27 -63.90
CA GLU I 1721 58.78 -53.59 -64.89
C GLU I 1721 60.01 -52.74 -64.59
N ASN I 1722 59.82 -51.50 -64.11
CA ASN I 1722 60.90 -50.55 -63.76
C ASN I 1722 61.70 -50.98 -62.52
N TYR I 1723 61.12 -51.76 -61.60
CA TYR I 1723 61.88 -52.37 -60.47
C TYR I 1723 62.51 -53.71 -60.90
N SER I 1724 61.82 -54.49 -61.72
CA SER I 1724 62.28 -55.82 -62.19
C SER I 1724 63.50 -55.67 -63.10
N ALA I 1725 63.61 -54.57 -63.86
CA ALA I 1725 64.73 -54.33 -64.81
C ALA I 1725 66.02 -53.95 -64.05
N MET I 1726 65.89 -53.35 -62.87
CA MET I 1726 67.02 -52.85 -62.04
C MET I 1726 67.84 -54.05 -61.55
N ILE I 1727 69.04 -54.23 -62.13
CA ILE I 1727 69.99 -55.34 -61.83
C ILE I 1727 71.18 -54.79 -61.04
N PHE I 1728 72.22 -55.60 -60.88
CA PHE I 1728 73.50 -55.24 -60.23
C PHE I 1728 74.61 -56.11 -60.84
N GLU I 1729 74.98 -55.83 -62.11
CA GLU I 1729 76.00 -56.56 -62.94
C GLU I 1729 77.36 -56.60 -62.23
N THR I 1730 77.45 -57.26 -61.08
CA THR I 1730 78.68 -57.34 -60.24
C THR I 1730 79.76 -58.10 -61.05
N ILE I 1731 81.05 -57.80 -60.85
CA ILE I 1731 82.22 -58.51 -61.49
C ILE I 1731 82.78 -59.61 -60.54
N VAL I 1732 82.05 -59.95 -59.44
CA VAL I 1732 82.42 -61.00 -58.42
C VAL I 1732 82.64 -62.33 -59.17
N ASP I 1733 83.71 -63.04 -58.76
CA ASP I 1733 84.27 -64.30 -59.36
C ASP I 1733 84.98 -63.94 -60.70
N GLY I 1734 85.68 -64.93 -61.29
CA GLY I 1734 86.28 -64.83 -62.64
C GLY I 1734 85.26 -64.31 -63.65
N LYS I 1735 84.05 -64.90 -63.67
CA LYS I 1735 82.92 -64.50 -64.56
C LYS I 1735 81.94 -63.60 -63.78
N LEU I 1736 81.59 -62.45 -64.36
CA LEU I 1736 80.61 -61.47 -63.82
C LEU I 1736 79.30 -62.21 -63.48
N LYS I 1737 78.70 -61.91 -62.32
CA LYS I 1737 77.38 -62.45 -61.86
C LYS I 1737 76.42 -61.27 -61.65
N THR I 1738 75.18 -61.36 -62.17
CA THR I 1738 74.14 -60.29 -62.14
C THR I 1738 73.09 -60.61 -61.08
N GLU I 1739 73.17 -59.93 -59.93
CA GLU I 1739 72.30 -60.14 -58.74
C GLU I 1739 71.15 -59.13 -58.86
N LYS I 1740 69.99 -59.54 -59.36
CA LYS I 1740 68.85 -58.62 -59.67
C LYS I 1740 68.32 -57.99 -58.35
N ILE I 1741 68.42 -56.67 -58.20
CA ILE I 1741 67.92 -55.89 -57.03
C ILE I 1741 66.41 -56.09 -56.97
N PHE I 1742 65.84 -56.14 -55.77
CA PHE I 1742 64.39 -56.42 -55.55
C PHE I 1742 64.11 -57.82 -56.09
N LYS I 1743 64.56 -58.83 -55.33
CA LYS I 1743 64.35 -60.27 -55.65
C LYS I 1743 62.88 -60.62 -55.39
N GLU I 1744 62.27 -59.91 -54.42
CA GLU I 1744 60.88 -60.08 -53.95
C GLU I 1744 59.89 -59.41 -54.94
N ILE I 1745 60.28 -59.18 -56.19
CA ILE I 1745 59.43 -58.52 -57.21
C ILE I 1745 59.51 -59.34 -58.49
N ASN I 1746 58.37 -59.95 -58.83
CA ASN I 1746 58.18 -60.87 -59.99
C ASN I 1746 56.84 -60.53 -60.63
N GLU I 1747 56.56 -61.13 -61.78
CA GLU I 1747 55.31 -61.01 -62.59
C GLU I 1747 54.08 -60.95 -61.67
N HIS I 1748 54.07 -61.75 -60.59
CA HIS I 1748 52.92 -61.93 -59.67
C HIS I 1748 53.11 -61.13 -58.37
N SER I 1749 53.75 -59.96 -58.40
CA SER I 1749 53.75 -59.01 -57.25
C SER I 1749 52.69 -57.93 -57.49
N THR I 1750 52.13 -57.41 -56.42
CA THR I 1750 51.09 -56.35 -56.46
C THR I 1750 51.53 -55.18 -55.59
N SER I 1751 52.58 -55.38 -54.80
CA SER I 1751 53.12 -54.42 -53.79
C SER I 1751 54.62 -54.67 -53.63
N TYR I 1752 55.37 -53.65 -53.26
CA TYR I 1752 56.70 -53.80 -52.61
C TYR I 1752 56.76 -52.78 -51.50
N THR I 1753 57.27 -53.14 -50.32
CA THR I 1753 57.36 -52.18 -49.18
C THR I 1753 58.82 -51.89 -48.78
N PHE I 1754 59.15 -50.60 -48.69
CA PHE I 1754 60.44 -50.06 -48.18
C PHE I 1754 60.31 -49.90 -46.66
N ARG I 1755 61.06 -50.72 -45.91
CA ARG I 1755 61.10 -50.63 -44.43
C ARG I 1755 62.26 -49.72 -44.05
N SER I 1756 62.04 -48.86 -43.07
CA SER I 1756 63.10 -48.24 -42.25
C SER I 1756 62.71 -48.37 -40.78
N GLU I 1757 63.63 -48.02 -39.90
CA GLU I 1757 63.47 -48.09 -38.43
C GLU I 1757 62.94 -46.73 -37.97
N LYS I 1758 63.62 -45.67 -38.40
CA LYS I 1758 63.48 -44.28 -37.90
C LYS I 1758 62.65 -43.42 -38.88
N GLY I 1759 63.09 -43.35 -40.13
CA GLY I 1759 62.39 -42.71 -41.27
C GLY I 1759 63.08 -43.06 -42.58
N LEU I 1760 62.35 -43.07 -43.71
CA LEU I 1760 62.90 -43.48 -45.03
C LEU I 1760 63.94 -42.48 -45.50
N LEU I 1761 63.84 -41.23 -45.06
CA LEU I 1761 64.77 -40.16 -45.49
C LEU I 1761 66.19 -40.44 -44.99
N SER I 1762 66.36 -41.38 -44.04
CA SER I 1762 67.68 -41.88 -43.53
C SER I 1762 68.19 -43.11 -44.31
N ALA I 1763 67.35 -43.79 -45.10
CA ALA I 1763 67.75 -44.87 -46.05
C ALA I 1763 68.57 -44.27 -47.18
N THR I 1764 69.59 -44.96 -47.64
CA THR I 1764 70.56 -44.45 -48.66
C THR I 1764 69.81 -44.02 -49.93
N GLN I 1765 68.81 -44.77 -50.39
CA GLN I 1765 68.26 -44.63 -51.78
C GLN I 1765 67.29 -43.47 -51.86
N PHE I 1766 66.78 -43.01 -50.71
CA PHE I 1766 65.92 -41.80 -50.64
C PHE I 1766 66.76 -40.59 -50.26
N THR I 1767 67.68 -40.73 -49.31
CA THR I 1767 68.59 -39.64 -48.88
C THR I 1767 69.36 -39.13 -50.09
N GLN I 1768 69.94 -40.02 -50.88
CA GLN I 1768 70.82 -39.63 -52.01
C GLN I 1768 70.08 -38.63 -52.92
N PRO I 1769 68.86 -38.90 -53.46
CA PRO I 1769 68.13 -37.89 -54.22
C PRO I 1769 67.73 -36.65 -53.43
N ALA I 1770 67.11 -36.78 -52.27
CA ALA I 1770 66.67 -35.64 -51.43
C ALA I 1770 67.81 -34.62 -51.23
N LEU I 1771 69.04 -35.06 -50.94
CA LEU I 1771 70.25 -34.18 -50.92
C LEU I 1771 70.43 -33.56 -52.30
N THR I 1772 70.70 -34.38 -53.30
CA THR I 1772 71.08 -33.98 -54.68
C THR I 1772 70.06 -32.99 -55.25
N LEU I 1773 68.77 -33.12 -54.98
CA LEU I 1773 67.75 -32.10 -55.33
C LEU I 1773 67.97 -30.86 -54.48
N MET I 1774 67.80 -30.94 -53.15
CA MET I 1774 67.86 -29.78 -52.21
C MET I 1774 68.96 -28.82 -52.68
N GLU I 1775 70.11 -29.39 -53.07
CA GLU I 1775 71.31 -28.67 -53.58
C GLU I 1775 70.99 -28.06 -54.93
N LYS I 1776 70.76 -28.88 -55.94
CA LYS I 1776 70.42 -28.47 -57.32
C LYS I 1776 69.36 -27.35 -57.28
N ALA I 1777 68.46 -27.33 -56.30
CA ALA I 1777 67.39 -26.32 -56.17
C ALA I 1777 67.97 -25.01 -55.66
N ALA I 1778 68.54 -25.02 -54.45
CA ALA I 1778 69.37 -23.92 -53.90
C ALA I 1778 70.20 -23.30 -55.03
N PHE I 1779 70.95 -24.12 -55.76
CA PHE I 1779 71.83 -23.61 -56.83
C PHE I 1779 71.03 -22.92 -57.92
N GLU I 1780 69.98 -23.54 -58.43
CA GLU I 1780 69.17 -22.97 -59.53
C GLU I 1780 68.51 -21.67 -59.08
N ASP I 1781 68.15 -21.54 -57.80
CA ASP I 1781 67.63 -20.25 -57.25
C ASP I 1781 68.72 -19.18 -57.29
N LEU I 1782 69.98 -19.53 -56.99
CA LEU I 1782 71.14 -18.62 -57.08
C LEU I 1782 71.30 -18.18 -58.52
N LYS I 1783 71.48 -19.13 -59.45
CA LYS I 1783 71.67 -18.88 -60.90
C LYS I 1783 70.57 -17.93 -61.43
N SER I 1784 69.33 -18.10 -60.97
CA SER I 1784 68.15 -17.27 -61.33
C SER I 1784 68.37 -15.82 -60.93
N LYS I 1785 69.00 -15.61 -59.77
CA LYS I 1785 69.27 -14.29 -59.15
C LYS I 1785 70.55 -13.66 -59.75
N GLY I 1786 71.24 -14.39 -60.63
CA GLY I 1786 72.46 -13.90 -61.30
C GLY I 1786 73.64 -13.84 -60.37
N LEU I 1787 73.83 -14.86 -59.51
CA LEU I 1787 74.84 -14.86 -58.41
C LEU I 1787 75.97 -15.86 -58.68
N ILE I 1788 76.08 -16.39 -59.89
CA ILE I 1788 77.03 -17.48 -60.24
C ILE I 1788 78.06 -16.98 -61.24
N PRO I 1789 79.28 -16.67 -60.76
CA PRO I 1789 80.42 -16.41 -61.63
C PRO I 1789 80.57 -17.45 -62.76
N ALA I 1790 80.92 -16.97 -63.94
CA ALA I 1790 81.18 -17.80 -65.14
C ALA I 1790 82.34 -18.74 -64.82
N ASP I 1791 83.35 -18.26 -64.08
CA ASP I 1791 84.65 -18.94 -63.85
C ASP I 1791 84.74 -19.45 -62.41
N ALA I 1792 83.63 -19.92 -61.85
CA ALA I 1792 83.60 -20.58 -60.54
C ALA I 1792 84.26 -21.96 -60.66
N THR I 1793 85.10 -22.30 -59.69
CA THR I 1793 85.58 -23.67 -59.42
C THR I 1793 84.50 -24.39 -58.59
N PHE I 1794 84.26 -25.67 -58.85
CA PHE I 1794 83.28 -26.46 -58.08
C PHE I 1794 83.84 -27.85 -57.77
N ALA I 1795 83.33 -28.41 -56.69
CA ALA I 1795 83.78 -29.69 -56.11
C ALA I 1795 82.70 -30.19 -55.15
N GLY I 1796 82.46 -31.49 -55.17
CA GLY I 1796 81.50 -32.12 -54.26
C GLY I 1796 82.14 -33.26 -53.52
N HIS I 1797 81.87 -33.34 -52.21
CA HIS I 1797 82.21 -34.47 -51.32
C HIS I 1797 81.30 -35.65 -51.68
N SER I 1798 81.86 -36.69 -52.31
CA SER I 1798 81.18 -37.99 -52.57
C SER I 1798 79.96 -37.79 -53.49
N LEU I 1799 78.81 -37.51 -52.88
CA LEU I 1799 77.50 -37.44 -53.58
C LEU I 1799 77.39 -36.07 -54.25
N GLY I 1800 77.80 -35.03 -53.52
CA GLY I 1800 78.07 -33.68 -54.05
C GLY I 1800 78.56 -33.72 -55.49
N GLU I 1801 79.54 -34.57 -55.79
CA GLU I 1801 80.14 -34.68 -57.14
C GLU I 1801 79.05 -34.57 -58.20
N TYR I 1802 77.91 -35.27 -58.02
CA TYR I 1802 76.77 -35.34 -58.97
C TYR I 1802 76.01 -34.01 -58.97
N ALA I 1803 75.57 -33.55 -57.79
CA ALA I 1803 74.84 -32.27 -57.62
C ALA I 1803 75.62 -31.11 -58.25
N ALA I 1804 76.94 -31.09 -58.03
CA ALA I 1804 77.87 -30.09 -58.59
C ALA I 1804 77.95 -30.21 -60.11
N LEU I 1805 78.03 -31.41 -60.69
CA LEU I 1805 78.15 -31.57 -62.17
C LEU I 1805 76.80 -31.36 -62.86
N ALA I 1806 75.69 -31.53 -62.14
CA ALA I 1806 74.34 -31.20 -62.64
C ALA I 1806 74.19 -29.68 -62.67
N SER I 1807 74.73 -29.00 -61.65
CA SER I 1807 74.49 -27.57 -61.35
C SER I 1807 75.35 -26.64 -62.22
N LEU I 1808 76.65 -26.94 -62.36
CA LEU I 1808 77.63 -26.02 -62.98
C LEU I 1808 78.18 -26.56 -64.30
N ALA I 1809 77.72 -27.71 -64.80
CA ALA I 1809 78.08 -28.15 -66.16
C ALA I 1809 76.91 -28.80 -66.89
N ASP I 1810 75.70 -28.77 -66.31
CA ASP I 1810 74.44 -29.26 -66.93
C ASP I 1810 74.74 -30.52 -67.75
N VAL I 1811 75.42 -31.49 -67.15
CA VAL I 1811 75.82 -32.75 -67.80
C VAL I 1811 74.56 -33.61 -67.96
N MET I 1812 73.83 -33.78 -66.87
CA MET I 1812 72.55 -34.56 -66.82
C MET I 1812 71.36 -33.60 -66.75
N SER I 1813 70.21 -34.04 -67.25
CA SER I 1813 68.87 -33.50 -66.90
C SER I 1813 68.58 -33.76 -65.42
N ILE I 1814 67.68 -32.99 -64.82
CA ILE I 1814 67.12 -33.21 -63.45
C ILE I 1814 66.63 -34.66 -63.36
N GLU I 1815 66.03 -35.19 -64.43
CA GLU I 1815 65.43 -36.55 -64.43
C GLU I 1815 66.54 -37.58 -64.42
N SER I 1816 67.48 -37.51 -65.36
CA SER I 1816 68.67 -38.41 -65.43
C SER I 1816 69.46 -38.38 -64.11
N LEU I 1817 69.54 -37.24 -63.44
CA LEU I 1817 70.34 -37.05 -62.21
C LEU I 1817 69.76 -37.93 -61.12
N VAL I 1818 68.49 -37.71 -60.78
CA VAL I 1818 67.81 -38.44 -59.68
C VAL I 1818 67.74 -39.95 -60.00
N GLU I 1819 67.69 -40.35 -61.27
CA GLU I 1819 67.84 -41.78 -61.63
C GLU I 1819 69.17 -42.28 -61.07
N VAL I 1820 70.27 -41.81 -61.67
CA VAL I 1820 71.68 -42.21 -61.35
C VAL I 1820 71.83 -42.33 -59.82
N VAL I 1821 71.56 -41.25 -59.11
CA VAL I 1821 71.70 -41.13 -57.65
C VAL I 1821 70.80 -42.13 -56.91
N PHE I 1822 69.61 -42.45 -57.42
CA PHE I 1822 68.68 -43.44 -56.80
C PHE I 1822 69.25 -44.85 -57.04
N TYR I 1823 69.62 -45.17 -58.27
CA TYR I 1823 70.33 -46.42 -58.62
C TYR I 1823 71.60 -46.58 -57.77
N ARG I 1824 72.32 -45.49 -57.52
CA ARG I 1824 73.58 -45.49 -56.72
C ARG I 1824 73.24 -45.99 -55.31
N GLY I 1825 72.34 -45.30 -54.62
CA GLY I 1825 71.89 -45.64 -53.26
C GLY I 1825 71.34 -47.05 -53.18
N MET I 1826 70.76 -47.56 -54.28
CA MET I 1826 70.23 -48.94 -54.33
C MET I 1826 71.39 -49.93 -54.48
N THR I 1827 72.37 -49.58 -55.31
CA THR I 1827 73.59 -50.37 -55.60
C THR I 1827 74.58 -50.26 -54.42
N MET I 1828 74.21 -49.59 -53.32
CA MET I 1828 74.92 -49.58 -52.01
C MET I 1828 73.98 -50.17 -50.95
N GLN I 1829 73.29 -51.27 -51.29
CA GLN I 1829 72.42 -52.07 -50.38
C GLN I 1829 72.52 -53.56 -50.73
N VAL I 1830 72.49 -53.88 -52.03
CA VAL I 1830 72.83 -55.21 -52.59
C VAL I 1830 74.33 -55.50 -52.39
N ALA I 1831 75.17 -54.45 -52.34
CA ALA I 1831 76.65 -54.52 -52.45
C ALA I 1831 77.28 -55.38 -51.35
N VAL I 1832 76.65 -55.42 -50.17
CA VAL I 1832 77.13 -56.14 -48.96
C VAL I 1832 76.11 -57.22 -48.58
N PRO I 1833 76.50 -58.47 -48.22
CA PRO I 1833 75.57 -59.49 -47.72
C PRO I 1833 75.07 -59.24 -46.29
N ARG I 1834 73.75 -59.32 -46.09
CA ARG I 1834 73.04 -59.09 -44.79
C ARG I 1834 72.06 -60.25 -44.57
N ASP I 1835 72.58 -61.39 -44.12
CA ASP I 1835 71.86 -62.70 -43.99
C ASP I 1835 70.72 -62.59 -42.94
N GLU I 1836 71.01 -61.95 -41.81
CA GLU I 1836 70.16 -61.86 -40.58
C GLU I 1836 68.88 -61.08 -40.94
N LEU I 1837 69.08 -59.82 -41.36
CA LEU I 1837 68.02 -58.88 -41.78
C LEU I 1837 68.68 -57.78 -42.65
N GLY I 1838 68.95 -56.59 -42.09
CA GLY I 1838 69.68 -55.48 -42.76
C GLY I 1838 71.05 -55.22 -42.13
N ARG I 1839 71.43 -55.99 -41.10
CA ARG I 1839 72.73 -55.87 -40.40
C ARG I 1839 73.83 -56.43 -41.32
N SER I 1840 74.92 -55.68 -41.47
CA SER I 1840 76.12 -56.11 -42.22
C SER I 1840 77.28 -56.22 -41.24
N ASN I 1841 78.26 -57.09 -41.55
CA ASN I 1841 79.49 -57.27 -40.76
C ASN I 1841 80.53 -56.21 -41.19
N TYR I 1842 80.11 -55.14 -41.87
CA TYR I 1842 80.94 -53.98 -42.30
C TYR I 1842 80.42 -52.68 -41.66
N GLY I 1843 81.25 -51.64 -41.66
CA GLY I 1843 80.94 -50.31 -41.07
C GLY I 1843 81.99 -49.26 -41.44
N MET I 1844 82.00 -48.13 -40.72
CA MET I 1844 83.08 -47.11 -40.85
C MET I 1844 83.12 -46.16 -39.63
N ILE I 1845 84.33 -45.77 -39.24
CA ILE I 1845 84.65 -44.95 -38.03
C ILE I 1845 85.37 -43.67 -38.49
N ALA I 1846 85.21 -42.59 -37.70
CA ALA I 1846 85.83 -41.25 -37.88
C ALA I 1846 86.97 -41.05 -36.87
N ILE I 1847 88.20 -41.22 -37.34
CA ILE I 1847 89.47 -41.09 -36.54
C ILE I 1847 89.85 -39.61 -36.44
N ASN I 1848 90.40 -39.18 -35.29
CA ASN I 1848 90.91 -37.81 -35.02
C ASN I 1848 92.35 -37.92 -34.49
N PRO I 1849 93.38 -38.15 -35.36
CA PRO I 1849 94.74 -38.46 -34.91
C PRO I 1849 95.35 -37.51 -33.86
N GLY I 1850 94.93 -36.24 -33.86
CA GLY I 1850 95.29 -35.26 -32.82
C GLY I 1850 95.09 -35.81 -31.43
N ARG I 1851 93.98 -36.52 -31.19
CA ARG I 1851 93.49 -36.90 -29.82
C ARG I 1851 94.30 -38.06 -29.24
N VAL I 1852 94.71 -39.02 -30.08
CA VAL I 1852 95.59 -40.16 -29.69
C VAL I 1852 96.95 -39.63 -29.19
N ALA I 1853 97.63 -38.79 -29.97
CA ALA I 1853 99.00 -38.30 -29.68
C ALA I 1853 99.35 -37.13 -30.59
N ALA I 1854 99.78 -36.00 -29.99
CA ALA I 1854 100.19 -34.74 -30.68
C ALA I 1854 101.10 -35.03 -31.88
N SER I 1855 102.01 -36.01 -31.79
CA SER I 1855 102.95 -36.44 -32.87
C SER I 1855 102.24 -37.22 -33.96
N PHE I 1856 101.21 -37.99 -33.61
CA PHE I 1856 100.54 -38.99 -34.50
C PHE I 1856 99.74 -38.24 -35.58
N SER I 1857 99.91 -38.64 -36.85
CA SER I 1857 99.50 -37.84 -38.03
C SER I 1857 99.42 -38.72 -39.29
N GLN I 1858 99.45 -38.12 -40.49
CA GLN I 1858 99.73 -38.80 -41.78
C GLN I 1858 101.05 -39.58 -41.71
N GLU I 1859 101.17 -40.57 -42.60
CA GLU I 1859 102.30 -41.53 -42.78
C GLU I 1859 102.33 -42.49 -41.57
N ALA I 1860 101.42 -42.29 -40.62
CA ALA I 1860 101.36 -42.98 -39.32
C ALA I 1860 100.07 -43.80 -39.28
N LEU I 1861 98.91 -43.19 -39.58
CA LEU I 1861 97.63 -43.92 -39.84
C LEU I 1861 97.77 -44.83 -41.06
N GLN I 1862 98.47 -44.38 -42.10
CA GLN I 1862 98.55 -45.14 -43.38
C GLN I 1862 99.45 -46.38 -43.22
N TYR I 1863 100.23 -46.50 -42.12
CA TYR I 1863 100.85 -47.78 -41.65
C TYR I 1863 99.83 -48.56 -40.82
N VAL I 1864 99.46 -48.04 -39.64
CA VAL I 1864 98.66 -48.78 -38.61
C VAL I 1864 97.51 -49.51 -39.33
N VAL I 1865 96.74 -48.78 -40.14
CA VAL I 1865 95.51 -49.26 -40.84
C VAL I 1865 95.88 -50.20 -42.00
N GLU I 1866 97.02 -50.01 -42.66
CA GLU I 1866 97.46 -50.88 -43.78
C GLU I 1866 97.91 -52.25 -43.22
N ARG I 1867 98.56 -52.27 -42.05
CA ARG I 1867 99.08 -53.49 -41.39
C ARG I 1867 97.90 -54.33 -40.90
N VAL I 1868 97.00 -53.72 -40.12
CA VAL I 1868 95.74 -54.34 -39.59
C VAL I 1868 94.85 -54.67 -40.79
N GLY I 1869 95.17 -55.76 -41.52
CA GLY I 1869 94.54 -56.09 -42.81
C GLY I 1869 95.51 -56.81 -43.73
N LYS I 1870 96.77 -56.38 -43.74
CA LYS I 1870 97.93 -57.17 -44.22
C LYS I 1870 98.15 -58.35 -43.23
N ARG I 1871 98.03 -58.07 -41.92
CA ARG I 1871 98.08 -59.02 -40.77
C ARG I 1871 96.82 -59.91 -40.75
N THR I 1872 95.66 -59.34 -40.37
CA THR I 1872 94.39 -60.05 -40.06
C THR I 1872 93.80 -60.67 -41.35
N GLY I 1873 94.04 -60.07 -42.52
CA GLY I 1873 93.39 -60.44 -43.80
C GLY I 1873 91.97 -59.90 -43.91
N TRP I 1874 91.55 -59.05 -42.96
CA TRP I 1874 90.20 -58.41 -42.89
C TRP I 1874 90.27 -57.01 -43.51
N LEU I 1875 89.66 -56.85 -44.69
CA LEU I 1875 89.61 -55.58 -45.45
C LEU I 1875 89.27 -54.44 -44.49
N VAL I 1876 90.22 -53.52 -44.28
CA VAL I 1876 89.99 -52.12 -43.78
C VAL I 1876 90.84 -51.18 -44.63
N GLU I 1877 90.38 -49.93 -44.79
CA GLU I 1877 91.02 -48.87 -45.61
C GLU I 1877 90.65 -47.50 -45.03
N ILE I 1878 91.46 -46.47 -45.31
CA ILE I 1878 91.07 -45.03 -45.18
C ILE I 1878 90.27 -44.69 -46.44
N VAL I 1879 89.09 -44.07 -46.29
CA VAL I 1879 88.15 -43.83 -47.43
C VAL I 1879 87.95 -42.33 -47.65
N ASN I 1880 87.72 -41.53 -46.59
CA ASN I 1880 87.62 -40.04 -46.66
C ASN I 1880 88.83 -39.44 -45.94
N TYR I 1881 89.78 -38.90 -46.69
CA TYR I 1881 90.80 -37.92 -46.22
C TYR I 1881 90.14 -36.54 -46.17
N ASN I 1882 89.71 -36.04 -45.00
CA ASN I 1882 88.90 -34.80 -44.88
C ASN I 1882 89.74 -33.56 -44.47
N VAL I 1883 90.10 -33.44 -43.19
CA VAL I 1883 90.94 -32.34 -42.60
C VAL I 1883 92.30 -32.93 -42.30
N GLU I 1884 93.39 -32.15 -42.34
CA GLU I 1884 94.76 -32.66 -42.02
C GLU I 1884 94.86 -32.90 -40.51
N ASN I 1885 95.26 -34.12 -40.13
CA ASN I 1885 95.58 -34.54 -38.73
C ASN I 1885 94.45 -34.08 -37.79
N GLN I 1886 93.19 -34.30 -38.18
CA GLN I 1886 92.02 -33.77 -37.42
C GLN I 1886 90.71 -34.48 -37.81
N GLN I 1887 90.57 -34.96 -39.04
CA GLN I 1887 89.40 -35.75 -39.52
C GLN I 1887 89.83 -36.69 -40.65
N TYR I 1888 89.82 -38.00 -40.40
CA TYR I 1888 89.85 -39.06 -41.43
C TYR I 1888 88.67 -40.00 -41.15
N VAL I 1889 88.39 -40.89 -42.09
CA VAL I 1889 87.28 -41.90 -42.03
C VAL I 1889 87.81 -43.21 -42.62
N ALA I 1890 87.86 -44.25 -41.79
CA ALA I 1890 88.26 -45.62 -42.18
C ALA I 1890 87.02 -46.52 -42.17
N ALA I 1891 87.00 -47.48 -43.10
CA ALA I 1891 85.81 -48.28 -43.46
C ALA I 1891 86.22 -49.67 -43.96
N GLY I 1892 85.64 -50.70 -43.34
CA GLY I 1892 85.72 -52.10 -43.82
C GLY I 1892 85.04 -53.04 -42.84
N ASP I 1893 85.73 -54.14 -42.53
CA ASP I 1893 85.25 -55.27 -41.68
C ASP I 1893 85.04 -54.77 -40.23
N LEU I 1894 83.80 -54.79 -39.72
CA LEU I 1894 83.45 -54.32 -38.34
C LEU I 1894 84.45 -54.87 -37.32
N ARG I 1895 84.95 -56.10 -37.54
CA ARG I 1895 86.02 -56.75 -36.73
C ARG I 1895 87.31 -55.91 -36.81
N ALA I 1896 87.84 -55.70 -38.02
CA ALA I 1896 89.10 -54.94 -38.31
C ALA I 1896 88.99 -53.47 -37.88
N LEU I 1897 87.77 -52.91 -37.79
CA LEU I 1897 87.49 -51.57 -37.21
C LEU I 1897 87.62 -51.61 -35.68
N ASP I 1898 87.07 -52.67 -35.05
CA ASP I 1898 87.09 -52.87 -33.57
C ASP I 1898 88.53 -53.09 -33.08
N THR I 1899 89.41 -53.71 -33.89
CA THR I 1899 90.86 -53.83 -33.60
C THR I 1899 91.46 -52.42 -33.56
N VAL I 1900 91.20 -51.61 -34.61
CA VAL I 1900 91.81 -50.25 -34.83
C VAL I 1900 91.39 -49.31 -33.68
N THR I 1901 90.10 -49.23 -33.31
CA THR I 1901 89.63 -48.38 -32.17
C THR I 1901 90.27 -48.84 -30.84
N ASN I 1902 90.69 -50.12 -30.73
CA ASN I 1902 91.43 -50.68 -29.56
C ASN I 1902 92.93 -50.36 -29.70
N VAL I 1903 93.58 -50.79 -30.80
CA VAL I 1903 95.02 -50.51 -31.14
C VAL I 1903 95.35 -49.03 -30.88
N LEU I 1904 94.45 -48.10 -31.27
CA LEU I 1904 94.59 -46.63 -31.07
C LEU I 1904 94.40 -46.29 -29.58
N ASN I 1905 93.36 -46.82 -28.92
CA ASN I 1905 93.06 -46.54 -27.49
C ASN I 1905 94.17 -47.10 -26.59
N PHE I 1906 94.95 -48.07 -27.10
CA PHE I 1906 96.19 -48.62 -26.49
C PHE I 1906 97.31 -47.57 -26.59
N ILE I 1907 97.63 -47.08 -27.81
CA ILE I 1907 98.77 -46.16 -28.11
C ILE I 1907 98.60 -44.82 -27.35
N LYS I 1908 97.36 -44.37 -27.14
CA LYS I 1908 97.04 -43.14 -26.34
C LYS I 1908 97.37 -43.40 -24.86
N LEU I 1909 96.79 -44.44 -24.23
CA LEU I 1909 96.91 -44.76 -22.78
C LEU I 1909 98.33 -45.29 -22.47
N GLN I 1910 98.87 -46.14 -23.36
CA GLN I 1910 100.30 -46.61 -23.36
C GLN I 1910 101.22 -45.39 -23.55
N LYS I 1911 100.76 -44.39 -24.31
CA LYS I 1911 101.41 -43.05 -24.49
C LYS I 1911 102.80 -43.20 -25.13
N ILE I 1912 102.97 -44.18 -26.03
CA ILE I 1912 104.20 -44.32 -26.86
C ILE I 1912 104.09 -43.31 -28.01
N ASP I 1913 105.09 -42.42 -28.13
CA ASP I 1913 105.27 -41.47 -29.26
C ASP I 1913 105.94 -42.26 -30.39
N ILE I 1914 105.21 -42.55 -31.49
CA ILE I 1914 105.62 -43.42 -32.64
C ILE I 1914 107.03 -43.03 -33.13
N ILE I 1915 107.32 -41.74 -33.38
CA ILE I 1915 108.58 -41.21 -34.03
C ILE I 1915 109.83 -41.56 -33.20
N GLU I 1916 109.72 -41.50 -31.86
CA GLU I 1916 110.76 -41.88 -30.86
C GLU I 1916 111.16 -43.36 -31.05
N LEU I 1917 110.23 -44.22 -31.52
CA LEU I 1917 110.50 -45.66 -31.81
C LEU I 1917 109.98 -46.09 -33.21
N GLN I 1918 109.94 -45.16 -34.19
CA GLN I 1918 109.55 -45.44 -35.60
C GLN I 1918 110.83 -45.85 -36.35
N LYS I 1919 111.80 -44.92 -36.37
CA LYS I 1919 113.16 -45.11 -36.97
C LYS I 1919 114.25 -44.79 -35.93
N SER I 1920 114.05 -43.74 -35.12
CA SER I 1920 115.01 -43.22 -34.10
C SER I 1920 115.62 -44.37 -33.27
N LEU I 1921 114.79 -45.15 -32.56
CA LEU I 1921 115.20 -46.35 -31.77
C LEU I 1921 115.46 -47.52 -32.75
N SER I 1922 114.42 -48.27 -33.12
CA SER I 1922 114.47 -49.56 -33.86
C SER I 1922 113.79 -49.40 -35.23
N LEU I 1923 114.48 -49.83 -36.30
CA LEU I 1923 114.16 -49.59 -37.75
C LEU I 1923 113.68 -50.90 -38.39
N GLU I 1924 112.37 -51.01 -38.69
CA GLU I 1924 111.65 -52.17 -39.33
C GLU I 1924 111.42 -53.33 -38.33
N GLU I 1925 111.78 -53.16 -37.06
CA GLU I 1925 111.47 -54.09 -35.91
C GLU I 1925 110.04 -53.81 -35.40
N VAL I 1926 109.59 -52.54 -35.49
CA VAL I 1926 108.22 -52.02 -35.09
C VAL I 1926 107.11 -52.98 -35.56
N GLU I 1927 107.22 -53.50 -36.79
CA GLU I 1927 106.26 -54.50 -37.32
C GLU I 1927 105.98 -55.56 -36.23
N GLY I 1928 107.03 -56.04 -35.55
CA GLY I 1928 106.96 -56.93 -34.36
C GLY I 1928 106.23 -56.31 -33.17
N HIS I 1929 106.58 -55.07 -32.75
CA HIS I 1929 105.90 -54.28 -31.68
C HIS I 1929 104.38 -54.17 -31.94
N LEU I 1930 104.02 -53.89 -33.20
CA LEU I 1930 102.64 -53.60 -33.69
C LEU I 1930 101.86 -54.93 -33.80
N PHE I 1931 102.45 -55.95 -34.44
CA PHE I 1931 101.88 -57.32 -34.59
C PHE I 1931 101.50 -57.90 -33.22
N GLU I 1932 102.26 -57.56 -32.16
CA GLU I 1932 101.94 -57.93 -30.75
C GLU I 1932 100.61 -57.25 -30.33
N ILE I 1933 100.54 -55.92 -30.52
CA ILE I 1933 99.42 -55.03 -30.06
C ILE I 1933 98.13 -55.40 -30.81
N ILE I 1934 98.27 -55.78 -32.09
CA ILE I 1934 97.17 -56.27 -32.97
C ILE I 1934 96.61 -57.58 -32.40
N ASP I 1935 97.46 -58.63 -32.33
CA ASP I 1935 97.07 -60.07 -32.15
C ASP I 1935 96.32 -60.27 -30.82
N GLU I 1936 96.53 -59.40 -29.82
CA GLU I 1936 95.81 -59.41 -28.51
C GLU I 1936 94.40 -58.78 -28.65
N ALA I 1937 94.25 -57.73 -29.49
CA ALA I 1937 92.97 -57.01 -29.77
C ALA I 1937 92.26 -57.60 -31.02
N SER I 1938 93.04 -58.11 -31.99
CA SER I 1938 92.59 -58.85 -33.21
C SER I 1938 91.70 -60.04 -32.82
N LYS I 1939 92.22 -60.96 -31.98
CA LYS I 1939 91.55 -62.24 -31.61
C LYS I 1939 90.84 -62.10 -30.25
N LYS I 1940 90.62 -60.85 -29.81
CA LYS I 1940 89.63 -60.44 -28.79
C LYS I 1940 88.30 -60.05 -29.48
N SER I 1941 88.38 -59.46 -30.67
CA SER I 1941 87.25 -59.01 -31.53
C SER I 1941 86.96 -60.02 -32.68
N ALA I 1942 87.47 -61.26 -32.62
CA ALA I 1942 87.10 -62.40 -33.50
C ALA I 1942 86.28 -63.43 -32.71
N VAL I 1943 85.53 -62.98 -31.69
CA VAL I 1943 84.64 -63.81 -30.82
C VAL I 1943 83.58 -62.90 -30.17
N LYS I 1944 82.53 -62.55 -30.93
CA LYS I 1944 81.45 -61.61 -30.51
C LYS I 1944 80.18 -61.87 -31.32
N PRO I 1945 79.00 -61.39 -30.83
CA PRO I 1945 77.75 -61.51 -31.60
C PRO I 1945 77.89 -60.99 -33.05
N ARG I 1946 78.02 -61.93 -34.00
CA ARG I 1946 78.43 -61.78 -35.45
C ARG I 1946 78.41 -60.31 -35.89
N PRO I 1947 77.25 -59.62 -36.09
CA PRO I 1947 77.26 -58.19 -36.43
C PRO I 1947 77.44 -57.36 -35.14
N LEU I 1948 78.72 -57.15 -34.79
CA LEU I 1948 79.18 -56.78 -33.43
C LEU I 1948 78.98 -55.29 -33.16
N LYS I 1949 78.45 -54.98 -31.97
CA LYS I 1949 78.19 -53.59 -31.47
C LYS I 1949 79.53 -52.87 -31.33
N LEU I 1950 79.85 -52.02 -32.32
CA LEU I 1950 81.16 -51.31 -32.42
C LEU I 1950 81.13 -50.08 -31.50
N GLU I 1951 81.99 -50.09 -30.48
CA GLU I 1951 82.05 -49.07 -29.40
C GLU I 1951 83.07 -47.99 -29.82
N ARG I 1952 82.89 -46.80 -29.26
CA ARG I 1952 83.70 -45.57 -29.53
C ARG I 1952 85.01 -45.61 -28.75
N GLY I 1953 85.78 -44.53 -28.80
CA GLY I 1953 87.09 -44.38 -28.15
C GLY I 1953 87.71 -43.01 -28.44
N PHE I 1954 88.69 -42.58 -27.63
CA PHE I 1954 89.27 -41.20 -27.60
C PHE I 1954 89.64 -40.73 -29.02
N ALA I 1955 90.30 -41.60 -29.81
CA ALA I 1955 90.65 -41.35 -31.23
C ALA I 1955 89.39 -41.47 -32.10
N CYS I 1956 88.73 -42.64 -32.12
CA CYS I 1956 87.70 -43.06 -33.12
C CYS I 1956 86.26 -42.91 -32.60
N ILE I 1957 85.39 -42.30 -33.40
CA ILE I 1957 83.90 -42.33 -33.23
C ILE I 1957 83.33 -43.19 -34.37
N PRO I 1958 82.31 -44.05 -34.11
CA PRO I 1958 81.64 -44.79 -35.18
C PRO I 1958 80.49 -43.98 -35.82
N LEU I 1959 80.46 -43.94 -37.16
CA LEU I 1959 79.37 -43.31 -37.95
C LEU I 1959 78.14 -44.23 -37.89
N VAL I 1960 77.03 -43.74 -37.33
CA VAL I 1960 75.80 -44.55 -37.02
C VAL I 1960 74.98 -44.75 -38.29
N GLY I 1961 74.41 -45.96 -38.44
CA GLY I 1961 73.56 -46.36 -39.57
C GLY I 1961 74.31 -46.43 -40.89
N ILE I 1962 75.64 -46.55 -40.89
CA ILE I 1962 76.46 -46.74 -42.14
C ILE I 1962 76.95 -48.18 -42.18
N SER I 1963 76.32 -48.99 -43.02
CA SER I 1963 76.42 -50.47 -43.05
C SER I 1963 77.22 -50.93 -44.28
N VAL I 1964 77.62 -50.02 -45.16
CA VAL I 1964 78.41 -50.36 -46.38
C VAL I 1964 79.72 -49.60 -46.32
N PRO I 1965 80.85 -50.20 -46.79
CA PRO I 1965 82.12 -49.50 -46.88
C PRO I 1965 82.37 -48.89 -48.27
N PHE I 1966 81.80 -47.72 -48.56
CA PHE I 1966 81.92 -47.03 -49.88
C PHE I 1966 83.22 -46.24 -49.88
N HIS I 1967 83.70 -45.95 -51.09
CA HIS I 1967 84.98 -45.23 -51.34
C HIS I 1967 86.14 -46.15 -50.97
N SER I 1968 85.94 -47.47 -51.09
CA SER I 1968 86.93 -48.55 -50.77
C SER I 1968 87.06 -49.50 -51.96
N THR I 1969 87.97 -50.46 -51.89
CA THR I 1969 88.21 -51.41 -53.00
C THR I 1969 87.15 -52.51 -52.94
N TYR I 1970 86.45 -52.64 -51.79
CA TYR I 1970 85.44 -53.70 -51.56
C TYR I 1970 84.48 -53.79 -52.75
N LEU I 1971 84.01 -52.63 -53.22
CA LEU I 1971 82.96 -52.54 -54.28
C LEU I 1971 83.55 -51.88 -55.54
N MET I 1972 84.80 -52.24 -55.85
CA MET I 1972 85.41 -52.23 -57.21
C MET I 1972 84.72 -53.32 -58.05
N ASN I 1973 84.16 -54.32 -57.36
CA ASN I 1973 83.46 -55.46 -57.98
C ASN I 1973 82.15 -54.96 -58.59
N GLY I 1974 81.38 -54.14 -57.85
CA GLY I 1974 80.12 -53.52 -58.32
C GLY I 1974 80.36 -52.17 -58.97
N VAL I 1975 80.98 -52.13 -60.17
CA VAL I 1975 81.37 -50.89 -60.90
C VAL I 1975 81.01 -50.99 -62.39
N LYS I 1976 81.56 -51.97 -63.12
CA LYS I 1976 81.23 -52.35 -64.54
C LYS I 1976 79.73 -52.23 -64.85
N PRO I 1977 78.82 -52.62 -63.92
CA PRO I 1977 77.37 -52.32 -64.03
C PRO I 1977 77.06 -50.82 -64.12
N PHE I 1978 77.55 -50.08 -63.12
CA PHE I 1978 77.27 -48.64 -62.83
C PHE I 1978 77.88 -47.79 -63.94
N LYS I 1979 79.09 -48.13 -64.39
CA LYS I 1979 79.79 -47.44 -65.50
C LYS I 1979 78.99 -47.55 -66.81
N SER I 1980 78.48 -48.74 -67.14
CA SER I 1980 77.61 -48.97 -68.33
C SER I 1980 76.21 -48.36 -68.11
N PHE I 1981 75.78 -48.16 -66.85
CA PHE I 1981 74.50 -47.49 -66.52
C PHE I 1981 74.59 -45.99 -66.77
N LEU I 1982 75.67 -45.34 -66.30
CA LEU I 1982 75.96 -43.90 -66.53
C LEU I 1982 76.00 -43.60 -68.03
N LYS I 1983 76.61 -44.45 -68.86
CA LYS I 1983 76.75 -44.20 -70.32
C LYS I 1983 75.39 -44.21 -71.04
N LYS I 1984 74.28 -44.38 -70.32
CA LYS I 1984 72.91 -44.24 -70.84
C LYS I 1984 72.29 -42.90 -70.39
N ASN I 1985 72.55 -42.48 -69.16
CA ASN I 1985 71.94 -41.25 -68.54
C ASN I 1985 72.82 -40.02 -68.78
N ILE I 1986 74.15 -40.20 -68.93
CA ILE I 1986 75.13 -39.15 -69.32
C ILE I 1986 75.51 -39.36 -70.79
N ILE I 1987 75.08 -38.43 -71.66
CA ILE I 1987 75.19 -38.50 -73.14
C ILE I 1987 76.41 -37.67 -73.57
N LYS I 1988 77.04 -38.00 -74.69
CA LYS I 1988 78.23 -37.27 -75.22
C LYS I 1988 77.87 -35.82 -75.56
N GLU I 1989 76.72 -35.60 -76.21
CA GLU I 1989 76.21 -34.29 -76.70
C GLU I 1989 76.05 -33.28 -75.55
N ASN I 1990 75.70 -33.74 -74.34
CA ASN I 1990 75.38 -32.88 -73.18
C ASN I 1990 76.64 -32.63 -72.32
N VAL I 1991 77.85 -32.86 -72.84
CA VAL I 1991 79.12 -32.55 -72.11
C VAL I 1991 79.81 -31.37 -72.79
N LYS I 1992 79.74 -30.20 -72.14
CA LYS I 1992 80.43 -28.95 -72.51
C LYS I 1992 81.78 -28.95 -71.81
N VAL I 1993 82.85 -29.23 -72.55
CA VAL I 1993 84.25 -29.31 -72.02
C VAL I 1993 84.59 -28.02 -71.28
N ALA I 1994 84.27 -26.87 -71.89
CA ALA I 1994 84.52 -25.50 -71.37
C ALA I 1994 84.00 -25.32 -69.94
N ARG I 1995 82.88 -25.96 -69.60
CA ARG I 1995 82.20 -25.78 -68.30
C ARG I 1995 82.82 -26.70 -67.24
N LEU I 1996 83.75 -27.58 -67.63
CA LEU I 1996 84.46 -28.51 -66.71
C LEU I 1996 85.92 -28.06 -66.56
N ALA I 1997 86.66 -28.04 -67.67
CA ALA I 1997 88.14 -27.95 -67.71
C ALA I 1997 88.61 -26.75 -66.87
N GLY I 1998 89.43 -27.03 -65.86
CA GLY I 1998 90.01 -26.03 -64.93
C GLY I 1998 89.15 -25.83 -63.70
N LYS I 1999 87.89 -26.23 -63.75
CA LYS I 1999 86.85 -25.75 -62.79
C LYS I 1999 86.38 -26.90 -61.89
N TYR I 2000 86.23 -28.09 -62.46
CA TYR I 2000 85.76 -29.31 -61.75
C TYR I 2000 86.96 -29.98 -61.09
N ILE I 2001 86.92 -30.15 -59.78
CA ILE I 2001 87.94 -30.90 -58.98
C ILE I 2001 87.30 -32.24 -58.57
N PRO I 2002 87.58 -33.35 -59.30
CA PRO I 2002 87.11 -34.68 -58.89
C PRO I 2002 87.46 -35.09 -57.45
N ASN I 2003 86.87 -36.19 -57.00
CA ASN I 2003 87.13 -36.80 -55.67
C ASN I 2003 88.24 -37.85 -55.83
N LEU I 2004 88.22 -38.61 -56.92
CA LEU I 2004 89.25 -39.61 -57.31
C LEU I 2004 90.64 -38.95 -57.30
N THR I 2005 90.81 -37.90 -58.10
CA THR I 2005 92.11 -37.34 -58.52
C THR I 2005 92.13 -35.85 -58.22
N ALA I 2006 92.38 -35.42 -56.98
CA ALA I 2006 92.04 -34.04 -56.53
C ALA I 2006 92.89 -33.00 -57.29
N LYS I 2007 92.64 -32.93 -58.60
CA LYS I 2007 93.41 -32.19 -59.63
C LYS I 2007 92.40 -31.59 -60.61
N PRO I 2008 92.34 -30.26 -60.77
CA PRO I 2008 91.35 -29.63 -61.65
C PRO I 2008 91.29 -30.40 -62.98
N PHE I 2009 90.09 -30.89 -63.31
CA PHE I 2009 89.76 -31.66 -64.53
C PHE I 2009 90.48 -31.02 -65.71
N GLN I 2010 91.24 -31.81 -66.47
CA GLN I 2010 91.73 -31.41 -67.82
C GLN I 2010 91.56 -32.61 -68.75
N VAL I 2011 91.64 -32.39 -70.06
CA VAL I 2011 91.58 -33.45 -71.11
C VAL I 2011 92.92 -33.40 -71.85
N THR I 2012 93.92 -34.03 -71.23
CA THR I 2012 95.31 -34.19 -71.73
C THR I 2012 95.77 -35.62 -71.40
N LYS I 2013 96.79 -36.11 -72.12
CA LYS I 2013 97.43 -37.44 -71.89
C LYS I 2013 97.88 -37.56 -70.42
N GLU I 2014 98.53 -36.53 -69.88
CA GLU I 2014 99.01 -36.41 -68.48
C GLU I 2014 97.90 -36.82 -67.49
N TYR I 2015 96.69 -36.32 -67.70
CA TYR I 2015 95.57 -36.44 -66.73
C TYR I 2015 94.97 -37.85 -66.83
N PHE I 2016 94.76 -38.37 -68.04
CA PHE I 2016 94.32 -39.76 -68.27
C PHE I 2016 95.31 -40.73 -67.62
N GLN I 2017 96.62 -40.47 -67.79
CA GLN I 2017 97.73 -41.31 -67.25
C GLN I 2017 97.60 -41.38 -65.72
N ASP I 2018 97.39 -40.23 -65.07
CA ASP I 2018 97.24 -40.11 -63.59
C ASP I 2018 95.96 -40.82 -63.12
N VAL I 2019 94.92 -40.89 -63.97
CA VAL I 2019 93.66 -41.63 -63.67
C VAL I 2019 93.96 -43.13 -63.75
N TYR I 2020 94.53 -43.59 -64.87
CA TYR I 2020 94.90 -45.00 -65.13
C TYR I 2020 95.71 -45.58 -63.95
N ASP I 2021 96.64 -44.79 -63.41
CA ASP I 2021 97.52 -45.17 -62.27
C ASP I 2021 96.70 -45.42 -60.99
N LEU I 2022 95.46 -44.91 -60.88
CA LEU I 2022 94.58 -45.05 -59.68
C LEU I 2022 93.30 -45.83 -60.02
N THR I 2023 93.33 -46.65 -61.07
CA THR I 2023 92.11 -47.27 -61.66
C THR I 2023 92.45 -48.59 -62.38
N GLY I 2024 93.31 -48.52 -63.39
CA GLY I 2024 93.66 -49.68 -64.25
C GLY I 2024 92.48 -50.07 -65.12
N SER I 2025 91.90 -49.09 -65.82
CA SER I 2025 90.76 -49.25 -66.77
C SER I 2025 91.31 -49.35 -68.20
N GLU I 2026 90.70 -50.23 -69.03
CA GLU I 2026 91.13 -50.51 -70.43
C GLU I 2026 90.67 -49.40 -71.36
N PRO I 2027 89.39 -48.93 -71.31
CA PRO I 2027 88.94 -47.81 -72.13
C PRO I 2027 89.82 -46.56 -72.03
N ILE I 2028 90.45 -46.35 -70.85
CA ILE I 2028 91.41 -45.24 -70.59
C ILE I 2028 92.76 -45.59 -71.20
N LYS I 2029 93.27 -46.80 -70.96
CA LYS I 2029 94.64 -47.17 -71.37
C LYS I 2029 94.72 -47.17 -72.90
N GLU I 2030 93.67 -47.64 -73.58
CA GLU I 2030 93.64 -47.73 -75.06
C GLU I 2030 93.71 -46.32 -75.68
N ILE I 2031 93.23 -45.29 -74.96
CA ILE I 2031 93.31 -43.85 -75.38
C ILE I 2031 94.77 -43.36 -75.28
N ILE I 2032 95.45 -43.64 -74.16
CA ILE I 2032 96.88 -43.28 -73.91
C ILE I 2032 97.76 -43.94 -75.00
N ASP I 2033 97.44 -45.18 -75.37
CA ASP I 2033 98.17 -46.02 -76.37
C ASP I 2033 98.14 -45.35 -77.75
N ASN I 2034 96.95 -45.00 -78.28
CA ASN I 2034 96.79 -44.26 -79.55
C ASN I 2034 96.23 -42.86 -79.23
N TRP I 2035 97.06 -42.05 -78.53
CA TRP I 2035 96.84 -40.59 -78.31
C TRP I 2035 96.89 -39.80 -79.65
N GLU I 2036 97.26 -40.44 -80.78
CA GLU I 2036 97.13 -39.87 -82.17
C GLU I 2036 95.75 -40.19 -82.76
N LYS I 2037 94.69 -39.80 -82.02
CA LYS I 2037 93.36 -39.35 -82.53
C LYS I 2037 93.28 -37.81 -82.40
N TYR I 2038 94.33 -37.18 -81.87
CA TYR I 2038 94.66 -35.73 -82.00
C TYR I 2038 94.46 -35.29 -83.48
N GLU I 2039 94.95 -36.09 -84.45
CA GLU I 2039 94.64 -35.97 -85.92
C GLU I 2039 93.21 -36.52 -86.15
N GLN I 2040 92.20 -35.62 -86.17
CA GLN I 2040 90.73 -35.93 -86.16
C GLN I 2040 90.43 -37.13 -85.24
N SER J 1 -102.32 -83.72 21.04
CA SER J 1 -101.56 -82.78 20.13
C SER J 1 -100.59 -81.90 20.94
N THR J 2 -99.37 -81.70 20.41
CA THR J 2 -98.21 -81.04 21.08
C THR J 2 -97.83 -79.77 20.30
N ARG J 3 -97.43 -78.72 21.02
CA ARG J 3 -97.05 -77.39 20.46
C ARG J 3 -95.54 -77.21 20.63
N PRO J 4 -94.75 -77.11 19.53
CA PRO J 4 -93.31 -76.80 19.60
C PRO J 4 -92.90 -75.58 20.44
N LEU J 5 -92.18 -75.85 21.55
CA LEU J 5 -91.64 -74.83 22.49
C LEU J 5 -90.11 -74.87 22.47
N THR J 6 -89.49 -73.93 21.74
CA THR J 6 -88.02 -73.89 21.48
C THR J 6 -87.31 -73.28 22.70
N LEU J 7 -86.86 -74.13 23.62
CA LEU J 7 -85.82 -73.79 24.63
C LEU J 7 -84.55 -73.44 23.86
N SER J 8 -84.04 -72.23 24.04
CA SER J 8 -82.95 -71.64 23.23
C SER J 8 -82.00 -70.84 24.11
N HIS J 9 -80.74 -70.72 23.67
CA HIS J 9 -79.73 -69.82 24.27
C HIS J 9 -78.75 -69.42 23.16
N GLY J 10 -78.86 -68.17 22.69
CA GLY J 10 -78.25 -67.67 21.45
C GLY J 10 -78.17 -68.75 20.38
N SER J 11 -76.95 -69.05 19.91
CA SER J 11 -76.65 -69.97 18.78
C SER J 11 -77.54 -71.23 18.82
N LEU J 12 -77.35 -72.06 19.86
CA LEU J 12 -77.91 -73.44 19.97
C LEU J 12 -79.26 -73.42 20.70
N GLU J 13 -80.04 -74.51 20.55
CA GLU J 13 -81.43 -74.63 21.08
C GLU J 13 -81.89 -76.10 21.04
N HIS J 14 -83.05 -76.36 21.65
CA HIS J 14 -83.72 -77.69 21.71
C HIS J 14 -85.24 -77.51 21.62
N VAL J 15 -85.87 -78.25 20.71
CA VAL J 15 -87.33 -78.15 20.39
C VAL J 15 -88.09 -79.14 21.28
N LEU J 16 -88.84 -78.62 22.25
CA LEU J 16 -89.56 -79.43 23.27
C LEU J 16 -91.02 -79.58 22.83
N LEU J 17 -91.53 -80.81 22.70
CA LEU J 17 -92.91 -81.10 22.20
C LEU J 17 -93.88 -81.19 23.39
N VAL J 18 -94.39 -80.03 23.81
CA VAL J 18 -95.26 -79.83 25.00
C VAL J 18 -96.69 -80.23 24.63
N PRO J 19 -97.37 -81.15 25.36
CA PRO J 19 -98.83 -81.33 25.21
C PRO J 19 -99.58 -80.01 25.44
N THR J 20 -100.50 -79.66 24.52
CA THR J 20 -101.21 -78.35 24.40
C THR J 20 -102.13 -78.15 25.64
N ALA J 21 -102.59 -79.24 26.30
CA ALA J 21 -103.34 -79.24 27.59
C ALA J 21 -102.57 -78.54 28.71
N SER J 22 -101.23 -78.48 28.61
CA SER J 22 -100.29 -77.90 29.60
C SER J 22 -99.26 -76.98 28.91
N PHE J 23 -99.64 -76.28 27.83
CA PHE J 23 -98.76 -75.30 27.15
C PHE J 23 -98.79 -73.96 27.92
N PHE J 24 -99.94 -73.60 28.52
CA PHE J 24 -100.13 -72.37 29.36
C PHE J 24 -98.99 -72.29 30.40
N ILE J 25 -98.77 -73.40 31.12
CA ILE J 25 -97.83 -73.49 32.27
C ILE J 25 -96.39 -73.50 31.73
N ALA J 26 -96.12 -74.24 30.65
CA ALA J 26 -94.76 -74.43 30.08
C ALA J 26 -94.24 -73.14 29.41
N SER J 27 -95.13 -72.34 28.81
CA SER J 27 -94.82 -71.03 28.16
C SER J 27 -94.43 -69.99 29.22
N GLN J 28 -95.15 -70.01 30.35
CA GLN J 28 -94.84 -69.29 31.63
C GLN J 28 -93.36 -69.54 31.98
N LEU J 29 -92.96 -70.83 32.06
CA LEU J 29 -91.61 -71.30 32.49
C LEU J 29 -90.55 -71.01 31.42
N GLN J 30 -90.91 -71.07 30.13
CA GLN J 30 -90.04 -70.65 28.99
C GLN J 30 -89.61 -69.19 29.22
N GLU J 31 -90.57 -68.31 29.57
CA GLU J 31 -90.36 -66.86 29.85
C GLU J 31 -89.33 -66.73 30.98
N GLN J 32 -89.72 -67.12 32.21
CA GLN J 32 -88.96 -66.90 33.48
C GLN J 32 -87.51 -67.38 33.30
N PHE J 33 -87.34 -68.60 32.79
CA PHE J 33 -86.03 -69.26 32.53
C PHE J 33 -85.19 -68.39 31.59
N ASN J 34 -85.80 -67.80 30.55
CA ASN J 34 -85.10 -67.22 29.37
C ASN J 34 -84.35 -65.93 29.75
N LYS J 35 -84.77 -65.24 30.83
CA LYS J 35 -84.14 -63.98 31.31
C LYS J 35 -82.96 -64.30 32.25
N ILE J 36 -83.12 -65.32 33.13
CA ILE J 36 -82.26 -65.55 34.34
C ILE J 36 -80.87 -66.05 33.89
N LEU J 37 -80.80 -66.92 32.89
CA LEU J 37 -79.49 -67.35 32.31
C LEU J 37 -78.88 -66.15 31.57
N PRO J 38 -77.52 -66.10 31.42
CA PRO J 38 -76.86 -64.95 30.79
C PRO J 38 -77.02 -64.87 29.26
N GLU J 39 -76.21 -64.01 28.64
CA GLU J 39 -76.15 -63.81 27.17
C GLU J 39 -74.97 -64.60 26.61
N PRO J 40 -75.07 -65.09 25.35
CA PRO J 40 -73.96 -65.81 24.70
C PRO J 40 -72.62 -65.05 24.71
N THR J 41 -71.51 -65.81 24.73
CA THR J 41 -70.10 -65.29 24.72
C THR J 41 -69.25 -66.16 23.78
N GLU J 42 -69.57 -66.14 22.48
CA GLU J 42 -68.74 -66.67 21.34
C GLU J 42 -68.02 -67.98 21.73
N GLY J 43 -68.71 -69.11 21.59
CA GLY J 43 -68.21 -70.46 21.94
C GLY J 43 -68.62 -70.92 23.33
N PHE J 44 -69.29 -70.05 24.10
CA PHE J 44 -69.92 -70.33 25.42
C PHE J 44 -68.84 -70.62 26.48
N ALA J 45 -67.83 -69.75 26.53
CA ALA J 45 -66.60 -69.90 27.35
C ALA J 45 -66.79 -69.38 28.78
N ALA J 46 -67.98 -68.84 29.15
CA ALA J 46 -68.31 -68.37 30.51
C ALA J 46 -68.84 -69.54 31.36
N ASP J 47 -69.08 -69.31 32.67
CA ASP J 47 -69.35 -70.35 33.69
C ASP J 47 -70.79 -70.29 34.24
N ASP J 48 -71.76 -69.78 33.47
CA ASP J 48 -73.22 -69.98 33.76
C ASP J 48 -74.01 -70.32 32.48
N GLU J 49 -73.35 -70.47 31.32
CA GLU J 49 -74.02 -70.63 30.00
C GLU J 49 -73.78 -72.05 29.47
N PRO J 50 -74.84 -72.81 29.12
CA PRO J 50 -74.67 -74.17 28.61
C PRO J 50 -74.11 -74.20 27.18
N THR J 51 -73.14 -75.10 26.94
CA THR J 51 -72.31 -75.19 25.70
C THR J 51 -72.85 -76.29 24.76
N THR J 52 -73.93 -76.97 25.15
CA THR J 52 -74.60 -78.01 24.31
C THR J 52 -76.11 -77.97 24.51
N PRO J 53 -76.89 -78.52 23.55
CA PRO J 53 -78.33 -78.73 23.74
C PRO J 53 -78.66 -79.46 25.05
N ALA J 54 -77.85 -80.47 25.40
CA ALA J 54 -78.03 -81.36 26.56
C ALA J 54 -77.97 -80.58 27.87
N GLU J 55 -76.91 -79.75 28.06
CA GLU J 55 -76.73 -78.89 29.25
C GLU J 55 -77.92 -77.92 29.37
N LEU J 56 -78.37 -77.36 28.24
CA LEU J 56 -79.48 -76.38 28.16
C LEU J 56 -80.75 -76.98 28.79
N VAL J 57 -81.11 -78.21 28.43
CA VAL J 57 -82.29 -78.91 29.00
C VAL J 57 -81.95 -79.33 30.45
N GLY J 58 -80.66 -79.54 30.75
CA GLY J 58 -80.15 -79.68 32.13
C GLY J 58 -80.51 -78.45 32.97
N LYS J 59 -79.94 -77.29 32.64
CA LYS J 59 -80.23 -75.98 33.28
C LYS J 59 -81.75 -75.88 33.54
N PHE J 60 -82.55 -76.20 32.51
CA PHE J 60 -84.04 -76.07 32.55
C PHE J 60 -84.60 -76.90 33.70
N LEU J 61 -84.33 -78.21 33.72
CA LEU J 61 -84.83 -79.15 34.77
C LEU J 61 -84.46 -78.61 36.16
N GLY J 62 -83.20 -78.14 36.31
CA GLY J 62 -82.72 -77.49 37.53
C GLY J 62 -83.71 -76.43 38.00
N TYR J 63 -83.93 -75.42 37.15
CA TYR J 63 -84.86 -74.29 37.40
C TYR J 63 -86.22 -74.82 37.86
N VAL J 64 -86.77 -75.77 37.11
CA VAL J 64 -88.16 -76.31 37.30
C VAL J 64 -88.23 -77.08 38.63
N SER J 65 -87.16 -77.81 38.99
CA SER J 65 -87.06 -78.59 40.26
C SER J 65 -87.10 -77.65 41.49
N SER J 66 -86.46 -76.49 41.39
CA SER J 66 -86.41 -75.46 42.47
C SER J 66 -87.82 -74.93 42.79
N LEU J 67 -88.73 -74.91 41.81
CA LEU J 67 -90.11 -74.36 41.96
C LEU J 67 -91.10 -75.43 42.46
N VAL J 68 -90.71 -76.71 42.50
CA VAL J 68 -91.60 -77.81 42.96
C VAL J 68 -91.45 -77.99 44.47
N GLU J 69 -92.59 -78.05 45.18
CA GLU J 69 -92.72 -78.61 46.57
C GLU J 69 -92.60 -80.14 46.49
N PRO J 70 -91.78 -80.78 47.36
CA PRO J 70 -91.57 -82.24 47.30
C PRO J 70 -92.70 -83.13 47.88
N SER J 71 -93.73 -82.54 48.53
CA SER J 71 -94.96 -83.22 49.01
C SER J 71 -96.19 -82.71 48.23
N LYS J 72 -96.44 -81.39 48.28
CA LYS J 72 -97.61 -80.67 47.66
C LYS J 72 -97.61 -80.88 46.13
N VAL J 73 -98.72 -81.43 45.59
CA VAL J 73 -98.90 -81.67 44.11
C VAL J 73 -99.15 -80.30 43.45
N GLY J 74 -98.06 -79.56 43.19
CA GLY J 74 -98.07 -78.19 42.66
C GLY J 74 -98.43 -78.14 41.18
N GLN J 75 -98.43 -76.91 40.62
CA GLN J 75 -98.87 -76.59 39.23
C GLN J 75 -97.85 -77.15 38.22
N PHE J 76 -96.56 -77.22 38.56
CA PHE J 76 -95.44 -77.48 37.60
C PHE J 76 -94.93 -78.94 37.64
N ASP J 77 -95.75 -79.92 38.06
CA ASP J 77 -95.35 -81.35 38.21
C ASP J 77 -95.35 -82.06 36.84
N GLN J 78 -96.50 -82.02 36.12
CA GLN J 78 -96.75 -82.69 34.81
C GLN J 78 -95.82 -82.10 33.74
N VAL J 79 -95.31 -80.88 33.96
CA VAL J 79 -94.28 -80.24 33.07
C VAL J 79 -92.96 -80.98 33.27
N LEU J 80 -92.56 -81.16 34.53
CA LEU J 80 -91.24 -81.73 34.91
C LEU J 80 -91.18 -83.18 34.38
N ASN J 81 -92.18 -84.00 34.71
CA ASN J 81 -92.30 -85.42 34.25
C ASN J 81 -92.10 -85.52 32.71
N LEU J 82 -92.49 -84.51 31.93
CA LEU J 82 -92.43 -84.54 30.43
C LEU J 82 -91.21 -83.78 29.87
N CYS J 83 -90.46 -83.07 30.71
CA CYS J 83 -89.13 -82.49 30.36
C CYS J 83 -88.03 -83.54 30.57
N LEU J 84 -88.19 -84.41 31.60
CA LEU J 84 -87.31 -85.58 31.87
C LEU J 84 -87.39 -86.55 30.68
N THR J 85 -88.61 -86.98 30.36
CA THR J 85 -88.89 -88.03 29.35
C THR J 85 -88.44 -87.55 27.97
N GLU J 86 -88.38 -86.24 27.74
CA GLU J 86 -87.68 -85.66 26.56
C GLU J 86 -86.17 -85.87 26.73
N PHE J 87 -85.63 -85.49 27.89
CA PHE J 87 -84.17 -85.52 28.22
C PHE J 87 -83.65 -86.97 28.13
N GLU J 88 -84.40 -87.93 28.71
CA GLU J 88 -84.10 -89.38 28.73
C GLU J 88 -84.04 -89.96 27.30
N ASN J 89 -85.05 -89.68 26.46
CA ASN J 89 -85.23 -90.35 25.15
C ASN J 89 -84.35 -89.70 24.07
N CYS J 90 -83.81 -88.50 24.32
CA CYS J 90 -82.98 -87.75 23.33
C CYS J 90 -81.49 -87.96 23.58
N TYR J 91 -81.04 -87.74 24.82
CA TYR J 91 -79.61 -87.55 25.20
C TYR J 91 -79.07 -88.71 26.04
N LEU J 92 -79.96 -89.59 26.51
CA LEU J 92 -79.72 -90.55 27.62
C LEU J 92 -80.24 -91.94 27.20
N GLU J 93 -79.81 -92.39 26.01
CA GLU J 93 -80.38 -93.56 25.27
C GLU J 93 -80.23 -94.84 26.11
N GLY J 94 -81.05 -94.99 27.16
CA GLY J 94 -80.99 -96.10 28.13
C GLY J 94 -79.82 -95.97 29.10
N ASN J 95 -78.73 -95.32 28.68
CA ASN J 95 -77.45 -95.17 29.43
C ASN J 95 -77.70 -94.30 30.65
N ASP J 96 -76.71 -94.21 31.56
CA ASP J 96 -76.81 -93.41 32.81
C ASP J 96 -76.24 -92.01 32.55
N ILE J 97 -76.69 -91.05 33.35
CA ILE J 97 -76.33 -89.61 33.27
C ILE J 97 -74.81 -89.44 33.28
N HIS J 98 -74.09 -90.28 34.03
CA HIS J 98 -72.61 -90.20 34.16
C HIS J 98 -71.95 -90.52 32.81
N ALA J 99 -72.51 -91.45 32.03
CA ALA J 99 -71.99 -91.81 30.69
C ALA J 99 -72.10 -90.58 29.78
N LEU J 100 -73.26 -89.94 29.78
CA LEU J 100 -73.55 -88.70 29.02
C LEU J 100 -72.46 -87.67 29.35
N ALA J 101 -72.31 -87.37 30.65
CA ALA J 101 -71.36 -86.37 31.19
C ALA J 101 -69.94 -86.60 30.64
N ALA J 102 -69.51 -87.85 30.51
CA ALA J 102 -68.18 -88.23 29.97
C ALA J 102 -68.09 -87.87 28.48
N LYS J 103 -69.03 -88.34 27.66
CA LYS J 103 -69.11 -88.01 26.21
C LYS J 103 -68.85 -86.51 26.03
N LEU J 104 -69.55 -85.68 26.81
CA LEU J 104 -69.52 -84.19 26.72
C LEU J 104 -68.12 -83.64 27.04
N LEU J 105 -67.32 -84.31 27.89
CA LEU J 105 -65.95 -83.84 28.20
C LEU J 105 -65.02 -84.00 26.98
N GLN J 106 -65.02 -85.17 26.33
CA GLN J 106 -64.04 -85.52 25.27
C GLN J 106 -64.52 -85.03 23.89
N GLU J 107 -65.79 -85.26 23.54
CA GLU J 107 -66.35 -84.84 22.22
C GLU J 107 -66.41 -83.30 22.13
N ASN J 108 -67.18 -82.65 23.01
CA ASN J 108 -67.38 -81.18 23.04
C ASN J 108 -66.20 -80.54 23.81
N ASP J 109 -66.33 -79.26 24.18
CA ASP J 109 -65.41 -78.55 25.12
C ASP J 109 -66.27 -77.93 26.25
N THR J 110 -66.69 -78.79 27.17
CA THR J 110 -67.30 -78.43 28.49
C THR J 110 -66.24 -78.70 29.57
N THR J 111 -66.29 -77.93 30.64
CA THR J 111 -65.43 -78.09 31.85
C THR J 111 -66.07 -79.14 32.78
N LEU J 112 -65.34 -79.60 33.80
CA LEU J 112 -65.83 -80.51 34.85
C LEU J 112 -67.04 -79.85 35.54
N VAL J 113 -66.83 -78.64 36.07
CA VAL J 113 -67.79 -77.86 36.92
C VAL J 113 -69.14 -77.75 36.19
N LYS J 114 -69.08 -77.56 34.87
CA LYS J 114 -70.24 -77.37 33.96
C LYS J 114 -71.11 -78.64 33.92
N THR J 115 -70.48 -79.82 33.90
CA THR J 115 -71.16 -81.12 33.69
C THR J 115 -71.54 -81.77 35.02
N LYS J 116 -70.89 -81.42 36.13
CA LYS J 116 -71.36 -81.76 37.51
C LYS J 116 -72.71 -81.07 37.74
N GLU J 117 -72.83 -79.82 37.26
CA GLU J 117 -74.09 -79.04 37.26
C GLU J 117 -75.17 -79.87 36.56
N LEU J 118 -74.91 -80.30 35.32
CA LEU J 118 -75.83 -81.16 34.50
C LEU J 118 -76.24 -82.39 35.32
N ILE J 119 -75.26 -83.07 35.92
CA ILE J 119 -75.47 -84.29 36.76
C ILE J 119 -76.42 -83.93 37.90
N LYS J 120 -76.13 -82.86 38.65
CA LYS J 120 -76.99 -82.42 39.80
C LYS J 120 -78.41 -82.25 39.28
N ASN J 121 -78.57 -81.48 38.20
CA ASN J 121 -79.88 -81.03 37.68
C ASN J 121 -80.74 -82.28 37.43
N TYR J 122 -80.20 -83.26 36.70
CA TYR J 122 -80.89 -84.54 36.37
C TYR J 122 -81.30 -85.29 37.64
N ILE J 123 -80.36 -85.48 38.57
CA ILE J 123 -80.53 -86.37 39.76
C ILE J 123 -81.51 -85.69 40.74
N THR J 124 -81.36 -84.37 40.92
CA THR J 124 -82.26 -83.52 41.75
C THR J 124 -83.67 -83.75 41.22
N ALA J 125 -83.86 -83.47 39.92
CA ALA J 125 -85.14 -83.58 39.18
C ALA J 125 -85.84 -84.89 39.54
N ARG J 126 -85.20 -86.02 39.21
CA ARG J 126 -85.76 -87.40 39.35
C ARG J 126 -86.43 -87.61 40.72
N ILE J 127 -85.92 -87.03 41.79
CA ILE J 127 -86.46 -87.24 43.17
C ILE J 127 -87.63 -86.26 43.42
N MET J 128 -87.55 -85.03 42.90
CA MET J 128 -88.62 -84.00 42.95
C MET J 128 -89.82 -84.41 42.07
N ALA J 129 -89.60 -85.24 41.04
CA ALA J 129 -90.66 -85.79 40.16
C ALA J 129 -91.32 -87.04 40.75
N LYS J 130 -90.93 -87.45 41.98
CA LYS J 130 -91.35 -88.73 42.65
C LYS J 130 -91.14 -89.91 41.70
N ARG J 131 -90.01 -89.92 40.97
CA ARG J 131 -89.53 -91.03 40.10
C ARG J 131 -88.16 -91.46 40.59
N PRO J 132 -88.09 -92.19 41.74
CA PRO J 132 -86.81 -92.51 42.38
C PRO J 132 -86.07 -93.58 41.58
N PHE J 133 -84.84 -93.89 42.00
CA PHE J 133 -84.01 -94.98 41.40
C PHE J 133 -84.30 -96.27 42.16
N ASP J 134 -85.29 -97.04 41.69
CA ASP J 134 -85.68 -98.37 42.24
C ASP J 134 -85.41 -99.50 41.23
N LYS J 135 -85.27 -99.16 39.93
CA LYS J 135 -84.89 -100.12 38.87
C LYS J 135 -83.44 -100.58 39.10
N LYS J 136 -83.20 -101.89 39.14
CA LYS J 136 -81.85 -102.49 39.00
C LYS J 136 -81.32 -102.08 37.62
N SER J 137 -80.48 -101.04 37.57
CA SER J 137 -79.86 -100.56 36.31
C SER J 137 -79.06 -101.71 35.69
N ASN J 138 -79.12 -101.82 34.36
CA ASN J 138 -78.38 -102.84 33.57
C ASN J 138 -76.95 -102.33 33.35
N SER J 139 -76.21 -102.06 34.43
CA SER J 139 -74.77 -101.70 34.37
C SER J 139 -74.01 -102.92 33.87
N ALA J 140 -73.18 -102.74 32.84
CA ALA J 140 -72.38 -103.81 32.19
C ALA J 140 -71.64 -104.61 33.27
N LEU J 141 -70.86 -103.88 34.06
CA LEU J 141 -69.94 -104.42 35.10
C LEU J 141 -70.68 -105.36 36.05
N PHE J 142 -71.98 -105.14 36.28
CA PHE J 142 -72.78 -105.91 37.26
C PHE J 142 -73.55 -107.03 36.56
N ARG J 143 -73.94 -106.85 35.28
CA ARG J 143 -74.44 -107.99 34.46
C ARG J 143 -73.36 -109.06 34.44
N ALA J 144 -72.10 -108.63 34.28
CA ALA J 144 -70.89 -109.47 34.17
C ALA J 144 -70.63 -110.22 35.49
N VAL J 145 -70.71 -109.54 36.63
CA VAL J 145 -70.39 -110.14 37.95
C VAL J 145 -71.51 -111.13 38.35
N GLY J 146 -72.73 -110.88 37.88
CA GLY J 146 -73.87 -111.81 38.02
C GLY J 146 -73.60 -113.13 37.34
N GLU J 147 -73.03 -113.09 36.13
CA GLU J 147 -72.74 -114.26 35.27
C GLU J 147 -71.52 -115.03 35.81
N GLY J 148 -70.47 -114.32 36.23
CA GLY J 148 -69.17 -114.89 36.67
C GLY J 148 -67.99 -114.49 35.78
N ASN J 149 -68.16 -113.53 34.86
CA ASN J 149 -67.08 -113.00 33.98
C ASN J 149 -66.41 -111.77 34.64
N ALA J 150 -66.59 -111.58 35.95
CA ALA J 150 -65.94 -110.51 36.72
C ALA J 150 -65.99 -110.85 38.22
N GLN J 151 -64.93 -110.47 38.95
CA GLN J 151 -64.87 -110.47 40.43
C GLN J 151 -64.50 -109.05 40.86
N LEU J 152 -65.28 -108.47 41.79
CA LEU J 152 -65.07 -107.09 42.27
C LEU J 152 -64.45 -107.13 43.66
N VAL J 153 -63.62 -106.12 43.95
CA VAL J 153 -63.16 -105.79 45.32
C VAL J 153 -63.27 -104.27 45.51
N ALA J 154 -63.81 -103.85 46.65
CA ALA J 154 -63.86 -102.44 47.09
C ALA J 154 -62.63 -102.14 47.94
N ILE J 155 -61.94 -101.03 47.67
CA ILE J 155 -60.83 -100.55 48.53
C ILE J 155 -61.07 -99.07 48.91
N PHE J 156 -60.77 -98.75 50.16
CA PHE J 156 -60.98 -97.41 50.76
C PHE J 156 -59.61 -96.87 51.19
N GLY J 157 -59.22 -95.72 50.66
CA GLY J 157 -58.02 -94.99 51.09
C GLY J 157 -58.13 -94.48 52.51
N GLY J 158 -57.08 -93.81 52.96
CA GLY J 158 -56.99 -93.10 54.24
C GLY J 158 -56.37 -91.75 53.99
N GLN J 159 -55.43 -91.35 54.83
CA GLN J 159 -54.86 -89.98 54.77
C GLN J 159 -53.59 -90.04 53.94
N GLY J 160 -53.10 -88.88 53.52
CA GLY J 160 -51.83 -88.72 52.78
C GLY J 160 -52.09 -88.48 51.31
N ASN J 161 -53.35 -88.61 50.89
CA ASN J 161 -53.73 -88.69 49.47
C ASN J 161 -53.84 -87.27 48.94
N THR J 162 -54.56 -86.39 49.65
CA THR J 162 -54.77 -84.97 49.24
C THR J 162 -54.55 -83.99 50.39
N ASP J 163 -54.08 -82.78 50.02
CA ASP J 163 -54.03 -81.55 50.85
C ASP J 163 -55.45 -81.27 51.36
N ASP J 164 -56.37 -80.86 50.48
CA ASP J 164 -57.79 -80.60 50.84
C ASP J 164 -58.67 -81.74 50.32
N TYR J 165 -58.86 -82.73 51.19
CA TYR J 165 -59.92 -83.76 51.11
C TYR J 165 -61.29 -83.11 51.16
N PHE J 166 -61.47 -82.06 51.97
CA PHE J 166 -62.81 -81.52 52.35
C PHE J 166 -63.55 -81.02 51.11
N GLU J 167 -62.85 -80.59 50.06
CA GLU J 167 -63.46 -80.19 48.76
C GLU J 167 -64.15 -81.38 48.10
N GLU J 168 -63.72 -82.60 48.40
CA GLU J 168 -64.37 -83.85 47.91
C GLU J 168 -65.73 -83.98 48.60
N LEU J 169 -65.83 -83.57 49.86
CA LEU J 169 -67.07 -83.68 50.68
C LEU J 169 -68.02 -82.56 50.22
N ARG J 170 -67.47 -81.36 49.98
CA ARG J 170 -68.20 -80.19 49.41
C ARG J 170 -68.85 -80.59 48.07
N ASP J 171 -68.07 -81.18 47.17
CA ASP J 171 -68.50 -81.58 45.81
C ASP J 171 -69.51 -82.72 45.89
N LEU J 172 -69.47 -83.55 46.93
CA LEU J 172 -70.50 -84.60 47.20
C LEU J 172 -71.82 -83.97 47.64
N TYR J 173 -71.75 -82.94 48.48
CA TYR J 173 -72.94 -82.29 49.10
C TYR J 173 -73.69 -81.47 48.04
N GLN J 174 -72.96 -80.68 47.22
CA GLN J 174 -73.55 -79.89 46.10
C GLN J 174 -74.31 -80.83 45.17
N THR J 175 -73.57 -81.74 44.53
CA THR J 175 -73.96 -82.51 43.34
C THR J 175 -74.95 -83.64 43.67
N TYR J 176 -74.82 -84.33 44.80
CA TYR J 176 -75.72 -85.48 45.13
C TYR J 176 -76.54 -85.16 46.39
N HIS J 177 -76.81 -83.88 46.62
CA HIS J 177 -77.51 -83.40 47.85
C HIS J 177 -78.65 -84.36 48.21
N VAL J 178 -79.45 -84.73 47.21
CA VAL J 178 -80.76 -85.45 47.38
C VAL J 178 -80.55 -86.91 47.84
N LEU J 179 -79.39 -87.52 47.54
CA LEU J 179 -79.10 -88.97 47.81
C LEU J 179 -78.36 -89.14 49.14
N VAL J 180 -77.45 -88.21 49.42
CA VAL J 180 -76.43 -88.26 50.50
C VAL J 180 -76.84 -87.34 51.66
N GLY J 181 -77.49 -86.21 51.34
CA GLY J 181 -77.94 -85.16 52.28
C GLY J 181 -78.26 -85.66 53.68
N ASP J 182 -79.09 -86.71 53.82
CA ASP J 182 -79.52 -87.24 55.13
C ASP J 182 -78.39 -88.04 55.81
N LEU J 183 -77.46 -88.63 55.05
CA LEU J 183 -76.25 -89.31 55.62
C LEU J 183 -75.28 -88.25 56.17
N ILE J 184 -74.94 -87.24 55.37
CA ILE J 184 -74.08 -86.08 55.79
C ILE J 184 -74.68 -85.50 57.07
N LYS J 185 -76.00 -85.32 57.12
CA LYS J 185 -76.72 -84.64 58.23
C LYS J 185 -76.77 -85.57 59.44
N PHE J 186 -76.95 -86.87 59.25
CA PHE J 186 -76.93 -87.86 60.37
C PHE J 186 -75.50 -87.99 60.90
N SER J 187 -74.50 -87.86 60.03
CA SER J 187 -73.07 -87.85 60.42
C SER J 187 -72.87 -86.77 61.48
N ALA J 188 -73.16 -85.52 61.13
CA ALA J 188 -72.91 -84.30 61.93
C ALA J 188 -73.60 -84.41 63.29
N GLU J 189 -74.88 -84.78 63.32
CA GLU J 189 -75.66 -85.04 64.56
C GLU J 189 -74.89 -86.03 65.45
N THR J 190 -74.40 -87.13 64.86
CA THR J 190 -73.65 -88.22 65.56
C THR J 190 -72.31 -87.69 66.09
N LEU J 191 -71.58 -86.93 65.29
CA LEU J 191 -70.27 -86.36 65.68
C LEU J 191 -70.48 -85.33 66.79
N SER J 192 -71.47 -84.45 66.65
CA SER J 192 -71.81 -83.41 67.66
C SER J 192 -72.14 -84.08 68.98
N GLU J 193 -73.02 -85.08 68.95
CA GLU J 193 -73.42 -85.90 70.13
C GLU J 193 -72.18 -86.54 70.77
N LEU J 194 -71.25 -87.03 69.95
CA LEU J 194 -70.04 -87.77 70.42
C LEU J 194 -69.10 -86.81 71.14
N ILE J 195 -69.02 -85.55 70.69
CA ILE J 195 -68.25 -84.46 71.37
C ILE J 195 -68.84 -84.20 72.76
N ARG J 196 -70.14 -83.94 72.83
CA ARG J 196 -70.85 -83.51 74.07
C ARG J 196 -70.75 -84.60 75.16
N THR J 197 -70.92 -85.88 74.81
CA THR J 197 -70.91 -87.03 75.76
C THR J 197 -69.47 -87.39 76.19
N THR J 198 -68.48 -87.21 75.31
CA THR J 198 -67.04 -87.49 75.59
C THR J 198 -66.50 -86.36 76.47
N LEU J 199 -65.56 -86.69 77.36
CA LEU J 199 -65.21 -85.86 78.54
C LEU J 199 -64.49 -84.58 78.11
N ASP J 200 -63.27 -84.68 77.58
CA ASP J 200 -62.39 -83.51 77.27
C ASP J 200 -62.32 -83.32 75.75
N ALA J 201 -63.36 -83.68 75.01
CA ALA J 201 -63.36 -83.67 73.53
C ALA J 201 -63.42 -82.23 73.01
N GLU J 202 -64.22 -81.37 73.66
CA GLU J 202 -64.41 -79.93 73.32
C GLU J 202 -63.06 -79.19 73.25
N LYS J 203 -62.06 -79.62 74.03
CA LYS J 203 -60.69 -79.01 74.05
C LYS J 203 -60.01 -79.21 72.70
N VAL J 204 -60.25 -80.35 72.05
CA VAL J 204 -59.54 -80.80 70.82
C VAL J 204 -60.13 -80.09 69.61
N PHE J 205 -61.44 -79.81 69.60
CA PHE J 205 -62.17 -79.15 68.50
C PHE J 205 -62.24 -77.64 68.76
N THR J 206 -61.11 -76.95 68.56
CA THR J 206 -60.90 -75.52 68.92
C THR J 206 -61.80 -74.63 68.08
N GLN J 207 -61.89 -74.89 66.76
CA GLN J 207 -62.80 -74.17 65.82
C GLN J 207 -64.04 -75.03 65.54
N GLY J 208 -64.45 -75.87 66.49
CA GLY J 208 -65.75 -76.57 66.46
C GLY J 208 -65.82 -77.59 65.33
N LEU J 209 -66.96 -78.26 65.21
CA LEU J 209 -67.23 -79.32 64.19
C LEU J 209 -68.66 -79.15 63.68
N ASN J 210 -68.99 -77.94 63.22
CA ASN J 210 -70.29 -77.64 62.57
C ASN J 210 -70.05 -77.79 61.05
N ILE J 211 -70.19 -79.02 60.54
CA ILE J 211 -69.80 -79.37 59.14
C ILE J 211 -70.88 -78.85 58.20
N LEU J 212 -72.17 -78.98 58.57
CA LEU J 212 -73.32 -78.50 57.77
C LEU J 212 -73.16 -77.00 57.49
N GLU J 213 -72.80 -76.22 58.51
CA GLU J 213 -72.44 -74.78 58.40
C GLU J 213 -71.28 -74.58 57.41
N TRP J 214 -70.20 -75.40 57.48
CA TRP J 214 -69.00 -75.27 56.60
C TRP J 214 -69.39 -75.60 55.15
N LEU J 215 -70.34 -76.49 54.97
CA LEU J 215 -70.77 -76.97 53.62
C LEU J 215 -71.62 -75.92 52.92
N GLU J 216 -72.42 -75.14 53.68
CA GLU J 216 -73.24 -74.01 53.13
C GLU J 216 -72.32 -72.85 52.74
N ASN J 217 -71.55 -72.34 53.71
CA ASN J 217 -70.73 -71.11 53.61
C ASN J 217 -69.26 -71.53 53.51
N PRO J 218 -68.65 -71.53 52.31
CA PRO J 218 -67.20 -71.57 52.16
C PRO J 218 -66.40 -70.53 52.97
N SER J 219 -67.06 -69.44 53.40
CA SER J 219 -66.48 -68.38 54.27
C SER J 219 -66.20 -68.94 55.67
N ASN J 220 -67.19 -69.58 56.29
CA ASN J 220 -67.16 -70.08 57.70
C ASN J 220 -66.35 -71.39 57.83
N THR J 221 -66.02 -72.03 56.71
CA THR J 221 -65.06 -73.18 56.61
C THR J 221 -63.71 -72.74 57.20
N PRO J 222 -63.14 -73.48 58.17
CA PRO J 222 -61.79 -73.18 58.67
C PRO J 222 -60.67 -73.36 57.64
N ASP J 223 -59.45 -72.94 58.00
CA ASP J 223 -58.22 -73.13 57.19
C ASP J 223 -57.92 -74.63 57.05
N LYS J 224 -57.22 -75.02 55.98
CA LYS J 224 -56.87 -76.44 55.67
C LYS J 224 -56.16 -77.11 56.84
N ASP J 225 -55.23 -76.42 57.49
CA ASP J 225 -54.40 -76.95 58.59
C ASP J 225 -55.29 -77.49 59.72
N TYR J 226 -56.34 -76.76 60.09
CA TYR J 226 -57.31 -77.18 61.14
C TYR J 226 -58.09 -78.39 60.63
N LEU J 227 -58.55 -78.32 59.38
CA LEU J 227 -59.34 -79.40 58.74
C LEU J 227 -58.50 -80.67 58.65
N LEU J 228 -57.17 -80.56 58.56
CA LEU J 228 -56.32 -81.75 58.39
C LEU J 228 -56.11 -82.44 59.73
N SER J 229 -56.19 -81.72 60.85
CA SER J 229 -55.95 -82.30 62.20
C SER J 229 -56.78 -83.56 62.32
N ILE J 230 -56.21 -84.62 62.88
CA ILE J 230 -56.81 -85.98 62.77
C ILE J 230 -58.17 -86.05 63.44
N PRO J 231 -58.48 -85.25 64.48
CA PRO J 231 -59.78 -85.37 65.14
C PRO J 231 -60.92 -85.12 64.15
N ILE J 232 -60.73 -84.17 63.23
CA ILE J 232 -61.84 -83.81 62.29
C ILE J 232 -61.61 -84.57 60.98
N SER J 233 -60.37 -84.73 60.51
CA SER J 233 -60.02 -85.34 59.20
C SER J 233 -60.33 -86.84 59.19
N CYS J 234 -60.04 -87.56 60.29
CA CYS J 234 -60.33 -89.00 60.39
C CYS J 234 -61.80 -89.24 60.10
N PRO J 235 -62.76 -88.84 60.98
CA PRO J 235 -64.18 -89.18 60.79
C PRO J 235 -64.76 -88.63 59.49
N LEU J 236 -64.28 -87.48 59.02
CA LEU J 236 -64.79 -86.84 57.79
C LEU J 236 -64.35 -87.61 56.56
N ILE J 237 -63.19 -88.23 56.55
CA ILE J 237 -62.80 -89.13 55.42
C ILE J 237 -63.74 -90.33 55.44
N GLY J 238 -64.05 -90.87 56.61
CA GLY J 238 -65.01 -91.98 56.75
C GLY J 238 -66.30 -91.65 56.02
N VAL J 239 -66.89 -90.51 56.37
CA VAL J 239 -68.12 -89.95 55.74
C VAL J 239 -67.93 -89.93 54.21
N ILE J 240 -66.86 -89.31 53.71
CA ILE J 240 -66.63 -89.14 52.25
C ILE J 240 -66.75 -90.48 51.55
N GLN J 241 -66.26 -91.54 52.18
CA GLN J 241 -66.21 -92.92 51.60
C GLN J 241 -67.61 -93.52 51.66
N LEU J 242 -68.17 -93.60 52.87
CA LEU J 242 -69.59 -94.01 53.09
C LEU J 242 -70.50 -93.26 52.09
N ALA J 243 -70.26 -91.98 51.80
CA ALA J 243 -71.08 -91.17 50.86
C ALA J 243 -70.93 -91.69 49.42
N HIS J 244 -69.71 -91.66 48.87
CA HIS J 244 -69.34 -92.29 47.58
C HIS J 244 -69.95 -93.68 47.46
N TYR J 245 -69.91 -94.49 48.52
CA TYR J 245 -70.55 -95.83 48.53
C TYR J 245 -72.05 -95.72 48.29
N VAL J 246 -72.68 -94.71 48.88
CA VAL J 246 -74.17 -94.56 48.87
C VAL J 246 -74.61 -94.07 47.48
N VAL J 247 -73.96 -93.05 46.90
CA VAL J 247 -74.37 -92.63 45.53
C VAL J 247 -74.33 -93.90 44.67
N THR J 248 -73.24 -94.64 44.76
CA THR J 248 -72.99 -95.88 43.98
C THR J 248 -74.20 -96.82 44.12
N ALA J 249 -74.67 -97.09 45.33
CA ALA J 249 -75.82 -97.99 45.60
C ALA J 249 -77.11 -97.43 45.00
N LYS J 250 -77.38 -96.13 45.17
CA LYS J 250 -78.68 -95.51 44.80
C LYS J 250 -78.74 -95.33 43.27
N LEU J 251 -77.67 -94.84 42.65
CA LEU J 251 -77.59 -94.67 41.17
C LEU J 251 -77.56 -96.02 40.44
N LEU J 252 -77.41 -97.13 41.15
CA LEU J 252 -77.66 -98.49 40.63
C LEU J 252 -79.04 -98.99 41.07
N GLY J 253 -79.60 -98.44 42.14
CA GLY J 253 -80.90 -98.87 42.69
C GLY J 253 -80.75 -100.13 43.53
N PHE J 254 -79.54 -100.41 44.00
CA PHE J 254 -79.23 -101.48 44.97
C PHE J 254 -79.41 -100.96 46.40
N THR J 255 -79.80 -101.86 47.30
CA THR J 255 -79.72 -101.66 48.77
C THR J 255 -78.25 -101.87 49.16
N PRO J 256 -77.72 -101.22 50.23
CA PRO J 256 -76.29 -101.32 50.53
C PRO J 256 -75.80 -102.76 50.78
N GLY J 257 -76.69 -103.66 51.22
CA GLY J 257 -76.42 -105.11 51.34
C GLY J 257 -76.30 -105.79 49.98
N GLU J 258 -77.06 -105.35 48.98
CA GLU J 258 -77.06 -105.93 47.61
C GLU J 258 -75.77 -105.55 46.90
N LEU J 259 -75.31 -104.30 47.04
CA LEU J 259 -74.01 -103.81 46.51
C LEU J 259 -72.88 -104.64 47.12
N ARG J 260 -72.97 -104.90 48.43
CA ARG J 260 -72.00 -105.69 49.22
C ARG J 260 -71.98 -107.13 48.71
N SER J 261 -73.12 -107.72 48.35
CA SER J 261 -73.23 -109.14 47.92
C SER J 261 -72.48 -109.37 46.59
N TYR J 262 -72.34 -108.35 45.75
CA TYR J 262 -71.61 -108.42 44.45
C TYR J 262 -70.11 -108.18 44.63
N LEU J 263 -69.68 -107.66 45.78
CA LEU J 263 -68.24 -107.62 46.16
C LEU J 263 -67.81 -109.05 46.52
N LYS J 264 -66.59 -109.42 46.13
CA LYS J 264 -66.00 -110.73 46.53
C LYS J 264 -65.36 -110.52 47.90
N GLY J 265 -64.59 -109.44 48.04
CA GLY J 265 -63.99 -108.99 49.31
C GLY J 265 -63.84 -107.48 49.36
N ALA J 266 -63.58 -106.94 50.55
CA ALA J 266 -63.34 -105.50 50.78
C ALA J 266 -62.11 -105.34 51.68
N THR J 267 -61.41 -104.23 51.53
CA THR J 267 -60.23 -103.87 52.36
C THR J 267 -59.90 -102.39 52.19
N GLY J 268 -59.08 -101.87 53.10
CA GLY J 268 -58.72 -100.45 53.14
C GLY J 268 -57.28 -100.27 53.57
N HIS J 269 -56.68 -99.19 53.07
CA HIS J 269 -55.35 -98.68 53.43
C HIS J 269 -55.52 -97.81 54.65
N SER J 270 -54.72 -98.05 55.70
CA SER J 270 -54.68 -97.21 56.93
C SER J 270 -56.06 -97.24 57.62
N GLN J 271 -56.75 -96.09 57.74
CA GLN J 271 -58.05 -95.92 58.43
C GLN J 271 -59.22 -96.39 57.55
N GLY J 272 -59.04 -96.39 56.22
CA GLY J 272 -59.99 -96.96 55.26
C GLY J 272 -60.45 -98.36 55.64
N LEU J 273 -59.69 -99.03 56.51
CA LEU J 273 -59.98 -100.40 57.00
C LEU J 273 -61.26 -100.40 57.84
N VAL J 274 -61.71 -99.25 58.32
CA VAL J 274 -62.92 -99.17 59.18
C VAL J 274 -64.16 -99.06 58.32
N THR J 275 -64.15 -98.20 57.29
CA THR J 275 -65.31 -98.08 56.37
C THR J 275 -65.52 -99.46 55.75
N ALA J 276 -64.45 -100.17 55.41
CA ALA J 276 -64.49 -101.51 54.76
C ALA J 276 -65.30 -102.48 55.62
N VAL J 277 -64.99 -102.60 56.91
CA VAL J 277 -65.68 -103.57 57.82
C VAL J 277 -67.12 -103.11 58.09
N ALA J 278 -67.46 -101.84 57.89
CA ALA J 278 -68.83 -101.30 58.10
C ALA J 278 -69.73 -101.68 56.91
N ILE J 279 -69.21 -101.49 55.69
CA ILE J 279 -69.80 -101.99 54.40
C ILE J 279 -70.11 -103.49 54.53
N ALA J 280 -69.14 -104.29 54.94
CA ALA J 280 -69.27 -105.76 55.06
C ALA J 280 -70.45 -106.17 55.95
N GLU J 281 -70.90 -105.32 56.89
CA GLU J 281 -72.03 -105.62 57.80
C GLU J 281 -73.39 -105.31 57.15
N THR J 282 -73.43 -104.25 56.33
CA THR J 282 -74.70 -103.55 55.98
C THR J 282 -75.65 -104.49 55.22
N ASP J 283 -76.95 -104.22 55.30
CA ASP J 283 -78.08 -105.04 54.79
C ASP J 283 -79.05 -104.14 54.02
N SER J 284 -79.97 -103.44 54.71
CA SER J 284 -81.06 -102.61 54.14
C SER J 284 -80.75 -101.12 54.32
N TRP J 285 -81.58 -100.23 53.76
CA TRP J 285 -81.47 -98.76 53.94
C TRP J 285 -81.86 -98.35 55.36
N GLU J 286 -82.57 -99.20 56.11
CA GLU J 286 -83.01 -98.91 57.49
C GLU J 286 -81.81 -99.10 58.41
N SER J 287 -81.25 -100.31 58.45
CA SER J 287 -80.14 -100.69 59.37
C SER J 287 -78.78 -100.23 58.80
N PHE J 288 -78.75 -99.29 57.85
CA PHE J 288 -77.48 -98.71 57.33
C PHE J 288 -76.91 -97.73 58.36
N PHE J 289 -77.78 -96.88 58.92
CA PHE J 289 -77.37 -95.80 59.84
C PHE J 289 -76.85 -96.38 61.16
N VAL J 290 -77.01 -97.68 61.48
CA VAL J 290 -76.36 -98.31 62.67
C VAL J 290 -74.94 -98.76 62.31
N SER J 291 -74.68 -99.07 61.04
CA SER J 291 -73.31 -99.32 60.51
C SER J 291 -72.53 -98.00 60.46
N VAL J 292 -73.12 -96.95 59.87
CA VAL J 292 -72.48 -95.60 59.74
C VAL J 292 -72.20 -95.01 61.13
N ARG J 293 -73.05 -95.27 62.15
CA ARG J 293 -72.75 -94.86 63.55
C ARG J 293 -71.45 -95.55 64.00
N LYS J 294 -71.37 -96.87 63.78
CA LYS J 294 -70.19 -97.71 64.15
C LYS J 294 -68.94 -97.22 63.41
N ALA J 295 -69.05 -96.84 62.14
CA ALA J 295 -67.87 -96.45 61.32
C ALA J 295 -67.28 -95.17 61.88
N ILE J 296 -68.11 -94.14 62.07
CA ILE J 296 -67.62 -92.77 62.34
C ILE J 296 -67.41 -92.59 63.85
N THR J 297 -68.06 -93.38 64.70
CA THR J 297 -67.72 -93.37 66.15
C THR J 297 -66.26 -93.81 66.29
N VAL J 298 -65.86 -94.93 65.67
CA VAL J 298 -64.47 -95.48 65.73
C VAL J 298 -63.47 -94.45 65.18
N LEU J 299 -63.77 -93.86 64.03
CA LEU J 299 -62.87 -92.89 63.36
C LEU J 299 -62.79 -91.60 64.19
N PHE J 300 -63.81 -91.30 65.01
CA PHE J 300 -63.83 -90.14 65.93
C PHE J 300 -62.83 -90.40 67.07
N PHE J 301 -62.97 -91.55 67.75
CA PHE J 301 -62.11 -91.92 68.91
C PHE J 301 -60.67 -92.17 68.50
N ILE J 302 -60.41 -92.57 67.26
CA ILE J 302 -59.02 -92.72 66.72
C ILE J 302 -58.40 -91.33 66.65
N GLY J 303 -59.04 -90.40 65.95
CA GLY J 303 -58.52 -89.03 65.74
C GLY J 303 -58.55 -88.18 67.01
N VAL J 304 -59.36 -88.54 68.01
CA VAL J 304 -59.40 -87.79 69.30
C VAL J 304 -58.28 -88.33 70.18
N ARG J 305 -58.30 -89.63 70.51
CA ARG J 305 -57.31 -90.25 71.44
C ARG J 305 -55.90 -90.31 70.85
N CYS J 306 -55.73 -90.20 69.53
CA CYS J 306 -54.40 -90.19 68.86
C CYS J 306 -53.82 -88.79 68.81
N TYR J 307 -54.66 -87.76 68.71
CA TYR J 307 -54.22 -86.34 68.76
C TYR J 307 -53.69 -86.07 70.16
N GLU J 308 -54.37 -86.58 71.17
CA GLU J 308 -53.97 -86.46 72.60
C GLU J 308 -52.59 -87.09 72.80
N ALA J 309 -52.36 -88.26 72.20
CA ALA J 309 -51.19 -89.11 72.49
C ALA J 309 -49.91 -88.51 71.88
N TYR J 310 -49.99 -87.95 70.68
CA TYR J 310 -48.86 -87.22 70.02
C TYR J 310 -49.39 -86.07 69.18
N PRO J 311 -49.66 -84.88 69.79
CA PRO J 311 -50.13 -83.69 69.06
C PRO J 311 -49.04 -82.93 68.30
N ASN J 312 -49.38 -82.37 67.13
CA ASN J 312 -48.41 -81.64 66.27
C ASN J 312 -48.11 -80.30 66.93
N THR J 313 -46.82 -79.92 66.98
CA THR J 313 -46.30 -78.66 67.57
C THR J 313 -45.56 -77.87 66.49
N SER J 314 -45.09 -76.68 66.84
CA SER J 314 -44.45 -75.73 65.92
C SER J 314 -43.13 -76.32 65.43
N LEU J 315 -42.88 -76.22 64.12
CA LEU J 315 -41.52 -76.48 63.57
C LEU J 315 -40.65 -75.28 63.91
N PRO J 316 -39.39 -75.48 64.34
CA PRO J 316 -38.37 -74.47 64.17
C PRO J 316 -38.40 -73.89 62.76
N PRO J 317 -38.59 -72.56 62.58
CA PRO J 317 -38.62 -71.96 61.26
C PRO J 317 -37.33 -72.05 60.43
N SER J 318 -36.17 -72.25 61.08
CA SER J 318 -34.89 -72.56 60.40
C SER J 318 -35.12 -73.75 59.47
N ILE J 319 -35.62 -74.85 60.07
CA ILE J 319 -35.94 -76.16 59.43
C ILE J 319 -36.95 -75.96 58.30
N LEU J 320 -38.05 -75.29 58.59
CA LEU J 320 -39.18 -75.13 57.64
C LEU J 320 -38.67 -74.45 56.36
N GLU J 321 -37.75 -73.50 56.50
CA GLU J 321 -37.17 -72.67 55.41
C GLU J 321 -36.09 -73.46 54.67
N ASP J 322 -35.36 -74.32 55.37
CA ASP J 322 -34.32 -75.22 54.79
C ASP J 322 -35.00 -76.21 53.84
N SER J 323 -36.05 -76.90 54.31
CA SER J 323 -36.86 -77.88 53.54
C SER J 323 -37.53 -77.23 52.32
N LEU J 324 -37.88 -75.94 52.35
CA LEU J 324 -38.59 -75.27 51.23
C LEU J 324 -37.62 -74.77 50.17
N GLU J 325 -36.33 -74.56 50.50
CA GLU J 325 -35.31 -74.15 49.50
C GLU J 325 -34.68 -75.38 48.82
N ASN J 326 -34.92 -76.60 49.33
CA ASN J 326 -34.45 -77.88 48.74
C ASN J 326 -35.60 -78.67 48.10
N ASN J 327 -36.78 -78.06 47.94
CA ASN J 327 -37.97 -78.61 47.22
C ASN J 327 -38.54 -79.86 47.89
N GLU J 328 -37.99 -80.28 49.04
CA GLU J 328 -38.71 -81.15 50.02
C GLU J 328 -39.98 -80.39 50.43
N GLY J 329 -40.93 -81.05 51.07
CA GLY J 329 -42.22 -80.40 51.36
C GLY J 329 -42.14 -79.46 52.56
N VAL J 330 -43.28 -79.24 53.18
CA VAL J 330 -43.41 -78.83 54.61
C VAL J 330 -43.27 -80.10 55.44
N PRO J 331 -42.36 -80.20 56.43
CA PRO J 331 -42.24 -81.42 57.21
C PRO J 331 -43.55 -81.80 57.86
N SER J 332 -43.70 -83.09 58.13
CA SER J 332 -44.93 -83.74 58.64
C SER J 332 -44.49 -85.02 59.32
N PRO J 333 -45.37 -85.72 60.03
CA PRO J 333 -44.99 -86.98 60.66
C PRO J 333 -44.96 -88.18 59.69
N MET J 334 -45.21 -87.99 58.38
CA MET J 334 -45.17 -89.10 57.39
C MET J 334 -44.43 -88.69 56.11
N LEU J 335 -43.21 -89.22 55.96
CA LEU J 335 -42.26 -89.02 54.83
C LEU J 335 -42.37 -90.19 53.86
N SER J 336 -42.68 -89.92 52.58
CA SER J 336 -42.82 -90.93 51.49
C SER J 336 -41.54 -90.96 50.66
N ILE J 337 -41.02 -92.15 50.36
CA ILE J 337 -39.74 -92.36 49.61
C ILE J 337 -40.01 -93.28 48.41
N SER J 338 -40.14 -92.69 47.21
CA SER J 338 -40.23 -93.41 45.90
C SER J 338 -38.85 -93.96 45.51
N ASN J 339 -38.78 -95.17 44.95
CA ASN J 339 -37.73 -95.68 44.02
C ASN J 339 -36.54 -96.27 44.80
N LEU J 340 -36.78 -96.87 45.96
CA LEU J 340 -35.76 -97.37 46.91
C LEU J 340 -36.33 -98.58 47.64
N THR J 341 -35.73 -99.76 47.52
CA THR J 341 -36.24 -101.03 48.10
C THR J 341 -36.41 -100.88 49.62
N GLN J 342 -37.32 -101.62 50.23
CA GLN J 342 -37.53 -101.65 51.71
C GLN J 342 -36.21 -101.97 52.43
N GLU J 343 -35.31 -102.73 51.79
CA GLU J 343 -34.00 -103.10 52.38
C GLU J 343 -33.03 -101.92 52.30
N GLN J 344 -33.11 -101.07 51.27
CA GLN J 344 -32.28 -99.83 51.14
C GLN J 344 -32.73 -98.80 52.19
N VAL J 345 -34.03 -98.56 52.31
CA VAL J 345 -34.63 -97.56 53.24
C VAL J 345 -34.36 -97.95 54.69
N GLN J 346 -34.49 -99.23 55.03
CA GLN J 346 -34.38 -99.71 56.43
C GLN J 346 -32.91 -99.57 56.89
N ASP J 347 -31.94 -99.46 55.98
CA ASP J 347 -30.54 -99.06 56.32
C ASP J 347 -30.54 -97.62 56.81
N TYR J 348 -30.99 -96.67 55.98
CA TYR J 348 -31.02 -95.21 56.26
C TYR J 348 -31.81 -94.91 57.54
N VAL J 349 -32.76 -95.74 57.99
CA VAL J 349 -33.47 -95.51 59.30
C VAL J 349 -32.68 -96.16 60.44
N ASN J 350 -31.89 -97.21 60.20
CA ASN J 350 -31.05 -97.81 61.27
C ASN J 350 -29.90 -96.86 61.60
N LYS J 351 -29.34 -96.19 60.59
CA LYS J 351 -28.40 -95.05 60.75
C LYS J 351 -29.06 -94.01 61.66
N THR J 352 -30.16 -93.40 61.20
CA THR J 352 -30.86 -92.26 61.86
C THR J 352 -31.30 -92.65 63.28
N ASN J 353 -31.83 -93.86 63.50
CA ASN J 353 -32.34 -94.32 64.82
C ASN J 353 -31.21 -94.87 65.71
N SER J 354 -29.96 -94.92 65.23
CA SER J 354 -28.79 -95.23 66.10
C SER J 354 -28.62 -94.11 67.13
N HIS J 355 -28.68 -92.86 66.65
CA HIS J 355 -28.33 -91.60 67.37
C HIS J 355 -29.48 -91.14 68.27
N LEU J 356 -30.71 -91.15 67.76
CA LEU J 356 -31.93 -90.67 68.47
C LEU J 356 -32.23 -91.58 69.66
N PRO J 357 -32.86 -91.04 70.74
CA PRO J 357 -33.37 -91.88 71.84
C PRO J 357 -34.71 -92.52 71.48
N ALA J 358 -35.17 -93.48 72.30
CA ALA J 358 -36.33 -94.38 72.02
C ALA J 358 -37.54 -93.61 71.47
N GLY J 359 -38.05 -92.64 72.22
CA GLY J 359 -39.33 -91.94 71.93
C GLY J 359 -39.18 -90.77 70.97
N LYS J 360 -38.17 -90.82 70.08
CA LYS J 360 -38.01 -89.86 68.96
C LYS J 360 -37.61 -90.59 67.68
N GLN J 361 -37.75 -91.92 67.64
CA GLN J 361 -37.24 -92.81 66.55
C GLN J 361 -38.28 -92.88 65.45
N VAL J 362 -37.83 -93.14 64.22
CA VAL J 362 -38.70 -93.30 63.03
C VAL J 362 -38.81 -94.79 62.71
N GLU J 363 -39.79 -95.16 61.88
CA GLU J 363 -40.00 -96.55 61.39
C GLU J 363 -40.74 -96.53 60.05
N ILE J 364 -40.49 -97.54 59.22
CA ILE J 364 -41.31 -97.86 58.02
C ILE J 364 -42.70 -98.22 58.52
N SER J 365 -43.73 -97.60 57.94
CA SER J 365 -45.14 -97.64 58.36
C SER J 365 -46.01 -98.22 57.25
N LEU J 366 -45.98 -97.59 56.07
CA LEU J 366 -46.63 -98.13 54.85
C LEU J 366 -45.54 -98.68 53.94
N VAL J 367 -45.69 -99.94 53.52
CA VAL J 367 -44.99 -100.58 52.36
C VAL J 367 -45.99 -100.67 51.21
N ASN J 368 -46.09 -99.61 50.41
CA ASN J 368 -47.15 -99.47 49.39
C ASN J 368 -46.79 -100.33 48.17
N GLY J 369 -45.54 -100.24 47.70
CA GLY J 369 -45.02 -101.03 46.57
C GLY J 369 -43.70 -101.66 46.93
N ALA J 370 -43.05 -102.28 45.94
CA ALA J 370 -41.66 -102.80 46.01
C ALA J 370 -40.72 -101.64 46.36
N LYS J 371 -40.89 -100.53 45.65
CA LYS J 371 -40.09 -99.29 45.76
C LYS J 371 -41.01 -98.08 45.95
N ASN J 372 -41.84 -98.10 47.00
CA ASN J 372 -42.76 -96.97 47.33
C ASN J 372 -43.10 -97.12 48.82
N LEU J 373 -42.31 -96.47 49.68
CA LEU J 373 -42.40 -96.63 51.16
C LEU J 373 -42.72 -95.30 51.82
N VAL J 374 -43.26 -95.39 53.04
CA VAL J 374 -43.59 -94.23 53.90
C VAL J 374 -43.01 -94.49 55.28
N VAL J 375 -42.27 -93.50 55.81
CA VAL J 375 -41.65 -93.53 57.17
C VAL J 375 -42.44 -92.58 58.07
N SER J 376 -42.81 -93.05 59.25
CA SER J 376 -43.63 -92.33 60.27
C SER J 376 -42.81 -92.08 61.52
N GLY J 377 -42.78 -90.84 61.96
CA GLY J 377 -42.31 -90.47 63.30
C GLY J 377 -42.29 -88.96 63.45
N PRO J 378 -41.56 -88.44 64.46
CA PRO J 378 -41.54 -87.00 64.73
C PRO J 378 -40.99 -86.16 63.59
N PRO J 379 -41.70 -85.13 63.11
CA PRO J 379 -41.24 -84.37 61.95
C PRO J 379 -39.78 -83.91 62.02
N GLN J 380 -39.26 -83.59 63.22
CA GLN J 380 -37.81 -83.34 63.51
C GLN J 380 -36.98 -84.53 63.01
N SER J 381 -37.24 -85.71 63.57
CA SER J 381 -36.57 -87.00 63.27
C SER J 381 -36.62 -87.32 61.75
N LEU J 382 -37.75 -87.13 61.09
CA LEU J 382 -37.90 -87.36 59.63
C LEU J 382 -37.24 -86.24 58.84
N TYR J 383 -36.94 -85.11 59.46
CA TYR J 383 -36.09 -84.08 58.82
C TYR J 383 -34.63 -84.53 58.97
N GLY J 384 -34.30 -85.25 60.05
CA GLY J 384 -32.99 -85.88 60.23
C GLY J 384 -32.69 -86.83 59.09
N LEU J 385 -33.62 -87.76 58.86
CA LEU J 385 -33.57 -88.75 57.76
C LEU J 385 -33.39 -88.02 56.43
N ASN J 386 -34.16 -86.98 56.16
CA ASN J 386 -34.17 -86.28 54.86
C ASN J 386 -32.78 -85.75 54.50
N LEU J 387 -32.00 -85.29 55.50
CA LEU J 387 -30.64 -84.72 55.29
C LEU J 387 -29.69 -85.87 54.91
N THR J 388 -29.74 -86.97 55.67
CA THR J 388 -29.06 -88.26 55.36
C THR J 388 -29.33 -88.71 53.91
N LEU J 389 -30.51 -88.45 53.36
CA LEU J 389 -30.89 -88.83 51.96
C LEU J 389 -30.32 -87.82 50.95
N ARG J 390 -30.28 -86.52 51.24
CA ARG J 390 -29.76 -85.47 50.31
C ARG J 390 -28.30 -85.77 49.96
N LYS J 391 -27.53 -86.32 50.90
CA LYS J 391 -26.18 -86.91 50.66
C LYS J 391 -26.27 -87.91 49.51
N ALA J 392 -26.95 -89.04 49.75
CA ALA J 392 -26.95 -90.25 48.89
C ALA J 392 -27.51 -89.93 47.50
N LYS J 393 -28.56 -89.13 47.39
CA LYS J 393 -29.29 -88.92 46.12
C LYS J 393 -28.47 -88.02 45.19
N ALA J 394 -28.67 -88.18 43.88
CA ALA J 394 -27.96 -87.45 42.81
C ALA J 394 -28.93 -86.51 42.12
N PRO J 395 -28.48 -85.30 41.71
CA PRO J 395 -29.34 -84.34 41.00
C PRO J 395 -30.14 -84.99 39.86
N SER J 396 -31.45 -84.68 39.76
CA SER J 396 -32.39 -85.19 38.71
C SER J 396 -31.96 -84.72 37.31
N GLY J 397 -31.26 -83.58 37.23
CA GLY J 397 -30.50 -83.12 36.04
C GLY J 397 -29.01 -83.41 36.20
N LEU J 398 -28.59 -84.68 36.04
CA LEU J 398 -27.16 -85.12 36.02
C LEU J 398 -26.79 -85.72 34.66
N ASP J 399 -27.67 -86.54 34.06
CA ASP J 399 -27.43 -87.28 32.79
C ASP J 399 -26.28 -88.28 33.00
N GLN J 400 -26.64 -89.51 33.38
CA GLN J 400 -25.72 -90.65 33.58
C GLN J 400 -25.91 -91.68 32.45
N SER J 401 -26.18 -91.22 31.22
CA SER J 401 -26.40 -92.09 30.03
C SER J 401 -25.06 -92.53 29.43
N ARG J 402 -23.97 -91.99 29.93
CA ARG J 402 -22.57 -92.11 29.43
C ARG J 402 -21.76 -92.98 30.39
N ILE J 403 -22.33 -93.29 31.56
CA ILE J 403 -21.67 -93.96 32.72
C ILE J 403 -22.11 -95.42 32.68
N PRO J 404 -21.22 -96.41 32.90
CA PRO J 404 -21.64 -97.80 32.97
C PRO J 404 -22.76 -97.97 34.02
N PHE J 405 -23.74 -98.82 33.74
CA PHE J 405 -25.01 -98.95 34.51
C PHE J 405 -24.74 -99.03 36.02
N SER J 406 -23.97 -100.03 36.46
CA SER J 406 -23.78 -100.40 37.88
C SER J 406 -22.81 -99.46 38.61
N GLU J 407 -22.40 -98.34 37.99
CA GLU J 407 -21.62 -97.24 38.62
C GLU J 407 -22.46 -95.95 38.69
N ARG J 408 -23.77 -96.04 38.47
CA ARG J 408 -24.66 -94.86 38.45
C ARG J 408 -25.18 -94.59 39.86
N LYS J 409 -25.40 -93.33 40.19
CA LYS J 409 -26.01 -92.90 41.47
C LYS J 409 -27.50 -93.24 41.44
N LEU J 410 -28.05 -93.64 42.60
CA LEU J 410 -29.49 -93.88 42.81
C LEU J 410 -30.23 -92.55 42.66
N LYS J 411 -31.21 -92.49 41.76
CA LYS J 411 -32.18 -91.37 41.63
C LYS J 411 -33.44 -91.75 42.41
N PHE J 412 -33.93 -90.89 43.30
CA PHE J 412 -35.12 -91.19 44.14
C PHE J 412 -35.72 -89.93 44.75
N SER J 413 -37.05 -89.92 44.89
CA SER J 413 -37.89 -88.79 45.34
C SER J 413 -38.31 -89.02 46.79
N ASN J 414 -38.12 -88.02 47.67
CA ASN J 414 -38.56 -88.06 49.08
C ASN J 414 -39.33 -86.78 49.36
N ARG J 415 -40.53 -86.94 49.89
CA ARG J 415 -41.66 -85.99 49.74
C ARG J 415 -42.51 -86.21 50.98
N PHE J 416 -42.79 -85.15 51.73
CA PHE J 416 -43.62 -85.23 52.95
C PHE J 416 -45.09 -85.33 52.53
N LEU J 417 -45.85 -86.15 53.24
CA LEU J 417 -47.30 -86.29 53.01
C LEU J 417 -48.02 -85.11 53.66
N PRO J 418 -49.26 -84.81 53.21
CA PRO J 418 -50.22 -84.02 53.98
C PRO J 418 -51.04 -84.86 54.98
N VAL J 419 -50.46 -85.15 56.14
CA VAL J 419 -51.18 -85.64 57.35
C VAL J 419 -50.71 -84.80 58.55
N ALA J 420 -51.24 -85.11 59.71
CA ALA J 420 -50.98 -84.37 60.96
C ALA J 420 -50.48 -85.31 62.07
N SER J 421 -50.78 -86.61 62.02
CA SER J 421 -50.30 -87.60 63.02
C SER J 421 -49.29 -88.55 62.39
N PRO J 422 -48.45 -89.21 63.22
CA PRO J 422 -47.65 -90.34 62.76
C PRO J 422 -48.41 -91.65 62.93
N PHE J 423 -49.14 -92.07 61.89
CA PHE J 423 -49.93 -93.33 61.91
C PHE J 423 -48.99 -94.53 61.83
N HIS J 424 -49.44 -95.68 62.34
CA HIS J 424 -48.72 -96.97 62.26
C HIS J 424 -47.35 -96.83 62.94
N SER J 425 -47.26 -96.07 64.04
CA SER J 425 -45.99 -95.79 64.74
C SER J 425 -46.10 -96.23 66.21
N HIS J 426 -44.98 -96.18 66.94
CA HIS J 426 -44.89 -96.52 68.39
C HIS J 426 -45.38 -95.32 69.26
N LEU J 427 -45.40 -94.12 68.69
CA LEU J 427 -45.85 -92.85 69.32
C LEU J 427 -47.35 -92.90 69.64
N LEU J 428 -48.14 -93.69 68.92
CA LEU J 428 -49.61 -93.75 69.08
C LEU J 428 -50.01 -94.93 69.96
N VAL J 429 -49.07 -95.78 70.39
CA VAL J 429 -49.36 -96.99 71.23
C VAL J 429 -50.11 -96.59 72.51
N PRO J 430 -49.78 -95.48 73.21
CA PRO J 430 -50.51 -95.08 74.42
C PRO J 430 -52.03 -95.01 74.22
N ALA J 431 -52.47 -94.59 73.03
CA ALA J 431 -53.90 -94.43 72.62
C ALA J 431 -54.62 -95.77 72.55
N SER J 432 -53.92 -96.85 72.24
CA SER J 432 -54.51 -98.16 71.85
C SER J 432 -55.46 -98.62 72.96
N ASP J 433 -54.97 -98.66 74.20
CA ASP J 433 -55.75 -99.06 75.40
C ASP J 433 -56.98 -98.17 75.57
N LEU J 434 -56.84 -96.85 75.43
CA LEU J 434 -57.93 -95.86 75.66
C LEU J 434 -59.06 -96.04 74.63
N ILE J 435 -58.73 -96.22 73.34
CA ILE J 435 -59.72 -96.40 72.23
C ILE J 435 -60.54 -97.68 72.46
N ASN J 436 -59.91 -98.78 72.89
CA ASN J 436 -60.64 -100.06 73.11
C ASN J 436 -61.71 -99.87 74.19
N LYS J 437 -61.43 -99.04 75.21
CA LYS J 437 -62.32 -98.77 76.38
C LYS J 437 -63.39 -97.73 76.01
N ASP J 438 -63.08 -96.77 75.14
CA ASP J 438 -64.01 -95.72 74.66
C ASP J 438 -64.99 -96.27 73.61
N LEU J 439 -64.77 -97.51 73.13
CA LEU J 439 -65.67 -98.22 72.17
C LEU J 439 -66.54 -99.24 72.91
N VAL J 440 -66.09 -99.80 74.03
CA VAL J 440 -66.93 -100.71 74.88
C VAL J 440 -67.98 -99.85 75.61
N LYS J 441 -67.66 -98.57 75.87
CA LYS J 441 -68.61 -97.60 76.47
C LYS J 441 -69.71 -97.27 75.46
N ASN J 442 -69.32 -96.74 74.29
CA ASN J 442 -70.25 -96.25 73.23
C ASN J 442 -70.89 -97.42 72.47
N ASN J 443 -70.57 -98.67 72.87
CA ASN J 443 -71.30 -99.91 72.49
C ASN J 443 -71.13 -100.14 70.97
N VAL J 444 -69.92 -100.53 70.56
CA VAL J 444 -69.44 -100.56 69.14
C VAL J 444 -68.50 -101.76 68.95
N SER J 445 -69.05 -102.95 68.90
CA SER J 445 -68.33 -104.16 68.46
C SER J 445 -68.71 -104.43 67.00
N PHE J 446 -67.86 -105.18 66.31
CA PHE J 446 -68.13 -105.82 65.01
C PHE J 446 -68.02 -107.33 65.21
N ASN J 447 -69.15 -108.05 65.21
CA ASN J 447 -69.15 -109.53 65.32
C ASN J 447 -68.78 -110.14 63.96
N ALA J 448 -68.12 -111.31 63.99
CA ALA J 448 -67.69 -112.07 62.80
C ALA J 448 -68.90 -112.51 61.97
N LYS J 449 -70.00 -112.92 62.63
CA LYS J 449 -71.23 -113.42 61.95
C LYS J 449 -71.82 -112.32 61.06
N ASP J 450 -71.85 -111.09 61.56
CA ASP J 450 -72.52 -109.93 60.92
C ASP J 450 -71.79 -109.53 59.63
N ILE J 451 -70.48 -109.78 59.52
CA ILE J 451 -69.66 -109.36 58.33
C ILE J 451 -69.66 -110.50 57.30
N GLN J 452 -70.32 -110.25 56.16
CA GLN J 452 -70.81 -111.28 55.20
C GLN J 452 -69.91 -111.37 53.96
N ILE J 453 -68.77 -110.67 53.95
CA ILE J 453 -67.69 -110.84 52.92
C ILE J 453 -66.34 -110.79 53.62
N PRO J 454 -65.29 -111.42 53.04
CA PRO J 454 -63.95 -111.33 53.61
C PRO J 454 -63.42 -109.90 53.58
N VAL J 455 -63.04 -109.37 54.76
CA VAL J 455 -62.31 -108.07 54.91
C VAL J 455 -60.85 -108.38 55.17
N TYR J 456 -59.95 -107.82 54.36
CA TYR J 456 -58.54 -108.26 54.27
C TYR J 456 -57.71 -107.37 55.18
N ASP J 457 -57.20 -107.96 56.27
CA ASP J 457 -56.33 -107.32 57.29
C ASP J 457 -55.14 -106.67 56.59
N THR J 458 -54.76 -105.47 57.03
CA THR J 458 -53.80 -104.57 56.32
C THR J 458 -52.34 -104.94 56.68
N PHE J 459 -52.07 -105.94 57.53
CA PHE J 459 -50.72 -106.35 57.99
C PHE J 459 -50.33 -107.72 57.40
N ASP J 460 -51.17 -108.74 57.62
CA ASP J 460 -50.97 -110.13 57.13
C ASP J 460 -51.51 -110.24 55.70
N GLY J 461 -52.78 -109.88 55.51
CA GLY J 461 -53.61 -110.19 54.33
C GLY J 461 -54.64 -111.26 54.64
N SER J 462 -54.63 -111.81 55.87
CA SER J 462 -55.61 -112.80 56.39
C SER J 462 -56.97 -112.14 56.53
N ASP J 463 -58.04 -112.93 56.43
CA ASP J 463 -59.44 -112.47 56.63
C ASP J 463 -59.65 -112.13 58.11
N LEU J 464 -60.35 -111.03 58.42
CA LEU J 464 -60.66 -110.56 59.80
C LEU J 464 -61.76 -111.42 60.43
N ARG J 465 -62.51 -112.19 59.64
CA ARG J 465 -63.65 -113.02 60.10
C ARG J 465 -63.17 -114.24 60.88
N VAL J 466 -61.87 -114.53 60.80
CA VAL J 466 -61.23 -115.79 61.30
C VAL J 466 -60.76 -115.59 62.75
N LEU J 467 -60.32 -114.37 63.12
CA LEU J 467 -59.72 -114.04 64.45
C LEU J 467 -60.56 -114.60 65.61
N SER J 468 -59.88 -115.07 66.66
CA SER J 468 -60.48 -115.59 67.92
C SER J 468 -60.99 -114.42 68.79
N GLY J 469 -60.22 -113.32 68.86
CA GLY J 469 -60.49 -112.18 69.76
C GLY J 469 -61.44 -111.17 69.13
N SER J 470 -61.30 -109.90 69.52
CA SER J 470 -62.09 -108.75 69.00
C SER J 470 -61.57 -108.38 67.61
N ILE J 471 -62.49 -108.08 66.70
CA ILE J 471 -62.20 -107.50 65.34
C ILE J 471 -61.99 -105.99 65.51
N SER J 472 -62.84 -105.33 66.30
CA SER J 472 -62.72 -103.90 66.71
C SER J 472 -61.32 -103.61 67.24
N GLU J 473 -60.82 -104.40 68.21
CA GLU J 473 -59.45 -104.27 68.79
C GLU J 473 -58.41 -104.30 67.67
N ARG J 474 -58.43 -105.35 66.84
CA ARG J 474 -57.41 -105.62 65.81
C ARG J 474 -57.25 -104.39 64.93
N ILE J 475 -58.37 -103.90 64.40
CA ILE J 475 -58.47 -102.78 63.41
C ILE J 475 -57.80 -101.52 63.98
N VAL J 476 -57.93 -101.27 65.28
CA VAL J 476 -57.25 -100.15 66.01
C VAL J 476 -55.73 -100.37 65.95
N ASP J 477 -55.24 -101.57 66.32
CA ASP J 477 -53.79 -101.92 66.27
C ASP J 477 -53.25 -101.77 64.84
N CYS J 478 -54.08 -102.07 63.82
CA CYS J 478 -53.70 -102.01 62.38
C CYS J 478 -53.55 -100.57 61.89
N ILE J 479 -54.03 -99.58 62.64
CA ILE J 479 -53.97 -98.13 62.30
C ILE J 479 -53.01 -97.41 63.26
N ILE J 480 -53.10 -97.73 64.56
CA ILE J 480 -52.21 -97.19 65.63
C ILE J 480 -50.81 -97.76 65.41
N ARG J 481 -50.62 -99.05 65.71
CA ARG J 481 -49.28 -99.66 65.91
C ARG J 481 -48.76 -100.18 64.56
N LEU J 482 -49.40 -101.22 64.03
CA LEU J 482 -48.77 -102.16 63.05
C LEU J 482 -48.54 -101.46 61.72
N PRO J 483 -47.54 -101.89 60.93
CA PRO J 483 -47.33 -101.35 59.59
C PRO J 483 -48.39 -101.87 58.61
N VAL J 484 -48.32 -101.37 57.36
CA VAL J 484 -49.29 -101.68 56.28
C VAL J 484 -48.52 -102.27 55.11
N LYS J 485 -48.71 -103.57 54.88
CA LYS J 485 -48.03 -104.32 53.79
C LYS J 485 -49.03 -104.48 52.65
N TRP J 486 -49.19 -103.43 51.84
CA TRP J 486 -50.27 -103.30 50.83
C TRP J 486 -50.15 -104.48 49.86
N GLU J 487 -48.97 -104.63 49.25
CA GLU J 487 -48.64 -105.71 48.28
C GLU J 487 -49.16 -107.08 48.77
N THR J 488 -49.13 -107.37 50.07
CA THR J 488 -49.51 -108.70 50.65
C THR J 488 -50.97 -108.73 51.13
N THR J 489 -51.61 -107.58 51.37
CA THR J 489 -53.06 -107.51 51.74
C THR J 489 -53.89 -107.55 50.46
N THR J 490 -53.33 -107.11 49.34
CA THR J 490 -54.03 -107.01 48.02
C THR J 490 -53.60 -108.22 47.20
N GLN J 491 -53.52 -109.40 47.86
CA GLN J 491 -52.95 -110.67 47.34
C GLN J 491 -54.09 -111.58 46.83
N PHE J 492 -55.35 -111.29 47.19
CA PHE J 492 -56.58 -111.73 46.47
C PHE J 492 -56.38 -111.56 44.97
N LYS J 493 -57.16 -112.29 44.15
CA LYS J 493 -57.23 -112.08 42.68
C LYS J 493 -58.65 -111.64 42.33
N ALA J 494 -58.74 -110.72 41.36
CA ALA J 494 -60.00 -110.08 40.94
C ALA J 494 -59.82 -109.25 39.65
N THR J 495 -60.77 -109.35 38.72
CA THR J 495 -60.77 -108.60 37.43
C THR J 495 -60.86 -107.10 37.64
N HIS J 496 -61.65 -106.65 38.62
CA HIS J 496 -62.04 -105.22 38.77
C HIS J 496 -61.84 -104.78 40.22
N ILE J 497 -61.39 -103.54 40.43
CA ILE J 497 -61.17 -102.97 41.79
C ILE J 497 -61.83 -101.58 41.85
N LEU J 498 -62.80 -101.42 42.74
CA LEU J 498 -63.45 -100.11 43.03
C LEU J 498 -62.65 -99.40 44.12
N ASP J 499 -62.23 -98.15 43.88
CA ASP J 499 -61.59 -97.27 44.89
C ASP J 499 -62.59 -96.15 45.24
N PHE J 500 -63.32 -96.35 46.34
CA PHE J 500 -64.27 -95.37 46.89
C PHE J 500 -63.56 -94.19 47.55
N GLY J 501 -62.29 -94.38 47.92
CA GLY J 501 -61.57 -93.53 48.87
C GLY J 501 -61.31 -92.15 48.30
N PRO J 502 -60.74 -91.26 49.13
CA PRO J 502 -60.54 -89.86 48.74
C PRO J 502 -59.28 -89.75 47.88
N GLY J 503 -59.22 -88.72 47.02
CA GLY J 503 -58.04 -88.38 46.20
C GLY J 503 -58.32 -88.52 44.72
N GLY J 504 -59.05 -89.55 44.32
CA GLY J 504 -59.32 -89.83 42.90
C GLY J 504 -58.08 -90.39 42.23
N ALA J 505 -57.56 -89.71 41.21
CA ALA J 505 -56.37 -90.12 40.44
C ALA J 505 -55.10 -90.09 41.32
N SER J 506 -55.06 -89.24 42.34
CA SER J 506 -53.95 -89.15 43.34
C SER J 506 -54.16 -90.16 44.48
N GLY J 507 -55.18 -91.02 44.38
CA GLY J 507 -55.66 -91.84 45.51
C GLY J 507 -54.96 -93.18 45.60
N LEU J 508 -55.56 -94.08 46.35
CA LEU J 508 -55.05 -95.45 46.60
C LEU J 508 -55.23 -96.29 45.34
N GLY J 509 -56.37 -96.13 44.66
CA GLY J 509 -56.69 -96.92 43.47
C GLY J 509 -55.53 -96.93 42.49
N VAL J 510 -55.10 -95.75 42.06
CA VAL J 510 -54.06 -95.59 41.00
C VAL J 510 -52.70 -96.08 41.49
N LEU J 511 -52.45 -96.09 42.79
CA LEU J 511 -51.26 -96.77 43.34
C LEU J 511 -51.43 -98.28 43.19
N THR J 512 -52.61 -98.81 43.54
CA THR J 512 -52.96 -100.26 43.38
C THR J 512 -52.89 -100.67 41.91
N HIS J 513 -53.10 -99.75 40.97
CA HIS J 513 -53.03 -100.01 39.51
C HIS J 513 -51.60 -100.32 39.09
N ARG J 514 -50.62 -99.59 39.65
CA ARG J 514 -49.19 -99.72 39.31
C ARG J 514 -48.64 -101.01 39.92
N ASN J 515 -49.07 -101.36 41.12
CA ASN J 515 -48.62 -102.59 41.81
C ASN J 515 -49.01 -103.82 41.01
N LYS J 516 -50.13 -103.77 40.27
CA LYS J 516 -50.61 -104.98 39.54
C LYS J 516 -51.03 -104.65 38.11
N ASP J 517 -50.40 -103.64 37.50
CA ASP J 517 -50.29 -103.46 36.03
C ASP J 517 -49.78 -104.77 35.43
N GLY J 518 -50.50 -105.30 34.43
CA GLY J 518 -50.10 -106.47 33.64
C GLY J 518 -50.64 -107.80 34.15
N THR J 519 -51.26 -107.88 35.33
CA THR J 519 -51.88 -109.11 35.89
C THR J 519 -53.34 -109.25 35.43
N GLY J 520 -53.86 -108.26 34.71
CA GLY J 520 -55.22 -108.28 34.12
C GLY J 520 -56.26 -107.86 35.15
N VAL J 521 -56.04 -106.70 35.75
CA VAL J 521 -56.85 -106.12 36.85
C VAL J 521 -57.09 -104.65 36.52
N ARG J 522 -58.37 -104.30 36.41
CA ARG J 522 -58.82 -102.94 36.07
C ARG J 522 -59.23 -102.28 37.38
N VAL J 523 -58.59 -101.16 37.70
CA VAL J 523 -58.99 -100.31 38.86
C VAL J 523 -59.95 -99.25 38.34
N ILE J 524 -61.12 -99.13 38.95
CA ILE J 524 -62.10 -98.02 38.71
C ILE J 524 -62.01 -97.09 39.91
N VAL J 525 -61.92 -95.79 39.66
CA VAL J 525 -61.83 -94.74 40.73
C VAL J 525 -63.25 -94.22 40.99
N ALA J 526 -64.00 -94.90 41.86
CA ALA J 526 -65.48 -94.75 42.03
C ALA J 526 -65.91 -93.35 42.50
N GLY J 527 -65.00 -92.49 42.96
CA GLY J 527 -65.34 -91.19 43.54
C GLY J 527 -65.34 -90.07 42.52
N THR J 528 -64.27 -89.94 41.75
CA THR J 528 -64.08 -88.87 40.75
C THR J 528 -64.78 -89.25 39.45
N LEU J 529 -65.33 -88.26 38.74
CA LEU J 529 -65.66 -88.32 37.30
C LEU J 529 -64.61 -87.51 36.54
N ASP J 530 -64.10 -88.05 35.43
CA ASP J 530 -62.99 -87.46 34.64
C ASP J 530 -62.70 -88.41 33.48
N ILE J 531 -61.66 -88.12 32.68
CA ILE J 531 -61.29 -88.92 31.50
C ILE J 531 -59.79 -89.20 31.54
N ASN J 532 -59.44 -90.48 31.70
CA ASN J 532 -58.07 -90.99 31.56
C ASN J 532 -57.76 -90.98 30.05
N PRO J 533 -56.70 -90.28 29.58
CA PRO J 533 -56.28 -90.42 28.19
C PRO J 533 -55.76 -91.83 27.89
N ASP J 534 -54.80 -92.32 28.68
CA ASP J 534 -54.07 -93.61 28.46
C ASP J 534 -55.02 -94.82 28.65
N ASP J 535 -56.14 -94.62 29.36
CA ASP J 535 -57.23 -95.60 29.59
C ASP J 535 -56.70 -96.81 30.39
N ASP J 536 -55.59 -96.67 31.12
CA ASP J 536 -55.06 -97.66 32.10
C ASP J 536 -56.19 -98.07 33.06
N TYR J 537 -56.78 -97.08 33.73
CA TYR J 537 -57.84 -97.22 34.77
C TYR J 537 -59.06 -96.43 34.31
N GLY J 538 -60.18 -96.57 35.04
CA GLY J 538 -61.45 -95.88 34.77
C GLY J 538 -61.83 -94.93 35.87
N PHE J 539 -62.88 -94.15 35.65
CA PHE J 539 -63.60 -93.33 36.65
C PHE J 539 -65.07 -93.74 36.64
N LYS J 540 -65.88 -93.18 37.55
CA LYS J 540 -67.29 -93.56 37.87
C LYS J 540 -68.04 -94.09 36.65
N GLN J 541 -67.97 -93.38 35.51
CA GLN J 541 -68.63 -93.77 34.24
C GLN J 541 -68.80 -95.28 34.18
N GLU J 542 -67.68 -95.99 34.28
CA GLU J 542 -67.56 -97.44 34.07
C GLU J 542 -68.59 -98.20 34.92
N ILE J 543 -68.81 -97.77 36.16
CA ILE J 543 -69.65 -98.52 37.14
C ILE J 543 -71.08 -98.52 36.59
N PHE J 544 -71.49 -97.41 35.97
CA PHE J 544 -72.91 -97.13 35.61
C PHE J 544 -73.20 -97.51 34.15
N ASP J 545 -72.27 -97.21 33.24
CA ASP J 545 -72.36 -97.49 31.77
C ASP J 545 -72.96 -98.88 31.50
N VAL J 546 -73.83 -98.94 30.48
CA VAL J 546 -74.78 -100.05 30.14
C VAL J 546 -74.30 -100.79 28.88
N THR J 547 -73.67 -100.05 27.95
CA THR J 547 -72.94 -100.56 26.75
C THR J 547 -71.79 -101.49 27.18
N SER J 548 -70.94 -101.92 26.24
CA SER J 548 -69.74 -102.75 26.49
C SER J 548 -68.53 -101.88 26.85
N ASN J 549 -68.69 -100.55 26.91
CA ASN J 549 -67.69 -99.59 27.44
C ASN J 549 -67.67 -99.58 28.99
N GLY J 550 -68.57 -100.33 29.63
CA GLY J 550 -68.62 -100.50 31.10
C GLY J 550 -67.77 -101.67 31.57
N LEU J 551 -67.77 -102.77 30.80
CA LEU J 551 -66.94 -103.97 31.09
C LEU J 551 -65.67 -103.88 30.24
N LYS J 552 -64.69 -103.10 30.71
CA LYS J 552 -63.34 -103.01 30.10
C LYS J 552 -62.38 -103.86 30.91
N LYS J 553 -61.63 -104.74 30.26
CA LYS J 553 -60.63 -105.59 30.94
C LYS J 553 -59.24 -105.09 30.56
N ASN J 554 -58.39 -104.91 31.55
CA ASN J 554 -56.95 -104.59 31.38
C ASN J 554 -56.25 -105.87 30.95
N PRO J 555 -55.17 -105.76 30.14
CA PRO J 555 -54.49 -106.94 29.61
C PRO J 555 -53.63 -107.67 30.65
N ASN J 556 -53.94 -108.95 30.90
CA ASN J 556 -53.02 -109.95 31.52
C ASN J 556 -52.03 -110.37 30.45
N TRP J 557 -50.79 -109.87 30.53
CA TRP J 557 -49.73 -110.04 29.51
C TRP J 557 -49.46 -111.51 29.23
N LEU J 558 -49.38 -112.35 30.26
CA LEU J 558 -49.09 -113.81 30.13
C LEU J 558 -50.11 -114.50 29.20
N GLU J 559 -51.34 -113.99 29.08
CA GLU J 559 -52.40 -114.62 28.25
C GLU J 559 -52.46 -113.96 26.88
N GLU J 560 -52.34 -112.63 26.80
CA GLU J 560 -52.34 -111.90 25.51
C GLU J 560 -51.22 -112.47 24.66
N TYR J 561 -50.00 -112.47 25.21
CA TYR J 561 -48.73 -112.71 24.48
C TYR J 561 -48.14 -114.07 24.86
N HIS J 562 -48.95 -114.99 25.34
CA HIS J 562 -48.65 -116.44 25.41
C HIS J 562 -48.04 -116.88 24.07
N PRO J 563 -46.85 -117.52 24.04
CA PRO J 563 -46.37 -118.14 22.81
C PRO J 563 -47.17 -119.42 22.53
N LYS J 564 -47.45 -119.68 21.26
CA LYS J 564 -48.26 -120.84 20.83
C LYS J 564 -47.48 -121.61 19.76
N LEU J 565 -47.91 -122.85 19.51
CA LEU J 565 -47.47 -123.63 18.32
C LEU J 565 -48.59 -123.65 17.27
N ILE J 566 -48.20 -123.82 16.02
CA ILE J 566 -49.12 -123.93 14.85
C ILE J 566 -48.44 -124.73 13.74
N LYS J 567 -49.22 -125.40 12.89
CA LYS J 567 -48.73 -126.19 11.74
C LYS J 567 -49.19 -125.58 10.41
N ASN J 568 -48.50 -125.98 9.34
CA ASN J 568 -48.94 -125.84 7.93
C ASN J 568 -49.76 -127.07 7.52
N LYS J 569 -50.22 -127.06 6.27
CA LYS J 569 -50.65 -128.24 5.48
C LYS J 569 -49.51 -129.26 5.36
N SER J 570 -48.26 -128.79 5.24
CA SER J 570 -47.02 -129.59 5.10
C SER J 570 -46.56 -130.15 6.45
N GLY J 571 -47.23 -129.80 7.55
CA GLY J 571 -46.92 -130.29 8.91
C GLY J 571 -45.60 -129.74 9.44
N LYS J 572 -45.21 -128.53 8.99
CA LYS J 572 -44.08 -127.77 9.59
C LYS J 572 -44.59 -127.03 10.83
N ILE J 573 -44.00 -127.29 11.99
CA ILE J 573 -44.38 -126.61 13.26
C ILE J 573 -43.63 -125.28 13.34
N PHE J 574 -44.33 -124.24 13.79
CA PHE J 574 -43.78 -122.89 14.02
C PHE J 574 -44.00 -122.49 15.48
N VAL J 575 -43.19 -121.59 16.02
CA VAL J 575 -43.51 -120.84 17.25
C VAL J 575 -44.29 -119.59 16.86
N GLU J 576 -45.54 -119.50 17.26
CA GLU J 576 -46.49 -118.44 16.85
C GLU J 576 -46.35 -117.32 17.89
N THR J 577 -45.76 -116.20 17.48
CA THR J 577 -45.77 -114.94 18.25
C THR J 577 -46.27 -113.83 17.32
N LYS J 578 -46.73 -112.74 17.91
CA LYS J 578 -47.09 -111.48 17.21
C LYS J 578 -46.16 -111.26 16.00
N PHE J 579 -44.87 -111.57 16.12
CA PHE J 579 -43.83 -111.27 15.10
C PHE J 579 -43.83 -112.30 13.98
N SER J 580 -43.82 -113.60 14.29
CA SER J 580 -43.81 -114.70 13.29
C SER J 580 -45.14 -114.73 12.51
N LYS J 581 -46.27 -114.55 13.19
CA LYS J 581 -47.59 -114.38 12.54
C LYS J 581 -47.47 -113.43 11.34
N LEU J 582 -46.74 -112.32 11.45
CA LEU J 582 -46.54 -111.35 10.35
C LEU J 582 -45.67 -111.98 9.26
N ILE J 583 -44.44 -112.36 9.58
CA ILE J 583 -43.36 -112.63 8.58
C ILE J 583 -43.45 -114.05 8.04
N GLY J 584 -44.19 -114.93 8.72
CA GLY J 584 -44.50 -116.28 8.23
C GLY J 584 -43.32 -117.22 8.33
N ARG J 585 -42.35 -116.86 9.15
CA ARG J 585 -41.12 -117.63 9.39
C ARG J 585 -40.90 -117.62 10.89
N PRO J 586 -40.03 -118.49 11.44
CA PRO J 586 -39.75 -118.50 12.88
C PRO J 586 -39.36 -117.15 13.45
N PRO J 587 -39.72 -116.87 14.72
CA PRO J 587 -39.50 -115.56 15.32
C PRO J 587 -38.05 -115.25 15.74
N LEU J 588 -37.07 -115.88 15.11
CA LEU J 588 -35.61 -115.64 15.29
C LEU J 588 -35.09 -114.88 14.08
N LEU J 589 -34.28 -113.85 14.30
CA LEU J 589 -33.65 -113.06 13.21
C LEU J 589 -32.17 -112.83 13.50
N VAL J 590 -31.33 -112.97 12.47
CA VAL J 590 -29.92 -112.50 12.46
C VAL J 590 -29.92 -111.02 12.12
N PRO J 591 -29.40 -110.15 12.97
CA PRO J 591 -29.44 -108.71 12.70
C PRO J 591 -28.31 -108.31 11.76
N GLY J 592 -28.28 -107.04 11.36
CA GLY J 592 -27.30 -106.49 10.41
C GLY J 592 -25.98 -106.28 11.12
N MET J 593 -25.01 -107.15 10.88
CA MET J 593 -23.63 -107.00 11.38
C MET J 593 -22.75 -106.54 10.22
N THR J 594 -21.98 -105.45 10.39
CA THR J 594 -21.17 -104.77 9.34
C THR J 594 -20.31 -105.77 8.57
N PRO J 595 -19.31 -106.43 9.19
CA PRO J 595 -18.49 -107.37 8.42
C PRO J 595 -19.22 -108.67 8.08
N CYS J 596 -20.20 -109.14 8.87
CA CYS J 596 -20.68 -110.57 8.85
C CYS J 596 -21.85 -110.77 7.89
N THR J 597 -22.90 -109.96 8.00
CA THR J 597 -24.09 -109.98 7.10
C THR J 597 -23.94 -108.97 5.96
N VAL J 598 -22.73 -108.52 5.65
CA VAL J 598 -22.47 -107.69 4.43
C VAL J 598 -22.42 -108.65 3.24
N SER J 599 -21.83 -109.84 3.42
CA SER J 599 -21.62 -110.77 2.29
C SER J 599 -22.97 -111.21 1.77
N PRO J 600 -23.32 -110.94 0.50
CA PRO J 600 -24.53 -111.52 -0.07
C PRO J 600 -24.62 -113.05 0.10
N ASP J 601 -23.50 -113.77 0.14
CA ASP J 601 -23.51 -115.26 0.14
C ASP J 601 -24.04 -115.81 1.47
N PHE J 602 -23.96 -115.05 2.55
CA PHE J 602 -24.48 -115.41 3.90
C PHE J 602 -25.96 -115.07 4.00
N VAL J 603 -26.29 -113.83 3.67
CA VAL J 603 -27.67 -113.29 3.61
C VAL J 603 -28.54 -114.24 2.79
N ALA J 604 -27.99 -114.76 1.70
CA ALA J 604 -28.65 -115.77 0.85
C ALA J 604 -28.81 -117.09 1.63
N ALA J 605 -27.73 -117.61 2.20
CA ALA J 605 -27.70 -118.95 2.85
C ALA J 605 -28.65 -118.97 4.05
N THR J 606 -28.74 -117.86 4.78
CA THR J 606 -29.61 -117.71 5.98
C THR J 606 -31.05 -117.69 5.49
N THR J 607 -31.36 -116.83 4.53
CA THR J 607 -32.71 -116.70 3.90
C THR J 607 -33.14 -118.03 3.32
N ASN J 608 -32.25 -118.77 2.63
CA ASN J 608 -32.57 -120.07 2.00
C ASN J 608 -32.90 -121.08 3.10
N ALA J 609 -32.24 -120.96 4.26
CA ALA J 609 -32.40 -121.86 5.44
C ALA J 609 -33.79 -121.68 6.06
N GLY J 610 -34.33 -120.46 6.01
CA GLY J 610 -35.73 -120.17 6.35
C GLY J 610 -35.86 -119.19 7.49
N TYR J 611 -34.98 -118.21 7.56
CA TYR J 611 -34.77 -117.31 8.72
C TYR J 611 -34.52 -115.90 8.19
N THR J 612 -34.72 -114.89 9.02
CA THR J 612 -34.75 -113.48 8.59
C THR J 612 -33.35 -112.91 8.80
N ILE J 613 -32.88 -112.09 7.86
CA ILE J 613 -31.55 -111.46 7.99
C ILE J 613 -31.53 -110.09 7.33
N GLU J 614 -30.88 -109.14 7.99
CA GLU J 614 -30.63 -107.77 7.47
C GLU J 614 -29.33 -107.83 6.67
N LEU J 615 -29.33 -107.41 5.41
CA LEU J 615 -28.09 -107.09 4.64
C LEU J 615 -27.57 -105.75 5.14
N ALA J 616 -26.27 -105.68 5.46
CA ALA J 616 -25.64 -104.58 6.23
C ALA J 616 -25.19 -103.45 5.29
N GLY J 617 -25.74 -102.26 5.48
CA GLY J 617 -25.37 -101.07 4.69
C GLY J 617 -23.95 -100.64 5.01
N GLY J 618 -23.57 -100.71 6.30
CA GLY J 618 -22.21 -100.45 6.80
C GLY J 618 -21.09 -100.87 5.85
N GLY J 619 -21.27 -101.95 5.09
CA GLY J 619 -20.20 -102.51 4.24
C GLY J 619 -20.21 -101.95 2.84
N TYR J 620 -21.04 -100.94 2.56
CA TYR J 620 -21.23 -100.38 1.20
C TYR J 620 -21.20 -98.86 1.28
N PHE J 621 -20.58 -98.22 0.30
CA PHE J 621 -20.26 -96.77 0.26
C PHE J 621 -21.13 -96.07 -0.78
N SER J 622 -21.36 -96.72 -1.93
CA SER J 622 -22.18 -96.21 -3.05
C SER J 622 -23.46 -97.03 -3.18
N ALA J 623 -24.56 -96.37 -3.56
CA ALA J 623 -25.79 -97.01 -4.07
C ALA J 623 -25.49 -97.99 -5.21
N ALA J 624 -24.43 -97.78 -5.98
CA ALA J 624 -24.07 -98.67 -7.11
C ALA J 624 -23.58 -100.00 -6.58
N GLY J 625 -22.71 -99.96 -5.56
CA GLY J 625 -22.04 -101.14 -4.97
C GLY J 625 -22.99 -101.96 -4.13
N MET J 626 -23.99 -101.33 -3.51
CA MET J 626 -25.06 -102.04 -2.76
C MET J 626 -25.95 -102.77 -3.77
N THR J 627 -26.47 -102.04 -4.76
CA THR J 627 -27.31 -102.61 -5.86
C THR J 627 -26.66 -103.90 -6.36
N ALA J 628 -25.34 -103.90 -6.59
CA ALA J 628 -24.55 -105.06 -7.06
C ALA J 628 -24.70 -106.24 -6.10
N ALA J 629 -24.68 -105.96 -4.79
CA ALA J 629 -24.83 -106.93 -3.68
C ALA J 629 -26.27 -107.46 -3.64
N ILE J 630 -27.25 -106.58 -3.46
CA ILE J 630 -28.71 -106.93 -3.44
C ILE J 630 -29.04 -107.81 -4.66
N ASP J 631 -28.50 -107.53 -5.84
CA ASP J 631 -28.69 -108.34 -7.07
C ASP J 631 -28.07 -109.73 -6.87
N SER J 632 -26.94 -109.79 -6.16
CA SER J 632 -26.20 -111.05 -5.88
C SER J 632 -27.03 -111.90 -4.91
N VAL J 633 -27.65 -111.28 -3.91
CA VAL J 633 -28.60 -111.96 -2.97
C VAL J 633 -29.71 -112.58 -3.83
N VAL J 634 -30.48 -111.71 -4.50
CA VAL J 634 -31.73 -112.05 -5.24
C VAL J 634 -31.48 -113.23 -6.18
N SER J 635 -30.32 -113.32 -6.84
CA SER J 635 -29.99 -114.42 -7.78
C SER J 635 -29.85 -115.74 -7.02
N GLN J 636 -29.32 -115.72 -5.78
CA GLN J 636 -28.95 -116.93 -4.98
C GLN J 636 -30.14 -117.46 -4.16
N ILE J 637 -31.16 -116.63 -3.87
CA ILE J 637 -32.35 -117.03 -3.06
C ILE J 637 -33.42 -117.67 -3.96
N GLU J 638 -34.36 -118.38 -3.34
CA GLU J 638 -35.55 -119.02 -3.98
C GLU J 638 -36.66 -117.99 -4.19
N LYS J 639 -37.50 -118.21 -5.20
CA LYS J 639 -38.63 -117.31 -5.57
C LYS J 639 -39.55 -117.11 -4.36
N GLY J 640 -39.91 -115.87 -4.06
CA GLY J 640 -40.87 -115.55 -2.99
C GLY J 640 -40.21 -115.35 -1.64
N SER J 641 -38.92 -115.68 -1.51
CA SER J 641 -38.06 -115.31 -0.36
C SER J 641 -37.85 -113.80 -0.35
N THR J 642 -37.48 -113.27 0.81
CA THR J 642 -37.24 -111.84 1.10
C THR J 642 -36.05 -111.71 2.05
N PHE J 643 -35.50 -110.52 2.14
CA PHE J 643 -34.50 -110.16 3.18
C PHE J 643 -34.70 -108.69 3.50
N GLY J 644 -33.91 -108.14 4.41
CA GLY J 644 -34.03 -106.74 4.84
C GLY J 644 -32.71 -106.03 4.76
N ILE J 645 -32.67 -104.77 5.18
CA ILE J 645 -31.49 -103.88 5.01
C ILE J 645 -31.25 -103.12 6.32
N ASN J 646 -30.01 -103.10 6.77
CA ASN J 646 -29.55 -102.32 7.94
C ASN J 646 -28.87 -101.05 7.42
N LEU J 647 -29.39 -99.86 7.76
CA LEU J 647 -28.71 -98.56 7.50
C LEU J 647 -28.48 -97.89 8.85
N ILE J 648 -27.29 -97.32 9.04
CA ILE J 648 -26.86 -96.69 10.33
C ILE J 648 -27.31 -95.22 10.29
N TYR J 649 -28.08 -94.75 11.26
CA TYR J 649 -28.60 -93.35 11.35
C TYR J 649 -27.49 -92.33 11.68
N VAL J 650 -26.36 -92.80 12.18
CA VAL J 650 -25.17 -91.97 12.57
C VAL J 650 -24.36 -91.60 11.32
N ASN J 651 -24.55 -92.29 10.19
CA ASN J 651 -23.73 -92.16 8.96
C ASN J 651 -24.61 -91.46 7.93
N PRO J 652 -24.75 -90.11 7.97
CA PRO J 652 -25.81 -89.45 7.22
C PRO J 652 -25.50 -89.48 5.72
N PHE J 653 -24.27 -89.81 5.36
CA PHE J 653 -23.89 -90.11 3.96
C PHE J 653 -24.60 -91.39 3.50
N MET J 654 -24.54 -92.48 4.29
CA MET J 654 -25.20 -93.78 3.96
C MET J 654 -26.71 -93.58 3.77
N LEU J 655 -27.32 -92.65 4.50
CA LEU J 655 -28.79 -92.42 4.44
C LEU J 655 -29.18 -91.66 3.18
N GLN J 656 -28.40 -90.67 2.74
CA GLN J 656 -28.77 -89.81 1.58
C GLN J 656 -28.48 -90.55 0.26
N TRP J 657 -27.86 -91.74 0.27
CA TRP J 657 -27.91 -92.65 -0.91
C TRP J 657 -28.80 -93.85 -0.60
N GLY J 658 -28.71 -94.41 0.61
CA GLY J 658 -29.38 -95.65 1.04
C GLY J 658 -30.89 -95.60 0.88
N ILE J 659 -31.53 -94.57 1.42
CA ILE J 659 -33.02 -94.43 1.47
C ILE J 659 -33.56 -94.28 0.04
N PRO J 660 -33.10 -93.31 -0.78
CA PRO J 660 -33.39 -93.31 -2.21
C PRO J 660 -33.28 -94.66 -2.92
N LEU J 661 -32.23 -95.42 -2.64
CA LEU J 661 -31.90 -96.70 -3.33
C LEU J 661 -32.96 -97.74 -2.99
N ILE J 662 -33.56 -97.67 -1.80
CA ILE J 662 -34.58 -98.67 -1.38
C ILE J 662 -35.87 -98.31 -2.11
N LYS J 663 -36.30 -97.06 -2.02
CA LYS J 663 -37.49 -96.51 -2.73
C LYS J 663 -37.45 -96.90 -4.20
N GLU J 664 -36.33 -96.62 -4.86
CA GLU J 664 -36.09 -96.93 -6.29
C GLU J 664 -36.18 -98.45 -6.51
N LEU J 665 -35.61 -99.25 -5.61
CA LEU J 665 -35.55 -100.72 -5.74
C LEU J 665 -36.91 -101.34 -5.39
N ARG J 666 -37.62 -100.77 -4.43
CA ARG J 666 -38.91 -101.29 -3.94
C ARG J 666 -39.98 -101.06 -5.03
N SER J 667 -39.96 -99.88 -5.66
CA SER J 667 -40.82 -99.48 -6.81
C SER J 667 -40.63 -100.41 -8.02
N LYS J 668 -39.45 -100.96 -8.24
CA LYS J 668 -39.23 -102.02 -9.28
C LYS J 668 -39.65 -103.40 -8.78
N GLY J 669 -39.94 -103.55 -7.48
CA GLY J 669 -40.46 -104.78 -6.86
C GLY J 669 -39.40 -105.72 -6.31
N TYR J 670 -38.17 -105.26 -6.05
CA TYR J 670 -37.10 -106.06 -5.38
C TYR J 670 -37.60 -106.54 -4.02
N PRO J 671 -37.35 -107.80 -3.62
CA PRO J 671 -37.92 -108.35 -2.40
C PRO J 671 -37.19 -107.88 -1.13
N ILE J 672 -37.37 -106.60 -0.80
CA ILE J 672 -36.88 -105.96 0.44
C ILE J 672 -38.07 -105.92 1.40
N GLN J 673 -38.20 -106.94 2.26
CA GLN J 673 -39.31 -107.09 3.23
C GLN J 673 -39.30 -105.93 4.21
N PHE J 674 -38.13 -105.52 4.69
CA PHE J 674 -38.05 -104.53 5.80
C PHE J 674 -36.72 -103.78 5.79
N LEU J 675 -36.72 -102.63 6.42
CA LEU J 675 -35.50 -101.83 6.66
C LEU J 675 -35.35 -101.68 8.18
N THR J 676 -34.16 -102.00 8.70
CA THR J 676 -33.80 -101.77 10.12
C THR J 676 -32.88 -100.57 10.17
N ILE J 677 -33.11 -99.66 11.11
CA ILE J 677 -32.23 -98.48 11.30
C ILE J 677 -31.45 -98.74 12.58
N GLY J 678 -30.14 -98.93 12.47
CA GLY J 678 -29.22 -99.13 13.60
C GLY J 678 -28.75 -97.80 14.15
N ALA J 679 -28.14 -97.82 15.33
CA ALA J 679 -27.42 -96.69 15.96
C ALA J 679 -28.27 -95.42 15.91
N GLY J 680 -29.31 -95.37 16.74
CA GLY J 680 -30.19 -94.19 16.89
C GLY J 680 -31.59 -94.45 16.38
N VAL J 681 -32.51 -93.55 16.70
CA VAL J 681 -33.92 -93.61 16.23
C VAL J 681 -34.25 -92.30 15.52
N PRO J 682 -34.80 -92.36 14.29
CA PRO J 682 -35.19 -91.15 13.58
C PRO J 682 -36.18 -90.25 14.35
N SER J 683 -36.34 -89.01 13.89
CA SER J 683 -37.39 -88.06 14.37
C SER J 683 -38.72 -88.45 13.73
N LEU J 684 -39.86 -88.07 14.30
CA LEU J 684 -41.20 -88.48 13.80
C LEU J 684 -41.31 -88.27 12.29
N GLU J 685 -40.85 -87.12 11.78
CA GLU J 685 -41.15 -86.65 10.40
C GLU J 685 -40.26 -87.39 9.39
N VAL J 686 -39.13 -87.93 9.84
CA VAL J 686 -38.21 -88.74 8.98
C VAL J 686 -38.72 -90.17 8.93
N ALA J 687 -39.05 -90.77 10.08
CA ALA J 687 -39.67 -92.10 10.19
C ALA J 687 -40.98 -92.12 9.38
N SER J 688 -41.79 -91.07 9.49
CA SER J 688 -43.03 -90.86 8.68
C SER J 688 -42.69 -91.00 7.20
N GLU J 689 -41.62 -90.34 6.73
CA GLU J 689 -41.14 -90.48 5.33
C GLU J 689 -40.76 -91.95 5.06
N TYR J 690 -40.03 -92.63 5.97
CA TYR J 690 -39.57 -94.03 5.75
C TYR J 690 -40.76 -94.99 5.69
N ILE J 691 -41.77 -94.75 6.51
CA ILE J 691 -42.97 -95.64 6.62
C ILE J 691 -43.75 -95.58 5.30
N GLU J 692 -44.19 -94.38 4.92
CA GLU J 692 -45.16 -94.13 3.81
C GLU J 692 -44.49 -94.35 2.46
N THR J 693 -43.35 -93.71 2.26
CA THR J 693 -42.72 -93.45 0.94
C THR J 693 -42.06 -94.73 0.41
N LEU J 694 -41.42 -95.52 1.27
CA LEU J 694 -40.74 -96.79 0.90
C LEU J 694 -41.79 -97.89 0.98
N GLY J 695 -41.74 -98.88 0.10
CA GLY J 695 -42.78 -99.93 0.06
C GLY J 695 -42.45 -101.07 1.00
N LEU J 696 -42.35 -100.78 2.31
CA LEU J 696 -41.80 -101.72 3.32
C LEU J 696 -42.93 -102.35 4.13
N LYS J 697 -42.86 -103.66 4.35
CA LYS J 697 -43.84 -104.41 5.16
C LYS J 697 -43.73 -103.93 6.59
N TYR J 698 -42.51 -103.79 7.12
CA TYR J 698 -42.28 -103.20 8.47
C TYR J 698 -40.91 -102.52 8.59
N LEU J 699 -40.81 -101.65 9.59
CA LEU J 699 -39.61 -100.86 9.97
C LEU J 699 -39.00 -101.44 11.25
N GLY J 700 -37.68 -101.56 11.31
CA GLY J 700 -36.96 -101.96 12.52
C GLY J 700 -36.27 -100.77 13.18
N LEU J 701 -36.37 -100.66 14.50
CA LEU J 701 -35.71 -99.59 15.27
C LEU J 701 -34.94 -100.22 16.43
N LYS J 702 -33.72 -99.76 16.67
CA LYS J 702 -32.80 -100.26 17.71
C LYS J 702 -32.51 -99.12 18.67
N PRO J 703 -33.42 -98.83 19.62
CA PRO J 703 -33.14 -97.87 20.67
C PRO J 703 -32.18 -98.39 21.75
N GLY J 704 -31.35 -97.49 22.28
CA GLY J 704 -30.35 -97.79 23.31
C GLY J 704 -30.88 -97.51 24.70
N SER J 705 -31.48 -96.34 24.92
CA SER J 705 -31.91 -95.83 26.25
C SER J 705 -33.42 -95.92 26.39
N ILE J 706 -33.92 -95.59 27.59
CA ILE J 706 -35.37 -95.43 27.88
C ILE J 706 -35.93 -94.29 27.00
N ASP J 707 -35.21 -93.20 26.84
CA ASP J 707 -35.65 -92.02 26.02
C ASP J 707 -35.86 -92.44 24.55
N ALA J 708 -35.01 -93.30 24.04
CA ALA J 708 -35.10 -93.83 22.66
C ALA J 708 -36.29 -94.77 22.53
N ILE J 709 -36.57 -95.60 23.54
CA ILE J 709 -37.76 -96.50 23.56
C ILE J 709 -39.04 -95.65 23.50
N SER J 710 -39.05 -94.46 24.12
CA SER J 710 -40.20 -93.52 24.08
C SER J 710 -40.36 -92.98 22.65
N GLN J 711 -39.27 -92.56 22.02
CA GLN J 711 -39.24 -92.04 20.62
C GLN J 711 -39.73 -93.12 19.63
N VAL J 712 -39.62 -94.41 19.97
CA VAL J 712 -40.13 -95.53 19.13
C VAL J 712 -41.64 -95.64 19.28
N ILE J 713 -42.12 -95.53 20.52
CA ILE J 713 -43.57 -95.52 20.85
C ILE J 713 -44.25 -94.35 20.12
N ASN J 714 -43.64 -93.16 20.06
CA ASN J 714 -44.25 -91.98 19.39
C ASN J 714 -44.37 -92.23 17.87
N ILE J 715 -43.40 -92.90 17.25
CA ILE J 715 -43.47 -93.27 15.81
C ILE J 715 -44.64 -94.22 15.61
N ALA J 716 -44.94 -95.06 16.59
CA ALA J 716 -45.92 -96.16 16.44
C ALA J 716 -47.34 -95.64 16.67
N LYS J 717 -47.51 -94.72 17.62
CA LYS J 717 -48.76 -93.97 17.89
C LYS J 717 -49.21 -93.28 16.59
N ALA J 718 -48.26 -92.68 15.87
CA ALA J 718 -48.50 -91.82 14.69
C ALA J 718 -48.84 -92.62 13.43
N HIS J 719 -48.59 -93.93 13.40
CA HIS J 719 -48.90 -94.83 12.26
C HIS J 719 -49.43 -96.15 12.82
N PRO J 720 -50.60 -96.14 13.48
CA PRO J 720 -51.02 -97.26 14.30
C PRO J 720 -51.43 -98.51 13.51
N ASN J 721 -51.39 -98.50 12.19
CA ASN J 721 -51.67 -99.68 11.34
C ASN J 721 -50.38 -100.29 10.82
N PHE J 722 -49.29 -99.55 10.89
CA PHE J 722 -47.98 -99.99 10.35
C PHE J 722 -47.22 -100.78 11.41
N PRO J 723 -46.68 -101.97 11.09
CA PRO J 723 -45.89 -102.72 12.05
C PRO J 723 -44.51 -102.10 12.23
N ILE J 724 -44.11 -101.98 13.49
CA ILE J 724 -42.76 -101.57 13.93
C ILE J 724 -42.16 -102.71 14.76
N ALA J 725 -40.95 -103.15 14.44
CA ALA J 725 -40.19 -104.13 15.24
C ALA J 725 -39.21 -103.35 16.09
N LEU J 726 -39.55 -103.17 17.37
CA LEU J 726 -38.64 -102.59 18.39
C LEU J 726 -37.65 -103.69 18.78
N GLN J 727 -36.43 -103.59 18.25
CA GLN J 727 -35.32 -104.56 18.43
C GLN J 727 -34.53 -104.12 19.66
N TRP J 728 -34.83 -104.70 20.82
CA TRP J 728 -34.24 -104.28 22.11
C TRP J 728 -32.99 -105.09 22.36
N THR J 729 -31.89 -104.38 22.57
CA THR J 729 -30.52 -104.92 22.75
C THR J 729 -29.91 -104.14 23.91
N GLY J 730 -29.36 -104.84 24.91
CA GLY J 730 -28.63 -104.20 26.01
C GLY J 730 -27.22 -103.79 25.61
N GLY J 731 -26.47 -103.22 26.57
CA GLY J 731 -25.02 -103.00 26.48
C GLY J 731 -24.20 -104.28 26.39
N ARG J 732 -24.73 -105.42 26.82
CA ARG J 732 -23.97 -106.69 26.88
C ARG J 732 -23.77 -107.30 25.49
N GLY J 733 -24.20 -106.61 24.43
CA GLY J 733 -24.17 -107.12 23.04
C GLY J 733 -22.86 -106.82 22.35
N GLY J 734 -22.58 -107.52 21.24
CA GLY J 734 -21.34 -107.35 20.47
C GLY J 734 -21.35 -106.06 19.68
N GLY J 735 -20.17 -105.61 19.23
CA GLY J 735 -20.01 -104.40 18.41
C GLY J 735 -20.41 -103.14 19.16
N HIS J 736 -20.81 -102.08 18.48
CA HIS J 736 -21.14 -100.78 19.15
C HIS J 736 -22.29 -101.06 20.12
N HIS J 737 -22.13 -100.66 21.38
CA HIS J 737 -23.06 -101.02 22.48
C HIS J 737 -23.35 -99.80 23.35
N SER J 738 -24.49 -99.79 24.02
CA SER J 738 -24.87 -98.74 25.00
C SER J 738 -24.27 -99.13 26.33
N PHE J 739 -24.54 -98.37 27.39
CA PHE J 739 -24.10 -98.63 28.78
C PHE J 739 -25.17 -99.36 29.59
N GLU J 740 -26.36 -99.55 28.99
CA GLU J 740 -27.61 -99.93 29.71
C GLU J 740 -27.61 -101.41 30.07
N ASP J 741 -28.21 -101.75 31.21
CA ASP J 741 -28.62 -103.15 31.52
C ASP J 741 -29.62 -103.58 30.44
N ALA J 742 -29.78 -104.88 30.26
CA ALA J 742 -30.71 -105.48 29.28
C ALA J 742 -32.12 -105.58 29.87
N HIS J 743 -32.23 -105.73 31.19
CA HIS J 743 -33.47 -106.09 31.92
C HIS J 743 -34.18 -104.85 32.45
N THR J 744 -33.47 -104.00 33.17
CA THR J 744 -34.03 -102.85 33.92
C THR J 744 -34.88 -102.01 32.99
N PRO J 745 -34.39 -101.57 31.81
CA PRO J 745 -35.17 -100.68 30.95
C PRO J 745 -36.48 -101.31 30.42
N MET J 746 -36.50 -102.62 30.21
CA MET J 746 -37.71 -103.35 29.75
C MET J 746 -38.77 -103.37 30.85
N LEU J 747 -38.40 -103.75 32.06
CA LEU J 747 -39.29 -103.73 33.25
C LEU J 747 -39.94 -102.35 33.40
N GLN J 748 -39.22 -101.26 33.16
CA GLN J 748 -39.79 -99.90 33.25
C GLN J 748 -40.74 -99.62 32.09
N MET J 749 -40.46 -100.11 30.88
CA MET J 749 -41.14 -99.63 29.65
C MET J 749 -42.09 -100.66 29.04
N TYR J 750 -41.95 -101.96 29.35
CA TYR J 750 -42.74 -103.03 28.72
C TYR J 750 -44.23 -102.69 28.66
N SER J 751 -44.79 -102.19 29.75
CA SER J 751 -46.22 -101.79 29.84
C SER J 751 -46.58 -100.76 28.77
N LYS J 752 -45.78 -99.70 28.60
CA LYS J 752 -46.08 -98.61 27.62
C LYS J 752 -45.95 -99.14 26.19
N ILE J 753 -45.02 -100.06 25.94
CA ILE J 753 -44.80 -100.67 24.61
C ILE J 753 -46.03 -101.50 24.26
N ARG J 754 -46.50 -102.34 25.17
CA ARG J 754 -47.67 -103.22 24.92
C ARG J 754 -49.02 -102.43 24.80
N ARG J 755 -49.11 -101.15 25.19
CA ARG J 755 -50.29 -100.29 24.91
C ARG J 755 -50.55 -100.25 23.39
N HIS J 756 -49.48 -100.18 22.60
CA HIS J 756 -49.47 -99.97 21.14
C HIS J 756 -49.32 -101.31 20.46
N PRO J 757 -50.39 -101.89 19.89
CA PRO J 757 -50.34 -103.26 19.40
C PRO J 757 -49.68 -103.44 18.02
N ASN J 758 -49.06 -102.42 17.45
CA ASN J 758 -48.30 -102.56 16.18
C ASN J 758 -46.81 -102.64 16.49
N ILE J 759 -46.40 -102.70 17.74
CA ILE J 759 -44.98 -102.89 18.12
C ILE J 759 -44.76 -104.36 18.42
N MET J 760 -43.99 -105.01 17.57
CA MET J 760 -43.50 -106.39 17.74
C MET J 760 -42.20 -106.31 18.50
N LEU J 761 -42.19 -106.81 19.73
CA LEU J 761 -41.14 -106.50 20.72
C LEU J 761 -40.13 -107.64 20.77
N ILE J 762 -38.92 -107.38 20.27
CA ILE J 762 -37.87 -108.39 19.97
C ILE J 762 -36.66 -108.18 20.87
N PHE J 763 -36.28 -109.21 21.64
CA PHE J 763 -35.14 -109.17 22.59
C PHE J 763 -33.89 -109.59 21.82
N GLY J 764 -32.75 -109.10 22.27
CA GLY J 764 -31.41 -109.50 21.79
C GLY J 764 -30.33 -109.06 22.75
N SER J 765 -29.09 -109.50 22.52
CA SER J 765 -27.92 -109.28 23.39
C SER J 765 -27.86 -110.41 24.42
N GLY J 766 -27.05 -111.41 24.09
CA GLY J 766 -26.54 -112.38 25.05
C GLY J 766 -27.05 -113.77 24.78
N PHE J 767 -27.69 -114.01 23.64
CA PHE J 767 -28.41 -115.29 23.41
C PHE J 767 -27.60 -116.24 22.53
N GLY J 768 -27.90 -117.53 22.64
CA GLY J 768 -27.15 -118.59 21.94
C GLY J 768 -28.02 -119.80 21.66
N SER J 769 -28.48 -120.48 22.72
CA SER J 769 -29.28 -121.72 22.64
C SER J 769 -30.77 -121.35 22.75
N ALA J 770 -31.65 -122.35 22.68
CA ALA J 770 -33.08 -122.24 23.08
C ALA J 770 -33.16 -122.03 24.59
N ASP J 771 -32.41 -122.83 25.37
CA ASP J 771 -32.46 -122.94 26.86
C ASP J 771 -32.38 -121.57 27.53
N ASP J 772 -31.53 -120.69 27.02
CA ASP J 772 -31.17 -119.41 27.68
C ASP J 772 -32.15 -118.31 27.24
N THR J 773 -32.87 -118.54 26.13
CA THR J 773 -33.79 -117.54 25.52
C THR J 773 -35.26 -117.92 25.75
N TYR J 774 -35.56 -119.13 26.26
CA TYR J 774 -36.93 -119.65 26.53
C TYR J 774 -37.63 -118.81 27.58
N PRO J 775 -36.98 -118.50 28.73
CA PRO J 775 -37.55 -117.59 29.71
C PRO J 775 -38.16 -116.28 29.19
N TYR J 776 -37.69 -115.77 28.05
CA TYR J 776 -38.15 -114.49 27.46
C TYR J 776 -39.36 -114.75 26.55
N LEU J 777 -39.41 -115.91 25.92
CA LEU J 777 -40.55 -116.35 25.09
C LEU J 777 -41.75 -116.64 26.00
N THR J 778 -41.51 -117.36 27.10
CA THR J 778 -42.52 -117.78 28.12
C THR J 778 -42.97 -116.59 28.98
N GLY J 779 -42.13 -115.57 29.14
CA GLY J 779 -42.40 -114.40 29.99
C GLY J 779 -41.84 -114.54 31.40
N GLU J 780 -41.37 -115.72 31.82
CA GLU J 780 -41.06 -116.02 33.25
C GLU J 780 -39.69 -115.46 33.66
N TRP J 781 -39.04 -114.69 32.80
CA TRP J 781 -37.77 -113.99 33.13
C TRP J 781 -38.00 -112.82 34.08
N SER J 782 -39.18 -112.21 34.00
CA SER J 782 -39.56 -111.01 34.79
C SER J 782 -40.10 -111.46 36.14
N THR J 783 -40.34 -112.76 36.32
CA THR J 783 -40.69 -113.38 37.62
C THR J 783 -39.48 -113.30 38.58
N LYS J 784 -38.24 -113.38 38.08
CA LYS J 784 -36.99 -113.25 38.88
C LYS J 784 -36.99 -111.92 39.64
N PHE J 785 -37.30 -110.82 38.94
CA PHE J 785 -37.29 -109.44 39.49
C PHE J 785 -38.65 -109.07 40.12
N ASP J 786 -39.47 -110.07 40.50
CA ASP J 786 -40.81 -109.91 41.14
C ASP J 786 -41.67 -108.89 40.39
N TYR J 787 -41.77 -109.03 39.07
CA TYR J 787 -42.81 -108.42 38.21
C TYR J 787 -43.70 -109.55 37.71
N PRO J 788 -44.85 -109.25 37.06
CA PRO J 788 -45.67 -110.29 36.45
C PRO J 788 -45.08 -110.69 35.11
N PRO J 789 -45.36 -111.93 34.62
CA PRO J 789 -44.73 -112.44 33.40
C PRO J 789 -44.93 -111.48 32.23
N MET J 790 -43.96 -111.39 31.32
CA MET J 790 -43.79 -110.17 30.48
C MET J 790 -43.21 -110.50 29.10
N PRO J 791 -43.82 -111.42 28.33
CA PRO J 791 -43.12 -112.12 27.25
C PRO J 791 -42.92 -111.35 25.93
N PHE J 792 -41.91 -111.79 25.17
CA PHE J 792 -41.36 -111.17 23.95
C PHE J 792 -41.79 -111.96 22.72
N ASP J 793 -41.74 -111.28 21.59
CA ASP J 793 -42.30 -111.73 20.30
C ASP J 793 -41.22 -112.40 19.46
N GLY J 794 -39.94 -112.07 19.66
CA GLY J 794 -38.84 -112.78 18.96
C GLY J 794 -37.47 -112.43 19.50
N PHE J 795 -36.46 -113.14 19.03
CA PHE J 795 -35.04 -113.00 19.47
C PHE J 795 -34.16 -112.63 18.30
N LEU J 796 -33.06 -111.93 18.55
CA LEU J 796 -31.97 -111.76 17.57
C LEU J 796 -30.65 -112.29 18.12
N PHE J 797 -29.93 -113.01 17.27
CA PHE J 797 -28.60 -113.61 17.50
C PHE J 797 -27.59 -112.94 16.57
N GLY J 798 -26.76 -112.03 17.11
CA GLY J 798 -25.59 -111.52 16.37
C GLY J 798 -24.37 -112.40 16.58
N SER J 799 -23.63 -112.14 17.66
CA SER J 799 -22.40 -112.85 18.04
C SER J 799 -22.54 -114.34 17.75
N ARG J 800 -23.62 -114.98 18.20
CA ARG J 800 -23.77 -116.46 18.19
C ARG J 800 -23.48 -117.06 16.82
N VAL J 801 -23.73 -116.29 15.77
CA VAL J 801 -23.85 -116.81 14.39
C VAL J 801 -22.57 -116.55 13.59
N MET J 802 -21.52 -116.00 14.22
CA MET J 802 -20.26 -115.52 13.57
C MET J 802 -19.24 -116.64 13.37
N ILE J 803 -19.55 -117.88 13.77
CA ILE J 803 -18.65 -119.04 13.52
C ILE J 803 -19.43 -120.06 12.69
N ALA J 804 -20.45 -119.61 11.97
CA ALA J 804 -21.25 -120.45 11.05
C ALA J 804 -20.40 -120.77 9.82
N LYS J 805 -20.76 -121.82 9.10
CA LYS J 805 -19.99 -122.33 7.94
C LYS J 805 -19.93 -121.25 6.85
N GLU J 806 -21.02 -120.50 6.66
CA GLU J 806 -21.26 -119.68 5.45
C GLU J 806 -20.88 -118.22 5.67
N VAL J 807 -20.56 -117.82 6.90
CA VAL J 807 -19.97 -116.47 7.17
C VAL J 807 -18.51 -116.50 6.72
N LYS J 808 -18.03 -115.37 6.22
CA LYS J 808 -16.76 -115.26 5.48
C LYS J 808 -15.60 -115.06 6.46
N THR J 809 -15.88 -114.74 7.74
CA THR J 809 -14.92 -114.70 8.89
C THR J 809 -13.86 -115.81 8.70
N SER J 810 -12.58 -115.45 8.82
CA SER J 810 -11.43 -116.28 8.37
C SER J 810 -11.24 -117.47 9.30
N PRO J 811 -10.93 -118.67 8.77
CA PRO J 811 -10.78 -119.87 9.58
C PRO J 811 -10.13 -119.69 10.95
N ASP J 812 -9.10 -118.84 11.01
CA ASP J 812 -8.28 -118.58 12.24
C ASP J 812 -9.03 -117.64 13.19
N ALA J 813 -9.83 -116.70 12.69
CA ALA J 813 -10.65 -115.80 13.54
C ALA J 813 -11.84 -116.56 14.15
N LYS J 814 -12.31 -117.64 13.52
CA LYS J 814 -13.31 -118.57 14.11
C LYS J 814 -12.67 -119.34 15.28
N LYS J 815 -11.42 -119.80 15.14
CA LYS J 815 -10.68 -120.48 16.24
C LYS J 815 -10.50 -119.50 17.39
N CYS J 816 -10.22 -118.24 17.07
CA CYS J 816 -10.00 -117.13 18.04
C CYS J 816 -11.30 -116.83 18.79
N ILE J 817 -12.45 -116.93 18.12
CA ILE J 817 -13.80 -116.70 18.72
C ILE J 817 -14.13 -117.84 19.68
N ALA J 818 -14.02 -119.08 19.21
CA ALA J 818 -14.40 -120.29 19.97
C ALA J 818 -13.60 -120.39 21.27
N ALA J 819 -12.40 -119.82 21.31
CA ALA J 819 -11.48 -119.83 22.47
C ALA J 819 -11.98 -118.88 23.56
N CYS J 820 -12.61 -117.75 23.21
CA CYS J 820 -13.26 -116.81 24.17
C CYS J 820 -14.30 -117.57 24.98
N THR J 821 -14.08 -117.69 26.29
CA THR J 821 -15.00 -118.40 27.23
C THR J 821 -16.26 -117.57 27.41
N GLY J 822 -16.10 -116.24 27.45
CA GLY J 822 -17.20 -115.30 27.74
C GLY J 822 -17.50 -115.28 29.21
N VAL J 823 -18.63 -114.69 29.60
CA VAL J 823 -18.90 -114.33 31.01
C VAL J 823 -20.40 -114.20 31.24
N PRO J 824 -20.96 -114.65 32.40
CA PRO J 824 -22.39 -114.50 32.65
C PRO J 824 -22.82 -113.02 32.72
N ASP J 825 -24.13 -112.75 32.62
CA ASP J 825 -24.69 -111.38 32.48
C ASP J 825 -24.11 -110.46 33.57
N ASP J 826 -24.08 -110.90 34.83
CA ASP J 826 -23.66 -110.08 36.01
C ASP J 826 -22.30 -109.40 35.80
N LYS J 827 -21.41 -109.96 34.95
CA LYS J 827 -19.97 -109.60 34.85
C LYS J 827 -19.61 -108.90 33.52
N TRP J 828 -20.50 -108.85 32.53
CA TRP J 828 -20.29 -108.13 31.25
C TRP J 828 -19.72 -106.72 31.47
N GLU J 829 -20.04 -106.06 32.59
CA GLU J 829 -19.72 -104.62 32.77
C GLU J 829 -18.25 -104.43 33.15
N GLN J 830 -17.48 -105.51 33.31
CA GLN J 830 -16.03 -105.46 33.60
C GLN J 830 -15.23 -105.17 32.31
N THR J 831 -15.84 -105.30 31.13
CA THR J 831 -15.16 -105.11 29.81
C THR J 831 -14.76 -103.63 29.60
N TYR J 832 -15.24 -102.70 30.43
CA TYR J 832 -14.79 -101.29 30.38
C TYR J 832 -13.38 -101.17 30.98
N LYS J 833 -13.04 -102.02 31.95
CA LYS J 833 -11.76 -101.97 32.70
C LYS J 833 -10.69 -102.82 32.01
N LYS J 834 -10.97 -104.10 31.73
CA LYS J 834 -9.94 -105.11 31.39
C LYS J 834 -10.58 -106.29 30.64
N PRO J 835 -9.79 -107.15 29.95
CA PRO J 835 -10.35 -108.35 29.33
C PRO J 835 -11.21 -109.17 30.30
N THR J 836 -12.40 -109.53 29.82
CA THR J 836 -13.47 -110.25 30.54
C THR J 836 -14.03 -111.30 29.58
N GLY J 837 -13.83 -112.59 29.87
CA GLY J 837 -14.14 -113.70 28.94
C GLY J 837 -13.39 -113.56 27.62
N GLY J 838 -12.22 -112.93 27.62
CA GLY J 838 -11.40 -112.66 26.43
C GLY J 838 -11.97 -111.55 25.56
N ILE J 839 -12.68 -110.57 26.15
CA ILE J 839 -13.37 -109.47 25.42
C ILE J 839 -13.24 -108.15 26.19
N VAL J 840 -13.10 -107.04 25.49
CA VAL J 840 -12.93 -105.67 26.06
C VAL J 840 -13.78 -104.69 25.27
N THR J 841 -14.18 -103.62 25.95
CA THR J 841 -14.69 -102.39 25.32
C THR J 841 -13.48 -101.59 24.84
N VAL J 842 -13.72 -100.65 23.93
CA VAL J 842 -12.70 -99.88 23.17
C VAL J 842 -13.46 -98.75 22.44
N ARG J 843 -13.06 -97.49 22.64
CA ARG J 843 -13.69 -96.32 21.95
C ARG J 843 -13.38 -96.42 20.45
N SER J 844 -14.37 -96.22 19.59
CA SER J 844 -14.23 -96.11 18.12
C SER J 844 -13.71 -94.70 17.79
N GLU J 845 -13.64 -94.34 16.51
CA GLU J 845 -13.15 -92.98 16.08
C GLU J 845 -14.13 -91.90 16.57
N MET J 846 -15.43 -92.22 16.65
CA MET J 846 -16.51 -91.28 17.09
C MET J 846 -16.49 -91.13 18.62
N GLY J 847 -16.07 -92.16 19.37
CA GLY J 847 -16.09 -92.19 20.85
C GLY J 847 -17.13 -93.15 21.39
N GLU J 848 -17.90 -93.79 20.50
CA GLU J 848 -18.86 -94.87 20.84
C GLU J 848 -18.06 -96.02 21.43
N PRO J 849 -18.53 -96.71 22.48
CA PRO J 849 -17.93 -97.98 22.89
C PRO J 849 -18.11 -99.08 21.85
N ILE J 850 -17.25 -100.10 21.85
CA ILE J 850 -17.35 -101.34 21.01
C ILE J 850 -16.82 -102.50 21.83
N HIS J 851 -17.51 -103.63 21.80
CA HIS J 851 -17.04 -104.91 22.36
C HIS J 851 -16.25 -105.63 21.29
N LYS J 852 -14.94 -105.81 21.50
CA LYS J 852 -14.04 -106.57 20.59
C LYS J 852 -13.32 -107.67 21.37
N ILE J 853 -13.01 -108.78 20.71
CA ILE J 853 -12.14 -109.88 21.20
C ILE J 853 -10.76 -109.31 21.48
N ALA J 854 -10.29 -109.44 22.71
CA ALA J 854 -9.05 -108.80 23.20
C ALA J 854 -7.87 -109.58 22.63
N THR J 855 -7.56 -109.26 21.38
CA THR J 855 -6.31 -109.60 20.67
C THR J 855 -5.24 -108.59 21.10
N ARG J 856 -3.96 -108.88 20.84
CA ARG J 856 -2.83 -107.93 21.04
C ARG J 856 -3.16 -106.59 20.36
N GLY J 857 -3.71 -106.68 19.14
CA GLY J 857 -4.11 -105.51 18.32
C GLY J 857 -5.09 -104.62 19.05
N VAL J 858 -6.11 -105.23 19.66
CA VAL J 858 -7.19 -104.48 20.34
C VAL J 858 -6.64 -104.00 21.68
N MET J 859 -5.80 -104.78 22.35
CA MET J 859 -5.17 -104.34 23.62
C MET J 859 -4.27 -103.12 23.37
N LEU J 860 -3.60 -103.08 22.22
CA LEU J 860 -2.83 -101.88 21.80
C LEU J 860 -3.80 -100.70 21.66
N TRP J 861 -4.85 -100.89 20.87
CA TRP J 861 -5.98 -99.93 20.68
C TRP J 861 -6.42 -99.36 22.04
N LYS J 862 -6.69 -100.23 23.01
CA LYS J 862 -7.18 -99.86 24.36
C LYS J 862 -6.19 -98.91 25.05
N GLU J 863 -4.92 -99.32 25.14
CA GLU J 863 -3.79 -98.55 25.75
C GLU J 863 -3.66 -97.16 25.12
N PHE J 864 -3.86 -97.00 23.81
CA PHE J 864 -3.76 -95.70 23.11
C PHE J 864 -4.93 -94.79 23.50
N ASP J 865 -6.14 -95.33 23.70
CA ASP J 865 -7.32 -94.55 24.16
C ASP J 865 -7.05 -94.00 25.56
N GLU J 866 -6.36 -94.77 26.42
CA GLU J 866 -6.00 -94.36 27.80
C GLU J 866 -4.83 -93.35 27.79
N THR J 867 -3.84 -93.57 26.92
CA THR J 867 -2.52 -92.86 26.91
C THR J 867 -2.55 -91.65 25.96
N ILE J 868 -2.89 -91.84 24.68
CA ILE J 868 -2.62 -90.89 23.56
C ILE J 868 -3.89 -90.12 23.15
N PHE J 869 -4.99 -90.81 22.85
CA PHE J 869 -6.19 -90.22 22.18
C PHE J 869 -7.13 -89.52 23.16
N ASN J 870 -6.91 -89.64 24.47
CA ASN J 870 -7.70 -88.91 25.50
C ASN J 870 -7.07 -87.54 25.80
N LEU J 871 -5.86 -87.27 25.30
CA LEU J 871 -5.10 -86.03 25.59
C LEU J 871 -5.73 -84.88 24.81
N PRO J 872 -5.66 -83.63 25.31
CA PRO J 872 -6.09 -82.46 24.54
C PRO J 872 -5.14 -82.19 23.37
N LYS J 873 -5.59 -81.41 22.39
CA LYS J 873 -4.95 -81.25 21.04
C LYS J 873 -3.53 -80.68 21.13
N ASN J 874 -3.30 -79.68 22.00
CA ASN J 874 -1.98 -79.03 22.21
C ASN J 874 -0.96 -80.04 22.76
N LYS J 875 -1.40 -81.02 23.55
CA LYS J 875 -0.52 -82.00 24.28
C LYS J 875 -0.20 -83.24 23.42
N LEU J 876 -0.77 -83.37 22.22
CA LEU J 876 -0.78 -84.66 21.47
C LEU J 876 0.57 -84.88 20.76
N VAL J 877 1.00 -83.91 19.96
CA VAL J 877 2.21 -84.01 19.08
C VAL J 877 3.48 -84.04 19.92
N PRO J 878 3.62 -83.27 21.02
CA PRO J 878 4.68 -83.50 22.00
C PRO J 878 4.76 -84.94 22.53
N THR J 879 3.61 -85.51 22.89
CA THR J 879 3.49 -86.88 23.46
C THR J 879 3.90 -87.92 22.42
N LEU J 880 3.46 -87.75 21.17
CA LEU J 880 3.75 -88.68 20.04
C LEU J 880 5.25 -88.71 19.71
N GLU J 881 5.94 -87.57 19.84
CA GLU J 881 7.41 -87.47 19.61
C GLU J 881 8.15 -88.18 20.74
N ALA J 882 7.71 -87.97 21.99
CA ALA J 882 8.33 -88.57 23.19
C ALA J 882 8.34 -90.09 23.07
N LYS J 883 7.22 -90.71 22.65
CA LYS J 883 7.07 -92.18 22.65
C LYS J 883 7.00 -92.71 21.21
N ARG J 884 7.42 -91.89 20.24
CA ARG J 884 7.57 -92.25 18.81
C ARG J 884 8.14 -93.67 18.65
N ASP J 885 9.30 -93.95 19.23
CA ASP J 885 10.00 -95.23 18.97
C ASP J 885 9.20 -96.39 19.54
N TYR J 886 8.49 -96.15 20.65
CA TYR J 886 7.67 -97.19 21.35
C TYR J 886 6.47 -97.54 20.47
N ILE J 887 5.65 -96.54 20.15
CA ILE J 887 4.47 -96.61 19.22
C ILE J 887 4.85 -97.39 17.96
N ILE J 888 5.91 -96.98 17.27
CA ILE J 888 6.35 -97.66 16.01
C ILE J 888 6.60 -99.15 16.29
N SER J 889 7.18 -99.51 17.43
CA SER J 889 7.54 -100.92 17.74
C SER J 889 6.27 -101.74 17.94
N ARG J 890 5.24 -101.11 18.53
CA ARG J 890 3.95 -101.75 18.92
C ARG J 890 3.13 -102.01 17.66
N LEU J 891 2.87 -100.96 16.87
CA LEU J 891 2.25 -101.03 15.53
C LEU J 891 2.85 -102.19 14.73
N ASN J 892 4.17 -102.40 14.77
CA ASN J 892 4.84 -103.42 13.91
C ASN J 892 4.64 -104.83 14.47
N ALA J 893 4.72 -104.97 15.80
CA ALA J 893 4.57 -106.26 16.53
C ALA J 893 3.12 -106.73 16.47
N ASP J 894 2.18 -105.83 16.76
CA ASP J 894 0.86 -106.13 17.36
C ASP J 894 -0.34 -105.66 16.53
N PHE J 895 -0.22 -104.78 15.54
CA PHE J 895 -1.42 -104.13 14.92
C PHE J 895 -1.62 -104.50 13.44
N GLN J 896 -2.86 -104.35 12.99
CA GLN J 896 -3.37 -104.71 11.63
C GLN J 896 -2.89 -103.67 10.62
N LYS J 897 -2.66 -102.43 11.08
CA LYS J 897 -2.00 -101.36 10.32
C LYS J 897 -0.56 -101.20 10.81
N PRO J 898 0.46 -101.80 10.17
CA PRO J 898 1.85 -101.64 10.60
C PRO J 898 2.35 -100.23 10.28
N TRP J 899 3.52 -99.84 10.81
CA TRP J 899 4.20 -98.54 10.54
C TRP J 899 4.89 -98.66 9.19
N PHE J 900 4.57 -97.78 8.26
CA PHE J 900 4.78 -98.05 6.81
C PHE J 900 6.27 -98.20 6.53
N ALA J 901 7.03 -97.28 7.13
CA ALA J 901 8.46 -97.05 6.91
C ALA J 901 9.24 -97.95 7.84
N THR J 902 9.28 -99.23 7.51
CA THR J 902 10.19 -100.23 8.10
C THR J 902 10.71 -101.04 6.92
N VAL J 903 12.05 -101.10 6.81
CA VAL J 903 12.75 -101.93 5.80
C VAL J 903 13.60 -102.94 6.58
N ASN J 904 13.51 -104.23 6.19
CA ASN J 904 14.04 -105.43 6.90
C ASN J 904 13.89 -105.28 8.42
N GLY J 905 12.67 -105.02 8.88
CA GLY J 905 12.30 -105.01 10.31
C GLY J 905 13.00 -103.93 11.11
N GLN J 906 13.44 -102.86 10.46
CA GLN J 906 14.20 -101.74 11.08
C GLN J 906 13.39 -100.45 10.86
N ALA J 907 13.00 -99.77 11.93
CA ALA J 907 12.16 -98.55 11.85
C ALA J 907 12.96 -97.41 11.22
N ARG J 908 12.22 -96.54 10.55
CA ARG J 908 12.73 -95.44 9.70
C ARG J 908 11.69 -94.32 9.78
N ASP J 909 11.66 -93.48 8.75
CA ASP J 909 10.63 -92.46 8.47
C ASP J 909 10.53 -92.41 6.95
N LEU J 910 9.45 -91.89 6.34
CA LEU J 910 9.36 -91.78 4.86
C LEU J 910 10.65 -91.12 4.35
N ALA J 911 11.02 -89.99 4.99
CA ALA J 911 12.16 -89.11 4.64
C ALA J 911 13.51 -89.83 4.70
N THR J 912 13.62 -91.01 5.31
CA THR J 912 14.89 -91.79 5.41
C THR J 912 14.80 -93.13 4.66
N MET J 913 13.92 -93.24 3.66
CA MET J 913 13.69 -94.45 2.84
C MET J 913 13.98 -94.09 1.41
N THR J 914 14.49 -95.03 0.62
CA THR J 914 14.77 -94.78 -0.82
C THR J 914 13.46 -95.04 -1.57
N TYR J 915 13.35 -94.45 -2.76
CA TYR J 915 12.19 -94.59 -3.66
C TYR J 915 12.00 -96.08 -3.94
N GLU J 916 13.06 -96.88 -4.07
CA GLU J 916 12.91 -98.35 -4.28
C GLU J 916 12.33 -99.02 -3.03
N GLU J 917 12.97 -98.82 -1.87
CA GLU J 917 12.50 -99.31 -0.56
C GLU J 917 11.00 -99.02 -0.39
N VAL J 918 10.49 -97.90 -0.90
CA VAL J 918 9.07 -97.49 -0.71
C VAL J 918 8.20 -98.36 -1.60
N ALA J 919 8.52 -98.42 -2.89
CA ALA J 919 7.76 -99.22 -3.87
C ALA J 919 7.80 -100.71 -3.52
N LYS J 920 8.88 -101.20 -2.89
CA LYS J 920 8.98 -102.64 -2.50
C LYS J 920 7.98 -102.93 -1.38
N ARG J 921 7.74 -101.94 -0.54
CA ARG J 921 6.97 -102.05 0.71
C ARG J 921 5.49 -101.89 0.37
N LEU J 922 5.15 -101.03 -0.58
CA LEU J 922 3.78 -100.93 -1.14
C LEU J 922 3.35 -102.28 -1.72
N VAL J 923 4.22 -103.03 -2.37
CA VAL J 923 3.89 -104.37 -2.92
C VAL J 923 3.77 -105.37 -1.76
N GLU J 924 4.71 -105.37 -0.84
CA GLU J 924 4.74 -106.25 0.37
C GLU J 924 3.39 -106.17 1.11
N LEU J 925 2.77 -104.98 1.18
CA LEU J 925 1.66 -104.67 2.10
C LEU J 925 0.30 -104.61 1.40
N MET J 926 0.25 -104.42 0.09
CA MET J 926 -1.03 -104.25 -0.64
C MET J 926 -1.27 -105.40 -1.62
N PHE J 927 -0.22 -106.00 -2.15
CA PHE J 927 -0.29 -107.11 -3.13
C PHE J 927 -0.14 -108.43 -2.36
N ILE J 928 -0.95 -109.43 -2.71
CA ILE J 928 -1.15 -110.69 -1.94
C ILE J 928 -0.51 -111.82 -2.75
N ARG J 929 0.49 -112.49 -2.20
CA ARG J 929 1.26 -113.52 -2.94
C ARG J 929 0.40 -114.76 -3.18
N SER J 930 -0.28 -115.27 -2.16
CA SER J 930 -1.11 -116.51 -2.20
C SER J 930 -2.09 -116.47 -3.38
N THR J 931 -2.90 -115.41 -3.52
CA THR J 931 -3.90 -115.22 -4.60
C THR J 931 -3.27 -114.60 -5.86
N ASN J 932 -2.00 -114.14 -5.78
CA ASN J 932 -1.21 -113.57 -6.90
C ASN J 932 -1.98 -112.41 -7.55
N SER J 933 -2.53 -111.52 -6.72
CA SER J 933 -3.34 -110.35 -7.15
C SER J 933 -3.29 -109.25 -6.08
N TRP J 934 -3.59 -108.02 -6.49
CA TRP J 934 -3.76 -106.87 -5.57
C TRP J 934 -5.04 -107.08 -4.77
N PHE J 935 -5.03 -106.70 -3.50
CA PHE J 935 -6.21 -106.86 -2.62
C PHE J 935 -7.33 -106.00 -3.15
N ASP J 936 -7.04 -104.71 -3.36
CA ASP J 936 -7.97 -103.70 -3.92
C ASP J 936 -7.30 -103.04 -5.12
N VAL J 937 -8.07 -102.74 -6.15
CA VAL J 937 -7.57 -102.11 -7.41
C VAL J 937 -7.25 -100.63 -7.14
N THR J 938 -7.93 -99.96 -6.19
CA THR J 938 -7.57 -98.56 -5.79
C THR J 938 -6.13 -98.51 -5.23
N TRP J 939 -5.64 -99.63 -4.68
CA TRP J 939 -4.29 -99.75 -4.07
C TRP J 939 -3.28 -99.98 -5.18
N ARG J 940 -3.62 -100.74 -6.21
CA ARG J 940 -2.76 -100.87 -7.40
C ARG J 940 -2.58 -99.46 -7.99
N THR J 941 -3.67 -98.74 -8.20
CA THR J 941 -3.67 -97.33 -8.67
C THR J 941 -2.66 -96.53 -7.85
N PHE J 942 -2.68 -96.68 -6.54
CA PHE J 942 -1.80 -95.96 -5.58
C PHE J 942 -0.34 -96.20 -5.94
N THR J 943 0.08 -97.45 -6.15
CA THR J 943 1.50 -97.81 -6.40
C THR J 943 1.89 -97.44 -7.83
N GLY J 944 0.98 -97.52 -8.79
CA GLY J 944 1.23 -97.03 -10.15
C GLY J 944 1.50 -95.54 -10.11
N ASP J 945 0.60 -94.77 -9.50
CA ASP J 945 0.71 -93.29 -9.39
C ASP J 945 2.07 -92.94 -8.78
N PHE J 946 2.51 -93.68 -7.77
CA PHE J 946 3.84 -93.56 -7.14
C PHE J 946 4.96 -93.88 -8.13
N LEU J 947 4.90 -94.99 -8.89
CA LEU J 947 5.99 -95.31 -9.85
C LEU J 947 6.06 -94.21 -10.93
N ARG J 948 4.94 -93.59 -11.27
CA ARG J 948 4.94 -92.51 -12.27
C ARG J 948 5.72 -91.33 -11.69
N ARG J 949 5.61 -91.11 -10.40
CA ARG J 949 6.24 -89.95 -9.73
C ARG J 949 7.75 -90.17 -9.65
N VAL J 950 8.21 -91.41 -9.46
CA VAL J 950 9.65 -91.76 -9.56
C VAL J 950 10.14 -91.34 -10.94
N GLU J 951 9.44 -91.72 -12.00
CA GLU J 951 9.88 -91.43 -13.40
C GLU J 951 9.90 -89.91 -13.61
N GLU J 952 8.88 -89.20 -13.16
CA GLU J 952 8.82 -87.72 -13.25
C GLU J 952 10.03 -87.13 -12.52
N ARG J 953 10.41 -87.68 -11.37
CA ARG J 953 11.44 -87.08 -10.48
C ARG J 953 12.82 -87.34 -11.06
N PHE J 954 13.04 -88.47 -11.74
CA PHE J 954 14.40 -88.93 -12.10
C PHE J 954 14.66 -88.87 -13.59
N THR J 955 13.68 -88.53 -14.44
CA THR J 955 13.95 -88.37 -15.90
C THR J 955 14.51 -86.96 -16.13
N LYS J 956 15.35 -86.80 -17.14
CA LYS J 956 15.97 -85.50 -17.50
C LYS J 956 15.05 -84.76 -18.46
N SER J 957 14.24 -85.53 -19.20
CA SER J 957 13.63 -85.14 -20.50
C SER J 957 12.25 -85.80 -20.64
N LYS J 958 11.28 -85.07 -21.16
CA LYS J 958 9.92 -85.58 -21.52
C LYS J 958 10.08 -86.92 -22.25
N THR J 959 9.71 -88.02 -21.60
CA THR J 959 9.68 -89.40 -22.16
C THR J 959 8.26 -89.93 -22.08
N LEU J 960 7.98 -91.00 -22.83
CA LEU J 960 6.78 -91.85 -22.63
C LEU J 960 7.06 -92.76 -21.44
N SER J 961 6.04 -92.97 -20.60
CA SER J 961 6.06 -93.74 -19.33
C SER J 961 6.32 -95.23 -19.59
N LEU J 962 7.04 -95.89 -18.68
CA LEU J 962 7.33 -97.36 -18.74
C LEU J 962 6.09 -98.12 -18.25
N ILE J 963 5.26 -97.48 -17.43
CA ILE J 963 3.98 -98.04 -16.90
C ILE J 963 2.83 -97.34 -17.63
N GLN J 964 2.49 -97.85 -18.83
CA GLN J 964 1.42 -97.28 -19.69
C GLN J 964 0.04 -97.60 -19.09
N SER J 965 -0.26 -98.89 -18.94
CA SER J 965 -1.47 -99.43 -18.29
C SER J 965 -1.07 -99.93 -16.91
N TYR J 966 -1.90 -99.74 -15.89
CA TYR J 966 -1.66 -100.31 -14.54
C TYR J 966 -1.94 -101.82 -14.54
N SER J 967 -2.42 -102.39 -15.66
CA SER J 967 -2.48 -103.85 -15.93
C SER J 967 -1.11 -104.49 -15.73
N LEU J 968 -0.04 -103.77 -16.08
CA LEU J 968 1.35 -104.28 -16.06
C LEU J 968 1.76 -104.60 -14.62
N LEU J 969 1.21 -103.88 -13.65
CA LEU J 969 1.53 -104.05 -12.21
C LEU J 969 1.13 -105.46 -11.71
N ASP J 970 0.25 -106.19 -12.41
CA ASP J 970 -0.29 -107.50 -11.93
C ASP J 970 0.81 -108.59 -11.84
N LYS J 971 2.05 -108.32 -12.30
CA LYS J 971 3.30 -109.08 -11.95
C LYS J 971 4.34 -108.12 -11.38
N PRO J 972 4.18 -107.68 -10.11
CA PRO J 972 4.65 -106.36 -9.68
C PRO J 972 6.17 -106.24 -9.43
N ASP J 973 6.85 -107.35 -9.20
CA ASP J 973 8.34 -107.38 -9.02
C ASP J 973 9.00 -107.10 -10.37
N GLU J 974 8.44 -107.62 -11.48
CA GLU J 974 8.96 -107.40 -12.86
C GLU J 974 8.81 -105.91 -13.24
N ALA J 975 7.68 -105.31 -12.87
CA ALA J 975 7.29 -103.92 -13.21
C ALA J 975 8.01 -102.93 -12.30
N ILE J 976 8.49 -103.36 -11.13
CA ILE J 976 9.35 -102.52 -10.24
C ILE J 976 10.76 -102.51 -10.84
N GLU J 977 11.35 -103.68 -11.13
CA GLU J 977 12.70 -103.77 -11.73
C GLU J 977 12.75 -102.91 -13.00
N LYS J 978 11.74 -103.04 -13.86
CA LYS J 978 11.66 -102.30 -15.15
C LYS J 978 11.87 -100.79 -14.92
N VAL J 979 11.28 -100.21 -13.87
CA VAL J 979 11.30 -98.74 -13.57
C VAL J 979 12.62 -98.36 -12.91
N PHE J 980 13.12 -99.18 -11.98
CA PHE J 980 14.34 -98.90 -11.20
C PHE J 980 15.59 -99.43 -11.91
N ASN J 981 15.46 -100.04 -13.10
CA ASN J 981 16.59 -100.25 -14.03
C ASN J 981 16.82 -98.93 -14.77
N ALA J 982 15.75 -98.36 -15.32
CA ALA J 982 15.78 -97.16 -16.18
C ALA J 982 16.00 -95.88 -15.36
N TYR J 983 15.83 -95.91 -14.04
CA TYR J 983 16.10 -94.76 -13.14
C TYR J 983 16.82 -95.27 -11.89
N PRO J 984 18.07 -95.77 -12.02
CA PRO J 984 18.75 -96.45 -10.92
C PRO J 984 19.23 -95.54 -9.80
N ALA J 985 19.24 -94.22 -10.03
CA ALA J 985 19.50 -93.18 -9.00
C ALA J 985 18.49 -93.32 -7.88
N ALA J 986 17.27 -93.73 -8.22
CA ALA J 986 16.12 -93.88 -7.30
C ALA J 986 16.41 -94.97 -6.28
N ARG J 987 17.23 -95.97 -6.62
CA ARG J 987 17.65 -97.02 -5.67
C ARG J 987 18.49 -96.43 -4.53
N GLU J 988 19.01 -95.22 -4.69
CA GLU J 988 20.12 -94.70 -3.85
C GLU J 988 19.79 -93.34 -3.22
N GLN J 989 18.55 -92.86 -3.31
CA GLN J 989 18.21 -91.50 -2.84
C GLN J 989 16.99 -91.55 -1.94
N PHE J 990 17.10 -90.96 -0.75
CA PHE J 990 15.92 -90.79 0.11
C PHE J 990 14.87 -89.97 -0.62
N LEU J 991 13.65 -90.09 -0.12
CA LEU J 991 12.46 -89.47 -0.74
C LEU J 991 12.65 -87.95 -0.66
N ASN J 992 12.58 -87.27 -1.80
CA ASN J 992 12.48 -85.79 -1.90
C ASN J 992 11.38 -85.31 -0.98
N ALA J 993 11.58 -84.20 -0.31
CA ALA J 993 10.63 -83.64 0.68
C ALA J 993 9.25 -83.48 0.08
N GLN J 994 9.19 -83.20 -1.21
CA GLN J 994 7.93 -82.92 -1.95
C GLN J 994 7.20 -84.23 -2.18
N ASP J 995 7.93 -85.31 -2.42
CA ASP J 995 7.33 -86.62 -2.78
C ASP J 995 6.80 -87.31 -1.53
N ILE J 996 7.27 -86.94 -0.35
CA ILE J 996 6.70 -87.36 0.96
C ILE J 996 5.33 -86.70 1.12
N ASP J 997 5.27 -85.39 0.85
CA ASP J 997 4.02 -84.59 0.92
C ASP J 997 3.00 -85.12 -0.10
N HIS J 998 3.47 -85.62 -1.23
CA HIS J 998 2.61 -86.21 -2.27
C HIS J 998 2.13 -87.56 -1.77
N PHE J 999 3.02 -88.33 -1.16
CA PHE J 999 2.71 -89.69 -0.66
C PHE J 999 1.59 -89.58 0.37
N LEU J 1000 1.74 -88.66 1.29
CA LEU J 1000 0.77 -88.45 2.38
C LEU J 1000 -0.53 -87.85 1.83
N SER J 1001 -0.50 -87.13 0.72
CA SER J 1001 -1.73 -86.66 0.03
C SER J 1001 -2.51 -87.84 -0.55
N MET J 1002 -1.86 -88.81 -1.17
CA MET J 1002 -2.56 -89.99 -1.76
C MET J 1002 -3.11 -90.88 -0.65
N CYS J 1003 -2.54 -90.84 0.57
CA CYS J 1003 -3.01 -91.62 1.74
C CYS J 1003 -4.33 -91.05 2.30
N GLN J 1004 -4.67 -89.79 1.98
CA GLN J 1004 -5.86 -89.02 2.43
C GLN J 1004 -6.91 -88.92 1.32
N ASN J 1005 -6.69 -89.58 0.18
CA ASN J 1005 -7.63 -89.63 -0.97
C ASN J 1005 -8.87 -90.39 -0.52
N PRO J 1006 -10.09 -89.80 -0.59
CA PRO J 1006 -11.29 -90.55 -0.19
C PRO J 1006 -11.90 -91.49 -1.26
N MET J 1007 -11.40 -91.49 -2.50
CA MET J 1007 -11.88 -92.37 -3.62
C MET J 1007 -11.02 -93.65 -3.71
N GLN J 1008 -10.64 -94.19 -2.56
CA GLN J 1008 -9.50 -95.14 -2.39
C GLN J 1008 -9.75 -95.92 -1.10
N LYS J 1009 -9.57 -97.23 -1.10
CA LYS J 1009 -9.72 -97.99 0.15
C LYS J 1009 -8.64 -97.48 1.09
N PRO J 1010 -8.99 -97.11 2.33
CA PRO J 1010 -8.00 -96.64 3.28
C PRO J 1010 -6.83 -97.62 3.38
N VAL J 1011 -5.66 -97.00 3.49
CA VAL J 1011 -4.37 -97.59 3.10
C VAL J 1011 -3.91 -98.44 4.28
N PRO J 1012 -3.41 -99.67 4.08
CA PRO J 1012 -3.31 -100.65 5.17
C PRO J 1012 -2.02 -100.52 5.97
N PHE J 1013 -1.79 -99.31 6.52
CA PHE J 1013 -0.57 -98.91 7.27
C PHE J 1013 -0.69 -97.48 7.79
N VAL J 1014 0.17 -97.14 8.76
CA VAL J 1014 0.32 -95.78 9.35
C VAL J 1014 1.57 -95.16 8.75
N PRO J 1015 1.44 -94.16 7.86
CA PRO J 1015 2.61 -93.55 7.22
C PRO J 1015 3.22 -92.36 7.99
N VAL J 1016 2.58 -91.83 9.03
CA VAL J 1016 3.18 -90.71 9.82
C VAL J 1016 2.57 -90.63 11.23
N LEU J 1017 3.37 -90.21 12.24
CA LEU J 1017 2.87 -89.75 13.58
C LEU J 1017 2.72 -88.21 13.63
N ASP J 1018 1.51 -87.71 13.45
CA ASP J 1018 1.14 -86.27 13.54
C ASP J 1018 -0.22 -86.17 14.24
N ARG J 1019 -0.93 -85.06 14.08
CA ARG J 1019 -2.28 -84.82 14.64
C ARG J 1019 -3.28 -85.85 14.11
N ARG J 1020 -3.13 -86.29 12.85
CA ARG J 1020 -4.09 -87.18 12.15
C ARG J 1020 -3.92 -88.66 12.56
N PHE J 1021 -3.30 -88.97 13.70
CA PHE J 1021 -2.86 -90.35 14.04
C PHE J 1021 -4.06 -91.18 14.48
N GLU J 1022 -5.03 -90.59 15.20
CA GLU J 1022 -6.22 -91.33 15.71
C GLU J 1022 -7.05 -91.80 14.51
N ILE J 1023 -7.14 -90.99 13.46
CA ILE J 1023 -7.82 -91.36 12.19
C ILE J 1023 -7.02 -92.48 11.54
N PHE J 1024 -5.73 -92.31 11.23
CA PHE J 1024 -4.92 -93.32 10.51
C PHE J 1024 -4.97 -94.70 11.18
N PHE J 1025 -4.92 -94.70 12.51
CA PHE J 1025 -4.89 -95.90 13.40
C PHE J 1025 -6.22 -96.65 13.39
N LYS J 1026 -7.36 -95.98 13.16
CA LYS J 1026 -8.73 -96.49 13.46
C LYS J 1026 -9.54 -96.71 12.19
N LYS J 1027 -9.60 -95.72 11.30
CA LYS J 1027 -10.07 -95.78 9.89
C LYS J 1027 -9.99 -97.22 9.35
N ASP J 1028 -11.13 -97.82 9.00
CA ASP J 1028 -11.24 -99.07 8.21
C ASP J 1028 -10.64 -100.24 9.01
N SER J 1029 -11.25 -100.54 10.14
CA SER J 1029 -10.75 -101.49 11.17
C SER J 1029 -11.48 -102.84 11.15
N LEU J 1030 -12.52 -103.04 10.35
CA LEU J 1030 -13.48 -104.17 10.54
C LEU J 1030 -13.37 -105.23 9.46
N TRP J 1031 -12.71 -105.00 8.32
CA TRP J 1031 -12.67 -105.96 7.19
C TRP J 1031 -11.60 -107.04 7.37
N GLN J 1032 -10.61 -106.83 8.24
CA GLN J 1032 -9.35 -107.62 8.24
C GLN J 1032 -9.65 -109.05 8.71
N SER J 1033 -10.50 -109.23 9.72
CA SER J 1033 -10.98 -110.55 10.22
C SER J 1033 -11.46 -111.44 9.06
N GLU J 1034 -12.25 -110.88 8.14
CA GLU J 1034 -12.78 -111.61 6.96
C GLU J 1034 -11.65 -112.03 5.99
N HIS J 1035 -10.52 -111.32 5.97
CA HIS J 1035 -9.45 -111.48 4.94
C HIS J 1035 -8.07 -111.44 5.59
N LEU J 1036 -7.65 -112.53 6.22
CA LEU J 1036 -6.33 -112.59 6.91
C LEU J 1036 -5.22 -112.73 5.88
N GLU J 1037 -5.52 -113.25 4.68
CA GLU J 1037 -4.54 -113.38 3.57
C GLU J 1037 -3.81 -112.05 3.36
N ALA J 1038 -4.49 -110.91 3.58
CA ALA J 1038 -3.99 -109.55 3.27
C ALA J 1038 -3.59 -108.78 4.52
N VAL J 1039 -3.38 -109.45 5.64
CA VAL J 1039 -2.82 -108.86 6.89
C VAL J 1039 -1.38 -109.38 7.03
N VAL J 1040 -0.54 -108.70 7.81
CA VAL J 1040 0.95 -108.87 7.83
C VAL J 1040 1.34 -110.36 7.89
N ASP J 1041 1.18 -111.04 9.03
CA ASP J 1041 1.64 -112.45 9.21
C ASP J 1041 0.46 -113.42 9.09
N GLN J 1042 -0.56 -113.09 8.29
CA GLN J 1042 -1.87 -113.82 8.23
C GLN J 1042 -2.41 -114.02 9.66
N ASP J 1043 -2.30 -112.98 10.52
CA ASP J 1043 -2.29 -113.14 11.99
C ASP J 1043 -3.55 -112.52 12.64
N VAL J 1044 -4.53 -113.36 12.96
CA VAL J 1044 -5.75 -113.00 13.76
C VAL J 1044 -5.42 -111.90 14.76
N GLN J 1045 -4.28 -112.03 15.43
CA GLN J 1045 -4.02 -111.40 16.74
C GLN J 1045 -3.68 -109.92 16.55
N ARG J 1046 -3.55 -109.45 15.30
CA ARG J 1046 -3.44 -108.03 14.92
C ARG J 1046 -4.83 -107.37 14.86
N THR J 1047 -5.86 -108.19 14.62
CA THR J 1047 -7.14 -107.82 13.98
C THR J 1047 -8.14 -107.34 15.04
N CYS J 1048 -9.18 -106.63 14.63
CA CYS J 1048 -10.44 -106.37 15.40
C CYS J 1048 -11.47 -107.43 15.00
N ILE J 1049 -11.96 -108.19 15.98
CA ILE J 1049 -13.13 -109.10 15.83
C ILE J 1049 -14.20 -108.65 16.81
N LEU J 1050 -15.31 -108.10 16.32
CA LEU J 1050 -16.43 -107.62 17.19
C LEU J 1050 -17.20 -108.84 17.69
N HIS J 1051 -17.58 -108.85 18.97
CA HIS J 1051 -18.20 -110.02 19.64
C HIS J 1051 -18.72 -109.58 21.00
N GLY J 1052 -19.70 -110.28 21.54
CA GLY J 1052 -20.33 -109.88 22.82
C GLY J 1052 -19.83 -110.72 23.98
N PRO J 1053 -19.59 -110.10 25.14
CA PRO J 1053 -19.08 -110.81 26.30
C PRO J 1053 -20.00 -111.98 26.67
N VAL J 1054 -21.30 -111.71 26.79
CA VAL J 1054 -22.30 -112.68 27.31
C VAL J 1054 -22.55 -113.75 26.27
N ALA J 1055 -22.66 -113.37 25.01
CA ALA J 1055 -23.04 -114.31 23.92
C ALA J 1055 -21.90 -115.27 23.62
N ALA J 1056 -20.68 -114.99 24.10
CA ALA J 1056 -19.44 -115.73 23.79
C ALA J 1056 -19.44 -117.10 24.47
N GLN J 1057 -20.28 -117.31 25.49
CA GLN J 1057 -20.33 -118.61 26.24
C GLN J 1057 -21.15 -119.65 25.46
N PHE J 1058 -21.67 -119.33 24.27
CA PHE J 1058 -22.46 -120.26 23.43
C PHE J 1058 -21.79 -120.48 22.07
N THR J 1059 -20.84 -119.61 21.67
CA THR J 1059 -19.97 -119.76 20.47
C THR J 1059 -18.85 -120.77 20.75
N LYS J 1060 -19.04 -122.03 20.36
CA LYS J 1060 -18.09 -123.14 20.68
C LYS J 1060 -17.82 -124.04 19.46
N VAL J 1061 -18.84 -124.40 18.68
CA VAL J 1061 -18.70 -125.33 17.53
C VAL J 1061 -18.39 -124.50 16.28
N ILE J 1062 -17.24 -124.73 15.66
CA ILE J 1062 -16.79 -124.01 14.42
C ILE J 1062 -17.43 -124.68 13.19
N ASP J 1063 -17.78 -123.86 12.19
CA ASP J 1063 -18.27 -124.23 10.82
C ASP J 1063 -19.51 -125.12 10.93
N GLU J 1064 -20.37 -124.88 11.94
CA GLU J 1064 -21.71 -125.48 12.09
C GLU J 1064 -22.59 -124.79 11.05
N PRO J 1065 -23.32 -125.50 10.15
CA PRO J 1065 -24.09 -124.80 9.11
C PRO J 1065 -25.17 -123.90 9.75
N ILE J 1066 -25.42 -122.72 9.16
CA ILE J 1066 -26.37 -121.70 9.66
C ILE J 1066 -27.78 -122.28 9.80
N LYS J 1067 -28.18 -123.18 8.91
CA LYS J 1067 -29.44 -123.95 9.02
C LYS J 1067 -29.47 -124.62 10.39
N SER J 1068 -28.43 -125.40 10.70
CA SER J 1068 -28.34 -126.28 11.90
C SER J 1068 -28.35 -125.45 13.21
N ILE J 1069 -27.79 -124.23 13.22
CA ILE J 1069 -27.80 -123.34 14.42
C ILE J 1069 -29.24 -122.95 14.68
N MET J 1070 -29.81 -122.21 13.72
CA MET J 1070 -31.12 -121.52 13.80
C MET J 1070 -32.22 -122.56 14.00
N ASP J 1071 -32.30 -123.62 13.20
CA ASP J 1071 -33.21 -124.78 13.41
C ASP J 1071 -33.00 -125.37 14.80
N GLY J 1072 -31.77 -125.42 15.29
CA GLY J 1072 -31.43 -125.98 16.61
C GLY J 1072 -32.10 -125.20 17.73
N ILE J 1073 -32.24 -123.88 17.55
CA ILE J 1073 -32.86 -122.98 18.56
C ILE J 1073 -34.37 -123.11 18.42
N HIS J 1074 -34.86 -122.97 17.20
CA HIS J 1074 -36.31 -123.01 16.87
C HIS J 1074 -36.91 -124.34 17.31
N ASP J 1075 -36.25 -125.46 17.01
CA ASP J 1075 -36.72 -126.80 17.43
C ASP J 1075 -36.62 -126.89 18.96
N GLY J 1076 -35.57 -126.36 19.56
CA GLY J 1076 -35.38 -126.35 21.02
C GLY J 1076 -36.54 -125.69 21.76
N HIS J 1077 -37.11 -124.62 21.21
CA HIS J 1077 -38.33 -123.92 21.70
C HIS J 1077 -39.57 -124.80 21.55
N ILE J 1078 -39.74 -125.47 20.40
CA ILE J 1078 -40.91 -126.34 20.08
C ILE J 1078 -40.95 -127.49 21.08
N LYS J 1079 -39.82 -128.19 21.21
CA LYS J 1079 -39.54 -129.25 22.21
C LYS J 1079 -40.15 -128.81 23.56
N LYS J 1080 -39.75 -127.64 24.04
CA LYS J 1080 -40.06 -127.11 25.40
C LYS J 1080 -41.50 -126.62 25.48
N LEU J 1081 -41.99 -126.00 24.41
CA LEU J 1081 -43.33 -125.37 24.33
C LEU J 1081 -44.38 -126.48 24.25
N LEU J 1082 -44.02 -127.59 23.61
CA LEU J 1082 -44.87 -128.80 23.46
C LEU J 1082 -45.03 -129.46 24.84
N HIS J 1083 -43.94 -129.57 25.60
CA HIS J 1083 -43.89 -130.28 26.90
C HIS J 1083 -44.68 -129.51 27.98
N GLN J 1084 -44.55 -128.17 28.05
CA GLN J 1084 -45.34 -127.35 29.02
C GLN J 1084 -46.81 -127.42 28.64
N TYR J 1085 -47.16 -126.87 27.48
CA TYR J 1085 -48.52 -126.34 27.16
C TYR J 1085 -49.36 -127.29 26.30
N TYR J 1086 -48.78 -128.34 25.72
CA TYR J 1086 -49.52 -129.30 24.84
C TYR J 1086 -49.36 -130.75 25.33
N GLY J 1087 -48.67 -131.01 26.45
CA GLY J 1087 -48.45 -132.35 27.02
C GLY J 1087 -47.86 -133.33 26.00
N ASP J 1088 -46.75 -132.97 25.37
CA ASP J 1088 -45.88 -133.82 24.50
C ASP J 1088 -46.70 -134.54 23.40
N ASP J 1089 -47.75 -133.90 22.87
CA ASP J 1089 -48.71 -134.49 21.89
C ASP J 1089 -48.84 -133.52 20.70
N GLU J 1090 -48.34 -133.91 19.53
CA GLU J 1090 -48.34 -133.03 18.33
C GLU J 1090 -49.76 -132.89 17.77
N SER J 1091 -50.65 -133.85 18.05
CA SER J 1091 -52.08 -133.85 17.62
C SER J 1091 -52.80 -132.59 18.12
N LYS J 1092 -52.41 -132.06 19.27
CA LYS J 1092 -53.09 -130.91 19.93
C LYS J 1092 -52.61 -129.57 19.38
N ILE J 1093 -51.72 -129.57 18.38
CA ILE J 1093 -51.24 -128.32 17.71
C ILE J 1093 -52.26 -127.98 16.62
N PRO J 1094 -52.92 -126.80 16.69
CA PRO J 1094 -53.90 -126.43 15.67
C PRO J 1094 -53.21 -126.22 14.31
N ALA J 1095 -53.73 -126.87 13.27
CA ALA J 1095 -53.21 -126.81 11.87
C ALA J 1095 -53.94 -125.70 11.13
N VAL J 1096 -53.20 -125.06 10.23
CA VAL J 1096 -53.68 -124.01 9.29
C VAL J 1096 -53.17 -124.42 7.89
N GLU J 1097 -53.64 -123.78 6.82
CA GLU J 1097 -53.15 -124.04 5.44
C GLU J 1097 -51.76 -123.40 5.29
N TYR J 1098 -51.67 -122.08 5.41
CA TYR J 1098 -50.39 -121.32 5.33
C TYR J 1098 -50.26 -120.43 6.56
N PHE J 1099 -49.06 -120.32 7.11
CA PHE J 1099 -48.79 -119.50 8.32
C PHE J 1099 -48.11 -118.21 7.89
N GLY J 1100 -48.74 -117.05 8.12
CA GLY J 1100 -48.13 -115.71 7.88
C GLY J 1100 -49.11 -114.61 7.48
N GLY J 1101 -48.59 -113.39 7.33
CA GLY J 1101 -49.28 -112.20 6.81
C GLY J 1101 -50.51 -111.83 7.62
N GLU J 1102 -50.40 -111.80 8.95
CA GLU J 1102 -51.47 -111.36 9.88
C GLU J 1102 -50.93 -110.13 10.62
N SER J 1103 -51.25 -108.94 10.12
CA SER J 1103 -50.85 -107.66 10.76
C SER J 1103 -51.17 -107.76 12.23
N PRO J 1104 -50.26 -107.34 13.13
CA PRO J 1104 -50.47 -107.48 14.57
C PRO J 1104 -51.49 -106.51 15.19
N VAL J 1105 -52.26 -105.78 14.39
CA VAL J 1105 -53.19 -104.71 14.87
C VAL J 1105 -54.56 -105.29 15.29
N ASP J 1106 -55.00 -106.44 14.75
CA ASP J 1106 -56.45 -106.85 14.77
C ASP J 1106 -56.73 -108.08 15.65
N SER J 1111 -69.52 -118.27 8.79
CA SER J 1111 -69.57 -119.56 8.05
C SER J 1111 -70.84 -119.63 7.19
N GLU J 1112 -70.88 -118.85 6.09
CA GLU J 1112 -72.06 -118.74 5.16
C GLU J 1112 -71.66 -119.25 3.76
N ASP J 1113 -72.42 -120.23 3.23
CA ASP J 1113 -72.12 -121.00 1.98
C ASP J 1113 -72.22 -120.07 0.76
N SER J 1114 -73.44 -119.60 0.44
CA SER J 1114 -73.77 -118.77 -0.75
C SER J 1114 -74.15 -117.36 -0.28
N ALA J 1115 -73.23 -116.39 -0.46
CA ALA J 1115 -73.36 -114.99 0.00
C ALA J 1115 -73.43 -114.04 -1.21
N VAL J 1116 -73.82 -112.78 -0.97
CA VAL J 1116 -73.88 -111.68 -1.97
C VAL J 1116 -73.54 -110.37 -1.26
N PHE J 1117 -72.58 -109.61 -1.80
CA PHE J 1117 -72.07 -108.36 -1.19
C PHE J 1117 -72.25 -107.24 -2.22
N LYS J 1118 -73.12 -106.28 -1.92
CA LYS J 1118 -73.37 -105.08 -2.77
C LYS J 1118 -72.58 -103.92 -2.19
N ALA J 1119 -71.52 -103.51 -2.86
CA ALA J 1119 -70.73 -102.31 -2.49
C ALA J 1119 -71.55 -101.08 -2.83
N THR J 1120 -71.53 -100.11 -1.91
CA THR J 1120 -71.97 -98.71 -2.12
C THR J 1120 -70.70 -97.84 -2.20
N SER J 1121 -70.85 -96.52 -2.32
CA SER J 1121 -69.73 -95.55 -2.41
C SER J 1121 -69.19 -95.20 -1.01
N SER J 1122 -69.87 -95.66 0.04
CA SER J 1122 -69.44 -95.56 1.47
C SER J 1122 -68.53 -96.75 1.86
N THR J 1123 -68.90 -98.00 1.52
CA THR J 1123 -68.32 -99.27 2.05
C THR J 1123 -66.82 -99.14 2.28
N ASP J 1124 -66.39 -99.38 3.52
CA ASP J 1124 -64.98 -99.43 3.95
C ASP J 1124 -64.28 -100.58 3.23
N GLU J 1125 -63.06 -100.35 2.73
CA GLU J 1125 -62.24 -101.35 2.00
C GLU J 1125 -61.98 -102.58 2.87
N GLU J 1126 -61.55 -102.41 4.12
CA GLU J 1126 -61.15 -103.54 4.99
C GLU J 1126 -62.37 -104.41 5.31
N SER J 1127 -63.48 -103.84 5.79
CA SER J 1127 -64.77 -104.55 5.97
C SER J 1127 -65.06 -105.40 4.72
N TRP J 1128 -64.88 -104.80 3.54
CA TRP J 1128 -65.18 -105.38 2.20
C TRP J 1128 -64.30 -106.60 1.92
N PHE J 1129 -62.97 -106.47 2.07
CA PHE J 1129 -61.98 -107.55 1.74
C PHE J 1129 -62.05 -108.67 2.78
N LYS J 1130 -62.22 -108.33 4.06
CA LYS J 1130 -62.43 -109.32 5.16
C LYS J 1130 -63.59 -110.25 4.77
N ALA J 1131 -64.66 -109.68 4.23
CA ALA J 1131 -65.93 -110.40 3.92
C ALA J 1131 -65.72 -111.41 2.80
N LEU J 1132 -64.97 -111.05 1.76
CA LEU J 1132 -64.72 -111.87 0.54
C LEU J 1132 -63.85 -113.07 0.93
N ALA J 1133 -62.74 -112.80 1.61
CA ALA J 1133 -61.78 -113.78 2.15
C ALA J 1133 -62.47 -114.79 3.08
N GLY J 1134 -63.47 -114.32 3.84
CA GLY J 1134 -64.14 -115.11 4.88
C GLY J 1134 -63.23 -115.39 6.05
N SER J 1135 -63.55 -116.43 6.82
CA SER J 1135 -62.95 -116.77 8.13
C SER J 1135 -61.81 -117.74 7.91
N GLU J 1136 -62.06 -118.89 7.28
CA GLU J 1136 -61.06 -119.97 7.03
C GLU J 1136 -59.80 -119.40 6.37
N ILE J 1137 -58.63 -120.00 6.63
CA ILE J 1137 -57.34 -119.62 5.97
C ILE J 1137 -57.03 -120.63 4.84
N ASN J 1138 -57.29 -120.20 3.61
CA ASN J 1138 -57.20 -120.98 2.34
C ASN J 1138 -56.82 -120.00 1.23
N TRP J 1139 -56.86 -120.41 -0.04
CA TRP J 1139 -56.46 -119.57 -1.20
C TRP J 1139 -57.27 -118.28 -1.25
N ARG J 1140 -58.56 -118.34 -0.97
CA ARG J 1140 -59.43 -117.16 -1.09
C ARG J 1140 -58.97 -116.13 -0.06
N HIS J 1141 -58.56 -116.55 1.13
CA HIS J 1141 -58.07 -115.66 2.21
C HIS J 1141 -56.82 -114.94 1.69
N ALA J 1142 -55.92 -115.70 1.10
CA ALA J 1142 -54.64 -115.20 0.52
C ALA J 1142 -54.96 -114.26 -0.65
N SER J 1143 -55.85 -114.68 -1.54
CA SER J 1143 -56.27 -113.90 -2.74
C SER J 1143 -56.66 -112.48 -2.35
N PHE J 1144 -57.37 -112.26 -1.24
CA PHE J 1144 -57.99 -110.95 -0.93
C PHE J 1144 -57.30 -110.18 0.20
N LEU J 1145 -56.38 -110.78 0.94
CA LEU J 1145 -55.76 -110.09 2.11
C LEU J 1145 -54.25 -109.95 1.93
N CYS J 1146 -53.58 -111.02 1.47
CA CYS J 1146 -52.18 -111.00 0.96
C CYS J 1146 -51.91 -109.64 0.29
N SER J 1147 -51.03 -108.84 0.91
CA SER J 1147 -50.78 -107.41 0.58
C SER J 1147 -50.19 -107.29 -0.82
N PHE J 1148 -49.25 -108.19 -1.15
CA PHE J 1148 -48.71 -108.34 -2.53
C PHE J 1148 -48.45 -109.80 -2.87
N ILE J 1149 -48.17 -110.02 -4.16
CA ILE J 1149 -47.90 -111.35 -4.76
C ILE J 1149 -46.51 -111.28 -5.39
N THR J 1150 -46.03 -112.41 -5.87
CA THR J 1150 -44.65 -112.62 -6.35
C THR J 1150 -44.71 -112.85 -7.86
N GLN J 1151 -44.02 -112.02 -8.65
CA GLN J 1151 -43.67 -112.31 -10.07
C GLN J 1151 -42.18 -112.62 -10.19
N ASP J 1152 -41.84 -113.86 -10.56
CA ASP J 1152 -40.45 -114.41 -10.53
C ASP J 1152 -39.87 -114.21 -9.13
N LYS J 1153 -39.02 -113.20 -8.90
CA LYS J 1153 -38.46 -112.87 -7.57
C LYS J 1153 -39.09 -111.58 -7.03
N MET J 1154 -39.75 -110.78 -7.89
CA MET J 1154 -40.24 -109.41 -7.58
C MET J 1154 -41.56 -109.48 -6.79
N PHE J 1155 -41.96 -108.39 -6.14
CA PHE J 1155 -43.13 -108.29 -5.22
C PHE J 1155 -44.04 -107.14 -5.68
N VAL J 1156 -44.92 -107.46 -6.63
CA VAL J 1156 -45.95 -106.56 -7.21
C VAL J 1156 -47.14 -106.52 -6.24
N SER J 1157 -47.71 -105.34 -5.99
CA SER J 1157 -49.09 -105.14 -5.45
C SER J 1157 -50.04 -106.24 -5.92
N ASN J 1158 -50.91 -106.72 -5.02
CA ASN J 1158 -51.92 -107.77 -5.30
C ASN J 1158 -52.90 -107.25 -6.33
N PRO J 1159 -52.94 -107.85 -7.54
CA PRO J 1159 -53.92 -107.45 -8.57
C PRO J 1159 -55.36 -107.80 -8.21
N ILE J 1160 -55.58 -108.97 -7.61
CA ILE J 1160 -56.92 -109.45 -7.21
C ILE J 1160 -57.56 -108.40 -6.29
N ARG J 1161 -56.77 -107.76 -5.46
CA ARG J 1161 -57.28 -106.76 -4.52
C ARG J 1161 -57.64 -105.51 -5.34
N LYS J 1162 -56.82 -105.11 -6.33
CA LYS J 1162 -57.06 -103.88 -7.15
C LYS J 1162 -58.39 -103.99 -7.91
N VAL J 1163 -58.60 -105.12 -8.59
CA VAL J 1163 -59.80 -105.41 -9.40
C VAL J 1163 -61.06 -105.33 -8.54
N PHE J 1164 -61.08 -105.98 -7.38
CA PHE J 1164 -62.26 -106.00 -6.48
C PHE J 1164 -62.35 -104.76 -5.57
N LYS J 1165 -61.45 -103.78 -5.66
CA LYS J 1165 -61.53 -102.51 -4.88
C LYS J 1165 -62.92 -101.93 -5.05
N PRO J 1166 -63.68 -101.71 -3.96
CA PRO J 1166 -65.11 -101.51 -4.05
C PRO J 1166 -65.49 -100.09 -4.45
N SER J 1167 -66.50 -99.99 -5.32
CA SER J 1167 -67.13 -98.75 -5.82
C SER J 1167 -68.57 -99.08 -6.20
N GLN J 1168 -69.45 -98.06 -6.19
CA GLN J 1168 -70.92 -98.19 -6.46
C GLN J 1168 -71.15 -99.00 -7.75
N GLY J 1169 -72.14 -99.92 -7.72
CA GLY J 1169 -72.56 -100.74 -8.87
C GLY J 1169 -72.03 -102.16 -8.80
N MET J 1170 -70.91 -102.37 -8.08
CA MET J 1170 -70.23 -103.69 -7.99
C MET J 1170 -71.06 -104.63 -7.13
N VAL J 1171 -71.13 -105.89 -7.54
CA VAL J 1171 -71.91 -106.98 -6.88
C VAL J 1171 -71.12 -108.28 -6.99
N VAL J 1172 -70.56 -108.72 -5.86
CA VAL J 1172 -69.86 -110.03 -5.73
C VAL J 1172 -70.91 -111.08 -5.37
N GLU J 1173 -70.77 -112.28 -5.91
CA GLU J 1173 -71.50 -113.48 -5.49
C GLU J 1173 -70.45 -114.57 -5.21
N ILE J 1174 -70.50 -115.18 -4.04
CA ILE J 1174 -69.61 -116.31 -3.62
C ILE J 1174 -70.46 -117.56 -3.53
N SER J 1175 -70.17 -118.57 -4.36
CA SER J 1175 -70.86 -119.89 -4.37
C SER J 1175 -69.91 -120.97 -3.84
N ASN J 1176 -70.41 -121.89 -3.00
CA ASN J 1176 -69.63 -122.98 -2.36
C ASN J 1176 -68.53 -122.39 -1.47
N GLY J 1177 -68.84 -121.34 -0.70
CA GLY J 1177 -67.87 -120.64 0.17
C GLY J 1177 -67.34 -121.49 1.32
N ASN J 1178 -68.07 -122.55 1.72
CA ASN J 1178 -67.70 -123.48 2.82
C ASN J 1178 -67.18 -124.80 2.23
N THR J 1179 -66.28 -124.72 1.24
CA THR J 1179 -65.49 -125.86 0.68
C THR J 1179 -64.52 -125.28 -0.38
N SER J 1180 -63.32 -124.87 0.05
CA SER J 1180 -62.32 -124.08 -0.73
C SER J 1180 -62.11 -124.70 -2.13
N SER J 1181 -61.92 -126.01 -2.19
CA SER J 1181 -61.83 -126.83 -3.44
C SER J 1181 -62.69 -126.22 -4.57
N LYS J 1182 -63.96 -125.94 -4.28
CA LYS J 1182 -65.03 -125.63 -5.27
C LYS J 1182 -65.45 -124.15 -5.27
N THR J 1183 -65.04 -123.36 -4.27
CA THR J 1183 -65.45 -121.94 -4.11
C THR J 1183 -65.29 -121.19 -5.43
N VAL J 1184 -66.25 -120.33 -5.76
CA VAL J 1184 -66.21 -119.46 -6.98
C VAL J 1184 -66.73 -118.07 -6.58
N VAL J 1185 -65.84 -117.13 -6.35
CA VAL J 1185 -66.22 -115.68 -6.26
C VAL J 1185 -66.40 -115.18 -7.70
N THR J 1186 -67.32 -114.24 -7.91
CA THR J 1186 -67.84 -113.79 -9.24
C THR J 1186 -68.30 -112.34 -9.12
N LEU J 1187 -67.46 -111.38 -9.54
CA LEU J 1187 -67.81 -109.94 -9.58
C LEU J 1187 -68.74 -109.68 -10.76
N SER J 1188 -69.79 -108.88 -10.56
CA SER J 1188 -70.74 -108.43 -11.61
C SER J 1188 -70.91 -106.91 -11.54
N GLU J 1189 -70.89 -106.25 -12.69
CA GLU J 1189 -70.96 -104.76 -12.82
C GLU J 1189 -72.05 -104.42 -13.84
N PRO J 1190 -72.49 -103.13 -13.88
CA PRO J 1190 -73.32 -102.64 -14.98
C PRO J 1190 -72.50 -102.48 -16.28
N VAL J 1191 -72.96 -103.13 -17.36
CA VAL J 1191 -72.35 -103.10 -18.71
C VAL J 1191 -73.47 -102.82 -19.72
N GLN J 1192 -73.62 -101.55 -20.13
CA GLN J 1192 -74.69 -101.08 -21.05
C GLN J 1192 -76.05 -101.29 -20.36
N GLY J 1193 -76.19 -100.75 -19.15
CA GLY J 1193 -77.44 -100.78 -18.36
C GLY J 1193 -77.63 -102.09 -17.61
N GLU J 1194 -77.76 -103.21 -18.33
CA GLU J 1194 -77.94 -104.59 -17.79
C GLU J 1194 -76.63 -105.06 -17.14
N LEU J 1195 -76.73 -105.88 -16.08
CA LEU J 1195 -75.65 -106.22 -15.12
C LEU J 1195 -75.13 -107.64 -15.38
N LYS J 1196 -73.83 -107.77 -15.67
CA LYS J 1196 -73.20 -108.98 -16.26
C LYS J 1196 -71.96 -109.39 -15.45
N PRO J 1197 -71.57 -110.68 -15.49
CA PRO J 1197 -70.29 -111.12 -14.92
C PRO J 1197 -69.08 -110.51 -15.65
N THR J 1198 -68.07 -110.08 -14.89
CA THR J 1198 -66.84 -109.40 -15.38
C THR J 1198 -65.54 -110.06 -14.88
N VAL J 1199 -65.53 -110.63 -13.67
CA VAL J 1199 -64.37 -111.33 -13.05
C VAL J 1199 -64.85 -112.63 -12.41
N ILE J 1200 -64.04 -113.68 -12.42
CA ILE J 1200 -64.36 -115.02 -11.83
C ILE J 1200 -63.08 -115.65 -11.24
N LEU J 1201 -62.93 -115.62 -9.91
CA LEU J 1201 -61.86 -116.34 -9.15
C LEU J 1201 -62.25 -117.79 -8.90
N LYS J 1202 -61.29 -118.70 -8.94
CA LYS J 1202 -61.50 -120.13 -8.53
C LYS J 1202 -60.21 -120.95 -8.65
N LEU J 1203 -60.28 -122.21 -8.22
CA LEU J 1203 -59.25 -123.24 -8.42
C LEU J 1203 -59.54 -124.00 -9.72
N LEU J 1204 -58.50 -124.23 -10.54
CA LEU J 1204 -58.54 -125.21 -11.65
C LEU J 1204 -57.97 -126.54 -11.12
N LYS J 1205 -56.69 -126.81 -11.43
CA LYS J 1205 -55.80 -127.77 -10.74
C LYS J 1205 -55.67 -127.31 -9.28
N GLU J 1206 -55.03 -128.13 -8.44
CA GLU J 1206 -55.10 -128.04 -6.95
C GLU J 1206 -54.29 -126.85 -6.41
N ASN J 1207 -53.35 -126.28 -7.16
CA ASN J 1207 -52.52 -125.14 -6.69
C ASN J 1207 -52.45 -124.05 -7.74
N ILE J 1208 -53.50 -123.90 -8.56
CA ILE J 1208 -53.63 -122.80 -9.56
C ILE J 1208 -54.91 -122.01 -9.24
N ILE J 1209 -54.80 -120.70 -9.12
CA ILE J 1209 -55.94 -119.76 -9.01
C ILE J 1209 -56.13 -119.12 -10.39
N GLN J 1210 -57.24 -119.40 -11.08
CA GLN J 1210 -57.64 -118.67 -12.31
C GLN J 1210 -58.45 -117.44 -11.91
N MET J 1211 -58.10 -116.28 -12.46
CA MET J 1211 -58.89 -115.03 -12.37
C MET J 1211 -59.25 -114.61 -13.79
N GLU J 1212 -60.25 -115.28 -14.36
CA GLU J 1212 -60.89 -114.98 -15.67
C GLU J 1212 -61.44 -113.55 -15.64
N MET J 1213 -60.79 -112.62 -16.35
CA MET J 1213 -61.25 -111.22 -16.54
C MET J 1213 -61.99 -111.16 -17.87
N ILE J 1214 -63.24 -110.70 -17.87
CA ILE J 1214 -64.18 -110.86 -19.00
C ILE J 1214 -64.42 -109.50 -19.64
N GLU J 1215 -64.39 -109.45 -20.97
CA GLU J 1215 -64.88 -108.28 -21.73
C GLU J 1215 -66.18 -108.66 -22.44
N ASN J 1216 -67.21 -107.81 -22.29
CA ASN J 1216 -68.59 -108.05 -22.77
C ASN J 1216 -68.86 -107.23 -24.05
N ARG J 1217 -68.13 -106.12 -24.24
CA ARG J 1217 -68.21 -105.20 -25.41
C ARG J 1217 -67.21 -105.64 -26.48
N THR J 1218 -67.56 -106.67 -27.27
CA THR J 1218 -66.67 -107.29 -28.28
C THR J 1218 -67.10 -106.89 -29.71
N MET J 1219 -66.55 -107.57 -30.72
CA MET J 1219 -66.96 -107.42 -32.14
C MET J 1219 -68.36 -108.02 -32.32
N ASP J 1220 -68.55 -109.29 -31.94
CA ASP J 1220 -69.72 -110.11 -32.33
C ASP J 1220 -70.63 -110.40 -31.13
N GLY J 1221 -70.65 -109.54 -30.10
CA GLY J 1221 -71.55 -109.67 -28.92
C GLY J 1221 -71.10 -110.75 -27.93
N LYS J 1222 -70.76 -111.95 -28.42
CA LYS J 1222 -70.15 -113.08 -27.64
C LYS J 1222 -69.02 -112.55 -26.76
N PRO J 1223 -68.97 -112.86 -25.44
CA PRO J 1223 -67.95 -112.27 -24.56
C PRO J 1223 -66.59 -112.98 -24.68
N VAL J 1224 -65.52 -112.30 -24.28
CA VAL J 1224 -64.10 -112.74 -24.40
C VAL J 1224 -63.45 -112.72 -23.01
N SER J 1225 -62.71 -113.79 -22.67
CA SER J 1225 -62.08 -114.04 -21.36
C SER J 1225 -60.55 -113.96 -21.47
N LEU J 1226 -59.89 -113.35 -20.47
CA LEU J 1226 -58.42 -113.36 -20.27
C LEU J 1226 -58.11 -114.20 -19.03
N PRO J 1227 -57.72 -115.49 -19.15
CA PRO J 1227 -57.30 -116.27 -17.98
C PRO J 1227 -55.92 -115.87 -17.41
N LEU J 1228 -55.90 -114.99 -16.41
CA LEU J 1228 -54.72 -114.68 -15.55
C LEU J 1228 -54.58 -115.80 -14.51
N LEU J 1229 -53.52 -116.59 -14.58
CA LEU J 1229 -53.27 -117.73 -13.67
C LEU J 1229 -52.25 -117.33 -12.60
N TYR J 1230 -52.46 -117.81 -11.37
CA TYR J 1230 -51.54 -117.64 -10.20
C TYR J 1230 -51.32 -119.01 -9.56
N ASN J 1231 -50.09 -119.30 -9.13
CA ASN J 1231 -49.76 -120.47 -8.27
C ASN J 1231 -50.08 -120.09 -6.84
N PHE J 1232 -50.68 -121.00 -6.09
CA PHE J 1232 -50.89 -120.91 -4.62
C PHE J 1232 -49.98 -121.92 -3.92
N ASN J 1233 -48.83 -121.47 -3.44
CA ASN J 1233 -47.85 -122.30 -2.68
C ASN J 1233 -48.00 -121.95 -1.21
N PRO J 1234 -48.65 -122.80 -0.38
CA PRO J 1234 -48.89 -122.46 1.02
C PRO J 1234 -47.68 -122.66 1.96
N ASP J 1235 -46.55 -123.20 1.48
CA ASP J 1235 -45.29 -123.34 2.25
C ASP J 1235 -44.52 -122.01 2.30
N ASN J 1236 -44.85 -121.05 1.43
CA ASN J 1236 -44.37 -119.65 1.53
C ASN J 1236 -45.49 -118.84 2.17
N GLY J 1237 -45.53 -118.83 3.49
CA GLY J 1237 -46.60 -118.19 4.27
C GLY J 1237 -46.73 -116.71 4.00
N PHE J 1238 -45.63 -116.01 3.76
CA PHE J 1238 -45.63 -114.53 3.66
C PHE J 1238 -46.28 -114.04 2.37
N ALA J 1239 -45.88 -114.64 1.25
CA ALA J 1239 -46.44 -114.41 -0.09
C ALA J 1239 -46.75 -115.75 -0.74
N PRO J 1240 -47.91 -116.36 -0.42
CA PRO J 1240 -48.27 -117.66 -0.99
C PRO J 1240 -48.79 -117.63 -2.43
N ILE J 1241 -49.05 -116.45 -2.98
CA ILE J 1241 -49.56 -116.29 -4.38
C ILE J 1241 -48.45 -115.69 -5.23
N SER J 1242 -48.18 -116.34 -6.36
CA SER J 1242 -47.18 -115.94 -7.38
C SER J 1242 -47.78 -116.12 -8.79
N GLU J 1243 -47.69 -115.09 -9.63
CA GLU J 1243 -48.26 -115.10 -11.02
C GLU J 1243 -47.51 -116.12 -11.85
N VAL J 1244 -48.23 -116.93 -12.63
CA VAL J 1244 -47.65 -117.79 -13.70
C VAL J 1244 -47.25 -116.90 -14.86
N MET J 1245 -45.95 -116.75 -15.14
CA MET J 1245 -45.40 -115.77 -16.12
C MET J 1245 -45.01 -116.46 -17.44
N GLU J 1246 -45.18 -117.77 -17.58
CA GLU J 1246 -44.94 -118.49 -18.86
C GLU J 1246 -46.19 -118.35 -19.73
N ASP J 1247 -46.03 -117.79 -20.92
CA ASP J 1247 -47.13 -117.57 -21.90
C ASP J 1247 -48.07 -116.46 -21.44
N ARG J 1248 -47.75 -115.67 -20.41
CA ARG J 1248 -48.65 -114.59 -19.95
C ARG J 1248 -48.90 -113.63 -21.11
N ASN J 1249 -47.86 -113.25 -21.87
CA ASN J 1249 -47.97 -112.27 -22.98
C ASN J 1249 -48.69 -112.92 -24.17
N GLN J 1250 -48.37 -114.16 -24.50
CA GLN J 1250 -49.16 -115.00 -25.43
C GLN J 1250 -50.66 -114.93 -25.07
N ARG J 1251 -51.04 -115.21 -23.81
CA ARG J 1251 -52.46 -115.29 -23.35
C ARG J 1251 -53.13 -113.92 -23.53
N ILE J 1252 -52.48 -112.86 -23.09
CA ILE J 1252 -52.99 -111.48 -23.25
C ILE J 1252 -53.21 -111.20 -24.76
N LYS J 1253 -52.27 -111.56 -25.63
CA LYS J 1253 -52.38 -111.32 -27.09
C LYS J 1253 -53.51 -112.17 -27.69
N GLU J 1254 -53.89 -113.29 -27.09
CA GLU J 1254 -55.01 -114.12 -27.59
C GLU J 1254 -56.32 -113.36 -27.42
N MET J 1255 -56.41 -112.56 -26.37
CA MET J 1255 -57.60 -111.73 -26.05
C MET J 1255 -57.68 -110.59 -27.06
N TYR J 1256 -56.67 -109.72 -27.10
CA TYR J 1256 -56.67 -108.50 -27.95
C TYR J 1256 -56.90 -108.87 -29.43
N TRP J 1257 -56.48 -110.05 -29.87
CA TRP J 1257 -56.71 -110.56 -31.24
C TRP J 1257 -58.20 -110.83 -31.49
N LYS J 1258 -58.95 -111.28 -30.48
CA LYS J 1258 -60.41 -111.53 -30.62
C LYS J 1258 -61.14 -110.19 -30.73
N LEU J 1259 -60.66 -109.16 -30.02
CA LEU J 1259 -61.29 -107.82 -29.95
C LEU J 1259 -60.91 -106.94 -31.16
N TRP J 1260 -59.69 -107.03 -31.67
CA TRP J 1260 -59.18 -106.11 -32.72
C TRP J 1260 -59.24 -106.78 -34.09
N ILE J 1261 -58.45 -107.84 -34.28
CA ILE J 1261 -58.27 -108.54 -35.59
C ILE J 1261 -59.49 -109.43 -35.83
N ASP J 1262 -59.81 -109.76 -37.08
CA ASP J 1262 -60.86 -110.76 -37.43
C ASP J 1262 -60.26 -111.80 -38.37
N GLU J 1263 -59.40 -112.67 -37.83
CA GLU J 1263 -58.70 -113.74 -38.58
C GLU J 1263 -58.51 -114.93 -37.66
N PRO J 1264 -58.02 -116.09 -38.17
CA PRO J 1264 -57.45 -117.13 -37.31
C PRO J 1264 -56.24 -116.62 -36.51
N PHE J 1265 -56.09 -117.06 -35.27
CA PHE J 1265 -55.06 -116.60 -34.31
C PHE J 1265 -53.72 -117.28 -34.62
N ASN J 1266 -52.83 -116.55 -35.28
CA ASN J 1266 -51.47 -117.01 -35.66
C ASN J 1266 -50.50 -115.85 -35.42
N LEU J 1267 -49.62 -115.98 -34.41
CA LEU J 1267 -48.60 -114.95 -34.05
C LEU J 1267 -47.27 -115.23 -34.78
N ASP J 1268 -47.24 -116.23 -35.68
CA ASP J 1268 -45.99 -116.76 -36.29
C ASP J 1268 -45.87 -116.22 -37.72
N PHE J 1269 -45.70 -114.89 -37.84
CA PHE J 1269 -45.42 -114.16 -39.10
C PHE J 1269 -44.32 -113.14 -38.83
N ASP J 1270 -43.46 -112.88 -39.83
CA ASP J 1270 -42.23 -112.06 -39.67
C ASP J 1270 -42.64 -110.60 -39.56
N PRO J 1271 -42.07 -109.80 -38.63
CA PRO J 1271 -42.24 -108.35 -38.67
C PRO J 1271 -41.74 -107.75 -39.98
N ARG J 1272 -40.61 -108.21 -40.51
CA ARG J 1272 -40.02 -107.70 -41.78
C ARG J 1272 -41.01 -107.81 -42.96
N ASP J 1273 -42.03 -108.69 -42.90
CA ASP J 1273 -43.03 -108.90 -43.98
C ASP J 1273 -44.04 -107.74 -44.01
N VAL J 1274 -44.81 -107.66 -45.10
CA VAL J 1274 -45.80 -106.58 -45.40
C VAL J 1274 -47.20 -107.10 -45.01
N ILE J 1275 -47.81 -106.47 -44.02
CA ILE J 1275 -49.17 -106.82 -43.51
C ILE J 1275 -50.19 -106.16 -44.43
N LYS J 1276 -51.25 -106.87 -44.84
CA LYS J 1276 -52.36 -106.28 -45.66
C LYS J 1276 -53.68 -106.34 -44.89
N GLY J 1277 -54.51 -105.30 -45.06
CA GLY J 1277 -55.88 -105.22 -44.53
C GLY J 1277 -56.90 -105.71 -45.56
N LYS J 1278 -58.17 -105.78 -45.16
CA LYS J 1278 -59.33 -106.03 -46.07
C LYS J 1278 -59.57 -104.79 -46.93
N ASP J 1279 -60.21 -104.97 -48.09
CA ASP J 1279 -60.78 -103.87 -48.92
C ASP J 1279 -62.01 -103.31 -48.18
N PHE J 1280 -61.89 -102.09 -47.64
CA PHE J 1280 -62.89 -101.43 -46.77
C PHE J 1280 -63.61 -100.36 -47.57
N GLU J 1281 -64.95 -100.45 -47.65
CA GLU J 1281 -65.82 -99.55 -48.47
C GLU J 1281 -66.41 -98.44 -47.59
N ILE J 1282 -66.02 -97.19 -47.82
CA ILE J 1282 -66.51 -96.03 -47.02
C ILE J 1282 -68.00 -95.86 -47.33
N THR J 1283 -68.83 -95.55 -46.32
CA THR J 1283 -70.31 -95.45 -46.47
C THR J 1283 -70.85 -94.34 -45.56
N ALA J 1284 -71.88 -93.63 -46.05
CA ALA J 1284 -72.45 -92.41 -45.43
C ALA J 1284 -72.82 -92.69 -43.98
N LYS J 1285 -73.26 -93.91 -43.72
CA LYS J 1285 -73.58 -94.49 -42.39
C LYS J 1285 -72.39 -94.32 -41.44
N GLU J 1286 -71.19 -94.78 -41.84
CA GLU J 1286 -69.99 -94.83 -40.97
C GLU J 1286 -69.39 -93.42 -40.79
N VAL J 1287 -69.45 -92.58 -41.82
CA VAL J 1287 -68.93 -91.18 -41.75
C VAL J 1287 -69.86 -90.35 -40.87
N TYR J 1288 -71.16 -90.65 -40.87
CA TYR J 1288 -72.15 -90.05 -39.94
C TYR J 1288 -71.70 -90.38 -38.52
N ASP J 1289 -71.66 -91.69 -38.19
CA ASP J 1289 -71.40 -92.24 -36.83
C ASP J 1289 -70.06 -91.76 -36.29
N PHE J 1290 -69.04 -91.72 -37.14
CA PHE J 1290 -67.65 -91.33 -36.78
C PHE J 1290 -67.61 -89.87 -36.35
N THR J 1291 -68.14 -88.98 -37.18
CA THR J 1291 -68.08 -87.50 -37.02
C THR J 1291 -68.88 -87.09 -35.78
N HIS J 1292 -69.95 -87.83 -35.44
CA HIS J 1292 -70.80 -87.56 -34.25
C HIS J 1292 -70.07 -88.00 -32.98
N ALA J 1293 -69.26 -89.05 -33.05
CA ALA J 1293 -68.44 -89.56 -31.92
C ALA J 1293 -67.27 -88.64 -31.61
N VAL J 1294 -66.84 -87.76 -32.51
CA VAL J 1294 -65.63 -86.90 -32.30
C VAL J 1294 -66.00 -85.40 -32.17
N GLY J 1295 -67.20 -85.01 -32.61
CA GLY J 1295 -67.61 -83.60 -32.65
C GLY J 1295 -67.03 -82.83 -33.82
N ASN J 1296 -66.96 -83.45 -35.02
CA ASN J 1296 -66.51 -82.81 -36.30
C ASN J 1296 -67.77 -82.37 -37.06
N ASN J 1297 -68.31 -81.18 -36.74
CA ASN J 1297 -69.55 -80.64 -37.36
C ASN J 1297 -69.15 -79.77 -38.56
N CYS J 1298 -68.30 -80.30 -39.43
CA CYS J 1298 -67.80 -79.62 -40.66
C CYS J 1298 -68.67 -80.09 -41.81
N GLU J 1299 -69.07 -79.15 -42.67
CA GLU J 1299 -70.17 -79.36 -43.65
C GLU J 1299 -69.74 -80.39 -44.69
N ASP J 1300 -68.43 -80.60 -44.89
CA ASP J 1300 -67.93 -81.45 -46.02
C ASP J 1300 -68.35 -82.90 -45.82
N PHE J 1301 -68.70 -83.29 -44.58
CA PHE J 1301 -68.96 -84.69 -44.15
C PHE J 1301 -70.46 -84.97 -44.00
N VAL J 1302 -71.30 -83.95 -44.21
CA VAL J 1302 -72.77 -84.04 -44.08
C VAL J 1302 -73.36 -84.30 -45.47
N SER J 1303 -74.32 -85.22 -45.58
CA SER J 1303 -75.06 -85.42 -46.84
C SER J 1303 -75.81 -84.12 -47.11
N ARG J 1304 -75.64 -83.57 -48.32
CA ARG J 1304 -76.37 -82.37 -48.78
C ARG J 1304 -76.87 -82.64 -50.20
N PRO J 1305 -77.94 -81.95 -50.66
CA PRO J 1305 -78.41 -82.12 -52.03
C PRO J 1305 -77.33 -81.66 -53.02
N ASP J 1306 -77.14 -82.45 -54.10
CA ASP J 1306 -76.28 -82.10 -55.27
C ASP J 1306 -74.84 -81.84 -54.78
N ARG J 1307 -74.23 -82.85 -54.13
CA ARG J 1307 -72.87 -82.80 -53.53
C ARG J 1307 -72.41 -84.20 -53.13
N THR J 1308 -71.09 -84.44 -53.12
CA THR J 1308 -70.46 -85.71 -52.67
C THR J 1308 -69.96 -85.56 -51.25
N MET J 1309 -70.27 -86.55 -50.41
CA MET J 1309 -69.91 -86.59 -48.96
C MET J 1309 -68.44 -87.03 -48.87
N LEU J 1310 -67.59 -86.17 -48.34
CA LEU J 1310 -66.17 -86.52 -48.02
C LEU J 1310 -66.16 -87.30 -46.71
N ALA J 1311 -65.07 -88.03 -46.44
CA ALA J 1311 -64.73 -88.60 -45.12
C ALA J 1311 -63.57 -87.80 -44.58
N PRO J 1312 -63.48 -87.57 -43.25
CA PRO J 1312 -62.38 -86.80 -42.68
C PRO J 1312 -61.10 -87.66 -42.75
N MET J 1313 -59.92 -87.05 -42.67
CA MET J 1313 -58.66 -87.81 -42.85
C MET J 1313 -58.43 -88.68 -41.60
N ASP J 1314 -58.92 -88.23 -40.43
CA ASP J 1314 -59.02 -89.00 -39.15
C ASP J 1314 -59.54 -90.41 -39.40
N PHE J 1315 -60.48 -90.53 -40.31
CA PHE J 1315 -61.19 -91.77 -40.69
C PHE J 1315 -60.22 -92.78 -41.31
N ALA J 1316 -58.99 -92.39 -41.64
CA ALA J 1316 -57.95 -93.33 -42.14
C ALA J 1316 -57.71 -94.41 -41.08
N ILE J 1317 -57.54 -94.01 -39.83
CA ILE J 1317 -57.26 -94.95 -38.71
C ILE J 1317 -58.41 -95.96 -38.59
N VAL J 1318 -59.65 -95.56 -38.90
CA VAL J 1318 -60.82 -96.48 -38.94
C VAL J 1318 -60.54 -97.58 -39.96
N VAL J 1319 -60.07 -97.18 -41.14
CA VAL J 1319 -59.78 -98.10 -42.28
C VAL J 1319 -58.50 -98.90 -41.97
N GLY J 1320 -57.51 -98.24 -41.37
CA GLY J 1320 -56.13 -98.75 -41.27
C GLY J 1320 -55.88 -99.60 -40.04
N TRP J 1321 -56.80 -99.63 -39.07
CA TRP J 1321 -56.56 -100.24 -37.73
C TRP J 1321 -56.21 -101.71 -37.89
N ARG J 1322 -57.14 -102.56 -38.29
CA ARG J 1322 -56.89 -104.03 -38.45
C ARG J 1322 -55.42 -104.24 -38.82
N ALA J 1323 -54.87 -103.52 -39.80
CA ALA J 1323 -53.49 -103.70 -40.34
C ALA J 1323 -52.42 -103.06 -39.44
N ILE J 1324 -52.53 -101.78 -39.11
CA ILE J 1324 -51.51 -101.04 -38.30
C ILE J 1324 -51.31 -101.72 -36.95
N ILE J 1325 -52.39 -102.10 -36.27
CA ILE J 1325 -52.27 -102.75 -34.94
C ILE J 1325 -51.74 -104.16 -35.14
N LYS J 1326 -52.05 -104.86 -36.24
CA LYS J 1326 -51.59 -106.26 -36.42
C LYS J 1326 -50.04 -106.32 -36.40
N ALA J 1327 -49.35 -105.18 -36.45
CA ALA J 1327 -47.88 -105.09 -36.47
C ALA J 1327 -47.24 -105.23 -35.09
N ILE J 1328 -47.99 -105.12 -34.00
CA ILE J 1328 -47.42 -105.25 -32.62
C ILE J 1328 -47.71 -106.65 -32.06
N PHE J 1329 -48.22 -107.59 -32.86
CA PHE J 1329 -48.60 -108.94 -32.39
C PHE J 1329 -47.51 -110.01 -32.55
N PRO J 1330 -46.62 -109.99 -33.56
CA PRO J 1330 -45.75 -111.15 -33.80
C PRO J 1330 -44.98 -111.64 -32.57
N ASN J 1331 -44.69 -112.95 -32.51
CA ASN J 1331 -43.90 -113.60 -31.43
C ASN J 1331 -42.58 -112.84 -31.22
N THR J 1332 -41.95 -112.41 -32.31
CA THR J 1332 -40.58 -111.82 -32.35
C THR J 1332 -40.60 -110.36 -31.86
N VAL J 1333 -41.75 -109.80 -31.50
CA VAL J 1333 -41.91 -108.46 -30.85
C VAL J 1333 -42.78 -108.64 -29.60
N ASP J 1334 -42.28 -109.42 -28.63
CA ASP J 1334 -42.97 -109.86 -27.39
C ASP J 1334 -43.26 -108.62 -26.53
N GLY J 1335 -44.45 -108.51 -25.94
CA GLY J 1335 -44.84 -107.31 -25.18
C GLY J 1335 -46.15 -107.47 -24.41
N ASP J 1336 -46.15 -106.98 -23.17
CA ASP J 1336 -47.33 -106.96 -22.26
C ASP J 1336 -48.30 -105.93 -22.83
N LEU J 1337 -49.32 -106.41 -23.55
CA LEU J 1337 -50.24 -105.56 -24.34
C LEU J 1337 -51.10 -104.69 -23.42
N LEU J 1338 -51.30 -105.09 -22.16
CA LEU J 1338 -51.94 -104.27 -21.10
C LEU J 1338 -51.07 -103.03 -20.79
N LYS J 1339 -49.75 -103.14 -20.92
CA LYS J 1339 -48.78 -102.05 -20.62
C LYS J 1339 -48.43 -101.23 -21.87
N LEU J 1340 -49.10 -101.46 -23.00
CA LEU J 1340 -48.88 -100.70 -24.27
C LEU J 1340 -49.23 -99.23 -24.09
N VAL J 1341 -48.51 -98.36 -24.79
CA VAL J 1341 -48.69 -96.89 -24.81
C VAL J 1341 -48.57 -96.39 -26.25
N HIS J 1342 -49.67 -95.92 -26.86
CA HIS J 1342 -49.69 -95.25 -28.18
C HIS J 1342 -49.06 -93.87 -28.01
N LEU J 1343 -47.88 -93.63 -28.58
CA LEU J 1343 -47.05 -92.42 -28.27
C LEU J 1343 -47.47 -91.30 -29.20
N SER J 1344 -47.43 -91.60 -30.50
CA SER J 1344 -47.60 -90.64 -31.62
C SER J 1344 -48.51 -91.29 -32.66
N ASN J 1345 -49.27 -90.48 -33.39
CA ASN J 1345 -50.01 -90.91 -34.60
C ASN J 1345 -49.95 -89.77 -35.62
N GLY J 1346 -49.86 -90.11 -36.90
CA GLY J 1346 -49.64 -89.13 -37.98
C GLY J 1346 -50.37 -89.50 -39.24
N TYR J 1347 -51.03 -88.53 -39.88
CA TYR J 1347 -51.57 -88.67 -41.26
C TYR J 1347 -50.80 -87.73 -42.17
N LYS J 1348 -50.59 -88.15 -43.41
CA LYS J 1348 -49.91 -87.37 -44.46
C LYS J 1348 -50.57 -87.76 -45.79
N MET J 1349 -51.31 -86.84 -46.42
CA MET J 1349 -51.88 -87.05 -47.78
C MET J 1349 -50.72 -87.06 -48.78
N ILE J 1350 -50.67 -88.03 -49.70
CA ILE J 1350 -49.61 -88.09 -50.73
C ILE J 1350 -49.91 -86.94 -51.68
N PRO J 1351 -48.92 -86.09 -52.06
CA PRO J 1351 -49.22 -84.88 -52.82
C PRO J 1351 -49.83 -85.30 -54.18
N GLY J 1352 -50.93 -84.64 -54.55
CA GLY J 1352 -51.80 -85.05 -55.67
C GLY J 1352 -53.17 -85.46 -55.16
N ALA J 1353 -53.30 -86.73 -54.75
CA ALA J 1353 -54.58 -87.46 -54.58
C ALA J 1353 -55.54 -86.68 -53.68
N LYS J 1354 -56.81 -86.64 -54.11
CA LYS J 1354 -57.96 -85.93 -53.49
C LYS J 1354 -58.33 -86.62 -52.19
N PRO J 1355 -59.04 -85.96 -51.26
CA PRO J 1355 -59.40 -86.60 -50.00
C PRO J 1355 -60.38 -87.76 -50.18
N LEU J 1356 -60.58 -88.54 -49.12
CA LEU J 1356 -61.40 -89.78 -49.12
C LEU J 1356 -62.87 -89.40 -49.31
N GLN J 1357 -63.54 -90.03 -50.28
CA GLN J 1357 -64.94 -89.79 -50.67
C GLN J 1357 -65.81 -90.84 -49.96
N VAL J 1358 -67.12 -90.84 -50.19
CA VAL J 1358 -68.08 -91.80 -49.55
C VAL J 1358 -68.34 -92.99 -50.49
N GLY J 1359 -68.01 -92.91 -51.77
CA GLY J 1359 -68.16 -94.08 -52.67
C GLY J 1359 -67.06 -95.10 -52.43
N ASP J 1360 -65.87 -94.60 -52.05
CA ASP J 1360 -64.54 -95.21 -52.29
C ASP J 1360 -64.38 -96.59 -51.63
N VAL J 1361 -63.55 -97.43 -52.25
CA VAL J 1361 -63.08 -98.76 -51.74
C VAL J 1361 -61.57 -98.66 -51.51
N VAL J 1362 -61.16 -98.62 -50.24
CA VAL J 1362 -59.76 -98.25 -49.82
C VAL J 1362 -59.03 -99.50 -49.34
N SER J 1363 -58.03 -99.95 -50.11
CA SER J 1363 -57.06 -101.03 -49.75
C SER J 1363 -56.06 -100.47 -48.74
N THR J 1364 -55.82 -101.19 -47.65
CA THR J 1364 -54.78 -100.87 -46.63
C THR J 1364 -53.60 -101.81 -46.78
N THR J 1365 -52.40 -101.30 -46.48
CA THR J 1365 -51.15 -102.08 -46.35
C THR J 1365 -50.34 -101.41 -45.26
N ALA J 1366 -50.04 -102.14 -44.18
CA ALA J 1366 -49.16 -101.67 -43.10
C ALA J 1366 -47.82 -102.38 -43.22
N VAL J 1367 -46.77 -101.67 -42.85
CA VAL J 1367 -45.37 -102.15 -42.80
C VAL J 1367 -44.80 -101.67 -41.48
N ILE J 1368 -44.07 -102.53 -40.82
CA ILE J 1368 -43.35 -102.15 -39.57
C ILE J 1368 -42.00 -101.57 -39.99
N GLU J 1369 -41.73 -100.35 -39.54
CA GLU J 1369 -40.58 -99.53 -39.98
C GLU J 1369 -39.38 -99.80 -39.08
N SER J 1370 -39.58 -99.86 -37.75
CA SER J 1370 -38.52 -99.74 -36.73
C SER J 1370 -38.94 -100.31 -35.38
N VAL J 1371 -38.31 -101.40 -34.94
CA VAL J 1371 -38.51 -102.04 -33.61
C VAL J 1371 -37.24 -101.84 -32.80
N VAL J 1372 -37.17 -100.89 -31.87
CA VAL J 1372 -35.91 -100.68 -31.10
C VAL J 1372 -36.17 -100.85 -29.60
N ASN J 1373 -35.29 -101.61 -28.92
CA ASN J 1373 -35.29 -101.69 -27.44
C ASN J 1373 -34.58 -100.43 -26.96
N GLN J 1374 -35.31 -99.52 -26.34
CA GLN J 1374 -34.73 -98.43 -25.54
C GLN J 1374 -34.53 -98.93 -24.12
N PRO J 1375 -33.73 -98.24 -23.28
CA PRO J 1375 -33.58 -98.60 -21.87
C PRO J 1375 -34.87 -98.85 -21.08
N THR J 1376 -35.90 -98.04 -21.35
CA THR J 1376 -37.15 -97.96 -20.55
C THR J 1376 -38.31 -98.72 -21.24
N GLY J 1377 -38.05 -99.44 -22.35
CA GLY J 1377 -39.07 -100.21 -23.08
C GLY J 1377 -38.74 -100.42 -24.55
N LYS J 1378 -39.69 -100.92 -25.34
CA LYS J 1378 -39.55 -101.24 -26.78
C LYS J 1378 -40.47 -100.34 -27.60
N ILE J 1379 -39.92 -99.67 -28.61
CA ILE J 1379 -40.65 -98.75 -29.53
C ILE J 1379 -40.96 -99.45 -30.86
N VAL J 1380 -42.20 -99.38 -31.32
CA VAL J 1380 -42.59 -99.96 -32.63
C VAL J 1380 -43.21 -98.85 -33.48
N ASP J 1381 -42.44 -98.34 -34.47
CA ASP J 1381 -42.91 -97.39 -35.50
C ASP J 1381 -43.54 -98.18 -36.64
N VAL J 1382 -44.80 -97.92 -36.97
CA VAL J 1382 -45.55 -98.59 -38.07
C VAL J 1382 -45.94 -97.56 -39.13
N VAL J 1383 -46.05 -97.98 -40.39
CA VAL J 1383 -46.47 -97.11 -41.51
C VAL J 1383 -47.53 -97.84 -42.36
N GLY J 1384 -48.77 -97.37 -42.25
CA GLY J 1384 -49.90 -97.78 -43.10
C GLY J 1384 -50.01 -96.90 -44.31
N THR J 1385 -50.34 -97.49 -45.47
CA THR J 1385 -50.50 -96.81 -46.77
C THR J 1385 -51.90 -97.16 -47.30
N LEU J 1386 -52.78 -96.15 -47.44
CA LEU J 1386 -54.18 -96.31 -47.91
C LEU J 1386 -54.23 -96.04 -49.41
N SER J 1387 -54.68 -97.01 -50.21
CA SER J 1387 -54.67 -96.95 -51.70
C SER J 1387 -56.06 -97.26 -52.26
N ARG J 1388 -56.58 -96.39 -53.15
CA ARG J 1388 -57.86 -96.60 -53.90
C ARG J 1388 -57.59 -96.60 -55.41
N ASN J 1389 -58.16 -97.57 -56.13
CA ASN J 1389 -57.96 -97.75 -57.59
C ASN J 1389 -56.46 -97.94 -57.88
N GLY J 1390 -55.74 -98.66 -57.00
CA GLY J 1390 -54.31 -98.94 -57.13
C GLY J 1390 -53.46 -97.69 -57.27
N LYS J 1391 -53.73 -96.65 -56.48
CA LYS J 1391 -52.82 -95.49 -56.28
C LYS J 1391 -52.78 -95.13 -54.79
N PRO J 1392 -51.62 -94.77 -54.21
CA PRO J 1392 -51.59 -94.30 -52.83
C PRO J 1392 -52.39 -93.00 -52.64
N VAL J 1393 -53.14 -92.90 -51.54
CA VAL J 1393 -54.00 -91.75 -51.16
C VAL J 1393 -53.37 -91.05 -49.95
N MET J 1394 -53.19 -91.78 -48.85
CA MET J 1394 -52.42 -91.24 -47.71
C MET J 1394 -51.64 -92.33 -46.97
N GLU J 1395 -50.73 -91.87 -46.10
CA GLU J 1395 -49.89 -92.64 -45.17
C GLU J 1395 -50.30 -92.31 -43.74
N VAL J 1396 -50.58 -93.34 -42.95
CA VAL J 1396 -50.74 -93.28 -41.46
C VAL J 1396 -49.43 -93.72 -40.83
N THR J 1397 -48.86 -92.96 -39.88
CA THR J 1397 -47.59 -93.28 -39.17
C THR J 1397 -47.82 -93.31 -37.66
N SER J 1398 -48.18 -94.47 -37.11
CA SER J 1398 -48.36 -94.69 -35.66
C SER J 1398 -47.08 -95.25 -35.07
N SER J 1399 -46.67 -94.77 -33.90
CA SER J 1399 -45.59 -95.34 -33.05
C SER J 1399 -46.14 -95.77 -31.68
N PHE J 1400 -46.06 -97.07 -31.40
CA PHE J 1400 -46.41 -97.72 -30.11
C PHE J 1400 -45.15 -97.97 -29.28
N PHE J 1401 -45.35 -98.23 -27.99
CA PHE J 1401 -44.30 -98.38 -26.95
C PHE J 1401 -44.73 -99.38 -25.88
N TYR J 1402 -44.19 -100.58 -25.94
CA TYR J 1402 -44.28 -101.62 -24.88
C TYR J 1402 -43.34 -101.27 -23.71
N ARG J 1403 -43.87 -100.82 -22.56
CA ARG J 1403 -43.05 -100.60 -21.34
C ARG J 1403 -42.55 -101.95 -20.83
N GLY J 1404 -41.34 -101.96 -20.29
CA GLY J 1404 -40.66 -103.15 -19.76
C GLY J 1404 -39.17 -103.10 -19.99
N ASN J 1405 -38.54 -104.28 -19.98
CA ASN J 1405 -37.08 -104.47 -20.00
C ASN J 1405 -36.77 -105.59 -21.02
N TYR J 1406 -36.25 -105.23 -22.19
CA TYR J 1406 -36.05 -106.14 -23.35
C TYR J 1406 -34.55 -106.20 -23.66
N THR J 1407 -34.08 -107.38 -24.05
CA THR J 1407 -32.66 -107.71 -24.33
C THR J 1407 -32.64 -108.63 -25.56
N ASP J 1408 -33.47 -108.26 -26.53
CA ASP J 1408 -34.03 -109.10 -27.61
C ASP J 1408 -33.49 -108.54 -28.93
N PHE J 1409 -32.21 -108.13 -28.97
CA PHE J 1409 -31.62 -107.26 -30.03
C PHE J 1409 -31.45 -108.00 -31.36
N GLU J 1410 -31.81 -109.28 -31.45
CA GLU J 1410 -31.71 -110.13 -32.66
C GLU J 1410 -32.91 -109.86 -33.57
N ASN J 1411 -34.00 -109.33 -32.98
CA ASN J 1411 -35.35 -109.14 -33.59
C ASN J 1411 -35.67 -107.65 -33.67
N THR J 1412 -34.63 -106.85 -33.86
CA THR J 1412 -34.65 -105.38 -33.70
C THR J 1412 -34.06 -104.82 -34.98
N PHE J 1413 -34.47 -103.61 -35.37
CA PHE J 1413 -34.03 -102.91 -36.60
C PHE J 1413 -34.65 -101.52 -36.66
N GLN J 1414 -34.13 -100.68 -37.55
CA GLN J 1414 -34.49 -99.24 -37.60
C GLN J 1414 -34.08 -98.68 -38.96
N LYS J 1415 -35.05 -98.42 -39.81
CA LYS J 1415 -34.90 -97.64 -41.06
C LYS J 1415 -35.27 -96.19 -40.77
N THR J 1416 -34.28 -95.30 -40.63
CA THR J 1416 -34.50 -93.82 -40.61
C THR J 1416 -34.22 -93.24 -42.00
N VAL J 1417 -34.93 -92.17 -42.35
CA VAL J 1417 -34.71 -91.32 -43.55
C VAL J 1417 -34.04 -90.03 -43.08
N GLU J 1418 -32.76 -89.87 -43.40
CA GLU J 1418 -31.89 -88.79 -42.86
C GLU J 1418 -32.28 -87.48 -43.52
N PRO J 1419 -31.95 -86.33 -42.89
CA PRO J 1419 -32.21 -85.04 -43.52
C PRO J 1419 -31.31 -84.91 -44.75
N VAL J 1420 -31.76 -84.14 -45.74
CA VAL J 1420 -31.04 -83.95 -47.03
C VAL J 1420 -29.85 -83.01 -46.79
N TYR J 1421 -28.64 -83.46 -47.13
CA TYR J 1421 -27.37 -82.75 -46.86
C TYR J 1421 -26.86 -82.16 -48.16
N GLN J 1422 -26.40 -80.92 -48.10
CA GLN J 1422 -25.97 -80.14 -49.28
C GLN J 1422 -24.50 -79.76 -49.12
N MET J 1423 -23.65 -80.16 -50.07
CA MET J 1423 -22.22 -79.76 -50.16
C MET J 1423 -22.00 -78.88 -51.38
N HIS J 1424 -21.39 -77.70 -51.21
CA HIS J 1424 -20.78 -76.90 -52.31
C HIS J 1424 -19.35 -77.36 -52.50
N ILE J 1425 -19.04 -77.96 -53.65
CA ILE J 1425 -17.66 -78.39 -54.03
C ILE J 1425 -16.94 -77.16 -54.61
N LYS J 1426 -16.05 -76.51 -53.84
CA LYS J 1426 -15.35 -75.26 -54.24
C LYS J 1426 -14.02 -75.63 -54.90
N THR J 1427 -13.23 -76.49 -54.23
CA THR J 1427 -11.79 -76.73 -54.49
C THR J 1427 -11.60 -78.11 -55.18
N SER J 1428 -10.36 -78.54 -55.37
CA SER J 1428 -10.02 -79.87 -55.92
C SER J 1428 -9.59 -80.83 -54.81
N LYS J 1429 -9.55 -80.39 -53.54
CA LYS J 1429 -9.35 -81.32 -52.39
C LYS J 1429 -10.72 -81.84 -51.96
N ASP J 1430 -11.73 -80.96 -51.91
CA ASP J 1430 -13.16 -81.34 -51.71
C ASP J 1430 -13.49 -82.51 -52.63
N ILE J 1431 -13.06 -82.50 -53.91
CA ILE J 1431 -13.40 -83.57 -54.89
C ILE J 1431 -12.60 -84.83 -54.54
N ALA J 1432 -11.42 -84.67 -53.92
CA ALA J 1432 -10.47 -85.79 -53.67
C ALA J 1432 -10.85 -86.52 -52.38
N VAL J 1433 -11.21 -85.75 -51.34
CA VAL J 1433 -11.80 -86.27 -50.08
C VAL J 1433 -13.04 -87.12 -50.42
N LEU J 1434 -13.86 -86.68 -51.37
CA LEU J 1434 -15.09 -87.40 -51.80
C LEU J 1434 -14.74 -88.64 -52.63
N ARG J 1435 -13.63 -88.66 -53.36
CA ARG J 1435 -13.20 -89.82 -54.17
C ARG J 1435 -12.51 -90.85 -53.25
N SER J 1436 -11.94 -90.36 -52.14
CA SER J 1436 -11.45 -91.19 -50.99
C SER J 1436 -12.52 -92.22 -50.64
N LYS J 1437 -13.72 -91.74 -50.31
CA LYS J 1437 -14.87 -92.52 -49.78
C LYS J 1437 -15.31 -93.58 -50.79
N GLU J 1438 -15.12 -94.87 -50.42
CA GLU J 1438 -15.57 -96.07 -51.18
C GLU J 1438 -17.06 -95.96 -51.52
N TRP J 1439 -17.82 -95.33 -50.63
CA TRP J 1439 -19.31 -95.25 -50.64
C TRP J 1439 -19.85 -94.17 -51.58
N PHE J 1440 -18.99 -93.36 -52.22
CA PHE J 1440 -19.35 -92.34 -53.24
C PHE J 1440 -19.23 -92.97 -54.63
N GLN J 1441 -20.22 -93.75 -55.04
CA GLN J 1441 -20.28 -94.30 -56.42
C GLN J 1441 -20.78 -93.18 -57.34
N LEU J 1442 -20.26 -93.09 -58.57
CA LEU J 1442 -20.75 -92.17 -59.63
C LEU J 1442 -21.05 -92.98 -60.89
N ASP J 1443 -22.11 -92.61 -61.62
CA ASP J 1443 -22.61 -93.34 -62.82
C ASP J 1443 -21.53 -93.24 -63.91
N ASP J 1444 -20.90 -92.06 -64.02
CA ASP J 1444 -19.73 -91.74 -64.89
C ASP J 1444 -18.63 -91.14 -64.01
N GLU J 1445 -17.56 -91.91 -63.73
CA GLU J 1445 -16.49 -91.55 -62.76
C GLU J 1445 -15.65 -90.36 -63.27
N ASP J 1446 -15.79 -90.00 -64.56
CA ASP J 1446 -15.09 -88.86 -65.22
C ASP J 1446 -15.84 -87.54 -65.04
N PHE J 1447 -17.03 -87.57 -64.43
CA PHE J 1447 -17.94 -86.39 -64.22
C PHE J 1447 -17.18 -85.27 -63.49
N ASP J 1448 -17.26 -84.03 -63.98
CA ASP J 1448 -16.61 -82.85 -63.34
C ASP J 1448 -17.47 -82.35 -62.18
N LEU J 1449 -16.91 -82.34 -60.96
CA LEU J 1449 -17.63 -81.99 -59.70
C LEU J 1449 -17.39 -80.53 -59.33
N LEU J 1450 -16.48 -79.84 -60.00
CA LEU J 1450 -15.87 -78.58 -59.49
C LEU J 1450 -16.88 -77.43 -59.67
N ASN J 1451 -17.22 -76.76 -58.56
CA ASN J 1451 -18.15 -75.61 -58.43
C ASN J 1451 -19.61 -76.06 -58.51
N LYS J 1452 -19.87 -77.33 -58.78
CA LYS J 1452 -21.21 -77.94 -58.66
C LYS J 1452 -21.65 -77.96 -57.19
N THR J 1453 -22.96 -78.07 -56.97
CA THR J 1453 -23.61 -78.25 -55.64
C THR J 1453 -24.28 -79.62 -55.61
N LEU J 1454 -23.94 -80.42 -54.60
CA LEU J 1454 -24.40 -81.82 -54.44
C LEU J 1454 -25.40 -81.91 -53.30
N THR J 1455 -26.44 -82.73 -53.46
CA THR J 1455 -27.42 -83.06 -52.39
C THR J 1455 -27.44 -84.58 -52.21
N PHE J 1456 -27.30 -85.03 -50.97
CA PHE J 1456 -27.30 -86.46 -50.58
C PHE J 1456 -28.65 -86.78 -49.94
N GLU J 1457 -29.48 -87.58 -50.62
CA GLU J 1457 -30.83 -88.00 -50.16
C GLU J 1457 -30.76 -89.46 -49.69
N THR J 1458 -30.66 -89.67 -48.39
CA THR J 1458 -30.02 -90.85 -47.77
C THR J 1458 -31.02 -91.47 -46.75
N GLU J 1459 -31.22 -92.79 -46.84
CA GLU J 1459 -31.88 -93.59 -45.76
C GLU J 1459 -30.85 -94.59 -45.22
N THR J 1460 -30.94 -94.93 -43.94
CA THR J 1460 -29.99 -95.85 -43.24
C THR J 1460 -30.76 -96.93 -42.48
N GLU J 1461 -30.72 -98.17 -42.98
CA GLU J 1461 -31.18 -99.42 -42.31
C GLU J 1461 -30.09 -99.93 -41.35
N VAL J 1462 -30.46 -100.40 -40.16
CA VAL J 1462 -29.53 -100.66 -39.03
C VAL J 1462 -30.13 -101.71 -38.11
N THR J 1463 -29.69 -102.98 -38.22
CA THR J 1463 -29.87 -104.06 -37.20
C THR J 1463 -28.98 -103.77 -35.97
N PHE J 1464 -29.24 -104.41 -34.83
CA PHE J 1464 -28.55 -104.13 -33.55
C PHE J 1464 -27.86 -105.39 -33.00
N LYS J 1465 -26.91 -105.17 -32.07
CA LYS J 1465 -26.18 -106.20 -31.27
C LYS J 1465 -26.48 -105.96 -29.80
N ASN J 1466 -26.26 -104.72 -29.35
CA ASN J 1466 -26.62 -104.17 -28.01
C ASN J 1466 -27.31 -102.83 -28.25
N ALA J 1467 -27.55 -102.05 -27.19
CA ALA J 1467 -28.07 -100.67 -27.26
C ALA J 1467 -27.17 -99.81 -28.17
N ASN J 1468 -25.84 -100.04 -28.14
CA ASN J 1468 -24.80 -99.08 -28.62
C ASN J 1468 -24.12 -99.54 -29.92
N ILE J 1469 -24.02 -100.85 -30.16
CA ILE J 1469 -23.23 -101.41 -31.30
C ILE J 1469 -24.19 -102.01 -32.34
N PHE J 1470 -24.21 -101.46 -33.55
CA PHE J 1470 -25.05 -101.97 -34.66
C PHE J 1470 -24.38 -103.23 -35.23
N SER J 1471 -25.12 -104.31 -35.41
CA SER J 1471 -24.62 -105.59 -35.96
C SER J 1471 -24.61 -105.54 -37.49
N SER J 1472 -25.02 -104.41 -38.06
CA SER J 1472 -25.11 -104.17 -39.53
C SER J 1472 -25.57 -102.73 -39.75
N VAL J 1473 -24.89 -102.01 -40.64
CA VAL J 1473 -25.32 -100.67 -41.12
C VAL J 1473 -25.43 -100.71 -42.63
N LYS J 1474 -26.41 -99.99 -43.16
CA LYS J 1474 -26.65 -99.79 -44.60
C LYS J 1474 -27.07 -98.32 -44.74
N CYS J 1475 -26.54 -97.62 -45.74
CA CYS J 1475 -26.78 -96.18 -45.95
C CYS J 1475 -26.71 -95.91 -47.44
N PHE J 1476 -27.85 -95.68 -48.08
CA PHE J 1476 -27.98 -95.66 -49.56
C PHE J 1476 -28.95 -94.57 -49.99
N GLY J 1477 -29.17 -94.48 -51.29
CA GLY J 1477 -30.00 -93.43 -51.90
C GLY J 1477 -29.15 -92.44 -52.67
N PRO J 1478 -29.78 -91.64 -53.54
CA PRO J 1478 -29.06 -91.00 -54.64
C PRO J 1478 -28.37 -89.68 -54.28
N ILE J 1479 -27.23 -89.43 -54.92
CA ILE J 1479 -26.51 -88.12 -54.97
C ILE J 1479 -27.06 -87.36 -56.18
N LYS J 1480 -27.36 -86.08 -55.99
CA LYS J 1480 -27.95 -85.21 -57.04
C LYS J 1480 -27.12 -83.95 -57.15
N VAL J 1481 -26.98 -83.43 -58.38
CA VAL J 1481 -26.29 -82.14 -58.68
C VAL J 1481 -27.33 -81.09 -59.08
N GLU J 1482 -27.24 -79.89 -58.51
CA GLU J 1482 -28.03 -78.70 -58.93
C GLU J 1482 -27.55 -78.27 -60.32
N LEU J 1483 -28.48 -78.19 -61.28
CA LEU J 1483 -28.27 -77.62 -62.64
C LEU J 1483 -28.39 -76.09 -62.58
N PRO J 1484 -28.18 -75.36 -63.69
CA PRO J 1484 -28.33 -73.90 -63.68
C PRO J 1484 -29.79 -73.41 -63.65
N THR J 1485 -30.78 -74.32 -63.78
CA THR J 1485 -32.23 -74.03 -63.59
C THR J 1485 -32.61 -74.15 -62.11
N LYS J 1486 -31.77 -74.79 -61.29
CA LYS J 1486 -32.02 -75.11 -59.84
C LYS J 1486 -32.78 -76.43 -59.69
N GLU J 1487 -33.25 -77.03 -60.78
CA GLU J 1487 -33.62 -78.47 -60.86
C GLU J 1487 -32.39 -79.29 -60.44
N THR J 1488 -32.58 -80.35 -59.67
CA THR J 1488 -31.53 -81.36 -59.31
C THR J 1488 -31.71 -82.62 -60.18
N VAL J 1489 -30.64 -83.37 -60.39
CA VAL J 1489 -30.58 -84.56 -61.30
C VAL J 1489 -29.62 -85.60 -60.69
N GLU J 1490 -30.04 -86.87 -60.66
CA GLU J 1490 -29.25 -87.99 -60.10
C GLU J 1490 -27.98 -88.17 -60.95
N ILE J 1491 -26.81 -88.00 -60.34
CA ILE J 1491 -25.48 -88.33 -60.94
C ILE J 1491 -24.88 -89.57 -60.29
N GLY J 1492 -25.18 -89.83 -59.01
CA GLY J 1492 -24.48 -90.84 -58.20
C GLY J 1492 -25.39 -91.58 -57.24
N ILE J 1493 -24.79 -92.54 -56.55
CA ILE J 1493 -25.37 -93.43 -55.50
C ILE J 1493 -24.47 -93.29 -54.26
N VAL J 1494 -25.04 -93.42 -53.07
CA VAL J 1494 -24.34 -93.80 -51.81
C VAL J 1494 -24.59 -95.30 -51.63
N ASP J 1495 -23.58 -96.08 -51.25
CA ASP J 1495 -23.67 -97.57 -51.17
C ASP J 1495 -22.73 -98.06 -50.06
N TYR J 1496 -22.81 -97.44 -48.88
CA TYR J 1496 -22.15 -97.92 -47.64
C TYR J 1496 -22.89 -99.15 -47.09
N GLU J 1497 -22.14 -100.22 -46.83
CA GLU J 1497 -22.54 -101.42 -46.03
C GLU J 1497 -21.51 -101.59 -44.92
N ALA J 1498 -21.69 -102.60 -44.05
CA ALA J 1498 -20.88 -102.80 -42.82
C ALA J 1498 -21.49 -103.92 -41.95
N GLY J 1499 -20.64 -104.59 -41.18
CA GLY J 1499 -21.03 -105.35 -39.98
C GLY J 1499 -20.85 -104.47 -38.74
N ALA J 1500 -20.46 -105.05 -37.61
CA ALA J 1500 -20.38 -104.37 -36.29
C ALA J 1500 -19.88 -102.93 -36.50
N SER J 1501 -20.57 -101.95 -35.93
CA SER J 1501 -20.24 -100.51 -36.08
C SER J 1501 -20.86 -99.71 -34.94
N HIS J 1502 -20.14 -98.73 -34.39
CA HIS J 1502 -20.64 -97.83 -33.31
C HIS J 1502 -21.27 -96.57 -33.92
N GLY J 1503 -21.45 -96.50 -35.25
CA GLY J 1503 -22.02 -95.33 -35.92
C GLY J 1503 -22.06 -95.46 -37.43
N ASN J 1504 -22.69 -94.46 -38.07
CA ASN J 1504 -22.89 -94.32 -39.53
C ASN J 1504 -21.92 -93.25 -40.01
N PRO J 1505 -20.83 -93.61 -40.72
CA PRO J 1505 -19.77 -92.65 -41.00
C PRO J 1505 -20.20 -91.64 -42.07
N VAL J 1506 -21.10 -92.04 -42.95
CA VAL J 1506 -21.68 -91.19 -44.04
C VAL J 1506 -22.33 -89.94 -43.45
N VAL J 1507 -23.22 -90.11 -42.49
CA VAL J 1507 -24.04 -88.99 -41.97
C VAL J 1507 -23.15 -88.08 -41.13
N ASP J 1508 -22.14 -88.67 -40.47
CA ASP J 1508 -21.07 -87.93 -39.76
C ASP J 1508 -20.33 -87.04 -40.76
N PHE J 1509 -19.88 -87.62 -41.88
CA PHE J 1509 -19.11 -86.92 -42.93
C PHE J 1509 -19.88 -85.70 -43.45
N LEU J 1510 -21.15 -85.91 -43.75
CA LEU J 1510 -22.05 -84.90 -44.35
C LEU J 1510 -22.51 -83.87 -43.31
N LYS J 1511 -22.54 -84.20 -42.01
CA LYS J 1511 -22.88 -83.19 -40.95
C LYS J 1511 -21.78 -82.14 -40.88
N ARG J 1512 -20.52 -82.58 -40.86
CA ARG J 1512 -19.33 -81.70 -40.78
C ARG J 1512 -19.21 -80.97 -42.12
N ASN J 1513 -19.06 -81.71 -43.21
CA ASN J 1513 -18.61 -81.17 -44.52
C ASN J 1513 -19.76 -80.44 -45.22
N GLY J 1514 -20.99 -80.96 -45.14
CA GLY J 1514 -22.19 -80.39 -45.78
C GLY J 1514 -22.96 -79.45 -44.86
N SER J 1515 -24.28 -79.38 -45.05
CA SER J 1515 -25.27 -78.58 -44.27
C SER J 1515 -26.68 -79.06 -44.64
N THR J 1516 -27.63 -78.97 -43.71
CA THR J 1516 -29.00 -79.57 -43.85
C THR J 1516 -29.92 -78.63 -44.65
N LEU J 1517 -30.79 -79.21 -45.48
CA LEU J 1517 -31.84 -78.49 -46.24
C LEU J 1517 -33.18 -78.63 -45.51
N GLU J 1518 -33.37 -77.87 -44.43
CA GLU J 1518 -34.62 -77.83 -43.64
C GLU J 1518 -35.74 -77.26 -44.52
N GLN J 1519 -36.78 -78.07 -44.77
CA GLN J 1519 -38.01 -77.70 -45.52
C GLN J 1519 -38.87 -76.70 -44.72
N LYS J 1520 -39.03 -76.94 -43.43
CA LYS J 1520 -39.83 -76.11 -42.50
C LYS J 1520 -39.09 -74.79 -42.28
N VAL J 1521 -39.66 -73.68 -42.74
CA VAL J 1521 -39.14 -72.31 -42.51
C VAL J 1521 -40.02 -71.61 -41.49
N ASN J 1522 -39.43 -71.14 -40.39
CA ASN J 1522 -40.16 -70.45 -39.30
C ASN J 1522 -40.46 -69.01 -39.73
N LEU J 1523 -41.67 -68.55 -39.45
CA LEU J 1523 -42.06 -67.13 -39.45
C LEU J 1523 -41.20 -66.35 -38.45
N GLU J 1524 -41.09 -65.04 -38.63
CA GLU J 1524 -40.34 -64.13 -37.72
C GLU J 1524 -40.84 -64.34 -36.29
N ASN J 1525 -42.15 -64.18 -36.08
CA ASN J 1525 -42.86 -64.43 -34.79
C ASN J 1525 -44.10 -65.30 -35.04
N PRO J 1526 -44.45 -66.24 -34.14
CA PRO J 1526 -45.65 -67.05 -34.29
C PRO J 1526 -46.91 -66.16 -34.33
N ILE J 1527 -47.95 -66.61 -35.02
CA ILE J 1527 -49.24 -65.89 -35.14
C ILE J 1527 -50.27 -66.68 -34.34
N PRO J 1528 -50.81 -66.13 -33.23
CA PRO J 1528 -51.90 -66.79 -32.52
C PRO J 1528 -53.13 -66.88 -33.43
N ILE J 1529 -53.78 -68.04 -33.46
CA ILE J 1529 -55.04 -68.27 -34.23
C ILE J 1529 -56.19 -68.33 -33.23
N ALA J 1530 -56.12 -69.24 -32.26
CA ALA J 1530 -57.23 -69.51 -31.30
C ALA J 1530 -56.73 -70.17 -30.01
N VAL J 1531 -57.51 -70.03 -28.94
CA VAL J 1531 -57.43 -70.84 -27.69
C VAL J 1531 -58.83 -71.40 -27.41
N LEU J 1532 -58.99 -72.71 -27.56
CA LEU J 1532 -60.29 -73.41 -27.75
C LEU J 1532 -60.50 -74.46 -26.67
N ASP J 1533 -61.77 -74.74 -26.39
CA ASP J 1533 -62.24 -75.53 -25.23
C ASP J 1533 -63.02 -76.72 -25.78
N SER J 1534 -62.51 -77.93 -25.58
CA SER J 1534 -63.19 -79.20 -25.92
C SER J 1534 -63.34 -79.99 -24.63
N TYR J 1535 -64.44 -80.73 -24.51
CA TYR J 1535 -64.63 -81.74 -23.45
C TYR J 1535 -64.28 -83.10 -24.03
N THR J 1536 -63.90 -84.02 -23.15
CA THR J 1536 -63.86 -85.46 -23.47
C THR J 1536 -65.26 -85.96 -23.17
N PRO J 1537 -65.74 -87.01 -23.86
CA PRO J 1537 -67.08 -87.52 -23.63
C PRO J 1537 -67.10 -88.40 -22.36
N SER J 1538 -68.26 -88.43 -21.67
CA SER J 1538 -68.50 -89.16 -20.39
C SER J 1538 -68.22 -90.66 -20.57
N THR J 1539 -68.56 -91.20 -21.74
CA THR J 1539 -68.34 -92.61 -22.10
C THR J 1539 -67.46 -92.69 -23.34
N ASN J 1540 -66.76 -93.80 -23.48
CA ASN J 1540 -65.83 -94.10 -24.59
C ASN J 1540 -66.39 -95.28 -25.41
N GLU J 1541 -67.60 -95.73 -25.12
CA GLU J 1541 -68.27 -96.80 -25.90
C GLU J 1541 -68.65 -96.30 -27.29
N PRO J 1542 -69.09 -95.03 -27.49
CA PRO J 1542 -69.31 -94.48 -28.82
C PRO J 1542 -68.08 -94.58 -29.72
N TYR J 1543 -66.95 -93.96 -29.34
CA TYR J 1543 -65.72 -93.94 -30.17
C TYR J 1543 -65.26 -95.37 -30.49
N ALA J 1544 -65.29 -96.27 -29.49
CA ALA J 1544 -64.86 -97.69 -29.62
C ALA J 1544 -65.65 -98.42 -30.70
N ARG J 1545 -66.97 -98.21 -30.78
CA ARG J 1545 -67.87 -98.87 -31.77
C ARG J 1545 -67.38 -98.54 -33.18
N VAL J 1546 -67.15 -97.25 -33.46
CA VAL J 1546 -66.96 -96.71 -34.85
C VAL J 1546 -65.54 -97.01 -35.34
N SER J 1547 -64.53 -96.83 -34.47
CA SER J 1547 -63.09 -97.05 -34.75
C SER J 1547 -62.75 -98.54 -34.79
N GLY J 1548 -63.22 -99.30 -33.80
CA GLY J 1548 -62.92 -100.74 -33.64
C GLY J 1548 -61.78 -100.97 -32.65
N ASP J 1549 -61.29 -99.90 -32.01
CA ASP J 1549 -60.42 -99.96 -30.82
C ASP J 1549 -61.28 -100.39 -29.62
N LEU J 1550 -61.50 -101.70 -29.48
CA LEU J 1550 -62.17 -102.31 -28.31
C LEU J 1550 -61.16 -102.61 -27.19
N ASN J 1551 -60.07 -101.83 -27.05
CA ASN J 1551 -59.12 -101.96 -25.93
C ASN J 1551 -59.93 -101.80 -24.65
N PRO J 1552 -60.04 -102.86 -23.82
CA PRO J 1552 -60.88 -102.80 -22.63
C PRO J 1552 -60.51 -101.70 -21.63
N ILE J 1553 -59.25 -101.25 -21.59
CA ILE J 1553 -58.78 -100.22 -20.59
C ILE J 1553 -59.60 -98.93 -20.73
N HIS J 1554 -60.37 -98.76 -21.81
CA HIS J 1554 -61.10 -97.51 -22.14
C HIS J 1554 -62.53 -97.59 -21.61
N VAL J 1555 -63.04 -98.80 -21.38
CA VAL J 1555 -64.49 -99.03 -21.16
C VAL J 1555 -64.77 -99.77 -19.84
N SER J 1556 -63.80 -100.50 -19.29
CA SER J 1556 -63.99 -101.49 -18.18
C SER J 1556 -63.11 -101.17 -16.98
N ARG J 1557 -63.74 -100.82 -15.85
CA ARG J 1557 -63.08 -100.36 -14.61
C ARG J 1557 -62.10 -101.42 -14.10
N HIS J 1558 -62.41 -102.72 -14.30
CA HIS J 1558 -61.51 -103.81 -13.88
C HIS J 1558 -60.20 -103.79 -14.67
N PHE J 1559 -60.24 -103.70 -16.00
CA PHE J 1559 -59.00 -103.74 -16.81
C PHE J 1559 -58.18 -102.50 -16.57
N ALA J 1560 -58.84 -101.34 -16.45
CA ALA J 1560 -58.15 -100.07 -16.13
C ALA J 1560 -57.36 -100.22 -14.83
N SER J 1561 -57.96 -100.82 -13.80
CA SER J 1561 -57.35 -101.06 -12.46
C SER J 1561 -56.23 -102.09 -12.60
N TYR J 1562 -56.47 -103.19 -13.31
CA TYR J 1562 -55.46 -104.26 -13.50
C TYR J 1562 -54.22 -103.72 -14.23
N ALA J 1563 -54.32 -102.61 -14.94
CA ALA J 1563 -53.22 -101.99 -15.72
C ALA J 1563 -52.73 -100.70 -15.05
N ASN J 1564 -53.20 -100.42 -13.83
CA ASN J 1564 -52.69 -99.32 -12.95
C ASN J 1564 -52.97 -97.95 -13.54
N LEU J 1565 -54.07 -97.78 -14.28
CA LEU J 1565 -54.44 -96.47 -14.87
C LEU J 1565 -55.34 -95.73 -13.87
N PRO J 1566 -55.48 -94.39 -13.98
CA PRO J 1566 -56.31 -93.63 -13.05
C PRO J 1566 -57.82 -93.80 -13.26
N GLY J 1567 -58.23 -94.64 -14.22
CA GLY J 1567 -59.64 -94.95 -14.52
C GLY J 1567 -59.76 -95.34 -15.98
N THR J 1568 -60.95 -95.74 -16.42
CA THR J 1568 -61.30 -95.91 -17.86
C THR J 1568 -60.86 -94.64 -18.58
N ILE J 1569 -59.74 -94.64 -19.31
CA ILE J 1569 -59.19 -93.40 -19.94
C ILE J 1569 -59.78 -93.21 -21.33
N THR J 1570 -59.93 -91.95 -21.74
CA THR J 1570 -60.28 -91.52 -23.10
C THR J 1570 -59.27 -92.10 -24.08
N HIS J 1571 -59.74 -92.68 -25.19
CA HIS J 1571 -58.86 -93.07 -26.32
C HIS J 1571 -58.05 -91.84 -26.72
N GLY J 1572 -56.74 -91.98 -26.91
CA GLY J 1572 -55.88 -90.89 -27.41
C GLY J 1572 -56.39 -90.47 -28.77
N MET J 1573 -56.75 -91.47 -29.58
CA MET J 1573 -57.17 -91.33 -31.01
C MET J 1573 -58.48 -90.55 -31.13
N PHE J 1574 -59.27 -90.45 -30.05
CA PHE J 1574 -60.40 -89.51 -29.93
C PHE J 1574 -59.85 -88.09 -29.75
N SER J 1575 -58.94 -87.88 -28.80
CA SER J 1575 -58.36 -86.54 -28.53
C SER J 1575 -57.64 -86.00 -29.79
N SER J 1576 -57.01 -86.89 -30.58
CA SER J 1576 -56.40 -86.53 -31.88
C SER J 1576 -57.48 -85.88 -32.72
N ALA J 1577 -58.52 -86.64 -33.07
CA ALA J 1577 -59.63 -86.24 -33.94
C ALA J 1577 -60.32 -84.98 -33.40
N SER J 1578 -60.80 -85.00 -32.17
CA SER J 1578 -61.38 -83.81 -31.50
C SER J 1578 -60.54 -82.57 -31.82
N VAL J 1579 -59.25 -82.61 -31.51
CA VAL J 1579 -58.35 -81.43 -31.67
C VAL J 1579 -58.18 -81.09 -33.16
N ARG J 1580 -58.15 -82.07 -34.08
CA ARG J 1580 -57.95 -81.80 -35.52
C ARG J 1580 -59.25 -81.27 -36.14
N ALA J 1581 -60.38 -81.47 -35.50
CA ALA J 1581 -61.66 -80.85 -35.91
C ALA J 1581 -61.64 -79.35 -35.58
N LEU J 1582 -60.88 -78.92 -34.58
CA LEU J 1582 -60.71 -77.49 -34.23
C LEU J 1582 -59.68 -76.84 -35.15
N ILE J 1583 -58.66 -77.61 -35.59
CA ILE J 1583 -57.63 -77.16 -36.57
C ILE J 1583 -58.35 -76.92 -37.89
N GLU J 1584 -59.13 -77.91 -38.33
CA GLU J 1584 -59.93 -77.88 -39.56
C GLU J 1584 -60.90 -76.70 -39.56
N ASN J 1585 -61.46 -76.32 -38.40
CA ASN J 1585 -62.48 -75.24 -38.32
C ASN J 1585 -61.84 -73.86 -38.25
N TRP J 1586 -60.75 -73.62 -37.51
CA TRP J 1586 -60.17 -72.25 -37.37
C TRP J 1586 -59.05 -71.98 -38.38
N ALA J 1587 -58.09 -72.88 -38.53
CA ALA J 1587 -56.92 -72.70 -39.41
C ALA J 1587 -57.28 -72.90 -40.89
N ALA J 1588 -58.09 -73.89 -41.21
CA ALA J 1588 -58.50 -74.20 -42.61
C ALA J 1588 -59.85 -73.58 -42.95
N ASP J 1589 -60.41 -72.71 -42.08
CA ASP J 1589 -61.73 -72.05 -42.25
C ASP J 1589 -62.73 -73.04 -42.89
N SER J 1590 -62.87 -74.21 -42.25
CA SER J 1590 -63.90 -75.25 -42.47
C SER J 1590 -63.82 -75.85 -43.88
N VAL J 1591 -62.65 -75.84 -44.51
CA VAL J 1591 -62.38 -76.60 -45.77
C VAL J 1591 -61.53 -77.83 -45.44
N SER J 1592 -62.14 -79.01 -45.34
CA SER J 1592 -61.47 -80.29 -45.06
C SER J 1592 -60.22 -80.47 -45.96
N SER J 1593 -60.33 -80.18 -47.26
CA SER J 1593 -59.33 -80.50 -48.30
C SER J 1593 -58.01 -79.72 -48.08
N ARG J 1594 -58.08 -78.57 -47.41
CA ARG J 1594 -56.90 -77.72 -47.11
C ARG J 1594 -55.95 -78.41 -46.14
N VAL J 1595 -56.47 -79.12 -45.13
CA VAL J 1595 -55.64 -79.79 -44.10
C VAL J 1595 -55.19 -81.08 -44.75
N ARG J 1596 -53.88 -81.32 -44.72
CA ARG J 1596 -53.11 -81.96 -45.81
C ARG J 1596 -52.09 -82.93 -45.23
N GLY J 1597 -51.61 -82.61 -44.02
CA GLY J 1597 -51.05 -83.58 -43.08
C GLY J 1597 -51.23 -83.12 -41.64
N TYR J 1598 -51.29 -84.08 -40.73
CA TYR J 1598 -51.63 -83.90 -39.29
C TYR J 1598 -50.88 -84.94 -38.46
N THR J 1599 -50.22 -84.52 -37.40
CA THR J 1599 -49.28 -85.32 -36.57
C THR J 1599 -49.49 -84.96 -35.11
N CYS J 1600 -49.66 -85.97 -34.23
CA CYS J 1600 -50.13 -85.84 -32.83
C CYS J 1600 -49.28 -86.70 -31.87
N GLN J 1601 -48.55 -86.08 -30.93
CA GLN J 1601 -47.83 -86.77 -29.80
C GLN J 1601 -48.73 -86.79 -28.57
N PHE J 1602 -48.97 -87.97 -28.00
CA PHE J 1602 -49.81 -88.20 -26.78
C PHE J 1602 -48.93 -88.12 -25.54
N VAL J 1603 -48.89 -86.94 -24.94
CA VAL J 1603 -47.94 -86.59 -23.85
C VAL J 1603 -48.42 -87.23 -22.55
N ASP J 1604 -49.72 -87.18 -22.28
CA ASP J 1604 -50.32 -87.59 -20.98
C ASP J 1604 -51.66 -88.29 -21.23
N MET J 1605 -52.34 -88.68 -20.15
CA MET J 1605 -53.64 -89.40 -20.19
C MET J 1605 -54.76 -88.43 -19.79
N VAL J 1606 -55.97 -88.70 -20.26
CA VAL J 1606 -57.15 -87.83 -20.05
C VAL J 1606 -58.34 -88.73 -19.74
N LEU J 1607 -59.01 -88.47 -18.60
CA LEU J 1607 -60.21 -89.22 -18.16
C LEU J 1607 -61.45 -88.58 -18.74
N PRO J 1608 -62.58 -89.30 -18.81
CA PRO J 1608 -63.87 -88.72 -19.18
C PRO J 1608 -64.29 -87.46 -18.39
N ASN J 1609 -65.00 -86.56 -19.06
CA ASN J 1609 -65.54 -85.28 -18.51
C ASN J 1609 -64.40 -84.33 -18.09
N THR J 1610 -63.19 -84.45 -18.64
CA THR J 1610 -62.12 -83.41 -18.52
C THR J 1610 -62.44 -82.31 -19.51
N ALA J 1611 -61.87 -81.12 -19.29
CA ALA J 1611 -62.04 -79.89 -20.10
C ALA J 1611 -60.66 -79.42 -20.57
N LEU J 1612 -60.45 -79.46 -21.89
CA LEU J 1612 -59.14 -79.27 -22.56
C LEU J 1612 -59.09 -77.89 -23.22
N LYS J 1613 -58.18 -77.01 -22.79
CA LYS J 1613 -57.77 -75.79 -23.54
C LYS J 1613 -56.71 -76.17 -24.57
N THR J 1614 -56.98 -75.99 -25.88
CA THR J 1614 -55.97 -76.18 -26.95
C THR J 1614 -55.68 -74.83 -27.60
N SER J 1615 -54.47 -74.31 -27.36
CA SER J 1615 -53.85 -73.18 -28.11
C SER J 1615 -53.44 -73.69 -29.50
N ILE J 1616 -53.46 -72.79 -30.48
CA ILE J 1616 -53.22 -73.06 -31.93
C ILE J 1616 -52.42 -71.86 -32.45
N GLN J 1617 -51.36 -72.12 -33.20
CA GLN J 1617 -50.46 -71.07 -33.72
C GLN J 1617 -50.02 -71.44 -35.14
N HIS J 1618 -49.87 -70.45 -36.00
CA HIS J 1618 -49.15 -70.51 -37.30
C HIS J 1618 -47.71 -70.17 -36.99
N VAL J 1619 -46.81 -71.13 -37.15
CA VAL J 1619 -45.40 -71.07 -36.64
C VAL J 1619 -44.42 -70.92 -37.80
N GLY J 1620 -44.81 -71.37 -38.99
CA GLY J 1620 -43.88 -71.56 -40.12
C GLY J 1620 -44.63 -71.95 -41.38
N MET J 1621 -43.87 -72.20 -42.44
CA MET J 1621 -44.40 -72.56 -43.76
C MET J 1621 -43.59 -73.75 -44.25
N ILE J 1622 -44.13 -74.58 -45.13
CA ILE J 1622 -43.41 -75.75 -45.72
C ILE J 1622 -44.01 -76.06 -47.10
N ASN J 1623 -43.31 -75.68 -48.18
CA ASN J 1623 -43.81 -75.81 -49.58
C ASN J 1623 -45.18 -75.11 -49.69
N GLY J 1624 -45.28 -73.92 -49.10
CA GLY J 1624 -46.51 -73.10 -49.13
C GLY J 1624 -47.74 -73.86 -48.67
N ARG J 1625 -47.56 -74.79 -47.73
CA ARG J 1625 -48.59 -75.21 -46.77
C ARG J 1625 -48.20 -74.48 -45.49
N LYS J 1626 -49.18 -73.97 -44.75
CA LYS J 1626 -48.95 -73.40 -43.41
C LYS J 1626 -48.61 -74.54 -42.45
N LEU J 1627 -47.77 -74.24 -41.44
CA LEU J 1627 -47.28 -75.20 -40.43
C LEU J 1627 -47.83 -74.71 -39.09
N ILE J 1628 -48.70 -75.51 -38.48
CA ILE J 1628 -49.58 -75.08 -37.35
C ILE J 1628 -49.35 -75.99 -36.15
N LYS J 1629 -48.48 -75.55 -35.25
CA LYS J 1629 -48.22 -76.15 -33.92
C LYS J 1629 -49.44 -75.92 -33.03
N PHE J 1630 -49.97 -76.97 -32.40
CA PHE J 1630 -50.93 -76.82 -31.28
C PHE J 1630 -50.36 -77.48 -30.03
N GLU J 1631 -51.02 -77.21 -28.92
CA GLU J 1631 -50.82 -77.91 -27.63
C GLU J 1631 -52.10 -77.80 -26.83
N THR J 1632 -52.55 -78.94 -26.31
CA THR J 1632 -53.79 -79.10 -25.52
C THR J 1632 -53.41 -79.30 -24.06
N ARG J 1633 -54.07 -78.55 -23.15
CA ARG J 1633 -53.88 -78.66 -21.68
C ARG J 1633 -55.20 -79.05 -21.00
N ASN J 1634 -55.14 -79.83 -19.92
CA ASN J 1634 -56.28 -80.16 -19.02
C ASN J 1634 -56.46 -79.04 -17.98
N GLU J 1635 -57.38 -79.21 -17.02
CA GLU J 1635 -57.80 -78.17 -16.02
C GLU J 1635 -56.62 -77.79 -15.09
N ASP J 1636 -55.70 -78.73 -14.88
CA ASP J 1636 -54.49 -78.59 -14.01
C ASP J 1636 -53.33 -78.00 -14.79
N ASP J 1637 -53.55 -77.53 -16.02
CA ASP J 1637 -52.55 -76.81 -16.86
C ASP J 1637 -51.38 -77.76 -17.14
N VAL J 1638 -51.69 -79.01 -17.50
CA VAL J 1638 -50.75 -80.10 -17.85
C VAL J 1638 -50.92 -80.37 -19.34
N VAL J 1639 -49.81 -80.49 -20.07
CA VAL J 1639 -49.82 -80.74 -21.53
C VAL J 1639 -50.12 -82.22 -21.77
N VAL J 1640 -50.99 -82.48 -22.73
CA VAL J 1640 -51.79 -83.72 -22.91
C VAL J 1640 -51.67 -84.22 -24.35
N LEU J 1641 -51.98 -83.36 -25.32
CA LEU J 1641 -51.55 -83.51 -26.74
C LEU J 1641 -50.63 -82.35 -27.08
N THR J 1642 -49.74 -82.62 -28.02
CA THR J 1642 -49.07 -81.62 -28.88
C THR J 1642 -49.14 -82.19 -30.27
N GLY J 1643 -48.71 -81.41 -31.25
CA GLY J 1643 -48.75 -81.82 -32.64
C GLY J 1643 -48.63 -80.66 -33.57
N GLU J 1644 -48.62 -80.95 -34.87
CA GLU J 1644 -48.66 -79.91 -35.92
C GLU J 1644 -49.55 -80.38 -37.06
N ALA J 1645 -50.04 -79.39 -37.80
CA ALA J 1645 -50.86 -79.53 -39.02
C ALA J 1645 -50.11 -78.84 -40.15
N GLU J 1646 -50.21 -79.39 -41.36
CA GLU J 1646 -49.77 -78.73 -42.60
C GLU J 1646 -51.04 -78.36 -43.35
N ILE J 1647 -51.29 -77.06 -43.47
CA ILE J 1647 -52.57 -76.54 -44.05
C ILE J 1647 -52.28 -75.74 -45.31
N GLU J 1648 -52.93 -76.15 -46.40
CA GLU J 1648 -52.84 -75.58 -47.76
C GLU J 1648 -53.34 -74.11 -47.69
N GLN J 1649 -52.49 -73.16 -48.11
CA GLN J 1649 -52.86 -71.75 -48.38
C GLN J 1649 -54.04 -71.69 -49.37
N PRO J 1650 -54.93 -70.67 -49.26
CA PRO J 1650 -56.03 -70.52 -50.19
C PRO J 1650 -55.57 -70.41 -51.67
N VAL J 1651 -56.41 -70.82 -52.62
CA VAL J 1651 -56.05 -70.97 -54.07
C VAL J 1651 -55.39 -69.67 -54.51
N THR J 1652 -54.20 -69.75 -55.12
CA THR J 1652 -53.31 -68.59 -55.37
C THR J 1652 -52.96 -68.50 -56.86
N THR J 1653 -53.04 -67.28 -57.41
CA THR J 1653 -52.47 -66.91 -58.74
C THR J 1653 -51.35 -65.89 -58.50
N PHE J 1654 -50.21 -66.11 -59.15
CA PHE J 1654 -49.10 -65.13 -59.27
C PHE J 1654 -49.19 -64.45 -60.62
N VAL J 1655 -49.22 -63.11 -60.61
CA VAL J 1655 -49.30 -62.25 -61.83
C VAL J 1655 -48.04 -61.38 -61.84
N PHE J 1656 -47.33 -61.37 -62.97
CA PHE J 1656 -46.01 -60.70 -63.12
C PHE J 1656 -46.16 -59.46 -64.02
N THR J 1657 -46.01 -58.28 -63.44
CA THR J 1657 -46.08 -56.95 -64.11
C THR J 1657 -45.08 -56.88 -65.28
N GLY J 1658 -45.52 -56.33 -66.42
CA GLY J 1658 -44.66 -55.97 -67.56
C GLY J 1658 -44.09 -54.56 -67.46
N GLN J 1659 -43.60 -54.01 -68.59
CA GLN J 1659 -42.78 -52.77 -68.61
C GLN J 1659 -43.63 -51.55 -68.24
N GLY J 1660 -42.97 -50.46 -67.83
CA GLY J 1660 -43.59 -49.15 -67.56
C GLY J 1660 -43.45 -48.74 -66.10
N SER J 1661 -43.36 -49.72 -65.21
CA SER J 1661 -43.39 -49.57 -63.73
C SER J 1661 -41.97 -49.36 -63.16
N GLN J 1662 -40.94 -49.79 -63.90
CA GLN J 1662 -39.48 -49.59 -63.67
C GLN J 1662 -39.17 -48.25 -62.96
N GLU J 1663 -38.30 -48.29 -61.94
CA GLU J 1663 -37.81 -47.13 -61.16
C GLU J 1663 -36.35 -47.35 -60.74
N GLN J 1664 -35.60 -46.28 -60.54
CA GLN J 1664 -34.21 -46.35 -60.00
C GLN J 1664 -34.28 -46.90 -58.58
N GLY J 1665 -33.42 -47.87 -58.25
CA GLY J 1665 -33.32 -48.49 -56.92
C GLY J 1665 -34.23 -49.71 -56.75
N MET J 1666 -34.89 -50.17 -57.82
CA MET J 1666 -35.98 -51.19 -57.74
C MET J 1666 -35.43 -52.52 -57.22
N GLY J 1667 -36.02 -53.04 -56.14
CA GLY J 1667 -35.68 -54.33 -55.53
C GLY J 1667 -34.25 -54.41 -55.02
N MET J 1668 -33.61 -53.26 -54.79
CA MET J 1668 -32.27 -53.17 -54.17
C MET J 1668 -32.41 -53.17 -52.64
N ASP J 1669 -33.63 -53.01 -52.11
CA ASP J 1669 -33.98 -53.30 -50.69
C ASP J 1669 -33.76 -54.78 -50.44
N LEU J 1670 -34.40 -55.64 -51.23
CA LEU J 1670 -34.25 -57.12 -51.18
C LEU J 1670 -32.79 -57.53 -51.36
N TYR J 1671 -32.09 -56.97 -52.33
CA TYR J 1671 -30.66 -57.27 -52.61
C TYR J 1671 -29.79 -57.14 -51.35
N LYS J 1672 -30.07 -56.16 -50.46
CA LYS J 1672 -29.31 -55.94 -49.20
C LYS J 1672 -29.48 -57.15 -48.28
N THR J 1673 -30.71 -57.66 -48.18
CA THR J 1673 -31.21 -58.55 -47.09
C THR J 1673 -31.17 -60.01 -47.56
N SER J 1674 -31.77 -60.31 -48.73
CA SER J 1674 -32.13 -61.70 -49.13
C SER J 1674 -30.94 -62.42 -49.78
N LYS J 1675 -30.53 -63.54 -49.20
CA LYS J 1675 -29.52 -64.45 -49.79
C LYS J 1675 -30.01 -64.95 -51.17
N ALA J 1676 -31.31 -65.19 -51.32
CA ALA J 1676 -31.90 -65.78 -52.55
C ALA J 1676 -31.95 -64.74 -53.66
N ALA J 1677 -32.27 -63.49 -53.31
CA ALA J 1677 -32.29 -62.33 -54.24
C ALA J 1677 -30.87 -62.02 -54.69
N GLN J 1678 -29.93 -61.83 -53.76
CA GLN J 1678 -28.48 -61.65 -54.02
C GLN J 1678 -28.00 -62.64 -55.08
N ASP J 1679 -28.33 -63.93 -54.93
CA ASP J 1679 -27.89 -64.99 -55.88
C ASP J 1679 -28.45 -64.75 -57.27
N VAL J 1680 -29.52 -63.99 -57.43
CA VAL J 1680 -30.21 -63.81 -58.74
C VAL J 1680 -29.53 -62.65 -59.49
N TRP J 1681 -29.44 -61.49 -58.85
CA TRP J 1681 -28.74 -60.30 -59.38
C TRP J 1681 -27.29 -60.68 -59.68
N ASN J 1682 -26.51 -61.03 -58.65
CA ASN J 1682 -25.06 -61.37 -58.74
C ASN J 1682 -24.85 -62.36 -59.89
N ARG J 1683 -25.73 -63.32 -60.04
CA ARG J 1683 -25.58 -64.37 -61.08
C ARG J 1683 -25.71 -63.74 -62.47
N ALA J 1684 -26.63 -62.78 -62.62
CA ALA J 1684 -27.00 -62.11 -63.89
C ALA J 1684 -26.03 -60.97 -64.21
N ASP J 1685 -25.65 -60.21 -63.19
CA ASP J 1685 -24.64 -59.12 -63.29
C ASP J 1685 -23.27 -59.67 -63.69
N ASN J 1686 -22.93 -60.92 -63.36
CA ASN J 1686 -21.65 -61.54 -63.79
C ASN J 1686 -21.80 -61.98 -65.24
N HIS J 1687 -22.98 -62.41 -65.64
CA HIS J 1687 -23.23 -62.85 -67.02
C HIS J 1687 -23.14 -61.64 -67.97
N PHE J 1688 -23.73 -60.51 -67.56
CA PHE J 1688 -23.73 -59.26 -68.37
C PHE J 1688 -22.32 -58.70 -68.45
N LYS J 1689 -21.63 -58.65 -67.31
CA LYS J 1689 -20.27 -58.06 -67.19
C LYS J 1689 -19.32 -58.72 -68.17
N ASP J 1690 -19.50 -60.03 -68.42
CA ASP J 1690 -18.54 -60.92 -69.14
C ASP J 1690 -18.94 -61.13 -70.59
N THR J 1691 -20.22 -61.03 -70.95
CA THR J 1691 -20.67 -61.22 -72.35
C THR J 1691 -20.88 -59.88 -73.05
N TYR J 1692 -21.33 -58.83 -72.34
CA TYR J 1692 -21.75 -57.57 -72.97
C TYR J 1692 -21.14 -56.34 -72.30
N GLY J 1693 -20.30 -56.52 -71.31
CA GLY J 1693 -19.40 -55.47 -70.84
C GLY J 1693 -20.04 -54.46 -69.94
N PHE J 1694 -21.27 -54.63 -69.47
CA PHE J 1694 -21.90 -53.71 -68.48
C PHE J 1694 -22.42 -54.52 -67.30
N SER J 1695 -22.64 -53.83 -66.18
CA SER J 1695 -23.29 -54.31 -64.95
C SER J 1695 -24.73 -53.81 -64.90
N ILE J 1696 -25.70 -54.71 -65.06
CA ILE J 1696 -27.16 -54.41 -64.91
C ILE J 1696 -27.46 -53.86 -63.51
N LEU J 1697 -26.68 -54.19 -62.47
CA LEU J 1697 -26.87 -53.61 -61.11
C LEU J 1697 -26.62 -52.11 -61.14
N ASP J 1698 -25.45 -51.69 -61.62
CA ASP J 1698 -25.06 -50.26 -61.79
C ASP J 1698 -26.22 -49.52 -62.47
N ILE J 1699 -26.68 -50.04 -63.61
CA ILE J 1699 -27.79 -49.42 -64.39
C ILE J 1699 -28.99 -49.20 -63.45
N VAL J 1700 -29.46 -50.25 -62.80
CA VAL J 1700 -30.64 -50.20 -61.87
C VAL J 1700 -30.37 -49.26 -60.68
N ILE J 1701 -29.18 -49.31 -60.07
CA ILE J 1701 -28.88 -48.61 -58.79
C ILE J 1701 -28.78 -47.10 -59.05
N ASN J 1702 -27.98 -46.70 -60.03
CA ASN J 1702 -27.72 -45.28 -60.42
C ASN J 1702 -28.01 -45.13 -61.90
N ASN J 1703 -29.16 -44.55 -62.25
CA ASN J 1703 -29.61 -44.39 -63.66
C ASN J 1703 -28.53 -43.61 -64.40
N PRO J 1704 -27.67 -44.25 -65.22
CA PRO J 1704 -26.61 -43.53 -65.91
C PRO J 1704 -27.28 -42.99 -67.19
N VAL J 1705 -26.99 -41.74 -67.57
CA VAL J 1705 -27.60 -41.11 -68.79
C VAL J 1705 -26.95 -41.71 -70.03
N ASN J 1706 -25.62 -41.85 -70.00
CA ASN J 1706 -24.79 -42.44 -71.08
C ASN J 1706 -24.10 -43.66 -70.50
N LEU J 1707 -23.74 -44.63 -71.34
CA LEU J 1707 -22.97 -45.84 -70.92
C LEU J 1707 -22.12 -46.34 -72.07
N THR J 1708 -20.79 -46.17 -71.98
CA THR J 1708 -19.82 -46.61 -73.03
C THR J 1708 -19.26 -47.95 -72.60
N ILE J 1709 -19.28 -48.89 -73.53
CA ILE J 1709 -18.59 -50.21 -73.46
C ILE J 1709 -17.27 -49.93 -74.14
N HIS J 1710 -16.15 -50.45 -73.64
CA HIS J 1710 -14.87 -50.45 -74.40
C HIS J 1710 -14.41 -51.86 -74.73
N PHE J 1711 -13.82 -52.05 -75.89
CA PHE J 1711 -13.47 -53.38 -76.44
C PHE J 1711 -11.95 -53.55 -76.49
N GLY J 1712 -11.26 -53.18 -75.41
CA GLY J 1712 -9.79 -53.19 -75.30
C GLY J 1712 -9.35 -54.43 -74.58
N GLY J 1713 -8.12 -54.88 -74.82
CA GLY J 1713 -7.59 -56.15 -74.28
C GLY J 1713 -8.21 -57.34 -74.98
N GLU J 1714 -7.91 -58.55 -74.51
CA GLU J 1714 -8.42 -59.80 -75.14
C GLU J 1714 -9.87 -60.02 -74.72
N LYS J 1715 -10.14 -59.82 -73.41
CA LYS J 1715 -11.51 -59.89 -72.82
C LYS J 1715 -12.44 -59.01 -73.64
N GLY J 1716 -12.08 -57.73 -73.82
CA GLY J 1716 -12.81 -56.75 -74.63
C GLY J 1716 -13.08 -57.17 -76.09
N LYS J 1717 -12.15 -57.85 -76.78
CA LYS J 1717 -12.38 -58.30 -78.18
C LYS J 1717 -13.45 -59.39 -78.18
N ARG J 1718 -13.52 -60.17 -77.11
CA ARG J 1718 -14.52 -61.26 -76.99
C ARG J 1718 -15.89 -60.61 -76.86
N ILE J 1719 -15.96 -59.61 -75.99
CA ILE J 1719 -17.18 -58.80 -75.75
C ILE J 1719 -17.62 -58.09 -77.01
N ARG J 1720 -16.73 -57.71 -77.92
CA ARG J 1720 -17.15 -57.04 -79.17
C ARG J 1720 -17.77 -58.06 -80.14
N GLU J 1721 -17.21 -59.26 -80.27
CA GLU J 1721 -17.77 -60.36 -81.10
C GLU J 1721 -19.21 -60.64 -80.67
N ASN J 1722 -19.51 -60.48 -79.38
CA ASN J 1722 -20.86 -60.71 -78.80
C ASN J 1722 -21.88 -59.65 -79.22
N TYR J 1723 -21.46 -58.44 -79.58
CA TYR J 1723 -22.36 -57.41 -80.18
C TYR J 1723 -22.44 -57.60 -81.71
N SER J 1724 -21.34 -57.97 -82.36
CA SER J 1724 -21.26 -58.15 -83.83
C SER J 1724 -22.11 -59.36 -84.27
N ALA J 1725 -22.24 -60.39 -83.43
CA ALA J 1725 -23.00 -61.63 -83.75
C ALA J 1725 -24.51 -61.36 -83.70
N MET J 1726 -24.94 -60.39 -82.87
CA MET J 1726 -26.37 -60.06 -82.63
C MET J 1726 -26.98 -59.50 -83.92
N ILE J 1727 -27.83 -60.29 -84.59
CA ILE J 1727 -28.49 -59.95 -85.89
C ILE J 1727 -29.99 -59.68 -85.62
N PHE J 1728 -30.76 -59.57 -86.68
CA PHE J 1728 -32.23 -59.40 -86.65
C PHE J 1728 -32.82 -60.02 -87.94
N GLU J 1729 -32.79 -61.36 -88.05
CA GLU J 1729 -33.25 -62.19 -89.22
C GLU J 1729 -34.72 -61.88 -89.57
N THR J 1730 -35.01 -60.65 -89.99
CA THR J 1730 -36.38 -60.18 -90.33
C THR J 1730 -36.89 -60.98 -91.55
N ILE J 1731 -38.20 -61.22 -91.66
CA ILE J 1731 -38.87 -61.92 -92.82
C ILE J 1731 -39.40 -60.88 -93.85
N VAL J 1732 -39.02 -59.57 -93.71
CA VAL J 1732 -39.42 -58.44 -94.63
C VAL J 1732 -39.02 -58.81 -96.06
N ASP J 1733 -39.94 -58.52 -97.00
CA ASP J 1733 -39.93 -58.87 -98.46
C ASP J 1733 -40.23 -60.38 -98.62
N GLY J 1734 -40.39 -60.84 -99.88
CA GLY J 1734 -40.52 -62.27 -100.24
C GLY J 1734 -39.40 -63.09 -99.60
N LYS J 1735 -38.15 -62.63 -99.75
CA LYS J 1735 -36.93 -63.27 -99.16
C LYS J 1735 -36.53 -62.53 -97.86
N LEU J 1736 -36.32 -63.32 -96.78
CA LEU J 1736 -35.86 -62.83 -95.45
C LEU J 1736 -34.60 -61.97 -95.64
N LYS J 1737 -34.51 -60.82 -94.95
CA LYS J 1737 -33.34 -59.92 -94.93
C LYS J 1737 -32.84 -59.80 -93.47
N THR J 1738 -31.52 -59.92 -93.24
CA THR J 1738 -30.86 -59.94 -91.89
C THR J 1738 -30.19 -58.58 -91.65
N GLU J 1739 -30.81 -57.74 -90.83
CA GLU J 1739 -30.36 -56.36 -90.51
C GLU J 1739 -29.55 -56.44 -89.22
N LYS J 1740 -28.22 -56.50 -89.31
CA LYS J 1740 -27.33 -56.74 -88.13
C LYS J 1740 -27.45 -55.56 -87.14
N ILE J 1741 -27.93 -55.83 -85.92
CA ILE J 1741 -28.07 -54.81 -84.82
C ILE J 1741 -26.67 -54.32 -84.48
N PHE J 1742 -26.54 -53.04 -84.12
CA PHE J 1742 -25.23 -52.40 -83.86
C PHE J 1742 -24.43 -52.42 -85.17
N LYS J 1743 -24.82 -51.56 -86.11
CA LYS J 1743 -24.15 -51.40 -87.43
C LYS J 1743 -22.82 -50.67 -87.21
N GLU J 1744 -22.77 -49.82 -86.18
CA GLU J 1744 -21.62 -48.98 -85.78
C GLU J 1744 -20.58 -49.81 -85.01
N ILE J 1745 -20.58 -51.14 -85.16
CA ILE J 1745 -19.64 -52.05 -84.45
C ILE J 1745 -19.06 -53.03 -85.47
N ASN J 1746 -17.76 -52.89 -85.72
CA ASN J 1746 -16.97 -53.64 -86.72
C ASN J 1746 -15.63 -53.98 -86.08
N GLU J 1747 -14.83 -54.81 -86.76
CA GLU J 1747 -13.47 -55.26 -86.38
C GLU J 1747 -12.66 -54.10 -85.76
N HIS J 1748 -12.81 -52.88 -86.28
CA HIS J 1748 -12.04 -51.68 -85.90
C HIS J 1748 -12.84 -50.76 -84.99
N SER J 1749 -13.71 -51.28 -84.13
CA SER J 1749 -14.35 -50.48 -83.03
C SER J 1749 -13.59 -50.73 -81.73
N THR J 1750 -13.57 -49.74 -80.86
CA THR J 1750 -12.89 -49.80 -79.54
C THR J 1750 -13.88 -49.44 -78.44
N SER J 1751 -15.05 -48.92 -78.83
CA SER J 1751 -16.12 -48.40 -77.94
C SER J 1751 -17.47 -48.56 -78.63
N TYR J 1752 -18.54 -48.70 -77.88
CA TYR J 1752 -19.91 -48.40 -78.34
C TYR J 1752 -20.62 -47.68 -77.21
N THR J 1753 -21.37 -46.62 -77.48
CA THR J 1753 -22.08 -45.85 -76.42
C THR J 1753 -23.61 -45.94 -76.56
N PHE J 1754 -24.28 -46.31 -75.47
CA PHE J 1754 -25.76 -46.32 -75.31
C PHE J 1754 -26.18 -44.92 -74.84
N ARG J 1755 -26.90 -44.20 -75.69
CA ARG J 1755 -27.46 -42.86 -75.36
C ARG J 1755 -28.87 -43.07 -74.83
N SER J 1756 -29.21 -42.33 -73.79
CA SER J 1756 -30.61 -42.03 -73.40
C SER J 1756 -30.70 -40.53 -73.12
N GLU J 1757 -31.93 -40.05 -72.95
CA GLU J 1757 -32.26 -38.63 -72.69
C GLU J 1757 -32.28 -38.45 -71.16
N LYS J 1758 -33.02 -39.32 -70.48
CA LYS J 1758 -33.43 -39.21 -69.06
C LYS J 1758 -32.57 -40.13 -68.17
N GLY J 1759 -32.57 -41.43 -68.48
CA GLY J 1759 -31.72 -42.47 -67.88
C GLY J 1759 -31.82 -43.77 -68.67
N LEU J 1760 -30.80 -44.62 -68.64
CA LEU J 1760 -30.73 -45.87 -69.46
C LEU J 1760 -31.80 -46.85 -68.96
N LEU J 1761 -32.16 -46.78 -67.69
CA LEU J 1761 -33.14 -47.71 -67.09
C LEU J 1761 -34.52 -47.53 -67.74
N SER J 1762 -34.75 -46.44 -68.49
CA SER J 1762 -35.98 -46.18 -69.29
C SER J 1762 -35.87 -46.68 -70.74
N ALA J 1763 -34.66 -47.01 -71.23
CA ALA J 1763 -34.44 -47.69 -72.54
C ALA J 1763 -34.95 -49.12 -72.46
N THR J 1764 -35.55 -49.62 -73.54
CA THR J 1764 -36.22 -50.94 -73.57
C THR J 1764 -35.24 -52.05 -73.15
N GLN J 1765 -33.98 -52.01 -73.59
CA GLN J 1765 -33.05 -53.19 -73.56
C GLN J 1765 -32.45 -53.32 -72.16
N PHE J 1766 -32.49 -52.26 -71.35
CA PHE J 1766 -32.04 -52.31 -69.94
C PHE J 1766 -33.24 -52.51 -69.03
N THR J 1767 -34.36 -51.84 -69.30
CA THR J 1767 -35.62 -51.97 -68.51
C THR J 1767 -36.05 -53.44 -68.51
N GLN J 1768 -36.08 -54.08 -69.68
CA GLN J 1768 -36.60 -55.46 -69.82
C GLN J 1768 -35.88 -56.38 -68.82
N PRO J 1769 -34.53 -56.49 -68.76
CA PRO J 1769 -33.87 -57.27 -67.73
C PRO J 1769 -34.09 -56.80 -66.29
N ALA J 1770 -33.89 -55.53 -66.00
CA ALA J 1770 -34.05 -54.95 -64.64
C ALA J 1770 -35.42 -55.36 -64.04
N LEU J 1771 -36.53 -55.28 -64.81
CA LEU J 1771 -37.86 -55.82 -64.39
C LEU J 1771 -37.72 -57.31 -64.13
N THR J 1772 -37.42 -58.07 -65.17
CA THR J 1772 -37.41 -59.55 -65.17
C THR J 1772 -36.56 -60.11 -64.03
N LEU J 1773 -35.44 -59.48 -63.67
CA LEU J 1773 -34.66 -59.81 -62.44
C LEU J 1773 -35.48 -59.44 -61.21
N MET J 1774 -35.74 -58.15 -60.99
CA MET J 1774 -36.41 -57.62 -59.77
C MET J 1774 -37.50 -58.61 -59.34
N GLU J 1775 -38.26 -59.11 -60.31
CA GLU J 1775 -39.36 -60.08 -60.14
C GLU J 1775 -38.79 -61.42 -59.71
N LYS J 1776 -38.03 -62.07 -60.59
CA LYS J 1776 -37.37 -63.37 -60.35
C LYS J 1776 -36.71 -63.37 -58.95
N ALA J 1777 -36.21 -62.23 -58.46
CA ALA J 1777 -35.56 -62.11 -57.14
C ALA J 1777 -36.60 -62.17 -56.03
N ALA J 1778 -37.51 -61.19 -56.01
CA ALA J 1778 -38.73 -61.20 -55.16
C ALA J 1778 -39.27 -62.64 -55.08
N PHE J 1779 -39.50 -63.28 -56.22
CA PHE J 1779 -40.07 -64.63 -56.23
C PHE J 1779 -39.17 -65.63 -55.53
N GLU J 1780 -37.88 -65.65 -55.84
CA GLU J 1780 -36.91 -66.62 -55.26
C GLU J 1780 -36.82 -66.39 -53.74
N ASP J 1781 -36.95 -65.16 -53.27
CA ASP J 1781 -37.00 -64.86 -51.81
C ASP J 1781 -38.25 -65.49 -51.18
N LEU J 1782 -39.39 -65.43 -51.88
CA LEU J 1782 -40.66 -66.07 -51.42
C LEU J 1782 -40.44 -67.58 -51.35
N LYS J 1783 -40.05 -68.20 -52.46
CA LYS J 1783 -39.81 -69.67 -52.55
C LYS J 1783 -38.87 -70.14 -51.41
N SER J 1784 -37.85 -69.36 -51.07
CA SER J 1784 -36.88 -69.60 -49.98
C SER J 1784 -37.60 -69.69 -48.63
N LYS J 1785 -38.60 -68.84 -48.44
CA LYS J 1785 -39.40 -68.72 -47.18
C LYS J 1785 -40.52 -69.77 -47.16
N GLY J 1786 -40.67 -70.56 -48.21
CA GLY J 1786 -41.68 -71.63 -48.28
C GLY J 1786 -43.08 -71.09 -48.45
N LEU J 1787 -43.27 -70.07 -49.29
CA LEU J 1787 -44.54 -69.32 -49.43
C LEU J 1787 -45.22 -69.57 -50.79
N ILE J 1788 -44.79 -70.58 -51.53
CA ILE J 1788 -45.24 -70.85 -52.93
C ILE J 1788 -45.97 -72.17 -52.98
N PRO J 1789 -47.32 -72.14 -53.02
CA PRO J 1789 -48.12 -73.31 -53.33
C PRO J 1789 -47.63 -74.10 -54.53
N ALA J 1790 -47.67 -75.42 -54.43
CA ALA J 1790 -47.29 -76.36 -55.51
C ALA J 1790 -48.20 -76.12 -56.70
N ASP J 1791 -49.48 -75.82 -56.45
CA ASP J 1791 -50.57 -75.76 -57.47
C ASP J 1791 -51.00 -74.31 -57.72
N ALA J 1792 -50.06 -73.38 -57.68
CA ALA J 1792 -50.29 -71.97 -58.04
C ALA J 1792 -50.49 -71.85 -59.55
N THR J 1793 -51.50 -71.09 -59.96
CA THR J 1793 -51.65 -70.58 -61.35
C THR J 1793 -50.77 -69.33 -61.49
N PHE J 1794 -50.14 -69.16 -62.64
CA PHE J 1794 -49.29 -67.97 -62.91
C PHE J 1794 -49.54 -67.45 -64.33
N ALA J 1795 -49.30 -66.16 -64.47
CA ALA J 1795 -49.57 -65.38 -65.69
C ALA J 1795 -48.78 -64.08 -65.63
N GLY J 1796 -48.22 -63.67 -66.76
CA GLY J 1796 -47.48 -62.40 -66.84
C GLY J 1796 -48.01 -61.56 -67.97
N HIS J 1797 -48.18 -60.27 -67.72
CA HIS J 1797 -48.49 -59.22 -68.72
C HIS J 1797 -47.24 -58.99 -69.57
N SER J 1798 -47.26 -59.42 -70.84
CA SER J 1798 -46.22 -59.12 -71.86
C SER J 1798 -44.87 -59.70 -71.44
N LEU J 1799 -44.09 -58.93 -70.68
CA LEU J 1799 -42.71 -59.26 -70.31
C LEU J 1799 -42.74 -60.23 -69.13
N GLY J 1800 -43.62 -59.95 -68.17
CA GLY J 1800 -44.03 -60.89 -67.11
C GLY J 1800 -43.99 -62.34 -67.58
N GLU J 1801 -44.55 -62.62 -68.74
CA GLU J 1801 -44.62 -64.00 -69.29
C GLU J 1801 -43.31 -64.73 -69.02
N TYR J 1802 -42.17 -64.07 -69.26
CA TYR J 1802 -40.79 -64.63 -69.12
C TYR J 1802 -40.46 -64.80 -67.64
N ALA J 1803 -40.56 -63.73 -66.85
CA ALA J 1803 -40.28 -63.74 -65.39
C ALA J 1803 -41.09 -64.85 -64.70
N ALA J 1804 -42.36 -64.99 -65.07
CA ALA J 1804 -43.28 -66.02 -64.56
C ALA J 1804 -42.82 -67.42 -64.98
N LEU J 1805 -42.37 -67.64 -66.22
CA LEU J 1805 -41.95 -69.00 -66.69
C LEU J 1805 -40.56 -69.35 -66.17
N ALA J 1806 -39.74 -68.35 -65.82
CA ALA J 1806 -38.43 -68.54 -65.16
C ALA J 1806 -38.69 -68.95 -63.71
N SER J 1807 -39.70 -68.34 -63.07
CA SER J 1807 -39.95 -68.39 -61.61
C SER J 1807 -40.68 -69.68 -61.22
N LEU J 1808 -41.73 -70.07 -61.95
CA LEU J 1808 -42.65 -71.16 -61.54
C LEU J 1808 -42.58 -72.37 -62.45
N ALA J 1809 -41.70 -72.39 -63.45
CA ALA J 1809 -41.46 -73.62 -64.24
C ALA J 1809 -39.98 -73.81 -64.58
N ASP J 1810 -39.08 -72.97 -64.05
CA ASP J 1810 -37.61 -73.08 -64.19
C ASP J 1810 -37.28 -73.57 -65.61
N VAL J 1811 -37.86 -72.92 -66.61
CA VAL J 1811 -37.68 -73.26 -68.05
C VAL J 1811 -36.25 -72.86 -68.44
N MET J 1812 -35.89 -71.60 -68.15
CA MET J 1812 -34.57 -71.01 -68.44
C MET J 1812 -33.75 -70.92 -67.15
N SER J 1813 -32.42 -70.95 -67.27
CA SER J 1813 -31.47 -70.42 -66.26
C SER J 1813 -31.64 -68.91 -66.12
N ILE J 1814 -31.22 -68.34 -65.01
CA ILE J 1814 -31.11 -66.87 -64.77
C ILE J 1814 -30.32 -66.25 -65.92
N GLU J 1815 -29.28 -66.93 -66.42
CA GLU J 1815 -28.37 -66.39 -67.47
C GLU J 1815 -29.13 -66.39 -68.80
N SER J 1816 -29.68 -67.53 -69.21
CA SER J 1816 -30.50 -67.64 -70.46
C SER J 1816 -31.67 -66.64 -70.45
N LEU J 1817 -32.24 -66.36 -69.29
CA LEU J 1817 -33.44 -65.48 -69.16
C LEU J 1817 -33.05 -64.08 -69.58
N VAL J 1818 -32.06 -63.50 -68.89
CA VAL J 1818 -31.63 -62.09 -69.13
C VAL J 1818 -31.07 -61.96 -70.56
N GLU J 1819 -30.50 -63.01 -71.15
CA GLU J 1819 -30.14 -62.98 -72.59
C GLU J 1819 -31.40 -62.68 -73.40
N VAL J 1820 -32.33 -63.64 -73.43
CA VAL J 1820 -33.60 -63.59 -74.22
C VAL J 1820 -34.21 -62.19 -74.09
N VAL J 1821 -34.49 -61.77 -72.88
CA VAL J 1821 -35.13 -60.48 -72.54
C VAL J 1821 -34.29 -59.29 -73.04
N PHE J 1822 -32.96 -59.36 -73.03
CA PHE J 1822 -32.08 -58.27 -73.52
C PHE J 1822 -32.15 -58.24 -75.05
N TYR J 1823 -31.99 -59.39 -75.70
CA TYR J 1823 -32.18 -59.55 -77.17
C TYR J 1823 -33.58 -59.05 -77.57
N ARG J 1824 -34.61 -59.31 -76.75
CA ARG J 1824 -36.01 -58.89 -77.02
C ARG J 1824 -36.04 -57.38 -77.12
N GLY J 1825 -35.64 -56.69 -76.05
CA GLY J 1825 -35.59 -55.22 -75.97
C GLY J 1825 -34.74 -54.60 -77.07
N MET J 1826 -33.73 -55.32 -77.55
CA MET J 1826 -32.87 -54.86 -78.66
C MET J 1826 -33.62 -55.03 -79.99
N THR J 1827 -34.31 -56.14 -80.15
CA THR J 1827 -35.12 -56.50 -81.34
C THR J 1827 -36.44 -55.69 -81.35
N MET J 1828 -36.65 -54.78 -80.41
CA MET J 1828 -37.73 -53.75 -80.38
C MET J 1828 -37.07 -52.36 -80.42
N GLN J 1829 -36.05 -52.19 -81.27
CA GLN J 1829 -35.35 -50.90 -81.55
C GLN J 1829 -34.94 -50.84 -83.03
N VAL J 1830 -34.41 -51.93 -83.55
CA VAL J 1830 -34.17 -52.17 -85.00
C VAL J 1830 -35.52 -52.30 -85.73
N ALA J 1831 -36.58 -52.76 -85.03
CA ALA J 1831 -37.87 -53.23 -85.61
C ALA J 1831 -38.58 -52.14 -86.41
N VAL J 1832 -38.39 -50.87 -86.02
CA VAL J 1832 -39.03 -49.67 -86.62
C VAL J 1832 -37.95 -48.75 -87.21
N PRO J 1833 -38.11 -48.18 -88.43
CA PRO J 1833 -37.16 -47.19 -88.97
C PRO J 1833 -37.26 -45.81 -88.31
N ARG J 1834 -36.10 -45.25 -87.91
CA ARG J 1834 -35.95 -43.93 -87.22
C ARG J 1834 -34.83 -43.16 -87.92
N ASP J 1835 -35.16 -42.55 -89.07
CA ASP J 1835 -34.21 -41.89 -90.02
C ASP J 1835 -33.56 -40.66 -89.34
N GLU J 1836 -34.36 -39.86 -88.63
CA GLU J 1836 -34.02 -38.53 -88.03
C GLU J 1836 -32.94 -38.75 -86.95
N LEU J 1837 -33.32 -39.53 -85.94
CA LEU J 1837 -32.46 -39.91 -84.79
C LEU J 1837 -33.04 -41.19 -84.15
N GLY J 1838 -33.80 -41.08 -83.05
CA GLY J 1838 -34.51 -42.18 -82.39
C GLY J 1838 -36.03 -42.04 -82.48
N ARG J 1839 -36.52 -40.97 -83.13
CA ARG J 1839 -37.97 -40.69 -83.32
C ARG J 1839 -38.51 -41.67 -84.37
N SER J 1840 -39.64 -42.29 -84.08
CA SER J 1840 -40.37 -43.20 -85.01
C SER J 1840 -41.72 -42.56 -85.32
N ASN J 1841 -42.27 -42.85 -86.50
CA ASN J 1841 -43.62 -42.39 -86.93
C ASN J 1841 -44.69 -43.34 -86.38
N TYR J 1842 -44.35 -44.17 -85.37
CA TYR J 1842 -45.27 -45.11 -84.65
C TYR J 1842 -45.35 -44.74 -83.16
N GLY J 1843 -46.37 -45.26 -82.47
CA GLY J 1843 -46.63 -44.99 -81.04
C GLY J 1843 -47.73 -45.89 -80.49
N MET J 1844 -48.28 -45.55 -79.31
CA MET J 1844 -49.48 -46.23 -78.75
C MET J 1844 -50.16 -45.38 -77.66
N ILE J 1845 -51.50 -45.44 -77.64
CA ILE J 1845 -52.40 -44.64 -76.75
C ILE J 1845 -53.23 -45.60 -75.89
N ALA J 1846 -53.62 -45.13 -74.69
CA ALA J 1846 -54.48 -45.83 -73.70
C ALA J 1846 -55.89 -45.25 -73.71
N ILE J 1847 -56.82 -45.95 -74.37
CA ILE J 1847 -58.26 -45.57 -74.52
C ILE J 1847 -59.02 -46.00 -73.24
N ASN J 1848 -60.01 -45.20 -72.83
CA ASN J 1848 -60.94 -45.46 -71.68
C ASN J 1848 -62.39 -45.32 -72.15
N PRO J 1849 -62.96 -46.31 -72.87
CA PRO J 1849 -64.27 -46.18 -73.53
C PRO J 1849 -65.42 -45.63 -72.65
N GLY J 1850 -65.36 -45.87 -71.35
CA GLY J 1850 -66.28 -45.27 -70.36
C GLY J 1850 -66.43 -43.78 -70.55
N ARG J 1851 -65.31 -43.07 -70.80
CA ARG J 1851 -65.24 -41.58 -70.72
C ARG J 1851 -65.86 -40.92 -71.96
N VAL J 1852 -65.71 -41.54 -73.14
CA VAL J 1852 -66.34 -41.08 -74.42
C VAL J 1852 -67.87 -41.12 -74.30
N ALA J 1853 -68.44 -42.26 -73.88
CA ALA J 1853 -69.91 -42.47 -73.83
C ALA J 1853 -70.24 -43.74 -73.03
N ALA J 1854 -71.11 -43.62 -72.03
CA ALA J 1854 -71.58 -44.71 -71.12
C ALA J 1854 -71.93 -45.98 -71.92
N SER J 1855 -72.53 -45.85 -73.12
CA SER J 1855 -72.92 -46.97 -74.01
C SER J 1855 -71.70 -47.58 -74.71
N PHE J 1856 -70.69 -46.77 -75.01
CA PHE J 1856 -69.54 -47.15 -75.87
C PHE J 1856 -68.63 -48.15 -75.11
N SER J 1857 -68.27 -49.25 -75.77
CA SER J 1857 -67.70 -50.47 -75.12
C SER J 1857 -66.98 -51.36 -76.14
N GLN J 1858 -66.78 -52.64 -75.81
CA GLN J 1858 -66.41 -53.72 -76.78
C GLN J 1858 -67.43 -53.78 -77.93
N GLU J 1859 -66.99 -54.36 -79.05
CA GLU J 1859 -67.70 -54.55 -80.35
C GLU J 1859 -67.88 -53.17 -81.01
N ALA J 1860 -67.43 -52.11 -80.35
CA ALA J 1860 -67.64 -50.71 -80.73
C ALA J 1860 -66.26 -50.10 -81.06
N LEU J 1861 -65.27 -50.24 -80.16
CA LEU J 1861 -63.83 -49.95 -80.46
C LEU J 1861 -63.31 -50.86 -81.57
N GLN J 1862 -63.71 -52.14 -81.58
CA GLN J 1862 -63.17 -53.13 -82.54
C GLN J 1862 -63.72 -52.87 -83.96
N TYR J 1863 -64.75 -52.02 -84.12
CA TYR J 1863 -65.14 -51.39 -85.43
C TYR J 1863 -64.29 -50.14 -85.67
N VAL J 1864 -64.48 -49.10 -84.85
CA VAL J 1864 -63.91 -47.74 -85.07
C VAL J 1864 -62.44 -47.90 -85.49
N VAL J 1865 -61.65 -48.66 -84.71
CA VAL J 1865 -60.18 -48.84 -84.88
C VAL J 1865 -59.89 -49.75 -86.08
N GLU J 1866 -60.76 -50.71 -86.40
CA GLU J 1866 -60.56 -51.62 -87.57
C GLU J 1866 -60.79 -50.84 -88.88
N ARG J 1867 -61.76 -49.92 -88.89
CA ARG J 1867 -62.14 -49.10 -90.07
C ARG J 1867 -61.02 -48.11 -90.37
N VAL J 1868 -60.62 -47.32 -89.36
CA VAL J 1868 -59.49 -46.33 -89.41
C VAL J 1868 -58.20 -47.12 -89.65
N GLY J 1869 -57.96 -47.57 -90.89
CA GLY J 1869 -56.88 -48.52 -91.22
C GLY J 1869 -57.26 -49.42 -92.39
N LYS J 1870 -58.51 -49.87 -92.41
CA LYS J 1870 -59.20 -50.39 -93.62
C LYS J 1870 -59.42 -49.22 -94.60
N ARG J 1871 -59.82 -48.04 -94.05
CA ARG J 1871 -60.00 -46.74 -94.75
C ARG J 1871 -58.64 -46.13 -95.13
N THR J 1872 -57.86 -45.65 -94.15
CA THR J 1872 -56.63 -44.84 -94.34
C THR J 1872 -55.50 -45.70 -94.95
N GLY J 1873 -55.49 -47.01 -94.69
CA GLY J 1873 -54.38 -47.92 -95.05
C GLY J 1873 -53.19 -47.81 -94.10
N TRP J 1874 -53.34 -47.06 -93.00
CA TRP J 1874 -52.32 -46.81 -91.95
C TRP J 1874 -52.54 -47.80 -90.80
N LEU J 1875 -51.63 -48.78 -90.66
CA LEU J 1875 -51.67 -49.82 -89.60
C LEU J 1875 -51.98 -49.16 -88.25
N VAL J 1876 -53.14 -49.47 -87.69
CA VAL J 1876 -53.46 -49.34 -86.23
C VAL J 1876 -54.21 -50.60 -85.79
N GLU J 1877 -54.05 -50.99 -84.52
CA GLU J 1877 -54.63 -52.21 -83.90
C GLU J 1877 -54.84 -51.96 -82.40
N ILE J 1878 -55.76 -52.71 -81.77
CA ILE J 1878 -55.82 -52.89 -80.29
C ILE J 1878 -54.76 -53.95 -79.94
N VAL J 1879 -53.91 -53.67 -78.95
CA VAL J 1879 -52.74 -54.54 -78.62
C VAL J 1879 -52.88 -55.12 -77.20
N ASN J 1880 -53.22 -54.30 -76.20
CA ASN J 1880 -53.51 -54.76 -74.81
C ASN J 1880 -54.99 -54.56 -74.51
N TYR J 1881 -55.76 -55.66 -74.47
CA TYR J 1881 -57.08 -55.77 -73.82
C TYR J 1881 -56.87 -55.94 -72.30
N ASN J 1882 -56.98 -54.88 -71.50
CA ASN J 1882 -56.61 -54.89 -70.05
C ASN J 1882 -57.83 -55.09 -69.12
N VAL J 1883 -58.63 -54.03 -68.88
CA VAL J 1883 -59.85 -54.00 -68.04
C VAL J 1883 -61.04 -53.92 -68.98
N GLU J 1884 -62.22 -54.45 -68.63
CA GLU J 1884 -63.43 -54.37 -69.50
C GLU J 1884 -63.97 -52.94 -69.47
N ASN J 1885 -64.14 -52.34 -70.66
CA ASN J 1885 -64.78 -51.01 -70.88
C ASN J 1885 -64.19 -49.99 -69.92
N GLN J 1886 -62.86 -49.95 -69.77
CA GLN J 1886 -62.19 -49.10 -68.76
C GLN J 1886 -60.69 -48.92 -69.05
N GLN J 1887 -60.03 -49.89 -69.68
CA GLN J 1887 -58.60 -49.81 -70.11
C GLN J 1887 -58.37 -50.71 -71.33
N TYR J 1888 -58.11 -50.11 -72.49
CA TYR J 1888 -57.50 -50.78 -73.67
C TYR J 1888 -56.28 -49.95 -74.09
N VAL J 1889 -55.49 -50.50 -75.01
CA VAL J 1889 -54.25 -49.87 -75.55
C VAL J 1889 -54.19 -50.19 -77.05
N ALA J 1890 -54.24 -49.14 -77.87
CA ALA J 1890 -54.12 -49.22 -79.35
C ALA J 1890 -52.77 -48.64 -79.76
N ALA J 1891 -52.18 -49.23 -80.81
CA ALA J 1891 -50.78 -49.03 -81.22
C ALA J 1891 -50.63 -49.21 -82.74
N GLY J 1892 -50.03 -48.20 -83.39
CA GLY J 1892 -49.59 -48.27 -84.79
C GLY J 1892 -49.06 -46.93 -85.26
N ASP J 1893 -49.48 -46.51 -86.45
CA ASP J 1893 -49.06 -45.28 -87.17
C ASP J 1893 -49.46 -44.04 -86.37
N LEU J 1894 -48.51 -43.23 -85.88
CA LEU J 1894 -48.77 -41.99 -85.08
C LEU J 1894 -49.87 -41.15 -85.74
N ARG J 1895 -49.93 -41.15 -87.07
CA ARG J 1895 -51.01 -40.50 -87.89
C ARG J 1895 -52.36 -41.14 -87.54
N ALA J 1896 -52.50 -42.46 -87.75
CA ALA J 1896 -53.73 -43.26 -87.53
C ALA J 1896 -54.16 -43.24 -86.04
N LEU J 1897 -53.23 -43.01 -85.12
CA LEU J 1897 -53.52 -42.76 -83.67
C LEU J 1897 -54.14 -41.38 -83.47
N ASP J 1898 -53.58 -40.36 -84.14
CA ASP J 1898 -54.04 -38.94 -84.06
C ASP J 1898 -55.45 -38.80 -84.66
N THR J 1899 -55.80 -39.60 -85.68
CA THR J 1899 -57.19 -39.67 -86.21
C THR J 1899 -58.11 -40.18 -85.10
N VAL J 1900 -57.74 -41.30 -84.45
CA VAL J 1900 -58.57 -42.04 -83.45
C VAL J 1900 -58.82 -41.14 -82.23
N THR J 1901 -57.80 -40.49 -81.65
CA THR J 1901 -57.97 -39.55 -80.50
C THR J 1901 -58.87 -38.36 -80.90
N ASN J 1902 -58.95 -38.01 -82.20
CA ASN J 1902 -59.87 -36.96 -82.75
C ASN J 1902 -61.27 -37.57 -82.96
N VAL J 1903 -61.38 -38.63 -83.79
CA VAL J 1903 -62.64 -39.39 -84.07
C VAL J 1903 -63.41 -39.66 -82.75
N LEU J 1904 -62.71 -40.04 -81.68
CA LEU J 1904 -63.28 -40.30 -80.32
C LEU J 1904 -63.69 -38.96 -79.67
N ASN J 1905 -62.83 -37.95 -79.69
CA ASN J 1905 -63.11 -36.62 -79.08
C ASN J 1905 -64.27 -35.92 -79.80
N PHE J 1906 -64.55 -36.33 -81.05
CA PHE J 1906 -65.74 -35.93 -81.85
C PHE J 1906 -67.00 -36.60 -81.27
N ILE J 1907 -67.01 -37.95 -81.15
CA ILE J 1907 -68.18 -38.78 -80.73
C ILE J 1907 -68.62 -38.42 -79.30
N LYS J 1908 -67.69 -38.02 -78.43
CA LYS J 1908 -67.98 -37.54 -77.04
C LYS J 1908 -68.72 -36.18 -77.11
N LEU J 1909 -68.12 -35.16 -77.77
CA LEU J 1909 -68.64 -33.76 -77.84
C LEU J 1909 -69.88 -33.70 -78.74
N GLN J 1910 -69.85 -34.41 -79.88
CA GLN J 1910 -71.03 -34.66 -80.77
C GLN J 1910 -72.11 -35.41 -79.99
N LYS J 1911 -71.71 -36.28 -79.05
CA LYS J 1911 -72.58 -36.98 -78.05
C LYS J 1911 -73.60 -37.89 -78.78
N ILE J 1912 -73.20 -38.49 -79.91
CA ILE J 1912 -74.00 -39.54 -80.61
C ILE J 1912 -73.78 -40.87 -79.85
N ASP J 1913 -74.87 -41.47 -79.39
CA ASP J 1913 -74.91 -42.83 -78.78
C ASP J 1913 -74.94 -43.84 -79.93
N ILE J 1914 -73.82 -44.57 -80.17
CA ILE J 1914 -73.60 -45.51 -81.32
C ILE J 1914 -74.82 -46.44 -81.52
N ILE J 1915 -75.33 -47.10 -80.46
CA ILE J 1915 -76.39 -48.18 -80.51
C ILE J 1915 -77.71 -47.64 -81.10
N GLU J 1916 -78.06 -46.39 -80.76
CA GLU J 1916 -79.24 -45.62 -81.28
C GLU J 1916 -79.16 -45.50 -82.82
N LEU J 1917 -77.93 -45.44 -83.39
CA LEU J 1917 -77.71 -45.38 -84.86
C LEU J 1917 -76.67 -46.42 -85.34
N GLN J 1918 -76.55 -47.58 -84.65
CA GLN J 1918 -75.65 -48.70 -85.04
C GLN J 1918 -76.46 -49.62 -85.98
N LYS J 1919 -77.57 -50.14 -85.46
CA LYS J 1919 -78.55 -50.99 -86.19
C LYS J 1919 -79.97 -50.42 -86.06
N SER J 1920 -80.34 -49.90 -84.88
CA SER J 1920 -81.68 -49.35 -84.52
C SER J 1920 -82.21 -48.42 -85.64
N LEU J 1921 -81.48 -47.33 -85.96
CA LEU J 1921 -81.81 -46.37 -87.06
C LEU J 1921 -81.42 -47.01 -88.41
N SER J 1922 -80.14 -46.88 -88.82
CA SER J 1922 -79.61 -47.21 -90.18
C SER J 1922 -78.58 -48.36 -90.05
N LEU J 1923 -78.75 -49.41 -90.87
CA LEU J 1923 -78.05 -50.72 -90.81
C LEU J 1923 -77.04 -50.83 -91.98
N GLU J 1924 -75.72 -50.73 -91.69
CA GLU J 1924 -74.57 -50.83 -92.66
C GLU J 1924 -74.38 -49.51 -93.48
N GLU J 1925 -75.19 -48.48 -93.20
CA GLU J 1925 -75.04 -47.09 -93.74
C GLU J 1925 -73.98 -46.32 -92.91
N VAL J 1926 -73.87 -46.64 -91.60
CA VAL J 1926 -72.91 -46.05 -90.60
C VAL J 1926 -71.49 -45.93 -91.19
N GLU J 1927 -71.05 -46.95 -91.94
CA GLU J 1927 -69.73 -46.92 -92.65
C GLU J 1927 -69.58 -45.55 -93.33
N GLY J 1928 -70.63 -45.04 -94.00
CA GLY J 1928 -70.73 -43.69 -94.57
C GLY J 1928 -70.63 -42.56 -93.54
N HIS J 1929 -71.40 -42.62 -92.43
CA HIS J 1929 -71.35 -41.66 -91.28
C HIS J 1929 -69.91 -41.55 -90.72
N LEU J 1930 -69.24 -42.70 -90.58
CA LEU J 1930 -67.90 -42.87 -89.94
C LEU J 1930 -66.80 -42.40 -90.92
N PHE J 1931 -66.87 -42.86 -92.18
CA PHE J 1931 -65.95 -42.48 -93.29
C PHE J 1931 -65.91 -40.94 -93.45
N GLU J 1932 -67.03 -40.25 -93.19
CA GLU J 1932 -67.12 -38.77 -93.16
C GLU J 1932 -66.23 -38.22 -92.02
N ILE J 1933 -66.44 -38.75 -90.80
CA ILE J 1933 -65.81 -38.28 -89.52
C ILE J 1933 -64.30 -38.54 -89.57
N ILE J 1934 -63.90 -39.65 -90.20
CA ILE J 1934 -62.48 -40.05 -90.45
C ILE J 1934 -61.82 -39.00 -91.37
N ASP J 1935 -62.35 -38.87 -92.61
CA ASP J 1935 -61.68 -38.21 -93.77
C ASP J 1935 -61.39 -36.72 -93.47
N GLU J 1936 -62.14 -36.10 -92.54
CA GLU J 1936 -61.92 -34.69 -92.07
C GLU J 1936 -60.75 -34.64 -91.05
N ALA J 1937 -60.61 -35.66 -90.18
CA ALA J 1937 -59.54 -35.79 -89.15
C ALA J 1937 -58.34 -36.60 -89.69
N SER J 1938 -58.59 -37.55 -90.60
CA SER J 1938 -57.59 -38.36 -91.36
C SER J 1938 -56.59 -37.44 -92.08
N LYS J 1939 -57.11 -36.54 -92.95
CA LYS J 1939 -56.30 -35.66 -93.85
C LYS J 1939 -56.13 -34.26 -93.23
N LYS J 1940 -56.41 -34.15 -91.92
CA LYS J 1940 -55.96 -33.06 -91.02
C LYS J 1940 -54.62 -33.46 -90.36
N SER J 1941 -54.46 -34.76 -90.04
CA SER J 1941 -53.25 -35.38 -89.42
C SER J 1941 -52.35 -36.09 -90.46
N ALA J 1942 -52.51 -35.82 -91.77
CA ALA J 1942 -51.59 -36.23 -92.87
C ALA J 1942 -50.84 -34.99 -93.39
N VAL J 1943 -50.62 -33.98 -92.54
CA VAL J 1943 -49.88 -32.71 -92.85
C VAL J 1943 -49.37 -32.09 -91.53
N LYS J 1944 -48.25 -32.61 -91.01
CA LYS J 1944 -47.67 -32.20 -89.70
C LYS J 1944 -46.18 -32.55 -89.68
N PRO J 1945 -45.39 -31.94 -88.75
CA PRO J 1945 -43.97 -32.28 -88.59
C PRO J 1945 -43.75 -33.80 -88.41
N ARG J 1946 -43.31 -34.46 -89.50
CA ARG J 1946 -43.24 -35.94 -89.76
C ARG J 1946 -43.45 -36.76 -88.48
N PRO J 1947 -42.52 -36.84 -87.50
CA PRO J 1947 -42.78 -37.55 -86.24
C PRO J 1947 -43.59 -36.64 -85.30
N LEU J 1948 -44.92 -36.70 -85.47
CA LEU J 1948 -45.89 -35.66 -85.03
C LEU J 1948 -46.19 -35.78 -83.53
N LYS J 1949 -46.18 -34.63 -82.84
CA LYS J 1949 -46.47 -34.49 -81.38
C LYS J 1949 -47.92 -34.90 -81.13
N LEU J 1950 -48.11 -36.13 -80.65
CA LEU J 1950 -49.44 -36.77 -80.44
C LEU J 1950 -50.04 -36.26 -79.12
N GLU J 1951 -51.15 -35.53 -79.22
CA GLU J 1951 -51.84 -34.84 -78.10
C GLU J 1951 -52.89 -35.78 -77.52
N ARG J 1952 -53.24 -35.56 -76.25
CA ARG J 1952 -54.19 -36.36 -75.44
C ARG J 1952 -55.64 -35.95 -75.76
N GLY J 1953 -56.60 -36.52 -75.03
CA GLY J 1953 -58.04 -36.28 -75.20
C GLY J 1953 -58.86 -37.09 -74.20
N PHE J 1954 -60.13 -36.72 -73.99
CA PHE J 1954 -61.02 -37.23 -72.89
C PHE J 1954 -61.01 -38.77 -72.85
N ALA J 1955 -61.12 -39.42 -74.00
CA ALA J 1955 -61.03 -40.89 -74.16
C ALA J 1955 -59.56 -41.35 -74.01
N CYS J 1956 -58.66 -40.86 -74.88
CA CYS J 1956 -57.29 -41.41 -75.12
C CYS J 1956 -56.20 -40.60 -74.40
N ILE J 1957 -55.29 -41.28 -73.69
CA ILE J 1957 -53.99 -40.73 -73.19
C ILE J 1957 -52.88 -41.39 -74.01
N PRO J 1958 -51.81 -40.66 -74.42
CA PRO J 1958 -50.65 -41.27 -75.08
C PRO J 1958 -49.61 -41.77 -74.07
N LEU J 1959 -49.15 -43.02 -74.27
CA LEU J 1959 -48.06 -43.65 -73.46
C LEU J 1959 -46.72 -43.02 -73.90
N VAL J 1960 -46.03 -42.35 -72.97
CA VAL J 1960 -44.82 -41.51 -73.25
C VAL J 1960 -43.59 -42.42 -73.39
N GLY J 1961 -42.72 -42.08 -74.35
CA GLY J 1961 -41.46 -42.79 -74.65
C GLY J 1961 -41.68 -44.19 -75.22
N ILE J 1962 -42.86 -44.50 -75.76
CA ILE J 1962 -43.13 -45.81 -76.44
C ILE J 1962 -43.20 -45.56 -77.95
N SER J 1963 -42.13 -45.97 -78.64
CA SER J 1963 -41.84 -45.60 -80.05
C SER J 1963 -42.02 -46.82 -80.97
N VAL J 1964 -42.34 -47.99 -80.42
CA VAL J 1964 -42.55 -49.23 -81.22
C VAL J 1964 -43.96 -49.73 -80.94
N PRO J 1965 -44.66 -50.28 -81.96
CA PRO J 1965 -45.98 -50.90 -81.75
C PRO J 1965 -45.91 -52.42 -81.54
N PHE J 1966 -45.59 -52.86 -80.31
CA PHE J 1966 -45.45 -54.31 -79.97
C PHE J 1966 -46.83 -54.87 -79.66
N HIS J 1967 -46.94 -56.19 -79.78
CA HIS J 1967 -48.20 -56.96 -79.60
C HIS J 1967 -49.14 -56.65 -80.76
N SER J 1968 -48.57 -56.35 -81.93
CA SER J 1968 -49.29 -56.01 -83.19
C SER J 1968 -48.76 -56.87 -84.35
N THR J 1969 -49.36 -56.78 -85.52
CA THR J 1969 -48.97 -57.61 -86.69
C THR J 1969 -47.74 -56.96 -87.34
N TYR J 1970 -47.45 -55.68 -87.01
CA TYR J 1970 -46.35 -54.91 -87.61
C TYR J 1970 -45.05 -55.73 -87.59
N LEU J 1971 -44.77 -56.38 -86.45
CA LEU J 1971 -43.50 -57.11 -86.21
C LEU J 1971 -43.78 -58.61 -86.03
N MET J 1972 -44.72 -59.13 -86.84
CA MET J 1972 -44.82 -60.54 -87.28
C MET J 1972 -43.64 -60.83 -88.22
N ASN J 1973 -43.10 -59.77 -88.83
CA ASN J 1973 -41.95 -59.85 -89.77
C ASN J 1973 -40.69 -60.20 -88.98
N GLY J 1974 -40.45 -59.55 -87.83
CA GLY J 1974 -39.32 -59.84 -86.92
C GLY J 1974 -39.67 -60.88 -85.87
N VAL J 1975 -39.84 -62.15 -86.27
CA VAL J 1975 -40.27 -63.27 -85.38
C VAL J 1975 -39.43 -64.53 -85.63
N LYS J 1976 -39.43 -65.08 -86.86
CA LYS J 1976 -38.55 -66.19 -87.36
C LYS J 1976 -37.13 -66.13 -86.80
N PRO J 1977 -36.51 -64.92 -86.69
CA PRO J 1977 -35.24 -64.74 -85.96
C PRO J 1977 -35.31 -65.15 -84.48
N PHE J 1978 -36.29 -64.56 -83.77
CA PHE J 1978 -36.50 -64.62 -82.30
C PHE J 1978 -36.90 -66.05 -81.92
N LYS J 1979 -37.77 -66.69 -82.71
CA LYS J 1979 -38.21 -68.09 -82.52
C LYS J 1979 -37.02 -69.05 -82.59
N SER J 1980 -36.14 -68.89 -83.59
CA SER J 1980 -34.89 -69.71 -83.73
C SER J 1980 -33.86 -69.31 -82.66
N PHE J 1981 -33.94 -68.10 -82.11
CA PHE J 1981 -33.07 -67.64 -80.99
C PHE J 1981 -33.45 -68.32 -79.67
N LEU J 1982 -34.76 -68.35 -79.36
CA LEU J 1982 -35.32 -69.03 -78.16
C LEU J 1982 -34.92 -70.51 -78.16
N LYS J 1983 -34.98 -71.20 -79.32
CA LYS J 1983 -34.70 -72.66 -79.41
C LYS J 1983 -33.22 -72.97 -79.09
N LYS J 1984 -32.41 -71.96 -78.74
CA LYS J 1984 -31.02 -72.13 -78.25
C LYS J 1984 -30.96 -71.94 -76.73
N ASN J 1985 -31.72 -70.96 -76.20
CA ASN J 1985 -31.68 -70.58 -74.75
C ASN J 1985 -32.74 -71.37 -73.95
N ILE J 1986 -33.83 -71.81 -74.58
CA ILE J 1986 -34.87 -72.72 -74.01
C ILE J 1986 -34.67 -74.11 -74.60
N ILE J 1987 -34.25 -75.06 -73.76
CA ILE J 1987 -33.82 -76.45 -74.14
C ILE J 1987 -35.00 -77.39 -73.85
N LYS J 1988 -35.11 -78.50 -74.58
CA LYS J 1988 -36.20 -79.50 -74.40
C LYS J 1988 -36.15 -80.13 -72.99
N GLU J 1989 -34.94 -80.49 -72.53
CA GLU J 1989 -34.66 -81.18 -71.23
C GLU J 1989 -35.16 -80.34 -70.04
N ASN J 1990 -35.12 -79.01 -70.13
CA ASN J 1990 -35.44 -78.09 -69.00
C ASN J 1990 -36.93 -77.69 -69.03
N VAL J 1991 -37.80 -78.43 -69.74
CA VAL J 1991 -39.27 -78.17 -69.75
C VAL J 1991 -39.98 -79.31 -69.00
N LYS J 1992 -40.43 -79.01 -67.79
CA LYS J 1992 -41.27 -79.88 -66.93
C LYS J 1992 -42.72 -79.58 -67.25
N VAL J 1993 -43.38 -80.47 -68.00
CA VAL J 1993 -44.80 -80.32 -68.45
C VAL J 1993 -45.69 -80.08 -67.22
N ALA J 1994 -45.49 -80.88 -66.16
CA ALA J 1994 -46.23 -80.86 -64.89
C ALA J 1994 -46.30 -79.44 -64.29
N ARG J 1995 -45.23 -78.66 -64.45
CA ARG J 1995 -45.09 -77.33 -63.81
C ARG J 1995 -45.77 -76.25 -64.66
N LEU J 1996 -46.25 -76.61 -65.86
CA LEU J 1996 -46.96 -75.69 -66.79
C LEU J 1996 -48.44 -76.05 -66.84
N ALA J 1997 -48.76 -77.28 -67.27
CA ALA J 1997 -50.11 -77.72 -67.68
C ALA J 1997 -51.12 -77.39 -66.57
N GLY J 1998 -52.14 -76.60 -66.92
CA GLY J 1998 -53.23 -76.18 -66.02
C GLY J 1998 -52.92 -74.87 -65.32
N LYS J 1999 -51.65 -74.47 -65.27
CA LYS J 1999 -51.16 -73.45 -64.32
C LYS J 1999 -50.73 -72.18 -65.06
N TYR J 2000 -50.08 -72.33 -66.22
CA TYR J 2000 -49.58 -71.21 -67.04
C TYR J 2000 -50.71 -70.73 -67.94
N ILE J 2001 -51.07 -69.46 -67.85
CA ILE J 2001 -52.06 -68.77 -68.74
C ILE J 2001 -51.27 -67.87 -69.68
N PRO J 2002 -51.00 -68.29 -70.94
CA PRO J 2002 -50.37 -67.43 -71.93
C PRO J 2002 -51.05 -66.07 -72.16
N ASN J 2003 -50.38 -65.19 -72.90
CA ASN J 2003 -50.90 -63.87 -73.31
C ASN J 2003 -51.58 -64.00 -74.67
N LEU J 2004 -51.00 -64.80 -75.58
CA LEU J 2004 -51.55 -65.15 -76.91
C LEU J 2004 -52.98 -65.68 -76.76
N THR J 2005 -53.14 -66.76 -76.01
CA THR J 2005 -54.33 -67.64 -75.99
C THR J 2005 -54.84 -67.78 -74.56
N ALA J 2006 -55.58 -66.81 -74.02
CA ALA J 2006 -55.78 -66.70 -72.55
C ALA J 2006 -56.56 -67.92 -72.01
N LYS J 2007 -55.92 -69.08 -72.11
CA LYS J 2007 -56.47 -70.44 -71.87
C LYS J 2007 -55.38 -71.25 -71.16
N PRO J 2008 -55.63 -71.76 -69.93
CA PRO J 2008 -54.60 -72.49 -69.19
C PRO J 2008 -53.91 -73.49 -70.13
N PHE J 2009 -52.59 -73.34 -70.25
CA PHE J 2009 -51.66 -74.17 -71.07
C PHE J 2009 -52.10 -75.63 -70.94
N GLN J 2010 -52.34 -76.31 -72.06
CA GLN J 2010 -52.43 -77.80 -72.11
C GLN J 2010 -51.64 -78.28 -73.33
N VAL J 2011 -51.35 -79.57 -73.38
CA VAL J 2011 -50.67 -80.23 -74.55
C VAL J 2011 -51.65 -81.27 -75.09
N THR J 2012 -52.61 -80.78 -75.88
CA THR J 2012 -53.66 -81.56 -76.59
C THR J 2012 -53.82 -80.98 -78.00
N LYS J 2013 -54.36 -81.77 -78.93
CA LYS J 2013 -54.68 -81.35 -80.32
C LYS J 2013 -55.54 -80.08 -80.32
N GLU J 2014 -56.58 -80.05 -79.48
CA GLU J 2014 -57.50 -78.90 -79.27
C GLU J 2014 -56.72 -77.58 -79.10
N TYR J 2015 -55.68 -77.60 -78.27
CA TYR J 2015 -54.96 -76.38 -77.83
C TYR J 2015 -54.02 -75.91 -78.95
N PHE J 2016 -53.30 -76.84 -79.58
CA PHE J 2016 -52.45 -76.56 -80.77
C PHE J 2016 -53.32 -75.94 -81.87
N GLN J 2017 -54.52 -76.50 -82.10
CA GLN J 2017 -55.48 -76.06 -83.14
C GLN J 2017 -55.85 -74.60 -82.88
N ASP J 2018 -56.18 -74.26 -81.63
CA ASP J 2018 -56.56 -72.88 -81.19
C ASP J 2018 -55.37 -71.93 -81.35
N VAL J 2019 -54.13 -72.42 -81.22
CA VAL J 2019 -52.90 -71.61 -81.42
C VAL J 2019 -52.75 -71.34 -82.93
N TYR J 2020 -52.78 -72.40 -83.74
CA TYR J 2020 -52.66 -72.34 -85.23
C TYR J 2020 -53.63 -71.30 -85.81
N ASP J 2021 -54.87 -71.26 -85.29
CA ASP J 2021 -55.95 -70.33 -85.72
C ASP J 2021 -55.56 -68.86 -85.44
N LEU J 2022 -54.61 -68.58 -84.54
CA LEU J 2022 -54.16 -67.20 -84.15
C LEU J 2022 -52.70 -66.97 -84.51
N THR J 2023 -52.16 -67.71 -85.47
CA THR J 2023 -50.69 -67.77 -85.75
C THR J 2023 -50.42 -68.16 -87.21
N GLY J 2024 -50.88 -69.34 -87.63
CA GLY J 2024 -50.62 -69.89 -88.97
C GLY J 2024 -49.15 -70.29 -89.10
N SER J 2025 -48.64 -71.06 -88.13
CA SER J 2025 -47.25 -71.60 -88.08
C SER J 2025 -47.25 -73.03 -88.62
N GLU J 2026 -46.20 -73.40 -89.38
CA GLU J 2026 -46.05 -74.73 -90.05
C GLU J 2026 -45.61 -75.78 -89.03
N PRO J 2027 -44.59 -75.52 -88.16
CA PRO J 2027 -44.19 -76.49 -87.12
C PRO J 2027 -45.36 -76.96 -86.24
N ILE J 2028 -46.36 -76.11 -86.04
CA ILE J 2028 -47.61 -76.41 -85.29
C ILE J 2028 -48.55 -77.23 -86.18
N LYS J 2029 -48.77 -76.80 -87.42
CA LYS J 2029 -49.78 -77.44 -88.30
C LYS J 2029 -49.35 -78.88 -88.60
N GLU J 2030 -48.05 -79.10 -88.82
CA GLU J 2030 -47.51 -80.44 -89.17
C GLU J 2030 -47.74 -81.41 -88.00
N ILE J 2031 -47.80 -80.92 -86.75
CA ILE J 2031 -48.11 -81.72 -85.53
C ILE J 2031 -49.59 -82.15 -85.54
N ILE J 2032 -50.51 -81.22 -85.82
CA ILE J 2032 -51.99 -81.45 -85.92
C ILE J 2032 -52.25 -82.51 -87.01
N ASP J 2033 -51.50 -82.43 -88.14
CA ASP J 2033 -51.63 -83.30 -89.34
C ASP J 2033 -51.31 -84.76 -88.95
N ASN J 2034 -50.14 -85.02 -88.34
CA ASN J 2034 -49.77 -86.37 -87.83
C ASN J 2034 -49.74 -86.32 -86.29
N TRP J 2035 -50.93 -86.11 -85.70
CA TRP J 2035 -51.19 -86.26 -84.23
C TRP J 2035 -51.00 -87.73 -83.77
N GLU J 2036 -50.78 -88.69 -84.68
CA GLU J 2036 -50.35 -90.10 -84.38
C GLU J 2036 -48.81 -90.20 -84.31
N LYS J 2037 -48.21 -89.36 -83.48
CA LYS J 2037 -46.95 -89.60 -82.71
C LYS J 2037 -47.31 -89.88 -81.23
N TYR J 2038 -48.62 -89.85 -80.90
CA TYR J 2038 -49.24 -90.46 -79.69
C TYR J 2038 -48.68 -91.90 -79.49
N GLU J 2039 -48.60 -92.70 -80.56
CA GLU J 2039 -47.86 -94.00 -80.63
C GLU J 2039 -46.34 -93.69 -80.70
N GLN J 2040 -45.65 -93.71 -79.54
CA GLN J 2040 -44.24 -93.23 -79.33
C GLN J 2040 -43.97 -91.97 -80.17
N SER K 1 -106.98 -70.06 39.63
CA SER K 1 -105.50 -69.96 39.39
C SER K 1 -105.15 -68.75 38.48
N THR K 2 -104.08 -68.03 38.83
CA THR K 2 -103.66 -66.73 38.23
C THR K 2 -102.28 -66.90 37.56
N ARG K 3 -102.08 -66.23 36.43
CA ARG K 3 -100.83 -66.27 35.61
C ARG K 3 -100.12 -64.93 35.73
N PRO K 4 -98.90 -64.87 36.31
CA PRO K 4 -98.08 -63.65 36.34
C PRO K 4 -97.89 -62.90 35.01
N LEU K 5 -98.44 -61.69 34.92
CA LEU K 5 -98.35 -60.78 33.73
C LEU K 5 -97.59 -59.51 34.15
N THR K 6 -96.30 -59.42 33.80
CA THR K 6 -95.37 -58.35 34.22
C THR K 6 -95.58 -57.12 33.31
N LEU K 7 -96.45 -56.20 33.74
CA LEU K 7 -96.49 -54.79 33.24
C LEU K 7 -95.14 -54.17 33.58
N SER K 8 -94.42 -53.69 32.56
CA SER K 8 -93.00 -53.25 32.66
C SER K 8 -92.78 -52.02 31.80
N HIS K 9 -91.78 -51.22 32.18
CA HIS K 9 -91.27 -50.09 31.38
C HIS K 9 -89.79 -49.88 31.74
N GLY K 10 -88.89 -50.30 30.84
CA GLY K 10 -87.45 -50.48 31.09
C GLY K 10 -87.19 -50.95 32.52
N SER K 11 -86.40 -50.16 33.27
CA SER K 11 -85.89 -50.47 34.63
C SER K 11 -86.98 -51.13 35.50
N LEU K 12 -88.04 -50.37 35.80
CA LEU K 12 -89.08 -50.71 36.83
C LEU K 12 -90.26 -51.45 36.18
N GLU K 13 -91.08 -52.11 37.01
CA GLU K 13 -92.20 -52.99 36.56
C GLU K 13 -93.14 -53.32 37.74
N HIS K 14 -94.27 -53.95 37.43
CA HIS K 14 -95.31 -54.41 38.39
C HIS K 14 -95.89 -55.74 37.93
N VAL K 15 -95.92 -56.73 38.83
CA VAL K 15 -96.36 -58.12 38.54
C VAL K 15 -97.87 -58.23 38.83
N LEU K 16 -98.67 -58.36 37.78
CA LEU K 16 -100.15 -58.38 37.88
C LEU K 16 -100.64 -59.84 37.85
N LEU K 17 -101.40 -60.26 38.86
CA LEU K 17 -101.88 -61.67 39.01
C LEU K 17 -103.25 -61.83 38.35
N VAL K 18 -103.23 -62.10 37.03
CA VAL K 18 -104.41 -62.19 36.13
C VAL K 18 -105.04 -63.57 36.32
N PRO K 19 -106.37 -63.70 36.63
CA PRO K 19 -107.06 -64.98 36.52
C PRO K 19 -106.95 -65.57 35.10
N THR K 20 -106.56 -66.85 34.99
CA THR K 20 -106.18 -67.59 33.74
C THR K 20 -107.41 -67.70 32.81
N ALA K 21 -108.65 -67.66 33.35
CA ALA K 21 -109.95 -67.61 32.61
C ALA K 21 -110.02 -66.38 31.68
N SER K 22 -109.26 -65.32 31.99
CA SER K 22 -109.22 -64.01 31.27
C SER K 22 -107.76 -63.58 31.01
N PHE K 23 -106.83 -64.52 30.80
CA PHE K 23 -105.43 -64.20 30.45
C PHE K 23 -105.32 -63.87 28.94
N PHE K 24 -106.13 -64.53 28.10
CA PHE K 24 -106.23 -64.30 26.62
C PHE K 24 -106.37 -62.79 26.35
N ILE K 25 -107.33 -62.16 27.05
CA ILE K 25 -107.72 -60.73 26.83
C ILE K 25 -106.64 -59.82 27.42
N ALA K 26 -106.09 -60.15 28.59
CA ALA K 26 -105.12 -59.30 29.33
C ALA K 26 -103.74 -59.30 28.62
N SER K 27 -103.34 -60.41 27.99
CA SER K 27 -102.08 -60.57 27.22
C SER K 27 -102.14 -59.73 25.93
N GLN K 28 -103.32 -59.70 25.29
CA GLN K 28 -103.71 -58.80 24.17
C GLN K 28 -103.37 -57.35 24.58
N LEU K 29 -103.84 -56.91 25.75
CA LEU K 29 -103.74 -55.51 26.27
C LEU K 29 -102.30 -55.23 26.74
N GLN K 30 -101.59 -56.22 27.28
CA GLN K 30 -100.12 -56.14 27.62
C GLN K 30 -99.36 -55.72 26.35
N GLU K 31 -99.66 -56.38 25.22
CA GLU K 31 -99.04 -56.13 23.88
C GLU K 31 -99.27 -54.65 23.51
N GLN K 32 -100.53 -54.30 23.22
CA GLN K 32 -100.96 -52.99 22.64
C GLN K 32 -100.34 -51.85 23.46
N PHE K 33 -100.51 -51.92 24.80
CA PHE K 33 -99.99 -50.93 25.77
C PHE K 33 -98.48 -50.77 25.63
N ASN K 34 -97.75 -51.88 25.45
CA ASN K 34 -96.27 -51.97 25.62
C ASN K 34 -95.53 -51.20 24.51
N LYS K 35 -96.17 -51.00 23.34
CA LYS K 35 -95.57 -50.27 22.18
C LYS K 35 -95.83 -48.75 22.31
N ILE K 36 -97.04 -48.36 22.77
CA ILE K 36 -97.59 -46.97 22.65
C ILE K 36 -96.84 -46.03 23.59
N LEU K 37 -96.52 -46.46 24.81
CA LEU K 37 -95.67 -45.66 25.74
C LEU K 37 -94.25 -45.59 25.16
N PRO K 38 -93.45 -44.56 25.50
CA PRO K 38 -92.11 -44.40 24.93
C PRO K 38 -91.05 -45.37 25.50
N GLU K 39 -89.78 -45.07 25.23
CA GLU K 39 -88.59 -45.84 25.70
C GLU K 39 -88.01 -45.10 26.91
N PRO K 40 -87.40 -45.84 27.87
CA PRO K 40 -86.73 -45.22 29.04
C PRO K 40 -85.71 -44.13 28.68
N THR K 41 -85.55 -43.15 29.58
CA THR K 41 -84.59 -42.02 29.46
C THR K 41 -83.93 -41.75 30.83
N GLU K 42 -83.15 -42.73 31.32
CA GLU K 42 -82.19 -42.63 32.47
C GLU K 42 -82.76 -41.73 33.60
N GLY K 43 -83.56 -42.33 34.49
CA GLY K 43 -84.23 -41.66 35.62
C GLY K 43 -85.67 -41.22 35.31
N PHE K 44 -86.11 -41.41 34.06
CA PHE K 44 -87.51 -41.21 33.57
C PHE K 44 -87.87 -39.71 33.60
N ALA K 45 -86.98 -38.88 33.07
CA ALA K 45 -87.02 -37.40 33.12
C ALA K 45 -87.89 -36.81 31.99
N ALA K 46 -88.46 -37.64 31.10
CA ALA K 46 -89.38 -37.21 30.00
C ALA K 46 -90.82 -37.12 30.52
N ASP K 47 -91.75 -36.64 29.68
CA ASP K 47 -93.14 -36.24 30.07
C ASP K 47 -94.21 -37.16 29.45
N ASP K 48 -93.90 -38.42 29.13
CA ASP K 48 -94.91 -39.48 28.83
C ASP K 48 -94.56 -40.82 29.50
N GLU K 49 -93.48 -40.88 30.30
CA GLU K 49 -92.94 -42.15 30.87
C GLU K 49 -93.15 -42.16 32.39
N PRO K 50 -93.80 -43.20 32.96
CA PRO K 50 -94.03 -43.26 34.40
C PRO K 50 -92.74 -43.56 35.19
N THR K 51 -92.53 -42.84 36.29
CA THR K 51 -91.29 -42.81 37.12
C THR K 51 -91.43 -43.72 38.35
N THR K 52 -92.58 -44.38 38.52
CA THR K 52 -92.82 -45.34 39.64
C THR K 52 -93.69 -46.49 39.17
N PRO K 53 -93.67 -47.65 39.89
CA PRO K 53 -94.61 -48.74 39.65
C PRO K 53 -96.07 -48.27 39.64
N ALA K 54 -96.42 -47.35 40.54
CA ALA K 54 -97.79 -46.82 40.76
C ALA K 54 -98.30 -46.09 39.51
N GLU K 55 -97.51 -45.16 38.96
CA GLU K 55 -97.85 -44.39 37.73
C GLU K 55 -98.03 -45.38 36.56
N LEU K 56 -97.16 -46.39 36.48
CA LEU K 56 -97.17 -47.43 35.40
C LEU K 56 -98.54 -48.11 35.34
N VAL K 57 -99.07 -48.54 36.49
CA VAL K 57 -100.42 -49.19 36.57
C VAL K 57 -101.49 -48.10 36.37
N GLY K 58 -101.17 -46.84 36.73
CA GLY K 58 -101.98 -45.67 36.35
C GLY K 58 -102.15 -45.58 34.84
N LYS K 59 -101.05 -45.33 34.10
CA LYS K 59 -101.00 -45.30 32.61
C LYS K 59 -101.88 -46.43 32.07
N PHE K 60 -101.72 -47.65 32.61
CA PHE K 60 -102.39 -48.88 32.15
C PHE K 60 -103.91 -48.68 32.22
N LEU K 61 -104.44 -48.38 33.41
CA LEU K 61 -105.90 -48.19 33.64
C LEU K 61 -106.45 -47.15 32.65
N GLY K 62 -105.71 -46.04 32.47
CA GLY K 62 -106.02 -45.00 31.47
C GLY K 62 -106.31 -45.63 30.13
N TYR K 63 -105.32 -46.34 29.57
CA TYR K 63 -105.40 -47.03 28.26
C TYR K 63 -106.66 -47.90 28.20
N VAL K 64 -106.87 -48.73 29.24
CA VAL K 64 -107.95 -49.75 29.29
C VAL K 64 -109.32 -49.04 29.36
N SER K 65 -109.42 -47.92 30.08
CA SER K 65 -110.65 -47.11 30.22
C SER K 65 -111.09 -46.52 28.86
N SER K 66 -110.12 -46.10 28.03
CA SER K 66 -110.36 -45.52 26.68
C SER K 66 -111.03 -46.56 25.75
N LEU K 67 -110.75 -47.86 25.96
CA LEU K 67 -111.28 -48.97 25.10
C LEU K 67 -112.65 -49.46 25.58
N VAL K 68 -113.13 -49.04 26.76
CA VAL K 68 -114.44 -49.48 27.31
C VAL K 68 -115.54 -48.53 26.83
N GLU K 69 -116.64 -49.10 26.30
CA GLU K 69 -117.96 -48.43 26.14
C GLU K 69 -118.62 -48.29 27.53
N PRO K 70 -119.14 -47.10 27.89
CA PRO K 70 -119.73 -46.88 29.24
C PRO K 70 -121.14 -47.48 29.49
N SER K 71 -121.81 -48.01 28.45
CA SER K 71 -123.11 -48.75 28.55
C SER K 71 -122.91 -50.24 28.16
N LYS K 72 -122.40 -50.48 26.93
CA LYS K 72 -122.17 -51.83 26.32
C LYS K 72 -121.19 -52.66 27.17
N VAL K 73 -121.62 -53.85 27.63
CA VAL K 73 -120.78 -54.79 28.45
C VAL K 73 -119.74 -55.42 27.49
N GLY K 74 -118.65 -54.69 27.23
CA GLY K 74 -117.60 -55.06 26.26
C GLY K 74 -116.69 -56.17 26.78
N GLN K 75 -115.69 -56.53 25.97
CA GLN K 75 -114.75 -57.67 26.20
C GLN K 75 -113.81 -57.34 27.38
N PHE K 76 -113.45 -56.06 27.60
CA PHE K 76 -112.35 -55.63 28.50
C PHE K 76 -112.83 -55.10 29.86
N ASP K 77 -114.02 -55.52 30.33
CA ASP K 77 -114.64 -55.03 31.61
C ASP K 77 -114.02 -55.74 32.83
N GLN K 78 -114.05 -57.08 32.84
CA GLN K 78 -113.57 -57.96 33.95
C GLN K 78 -112.05 -57.82 34.12
N VAL K 79 -111.35 -57.32 33.08
CA VAL K 79 -109.90 -56.97 33.15
C VAL K 79 -109.76 -55.72 34.02
N LEU K 80 -110.55 -54.68 33.71
CA LEU K 80 -110.45 -53.35 34.35
C LEU K 80 -110.75 -53.51 35.84
N ASN K 81 -111.88 -54.13 36.18
CA ASN K 81 -112.32 -54.40 37.58
C ASN K 81 -111.19 -55.05 38.40
N LEU K 82 -110.31 -55.88 37.78
CA LEU K 82 -109.23 -56.63 38.48
C LEU K 82 -107.85 -55.95 38.35
N CYS K 83 -107.72 -54.90 37.53
CA CYS K 83 -106.53 -54.02 37.50
C CYS K 83 -106.67 -52.91 38.57
N LEU K 84 -107.90 -52.45 38.83
CA LEU K 84 -108.25 -51.51 39.93
C LEU K 84 -107.91 -52.17 41.27
N THR K 85 -108.50 -53.34 41.51
CA THR K 85 -108.45 -54.07 42.81
C THR K 85 -106.99 -54.45 43.10
N GLU K 86 -106.14 -54.60 42.08
CA GLU K 86 -104.67 -54.69 42.26
C GLU K 86 -104.16 -53.32 42.71
N PHE K 87 -104.52 -52.25 41.99
CA PHE K 87 -104.06 -50.85 42.22
C PHE K 87 -104.46 -50.38 43.62
N GLU K 88 -105.71 -50.66 44.03
CA GLU K 88 -106.30 -50.31 45.35
C GLU K 88 -105.54 -51.01 46.49
N ASN K 89 -105.30 -52.32 46.38
CA ASN K 89 -104.77 -53.15 47.50
C ASN K 89 -103.25 -53.03 47.62
N CYS K 90 -102.56 -52.51 46.61
CA CYS K 90 -101.07 -52.39 46.58
C CYS K 90 -100.62 -50.99 47.00
N TYR K 91 -101.18 -49.95 46.36
CA TYR K 91 -100.66 -48.55 46.36
C TYR K 91 -101.57 -47.59 47.13
N LEU K 92 -102.78 -48.03 47.47
CA LEU K 92 -103.92 -47.18 47.88
C LEU K 92 -104.57 -47.78 49.13
N GLU K 93 -103.74 -48.04 50.15
CA GLU K 93 -104.05 -48.85 51.36
C GLU K 93 -105.22 -48.21 52.14
N GLY K 94 -106.45 -48.31 51.61
CA GLY K 94 -107.67 -47.69 52.15
C GLY K 94 -107.73 -46.18 51.90
N ASN K 95 -106.57 -45.53 51.77
CA ASN K 95 -106.40 -44.05 51.60
C ASN K 95 -106.96 -43.65 50.24
N ASP K 96 -107.07 -42.34 49.99
CA ASP K 96 -107.62 -41.78 48.73
C ASP K 96 -106.46 -41.51 47.77
N ILE K 97 -106.78 -41.51 46.48
CA ILE K 97 -105.83 -41.32 45.34
C ILE K 97 -105.00 -40.05 45.54
N HIS K 98 -105.60 -39.00 46.10
CA HIS K 98 -104.93 -37.70 46.33
C HIS K 98 -103.80 -37.84 47.35
N ALA K 99 -103.97 -38.69 48.37
CA ALA K 99 -102.93 -38.96 49.39
C ALA K 99 -101.72 -39.62 48.71
N LEU K 100 -101.99 -40.63 47.88
CA LEU K 100 -100.96 -41.34 47.07
C LEU K 100 -100.16 -40.30 46.28
N ALA K 101 -100.86 -39.49 45.49
CA ALA K 101 -100.29 -38.45 44.60
C ALA K 101 -99.31 -37.56 45.36
N ALA K 102 -99.62 -37.19 46.62
CA ALA K 102 -98.77 -36.36 47.49
C ALA K 102 -97.48 -37.10 47.85
N LYS K 103 -97.58 -38.31 48.41
CA LYS K 103 -96.43 -39.18 48.74
C LYS K 103 -95.43 -39.13 47.58
N LEU K 104 -95.92 -39.34 46.35
CA LEU K 104 -95.10 -39.45 45.11
C LEU K 104 -94.37 -38.13 44.82
N LEU K 105 -94.91 -36.96 45.20
CA LEU K 105 -94.23 -35.66 44.97
C LEU K 105 -92.98 -35.53 45.87
N GLN K 106 -93.09 -35.84 47.17
CA GLN K 106 -92.02 -35.56 48.17
C GLN K 106 -91.03 -36.74 48.25
N GLU K 107 -91.51 -37.98 48.30
CA GLU K 107 -90.64 -39.20 48.39
C GLU K 107 -89.85 -39.37 47.08
N ASN K 108 -90.54 -39.58 45.95
CA ASN K 108 -89.92 -39.79 44.62
C ASN K 108 -89.57 -38.43 43.99
N ASP K 109 -89.27 -38.40 42.69
CA ASP K 109 -89.14 -37.16 41.86
C ASP K 109 -90.06 -37.31 40.64
N THR K 110 -91.36 -37.11 40.88
CA THR K 110 -92.42 -36.93 39.84
C THR K 110 -92.81 -35.44 39.86
N THR K 111 -93.21 -34.93 38.70
CA THR K 111 -93.73 -33.55 38.50
C THR K 111 -95.23 -33.54 38.85
N LEU K 112 -95.82 -32.34 38.97
CA LEU K 112 -97.28 -32.13 39.19
C LEU K 112 -98.04 -32.81 38.02
N VAL K 113 -97.72 -32.41 36.79
CA VAL K 113 -98.41 -32.80 35.53
C VAL K 113 -98.50 -34.33 35.43
N LYS K 114 -97.42 -35.01 35.87
CA LYS K 114 -97.25 -36.49 35.84
C LYS K 114 -98.28 -37.16 36.76
N THR K 115 -98.54 -36.59 37.92
CA THR K 115 -99.37 -37.20 39.00
C THR K 115 -100.83 -36.76 38.88
N LYS K 116 -101.13 -35.63 38.24
CA LYS K 116 -102.52 -35.27 37.81
C LYS K 116 -103.01 -36.32 36.81
N GLU K 117 -102.12 -36.73 35.92
CA GLU K 117 -102.33 -37.83 34.93
C GLU K 117 -102.79 -39.07 35.72
N LEU K 118 -101.98 -39.51 36.70
CA LEU K 118 -102.28 -40.68 37.59
C LEU K 118 -103.66 -40.52 38.20
N ILE K 119 -103.96 -39.33 38.75
CA ILE K 119 -105.27 -38.98 39.39
C ILE K 119 -106.38 -39.19 38.35
N LYS K 120 -106.24 -38.60 37.16
CA LYS K 120 -107.25 -38.71 36.07
C LYS K 120 -107.51 -40.20 35.83
N ASN K 121 -106.43 -40.95 35.60
CA ASN K 121 -106.48 -42.36 35.14
C ASN K 121 -107.35 -43.14 36.13
N TYR K 122 -107.04 -43.04 37.44
CA TYR K 122 -107.79 -43.74 38.53
C TYR K 122 -109.27 -43.35 38.52
N ILE K 123 -109.56 -42.04 38.49
CA ILE K 123 -110.95 -41.50 38.69
C ILE K 123 -111.78 -41.82 37.44
N THR K 124 -111.18 -41.66 36.26
CA THR K 124 -111.80 -42.02 34.95
C THR K 124 -112.23 -43.49 35.06
N ALA K 125 -111.26 -44.36 35.35
CA ALA K 125 -111.41 -45.82 35.47
C ALA K 125 -112.67 -46.14 36.28
N ARG K 126 -112.67 -45.73 37.56
CA ARG K 126 -113.73 -46.05 38.56
C ARG K 126 -115.14 -45.87 37.99
N ILE K 127 -115.38 -44.88 37.12
CA ILE K 127 -116.73 -44.56 36.57
C ILE K 127 -117.01 -45.47 35.35
N MET K 128 -115.97 -45.76 34.53
CA MET K 128 -116.03 -46.68 33.36
C MET K 128 -116.20 -48.14 33.83
N ALA K 129 -115.76 -48.46 35.06
CA ALA K 129 -115.92 -49.80 35.68
C ALA K 129 -117.30 -49.97 36.34
N LYS K 130 -118.19 -48.97 36.26
CA LYS K 130 -119.51 -48.89 36.96
C LYS K 130 -119.31 -49.15 38.47
N ARG K 131 -118.23 -48.60 39.05
CA ARG K 131 -117.93 -48.62 40.51
C ARG K 131 -117.82 -47.18 40.99
N PRO K 132 -118.96 -46.46 41.11
CA PRO K 132 -118.94 -45.03 41.40
C PRO K 132 -118.53 -44.77 42.87
N PHE K 133 -118.38 -43.51 43.24
CA PHE K 133 -118.09 -43.08 44.63
C PHE K 133 -119.42 -42.83 45.35
N ASP K 134 -119.95 -43.88 45.99
CA ASP K 134 -121.20 -43.84 46.81
C ASP K 134 -120.89 -44.11 48.30
N LYS K 135 -119.74 -44.71 48.61
CA LYS K 135 -119.26 -44.92 50.01
C LYS K 135 -118.94 -43.55 50.63
N LYS K 136 -119.50 -43.26 51.81
CA LYS K 136 -119.03 -42.18 52.71
C LYS K 136 -117.59 -42.50 53.09
N SER K 137 -116.62 -41.89 52.40
CA SER K 137 -115.17 -42.06 52.68
C SER K 137 -114.90 -41.67 54.13
N ASN K 138 -114.04 -42.44 54.81
CA ASN K 138 -113.61 -42.19 56.21
C ASN K 138 -112.49 -41.14 56.19
N SER K 139 -112.77 -39.94 55.66
CA SER K 139 -111.83 -38.80 55.70
C SER K 139 -111.71 -38.35 57.16
N ALA K 140 -110.47 -38.24 57.65
CA ALA K 140 -110.15 -37.85 59.05
C ALA K 140 -110.95 -36.62 59.43
N LEU K 141 -110.77 -35.56 58.63
CA LEU K 141 -111.32 -34.20 58.86
C LEU K 141 -112.83 -34.26 59.09
N PHE K 142 -113.53 -35.23 58.48
CA PHE K 142 -115.02 -35.33 58.54
C PHE K 142 -115.44 -36.31 59.64
N ARG K 143 -114.64 -37.32 59.96
CA ARG K 143 -114.85 -38.14 61.19
C ARG K 143 -114.84 -37.18 62.38
N ALA K 144 -113.89 -36.25 62.37
CA ALA K 144 -113.63 -35.24 63.42
C ALA K 144 -114.82 -34.27 63.55
N VAL K 145 -115.34 -33.75 62.43
CA VAL K 145 -116.43 -32.73 62.46
C VAL K 145 -117.75 -33.41 62.88
N GLY K 146 -117.90 -34.70 62.57
CA GLY K 146 -119.02 -35.53 63.06
C GLY K 146 -119.05 -35.61 64.58
N GLU K 147 -117.88 -35.79 65.19
CA GLU K 147 -117.70 -35.95 66.67
C GLU K 147 -117.87 -34.59 67.38
N GLY K 148 -117.29 -33.51 66.83
CA GLY K 148 -117.26 -32.16 67.42
C GLY K 148 -115.84 -31.68 67.74
N ASN K 149 -114.80 -32.37 67.27
CA ASN K 149 -113.37 -31.96 67.45
C ASN K 149 -112.90 -31.11 66.26
N ALA K 150 -113.83 -30.56 65.47
CA ALA K 150 -113.54 -29.65 64.35
C ALA K 150 -114.80 -28.86 63.97
N GLN K 151 -114.61 -27.60 63.57
CA GLN K 151 -115.63 -26.75 62.92
C GLN K 151 -115.07 -26.28 61.59
N LEU K 152 -115.82 -26.45 60.50
CA LEU K 152 -115.39 -26.09 59.13
C LEU K 152 -116.08 -24.81 58.69
N VAL K 153 -115.38 -24.01 57.89
CA VAL K 153 -115.97 -22.90 57.10
C VAL K 153 -115.41 -22.97 55.68
N ALA K 154 -116.28 -22.83 54.68
CA ALA K 154 -115.92 -22.70 53.26
C ALA K 154 -115.78 -21.22 52.91
N ILE K 155 -114.69 -20.85 52.22
CA ILE K 155 -114.52 -19.48 51.68
C ILE K 155 -114.18 -19.56 50.19
N PHE K 156 -114.76 -18.64 49.42
CA PHE K 156 -114.63 -18.56 47.95
C PHE K 156 -114.00 -17.22 47.61
N GLY K 157 -112.86 -17.23 46.93
CA GLY K 157 -112.21 -16.04 46.38
C GLY K 157 -113.03 -15.38 45.29
N GLY K 158 -112.50 -14.29 44.76
CA GLY K 158 -113.01 -13.56 43.60
C GLY K 158 -111.86 -13.25 42.68
N GLN K 159 -111.81 -12.02 42.18
CA GLN K 159 -110.80 -11.65 41.15
C GLN K 159 -109.61 -11.02 41.87
N GLY K 160 -108.49 -10.90 41.16
CA GLY K 160 -107.25 -10.25 41.63
C GLY K 160 -106.21 -11.28 42.01
N ASN K 161 -106.60 -12.55 42.03
CA ASN K 161 -105.81 -13.63 42.64
C ASN K 161 -104.78 -14.09 41.61
N THR K 162 -105.21 -14.35 40.36
CA THR K 162 -104.32 -14.84 39.27
C THR K 162 -104.54 -14.07 37.97
N ASP K 163 -103.45 -13.94 37.18
CA ASP K 163 -103.41 -13.51 35.76
C ASP K 163 -104.34 -14.43 34.96
N ASP K 164 -103.97 -15.71 34.79
CA ASP K 164 -104.79 -16.72 34.07
C ASP K 164 -105.41 -17.67 35.09
N TYR K 165 -106.63 -17.30 35.52
CA TYR K 165 -107.60 -18.19 36.21
C TYR K 165 -107.99 -19.36 35.29
N PHE K 166 -108.14 -19.12 33.99
CA PHE K 166 -108.80 -20.06 33.04
C PHE K 166 -108.03 -21.38 32.99
N GLU K 167 -106.72 -21.38 33.24
CA GLU K 167 -105.89 -22.62 33.33
C GLU K 167 -106.36 -23.49 34.49
N GLU K 168 -106.96 -22.90 35.51
CA GLU K 168 -107.55 -23.64 36.66
C GLU K 168 -108.77 -24.42 36.15
N LEU K 169 -109.53 -23.84 35.23
CA LEU K 169 -110.78 -24.43 34.65
C LEU K 169 -110.36 -25.53 33.68
N ARG K 170 -109.33 -25.27 32.88
CA ARG K 170 -108.69 -26.24 31.95
C ARG K 170 -108.26 -27.48 32.72
N ASP K 171 -107.52 -27.29 33.81
CA ASP K 171 -106.96 -28.38 34.66
C ASP K 171 -108.08 -29.12 35.39
N LEU K 172 -109.22 -28.48 35.65
CA LEU K 172 -110.43 -29.15 36.22
C LEU K 172 -111.09 -30.04 35.16
N TYR K 173 -111.14 -29.58 33.91
CA TYR K 173 -111.85 -30.28 32.80
C TYR K 173 -111.05 -31.52 32.38
N GLN K 174 -109.72 -31.40 32.22
CA GLN K 174 -108.82 -32.54 31.90
C GLN K 174 -108.99 -33.64 32.94
N THR K 175 -108.62 -33.31 34.18
CA THR K 175 -108.34 -34.25 35.30
C THR K 175 -109.62 -34.84 35.89
N TYR K 176 -110.71 -34.09 36.03
CA TYR K 176 -111.97 -34.59 36.67
C TYR K 176 -113.10 -34.62 35.65
N HIS K 177 -112.77 -34.79 34.36
CA HIS K 177 -113.76 -34.73 33.25
C HIS K 177 -115.05 -35.44 33.66
N VAL K 178 -114.91 -36.64 34.24
CA VAL K 178 -116.04 -37.60 34.48
C VAL K 178 -116.99 -37.10 35.60
N LEU K 179 -116.51 -36.25 36.52
CA LEU K 179 -117.27 -35.80 37.73
C LEU K 179 -117.94 -34.45 37.47
N VAL K 180 -117.24 -33.58 36.74
CA VAL K 180 -117.53 -32.13 36.54
C VAL K 180 -118.10 -31.90 35.14
N GLY K 181 -117.64 -32.68 34.14
CA GLY K 181 -118.01 -32.60 32.72
C GLY K 181 -119.42 -32.08 32.46
N ASP K 182 -120.44 -32.64 33.12
CA ASP K 182 -121.86 -32.27 32.90
C ASP K 182 -122.18 -30.92 33.56
N LEU K 183 -121.48 -30.51 34.63
CA LEU K 183 -121.62 -29.15 35.24
C LEU K 183 -121.01 -28.10 34.30
N ILE K 184 -119.77 -28.29 33.85
CA ILE K 184 -119.08 -27.41 32.86
C ILE K 184 -120.00 -27.24 31.65
N LYS K 185 -120.60 -28.34 31.17
CA LYS K 185 -121.40 -28.38 29.94
C LYS K 185 -122.76 -27.71 30.19
N PHE K 186 -123.36 -27.89 31.37
CA PHE K 186 -124.64 -27.22 31.74
C PHE K 186 -124.38 -25.73 31.94
N SER K 187 -123.20 -25.38 32.45
CA SER K 187 -122.76 -23.96 32.59
C SER K 187 -122.89 -23.27 31.24
N ALA K 188 -122.16 -23.78 30.24
CA ALA K 188 -122.01 -23.19 28.89
C ALA K 188 -123.38 -23.02 28.22
N GLU K 189 -124.21 -24.06 28.24
CA GLU K 189 -125.61 -24.03 27.73
C GLU K 189 -126.36 -22.85 28.38
N THR K 190 -126.24 -22.70 29.70
CA THR K 190 -126.90 -21.64 30.52
C THR K 190 -126.37 -20.26 30.13
N LEU K 191 -125.05 -20.12 30.00
CA LEU K 191 -124.40 -18.84 29.63
C LEU K 191 -124.79 -18.46 28.20
N SER K 192 -124.74 -19.42 27.27
CA SER K 192 -125.11 -19.21 25.84
C SER K 192 -126.56 -18.73 25.76
N GLU K 193 -127.47 -19.43 26.44
CA GLU K 193 -128.91 -19.08 26.54
C GLU K 193 -129.08 -17.66 27.10
N LEU K 194 -128.28 -17.31 28.10
CA LEU K 194 -128.38 -16.00 28.82
C LEU K 194 -127.96 -14.86 27.88
N ILE K 195 -126.97 -15.11 27.00
CA ILE K 195 -126.54 -14.15 25.93
C ILE K 195 -127.70 -13.91 24.96
N ARG K 196 -128.26 -14.98 24.40
CA ARG K 196 -129.28 -14.92 23.32
C ARG K 196 -130.55 -14.19 23.80
N THR K 197 -131.02 -14.45 25.04
CA THR K 197 -132.26 -13.87 25.63
C THR K 197 -132.03 -12.41 26.07
N THR K 198 -130.83 -12.07 26.53
CA THR K 198 -130.46 -10.71 26.99
C THR K 198 -130.26 -9.82 25.75
N LEU K 199 -130.60 -8.54 25.85
CA LEU K 199 -130.86 -7.64 24.70
C LEU K 199 -129.55 -7.33 23.94
N ASP K 200 -128.62 -6.59 24.55
CA ASP K 200 -127.40 -6.10 23.87
C ASP K 200 -126.17 -6.85 24.39
N ALA K 201 -126.35 -8.12 24.80
CA ALA K 201 -125.28 -8.93 25.44
C ALA K 201 -124.23 -9.33 24.40
N GLU K 202 -124.65 -9.70 23.18
CA GLU K 202 -123.79 -10.11 22.04
C GLU K 202 -122.71 -9.05 21.74
N LYS K 203 -123.00 -7.77 22.01
CA LYS K 203 -122.03 -6.64 21.79
C LYS K 203 -120.82 -6.79 22.71
N VAL K 204 -121.04 -7.29 23.92
CA VAL K 204 -120.03 -7.34 25.02
C VAL K 204 -119.11 -8.53 24.81
N PHE K 205 -119.61 -9.64 24.26
CA PHE K 205 -118.85 -10.89 24.01
C PHE K 205 -118.33 -10.89 22.57
N THR K 206 -117.29 -10.08 22.32
CA THR K 206 -116.74 -9.78 20.97
C THR K 206 -116.13 -11.04 20.37
N GLN K 207 -115.37 -11.82 21.15
CA GLN K 207 -114.79 -13.13 20.73
C GLN K 207 -115.62 -14.28 21.31
N GLY K 208 -116.92 -14.06 21.53
CA GLY K 208 -117.88 -15.13 21.85
C GLY K 208 -117.63 -15.74 23.21
N LEU K 209 -118.42 -16.74 23.58
CA LEU K 209 -118.36 -17.45 24.88
C LEU K 209 -118.61 -18.95 24.62
N ASN K 210 -117.85 -19.53 23.71
CA ASN K 210 -117.87 -20.99 23.44
C ASN K 210 -116.75 -21.60 24.29
N ILE K 211 -117.05 -21.93 25.55
CA ILE K 211 -116.03 -22.35 26.56
C ILE K 211 -115.63 -23.80 26.27
N LEU K 212 -116.60 -24.67 25.92
CA LEU K 212 -116.36 -26.10 25.59
C LEU K 212 -115.34 -26.20 24.46
N GLU K 213 -115.51 -25.37 23.42
CA GLU K 213 -114.53 -25.20 22.30
C GLU K 213 -113.15 -24.78 22.83
N TRP K 214 -113.08 -23.79 23.76
CA TRP K 214 -111.80 -23.27 24.31
C TRP K 214 -111.11 -24.36 25.15
N LEU K 215 -111.90 -25.23 25.78
CA LEU K 215 -111.39 -26.28 26.70
C LEU K 215 -110.77 -27.43 25.88
N GLU K 216 -111.32 -27.74 24.70
CA GLU K 216 -110.77 -28.78 23.78
C GLU K 216 -109.47 -28.27 23.15
N ASN K 217 -109.53 -27.13 22.46
CA ASN K 217 -108.44 -26.56 21.63
C ASN K 217 -107.86 -25.36 22.37
N PRO K 218 -106.69 -25.51 23.05
CA PRO K 218 -105.90 -24.35 23.49
C PRO K 218 -105.56 -23.31 22.41
N SER K 219 -105.66 -23.69 21.12
CA SER K 219 -105.47 -22.79 19.96
C SER K 219 -106.60 -21.76 19.88
N ASN K 220 -107.86 -22.22 19.93
CA ASN K 220 -109.10 -21.40 19.75
C ASN K 220 -109.44 -20.59 21.01
N THR K 221 -108.80 -20.87 22.15
CA THR K 221 -108.82 -20.07 23.41
C THR K 221 -108.36 -18.65 23.07
N PRO K 222 -109.14 -17.60 23.42
CA PRO K 222 -108.69 -16.21 23.26
C PRO K 222 -107.48 -15.82 24.13
N ASP K 223 -106.93 -14.63 23.88
CA ASP K 223 -105.84 -14.01 24.69
C ASP K 223 -106.33 -13.77 26.13
N LYS K 224 -105.42 -13.73 27.10
CA LYS K 224 -105.72 -13.54 28.55
C LYS K 224 -106.55 -12.28 28.78
N ASP K 225 -106.20 -11.18 28.10
CA ASP K 225 -106.86 -9.85 28.27
C ASP K 225 -108.36 -9.96 28.04
N TYR K 226 -108.78 -10.69 26.99
CA TYR K 226 -110.22 -10.91 26.68
C TYR K 226 -110.84 -11.76 27.77
N LEU K 227 -110.14 -12.84 28.16
CA LEU K 227 -110.60 -13.79 29.19
C LEU K 227 -110.76 -13.07 30.53
N LEU K 228 -109.99 -12.02 30.77
CA LEU K 228 -110.03 -11.33 32.08
C LEU K 228 -111.23 -10.39 32.14
N SER K 229 -111.71 -9.89 31.00
CA SER K 229 -112.85 -8.93 30.96
C SER K 229 -113.97 -9.49 31.81
N ILE K 230 -114.61 -8.66 32.62
CA ILE K 230 -115.50 -9.15 33.70
C ILE K 230 -116.69 -9.91 33.15
N PRO K 231 -117.18 -9.66 31.92
CA PRO K 231 -118.36 -10.37 31.44
C PRO K 231 -118.09 -11.89 31.39
N ILE K 232 -116.87 -12.28 31.02
CA ILE K 232 -116.56 -13.73 30.87
C ILE K 232 -115.89 -14.22 32.16
N SER K 233 -115.02 -13.42 32.79
CA SER K 233 -114.22 -13.81 33.98
C SER K 233 -115.11 -13.99 35.21
N CYS K 234 -116.09 -13.13 35.42
CA CYS K 234 -117.04 -13.23 36.55
C CYS K 234 -117.68 -14.61 36.55
N PRO K 235 -118.57 -14.96 35.58
CA PRO K 235 -119.30 -16.23 35.64
C PRO K 235 -118.39 -17.45 35.60
N LEU K 236 -117.25 -17.36 34.93
CA LEU K 236 -116.30 -18.49 34.79
C LEU K 236 -115.58 -18.76 36.11
N ILE K 237 -115.31 -17.75 36.92
CA ILE K 237 -114.76 -17.99 38.29
C ILE K 237 -115.84 -18.70 39.10
N GLY K 238 -117.10 -18.30 38.98
CA GLY K 238 -118.22 -18.98 39.66
C GLY K 238 -118.16 -20.47 39.40
N VAL K 239 -118.13 -20.84 38.12
CA VAL K 239 -118.01 -22.24 37.62
C VAL K 239 -116.82 -22.90 38.32
N ILE K 240 -115.62 -22.31 38.26
CA ILE K 240 -114.38 -22.92 38.80
C ILE K 240 -114.61 -23.33 40.25
N GLN K 241 -115.34 -22.52 41.01
CA GLN K 241 -115.59 -22.72 42.46
C GLN K 241 -116.62 -23.83 42.63
N LEU K 242 -117.80 -23.65 42.04
CA LEU K 242 -118.86 -24.70 41.97
C LEU K 242 -118.22 -26.04 41.55
N ALA K 243 -117.26 -26.06 40.63
CA ALA K 243 -116.60 -27.30 40.15
C ALA K 243 -115.75 -27.92 41.27
N HIS K 244 -114.75 -27.21 41.77
CA HIS K 244 -113.94 -27.57 42.97
C HIS K 244 -114.85 -28.08 44.09
N TYR K 245 -115.98 -27.42 44.33
CA TYR K 245 -116.97 -27.88 45.35
C TYR K 245 -117.49 -29.27 45.01
N VAL K 246 -117.73 -29.53 43.72
CA VAL K 246 -118.37 -30.79 43.26
C VAL K 246 -117.36 -31.94 43.34
N VAL K 247 -116.12 -31.77 42.86
CA VAL K 247 -115.13 -32.87 43.01
C VAL K 247 -115.12 -33.24 44.49
N THR K 248 -115.02 -32.24 45.35
CA THR K 248 -114.95 -32.39 46.82
C THR K 248 -116.10 -33.28 47.30
N ALA K 249 -117.34 -33.00 46.89
CA ALA K 249 -118.54 -33.77 47.29
C ALA K 249 -118.48 -35.21 46.76
N LYS K 250 -118.09 -35.40 45.50
CA LYS K 250 -118.15 -36.73 44.83
C LYS K 250 -117.01 -37.63 45.33
N LEU K 251 -115.79 -37.09 45.42
CA LEU K 251 -114.61 -37.84 45.95
C LEU K 251 -114.74 -38.14 47.45
N LEU K 252 -115.72 -37.56 48.13
CA LEU K 252 -116.15 -37.99 49.49
C LEU K 252 -117.40 -38.87 49.41
N GLY K 253 -118.16 -38.80 48.33
CA GLY K 253 -119.41 -39.55 48.16
C GLY K 253 -120.56 -38.92 48.92
N PHE K 254 -120.43 -37.64 49.22
CA PHE K 254 -121.51 -36.79 49.79
C PHE K 254 -122.36 -36.20 48.68
N THR K 255 -123.64 -35.99 48.97
CA THR K 255 -124.56 -35.13 48.17
C THR K 255 -124.22 -33.68 48.52
N PRO K 256 -124.39 -32.69 47.61
CA PRO K 256 -123.95 -31.32 47.89
C PRO K 256 -124.60 -30.70 49.14
N GLY K 257 -125.80 -31.16 49.52
CA GLY K 257 -126.47 -30.80 50.79
C GLY K 257 -125.79 -31.40 52.01
N GLU K 258 -125.22 -32.60 51.88
CA GLU K 258 -124.53 -33.31 53.00
C GLU K 258 -123.20 -32.62 53.29
N LEU K 259 -122.45 -32.24 52.24
CA LEU K 259 -121.19 -31.46 52.36
C LEU K 259 -121.48 -30.14 53.07
N ARG K 260 -122.59 -29.49 52.69
CA ARG K 260 -123.07 -28.20 53.24
C ARG K 260 -123.40 -28.39 54.74
N SER K 261 -124.00 -29.51 55.13
CA SER K 261 -124.46 -29.77 56.53
C SER K 261 -123.26 -29.85 57.49
N TYR K 262 -122.07 -30.23 57.01
CA TYR K 262 -120.82 -30.33 57.81
C TYR K 262 -120.10 -28.98 57.88
N LEU K 263 -120.44 -28.02 57.01
CA LEU K 263 -119.99 -26.61 57.14
C LEU K 263 -120.74 -25.99 58.33
N LYS K 264 -120.05 -25.15 59.10
CA LYS K 264 -120.68 -24.38 60.19
C LYS K 264 -121.24 -23.11 59.56
N GLY K 265 -120.43 -22.44 58.75
CA GLY K 265 -120.82 -21.28 57.93
C GLY K 265 -120.03 -21.20 56.63
N ALA K 266 -120.49 -20.36 55.70
CA ALA K 266 -119.82 -20.11 54.40
C ALA K 266 -119.78 -18.60 54.15
N THR K 267 -118.77 -18.15 53.41
CA THR K 267 -118.60 -16.73 53.01
C THR K 267 -117.59 -16.62 51.89
N GLY K 268 -117.58 -15.47 51.22
CA GLY K 268 -116.73 -15.21 50.06
C GLY K 268 -116.24 -13.78 50.04
N HIS K 269 -115.05 -13.62 49.46
CA HIS K 269 -114.40 -12.33 49.17
C HIS K 269 -114.93 -11.85 47.83
N SER K 270 -115.40 -10.60 47.77
CA SER K 270 -115.84 -9.95 46.50
C SER K 270 -117.03 -10.73 45.91
N GLN K 271 -116.87 -11.29 44.69
CA GLN K 271 -117.94 -12.02 43.95
C GLN K 271 -118.12 -13.46 44.47
N GLY K 272 -117.08 -14.02 45.10
CA GLY K 272 -117.13 -15.32 45.80
C GLY K 272 -118.33 -15.43 46.73
N LEU K 273 -118.91 -14.28 47.11
CA LEU K 273 -120.08 -14.18 48.03
C LEU K 273 -121.31 -14.81 47.35
N VAL K 274 -121.31 -14.98 46.03
CA VAL K 274 -122.49 -15.52 45.30
C VAL K 274 -122.42 -17.05 45.30
N THR K 275 -121.26 -17.63 45.02
CA THR K 275 -121.11 -19.11 45.05
C THR K 275 -121.46 -19.56 46.47
N ALA K 276 -121.04 -18.80 47.49
CA ALA K 276 -121.26 -19.11 48.92
C ALA K 276 -122.75 -19.28 49.20
N VAL K 277 -123.58 -18.32 48.81
CA VAL K 277 -125.05 -18.35 49.08
C VAL K 277 -125.73 -19.44 48.23
N ALA K 278 -125.12 -19.90 47.13
CA ALA K 278 -125.68 -20.96 46.26
C ALA K 278 -125.46 -22.34 46.90
N ILE K 279 -124.24 -22.58 47.41
CA ILE K 279 -123.85 -23.74 48.27
C ILE K 279 -124.85 -23.85 49.43
N ALA K 280 -125.05 -22.78 50.18
CA ALA K 280 -125.93 -22.74 51.37
C ALA K 280 -127.35 -23.23 51.05
N GLU K 281 -127.82 -23.15 49.80
CA GLU K 281 -129.19 -23.58 49.40
C GLU K 281 -129.23 -25.09 49.09
N THR K 282 -128.15 -25.63 48.53
CA THR K 282 -128.17 -26.92 47.79
C THR K 282 -128.56 -28.07 48.73
N ASP K 283 -129.13 -29.14 48.14
CA ASP K 283 -129.73 -30.32 48.83
C ASP K 283 -129.21 -31.60 48.15
N SER K 284 -129.81 -32.02 47.03
CA SER K 284 -129.53 -33.30 46.31
C SER K 284 -128.76 -33.02 45.01
N TRP K 285 -128.33 -34.07 44.30
CA TRP K 285 -127.67 -33.95 42.96
C TRP K 285 -128.68 -33.53 41.89
N GLU K 286 -129.99 -33.68 42.14
CA GLU K 286 -131.05 -33.31 41.16
C GLU K 286 -131.21 -31.79 41.22
N SER K 287 -131.57 -31.24 42.38
CA SER K 287 -131.86 -29.79 42.56
C SER K 287 -130.55 -28.98 42.72
N PHE K 288 -129.40 -29.52 42.33
CA PHE K 288 -128.11 -28.77 42.34
C PHE K 288 -128.08 -27.79 41.18
N PHE K 289 -128.49 -28.25 40.00
CA PHE K 289 -128.41 -27.47 38.75
C PHE K 289 -129.39 -26.27 38.79
N VAL K 290 -130.34 -26.19 39.73
CA VAL K 290 -131.18 -24.95 39.90
C VAL K 290 -130.45 -23.94 40.78
N SER K 291 -129.56 -24.39 41.67
CA SER K 291 -128.63 -23.52 42.44
C SER K 291 -127.56 -22.96 41.50
N VAL K 292 -126.90 -23.82 40.71
CA VAL K 292 -125.83 -23.43 39.75
C VAL K 292 -126.40 -22.47 38.69
N ARG K 293 -127.67 -22.62 38.28
CA ARG K 293 -128.32 -21.63 37.37
C ARG K 293 -128.34 -20.27 38.07
N LYS K 294 -128.80 -20.24 39.33
CA LYS K 294 -128.90 -19.01 40.15
C LYS K 294 -127.51 -18.39 40.36
N ALA K 295 -126.47 -19.19 40.56
CA ALA K 295 -125.11 -18.66 40.86
C ALA K 295 -124.58 -17.93 39.63
N ILE K 296 -124.62 -18.57 38.47
CA ILE K 296 -123.89 -18.08 37.28
C ILE K 296 -124.77 -17.11 36.50
N THR K 297 -126.10 -17.14 36.66
CA THR K 297 -126.97 -16.07 36.09
C THR K 297 -126.56 -14.75 36.75
N VAL K 298 -126.47 -14.70 38.08
CA VAL K 298 -126.11 -13.47 38.86
C VAL K 298 -124.71 -12.99 38.45
N LEU K 299 -123.74 -13.88 38.37
CA LEU K 299 -122.34 -13.55 38.02
C LEU K 299 -122.25 -13.10 36.56
N PHE K 300 -123.19 -13.52 35.71
CA PHE K 300 -123.28 -13.10 34.29
C PHE K 300 -123.74 -11.63 34.24
N PHE K 301 -124.86 -11.32 34.91
CA PHE K 301 -125.45 -9.96 34.90
C PHE K 301 -124.57 -8.95 35.64
N ILE K 302 -123.75 -9.38 36.60
CA ILE K 302 -122.76 -8.50 37.29
C ILE K 302 -121.72 -8.09 36.26
N GLY K 303 -121.07 -9.06 35.61
CA GLY K 303 -119.98 -8.81 34.63
C GLY K 303 -120.48 -8.19 33.33
N VAL K 304 -121.77 -8.30 33.02
CA VAL K 304 -122.35 -7.69 31.80
C VAL K 304 -122.69 -6.23 32.13
N ARG K 305 -123.57 -6.00 33.10
CA ARG K 305 -124.06 -4.64 33.46
C ARG K 305 -122.97 -3.78 34.10
N CYS K 306 -121.89 -4.36 34.63
CA CYS K 306 -120.76 -3.60 35.22
C CYS K 306 -119.73 -3.22 34.16
N TYR K 307 -119.57 -4.03 33.12
CA TYR K 307 -118.69 -3.71 31.96
C TYR K 307 -119.29 -2.51 31.24
N GLU K 308 -120.60 -2.51 31.08
CA GLU K 308 -121.36 -1.40 30.43
C GLU K 308 -121.14 -0.11 31.22
N ALA K 309 -121.19 -0.18 32.55
CA ALA K 309 -121.24 1.00 33.43
C ALA K 309 -119.87 1.71 33.48
N TYR K 310 -118.76 0.97 33.50
CA TYR K 310 -117.38 1.52 33.42
C TYR K 310 -116.48 0.55 32.66
N PRO K 311 -116.46 0.60 31.30
CA PRO K 311 -115.56 -0.25 30.50
C PRO K 311 -114.11 0.20 30.42
N ASN K 312 -113.17 -0.74 30.37
CA ASN K 312 -111.72 -0.43 30.34
C ASN K 312 -111.37 0.11 28.95
N THR K 313 -110.58 1.19 28.91
CA THR K 313 -110.12 1.89 27.68
C THR K 313 -108.60 1.88 27.63
N SER K 314 -108.02 2.40 26.55
CA SER K 314 -106.57 2.39 26.28
C SER K 314 -105.87 3.26 27.32
N LEU K 315 -104.76 2.76 27.87
CA LEU K 315 -103.83 3.61 28.65
C LEU K 315 -103.04 4.46 27.66
N PRO K 316 -102.83 5.76 27.93
CA PRO K 316 -101.70 6.48 27.36
C PRO K 316 -100.42 5.66 27.48
N PRO K 317 -99.73 5.33 26.36
CA PRO K 317 -98.50 4.55 26.42
C PRO K 317 -97.33 5.20 27.16
N SER K 318 -97.31 6.52 27.32
CA SER K 318 -96.34 7.25 28.18
C SER K 318 -96.39 6.62 29.58
N ILE K 319 -97.60 6.58 30.14
CA ILE K 319 -97.95 6.04 31.49
C ILE K 319 -97.55 4.56 31.58
N LEU K 320 -97.97 3.76 30.62
CA LEU K 320 -97.76 2.29 30.64
C LEU K 320 -96.25 1.98 30.73
N GLU K 321 -95.44 2.79 30.06
CA GLU K 321 -93.96 2.64 29.95
C GLU K 321 -93.27 3.19 31.21
N ASP K 322 -93.85 4.22 31.82
CA ASP K 322 -93.37 4.83 33.10
C ASP K 322 -93.52 3.79 34.22
N SER K 323 -94.71 3.20 34.36
CA SER K 323 -95.05 2.16 35.36
C SER K 323 -94.18 0.89 35.19
N LEU K 324 -93.74 0.56 33.98
CA LEU K 324 -92.95 -0.69 33.73
C LEU K 324 -91.46 -0.46 33.99
N GLU K 325 -90.97 0.78 33.96
CA GLU K 325 -89.54 1.07 34.27
C GLU K 325 -89.36 1.30 35.79
N ASN K 326 -90.45 1.44 36.56
CA ASN K 326 -90.42 1.58 38.05
C ASN K 326 -90.92 0.30 38.75
N ASN K 327 -91.09 -0.81 38.01
CA ASN K 327 -91.44 -2.16 38.53
C ASN K 327 -92.82 -2.20 39.19
N GLU K 328 -93.59 -1.10 39.17
CA GLU K 328 -95.07 -1.13 39.32
C GLU K 328 -95.61 -2.01 38.19
N GLY K 329 -96.86 -2.43 38.27
CA GLY K 329 -97.38 -3.39 37.27
C GLY K 329 -97.73 -2.72 35.94
N VAL K 330 -98.64 -3.35 35.21
CA VAL K 330 -99.52 -2.71 34.20
C VAL K 330 -100.67 -2.07 34.98
N PRO K 331 -100.98 -0.77 34.82
CA PRO K 331 -102.08 -0.17 35.57
C PRO K 331 -103.38 -0.91 35.31
N SER K 332 -104.29 -0.83 36.28
CA SER K 332 -105.58 -1.54 36.33
C SER K 332 -106.48 -0.74 37.24
N PRO K 333 -107.77 -1.06 37.34
CA PRO K 333 -108.65 -0.33 38.24
C PRO K 333 -108.54 -0.76 39.71
N MET K 334 -107.63 -1.69 40.07
CA MET K 334 -107.46 -2.13 41.47
C MET K 334 -105.98 -2.23 41.85
N LEU K 335 -105.53 -1.27 42.66
CA LEU K 335 -104.16 -1.09 43.21
C LEU K 335 -104.09 -1.65 44.63
N SER K 336 -103.20 -2.62 44.89
CA SER K 336 -102.99 -3.27 46.20
C SER K 336 -101.78 -2.65 46.89
N ILE K 337 -101.90 -2.31 48.18
CA ILE K 337 -100.85 -1.63 48.98
C ILE K 337 -100.56 -2.47 50.25
N SER K 338 -99.47 -3.25 50.24
CA SER K 338 -98.96 -4.00 51.42
C SER K 338 -98.25 -3.04 52.39
N ASN K 339 -98.44 -3.22 53.70
CA ASN K 339 -97.50 -2.81 54.80
C ASN K 339 -97.76 -1.35 55.24
N LEU K 340 -99.01 -0.90 55.19
CA LEU K 340 -99.43 0.50 55.45
C LEU K 340 -100.84 0.49 56.04
N THR K 341 -101.03 0.99 57.26
CA THR K 341 -102.32 0.93 57.99
C THR K 341 -103.41 1.61 57.14
N GLN K 342 -104.68 1.21 57.30
CA GLN K 342 -105.85 1.83 56.62
C GLN K 342 -105.86 3.35 56.90
N GLU K 343 -105.35 3.80 58.04
CA GLU K 343 -105.30 5.23 58.41
C GLU K 343 -104.19 5.95 57.64
N GLN K 344 -103.07 5.27 57.35
CA GLN K 344 -101.95 5.84 56.52
C GLN K 344 -102.41 5.98 55.06
N VAL K 345 -103.03 4.94 54.49
CA VAL K 345 -103.49 4.88 53.07
C VAL K 345 -104.59 5.93 52.84
N GLN K 346 -105.53 6.06 53.77
CA GLN K 346 -106.71 6.94 53.60
C GLN K 346 -106.25 8.42 53.60
N ASP K 347 -105.06 8.73 54.15
CA ASP K 347 -104.43 10.06 53.96
C ASP K 347 -104.06 10.26 52.50
N TYR K 348 -103.21 9.38 51.95
CA TYR K 348 -102.70 9.43 50.55
C TYR K 348 -103.86 9.45 49.53
N VAL K 349 -105.06 8.94 49.84
CA VAL K 349 -106.23 9.04 48.90
C VAL K 349 -106.98 10.36 49.14
N ASN K 350 -106.94 10.94 50.34
CA ASN K 350 -107.60 12.25 50.59
C ASN K 350 -106.79 13.35 49.87
N LYS K 351 -105.46 13.24 49.87
CA LYS K 351 -104.54 14.06 49.03
C LYS K 351 -105.00 13.94 47.57
N THR K 352 -104.91 12.74 46.99
CA THR K 352 -105.17 12.45 45.55
C THR K 352 -106.60 12.86 45.16
N ASN K 353 -107.62 12.61 45.99
CA ASN K 353 -109.04 12.92 45.69
C ASN K 353 -109.39 14.38 46.04
N SER K 354 -108.46 15.17 46.58
CA SER K 354 -108.66 16.64 46.74
C SER K 354 -108.74 17.28 45.35
N HIS K 355 -107.81 16.90 44.46
CA HIS K 355 -107.54 17.53 43.14
C HIS K 355 -108.52 17.02 42.08
N LEU K 356 -108.76 15.72 42.03
CA LEU K 356 -109.63 15.05 41.02
C LEU K 356 -111.09 15.48 41.20
N PRO K 357 -111.90 15.53 40.12
CA PRO K 357 -113.35 15.74 40.24
C PRO K 357 -114.08 14.45 40.64
N ALA K 358 -115.37 14.55 41.01
CA ALA K 358 -116.18 13.49 41.65
C ALA K 358 -116.00 12.12 40.94
N GLY K 359 -116.31 12.05 39.64
CA GLY K 359 -116.38 10.79 38.87
C GLY K 359 -115.05 10.33 38.32
N LYS K 360 -113.94 10.70 38.98
CA LYS K 360 -112.58 10.18 38.68
C LYS K 360 -111.82 9.85 39.98
N GLN K 361 -112.54 9.79 41.11
CA GLN K 361 -111.94 9.67 42.48
C GLN K 361 -111.70 8.20 42.80
N VAL K 362 -110.73 7.92 43.66
CA VAL K 362 -110.38 6.56 44.12
C VAL K 362 -110.95 6.38 45.53
N GLU K 363 -111.01 5.12 45.99
CA GLU K 363 -111.46 4.75 47.36
C GLU K 363 -110.86 3.41 47.76
N ILE K 364 -110.65 3.22 49.07
CA ILE K 364 -110.34 1.90 49.68
C ILE K 364 -111.57 1.02 49.45
N SER K 365 -111.36 -0.19 48.93
CA SER K 365 -112.38 -1.14 48.46
C SER K 365 -112.29 -2.45 49.25
N LEU K 366 -111.13 -3.09 49.22
CA LEU K 366 -110.84 -4.26 50.09
C LEU K 366 -109.92 -3.82 51.22
N VAL K 367 -110.31 -4.12 52.46
CA VAL K 367 -109.46 -4.12 53.69
C VAL K 367 -109.18 -5.59 54.04
N ASN K 368 -108.13 -6.14 53.46
CA ASN K 368 -107.84 -7.61 53.54
C ASN K 368 -107.23 -7.92 54.90
N GLY K 369 -106.23 -7.14 55.32
CA GLY K 369 -105.56 -7.27 56.62
C GLY K 369 -105.48 -5.93 57.33
N ALA K 370 -104.75 -5.89 58.45
CA ALA K 370 -104.39 -4.65 59.18
C ALA K 370 -103.59 -3.74 58.25
N LYS K 371 -102.61 -4.33 57.56
CA LYS K 371 -101.69 -3.65 56.61
C LYS K 371 -101.68 -4.39 55.27
N ASN K 372 -102.84 -4.50 54.63
CA ASN K 372 -102.98 -5.16 53.29
C ASN K 372 -104.28 -4.63 52.69
N LEU K 373 -104.19 -3.54 51.92
CA LEU K 373 -105.37 -2.80 51.39
C LEU K 373 -105.34 -2.78 49.87
N VAL K 374 -106.52 -2.56 49.30
CA VAL K 374 -106.73 -2.44 47.83
C VAL K 374 -107.55 -1.18 47.58
N VAL K 375 -107.08 -0.33 46.66
CA VAL K 375 -107.76 0.93 46.23
C VAL K 375 -108.33 0.69 44.82
N SER K 376 -109.59 1.06 44.62
CA SER K 376 -110.36 0.88 43.36
C SER K 376 -110.73 2.24 42.78
N GLY K 377 -110.41 2.43 41.51
CA GLY K 377 -110.97 3.53 40.71
C GLY K 377 -110.31 3.56 39.34
N PRO K 378 -110.41 4.68 38.61
CA PRO K 378 -109.88 4.78 37.25
C PRO K 378 -108.37 4.58 37.16
N PRO K 379 -107.87 3.67 36.31
CA PRO K 379 -106.44 3.38 36.27
C PRO K 379 -105.54 4.63 36.18
N GLN K 380 -105.98 5.70 35.49
CA GLN K 380 -105.35 7.05 35.49
C GLN K 380 -105.17 7.53 36.93
N SER K 381 -106.28 7.68 37.64
CA SER K 381 -106.38 8.15 39.05
C SER K 381 -105.48 7.31 39.97
N LEU K 382 -105.47 5.98 39.86
CA LEU K 382 -104.61 5.08 40.66
C LEU K 382 -103.17 5.15 40.19
N TYR K 383 -102.91 5.68 39.00
CA TYR K 383 -101.50 5.99 38.60
C TYR K 383 -101.13 7.32 39.26
N GLY K 384 -102.09 8.22 39.48
CA GLY K 384 -101.89 9.45 40.25
C GLY K 384 -101.40 9.13 41.65
N LEU K 385 -102.15 8.28 42.34
CA LEU K 385 -101.84 7.77 43.69
C LEU K 385 -100.43 7.16 43.69
N ASN K 386 -100.10 6.32 42.72
CA ASN K 386 -98.83 5.56 42.69
C ASN K 386 -97.63 6.51 42.71
N LEU K 387 -97.72 7.67 42.05
CA LEU K 387 -96.63 8.68 41.96
C LEU K 387 -96.45 9.32 43.35
N THR K 388 -97.57 9.76 43.96
CA THR K 388 -97.64 10.23 45.37
C THR K 388 -96.97 9.24 46.34
N LEU K 389 -97.02 7.93 46.08
CA LEU K 389 -96.41 6.88 46.94
C LEU K 389 -94.90 6.76 46.65
N ARG K 390 -94.45 6.88 45.40
CA ARG K 390 -93.00 6.75 45.02
C ARG K 390 -92.18 7.80 45.77
N LYS K 391 -92.74 9.00 46.02
CA LYS K 391 -92.19 10.03 46.94
C LYS K 391 -91.91 9.37 48.29
N ALA K 392 -92.98 9.00 49.02
CA ALA K 392 -92.97 8.60 50.43
C ALA K 392 -92.09 7.36 50.65
N LYS K 393 -92.13 6.37 49.76
CA LYS K 393 -91.48 5.05 49.97
C LYS K 393 -89.97 5.20 49.79
N ALA K 394 -89.22 4.33 50.46
CA ALA K 394 -87.74 4.31 50.46
C ALA K 394 -87.26 3.06 49.72
N PRO K 395 -86.14 3.16 48.95
CA PRO K 395 -85.58 2.00 48.24
C PRO K 395 -85.48 0.74 49.12
N SER K 396 -85.91 -0.42 48.60
CA SER K 396 -85.88 -1.75 49.29
C SER K 396 -84.42 -2.17 49.60
N GLY K 397 -83.45 -1.69 48.81
CA GLY K 397 -82.01 -1.72 49.11
C GLY K 397 -81.53 -0.37 49.63
N LEU K 398 -81.84 -0.04 50.90
CA LEU K 398 -81.34 1.17 51.61
C LEU K 398 -80.47 0.77 52.83
N ASP K 399 -80.89 -0.25 53.60
CA ASP K 399 -80.22 -0.70 54.85
C ASP K 399 -80.30 0.43 55.90
N GLN K 400 -81.36 0.40 56.72
CA GLN K 400 -81.62 1.35 57.82
C GLN K 400 -81.41 0.63 59.17
N SER K 401 -80.44 -0.30 59.26
CA SER K 401 -80.13 -1.08 60.49
C SER K 401 -79.25 -0.26 61.44
N ARG K 402 -78.81 0.90 60.99
CA ARG K 402 -77.82 1.81 61.65
C ARG K 402 -78.54 3.06 62.16
N ILE K 403 -79.81 3.23 61.78
CA ILE K 403 -80.64 4.44 62.01
C ILE K 403 -81.56 4.12 63.19
N PRO K 404 -81.76 5.04 64.17
CA PRO K 404 -82.71 4.80 65.24
C PRO K 404 -84.09 4.45 64.66
N PHE K 405 -84.80 3.51 65.30
CA PHE K 405 -86.04 2.87 64.78
C PHE K 405 -87.02 3.92 64.25
N SER K 406 -87.45 4.85 65.09
CA SER K 406 -88.56 5.81 64.84
C SER K 406 -88.14 6.97 63.91
N GLU K 407 -86.95 6.91 63.31
CA GLU K 407 -86.46 7.86 62.27
C GLU K 407 -86.29 7.13 60.92
N ARG K 408 -86.81 5.91 60.80
CA ARG K 408 -86.66 5.09 59.57
C ARG K 408 -87.79 5.40 58.61
N LYS K 409 -87.51 5.32 57.31
CA LYS K 409 -88.52 5.49 56.23
C LYS K 409 -89.40 4.24 56.19
N LEU K 410 -90.69 4.43 55.90
CA LEU K 410 -91.68 3.34 55.68
C LEU K 410 -91.27 2.57 54.42
N LYS K 411 -91.08 1.26 54.53
CA LYS K 411 -90.91 0.33 53.40
C LYS K 411 -92.28 -0.29 53.10
N PHE K 412 -92.73 -0.25 51.85
CA PHE K 412 -94.06 -0.79 51.45
C PHE K 412 -94.18 -1.02 49.95
N SER K 413 -94.93 -2.07 49.58
CA SER K 413 -95.10 -2.59 48.20
C SER K 413 -96.46 -2.13 47.67
N ASN K 414 -96.50 -1.56 46.46
CA ASN K 414 -97.75 -1.16 45.77
C ASN K 414 -97.69 -1.71 44.36
N ARG K 415 -98.74 -2.42 43.98
CA ARG K 415 -98.72 -3.50 42.97
C ARG K 415 -100.14 -3.54 42.41
N PHE K 416 -100.28 -3.42 41.09
CA PHE K 416 -101.61 -3.45 40.43
C PHE K 416 -102.07 -4.91 40.36
N LEU K 417 -103.37 -5.11 40.58
CA LEU K 417 -103.99 -6.44 40.47
C LEU K 417 -104.23 -6.76 39.01
N PRO K 418 -104.36 -8.07 38.66
CA PRO K 418 -105.00 -8.49 37.41
C PRO K 418 -106.53 -8.60 37.51
N VAL K 419 -107.22 -7.45 37.38
CA VAL K 419 -108.68 -7.38 37.10
C VAL K 419 -108.89 -6.39 35.96
N ALA K 420 -110.14 -6.18 35.58
CA ALA K 420 -110.53 -5.32 34.45
C ALA K 420 -111.55 -4.26 34.89
N SER K 421 -112.30 -4.47 35.98
CA SER K 421 -113.27 -3.47 36.51
C SER K 421 -112.79 -2.91 37.84
N PRO K 422 -113.30 -1.72 38.24
CA PRO K 422 -113.14 -1.24 39.60
C PRO K 422 -114.28 -1.72 40.50
N PHE K 423 -114.10 -2.87 41.15
CA PHE K 423 -115.14 -3.46 42.04
C PHE K 423 -115.21 -2.66 43.34
N HIS K 424 -116.36 -2.70 44.00
CA HIS K 424 -116.59 -2.07 45.33
C HIS K 424 -116.34 -0.56 45.22
N SER K 425 -116.70 0.07 44.10
CA SER K 425 -116.44 1.51 43.84
C SER K 425 -117.76 2.23 43.55
N HIS K 426 -117.70 3.56 43.44
CA HIS K 426 -118.87 4.44 43.12
C HIS K 426 -119.13 4.45 41.58
N LEU K 427 -118.13 4.06 40.79
CA LEU K 427 -118.19 3.95 39.30
C LEU K 427 -119.18 2.87 38.85
N LEU K 428 -119.44 1.86 39.68
CA LEU K 428 -120.31 0.71 39.32
C LEU K 428 -121.73 0.92 39.86
N VAL K 429 -121.99 1.98 40.63
CA VAL K 429 -123.33 2.26 41.24
C VAL K 429 -124.42 2.31 40.16
N PRO K 430 -124.20 2.90 38.95
CA PRO K 430 -125.23 2.92 37.91
C PRO K 430 -125.81 1.54 37.58
N ALA K 431 -124.97 0.51 37.64
CA ALA K 431 -125.30 -0.92 37.35
C ALA K 431 -126.26 -1.50 38.38
N SER K 432 -126.24 -1.02 39.62
CA SER K 432 -126.90 -1.67 40.78
C SER K 432 -128.39 -1.83 40.48
N ASP K 433 -129.05 -0.74 40.08
CA ASP K 433 -130.50 -0.72 39.71
C ASP K 433 -130.78 -1.71 38.57
N LEU K 434 -129.94 -1.73 37.53
CA LEU K 434 -130.16 -2.58 36.32
C LEU K 434 -130.08 -4.08 36.68
N ILE K 435 -129.08 -4.49 37.46
CA ILE K 435 -128.87 -5.91 37.89
C ILE K 435 -130.07 -6.40 38.70
N ASN K 436 -130.61 -5.60 39.61
CA ASN K 436 -131.77 -6.00 40.46
C ASN K 436 -132.97 -6.33 39.56
N LYS K 437 -133.14 -5.59 38.47
CA LYS K 437 -134.28 -5.73 37.51
C LYS K 437 -134.05 -6.88 36.53
N ASP K 438 -132.78 -7.13 36.16
CA ASP K 438 -132.38 -8.23 35.23
C ASP K 438 -132.39 -9.59 35.95
N LEU K 439 -132.55 -9.60 37.28
CA LEU K 439 -132.66 -10.84 38.11
C LEU K 439 -134.12 -11.12 38.48
N VAL K 440 -134.98 -10.10 38.56
CA VAL K 440 -136.45 -10.31 38.78
C VAL K 440 -137.06 -10.82 37.47
N LYS K 441 -136.46 -10.49 36.32
CA LYS K 441 -136.88 -11.01 34.99
C LYS K 441 -136.52 -12.50 34.91
N ASN K 442 -135.25 -12.83 35.05
CA ASN K 442 -134.69 -14.21 34.88
C ASN K 442 -135.05 -15.09 36.08
N ASN K 443 -135.80 -14.55 37.06
CA ASN K 443 -136.50 -15.30 38.15
C ASN K 443 -135.45 -15.97 39.05
N VAL K 444 -134.74 -15.16 39.85
CA VAL K 444 -133.51 -15.52 40.61
C VAL K 444 -133.50 -14.77 41.95
N SER K 445 -134.33 -15.20 42.88
CA SER K 445 -134.26 -14.77 44.29
C SER K 445 -133.53 -15.86 45.08
N PHE K 446 -132.99 -15.49 46.22
CA PHE K 446 -132.51 -16.40 47.30
C PHE K 446 -133.36 -16.11 48.54
N ASN K 447 -134.26 -17.02 48.90
CA ASN K 447 -135.08 -16.89 50.15
C ASN K 447 -134.21 -17.28 51.36
N ALA K 448 -134.49 -16.66 52.50
CA ALA K 448 -133.82 -16.90 53.79
C ALA K 448 -134.03 -18.35 54.25
N LYS K 449 -135.25 -18.89 54.08
CA LYS K 449 -135.62 -20.26 54.52
C LYS K 449 -134.72 -21.29 53.82
N ASP K 450 -134.49 -21.11 52.52
CA ASP K 450 -133.79 -22.08 51.64
C ASP K 450 -132.31 -22.19 52.03
N ILE K 451 -131.71 -21.13 52.61
CA ILE K 451 -130.25 -21.12 52.94
C ILE K 451 -130.07 -21.61 54.40
N GLN K 452 -129.46 -22.80 54.53
CA GLN K 452 -129.53 -23.67 55.74
C GLN K 452 -128.24 -23.58 56.58
N ILE K 453 -127.32 -22.67 56.24
CA ILE K 453 -126.14 -22.32 57.08
C ILE K 453 -125.94 -20.81 57.05
N PRO K 454 -125.33 -20.21 58.09
CA PRO K 454 -125.03 -18.78 58.07
C PRO K 454 -124.04 -18.43 56.96
N VAL K 455 -124.43 -17.50 56.07
CA VAL K 455 -123.55 -16.87 55.05
C VAL K 455 -123.16 -15.49 55.54
N TYR K 456 -121.86 -15.21 55.62
CA TYR K 456 -121.32 -14.05 56.37
C TYR K 456 -121.12 -12.90 55.39
N ASP K 457 -121.95 -11.85 55.54
CA ASP K 457 -121.93 -10.60 54.73
C ASP K 457 -120.51 -10.02 54.75
N THR K 458 -120.04 -9.52 53.61
CA THR K 458 -118.62 -9.15 53.37
C THR K 458 -118.33 -7.72 53.86
N PHE K 459 -119.31 -6.98 54.41
CA PHE K 459 -119.17 -5.58 54.88
C PHE K 459 -119.23 -5.50 56.41
N ASP K 460 -120.32 -6.02 57.01
CA ASP K 460 -120.54 -6.05 58.48
C ASP K 460 -119.85 -7.28 59.08
N GLY K 461 -120.17 -8.47 58.56
CA GLY K 461 -119.88 -9.79 59.16
C GLY K 461 -121.15 -10.42 59.71
N SER K 462 -122.28 -9.71 59.65
CA SER K 462 -123.63 -10.19 60.05
C SER K 462 -124.07 -11.31 59.10
N ASP K 463 -124.93 -12.22 59.58
CA ASP K 463 -125.54 -13.30 58.77
C ASP K 463 -126.53 -12.69 57.77
N LEU K 464 -126.54 -13.18 56.52
CA LEU K 464 -127.45 -12.71 55.43
C LEU K 464 -128.87 -13.23 55.64
N ARG K 465 -129.06 -14.26 56.49
CA ARG K 465 -130.36 -14.93 56.74
C ARG K 465 -131.28 -14.03 57.56
N VAL K 466 -130.73 -12.97 58.16
CA VAL K 466 -131.39 -12.10 59.16
C VAL K 466 -132.11 -10.93 58.47
N LEU K 467 -131.55 -10.43 57.36
CA LEU K 467 -132.04 -9.22 56.61
C LEU K 467 -133.56 -9.27 56.40
N SER K 468 -134.21 -8.10 56.49
CA SER K 468 -135.66 -7.89 56.25
C SER K 468 -135.96 -7.91 54.74
N GLY K 469 -135.09 -7.28 53.92
CA GLY K 469 -135.29 -7.07 52.48
C GLY K 469 -134.81 -8.26 51.66
N SER K 470 -134.39 -8.00 50.42
CA SER K 470 -133.85 -9.01 49.47
C SER K 470 -132.41 -9.35 49.88
N ILE K 471 -132.06 -10.64 49.81
CA ILE K 471 -130.66 -11.15 49.97
C ILE K 471 -129.93 -10.98 48.64
N SER K 472 -130.58 -11.28 47.52
CA SER K 472 -130.11 -11.04 46.13
C SER K 472 -129.65 -9.59 45.97
N GLU K 473 -130.49 -8.61 46.33
CA GLU K 473 -130.17 -7.15 46.28
C GLU K 473 -128.87 -6.89 47.06
N ARG K 474 -128.81 -7.30 48.32
CA ARG K 474 -127.71 -6.98 49.25
C ARG K 474 -126.38 -7.39 48.61
N ILE K 475 -126.31 -8.65 48.15
CA ILE K 475 -125.10 -9.32 47.60
C ILE K 475 -124.55 -8.52 46.41
N VAL K 476 -125.42 -7.94 45.58
CA VAL K 476 -125.06 -7.03 44.46
C VAL K 476 -124.38 -5.76 45.03
N ASP K 477 -124.99 -5.10 46.01
CA ASP K 477 -124.41 -3.89 46.67
C ASP K 477 -123.05 -4.23 47.30
N CYS K 478 -122.87 -5.44 47.81
CA CYS K 478 -121.64 -5.91 48.50
C CYS K 478 -120.49 -6.13 47.50
N ILE K 479 -120.78 -6.18 46.19
CA ILE K 479 -119.79 -6.38 45.10
C ILE K 479 -119.65 -5.10 44.28
N ILE K 480 -120.77 -4.46 43.95
CA ILE K 480 -120.83 -3.15 43.22
C ILE K 480 -120.27 -2.07 44.14
N ARG K 481 -121.03 -1.68 45.17
CA ARG K 481 -120.81 -0.42 45.93
C ARG K 481 -119.86 -0.68 47.08
N LEU K 482 -120.30 -1.45 48.08
CA LEU K 482 -119.76 -1.41 49.47
C LEU K 482 -118.35 -1.98 49.50
N PRO K 483 -117.50 -1.54 50.46
CA PRO K 483 -116.17 -2.12 50.63
C PRO K 483 -116.25 -3.52 51.26
N VAL K 484 -115.08 -4.15 51.40
CA VAL K 484 -114.93 -5.55 51.92
C VAL K 484 -114.01 -5.50 53.12
N LYS K 485 -114.58 -5.71 54.31
CA LYS K 485 -113.84 -5.69 55.60
C LYS K 485 -113.59 -7.15 56.00
N TRP K 486 -112.57 -7.77 55.41
CA TRP K 486 -112.32 -9.23 55.51
C TRP K 486 -112.14 -9.60 56.98
N GLU K 487 -111.21 -8.93 57.65
CA GLU K 487 -110.89 -9.12 59.09
C GLU K 487 -112.18 -9.23 59.93
N THR K 488 -113.24 -8.47 59.62
CA THR K 488 -114.49 -8.42 60.44
C THR K 488 -115.57 -9.38 59.91
N THR K 489 -115.49 -9.85 58.66
CA THR K 489 -116.43 -10.86 58.10
C THR K 489 -115.95 -12.26 58.51
N THR K 490 -114.65 -12.41 58.76
CA THR K 490 -114.01 -13.71 59.08
C THR K 490 -113.80 -13.74 60.60
N GLN K 491 -114.81 -13.26 61.33
CA GLN K 491 -114.79 -13.00 62.80
C GLN K 491 -115.45 -14.17 63.56
N PHE K 492 -116.17 -15.05 62.85
CA PHE K 492 -116.49 -16.45 63.27
C PHE K 492 -115.23 -17.11 63.83
N LYS K 493 -115.40 -18.17 64.65
CA LYS K 493 -114.28 -19.03 65.10
C LYS K 493 -114.50 -20.44 64.54
N ALA K 494 -113.40 -21.08 64.14
CA ALA K 494 -113.41 -22.41 63.49
C ALA K 494 -111.98 -22.99 63.38
N THR K 495 -111.83 -24.29 63.65
CA THR K 495 -110.54 -25.03 63.59
C THR K 495 -109.99 -25.07 62.16
N HIS K 496 -110.86 -25.23 61.16
CA HIS K 496 -110.46 -25.54 59.76
C HIS K 496 -111.17 -24.61 58.78
N ILE K 497 -110.48 -24.19 57.72
CA ILE K 497 -111.07 -23.29 56.68
C ILE K 497 -110.75 -23.89 55.30
N LEU K 498 -111.79 -24.23 54.53
CA LEU K 498 -111.66 -24.68 53.12
C LEU K 498 -111.69 -23.46 52.21
N ASP K 499 -110.69 -23.30 51.33
CA ASP K 499 -110.66 -22.27 50.26
C ASP K 499 -110.87 -22.97 48.92
N PHE K 500 -112.10 -22.97 48.43
CA PHE K 500 -112.47 -23.53 47.12
C PHE K 500 -112.01 -22.64 45.97
N GLY K 501 -111.75 -21.37 46.27
CA GLY K 501 -111.66 -20.28 45.27
C GLY K 501 -110.44 -20.45 44.40
N PRO K 502 -110.30 -19.56 43.38
CA PRO K 502 -109.23 -19.68 42.39
C PRO K 502 -107.93 -19.10 42.97
N GLY K 503 -106.78 -19.57 42.48
CA GLY K 503 -105.45 -19.03 42.81
C GLY K 503 -104.59 -20.07 43.52
N GLY K 504 -105.19 -20.85 44.43
CA GLY K 504 -104.44 -21.83 45.22
C GLY K 504 -103.63 -21.12 46.29
N ALA K 505 -102.30 -21.29 46.27
CA ALA K 505 -101.37 -20.68 47.25
C ALA K 505 -101.35 -19.13 47.13
N SER K 506 -101.64 -18.58 45.94
CA SER K 506 -101.77 -17.12 45.68
C SER K 506 -103.19 -16.63 46.01
N GLY K 507 -104.04 -17.49 46.56
CA GLY K 507 -105.49 -17.24 46.66
C GLY K 507 -105.87 -16.53 47.95
N LEU K 508 -107.16 -16.57 48.25
CA LEU K 508 -107.76 -15.95 49.45
C LEU K 508 -107.37 -16.74 50.69
N GLY K 509 -107.36 -18.06 50.60
CA GLY K 509 -107.06 -18.94 51.73
C GLY K 509 -105.79 -18.51 52.44
N VAL K 510 -104.69 -18.44 51.70
CA VAL K 510 -103.34 -18.15 52.27
C VAL K 510 -103.27 -16.72 52.80
N LEU K 511 -104.07 -15.79 52.28
CA LEU K 511 -104.22 -14.46 52.90
C LEU K 511 -104.94 -14.62 54.24
N THR K 512 -106.04 -15.39 54.29
CA THR K 512 -106.81 -15.69 55.52
C THR K 512 -105.93 -16.41 56.55
N HIS K 513 -104.90 -17.14 56.12
CA HIS K 513 -103.96 -17.86 57.01
C HIS K 513 -103.10 -16.88 57.79
N ARG K 514 -102.66 -15.79 57.14
CA ARG K 514 -101.78 -14.75 57.73
C ARG K 514 -102.58 -13.90 58.70
N ASN K 515 -103.82 -13.60 58.37
CA ASN K 515 -104.70 -12.78 59.25
C ASN K 515 -104.94 -13.48 60.58
N LYS K 516 -104.93 -14.82 60.61
CA LYS K 516 -105.25 -15.55 61.86
C LYS K 516 -104.27 -16.71 62.10
N ASP K 517 -103.02 -16.54 61.65
CA ASP K 517 -101.83 -17.27 62.17
C ASP K 517 -101.78 -17.11 63.68
N GLY K 518 -101.70 -18.21 64.42
CA GLY K 518 -101.52 -18.25 65.87
C GLY K 518 -102.80 -18.36 66.67
N THR K 519 -104.00 -18.23 66.07
CA THR K 519 -105.31 -18.39 66.76
C THR K 519 -105.77 -19.85 66.74
N GLY K 520 -105.02 -20.73 66.08
CA GLY K 520 -105.28 -22.19 66.04
C GLY K 520 -106.32 -22.53 64.99
N VAL K 521 -106.07 -22.08 63.76
CA VAL K 521 -106.98 -22.19 62.59
C VAL K 521 -106.12 -22.65 61.41
N ARG K 522 -106.50 -23.79 60.85
CA ARG K 522 -105.80 -24.44 59.71
C ARG K 522 -106.61 -24.10 58.47
N VAL K 523 -105.98 -23.45 57.51
CA VAL K 523 -106.58 -23.19 56.17
C VAL K 523 -106.15 -24.34 55.25
N ILE K 524 -107.12 -25.00 54.61
CA ILE K 524 -106.87 -25.99 53.53
C ILE K 524 -107.22 -25.33 52.21
N VAL K 525 -106.36 -25.45 51.21
CA VAL K 525 -106.56 -24.87 49.86
C VAL K 525 -107.19 -25.93 48.97
N ALA K 526 -108.53 -26.05 49.00
CA ALA K 526 -109.29 -27.21 48.45
C ALA K 526 -109.14 -27.39 46.93
N GLY K 527 -108.60 -26.41 46.20
CA GLY K 527 -108.54 -26.45 44.73
C GLY K 527 -107.26 -27.08 44.22
N THR K 528 -106.11 -26.58 44.68
CA THR K 528 -104.77 -27.02 44.23
C THR K 528 -104.37 -28.30 44.98
N LEU K 529 -103.65 -29.20 44.30
CA LEU K 529 -102.81 -30.26 44.93
C LEU K 529 -101.34 -29.84 44.79
N ASP K 530 -100.57 -29.98 45.86
CA ASP K 530 -99.17 -29.50 45.97
C ASP K 530 -98.66 -29.84 47.37
N ILE K 531 -97.45 -29.43 47.70
CA ILE K 531 -96.80 -29.70 49.02
C ILE K 531 -96.24 -28.41 49.58
N ASN K 532 -96.81 -27.97 50.70
CA ASN K 532 -96.28 -26.87 51.53
C ASN K 532 -95.06 -27.42 52.25
N PRO K 533 -93.85 -26.84 52.10
CA PRO K 533 -92.71 -27.22 52.94
C PRO K 533 -92.94 -26.87 54.42
N ASP K 534 -93.28 -25.61 54.71
CA ASP K 534 -93.41 -25.06 56.09
C ASP K 534 -94.60 -25.69 56.83
N ASP K 535 -95.56 -26.24 56.09
CA ASP K 535 -96.75 -26.99 56.59
C ASP K 535 -97.66 -26.06 57.40
N ASP K 536 -97.56 -24.73 57.21
CA ASP K 536 -98.50 -23.70 57.76
C ASP K 536 -99.95 -24.10 57.43
N TYR K 537 -100.22 -24.29 56.13
CA TYR K 537 -101.55 -24.61 55.57
C TYR K 537 -101.44 -25.92 54.79
N GLY K 538 -102.58 -26.46 54.35
CA GLY K 538 -102.67 -27.71 53.57
C GLY K 538 -103.18 -27.47 52.16
N PHE K 539 -103.14 -28.51 51.35
CA PHE K 539 -103.82 -28.61 50.03
C PHE K 539 -104.73 -29.84 50.04
N LYS K 540 -105.51 -30.05 48.96
CA LYS K 540 -106.62 -31.04 48.83
C LYS K 540 -106.39 -32.31 49.66
N GLN K 541 -105.18 -32.90 49.56
CA GLN K 541 -104.78 -34.13 50.30
C GLN K 541 -105.57 -34.23 51.60
N GLU K 542 -105.45 -33.19 52.43
CA GLU K 542 -105.96 -33.13 53.81
C GLU K 542 -107.45 -33.49 53.86
N ILE K 543 -108.23 -33.02 52.88
CA ILE K 543 -109.72 -33.16 52.91
C ILE K 543 -110.03 -34.66 52.82
N PHE K 544 -109.24 -35.40 52.04
CA PHE K 544 -109.55 -36.79 51.62
C PHE K 544 -108.84 -37.81 52.53
N ASP K 545 -107.58 -37.53 52.88
CA ASP K 545 -106.70 -38.39 53.75
C ASP K 545 -107.49 -38.98 54.93
N VAL K 546 -107.22 -40.26 55.24
CA VAL K 546 -108.00 -41.18 56.13
C VAL K 546 -107.22 -41.42 57.43
N THR K 547 -105.89 -41.43 57.36
CA THR K 547 -104.92 -41.45 58.49
C THR K 547 -105.12 -40.20 59.37
N SER K 548 -104.24 -39.98 60.37
CA SER K 548 -104.25 -38.79 61.24
C SER K 548 -103.47 -37.62 60.62
N ASN K 549 -102.94 -37.80 59.40
CA ASN K 549 -102.35 -36.71 58.55
C ASN K 549 -103.44 -35.86 57.88
N GLY K 550 -104.71 -36.24 58.03
CA GLY K 550 -105.87 -35.47 57.52
C GLY K 550 -106.36 -34.44 58.53
N LEU K 551 -106.36 -34.80 59.82
CA LEU K 551 -106.75 -33.89 60.93
C LEU K 551 -105.48 -33.28 61.52
N LYS K 552 -104.95 -32.25 60.87
CA LYS K 552 -103.80 -31.45 61.36
C LYS K 552 -104.33 -30.17 61.97
N LYS K 553 -103.93 -29.84 63.20
CA LYS K 553 -104.34 -28.58 63.87
C LYS K 553 -103.14 -27.66 63.93
N ASN K 554 -103.34 -26.41 63.52
CA ASN K 554 -102.35 -25.31 63.65
C ASN K 554 -102.32 -24.90 65.12
N PRO K 555 -101.15 -24.44 65.63
CA PRO K 555 -101.03 -24.09 67.03
C PRO K 555 -101.71 -22.77 67.42
N ASN K 556 -102.68 -22.82 68.34
CA ASN K 556 -103.17 -21.67 69.14
C ASN K 556 -102.12 -21.39 70.21
N TRP K 557 -101.32 -20.34 70.03
CA TRP K 557 -100.15 -19.99 70.87
C TRP K 557 -100.54 -19.84 72.34
N LEU K 558 -101.66 -19.17 72.63
CA LEU K 558 -102.15 -18.93 74.02
C LEU K 558 -102.33 -20.25 74.79
N GLU K 559 -102.60 -21.37 74.12
CA GLU K 559 -102.84 -22.67 74.79
C GLU K 559 -101.56 -23.51 74.79
N GLU K 560 -100.79 -23.51 73.70
CA GLU K 560 -99.50 -24.25 73.64
C GLU K 560 -98.62 -23.74 74.77
N TYR K 561 -98.41 -22.43 74.81
CA TYR K 561 -97.38 -21.74 75.64
C TYR K 561 -98.03 -20.97 76.80
N HIS K 562 -99.23 -21.35 77.19
CA HIS K 562 -99.85 -20.98 78.49
C HIS K 562 -98.82 -21.17 79.59
N PRO K 563 -98.52 -20.15 80.44
CA PRO K 563 -97.72 -20.38 81.63
C PRO K 563 -98.54 -21.14 82.68
N LYS K 564 -97.90 -22.06 83.40
CA LYS K 564 -98.56 -22.91 84.41
C LYS K 564 -97.80 -22.80 85.73
N LEU K 565 -98.44 -23.22 86.81
CA LEU K 565 -97.77 -23.47 88.12
C LEU K 565 -97.58 -24.96 88.34
N ILE K 566 -96.57 -25.31 89.14
CA ILE K 566 -96.25 -26.71 89.53
C ILE K 566 -95.52 -26.70 90.87
N LYS K 567 -95.62 -27.78 91.63
CA LYS K 567 -94.95 -27.95 92.95
C LYS K 567 -93.92 -29.08 92.89
N ASN K 568 -93.01 -29.07 93.87
CA ASN K 568 -92.15 -30.21 94.29
C ASN K 568 -92.88 -31.06 95.33
N LYS K 569 -92.20 -32.13 95.77
CA LYS K 569 -92.44 -32.85 97.03
C LYS K 569 -92.30 -31.89 98.23
N SER K 570 -91.36 -30.96 98.17
CA SER K 570 -91.05 -29.93 99.22
C SER K 570 -92.07 -28.79 99.22
N GLY K 571 -93.01 -28.78 98.27
CA GLY K 571 -94.06 -27.75 98.17
C GLY K 571 -93.52 -26.40 97.77
N LYS K 572 -92.41 -26.36 97.02
CA LYS K 572 -91.91 -25.13 96.35
C LYS K 572 -92.68 -24.93 95.04
N ILE K 573 -93.36 -23.79 94.89
CA ILE K 573 -94.11 -23.45 93.64
C ILE K 573 -93.14 -22.85 92.63
N PHE K 574 -93.29 -23.25 91.38
CA PHE K 574 -92.50 -22.73 90.22
C PHE K 574 -93.46 -22.15 89.19
N VAL K 575 -92.99 -21.23 88.36
CA VAL K 575 -93.67 -20.86 87.08
C VAL K 575 -93.15 -21.80 86.00
N GLU K 576 -94.01 -22.63 85.45
CA GLU K 576 -93.66 -23.71 84.48
C GLU K 576 -93.77 -23.08 83.09
N THR K 577 -92.64 -22.87 82.44
CA THR K 577 -92.57 -22.53 81.00
C THR K 577 -91.60 -23.50 80.34
N LYS K 578 -91.71 -23.63 79.02
CA LYS K 578 -90.76 -24.38 78.17
C LYS K 578 -89.33 -24.27 78.72
N PHE K 579 -88.93 -23.10 79.23
CA PHE K 579 -87.54 -22.80 79.67
C PHE K 579 -87.25 -23.35 81.05
N SER K 580 -88.12 -23.11 82.04
CA SER K 580 -87.94 -23.58 83.43
C SER K 580 -88.05 -25.12 83.49
N LYS K 581 -89.01 -25.70 82.78
CA LYS K 581 -89.11 -27.17 82.62
C LYS K 581 -87.73 -27.77 82.35
N LEU K 582 -86.89 -27.15 81.51
CA LEU K 582 -85.52 -27.64 81.20
C LEU K 582 -84.63 -27.46 82.43
N ILE K 583 -84.44 -26.24 82.90
CA ILE K 583 -83.32 -25.87 83.82
C ILE K 583 -83.69 -26.15 85.27
N GLY K 584 -84.97 -26.37 85.57
CA GLY K 584 -85.45 -26.83 86.89
C GLY K 584 -85.40 -25.73 87.93
N ARG K 585 -85.33 -24.49 87.47
CA ARG K 585 -85.27 -23.28 88.32
C ARG K 585 -86.24 -22.28 87.70
N PRO K 586 -86.64 -21.21 88.41
CA PRO K 586 -87.53 -20.20 87.86
C PRO K 586 -87.08 -19.63 86.52
N PRO K 587 -88.02 -19.26 85.64
CA PRO K 587 -87.68 -18.81 84.28
C PRO K 587 -87.13 -17.38 84.16
N LEU K 588 -86.50 -16.88 85.22
CA LEU K 588 -85.79 -15.57 85.27
C LEU K 588 -84.29 -15.84 85.26
N LEU K 589 -83.54 -15.09 84.46
CA LEU K 589 -82.06 -15.19 84.42
C LEU K 589 -81.43 -13.80 84.41
N VAL K 590 -80.34 -13.66 85.19
CA VAL K 590 -79.40 -12.50 85.12
C VAL K 590 -78.43 -12.76 83.99
N PRO K 591 -78.35 -11.91 82.97
CA PRO K 591 -77.47 -12.16 81.84
C PRO K 591 -76.03 -11.75 82.17
N GLY K 592 -75.11 -12.01 81.25
CA GLY K 592 -73.68 -11.71 81.42
C GLY K 592 -73.42 -10.24 81.23
N MET K 593 -73.21 -9.51 82.31
CA MET K 593 -72.81 -8.09 82.28
C MET K 593 -71.31 -8.01 82.60
N THR K 594 -70.53 -7.32 81.75
CA THR K 594 -69.03 -7.26 81.81
C THR K 594 -68.56 -6.90 83.22
N PRO K 595 -68.83 -5.68 83.75
CA PRO K 595 -68.34 -5.37 85.09
C PRO K 595 -69.10 -6.11 86.21
N CYS K 596 -70.39 -6.47 86.04
CA CYS K 596 -71.31 -6.81 87.18
C CYS K 596 -71.29 -8.31 87.50
N THR K 597 -71.50 -9.17 86.51
CA THR K 597 -71.45 -10.65 86.64
C THR K 597 -70.06 -11.20 86.30
N VAL K 598 -69.02 -10.38 86.33
CA VAL K 598 -67.61 -10.85 86.21
C VAL K 598 -67.21 -11.40 87.59
N SER K 599 -67.64 -10.76 88.67
CA SER K 599 -67.19 -11.14 90.03
C SER K 599 -67.70 -12.54 90.32
N PRO K 600 -66.82 -13.53 90.57
CA PRO K 600 -67.31 -14.82 91.04
C PRO K 600 -68.23 -14.72 92.27
N ASP K 601 -68.06 -13.73 93.14
CA ASP K 601 -68.80 -13.66 94.43
C ASP K 601 -70.29 -13.36 94.20
N PHE K 602 -70.64 -12.74 93.07
CA PHE K 602 -72.04 -12.43 92.68
C PHE K 602 -72.68 -13.63 91.99
N VAL K 603 -71.99 -14.15 90.98
CA VAL K 603 -72.36 -15.37 90.23
C VAL K 603 -72.67 -16.49 91.21
N ALA K 604 -71.89 -16.60 92.27
CA ALA K 604 -72.11 -17.55 93.37
C ALA K 604 -73.39 -17.20 94.13
N ALA K 605 -73.52 -15.96 94.59
CA ALA K 605 -74.64 -15.51 95.46
C ALA K 605 -75.98 -15.65 94.74
N THR K 606 -75.99 -15.39 93.43
CA THR K 606 -77.20 -15.48 92.56
C THR K 606 -77.55 -16.96 92.43
N THR K 607 -76.59 -17.78 92.03
CA THR K 607 -76.74 -19.26 91.89
C THR K 607 -77.20 -19.87 93.21
N ASN K 608 -76.64 -19.46 94.34
CA ASN K 608 -76.99 -20.00 95.68
C ASN K 608 -78.44 -19.62 95.99
N ALA K 609 -78.88 -18.45 95.54
CA ALA K 609 -80.25 -17.91 95.76
C ALA K 609 -81.29 -18.74 95.00
N GLY K 610 -80.91 -19.28 93.85
CA GLY K 610 -81.71 -20.29 93.12
C GLY K 610 -82.10 -19.82 91.74
N TYR K 611 -81.23 -19.10 91.06
CA TYR K 611 -81.51 -18.34 89.81
C TYR K 611 -80.31 -18.50 88.89
N THR K 612 -80.50 -18.25 87.60
CA THR K 612 -79.51 -18.59 86.56
C THR K 612 -78.68 -17.34 86.29
N ILE K 613 -77.38 -17.50 86.11
CA ILE K 613 -76.50 -16.34 85.81
C ILE K 613 -75.34 -16.75 84.93
N GLU K 614 -75.02 -15.90 83.96
CA GLU K 614 -73.85 -16.04 83.05
C GLU K 614 -72.66 -15.38 83.77
N LEU K 615 -71.55 -16.09 83.95
CA LEU K 615 -70.23 -15.49 84.30
C LEU K 615 -69.68 -14.84 83.04
N ALA K 616 -69.22 -13.59 83.14
CA ALA K 616 -68.92 -12.70 81.99
C ALA K 616 -67.46 -12.89 81.53
N GLY K 617 -67.28 -13.31 80.29
CA GLY K 617 -65.95 -13.48 79.69
C GLY K 617 -65.26 -12.15 79.50
N GLY K 618 -66.03 -11.13 79.09
CA GLY K 618 -65.59 -9.72 78.95
C GLY K 618 -64.56 -9.28 79.99
N GLY K 619 -64.65 -9.79 81.22
CA GLY K 619 -63.80 -9.33 82.34
C GLY K 619 -62.51 -10.12 82.46
N TYR K 620 -62.22 -11.02 81.52
CA TYR K 620 -61.06 -11.95 81.59
C TYR K 620 -60.36 -11.96 80.24
N PHE K 621 -59.03 -12.01 80.27
CA PHE K 621 -58.13 -11.83 79.10
C PHE K 621 -57.46 -13.16 78.76
N SER K 622 -57.08 -13.94 79.76
CA SER K 622 -56.43 -15.27 79.62
C SER K 622 -57.38 -16.36 80.09
N ALA K 623 -57.32 -17.52 79.45
CA ALA K 623 -57.88 -18.79 79.93
C ALA K 623 -57.40 -19.11 81.35
N ALA K 624 -56.22 -18.66 81.76
CA ALA K 624 -55.68 -18.92 83.12
C ALA K 624 -56.48 -18.14 84.15
N GLY K 625 -56.75 -16.87 83.87
CA GLY K 625 -57.42 -15.93 84.77
C GLY K 625 -58.90 -16.23 84.90
N MET K 626 -59.53 -16.77 83.85
CA MET K 626 -60.95 -17.22 83.89
C MET K 626 -61.02 -18.48 84.76
N THR K 627 -60.21 -19.49 84.44
CA THR K 627 -60.12 -20.76 85.22
C THR K 627 -60.08 -20.41 86.72
N ALA K 628 -59.26 -19.43 87.12
CA ALA K 628 -59.11 -18.96 88.52
C ALA K 628 -60.46 -18.52 89.08
N ALA K 629 -61.25 -17.80 88.26
CA ALA K 629 -62.60 -17.28 88.58
C ALA K 629 -63.59 -18.44 88.70
N ILE K 630 -63.77 -19.20 87.62
CA ILE K 630 -64.68 -20.39 87.58
C ILE K 630 -64.41 -21.28 88.81
N ASP K 631 -63.16 -21.48 89.21
CA ASP K 631 -62.78 -22.27 90.41
C ASP K 631 -63.30 -21.57 91.67
N SER K 632 -63.28 -20.23 91.67
CA SER K 632 -63.74 -19.40 92.80
C SER K 632 -65.26 -19.52 92.93
N VAL K 633 -65.98 -19.53 91.81
CA VAL K 633 -67.46 -19.79 91.75
C VAL K 633 -67.69 -21.16 92.41
N VAL K 634 -67.17 -22.21 91.78
CA VAL K 634 -67.41 -23.64 92.12
C VAL K 634 -67.21 -23.88 93.61
N SER K 635 -66.21 -23.26 94.25
CA SER K 635 -65.92 -23.43 95.69
C SER K 635 -67.04 -22.82 96.54
N GLN K 636 -67.65 -21.71 96.09
CA GLN K 636 -68.64 -20.91 96.87
C GLN K 636 -70.08 -21.44 96.70
N ILE K 637 -70.38 -22.17 95.62
CA ILE K 637 -71.75 -22.72 95.34
C ILE K 637 -71.95 -24.07 96.04
N GLU K 638 -73.21 -24.49 96.15
CA GLU K 638 -73.65 -25.79 96.72
C GLU K 638 -73.55 -26.89 95.66
N LYS K 639 -73.34 -28.14 96.11
CA LYS K 639 -73.18 -29.33 95.22
C LYS K 639 -74.41 -29.46 94.31
N GLY K 640 -74.19 -29.67 93.01
CA GLY K 640 -75.27 -29.90 92.04
C GLY K 640 -75.81 -28.62 91.42
N SER K 641 -75.43 -27.45 91.96
CA SER K 641 -75.64 -26.13 91.32
C SER K 641 -74.80 -26.04 90.05
N THR K 642 -75.18 -25.11 89.18
CA THR K 642 -74.57 -24.83 87.86
C THR K 642 -74.59 -23.33 87.61
N PHE K 643 -73.80 -22.87 86.65
CA PHE K 643 -73.87 -21.49 86.12
C PHE K 643 -73.48 -21.56 84.66
N GLY K 644 -73.47 -20.44 83.97
CA GLY K 644 -73.13 -20.38 82.52
C GLY K 644 -72.08 -19.34 82.25
N ILE K 645 -71.73 -19.15 80.99
CA ILE K 645 -70.58 -18.31 80.57
C ILE K 645 -71.03 -17.44 79.39
N ASN K 646 -70.72 -16.14 79.46
CA ASN K 646 -70.95 -15.17 78.38
C ASN K 646 -69.61 -14.94 77.65
N LEU K 647 -69.52 -15.25 76.36
CA LEU K 647 -68.36 -14.89 75.50
C LEU K 647 -68.87 -14.01 74.38
N ILE K 648 -68.15 -12.93 74.08
CA ILE K 648 -68.54 -11.91 73.06
C ILE K 648 -68.00 -12.38 71.70
N TYR K 649 -68.85 -12.53 70.68
CA TYR K 649 -68.48 -12.98 69.31
C TYR K 649 -67.66 -11.93 68.53
N VAL K 650 -67.69 -10.69 68.98
CA VAL K 650 -66.97 -9.52 68.37
C VAL K 650 -65.49 -9.54 68.79
N ASN K 651 -65.13 -10.27 69.84
CA ASN K 651 -63.78 -10.26 70.46
C ASN K 651 -63.12 -11.59 70.10
N PRO K 652 -62.55 -11.76 68.89
CA PRO K 652 -62.22 -13.09 68.40
C PRO K 652 -61.01 -13.65 69.16
N PHE K 653 -60.31 -12.78 69.89
CA PHE K 653 -59.26 -13.20 70.85
C PHE K 653 -59.92 -13.98 72.00
N MET K 654 -60.99 -13.45 72.61
CA MET K 654 -61.73 -14.12 73.73
C MET K 654 -62.24 -15.50 73.30
N LEU K 655 -62.60 -15.67 72.02
CA LEU K 655 -63.17 -16.93 71.51
C LEU K 655 -62.08 -17.99 71.32
N GLN K 656 -60.89 -17.63 70.83
CA GLN K 656 -59.82 -18.61 70.51
C GLN K 656 -59.10 -19.04 71.80
N TRP K 657 -59.38 -18.46 72.97
CA TRP K 657 -59.02 -19.10 74.27
C TRP K 657 -60.28 -19.61 74.97
N GLY K 658 -61.37 -18.84 74.93
CA GLY K 658 -62.63 -19.11 75.67
C GLY K 658 -63.23 -20.47 75.35
N ILE K 659 -63.43 -20.76 74.06
CA ILE K 659 -64.12 -22.00 73.58
C ILE K 659 -63.30 -23.23 73.96
N PRO K 660 -62.00 -23.34 73.59
CA PRO K 660 -61.13 -24.36 74.15
C PRO K 660 -61.23 -24.58 75.66
N LEU K 661 -61.29 -23.51 76.44
CA LEU K 661 -61.26 -23.54 77.93
C LEU K 661 -62.55 -24.19 78.43
N ILE K 662 -63.65 -24.05 77.70
CA ILE K 662 -64.95 -24.63 78.15
C ILE K 662 -64.89 -26.12 77.87
N LYS K 663 -64.56 -26.50 76.63
CA LYS K 663 -64.35 -27.91 76.20
C LYS K 663 -63.48 -28.66 77.21
N GLU K 664 -62.32 -28.09 77.51
CA GLU K 664 -61.33 -28.65 78.47
C GLU K 664 -61.97 -28.76 79.85
N LEU K 665 -62.72 -27.76 80.28
CA LEU K 665 -63.34 -27.69 81.63
C LEU K 665 -64.55 -28.62 81.70
N ARG K 666 -65.31 -28.72 80.62
CA ARG K 666 -66.55 -29.52 80.55
C ARG K 666 -66.19 -31.01 80.58
N SER K 667 -65.15 -31.40 79.85
CA SER K 667 -64.55 -32.76 79.80
C SER K 667 -64.05 -33.22 81.18
N LYS K 668 -63.59 -32.32 82.04
CA LYS K 668 -63.26 -32.63 83.47
C LYS K 668 -64.51 -32.65 84.35
N GLY K 669 -65.65 -32.17 83.83
CA GLY K 669 -66.96 -32.22 84.50
C GLY K 669 -67.30 -30.98 85.32
N TYR K 670 -66.65 -29.82 85.10
CA TYR K 670 -67.00 -28.52 85.74
C TYR K 670 -68.45 -28.19 85.44
N PRO K 671 -69.25 -27.70 86.42
CA PRO K 671 -70.67 -27.47 86.23
C PRO K 671 -70.98 -26.21 85.42
N ILE K 672 -70.67 -26.24 84.12
CA ILE K 672 -71.00 -25.20 83.14
C ILE K 672 -72.26 -25.68 82.41
N GLN K 673 -73.44 -25.26 82.88
CA GLN K 673 -74.76 -25.66 82.33
C GLN K 673 -74.88 -25.18 80.89
N PHE K 674 -74.44 -23.96 80.58
CA PHE K 674 -74.70 -23.34 79.25
C PHE K 674 -73.67 -22.27 78.92
N LEU K 675 -73.56 -21.97 77.64
CA LEU K 675 -72.73 -20.87 77.12
C LEU K 675 -73.66 -19.93 76.37
N THR K 676 -73.61 -18.64 76.68
CA THR K 676 -74.33 -17.57 75.95
C THR K 676 -73.32 -16.84 75.09
N ILE K 677 -73.65 -16.57 73.84
CA ILE K 677 -72.78 -15.79 72.93
C ILE K 677 -73.43 -14.43 72.78
N GLY K 678 -72.80 -13.38 73.31
CA GLY K 678 -73.25 -11.99 73.18
C GLY K 678 -72.76 -11.36 71.90
N ALA K 679 -73.31 -10.21 71.54
CA ALA K 679 -72.85 -9.32 70.45
C ALA K 679 -72.60 -10.13 69.18
N GLY K 680 -73.68 -10.56 68.51
CA GLY K 680 -73.63 -11.27 67.23
C GLY K 680 -74.09 -12.70 67.36
N VAL K 681 -74.32 -13.35 66.22
CA VAL K 681 -74.72 -14.79 66.15
C VAL K 681 -73.72 -15.51 65.25
N PRO K 682 -73.15 -16.64 65.71
CA PRO K 682 -72.22 -17.42 64.89
C PRO K 682 -72.82 -17.88 63.55
N SER K 683 -71.97 -18.32 62.62
CA SER K 683 -72.34 -19.00 61.36
C SER K 683 -72.74 -20.44 61.67
N LEU K 684 -73.52 -21.11 60.81
CA LEU K 684 -74.03 -22.48 61.08
C LEU K 684 -72.89 -23.40 61.55
N GLU K 685 -71.74 -23.35 60.88
CA GLU K 685 -70.66 -24.37 61.02
C GLU K 685 -69.87 -24.13 62.31
N VAL K 686 -69.90 -22.92 62.84
CA VAL K 686 -69.23 -22.57 64.13
C VAL K 686 -70.15 -22.96 65.28
N ALA K 687 -71.44 -22.57 65.20
CA ALA K 687 -72.48 -22.97 66.18
C ALA K 687 -72.55 -24.51 66.25
N SER K 688 -72.52 -25.18 65.09
CA SER K 688 -72.44 -26.66 64.98
C SER K 688 -71.28 -27.19 65.84
N GLU K 689 -70.10 -26.57 65.72
CA GLU K 689 -68.92 -26.92 66.56
C GLU K 689 -69.28 -26.66 68.05
N TYR K 690 -69.90 -25.53 68.41
CA TYR K 690 -70.22 -25.18 69.83
C TYR K 690 -71.23 -26.17 70.41
N ILE K 691 -72.21 -26.59 69.61
CA ILE K 691 -73.31 -27.49 70.05
C ILE K 691 -72.72 -28.86 70.40
N GLU K 692 -72.08 -29.50 69.43
CA GLU K 692 -71.64 -30.92 69.47
C GLU K 692 -70.45 -31.08 70.42
N THR K 693 -69.42 -30.27 70.21
CA THR K 693 -68.04 -30.46 70.72
C THR K 693 -67.97 -30.13 72.22
N LEU K 694 -68.66 -29.09 72.67
CA LEU K 694 -68.69 -28.66 74.09
C LEU K 694 -69.81 -29.44 74.77
N GLY K 695 -69.66 -29.83 76.02
CA GLY K 695 -70.65 -30.66 76.72
C GLY K 695 -71.73 -29.81 77.36
N LEU K 696 -72.47 -29.03 76.56
CA LEU K 696 -73.39 -27.98 77.06
C LEU K 696 -74.84 -28.45 76.97
N LYS K 697 -75.61 -28.20 78.03
CA LYS K 697 -77.04 -28.55 78.10
C LYS K 697 -77.77 -27.70 77.07
N TYR K 698 -77.48 -26.40 77.01
CA TYR K 698 -78.04 -25.51 75.95
C TYR K 698 -77.11 -24.33 75.63
N LEU K 699 -77.35 -23.74 74.45
CA LEU K 699 -76.63 -22.58 73.89
C LEU K 699 -77.54 -21.34 73.97
N GLY K 700 -76.99 -20.20 74.33
CA GLY K 700 -77.70 -18.91 74.32
C GLY K 700 -77.24 -18.04 73.15
N LEU K 701 -78.18 -17.41 72.46
CA LEU K 701 -77.87 -16.50 71.34
C LEU K 701 -78.64 -15.19 71.55
N LYS K 702 -77.97 -14.05 71.33
CA LYS K 702 -78.52 -12.70 71.52
C LYS K 702 -78.50 -12.00 70.17
N PRO K 703 -79.48 -12.26 69.30
CA PRO K 703 -79.63 -11.51 68.06
C PRO K 703 -80.17 -10.09 68.26
N GLY K 704 -79.70 -9.16 67.43
CA GLY K 704 -80.09 -7.74 67.47
C GLY K 704 -81.22 -7.44 66.50
N SER K 705 -81.08 -7.90 65.24
CA SER K 705 -81.99 -7.55 64.12
C SER K 705 -82.88 -8.74 63.78
N ILE K 706 -83.82 -8.52 62.86
CA ILE K 706 -84.66 -9.59 62.25
C ILE K 706 -83.75 -10.60 61.52
N ASP K 707 -82.73 -10.14 60.81
CA ASP K 707 -81.78 -11.02 60.05
C ASP K 707 -81.05 -11.97 61.00
N ALA K 708 -80.67 -11.49 62.19
CA ALA K 708 -80.00 -12.28 63.24
C ALA K 708 -80.97 -13.30 63.83
N ILE K 709 -82.23 -12.94 64.04
CA ILE K 709 -83.29 -13.89 64.53
C ILE K 709 -83.46 -15.03 63.52
N SER K 710 -83.31 -14.76 62.22
CA SER K 710 -83.38 -15.80 61.15
C SER K 710 -82.17 -16.75 61.27
N GLN K 711 -80.97 -16.20 61.45
CA GLN K 711 -79.70 -16.95 61.61
C GLN K 711 -79.77 -17.84 62.88
N VAL K 712 -80.59 -17.50 63.87
CA VAL K 712 -80.81 -18.32 65.10
C VAL K 712 -81.71 -19.50 64.77
N ILE K 713 -82.78 -19.24 64.02
CA ILE K 713 -83.73 -20.28 63.52
C ILE K 713 -82.95 -21.31 62.69
N ASN K 714 -82.02 -20.89 61.82
CA ASN K 714 -81.26 -21.83 60.96
C ASN K 714 -80.35 -22.74 61.80
N ILE K 715 -79.77 -22.22 62.89
CA ILE K 715 -78.96 -23.04 63.82
C ILE K 715 -79.85 -24.09 64.47
N ALA K 716 -81.12 -23.77 64.69
CA ALA K 716 -82.05 -24.60 65.49
C ALA K 716 -82.66 -25.70 64.60
N LYS K 717 -82.96 -25.37 63.36
CA LYS K 717 -83.40 -26.32 62.29
C LYS K 717 -82.35 -27.43 62.16
N ALA K 718 -81.07 -27.06 62.18
CA ALA K 718 -79.92 -27.94 61.90
C ALA K 718 -79.57 -28.87 63.07
N HIS K 719 -80.08 -28.61 64.27
CA HIS K 719 -79.87 -29.44 65.49
C HIS K 719 -81.18 -29.52 66.27
N PRO K 720 -82.23 -30.14 65.69
CA PRO K 720 -83.58 -29.99 66.20
C PRO K 720 -83.84 -30.69 67.54
N ASN K 721 -82.85 -31.38 68.12
CA ASN K 721 -82.98 -32.02 69.45
C ASN K 721 -82.27 -31.18 70.52
N PHE K 722 -81.42 -30.26 70.09
CA PHE K 722 -80.61 -29.43 71.01
C PHE K 722 -81.39 -28.20 71.41
N PRO K 723 -81.48 -27.84 72.71
CA PRO K 723 -82.14 -26.62 73.12
C PRO K 723 -81.28 -25.39 72.83
N ILE K 724 -81.93 -24.38 72.26
CA ILE K 724 -81.38 -23.03 72.02
C ILE K 724 -82.24 -22.03 72.78
N ALA K 725 -81.63 -21.16 73.58
CA ALA K 725 -82.31 -20.04 74.26
C ALA K 725 -82.06 -18.79 73.42
N LEU K 726 -83.04 -18.40 72.63
CA LEU K 726 -83.04 -17.12 71.88
C LEU K 726 -83.37 -16.02 72.90
N GLN K 727 -82.34 -15.28 73.33
CA GLN K 727 -82.41 -14.20 74.34
C GLN K 727 -82.68 -12.90 73.59
N TRP K 728 -83.94 -12.49 73.52
CA TRP K 728 -84.37 -11.31 72.73
C TRP K 728 -84.33 -10.08 73.61
N THR K 729 -83.58 -9.09 73.16
CA THR K 729 -83.32 -7.81 73.85
C THR K 729 -83.46 -6.71 72.81
N GLY K 730 -84.24 -5.67 73.11
CA GLY K 730 -84.36 -4.49 72.24
C GLY K 730 -83.16 -3.55 72.39
N GLY K 731 -83.20 -2.44 71.64
CA GLY K 731 -82.31 -1.28 71.82
C GLY K 731 -82.49 -0.57 73.16
N ARG K 732 -83.62 -0.73 73.84
CA ARG K 732 -83.91 0.01 75.09
C ARG K 732 -83.12 -0.55 76.28
N GLY K 733 -82.23 -1.52 76.04
CA GLY K 733 -81.48 -2.21 77.12
C GLY K 733 -80.18 -1.51 77.47
N GLY K 734 -79.60 -1.84 78.62
CA GLY K 734 -78.37 -1.22 79.10
C GLY K 734 -77.16 -1.73 78.33
N GLY K 735 -76.03 -1.00 78.41
CA GLY K 735 -74.76 -1.39 77.76
C GLY K 735 -74.88 -1.37 76.25
N HIS K 736 -74.06 -2.14 75.53
CA HIS K 736 -74.07 -2.12 74.04
C HIS K 736 -75.45 -2.55 73.58
N HIS K 737 -76.08 -1.74 72.72
CA HIS K 737 -77.50 -1.91 72.33
C HIS K 737 -77.67 -1.73 70.82
N SER K 738 -78.70 -2.34 70.25
CA SER K 738 -79.07 -2.18 68.82
C SER K 738 -79.93 -0.92 68.71
N PHE K 739 -80.43 -0.63 67.52
CA PHE K 739 -81.34 0.52 67.24
C PHE K 739 -82.80 0.08 67.26
N GLU K 740 -83.06 -1.22 67.41
CA GLU K 740 -84.37 -1.87 67.15
C GLU K 740 -85.37 -1.59 68.26
N ASP K 741 -86.65 -1.46 67.92
CA ASP K 741 -87.76 -1.56 68.89
C ASP K 741 -87.69 -2.96 69.51
N ALA K 742 -88.29 -3.12 70.69
CA ALA K 742 -88.34 -4.41 71.41
C ALA K 742 -89.51 -5.26 70.93
N HIS K 743 -90.58 -4.64 70.44
CA HIS K 743 -91.90 -5.25 70.14
C HIS K 743 -92.01 -5.63 68.67
N THR K 744 -91.76 -4.69 67.78
CA THR K 744 -92.01 -4.81 66.33
C THR K 744 -91.33 -6.07 65.82
N PRO K 745 -90.04 -6.33 66.07
CA PRO K 745 -89.36 -7.50 65.49
C PRO K 745 -89.94 -8.84 65.96
N MET K 746 -90.46 -8.91 67.19
CA MET K 746 -91.07 -10.13 67.75
C MET K 746 -92.40 -10.42 67.03
N LEU K 747 -93.27 -9.43 66.92
CA LEU K 747 -94.55 -9.54 66.17
C LEU K 747 -94.31 -10.08 64.76
N GLN K 748 -93.23 -9.65 64.08
CA GLN K 748 -92.90 -10.16 62.73
C GLN K 748 -92.40 -11.60 62.79
N MET K 749 -91.64 -12.00 63.80
CA MET K 749 -90.85 -13.26 63.77
C MET K 749 -91.40 -14.33 64.71
N TYR K 750 -92.19 -13.97 65.73
CA TYR K 750 -92.66 -14.93 66.76
C TYR K 750 -93.18 -16.23 66.15
N SER K 751 -93.99 -16.13 65.10
CA SER K 751 -94.58 -17.30 64.39
C SER K 751 -93.46 -18.24 63.89
N LYS K 752 -92.43 -17.71 63.22
CA LYS K 752 -91.34 -18.55 62.65
C LYS K 752 -90.51 -19.19 63.76
N ILE K 753 -90.33 -18.50 64.88
CA ILE K 753 -89.57 -19.01 66.05
C ILE K 753 -90.33 -20.18 66.64
N ARG K 754 -91.64 -20.04 66.86
CA ARG K 754 -92.47 -21.11 67.46
C ARG K 754 -92.66 -22.34 66.53
N ARG K 755 -92.35 -22.27 65.22
CA ARG K 755 -92.30 -23.47 64.32
C ARG K 755 -91.33 -24.51 64.89
N HIS K 756 -90.20 -24.04 65.43
CA HIS K 756 -89.05 -24.85 65.90
C HIS K 756 -89.15 -25.01 67.39
N PRO K 757 -89.55 -26.19 67.89
CA PRO K 757 -89.86 -26.34 69.31
C PRO K 757 -88.64 -26.52 70.23
N ASN K 758 -87.42 -26.36 69.74
CA ASN K 758 -86.21 -26.41 70.60
C ASN K 758 -85.72 -24.99 70.89
N ILE K 759 -86.46 -23.97 70.47
CA ILE K 759 -86.12 -22.56 70.79
C ILE K 759 -86.96 -22.13 71.99
N MET K 760 -86.29 -21.91 73.11
CA MET K 760 -86.86 -21.35 74.36
C MET K 760 -86.72 -19.84 74.25
N LEU K 761 -87.84 -19.14 74.14
CA LEU K 761 -87.88 -17.74 73.68
C LEU K 761 -87.98 -16.81 74.87
N ILE K 762 -86.89 -16.07 75.14
CA ILE K 762 -86.66 -15.31 76.40
C ILE K 762 -86.60 -13.82 76.10
N PHE K 763 -87.48 -13.03 76.74
CA PHE K 763 -87.58 -11.56 76.55
C PHE K 763 -86.62 -10.90 77.55
N GLY K 764 -86.14 -9.72 77.19
CA GLY K 764 -85.34 -8.84 78.05
C GLY K 764 -85.28 -7.44 77.49
N SER K 765 -84.70 -6.51 78.27
CA SER K 765 -84.65 -5.06 77.97
C SER K 765 -85.90 -4.40 78.50
N GLY K 766 -85.77 -3.83 79.70
CA GLY K 766 -86.69 -2.84 80.24
C GLY K 766 -87.43 -3.34 81.45
N PHE K 767 -87.05 -4.49 82.01
CA PHE K 767 -87.88 -5.14 83.05
C PHE K 767 -87.32 -4.89 84.44
N GLY K 768 -88.18 -5.03 85.45
CA GLY K 768 -87.84 -4.72 86.85
C GLY K 768 -88.68 -5.53 87.82
N SER K 769 -89.98 -5.32 87.83
CA SER K 769 -90.94 -5.97 88.76
C SER K 769 -91.56 -7.17 88.05
N ALA K 770 -92.45 -7.89 88.74
CA ALA K 770 -93.38 -8.87 88.15
C ALA K 770 -94.40 -8.13 87.27
N ASP K 771 -94.98 -7.05 87.80
CA ASP K 771 -96.13 -6.28 87.22
C ASP K 771 -95.90 -5.92 85.76
N ASP K 772 -94.67 -5.51 85.42
CA ASP K 772 -94.33 -4.94 84.09
C ASP K 772 -93.96 -6.05 83.12
N THR K 773 -93.64 -7.24 83.63
CA THR K 773 -93.15 -8.40 82.83
C THR K 773 -94.23 -9.49 82.71
N TYR K 774 -95.34 -9.40 83.48
CA TYR K 774 -96.47 -10.37 83.49
C TYR K 774 -97.15 -10.43 82.12
N PRO K 775 -97.50 -9.28 81.50
CA PRO K 775 -98.03 -9.28 80.14
C PRO K 775 -97.31 -10.14 79.10
N TYR K 776 -96.01 -10.39 79.27
CA TYR K 776 -95.18 -11.16 78.32
C TYR K 776 -95.25 -12.65 78.66
N LEU K 777 -95.40 -12.98 79.93
CA LEU K 777 -95.59 -14.36 80.42
C LEU K 777 -96.97 -14.86 79.99
N THR K 778 -98.00 -14.03 80.18
CA THR K 778 -99.44 -14.29 79.87
C THR K 778 -99.68 -14.28 78.36
N GLY K 779 -98.88 -13.54 77.59
CA GLY K 779 -99.04 -13.37 76.14
C GLY K 779 -99.84 -12.13 75.76
N GLU K 780 -100.49 -11.43 76.72
CA GLU K 780 -101.51 -10.39 76.42
C GLU K 780 -100.86 -9.04 76.06
N TRP K 781 -99.54 -9.00 75.93
CA TRP K 781 -98.80 -7.80 75.47
C TRP K 781 -99.02 -7.53 73.98
N SER K 782 -99.24 -8.59 73.21
CA SER K 782 -99.40 -8.56 71.74
C SER K 782 -100.85 -8.25 71.40
N THR K 783 -101.74 -8.28 72.40
CA THR K 783 -103.15 -7.84 72.28
C THR K 783 -103.20 -6.32 72.07
N LYS K 784 -102.27 -5.53 72.65
CA LYS K 784 -102.16 -4.06 72.48
C LYS K 784 -102.04 -3.72 70.98
N PHE K 785 -101.16 -4.41 70.27
CA PHE K 785 -100.85 -4.19 68.83
C PHE K 785 -101.80 -5.00 67.92
N ASP K 786 -102.97 -5.43 68.42
CA ASP K 786 -104.01 -6.22 67.69
C ASP K 786 -103.39 -7.41 66.94
N TYR K 787 -102.56 -8.19 67.62
CA TYR K 787 -102.15 -9.56 67.24
C TYR K 787 -102.80 -10.52 68.23
N PRO K 788 -102.76 -11.85 67.98
CA PRO K 788 -103.23 -12.82 68.97
C PRO K 788 -102.19 -13.03 70.05
N PRO K 789 -102.58 -13.46 71.27
CA PRO K 789 -101.65 -13.57 72.40
C PRO K 789 -100.44 -14.42 72.03
N MET K 790 -99.26 -14.11 72.59
CA MET K 790 -97.98 -14.48 71.94
C MET K 790 -96.87 -14.72 72.96
N PRO K 791 -97.07 -15.60 73.97
CA PRO K 791 -96.29 -15.56 75.19
C PRO K 791 -94.88 -16.16 75.17
N PHE K 792 -94.06 -15.69 76.12
CA PHE K 792 -92.61 -15.93 76.24
C PHE K 792 -92.33 -16.92 77.37
N ASP K 793 -91.16 -17.52 77.29
CA ASP K 793 -90.74 -18.67 78.11
C ASP K 793 -89.93 -18.19 79.32
N GLY K 794 -89.27 -17.03 79.24
CA GLY K 794 -88.60 -16.45 80.42
C GLY K 794 -88.14 -15.02 80.21
N PHE K 795 -87.65 -14.38 81.26
CA PHE K 795 -87.20 -12.96 81.27
C PHE K 795 -85.73 -12.89 81.67
N LEU K 796 -85.03 -11.85 81.20
CA LEU K 796 -83.71 -11.49 81.74
C LEU K 796 -83.71 -10.05 82.27
N PHE K 797 -83.10 -9.88 83.44
CA PHE K 797 -82.90 -8.60 84.16
C PHE K 797 -81.42 -8.29 84.22
N GLY K 798 -80.94 -7.36 83.39
CA GLY K 798 -79.59 -6.80 83.54
C GLY K 798 -79.57 -5.61 84.49
N SER K 799 -79.85 -4.42 83.95
CA SER K 799 -79.86 -3.15 84.69
C SER K 799 -80.46 -3.35 86.09
N ARG K 800 -81.63 -3.98 86.20
CA ARG K 800 -82.44 -4.02 87.45
C ARG K 800 -81.61 -4.50 88.64
N VAL K 801 -80.60 -5.31 88.37
CA VAL K 801 -79.93 -6.14 89.40
C VAL K 801 -78.60 -5.51 89.83
N MET K 802 -78.26 -4.31 89.32
CA MET K 802 -76.93 -3.64 89.47
C MET K 802 -76.85 -2.84 90.78
N ILE K 803 -77.90 -2.81 91.59
CA ILE K 803 -77.85 -2.14 92.93
C ILE K 803 -78.14 -3.18 94.00
N ALA K 804 -77.91 -4.45 93.68
CA ALA K 804 -78.06 -5.58 94.63
C ALA K 804 -76.92 -5.51 95.66
N LYS K 805 -77.11 -6.15 96.80
CA LYS K 805 -76.15 -6.11 97.94
C LYS K 805 -74.81 -6.70 97.49
N GLU K 806 -74.83 -7.76 96.67
CA GLU K 806 -73.68 -8.67 96.44
C GLU K 806 -72.93 -8.30 95.16
N VAL K 807 -73.45 -7.38 94.35
CA VAL K 807 -72.68 -6.83 93.19
C VAL K 807 -71.67 -5.83 93.76
N LYS K 808 -70.51 -5.76 93.10
CA LYS K 808 -69.30 -5.09 93.63
C LYS K 808 -69.33 -3.60 93.30
N THR K 809 -70.22 -3.17 92.39
CA THR K 809 -70.54 -1.74 92.08
C THR K 809 -70.44 -0.90 93.36
N SER K 810 -69.72 0.22 93.30
CA SER K 810 -69.24 0.99 94.48
C SER K 810 -70.40 1.71 95.14
N PRO K 811 -70.46 1.74 96.49
CA PRO K 811 -71.57 2.37 97.20
C PRO K 811 -72.14 3.65 96.59
N ASP K 812 -71.24 4.51 96.07
CA ASP K 812 -71.59 5.84 95.50
C ASP K 812 -72.18 5.68 94.09
N ALA K 813 -71.75 4.69 93.30
CA ALA K 813 -72.31 4.42 91.96
C ALA K 813 -73.72 3.80 92.07
N LYS K 814 -74.03 3.12 93.18
CA LYS K 814 -75.41 2.65 93.49
C LYS K 814 -76.31 3.85 93.79
N LYS K 815 -75.82 4.85 94.55
CA LYS K 815 -76.57 6.10 94.81
C LYS K 815 -76.83 6.83 93.50
N CYS K 816 -75.83 6.82 92.61
CA CYS K 816 -75.87 7.47 91.28
C CYS K 816 -76.90 6.77 90.39
N ILE K 817 -77.04 5.45 90.51
CA ILE K 817 -78.02 4.63 89.72
C ILE K 817 -79.43 4.94 90.21
N ALA K 818 -79.65 4.83 91.52
CA ALA K 818 -80.99 4.99 92.15
C ALA K 818 -81.57 6.38 91.85
N ALA K 819 -80.71 7.38 91.61
CA ALA K 819 -81.11 8.77 91.32
C ALA K 819 -81.66 8.90 89.90
N CYS K 820 -81.16 8.12 88.93
CA CYS K 820 -81.70 8.04 87.54
C CYS K 820 -83.18 7.65 87.60
N THR K 821 -84.06 8.55 87.18
CA THR K 821 -85.54 8.34 87.17
C THR K 821 -85.87 7.32 86.08
N GLY K 822 -85.17 7.42 84.94
CA GLY K 822 -85.45 6.60 83.75
C GLY K 822 -86.64 7.14 83.01
N VAL K 823 -87.18 6.37 82.07
CA VAL K 823 -88.16 6.91 81.08
C VAL K 823 -88.99 5.76 80.52
N PRO K 824 -90.31 5.93 80.26
CA PRO K 824 -91.12 4.86 79.68
C PRO K 824 -90.65 4.47 78.26
N ASP K 825 -91.09 3.30 77.79
CA ASP K 825 -90.59 2.69 76.52
C ASP K 825 -90.64 3.71 75.38
N ASP K 826 -91.73 4.44 75.21
CA ASP K 826 -91.96 5.40 74.08
C ASP K 826 -90.81 6.39 73.90
N LYS K 827 -90.04 6.70 74.97
CA LYS K 827 -89.08 7.84 75.03
C LYS K 827 -87.61 7.38 75.09
N TRP K 828 -87.31 6.10 75.27
CA TRP K 828 -85.93 5.54 75.27
C TRP K 828 -85.11 6.07 74.08
N GLU K 829 -85.74 6.36 72.94
CA GLU K 829 -85.00 6.66 71.69
C GLU K 829 -84.45 8.10 71.69
N GLN K 830 -84.72 8.88 72.73
CA GLN K 830 -84.19 10.25 72.90
C GLN K 830 -82.74 10.21 73.41
N THR K 831 -82.26 9.06 73.91
CA THR K 831 -80.88 8.91 74.47
C THR K 831 -79.80 9.05 73.38
N TYR K 832 -80.16 9.04 72.09
CA TYR K 832 -79.21 9.33 70.99
C TYR K 832 -78.88 10.83 70.94
N LYS K 833 -79.83 11.69 71.34
CA LYS K 833 -79.71 13.17 71.26
C LYS K 833 -79.11 13.73 72.55
N LYS K 834 -79.69 13.41 73.71
CA LYS K 834 -79.44 14.13 74.99
C LYS K 834 -79.80 13.26 76.19
N PRO K 835 -79.35 13.59 77.42
CA PRO K 835 -79.76 12.84 78.61
C PRO K 835 -81.29 12.70 78.68
N THR K 836 -81.72 11.46 78.93
CA THR K 836 -83.12 10.99 78.99
C THR K 836 -83.23 10.05 80.19
N GLY K 837 -83.97 10.44 81.24
CA GLY K 837 -84.00 9.73 82.53
C GLY K 837 -82.62 9.64 83.18
N GLY K 838 -81.75 10.60 82.89
CA GLY K 838 -80.35 10.62 83.38
C GLY K 838 -79.45 9.61 82.66
N ILE K 839 -79.74 9.29 81.40
CA ILE K 839 -79.02 8.25 80.61
C ILE K 839 -78.85 8.72 79.15
N VAL K 840 -77.72 8.39 78.53
CA VAL K 840 -77.38 8.78 77.12
C VAL K 840 -76.75 7.59 76.43
N THR K 841 -76.89 7.56 75.11
CA THR K 841 -76.09 6.73 74.20
C THR K 841 -74.75 7.45 74.00
N VAL K 842 -73.76 6.69 73.53
CA VAL K 842 -72.33 7.09 73.43
C VAL K 842 -71.62 6.01 72.60
N ARG K 843 -70.94 6.38 71.52
CA ARG K 843 -70.19 5.42 70.65
C ARG K 843 -69.01 4.88 71.49
N SER K 844 -68.78 3.57 71.46
CA SER K 844 -67.60 2.89 72.05
C SER K 844 -66.41 3.06 71.09
N GLU K 845 -65.28 2.41 71.35
CA GLU K 845 -64.06 2.52 70.49
C GLU K 845 -64.36 1.91 69.10
N MET K 846 -65.21 0.87 69.04
CA MET K 846 -65.60 0.17 67.78
C MET K 846 -66.61 1.00 66.98
N GLY K 847 -67.44 1.81 67.63
CA GLY K 847 -68.52 2.61 67.01
C GLY K 847 -69.90 2.07 67.36
N GLU K 848 -69.96 0.97 68.12
CA GLU K 848 -71.21 0.40 68.68
C GLU K 848 -71.81 1.46 69.62
N PRO K 849 -73.14 1.68 69.64
CA PRO K 849 -73.76 2.46 70.70
C PRO K 849 -73.65 1.79 72.07
N ILE K 850 -73.73 2.58 73.16
CA ILE K 850 -73.80 2.10 74.57
C ILE K 850 -74.69 3.05 75.34
N HIS K 851 -75.58 2.51 76.17
CA HIS K 851 -76.38 3.28 77.15
C HIS K 851 -75.58 3.40 78.42
N LYS K 852 -75.17 4.62 78.79
CA LYS K 852 -74.46 4.93 80.07
C LYS K 852 -75.21 6.01 80.84
N ILE K 853 -75.13 5.96 82.17
CA ILE K 853 -75.60 7.01 83.11
C ILE K 853 -74.84 8.29 82.80
N ALA K 854 -75.55 9.37 82.48
CA ALA K 854 -74.97 10.64 82.00
C ALA K 854 -74.35 11.36 83.20
N THR K 855 -73.16 10.92 83.56
CA THR K 855 -72.20 11.61 84.45
C THR K 855 -71.48 12.68 83.62
N ARG K 856 -70.81 13.63 84.28
CA ARG K 856 -69.92 14.64 83.64
C ARG K 856 -68.94 13.92 82.70
N GLY K 857 -68.38 12.79 83.18
CA GLY K 857 -67.40 11.96 82.45
C GLY K 857 -67.97 11.48 81.13
N VAL K 858 -69.21 11.00 81.14
CA VAL K 858 -69.87 10.42 79.94
C VAL K 858 -70.31 11.58 79.07
N MET K 859 -70.77 12.69 79.64
CA MET K 859 -71.15 13.89 78.84
C MET K 859 -69.91 14.44 78.12
N LEU K 860 -68.74 14.37 78.73
CA LEU K 860 -67.47 14.73 78.06
C LEU K 860 -67.25 13.79 76.88
N TRP K 861 -67.30 12.48 77.14
CA TRP K 861 -67.26 11.39 76.13
C TRP K 861 -68.17 11.73 74.94
N LYS K 862 -69.42 12.07 75.21
CA LYS K 862 -70.45 12.37 74.16
C LYS K 862 -69.98 13.52 73.28
N GLU K 863 -69.62 14.66 73.88
CA GLU K 863 -69.11 15.90 73.21
C GLU K 863 -67.91 15.59 72.31
N PHE K 864 -66.99 14.71 72.71
CA PHE K 864 -65.79 14.36 71.91
C PHE K 864 -66.21 13.52 70.67
N ASP K 865 -67.22 12.65 70.78
CA ASP K 865 -67.74 11.87 69.62
C ASP K 865 -68.34 12.83 68.59
N GLU K 866 -68.99 13.91 69.03
CA GLU K 866 -69.60 14.95 68.15
C GLU K 866 -68.51 15.86 67.56
N THR K 867 -67.50 16.24 68.36
CA THR K 867 -66.50 17.29 68.06
C THR K 867 -65.24 16.70 67.42
N ILE K 868 -64.59 15.72 68.06
CA ILE K 868 -63.18 15.29 67.79
C ILE K 868 -63.13 13.96 67.03
N PHE K 869 -63.81 12.91 67.50
CA PHE K 869 -63.61 11.51 67.01
C PHE K 869 -64.45 11.22 65.75
N ASN K 870 -65.33 12.13 65.31
CA ASN K 870 -66.09 11.98 64.05
C ASN K 870 -65.32 12.61 62.88
N LEU K 871 -64.23 13.33 63.15
CA LEU K 871 -63.44 14.06 62.12
C LEU K 871 -62.63 13.05 61.33
N PRO K 872 -62.34 13.32 60.03
CA PRO K 872 -61.42 12.48 59.26
C PRO K 872 -59.98 12.63 59.77
N LYS K 873 -59.11 11.67 59.42
CA LYS K 873 -57.76 11.46 60.01
C LYS K 873 -56.83 12.68 59.80
N ASN K 874 -56.85 13.29 58.61
CA ASN K 874 -56.02 14.48 58.26
C ASN K 874 -56.41 15.68 59.14
N LYS K 875 -57.68 15.80 59.53
CA LYS K 875 -58.24 16.97 60.26
C LYS K 875 -58.09 16.84 61.78
N LEU K 876 -57.59 15.73 62.30
CA LEU K 876 -57.69 15.38 63.74
C LEU K 876 -56.62 16.14 64.56
N VAL K 877 -55.36 16.02 64.17
CA VAL K 877 -54.18 16.55 64.93
C VAL K 877 -54.17 18.08 64.89
N PRO K 878 -54.51 18.75 63.76
CA PRO K 878 -54.80 20.18 63.77
C PRO K 878 -55.86 20.62 64.81
N THR K 879 -56.97 19.87 64.88
CA THR K 879 -58.11 20.15 65.79
C THR K 879 -57.68 19.99 67.24
N LEU K 880 -56.92 18.93 67.54
CA LEU K 880 -56.41 18.61 68.91
C LEU K 880 -55.47 19.69 69.42
N GLU K 881 -54.65 20.28 68.54
CA GLU K 881 -53.72 21.38 68.91
C GLU K 881 -54.51 22.67 69.19
N ALA K 882 -55.51 22.96 68.35
CA ALA K 882 -56.37 24.15 68.49
C ALA K 882 -57.03 24.17 69.87
N LYS K 883 -57.58 23.04 70.32
CA LYS K 883 -58.39 22.99 71.57
C LYS K 883 -57.66 22.18 72.64
N ARG K 884 -56.35 21.96 72.45
CA ARG K 884 -55.43 21.33 73.44
C ARG K 884 -55.74 21.79 74.86
N ASP K 885 -55.71 23.09 75.13
CA ASP K 885 -55.81 23.62 76.51
C ASP K 885 -57.20 23.31 77.07
N TYR K 886 -58.23 23.30 76.22
CA TYR K 886 -59.63 23.05 76.62
C TYR K 886 -59.78 21.59 77.03
N ILE K 887 -59.46 20.67 76.11
CA ILE K 887 -59.41 19.18 76.32
C ILE K 887 -58.71 18.86 77.64
N ILE K 888 -57.49 19.35 77.84
CA ILE K 888 -56.71 19.08 79.08
C ILE K 888 -57.52 19.50 80.31
N SER K 889 -58.23 20.64 80.25
CA SER K 889 -58.98 21.18 81.42
C SER K 889 -60.15 20.26 81.74
N ARG K 890 -60.77 19.69 80.70
CA ARG K 890 -62.00 18.85 80.78
C ARG K 890 -61.64 17.49 81.37
N LEU K 891 -60.68 16.80 80.75
CA LEU K 891 -60.06 15.55 81.27
C LEU K 891 -59.77 15.69 82.76
N ASN K 892 -59.25 16.82 83.24
CA ASN K 892 -58.81 16.95 84.65
C ASN K 892 -60.01 17.18 85.58
N ALA K 893 -60.99 17.98 85.14
CA ALA K 893 -62.21 18.30 85.89
C ALA K 893 -63.12 17.08 86.00
N ASP K 894 -63.35 16.40 84.86
CA ASP K 894 -64.58 15.64 84.56
C ASP K 894 -64.35 14.17 84.24
N PHE K 895 -63.14 13.67 83.94
CA PHE K 895 -62.97 12.30 83.37
C PHE K 895 -62.19 11.35 84.30
N GLN K 896 -62.41 10.05 84.09
CA GLN K 896 -61.86 8.92 84.87
C GLN K 896 -60.39 8.71 84.52
N LYS K 897 -60.00 9.09 83.31
CA LYS K 897 -58.59 9.18 82.87
C LYS K 897 -58.16 10.64 82.83
N PRO K 898 -57.48 11.17 83.88
CA PRO K 898 -57.03 12.57 83.87
C PRO K 898 -55.86 12.74 82.91
N TRP K 899 -55.47 13.99 82.61
CA TRP K 899 -54.30 14.36 81.76
C TRP K 899 -53.06 14.21 82.61
N PHE K 900 -52.10 13.39 82.20
CA PHE K 900 -51.10 12.79 83.11
C PHE K 900 -50.24 13.89 83.72
N ALA K 901 -49.85 14.81 82.83
CA ALA K 901 -48.86 15.88 83.05
C ALA K 901 -49.59 17.09 83.60
N THR K 902 -49.97 16.99 84.87
CA THR K 902 -50.44 18.13 85.69
C THR K 902 -49.74 17.98 87.03
N VAL K 903 -49.03 19.04 87.45
CA VAL K 903 -48.38 19.12 88.78
C VAL K 903 -49.00 20.31 89.50
N ASN K 904 -49.42 20.09 90.77
CA ASN K 904 -50.25 20.98 91.63
C ASN K 904 -51.34 21.67 90.78
N GLY K 905 -52.14 20.89 90.07
CA GLY K 905 -53.35 21.34 89.35
C GLY K 905 -53.04 22.32 88.22
N GLN K 906 -51.82 22.27 87.69
CA GLN K 906 -51.33 23.19 86.62
C GLN K 906 -50.94 22.33 85.41
N ALA K 907 -51.56 22.55 84.26
CA ALA K 907 -51.31 21.73 83.04
C ALA K 907 -49.91 22.00 82.51
N ARG K 908 -49.35 20.97 81.88
CA ARG K 908 -47.96 20.88 81.42
C ARG K 908 -47.97 20.00 80.18
N ASP K 909 -46.83 19.37 79.89
CA ASP K 909 -46.64 18.31 78.89
C ASP K 909 -45.57 17.39 79.50
N LEU K 910 -45.41 16.14 79.06
CA LEU K 910 -44.34 15.26 79.60
C LEU K 910 -43.01 16.02 79.55
N ALA K 911 -42.73 16.62 78.38
CA ALA K 911 -41.48 17.34 78.03
C ALA K 911 -41.22 18.54 78.94
N THR K 912 -42.18 19.03 79.72
CA THR K 912 -42.01 20.18 80.65
C THR K 912 -42.18 19.77 82.12
N MET K 913 -41.96 18.50 82.44
CA MET K 913 -42.09 17.93 83.80
C MET K 913 -40.74 17.38 84.20
N THR K 914 -40.39 17.42 85.47
CA THR K 914 -39.10 16.86 85.96
C THR K 914 -39.33 15.36 86.20
N TYR K 915 -38.24 14.60 86.20
CA TYR K 915 -38.25 13.14 86.45
C TYR K 915 -38.88 12.92 87.81
N GLU K 916 -38.67 13.77 88.81
CA GLU K 916 -39.30 13.61 90.16
C GLU K 916 -40.83 13.84 90.04
N GLU K 917 -41.24 14.99 89.52
CA GLU K 917 -42.65 15.34 89.24
C GLU K 917 -43.37 14.15 88.58
N VAL K 918 -42.70 13.39 87.71
CA VAL K 918 -43.33 12.28 86.94
C VAL K 918 -43.55 11.11 87.88
N ALA K 919 -42.51 10.69 88.58
CA ALA K 919 -42.58 9.56 89.52
C ALA K 919 -43.54 9.86 90.68
N LYS K 920 -43.70 11.13 91.08
CA LYS K 920 -44.65 11.51 92.17
C LYS K 920 -46.08 11.29 91.70
N ARG K 921 -46.31 11.49 90.41
CA ARG K 921 -47.64 11.53 89.77
C ARG K 921 -48.05 10.09 89.45
N LEU K 922 -47.10 9.25 89.04
CA LEU K 922 -47.34 7.78 88.88
C LEU K 922 -47.81 7.19 90.22
N VAL K 923 -47.27 7.61 91.35
CA VAL K 923 -47.71 7.10 92.69
C VAL K 923 -49.10 7.67 93.01
N GLU K 924 -49.29 8.97 92.82
CA GLU K 924 -50.58 9.68 93.05
C GLU K 924 -51.73 8.95 92.34
N LEU K 925 -51.50 8.41 91.14
CA LEU K 925 -52.56 7.96 90.20
C LEU K 925 -52.70 6.44 90.15
N MET K 926 -51.69 5.68 90.55
CA MET K 926 -51.70 4.19 90.43
C MET K 926 -51.69 3.52 91.81
N PHE K 927 -51.10 4.15 92.81
CA PHE K 927 -51.00 3.62 94.18
C PHE K 927 -52.11 4.23 95.01
N ILE K 928 -52.75 3.40 95.85
CA ILE K 928 -54.02 3.73 96.57
C ILE K 928 -53.69 3.88 98.05
N ARG K 929 -53.93 5.06 98.62
CA ARG K 929 -53.53 5.36 100.02
C ARG K 929 -54.39 4.56 101.01
N SER K 930 -55.72 4.57 100.83
CA SER K 930 -56.71 3.92 101.73
C SER K 930 -56.32 2.45 102.00
N THR K 931 -56.10 1.65 100.94
CA THR K 931 -55.72 0.20 101.02
C THR K 931 -54.21 0.02 101.19
N ASN K 932 -53.41 1.10 101.04
CA ASN K 932 -51.94 1.14 101.24
C ASN K 932 -51.28 0.08 100.34
N SER K 933 -51.70 0.02 99.07
CA SER K 933 -51.22 -0.95 98.06
C SER K 933 -51.41 -0.39 96.64
N TRP K 934 -50.67 -0.93 95.69
CA TRP K 934 -50.83 -0.63 94.25
C TRP K 934 -52.13 -1.25 93.77
N PHE K 935 -52.85 -0.58 92.89
CA PHE K 935 -54.14 -1.08 92.37
C PHE K 935 -53.88 -2.37 91.60
N ASP K 936 -52.96 -2.30 90.65
CA ASP K 936 -52.52 -3.43 89.80
C ASP K 936 -50.99 -3.55 89.91
N VAL K 937 -50.48 -4.77 89.93
CA VAL K 937 -49.04 -5.07 90.05
C VAL K 937 -48.34 -4.73 88.72
N THR K 938 -49.01 -4.82 87.56
CA THR K 938 -48.43 -4.37 86.26
C THR K 938 -48.10 -2.86 86.30
N TRP K 939 -48.81 -2.10 87.13
CA TRP K 939 -48.63 -0.64 87.30
C TRP K 939 -47.46 -0.36 88.22
N ARG K 940 -47.27 -1.17 89.24
CA ARG K 940 -46.05 -1.09 90.07
C ARG K 940 -44.85 -1.33 89.16
N THR K 941 -44.88 -2.41 88.38
CA THR K 941 -43.84 -2.73 87.37
C THR K 941 -43.53 -1.48 86.54
N PHE K 942 -44.55 -0.78 86.09
CA PHE K 942 -44.44 0.43 85.24
C PHE K 942 -43.59 1.48 85.95
N THR K 943 -43.85 1.79 87.23
CA THR K 943 -43.15 2.86 87.97
C THR K 943 -41.76 2.40 88.37
N GLY K 944 -41.56 1.11 88.66
CA GLY K 944 -40.21 0.57 88.89
C GLY K 944 -39.37 0.73 87.64
N ASP K 945 -39.87 0.27 86.49
CA ASP K 945 -39.16 0.35 85.20
C ASP K 945 -38.74 1.80 84.93
N PHE K 946 -39.62 2.75 85.23
CA PHE K 946 -39.36 4.20 85.16
C PHE K 946 -38.26 4.62 86.14
N LEU K 947 -38.30 4.22 87.41
CA LEU K 947 -37.23 4.63 88.37
C LEU K 947 -35.88 4.05 87.91
N ARG K 948 -35.87 2.89 87.25
CA ARG K 948 -34.63 2.29 86.77
C ARG K 948 -34.08 3.20 85.67
N ARG K 949 -34.94 3.79 84.88
CA ARG K 949 -34.54 4.63 83.73
C ARG K 949 -33.96 5.95 84.22
N VAL K 950 -34.48 6.49 85.33
CA VAL K 950 -33.88 7.67 86.02
C VAL K 950 -32.44 7.30 86.36
N GLU K 951 -32.22 6.16 87.01
CA GLU K 951 -30.86 5.77 87.47
C GLU K 951 -29.94 5.59 86.25
N GLU K 952 -30.41 4.95 85.20
CA GLU K 952 -29.65 4.77 83.94
C GLU K 952 -29.27 6.14 83.39
N ARG K 953 -30.19 7.12 83.44
CA ARG K 953 -30.01 8.43 82.77
C ARG K 953 -29.04 9.29 83.57
N PHE K 954 -29.01 9.16 84.90
CA PHE K 954 -28.31 10.13 85.78
C PHE K 954 -27.09 9.52 86.44
N THR K 955 -26.79 8.24 86.30
CA THR K 955 -25.55 7.67 86.87
C THR K 955 -24.40 7.94 85.88
N LYS K 956 -23.19 8.08 86.38
CA LYS K 956 -21.98 8.34 85.55
C LYS K 956 -21.38 7.01 85.13
N SER K 957 -21.63 5.97 85.93
CA SER K 957 -20.82 4.74 86.02
C SER K 957 -21.72 3.54 86.34
N LYS K 958 -21.46 2.39 85.70
CA LYS K 958 -22.13 1.10 85.99
C LYS K 958 -22.19 0.89 87.51
N THR K 959 -23.39 1.00 88.09
CA THR K 959 -23.68 0.74 89.53
C THR K 959 -24.70 -0.38 89.62
N LEU K 960 -24.83 -0.97 90.81
CA LEU K 960 -25.99 -1.82 91.19
C LEU K 960 -27.16 -0.89 91.52
N SER K 961 -28.37 -1.27 91.09
CA SER K 961 -29.65 -0.53 91.21
C SER K 961 -30.07 -0.38 92.67
N LEU K 962 -30.68 0.76 93.01
CA LEU K 962 -31.22 1.04 94.36
C LEU K 962 -32.56 0.32 94.54
N ILE K 963 -33.24 0.03 93.43
CA ILE K 963 -34.53 -0.73 93.38
C ILE K 963 -34.23 -2.14 92.84
N GLN K 964 -33.80 -3.04 93.73
CA GLN K 964 -33.43 -4.44 93.37
C GLN K 964 -34.70 -5.24 93.06
N SER K 965 -35.59 -5.35 94.05
CA SER K 965 -36.92 -5.98 93.95
C SER K 965 -37.95 -4.87 93.86
N TYR K 966 -39.00 -5.04 93.05
CA TYR K 966 -40.13 -4.07 93.00
C TYR K 966 -41.01 -4.23 94.25
N SER K 967 -40.73 -5.20 95.13
CA SER K 967 -41.29 -5.32 96.50
C SER K 967 -41.08 -4.03 97.29
N LEU K 968 -39.95 -3.36 97.06
CA LEU K 968 -39.53 -2.16 97.82
C LEU K 968 -40.50 -1.01 97.55
N LEU K 969 -41.12 -1.00 96.37
CA LEU K 969 -42.08 0.07 95.95
C LEU K 969 -43.31 0.07 96.86
N ASP K 970 -43.63 -1.00 97.61
CA ASP K 970 -44.88 -1.13 98.40
C ASP K 970 -44.95 -0.10 99.56
N LYS K 971 -43.87 0.68 99.82
CA LYS K 971 -43.88 1.95 100.62
C LYS K 971 -43.30 3.09 99.76
N PRO K 972 -44.07 3.61 98.79
CA PRO K 972 -43.49 4.17 97.56
C PRO K 972 -42.86 5.58 97.70
N ASP K 973 -43.25 6.34 98.72
CA ASP K 973 -42.65 7.67 99.01
C ASP K 973 -41.23 7.50 99.52
N GLU K 974 -40.96 6.45 100.32
CA GLU K 974 -39.61 6.12 100.86
C GLU K 974 -38.68 5.71 99.70
N ALA K 975 -39.20 4.93 98.76
CA ALA K 975 -38.45 4.35 97.62
C ALA K 975 -38.26 5.39 96.52
N ILE K 976 -39.07 6.45 96.50
CA ILE K 976 -38.87 7.61 95.58
C ILE K 976 -37.74 8.47 96.15
N GLU K 977 -37.83 8.87 97.42
CA GLU K 977 -36.77 9.68 98.09
C GLU K 977 -35.42 8.98 97.91
N LYS K 978 -35.36 7.68 98.17
CA LYS K 978 -34.11 6.87 98.08
C LYS K 978 -33.42 7.09 96.72
N VAL K 979 -34.17 7.15 95.61
CA VAL K 979 -33.66 7.24 94.21
C VAL K 979 -33.29 8.69 93.89
N PHE K 980 -34.11 9.65 94.31
CA PHE K 980 -33.92 11.09 94.01
C PHE K 980 -33.06 11.78 95.08
N ASN K 981 -32.59 11.05 96.10
CA ASN K 981 -31.47 11.50 96.95
C ASN K 981 -30.16 11.23 96.19
N ALA K 982 -30.00 10.01 95.69
CA ALA K 982 -28.78 9.51 95.04
C ALA K 982 -28.63 10.06 93.62
N TYR K 983 -29.68 10.65 93.02
CA TYR K 983 -29.62 11.30 91.69
C TYR K 983 -30.41 12.60 91.73
N PRO K 984 -29.95 13.61 92.52
CA PRO K 984 -30.74 14.81 92.79
C PRO K 984 -30.86 15.78 91.60
N ALA K 985 -30.03 15.59 90.57
CA ALA K 985 -30.12 16.30 89.28
C ALA K 985 -31.50 16.08 88.66
N ALA K 986 -32.06 14.89 88.89
CA ALA K 986 -33.35 14.43 88.35
C ALA K 986 -34.47 15.28 88.91
N ARG K 987 -34.32 15.84 90.11
CA ARG K 987 -35.33 16.76 90.71
C ARG K 987 -35.43 18.05 89.89
N GLU K 988 -34.46 18.35 89.02
CA GLU K 988 -34.26 19.70 88.46
C GLU K 988 -34.19 19.69 86.92
N GLN K 989 -34.51 18.58 86.26
CA GLN K 989 -34.33 18.49 84.81
C GLN K 989 -35.60 17.95 84.15
N PHE K 990 -36.11 18.64 83.16
CA PHE K 990 -37.22 18.12 82.36
C PHE K 990 -36.81 16.80 81.72
N LEU K 991 -37.83 16.06 81.32
CA LEU K 991 -37.67 14.69 80.78
C LEU K 991 -36.87 14.81 79.48
N ASN K 992 -35.76 14.10 79.37
CA ASN K 992 -34.99 13.89 78.11
C ASN K 992 -35.96 13.44 77.04
N ALA K 993 -35.79 13.90 75.81
CA ALA K 993 -36.69 13.63 74.68
C ALA K 993 -36.86 12.13 74.49
N GLN K 994 -35.83 11.36 74.80
CA GLN K 994 -35.78 9.90 74.59
C GLN K 994 -36.64 9.23 75.65
N ASP K 995 -36.63 9.76 76.86
CA ASP K 995 -37.32 9.14 78.02
C ASP K 995 -38.82 9.40 77.95
N ILE K 996 -39.23 10.43 77.22
CA ILE K 996 -40.67 10.68 76.87
C ILE K 996 -41.14 9.58 75.91
N ASP K 997 -40.33 9.31 74.88
CA ASP K 997 -40.59 8.27 73.86
C ASP K 997 -40.63 6.88 74.54
N HIS K 998 -39.83 6.68 75.58
CA HIS K 998 -39.80 5.43 76.35
C HIS K 998 -41.07 5.38 77.19
N PHE K 999 -41.45 6.49 77.80
CA PHE K 999 -42.64 6.57 78.68
C PHE K 999 -43.87 6.19 77.88
N LEU K 1000 -44.00 6.76 76.70
CA LEU K 1000 -45.15 6.52 75.81
C LEU K 1000 -45.11 5.11 75.24
N SER K 1001 -43.93 4.49 75.11
CA SER K 1001 -43.82 3.07 74.73
C SER K 1001 -44.38 2.15 75.82
N MET K 1002 -44.09 2.41 77.09
CA MET K 1002 -44.58 1.57 78.20
C MET K 1002 -46.11 1.76 78.36
N CYS K 1003 -46.67 2.89 77.92
CA CYS K 1003 -48.13 3.18 77.98
C CYS K 1003 -48.90 2.33 76.93
N GLN K 1004 -48.21 1.81 75.90
CA GLN K 1004 -48.73 1.02 74.75
C GLN K 1004 -48.41 -0.47 74.92
N ASN K 1005 -47.80 -0.87 76.04
CA ASN K 1005 -47.49 -2.27 76.38
C ASN K 1005 -48.79 -3.03 76.54
N PRO K 1006 -49.06 -4.12 75.79
CA PRO K 1006 -50.30 -4.87 75.97
C PRO K 1006 -50.30 -5.91 77.12
N MET K 1007 -49.17 -6.17 77.79
CA MET K 1007 -49.04 -7.13 78.93
C MET K 1007 -49.19 -6.39 80.28
N GLN K 1008 -50.09 -5.42 80.33
CA GLN K 1008 -50.12 -4.33 81.34
C GLN K 1008 -51.54 -3.79 81.39
N LYS K 1009 -52.11 -3.58 82.57
CA LYS K 1009 -53.46 -2.98 82.65
C LYS K 1009 -53.35 -1.59 82.04
N PRO K 1010 -54.23 -1.24 81.09
CA PRO K 1010 -54.18 0.09 80.49
C PRO K 1010 -54.15 1.17 81.57
N VAL K 1011 -53.37 2.18 81.26
CA VAL K 1011 -52.73 3.08 82.24
C VAL K 1011 -53.76 4.15 82.56
N PRO K 1012 -53.99 4.53 83.83
CA PRO K 1012 -55.20 5.25 84.22
C PRO K 1012 -55.08 6.76 84.04
N PHE K 1013 -54.76 7.19 82.82
CA PHE K 1013 -54.49 8.60 82.42
C PHE K 1013 -54.21 8.70 80.92
N VAL K 1014 -54.31 9.93 80.40
CA VAL K 1014 -53.99 10.31 78.99
C VAL K 1014 -52.64 10.99 79.00
N PRO K 1015 -51.57 10.35 78.51
CA PRO K 1015 -50.23 10.96 78.53
C PRO K 1015 -49.89 11.83 77.30
N VAL K 1016 -50.69 11.83 76.23
CA VAL K 1016 -50.41 12.70 75.05
C VAL K 1016 -51.67 12.94 74.22
N LEU K 1017 -51.79 14.14 73.59
CA LEU K 1017 -52.77 14.42 72.48
C LEU K 1017 -52.12 14.26 71.11
N ASP K 1018 -52.34 13.11 70.46
CA ASP K 1018 -51.87 12.77 69.09
C ASP K 1018 -52.99 12.01 68.38
N ARG K 1019 -52.68 11.26 67.32
CA ARG K 1019 -53.63 10.42 66.55
C ARG K 1019 -54.25 9.36 67.45
N ARG K 1020 -53.50 8.82 68.42
CA ARG K 1020 -53.91 7.68 69.28
C ARG K 1020 -54.85 8.12 70.43
N PHE K 1021 -55.51 9.27 70.33
CA PHE K 1021 -56.22 9.91 71.48
C PHE K 1021 -57.54 9.17 71.72
N GLU K 1022 -58.24 8.72 70.67
CA GLU K 1022 -59.55 8.04 70.81
C GLU K 1022 -59.34 6.71 71.56
N ILE K 1023 -58.24 6.03 71.30
CA ILE K 1023 -57.84 4.79 72.02
C ILE K 1023 -57.54 5.17 73.47
N PHE K 1024 -56.60 6.07 73.74
CA PHE K 1024 -56.18 6.42 75.14
C PHE K 1024 -57.38 6.81 76.02
N PHE K 1025 -58.30 7.57 75.45
CA PHE K 1025 -59.52 8.14 76.10
C PHE K 1025 -60.54 7.06 76.45
N LYS K 1026 -60.60 5.94 75.71
CA LYS K 1026 -61.74 4.98 75.71
C LYS K 1026 -61.35 3.61 76.26
N LYS K 1027 -60.25 3.05 75.78
CA LYS K 1027 -59.51 1.88 76.35
C LYS K 1027 -59.79 1.74 77.85
N ASP K 1028 -60.40 0.62 78.26
CA ASP K 1028 -60.50 0.16 79.67
C ASP K 1028 -61.35 1.16 80.48
N SER K 1029 -62.62 1.28 80.09
CA SER K 1029 -63.58 2.31 80.58
C SER K 1029 -64.60 1.76 81.58
N LEU K 1030 -64.64 0.46 81.87
CA LEU K 1030 -65.80 -0.18 82.54
C LEU K 1030 -65.50 -0.62 83.98
N TRP K 1031 -64.25 -0.70 84.42
CA TRP K 1031 -63.89 -1.23 85.76
C TRP K 1031 -64.03 -0.18 86.86
N GLN K 1032 -64.06 1.12 86.53
CA GLN K 1032 -63.82 2.22 87.51
C GLN K 1032 -65.02 2.28 88.47
N SER K 1033 -66.25 2.13 87.98
CA SER K 1033 -67.50 2.08 88.79
C SER K 1033 -67.35 1.09 89.97
N GLU K 1034 -66.80 -0.10 89.71
CA GLU K 1034 -66.58 -1.16 90.74
C GLU K 1034 -65.54 -0.71 91.79
N HIS K 1035 -64.63 0.20 91.44
CA HIS K 1035 -63.44 0.54 92.28
C HIS K 1035 -63.20 2.05 92.28
N LEU K 1036 -63.98 2.80 93.05
CA LEU K 1036 -63.85 4.28 93.10
C LEU K 1036 -62.64 4.66 93.95
N GLU K 1037 -62.19 3.78 94.85
CA GLU K 1037 -60.97 4.01 95.67
C GLU K 1037 -59.80 4.44 94.77
N ALA K 1038 -59.72 3.94 93.54
CA ALA K 1038 -58.59 4.11 92.61
C ALA K 1038 -58.90 5.09 91.48
N VAL K 1039 -59.93 5.91 91.63
CA VAL K 1039 -60.26 7.03 90.68
C VAL K 1039 -59.90 8.32 91.42
N VAL K 1040 -59.72 9.42 90.68
CA VAL K 1040 -59.07 10.69 91.16
C VAL K 1040 -59.67 11.13 92.51
N ASP K 1041 -60.90 11.65 92.57
CA ASP K 1041 -61.50 12.20 93.81
C ASP K 1041 -62.47 11.20 94.44
N GLN K 1042 -62.24 9.89 94.26
CA GLN K 1042 -63.21 8.81 94.62
C GLN K 1042 -64.59 9.13 94.03
N ASP K 1043 -64.64 9.64 92.79
CA ASP K 1043 -65.78 10.45 92.26
C ASP K 1043 -66.54 9.72 91.17
N VAL K 1044 -67.68 9.12 91.51
CA VAL K 1044 -68.67 8.51 90.58
C VAL K 1044 -68.67 9.26 89.25
N GLN K 1045 -68.65 10.58 89.33
CA GLN K 1045 -69.15 11.49 88.28
C GLN K 1045 -68.11 11.60 87.15
N ARG K 1046 -66.92 11.00 87.33
CA ARG K 1046 -65.89 10.80 86.28
C ARG K 1046 -66.21 9.58 85.42
N THR K 1047 -66.95 8.64 85.99
CA THR K 1047 -66.94 7.19 85.66
C THR K 1047 -67.96 6.90 84.55
N CYS K 1048 -67.82 5.76 83.87
CA CYS K 1048 -68.88 5.12 83.02
C CYS K 1048 -69.62 4.10 83.87
N ILE K 1049 -70.94 4.25 83.99
CA ILE K 1049 -71.85 3.23 84.58
C ILE K 1049 -72.86 2.84 83.50
N LEU K 1050 -72.78 1.62 82.98
CA LEU K 1050 -73.71 1.13 81.92
C LEU K 1050 -75.07 0.81 82.57
N HIS K 1051 -76.16 1.19 81.93
CA HIS K 1051 -77.53 1.10 82.52
C HIS K 1051 -78.54 1.37 81.41
N GLY K 1052 -79.76 0.88 81.54
CA GLY K 1052 -80.79 1.02 80.49
C GLY K 1052 -81.80 2.11 80.83
N PRO K 1053 -82.20 2.91 79.83
CA PRO K 1053 -83.12 4.01 80.06
C PRO K 1053 -84.42 3.50 80.69
N VAL K 1054 -85.01 2.47 80.11
CA VAL K 1054 -86.36 1.96 80.48
C VAL K 1054 -86.27 1.23 81.82
N ALA K 1055 -85.24 0.43 82.02
CA ALA K 1055 -85.11 -0.41 83.22
C ALA K 1055 -84.81 0.43 84.45
N ALA K 1056 -84.41 1.69 84.27
CA ALA K 1056 -83.95 2.60 85.35
C ALA K 1056 -85.11 3.04 86.23
N GLN K 1057 -86.36 2.91 85.77
CA GLN K 1057 -87.56 3.32 86.55
C GLN K 1057 -87.93 2.28 87.61
N PHE K 1058 -87.17 1.19 87.73
CA PHE K 1058 -87.42 0.10 88.73
C PHE K 1058 -86.22 -0.05 89.68
N THR K 1059 -85.05 0.48 89.32
CA THR K 1059 -83.83 0.57 90.18
C THR K 1059 -83.98 1.71 91.19
N LYS K 1060 -84.43 1.41 92.41
CA LYS K 1060 -84.73 2.43 93.45
C LYS K 1060 -84.17 2.04 94.83
N VAL K 1061 -84.29 0.79 95.25
CA VAL K 1061 -83.86 0.32 96.60
C VAL K 1061 -82.40 -0.14 96.51
N ILE K 1062 -81.49 0.51 97.23
CA ILE K 1062 -80.04 0.17 97.26
C ILE K 1062 -79.81 -1.00 98.25
N ASP K 1063 -78.86 -1.87 97.90
CA ASP K 1063 -78.31 -3.01 98.70
C ASP K 1063 -79.43 -3.95 99.14
N GLU K 1064 -80.45 -4.12 98.29
CA GLU K 1064 -81.52 -5.15 98.43
C GLU K 1064 -80.88 -6.48 98.09
N PRO K 1065 -80.94 -7.54 98.93
CA PRO K 1065 -80.24 -8.79 98.60
C PRO K 1065 -80.78 -9.39 97.30
N ILE K 1066 -79.89 -9.98 96.48
CA ILE K 1066 -80.22 -10.57 95.14
C ILE K 1066 -81.30 -11.64 95.26
N LYS K 1067 -81.30 -12.41 96.34
CA LYS K 1067 -82.38 -13.38 96.67
C LYS K 1067 -83.71 -12.61 96.65
N SER K 1068 -83.81 -11.53 97.42
CA SER K 1068 -85.06 -10.76 97.66
C SER K 1068 -85.59 -10.10 96.38
N ILE K 1069 -84.71 -9.69 95.45
CA ILE K 1069 -85.14 -9.09 94.14
C ILE K 1069 -85.83 -10.17 93.35
N MET K 1070 -85.06 -11.21 93.01
CA MET K 1070 -85.43 -12.30 92.07
C MET K 1070 -86.64 -13.07 92.61
N ASP K 1071 -86.61 -13.51 93.88
CA ASP K 1071 -87.78 -14.10 94.58
C ASP K 1071 -88.98 -13.15 94.52
N GLY K 1072 -88.75 -11.84 94.65
CA GLY K 1072 -89.80 -10.81 94.62
C GLY K 1072 -90.54 -10.81 93.30
N ILE K 1073 -89.83 -11.09 92.20
CA ILE K 1073 -90.40 -11.11 90.83
C ILE K 1073 -91.11 -12.44 90.64
N HIS K 1074 -90.43 -13.53 90.96
CA HIS K 1074 -90.92 -14.92 90.80
C HIS K 1074 -92.19 -15.11 91.62
N ASP K 1075 -92.20 -14.66 92.87
CA ASP K 1075 -93.40 -14.75 93.75
C ASP K 1075 -94.49 -13.85 93.18
N GLY K 1076 -94.14 -12.67 92.70
CA GLY K 1076 -95.08 -11.72 92.08
C GLY K 1076 -95.86 -12.32 90.92
N HIS K 1077 -95.21 -13.16 90.11
CA HIS K 1077 -95.81 -13.94 88.99
C HIS K 1077 -96.76 -15.02 89.54
N ILE K 1078 -96.37 -15.75 90.58
CA ILE K 1078 -97.13 -16.87 91.21
C ILE K 1078 -98.44 -16.28 91.75
N LYS K 1079 -98.32 -15.24 92.58
CA LYS K 1079 -99.43 -14.41 93.11
C LYS K 1079 -100.47 -14.21 92.00
N LYS K 1080 -100.03 -13.68 90.85
CA LYS K 1080 -100.90 -13.22 89.73
C LYS K 1080 -101.43 -14.41 88.94
N LEU K 1081 -100.60 -15.43 88.76
CA LEU K 1081 -100.89 -16.63 87.94
C LEU K 1081 -101.89 -17.50 88.69
N LEU K 1082 -101.81 -17.50 90.02
CA LEU K 1082 -102.73 -18.22 90.93
C LEU K 1082 -104.12 -17.57 90.87
N HIS K 1083 -104.17 -16.23 90.88
CA HIS K 1083 -105.44 -15.46 90.92
C HIS K 1083 -106.21 -15.58 89.60
N GLN K 1084 -105.54 -15.50 88.44
CA GLN K 1084 -106.21 -15.68 87.11
C GLN K 1084 -106.71 -17.12 86.99
N TYR K 1085 -105.77 -18.07 86.95
CA TYR K 1085 -105.95 -19.40 86.31
C TYR K 1085 -106.22 -20.52 87.33
N TYR K 1086 -106.03 -20.31 88.63
CA TYR K 1086 -106.25 -21.34 89.68
C TYR K 1086 -107.25 -20.88 90.76
N GLY K 1087 -107.83 -19.68 90.64
CA GLY K 1087 -108.79 -19.11 91.62
C GLY K 1087 -108.26 -19.13 93.05
N ASP K 1088 -107.08 -18.54 93.27
CA ASP K 1088 -106.45 -18.25 94.60
C ASP K 1088 -106.42 -19.49 95.51
N ASP K 1089 -106.25 -20.70 94.94
CA ASP K 1089 -106.31 -21.99 95.66
C ASP K 1089 -105.05 -22.80 95.32
N GLU K 1090 -104.15 -22.99 96.29
CA GLU K 1090 -102.86 -23.70 96.06
C GLU K 1090 -103.09 -25.20 95.86
N SER K 1091 -104.20 -25.74 96.36
CA SER K 1091 -104.60 -27.17 96.21
C SER K 1091 -104.69 -27.58 94.74
N LYS K 1092 -105.06 -26.65 93.85
CA LYS K 1092 -105.31 -26.92 92.41
C LYS K 1092 -103.99 -26.88 91.61
N ILE K 1093 -102.84 -26.68 92.26
CA ILE K 1093 -101.52 -26.71 91.58
C ILE K 1093 -101.07 -28.17 91.52
N PRO K 1094 -100.86 -28.75 90.32
CA PRO K 1094 -100.43 -30.15 90.22
C PRO K 1094 -99.02 -30.31 90.81
N ALA K 1095 -98.84 -31.28 91.71
CA ALA K 1095 -97.57 -31.60 92.38
C ALA K 1095 -96.84 -32.68 91.60
N VAL K 1096 -95.52 -32.58 91.60
CA VAL K 1096 -94.56 -33.54 91.00
C VAL K 1096 -93.51 -33.85 92.08
N GLU K 1097 -92.66 -34.87 91.89
CA GLU K 1097 -91.57 -35.18 92.85
C GLU K 1097 -90.46 -34.14 92.67
N TYR K 1098 -89.84 -34.07 91.49
CA TYR K 1098 -88.78 -33.08 91.17
C TYR K 1098 -89.15 -32.34 89.88
N PHE K 1099 -88.91 -31.04 89.83
CA PHE K 1099 -89.22 -30.20 88.64
C PHE K 1099 -87.94 -29.93 87.87
N GLY K 1100 -87.84 -30.40 86.61
CA GLY K 1100 -86.71 -30.08 85.70
C GLY K 1100 -86.35 -31.19 84.70
N GLY K 1101 -85.38 -30.89 83.83
CA GLY K 1101 -84.76 -31.81 82.86
C GLY K 1101 -85.77 -32.42 81.90
N GLU K 1102 -86.65 -31.61 81.32
CA GLU K 1102 -87.62 -32.03 80.27
C GLU K 1102 -87.28 -31.24 79.01
N SER K 1103 -86.49 -31.84 78.11
CA SER K 1103 -86.11 -31.22 76.83
C SER K 1103 -87.38 -30.69 76.19
N PRO K 1104 -87.35 -29.46 75.63
CA PRO K 1104 -88.56 -28.85 75.07
C PRO K 1104 -89.03 -29.42 73.72
N VAL K 1105 -88.47 -30.55 73.26
CA VAL K 1105 -88.74 -31.12 71.91
C VAL K 1105 -90.00 -32.01 71.92
N ASP K 1106 -90.41 -32.61 73.05
CA ASP K 1106 -91.34 -33.79 73.05
C ASP K 1106 -92.72 -33.49 73.67
N SER K 1111 -99.18 -47.39 82.57
CA SER K 1111 -99.31 -47.76 84.00
C SER K 1111 -99.35 -49.30 84.15
N GLU K 1112 -98.20 -49.97 83.95
CA GLU K 1112 -98.06 -51.47 83.98
C GLU K 1112 -97.12 -51.86 85.14
N ASP K 1113 -97.60 -52.74 86.04
CA ASP K 1113 -96.94 -53.13 87.34
C ASP K 1113 -95.66 -53.92 87.04
N SER K 1114 -95.80 -55.13 86.49
CA SER K 1114 -94.70 -56.10 86.22
C SER K 1114 -94.51 -56.24 84.71
N ALA K 1115 -93.45 -55.63 84.16
CA ALA K 1115 -93.15 -55.56 82.71
C ALA K 1115 -91.85 -56.32 82.41
N VAL K 1116 -91.59 -56.59 81.12
CA VAL K 1116 -90.35 -57.23 80.60
C VAL K 1116 -90.04 -56.63 79.22
N PHE K 1117 -88.82 -56.15 79.02
CA PHE K 1117 -88.37 -55.46 77.79
C PHE K 1117 -87.18 -56.22 77.23
N LYS K 1118 -87.33 -56.85 76.06
CA LYS K 1118 -86.27 -57.58 75.35
C LYS K 1118 -85.71 -56.66 74.26
N ALA K 1119 -84.51 -56.15 74.45
CA ALA K 1119 -83.79 -55.35 73.43
C ALA K 1119 -83.34 -56.29 72.32
N THR K 1120 -83.50 -55.83 71.08
CA THR K 1120 -82.88 -56.38 69.85
C THR K 1120 -81.76 -55.41 69.44
N SER K 1121 -81.11 -55.67 68.30
CA SER K 1121 -80.00 -54.83 67.76
C SER K 1121 -80.57 -53.64 66.96
N SER K 1122 -81.89 -53.61 66.74
CA SER K 1122 -82.64 -52.48 66.13
C SER K 1122 -83.06 -51.45 67.20
N THR K 1123 -83.61 -51.89 68.35
CA THR K 1123 -84.34 -51.04 69.35
C THR K 1123 -83.70 -49.66 69.48
N ASP K 1124 -84.50 -48.61 69.25
CA ASP K 1124 -84.13 -47.18 69.42
C ASP K 1124 -83.84 -46.93 70.90
N GLU K 1125 -82.77 -46.20 71.20
CA GLU K 1125 -82.33 -45.85 72.58
C GLU K 1125 -83.45 -45.10 73.32
N GLU K 1126 -84.04 -44.07 72.72
CA GLU K 1126 -85.03 -43.20 73.42
C GLU K 1126 -86.29 -44.00 73.74
N SER K 1127 -86.89 -44.71 72.78
CA SER K 1127 -88.01 -45.66 73.02
C SER K 1127 -87.68 -46.53 74.24
N TRP K 1128 -86.45 -47.05 74.29
CA TRP K 1128 -85.93 -48.01 75.30
C TRP K 1128 -85.89 -47.35 76.69
N PHE K 1129 -85.29 -46.16 76.83
CA PHE K 1129 -85.09 -45.46 78.13
C PHE K 1129 -86.43 -44.90 78.63
N LYS K 1130 -87.26 -44.35 77.73
CA LYS K 1130 -88.64 -43.89 78.05
C LYS K 1130 -89.39 -45.01 78.76
N ALA K 1131 -89.25 -46.25 78.25
CA ALA K 1131 -90.02 -47.43 78.72
C ALA K 1131 -89.61 -47.82 80.14
N LEU K 1132 -88.32 -47.78 80.45
CA LEU K 1132 -87.73 -48.17 81.77
C LEU K 1132 -88.18 -47.17 82.85
N ALA K 1133 -87.98 -45.89 82.56
CA ALA K 1133 -88.38 -44.73 83.40
C ALA K 1133 -89.89 -44.76 83.69
N GLY K 1134 -90.69 -45.21 82.73
CA GLY K 1134 -92.16 -45.17 82.80
C GLY K 1134 -92.68 -43.75 82.72
N SER K 1135 -93.90 -43.56 83.22
CA SER K 1135 -94.72 -42.33 83.08
C SER K 1135 -94.48 -41.43 84.29
N GLU K 1136 -94.71 -41.94 85.50
CA GLU K 1136 -94.58 -41.17 86.77
C GLU K 1136 -93.21 -40.50 86.87
N ILE K 1137 -93.11 -39.35 87.54
CA ILE K 1137 -91.82 -38.65 87.81
C ILE K 1137 -91.37 -38.95 89.24
N ASN K 1138 -90.39 -39.85 89.37
CA ASN K 1138 -89.82 -40.43 90.61
C ASN K 1138 -88.35 -40.76 90.34
N TRP K 1139 -87.68 -41.45 91.25
CA TRP K 1139 -86.23 -41.80 91.13
C TRP K 1139 -85.95 -42.57 89.84
N ARG K 1140 -86.82 -43.49 89.47
CA ARG K 1140 -86.59 -44.36 88.30
C ARG K 1140 -86.57 -43.46 87.05
N HIS K 1141 -87.44 -42.45 87.00
CA HIS K 1141 -87.53 -41.50 85.87
C HIS K 1141 -86.19 -40.76 85.75
N ALA K 1142 -85.68 -40.29 86.89
CA ALA K 1142 -84.40 -39.56 86.99
C ALA K 1142 -83.25 -40.51 86.63
N SER K 1143 -83.26 -41.72 87.18
CA SER K 1143 -82.23 -42.76 86.94
C SER K 1143 -81.99 -42.95 85.43
N PHE K 1144 -83.02 -42.96 84.59
CA PHE K 1144 -82.90 -43.38 83.18
C PHE K 1144 -83.00 -42.23 82.17
N LEU K 1145 -83.37 -41.02 82.58
CA LEU K 1145 -83.55 -39.90 81.61
C LEU K 1145 -82.62 -38.75 81.93
N CYS K 1146 -82.48 -38.38 83.20
CA CYS K 1146 -81.42 -37.48 83.73
C CYS K 1146 -80.13 -37.68 82.91
N SER K 1147 -79.74 -36.66 82.14
CA SER K 1147 -78.68 -36.70 81.11
C SER K 1147 -77.33 -36.97 81.78
N PHE K 1148 -77.07 -36.31 82.91
CA PHE K 1148 -75.90 -36.60 83.76
C PHE K 1148 -76.25 -36.49 85.25
N ILE K 1149 -75.31 -36.93 86.07
CA ILE K 1149 -75.39 -36.96 87.56
C ILE K 1149 -74.22 -36.16 88.08
N THR K 1150 -74.20 -35.95 89.40
CA THR K 1150 -73.28 -35.05 90.11
C THR K 1150 -72.34 -35.89 90.97
N GLN K 1151 -71.03 -35.79 90.75
CA GLN K 1151 -69.98 -36.27 91.70
C GLN K 1151 -69.32 -35.05 92.37
N ASP K 1152 -69.50 -34.90 93.69
CA ASP K 1152 -69.10 -33.70 94.48
C ASP K 1152 -69.73 -32.46 93.82
N LYS K 1153 -68.96 -31.68 93.05
CA LYS K 1153 -69.48 -30.51 92.30
C LYS K 1153 -69.53 -30.81 90.79
N MET K 1154 -68.85 -31.86 90.33
CA MET K 1154 -68.64 -32.17 88.89
C MET K 1154 -69.89 -32.85 88.29
N PHE K 1155 -70.01 -32.90 86.97
CA PHE K 1155 -71.19 -33.39 86.20
C PHE K 1155 -70.74 -34.46 85.20
N VAL K 1156 -70.66 -35.68 85.70
CA VAL K 1156 -70.30 -36.91 84.94
C VAL K 1156 -71.56 -37.39 84.21
N SER K 1157 -71.44 -37.79 82.93
CA SER K 1157 -72.41 -38.66 82.20
C SER K 1157 -73.08 -39.66 83.14
N ASN K 1158 -74.39 -39.88 82.95
CA ASN K 1158 -75.21 -40.82 83.76
C ASN K 1158 -74.70 -42.23 83.54
N PRO K 1159 -74.15 -42.89 84.58
CA PRO K 1159 -73.70 -44.28 84.46
C PRO K 1159 -74.84 -45.29 84.27
N ILE K 1160 -75.96 -45.09 84.98
CA ILE K 1160 -77.15 -45.97 84.89
C ILE K 1160 -77.60 -46.06 83.43
N ARG K 1161 -77.49 -44.98 82.70
CA ARG K 1161 -77.91 -44.95 81.30
C ARG K 1161 -76.89 -45.76 80.48
N LYS K 1162 -75.58 -45.63 80.76
CA LYS K 1162 -74.50 -46.34 80.00
C LYS K 1162 -74.66 -47.85 80.13
N VAL K 1163 -74.84 -48.34 81.36
CA VAL K 1163 -75.00 -49.77 81.70
C VAL K 1163 -76.20 -50.37 80.96
N PHE K 1164 -77.36 -49.72 81.00
CA PHE K 1164 -78.59 -50.22 80.35
C PHE K 1164 -78.68 -49.87 78.85
N LYS K 1165 -77.67 -49.22 78.26
CA LYS K 1165 -77.65 -48.93 76.79
C LYS K 1165 -77.92 -50.22 76.04
N PRO K 1166 -78.96 -50.27 75.19
CA PRO K 1166 -79.51 -51.53 74.72
C PRO K 1166 -78.70 -52.14 73.58
N SER K 1167 -78.53 -53.46 73.65
CA SER K 1167 -77.88 -54.33 72.65
C SER K 1167 -78.47 -55.73 72.76
N GLN K 1168 -78.41 -56.52 71.67
CA GLN K 1168 -79.00 -57.88 71.57
C GLN K 1168 -78.60 -58.74 72.79
N GLY K 1169 -79.56 -59.49 73.33
CA GLY K 1169 -79.35 -60.43 74.46
C GLY K 1169 -79.85 -59.87 75.78
N MET K 1170 -79.91 -58.54 75.91
CA MET K 1170 -80.29 -57.85 77.17
C MET K 1170 -81.79 -58.03 77.41
N VAL K 1171 -82.15 -58.23 78.68
CA VAL K 1171 -83.54 -58.49 79.14
C VAL K 1171 -83.73 -57.81 80.50
N VAL K 1172 -84.47 -56.70 80.51
CA VAL K 1172 -84.87 -55.99 81.75
C VAL K 1172 -86.17 -56.61 82.26
N GLU K 1173 -86.30 -56.73 83.57
CA GLU K 1173 -87.56 -57.05 84.26
C GLU K 1173 -87.79 -55.97 85.32
N ILE K 1174 -88.95 -55.33 85.32
CA ILE K 1174 -89.36 -54.31 86.32
C ILE K 1174 -90.48 -54.91 87.17
N SER K 1175 -90.25 -55.06 88.48
CA SER K 1175 -91.22 -55.57 89.47
C SER K 1175 -91.67 -54.42 90.39
N ASN K 1176 -92.97 -54.35 90.69
CA ASN K 1176 -93.60 -53.29 91.55
C ASN K 1176 -93.39 -51.92 90.90
N GLY K 1177 -93.57 -51.81 89.58
CA GLY K 1177 -93.37 -50.56 88.81
C GLY K 1177 -94.35 -49.45 89.17
N ASN K 1178 -95.53 -49.79 89.72
CA ASN K 1178 -96.59 -48.83 90.14
C ASN K 1178 -96.56 -48.65 91.67
N THR K 1179 -95.38 -48.44 92.24
CA THR K 1179 -95.14 -48.03 93.66
C THR K 1179 -93.62 -47.81 93.85
N SER K 1180 -93.13 -46.59 93.58
CA SER K 1180 -91.68 -46.23 93.47
C SER K 1180 -90.89 -46.78 94.67
N SER K 1181 -91.40 -46.58 95.89
CA SER K 1181 -90.87 -47.14 97.16
C SER K 1181 -90.19 -48.49 96.93
N LYS K 1182 -90.88 -49.43 96.27
CA LYS K 1182 -90.55 -50.88 96.19
C LYS K 1182 -90.02 -51.30 94.81
N THR K 1183 -90.15 -50.47 93.78
CA THR K 1183 -89.76 -50.80 92.38
C THR K 1183 -88.36 -51.41 92.35
N VAL K 1184 -88.16 -52.44 91.53
CA VAL K 1184 -86.85 -53.11 91.32
C VAL K 1184 -86.70 -53.41 89.83
N VAL K 1185 -85.96 -52.58 89.11
CA VAL K 1185 -85.49 -52.93 87.73
C VAL K 1185 -84.31 -53.88 87.90
N THR K 1186 -84.14 -54.82 86.95
CA THR K 1186 -83.23 -55.99 87.03
C THR K 1186 -82.82 -56.40 85.62
N LEU K 1187 -81.65 -55.96 85.17
CA LEU K 1187 -81.06 -56.36 83.84
C LEU K 1187 -80.55 -57.79 83.94
N SER K 1188 -80.82 -58.60 82.90
CA SER K 1188 -80.31 -60.00 82.75
C SER K 1188 -79.69 -60.17 81.36
N GLU K 1189 -78.52 -60.82 81.30
CA GLU K 1189 -77.74 -61.03 80.06
C GLU K 1189 -77.37 -62.51 79.95
N PRO K 1190 -76.92 -62.97 78.76
CA PRO K 1190 -76.30 -64.28 78.62
C PRO K 1190 -74.89 -64.31 79.25
N VAL K 1191 -74.66 -65.24 80.17
CA VAL K 1191 -73.37 -65.47 80.89
C VAL K 1191 -73.08 -66.97 80.83
N GLN K 1192 -72.23 -67.39 79.89
CA GLN K 1192 -71.86 -68.80 79.63
C GLN K 1192 -73.13 -69.56 79.20
N GLY K 1193 -73.81 -69.06 78.15
CA GLY K 1193 -75.01 -69.67 77.55
C GLY K 1193 -76.29 -69.35 78.31
N GLU K 1194 -76.38 -69.79 79.56
CA GLU K 1194 -77.53 -69.58 80.48
C GLU K 1194 -77.60 -68.11 80.92
N LEU K 1195 -78.81 -67.58 81.12
CA LEU K 1195 -79.12 -66.12 81.24
C LEU K 1195 -79.38 -65.76 82.72
N LYS K 1196 -78.60 -64.82 83.26
CA LYS K 1196 -78.47 -64.55 84.72
C LYS K 1196 -78.63 -63.05 85.00
N PRO K 1197 -79.05 -62.67 86.23
CA PRO K 1197 -79.05 -61.27 86.65
C PRO K 1197 -77.63 -60.68 86.73
N THR K 1198 -77.46 -59.44 86.25
CA THR K 1198 -76.17 -58.71 86.16
C THR K 1198 -76.22 -57.32 86.81
N VAL K 1199 -77.36 -56.62 86.77
CA VAL K 1199 -77.57 -55.27 87.38
C VAL K 1199 -78.92 -55.27 88.11
N ILE K 1200 -79.03 -54.55 89.23
CA ILE K 1200 -80.27 -54.42 90.04
C ILE K 1200 -80.37 -52.99 90.63
N LEU K 1201 -81.23 -52.15 90.05
CA LEU K 1201 -81.60 -50.81 90.58
C LEU K 1201 -82.70 -50.91 91.64
N LYS K 1202 -82.65 -50.08 92.67
CA LYS K 1202 -83.75 -49.97 93.68
C LYS K 1202 -83.44 -48.91 94.75
N LEU K 1203 -84.41 -48.67 95.63
CA LEU K 1203 -84.26 -47.85 96.86
C LEU K 1203 -83.85 -48.76 98.01
N LEU K 1204 -82.87 -48.32 98.80
CA LEU K 1204 -82.58 -48.91 100.15
C LEU K 1204 -83.34 -48.07 101.19
N LYS K 1205 -82.62 -47.16 101.86
CA LYS K 1205 -83.14 -45.99 102.60
C LYS K 1205 -83.90 -45.11 101.58
N GLU K 1206 -84.60 -44.07 102.07
CA GLU K 1206 -85.65 -43.33 101.32
C GLU K 1206 -85.05 -42.41 100.24
N ASN K 1207 -83.77 -42.07 100.30
CA ASN K 1207 -83.13 -41.17 99.29
C ASN K 1207 -81.79 -41.74 98.82
N ILE K 1208 -81.65 -43.07 98.81
CA ILE K 1208 -80.46 -43.78 98.27
C ILE K 1208 -80.93 -44.73 97.16
N ILE K 1209 -80.30 -44.64 95.98
CA ILE K 1209 -80.48 -45.58 94.85
C ILE K 1209 -79.28 -46.51 94.87
N GLN K 1210 -79.47 -47.81 95.16
CA GLN K 1210 -78.42 -48.85 94.98
C GLN K 1210 -78.50 -49.38 93.54
N MET K 1211 -77.36 -49.44 92.86
CA MET K 1211 -77.19 -50.12 91.55
C MET K 1211 -76.14 -51.22 91.74
N GLU K 1212 -76.57 -52.33 92.33
CA GLU K 1212 -75.80 -53.59 92.51
C GLU K 1212 -75.38 -54.11 91.13
N MET K 1213 -74.09 -54.00 90.78
CA MET K 1213 -73.48 -54.56 89.54
C MET K 1213 -72.87 -55.91 89.91
N ILE K 1214 -73.26 -56.97 89.22
CA ILE K 1214 -73.00 -58.37 89.65
C ILE K 1214 -71.98 -58.99 88.69
N GLU K 1215 -70.98 -59.69 89.24
CA GLU K 1215 -70.10 -60.58 88.45
C GLU K 1215 -70.43 -62.03 88.79
N ASN K 1216 -70.63 -62.85 87.75
CA ASN K 1216 -71.08 -64.26 87.84
C ASN K 1216 -69.89 -65.22 87.63
N ARG K 1217 -68.83 -64.77 86.92
CA ARG K 1217 -67.58 -65.52 86.62
C ARG K 1217 -66.55 -65.24 87.72
N THR K 1218 -66.67 -65.91 88.87
CA THR K 1218 -65.82 -65.69 90.07
C THR K 1218 -64.80 -66.82 90.25
N MET K 1219 -64.15 -66.88 91.41
CA MET K 1219 -63.26 -68.00 91.81
C MET K 1219 -64.12 -69.24 92.08
N ASP K 1220 -65.11 -69.13 92.98
CA ASP K 1220 -65.82 -70.29 93.59
C ASP K 1220 -67.28 -70.38 93.10
N GLY K 1221 -67.59 -69.89 91.90
CA GLY K 1221 -68.94 -69.99 91.29
C GLY K 1221 -69.96 -69.02 91.88
N LYS K 1222 -70.04 -68.94 93.22
CA LYS K 1222 -70.86 -67.95 93.99
C LYS K 1222 -70.67 -66.56 93.41
N PRO K 1223 -71.73 -65.78 93.10
CA PRO K 1223 -71.57 -64.48 92.45
C PRO K 1223 -71.18 -63.37 93.43
N VAL K 1224 -70.59 -62.28 92.91
CA VAL K 1224 -70.02 -61.13 93.67
C VAL K 1224 -70.68 -59.84 93.19
N SER K 1225 -71.10 -58.99 94.14
CA SER K 1225 -71.85 -57.71 93.92
C SER K 1225 -70.97 -56.50 94.25
N LEU K 1226 -71.06 -55.44 93.44
CA LEU K 1226 -70.49 -54.09 93.70
C LEU K 1226 -71.64 -53.11 93.95
N PRO K 1227 -72.00 -52.79 95.22
CA PRO K 1227 -73.01 -51.76 95.47
C PRO K 1227 -72.54 -50.32 95.20
N LEU K 1228 -72.80 -49.81 94.00
CA LEU K 1228 -72.69 -48.38 93.62
C LEU K 1228 -73.92 -47.63 94.16
N LEU K 1229 -73.74 -46.74 95.13
CA LEU K 1229 -74.83 -45.97 95.78
C LEU K 1229 -74.90 -44.56 95.19
N TYR K 1230 -76.11 -44.04 95.01
CA TYR K 1230 -76.42 -42.65 94.57
C TYR K 1230 -77.44 -42.04 95.52
N ASN K 1231 -77.28 -40.76 95.88
CA ASN K 1231 -78.31 -39.96 96.57
C ASN K 1231 -79.31 -39.47 95.54
N PHE K 1232 -80.60 -39.52 95.87
CA PHE K 1232 -81.70 -38.91 95.08
C PHE K 1232 -82.26 -37.71 95.86
N ASN K 1233 -81.81 -36.51 95.53
CA ASN K 1233 -82.28 -35.24 96.15
C ASN K 1233 -83.23 -34.58 95.16
N PRO K 1234 -84.56 -34.63 95.38
CA PRO K 1234 -85.52 -34.09 94.41
C PRO K 1234 -85.69 -32.56 94.44
N ASP K 1235 -85.06 -31.85 95.39
CA ASP K 1235 -85.06 -30.36 95.45
C ASP K 1235 -84.07 -29.76 94.46
N ASN K 1236 -83.12 -30.55 93.94
CA ASN K 1236 -82.26 -30.17 92.80
C ASN K 1236 -82.87 -30.80 91.55
N GLY K 1237 -83.83 -30.13 90.94
CA GLY K 1237 -84.59 -30.63 89.80
C GLY K 1237 -83.73 -30.96 88.61
N PHE K 1238 -82.67 -30.21 88.37
CA PHE K 1238 -81.87 -30.33 87.12
C PHE K 1238 -81.03 -31.61 87.12
N ALA K 1239 -80.32 -31.85 88.23
CA ALA K 1239 -79.52 -33.06 88.48
C ALA K 1239 -79.88 -33.60 89.87
N PRO K 1240 -80.98 -34.37 89.98
CA PRO K 1240 -81.39 -34.91 91.27
C PRO K 1240 -80.61 -36.13 91.76
N ILE K 1241 -79.75 -36.72 90.93
CA ILE K 1241 -78.93 -37.90 91.28
C ILE K 1241 -77.48 -37.46 91.40
N SER K 1242 -76.86 -37.81 92.52
CA SER K 1242 -75.43 -37.55 92.86
C SER K 1242 -74.82 -38.80 93.49
N GLU K 1243 -73.65 -39.25 92.99
CA GLU K 1243 -72.95 -40.46 93.48
C GLU K 1243 -72.49 -40.25 94.91
N VAL K 1244 -72.68 -41.23 95.79
CA VAL K 1244 -72.07 -41.28 97.15
C VAL K 1244 -70.59 -41.62 96.97
N MET K 1245 -69.68 -40.68 97.27
CA MET K 1245 -68.23 -40.81 96.97
C MET K 1245 -67.43 -41.16 98.24
N GLU K 1246 -68.06 -41.31 99.40
CA GLU K 1246 -67.38 -41.76 100.65
C GLU K 1246 -67.31 -43.29 100.62
N ASP K 1247 -66.10 -43.84 100.70
CA ASP K 1247 -65.83 -45.30 100.70
C ASP K 1247 -66.08 -45.90 99.30
N ARG K 1248 -66.26 -45.11 98.24
CA ARG K 1248 -66.49 -45.67 96.89
C ARG K 1248 -65.32 -46.56 96.51
N ASN K 1249 -64.09 -46.12 96.76
CA ASN K 1249 -62.86 -46.86 96.37
C ASN K 1249 -62.68 -48.08 97.30
N GLN K 1250 -62.90 -47.92 98.59
CA GLN K 1250 -63.04 -49.05 99.54
C GLN K 1250 -64.01 -50.12 98.98
N ARG K 1251 -65.23 -49.74 98.58
CA ARG K 1251 -66.30 -50.68 98.11
C ARG K 1251 -65.83 -51.41 96.85
N ILE K 1252 -65.29 -50.68 95.90
CA ILE K 1252 -64.73 -51.26 94.65
C ILE K 1252 -63.64 -52.27 95.01
N LYS K 1253 -62.73 -51.94 95.93
CA LYS K 1253 -61.62 -52.84 96.34
C LYS K 1253 -62.16 -54.07 97.08
N GLU K 1254 -63.34 -54.00 97.70
CA GLU K 1254 -63.95 -55.18 98.38
C GLU K 1254 -64.34 -56.22 97.35
N MET K 1255 -64.73 -55.77 96.16
CA MET K 1255 -65.14 -56.64 95.03
C MET K 1255 -63.89 -57.31 94.46
N TYR K 1256 -62.93 -56.53 93.97
CA TYR K 1256 -61.72 -57.06 93.28
C TYR K 1256 -60.95 -58.03 94.20
N TRP K 1257 -61.02 -57.85 95.52
CA TRP K 1257 -60.42 -58.77 96.51
C TRP K 1257 -61.10 -60.13 96.51
N LYS K 1258 -62.41 -60.19 96.28
CA LYS K 1258 -63.16 -61.48 96.22
C LYS K 1258 -62.78 -62.22 94.93
N LEU K 1259 -62.53 -61.48 93.85
CA LEU K 1259 -62.23 -62.04 92.51
C LEU K 1259 -60.75 -62.43 92.37
N TRP K 1260 -59.81 -61.67 92.96
CA TRP K 1260 -58.36 -61.87 92.74
C TRP K 1260 -57.75 -62.62 93.92
N ILE K 1261 -57.75 -62.01 95.09
CA ILE K 1261 -57.07 -62.53 96.31
C ILE K 1261 -57.94 -63.65 96.91
N ASP K 1262 -57.36 -64.57 97.68
CA ASP K 1262 -58.13 -65.58 98.46
C ASP K 1262 -57.68 -65.53 99.91
N GLU K 1263 -58.07 -64.48 100.62
CA GLU K 1263 -57.72 -64.25 102.05
C GLU K 1263 -58.88 -63.52 102.72
N PRO K 1264 -58.84 -63.33 104.06
CA PRO K 1264 -59.70 -62.34 104.71
C PRO K 1264 -59.41 -60.91 104.20
N PHE K 1265 -60.45 -60.09 104.07
CA PHE K 1265 -60.40 -58.73 103.49
C PHE K 1265 -59.86 -57.75 104.53
N ASN K 1266 -58.57 -57.38 104.38
CA ASN K 1266 -57.86 -56.42 105.26
C ASN K 1266 -56.97 -55.54 104.38
N LEU K 1267 -57.33 -54.26 104.25
CA LEU K 1267 -56.57 -53.26 103.44
C LEU K 1267 -55.55 -52.53 104.31
N ASP K 1268 -55.37 -52.93 105.58
CA ASP K 1268 -54.59 -52.19 106.60
C ASP K 1268 -53.23 -52.88 106.79
N PHE K 1269 -52.42 -52.89 105.73
CA PHE K 1269 -51.01 -53.38 105.72
C PHE K 1269 -50.15 -52.35 104.97
N ASP K 1270 -48.89 -52.18 105.38
CA ASP K 1270 -47.99 -51.11 104.89
C ASP K 1270 -47.54 -51.47 103.48
N PRO K 1271 -47.53 -50.53 102.50
CA PRO K 1271 -46.87 -50.77 101.22
C PRO K 1271 -45.38 -51.08 101.39
N ARG K 1272 -44.67 -50.40 102.29
CA ARG K 1272 -43.22 -50.63 102.55
C ARG K 1272 -42.93 -52.09 102.93
N ASP K 1273 -43.91 -52.86 103.43
CA ASP K 1273 -43.72 -54.28 103.86
C ASP K 1273 -43.64 -55.20 102.64
N VAL K 1274 -43.19 -56.44 102.86
CA VAL K 1274 -42.93 -57.50 101.84
C VAL K 1274 -44.15 -58.43 101.78
N ILE K 1275 -44.86 -58.44 100.66
CA ILE K 1275 -46.05 -59.29 100.43
C ILE K 1275 -45.57 -60.68 100.02
N LYS K 1276 -46.16 -61.75 100.57
CA LYS K 1276 -45.82 -63.15 100.17
C LYS K 1276 -47.06 -63.85 99.58
N GLY K 1277 -46.84 -64.68 98.55
CA GLY K 1277 -47.84 -65.56 97.94
C GLY K 1277 -47.86 -66.93 98.58
N LYS K 1278 -48.80 -67.78 98.17
CA LYS K 1278 -48.85 -69.23 98.52
C LYS K 1278 -47.74 -69.97 97.76
N ASP K 1279 -47.32 -71.12 98.28
CA ASP K 1279 -46.46 -72.11 97.56
C ASP K 1279 -47.32 -72.76 96.47
N PHE K 1280 -47.03 -72.43 95.21
CA PHE K 1280 -47.83 -72.84 94.01
C PHE K 1280 -47.09 -73.94 93.26
N GLU K 1281 -47.72 -75.10 93.08
CA GLU K 1281 -47.11 -76.31 92.45
C GLU K 1281 -47.50 -76.39 90.98
N ILE K 1282 -46.53 -76.25 90.08
CA ILE K 1282 -46.77 -76.29 88.61
C ILE K 1282 -47.19 -77.71 88.24
N THR K 1283 -48.17 -77.88 87.35
CA THR K 1283 -48.73 -79.20 86.98
C THR K 1283 -49.10 -79.23 85.49
N ALA K 1284 -48.91 -80.38 84.85
CA ALA K 1284 -49.02 -80.60 83.39
C ALA K 1284 -50.38 -80.10 82.90
N LYS K 1285 -51.40 -80.28 83.76
CA LYS K 1285 -52.80 -79.79 83.58
C LYS K 1285 -52.79 -78.28 83.30
N GLU K 1286 -52.14 -77.47 84.15
CA GLU K 1286 -52.20 -75.98 84.09
C GLU K 1286 -51.33 -75.46 82.94
N VAL K 1287 -50.21 -76.12 82.65
CA VAL K 1287 -49.31 -75.71 81.52
C VAL K 1287 -49.99 -76.05 80.19
N TYR K 1288 -50.78 -77.13 80.15
CA TYR K 1288 -51.63 -77.49 78.98
C TYR K 1288 -52.60 -76.32 78.76
N ASP K 1289 -53.46 -76.05 79.75
CA ASP K 1289 -54.58 -75.07 79.69
C ASP K 1289 -54.06 -73.67 79.34
N PHE K 1290 -52.93 -73.28 79.92
CA PHE K 1290 -52.32 -71.94 79.75
C PHE K 1290 -51.88 -71.74 78.30
N THR K 1291 -51.09 -72.69 77.78
CA THR K 1291 -50.45 -72.63 76.43
C THR K 1291 -51.53 -72.66 75.34
N HIS K 1292 -52.67 -73.32 75.59
CA HIS K 1292 -53.80 -73.40 74.64
C HIS K 1292 -54.57 -72.08 74.62
N ALA K 1293 -54.64 -71.38 75.76
CA ALA K 1293 -55.29 -70.07 75.89
C ALA K 1293 -54.48 -68.95 75.22
N VAL K 1294 -53.19 -69.13 74.97
CA VAL K 1294 -52.33 -68.04 74.40
C VAL K 1294 -51.86 -68.36 72.96
N GLY K 1295 -51.94 -69.62 72.53
CA GLY K 1295 -51.41 -70.07 71.22
C GLY K 1295 -49.90 -70.25 71.22
N ASN K 1296 -49.33 -70.82 72.29
CA ASN K 1296 -47.88 -71.17 72.41
C ASN K 1296 -47.72 -72.65 72.08
N ASN K 1297 -47.63 -72.99 70.78
CA ASN K 1297 -47.53 -74.39 70.29
C ASN K 1297 -46.05 -74.76 70.16
N CYS K 1298 -45.26 -74.49 71.21
CA CYS K 1298 -43.81 -74.77 71.27
C CYS K 1298 -43.64 -76.11 71.99
N GLU K 1299 -42.76 -76.96 71.46
CA GLU K 1299 -42.71 -78.38 71.82
C GLU K 1299 -42.26 -78.55 73.27
N ASP K 1300 -41.57 -77.55 73.85
CA ASP K 1300 -40.94 -77.69 75.19
C ASP K 1300 -42.02 -77.86 76.27
N PHE K 1301 -43.26 -77.46 75.98
CA PHE K 1301 -44.40 -77.38 76.94
C PHE K 1301 -45.38 -78.55 76.77
N VAL K 1302 -45.14 -79.41 75.78
CA VAL K 1302 -46.01 -80.57 75.46
C VAL K 1302 -45.43 -81.80 76.16
N SER K 1303 -46.28 -82.62 76.78
CA SER K 1303 -45.85 -83.92 77.35
C SER K 1303 -45.37 -84.75 76.17
N ARG K 1304 -44.16 -85.29 76.25
CA ARG K 1304 -43.58 -86.23 75.25
C ARG K 1304 -42.96 -87.40 75.99
N PRO K 1305 -42.80 -88.58 75.35
CA PRO K 1305 -42.15 -89.71 76.00
C PRO K 1305 -40.68 -89.37 76.29
N ASP K 1306 -40.21 -89.75 77.49
CA ASP K 1306 -38.78 -89.69 77.92
C ASP K 1306 -38.29 -88.23 77.81
N ARG K 1307 -38.95 -87.31 78.53
CA ARG K 1307 -38.68 -85.85 78.54
C ARG K 1307 -39.44 -85.17 79.68
N THR K 1308 -38.92 -84.05 80.19
CA THR K 1308 -39.56 -83.21 81.24
C THR K 1308 -40.24 -82.02 80.60
N MET K 1309 -41.49 -81.77 81.02
CA MET K 1309 -42.37 -80.69 80.50
C MET K 1309 -41.93 -79.38 81.17
N LEU K 1310 -41.46 -78.42 80.39
CA LEU K 1310 -41.15 -77.05 80.88
C LEU K 1310 -42.47 -76.28 80.98
N ALA K 1311 -42.49 -75.19 81.74
CA ALA K 1311 -43.55 -74.16 81.75
C ALA K 1311 -42.96 -72.93 81.08
N PRO K 1312 -43.76 -72.15 80.31
CA PRO K 1312 -43.25 -70.95 79.65
C PRO K 1312 -42.99 -69.88 80.70
N MET K 1313 -42.16 -68.87 80.42
CA MET K 1313 -41.80 -67.87 81.46
C MET K 1313 -43.00 -66.96 81.71
N ASP K 1314 -43.86 -66.76 80.69
CA ASP K 1314 -45.20 -66.11 80.76
C ASP K 1314 -45.99 -66.60 81.97
N PHE K 1315 -45.85 -67.88 82.27
CA PHE K 1315 -46.55 -68.62 83.35
C PHE K 1315 -46.13 -68.09 84.72
N ALA K 1316 -45.09 -67.26 84.82
CA ALA K 1316 -44.68 -66.62 86.09
C ALA K 1316 -45.85 -65.78 86.61
N ILE K 1317 -46.47 -64.97 85.75
CA ILE K 1317 -47.61 -64.08 86.13
C ILE K 1317 -48.75 -64.93 86.70
N VAL K 1318 -48.95 -66.15 86.20
CA VAL K 1318 -49.95 -67.11 86.75
C VAL K 1318 -49.61 -67.38 88.21
N VAL K 1319 -48.34 -67.65 88.50
CA VAL K 1319 -47.83 -67.96 89.87
C VAL K 1319 -47.83 -66.69 90.72
N GLY K 1320 -47.45 -65.56 90.12
CA GLY K 1320 -47.10 -64.32 90.83
C GLY K 1320 -48.27 -63.40 91.08
N TRP K 1321 -49.43 -63.65 90.46
CA TRP K 1321 -50.58 -62.69 90.45
C TRP K 1321 -51.02 -62.40 91.90
N ARG K 1322 -51.61 -63.36 92.59
CA ARG K 1322 -52.10 -63.16 93.99
C ARG K 1322 -51.22 -62.11 94.68
N ALA K 1323 -49.88 -62.23 94.61
CA ALA K 1323 -48.91 -61.36 95.33
C ALA K 1323 -48.71 -60.00 94.62
N ILE K 1324 -48.37 -59.98 93.34
CA ILE K 1324 -48.08 -58.73 92.57
C ILE K 1324 -49.29 -57.79 92.62
N ILE K 1325 -50.49 -58.30 92.40
CA ILE K 1325 -51.71 -57.46 92.40
C ILE K 1325 -52.00 -57.04 93.84
N LYS K 1326 -51.71 -57.88 94.86
CA LYS K 1326 -52.05 -57.49 96.26
C LYS K 1326 -51.33 -56.20 96.66
N ALA K 1327 -50.39 -55.69 95.85
CA ALA K 1327 -49.59 -54.48 96.13
C ALA K 1327 -50.35 -53.19 95.78
N ILE K 1328 -51.44 -53.23 95.02
CA ILE K 1328 -52.21 -52.00 94.67
C ILE K 1328 -53.44 -51.86 95.57
N PHE K 1329 -53.59 -52.68 96.61
CA PHE K 1329 -54.78 -52.67 97.50
C PHE K 1329 -54.66 -51.79 98.74
N PRO K 1330 -53.48 -51.59 99.38
CA PRO K 1330 -53.46 -50.93 100.69
C PRO K 1330 -54.20 -49.59 100.75
N ASN K 1331 -54.76 -49.25 101.92
CA ASN K 1331 -55.46 -47.96 102.20
C ASN K 1331 -54.59 -46.78 101.75
N THR K 1332 -53.28 -46.87 102.00
CA THR K 1332 -52.28 -45.78 101.83
C THR K 1332 -51.91 -45.60 100.34
N VAL K 1333 -52.48 -46.40 99.43
CA VAL K 1333 -52.34 -46.25 97.95
C VAL K 1333 -53.76 -46.29 97.35
N ASP K 1334 -54.58 -45.30 97.71
CA ASP K 1334 -56.03 -45.19 97.38
C ASP K 1334 -56.18 -45.03 95.87
N GLY K 1335 -57.13 -45.71 95.24
CA GLY K 1335 -57.28 -45.68 93.77
C GLY K 1335 -58.55 -46.35 93.26
N ASP K 1336 -59.20 -45.72 92.29
CA ASP K 1336 -60.42 -46.22 91.61
C ASP K 1336 -59.99 -47.40 90.74
N LEU K 1337 -60.21 -48.61 91.23
CA LEU K 1337 -59.67 -49.86 90.63
C LEU K 1337 -60.32 -50.12 89.27
N LEU K 1338 -61.52 -49.58 89.02
CA LEU K 1338 -62.18 -49.59 87.68
C LEU K 1338 -61.37 -48.76 86.68
N LYS K 1339 -60.68 -47.71 87.14
CA LYS K 1339 -59.87 -46.79 86.28
C LYS K 1339 -58.39 -47.22 86.21
N LEU K 1340 -58.03 -48.39 86.75
CA LEU K 1340 -56.64 -48.92 86.71
C LEU K 1340 -56.21 -49.20 85.27
N VAL K 1341 -54.93 -49.02 84.99
CA VAL K 1341 -54.27 -49.26 83.66
C VAL K 1341 -52.93 -49.96 83.91
N HIS K 1342 -52.81 -51.23 83.52
CA HIS K 1342 -51.55 -52.02 83.52
C HIS K 1342 -50.68 -51.46 82.39
N LEU K 1343 -49.56 -50.79 82.70
CA LEU K 1343 -48.78 -50.00 81.71
C LEU K 1343 -47.77 -50.92 81.05
N SER K 1344 -46.95 -51.56 81.90
CA SER K 1344 -45.77 -52.37 81.52
C SER K 1344 -45.80 -53.65 82.32
N ASN K 1345 -45.26 -54.74 81.77
CA ASN K 1345 -44.96 -55.99 82.51
C ASN K 1345 -43.64 -56.54 81.99
N GLY K 1346 -42.84 -57.15 82.88
CA GLY K 1346 -41.48 -57.59 82.54
C GLY K 1346 -41.12 -58.88 83.24
N TYR K 1347 -40.52 -59.84 82.54
CA TYR K 1347 -39.86 -61.02 83.13
C TYR K 1347 -38.36 -60.92 82.91
N LYS K 1348 -37.58 -61.40 83.87
CA LYS K 1348 -36.10 -61.44 83.81
C LYS K 1348 -35.68 -62.68 84.58
N MET K 1349 -35.14 -63.70 83.90
CA MET K 1349 -34.55 -64.90 84.54
C MET K 1349 -33.27 -64.46 85.26
N ILE K 1350 -33.07 -64.88 86.51
CA ILE K 1350 -31.83 -64.54 87.27
C ILE K 1350 -30.73 -65.38 86.62
N PRO K 1351 -29.56 -64.80 86.28
CA PRO K 1351 -28.56 -65.53 85.51
C PRO K 1351 -28.09 -66.74 86.32
N GLY K 1352 -28.04 -67.90 85.67
CA GLY K 1352 -27.89 -69.21 86.32
C GLY K 1352 -29.12 -70.06 86.13
N ALA K 1353 -30.10 -69.90 87.02
CA ALA K 1353 -31.22 -70.84 87.27
C ALA K 1353 -31.95 -71.19 85.98
N LYS K 1354 -32.25 -72.50 85.84
CA LYS K 1354 -32.90 -73.15 84.69
C LYS K 1354 -34.36 -72.73 84.64
N PRO K 1355 -35.04 -72.86 83.48
CA PRO K 1355 -36.44 -72.43 83.38
C PRO K 1355 -37.37 -73.30 84.25
N LEU K 1356 -38.62 -72.84 84.41
CA LEU K 1356 -39.63 -73.47 85.30
C LEU K 1356 -40.03 -74.83 84.71
N GLN K 1357 -39.99 -75.87 85.54
CA GLN K 1357 -40.28 -77.29 85.17
C GLN K 1357 -41.73 -77.57 85.57
N VAL K 1358 -42.22 -78.79 85.36
CA VAL K 1358 -43.61 -79.20 85.70
C VAL K 1358 -43.68 -79.86 87.08
N GLY K 1359 -42.56 -80.29 87.65
CA GLY K 1359 -42.57 -80.85 89.02
C GLY K 1359 -42.70 -79.73 90.05
N ASP K 1360 -42.14 -78.56 89.73
CA ASP K 1360 -41.61 -77.53 90.67
C ASP K 1360 -42.69 -76.98 91.61
N VAL K 1361 -42.26 -76.57 92.81
CA VAL K 1361 -43.04 -75.84 93.85
C VAL K 1361 -42.42 -74.44 94.02
N VAL K 1362 -43.09 -73.41 93.51
CA VAL K 1362 -42.53 -72.03 93.33
C VAL K 1362 -43.13 -71.10 94.37
N SER K 1363 -42.31 -70.65 95.34
CA SER K 1363 -42.62 -69.60 96.33
C SER K 1363 -42.56 -68.23 95.63
N THR K 1364 -43.59 -67.40 95.83
CA THR K 1364 -43.65 -65.99 95.34
C THR K 1364 -43.42 -65.03 96.51
N THR K 1365 -42.79 -63.90 96.21
CA THR K 1365 -42.65 -62.73 97.11
C THR K 1365 -42.71 -61.49 96.23
N ALA K 1366 -43.69 -60.62 96.46
CA ALA K 1366 -43.80 -59.32 95.78
C ALA K 1366 -43.40 -58.23 96.77
N VAL K 1367 -42.81 -57.19 96.23
CA VAL K 1367 -42.38 -55.96 96.95
C VAL K 1367 -42.80 -54.80 96.07
N ILE K 1368 -43.34 -53.77 96.70
CA ILE K 1368 -43.70 -52.50 95.99
C ILE K 1368 -42.44 -51.64 95.99
N GLU K 1369 -42.03 -51.23 94.79
CA GLU K 1369 -40.73 -50.55 94.55
C GLU K 1369 -40.93 -49.03 94.66
N SER K 1370 -42.00 -48.49 94.08
CA SER K 1370 -42.15 -47.04 93.77
C SER K 1370 -43.61 -46.63 93.57
N VAL K 1371 -44.15 -45.82 94.47
CA VAL K 1371 -45.53 -45.23 94.38
C VAL K 1371 -45.38 -43.73 94.14
N VAL K 1372 -45.54 -43.22 92.92
CA VAL K 1372 -45.35 -41.76 92.70
C VAL K 1372 -46.64 -41.15 92.13
N ASN K 1373 -47.07 -40.01 92.69
CA ASN K 1373 -48.17 -39.20 92.11
C ASN K 1373 -47.54 -38.40 90.97
N GLN K 1374 -47.89 -38.73 89.74
CA GLN K 1374 -47.63 -37.87 88.56
C GLN K 1374 -48.80 -36.90 88.42
N PRO K 1375 -48.66 -35.82 87.63
CA PRO K 1375 -49.77 -34.91 87.35
C PRO K 1375 -51.09 -35.55 86.92
N THR K 1376 -51.02 -36.59 86.11
CA THR K 1376 -52.16 -37.22 85.40
C THR K 1376 -52.62 -38.52 86.09
N GLY K 1377 -52.05 -38.87 87.26
CA GLY K 1377 -52.41 -40.09 88.01
C GLY K 1377 -51.31 -40.60 88.93
N LYS K 1378 -51.46 -41.79 89.48
CA LYS K 1378 -50.52 -42.43 90.43
C LYS K 1378 -49.94 -43.69 89.79
N ILE K 1379 -48.62 -43.82 89.80
CA ILE K 1379 -47.86 -44.98 89.23
C ILE K 1379 -47.41 -45.91 90.35
N VAL K 1380 -47.66 -47.21 90.22
CA VAL K 1380 -47.20 -48.23 91.21
C VAL K 1380 -46.34 -49.26 90.47
N ASP K 1381 -45.02 -49.19 90.65
CA ASP K 1381 -44.03 -50.18 90.16
C ASP K 1381 -43.92 -51.29 91.22
N VAL K 1382 -44.18 -52.54 90.83
CA VAL K 1382 -44.10 -53.73 91.72
C VAL K 1382 -43.02 -54.68 91.21
N VAL K 1383 -42.37 -55.43 92.12
CA VAL K 1383 -41.35 -56.45 91.76
C VAL K 1383 -41.63 -57.75 92.50
N GLY K 1384 -42.08 -58.76 91.76
CA GLY K 1384 -42.24 -60.15 92.25
C GLY K 1384 -40.98 -60.94 91.99
N THR K 1385 -40.61 -61.81 92.94
CA THR K 1385 -39.42 -62.69 92.87
C THR K 1385 -39.92 -64.13 93.09
N LEU K 1386 -39.75 -65.00 92.08
CA LEU K 1386 -40.19 -66.42 92.10
C LEU K 1386 -39.00 -67.29 92.51
N SER K 1387 -39.12 -68.05 93.60
CA SER K 1387 -38.03 -68.85 94.21
C SER K 1387 -38.46 -70.30 94.41
N ARG K 1388 -37.66 -71.27 93.92
CA ARG K 1388 -37.85 -72.73 94.13
C ARG K 1388 -36.64 -73.33 94.87
N ASN K 1389 -36.89 -74.15 95.90
CA ASN K 1389 -35.83 -74.76 96.75
C ASN K 1389 -34.98 -73.65 97.39
N GLY K 1390 -35.62 -72.54 97.78
CA GLY K 1390 -34.95 -71.39 98.42
C GLY K 1390 -33.80 -70.83 97.59
N LYS K 1391 -34.00 -70.67 96.28
CA LYS K 1391 -33.12 -69.86 95.39
C LYS K 1391 -33.98 -69.04 94.43
N PRO K 1392 -33.65 -67.77 94.14
CA PRO K 1392 -34.38 -67.01 93.12
C PRO K 1392 -34.26 -67.66 91.73
N VAL K 1393 -35.37 -67.69 90.98
CA VAL K 1393 -35.50 -68.27 89.62
C VAL K 1393 -35.72 -67.13 88.63
N MET K 1394 -36.77 -66.34 88.81
CA MET K 1394 -36.94 -65.09 88.02
C MET K 1394 -37.63 -63.99 88.81
N GLU K 1395 -37.58 -62.78 88.25
CA GLU K 1395 -38.20 -61.53 88.71
C GLU K 1395 -39.26 -61.11 87.69
N VAL K 1396 -40.49 -60.87 88.17
CA VAL K 1396 -41.59 -60.21 87.42
C VAL K 1396 -41.61 -58.73 87.82
N THR K 1397 -41.64 -57.79 86.87
CA THR K 1397 -41.67 -56.32 87.13
C THR K 1397 -42.88 -55.68 86.44
N SER K 1398 -44.02 -55.63 87.13
CA SER K 1398 -45.27 -54.99 86.63
C SER K 1398 -45.33 -53.55 87.16
N SER K 1399 -45.73 -52.61 86.31
CA SER K 1399 -46.09 -51.20 86.68
C SER K 1399 -47.55 -50.90 86.33
N PHE K 1400 -48.35 -50.61 87.35
CA PHE K 1400 -49.78 -50.17 87.26
C PHE K 1400 -49.88 -48.66 87.42
N PHE K 1401 -51.02 -48.11 87.02
CA PHE K 1401 -51.32 -46.66 86.93
C PHE K 1401 -52.79 -46.40 87.22
N TYR K 1402 -53.08 -45.90 88.42
CA TYR K 1402 -54.40 -45.35 88.82
C TYR K 1402 -54.59 -43.96 88.23
N ARG K 1403 -55.45 -43.80 87.21
CA ARG K 1403 -55.82 -42.46 86.67
C ARG K 1403 -56.60 -41.69 87.73
N GLY K 1404 -56.39 -40.38 87.77
CA GLY K 1404 -57.03 -39.47 88.73
C GLY K 1404 -56.10 -38.34 89.13
N ASN K 1405 -56.38 -37.76 90.30
CA ASN K 1405 -55.74 -36.53 90.82
C ASN K 1405 -55.43 -36.75 92.30
N TYR K 1406 -54.15 -36.98 92.63
CA TYR K 1406 -53.67 -37.39 93.98
C TYR K 1406 -52.73 -36.30 94.52
N THR K 1407 -52.82 -36.05 95.83
CA THR K 1407 -52.08 -34.99 96.57
C THR K 1407 -51.65 -35.60 97.90
N ASP K 1408 -51.18 -36.85 97.82
CA ASP K 1408 -51.09 -37.86 98.90
C ASP K 1408 -49.60 -38.15 99.12
N PHE K 1409 -48.76 -37.11 99.07
CA PHE K 1409 -47.27 -37.23 98.92
C PHE K 1409 -46.59 -37.78 100.19
N GLU K 1410 -47.35 -38.06 101.26
CA GLU K 1410 -46.85 -38.59 102.56
C GLU K 1410 -46.66 -40.10 102.44
N ASN K 1411 -47.35 -40.73 101.47
CA ASN K 1411 -47.49 -42.19 101.27
C ASN K 1411 -46.86 -42.58 99.92
N THR K 1412 -45.81 -41.85 99.56
CA THR K 1412 -45.21 -41.86 98.21
C THR K 1412 -43.71 -42.09 98.43
N PHE K 1413 -43.04 -42.71 97.46
CA PHE K 1413 -41.60 -43.05 97.50
C PHE K 1413 -41.17 -43.67 96.18
N GLN K 1414 -39.87 -43.76 95.95
CA GLN K 1414 -39.29 -44.17 94.65
C GLN K 1414 -37.84 -44.58 94.86
N LYS K 1415 -37.59 -45.89 94.78
CA LYS K 1415 -36.23 -46.46 94.69
C LYS K 1415 -35.91 -46.69 93.22
N THR K 1416 -35.07 -45.84 92.62
CA THR K 1416 -34.46 -46.08 91.28
C THR K 1416 -33.04 -46.63 91.45
N VAL K 1417 -32.61 -47.47 90.51
CA VAL K 1417 -31.22 -47.99 90.35
C VAL K 1417 -30.59 -47.23 89.18
N GLU K 1418 -29.65 -46.35 89.48
CA GLU K 1418 -29.08 -45.38 88.51
C GLU K 1418 -28.15 -46.13 87.58
N PRO K 1419 -27.86 -45.57 86.38
CA PRO K 1419 -26.91 -46.20 85.48
C PRO K 1419 -25.51 -46.11 86.11
N VAL K 1420 -24.65 -47.08 85.78
CA VAL K 1420 -23.28 -47.18 86.35
C VAL K 1420 -22.39 -46.09 85.71
N TYR K 1421 -21.78 -45.25 86.52
CA TYR K 1421 -20.99 -44.07 86.08
C TYR K 1421 -19.52 -44.38 86.27
N GLN K 1422 -18.72 -44.02 85.28
CA GLN K 1422 -17.27 -44.34 85.21
C GLN K 1422 -16.47 -43.04 85.16
N MET K 1423 -15.58 -42.83 86.13
CA MET K 1423 -14.62 -41.70 86.15
C MET K 1423 -13.19 -42.22 85.96
N HIS K 1424 -12.44 -41.68 85.01
CA HIS K 1424 -10.95 -41.80 84.94
C HIS K 1424 -10.33 -40.68 85.77
N ILE K 1425 -9.65 -41.02 86.86
CA ILE K 1425 -8.91 -40.04 87.72
C ILE K 1425 -7.53 -39.81 87.07
N LYS K 1426 -7.33 -38.69 86.37
CA LYS K 1426 -6.08 -38.37 85.63
C LYS K 1426 -5.13 -37.60 86.55
N THR K 1427 -5.64 -36.53 87.19
CA THR K 1427 -4.87 -35.45 87.85
C THR K 1427 -4.97 -35.59 89.37
N SER K 1428 -4.43 -34.64 90.13
CA SER K 1428 -4.52 -34.59 91.61
C SER K 1428 -5.60 -33.57 92.05
N LYS K 1429 -6.25 -32.86 91.12
CA LYS K 1429 -7.44 -32.04 91.46
C LYS K 1429 -8.68 -32.93 91.40
N ASP K 1430 -8.78 -33.78 90.38
CA ASP K 1430 -9.81 -34.86 90.30
C ASP K 1430 -9.90 -35.57 91.64
N ILE K 1431 -8.77 -35.90 92.30
CA ILE K 1431 -8.77 -36.66 93.57
C ILE K 1431 -9.24 -35.74 94.69
N ALA K 1432 -9.03 -34.43 94.57
CA ALA K 1432 -9.29 -33.43 95.64
C ALA K 1432 -10.76 -33.02 95.61
N VAL K 1433 -11.30 -32.79 94.42
CA VAL K 1433 -12.75 -32.58 94.17
C VAL K 1433 -13.54 -33.75 94.77
N LEU K 1434 -13.05 -34.99 94.61
CA LEU K 1434 -13.71 -36.21 95.14
C LEU K 1434 -13.56 -36.30 96.66
N ARG K 1435 -12.50 -35.76 97.25
CA ARG K 1435 -12.28 -35.79 98.72
C ARG K 1435 -13.10 -34.66 99.37
N SER K 1436 -13.39 -33.60 98.59
CA SER K 1436 -14.36 -32.53 98.91
C SER K 1436 -15.65 -33.18 99.40
N LYS K 1437 -16.24 -34.03 98.56
CA LYS K 1437 -17.58 -34.66 98.73
C LYS K 1437 -17.61 -35.52 100.01
N GLU K 1438 -18.41 -35.10 101.00
CA GLU K 1438 -18.69 -35.82 102.28
C GLU K 1438 -19.12 -37.26 101.99
N TRP K 1439 -19.83 -37.46 100.86
CA TRP K 1439 -20.50 -38.71 100.45
C TRP K 1439 -19.57 -39.73 99.80
N PHE K 1440 -18.29 -39.39 99.59
CA PHE K 1440 -17.23 -40.30 99.08
C PHE K 1440 -16.48 -40.93 100.25
N GLN K 1441 -17.06 -41.93 100.89
CA GLN K 1441 -16.38 -42.71 101.96
C GLN K 1441 -15.41 -43.69 101.28
N LEU K 1442 -14.22 -43.91 101.85
CA LEU K 1442 -13.26 -44.96 101.41
C LEU K 1442 -12.91 -45.85 102.61
N ASP K 1443 -12.74 -47.15 102.36
CA ASP K 1443 -12.48 -48.18 103.41
C ASP K 1443 -11.12 -47.87 104.05
N ASP K 1444 -10.14 -47.47 103.22
CA ASP K 1444 -8.78 -46.99 103.60
C ASP K 1444 -8.58 -45.61 102.94
N GLU K 1445 -8.62 -44.53 103.74
CA GLU K 1445 -8.61 -43.11 103.25
C GLU K 1445 -7.24 -42.76 102.63
N ASP K 1446 -6.21 -43.59 102.86
CA ASP K 1446 -4.82 -43.42 102.33
C ASP K 1446 -4.68 -44.02 100.92
N PHE K 1447 -5.71 -44.69 100.40
CA PHE K 1447 -5.72 -45.39 99.08
C PHE K 1447 -5.33 -44.42 97.97
N ASP K 1448 -4.39 -44.82 97.08
CA ASP K 1448 -3.95 -43.99 95.94
C ASP K 1448 -4.96 -44.09 94.79
N LEU K 1449 -5.54 -42.97 94.37
CA LEU K 1449 -6.63 -42.90 93.35
C LEU K 1449 -6.05 -42.57 91.97
N LEU K 1450 -4.78 -42.20 91.88
CA LEU K 1450 -4.22 -41.49 90.70
C LEU K 1450 -4.03 -42.50 89.55
N ASN K 1451 -4.66 -42.20 88.41
CA ASN K 1451 -4.62 -42.99 87.13
C ASN K 1451 -5.52 -44.22 87.21
N LYS K 1452 -6.09 -44.53 88.38
CA LYS K 1452 -7.14 -45.56 88.54
C LYS K 1452 -8.41 -45.12 87.81
N THR K 1453 -9.27 -46.10 87.50
CA THR K 1453 -10.63 -45.91 86.93
C THR K 1453 -11.66 -46.38 87.95
N LEU K 1454 -12.61 -45.51 88.27
CA LEU K 1454 -13.64 -45.73 89.32
C LEU K 1454 -15.00 -45.95 88.65
N THR K 1455 -15.80 -46.87 89.19
CA THR K 1455 -17.22 -47.09 88.79
C THR K 1455 -18.11 -46.94 90.02
N PHE K 1456 -19.15 -46.12 89.89
CA PHE K 1456 -20.13 -45.83 90.96
C PHE K 1456 -21.41 -46.60 90.65
N GLU K 1457 -21.73 -47.63 91.45
CA GLU K 1457 -22.94 -48.49 91.29
C GLU K 1457 -23.96 -48.10 92.37
N THR K 1458 -24.95 -47.30 91.99
CA THR K 1458 -25.67 -46.37 92.89
C THR K 1458 -27.18 -46.62 92.75
N GLU K 1459 -27.88 -46.77 93.88
CA GLU K 1459 -29.37 -46.70 93.95
C GLU K 1459 -29.75 -45.50 94.82
N THR K 1460 -30.88 -44.84 94.54
CA THR K 1460 -31.35 -43.63 95.24
C THR K 1460 -32.82 -43.80 95.66
N GLU K 1461 -33.06 -43.98 96.97
CA GLU K 1461 -34.38 -43.93 97.65
C GLU K 1461 -34.79 -42.48 97.92
N VAL K 1462 -36.05 -42.12 97.71
CA VAL K 1462 -36.53 -40.71 97.66
C VAL K 1462 -38.01 -40.66 98.02
N THR K 1463 -38.34 -40.29 99.27
CA THR K 1463 -39.69 -39.82 99.72
C THR K 1463 -39.98 -38.43 99.13
N PHE K 1464 -41.25 -37.99 99.13
CA PHE K 1464 -41.69 -36.73 98.48
C PHE K 1464 -42.35 -35.79 99.49
N LYS K 1465 -42.45 -34.51 99.11
CA LYS K 1465 -43.17 -33.41 99.82
C LYS K 1465 -44.25 -32.87 98.88
N ASN K 1466 -43.85 -32.50 97.66
CA ASN K 1466 -44.72 -32.11 96.52
C ASN K 1466 -44.22 -32.88 95.30
N ALA K 1467 -44.71 -32.55 94.10
CA ALA K 1467 -44.23 -33.09 92.82
C ALA K 1467 -42.71 -32.87 92.68
N ASN K 1468 -42.19 -31.73 93.17
CA ASN K 1468 -40.86 -31.18 92.79
C ASN K 1468 -39.83 -31.30 93.92
N ILE K 1469 -40.25 -31.26 95.19
CA ILE K 1469 -39.32 -31.19 96.36
C ILE K 1469 -39.35 -32.53 97.10
N PHE K 1470 -38.22 -33.23 97.17
CA PHE K 1470 -38.09 -34.51 97.91
C PHE K 1470 -37.98 -34.19 99.40
N SER K 1471 -38.75 -34.86 100.25
CA SER K 1471 -38.75 -34.68 101.72
C SER K 1471 -37.61 -35.50 102.35
N SER K 1472 -36.85 -36.20 101.52
CA SER K 1472 -35.73 -37.09 101.94
C SER K 1472 -35.09 -37.67 100.68
N VAL K 1473 -33.75 -37.63 100.61
CA VAL K 1473 -32.96 -38.31 99.56
C VAL K 1473 -31.95 -39.22 100.24
N LYS K 1474 -31.71 -40.37 99.63
CA LYS K 1474 -30.69 -41.36 100.03
C LYS K 1474 -30.07 -41.86 98.72
N CYS K 1475 -28.75 -41.99 98.67
CA CYS K 1475 -28.00 -42.39 97.46
C CYS K 1475 -26.77 -43.15 97.91
N PHE K 1476 -26.76 -44.46 97.72
CA PHE K 1476 -25.75 -45.37 98.33
C PHE K 1476 -25.39 -46.48 97.35
N GLY K 1477 -24.53 -47.39 97.80
CA GLY K 1477 -23.98 -48.46 96.96
C GLY K 1477 -22.51 -48.21 96.64
N PRO K 1478 -21.80 -49.24 96.18
CA PRO K 1478 -20.35 -49.29 96.29
C PRO K 1478 -19.62 -48.57 95.14
N ILE K 1479 -18.47 -47.97 95.46
CA ILE K 1479 -17.43 -47.48 94.52
C ILE K 1479 -16.46 -48.62 94.27
N LYS K 1480 -16.11 -48.84 93.01
CA LYS K 1480 -15.22 -49.95 92.58
C LYS K 1480 -14.10 -49.37 91.73
N VAL K 1481 -12.90 -49.95 91.85
CA VAL K 1481 -11.70 -49.60 91.02
C VAL K 1481 -11.41 -50.75 90.05
N GLU K 1482 -11.17 -50.43 88.77
CA GLU K 1482 -10.68 -51.38 87.75
C GLU K 1482 -9.23 -51.75 88.10
N LEU K 1483 -8.97 -53.04 88.24
CA LEU K 1483 -7.61 -53.64 88.39
C LEU K 1483 -6.96 -53.79 87.01
N PRO K 1484 -5.69 -54.26 86.92
CA PRO K 1484 -5.05 -54.46 85.61
C PRO K 1484 -5.56 -55.70 84.84
N THR K 1485 -6.39 -56.54 85.45
CA THR K 1485 -7.10 -57.66 84.78
C THR K 1485 -8.41 -57.18 84.16
N LYS K 1486 -8.90 -56.00 84.53
CA LYS K 1486 -10.21 -55.41 84.11
C LYS K 1486 -11.36 -55.89 85.01
N GLU K 1487 -11.10 -56.85 85.91
CA GLU K 1487 -11.95 -57.13 87.10
C GLU K 1487 -12.04 -55.84 87.92
N THR K 1488 -13.22 -55.51 88.45
CA THR K 1488 -13.46 -54.39 89.41
C THR K 1488 -13.55 -54.94 90.84
N VAL K 1489 -13.24 -54.11 91.84
CA VAL K 1489 -13.14 -54.50 93.28
C VAL K 1489 -13.63 -53.31 94.13
N GLU K 1490 -14.48 -53.58 95.13
CA GLU K 1490 -15.05 -52.55 96.03
C GLU K 1490 -13.91 -51.94 96.87
N ILE K 1491 -13.68 -50.63 96.72
CA ILE K 1491 -12.75 -49.83 97.57
C ILE K 1491 -13.54 -48.91 98.50
N GLY K 1492 -14.73 -48.45 98.09
CA GLY K 1492 -15.46 -47.38 98.77
C GLY K 1492 -16.97 -47.58 98.77
N ILE K 1493 -17.64 -46.64 99.45
CA ILE K 1493 -19.11 -46.51 99.63
C ILE K 1493 -19.48 -45.10 99.17
N VAL K 1494 -20.68 -44.93 98.61
CA VAL K 1494 -21.43 -43.64 98.55
C VAL K 1494 -22.42 -43.67 99.72
N ASP K 1495 -22.58 -42.58 100.46
CA ASP K 1495 -23.43 -42.53 101.69
C ASP K 1495 -24.00 -41.12 101.84
N TYR K 1496 -24.58 -40.58 100.77
CA TYR K 1496 -25.38 -39.32 100.79
C TYR K 1496 -26.74 -39.59 101.45
N GLU K 1497 -27.09 -38.76 102.43
CA GLU K 1497 -28.46 -38.60 103.02
C GLU K 1497 -28.82 -37.12 102.93
N ALA K 1498 -30.03 -36.75 103.36
CA ALA K 1498 -30.61 -35.40 103.19
C ALA K 1498 -32.09 -35.37 103.63
N GLY K 1499 -32.56 -34.20 104.07
CA GLY K 1499 -33.98 -33.84 104.10
C GLY K 1499 -34.34 -33.07 102.84
N ALA K 1500 -35.25 -32.10 102.93
CA ALA K 1500 -35.81 -31.36 101.78
C ALA K 1500 -34.70 -31.13 100.74
N SER K 1501 -34.97 -31.44 99.48
CA SER K 1501 -33.99 -31.32 98.36
C SER K 1501 -34.71 -31.27 97.03
N HIS K 1502 -34.27 -30.42 96.10
CA HIS K 1502 -34.84 -30.31 94.74
C HIS K 1502 -34.08 -31.23 93.76
N GLY K 1503 -33.20 -32.10 94.26
CA GLY K 1503 -32.41 -33.01 93.39
C GLY K 1503 -31.42 -33.84 94.17
N ASN K 1504 -30.77 -34.76 93.44
CA ASN K 1504 -29.75 -35.74 93.92
C ASN K 1504 -28.41 -35.24 93.43
N PRO K 1505 -27.54 -34.69 94.30
CA PRO K 1505 -26.33 -34.00 93.84
C PRO K 1505 -25.29 -35.00 93.34
N VAL K 1506 -25.29 -36.22 93.87
CA VAL K 1506 -24.38 -37.33 93.48
C VAL K 1506 -24.50 -37.62 91.98
N VAL K 1507 -25.72 -37.84 91.50
CA VAL K 1507 -25.94 -38.32 90.12
C VAL K 1507 -25.64 -37.15 89.16
N ASP K 1508 -25.91 -35.92 89.61
CA ASP K 1508 -25.54 -34.67 88.90
C ASP K 1508 -24.01 -34.63 88.75
N PHE K 1509 -23.27 -34.83 89.84
CA PHE K 1509 -21.79 -34.79 89.88
C PHE K 1509 -21.20 -35.78 88.88
N LEU K 1510 -21.71 -37.01 88.88
CA LEU K 1510 -21.23 -38.13 88.06
C LEU K 1510 -21.70 -38.01 86.62
N LYS K 1511 -22.80 -37.31 86.31
CA LYS K 1511 -23.22 -37.08 84.90
C LYS K 1511 -22.20 -36.17 84.21
N ARG K 1512 -21.83 -35.08 84.88
CA ARG K 1512 -20.85 -34.09 84.35
C ARG K 1512 -19.47 -34.75 84.34
N ASN K 1513 -18.99 -35.18 85.50
CA ASN K 1513 -17.56 -35.54 85.71
C ASN K 1513 -17.28 -36.93 85.11
N GLY K 1514 -18.20 -37.88 85.25
CA GLY K 1514 -18.04 -39.27 84.76
C GLY K 1514 -18.61 -39.46 83.36
N SER K 1515 -19.09 -40.67 83.08
CA SER K 1515 -19.73 -41.13 81.81
C SER K 1515 -20.41 -42.48 82.06
N THR K 1516 -21.50 -42.77 81.36
CA THR K 1516 -22.37 -43.96 81.63
C THR K 1516 -21.79 -45.22 80.95
N LEU K 1517 -21.91 -46.38 81.61
CA LEU K 1517 -21.52 -47.71 81.08
C LEU K 1517 -22.78 -48.42 80.57
N GLU K 1518 -23.27 -48.03 79.39
CA GLU K 1518 -24.42 -48.66 78.71
C GLU K 1518 -24.07 -50.10 78.35
N GLN K 1519 -24.81 -51.07 78.93
CA GLN K 1519 -24.69 -52.53 78.65
C GLN K 1519 -25.19 -52.86 77.24
N LYS K 1520 -26.32 -52.29 76.83
CA LYS K 1520 -26.96 -52.50 75.51
C LYS K 1520 -26.11 -51.83 74.45
N VAL K 1521 -25.50 -52.62 73.56
CA VAL K 1521 -24.72 -52.13 72.40
C VAL K 1521 -25.55 -52.35 71.13
N ASN K 1522 -25.80 -51.29 70.37
CA ASN K 1522 -26.60 -51.34 69.13
C ASN K 1522 -25.73 -51.89 68.00
N LEU K 1523 -26.30 -52.78 67.20
CA LEU K 1523 -25.80 -53.19 65.87
C LEU K 1523 -25.69 -51.95 64.96
N GLU K 1524 -24.86 -52.04 63.92
CA GLU K 1524 -24.70 -50.95 62.91
C GLU K 1524 -26.07 -50.59 62.33
N ASN K 1525 -26.79 -51.59 61.80
CA ASN K 1525 -28.18 -51.47 61.29
C ASN K 1525 -29.04 -52.59 61.87
N PRO K 1526 -30.33 -52.35 62.20
CA PRO K 1526 -31.21 -53.40 62.68
C PRO K 1526 -31.36 -54.52 61.64
N ILE K 1527 -31.60 -55.74 62.10
CA ILE K 1527 -31.80 -56.93 61.23
C ILE K 1527 -33.26 -57.32 61.32
N PRO K 1528 -34.05 -57.20 60.22
CA PRO K 1528 -35.43 -57.69 60.23
C PRO K 1528 -35.42 -59.22 60.43
N ILE K 1529 -36.30 -59.72 61.30
CA ILE K 1529 -36.49 -61.17 61.55
C ILE K 1529 -37.80 -61.61 60.89
N ALA K 1530 -38.92 -60.97 61.26
CA ALA K 1530 -40.28 -61.36 60.83
C ALA K 1530 -41.28 -60.21 60.94
N VAL K 1531 -42.36 -60.29 60.17
CA VAL K 1531 -43.62 -59.49 60.34
C VAL K 1531 -44.78 -60.49 60.38
N LEU K 1532 -45.40 -60.64 61.54
CA LEU K 1532 -46.25 -61.80 61.93
C LEU K 1532 -47.65 -61.33 62.32
N ASP K 1533 -48.61 -62.24 62.14
CA ASP K 1533 -50.08 -61.97 62.21
C ASP K 1533 -50.65 -62.85 63.31
N SER K 1534 -51.14 -62.26 64.38
CA SER K 1534 -51.86 -62.94 65.48
C SER K 1534 -53.25 -62.32 65.56
N TYR K 1535 -54.24 -63.14 65.90
CA TYR K 1535 -55.60 -62.67 66.25
C TYR K 1535 -55.68 -62.63 67.78
N THR K 1536 -56.58 -61.79 68.27
CA THR K 1536 -57.05 -61.85 69.67
C THR K 1536 -58.20 -62.83 69.65
N PRO K 1537 -58.46 -63.56 70.75
CA PRO K 1537 -59.55 -64.52 70.77
C PRO K 1537 -60.91 -63.82 70.97
N SER K 1538 -61.97 -64.41 70.43
CA SER K 1538 -63.37 -63.88 70.45
C SER K 1538 -63.84 -63.67 71.88
N THR K 1539 -63.44 -64.56 72.78
CA THR K 1539 -63.79 -64.50 74.22
C THR K 1539 -62.50 -64.42 75.04
N ASN K 1540 -62.61 -63.86 76.24
CA ASN K 1540 -61.51 -63.66 77.20
C ASN K 1540 -61.77 -64.51 78.45
N GLU K 1541 -62.80 -65.36 78.43
CA GLU K 1541 -63.11 -66.28 79.56
C GLU K 1541 -62.05 -67.37 79.65
N PRO K 1542 -61.50 -67.91 78.52
CA PRO K 1542 -60.38 -68.86 78.58
C PRO K 1542 -59.18 -68.30 79.35
N TYR K 1543 -58.59 -67.18 78.90
CA TYR K 1543 -57.37 -66.60 79.55
C TYR K 1543 -57.63 -66.31 81.03
N ALA K 1544 -58.80 -65.75 81.37
CA ALA K 1544 -59.20 -65.38 82.75
C ALA K 1544 -59.18 -66.60 83.68
N ARG K 1545 -59.67 -67.76 83.22
CA ARG K 1545 -59.74 -69.01 84.02
C ARG K 1545 -58.32 -69.39 84.47
N VAL K 1546 -57.37 -69.42 83.53
CA VAL K 1546 -56.02 -70.04 83.72
C VAL K 1546 -55.12 -69.08 84.52
N SER K 1547 -55.15 -67.78 84.22
CA SER K 1547 -54.34 -66.72 84.87
C SER K 1547 -54.89 -66.38 86.26
N GLY K 1548 -56.20 -66.20 86.37
CA GLY K 1548 -56.88 -65.78 87.62
C GLY K 1548 -57.14 -64.28 87.65
N ASP K 1549 -56.83 -63.57 86.55
CA ASP K 1549 -57.29 -62.19 86.28
C ASP K 1549 -58.78 -62.24 85.92
N LEU K 1550 -59.64 -62.28 86.95
CA LEU K 1550 -61.11 -62.18 86.80
C LEU K 1550 -61.56 -60.70 86.80
N ASN K 1551 -60.74 -59.77 86.32
CA ASN K 1551 -61.13 -58.35 86.15
C ASN K 1551 -62.36 -58.34 85.26
N PRO K 1552 -63.54 -57.94 85.79
CA PRO K 1552 -64.78 -57.98 85.02
C PRO K 1552 -64.76 -57.19 83.70
N ILE K 1553 -63.94 -56.14 83.59
CA ILE K 1553 -63.92 -55.26 82.37
C ILE K 1553 -63.59 -56.08 81.12
N HIS K 1554 -63.11 -57.33 81.28
CA HIS K 1554 -62.62 -58.19 80.16
C HIS K 1554 -63.74 -59.10 79.66
N VAL K 1555 -64.74 -59.34 80.50
CA VAL K 1555 -65.74 -60.42 80.26
C VAL K 1555 -67.18 -59.90 80.26
N SER K 1556 -67.46 -58.74 80.87
CA SER K 1556 -68.84 -58.26 81.21
C SER K 1556 -69.12 -56.88 80.59
N ARG K 1557 -70.05 -56.82 79.65
CA ARG K 1557 -70.38 -55.61 78.86
C ARG K 1557 -70.79 -54.46 79.78
N HIS K 1558 -71.44 -54.76 80.92
CA HIS K 1558 -71.85 -53.72 81.89
C HIS K 1558 -70.62 -53.06 82.53
N PHE K 1559 -69.65 -53.81 83.03
CA PHE K 1559 -68.47 -53.21 83.72
C PHE K 1559 -67.62 -52.46 82.71
N ALA K 1560 -67.47 -53.00 81.51
CA ALA K 1560 -66.73 -52.32 80.41
C ALA K 1560 -67.34 -50.93 80.15
N SER K 1561 -68.66 -50.86 80.08
CA SER K 1561 -69.44 -49.60 79.85
C SER K 1561 -69.31 -48.69 81.06
N TYR K 1562 -69.45 -49.23 82.27
CA TYR K 1562 -69.36 -48.42 83.51
C TYR K 1562 -67.95 -47.80 83.66
N ALA K 1563 -66.94 -48.34 82.98
CA ALA K 1563 -65.53 -47.86 83.04
C ALA K 1563 -65.13 -47.15 81.74
N ASN K 1564 -66.10 -46.91 80.84
CA ASN K 1564 -65.93 -46.05 79.63
C ASN K 1564 -64.96 -46.68 78.63
N LEU K 1565 -64.90 -48.01 78.56
CA LEU K 1565 -64.01 -48.71 77.60
C LEU K 1565 -64.80 -48.96 76.31
N PRO K 1566 -64.13 -49.21 75.16
CA PRO K 1566 -64.82 -49.44 73.90
C PRO K 1566 -65.51 -50.81 73.79
N GLY K 1567 -65.44 -51.63 74.85
CA GLY K 1567 -66.08 -52.96 74.93
C GLY K 1567 -65.29 -53.83 75.87
N THR K 1568 -65.75 -55.05 76.15
CA THR K 1568 -64.98 -56.11 76.85
C THR K 1568 -63.62 -56.21 76.17
N ILE K 1569 -62.54 -55.65 76.75
CA ILE K 1569 -61.21 -55.60 76.08
C ILE K 1569 -60.40 -56.86 76.39
N THR K 1570 -59.56 -57.27 75.43
CA THR K 1570 -58.55 -58.33 75.58
C THR K 1570 -57.63 -57.98 76.75
N HIS K 1571 -57.36 -58.95 77.63
CA HIS K 1571 -56.32 -58.81 78.68
C HIS K 1571 -55.02 -58.41 77.98
N GLY K 1572 -54.31 -57.40 78.49
CA GLY K 1572 -52.99 -57.01 77.96
C GLY K 1572 -52.06 -58.19 78.08
N MET K 1573 -52.15 -58.89 79.22
CA MET K 1573 -51.27 -60.02 79.62
C MET K 1573 -51.45 -61.23 78.70
N PHE K 1574 -52.56 -61.30 77.95
CA PHE K 1574 -52.73 -62.24 76.82
C PHE K 1574 -51.89 -61.75 75.64
N SER K 1575 -52.00 -60.48 75.26
CA SER K 1575 -51.25 -59.92 74.10
C SER K 1575 -49.74 -60.02 74.36
N SER K 1576 -49.30 -59.88 75.62
CA SER K 1576 -47.89 -60.09 76.04
C SER K 1576 -47.50 -61.50 75.58
N ALA K 1577 -48.14 -62.51 76.16
CA ALA K 1577 -47.86 -63.94 75.93
C ALA K 1577 -47.96 -64.29 74.45
N SER K 1578 -49.09 -64.03 73.81
CA SER K 1578 -49.27 -64.21 72.34
C SER K 1578 -48.01 -63.74 71.62
N VAL K 1579 -47.62 -62.49 71.80
CA VAL K 1579 -46.47 -61.89 71.06
C VAL K 1579 -45.15 -62.56 71.47
N ARG K 1580 -44.98 -62.99 72.73
CA ARG K 1580 -43.70 -63.61 73.17
C ARG K 1580 -43.65 -65.06 72.69
N ALA K 1581 -44.77 -65.66 72.32
CA ALA K 1581 -44.79 -66.99 71.67
C ALA K 1581 -44.27 -66.87 70.22
N LEU K 1582 -44.39 -65.71 69.59
CA LEU K 1582 -43.85 -65.46 68.23
C LEU K 1582 -42.36 -65.11 68.31
N ILE K 1583 -41.93 -64.47 69.40
CA ILE K 1583 -40.50 -64.15 69.69
C ILE K 1583 -39.78 -65.49 69.90
N GLU K 1584 -40.35 -66.32 70.77
CA GLU K 1584 -39.84 -67.67 71.10
C GLU K 1584 -39.75 -68.56 69.85
N ASN K 1585 -40.65 -68.41 68.88
CA ASN K 1585 -40.68 -69.27 67.68
C ASN K 1585 -39.73 -68.77 66.59
N TRP K 1586 -39.61 -67.47 66.31
CA TRP K 1586 -38.75 -66.97 65.21
C TRP K 1586 -37.33 -66.60 65.68
N ALA K 1587 -37.21 -65.82 66.74
CA ALA K 1587 -35.91 -65.32 67.24
C ALA K 1587 -35.13 -66.42 67.97
N ALA K 1588 -35.79 -67.23 68.79
CA ALA K 1588 -35.15 -68.30 69.58
C ALA K 1588 -35.26 -69.66 68.88
N ASP K 1589 -35.72 -69.71 67.62
CA ASP K 1589 -35.93 -70.94 66.81
C ASP K 1589 -36.46 -72.07 67.72
N SER K 1590 -37.55 -71.78 68.42
CA SER K 1590 -38.43 -72.70 69.18
C SER K 1590 -37.68 -73.38 70.35
N VAL K 1591 -36.65 -72.74 70.88
CA VAL K 1591 -35.98 -73.16 72.15
C VAL K 1591 -36.41 -72.20 73.28
N SER K 1592 -37.36 -72.61 74.11
CA SER K 1592 -37.86 -71.82 75.27
C SER K 1592 -36.70 -71.25 76.10
N SER K 1593 -35.68 -72.07 76.40
CA SER K 1593 -34.60 -71.76 77.37
C SER K 1593 -33.73 -70.59 76.91
N ARG K 1594 -33.66 -70.34 75.60
CA ARG K 1594 -32.87 -69.24 74.99
C ARG K 1594 -33.44 -67.87 75.38
N VAL K 1595 -34.77 -67.72 75.43
CA VAL K 1595 -35.44 -66.43 75.75
C VAL K 1595 -35.40 -66.34 77.27
N ARG K 1596 -34.88 -65.22 77.76
CA ARG K 1596 -34.04 -65.13 78.98
C ARG K 1596 -34.43 -63.90 79.79
N GLY K 1597 -34.90 -62.87 79.10
CA GLY K 1597 -35.80 -61.83 79.65
C GLY K 1597 -36.67 -61.24 78.58
N TYR K 1598 -37.83 -60.73 78.99
CA TYR K 1598 -38.93 -60.24 78.12
C TYR K 1598 -39.67 -59.13 78.83
N THR K 1599 -39.90 -58.00 78.15
CA THR K 1599 -40.42 -56.73 78.70
C THR K 1599 -41.39 -56.13 77.70
N CYS K 1600 -42.60 -55.75 78.14
CA CYS K 1600 -43.77 -55.38 77.31
C CYS K 1600 -44.47 -54.11 77.82
N GLN K 1601 -44.48 -53.02 77.04
CA GLN K 1601 -45.27 -51.77 77.30
C GLN K 1601 -46.61 -51.86 76.56
N PHE K 1602 -47.71 -51.68 77.28
CA PHE K 1602 -49.11 -51.72 76.76
C PHE K 1602 -49.52 -50.32 76.33
N VAL K 1603 -49.36 -50.01 75.06
CA VAL K 1603 -49.49 -48.65 74.50
C VAL K 1603 -50.97 -48.31 74.37
N ASP K 1604 -51.78 -49.25 73.90
CA ASP K 1604 -53.21 -49.03 73.54
C ASP K 1604 -54.04 -50.26 73.95
N MET K 1605 -55.34 -50.22 73.66
CA MET K 1605 -56.30 -51.30 74.00
C MET K 1605 -56.67 -52.06 72.73
N VAL K 1606 -57.06 -53.32 72.88
CA VAL K 1606 -57.38 -54.25 71.76
C VAL K 1606 -58.63 -55.03 72.13
N LEU K 1607 -59.62 -54.98 71.25
CA LEU K 1607 -60.91 -55.71 71.44
C LEU K 1607 -60.79 -57.10 70.84
N PRO K 1608 -61.66 -58.05 71.23
CA PRO K 1608 -61.74 -59.36 70.59
C PRO K 1608 -61.89 -59.35 69.06
N ASN K 1609 -61.30 -60.35 68.41
CA ASN K 1609 -61.34 -60.58 66.94
C ASN K 1609 -60.61 -59.45 66.19
N THR K 1610 -59.68 -58.72 66.83
CA THR K 1610 -58.73 -57.82 66.10
C THR K 1610 -57.62 -58.68 65.51
N ALA K 1611 -56.90 -58.14 64.52
CA ALA K 1611 -55.81 -58.78 63.78
C ALA K 1611 -54.55 -57.92 63.90
N LEU K 1612 -53.53 -58.45 64.56
CA LEU K 1612 -52.31 -57.71 64.99
C LEU K 1612 -51.12 -58.10 64.11
N LYS K 1613 -50.55 -57.15 63.36
CA LYS K 1613 -49.20 -57.29 62.73
C LYS K 1613 -48.14 -56.93 63.76
N THR K 1614 -47.25 -57.87 64.10
CA THR K 1614 -46.07 -57.60 64.98
C THR K 1614 -44.80 -57.77 64.17
N SER K 1615 -44.11 -56.66 63.89
CA SER K 1615 -42.71 -56.61 63.39
C SER K 1615 -41.77 -56.99 64.53
N ILE K 1616 -40.63 -57.58 64.18
CA ILE K 1616 -39.61 -58.15 65.11
C ILE K 1616 -38.25 -57.84 64.49
N GLN K 1617 -37.32 -57.33 65.28
CA GLN K 1617 -35.97 -56.92 64.81
C GLN K 1617 -34.94 -57.30 65.87
N HIS K 1618 -33.75 -57.68 65.41
CA HIS K 1618 -32.50 -57.78 66.20
C HIS K 1618 -31.84 -56.42 66.11
N VAL K 1619 -31.76 -55.71 67.22
CA VAL K 1619 -31.40 -54.26 67.26
C VAL K 1619 -30.01 -54.07 67.88
N GLY K 1620 -29.57 -55.02 68.70
CA GLY K 1620 -28.40 -54.84 69.58
C GLY K 1620 -28.07 -56.13 70.30
N MET K 1621 -27.06 -56.06 71.16
CA MET K 1621 -26.56 -57.20 71.94
C MET K 1621 -26.39 -56.72 73.38
N ILE K 1622 -26.44 -57.62 74.37
CA ILE K 1622 -26.25 -57.27 75.80
C ILE K 1622 -25.71 -58.49 76.54
N ASN K 1623 -24.41 -58.53 76.85
CA ASN K 1623 -23.72 -59.70 77.46
C ASN K 1623 -23.96 -60.93 76.58
N GLY K 1624 -23.85 -60.77 75.26
CA GLY K 1624 -24.02 -61.86 74.29
C GLY K 1624 -25.34 -62.60 74.46
N ARG K 1625 -26.37 -61.89 74.90
CA ARG K 1625 -27.79 -62.21 74.59
C ARG K 1625 -28.14 -61.23 73.49
N LYS K 1626 -28.89 -61.68 72.49
CA LYS K 1626 -29.46 -60.78 71.45
C LYS K 1626 -30.54 -59.91 72.10
N LEU K 1627 -30.70 -58.69 71.59
CA LEU K 1627 -31.66 -57.67 72.08
C LEU K 1627 -32.65 -57.43 70.95
N ILE K 1628 -33.91 -57.79 71.17
CA ILE K 1628 -34.94 -57.94 70.10
C ILE K 1628 -36.14 -57.05 70.40
N LYS K 1629 -36.13 -55.85 69.84
CA LYS K 1629 -37.25 -54.88 69.82
C LYS K 1629 -38.37 -55.44 68.95
N PHE K 1630 -39.61 -55.48 69.46
CA PHE K 1630 -40.81 -55.69 68.62
C PHE K 1630 -41.75 -54.50 68.76
N GLU K 1631 -42.74 -54.46 67.88
CA GLU K 1631 -43.90 -53.56 67.98
C GLU K 1631 -45.05 -54.21 67.23
N THR K 1632 -46.22 -54.24 67.88
CA THR K 1632 -47.47 -54.85 67.39
C THR K 1632 -48.43 -53.72 67.00
N ARG K 1633 -49.03 -53.81 65.81
CA ARG K 1633 -50.05 -52.87 65.29
C ARG K 1633 -51.37 -53.59 65.03
N ASN K 1634 -52.49 -52.90 65.24
CA ASN K 1634 -53.87 -53.35 64.87
C ASN K 1634 -54.14 -53.00 63.40
N GLU K 1635 -55.36 -53.25 62.90
CA GLU K 1635 -55.78 -53.10 61.46
C GLU K 1635 -55.68 -51.64 60.99
N ASP K 1636 -55.82 -50.70 61.93
CA ASP K 1636 -55.80 -49.22 61.70
C ASP K 1636 -54.36 -48.69 61.80
N ASP K 1637 -53.37 -49.58 61.89
CA ASP K 1637 -51.92 -49.22 61.87
C ASP K 1637 -51.61 -48.34 63.10
N VAL K 1638 -52.13 -48.74 64.25
CA VAL K 1638 -51.96 -48.09 65.58
C VAL K 1638 -51.11 -49.02 66.43
N VAL K 1639 -50.10 -48.48 67.11
CA VAL K 1639 -49.17 -49.26 67.97
C VAL K 1639 -49.89 -49.56 69.29
N VAL K 1640 -49.77 -50.82 69.73
CA VAL K 1640 -50.64 -51.52 70.71
C VAL K 1640 -49.80 -52.18 71.80
N LEU K 1641 -48.83 -53.00 71.41
CA LEU K 1641 -47.67 -53.40 72.26
C LEU K 1641 -46.40 -52.88 71.62
N THR K 1642 -45.43 -52.62 72.47
CA THR K 1642 -43.99 -52.58 72.14
C THR K 1642 -43.31 -53.36 73.24
N GLY K 1643 -42.01 -53.58 73.09
CA GLY K 1643 -41.23 -54.34 74.06
C GLY K 1643 -39.93 -54.80 73.48
N GLU K 1644 -39.15 -55.48 74.31
CA GLU K 1644 -37.91 -56.14 73.86
C GLU K 1644 -37.75 -57.48 74.57
N ALA K 1645 -36.98 -58.34 73.92
CA ALA K 1645 -36.58 -59.68 74.40
C ALA K 1645 -35.07 -59.71 74.47
N GLU K 1646 -34.53 -60.42 75.45
CA GLU K 1646 -33.08 -60.76 75.54
C GLU K 1646 -32.99 -62.25 75.24
N ILE K 1647 -32.38 -62.59 74.11
CA ILE K 1647 -32.35 -63.99 73.62
C ILE K 1647 -30.90 -64.49 73.55
N GLU K 1648 -30.65 -65.60 74.24
CA GLU K 1648 -29.35 -66.29 74.36
C GLU K 1648 -28.92 -66.75 72.95
N GLN K 1649 -27.74 -66.32 72.51
CA GLN K 1649 -27.03 -66.84 71.31
C GLN K 1649 -26.87 -68.36 71.42
N PRO K 1650 -26.88 -69.10 70.28
CA PRO K 1650 -26.67 -70.55 70.31
C PRO K 1650 -25.35 -70.97 70.97
N VAL K 1651 -25.28 -72.17 71.55
CA VAL K 1651 -24.15 -72.64 72.40
C VAL K 1651 -22.85 -72.40 71.63
N THR K 1652 -21.87 -71.72 72.25
CA THR K 1652 -20.68 -71.17 71.55
C THR K 1652 -19.39 -71.70 72.21
N THR K 1653 -18.43 -72.13 71.39
CA THR K 1653 -17.03 -72.39 71.78
C THR K 1653 -16.13 -71.37 71.05
N PHE K 1654 -15.21 -70.75 71.80
CA PHE K 1654 -14.10 -69.93 71.26
C PHE K 1654 -12.84 -70.78 71.23
N VAL K 1655 -12.20 -70.87 70.07
CA VAL K 1655 -10.95 -71.64 69.84
C VAL K 1655 -9.87 -70.64 69.39
N PHE K 1656 -8.71 -70.66 70.04
CA PHE K 1656 -7.62 -69.66 69.83
C PHE K 1656 -6.44 -70.34 69.11
N THR K 1657 -6.20 -69.95 67.87
CA THR K 1657 -5.10 -70.45 67.00
C THR K 1657 -3.73 -70.27 67.68
N GLY K 1658 -2.86 -71.28 67.60
CA GLY K 1658 -1.44 -71.19 68.00
C GLY K 1658 -0.53 -70.74 66.86
N GLN K 1659 0.78 -70.96 67.00
CA GLN K 1659 1.82 -70.34 66.12
C GLN K 1659 1.74 -70.91 64.70
N GLY K 1660 2.31 -70.20 63.73
CA GLY K 1660 2.47 -70.64 62.32
C GLY K 1660 1.70 -69.76 61.37
N SER K 1661 0.62 -69.14 61.85
CA SER K 1661 -0.38 -68.38 61.05
C SER K 1661 0.01 -66.89 60.94
N GLN K 1662 0.84 -66.40 61.88
CA GLN K 1662 1.50 -65.06 61.94
C GLN K 1662 1.80 -64.49 60.54
N GLU K 1663 1.47 -63.21 60.34
CA GLU K 1663 1.74 -62.43 59.09
C GLU K 1663 2.05 -60.98 59.45
N GLN K 1664 2.80 -60.28 58.59
CA GLN K 1664 3.07 -58.83 58.73
C GLN K 1664 1.75 -58.09 58.57
N GLY K 1665 1.46 -57.13 59.46
CA GLY K 1665 0.25 -56.29 59.44
C GLY K 1665 -0.93 -56.90 60.21
N MET K 1666 -0.72 -58.01 60.94
CA MET K 1666 -1.82 -58.83 61.52
C MET K 1666 -2.57 -58.02 62.58
N GLY K 1667 -3.90 -57.90 62.40
CA GLY K 1667 -4.82 -57.21 63.34
C GLY K 1667 -4.50 -55.74 63.52
N MET K 1668 -3.79 -55.13 62.57
CA MET K 1668 -3.52 -53.67 62.54
C MET K 1668 -4.68 -52.96 61.82
N ASP K 1669 -5.58 -53.70 61.16
CA ASP K 1669 -6.92 -53.22 60.71
C ASP K 1669 -7.72 -52.82 61.94
N LEU K 1670 -7.89 -53.74 62.88
CA LEU K 1670 -8.59 -53.51 64.18
C LEU K 1670 -7.96 -52.36 64.96
N TYR K 1671 -6.63 -52.32 65.05
CA TYR K 1671 -5.87 -51.27 65.77
C TYR K 1671 -6.28 -49.86 65.30
N LYS K 1672 -6.57 -49.67 64.00
CA LYS K 1672 -6.99 -48.36 63.43
C LYS K 1672 -8.34 -47.94 64.03
N THR K 1673 -9.26 -48.89 64.14
CA THR K 1673 -10.72 -48.68 64.32
C THR K 1673 -11.10 -48.82 65.80
N SER K 1674 -10.71 -49.93 66.45
CA SER K 1674 -11.29 -50.38 67.74
C SER K 1674 -10.59 -49.70 68.92
N LYS K 1675 -11.35 -48.99 69.74
CA LYS K 1675 -10.90 -48.42 71.03
C LYS K 1675 -10.40 -49.54 71.95
N ALA K 1676 -11.03 -50.71 71.92
CA ALA K 1676 -10.75 -51.84 72.84
C ALA K 1676 -9.46 -52.53 72.41
N ALA K 1677 -9.26 -52.68 71.09
CA ALA K 1677 -8.02 -53.26 70.50
C ALA K 1677 -6.83 -52.33 70.76
N GLN K 1678 -6.95 -51.05 70.40
CA GLN K 1678 -5.96 -49.98 70.70
C GLN K 1678 -5.46 -50.10 72.13
N ASP K 1679 -6.36 -50.23 73.11
CA ASP K 1679 -6.00 -50.32 74.55
C ASP K 1679 -5.17 -51.57 74.82
N VAL K 1680 -5.19 -52.59 73.98
CA VAL K 1680 -4.50 -53.88 74.25
C VAL K 1680 -3.06 -53.77 73.73
N TRP K 1681 -2.91 -53.42 72.46
CA TRP K 1681 -1.59 -53.17 71.83
C TRP K 1681 -0.84 -52.10 72.62
N ASN K 1682 -1.37 -50.87 72.65
CA ASN K 1682 -0.77 -49.69 73.32
C ASN K 1682 -0.32 -50.08 74.73
N ARG K 1683 -1.13 -50.85 75.44
CA ARG K 1683 -0.83 -51.24 76.84
C ARG K 1683 0.41 -52.13 76.87
N ALA K 1684 0.54 -53.03 75.90
CA ALA K 1684 1.61 -54.07 75.79
C ALA K 1684 2.87 -53.49 75.17
N ASP K 1685 2.71 -52.66 74.13
CA ASP K 1685 3.82 -51.92 73.48
C ASP K 1685 4.50 -50.95 74.45
N ASN K 1686 3.81 -50.43 75.46
CA ASN K 1686 4.45 -49.56 76.49
C ASN K 1686 5.20 -50.44 77.48
N HIS K 1687 4.68 -51.64 77.75
CA HIS K 1687 5.32 -52.58 78.68
C HIS K 1687 6.65 -53.06 78.07
N PHE K 1688 6.63 -53.40 76.78
CA PHE K 1688 7.82 -53.90 76.04
C PHE K 1688 8.85 -52.79 75.92
N LYS K 1689 8.41 -51.59 75.54
CA LYS K 1689 9.28 -50.42 75.29
C LYS K 1689 10.12 -50.12 76.52
N ASP K 1690 9.58 -50.35 77.72
CA ASP K 1690 10.11 -49.88 79.02
C ASP K 1690 10.85 -50.99 79.76
N THR K 1691 10.53 -52.26 79.53
CA THR K 1691 11.21 -53.39 80.21
C THR K 1691 12.27 -54.01 79.31
N TYR K 1692 12.05 -54.06 77.99
CA TYR K 1692 12.93 -54.83 77.06
C TYR K 1692 13.37 -54.01 75.85
N GLY K 1693 12.98 -52.76 75.76
CA GLY K 1693 13.61 -51.80 74.85
C GLY K 1693 13.14 -51.90 73.42
N PHE K 1694 12.12 -52.67 73.10
CA PHE K 1694 11.56 -52.72 71.71
C PHE K 1694 10.06 -52.47 71.76
N SER K 1695 9.49 -52.08 70.62
CA SER K 1695 8.05 -51.93 70.35
C SER K 1695 7.55 -53.14 69.57
N ILE K 1696 6.75 -54.00 70.20
CA ILE K 1696 6.07 -55.15 69.53
C ILE K 1696 5.18 -54.68 68.36
N LEU K 1697 4.67 -53.44 68.36
CA LEU K 1697 3.88 -52.90 67.22
C LEU K 1697 4.78 -52.78 65.99
N ASP K 1698 5.91 -52.07 66.10
CA ASP K 1698 6.92 -51.91 65.03
C ASP K 1698 7.19 -53.29 64.43
N ILE K 1699 7.54 -54.27 65.28
CA ILE K 1699 7.85 -55.65 64.82
C ILE K 1699 6.70 -56.17 63.94
N VAL K 1700 5.47 -56.16 64.44
CA VAL K 1700 4.26 -56.64 63.72
C VAL K 1700 4.02 -55.82 62.45
N ILE K 1701 4.14 -54.49 62.51
CA ILE K 1701 3.72 -53.57 61.40
C ILE K 1701 4.69 -53.71 60.22
N ASN K 1702 5.99 -53.59 60.50
CA ASN K 1702 7.10 -53.66 59.50
C ASN K 1702 8.09 -54.72 59.95
N ASN K 1703 8.07 -55.91 59.35
CA ASN K 1703 8.93 -57.05 59.72
C ASN K 1703 10.38 -56.60 59.63
N PRO K 1704 11.06 -56.28 60.74
CA PRO K 1704 12.44 -55.81 60.67
C PRO K 1704 13.30 -57.08 60.60
N VAL K 1705 14.33 -57.11 59.76
CA VAL K 1705 15.20 -58.32 59.60
C VAL K 1705 16.12 -58.42 60.83
N ASN K 1706 16.69 -57.28 61.23
CA ASN K 1706 17.57 -57.14 62.42
C ASN K 1706 16.89 -56.18 63.38
N LEU K 1707 17.20 -56.28 64.69
CA LEU K 1707 16.67 -55.35 65.71
C LEU K 1707 17.67 -55.22 66.85
N THR K 1708 18.35 -54.07 66.98
CA THR K 1708 19.36 -53.81 68.04
C THR K 1708 18.67 -53.04 69.15
N ILE K 1709 18.86 -53.50 70.37
CA ILE K 1709 18.49 -52.83 71.63
C ILE K 1709 19.76 -52.10 72.00
N HIS K 1710 19.70 -50.86 72.49
CA HIS K 1710 20.87 -50.21 73.11
C HIS K 1710 20.63 -49.92 74.59
N PHE K 1711 21.67 -50.04 75.41
CA PHE K 1711 21.57 -49.98 76.88
C PHE K 1711 22.27 -48.72 77.41
N GLY K 1712 22.03 -47.58 76.77
CA GLY K 1712 22.67 -46.28 77.07
C GLY K 1712 21.76 -45.46 77.92
N GLY K 1713 22.31 -44.54 78.71
CA GLY K 1713 21.56 -43.73 79.70
C GLY K 1713 21.16 -44.57 80.90
N GLU K 1714 20.37 -44.00 81.81
CA GLU K 1714 19.95 -44.70 83.06
C GLU K 1714 18.83 -45.68 82.71
N LYS K 1715 17.86 -45.22 81.91
CA LYS K 1715 16.73 -46.04 81.39
C LYS K 1715 17.29 -47.31 80.77
N GLY K 1716 18.23 -47.17 79.83
CA GLY K 1716 18.93 -48.27 79.17
C GLY K 1716 19.63 -49.26 80.11
N LYS K 1717 20.25 -48.83 81.22
CA LYS K 1717 20.92 -49.75 82.18
C LYS K 1717 19.84 -50.59 82.87
N ARG K 1718 18.66 -50.03 83.06
CA ARG K 1718 17.54 -50.74 83.73
C ARG K 1718 17.09 -51.85 82.78
N ILE K 1719 16.93 -51.50 81.51
CA ILE K 1719 16.56 -52.43 80.42
C ILE K 1719 17.60 -53.51 80.26
N ARG K 1720 18.88 -53.29 80.54
CA ARG K 1720 19.90 -54.36 80.41
C ARG K 1720 19.78 -55.35 81.58
N GLU K 1721 19.55 -54.88 82.81
CA GLU K 1721 19.33 -55.76 84.00
C GLU K 1721 18.17 -56.71 83.72
N ASN K 1722 17.18 -56.27 82.94
CA ASN K 1722 15.98 -57.07 82.58
C ASN K 1722 16.30 -58.22 81.60
N TYR K 1723 17.37 -58.12 80.80
CA TYR K 1723 17.87 -59.26 79.98
C TYR K 1723 18.83 -60.14 80.80
N SER K 1724 19.65 -59.55 81.66
CA SER K 1724 20.65 -60.27 82.48
C SER K 1724 19.95 -61.15 83.53
N ALA K 1725 18.77 -60.76 84.01
CA ALA K 1725 18.01 -61.51 85.05
C ALA K 1725 17.36 -62.75 84.45
N MET K 1726 17.04 -62.72 83.16
CA MET K 1726 16.32 -63.82 82.43
C MET K 1726 17.23 -65.04 82.37
N ILE K 1727 16.90 -66.07 83.16
CA ILE K 1727 17.67 -67.36 83.28
C ILE K 1727 16.87 -68.48 82.59
N PHE K 1728 17.30 -69.72 82.78
CA PHE K 1728 16.64 -70.94 82.29
C PHE K 1728 16.97 -72.10 83.24
N GLU K 1729 16.39 -72.07 84.47
CA GLU K 1729 16.58 -73.05 85.60
C GLU K 1729 16.27 -74.48 85.14
N THR K 1730 17.04 -75.03 84.20
CA THR K 1730 16.83 -76.38 83.61
C THR K 1730 17.06 -77.41 84.74
N ILE K 1731 16.37 -78.58 84.69
CA ILE K 1731 16.52 -79.73 85.66
C ILE K 1731 17.52 -80.78 85.08
N VAL K 1732 18.25 -80.45 83.98
CA VAL K 1732 19.27 -81.33 83.30
C VAL K 1732 20.31 -81.78 84.36
N ASP K 1733 20.67 -83.06 84.30
CA ASP K 1733 21.55 -83.82 85.25
C ASP K 1733 20.77 -84.09 86.56
N GLY K 1734 21.35 -84.88 87.47
CA GLY K 1734 20.84 -85.11 88.85
C GLY K 1734 20.52 -83.78 89.53
N LYS K 1735 21.48 -82.83 89.48
CA LYS K 1735 21.36 -81.46 90.07
C LYS K 1735 20.98 -80.46 88.95
N LEU K 1736 19.93 -79.66 89.20
CA LEU K 1736 19.44 -78.57 88.29
C LEU K 1736 20.63 -77.66 87.93
N LYS K 1737 20.74 -77.28 86.65
CA LYS K 1737 21.75 -76.33 86.12
C LYS K 1737 21.02 -75.12 85.49
N THR K 1738 21.45 -73.89 85.81
CA THR K 1738 20.80 -72.60 85.38
C THR K 1738 21.63 -71.98 84.25
N GLU K 1739 21.15 -72.11 83.01
CA GLU K 1739 21.83 -71.63 81.77
C GLU K 1739 21.26 -70.24 81.47
N LYS K 1740 21.95 -69.16 81.86
CA LYS K 1740 21.43 -67.77 81.76
C LYS K 1740 21.24 -67.39 80.27
N ILE K 1741 20.00 -67.12 79.85
CA ILE K 1741 19.65 -66.70 78.45
C ILE K 1741 20.34 -65.36 78.19
N PHE K 1742 20.78 -65.12 76.96
CA PHE K 1742 21.56 -63.91 76.59
C PHE K 1742 22.88 -63.96 77.37
N LYS K 1743 23.78 -64.84 76.94
CA LYS K 1743 25.14 -65.00 77.56
C LYS K 1743 26.00 -63.81 77.13
N GLU K 1744 25.71 -63.25 75.95
CA GLU K 1744 26.40 -62.11 75.30
C GLU K 1744 25.96 -60.78 75.94
N ILE K 1745 25.42 -60.79 77.15
CA ILE K 1745 24.92 -59.57 77.84
C ILE K 1745 25.44 -59.59 79.28
N ASN K 1746 26.34 -58.65 79.56
CA ASN K 1746 27.06 -58.48 80.84
C ASN K 1746 27.11 -56.99 81.16
N GLU K 1747 27.57 -56.65 82.37
CA GLU K 1747 27.75 -55.27 82.91
C GLU K 1747 28.27 -54.32 81.81
N HIS K 1748 29.18 -54.80 80.95
CA HIS K 1748 29.89 -54.00 79.92
C HIS K 1748 29.29 -54.22 78.52
N SER K 1749 27.98 -54.47 78.40
CA SER K 1749 27.29 -54.45 77.07
C SER K 1749 26.61 -53.09 76.89
N THR K 1750 26.49 -52.65 75.66
CA THR K 1750 25.85 -51.36 75.28
C THR K 1750 24.75 -51.62 74.25
N SER K 1751 24.72 -52.83 73.71
CA SER K 1751 23.81 -53.27 72.61
C SER K 1751 23.56 -54.77 72.76
N TYR K 1752 22.42 -55.25 72.29
CA TYR K 1752 22.22 -56.68 71.93
C TYR K 1752 21.42 -56.68 70.63
N THR K 1753 21.78 -57.52 69.66
CA THR K 1753 21.04 -57.58 68.36
C THR K 1753 20.35 -58.94 68.15
N PHE K 1754 19.05 -58.88 67.82
CA PHE K 1754 18.20 -60.03 67.43
C PHE K 1754 18.34 -60.21 65.91
N ARG K 1755 18.96 -61.32 65.49
CA ARG K 1755 19.11 -61.66 64.06
C ARG K 1755 17.94 -62.55 63.69
N SER K 1756 17.38 -62.32 62.50
CA SER K 1756 16.58 -63.30 61.74
C SER K 1756 17.07 -63.30 60.29
N GLU K 1757 16.59 -64.26 59.52
CA GLU K 1757 16.94 -64.47 58.10
C GLU K 1757 15.93 -63.67 57.26
N LYS K 1758 14.65 -63.89 57.55
CA LYS K 1758 13.48 -63.47 56.73
C LYS K 1758 12.82 -62.21 57.34
N GLY K 1759 12.39 -62.31 58.59
CA GLY K 1759 11.86 -61.21 59.43
C GLY K 1759 11.74 -61.66 60.88
N LEU K 1760 11.80 -60.74 61.84
CA LEU K 1760 11.79 -61.06 63.30
C LEU K 1760 10.43 -61.63 63.69
N LEU K 1761 9.37 -61.25 62.98
CA LEU K 1761 7.99 -61.70 63.29
C LEU K 1761 7.86 -63.22 63.11
N SER K 1762 8.82 -63.88 62.43
CA SER K 1762 8.92 -65.36 62.27
C SER K 1762 9.77 -66.03 63.37
N ALA K 1763 10.55 -65.26 64.16
CA ALA K 1763 11.26 -65.74 65.37
C ALA K 1763 10.24 -66.06 66.47
N THR K 1764 10.47 -67.12 67.23
CA THR K 1764 9.51 -67.63 68.25
C THR K 1764 9.15 -66.52 69.24
N GLN K 1765 10.10 -65.71 69.70
CA GLN K 1765 9.95 -64.85 70.91
C GLN K 1765 9.19 -63.57 70.56
N PHE K 1766 9.11 -63.23 69.28
CA PHE K 1766 8.30 -62.08 68.79
C PHE K 1766 6.95 -62.60 68.30
N THR K 1767 6.92 -63.71 67.56
CA THR K 1767 5.68 -64.32 67.04
C THR K 1767 4.74 -64.61 68.21
N GLN K 1768 5.25 -65.23 69.28
CA GLN K 1768 4.41 -65.67 70.41
C GLN K 1768 3.58 -64.49 70.94
N PRO K 1769 4.15 -63.32 71.32
CA PRO K 1769 3.35 -62.16 71.70
C PRO K 1769 2.46 -61.59 70.60
N ALA K 1770 2.98 -61.33 69.42
CA ALA K 1770 2.20 -60.77 68.28
C ALA K 1770 0.90 -61.57 68.05
N LEU K 1771 0.94 -62.91 68.06
CA LEU K 1771 -0.28 -63.77 68.04
C LEU K 1771 -1.13 -63.43 69.25
N THR K 1772 -0.62 -63.71 70.44
CA THR K 1772 -1.35 -63.62 71.73
C THR K 1772 -2.03 -62.26 71.90
N LEU K 1773 -1.42 -61.17 71.46
CA LEU K 1773 -2.08 -59.83 71.38
C LEU K 1773 -3.17 -59.86 70.33
N MET K 1774 -2.82 -60.03 69.05
CA MET K 1774 -3.76 -59.96 67.89
C MET K 1774 -5.10 -60.58 68.31
N GLU K 1775 -5.02 -61.73 69.00
CA GLU K 1775 -6.18 -62.50 69.51
C GLU K 1775 -6.86 -61.71 70.61
N LYS K 1776 -6.17 -61.54 71.74
CA LYS K 1776 -6.67 -60.77 72.92
C LYS K 1776 -7.34 -59.47 72.44
N ALA K 1777 -6.90 -58.84 71.36
CA ALA K 1777 -7.46 -57.58 70.83
C ALA K 1777 -8.78 -57.86 70.14
N ALA K 1778 -8.76 -58.65 69.08
CA ALA K 1778 -9.98 -59.22 68.43
C ALA K 1778 -11.01 -59.55 69.51
N PHE K 1779 -10.63 -60.33 70.52
CA PHE K 1779 -11.57 -60.74 71.56
C PHE K 1779 -12.12 -59.55 72.33
N GLU K 1780 -11.27 -58.64 72.79
CA GLU K 1780 -11.70 -57.47 73.59
C GLU K 1780 -12.61 -56.58 72.76
N ASP K 1781 -12.42 -56.50 71.44
CA ASP K 1781 -13.34 -55.75 70.54
C ASP K 1781 -14.71 -56.44 70.50
N LEU K 1782 -14.75 -57.78 70.51
CA LEU K 1782 -16.01 -58.56 70.56
C LEU K 1782 -16.70 -58.25 71.88
N LYS K 1783 -16.03 -58.50 73.01
CA LYS K 1783 -16.57 -58.27 74.38
C LYS K 1783 -17.16 -56.85 74.50
N SER K 1784 -16.51 -55.84 73.90
CA SER K 1784 -16.94 -54.42 73.86
C SER K 1784 -18.29 -54.29 73.18
N LYS K 1785 -18.50 -55.07 72.11
CA LYS K 1785 -19.73 -55.06 71.27
C LYS K 1785 -20.83 -55.94 71.91
N GLY K 1786 -20.54 -56.58 73.03
CA GLY K 1786 -21.51 -57.42 73.76
C GLY K 1786 -21.81 -58.72 73.04
N LEU K 1787 -20.80 -59.38 72.48
CA LEU K 1787 -20.96 -60.57 71.60
C LEU K 1787 -20.46 -61.86 72.26
N ILE K 1788 -20.20 -61.84 73.57
CA ILE K 1788 -19.56 -62.97 74.30
C ILE K 1788 -20.54 -63.53 75.31
N PRO K 1789 -21.16 -64.69 74.98
CA PRO K 1789 -21.93 -65.47 75.95
C PRO K 1789 -21.20 -65.67 77.29
N ALA K 1790 -21.95 -65.58 78.37
CA ALA K 1790 -21.46 -65.80 79.75
C ALA K 1790 -20.93 -67.22 79.85
N ASP K 1791 -21.60 -68.18 79.19
CA ASP K 1791 -21.37 -69.64 79.34
C ASP K 1791 -20.70 -70.20 78.08
N ALA K 1792 -19.80 -69.44 77.48
CA ALA K 1792 -18.96 -69.91 76.36
C ALA K 1792 -17.92 -70.91 76.88
N THR K 1793 -17.74 -72.01 76.17
CA THR K 1793 -16.58 -72.93 76.30
C THR K 1793 -15.42 -72.32 75.49
N PHE K 1794 -14.19 -72.43 76.00
CA PHE K 1794 -13.00 -71.93 75.28
C PHE K 1794 -11.85 -72.93 75.39
N ALA K 1795 -10.98 -72.87 74.40
CA ALA K 1795 -9.85 -73.80 74.19
C ALA K 1795 -8.87 -73.16 73.22
N GLY K 1796 -7.59 -73.32 73.50
CA GLY K 1796 -6.53 -72.83 72.60
C GLY K 1796 -5.57 -73.94 72.25
N HIS K 1797 -5.19 -74.00 70.98
CA HIS K 1797 -4.11 -74.86 70.44
C HIS K 1797 -2.77 -74.29 70.90
N SER K 1798 -2.10 -74.96 71.83
CA SER K 1798 -0.70 -74.67 72.26
C SER K 1798 -0.63 -73.27 72.90
N LEU K 1799 -0.40 -72.26 72.07
CA LEU K 1799 -0.14 -70.86 72.51
C LEU K 1799 -1.48 -70.20 72.81
N GLY K 1800 -2.47 -70.43 71.95
CA GLY K 1800 -3.88 -70.16 72.21
C GLY K 1800 -4.25 -70.31 73.68
N GLU K 1801 -3.84 -71.39 74.31
CA GLU K 1801 -4.17 -71.68 75.73
C GLU K 1801 -4.08 -70.39 76.54
N TYR K 1802 -3.01 -69.59 76.35
CA TYR K 1802 -2.71 -68.34 77.10
C TYR K 1802 -3.69 -67.24 76.66
N ALA K 1803 -3.77 -66.96 75.36
CA ALA K 1803 -4.69 -65.94 74.78
C ALA K 1803 -6.12 -66.18 75.25
N ALA K 1804 -6.55 -67.44 75.25
CA ALA K 1804 -7.89 -67.88 75.71
C ALA K 1804 -8.06 -67.64 77.22
N LEU K 1805 -7.06 -67.94 78.05
CA LEU K 1805 -7.19 -67.76 79.53
C LEU K 1805 -7.04 -66.29 79.93
N ALA K 1806 -6.39 -65.48 79.10
CA ALA K 1806 -6.33 -64.01 79.28
C ALA K 1806 -7.68 -63.42 78.94
N SER K 1807 -8.33 -63.95 77.90
CA SER K 1807 -9.53 -63.36 77.23
C SER K 1807 -10.82 -63.70 78.01
N LEU K 1808 -11.01 -64.95 78.42
CA LEU K 1808 -12.29 -65.44 78.97
C LEU K 1808 -12.19 -65.82 80.44
N ALA K 1809 -11.06 -65.62 81.11
CA ALA K 1809 -10.99 -65.78 82.58
C ALA K 1809 -10.10 -64.71 83.23
N ASP K 1810 -9.63 -63.72 82.47
CA ASP K 1810 -8.85 -62.55 82.98
C ASP K 1810 -7.92 -63.02 84.10
N VAL K 1811 -7.16 -64.08 83.85
CA VAL K 1811 -6.22 -64.69 84.83
C VAL K 1811 -5.03 -63.73 84.97
N MET K 1812 -4.43 -63.35 83.84
CA MET K 1812 -3.28 -62.42 83.76
C MET K 1812 -3.76 -61.04 83.30
N SER K 1813 -3.04 -59.98 83.69
CA SER K 1813 -3.04 -58.67 83.01
C SER K 1813 -2.46 -58.81 81.59
N ILE K 1814 -2.77 -57.89 80.70
CA ILE K 1814 -2.15 -57.74 79.36
C ILE K 1814 -0.64 -57.75 79.50
N GLU K 1815 -0.10 -57.10 80.55
CA GLU K 1815 1.35 -56.94 80.76
C GLU K 1815 1.94 -58.29 81.17
N SER K 1816 1.39 -58.93 82.22
CA SER K 1816 1.83 -60.28 82.67
C SER K 1816 1.74 -61.31 81.52
N LEU K 1817 0.77 -61.18 80.64
CA LEU K 1817 0.51 -62.15 79.55
C LEU K 1817 1.71 -62.12 78.60
N VAL K 1818 1.99 -60.95 78.02
CA VAL K 1818 3.07 -60.79 77.02
C VAL K 1818 4.44 -61.11 77.66
N GLU K 1819 4.62 -60.88 78.96
CA GLU K 1819 5.84 -61.37 79.66
C GLU K 1819 5.95 -62.88 79.45
N VAL K 1820 5.05 -63.63 80.09
CA VAL K 1820 4.99 -65.12 80.10
C VAL K 1820 5.30 -65.64 78.70
N VAL K 1821 4.50 -65.23 77.72
CA VAL K 1821 4.58 -65.66 76.31
C VAL K 1821 5.94 -65.29 75.69
N PHE K 1822 6.55 -64.17 76.05
CA PHE K 1822 7.89 -63.75 75.53
C PHE K 1822 8.95 -64.63 76.17
N TYR K 1823 8.93 -64.80 77.48
CA TYR K 1823 9.80 -65.75 78.23
C TYR K 1823 9.65 -67.16 77.65
N ARG K 1824 8.44 -67.56 77.28
CA ARG K 1824 8.14 -68.91 76.72
C ARG K 1824 8.95 -69.06 75.43
N GLY K 1825 8.73 -68.19 74.45
CA GLY K 1825 9.42 -68.18 73.15
C GLY K 1825 10.93 -68.10 73.31
N MET K 1826 11.41 -67.47 74.38
CA MET K 1826 12.86 -67.37 74.66
C MET K 1826 13.36 -68.71 75.22
N THR K 1827 12.57 -69.33 76.10
CA THR K 1827 12.86 -70.63 76.75
C THR K 1827 12.60 -71.79 75.75
N MET K 1828 12.28 -71.49 74.48
CA MET K 1828 12.24 -72.44 73.34
C MET K 1828 13.28 -71.99 72.30
N GLN K 1829 14.49 -71.60 72.76
CA GLN K 1829 15.67 -71.23 71.93
C GLN K 1829 16.95 -71.69 72.62
N VAL K 1830 17.05 -71.47 73.94
CA VAL K 1830 18.08 -72.04 74.83
C VAL K 1830 17.87 -73.57 74.95
N ALA K 1831 16.62 -74.06 74.79
CA ALA K 1831 16.17 -75.42 75.17
C ALA K 1831 16.94 -76.52 74.40
N VAL K 1832 17.37 -76.20 73.18
CA VAL K 1832 18.08 -77.14 72.25
C VAL K 1832 19.49 -76.59 71.97
N PRO K 1833 20.57 -77.43 71.98
CA PRO K 1833 21.91 -76.96 71.58
C PRO K 1833 22.08 -76.76 70.06
N ARG K 1834 22.64 -75.60 69.67
CA ARG K 1834 22.87 -75.18 68.26
C ARG K 1834 24.32 -74.66 68.16
N ASP K 1835 25.28 -75.58 68.07
CA ASP K 1835 26.75 -75.34 68.13
C ASP K 1835 27.20 -74.49 66.91
N GLU K 1836 26.69 -74.82 65.71
CA GLU K 1836 27.10 -74.27 64.38
C GLU K 1836 26.74 -72.78 64.35
N LEU K 1837 25.44 -72.50 64.49
CA LEU K 1837 24.86 -71.14 64.51
C LEU K 1837 23.48 -71.23 65.20
N GLY K 1838 22.37 -71.26 64.45
CA GLY K 1838 20.99 -71.44 64.94
C GLY K 1838 20.39 -72.77 64.51
N ARG K 1839 21.15 -73.59 63.75
CA ARG K 1839 20.70 -74.92 63.26
C ARG K 1839 20.71 -75.90 64.44
N SER K 1840 19.62 -76.65 64.59
CA SER K 1840 19.49 -77.72 65.61
C SER K 1840 19.35 -79.06 64.88
N ASN K 1841 19.78 -80.14 65.54
CA ASN K 1841 19.66 -81.53 65.01
C ASN K 1841 18.26 -82.07 65.35
N TYR K 1842 17.29 -81.21 65.71
CA TYR K 1842 15.86 -81.53 65.99
C TYR K 1842 14.95 -80.81 65.00
N GLY K 1843 13.70 -81.27 64.89
CA GLY K 1843 12.67 -80.73 63.97
C GLY K 1843 11.29 -81.30 64.25
N MET K 1844 10.34 -81.13 63.31
CA MET K 1844 9.00 -81.80 63.38
C MET K 1844 8.32 -81.83 62.00
N ILE K 1845 7.61 -82.93 61.74
CA ILE K 1845 6.94 -83.25 60.43
C ILE K 1845 5.44 -83.43 60.70
N ALA K 1846 4.61 -83.14 59.67
CA ALA K 1846 3.14 -83.28 59.64
C ALA K 1846 2.73 -84.51 58.81
N ILE K 1847 2.39 -85.59 59.50
CA ILE K 1847 1.98 -86.90 58.91
C ILE K 1847 0.49 -86.83 58.54
N ASN K 1848 0.09 -87.48 57.43
CA ASN K 1848 -1.32 -87.62 56.93
C ASN K 1848 -1.63 -89.10 56.69
N PRO K 1849 -1.88 -89.92 57.74
CA PRO K 1849 -1.99 -91.38 57.60
C PRO K 1849 -2.91 -91.90 56.49
N GLY K 1850 -3.94 -91.12 56.13
CA GLY K 1850 -4.80 -91.39 54.97
C GLY K 1850 -4.00 -91.70 53.71
N ARG K 1851 -2.92 -90.93 53.47
CA ARG K 1851 -2.20 -90.91 52.16
C ARG K 1851 -1.29 -92.14 51.99
N VAL K 1852 -0.68 -92.61 53.08
CA VAL K 1852 0.15 -93.86 53.11
C VAL K 1852 -0.71 -95.07 52.74
N ALA K 1853 -1.85 -95.27 53.41
CA ALA K 1853 -2.73 -96.47 53.23
C ALA K 1853 -4.09 -96.23 53.90
N ALA K 1854 -5.18 -96.43 53.14
CA ALA K 1854 -6.59 -96.28 53.59
C ALA K 1854 -6.83 -96.94 54.96
N SER K 1855 -6.21 -98.10 55.24
CA SER K 1855 -6.31 -98.85 56.52
C SER K 1855 -5.51 -98.17 57.64
N PHE K 1856 -4.39 -97.53 57.30
CA PHE K 1856 -3.40 -97.01 58.27
C PHE K 1856 -3.99 -95.79 59.01
N SER K 1857 -3.88 -95.78 60.35
CA SER K 1857 -4.67 -94.89 61.24
C SER K 1857 -4.03 -94.80 62.64
N GLN K 1858 -4.79 -94.38 63.65
CA GLN K 1858 -4.47 -94.54 65.09
C GLN K 1858 -4.18 -96.02 65.42
N GLU K 1859 -3.43 -96.22 66.52
CA GLU K 1859 -2.94 -97.51 67.09
C GLU K 1859 -1.88 -98.09 66.15
N ALA K 1860 -1.62 -97.41 65.04
CA ALA K 1860 -0.74 -97.86 63.94
C ALA K 1860 0.47 -96.92 63.88
N LEU K 1861 0.25 -95.59 63.83
CA LEU K 1861 1.31 -94.57 64.04
C LEU K 1861 1.90 -94.69 65.44
N GLN K 1862 1.09 -94.96 66.46
CA GLN K 1862 1.55 -94.98 67.87
C GLN K 1862 2.43 -96.21 68.14
N TYR K 1863 2.45 -97.23 67.25
CA TYR K 1863 3.50 -98.29 67.18
C TYR K 1863 4.71 -97.77 66.39
N VAL K 1864 4.55 -97.55 65.09
CA VAL K 1864 5.67 -97.25 64.13
C VAL K 1864 6.61 -96.24 64.80
N VAL K 1865 6.07 -95.12 65.29
CA VAL K 1865 6.83 -93.96 65.86
C VAL K 1865 7.37 -94.32 67.26
N GLU K 1866 6.69 -95.17 68.03
CA GLU K 1866 7.18 -95.60 69.38
C GLU K 1866 8.39 -96.54 69.23
N ARG K 1867 8.37 -97.41 68.21
CA ARG K 1867 9.44 -98.42 67.93
C ARG K 1867 10.70 -97.68 67.46
N VAL K 1868 10.56 -96.84 66.43
CA VAL K 1868 11.65 -95.98 65.85
C VAL K 1868 12.07 -94.99 66.94
N GLY K 1869 12.84 -95.43 67.93
CA GLY K 1869 13.15 -94.66 69.15
C GLY K 1869 13.36 -95.56 70.36
N LYS K 1870 12.52 -96.60 70.47
CA LYS K 1870 12.78 -97.80 71.30
C LYS K 1870 13.96 -98.58 70.65
N ARG K 1871 13.96 -98.68 69.31
CA ARG K 1871 15.01 -99.28 68.44
C ARG K 1871 16.26 -98.38 68.40
N THR K 1872 16.18 -97.22 67.73
CA THR K 1872 17.32 -96.32 67.39
C THR K 1872 17.88 -95.67 68.66
N GLY K 1873 17.06 -95.44 69.70
CA GLY K 1873 17.41 -94.66 70.90
C GLY K 1873 17.37 -93.15 70.66
N TRP K 1874 16.89 -92.74 69.48
CA TRP K 1874 16.76 -91.31 69.05
C TRP K 1874 15.34 -90.81 69.34
N LEU K 1875 15.21 -89.94 70.34
CA LEU K 1875 13.92 -89.33 70.77
C LEU K 1875 13.12 -88.90 69.54
N VAL K 1876 11.98 -89.55 69.27
CA VAL K 1876 10.85 -89.03 68.44
C VAL K 1876 9.55 -89.35 69.18
N GLU K 1877 8.53 -88.52 68.99
CA GLU K 1877 7.19 -88.61 69.63
C GLU K 1877 6.14 -87.99 68.71
N ILE K 1878 4.86 -88.38 68.88
CA ILE K 1878 3.68 -87.61 68.36
C ILE K 1878 3.44 -86.48 69.37
N VAL K 1879 3.28 -85.24 68.89
CA VAL K 1879 3.20 -84.03 69.77
C VAL K 1879 1.83 -83.35 69.61
N ASN K 1880 1.34 -83.13 68.38
CA ASN K 1880 -0.02 -82.60 68.10
C ASN K 1880 -0.86 -83.70 67.45
N TYR K 1881 -1.82 -84.25 68.21
CA TYR K 1881 -2.99 -85.01 67.70
C TYR K 1881 -4.04 -84.00 67.23
N ASN K 1882 -4.16 -83.71 65.93
CA ASN K 1882 -5.03 -82.62 65.40
C ASN K 1882 -6.39 -83.12 64.87
N VAL K 1883 -6.42 -83.71 63.68
CA VAL K 1883 -7.62 -84.28 62.98
C VAL K 1883 -7.49 -85.80 63.06
N GLU K 1884 -8.59 -86.57 63.09
CA GLU K 1884 -8.51 -88.05 63.13
C GLU K 1884 -8.10 -88.57 61.74
N ASN K 1885 -7.03 -89.40 61.72
CA ASN K 1885 -6.53 -90.13 60.52
C ASN K 1885 -6.42 -89.17 59.33
N GLN K 1886 -5.86 -87.97 59.54
CA GLN K 1886 -5.83 -86.90 58.51
C GLN K 1886 -4.79 -85.80 58.83
N GLN K 1887 -4.50 -85.54 60.11
CA GLN K 1887 -3.44 -84.58 60.55
C GLN K 1887 -2.90 -85.01 61.92
N TYR K 1888 -1.65 -85.45 61.98
CA TYR K 1888 -0.83 -85.54 63.21
C TYR K 1888 0.48 -84.79 62.96
N VAL K 1889 1.25 -84.59 64.03
CA VAL K 1889 2.57 -83.89 64.01
C VAL K 1889 3.51 -84.63 64.96
N ALA K 1890 4.60 -85.17 64.40
CA ALA K 1890 5.67 -85.86 65.15
C ALA K 1890 6.92 -84.98 65.14
N ALA K 1891 7.67 -85.03 66.26
CA ALA K 1891 8.75 -84.09 66.59
C ALA K 1891 9.81 -84.77 67.45
N GLY K 1892 11.07 -84.68 67.00
CA GLY K 1892 12.25 -85.06 67.78
C GLY K 1892 13.53 -84.93 66.96
N ASP K 1893 14.37 -85.96 67.01
CA ASP K 1893 15.71 -86.06 66.37
C ASP K 1893 15.55 -86.04 64.84
N LEU K 1894 16.08 -85.01 64.15
CA LEU K 1894 15.99 -84.87 62.66
C LEU K 1894 16.32 -86.18 61.97
N ARG K 1895 17.26 -86.97 62.54
CA ARG K 1895 17.63 -88.34 62.09
C ARG K 1895 16.40 -89.26 62.18
N ALA K 1896 15.83 -89.42 63.38
CA ALA K 1896 14.66 -90.29 63.69
C ALA K 1896 13.40 -89.85 62.92
N LEU K 1897 13.30 -88.57 62.52
CA LEU K 1897 12.25 -88.04 61.61
C LEU K 1897 12.49 -88.53 60.17
N ASP K 1898 13.76 -88.47 59.71
CA ASP K 1898 14.17 -88.89 58.34
C ASP K 1898 13.97 -90.40 58.16
N THR K 1899 14.13 -91.21 59.23
CA THR K 1899 13.79 -92.66 59.19
C THR K 1899 12.28 -92.80 58.94
N VAL K 1900 11.46 -92.09 59.71
CA VAL K 1900 9.96 -92.20 59.72
C VAL K 1900 9.41 -91.79 58.33
N THR K 1901 9.83 -90.65 57.76
CA THR K 1901 9.39 -90.23 56.39
C THR K 1901 9.81 -91.25 55.32
N ASN K 1902 10.87 -92.04 55.58
CA ASN K 1902 11.33 -93.17 54.70
C ASN K 1902 10.50 -94.43 55.00
N VAL K 1903 10.51 -94.91 56.26
CA VAL K 1903 9.71 -96.08 56.75
C VAL K 1903 8.26 -96.01 56.22
N LEU K 1904 7.65 -94.81 56.24
CA LEU K 1904 6.26 -94.54 55.74
C LEU K 1904 6.25 -94.61 54.20
N ASN K 1905 7.20 -93.95 53.52
CA ASN K 1905 7.28 -93.91 52.03
C ASN K 1905 7.56 -95.31 51.48
N PHE K 1906 8.12 -96.20 52.32
CA PHE K 1906 8.31 -97.66 52.05
C PHE K 1906 6.94 -98.37 52.09
N ILE K 1907 6.19 -98.24 53.20
CA ILE K 1907 4.90 -98.95 53.46
C ILE K 1907 3.83 -98.56 52.41
N LYS K 1908 3.87 -97.32 51.91
CA LYS K 1908 2.97 -96.84 50.81
C LYS K 1908 3.33 -97.57 49.49
N LEU K 1909 4.60 -97.47 49.03
CA LEU K 1909 5.07 -98.02 47.72
C LEU K 1909 5.14 -99.56 47.78
N GLN K 1910 5.62 -100.12 48.91
CA GLN K 1910 5.56 -101.57 49.25
C GLN K 1910 4.09 -102.02 49.30
N LYS K 1911 3.18 -101.13 49.75
CA LYS K 1911 1.69 -101.29 49.71
C LYS K 1911 1.27 -102.48 50.59
N ILE K 1912 1.98 -102.72 51.71
CA ILE K 1912 1.56 -103.72 52.74
C ILE K 1912 0.47 -103.05 53.60
N ASP K 1913 -0.70 -103.67 53.67
CA ASP K 1913 -1.84 -103.31 54.56
C ASP K 1913 -1.51 -103.91 55.96
N ILE K 1914 -1.16 -103.07 56.94
CA ILE K 1914 -0.69 -103.46 58.31
C ILE K 1914 -1.61 -104.54 58.93
N ILE K 1915 -2.94 -104.36 58.92
CA ILE K 1915 -3.97 -105.22 59.64
C ILE K 1915 -3.92 -106.68 59.11
N GLU K 1916 -3.73 -106.85 57.79
CA GLU K 1916 -3.57 -108.17 57.09
C GLU K 1916 -2.36 -108.93 57.67
N LEU K 1917 -1.32 -108.21 58.16
CA LEU K 1917 -0.13 -108.83 58.82
C LEU K 1917 0.22 -108.17 60.16
N GLN K 1918 -0.78 -107.63 60.89
CA GLN K 1918 -0.62 -107.04 62.26
C GLN K 1918 -0.80 -108.17 63.27
N LYS K 1919 -1.98 -108.79 63.24
CA LYS K 1919 -2.36 -109.96 64.08
C LYS K 1919 -2.87 -111.12 63.19
N SER K 1920 -3.65 -110.80 62.14
CA SER K 1920 -4.29 -111.77 61.19
C SER K 1920 -3.29 -112.87 60.74
N LEU K 1921 -2.17 -112.49 60.11
CA LEU K 1921 -1.07 -113.41 59.69
C LEU K 1921 -0.23 -113.78 60.94
N SER K 1922 0.77 -112.94 61.29
CA SER K 1922 1.82 -113.21 62.31
C SER K 1922 1.68 -112.23 63.48
N LEU K 1923 1.67 -112.76 64.71
CA LEU K 1923 1.32 -112.06 65.99
C LEU K 1923 2.59 -111.86 66.84
N GLU K 1924 3.10 -110.60 66.93
CA GLU K 1924 4.31 -110.15 67.69
C GLU K 1924 5.63 -110.50 66.96
N GLU K 1925 5.55 -111.08 65.75
CA GLU K 1925 6.69 -111.33 64.81
C GLU K 1925 7.00 -110.03 64.03
N VAL K 1926 5.96 -109.20 63.75
CA VAL K 1926 6.01 -107.88 63.03
C VAL K 1926 7.19 -107.03 63.52
N GLU K 1927 7.45 -107.01 64.84
CA GLU K 1927 8.61 -106.29 65.42
C GLU K 1927 9.86 -106.59 64.57
N GLY K 1928 10.06 -107.87 64.19
CA GLY K 1928 11.10 -108.34 63.24
C GLY K 1928 10.97 -107.75 61.83
N HIS K 1929 9.77 -107.79 61.20
CA HIS K 1929 9.44 -107.17 59.89
C HIS K 1929 9.80 -105.67 59.87
N LEU K 1930 9.46 -104.97 60.97
CA LEU K 1930 9.59 -103.50 61.15
C LEU K 1930 11.06 -103.13 61.42
N PHE K 1931 11.70 -103.85 62.36
CA PHE K 1931 13.14 -103.70 62.72
C PHE K 1931 14.03 -103.83 61.48
N GLU K 1932 13.64 -104.67 60.51
CA GLU K 1932 14.31 -104.80 59.18
C GLU K 1932 14.20 -103.46 58.42
N ILE K 1933 12.96 -102.95 58.28
CA ILE K 1933 12.58 -101.76 57.45
C ILE K 1933 13.24 -100.50 58.05
N ILE K 1934 13.35 -100.46 59.39
CA ILE K 1934 14.02 -99.38 60.17
C ILE K 1934 15.52 -99.38 59.83
N ASP K 1935 16.21 -100.50 60.13
CA ASP K 1935 17.70 -100.61 60.23
C ASP K 1935 18.37 -100.28 58.87
N GLU K 1936 17.65 -100.43 57.75
CA GLU K 1936 18.11 -100.06 56.38
C GLU K 1936 17.98 -98.54 56.14
N ALA K 1937 16.93 -97.89 56.68
CA ALA K 1937 16.64 -96.43 56.58
C ALA K 1937 17.24 -95.68 57.79
N SER K 1938 17.28 -96.33 58.97
CA SER K 1938 17.93 -95.86 60.24
C SER K 1938 19.39 -95.46 59.99
N LYS K 1939 20.20 -96.41 59.47
CA LYS K 1939 21.68 -96.26 59.31
C LYS K 1939 22.02 -95.86 57.85
N LYS K 1940 20.99 -95.39 57.12
CA LYS K 1940 21.12 -94.58 55.87
C LYS K 1940 21.09 -93.08 56.24
N SER K 1941 20.32 -92.70 57.26
CA SER K 1941 20.16 -91.31 57.81
C SER K 1941 21.00 -91.09 59.09
N ALA K 1942 21.98 -91.96 59.39
CA ALA K 1942 23.02 -91.75 60.45
C ALA K 1942 24.39 -91.48 59.77
N VAL K 1943 24.38 -90.88 58.58
CA VAL K 1943 25.59 -90.50 57.79
C VAL K 1943 25.21 -89.38 56.79
N LYS K 1944 25.12 -88.15 57.26
CA LYS K 1944 24.68 -86.96 56.47
C LYS K 1944 25.22 -85.67 57.10
N PRO K 1945 25.24 -84.54 56.34
CA PRO K 1945 25.66 -83.25 56.89
C PRO K 1945 24.90 -82.89 58.19
N ARG K 1946 25.57 -83.07 59.34
CA ARG K 1946 25.06 -83.09 60.76
C ARG K 1946 23.64 -82.53 60.85
N PRO K 1947 23.35 -81.20 60.70
CA PRO K 1947 21.97 -80.70 60.71
C PRO K 1947 21.35 -80.92 59.32
N LEU K 1948 20.78 -82.12 59.14
CA LEU K 1948 20.50 -82.75 57.82
C LEU K 1948 19.23 -82.18 57.19
N LYS K 1949 19.31 -81.86 55.88
CA LYS K 1949 18.20 -81.32 55.06
C LYS K 1949 17.09 -82.38 54.97
N LEU K 1950 16.04 -82.21 55.78
CA LEU K 1950 14.93 -83.18 55.93
C LEU K 1950 13.94 -82.99 54.76
N GLU K 1951 13.83 -84.03 53.92
CA GLU K 1951 13.02 -84.02 52.66
C GLU K 1951 11.63 -84.55 52.98
N ARG K 1952 10.66 -84.16 52.14
CA ARG K 1952 9.21 -84.48 52.27
C ARG K 1952 8.93 -85.89 51.72
N GLY K 1953 7.66 -86.27 51.66
CA GLY K 1953 7.18 -87.58 51.20
C GLY K 1953 5.66 -87.68 51.28
N PHE K 1954 5.06 -88.65 50.56
CA PHE K 1954 3.59 -88.78 50.32
C PHE K 1954 2.80 -88.66 51.63
N ALA K 1955 3.25 -89.35 52.68
CA ALA K 1955 2.68 -89.28 54.05
C ALA K 1955 3.07 -87.94 54.71
N CYS K 1956 4.37 -87.68 54.89
CA CYS K 1956 4.95 -86.63 55.78
C CYS K 1956 5.38 -85.37 55.02
N ILE K 1957 4.98 -84.19 55.50
CA ILE K 1957 5.54 -82.86 55.11
C ILE K 1957 6.35 -82.33 56.30
N PRO K 1958 7.53 -81.71 56.09
CA PRO K 1958 8.27 -81.06 57.17
C PRO K 1958 7.80 -79.61 57.42
N LEU K 1959 7.56 -79.27 58.69
CA LEU K 1959 7.22 -77.88 59.13
C LEU K 1959 8.49 -77.03 59.09
N VAL K 1960 8.49 -75.98 58.26
CA VAL K 1960 9.71 -75.17 57.94
C VAL K 1960 9.96 -74.16 59.08
N GLY K 1961 11.25 -73.96 59.39
CA GLY K 1961 11.73 -73.04 60.45
C GLY K 1961 11.33 -73.45 61.85
N ILE K 1962 11.00 -74.73 62.09
CA ILE K 1962 10.69 -75.25 63.46
C ILE K 1962 11.86 -76.13 63.90
N SER K 1963 12.69 -75.60 64.79
CA SER K 1963 14.02 -76.13 65.18
C SER K 1963 13.98 -76.72 66.59
N VAL K 1964 12.85 -76.63 67.29
CA VAL K 1964 12.70 -77.17 68.67
C VAL K 1964 11.56 -78.19 68.65
N PRO K 1965 11.67 -79.30 69.42
CA PRO K 1965 10.57 -80.25 69.55
C PRO K 1965 9.70 -80.00 70.80
N PHE K 1966 8.76 -79.04 70.71
CA PHE K 1966 7.88 -78.66 71.85
C PHE K 1966 6.68 -79.62 71.88
N HIS K 1967 6.06 -79.72 73.06
CA HIS K 1967 4.92 -80.63 73.34
C HIS K 1967 5.45 -82.07 73.38
N SER K 1968 6.73 -82.24 73.76
CA SER K 1968 7.44 -83.55 73.85
C SER K 1968 8.09 -83.68 75.24
N THR K 1969 8.68 -84.83 75.53
CA THR K 1969 9.30 -85.09 76.86
C THR K 1969 10.69 -84.44 76.86
N TYR K 1970 11.22 -84.09 75.68
CA TYR K 1970 12.59 -83.52 75.54
C TYR K 1970 12.80 -82.39 76.54
N LEU K 1971 11.81 -81.50 76.66
CA LEU K 1971 11.90 -80.27 77.49
C LEU K 1971 10.90 -80.34 78.64
N MET K 1972 10.76 -81.53 79.23
CA MET K 1972 10.32 -81.78 80.63
C MET K 1972 11.43 -81.28 81.56
N ASN K 1973 12.65 -81.22 81.04
CA ASN K 1973 13.86 -80.76 81.79
C ASN K 1973 13.74 -79.25 82.05
N GLY K 1974 13.35 -78.46 81.02
CA GLY K 1974 13.13 -77.01 81.14
C GLY K 1974 11.68 -76.67 81.50
N VAL K 1975 11.25 -76.96 82.73
CA VAL K 1975 9.84 -76.79 83.22
C VAL K 1975 9.81 -76.15 84.62
N LYS K 1976 10.42 -76.80 85.63
CA LYS K 1976 10.66 -76.28 87.02
C LYS K 1976 10.99 -74.78 87.04
N PRO K 1977 11.81 -74.26 86.09
CA PRO K 1977 12.01 -72.81 85.90
C PRO K 1977 10.71 -72.05 85.60
N PHE K 1978 10.01 -72.51 84.55
CA PHE K 1978 8.83 -71.89 83.90
C PHE K 1978 7.65 -71.95 84.88
N LYS K 1979 7.49 -73.07 85.58
CA LYS K 1979 6.43 -73.26 86.60
C LYS K 1979 6.59 -72.25 87.75
N SER K 1980 7.81 -72.06 88.25
CA SER K 1980 8.13 -71.05 89.31
C SER K 1980 8.07 -69.62 88.74
N PHE K 1981 8.23 -69.45 87.42
CA PHE K 1981 8.09 -68.15 86.72
C PHE K 1981 6.63 -67.72 86.64
N LEU K 1982 5.75 -68.64 86.23
CA LEU K 1982 4.27 -68.43 86.16
C LEU K 1982 3.73 -68.02 87.54
N LYS K 1983 4.18 -68.65 88.63
CA LYS K 1983 3.68 -68.39 90.00
C LYS K 1983 4.02 -66.96 90.47
N LYS K 1984 4.67 -66.15 89.64
CA LYS K 1984 4.92 -64.71 89.88
C LYS K 1984 3.97 -63.85 89.05
N ASN K 1985 3.68 -64.23 87.80
CA ASN K 1985 2.86 -63.46 86.84
C ASN K 1985 1.37 -63.85 86.92
N ILE K 1986 1.07 -65.09 87.34
CA ILE K 1986 -0.30 -65.60 87.62
C ILE K 1986 -0.48 -65.67 89.14
N ILE K 1987 -1.33 -64.82 89.70
CA ILE K 1987 -1.54 -64.60 91.16
C ILE K 1987 -2.79 -65.38 91.58
N LYS K 1988 -2.89 -65.80 92.84
CA LYS K 1988 -4.05 -66.58 93.38
C LYS K 1988 -5.33 -65.74 93.31
N GLU K 1989 -5.25 -64.45 93.70
CA GLU K 1989 -6.37 -63.48 93.79
C GLU K 1989 -7.06 -63.29 92.42
N ASN K 1990 -6.32 -63.38 91.32
CA ASN K 1990 -6.82 -63.09 89.95
C ASN K 1990 -7.35 -64.37 89.27
N VAL K 1991 -7.63 -65.44 90.02
CA VAL K 1991 -8.23 -66.70 89.46
C VAL K 1991 -9.67 -66.83 89.96
N LYS K 1992 -10.61 -66.56 89.05
CA LYS K 1992 -12.06 -66.76 89.24
C LYS K 1992 -12.41 -68.17 88.78
N VAL K 1993 -12.64 -69.07 89.73
CA VAL K 1993 -12.93 -70.51 89.46
C VAL K 1993 -14.14 -70.61 88.52
N ALA K 1994 -15.19 -69.83 88.79
CA ALA K 1994 -16.46 -69.77 88.03
C ALA K 1994 -16.22 -69.57 86.53
N ARG K 1995 -15.19 -68.79 86.17
CA ARG K 1995 -14.92 -68.40 84.76
C ARG K 1995 -14.11 -69.49 84.05
N LEU K 1996 -13.67 -70.53 84.77
CA LEU K 1996 -12.89 -71.67 84.23
C LEU K 1996 -13.78 -72.93 84.21
N ALA K 1997 -14.24 -73.35 85.40
CA ALA K 1997 -14.82 -74.69 85.65
C ALA K 1997 -15.95 -74.97 84.64
N GLY K 1998 -15.81 -76.04 83.87
CA GLY K 1998 -16.78 -76.48 82.85
C GLY K 1998 -16.48 -75.91 81.49
N LYS K 1999 -15.69 -74.84 81.42
CA LYS K 1999 -15.63 -73.96 80.21
C LYS K 1999 -14.25 -74.07 79.54
N TYR K 2000 -13.19 -74.16 80.34
CA TYR K 2000 -11.79 -74.24 79.84
C TYR K 2000 -11.47 -75.70 79.57
N ILE K 2001 -11.08 -76.01 78.33
CA ILE K 2001 -10.60 -77.37 77.90
C ILE K 2001 -9.07 -77.27 77.72
N PRO K 2002 -8.26 -77.68 78.71
CA PRO K 2002 -6.81 -77.74 78.54
C PRO K 2002 -6.31 -78.51 77.31
N ASN K 2003 -5.01 -78.40 77.04
CA ASN K 2003 -4.32 -79.13 75.94
C ASN K 2003 -3.75 -80.43 76.50
N LEU K 2004 -3.21 -80.38 77.73
CA LEU K 2004 -2.70 -81.55 78.50
C LEU K 2004 -3.78 -82.65 78.56
N THR K 2005 -4.94 -82.32 79.12
CA THR K 2005 -5.97 -83.26 79.60
C THR K 2005 -7.30 -82.90 78.98
N ALA K 2006 -7.59 -83.28 77.72
CA ALA K 2006 -8.67 -82.67 76.93
C ALA K 2006 -10.05 -82.97 77.57
N LYS K 2007 -10.24 -82.42 78.76
CA LYS K 2007 -11.36 -82.68 79.71
C LYS K 2007 -11.73 -81.34 80.35
N PRO K 2008 -12.98 -80.84 80.19
CA PRO K 2008 -13.36 -79.55 80.73
C PRO K 2008 -12.84 -79.42 82.17
N PHE K 2009 -12.04 -78.38 82.41
CA PHE K 2009 -11.41 -78.01 83.71
C PHE K 2009 -12.43 -78.24 84.81
N GLN K 2010 -12.10 -79.00 85.84
CA GLN K 2010 -12.84 -79.03 87.13
C GLN K 2010 -11.82 -79.02 88.26
N VAL K 2011 -12.27 -78.73 89.48
CA VAL K 2011 -11.43 -78.76 90.72
C VAL K 2011 -12.05 -79.82 91.63
N THR K 2012 -11.71 -81.07 91.34
CA THR K 2012 -12.11 -82.29 92.09
C THR K 2012 -10.88 -83.22 92.17
N LYS K 2013 -10.88 -84.15 93.14
CA LYS K 2013 -9.84 -85.18 93.32
C LYS K 2013 -9.63 -85.97 92.00
N GLU K 2014 -10.73 -86.39 91.37
CA GLU K 2014 -10.76 -87.11 90.07
C GLU K 2014 -9.86 -86.43 89.04
N TYR K 2015 -9.95 -85.11 88.92
CA TYR K 2015 -9.29 -84.33 87.84
C TYR K 2015 -7.80 -84.17 88.15
N PHE K 2016 -7.45 -83.87 89.40
CA PHE K 2016 -6.05 -83.81 89.87
C PHE K 2016 -5.37 -85.17 89.63
N GLN K 2017 -6.09 -86.27 89.93
CA GLN K 2017 -5.60 -87.67 89.80
C GLN K 2017 -5.24 -87.91 88.32
N ASP K 2018 -6.13 -87.53 87.40
CA ASP K 2018 -5.94 -87.68 85.92
C ASP K 2018 -4.78 -86.81 85.43
N VAL K 2019 -4.51 -85.68 86.10
CA VAL K 2019 -3.34 -84.79 85.76
C VAL K 2019 -2.07 -85.51 86.23
N TYR K 2020 -2.01 -85.91 87.51
CA TYR K 2020 -0.86 -86.62 88.14
C TYR K 2020 -0.42 -87.81 87.26
N ASP K 2021 -1.38 -88.57 86.72
CA ASP K 2021 -1.14 -89.75 85.84
C ASP K 2021 -0.42 -89.35 84.54
N LEU K 2022 -0.45 -88.07 84.11
CA LEU K 2022 0.17 -87.57 82.86
C LEU K 2022 1.27 -86.54 83.15
N THR K 2023 1.85 -86.57 84.35
CA THR K 2023 2.74 -85.49 84.86
C THR K 2023 3.73 -86.04 85.90
N GLY K 2024 3.21 -86.59 87.00
CA GLY K 2024 4.03 -87.07 88.15
C GLY K 2024 4.65 -85.89 88.89
N SER K 2025 3.82 -84.90 89.24
CA SER K 2025 4.21 -83.68 90.00
C SER K 2025 3.88 -83.89 91.49
N GLU K 2026 4.76 -83.42 92.38
CA GLU K 2026 4.65 -83.58 93.86
C GLU K 2026 3.62 -82.60 94.43
N PRO K 2027 3.63 -81.29 94.06
CA PRO K 2027 2.60 -80.34 94.53
C PRO K 2027 1.17 -80.82 94.29
N ILE K 2028 0.96 -81.60 93.22
CA ILE K 2028 -0.35 -82.22 92.86
C ILE K 2028 -0.58 -83.44 93.75
N LYS K 2029 0.41 -84.32 93.87
CA LYS K 2029 0.23 -85.62 94.58
C LYS K 2029 -0.06 -85.34 96.06
N GLU K 2030 0.63 -84.36 96.66
CA GLU K 2030 0.49 -84.02 98.09
C GLU K 2030 -0.96 -83.53 98.37
N ILE K 2031 -1.62 -82.94 97.37
CA ILE K 2031 -3.06 -82.49 97.46
C ILE K 2031 -3.99 -83.72 97.49
N ILE K 2032 -3.78 -84.68 96.59
CA ILE K 2032 -4.55 -85.96 96.50
C ILE K 2032 -4.43 -86.72 97.84
N ASP K 2033 -3.22 -86.71 98.44
CA ASP K 2033 -2.84 -87.42 99.70
C ASP K 2033 -3.70 -86.87 100.86
N ASN K 2034 -3.68 -85.55 101.09
CA ASN K 2034 -4.53 -84.88 102.12
C ASN K 2034 -5.59 -84.02 101.40
N TRP K 2035 -6.50 -84.71 100.68
CA TRP K 2035 -7.75 -84.13 100.11
C TRP K 2035 -8.72 -83.64 101.23
N GLU K 2036 -8.43 -83.91 102.51
CA GLU K 2036 -9.14 -83.31 103.70
C GLU K 2036 -8.47 -81.98 104.12
N LYS K 2037 -8.35 -81.05 103.16
CA LYS K 2037 -8.41 -79.57 103.32
C LYS K 2037 -9.78 -79.06 102.84
N TYR K 2038 -10.64 -79.98 102.36
CA TYR K 2038 -12.12 -79.81 102.20
C TYR K 2038 -12.70 -79.16 103.49
N GLU K 2039 -12.29 -79.63 104.68
CA GLU K 2039 -12.53 -78.97 106.01
C GLU K 2039 -11.57 -77.76 106.12
N GLN K 2040 -12.07 -76.55 105.78
CA GLN K 2040 -11.29 -75.28 105.60
C GLN K 2040 -9.92 -75.57 104.95
N SER L 1 -115.80 -64.60 18.49
CA SER L 1 -114.84 -63.48 18.87
C SER L 1 -113.43 -63.75 18.28
N THR L 2 -112.79 -62.70 17.75
CA THR L 2 -111.51 -62.74 16.98
C THR L 2 -110.44 -61.94 17.75
N ARG L 3 -109.19 -62.42 17.71
CA ARG L 3 -108.02 -61.82 18.41
C ARG L 3 -107.08 -61.23 17.35
N PRO L 4 -106.88 -59.88 17.32
CA PRO L 4 -105.89 -59.24 16.43
C PRO L 4 -104.46 -59.84 16.43
N LEU L 5 -104.07 -60.43 15.29
CA LEU L 5 -102.74 -61.03 15.04
C LEU L 5 -102.03 -60.24 13.93
N THR L 6 -101.09 -59.36 14.31
CA THR L 6 -100.40 -58.41 13.40
C THR L 6 -99.25 -59.13 12.69
N LEU L 7 -99.53 -59.67 11.50
CA LEU L 7 -98.51 -60.05 10.49
C LEU L 7 -97.76 -58.77 10.12
N SER L 8 -96.44 -58.74 10.31
CA SER L 8 -95.60 -57.52 10.22
C SER L 8 -94.26 -57.86 9.59
N HIS L 9 -93.65 -56.87 8.95
CA HIS L 9 -92.25 -56.93 8.45
C HIS L 9 -91.68 -55.50 8.46
N GLY L 10 -90.80 -55.22 9.42
CA GLY L 10 -90.36 -53.85 9.80
C GLY L 10 -91.49 -52.84 9.63
N SER L 11 -91.25 -51.82 8.80
CA SER L 11 -92.13 -50.63 8.59
C SER L 11 -93.60 -51.05 8.52
N LEU L 12 -93.97 -51.81 7.48
CA LEU L 12 -95.38 -52.11 7.09
C LEU L 12 -95.87 -53.41 7.74
N GLU L 13 -97.19 -53.61 7.77
CA GLU L 13 -97.87 -54.75 8.46
C GLU L 13 -99.33 -54.88 8.01
N HIS L 14 -99.98 -55.96 8.44
CA HIS L 14 -101.40 -56.29 8.16
C HIS L 14 -102.02 -56.96 9.39
N VAL L 15 -103.16 -56.44 9.84
CA VAL L 15 -103.87 -56.90 11.08
C VAL L 15 -104.87 -58.00 10.69
N LEU L 16 -104.59 -59.24 11.08
CA LEU L 16 -105.39 -60.42 10.71
C LEU L 16 -106.34 -60.77 11.87
N LEU L 17 -107.65 -60.85 11.62
CA LEU L 17 -108.69 -61.08 12.68
C LEU L 17 -108.96 -62.59 12.79
N VAL L 18 -108.15 -63.27 13.60
CA VAL L 18 -108.13 -64.74 13.80
C VAL L 18 -109.26 -65.11 14.76
N PRO L 19 -110.21 -66.03 14.44
CA PRO L 19 -111.10 -66.61 15.45
C PRO L 19 -110.32 -67.26 16.60
N THR L 20 -110.68 -66.92 17.84
CA THR L 20 -109.97 -67.25 19.12
C THR L 20 -109.97 -68.78 19.34
N ALA L 21 -110.95 -69.53 18.79
CA ALA L 21 -111.03 -71.02 18.76
C ALA L 21 -109.79 -71.65 18.09
N SER L 22 -109.11 -70.90 17.21
CA SER L 22 -107.93 -71.32 16.42
C SER L 22 -106.82 -70.26 16.48
N PHE L 23 -106.66 -69.55 17.61
CA PHE L 23 -105.56 -68.57 17.82
C PHE L 23 -104.27 -69.32 18.22
N PHE L 24 -104.40 -70.43 18.98
CA PHE L 24 -103.27 -71.32 19.40
C PHE L 24 -102.40 -71.66 18.18
N ILE L 25 -103.06 -72.12 17.11
CA ILE L 25 -102.40 -72.65 15.88
C ILE L 25 -101.83 -71.46 15.08
N ALA L 26 -102.56 -70.35 14.95
CA ALA L 26 -102.18 -69.17 14.14
C ALA L 26 -101.00 -68.40 14.76
N SER L 27 -100.91 -68.36 16.10
CA SER L 27 -99.81 -67.71 16.87
C SER L 27 -98.50 -68.50 16.69
N GLN L 28 -98.61 -69.84 16.69
CA GLN L 28 -97.55 -70.82 16.30
C GLN L 28 -96.95 -70.39 14.94
N LEU L 29 -97.82 -70.18 13.93
CA LEU L 29 -97.45 -69.87 12.51
C LEU L 29 -96.93 -68.43 12.39
N GLN L 30 -97.45 -67.49 13.18
CA GLN L 30 -96.93 -66.09 13.30
C GLN L 30 -95.45 -66.16 13.68
N GLU L 31 -95.11 -66.98 14.68
CA GLU L 31 -93.72 -67.19 15.18
C GLU L 31 -92.84 -67.67 14.02
N GLN L 32 -93.08 -68.90 13.55
CA GLN L 32 -92.22 -69.64 12.57
C GLN L 32 -91.95 -68.75 11.36
N PHE L 33 -93.01 -68.16 10.79
CA PHE L 33 -92.97 -67.25 9.63
C PHE L 33 -92.04 -66.06 9.90
N ASN L 34 -92.10 -65.49 11.11
CA ASN L 34 -91.54 -64.15 11.46
C ASN L 34 -90.00 -64.18 11.44
N LYS L 35 -89.38 -65.35 11.64
CA LYS L 35 -87.89 -65.53 11.66
C LYS L 35 -87.36 -65.74 10.22
N ILE L 36 -88.09 -66.53 9.40
CA ILE L 36 -87.59 -67.13 8.13
C ILE L 36 -87.42 -66.03 7.06
N LEU L 37 -88.35 -65.08 6.97
CA LEU L 37 -88.20 -63.91 6.07
C LEU L 37 -87.07 -63.03 6.60
N PRO L 38 -86.38 -62.24 5.73
CA PRO L 38 -85.24 -61.42 6.16
C PRO L 38 -85.61 -60.17 6.99
N GLU L 39 -84.64 -59.27 7.15
CA GLU L 39 -84.77 -57.99 7.87
C GLU L 39 -84.98 -56.88 6.85
N PRO L 40 -85.74 -55.81 7.20
CA PRO L 40 -85.94 -54.65 6.32
C PRO L 40 -84.63 -54.04 5.76
N THR L 41 -84.72 -53.46 4.55
CA THR L 41 -83.60 -52.79 3.83
C THR L 41 -84.12 -51.51 3.16
N GLU L 42 -84.56 -50.53 3.97
CA GLU L 42 -84.86 -49.11 3.60
C GLU L 42 -85.50 -49.03 2.19
N GLY L 43 -86.83 -49.18 2.14
CA GLY L 43 -87.65 -49.16 0.89
C GLY L 43 -87.92 -50.55 0.33
N PHE L 44 -87.34 -51.60 0.93
CA PHE L 44 -87.58 -53.05 0.65
C PHE L 44 -87.05 -53.41 -0.74
N ALA L 45 -85.80 -53.00 -1.02
CA ALA L 45 -85.14 -53.08 -2.35
C ALA L 45 -84.45 -54.46 -2.56
N ALA L 46 -84.50 -55.38 -1.59
CA ALA L 46 -83.96 -56.76 -1.69
C ALA L 46 -85.00 -57.70 -2.32
N ASP L 47 -84.62 -58.96 -2.59
CA ASP L 47 -85.39 -59.93 -3.43
C ASP L 47 -85.93 -61.12 -2.60
N ASP L 48 -86.16 -60.96 -1.29
CA ASP L 48 -86.98 -61.92 -0.47
C ASP L 48 -87.95 -61.19 0.47
N GLU L 49 -88.02 -59.85 0.42
CA GLU L 49 -88.79 -59.02 1.41
C GLU L 49 -89.97 -58.38 0.69
N PRO L 50 -91.22 -58.54 1.19
CA PRO L 50 -92.40 -57.96 0.56
C PRO L 50 -92.47 -56.44 0.77
N THR L 51 -92.80 -55.70 -0.30
CA THR L 51 -92.77 -54.21 -0.40
C THR L 51 -94.17 -53.61 -0.19
N THR L 52 -95.19 -54.45 0.04
CA THR L 52 -96.58 -54.00 0.33
C THR L 52 -97.25 -54.92 1.34
N PRO L 53 -98.32 -54.45 2.01
CA PRO L 53 -99.16 -55.32 2.85
C PRO L 53 -99.63 -56.58 2.12
N ALA L 54 -99.99 -56.42 0.84
CA ALA L 54 -100.56 -57.48 -0.04
C ALA L 54 -99.56 -58.62 -0.23
N GLU L 55 -98.32 -58.30 -0.62
CA GLU L 55 -97.22 -59.30 -0.81
C GLU L 55 -96.97 -60.03 0.51
N LEU L 56 -96.98 -59.30 1.63
CA LEU L 56 -96.72 -59.84 3.00
C LEU L 56 -97.70 -60.98 3.30
N VAL L 57 -99.00 -60.79 3.05
CA VAL L 57 -100.04 -61.84 3.26
C VAL L 57 -99.88 -62.89 2.15
N GLY L 58 -99.37 -62.51 0.99
CA GLY L 58 -98.91 -63.44 -0.06
C GLY L 58 -97.86 -64.42 0.50
N LYS L 59 -96.68 -63.90 0.86
CA LYS L 59 -95.57 -64.67 1.50
C LYS L 59 -96.18 -65.65 2.51
N PHE L 60 -97.08 -65.15 3.37
CA PHE L 60 -97.69 -65.90 4.49
C PHE L 60 -98.40 -67.14 3.93
N LEU L 61 -99.36 -66.96 3.01
CA LEU L 61 -100.16 -68.07 2.41
C LEU L 61 -99.20 -69.12 1.81
N GLY L 62 -98.16 -68.65 1.12
CA GLY L 62 -97.09 -69.51 0.58
C GLY L 62 -96.57 -70.46 1.65
N TYR L 63 -96.04 -69.88 2.73
CA TYR L 63 -95.48 -70.62 3.89
C TYR L 63 -96.49 -71.67 4.38
N VAL L 64 -97.74 -71.25 4.60
CA VAL L 64 -98.82 -72.08 5.21
C VAL L 64 -99.20 -73.21 4.25
N SER L 65 -99.21 -72.96 2.93
CA SER L 65 -99.51 -73.97 1.88
C SER L 65 -98.47 -75.10 1.87
N SER L 66 -97.18 -74.76 2.09
CA SER L 66 -96.05 -75.73 2.13
C SER L 66 -96.24 -76.74 3.29
N LEU L 67 -96.90 -76.33 4.39
CA LEU L 67 -97.08 -77.17 5.60
C LEU L 67 -98.35 -78.04 5.51
N VAL L 68 -99.21 -77.82 4.51
CA VAL L 68 -100.48 -78.60 4.35
C VAL L 68 -100.19 -79.84 3.48
N GLU L 69 -100.65 -81.01 3.95
CA GLU L 69 -100.86 -82.25 3.14
C GLU L 69 -102.10 -82.05 2.26
N PRO L 70 -102.03 -82.36 0.93
CA PRO L 70 -103.17 -82.13 0.02
C PRO L 70 -104.34 -83.14 0.10
N SER L 71 -104.20 -84.25 0.86
CA SER L 71 -105.27 -85.24 1.17
C SER L 71 -105.62 -85.21 2.67
N LYS L 72 -104.62 -85.43 3.54
CA LYS L 72 -104.73 -85.51 5.04
C LYS L 72 -105.28 -84.18 5.60
N VAL L 73 -106.40 -84.22 6.33
CA VAL L 73 -107.04 -83.03 6.99
C VAL L 73 -106.16 -82.64 8.19
N GLY L 74 -105.07 -81.91 7.93
CA GLY L 74 -104.04 -81.53 8.92
C GLY L 74 -104.52 -80.42 9.86
N GLN L 75 -103.63 -80.01 10.76
CA GLN L 75 -103.89 -79.04 11.87
C GLN L 75 -104.10 -77.62 11.28
N PHE L 76 -103.45 -77.27 10.16
CA PHE L 76 -103.33 -75.88 9.65
C PHE L 76 -104.30 -75.58 8.47
N ASP L 77 -105.42 -76.29 8.36
CA ASP L 77 -106.39 -76.15 7.22
C ASP L 77 -107.31 -74.93 7.44
N GLN L 78 -108.00 -74.88 8.60
CA GLN L 78 -108.99 -73.84 8.98
C GLN L 78 -108.29 -72.47 9.13
N VAL L 79 -106.96 -72.47 9.32
CA VAL L 79 -106.13 -71.23 9.32
C VAL L 79 -106.05 -70.71 7.89
N LEU L 80 -105.71 -71.60 6.94
CA LEU L 80 -105.45 -71.23 5.53
C LEU L 80 -106.75 -70.67 4.93
N ASN L 81 -107.87 -71.41 5.06
CA ASN L 81 -109.21 -71.00 4.58
C ASN L 81 -109.56 -69.56 5.05
N LEU L 82 -109.10 -69.12 6.23
CA LEU L 82 -109.43 -67.80 6.83
C LEU L 82 -108.32 -66.75 6.62
N CYS L 83 -107.15 -67.14 6.09
CA CYS L 83 -106.10 -66.21 5.61
C CYS L 83 -106.39 -65.80 4.16
N LEU L 84 -106.95 -66.71 3.36
CA LEU L 84 -107.45 -66.45 1.98
C LEU L 84 -108.56 -65.41 2.04
N THR L 85 -109.61 -65.72 2.80
CA THR L 85 -110.87 -64.93 2.88
C THR L 85 -110.55 -63.53 3.42
N GLU L 86 -109.48 -63.36 4.19
CA GLU L 86 -108.93 -62.02 4.54
C GLU L 86 -108.32 -61.42 3.26
N PHE L 87 -107.45 -62.17 2.58
CA PHE L 87 -106.70 -61.74 1.37
C PHE L 87 -107.66 -61.33 0.25
N GLU L 88 -108.71 -62.14 0.02
CA GLU L 88 -109.77 -61.95 -1.01
C GLU L 88 -110.56 -60.65 -0.72
N ASN L 89 -111.01 -60.43 0.52
CA ASN L 89 -111.97 -59.35 0.86
C ASN L 89 -111.24 -58.02 1.06
N CYS L 90 -109.91 -58.02 1.21
CA CYS L 90 -109.10 -56.79 1.47
C CYS L 90 -108.48 -56.26 0.17
N TYR L 91 -107.79 -57.12 -0.58
CA TYR L 91 -106.83 -56.76 -1.66
C TYR L 91 -107.36 -57.16 -3.05
N LEU L 92 -108.43 -57.96 -3.09
CA LEU L 92 -108.86 -58.75 -4.28
C LEU L 92 -110.37 -58.58 -4.47
N GLU L 93 -110.82 -57.31 -4.50
CA GLU L 93 -112.25 -56.88 -4.40
C GLU L 93 -113.06 -57.47 -5.56
N GLY L 94 -113.33 -58.79 -5.53
CA GLY L 94 -114.01 -59.54 -6.60
C GLY L 94 -113.11 -59.82 -7.80
N ASN L 95 -112.12 -58.94 -8.04
CA ASN L 95 -111.19 -58.96 -9.20
C ASN L 95 -110.30 -60.19 -9.10
N ASP L 96 -109.52 -60.48 -10.15
CA ASP L 96 -108.61 -61.66 -10.20
C ASP L 96 -107.22 -61.22 -9.73
N ILE L 97 -106.45 -62.20 -9.24
CA ILE L 97 -105.08 -62.03 -8.68
C ILE L 97 -104.18 -61.29 -9.68
N HIS L 98 -104.36 -61.54 -10.98
CA HIS L 98 -103.54 -60.92 -12.05
C HIS L 98 -103.79 -59.40 -12.11
N ALA L 99 -105.03 -58.96 -11.87
CA ALA L 99 -105.37 -57.52 -11.84
C ALA L 99 -104.63 -56.84 -10.69
N LEU L 100 -104.66 -57.46 -9.51
CA LEU L 100 -103.92 -57.00 -8.31
C LEU L 100 -102.46 -56.82 -8.67
N ALA L 101 -101.82 -57.87 -9.18
CA ALA L 101 -100.39 -57.92 -9.56
C ALA L 101 -100.02 -56.74 -10.45
N ALA L 102 -100.89 -56.34 -11.39
CA ALA L 102 -100.67 -55.19 -12.30
C ALA L 102 -100.67 -53.87 -11.52
N LYS L 103 -101.72 -53.61 -10.74
CA LYS L 103 -101.81 -52.40 -9.86
C LYS L 103 -100.47 -52.20 -9.16
N LEU L 104 -99.93 -53.26 -8.56
CA LEU L 104 -98.69 -53.25 -7.72
C LEU L 104 -97.47 -52.86 -8.57
N LEU L 105 -97.44 -53.16 -9.87
CA LEU L 105 -96.29 -52.78 -10.74
C LEU L 105 -96.25 -51.26 -10.96
N GLN L 106 -97.39 -50.63 -11.30
CA GLN L 106 -97.44 -49.20 -11.73
C GLN L 106 -97.59 -48.28 -10.51
N GLU L 107 -98.49 -48.59 -9.56
CA GLU L 107 -98.72 -47.75 -8.35
C GLU L 107 -97.48 -47.78 -7.45
N ASN L 108 -97.12 -48.96 -6.93
CA ASN L 108 -95.96 -49.16 -6.00
C ASN L 108 -94.67 -49.26 -6.84
N ASP L 109 -93.57 -49.72 -6.21
CA ASP L 109 -92.31 -50.13 -6.90
C ASP L 109 -91.95 -51.55 -6.44
N THR L 110 -92.67 -52.53 -7.03
CA THR L 110 -92.36 -53.98 -6.97
C THR L 110 -91.82 -54.38 -8.36
N THR L 111 -90.94 -55.37 -8.38
CA THR L 111 -90.37 -55.99 -9.61
C THR L 111 -91.36 -57.06 -10.12
N LEU L 112 -91.14 -57.54 -11.35
CA LEU L 112 -91.91 -58.67 -11.96
C LEU L 112 -91.80 -59.90 -11.05
N VAL L 113 -90.55 -60.32 -10.77
CA VAL L 113 -90.18 -61.56 -10.03
C VAL L 113 -90.92 -61.61 -8.68
N LYS L 114 -91.04 -60.44 -8.03
CA LYS L 114 -91.65 -60.23 -6.70
C LYS L 114 -93.15 -60.57 -6.76
N THR L 115 -93.84 -60.18 -7.84
CA THR L 115 -95.32 -60.25 -7.96
C THR L 115 -95.74 -61.58 -8.62
N LYS L 116 -94.87 -62.23 -9.40
CA LYS L 116 -95.06 -63.64 -9.85
C LYS L 116 -95.11 -64.54 -8.61
N GLU L 117 -94.23 -64.26 -7.64
CA GLU L 117 -94.18 -64.91 -6.31
C GLU L 117 -95.59 -64.80 -5.68
N LEU L 118 -96.10 -63.57 -5.56
CA LEU L 118 -97.46 -63.29 -5.00
C LEU L 118 -98.52 -64.12 -5.74
N ILE L 119 -98.46 -64.13 -7.08
CA ILE L 119 -99.38 -64.90 -7.96
C ILE L 119 -99.29 -66.38 -7.58
N LYS L 120 -98.08 -66.94 -7.53
CA LYS L 120 -97.87 -68.37 -7.19
C LYS L 120 -98.55 -68.65 -5.85
N ASN L 121 -98.22 -67.83 -4.85
CA ASN L 121 -98.62 -68.04 -3.44
C ASN L 121 -100.15 -68.19 -3.40
N TYR L 122 -100.88 -67.23 -3.99
CA TYR L 122 -102.37 -67.23 -4.04
C TYR L 122 -102.90 -68.50 -4.72
N ILE L 123 -102.38 -68.83 -5.90
CA ILE L 123 -102.93 -69.91 -6.78
C ILE L 123 -102.61 -71.26 -6.15
N THR L 124 -101.39 -71.42 -5.62
CA THR L 124 -100.94 -72.63 -4.88
C THR L 124 -101.95 -72.85 -3.76
N ALA L 125 -102.11 -71.84 -2.91
CA ALA L 125 -103.00 -71.82 -1.73
C ALA L 125 -104.37 -72.41 -2.09
N ARG L 126 -105.08 -71.76 -3.01
CA ARG L 126 -106.47 -72.08 -3.42
C ARG L 126 -106.67 -73.58 -3.66
N ILE L 127 -105.67 -74.30 -4.18
CA ILE L 127 -105.79 -75.75 -4.53
C ILE L 127 -105.51 -76.59 -3.27
N MET L 128 -104.55 -76.17 -2.42
CA MET L 128 -104.20 -76.79 -1.12
C MET L 128 -105.34 -76.61 -0.11
N ALA L 129 -106.16 -75.56 -0.25
CA ALA L 129 -107.35 -75.28 0.60
C ALA L 129 -108.58 -76.07 0.13
N LYS L 130 -108.46 -76.92 -0.92
CA LYS L 130 -109.58 -77.64 -1.60
C LYS L 130 -110.69 -76.65 -1.98
N ARG L 131 -110.30 -75.46 -2.47
CA ARG L 131 -111.20 -74.40 -3.02
C ARG L 131 -110.78 -74.13 -4.46
N PRO L 132 -111.09 -75.06 -5.41
CA PRO L 132 -110.57 -74.96 -6.77
C PRO L 132 -111.28 -73.84 -7.53
N PHE L 133 -110.85 -73.57 -8.76
CA PHE L 133 -111.48 -72.60 -9.69
C PHE L 133 -112.55 -73.33 -10.52
N ASP L 134 -113.78 -73.38 -10.03
CA ASP L 134 -114.96 -73.98 -10.71
C ASP L 134 -116.00 -72.90 -11.06
N LYS L 135 -115.95 -71.73 -10.41
CA LYS L 135 -116.82 -70.56 -10.75
C LYS L 135 -116.43 -70.03 -12.12
N LYS L 136 -117.41 -69.89 -13.03
CA LYS L 136 -117.28 -69.06 -14.26
C LYS L 136 -117.00 -67.62 -13.81
N SER L 137 -115.73 -67.21 -13.82
CA SER L 137 -115.31 -65.83 -13.44
C SER L 137 -116.01 -64.84 -14.37
N ASN L 138 -116.45 -63.71 -13.80
CA ASN L 138 -117.12 -62.61 -14.53
C ASN L 138 -116.03 -61.74 -15.17
N SER L 139 -115.20 -62.31 -16.04
CA SER L 139 -114.20 -61.57 -16.84
C SER L 139 -114.96 -60.70 -17.83
N ALA L 140 -114.64 -59.40 -17.87
CA ALA L 140 -115.29 -58.39 -18.74
C ALA L 140 -115.35 -58.91 -20.17
N LEU L 141 -114.17 -59.26 -20.69
CA LEU L 141 -113.93 -59.67 -22.09
C LEU L 141 -114.86 -60.81 -22.49
N PHE L 142 -115.26 -61.67 -21.54
CA PHE L 142 -116.08 -62.88 -21.83
C PHE L 142 -117.56 -62.59 -21.57
N ARG L 143 -117.89 -61.69 -20.64
CA ARG L 143 -119.29 -61.16 -20.52
C ARG L 143 -119.66 -60.56 -21.87
N ALA L 144 -118.71 -59.81 -22.47
CA ALA L 144 -118.84 -59.08 -23.75
C ALA L 144 -119.04 -60.05 -24.92
N VAL L 145 -118.25 -61.12 -24.99
CA VAL L 145 -118.29 -62.08 -26.14
C VAL L 145 -119.57 -62.91 -26.04
N GLY L 146 -120.07 -63.14 -24.82
CA GLY L 146 -121.38 -63.78 -24.57
C GLY L 146 -122.52 -62.98 -25.18
N GLU L 147 -122.47 -61.65 -25.03
CA GLU L 147 -123.52 -60.69 -25.51
C GLU L 147 -123.44 -60.53 -27.03
N GLY L 148 -122.23 -60.40 -27.58
CA GLY L 148 -121.97 -60.12 -29.01
C GLY L 148 -121.26 -58.78 -29.25
N ASN L 149 -120.76 -58.11 -28.20
CA ASN L 149 -119.97 -56.84 -28.30
C ASN L 149 -118.47 -57.14 -28.39
N ALA L 150 -118.09 -58.38 -28.75
CA ALA L 150 -116.69 -58.78 -28.98
C ALA L 150 -116.64 -60.08 -29.78
N GLN L 151 -115.64 -60.22 -30.65
CA GLN L 151 -115.27 -61.47 -31.35
C GLN L 151 -113.80 -61.74 -31.03
N LEU L 152 -113.47 -62.95 -30.58
CA LEU L 152 -112.10 -63.35 -30.18
C LEU L 152 -111.50 -64.24 -31.26
N VAL L 153 -110.19 -64.13 -31.43
CA VAL L 153 -109.36 -65.10 -32.18
C VAL L 153 -108.10 -65.41 -31.37
N ALA L 154 -107.75 -66.69 -31.26
CA ALA L 154 -106.49 -67.16 -30.65
C ALA L 154 -105.43 -67.31 -31.75
N ILE L 155 -104.23 -66.78 -31.52
CA ILE L 155 -103.07 -67.00 -32.43
C ILE L 155 -101.87 -67.53 -31.63
N PHE L 156 -101.16 -68.47 -32.22
CA PHE L 156 -100.00 -69.17 -31.61
C PHE L 156 -98.78 -68.90 -32.47
N GLY L 157 -97.75 -68.31 -31.90
CA GLY L 157 -96.43 -68.12 -32.55
C GLY L 157 -95.73 -69.43 -32.83
N GLY L 158 -94.56 -69.33 -33.41
CA GLY L 158 -93.62 -70.44 -33.65
C GLY L 158 -92.23 -69.98 -33.26
N GLN L 159 -91.24 -70.28 -34.07
CA GLN L 159 -89.83 -70.00 -33.71
C GLN L 159 -89.44 -68.66 -34.30
N GLY L 160 -88.33 -68.10 -33.83
CA GLY L 160 -87.73 -66.84 -34.32
C GLY L 160 -88.00 -65.71 -33.35
N ASN L 161 -88.82 -65.97 -32.34
CA ASN L 161 -89.41 -64.91 -31.50
C ASN L 161 -88.40 -64.58 -30.40
N THR L 162 -87.84 -65.60 -29.73
CA THR L 162 -86.86 -65.42 -28.63
C THR L 162 -85.66 -66.36 -28.77
N ASP L 163 -84.51 -65.87 -28.28
CA ASP L 163 -83.26 -66.64 -28.01
C ASP L 163 -83.59 -67.79 -27.07
N ASP L 164 -83.92 -67.51 -25.80
CA ASP L 164 -84.32 -68.53 -24.80
C ASP L 164 -85.82 -68.46 -24.58
N TYR L 165 -86.55 -69.26 -25.35
CA TYR L 165 -87.96 -69.65 -25.13
C TYR L 165 -88.07 -70.43 -23.80
N PHE L 166 -87.09 -71.27 -23.46
CA PHE L 166 -87.20 -72.29 -22.38
C PHE L 166 -87.45 -71.60 -21.04
N GLU L 167 -86.97 -70.37 -20.84
CA GLU L 167 -87.24 -69.56 -19.61
C GLU L 167 -88.74 -69.27 -19.48
N GLU L 168 -89.48 -69.25 -20.58
CA GLU L 168 -90.95 -69.09 -20.58
C GLU L 168 -91.58 -70.35 -19.97
N LEU L 169 -91.01 -71.52 -20.24
CA LEU L 169 -91.50 -72.84 -19.76
C LEU L 169 -91.15 -72.96 -18.28
N ARG L 170 -89.93 -72.55 -17.91
CA ARG L 170 -89.43 -72.48 -16.51
C ARG L 170 -90.40 -71.63 -15.67
N ASP L 171 -90.72 -70.42 -16.16
CA ASP L 171 -91.58 -69.43 -15.46
C ASP L 171 -93.02 -69.93 -15.39
N LEU L 172 -93.46 -70.79 -16.33
CA LEU L 172 -94.79 -71.46 -16.28
C LEU L 172 -94.80 -72.54 -15.19
N TYR L 173 -93.70 -73.29 -15.04
CA TYR L 173 -93.61 -74.44 -14.12
C TYR L 173 -93.53 -73.94 -12.68
N GLN L 174 -92.71 -72.92 -12.40
CA GLN L 174 -92.59 -72.27 -11.07
C GLN L 174 -93.97 -71.80 -10.62
N THR L 175 -94.51 -70.84 -11.35
CA THR L 175 -95.63 -69.95 -10.97
C THR L 175 -96.98 -70.67 -11.02
N TYR L 176 -97.25 -71.54 -11.99
CA TYR L 176 -98.57 -72.21 -12.12
C TYR L 176 -98.41 -73.72 -11.91
N HIS L 177 -97.42 -74.13 -11.12
CA HIS L 177 -97.08 -75.57 -10.92
C HIS L 177 -98.37 -76.39 -10.76
N VAL L 178 -99.30 -75.92 -9.95
CA VAL L 178 -100.51 -76.66 -9.49
C VAL L 178 -101.52 -76.88 -10.63
N LEU L 179 -101.54 -76.03 -11.66
CA LEU L 179 -102.54 -76.03 -12.76
C LEU L 179 -102.01 -76.80 -13.98
N VAL L 180 -100.71 -76.65 -14.25
CA VAL L 180 -100.01 -77.09 -15.49
C VAL L 180 -99.16 -78.33 -15.20
N GLY L 181 -98.62 -78.45 -13.98
CA GLY L 181 -97.74 -79.54 -13.51
C GLY L 181 -97.99 -80.88 -14.17
N ASP L 182 -99.24 -81.35 -14.21
CA ASP L 182 -99.60 -82.68 -14.76
C ASP L 182 -99.56 -82.66 -16.30
N LEU L 183 -99.78 -81.52 -16.96
CA LEU L 183 -99.61 -81.37 -18.44
C LEU L 183 -98.12 -81.43 -18.79
N ILE L 184 -97.28 -80.61 -18.14
CA ILE L 184 -95.79 -80.62 -18.32
C ILE L 184 -95.30 -82.06 -18.15
N LYS L 185 -95.80 -82.76 -17.11
CA LYS L 185 -95.32 -84.11 -16.72
C LYS L 185 -95.85 -85.14 -17.72
N PHE L 186 -97.07 -84.99 -18.22
CA PHE L 186 -97.64 -85.90 -19.26
C PHE L 186 -96.91 -85.65 -20.58
N SER L 187 -96.52 -84.41 -20.84
CA SER L 187 -95.72 -84.04 -22.03
C SER L 187 -94.46 -84.91 -22.06
N ALA L 188 -93.64 -84.81 -21.02
CA ALA L 188 -92.30 -85.45 -20.89
C ALA L 188 -92.42 -86.97 -21.06
N GLU L 189 -93.36 -87.61 -20.36
CA GLU L 189 -93.67 -89.06 -20.50
C GLU L 189 -93.92 -89.39 -21.97
N THR L 190 -94.74 -88.58 -22.66
CA THR L 190 -95.11 -88.76 -24.09
C THR L 190 -93.89 -88.58 -25.00
N LEU L 191 -93.08 -87.56 -24.75
CA LEU L 191 -91.86 -87.28 -25.55
C LEU L 191 -90.84 -88.40 -25.34
N SER L 192 -90.62 -88.81 -24.08
CA SER L 192 -89.69 -89.91 -23.72
C SER L 192 -90.10 -91.20 -24.43
N GLU L 193 -91.39 -91.56 -24.34
CA GLU L 193 -92.00 -92.73 -25.01
C GLU L 193 -91.77 -92.64 -26.53
N LEU L 194 -91.92 -91.44 -27.10
CA LEU L 194 -91.84 -91.21 -28.57
C LEU L 194 -90.39 -91.41 -29.05
N ILE L 195 -89.40 -91.05 -28.22
CA ILE L 195 -87.95 -91.32 -28.47
C ILE L 195 -87.71 -92.83 -28.53
N ARG L 196 -88.11 -93.55 -27.48
CA ARG L 196 -87.81 -94.99 -27.29
C ARG L 196 -88.42 -95.83 -28.43
N THR L 197 -89.66 -95.55 -28.85
CA THR L 197 -90.40 -96.30 -29.90
C THR L 197 -89.90 -95.95 -31.31
N THR L 198 -89.46 -94.71 -31.53
CA THR L 198 -88.92 -94.23 -32.84
C THR L 198 -87.51 -94.78 -33.01
N LEU L 199 -87.11 -95.06 -34.25
CA LEU L 199 -85.96 -95.95 -34.58
C LEU L 199 -84.63 -95.29 -34.21
N ASP L 200 -84.25 -94.22 -34.90
CA ASP L 200 -82.91 -93.58 -34.75
C ASP L 200 -83.06 -92.23 -34.04
N ALA L 201 -84.06 -92.10 -33.16
CA ALA L 201 -84.38 -90.81 -32.51
C ALA L 201 -83.32 -90.47 -31.45
N GLU L 202 -82.85 -91.47 -30.69
CA GLU L 202 -81.81 -91.34 -29.63
C GLU L 202 -80.54 -90.66 -30.16
N LYS L 203 -80.23 -90.81 -31.46
CA LYS L 203 -79.04 -90.18 -32.12
C LYS L 203 -79.18 -88.66 -32.12
N VAL L 204 -80.40 -88.15 -32.27
CA VAL L 204 -80.71 -86.71 -32.48
C VAL L 204 -80.70 -85.99 -31.14
N PHE L 205 -81.10 -86.65 -30.05
CA PHE L 205 -81.16 -86.09 -28.67
C PHE L 205 -79.87 -86.43 -27.93
N THR L 206 -78.79 -85.74 -28.28
CA THR L 206 -77.40 -86.03 -27.81
C THR L 206 -77.30 -85.77 -26.30
N GLN L 207 -77.87 -84.68 -25.80
CA GLN L 207 -77.92 -84.34 -24.34
C GLN L 207 -79.32 -84.67 -23.81
N GLY L 208 -80.01 -85.65 -24.39
CA GLY L 208 -81.24 -86.24 -23.82
C GLY L 208 -82.39 -85.24 -23.83
N LEU L 209 -83.55 -85.67 -23.31
CA LEU L 209 -84.80 -84.85 -23.25
C LEU L 209 -85.48 -85.13 -21.91
N ASN L 210 -84.74 -84.96 -20.82
CA ASN L 210 -85.28 -85.05 -19.44
C ASN L 210 -85.64 -83.61 -19.02
N ILE L 211 -86.85 -83.17 -19.36
CA ILE L 211 -87.29 -81.75 -19.21
C ILE L 211 -87.60 -81.50 -17.73
N LEU L 212 -88.25 -82.45 -17.06
CA LEU L 212 -88.61 -82.36 -15.61
C LEU L 212 -87.34 -82.11 -14.79
N GLU L 213 -86.27 -82.85 -15.08
CA GLU L 213 -84.90 -82.65 -14.52
C GLU L 213 -84.40 -81.23 -14.80
N TRP L 214 -84.54 -80.72 -16.04
CA TRP L 214 -84.05 -79.37 -16.44
C TRP L 214 -84.83 -78.28 -15.70
N LEU L 215 -86.11 -78.55 -15.42
CA LEU L 215 -87.02 -77.58 -14.79
C LEU L 215 -86.72 -77.43 -13.29
N GLU L 216 -86.29 -78.53 -12.63
CA GLU L 216 -85.88 -78.51 -11.20
C GLU L 216 -84.54 -77.78 -11.05
N ASN L 217 -83.51 -78.28 -11.75
CA ASN L 217 -82.10 -77.84 -11.63
C ASN L 217 -81.74 -77.01 -12.86
N PRO L 218 -81.72 -75.66 -12.76
CA PRO L 218 -81.07 -74.81 -13.76
C PRO L 218 -79.61 -75.17 -14.12
N SER L 219 -78.94 -75.92 -13.26
CA SER L 219 -77.56 -76.45 -13.47
C SER L 219 -77.56 -77.49 -14.59
N ASN L 220 -78.44 -78.49 -14.50
CA ASN L 220 -78.52 -79.67 -15.43
C ASN L 220 -79.18 -79.32 -16.77
N THR L 221 -79.82 -78.15 -16.88
CA THR L 221 -80.33 -77.53 -18.12
C THR L 221 -79.17 -77.40 -19.11
N PRO L 222 -79.28 -77.92 -20.36
CA PRO L 222 -78.26 -77.70 -21.38
C PRO L 222 -78.08 -76.24 -21.81
N ASP L 223 -77.05 -75.97 -22.62
CA ASP L 223 -76.79 -74.64 -23.26
C ASP L 223 -77.94 -74.30 -24.21
N LYS L 224 -78.16 -73.00 -24.47
CA LYS L 224 -79.25 -72.48 -25.34
C LYS L 224 -79.20 -73.11 -26.73
N ASP L 225 -78.00 -73.25 -27.31
CA ASP L 225 -77.80 -73.77 -28.68
C ASP L 225 -78.41 -75.16 -28.83
N TYR L 226 -78.24 -76.05 -27.84
CA TYR L 226 -78.83 -77.41 -27.84
C TYR L 226 -80.35 -77.29 -27.72
N LEU L 227 -80.80 -76.43 -26.80
CA LEU L 227 -82.24 -76.22 -26.53
C LEU L 227 -82.91 -75.66 -27.78
N LEU L 228 -82.19 -74.93 -28.63
CA LEU L 228 -82.80 -74.28 -29.81
C LEU L 228 -82.97 -75.31 -30.93
N SER L 229 -82.14 -76.36 -30.98
CA SER L 229 -82.20 -77.39 -32.05
C SER L 229 -83.65 -77.84 -32.20
N ILE L 230 -84.12 -77.98 -33.43
CA ILE L 230 -85.58 -78.11 -33.69
C ILE L 230 -86.15 -79.37 -33.06
N PRO L 231 -85.39 -80.46 -32.85
CA PRO L 231 -85.99 -81.67 -32.28
C PRO L 231 -86.56 -81.39 -30.89
N ILE L 232 -85.89 -80.55 -30.10
CA ILE L 232 -86.35 -80.30 -28.71
C ILE L 232 -87.17 -79.01 -28.70
N SER L 233 -86.81 -77.98 -29.47
CA SER L 233 -87.45 -76.64 -29.47
C SER L 233 -88.87 -76.71 -30.06
N CYS L 234 -89.07 -77.48 -31.13
CA CYS L 234 -90.40 -77.65 -31.76
C CYS L 234 -91.40 -78.11 -30.71
N PRO L 235 -91.32 -79.36 -30.19
CA PRO L 235 -92.34 -79.89 -29.28
C PRO L 235 -92.48 -79.07 -27.99
N LEU L 236 -91.39 -78.49 -27.51
CA LEU L 236 -91.38 -77.71 -26.25
C LEU L 236 -92.10 -76.38 -26.44
N ILE L 237 -92.05 -75.77 -27.61
CA ILE L 237 -92.87 -74.55 -27.87
C ILE L 237 -94.34 -74.97 -27.86
N GLY L 238 -94.68 -76.11 -28.45
CA GLY L 238 -96.05 -76.65 -28.41
C GLY L 238 -96.57 -76.66 -27.00
N VAL L 239 -95.83 -77.32 -26.11
CA VAL L 239 -96.11 -77.41 -24.65
C VAL L 239 -96.35 -76.01 -24.10
N ILE L 240 -95.43 -75.07 -24.31
CA ILE L 240 -95.50 -73.69 -23.73
C ILE L 240 -96.86 -73.09 -24.07
N GLN L 241 -97.36 -73.33 -25.28
CA GLN L 241 -98.62 -72.74 -25.79
C GLN L 241 -99.79 -73.45 -25.15
N LEU L 242 -99.86 -74.77 -25.32
CA LEU L 242 -100.85 -75.64 -24.62
C LEU L 242 -100.91 -75.27 -23.12
N ALA L 243 -99.77 -74.96 -22.49
CA ALA L 243 -99.73 -74.60 -21.04
C ALA L 243 -100.43 -73.25 -20.80
N HIS L 244 -99.93 -72.17 -21.41
CA HIS L 244 -100.57 -70.82 -21.44
C HIS L 244 -102.07 -70.95 -21.71
N TYR L 245 -102.47 -71.81 -22.65
CA TYR L 245 -103.91 -72.06 -22.92
C TYR L 245 -104.61 -72.61 -21.68
N VAL L 246 -103.95 -73.50 -20.94
CA VAL L 246 -104.55 -74.21 -19.80
C VAL L 246 -104.68 -73.26 -18.60
N VAL L 247 -103.65 -72.49 -18.25
CA VAL L 247 -103.81 -71.53 -17.13
C VAL L 247 -105.05 -70.69 -17.47
N THR L 248 -105.11 -70.19 -18.69
CA THR L 248 -106.21 -69.33 -19.20
C THR L 248 -107.56 -69.99 -18.90
N ALA L 249 -107.74 -71.27 -19.25
CA ALA L 249 -109.00 -72.02 -19.03
C ALA L 249 -109.31 -72.17 -17.54
N LYS L 250 -108.31 -72.52 -16.73
CA LYS L 250 -108.51 -72.87 -15.29
C LYS L 250 -108.75 -71.59 -14.48
N LEU L 251 -107.96 -70.55 -14.70
CA LEU L 251 -108.12 -69.23 -14.01
C LEU L 251 -109.40 -68.51 -14.44
N LEU L 252 -110.09 -69.00 -15.47
CA LEU L 252 -111.48 -68.59 -15.79
C LEU L 252 -112.48 -69.64 -15.28
N GLY L 253 -112.04 -70.87 -15.05
CA GLY L 253 -112.91 -71.97 -14.61
C GLY L 253 -113.71 -72.57 -15.76
N PHE L 254 -113.23 -72.35 -16.98
CA PHE L 254 -113.76 -72.99 -18.21
C PHE L 254 -113.08 -74.34 -18.43
N THR L 255 -113.81 -75.27 -19.05
CA THR L 255 -113.27 -76.51 -19.64
C THR L 255 -112.63 -76.11 -20.96
N PRO L 256 -111.58 -76.80 -21.47
CA PRO L 256 -110.88 -76.35 -22.68
C PRO L 256 -111.79 -76.25 -23.92
N GLY L 257 -112.89 -77.04 -23.96
CA GLY L 257 -113.94 -76.93 -25.00
C GLY L 257 -114.77 -75.65 -24.86
N GLU L 258 -114.99 -75.19 -23.62
CA GLU L 258 -115.81 -73.96 -23.34
C GLU L 258 -115.02 -72.73 -23.76
N LEU L 259 -113.70 -72.69 -23.45
CA LEU L 259 -112.78 -71.60 -23.89
C LEU L 259 -112.78 -71.54 -25.42
N ARG L 260 -112.73 -72.70 -26.06
CA ARG L 260 -112.73 -72.87 -27.54
C ARG L 260 -114.05 -72.34 -28.11
N SER L 261 -115.19 -72.57 -27.45
CA SER L 261 -116.54 -72.17 -27.95
C SER L 261 -116.67 -70.64 -28.03
N TYR L 262 -115.93 -69.89 -27.20
CA TYR L 262 -115.93 -68.40 -27.18
C TYR L 262 -114.96 -67.83 -28.23
N LEU L 263 -114.04 -68.63 -28.74
CA LEU L 263 -113.22 -68.26 -29.92
C LEU L 263 -114.12 -68.28 -31.16
N LYS L 264 -113.91 -67.32 -32.07
CA LYS L 264 -114.62 -67.30 -33.37
C LYS L 264 -113.82 -68.18 -34.32
N GLY L 265 -112.50 -67.98 -34.34
CA GLY L 265 -111.53 -68.81 -35.08
C GLY L 265 -110.18 -68.86 -34.41
N ALA L 266 -109.33 -69.79 -34.82
CA ALA L 266 -107.94 -69.95 -34.32
C ALA L 266 -107.00 -70.11 -35.51
N THR L 267 -105.75 -69.70 -35.34
CA THR L 267 -104.68 -69.85 -36.35
C THR L 267 -103.31 -69.62 -35.71
N GLY L 268 -102.27 -70.03 -36.42
CA GLY L 268 -100.88 -69.96 -35.92
C GLY L 268 -99.92 -69.63 -37.04
N HIS L 269 -98.85 -68.96 -36.65
CA HIS L 269 -97.68 -68.64 -37.50
C HIS L 269 -96.74 -69.82 -37.44
N SER L 270 -96.31 -70.33 -38.60
CA SER L 270 -95.29 -71.41 -38.72
C SER L 270 -95.85 -72.69 -38.05
N GLN L 271 -95.19 -73.20 -37.00
CA GLN L 271 -95.54 -74.45 -36.27
C GLN L 271 -96.70 -74.24 -35.30
N GLY L 272 -96.92 -73.00 -34.85
CA GLY L 272 -98.09 -72.60 -34.05
C GLY L 272 -99.40 -73.10 -34.66
N LEU L 273 -99.39 -73.43 -35.94
CA LEU L 273 -100.58 -73.92 -36.69
C LEU L 273 -101.01 -75.29 -36.15
N VAL L 274 -100.15 -75.99 -35.42
CA VAL L 274 -100.48 -77.35 -34.89
C VAL L 274 -101.21 -77.22 -33.56
N THR L 275 -100.72 -76.37 -32.66
CA THR L 275 -101.40 -76.15 -31.36
C THR L 275 -102.81 -75.64 -31.67
N ALA L 276 -102.96 -74.78 -32.68
CA ALA L 276 -104.23 -74.18 -33.09
C ALA L 276 -105.26 -75.27 -33.41
N VAL L 277 -104.91 -76.22 -34.27
CA VAL L 277 -105.84 -77.31 -34.70
C VAL L 277 -106.12 -78.27 -33.54
N ALA L 278 -105.26 -78.33 -32.52
CA ALA L 278 -105.43 -79.22 -31.34
C ALA L 278 -106.47 -78.62 -30.38
N ILE L 279 -106.34 -77.31 -30.11
CA ILE L 279 -107.34 -76.46 -29.39
C ILE L 279 -108.73 -76.66 -30.03
N ALA L 280 -108.83 -76.47 -31.34
CA ALA L 280 -110.09 -76.58 -32.11
C ALA L 280 -110.82 -77.92 -31.87
N GLU L 281 -110.11 -78.99 -31.51
CA GLU L 281 -110.70 -80.33 -31.26
C GLU L 281 -111.26 -80.45 -29.83
N THR L 282 -110.59 -79.81 -28.87
CA THR L 282 -110.71 -80.18 -27.43
C THR L 282 -112.14 -79.94 -26.93
N ASP L 283 -112.53 -80.68 -25.88
CA ASP L 283 -113.90 -80.75 -25.30
C ASP L 283 -113.79 -80.61 -23.77
N SER L 284 -113.50 -81.70 -23.05
CA SER L 284 -113.48 -81.78 -21.56
C SER L 284 -112.03 -81.86 -21.05
N TRP L 285 -111.83 -81.83 -19.73
CA TRP L 285 -110.50 -82.02 -19.08
C TRP L 285 -110.02 -83.46 -19.21
N GLU L 286 -110.91 -84.41 -19.50
CA GLU L 286 -110.56 -85.86 -19.62
C GLU L 286 -109.92 -86.05 -21.01
N SER L 287 -110.65 -85.73 -22.08
CA SER L 287 -110.21 -85.96 -23.49
C SER L 287 -109.28 -84.82 -23.96
N PHE L 288 -108.70 -84.02 -23.05
CA PHE L 288 -107.70 -82.98 -23.41
C PHE L 288 -106.37 -83.64 -23.74
N PHE L 289 -105.95 -84.60 -22.91
CA PHE L 289 -104.63 -85.25 -23.02
C PHE L 289 -104.55 -86.11 -24.30
N VAL L 290 -105.65 -86.40 -25.02
CA VAL L 290 -105.57 -87.08 -26.35
C VAL L 290 -105.34 -86.04 -27.45
N SER L 291 -105.76 -84.79 -27.24
CA SER L 291 -105.43 -83.64 -28.12
C SER L 291 -103.95 -83.28 -27.95
N VAL L 292 -103.49 -83.11 -26.70
CA VAL L 292 -102.08 -82.76 -26.36
C VAL L 292 -101.12 -83.85 -26.85
N ARG L 293 -101.52 -85.14 -26.84
CA ARG L 293 -100.72 -86.22 -27.45
C ARG L 293 -100.55 -85.94 -28.95
N LYS L 294 -101.66 -85.63 -29.63
CA LYS L 294 -101.69 -85.33 -31.09
C LYS L 294 -100.84 -84.09 -31.39
N ALA L 295 -100.86 -83.07 -30.55
CA ALA L 295 -100.15 -81.80 -30.82
C ALA L 295 -98.65 -82.06 -30.79
N ILE L 296 -98.16 -82.68 -29.73
CA ILE L 296 -96.70 -82.75 -29.46
C ILE L 296 -96.10 -83.95 -30.17
N THR L 297 -96.88 -84.97 -30.51
CA THR L 297 -96.37 -86.07 -31.39
C THR L 297 -96.00 -85.44 -32.74
N VAL L 298 -96.88 -84.64 -33.35
CA VAL L 298 -96.64 -83.99 -34.67
C VAL L 298 -95.42 -83.07 -34.58
N LEU L 299 -95.33 -82.25 -33.54
CA LEU L 299 -94.22 -81.27 -33.36
C LEU L 299 -92.91 -82.01 -33.09
N PHE L 300 -92.97 -83.25 -32.56
CA PHE L 300 -91.79 -84.11 -32.32
C PHE L 300 -91.26 -84.60 -33.69
N PHE L 301 -92.13 -85.19 -34.51
CA PHE L 301 -91.75 -85.76 -35.82
C PHE L 301 -91.34 -84.68 -36.82
N ILE L 302 -91.85 -83.45 -36.68
CA ILE L 302 -91.41 -82.28 -37.51
C ILE L 302 -89.95 -81.99 -37.17
N GLY L 303 -89.64 -81.75 -35.90
CA GLY L 303 -88.30 -81.39 -35.43
C GLY L 303 -87.30 -82.54 -35.51
N VAL L 304 -87.77 -83.78 -35.56
CA VAL L 304 -86.86 -84.97 -35.69
C VAL L 304 -86.55 -85.15 -37.18
N ARG L 305 -87.58 -85.38 -38.02
CA ARG L 305 -87.40 -85.66 -39.46
C ARG L 305 -86.89 -84.44 -40.25
N CYS L 306 -87.02 -83.22 -39.73
CA CYS L 306 -86.51 -81.99 -40.39
C CYS L 306 -85.06 -81.72 -40.02
N TYR L 307 -84.63 -82.10 -38.81
CA TYR L 307 -83.22 -82.00 -38.38
C TYR L 307 -82.40 -82.97 -39.23
N GLU L 308 -82.94 -84.17 -39.47
CA GLU L 308 -82.30 -85.21 -40.31
C GLU L 308 -82.12 -84.66 -41.73
N ALA L 309 -83.11 -83.97 -42.27
CA ALA L 309 -83.18 -83.60 -43.70
C ALA L 309 -82.19 -82.46 -44.02
N TYR L 310 -82.04 -81.48 -43.12
CA TYR L 310 -81.02 -80.40 -43.25
C TYR L 310 -80.51 -80.00 -41.87
N PRO L 311 -79.51 -80.72 -41.30
CA PRO L 311 -78.91 -80.37 -40.00
C PRO L 311 -77.91 -79.22 -40.02
N ASN L 312 -77.88 -78.40 -38.96
CA ASN L 312 -76.99 -77.22 -38.88
C ASN L 312 -75.55 -77.71 -38.66
N THR L 313 -74.60 -77.13 -39.40
CA THR L 313 -73.14 -77.44 -39.34
C THR L 313 -72.37 -76.19 -38.97
N SER L 314 -71.05 -76.32 -38.82
CA SER L 314 -70.15 -75.24 -38.35
C SER L 314 -70.12 -74.14 -39.40
N LEU L 315 -70.22 -72.88 -38.96
CA LEU L 315 -69.89 -71.73 -39.82
C LEU L 315 -68.37 -71.65 -39.94
N PRO L 316 -67.83 -71.39 -41.14
CA PRO L 316 -66.50 -70.79 -41.25
C PRO L 316 -66.36 -69.62 -40.29
N PRO L 317 -65.38 -69.62 -39.35
CA PRO L 317 -65.20 -68.51 -38.41
C PRO L 317 -64.83 -67.16 -39.04
N SER L 318 -64.28 -67.14 -40.25
CA SER L 318 -64.06 -65.89 -41.04
C SER L 318 -65.40 -65.15 -41.11
N ILE L 319 -66.42 -65.86 -41.61
CA ILE L 319 -67.83 -65.38 -41.82
C ILE L 319 -68.42 -64.92 -40.49
N LEU L 320 -68.33 -65.76 -39.46
CA LEU L 320 -68.97 -65.49 -38.14
C LEU L 320 -68.45 -64.16 -37.58
N GLU L 321 -67.16 -63.88 -37.79
CA GLU L 321 -66.44 -62.69 -37.27
C GLU L 321 -66.73 -61.47 -38.14
N ASP L 322 -66.94 -61.67 -39.44
CA ASP L 322 -67.31 -60.60 -40.41
C ASP L 322 -68.70 -60.08 -40.04
N SER L 323 -69.68 -60.96 -39.87
CA SER L 323 -71.08 -60.64 -39.49
C SER L 323 -71.15 -59.95 -38.12
N LEU L 324 -70.24 -60.22 -37.18
CA LEU L 324 -70.29 -59.63 -35.81
C LEU L 324 -69.62 -58.25 -35.78
N GLU L 325 -68.75 -57.92 -36.73
CA GLU L 325 -68.12 -56.57 -36.79
C GLU L 325 -69.01 -55.60 -37.61
N ASN L 326 -70.03 -56.10 -38.32
CA ASN L 326 -71.01 -55.29 -39.10
C ASN L 326 -72.38 -55.26 -38.42
N ASN L 327 -72.49 -55.74 -37.17
CA ASN L 327 -73.71 -55.67 -36.30
C ASN L 327 -74.88 -56.48 -36.87
N GLU L 328 -74.70 -57.19 -38.00
CA GLU L 328 -75.55 -58.34 -38.38
C GLU L 328 -75.44 -59.37 -37.24
N GLY L 329 -76.32 -60.36 -37.21
CA GLY L 329 -76.34 -61.29 -36.06
C GLY L 329 -75.24 -62.32 -36.14
N VAL L 330 -75.47 -63.45 -35.48
CA VAL L 330 -74.87 -64.77 -35.79
C VAL L 330 -75.67 -65.34 -36.94
N PRO L 331 -75.07 -65.76 -38.09
CA PRO L 331 -75.85 -66.31 -39.19
C PRO L 331 -76.67 -67.51 -38.73
N SER L 332 -77.77 -67.74 -39.44
CA SER L 332 -78.80 -68.76 -39.15
C SER L 332 -79.50 -69.07 -40.45
N PRO L 333 -80.36 -70.08 -40.51
CA PRO L 333 -81.08 -70.37 -41.75
C PRO L 333 -82.29 -69.45 -42.00
N MET L 334 -82.56 -68.45 -41.13
CA MET L 334 -83.70 -67.52 -41.33
C MET L 334 -83.29 -66.06 -41.07
N LEU L 335 -83.17 -65.30 -42.16
CA LEU L 335 -82.79 -63.86 -42.24
C LEU L 335 -84.05 -63.01 -42.36
N SER L 336 -84.27 -62.07 -41.43
CA SER L 336 -85.44 -61.15 -41.40
C SER L 336 -85.02 -59.79 -41.96
N ILE L 337 -85.84 -59.21 -42.86
CA ILE L 337 -85.56 -57.92 -43.55
C ILE L 337 -86.74 -56.96 -43.32
N SER L 338 -86.59 -56.01 -42.39
CA SER L 338 -87.55 -54.89 -42.14
C SER L 338 -87.41 -53.83 -43.24
N ASN L 339 -88.53 -53.26 -43.70
CA ASN L 339 -88.65 -51.90 -44.32
C ASN L 339 -88.37 -51.96 -45.84
N LEU L 340 -88.73 -53.05 -46.50
CA LEU L 340 -88.43 -53.34 -47.92
C LEU L 340 -89.56 -54.20 -48.49
N THR L 341 -90.27 -53.73 -49.51
CA THR L 341 -91.46 -54.42 -50.09
C THR L 341 -91.06 -55.83 -50.55
N GLN L 342 -91.99 -56.78 -50.56
CA GLN L 342 -91.77 -58.16 -51.09
C GLN L 342 -91.22 -58.10 -52.52
N GLU L 343 -91.57 -57.07 -53.30
CA GLU L 343 -91.10 -56.92 -54.70
C GLU L 343 -89.64 -56.43 -54.72
N GLN L 344 -89.21 -55.61 -53.75
CA GLN L 344 -87.80 -55.16 -53.60
C GLN L 344 -86.91 -56.34 -53.20
N VAL L 345 -87.32 -57.11 -52.19
CA VAL L 345 -86.56 -58.26 -51.62
C VAL L 345 -86.42 -59.37 -52.67
N GLN L 346 -87.48 -59.65 -53.42
CA GLN L 346 -87.50 -60.79 -54.38
C GLN L 346 -86.55 -60.48 -55.55
N ASP L 347 -86.20 -59.21 -55.79
CA ASP L 347 -85.09 -58.83 -56.71
C ASP L 347 -83.76 -59.33 -56.15
N TYR L 348 -83.39 -58.87 -54.96
CA TYR L 348 -82.11 -59.22 -54.26
C TYR L 348 -81.94 -60.73 -54.10
N VAL L 349 -83.01 -61.54 -54.07
CA VAL L 349 -82.86 -63.04 -54.01
C VAL L 349 -82.76 -63.61 -55.44
N ASN L 350 -83.30 -62.95 -56.47
CA ASN L 350 -83.16 -63.43 -57.87
C ASN L 350 -81.70 -63.20 -58.31
N LYS L 351 -81.10 -62.09 -57.91
CA LYS L 351 -79.64 -61.81 -58.03
C LYS L 351 -78.88 -62.98 -57.40
N THR L 352 -79.02 -63.16 -56.07
CA THR L 352 -78.27 -64.14 -55.24
C THR L 352 -78.48 -65.57 -55.77
N ASN L 353 -79.70 -65.96 -56.15
CA ASN L 353 -80.04 -67.33 -56.61
C ASN L 353 -79.74 -67.52 -58.11
N SER L 354 -79.27 -66.49 -58.82
CA SER L 354 -78.75 -66.64 -60.21
C SER L 354 -77.48 -67.50 -60.17
N HIS L 355 -76.58 -67.18 -59.24
CA HIS L 355 -75.19 -67.70 -59.13
C HIS L 355 -75.16 -69.08 -58.46
N LEU L 356 -75.89 -69.24 -57.35
CA LEU L 356 -75.93 -70.48 -56.54
C LEU L 356 -76.56 -71.63 -57.34
N PRO L 357 -76.17 -72.90 -57.08
CA PRO L 357 -76.86 -74.06 -57.64
C PRO L 357 -78.14 -74.38 -56.88
N ALA L 358 -78.99 -75.27 -57.43
CA ALA L 358 -80.38 -75.55 -56.97
C ALA L 358 -80.46 -75.71 -55.44
N GLY L 359 -79.72 -76.67 -54.88
CA GLY L 359 -79.83 -77.09 -53.46
C GLY L 359 -79.00 -76.24 -52.51
N LYS L 360 -78.76 -74.97 -52.86
CA LYS L 360 -78.12 -73.96 -51.97
C LYS L 360 -78.84 -72.61 -52.08
N GLN L 361 -80.03 -72.59 -52.69
CA GLN L 361 -80.78 -71.34 -53.05
C GLN L 361 -81.61 -70.90 -51.85
N VAL L 362 -81.89 -69.59 -51.78
CA VAL L 362 -82.73 -68.99 -50.72
C VAL L 362 -84.11 -68.68 -51.31
N GLU L 363 -85.09 -68.42 -50.44
CA GLU L 363 -86.47 -68.05 -50.82
C GLU L 363 -87.13 -67.24 -49.69
N ILE L 364 -88.05 -66.35 -50.06
CA ILE L 364 -88.99 -65.70 -49.12
C ILE L 364 -89.87 -66.80 -48.54
N SER L 365 -89.99 -66.84 -47.21
CA SER L 365 -90.62 -67.91 -46.42
C SER L 365 -91.80 -67.33 -45.61
N LEU L 366 -91.52 -66.34 -44.76
CA LEU L 366 -92.58 -65.58 -44.07
C LEU L 366 -92.71 -64.21 -44.74
N VAL L 367 -93.96 -63.85 -45.13
CA VAL L 367 -94.40 -62.47 -45.46
C VAL L 367 -95.24 -61.97 -44.28
N ASN L 368 -94.59 -61.39 -43.29
CA ASN L 368 -95.22 -61.02 -42.00
C ASN L 368 -96.05 -59.75 -42.20
N GLY L 369 -95.46 -58.72 -42.82
CA GLY L 369 -96.14 -57.44 -43.13
C GLY L 369 -95.95 -57.07 -44.58
N ALA L 370 -96.36 -55.85 -44.94
CA ALA L 370 -96.10 -55.21 -46.25
C ALA L 370 -94.58 -55.09 -46.46
N LYS L 371 -93.91 -54.63 -45.41
CA LYS L 371 -92.44 -54.40 -45.36
C LYS L 371 -91.83 -55.08 -44.13
N ASN L 372 -92.01 -56.40 -44.01
CA ASN L 372 -91.44 -57.20 -42.89
C ASN L 372 -91.39 -58.65 -43.38
N LEU L 373 -90.26 -59.04 -43.97
CA LEU L 373 -90.10 -60.36 -44.64
C LEU L 373 -88.98 -61.15 -43.99
N VAL L 374 -89.05 -62.47 -44.19
CA VAL L 374 -88.04 -63.45 -43.70
C VAL L 374 -87.65 -64.34 -44.87
N VAL L 375 -86.32 -64.48 -45.10
CA VAL L 375 -85.73 -65.35 -46.15
C VAL L 375 -85.12 -66.58 -45.45
N SER L 376 -85.42 -67.77 -45.99
CA SER L 376 -84.98 -69.08 -45.45
C SER L 376 -84.08 -69.79 -46.46
N GLY L 377 -82.92 -70.21 -46.00
CA GLY L 377 -82.07 -71.16 -46.72
C GLY L 377 -80.75 -71.36 -45.99
N PRO L 378 -79.72 -71.89 -46.66
CA PRO L 378 -78.44 -72.20 -46.03
C PRO L 378 -77.74 -70.97 -45.46
N PRO L 379 -77.34 -70.96 -44.18
CA PRO L 379 -76.74 -69.77 -43.60
C PRO L 379 -75.61 -69.13 -44.42
N GLN L 380 -74.81 -69.93 -45.14
CA GLN L 380 -73.83 -69.48 -46.17
C GLN L 380 -74.53 -68.57 -47.18
N SER L 381 -75.52 -69.12 -47.88
CA SER L 381 -76.34 -68.47 -48.93
C SER L 381 -76.98 -67.16 -48.41
N LEU L 382 -77.53 -67.15 -47.20
CA LEU L 382 -78.14 -65.95 -46.57
C LEU L 382 -77.05 -65.00 -46.10
N TYR L 383 -75.82 -65.44 -45.98
CA TYR L 383 -74.68 -64.52 -45.73
C TYR L 383 -74.31 -63.90 -47.09
N GLY L 384 -74.49 -64.64 -48.18
CA GLY L 384 -74.33 -64.11 -49.54
C GLY L 384 -75.25 -62.92 -49.77
N LEU L 385 -76.54 -63.14 -49.51
CA LEU L 385 -77.60 -62.12 -49.59
C LEU L 385 -77.22 -60.91 -48.74
N ASN L 386 -76.79 -61.11 -47.51
CA ASN L 386 -76.50 -60.02 -46.54
C ASN L 386 -75.46 -59.05 -47.11
N LEU L 387 -74.45 -59.55 -47.84
CA LEU L 387 -73.35 -58.73 -48.42
C LEU L 387 -73.93 -57.87 -49.55
N THR L 388 -74.70 -58.49 -50.45
CA THR L 388 -75.52 -57.82 -51.50
C THR L 388 -76.37 -56.67 -50.91
N LEU L 389 -76.86 -56.79 -49.67
CA LEU L 389 -77.69 -55.75 -49.00
C LEU L 389 -76.80 -54.64 -48.42
N ARG L 390 -75.62 -54.95 -47.87
CA ARG L 390 -74.70 -53.93 -47.25
C ARG L 390 -74.31 -52.89 -48.31
N LYS L 391 -74.17 -53.29 -49.58
CA LYS L 391 -74.06 -52.38 -50.75
C LYS L 391 -75.22 -51.38 -50.72
N ALA L 392 -76.44 -51.87 -50.96
CA ALA L 392 -77.65 -51.06 -51.23
C ALA L 392 -77.99 -50.15 -50.05
N LYS L 393 -77.84 -50.62 -48.81
CA LYS L 393 -78.34 -49.89 -47.61
C LYS L 393 -77.39 -48.72 -47.31
N ALA L 394 -77.93 -47.69 -46.67
CA ALA L 394 -77.22 -46.44 -46.31
C ALA L 394 -77.06 -46.37 -44.80
N PRO L 395 -75.91 -45.86 -44.28
CA PRO L 395 -75.71 -45.71 -42.84
C PRO L 395 -76.91 -45.09 -42.11
N SER L 396 -77.32 -45.67 -40.97
CA SER L 396 -78.45 -45.20 -40.11
C SER L 396 -78.16 -43.79 -39.55
N GLY L 397 -76.88 -43.43 -39.39
CA GLY L 397 -76.40 -42.05 -39.17
C GLY L 397 -75.87 -41.44 -40.45
N LEU L 398 -76.77 -41.04 -41.37
CA LEU L 398 -76.44 -40.28 -42.62
C LEU L 398 -77.08 -38.89 -42.62
N ASP L 399 -78.34 -38.75 -42.17
CA ASP L 399 -79.13 -37.49 -42.18
C ASP L 399 -79.35 -37.06 -43.63
N GLN L 400 -80.48 -37.50 -44.21
CA GLN L 400 -80.94 -37.16 -45.58
C GLN L 400 -82.15 -36.22 -45.50
N SER L 401 -82.18 -35.31 -44.52
CA SER L 401 -83.31 -34.35 -44.31
C SER L 401 -83.15 -33.14 -45.22
N ARG L 402 -82.02 -33.06 -45.94
CA ARG L 402 -81.57 -31.93 -46.79
C ARG L 402 -81.67 -32.31 -48.27
N ILE L 403 -81.93 -33.59 -48.54
CA ILE L 403 -81.91 -34.23 -49.88
C ILE L 403 -83.35 -34.34 -50.34
N PRO L 404 -83.70 -34.04 -51.62
CA PRO L 404 -85.06 -34.24 -52.10
C PRO L 404 -85.50 -35.69 -51.86
N PHE L 405 -86.77 -35.89 -51.49
CA PHE L 405 -87.33 -37.18 -51.00
C PHE L 405 -86.91 -38.35 -51.90
N SER L 406 -87.26 -38.29 -53.18
CA SER L 406 -87.15 -39.42 -54.15
C SER L 406 -85.71 -39.62 -54.65
N GLU L 407 -84.72 -38.94 -54.07
CA GLU L 407 -83.27 -39.15 -54.31
C GLU L 407 -82.58 -39.69 -53.04
N ARG L 408 -83.35 -40.15 -52.05
CA ARG L 408 -82.81 -40.63 -50.76
C ARG L 408 -82.52 -42.13 -50.88
N LYS L 409 -81.49 -42.59 -50.17
CA LYS L 409 -81.13 -44.03 -50.07
C LYS L 409 -82.15 -44.73 -49.18
N LEU L 410 -82.49 -45.97 -49.51
CA LEU L 410 -83.37 -46.87 -48.71
C LEU L 410 -82.64 -47.17 -47.38
N LYS L 411 -83.28 -46.88 -46.26
CA LYS L 411 -82.84 -47.31 -44.90
C LYS L 411 -83.61 -48.58 -44.55
N PHE L 412 -82.92 -49.64 -44.13
CA PHE L 412 -83.57 -50.94 -43.81
C PHE L 412 -82.66 -51.84 -42.96
N SER L 413 -83.28 -52.61 -42.06
CA SER L 413 -82.64 -53.48 -41.05
C SER L 413 -82.70 -54.93 -41.52
N ASN L 414 -81.57 -55.65 -41.49
CA ASN L 414 -81.50 -57.10 -41.83
C ASN L 414 -80.74 -57.78 -40.71
N ARG L 415 -81.34 -58.84 -40.17
CA ARG L 415 -81.13 -59.31 -38.78
C ARG L 415 -81.45 -60.79 -38.83
N PHE L 416 -80.52 -61.63 -38.39
CA PHE L 416 -80.72 -63.10 -38.37
C PHE L 416 -81.62 -63.46 -37.20
N LEU L 417 -82.52 -64.41 -37.41
CA LEU L 417 -83.40 -64.93 -36.35
C LEU L 417 -82.63 -65.91 -35.48
N PRO L 418 -83.10 -66.14 -34.24
CA PRO L 418 -82.73 -67.32 -33.47
C PRO L 418 -83.59 -68.56 -33.76
N VAL L 419 -83.29 -69.26 -34.86
CA VAL L 419 -83.77 -70.65 -35.14
C VAL L 419 -82.57 -71.49 -35.55
N ALA L 420 -82.81 -72.76 -35.85
CA ALA L 420 -81.77 -73.74 -36.19
C ALA L 420 -82.05 -74.42 -37.54
N SER L 421 -83.31 -74.44 -38.01
CA SER L 421 -83.67 -75.02 -39.33
C SER L 421 -84.11 -73.92 -40.29
N PRO L 422 -84.06 -74.18 -41.61
CA PRO L 422 -84.72 -73.34 -42.60
C PRO L 422 -86.15 -73.80 -42.84
N PHE L 423 -87.10 -73.24 -42.09
CA PHE L 423 -88.55 -73.58 -42.21
C PHE L 423 -89.12 -72.97 -43.50
N HIS L 424 -90.17 -73.58 -44.02
CA HIS L 424 -90.92 -73.09 -45.21
C HIS L 424 -89.98 -73.01 -46.41
N SER L 425 -89.04 -73.96 -46.54
CA SER L 425 -88.01 -73.95 -47.62
C SER L 425 -88.10 -75.25 -48.42
N HIS L 426 -87.33 -75.34 -49.52
CA HIS L 426 -87.24 -76.53 -50.40
C HIS L 426 -86.28 -77.58 -49.79
N LEU L 427 -85.41 -77.17 -48.87
CA LEU L 427 -84.42 -78.01 -48.13
C LEU L 427 -85.12 -79.03 -47.24
N LEU L 428 -86.35 -78.75 -46.78
CA LEU L 428 -87.08 -79.62 -45.83
C LEU L 428 -88.07 -80.52 -46.58
N VAL L 429 -88.21 -80.38 -47.89
CA VAL L 429 -89.17 -81.18 -48.72
C VAL L 429 -88.92 -82.68 -48.53
N PRO L 430 -87.66 -83.19 -48.47
CA PRO L 430 -87.41 -84.62 -48.27
C PRO L 430 -88.14 -85.21 -47.05
N ALA L 431 -88.28 -84.42 -45.98
CA ALA L 431 -88.94 -84.78 -44.70
C ALA L 431 -90.44 -85.00 -44.87
N SER L 432 -91.08 -84.33 -45.83
CA SER L 432 -92.56 -84.21 -45.94
C SER L 432 -93.15 -85.62 -46.01
N ASP L 433 -92.66 -86.45 -46.93
CA ASP L 433 -93.10 -87.86 -47.12
C ASP L 433 -92.91 -88.67 -45.82
N LEU L 434 -91.77 -88.54 -45.15
CA LEU L 434 -91.43 -89.33 -43.93
C LEU L 434 -92.38 -88.99 -42.77
N ILE L 435 -92.66 -87.70 -42.53
CA ILE L 435 -93.56 -87.22 -41.44
C ILE L 435 -94.98 -87.77 -41.65
N ASN L 436 -95.50 -87.76 -42.88
CA ASN L 436 -96.88 -88.25 -43.16
C ASN L 436 -96.99 -89.72 -42.76
N LYS L 437 -95.93 -90.51 -42.96
CA LYS L 437 -95.87 -91.97 -42.69
C LYS L 437 -95.61 -92.26 -41.20
N ASP L 438 -94.86 -91.38 -40.51
CA ASP L 438 -94.54 -91.48 -39.07
C ASP L 438 -95.73 -91.03 -38.21
N LEU L 439 -96.77 -90.44 -38.82
CA LEU L 439 -98.03 -90.01 -38.14
C LEU L 439 -99.15 -91.03 -38.39
N VAL L 440 -99.14 -91.77 -39.52
CA VAL L 440 -100.12 -92.87 -39.77
C VAL L 440 -99.74 -94.06 -38.89
N LYS L 441 -98.45 -94.20 -38.54
CA LYS L 441 -97.97 -95.24 -37.59
C LYS L 441 -98.46 -94.92 -36.19
N ASN L 442 -98.10 -93.75 -35.65
CA ASN L 442 -98.39 -93.30 -34.26
C ASN L 442 -99.87 -92.90 -34.12
N ASN L 443 -100.67 -93.04 -35.18
CA ASN L 443 -102.16 -92.99 -35.17
C ASN L 443 -102.61 -91.59 -34.74
N VAL L 444 -102.43 -90.61 -35.64
CA VAL L 444 -102.56 -89.14 -35.38
C VAL L 444 -103.14 -88.45 -36.61
N SER L 445 -104.43 -88.62 -36.85
CA SER L 445 -105.19 -87.81 -37.83
C SER L 445 -105.94 -86.73 -37.05
N PHE L 446 -106.31 -85.67 -37.76
CA PHE L 446 -107.29 -84.64 -37.34
C PHE L 446 -108.44 -84.68 -38.33
N ASN L 447 -109.61 -85.20 -37.92
CA ASN L 447 -110.82 -85.21 -38.76
C ASN L 447 -111.46 -83.82 -38.76
N ALA L 448 -112.11 -83.45 -39.86
CA ALA L 448 -112.82 -82.17 -40.08
C ALA L 448 -113.97 -82.04 -39.07
N LYS L 449 -114.71 -83.13 -38.81
CA LYS L 449 -115.89 -83.12 -37.90
C LYS L 449 -115.46 -82.70 -36.48
N ASP L 450 -114.33 -83.22 -36.02
CA ASP L 450 -113.84 -83.05 -34.62
C ASP L 450 -113.44 -81.59 -34.36
N ILE L 451 -113.03 -80.83 -35.39
CA ILE L 451 -112.54 -79.43 -35.21
C ILE L 451 -113.74 -78.46 -35.38
N GLN L 452 -114.12 -77.82 -34.28
CA GLN L 452 -115.45 -77.18 -34.06
C GLN L 452 -115.38 -75.65 -34.20
N ILE L 453 -114.23 -75.11 -34.64
CA ILE L 453 -114.07 -73.68 -35.04
C ILE L 453 -113.20 -73.60 -36.29
N PRO L 454 -113.35 -72.56 -37.12
CA PRO L 454 -112.49 -72.39 -38.29
C PRO L 454 -111.02 -72.18 -37.87
N VAL L 455 -110.12 -73.04 -38.38
CA VAL L 455 -108.64 -72.89 -38.26
C VAL L 455 -108.12 -72.37 -39.60
N TYR L 456 -107.40 -71.25 -39.57
CA TYR L 456 -107.09 -70.45 -40.78
C TYR L 456 -105.72 -70.88 -41.30
N ASP L 457 -105.71 -71.53 -42.46
CA ASP L 457 -104.50 -72.02 -43.19
C ASP L 457 -103.54 -70.86 -43.37
N THR L 458 -102.24 -71.11 -43.20
CA THR L 458 -101.19 -70.08 -43.08
C THR L 458 -100.68 -69.64 -44.47
N PHE L 459 -101.19 -70.19 -45.59
CA PHE L 459 -100.76 -69.89 -46.98
C PHE L 459 -101.85 -69.13 -47.74
N ASP L 460 -103.07 -69.68 -47.79
CA ASP L 460 -104.25 -69.07 -48.47
C ASP L 460 -104.95 -68.09 -47.51
N GLY L 461 -105.31 -68.59 -46.32
CA GLY L 461 -106.26 -67.95 -45.38
C GLY L 461 -107.60 -68.68 -45.36
N SER L 462 -107.77 -69.70 -46.21
CA SER L 462 -108.95 -70.60 -46.28
C SER L 462 -109.04 -71.42 -45.00
N ASP L 463 -110.26 -71.83 -44.62
CA ASP L 463 -110.52 -72.72 -43.47
C ASP L 463 -109.99 -74.12 -43.79
N LEU L 464 -109.35 -74.79 -42.81
CA LEU L 464 -108.78 -76.16 -42.95
C LEU L 464 -109.89 -77.22 -42.91
N ARG L 465 -111.10 -76.87 -42.44
CA ARG L 465 -112.25 -77.79 -42.27
C ARG L 465 -112.85 -78.16 -43.63
N VAL L 466 -112.47 -77.43 -44.68
CA VAL L 466 -113.09 -77.48 -46.04
C VAL L 466 -112.36 -78.52 -46.91
N LEU L 467 -111.04 -78.69 -46.73
CA LEU L 467 -110.16 -79.56 -47.56
C LEU L 467 -110.78 -80.95 -47.78
N SER L 468 -110.58 -81.50 -48.99
CA SER L 468 -111.03 -82.87 -49.39
C SER L 468 -110.10 -83.92 -48.78
N GLY L 469 -108.78 -83.67 -48.77
CA GLY L 469 -107.74 -84.64 -48.35
C GLY L 469 -107.51 -84.62 -46.84
N SER L 470 -106.28 -84.95 -46.43
CA SER L 470 -105.83 -84.95 -45.01
C SER L 470 -105.59 -83.51 -44.56
N ILE L 471 -106.00 -83.19 -43.34
CA ILE L 471 -105.68 -81.91 -42.64
C ILE L 471 -104.28 -82.02 -42.03
N SER L 472 -103.96 -83.16 -41.43
CA SER L 472 -102.61 -83.53 -40.91
C SER L 472 -101.55 -83.30 -41.99
N GLU L 473 -101.74 -83.86 -43.20
CA GLU L 473 -100.82 -83.69 -44.37
C GLU L 473 -100.60 -82.20 -44.63
N ARG L 474 -101.68 -81.45 -44.83
CA ARG L 474 -101.64 -80.03 -45.25
C ARG L 474 -100.73 -79.25 -44.30
N ILE L 475 -101.00 -79.37 -43.00
CA ILE L 475 -100.34 -78.61 -41.89
C ILE L 475 -98.82 -78.84 -41.94
N VAL L 476 -98.37 -80.06 -42.28
CA VAL L 476 -96.93 -80.41 -42.48
C VAL L 476 -96.39 -79.59 -43.66
N ASP L 477 -97.05 -79.60 -44.82
CA ASP L 477 -96.65 -78.82 -46.03
C ASP L 477 -96.59 -77.33 -45.70
N CYS L 478 -97.47 -76.84 -44.83
CA CYS L 478 -97.58 -75.41 -44.44
C CYS L 478 -96.41 -74.97 -43.54
N ILE L 479 -95.65 -75.92 -42.99
CA ILE L 479 -94.47 -75.67 -42.10
C ILE L 479 -93.18 -76.06 -42.82
N ILE L 480 -93.19 -77.22 -43.50
CA ILE L 480 -92.05 -77.74 -44.32
C ILE L 480 -91.89 -76.82 -45.53
N ARG L 481 -92.81 -76.91 -46.50
CA ARG L 481 -92.62 -76.39 -47.88
C ARG L 481 -93.10 -74.95 -47.93
N LEU L 482 -94.41 -74.74 -47.82
CA LEU L 482 -95.12 -73.54 -48.34
C LEU L 482 -94.72 -72.31 -47.53
N PRO L 483 -94.77 -71.10 -48.13
CA PRO L 483 -94.53 -69.86 -47.41
C PRO L 483 -95.71 -69.51 -46.49
N VAL L 484 -95.55 -68.42 -45.72
CA VAL L 484 -96.55 -67.95 -44.71
C VAL L 484 -96.93 -66.53 -45.07
N LYS L 485 -98.16 -66.34 -45.54
CA LYS L 485 -98.71 -65.03 -45.95
C LYS L 485 -99.60 -64.52 -44.81
N TRP L 486 -98.98 -63.96 -43.78
CA TRP L 486 -99.64 -63.62 -42.49
C TRP L 486 -100.80 -62.66 -42.78
N GLU L 487 -100.48 -61.54 -43.45
CA GLU L 487 -101.45 -60.49 -43.84
C GLU L 487 -102.74 -61.10 -44.42
N THR L 488 -102.67 -62.20 -45.17
CA THR L 488 -103.84 -62.81 -45.88
C THR L 488 -104.47 -63.95 -45.06
N THR L 489 -103.76 -64.54 -44.08
CA THR L 489 -104.33 -65.58 -43.17
C THR L 489 -105.08 -64.88 -42.03
N THR L 490 -104.69 -63.64 -41.70
CA THR L 490 -105.25 -62.86 -40.57
C THR L 490 -106.25 -61.87 -41.18
N GLN L 491 -107.04 -62.34 -42.16
CA GLN L 491 -107.96 -61.55 -43.02
C GLN L 491 -109.39 -61.62 -42.49
N PHE L 492 -109.69 -62.57 -41.58
CA PHE L 492 -110.83 -62.53 -40.63
C PHE L 492 -110.94 -61.14 -40.01
N LYS L 493 -112.13 -60.78 -39.49
CA LYS L 493 -112.33 -59.54 -38.68
C LYS L 493 -112.74 -59.96 -37.27
N ALA L 494 -112.24 -59.23 -36.27
CA ALA L 494 -112.43 -59.53 -34.84
C ALA L 494 -111.94 -58.36 -33.96
N THR L 495 -112.69 -58.02 -32.92
CA THR L 495 -112.37 -56.93 -31.94
C THR L 495 -111.10 -57.24 -31.16
N HIS L 496 -110.89 -58.49 -30.78
CA HIS L 496 -109.85 -58.90 -29.80
C HIS L 496 -109.05 -60.08 -30.34
N ILE L 497 -107.74 -60.11 -30.08
CA ILE L 497 -106.83 -61.21 -30.52
C ILE L 497 -105.98 -61.66 -29.34
N LEU L 498 -106.11 -62.92 -28.94
CA LEU L 498 -105.28 -63.55 -27.90
C LEU L 498 -104.02 -64.14 -28.56
N ASP L 499 -102.83 -63.79 -28.08
CA ASP L 499 -101.54 -64.39 -28.49
C ASP L 499 -101.02 -65.26 -27.34
N PHE L 500 -101.29 -66.56 -27.42
CA PHE L 500 -100.81 -67.55 -26.43
C PHE L 500 -99.32 -67.83 -26.60
N GLY L 501 -98.77 -67.52 -27.77
CA GLY L 501 -97.48 -68.04 -28.24
C GLY L 501 -96.33 -67.49 -27.43
N PRO L 502 -95.10 -67.96 -27.72
CA PRO L 502 -93.92 -67.60 -26.94
C PRO L 502 -93.40 -66.23 -27.39
N GLY L 503 -92.72 -65.50 -26.51
CA GLY L 503 -92.03 -64.23 -26.80
C GLY L 503 -92.63 -63.07 -26.02
N GLY L 504 -93.96 -63.04 -25.89
CA GLY L 504 -94.64 -61.93 -25.21
C GLY L 504 -94.66 -60.70 -26.11
N ALA L 505 -94.08 -59.60 -25.66
CA ALA L 505 -94.01 -58.32 -26.40
C ALA L 505 -93.15 -58.45 -27.68
N SER L 506 -92.18 -59.36 -27.71
CA SER L 506 -91.32 -59.69 -28.89
C SER L 506 -92.01 -60.73 -29.78
N GLY L 507 -93.26 -61.10 -29.47
CA GLY L 507 -93.92 -62.27 -30.07
C GLY L 507 -94.68 -61.94 -31.34
N LEU L 508 -95.56 -62.84 -31.74
CA LEU L 508 -96.39 -62.73 -32.94
C LEU L 508 -97.48 -61.69 -32.72
N GLY L 509 -98.06 -61.66 -31.53
CA GLY L 509 -99.16 -60.75 -31.18
C GLY L 509 -98.82 -59.33 -31.59
N VAL L 510 -97.73 -58.80 -31.07
CA VAL L 510 -97.33 -57.38 -31.26
C VAL L 510 -96.96 -57.10 -32.72
N LEU L 511 -96.54 -58.12 -33.48
CA LEU L 511 -96.38 -57.96 -34.95
C LEU L 511 -97.78 -57.83 -35.56
N THR L 512 -98.72 -58.69 -35.16
CA THR L 512 -100.14 -58.65 -35.63
C THR L 512 -100.80 -57.32 -35.26
N HIS L 513 -100.34 -56.66 -34.19
CA HIS L 513 -100.87 -55.34 -33.74
C HIS L 513 -100.52 -54.25 -34.75
N ARG L 514 -99.30 -54.29 -35.29
CA ARG L 514 -98.77 -53.28 -36.24
C ARG L 514 -99.44 -53.47 -37.60
N ASN L 515 -99.68 -54.72 -38.01
CA ASN L 515 -100.32 -55.02 -39.31
C ASN L 515 -101.74 -54.46 -39.34
N LYS L 516 -102.43 -54.37 -38.20
CA LYS L 516 -103.84 -53.91 -38.18
C LYS L 516 -104.10 -52.91 -37.05
N ASP L 517 -103.08 -52.11 -36.71
CA ASP L 517 -103.22 -50.80 -36.04
C ASP L 517 -104.20 -49.94 -36.84
N GLY L 518 -105.23 -49.41 -36.18
CA GLY L 518 -106.20 -48.46 -36.75
C GLY L 518 -107.47 -49.10 -37.30
N THR L 519 -107.55 -50.44 -37.43
CA THR L 519 -108.78 -51.16 -37.90
C THR L 519 -109.71 -51.48 -36.73
N GLY L 520 -109.31 -51.15 -35.49
CA GLY L 520 -110.13 -51.33 -34.28
C GLY L 520 -110.05 -52.75 -33.77
N VAL L 521 -108.84 -53.23 -33.56
CA VAL L 521 -108.50 -54.62 -33.15
C VAL L 521 -107.46 -54.53 -32.03
N ARG L 522 -107.81 -55.08 -30.88
CA ARG L 522 -106.98 -55.08 -29.66
C ARG L 522 -106.32 -56.45 -29.59
N VAL L 523 -105.00 -56.48 -29.58
CA VAL L 523 -104.21 -57.71 -29.35
C VAL L 523 -103.91 -57.80 -27.86
N ILE L 524 -104.26 -58.92 -27.22
CA ILE L 524 -103.85 -59.25 -25.82
C ILE L 524 -102.75 -60.30 -25.91
N VAL L 525 -101.68 -60.11 -25.15
CA VAL L 525 -100.51 -61.04 -25.12
C VAL L 525 -100.71 -62.00 -23.94
N ALA L 526 -101.46 -63.09 -24.16
CA ALA L 526 -102.01 -63.97 -23.09
C ALA L 526 -100.94 -64.66 -22.24
N GLY L 527 -99.67 -64.65 -22.63
CA GLY L 527 -98.61 -65.39 -21.94
C GLY L 527 -97.92 -64.57 -20.87
N THR L 528 -97.44 -63.38 -21.24
CA THR L 528 -96.68 -62.47 -20.35
C THR L 528 -97.65 -61.66 -19.47
N LEU L 529 -97.26 -61.38 -18.23
CA LEU L 529 -97.81 -60.29 -17.39
C LEU L 529 -96.78 -59.15 -17.37
N ASP L 530 -97.24 -57.92 -17.54
CA ASP L 530 -96.38 -56.71 -17.67
C ASP L 530 -97.32 -55.51 -17.87
N ILE L 531 -96.74 -54.32 -18.10
CA ILE L 531 -97.50 -53.06 -18.29
C ILE L 531 -96.99 -52.34 -19.53
N ASN L 532 -97.85 -52.25 -20.54
CA ASN L 532 -97.63 -51.41 -21.74
C ASN L 532 -97.82 -49.95 -21.29
N PRO L 533 -96.83 -49.06 -21.45
CA PRO L 533 -97.05 -47.64 -21.22
C PRO L 533 -98.05 -47.04 -22.23
N ASP L 534 -97.80 -47.23 -23.54
CA ASP L 534 -98.58 -46.62 -24.65
C ASP L 534 -100.01 -47.19 -24.71
N ASP L 535 -100.23 -48.37 -24.12
CA ASP L 535 -101.54 -49.05 -23.98
C ASP L 535 -102.11 -49.42 -25.35
N ASP L 536 -101.27 -49.51 -26.40
CA ASP L 536 -101.62 -50.05 -27.74
C ASP L 536 -102.29 -51.42 -27.58
N TYR L 537 -101.60 -52.36 -26.92
CA TYR L 537 -102.00 -53.76 -26.70
C TYR L 537 -102.04 -54.02 -25.19
N GLY L 538 -102.55 -55.18 -24.79
CA GLY L 538 -102.66 -55.61 -23.38
C GLY L 538 -101.79 -56.82 -23.09
N PHE L 539 -101.70 -57.17 -21.81
CA PHE L 539 -101.14 -58.45 -21.31
C PHE L 539 -102.22 -59.16 -20.46
N LYS L 540 -101.93 -60.36 -19.98
CA LYS L 540 -102.87 -61.32 -19.32
C LYS L 540 -103.98 -60.61 -18.53
N GLN L 541 -103.60 -59.63 -17.70
CA GLN L 541 -104.54 -58.83 -16.86
C GLN L 541 -105.91 -58.79 -17.54
N GLU L 542 -105.94 -58.28 -18.76
CA GLU L 542 -107.14 -57.96 -19.56
C GLU L 542 -108.09 -59.16 -19.60
N ILE L 543 -107.55 -60.37 -19.76
CA ILE L 543 -108.37 -61.60 -20.00
C ILE L 543 -109.20 -61.83 -18.74
N PHE L 544 -108.61 -61.56 -17.56
CA PHE L 544 -109.16 -61.98 -16.24
C PHE L 544 -109.97 -60.83 -15.61
N ASP L 545 -109.46 -59.58 -15.70
CA ASP L 545 -110.08 -58.35 -15.14
C ASP L 545 -111.60 -58.33 -15.33
N VAL L 546 -112.32 -57.87 -14.30
CA VAL L 546 -113.80 -57.99 -14.07
C VAL L 546 -114.46 -56.63 -14.26
N THR L 547 -113.75 -55.55 -13.90
CA THR L 547 -114.10 -54.12 -14.17
C THR L 547 -114.22 -53.88 -15.69
N SER L 548 -114.39 -52.62 -16.11
CA SER L 548 -114.42 -52.20 -17.54
C SER L 548 -113.00 -51.95 -18.08
N ASN L 549 -111.96 -52.15 -17.27
CA ASN L 549 -110.53 -52.17 -17.70
C ASN L 549 -110.16 -53.49 -18.40
N GLY L 550 -111.08 -54.47 -18.44
CA GLY L 550 -110.91 -55.75 -19.15
C GLY L 550 -111.36 -55.67 -20.59
N LEU L 551 -112.46 -54.95 -20.85
CA LEU L 551 -113.00 -54.72 -22.22
C LEU L 551 -112.49 -53.37 -22.72
N LYS L 552 -111.25 -53.33 -23.19
CA LYS L 552 -110.64 -52.14 -23.84
C LYS L 552 -110.70 -52.32 -25.35
N LYS L 553 -111.22 -51.34 -26.08
CA LYS L 553 -111.28 -51.38 -27.55
C LYS L 553 -110.27 -50.39 -28.11
N ASN L 554 -109.47 -50.84 -29.05
CA ASN L 554 -108.52 -50.00 -29.83
C ASN L 554 -109.35 -49.21 -30.84
N PRO L 555 -108.91 -47.98 -31.20
CA PRO L 555 -109.69 -47.12 -32.09
C PRO L 555 -109.64 -47.56 -33.56
N ASN L 556 -110.81 -47.86 -34.14
CA ASN L 556 -111.06 -47.90 -35.61
C ASN L 556 -111.16 -46.46 -36.08
N TRP L 557 -110.11 -45.95 -36.72
CA TRP L 557 -109.96 -44.52 -37.12
C TRP L 557 -111.13 -44.07 -37.99
N LEU L 558 -111.56 -44.88 -38.96
CA LEU L 558 -112.67 -44.55 -39.89
C LEU L 558 -113.96 -44.21 -39.13
N GLU L 559 -114.18 -44.74 -37.93
CA GLU L 559 -115.42 -44.51 -37.16
C GLU L 559 -115.21 -43.39 -36.14
N GLU L 560 -114.06 -43.34 -35.47
CA GLU L 560 -113.74 -42.26 -34.50
C GLU L 560 -113.86 -40.93 -35.24
N TYR L 561 -113.13 -40.80 -36.35
CA TYR L 561 -112.88 -39.54 -37.07
C TYR L 561 -113.64 -39.48 -38.40
N HIS L 562 -114.71 -40.26 -38.52
CA HIS L 562 -115.75 -40.09 -39.56
C HIS L 562 -116.13 -38.61 -39.64
N PRO L 563 -116.08 -37.96 -40.82
CA PRO L 563 -116.65 -36.63 -40.97
C PRO L 563 -118.19 -36.70 -40.96
N LYS L 564 -118.83 -35.73 -40.34
CA LYS L 564 -120.31 -35.70 -40.20
C LYS L 564 -120.83 -34.36 -40.71
N LEU L 565 -122.13 -34.27 -40.97
CA LEU L 565 -122.84 -32.99 -41.18
C LEU L 565 -123.65 -32.64 -39.93
N ILE L 566 -123.90 -31.34 -39.74
CA ILE L 566 -124.71 -30.79 -38.63
C ILE L 566 -125.30 -29.44 -39.06
N LYS L 567 -126.44 -29.06 -38.49
CA LYS L 567 -127.13 -27.78 -38.76
C LYS L 567 -127.15 -26.88 -37.52
N ASN L 568 -127.40 -25.59 -37.74
CA ASN L 568 -127.83 -24.59 -36.74
C ASN L 568 -129.35 -24.58 -36.63
N LYS L 569 -129.86 -23.73 -35.75
CA LYS L 569 -131.25 -23.21 -35.73
C LYS L 569 -131.56 -22.49 -37.05
N SER L 570 -130.59 -21.78 -37.63
CA SER L 570 -130.69 -21.00 -38.91
C SER L 570 -130.61 -21.91 -40.13
N GLY L 571 -130.39 -23.22 -39.94
CA GLY L 571 -130.33 -24.21 -41.03
C GLY L 571 -129.11 -24.05 -41.91
N LYS L 572 -128.00 -23.53 -41.34
CA LYS L 572 -126.67 -23.52 -42.01
C LYS L 572 -126.01 -24.89 -41.78
N ILE L 573 -125.66 -25.60 -42.85
CA ILE L 573 -124.99 -26.92 -42.78
C ILE L 573 -123.49 -26.69 -42.62
N PHE L 574 -122.86 -27.48 -41.76
CA PHE L 574 -121.40 -27.48 -41.52
C PHE L 574 -120.84 -28.87 -41.78
N VAL L 575 -119.55 -28.97 -42.11
CA VAL L 575 -118.80 -30.25 -42.03
C VAL L 575 -118.22 -30.36 -40.61
N GLU L 576 -118.67 -31.34 -39.84
CA GLU L 576 -118.34 -31.50 -38.41
C GLU L 576 -117.10 -32.39 -38.36
N THR L 577 -115.96 -31.80 -38.00
CA THR L 577 -114.73 -32.53 -37.64
C THR L 577 -114.26 -32.04 -36.28
N LYS L 578 -113.44 -32.84 -35.62
CA LYS L 578 -112.73 -32.46 -34.36
C LYS L 578 -112.36 -30.97 -34.37
N PHE L 579 -111.95 -30.42 -35.52
CA PHE L 579 -111.43 -29.03 -35.66
C PHE L 579 -112.55 -28.01 -35.72
N SER L 580 -113.57 -28.22 -36.56
CA SER L 580 -114.72 -27.29 -36.73
C SER L 580 -115.56 -27.27 -35.46
N LYS L 581 -115.82 -28.43 -34.85
CA LYS L 581 -116.49 -28.52 -33.52
C LYS L 581 -115.91 -27.48 -32.56
N LEU L 582 -114.59 -27.26 -32.54
CA LEU L 582 -113.94 -26.25 -31.66
C LEU L 582 -114.29 -24.86 -32.15
N ILE L 583 -113.92 -24.51 -33.38
CA ILE L 583 -113.84 -23.09 -33.85
C ILE L 583 -115.20 -22.58 -34.32
N GLY L 584 -116.15 -23.49 -34.57
CA GLY L 584 -117.55 -23.16 -34.86
C GLY L 584 -117.74 -22.62 -36.26
N ARG L 585 -116.77 -22.86 -37.12
CA ARG L 585 -116.75 -22.41 -38.53
C ARG L 585 -116.27 -23.61 -39.34
N PRO L 586 -116.45 -23.61 -40.68
CA PRO L 586 -115.99 -24.72 -41.52
C PRO L 586 -114.53 -25.09 -41.31
N PRO L 587 -114.18 -26.38 -41.46
CA PRO L 587 -112.83 -26.86 -41.18
C PRO L 587 -111.77 -26.53 -42.23
N LEU L 588 -111.96 -25.46 -42.99
CA LEU L 588 -111.00 -24.91 -43.98
C LEU L 588 -110.38 -23.64 -43.41
N LEU L 589 -109.06 -23.48 -43.53
CA LEU L 589 -108.36 -22.26 -43.07
C LEU L 589 -107.35 -21.80 -44.13
N VAL L 590 -107.29 -20.48 -44.34
CA VAL L 590 -106.21 -19.79 -45.10
C VAL L 590 -105.05 -19.58 -44.14
N PRO L 591 -103.85 -20.11 -44.42
CA PRO L 591 -102.75 -19.96 -43.50
C PRO L 591 -102.06 -18.60 -43.68
N GLY L 592 -101.08 -18.31 -42.82
CA GLY L 592 -100.36 -17.03 -42.83
C GLY L 592 -99.36 -17.00 -43.96
N MET L 593 -99.67 -16.26 -45.01
CA MET L 593 -98.74 -16.02 -46.15
C MET L 593 -98.20 -14.61 -46.01
N THR L 594 -96.86 -14.44 -46.05
CA THR L 594 -96.14 -13.15 -45.79
C THR L 594 -96.73 -12.02 -46.61
N PRO L 595 -96.64 -12.01 -47.96
CA PRO L 595 -97.21 -10.89 -48.71
C PRO L 595 -98.75 -10.89 -48.74
N CYS L 596 -99.43 -12.04 -48.64
CA CYS L 596 -100.87 -12.18 -49.07
C CYS L 596 -101.84 -11.91 -47.91
N THR L 597 -101.65 -12.58 -46.77
CA THR L 597 -102.46 -12.39 -45.54
C THR L 597 -101.81 -11.38 -44.59
N VAL L 598 -100.90 -10.53 -45.08
CA VAL L 598 -100.36 -9.39 -44.28
C VAL L 598 -101.42 -8.28 -44.32
N SER L 599 -102.09 -8.08 -45.45
CA SER L 599 -103.03 -6.95 -45.63
C SER L 599 -104.18 -7.14 -44.65
N PRO L 600 -104.42 -6.23 -43.70
CA PRO L 600 -105.64 -6.30 -42.90
C PRO L 600 -106.92 -6.42 -43.74
N ASP L 601 -106.96 -5.86 -44.95
CA ASP L 601 -108.22 -5.79 -45.74
C ASP L 601 -108.63 -7.17 -46.25
N PHE L 602 -107.70 -8.12 -46.37
CA PHE L 602 -107.95 -9.52 -46.79
C PHE L 602 -108.37 -10.36 -45.59
N VAL L 603 -107.56 -10.31 -44.54
CA VAL L 603 -107.81 -10.96 -43.22
C VAL L 603 -109.22 -10.63 -42.77
N ALA L 604 -109.65 -9.39 -42.97
CA ALA L 604 -111.02 -8.93 -42.67
C ALA L 604 -112.02 -9.61 -43.60
N ALA L 605 -111.80 -9.55 -44.92
CA ALA L 605 -112.75 -10.02 -45.95
C ALA L 605 -112.96 -11.53 -45.81
N THR L 606 -111.90 -12.28 -45.48
CA THR L 606 -111.92 -13.75 -45.29
C THR L 606 -112.73 -14.05 -44.03
N THR L 607 -112.39 -13.40 -42.92
CA THR L 607 -113.09 -13.54 -41.62
C THR L 607 -114.57 -13.18 -41.76
N ASN L 608 -114.89 -12.10 -42.49
CA ASN L 608 -116.29 -11.65 -42.70
C ASN L 608 -117.04 -12.71 -43.50
N ALA L 609 -116.35 -13.39 -44.42
CA ALA L 609 -116.91 -14.45 -45.30
C ALA L 609 -117.29 -15.69 -44.49
N GLY L 610 -116.56 -15.98 -43.42
CA GLY L 610 -116.93 -16.98 -42.40
C GLY L 610 -115.90 -18.08 -42.29
N TYR L 611 -114.63 -17.76 -42.42
CA TYR L 611 -113.50 -18.71 -42.60
C TYR L 611 -112.32 -18.19 -41.78
N THR L 612 -111.38 -19.07 -41.46
CA THR L 612 -110.31 -18.78 -40.48
C THR L 612 -109.09 -18.29 -41.25
N ILE L 613 -108.39 -17.30 -40.73
CA ILE L 613 -107.18 -16.77 -41.41
C ILE L 613 -106.17 -16.26 -40.38
N GLU L 614 -104.90 -16.57 -40.62
CA GLU L 614 -103.75 -16.07 -39.83
C GLU L 614 -103.34 -14.72 -40.44
N LEU L 615 -103.28 -13.65 -39.65
CA LEU L 615 -102.59 -12.38 -40.03
C LEU L 615 -101.08 -12.63 -39.90
N ALA L 616 -100.32 -12.26 -40.92
CA ALA L 616 -98.91 -12.67 -41.12
C ALA L 616 -97.96 -11.70 -40.42
N GLY L 617 -97.18 -12.20 -39.46
CA GLY L 617 -96.18 -11.39 -38.74
C GLY L 617 -95.05 -10.99 -39.66
N GLY L 618 -94.62 -11.91 -40.54
CA GLY L 618 -93.61 -11.69 -41.59
C GLY L 618 -93.63 -10.29 -42.20
N GLY L 619 -94.81 -9.66 -42.32
CA GLY L 619 -94.96 -8.37 -43.00
C GLY L 619 -94.80 -7.19 -42.08
N TYR L 620 -94.44 -7.40 -40.82
CA TYR L 620 -94.37 -6.35 -39.78
C TYR L 620 -93.06 -6.49 -39.02
N PHE L 621 -92.46 -5.35 -38.68
CA PHE L 621 -91.09 -5.24 -38.10
C PHE L 621 -91.17 -4.80 -36.63
N SER L 622 -92.09 -3.89 -36.32
CA SER L 622 -92.33 -3.35 -34.96
C SER L 622 -93.67 -3.84 -34.43
N ALA L 623 -93.75 -4.08 -33.13
CA ALA L 623 -95.01 -4.23 -32.36
C ALA L 623 -95.95 -3.04 -32.61
N ALA L 624 -95.43 -1.85 -32.91
CA ALA L 624 -96.27 -0.64 -33.15
C ALA L 624 -97.02 -0.79 -34.47
N GLY L 625 -96.31 -1.24 -35.52
CA GLY L 625 -96.84 -1.36 -36.88
C GLY L 625 -97.80 -2.52 -37.02
N MET L 626 -97.62 -3.59 -36.23
CA MET L 626 -98.58 -4.73 -36.20
C MET L 626 -99.85 -4.26 -35.50
N THR L 627 -99.74 -3.70 -34.30
CA THR L 627 -100.87 -3.13 -33.53
C THR L 627 -101.75 -2.30 -34.47
N ALA L 628 -101.15 -1.45 -35.31
CA ALA L 628 -101.84 -0.59 -36.30
C ALA L 628 -102.69 -1.44 -37.25
N ALA L 629 -102.14 -2.58 -37.69
CA ALA L 629 -102.78 -3.57 -38.60
C ALA L 629 -103.92 -4.28 -37.88
N ILE L 630 -103.62 -4.97 -36.77
CA ILE L 630 -104.62 -5.69 -35.93
C ILE L 630 -105.82 -4.76 -35.64
N ASP L 631 -105.58 -3.48 -35.36
CA ASP L 631 -106.64 -2.46 -35.11
C ASP L 631 -107.45 -2.26 -36.39
N SER L 632 -106.78 -2.31 -37.55
CA SER L 632 -107.41 -2.13 -38.87
C SER L 632 -108.31 -3.32 -39.19
N VAL L 633 -107.86 -4.54 -38.85
CA VAL L 633 -108.68 -5.79 -38.94
C VAL L 633 -109.94 -5.56 -38.10
N VAL L 634 -109.76 -5.41 -36.79
CA VAL L 634 -110.82 -5.36 -35.75
C VAL L 634 -111.91 -4.36 -36.16
N SER L 635 -111.57 -3.22 -36.74
CA SER L 635 -112.54 -2.18 -37.17
C SER L 635 -113.41 -2.70 -38.32
N GLN L 636 -112.84 -3.51 -39.23
CA GLN L 636 -113.49 -3.96 -40.50
C GLN L 636 -114.33 -5.23 -40.30
N ILE L 637 -114.07 -6.03 -39.26
CA ILE L 637 -114.80 -7.30 -38.97
C ILE L 637 -116.07 -7.02 -38.17
N GLU L 638 -116.99 -7.99 -38.15
CA GLU L 638 -118.27 -7.98 -37.37
C GLU L 638 -118.00 -8.41 -35.92
N LYS L 639 -118.83 -7.94 -34.98
CA LYS L 639 -118.72 -8.23 -33.53
C LYS L 639 -118.72 -9.74 -33.30
N GLY L 640 -117.79 -10.26 -32.50
CA GLY L 640 -117.74 -11.67 -32.11
C GLY L 640 -116.94 -12.52 -33.08
N SER L 641 -116.55 -11.97 -34.23
CA SER L 641 -115.55 -12.56 -35.15
C SER L 641 -114.17 -12.55 -34.48
N THR L 642 -113.29 -13.40 -34.98
CA THR L 642 -111.90 -13.61 -34.50
C THR L 642 -110.98 -13.85 -35.69
N PHE L 643 -109.68 -13.71 -35.49
CA PHE L 643 -108.65 -14.14 -36.46
C PHE L 643 -107.45 -14.59 -35.67
N GLY L 644 -106.39 -15.02 -36.33
CA GLY L 644 -105.17 -15.52 -35.67
C GLY L 644 -103.94 -14.84 -36.21
N ILE L 645 -102.77 -15.24 -35.74
CA ILE L 645 -101.49 -14.56 -36.02
C ILE L 645 -100.43 -15.62 -36.35
N ASN L 646 -99.69 -15.39 -37.44
CA ASN L 646 -98.54 -16.21 -37.86
C ASN L 646 -97.26 -15.50 -37.42
N LEU L 647 -96.44 -16.11 -36.56
CA LEU L 647 -95.08 -15.61 -36.23
C LEU L 647 -94.08 -16.71 -36.62
N ILE L 648 -92.98 -16.31 -37.25
CA ILE L 648 -91.94 -17.25 -37.77
C ILE L 648 -90.93 -17.51 -36.64
N TYR L 649 -90.70 -18.77 -36.27
CA TYR L 649 -89.76 -19.17 -35.18
C TYR L 649 -88.28 -18.96 -35.55
N VAL L 650 -87.99 -18.82 -36.84
CA VAL L 650 -86.63 -18.60 -37.41
C VAL L 650 -86.21 -17.13 -37.24
N ASN L 651 -87.14 -16.22 -36.98
CA ASN L 651 -86.91 -14.75 -36.96
C ASN L 651 -87.00 -14.32 -35.50
N PRO L 652 -85.92 -14.50 -34.68
CA PRO L 652 -86.06 -14.41 -33.23
C PRO L 652 -86.29 -12.95 -32.81
N PHE L 653 -86.04 -12.02 -33.72
CA PHE L 653 -86.42 -10.59 -33.53
C PHE L 653 -87.96 -10.48 -33.52
N MET L 654 -88.66 -11.08 -34.50
CA MET L 654 -90.15 -11.07 -34.59
C MET L 654 -90.78 -11.65 -33.31
N LEU L 655 -90.13 -12.63 -32.69
CA LEU L 655 -90.67 -13.32 -31.49
C LEU L 655 -90.52 -12.45 -30.24
N GLN L 656 -89.41 -11.74 -30.07
CA GLN L 656 -89.14 -10.96 -28.83
C GLN L 656 -89.92 -9.64 -28.85
N TRP L 657 -90.61 -9.27 -29.94
CA TRP L 657 -91.67 -8.24 -29.88
C TRP L 657 -93.04 -8.88 -30.03
N GLY L 658 -93.18 -9.86 -30.93
CA GLY L 658 -94.46 -10.50 -31.32
C GLY L 658 -95.20 -11.11 -30.14
N ILE L 659 -94.53 -11.96 -29.36
CA ILE L 659 -95.13 -12.73 -28.24
C ILE L 659 -95.61 -11.78 -27.14
N PRO L 660 -94.76 -10.88 -26.59
CA PRO L 660 -95.23 -9.79 -25.75
C PRO L 660 -96.47 -9.04 -26.25
N LEU L 661 -96.53 -8.73 -27.53
CA LEU L 661 -97.60 -7.90 -28.16
C LEU L 661 -98.91 -8.67 -28.11
N ILE L 662 -98.87 -10.00 -28.17
CA ILE L 662 -100.11 -10.82 -28.17
C ILE L 662 -100.62 -10.84 -26.73
N LYS L 663 -99.76 -11.21 -25.78
CA LYS L 663 -100.04 -11.21 -24.31
C LYS L 663 -100.71 -9.89 -23.91
N GLU L 664 -100.08 -8.78 -24.27
CA GLU L 664 -100.54 -7.41 -23.98
C GLU L 664 -101.90 -7.18 -24.64
N LEU L 665 -102.08 -7.63 -25.87
CA LEU L 665 -103.32 -7.42 -26.67
C LEU L 665 -104.43 -8.35 -26.18
N ARG L 666 -104.08 -9.57 -25.79
CA ARG L 666 -105.05 -10.61 -25.35
C ARG L 666 -105.63 -10.20 -23.99
N SER L 667 -104.78 -9.71 -23.09
CA SER L 667 -105.14 -9.17 -21.75
C SER L 667 -106.10 -7.98 -21.84
N LYS L 668 -106.04 -7.17 -22.90
CA LYS L 668 -107.05 -6.10 -23.18
C LYS L 668 -108.30 -6.67 -23.83
N GLY L 669 -108.26 -7.93 -24.29
CA GLY L 669 -109.42 -8.66 -24.85
C GLY L 669 -109.55 -8.56 -26.37
N TYR L 670 -108.49 -8.21 -27.12
CA TYR L 670 -108.48 -8.22 -28.62
C TYR L 670 -108.82 -9.62 -29.11
N PRO L 671 -109.66 -9.78 -30.14
CA PRO L 671 -110.12 -11.10 -30.58
C PRO L 671 -109.07 -11.85 -31.40
N ILE L 672 -108.01 -12.28 -30.73
CA ILE L 672 -106.94 -13.16 -31.28
C ILE L 672 -107.28 -14.58 -30.83
N GLN L 673 -108.00 -15.33 -31.67
CA GLN L 673 -108.45 -16.72 -31.39
C GLN L 673 -107.24 -17.63 -31.20
N PHE L 674 -106.20 -17.50 -32.02
CA PHE L 674 -105.07 -18.46 -32.03
C PHE L 674 -103.81 -17.84 -32.57
N LEU L 675 -102.68 -18.44 -32.23
CA LEU L 675 -101.36 -18.10 -32.77
C LEU L 675 -100.81 -19.33 -33.47
N THR L 676 -100.36 -19.18 -34.71
CA THR L 676 -99.67 -20.24 -35.49
C THR L 676 -98.20 -19.89 -35.51
N ILE L 677 -97.32 -20.87 -35.26
CA ILE L 677 -95.86 -20.66 -35.34
C ILE L 677 -95.40 -21.37 -36.60
N GLY L 678 -94.94 -20.61 -37.59
CA GLY L 678 -94.39 -21.12 -38.86
C GLY L 678 -92.92 -21.43 -38.72
N ALA L 679 -92.36 -22.17 -39.69
CA ALA L 679 -90.91 -22.40 -39.87
C ALA L 679 -90.28 -22.85 -38.55
N GLY L 680 -90.55 -24.09 -38.14
CA GLY L 680 -89.96 -24.71 -36.94
C GLY L 680 -90.99 -24.95 -35.86
N VAL L 681 -90.61 -25.73 -34.85
CA VAL L 681 -91.47 -26.02 -33.66
C VAL L 681 -90.70 -25.64 -32.41
N PRO L 682 -91.30 -24.85 -31.51
CA PRO L 682 -90.64 -24.48 -30.26
C PRO L 682 -90.20 -25.69 -29.40
N SER L 683 -89.35 -25.44 -28.41
CA SER L 683 -88.96 -26.41 -27.35
C SER L 683 -90.09 -26.49 -26.34
N LEU L 684 -90.20 -27.58 -25.56
CA LEU L 684 -91.32 -27.79 -24.60
C LEU L 684 -91.54 -26.54 -23.74
N GLU L 685 -90.47 -25.94 -23.23
CA GLU L 685 -90.55 -24.91 -22.15
C GLU L 685 -90.96 -23.55 -22.74
N VAL L 686 -90.76 -23.36 -24.03
CA VAL L 686 -91.18 -22.11 -24.76
C VAL L 686 -92.64 -22.25 -25.14
N ALA L 687 -93.04 -23.38 -25.74
CA ALA L 687 -94.44 -23.71 -26.07
C ALA L 687 -95.28 -23.66 -24.78
N SER L 688 -94.77 -24.22 -23.68
CA SER L 688 -95.40 -24.14 -22.34
C SER L 688 -95.69 -22.68 -21.99
N GLU L 689 -94.73 -21.77 -22.19
CA GLU L 689 -94.93 -20.31 -22.00
C GLU L 689 -96.03 -19.82 -22.95
N TYR L 690 -96.03 -20.20 -24.24
CA TYR L 690 -97.03 -19.72 -25.23
C TYR L 690 -98.44 -20.20 -24.87
N ILE L 691 -98.56 -21.44 -24.38
CA ILE L 691 -99.86 -22.07 -24.05
C ILE L 691 -100.51 -21.32 -22.88
N GLU L 692 -99.80 -21.27 -21.75
CA GLU L 692 -100.32 -20.80 -20.42
C GLU L 692 -100.50 -19.28 -20.44
N THR L 693 -99.43 -18.58 -20.81
CA THR L 693 -99.21 -17.14 -20.54
C THR L 693 -100.09 -16.28 -21.47
N LEU L 694 -100.23 -16.67 -22.74
CA LEU L 694 -101.05 -15.94 -23.75
C LEU L 694 -102.47 -16.47 -23.63
N GLY L 695 -103.48 -15.64 -23.81
CA GLY L 695 -104.88 -16.06 -23.62
C GLY L 695 -105.45 -16.67 -24.90
N LEU L 696 -104.86 -17.76 -25.39
CA LEU L 696 -105.15 -18.31 -26.73
C LEU L 696 -106.04 -19.55 -26.62
N LYS L 697 -107.05 -19.63 -27.48
CA LYS L 697 -107.98 -20.78 -27.54
C LYS L 697 -107.19 -21.99 -27.98
N TYR L 698 -106.35 -21.86 -29.03
CA TYR L 698 -105.43 -22.93 -29.46
C TYR L 698 -104.16 -22.40 -30.13
N LEU L 699 -103.14 -23.26 -30.17
CA LEU L 699 -101.81 -23.03 -30.77
C LEU L 699 -101.70 -23.81 -32.08
N GLY L 700 -101.13 -23.21 -33.11
CA GLY L 700 -100.83 -23.88 -34.39
C GLY L 700 -99.34 -24.17 -34.52
N LEU L 701 -98.99 -25.37 -34.98
CA LEU L 701 -97.59 -25.77 -35.21
C LEU L 701 -97.46 -26.36 -36.61
N LYS L 702 -96.41 -25.99 -37.34
CA LYS L 702 -96.15 -26.41 -38.73
C LYS L 702 -94.83 -27.16 -38.73
N PRO L 703 -94.82 -28.44 -38.34
CA PRO L 703 -93.63 -29.28 -38.49
C PRO L 703 -93.34 -29.70 -39.93
N GLY L 704 -92.05 -29.80 -40.28
CA GLY L 704 -91.57 -30.18 -41.61
C GLY L 704 -91.28 -31.67 -41.69
N SER L 705 -90.55 -32.20 -40.72
CA SER L 705 -90.02 -33.60 -40.73
C SER L 705 -90.80 -34.47 -39.75
N ILE L 706 -90.50 -35.77 -39.75
CA ILE L 706 -91.01 -36.75 -38.76
C ILE L 706 -90.54 -36.32 -37.35
N ASP L 707 -89.29 -35.88 -37.19
CA ASP L 707 -88.73 -35.45 -35.88
C ASP L 707 -89.52 -34.26 -35.31
N ALA L 708 -89.94 -33.34 -36.16
CA ALA L 708 -90.74 -32.17 -35.78
C ALA L 708 -92.16 -32.61 -35.38
N ILE L 709 -92.75 -33.57 -36.08
CA ILE L 709 -94.09 -34.14 -35.72
C ILE L 709 -94.01 -34.77 -34.32
N SER L 710 -92.89 -35.36 -33.95
CA SER L 710 -92.67 -35.94 -32.59
C SER L 710 -92.63 -34.82 -31.54
N GLN L 711 -91.89 -33.74 -31.82
CA GLN L 711 -91.76 -32.55 -30.95
C GLN L 711 -93.13 -31.88 -30.74
N VAL L 712 -94.08 -32.04 -31.67
CA VAL L 712 -95.48 -31.51 -31.55
C VAL L 712 -96.26 -32.39 -30.60
N ILE L 713 -96.13 -33.71 -30.74
CA ILE L 713 -96.75 -34.72 -29.84
C ILE L 713 -96.28 -34.48 -28.39
N ASN L 714 -94.99 -34.19 -28.16
CA ASN L 714 -94.46 -33.97 -26.79
C ASN L 714 -95.08 -32.70 -26.17
N ILE L 715 -95.31 -31.65 -26.95
CA ILE L 715 -95.99 -30.41 -26.46
C ILE L 715 -97.41 -30.76 -26.05
N ALA L 716 -98.03 -31.72 -26.72
CA ALA L 716 -99.48 -32.02 -26.55
C ALA L 716 -99.68 -32.96 -25.36
N LYS L 717 -98.78 -33.91 -25.17
CA LYS L 717 -98.70 -34.80 -23.98
C LYS L 717 -98.64 -33.93 -22.71
N ALA L 718 -97.84 -32.87 -22.74
CA ALA L 718 -97.51 -32.01 -21.58
C ALA L 718 -98.64 -31.03 -21.22
N HIS L 719 -99.62 -30.83 -22.10
CA HIS L 719 -100.80 -29.94 -21.86
C HIS L 719 -102.04 -30.61 -22.45
N PRO L 720 -102.45 -31.77 -21.89
CA PRO L 720 -103.41 -32.64 -22.56
C PRO L 720 -104.84 -32.10 -22.61
N ASN L 721 -105.11 -30.92 -22.03
CA ASN L 721 -106.44 -30.26 -22.10
C ASN L 721 -106.44 -29.14 -23.13
N PHE L 722 -105.26 -28.70 -23.54
CA PHE L 722 -105.11 -27.57 -24.48
C PHE L 722 -105.16 -28.07 -25.91
N PRO L 723 -105.96 -27.46 -26.80
CA PRO L 723 -105.97 -27.86 -28.20
C PRO L 723 -104.73 -27.36 -28.94
N ILE L 724 -104.15 -28.26 -29.71
CA ILE L 724 -103.03 -28.00 -30.65
C ILE L 724 -103.51 -28.37 -32.06
N ALA L 725 -103.35 -27.46 -33.02
CA ALA L 725 -103.61 -27.72 -34.45
C ALA L 725 -102.27 -28.03 -35.09
N LEU L 726 -102.00 -29.30 -35.32
CA LEU L 726 -100.82 -29.78 -36.10
C LEU L 726 -101.17 -29.55 -37.58
N GLN L 727 -100.60 -28.50 -38.17
CA GLN L 727 -100.83 -28.06 -39.57
C GLN L 727 -99.78 -28.76 -40.43
N TRP L 728 -100.15 -29.88 -41.05
CA TRP L 728 -99.21 -30.73 -41.81
C TRP L 728 -99.21 -30.28 -43.26
N THR L 729 -98.03 -29.95 -43.76
CA THR L 729 -97.77 -29.41 -45.11
C THR L 729 -96.54 -30.16 -45.63
N GLY L 730 -96.63 -30.71 -46.84
CA GLY L 730 -95.48 -31.33 -47.51
C GLY L 730 -94.53 -30.30 -48.11
N GLY L 731 -93.47 -30.80 -48.76
CA GLY L 731 -92.58 -30.02 -49.64
C GLY L 731 -93.27 -29.47 -50.88
N ARG L 732 -94.39 -30.05 -51.31
CA ARG L 732 -95.06 -29.65 -52.57
C ARG L 732 -95.80 -28.31 -52.42
N GLY L 733 -95.68 -27.64 -51.28
CA GLY L 733 -96.41 -26.40 -50.97
C GLY L 733 -95.69 -25.16 -51.44
N GLY L 734 -96.38 -24.03 -51.51
CA GLY L 734 -95.81 -22.76 -51.98
C GLY L 734 -94.91 -22.14 -50.92
N GLY L 735 -94.05 -21.19 -51.33
CA GLY L 735 -93.15 -20.46 -50.42
C GLY L 735 -92.12 -21.38 -49.79
N HIS L 736 -91.59 -21.04 -48.62
CA HIS L 736 -90.52 -21.85 -47.98
C HIS L 736 -91.08 -23.25 -47.73
N HIS L 737 -90.38 -24.29 -48.18
CA HIS L 737 -90.89 -25.68 -48.19
C HIS L 737 -89.80 -26.63 -47.72
N SER L 738 -90.21 -27.79 -47.19
CA SER L 738 -89.28 -28.88 -46.79
C SER L 738 -89.00 -29.72 -48.02
N PHE L 739 -88.25 -30.81 -47.88
CA PHE L 739 -87.93 -31.78 -48.95
C PHE L 739 -88.88 -32.97 -48.93
N GLU L 740 -89.76 -33.04 -47.92
CA GLU L 740 -90.54 -34.25 -47.55
C GLU L 740 -91.70 -34.49 -48.52
N ASP L 741 -92.01 -35.76 -48.78
CA ASP L 741 -93.32 -36.16 -49.37
C ASP L 741 -94.42 -35.70 -48.41
N ALA L 742 -95.63 -35.55 -48.92
CA ALA L 742 -96.81 -35.13 -48.14
C ALA L 742 -97.47 -36.34 -47.46
N HIS L 743 -97.33 -37.53 -48.04
CA HIS L 743 -98.07 -38.76 -47.68
C HIS L 743 -97.26 -39.64 -46.72
N THR L 744 -96.04 -39.96 -47.09
CA THR L 744 -95.19 -40.95 -46.39
C THR L 744 -95.11 -40.60 -44.92
N PRO L 745 -94.78 -39.35 -44.51
CA PRO L 745 -94.62 -39.04 -43.10
C PRO L 745 -95.90 -39.21 -42.26
N MET L 746 -97.06 -38.96 -42.87
CA MET L 746 -98.37 -39.11 -42.20
C MET L 746 -98.65 -40.60 -41.94
N LEU L 747 -98.52 -41.45 -42.95
CA LEU L 747 -98.67 -42.92 -42.81
C LEU L 747 -97.80 -43.46 -41.67
N GLN L 748 -96.58 -42.94 -41.49
CA GLN L 748 -95.70 -43.37 -40.38
C GLN L 748 -96.21 -42.85 -39.04
N MET L 749 -96.75 -41.63 -38.97
CA MET L 749 -96.97 -40.92 -37.68
C MET L 749 -98.45 -40.81 -37.31
N TYR L 750 -99.38 -40.95 -38.23
CA TYR L 750 -100.82 -40.74 -37.97
C TYR L 750 -101.29 -41.43 -36.70
N SER L 751 -100.89 -42.69 -36.50
CA SER L 751 -101.24 -43.50 -35.31
C SER L 751 -100.81 -42.79 -34.02
N LYS L 752 -99.56 -42.32 -33.94
CA LYS L 752 -99.03 -41.67 -32.71
C LYS L 752 -99.73 -40.33 -32.46
N ILE L 753 -100.10 -39.61 -33.51
CA ILE L 753 -100.81 -38.31 -33.40
C ILE L 753 -102.19 -38.57 -32.82
N ARG L 754 -102.92 -39.56 -33.34
CA ARG L 754 -104.29 -39.88 -32.87
C ARG L 754 -104.33 -40.47 -31.43
N ARG L 755 -103.21 -40.92 -30.85
CA ARG L 755 -103.13 -41.31 -29.40
C ARG L 755 -103.58 -40.13 -28.52
N HIS L 756 -103.17 -38.91 -28.90
CA HIS L 756 -103.34 -37.65 -28.14
C HIS L 756 -104.54 -36.92 -28.69
N PRO L 757 -105.68 -36.93 -27.98
CA PRO L 757 -106.92 -36.41 -28.55
C PRO L 757 -107.07 -34.87 -28.51
N ASN L 758 -106.03 -34.13 -28.15
CA ASN L 758 -106.07 -32.64 -28.21
C ASN L 758 -105.33 -32.16 -29.45
N ILE L 759 -104.90 -33.05 -30.34
CA ILE L 759 -104.26 -32.66 -31.62
C ILE L 759 -105.33 -32.75 -32.71
N MET L 760 -105.68 -31.59 -33.24
CA MET L 760 -106.58 -31.41 -34.40
C MET L 760 -105.67 -31.44 -35.63
N LEU L 761 -105.81 -32.47 -36.45
CA LEU L 761 -104.80 -32.83 -37.48
C LEU L 761 -105.25 -32.30 -38.83
N ILE L 762 -104.54 -31.29 -39.34
CA ILE L 762 -104.94 -30.45 -40.50
C ILE L 762 -103.96 -30.65 -41.65
N PHE L 763 -104.46 -31.08 -42.81
CA PHE L 763 -103.65 -31.34 -44.03
C PHE L 763 -103.56 -30.03 -44.82
N GLY L 764 -102.49 -29.88 -45.57
CA GLY L 764 -102.27 -28.79 -46.53
C GLY L 764 -101.15 -29.10 -47.49
N SER L 765 -100.96 -28.25 -48.50
CA SER L 765 -99.99 -28.45 -49.61
C SER L 765 -100.67 -29.25 -50.72
N GLY L 766 -101.18 -28.51 -51.69
CA GLY L 766 -101.53 -29.04 -53.02
C GLY L 766 -103.01 -28.98 -53.28
N PHE L 767 -103.79 -28.30 -52.45
CA PHE L 767 -105.27 -28.39 -52.53
C PHE L 767 -105.86 -27.18 -53.23
N GLY L 768 -107.07 -27.35 -53.76
CA GLY L 768 -107.76 -26.33 -54.56
C GLY L 768 -109.26 -26.46 -54.49
N SER L 769 -109.81 -27.56 -54.98
CA SER L 769 -111.27 -27.83 -55.04
C SER L 769 -111.67 -28.67 -53.83
N ALA L 770 -112.96 -29.00 -53.72
CA ALA L 770 -113.47 -30.06 -52.82
C ALA L 770 -112.98 -31.43 -53.30
N ASP L 771 -113.11 -31.68 -54.62
CA ASP L 771 -112.89 -32.99 -55.30
C ASP L 771 -111.54 -33.61 -54.91
N ASP L 772 -110.49 -32.78 -54.83
CA ASP L 772 -109.10 -33.25 -54.67
C ASP L 772 -108.77 -33.40 -53.19
N THR L 773 -109.56 -32.80 -52.30
CA THR L 773 -109.33 -32.76 -50.83
C THR L 773 -110.31 -33.68 -50.09
N TYR L 774 -111.36 -34.21 -50.75
CA TYR L 774 -112.40 -35.09 -50.17
C TYR L 774 -111.80 -36.40 -49.68
N PRO L 775 -110.95 -37.09 -50.49
CA PRO L 775 -110.24 -38.28 -50.02
C PRO L 775 -109.57 -38.18 -48.64
N TYR L 776 -109.17 -36.99 -48.20
CA TYR L 776 -108.47 -36.77 -46.92
C TYR L 776 -109.48 -36.57 -45.79
N LEU L 777 -110.63 -36.00 -46.11
CA LEU L 777 -111.76 -35.81 -45.16
C LEU L 777 -112.38 -37.17 -44.86
N THR L 778 -112.61 -37.98 -45.91
CA THR L 778 -113.22 -39.35 -45.87
C THR L 778 -112.25 -40.37 -45.28
N GLY L 779 -110.94 -40.15 -45.39
CA GLY L 779 -109.90 -41.08 -44.94
C GLY L 779 -109.41 -42.02 -46.03
N GLU L 780 -110.07 -42.08 -47.21
CA GLU L 780 -109.84 -43.15 -48.22
C GLU L 780 -108.60 -42.86 -49.07
N TRP L 781 -107.83 -41.84 -48.74
CA TRP L 781 -106.54 -41.53 -49.41
C TRP L 781 -105.47 -42.53 -49.03
N SER L 782 -105.55 -43.07 -47.83
CA SER L 782 -104.55 -44.01 -47.24
C SER L 782 -104.88 -45.44 -47.70
N THR L 783 -106.04 -45.63 -48.32
CA THR L 783 -106.44 -46.89 -48.98
C THR L 783 -105.55 -47.14 -50.22
N LYS L 784 -105.12 -46.09 -50.93
CA LYS L 784 -104.21 -46.17 -52.11
C LYS L 784 -102.91 -46.89 -51.72
N PHE L 785 -102.31 -46.50 -50.60
CA PHE L 785 -101.03 -47.04 -50.10
C PHE L 785 -101.24 -48.29 -49.21
N ASP L 786 -102.40 -48.96 -49.32
CA ASP L 786 -102.78 -50.20 -48.57
C ASP L 786 -102.51 -50.02 -47.06
N TYR L 787 -102.99 -48.92 -46.49
CA TYR L 787 -103.18 -48.71 -45.04
C TYR L 787 -104.69 -48.67 -44.79
N PRO L 788 -105.15 -48.69 -43.51
CA PRO L 788 -106.57 -48.52 -43.22
C PRO L 788 -106.94 -47.04 -43.27
N PRO L 789 -108.21 -46.68 -43.52
CA PRO L 789 -108.62 -45.29 -43.72
C PRO L 789 -108.17 -44.42 -42.54
N MET L 790 -107.83 -43.15 -42.78
CA MET L 790 -106.93 -42.41 -41.87
C MET L 790 -107.23 -40.91 -41.86
N PRO L 791 -108.49 -40.50 -41.58
CA PRO L 791 -108.97 -39.18 -41.98
C PRO L 791 -108.54 -37.97 -41.12
N PHE L 792 -108.58 -36.80 -41.75
CA PHE L 792 -108.07 -35.49 -41.26
C PHE L 792 -109.24 -34.60 -40.85
N ASP L 793 -108.90 -33.63 -40.02
CA ASP L 793 -109.85 -32.77 -39.29
C ASP L 793 -110.07 -31.47 -40.04
N GLY L 794 -109.13 -31.02 -40.87
CA GLY L 794 -109.34 -29.85 -41.74
C GLY L 794 -108.25 -29.65 -42.77
N PHE L 795 -108.45 -28.69 -43.68
CA PHE L 795 -107.53 -28.39 -44.80
C PHE L 795 -107.06 -26.95 -44.71
N LEU L 796 -105.86 -26.66 -45.24
CA LEU L 796 -105.42 -25.28 -45.49
C LEU L 796 -105.09 -25.07 -46.96
N PHE L 797 -105.53 -23.94 -47.49
CA PHE L 797 -105.32 -23.45 -48.87
C PHE L 797 -104.47 -22.18 -48.82
N GLY L 798 -103.19 -22.28 -49.15
CA GLY L 798 -102.35 -21.09 -49.40
C GLY L 798 -102.43 -20.63 -50.84
N SER L 799 -101.60 -21.21 -51.70
CA SER L 799 -101.50 -20.89 -53.13
C SER L 799 -102.90 -20.63 -53.71
N ARG L 800 -103.87 -21.52 -53.48
CA ARG L 800 -105.18 -21.52 -54.18
C ARG L 800 -105.85 -20.14 -54.10
N VAL L 801 -105.57 -19.40 -53.05
CA VAL L 801 -106.39 -18.23 -52.63
C VAL L 801 -105.73 -16.91 -53.05
N MET L 802 -104.60 -16.98 -53.79
CA MET L 802 -103.72 -15.81 -54.13
C MET L 802 -104.22 -15.08 -55.39
N ILE L 803 -105.31 -15.51 -56.02
CA ILE L 803 -105.90 -14.79 -57.17
C ILE L 803 -107.32 -14.39 -56.81
N ALA L 804 -107.61 -14.31 -55.51
CA ALA L 804 -108.92 -13.86 -54.99
C ALA L 804 -109.06 -12.36 -55.23
N LYS L 805 -110.29 -11.85 -55.22
CA LYS L 805 -110.61 -10.43 -55.53
C LYS L 805 -109.92 -9.52 -54.52
N GLU L 806 -109.87 -9.93 -53.25
CA GLU L 806 -109.58 -9.05 -52.09
C GLU L 806 -108.12 -9.13 -51.67
N VAL L 807 -107.34 -10.06 -52.23
CA VAL L 807 -105.86 -10.07 -52.03
C VAL L 807 -105.27 -8.96 -52.90
N LYS L 808 -104.20 -8.34 -52.40
CA LYS L 808 -103.65 -7.08 -52.93
C LYS L 808 -102.68 -7.37 -54.09
N THR L 809 -102.26 -8.63 -54.27
CA THR L 809 -101.48 -9.15 -55.44
C THR L 809 -101.94 -8.40 -56.71
N SER L 810 -100.98 -7.90 -57.49
CA SER L 810 -101.21 -6.89 -58.57
C SER L 810 -101.90 -7.55 -59.76
N PRO L 811 -102.87 -6.86 -60.40
CA PRO L 811 -103.63 -7.43 -61.50
C PRO L 811 -102.83 -8.31 -62.48
N ASP L 812 -101.59 -7.89 -62.78
CA ASP L 812 -100.70 -8.55 -63.77
C ASP L 812 -100.06 -9.80 -63.15
N ALA L 813 -99.77 -9.82 -61.84
CA ALA L 813 -99.23 -11.00 -61.14
C ALA L 813 -100.30 -12.09 -60.98
N LYS L 814 -101.59 -11.72 -60.95
CA LYS L 814 -102.72 -12.68 -61.00
C LYS L 814 -102.79 -13.33 -62.39
N LYS L 815 -102.59 -12.57 -63.46
CA LYS L 815 -102.54 -13.12 -64.85
C LYS L 815 -101.36 -14.08 -64.96
N CYS L 816 -100.24 -13.73 -64.33
CA CYS L 816 -98.98 -14.51 -64.32
C CYS L 816 -99.20 -15.82 -63.56
N ILE L 817 -100.01 -15.81 -62.50
CA ILE L 817 -100.33 -17.02 -61.67
C ILE L 817 -101.24 -17.95 -62.47
N ALA L 818 -102.34 -17.43 -63.02
CA ALA L 818 -103.36 -18.21 -63.73
C ALA L 818 -102.74 -18.93 -64.95
N ALA L 819 -101.66 -18.40 -65.50
CA ALA L 819 -100.95 -18.96 -66.68
C ALA L 819 -100.14 -20.20 -66.29
N CYS L 820 -99.59 -20.26 -65.07
CA CYS L 820 -98.90 -21.46 -64.52
C CYS L 820 -99.87 -22.65 -64.55
N THR L 821 -99.55 -23.66 -65.35
CA THR L 821 -100.38 -24.89 -65.49
C THR L 821 -100.27 -25.72 -64.21
N GLY L 822 -99.06 -25.75 -63.63
CA GLY L 822 -98.75 -26.59 -62.46
C GLY L 822 -98.54 -28.02 -62.88
N VAL L 823 -98.52 -28.94 -61.93
CA VAL L 823 -98.02 -30.32 -62.17
C VAL L 823 -98.60 -31.27 -61.13
N PRO L 824 -98.98 -32.52 -61.47
CA PRO L 824 -99.50 -33.46 -60.48
C PRO L 824 -98.45 -33.81 -59.40
N ASP L 825 -98.90 -34.39 -58.27
CA ASP L 825 -98.05 -34.62 -57.07
C ASP L 825 -96.74 -35.33 -57.47
N ASP L 826 -96.81 -36.38 -58.29
CA ASP L 826 -95.64 -37.23 -58.66
C ASP L 826 -94.45 -36.41 -59.18
N LYS L 827 -94.68 -35.21 -59.73
CA LYS L 827 -93.69 -34.43 -60.52
C LYS L 827 -93.23 -33.13 -59.82
N TRP L 828 -93.86 -32.72 -58.72
CA TRP L 828 -93.45 -31.54 -57.91
C TRP L 828 -91.93 -31.53 -57.65
N GLU L 829 -91.28 -32.68 -57.56
CA GLU L 829 -89.87 -32.76 -57.09
C GLU L 829 -88.89 -32.37 -58.20
N GLN L 830 -89.39 -32.07 -59.41
CA GLN L 830 -88.57 -31.60 -60.55
C GLN L 830 -88.23 -30.10 -60.39
N THR L 831 -88.92 -29.37 -59.50
CA THR L 831 -88.72 -27.91 -59.30
C THR L 831 -87.33 -27.60 -58.69
N TYR L 832 -86.59 -28.61 -58.21
CA TYR L 832 -85.20 -28.41 -57.75
C TYR L 832 -84.27 -28.25 -58.96
N LYS L 833 -84.59 -28.87 -60.09
CA LYS L 833 -83.74 -28.89 -61.31
C LYS L 833 -84.09 -27.72 -62.23
N LYS L 834 -85.36 -27.54 -62.59
CA LYS L 834 -85.79 -26.69 -63.73
C LYS L 834 -87.25 -26.30 -63.59
N PRO L 835 -87.75 -25.27 -64.31
CA PRO L 835 -89.18 -24.93 -64.29
C PRO L 835 -90.06 -26.16 -64.55
N THR L 836 -91.06 -26.33 -63.68
CA THR L 836 -92.02 -27.44 -63.62
C THR L 836 -93.40 -26.83 -63.37
N GLY L 837 -94.32 -26.91 -64.33
CA GLY L 837 -95.62 -26.20 -64.31
C GLY L 837 -95.44 -24.68 -64.19
N GLY L 838 -94.33 -24.15 -64.69
CA GLY L 838 -93.98 -22.72 -64.60
C GLY L 838 -93.53 -22.30 -63.20
N ILE L 839 -92.92 -23.22 -62.43
CA ILE L 839 -92.51 -22.98 -61.01
C ILE L 839 -91.16 -23.65 -60.74
N VAL L 840 -90.31 -23.04 -59.91
CA VAL L 840 -88.96 -23.52 -59.56
C VAL L 840 -88.74 -23.31 -58.06
N THR L 841 -87.87 -24.15 -57.49
CA THR L 841 -87.24 -23.92 -56.18
C THR L 841 -86.09 -22.94 -56.41
N VAL L 842 -85.64 -22.32 -55.32
CA VAL L 842 -84.65 -21.21 -55.29
C VAL L 842 -84.25 -21.01 -53.83
N ARG L 843 -82.96 -21.04 -53.51
CA ARG L 843 -82.44 -20.83 -52.13
C ARG L 843 -82.72 -19.37 -51.75
N SER L 844 -83.25 -19.12 -50.54
CA SER L 844 -83.42 -17.77 -49.94
C SER L 844 -82.06 -17.29 -49.40
N GLU L 845 -82.02 -16.17 -48.69
CA GLU L 845 -80.74 -15.63 -48.10
C GLU L 845 -80.21 -16.60 -47.04
N MET L 846 -81.09 -17.30 -46.32
CA MET L 846 -80.73 -18.26 -45.23
C MET L 846 -80.24 -19.59 -45.83
N GLY L 847 -80.72 -19.97 -47.02
CA GLY L 847 -80.42 -21.27 -47.68
C GLY L 847 -81.61 -22.20 -47.69
N GLU L 848 -82.73 -21.78 -47.09
CA GLU L 848 -84.03 -22.49 -47.14
C GLU L 848 -84.47 -22.54 -48.60
N PRO L 849 -85.04 -23.65 -49.11
CA PRO L 849 -85.71 -23.65 -50.41
C PRO L 849 -86.96 -22.77 -50.41
N ILE L 850 -87.39 -22.29 -51.58
CA ILE L 850 -88.67 -21.56 -51.81
C ILE L 850 -89.20 -21.93 -53.18
N HIS L 851 -90.49 -22.21 -53.28
CA HIS L 851 -91.20 -22.39 -54.56
C HIS L 851 -91.66 -21.03 -55.05
N LYS L 852 -91.12 -20.56 -56.18
CA LYS L 852 -91.52 -19.28 -56.83
C LYS L 852 -91.91 -19.56 -58.29
N ILE L 853 -92.86 -18.76 -58.81
CA ILE L 853 -93.23 -18.69 -60.25
C ILE L 853 -92.00 -18.29 -61.04
N ALA L 854 -91.59 -19.12 -62.01
CA ALA L 854 -90.33 -18.96 -62.75
C ALA L 854 -90.53 -17.84 -63.78
N THR L 855 -90.41 -16.61 -63.27
CA THR L 855 -90.24 -15.36 -64.04
C THR L 855 -88.76 -15.26 -64.44
N ARG L 856 -88.43 -14.39 -65.40
CA ARG L 856 -87.03 -14.04 -65.78
C ARG L 856 -86.24 -13.70 -64.52
N GLY L 857 -86.86 -12.89 -63.63
CA GLY L 857 -86.27 -12.43 -62.35
C GLY L 857 -85.84 -13.60 -61.49
N VAL L 858 -86.70 -14.62 -61.37
CA VAL L 858 -86.46 -15.78 -60.48
C VAL L 858 -85.47 -16.70 -61.20
N MET L 859 -85.55 -16.82 -62.53
CA MET L 859 -84.58 -17.63 -63.30
C MET L 859 -83.18 -17.02 -63.16
N LEU L 860 -83.07 -15.70 -63.12
CA LEU L 860 -81.79 -15.02 -62.83
C LEU L 860 -81.30 -15.44 -61.44
N TRP L 861 -82.16 -15.26 -60.44
CA TRP L 861 -81.96 -15.71 -59.04
C TRP L 861 -81.39 -17.14 -59.01
N LYS L 862 -82.03 -18.07 -59.71
CA LYS L 862 -81.64 -19.50 -59.76
C LYS L 862 -80.20 -19.65 -60.26
N GLU L 863 -79.90 -19.08 -61.43
CA GLU L 863 -78.55 -19.08 -62.09
C GLU L 863 -77.46 -18.55 -61.14
N PHE L 864 -77.73 -17.52 -60.35
CA PHE L 864 -76.75 -16.94 -59.40
C PHE L 864 -76.48 -17.90 -58.24
N ASP L 865 -77.49 -18.65 -57.76
CA ASP L 865 -77.31 -19.68 -56.69
C ASP L 865 -76.39 -20.78 -57.21
N GLU L 866 -76.49 -21.14 -58.48
CA GLU L 866 -75.65 -22.19 -59.15
C GLU L 866 -74.23 -21.64 -59.42
N THR L 867 -74.13 -20.39 -59.86
CA THR L 867 -72.89 -19.76 -60.42
C THR L 867 -72.10 -19.02 -59.32
N ILE L 868 -72.72 -18.07 -58.62
CA ILE L 868 -72.06 -17.01 -57.80
C ILE L 868 -72.13 -17.32 -56.29
N PHE L 869 -73.33 -17.57 -55.75
CA PHE L 869 -73.57 -17.61 -54.27
C PHE L 869 -73.23 -18.98 -53.66
N ASN L 870 -72.91 -19.99 -54.47
CA ASN L 870 -72.45 -21.31 -53.95
C ASN L 870 -70.92 -21.33 -53.80
N LEU L 871 -70.22 -20.31 -54.29
CA LEU L 871 -68.73 -20.25 -54.28
C LEU L 871 -68.27 -19.94 -52.88
N PRO L 872 -67.06 -20.41 -52.47
CA PRO L 872 -66.47 -20.02 -51.19
C PRO L 872 -66.05 -18.55 -51.20
N LYS L 873 -65.85 -17.96 -50.02
CA LYS L 873 -65.72 -16.48 -49.79
C LYS L 873 -64.51 -15.89 -50.54
N ASN L 874 -63.36 -16.57 -50.54
CA ASN L 874 -62.11 -16.14 -51.23
C ASN L 874 -62.33 -16.05 -52.75
N LYS L 875 -63.18 -16.91 -53.32
CA LYS L 875 -63.40 -17.05 -54.79
C LYS L 875 -64.47 -16.10 -55.32
N LEU L 876 -65.15 -15.33 -54.46
CA LEU L 876 -66.41 -14.61 -54.82
C LEU L 876 -66.08 -13.32 -55.59
N VAL L 877 -65.25 -12.45 -55.02
CA VAL L 877 -64.95 -11.09 -55.54
C VAL L 877 -64.15 -11.18 -56.84
N PRO L 878 -63.17 -12.11 -57.01
CA PRO L 878 -62.62 -12.43 -58.32
C PRO L 878 -63.67 -12.77 -59.40
N THR L 879 -64.63 -13.62 -59.05
CA THR L 879 -65.71 -14.10 -59.95
C THR L 879 -66.61 -12.94 -60.36
N LEU L 880 -66.98 -12.09 -59.40
CA LEU L 880 -67.88 -10.92 -59.60
C LEU L 880 -67.23 -9.89 -60.55
N GLU L 881 -65.91 -9.72 -60.48
CA GLU L 881 -65.16 -8.80 -61.38
C GLU L 881 -65.12 -9.37 -62.79
N ALA L 882 -64.87 -10.68 -62.91
CA ALA L 882 -64.80 -11.38 -64.21
C ALA L 882 -66.10 -11.20 -64.98
N LYS L 883 -67.26 -11.36 -64.34
CA LYS L 883 -68.58 -11.35 -65.04
C LYS L 883 -69.39 -10.11 -64.64
N ARG L 884 -68.72 -9.11 -64.06
CA ARG L 884 -69.27 -7.78 -63.73
C ARG L 884 -70.22 -7.28 -64.84
N ASP L 885 -69.75 -7.18 -66.07
CA ASP L 885 -70.54 -6.55 -67.16
C ASP L 885 -71.77 -7.39 -67.47
N TYR L 886 -71.67 -8.71 -67.31
CA TYR L 886 -72.78 -9.67 -67.59
C TYR L 886 -73.86 -9.48 -66.54
N ILE L 887 -73.51 -9.66 -65.27
CA ILE L 887 -74.36 -9.43 -64.06
C ILE L 887 -75.12 -8.12 -64.20
N ILE L 888 -74.42 -7.01 -64.43
CA ILE L 888 -75.05 -5.67 -64.56
C ILE L 888 -76.13 -5.70 -65.66
N SER L 889 -75.87 -6.39 -66.78
CA SER L 889 -76.80 -6.41 -67.94
C SER L 889 -78.07 -7.17 -67.56
N ARG L 890 -77.92 -8.22 -66.75
CA ARG L 890 -79.00 -9.17 -66.34
C ARG L 890 -79.92 -8.48 -65.33
N LEU L 891 -79.34 -7.97 -64.24
CA LEU L 891 -80.02 -7.11 -63.24
C LEU L 891 -80.88 -6.06 -63.95
N ASN L 892 -80.40 -5.43 -65.03
CA ASN L 892 -81.12 -4.30 -65.67
C ASN L 892 -82.27 -4.81 -66.54
N ALA L 893 -82.04 -5.91 -67.27
CA ALA L 893 -83.02 -6.55 -68.17
C ALA L 893 -84.16 -7.19 -67.37
N ASP L 894 -83.80 -7.96 -66.33
CA ASP L 894 -84.56 -9.12 -65.83
C ASP L 894 -84.95 -9.01 -64.34
N PHE L 895 -84.38 -8.14 -63.51
CA PHE L 895 -84.57 -8.24 -62.03
C PHE L 895 -85.32 -7.04 -61.42
N GLN L 896 -85.92 -7.28 -60.26
CA GLN L 896 -86.78 -6.32 -59.50
C GLN L 896 -85.90 -5.27 -58.83
N LYS L 897 -84.65 -5.61 -58.53
CA LYS L 897 -83.60 -4.67 -58.08
C LYS L 897 -82.63 -4.41 -59.24
N PRO L 898 -82.79 -3.30 -60.00
CA PRO L 898 -81.87 -3.00 -61.11
C PRO L 898 -80.52 -2.55 -60.55
N TRP L 899 -79.49 -2.45 -61.42
CA TRP L 899 -78.12 -1.95 -61.09
C TRP L 899 -78.20 -0.44 -61.05
N PHE L 900 -77.83 0.18 -59.94
CA PHE L 900 -78.29 1.55 -59.59
C PHE L 900 -77.75 2.54 -60.61
N ALA L 901 -76.48 2.34 -60.92
CA ALA L 901 -75.61 3.24 -61.71
C ALA L 901 -75.77 2.86 -63.18
N THR L 902 -76.90 3.23 -63.75
CA THR L 902 -77.16 3.23 -65.21
C THR L 902 -77.85 4.55 -65.50
N VAL L 903 -77.28 5.31 -66.44
CA VAL L 903 -77.87 6.58 -66.94
C VAL L 903 -78.10 6.39 -68.45
N ASN L 904 -79.32 6.74 -68.91
CA ASN L 904 -79.91 6.45 -70.25
C ASN L 904 -79.50 5.05 -70.73
N GLY L 905 -79.78 4.03 -69.92
CA GLY L 905 -79.62 2.61 -70.27
C GLY L 905 -78.18 2.19 -70.55
N GLN L 906 -77.21 2.93 -69.99
CA GLN L 906 -75.76 2.71 -70.22
C GLN L 906 -75.13 2.44 -68.84
N ALA L 907 -74.50 1.28 -68.66
CA ALA L 907 -73.91 0.87 -67.36
C ALA L 907 -72.71 1.75 -67.03
N ARG L 908 -72.49 1.93 -65.74
CA ARG L 908 -71.53 2.85 -65.14
C ARG L 908 -71.07 2.21 -63.82
N ASP L 909 -70.62 3.04 -62.89
CA ASP L 909 -70.34 2.72 -61.48
C ASP L 909 -70.71 3.99 -60.70
N LEU L 910 -70.93 3.95 -59.38
CA LEU L 910 -71.23 5.19 -58.61
C LEU L 910 -70.15 6.23 -58.94
N ALA L 911 -68.88 5.81 -58.88
CA ALA L 911 -67.67 6.62 -59.06
C ALA L 911 -67.58 7.27 -60.44
N THR L 912 -68.38 6.87 -61.44
CA THR L 912 -68.38 7.45 -62.80
C THR L 912 -69.72 8.13 -63.14
N MET L 913 -70.47 8.56 -62.12
CA MET L 913 -71.80 9.22 -62.26
C MET L 913 -71.69 10.59 -61.65
N THR L 914 -72.40 11.57 -62.16
CA THR L 914 -72.40 12.95 -61.60
C THR L 914 -73.42 12.96 -60.46
N TYR L 915 -73.26 13.91 -59.54
CA TYR L 915 -74.16 14.12 -58.39
C TYR L 915 -75.57 14.34 -58.94
N GLU L 916 -75.75 15.01 -60.07
CA GLU L 916 -77.10 15.21 -60.67
C GLU L 916 -77.66 13.87 -61.18
N GLU L 917 -76.91 13.18 -62.04
CA GLU L 917 -77.25 11.82 -62.55
C GLU L 917 -77.71 10.92 -61.39
N VAL L 918 -77.14 11.05 -60.19
CA VAL L 918 -77.45 10.16 -59.04
C VAL L 918 -78.81 10.56 -58.49
N ALA L 919 -79.01 11.83 -58.19
CA ALA L 919 -80.27 12.34 -57.65
C ALA L 919 -81.42 12.14 -58.64
N LYS L 920 -81.16 12.16 -59.95
CA LYS L 920 -82.23 11.94 -60.97
C LYS L 920 -82.70 10.49 -60.91
N ARG L 921 -81.79 9.59 -60.57
CA ARG L 921 -81.98 8.13 -60.63
C ARG L 921 -82.65 7.68 -59.34
N LEU L 922 -82.31 8.30 -58.20
CA LEU L 922 -83.04 8.09 -56.93
C LEU L 922 -84.52 8.45 -57.10
N VAL L 923 -84.87 9.49 -57.84
CA VAL L 923 -86.29 9.88 -58.09
C VAL L 923 -86.92 8.86 -59.05
N GLU L 924 -86.23 8.53 -60.13
CA GLU L 924 -86.69 7.54 -61.16
C GLU L 924 -87.10 6.22 -60.48
N LEU L 925 -86.40 5.80 -59.42
CA LEU L 925 -86.47 4.42 -58.87
C LEU L 925 -87.26 4.36 -57.56
N MET L 926 -87.42 5.46 -56.84
CA MET L 926 -88.08 5.46 -55.51
C MET L 926 -89.39 6.24 -55.52
N PHE L 927 -89.51 7.25 -56.37
CA PHE L 927 -90.69 8.13 -56.50
C PHE L 927 -91.54 7.59 -57.65
N ILE L 928 -92.86 7.56 -57.45
CA ILE L 928 -93.85 6.87 -58.34
C ILE L 928 -94.67 7.94 -59.05
N ARG L 929 -94.60 7.99 -60.38
CA ARG L 929 -95.26 9.06 -61.16
C ARG L 929 -96.78 8.92 -61.10
N SER L 930 -97.31 7.71 -61.35
CA SER L 930 -98.77 7.39 -61.40
C SER L 930 -99.49 7.94 -60.16
N THR L 931 -99.03 7.60 -58.95
CA THR L 931 -99.61 8.03 -57.65
C THR L 931 -99.07 9.40 -57.21
N ASN L 932 -98.05 9.94 -57.90
CA ASN L 932 -97.44 11.28 -57.67
C ASN L 932 -97.00 11.39 -56.21
N SER L 933 -96.32 10.36 -55.69
CA SER L 933 -95.84 10.26 -54.29
C SER L 933 -94.65 9.31 -54.20
N TRP L 934 -93.86 9.45 -53.14
CA TRP L 934 -92.77 8.51 -52.81
C TRP L 934 -93.38 7.19 -52.36
N PHE L 935 -92.77 6.08 -52.72
CA PHE L 935 -93.28 4.74 -52.35
C PHE L 935 -93.24 4.61 -50.83
N ASP L 936 -92.07 4.86 -50.26
CA ASP L 936 -91.80 4.83 -48.80
C ASP L 936 -91.19 6.17 -48.40
N VAL L 937 -91.56 6.68 -47.22
CA VAL L 937 -91.08 7.98 -46.68
C VAL L 937 -89.62 7.82 -46.23
N THR L 938 -89.17 6.63 -45.79
CA THR L 938 -87.73 6.39 -45.47
C THR L 938 -86.85 6.60 -46.72
N TRP L 939 -87.42 6.43 -47.92
CA TRP L 939 -86.72 6.58 -49.22
C TRP L 939 -86.66 8.05 -49.58
N ARG L 940 -87.70 8.81 -49.30
CA ARG L 940 -87.66 10.28 -49.46
C ARG L 940 -86.53 10.81 -48.56
N THR L 941 -86.52 10.42 -47.30
CA THR L 941 -85.44 10.75 -46.32
C THR L 941 -84.09 10.50 -46.98
N PHE L 942 -83.92 9.36 -47.62
CA PHE L 942 -82.65 8.93 -48.27
C PHE L 942 -82.22 9.98 -49.29
N THR L 943 -83.11 10.44 -50.18
CA THR L 943 -82.76 11.37 -51.28
C THR L 943 -82.59 12.78 -50.73
N GLY L 944 -83.34 13.16 -49.70
CA GLY L 944 -83.11 14.45 -49.01
C GLY L 944 -81.73 14.47 -48.41
N ASP L 945 -81.38 13.45 -47.62
CA ASP L 945 -80.06 13.33 -46.95
C ASP L 945 -78.95 13.47 -48.00
N PHE L 946 -79.12 12.84 -49.16
CA PHE L 946 -78.22 12.94 -50.33
C PHE L 946 -78.17 14.38 -50.86
N LEU L 947 -79.30 15.06 -51.09
CA LEU L 947 -79.26 16.45 -51.62
C LEU L 947 -78.55 17.36 -50.60
N ARG L 948 -78.65 17.08 -49.31
CA ARG L 948 -77.99 17.90 -48.28
C ARG L 948 -76.48 17.71 -48.46
N ARG L 949 -76.04 16.53 -48.82
CA ARG L 949 -74.61 16.19 -48.95
C ARG L 949 -74.03 16.88 -50.18
N VAL L 950 -74.80 17.02 -51.26
CA VAL L 950 -74.41 17.83 -52.45
C VAL L 950 -74.14 19.25 -51.95
N GLU L 951 -75.05 19.85 -51.19
CA GLU L 951 -74.90 21.25 -50.73
C GLU L 951 -73.67 21.38 -49.84
N GLU L 952 -73.47 20.44 -48.91
CA GLU L 952 -72.28 20.40 -48.02
C GLU L 952 -71.02 20.35 -48.89
N ARG L 953 -71.02 19.56 -49.96
CA ARG L 953 -69.81 19.28 -50.78
C ARG L 953 -69.48 20.48 -51.65
N PHE L 954 -70.48 21.23 -52.11
CA PHE L 954 -70.28 22.24 -53.18
C PHE L 954 -70.45 23.66 -52.67
N THR L 955 -70.84 23.90 -51.42
CA THR L 955 -70.91 25.28 -50.88
C THR L 955 -69.51 25.69 -50.42
N LYS L 956 -69.20 26.97 -50.48
CA LYS L 956 -67.88 27.54 -50.07
C LYS L 956 -67.95 27.87 -48.58
N SER L 957 -69.15 28.14 -48.09
CA SER L 957 -69.43 28.95 -46.88
C SER L 957 -70.70 28.42 -46.19
N LYS L 958 -70.68 28.35 -44.85
CA LYS L 958 -71.86 28.02 -44.01
C LYS L 958 -73.08 28.80 -44.51
N THR L 959 -74.03 28.11 -45.15
CA THR L 959 -75.33 28.65 -45.62
C THR L 959 -76.46 27.90 -44.93
N LEU L 960 -77.66 28.47 -44.97
CA LEU L 960 -78.93 27.75 -44.67
C LEU L 960 -79.27 26.90 -45.90
N SER L 961 -79.76 25.68 -45.65
CA SER L 961 -80.10 24.62 -46.64
C SER L 961 -81.29 25.06 -47.52
N LEU L 962 -81.27 24.66 -48.79
CA LEU L 962 -82.37 24.93 -49.76
C LEU L 962 -83.51 23.93 -49.51
N ILE L 963 -83.19 22.77 -48.93
CA ILE L 963 -84.16 21.72 -48.55
C ILE L 963 -84.32 21.74 -47.03
N GLN L 964 -85.19 22.63 -46.53
CA GLN L 964 -85.44 22.82 -45.07
C GLN L 964 -86.25 21.63 -44.54
N SER L 965 -87.45 21.43 -45.08
CA SER L 965 -88.35 20.29 -44.80
C SER L 965 -88.25 19.31 -45.97
N TYR L 966 -88.26 18.01 -45.71
CA TYR L 966 -88.30 16.98 -46.79
C TYR L 966 -89.71 16.93 -47.40
N SER L 967 -90.68 17.69 -46.89
CA SER L 967 -92.00 17.97 -47.52
C SER L 967 -91.82 18.51 -48.94
N LEU L 968 -90.77 19.30 -49.14
CA LEU L 968 -90.51 20.01 -50.43
C LEU L 968 -90.23 18.99 -51.53
N LEU L 969 -89.68 17.82 -51.17
CA LEU L 969 -89.33 16.73 -52.13
C LEU L 969 -90.59 16.20 -52.83
N ASP L 970 -91.81 16.40 -52.29
CA ASP L 970 -93.06 15.78 -52.82
C ASP L 970 -93.41 16.30 -54.24
N LYS L 971 -92.68 17.30 -54.79
CA LYS L 971 -92.62 17.66 -56.24
C LYS L 971 -91.16 17.62 -56.71
N PRO L 972 -90.58 16.42 -56.92
CA PRO L 972 -89.14 16.22 -56.73
C PRO L 972 -88.23 16.74 -57.86
N ASP L 973 -88.78 16.94 -59.06
CA ASP L 973 -88.02 17.52 -60.21
C ASP L 973 -87.78 19.01 -59.94
N GLU L 974 -88.74 19.71 -59.33
CA GLU L 974 -88.62 21.16 -58.97
C GLU L 974 -87.54 21.33 -57.90
N ALA L 975 -87.51 20.43 -56.92
CA ALA L 975 -86.61 20.46 -55.74
C ALA L 975 -85.21 19.98 -56.12
N ILE L 976 -85.07 19.21 -57.21
CA ILE L 976 -83.74 18.83 -57.77
C ILE L 976 -83.18 20.05 -58.50
N GLU L 977 -83.92 20.65 -59.42
CA GLU L 977 -83.48 21.85 -60.18
C GLU L 977 -83.02 22.92 -59.19
N LYS L 978 -83.83 23.18 -58.15
CA LYS L 978 -83.55 24.22 -57.13
C LYS L 978 -82.13 24.05 -56.56
N VAL L 979 -81.68 22.82 -56.29
CA VAL L 979 -80.38 22.48 -55.64
C VAL L 979 -79.26 22.54 -56.67
N PHE L 980 -79.47 22.03 -57.88
CA PHE L 980 -78.46 21.95 -58.94
C PHE L 980 -78.45 23.21 -59.81
N ASN L 981 -79.31 24.20 -59.53
CA ASN L 981 -79.14 25.58 -60.03
C ASN L 981 -78.09 26.27 -59.16
N ALA L 982 -78.27 26.20 -57.84
CA ALA L 982 -77.45 26.89 -56.84
C ALA L 982 -76.07 26.23 -56.65
N TYR L 983 -75.88 25.00 -57.14
CA TYR L 983 -74.57 24.29 -57.10
C TYR L 983 -74.35 23.59 -58.44
N PRO L 984 -74.18 24.34 -59.55
CA PRO L 984 -74.17 23.77 -60.89
C PRO L 984 -72.91 22.98 -61.24
N ALA L 985 -71.85 23.12 -60.43
CA ALA L 985 -70.62 22.31 -60.49
C ALA L 985 -70.96 20.83 -60.35
N ALA L 986 -71.99 20.54 -59.55
CA ALA L 986 -72.47 19.19 -59.20
C ALA L 986 -73.01 18.51 -60.46
N ARG L 987 -73.52 19.26 -61.43
CA ARG L 987 -73.98 18.69 -62.73
C ARG L 987 -72.81 18.09 -63.52
N GLU L 988 -71.56 18.42 -63.15
CA GLU L 988 -70.39 18.22 -64.03
C GLU L 988 -69.27 17.44 -63.34
N GLN L 989 -69.50 16.88 -62.16
CA GLN L 989 -68.40 16.24 -61.39
C GLN L 989 -68.84 14.85 -60.94
N PHE L 990 -68.03 13.85 -61.22
CA PHE L 990 -68.27 12.51 -60.67
C PHE L 990 -68.27 12.57 -59.14
N LEU L 991 -68.84 11.53 -58.56
CA LEU L 991 -69.06 11.45 -57.10
C LEU L 991 -67.68 11.41 -56.45
N ASN L 992 -67.40 12.32 -55.52
CA ASN L 992 -66.24 12.29 -54.61
C ASN L 992 -66.16 10.91 -53.96
N ALA L 993 -64.97 10.37 -53.79
CA ALA L 993 -64.74 9.01 -53.26
C ALA L 993 -65.43 8.84 -51.91
N GLN L 994 -65.52 9.92 -51.14
CA GLN L 994 -66.08 9.93 -49.77
C GLN L 994 -67.59 9.83 -49.86
N ASP L 995 -68.19 10.44 -50.86
CA ASP L 995 -69.67 10.54 -50.98
C ASP L 995 -70.22 9.22 -51.53
N ILE L 996 -69.40 8.42 -52.19
CA ILE L 996 -69.74 7.02 -52.59
C ILE L 996 -69.81 6.17 -51.32
N ASP L 997 -68.82 6.30 -50.45
CA ASP L 997 -68.75 5.58 -49.15
C ASP L 997 -69.92 5.99 -48.26
N HIS L 998 -70.38 7.23 -48.37
CA HIS L 998 -71.54 7.74 -47.61
C HIS L 998 -72.79 7.14 -48.22
N PHE L 999 -72.85 7.08 -49.55
CA PHE L 999 -74.03 6.57 -50.28
C PHE L 999 -74.25 5.12 -49.87
N LEU L 1000 -73.19 4.34 -49.89
CA LEU L 1000 -73.24 2.90 -49.56
C LEU L 1000 -73.51 2.70 -48.07
N SER L 1001 -73.14 3.65 -47.20
CA SER L 1001 -73.52 3.61 -45.76
C SER L 1001 -75.03 3.78 -45.59
N MET L 1002 -75.67 4.70 -46.31
CA MET L 1002 -77.13 4.93 -46.18
C MET L 1002 -77.90 3.73 -46.77
N CYS L 1003 -77.30 2.97 -47.69
CA CYS L 1003 -77.92 1.75 -48.30
C CYS L 1003 -77.97 0.59 -47.29
N GLN L 1004 -77.15 0.63 -46.22
CA GLN L 1004 -76.98 -0.40 -45.15
C GLN L 1004 -77.68 0.05 -43.85
N ASN L 1005 -78.38 1.18 -43.86
CA ASN L 1005 -79.16 1.71 -42.72
C ASN L 1005 -80.29 0.74 -42.44
N PRO L 1006 -80.42 0.17 -41.22
CA PRO L 1006 -81.55 -0.73 -40.94
C PRO L 1006 -82.88 -0.06 -40.54
N MET L 1007 -82.93 1.26 -40.35
CA MET L 1007 -84.15 2.05 -39.99
C MET L 1007 -84.83 2.61 -41.26
N GLN L 1008 -84.83 1.82 -42.34
CA GLN L 1008 -85.03 2.29 -43.73
C GLN L 1008 -85.50 1.10 -44.56
N LYS L 1009 -86.51 1.26 -45.39
CA LYS L 1009 -86.94 0.14 -46.25
C LYS L 1009 -85.76 -0.17 -47.16
N PRO L 1010 -85.33 -1.44 -47.25
CA PRO L 1010 -84.23 -1.80 -48.13
C PRO L 1010 -84.45 -1.24 -49.54
N VAL L 1011 -83.33 -0.81 -50.10
CA VAL L 1011 -83.28 0.22 -51.16
C VAL L 1011 -83.49 -0.54 -52.47
N PRO L 1012 -84.32 -0.05 -53.41
CA PRO L 1012 -84.84 -0.90 -54.48
C PRO L 1012 -83.91 -0.97 -55.69
N PHE L 1013 -82.66 -1.39 -55.45
CA PHE L 1013 -81.54 -1.45 -56.43
C PHE L 1013 -80.28 -2.04 -55.80
N VAL L 1014 -79.35 -2.47 -56.66
CA VAL L 1014 -78.00 -2.98 -56.29
C VAL L 1014 -77.00 -1.88 -56.58
N PRO L 1015 -76.44 -1.21 -55.55
CA PRO L 1015 -75.49 -0.12 -55.77
C PRO L 1015 -74.01 -0.54 -55.90
N VAL L 1016 -73.64 -1.79 -55.63
CA VAL L 1016 -72.23 -2.23 -55.79
C VAL L 1016 -72.13 -3.77 -55.93
N LEU L 1017 -71.15 -4.26 -56.71
CA LEU L 1017 -70.70 -5.70 -56.70
C LEU L 1017 -69.48 -5.90 -55.80
N ASP L 1018 -69.70 -6.37 -54.57
CA ASP L 1018 -68.65 -6.71 -53.57
C ASP L 1018 -69.08 -7.98 -52.85
N ARG L 1019 -68.53 -8.25 -51.67
CA ARG L 1019 -68.87 -9.42 -50.81
C ARG L 1019 -70.35 -9.40 -50.43
N ARG L 1020 -70.93 -8.22 -50.21
CA ARG L 1020 -72.32 -8.03 -49.71
C ARG L 1020 -73.38 -8.23 -50.81
N PHE L 1021 -73.06 -8.89 -51.93
CA PHE L 1021 -73.92 -8.91 -53.14
C PHE L 1021 -75.11 -9.84 -52.91
N GLU L 1022 -74.93 -10.97 -52.22
CA GLU L 1022 -76.01 -11.97 -52.00
C GLU L 1022 -77.10 -11.31 -51.14
N ILE L 1023 -76.71 -10.49 -50.17
CA ILE L 1023 -77.65 -9.70 -49.32
C ILE L 1023 -78.35 -8.68 -50.22
N PHE L 1024 -77.63 -7.79 -50.91
CA PHE L 1024 -78.25 -6.70 -51.72
C PHE L 1024 -79.28 -7.25 -52.73
N PHE L 1025 -78.95 -8.38 -53.35
CA PHE L 1025 -79.73 -9.07 -54.41
C PHE L 1025 -81.02 -9.68 -53.87
N LYS L 1026 -81.08 -10.08 -52.58
CA LYS L 1026 -82.11 -10.99 -52.02
C LYS L 1026 -83.00 -10.28 -50.99
N LYS L 1027 -82.39 -9.59 -50.02
CA LYS L 1027 -83.01 -8.60 -49.10
C LYS L 1027 -84.29 -8.02 -49.69
N ASP L 1028 -85.44 -8.25 -49.06
CA ASP L 1028 -86.72 -7.55 -49.31
C ASP L 1028 -87.23 -7.88 -50.72
N SER L 1029 -87.52 -9.15 -50.94
CA SER L 1029 -87.82 -9.75 -52.27
C SER L 1029 -89.32 -10.03 -52.47
N LEU L 1030 -90.19 -9.84 -51.48
CA LEU L 1030 -91.56 -10.42 -51.50
C LEU L 1030 -92.65 -9.37 -51.67
N TRP L 1031 -92.39 -8.07 -51.52
CA TRP L 1031 -93.44 -7.01 -51.56
C TRP L 1031 -93.77 -6.58 -52.99
N GLN L 1032 -92.91 -6.85 -53.97
CA GLN L 1032 -92.95 -6.18 -55.31
C GLN L 1032 -94.19 -6.67 -56.07
N SER L 1033 -94.53 -7.96 -56.01
CA SER L 1033 -95.75 -8.57 -56.61
C SER L 1033 -97.00 -7.76 -56.23
N GLU L 1034 -97.14 -7.36 -54.95
CA GLU L 1034 -98.29 -6.57 -54.45
C GLU L 1034 -98.31 -5.16 -55.05
N HIS L 1035 -97.16 -4.62 -55.48
CA HIS L 1035 -97.00 -3.18 -55.87
C HIS L 1035 -96.13 -3.06 -57.12
N LEU L 1036 -96.70 -3.35 -58.29
CA LEU L 1036 -95.94 -3.29 -59.57
C LEU L 1036 -95.76 -1.83 -59.99
N GLU L 1037 -96.61 -0.92 -59.52
CA GLU L 1037 -96.49 0.54 -59.81
C GLU L 1037 -95.06 1.01 -59.50
N ALA L 1038 -94.39 0.43 -58.51
CA ALA L 1038 -93.08 0.87 -57.99
C ALA L 1038 -91.94 -0.05 -58.41
N VAL L 1039 -92.14 -0.88 -59.43
CA VAL L 1039 -91.07 -1.72 -60.04
C VAL L 1039 -90.78 -1.10 -61.42
N VAL L 1040 -89.62 -1.39 -62.00
CA VAL L 1040 -89.02 -0.66 -63.16
C VAL L 1040 -90.06 -0.45 -64.28
N ASP L 1041 -90.45 -1.49 -65.04
CA ASP L 1041 -91.36 -1.33 -66.21
C ASP L 1041 -92.78 -1.76 -65.84
N GLN L 1042 -93.20 -1.60 -64.58
CA GLN L 1042 -94.46 -2.14 -64.02
C GLN L 1042 -94.57 -3.65 -64.36
N ASP L 1043 -93.45 -4.40 -64.26
CA ASP L 1043 -93.23 -5.67 -65.00
C ASP L 1043 -93.18 -6.87 -64.05
N VAL L 1044 -94.30 -7.60 -63.95
CA VAL L 1044 -94.42 -8.91 -63.23
C VAL L 1044 -93.10 -9.68 -63.30
N GLN L 1045 -92.49 -9.68 -64.48
CA GLN L 1045 -91.53 -10.71 -64.91
C GLN L 1045 -90.16 -10.47 -64.28
N ARG L 1046 -90.00 -9.34 -63.57
CA ARG L 1046 -88.83 -9.03 -62.69
C ARG L 1046 -88.98 -9.70 -61.32
N THR L 1047 -90.23 -9.97 -60.93
CA THR L 1047 -90.70 -10.06 -59.53
C THR L 1047 -90.55 -11.50 -59.02
N CYS L 1048 -90.56 -11.70 -57.69
CA CYS L 1048 -90.79 -13.01 -57.01
C CYS L 1048 -92.27 -13.13 -56.66
N ILE L 1049 -92.93 -14.17 -57.16
CA ILE L 1049 -94.30 -14.57 -56.76
C ILE L 1049 -94.23 -15.97 -56.17
N LEU L 1050 -94.43 -16.13 -54.86
CA LEU L 1050 -94.37 -17.45 -54.19
C LEU L 1050 -95.66 -18.22 -54.52
N HIS L 1051 -95.55 -19.50 -54.82
CA HIS L 1051 -96.69 -20.33 -55.31
C HIS L 1051 -96.25 -21.80 -55.30
N GLY L 1052 -97.20 -22.72 -55.21
CA GLY L 1052 -96.89 -24.16 -55.11
C GLY L 1052 -97.09 -24.87 -56.44
N PRO L 1053 -96.17 -25.79 -56.79
CA PRO L 1053 -96.25 -26.51 -58.05
C PRO L 1053 -97.59 -27.23 -58.19
N VAL L 1054 -97.98 -27.98 -57.17
CA VAL L 1054 -99.16 -28.88 -57.20
C VAL L 1054 -100.43 -28.05 -57.14
N ALA L 1055 -100.47 -27.03 -56.30
CA ALA L 1055 -101.68 -26.22 -56.06
C ALA L 1055 -102.00 -25.35 -57.27
N ALA L 1056 -101.04 -25.18 -58.19
CA ALA L 1056 -101.13 -24.26 -59.35
C ALA L 1056 -102.12 -24.78 -60.39
N GLN L 1057 -102.48 -26.06 -60.36
CA GLN L 1057 -103.41 -26.67 -61.34
C GLN L 1057 -104.88 -26.34 -60.99
N PHE L 1058 -105.13 -25.59 -59.93
CA PHE L 1058 -106.51 -25.20 -59.49
C PHE L 1058 -106.67 -23.68 -59.49
N THR L 1059 -105.57 -22.92 -59.52
CA THR L 1059 -105.54 -21.43 -59.69
C THR L 1059 -105.77 -21.06 -61.16
N LYS L 1060 -107.01 -20.76 -61.54
CA LYS L 1060 -107.40 -20.50 -62.96
C LYS L 1060 -108.30 -19.27 -63.10
N VAL L 1061 -109.29 -19.08 -62.23
CA VAL L 1061 -110.27 -17.95 -62.32
C VAL L 1061 -109.71 -16.76 -61.54
N ILE L 1062 -109.46 -15.64 -62.21
CA ILE L 1062 -108.94 -14.39 -61.59
C ILE L 1062 -110.10 -13.60 -60.96
N ASP L 1063 -109.82 -12.95 -59.82
CA ASP L 1063 -110.68 -11.99 -59.07
C ASP L 1063 -112.02 -12.65 -58.71
N GLU L 1064 -112.00 -13.95 -58.42
CA GLU L 1064 -113.14 -14.72 -57.85
C GLU L 1064 -113.23 -14.30 -56.39
N PRO L 1065 -114.39 -13.84 -55.84
CA PRO L 1065 -114.43 -13.36 -54.47
C PRO L 1065 -114.06 -14.49 -53.48
N ILE L 1066 -113.33 -14.16 -52.41
CA ILE L 1066 -112.82 -15.13 -51.39
C ILE L 1066 -113.97 -15.92 -50.77
N LYS L 1067 -115.13 -15.30 -50.57
CA LYS L 1067 -116.37 -15.97 -50.13
C LYS L 1067 -116.64 -17.14 -51.08
N SER L 1068 -116.70 -16.86 -52.39
CA SER L 1068 -117.11 -17.81 -53.45
C SER L 1068 -116.13 -18.98 -53.58
N ILE L 1069 -114.83 -18.78 -53.33
CA ILE L 1069 -113.80 -19.88 -53.37
C ILE L 1069 -114.12 -20.84 -52.23
N MET L 1070 -114.01 -20.32 -51.01
CA MET L 1070 -114.05 -21.08 -49.74
C MET L 1070 -115.42 -21.75 -49.60
N ASP L 1071 -116.53 -21.03 -49.76
CA ASP L 1071 -117.91 -21.61 -49.83
C ASP L 1071 -117.98 -22.68 -50.91
N GLY L 1072 -117.30 -22.49 -52.04
CA GLY L 1072 -117.30 -23.43 -53.16
C GLY L 1072 -116.71 -24.78 -52.76
N ILE L 1073 -115.72 -24.77 -51.86
CA ILE L 1073 -115.03 -25.99 -51.38
C ILE L 1073 -115.91 -26.61 -50.31
N HIS L 1074 -116.33 -25.81 -49.34
CA HIS L 1074 -117.15 -26.24 -48.18
C HIS L 1074 -118.46 -26.85 -48.67
N ASP L 1075 -119.15 -26.21 -49.61
CA ASP L 1075 -120.40 -26.73 -50.19
C ASP L 1075 -120.08 -28.00 -50.98
N GLY L 1076 -118.98 -28.02 -51.71
CA GLY L 1076 -118.54 -29.20 -52.48
C GLY L 1076 -118.38 -30.45 -51.63
N HIS L 1077 -117.90 -30.31 -50.40
CA HIS L 1077 -117.79 -31.37 -49.35
C HIS L 1077 -119.18 -31.82 -48.89
N ILE L 1078 -120.09 -30.88 -48.62
CA ILE L 1078 -121.47 -31.13 -48.11
C ILE L 1078 -122.22 -31.95 -49.16
N LYS L 1079 -122.23 -31.47 -50.39
CA LYS L 1079 -122.74 -32.15 -51.61
C LYS L 1079 -122.37 -33.63 -51.53
N LYS L 1080 -121.06 -33.92 -51.39
CA LYS L 1080 -120.47 -35.28 -51.49
C LYS L 1080 -120.74 -36.09 -50.22
N LEU L 1081 -120.72 -35.43 -49.07
CA LEU L 1081 -120.87 -36.06 -47.74
C LEU L 1081 -122.33 -36.45 -47.55
N LEU L 1082 -123.24 -35.66 -48.12
CA LEU L 1082 -124.71 -35.89 -48.11
C LEU L 1082 -125.02 -37.14 -48.96
N HIS L 1083 -124.39 -37.24 -50.13
CA HIS L 1083 -124.66 -38.32 -51.12
C HIS L 1083 -124.16 -39.68 -50.62
N GLN L 1084 -122.95 -39.75 -50.02
CA GLN L 1084 -122.43 -41.01 -49.44
C GLN L 1084 -123.30 -41.42 -48.24
N TYR L 1085 -123.28 -40.62 -47.19
CA TYR L 1085 -123.58 -41.04 -45.80
C TYR L 1085 -124.99 -40.66 -45.34
N TYR L 1086 -125.72 -39.80 -46.05
CA TYR L 1086 -127.09 -39.36 -45.67
C TYR L 1086 -128.12 -39.64 -46.78
N GLY L 1087 -127.74 -40.26 -47.90
CA GLY L 1087 -128.62 -40.57 -49.04
C GLY L 1087 -129.39 -39.34 -49.54
N ASP L 1088 -128.68 -38.26 -49.87
CA ASP L 1088 -129.18 -37.03 -50.57
C ASP L 1088 -130.43 -36.44 -49.88
N ASP L 1089 -130.53 -36.55 -48.55
CA ASP L 1089 -131.73 -36.15 -47.75
C ASP L 1089 -131.26 -35.23 -46.62
N GLU L 1090 -131.61 -33.93 -46.66
CA GLU L 1090 -131.15 -32.94 -45.66
C GLU L 1090 -131.86 -33.17 -44.32
N SER L 1091 -133.05 -33.80 -44.32
CA SER L 1091 -133.84 -34.14 -43.11
C SER L 1091 -133.03 -34.99 -42.13
N LYS L 1092 -132.12 -35.83 -42.63
CA LYS L 1092 -131.34 -36.80 -41.82
C LYS L 1092 -130.11 -36.14 -41.19
N ILE L 1093 -129.90 -34.84 -41.39
CA ILE L 1093 -128.77 -34.09 -40.75
C ILE L 1093 -129.24 -33.67 -39.36
N PRO L 1094 -128.56 -34.11 -38.27
CA PRO L 1094 -128.98 -33.74 -36.93
C PRO L 1094 -128.78 -32.23 -36.72
N ALA L 1095 -129.82 -31.54 -36.23
CA ALA L 1095 -129.84 -30.09 -35.95
C ALA L 1095 -129.44 -29.85 -34.50
N VAL L 1096 -128.75 -28.75 -34.27
CA VAL L 1096 -128.32 -28.22 -32.96
C VAL L 1096 -128.73 -26.74 -32.93
N GLU L 1097 -128.68 -26.08 -31.77
CA GLU L 1097 -128.98 -24.62 -31.66
C GLU L 1097 -127.79 -23.83 -32.23
N TYR L 1098 -126.59 -23.97 -31.62
CA TYR L 1098 -125.36 -23.31 -32.10
C TYR L 1098 -124.26 -24.35 -32.25
N PHE L 1099 -123.45 -24.24 -33.30
CA PHE L 1099 -122.34 -25.19 -33.59
C PHE L 1099 -121.03 -24.54 -33.17
N GLY L 1100 -120.31 -25.12 -32.19
CA GLY L 1100 -118.94 -24.69 -31.81
C GLY L 1100 -118.60 -24.87 -30.32
N GLY L 1101 -117.35 -24.55 -29.97
CA GLY L 1101 -116.81 -24.50 -28.60
C GLY L 1101 -116.92 -25.83 -27.88
N GLU L 1102 -116.54 -26.93 -28.54
CA GLU L 1102 -116.48 -28.29 -27.94
C GLU L 1102 -115.02 -28.73 -27.98
N SER L 1103 -114.28 -28.52 -26.88
CA SER L 1103 -112.86 -28.94 -26.77
C SER L 1103 -112.77 -30.38 -27.24
N PRO L 1104 -111.75 -30.72 -28.06
CA PRO L 1104 -111.64 -32.07 -28.61
C PRO L 1104 -111.19 -33.16 -27.64
N VAL L 1105 -111.14 -32.89 -26.32
CA VAL L 1105 -110.59 -33.81 -25.30
C VAL L 1105 -111.65 -34.83 -24.82
N ASP L 1106 -112.96 -34.52 -24.89
CA ASP L 1106 -114.01 -35.23 -24.07
C ASP L 1106 -114.98 -36.08 -24.91
N SER L 1111 -131.44 -35.94 -18.31
CA SER L 1111 -132.71 -35.25 -18.64
C SER L 1111 -133.60 -35.13 -17.39
N GLU L 1112 -133.22 -34.24 -16.45
CA GLU L 1112 -133.91 -34.02 -15.14
C GLU L 1112 -134.47 -32.59 -15.08
N ASP L 1113 -135.79 -32.46 -14.83
CA ASP L 1113 -136.58 -31.18 -14.91
C ASP L 1113 -136.12 -30.22 -13.80
N SER L 1114 -136.40 -30.58 -12.53
CA SER L 1114 -136.14 -29.75 -11.33
C SER L 1114 -135.05 -30.40 -10.49
N ALA L 1115 -133.83 -29.86 -10.54
CA ALA L 1115 -132.61 -30.39 -9.89
C ALA L 1115 -132.12 -29.42 -8.79
N VAL L 1116 -131.21 -29.89 -7.94
CA VAL L 1116 -130.54 -29.10 -6.86
C VAL L 1116 -129.11 -29.61 -6.70
N PHE L 1117 -128.12 -28.72 -6.74
CA PHE L 1117 -126.68 -29.05 -6.69
C PHE L 1117 -126.07 -28.31 -5.50
N LYS L 1118 -125.62 -29.05 -4.49
CA LYS L 1118 -124.95 -28.50 -3.30
C LYS L 1118 -123.44 -28.68 -3.49
N ALA L 1119 -122.73 -27.59 -3.73
CA ALA L 1119 -121.26 -27.58 -3.81
C ALA L 1119 -120.70 -27.76 -2.40
N THR L 1120 -119.67 -28.59 -2.29
CA THR L 1120 -118.75 -28.71 -1.12
C THR L 1120 -117.43 -28.04 -1.53
N SER L 1121 -116.42 -28.09 -0.65
CA SER L 1121 -115.07 -27.51 -0.88
C SER L 1121 -114.19 -28.47 -1.69
N SER L 1122 -114.67 -29.71 -1.92
CA SER L 1122 -114.04 -30.72 -2.82
C SER L 1122 -114.50 -30.54 -4.28
N THR L 1123 -115.81 -30.37 -4.53
CA THR L 1123 -116.47 -30.48 -5.87
C THR L 1123 -115.56 -29.94 -6.98
N ASP L 1124 -115.26 -30.79 -7.96
CA ASP L 1124 -114.50 -30.46 -9.19
C ASP L 1124 -115.29 -29.43 -10.00
N GLU L 1125 -114.61 -28.40 -10.52
CA GLU L 1125 -115.22 -27.31 -11.33
C GLU L 1125 -115.93 -27.87 -12.57
N GLU L 1126 -115.28 -28.76 -13.34
CA GLU L 1126 -115.82 -29.25 -14.63
C GLU L 1126 -117.09 -30.09 -14.36
N SER L 1127 -117.04 -31.09 -13.47
CA SER L 1127 -118.24 -31.84 -13.02
C SER L 1127 -119.38 -30.86 -12.72
N TRP L 1128 -119.06 -29.77 -11.99
CA TRP L 1128 -120.00 -28.74 -11.49
C TRP L 1128 -120.65 -27.99 -12.66
N PHE L 1129 -119.86 -27.46 -13.62
CA PHE L 1129 -120.35 -26.63 -14.76
C PHE L 1129 -121.09 -27.52 -15.78
N LYS L 1130 -120.58 -28.73 -16.04
CA LYS L 1130 -121.26 -29.74 -16.90
C LYS L 1130 -122.70 -29.93 -16.42
N ALA L 1131 -122.88 -30.02 -15.09
CA ALA L 1131 -124.18 -30.34 -14.44
C ALA L 1131 -125.19 -29.21 -14.65
N LEU L 1132 -124.75 -27.96 -14.53
CA LEU L 1132 -125.60 -26.73 -14.62
C LEU L 1132 -126.10 -26.58 -16.06
N ALA L 1133 -125.15 -26.63 -17.01
CA ALA L 1133 -125.38 -26.58 -18.47
C ALA L 1133 -126.36 -27.68 -18.93
N GLY L 1134 -126.28 -28.85 -18.30
CA GLY L 1134 -127.03 -30.05 -18.69
C GLY L 1134 -126.53 -30.60 -20.03
N SER L 1135 -127.39 -31.37 -20.69
CA SER L 1135 -127.08 -32.19 -21.89
C SER L 1135 -127.38 -31.38 -23.14
N GLU L 1136 -128.61 -30.89 -23.29
CA GLU L 1136 -129.09 -30.13 -24.49
C GLU L 1136 -128.14 -28.96 -24.79
N ILE L 1137 -128.01 -28.57 -26.06
CA ILE L 1137 -127.21 -27.39 -26.49
C ILE L 1137 -128.17 -26.21 -26.76
N ASN L 1138 -128.22 -25.27 -25.80
CA ASN L 1138 -129.12 -24.09 -25.72
C ASN L 1138 -128.36 -22.99 -24.98
N TRP L 1139 -129.03 -21.90 -24.61
CA TRP L 1139 -128.39 -20.74 -23.93
C TRP L 1139 -127.71 -21.16 -22.63
N ARG L 1140 -128.35 -22.04 -21.87
CA ARG L 1140 -127.82 -22.43 -20.55
C ARG L 1140 -126.47 -23.14 -20.77
N HIS L 1141 -126.36 -23.95 -21.83
CA HIS L 1141 -125.12 -24.70 -22.17
C HIS L 1141 -124.02 -23.67 -22.44
N ALA L 1142 -124.34 -22.65 -23.23
CA ALA L 1142 -123.43 -21.56 -23.62
C ALA L 1142 -123.07 -20.74 -22.38
N SER L 1143 -124.07 -20.39 -21.57
CA SER L 1143 -123.90 -19.60 -20.32
C SER L 1143 -122.81 -20.20 -19.44
N PHE L 1144 -122.71 -21.53 -19.30
CA PHE L 1144 -121.85 -22.17 -18.28
C PHE L 1144 -120.61 -22.85 -18.86
N LEU L 1145 -120.49 -23.00 -20.18
CA LEU L 1145 -119.33 -23.75 -20.76
C LEU L 1145 -118.52 -22.85 -21.68
N CYS L 1146 -119.18 -22.07 -22.54
CA CYS L 1146 -118.59 -20.93 -23.30
C CYS L 1146 -117.47 -20.29 -22.47
N SER L 1147 -116.23 -20.44 -22.92
CA SER L 1147 -114.98 -20.09 -22.18
C SER L 1147 -114.92 -18.58 -21.93
N PHE L 1148 -115.28 -17.79 -22.93
CA PHE L 1148 -115.47 -16.33 -22.79
C PHE L 1148 -116.63 -15.83 -23.63
N ILE L 1149 -116.98 -14.56 -23.39
CA ILE L 1149 -118.10 -13.83 -24.03
C ILE L 1149 -117.50 -12.60 -24.70
N THR L 1150 -118.33 -11.89 -25.45
CA THR L 1150 -117.93 -10.78 -26.33
C THR L 1150 -118.50 -9.48 -25.77
N GLN L 1151 -117.65 -8.50 -25.46
CA GLN L 1151 -118.05 -7.09 -25.22
C GLN L 1151 -117.61 -6.23 -26.42
N ASP L 1152 -118.56 -5.67 -27.16
CA ASP L 1152 -118.34 -4.98 -28.46
C ASP L 1152 -117.56 -5.91 -29.39
N LYS L 1153 -116.24 -5.73 -29.55
CA LYS L 1153 -115.38 -6.63 -30.36
C LYS L 1153 -114.48 -7.48 -29.45
N MET L 1154 -114.33 -7.10 -28.16
CA MET L 1154 -113.35 -7.70 -27.22
C MET L 1154 -113.88 -9.02 -26.66
N PHE L 1155 -113.01 -9.84 -26.06
CA PHE L 1155 -113.29 -11.22 -25.57
C PHE L 1155 -112.89 -11.34 -24.09
N VAL L 1156 -113.80 -10.93 -23.23
CA VAL L 1156 -113.68 -10.99 -21.75
C VAL L 1156 -114.02 -12.41 -21.30
N SER L 1157 -113.25 -12.98 -20.37
CA SER L 1157 -113.64 -14.14 -19.51
C SER L 1157 -115.15 -14.15 -19.20
N ASN L 1158 -115.76 -15.33 -19.25
CA ASN L 1158 -117.22 -15.54 -18.97
C ASN L 1158 -117.49 -15.15 -17.53
N PRO L 1159 -118.30 -14.09 -17.29
CA PRO L 1159 -118.68 -13.71 -15.94
C PRO L 1159 -119.61 -14.72 -15.24
N ILE L 1160 -120.56 -15.28 -15.98
CA ILE L 1160 -121.53 -16.28 -15.46
C ILE L 1160 -120.75 -17.45 -14.84
N ARG L 1161 -119.64 -17.81 -15.43
CA ARG L 1161 -118.82 -18.92 -14.94
C ARG L 1161 -118.14 -18.46 -13.64
N LYS L 1162 -117.63 -17.22 -13.57
CA LYS L 1162 -116.90 -16.69 -12.37
C LYS L 1162 -117.83 -16.68 -11.15
N VAL L 1163 -119.03 -16.14 -11.31
CA VAL L 1163 -120.06 -16.01 -10.24
C VAL L 1163 -120.42 -17.39 -9.68
N PHE L 1164 -120.70 -18.36 -10.54
CA PHE L 1164 -121.09 -19.74 -10.09
C PHE L 1164 -119.89 -20.64 -9.77
N LYS L 1165 -118.64 -20.15 -9.84
CA LYS L 1165 -117.45 -20.93 -9.44
C LYS L 1165 -117.67 -21.51 -8.05
N PRO L 1166 -117.61 -22.85 -7.87
CA PRO L 1166 -118.17 -23.49 -6.69
C PRO L 1166 -117.26 -23.39 -5.48
N SER L 1167 -117.88 -23.15 -4.32
CA SER L 1167 -117.26 -23.10 -2.97
C SER L 1167 -118.34 -23.46 -1.95
N GLN L 1168 -117.91 -23.96 -0.78
CA GLN L 1168 -118.81 -24.43 0.32
C GLN L 1168 -119.91 -23.40 0.61
N GLY L 1169 -121.15 -23.87 0.81
CA GLY L 1169 -122.31 -23.04 1.17
C GLY L 1169 -123.23 -22.77 -0.01
N MET L 1170 -122.69 -22.82 -1.24
CA MET L 1170 -123.44 -22.49 -2.48
C MET L 1170 -124.44 -23.61 -2.78
N VAL L 1171 -125.62 -23.21 -3.24
CA VAL L 1171 -126.77 -24.12 -3.55
C VAL L 1171 -127.49 -23.57 -4.78
N VAL L 1172 -127.32 -24.24 -5.91
CA VAL L 1172 -128.05 -23.94 -7.17
C VAL L 1172 -129.36 -24.72 -7.15
N GLU L 1173 -130.42 -24.12 -7.67
CA GLU L 1173 -131.70 -24.79 -7.99
C GLU L 1173 -132.03 -24.45 -9.44
N ILE L 1174 -132.29 -25.46 -10.27
CA ILE L 1174 -132.69 -25.32 -11.68
C ILE L 1174 -134.16 -25.76 -11.81
N SER L 1175 -135.05 -24.84 -12.19
CA SER L 1175 -136.49 -25.10 -12.41
C SER L 1175 -136.82 -25.04 -13.91
N ASN L 1176 -137.63 -25.96 -14.42
CA ASN L 1176 -138.02 -26.09 -15.86
C ASN L 1176 -136.77 -26.34 -16.71
N GLY L 1177 -135.87 -27.21 -16.27
CA GLY L 1177 -134.60 -27.52 -16.96
C GLY L 1177 -134.80 -28.21 -18.31
N ASN L 1178 -135.94 -28.86 -18.53
CA ASN L 1178 -136.28 -29.59 -19.79
C ASN L 1178 -137.28 -28.75 -20.61
N THR L 1179 -137.00 -27.45 -20.78
CA THR L 1179 -137.68 -26.51 -21.72
C THR L 1179 -136.96 -25.15 -21.63
N SER L 1180 -135.92 -24.94 -22.45
CA SER L 1180 -134.96 -23.81 -22.39
C SER L 1180 -135.69 -22.46 -22.25
N SER L 1181 -136.72 -22.25 -23.08
CA SER L 1181 -137.64 -21.08 -23.04
C SER L 1181 -137.82 -20.56 -21.61
N LYS L 1182 -138.14 -21.46 -20.66
CA LYS L 1182 -138.65 -21.13 -19.29
C LYS L 1182 -137.61 -21.42 -18.20
N THR L 1183 -136.52 -22.12 -18.49
CA THR L 1183 -135.49 -22.54 -17.50
C THR L 1183 -135.09 -21.35 -16.63
N VAL L 1184 -134.91 -21.58 -15.33
CA VAL L 1184 -134.44 -20.56 -14.36
C VAL L 1184 -133.45 -21.23 -13.40
N VAL L 1185 -132.16 -21.04 -13.63
CA VAL L 1185 -131.11 -21.38 -12.61
C VAL L 1185 -131.12 -20.25 -11.58
N THR L 1186 -130.83 -20.57 -10.32
CA THR L 1186 -131.02 -19.70 -9.12
C THR L 1186 -130.00 -20.11 -8.05
N LEU L 1187 -128.89 -19.38 -7.95
CA LEU L 1187 -127.85 -19.59 -6.89
C LEU L 1187 -128.37 -19.04 -5.57
N SER L 1188 -128.17 -19.78 -4.47
CA SER L 1188 -128.51 -19.36 -3.09
C SER L 1188 -127.29 -19.59 -2.18
N GLU L 1189 -126.99 -18.62 -1.32
CA GLU L 1189 -125.81 -18.61 -0.41
C GLU L 1189 -126.29 -18.28 1.00
N PRO L 1190 -125.44 -18.53 2.04
CA PRO L 1190 -125.70 -18.01 3.39
C PRO L 1190 -125.46 -16.49 3.45
N VAL L 1191 -126.47 -15.75 3.91
CA VAL L 1191 -126.46 -14.27 4.09
C VAL L 1191 -127.02 -13.98 5.48
N GLN L 1192 -126.13 -13.76 6.46
CA GLN L 1192 -126.47 -13.51 7.89
C GLN L 1192 -127.16 -14.77 8.43
N GLY L 1193 -126.50 -15.93 8.31
CA GLY L 1193 -126.96 -17.23 8.83
C GLY L 1193 -127.98 -17.91 7.92
N GLU L 1194 -129.14 -17.28 7.73
CA GLU L 1194 -130.27 -17.78 6.87
C GLU L 1194 -129.87 -17.66 5.38
N LEU L 1195 -130.36 -18.60 4.55
CA LEU L 1195 -129.87 -18.86 3.17
C LEU L 1195 -130.88 -18.31 2.14
N LYS L 1196 -130.41 -17.41 1.27
CA LYS L 1196 -131.25 -16.52 0.42
C LYS L 1196 -130.80 -16.58 -1.03
N PRO L 1197 -131.70 -16.29 -2.01
CA PRO L 1197 -131.30 -16.13 -3.41
C PRO L 1197 -130.36 -14.93 -3.62
N THR L 1198 -129.33 -15.12 -4.45
CA THR L 1198 -128.26 -14.11 -4.75
C THR L 1198 -128.06 -13.87 -6.25
N VAL L 1199 -128.25 -14.88 -7.10
CA VAL L 1199 -128.13 -14.80 -8.58
C VAL L 1199 -129.31 -15.54 -9.22
N ILE L 1200 -129.80 -15.06 -10.37
CA ILE L 1200 -130.93 -15.67 -11.13
C ILE L 1200 -130.69 -15.51 -12.63
N LEU L 1201 -130.28 -16.59 -13.33
CA LEU L 1201 -130.19 -16.68 -14.82
C LEU L 1201 -131.53 -17.02 -15.43
N LYS L 1202 -131.85 -16.46 -16.59
CA LYS L 1202 -133.04 -16.84 -17.40
C LYS L 1202 -133.13 -16.06 -18.71
N LEU L 1203 -134.12 -16.40 -19.54
CA LEU L 1203 -134.52 -15.66 -20.75
C LEU L 1203 -135.59 -14.64 -20.38
N LEU L 1204 -135.47 -13.41 -20.89
CA LEU L 1204 -136.56 -12.42 -20.90
C LEU L 1204 -137.28 -12.52 -22.26
N LYS L 1205 -136.94 -11.61 -23.18
CA LYS L 1205 -137.15 -11.71 -24.65
C LYS L 1205 -136.36 -12.93 -25.14
N GLU L 1206 -136.54 -13.31 -26.40
CA GLU L 1206 -136.16 -14.64 -26.96
C GLU L 1206 -134.64 -14.78 -27.14
N ASN L 1207 -133.87 -13.68 -27.17
CA ASN L 1207 -132.40 -13.74 -27.36
C ASN L 1207 -131.68 -12.84 -26.35
N ILE L 1208 -132.26 -12.66 -25.16
CA ILE L 1208 -131.64 -11.91 -24.02
C ILE L 1208 -131.54 -12.87 -22.82
N ILE L 1209 -130.35 -12.98 -22.24
CA ILE L 1209 -130.10 -13.69 -20.95
C ILE L 1209 -129.97 -12.63 -19.88
N GLN L 1210 -130.92 -12.57 -18.93
CA GLN L 1210 -130.79 -11.73 -17.71
C GLN L 1210 -130.07 -12.55 -16.63
N MET L 1211 -129.05 -11.95 -16.01
CA MET L 1211 -128.37 -12.49 -14.81
C MET L 1211 -128.52 -11.45 -13.70
N GLU L 1212 -129.71 -11.43 -13.09
CA GLU L 1212 -130.08 -10.63 -11.90
C GLU L 1212 -129.14 -10.99 -10.74
N MET L 1213 -128.21 -10.10 -10.39
CA MET L 1213 -127.30 -10.24 -9.21
C MET L 1213 -127.93 -9.45 -8.06
N ILE L 1214 -128.15 -10.10 -6.93
CA ILE L 1214 -129.01 -9.58 -5.84
C ILE L 1214 -128.14 -9.21 -4.65
N GLU L 1215 -128.39 -8.04 -4.06
CA GLU L 1215 -127.83 -7.69 -2.73
C GLU L 1215 -128.96 -7.70 -1.70
N ASN L 1216 -128.72 -8.38 -0.57
CA ASN L 1216 -129.71 -8.64 0.51
C ASN L 1216 -129.44 -7.71 1.70
N ARG L 1217 -128.20 -7.24 1.87
CA ARG L 1217 -127.73 -6.31 2.94
C ARG L 1217 -127.86 -4.86 2.45
N THR L 1218 -129.07 -4.30 2.50
CA THR L 1218 -129.40 -2.95 1.97
C THR L 1218 -129.60 -1.95 3.12
N MET L 1219 -130.13 -0.77 2.81
CA MET L 1219 -130.54 0.25 3.81
C MET L 1219 -131.78 -0.25 4.56
N ASP L 1220 -132.84 -0.60 3.85
CA ASP L 1220 -134.21 -0.80 4.42
C ASP L 1220 -134.62 -2.28 4.38
N GLY L 1221 -133.67 -3.23 4.40
CA GLY L 1221 -133.94 -4.69 4.45
C GLY L 1221 -134.40 -5.27 3.11
N LYS L 1222 -135.36 -4.62 2.43
CA LYS L 1222 -135.82 -4.94 1.05
C LYS L 1222 -134.62 -5.16 0.14
N PRO L 1223 -134.54 -6.25 -0.66
CA PRO L 1223 -133.35 -6.55 -1.44
C PRO L 1223 -133.30 -5.74 -2.76
N VAL L 1224 -132.10 -5.59 -3.33
CA VAL L 1224 -131.80 -4.75 -4.53
C VAL L 1224 -131.15 -5.64 -5.60
N SER L 1225 -131.60 -5.52 -6.85
CA SER L 1225 -131.19 -6.33 -8.03
C SER L 1225 -130.39 -5.48 -9.02
N LEU L 1226 -129.33 -6.06 -9.60
CA LEU L 1226 -128.57 -5.49 -10.76
C LEU L 1226 -128.83 -6.37 -11.98
N PRO L 1227 -129.75 -6.01 -12.91
CA PRO L 1227 -129.92 -6.78 -14.14
C PRO L 1227 -128.78 -6.59 -15.16
N LEU L 1228 -127.79 -7.50 -15.14
CA LEU L 1228 -126.76 -7.68 -16.20
C LEU L 1228 -127.38 -8.46 -17.36
N LEU L 1229 -127.54 -7.84 -18.52
CA LEU L 1229 -128.16 -8.43 -19.72
C LEU L 1229 -127.08 -8.88 -20.71
N TYR L 1230 -127.29 -10.02 -21.35
CA TYR L 1230 -126.43 -10.59 -22.44
C TYR L 1230 -127.32 -10.97 -23.62
N ASN L 1231 -126.86 -10.70 -24.85
CA ASN L 1231 -127.47 -11.23 -26.10
C ASN L 1231 -126.98 -12.66 -26.29
N PHE L 1232 -127.88 -13.56 -26.68
CA PHE L 1232 -127.56 -14.94 -27.14
C PHE L 1232 -127.79 -15.05 -28.64
N ASN L 1233 -126.74 -14.92 -29.44
CA ASN L 1233 -126.78 -15.04 -30.91
C ASN L 1233 -126.22 -16.40 -31.27
N PRO L 1234 -127.06 -17.40 -31.64
CA PRO L 1234 -126.57 -18.76 -31.90
C PRO L 1234 -125.92 -18.97 -33.28
N ASP L 1235 -125.93 -17.96 -34.16
CA ASP L 1235 -125.25 -18.00 -35.49
C ASP L 1235 -123.74 -17.74 -35.33
N ASN L 1236 -123.29 -17.19 -34.20
CA ASN L 1236 -121.86 -17.10 -33.83
C ASN L 1236 -121.59 -18.25 -32.87
N GLY L 1237 -121.30 -19.42 -33.42
CA GLY L 1237 -121.10 -20.66 -32.65
C GLY L 1237 -119.99 -20.56 -31.63
N PHE L 1238 -118.92 -19.84 -31.94
CA PHE L 1238 -117.69 -19.84 -31.09
C PHE L 1238 -117.91 -19.07 -29.79
N ALA L 1239 -118.47 -17.87 -29.90
CA ALA L 1239 -118.87 -16.99 -28.79
C ALA L 1239 -120.29 -16.52 -29.01
N PRO L 1240 -121.30 -17.34 -28.66
CA PRO L 1240 -122.70 -16.96 -28.84
C PRO L 1240 -123.28 -15.97 -27.82
N ILE L 1241 -122.54 -15.68 -26.75
CA ILE L 1241 -122.98 -14.74 -25.69
C ILE L 1241 -122.12 -13.47 -25.78
N SER L 1242 -122.80 -12.31 -25.83
CA SER L 1242 -122.20 -10.97 -25.88
C SER L 1242 -122.97 -10.03 -24.93
N GLU L 1243 -122.27 -9.32 -24.06
CA GLU L 1243 -122.86 -8.39 -23.05
C GLU L 1243 -123.55 -7.24 -23.76
N VAL L 1244 -124.76 -6.88 -23.35
CA VAL L 1244 -125.46 -5.62 -23.76
C VAL L 1244 -124.77 -4.46 -23.04
N MET L 1245 -124.07 -3.59 -23.78
CA MET L 1245 -123.21 -2.52 -23.21
C MET L 1245 -123.89 -1.14 -23.28
N GLU L 1246 -125.11 -1.03 -23.80
CA GLU L 1246 -125.89 0.24 -23.80
C GLU L 1246 -126.59 0.36 -22.44
N ASP L 1247 -126.32 1.45 -21.72
CA ASP L 1247 -126.91 1.74 -20.39
C ASP L 1247 -126.34 0.81 -19.32
N ARG L 1248 -125.29 0.04 -19.58
CA ARG L 1248 -124.70 -0.86 -18.54
C ARG L 1248 -124.29 -0.03 -17.33
N ASN L 1249 -123.64 1.11 -17.54
CA ASN L 1249 -123.13 1.97 -16.44
C ASN L 1249 -124.30 2.69 -15.75
N GLN L 1250 -125.26 3.20 -16.51
CA GLN L 1250 -126.57 3.66 -15.99
C GLN L 1250 -127.17 2.59 -15.03
N ARG L 1251 -127.30 1.32 -15.47
CA ARG L 1251 -127.96 0.23 -14.69
C ARG L 1251 -127.19 -0.02 -13.40
N ILE L 1252 -125.88 -0.13 -13.49
CA ILE L 1252 -125.00 -0.31 -12.30
C ILE L 1252 -125.22 0.86 -11.32
N LYS L 1253 -125.26 2.11 -11.81
CA LYS L 1253 -125.46 3.31 -10.95
C LYS L 1253 -126.86 3.32 -10.34
N GLU L 1254 -127.85 2.67 -10.95
CA GLU L 1254 -129.22 2.58 -10.37
C GLU L 1254 -129.19 1.74 -9.10
N MET L 1255 -128.31 0.75 -9.05
CA MET L 1255 -128.14 -0.15 -7.90
C MET L 1255 -127.45 0.62 -6.78
N TYR L 1256 -126.23 1.12 -7.01
CA TYR L 1256 -125.41 1.78 -5.96
C TYR L 1256 -126.17 2.97 -5.37
N TRP L 1257 -127.05 3.62 -6.12
CA TRP L 1257 -127.92 4.71 -5.61
C TRP L 1257 -128.93 4.21 -4.59
N LYS L 1258 -129.44 2.99 -4.74
CA LYS L 1258 -130.41 2.40 -3.77
C LYS L 1258 -129.67 2.06 -2.47
N LEU L 1259 -128.40 1.64 -2.57
CA LEU L 1259 -127.58 1.19 -1.42
C LEU L 1259 -126.93 2.38 -0.69
N TRP L 1260 -126.52 3.44 -1.39
CA TRP L 1260 -125.75 4.56 -0.78
C TRP L 1260 -126.65 5.75 -0.51
N ILE L 1261 -127.20 6.35 -1.55
CA ILE L 1261 -128.00 7.61 -1.49
C ILE L 1261 -129.40 7.26 -0.99
N ASP L 1262 -130.12 8.21 -0.39
CA ASP L 1262 -131.56 8.05 -0.03
C ASP L 1262 -132.36 9.21 -0.60
N GLU L 1263 -132.54 9.21 -1.93
CA GLU L 1263 -133.26 10.27 -2.67
C GLU L 1263 -133.96 9.62 -3.87
N PRO L 1264 -134.80 10.38 -4.63
CA PRO L 1264 -135.20 9.96 -5.97
C PRO L 1264 -133.98 9.84 -6.91
N PHE L 1265 -134.00 8.86 -7.81
CA PHE L 1265 -132.88 8.51 -8.72
C PHE L 1265 -132.87 9.49 -9.90
N ASN L 1266 -131.96 10.46 -9.86
CA ASN L 1266 -131.76 11.49 -10.91
C ASN L 1266 -130.25 11.70 -11.09
N LEU L 1267 -129.70 11.27 -12.22
CA LEU L 1267 -128.25 11.41 -12.56
C LEU L 1267 -128.01 12.71 -13.34
N ASP L 1268 -129.03 13.56 -13.51
CA ASP L 1268 -129.00 14.73 -14.41
C ASP L 1268 -128.81 16.01 -13.58
N PHE L 1269 -127.65 16.12 -12.93
CA PHE L 1269 -127.20 17.32 -12.17
C PHE L 1269 -125.73 17.58 -12.52
N ASP L 1270 -125.31 18.85 -12.56
CA ASP L 1270 -123.99 19.28 -13.06
C ASP L 1270 -122.94 18.91 -12.03
N PRO L 1271 -121.77 18.34 -12.41
CA PRO L 1271 -120.65 18.21 -11.49
C PRO L 1271 -120.20 19.58 -10.94
N ARG L 1272 -120.15 20.62 -11.77
CA ARG L 1272 -119.73 21.99 -11.35
C ARG L 1272 -120.58 22.52 -10.18
N ASP L 1273 -121.80 22.00 -9.96
CA ASP L 1273 -122.72 22.46 -8.88
C ASP L 1273 -122.27 21.92 -7.52
N VAL L 1274 -122.82 22.48 -6.44
CA VAL L 1274 -122.49 22.20 -5.00
C VAL L 1274 -123.51 21.20 -4.46
N ILE L 1275 -123.06 19.99 -4.13
CA ILE L 1275 -123.91 18.90 -3.56
C ILE L 1275 -124.06 19.16 -2.07
N LYS L 1276 -125.27 19.03 -1.52
CA LYS L 1276 -125.52 19.15 -0.05
C LYS L 1276 -126.05 17.83 0.53
N GLY L 1277 -125.61 17.51 1.75
CA GLY L 1277 -126.11 16.37 2.55
C GLY L 1277 -127.26 16.78 3.46
N LYS L 1278 -127.85 15.82 4.16
CA LYS L 1278 -128.84 16.05 5.25
C LYS L 1278 -128.12 16.61 6.48
N ASP L 1279 -128.86 17.31 7.35
CA ASP L 1279 -128.40 17.68 8.72
C ASP L 1279 -128.37 16.40 9.57
N PHE L 1280 -127.16 15.94 9.91
CA PHE L 1280 -126.90 14.65 10.60
C PHE L 1280 -126.55 14.92 12.06
N GLU L 1281 -127.30 14.35 13.00
CA GLU L 1281 -127.16 14.58 14.47
C GLU L 1281 -126.33 13.47 15.10
N ILE L 1282 -125.14 13.79 15.60
CA ILE L 1282 -124.22 12.78 16.22
C ILE L 1282 -124.87 12.31 17.53
N THR L 1283 -124.80 11.01 17.84
CA THR L 1283 -125.47 10.40 19.02
C THR L 1283 -124.60 9.29 19.61
N ALA L 1284 -124.63 9.17 20.93
CA ALA L 1284 -123.74 8.29 21.74
C ALA L 1284 -123.81 6.85 21.22
N LYS L 1285 -125.00 6.48 20.74
CA LYS L 1285 -125.34 5.18 20.08
C LYS L 1285 -124.38 4.96 18.90
N GLU L 1286 -124.27 5.92 17.97
CA GLU L 1286 -123.52 5.76 16.69
C GLU L 1286 -122.01 5.84 16.95
N VAL L 1287 -121.57 6.65 17.91
CA VAL L 1287 -120.12 6.78 18.26
C VAL L 1287 -119.68 5.50 18.99
N TYR L 1288 -120.57 4.88 19.76
CA TYR L 1288 -120.33 3.55 20.38
C TYR L 1288 -120.06 2.55 19.25
N ASP L 1289 -121.07 2.36 18.38
CA ASP L 1289 -121.09 1.32 17.29
C ASP L 1289 -119.90 1.51 16.35
N PHE L 1290 -119.56 2.75 16.02
CA PHE L 1290 -118.47 3.10 15.08
C PHE L 1290 -117.12 2.68 15.65
N THR L 1291 -116.83 3.10 16.88
CA THR L 1291 -115.52 2.90 17.57
C THR L 1291 -115.28 1.41 17.82
N HIS L 1292 -116.35 0.63 18.02
CA HIS L 1292 -116.27 -0.84 18.25
C HIS L 1292 -115.98 -1.56 16.94
N ALA L 1293 -116.48 -1.04 15.82
CA ALA L 1293 -116.25 -1.59 14.47
C ALA L 1293 -114.82 -1.32 13.98
N VAL L 1294 -114.08 -0.37 14.55
CA VAL L 1294 -112.71 -0.01 14.06
C VAL L 1294 -111.62 -0.38 15.07
N GLY L 1295 -111.97 -0.62 16.34
CA GLY L 1295 -111.00 -0.86 17.42
C GLY L 1295 -110.34 0.41 17.94
N ASN L 1296 -111.10 1.50 18.09
CA ASN L 1296 -110.65 2.80 18.67
C ASN L 1296 -111.07 2.83 20.14
N ASN L 1297 -110.27 2.22 21.03
CA ASN L 1297 -110.56 2.11 22.48
C ASN L 1297 -109.93 3.31 23.20
N CYS L 1298 -110.15 4.52 22.69
CA CYS L 1298 -109.62 5.79 23.24
C CYS L 1298 -110.72 6.38 24.12
N GLU L 1299 -110.32 6.87 25.30
CA GLU L 1299 -111.25 7.19 26.39
C GLU L 1299 -112.15 8.36 25.99
N ASP L 1300 -111.73 9.20 25.03
CA ASP L 1300 -112.45 10.46 24.71
C ASP L 1300 -113.83 10.15 24.13
N PHE L 1301 -114.05 8.94 23.63
CA PHE L 1301 -115.25 8.50 22.87
C PHE L 1301 -116.19 7.64 23.73
N VAL L 1302 -115.79 7.35 24.96
CA VAL L 1302 -116.57 6.51 25.92
C VAL L 1302 -117.40 7.44 26.80
N SER L 1303 -118.67 7.12 27.04
CA SER L 1303 -119.50 7.84 28.02
C SER L 1303 -118.84 7.65 29.37
N ARG L 1304 -118.57 8.75 30.08
CA ARG L 1304 -118.03 8.73 31.47
C ARG L 1304 -118.83 9.71 32.31
N PRO L 1305 -118.87 9.55 33.65
CA PRO L 1305 -119.59 10.51 34.50
C PRO L 1305 -118.91 11.89 34.41
N ASP L 1306 -119.72 12.95 34.31
CA ASP L 1306 -119.29 14.38 34.40
C ASP L 1306 -118.25 14.65 33.31
N ARG L 1307 -118.63 14.44 32.04
CA ARG L 1307 -117.77 14.60 30.83
C ARG L 1307 -118.63 14.55 29.56
N THR L 1308 -118.17 15.20 28.49
CA THR L 1308 -118.83 15.20 27.15
C THR L 1308 -118.12 14.21 26.24
N MET L 1309 -118.90 13.37 25.56
CA MET L 1309 -118.43 12.31 24.64
C MET L 1309 -118.05 12.97 23.31
N LEU L 1310 -116.79 12.89 22.93
CA LEU L 1310 -116.31 13.33 21.59
C LEU L 1310 -116.65 12.24 20.58
N ALA L 1311 -116.66 12.59 19.29
CA ALA L 1311 -116.67 11.65 18.15
C ALA L 1311 -115.30 11.71 17.51
N PRO L 1312 -114.76 10.59 16.99
CA PRO L 1312 -113.44 10.60 16.37
C PRO L 1312 -113.53 11.33 15.03
N MET L 1313 -112.42 11.82 14.48
CA MET L 1313 -112.49 12.64 13.23
C MET L 1313 -112.81 11.72 12.05
N ASP L 1314 -112.41 10.43 12.13
CA ASP L 1314 -112.80 9.32 11.22
C ASP L 1314 -114.30 9.34 10.94
N PHE L 1315 -115.08 9.68 11.95
CA PHE L 1315 -116.55 9.72 11.95
C PHE L 1315 -117.07 10.79 10.98
N ALA L 1316 -116.21 11.67 10.46
CA ALA L 1316 -116.60 12.66 9.43
C ALA L 1316 -117.14 11.93 8.20
N ILE L 1317 -116.43 10.89 7.74
CA ILE L 1317 -116.82 10.11 6.54
C ILE L 1317 -118.20 9.50 6.76
N VAL L 1318 -118.56 9.13 8.00
CA VAL L 1318 -119.92 8.63 8.36
C VAL L 1318 -120.93 9.72 8.01
N VAL L 1319 -120.64 10.95 8.41
CA VAL L 1319 -121.53 12.14 8.20
C VAL L 1319 -121.50 12.53 6.72
N GLY L 1320 -120.32 12.48 6.11
CA GLY L 1320 -120.04 13.09 4.80
C GLY L 1320 -120.35 12.19 3.61
N TRP L 1321 -120.59 10.90 3.82
CA TRP L 1321 -120.68 9.89 2.74
C TRP L 1321 -121.79 10.28 1.75
N ARG L 1322 -123.05 10.20 2.14
CA ARG L 1322 -124.19 10.55 1.24
C ARG L 1322 -123.73 11.60 0.22
N ALA L 1323 -123.08 12.69 0.66
CA ALA L 1323 -122.68 13.85 -0.18
C ALA L 1323 -121.41 13.57 -1.00
N ILE L 1324 -120.31 13.16 -0.37
CA ILE L 1324 -119.00 12.93 -1.05
C ILE L 1324 -119.16 11.89 -2.17
N ILE L 1325 -119.86 10.79 -1.90
CA ILE L 1325 -120.04 9.72 -2.92
C ILE L 1325 -121.01 10.24 -3.99
N LYS L 1326 -122.01 11.07 -3.64
CA LYS L 1326 -122.98 11.53 -4.67
C LYS L 1326 -122.26 12.28 -5.80
N ALA L 1327 -120.98 12.60 -5.67
CA ALA L 1327 -120.18 13.35 -6.66
C ALA L 1327 -119.67 12.47 -7.80
N ILE L 1328 -119.69 11.15 -7.68
CA ILE L 1328 -119.21 10.25 -8.76
C ILE L 1328 -120.38 9.69 -9.57
N PHE L 1329 -121.61 10.18 -9.36
CA PHE L 1329 -122.83 9.66 -10.03
C PHE L 1329 -123.22 10.40 -11.31
N PRO L 1330 -123.00 11.71 -11.50
CA PRO L 1330 -123.60 12.41 -12.63
C PRO L 1330 -123.34 11.75 -14.01
N ASN L 1331 -124.29 11.90 -14.95
CA ASN L 1331 -124.19 11.40 -16.35
C ASN L 1331 -122.86 11.82 -16.97
N THR L 1332 -122.44 13.06 -16.70
CA THR L 1332 -121.28 13.74 -17.33
C THR L 1332 -119.94 13.24 -16.75
N VAL L 1333 -119.97 12.31 -15.79
CA VAL L 1333 -118.77 11.61 -15.24
C VAL L 1333 -119.06 10.09 -15.25
N ASP L 1334 -119.23 9.55 -16.46
CA ASP L 1334 -119.66 8.16 -16.76
C ASP L 1334 -118.56 7.20 -16.26
N GLY L 1335 -118.93 6.10 -15.61
CA GLY L 1335 -117.93 5.18 -15.02
C GLY L 1335 -118.53 3.87 -14.51
N ASP L 1336 -117.84 2.76 -14.79
CA ASP L 1336 -118.20 1.40 -14.33
C ASP L 1336 -117.95 1.36 -12.83
N LEU L 1337 -119.01 1.50 -12.04
CA LEU L 1337 -118.93 1.69 -10.57
C LEU L 1337 -118.42 0.41 -9.88
N LEU L 1338 -118.56 -0.75 -10.52
CA LEU L 1338 -117.93 -2.03 -10.09
C LEU L 1338 -116.41 -1.94 -10.18
N LYS L 1339 -115.87 -1.16 -11.12
CA LYS L 1339 -114.40 -1.00 -11.36
C LYS L 1339 -113.83 0.22 -10.60
N LEU L 1340 -114.62 0.89 -9.74
CA LEU L 1340 -114.17 2.05 -8.94
C LEU L 1340 -113.07 1.65 -7.97
N VAL L 1341 -112.14 2.56 -7.70
CA VAL L 1341 -111.00 2.40 -6.77
C VAL L 1341 -110.86 3.70 -5.96
N HIS L 1342 -111.15 3.65 -4.65
CA HIS L 1342 -110.91 4.76 -3.68
C HIS L 1342 -109.40 4.85 -3.46
N LEU L 1343 -108.74 5.92 -3.93
CA LEU L 1343 -107.26 5.99 -4.00
C LEU L 1343 -106.74 6.53 -2.67
N SER L 1344 -107.26 7.70 -2.30
CA SER L 1344 -106.81 8.54 -1.17
C SER L 1344 -108.04 9.01 -0.40
N ASN L 1345 -107.90 9.23 0.90
CA ASN L 1345 -108.91 9.94 1.74
C ASN L 1345 -108.16 10.79 2.75
N GLY L 1346 -108.70 11.97 3.06
CA GLY L 1346 -108.01 12.96 3.92
C GLY L 1346 -108.98 13.71 4.80
N TYR L 1347 -108.64 13.88 6.08
CA TYR L 1347 -109.33 14.81 7.00
C TYR L 1347 -108.38 15.94 7.36
N LYS L 1348 -108.93 17.15 7.53
CA LYS L 1348 -108.18 18.36 7.93
C LYS L 1348 -109.14 19.19 8.77
N MET L 1349 -108.88 19.32 10.08
CA MET L 1349 -109.65 20.24 10.98
C MET L 1349 -109.31 21.68 10.57
N ILE L 1350 -110.32 22.54 10.43
CA ILE L 1350 -110.08 23.97 10.09
C ILE L 1350 -109.49 24.59 11.36
N PRO L 1351 -108.38 25.36 11.28
CA PRO L 1351 -107.70 25.82 12.48
C PRO L 1351 -108.65 26.72 13.28
N GLY L 1352 -108.73 26.46 14.59
CA GLY L 1352 -109.78 27.01 15.48
C GLY L 1352 -110.67 25.92 16.00
N ALA L 1353 -111.71 25.57 15.24
CA ALA L 1353 -112.91 24.82 15.69
C ALA L 1353 -112.51 23.52 16.40
N LYS L 1354 -113.21 23.26 17.52
CA LYS L 1354 -113.03 22.12 18.45
C LYS L 1354 -113.49 20.85 17.76
N PRO L 1355 -113.07 19.66 18.23
CA PRO L 1355 -113.48 18.40 17.58
C PRO L 1355 -115.00 18.15 17.73
N LEU L 1356 -115.50 17.16 16.98
CA LEU L 1356 -116.94 16.83 16.90
C LEU L 1356 -117.39 16.24 18.24
N GLN L 1357 -118.48 16.79 18.79
CA GLN L 1357 -119.06 16.41 20.11
C GLN L 1357 -120.20 15.43 19.85
N VAL L 1358 -120.91 14.97 20.88
CA VAL L 1358 -122.03 14.00 20.76
C VAL L 1358 -123.38 14.73 20.72
N GLY L 1359 -123.45 16.00 21.09
CA GLY L 1359 -124.71 16.76 20.96
C GLY L 1359 -124.96 17.16 19.52
N ASP L 1360 -123.87 17.39 18.77
CA ASP L 1360 -123.77 18.30 17.58
C ASP L 1360 -124.70 17.87 16.45
N VAL L 1361 -125.15 18.86 15.66
CA VAL L 1361 -125.91 18.73 14.38
C VAL L 1361 -125.04 19.27 13.25
N VAL L 1362 -124.49 18.37 12.41
CA VAL L 1362 -123.40 18.68 11.44
C VAL L 1362 -123.97 18.69 10.02
N SER L 1363 -124.04 19.87 9.40
CA SER L 1363 -124.38 20.10 7.98
C SER L 1363 -123.18 19.70 7.10
N THR L 1364 -123.42 18.90 6.06
CA THR L 1364 -122.40 18.52 5.05
C THR L 1364 -122.64 19.29 3.76
N THR L 1365 -121.56 19.60 3.05
CA THR L 1365 -121.56 20.14 1.67
C THR L 1365 -120.34 19.56 0.97
N ALA L 1366 -120.56 18.81 -0.11
CA ALA L 1366 -119.48 18.28 -0.96
C ALA L 1366 -119.45 19.09 -2.25
N VAL L 1367 -118.26 19.25 -2.78
CA VAL L 1367 -117.95 19.93 -4.07
C VAL L 1367 -116.96 19.03 -4.79
N ILE L 1368 -117.16 18.88 -6.08
CA ILE L 1368 -116.21 18.13 -6.94
C ILE L 1368 -115.15 19.13 -7.40
N GLU L 1369 -113.89 18.82 -7.13
CA GLU L 1369 -112.74 19.73 -7.32
C GLU L 1369 -112.16 19.54 -8.73
N SER L 1370 -112.00 18.30 -9.19
CA SER L 1370 -111.14 17.93 -10.34
C SER L 1370 -111.51 16.58 -10.94
N VAL L 1371 -112.01 16.57 -12.18
CA VAL L 1371 -112.34 15.35 -12.96
C VAL L 1371 -111.36 15.26 -14.13
N VAL L 1372 -110.32 14.44 -14.07
CA VAL L 1372 -109.34 14.39 -15.19
C VAL L 1372 -109.27 12.98 -15.76
N ASN L 1373 -109.30 12.86 -17.10
CA ASN L 1373 -109.04 11.59 -17.80
C ASN L 1373 -107.52 11.45 -17.84
N GLN L 1374 -106.98 10.51 -17.10
CA GLN L 1374 -105.58 10.04 -17.26
C GLN L 1374 -105.57 8.93 -18.31
N PRO L 1375 -104.40 8.56 -18.87
CA PRO L 1375 -104.30 7.43 -19.80
C PRO L 1375 -104.97 6.12 -19.37
N THR L 1376 -104.87 5.80 -18.08
CA THR L 1376 -105.23 4.49 -17.48
C THR L 1376 -106.60 4.56 -16.78
N GLY L 1377 -107.32 5.68 -16.85
CA GLY L 1377 -108.65 5.85 -16.21
C GLY L 1377 -109.01 7.30 -15.92
N LYS L 1378 -110.07 7.53 -15.16
CA LYS L 1378 -110.60 8.88 -14.80
C LYS L 1378 -110.49 9.08 -13.29
N ILE L 1379 -109.90 10.19 -12.87
CA ILE L 1379 -109.69 10.58 -11.45
C ILE L 1379 -110.74 11.62 -11.03
N VAL L 1380 -111.40 11.40 -9.90
CA VAL L 1380 -112.39 12.37 -9.35
C VAL L 1380 -111.95 12.75 -7.94
N ASP L 1381 -111.39 13.95 -7.77
CA ASP L 1381 -111.04 14.57 -6.46
C ASP L 1381 -112.30 15.28 -5.95
N VAL L 1382 -112.77 14.93 -4.75
CA VAL L 1382 -113.95 15.54 -4.09
C VAL L 1382 -113.53 16.22 -2.78
N VAL L 1383 -114.23 17.29 -2.39
CA VAL L 1383 -113.97 18.00 -1.11
C VAL L 1383 -115.29 18.24 -0.38
N GLY L 1384 -115.49 17.53 0.72
CA GLY L 1384 -116.59 17.71 1.67
C GLY L 1384 -116.19 18.67 2.76
N THR L 1385 -117.11 19.53 3.19
CA THR L 1385 -116.91 20.55 4.25
C THR L 1385 -118.02 20.33 5.30
N LEU L 1386 -117.65 19.96 6.53
CA LEU L 1386 -118.58 19.68 7.66
C LEU L 1386 -118.73 20.95 8.50
N SER L 1387 -119.94 21.47 8.64
CA SER L 1387 -120.23 22.75 9.33
C SER L 1387 -121.31 22.59 10.40
N ARG L 1388 -121.04 23.05 11.64
CA ARG L 1388 -122.02 23.07 12.77
C ARG L 1388 -122.24 24.52 13.24
N ASN L 1389 -123.49 24.91 13.45
CA ASN L 1389 -123.89 26.29 13.84
C ASN L 1389 -123.38 27.29 12.80
N GLY L 1390 -123.42 26.92 11.51
CA GLY L 1390 -122.98 27.76 10.38
C GLY L 1390 -121.55 28.24 10.53
N LYS L 1391 -120.63 27.36 10.93
CA LYS L 1391 -119.15 27.58 10.82
C LYS L 1391 -118.50 26.29 10.33
N PRO L 1392 -117.49 26.35 9.44
CA PRO L 1392 -116.75 25.13 9.06
C PRO L 1392 -116.01 24.51 10.26
N VAL L 1393 -116.04 23.18 10.36
CA VAL L 1393 -115.41 22.36 11.44
C VAL L 1393 -114.26 21.59 10.84
N MET L 1394 -114.51 20.76 9.82
CA MET L 1394 -113.41 20.12 9.05
C MET L 1394 -113.78 19.92 7.59
N GLU L 1395 -112.74 19.60 6.80
CA GLU L 1395 -112.75 19.26 5.36
C GLU L 1395 -112.35 17.80 5.21
N VAL L 1396 -113.18 17.01 4.50
CA VAL L 1396 -112.85 15.64 4.00
C VAL L 1396 -112.42 15.77 2.54
N THR L 1397 -111.29 15.19 2.13
CA THR L 1397 -110.76 15.22 0.73
C THR L 1397 -110.55 13.80 0.21
N SER L 1398 -111.57 13.21 -0.40
CA SER L 1398 -111.52 11.86 -1.03
C SER L 1398 -111.21 12.02 -2.51
N SER L 1399 -110.33 11.17 -3.06
CA SER L 1399 -110.08 11.00 -4.52
C SER L 1399 -110.40 9.57 -4.97
N PHE L 1400 -111.38 9.44 -5.86
CA PHE L 1400 -111.80 8.17 -6.52
C PHE L 1400 -111.22 8.09 -7.92
N PHE L 1401 -111.23 6.89 -8.49
CA PHE L 1401 -110.58 6.52 -9.77
C PHE L 1401 -111.39 5.43 -10.47
N TYR L 1402 -112.14 5.81 -11.50
CA TYR L 1402 -112.81 4.90 -12.46
C TYR L 1402 -111.79 4.34 -13.45
N ARG L 1403 -111.41 3.06 -13.35
CA ARG L 1403 -110.54 2.38 -14.35
C ARG L 1403 -111.31 2.27 -15.66
N GLY L 1404 -110.57 2.39 -16.77
CA GLY L 1404 -111.13 2.33 -18.13
C GLY L 1404 -110.41 3.27 -19.07
N ASN L 1405 -111.08 3.64 -20.16
CA ASN L 1405 -110.53 4.40 -21.31
C ASN L 1405 -111.55 5.48 -21.69
N TYR L 1406 -111.26 6.74 -21.34
CA TYR L 1406 -112.19 7.89 -21.48
C TYR L 1406 -111.58 8.90 -22.44
N THR L 1407 -112.44 9.53 -23.25
CA THR L 1407 -112.07 10.50 -24.33
C THR L 1407 -113.12 11.61 -24.28
N ASP L 1408 -113.44 12.03 -23.06
CA ASP L 1408 -114.67 12.75 -22.64
C ASP L 1408 -114.23 14.13 -22.14
N PHE L 1409 -113.27 14.76 -22.82
CA PHE L 1409 -112.50 15.93 -22.30
C PHE L 1409 -113.35 17.22 -22.24
N GLU L 1410 -114.61 17.18 -22.64
CA GLU L 1410 -115.56 18.32 -22.63
C GLU L 1410 -116.14 18.50 -21.23
N ASN L 1411 -116.09 17.42 -20.42
CA ASN L 1411 -116.73 17.27 -19.09
C ASN L 1411 -115.65 17.10 -18.01
N THR L 1412 -114.52 17.74 -18.24
CA THR L 1412 -113.26 17.51 -17.50
C THR L 1412 -112.79 18.89 -17.05
N PHE L 1413 -112.08 18.97 -15.93
CA PHE L 1413 -111.56 20.22 -15.32
C PHE L 1413 -110.71 19.88 -14.11
N GLN L 1414 -109.95 20.87 -13.62
CA GLN L 1414 -108.94 20.66 -12.56
C GLN L 1414 -108.58 22.01 -11.95
N LYS L 1415 -109.04 22.25 -10.73
CA LYS L 1415 -108.60 23.38 -9.87
C LYS L 1415 -107.50 22.86 -8.95
N THR L 1416 -106.23 23.18 -9.24
CA THR L 1416 -105.10 22.99 -8.29
C THR L 1416 -104.80 24.30 -7.56
N VAL L 1417 -104.32 24.19 -6.31
CA VAL L 1417 -103.78 25.29 -5.48
C VAL L 1417 -102.26 25.15 -5.47
N GLU L 1418 -101.57 26.07 -6.15
CA GLU L 1418 -100.12 25.95 -6.44
C GLU L 1418 -99.36 26.27 -5.16
N PRO L 1419 -98.09 25.83 -5.05
CA PRO L 1419 -97.29 26.18 -3.88
C PRO L 1419 -97.00 27.69 -3.91
N VAL L 1420 -96.82 28.28 -2.73
CA VAL L 1420 -96.60 29.75 -2.58
C VAL L 1420 -95.17 30.08 -3.03
N TYR L 1421 -95.03 31.00 -3.98
CA TYR L 1421 -93.75 31.36 -4.63
C TYR L 1421 -93.31 32.71 -4.10
N GLN L 1422 -92.02 32.83 -3.78
CA GLN L 1422 -91.42 34.02 -3.14
C GLN L 1422 -90.34 34.59 -4.06
N MET L 1423 -90.49 35.85 -4.47
CA MET L 1423 -89.47 36.62 -5.24
C MET L 1423 -88.90 37.74 -4.37
N HIS L 1424 -87.58 37.83 -4.24
CA HIS L 1424 -86.85 39.04 -3.76
C HIS L 1424 -86.58 39.95 -4.96
N ILE L 1425 -87.19 41.12 -4.99
CA ILE L 1425 -86.96 42.17 -6.04
C ILE L 1425 -85.71 42.96 -5.63
N LYS L 1426 -84.55 42.69 -6.25
CA LYS L 1426 -83.24 43.33 -5.91
C LYS L 1426 -83.05 44.58 -6.77
N THR L 1427 -83.23 44.44 -8.09
CA THR L 1427 -82.79 45.39 -9.14
C THR L 1427 -84.01 46.14 -9.71
N SER L 1428 -83.80 46.95 -10.75
CA SER L 1428 -84.87 47.67 -11.48
C SER L 1428 -85.21 46.96 -12.80
N LYS L 1429 -84.53 45.87 -13.15
CA LYS L 1429 -84.94 45.01 -14.30
C LYS L 1429 -85.96 43.98 -13.78
N ASP L 1430 -85.70 43.40 -12.61
CA ASP L 1430 -86.68 42.54 -11.88
C ASP L 1430 -88.04 43.24 -11.88
N ILE L 1431 -88.11 44.54 -11.62
CA ILE L 1431 -89.40 45.28 -11.52
C ILE L 1431 -89.98 45.45 -12.92
N ALA L 1432 -89.13 45.50 -13.96
CA ALA L 1432 -89.54 45.80 -15.35
C ALA L 1432 -90.03 44.53 -16.05
N VAL L 1433 -89.33 43.42 -15.83
CA VAL L 1433 -89.77 42.05 -16.25
C VAL L 1433 -91.16 41.77 -15.67
N LEU L 1434 -91.42 42.17 -14.43
CA LEU L 1434 -92.74 41.97 -13.75
C LEU L 1434 -93.80 42.93 -14.31
N ARG L 1435 -93.43 44.11 -14.79
CA ARG L 1435 -94.39 45.09 -15.37
C ARG L 1435 -94.69 44.69 -16.82
N SER L 1436 -93.75 43.98 -17.46
CA SER L 1436 -93.93 43.28 -18.75
C SER L 1436 -95.23 42.49 -18.71
N LYS L 1437 -95.35 41.59 -17.73
CA LYS L 1437 -96.45 40.59 -17.57
C LYS L 1437 -97.80 41.31 -17.40
N GLU L 1438 -98.69 41.16 -18.38
CA GLU L 1438 -100.10 41.65 -18.38
C GLU L 1438 -100.82 41.19 -17.11
N TRP L 1439 -100.47 40.00 -16.61
CA TRP L 1439 -101.12 39.28 -15.50
C TRP L 1439 -100.71 39.77 -14.11
N PHE L 1440 -99.75 40.71 -14.02
CA PHE L 1440 -99.31 41.36 -12.76
C PHE L 1440 -100.10 42.66 -12.56
N GLN L 1441 -101.34 42.57 -12.10
CA GLN L 1441 -102.15 43.76 -11.75
C GLN L 1441 -101.67 44.25 -10.37
N LEU L 1442 -101.61 45.58 -10.15
CA LEU L 1442 -101.34 46.20 -8.82
C LEU L 1442 -102.46 47.18 -8.50
N ASP L 1443 -102.84 47.27 -7.22
CA ASP L 1443 -103.97 48.11 -6.74
C ASP L 1443 -103.61 49.58 -6.97
N ASP L 1444 -102.33 49.93 -6.73
CA ASP L 1444 -101.69 51.24 -7.00
C ASP L 1444 -100.44 50.99 -7.85
N GLU L 1445 -100.49 51.32 -9.15
CA GLU L 1445 -99.44 51.00 -10.17
C GLU L 1445 -98.14 51.79 -9.88
N ASP L 1446 -98.21 52.82 -9.02
CA ASP L 1446 -97.07 53.69 -8.61
C ASP L 1446 -96.29 53.08 -7.45
N PHE L 1447 -96.75 51.96 -6.87
CA PHE L 1447 -96.16 51.28 -5.68
C PHE L 1447 -94.69 50.95 -5.94
N ASP L 1448 -93.80 51.28 -4.99
CA ASP L 1448 -92.34 50.99 -5.11
C ASP L 1448 -92.08 49.53 -4.74
N LEU L 1449 -91.51 48.75 -5.66
CA LEU L 1449 -91.27 47.28 -5.51
C LEU L 1449 -89.84 47.00 -5.06
N LEU L 1450 -88.97 48.00 -5.04
CA LEU L 1450 -87.50 47.80 -5.01
C LEU L 1450 -87.09 47.38 -3.60
N ASN L 1451 -86.43 46.22 -3.48
CA ASN L 1451 -85.89 45.59 -2.24
C ASN L 1451 -87.00 44.95 -1.40
N LYS L 1452 -88.27 45.13 -1.79
CA LYS L 1452 -89.40 44.39 -1.21
C LYS L 1452 -89.30 42.90 -1.57
N THR L 1453 -89.99 42.07 -0.78
CA THR L 1453 -90.15 40.61 -1.00
C THR L 1453 -91.62 40.31 -1.29
N LEU L 1454 -91.89 39.65 -2.40
CA LEU L 1454 -93.26 39.36 -2.91
C LEU L 1454 -93.56 37.88 -2.74
N THR L 1455 -94.79 37.54 -2.37
CA THR L 1455 -95.30 36.15 -2.32
C THR L 1455 -96.55 36.05 -3.21
N PHE L 1456 -96.57 35.07 -4.11
CA PHE L 1456 -97.68 34.81 -5.05
C PHE L 1456 -98.47 33.61 -4.54
N GLU L 1457 -99.71 33.83 -4.08
CA GLU L 1457 -100.61 32.77 -3.54
C GLU L 1457 -101.70 32.49 -4.59
N THR L 1458 -101.52 31.41 -5.35
CA THR L 1458 -102.06 31.25 -6.72
C THR L 1458 -102.83 29.92 -6.79
N GLU L 1459 -104.06 29.95 -7.33
CA GLU L 1459 -104.81 28.74 -7.76
C GLU L 1459 -105.02 28.82 -9.27
N THR L 1460 -105.05 27.69 -9.97
CA THR L 1460 -105.18 27.62 -11.44
C THR L 1460 -106.28 26.62 -11.82
N GLU L 1461 -107.43 27.14 -12.30
CA GLU L 1461 -108.56 26.39 -12.95
C GLU L 1461 -108.22 26.12 -14.43
N VAL L 1462 -108.52 24.94 -14.94
CA VAL L 1462 -108.02 24.44 -16.24
C VAL L 1462 -108.98 23.38 -16.79
N THR L 1463 -109.85 23.76 -17.75
CA THR L 1463 -110.61 22.85 -18.66
C THR L 1463 -109.65 22.22 -19.67
N PHE L 1464 -110.04 21.13 -20.34
CA PHE L 1464 -109.17 20.34 -21.25
C PHE L 1464 -109.76 20.29 -22.67
N LYS L 1465 -108.90 19.93 -23.64
CA LYS L 1465 -109.21 19.66 -25.07
C LYS L 1465 -108.82 18.21 -25.38
N ASN L 1466 -107.56 17.87 -25.06
CA ASN L 1466 -106.98 16.51 -25.09
C ASN L 1466 -106.24 16.29 -23.77
N ALA L 1467 -105.47 15.22 -23.65
CA ALA L 1467 -104.57 14.95 -22.49
C ALA L 1467 -103.63 16.15 -22.27
N ASN L 1468 -103.15 16.78 -23.35
CA ASN L 1468 -101.95 17.66 -23.36
C ASN L 1468 -102.31 19.14 -23.52
N ILE L 1469 -103.40 19.48 -24.20
CA ILE L 1469 -103.75 20.89 -24.57
C ILE L 1469 -104.96 21.35 -23.74
N PHE L 1470 -104.80 22.36 -22.90
CA PHE L 1470 -105.89 22.93 -22.08
C PHE L 1470 -106.74 23.82 -23.00
N SER L 1471 -108.06 23.67 -22.97
CA SER L 1471 -109.02 24.46 -23.78
C SER L 1471 -109.32 25.80 -23.09
N SER L 1472 -108.70 26.02 -21.93
CA SER L 1472 -108.89 27.23 -21.08
C SER L 1472 -107.96 27.13 -19.88
N VAL L 1473 -107.23 28.20 -19.58
CA VAL L 1473 -106.43 28.33 -18.34
C VAL L 1473 -106.87 29.59 -17.62
N LYS L 1474 -106.88 29.53 -16.30
CA LYS L 1474 -107.15 30.65 -15.38
C LYS L 1474 -106.17 30.48 -14.22
N CYS L 1475 -105.55 31.57 -13.77
CA CYS L 1475 -104.50 31.55 -12.73
C CYS L 1475 -104.59 32.88 -11.98
N PHE L 1476 -105.10 32.86 -10.76
CA PHE L 1476 -105.49 34.08 -10.00
C PHE L 1476 -105.15 33.90 -8.52
N GLY L 1477 -105.51 34.92 -7.74
CA GLY L 1477 -105.17 34.97 -6.31
C GLY L 1477 -104.09 36.02 -6.05
N PRO L 1478 -103.93 36.42 -4.78
CA PRO L 1478 -103.30 37.69 -4.45
C PRO L 1478 -101.77 37.65 -4.40
N ILE L 1479 -101.14 38.76 -4.79
CA ILE L 1479 -99.72 39.10 -4.58
C ILE L 1479 -99.62 39.84 -3.24
N LYS L 1480 -98.65 39.46 -2.41
CA LYS L 1480 -98.45 40.02 -1.06
C LYS L 1480 -97.01 40.47 -0.91
N VAL L 1481 -96.79 41.58 -0.19
CA VAL L 1481 -95.44 42.12 0.14
C VAL L 1481 -95.17 41.89 1.63
N GLU L 1482 -93.98 41.38 1.97
CA GLU L 1482 -93.47 41.29 3.37
C GLU L 1482 -93.19 42.71 3.86
N LEU L 1483 -93.80 43.07 4.99
CA LEU L 1483 -93.54 44.33 5.76
C LEU L 1483 -92.30 44.14 6.64
N PRO L 1484 -91.84 45.17 7.39
CA PRO L 1484 -90.69 45.01 8.29
C PRO L 1484 -90.99 44.23 9.57
N THR L 1485 -92.27 43.91 9.84
CA THR L 1485 -92.70 43.01 10.96
C THR L 1485 -92.65 41.55 10.51
N LYS L 1486 -92.58 41.28 9.20
CA LYS L 1486 -92.63 39.92 8.57
C LYS L 1486 -94.08 39.48 8.33
N GLU L 1487 -95.07 40.22 8.82
CA GLU L 1487 -96.47 40.18 8.34
C GLU L 1487 -96.46 40.47 6.84
N THR L 1488 -97.27 39.76 6.04
CA THR L 1488 -97.51 40.02 4.60
C THR L 1488 -98.86 40.75 4.43
N VAL L 1489 -99.01 41.50 3.34
CA VAL L 1489 -100.19 42.38 3.06
C VAL L 1489 -100.45 42.38 1.54
N GLU L 1490 -101.71 42.21 1.14
CA GLU L 1490 -102.13 42.18 -0.28
C GLU L 1490 -101.87 43.55 -0.91
N ILE L 1491 -100.99 43.60 -1.93
CA ILE L 1491 -100.75 44.80 -2.78
C ILE L 1491 -101.35 44.59 -4.19
N GLY L 1492 -101.41 43.34 -4.67
CA GLY L 1492 -101.72 43.04 -6.07
C GLY L 1492 -102.57 41.79 -6.25
N ILE L 1493 -102.92 41.55 -7.51
CA ILE L 1493 -103.71 40.40 -8.04
C ILE L 1493 -102.87 39.77 -9.16
N VAL L 1494 -102.98 38.46 -9.34
CA VAL L 1494 -102.66 37.73 -10.60
C VAL L 1494 -104.00 37.53 -11.31
N ASP L 1495 -104.07 37.74 -12.63
CA ASP L 1495 -105.34 37.70 -13.40
C ASP L 1495 -105.04 37.23 -14.83
N TYR L 1496 -104.29 36.14 -14.96
CA TYR L 1496 -104.07 35.41 -16.24
C TYR L 1496 -105.34 34.63 -16.61
N GLU L 1497 -105.81 34.83 -17.85
CA GLU L 1497 -106.83 34.00 -18.57
C GLU L 1497 -106.20 33.56 -19.89
N ALA L 1498 -106.94 32.77 -20.69
CA ALA L 1498 -106.42 32.11 -21.91
C ALA L 1498 -107.46 31.12 -22.47
N GLY L 1499 -107.42 30.90 -23.79
CA GLY L 1499 -107.97 29.70 -24.46
C GLY L 1499 -106.86 28.68 -24.65
N ALA L 1500 -106.90 27.91 -25.75
CA ALA L 1500 -105.98 26.78 -26.01
C ALA L 1500 -104.58 27.14 -25.49
N SER L 1501 -103.95 26.25 -24.72
CA SER L 1501 -102.62 26.46 -24.11
C SER L 1501 -101.99 25.12 -23.73
N HIS L 1502 -100.69 24.95 -23.96
CA HIS L 1502 -99.94 23.72 -23.59
C HIS L 1502 -99.32 23.88 -22.19
N GLY L 1503 -99.67 24.94 -21.44
CA GLY L 1503 -99.12 25.17 -20.09
C GLY L 1503 -99.60 26.47 -19.47
N ASN L 1504 -99.22 26.67 -18.20
CA ASN L 1504 -99.55 27.83 -17.33
C ASN L 1504 -98.27 28.67 -17.23
N PRO L 1505 -98.20 29.84 -17.90
CA PRO L 1505 -96.94 30.56 -18.02
C PRO L 1505 -96.55 31.21 -16.68
N VAL L 1506 -97.54 31.56 -15.86
CA VAL L 1506 -97.37 32.18 -14.51
C VAL L 1506 -96.50 31.28 -13.63
N VAL L 1507 -96.86 30.01 -13.51
CA VAL L 1507 -96.21 29.09 -12.54
C VAL L 1507 -94.81 28.77 -13.06
N ASP L 1508 -94.65 28.72 -14.39
CA ASP L 1508 -93.34 28.59 -15.07
C ASP L 1508 -92.46 29.78 -14.68
N PHE L 1509 -92.98 31.01 -14.82
CA PHE L 1509 -92.26 32.27 -14.52
C PHE L 1509 -91.74 32.28 -13.08
N LEU L 1510 -92.60 31.91 -12.16
CA LEU L 1510 -92.34 31.93 -10.69
C LEU L 1510 -91.46 30.74 -10.27
N LYS L 1511 -91.45 29.62 -11.00
CA LYS L 1511 -90.53 28.48 -10.68
C LYS L 1511 -89.09 28.91 -10.93
N ARG L 1512 -88.84 29.54 -12.08
CA ARG L 1512 -87.49 30.02 -12.48
C ARG L 1512 -87.13 31.21 -11.59
N ASN L 1513 -87.94 32.26 -11.62
CA ASN L 1513 -87.55 33.59 -11.06
C ASN L 1513 -87.68 33.58 -9.53
N GLY L 1514 -88.70 32.92 -8.98
CA GLY L 1514 -88.96 32.86 -7.53
C GLY L 1514 -88.34 31.64 -6.88
N SER L 1515 -88.98 31.15 -5.82
CA SER L 1515 -88.61 29.94 -5.01
C SER L 1515 -89.79 29.58 -4.09
N THR L 1516 -89.98 28.29 -3.78
CA THR L 1516 -91.18 27.78 -3.07
C THR L 1516 -91.04 27.95 -1.55
N LEU L 1517 -92.14 28.29 -0.87
CA LEU L 1517 -92.24 28.38 0.61
C LEU L 1517 -92.85 27.09 1.16
N GLU L 1518 -92.04 26.03 1.23
CA GLU L 1518 -92.45 24.72 1.80
C GLU L 1518 -92.73 24.91 3.30
N GLN L 1519 -93.98 24.65 3.72
CA GLN L 1519 -94.44 24.66 5.13
C GLN L 1519 -93.85 23.50 5.92
N LYS L 1520 -93.82 22.30 5.34
CA LYS L 1520 -93.30 21.06 5.96
C LYS L 1520 -91.78 21.16 6.05
N VAL L 1521 -91.26 21.22 7.27
CA VAL L 1521 -89.79 21.22 7.54
C VAL L 1521 -89.40 19.86 8.09
N ASN L 1522 -88.46 19.18 7.44
CA ASN L 1522 -87.99 17.83 7.86
C ASN L 1522 -87.03 17.98 9.02
N LEU L 1523 -87.18 17.12 10.03
CA LEU L 1523 -86.18 16.84 11.09
C LEU L 1523 -84.86 16.37 10.45
N GLU L 1524 -83.75 16.51 11.17
CA GLU L 1524 -82.41 16.04 10.72
C GLU L 1524 -82.50 14.56 10.33
N ASN L 1525 -82.97 13.72 11.27
CA ASN L 1525 -83.23 12.27 11.06
C ASN L 1525 -84.62 11.92 11.59
N PRO L 1526 -85.37 11.01 10.93
CA PRO L 1526 -86.68 10.59 11.42
C PRO L 1526 -86.56 9.95 12.81
N ILE L 1527 -87.61 10.06 13.61
CA ILE L 1527 -87.68 9.49 14.98
C ILE L 1527 -88.65 8.33 14.95
N PRO L 1528 -88.20 7.07 15.15
CA PRO L 1528 -89.12 5.94 15.25
C PRO L 1528 -90.02 6.13 16.47
N ILE L 1529 -91.32 5.89 16.33
CA ILE L 1529 -92.31 5.94 17.44
C ILE L 1529 -92.71 4.51 17.80
N ALA L 1530 -93.21 3.74 16.82
CA ALA L 1530 -93.76 2.39 17.04
C ALA L 1530 -93.77 1.55 15.76
N VAL L 1531 -93.78 0.22 15.92
CA VAL L 1531 -94.14 -0.78 14.86
C VAL L 1531 -95.23 -1.67 15.45
N LEU L 1532 -96.45 -1.56 14.91
CA LEU L 1532 -97.71 -2.01 15.56
C LEU L 1532 -98.45 -2.99 14.66
N ASP L 1533 -99.24 -3.84 15.29
CA ASP L 1533 -99.88 -5.05 14.70
C ASP L 1533 -101.38 -4.88 14.84
N SER L 1534 -102.10 -4.74 13.73
CA SER L 1534 -103.58 -4.73 13.68
C SER L 1534 -104.02 -5.88 12.78
N TYR L 1535 -105.16 -6.48 13.11
CA TYR L 1535 -105.85 -7.45 12.23
C TYR L 1535 -106.95 -6.70 11.50
N THR L 1536 -107.33 -7.23 10.34
CA THR L 1536 -108.59 -6.86 9.67
C THR L 1536 -109.63 -7.78 10.27
N PRO L 1537 -110.91 -7.37 10.36
CA PRO L 1537 -111.95 -8.21 10.93
C PRO L 1537 -112.40 -9.29 9.93
N SER L 1538 -112.84 -10.44 10.42
CA SER L 1538 -113.27 -11.63 9.64
C SER L 1538 -114.42 -11.26 8.70
N THR L 1539 -115.32 -10.38 9.17
CA THR L 1539 -116.49 -9.91 8.41
C THR L 1539 -116.40 -8.38 8.28
N ASN L 1540 -117.02 -7.85 7.24
CA ASN L 1540 -117.07 -6.42 6.90
C ASN L 1540 -118.51 -5.93 7.02
N GLU L 1541 -119.43 -6.75 7.52
CA GLU L 1541 -120.85 -6.34 7.75
C GLU L 1541 -120.93 -5.35 8.92
N PRO L 1542 -120.12 -5.47 10.01
CA PRO L 1542 -120.08 -4.45 11.05
C PRO L 1542 -119.76 -3.06 10.51
N TYR L 1543 -118.60 -2.87 9.87
CA TYR L 1543 -118.17 -1.53 9.36
C TYR L 1543 -119.22 -0.96 8.40
N ALA L 1544 -119.76 -1.78 7.50
CA ALA L 1544 -120.76 -1.39 6.47
C ALA L 1544 -122.02 -0.80 7.12
N ARG L 1545 -122.50 -1.40 8.23
CA ARG L 1545 -123.73 -0.96 8.94
C ARG L 1545 -123.54 0.49 9.39
N VAL L 1546 -122.41 0.79 10.05
CA VAL L 1546 -122.19 2.05 10.82
C VAL L 1546 -121.85 3.20 9.85
N SER L 1547 -121.00 2.93 8.85
CA SER L 1547 -120.54 3.91 7.81
C SER L 1547 -121.64 4.18 6.78
N GLY L 1548 -122.27 3.13 6.27
CA GLY L 1548 -123.29 3.22 5.20
C GLY L 1548 -122.70 2.94 3.83
N ASP L 1549 -121.41 2.57 3.78
CA ASP L 1549 -120.75 1.97 2.59
C ASP L 1549 -121.26 0.54 2.45
N LEU L 1550 -122.44 0.37 1.83
CA LEU L 1550 -123.01 -0.95 1.47
C LEU L 1550 -122.50 -1.40 0.09
N ASN L 1551 -121.29 -1.03 -0.31
CA ASN L 1551 -120.66 -1.53 -1.57
C ASN L 1551 -120.63 -3.04 -1.47
N PRO L 1552 -121.39 -3.76 -2.33
CA PRO L 1552 -121.47 -5.22 -2.24
C PRO L 1552 -120.12 -5.95 -2.33
N ILE L 1553 -119.11 -5.39 -3.00
CA ILE L 1553 -117.80 -6.07 -3.22
C ILE L 1553 -117.15 -6.43 -1.89
N HIS L 1554 -117.64 -5.88 -0.76
CA HIS L 1554 -117.03 -6.02 0.58
C HIS L 1554 -117.68 -7.18 1.33
N VAL L 1555 -118.89 -7.57 0.94
CA VAL L 1555 -119.75 -8.47 1.75
C VAL L 1555 -120.20 -9.72 0.97
N SER L 1556 -120.20 -9.67 -0.37
CA SER L 1556 -120.88 -10.68 -1.24
C SER L 1556 -119.90 -11.31 -2.24
N ARG L 1557 -119.65 -12.61 -2.10
CA ARG L 1557 -118.65 -13.37 -2.87
C ARG L 1557 -118.94 -13.28 -4.37
N HIS L 1558 -120.22 -13.20 -4.76
CA HIS L 1558 -120.60 -13.06 -6.19
C HIS L 1558 -120.12 -11.73 -6.76
N PHE L 1559 -120.38 -10.60 -6.10
CA PHE L 1559 -119.99 -9.27 -6.65
C PHE L 1559 -118.48 -9.14 -6.66
N ALA L 1560 -117.81 -9.64 -5.62
CA ALA L 1560 -116.33 -9.64 -5.56
C ALA L 1560 -115.76 -10.36 -6.79
N SER L 1561 -116.32 -11.52 -7.14
CA SER L 1561 -115.92 -12.36 -8.29
C SER L 1561 -116.26 -11.65 -9.59
N TYR L 1562 -117.47 -11.09 -9.70
CA TYR L 1562 -117.91 -10.37 -10.92
C TYR L 1562 -117.01 -9.15 -11.20
N ALA L 1563 -116.29 -8.63 -10.21
CA ALA L 1563 -115.40 -7.45 -10.31
C ALA L 1563 -113.93 -7.86 -10.26
N ASN L 1564 -113.64 -9.16 -10.31
CA ASN L 1564 -112.28 -9.73 -10.47
C ASN L 1564 -111.39 -9.43 -9.26
N LEU L 1565 -111.97 -9.34 -8.06
CA LEU L 1565 -111.18 -9.08 -6.82
C LEU L 1565 -110.78 -10.42 -6.22
N PRO L 1566 -109.75 -10.47 -5.34
CA PRO L 1566 -109.31 -11.73 -4.75
C PRO L 1566 -110.26 -12.29 -3.67
N GLY L 1567 -111.37 -11.62 -3.41
CA GLY L 1567 -112.40 -12.04 -2.43
C GLY L 1567 -113.12 -10.82 -1.92
N THR L 1568 -114.15 -11.00 -1.09
CA THR L 1568 -114.79 -9.91 -0.30
C THR L 1568 -113.68 -9.13 0.40
N ILE L 1569 -113.30 -7.95 -0.09
CA ILE L 1569 -112.13 -7.19 0.47
C ILE L 1569 -112.58 -6.28 1.62
N THR L 1570 -111.69 -6.08 2.58
CA THR L 1570 -111.83 -5.09 3.67
C THR L 1570 -112.04 -3.70 3.07
N HIS L 1571 -113.01 -2.95 3.57
CA HIS L 1571 -113.17 -1.52 3.24
C HIS L 1571 -111.83 -0.83 3.50
N GLY L 1572 -111.34 -0.01 2.57
CA GLY L 1572 -110.12 0.79 2.77
C GLY L 1572 -110.34 1.69 3.95
N MET L 1573 -111.54 2.27 4.03
CA MET L 1573 -111.95 3.29 5.03
C MET L 1573 -111.98 2.70 6.46
N PHE L 1574 -112.03 1.38 6.60
CA PHE L 1574 -111.78 0.65 7.87
C PHE L 1574 -110.28 0.70 8.16
N SER L 1575 -109.43 0.34 7.20
CA SER L 1575 -107.95 0.31 7.39
C SER L 1575 -107.44 1.72 7.72
N SER L 1576 -108.05 2.77 7.15
CA SER L 1576 -107.76 4.19 7.47
C SER L 1576 -107.94 4.34 8.97
N ALA L 1577 -109.17 4.16 9.45
CA ALA L 1577 -109.58 4.36 10.86
C ALA L 1577 -108.74 3.48 11.79
N SER L 1578 -108.71 2.18 11.58
CA SER L 1578 -107.84 1.24 12.35
C SER L 1578 -106.47 1.87 12.55
N VAL L 1579 -105.78 2.24 11.48
CA VAL L 1579 -104.39 2.78 11.55
C VAL L 1579 -104.37 4.12 12.26
N ARG L 1580 -105.40 4.99 12.11
CA ARG L 1580 -105.40 6.32 12.75
C ARG L 1580 -105.74 6.19 14.23
N ALA L 1581 -106.32 5.08 14.66
CA ALA L 1581 -106.52 4.77 16.09
C ALA L 1581 -105.19 4.42 16.75
N LEU L 1582 -104.21 3.92 15.99
CA LEU L 1582 -102.84 3.62 16.50
C LEU L 1582 -102.00 4.89 16.51
N ILE L 1583 -102.25 5.81 15.57
CA ILE L 1583 -101.59 7.15 15.49
C ILE L 1583 -102.05 7.93 16.73
N GLU L 1584 -103.36 7.97 16.94
CA GLU L 1584 -104.02 8.65 18.08
C GLU L 1584 -103.51 8.09 19.42
N ASN L 1585 -103.20 6.81 19.50
CA ASN L 1585 -102.78 6.17 20.78
C ASN L 1585 -101.29 6.36 21.04
N TRP L 1586 -100.38 6.24 20.07
CA TRP L 1586 -98.92 6.33 20.33
C TRP L 1586 -98.37 7.75 20.12
N ALA L 1587 -98.68 8.40 19.01
CA ALA L 1587 -98.16 9.74 18.66
C ALA L 1587 -98.84 10.85 19.47
N ALA L 1588 -100.15 10.78 19.65
CA ALA L 1588 -100.93 11.80 20.39
C ALA L 1588 -101.16 11.39 21.85
N ASP L 1589 -100.51 10.33 22.33
CA ASP L 1589 -100.64 9.78 23.71
C ASP L 1589 -102.11 9.88 24.16
N SER L 1590 -103.01 9.33 23.36
CA SER L 1590 -104.45 9.06 23.62
C SER L 1590 -105.24 10.35 23.87
N VAL L 1591 -104.81 11.48 23.31
CA VAL L 1591 -105.59 12.74 23.27
C VAL L 1591 -106.13 12.95 21.84
N SER L 1592 -107.39 12.62 21.60
CA SER L 1592 -108.08 12.78 20.29
C SER L 1592 -107.82 14.18 19.70
N SER L 1593 -107.93 15.23 20.52
CA SER L 1593 -107.94 16.66 20.07
C SER L 1593 -106.60 17.07 19.46
N ARG L 1594 -105.51 16.40 19.84
CA ARG L 1594 -104.14 16.69 19.34
C ARG L 1594 -104.03 16.35 17.84
N VAL L 1595 -104.64 15.26 17.39
CA VAL L 1595 -104.56 14.80 15.97
C VAL L 1595 -105.59 15.66 15.24
N ARG L 1596 -105.12 16.29 14.16
CA ARG L 1596 -105.53 17.66 13.75
C ARG L 1596 -105.70 17.71 12.23
N GLY L 1597 -104.93 16.89 11.53
CA GLY L 1597 -105.25 16.38 10.19
C GLY L 1597 -104.61 15.03 9.93
N TYR L 1598 -105.23 14.26 9.05
CA TYR L 1598 -104.91 12.84 8.76
C TYR L 1598 -105.22 12.54 7.30
N THR L 1599 -104.30 11.92 6.58
CA THR L 1599 -104.33 11.71 5.11
C THR L 1599 -103.78 10.33 4.81
N CYS L 1600 -104.51 9.54 4.00
CA CYS L 1600 -104.30 8.08 3.78
C CYS L 1600 -104.38 7.71 2.29
N GLN L 1601 -103.29 7.22 1.68
CA GLN L 1601 -103.25 6.64 0.30
C GLN L 1601 -103.43 5.13 0.39
N PHE L 1602 -104.40 4.57 -0.33
CA PHE L 1602 -104.73 3.12 -0.39
C PHE L 1602 -103.94 2.48 -1.52
N VAL L 1603 -102.80 1.90 -1.17
CA VAL L 1603 -101.77 1.41 -2.14
C VAL L 1603 -102.25 0.08 -2.73
N ASP L 1604 -102.78 -0.80 -1.89
CA ASP L 1604 -103.12 -2.20 -2.26
C ASP L 1604 -104.43 -2.62 -1.57
N MET L 1605 -104.84 -3.87 -1.77
CA MET L 1605 -106.10 -4.43 -1.20
C MET L 1605 -105.75 -5.38 -0.07
N VAL L 1606 -106.68 -5.57 0.86
CA VAL L 1606 -106.49 -6.38 2.09
C VAL L 1606 -107.75 -7.20 2.32
N LEU L 1607 -107.60 -8.52 2.43
CA LEU L 1607 -108.72 -9.45 2.68
C LEU L 1607 -108.91 -9.61 4.18
N PRO L 1608 -110.11 -10.07 4.62
CA PRO L 1608 -110.34 -10.41 6.03
C PRO L 1608 -109.30 -11.37 6.66
N ASN L 1609 -109.05 -11.19 7.95
CA ASN L 1609 -108.13 -12.00 8.79
C ASN L 1609 -106.67 -11.86 8.31
N THR L 1610 -106.30 -10.77 7.62
CA THR L 1610 -104.88 -10.40 7.36
C THR L 1610 -104.33 -9.75 8.64
N ALA L 1611 -103.00 -9.73 8.77
CA ALA L 1611 -102.25 -9.17 9.91
C ALA L 1611 -101.29 -8.10 9.38
N LEU L 1612 -101.52 -6.85 9.79
CA LEU L 1612 -100.87 -5.63 9.26
C LEU L 1612 -99.85 -5.10 10.26
N LYS L 1613 -98.55 -5.07 9.90
CA LYS L 1613 -97.51 -4.29 10.60
C LYS L 1613 -97.54 -2.84 10.08
N THR L 1614 -97.82 -1.86 10.95
CA THR L 1614 -97.73 -0.42 10.61
C THR L 1614 -96.60 0.22 11.41
N SER L 1615 -95.52 0.59 10.73
CA SER L 1615 -94.44 1.49 11.23
C SER L 1615 -94.98 2.92 11.27
N ILE L 1616 -94.47 3.72 12.21
CA ILE L 1616 -94.90 5.10 12.53
C ILE L 1616 -93.63 5.88 12.83
N GLN L 1617 -93.49 7.08 12.27
CA GLN L 1617 -92.28 7.92 12.43
C GLN L 1617 -92.73 9.39 12.53
N HIS L 1618 -92.00 10.16 13.34
CA HIS L 1618 -92.00 11.64 13.37
C HIS L 1618 -90.93 12.07 12.38
N VAL L 1619 -91.34 12.71 11.29
CA VAL L 1619 -90.47 12.96 10.11
C VAL L 1619 -90.13 14.45 9.99
N GLY L 1620 -90.97 15.31 10.54
CA GLY L 1620 -90.93 16.75 10.28
C GLY L 1620 -91.92 17.49 11.15
N MET L 1621 -92.00 18.80 10.95
CA MET L 1621 -92.88 19.70 11.71
C MET L 1621 -93.59 20.59 10.69
N ILE L 1622 -94.76 21.13 11.02
CA ILE L 1622 -95.53 22.06 10.13
C ILE L 1622 -96.39 22.98 11.00
N ASN L 1623 -95.99 24.24 11.18
CA ASN L 1623 -96.66 25.21 12.10
C ASN L 1623 -96.77 24.59 13.50
N GLY L 1624 -95.69 23.96 13.96
CA GLY L 1624 -95.62 23.34 15.29
C GLY L 1624 -96.76 22.37 15.56
N ARG L 1625 -97.23 21.70 14.50
CA ARG L 1625 -97.87 20.37 14.60
C ARG L 1625 -96.76 19.42 14.16
N LYS L 1626 -96.64 18.27 14.80
CA LYS L 1626 -95.74 17.19 14.36
C LYS L 1626 -96.30 16.59 13.07
N LEU L 1627 -95.41 16.11 12.19
CA LEU L 1627 -95.73 15.52 10.87
C LEU L 1627 -95.29 14.07 10.94
N ILE L 1628 -96.25 13.14 10.86
CA ILE L 1628 -96.06 11.71 11.21
C ILE L 1628 -96.43 10.83 10.03
N LYS L 1629 -95.43 10.46 9.25
CA LYS L 1629 -95.49 9.46 8.16
C LYS L 1629 -95.69 8.08 8.76
N PHE L 1630 -96.69 7.32 8.29
CA PHE L 1630 -96.78 5.86 8.56
C PHE L 1630 -96.76 5.10 7.25
N GLU L 1631 -96.60 3.79 7.38
CA GLU L 1631 -96.80 2.82 6.27
C GLU L 1631 -97.16 1.49 6.91
N THR L 1632 -98.21 0.86 6.38
CA THR L 1632 -98.77 -0.43 6.83
C THR L 1632 -98.41 -1.50 5.81
N ARG L 1633 -97.90 -2.64 6.28
CA ARG L 1633 -97.56 -3.82 5.45
C ARG L 1633 -98.38 -5.04 5.89
N ASN L 1634 -98.75 -5.90 4.92
CA ASN L 1634 -99.38 -7.23 5.17
C ASN L 1634 -98.29 -8.29 5.45
N GLU L 1635 -98.66 -9.56 5.60
CA GLU L 1635 -97.76 -10.70 6.01
C GLU L 1635 -96.66 -10.94 4.97
N ASP L 1636 -96.93 -10.61 3.70
CA ASP L 1636 -96.02 -10.79 2.54
C ASP L 1636 -95.12 -9.56 2.37
N ASP L 1637 -95.13 -8.62 3.33
CA ASP L 1637 -94.23 -7.44 3.36
C ASP L 1637 -94.52 -6.56 2.13
N VAL L 1638 -95.81 -6.35 1.84
CA VAL L 1638 -96.34 -5.51 0.74
C VAL L 1638 -96.99 -4.29 1.37
N VAL L 1639 -96.71 -3.11 0.82
CA VAL L 1639 -97.25 -1.83 1.35
C VAL L 1639 -98.70 -1.71 0.86
N VAL L 1640 -99.58 -1.29 1.78
CA VAL L 1640 -101.05 -1.47 1.75
C VAL L 1640 -101.75 -0.13 2.03
N LEU L 1641 -101.40 0.52 3.14
CA LEU L 1641 -101.63 1.97 3.39
C LEU L 1641 -100.29 2.66 3.51
N THR L 1642 -100.30 3.93 3.14
CA THR L 1642 -99.33 4.95 3.56
C THR L 1642 -100.17 6.17 3.93
N GLY L 1643 -99.52 7.18 4.48
CA GLY L 1643 -100.21 8.39 4.89
C GLY L 1643 -99.39 9.19 5.85
N GLU L 1644 -99.93 10.34 6.26
CA GLU L 1644 -99.32 11.17 7.31
C GLU L 1644 -100.42 11.75 8.20
N ALA L 1645 -100.01 12.10 9.41
CA ALA L 1645 -100.81 12.75 10.46
C ALA L 1645 -100.13 14.06 10.79
N GLU L 1646 -100.92 15.10 11.10
CA GLU L 1646 -100.43 16.36 11.69
C GLU L 1646 -100.91 16.36 13.14
N ILE L 1647 -99.98 16.28 14.07
CA ILE L 1647 -100.30 16.11 15.52
C ILE L 1647 -99.79 17.31 16.32
N GLU L 1648 -100.71 17.95 17.03
CA GLU L 1648 -100.49 19.15 17.88
C GLU L 1648 -99.50 18.77 18.99
N GLN L 1649 -98.38 19.49 19.09
CA GLN L 1649 -97.43 19.48 20.24
C GLN L 1649 -98.19 19.74 21.55
N PRO L 1650 -97.75 19.16 22.69
CA PRO L 1650 -98.38 19.41 23.97
C PRO L 1650 -98.41 20.91 24.35
N VAL L 1651 -99.39 21.34 25.15
CA VAL L 1651 -99.67 22.78 25.45
C VAL L 1651 -98.36 23.44 25.88
N THR L 1652 -97.99 24.55 25.25
CA THR L 1652 -96.63 25.15 25.36
C THR L 1652 -96.72 26.60 25.82
N THR L 1653 -95.87 26.99 26.77
CA THR L 1653 -95.59 28.39 27.16
C THR L 1653 -94.13 28.70 26.81
N PHE L 1654 -93.90 29.84 26.15
CA PHE L 1654 -92.56 30.44 25.93
C PHE L 1654 -92.34 31.53 26.97
N VAL L 1655 -91.24 31.44 27.71
CA VAL L 1655 -90.83 32.41 28.77
C VAL L 1655 -89.49 33.00 28.35
N PHE L 1656 -89.38 34.33 28.35
CA PHE L 1656 -88.21 35.08 27.83
C PHE L 1656 -87.45 35.72 29.01
N THR L 1657 -86.25 35.23 29.28
CA THR L 1657 -85.33 35.70 30.35
C THR L 1657 -85.05 37.21 30.20
N GLY L 1658 -85.07 37.95 31.31
CA GLY L 1658 -84.61 39.35 31.39
C GLY L 1658 -83.12 39.47 31.71
N GLN L 1659 -82.68 40.66 32.15
CA GLN L 1659 -81.24 41.03 32.24
C GLN L 1659 -80.54 40.22 33.35
N GLY L 1660 -79.21 40.13 33.29
CA GLY L 1660 -78.36 39.52 34.31
C GLY L 1660 -77.61 38.31 33.80
N SER L 1661 -78.18 37.63 32.81
CA SER L 1661 -77.72 36.32 32.27
C SER L 1661 -76.72 36.52 31.11
N GLN L 1662 -76.74 37.70 30.47
CA GLN L 1662 -75.79 38.22 29.44
C GLN L 1662 -74.37 37.68 29.62
N GLU L 1663 -73.73 37.23 28.52
CA GLU L 1663 -72.33 36.74 28.47
C GLU L 1663 -71.71 37.11 27.12
N GLN L 1664 -70.38 37.25 27.06
CA GLN L 1664 -69.63 37.48 25.81
C GLN L 1664 -69.80 36.23 24.93
N GLY L 1665 -70.11 36.43 23.65
CA GLY L 1665 -70.27 35.36 22.64
C GLY L 1665 -71.71 34.83 22.57
N MET L 1666 -72.67 35.45 23.25
CA MET L 1666 -74.03 34.88 23.45
C MET L 1666 -74.76 34.78 22.09
N GLY L 1667 -75.24 33.58 21.77
CA GLY L 1667 -76.01 33.28 20.55
C GLY L 1667 -75.26 33.55 19.26
N MET L 1668 -73.93 33.61 19.32
CA MET L 1668 -73.05 33.73 18.14
C MET L 1668 -72.75 32.34 17.57
N ASP L 1669 -73.10 31.27 18.29
CA ASP L 1669 -73.19 29.88 17.76
C ASP L 1669 -74.27 29.85 16.68
N LEU L 1670 -75.49 30.27 17.03
CA LEU L 1670 -76.64 30.37 16.10
C LEU L 1670 -76.32 31.26 14.90
N TYR L 1671 -75.71 32.42 15.13
CA TYR L 1671 -75.33 33.40 14.09
C TYR L 1671 -74.50 32.72 12.98
N LYS L 1672 -73.61 31.77 13.32
CA LYS L 1672 -72.76 31.03 12.33
C LYS L 1672 -73.65 30.21 11.39
N THR L 1673 -74.65 29.55 11.96
CA THR L 1673 -75.40 28.40 11.35
C THR L 1673 -76.71 28.90 10.74
N SER L 1674 -77.54 29.63 11.51
CA SER L 1674 -78.96 29.87 11.19
C SER L 1674 -79.13 31.07 10.24
N LYS L 1675 -79.74 30.83 9.07
CA LYS L 1675 -80.15 31.89 8.12
C LYS L 1675 -81.12 32.86 8.81
N ALA L 1676 -81.99 32.37 9.68
CA ALA L 1676 -83.07 33.18 10.32
C ALA L 1676 -82.47 34.06 11.41
N ALA L 1677 -81.50 33.52 12.16
CA ALA L 1677 -80.76 34.26 13.21
C ALA L 1677 -79.90 35.35 12.57
N GLN L 1678 -79.06 34.99 11.59
CA GLN L 1678 -78.25 35.92 10.77
C GLN L 1678 -79.09 37.13 10.35
N ASP L 1679 -80.30 36.92 9.83
CA ASP L 1679 -81.20 38.00 9.36
C ASP L 1679 -81.60 38.92 10.50
N VAL L 1680 -81.52 38.49 11.76
CA VAL L 1680 -82.01 39.27 12.92
C VAL L 1680 -80.88 40.19 13.39
N TRP L 1681 -79.72 39.62 13.67
CA TRP L 1681 -78.49 40.37 14.04
C TRP L 1681 -78.17 41.37 12.94
N ASN L 1682 -77.83 40.88 11.75
CA ASN L 1682 -77.42 41.69 10.56
C ASN L 1682 -78.41 42.84 10.38
N ARG L 1683 -79.69 42.60 10.54
CA ARG L 1683 -80.74 43.63 10.34
C ARG L 1683 -80.59 44.73 11.38
N ALA L 1684 -80.28 44.36 12.63
CA ALA L 1684 -80.20 45.24 13.82
C ALA L 1684 -78.84 45.93 13.88
N ASP L 1685 -77.77 45.20 13.58
CA ASP L 1685 -76.39 45.73 13.49
C ASP L 1685 -76.27 46.78 12.38
N ASN L 1686 -77.07 46.73 11.31
CA ASN L 1686 -77.06 47.78 10.25
C ASN L 1686 -77.83 48.98 10.76
N HIS L 1687 -78.87 48.76 11.55
CA HIS L 1687 -79.69 49.85 12.11
C HIS L 1687 -78.84 50.66 13.10
N PHE L 1688 -78.09 49.96 13.96
CA PHE L 1688 -77.23 50.59 15.00
C PHE L 1688 -76.08 51.32 14.32
N LYS L 1689 -75.43 50.68 13.35
CA LYS L 1689 -74.24 51.22 12.66
C LYS L 1689 -74.57 52.58 12.04
N ASP L 1690 -75.80 52.78 11.58
CA ASP L 1690 -76.24 53.91 10.72
C ASP L 1690 -76.95 54.99 11.54
N THR L 1691 -77.57 54.66 12.66
CA THR L 1691 -78.29 55.66 13.50
C THR L 1691 -77.42 56.09 14.69
N TYR L 1692 -76.61 55.20 15.26
CA TYR L 1692 -75.90 55.46 16.53
C TYR L 1692 -74.41 55.14 16.47
N GLY L 1693 -73.92 54.70 15.33
CA GLY L 1693 -72.48 54.68 15.05
C GLY L 1693 -71.75 53.53 15.66
N PHE L 1694 -72.40 52.53 16.23
CA PHE L 1694 -71.70 51.31 16.76
C PHE L 1694 -72.36 50.07 16.16
N SER L 1695 -71.62 48.96 16.19
CA SER L 1695 -72.07 47.59 15.86
C SER L 1695 -72.35 46.81 17.14
N ILE L 1696 -73.63 46.52 17.41
CA ILE L 1696 -74.06 45.65 18.55
C ILE L 1696 -73.42 44.25 18.45
N LEU L 1697 -73.07 43.76 17.26
CA LEU L 1697 -72.37 42.45 17.10
C LEU L 1697 -70.98 42.53 17.76
N ASP L 1698 -70.16 43.50 17.36
CA ASP L 1698 -68.82 43.76 17.93
C ASP L 1698 -68.94 43.74 19.46
N ILE L 1699 -69.85 44.53 20.01
CA ILE L 1699 -70.06 44.62 21.48
C ILE L 1699 -70.24 43.20 22.05
N VAL L 1700 -71.22 42.45 21.53
CA VAL L 1700 -71.53 41.07 21.99
C VAL L 1700 -70.33 40.13 21.78
N ILE L 1701 -69.66 40.19 20.63
CA ILE L 1701 -68.62 39.19 20.23
C ILE L 1701 -67.37 39.38 21.09
N ASN L 1702 -66.86 40.61 21.18
CA ASN L 1702 -65.63 40.99 21.93
C ASN L 1702 -66.00 42.14 22.87
N ASN L 1703 -66.16 41.84 24.16
CA ASN L 1703 -66.57 42.82 25.19
C ASN L 1703 -65.56 43.97 25.17
N PRO L 1704 -65.87 45.14 24.57
CA PRO L 1704 -64.90 46.22 24.51
C PRO L 1704 -65.06 46.97 25.84
N VAL L 1705 -63.96 47.38 26.48
CA VAL L 1705 -64.01 48.10 27.79
C VAL L 1705 -64.49 49.52 27.56
N ASN L 1706 -63.94 50.17 26.52
CA ASN L 1706 -64.27 51.54 26.08
C ASN L 1706 -64.83 51.44 24.66
N LEU L 1707 -65.66 52.41 24.24
CA LEU L 1707 -66.19 52.49 22.86
C LEU L 1707 -66.46 53.94 22.48
N THR L 1708 -65.64 54.51 21.59
CA THR L 1708 -65.78 55.92 21.12
C THR L 1708 -66.52 55.90 19.81
N ILE L 1709 -67.53 56.74 19.72
CA ILE L 1709 -68.28 57.08 18.49
C ILE L 1709 -67.56 58.32 17.98
N HIS L 1710 -67.32 58.46 16.69
CA HIS L 1710 -66.87 59.75 16.11
C HIS L 1710 -67.91 60.33 15.16
N PHE L 1711 -68.04 61.66 15.14
CA PHE L 1711 -69.11 62.36 14.42
C PHE L 1711 -68.51 63.18 13.26
N GLY L 1712 -67.61 62.56 12.49
CA GLY L 1712 -66.87 63.19 11.38
C GLY L 1712 -67.52 62.86 10.09
N GLY L 1713 -67.35 63.70 9.07
CA GLY L 1713 -68.03 63.56 7.76
C GLY L 1713 -69.50 63.92 7.86
N GLU L 1714 -70.27 63.72 6.78
CA GLU L 1714 -71.70 64.08 6.74
C GLU L 1714 -72.50 63.01 7.47
N LYS L 1715 -72.17 61.73 7.21
CA LYS L 1715 -72.76 60.55 7.88
C LYS L 1715 -72.67 60.75 9.39
N GLY L 1716 -71.47 61.02 9.90
CA GLY L 1716 -71.19 61.31 11.32
C GLY L 1716 -72.02 62.45 11.92
N LYS L 1717 -72.29 63.55 11.20
CA LYS L 1717 -73.11 64.68 11.73
C LYS L 1717 -74.54 64.20 11.90
N ARG L 1718 -74.99 63.28 11.05
CA ARG L 1718 -76.37 62.74 11.13
C ARG L 1718 -76.46 61.91 12.40
N ILE L 1719 -75.46 61.07 12.61
CA ILE L 1719 -75.32 60.21 13.82
C ILE L 1719 -75.23 61.05 15.07
N ARG L 1720 -74.69 62.27 15.04
CA ARG L 1720 -74.63 63.11 16.26
C ARG L 1720 -76.02 63.69 16.59
N GLU L 1721 -76.77 64.13 15.59
CA GLU L 1721 -78.16 64.64 15.76
C GLU L 1721 -79.01 63.57 16.45
N ASN L 1722 -78.72 62.29 16.18
CA ASN L 1722 -79.45 61.13 16.75
C ASN L 1722 -79.16 60.94 18.26
N TYR L 1723 -78.02 61.40 18.78
CA TYR L 1723 -77.74 61.43 20.24
C TYR L 1723 -78.30 62.72 20.86
N SER L 1724 -78.21 63.84 20.17
CA SER L 1724 -78.66 65.16 20.66
C SER L 1724 -80.20 65.19 20.80
N ALA L 1725 -80.93 64.44 19.97
CA ALA L 1725 -82.42 64.41 19.98
C ALA L 1725 -82.92 63.60 21.18
N MET L 1726 -82.15 62.62 21.65
CA MET L 1726 -82.52 61.69 22.74
C MET L 1726 -82.63 62.48 24.05
N ILE L 1727 -83.87 62.68 24.52
CA ILE L 1727 -84.21 63.45 25.76
C ILE L 1727 -84.66 62.47 26.85
N PHE L 1728 -85.21 63.00 27.94
CA PHE L 1728 -85.78 62.24 29.07
C PHE L 1728 -86.88 63.10 29.72
N GLU L 1729 -88.03 63.27 29.01
CA GLU L 1729 -89.23 64.10 29.41
C GLU L 1729 -89.76 63.67 30.79
N THR L 1730 -88.97 63.82 31.85
CA THR L 1730 -89.32 63.41 33.23
C THR L 1730 -90.54 64.26 33.70
N ILE L 1731 -91.42 63.72 34.56
CA ILE L 1731 -92.60 64.43 35.17
C ILE L 1731 -92.21 65.01 36.56
N VAL L 1732 -90.92 65.01 36.94
CA VAL L 1732 -90.37 65.54 38.24
C VAL L 1732 -90.82 67.01 38.38
N ASP L 1733 -91.24 67.35 39.61
CA ASP L 1733 -91.86 68.64 40.05
C ASP L 1733 -93.32 68.71 39.52
N GLY L 1734 -94.07 69.74 39.95
CA GLY L 1734 -95.43 70.06 39.42
C GLY L 1734 -95.41 70.10 37.89
N LYS L 1735 -94.44 70.83 37.31
CA LYS L 1735 -94.24 70.96 35.83
C LYS L 1735 -93.13 69.99 35.38
N LEU L 1736 -93.42 69.21 34.33
CA LEU L 1736 -92.49 68.25 33.68
C LEU L 1736 -91.18 68.99 33.32
N LYS L 1737 -90.02 68.37 33.58
CA LYS L 1737 -88.67 68.90 33.22
C LYS L 1737 -87.99 67.87 32.28
N THR L 1738 -87.39 68.33 31.17
CA THR L 1738 -86.76 67.49 30.10
C THR L 1738 -85.24 67.55 30.25
N GLU L 1739 -84.65 66.48 30.80
CA GLU L 1739 -83.20 66.35 31.08
C GLU L 1739 -82.56 65.64 29.89
N LYS L 1740 -81.98 66.37 28.94
CA LYS L 1740 -81.48 65.82 27.66
C LYS L 1740 -80.32 64.84 27.95
N ILE L 1741 -80.49 63.54 27.61
CA ILE L 1741 -79.46 62.47 27.77
C ILE L 1741 -78.27 62.85 26.89
N PHE L 1742 -77.05 62.52 27.33
CA PHE L 1742 -75.80 62.92 26.63
C PHE L 1742 -75.72 64.45 26.62
N LYS L 1743 -75.42 65.01 27.78
CA LYS L 1743 -75.26 66.49 27.97
C LYS L 1743 -73.95 66.93 27.32
N GLU L 1744 -72.97 66.01 27.29
CA GLU L 1744 -71.59 66.19 26.74
C GLU L 1744 -71.62 66.09 25.21
N ILE L 1745 -72.76 66.30 24.56
CA ILE L 1745 -72.90 66.19 23.08
C ILE L 1745 -73.67 67.42 22.59
N ASN L 1746 -72.96 68.27 21.85
CA ASN L 1746 -73.44 69.56 21.32
C ASN L 1746 -72.91 69.69 19.88
N GLU L 1747 -73.38 70.72 19.17
CA GLU L 1747 -72.99 71.10 17.78
C GLU L 1747 -71.49 70.89 17.56
N HIS L 1748 -70.66 71.20 18.56
CA HIS L 1748 -69.17 71.20 18.49
C HIS L 1748 -68.58 69.95 19.15
N SER L 1749 -69.25 68.80 19.12
CA SER L 1749 -68.63 67.50 19.52
C SER L 1749 -68.17 66.76 18.27
N THR L 1750 -67.13 65.96 18.40
CA THR L 1750 -66.54 65.16 17.31
C THR L 1750 -66.47 63.70 17.73
N SER L 1751 -66.70 63.43 19.02
CA SER L 1751 -66.59 62.10 19.67
C SER L 1751 -67.55 62.05 20.85
N TYR L 1752 -68.02 60.86 21.21
CA TYR L 1752 -68.56 60.57 22.56
C TYR L 1752 -68.03 59.20 22.95
N THR L 1753 -67.58 59.02 24.19
CA THR L 1753 -67.03 57.70 24.65
C THR L 1753 -67.90 57.07 25.75
N PHE L 1754 -68.28 55.80 25.55
CA PHE L 1754 -68.99 54.93 26.53
C PHE L 1754 -67.92 54.24 27.38
N ARG L 1755 -67.85 54.59 28.67
CA ARG L 1755 -66.93 53.95 29.64
C ARG L 1755 -67.68 52.81 30.31
N SER L 1756 -66.99 51.70 30.49
CA SER L 1756 -67.34 50.66 31.48
C SER L 1756 -66.06 50.30 32.24
N GLU L 1757 -66.21 49.51 33.29
CA GLU L 1757 -65.12 49.05 34.18
C GLU L 1757 -64.64 47.71 33.64
N LYS L 1758 -65.58 46.79 33.40
CA LYS L 1758 -65.36 45.35 33.12
C LYS L 1758 -65.50 45.06 31.61
N GLY L 1759 -66.66 45.39 31.04
CA GLY L 1759 -66.99 45.33 29.61
C GLY L 1759 -68.30 46.05 29.32
N LEU L 1760 -68.50 46.58 28.12
CA LEU L 1760 -69.70 47.37 27.76
C LEU L 1760 -70.94 46.47 27.76
N LEU L 1761 -70.77 45.19 27.50
CA LEU L 1761 -71.89 44.22 27.42
C LEU L 1761 -72.58 44.09 28.80
N SER L 1762 -71.95 44.57 29.89
CA SER L 1762 -72.52 44.64 31.27
C SER L 1762 -73.21 45.98 31.55
N ALA L 1763 -73.02 47.02 30.73
CA ALA L 1763 -73.77 48.29 30.77
C ALA L 1763 -75.21 48.05 30.32
N THR L 1764 -76.17 48.72 30.96
CA THR L 1764 -77.63 48.49 30.73
C THR L 1764 -77.97 48.67 29.25
N GLN L 1765 -77.42 49.67 28.57
CA GLN L 1765 -77.94 50.15 27.25
C GLN L 1765 -77.43 49.26 26.13
N PHE L 1766 -76.38 48.48 26.37
CA PHE L 1766 -75.86 47.48 25.41
C PHE L 1766 -76.43 46.10 25.75
N THR L 1767 -76.47 45.75 27.03
CA THR L 1767 -77.02 44.45 27.51
C THR L 1767 -78.46 44.31 27.03
N GLN L 1768 -79.27 45.34 27.21
CA GLN L 1768 -80.72 45.27 26.90
C GLN L 1768 -80.92 44.81 25.45
N PRO L 1769 -80.33 45.44 24.40
CA PRO L 1769 -80.42 44.91 23.03
C PRO L 1769 -79.79 43.53 22.82
N ALA L 1770 -78.56 43.31 23.24
CA ALA L 1770 -77.84 42.02 23.07
C ALA L 1770 -78.73 40.85 23.57
N LEU L 1771 -79.38 40.96 24.73
CA LEU L 1771 -80.39 39.97 25.21
C LEU L 1771 -81.51 39.88 24.18
N THR L 1772 -82.24 40.98 24.03
CA THR L 1772 -83.48 41.06 23.21
C THR L 1772 -83.27 40.52 21.79
N LEU L 1773 -82.11 40.73 21.17
CA LEU L 1773 -81.72 40.07 19.90
C LEU L 1773 -81.52 38.58 20.14
N MET L 1774 -80.51 38.18 20.93
CA MET L 1774 -80.11 36.76 21.16
C MET L 1774 -81.38 35.91 21.21
N GLU L 1775 -82.40 36.41 21.91
CA GLU L 1775 -83.73 35.75 22.10
C GLU L 1775 -84.46 35.74 20.76
N LYS L 1776 -84.84 36.91 20.28
CA LYS L 1776 -85.55 37.09 18.98
C LYS L 1776 -84.90 36.21 17.90
N ALA L 1777 -83.58 35.97 17.93
CA ALA L 1777 -82.86 35.14 16.95
C ALA L 1777 -83.15 33.67 17.19
N ALA L 1778 -82.78 33.15 18.35
CA ALA L 1778 -83.20 31.81 18.85
C ALA L 1778 -84.65 31.54 18.41
N PHE L 1779 -85.56 32.45 18.73
CA PHE L 1779 -86.98 32.26 18.41
C PHE L 1779 -87.21 32.15 16.91
N GLU L 1780 -86.67 33.06 16.12
CA GLU L 1780 -86.87 33.07 14.65
C GLU L 1780 -86.28 31.80 14.04
N ASP L 1781 -85.20 31.26 14.59
CA ASP L 1781 -84.64 29.95 14.14
C ASP L 1781 -85.63 28.81 14.42
N LEU L 1782 -86.32 28.86 15.57
CA LEU L 1782 -87.37 27.87 15.93
C LEU L 1782 -88.50 27.99 14.93
N LYS L 1783 -89.10 29.18 14.79
CA LYS L 1783 -90.23 29.46 13.86
C LYS L 1783 -89.89 28.95 12.44
N SER L 1784 -88.65 29.12 12.00
CA SER L 1784 -88.13 28.67 10.67
C SER L 1784 -88.24 27.15 10.55
N LYS L 1785 -87.98 26.44 11.65
CA LYS L 1785 -87.98 24.95 11.74
C LYS L 1785 -89.40 24.42 11.94
N GLY L 1786 -90.39 25.30 12.08
CA GLY L 1786 -91.81 24.93 12.26
C GLY L 1786 -92.08 24.36 13.63
N LEU L 1787 -91.51 24.94 14.69
CA LEU L 1787 -91.54 24.38 16.08
C LEU L 1787 -92.40 25.23 17.02
N ILE L 1788 -93.21 26.16 16.48
CA ILE L 1788 -93.98 27.15 17.28
C ILE L 1788 -95.47 26.91 17.11
N PRO L 1789 -96.11 26.26 18.11
CA PRO L 1789 -97.56 26.19 18.19
C PRO L 1789 -98.25 27.53 17.93
N ALA L 1790 -99.36 27.49 17.20
CA ALA L 1790 -100.21 28.65 16.90
C ALA L 1790 -100.73 29.23 18.21
N ASP L 1791 -101.06 28.36 19.17
CA ASP L 1791 -101.78 28.71 20.43
C ASP L 1791 -100.83 28.63 21.63
N ALA L 1792 -99.58 29.01 21.44
CA ALA L 1792 -98.59 29.13 22.54
C ALA L 1792 -98.95 30.33 23.41
N THR L 1793 -98.90 30.16 24.73
CA THR L 1793 -98.87 31.25 25.73
C THR L 1793 -97.42 31.75 25.84
N PHE L 1794 -97.23 33.06 25.99
CA PHE L 1794 -95.88 33.65 26.14
C PHE L 1794 -95.89 34.72 27.23
N ALA L 1795 -94.72 34.91 27.82
CA ALA L 1795 -94.48 35.79 28.97
C ALA L 1795 -92.98 36.06 29.08
N GLY L 1796 -92.63 37.29 29.40
CA GLY L 1796 -91.22 37.67 29.60
C GLY L 1796 -91.05 38.33 30.94
N HIS L 1797 -89.98 37.96 31.64
CA HIS L 1797 -89.48 38.62 32.88
C HIS L 1797 -88.87 39.97 32.49
N SER L 1798 -89.54 41.08 32.82
CA SER L 1798 -89.02 42.46 32.70
C SER L 1798 -88.74 42.80 31.23
N LEU L 1799 -87.53 42.49 30.76
CA LEU L 1799 -87.03 42.87 29.42
C LEU L 1799 -87.59 41.88 28.40
N GLY L 1800 -87.57 40.60 28.76
CA GLY L 1800 -88.31 39.53 28.07
C GLY L 1800 -89.62 40.03 27.47
N GLU L 1801 -90.41 40.77 28.22
CA GLU L 1801 -91.72 41.29 27.78
C GLU L 1801 -91.62 41.74 26.31
N TYR L 1802 -90.56 42.48 25.96
CA TYR L 1802 -90.32 43.07 24.62
C TYR L 1802 -89.96 41.96 23.63
N ALA L 1803 -88.93 41.17 23.94
CA ALA L 1803 -88.46 40.04 23.10
C ALA L 1803 -89.62 39.10 22.76
N ALA L 1804 -90.46 38.80 23.76
CA ALA L 1804 -91.66 37.95 23.63
C ALA L 1804 -92.70 38.62 22.72
N LEU L 1805 -92.96 39.92 22.83
CA LEU L 1805 -94.00 40.61 22.00
C LEU L 1805 -93.48 40.87 20.58
N ALA L 1806 -92.16 40.92 20.39
CA ALA L 1806 -91.53 41.00 19.06
C ALA L 1806 -91.66 39.65 18.38
N SER L 1807 -91.50 38.57 19.14
CA SER L 1807 -91.32 37.17 18.65
C SER L 1807 -92.68 36.53 18.31
N LEU L 1808 -93.69 36.66 19.17
CA LEU L 1808 -94.97 35.91 19.06
C LEU L 1808 -96.15 36.81 18.75
N ALA L 1809 -95.97 38.11 18.56
CA ALA L 1809 -97.06 38.97 18.06
C ALA L 1809 -96.57 40.01 17.05
N ASP L 1810 -95.30 39.95 16.63
CA ASP L 1810 -94.70 40.81 15.58
C ASP L 1810 -95.27 42.23 15.71
N VAL L 1811 -95.24 42.78 16.92
CA VAL L 1811 -95.78 44.14 17.23
C VAL L 1811 -94.82 45.16 16.61
N MET L 1812 -93.53 45.02 16.91
CA MET L 1812 -92.44 45.90 16.40
C MET L 1812 -91.66 45.17 15.31
N SER L 1813 -91.07 45.94 14.38
CA SER L 1813 -89.92 45.50 13.54
C SER L 1813 -88.70 45.23 14.43
N ILE L 1814 -87.76 44.44 13.93
CA ILE L 1814 -86.42 44.21 14.55
C ILE L 1814 -85.78 45.57 14.84
N GLU L 1815 -85.95 46.55 13.95
CA GLU L 1815 -85.30 47.88 14.05
C GLU L 1815 -85.97 48.66 15.18
N SER L 1816 -87.29 48.81 15.15
CA SER L 1816 -88.09 49.48 16.22
C SER L 1816 -87.82 48.85 17.60
N LEU L 1817 -87.60 47.54 17.65
CA LEU L 1817 -87.43 46.79 18.91
C LEU L 1817 -86.14 47.28 19.58
N VAL L 1818 -85.01 47.14 18.90
CA VAL L 1818 -83.67 47.49 19.44
C VAL L 1818 -83.62 48.99 19.75
N GLU L 1819 -84.36 49.85 19.03
CA GLU L 1819 -84.49 51.27 19.43
C GLU L 1819 -85.04 51.33 20.85
N VAL L 1820 -86.31 50.96 21.01
CA VAL L 1820 -87.08 50.99 22.29
C VAL L 1820 -86.19 50.51 23.43
N VAL L 1821 -85.69 49.31 23.32
CA VAL L 1821 -84.85 48.62 24.33
C VAL L 1821 -83.55 49.40 24.60
N PHE L 1822 -82.95 50.06 23.60
CA PHE L 1822 -81.71 50.87 23.78
C PHE L 1822 -82.07 52.16 24.52
N TYR L 1823 -83.12 52.87 24.07
CA TYR L 1823 -83.69 54.04 24.77
C TYR L 1823 -84.04 53.67 26.22
N ARG L 1824 -84.57 52.48 26.44
CA ARG L 1824 -84.99 51.99 27.80
C ARG L 1824 -83.74 51.98 28.68
N GLY L 1825 -82.72 51.22 28.30
CA GLY L 1825 -81.45 51.10 29.02
C GLY L 1825 -80.78 52.44 29.24
N MET L 1826 -80.99 53.39 28.34
CA MET L 1826 -80.43 54.76 28.46
C MET L 1826 -81.25 55.54 29.49
N THR L 1827 -82.57 55.40 29.46
CA THR L 1827 -83.53 56.05 30.37
C THR L 1827 -83.52 55.36 31.75
N MET L 1828 -82.63 54.39 31.97
CA MET L 1828 -82.30 53.78 33.29
C MET L 1828 -80.82 54.08 33.60
N GLN L 1829 -80.36 55.31 33.33
CA GLN L 1829 -79.00 55.83 33.66
C GLN L 1829 -79.09 57.31 34.05
N VAL L 1830 -79.87 58.09 33.30
CA VAL L 1830 -80.29 59.47 33.64
C VAL L 1830 -81.23 59.44 34.87
N ALA L 1831 -81.97 58.33 35.06
CA ALA L 1831 -83.14 58.23 35.99
C ALA L 1831 -82.76 58.52 37.44
N VAL L 1832 -81.51 58.21 37.81
CA VAL L 1832 -80.96 58.33 39.20
C VAL L 1832 -79.80 59.33 39.18
N PRO L 1833 -79.68 60.29 40.14
CA PRO L 1833 -78.50 61.17 40.24
C PRO L 1833 -77.23 60.48 40.76
N ARG L 1834 -76.10 60.67 40.06
CA ARG L 1834 -74.77 60.08 40.37
C ARG L 1834 -73.74 61.22 40.30
N ASP L 1835 -73.65 62.01 41.37
CA ASP L 1835 -72.84 63.27 41.46
C ASP L 1835 -71.33 62.94 41.37
N GLU L 1836 -70.90 61.87 42.06
CA GLU L 1836 -69.47 61.47 42.27
C GLU L 1836 -68.88 61.08 40.91
N LEU L 1837 -69.48 60.06 40.31
CA LEU L 1837 -69.11 59.50 38.98
C LEU L 1837 -70.33 58.72 38.43
N GLY L 1838 -70.35 57.39 38.53
CA GLY L 1838 -71.48 56.51 38.16
C GLY L 1838 -72.12 55.84 39.36
N ARG L 1839 -71.61 56.10 40.57
CA ARG L 1839 -72.15 55.54 41.85
C ARG L 1839 -73.48 56.24 42.17
N SER L 1840 -74.50 55.44 42.51
CA SER L 1840 -75.81 55.94 42.96
C SER L 1840 -76.02 55.51 44.40
N ASN L 1841 -76.82 56.27 45.15
CA ASN L 1841 -77.18 55.96 46.56
C ASN L 1841 -78.39 54.99 46.56
N TYR L 1842 -78.69 54.33 45.43
CA TYR L 1842 -79.76 53.30 45.26
C TYR L 1842 -79.14 51.96 44.85
N GLY L 1843 -79.91 50.88 45.01
CA GLY L 1843 -79.50 49.49 44.70
C GLY L 1843 -80.66 48.51 44.76
N MET L 1844 -80.38 47.20 44.81
CA MET L 1844 -81.41 46.15 45.06
C MET L 1844 -80.78 44.83 45.52
N ILE L 1845 -81.49 44.14 46.43
CA ILE L 1845 -81.05 42.90 47.14
C ILE L 1845 -82.07 41.79 46.82
N ALA L 1846 -81.59 40.53 46.83
CA ALA L 1846 -82.37 39.28 46.61
C ALA L 1846 -82.58 38.55 47.96
N ILE L 1847 -83.78 38.70 48.53
CA ILE L 1847 -84.21 38.11 49.82
C ILE L 1847 -84.64 36.65 49.58
N ASN L 1848 -84.37 35.74 50.54
CA ASN L 1848 -84.78 34.31 50.55
C ASN L 1848 -85.48 33.99 51.87
N PRO L 1849 -86.77 34.38 52.06
CA PRO L 1849 -87.44 34.30 53.37
C PRO L 1849 -87.36 32.94 54.10
N GLY L 1850 -87.22 31.85 53.34
CA GLY L 1850 -86.95 30.51 53.89
C GLY L 1850 -85.81 30.52 54.89
N ARG L 1851 -84.73 31.25 54.58
CA ARG L 1851 -83.42 31.15 55.30
C ARG L 1851 -83.46 31.87 56.65
N VAL L 1852 -84.17 33.00 56.72
CA VAL L 1852 -84.39 33.78 57.99
C VAL L 1852 -85.16 32.92 59.01
N ALA L 1853 -86.30 32.33 58.62
CA ALA L 1853 -87.19 31.57 59.52
C ALA L 1853 -88.23 30.79 58.72
N ALA L 1854 -88.32 29.47 58.97
CA ALA L 1854 -89.26 28.51 58.32
C ALA L 1854 -90.69 29.10 58.23
N SER L 1855 -91.15 29.83 59.26
CA SER L 1855 -92.49 30.48 59.32
C SER L 1855 -92.57 31.71 58.42
N PHE L 1856 -91.46 32.44 58.28
CA PHE L 1856 -91.40 33.78 57.62
C PHE L 1856 -91.62 33.62 56.11
N SER L 1857 -92.52 34.43 55.54
CA SER L 1857 -93.11 34.20 54.19
C SER L 1857 -93.74 35.50 53.65
N GLN L 1858 -94.63 35.38 52.66
CA GLN L 1858 -95.59 36.45 52.23
C GLN L 1858 -96.40 36.95 53.43
N GLU L 1859 -96.92 38.18 53.30
CA GLU L 1859 -97.73 38.96 54.28
C GLU L 1859 -96.84 39.36 55.45
N ALA L 1860 -95.56 38.96 55.41
CA ALA L 1860 -94.57 39.11 56.49
C ALA L 1860 -93.47 40.05 55.98
N LEU L 1861 -92.89 39.76 54.79
CA LEU L 1861 -92.00 40.72 54.05
C LEU L 1861 -92.78 41.99 53.67
N GLN L 1862 -94.04 41.87 53.28
CA GLN L 1862 -94.83 43.02 52.78
C GLN L 1862 -95.21 43.96 53.94
N TYR L 1863 -95.05 43.55 55.21
CA TYR L 1863 -95.00 44.45 56.40
C TYR L 1863 -93.59 45.02 56.58
N VAL L 1864 -92.63 44.15 56.92
CA VAL L 1864 -91.25 44.56 57.34
C VAL L 1864 -90.76 45.67 56.39
N VAL L 1865 -90.83 45.41 55.08
CA VAL L 1865 -90.29 46.30 53.99
C VAL L 1865 -91.19 47.54 53.83
N GLU L 1866 -92.50 47.43 54.06
CA GLU L 1866 -93.43 48.59 53.95
C GLU L 1866 -93.20 49.57 55.11
N ARG L 1867 -92.91 49.05 56.31
CA ARG L 1867 -92.68 49.85 57.55
C ARG L 1867 -91.36 50.62 57.41
N VAL L 1868 -90.28 49.89 57.11
CA VAL L 1868 -88.91 50.45 56.86
C VAL L 1868 -88.98 51.33 55.62
N GLY L 1869 -89.52 52.55 55.75
CA GLY L 1869 -89.86 53.43 54.61
C GLY L 1869 -91.07 54.29 54.90
N LYS L 1870 -92.08 53.71 55.57
CA LYS L 1870 -93.14 54.44 56.31
C LYS L 1870 -92.48 55.13 57.53
N ARG L 1871 -91.57 54.39 58.22
CA ARG L 1871 -90.73 54.84 59.37
C ARG L 1871 -89.64 55.82 58.89
N THR L 1872 -88.63 55.33 58.16
CA THR L 1872 -87.37 56.05 57.80
C THR L 1872 -87.68 57.18 56.80
N GLY L 1873 -88.71 57.04 55.96
CA GLY L 1873 -89.02 57.95 54.83
C GLY L 1873 -88.11 57.72 53.62
N TRP L 1874 -87.31 56.64 53.66
CA TRP L 1874 -86.35 56.22 52.59
C TRP L 1874 -87.01 55.17 51.71
N LEU L 1875 -87.36 55.55 50.47
CA LEU L 1875 -88.01 54.66 49.46
C LEU L 1875 -87.30 53.31 49.44
N VAL L 1876 -88.00 52.25 49.86
CA VAL L 1876 -87.70 50.82 49.51
C VAL L 1876 -89.03 50.15 49.17
N GLU L 1877 -88.98 49.14 48.30
CA GLU L 1877 -90.15 48.38 47.77
C GLU L 1877 -89.71 46.96 47.40
N ILE L 1878 -90.64 46.01 47.37
CA ILE L 1878 -90.48 44.70 46.66
C ILE L 1878 -90.75 44.97 45.17
N VAL L 1879 -89.88 44.52 44.27
CA VAL L 1879 -89.95 44.87 42.82
C VAL L 1879 -90.17 43.59 41.98
N ASN L 1880 -89.42 42.51 42.23
CA ASN L 1880 -89.63 41.19 41.57
C ASN L 1880 -90.13 40.18 42.61
N TYR L 1881 -91.42 39.83 42.54
CA TYR L 1881 -92.01 38.61 43.15
C TYR L 1881 -91.69 37.41 42.23
N ASN L 1882 -90.67 36.59 42.53
CA ASN L 1882 -90.18 35.53 41.62
C ASN L 1882 -90.72 34.12 41.96
N VAL L 1883 -90.17 33.48 43.01
CA VAL L 1883 -90.56 32.13 43.53
C VAL L 1883 -91.30 32.36 44.85
N GLU L 1884 -92.24 31.50 45.24
CA GLU L 1884 -92.97 31.66 46.53
C GLU L 1884 -92.03 31.29 47.68
N ASN L 1885 -91.90 32.20 48.66
CA ASN L 1885 -91.15 32.01 49.94
C ASN L 1885 -89.77 31.41 49.65
N GLN L 1886 -89.06 31.94 48.65
CA GLN L 1886 -87.77 31.34 48.18
C GLN L 1886 -86.94 32.32 47.33
N GLN L 1887 -87.59 33.26 46.61
CA GLN L 1887 -86.91 34.33 45.82
C GLN L 1887 -87.83 35.55 45.72
N TYR L 1888 -87.46 36.65 46.37
CA TYR L 1888 -87.99 38.01 46.09
C TYR L 1888 -86.80 38.93 45.85
N VAL L 1889 -87.08 40.15 45.39
CA VAL L 1889 -86.07 41.21 45.08
C VAL L 1889 -86.66 42.55 45.53
N ALA L 1890 -86.00 43.19 46.51
CA ALA L 1890 -86.33 44.53 47.02
C ALA L 1890 -85.28 45.52 46.55
N ALA L 1891 -85.73 46.75 46.27
CA ALA L 1891 -84.97 47.80 45.56
C ALA L 1891 -85.40 49.20 46.01
N GLY L 1892 -84.41 50.00 46.43
CA GLY L 1892 -84.57 51.44 46.69
C GLY L 1892 -83.29 52.04 47.24
N ASP L 1893 -83.43 52.84 48.31
CA ASP L 1893 -82.35 53.62 48.98
C ASP L 1893 -81.32 52.65 49.60
N LEU L 1894 -80.06 52.66 49.13
CA LEU L 1894 -78.97 51.78 49.64
C LEU L 1894 -78.97 51.76 51.18
N ARG L 1895 -79.30 52.88 51.81
CA ARG L 1895 -79.48 53.03 53.29
C ARG L 1895 -80.60 52.08 53.76
N ALA L 1896 -81.82 52.27 53.24
CA ALA L 1896 -83.05 51.50 53.58
C ALA L 1896 -82.90 50.00 53.25
N LEU L 1897 -82.03 49.64 52.30
CA LEU L 1897 -81.64 48.24 52.00
C LEU L 1897 -80.73 47.69 53.10
N ASP L 1898 -79.75 48.50 53.55
CA ASP L 1898 -78.76 48.12 54.62
C ASP L 1898 -79.49 47.94 55.96
N THR L 1899 -80.58 48.68 56.23
CA THR L 1899 -81.44 48.46 57.43
C THR L 1899 -82.06 47.06 57.31
N VAL L 1900 -82.68 46.75 56.16
CA VAL L 1900 -83.47 45.51 55.90
C VAL L 1900 -82.55 44.27 56.04
N THR L 1901 -81.36 44.25 55.40
CA THR L 1901 -80.40 43.12 55.53
C THR L 1901 -79.93 42.95 56.98
N ASN L 1902 -79.98 44.02 57.81
CA ASN L 1902 -79.69 43.98 59.27
C ASN L 1902 -80.94 43.53 60.05
N VAL L 1903 -82.07 44.23 59.90
CA VAL L 1903 -83.40 43.89 60.53
C VAL L 1903 -83.70 42.39 60.35
N LEU L 1904 -83.42 41.82 59.18
CA LEU L 1904 -83.61 40.37 58.83
C LEU L 1904 -82.54 39.54 59.57
N ASN L 1905 -81.27 39.93 59.52
CA ASN L 1905 -80.14 39.18 60.15
C ASN L 1905 -80.31 39.19 61.68
N PHE L 1906 -81.07 40.16 62.22
CA PHE L 1906 -81.51 40.24 63.64
C PHE L 1906 -82.56 39.16 63.91
N ILE L 1907 -83.66 39.12 63.15
CA ILE L 1907 -84.84 38.22 63.34
C ILE L 1907 -84.42 36.74 63.22
N LYS L 1908 -83.43 36.42 62.38
CA LYS L 1908 -82.85 35.06 62.25
C LYS L 1908 -82.09 34.68 63.54
N LEU L 1909 -81.09 35.49 63.95
CA LEU L 1909 -80.18 35.22 65.11
C LEU L 1909 -80.96 35.39 66.43
N GLN L 1910 -81.80 36.42 66.53
CA GLN L 1910 -82.80 36.63 67.62
C GLN L 1910 -83.79 35.45 67.65
N LYS L 1911 -84.10 34.88 66.48
CA LYS L 1911 -84.89 33.63 66.29
C LYS L 1911 -86.32 33.80 66.84
N ILE L 1912 -86.89 35.01 66.72
CA ILE L 1912 -88.33 35.27 67.03
C ILE L 1912 -89.15 34.79 65.82
N ASP L 1913 -90.08 33.87 66.07
CA ASP L 1913 -91.11 33.40 65.08
C ASP L 1913 -92.24 34.45 65.07
N ILE L 1914 -92.35 35.23 63.98
CA ILE L 1914 -93.29 36.40 63.83
C ILE L 1914 -94.72 36.01 64.27
N ILE L 1915 -95.29 34.88 63.82
CA ILE L 1915 -96.72 34.45 64.01
C ILE L 1915 -97.06 34.28 65.50
N GLU L 1916 -96.10 33.74 66.29
CA GLU L 1916 -96.17 33.56 67.78
C GLU L 1916 -96.37 34.93 68.46
N LEU L 1917 -95.85 36.03 67.87
CA LEU L 1917 -96.04 37.42 68.39
C LEU L 1917 -96.50 38.40 67.30
N GLN L 1918 -97.26 37.94 66.28
CA GLN L 1918 -97.85 38.78 65.20
C GLN L 1918 -99.23 39.24 65.70
N LYS L 1919 -100.10 38.26 65.97
CA LYS L 1919 -101.46 38.45 66.53
C LYS L 1919 -101.65 37.60 67.81
N SER L 1920 -101.13 36.36 67.82
CA SER L 1920 -101.24 35.37 68.92
C SER L 1920 -100.99 36.02 70.31
N LEU L 1921 -99.79 36.60 70.51
CA LEU L 1921 -99.41 37.34 71.76
C LEU L 1921 -100.06 38.74 71.72
N SER L 1922 -99.42 39.72 71.07
CA SER L 1922 -99.74 41.17 71.11
C SER L 1922 -100.17 41.64 69.70
N LEU L 1923 -101.31 42.32 69.61
CA LEU L 1923 -102.06 42.69 68.36
C LEU L 1923 -101.92 44.21 68.11
N GLU L 1924 -101.12 44.60 67.09
CA GLU L 1924 -100.85 46.01 66.63
C GLU L 1924 -99.85 46.74 67.58
N GLU L 1925 -99.31 46.05 68.60
CA GLU L 1925 -98.20 46.52 69.49
C GLU L 1925 -96.85 46.28 68.78
N VAL L 1926 -96.75 45.23 67.95
CA VAL L 1926 -95.55 44.80 67.13
C VAL L 1926 -94.91 46.02 66.44
N GLU L 1927 -95.71 46.94 65.90
CA GLU L 1927 -95.19 48.21 65.29
C GLU L 1927 -94.12 48.80 66.23
N GLY L 1928 -94.38 48.83 67.56
CA GLY L 1928 -93.42 49.21 68.62
C GLY L 1928 -92.18 48.31 68.69
N HIS L 1929 -92.36 46.96 68.72
CA HIS L 1929 -91.26 45.94 68.70
C HIS L 1929 -90.33 46.16 67.49
N LEU L 1930 -90.93 46.43 66.32
CA LEU L 1930 -90.28 46.56 64.98
C LEU L 1930 -89.57 47.92 64.89
N PHE L 1931 -90.27 49.01 65.24
CA PHE L 1931 -89.75 50.40 65.29
C PHE L 1931 -88.48 50.48 66.16
N GLU L 1932 -88.40 49.67 67.22
CA GLU L 1932 -87.18 49.52 68.08
C GLU L 1932 -86.03 48.94 67.23
N ILE L 1933 -86.28 47.81 66.56
CA ILE L 1933 -85.30 46.98 65.79
C ILE L 1933 -84.77 47.79 64.59
N ILE L 1934 -85.66 48.59 63.99
CA ILE L 1934 -85.34 49.53 62.87
C ILE L 1934 -84.37 50.60 63.37
N ASP L 1935 -84.79 51.40 64.37
CA ASP L 1935 -84.18 52.71 64.77
C ASP L 1935 -82.72 52.51 65.23
N GLU L 1936 -82.35 51.32 65.69
CA GLU L 1936 -80.96 50.94 66.08
C GLU L 1936 -80.09 50.63 64.84
N ALA L 1937 -80.68 50.00 63.80
CA ALA L 1937 -80.03 49.63 62.50
C ALA L 1937 -80.23 50.74 61.45
N SER L 1938 -81.36 51.46 61.51
CA SER L 1938 -81.73 52.65 60.69
C SER L 1938 -80.63 53.74 60.80
N LYS L 1939 -80.34 54.18 62.03
CA LYS L 1939 -79.41 55.32 62.33
C LYS L 1939 -78.00 54.79 62.69
N LYS L 1940 -77.75 53.52 62.37
CA LYS L 1940 -76.40 52.90 62.25
C LYS L 1940 -75.92 53.01 60.78
N SER L 1941 -76.85 52.88 59.82
CA SER L 1941 -76.64 52.98 58.34
C SER L 1941 -77.03 54.36 57.78
N ALA L 1942 -77.19 55.40 58.62
CA ALA L 1942 -77.33 56.83 58.22
C ALA L 1942 -76.05 57.60 58.60
N VAL L 1943 -74.89 56.91 58.60
CA VAL L 1943 -73.53 57.48 58.90
C VAL L 1943 -72.46 56.55 58.29
N LYS L 1944 -72.23 56.68 56.98
CA LYS L 1944 -71.29 55.82 56.20
C LYS L 1944 -70.84 56.55 54.94
N PRO L 1945 -69.72 56.10 54.30
CA PRO L 1945 -69.27 56.69 53.02
C PRO L 1945 -70.40 56.73 51.96
N ARG L 1946 -70.99 57.92 51.77
CA ARG L 1946 -72.25 58.27 51.04
C ARG L 1946 -72.75 57.09 50.19
N PRO L 1947 -72.12 56.71 49.04
CA PRO L 1947 -72.56 55.52 48.28
C PRO L 1947 -71.98 54.26 48.94
N LEU L 1948 -72.73 53.74 49.92
CA LEU L 1948 -72.24 52.83 50.99
C LEU L 1948 -72.12 51.39 50.47
N LYS L 1949 -71.00 50.74 50.79
CA LYS L 1949 -70.69 49.32 50.44
C LYS L 1949 -71.70 48.41 51.14
N LEU L 1950 -72.71 47.95 50.39
CA LEU L 1950 -73.85 47.15 50.91
C LEU L 1950 -73.41 45.69 51.03
N GLU L 1951 -73.37 45.18 52.28
CA GLU L 1951 -72.86 43.83 52.63
C GLU L 1951 -74.05 42.86 52.63
N ARG L 1952 -73.73 41.58 52.43
CA ARG L 1952 -74.68 40.44 52.32
C ARG L 1952 -75.13 39.99 53.72
N GLY L 1953 -75.90 38.90 53.78
CA GLY L 1953 -76.47 38.32 55.02
C GLY L 1953 -77.32 37.09 54.72
N PHE L 1954 -77.58 36.25 55.72
CA PHE L 1954 -78.20 34.89 55.60
C PHE L 1954 -79.47 34.93 54.75
N ALA L 1955 -80.34 35.92 54.99
CA ALA L 1955 -81.57 36.18 54.19
C ALA L 1955 -81.19 36.80 52.83
N CYS L 1956 -80.54 37.97 52.82
CA CYS L 1956 -80.38 38.88 51.66
C CYS L 1956 -78.99 38.77 51.00
N ILE L 1957 -78.95 38.63 49.67
CA ILE L 1957 -77.73 38.82 48.82
C ILE L 1957 -77.92 40.11 48.02
N PRO L 1958 -76.89 40.96 47.84
CA PRO L 1958 -76.98 42.13 46.98
C PRO L 1958 -76.66 41.80 45.51
N LEU L 1959 -77.51 42.27 44.59
CA LEU L 1959 -77.31 42.14 43.11
C LEU L 1959 -76.23 43.15 42.69
N VAL L 1960 -75.11 42.65 42.15
CA VAL L 1960 -73.89 43.46 41.86
C VAL L 1960 -74.08 44.23 40.56
N GLY L 1961 -73.57 45.47 40.54
CA GLY L 1961 -73.61 46.40 39.39
C GLY L 1961 -75.04 46.85 39.03
N ILE L 1962 -76.01 46.76 39.95
CA ILE L 1962 -77.39 47.27 39.73
C ILE L 1962 -77.57 48.54 40.58
N SER L 1963 -77.53 49.69 39.90
CA SER L 1963 -77.41 51.03 40.51
C SER L 1963 -78.74 51.80 40.38
N VAL L 1964 -79.74 51.23 39.73
CA VAL L 1964 -81.08 51.88 39.56
C VAL L 1964 -82.12 50.97 40.18
N PRO L 1965 -83.18 51.53 40.83
CA PRO L 1965 -84.29 50.74 41.34
C PRO L 1965 -85.48 50.67 40.37
N PHE L 1966 -85.41 49.78 39.37
CA PHE L 1966 -86.46 49.63 38.33
C PHE L 1966 -87.55 48.70 38.87
N HIS L 1967 -88.74 48.81 38.29
CA HIS L 1967 -89.96 48.08 38.69
C HIS L 1967 -90.44 48.61 40.04
N SER L 1968 -90.18 49.89 40.32
CA SER L 1968 -90.54 50.61 41.58
C SER L 1968 -91.27 51.91 41.24
N THR L 1969 -91.77 52.62 42.24
CA THR L 1969 -92.53 53.88 42.02
C THR L 1969 -91.53 55.02 41.78
N TYR L 1970 -90.25 54.81 42.12
CA TYR L 1970 -89.19 55.84 42.01
C TYR L 1970 -89.24 56.50 40.64
N LEU L 1971 -89.37 55.69 39.58
CA LEU L 1971 -89.31 56.15 38.17
C LEU L 1971 -90.66 55.93 37.48
N MET L 1972 -91.74 56.21 38.23
CA MET L 1972 -93.09 56.62 37.73
C MET L 1972 -92.96 58.02 37.13
N ASN L 1973 -91.94 58.76 37.60
CA ASN L 1973 -91.67 60.15 37.16
C ASN L 1973 -91.16 60.11 35.71
N GLY L 1974 -90.23 59.19 35.39
CA GLY L 1974 -89.70 58.99 34.02
C GLY L 1974 -90.50 57.96 33.24
N VAL L 1975 -91.74 58.28 32.84
CA VAL L 1975 -92.70 57.35 32.16
C VAL L 1975 -93.40 58.05 30.97
N LYS L 1976 -94.14 59.15 31.23
CA LYS L 1976 -94.75 60.07 30.22
C LYS L 1976 -93.86 60.29 28.99
N PRO L 1977 -92.53 60.44 29.14
CA PRO L 1977 -91.58 60.42 28.02
C PRO L 1977 -91.62 59.12 27.19
N PHE L 1978 -91.44 58.01 27.89
CA PHE L 1978 -91.25 56.63 27.37
C PHE L 1978 -92.57 56.16 26.71
N LYS L 1979 -93.71 56.46 27.34
CA LYS L 1979 -95.06 56.14 26.81
C LYS L 1979 -95.29 56.85 25.46
N SER L 1980 -94.95 58.15 25.35
CA SER L 1980 -95.06 58.93 24.09
C SER L 1980 -93.97 58.48 23.09
N PHE L 1981 -92.86 57.90 23.56
CA PHE L 1981 -91.78 57.35 22.70
C PHE L 1981 -92.24 56.05 22.02
N LEU L 1982 -92.84 55.13 22.80
CA LEU L 1982 -93.41 53.84 22.31
C LEU L 1982 -94.45 54.13 21.22
N LYS L 1983 -95.32 55.13 21.40
CA LYS L 1983 -96.43 55.43 20.45
C LYS L 1983 -95.89 55.89 19.08
N LYS L 1984 -94.57 55.95 18.90
CA LYS L 1984 -93.90 56.22 17.59
C LYS L 1984 -93.36 54.92 16.99
N ASN L 1985 -92.79 54.03 17.81
CA ASN L 1985 -92.13 52.77 17.36
C ASN L 1985 -93.11 51.59 17.33
N ILE L 1986 -94.18 51.62 18.16
CA ILE L 1986 -95.32 50.66 18.15
C ILE L 1986 -96.52 51.35 17.51
N ILE L 1987 -96.92 50.88 16.32
CA ILE L 1987 -97.96 51.49 15.44
C ILE L 1987 -99.26 50.71 15.64
N LYS L 1988 -100.42 51.33 15.44
CA LYS L 1988 -101.76 50.69 15.60
C LYS L 1988 -101.92 49.53 14.60
N GLU L 1989 -101.52 49.74 13.35
CA GLU L 1989 -101.66 48.81 12.19
C GLU L 1989 -100.94 47.48 12.47
N ASN L 1990 -99.82 47.50 13.21
CA ASN L 1990 -98.94 46.32 13.44
C ASN L 1990 -99.35 45.58 14.73
N VAL L 1991 -100.56 45.81 15.27
CA VAL L 1991 -101.08 45.07 16.47
C VAL L 1991 -102.20 44.13 16.02
N LYS L 1992 -101.89 42.84 15.98
CA LYS L 1992 -102.84 41.73 15.72
C LYS L 1992 -103.38 41.27 17.06
N VAL L 1993 -104.62 41.64 17.37
CA VAL L 1993 -105.29 41.31 18.67
C VAL L 1993 -105.25 39.80 18.90
N ALA L 1994 -105.59 39.02 17.86
CA ALA L 1994 -105.64 37.54 17.84
C ALA L 1994 -104.34 36.92 18.40
N ARG L 1995 -103.19 37.55 18.12
CA ARG L 1995 -101.86 36.99 18.46
C ARG L 1995 -101.49 37.34 19.91
N LEU L 1996 -102.30 38.16 20.60
CA LEU L 1996 -102.10 38.57 22.00
C LEU L 1996 -103.15 37.89 22.89
N ALA L 1997 -104.43 38.17 22.63
CA ALA L 1997 -105.56 37.88 23.55
C ALA L 1997 -105.54 36.40 23.96
N GLY L 1998 -105.45 36.16 25.26
CA GLY L 1998 -105.42 34.82 25.88
C GLY L 1998 -104.01 34.30 26.05
N LYS L 1999 -103.04 34.87 25.34
CA LYS L 1999 -101.71 34.22 25.12
C LYS L 1999 -100.61 35.01 25.83
N TYR L 2000 -100.69 36.34 25.81
CA TYR L 2000 -99.70 37.25 26.41
C TYR L 2000 -100.06 37.45 27.88
N ILE L 2001 -99.14 37.12 28.79
CA ILE L 2001 -99.27 37.37 30.26
C ILE L 2001 -98.33 38.53 30.61
N PRO L 2002 -98.84 39.78 30.73
CA PRO L 2002 -98.04 40.91 31.18
C PRO L 2002 -97.29 40.70 32.51
N ASN L 2003 -96.40 41.62 32.83
CA ASN L 2003 -95.64 41.65 34.11
C ASN L 2003 -96.40 42.51 35.12
N LEU L 2004 -96.99 43.62 34.67
CA LEU L 2004 -97.87 44.52 35.46
C LEU L 2004 -98.98 43.72 36.13
N THR L 2005 -99.80 43.03 35.33
CA THR L 2005 -101.12 42.48 35.69
C THR L 2005 -101.15 40.99 35.35
N ALA L 2006 -100.59 40.10 36.17
CA ALA L 2006 -100.24 38.72 35.73
C ALA L 2006 -101.53 37.93 35.40
N LYS L 2007 -102.21 38.39 34.34
CA LYS L 2007 -103.56 37.99 33.89
C LYS L 2007 -103.55 37.95 32.36
N PRO L 2008 -103.80 36.79 31.72
CA PRO L 2008 -103.74 36.70 30.26
C PRO L 2008 -104.45 37.90 29.64
N PHE L 2009 -103.70 38.65 28.82
CA PHE L 2009 -104.14 39.87 28.07
C PHE L 2009 -105.54 39.61 27.54
N GLN L 2010 -106.49 40.50 27.83
CA GLN L 2010 -107.79 40.57 27.12
C GLN L 2010 -108.10 42.04 26.84
N VAL L 2011 -109.05 42.31 25.94
CA VAL L 2011 -109.53 43.69 25.62
C VAL L 2011 -111.02 43.73 25.99
N THR L 2012 -111.26 43.91 27.29
CA THR L 2012 -112.59 44.05 27.93
C THR L 2012 -112.51 45.17 28.98
N LYS L 2013 -113.66 45.74 29.35
CA LYS L 2013 -113.78 46.77 30.42
C LYS L 2013 -113.14 46.27 31.72
N GLU L 2014 -113.44 45.03 32.11
CA GLU L 2014 -112.87 44.32 33.30
C GLU L 2014 -111.36 44.50 33.38
N TYR L 2015 -110.65 44.29 32.27
CA TYR L 2015 -109.18 44.21 32.21
C TYR L 2015 -108.58 45.62 32.29
N PHE L 2016 -109.16 46.57 31.55
CA PHE L 2016 -108.77 48.01 31.62
C PHE L 2016 -108.93 48.51 33.07
N GLN L 2017 -110.05 48.14 33.71
CA GLN L 2017 -110.40 48.55 35.10
C GLN L 2017 -109.29 48.06 36.05
N ASP L 2018 -108.88 46.79 35.92
CA ASP L 2018 -107.82 46.15 36.74
C ASP L 2018 -106.46 46.82 36.47
N VAL L 2019 -106.23 47.35 35.26
CA VAL L 2019 -104.99 48.10 34.91
C VAL L 2019 -105.05 49.47 35.62
N TYR L 2020 -106.14 50.22 35.42
CA TYR L 2020 -106.37 51.56 36.02
C TYR L 2020 -106.11 51.51 37.55
N ASP L 2021 -106.56 50.45 38.22
CA ASP L 2021 -106.41 50.24 39.69
C ASP L 2021 -104.93 50.12 40.08
N LEU L 2022 -104.01 49.79 39.15
CA LEU L 2022 -102.56 49.60 39.41
C LEU L 2022 -101.72 50.64 38.64
N THR L 2023 -102.30 51.77 38.28
CA THR L 2023 -101.69 52.73 37.33
C THR L 2023 -102.22 54.16 37.57
N GLY L 2024 -103.53 54.36 37.43
CA GLY L 2024 -104.17 55.68 37.54
C GLY L 2024 -103.82 56.54 36.34
N SER L 2025 -104.00 56.00 35.13
CA SER L 2025 -103.74 56.67 33.82
C SER L 2025 -105.08 57.21 33.28
N GLU L 2026 -105.04 58.40 32.67
CA GLU L 2026 -106.23 59.14 32.15
C GLU L 2026 -106.66 58.53 30.81
N PRO L 2027 -105.74 58.27 29.83
CA PRO L 2027 -106.12 57.62 28.56
C PRO L 2027 -106.88 56.30 28.75
N ILE L 2028 -106.61 55.58 29.85
CA ILE L 2028 -107.32 54.32 30.25
C ILE L 2028 -108.67 54.67 30.86
N LYS L 2029 -108.70 55.61 31.80
CA LYS L 2029 -109.94 55.91 32.57
C LYS L 2029 -111.00 56.46 31.61
N GLU L 2030 -110.60 57.31 30.65
CA GLU L 2030 -111.54 57.95 29.70
C GLU L 2030 -112.19 56.87 28.81
N ILE L 2031 -111.53 55.74 28.58
CA ILE L 2031 -112.08 54.56 27.82
C ILE L 2031 -113.16 53.86 28.65
N ILE L 2032 -112.89 53.60 29.94
CA ILE L 2032 -113.84 52.96 30.92
C ILE L 2032 -115.10 53.84 31.01
N ASP L 2033 -114.93 55.17 31.01
CA ASP L 2033 -116.00 56.21 31.17
C ASP L 2033 -116.99 56.09 29.98
N ASN L 2034 -116.49 56.16 28.73
CA ASN L 2034 -117.32 55.98 27.51
C ASN L 2034 -116.90 54.66 26.84
N TRP L 2035 -117.17 53.54 27.53
CA TRP L 2035 -117.08 52.15 26.99
C TRP L 2035 -118.11 51.92 25.85
N GLU L 2036 -119.04 52.87 25.58
CA GLU L 2036 -119.93 52.88 24.38
C GLU L 2036 -119.25 53.62 23.19
N LYS L 2037 -118.04 53.13 22.84
CA LYS L 2037 -117.47 53.12 21.47
C LYS L 2037 -117.54 51.68 20.93
N TYR L 2038 -118.07 50.73 21.72
CA TYR L 2038 -118.60 49.40 21.30
C TYR L 2038 -119.49 49.58 20.03
N GLU L 2039 -120.36 50.60 20.01
CA GLU L 2039 -121.11 51.09 18.81
C GLU L 2039 -120.12 51.89 17.93
N GLN L 2040 -119.52 51.23 16.91
CA GLN L 2040 -118.37 51.72 16.07
C GLN L 2040 -117.38 52.52 16.93
C4 J8T M . -17.79 33.90 -53.85
C5 J8T M . -19.14 34.04 -53.10
C6 J8T M . -19.22 32.93 -52.04
C7 J8T M . -19.13 35.39 -52.34
O3 J8T M . -15.97 36.70 -56.00
O4 J8T M . -16.21 34.13 -56.36
O5 J8T M . -17.39 35.19 -54.46
P1 J8T M . -16.10 35.31 -55.43
O6 J8T M . -20.32 32.78 -54.83
O7 J8T M . -22.46 35.13 -53.59
C8 J8T M . -20.38 33.98 -54.06
C9 J8T M . -21.80 34.08 -53.46
N2 J8T M . -22.28 33.01 -52.85
N1 FMN N . 43.90 92.94 31.57
C2 FMN N . 43.36 92.47 30.43
O2 FMN N . 44.13 91.87 29.63
N3 FMN N . 42.05 92.59 30.16
C4 FMN N . 41.20 93.17 30.99
O4 FMN N . 39.98 93.29 30.74
C4A FMN N . 41.73 93.69 32.27
N5 FMN N . 40.96 94.30 33.15
C5A FMN N . 41.46 94.79 34.28
C6 FMN N . 40.61 95.44 35.11
C7 FMN N . 41.07 95.99 36.28
C7M FMN N . 40.10 96.69 37.19
C8 FMN N . 42.49 95.87 36.63
C8M FMN N . 42.98 96.45 37.90
C9 FMN N . 43.36 95.22 35.81
C9A FMN N . 42.89 94.69 34.61
N10 FMN N . 43.70 94.04 33.68
C10 FMN N . 43.16 93.55 32.50
C1' FMN N . 45.10 93.92 33.93
C2' FMN N . 45.72 95.25 33.56
O2' FMN N . 45.61 95.38 32.16
C3' FMN N . 47.17 95.22 34.02
O3' FMN N . 47.82 93.96 33.69
C4' FMN N . 47.24 95.52 35.51
O4' FMN N . 46.37 96.55 35.88
C5' FMN N . 48.57 96.06 35.92
O5' FMN N . 48.72 95.86 37.31
P FMN N . 48.34 97.02 38.31
O1P FMN N . 48.96 96.60 39.60
O2P FMN N . 48.84 98.37 37.79
O3P FMN N . 46.85 96.89 38.29
C4 J8T O . 7.13 36.09 54.90
C5 J8T O . 6.77 34.76 55.60
C6 J8T O . 6.04 33.86 54.58
C7 J8T O . 8.09 34.05 55.99
O3 J8T O . 9.88 38.71 56.06
O4 J8T O . 7.53 39.04 54.99
O5 J8T O . 8.27 36.75 55.59
P1 J8T O . 8.78 38.22 55.14
O6 J8T O . 4.72 35.73 56.53
O7 J8T O . 5.94 33.47 58.77
C8 J8T O . 5.88 34.96 56.88
C9 J8T O . 5.41 33.73 57.68
N2 J8T O . 4.41 33.01 57.17
C4 J8T P . 46.51 -45.91 -9.75
C5 J8T P . 45.39 -46.64 -10.52
C6 J8T P . 44.04 -46.07 -10.04
C7 J8T P . 45.52 -46.29 -12.02
O3 J8T P . 50.33 -45.70 -10.80
O4 J8T P . 49.21 -45.95 -8.48
O5 J8T P . 47.78 -45.98 -10.51
P1 J8T P . 49.17 -45.42 -9.88
O6 J8T P . 45.40 -48.51 -8.93
O7 J8T P . 44.63 -49.74 -12.01
C8 J8T P . 45.42 -48.19 -10.33
C9 J8T P . 44.34 -49.06 -11.01
N2 J8T P . 43.13 -49.07 -10.46
C4 J8T Q . -27.08 -8.37 -59.69
C5 J8T Q . -25.61 -8.58 -60.14
C6 J8T Q . -24.70 -7.94 -59.07
C7 J8T Q . -25.32 -10.10 -60.15
O3 J8T Q . -30.23 -10.42 -60.97
O4 J8T Q . -29.93 -7.91 -60.42
O5 J8T Q . -27.96 -9.40 -60.32
P1 J8T Q . -29.57 -9.34 -60.16
O6 J8T Q . -25.70 -6.59 -61.57
O7 J8T Q . -23.64 -8.86 -63.05
C8 J8T Q . -25.32 -7.97 -61.55
C9 J8T Q . -23.89 -8.07 -62.14
N2 J8T Q . -22.98 -7.23 -61.64
C4 J8T R . 25.22 -54.67 27.36
C5 J8T R . 26.15 -53.66 28.08
C6 J8T R . 26.16 -52.36 27.26
C7 J8T R . 25.53 -53.34 29.46
O3 J8T R . 23.54 -57.90 28.94
O4 J8T R . 24.54 -57.47 26.58
O5 J8T R . 24.72 -55.70 28.31
P1 J8T R . 23.83 -56.95 27.81
O6 J8T R . 28.13 -54.61 27.00
O7 J8T R . 29.03 -53.55 30.10
C8 J8T R . 27.60 -54.21 28.26
C9 J8T R . 28.67 -53.31 28.94
N2 J8T R . 29.18 -52.33 28.21
C4 J8T S . -34.23 38.78 41.17
C5 J8T S . -33.78 39.91 40.21
C6 J8T S . -32.54 39.40 39.43
C7 J8T S . -34.90 40.14 39.17
O3 J8T S . -37.79 38.41 42.87
O4 J8T S . -35.41 37.95 43.77
O5 J8T S . -35.66 38.93 41.52
P1 J8T S . -36.36 37.98 42.62
O6 J8T S . -32.48 41.00 41.98
O7 J8T S . -33.71 43.42 39.94
C8 J8T S . -33.45 41.24 40.95
C9 J8T S . -32.95 42.46 40.15
N2 J8T S . -31.69 42.44 39.73
N1 FMN T . 106.89 -10.45 5.10
C2 FMN T . 105.96 -9.71 5.74
O2 FMN T . 105.66 -8.60 5.24
N3 FMN T . 105.36 -10.13 6.86
C4 FMN T . 105.62 -11.31 7.41
O4 FMN T . 105.06 -11.70 8.46
C4A FMN T . 106.63 -12.16 6.75
N5 FMN T . 106.96 -13.35 7.23
C5A FMN T . 107.87 -14.11 6.63
C6 FMN T . 108.20 -15.28 7.22
C7 FMN T . 109.15 -16.09 6.68
C7M FMN T . 109.48 -17.39 7.35
C8 FMN T . 109.84 -15.68 5.45
C8M FMN T . 110.87 -16.56 4.85
C9 FMN T . 109.53 -14.50 4.84
C9A FMN T . 108.57 -13.67 5.42
N10 FMN T . 108.22 -12.42 4.91
C10 FMN T . 107.27 -11.65 5.54
C1' FMN T . 108.86 -11.94 3.72
C2' FMN T . 110.18 -11.37 4.16
O2' FMN T . 109.89 -10.19 4.89
C3' FMN T . 110.99 -11.07 2.90
O3' FMN T . 110.17 -10.42 1.87
C4' FMN T . 111.63 -12.33 2.36
O4' FMN T . 112.16 -13.12 3.39
C5' FMN T . 112.82 -12.05 1.51
O5' FMN T . 113.04 -13.17 0.69
P FMN T . 114.07 -14.29 1.16
O1P FMN T . 114.33 -15.08 -0.09
O2P FMN T . 115.30 -13.66 1.77
O3P FMN T . 113.21 -15.02 2.15
N1 FMN U . 45.12 49.08 -84.35
C2 FMN U . 45.43 48.03 -83.57
O2 FMN U . 46.09 48.27 -82.52
N3 FMN U . 45.04 46.78 -83.85
C4 FMN U . 44.30 46.49 -84.92
O4 FMN U . 43.93 45.33 -85.18
C4A FMN U . 43.91 47.61 -85.81
N5 FMN U . 43.20 47.42 -86.91
C5A FMN U . 42.88 48.43 -87.71
C6 FMN U . 42.18 48.14 -88.83
C7 FMN U . 41.86 49.12 -89.72
C7M FMN U . 41.07 48.79 -90.95
C8 FMN U . 42.26 50.51 -89.44
C8M FMN U . 41.89 51.58 -90.40
C9 FMN U . 42.96 50.82 -88.32
C9A FMN U . 43.31 49.80 -87.44
N10 FMN U . 44.07 50.02 -86.29
C10 FMN U . 44.39 48.95 -85.46
C1' FMN U . 44.53 51.33 -85.96
C2' FMN U . 45.75 51.57 -86.79
O2' FMN U . 46.76 50.71 -86.30
C3' FMN U . 46.13 53.04 -86.66
O3' FMN U . 46.05 53.49 -85.27
C4' FMN U . 45.24 53.90 -87.55
O4' FMN U . 45.07 53.32 -88.82
C5' FMN U . 45.87 55.22 -87.87
O5' FMN U . 44.83 56.09 -88.28
P FMN U . 44.52 56.26 -89.81
O1P FMN U . 43.71 57.52 -89.88
O2P FMN U . 45.80 56.32 -90.62
O3P FMN U . 43.71 55.03 -90.05
N1 FMN V . -25.58 -103.38 14.79
C2 FMN V . -25.86 -102.45 13.87
O2 FMN V . -26.86 -101.72 14.06
N3 FMN V . -25.08 -102.25 12.79
C4 FMN V . -23.99 -102.98 12.56
O4 FMN V . -23.26 -102.80 11.56
C4A FMN V . -23.63 -104.01 13.56
N5 FMN V . -22.56 -104.78 13.42
C5A FMN V . -22.26 -105.72 14.31
C6 FMN V . -21.18 -106.50 14.07
C7 FMN V . -20.85 -107.50 14.92
C7M FMN V . -19.64 -108.35 14.63
C8 FMN V . -21.66 -107.73 16.12
C8M FMN V . -21.29 -108.82 17.05
C9 FMN V . -22.75 -106.96 16.38
C9A FMN V . -23.10 -105.97 15.49
N10 FMN V . -24.23 -105.16 15.64
C10 FMN V . -24.52 -104.18 14.70
C1' FMN V . -25.09 -105.34 16.77
C2' FMN V . -25.99 -106.50 16.43
O2' FMN V . -26.84 -106.06 15.39
C3' FMN V . -26.76 -106.87 17.69
O3' FMN V . -27.25 -105.68 18.39
C4' FMN V . -25.88 -107.70 18.62
O4' FMN V . -25.16 -108.68 17.90
C5' FMN V . -26.68 -108.52 19.56
O5' FMN V . -25.82 -108.88 20.64
P FMN V . -25.08 -110.27 20.62
O1P FMN V . -24.65 -110.47 22.04
O2P FMN V . -26.00 -111.36 20.08
O3P FMN V . -23.96 -109.93 19.70
N1 FMN W . -74.44 -8.06 77.18
C2 FMN W . -73.44 -8.84 76.70
O2 FMN W . -73.72 -9.61 75.75
N3 FMN W . -72.19 -8.80 77.20
C4 FMN W . -71.85 -7.96 78.19
O4 FMN W . -70.69 -7.91 78.64
C4A FMN W . -72.90 -7.07 78.72
N5 FMN W . -72.65 -6.22 79.70
C5A FMN W . -73.60 -5.43 80.19
C6 FMN W . -73.28 -4.62 81.23
C7 FMN W . -74.22 -3.82 81.80
C7M FMN W . -73.84 -2.93 82.94
C8 FMN W . -75.60 -3.83 81.28
C8M FMN W . -76.62 -2.96 81.90
C9 FMN W . -75.94 -4.64 80.24
C9A FMN W . -74.98 -5.47 79.68
N10 FMN W . -75.25 -6.37 78.66
C10 FMN W . -74.24 -7.18 78.16
C1' FMN W . -76.57 -6.47 78.11
C2' FMN W . -77.34 -7.33 79.07
O2' FMN W . -76.81 -8.65 78.98
C3' FMN W . -78.81 -7.29 78.65
O3' FMN W . -78.97 -7.40 77.20
C4' FMN W . -79.45 -6.01 79.17
O4' FMN W . -79.05 -5.73 80.48
C5' FMN W . -80.93 -6.13 79.30
O5' FMN W . -81.47 -4.82 79.33
P FMN W . -81.76 -4.13 80.71
O1P FMN W . -82.65 -2.97 80.36
O2P FMN W . -82.40 -5.11 81.70
O3P FMN W . -80.38 -3.71 81.08
N1 FMN X . -95.90 -20.13 -44.29
C2 FMN X . -95.46 -19.51 -43.18
O2 FMN X . -95.30 -20.21 -42.15
N3 FMN X . -95.17 -18.20 -43.15
C4 FMN X . -95.29 -17.43 -44.24
O4 FMN X . -95.03 -16.21 -44.21
C4A FMN X . -95.75 -18.06 -45.48
N5 FMN X . -95.90 -17.38 -46.60
C5A FMN X . -96.34 -17.96 -47.71
C6 FMN X . -96.52 -17.17 -48.80
C7 FMN X . -96.99 -17.70 -49.96
C7M FMN X . -97.17 -16.81 -51.15
C8 FMN X . -97.31 -19.13 -50.04
C8M FMN X . -97.81 -19.69 -51.31
C9 FMN X . -97.13 -19.94 -48.96
C9A FMN X . -96.67 -19.38 -47.77
N10 FMN X . -96.52 -20.12 -46.59
C10 FMN X . -96.06 -19.49 -45.44
C1' FMN X . -96.82 -21.51 -46.58
C2' FMN X . -98.31 -21.61 -46.41
O2' FMN X . -98.60 -21.19 -45.08
C3' FMN X . -98.70 -23.07 -46.62
O3' FMN X . -97.76 -23.98 -45.95
C4' FMN X . -98.77 -23.37 -48.11
O4' FMN X . -99.39 -22.34 -48.82
C5' FMN X . -99.65 -24.54 -48.41
O5' FMN X . -99.28 -25.06 -49.67
P FMN X . -100.07 -24.58 -50.95
O1P FMN X . -99.70 -25.58 -52.00
O2P FMN X . -101.57 -24.50 -50.68
O3P FMN X . -99.44 -23.24 -51.15
#